data_7K6V
#
_entry.id   7K6V
#
_cell.length_a   420.170
_cell.length_b   446.597
_cell.length_c   463.952
_cell.angle_alpha   90.000
_cell.angle_beta   90.000
_cell.angle_gamma   90.000
#
_symmetry.space_group_name_H-M   'I 2 2 2'
#
loop_
_entity.id
_entity.type
_entity.pdbx_description
1 polymer 'Capsid protein VP1'
2 non-polymer 'CHLORIDE ION'
3 non-polymer 'CADMIUM ION'
4 non-polymer 1,2-ETHANEDIOL
5 water water
#
_entity_poly.entity_id   1
_entity_poly.type   'polypeptide(L)'
_entity_poly.pdbx_seq_one_letter_code
;MKMASSDASPSDGSTANLVPEVNNEVMALEPVVGAAIAAPVAGQQNVIDPWIRNNFVQAPGGEFTVSPRNAPGEILWSAP
LGPDLNPYLSHLARMYNGYAGGFEVQVILAGNAFTAGKIIFAAVPPNFPTEGLSPSQVTMFPHIIVDVRQLEPVLIPLPD
VRNNFYHYNQSNDPTIKLIAMLYTPLRANNAGDDVFTVSCRVLTRPSPDFDFIFLVPPTVESRTKPFTVPILTVEEMTNS
RFPIPLEKLFTGPSGAFVVQPQNGRCTTDGVLLGTTQLSPVNICTFRGDVTHIAGTHDYTMNLASQNWNNYDPTEEIPAP
LGTPDFVGKIQGVLTQTTRGDGSTRGHKATVSTGSVHFTPKLGSVQFTTDTNNDLETGQNTKFTPVGVVQDGNSAHQNEP
QQWVLPNYSGRTGHNVHLAPAVAPTFPGEQLLFFRSTMPGCSGYPNMNLDCLLPQEWVLHFYQEAAPAQSDVALLRFVNP
DTGRVLFECKLHKSGYVTVAHTGPHDLVIPPNGYFRFDSWVNQFYTLAPMGNGAGRRRAL
;
_entity_poly.pdbx_strand_id   AA,AB,AC,BA,BB,BC,CA,CB,CC,DA,DB,DC,EA,EB,EC,FA,FB,FC,GA,GB,GC,HA,HB,HC,IA,IB,IC,JA,JB,JC,KA,KB,KC,LA,LB,LC,MA,MB,MC,NA,NB,NC,OA,OB,OC
#
loop_
_chem_comp.id
_chem_comp.type
_chem_comp.name
_chem_comp.formula
CD non-polymer 'CADMIUM ION' 'Cd 2'
CL non-polymer 'CHLORIDE ION' 'Cl -1'
EDO non-polymer 1,2-ETHANEDIOL 'C2 H6 O2'
#
# COMPACT_ATOMS: atom_id res chain seq x y z
N VAL A 26 -2.72 -56.39 -35.34
CA VAL A 26 -3.35 -55.07 -35.24
C VAL A 26 -2.33 -54.01 -34.82
N MET A 27 -2.27 -52.92 -35.58
CA MET A 27 -1.45 -51.77 -35.23
C MET A 27 -2.15 -50.81 -34.27
N ALA A 28 -3.18 -51.29 -33.58
CA ALA A 28 -4.05 -50.47 -32.76
C ALA A 28 -3.72 -50.53 -31.27
N LEU A 29 -2.79 -51.39 -30.84
CA LEU A 29 -2.38 -51.46 -29.45
C LEU A 29 -0.88 -51.23 -29.30
N GLU A 30 -0.50 -50.52 -28.24
CA GLU A 30 0.89 -50.33 -27.86
C GLU A 30 1.46 -51.59 -27.22
N PRO A 31 2.78 -51.65 -27.07
CA PRO A 31 3.38 -52.72 -26.25
C PRO A 31 2.91 -52.58 -24.80
N VAL A 32 2.81 -53.73 -24.13
CA VAL A 32 2.31 -53.81 -22.77
C VAL A 32 3.24 -54.71 -21.98
N VAL A 33 3.73 -54.21 -20.85
CA VAL A 33 4.72 -54.92 -20.06
C VAL A 33 4.12 -56.18 -19.46
N GLY A 34 4.92 -57.24 -19.40
CA GLY A 34 4.52 -58.47 -18.75
C GLY A 34 4.91 -58.52 -17.29
N ALA A 35 5.60 -59.59 -16.89
CA ALA A 35 5.88 -59.83 -15.48
C ALA A 35 7.08 -59.04 -14.96
N ALA A 36 7.82 -58.36 -15.83
CA ALA A 36 9.00 -57.60 -15.38
C ALA A 36 8.60 -56.50 -14.40
N ILE A 37 7.50 -55.81 -14.65
CA ILE A 37 7.06 -54.72 -13.78
C ILE A 37 6.75 -55.22 -12.37
N ALA A 38 6.46 -56.52 -12.22
CA ALA A 38 6.05 -57.06 -10.93
C ALA A 38 7.22 -57.37 -10.01
N ALA A 39 8.45 -57.23 -10.48
CA ALA A 39 9.62 -57.69 -9.74
C ALA A 39 9.71 -57.15 -8.32
N PRO A 40 9.51 -55.85 -8.06
CA PRO A 40 9.62 -55.36 -6.67
C PRO A 40 8.58 -55.92 -5.72
N VAL A 41 7.46 -56.45 -6.21
CA VAL A 41 6.39 -56.94 -5.34
C VAL A 41 6.13 -58.42 -5.48
N ALA A 42 6.75 -59.10 -6.45
CA ALA A 42 6.66 -60.55 -6.50
C ALA A 42 7.64 -61.19 -5.54
N GLY A 43 7.31 -62.40 -5.10
CA GLY A 43 8.22 -63.18 -4.27
C GLY A 43 9.47 -63.65 -4.99
N GLN A 44 9.39 -63.83 -6.31
CA GLN A 44 10.44 -64.53 -7.03
C GLN A 44 10.58 -64.02 -8.45
N GLN A 45 11.71 -64.36 -9.06
CA GLN A 45 11.99 -64.08 -10.46
C GLN A 45 12.11 -65.42 -11.17
N ASN A 46 11.24 -65.66 -12.15
CA ASN A 46 11.20 -66.95 -12.82
C ASN A 46 11.41 -66.82 -14.32
N VAL A 47 11.60 -67.97 -14.95
CA VAL A 47 11.91 -68.06 -16.37
C VAL A 47 11.08 -69.18 -16.96
N ILE A 48 10.58 -68.95 -18.17
CA ILE A 48 9.82 -69.94 -18.92
C ILE A 48 10.73 -70.46 -20.02
N ASP A 49 10.62 -71.75 -20.33
CA ASP A 49 11.37 -72.29 -21.45
C ASP A 49 11.06 -71.47 -22.70
N PRO A 50 12.06 -70.79 -23.28
CA PRO A 50 11.78 -69.94 -24.45
C PRO A 50 11.22 -70.70 -25.63
N TRP A 51 11.51 -71.99 -25.75
CA TRP A 51 10.98 -72.75 -26.87
C TRP A 51 9.44 -72.78 -26.88
N ILE A 52 8.80 -72.67 -25.71
CA ILE A 52 7.35 -72.66 -25.68
C ILE A 52 6.78 -71.53 -26.52
N ARG A 53 7.47 -70.39 -26.61
CA ARG A 53 6.97 -69.27 -27.41
C ARG A 53 7.38 -69.34 -28.87
N ASN A 54 8.04 -70.40 -29.31
CA ASN A 54 8.52 -70.52 -30.68
C ASN A 54 7.63 -71.40 -31.54
N ASN A 55 6.46 -71.80 -31.04
CA ASN A 55 5.61 -72.75 -31.74
C ASN A 55 4.14 -72.41 -31.45
N PHE A 56 3.35 -72.16 -32.50
CA PHE A 56 1.92 -72.02 -32.30
C PHE A 56 1.32 -73.38 -31.98
N VAL A 57 0.47 -73.43 -30.96
CA VAL A 57 -0.12 -74.67 -30.50
C VAL A 57 -1.60 -74.43 -30.16
N GLN A 58 -2.42 -75.45 -30.42
CA GLN A 58 -3.86 -75.28 -30.35
C GLN A 58 -4.31 -75.11 -28.91
N ALA A 59 -5.14 -74.10 -28.67
CA ALA A 59 -5.62 -73.81 -27.33
C ALA A 59 -6.50 -74.95 -26.80
N PRO A 60 -6.52 -75.16 -25.49
CA PRO A 60 -7.46 -76.11 -24.90
C PRO A 60 -8.92 -75.80 -25.23
N GLY A 61 -9.20 -74.58 -25.69
CA GLY A 61 -10.54 -74.19 -26.08
C GLY A 61 -10.40 -73.44 -27.39
N GLY A 62 -9.71 -74.08 -28.33
CA GLY A 62 -9.37 -73.47 -29.59
C GLY A 62 -10.12 -74.06 -30.76
N GLU A 63 -11.30 -74.61 -30.52
CA GLU A 63 -12.16 -75.11 -31.58
C GLU A 63 -13.45 -74.33 -31.55
N PHE A 64 -13.90 -73.90 -32.72
CA PHE A 64 -15.23 -73.30 -32.87
C PHE A 64 -15.66 -73.49 -34.32
N THR A 65 -16.93 -73.20 -34.57
CA THR A 65 -17.57 -73.61 -35.81
C THR A 65 -18.40 -72.46 -36.37
N VAL A 66 -18.35 -72.28 -37.68
CA VAL A 66 -19.24 -71.35 -38.38
C VAL A 66 -20.10 -72.16 -39.34
N SER A 67 -21.40 -72.17 -39.10
CA SER A 67 -22.36 -72.90 -39.92
C SER A 67 -23.46 -71.95 -40.36
N PRO A 68 -24.25 -72.33 -41.37
CA PRO A 68 -25.35 -71.46 -41.81
C PRO A 68 -26.45 -71.30 -40.77
N ARG A 69 -26.49 -72.13 -39.73
CA ARG A 69 -27.40 -71.89 -38.62
C ARG A 69 -27.00 -70.64 -37.85
N ASN A 70 -25.75 -70.22 -37.94
CA ASN A 70 -25.25 -69.07 -37.20
C ASN A 70 -25.56 -67.78 -37.96
N ALA A 71 -25.72 -66.70 -37.21
CA ALA A 71 -26.00 -65.39 -37.78
C ALA A 71 -25.15 -64.35 -37.06
N PRO A 72 -24.91 -63.20 -37.69
CA PRO A 72 -24.19 -62.12 -37.01
C PRO A 72 -24.85 -61.74 -35.69
N GLY A 73 -24.01 -61.39 -34.72
CA GLY A 73 -24.38 -61.08 -33.36
C GLY A 73 -24.08 -62.19 -32.39
N GLU A 74 -24.09 -63.43 -32.86
CA GLU A 74 -23.70 -64.56 -32.02
C GLU A 74 -22.18 -64.54 -31.85
N ILE A 75 -21.72 -64.51 -30.60
CA ILE A 75 -20.29 -64.62 -30.35
C ILE A 75 -19.96 -66.11 -30.47
N LEU A 76 -19.40 -66.49 -31.62
CA LEU A 76 -19.17 -67.90 -31.92
C LEU A 76 -17.99 -68.47 -31.16
N TRP A 77 -17.11 -67.62 -30.63
CA TRP A 77 -15.93 -68.09 -29.91
C TRP A 77 -15.39 -66.96 -29.05
N SER A 78 -14.85 -67.32 -27.90
CA SER A 78 -14.24 -66.34 -27.02
C SER A 78 -13.23 -67.05 -26.13
N ALA A 79 -12.29 -66.26 -25.60
CA ALA A 79 -11.30 -66.79 -24.68
C ALA A 79 -10.72 -65.64 -23.88
N PRO A 80 -10.48 -65.81 -22.59
CA PRO A 80 -9.74 -64.79 -21.84
C PRO A 80 -8.24 -65.05 -21.89
N LEU A 81 -7.48 -63.96 -21.82
CA LEU A 81 -6.03 -64.08 -21.72
C LEU A 81 -5.68 -64.79 -20.42
N GLY A 82 -4.76 -65.74 -20.51
CA GLY A 82 -4.35 -66.51 -19.36
C GLY A 82 -3.65 -67.79 -19.76
N PRO A 83 -3.08 -68.50 -18.79
CA PRO A 83 -2.35 -69.73 -19.11
C PRO A 83 -3.21 -70.79 -19.79
N ASP A 84 -4.54 -70.70 -19.64
CA ASP A 84 -5.41 -71.68 -20.28
C ASP A 84 -5.48 -71.51 -21.79
N LEU A 85 -4.85 -70.48 -22.34
CA LEU A 85 -4.82 -70.31 -23.79
C LEU A 85 -3.83 -71.25 -24.47
N ASN A 86 -2.99 -71.94 -23.71
CA ASN A 86 -1.88 -72.68 -24.27
C ASN A 86 -1.63 -73.93 -23.44
N PRO A 87 -1.69 -75.11 -24.05
CA PRO A 87 -1.60 -76.35 -23.28
C PRO A 87 -0.26 -76.54 -22.56
N TYR A 88 0.84 -76.04 -23.12
CA TYR A 88 2.11 -76.06 -22.40
C TYR A 88 2.05 -75.15 -21.18
N LEU A 89 1.65 -73.89 -21.38
CA LEU A 89 1.48 -72.98 -20.25
C LEU A 89 0.44 -73.50 -19.27
N SER A 90 -0.56 -74.23 -19.77
CA SER A 90 -1.57 -74.79 -18.89
C SER A 90 -0.96 -75.79 -17.92
N HIS A 91 -0.04 -76.63 -18.41
CA HIS A 91 0.63 -77.59 -17.55
C HIS A 91 1.58 -76.89 -16.59
N LEU A 92 2.33 -75.90 -17.09
CA LEU A 92 3.24 -75.14 -16.22
C LEU A 92 2.48 -74.46 -15.09
N ALA A 93 1.26 -73.97 -15.37
CA ALA A 93 0.53 -73.19 -14.40
C ALA A 93 0.21 -73.97 -13.13
N ARG A 94 0.15 -75.30 -13.20
CA ARG A 94 -0.05 -76.10 -12.00
C ARG A 94 1.11 -75.97 -11.03
N MET A 95 2.22 -75.39 -11.47
CA MET A 95 3.45 -75.28 -10.71
C MET A 95 3.75 -73.85 -10.30
N TYR A 96 2.90 -72.88 -10.69
CA TYR A 96 3.12 -71.47 -10.42
C TYR A 96 1.85 -70.86 -9.83
N ASN A 97 2.04 -69.78 -9.07
CA ASN A 97 0.92 -69.11 -8.41
C ASN A 97 0.34 -67.97 -9.23
N GLY A 98 1.12 -67.36 -10.12
CA GLY A 98 0.60 -66.27 -10.92
C GLY A 98 1.35 -66.12 -12.23
N TYR A 99 0.95 -65.10 -12.98
CA TYR A 99 1.48 -64.88 -14.32
C TYR A 99 1.25 -63.43 -14.71
N ALA A 100 1.90 -63.02 -15.80
CA ALA A 100 1.68 -61.73 -16.43
C ALA A 100 2.27 -61.77 -17.83
N GLY A 101 1.65 -61.05 -18.74
CA GLY A 101 2.13 -60.93 -20.10
C GLY A 101 1.13 -61.46 -21.11
N GLY A 102 1.47 -61.24 -22.38
CA GLY A 102 0.53 -61.40 -23.46
C GLY A 102 0.84 -62.60 -24.34
N PHE A 103 -0.02 -62.78 -25.35
CA PHE A 103 0.06 -63.90 -26.27
C PHE A 103 0.05 -63.39 -27.70
N GLU A 104 0.52 -64.25 -28.60
CA GLU A 104 0.22 -64.16 -30.03
C GLU A 104 -0.73 -65.31 -30.34
N VAL A 105 -1.89 -65.00 -30.92
CA VAL A 105 -2.88 -66.00 -31.28
C VAL A 105 -2.98 -66.08 -32.80
N GLN A 106 -3.10 -67.31 -33.30
CA GLN A 106 -3.22 -67.61 -34.73
C GLN A 106 -4.52 -68.36 -34.98
N VAL A 107 -5.33 -67.86 -35.91
CA VAL A 107 -6.64 -68.42 -36.21
C VAL A 107 -6.63 -69.04 -37.60
N ILE A 108 -7.23 -70.21 -37.73
CA ILE A 108 -7.28 -70.99 -38.96
C ILE A 108 -8.73 -71.27 -39.31
N LEU A 109 -9.10 -71.04 -40.56
CA LEU A 109 -10.47 -71.22 -41.03
C LEU A 109 -10.48 -72.17 -42.23
N ALA A 110 -11.16 -73.30 -42.10
CA ALA A 110 -11.18 -74.33 -43.14
C ALA A 110 -12.44 -74.17 -44.00
N GLY A 111 -12.42 -73.11 -44.80
CA GLY A 111 -13.48 -72.83 -45.75
C GLY A 111 -13.15 -73.39 -47.13
N ASN A 112 -14.00 -73.05 -48.09
CA ASN A 112 -13.75 -73.33 -49.50
C ASN A 112 -14.25 -72.16 -50.34
N ALA A 113 -13.92 -72.20 -51.64
CA ALA A 113 -14.20 -71.10 -52.54
C ALA A 113 -15.68 -70.84 -52.73
N PHE A 114 -16.53 -71.80 -52.37
CA PHE A 114 -17.97 -71.70 -52.49
C PHE A 114 -18.58 -71.04 -51.27
N THR A 115 -17.77 -70.72 -50.27
CA THR A 115 -18.23 -70.22 -48.98
C THR A 115 -17.97 -68.71 -48.90
N ALA A 116 -19.04 -67.93 -48.82
CA ALA A 116 -18.95 -66.48 -48.67
C ALA A 116 -19.18 -66.06 -47.22
N GLY A 117 -18.56 -64.96 -46.82
CA GLY A 117 -18.78 -64.39 -45.51
C GLY A 117 -17.50 -63.89 -44.85
N LYS A 118 -17.67 -63.02 -43.86
CA LYS A 118 -16.55 -62.45 -43.12
C LYS A 118 -16.70 -62.76 -41.63
N ILE A 119 -15.59 -63.11 -41.00
CA ILE A 119 -15.52 -63.27 -39.55
C ILE A 119 -14.63 -62.17 -38.99
N ILE A 120 -15.08 -61.53 -37.92
CA ILE A 120 -14.29 -60.52 -37.22
C ILE A 120 -13.80 -61.10 -35.91
N PHE A 121 -12.51 -60.93 -35.64
CA PHE A 121 -11.91 -61.20 -34.34
C PHE A 121 -11.58 -59.87 -33.68
N ALA A 122 -11.89 -59.73 -32.39
CA ALA A 122 -11.61 -58.48 -31.70
C ALA A 122 -11.18 -58.74 -30.27
N ALA A 123 -10.29 -57.87 -29.79
CA ALA A 123 -9.82 -57.88 -28.41
C ALA A 123 -10.60 -56.83 -27.63
N VAL A 124 -11.38 -57.27 -26.65
CA VAL A 124 -12.19 -56.40 -25.81
C VAL A 124 -11.52 -56.26 -24.45
N PRO A 125 -11.29 -55.05 -23.97
CA PRO A 125 -10.43 -54.86 -22.78
C PRO A 125 -11.15 -55.26 -21.51
N PRO A 126 -10.42 -55.43 -20.40
CA PRO A 126 -11.06 -55.94 -19.18
C PRO A 126 -12.17 -55.03 -18.70
N ASN A 127 -13.20 -55.64 -18.11
CA ASN A 127 -14.35 -54.95 -17.54
C ASN A 127 -15.18 -54.20 -18.58
N PHE A 128 -15.05 -54.55 -19.85
CA PHE A 128 -16.04 -54.03 -20.79
C PHE A 128 -17.04 -55.13 -21.09
N PRO A 129 -18.34 -54.83 -21.02
CA PRO A 129 -19.35 -55.88 -21.20
C PRO A 129 -19.51 -56.25 -22.67
N THR A 130 -19.40 -57.54 -22.96
CA THR A 130 -19.52 -58.02 -24.33
C THR A 130 -20.96 -58.25 -24.76
N GLU A 131 -21.91 -58.25 -23.84
CA GLU A 131 -23.25 -58.71 -24.16
C GLU A 131 -23.99 -57.67 -24.99
N GLY A 132 -24.58 -58.11 -26.09
CA GLY A 132 -25.40 -57.24 -26.92
C GLY A 132 -24.65 -56.55 -28.04
N LEU A 133 -23.37 -56.86 -28.24
CA LEU A 133 -22.57 -56.18 -29.24
C LEU A 133 -23.07 -56.50 -30.65
N SER A 134 -23.15 -55.47 -31.47
CA SER A 134 -23.41 -55.60 -32.90
C SER A 134 -22.10 -55.75 -33.65
N PRO A 135 -22.13 -56.31 -34.86
CA PRO A 135 -20.88 -56.40 -35.64
C PRO A 135 -20.25 -55.04 -35.89
N SER A 136 -21.04 -54.03 -36.22
CA SER A 136 -20.52 -52.66 -36.34
C SER A 136 -19.72 -52.26 -35.10
N GLN A 137 -20.26 -52.52 -33.91
CA GLN A 137 -19.59 -52.12 -32.69
C GLN A 137 -18.29 -52.87 -32.48
N VAL A 138 -18.25 -54.15 -32.87
CA VAL A 138 -17.05 -54.96 -32.68
C VAL A 138 -15.87 -54.38 -33.44
N THR A 139 -16.11 -53.75 -34.59
CA THR A 139 -15.03 -53.11 -35.34
C THR A 139 -14.37 -51.97 -34.57
N MET A 140 -14.98 -51.50 -33.49
CA MET A 140 -14.43 -50.37 -32.75
C MET A 140 -13.36 -50.79 -31.75
N PHE A 141 -13.18 -52.08 -31.52
CA PHE A 141 -12.05 -52.60 -30.77
C PHE A 141 -10.87 -52.80 -31.71
N PRO A 142 -9.68 -53.04 -31.17
CA PRO A 142 -8.62 -53.66 -31.98
C PRO A 142 -9.13 -54.96 -32.58
N HIS A 143 -9.04 -55.10 -33.90
CA HIS A 143 -9.73 -56.20 -34.56
C HIS A 143 -9.05 -56.57 -35.87
N ILE A 144 -9.41 -57.76 -36.36
CA ILE A 144 -9.03 -58.23 -37.68
C ILE A 144 -10.27 -58.86 -38.32
N ILE A 145 -10.49 -58.56 -39.59
CA ILE A 145 -11.62 -59.08 -40.35
C ILE A 145 -11.08 -60.03 -41.41
N VAL A 146 -11.42 -61.30 -41.30
CA VAL A 146 -10.88 -62.35 -42.15
C VAL A 146 -12.02 -63.02 -42.91
N ASP A 147 -11.80 -63.24 -44.20
CA ASP A 147 -12.79 -63.86 -45.06
C ASP A 147 -12.77 -65.38 -44.88
N VAL A 148 -13.96 -65.98 -44.84
CA VAL A 148 -14.04 -67.41 -44.51
C VAL A 148 -13.38 -68.31 -45.54
N ARG A 149 -13.18 -67.84 -46.76
CA ARG A 149 -12.53 -68.70 -47.75
C ARG A 149 -11.01 -68.57 -47.72
N GLN A 150 -10.46 -67.87 -46.73
CA GLN A 150 -9.03 -67.68 -46.61
C GLN A 150 -8.32 -69.00 -46.29
N LEU A 151 -7.17 -69.22 -46.94
CA LEU A 151 -6.36 -70.40 -46.69
C LEU A 151 -5.34 -70.17 -45.60
N GLU A 152 -4.61 -69.05 -45.69
CA GLU A 152 -3.49 -68.76 -44.80
C GLU A 152 -3.96 -68.30 -43.43
N PRO A 153 -3.31 -68.76 -42.36
CA PRO A 153 -3.69 -68.36 -41.00
C PRO A 153 -3.52 -66.85 -40.78
N VAL A 154 -4.33 -66.32 -39.86
CA VAL A 154 -4.31 -64.92 -39.47
C VAL A 154 -3.69 -64.78 -38.09
N LEU A 155 -2.82 -63.77 -37.92
CA LEU A 155 -2.09 -63.54 -36.68
C LEU A 155 -2.69 -62.34 -35.94
N ILE A 156 -3.03 -62.55 -34.67
CA ILE A 156 -3.62 -61.51 -33.82
C ILE A 156 -2.73 -61.36 -32.58
N PRO A 157 -2.27 -60.16 -32.25
CA PRO A 157 -1.60 -59.96 -30.95
C PRO A 157 -2.60 -59.72 -29.82
N LEU A 158 -2.32 -60.36 -28.67
CA LEU A 158 -3.17 -60.27 -27.49
C LEU A 158 -2.36 -59.82 -26.27
N PRO A 159 -2.29 -58.52 -26.01
CA PRO A 159 -1.46 -58.03 -24.89
C PRO A 159 -2.19 -58.10 -23.56
N ASP A 160 -1.42 -58.15 -22.48
CA ASP A 160 -1.99 -58.31 -21.14
C ASP A 160 -2.30 -56.94 -20.53
N VAL A 161 -3.26 -56.24 -21.15
CA VAL A 161 -3.77 -55.00 -20.57
C VAL A 161 -4.37 -55.27 -19.20
N ARG A 162 -4.00 -54.47 -18.22
CA ARG A 162 -4.41 -54.67 -16.84
C ARG A 162 -4.06 -53.43 -16.04
N ASN A 163 -4.57 -53.36 -14.80
CA ASN A 163 -4.29 -52.25 -13.91
C ASN A 163 -3.62 -52.68 -12.62
N ASN A 164 -3.10 -53.90 -12.57
CA ASN A 164 -2.34 -54.37 -11.43
C ASN A 164 -1.03 -54.97 -11.92
N PHE A 165 -0.18 -55.32 -10.95
CA PHE A 165 1.16 -55.78 -11.30
C PHE A 165 1.11 -57.13 -12.01
N TYR A 166 0.23 -58.02 -11.58
CA TYR A 166 0.12 -59.35 -12.18
C TYR A 166 -1.17 -60.00 -11.74
N HIS A 167 -1.43 -61.19 -12.29
CA HIS A 167 -2.66 -61.93 -12.07
C HIS A 167 -2.37 -63.16 -11.22
N TYR A 168 -3.32 -63.53 -10.36
CA TYR A 168 -3.24 -64.77 -9.60
C TYR A 168 -4.00 -65.87 -10.34
N ASN A 169 -3.46 -67.10 -10.28
CA ASN A 169 -4.13 -68.22 -10.95
C ASN A 169 -5.46 -68.55 -10.28
N GLN A 170 -5.52 -68.44 -8.96
CA GLN A 170 -6.70 -68.79 -8.18
C GLN A 170 -7.76 -67.69 -8.12
N SER A 171 -7.54 -66.55 -8.77
CA SER A 171 -8.52 -65.47 -8.76
C SER A 171 -9.20 -65.33 -10.12
N ASN A 172 -10.42 -64.81 -10.10
CA ASN A 172 -11.20 -64.56 -11.31
C ASN A 172 -11.14 -63.10 -11.74
N ASP A 173 -10.02 -62.43 -11.45
CA ASP A 173 -9.77 -61.10 -11.98
C ASP A 173 -9.90 -61.14 -13.49
N PRO A 174 -10.59 -60.18 -14.11
CA PRO A 174 -10.80 -60.23 -15.55
C PRO A 174 -9.59 -59.75 -16.35
N THR A 175 -9.44 -60.35 -17.52
CA THR A 175 -8.36 -60.05 -18.46
C THR A 175 -8.96 -59.71 -19.81
N ILE A 176 -8.13 -59.26 -20.75
CA ILE A 176 -8.63 -59.06 -22.11
C ILE A 176 -9.24 -60.34 -22.63
N LYS A 177 -10.33 -60.19 -23.38
CA LYS A 177 -11.04 -61.29 -23.99
C LYS A 177 -10.88 -61.16 -25.50
N LEU A 178 -10.63 -62.29 -26.15
CA LEU A 178 -10.67 -62.36 -27.61
C LEU A 178 -12.04 -62.90 -28.02
N ILE A 179 -12.64 -62.26 -29.02
CA ILE A 179 -14.01 -62.55 -29.45
C ILE A 179 -14.02 -62.80 -30.94
N ALA A 180 -14.75 -63.85 -31.36
CA ALA A 180 -14.96 -64.15 -32.78
C ALA A 180 -16.46 -64.19 -33.05
N MET A 181 -16.90 -63.39 -34.01
CA MET A 181 -18.29 -63.38 -34.44
C MET A 181 -18.36 -63.17 -35.95
N LEU A 182 -19.47 -63.60 -36.53
CA LEU A 182 -19.73 -63.39 -37.95
C LEU A 182 -19.94 -61.90 -38.22
N TYR A 183 -19.15 -61.35 -39.13
CA TYR A 183 -19.20 -59.93 -39.45
C TYR A 183 -20.23 -59.63 -40.53
N THR A 184 -20.36 -60.51 -41.51
CA THR A 184 -21.41 -60.51 -42.51
C THR A 184 -21.99 -61.91 -42.55
N PRO A 185 -23.24 -62.08 -42.97
CA PRO A 185 -23.85 -63.41 -42.93
C PRO A 185 -23.07 -64.41 -43.77
N LEU A 186 -23.11 -65.66 -43.32
CA LEU A 186 -22.48 -66.76 -44.02
C LEU A 186 -23.41 -67.29 -45.11
N ARG A 187 -22.88 -67.44 -46.32
CA ARG A 187 -23.62 -67.98 -47.44
C ARG A 187 -22.96 -69.28 -47.88
N ALA A 188 -23.78 -70.31 -48.09
CA ALA A 188 -23.26 -71.64 -48.44
C ALA A 188 -24.27 -72.43 -49.25
N VAL A 195 -25.80 -76.99 -45.05
CA VAL A 195 -25.32 -77.97 -44.10
C VAL A 195 -23.81 -77.85 -43.93
N PHE A 196 -23.17 -77.20 -44.90
CA PHE A 196 -21.72 -77.07 -44.92
C PHE A 196 -21.21 -76.32 -43.71
N THR A 197 -20.55 -77.01 -42.79
CA THR A 197 -19.99 -76.40 -41.60
C THR A 197 -18.51 -76.12 -41.79
N VAL A 198 -18.10 -74.93 -41.35
CA VAL A 198 -16.71 -74.47 -41.43
C VAL A 198 -16.03 -74.76 -40.11
N SER A 199 -15.04 -75.64 -40.13
CA SER A 199 -14.24 -75.92 -38.93
C SER A 199 -13.19 -74.83 -38.76
N CYS A 200 -13.07 -74.31 -37.54
CA CYS A 200 -12.12 -73.26 -37.22
C CYS A 200 -11.27 -73.68 -36.03
N ARG A 201 -10.00 -73.30 -36.06
CA ARG A 201 -9.06 -73.63 -34.99
C ARG A 201 -8.29 -72.41 -34.54
N VAL A 202 -8.10 -72.28 -33.23
CA VAL A 202 -7.36 -71.18 -32.62
C VAL A 202 -6.10 -71.75 -31.97
N LEU A 203 -4.95 -71.24 -32.40
CA LEU A 203 -3.66 -71.60 -31.81
C LEU A 203 -3.02 -70.36 -31.19
N THR A 204 -2.15 -70.59 -30.20
CA THR A 204 -1.55 -69.50 -29.44
C THR A 204 -0.10 -69.82 -29.12
N ARG A 205 0.62 -68.79 -28.68
CA ARG A 205 1.95 -68.93 -28.09
C ARG A 205 2.22 -67.69 -27.27
N PRO A 206 2.98 -67.80 -26.17
CA PRO A 206 3.21 -66.63 -25.32
C PRO A 206 4.11 -65.61 -25.99
N SER A 207 3.80 -64.33 -25.77
CA SER A 207 4.69 -63.25 -26.15
C SER A 207 6.00 -63.37 -25.37
N PRO A 208 7.05 -62.66 -25.80
CA PRO A 208 8.31 -62.70 -25.04
C PRO A 208 8.20 -62.13 -23.62
N ASP A 209 7.24 -61.25 -23.36
CA ASP A 209 7.08 -60.68 -22.03
C ASP A 209 6.22 -61.53 -21.09
N PHE A 210 5.66 -62.64 -21.56
CA PHE A 210 4.90 -63.51 -20.68
C PHE A 210 5.83 -64.27 -19.74
N ASP A 211 5.41 -64.40 -18.48
CA ASP A 211 6.16 -65.17 -17.51
C ASP A 211 5.27 -65.53 -16.34
N PHE A 212 5.57 -66.67 -15.72
CA PHE A 212 4.93 -67.09 -14.49
C PHE A 212 5.65 -66.46 -13.30
N ILE A 213 5.03 -66.50 -12.12
CA ILE A 213 5.59 -65.70 -11.03
C ILE A 213 6.05 -66.47 -9.80
N PHE A 214 5.20 -67.27 -9.16
CA PHE A 214 5.62 -67.86 -7.90
C PHE A 214 5.56 -69.38 -7.98
N LEU A 215 6.71 -70.02 -7.81
CA LEU A 215 6.79 -71.48 -7.84
C LEU A 215 6.06 -72.07 -6.65
N VAL A 216 5.19 -73.04 -6.91
CA VAL A 216 4.33 -73.53 -5.83
C VAL A 216 4.04 -75.01 -6.12
N PRO A 217 3.78 -75.84 -5.10
CA PRO A 217 3.55 -77.27 -5.36
C PRO A 217 2.29 -77.52 -6.15
N PRO A 218 2.33 -78.38 -7.16
CA PRO A 218 1.10 -78.87 -7.77
C PRO A 218 0.36 -79.75 -6.78
N THR A 219 -0.65 -79.20 -6.13
CA THR A 219 -1.50 -79.94 -5.21
C THR A 219 -2.89 -80.14 -5.79
N VAL A 220 -3.64 -81.03 -5.15
CA VAL A 220 -5.00 -81.34 -5.59
C VAL A 220 -5.95 -80.20 -5.24
N GLU A 221 -5.77 -79.58 -4.07
CA GLU A 221 -6.65 -78.49 -3.65
C GLU A 221 -6.55 -77.28 -4.56
N SER A 222 -5.46 -77.14 -5.33
CA SER A 222 -5.29 -75.98 -6.18
C SER A 222 -6.38 -75.87 -7.23
N ARG A 223 -7.02 -76.99 -7.57
CA ARG A 223 -8.00 -77.04 -8.67
C ARG A 223 -7.40 -76.51 -9.97
N THR A 224 -6.14 -76.90 -10.22
CA THR A 224 -5.46 -76.57 -11.46
C THR A 224 -5.31 -77.77 -12.37
N LYS A 225 -5.76 -78.94 -11.95
CA LYS A 225 -5.73 -80.12 -12.80
C LYS A 225 -6.66 -79.89 -13.98
N PRO A 226 -6.22 -80.19 -15.21
CA PRO A 226 -7.09 -79.96 -16.36
C PRO A 226 -8.14 -81.06 -16.49
N PHE A 227 -9.23 -80.71 -17.15
CA PHE A 227 -10.40 -81.59 -17.20
C PHE A 227 -10.16 -82.76 -18.15
N THR A 228 -10.56 -83.95 -17.72
CA THR A 228 -10.40 -85.16 -18.49
C THR A 228 -11.62 -86.04 -18.30
N VAL A 229 -11.71 -87.07 -19.13
CA VAL A 229 -12.81 -88.02 -19.13
C VAL A 229 -12.19 -89.42 -19.10
N PRO A 230 -12.72 -90.33 -18.27
CA PRO A 230 -12.04 -91.61 -18.06
C PRO A 230 -11.77 -92.35 -19.35
N ILE A 231 -10.66 -93.11 -19.36
CA ILE A 231 -10.26 -93.93 -20.48
C ILE A 231 -11.14 -95.17 -20.57
N LEU A 232 -12.04 -95.33 -19.60
CA LEU A 232 -12.83 -96.55 -19.52
C LEU A 232 -13.78 -96.68 -20.71
N THR A 233 -14.02 -97.92 -21.10
CA THR A 233 -14.93 -98.27 -22.18
C THR A 233 -16.37 -98.33 -21.66
N VAL A 234 -17.32 -98.09 -22.57
CA VAL A 234 -18.73 -98.18 -22.23
C VAL A 234 -19.03 -99.52 -21.56
N GLU A 235 -18.51 -100.60 -22.16
CA GLU A 235 -18.76 -101.95 -21.65
C GLU A 235 -18.27 -102.12 -20.21
N GLU A 236 -17.13 -101.52 -19.87
CA GLU A 236 -16.55 -101.69 -18.54
C GLU A 236 -17.04 -100.67 -17.52
N MET A 237 -17.95 -99.76 -17.89
CA MET A 237 -18.48 -98.80 -16.93
C MET A 237 -19.85 -99.29 -16.43
N THR A 238 -20.44 -98.48 -15.54
CA THR A 238 -21.57 -98.93 -14.74
C THR A 238 -22.68 -97.88 -14.79
N ASN A 239 -23.92 -98.36 -14.82
CA ASN A 239 -25.07 -97.47 -14.76
C ASN A 239 -25.18 -96.83 -13.39
N SER A 240 -25.58 -95.56 -13.37
CA SER A 240 -25.62 -94.77 -12.14
C SER A 240 -27.00 -94.73 -11.52
N ARG A 241 -27.98 -95.42 -12.10
CA ARG A 241 -29.35 -95.44 -11.62
C ARG A 241 -29.78 -96.80 -11.10
N PHE A 242 -28.96 -97.84 -11.29
CA PHE A 242 -29.24 -99.18 -10.82
C PHE A 242 -27.94 -99.97 -10.83
N PRO A 243 -27.68 -100.81 -9.82
CA PRO A 243 -26.38 -101.49 -9.75
C PRO A 243 -26.19 -102.54 -10.82
N ILE A 244 -26.07 -102.11 -12.07
CA ILE A 244 -25.83 -103.02 -13.19
C ILE A 244 -24.83 -102.38 -14.14
N PRO A 245 -24.11 -103.20 -14.90
CA PRO A 245 -23.15 -102.65 -15.88
C PRO A 245 -23.86 -101.94 -17.01
N LEU A 246 -23.09 -101.09 -17.71
CA LEU A 246 -23.56 -100.45 -18.92
C LEU A 246 -23.53 -101.42 -20.09
N GLU A 247 -24.26 -101.09 -21.15
CA GLU A 247 -24.41 -102.02 -22.25
C GLU A 247 -24.24 -101.36 -23.63
N LYS A 248 -24.92 -100.25 -23.87
CA LYS A 248 -24.79 -99.56 -25.16
C LYS A 248 -25.07 -98.08 -24.96
N LEU A 249 -24.74 -97.31 -25.99
CA LEU A 249 -25.08 -95.89 -26.07
C LEU A 249 -26.29 -95.71 -26.97
N PHE A 250 -27.22 -94.87 -26.54
CA PHE A 250 -28.48 -94.69 -27.24
C PHE A 250 -28.82 -93.21 -27.36
N THR A 251 -29.28 -92.81 -28.54
CA THR A 251 -29.81 -91.48 -28.78
C THR A 251 -31.28 -91.62 -29.17
N GLY A 252 -32.11 -90.70 -28.68
CA GLY A 252 -33.49 -90.66 -29.07
C GLY A 252 -34.15 -89.33 -28.80
N PRO A 253 -35.30 -89.10 -29.43
CA PRO A 253 -36.09 -87.91 -29.10
C PRO A 253 -36.71 -88.04 -27.71
N SER A 254 -36.82 -86.90 -27.03
CA SER A 254 -37.30 -86.89 -25.65
C SER A 254 -38.47 -85.93 -25.45
N GLY A 255 -39.19 -85.60 -26.53
CA GLY A 255 -40.29 -84.66 -26.39
C GLY A 255 -41.42 -85.24 -25.57
N ALA A 256 -41.66 -86.55 -25.70
CA ALA A 256 -42.74 -87.20 -24.97
C ALA A 256 -42.49 -87.16 -23.46
N PHE A 257 -41.27 -87.49 -23.04
CA PHE A 257 -40.96 -87.66 -21.63
C PHE A 257 -40.43 -86.35 -21.05
N VAL A 258 -40.19 -86.36 -19.74
CA VAL A 258 -39.47 -85.29 -19.07
C VAL A 258 -38.25 -85.93 -18.41
N VAL A 259 -37.07 -85.62 -18.92
CA VAL A 259 -35.84 -86.25 -18.49
C VAL A 259 -35.34 -85.50 -17.26
N GLN A 260 -35.59 -86.05 -16.07
CA GLN A 260 -35.19 -85.38 -14.85
C GLN A 260 -34.71 -86.40 -13.80
N PRO A 261 -33.80 -87.32 -14.16
CA PRO A 261 -33.33 -88.29 -13.16
C PRO A 261 -32.59 -87.59 -12.03
N GLN A 262 -32.55 -88.26 -10.88
CA GLN A 262 -31.91 -87.71 -9.71
C GLN A 262 -30.67 -88.49 -9.27
N ASN A 263 -30.41 -89.64 -9.89
CA ASN A 263 -29.16 -90.36 -9.71
C ASN A 263 -28.29 -90.18 -10.95
N GLY A 264 -26.98 -90.29 -10.75
CA GLY A 264 -26.06 -90.01 -11.85
C GLY A 264 -26.14 -88.57 -12.32
N ARG A 265 -26.18 -87.63 -11.39
CA ARG A 265 -26.21 -86.20 -11.68
C ARG A 265 -24.99 -85.56 -11.04
N CYS A 266 -24.09 -85.05 -11.87
CA CYS A 266 -22.85 -84.48 -11.38
C CYS A 266 -22.37 -83.43 -12.38
N THR A 267 -21.76 -82.37 -11.85
CA THR A 267 -21.20 -81.32 -12.67
C THR A 267 -19.79 -81.72 -13.10
N THR A 268 -19.35 -81.19 -14.25
CA THR A 268 -17.99 -81.45 -14.72
C THR A 268 -16.93 -81.10 -13.67
N ASP A 269 -17.17 -80.11 -12.82
CA ASP A 269 -16.22 -79.80 -11.75
C ASP A 269 -16.55 -80.53 -10.45
N GLY A 270 -17.42 -81.53 -10.49
CA GLY A 270 -17.55 -82.47 -9.40
C GLY A 270 -18.57 -82.14 -8.34
N VAL A 271 -19.59 -81.34 -8.66
CA VAL A 271 -20.67 -81.04 -7.73
C VAL A 271 -21.80 -82.05 -7.96
N LEU A 272 -22.11 -82.83 -6.92
CA LEU A 272 -23.20 -83.79 -7.00
C LEU A 272 -24.55 -83.08 -6.91
N LEU A 273 -25.55 -83.65 -7.59
CA LEU A 273 -26.88 -83.07 -7.66
C LEU A 273 -27.90 -84.15 -7.34
N GLY A 274 -29.11 -83.72 -6.97
CA GLY A 274 -30.19 -84.65 -6.74
C GLY A 274 -29.88 -85.64 -5.65
N THR A 275 -30.13 -86.92 -5.91
CA THR A 275 -29.88 -88.00 -4.95
C THR A 275 -28.56 -88.72 -5.23
N THR A 276 -27.64 -88.10 -5.94
CA THR A 276 -26.46 -88.79 -6.42
C THR A 276 -25.44 -88.97 -5.30
N GLN A 277 -24.88 -90.18 -5.22
CA GLN A 277 -23.80 -90.48 -4.29
C GLN A 277 -22.75 -91.28 -5.05
N LEU A 278 -21.67 -91.63 -4.35
CA LEU A 278 -20.48 -92.11 -5.03
C LEU A 278 -20.41 -93.63 -5.14
N SER A 279 -21.06 -94.35 -4.24
CA SER A 279 -20.95 -95.81 -4.22
C SER A 279 -21.88 -96.41 -5.27
N PRO A 280 -21.36 -97.21 -6.20
CA PRO A 280 -22.23 -97.83 -7.22
C PRO A 280 -23.06 -98.99 -6.70
N VAL A 281 -22.87 -99.40 -5.45
CA VAL A 281 -23.60 -100.54 -4.90
C VAL A 281 -24.85 -100.09 -4.16
N ASN A 282 -24.85 -98.87 -3.63
CA ASN A 282 -25.97 -98.31 -2.88
C ASN A 282 -26.95 -97.55 -3.75
N ILE A 283 -27.11 -97.92 -5.02
CA ILE A 283 -27.87 -97.08 -5.93
C ILE A 283 -29.38 -97.35 -5.90
N CYS A 284 -29.82 -98.48 -5.36
CA CYS A 284 -31.24 -98.71 -5.09
C CYS A 284 -31.40 -99.63 -3.89
N THR A 285 -30.74 -99.27 -2.79
CA THR A 285 -30.74 -100.09 -1.60
C THR A 285 -31.41 -99.32 -0.46
N PHE A 286 -31.87 -100.08 0.53
CA PHE A 286 -32.42 -99.50 1.74
C PHE A 286 -31.87 -100.28 2.94
N ARG A 287 -31.63 -99.55 4.02
CA ARG A 287 -31.17 -100.11 5.28
C ARG A 287 -32.02 -99.51 6.39
N GLY A 288 -32.41 -100.30 7.39
CA GLY A 288 -33.12 -99.72 8.50
C GLY A 288 -33.74 -100.76 9.41
N ASP A 289 -34.65 -100.27 10.25
CA ASP A 289 -35.45 -101.09 11.16
C ASP A 289 -36.79 -101.36 10.50
N VAL A 290 -37.31 -102.56 10.73
CA VAL A 290 -38.49 -103.01 10.01
C VAL A 290 -39.61 -103.38 10.97
N THR A 291 -40.85 -103.16 10.53
CA THR A 291 -42.04 -103.29 11.34
C THR A 291 -43.10 -104.04 10.54
N HIS A 292 -43.75 -105.02 11.16
CA HIS A 292 -44.79 -105.77 10.48
C HIS A 292 -46.09 -104.98 10.43
N ILE A 293 -46.81 -105.11 9.32
CA ILE A 293 -48.14 -104.55 9.15
C ILE A 293 -49.16 -105.67 9.34
N ALA A 294 -50.05 -105.52 10.32
CA ALA A 294 -50.86 -106.62 10.81
C ALA A 294 -51.76 -107.20 9.71
N GLY A 295 -51.72 -108.53 9.57
CA GLY A 295 -52.62 -109.26 8.69
C GLY A 295 -52.14 -109.42 7.26
N THR A 296 -51.05 -108.78 6.87
CA THR A 296 -50.53 -108.86 5.53
C THR A 296 -49.08 -109.33 5.57
N HIS A 297 -48.49 -109.50 4.37
CA HIS A 297 -47.08 -109.79 4.24
C HIS A 297 -46.25 -108.52 4.01
N ASP A 298 -46.77 -107.36 4.42
CA ASP A 298 -46.11 -106.08 4.22
C ASP A 298 -45.32 -105.68 5.46
N TYR A 299 -44.23 -104.96 5.23
CA TYR A 299 -43.42 -104.39 6.31
C TYR A 299 -43.10 -102.94 6.02
N THR A 300 -42.96 -102.15 7.10
CA THR A 300 -42.57 -100.75 7.04
C THR A 300 -41.14 -100.60 7.58
N MET A 301 -40.26 -100.00 6.78
CA MET A 301 -38.85 -99.83 7.13
C MET A 301 -38.53 -98.35 7.38
N ASN A 302 -38.05 -98.06 8.59
CA ASN A 302 -37.55 -96.74 8.95
C ASN A 302 -36.07 -96.67 8.57
N LEU A 303 -35.72 -95.69 7.72
CA LEU A 303 -34.54 -95.78 6.88
C LEU A 303 -33.21 -95.52 7.59
N ALA A 304 -33.15 -94.68 8.61
CA ALA A 304 -31.84 -94.32 9.19
C ALA A 304 -31.01 -93.79 8.02
N SER A 305 -29.80 -94.31 7.77
CA SER A 305 -29.00 -93.82 6.65
C SER A 305 -28.23 -94.98 6.03
N GLN A 306 -27.49 -94.68 4.95
CA GLN A 306 -26.69 -95.69 4.28
C GLN A 306 -25.46 -96.10 5.08
N ASN A 307 -25.03 -95.25 6.02
CA ASN A 307 -24.00 -95.60 6.99
C ASN A 307 -24.60 -96.02 8.32
N TRP A 308 -25.93 -96.17 8.41
CA TRP A 308 -26.66 -96.44 9.64
C TRP A 308 -26.57 -95.28 10.63
N ASN A 309 -26.36 -94.07 10.13
CA ASN A 309 -26.54 -92.87 10.94
C ASN A 309 -28.04 -92.66 11.18
N ASN A 310 -28.38 -91.55 11.82
CA ASN A 310 -29.74 -91.05 11.81
C ASN A 310 -30.04 -90.35 10.50
N TYR A 311 -31.30 -90.38 10.07
CA TYR A 311 -31.72 -89.72 8.85
C TYR A 311 -32.17 -88.30 9.19
N ASP A 312 -31.67 -87.33 8.44
CA ASP A 312 -32.03 -85.94 8.69
C ASP A 312 -32.93 -85.48 7.55
N PRO A 313 -34.25 -85.30 7.79
CA PRO A 313 -35.12 -84.83 6.71
C PRO A 313 -34.94 -83.35 6.39
N THR A 314 -34.19 -82.61 7.21
CA THR A 314 -33.97 -81.19 6.95
C THR A 314 -32.92 -80.95 5.87
N GLU A 315 -32.23 -82.00 5.41
CA GLU A 315 -31.19 -81.85 4.41
C GLU A 315 -31.76 -81.31 3.11
N GLU A 316 -30.95 -80.52 2.40
CA GLU A 316 -31.39 -79.92 1.15
C GLU A 316 -31.17 -80.90 -0.01
N ILE A 317 -31.81 -82.07 0.13
CA ILE A 317 -31.72 -83.14 -0.84
C ILE A 317 -33.13 -83.65 -1.08
N PRO A 318 -33.50 -84.07 -2.30
CA PRO A 318 -34.87 -84.53 -2.54
C PRO A 318 -35.25 -85.79 -1.76
N ALA A 319 -34.28 -86.54 -1.26
CA ALA A 319 -34.50 -87.82 -0.59
C ALA A 319 -33.16 -88.36 -0.14
N PRO A 320 -33.09 -89.46 0.62
CA PRO A 320 -31.78 -90.05 0.93
C PRO A 320 -31.04 -90.44 -0.34
N LEU A 321 -29.71 -90.32 -0.29
CA LEU A 321 -28.90 -90.58 -1.47
C LEU A 321 -29.03 -92.03 -1.89
N GLY A 322 -29.22 -92.26 -3.18
CA GLY A 322 -29.40 -93.59 -3.71
C GLY A 322 -30.85 -94.04 -3.79
N THR A 323 -31.80 -93.18 -3.44
CA THR A 323 -33.20 -93.54 -3.55
C THR A 323 -33.58 -93.67 -5.02
N PRO A 324 -34.36 -94.69 -5.39
CA PRO A 324 -34.77 -94.86 -6.79
C PRO A 324 -35.41 -93.59 -7.34
N ASP A 325 -35.11 -93.30 -8.60
CA ASP A 325 -35.57 -92.08 -9.26
C ASP A 325 -36.53 -92.37 -10.41
N PHE A 326 -37.27 -93.48 -10.30
CA PHE A 326 -38.29 -93.83 -11.28
C PHE A 326 -39.46 -94.50 -10.56
N VAL A 327 -40.60 -94.53 -11.24
CA VAL A 327 -41.80 -95.17 -10.71
C VAL A 327 -41.86 -96.61 -11.22
N GLY A 328 -41.98 -97.54 -10.29
CA GLY A 328 -42.02 -98.95 -10.66
C GLY A 328 -41.95 -99.82 -9.42
N LYS A 329 -41.99 -101.11 -9.65
CA LYS A 329 -41.86 -102.11 -8.59
C LYS A 329 -40.50 -102.78 -8.72
N ILE A 330 -39.65 -102.57 -7.73
CA ILE A 330 -38.29 -103.11 -7.71
C ILE A 330 -38.27 -104.31 -6.78
N GLN A 331 -37.87 -105.46 -7.31
CA GLN A 331 -37.79 -106.67 -6.53
C GLN A 331 -36.37 -106.89 -6.04
N GLY A 332 -36.24 -107.34 -4.80
CA GLY A 332 -34.95 -107.72 -4.26
C GLY A 332 -35.08 -108.70 -3.11
N VAL A 333 -34.25 -108.54 -2.10
CA VAL A 333 -34.21 -109.45 -0.96
C VAL A 333 -33.96 -108.63 0.29
N LEU A 334 -34.81 -108.80 1.30
CA LEU A 334 -34.59 -108.22 2.62
C LEU A 334 -33.69 -109.14 3.43
N THR A 335 -32.68 -108.56 4.05
CA THR A 335 -31.69 -109.31 4.80
C THR A 335 -31.61 -108.74 6.21
N GLN A 336 -31.45 -109.62 7.20
CA GLN A 336 -31.50 -109.21 8.59
C GLN A 336 -30.53 -110.05 9.40
N THR A 337 -29.91 -109.44 10.40
CA THR A 337 -28.99 -110.13 11.29
C THR A 337 -29.32 -109.74 12.72
N THR A 338 -29.45 -110.74 13.59
CA THR A 338 -29.81 -110.52 14.99
C THR A 338 -28.55 -110.32 15.83
N ARG A 339 -28.50 -109.20 16.54
CA ARG A 339 -27.36 -108.90 17.39
C ARG A 339 -27.34 -109.85 18.58
N GLY A 340 -26.18 -110.43 18.86
CA GLY A 340 -26.03 -111.38 19.93
C GLY A 340 -26.08 -112.85 19.53
N ASP A 341 -26.72 -113.20 18.42
CA ASP A 341 -26.73 -114.59 17.98
C ASP A 341 -25.98 -114.82 16.68
N GLY A 342 -25.97 -113.86 15.77
CA GLY A 342 -25.58 -114.15 14.41
C GLY A 342 -26.69 -114.76 13.60
N SER A 343 -27.93 -114.68 14.07
CA SER A 343 -29.08 -115.17 13.31
C SER A 343 -29.26 -114.33 12.06
N THR A 344 -29.50 -114.99 10.94
CA THR A 344 -29.67 -114.30 9.67
C THR A 344 -30.89 -114.83 8.93
N ARG A 345 -31.64 -113.92 8.32
CA ARG A 345 -32.85 -114.24 7.59
C ARG A 345 -32.84 -113.48 6.27
N GLY A 346 -33.35 -114.14 5.22
CA GLY A 346 -33.41 -113.53 3.91
C GLY A 346 -34.69 -113.89 3.18
N HIS A 347 -35.43 -112.87 2.74
CA HIS A 347 -36.76 -113.08 2.19
C HIS A 347 -36.97 -112.24 0.95
N LYS A 348 -37.47 -112.88 -0.11
CA LYS A 348 -37.92 -112.18 -1.30
C LYS A 348 -38.81 -111.00 -0.95
N ALA A 349 -38.52 -109.84 -1.54
CA ALA A 349 -39.23 -108.62 -1.21
C ALA A 349 -39.34 -107.75 -2.45
N THR A 350 -40.27 -106.81 -2.40
CA THR A 350 -40.57 -105.94 -3.52
C THR A 350 -40.94 -104.56 -3.01
N VAL A 351 -40.38 -103.52 -3.62
CA VAL A 351 -40.69 -102.14 -3.29
C VAL A 351 -41.47 -101.55 -4.44
N SER A 352 -42.61 -100.94 -4.14
CA SER A 352 -43.40 -100.24 -5.13
C SER A 352 -43.16 -98.75 -4.97
N THR A 353 -42.47 -98.16 -5.94
CA THR A 353 -42.30 -96.72 -5.96
C THR A 353 -43.58 -96.08 -6.49
N GLY A 354 -43.81 -94.83 -6.13
CA GLY A 354 -45.03 -94.16 -6.53
C GLY A 354 -46.26 -94.61 -5.79
N SER A 355 -46.18 -95.70 -5.02
CA SER A 355 -47.19 -96.03 -4.03
C SER A 355 -47.25 -94.95 -2.95
N VAL A 356 -48.44 -94.78 -2.36
CA VAL A 356 -48.62 -93.75 -1.35
C VAL A 356 -47.82 -94.02 -0.09
N HIS A 357 -47.36 -95.25 0.13
CA HIS A 357 -46.57 -95.58 1.30
C HIS A 357 -45.07 -95.47 1.05
N PHE A 358 -44.68 -95.04 -0.15
CA PHE A 358 -43.28 -94.78 -0.50
C PHE A 358 -42.96 -93.34 -0.15
N THR A 359 -42.44 -93.12 1.07
CA THR A 359 -42.11 -91.79 1.57
C THR A 359 -40.71 -91.77 2.15
N PRO A 360 -39.68 -91.92 1.31
CA PRO A 360 -38.32 -91.98 1.86
C PRO A 360 -37.82 -90.64 2.35
N LYS A 361 -38.31 -89.54 1.79
CA LYS A 361 -37.97 -88.22 2.32
C LYS A 361 -38.46 -88.06 3.76
N LEU A 362 -39.55 -88.75 4.11
CA LEU A 362 -40.08 -88.72 5.47
C LEU A 362 -39.46 -89.80 6.35
N GLY A 363 -38.86 -90.83 5.76
CA GLY A 363 -38.10 -91.80 6.54
C GLY A 363 -38.63 -93.22 6.50
N SER A 364 -39.65 -93.48 5.68
CA SER A 364 -40.32 -94.78 5.70
C SER A 364 -40.63 -95.24 4.29
N VAL A 365 -40.48 -96.56 4.07
CA VAL A 365 -40.88 -97.21 2.82
C VAL A 365 -41.54 -98.53 3.20
N GLN A 366 -42.35 -99.04 2.27
CA GLN A 366 -43.13 -100.26 2.49
C GLN A 366 -42.69 -101.35 1.52
N PHE A 367 -42.43 -102.53 2.07
CA PHE A 367 -42.07 -103.71 1.29
C PHE A 367 -43.21 -104.72 1.31
N THR A 368 -43.33 -105.49 0.24
CA THR A 368 -44.20 -106.64 0.19
C THR A 368 -43.33 -107.89 0.11
N THR A 369 -43.45 -108.77 1.09
CA THR A 369 -42.51 -109.86 1.28
C THR A 369 -43.20 -111.20 1.03
N ASP A 370 -42.42 -112.28 1.13
CA ASP A 370 -42.94 -113.63 1.03
C ASP A 370 -43.11 -114.29 2.40
N THR A 371 -43.10 -113.50 3.48
CA THR A 371 -43.36 -114.02 4.81
C THR A 371 -43.98 -112.91 5.64
N ASN A 372 -44.84 -113.30 6.60
CA ASN A 372 -45.42 -112.37 7.55
C ASN A 372 -44.97 -112.56 8.99
N ASN A 373 -44.05 -113.50 9.26
CA ASN A 373 -43.67 -113.80 10.64
C ASN A 373 -42.17 -113.84 10.92
N ASP A 374 -41.30 -113.73 9.92
CA ASP A 374 -39.87 -113.97 10.07
C ASP A 374 -39.00 -112.71 9.94
N LEU A 375 -39.49 -111.55 10.39
CA LEU A 375 -38.67 -110.34 10.41
C LEU A 375 -38.79 -109.67 11.78
N GLU A 376 -37.72 -109.74 12.56
CA GLU A 376 -37.70 -109.23 13.92
C GLU A 376 -37.78 -107.69 13.92
N THR A 377 -38.27 -107.16 15.05
CA THR A 377 -38.59 -105.73 15.12
C THR A 377 -37.35 -104.85 15.18
N GLY A 378 -36.41 -105.15 16.08
CA GLY A 378 -35.30 -104.25 16.32
C GLY A 378 -34.00 -104.50 15.58
N GLN A 379 -33.90 -105.58 14.81
CA GLN A 379 -32.66 -105.87 14.10
C GLN A 379 -32.53 -105.00 12.84
N ASN A 380 -31.28 -104.74 12.46
CA ASN A 380 -30.99 -103.96 11.27
C ASN A 380 -31.25 -104.78 10.02
N THR A 381 -31.83 -104.15 9.00
CA THR A 381 -32.31 -104.85 7.82
C THR A 381 -31.89 -104.11 6.55
N LYS A 382 -31.45 -104.86 5.55
CA LYS A 382 -30.93 -104.32 4.30
C LYS A 382 -31.71 -104.88 3.12
N PHE A 383 -32.20 -103.99 2.27
CA PHE A 383 -32.82 -104.38 1.00
C PHE A 383 -31.78 -104.39 -0.11
N THR A 384 -31.48 -105.57 -0.66
CA THR A 384 -30.56 -105.69 -1.78
C THR A 384 -31.38 -105.80 -3.07
N PRO A 385 -31.31 -104.82 -3.97
CA PRO A 385 -32.12 -104.88 -5.19
C PRO A 385 -31.57 -105.87 -6.20
N VAL A 386 -32.47 -106.36 -7.06
CA VAL A 386 -32.09 -107.35 -8.08
C VAL A 386 -32.66 -106.95 -9.44
N GLY A 387 -33.91 -106.53 -9.48
CA GLY A 387 -34.56 -106.25 -10.75
C GLY A 387 -35.93 -105.63 -10.57
N VAL A 388 -36.64 -105.50 -11.69
CA VAL A 388 -37.96 -104.89 -11.72
C VAL A 388 -38.97 -105.91 -12.25
N VAL A 389 -40.25 -105.68 -11.91
CA VAL A 389 -41.34 -106.58 -12.26
C VAL A 389 -42.50 -105.80 -12.87
N GLN A 390 -43.37 -106.53 -13.56
CA GLN A 390 -44.51 -105.97 -14.26
C GLN A 390 -45.71 -106.88 -14.10
N ASP A 391 -46.88 -106.30 -13.87
CA ASP A 391 -48.12 -107.06 -13.79
C ASP A 391 -48.53 -107.50 -15.19
N GLY A 392 -48.51 -108.81 -15.45
CA GLY A 392 -48.63 -109.32 -16.80
C GLY A 392 -50.02 -109.18 -17.40
N ASN A 393 -51.03 -108.92 -16.57
CA ASN A 393 -52.41 -108.80 -17.06
C ASN A 393 -52.69 -107.43 -17.67
N SER A 394 -51.83 -106.45 -17.44
CA SER A 394 -51.96 -105.12 -18.01
C SER A 394 -51.23 -105.08 -19.36
N ALA A 395 -51.25 -103.90 -19.99
CA ALA A 395 -50.57 -103.74 -21.27
C ALA A 395 -49.06 -103.96 -21.09
N HIS A 396 -48.48 -104.73 -22.00
CA HIS A 396 -47.08 -105.14 -21.85
C HIS A 396 -46.15 -103.94 -21.95
N GLN A 397 -45.08 -103.98 -21.14
CA GLN A 397 -43.99 -102.99 -21.16
C GLN A 397 -44.46 -101.61 -20.72
N ASN A 398 -45.23 -101.55 -19.63
CA ASN A 398 -45.80 -100.30 -19.17
C ASN A 398 -45.51 -99.95 -17.72
N GLU A 399 -44.94 -100.84 -16.92
CA GLU A 399 -44.91 -100.59 -15.48
C GLU A 399 -43.78 -99.66 -15.05
N PRO A 400 -42.49 -99.98 -15.32
CA PRO A 400 -41.41 -99.08 -14.86
C PRO A 400 -41.22 -97.92 -15.82
N GLN A 401 -41.67 -96.73 -15.39
CA GLN A 401 -41.57 -95.51 -16.19
C GLN A 401 -40.32 -94.75 -15.73
N GLN A 402 -39.22 -94.95 -16.46
CA GLN A 402 -37.93 -94.44 -15.98
C GLN A 402 -37.89 -92.92 -15.94
N TRP A 403 -38.70 -92.24 -16.76
CA TRP A 403 -38.69 -90.79 -16.82
C TRP A 403 -39.81 -90.15 -16.01
N VAL A 404 -40.44 -90.90 -15.10
CA VAL A 404 -41.43 -90.37 -14.18
C VAL A 404 -40.83 -90.40 -12.78
N LEU A 405 -40.71 -89.23 -12.16
CA LEU A 405 -40.16 -89.20 -10.82
C LEU A 405 -41.21 -89.60 -9.79
N PRO A 406 -40.84 -90.37 -8.78
CA PRO A 406 -41.72 -90.58 -7.63
C PRO A 406 -41.99 -89.29 -6.88
N ASN A 407 -42.99 -89.35 -6.00
CA ASN A 407 -43.25 -88.28 -5.04
C ASN A 407 -42.55 -88.71 -3.76
N TYR A 408 -41.39 -88.11 -3.50
CA TYR A 408 -40.51 -88.60 -2.44
C TYR A 408 -41.12 -88.45 -1.05
N SER A 409 -42.08 -87.54 -0.89
CA SER A 409 -42.76 -87.35 0.38
C SER A 409 -44.20 -87.86 0.33
N GLY A 410 -44.49 -88.80 -0.56
CA GLY A 410 -45.82 -89.29 -0.79
C GLY A 410 -46.82 -88.16 -0.96
N ARG A 411 -48.07 -88.42 -0.55
CA ARG A 411 -49.12 -87.43 -0.70
C ARG A 411 -48.90 -86.19 0.17
N THR A 412 -48.04 -86.29 1.19
CA THR A 412 -47.84 -85.20 2.16
C THR A 412 -46.88 -84.13 1.61
N GLY A 413 -47.19 -83.63 0.44
CA GLY A 413 -46.42 -82.55 -0.15
C GLY A 413 -45.86 -82.94 -1.50
N HIS A 414 -45.06 -82.03 -2.05
CA HIS A 414 -44.42 -82.15 -3.34
C HIS A 414 -42.91 -82.22 -3.21
N ASN A 415 -42.26 -82.71 -4.26
CA ASN A 415 -40.81 -82.89 -4.27
C ASN A 415 -40.07 -81.56 -4.23
N VAL A 416 -38.93 -81.55 -3.53
CA VAL A 416 -38.12 -80.37 -3.34
C VAL A 416 -36.69 -80.66 -3.76
N HIS A 417 -35.89 -79.60 -3.86
CA HIS A 417 -34.45 -79.65 -4.18
C HIS A 417 -34.13 -80.67 -5.28
N LEU A 418 -34.91 -80.63 -6.35
CA LEU A 418 -34.68 -81.56 -7.44
C LEU A 418 -33.53 -81.09 -8.33
N ALA A 419 -32.83 -82.06 -8.92
CA ALA A 419 -31.92 -81.74 -10.00
C ALA A 419 -32.72 -81.31 -11.23
N PRO A 420 -32.25 -80.32 -11.98
CA PRO A 420 -33.08 -79.75 -13.05
C PRO A 420 -33.35 -80.77 -14.14
N ALA A 421 -34.40 -80.52 -14.91
CA ALA A 421 -34.68 -81.34 -16.07
C ALA A 421 -33.72 -81.01 -17.20
N VAL A 422 -33.68 -81.90 -18.19
CA VAL A 422 -32.65 -81.92 -19.22
C VAL A 422 -33.34 -82.09 -20.56
N ALA A 423 -32.96 -81.27 -21.53
CA ALA A 423 -33.51 -81.33 -22.87
C ALA A 423 -32.49 -80.79 -23.85
N PRO A 424 -32.47 -81.28 -25.08
CA PRO A 424 -31.59 -80.68 -26.09
C PRO A 424 -32.03 -79.26 -26.42
N THR A 425 -31.04 -78.37 -26.57
CA THR A 425 -31.30 -76.97 -26.86
C THR A 425 -30.88 -76.56 -28.25
N PHE A 426 -30.09 -77.37 -28.94
CA PHE A 426 -29.54 -77.05 -30.26
C PHE A 426 -30.35 -77.75 -31.34
N PRO A 427 -30.73 -77.06 -32.41
CA PRO A 427 -31.51 -77.72 -33.47
C PRO A 427 -30.76 -78.90 -34.07
N GLY A 428 -31.43 -80.05 -34.11
CA GLY A 428 -30.88 -81.25 -34.69
C GLY A 428 -30.19 -82.16 -33.69
N GLU A 429 -30.15 -81.79 -32.42
CA GLU A 429 -29.40 -82.52 -31.41
C GLU A 429 -30.36 -83.23 -30.46
N GLN A 430 -29.96 -84.42 -30.01
CA GLN A 430 -30.71 -85.17 -29.01
C GLN A 430 -29.76 -85.60 -27.89
N LEU A 431 -30.35 -85.92 -26.74
CA LEU A 431 -29.58 -86.48 -25.64
C LEU A 431 -28.88 -87.77 -26.06
N LEU A 432 -27.73 -88.02 -25.43
CA LEU A 432 -27.02 -89.28 -25.54
C LEU A 432 -27.11 -89.97 -24.19
N PHE A 433 -27.69 -91.17 -24.17
CA PHE A 433 -27.93 -91.93 -22.96
C PHE A 433 -26.99 -93.12 -22.89
N PHE A 434 -26.59 -93.45 -21.67
CA PHE A 434 -25.84 -94.67 -21.40
C PHE A 434 -26.85 -95.74 -20.99
N ARG A 435 -27.07 -96.72 -21.86
CA ARG A 435 -28.15 -97.69 -21.73
C ARG A 435 -27.68 -99.02 -21.18
N SER A 436 -28.40 -99.50 -20.17
CA SER A 436 -28.29 -100.88 -19.71
C SER A 436 -29.69 -101.43 -19.51
N THR A 437 -29.79 -102.76 -19.46
CA THR A 437 -31.07 -103.44 -19.42
C THR A 437 -31.27 -104.03 -18.02
N MET A 438 -32.35 -103.61 -17.36
CA MET A 438 -32.57 -104.04 -15.99
C MET A 438 -33.03 -105.50 -15.97
N PRO A 439 -32.58 -106.29 -15.00
CA PRO A 439 -33.13 -107.64 -14.85
C PRO A 439 -34.63 -107.60 -14.58
N GLY A 440 -35.37 -108.34 -15.39
CA GLY A 440 -36.79 -108.54 -15.15
C GLY A 440 -37.03 -109.80 -14.36
N CYS A 441 -37.87 -109.69 -13.32
CA CYS A 441 -38.12 -110.81 -12.43
C CYS A 441 -39.50 -111.42 -12.58
N SER A 442 -40.47 -110.67 -13.12
CA SER A 442 -41.84 -111.15 -13.25
C SER A 442 -42.58 -110.27 -14.24
N GLY A 443 -43.36 -110.91 -15.11
CA GLY A 443 -44.20 -110.19 -16.04
C GLY A 443 -43.51 -109.78 -17.33
N TYR A 444 -43.92 -108.63 -17.87
CA TYR A 444 -43.38 -108.12 -19.13
C TYR A 444 -42.96 -106.67 -18.92
N PRO A 445 -41.86 -106.43 -18.21
CA PRO A 445 -41.50 -105.07 -17.82
C PRO A 445 -40.71 -104.32 -18.90
N ASN A 446 -40.76 -102.99 -18.80
CA ASN A 446 -39.92 -102.12 -19.61
C ASN A 446 -38.52 -102.11 -19.01
N MET A 447 -37.62 -102.91 -19.58
CA MET A 447 -36.33 -103.15 -18.96
C MET A 447 -35.29 -102.10 -19.32
N ASN A 448 -35.65 -101.10 -20.12
CA ASN A 448 -34.72 -100.06 -20.53
C ASN A 448 -34.39 -99.16 -19.35
N LEU A 449 -33.08 -98.93 -19.13
CA LEU A 449 -32.64 -97.94 -18.16
C LEU A 449 -31.54 -97.06 -18.76
N ASP A 450 -31.83 -95.78 -18.88
CA ASP A 450 -30.89 -94.79 -19.41
C ASP A 450 -30.45 -93.88 -18.27
N CYS A 451 -29.14 -93.67 -18.14
CA CYS A 451 -28.61 -92.63 -17.26
C CYS A 451 -27.86 -91.58 -18.08
N LEU A 452 -27.72 -90.40 -17.48
CA LEU A 452 -27.09 -89.28 -18.18
C LEU A 452 -25.57 -89.35 -18.14
N LEU A 453 -25.01 -89.91 -17.07
CA LEU A 453 -23.57 -90.04 -16.89
C LEU A 453 -23.31 -91.41 -16.28
N PRO A 454 -22.28 -92.11 -16.75
CA PRO A 454 -21.86 -93.33 -16.06
C PRO A 454 -21.42 -93.03 -14.63
N GLN A 455 -21.58 -94.02 -13.76
CA GLN A 455 -21.21 -93.83 -12.37
C GLN A 455 -19.72 -93.54 -12.25
N GLU A 456 -18.90 -94.18 -13.09
CA GLU A 456 -17.47 -93.93 -13.07
C GLU A 456 -17.15 -92.49 -13.47
N TRP A 457 -17.93 -91.90 -14.37
CA TRP A 457 -17.74 -90.48 -14.69
C TRP A 457 -18.08 -89.61 -13.50
N VAL A 458 -19.11 -89.98 -12.73
CA VAL A 458 -19.45 -89.24 -11.53
C VAL A 458 -18.28 -89.28 -10.55
N LEU A 459 -17.74 -90.48 -10.32
CA LEU A 459 -16.56 -90.64 -9.46
C LEU A 459 -15.40 -89.78 -9.94
N HIS A 460 -15.13 -89.80 -11.24
CA HIS A 460 -13.97 -89.07 -11.78
C HIS A 460 -14.13 -87.56 -11.62
N PHE A 461 -15.29 -87.02 -12.01
CA PHE A 461 -15.50 -85.59 -11.87
C PHE A 461 -15.44 -85.16 -10.41
N TYR A 462 -15.97 -85.99 -9.51
CA TYR A 462 -15.98 -85.63 -8.09
C TYR A 462 -14.55 -85.50 -7.55
N GLN A 463 -13.71 -86.50 -7.84
CA GLN A 463 -12.36 -86.54 -7.28
C GLN A 463 -11.46 -85.48 -7.90
N GLU A 464 -11.62 -85.22 -9.20
CA GLU A 464 -10.71 -84.32 -9.89
C GLU A 464 -11.16 -82.86 -9.75
N ALA A 465 -12.46 -82.61 -9.84
CA ALA A 465 -13.04 -81.28 -9.65
C ALA A 465 -12.39 -80.21 -10.53
N ALA A 466 -12.26 -80.52 -11.80
CA ALA A 466 -11.64 -79.58 -12.72
C ALA A 466 -12.60 -78.44 -13.00
N PRO A 467 -12.24 -77.18 -12.76
CA PRO A 467 -13.14 -76.09 -13.11
C PRO A 467 -13.38 -76.02 -14.60
N ALA A 468 -14.64 -75.81 -14.98
CA ALA A 468 -15.04 -75.73 -16.38
C ALA A 468 -14.73 -74.35 -16.94
N GLN A 469 -13.93 -74.32 -18.00
CA GLN A 469 -13.54 -73.07 -18.64
C GLN A 469 -14.59 -72.54 -19.60
N SER A 470 -15.62 -73.32 -19.90
CA SER A 470 -16.76 -72.86 -20.68
C SER A 470 -17.96 -73.75 -20.34
N ASP A 471 -19.10 -73.46 -20.97
CA ASP A 471 -20.33 -74.14 -20.62
C ASP A 471 -20.47 -75.51 -21.27
N VAL A 472 -19.65 -75.84 -22.26
CA VAL A 472 -19.76 -77.09 -22.99
C VAL A 472 -18.38 -77.69 -23.20
N ALA A 473 -18.22 -78.96 -22.88
CA ALA A 473 -17.00 -79.71 -23.14
C ALA A 473 -17.22 -80.63 -24.33
N LEU A 474 -16.48 -80.39 -25.41
CA LEU A 474 -16.58 -81.21 -26.60
C LEU A 474 -15.84 -82.52 -26.40
N LEU A 475 -16.54 -83.65 -26.55
CA LEU A 475 -15.94 -84.97 -26.47
C LEU A 475 -15.95 -85.62 -27.84
N ARG A 476 -14.92 -86.42 -28.11
CA ARG A 476 -14.87 -87.23 -29.32
C ARG A 476 -14.63 -88.69 -28.97
N PHE A 477 -15.31 -89.58 -29.71
CA PHE A 477 -15.22 -91.02 -29.53
C PHE A 477 -14.21 -91.58 -30.51
N VAL A 478 -13.23 -92.31 -30.00
CA VAL A 478 -12.06 -92.71 -30.77
C VAL A 478 -11.97 -94.23 -30.85
N ASN A 479 -11.61 -94.73 -32.03
CA ASN A 479 -11.26 -96.13 -32.22
C ASN A 479 -9.78 -96.26 -31.94
N PRO A 480 -9.36 -96.90 -30.84
CA PRO A 480 -7.94 -96.89 -30.47
C PRO A 480 -7.05 -97.72 -31.38
N ASP A 481 -7.61 -98.62 -32.19
CA ASP A 481 -6.77 -99.36 -33.15
C ASP A 481 -6.18 -98.41 -34.19
N THR A 482 -7.03 -97.66 -34.86
CA THR A 482 -6.60 -96.74 -35.91
C THR A 482 -6.37 -95.32 -35.44
N GLY A 483 -6.80 -94.97 -34.22
CA GLY A 483 -6.76 -93.59 -33.79
C GLY A 483 -7.87 -92.73 -34.34
N ARG A 484 -8.85 -93.33 -35.02
CA ARG A 484 -9.83 -92.60 -35.81
C ARG A 484 -10.96 -92.06 -34.95
N VAL A 485 -11.43 -90.87 -35.29
CA VAL A 485 -12.55 -90.26 -34.59
C VAL A 485 -13.84 -90.78 -35.19
N LEU A 486 -14.71 -91.33 -34.34
CA LEU A 486 -15.94 -91.96 -34.77
C LEU A 486 -17.12 -91.00 -34.77
N PHE A 487 -17.29 -90.24 -33.68
CA PHE A 487 -18.30 -89.19 -33.63
C PHE A 487 -17.90 -88.20 -32.55
N GLU A 488 -18.55 -87.04 -32.57
CA GLU A 488 -18.36 -86.03 -31.53
C GLU A 488 -19.69 -85.74 -30.84
N CYS A 489 -19.60 -85.31 -29.59
CA CYS A 489 -20.76 -85.01 -28.77
C CYS A 489 -20.40 -83.89 -27.80
N LYS A 490 -21.42 -83.28 -27.22
CA LYS A 490 -21.24 -82.19 -26.27
C LYS A 490 -21.55 -82.67 -24.86
N LEU A 491 -20.55 -82.64 -23.99
CA LEU A 491 -20.76 -82.92 -22.58
C LEU A 491 -20.99 -81.58 -21.89
N HIS A 492 -22.22 -81.32 -21.49
CA HIS A 492 -22.56 -80.02 -20.94
C HIS A 492 -22.08 -79.91 -19.51
N LYS A 493 -21.76 -78.67 -19.11
CA LYS A 493 -21.22 -78.44 -17.78
C LYS A 493 -22.15 -79.00 -16.71
N SER A 494 -23.47 -78.87 -16.92
CA SER A 494 -24.48 -79.35 -15.97
C SER A 494 -24.46 -80.87 -15.81
N GLY A 495 -23.60 -81.55 -16.55
CA GLY A 495 -23.51 -83.00 -16.48
C GLY A 495 -24.48 -83.82 -17.30
N TYR A 496 -24.56 -83.56 -18.60
CA TYR A 496 -25.32 -84.41 -19.51
C TYR A 496 -24.74 -84.24 -20.92
N VAL A 497 -24.99 -85.25 -21.76
CA VAL A 497 -24.37 -85.30 -23.08
C VAL A 497 -25.46 -85.20 -24.15
N THR A 498 -25.11 -84.52 -25.24
CA THR A 498 -25.98 -84.34 -26.39
C THR A 498 -25.20 -84.68 -27.65
N VAL A 499 -25.91 -85.13 -28.68
CA VAL A 499 -25.28 -85.50 -29.95
C VAL A 499 -26.20 -85.07 -31.09
N ALA A 500 -25.65 -85.05 -32.30
CA ALA A 500 -26.36 -84.59 -33.50
C ALA A 500 -26.97 -85.76 -34.26
N HIS A 501 -28.26 -86.00 -34.02
CA HIS A 501 -29.00 -87.11 -34.60
C HIS A 501 -30.48 -86.84 -34.42
N THR A 502 -31.30 -87.49 -35.25
CA THR A 502 -32.75 -87.40 -35.12
C THR A 502 -33.35 -88.79 -35.26
N GLY A 503 -34.18 -89.16 -34.28
CA GLY A 503 -34.79 -90.47 -34.25
C GLY A 503 -34.07 -91.37 -33.27
N PRO A 504 -34.75 -92.42 -32.81
CA PRO A 504 -34.10 -93.36 -31.89
C PRO A 504 -33.02 -94.16 -32.60
N HIS A 505 -31.98 -94.50 -31.86
CA HIS A 505 -30.85 -95.22 -32.43
C HIS A 505 -29.95 -95.80 -31.35
N ASP A 506 -29.70 -97.11 -31.42
CA ASP A 506 -28.61 -97.71 -30.66
C ASP A 506 -27.31 -97.52 -31.43
N LEU A 507 -26.29 -96.99 -30.77
CA LEU A 507 -25.05 -96.67 -31.45
C LEU A 507 -24.24 -97.92 -31.74
N VAL A 508 -23.62 -97.95 -32.91
CA VAL A 508 -22.78 -99.05 -33.36
C VAL A 508 -21.34 -98.69 -33.07
N ILE A 509 -20.77 -99.30 -32.03
CA ILE A 509 -19.54 -98.84 -31.41
C ILE A 509 -18.54 -99.99 -31.41
N PRO A 510 -17.29 -99.76 -31.78
CA PRO A 510 -16.24 -100.75 -31.55
C PRO A 510 -16.06 -101.01 -30.07
N PRO A 511 -15.98 -102.27 -29.65
CA PRO A 511 -16.04 -102.58 -28.22
C PRO A 511 -14.94 -101.93 -27.40
N ASN A 512 -13.82 -101.54 -28.00
CA ASN A 512 -12.70 -100.95 -27.28
C ASN A 512 -12.61 -99.43 -27.43
N GLY A 513 -13.63 -98.79 -28.02
CA GLY A 513 -13.62 -97.36 -28.17
C GLY A 513 -13.76 -96.62 -26.85
N TYR A 514 -13.20 -95.42 -26.80
CA TYR A 514 -13.12 -94.61 -25.59
C TYR A 514 -13.49 -93.17 -25.88
N PHE A 515 -13.88 -92.45 -24.82
CA PHE A 515 -14.19 -91.03 -24.89
C PHE A 515 -12.97 -90.19 -24.57
N ARG A 516 -12.78 -89.12 -25.35
CA ARG A 516 -11.66 -88.19 -25.17
C ARG A 516 -12.17 -86.76 -25.16
N PHE A 517 -11.81 -86.00 -24.13
CA PHE A 517 -12.16 -84.57 -24.09
C PHE A 517 -11.20 -83.81 -24.98
N ASP A 518 -11.73 -83.05 -25.93
CA ASP A 518 -10.91 -82.44 -26.97
C ASP A 518 -10.81 -80.92 -26.92
N SER A 519 -11.86 -80.23 -26.48
CA SER A 519 -11.80 -78.77 -26.46
C SER A 519 -13.01 -78.23 -25.72
N TRP A 520 -12.80 -77.10 -25.04
CA TRP A 520 -13.91 -76.29 -24.55
C TRP A 520 -14.54 -75.51 -25.70
N VAL A 521 -15.88 -75.49 -25.73
CA VAL A 521 -16.64 -74.80 -26.75
C VAL A 521 -17.79 -74.06 -26.06
N ASN A 522 -18.51 -73.26 -26.85
CA ASN A 522 -19.70 -72.57 -26.37
C ASN A 522 -20.96 -73.16 -27.00
N GLN A 523 -22.11 -72.60 -26.64
CA GLN A 523 -23.40 -73.15 -27.03
C GLN A 523 -23.65 -73.13 -28.53
N PHE A 524 -22.86 -72.38 -29.30
CA PHE A 524 -23.09 -72.25 -30.74
C PHE A 524 -22.36 -73.29 -31.56
N TYR A 525 -21.57 -74.16 -30.92
CA TYR A 525 -20.83 -75.18 -31.66
C TYR A 525 -21.80 -76.13 -32.36
N THR A 526 -21.56 -76.37 -33.64
CA THR A 526 -22.38 -77.24 -34.47
C THR A 526 -21.69 -78.59 -34.57
N LEU A 527 -22.37 -79.63 -34.10
CA LEU A 527 -21.74 -80.95 -34.03
C LEU A 527 -21.77 -81.61 -35.39
N ALA A 528 -20.80 -82.47 -35.63
CA ALA A 528 -20.80 -83.24 -36.86
C ALA A 528 -21.95 -84.24 -36.83
N PRO A 529 -22.69 -84.40 -37.92
CA PRO A 529 -23.80 -85.34 -37.92
C PRO A 529 -23.32 -86.77 -37.73
N MET A 530 -24.14 -87.55 -37.02
CA MET A 530 -23.78 -88.90 -36.59
C MET A 530 -24.94 -89.83 -36.89
N GLY A 531 -24.67 -90.91 -37.60
CA GLY A 531 -25.68 -91.91 -37.89
C GLY A 531 -25.73 -92.33 -39.35
N PRO B 10 -8.34 0.38 -5.76
CA PRO B 10 -8.67 -0.78 -6.60
C PRO B 10 -10.00 -1.44 -6.21
N SER B 11 -10.22 -1.62 -4.91
CA SER B 11 -11.50 -2.11 -4.41
C SER B 11 -12.50 -0.99 -4.14
N ASP B 12 -12.12 0.26 -4.38
CA ASP B 12 -12.93 1.39 -3.93
C ASP B 12 -14.25 1.39 -4.68
N GLY B 13 -15.35 1.17 -3.95
CA GLY B 13 -16.67 1.13 -4.54
C GLY B 13 -17.06 -0.22 -5.11
N SER B 14 -16.18 -1.22 -5.04
CA SER B 14 -16.47 -2.57 -5.51
C SER B 14 -15.94 -3.54 -4.47
N THR B 15 -16.84 -4.24 -3.77
CA THR B 15 -16.51 -5.16 -2.69
C THR B 15 -16.00 -4.43 -1.45
N ALA B 16 -15.10 -3.45 -1.64
CA ALA B 16 -14.83 -2.40 -0.66
C ALA B 16 -14.23 -2.94 0.64
N ASN B 17 -13.42 -3.99 0.54
CA ASN B 17 -12.81 -4.66 1.69
C ASN B 17 -13.83 -5.16 2.70
N LEU B 18 -15.10 -5.27 2.30
CA LEU B 18 -16.14 -5.77 3.18
C LEU B 18 -16.14 -7.28 3.31
N VAL B 19 -15.18 -7.93 2.64
CA VAL B 19 -15.30 -9.32 2.19
C VAL B 19 -13.92 -9.92 2.12
N PRO B 20 -13.72 -11.16 2.58
CA PRO B 20 -12.41 -11.81 2.44
C PRO B 20 -12.01 -11.92 0.98
N GLU B 21 -10.72 -11.71 0.71
CA GLU B 21 -10.24 -11.71 -0.67
C GLU B 21 -9.93 -13.12 -1.16
N VAL B 22 -8.85 -13.73 -0.66
CA VAL B 22 -8.51 -15.10 -1.01
C VAL B 22 -8.27 -15.87 0.29
N ASN B 23 -8.33 -17.19 0.18
CA ASN B 23 -8.06 -18.06 1.31
C ASN B 23 -6.58 -18.44 1.35
N ASN B 24 -5.98 -18.35 2.52
CA ASN B 24 -4.60 -18.76 2.72
C ASN B 24 -4.48 -20.25 3.01
N GLU B 25 -5.54 -20.90 3.46
CA GLU B 25 -5.50 -22.31 3.81
C GLU B 25 -5.27 -23.17 2.58
N VAL B 26 -4.61 -24.30 2.79
CA VAL B 26 -4.18 -25.21 1.73
C VAL B 26 -4.28 -26.63 2.25
N MET B 27 -4.79 -27.53 1.41
CA MET B 27 -5.02 -28.92 1.84
C MET B 27 -3.71 -29.68 1.95
N ALA B 28 -3.56 -30.39 3.08
CA ALA B 28 -2.33 -31.11 3.43
C ALA B 28 -2.23 -32.44 2.68
N LEU B 29 -2.21 -32.36 1.35
CA LEU B 29 -2.10 -33.54 0.50
C LEU B 29 -0.79 -33.51 -0.27
N GLU B 30 -0.14 -34.66 -0.37
CA GLU B 30 1.02 -34.81 -1.23
C GLU B 30 0.61 -34.84 -2.71
N PRO B 31 1.53 -34.54 -3.61
CA PRO B 31 1.24 -34.75 -5.03
C PRO B 31 1.06 -36.24 -5.35
N VAL B 32 0.26 -36.51 -6.38
CA VAL B 32 -0.08 -37.88 -6.76
C VAL B 32 0.00 -38.00 -8.28
N VAL B 33 0.69 -39.03 -8.76
CA VAL B 33 0.87 -39.25 -10.18
C VAL B 33 -0.47 -39.59 -10.83
N GLY B 34 -0.61 -39.19 -12.09
CA GLY B 34 -1.79 -39.55 -12.86
C GLY B 34 -1.63 -40.80 -13.69
N ALA B 35 -1.98 -40.70 -14.98
CA ALA B 35 -2.00 -41.86 -15.85
C ALA B 35 -0.64 -42.25 -16.40
N ALA B 36 0.39 -41.43 -16.18
CA ALA B 36 1.73 -41.77 -16.67
C ALA B 36 2.19 -43.10 -16.11
N ILE B 37 1.93 -43.34 -14.82
CA ILE B 37 2.34 -44.59 -14.18
C ILE B 37 1.74 -45.80 -14.87
N ALA B 38 0.60 -45.61 -15.54
CA ALA B 38 -0.14 -46.71 -16.14
C ALA B 38 0.33 -47.05 -17.54
N ALA B 39 1.18 -46.23 -18.14
CA ALA B 39 1.55 -46.40 -19.55
C ALA B 39 2.10 -47.79 -19.87
N PRO B 40 2.98 -48.41 -19.07
CA PRO B 40 3.46 -49.77 -19.42
C PRO B 40 2.38 -50.84 -19.40
N VAL B 41 1.26 -50.63 -18.70
CA VAL B 41 0.22 -51.64 -18.62
C VAL B 41 -1.11 -51.19 -19.21
N ALA B 42 -1.24 -49.93 -19.61
CA ALA B 42 -2.45 -49.56 -20.33
C ALA B 42 -2.34 -49.96 -21.80
N GLY B 43 -3.50 -50.15 -22.42
CA GLY B 43 -3.52 -50.54 -23.82
C GLY B 43 -3.02 -49.46 -24.75
N GLN B 44 -3.21 -48.20 -24.37
CA GLN B 44 -3.02 -47.07 -25.26
C GLN B 44 -2.71 -45.83 -24.44
N GLN B 45 -2.12 -44.84 -25.10
CA GLN B 45 -1.86 -43.54 -24.49
C GLN B 45 -2.73 -42.56 -25.27
N ASN B 46 -3.72 -41.99 -24.59
CA ASN B 46 -4.72 -41.17 -25.25
C ASN B 46 -4.48 -39.70 -24.91
N VAL B 47 -5.23 -38.84 -25.59
CA VAL B 47 -5.03 -37.41 -25.52
C VAL B 47 -6.38 -36.75 -25.30
N ILE B 48 -6.40 -35.74 -24.45
CA ILE B 48 -7.58 -34.93 -24.19
C ILE B 48 -7.34 -33.57 -24.83
N ASP B 49 -8.39 -33.01 -25.44
CA ASP B 49 -8.30 -31.71 -26.06
C ASP B 49 -7.74 -30.70 -25.06
N PRO B 50 -6.60 -30.06 -25.38
CA PRO B 50 -5.96 -29.20 -24.37
C PRO B 50 -6.83 -28.06 -23.89
N TRP B 51 -7.78 -27.58 -24.68
CA TRP B 51 -8.66 -26.52 -24.18
C TRP B 51 -9.45 -27.02 -22.97
N ILE B 52 -9.88 -28.28 -23.00
CA ILE B 52 -10.59 -28.87 -21.86
C ILE B 52 -9.72 -28.86 -20.62
N ARG B 53 -8.41 -29.04 -20.78
CA ARG B 53 -7.51 -29.08 -19.63
C ARG B 53 -7.17 -27.69 -19.10
N ASN B 54 -7.40 -26.64 -19.88
CA ASN B 54 -6.99 -25.30 -19.51
C ASN B 54 -8.14 -24.39 -19.09
N ASN B 55 -9.36 -24.89 -19.02
CA ASN B 55 -10.51 -24.00 -18.82
C ASN B 55 -11.54 -24.63 -17.91
N PHE B 56 -11.86 -23.93 -16.82
CA PHE B 56 -12.88 -24.40 -15.90
C PHE B 56 -14.26 -24.34 -16.52
N VAL B 57 -15.03 -25.40 -16.31
CA VAL B 57 -16.40 -25.50 -16.79
C VAL B 57 -17.21 -26.07 -15.62
N GLN B 58 -18.48 -25.69 -15.55
CA GLN B 58 -19.28 -26.08 -14.38
C GLN B 58 -19.53 -27.58 -14.41
N ALA B 59 -19.28 -28.24 -13.28
CA ALA B 59 -19.42 -29.67 -13.19
C ALA B 59 -20.89 -30.08 -13.24
N PRO B 60 -21.18 -31.28 -13.73
CA PRO B 60 -22.53 -31.82 -13.53
C PRO B 60 -22.72 -31.91 -12.03
N GLY B 61 -23.84 -31.40 -11.55
CA GLY B 61 -23.92 -31.29 -10.11
C GLY B 61 -22.91 -30.27 -9.59
N GLY B 62 -22.96 -29.07 -10.16
CA GLY B 62 -22.06 -28.00 -9.76
C GLY B 62 -22.74 -26.81 -9.12
N GLU B 63 -23.96 -27.02 -8.59
CA GLU B 63 -24.66 -26.00 -7.82
C GLU B 63 -24.92 -26.51 -6.42
N PHE B 64 -24.75 -25.64 -5.43
CA PHE B 64 -25.23 -25.89 -4.08
C PHE B 64 -25.46 -24.55 -3.40
N THR B 65 -26.15 -24.59 -2.26
CA THR B 65 -26.63 -23.39 -1.58
C THR B 65 -26.41 -23.47 -0.09
N VAL B 66 -26.10 -22.32 0.51
CA VAL B 66 -26.09 -22.15 1.95
C VAL B 66 -27.26 -21.23 2.30
N SER B 67 -28.24 -21.75 3.02
CA SER B 67 -29.44 -21.02 3.39
C SER B 67 -29.68 -21.13 4.89
N PRO B 68 -30.58 -20.31 5.44
CA PRO B 68 -30.89 -20.41 6.88
C PRO B 68 -31.60 -21.70 7.26
N ARG B 69 -32.17 -22.44 6.30
CA ARG B 69 -32.70 -23.76 6.61
C ARG B 69 -31.62 -24.79 6.90
N ASN B 70 -30.38 -24.55 6.47
CA ASN B 70 -29.33 -25.52 6.65
C ASN B 70 -28.79 -25.46 8.08
N ALA B 71 -28.34 -26.61 8.57
CA ALA B 71 -27.78 -26.73 9.90
C ALA B 71 -26.33 -27.20 9.82
N PRO B 72 -25.49 -26.85 10.79
CA PRO B 72 -24.10 -27.32 10.78
C PRO B 72 -24.05 -28.85 10.72
N GLY B 73 -23.09 -29.37 9.97
CA GLY B 73 -22.92 -30.79 9.80
C GLY B 73 -23.47 -31.34 8.50
N GLU B 74 -24.40 -30.62 7.87
CA GLU B 74 -24.97 -31.08 6.60
C GLU B 74 -23.93 -30.98 5.49
N ILE B 75 -23.75 -32.07 4.75
CA ILE B 75 -22.88 -32.08 3.59
C ILE B 75 -23.64 -31.40 2.44
N LEU B 76 -23.22 -30.17 2.10
CA LEU B 76 -23.89 -29.43 1.04
C LEU B 76 -23.50 -29.89 -0.36
N TRP B 77 -22.34 -30.52 -0.51
CA TRP B 77 -21.86 -30.93 -1.81
C TRP B 77 -20.82 -32.02 -1.61
N SER B 78 -20.83 -33.01 -2.50
CA SER B 78 -19.84 -34.08 -2.44
C SER B 78 -19.78 -34.77 -3.80
N ALA B 79 -18.61 -35.32 -4.12
CA ALA B 79 -18.42 -36.01 -5.38
C ALA B 79 -17.19 -36.89 -5.29
N PRO B 80 -17.19 -38.06 -5.93
CA PRO B 80 -15.96 -38.83 -6.08
C PRO B 80 -15.18 -38.39 -7.30
N LEU B 81 -13.86 -38.54 -7.23
CA LEU B 81 -13.03 -38.25 -8.38
C LEU B 81 -13.41 -39.17 -9.52
N GLY B 82 -13.49 -38.61 -10.72
CA GLY B 82 -13.86 -39.35 -11.89
C GLY B 82 -14.33 -38.42 -12.99
N PRO B 83 -14.54 -38.96 -14.19
CA PRO B 83 -14.90 -38.10 -15.33
C PRO B 83 -16.18 -37.33 -15.11
N ASP B 84 -17.04 -37.77 -14.20
CA ASP B 84 -18.31 -37.07 -13.97
C ASP B 84 -18.13 -35.70 -13.33
N LEU B 85 -16.91 -35.34 -12.96
CA LEU B 85 -16.64 -34.03 -12.40
C LEU B 85 -16.65 -32.93 -13.45
N ASN B 86 -16.72 -33.27 -14.72
CA ASN B 86 -16.53 -32.29 -15.79
C ASN B 86 -17.40 -32.69 -16.98
N PRO B 87 -18.29 -31.80 -17.45
CA PRO B 87 -19.25 -32.22 -18.49
C PRO B 87 -18.60 -32.63 -19.79
N TYR B 88 -17.49 -31.98 -20.17
CA TYR B 88 -16.76 -32.42 -21.35
C TYR B 88 -16.19 -33.82 -21.16
N LEU B 89 -15.51 -34.04 -20.02
CA LEU B 89 -14.98 -35.36 -19.72
C LEU B 89 -16.09 -36.40 -19.61
N SER B 90 -17.28 -35.99 -19.15
CA SER B 90 -18.41 -36.92 -19.03
C SER B 90 -18.79 -37.46 -20.40
N HIS B 91 -18.93 -36.57 -21.39
CA HIS B 91 -19.23 -37.02 -22.74
C HIS B 91 -18.10 -37.87 -23.27
N LEU B 92 -16.85 -37.46 -23.03
CA LEU B 92 -15.71 -38.23 -23.49
C LEU B 92 -15.69 -39.61 -22.86
N ALA B 93 -16.04 -39.71 -21.57
CA ALA B 93 -15.89 -40.97 -20.86
C ALA B 93 -16.76 -42.07 -21.45
N ARG B 94 -17.83 -41.71 -22.16
CA ARG B 94 -18.67 -42.69 -22.81
C ARG B 94 -17.93 -43.41 -23.93
N MET B 95 -16.72 -42.96 -24.26
CA MET B 95 -15.94 -43.49 -25.35
C MET B 95 -14.69 -44.23 -24.88
N TYR B 96 -14.46 -44.30 -23.57
CA TYR B 96 -13.26 -44.89 -23.00
C TYR B 96 -13.61 -45.92 -21.94
N ASN B 97 -12.68 -46.83 -21.70
CA ASN B 97 -12.86 -47.90 -20.72
C ASN B 97 -12.33 -47.55 -19.34
N GLY B 98 -11.36 -46.65 -19.24
CA GLY B 98 -10.81 -46.31 -17.94
C GLY B 98 -10.20 -44.92 -17.91
N TYR B 99 -9.63 -44.60 -16.76
CA TYR B 99 -9.06 -43.28 -16.54
C TYR B 99 -8.08 -43.34 -15.37
N ALA B 100 -7.31 -42.28 -15.22
CA ALA B 100 -6.43 -42.09 -14.07
C ALA B 100 -6.01 -40.63 -14.04
N GLY B 101 -5.85 -40.10 -12.84
CA GLY B 101 -5.35 -38.74 -12.66
C GLY B 101 -6.36 -37.87 -11.94
N GLY B 102 -5.89 -36.66 -11.61
CA GLY B 102 -6.59 -35.79 -10.70
C GLY B 102 -7.26 -34.62 -11.40
N PHE B 103 -7.90 -33.79 -10.58
CA PHE B 103 -8.64 -32.63 -11.08
C PHE B 103 -8.21 -31.38 -10.33
N GLU B 104 -8.53 -30.25 -10.94
CA GLU B 104 -8.55 -28.95 -10.28
C GLU B 104 -10.01 -28.55 -10.19
N VAL B 105 -10.50 -28.30 -8.98
CA VAL B 105 -11.88 -27.85 -8.78
C VAL B 105 -11.87 -26.41 -8.30
N GLN B 106 -12.81 -25.64 -8.80
CA GLN B 106 -12.98 -24.24 -8.44
C GLN B 106 -14.37 -24.06 -7.84
N VAL B 107 -14.42 -23.48 -6.64
CA VAL B 107 -15.68 -23.25 -5.94
C VAL B 107 -15.86 -21.75 -5.77
N ILE B 108 -17.04 -21.25 -6.13
CA ILE B 108 -17.34 -19.82 -6.10
C ILE B 108 -18.29 -19.61 -4.93
N LEU B 109 -17.90 -18.75 -4.00
CA LEU B 109 -18.66 -18.49 -2.79
C LEU B 109 -18.81 -17.01 -2.54
N ALA B 110 -19.21 -16.24 -3.55
CA ALA B 110 -19.10 -14.78 -3.43
C ALA B 110 -20.39 -14.25 -2.80
N GLY B 111 -20.53 -14.55 -1.52
CA GLY B 111 -21.72 -14.18 -0.79
C GLY B 111 -21.80 -12.71 -0.48
N ASN B 112 -23.01 -12.28 -0.09
CA ASN B 112 -23.25 -10.90 0.25
C ASN B 112 -22.52 -10.54 1.54
N ALA B 113 -22.04 -9.30 1.62
CA ALA B 113 -21.17 -8.89 2.71
C ALA B 113 -21.87 -8.93 4.07
N PHE B 114 -23.20 -8.97 4.08
CA PHE B 114 -23.99 -9.00 5.31
C PHE B 114 -24.20 -10.42 5.83
N THR B 115 -23.58 -11.42 5.21
CA THR B 115 -23.75 -12.81 5.61
C THR B 115 -22.54 -13.30 6.39
N ALA B 116 -22.76 -14.29 7.25
CA ALA B 116 -21.68 -14.97 7.95
C ALA B 116 -21.84 -16.48 7.82
N GLY B 117 -20.72 -17.18 7.96
CA GLY B 117 -20.72 -18.64 7.96
C GLY B 117 -19.47 -19.21 7.31
N LYS B 118 -19.13 -20.44 7.70
CA LYS B 118 -17.93 -21.10 7.24
C LYS B 118 -18.27 -22.46 6.65
N ILE B 119 -17.56 -22.84 5.59
CA ILE B 119 -17.65 -24.16 4.99
C ILE B 119 -16.30 -24.86 5.09
N ILE B 120 -16.31 -26.16 5.40
CA ILE B 120 -15.12 -26.99 5.32
C ILE B 120 -15.17 -27.82 4.05
N PHE B 121 -14.09 -27.79 3.28
CA PHE B 121 -13.86 -28.72 2.20
C PHE B 121 -12.83 -29.73 2.67
N ALA B 122 -13.08 -31.02 2.41
CA ALA B 122 -12.18 -32.07 2.86
C ALA B 122 -12.07 -33.16 1.82
N ALA B 123 -10.87 -33.74 1.74
CA ALA B 123 -10.60 -34.91 0.90
C ALA B 123 -10.57 -36.14 1.79
N VAL B 124 -11.48 -37.09 1.54
CA VAL B 124 -11.53 -38.34 2.28
C VAL B 124 -10.99 -39.45 1.37
N PRO B 125 -10.09 -40.30 1.87
CA PRO B 125 -9.40 -41.25 1.00
C PRO B 125 -10.29 -42.42 0.62
N PRO B 126 -9.92 -43.19 -0.41
CA PRO B 126 -10.79 -44.29 -0.86
C PRO B 126 -10.98 -45.33 0.24
N ASN B 127 -12.19 -45.89 0.30
CA ASN B 127 -12.58 -46.93 1.25
C ASN B 127 -12.77 -46.40 2.67
N PHE B 128 -12.93 -45.10 2.83
CA PHE B 128 -13.37 -44.66 4.14
C PHE B 128 -14.84 -44.31 4.06
N PRO B 129 -15.68 -44.79 4.99
CA PRO B 129 -17.12 -44.53 4.88
C PRO B 129 -17.45 -43.07 5.15
N THR B 130 -18.19 -42.47 4.23
CA THR B 130 -18.61 -41.09 4.37
C THR B 130 -19.83 -40.96 5.26
N GLU B 131 -20.55 -42.06 5.47
CA GLU B 131 -21.90 -42.04 6.01
C GLU B 131 -21.82 -41.79 7.52
N GLY B 132 -22.18 -40.58 7.95
CA GLY B 132 -22.27 -40.27 9.35
C GLY B 132 -21.21 -39.36 9.90
N LEU B 133 -20.38 -38.75 9.04
CA LEU B 133 -19.26 -37.96 9.53
C LEU B 133 -19.77 -36.69 10.20
N SER B 134 -19.24 -36.41 11.38
CA SER B 134 -19.47 -35.16 12.08
C SER B 134 -18.43 -34.12 11.70
N PRO B 135 -18.72 -32.84 11.90
CA PRO B 135 -17.72 -31.81 11.61
C PRO B 135 -16.42 -32.01 12.37
N SER B 136 -16.49 -32.37 13.64
CA SER B 136 -15.28 -32.76 14.39
C SER B 136 -14.44 -33.75 13.59
N GLN B 137 -15.07 -34.79 13.05
CA GLN B 137 -14.32 -35.85 12.35
C GLN B 137 -13.78 -35.36 11.02
N VAL B 138 -14.55 -34.55 10.29
CA VAL B 138 -14.12 -34.09 8.97
C VAL B 138 -12.83 -33.29 9.09
N THR B 139 -12.65 -32.57 10.20
CA THR B 139 -11.41 -31.82 10.44
C THR B 139 -10.18 -32.73 10.44
N MET B 140 -10.35 -34.03 10.64
CA MET B 140 -9.19 -34.92 10.72
C MET B 140 -8.68 -35.36 9.36
N PHE B 141 -9.41 -35.09 8.29
CA PHE B 141 -8.89 -35.28 6.94
C PHE B 141 -8.15 -34.03 6.49
N PRO B 142 -7.35 -34.13 5.43
CA PRO B 142 -6.87 -32.90 4.78
C PRO B 142 -8.05 -32.00 4.45
N HIS B 143 -7.97 -30.74 4.88
CA HIS B 143 -9.16 -29.91 4.79
C HIS B 143 -8.80 -28.43 4.67
N ILE B 144 -9.79 -27.66 4.23
CA ILE B 144 -9.71 -26.21 4.08
C ILE B 144 -10.99 -25.61 4.64
N ILE B 145 -10.87 -24.54 5.42
CA ILE B 145 -12.02 -23.84 5.99
C ILE B 145 -12.14 -22.47 5.34
N VAL B 146 -13.27 -22.21 4.69
CA VAL B 146 -13.47 -21.03 3.86
C VAL B 146 -14.67 -20.25 4.38
N ASP B 147 -14.57 -18.93 4.33
CA ASP B 147 -15.69 -18.08 4.74
C ASP B 147 -16.70 -17.99 3.60
N VAL B 148 -17.99 -17.99 3.97
CA VAL B 148 -19.06 -18.01 2.97
C VAL B 148 -19.06 -16.72 2.14
N ARG B 149 -18.37 -15.69 2.60
CA ARG B 149 -18.26 -14.42 1.88
C ARG B 149 -17.06 -14.39 0.94
N GLN B 150 -16.30 -15.47 0.84
CA GLN B 150 -15.05 -15.48 0.11
C GLN B 150 -15.24 -14.98 -1.32
N LEU B 151 -14.37 -14.06 -1.74
CA LEU B 151 -14.57 -13.39 -3.03
C LEU B 151 -13.86 -14.13 -4.15
N GLU B 152 -12.58 -14.43 -3.98
CA GLU B 152 -11.93 -15.16 -5.05
C GLU B 152 -12.32 -16.63 -4.97
N PRO B 153 -12.48 -17.29 -6.12
CA PRO B 153 -12.83 -18.71 -6.10
C PRO B 153 -11.81 -19.51 -5.31
N VAL B 154 -12.27 -20.62 -4.75
CA VAL B 154 -11.41 -21.49 -3.97
C VAL B 154 -10.88 -22.56 -4.91
N LEU B 155 -9.56 -22.78 -4.87
CA LEU B 155 -8.92 -23.77 -5.72
C LEU B 155 -8.53 -24.95 -4.86
N ILE B 156 -9.07 -26.12 -5.18
CA ILE B 156 -8.81 -27.35 -4.45
C ILE B 156 -8.26 -28.35 -5.45
N PRO B 157 -7.01 -28.78 -5.31
CA PRO B 157 -6.53 -29.89 -6.14
C PRO B 157 -6.99 -31.20 -5.55
N LEU B 158 -7.42 -32.10 -6.44
CA LEU B 158 -7.99 -33.39 -6.03
C LEU B 158 -7.15 -34.49 -6.64
N PRO B 159 -6.22 -35.07 -5.89
CA PRO B 159 -5.34 -36.11 -6.46
C PRO B 159 -6.01 -37.46 -6.52
N ASP B 160 -5.54 -38.28 -7.46
CA ASP B 160 -6.12 -39.61 -7.68
C ASP B 160 -5.40 -40.64 -6.81
N VAL B 161 -5.57 -40.48 -5.48
CA VAL B 161 -5.08 -41.48 -4.54
C VAL B 161 -5.72 -42.82 -4.84
N ARG B 162 -4.88 -43.86 -4.93
CA ARG B 162 -5.30 -45.16 -5.40
C ARG B 162 -4.17 -46.15 -5.13
N ASN B 163 -4.48 -47.44 -5.28
CA ASN B 163 -3.49 -48.49 -5.11
C ASN B 163 -3.34 -49.35 -6.36
N ASN B 164 -3.83 -48.88 -7.49
CA ASN B 164 -3.69 -49.55 -8.77
C ASN B 164 -3.23 -48.54 -9.81
N PHE B 165 -2.91 -49.04 -11.00
CA PHE B 165 -2.37 -48.17 -12.04
C PHE B 165 -3.42 -47.18 -12.54
N TYR B 166 -4.67 -47.62 -12.64
CA TYR B 166 -5.75 -46.77 -13.14
C TYR B 166 -7.08 -47.42 -12.78
N HIS B 167 -8.17 -46.73 -13.10
CA HIS B 167 -9.52 -47.12 -12.72
C HIS B 167 -10.27 -47.60 -13.96
N TYR B 168 -11.12 -48.62 -13.79
CA TYR B 168 -12.04 -49.02 -14.84
C TYR B 168 -13.38 -48.34 -14.64
N ASN B 169 -14.00 -47.91 -15.74
CA ASN B 169 -15.30 -47.25 -15.66
C ASN B 169 -16.37 -48.17 -15.09
N GLN B 170 -16.35 -49.44 -15.48
CA GLN B 170 -17.37 -50.41 -15.12
C GLN B 170 -17.12 -51.12 -13.80
N SER B 171 -16.16 -50.68 -12.99
CA SER B 171 -15.91 -51.34 -11.72
C SER B 171 -16.40 -50.46 -10.58
N ASN B 172 -16.34 -50.98 -9.36
CA ASN B 172 -16.80 -50.26 -8.19
C ASN B 172 -15.68 -49.95 -7.19
N ASP B 173 -14.42 -49.97 -7.62
CA ASP B 173 -13.37 -49.53 -6.72
C ASP B 173 -13.58 -48.05 -6.40
N PRO B 174 -13.44 -47.65 -5.14
CA PRO B 174 -13.70 -46.25 -4.77
C PRO B 174 -12.51 -45.34 -5.06
N THR B 175 -12.82 -44.06 -5.15
CA THR B 175 -11.82 -43.03 -5.37
C THR B 175 -11.95 -41.98 -4.27
N ILE B 176 -11.02 -41.04 -4.23
CA ILE B 176 -11.15 -39.92 -3.30
C ILE B 176 -12.48 -39.22 -3.50
N LYS B 177 -13.07 -38.78 -2.40
CA LYS B 177 -14.28 -37.98 -2.42
C LYS B 177 -13.91 -36.60 -1.90
N LEU B 178 -14.39 -35.57 -2.59
CA LEU B 178 -14.33 -34.21 -2.09
C LEU B 178 -15.64 -33.86 -1.42
N ILE B 179 -15.56 -33.30 -0.22
CA ILE B 179 -16.72 -33.06 0.62
C ILE B 179 -16.75 -31.58 0.98
N ALA B 180 -17.92 -30.98 0.88
CA ALA B 180 -18.17 -29.63 1.38
C ALA B 180 -19.27 -29.74 2.40
N MET B 181 -18.98 -29.37 3.64
CA MET B 181 -19.92 -29.51 4.73
C MET B 181 -20.06 -28.16 5.43
N LEU B 182 -21.28 -27.85 5.85
CA LEU B 182 -21.51 -26.60 6.54
C LEU B 182 -20.90 -26.66 7.93
N TYR B 183 -19.92 -25.80 8.18
CA TYR B 183 -19.15 -25.82 9.42
C TYR B 183 -19.74 -24.87 10.45
N THR B 184 -20.25 -23.73 10.00
CA THR B 184 -20.98 -22.77 10.77
C THR B 184 -22.29 -22.43 10.08
N PRO B 185 -23.38 -22.31 10.83
CA PRO B 185 -24.67 -21.98 10.22
C PRO B 185 -24.60 -20.63 9.53
N LEU B 186 -25.48 -20.44 8.55
CA LEU B 186 -25.51 -19.17 7.83
C LEU B 186 -26.26 -18.14 8.66
N ARG B 187 -25.59 -17.03 8.95
CA ARG B 187 -26.14 -15.90 9.67
C ARG B 187 -26.05 -14.66 8.79
N ALA B 188 -26.94 -13.71 9.02
CA ALA B 188 -26.96 -12.49 8.22
C ALA B 188 -27.52 -11.35 9.05
N ASN B 189 -26.99 -10.15 8.82
CA ASN B 189 -27.38 -8.97 9.58
C ASN B 189 -27.68 -7.76 8.69
N ASN B 190 -28.01 -7.98 7.42
CA ASN B 190 -28.72 -6.94 6.67
C ASN B 190 -29.98 -6.56 7.43
N ALA B 191 -30.30 -5.28 7.42
CA ALA B 191 -31.36 -4.81 8.31
C ALA B 191 -32.74 -5.18 7.78
N GLY B 192 -32.84 -5.53 6.50
CA GLY B 192 -34.11 -5.73 5.86
C GLY B 192 -34.70 -7.09 6.16
N ASP B 193 -35.95 -7.26 5.73
CA ASP B 193 -36.62 -8.56 5.83
C ASP B 193 -36.42 -9.38 4.57
N ASP B 194 -35.15 -9.54 4.20
CA ASP B 194 -34.71 -10.36 3.08
C ASP B 194 -33.92 -11.56 3.58
N VAL B 195 -33.77 -12.54 2.70
CA VAL B 195 -33.00 -13.74 2.98
C VAL B 195 -31.89 -13.83 1.95
N PHE B 196 -30.65 -13.68 2.40
CA PHE B 196 -29.49 -13.66 1.51
C PHE B 196 -28.85 -15.04 1.43
N THR B 197 -29.57 -15.96 0.79
CA THR B 197 -29.00 -17.28 0.53
C THR B 197 -27.73 -17.12 -0.30
N VAL B 198 -26.73 -17.95 -0.03
CA VAL B 198 -25.48 -17.93 -0.78
C VAL B 198 -25.56 -19.00 -1.87
N SER B 199 -25.69 -18.55 -3.12
CA SER B 199 -25.70 -19.46 -4.27
C SER B 199 -24.27 -19.74 -4.68
N CYS B 200 -23.91 -21.03 -4.72
CA CYS B 200 -22.53 -21.45 -4.97
C CYS B 200 -22.44 -22.29 -6.23
N ARG B 201 -21.30 -22.20 -6.89
CA ARG B 201 -21.06 -22.92 -8.13
C ARG B 201 -19.73 -23.66 -8.02
N VAL B 202 -19.70 -24.87 -8.57
CA VAL B 202 -18.51 -25.71 -8.60
C VAL B 202 -18.09 -25.91 -10.04
N LEU B 203 -16.86 -25.51 -10.37
CA LEU B 203 -16.30 -25.70 -11.70
C LEU B 203 -15.04 -26.55 -11.57
N THR B 204 -14.69 -27.25 -12.65
CA THR B 204 -13.56 -28.18 -12.63
C THR B 204 -12.82 -28.13 -13.96
N ARG B 205 -11.64 -28.74 -13.95
CA ARG B 205 -10.88 -29.05 -15.15
C ARG B 205 -9.90 -30.16 -14.80
N PRO B 206 -9.57 -31.03 -15.75
CA PRO B 206 -8.65 -32.13 -15.42
C PRO B 206 -7.24 -31.60 -15.19
N SER B 207 -6.56 -32.19 -14.22
CA SER B 207 -5.14 -31.90 -14.04
C SER B 207 -4.38 -32.33 -15.28
N PRO B 208 -3.15 -31.84 -15.46
CA PRO B 208 -2.35 -32.32 -16.60
C PRO B 208 -2.07 -33.81 -16.54
N ASP B 209 -2.08 -34.41 -15.35
CA ASP B 209 -1.82 -35.83 -15.22
C ASP B 209 -3.05 -36.70 -15.45
N PHE B 210 -4.22 -36.11 -15.68
CA PHE B 210 -5.42 -36.89 -15.95
C PHE B 210 -5.40 -37.38 -17.39
N ASP B 211 -5.88 -38.60 -17.60
CA ASP B 211 -5.95 -39.15 -18.94
C ASP B 211 -6.91 -40.33 -18.98
N PHE B 212 -7.52 -40.54 -20.14
CA PHE B 212 -8.36 -41.70 -20.40
C PHE B 212 -7.48 -42.87 -20.85
N ILE B 213 -8.03 -44.08 -20.83
CA ILE B 213 -7.15 -45.24 -21.02
C ILE B 213 -7.42 -46.04 -22.28
N PHE B 214 -8.63 -46.59 -22.46
CA PHE B 214 -8.84 -47.51 -23.57
C PHE B 214 -10.06 -47.10 -24.39
N LEU B 215 -9.83 -46.87 -25.69
CA LEU B 215 -10.91 -46.48 -26.59
C LEU B 215 -11.88 -47.64 -26.79
N VAL B 216 -13.18 -47.38 -26.60
CA VAL B 216 -14.20 -48.42 -26.66
C VAL B 216 -15.48 -47.85 -27.26
N PRO B 217 -16.38 -48.72 -27.75
CA PRO B 217 -17.61 -48.24 -28.42
C PRO B 217 -18.46 -47.37 -27.52
N PRO B 218 -18.83 -46.19 -27.97
CA PRO B 218 -19.55 -45.24 -27.11
C PRO B 218 -20.97 -45.69 -26.80
N THR B 219 -21.47 -45.15 -25.69
CA THR B 219 -22.85 -45.27 -25.18
C THR B 219 -23.20 -46.69 -24.74
N VAL B 220 -22.29 -47.65 -24.87
CA VAL B 220 -22.58 -49.03 -24.50
C VAL B 220 -22.50 -49.22 -22.99
N GLU B 221 -21.44 -48.70 -22.37
CA GLU B 221 -21.22 -48.93 -20.95
C GLU B 221 -22.28 -48.23 -20.11
N SER B 222 -22.76 -48.94 -19.10
CA SER B 222 -23.87 -48.47 -18.28
C SER B 222 -23.51 -47.21 -17.52
N ARG B 223 -22.46 -47.30 -16.70
CA ARG B 223 -22.08 -46.25 -15.74
C ARG B 223 -21.71 -44.91 -16.37
N THR B 224 -21.66 -44.82 -17.70
CA THR B 224 -21.38 -43.56 -18.36
C THR B 224 -22.58 -42.93 -19.05
N LYS B 225 -23.74 -43.58 -19.05
CA LYS B 225 -24.92 -42.98 -19.68
C LYS B 225 -25.37 -41.77 -18.88
N PRO B 226 -25.55 -40.62 -19.51
CA PRO B 226 -25.95 -39.40 -18.78
C PRO B 226 -27.45 -39.28 -18.59
N PHE B 227 -27.82 -38.67 -17.46
CA PHE B 227 -29.22 -38.54 -17.10
C PHE B 227 -29.87 -37.38 -17.84
N THR B 228 -31.09 -37.59 -18.35
CA THR B 228 -31.83 -36.56 -19.05
C THR B 228 -33.29 -36.62 -18.60
N VAL B 229 -34.03 -35.56 -18.92
CA VAL B 229 -35.43 -35.45 -18.55
C VAL B 229 -36.22 -35.08 -19.80
N PRO B 230 -37.35 -35.74 -20.07
CA PRO B 230 -38.03 -35.55 -21.35
C PRO B 230 -38.45 -34.10 -21.58
N ILE B 231 -38.36 -33.68 -22.85
CA ILE B 231 -38.70 -32.31 -23.25
C ILE B 231 -40.20 -32.09 -23.35
N LEU B 232 -41.01 -33.14 -23.16
CA LEU B 232 -42.44 -33.03 -23.38
C LEU B 232 -43.08 -32.02 -22.43
N THR B 233 -44.18 -31.45 -22.87
CA THR B 233 -45.02 -30.56 -22.10
C THR B 233 -45.99 -31.36 -21.22
N VAL B 234 -46.42 -30.73 -20.13
CA VAL B 234 -47.35 -31.38 -19.19
C VAL B 234 -48.59 -31.87 -19.93
N GLU B 235 -49.19 -31.00 -20.75
CA GLU B 235 -50.38 -31.40 -21.52
C GLU B 235 -50.08 -32.55 -22.48
N GLU B 236 -48.86 -32.65 -23.00
CA GLU B 236 -48.54 -33.71 -23.95
C GLU B 236 -48.25 -35.05 -23.28
N MET B 237 -48.20 -35.09 -21.95
CA MET B 237 -47.95 -36.33 -21.23
C MET B 237 -49.25 -36.85 -20.63
N THR B 238 -49.16 -38.03 -20.02
CA THR B 238 -50.34 -38.76 -19.58
C THR B 238 -50.12 -39.23 -18.15
N ASN B 239 -51.21 -39.31 -17.40
CA ASN B 239 -51.14 -39.77 -16.03
C ASN B 239 -50.70 -41.24 -15.99
N SER B 240 -49.98 -41.58 -14.92
CA SER B 240 -49.37 -42.89 -14.76
C SER B 240 -50.22 -43.80 -13.87
N ARG B 241 -51.32 -43.30 -13.34
CA ARG B 241 -52.19 -44.03 -12.43
C ARG B 241 -53.56 -44.33 -13.02
N PHE B 242 -53.87 -43.81 -14.20
CA PHE B 242 -55.11 -44.02 -14.93
C PHE B 242 -54.89 -43.58 -16.36
N PRO B 243 -55.43 -44.29 -17.35
CA PRO B 243 -55.12 -43.96 -18.75
C PRO B 243 -55.78 -42.69 -19.24
N ILE B 244 -55.37 -41.55 -18.67
CA ILE B 244 -55.90 -40.24 -19.09
C ILE B 244 -54.76 -39.23 -19.11
N PRO B 245 -54.90 -38.18 -19.92
CA PRO B 245 -53.84 -37.16 -19.99
C PRO B 245 -53.72 -36.35 -18.72
N LEU B 246 -52.56 -35.70 -18.59
CA LEU B 246 -52.31 -34.73 -17.53
C LEU B 246 -53.01 -33.42 -17.85
N GLU B 247 -53.22 -32.61 -16.81
CA GLU B 247 -53.91 -31.36 -17.02
C GLU B 247 -53.24 -30.17 -16.34
N LYS B 248 -52.77 -30.33 -15.11
CA LYS B 248 -52.12 -29.24 -14.40
C LYS B 248 -51.07 -29.80 -13.45
N LEU B 249 -50.23 -28.90 -12.94
CA LEU B 249 -49.30 -29.23 -11.87
C LEU B 249 -49.86 -28.69 -10.56
N PHE B 250 -49.81 -29.51 -9.51
CA PHE B 250 -50.37 -29.16 -8.22
C PHE B 250 -49.41 -29.48 -7.10
N THR B 251 -49.27 -28.54 -6.16
CA THR B 251 -48.58 -28.77 -4.90
C THR B 251 -49.55 -28.54 -3.75
N GLY B 252 -49.43 -29.38 -2.72
CA GLY B 252 -50.19 -29.20 -1.50
C GLY B 252 -49.55 -29.93 -0.35
N PRO B 253 -49.95 -29.58 0.87
CA PRO B 253 -49.45 -30.31 2.04
C PRO B 253 -50.05 -31.70 2.12
N SER B 254 -49.25 -32.63 2.63
CA SER B 254 -49.61 -34.05 2.67
C SER B 254 -49.56 -34.61 4.09
N GLY B 255 -49.67 -33.75 5.11
CA GLY B 255 -49.59 -34.24 6.47
C GLY B 255 -50.78 -35.07 6.90
N ALA B 256 -51.97 -34.75 6.37
CA ALA B 256 -53.18 -35.47 6.77
C ALA B 256 -53.15 -36.90 6.23
N PHE B 257 -52.93 -37.04 4.93
CA PHE B 257 -53.07 -38.29 4.21
C PHE B 257 -51.71 -38.95 4.00
N VAL B 258 -51.71 -40.15 3.43
CA VAL B 258 -50.48 -40.91 3.16
C VAL B 258 -50.31 -41.13 1.66
N VAL B 259 -49.27 -40.52 1.10
CA VAL B 259 -48.98 -40.60 -0.33
C VAL B 259 -48.16 -41.86 -0.57
N GLN B 260 -48.81 -42.92 -1.04
CA GLN B 260 -48.08 -44.16 -1.27
C GLN B 260 -48.59 -44.88 -2.52
N PRO B 261 -48.72 -44.20 -3.67
CA PRO B 261 -49.20 -44.89 -4.87
C PRO B 261 -48.26 -46.01 -5.27
N GLN B 262 -48.80 -46.96 -6.03
CA GLN B 262 -48.01 -48.06 -6.56
C GLN B 262 -47.90 -48.03 -8.07
N ASN B 263 -48.59 -47.12 -8.74
CA ASN B 263 -48.40 -46.86 -10.16
C ASN B 263 -47.66 -45.55 -10.35
N GLY B 264 -46.90 -45.47 -11.44
CA GLY B 264 -46.02 -44.33 -11.64
C GLY B 264 -44.98 -44.28 -10.54
N ARG B 265 -44.37 -45.42 -10.24
CA ARG B 265 -43.26 -45.53 -9.31
C ARG B 265 -42.04 -46.07 -10.06
N CYS B 266 -41.06 -45.20 -10.27
CA CYS B 266 -39.87 -45.57 -11.00
C CYS B 266 -38.71 -44.73 -10.49
N THR B 267 -37.55 -45.34 -10.38
CA THR B 267 -36.35 -44.67 -9.93
C THR B 267 -35.63 -44.00 -11.11
N THR B 268 -34.86 -42.96 -10.79
CA THR B 268 -34.12 -42.21 -11.81
C THR B 268 -33.26 -43.08 -12.70
N ASP B 269 -32.61 -44.12 -12.16
CA ASP B 269 -31.83 -45.01 -13.00
C ASP B 269 -32.66 -46.16 -13.59
N GLY B 270 -33.99 -46.07 -13.55
CA GLY B 270 -34.84 -46.91 -14.37
C GLY B 270 -35.31 -48.23 -13.79
N VAL B 271 -35.35 -48.37 -12.48
CA VAL B 271 -35.88 -49.56 -11.83
C VAL B 271 -37.36 -49.32 -11.52
N LEU B 272 -38.22 -50.18 -12.04
CA LEU B 272 -39.65 -50.08 -11.78
C LEU B 272 -39.97 -50.57 -10.37
N LEU B 273 -40.97 -49.95 -9.76
CA LEU B 273 -41.34 -50.22 -8.37
C LEU B 273 -42.85 -50.43 -8.27
N GLY B 274 -43.26 -51.08 -7.18
CA GLY B 274 -44.67 -51.32 -6.93
C GLY B 274 -45.30 -52.12 -8.06
N THR B 275 -46.47 -51.68 -8.52
CA THR B 275 -47.19 -52.30 -9.63
C THR B 275 -46.95 -51.59 -10.95
N THR B 276 -45.83 -50.90 -11.10
CA THR B 276 -45.60 -50.05 -12.26
C THR B 276 -45.15 -50.88 -13.46
N GLN B 277 -45.75 -50.59 -14.61
CA GLN B 277 -45.36 -51.17 -15.90
C GLN B 277 -45.33 -50.05 -16.94
N LEU B 278 -44.99 -50.41 -18.17
CA LEU B 278 -44.59 -49.41 -19.16
C LEU B 278 -45.73 -48.93 -20.04
N SER B 279 -46.75 -49.76 -20.26
CA SER B 279 -47.80 -49.41 -21.21
C SER B 279 -48.75 -48.40 -20.57
N PRO B 280 -48.96 -47.24 -21.18
CA PRO B 280 -49.89 -46.25 -20.60
C PRO B 280 -51.35 -46.63 -20.75
N VAL B 281 -51.66 -47.68 -21.49
CA VAL B 281 -53.05 -48.06 -21.72
C VAL B 281 -53.52 -49.12 -20.72
N ASN B 282 -52.61 -49.96 -20.24
CA ASN B 282 -52.95 -51.05 -19.32
C ASN B 282 -52.91 -50.63 -17.86
N ILE B 283 -53.09 -49.35 -17.56
CA ILE B 283 -52.81 -48.87 -16.20
C ILE B 283 -53.95 -49.13 -15.23
N CYS B 284 -55.10 -49.59 -15.71
CA CYS B 284 -56.21 -50.05 -14.87
C CYS B 284 -57.07 -51.03 -15.64
N THR B 285 -56.42 -51.95 -16.33
CA THR B 285 -57.06 -52.94 -17.16
C THR B 285 -56.97 -54.29 -16.47
N PHE B 286 -57.89 -55.19 -16.82
CA PHE B 286 -57.84 -56.56 -16.36
C PHE B 286 -58.14 -57.47 -17.55
N ARG B 287 -57.44 -58.61 -17.62
CA ARG B 287 -57.67 -59.59 -18.66
C ARG B 287 -57.73 -60.97 -18.03
N GLY B 288 -58.69 -61.78 -18.47
CA GLY B 288 -58.78 -63.13 -17.95
C GLY B 288 -60.08 -63.81 -18.35
N ASP B 289 -60.38 -64.89 -17.64
CA ASP B 289 -61.59 -65.68 -17.84
C ASP B 289 -62.65 -65.27 -16.82
N VAL B 290 -63.91 -65.30 -17.24
CA VAL B 290 -64.99 -64.73 -16.46
C VAL B 290 -66.02 -65.81 -16.14
N THR B 291 -66.64 -65.68 -14.96
CA THR B 291 -67.57 -66.67 -14.42
C THR B 291 -68.73 -65.94 -13.77
N HIS B 292 -69.95 -66.39 -14.07
CA HIS B 292 -71.16 -65.78 -13.52
C HIS B 292 -71.41 -66.27 -12.09
N ILE B 293 -71.95 -65.36 -11.28
CA ILE B 293 -72.44 -65.68 -9.93
C ILE B 293 -73.96 -65.71 -9.98
N ALA B 294 -74.54 -66.86 -9.69
CA ALA B 294 -75.96 -67.09 -9.95
C ALA B 294 -76.84 -66.15 -9.12
N GLY B 295 -77.83 -65.57 -9.79
CA GLY B 295 -78.83 -64.73 -9.14
C GLY B 295 -78.47 -63.27 -9.04
N THR B 296 -77.27 -62.88 -9.47
CA THR B 296 -76.82 -61.50 -9.39
C THR B 296 -76.35 -61.06 -10.77
N HIS B 297 -75.97 -59.78 -10.88
CA HIS B 297 -75.31 -59.25 -12.06
C HIS B 297 -73.79 -59.23 -11.90
N ASP B 298 -73.26 -60.04 -10.98
CA ASP B 298 -71.85 -60.07 -10.67
C ASP B 298 -71.15 -61.18 -11.45
N TYR B 299 -69.89 -60.95 -11.78
CA TYR B 299 -69.02 -61.96 -12.35
C TYR B 299 -67.67 -61.96 -11.64
N THR B 300 -67.07 -63.14 -11.55
CA THR B 300 -65.74 -63.30 -10.98
C THR B 300 -64.77 -63.58 -12.13
N MET B 301 -63.70 -62.79 -12.20
CA MET B 301 -62.73 -62.90 -13.27
C MET B 301 -61.43 -63.50 -12.75
N ASN B 302 -61.03 -64.62 -13.32
CA ASN B 302 -59.77 -65.26 -12.98
C ASN B 302 -58.67 -64.67 -13.85
N LEU B 303 -57.67 -64.06 -13.22
CA LEU B 303 -56.75 -63.17 -13.91
C LEU B 303 -55.67 -63.95 -14.64
N ALA B 304 -55.46 -63.62 -15.91
CA ALA B 304 -54.22 -63.90 -16.61
C ALA B 304 -53.24 -62.75 -16.37
N SER B 305 -52.06 -62.84 -16.98
CA SER B 305 -51.10 -61.75 -16.94
C SER B 305 -51.55 -60.61 -17.85
N GLN B 306 -50.77 -59.54 -17.89
CA GLN B 306 -51.13 -58.36 -18.68
C GLN B 306 -50.91 -58.58 -20.18
N ASN B 307 -50.18 -59.62 -20.55
CA ASN B 307 -49.92 -59.97 -21.95
C ASN B 307 -50.61 -61.27 -22.36
N TRP B 308 -51.55 -61.75 -21.55
CA TRP B 308 -52.39 -62.95 -21.72
C TRP B 308 -51.69 -64.24 -21.32
N ASN B 309 -50.57 -64.17 -20.60
CA ASN B 309 -49.97 -65.37 -20.02
C ASN B 309 -50.63 -65.68 -18.68
N ASN B 310 -50.35 -66.88 -18.16
CA ASN B 310 -50.92 -67.25 -16.87
C ASN B 310 -50.37 -66.34 -15.79
N TYR B 311 -51.17 -66.08 -14.77
CA TYR B 311 -50.75 -65.20 -13.68
C TYR B 311 -50.13 -66.01 -12.55
N ASP B 312 -48.95 -65.56 -12.12
CA ASP B 312 -48.20 -66.22 -11.05
C ASP B 312 -48.32 -65.39 -9.78
N PRO B 313 -49.04 -65.85 -8.75
CA PRO B 313 -49.16 -65.07 -7.51
C PRO B 313 -47.89 -65.07 -6.66
N THR B 314 -46.83 -65.76 -7.09
CA THR B 314 -45.60 -65.86 -6.32
C THR B 314 -44.59 -64.81 -6.74
N GLU B 315 -44.96 -63.92 -7.66
CA GLU B 315 -44.07 -62.84 -8.09
C GLU B 315 -43.87 -61.85 -6.95
N GLU B 316 -42.67 -61.27 -6.87
CA GLU B 316 -42.34 -60.34 -5.81
C GLU B 316 -42.88 -58.94 -6.13
N ILE B 317 -44.19 -58.90 -6.37
CA ILE B 317 -44.90 -57.67 -6.74
C ILE B 317 -46.14 -57.59 -5.86
N PRO B 318 -46.54 -56.40 -5.40
CA PRO B 318 -47.70 -56.31 -4.50
C PRO B 318 -49.00 -56.78 -5.12
N ALA B 319 -49.08 -56.84 -6.44
CA ALA B 319 -50.26 -57.17 -7.22
C ALA B 319 -49.86 -57.26 -8.68
N PRO B 320 -50.71 -57.80 -9.57
CA PRO B 320 -50.35 -57.79 -10.99
C PRO B 320 -50.14 -56.37 -11.50
N LEU B 321 -49.24 -56.25 -12.46
CA LEU B 321 -48.82 -54.93 -12.93
C LEU B 321 -49.99 -54.17 -13.55
N GLY B 322 -50.18 -52.94 -13.10
CA GLY B 322 -51.30 -52.12 -13.55
C GLY B 322 -52.54 -52.20 -12.69
N THR B 323 -52.49 -52.93 -11.58
CA THR B 323 -53.64 -53.03 -10.69
C THR B 323 -53.93 -51.66 -10.07
N PRO B 324 -55.19 -51.23 -10.03
CA PRO B 324 -55.51 -49.93 -9.44
C PRO B 324 -54.94 -49.78 -8.03
N ASP B 325 -54.50 -48.57 -7.72
CA ASP B 325 -53.79 -48.28 -6.47
C ASP B 325 -54.56 -47.31 -5.59
N PHE B 326 -55.88 -47.32 -5.70
CA PHE B 326 -56.74 -46.52 -4.83
C PHE B 326 -58.03 -47.30 -4.59
N VAL B 327 -58.76 -46.91 -3.55
CA VAL B 327 -60.05 -47.54 -3.27
C VAL B 327 -61.15 -46.70 -3.91
N GLY B 328 -62.00 -47.37 -4.67
CA GLY B 328 -63.09 -46.71 -5.35
C GLY B 328 -63.79 -47.69 -6.26
N LYS B 329 -64.85 -47.20 -6.88
CA LYS B 329 -65.59 -47.99 -7.85
C LYS B 329 -65.30 -47.41 -9.24
N ILE B 330 -64.62 -48.19 -10.07
CA ILE B 330 -64.23 -47.77 -11.41
C ILE B 330 -65.16 -48.42 -12.42
N GLN B 331 -65.86 -47.60 -13.19
CA GLN B 331 -66.78 -48.09 -14.20
C GLN B 331 -66.09 -48.11 -15.56
N GLY B 332 -66.35 -49.18 -16.31
CA GLY B 332 -65.81 -49.32 -17.66
C GLY B 332 -66.69 -50.22 -18.48
N VAL B 333 -66.07 -51.08 -19.27
CA VAL B 333 -66.79 -51.95 -20.20
C VAL B 333 -66.06 -53.28 -20.27
N LEU B 334 -66.80 -54.37 -20.08
CA LEU B 334 -66.27 -55.71 -20.34
C LEU B 334 -66.50 -56.06 -21.80
N THR B 335 -65.45 -56.55 -22.45
CA THR B 335 -65.52 -56.94 -23.85
C THR B 335 -65.00 -58.36 -23.99
N GLN B 336 -65.59 -59.12 -24.90
CA GLN B 336 -65.31 -60.53 -25.03
C GLN B 336 -65.45 -60.91 -26.50
N THR B 337 -64.64 -61.87 -26.92
CA THR B 337 -64.66 -62.36 -28.30
C THR B 337 -64.51 -63.88 -28.29
N THR B 338 -65.35 -64.55 -29.08
CA THR B 338 -65.28 -66.00 -29.19
C THR B 338 -64.35 -66.38 -30.34
N ARG B 339 -63.35 -67.20 -30.03
CA ARG B 339 -62.31 -67.60 -30.97
C ARG B 339 -62.81 -68.45 -32.12
N GLY B 340 -64.04 -68.97 -32.07
CA GLY B 340 -64.53 -69.86 -33.09
C GLY B 340 -65.30 -69.20 -34.22
N ASP B 341 -66.24 -68.30 -33.88
CA ASP B 341 -67.04 -67.62 -34.88
C ASP B 341 -66.72 -66.13 -35.02
N GLY B 342 -66.04 -65.54 -34.04
CA GLY B 342 -65.82 -64.12 -34.02
C GLY B 342 -66.97 -63.29 -33.48
N SER B 343 -67.90 -63.92 -32.76
CA SER B 343 -68.96 -63.17 -32.09
C SER B 343 -68.36 -62.33 -30.97
N THR B 344 -68.88 -61.11 -30.80
CA THR B 344 -68.37 -60.18 -29.81
C THR B 344 -69.50 -59.60 -28.98
N ARG B 345 -69.22 -59.42 -27.68
CA ARG B 345 -70.19 -58.93 -26.71
C ARG B 345 -69.55 -57.84 -25.85
N GLY B 346 -70.32 -56.80 -25.55
CA GLY B 346 -69.80 -55.70 -24.75
C GLY B 346 -70.83 -55.14 -23.79
N HIS B 347 -70.49 -55.08 -22.49
CA HIS B 347 -71.46 -54.76 -21.46
C HIS B 347 -70.85 -53.82 -20.42
N LYS B 348 -71.60 -52.76 -20.09
CA LYS B 348 -71.29 -51.87 -18.98
C LYS B 348 -70.94 -52.68 -17.72
N ALA B 349 -69.82 -52.31 -17.08
CA ALA B 349 -69.36 -53.06 -15.92
C ALA B 349 -68.62 -52.12 -14.97
N THR B 350 -68.51 -52.56 -13.72
CA THR B 350 -67.95 -51.73 -12.65
C THR B 350 -67.22 -52.63 -11.67
N VAL B 351 -66.02 -52.22 -11.28
CA VAL B 351 -65.22 -52.90 -10.27
C VAL B 351 -65.08 -52.01 -9.05
N SER B 352 -65.33 -52.58 -7.87
CA SER B 352 -65.10 -51.92 -6.60
C SER B 352 -63.83 -52.48 -5.98
N THR B 353 -62.82 -51.62 -5.81
CA THR B 353 -61.55 -52.04 -5.24
C THR B 353 -61.59 -52.16 -3.72
N GLY B 354 -62.55 -51.51 -3.07
CA GLY B 354 -62.71 -51.68 -1.64
C GLY B 354 -63.53 -52.89 -1.24
N SER B 355 -64.18 -53.54 -2.22
CA SER B 355 -64.92 -54.76 -1.99
C SER B 355 -64.00 -55.87 -1.50
N VAL B 356 -64.55 -56.75 -0.65
CA VAL B 356 -63.78 -57.85 -0.09
C VAL B 356 -63.39 -58.86 -1.16
N HIS B 357 -64.05 -58.85 -2.31
CA HIS B 357 -63.78 -59.79 -3.40
C HIS B 357 -62.82 -59.21 -4.44
N PHE B 358 -62.25 -58.03 -4.17
CA PHE B 358 -61.18 -57.46 -5.00
C PHE B 358 -59.86 -57.99 -4.44
N THR B 359 -59.40 -59.12 -4.98
CA THR B 359 -58.20 -59.79 -4.50
C THR B 359 -57.28 -60.12 -5.67
N PRO B 360 -56.66 -59.10 -6.28
CA PRO B 360 -55.85 -59.36 -7.48
C PRO B 360 -54.54 -60.08 -7.17
N LYS B 361 -53.99 -59.90 -5.96
CA LYS B 361 -52.78 -60.65 -5.60
C LYS B 361 -53.04 -62.15 -5.64
N LEU B 362 -54.27 -62.56 -5.31
CA LEU B 362 -54.65 -63.97 -5.31
C LEU B 362 -55.10 -64.46 -6.68
N GLY B 363 -55.53 -63.56 -7.56
CA GLY B 363 -55.82 -63.94 -8.93
C GLY B 363 -57.25 -63.71 -9.37
N SER B 364 -58.07 -63.08 -8.54
CA SER B 364 -59.49 -62.95 -8.82
C SER B 364 -59.97 -61.53 -8.53
N VAL B 365 -60.86 -61.03 -9.38
CA VAL B 365 -61.49 -59.73 -9.21
C VAL B 365 -62.98 -59.88 -9.54
N GLN B 366 -63.80 -59.04 -8.93
CA GLN B 366 -65.25 -59.12 -9.08
C GLN B 366 -65.80 -57.85 -9.71
N PHE B 367 -66.61 -58.01 -10.75
CA PHE B 367 -67.32 -56.93 -11.42
C PHE B 367 -68.81 -57.05 -11.15
N THR B 368 -69.52 -55.92 -11.21
CA THR B 368 -70.97 -55.91 -11.26
C THR B 368 -71.40 -55.37 -12.63
N THR B 369 -72.15 -56.16 -13.37
CA THR B 369 -72.42 -55.91 -14.77
C THR B 369 -73.89 -55.53 -14.98
N ASP B 370 -74.28 -55.41 -16.25
CA ASP B 370 -75.66 -55.17 -16.63
C ASP B 370 -76.33 -56.39 -17.27
N THR B 371 -75.82 -57.59 -17.02
CA THR B 371 -76.45 -58.79 -17.56
C THR B 371 -76.32 -59.96 -16.59
N ASN B 372 -77.22 -60.92 -16.75
CA ASN B 372 -77.21 -62.18 -16.00
C ASN B 372 -76.71 -63.33 -16.85
N ASN B 373 -76.39 -63.05 -18.12
CA ASN B 373 -75.88 -64.00 -19.10
C ASN B 373 -75.07 -63.19 -20.09
N ASP B 374 -74.87 -63.73 -21.30
CA ASP B 374 -74.19 -63.02 -22.39
C ASP B 374 -72.71 -62.80 -22.09
N LEU B 375 -72.11 -63.63 -21.25
CA LEU B 375 -70.66 -63.62 -21.04
C LEU B 375 -70.18 -65.06 -20.90
N GLU B 376 -69.52 -65.57 -21.93
CA GLU B 376 -69.13 -66.97 -21.93
C GLU B 376 -68.08 -67.23 -20.88
N THR B 377 -67.92 -68.50 -20.52
CA THR B 377 -66.99 -68.86 -19.46
C THR B 377 -65.57 -69.09 -19.98
N GLY B 378 -65.44 -69.75 -21.14
CA GLY B 378 -64.15 -70.11 -21.67
C GLY B 378 -63.43 -69.07 -22.48
N GLN B 379 -64.03 -67.88 -22.68
CA GLN B 379 -63.45 -66.88 -23.55
C GLN B 379 -62.68 -65.82 -22.76
N ASN B 380 -61.69 -65.23 -23.43
CA ASN B 380 -60.90 -64.16 -22.87
C ASN B 380 -61.69 -62.86 -22.81
N THR B 381 -61.55 -62.14 -21.70
CA THR B 381 -62.35 -60.95 -21.42
C THR B 381 -61.45 -59.83 -20.94
N LYS B 382 -61.70 -58.61 -21.45
CA LYS B 382 -60.90 -57.44 -21.14
C LYS B 382 -61.78 -56.34 -20.58
N PHE B 383 -61.41 -55.83 -19.41
CA PHE B 383 -62.06 -54.67 -18.82
C PHE B 383 -61.32 -53.40 -19.24
N THR B 384 -61.98 -52.56 -20.02
CA THR B 384 -61.43 -51.27 -20.41
C THR B 384 -61.99 -50.20 -19.48
N PRO B 385 -61.18 -49.54 -18.66
CA PRO B 385 -61.72 -48.55 -17.72
C PRO B 385 -62.10 -47.27 -18.44
N VAL B 386 -63.03 -46.53 -17.84
CA VAL B 386 -63.51 -45.28 -18.40
C VAL B 386 -63.51 -44.18 -17.35
N GLY B 387 -64.02 -44.50 -16.16
CA GLY B 387 -64.18 -43.46 -15.16
C GLY B 387 -64.49 -44.03 -13.79
N VAL B 388 -64.81 -43.12 -12.87
CA VAL B 388 -65.10 -43.46 -11.49
C VAL B 388 -66.53 -43.04 -11.17
N VAL B 389 -67.11 -43.69 -10.15
CA VAL B 389 -68.48 -43.45 -9.73
C VAL B 389 -68.52 -43.26 -8.21
N GLN B 390 -69.63 -42.70 -7.74
CA GLN B 390 -69.80 -42.37 -6.33
C GLN B 390 -71.23 -42.65 -5.90
N ASP B 391 -71.38 -43.28 -4.73
CA ASP B 391 -72.69 -43.53 -4.15
C ASP B 391 -73.27 -42.22 -3.64
N GLY B 392 -74.33 -41.74 -4.29
CA GLY B 392 -74.82 -40.38 -4.08
C GLY B 392 -75.47 -40.11 -2.74
N ASN B 393 -75.81 -41.16 -1.97
CA ASN B 393 -76.49 -40.97 -0.70
C ASN B 393 -75.56 -40.63 0.46
N SER B 394 -74.27 -40.92 0.33
CA SER B 394 -73.29 -40.59 1.36
C SER B 394 -72.67 -39.22 1.09
N ALA B 395 -71.68 -38.85 1.90
CA ALA B 395 -71.07 -37.52 1.81
C ALA B 395 -70.49 -37.27 0.42
N HIS B 396 -70.67 -36.05 -0.07
CA HIS B 396 -70.20 -35.69 -1.40
C HIS B 396 -68.68 -35.77 -1.50
N GLN B 397 -68.20 -36.35 -2.60
CA GLN B 397 -66.78 -36.40 -2.94
C GLN B 397 -65.95 -37.21 -1.94
N ASN B 398 -66.48 -38.36 -1.50
CA ASN B 398 -65.80 -39.15 -0.50
C ASN B 398 -65.50 -40.58 -0.93
N GLU B 399 -65.98 -41.01 -2.10
CA GLU B 399 -65.87 -42.43 -2.44
C GLU B 399 -64.49 -42.74 -3.01
N PRO B 400 -64.01 -42.07 -4.07
CA PRO B 400 -62.67 -42.42 -4.59
C PRO B 400 -61.57 -41.75 -3.76
N GLN B 401 -60.98 -42.50 -2.84
CA GLN B 401 -59.92 -41.99 -1.97
C GLN B 401 -58.58 -42.34 -2.60
N GLN B 402 -58.01 -41.40 -3.35
CA GLN B 402 -56.87 -41.72 -4.21
C GLN B 402 -55.64 -42.12 -3.39
N TRP B 403 -55.53 -41.65 -2.15
CA TRP B 403 -54.38 -41.92 -1.31
C TRP B 403 -54.65 -43.03 -0.29
N VAL B 404 -55.68 -43.84 -0.52
CA VAL B 404 -55.97 -45.02 0.29
C VAL B 404 -55.70 -46.25 -0.56
N LEU B 405 -54.77 -47.08 -0.12
CA LEU B 405 -54.43 -48.26 -0.91
C LEU B 405 -55.46 -49.37 -0.70
N PRO B 406 -55.88 -50.05 -1.77
CA PRO B 406 -56.68 -51.26 -1.62
C PRO B 406 -55.89 -52.36 -0.91
N ASN B 407 -56.63 -53.37 -0.44
CA ASN B 407 -56.02 -54.56 0.14
C ASN B 407 -55.92 -55.61 -0.96
N TYR B 408 -54.71 -55.78 -1.49
CA TYR B 408 -54.51 -56.55 -2.71
C TYR B 408 -54.82 -58.03 -2.53
N SER B 409 -54.82 -58.53 -1.29
CA SER B 409 -55.21 -59.89 -0.99
C SER B 409 -56.51 -59.94 -0.19
N GLY B 410 -57.34 -58.92 -0.32
CA GLY B 410 -58.57 -58.77 0.44
C GLY B 410 -58.32 -58.81 1.94
N ARG B 411 -59.28 -59.34 2.67
CA ARG B 411 -59.12 -59.43 4.13
C ARG B 411 -57.96 -60.36 4.50
N THR B 412 -57.64 -61.32 3.63
CA THR B 412 -56.59 -62.28 3.93
C THR B 412 -55.23 -61.60 3.85
N GLY B 413 -54.41 -61.78 4.88
CA GLY B 413 -53.05 -61.28 4.84
C GLY B 413 -53.02 -59.75 4.80
N HIS B 414 -51.84 -59.23 4.47
CA HIS B 414 -51.64 -57.80 4.38
C HIS B 414 -50.85 -57.48 3.13
N ASN B 415 -50.86 -56.21 2.74
CA ASN B 415 -50.12 -55.78 1.55
C ASN B 415 -48.63 -55.97 1.76
N VAL B 416 -47.95 -56.48 0.73
CA VAL B 416 -46.53 -56.77 0.78
C VAL B 416 -45.85 -56.16 -0.44
N HIS B 417 -44.52 -56.15 -0.40
CA HIS B 417 -43.66 -55.64 -1.47
C HIS B 417 -44.16 -54.30 -2.01
N LEU B 418 -44.56 -53.40 -1.12
CA LEU B 418 -45.07 -52.11 -1.55
C LEU B 418 -43.92 -51.15 -1.86
N ALA B 419 -44.15 -50.27 -2.83
CA ALA B 419 -43.25 -49.14 -3.00
C ALA B 419 -43.35 -48.23 -1.78
N PRO B 420 -42.24 -47.61 -1.38
CA PRO B 420 -42.25 -46.84 -0.14
C PRO B 420 -43.19 -45.65 -0.22
N ALA B 421 -43.56 -45.15 0.96
CA ALA B 421 -44.31 -43.90 1.00
C ALA B 421 -43.37 -42.73 0.71
N VAL B 422 -43.97 -41.57 0.45
CA VAL B 422 -43.27 -40.43 -0.09
C VAL B 422 -43.71 -39.19 0.67
N ALA B 423 -42.75 -38.40 1.13
CA ALA B 423 -43.05 -37.20 1.91
C ALA B 423 -41.94 -36.19 1.71
N PRO B 424 -42.24 -34.90 1.80
CA PRO B 424 -41.17 -33.89 1.81
C PRO B 424 -40.26 -34.05 3.01
N THR B 425 -38.96 -33.81 2.78
CA THR B 425 -37.94 -34.02 3.79
C THR B 425 -37.30 -32.74 4.29
N PHE B 426 -37.38 -31.65 3.51
CA PHE B 426 -36.72 -30.37 3.73
C PHE B 426 -37.71 -29.31 4.18
N PRO B 427 -37.33 -28.47 5.14
CA PRO B 427 -38.21 -27.39 5.61
C PRO B 427 -38.71 -26.50 4.48
N GLY B 428 -40.02 -26.29 4.46
CA GLY B 428 -40.64 -25.40 3.50
C GLY B 428 -41.09 -26.06 2.22
N GLU B 429 -40.90 -27.37 2.07
CA GLU B 429 -41.09 -28.07 0.81
C GLU B 429 -42.34 -28.95 0.86
N GLN B 430 -43.04 -29.03 -0.27
CA GLN B 430 -44.18 -29.92 -0.46
C GLN B 430 -43.98 -30.72 -1.74
N LEU B 431 -44.63 -31.88 -1.79
CA LEU B 431 -44.64 -32.68 -3.00
C LEU B 431 -45.23 -31.89 -4.17
N LEU B 432 -44.74 -32.18 -5.37
CA LEU B 432 -45.29 -31.64 -6.60
C LEU B 432 -45.97 -32.77 -7.35
N PHE B 433 -47.27 -32.61 -7.60
CA PHE B 433 -48.10 -33.67 -8.18
C PHE B 433 -48.42 -33.33 -9.63
N PHE B 434 -48.44 -34.35 -10.47
CA PHE B 434 -48.91 -34.22 -11.84
C PHE B 434 -50.38 -34.64 -11.85
N ARG B 435 -51.27 -33.66 -12.04
CA ARG B 435 -52.69 -33.84 -11.77
C ARG B 435 -53.47 -34.05 -13.06
N SER B 436 -54.34 -35.04 -13.04
CA SER B 436 -55.28 -35.31 -14.12
C SER B 436 -56.67 -35.34 -13.50
N THR B 437 -57.69 -35.19 -14.34
CA THR B 437 -59.08 -35.21 -13.88
C THR B 437 -59.78 -36.43 -14.47
N MET B 438 -60.12 -37.38 -13.59
CA MET B 438 -60.74 -38.61 -14.05
C MET B 438 -62.17 -38.34 -14.52
N PRO B 439 -62.63 -39.02 -15.56
CA PRO B 439 -64.04 -38.89 -15.96
C PRO B 439 -64.97 -39.42 -14.88
N GLY B 440 -66.00 -38.65 -14.56
CA GLY B 440 -67.05 -39.11 -13.66
C GLY B 440 -68.17 -39.78 -14.43
N CYS B 441 -68.67 -40.88 -13.89
CA CYS B 441 -69.72 -41.65 -14.57
C CYS B 441 -71.06 -41.65 -13.86
N SER B 442 -71.10 -41.33 -12.56
CA SER B 442 -72.34 -41.25 -11.80
C SER B 442 -72.07 -40.76 -10.38
N GLY B 443 -72.97 -39.94 -9.84
CA GLY B 443 -72.80 -39.45 -8.49
C GLY B 443 -71.95 -38.20 -8.45
N TYR B 444 -71.28 -37.97 -7.33
CA TYR B 444 -70.43 -36.79 -7.15
C TYR B 444 -69.05 -37.26 -6.69
N PRO B 445 -68.28 -37.87 -7.59
CA PRO B 445 -67.00 -38.48 -7.18
C PRO B 445 -65.88 -37.46 -7.09
N ASN B 446 -64.89 -37.80 -6.26
CA ASN B 446 -63.69 -36.98 -6.08
C ASN B 446 -62.77 -37.26 -7.26
N MET B 447 -62.83 -36.41 -8.28
CA MET B 447 -62.23 -36.68 -9.57
C MET B 447 -60.75 -36.34 -9.63
N ASN B 448 -60.17 -35.78 -8.58
CA ASN B 448 -58.76 -35.40 -8.58
C ASN B 448 -57.87 -36.64 -8.54
N LEU B 449 -56.94 -36.73 -9.49
CA LEU B 449 -55.97 -37.83 -9.54
C LEU B 449 -54.56 -37.28 -9.68
N ASP B 450 -53.74 -37.47 -8.65
CA ASP B 450 -52.37 -36.98 -8.61
C ASP B 450 -51.41 -38.15 -8.70
N CYS B 451 -50.45 -38.07 -9.63
CA CYS B 451 -49.35 -39.03 -9.70
C CYS B 451 -48.02 -38.33 -9.47
N LEU B 452 -47.02 -39.12 -9.07
CA LEU B 452 -45.71 -38.57 -8.72
C LEU B 452 -44.85 -38.32 -9.95
N LEU B 453 -45.00 -39.14 -11.00
CA LEU B 453 -44.24 -39.05 -12.23
C LEU B 453 -45.18 -39.29 -13.41
N PRO B 454 -45.09 -38.49 -14.47
CA PRO B 454 -45.83 -38.82 -15.69
C PRO B 454 -45.35 -40.14 -16.27
N GLN B 455 -46.25 -40.83 -16.96
CA GLN B 455 -45.92 -42.14 -17.51
C GLN B 455 -44.79 -42.05 -18.53
N GLU B 456 -44.75 -40.95 -19.30
CA GLU B 456 -43.67 -40.76 -20.26
C GLU B 456 -42.32 -40.62 -19.58
N TRP B 457 -42.28 -40.07 -18.37
CA TRP B 457 -41.03 -40.07 -17.61
C TRP B 457 -40.64 -41.48 -17.18
N VAL B 458 -41.62 -42.29 -16.77
CA VAL B 458 -41.34 -43.67 -16.39
C VAL B 458 -40.72 -44.42 -17.57
N LEU B 459 -41.33 -44.28 -18.76
CA LEU B 459 -40.77 -44.87 -19.96
C LEU B 459 -39.34 -44.41 -20.19
N HIS B 460 -39.10 -43.10 -20.08
CA HIS B 460 -37.79 -42.56 -20.37
C HIS B 460 -36.74 -43.08 -19.40
N PHE B 461 -37.02 -42.97 -18.10
CA PHE B 461 -36.10 -43.47 -17.09
C PHE B 461 -35.84 -44.95 -17.29
N TYR B 462 -36.86 -45.72 -17.66
CA TYR B 462 -36.70 -47.15 -17.84
C TYR B 462 -35.71 -47.46 -18.96
N GLN B 463 -35.87 -46.80 -20.11
CA GLN B 463 -35.04 -47.13 -21.27
C GLN B 463 -33.63 -46.59 -21.08
N GLU B 464 -33.52 -45.34 -20.64
CA GLU B 464 -32.23 -44.67 -20.44
C GLU B 464 -31.85 -44.90 -18.98
N ALA B 465 -31.09 -45.96 -18.73
CA ALA B 465 -30.84 -46.40 -17.35
C ALA B 465 -29.63 -45.65 -16.76
N ALA B 466 -29.75 -44.33 -16.76
CA ALA B 466 -28.64 -43.47 -16.36
C ALA B 466 -28.44 -43.52 -14.85
N PRO B 467 -27.27 -43.89 -14.37
CA PRO B 467 -27.04 -43.90 -12.91
C PRO B 467 -27.12 -42.50 -12.32
N ALA B 468 -27.73 -42.42 -11.15
CA ALA B 468 -27.89 -41.15 -10.47
C ALA B 468 -26.57 -40.70 -9.87
N GLN B 469 -26.16 -39.48 -10.20
CA GLN B 469 -24.91 -38.94 -9.68
C GLN B 469 -25.04 -38.46 -8.25
N SER B 470 -26.26 -38.24 -7.79
CA SER B 470 -26.57 -37.90 -6.41
C SER B 470 -28.05 -38.19 -6.19
N ASP B 471 -28.54 -37.91 -4.99
CA ASP B 471 -29.89 -38.35 -4.66
C ASP B 471 -30.98 -37.42 -5.20
N VAL B 472 -30.63 -36.23 -5.69
CA VAL B 472 -31.60 -35.27 -6.17
C VAL B 472 -31.11 -34.63 -7.46
N ALA B 473 -31.99 -34.54 -8.46
CA ALA B 473 -31.70 -33.79 -9.68
C ALA B 473 -32.45 -32.47 -9.63
N LEU B 474 -31.73 -31.36 -9.66
CA LEU B 474 -32.34 -30.04 -9.69
C LEU B 474 -32.90 -29.75 -11.08
N LEU B 475 -34.19 -29.47 -11.16
CA LEU B 475 -34.84 -29.10 -12.41
C LEU B 475 -35.40 -27.68 -12.30
N ARG B 476 -35.34 -26.95 -13.40
CA ARG B 476 -35.98 -25.65 -13.50
C ARG B 476 -37.01 -25.70 -14.62
N PHE B 477 -38.18 -25.14 -14.37
CA PHE B 477 -39.28 -25.14 -15.34
C PHE B 477 -39.25 -23.82 -16.10
N VAL B 478 -39.15 -23.91 -17.43
CA VAL B 478 -38.80 -22.77 -18.27
C VAL B 478 -39.92 -22.51 -19.27
N ASN B 479 -40.21 -21.22 -19.48
CA ASN B 479 -41.11 -20.80 -20.54
C ASN B 479 -40.26 -20.52 -21.78
N PRO B 480 -40.32 -21.36 -22.82
CA PRO B 480 -39.38 -21.18 -23.94
C PRO B 480 -39.63 -19.91 -24.75
N ASP B 481 -40.85 -19.37 -24.73
CA ASP B 481 -41.12 -18.12 -25.43
C ASP B 481 -40.34 -16.97 -24.81
N THR B 482 -40.41 -16.84 -23.48
CA THR B 482 -39.74 -15.75 -22.79
C THR B 482 -38.34 -16.09 -22.31
N GLY B 483 -37.99 -17.38 -22.25
CA GLY B 483 -36.73 -17.80 -21.67
C GLY B 483 -36.69 -17.80 -20.16
N ARG B 484 -37.78 -17.46 -19.48
CA ARG B 484 -37.76 -17.26 -18.04
C ARG B 484 -38.02 -18.54 -17.27
N VAL B 485 -37.43 -18.63 -16.08
CA VAL B 485 -37.66 -19.74 -15.17
C VAL B 485 -38.92 -19.44 -14.36
N LEU B 486 -39.86 -20.39 -14.34
CA LEU B 486 -41.10 -20.20 -13.59
C LEU B 486 -40.95 -20.68 -12.15
N PHE B 487 -40.39 -21.88 -11.97
CA PHE B 487 -40.07 -22.40 -10.66
C PHE B 487 -38.95 -23.41 -10.82
N GLU B 488 -38.32 -23.76 -9.71
CA GLU B 488 -37.36 -24.86 -9.68
C GLU B 488 -37.86 -25.92 -8.71
N CYS B 489 -37.45 -27.15 -8.96
CA CYS B 489 -37.92 -28.29 -8.17
C CYS B 489 -36.84 -29.34 -8.07
N LYS B 490 -37.02 -30.24 -7.12
CA LYS B 490 -36.09 -31.33 -6.85
C LYS B 490 -36.70 -32.66 -7.29
N LEU B 491 -36.08 -33.32 -8.25
CA LEU B 491 -36.45 -34.67 -8.66
C LEU B 491 -35.57 -35.68 -7.93
N HIS B 492 -36.18 -36.42 -7.00
CA HIS B 492 -35.47 -37.39 -6.17
C HIS B 492 -35.29 -38.72 -6.90
N LYS B 493 -34.23 -39.44 -6.57
CA LYS B 493 -34.00 -40.75 -7.21
C LYS B 493 -35.21 -41.65 -7.07
N SER B 494 -35.86 -41.60 -5.91
CA SER B 494 -37.00 -42.48 -5.64
C SER B 494 -38.18 -42.26 -6.59
N GLY B 495 -38.11 -41.27 -7.47
CA GLY B 495 -39.18 -41.02 -8.40
C GLY B 495 -40.30 -40.15 -7.88
N TYR B 496 -39.97 -38.96 -7.38
CA TYR B 496 -40.98 -37.98 -7.02
C TYR B 496 -40.35 -36.60 -7.04
N VAL B 497 -41.19 -35.58 -7.14
CA VAL B 497 -40.76 -34.20 -7.28
C VAL B 497 -41.22 -33.41 -6.07
N THR B 498 -40.41 -32.44 -5.66
CA THR B 498 -40.72 -31.58 -4.54
C THR B 498 -40.49 -30.13 -4.95
N VAL B 499 -41.23 -29.21 -4.32
CA VAL B 499 -41.09 -27.78 -4.56
C VAL B 499 -41.16 -27.06 -3.22
N ALA B 500 -40.72 -25.80 -3.22
CA ALA B 500 -40.70 -24.97 -2.02
C ALA B 500 -41.92 -24.07 -2.02
N HIS B 501 -42.95 -24.48 -1.29
CA HIS B 501 -44.20 -23.75 -1.21
C HIS B 501 -44.98 -24.28 0.00
N THR B 502 -45.90 -23.46 0.50
CA THR B 502 -46.73 -23.84 1.63
C THR B 502 -48.19 -23.52 1.30
N GLY B 503 -49.05 -24.53 1.45
CA GLY B 503 -50.44 -24.40 1.10
C GLY B 503 -50.77 -25.05 -0.24
N PRO B 504 -52.05 -25.35 -0.46
CA PRO B 504 -52.45 -25.91 -1.75
C PRO B 504 -52.44 -24.85 -2.84
N HIS B 505 -52.10 -25.29 -4.06
CA HIS B 505 -51.98 -24.37 -5.18
C HIS B 505 -51.94 -25.13 -6.51
N ASP B 506 -52.82 -24.76 -7.43
CA ASP B 506 -52.68 -25.16 -8.83
C ASP B 506 -51.74 -24.21 -9.53
N LEU B 507 -50.73 -24.76 -10.20
CA LEU B 507 -49.71 -23.93 -10.83
C LEU B 507 -50.25 -23.32 -12.11
N VAL B 508 -49.88 -22.06 -12.35
CA VAL B 508 -50.25 -21.32 -13.56
C VAL B 508 -49.08 -21.45 -14.52
N ILE B 509 -49.26 -22.25 -15.56
CA ILE B 509 -48.19 -22.75 -16.40
C ILE B 509 -48.41 -22.28 -17.82
N PRO B 510 -47.41 -21.71 -18.49
CA PRO B 510 -47.51 -21.49 -19.94
C PRO B 510 -47.68 -22.79 -20.67
N PRO B 511 -48.47 -22.82 -21.75
CA PRO B 511 -48.72 -24.09 -22.45
C PRO B 511 -47.47 -24.75 -23.00
N ASN B 512 -46.38 -24.00 -23.20
CA ASN B 512 -45.15 -24.53 -23.78
C ASN B 512 -44.09 -24.86 -22.73
N GLY B 513 -44.41 -24.78 -21.45
CA GLY B 513 -43.37 -24.93 -20.44
C GLY B 513 -42.84 -26.35 -20.35
N TYR B 514 -41.53 -26.45 -20.12
CA TYR B 514 -40.83 -27.73 -20.10
C TYR B 514 -39.88 -27.77 -18.89
N PHE B 515 -39.53 -28.98 -18.49
CA PHE B 515 -38.57 -29.19 -17.41
C PHE B 515 -37.16 -29.29 -17.98
N ARG B 516 -36.21 -28.60 -17.36
CA ARG B 516 -34.82 -28.59 -17.82
C ARG B 516 -33.91 -28.98 -16.67
N PHE B 517 -33.08 -30.00 -16.91
CA PHE B 517 -32.15 -30.49 -15.91
C PHE B 517 -30.93 -29.59 -15.87
N ASP B 518 -30.64 -29.03 -14.69
CA ASP B 518 -29.61 -28.00 -14.55
C ASP B 518 -28.41 -28.41 -13.73
N SER B 519 -28.59 -29.27 -12.73
CA SER B 519 -27.50 -29.69 -11.86
C SER B 519 -27.97 -30.85 -10.98
N TRP B 520 -27.03 -31.73 -10.64
CA TRP B 520 -27.22 -32.67 -9.54
C TRP B 520 -27.02 -31.97 -8.21
N VAL B 521 -27.92 -32.24 -7.25
CA VAL B 521 -27.84 -31.66 -5.92
C VAL B 521 -28.18 -32.75 -4.91
N ASN B 522 -28.05 -32.44 -3.63
CA ASN B 522 -28.45 -33.36 -2.59
C ASN B 522 -29.69 -32.84 -1.87
N GLN B 523 -30.13 -33.60 -0.86
CA GLN B 523 -31.39 -33.30 -0.19
C GLN B 523 -31.34 -31.99 0.58
N PHE B 524 -30.17 -31.40 0.77
CA PHE B 524 -30.03 -30.15 1.51
C PHE B 524 -30.09 -28.92 0.62
N TYR B 525 -30.28 -29.08 -0.69
CA TYR B 525 -30.39 -27.95 -1.58
C TYR B 525 -31.62 -27.12 -1.23
N THR B 526 -31.46 -25.81 -1.17
CA THR B 526 -32.54 -24.91 -0.81
C THR B 526 -33.13 -24.29 -2.07
N LEU B 527 -34.40 -24.58 -2.32
CA LEU B 527 -35.05 -24.17 -3.56
C LEU B 527 -35.58 -22.76 -3.44
N ALA B 528 -35.60 -22.06 -4.57
CA ALA B 528 -36.13 -20.70 -4.59
C ALA B 528 -37.64 -20.74 -4.30
N PRO B 529 -38.16 -19.77 -3.56
CA PRO B 529 -39.62 -19.74 -3.32
C PRO B 529 -40.37 -19.60 -4.64
N MET B 530 -41.46 -20.36 -4.75
CA MET B 530 -42.15 -20.51 -6.03
C MET B 530 -43.59 -20.03 -6.02
N GLY B 531 -44.28 -20.05 -4.87
CA GLY B 531 -45.72 -19.97 -4.88
C GLY B 531 -46.23 -18.63 -5.39
N ASN B 532 -47.42 -18.67 -5.98
CA ASN B 532 -48.18 -17.48 -6.38
C ASN B 532 -47.53 -16.80 -7.58
N ASN C 23 17.72 -77.58 3.18
CA ASN C 23 18.05 -77.25 4.55
C ASN C 23 19.04 -76.09 4.58
N ASN C 24 18.57 -74.95 5.09
CA ASN C 24 19.42 -73.79 5.34
C ASN C 24 18.69 -72.92 6.35
N GLU C 25 19.36 -71.84 6.78
CA GLU C 25 18.75 -70.84 7.65
C GLU C 25 18.22 -69.63 6.88
N VAL C 26 18.30 -69.64 5.55
CA VAL C 26 17.91 -68.50 4.72
C VAL C 26 16.72 -68.91 3.85
N MET C 27 15.69 -68.07 3.83
CA MET C 27 14.49 -68.32 3.04
C MET C 27 14.64 -67.73 1.64
N ALA C 28 14.35 -68.55 0.63
CA ALA C 28 14.57 -68.23 -0.77
C ALA C 28 13.51 -67.25 -1.29
N LEU C 29 13.53 -66.05 -0.72
CA LEU C 29 12.64 -64.99 -1.14
C LEU C 29 13.44 -63.81 -1.69
N GLU C 30 12.94 -63.23 -2.77
CA GLU C 30 13.51 -61.98 -3.27
C GLU C 30 13.16 -60.86 -2.31
N PRO C 31 13.88 -59.75 -2.36
CA PRO C 31 13.44 -58.57 -1.61
C PRO C 31 12.10 -58.11 -2.15
N VAL C 32 11.29 -57.54 -1.26
CA VAL C 32 9.94 -57.11 -1.61
C VAL C 32 9.72 -55.72 -1.06
N VAL C 33 9.33 -54.80 -1.94
CA VAL C 33 9.21 -53.40 -1.55
C VAL C 33 8.01 -53.23 -0.63
N GLY C 34 8.15 -52.35 0.36
CA GLY C 34 7.03 -52.01 1.23
C GLY C 34 6.30 -50.78 0.75
N ALA C 35 6.15 -49.79 1.63
CA ALA C 35 5.31 -48.64 1.31
C ALA C 35 6.01 -47.62 0.43
N ALA C 36 7.32 -47.76 0.22
CA ALA C 36 8.04 -46.82 -0.65
C ALA C 36 7.44 -46.78 -2.05
N ILE C 37 7.04 -47.94 -2.58
CA ILE C 37 6.43 -48.00 -3.90
C ILE C 37 5.12 -47.23 -3.95
N ALA C 38 4.46 -47.05 -2.81
CA ALA C 38 3.13 -46.44 -2.81
C ALA C 38 3.19 -44.92 -2.75
N ALA C 39 4.37 -44.34 -2.55
CA ALA C 39 4.46 -42.89 -2.32
C ALA C 39 3.85 -42.07 -3.45
N PRO C 40 4.07 -42.36 -4.73
CA PRO C 40 3.44 -41.55 -5.78
C PRO C 40 1.93 -41.64 -5.83
N VAL C 41 1.32 -42.68 -5.25
CA VAL C 41 -0.13 -42.85 -5.30
C VAL C 41 -0.78 -42.79 -3.93
N ALA C 42 -0.03 -42.77 -2.84
CA ALA C 42 -0.63 -42.55 -1.53
C ALA C 42 -0.88 -41.07 -1.30
N GLY C 43 -1.86 -40.78 -0.44
CA GLY C 43 -2.16 -39.40 -0.12
C GLY C 43 -1.10 -38.69 0.71
N GLN C 44 -0.40 -39.42 1.58
CA GLN C 44 0.45 -38.77 2.56
C GLN C 44 1.53 -39.75 3.03
N GLN C 45 2.50 -39.21 3.77
CA GLN C 45 3.61 -39.97 4.35
C GLN C 45 3.49 -39.97 5.87
N ASN C 46 3.58 -41.15 6.48
CA ASN C 46 3.42 -41.31 7.92
C ASN C 46 4.62 -41.97 8.58
N VAL C 47 4.61 -41.94 9.90
CA VAL C 47 5.74 -42.38 10.72
C VAL C 47 5.19 -43.25 11.85
N ILE C 48 5.90 -44.32 12.15
CA ILE C 48 5.60 -45.23 13.24
C ILE C 48 6.66 -45.04 14.33
N ASP C 49 6.24 -45.06 15.59
CA ASP C 49 7.13 -44.90 16.72
C ASP C 49 8.29 -45.89 16.61
N PRO C 50 9.53 -45.40 16.57
CA PRO C 50 10.68 -46.31 16.34
C PRO C 50 10.82 -47.43 17.34
N TRP C 51 10.33 -47.26 18.57
CA TRP C 51 10.40 -48.35 19.55
C TRP C 51 9.65 -49.57 19.05
N ILE C 52 8.49 -49.35 18.41
CA ILE C 52 7.67 -50.44 17.88
C ILE C 52 8.42 -51.22 16.82
N ARG C 53 9.29 -50.55 16.06
CA ARG C 53 10.04 -51.21 14.99
C ARG C 53 11.25 -51.98 15.49
N ASN C 54 11.73 -51.69 16.70
CA ASN C 54 12.95 -52.31 17.21
C ASN C 54 12.69 -53.38 18.27
N ASN C 55 11.43 -53.73 18.52
CA ASN C 55 11.12 -54.64 19.63
C ASN C 55 10.12 -55.69 19.18
N PHE C 56 10.51 -56.96 19.32
CA PHE C 56 9.65 -58.07 18.97
C PHE C 56 8.50 -58.20 19.95
N VAL C 57 7.32 -58.53 19.42
CA VAL C 57 6.10 -58.60 20.22
C VAL C 57 5.36 -59.88 19.84
N GLN C 58 4.91 -60.62 20.86
CA GLN C 58 4.27 -61.90 20.63
C GLN C 58 2.83 -61.71 20.15
N ALA C 59 2.47 -62.39 19.07
CA ALA C 59 1.09 -62.39 18.64
C ALA C 59 0.25 -63.09 19.72
N PRO C 60 -1.02 -62.70 19.88
CA PRO C 60 -1.84 -63.35 20.91
C PRO C 60 -1.96 -64.85 20.74
N GLY C 61 -1.84 -65.34 19.50
CA GLY C 61 -1.86 -66.78 19.26
C GLY C 61 -0.58 -67.22 18.58
N GLY C 62 0.54 -66.79 19.13
CA GLY C 62 1.85 -67.03 18.54
C GLY C 62 2.58 -68.07 19.37
N GLU C 63 1.83 -69.05 19.84
CA GLU C 63 2.36 -70.17 20.61
C GLU C 63 1.94 -71.48 19.93
N PHE C 64 2.86 -72.44 19.90
CA PHE C 64 2.52 -73.80 19.52
C PHE C 64 3.49 -74.76 20.19
N THR C 65 3.17 -76.04 20.14
CA THR C 65 3.91 -77.07 20.87
C THR C 65 4.23 -78.24 19.96
N VAL C 66 5.45 -78.75 20.09
CA VAL C 66 5.88 -79.96 19.41
C VAL C 66 5.88 -81.10 20.43
N SER C 67 5.07 -82.11 20.17
CA SER C 67 4.92 -83.27 21.05
C SER C 67 5.19 -84.55 20.28
N PRO C 68 5.50 -85.64 20.98
CA PRO C 68 5.74 -86.92 20.28
C PRO C 68 4.50 -87.48 19.61
N ARG C 69 3.30 -86.98 19.94
CA ARG C 69 2.10 -87.36 19.21
C ARG C 69 2.11 -86.82 17.79
N ASN C 70 2.90 -85.79 17.52
CA ASN C 70 2.87 -85.13 16.23
C ASN C 70 3.61 -85.96 15.19
N ALA C 71 3.06 -86.00 13.98
CA ALA C 71 3.56 -86.76 12.86
C ALA C 71 3.85 -85.83 11.68
N PRO C 72 4.73 -86.24 10.77
CA PRO C 72 5.05 -85.39 9.63
C PRO C 72 3.81 -84.98 8.84
N GLY C 73 3.77 -83.70 8.45
CA GLY C 73 2.66 -83.14 7.71
C GLY C 73 1.72 -82.28 8.54
N GLU C 74 1.69 -82.47 9.86
CA GLU C 74 0.79 -81.70 10.70
C GLU C 74 1.26 -80.25 10.78
N ILE C 75 0.36 -79.32 10.46
CA ILE C 75 0.65 -77.89 10.55
C ILE C 75 0.43 -77.45 12.00
N LEU C 76 1.52 -77.16 12.70
CA LEU C 76 1.43 -76.77 14.11
C LEU C 76 0.99 -75.33 14.31
N TRP C 77 1.21 -74.45 13.34
CA TRP C 77 0.89 -73.04 13.52
C TRP C 77 0.91 -72.35 12.17
N SER C 78 0.05 -71.34 12.02
CA SER C 78 0.06 -70.56 10.79
C SER C 78 -0.57 -69.19 11.06
N ALA C 79 -0.19 -68.21 10.23
CA ALA C 79 -0.69 -66.85 10.35
C ALA C 79 -0.51 -66.12 9.03
N PRO C 80 -1.44 -65.25 8.64
CA PRO C 80 -1.20 -64.37 7.49
C PRO C 80 -0.58 -63.06 7.91
N LEU C 81 0.23 -62.50 7.01
CA LEU C 81 0.85 -61.20 7.26
C LEU C 81 -0.22 -60.13 7.38
N GLY C 82 -0.06 -59.27 8.39
CA GLY C 82 -0.99 -58.19 8.62
C GLY C 82 -0.80 -57.58 9.99
N PRO C 83 -1.44 -56.43 10.23
CA PRO C 83 -1.26 -55.74 11.51
C PRO C 83 -1.74 -56.53 12.71
N ASP C 84 -2.60 -57.53 12.53
CA ASP C 84 -3.12 -58.26 13.68
C ASP C 84 -2.10 -59.16 14.35
N LEU C 85 -0.91 -59.31 13.76
CA LEU C 85 0.15 -60.09 14.42
C LEU C 85 0.83 -59.32 15.54
N ASN C 86 0.52 -58.03 15.69
CA ASN C 86 1.24 -57.14 16.58
C ASN C 86 0.24 -56.18 17.21
N PRO C 87 0.01 -56.28 18.51
CA PRO C 87 -1.05 -55.46 19.12
C PRO C 87 -0.81 -53.97 19.00
N TYR C 88 0.45 -53.53 18.97
CA TYR C 88 0.73 -52.12 18.73
C TYR C 88 0.27 -51.71 17.34
N LEU C 89 0.70 -52.45 16.31
CA LEU C 89 0.27 -52.14 14.95
C LEU C 89 -1.24 -52.30 14.79
N SER C 90 -1.83 -53.26 15.51
CA SER C 90 -3.28 -53.47 15.43
C SER C 90 -4.03 -52.25 15.96
N HIS C 91 -3.56 -51.69 17.06
CA HIS C 91 -4.18 -50.49 17.62
C HIS C 91 -3.95 -49.29 16.72
N LEU C 92 -2.74 -49.19 16.15
CA LEU C 92 -2.44 -48.10 15.24
C LEU C 92 -3.34 -48.15 14.00
N ALA C 93 -3.62 -49.35 13.50
CA ALA C 93 -4.38 -49.48 12.26
C ALA C 93 -5.80 -48.92 12.38
N ARG C 94 -6.34 -48.86 13.61
CA ARG C 94 -7.66 -48.28 13.82
C ARG C 94 -7.73 -46.80 13.50
N MET C 95 -6.59 -46.14 13.24
CA MET C 95 -6.57 -44.73 12.89
C MET C 95 -5.96 -44.49 11.50
N TYR C 96 -5.64 -45.54 10.75
CA TYR C 96 -5.06 -45.42 9.42
C TYR C 96 -5.91 -46.17 8.41
N ASN C 97 -5.77 -45.76 7.15
CA ASN C 97 -6.58 -46.30 6.06
C ASN C 97 -5.92 -47.46 5.33
N GLY C 98 -4.60 -47.52 5.31
CA GLY C 98 -3.94 -48.63 4.64
C GLY C 98 -2.53 -48.84 5.15
N TYR C 99 -1.86 -49.81 4.55
CA TYR C 99 -0.53 -50.22 4.96
C TYR C 99 0.12 -50.95 3.80
N ALA C 100 1.44 -51.14 3.91
CA ALA C 100 2.18 -51.95 2.97
C ALA C 100 3.54 -52.26 3.58
N GLY C 101 4.04 -53.46 3.29
CA GLY C 101 5.34 -53.88 3.76
C GLY C 101 5.27 -55.09 4.67
N GLY C 102 6.45 -55.61 4.98
CA GLY C 102 6.60 -56.90 5.58
C GLY C 102 7.05 -56.83 7.03
N PHE C 103 7.22 -58.01 7.62
CA PHE C 103 7.57 -58.16 9.02
C PHE C 103 8.85 -58.98 9.13
N GLU C 104 9.50 -58.87 10.28
CA GLU C 104 10.53 -59.81 10.70
C GLU C 104 9.95 -60.66 11.82
N VAL C 105 9.99 -61.98 11.64
CA VAL C 105 9.40 -62.91 12.58
C VAL C 105 10.51 -63.58 13.39
N GLN C 106 10.32 -63.66 14.70
CA GLN C 106 11.25 -64.31 15.61
C GLN C 106 10.52 -65.47 16.27
N VAL C 107 11.08 -66.67 16.14
CA VAL C 107 10.49 -67.87 16.71
C VAL C 107 11.48 -68.48 17.70
N ILE C 108 10.98 -68.81 18.88
CA ILE C 108 11.79 -69.26 20.00
C ILE C 108 11.46 -70.70 20.30
N LEU C 109 12.48 -71.54 20.42
CA LEU C 109 12.33 -72.99 20.54
C LEU C 109 12.91 -73.40 21.88
N ALA C 110 12.09 -74.07 22.69
CA ALA C 110 12.49 -74.42 24.06
C ALA C 110 12.88 -75.90 24.10
N GLY C 111 14.04 -76.16 23.48
CA GLY C 111 14.63 -77.49 23.46
C GLY C 111 15.82 -77.61 24.40
N ASN C 112 16.49 -78.75 24.30
CA ASN C 112 17.78 -78.96 24.93
C ASN C 112 18.57 -79.94 24.08
N ALA C 113 19.84 -80.14 24.46
CA ALA C 113 20.77 -80.88 23.61
C ALA C 113 20.40 -82.35 23.45
N PHE C 114 19.53 -82.88 24.30
CA PHE C 114 19.21 -84.29 24.31
C PHE C 114 17.99 -84.65 23.44
N THR C 115 17.52 -83.71 22.61
CA THR C 115 16.36 -83.92 21.76
C THR C 115 16.78 -84.10 20.32
N ALA C 116 15.81 -84.40 19.46
CA ALA C 116 16.02 -84.46 18.02
C ALA C 116 14.69 -84.28 17.31
N GLY C 117 14.74 -83.70 16.12
CA GLY C 117 13.58 -83.47 15.29
C GLY C 117 13.68 -82.15 14.55
N LYS C 118 12.94 -82.04 13.45
CA LYS C 118 13.00 -80.88 12.57
C LYS C 118 11.63 -80.28 12.37
N ILE C 119 11.58 -78.94 12.33
CA ILE C 119 10.39 -78.18 11.98
C ILE C 119 10.68 -77.42 10.70
N ILE C 120 9.70 -77.37 9.78
CA ILE C 120 9.79 -76.53 8.60
C ILE C 120 8.89 -75.30 8.78
N PHE C 121 9.46 -74.14 8.49
CA PHE C 121 8.71 -72.91 8.32
C PHE C 121 8.70 -72.57 6.83
N ALA C 122 7.54 -72.19 6.31
CA ALA C 122 7.42 -71.93 4.89
C ALA C 122 6.56 -70.70 4.63
N ALA C 123 6.92 -69.98 3.58
CA ALA C 123 6.16 -68.82 3.11
C ALA C 123 5.26 -69.27 1.97
N VAL C 124 3.96 -69.22 2.18
CA VAL C 124 2.97 -69.59 1.16
C VAL C 124 2.39 -68.30 0.59
N PRO C 125 2.37 -68.13 -0.74
CA PRO C 125 2.06 -66.83 -1.32
C PRO C 125 0.57 -66.55 -1.28
N PRO C 126 0.15 -65.31 -1.51
CA PRO C 126 -1.27 -64.97 -1.43
C PRO C 126 -2.10 -65.78 -2.41
N ASN C 127 -3.27 -66.20 -1.95
CA ASN C 127 -4.27 -66.94 -2.74
C ASN C 127 -3.85 -68.38 -3.03
N PHE C 128 -2.93 -68.95 -2.26
CA PHE C 128 -2.68 -70.37 -2.38
C PHE C 128 -3.28 -71.13 -1.22
N PRO C 129 -3.97 -72.25 -1.48
CA PRO C 129 -4.60 -73.00 -0.39
C PRO C 129 -3.58 -73.76 0.45
N THR C 130 -3.67 -73.57 1.78
CA THR C 130 -2.86 -74.28 2.76
C THR C 130 -3.43 -75.65 3.08
N GLU C 131 -4.68 -75.91 2.69
CA GLU C 131 -5.47 -77.04 3.16
C GLU C 131 -5.05 -78.32 2.44
N GLY C 132 -4.22 -79.13 3.10
CA GLY C 132 -4.01 -80.48 2.60
C GLY C 132 -2.60 -80.85 2.17
N LEU C 133 -1.63 -79.97 2.41
CA LEU C 133 -0.29 -80.19 1.89
C LEU C 133 0.37 -81.39 2.57
N SER C 134 1.11 -82.16 1.79
CA SER C 134 2.01 -83.19 2.31
C SER C 134 3.35 -82.56 2.66
N PRO C 135 4.16 -83.23 3.51
CA PRO C 135 5.48 -82.65 3.84
C PRO C 135 6.35 -82.43 2.61
N SER C 136 6.40 -83.41 1.69
CA SER C 136 7.10 -83.21 0.43
C SER C 136 6.71 -81.88 -0.22
N GLN C 137 5.42 -81.61 -0.29
CA GLN C 137 4.94 -80.43 -1.01
C GLN C 137 5.30 -79.14 -0.28
N VAL C 138 5.25 -79.15 1.05
CA VAL C 138 5.56 -77.92 1.79
C VAL C 138 7.01 -77.51 1.56
N THR C 139 7.89 -78.48 1.36
CA THR C 139 9.29 -78.21 1.01
C THR C 139 9.40 -77.42 -0.30
N MET C 140 8.35 -77.40 -1.12
CA MET C 140 8.44 -76.76 -2.42
C MET C 140 8.16 -75.26 -2.36
N PHE C 141 7.74 -74.75 -1.21
CA PHE C 141 7.69 -73.31 -1.00
C PHE C 141 9.07 -72.82 -0.56
N PRO C 142 9.31 -71.51 -0.61
CA PRO C 142 10.47 -70.96 0.11
C PRO C 142 10.36 -71.36 1.57
N HIS C 143 11.44 -71.92 2.12
CA HIS C 143 11.30 -72.56 3.42
C HIS C 143 12.62 -72.54 4.19
N ILE C 144 12.49 -72.86 5.47
CA ILE C 144 13.59 -72.99 6.41
C ILE C 144 13.35 -74.27 7.20
N ILE C 145 14.42 -75.03 7.44
CA ILE C 145 14.34 -76.25 8.24
C ILE C 145 15.12 -76.03 9.53
N VAL C 146 14.44 -76.13 10.66
CA VAL C 146 14.99 -75.75 11.96
C VAL C 146 15.00 -76.99 12.85
N ASP C 147 16.11 -77.20 13.53
CA ASP C 147 16.27 -78.34 14.43
C ASP C 147 15.69 -78.03 15.80
N VAL C 148 15.09 -79.04 16.42
CA VAL C 148 14.48 -78.89 17.74
C VAL C 148 15.50 -78.47 18.79
N ARG C 149 16.79 -78.64 18.51
CA ARG C 149 17.81 -78.28 19.47
C ARG C 149 18.20 -76.82 19.38
N GLN C 150 17.65 -76.05 18.44
CA GLN C 150 18.15 -74.71 18.20
C GLN C 150 17.91 -73.79 19.39
N LEU C 151 18.98 -73.16 19.87
CA LEU C 151 18.92 -72.27 21.01
C LEU C 151 18.66 -70.82 20.61
N GLU C 152 19.42 -70.33 19.63
CA GLU C 152 19.27 -68.95 19.22
C GLU C 152 17.96 -68.79 18.48
N PRO C 153 17.25 -67.67 18.66
CA PRO C 153 15.97 -67.50 17.98
C PRO C 153 16.16 -67.49 16.47
N VAL C 154 15.14 -67.95 15.77
CA VAL C 154 15.18 -67.99 14.31
C VAL C 154 14.52 -66.73 13.81
N LEU C 155 15.17 -66.07 12.86
CA LEU C 155 14.67 -64.83 12.29
C LEU C 155 14.22 -65.11 10.86
N ILE C 156 12.94 -64.87 10.60
CA ILE C 156 12.33 -65.16 9.31
C ILE C 156 11.79 -63.84 8.76
N PRO C 157 12.21 -63.41 7.58
CA PRO C 157 11.56 -62.27 6.95
C PRO C 157 10.28 -62.70 6.26
N LEU C 158 9.22 -61.92 6.46
CA LEU C 158 7.90 -62.22 5.94
C LEU C 158 7.53 -61.06 5.04
N PRO C 159 7.82 -61.15 3.75
CA PRO C 159 7.60 -60.02 2.85
C PRO C 159 6.16 -59.93 2.35
N ASP C 160 5.75 -58.70 2.06
CA ASP C 160 4.37 -58.40 1.68
C ASP C 160 4.20 -58.58 0.17
N VAL C 161 4.35 -59.83 -0.26
CA VAL C 161 4.08 -60.19 -1.65
C VAL C 161 2.64 -59.83 -1.99
N ARG C 162 2.45 -59.16 -3.12
CA ARG C 162 1.16 -58.62 -3.50
C ARG C 162 1.22 -58.19 -4.96
N ASN C 163 0.05 -57.85 -5.51
CA ASN C 163 -0.05 -57.37 -6.88
C ASN C 163 -0.66 -55.97 -6.97
N ASN C 164 -0.67 -55.22 -5.87
CA ASN C 164 -1.07 -53.82 -5.91
C ASN C 164 -0.05 -52.99 -5.13
N PHE C 165 -0.22 -51.67 -5.17
CA PHE C 165 0.77 -50.79 -4.57
C PHE C 165 0.74 -50.90 -3.05
N TYR C 166 -0.44 -51.07 -2.47
CA TYR C 166 -0.59 -51.22 -1.02
C TYR C 166 -1.96 -51.82 -0.73
N HIS C 167 -2.21 -52.08 0.55
CA HIS C 167 -3.44 -52.71 1.00
C HIS C 167 -4.32 -51.70 1.73
N TYR C 168 -5.62 -51.80 1.54
CA TYR C 168 -6.59 -51.05 2.34
C TYR C 168 -7.07 -51.93 3.48
N ASN C 169 -7.32 -51.32 4.64
CA ASN C 169 -7.85 -52.07 5.77
C ASN C 169 -9.20 -52.68 5.44
N GLN C 170 -10.07 -51.93 4.78
CA GLN C 170 -11.44 -52.33 4.55
C GLN C 170 -11.63 -53.33 3.42
N SER C 171 -10.56 -53.73 2.73
CA SER C 171 -10.74 -54.63 1.59
C SER C 171 -10.33 -56.07 1.86
N ASN C 172 -9.57 -56.33 2.94
CA ASN C 172 -9.25 -57.68 3.37
C ASN C 172 -8.48 -58.46 2.29
N ASP C 173 -7.58 -57.76 1.60
CA ASP C 173 -6.74 -58.42 0.60
C ASP C 173 -6.03 -59.62 1.21
N PRO C 174 -5.82 -60.69 0.46
CA PRO C 174 -5.08 -61.83 1.00
C PRO C 174 -3.59 -61.55 1.00
N THR C 175 -2.89 -62.13 1.96
CA THR C 175 -1.47 -61.89 2.11
C THR C 175 -0.70 -63.22 2.24
N ILE C 176 0.63 -63.08 2.22
CA ILE C 176 1.52 -64.20 2.46
C ILE C 176 1.22 -64.85 3.81
N LYS C 177 1.41 -66.16 3.90
CA LYS C 177 1.23 -66.92 5.13
C LYS C 177 2.54 -67.57 5.55
N LEU C 178 2.82 -67.53 6.86
CA LEU C 178 3.83 -68.40 7.46
C LEU C 178 3.19 -69.67 8.00
N ILE C 179 3.83 -70.79 7.71
CA ILE C 179 3.35 -72.12 8.10
C ILE C 179 4.46 -72.78 8.90
N ALA C 180 4.09 -73.41 10.01
CA ALA C 180 5.02 -74.21 10.79
C ALA C 180 4.46 -75.62 10.84
N MET C 181 5.24 -76.58 10.35
CA MET C 181 4.83 -77.97 10.22
C MET C 181 5.90 -78.88 10.79
N LEU C 182 5.47 -79.97 11.40
CA LEU C 182 6.42 -80.97 11.89
C LEU C 182 7.02 -81.74 10.72
N TYR C 183 8.33 -81.64 10.55
CA TYR C 183 9.01 -82.28 9.44
C TYR C 183 9.61 -83.63 9.81
N THR C 184 10.18 -83.72 11.01
CA THR C 184 10.69 -84.97 11.56
C THR C 184 10.15 -85.11 12.98
N PRO C 185 9.65 -86.29 13.35
CA PRO C 185 9.07 -86.44 14.69
C PRO C 185 10.10 -86.19 15.77
N LEU C 186 9.62 -85.71 16.91
CA LEU C 186 10.49 -85.39 18.04
C LEU C 186 10.91 -86.66 18.75
N ARG C 187 12.22 -86.82 18.95
CA ARG C 187 12.74 -87.96 19.69
C ARG C 187 13.41 -87.44 20.94
N ALA C 188 12.93 -87.90 22.10
CA ALA C 188 13.47 -87.50 23.39
C ALA C 188 13.01 -88.52 24.42
N ASN C 189 13.87 -88.76 25.41
CA ASN C 189 13.40 -89.43 26.61
C ASN C 189 12.29 -88.60 27.24
N ASN C 190 11.43 -89.27 28.00
CA ASN C 190 10.51 -88.55 28.86
C ASN C 190 11.18 -88.38 30.22
N ALA C 191 10.41 -88.00 31.23
CA ALA C 191 10.96 -87.83 32.57
C ALA C 191 9.91 -88.26 33.59
N GLY C 192 9.85 -89.56 33.85
CA GLY C 192 8.77 -90.09 34.68
C GLY C 192 7.53 -90.30 33.85
N ASP C 193 6.40 -89.80 34.35
CA ASP C 193 5.16 -89.81 33.61
C ASP C 193 4.83 -88.45 33.00
N ASP C 194 5.62 -87.42 33.30
CA ASP C 194 5.60 -86.17 32.56
C ASP C 194 6.29 -86.36 31.21
N VAL C 195 5.60 -86.00 30.13
CA VAL C 195 6.08 -86.25 28.78
C VAL C 195 6.71 -84.98 28.23
N PHE C 196 7.94 -85.11 27.75
CA PHE C 196 8.70 -83.98 27.23
C PHE C 196 8.08 -83.45 25.94
N THR C 197 7.98 -82.12 25.86
CA THR C 197 7.50 -81.42 24.67
C THR C 197 8.32 -80.17 24.46
N VAL C 198 8.45 -79.76 23.20
CA VAL C 198 9.12 -78.51 22.84
C VAL C 198 8.08 -77.43 22.64
N SER C 199 8.04 -76.46 23.53
CA SER C 199 7.16 -75.30 23.40
C SER C 199 7.81 -74.26 22.50
N CYS C 200 7.00 -73.70 21.58
CA CYS C 200 7.47 -72.69 20.65
C CYS C 200 6.64 -71.42 20.77
N ARG C 201 7.30 -70.29 20.58
CA ARG C 201 6.66 -68.98 20.62
C ARG C 201 7.06 -68.19 19.38
N VAL C 202 6.12 -67.42 18.85
CA VAL C 202 6.32 -66.61 17.65
C VAL C 202 6.25 -65.14 18.04
N LEU C 203 7.31 -64.41 17.73
CA LEU C 203 7.42 -62.97 17.96
C LEU C 203 7.51 -62.25 16.61
N THR C 204 7.12 -60.98 16.60
CA THR C 204 7.11 -60.22 15.36
C THR C 204 7.52 -58.78 15.62
N ARG C 205 7.93 -58.11 14.55
CA ARG C 205 8.15 -56.66 14.55
C ARG C 205 8.15 -56.18 13.11
N PRO C 206 7.72 -54.96 12.84
CA PRO C 206 7.64 -54.50 11.45
C PRO C 206 9.03 -54.29 10.85
N SER C 207 9.18 -54.71 9.59
CA SER C 207 10.38 -54.39 8.83
C SER C 207 10.49 -52.89 8.61
N PRO C 208 11.66 -52.39 8.22
CA PRO C 208 11.77 -50.96 7.90
C PRO C 208 10.90 -50.52 6.73
N ASP C 209 10.56 -51.43 5.82
CA ASP C 209 9.73 -51.07 4.68
C ASP C 209 8.24 -51.06 5.00
N PHE C 210 7.85 -51.50 6.19
CA PHE C 210 6.45 -51.43 6.59
C PHE C 210 6.09 -50.01 7.01
N ASP C 211 4.89 -49.58 6.62
CA ASP C 211 4.39 -48.29 7.09
C ASP C 211 2.89 -48.23 6.88
N PHE C 212 2.25 -47.34 7.63
CA PHE C 212 0.84 -47.03 7.44
C PHE C 212 0.77 -45.92 6.41
N ILE C 213 -0.40 -45.72 5.81
CA ILE C 213 -0.50 -44.85 4.64
C ILE C 213 -1.33 -43.59 4.86
N PHE C 214 -2.58 -43.73 5.29
CA PHE C 214 -3.38 -42.50 5.37
C PHE C 214 -4.11 -42.38 6.70
N LEU C 215 -3.84 -41.28 7.41
CA LEU C 215 -4.48 -40.99 8.69
C LEU C 215 -5.96 -40.69 8.51
N VAL C 216 -6.81 -41.42 9.23
CA VAL C 216 -8.26 -41.28 9.15
C VAL C 216 -8.83 -41.29 10.56
N PRO C 217 -10.06 -40.80 10.73
CA PRO C 217 -10.63 -40.72 12.08
C PRO C 217 -10.65 -42.08 12.74
N PRO C 218 -10.12 -42.19 13.95
CA PRO C 218 -9.92 -43.50 14.57
C PRO C 218 -11.21 -44.21 14.92
N THR C 219 -11.16 -45.54 14.85
CA THR C 219 -12.19 -46.49 15.24
C THR C 219 -13.46 -46.42 14.39
N VAL C 220 -13.43 -45.73 13.25
CA VAL C 220 -14.57 -45.73 12.35
C VAL C 220 -14.56 -46.96 11.44
N GLU C 221 -13.42 -47.24 10.83
CA GLU C 221 -13.34 -48.30 9.82
C GLU C 221 -13.61 -49.67 10.45
N SER C 222 -14.68 -50.32 9.96
CA SER C 222 -15.23 -51.49 10.63
C SER C 222 -14.23 -52.62 10.76
N ARG C 223 -13.43 -52.87 9.72
CA ARG C 223 -12.59 -54.07 9.78
C ARG C 223 -11.40 -53.95 10.74
N THR C 224 -11.28 -52.90 11.53
CA THR C 224 -10.18 -52.77 12.49
C THR C 224 -10.65 -52.88 13.93
N LYS C 225 -11.94 -53.06 14.17
CA LYS C 225 -12.43 -53.26 15.53
C LYS C 225 -11.98 -54.60 16.07
N PRO C 226 -11.45 -54.66 17.29
CA PRO C 226 -11.06 -55.95 17.87
C PRO C 226 -12.26 -56.69 18.44
N PHE C 227 -12.17 -58.01 18.39
CA PHE C 227 -13.23 -58.86 18.91
C PHE C 227 -13.13 -58.99 20.43
N THR C 228 -14.29 -58.95 21.08
CA THR C 228 -14.39 -59.11 22.53
C THR C 228 -15.64 -59.91 22.85
N VAL C 229 -15.73 -60.34 24.10
CA VAL C 229 -16.83 -61.16 24.62
C VAL C 229 -17.30 -60.50 25.91
N PRO C 230 -18.61 -60.39 26.14
CA PRO C 230 -19.10 -59.61 27.29
C PRO C 230 -18.52 -60.09 28.62
N ILE C 231 -18.28 -59.13 29.51
CA ILE C 231 -17.75 -59.40 30.85
C ILE C 231 -18.79 -59.98 31.78
N LEU C 232 -20.04 -60.07 31.34
CA LEU C 232 -21.13 -60.50 32.22
C LEU C 232 -20.92 -61.90 32.77
N THR C 233 -21.49 -62.12 33.96
CA THR C 233 -21.53 -63.41 34.60
C THR C 233 -22.73 -64.21 34.06
N VAL C 234 -22.60 -65.55 34.12
CA VAL C 234 -23.69 -66.41 33.68
C VAL C 234 -25.00 -66.04 34.37
N GLU C 235 -24.95 -65.85 35.69
CA GLU C 235 -26.16 -65.46 36.42
C GLU C 235 -26.74 -64.15 35.90
N GLU C 236 -25.89 -63.23 35.45
CA GLU C 236 -26.33 -61.93 34.98
C GLU C 236 -26.82 -61.93 33.54
N MET C 237 -26.71 -63.05 32.83
CA MET C 237 -27.14 -63.08 31.44
C MET C 237 -28.51 -63.76 31.30
N THR C 238 -28.99 -63.81 30.06
CA THR C 238 -30.36 -64.19 29.76
C THR C 238 -30.35 -65.23 28.65
N ASN C 239 -31.25 -66.22 28.76
CA ASN C 239 -31.36 -67.23 27.73
C ASN C 239 -31.95 -66.61 26.46
N SER C 240 -31.50 -67.14 25.32
CA SER C 240 -31.85 -66.58 24.02
C SER C 240 -33.01 -67.32 23.37
N ARG C 241 -33.55 -68.35 24.03
CA ARG C 241 -34.64 -69.15 23.50
C ARG C 241 -35.94 -68.99 24.27
N PHE C 242 -35.90 -68.30 25.42
CA PHE C 242 -37.07 -68.03 26.26
C PHE C 242 -36.71 -66.90 27.21
N PRO C 243 -37.63 -66.00 27.53
CA PRO C 243 -37.28 -64.83 28.34
C PRO C 243 -37.00 -65.14 29.81
N ILE C 244 -35.94 -65.88 30.09
CA ILE C 244 -35.60 -66.25 31.46
C ILE C 244 -34.10 -66.18 31.64
N PRO C 245 -33.65 -65.91 32.87
CA PRO C 245 -32.21 -65.84 33.13
C PRO C 245 -31.54 -67.20 32.94
N LEU C 246 -30.22 -67.14 32.74
CA LEU C 246 -29.40 -68.34 32.70
C LEU C 246 -29.14 -68.84 34.11
N GLU C 247 -28.74 -70.11 34.20
CA GLU C 247 -28.56 -70.73 35.51
C GLU C 247 -27.25 -71.49 35.64
N LYS C 248 -26.91 -72.31 34.64
CA LYS C 248 -25.68 -73.07 34.70
C LYS C 248 -25.16 -73.33 33.29
N LEU C 249 -23.92 -73.78 33.21
CA LEU C 249 -23.33 -74.25 31.96
C LEU C 249 -23.36 -75.77 31.94
N PHE C 250 -23.83 -76.33 30.82
CA PHE C 250 -23.99 -77.76 30.70
C PHE C 250 -23.37 -78.22 29.38
N THR C 251 -22.55 -79.27 29.46
CA THR C 251 -22.05 -79.94 28.27
C THR C 251 -22.53 -81.39 28.29
N GLY C 252 -22.83 -81.92 27.10
CA GLY C 252 -23.19 -83.30 26.97
C GLY C 252 -23.00 -83.82 25.56
N PRO C 253 -23.00 -85.14 25.40
CA PRO C 253 -22.97 -85.71 24.05
C PRO C 253 -24.29 -85.46 23.33
N SER C 254 -24.19 -85.20 22.03
CA SER C 254 -25.32 -84.76 21.22
C SER C 254 -25.52 -85.62 19.99
N GLY C 255 -25.06 -86.87 20.02
CA GLY C 255 -25.18 -87.72 18.83
C GLY C 255 -26.60 -88.13 18.52
N ALA C 256 -27.41 -88.37 19.56
CA ALA C 256 -28.75 -88.93 19.33
C ALA C 256 -29.64 -87.94 18.58
N PHE C 257 -29.71 -86.70 19.06
CA PHE C 257 -30.64 -85.70 18.54
C PHE C 257 -29.90 -84.73 17.60
N VAL C 258 -30.66 -83.82 17.00
CA VAL C 258 -30.13 -82.82 16.07
C VAL C 258 -30.24 -81.44 16.70
N VAL C 259 -29.09 -80.84 17.01
CA VAL C 259 -29.01 -79.54 17.66
C VAL C 259 -29.14 -78.47 16.58
N GLN C 260 -30.33 -77.90 16.44
CA GLN C 260 -30.56 -76.94 15.37
C GLN C 260 -31.51 -75.82 15.80
N PRO C 261 -31.24 -75.12 16.91
CA PRO C 261 -32.15 -74.05 17.32
C PRO C 261 -32.16 -72.93 16.30
N GLN C 262 -33.22 -72.14 16.33
CA GLN C 262 -33.31 -70.99 15.44
C GLN C 262 -33.32 -69.65 16.16
N ASN C 263 -33.38 -69.64 17.48
CA ASN C 263 -33.23 -68.43 18.28
C ASN C 263 -31.88 -68.46 18.97
N GLY C 264 -31.35 -67.27 19.26
CA GLY C 264 -30.00 -67.21 19.78
C GLY C 264 -28.98 -67.79 18.83
N ARG C 265 -29.13 -67.52 17.54
CA ARG C 265 -28.18 -67.94 16.51
C ARG C 265 -27.60 -66.68 15.88
N CYS C 266 -26.32 -66.44 16.14
CA CYS C 266 -25.66 -65.23 15.66
C CYS C 266 -24.19 -65.53 15.47
N THR C 267 -23.63 -64.99 14.40
CA THR C 267 -22.23 -65.19 14.07
C THR C 267 -21.36 -64.20 14.83
N THR C 268 -20.09 -64.58 15.01
CA THR C 268 -19.12 -63.74 15.70
C THR C 268 -19.01 -62.32 15.13
N ASP C 269 -19.11 -62.15 13.81
CA ASP C 269 -19.05 -60.81 13.26
C ASP C 269 -20.42 -60.13 13.17
N GLY C 270 -21.43 -60.68 13.84
CA GLY C 270 -22.67 -59.95 14.09
C GLY C 270 -23.79 -60.10 13.07
N VAL C 271 -23.80 -61.19 12.30
CA VAL C 271 -24.90 -61.49 11.39
C VAL C 271 -25.91 -62.39 12.11
N LEU C 272 -27.14 -61.92 12.23
CA LEU C 272 -28.18 -62.74 12.83
C LEU C 272 -28.61 -63.85 11.87
N LEU C 273 -29.00 -64.98 12.45
CA LEU C 273 -29.37 -66.16 11.69
C LEU C 273 -30.69 -66.73 12.20
N GLY C 274 -31.35 -67.49 11.35
CA GLY C 274 -32.60 -68.16 11.74
C GLY C 274 -33.66 -67.14 12.10
N THR C 275 -34.32 -67.37 13.23
CA THR C 275 -35.38 -66.48 13.72
C THR C 275 -34.88 -65.54 14.82
N THR C 276 -33.58 -65.28 14.86
CA THR C 276 -32.98 -64.56 15.97
C THR C 276 -33.19 -63.06 15.83
N GLN C 277 -33.53 -62.40 16.93
CA GLN C 277 -33.72 -60.96 17.01
C GLN C 277 -33.06 -60.47 18.29
N LEU C 278 -33.09 -59.15 18.51
CA LEU C 278 -32.25 -58.56 19.53
C LEU C 278 -32.94 -58.40 20.89
N SER C 279 -34.26 -58.24 20.92
CA SER C 279 -34.94 -57.94 22.17
C SER C 279 -35.03 -59.21 23.01
N PRO C 280 -34.53 -59.21 24.26
CA PRO C 280 -34.61 -60.42 25.08
C PRO C 280 -35.99 -60.69 25.67
N VAL C 281 -36.93 -59.75 25.55
CA VAL C 281 -38.27 -59.93 26.10
C VAL C 281 -39.26 -60.38 25.04
N ASN C 282 -38.99 -60.12 23.76
CA ASN C 282 -39.81 -60.54 22.63
C ASN C 282 -39.43 -61.91 22.09
N ILE C 283 -38.88 -62.78 22.93
CA ILE C 283 -38.29 -64.02 22.41
C ILE C 283 -39.35 -65.08 22.16
N CYS C 284 -40.29 -65.28 23.08
CA CYS C 284 -41.39 -66.19 22.75
C CYS C 284 -42.74 -65.49 22.74
N THR C 285 -42.82 -64.32 22.12
CA THR C 285 -44.04 -63.54 22.10
C THR C 285 -44.71 -63.59 20.73
N PHE C 286 -45.99 -63.26 20.71
CA PHE C 286 -46.76 -63.10 19.48
C PHE C 286 -47.56 -61.82 19.55
N ARG C 287 -47.68 -61.13 18.42
CA ARG C 287 -48.48 -59.92 18.32
C ARG C 287 -49.32 -59.96 17.07
N GLY C 288 -50.58 -59.58 17.19
CA GLY C 288 -51.44 -59.50 16.02
C GLY C 288 -52.89 -59.31 16.41
N ASP C 289 -53.76 -59.52 15.42
CA ASP C 289 -55.20 -59.44 15.56
C ASP C 289 -55.77 -60.84 15.77
N VAL C 290 -56.84 -60.93 16.57
CA VAL C 290 -57.32 -62.22 17.06
C VAL C 290 -58.76 -62.42 16.64
N THR C 291 -59.13 -63.69 16.43
CA THR C 291 -60.42 -64.08 15.90
C THR C 291 -60.92 -65.32 16.66
N HIS C 292 -62.19 -65.30 17.04
CA HIS C 292 -62.78 -66.44 17.76
C HIS C 292 -63.06 -67.60 16.81
N ILE C 293 -62.88 -68.81 17.32
CA ILE C 293 -63.24 -70.04 16.61
C ILE C 293 -64.53 -70.56 17.23
N ALA C 294 -65.58 -70.66 16.41
CA ALA C 294 -66.93 -70.84 16.92
C ALA C 294 -67.06 -72.14 17.71
N GLY C 295 -67.66 -72.04 18.90
CA GLY C 295 -68.00 -73.19 19.70
C GLY C 295 -66.89 -73.69 20.61
N THR C 296 -65.72 -73.09 20.57
CA THR C 296 -64.56 -73.54 21.33
C THR C 296 -64.06 -72.39 22.20
N HIS C 297 -63.06 -72.69 23.02
CA HIS C 297 -62.32 -71.67 23.75
C HIS C 297 -61.03 -71.28 23.04
N ASP C 298 -60.94 -71.57 21.74
CA ASP C 298 -59.76 -71.33 20.95
C ASP C 298 -59.88 -70.03 20.16
N TYR C 299 -58.75 -69.38 19.94
CA TYR C 299 -58.67 -68.19 19.11
C TYR C 299 -57.54 -68.34 18.09
N THR C 300 -57.74 -67.73 16.92
CA THR C 300 -56.73 -67.67 15.87
C THR C 300 -56.19 -66.26 15.79
N MET C 301 -54.85 -66.14 15.81
CA MET C 301 -54.17 -64.85 15.75
C MET C 301 -53.51 -64.70 14.39
N ASN C 302 -53.87 -63.65 13.67
CA ASN C 302 -53.17 -63.26 12.46
C ASN C 302 -52.05 -62.30 12.85
N LEU C 303 -50.82 -62.68 12.55
CA LEU C 303 -49.67 -62.09 13.21
C LEU C 303 -49.24 -60.79 12.54
N ALA C 304 -48.50 -60.00 13.32
CA ALA C 304 -47.69 -58.90 12.86
C ALA C 304 -46.22 -59.24 13.15
N SER C 305 -45.33 -58.27 12.93
CA SER C 305 -43.97 -58.43 13.41
C SER C 305 -43.89 -58.07 14.89
N GLN C 306 -42.70 -58.19 15.47
CA GLN C 306 -42.51 -57.72 16.85
C GLN C 306 -42.66 -56.21 16.99
N ASN C 307 -42.63 -55.46 15.89
CA ASN C 307 -42.74 -54.01 15.93
C ASN C 307 -44.12 -53.52 15.51
N TRP C 308 -45.10 -54.43 15.38
CA TRP C 308 -46.48 -54.13 15.04
C TRP C 308 -46.65 -53.75 13.56
N ASN C 309 -45.77 -54.24 12.70
CA ASN C 309 -45.87 -53.97 11.27
C ASN C 309 -46.52 -55.17 10.58
N ASN C 310 -46.84 -55.00 9.30
CA ASN C 310 -47.33 -56.13 8.52
C ASN C 310 -46.29 -57.24 8.49
N TYR C 311 -46.77 -58.48 8.48
CA TYR C 311 -45.89 -59.64 8.38
C TYR C 311 -45.82 -60.09 6.92
N ASP C 312 -44.60 -60.30 6.44
CA ASP C 312 -44.37 -60.68 5.05
C ASP C 312 -43.93 -62.13 5.01
N PRO C 313 -44.75 -63.06 4.50
CA PRO C 313 -44.33 -64.46 4.47
C PRO C 313 -43.27 -64.77 3.41
N THR C 314 -42.89 -63.79 2.58
CA THR C 314 -41.92 -64.00 1.52
C THR C 314 -40.51 -63.75 2.02
N GLU C 315 -40.35 -63.40 3.30
CA GLU C 315 -39.04 -63.08 3.84
C GLU C 315 -38.20 -64.35 3.90
N GLU C 316 -36.88 -64.17 3.80
CA GLU C 316 -35.96 -65.31 3.80
C GLU C 316 -35.66 -65.71 5.26
N ILE C 317 -36.75 -66.01 5.98
CA ILE C 317 -36.69 -66.36 7.40
C ILE C 317 -37.57 -67.59 7.60
N PRO C 318 -37.27 -68.48 8.55
CA PRO C 318 -38.15 -69.64 8.76
C PRO C 318 -39.55 -69.25 9.24
N ALA C 319 -39.66 -68.14 9.97
CA ALA C 319 -40.89 -67.70 10.61
C ALA C 319 -40.65 -66.27 11.12
N PRO C 320 -41.67 -65.57 11.62
CA PRO C 320 -41.42 -64.25 12.20
C PRO C 320 -40.42 -64.33 13.33
N LEU C 321 -39.62 -63.28 13.48
CA LEU C 321 -38.53 -63.30 14.45
C LEU C 321 -39.10 -63.44 15.85
N GLY C 322 -38.52 -64.37 16.62
CA GLY C 322 -39.03 -64.70 17.93
C GLY C 322 -40.01 -65.85 17.96
N THR C 323 -40.26 -66.50 16.83
CA THR C 323 -41.11 -67.67 16.85
C THR C 323 -40.43 -68.78 17.63
N PRO C 324 -41.12 -69.43 18.57
CA PRO C 324 -40.49 -70.51 19.34
C PRO C 324 -39.87 -71.56 18.44
N ASP C 325 -38.75 -72.12 18.89
CA ASP C 325 -37.95 -73.04 18.09
C ASP C 325 -37.92 -74.44 18.69
N PHE C 326 -39.00 -74.81 19.40
CA PHE C 326 -39.11 -76.14 19.97
C PHE C 326 -40.58 -76.56 19.95
N VAL C 327 -40.79 -77.87 20.09
CA VAL C 327 -42.13 -78.43 20.14
C VAL C 327 -42.56 -78.54 21.59
N GLY C 328 -43.70 -77.95 21.91
CA GLY C 328 -44.22 -77.96 23.26
C GLY C 328 -45.40 -77.04 23.37
N LYS C 329 -46.01 -77.04 24.54
CA LYS C 329 -47.14 -76.16 24.84
C LYS C 329 -46.67 -75.07 25.80
N ILE C 330 -46.67 -73.83 25.32
CA ILE C 330 -46.22 -72.68 26.09
C ILE C 330 -47.45 -71.95 26.60
N GLN C 331 -47.57 -71.82 27.92
CA GLN C 331 -48.68 -71.11 28.53
C GLN C 331 -48.26 -69.68 28.86
N GLY C 332 -49.15 -68.74 28.60
CA GLY C 332 -48.91 -67.35 28.94
C GLY C 332 -50.20 -66.58 29.10
N VAL C 333 -50.23 -65.33 28.63
CA VAL C 333 -51.39 -64.46 28.80
C VAL C 333 -51.58 -63.65 27.53
N LEU C 334 -52.80 -63.66 27.00
CA LEU C 334 -53.18 -62.77 25.90
C LEU C 334 -53.65 -61.45 26.48
N THR C 335 -53.18 -60.35 25.89
CA THR C 335 -53.46 -59.00 26.37
C THR C 335 -54.01 -58.18 25.21
N GLN C 336 -54.99 -57.34 25.49
CA GLN C 336 -55.66 -56.59 24.44
C GLN C 336 -56.07 -55.22 24.98
N THR C 337 -56.02 -54.22 24.11
CA THR C 337 -56.37 -52.85 24.48
C THR C 337 -57.20 -52.21 23.39
N THR C 338 -58.32 -51.60 23.78
CA THR C 338 -59.21 -50.91 22.84
C THR C 338 -58.81 -49.43 22.77
N ARG C 339 -58.59 -48.94 21.54
CA ARG C 339 -58.13 -47.57 21.36
C ARG C 339 -59.19 -46.55 21.76
N GLY C 340 -60.47 -46.86 21.58
CA GLY C 340 -61.52 -45.88 21.80
C GLY C 340 -61.68 -45.46 23.26
N ASP C 341 -61.73 -46.43 24.16
CA ASP C 341 -61.95 -46.14 25.57
C ASP C 341 -60.76 -46.46 26.47
N GLY C 342 -59.74 -47.16 25.97
CA GLY C 342 -58.67 -47.61 26.83
C GLY C 342 -59.01 -48.85 27.62
N SER C 343 -60.04 -49.58 27.21
CA SER C 343 -60.40 -50.83 27.85
C SER C 343 -59.31 -51.88 27.63
N THR C 344 -59.04 -52.67 28.67
CA THR C 344 -58.00 -53.68 28.64
C THR C 344 -58.55 -54.99 29.16
N ARG C 345 -58.13 -56.08 28.52
CA ARG C 345 -58.53 -57.43 28.88
C ARG C 345 -57.32 -58.35 28.88
N GLY C 346 -57.28 -59.29 29.82
CA GLY C 346 -56.19 -60.24 29.92
C GLY C 346 -56.63 -61.64 30.27
N HIS C 347 -56.20 -62.63 29.48
CA HIS C 347 -56.71 -63.99 29.61
C HIS C 347 -55.58 -65.00 29.52
N LYS C 348 -55.56 -65.92 30.48
CA LYS C 348 -54.72 -67.11 30.41
C LYS C 348 -54.86 -67.80 29.06
N ALA C 349 -53.73 -68.14 28.44
CA ALA C 349 -53.75 -68.74 27.11
C ALA C 349 -52.56 -69.69 26.97
N THR C 350 -52.64 -70.56 25.97
CA THR C 350 -51.65 -71.61 25.76
C THR C 350 -51.47 -71.83 24.26
N VAL C 351 -50.21 -71.96 23.85
CA VAL C 351 -49.84 -72.24 22.46
C VAL C 351 -49.23 -73.63 22.39
N SER C 352 -49.69 -74.43 21.45
CA SER C 352 -49.06 -75.70 21.13
C SER C 352 -48.28 -75.52 19.82
N THR C 353 -46.95 -75.62 19.91
CA THR C 353 -46.12 -75.47 18.71
C THR C 353 -46.06 -76.72 17.85
N GLY C 354 -46.62 -77.83 18.32
CA GLY C 354 -46.64 -79.06 17.54
C GLY C 354 -47.98 -79.28 16.88
N SER C 355 -48.97 -78.47 17.24
CA SER C 355 -50.28 -78.51 16.61
C SER C 355 -50.20 -78.18 15.12
N VAL C 356 -51.10 -78.78 14.36
CA VAL C 356 -51.16 -78.53 12.92
C VAL C 356 -51.62 -77.10 12.63
N HIS C 357 -52.19 -76.41 13.62
CA HIS C 357 -52.65 -75.04 13.46
C HIS C 357 -51.60 -74.02 13.90
N PHE C 358 -50.41 -74.47 14.24
CA PHE C 358 -49.27 -73.61 14.52
C PHE C 358 -48.54 -73.39 13.20
N THR C 359 -48.92 -72.32 12.49
CA THR C 359 -48.36 -72.00 11.19
C THR C 359 -47.91 -70.54 11.15
N PRO C 360 -46.87 -70.19 11.92
CA PRO C 360 -46.48 -68.77 11.98
C PRO C 360 -45.80 -68.28 10.71
N LYS C 361 -45.16 -69.17 9.96
CA LYS C 361 -44.58 -68.77 8.69
C LYS C 361 -45.65 -68.27 7.73
N LEU C 362 -46.86 -68.81 7.84
CA LEU C 362 -47.98 -68.39 7.01
C LEU C 362 -48.72 -67.19 7.60
N GLY C 363 -48.56 -66.93 8.89
CA GLY C 363 -49.07 -65.72 9.49
C GLY C 363 -50.11 -65.97 10.57
N SER C 364 -50.33 -67.23 10.93
CA SER C 364 -51.43 -67.60 11.81
C SER C 364 -50.93 -68.51 12.91
N VAL C 365 -51.41 -68.28 14.13
CA VAL C 365 -51.16 -69.14 15.28
C VAL C 365 -52.48 -69.33 16.01
N GLN C 366 -52.62 -70.45 16.72
CA GLN C 366 -53.84 -70.76 17.43
C GLN C 366 -53.53 -70.84 18.93
N PHE C 367 -54.33 -70.13 19.72
CA PHE C 367 -54.24 -70.16 21.17
C PHE C 367 -55.46 -70.86 21.75
N THR C 368 -55.26 -71.47 22.91
CA THR C 368 -56.36 -72.03 23.69
C THR C 368 -56.50 -71.19 24.95
N THR C 369 -57.65 -70.55 25.13
CA THR C 369 -57.83 -69.52 26.13
C THR C 369 -58.82 -69.99 27.20
N ASP C 370 -59.05 -69.12 28.19
CA ASP C 370 -60.02 -69.35 29.25
C ASP C 370 -61.32 -68.59 29.05
N THR C 371 -61.58 -68.08 27.84
CA THR C 371 -62.84 -67.38 27.57
C THR C 371 -63.32 -67.70 26.17
N ASN C 372 -64.64 -67.64 25.98
CA ASN C 372 -65.28 -67.77 24.68
C ASN C 372 -65.91 -66.47 24.19
N ASN C 373 -65.83 -65.39 24.95
CA ASN C 373 -66.55 -64.16 24.64
C ASN C 373 -65.70 -62.89 24.64
N ASP C 374 -64.57 -62.86 25.34
CA ASP C 374 -63.97 -61.62 25.84
C ASP C 374 -62.70 -61.21 25.09
N LEU C 375 -62.58 -61.52 23.81
CA LEU C 375 -61.44 -61.05 23.02
C LEU C 375 -61.94 -60.42 21.73
N GLU C 376 -61.86 -59.09 21.69
CA GLU C 376 -62.43 -58.27 20.63
C GLU C 376 -61.64 -58.45 19.33
N THR C 377 -62.29 -58.14 18.22
CA THR C 377 -61.69 -58.22 16.91
C THR C 377 -61.00 -56.89 16.58
N GLY C 378 -60.17 -56.91 15.53
CA GLY C 378 -59.44 -55.73 15.08
C GLY C 378 -58.52 -55.04 16.07
N GLN C 379 -58.47 -55.53 17.32
CA GLN C 379 -57.64 -54.92 18.34
C GLN C 379 -56.30 -55.62 18.43
N ASN C 380 -55.28 -54.87 18.82
CA ASN C 380 -53.93 -55.42 18.96
C ASN C 380 -53.86 -56.33 20.18
N THR C 381 -53.24 -57.50 20.01
CA THR C 381 -53.21 -58.52 21.04
C THR C 381 -51.80 -59.09 21.16
N LYS C 382 -51.33 -59.23 22.40
CA LYS C 382 -49.97 -59.64 22.69
C LYS C 382 -49.99 -60.89 23.58
N PHE C 383 -49.26 -61.92 23.16
CA PHE C 383 -49.04 -63.10 24.00
C PHE C 383 -47.74 -62.93 24.78
N THR C 384 -47.85 -62.82 26.10
CA THR C 384 -46.69 -62.77 26.97
C THR C 384 -46.43 -64.17 27.50
N PRO C 385 -45.32 -64.81 27.15
CA PRO C 385 -45.07 -66.18 27.62
C PRO C 385 -44.65 -66.20 29.08
N VAL C 386 -44.91 -67.33 29.72
CA VAL C 386 -44.58 -67.51 31.13
C VAL C 386 -43.86 -68.83 31.34
N GLY C 387 -44.37 -69.90 30.73
CA GLY C 387 -43.80 -71.20 30.97
C GLY C 387 -44.35 -72.25 30.05
N VAL C 388 -43.97 -73.50 30.33
CA VAL C 388 -44.37 -74.67 29.55
C VAL C 388 -45.24 -75.57 30.42
N VAL C 389 -46.07 -76.37 29.76
CA VAL C 389 -47.08 -77.18 30.42
C VAL C 389 -47.00 -78.60 29.86
N GLN C 390 -47.56 -79.54 30.61
CA GLN C 390 -47.48 -80.96 30.28
C GLN C 390 -48.80 -81.65 30.54
N ASP C 391 -49.21 -82.49 29.59
CA ASP C 391 -50.39 -83.34 29.76
C ASP C 391 -50.01 -84.52 30.64
N GLY C 392 -50.58 -84.58 31.85
CA GLY C 392 -50.11 -85.50 32.87
C GLY C 392 -50.41 -86.97 32.59
N ASN C 393 -51.30 -87.26 31.64
CA ASN C 393 -51.69 -88.64 31.36
C ASN C 393 -50.67 -89.39 30.51
N SER C 394 -49.79 -88.68 29.81
CA SER C 394 -48.74 -89.31 29.04
C SER C 394 -47.47 -89.45 29.89
N ALA C 395 -46.41 -89.97 29.27
CA ALA C 395 -45.17 -90.23 29.99
C ALA C 395 -44.61 -88.94 30.55
N HIS C 396 -44.12 -89.00 31.79
CA HIS C 396 -43.58 -87.81 32.45
C HIS C 396 -42.31 -87.33 31.76
N GLN C 397 -42.22 -86.02 31.56
CA GLN C 397 -41.07 -85.36 30.91
C GLN C 397 -40.99 -85.73 29.43
N ASN C 398 -42.12 -85.73 28.73
CA ASN C 398 -42.15 -86.19 27.35
C ASN C 398 -42.62 -85.14 26.35
N GLU C 399 -43.27 -84.06 26.79
CA GLU C 399 -43.95 -83.19 25.84
C GLU C 399 -43.07 -82.08 25.29
N PRO C 400 -42.37 -81.28 26.13
CA PRO C 400 -41.52 -80.22 25.55
C PRO C 400 -40.18 -80.75 25.08
N GLN C 401 -40.06 -80.96 23.76
CA GLN C 401 -38.85 -81.49 23.14
C GLN C 401 -38.02 -80.34 22.59
N GLN C 402 -37.00 -79.91 23.34
CA GLN C 402 -36.32 -78.66 23.00
C GLN C 402 -35.60 -78.76 21.66
N TRP C 403 -35.18 -79.96 21.25
CA TRP C 403 -34.38 -80.12 20.05
C TRP C 403 -35.21 -80.59 18.85
N VAL C 404 -36.53 -80.45 18.91
CA VAL C 404 -37.39 -80.76 17.78
C VAL C 404 -37.96 -79.45 17.27
N LEU C 405 -37.68 -79.15 16.01
CA LEU C 405 -38.17 -77.90 15.43
C LEU C 405 -39.66 -78.02 15.11
N PRO C 406 -40.45 -76.99 15.39
CA PRO C 406 -41.82 -76.95 14.88
C PRO C 406 -41.84 -76.90 13.36
N ASN C 407 -43.00 -77.20 12.80
CA ASN C 407 -43.22 -77.04 11.36
C ASN C 407 -43.85 -75.68 11.14
N TYR C 408 -43.04 -74.72 10.70
CA TYR C 408 -43.45 -73.33 10.73
C TYR C 408 -44.61 -73.07 9.77
N SER C 409 -44.68 -73.85 8.70
CA SER C 409 -45.87 -73.98 7.87
C SER C 409 -46.32 -75.43 8.03
N GLY C 410 -47.44 -75.65 8.70
CA GLY C 410 -47.75 -76.94 9.28
C GLY C 410 -47.63 -78.14 8.35
N ARG C 411 -48.44 -78.16 7.29
CA ARG C 411 -48.44 -79.26 6.34
C ARG C 411 -48.42 -78.80 4.89
N THR C 412 -48.33 -77.49 4.65
CA THR C 412 -48.28 -76.96 3.29
C THR C 412 -46.88 -77.03 2.70
N GLY C 413 -45.91 -77.56 3.43
CA GLY C 413 -44.56 -77.69 2.93
C GLY C 413 -43.60 -78.07 4.03
N HIS C 414 -42.36 -77.60 3.91
CA HIS C 414 -41.31 -77.88 4.86
C HIS C 414 -40.73 -76.57 5.40
N ASN C 415 -40.00 -76.70 6.51
CA ASN C 415 -39.31 -75.54 7.09
C ASN C 415 -38.30 -75.01 6.08
N VAL C 416 -38.14 -73.68 6.04
CA VAL C 416 -37.30 -73.04 5.04
C VAL C 416 -36.31 -72.12 5.74
N HIS C 417 -35.24 -71.79 5.03
CA HIS C 417 -34.21 -70.84 5.46
C HIS C 417 -33.75 -71.09 6.89
N LEU C 418 -33.49 -72.35 7.21
CA LEU C 418 -33.10 -72.70 8.57
C LEU C 418 -31.65 -72.33 8.83
N ALA C 419 -31.35 -72.00 10.07
CA ALA C 419 -29.97 -71.89 10.50
C ALA C 419 -29.34 -73.28 10.55
N PRO C 420 -28.04 -73.38 10.26
CA PRO C 420 -27.42 -74.70 10.14
C PRO C 420 -27.50 -75.47 11.45
N ALA C 421 -27.41 -76.80 11.33
CA ALA C 421 -27.28 -77.61 12.54
C ALA C 421 -25.86 -77.50 13.07
N VAL C 422 -25.69 -77.93 14.32
CA VAL C 422 -24.47 -77.66 15.07
C VAL C 422 -24.03 -78.94 15.76
N ALA C 423 -22.77 -79.31 15.56
CA ALA C 423 -22.22 -80.51 16.17
C ALA C 423 -20.71 -80.34 16.29
N PRO C 424 -20.10 -80.93 17.31
CA PRO C 424 -18.63 -80.93 17.39
C PRO C 424 -18.03 -81.79 16.29
N THR C 425 -16.89 -81.33 15.78
CA THR C 425 -16.14 -82.08 14.78
C THR C 425 -14.81 -82.61 15.29
N PHE C 426 -14.32 -82.11 16.40
CA PHE C 426 -13.02 -82.46 16.92
C PHE C 426 -13.15 -83.57 17.96
N PRO C 427 -12.40 -84.65 17.83
CA PRO C 427 -12.51 -85.76 18.79
C PRO C 427 -12.27 -85.30 20.22
N GLY C 428 -13.15 -85.73 21.12
CA GLY C 428 -13.05 -85.39 22.52
C GLY C 428 -13.83 -84.15 22.92
N GLU C 429 -14.50 -83.50 21.98
CA GLU C 429 -15.16 -82.23 22.22
C GLU C 429 -16.67 -82.42 22.22
N GLN C 430 -17.35 -81.68 23.09
CA GLN C 430 -18.81 -81.62 23.10
C GLN C 430 -19.25 -80.17 23.08
N LEU C 431 -20.48 -79.95 22.60
CA LEU C 431 -21.07 -78.63 22.68
C LEU C 431 -21.12 -78.15 24.13
N LEU C 432 -21.00 -76.84 24.30
CA LEU C 432 -21.22 -76.21 25.60
C LEU C 432 -22.49 -75.38 25.51
N PHE C 433 -23.45 -75.69 26.37
CA PHE C 433 -24.77 -75.09 26.34
C PHE C 433 -24.92 -74.12 27.51
N PHE C 434 -25.65 -73.03 27.26
CA PHE C 434 -26.06 -72.12 28.33
C PHE C 434 -27.48 -72.54 28.72
N ARG C 435 -27.61 -73.09 29.94
CA ARG C 435 -28.81 -73.79 30.36
C ARG C 435 -29.59 -72.96 31.37
N SER C 436 -30.91 -72.91 31.19
CA SER C 436 -31.82 -72.39 32.20
C SER C 436 -32.98 -73.35 32.40
N THR C 437 -33.81 -73.03 33.39
CA THR C 437 -34.98 -73.83 33.74
C THR C 437 -36.22 -73.04 33.38
N MET C 438 -36.96 -73.52 32.38
CA MET C 438 -38.25 -72.91 32.06
C MET C 438 -39.24 -73.15 33.19
N PRO C 439 -40.03 -72.14 33.55
CA PRO C 439 -41.10 -72.38 34.53
C PRO C 439 -42.12 -73.37 33.98
N GLY C 440 -42.57 -74.26 34.85
CA GLY C 440 -43.71 -75.13 34.55
C GLY C 440 -44.99 -74.61 35.15
N CYS C 441 -46.06 -74.64 34.36
CA CYS C 441 -47.35 -74.07 34.76
C CYS C 441 -48.34 -75.11 35.23
N SER C 442 -48.17 -76.36 34.80
CA SER C 442 -49.08 -77.47 35.09
C SER C 442 -48.47 -78.74 34.50
N GLY C 443 -48.67 -79.87 35.17
CA GLY C 443 -48.18 -81.13 34.62
C GLY C 443 -46.81 -81.50 35.16
N TYR C 444 -46.11 -82.32 34.37
CA TYR C 444 -44.75 -82.77 34.67
C TYR C 444 -43.87 -82.58 33.44
N PRO C 445 -43.58 -81.32 33.07
CA PRO C 445 -42.85 -81.08 31.82
C PRO C 445 -41.34 -81.05 32.01
N ASN C 446 -40.64 -81.31 30.91
CA ASN C 446 -39.19 -81.22 30.87
C ASN C 446 -38.81 -79.75 30.78
N MET C 447 -38.30 -79.18 31.87
CA MET C 447 -38.07 -77.75 31.98
C MET C 447 -36.67 -77.32 31.57
N ASN C 448 -35.84 -78.23 31.06
CA ASN C 448 -34.50 -77.88 30.62
C ASN C 448 -34.54 -77.12 29.30
N LEU C 449 -33.88 -75.96 29.24
CA LEU C 449 -33.72 -75.20 28.01
C LEU C 449 -32.26 -74.83 27.81
N ASP C 450 -31.64 -75.35 26.76
CA ASP C 450 -30.26 -75.05 26.41
C ASP C 450 -30.25 -74.13 25.19
N CYS C 451 -29.48 -73.06 25.26
CA CYS C 451 -29.20 -72.23 24.09
C CYS C 451 -27.71 -72.22 23.78
N LEU C 452 -27.40 -71.91 22.52
CA LEU C 452 -26.01 -71.94 22.06
C LEU C 452 -25.24 -70.68 22.44
N LEU C 453 -25.93 -69.54 22.55
CA LEU C 453 -25.32 -68.28 22.91
C LEU C 453 -26.26 -67.52 23.83
N PRO C 454 -25.74 -66.90 24.89
CA PRO C 454 -26.57 -65.99 25.68
C PRO C 454 -27.07 -64.84 24.82
N GLN C 455 -28.25 -64.33 25.16
CA GLN C 455 -28.83 -63.24 24.39
C GLN C 455 -27.93 -62.00 24.45
N GLU C 456 -27.27 -61.78 25.59
CA GLU C 456 -26.35 -60.66 25.71
C GLU C 456 -25.14 -60.80 24.79
N TRP C 457 -24.68 -62.03 24.55
CA TRP C 457 -23.63 -62.23 23.56
C TRP C 457 -24.12 -61.91 22.16
N VAL C 458 -25.37 -62.28 21.84
CA VAL C 458 -25.95 -61.93 20.55
C VAL C 458 -25.96 -60.43 20.37
N LEU C 459 -26.47 -59.70 21.37
CA LEU C 459 -26.47 -58.24 21.34
C LEU C 459 -25.06 -57.71 21.13
N HIS C 460 -24.10 -58.25 21.87
CA HIS C 460 -22.73 -57.75 21.79
C HIS C 460 -22.15 -57.96 20.40
N PHE C 461 -22.27 -59.19 19.87
CA PHE C 461 -21.74 -59.48 18.54
C PHE C 461 -22.39 -58.59 17.48
N TYR C 462 -23.70 -58.37 17.60
CA TYR C 462 -24.43 -57.59 16.60
C TYR C 462 -23.91 -56.15 16.56
N GLN C 463 -23.77 -55.52 17.72
CA GLN C 463 -23.39 -54.11 17.75
C GLN C 463 -21.93 -53.93 17.37
N GLU C 464 -21.05 -54.73 17.97
CA GLU C 464 -19.61 -54.64 17.71
C GLU C 464 -19.32 -55.65 16.61
N ALA C 465 -19.26 -55.19 15.37
CA ALA C 465 -19.21 -56.09 14.21
C ALA C 465 -17.77 -56.48 13.91
N ALA C 466 -17.13 -57.07 14.91
CA ALA C 466 -15.70 -57.35 14.83
C ALA C 466 -15.42 -58.46 13.82
N PRO C 467 -14.55 -58.24 12.85
CA PRO C 467 -14.21 -59.30 11.90
C PRO C 467 -13.58 -60.50 12.57
N ALA C 468 -14.00 -61.69 12.17
CA ALA C 468 -13.40 -62.92 12.66
C ALA C 468 -12.09 -63.15 11.92
N GLN C 469 -11.01 -63.34 12.67
CA GLN C 469 -9.70 -63.59 12.07
C GLN C 469 -9.49 -65.05 11.69
N SER C 470 -10.32 -65.96 12.18
CA SER C 470 -10.23 -67.37 11.81
C SER C 470 -11.56 -68.03 12.16
N ASP C 471 -11.58 -69.37 12.09
CA ASP C 471 -12.81 -70.11 12.35
C ASP C 471 -13.12 -70.29 13.83
N VAL C 472 -12.16 -70.01 14.72
CA VAL C 472 -12.32 -70.31 16.14
C VAL C 472 -11.77 -69.15 16.96
N ALA C 473 -12.55 -68.68 17.92
CA ALA C 473 -12.10 -67.74 18.93
C ALA C 473 -11.86 -68.49 20.23
N LEU C 474 -10.63 -68.45 20.72
CA LEU C 474 -10.29 -69.12 21.97
C LEU C 474 -10.76 -68.27 23.16
N LEU C 475 -11.59 -68.86 24.01
CA LEU C 475 -12.06 -68.21 25.24
C LEU C 475 -11.52 -68.95 26.45
N ARG C 476 -11.20 -68.19 27.50
CA ARG C 476 -10.82 -68.74 28.79
C ARG C 476 -11.80 -68.27 29.85
N PHE C 477 -12.17 -69.17 30.75
CA PHE C 477 -13.10 -68.85 31.83
C PHE C 477 -12.29 -68.57 33.09
N VAL C 478 -12.51 -67.40 33.68
CA VAL C 478 -11.63 -66.87 34.71
C VAL C 478 -12.44 -66.63 35.98
N ASN C 479 -11.83 -66.94 37.13
CA ASN C 479 -12.35 -66.52 38.41
C ASN C 479 -11.69 -65.20 38.77
N PRO C 480 -12.42 -64.08 38.79
CA PRO C 480 -11.75 -62.78 38.93
C PRO C 480 -11.14 -62.56 40.30
N ASP C 481 -11.62 -63.24 41.33
CA ASP C 481 -11.01 -63.10 42.66
C ASP C 481 -9.61 -63.69 42.69
N THR C 482 -9.46 -64.93 42.23
CA THR C 482 -8.18 -65.62 42.30
C THR C 482 -7.34 -65.46 41.05
N GLY C 483 -7.92 -64.98 39.94
CA GLY C 483 -7.22 -64.89 38.68
C GLY C 483 -7.06 -66.20 37.93
N ARG C 484 -7.58 -67.31 38.45
CA ARG C 484 -7.26 -68.62 37.90
C ARG C 484 -8.17 -68.94 36.71
N VAL C 485 -7.60 -69.65 35.74
CA VAL C 485 -8.37 -70.17 34.62
C VAL C 485 -8.92 -71.54 34.99
N LEU C 486 -10.23 -71.72 34.82
CA LEU C 486 -10.87 -73.00 35.13
C LEU C 486 -10.95 -73.91 33.92
N PHE C 487 -11.32 -73.37 32.77
CA PHE C 487 -11.28 -74.13 31.53
C PHE C 487 -11.16 -73.16 30.38
N GLU C 488 -10.82 -73.70 29.22
CA GLU C 488 -10.83 -72.97 27.97
C GLU C 488 -11.81 -73.64 27.02
N CYS C 489 -12.36 -72.85 26.10
CA CYS C 489 -13.33 -73.35 25.16
C CYS C 489 -13.14 -72.65 23.83
N LYS C 490 -13.72 -73.24 22.79
CA LYS C 490 -13.59 -72.73 21.43
C LYS C 490 -14.92 -72.12 21.03
N LEU C 491 -14.92 -70.82 20.77
CA LEU C 491 -16.09 -70.15 20.21
C LEU C 491 -15.92 -70.09 18.70
N HIS C 492 -16.74 -70.84 17.99
CA HIS C 492 -16.64 -70.93 16.54
C HIS C 492 -17.23 -69.68 15.93
N LYS C 493 -16.76 -69.35 14.72
CA LYS C 493 -17.26 -68.15 14.06
C LYS C 493 -18.79 -68.21 13.96
N SER C 494 -19.33 -69.40 13.68
CA SER C 494 -20.77 -69.62 13.74
C SER C 494 -21.26 -69.43 15.17
N GLY C 495 -22.57 -69.48 15.36
CA GLY C 495 -23.07 -69.23 16.70
C GLY C 495 -22.97 -70.32 17.76
N TYR C 496 -21.80 -70.88 18.04
CA TYR C 496 -21.78 -71.95 19.04
C TYR C 496 -20.39 -72.13 19.65
N VAL C 497 -20.39 -72.76 20.84
CA VAL C 497 -19.22 -72.98 21.67
C VAL C 497 -19.01 -74.48 21.88
N THR C 498 -17.74 -74.90 21.95
CA THR C 498 -17.38 -76.29 22.21
C THR C 498 -16.31 -76.35 23.30
N VAL C 499 -16.28 -77.48 24.02
CA VAL C 499 -15.35 -77.71 25.12
C VAL C 499 -14.83 -79.14 25.05
N ALA C 500 -13.76 -79.38 25.79
CA ALA C 500 -13.11 -80.69 25.86
C ALA C 500 -13.67 -81.44 27.07
N HIS C 501 -14.62 -82.35 26.82
CA HIS C 501 -15.24 -83.14 27.88
C HIS C 501 -15.96 -84.31 27.22
N THR C 502 -16.15 -85.38 27.99
CA THR C 502 -16.89 -86.54 27.51
C THR C 502 -17.90 -86.95 28.57
N GLY C 503 -19.16 -87.06 28.15
CA GLY C 503 -20.25 -87.36 29.05
C GLY C 503 -21.03 -86.12 29.43
N PRO C 504 -22.26 -86.28 29.87
CA PRO C 504 -23.02 -85.13 30.36
C PRO C 504 -22.49 -84.66 31.70
N HIS C 505 -22.53 -83.34 31.91
CA HIS C 505 -21.98 -82.77 33.13
C HIS C 505 -22.42 -81.32 33.31
N ASP C 506 -23.00 -81.02 34.47
CA ASP C 506 -23.22 -79.63 34.88
C ASP C 506 -21.92 -79.07 35.44
N LEU C 507 -21.49 -77.93 34.91
CA LEU C 507 -20.17 -77.40 35.23
C LEU C 507 -20.17 -76.78 36.63
N VAL C 508 -19.02 -76.90 37.30
CA VAL C 508 -18.82 -76.37 38.64
C VAL C 508 -18.21 -74.98 38.48
N ILE C 509 -19.03 -73.94 38.67
CA ILE C 509 -18.68 -72.58 38.27
C ILE C 509 -18.72 -71.70 39.51
N PRO C 510 -17.69 -70.88 39.74
CA PRO C 510 -17.79 -69.80 40.72
C PRO C 510 -18.84 -68.80 40.31
N PRO C 511 -19.64 -68.31 41.25
CA PRO C 511 -20.79 -67.47 40.88
C PRO C 511 -20.40 -66.18 40.13
N ASN C 512 -19.17 -65.70 40.28
CA ASN C 512 -18.72 -64.47 39.63
C ASN C 512 -17.79 -64.72 38.43
N GLY C 513 -17.68 -65.95 37.95
CA GLY C 513 -16.82 -66.22 36.81
C GLY C 513 -17.38 -65.70 35.49
N TYR C 514 -16.46 -65.29 34.61
CA TYR C 514 -16.79 -64.67 33.34
C TYR C 514 -15.89 -65.24 32.24
N PHE C 515 -16.31 -65.05 30.98
CA PHE C 515 -15.54 -65.47 29.82
C PHE C 515 -14.62 -64.36 29.32
N ARG C 516 -13.38 -64.71 28.98
CA ARG C 516 -12.39 -63.76 28.47
C ARG C 516 -11.79 -64.27 27.16
N PHE C 517 -11.79 -63.41 26.15
CA PHE C 517 -11.21 -63.72 24.85
C PHE C 517 -9.70 -63.52 24.85
N ASP C 518 -8.95 -64.54 24.42
CA ASP C 518 -7.50 -64.47 24.43
C ASP C 518 -6.86 -64.39 23.05
N SER C 519 -7.38 -65.11 22.06
CA SER C 519 -6.76 -65.09 20.73
C SER C 519 -7.63 -65.85 19.75
N TRP C 520 -7.53 -65.45 18.48
CA TRP C 520 -8.00 -66.28 17.38
C TRP C 520 -7.04 -67.42 17.11
N VAL C 521 -7.59 -68.59 16.80
CA VAL C 521 -6.83 -69.79 16.49
C VAL C 521 -7.47 -70.47 15.29
N ASN C 522 -6.80 -71.49 14.78
CA ASN C 522 -7.31 -72.28 13.67
C ASN C 522 -7.87 -73.60 14.21
N GLN C 523 -8.78 -74.19 13.43
CA GLN C 523 -9.62 -75.26 13.96
C GLN C 523 -8.82 -76.48 14.38
N PHE C 524 -7.50 -76.50 14.14
CA PHE C 524 -6.66 -77.61 14.57
C PHE C 524 -6.23 -77.47 16.02
N TYR C 525 -6.60 -76.37 16.68
CA TYR C 525 -6.22 -76.15 18.06
C TYR C 525 -6.84 -77.21 18.96
N THR C 526 -6.00 -77.89 19.74
CA THR C 526 -6.43 -78.93 20.63
C THR C 526 -6.44 -78.37 22.06
N LEU C 527 -7.62 -78.31 22.67
CA LEU C 527 -7.76 -77.62 23.94
C LEU C 527 -7.62 -78.59 25.11
N ALA C 528 -7.10 -78.06 26.21
CA ALA C 528 -6.91 -78.85 27.42
C ALA C 528 -8.26 -79.26 28.01
N PRO C 529 -8.39 -80.50 28.48
CA PRO C 529 -9.64 -80.92 29.12
C PRO C 529 -9.86 -80.20 30.44
N MET C 530 -11.14 -79.97 30.74
CA MET C 530 -11.63 -79.25 31.94
C MET C 530 -10.59 -78.73 32.92
N MET D 27 -2.53 -41.68 -55.79
CA MET D 27 -1.84 -41.24 -57.00
C MET D 27 -2.53 -40.04 -57.66
N ALA D 28 -3.85 -40.16 -57.85
CA ALA D 28 -4.61 -39.18 -58.62
C ALA D 28 -5.09 -37.99 -57.80
N LEU D 29 -4.83 -37.94 -56.50
CA LEU D 29 -5.11 -36.76 -55.70
C LEU D 29 -3.87 -36.31 -54.94
N GLU D 30 -3.72 -34.98 -54.81
CA GLU D 30 -2.68 -34.39 -53.98
C GLU D 30 -3.06 -34.45 -52.50
N PRO D 31 -2.09 -34.24 -51.61
CA PRO D 31 -2.42 -34.03 -50.20
C PRO D 31 -3.24 -32.76 -50.04
N VAL D 32 -4.11 -32.76 -49.05
CA VAL D 32 -5.07 -31.68 -48.82
C VAL D 32 -5.04 -31.34 -47.33
N VAL D 33 -4.88 -30.05 -47.03
CA VAL D 33 -4.70 -29.62 -45.65
C VAL D 33 -6.02 -29.73 -44.90
N GLY D 34 -5.93 -30.09 -43.63
CA GLY D 34 -7.10 -30.16 -42.76
C GLY D 34 -7.33 -28.85 -42.06
N ALA D 35 -7.44 -28.87 -40.74
CA ALA D 35 -7.84 -27.67 -40.00
C ALA D 35 -6.70 -26.71 -39.75
N ALA D 36 -5.46 -27.10 -40.05
CA ALA D 36 -4.32 -26.21 -39.80
C ALA D 36 -4.49 -24.88 -40.53
N ILE D 37 -4.98 -24.93 -41.78
CA ILE D 37 -5.19 -23.73 -42.58
C ILE D 37 -6.16 -22.76 -41.91
N ALA D 38 -7.03 -23.27 -41.03
CA ALA D 38 -8.08 -22.48 -40.41
C ALA D 38 -7.65 -21.75 -39.16
N ALA D 39 -6.43 -21.98 -38.68
CA ALA D 39 -6.01 -21.46 -37.38
C ALA D 39 -6.20 -19.96 -37.22
N PRO D 40 -5.86 -19.10 -38.19
CA PRO D 40 -6.08 -17.65 -37.99
C PRO D 40 -7.54 -17.24 -37.89
N VAL D 41 -8.48 -18.05 -38.34
CA VAL D 41 -9.89 -17.68 -38.32
C VAL D 41 -10.74 -18.56 -37.43
N ALA D 42 -10.20 -19.66 -36.89
CA ALA D 42 -10.96 -20.41 -35.89
C ALA D 42 -10.84 -19.75 -34.52
N GLY D 43 -11.83 -20.03 -33.67
CA GLY D 43 -11.78 -19.56 -32.30
C GLY D 43 -10.71 -20.25 -31.45
N GLN D 44 -10.38 -21.50 -31.77
CA GLN D 44 -9.60 -22.34 -30.87
C GLN D 44 -8.73 -23.31 -31.66
N GLN D 45 -7.78 -23.92 -30.95
CA GLN D 45 -6.90 -24.95 -31.49
C GLN D 45 -7.20 -26.23 -30.71
N ASN D 46 -7.64 -27.26 -31.41
CA ASN D 46 -8.07 -28.49 -30.75
C ASN D 46 -7.26 -29.68 -31.23
N VAL D 47 -7.42 -30.79 -30.51
CA VAL D 47 -6.70 -32.02 -30.77
C VAL D 47 -7.68 -33.18 -30.65
N ILE D 48 -7.57 -34.12 -31.56
CA ILE D 48 -8.35 -35.35 -31.55
C ILE D 48 -7.45 -36.47 -31.04
N ASP D 49 -8.02 -37.35 -30.22
CA ASP D 49 -7.25 -38.48 -29.72
C ASP D 49 -6.64 -39.23 -30.90
N PRO D 50 -5.31 -39.25 -31.04
CA PRO D 50 -4.69 -39.86 -32.23
C PRO D 50 -4.98 -41.34 -32.40
N TRP D 51 -5.31 -42.06 -31.33
CA TRP D 51 -5.65 -43.47 -31.48
C TRP D 51 -6.87 -43.68 -32.37
N ILE D 52 -7.77 -42.69 -32.45
CA ILE D 52 -8.93 -42.83 -33.31
C ILE D 52 -8.55 -43.08 -34.77
N ARG D 53 -7.41 -42.55 -35.22
CA ARG D 53 -7.00 -42.74 -36.59
C ARG D 53 -6.19 -44.03 -36.81
N ASN D 54 -5.91 -44.78 -35.75
CA ASN D 54 -5.09 -45.99 -35.87
C ASN D 54 -5.92 -47.26 -36.02
N ASN D 55 -7.22 -47.12 -36.32
CA ASN D 55 -8.14 -48.26 -36.35
C ASN D 55 -9.23 -48.01 -37.37
N PHE D 56 -9.35 -48.89 -38.36
CA PHE D 56 -10.49 -48.81 -39.28
C PHE D 56 -11.74 -49.27 -38.55
N VAL D 57 -12.83 -48.51 -38.72
CA VAL D 57 -14.06 -48.75 -37.98
C VAL D 57 -15.24 -48.53 -38.94
N GLN D 58 -16.30 -49.32 -38.77
CA GLN D 58 -17.40 -49.32 -39.72
C GLN D 58 -18.20 -48.04 -39.63
N ALA D 59 -18.45 -47.41 -40.78
CA ALA D 59 -19.20 -46.17 -40.83
C ALA D 59 -20.65 -46.39 -40.38
N PRO D 60 -21.27 -45.37 -39.77
CA PRO D 60 -22.71 -45.46 -39.46
C PRO D 60 -23.58 -45.68 -40.68
N GLY D 61 -23.02 -45.56 -41.88
CA GLY D 61 -23.75 -45.87 -43.10
C GLY D 61 -22.80 -46.65 -43.99
N GLY D 62 -22.18 -47.66 -43.41
CA GLY D 62 -21.14 -48.43 -44.06
C GLY D 62 -21.59 -49.81 -44.48
N GLU D 63 -22.88 -49.98 -44.74
CA GLU D 63 -23.41 -51.23 -45.27
C GLU D 63 -24.11 -50.96 -46.59
N PHE D 64 -23.82 -51.77 -47.59
CA PHE D 64 -24.56 -51.75 -48.84
C PHE D 64 -24.44 -53.14 -49.47
N THR D 65 -25.18 -53.33 -50.55
CA THR D 65 -25.39 -54.67 -51.07
C THR D 65 -25.30 -54.65 -52.59
N VAL D 66 -24.72 -55.71 -53.15
CA VAL D 66 -24.74 -55.96 -54.59
C VAL D 66 -25.42 -57.30 -54.84
N SER D 67 -26.55 -57.26 -55.54
CA SER D 67 -27.34 -58.44 -55.87
C SER D 67 -27.62 -58.44 -57.36
N PRO D 68 -28.07 -59.57 -57.92
CA PRO D 68 -28.37 -59.60 -59.36
C PRO D 68 -29.59 -58.76 -59.73
N ARG D 69 -30.41 -58.33 -58.76
CA ARG D 69 -31.44 -57.34 -59.05
C ARG D 69 -30.84 -55.99 -59.40
N ASN D 70 -29.60 -55.73 -58.99
CA ASN D 70 -28.95 -54.46 -59.28
C ASN D 70 -28.34 -54.48 -60.68
N ALA D 71 -28.27 -53.32 -61.30
CA ALA D 71 -27.68 -53.15 -62.61
C ALA D 71 -26.67 -52.01 -62.60
N PRO D 72 -25.72 -52.02 -63.53
CA PRO D 72 -24.79 -50.89 -63.64
C PRO D 72 -25.54 -49.58 -63.87
N GLY D 73 -25.01 -48.52 -63.26
CA GLY D 73 -25.58 -47.19 -63.29
C GLY D 73 -26.28 -46.82 -61.99
N GLU D 74 -26.78 -47.80 -61.26
CA GLU D 74 -27.36 -47.54 -59.95
C GLU D 74 -26.24 -47.23 -58.96
N ILE D 75 -26.34 -46.08 -58.29
CA ILE D 75 -25.36 -45.77 -57.25
C ILE D 75 -25.77 -46.58 -56.02
N LEU D 76 -25.07 -47.69 -55.79
CA LEU D 76 -25.44 -48.65 -54.76
C LEU D 76 -25.09 -48.17 -53.36
N TRP D 77 -24.17 -47.23 -53.25
CA TRP D 77 -23.71 -46.74 -51.96
C TRP D 77 -23.07 -45.39 -52.17
N SER D 78 -23.27 -44.48 -51.22
CA SER D 78 -22.65 -43.17 -51.29
C SER D 78 -22.61 -42.58 -49.89
N ALA D 79 -21.65 -41.67 -49.68
CA ALA D 79 -21.49 -41.04 -48.38
C ALA D 79 -20.77 -39.72 -48.58
N PRO D 80 -21.13 -38.67 -47.86
CA PRO D 80 -20.34 -37.44 -47.86
C PRO D 80 -19.26 -37.45 -46.79
N LEU D 81 -18.16 -36.77 -47.10
CA LEU D 81 -17.10 -36.61 -46.10
C LEU D 81 -17.62 -35.78 -44.93
N GLY D 82 -17.28 -36.22 -43.73
CA GLY D 82 -17.72 -35.56 -42.53
C GLY D 82 -17.59 -36.47 -41.33
N PRO D 83 -17.85 -35.93 -40.13
CA PRO D 83 -17.69 -36.77 -38.93
C PRO D 83 -18.63 -37.96 -38.93
N ASP D 84 -19.73 -37.91 -39.66
CA ASP D 84 -20.68 -39.02 -39.70
C ASP D 84 -20.13 -40.24 -40.41
N LEU D 85 -18.92 -40.15 -40.99
CA LEU D 85 -18.28 -41.31 -41.60
C LEU D 85 -17.68 -42.26 -40.57
N ASN D 86 -17.62 -41.87 -39.31
CA ASN D 86 -16.87 -42.59 -38.29
C ASN D 86 -17.59 -42.47 -36.96
N PRO D 87 -17.97 -43.59 -36.33
CA PRO D 87 -18.77 -43.51 -35.11
C PRO D 87 -18.06 -42.81 -33.95
N TYR D 88 -16.74 -42.90 -33.85
CA TYR D 88 -16.02 -42.14 -32.83
C TYR D 88 -16.11 -40.65 -33.10
N LEU D 89 -15.74 -40.23 -34.32
CA LEU D 89 -15.86 -38.83 -34.68
C LEU D 89 -17.30 -38.35 -34.57
N SER D 90 -18.27 -39.25 -34.80
CA SER D 90 -19.67 -38.87 -34.73
C SER D 90 -20.05 -38.48 -33.30
N HIS D 91 -19.56 -39.24 -32.32
CA HIS D 91 -19.80 -38.88 -30.92
C HIS D 91 -19.03 -37.63 -30.54
N LEU D 92 -17.79 -37.50 -31.02
CA LEU D 92 -17.00 -36.31 -30.76
C LEU D 92 -17.69 -35.06 -31.31
N ALA D 93 -18.34 -35.18 -32.46
CA ALA D 93 -18.90 -34.01 -33.14
C ALA D 93 -19.97 -33.33 -32.30
N ARG D 94 -20.60 -34.04 -31.36
CA ARG D 94 -21.55 -33.40 -30.47
C ARG D 94 -20.89 -32.40 -29.54
N MET D 95 -19.56 -32.35 -29.51
CA MET D 95 -18.79 -31.45 -28.66
C MET D 95 -18.08 -30.38 -29.44
N TYR D 96 -18.20 -30.38 -30.76
CA TYR D 96 -17.49 -29.43 -31.59
C TYR D 96 -18.43 -28.76 -32.57
N ASN D 97 -18.03 -27.55 -33.01
CA ASN D 97 -18.84 -26.77 -33.92
C ASN D 97 -18.49 -27.01 -35.38
N GLY D 98 -17.24 -27.40 -35.66
CA GLY D 98 -16.85 -27.65 -37.04
C GLY D 98 -15.69 -28.61 -37.12
N TYR D 99 -15.21 -28.80 -38.34
CA TYR D 99 -14.14 -29.75 -38.60
C TYR D 99 -13.48 -29.41 -39.94
N ALA D 100 -12.36 -30.07 -40.20
CA ALA D 100 -11.68 -30.03 -41.48
C ALA D 100 -10.71 -31.19 -41.55
N GLY D 101 -10.54 -31.72 -42.76
CA GLY D 101 -9.60 -32.80 -43.00
C GLY D 101 -10.29 -34.03 -43.56
N GLY D 102 -9.45 -35.00 -43.93
CA GLY D 102 -9.86 -36.11 -44.76
C GLY D 102 -9.92 -37.44 -44.02
N PHE D 103 -10.31 -38.46 -44.77
CA PHE D 103 -10.45 -39.81 -44.26
C PHE D 103 -9.69 -40.79 -45.13
N GLU D 104 -9.38 -41.95 -44.55
CA GLU D 104 -9.02 -43.15 -45.29
C GLU D 104 -10.19 -44.11 -45.16
N VAL D 105 -10.72 -44.58 -46.29
CA VAL D 105 -11.85 -45.48 -46.30
C VAL D 105 -11.39 -46.87 -46.72
N GLN D 106 -11.96 -47.90 -46.10
CA GLN D 106 -11.67 -49.30 -46.37
C GLN D 106 -12.98 -50.00 -46.74
N VAL D 107 -12.97 -50.73 -47.87
CA VAL D 107 -14.15 -51.42 -48.36
C VAL D 107 -13.92 -52.93 -48.31
N ILE D 108 -14.92 -53.65 -47.84
CA ILE D 108 -14.88 -55.10 -47.71
C ILE D 108 -16.05 -55.69 -48.49
N LEU D 109 -15.77 -56.67 -49.34
CA LEU D 109 -16.79 -57.31 -50.18
C LEU D 109 -16.83 -58.80 -49.87
N ALA D 110 -18.01 -59.30 -49.49
CA ALA D 110 -18.18 -60.71 -49.13
C ALA D 110 -18.72 -61.52 -50.33
N GLY D 111 -17.86 -61.68 -51.32
CA GLY D 111 -18.16 -62.47 -52.49
C GLY D 111 -17.69 -63.90 -52.33
N ASN D 112 -17.79 -64.65 -53.42
CA ASN D 112 -17.14 -65.95 -53.49
C ASN D 112 -16.67 -66.20 -54.92
N ALA D 113 -16.14 -67.41 -55.17
CA ALA D 113 -15.53 -67.72 -56.45
C ALA D 113 -16.54 -67.83 -57.60
N PHE D 114 -17.81 -68.01 -57.29
CA PHE D 114 -18.85 -68.14 -58.32
C PHE D 114 -19.44 -66.77 -58.67
N THR D 115 -18.95 -65.71 -58.05
CA THR D 115 -19.53 -64.37 -58.16
C THR D 115 -18.62 -63.54 -59.06
N ALA D 116 -19.07 -63.27 -60.29
CA ALA D 116 -18.33 -62.43 -61.22
C ALA D 116 -18.90 -61.00 -61.24
N GLY D 117 -18.03 -60.05 -61.52
CA GLY D 117 -18.43 -58.66 -61.66
C GLY D 117 -17.40 -57.73 -61.06
N LYS D 118 -17.50 -56.44 -61.43
CA LYS D 118 -16.60 -55.42 -60.93
C LYS D 118 -17.40 -54.29 -60.31
N ILE D 119 -16.91 -53.76 -59.19
CA ILE D 119 -17.48 -52.59 -58.53
C ILE D 119 -16.45 -51.47 -58.57
N ILE D 120 -16.90 -50.27 -58.92
CA ILE D 120 -16.06 -49.09 -58.92
C ILE D 120 -16.46 -48.17 -57.77
N PHE D 121 -15.47 -47.72 -57.01
CA PHE D 121 -15.63 -46.65 -56.04
C PHE D 121 -14.96 -45.40 -56.58
N ALA D 122 -15.62 -44.26 -56.46
CA ALA D 122 -15.05 -43.02 -56.96
C ALA D 122 -15.32 -41.86 -56.01
N ALA D 123 -14.37 -40.95 -55.93
CA ALA D 123 -14.51 -39.71 -55.18
C ALA D 123 -14.92 -38.61 -56.15
N VAL D 124 -16.12 -38.07 -55.99
CA VAL D 124 -16.65 -37.02 -56.84
C VAL D 124 -16.63 -35.70 -56.07
N PRO D 125 -16.04 -34.64 -56.64
CA PRO D 125 -15.73 -33.44 -55.84
C PRO D 125 -16.97 -32.61 -55.58
N PRO D 126 -16.90 -31.66 -54.64
CA PRO D 126 -18.11 -30.91 -54.27
C PRO D 126 -18.71 -30.17 -55.46
N ASN D 127 -20.05 -30.17 -55.51
CA ASN D 127 -20.84 -29.47 -56.53
C ASN D 127 -20.70 -30.09 -57.91
N PHE D 128 -20.33 -31.35 -58.01
CA PHE D 128 -20.48 -32.00 -59.30
C PHE D 128 -21.70 -32.90 -59.27
N PRO D 129 -22.59 -32.82 -60.26
CA PRO D 129 -23.84 -33.60 -60.20
C PRO D 129 -23.58 -35.07 -60.51
N THR D 130 -24.03 -35.94 -59.59
CA THR D 130 -23.88 -37.37 -59.79
C THR D 130 -25.00 -37.96 -60.64
N GLU D 131 -26.08 -37.21 -60.85
CA GLU D 131 -27.32 -37.75 -61.40
C GLU D 131 -27.14 -38.06 -62.88
N GLY D 132 -26.95 -39.33 -63.21
CA GLY D 132 -26.93 -39.75 -64.60
C GLY D 132 -25.63 -40.38 -65.04
N LEU D 133 -24.73 -40.63 -64.09
CA LEU D 133 -23.38 -41.04 -64.44
C LEU D 133 -23.38 -42.42 -65.07
N SER D 134 -22.63 -42.57 -66.15
CA SER D 134 -22.40 -43.90 -66.69
C SER D 134 -21.22 -44.54 -65.98
N PRO D 135 -21.09 -45.87 -66.04
CA PRO D 135 -19.88 -46.50 -65.48
C PRO D 135 -18.60 -45.98 -66.11
N SER D 136 -18.59 -45.77 -67.42
CA SER D 136 -17.45 -45.15 -68.09
C SER D 136 -17.05 -43.83 -67.42
N GLN D 137 -18.03 -42.95 -67.18
CA GLN D 137 -17.70 -41.61 -66.66
C GLN D 137 -17.12 -41.69 -65.25
N VAL D 138 -17.62 -42.63 -64.44
CA VAL D 138 -17.15 -42.76 -63.06
C VAL D 138 -15.65 -43.00 -63.01
N THR D 139 -15.10 -43.68 -64.03
CA THR D 139 -13.65 -43.88 -64.11
C THR D 139 -12.88 -42.58 -64.26
N MET D 140 -13.54 -41.48 -64.63
CA MET D 140 -12.80 -40.24 -64.84
C MET D 140 -12.55 -39.48 -63.55
N PHE D 141 -13.14 -39.91 -62.44
CA PHE D 141 -12.79 -39.42 -61.11
C PHE D 141 -11.65 -40.25 -60.56
N PRO D 142 -10.99 -39.79 -59.49
CA PRO D 142 -10.16 -40.71 -58.72
C PRO D 142 -11.00 -41.92 -58.32
N HIS D 143 -10.49 -43.11 -58.58
CA HIS D 143 -11.33 -44.28 -58.42
C HIS D 143 -10.53 -45.54 -58.13
N ILE D 144 -11.25 -46.57 -57.69
CA ILE D 144 -10.72 -47.91 -57.54
C ILE D 144 -11.74 -48.88 -58.14
N ILE D 145 -11.26 -49.87 -58.88
CA ILE D 145 -12.10 -50.89 -59.47
C ILE D 145 -11.72 -52.22 -58.83
N VAL D 146 -12.65 -52.79 -58.08
CA VAL D 146 -12.40 -53.96 -57.25
C VAL D 146 -13.32 -55.08 -57.72
N ASP D 147 -12.76 -56.28 -57.84
CA ASP D 147 -13.55 -57.43 -58.27
C ASP D 147 -14.34 -57.97 -57.09
N VAL D 148 -15.59 -58.38 -57.35
CA VAL D 148 -16.48 -58.81 -56.29
C VAL D 148 -15.99 -60.06 -55.55
N ARG D 149 -15.11 -60.85 -56.15
CA ARG D 149 -14.64 -62.05 -55.46
C ARG D 149 -13.39 -61.81 -54.61
N GLN D 150 -12.93 -60.56 -54.50
CA GLN D 150 -11.71 -60.27 -53.77
C GLN D 150 -11.89 -60.52 -52.27
N LEU D 151 -10.85 -61.07 -51.64
CA LEU D 151 -10.89 -61.37 -50.21
C LEU D 151 -10.38 -60.22 -49.33
N GLU D 152 -9.20 -59.69 -49.64
CA GLU D 152 -8.62 -58.64 -48.80
C GLU D 152 -9.28 -57.29 -49.08
N PRO D 153 -9.46 -56.48 -48.03
CA PRO D 153 -10.06 -55.14 -48.20
C PRO D 153 -9.22 -54.22 -49.08
N VAL D 154 -9.90 -53.27 -49.70
CA VAL D 154 -9.28 -52.26 -50.57
C VAL D 154 -9.32 -50.90 -49.88
N LEU D 155 -8.22 -50.15 -49.96
CA LEU D 155 -8.06 -48.87 -49.31
C LEU D 155 -8.15 -47.72 -50.30
N ILE D 156 -9.02 -46.75 -50.02
CA ILE D 156 -9.23 -45.58 -50.86
C ILE D 156 -9.02 -44.33 -50.01
N PRO D 157 -8.19 -43.37 -50.43
CA PRO D 157 -8.11 -42.09 -49.71
C PRO D 157 -9.19 -41.11 -50.12
N LEU D 158 -9.73 -40.40 -49.11
CA LEU D 158 -10.78 -39.39 -49.30
C LEU D 158 -10.37 -38.06 -48.68
N PRO D 159 -9.74 -37.17 -49.43
CA PRO D 159 -9.28 -35.89 -48.89
C PRO D 159 -10.36 -34.82 -48.91
N ASP D 160 -10.22 -33.85 -48.00
CA ASP D 160 -11.24 -32.84 -47.75
C ASP D 160 -11.10 -31.66 -48.74
N VAL D 161 -11.33 -31.98 -50.02
CA VAL D 161 -11.36 -30.94 -51.04
C VAL D 161 -12.47 -29.95 -50.74
N ARG D 162 -12.14 -28.66 -50.79
CA ARG D 162 -13.07 -27.60 -50.38
C ARG D 162 -12.50 -26.27 -50.85
N ASN D 163 -13.33 -25.23 -50.76
CA ASN D 163 -12.92 -23.88 -51.10
C ASN D 163 -13.08 -22.89 -49.95
N ASN D 164 -13.26 -23.39 -48.72
CA ASN D 164 -13.31 -22.53 -47.54
C ASN D 164 -12.40 -23.12 -46.46
N PHE D 165 -12.25 -22.37 -45.37
CA PHE D 165 -11.28 -22.76 -44.36
C PHE D 165 -11.70 -24.04 -43.65
N TYR D 166 -12.99 -24.22 -43.41
CA TYR D 166 -13.48 -25.39 -42.70
C TYR D 166 -15.00 -25.48 -42.85
N HIS D 167 -15.56 -26.56 -42.31
CA HIS D 167 -16.97 -26.88 -42.41
C HIS D 167 -17.64 -26.69 -41.06
N TYR D 168 -18.90 -26.26 -41.06
CA TYR D 168 -19.71 -26.22 -39.86
C TYR D 168 -20.56 -27.48 -39.73
N ASN D 169 -20.73 -27.96 -38.49
CA ASN D 169 -21.57 -29.12 -38.25
C ASN D 169 -23.04 -28.82 -38.53
N GLN D 170 -23.49 -27.63 -38.16
CA GLN D 170 -24.90 -27.27 -38.28
C GLN D 170 -25.29 -26.83 -39.68
N SER D 171 -24.34 -26.77 -40.61
CA SER D 171 -24.62 -26.43 -41.99
C SER D 171 -24.41 -27.67 -42.85
N ASN D 172 -25.17 -27.74 -43.95
CA ASN D 172 -25.05 -28.83 -44.91
C ASN D 172 -24.32 -28.38 -46.17
N ASP D 173 -23.30 -27.54 -45.97
CA ASP D 173 -22.36 -27.19 -47.02
C ASP D 173 -21.82 -28.47 -47.68
N PRO D 174 -21.73 -28.53 -49.00
CA PRO D 174 -21.38 -29.79 -49.66
C PRO D 174 -19.89 -30.11 -49.57
N THR D 175 -19.60 -31.40 -49.44
CA THR D 175 -18.25 -31.91 -49.33
C THR D 175 -18.04 -32.98 -50.41
N ILE D 176 -16.79 -33.43 -50.52
CA ILE D 176 -16.49 -34.52 -51.44
C ILE D 176 -17.32 -35.76 -51.09
N LYS D 177 -17.76 -36.46 -52.12
CA LYS D 177 -18.61 -37.65 -51.98
C LYS D 177 -17.86 -38.86 -52.50
N LEU D 178 -18.00 -39.99 -51.79
CA LEU D 178 -17.57 -41.29 -52.29
C LEU D 178 -18.78 -42.05 -52.81
N ILE D 179 -18.65 -42.63 -54.00
CA ILE D 179 -19.74 -43.26 -54.73
C ILE D 179 -19.34 -44.69 -55.09
N ALA D 180 -20.27 -45.63 -54.94
CA ALA D 180 -20.05 -47.02 -55.35
C ALA D 180 -21.14 -47.49 -56.30
N MET D 181 -20.74 -48.00 -57.46
CA MET D 181 -21.67 -48.59 -58.43
C MET D 181 -21.03 -49.77 -59.11
N LEU D 182 -21.88 -50.65 -59.64
CA LEU D 182 -21.43 -51.78 -60.44
C LEU D 182 -20.84 -51.28 -61.75
N TYR D 183 -19.56 -51.61 -61.99
CA TYR D 183 -18.83 -51.10 -63.14
C TYR D 183 -19.04 -52.00 -64.36
N THR D 184 -19.19 -53.30 -64.12
CA THR D 184 -19.59 -54.33 -65.06
C THR D 184 -20.72 -55.10 -64.42
N PRO D 185 -21.66 -55.64 -65.20
CA PRO D 185 -22.80 -56.33 -64.59
C PRO D 185 -22.37 -57.51 -63.73
N LEU D 186 -23.14 -57.73 -62.66
CA LEU D 186 -22.90 -58.82 -61.73
C LEU D 186 -23.62 -60.06 -62.23
N ARG D 187 -22.89 -61.17 -62.37
CA ARG D 187 -23.47 -62.43 -62.81
C ARG D 187 -23.23 -63.49 -61.73
N ALA D 188 -24.28 -64.21 -61.38
CA ALA D 188 -24.22 -65.20 -60.30
C ALA D 188 -25.26 -66.31 -60.51
N VAL D 195 -30.54 -65.28 -56.17
CA VAL D 195 -30.87 -64.90 -54.80
C VAL D 195 -29.61 -64.46 -54.07
N PHE D 196 -28.44 -64.83 -54.62
CA PHE D 196 -27.17 -64.57 -53.97
C PHE D 196 -26.89 -63.08 -53.81
N THR D 197 -26.96 -62.60 -52.58
CA THR D 197 -26.65 -61.22 -52.26
C THR D 197 -25.22 -61.11 -51.74
N VAL D 198 -24.48 -60.13 -52.24
CA VAL D 198 -23.11 -59.85 -51.81
C VAL D 198 -23.17 -58.77 -50.74
N SER D 199 -22.83 -59.12 -49.50
CA SER D 199 -22.78 -58.15 -48.42
C SER D 199 -21.48 -57.37 -48.47
N CYS D 200 -21.56 -56.04 -48.38
CA CYS D 200 -20.41 -55.17 -48.46
C CYS D 200 -20.36 -54.28 -47.23
N ARG D 201 -19.15 -53.94 -46.79
CA ARG D 201 -18.96 -53.07 -45.64
C ARG D 201 -17.94 -51.98 -45.93
N VAL D 202 -18.23 -50.78 -45.44
CA VAL D 202 -17.38 -49.61 -45.61
C VAL D 202 -16.87 -49.20 -44.23
N LEU D 203 -15.55 -49.16 -44.07
CA LEU D 203 -14.92 -48.73 -42.83
C LEU D 203 -14.09 -47.48 -43.10
N THR D 204 -13.89 -46.67 -42.07
CA THR D 204 -13.19 -45.40 -42.21
C THR D 204 -12.29 -45.15 -41.01
N ARG D 205 -11.41 -44.17 -41.17
CA ARG D 205 -10.63 -43.61 -40.06
C ARG D 205 -10.11 -42.25 -40.50
N PRO D 206 -9.95 -41.31 -39.58
CA PRO D 206 -9.53 -39.96 -39.98
C PRO D 206 -8.08 -39.91 -40.43
N SER D 207 -7.83 -39.11 -41.47
CA SER D 207 -6.48 -38.79 -41.88
C SER D 207 -5.75 -38.07 -40.75
N PRO D 208 -4.42 -38.01 -40.79
CA PRO D 208 -3.69 -37.23 -39.79
C PRO D 208 -4.06 -35.75 -39.78
N ASP D 209 -4.55 -35.21 -40.88
CA ASP D 209 -4.90 -33.80 -40.96
C ASP D 209 -6.33 -33.51 -40.51
N PHE D 210 -7.14 -34.51 -40.21
CA PHE D 210 -8.49 -34.24 -39.73
C PHE D 210 -8.44 -33.71 -38.31
N ASP D 211 -9.30 -32.73 -38.02
CA ASP D 211 -9.40 -32.18 -36.67
C ASP D 211 -10.73 -31.46 -36.52
N PHE D 212 -11.22 -31.42 -35.29
CA PHE D 212 -12.39 -30.63 -34.94
C PHE D 212 -11.97 -29.21 -34.62
N ILE D 213 -12.94 -28.29 -34.55
CA ILE D 213 -12.53 -26.89 -34.44
C ILE D 213 -12.97 -26.13 -33.19
N PHE D 214 -14.27 -26.05 -32.89
CA PHE D 214 -14.68 -25.22 -31.76
C PHE D 214 -15.45 -26.05 -30.74
N LEU D 215 -14.93 -26.11 -29.51
CA LEU D 215 -15.57 -26.84 -28.43
C LEU D 215 -16.89 -26.20 -28.04
N VAL D 216 -17.95 -27.00 -27.95
CA VAL D 216 -19.27 -26.45 -27.71
C VAL D 216 -20.07 -27.48 -26.92
N PRO D 217 -21.03 -27.06 -26.08
CA PRO D 217 -21.81 -28.03 -25.29
C PRO D 217 -22.71 -28.89 -26.18
N PRO D 218 -22.77 -30.20 -25.93
CA PRO D 218 -23.77 -31.04 -26.61
C PRO D 218 -25.17 -30.73 -26.10
N THR D 219 -25.91 -29.87 -26.81
CA THR D 219 -27.27 -29.53 -26.43
C THR D 219 -28.27 -30.30 -27.28
N VAL D 220 -29.56 -30.14 -26.94
CA VAL D 220 -30.62 -30.81 -27.67
C VAL D 220 -30.92 -30.11 -28.99
N GLU D 221 -30.93 -28.77 -28.99
CA GLU D 221 -31.15 -28.03 -30.24
C GLU D 221 -30.05 -28.26 -31.26
N SER D 222 -28.90 -28.81 -30.86
CA SER D 222 -27.83 -29.03 -31.83
C SER D 222 -28.31 -29.96 -32.94
N ARG D 223 -29.22 -30.88 -32.61
CA ARG D 223 -29.68 -31.91 -33.53
C ARG D 223 -28.50 -32.70 -34.09
N THR D 224 -27.50 -32.93 -33.24
CA THR D 224 -26.36 -33.75 -33.55
C THR D 224 -26.42 -35.11 -32.87
N LYS D 225 -27.47 -35.35 -32.09
CA LYS D 225 -27.64 -36.65 -31.46
C LYS D 225 -27.89 -37.70 -32.55
N PRO D 226 -27.26 -38.86 -32.48
CA PRO D 226 -27.44 -39.87 -33.52
C PRO D 226 -28.78 -40.59 -33.39
N PHE D 227 -29.27 -41.05 -34.53
CA PHE D 227 -30.60 -41.63 -34.62
C PHE D 227 -30.61 -43.02 -34.00
N THR D 228 -31.67 -43.30 -33.23
CA THR D 228 -31.85 -44.59 -32.59
C THR D 228 -33.32 -44.98 -32.63
N VAL D 229 -33.56 -46.23 -32.26
CA VAL D 229 -34.89 -46.84 -32.23
C VAL D 229 -35.04 -47.44 -30.84
N PRO D 230 -36.18 -47.24 -30.17
CA PRO D 230 -36.29 -47.61 -28.76
C PRO D 230 -36.01 -49.08 -28.51
N ILE D 231 -35.50 -49.36 -27.31
CA ILE D 231 -35.23 -50.72 -26.86
C ILE D 231 -36.50 -51.46 -26.48
N LEU D 232 -37.65 -50.79 -26.49
CA LEU D 232 -38.89 -51.41 -26.05
C LEU D 232 -39.27 -52.59 -26.94
N THR D 233 -39.89 -53.58 -26.32
CA THR D 233 -40.40 -54.77 -26.97
C THR D 233 -41.80 -54.53 -27.56
N VAL D 234 -42.14 -55.30 -28.59
CA VAL D 234 -43.45 -55.23 -29.21
C VAL D 234 -44.57 -55.35 -28.16
N GLU D 235 -44.44 -56.33 -27.26
CA GLU D 235 -45.47 -56.54 -26.24
C GLU D 235 -45.68 -55.29 -25.38
N GLU D 236 -44.60 -54.59 -25.05
CA GLU D 236 -44.65 -53.46 -24.13
C GLU D 236 -44.92 -52.13 -24.82
N MET D 237 -45.17 -52.12 -26.13
CA MET D 237 -45.49 -50.89 -26.83
C MET D 237 -46.99 -50.79 -27.09
N THR D 238 -47.41 -49.70 -27.73
CA THR D 238 -48.81 -49.33 -27.84
C THR D 238 -49.13 -48.94 -29.27
N ASN D 239 -50.31 -49.33 -29.74
CA ASN D 239 -50.74 -49.01 -31.09
C ASN D 239 -50.98 -47.50 -31.22
N SER D 240 -50.67 -46.98 -32.40
CA SER D 240 -50.75 -45.54 -32.66
C SER D 240 -52.06 -45.14 -33.33
N ARG D 241 -52.95 -46.09 -33.59
CA ARG D 241 -54.23 -45.82 -34.23
C ARG D 241 -55.43 -46.08 -33.33
N PHE D 242 -55.20 -46.63 -32.13
CA PHE D 242 -56.24 -46.91 -31.14
C PHE D 242 -55.60 -47.23 -29.80
N PRO D 243 -56.18 -46.74 -28.70
CA PRO D 243 -55.51 -46.91 -27.39
C PRO D 243 -55.51 -48.34 -26.89
N ILE D 244 -54.77 -49.21 -27.57
CA ILE D 244 -54.63 -50.62 -27.18
C ILE D 244 -53.18 -51.05 -27.35
N PRO D 245 -52.74 -52.01 -26.55
CA PRO D 245 -51.36 -52.48 -26.67
C PRO D 245 -51.14 -53.20 -27.99
N LEU D 246 -49.86 -53.28 -28.38
CA LEU D 246 -49.47 -54.05 -29.55
C LEU D 246 -49.45 -55.54 -29.21
N GLU D 247 -49.51 -56.37 -30.25
CA GLU D 247 -49.60 -57.81 -30.03
C GLU D 247 -48.66 -58.61 -30.91
N LYS D 248 -48.62 -58.34 -32.21
CA LYS D 248 -47.73 -59.08 -33.09
C LYS D 248 -47.28 -58.20 -34.25
N LEU D 249 -46.28 -58.70 -34.98
CA LEU D 249 -45.83 -58.11 -36.23
C LEU D 249 -46.39 -58.89 -37.41
N PHE D 250 -46.88 -58.16 -38.42
CA PHE D 250 -47.55 -58.76 -39.56
C PHE D 250 -47.04 -58.18 -40.86
N THR D 251 -46.77 -59.06 -41.83
CA THR D 251 -46.44 -58.68 -43.19
C THR D 251 -47.51 -59.24 -44.11
N GLY D 252 -47.87 -58.48 -45.14
CA GLY D 252 -48.81 -58.95 -46.14
C GLY D 252 -48.76 -58.13 -47.41
N PRO D 253 -49.34 -58.68 -48.48
CA PRO D 253 -49.47 -57.90 -49.71
C PRO D 253 -50.49 -56.79 -49.54
N SER D 254 -50.25 -55.68 -50.24
CA SER D 254 -51.06 -54.49 -50.06
C SER D 254 -51.63 -53.99 -51.39
N GLY D 255 -51.71 -54.86 -52.39
CA GLY D 255 -52.21 -54.43 -53.69
C GLY D 255 -53.69 -54.10 -53.65
N ALA D 256 -54.45 -54.86 -52.85
CA ALA D 256 -55.89 -54.67 -52.78
C ALA D 256 -56.25 -53.31 -52.16
N PHE D 257 -55.55 -52.94 -51.09
CA PHE D 257 -55.94 -51.79 -50.29
C PHE D 257 -55.17 -50.55 -50.73
N VAL D 258 -55.51 -49.43 -50.11
CA VAL D 258 -54.73 -48.19 -50.18
C VAL D 258 -54.31 -47.90 -48.75
N VAL D 259 -53.02 -48.08 -48.46
CA VAL D 259 -52.52 -47.92 -47.10
C VAL D 259 -52.19 -46.45 -46.91
N GLN D 260 -53.10 -45.72 -46.26
CA GLN D 260 -52.90 -44.29 -46.06
C GLN D 260 -53.41 -43.85 -44.68
N PRO D 261 -53.02 -44.50 -43.58
CA PRO D 261 -53.50 -44.04 -42.28
C PRO D 261 -52.99 -42.65 -41.97
N GLN D 262 -53.72 -41.95 -41.10
CA GLN D 262 -53.34 -40.61 -40.69
C GLN D 262 -52.94 -40.51 -39.23
N ASN D 263 -53.09 -41.58 -38.45
CA ASN D 263 -52.56 -41.64 -37.10
C ASN D 263 -51.31 -42.50 -37.08
N GLY D 264 -50.41 -42.20 -36.14
CA GLY D 264 -49.14 -42.89 -36.10
C GLY D 264 -48.32 -42.69 -37.36
N ARG D 265 -48.26 -41.45 -37.85
CA ARG D 265 -47.46 -41.08 -39.00
C ARG D 265 -46.46 -40.01 -38.58
N CYS D 266 -45.18 -40.37 -38.58
CA CYS D 266 -44.12 -39.48 -38.10
C CYS D 266 -42.83 -39.78 -38.84
N THR D 267 -42.06 -38.73 -39.11
CA THR D 267 -40.79 -38.86 -39.83
C THR D 267 -39.69 -39.20 -38.84
N THR D 268 -38.64 -39.87 -39.34
CA THR D 268 -37.49 -40.22 -38.51
C THR D 268 -36.86 -39.00 -37.82
N ASP D 269 -36.91 -37.83 -38.43
CA ASP D 269 -36.37 -36.63 -37.78
C ASP D 269 -37.42 -35.89 -36.96
N GLY D 270 -38.58 -36.49 -36.72
CA GLY D 270 -39.51 -35.99 -35.73
C GLY D 270 -40.58 -35.06 -36.22
N VAL D 271 -40.93 -35.11 -37.51
CA VAL D 271 -42.02 -34.31 -38.04
C VAL D 271 -43.30 -35.14 -38.03
N LEU D 272 -44.31 -34.66 -37.32
CA LEU D 272 -45.61 -35.33 -37.31
C LEU D 272 -46.39 -35.04 -38.59
N LEU D 273 -47.14 -36.03 -39.04
CA LEU D 273 -47.87 -35.96 -40.30
C LEU D 273 -49.32 -36.37 -40.06
N GLY D 274 -50.20 -35.92 -40.95
CA GLY D 274 -51.60 -36.29 -40.86
C GLY D 274 -52.23 -35.78 -39.57
N THR D 275 -52.96 -36.67 -38.89
CA THR D 275 -53.64 -36.34 -37.64
C THR D 275 -52.87 -36.82 -36.42
N THR D 276 -51.56 -37.03 -36.55
CA THR D 276 -50.81 -37.67 -35.49
C THR D 276 -50.50 -36.68 -34.38
N GLN D 277 -50.64 -37.14 -33.13
CA GLN D 277 -50.24 -36.36 -31.97
C GLN D 277 -49.51 -37.29 -31.01
N LEU D 278 -49.10 -36.76 -29.86
CA LEU D 278 -48.14 -37.48 -29.02
C LEU D 278 -48.81 -38.32 -27.94
N SER D 279 -50.01 -37.97 -27.51
CA SER D 279 -50.63 -38.66 -26.38
C SER D 279 -51.20 -39.99 -26.85
N PRO D 280 -50.79 -41.12 -26.27
CA PRO D 280 -51.36 -42.42 -26.67
C PRO D 280 -52.77 -42.64 -26.15
N VAL D 281 -53.26 -41.75 -25.28
CA VAL D 281 -54.58 -41.90 -24.69
C VAL D 281 -55.64 -41.13 -25.48
N ASN D 282 -55.25 -40.04 -26.14
CA ASN D 282 -56.18 -39.21 -26.87
C ASN D 282 -56.37 -39.67 -28.32
N ILE D 283 -56.09 -40.94 -28.61
CA ILE D 283 -56.30 -41.49 -29.94
C ILE D 283 -57.74 -41.96 -30.01
N CYS D 284 -58.49 -41.44 -30.99
CA CYS D 284 -59.87 -41.83 -31.24
C CYS D 284 -60.80 -41.39 -30.10
N THR D 285 -60.50 -40.23 -29.52
CA THR D 285 -61.32 -39.63 -28.49
C THR D 285 -61.94 -38.34 -29.02
N PHE D 286 -63.01 -37.90 -28.36
CA PHE D 286 -63.61 -36.61 -28.68
C PHE D 286 -63.95 -35.86 -27.41
N ARG D 287 -63.78 -34.54 -27.44
CA ARG D 287 -64.12 -33.66 -26.34
C ARG D 287 -64.85 -32.45 -26.90
N GLY D 288 -65.89 -32.00 -26.20
CA GLY D 288 -66.58 -30.79 -26.63
C GLY D 288 -67.90 -30.63 -25.90
N ASP D 289 -68.72 -29.75 -26.45
CA ASP D 289 -70.08 -29.51 -25.97
C ASP D 289 -71.06 -30.30 -26.84
N VAL D 290 -72.11 -30.82 -26.22
CA VAL D 290 -72.99 -31.77 -26.87
C VAL D 290 -74.41 -31.22 -26.92
N THR D 291 -75.15 -31.62 -27.96
CA THR D 291 -76.48 -31.10 -28.23
C THR D 291 -77.38 -32.26 -28.65
N HIS D 292 -78.60 -32.28 -28.11
CA HIS D 292 -79.55 -33.33 -28.42
C HIS D 292 -80.17 -33.12 -29.79
N ILE D 293 -80.41 -34.23 -30.49
CA ILE D 293 -81.17 -34.24 -31.74
C ILE D 293 -82.59 -34.69 -31.43
N ALA D 294 -83.56 -33.80 -31.65
CA ALA D 294 -84.90 -33.98 -31.12
C ALA D 294 -85.56 -35.25 -31.67
N GLY D 295 -86.12 -36.05 -30.76
CA GLY D 295 -86.90 -37.22 -31.12
C GLY D 295 -86.12 -38.49 -31.30
N THR D 296 -84.80 -38.44 -31.24
CA THR D 296 -83.96 -39.63 -31.39
C THR D 296 -83.00 -39.71 -30.21
N HIS D 297 -82.20 -40.78 -30.18
CA HIS D 297 -81.14 -40.95 -29.20
C HIS D 297 -79.79 -40.50 -29.70
N ASP D 298 -79.77 -39.67 -30.75
CA ASP D 298 -78.53 -39.19 -31.32
C ASP D 298 -78.20 -37.84 -30.69
N TYR D 299 -76.91 -37.56 -30.58
CA TYR D 299 -76.44 -36.27 -30.10
C TYR D 299 -75.41 -35.71 -31.06
N THR D 300 -75.36 -34.38 -31.12
CA THR D 300 -74.38 -33.66 -31.91
C THR D 300 -73.38 -33.00 -30.98
N MET D 301 -72.10 -33.24 -31.22
CA MET D 301 -71.02 -32.69 -30.41
C MET D 301 -70.31 -31.61 -31.22
N ASN D 302 -70.34 -30.38 -30.72
CA ASN D 302 -69.53 -29.32 -31.30
C ASN D 302 -68.13 -29.39 -30.70
N LEU D 303 -67.16 -29.72 -31.53
CA LEU D 303 -65.85 -30.15 -31.04
C LEU D 303 -65.02 -28.97 -30.55
N ALA D 304 -64.20 -29.25 -29.55
CA ALA D 304 -63.20 -28.32 -29.05
C ALA D 304 -61.84 -28.99 -29.09
N SER D 305 -60.79 -28.19 -28.87
CA SER D 305 -59.44 -28.72 -28.87
C SER D 305 -59.25 -29.67 -27.67
N GLN D 306 -58.17 -30.45 -27.72
CA GLN D 306 -57.87 -31.35 -26.62
C GLN D 306 -57.68 -30.58 -25.32
N ASN D 307 -57.29 -29.31 -25.41
CA ASN D 307 -57.12 -28.43 -24.26
C ASN D 307 -58.38 -27.64 -23.94
N TRP D 308 -59.50 -27.99 -24.57
CA TRP D 308 -60.76 -27.26 -24.44
C TRP D 308 -60.59 -25.79 -24.83
N ASN D 309 -59.94 -25.57 -25.97
CA ASN D 309 -59.91 -24.29 -26.65
C ASN D 309 -60.98 -24.29 -27.76
N ASN D 310 -60.97 -23.24 -28.59
CA ASN D 310 -61.75 -23.27 -29.81
C ASN D 310 -60.99 -24.05 -30.88
N TYR D 311 -61.75 -24.69 -31.77
CA TYR D 311 -61.16 -25.47 -32.86
C TYR D 311 -61.02 -24.59 -34.10
N ASP D 312 -59.85 -24.66 -34.72
CA ASP D 312 -59.53 -23.86 -35.90
C ASP D 312 -59.53 -24.74 -37.13
N PRO D 313 -60.45 -24.55 -38.09
CA PRO D 313 -60.46 -25.42 -39.27
C PRO D 313 -59.39 -25.08 -40.30
N THR D 314 -58.71 -23.94 -40.16
CA THR D 314 -57.63 -23.54 -41.06
C THR D 314 -56.26 -24.06 -40.61
N GLU D 315 -56.23 -25.00 -39.67
CA GLU D 315 -54.99 -25.53 -39.09
C GLU D 315 -54.09 -26.27 -40.06
N GLU D 316 -54.51 -26.42 -41.32
CA GLU D 316 -53.72 -27.13 -42.33
C GLU D 316 -53.48 -28.58 -41.93
N ILE D 317 -54.49 -29.18 -41.30
CA ILE D 317 -54.47 -30.60 -40.92
C ILE D 317 -55.73 -31.22 -41.49
N PRO D 318 -55.73 -32.53 -41.80
CA PRO D 318 -56.94 -33.15 -42.35
C PRO D 318 -58.11 -33.17 -41.37
N ALA D 319 -57.84 -33.16 -40.07
CA ALA D 319 -58.88 -33.22 -39.05
C ALA D 319 -58.23 -32.95 -37.70
N PRO D 320 -59.00 -32.74 -36.63
CA PRO D 320 -58.37 -32.54 -35.31
C PRO D 320 -57.52 -33.75 -34.95
N LEU D 321 -56.43 -33.49 -34.22
CA LEU D 321 -55.46 -34.54 -33.95
C LEU D 321 -56.08 -35.65 -33.10
N GLY D 322 -55.87 -36.88 -33.54
CA GLY D 322 -56.43 -38.06 -32.91
C GLY D 322 -57.75 -38.51 -33.48
N THR D 323 -58.25 -37.84 -34.52
CA THR D 323 -59.50 -38.23 -35.14
C THR D 323 -59.35 -39.60 -35.79
N PRO D 324 -60.30 -40.51 -35.61
CA PRO D 324 -60.17 -41.85 -36.19
C PRO D 324 -59.84 -41.79 -37.67
N ASP D 325 -58.99 -42.72 -38.11
CA ASP D 325 -58.51 -42.75 -39.49
C ASP D 325 -58.96 -44.02 -40.21
N PHE D 326 -60.09 -44.57 -39.82
CA PHE D 326 -60.67 -45.72 -40.50
C PHE D 326 -62.18 -45.58 -40.48
N VAL D 327 -62.84 -46.33 -41.37
CA VAL D 327 -64.29 -46.33 -41.47
C VAL D 327 -64.84 -47.49 -40.65
N GLY D 328 -65.75 -47.19 -39.73
CA GLY D 328 -66.31 -48.20 -38.85
C GLY D 328 -67.14 -47.55 -37.77
N LYS D 329 -67.72 -48.40 -36.93
CA LYS D 329 -68.53 -47.94 -35.80
C LYS D 329 -67.74 -48.19 -34.51
N ILE D 330 -67.38 -47.10 -33.82
CA ILE D 330 -66.58 -47.16 -32.61
C ILE D 330 -67.50 -46.96 -31.41
N GLN D 331 -67.57 -47.97 -30.54
CA GLN D 331 -68.41 -47.91 -29.35
C GLN D 331 -67.57 -47.47 -28.16
N GLY D 332 -68.15 -46.61 -27.33
CA GLY D 332 -67.48 -46.15 -26.12
C GLY D 332 -68.43 -45.68 -25.04
N VAL D 333 -68.07 -44.59 -24.38
CA VAL D 333 -68.85 -44.03 -23.28
C VAL D 333 -68.73 -42.52 -23.34
N LEU D 334 -69.86 -41.83 -23.34
CA LEU D 334 -69.89 -40.38 -23.22
C LEU D 334 -69.91 -40.01 -21.73
N THR D 335 -69.06 -39.07 -21.35
CA THR D 335 -68.90 -38.66 -19.96
C THR D 335 -69.08 -37.15 -19.84
N GLN D 336 -69.75 -36.73 -18.78
CA GLN D 336 -70.12 -35.32 -18.62
C GLN D 336 -70.03 -34.95 -17.15
N THR D 337 -69.67 -33.69 -16.88
CA THR D 337 -69.57 -33.18 -15.52
C THR D 337 -70.15 -31.78 -15.46
N THR D 338 -71.04 -31.55 -14.50
CA THR D 338 -71.62 -30.24 -14.27
C THR D 338 -70.72 -29.48 -13.31
N ARG D 339 -70.32 -28.27 -13.70
CA ARG D 339 -69.32 -27.50 -12.96
C ARG D 339 -69.79 -27.13 -11.55
N GLY D 340 -71.04 -26.70 -11.39
CA GLY D 340 -71.45 -26.16 -10.10
C GLY D 340 -71.64 -27.22 -9.02
N ASP D 341 -72.42 -28.26 -9.30
CA ASP D 341 -72.65 -29.28 -8.27
C ASP D 341 -71.64 -30.41 -8.29
N GLY D 342 -70.93 -30.62 -9.40
CA GLY D 342 -70.12 -31.81 -9.54
C GLY D 342 -70.88 -33.03 -10.01
N SER D 343 -72.06 -32.83 -10.61
CA SER D 343 -72.84 -33.93 -11.15
C SER D 343 -72.12 -34.61 -12.31
N THR D 344 -72.21 -35.93 -12.36
CA THR D 344 -71.54 -36.72 -13.39
C THR D 344 -72.49 -37.75 -13.98
N ARG D 345 -72.40 -37.92 -15.31
CA ARG D 345 -73.24 -38.86 -16.05
C ARG D 345 -72.37 -39.65 -17.02
N GLY D 346 -72.71 -40.93 -17.21
CA GLY D 346 -71.99 -41.78 -18.13
C GLY D 346 -72.88 -42.72 -18.91
N HIS D 347 -72.80 -42.69 -20.24
CA HIS D 347 -73.73 -43.42 -21.08
C HIS D 347 -73.01 -44.06 -22.26
N LYS D 348 -73.30 -45.34 -22.48
CA LYS D 348 -72.87 -46.06 -23.68
C LYS D 348 -73.18 -45.26 -24.94
N ALA D 349 -72.20 -45.16 -25.83
CA ALA D 349 -72.35 -44.36 -27.03
C ALA D 349 -71.54 -44.98 -28.16
N THR D 350 -71.87 -44.55 -29.38
CA THR D 350 -71.28 -45.13 -30.59
C THR D 350 -71.14 -44.04 -31.64
N VAL D 351 -69.98 -44.01 -32.29
CA VAL D 351 -69.71 -43.11 -33.41
C VAL D 351 -69.66 -43.96 -34.67
N SER D 352 -70.43 -43.56 -35.67
CA SER D 352 -70.38 -44.22 -36.98
C SER D 352 -69.52 -43.36 -37.89
N THR D 353 -68.37 -43.90 -38.28
CA THR D 353 -67.52 -43.24 -39.26
C THR D 353 -68.06 -43.53 -40.65
N GLY D 354 -67.81 -42.60 -41.57
CA GLY D 354 -68.36 -42.71 -42.91
C GLY D 354 -69.81 -42.31 -43.02
N SER D 355 -70.49 -42.13 -41.89
CA SER D 355 -71.80 -41.49 -41.88
C SER D 355 -71.70 -40.05 -42.34
N VAL D 356 -72.75 -39.57 -43.01
CA VAL D 356 -72.74 -38.22 -43.57
C VAL D 356 -72.66 -37.16 -42.48
N HIS D 357 -72.95 -37.51 -41.23
CA HIS D 357 -72.87 -36.56 -40.13
C HIS D 357 -71.52 -36.60 -39.41
N PHE D 358 -70.58 -37.39 -39.91
CA PHE D 358 -69.21 -37.43 -39.37
C PHE D 358 -68.38 -36.38 -40.11
N THR D 359 -68.33 -35.18 -39.54
CA THR D 359 -67.59 -34.06 -40.13
C THR D 359 -66.71 -33.39 -39.07
N PRO D 360 -65.68 -34.08 -38.59
CA PRO D 360 -64.86 -33.47 -37.53
C PRO D 360 -63.99 -32.33 -38.03
N LYS D 361 -63.65 -32.31 -39.32
CA LYS D 361 -62.97 -31.15 -39.89
C LYS D 361 -63.81 -29.89 -39.78
N LEU D 362 -65.14 -30.03 -39.83
CA LEU D 362 -66.04 -28.89 -39.72
C LEU D 362 -66.38 -28.54 -38.28
N GLY D 363 -66.18 -29.47 -37.35
CA GLY D 363 -66.29 -29.19 -35.93
C GLY D 363 -67.39 -29.96 -35.22
N SER D 364 -68.08 -30.87 -35.89
CA SER D 364 -69.21 -31.58 -35.31
C SER D 364 -69.17 -33.04 -35.73
N VAL D 365 -69.51 -33.92 -34.78
CA VAL D 365 -69.70 -35.34 -35.04
C VAL D 365 -70.96 -35.80 -34.32
N GLN D 366 -71.49 -36.93 -34.77
CA GLN D 366 -72.76 -37.44 -34.27
C GLN D 366 -72.56 -38.76 -33.53
N PHE D 367 -73.09 -38.83 -32.32
CA PHE D 367 -73.09 -40.04 -31.52
C PHE D 367 -74.50 -40.60 -31.45
N THR D 368 -74.62 -41.92 -31.34
CA THR D 368 -75.90 -42.56 -31.05
C THR D 368 -75.80 -43.17 -29.66
N THR D 369 -76.68 -42.75 -28.77
CA THR D 369 -76.56 -43.05 -27.34
C THR D 369 -77.71 -43.95 -26.89
N ASP D 370 -77.70 -44.25 -25.59
CA ASP D 370 -78.76 -45.02 -24.95
C ASP D 370 -79.70 -44.14 -24.12
N THR D 371 -79.69 -42.83 -24.34
CA THR D 371 -80.60 -41.94 -23.65
C THR D 371 -80.91 -40.76 -24.56
N ASN D 372 -82.10 -40.18 -24.41
CA ASN D 372 -82.47 -38.94 -25.09
C ASN D 372 -82.65 -37.73 -24.18
N ASN D 373 -82.43 -37.86 -22.87
CA ASN D 373 -82.69 -36.74 -21.97
C ASN D 373 -81.56 -36.42 -21.00
N ASP D 374 -80.75 -37.42 -20.63
CA ASP D 374 -79.77 -37.31 -19.56
C ASP D 374 -78.39 -36.82 -20.00
N LEU D 375 -78.32 -35.91 -20.98
CA LEU D 375 -77.05 -35.28 -21.33
C LEU D 375 -77.24 -33.78 -21.50
N GLU D 376 -76.74 -33.00 -20.55
CA GLU D 376 -76.94 -31.56 -20.56
C GLU D 376 -76.16 -30.94 -21.71
N THR D 377 -76.55 -29.72 -22.08
CA THR D 377 -75.94 -29.11 -23.26
C THR D 377 -74.69 -28.30 -22.94
N GLY D 378 -74.77 -27.40 -21.96
CA GLY D 378 -73.67 -26.50 -21.68
C GLY D 378 -72.42 -27.12 -21.07
N GLN D 379 -72.41 -28.41 -20.79
CA GLN D 379 -71.31 -29.04 -20.08
C GLN D 379 -70.32 -29.71 -21.03
N ASN D 380 -69.06 -29.77 -20.60
CA ASN D 380 -67.99 -30.41 -21.37
C ASN D 380 -68.15 -31.91 -21.33
N THR D 381 -67.96 -32.56 -22.48
CA THR D 381 -68.27 -33.97 -22.63
C THR D 381 -67.10 -34.68 -23.32
N LYS D 382 -66.73 -35.85 -22.80
CA LYS D 382 -65.59 -36.61 -23.27
C LYS D 382 -66.03 -38.00 -23.73
N PHE D 383 -65.67 -38.35 -24.97
CA PHE D 383 -65.90 -39.70 -25.49
C PHE D 383 -64.66 -40.56 -25.28
N THR D 384 -64.77 -41.59 -24.44
CA THR D 384 -63.69 -42.54 -24.25
C THR D 384 -63.95 -43.77 -25.10
N PRO D 385 -63.14 -44.05 -26.11
CA PRO D 385 -63.40 -45.20 -26.98
C PRO D 385 -63.10 -46.51 -26.27
N VAL D 386 -63.73 -47.58 -26.75
CA VAL D 386 -63.54 -48.91 -26.17
C VAL D 386 -63.30 -49.94 -27.26
N GLY D 387 -64.10 -49.91 -28.31
CA GLY D 387 -64.01 -50.94 -29.32
C GLY D 387 -64.85 -50.62 -30.54
N VAL D 388 -64.95 -51.61 -31.42
CA VAL D 388 -65.71 -51.50 -32.66
C VAL D 388 -66.81 -52.55 -32.65
N VAL D 389 -67.86 -52.29 -33.45
CA VAL D 389 -69.03 -53.15 -33.54
C VAL D 389 -69.35 -53.41 -35.00
N GLN D 390 -70.16 -54.45 -35.23
CA GLN D 390 -70.53 -54.89 -36.57
C GLN D 390 -71.98 -55.31 -36.59
N ASP D 391 -72.69 -54.93 -37.65
CA ASP D 391 -74.06 -55.36 -37.86
C ASP D 391 -74.08 -56.82 -38.31
N GLY D 392 -74.64 -57.70 -37.48
CA GLY D 392 -74.52 -59.14 -37.69
C GLY D 392 -75.24 -59.66 -38.92
N ASN D 393 -76.14 -58.86 -39.50
CA ASN D 393 -76.91 -59.29 -40.67
C ASN D 393 -76.14 -59.17 -41.98
N SER D 394 -75.03 -58.44 -41.98
CA SER D 394 -74.18 -58.32 -43.16
C SER D 394 -73.10 -59.40 -43.13
N ALA D 395 -72.26 -59.41 -44.15
CA ALA D 395 -71.17 -60.38 -44.22
C ALA D 395 -70.22 -60.18 -43.04
N HIS D 396 -69.84 -61.29 -42.41
CA HIS D 396 -69.04 -61.23 -41.20
C HIS D 396 -67.66 -60.65 -41.48
N GLN D 397 -67.20 -59.77 -40.58
CA GLN D 397 -65.89 -59.11 -40.65
C GLN D 397 -65.82 -58.10 -41.79
N ASN D 398 -66.87 -57.29 -41.94
CA ASN D 398 -66.95 -56.33 -43.04
C ASN D 398 -67.11 -54.88 -42.60
N GLU D 399 -67.42 -54.61 -41.32
CA GLU D 399 -67.80 -53.26 -40.94
C GLU D 399 -66.59 -52.34 -40.77
N PRO D 400 -65.60 -52.68 -39.92
CA PRO D 400 -64.46 -51.76 -39.77
C PRO D 400 -63.40 -52.00 -40.84
N GLN D 401 -63.25 -51.04 -41.75
CA GLN D 401 -62.27 -51.10 -42.84
C GLN D 401 -61.09 -50.22 -42.46
N GLN D 402 -59.99 -50.83 -42.02
CA GLN D 402 -58.91 -50.01 -41.46
C GLN D 402 -58.22 -49.19 -42.54
N TRP D 403 -58.26 -49.65 -43.79
CA TRP D 403 -57.54 -49.00 -44.88
C TRP D 403 -58.45 -48.11 -45.72
N VAL D 404 -59.63 -47.76 -45.21
CA VAL D 404 -60.53 -46.81 -45.87
C VAL D 404 -60.61 -45.56 -44.99
N LEU D 405 -60.20 -44.44 -45.55
CA LEU D 405 -60.23 -43.22 -44.76
C LEU D 405 -61.64 -42.62 -44.76
N PRO D 406 -62.09 -42.12 -43.62
CA PRO D 406 -63.32 -41.32 -43.60
C PRO D 406 -63.20 -40.05 -44.43
N ASN D 407 -64.35 -39.46 -44.73
CA ASN D 407 -64.40 -38.16 -45.39
C ASN D 407 -64.50 -37.14 -44.26
N TYR D 408 -63.37 -36.51 -43.94
CA TYR D 408 -63.31 -35.70 -42.73
C TYR D 408 -64.21 -34.48 -42.78
N SER D 409 -64.62 -34.06 -43.98
CA SER D 409 -65.58 -32.97 -44.15
C SER D 409 -66.91 -33.45 -44.73
N GLY D 410 -67.25 -34.71 -44.48
CA GLY D 410 -68.44 -35.35 -45.05
C GLY D 410 -68.55 -35.11 -46.54
N ARG D 411 -69.79 -35.07 -47.03
CA ARG D 411 -70.01 -34.84 -48.46
C ARG D 411 -69.61 -33.43 -48.90
N THR D 412 -69.51 -32.48 -47.98
CA THR D 412 -69.25 -31.08 -48.32
C THR D 412 -67.78 -30.82 -48.58
N GLY D 413 -67.22 -31.58 -49.51
CA GLY D 413 -65.85 -31.42 -49.94
C GLY D 413 -65.05 -32.70 -49.81
N HIS D 414 -63.77 -32.59 -50.10
CA HIS D 414 -62.83 -33.70 -50.09
C HIS D 414 -61.78 -33.51 -49.00
N ASN D 415 -61.11 -34.61 -48.66
CA ASN D 415 -60.08 -34.60 -47.62
C ASN D 415 -58.84 -33.85 -48.09
N VAL D 416 -58.24 -33.09 -47.18
CA VAL D 416 -57.10 -32.23 -47.48
C VAL D 416 -55.96 -32.55 -46.52
N HIS D 417 -54.79 -31.98 -46.82
CA HIS D 417 -53.58 -32.11 -46.01
C HIS D 417 -53.35 -33.53 -45.50
N LEU D 418 -53.49 -34.50 -46.40
CA LEU D 418 -53.33 -35.89 -46.02
C LEU D 418 -51.86 -36.27 -45.94
N ALA D 419 -51.55 -37.21 -45.05
CA ALA D 419 -50.27 -37.91 -45.13
C ALA D 419 -50.30 -38.86 -46.33
N PRO D 420 -49.19 -39.00 -47.04
CA PRO D 420 -49.21 -39.76 -48.30
C PRO D 420 -49.55 -41.22 -48.07
N ALA D 421 -49.92 -41.88 -49.16
CA ALA D 421 -50.11 -43.32 -49.13
C ALA D 421 -48.76 -44.03 -49.14
N VAL D 422 -48.79 -45.30 -48.80
CA VAL D 422 -47.58 -46.08 -48.50
C VAL D 422 -47.71 -47.41 -49.20
N ALA D 423 -46.65 -47.81 -49.91
CA ALA D 423 -46.62 -49.06 -50.64
C ALA D 423 -45.19 -49.54 -50.75
N PRO D 424 -44.97 -50.85 -50.84
CA PRO D 424 -43.62 -51.35 -51.13
C PRO D 424 -43.16 -50.89 -52.50
N THR D 425 -41.88 -50.51 -52.58
CA THR D 425 -41.29 -50.03 -53.82
C THR D 425 -40.20 -50.94 -54.36
N PHE D 426 -39.67 -51.85 -53.53
CA PHE D 426 -38.60 -52.75 -53.91
C PHE D 426 -39.17 -54.12 -54.23
N PRO D 427 -38.82 -54.73 -55.36
CA PRO D 427 -39.38 -56.05 -55.70
C PRO D 427 -39.10 -57.08 -54.62
N GLY D 428 -40.15 -57.79 -54.22
CA GLY D 428 -40.05 -58.84 -53.22
C GLY D 428 -40.36 -58.39 -51.81
N GLU D 429 -40.67 -57.12 -51.61
CA GLU D 429 -40.83 -56.51 -50.30
C GLU D 429 -42.30 -56.19 -50.05
N GLN D 430 -42.70 -56.28 -48.78
CA GLN D 430 -44.04 -55.89 -48.34
C GLN D 430 -43.93 -55.00 -47.12
N LEU D 431 -45.01 -54.26 -46.85
CA LEU D 431 -45.08 -53.48 -45.63
C LEU D 431 -44.97 -54.37 -44.40
N LEU D 432 -44.38 -53.81 -43.34
CA LEU D 432 -44.35 -54.45 -42.03
C LEU D 432 -45.24 -53.66 -41.09
N PHE D 433 -46.27 -54.31 -40.57
CA PHE D 433 -47.28 -53.66 -39.75
C PHE D 433 -47.11 -54.06 -38.31
N PHE D 434 -47.38 -53.11 -37.41
CA PHE D 434 -47.49 -53.40 -35.98
C PHE D 434 -48.97 -53.64 -35.69
N ARG D 435 -49.33 -54.90 -35.46
CA ARG D 435 -50.71 -55.33 -35.44
C ARG D 435 -51.17 -55.52 -33.99
N SER D 436 -52.34 -54.97 -33.68
CA SER D 436 -53.06 -55.31 -32.47
C SER D 436 -54.53 -55.57 -32.83
N THR D 437 -55.26 -56.18 -31.90
CA THR D 437 -56.65 -56.54 -32.12
C THR D 437 -57.55 -55.67 -31.26
N MET D 438 -58.46 -54.96 -31.91
CA MET D 438 -59.38 -54.08 -31.21
C MET D 438 -60.42 -54.90 -30.46
N PRO D 439 -60.87 -54.46 -29.28
CA PRO D 439 -61.98 -55.14 -28.61
C PRO D 439 -63.25 -55.02 -29.44
N GLY D 440 -63.93 -56.14 -29.62
CA GLY D 440 -65.24 -56.15 -30.25
C GLY D 440 -66.35 -56.13 -29.20
N CYS D 441 -67.38 -55.30 -29.48
CA CYS D 441 -68.45 -55.06 -28.52
C CYS D 441 -69.79 -55.62 -28.95
N SER D 442 -70.00 -55.87 -30.24
CA SER D 442 -71.25 -56.39 -30.77
C SER D 442 -71.03 -56.83 -32.21
N GLY D 443 -71.57 -57.99 -32.56
CA GLY D 443 -71.51 -58.47 -33.92
C GLY D 443 -70.30 -59.33 -34.22
N TYR D 444 -69.86 -59.31 -35.48
CA TYR D 444 -68.68 -60.07 -35.93
C TYR D 444 -67.69 -59.14 -36.60
N PRO D 445 -67.12 -58.19 -35.86
CA PRO D 445 -66.34 -57.13 -36.50
C PRO D 445 -64.93 -57.58 -36.85
N ASN D 446 -64.36 -56.93 -37.85
CA ASN D 446 -62.97 -57.17 -38.24
C ASN D 446 -62.08 -56.45 -37.24
N MET D 447 -61.49 -57.21 -36.32
CA MET D 447 -60.77 -56.64 -35.19
C MET D 447 -59.32 -56.32 -35.51
N ASN D 448 -58.86 -56.64 -36.71
CA ASN D 448 -57.47 -56.44 -37.10
C ASN D 448 -57.16 -54.96 -37.25
N LEU D 449 -56.14 -54.48 -36.53
CA LEU D 449 -55.70 -53.08 -36.62
C LEU D 449 -54.20 -53.03 -36.81
N ASP D 450 -53.77 -52.54 -37.98
CA ASP D 450 -52.36 -52.39 -38.34
C ASP D 450 -51.99 -50.92 -38.32
N CYS D 451 -50.85 -50.59 -37.70
CA CYS D 451 -50.27 -49.26 -37.80
C CYS D 451 -48.85 -49.35 -38.35
N LEU D 452 -48.36 -48.22 -38.89
CA LEU D 452 -47.05 -48.18 -39.50
C LEU D 452 -45.93 -47.99 -38.48
N LEU D 453 -46.20 -47.32 -37.36
CA LEU D 453 -45.23 -47.02 -36.33
C LEU D 453 -45.90 -47.15 -34.97
N PRO D 454 -45.25 -47.78 -34.01
CA PRO D 454 -45.76 -47.73 -32.63
C PRO D 454 -45.84 -46.31 -32.14
N GLN D 455 -46.79 -46.05 -31.23
CA GLN D 455 -46.92 -44.72 -30.67
C GLN D 455 -45.65 -44.32 -29.92
N GLU D 456 -44.98 -45.28 -29.29
CA GLU D 456 -43.72 -44.99 -28.61
C GLU D 456 -42.64 -44.57 -29.59
N TRP D 457 -42.64 -45.12 -30.81
CA TRP D 457 -41.69 -44.68 -31.82
C TRP D 457 -41.96 -43.25 -32.25
N VAL D 458 -43.23 -42.86 -32.35
CA VAL D 458 -43.57 -41.49 -32.68
C VAL D 458 -43.02 -40.55 -31.62
N LEU D 459 -43.27 -40.89 -30.35
CA LEU D 459 -42.76 -40.08 -29.24
C LEU D 459 -41.25 -39.93 -29.31
N HIS D 460 -40.55 -41.04 -29.57
CA HIS D 460 -39.09 -41.02 -29.60
C HIS D 460 -38.56 -40.17 -30.75
N PHE D 461 -39.08 -40.39 -31.95
CA PHE D 461 -38.64 -39.60 -33.10
C PHE D 461 -38.89 -38.11 -32.87
N TYR D 462 -40.02 -37.77 -32.26
CA TYR D 462 -40.35 -36.35 -32.03
C TYR D 462 -39.34 -35.70 -31.09
N GLN D 463 -39.01 -36.37 -30.00
CA GLN D 463 -38.14 -35.80 -28.97
C GLN D 463 -36.69 -35.74 -29.43
N GLU D 464 -36.22 -36.80 -30.09
CA GLU D 464 -34.80 -36.87 -30.44
C GLU D 464 -34.51 -36.09 -31.72
N ALA D 465 -35.44 -36.12 -32.68
CA ALA D 465 -35.39 -35.29 -33.88
C ALA D 465 -34.06 -35.43 -34.63
N ALA D 466 -33.59 -36.66 -34.76
CA ALA D 466 -32.28 -36.89 -35.36
C ALA D 466 -32.38 -36.72 -36.88
N PRO D 467 -31.59 -35.85 -37.49
CA PRO D 467 -31.67 -35.68 -38.94
C PRO D 467 -31.25 -36.97 -39.64
N ALA D 468 -32.02 -37.33 -40.68
CA ALA D 468 -31.79 -38.56 -41.41
C ALA D 468 -30.63 -38.38 -42.39
N GLN D 469 -29.62 -39.23 -42.25
CA GLN D 469 -28.44 -39.17 -43.11
C GLN D 469 -28.65 -39.84 -44.45
N SER D 470 -29.76 -40.55 -44.64
CA SER D 470 -30.15 -41.08 -45.94
C SER D 470 -31.64 -41.39 -45.92
N ASP D 471 -32.13 -41.95 -47.02
CA ASP D 471 -33.57 -42.15 -47.18
C ASP D 471 -34.09 -43.39 -46.48
N VAL D 472 -33.21 -44.28 -46.03
CA VAL D 472 -33.61 -45.55 -45.43
C VAL D 472 -32.73 -45.82 -44.21
N ALA D 473 -33.36 -46.16 -43.09
CA ALA D 473 -32.66 -46.63 -41.91
C ALA D 473 -32.83 -48.14 -41.82
N LEU D 474 -31.73 -48.87 -41.93
CA LEU D 474 -31.76 -50.33 -41.82
C LEU D 474 -31.87 -50.72 -40.34
N LEU D 475 -32.89 -51.48 -40.00
CA LEU D 475 -33.08 -52.01 -38.66
C LEU D 475 -32.92 -53.52 -38.67
N ARG D 476 -32.35 -54.06 -37.60
CA ARG D 476 -32.26 -55.50 -37.39
C ARG D 476 -32.92 -55.87 -36.06
N PHE D 477 -33.66 -56.98 -36.08
CA PHE D 477 -34.38 -57.46 -34.92
C PHE D 477 -33.55 -58.53 -34.24
N VAL D 478 -33.28 -58.35 -32.95
CA VAL D 478 -32.24 -59.08 -32.24
C VAL D 478 -32.85 -59.87 -31.10
N ASN D 479 -32.37 -61.09 -30.91
CA ASN D 479 -32.68 -61.87 -29.72
C ASN D 479 -31.64 -61.55 -28.66
N PRO D 480 -32.01 -60.87 -27.56
CA PRO D 480 -31.00 -60.42 -26.60
C PRO D 480 -30.37 -61.53 -25.77
N ASP D 481 -30.97 -62.72 -25.72
CA ASP D 481 -30.34 -63.81 -24.99
C ASP D 481 -29.01 -64.21 -25.64
N THR D 482 -29.05 -64.50 -26.94
CA THR D 482 -27.87 -64.94 -27.68
C THR D 482 -27.18 -63.82 -28.43
N GLY D 483 -27.81 -62.65 -28.59
CA GLY D 483 -27.28 -61.63 -29.45
C GLY D 483 -27.55 -61.82 -30.93
N ARG D 484 -28.34 -62.82 -31.30
CA ARG D 484 -28.50 -63.22 -32.69
C ARG D 484 -29.47 -62.31 -33.43
N VAL D 485 -29.15 -62.03 -34.68
CA VAL D 485 -30.01 -61.24 -35.56
C VAL D 485 -31.02 -62.17 -36.21
N LEU D 486 -32.30 -61.85 -36.05
CA LEU D 486 -33.37 -62.71 -36.55
C LEU D 486 -33.82 -62.33 -37.96
N PHE D 487 -34.04 -61.04 -38.21
CA PHE D 487 -34.35 -60.55 -39.54
C PHE D 487 -33.93 -59.09 -39.62
N GLU D 488 -33.87 -58.59 -40.85
CA GLU D 488 -33.64 -57.17 -41.10
C GLU D 488 -34.80 -56.58 -41.89
N CYS D 489 -35.01 -55.28 -41.71
CA CYS D 489 -36.10 -54.57 -42.36
C CYS D 489 -35.65 -53.13 -42.61
N LYS D 490 -36.36 -52.45 -43.50
CA LYS D 490 -36.03 -51.08 -43.87
C LYS D 490 -37.04 -50.13 -43.24
N LEU D 491 -36.57 -49.27 -42.35
CA LEU D 491 -37.41 -48.20 -41.80
C LEU D 491 -37.21 -46.99 -42.71
N HIS D 492 -38.21 -46.68 -43.52
CA HIS D 492 -38.06 -45.60 -44.49
C HIS D 492 -38.18 -44.26 -43.79
N LYS D 493 -37.47 -43.27 -44.36
CA LYS D 493 -37.43 -41.95 -43.75
C LYS D 493 -38.82 -41.38 -43.54
N SER D 494 -39.74 -41.67 -44.47
CA SER D 494 -41.13 -41.19 -44.42
C SER D 494 -41.89 -41.72 -43.21
N GLY D 495 -41.28 -42.60 -42.43
CA GLY D 495 -41.93 -43.20 -41.28
C GLY D 495 -42.79 -44.42 -41.56
N TYR D 496 -42.24 -45.41 -42.25
CA TYR D 496 -42.92 -46.69 -42.43
C TYR D 496 -41.87 -47.78 -42.67
N VAL D 497 -42.26 -49.03 -42.39
CA VAL D 497 -41.31 -50.14 -42.41
C VAL D 497 -41.68 -51.11 -43.52
N THR D 498 -40.65 -51.72 -44.10
CA THR D 498 -40.80 -52.71 -45.16
C THR D 498 -39.86 -53.88 -44.86
N VAL D 499 -40.25 -55.07 -45.30
CA VAL D 499 -39.46 -56.27 -45.07
C VAL D 499 -39.54 -57.17 -46.30
N ALA D 500 -38.61 -58.12 -46.38
CA ALA D 500 -38.48 -58.97 -47.55
C ALA D 500 -39.25 -60.27 -47.33
N HIS D 501 -40.45 -60.34 -47.90
CA HIS D 501 -41.36 -61.47 -47.74
C HIS D 501 -42.43 -61.35 -48.81
N THR D 502 -43.05 -62.49 -49.14
CA THR D 502 -44.20 -62.51 -50.04
C THR D 502 -45.25 -63.41 -49.42
N GLY D 503 -46.48 -62.90 -49.35
CA GLY D 503 -47.57 -63.61 -48.71
C GLY D 503 -47.84 -63.06 -47.34
N PRO D 504 -49.04 -63.31 -46.80
CA PRO D 504 -49.31 -62.91 -45.42
C PRO D 504 -48.59 -63.81 -44.43
N HIS D 505 -48.24 -63.22 -43.29
CA HIS D 505 -47.47 -63.93 -42.27
C HIS D 505 -47.47 -63.17 -40.95
N ASP D 506 -47.87 -63.84 -39.88
CA ASP D 506 -47.60 -63.38 -38.52
C ASP D 506 -46.19 -63.83 -38.12
N LEU D 507 -45.38 -62.88 -37.66
CA LEU D 507 -43.99 -63.18 -37.34
C LEU D 507 -43.90 -63.97 -36.04
N VAL D 508 -42.99 -64.94 -36.01
CA VAL D 508 -42.75 -65.76 -34.83
C VAL D 508 -41.56 -65.15 -34.10
N ILE D 509 -41.83 -64.51 -32.98
CA ILE D 509 -40.88 -63.58 -32.36
C ILE D 509 -40.60 -63.99 -30.92
N PRO D 510 -39.35 -63.97 -30.47
CA PRO D 510 -39.07 -64.10 -29.04
C PRO D 510 -39.71 -62.96 -28.26
N PRO D 511 -40.31 -63.25 -27.12
CA PRO D 511 -41.04 -62.20 -26.39
C PRO D 511 -40.17 -61.04 -25.93
N ASN D 512 -38.85 -61.23 -25.81
CA ASN D 512 -37.94 -60.18 -25.35
C ASN D 512 -37.13 -59.53 -26.48
N GLY D 513 -37.44 -59.84 -27.74
CA GLY D 513 -36.66 -59.29 -28.84
C GLY D 513 -36.92 -57.81 -29.05
N TYR D 514 -35.88 -57.11 -29.55
CA TYR D 514 -35.92 -55.67 -29.70
C TYR D 514 -35.39 -55.28 -31.08
N PHE D 515 -35.75 -54.05 -31.50
CA PHE D 515 -35.26 -53.47 -32.74
C PHE D 515 -34.00 -52.66 -32.49
N ARG D 516 -33.02 -52.80 -33.40
CA ARG D 516 -31.76 -52.09 -33.30
C ARG D 516 -31.44 -51.43 -34.63
N PHE D 517 -31.11 -50.14 -34.60
CA PHE D 517 -30.70 -49.42 -35.81
C PHE D 517 -29.25 -49.73 -36.11
N ASP D 518 -28.98 -50.20 -37.34
CA ASP D 518 -27.66 -50.70 -37.67
C ASP D 518 -26.90 -49.87 -38.70
N SER D 519 -27.58 -49.25 -39.66
CA SER D 519 -26.88 -48.52 -40.71
C SER D 519 -27.88 -47.72 -41.53
N TRP D 520 -27.42 -46.59 -42.05
CA TRP D 520 -28.11 -45.92 -43.14
C TRP D 520 -27.80 -46.59 -44.47
N VAL D 521 -28.85 -46.77 -45.28
CA VAL D 521 -28.75 -47.40 -46.59
C VAL D 521 -29.57 -46.57 -47.57
N ASN D 522 -29.45 -46.90 -48.85
CA ASN D 522 -30.25 -46.25 -49.89
C ASN D 522 -31.30 -47.22 -50.44
N GLN D 523 -32.01 -46.74 -51.46
CA GLN D 523 -33.17 -47.45 -51.99
C GLN D 523 -32.81 -48.78 -52.64
N PHE D 524 -31.55 -48.99 -53.01
CA PHE D 524 -31.15 -50.18 -53.73
C PHE D 524 -30.77 -51.33 -52.82
N TYR D 525 -30.80 -51.14 -51.51
CA TYR D 525 -30.43 -52.20 -50.58
C TYR D 525 -31.38 -53.39 -50.70
N THR D 526 -30.81 -54.57 -50.80
CA THR D 526 -31.58 -55.81 -50.95
C THR D 526 -31.65 -56.51 -49.60
N LEU D 527 -32.86 -56.69 -49.10
CA LEU D 527 -33.03 -57.23 -47.75
C LEU D 527 -32.91 -58.75 -47.79
N ALA D 528 -32.37 -59.30 -46.70
CA ALA D 528 -32.29 -60.75 -46.58
C ALA D 528 -33.70 -61.31 -46.39
N PRO D 529 -34.05 -62.40 -47.08
CA PRO D 529 -35.39 -62.95 -46.91
C PRO D 529 -35.60 -63.48 -45.51
N MET D 530 -36.84 -63.35 -45.04
CA MET D 530 -37.19 -63.68 -43.67
C MET D 530 -38.38 -64.63 -43.66
N GLY D 531 -38.33 -65.64 -42.81
CA GLY D 531 -39.45 -66.55 -42.63
C GLY D 531 -39.12 -68.00 -42.88
N PRO E 10 6.95 8.37 -89.04
CA PRO E 10 6.46 7.47 -88.01
C PRO E 10 4.98 7.13 -88.17
N SER E 11 4.12 8.14 -88.03
CA SER E 11 2.68 7.99 -88.24
C SER E 11 2.21 8.80 -89.43
N ASP E 12 3.09 9.10 -90.38
CA ASP E 12 2.76 10.01 -91.47
C ASP E 12 2.03 9.24 -92.56
N GLY E 13 0.82 9.67 -92.88
CA GLY E 13 -0.01 8.97 -93.84
C GLY E 13 -0.71 7.76 -93.27
N SER E 14 -0.46 7.44 -92.01
CA SER E 14 -1.13 6.38 -91.27
C SER E 14 -1.60 6.96 -89.95
N THR E 15 -2.92 7.09 -89.78
CA THR E 15 -3.54 7.65 -88.57
C THR E 15 -3.31 9.16 -88.50
N ALA E 16 -2.06 9.60 -88.69
CA ALA E 16 -1.73 11.00 -88.95
C ALA E 16 -1.94 11.91 -87.74
N ASN E 17 -1.85 11.35 -86.54
CA ASN E 17 -2.03 12.08 -85.28
C ASN E 17 -3.45 12.59 -85.11
N LEU E 18 -4.39 12.11 -85.90
CA LEU E 18 -5.76 12.59 -85.88
C LEU E 18 -6.54 11.97 -84.73
N VAL E 19 -5.91 11.05 -84.02
CA VAL E 19 -6.56 10.03 -83.21
C VAL E 19 -5.73 9.81 -81.95
N PRO E 20 -6.37 9.68 -80.78
CA PRO E 20 -5.60 9.33 -79.58
C PRO E 20 -4.93 7.98 -79.75
N GLU E 21 -3.69 7.87 -79.26
CA GLU E 21 -2.96 6.61 -79.44
C GLU E 21 -3.18 5.68 -78.26
N VAL E 22 -2.80 6.11 -77.06
CA VAL E 22 -2.83 5.23 -75.88
C VAL E 22 -3.56 5.95 -74.76
N ASN E 23 -4.14 5.18 -73.86
CA ASN E 23 -4.84 5.73 -72.71
C ASN E 23 -3.89 5.79 -71.52
N ASN E 24 -3.77 6.98 -70.92
CA ASN E 24 -2.95 7.12 -69.74
C ASN E 24 -3.61 6.52 -68.50
N GLU E 25 -4.92 6.76 -68.33
CA GLU E 25 -5.66 6.29 -67.16
C GLU E 25 -5.46 4.80 -66.92
N VAL E 26 -5.50 4.43 -65.64
CA VAL E 26 -5.31 3.05 -65.19
C VAL E 26 -6.34 2.79 -64.11
N MET E 27 -6.88 1.57 -64.09
CA MET E 27 -7.88 1.23 -63.08
C MET E 27 -7.26 1.10 -61.70
N ALA E 28 -7.94 1.67 -60.71
CA ALA E 28 -7.43 1.74 -59.33
C ALA E 28 -7.81 0.48 -58.56
N LEU E 29 -7.23 -0.65 -58.99
CA LEU E 29 -7.45 -1.93 -58.35
C LEU E 29 -6.11 -2.45 -57.82
N GLU E 30 -6.13 -3.03 -56.62
CA GLU E 30 -4.95 -3.71 -56.13
C GLU E 30 -4.78 -5.04 -56.85
N PRO E 31 -3.57 -5.60 -56.86
CA PRO E 31 -3.39 -6.95 -57.36
C PRO E 31 -4.12 -7.96 -56.50
N VAL E 32 -4.53 -9.06 -57.12
CA VAL E 32 -5.29 -10.11 -56.45
C VAL E 32 -4.69 -11.45 -56.84
N VAL E 33 -4.42 -12.29 -55.84
CA VAL E 33 -3.81 -13.59 -56.09
C VAL E 33 -4.79 -14.51 -56.79
N GLY E 34 -4.26 -15.38 -57.65
CA GLY E 34 -5.09 -16.33 -58.34
C GLY E 34 -5.27 -17.65 -57.63
N ALA E 35 -5.00 -18.75 -58.33
CA ALA E 35 -5.28 -20.07 -57.81
C ALA E 35 -4.19 -20.62 -56.90
N ALA E 36 -3.04 -19.95 -56.79
CA ALA E 36 -1.97 -20.44 -55.93
C ALA E 36 -2.43 -20.58 -54.48
N ILE E 37 -3.25 -19.64 -53.99
CA ILE E 37 -3.79 -19.73 -52.64
C ILE E 37 -4.59 -21.01 -52.43
N ALA E 38 -5.13 -21.59 -53.50
CA ALA E 38 -6.02 -22.72 -53.36
C ALA E 38 -5.28 -24.06 -53.30
N ALA E 39 -3.97 -24.05 -53.53
CA ALA E 39 -3.23 -25.30 -53.63
C ALA E 39 -3.38 -26.23 -52.42
N PRO E 40 -3.32 -25.75 -51.17
CA PRO E 40 -3.47 -26.68 -50.04
C PRO E 40 -4.86 -27.28 -49.91
N VAL E 41 -5.89 -26.68 -50.50
CA VAL E 41 -7.25 -27.19 -50.39
C VAL E 41 -7.85 -27.63 -51.72
N ALA E 42 -7.17 -27.38 -52.84
CA ALA E 42 -7.67 -27.91 -54.10
C ALA E 42 -7.32 -29.40 -54.20
N GLY E 43 -8.07 -30.10 -55.05
CA GLY E 43 -7.78 -31.50 -55.26
C GLY E 43 -6.46 -31.73 -55.97
N GLN E 44 -6.10 -30.83 -56.88
CA GLN E 44 -4.98 -31.03 -57.78
C GLN E 44 -4.47 -29.67 -58.23
N GLN E 45 -3.24 -29.64 -58.73
CA GLN E 45 -2.65 -28.44 -59.28
C GLN E 45 -2.52 -28.68 -60.78
N ASN E 46 -3.22 -27.89 -61.57
CA ASN E 46 -3.37 -28.17 -63.00
C ASN E 46 -2.61 -27.13 -63.81
N VAL E 47 -2.57 -27.38 -65.12
CA VAL E 47 -1.76 -26.60 -66.03
C VAL E 47 -2.62 -26.25 -67.24
N ILE E 48 -2.53 -25.02 -67.69
CA ILE E 48 -3.15 -24.55 -68.91
C ILE E 48 -2.04 -24.40 -69.95
N ASP E 49 -2.36 -24.76 -71.20
CA ASP E 49 -1.39 -24.65 -72.26
C ASP E 49 -0.80 -23.24 -72.26
N PRO E 50 0.51 -23.09 -72.10
CA PRO E 50 1.09 -21.74 -71.98
C PRO E 50 0.78 -20.83 -73.16
N TRP E 51 0.54 -21.40 -74.35
CA TRP E 51 0.17 -20.57 -75.48
C TRP E 51 -1.14 -19.83 -75.21
N ILE E 52 -2.08 -20.48 -74.53
CA ILE E 52 -3.34 -19.83 -74.18
C ILE E 52 -3.10 -18.62 -73.29
N ARG E 53 -2.06 -18.68 -72.44
CA ARG E 53 -1.80 -17.58 -71.50
C ARG E 53 -1.08 -16.42 -72.15
N ASN E 54 -0.43 -16.63 -73.29
CA ASN E 54 0.40 -15.61 -73.91
C ASN E 54 -0.22 -14.98 -75.15
N ASN E 55 -1.46 -15.32 -75.49
CA ASN E 55 -2.01 -14.91 -76.78
C ASN E 55 -3.47 -14.51 -76.66
N PHE E 56 -3.78 -13.28 -77.08
CA PHE E 56 -5.15 -12.80 -77.05
C PHE E 56 -5.99 -13.47 -78.12
N VAL E 57 -7.20 -13.85 -77.73
CA VAL E 57 -8.17 -14.51 -78.59
C VAL E 57 -9.52 -13.85 -78.31
N GLN E 58 -10.36 -13.76 -79.33
CA GLN E 58 -11.60 -13.01 -79.16
C GLN E 58 -12.51 -13.77 -78.22
N ALA E 59 -13.05 -13.05 -77.24
CA ALA E 59 -13.94 -13.65 -76.26
C ALA E 59 -15.24 -14.12 -76.91
N PRO E 60 -15.87 -15.15 -76.35
CA PRO E 60 -17.29 -15.36 -76.66
C PRO E 60 -18.00 -14.09 -76.28
N GLY E 61 -18.77 -13.54 -77.20
CA GLY E 61 -19.36 -12.25 -76.87
C GLY E 61 -18.27 -11.20 -76.84
N GLY E 62 -17.52 -11.11 -77.93
CA GLY E 62 -16.43 -10.17 -78.03
C GLY E 62 -16.65 -9.12 -79.10
N GLU E 63 -17.90 -8.86 -79.45
CA GLU E 63 -18.26 -7.78 -80.37
C GLU E 63 -19.25 -6.86 -79.69
N PHE E 64 -19.06 -5.55 -79.90
CA PHE E 64 -20.10 -4.59 -79.57
C PHE E 64 -19.92 -3.37 -80.46
N THR E 65 -20.93 -2.49 -80.45
CA THR E 65 -20.98 -1.37 -81.38
C THR E 65 -21.36 -0.09 -80.67
N VAL E 66 -20.77 1.00 -81.13
CA VAL E 66 -21.18 2.35 -80.76
C VAL E 66 -21.76 3.00 -82.02
N SER E 67 -23.04 3.32 -81.99
CA SER E 67 -23.73 3.92 -83.13
C SER E 67 -24.52 5.14 -82.67
N PRO E 68 -25.00 5.95 -83.60
CA PRO E 68 -25.82 7.11 -83.20
C PRO E 68 -27.15 6.73 -82.58
N ARG E 69 -27.61 5.48 -82.75
CA ARG E 69 -28.83 5.04 -82.09
C ARG E 69 -28.64 4.79 -80.60
N ASN E 70 -27.41 4.65 -80.14
CA ASN E 70 -27.18 4.37 -78.73
C ASN E 70 -27.32 5.66 -77.91
N ALA E 71 -27.75 5.50 -76.67
CA ALA E 71 -27.90 6.65 -75.79
C ALA E 71 -26.96 6.52 -74.61
N PRO E 72 -26.47 7.65 -74.08
CA PRO E 72 -25.56 7.57 -72.92
C PRO E 72 -26.22 6.82 -71.78
N GLY E 73 -25.42 6.05 -71.06
CA GLY E 73 -25.90 5.22 -69.98
C GLY E 73 -26.11 3.76 -70.35
N GLU E 74 -26.25 3.46 -71.64
CA GLU E 74 -26.46 2.09 -72.06
C GLU E 74 -25.18 1.28 -71.89
N ILE E 75 -25.29 0.14 -71.22
CA ILE E 75 -24.17 -0.78 -71.08
C ILE E 75 -24.00 -1.53 -72.40
N LEU E 76 -22.95 -1.19 -73.15
CA LEU E 76 -22.75 -1.79 -74.46
C LEU E 76 -22.17 -3.19 -74.36
N TRP E 77 -21.49 -3.50 -73.27
CA TRP E 77 -20.80 -4.77 -73.08
C TRP E 77 -20.62 -5.00 -71.60
N SER E 78 -20.76 -6.25 -71.17
CA SER E 78 -20.52 -6.60 -69.78
C SER E 78 -20.32 -8.10 -69.68
N ALA E 79 -19.51 -8.51 -68.70
CA ALA E 79 -19.21 -9.92 -68.52
C ALA E 79 -18.71 -10.15 -67.11
N PRO E 80 -19.07 -11.25 -66.47
CA PRO E 80 -18.44 -11.63 -65.20
C PRO E 80 -17.18 -12.42 -65.44
N LEU E 81 -16.24 -12.28 -64.52
CA LEU E 81 -15.01 -13.07 -64.59
C LEU E 81 -15.35 -14.56 -64.52
N GLY E 82 -14.73 -15.32 -65.41
CA GLY E 82 -14.99 -16.75 -65.49
C GLY E 82 -14.45 -17.30 -66.79
N PRO E 83 -14.43 -18.62 -66.92
CA PRO E 83 -13.82 -19.23 -68.12
C PRO E 83 -14.50 -18.83 -69.42
N ASP E 84 -15.76 -18.39 -69.35
CA ASP E 84 -16.49 -18.02 -70.56
C ASP E 84 -15.98 -16.74 -71.20
N LEU E 85 -14.99 -16.09 -70.59
CA LEU E 85 -14.35 -14.91 -71.16
C LEU E 85 -13.41 -15.23 -72.31
N ASN E 86 -13.12 -16.51 -72.56
CA ASN E 86 -12.06 -16.89 -73.47
C ASN E 86 -12.42 -18.22 -74.13
N PRO E 87 -12.47 -18.29 -75.46
CA PRO E 87 -13.02 -19.49 -76.12
C PRO E 87 -12.26 -20.76 -75.82
N TYR E 88 -10.93 -20.68 -75.68
CA TYR E 88 -10.15 -21.87 -75.32
C TYR E 88 -10.52 -22.33 -73.90
N LEU E 89 -10.48 -21.40 -72.95
CA LEU E 89 -10.83 -21.74 -71.57
C LEU E 89 -12.26 -22.26 -71.48
N SER E 90 -13.14 -21.81 -72.37
CA SER E 90 -14.53 -22.27 -72.35
C SER E 90 -14.63 -23.76 -72.61
N HIS E 91 -13.91 -24.26 -73.62
CA HIS E 91 -13.90 -25.70 -73.86
C HIS E 91 -13.16 -26.43 -72.75
N LEU E 92 -12.05 -25.86 -72.28
CA LEU E 92 -11.34 -26.45 -71.17
C LEU E 92 -12.23 -26.53 -69.93
N ALA E 93 -13.06 -25.52 -69.71
CA ALA E 93 -13.88 -25.50 -68.50
C ALA E 93 -14.89 -26.63 -68.48
N ARG E 94 -15.28 -27.15 -69.65
CA ARG E 94 -16.23 -28.25 -69.65
C ARG E 94 -15.62 -29.49 -69.02
N MET E 95 -14.32 -29.47 -68.76
CA MET E 95 -13.53 -30.58 -68.27
C MET E 95 -13.07 -30.39 -66.82
N TYR E 96 -13.42 -29.28 -66.19
CA TYR E 96 -12.99 -28.97 -64.83
C TYR E 96 -14.17 -28.60 -63.95
N ASN E 97 -13.95 -28.75 -62.64
CA ASN E 97 -14.96 -28.49 -61.62
C ASN E 97 -14.90 -27.07 -61.08
N GLY E 98 -13.75 -26.41 -61.14
CA GLY E 98 -13.65 -25.06 -60.63
C GLY E 98 -12.51 -24.29 -61.26
N TYR E 99 -12.31 -23.08 -60.75
CA TYR E 99 -11.28 -22.18 -61.27
C TYR E 99 -11.00 -21.10 -60.25
N ALA E 100 -9.91 -20.37 -60.47
CA ALA E 100 -9.59 -19.18 -59.69
C ALA E 100 -8.54 -18.40 -60.47
N GLY E 101 -8.59 -17.09 -60.34
CA GLY E 101 -7.62 -16.21 -60.97
C GLY E 101 -8.28 -15.28 -61.97
N GLY E 102 -7.45 -14.36 -62.47
CA GLY E 102 -7.93 -13.22 -63.22
C GLY E 102 -7.58 -13.30 -64.70
N PHE E 103 -7.99 -12.25 -65.41
CA PHE E 103 -7.79 -12.15 -66.85
C PHE E 103 -7.14 -10.82 -67.21
N GLU E 104 -6.53 -10.81 -68.38
CA GLU E 104 -6.16 -9.59 -69.09
C GLU E 104 -7.11 -9.48 -70.28
N VAL E 105 -7.89 -8.39 -70.34
CA VAL E 105 -8.81 -8.17 -71.44
C VAL E 105 -8.28 -7.04 -72.31
N GLN E 106 -8.42 -7.22 -73.63
CA GLN E 106 -7.98 -6.26 -74.62
C GLN E 106 -9.21 -5.81 -75.40
N VAL E 107 -9.42 -4.50 -75.48
CA VAL E 107 -10.55 -3.90 -76.17
C VAL E 107 -10.03 -3.07 -77.33
N ILE E 108 -10.62 -3.24 -78.52
CA ILE E 108 -10.21 -2.55 -79.72
C ILE E 108 -11.30 -1.53 -80.05
N LEU E 109 -10.91 -0.27 -80.17
CA LEU E 109 -11.84 0.84 -80.38
C LEU E 109 -11.28 1.79 -81.43
N ALA E 110 -10.85 1.28 -82.58
CA ALA E 110 -10.11 2.13 -83.50
C ALA E 110 -11.08 2.76 -84.49
N GLY E 111 -11.84 3.72 -83.96
CA GLY E 111 -12.87 4.38 -84.74
C GLY E 111 -12.31 5.41 -85.69
N ASN E 112 -13.04 5.62 -86.78
CA ASN E 112 -12.71 6.65 -87.76
C ASN E 112 -12.46 7.99 -87.08
N ALA E 113 -11.55 8.78 -87.66
CA ALA E 113 -11.09 10.01 -87.02
C ALA E 113 -12.18 11.07 -86.93
N PHE E 114 -13.26 10.93 -87.70
CA PHE E 114 -14.34 11.90 -87.74
C PHE E 114 -15.41 11.65 -86.68
N THR E 115 -15.19 10.70 -85.77
CA THR E 115 -16.17 10.34 -84.76
C THR E 115 -15.76 10.92 -83.42
N ALA E 116 -16.76 11.15 -82.56
CA ALA E 116 -16.51 11.58 -81.19
C ALA E 116 -17.34 10.75 -80.23
N GLY E 117 -16.87 10.65 -79.00
CA GLY E 117 -17.59 9.96 -77.93
C GLY E 117 -16.66 9.24 -76.99
N LYS E 118 -17.15 9.00 -75.77
CA LYS E 118 -16.37 8.38 -74.71
C LYS E 118 -17.09 7.14 -74.16
N ILE E 119 -16.31 6.11 -73.85
CA ILE E 119 -16.79 4.91 -73.18
C ILE E 119 -16.08 4.82 -71.83
N ILE E 120 -16.83 4.46 -70.78
CA ILE E 120 -16.28 4.20 -69.47
C ILE E 120 -16.27 2.69 -69.21
N PHE E 121 -15.11 2.17 -68.83
CA PHE E 121 -14.96 0.80 -68.37
C PHE E 121 -14.83 0.79 -66.86
N ALA E 122 -15.55 -0.12 -66.20
CA ALA E 122 -15.50 -0.18 -64.74
C ALA E 122 -15.55 -1.62 -64.25
N ALA E 123 -14.85 -1.87 -63.15
CA ALA E 123 -14.89 -3.14 -62.43
C ALA E 123 -15.83 -3.01 -61.24
N VAL E 124 -16.91 -3.78 -61.24
CA VAL E 124 -17.86 -3.78 -60.14
C VAL E 124 -17.69 -5.02 -59.28
N PRO E 125 -17.71 -4.87 -57.96
CA PRO E 125 -17.34 -5.98 -57.08
C PRO E 125 -18.41 -7.05 -57.05
N PRO E 126 -18.13 -8.22 -56.46
CA PRO E 126 -19.02 -9.38 -56.65
C PRO E 126 -20.50 -9.21 -56.32
N ASN E 127 -20.84 -8.77 -55.11
CA ASN E 127 -22.24 -8.72 -54.71
C ASN E 127 -22.88 -7.34 -54.91
N PHE E 128 -22.32 -6.51 -55.74
CA PHE E 128 -23.01 -5.25 -55.97
C PHE E 128 -23.92 -5.38 -57.19
N PRO E 129 -25.19 -4.98 -57.09
CA PRO E 129 -26.11 -5.16 -58.21
C PRO E 129 -25.80 -4.20 -59.36
N THR E 130 -25.64 -4.77 -60.56
CA THR E 130 -25.38 -4.01 -61.77
C THR E 130 -26.64 -3.42 -62.39
N GLU E 131 -27.81 -3.91 -62.00
CA GLU E 131 -29.00 -3.84 -62.82
C GLU E 131 -29.62 -2.45 -62.91
N GLY E 132 -29.14 -1.47 -62.16
CA GLY E 132 -29.65 -0.13 -62.31
C GLY E 132 -28.65 1.00 -62.46
N LEU E 133 -27.39 0.68 -62.74
CA LEU E 133 -26.32 1.67 -62.58
C LEU E 133 -26.49 2.84 -63.54
N SER E 134 -26.33 4.05 -63.02
CA SER E 134 -26.21 5.31 -63.74
C SER E 134 -24.75 5.61 -64.05
N PRO E 135 -24.48 6.46 -65.05
CA PRO E 135 -23.08 6.81 -65.32
C PRO E 135 -22.38 7.45 -64.14
N SER E 136 -23.05 8.37 -63.43
CA SER E 136 -22.51 8.92 -62.19
C SER E 136 -22.03 7.84 -61.24
N GLN E 137 -22.85 6.79 -61.06
CA GLN E 137 -22.51 5.76 -60.09
C GLN E 137 -21.33 4.92 -60.56
N VAL E 138 -21.27 4.61 -61.86
CA VAL E 138 -20.20 3.79 -62.41
C VAL E 138 -18.84 4.45 -62.17
N THR E 139 -18.80 5.77 -62.15
CA THR E 139 -17.58 6.50 -61.80
C THR E 139 -17.08 6.18 -60.39
N MET E 140 -17.93 5.64 -59.52
CA MET E 140 -17.49 5.42 -58.14
C MET E 140 -16.78 4.09 -57.95
N PHE E 141 -16.80 3.22 -58.94
CA PHE E 141 -15.96 2.03 -58.94
C PHE E 141 -14.61 2.37 -59.58
N PRO E 142 -13.61 1.51 -59.42
CA PRO E 142 -12.41 1.62 -60.27
C PRO E 142 -12.81 1.65 -61.73
N HIS E 143 -12.31 2.64 -62.46
CA HIS E 143 -12.82 2.86 -63.80
C HIS E 143 -11.76 3.47 -64.70
N ILE E 144 -12.04 3.40 -66.00
CA ILE E 144 -11.20 3.98 -67.04
C ILE E 144 -12.13 4.63 -68.07
N ILE E 145 -11.78 5.84 -68.51
CA ILE E 145 -12.56 6.55 -69.52
C ILE E 145 -11.73 6.66 -70.79
N VAL E 146 -12.24 6.09 -71.87
CA VAL E 146 -11.50 5.91 -73.11
C VAL E 146 -12.24 6.61 -74.24
N ASP E 147 -11.49 7.23 -75.15
CA ASP E 147 -12.10 7.88 -76.30
C ASP E 147 -12.45 6.83 -77.34
N VAL E 148 -13.59 7.01 -77.99
CA VAL E 148 -14.07 6.00 -78.93
C VAL E 148 -13.15 5.87 -80.12
N ARG E 149 -12.26 6.86 -80.34
CA ARG E 149 -11.32 6.82 -81.46
C ARG E 149 -9.99 6.18 -81.13
N GLN E 150 -9.79 5.66 -79.93
CA GLN E 150 -8.45 5.24 -79.51
C GLN E 150 -7.88 4.17 -80.44
N LEU E 151 -6.60 4.34 -80.78
CA LEU E 151 -5.94 3.50 -81.76
C LEU E 151 -5.33 2.26 -81.12
N GLU E 152 -4.58 2.45 -80.05
CA GLU E 152 -4.00 1.28 -79.43
C GLU E 152 -5.06 0.56 -78.61
N PRO E 153 -5.02 -0.77 -78.56
CA PRO E 153 -6.02 -1.49 -77.77
C PRO E 153 -5.94 -1.06 -76.31
N VAL E 154 -7.09 -1.17 -75.63
CA VAL E 154 -7.16 -0.84 -74.21
C VAL E 154 -6.92 -2.11 -73.43
N LEU E 155 -6.01 -2.05 -72.47
CA LEU E 155 -5.67 -3.20 -71.66
C LEU E 155 -6.24 -2.99 -70.26
N ILE E 156 -7.12 -3.88 -69.86
CA ILE E 156 -7.76 -3.85 -68.56
C ILE E 156 -7.44 -5.16 -67.85
N PRO E 157 -6.77 -5.14 -66.71
CA PRO E 157 -6.66 -6.37 -65.92
C PRO E 157 -7.87 -6.54 -65.03
N LEU E 158 -8.32 -7.79 -64.95
CA LEU E 158 -9.54 -8.13 -64.21
C LEU E 158 -9.19 -9.14 -63.13
N PRO E 159 -9.02 -8.71 -61.89
CA PRO E 159 -8.63 -9.63 -60.81
C PRO E 159 -9.82 -10.39 -60.23
N ASP E 160 -9.52 -11.57 -59.69
CA ASP E 160 -10.56 -12.45 -59.16
C ASP E 160 -10.84 -12.11 -57.69
N VAL E 161 -11.39 -10.92 -57.47
CA VAL E 161 -11.85 -10.55 -56.14
C VAL E 161 -12.90 -11.54 -55.67
N ARG E 162 -12.73 -12.04 -54.45
CA ARG E 162 -13.54 -13.13 -53.91
C ARG E 162 -13.20 -13.25 -52.43
N ASN E 163 -14.01 -14.05 -51.72
CA ASN E 163 -13.77 -14.32 -50.30
C ASN E 163 -13.62 -15.81 -50.03
N ASN E 164 -13.36 -16.60 -51.06
CA ASN E 164 -13.12 -18.02 -50.95
C ASN E 164 -11.85 -18.36 -51.72
N PHE E 165 -11.39 -19.61 -51.58
CA PHE E 165 -10.14 -19.98 -52.22
C PHE E 165 -10.30 -20.05 -53.74
N TYR E 166 -11.46 -20.52 -54.21
CA TYR E 166 -11.70 -20.67 -55.64
C TYR E 166 -13.20 -20.80 -55.86
N HIS E 167 -13.59 -20.83 -57.13
CA HIS E 167 -14.97 -20.85 -57.55
C HIS E 167 -15.31 -22.23 -58.09
N TYR E 168 -16.56 -22.66 -57.87
CA TYR E 168 -17.07 -23.87 -58.50
C TYR E 168 -17.85 -23.50 -59.76
N ASN E 169 -17.65 -24.30 -60.82
CA ASN E 169 -18.37 -24.07 -62.07
C ASN E 169 -19.88 -24.19 -61.88
N GLN E 170 -20.31 -25.17 -61.09
CA GLN E 170 -21.73 -25.48 -60.97
C GLN E 170 -22.47 -24.61 -59.97
N SER E 171 -21.82 -23.65 -59.33
CA SER E 171 -22.49 -22.81 -58.35
C SER E 171 -22.73 -21.44 -58.96
N ASN E 172 -23.49 -20.61 -58.25
CA ASN E 172 -23.82 -19.28 -58.73
C ASN E 172 -23.24 -18.18 -57.86
N ASP E 173 -22.15 -18.45 -57.15
CA ASP E 173 -21.48 -17.38 -56.42
C ASP E 173 -21.03 -16.30 -57.40
N PRO E 174 -21.19 -15.03 -57.07
CA PRO E 174 -20.85 -13.97 -58.02
C PRO E 174 -19.36 -13.64 -58.06
N THR E 175 -18.94 -13.13 -59.20
CA THR E 175 -17.57 -12.73 -59.44
C THR E 175 -17.55 -11.27 -59.88
N ILE E 176 -16.35 -10.69 -60.01
CA ILE E 176 -16.26 -9.35 -60.57
C ILE E 176 -16.89 -9.32 -61.95
N LYS E 177 -17.54 -8.21 -62.26
CA LYS E 177 -18.06 -7.94 -63.58
C LYS E 177 -17.27 -6.79 -64.17
N LEU E 178 -16.88 -6.93 -65.42
CA LEU E 178 -16.31 -5.82 -66.18
C LEU E 178 -17.43 -5.20 -67.01
N ILE E 179 -17.50 -3.87 -66.97
CA ILE E 179 -18.60 -3.14 -67.59
C ILE E 179 -18.05 -2.12 -68.56
N ALA E 180 -18.67 -2.04 -69.73
CA ALA E 180 -18.41 -0.97 -70.68
C ALA E 180 -19.73 -0.25 -70.88
N MET E 181 -19.75 1.04 -70.56
CA MET E 181 -20.94 1.85 -70.71
C MET E 181 -20.64 3.05 -71.59
N LEU E 182 -21.60 3.39 -72.45
CA LEU E 182 -21.44 4.59 -73.26
C LEU E 182 -21.53 5.81 -72.35
N TYR E 183 -20.43 6.54 -72.27
CA TYR E 183 -20.31 7.67 -71.33
C TYR E 183 -20.72 8.96 -72.00
N THR E 184 -20.38 9.10 -73.28
CA THR E 184 -20.76 10.21 -74.15
C THR E 184 -21.39 9.64 -75.42
N PRO E 185 -22.45 10.26 -75.93
CA PRO E 185 -23.05 9.78 -77.17
C PRO E 185 -22.07 9.87 -78.32
N LEU E 186 -22.25 9.00 -79.31
CA LEU E 186 -21.40 9.04 -80.49
C LEU E 186 -21.84 10.18 -81.40
N ARG E 187 -20.90 11.03 -81.77
CA ARG E 187 -21.10 12.11 -82.71
C ARG E 187 -20.12 11.92 -83.87
N ALA E 188 -20.39 12.61 -84.97
CA ALA E 188 -19.50 12.55 -86.13
C ALA E 188 -19.65 13.82 -86.94
N ASN E 189 -18.55 14.24 -87.58
CA ASN E 189 -18.56 15.44 -88.40
C ASN E 189 -17.88 15.23 -89.75
N ASN E 190 -17.69 13.99 -90.18
CA ASN E 190 -17.51 13.73 -91.60
C ASN E 190 -18.72 14.27 -92.36
N ALA E 191 -18.47 15.02 -93.42
CA ALA E 191 -19.58 15.40 -94.28
C ALA E 191 -20.05 14.17 -95.04
N GLY E 192 -21.37 13.97 -95.09
CA GLY E 192 -21.89 12.80 -95.72
C GLY E 192 -22.93 12.16 -94.85
N ASP E 193 -23.13 10.86 -95.04
CA ASP E 193 -24.06 10.09 -94.24
C ASP E 193 -23.31 9.52 -93.03
N ASP E 194 -23.97 9.50 -91.88
CA ASP E 194 -23.30 9.05 -90.65
C ASP E 194 -23.32 7.54 -90.58
N VAL E 195 -22.51 6.91 -91.44
CA VAL E 195 -22.39 5.47 -91.45
C VAL E 195 -21.23 5.00 -90.59
N PHE E 196 -20.53 5.93 -89.94
CA PHE E 196 -19.30 5.61 -89.21
C PHE E 196 -19.60 5.04 -87.82
N THR E 197 -20.24 3.88 -87.83
CA THR E 197 -20.46 3.19 -86.57
C THR E 197 -19.14 2.60 -86.11
N VAL E 198 -18.89 2.61 -84.80
CA VAL E 198 -17.61 2.13 -84.28
C VAL E 198 -17.77 0.65 -83.94
N SER E 199 -17.13 -0.20 -84.73
CA SER E 199 -17.13 -1.64 -84.49
C SER E 199 -16.01 -1.95 -83.51
N CYS E 200 -16.36 -2.57 -82.38
CA CYS E 200 -15.40 -2.83 -81.32
C CYS E 200 -15.29 -4.32 -81.08
N ARG E 201 -14.09 -4.76 -80.69
CA ARG E 201 -13.85 -6.17 -80.42
C ARG E 201 -13.19 -6.31 -79.05
N VAL E 202 -13.58 -7.37 -78.34
CA VAL E 202 -13.02 -7.67 -77.02
C VAL E 202 -12.25 -8.99 -77.12
N LEU E 203 -10.96 -8.93 -76.79
CA LEU E 203 -10.12 -10.11 -76.73
C LEU E 203 -9.61 -10.27 -75.30
N THR E 204 -9.29 -11.50 -74.93
CA THR E 204 -8.85 -11.80 -73.57
C THR E 204 -7.78 -12.86 -73.59
N ARG E 205 -7.14 -13.03 -72.43
CA ARG E 205 -6.25 -14.14 -72.15
C ARG E 205 -6.15 -14.28 -70.65
N PRO E 206 -5.90 -15.48 -70.13
CA PRO E 206 -5.84 -15.63 -68.67
C PRO E 206 -4.58 -14.99 -68.12
N SER E 207 -4.71 -14.39 -66.93
CA SER E 207 -3.53 -13.95 -66.20
C SER E 207 -2.65 -15.15 -65.87
N PRO E 208 -1.39 -14.92 -65.52
CA PRO E 208 -0.55 -16.06 -65.10
C PRO E 208 -1.08 -16.76 -63.85
N ASP E 209 -1.84 -16.05 -63.01
CA ASP E 209 -2.37 -16.63 -61.78
C ASP E 209 -3.67 -17.40 -61.98
N PHE E 210 -4.23 -17.43 -63.19
CA PHE E 210 -5.45 -18.19 -63.43
C PHE E 210 -5.12 -19.67 -63.57
N ASP E 211 -6.01 -20.52 -63.06
CA ASP E 211 -5.85 -21.96 -63.22
C ASP E 211 -7.17 -22.66 -62.94
N PHE E 212 -7.35 -23.81 -63.57
CA PHE E 212 -8.49 -24.68 -63.31
C PHE E 212 -8.20 -25.57 -62.11
N ILE E 213 -9.24 -26.23 -61.58
CA ILE E 213 -9.04 -26.93 -60.31
C ILE E 213 -9.17 -28.44 -60.38
N PHE E 214 -10.36 -28.98 -60.61
CA PHE E 214 -10.54 -30.42 -60.44
C PHE E 214 -11.00 -31.06 -61.74
N LEU E 215 -10.24 -32.06 -62.20
CA LEU E 215 -10.53 -32.77 -63.44
C LEU E 215 -11.80 -33.61 -63.29
N VAL E 216 -12.76 -33.40 -64.20
CA VAL E 216 -14.08 -34.01 -64.09
C VAL E 216 -14.57 -34.42 -65.47
N PRO E 217 -15.58 -35.30 -65.53
CA PRO E 217 -16.11 -35.79 -66.81
C PRO E 217 -16.48 -34.65 -67.75
N PRO E 218 -16.01 -34.74 -69.00
CA PRO E 218 -15.82 -33.55 -69.83
C PRO E 218 -17.08 -32.89 -70.36
N THR E 219 -18.29 -33.41 -70.14
CA THR E 219 -19.46 -32.68 -70.64
C THR E 219 -20.64 -32.64 -69.67
N VAL E 220 -20.59 -33.36 -68.55
CA VAL E 220 -21.77 -33.54 -67.71
C VAL E 220 -22.27 -32.22 -67.12
N GLU E 221 -21.35 -31.35 -66.68
CA GLU E 221 -21.76 -30.17 -65.91
C GLU E 221 -22.62 -29.21 -66.70
N SER E 222 -23.69 -28.74 -66.03
CA SER E 222 -24.72 -27.94 -66.67
C SER E 222 -24.19 -26.60 -67.18
N ARG E 223 -23.66 -25.78 -66.26
CA ARG E 223 -23.31 -24.38 -66.50
C ARG E 223 -22.23 -24.18 -67.55
N THR E 224 -21.66 -25.26 -68.07
CA THR E 224 -20.53 -25.18 -68.98
C THR E 224 -20.84 -25.58 -70.43
N LYS E 225 -22.05 -26.03 -70.75
CA LYS E 225 -22.36 -26.37 -72.14
C LYS E 225 -22.43 -25.11 -72.99
N PRO E 226 -21.77 -25.07 -74.13
CA PRO E 226 -21.79 -23.88 -75.00
C PRO E 226 -22.96 -23.85 -75.96
N PHE E 227 -23.36 -22.63 -76.30
CA PHE E 227 -24.50 -22.41 -77.18
C PHE E 227 -24.12 -22.59 -78.65
N THR E 228 -25.00 -23.26 -79.40
CA THR E 228 -24.82 -23.43 -80.85
C THR E 228 -26.17 -23.27 -81.54
N VAL E 229 -26.10 -23.09 -82.86
CA VAL E 229 -27.30 -22.89 -83.67
C VAL E 229 -27.24 -23.84 -84.85
N PRO E 230 -28.31 -24.59 -85.12
CA PRO E 230 -28.22 -25.68 -86.10
C PRO E 230 -27.82 -25.21 -87.49
N ILE E 231 -27.09 -26.08 -88.20
CA ILE E 231 -26.61 -25.81 -89.55
C ILE E 231 -27.69 -25.92 -90.61
N LEU E 232 -28.90 -26.33 -90.23
CA LEU E 232 -29.93 -26.63 -91.22
C LEU E 232 -30.30 -25.39 -92.03
N THR E 233 -30.69 -25.64 -93.28
CA THR E 233 -31.15 -24.63 -94.23
C THR E 233 -32.64 -24.34 -93.99
N VAL E 234 -33.06 -23.14 -94.42
CA VAL E 234 -34.45 -22.74 -94.26
C VAL E 234 -35.42 -23.76 -94.88
N GLU E 235 -35.16 -24.18 -96.12
CA GLU E 235 -36.06 -25.16 -96.74
C GLU E 235 -36.07 -26.48 -95.98
N GLU E 236 -34.97 -26.84 -95.34
CA GLU E 236 -34.88 -28.13 -94.67
C GLU E 236 -35.56 -28.14 -93.31
N MET E 237 -36.05 -27.00 -92.83
CA MET E 237 -36.70 -26.92 -91.54
C MET E 237 -38.22 -26.82 -91.73
N THR E 238 -38.94 -26.77 -90.62
CA THR E 238 -40.39 -26.85 -90.60
C THR E 238 -40.96 -25.76 -89.71
N ASN E 239 -42.16 -25.29 -90.06
CA ASN E 239 -42.83 -24.30 -89.24
C ASN E 239 -43.23 -24.91 -87.90
N SER E 240 -43.22 -24.07 -86.88
CA SER E 240 -43.47 -24.49 -85.50
C SER E 240 -44.91 -24.24 -85.06
N ARG E 241 -45.73 -23.65 -85.93
CA ARG E 241 -47.11 -23.33 -85.63
C ARG E 241 -48.10 -24.13 -86.48
N PHE E 242 -47.60 -24.92 -87.43
CA PHE E 242 -48.42 -25.76 -88.28
C PHE E 242 -47.50 -26.77 -88.94
N PRO E 243 -47.92 -28.04 -89.09
CA PRO E 243 -47.01 -29.05 -89.64
C PRO E 243 -46.74 -28.88 -91.13
N ILE E 244 -46.07 -27.79 -91.50
CA ILE E 244 -45.73 -27.52 -92.90
C ILE E 244 -44.29 -27.03 -92.97
N PRO E 245 -43.64 -27.24 -94.12
CA PRO E 245 -42.26 -26.76 -94.27
C PRO E 245 -42.18 -25.25 -94.32
N LEU E 246 -40.99 -24.74 -94.05
CA LEU E 246 -40.69 -23.33 -94.22
C LEU E 246 -40.46 -23.02 -95.70
N GLU E 247 -40.63 -21.75 -96.04
CA GLU E 247 -40.48 -21.38 -97.45
C GLU E 247 -39.64 -20.12 -97.64
N LYS E 248 -39.84 -19.09 -96.82
CA LYS E 248 -39.08 -17.86 -96.95
C LYS E 248 -38.88 -17.24 -95.57
N LEU E 249 -37.98 -16.25 -95.53
CA LEU E 249 -37.82 -15.38 -94.38
C LEU E 249 -38.48 -14.04 -94.66
N PHE E 250 -39.22 -13.53 -93.69
CA PHE E 250 -39.96 -12.29 -93.86
C PHE E 250 -39.75 -11.37 -92.67
N THR E 251 -39.49 -10.10 -92.94
CA THR E 251 -39.51 -9.06 -91.93
C THR E 251 -40.58 -8.04 -92.32
N GLY E 252 -41.30 -7.54 -91.31
CA GLY E 252 -42.27 -6.50 -91.53
C GLY E 252 -42.55 -5.73 -90.26
N PRO E 253 -43.13 -4.54 -90.40
CA PRO E 253 -43.54 -3.78 -89.20
C PRO E 253 -44.70 -4.47 -88.50
N SER E 254 -44.65 -4.46 -87.17
CA SER E 254 -45.62 -5.16 -86.34
C SER E 254 -46.27 -4.24 -85.33
N GLY E 255 -46.26 -2.93 -85.56
CA GLY E 255 -46.84 -2.00 -84.60
C GLY E 255 -48.34 -2.08 -84.51
N ALA E 256 -49.03 -2.40 -85.61
CA ALA E 256 -50.49 -2.41 -85.61
C ALA E 256 -51.03 -3.50 -84.71
N PHE E 257 -50.61 -4.73 -84.97
CA PHE E 257 -51.16 -5.94 -84.36
C PHE E 257 -50.27 -6.43 -83.21
N VAL E 258 -50.71 -7.49 -82.55
CA VAL E 258 -50.00 -8.05 -81.39
C VAL E 258 -49.46 -9.43 -81.71
N VAL E 259 -48.14 -9.55 -81.76
CA VAL E 259 -47.46 -10.79 -82.08
C VAL E 259 -47.32 -11.58 -80.78
N GLN E 260 -48.20 -12.56 -80.57
CA GLN E 260 -48.15 -13.32 -79.33
C GLN E 260 -48.47 -14.79 -79.57
N PRO E 261 -47.81 -15.45 -80.53
CA PRO E 261 -48.12 -16.87 -80.79
C PRO E 261 -47.79 -17.70 -79.56
N GLN E 262 -48.41 -18.87 -79.47
CA GLN E 262 -48.14 -19.75 -78.34
C GLN E 262 -47.45 -21.06 -78.73
N ASN E 263 -47.28 -21.33 -80.02
CA ASN E 263 -46.47 -22.44 -80.48
C ASN E 263 -45.12 -21.97 -81.02
N GLY E 264 -44.14 -22.84 -80.94
CA GLY E 264 -42.78 -22.48 -81.34
C GLY E 264 -42.15 -21.34 -80.57
N ARG E 265 -42.33 -21.33 -79.25
CA ARG E 265 -41.65 -20.38 -78.37
C ARG E 265 -40.84 -21.14 -77.33
N CYS E 266 -39.52 -21.01 -77.41
CA CYS E 266 -38.60 -21.72 -76.54
C CYS E 266 -37.40 -20.80 -76.33
N THR E 267 -36.88 -20.79 -75.10
CA THR E 267 -35.77 -19.93 -74.78
C THR E 267 -34.45 -20.58 -75.17
N THR E 268 -33.44 -19.72 -75.36
CA THR E 268 -32.11 -20.17 -75.77
C THR E 268 -31.59 -21.29 -74.89
N ASP E 269 -31.87 -21.26 -73.58
CA ASP E 269 -31.41 -22.32 -72.70
C ASP E 269 -32.40 -23.47 -72.58
N GLY E 270 -33.39 -23.54 -73.46
CA GLY E 270 -34.17 -24.76 -73.64
C GLY E 270 -35.42 -24.88 -72.79
N VAL E 271 -35.96 -23.78 -72.28
CA VAL E 271 -37.22 -23.79 -71.55
C VAL E 271 -38.35 -23.56 -72.54
N LEU E 272 -39.28 -24.52 -72.60
CA LEU E 272 -40.46 -24.37 -73.44
C LEU E 272 -41.47 -23.43 -72.77
N LEU E 273 -42.20 -22.70 -73.61
CA LEU E 273 -43.17 -21.73 -73.13
C LEU E 273 -44.50 -21.93 -73.84
N GLY E 274 -45.57 -21.46 -73.21
CA GLY E 274 -46.89 -21.53 -73.81
C GLY E 274 -47.30 -22.96 -74.10
N THR E 275 -47.86 -23.18 -75.29
CA THR E 275 -48.34 -24.50 -75.69
C THR E 275 -47.32 -25.26 -76.53
N THR E 276 -46.04 -24.92 -76.39
CA THR E 276 -45.02 -25.45 -77.28
C THR E 276 -44.62 -26.87 -76.87
N GLN E 277 -44.50 -27.74 -77.86
CA GLN E 277 -44.08 -29.12 -77.64
C GLN E 277 -43.07 -29.48 -78.73
N LEU E 278 -42.52 -30.69 -78.64
CA LEU E 278 -41.35 -31.03 -79.45
C LEU E 278 -41.68 -31.67 -80.78
N SER E 279 -42.79 -32.39 -80.89
CA SER E 279 -43.06 -33.12 -82.12
C SER E 279 -43.59 -32.17 -83.19
N PRO E 280 -42.98 -32.12 -84.37
CA PRO E 280 -43.46 -31.23 -85.43
C PRO E 280 -44.72 -31.72 -86.12
N VAL E 281 -45.19 -32.92 -85.79
CA VAL E 281 -46.36 -33.52 -86.42
C VAL E 281 -47.60 -33.25 -85.56
N ASN E 282 -47.40 -33.14 -84.25
CA ASN E 282 -48.48 -32.96 -83.29
C ASN E 282 -48.84 -31.49 -83.11
N ILE E 283 -48.59 -30.64 -84.10
CA ILE E 283 -48.67 -29.21 -83.84
C ILE E 283 -50.11 -28.70 -83.93
N CYS E 284 -50.87 -29.12 -84.94
CA CYS E 284 -52.30 -28.83 -84.91
C CYS E 284 -53.12 -30.11 -84.86
N THR E 285 -52.77 -31.00 -83.94
CA THR E 285 -53.41 -32.30 -83.82
C THR E 285 -54.31 -32.33 -82.60
N PHE E 286 -55.34 -33.19 -82.66
CA PHE E 286 -56.21 -33.47 -81.53
C PHE E 286 -56.46 -34.97 -81.46
N ARG E 287 -56.46 -35.52 -80.24
CA ARG E 287 -56.70 -36.93 -80.02
C ARG E 287 -57.66 -37.08 -78.84
N GLY E 288 -58.64 -37.98 -78.98
CA GLY E 288 -59.54 -38.23 -77.88
C GLY E 288 -60.77 -39.01 -78.32
N ASP E 289 -61.78 -39.00 -77.45
CA ASP E 289 -63.06 -39.66 -77.69
C ASP E 289 -64.07 -38.65 -78.24
N VAL E 290 -64.94 -39.13 -79.13
CA VAL E 290 -65.80 -38.25 -79.91
C VAL E 290 -67.26 -38.60 -79.65
N THR E 291 -68.12 -37.58 -79.72
CA THR E 291 -69.53 -37.67 -79.37
C THR E 291 -70.36 -36.95 -80.41
N HIS E 292 -71.46 -37.56 -80.84
CA HIS E 292 -72.35 -36.94 -81.80
C HIS E 292 -73.23 -35.88 -81.14
N ILE E 293 -73.48 -34.80 -81.86
CA ILE E 293 -74.43 -33.77 -81.45
C ILE E 293 -75.70 -33.97 -82.27
N ALA E 294 -76.81 -34.23 -81.58
CA ALA E 294 -78.03 -34.70 -82.23
C ALA E 294 -78.55 -33.66 -83.22
N GLY E 295 -78.86 -34.12 -84.44
CA GLY E 295 -79.49 -33.29 -85.45
C GLY E 295 -78.54 -32.51 -86.34
N THR E 296 -77.23 -32.61 -86.11
CA THR E 296 -76.25 -31.84 -86.85
C THR E 296 -75.24 -32.80 -87.48
N HIS E 297 -74.31 -32.22 -88.25
CA HIS E 297 -73.14 -32.93 -88.74
C HIS E 297 -71.91 -32.64 -87.88
N ASP E 298 -72.12 -32.15 -86.66
CA ASP E 298 -71.07 -31.77 -85.74
C ASP E 298 -70.82 -32.87 -84.71
N TYR E 299 -69.57 -32.94 -84.24
CA TYR E 299 -69.20 -33.82 -83.14
C TYR E 299 -68.40 -33.06 -82.09
N THR E 300 -68.53 -33.50 -80.85
CA THR E 300 -67.76 -32.96 -79.73
C THR E 300 -66.70 -33.98 -79.32
N MET E 301 -65.45 -33.54 -79.24
CA MET E 301 -64.33 -34.40 -78.91
C MET E 301 -63.81 -34.05 -77.52
N ASN E 302 -63.81 -35.04 -76.62
CA ASN E 302 -63.20 -34.89 -75.30
C ASN E 302 -61.72 -35.27 -75.38
N LEU E 303 -60.86 -34.34 -74.98
CA LEU E 303 -59.45 -34.40 -75.34
C LEU E 303 -58.69 -35.34 -74.41
N ALA E 304 -58.08 -36.37 -74.99
CA ALA E 304 -56.99 -37.08 -74.35
C ALA E 304 -55.70 -36.26 -74.50
N SER E 305 -54.55 -36.85 -74.18
CA SER E 305 -53.27 -36.22 -74.45
C SER E 305 -52.83 -36.56 -75.88
N GLN E 306 -51.67 -36.05 -76.27
CA GLN E 306 -51.08 -36.46 -77.54
C GLN E 306 -50.55 -37.89 -77.49
N ASN E 307 -50.18 -38.36 -76.29
CA ASN E 307 -49.71 -39.73 -76.08
C ASN E 307 -50.76 -40.61 -75.42
N TRP E 308 -52.04 -40.32 -75.64
CA TRP E 308 -53.19 -41.13 -75.24
C TRP E 308 -53.25 -41.44 -73.75
N ASN E 309 -52.47 -40.75 -72.93
CA ASN E 309 -52.92 -40.51 -71.56
C ASN E 309 -54.01 -39.44 -71.59
N ASN E 310 -54.65 -39.20 -70.46
CA ASN E 310 -55.73 -38.24 -70.48
C ASN E 310 -55.23 -36.85 -70.09
N TYR E 311 -55.87 -35.84 -70.69
CA TYR E 311 -55.48 -34.45 -70.48
C TYR E 311 -55.65 -34.02 -69.03
N ASP E 312 -54.66 -33.31 -68.52
CA ASP E 312 -54.66 -32.84 -67.14
C ASP E 312 -54.99 -31.34 -67.18
N PRO E 313 -56.17 -30.92 -66.72
CA PRO E 313 -56.55 -29.51 -66.83
C PRO E 313 -55.86 -28.57 -65.84
N THR E 314 -55.10 -29.08 -64.88
CA THR E 314 -54.51 -28.23 -63.86
C THR E 314 -53.06 -27.91 -64.15
N GLU E 315 -52.56 -28.27 -65.32
CA GLU E 315 -51.20 -27.93 -65.73
C GLU E 315 -51.10 -26.42 -65.95
N GLU E 316 -49.91 -25.87 -65.67
CA GLU E 316 -49.69 -24.43 -65.84
C GLU E 316 -49.37 -24.13 -67.31
N ILE E 317 -50.33 -24.45 -68.17
CA ILE E 317 -50.20 -24.24 -69.60
C ILE E 317 -51.47 -23.54 -70.09
N PRO E 318 -51.38 -22.63 -71.07
CA PRO E 318 -52.61 -22.00 -71.59
C PRO E 318 -53.59 -22.99 -72.20
N ALA E 319 -53.12 -24.16 -72.62
CA ALA E 319 -53.95 -25.19 -73.25
C ALA E 319 -53.10 -26.44 -73.41
N PRO E 320 -53.68 -27.57 -73.83
CA PRO E 320 -52.83 -28.74 -74.13
C PRO E 320 -51.78 -28.41 -75.17
N LEU E 321 -50.62 -29.03 -75.04
CA LEU E 321 -49.49 -28.71 -75.90
C LEU E 321 -49.86 -29.03 -77.34
N GLY E 322 -49.64 -28.07 -78.23
CA GLY E 322 -50.03 -28.22 -79.61
C GLY E 322 -51.39 -27.66 -79.95
N THR E 323 -52.04 -26.97 -79.01
CA THR E 323 -53.32 -26.36 -79.32
C THR E 323 -53.10 -25.22 -80.32
N PRO E 324 -53.89 -25.14 -81.39
CA PRO E 324 -53.71 -24.07 -82.38
C PRO E 324 -53.70 -22.69 -81.70
N ASP E 325 -52.85 -21.80 -82.21
CA ASP E 325 -52.60 -20.51 -81.57
C ASP E 325 -53.04 -19.35 -82.46
N PHE E 326 -54.07 -19.56 -83.27
CA PHE E 326 -54.66 -18.51 -84.07
C PHE E 326 -56.15 -18.79 -84.20
N VAL E 327 -56.90 -17.77 -84.60
CA VAL E 327 -58.34 -17.91 -84.86
C VAL E 327 -58.54 -18.16 -86.35
N GLY E 328 -59.28 -19.20 -86.67
CA GLY E 328 -59.54 -19.56 -88.04
C GLY E 328 -60.24 -20.90 -88.10
N LYS E 329 -60.55 -21.32 -89.31
CA LYS E 329 -61.17 -22.61 -89.54
C LYS E 329 -60.12 -23.53 -90.17
N ILE E 330 -59.72 -24.56 -89.42
CA ILE E 330 -58.71 -25.51 -89.86
C ILE E 330 -59.43 -26.77 -90.33
N GLN E 331 -59.24 -27.11 -91.61
CA GLN E 331 -59.86 -28.29 -92.18
C GLN E 331 -58.87 -29.45 -92.18
N GLY E 332 -59.36 -30.63 -91.83
CA GLY E 332 -58.53 -31.83 -91.84
C GLY E 332 -59.36 -33.07 -92.02
N VAL E 333 -58.99 -34.13 -91.30
CA VAL E 333 -59.62 -35.45 -91.42
C VAL E 333 -59.64 -36.10 -90.05
N LEU E 334 -60.83 -36.51 -89.61
CA LEU E 334 -60.95 -37.33 -88.41
C LEU E 334 -60.83 -38.80 -88.80
N THR E 335 -60.02 -39.55 -88.04
CA THR E 335 -59.76 -40.94 -88.30
C THR E 335 -59.99 -41.73 -87.01
N GLN E 336 -60.50 -42.94 -87.14
CA GLN E 336 -60.92 -43.70 -85.98
C GLN E 336 -60.69 -45.18 -86.24
N THR E 337 -60.36 -45.92 -85.18
CA THR E 337 -60.10 -47.35 -85.28
C THR E 337 -60.76 -48.06 -84.11
N THR E 338 -61.50 -49.13 -84.42
CA THR E 338 -62.19 -49.93 -83.41
C THR E 338 -61.26 -51.02 -82.89
N ARG E 339 -61.08 -51.06 -81.57
CA ARG E 339 -60.10 -51.96 -80.97
C ARG E 339 -60.45 -53.44 -81.19
N GLY E 340 -61.73 -53.75 -81.39
CA GLY E 340 -62.13 -55.14 -81.50
C GLY E 340 -61.93 -55.83 -82.83
N ASP E 341 -62.31 -55.19 -83.93
CA ASP E 341 -62.18 -55.80 -85.25
C ASP E 341 -61.15 -55.12 -86.15
N GLY E 342 -60.68 -53.93 -85.78
CA GLY E 342 -59.80 -53.18 -86.65
C GLY E 342 -60.49 -52.42 -87.76
N SER E 343 -61.80 -52.19 -87.64
CA SER E 343 -62.51 -51.36 -88.60
C SER E 343 -62.05 -49.91 -88.49
N THR E 344 -61.89 -49.25 -89.64
CA THR E 344 -61.37 -47.89 -89.68
C THR E 344 -62.28 -46.99 -90.52
N ARG E 345 -62.43 -45.74 -90.07
CA ARG E 345 -63.29 -44.75 -90.70
C ARG E 345 -62.53 -43.44 -90.82
N GLY E 346 -62.76 -42.73 -91.92
CA GLY E 346 -62.11 -41.44 -92.14
C GLY E 346 -63.01 -40.43 -92.82
N HIS E 347 -63.21 -39.28 -92.18
CA HIS E 347 -64.21 -38.32 -92.64
C HIS E 347 -63.67 -36.90 -92.57
N LYS E 348 -63.80 -36.18 -93.69
CA LYS E 348 -63.52 -34.74 -93.74
C LYS E 348 -64.16 -34.01 -92.57
N ALA E 349 -63.37 -33.18 -91.90
CA ALA E 349 -63.86 -32.46 -90.73
C ALA E 349 -63.16 -31.11 -90.62
N THR E 350 -63.77 -30.21 -89.87
CA THR E 350 -63.32 -28.83 -89.79
C THR E 350 -63.55 -28.30 -88.38
N VAL E 351 -62.54 -27.64 -87.82
CA VAL E 351 -62.62 -27.01 -86.51
C VAL E 351 -62.48 -25.50 -86.67
N SER E 352 -63.39 -24.76 -86.05
CA SER E 352 -63.31 -23.31 -85.97
C SER E 352 -62.82 -22.94 -84.58
N THR E 353 -61.64 -22.32 -84.50
CA THR E 353 -61.11 -21.94 -83.20
C THR E 353 -61.74 -20.67 -82.65
N GLY E 354 -62.27 -19.81 -83.51
CA GLY E 354 -63.01 -18.66 -83.01
C GLY E 354 -64.39 -18.99 -82.50
N SER E 355 -64.83 -20.23 -82.72
CA SER E 355 -66.12 -20.70 -82.25
C SER E 355 -66.20 -20.71 -80.73
N VAL E 356 -67.42 -20.43 -80.23
CA VAL E 356 -67.64 -20.40 -78.80
C VAL E 356 -67.52 -21.79 -78.17
N HIS E 357 -67.58 -22.84 -79.00
CA HIS E 357 -67.44 -24.22 -78.53
C HIS E 357 -66.01 -24.75 -78.64
N PHE E 358 -65.05 -23.91 -79.02
CA PHE E 358 -63.64 -24.28 -79.00
C PHE E 358 -63.08 -23.91 -77.63
N THR E 359 -63.09 -24.89 -76.73
CA THR E 359 -62.64 -24.71 -75.34
C THR E 359 -61.63 -25.80 -74.98
N PRO E 360 -60.44 -25.78 -75.60
CA PRO E 360 -59.49 -26.87 -75.34
C PRO E 360 -58.88 -26.84 -73.96
N LYS E 361 -58.83 -25.69 -73.30
CA LYS E 361 -58.37 -25.65 -71.92
C LYS E 361 -59.28 -26.46 -71.00
N LEU E 362 -60.57 -26.52 -71.30
CA LEU E 362 -61.52 -27.29 -70.51
C LEU E 362 -61.59 -28.75 -70.91
N GLY E 363 -61.19 -29.09 -72.13
CA GLY E 363 -61.06 -30.49 -72.50
C GLY E 363 -61.93 -30.92 -73.68
N SER E 364 -62.59 -29.96 -74.32
CA SER E 364 -63.50 -30.31 -75.42
C SER E 364 -63.34 -29.32 -76.57
N VAL E 365 -63.43 -29.85 -77.79
CA VAL E 365 -63.40 -29.07 -79.02
C VAL E 365 -64.50 -29.60 -79.93
N GLN E 366 -65.00 -28.76 -80.82
CA GLN E 366 -66.09 -29.12 -81.71
C GLN E 366 -65.64 -29.14 -83.16
N PHE E 367 -65.94 -30.23 -83.85
CA PHE E 367 -65.69 -30.39 -85.28
C PHE E 367 -67.02 -30.41 -86.03
N THR E 368 -66.98 -30.00 -87.29
CA THR E 368 -68.10 -30.18 -88.21
C THR E 368 -67.66 -31.14 -89.32
N THR E 369 -68.39 -32.22 -89.49
CA THR E 369 -67.98 -33.33 -90.34
C THR E 369 -68.93 -33.46 -91.54
N ASP E 370 -68.66 -34.49 -92.35
CA ASP E 370 -69.49 -34.83 -93.50
C ASP E 370 -70.40 -36.03 -93.25
N THR E 371 -70.64 -36.38 -91.99
CA THR E 371 -71.60 -37.42 -91.64
C THR E 371 -72.28 -37.08 -90.32
N ASN E 372 -73.46 -37.64 -90.13
CA ASN E 372 -74.17 -37.58 -88.87
C ASN E 372 -74.13 -38.92 -88.16
N ASN E 373 -73.52 -39.92 -88.80
CA ASN E 373 -73.36 -41.26 -88.24
C ASN E 373 -71.90 -41.63 -88.50
N ASP E 374 -71.59 -42.92 -88.38
CA ASP E 374 -70.28 -43.47 -88.74
C ASP E 374 -69.15 -42.95 -87.86
N LEU E 375 -69.44 -42.56 -86.62
CA LEU E 375 -68.40 -42.29 -85.62
C LEU E 375 -68.83 -42.83 -84.27
N GLU E 376 -68.21 -43.93 -83.83
CA GLU E 376 -68.60 -44.54 -82.57
C GLU E 376 -68.24 -43.63 -81.40
N THR E 377 -68.90 -43.85 -80.27
CA THR E 377 -68.77 -42.97 -79.12
C THR E 377 -67.61 -43.32 -78.20
N GLY E 378 -67.06 -44.53 -78.29
CA GLY E 378 -66.04 -44.97 -77.36
C GLY E 378 -64.65 -45.19 -77.91
N GLN E 379 -64.44 -44.93 -79.20
CA GLN E 379 -63.17 -45.24 -79.86
C GLN E 379 -62.25 -44.03 -79.90
N ASN E 380 -60.96 -44.32 -80.00
CA ASN E 380 -59.94 -43.29 -80.12
C ASN E 380 -60.00 -42.61 -81.48
N THR E 381 -59.90 -41.28 -81.49
CA THR E 381 -60.07 -40.50 -82.71
C THR E 381 -58.98 -39.44 -82.79
N LYS E 382 -58.40 -39.27 -83.99
CA LYS E 382 -57.33 -38.32 -84.23
C LYS E 382 -57.73 -37.36 -85.34
N PHE E 383 -57.57 -36.06 -85.07
CA PHE E 383 -57.72 -35.03 -86.09
C PHE E 383 -56.35 -34.73 -86.69
N THR E 384 -56.19 -35.03 -87.98
CA THR E 384 -54.97 -34.70 -88.70
C THR E 384 -55.17 -33.41 -89.48
N PRO E 385 -54.45 -32.34 -89.18
CA PRO E 385 -54.67 -31.08 -89.89
C PRO E 385 -54.13 -31.13 -91.31
N VAL E 386 -54.73 -30.33 -92.18
CA VAL E 386 -54.35 -30.33 -93.59
C VAL E 386 -54.18 -28.89 -94.07
N GLY E 387 -55.13 -28.03 -93.72
CA GLY E 387 -55.10 -26.68 -94.24
C GLY E 387 -56.10 -25.79 -93.54
N VAL E 388 -56.22 -24.56 -94.07
CA VAL E 388 -57.09 -23.54 -93.53
C VAL E 388 -58.09 -23.15 -94.61
N VAL E 389 -59.28 -22.72 -94.18
CA VAL E 389 -60.36 -22.36 -95.10
C VAL E 389 -60.91 -20.98 -94.71
N GLN E 390 -61.64 -20.39 -95.65
CA GLN E 390 -62.14 -19.02 -95.52
C GLN E 390 -63.57 -18.97 -96.04
N ASP E 391 -64.44 -18.29 -95.29
CA ASP E 391 -65.82 -18.12 -95.73
C ASP E 391 -65.85 -17.16 -96.91
N GLY E 392 -66.21 -17.68 -98.10
CA GLY E 392 -65.99 -16.97 -99.34
C GLY E 392 -66.85 -15.73 -99.51
N ASN E 393 -67.92 -15.60 -98.72
CA ASN E 393 -68.83 -14.47 -98.87
C ASN E 393 -68.36 -13.22 -98.14
N SER E 394 -67.44 -13.35 -97.19
CA SER E 394 -66.89 -12.20 -96.48
C SER E 394 -65.64 -11.67 -97.20
N ALA E 395 -65.00 -10.67 -96.60
CA ALA E 395 -63.88 -9.99 -97.22
C ALA E 395 -62.74 -10.97 -97.53
N HIS E 396 -62.15 -10.81 -98.71
CA HIS E 396 -61.11 -11.74 -99.16
C HIS E 396 -59.87 -11.62 -98.29
N GLN E 397 -59.31 -12.77 -97.90
CA GLN E 397 -58.07 -12.85 -97.12
C GLN E 397 -58.24 -12.30 -95.70
N ASN E 398 -59.36 -12.63 -95.05
CA ASN E 398 -59.65 -12.09 -93.73
C ASN E 398 -59.91 -13.13 -92.65
N GLU E 399 -60.04 -14.41 -93.00
CA GLU E 399 -60.56 -15.37 -92.03
C GLU E 399 -59.46 -15.89 -91.09
N PRO E 400 -58.33 -16.43 -91.57
CA PRO E 400 -57.32 -16.92 -90.61
C PRO E 400 -56.46 -15.79 -90.08
N GLN E 401 -56.76 -15.32 -88.87
CA GLN E 401 -56.04 -14.20 -88.27
C GLN E 401 -54.93 -14.76 -87.39
N GLN E 402 -53.73 -14.88 -87.97
CA GLN E 402 -52.66 -15.65 -87.34
C GLN E 402 -52.18 -15.01 -86.04
N TRP E 403 -52.35 -13.69 -85.88
CA TRP E 403 -51.89 -12.99 -84.70
C TRP E 403 -53.00 -12.69 -83.69
N VAL E 404 -54.12 -13.39 -83.80
CA VAL E 404 -55.20 -13.29 -82.82
C VAL E 404 -55.25 -14.59 -82.05
N LEU E 405 -55.08 -14.51 -80.73
CA LEU E 405 -55.14 -15.75 -79.98
C LEU E 405 -56.59 -16.19 -79.78
N PRO E 406 -56.88 -17.48 -79.94
CA PRO E 406 -58.19 -18.00 -79.54
C PRO E 406 -58.40 -17.86 -78.04
N ASN E 407 -59.66 -17.98 -77.63
CA ASN E 407 -60.01 -17.99 -76.21
C ASN E 407 -60.02 -19.44 -75.77
N TYR E 408 -58.95 -19.84 -75.08
CA TYR E 408 -58.70 -21.26 -74.84
C TYR E 408 -59.74 -21.88 -73.90
N SER E 409 -60.42 -21.07 -73.09
CA SER E 409 -61.48 -21.58 -72.22
C SER E 409 -62.86 -21.14 -72.69
N GLY E 410 -63.02 -20.76 -73.95
CA GLY E 410 -64.30 -20.34 -74.45
C GLY E 410 -64.80 -19.09 -73.75
N ARG E 411 -66.12 -18.98 -73.63
CA ARG E 411 -66.72 -17.84 -72.94
C ARG E 411 -66.36 -17.83 -71.45
N THR E 412 -65.97 -18.98 -70.89
CA THR E 412 -65.62 -19.06 -69.48
C THR E 412 -64.23 -18.50 -69.25
N GLY E 413 -64.11 -17.53 -68.36
CA GLY E 413 -62.80 -17.06 -67.94
C GLY E 413 -61.99 -16.40 -69.06
N HIS E 414 -60.74 -16.10 -68.71
CA HIS E 414 -59.78 -15.48 -69.61
C HIS E 414 -58.56 -16.38 -69.75
N ASN E 415 -57.78 -16.13 -70.81
CA ASN E 415 -56.60 -16.93 -71.08
C ASN E 415 -55.56 -16.75 -69.97
N VAL E 416 -54.85 -17.84 -69.64
CA VAL E 416 -53.91 -17.86 -68.53
C VAL E 416 -52.57 -18.38 -69.01
N HIS E 417 -51.55 -18.14 -68.17
CA HIS E 417 -50.19 -18.65 -68.36
C HIS E 417 -49.69 -18.48 -69.79
N LEU E 418 -49.95 -17.31 -70.37
CA LEU E 418 -49.57 -17.09 -71.76
C LEU E 418 -48.07 -16.79 -71.85
N ALA E 419 -47.49 -17.20 -72.97
CA ALA E 419 -46.15 -16.75 -73.31
C ALA E 419 -46.18 -15.26 -73.63
N PRO E 420 -45.13 -14.52 -73.29
CA PRO E 420 -45.16 -13.07 -73.44
C PRO E 420 -45.25 -12.66 -74.90
N ALA E 421 -45.73 -11.44 -75.11
CA ALA E 421 -45.74 -10.87 -76.44
C ALA E 421 -44.34 -10.40 -76.82
N VAL E 422 -44.17 -10.11 -78.10
CA VAL E 422 -42.84 -9.93 -78.69
C VAL E 422 -42.87 -8.72 -79.61
N ALA E 423 -41.89 -7.84 -79.46
CA ALA E 423 -41.78 -6.63 -80.25
C ALA E 423 -40.33 -6.20 -80.30
N PRO E 424 -39.90 -5.50 -81.34
CA PRO E 424 -38.54 -4.94 -81.36
C PRO E 424 -38.37 -3.86 -80.29
N THR E 425 -37.18 -3.83 -79.70
CA THR E 425 -36.86 -2.90 -78.63
C THR E 425 -35.90 -1.80 -79.05
N PHE E 426 -35.14 -2.00 -80.12
CA PHE E 426 -34.07 -1.12 -80.57
C PHE E 426 -34.52 -0.32 -81.79
N PRO E 427 -34.15 0.96 -81.84
CA PRO E 427 -34.51 1.80 -82.99
C PRO E 427 -34.04 1.21 -84.31
N GLY E 428 -34.95 1.19 -85.29
CA GLY E 428 -34.63 0.72 -86.63
C GLY E 428 -34.81 -0.76 -86.85
N GLU E 429 -35.27 -1.50 -85.84
CA GLU E 429 -35.30 -2.95 -85.87
C GLU E 429 -36.73 -3.47 -86.03
N GLN E 430 -36.87 -4.57 -86.76
CA GLN E 430 -38.15 -5.26 -86.89
C GLN E 430 -37.96 -6.75 -86.61
N LEU E 431 -39.06 -7.40 -86.25
CA LEU E 431 -39.05 -8.85 -86.09
C LEU E 431 -38.66 -9.54 -87.39
N LEU E 432 -38.01 -10.68 -87.26
CA LEU E 432 -37.73 -11.58 -88.37
C LEU E 432 -38.56 -12.85 -88.19
N PHE E 433 -39.43 -13.12 -89.15
CA PHE E 433 -40.36 -14.23 -89.08
C PHE E 433 -39.90 -15.33 -90.04
N PHE E 434 -40.09 -16.58 -89.64
CA PHE E 434 -39.87 -17.71 -90.52
C PHE E 434 -41.21 -18.06 -91.13
N ARG E 435 -41.35 -17.81 -92.43
CA ARG E 435 -42.66 -17.77 -93.06
C ARG E 435 -42.91 -19.04 -93.86
N SER E 436 -44.12 -19.57 -93.69
CA SER E 436 -44.56 -20.79 -94.34
C SER E 436 -45.94 -20.47 -94.92
N THR E 437 -46.33 -21.22 -95.94
CA THR E 437 -47.59 -20.96 -96.63
C THR E 437 -48.54 -22.13 -96.39
N MET E 438 -49.61 -21.88 -95.64
CA MET E 438 -50.54 -22.93 -95.29
C MET E 438 -51.29 -23.39 -96.54
N PRO E 439 -51.58 -24.68 -96.67
CA PRO E 439 -52.44 -25.13 -97.75
C PRO E 439 -53.84 -24.56 -97.59
N GLY E 440 -54.42 -24.09 -98.70
CA GLY E 440 -55.80 -23.64 -98.72
C GLY E 440 -56.72 -24.76 -99.20
N CYS E 441 -57.86 -24.90 -98.53
CA CYS E 441 -58.81 -25.95 -98.85
C CYS E 441 -60.11 -25.45 -99.46
N SER E 442 -60.50 -24.21 -99.18
CA SER E 442 -61.74 -23.66 -99.71
C SER E 442 -61.81 -22.18 -99.37
N GLY E 443 -62.23 -21.38 -100.35
CA GLY E 443 -62.36 -19.94 -100.17
C GLY E 443 -61.15 -19.15 -100.60
N TYR E 444 -60.96 -17.99 -99.98
CA TYR E 444 -59.83 -17.10 -100.26
C TYR E 444 -59.12 -16.78 -98.95
N PRO E 445 -58.43 -17.76 -98.37
CA PRO E 445 -57.87 -17.57 -97.03
C PRO E 445 -56.54 -16.84 -97.04
N ASN E 446 -56.19 -16.30 -95.88
CA ASN E 446 -54.88 -15.69 -95.65
C ASN E 446 -53.93 -16.81 -95.28
N MET E 447 -53.15 -17.27 -96.25
CA MET E 447 -52.36 -18.49 -96.14
C MET E 447 -50.99 -18.26 -95.51
N ASN E 448 -50.66 -17.02 -95.16
CA ASN E 448 -49.37 -16.70 -94.58
C ASN E 448 -49.32 -17.07 -93.11
N LEU E 449 -48.31 -17.84 -92.72
CA LEU E 449 -48.08 -18.21 -91.33
C LEU E 449 -46.64 -17.90 -90.95
N ASP E 450 -46.47 -17.05 -89.94
CA ASP E 450 -45.16 -16.67 -89.45
C ASP E 450 -44.96 -17.25 -88.05
N CYS E 451 -43.81 -17.90 -87.84
CA CYS E 451 -43.37 -18.32 -86.52
C CYS E 451 -42.06 -17.63 -86.17
N LEU E 452 -41.80 -17.53 -84.85
CA LEU E 452 -40.62 -16.84 -84.37
C LEU E 452 -39.38 -17.72 -84.40
N LEU E 453 -39.54 -19.03 -84.27
CA LEU E 453 -38.44 -19.99 -84.30
C LEU E 453 -38.89 -21.21 -85.10
N PRO E 454 -38.06 -21.71 -86.00
CA PRO E 454 -38.36 -23.00 -86.62
C PRO E 454 -38.43 -24.09 -85.57
N GLN E 455 -39.20 -25.14 -85.87
CA GLN E 455 -39.37 -26.24 -84.91
C GLN E 455 -38.04 -26.93 -84.63
N GLU E 456 -37.17 -27.05 -85.64
CA GLU E 456 -35.87 -27.66 -85.41
C GLU E 456 -35.01 -26.85 -84.43
N TRP E 457 -35.18 -25.53 -84.41
CA TRP E 457 -34.48 -24.73 -83.41
C TRP E 457 -35.01 -25.02 -82.01
N VAL E 458 -36.32 -25.22 -81.87
CA VAL E 458 -36.91 -25.56 -80.58
C VAL E 458 -36.32 -26.87 -80.06
N LEU E 459 -36.33 -27.91 -80.90
CA LEU E 459 -35.73 -29.19 -80.52
C LEU E 459 -34.29 -29.01 -80.07
N HIS E 460 -33.51 -28.25 -80.84
CA HIS E 460 -32.09 -28.10 -80.55
C HIS E 460 -31.87 -27.39 -79.21
N PHE E 461 -32.57 -26.27 -79.01
CA PHE E 461 -32.45 -25.54 -77.75
C PHE E 461 -32.87 -26.40 -76.57
N TYR E 462 -33.91 -27.23 -76.77
CA TYR E 462 -34.39 -28.08 -75.69
C TYR E 462 -33.33 -29.09 -75.25
N GLN E 463 -32.65 -29.72 -76.22
CA GLN E 463 -31.69 -30.75 -75.89
C GLN E 463 -30.40 -30.16 -75.32
N GLU E 464 -29.86 -29.13 -75.97
CA GLU E 464 -28.62 -28.50 -75.49
C GLU E 464 -28.99 -27.37 -74.54
N ALA E 465 -29.18 -27.68 -73.26
CA ALA E 465 -29.70 -26.68 -72.34
C ALA E 465 -28.59 -25.70 -71.97
N ALA E 466 -28.11 -25.02 -73.01
CA ALA E 466 -26.94 -24.16 -72.89
C ALA E 466 -27.30 -22.84 -72.21
N PRO E 467 -26.66 -22.49 -71.10
CA PRO E 467 -26.97 -21.21 -70.45
C PRO E 467 -26.61 -20.05 -71.36
N ALA E 468 -27.50 -19.08 -71.44
CA ALA E 468 -27.25 -17.89 -72.25
C ALA E 468 -26.33 -16.96 -71.48
N GLN E 469 -25.20 -16.60 -72.10
CA GLN E 469 -24.22 -15.74 -71.46
C GLN E 469 -24.58 -14.26 -71.55
N SER E 470 -25.54 -13.92 -72.40
CA SER E 470 -26.12 -12.59 -72.44
C SER E 470 -27.48 -12.72 -73.10
N ASP E 471 -28.21 -11.61 -73.19
CA ASP E 471 -29.61 -11.70 -73.61
C ASP E 471 -29.80 -11.79 -75.12
N VAL E 472 -28.75 -11.57 -75.92
CA VAL E 472 -28.89 -11.59 -77.37
C VAL E 472 -27.70 -12.33 -77.98
N ALA E 473 -27.97 -13.25 -78.89
CA ALA E 473 -26.94 -13.93 -79.67
C ALA E 473 -26.88 -13.32 -81.06
N LEU E 474 -25.73 -12.79 -81.44
CA LEU E 474 -25.53 -12.24 -82.77
C LEU E 474 -25.34 -13.36 -83.78
N LEU E 475 -26.19 -13.39 -84.80
CA LEU E 475 -26.08 -14.34 -85.90
C LEU E 475 -25.81 -13.60 -87.19
N ARG E 476 -25.01 -14.21 -88.06
CA ARG E 476 -24.82 -13.75 -89.43
C ARG E 476 -25.25 -14.85 -90.39
N PHE E 477 -26.01 -14.46 -91.42
CA PHE E 477 -26.51 -15.40 -92.41
C PHE E 477 -25.54 -15.41 -93.58
N VAL E 478 -25.01 -16.59 -93.91
CA VAL E 478 -23.89 -16.73 -94.83
C VAL E 478 -24.31 -17.60 -96.01
N ASN E 479 -23.92 -17.18 -97.21
CA ASN E 479 -24.03 -18.02 -98.40
C ASN E 479 -22.74 -18.83 -98.50
N PRO E 480 -22.76 -20.13 -98.20
CA PRO E 480 -21.49 -20.89 -98.18
C PRO E 480 -20.86 -21.04 -99.55
N ASP E 481 -21.62 -20.87 -100.63
CA ASP E 481 -21.06 -20.91 -101.97
C ASP E 481 -20.14 -19.72 -102.20
N THR E 482 -20.59 -18.52 -101.87
CA THR E 482 -19.82 -17.30 -102.12
C THR E 482 -18.95 -16.88 -100.94
N GLY E 483 -19.19 -17.42 -99.75
CA GLY E 483 -18.51 -16.96 -98.56
C GLY E 483 -19.03 -15.66 -97.99
N ARG E 484 -20.06 -15.05 -98.60
CA ARG E 484 -20.51 -13.73 -98.22
C ARG E 484 -21.58 -13.78 -97.13
N VAL E 485 -21.58 -12.74 -96.31
CA VAL E 485 -22.62 -12.51 -95.31
C VAL E 485 -23.77 -11.78 -95.98
N LEU E 486 -24.99 -12.29 -95.81
CA LEU E 486 -26.16 -11.68 -96.42
C LEU E 486 -26.80 -10.64 -95.51
N PHE E 487 -26.95 -10.97 -94.23
CA PHE E 487 -27.40 -10.02 -93.23
C PHE E 487 -26.95 -10.52 -91.88
N GLU E 488 -27.03 -9.66 -90.88
CA GLU E 488 -26.84 -10.06 -89.49
C GLU E 488 -28.12 -9.78 -88.71
N CYS E 489 -28.37 -10.61 -87.70
CA CYS E 489 -29.61 -10.52 -86.95
C CYS E 489 -29.34 -10.88 -85.50
N LYS E 490 -30.28 -10.49 -84.64
CA LYS E 490 -30.17 -10.68 -83.20
C LYS E 490 -31.16 -11.74 -82.76
N LEU E 491 -30.63 -12.84 -82.23
CA LEU E 491 -31.46 -13.90 -81.63
C LEU E 491 -31.56 -13.64 -80.13
N HIS E 492 -32.74 -13.27 -79.67
CA HIS E 492 -32.93 -12.92 -78.27
C HIS E 492 -33.14 -14.19 -77.45
N LYS E 493 -32.63 -14.20 -76.21
CA LYS E 493 -32.75 -15.40 -75.39
C LYS E 493 -34.21 -15.78 -75.17
N SER E 494 -35.14 -14.85 -75.40
CA SER E 494 -36.55 -15.07 -75.13
C SER E 494 -37.26 -15.86 -76.22
N GLY E 495 -36.57 -16.20 -77.31
CA GLY E 495 -37.15 -16.96 -78.38
C GLY E 495 -37.58 -16.20 -79.62
N TYR E 496 -37.18 -14.95 -79.79
CA TYR E 496 -37.47 -14.25 -81.03
C TYR E 496 -36.20 -13.73 -81.69
N VAL E 497 -36.31 -13.39 -82.97
CA VAL E 497 -35.20 -12.88 -83.78
C VAL E 497 -35.57 -11.49 -84.27
N THR E 498 -34.56 -10.65 -84.43
CA THR E 498 -34.75 -9.29 -84.92
C THR E 498 -33.73 -8.98 -86.02
N VAL E 499 -34.10 -8.06 -86.93
CA VAL E 499 -33.20 -7.58 -87.96
C VAL E 499 -33.36 -6.08 -88.09
N ALA E 500 -32.38 -5.45 -88.74
CA ALA E 500 -32.38 -4.00 -88.96
C ALA E 500 -32.95 -3.73 -90.34
N HIS E 501 -34.21 -3.33 -90.39
CA HIS E 501 -34.90 -3.02 -91.64
C HIS E 501 -36.16 -2.24 -91.32
N THR E 502 -36.62 -1.48 -92.31
CA THR E 502 -37.83 -0.68 -92.18
C THR E 502 -38.73 -0.97 -93.38
N GLY E 503 -39.96 -1.38 -93.10
CA GLY E 503 -40.90 -1.76 -94.14
C GLY E 503 -41.00 -3.26 -94.32
N PRO E 504 -42.10 -3.72 -94.93
CA PRO E 504 -42.25 -5.15 -95.22
C PRO E 504 -41.33 -5.58 -96.35
N HIS E 505 -40.86 -6.83 -96.25
CA HIS E 505 -39.89 -7.36 -97.20
C HIS E 505 -39.78 -8.88 -97.08
N ASP E 506 -39.99 -9.57 -98.20
CA ASP E 506 -39.64 -10.98 -98.32
C ASP E 506 -38.17 -11.10 -98.66
N LEU E 507 -37.42 -11.85 -97.86
CA LEU E 507 -35.97 -11.91 -98.02
C LEU E 507 -35.61 -12.79 -99.21
N VAL E 508 -34.58 -12.39 -99.93
CA VAL E 508 -34.04 -13.13 -101.06
C VAL E 508 -32.87 -13.94 -100.53
N ILE E 509 -33.04 -15.25 -100.44
CA ILE E 509 -32.13 -16.12 -99.70
C ILE E 509 -31.52 -17.11 -100.69
N PRO E 510 -30.21 -17.28 -100.72
CA PRO E 510 -29.61 -18.40 -101.47
C PRO E 510 -30.07 -19.72 -100.92
N PRO E 511 -30.30 -20.72 -101.77
CA PRO E 511 -30.84 -22.00 -101.29
C PRO E 511 -29.97 -22.68 -100.24
N ASN E 512 -28.68 -22.39 -100.17
CA ASN E 512 -27.77 -23.04 -99.24
C ASN E 512 -27.48 -22.21 -98.01
N GLY E 513 -28.19 -21.12 -97.78
CA GLY E 513 -27.81 -20.19 -96.73
C GLY E 513 -28.07 -20.76 -95.34
N TYR E 514 -27.14 -20.47 -94.43
CA TYR E 514 -27.18 -21.00 -93.07
C TYR E 514 -26.88 -19.88 -92.08
N PHE E 515 -27.34 -20.08 -90.84
CA PHE E 515 -27.06 -19.14 -89.76
C PHE E 515 -25.78 -19.53 -89.02
N ARG E 516 -24.95 -18.53 -88.74
CA ARG E 516 -23.68 -18.73 -88.06
C ARG E 516 -23.68 -17.88 -86.80
N PHE E 517 -23.44 -18.52 -85.65
CA PHE E 517 -23.39 -17.80 -84.38
C PHE E 517 -22.00 -17.18 -84.24
N ASP E 518 -21.95 -15.86 -84.08
CA ASP E 518 -20.68 -15.13 -84.14
C ASP E 518 -20.25 -14.50 -82.83
N SER E 519 -21.18 -14.06 -81.99
CA SER E 519 -20.82 -13.40 -80.74
C SER E 519 -22.07 -13.23 -79.88
N TRP E 520 -21.86 -13.29 -78.56
CA TRP E 520 -22.87 -12.80 -77.62
C TRP E 520 -22.87 -11.29 -77.57
N VAL E 521 -24.06 -10.70 -77.57
CA VAL E 521 -24.26 -9.26 -77.52
C VAL E 521 -25.44 -9.00 -76.60
N ASN E 522 -25.79 -7.72 -76.45
CA ASN E 522 -26.98 -7.36 -75.69
C ASN E 522 -27.93 -6.55 -76.57
N GLN E 523 -29.03 -6.09 -75.97
CA GLN E 523 -30.11 -5.48 -76.75
C GLN E 523 -29.71 -4.16 -77.38
N PHE E 524 -28.58 -3.57 -76.99
CA PHE E 524 -28.14 -2.30 -77.55
C PHE E 524 -27.21 -2.47 -78.75
N TYR E 525 -26.93 -3.69 -79.17
CA TYR E 525 -26.09 -3.90 -80.35
C TYR E 525 -26.77 -3.33 -81.59
N THR E 526 -26.00 -2.66 -82.42
CA THR E 526 -26.51 -2.02 -83.63
C THR E 526 -26.19 -2.90 -84.84
N LEU E 527 -27.22 -3.36 -85.52
CA LEU E 527 -27.06 -4.32 -86.61
C LEU E 527 -26.75 -3.59 -87.90
N ALA E 528 -25.99 -4.26 -88.77
CA ALA E 528 -25.70 -3.69 -90.08
C ALA E 528 -26.99 -3.54 -90.87
N PRO E 529 -27.17 -2.44 -91.60
CA PRO E 529 -28.39 -2.27 -92.39
C PRO E 529 -28.55 -3.40 -93.40
N MET E 530 -29.76 -3.95 -93.42
CA MET E 530 -30.09 -5.05 -94.33
C MET E 530 -30.75 -4.50 -95.59
N GLY E 531 -30.10 -4.72 -96.74
CA GLY E 531 -30.59 -4.15 -97.98
C GLY E 531 -31.83 -4.87 -98.49
N ASN E 532 -32.71 -4.11 -99.14
CA ASN E 532 -33.86 -4.68 -99.83
C ASN E 532 -33.42 -5.62 -100.94
N ASN F 24 -11.23 -16.56 -13.89
CA ASN F 24 -10.53 -15.31 -14.21
C ASN F 24 -11.43 -14.29 -14.88
N GLU F 25 -10.79 -13.28 -15.47
CA GLU F 25 -11.47 -12.18 -16.17
C GLU F 25 -11.04 -12.12 -17.63
N VAL F 26 -10.49 -13.21 -18.15
CA VAL F 26 -10.01 -13.30 -19.52
C VAL F 26 -10.76 -14.40 -20.26
N MET F 27 -11.27 -14.08 -21.44
CA MET F 27 -12.02 -15.05 -22.22
C MET F 27 -11.05 -15.91 -23.03
N ALA F 28 -11.26 -17.23 -23.00
CA ALA F 28 -10.35 -18.16 -23.66
C ALA F 28 -10.66 -18.27 -25.15
N LEU F 29 -10.30 -17.21 -25.87
CA LEU F 29 -10.44 -17.17 -27.32
C LEU F 29 -9.07 -16.97 -27.93
N GLU F 30 -8.75 -17.77 -28.95
CA GLU F 30 -7.48 -17.58 -29.63
C GLU F 30 -7.57 -16.31 -30.48
N PRO F 31 -6.43 -15.67 -30.77
CA PRO F 31 -6.47 -14.53 -31.69
C PRO F 31 -7.12 -14.91 -33.01
N VAL F 32 -7.81 -13.95 -33.61
CA VAL F 32 -8.53 -14.17 -34.86
C VAL F 32 -8.20 -13.01 -35.78
N VAL F 33 -7.65 -13.32 -36.95
CA VAL F 33 -7.22 -12.26 -37.86
C VAL F 33 -8.43 -11.60 -38.48
N GLY F 34 -8.36 -10.27 -38.65
CA GLY F 34 -9.40 -9.53 -39.30
C GLY F 34 -9.14 -9.37 -40.78
N ALA F 35 -9.11 -8.14 -41.26
CA ALA F 35 -9.10 -7.88 -42.69
C ALA F 35 -7.75 -8.11 -43.34
N ALA F 36 -6.70 -8.36 -42.56
CA ALA F 36 -5.38 -8.59 -43.14
C ALA F 36 -5.37 -9.80 -44.06
N ILE F 37 -6.01 -10.90 -43.65
CA ILE F 37 -6.05 -12.11 -44.47
C ILE F 37 -6.72 -11.85 -45.81
N ALA F 38 -7.59 -10.84 -45.90
CA ALA F 38 -8.35 -10.61 -47.10
C ALA F 38 -7.59 -9.78 -48.13
N ALA F 39 -6.42 -9.24 -47.75
CA ALA F 39 -5.70 -8.33 -48.64
C ALA F 39 -5.39 -8.98 -49.98
N PRO F 40 -4.87 -10.21 -50.04
CA PRO F 40 -4.62 -10.83 -51.37
C PRO F 40 -5.87 -11.06 -52.21
N VAL F 41 -7.06 -11.06 -51.62
CA VAL F 41 -8.29 -11.32 -52.38
C VAL F 41 -9.26 -10.15 -52.36
N ALA F 42 -9.03 -9.11 -51.57
CA ALA F 42 -9.87 -7.92 -51.67
C ALA F 42 -9.42 -7.04 -52.83
N GLY F 43 -10.35 -6.26 -53.36
CA GLY F 43 -10.02 -5.35 -54.44
C GLY F 43 -9.13 -4.19 -54.04
N GLN F 44 -9.26 -3.70 -52.81
CA GLN F 44 -8.59 -2.47 -52.42
C GLN F 44 -8.43 -2.42 -50.91
N GLN F 45 -7.65 -1.43 -50.45
CA GLN F 45 -7.34 -1.21 -49.04
C GLN F 45 -8.00 0.08 -48.57
N ASN F 46 -8.75 0.00 -47.47
CA ASN F 46 -9.47 1.16 -46.96
C ASN F 46 -9.08 1.51 -45.54
N VAL F 47 -9.57 2.67 -45.10
CA VAL F 47 -9.20 3.26 -43.83
C VAL F 47 -10.46 3.79 -43.15
N ILE F 48 -10.57 3.54 -41.86
CA ILE F 48 -11.67 4.04 -41.03
C ILE F 48 -11.13 5.18 -40.17
N ASP F 49 -11.95 6.22 -40.00
CA ASP F 49 -11.56 7.37 -39.20
C ASP F 49 -11.11 6.91 -37.82
N PRO F 50 -9.87 7.22 -37.40
CA PRO F 50 -9.34 6.64 -36.16
C PRO F 50 -10.15 6.96 -34.91
N TRP F 51 -10.88 8.07 -34.88
CA TRP F 51 -11.70 8.38 -33.72
C TRP F 51 -12.77 7.32 -33.49
N ILE F 52 -13.33 6.77 -34.58
CA ILE F 52 -14.29 5.70 -34.45
C ILE F 52 -13.66 4.50 -33.76
N ARG F 53 -12.35 4.30 -33.93
CA ARG F 53 -11.65 3.15 -33.36
C ARG F 53 -11.27 3.34 -31.90
N ASN F 54 -11.20 4.58 -31.42
CA ASN F 54 -10.68 4.84 -30.08
C ASN F 54 -11.78 5.18 -29.07
N ASN F 55 -13.05 5.11 -29.47
CA ASN F 55 -14.14 5.61 -28.63
C ASN F 55 -15.27 4.59 -28.62
N PHE F 56 -15.60 4.12 -27.42
CA PHE F 56 -16.70 3.17 -27.25
C PHE F 56 -18.03 3.86 -27.49
N VAL F 57 -18.93 3.14 -28.16
CA VAL F 57 -20.23 3.64 -28.53
C VAL F 57 -21.26 2.60 -28.13
N GLN F 58 -22.40 3.06 -27.61
CA GLN F 58 -23.40 2.14 -27.10
C GLN F 58 -24.14 1.45 -28.24
N ALA F 59 -24.22 0.13 -28.16
CA ALA F 59 -24.99 -0.61 -29.15
C ALA F 59 -26.45 -0.17 -29.03
N PRO F 60 -27.19 -0.13 -30.13
CA PRO F 60 -28.58 0.34 -30.05
C PRO F 60 -29.45 -0.47 -29.10
N GLY F 61 -29.19 -1.76 -28.94
CA GLY F 61 -29.94 -2.52 -27.96
C GLY F 61 -29.03 -3.01 -26.84
N GLY F 62 -28.11 -2.16 -26.41
CA GLY F 62 -27.05 -2.56 -25.51
C GLY F 62 -27.36 -2.24 -24.08
N GLU F 63 -28.63 -2.36 -23.71
CA GLU F 63 -29.07 -2.20 -22.33
C GLU F 63 -29.77 -3.47 -21.87
N PHE F 64 -29.47 -3.88 -20.63
CA PHE F 64 -30.22 -4.94 -19.97
C PHE F 64 -30.14 -4.75 -18.47
N THR F 65 -31.01 -5.45 -17.75
CA THR F 65 -31.21 -5.22 -16.31
C THR F 65 -31.18 -6.55 -15.58
N VAL F 66 -30.53 -6.54 -14.42
CA VAL F 66 -30.51 -7.69 -13.52
C VAL F 66 -31.40 -7.36 -12.33
N SER F 67 -32.42 -8.17 -12.13
CA SER F 67 -33.43 -8.00 -11.10
C SER F 67 -33.48 -9.24 -10.22
N PRO F 68 -34.02 -9.13 -9.01
CA PRO F 68 -34.11 -10.32 -8.15
C PRO F 68 -35.11 -11.34 -8.67
N ARG F 69 -36.00 -10.95 -9.59
CA ARG F 69 -36.88 -11.90 -10.25
C ARG F 69 -36.12 -12.84 -11.19
N ASN F 70 -34.90 -12.48 -11.59
CA ASN F 70 -34.17 -13.30 -12.55
C ASN F 70 -33.57 -14.52 -11.88
N ALA F 71 -33.55 -15.63 -12.62
CA ALA F 71 -33.09 -16.93 -12.15
C ALA F 71 -31.95 -17.43 -13.05
N PRO F 72 -31.10 -18.30 -12.53
CA PRO F 72 -30.00 -18.83 -13.34
C PRO F 72 -30.49 -19.45 -14.64
N GLY F 73 -29.75 -19.18 -15.73
CA GLY F 73 -30.10 -19.65 -17.05
C GLY F 73 -30.75 -18.62 -17.94
N GLU F 74 -31.38 -17.59 -17.37
CA GLU F 74 -32.06 -16.59 -18.18
C GLU F 74 -31.04 -15.76 -18.94
N ILE F 75 -31.18 -15.72 -20.27
CA ILE F 75 -30.32 -14.89 -21.10
C ILE F 75 -30.83 -13.46 -21.09
N LEU F 76 -30.10 -12.57 -20.43
CA LEU F 76 -30.53 -11.18 -20.28
C LEU F 76 -30.27 -10.33 -21.52
N TRP F 77 -29.29 -10.70 -22.34
CA TRP F 77 -28.90 -9.89 -23.49
C TRP F 77 -28.06 -10.72 -24.45
N SER F 78 -28.19 -10.42 -25.74
CA SER F 78 -27.40 -11.10 -26.75
C SER F 78 -27.31 -10.22 -27.98
N ALA F 79 -26.25 -10.44 -28.76
CA ALA F 79 -26.03 -9.69 -29.98
C ALA F 79 -25.06 -10.45 -30.87
N PRO F 80 -25.25 -10.45 -32.19
CA PRO F 80 -24.23 -10.98 -33.10
C PRO F 80 -23.24 -9.92 -33.53
N LEU F 81 -22.01 -10.35 -33.79
CA LEU F 81 -20.98 -9.42 -34.24
C LEU F 81 -21.35 -8.88 -35.62
N GLY F 82 -21.21 -7.57 -35.79
CA GLY F 82 -21.49 -6.92 -37.04
C GLY F 82 -21.61 -5.42 -36.89
N PRO F 83 -21.63 -4.71 -38.03
CA PRO F 83 -21.65 -3.24 -37.98
C PRO F 83 -22.89 -2.67 -37.31
N ASP F 84 -23.97 -3.44 -37.17
CA ASP F 84 -25.17 -2.89 -36.55
C ASP F 84 -24.98 -2.60 -35.07
N LEU F 85 -23.90 -3.07 -34.45
CA LEU F 85 -23.62 -2.77 -33.06
C LEU F 85 -23.07 -1.36 -32.87
N ASN F 86 -22.79 -0.65 -33.95
CA ASN F 86 -22.09 0.62 -33.89
C ASN F 86 -22.64 1.55 -34.96
N PRO F 87 -23.32 2.63 -34.58
CA PRO F 87 -24.01 3.44 -35.59
C PRO F 87 -23.06 4.07 -36.59
N TYR F 88 -21.84 4.40 -36.17
CA TYR F 88 -20.86 4.91 -37.12
C TYR F 88 -20.51 3.86 -38.15
N LEU F 89 -20.16 2.65 -37.70
CA LEU F 89 -19.86 1.56 -38.63
C LEU F 89 -21.09 1.20 -39.46
N SER F 90 -22.27 1.29 -38.86
CA SER F 90 -23.50 0.99 -39.60
C SER F 90 -23.70 1.98 -40.74
N HIS F 91 -23.47 3.26 -40.47
CA HIS F 91 -23.58 4.26 -41.53
C HIS F 91 -22.48 4.07 -42.56
N LEU F 92 -21.25 3.82 -42.11
CA LEU F 92 -20.15 3.59 -43.05
C LEU F 92 -20.42 2.38 -43.93
N ALA F 93 -21.00 1.32 -43.35
CA ALA F 93 -21.24 0.10 -44.11
C ALA F 93 -22.17 0.33 -45.29
N ARG F 94 -23.01 1.38 -45.23
CA ARG F 94 -23.90 1.64 -46.35
C ARG F 94 -23.15 2.06 -47.62
N MET F 95 -21.84 2.30 -47.54
CA MET F 95 -21.04 2.71 -48.71
C MET F 95 -19.91 1.74 -49.01
N TYR F 96 -19.85 0.59 -48.34
CA TYR F 96 -18.83 -0.41 -48.55
C TYR F 96 -19.48 -1.74 -48.92
N ASN F 97 -18.71 -2.59 -49.60
CA ASN F 97 -19.22 -3.87 -50.08
C ASN F 97 -19.05 -4.99 -49.07
N GLY F 98 -18.05 -4.89 -48.20
CA GLY F 98 -17.83 -5.95 -47.23
C GLY F 98 -17.02 -5.46 -46.05
N TYR F 99 -16.71 -6.39 -45.17
CA TYR F 99 -15.99 -6.09 -43.94
C TYR F 99 -15.39 -7.38 -43.40
N ALA F 100 -14.48 -7.23 -42.45
CA ALA F 100 -13.96 -8.37 -41.69
C ALA F 100 -13.24 -7.83 -40.47
N GLY F 101 -13.29 -8.60 -39.39
CA GLY F 101 -12.62 -8.25 -38.15
C GLY F 101 -13.60 -8.10 -37.00
N GLY F 102 -13.00 -7.92 -35.81
CA GLY F 102 -13.73 -7.99 -34.57
C GLY F 102 -13.91 -6.63 -33.91
N PHE F 103 -14.55 -6.68 -32.75
CA PHE F 103 -14.87 -5.52 -31.93
C PHE F 103 -14.29 -5.71 -30.55
N GLU F 104 -14.11 -4.59 -29.84
CA GLU F 104 -13.85 -4.62 -28.40
C GLU F 104 -15.14 -4.14 -27.72
N VAL F 105 -15.67 -4.96 -26.83
CA VAL F 105 -16.94 -4.68 -26.16
C VAL F 105 -16.67 -4.24 -24.73
N GLN F 106 -17.37 -3.19 -24.30
CA GLN F 106 -17.27 -2.67 -22.94
C GLN F 106 -18.65 -2.75 -22.31
N VAL F 107 -18.76 -3.43 -21.17
CA VAL F 107 -20.02 -3.60 -20.47
C VAL F 107 -19.89 -2.98 -19.08
N ILE F 108 -20.89 -2.20 -18.70
CA ILE F 108 -20.88 -1.39 -17.48
C ILE F 108 -21.97 -1.91 -16.55
N LEU F 109 -21.61 -2.10 -15.29
CA LEU F 109 -22.48 -2.68 -14.29
C LEU F 109 -22.68 -1.65 -13.18
N ALA F 110 -23.93 -1.25 -12.94
CA ALA F 110 -24.22 -0.23 -11.94
C ALA F 110 -24.66 -0.90 -10.63
N GLY F 111 -23.70 -1.57 -10.00
CA GLY F 111 -23.86 -2.12 -8.68
C GLY F 111 -23.29 -1.21 -7.59
N ASN F 112 -23.32 -1.74 -6.37
CA ASN F 112 -22.62 -1.14 -5.25
C ASN F 112 -22.10 -2.26 -4.35
N ALA F 113 -21.33 -1.88 -3.33
CA ALA F 113 -20.60 -2.85 -2.52
C ALA F 113 -21.52 -3.77 -1.71
N PHE F 114 -22.79 -3.42 -1.56
CA PHE F 114 -23.72 -4.18 -0.73
C PHE F 114 -24.52 -5.24 -1.49
N THR F 115 -24.14 -5.55 -2.73
CA THR F 115 -24.87 -6.53 -3.53
C THR F 115 -24.07 -7.83 -3.65
N ALA F 116 -24.67 -8.82 -4.31
CA ALA F 116 -24.01 -10.08 -4.62
C ALA F 116 -24.70 -10.71 -5.82
N GLY F 117 -23.94 -11.48 -6.59
CA GLY F 117 -24.46 -12.20 -7.74
C GLY F 117 -23.48 -12.16 -8.89
N LYS F 118 -23.59 -13.14 -9.79
CA LYS F 118 -22.69 -13.27 -10.92
C LYS F 118 -23.44 -13.26 -12.24
N ILE F 119 -22.82 -12.65 -13.25
CA ILE F 119 -23.27 -12.68 -14.63
C ILE F 119 -22.19 -13.39 -15.44
N ILE F 120 -22.61 -14.25 -16.37
CA ILE F 120 -21.69 -14.87 -17.32
C ILE F 120 -21.87 -14.23 -18.69
N PHE F 121 -20.75 -13.84 -19.30
CA PHE F 121 -20.70 -13.46 -20.69
C PHE F 121 -20.02 -14.59 -21.45
N ALA F 122 -20.58 -14.97 -22.59
CA ALA F 122 -20.03 -16.09 -23.35
C ALA F 122 -20.05 -15.78 -24.83
N ALA F 123 -19.01 -16.26 -25.52
CA ALA F 123 -18.90 -16.15 -26.96
C ALA F 123 -19.39 -17.45 -27.58
N VAL F 124 -20.46 -17.39 -28.35
CA VAL F 124 -21.05 -18.55 -29.00
C VAL F 124 -20.68 -18.51 -30.48
N PRO F 125 -20.14 -19.59 -31.04
CA PRO F 125 -19.54 -19.52 -32.38
C PRO F 125 -20.60 -19.53 -33.45
N PRO F 126 -20.24 -19.20 -34.70
CA PRO F 126 -21.24 -19.11 -35.76
C PRO F 126 -21.98 -20.43 -35.95
N ASN F 127 -23.26 -20.30 -36.31
CA ASN F 127 -24.17 -21.41 -36.59
C ASN F 127 -24.44 -22.30 -35.38
N PHE F 128 -24.10 -21.85 -34.18
CA PHE F 128 -24.56 -22.68 -33.07
C PHE F 128 -25.77 -22.05 -32.41
N PRO F 129 -26.81 -22.85 -32.16
CA PRO F 129 -28.06 -22.30 -31.61
C PRO F 129 -27.91 -21.88 -30.15
N THR F 130 -28.37 -20.65 -29.87
CA THR F 130 -28.44 -20.08 -28.53
C THR F 130 -29.67 -20.56 -27.78
N GLU F 131 -30.63 -21.13 -28.50
CA GLU F 131 -32.00 -21.33 -28.05
C GLU F 131 -32.09 -22.55 -27.13
N GLY F 132 -32.04 -22.34 -25.83
CA GLY F 132 -32.34 -23.42 -24.91
C GLY F 132 -31.25 -23.88 -23.96
N LEU F 133 -30.12 -23.18 -23.93
CA LEU F 133 -28.99 -23.63 -23.14
C LEU F 133 -29.31 -23.57 -21.64
N SER F 134 -28.75 -24.52 -20.89
CA SER F 134 -28.76 -24.51 -19.44
C SER F 134 -27.57 -23.72 -18.90
N PRO F 135 -27.61 -23.27 -17.64
CA PRO F 135 -26.45 -22.53 -17.11
C PRO F 135 -25.16 -23.33 -17.13
N SER F 136 -25.21 -24.62 -16.81
CA SER F 136 -24.03 -25.48 -16.94
C SER F 136 -23.43 -25.39 -18.33
N GLN F 137 -24.27 -25.52 -19.35
CA GLN F 137 -23.78 -25.60 -20.73
C GLN F 137 -23.13 -24.29 -21.18
N VAL F 138 -23.68 -23.15 -20.76
CA VAL F 138 -23.11 -21.87 -21.16
C VAL F 138 -21.67 -21.75 -20.68
N THR F 139 -21.37 -22.32 -19.51
CA THR F 139 -20.00 -22.34 -19.01
C THR F 139 -19.04 -23.06 -19.95
N MET F 140 -19.55 -23.87 -20.87
CA MET F 140 -18.70 -24.66 -21.74
C MET F 140 -18.21 -23.90 -22.97
N PHE F 141 -18.72 -22.69 -23.20
CA PHE F 141 -18.16 -21.80 -24.21
C PHE F 141 -17.01 -21.02 -23.61
N PRO F 142 -16.20 -20.35 -24.45
CA PRO F 142 -15.32 -19.31 -23.91
C PRO F 142 -16.16 -18.30 -23.14
N HIS F 143 -15.77 -18.02 -21.90
CA HIS F 143 -16.66 -17.26 -21.05
C HIS F 143 -15.88 -16.47 -20.00
N ILE F 144 -16.58 -15.50 -19.42
CA ILE F 144 -16.09 -14.69 -18.32
C ILE F 144 -17.20 -14.59 -17.28
N ILE F 145 -16.82 -14.71 -16.00
CA ILE F 145 -17.77 -14.64 -14.90
C ILE F 145 -17.50 -13.34 -14.15
N VAL F 146 -18.51 -12.47 -14.10
CA VAL F 146 -18.36 -11.10 -13.63
C VAL F 146 -19.24 -10.90 -12.40
N ASP F 147 -18.67 -10.31 -11.36
CA ASP F 147 -19.42 -10.08 -10.13
C ASP F 147 -20.21 -8.77 -10.26
N VAL F 148 -21.44 -8.81 -9.77
CA VAL F 148 -22.33 -7.66 -9.84
C VAL F 148 -21.78 -6.45 -9.08
N ARG F 149 -20.81 -6.65 -8.20
CA ARG F 149 -20.20 -5.52 -7.51
C ARG F 149 -19.08 -4.88 -8.30
N GLN F 150 -18.76 -5.38 -9.48
CA GLN F 150 -17.60 -4.87 -10.20
C GLN F 150 -17.82 -3.44 -10.65
N LEU F 151 -16.84 -2.58 -10.37
CA LEU F 151 -16.91 -1.16 -10.70
C LEU F 151 -16.27 -0.87 -12.05
N GLU F 152 -15.06 -1.38 -12.27
CA GLU F 152 -14.36 -1.09 -13.51
C GLU F 152 -15.08 -1.78 -14.67
N PRO F 153 -15.27 -1.10 -15.79
CA PRO F 153 -15.99 -1.71 -16.91
C PRO F 153 -15.27 -2.96 -17.39
N VAL F 154 -16.05 -3.90 -17.90
CA VAL F 154 -15.53 -5.18 -18.36
C VAL F 154 -15.24 -5.07 -19.85
N LEU F 155 -14.05 -5.48 -20.25
CA LEU F 155 -13.63 -5.41 -21.65
C LEU F 155 -13.55 -6.84 -22.19
N ILE F 156 -14.32 -7.12 -23.23
CA ILE F 156 -14.41 -8.44 -23.83
C ILE F 156 -14.02 -8.33 -25.29
N PRO F 157 -13.05 -9.11 -25.77
CA PRO F 157 -12.81 -9.17 -27.21
C PRO F 157 -13.83 -10.05 -27.89
N LEU F 158 -14.34 -9.59 -29.03
CA LEU F 158 -15.35 -10.29 -29.80
C LEU F 158 -14.77 -10.52 -31.18
N PRO F 159 -14.07 -11.63 -31.39
CA PRO F 159 -13.37 -11.85 -32.66
C PRO F 159 -14.30 -12.35 -33.76
N ASP F 160 -13.89 -12.08 -35.00
CA ASP F 160 -14.70 -12.40 -36.17
C ASP F 160 -14.40 -13.83 -36.63
N VAL F 161 -14.75 -14.80 -35.77
CA VAL F 161 -14.67 -16.20 -36.16
C VAL F 161 -15.54 -16.44 -37.38
N ARG F 162 -14.98 -17.11 -38.38
CA ARG F 162 -15.61 -17.29 -39.69
C ARG F 162 -14.81 -18.35 -40.44
N ASN F 163 -15.34 -18.76 -41.59
CA ASN F 163 -14.67 -19.74 -42.44
C ASN F 163 -14.40 -19.22 -43.85
N ASN F 164 -14.47 -17.90 -44.05
CA ASN F 164 -14.11 -17.30 -45.33
C ASN F 164 -13.20 -16.09 -45.08
N PHE F 165 -12.71 -15.52 -46.18
CA PHE F 165 -11.75 -14.44 -46.07
C PHE F 165 -12.37 -13.19 -45.47
N TYR F 166 -13.63 -12.91 -45.79
CA TYR F 166 -14.32 -11.73 -45.27
C TYR F 166 -15.81 -11.89 -45.53
N HIS F 167 -16.59 -10.93 -45.04
CA HIS F 167 -18.03 -10.97 -45.14
C HIS F 167 -18.51 -9.95 -46.18
N TYR F 168 -19.56 -10.32 -46.91
CA TYR F 168 -20.26 -9.40 -47.78
C TYR F 168 -21.48 -8.84 -47.05
N ASN F 169 -21.79 -7.57 -47.30
CA ASN F 169 -22.98 -6.98 -46.71
C ASN F 169 -24.24 -7.69 -47.17
N GLN F 170 -24.29 -8.08 -48.43
CA GLN F 170 -25.47 -8.66 -49.05
C GLN F 170 -25.62 -10.15 -48.78
N SER F 171 -24.69 -10.79 -48.06
CA SER F 171 -24.75 -12.23 -47.88
C SER F 171 -25.16 -12.67 -46.47
N ASN F 172 -25.23 -11.74 -45.51
CA ASN F 172 -25.79 -12.02 -44.18
C ASN F 172 -25.17 -13.26 -43.54
N ASP F 173 -23.86 -13.44 -43.76
CA ASP F 173 -23.14 -14.54 -43.13
C ASP F 173 -23.37 -14.53 -41.61
N PRO F 174 -23.46 -15.70 -40.99
CA PRO F 174 -23.62 -15.74 -39.53
C PRO F 174 -22.29 -15.49 -38.82
N THR F 175 -22.38 -14.86 -37.66
CA THR F 175 -21.21 -14.46 -36.90
C THR F 175 -21.33 -14.92 -35.45
N ILE F 176 -20.24 -14.73 -34.70
CA ILE F 176 -20.29 -14.95 -33.26
C ILE F 176 -21.38 -14.11 -32.62
N LYS F 177 -21.99 -14.68 -31.59
CA LYS F 177 -22.95 -14.00 -30.75
C LYS F 177 -22.29 -13.86 -29.38
N LEU F 178 -22.44 -12.69 -28.77
CA LEU F 178 -22.10 -12.50 -27.37
C LEU F 178 -23.38 -12.66 -26.55
N ILE F 179 -23.28 -13.43 -25.48
CA ILE F 179 -24.42 -13.76 -24.63
C ILE F 179 -24.11 -13.32 -23.21
N ALA F 180 -25.09 -12.69 -22.57
CA ALA F 180 -25.00 -12.34 -21.16
C ALA F 180 -26.12 -13.08 -20.45
N MET F 181 -25.76 -13.88 -19.46
CA MET F 181 -26.72 -14.71 -18.75
C MET F 181 -26.52 -14.57 -17.26
N LEU F 182 -27.63 -14.60 -16.52
CA LEU F 182 -27.56 -14.58 -15.06
C LEU F 182 -27.05 -15.92 -14.54
N TYR F 183 -25.91 -15.89 -13.86
CA TYR F 183 -25.27 -17.10 -13.34
C TYR F 183 -25.63 -17.36 -11.88
N THR F 184 -25.69 -16.31 -11.08
CA THR F 184 -26.11 -16.40 -9.70
C THR F 184 -27.14 -15.31 -9.45
N PRO F 185 -28.21 -15.61 -8.70
CA PRO F 185 -29.26 -14.60 -8.48
C PRO F 185 -28.71 -13.39 -7.74
N LEU F 186 -29.36 -12.25 -7.95
CA LEU F 186 -28.96 -11.01 -7.29
C LEU F 186 -29.51 -11.00 -5.87
N ARG F 187 -28.63 -10.83 -4.90
CA ARG F 187 -29.02 -10.79 -3.49
C ARG F 187 -28.70 -9.39 -2.98
N ALA F 188 -29.74 -8.63 -2.65
CA ALA F 188 -29.58 -7.27 -2.15
C ALA F 188 -30.84 -6.85 -1.41
N ASN F 189 -30.64 -6.02 -0.38
CA ASN F 189 -31.75 -5.31 0.22
C ASN F 189 -32.42 -4.41 -0.81
N ASN F 190 -33.70 -4.10 -0.58
CA ASN F 190 -34.38 -3.09 -1.35
C ASN F 190 -34.41 -1.79 -0.54
N ALA F 191 -35.03 -0.75 -1.10
CA ALA F 191 -35.15 0.53 -0.41
C ALA F 191 -36.62 0.92 -0.35
N GLY F 192 -37.21 0.86 0.84
CA GLY F 192 -38.64 1.02 0.94
C GLY F 192 -39.35 -0.02 0.09
N ASP F 193 -40.27 0.47 -0.76
CA ASP F 193 -40.95 -0.38 -1.72
C ASP F 193 -40.33 -0.27 -3.12
N ASP F 194 -39.21 0.44 -3.24
CA ASP F 194 -38.45 0.49 -4.49
C ASP F 194 -37.47 -0.68 -4.55
N VAL F 195 -37.52 -1.42 -5.65
CA VAL F 195 -36.79 -2.68 -5.77
C VAL F 195 -35.44 -2.42 -6.39
N PHE F 196 -34.37 -2.88 -5.73
CA PHE F 196 -33.02 -2.69 -6.23
C PHE F 196 -32.80 -3.55 -7.47
N THR F 197 -32.16 -2.96 -8.48
CA THR F 197 -31.80 -3.66 -9.70
C THR F 197 -30.47 -3.14 -10.21
N VAL F 198 -29.71 -4.01 -10.84
CA VAL F 198 -28.42 -3.65 -11.44
C VAL F 198 -28.64 -3.42 -12.93
N SER F 199 -28.56 -2.16 -13.35
CA SER F 199 -28.66 -1.81 -14.75
C SER F 199 -27.33 -1.97 -15.45
N CYS F 200 -27.36 -2.56 -16.65
CA CYS F 200 -26.15 -2.82 -17.42
C CYS F 200 -26.25 -2.17 -18.80
N ARG F 201 -25.09 -1.75 -19.30
CA ARG F 201 -24.97 -1.13 -20.61
C ARG F 201 -23.84 -1.80 -21.38
N VAL F 202 -24.05 -2.00 -22.67
CA VAL F 202 -23.07 -2.65 -23.56
C VAL F 202 -22.56 -1.60 -24.53
N LEU F 203 -21.25 -1.41 -24.54
CA LEU F 203 -20.58 -0.46 -25.42
C LEU F 203 -19.67 -1.23 -26.37
N THR F 204 -19.37 -0.63 -27.52
CA THR F 204 -18.56 -1.32 -28.52
C THR F 204 -17.61 -0.33 -29.18
N ARG F 205 -16.59 -0.90 -29.85
CA ARG F 205 -15.74 -0.14 -30.76
C ARG F 205 -14.98 -1.15 -31.61
N PRO F 206 -14.61 -0.81 -32.85
CA PRO F 206 -13.97 -1.80 -33.70
C PRO F 206 -12.58 -2.12 -33.20
N SER F 207 -12.21 -3.40 -33.25
CA SER F 207 -10.85 -3.83 -32.99
C SER F 207 -9.92 -3.25 -34.04
N PRO F 208 -8.60 -3.28 -33.81
CA PRO F 208 -7.68 -2.78 -34.84
C PRO F 208 -7.68 -3.61 -36.11
N ASP F 209 -8.00 -4.90 -36.04
CA ASP F 209 -8.01 -5.73 -37.24
C ASP F 209 -9.31 -5.62 -38.04
N PHE F 210 -10.32 -4.92 -37.52
CA PHE F 210 -11.55 -4.71 -38.27
C PHE F 210 -11.34 -3.65 -39.35
N ASP F 211 -11.95 -3.87 -40.52
CA ASP F 211 -11.86 -2.91 -41.59
C ASP F 211 -12.95 -3.20 -42.62
N PHE F 212 -13.37 -2.16 -43.33
CA PHE F 212 -14.29 -2.32 -44.45
C PHE F 212 -13.48 -2.65 -45.70
N ILE F 213 -14.15 -3.13 -46.75
CA ILE F 213 -13.35 -3.66 -47.85
C ILE F 213 -13.47 -2.95 -49.20
N PHE F 214 -14.65 -2.83 -49.80
CA PHE F 214 -14.70 -2.23 -51.13
C PHE F 214 -15.67 -1.06 -51.19
N LEU F 215 -15.17 0.11 -51.59
CA LEU F 215 -16.02 1.29 -51.76
C LEU F 215 -17.02 1.08 -52.89
N VAL F 216 -18.27 1.42 -52.63
CA VAL F 216 -19.37 1.23 -53.57
C VAL F 216 -20.32 2.41 -53.45
N PRO F 217 -21.13 2.66 -54.47
CA PRO F 217 -22.03 3.81 -54.44
C PRO F 217 -22.92 3.76 -53.21
N PRO F 218 -23.01 4.85 -52.47
CA PRO F 218 -23.69 4.82 -51.16
C PRO F 218 -25.18 4.55 -51.26
N THR F 219 -25.66 3.72 -50.34
CA THR F 219 -27.07 3.40 -50.10
C THR F 219 -27.73 2.65 -51.25
N VAL F 220 -26.96 1.99 -52.12
CA VAL F 220 -27.58 1.16 -53.14
C VAL F 220 -27.88 -0.25 -52.63
N GLU F 221 -26.93 -0.85 -51.92
CA GLU F 221 -27.07 -2.23 -51.48
C GLU F 221 -28.22 -2.38 -50.49
N SER F 222 -29.12 -3.33 -50.77
CA SER F 222 -30.38 -3.42 -50.04
C SER F 222 -30.16 -3.72 -48.56
N ARG F 223 -29.35 -4.74 -48.25
CA ARG F 223 -29.25 -5.21 -46.87
C ARG F 223 -28.64 -4.21 -45.91
N THR F 224 -28.29 -3.01 -46.37
CA THR F 224 -27.73 -1.98 -45.50
C THR F 224 -28.69 -0.85 -45.16
N LYS F 225 -29.90 -0.85 -45.73
CA LYS F 225 -30.83 0.25 -45.46
C LYS F 225 -31.34 0.18 -44.02
N PRO F 226 -31.27 1.27 -43.26
CA PRO F 226 -31.73 1.24 -41.88
C PRO F 226 -33.24 1.36 -41.76
N PHE F 227 -33.78 0.74 -40.72
CA PHE F 227 -35.23 0.72 -40.50
C PHE F 227 -35.69 2.00 -39.84
N THR F 228 -36.83 2.51 -40.29
CA THR F 228 -37.42 3.71 -39.71
C THR F 228 -38.94 3.57 -39.64
N VAL F 229 -39.54 4.45 -38.86
CA VAL F 229 -40.98 4.45 -38.60
C VAL F 229 -41.47 5.88 -38.83
N PRO F 230 -42.57 6.07 -39.56
CA PRO F 230 -42.96 7.43 -39.96
C PRO F 230 -43.13 8.37 -38.77
N ILE F 231 -42.72 9.62 -38.96
CA ILE F 231 -42.78 10.65 -37.94
C ILE F 231 -44.20 11.18 -37.74
N LEU F 232 -45.15 10.70 -38.54
CA LEU F 232 -46.51 11.21 -38.52
C LEU F 232 -47.17 11.07 -37.15
N THR F 233 -48.10 11.97 -36.88
CA THR F 233 -48.94 11.93 -35.70
C THR F 233 -50.13 10.99 -35.93
N VAL F 234 -50.65 10.43 -34.84
CA VAL F 234 -51.80 9.53 -34.90
C VAL F 234 -52.96 10.19 -35.64
N GLU F 235 -53.25 11.45 -35.32
CA GLU F 235 -54.30 12.17 -36.04
C GLU F 235 -53.98 12.33 -37.51
N GLU F 236 -52.70 12.48 -37.87
CA GLU F 236 -52.32 12.70 -39.25
C GLU F 236 -52.29 11.42 -40.08
N MET F 237 -52.52 10.26 -39.47
CA MET F 237 -52.49 9.00 -40.19
C MET F 237 -53.91 8.52 -40.47
N THR F 238 -54.00 7.37 -41.13
CA THR F 238 -55.25 6.86 -41.67
C THR F 238 -55.38 5.39 -41.29
N ASN F 239 -56.61 4.97 -41.00
CA ASN F 239 -56.84 3.56 -40.71
C ASN F 239 -56.67 2.72 -41.97
N SER F 240 -56.18 1.49 -41.78
CA SER F 240 -55.84 0.60 -42.89
C SER F 240 -56.96 -0.37 -43.21
N ARG F 241 -58.07 -0.32 -42.49
CA ARG F 241 -59.19 -1.22 -42.69
C ARG F 241 -60.45 -0.52 -43.19
N PHE F 242 -60.45 0.82 -43.21
CA PHE F 242 -61.57 1.60 -43.71
C PHE F 242 -61.07 2.98 -44.07
N PRO F 243 -61.53 3.58 -45.17
CA PRO F 243 -60.97 4.87 -45.60
C PRO F 243 -61.34 6.01 -44.67
N ILE F 244 -60.85 5.98 -43.44
CA ILE F 244 -61.13 7.01 -42.45
C ILE F 244 -59.85 7.33 -41.69
N PRO F 245 -59.77 8.53 -41.10
CA PRO F 245 -58.62 8.87 -40.27
C PRO F 245 -58.54 8.02 -39.01
N LEU F 246 -57.37 8.05 -38.38
CA LEU F 246 -57.19 7.49 -37.04
C LEU F 246 -57.63 8.50 -35.97
N GLU F 247 -57.86 7.98 -34.77
CA GLU F 247 -58.36 8.84 -33.69
C GLU F 247 -57.62 8.64 -32.37
N LYS F 248 -57.42 7.38 -31.94
CA LYS F 248 -56.72 7.13 -30.70
C LYS F 248 -56.00 5.78 -30.76
N LEU F 249 -55.14 5.56 -29.75
CA LEU F 249 -54.50 4.27 -29.52
C LEU F 249 -55.22 3.51 -28.42
N PHE F 250 -55.48 2.22 -28.66
CA PHE F 250 -56.22 1.38 -27.73
C PHE F 250 -55.51 0.06 -27.56
N THR F 251 -55.29 -0.33 -26.30
CA THR F 251 -54.77 -1.65 -25.97
C THR F 251 -55.81 -2.39 -25.12
N GLY F 252 -55.93 -3.70 -25.35
CA GLY F 252 -56.81 -4.51 -24.54
C GLY F 252 -56.48 -5.98 -24.62
N PRO F 253 -56.98 -6.77 -23.66
CA PRO F 253 -56.83 -8.22 -23.74
C PRO F 253 -57.65 -8.81 -24.88
N SER F 254 -57.09 -9.84 -25.52
CA SER F 254 -57.65 -10.38 -26.76
C SER F 254 -57.85 -11.89 -26.70
N GLY F 255 -58.00 -12.47 -25.51
CA GLY F 255 -58.09 -13.91 -25.40
C GLY F 255 -59.36 -14.49 -26.00
N ALA F 256 -60.48 -13.78 -25.87
CA ALA F 256 -61.77 -14.34 -26.29
C ALA F 256 -61.84 -14.51 -27.80
N PHE F 257 -61.50 -13.46 -28.54
CA PHE F 257 -61.68 -13.36 -29.98
C PHE F 257 -60.37 -13.63 -30.73
N VAL F 258 -60.47 -13.72 -32.05
CA VAL F 258 -59.34 -14.03 -32.93
C VAL F 258 -59.00 -12.82 -33.77
N VAL F 259 -57.83 -12.24 -33.51
CA VAL F 259 -57.33 -11.03 -34.17
C VAL F 259 -56.66 -11.47 -35.47
N GLN F 260 -57.39 -11.41 -36.59
CA GLN F 260 -56.82 -11.92 -37.84
C GLN F 260 -57.22 -11.07 -39.04
N PRO F 261 -56.99 -9.76 -39.01
CA PRO F 261 -57.37 -8.91 -40.15
C PRO F 261 -56.64 -9.31 -41.42
N GLN F 262 -57.20 -8.91 -42.56
CA GLN F 262 -56.55 -9.10 -43.84
C GLN F 262 -56.14 -7.80 -44.53
N ASN F 263 -56.54 -6.65 -43.99
CA ASN F 263 -56.06 -5.35 -44.43
C ASN F 263 -55.13 -4.76 -43.38
N GLY F 264 -54.24 -3.88 -43.83
CA GLY F 264 -53.23 -3.38 -42.93
C GLY F 264 -52.34 -4.47 -42.38
N ARG F 265 -51.93 -5.41 -43.23
CA ARG F 265 -51.02 -6.48 -42.85
C ARG F 265 -49.78 -6.40 -43.73
N CYS F 266 -48.66 -6.02 -43.12
CA CYS F 266 -47.41 -5.82 -43.86
C CYS F 266 -46.25 -6.14 -42.93
N THR F 267 -45.22 -6.77 -43.48
CA THR F 267 -44.04 -7.11 -42.71
C THR F 267 -43.08 -5.91 -42.68
N THR F 268 -42.23 -5.89 -41.65
CA THR F 268 -41.26 -4.81 -41.47
C THR F 268 -40.41 -4.54 -42.72
N ASP F 269 -39.99 -5.58 -43.44
CA ASP F 269 -39.21 -5.34 -44.65
C ASP F 269 -40.07 -5.18 -45.90
N GLY F 270 -41.37 -4.96 -45.74
CA GLY F 270 -42.22 -4.46 -46.82
C GLY F 270 -42.92 -5.47 -47.70
N VAL F 271 -43.13 -6.70 -47.24
CA VAL F 271 -43.91 -7.68 -47.98
C VAL F 271 -45.36 -7.54 -47.54
N LEU F 272 -46.23 -7.26 -48.50
CA LEU F 272 -47.65 -7.15 -48.21
C LEU F 272 -48.28 -8.53 -48.01
N LEU F 273 -49.30 -8.58 -47.15
CA LEU F 273 -49.94 -9.83 -46.76
C LEU F 273 -51.45 -9.70 -46.90
N GLY F 274 -52.09 -10.85 -47.03
CA GLY F 274 -53.56 -10.89 -47.06
C GLY F 274 -54.12 -10.09 -48.20
N THR F 275 -55.12 -9.25 -47.90
CA THR F 275 -55.77 -8.40 -48.89
C THR F 275 -55.23 -6.98 -48.87
N THR F 276 -54.04 -6.78 -48.33
CA THR F 276 -53.53 -5.44 -48.10
C THR F 276 -52.98 -4.85 -49.40
N GLN F 277 -53.31 -3.58 -49.64
CA GLN F 277 -52.80 -2.85 -50.78
C GLN F 277 -52.45 -1.45 -50.33
N LEU F 278 -51.95 -0.63 -51.27
CA LEU F 278 -51.30 0.61 -50.91
C LEU F 278 -52.22 1.82 -50.91
N SER F 279 -53.29 1.80 -51.69
CA SER F 279 -54.12 3.01 -51.79
C SER F 279 -54.98 3.16 -50.55
N PRO F 280 -54.92 4.30 -49.86
CA PRO F 280 -55.70 4.48 -48.63
C PRO F 280 -57.18 4.76 -48.87
N VAL F 281 -57.61 4.92 -50.11
CA VAL F 281 -59.00 5.23 -50.42
C VAL F 281 -59.74 4.04 -51.03
N ASN F 282 -59.03 3.02 -51.50
CA ASN F 282 -59.63 1.84 -52.09
C ASN F 282 -59.80 0.72 -51.07
N ILE F 283 -59.81 1.08 -49.78
CA ILE F 283 -59.75 0.09 -48.70
C ILE F 283 -61.05 -0.70 -48.58
N CYS F 284 -62.20 -0.08 -48.83
CA CYS F 284 -63.48 -0.82 -48.87
C CYS F 284 -64.29 -0.40 -50.10
N THR F 285 -63.72 -0.59 -51.28
CA THR F 285 -64.36 -0.16 -52.51
C THR F 285 -64.48 -1.33 -53.48
N PHE F 286 -65.43 -1.20 -54.41
CA PHE F 286 -65.67 -2.21 -55.43
C PHE F 286 -65.90 -1.52 -56.76
N ARG F 287 -65.42 -2.13 -57.84
CA ARG F 287 -65.62 -1.61 -59.19
C ARG F 287 -65.93 -2.76 -60.13
N GLY F 288 -66.91 -2.54 -61.01
CA GLY F 288 -67.24 -3.53 -62.02
C GLY F 288 -68.55 -3.20 -62.69
N ASP F 289 -69.07 -4.18 -63.41
CA ASP F 289 -70.34 -4.08 -64.11
C ASP F 289 -71.44 -4.71 -63.25
N VAL F 290 -72.63 -4.10 -63.29
CA VAL F 290 -73.67 -4.41 -62.32
C VAL F 290 -74.94 -4.85 -63.05
N THR F 291 -75.71 -5.72 -62.38
CA THR F 291 -76.89 -6.35 -62.95
C THR F 291 -77.99 -6.38 -61.89
N HIS F 292 -79.22 -6.08 -62.33
CA HIS F 292 -80.36 -6.06 -61.43
C HIS F 292 -80.83 -7.48 -61.09
N ILE F 293 -81.34 -7.62 -59.87
CA ILE F 293 -82.01 -8.83 -59.41
C ILE F 293 -83.51 -8.58 -59.47
N ALA F 294 -84.20 -9.34 -60.32
CA ALA F 294 -85.58 -9.03 -60.69
C ALA F 294 -86.51 -9.06 -59.48
N GLY F 295 -87.32 -8.01 -59.35
CA GLY F 295 -88.36 -7.95 -58.34
C GLY F 295 -87.93 -7.42 -56.99
N THR F 296 -86.65 -7.13 -56.79
CA THR F 296 -86.15 -6.62 -55.51
C THR F 296 -85.37 -5.33 -55.77
N HIS F 297 -84.88 -4.73 -54.67
CA HIS F 297 -83.99 -3.59 -54.73
C HIS F 297 -82.52 -4.01 -54.68
N ASP F 298 -82.22 -5.26 -54.98
CA ASP F 298 -80.87 -5.79 -54.90
C ASP F 298 -80.21 -5.80 -56.28
N TYR F 299 -78.90 -5.59 -56.29
CA TYR F 299 -78.09 -5.69 -57.50
C TYR F 299 -76.88 -6.57 -57.22
N THR F 300 -76.47 -7.33 -58.24
CA THR F 300 -75.27 -8.15 -58.17
C THR F 300 -74.20 -7.56 -59.08
N MET F 301 -73.01 -7.37 -58.54
CA MET F 301 -71.90 -6.73 -59.24
C MET F 301 -70.87 -7.78 -59.63
N ASN F 302 -70.59 -7.87 -60.92
CA ASN F 302 -69.51 -8.73 -61.41
C ASN F 302 -68.23 -7.90 -61.40
N LEU F 303 -67.26 -8.33 -60.58
CA LEU F 303 -66.16 -7.48 -60.19
C LEU F 303 -65.06 -7.47 -61.24
N ALA F 304 -64.17 -6.49 -61.11
CA ALA F 304 -62.95 -6.43 -61.88
C ALA F 304 -61.82 -6.04 -60.93
N SER F 305 -60.73 -5.49 -61.46
CA SER F 305 -59.61 -5.07 -60.64
C SER F 305 -59.95 -3.75 -59.95
N GLN F 306 -58.96 -3.20 -59.23
CA GLN F 306 -59.07 -1.83 -58.75
C GLN F 306 -58.81 -0.81 -59.85
N ASN F 307 -57.94 -1.14 -60.80
CA ASN F 307 -57.57 -0.25 -61.90
C ASN F 307 -58.20 -0.69 -63.22
N TRP F 308 -59.36 -1.36 -63.14
CA TRP F 308 -60.18 -1.71 -64.31
C TRP F 308 -59.43 -2.66 -65.25
N ASN F 309 -59.10 -3.83 -64.71
CA ASN F 309 -58.61 -4.96 -65.48
C ASN F 309 -59.43 -6.19 -65.13
N ASN F 310 -59.27 -7.24 -65.94
CA ASN F 310 -60.00 -8.48 -65.70
C ASN F 310 -59.48 -9.17 -64.45
N TYR F 311 -60.38 -9.86 -63.74
CA TYR F 311 -60.07 -10.44 -62.45
C TYR F 311 -59.61 -11.88 -62.60
N ASP F 312 -58.49 -12.21 -61.95
CA ASP F 312 -57.88 -13.53 -62.03
C ASP F 312 -58.07 -14.26 -60.71
N PRO F 313 -58.85 -15.35 -60.66
CA PRO F 313 -59.00 -16.10 -59.41
C PRO F 313 -57.78 -16.95 -59.03
N THR F 314 -56.76 -17.04 -59.91
CA THR F 314 -55.58 -17.83 -59.60
C THR F 314 -54.67 -17.16 -58.59
N GLU F 315 -54.85 -15.87 -58.32
CA GLU F 315 -53.99 -15.16 -57.41
C GLU F 315 -54.06 -15.74 -56.01
N GLU F 316 -52.90 -15.95 -55.39
CA GLU F 316 -52.79 -16.57 -54.07
C GLU F 316 -53.18 -15.57 -52.96
N ILE F 317 -54.40 -15.06 -53.07
CA ILE F 317 -54.89 -14.01 -52.17
C ILE F 317 -56.26 -14.43 -51.64
N PRO F 318 -56.65 -14.05 -50.42
CA PRO F 318 -57.98 -14.42 -49.93
C PRO F 318 -59.12 -13.82 -50.73
N ALA F 319 -58.89 -12.66 -51.36
CA ALA F 319 -59.89 -11.93 -52.12
C ALA F 319 -59.18 -10.79 -52.83
N PRO F 320 -59.82 -10.06 -53.74
CA PRO F 320 -59.16 -8.91 -54.35
C PRO F 320 -58.72 -7.91 -53.29
N LEU F 321 -57.60 -7.24 -53.55
CA LEU F 321 -57.00 -6.36 -52.56
C LEU F 321 -57.97 -5.25 -52.21
N GLY F 322 -58.14 -5.00 -50.92
CA GLY F 322 -59.09 -4.02 -50.46
C GLY F 322 -60.45 -4.57 -50.12
N THR F 323 -60.62 -5.88 -50.14
CA THR F 323 -61.88 -6.47 -49.71
C THR F 323 -62.03 -6.31 -48.20
N PRO F 324 -63.22 -5.91 -47.73
CA PRO F 324 -63.43 -5.74 -46.28
C PRO F 324 -63.04 -6.98 -45.48
N ASP F 325 -62.51 -6.76 -44.29
CA ASP F 325 -61.96 -7.82 -43.45
C ASP F 325 -62.74 -7.98 -42.14
N PHE F 326 -64.03 -7.63 -42.16
CA PHE F 326 -64.89 -7.80 -41.00
C PHE F 326 -66.29 -8.15 -41.48
N VAL F 327 -67.12 -8.64 -40.55
CA VAL F 327 -68.51 -8.95 -40.83
C VAL F 327 -69.36 -7.78 -40.37
N GLY F 328 -70.17 -7.26 -41.28
CA GLY F 328 -71.02 -6.11 -40.99
C GLY F 328 -71.68 -5.64 -42.26
N LYS F 329 -72.53 -4.63 -42.09
CA LYS F 329 -73.23 -4.00 -43.21
C LYS F 329 -72.66 -2.61 -43.43
N ILE F 330 -72.02 -2.41 -44.58
CA ILE F 330 -71.38 -1.14 -44.93
C ILE F 330 -72.26 -0.40 -45.92
N GLN F 331 -72.70 0.80 -45.54
CA GLN F 331 -73.53 1.65 -46.37
C GLN F 331 -72.65 2.64 -47.12
N GLY F 332 -72.95 2.86 -48.40
CA GLY F 332 -72.23 3.82 -49.22
C GLY F 332 -73.05 4.35 -50.36
N VAL F 333 -72.42 4.52 -51.52
CA VAL F 333 -73.04 5.12 -52.69
C VAL F 333 -72.51 4.41 -53.93
N LEU F 334 -73.41 3.92 -54.78
CA LEU F 334 -73.05 3.39 -56.08
C LEU F 334 -73.01 4.51 -57.11
N THR F 335 -71.96 4.52 -57.93
CA THR F 335 -71.74 5.56 -58.92
C THR F 335 -71.51 4.93 -60.29
N GLN F 336 -72.06 5.57 -61.32
CA GLN F 336 -72.07 5.01 -62.66
C GLN F 336 -71.93 6.14 -63.68
N THR F 337 -71.27 5.84 -64.79
CA THR F 337 -71.08 6.80 -65.86
C THR F 337 -71.31 6.11 -67.20
N THR F 338 -72.20 6.69 -68.02
CA THR F 338 -72.49 6.16 -69.34
C THR F 338 -71.50 6.75 -70.36
N ARG F 339 -70.76 5.88 -71.04
CA ARG F 339 -69.78 6.34 -72.02
C ARG F 339 -70.47 6.89 -73.26
N GLY F 340 -69.99 8.04 -73.73
CA GLY F 340 -70.54 8.67 -74.93
C GLY F 340 -71.42 9.88 -74.70
N ASP F 341 -72.22 9.89 -73.64
CA ASP F 341 -72.98 11.06 -73.28
C ASP F 341 -72.60 11.66 -71.94
N GLY F 342 -71.96 10.91 -71.05
CA GLY F 342 -71.63 11.39 -69.73
C GLY F 342 -72.74 11.32 -68.71
N SER F 343 -73.80 10.56 -68.97
CA SER F 343 -74.87 10.43 -67.98
C SER F 343 -74.34 9.73 -66.72
N THR F 344 -74.73 10.26 -65.56
CA THR F 344 -74.27 9.73 -64.29
C THR F 344 -75.43 9.62 -63.30
N ARG F 345 -75.40 8.56 -62.50
CA ARG F 345 -76.44 8.27 -61.51
C ARG F 345 -75.78 7.85 -60.20
N GLY F 346 -76.37 8.25 -59.09
CA GLY F 346 -75.84 7.90 -57.78
C GLY F 346 -76.92 7.55 -56.77
N HIS F 347 -76.80 6.37 -56.16
CA HIS F 347 -77.87 5.84 -55.32
C HIS F 347 -77.30 5.23 -54.05
N LYS F 348 -77.90 5.60 -52.93
CA LYS F 348 -77.63 4.98 -51.63
C LYS F 348 -77.65 3.46 -51.73
N ALA F 349 -76.61 2.82 -51.18
CA ALA F 349 -76.46 1.37 -51.28
C ALA F 349 -75.78 0.84 -50.03
N THR F 350 -75.91 -0.48 -49.83
CA THR F 350 -75.42 -1.14 -48.62
C THR F 350 -74.93 -2.53 -48.98
N VAL F 351 -73.79 -2.92 -48.43
CA VAL F 351 -73.25 -4.27 -48.58
C VAL F 351 -73.31 -4.97 -47.24
N SER F 352 -73.84 -6.19 -47.23
CA SER F 352 -73.77 -7.07 -46.07
C SER F 352 -72.71 -8.12 -46.34
N THR F 353 -71.64 -8.11 -45.55
CA THR F 353 -70.62 -9.14 -45.71
C THR F 353 -70.99 -10.47 -45.07
N GLY F 354 -72.01 -10.48 -44.21
CA GLY F 354 -72.55 -11.72 -43.67
C GLY F 354 -73.48 -12.45 -44.60
N SER F 355 -73.87 -11.81 -45.70
CA SER F 355 -74.69 -12.44 -46.73
C SER F 355 -73.97 -13.60 -47.41
N VAL F 356 -74.75 -14.62 -47.77
CA VAL F 356 -74.23 -15.76 -48.51
C VAL F 356 -73.88 -15.37 -49.95
N HIS F 357 -74.40 -14.23 -50.42
CA HIS F 357 -74.12 -13.74 -51.76
C HIS F 357 -72.93 -12.79 -51.78
N PHE F 358 -72.25 -12.62 -50.64
CA PHE F 358 -70.98 -11.89 -50.55
C PHE F 358 -69.87 -12.89 -50.81
N THR F 359 -69.49 -13.01 -52.09
CA THR F 359 -68.47 -13.97 -52.54
C THR F 359 -67.45 -13.24 -53.40
N PRO F 360 -66.66 -12.34 -52.81
CA PRO F 360 -65.76 -11.51 -53.64
C PRO F 360 -64.62 -12.30 -54.25
N LYS F 361 -64.18 -13.39 -53.61
CA LYS F 361 -63.13 -14.22 -54.21
C LYS F 361 -63.59 -14.81 -55.54
N LEU F 362 -64.89 -15.08 -55.67
CA LEU F 362 -65.43 -15.62 -56.90
C LEU F 362 -65.80 -14.54 -57.90
N GLY F 363 -66.00 -13.30 -57.45
CA GLY F 363 -66.16 -12.20 -58.38
C GLY F 363 -67.47 -11.45 -58.30
N SER F 364 -68.31 -11.75 -57.31
CA SER F 364 -69.64 -11.17 -57.24
C SER F 364 -69.96 -10.73 -55.83
N VAL F 365 -70.60 -9.56 -55.71
CA VAL F 365 -71.07 -9.02 -54.44
C VAL F 365 -72.48 -8.45 -54.67
N GLN F 366 -73.28 -8.41 -53.61
CA GLN F 366 -74.67 -7.99 -53.68
C GLN F 366 -74.88 -6.71 -52.87
N PHE F 367 -75.53 -5.72 -53.49
CA PHE F 367 -75.89 -4.48 -52.84
C PHE F 367 -77.41 -4.35 -52.71
N THR F 368 -77.84 -3.63 -51.68
CA THR F 368 -79.24 -3.24 -51.51
C THR F 368 -79.36 -1.73 -51.73
N THR F 369 -80.19 -1.34 -52.69
CA THR F 369 -80.24 0.03 -53.17
C THR F 369 -81.58 0.67 -52.81
N ASP F 370 -81.73 1.95 -53.16
CA ASP F 370 -82.98 2.67 -53.01
C ASP F 370 -83.69 2.92 -54.34
N THR F 371 -83.34 2.15 -55.37
CA THR F 371 -84.06 2.13 -56.64
C THR F 371 -84.09 0.71 -57.16
N ASN F 372 -85.18 0.37 -57.86
CA ASN F 372 -85.30 -0.96 -58.45
C ASN F 372 -84.87 -1.04 -59.91
N ASN F 373 -84.87 0.07 -60.66
CA ASN F 373 -84.34 0.05 -62.03
C ASN F 373 -83.77 1.41 -62.41
N ASP F 374 -82.62 1.75 -61.83
CA ASP F 374 -81.96 3.01 -62.19
C ASP F 374 -80.44 2.83 -62.25
N LEU F 375 -79.96 1.62 -62.56
CA LEU F 375 -78.54 1.38 -62.84
C LEU F 375 -78.45 0.47 -64.07
N GLU F 376 -78.14 1.05 -65.22
CA GLU F 376 -78.16 0.27 -66.45
C GLU F 376 -76.95 -0.68 -66.50
N THR F 377 -77.09 -1.73 -67.31
CA THR F 377 -76.08 -2.78 -67.39
C THR F 377 -75.08 -2.48 -68.49
N GLY F 378 -73.85 -2.99 -68.30
CA GLY F 378 -72.75 -2.73 -69.21
C GLY F 378 -71.87 -1.56 -68.87
N GLN F 379 -72.24 -0.77 -67.86
CA GLN F 379 -71.49 0.43 -67.49
C GLN F 379 -70.72 0.20 -66.19
N ASN F 380 -69.60 0.92 -66.06
CA ASN F 380 -68.73 0.78 -64.90
C ASN F 380 -69.37 1.42 -63.67
N THR F 381 -69.26 0.72 -62.54
CA THR F 381 -69.91 1.15 -61.31
C THR F 381 -68.95 1.05 -60.14
N LYS F 382 -68.93 2.09 -59.31
CA LYS F 382 -68.00 2.21 -58.20
C LYS F 382 -68.78 2.38 -56.89
N PHE F 383 -68.47 1.54 -55.91
CA PHE F 383 -69.02 1.70 -54.56
C PHE F 383 -68.07 2.52 -53.71
N THR F 384 -68.52 3.71 -53.28
CA THR F 384 -67.77 4.53 -52.35
C THR F 384 -68.32 4.31 -50.94
N PRO F 385 -67.55 3.74 -50.01
CA PRO F 385 -68.07 3.50 -48.66
C PRO F 385 -68.19 4.80 -47.88
N VAL F 386 -69.07 4.76 -46.86
CA VAL F 386 -69.32 5.93 -46.03
C VAL F 386 -69.27 5.55 -44.55
N GLY F 387 -69.93 4.45 -44.21
CA GLY F 387 -70.02 4.07 -42.80
C GLY F 387 -70.62 2.69 -42.65
N VAL F 388 -70.89 2.34 -41.39
CA VAL F 388 -71.46 1.04 -41.05
C VAL F 388 -72.86 1.25 -40.51
N VAL F 389 -73.70 0.23 -40.66
CA VAL F 389 -75.12 0.29 -40.31
C VAL F 389 -75.44 -0.94 -39.46
N GLN F 390 -76.56 -0.85 -38.75
CA GLN F 390 -76.95 -1.88 -37.78
C GLN F 390 -78.44 -2.13 -37.92
N ASP F 391 -78.81 -3.41 -38.05
CA ASP F 391 -80.20 -3.78 -38.24
C ASP F 391 -80.96 -3.72 -36.91
N GLY F 392 -82.25 -3.38 -37.01
CA GLY F 392 -83.05 -3.09 -35.83
C GLY F 392 -83.37 -4.31 -34.98
N ASN F 393 -83.23 -5.51 -35.52
CA ASN F 393 -83.48 -6.75 -34.78
C ASN F 393 -82.24 -7.33 -34.13
N SER F 394 -81.33 -6.52 -33.58
CA SER F 394 -80.17 -7.08 -32.90
C SER F 394 -79.82 -6.28 -31.66
N ALA F 395 -78.84 -6.80 -30.92
CA ALA F 395 -78.34 -6.22 -29.68
C ALA F 395 -77.62 -4.90 -29.92
N HIS F 396 -77.61 -4.04 -28.91
CA HIS F 396 -76.88 -2.79 -29.00
C HIS F 396 -75.39 -3.07 -29.12
N GLN F 397 -74.74 -2.42 -30.10
CA GLN F 397 -73.28 -2.53 -30.28
C GLN F 397 -72.86 -3.97 -30.57
N ASN F 398 -73.63 -4.68 -31.40
CA ASN F 398 -73.36 -6.09 -31.65
C ASN F 398 -73.24 -6.49 -33.11
N GLU F 399 -73.64 -5.65 -34.07
CA GLU F 399 -73.73 -6.09 -35.45
C GLU F 399 -72.40 -6.01 -36.20
N PRO F 400 -71.68 -4.86 -36.21
CA PRO F 400 -70.38 -4.86 -36.89
C PRO F 400 -69.28 -5.47 -36.03
N GLN F 401 -68.93 -6.72 -36.35
CA GLN F 401 -67.93 -7.50 -35.63
C GLN F 401 -66.59 -7.39 -36.35
N GLN F 402 -65.71 -6.53 -35.85
CA GLN F 402 -64.48 -6.25 -36.58
C GLN F 402 -63.55 -7.46 -36.60
N TRP F 403 -63.63 -8.31 -35.57
CA TRP F 403 -62.69 -9.41 -35.39
C TRP F 403 -63.25 -10.74 -35.88
N VAL F 404 -64.28 -10.73 -36.71
CA VAL F 404 -64.80 -11.92 -37.36
C VAL F 404 -64.55 -11.78 -38.86
N LEU F 405 -63.83 -12.73 -39.44
CA LEU F 405 -63.58 -12.60 -40.88
C LEU F 405 -64.80 -13.05 -41.67
N PRO F 406 -65.14 -12.37 -42.76
CA PRO F 406 -66.12 -12.90 -43.71
C PRO F 406 -65.60 -14.15 -44.40
N ASN F 407 -66.52 -14.87 -45.04
CA ASN F 407 -66.19 -16.05 -45.83
C ASN F 407 -66.09 -15.61 -47.29
N TYR F 408 -64.84 -15.41 -47.75
CA TYR F 408 -64.61 -14.73 -49.01
C TYR F 408 -65.11 -15.52 -50.22
N SER F 409 -65.30 -16.84 -50.09
CA SER F 409 -65.87 -17.63 -51.17
C SER F 409 -67.29 -18.12 -50.85
N GLY F 410 -67.97 -17.45 -49.93
CA GLY F 410 -69.28 -17.84 -49.44
C GLY F 410 -69.36 -19.30 -49.05
N ARG F 411 -70.55 -19.87 -49.27
CA ARG F 411 -70.82 -21.26 -48.89
C ARG F 411 -70.03 -22.27 -49.70
N THR F 412 -69.55 -21.90 -50.90
CA THR F 412 -68.99 -22.90 -51.80
C THR F 412 -67.63 -23.40 -51.35
N GLY F 413 -66.88 -22.59 -50.59
CA GLY F 413 -65.57 -23.04 -50.13
C GLY F 413 -65.15 -22.49 -48.78
N HIS F 414 -63.87 -22.66 -48.46
CA HIS F 414 -63.30 -22.16 -47.23
C HIS F 414 -62.29 -21.07 -47.55
N ASN F 415 -61.96 -20.27 -46.54
CA ASN F 415 -60.99 -19.20 -46.72
C ASN F 415 -59.60 -19.78 -46.93
N VAL F 416 -58.83 -19.14 -47.82
CA VAL F 416 -57.50 -19.61 -48.19
C VAL F 416 -56.52 -18.44 -48.10
N HIS F 417 -55.23 -18.77 -48.07
CA HIS F 417 -54.12 -17.81 -48.11
C HIS F 417 -54.32 -16.65 -47.14
N LEU F 418 -54.78 -16.96 -45.93
CA LEU F 418 -55.02 -15.92 -44.95
C LEU F 418 -53.71 -15.41 -44.34
N ALA F 419 -53.69 -14.13 -43.99
CA ALA F 419 -52.62 -13.63 -43.16
C ALA F 419 -52.76 -14.19 -41.74
N PRO F 420 -51.65 -14.51 -41.08
CA PRO F 420 -51.73 -15.22 -39.79
C PRO F 420 -52.42 -14.39 -38.72
N ALA F 421 -52.98 -15.09 -37.73
CA ALA F 421 -53.53 -14.42 -36.57
C ALA F 421 -52.41 -13.97 -35.64
N VAL F 422 -52.77 -13.14 -34.66
CA VAL F 422 -51.81 -12.34 -33.92
C VAL F 422 -52.16 -12.39 -32.44
N ALA F 423 -51.15 -12.66 -31.59
CA ALA F 423 -51.39 -12.71 -30.16
C ALA F 423 -50.08 -12.42 -29.42
N PRO F 424 -50.16 -11.78 -28.25
CA PRO F 424 -48.96 -11.61 -27.42
C PRO F 424 -48.46 -12.93 -26.86
N THR F 425 -47.13 -13.03 -26.72
CA THR F 425 -46.50 -14.23 -26.17
C THR F 425 -45.90 -14.02 -24.79
N PHE F 426 -45.71 -12.78 -24.35
CA PHE F 426 -45.12 -12.42 -23.06
C PHE F 426 -46.18 -12.15 -22.01
N PRO F 427 -45.98 -12.69 -20.80
CA PRO F 427 -46.90 -12.37 -19.70
C PRO F 427 -46.87 -10.87 -19.44
N GLY F 428 -48.06 -10.27 -19.38
CA GLY F 428 -48.16 -8.85 -19.11
C GLY F 428 -48.22 -7.98 -20.35
N GLU F 429 -48.20 -8.56 -21.54
CA GLU F 429 -48.17 -7.81 -22.78
C GLU F 429 -49.52 -7.95 -23.48
N GLN F 430 -49.98 -6.88 -24.10
CA GLN F 430 -51.18 -6.92 -24.92
C GLN F 430 -50.92 -6.24 -26.26
N LEU F 431 -51.74 -6.57 -27.24
CA LEU F 431 -51.69 -5.90 -28.54
C LEU F 431 -51.92 -4.41 -28.36
N LEU F 432 -51.30 -3.62 -29.23
CA LEU F 432 -51.57 -2.19 -29.33
C LEU F 432 -52.27 -1.92 -30.64
N PHE F 433 -53.48 -1.37 -30.57
CA PHE F 433 -54.34 -1.18 -31.73
C PHE F 433 -54.38 0.29 -32.09
N PHE F 434 -54.46 0.57 -33.38
CA PHE F 434 -54.67 1.92 -33.87
C PHE F 434 -56.17 2.08 -34.10
N ARG F 435 -56.79 2.91 -33.29
CA ARG F 435 -58.25 2.97 -33.16
C ARG F 435 -58.78 4.18 -33.90
N SER F 436 -59.79 3.95 -34.74
CA SER F 436 -60.63 5.00 -35.28
C SER F 436 -62.08 4.64 -35.04
N THR F 437 -62.96 5.64 -35.16
CA THR F 437 -64.38 5.44 -34.95
C THR F 437 -65.10 5.54 -36.29
N MET F 438 -65.68 4.42 -36.73
CA MET F 438 -66.32 4.39 -38.03
C MET F 438 -67.58 5.26 -38.02
N PRO F 439 -67.89 5.90 -39.14
CA PRO F 439 -69.17 6.62 -39.23
C PRO F 439 -70.34 5.66 -39.09
N GLY F 440 -71.30 6.03 -38.25
CA GLY F 440 -72.57 5.33 -38.18
C GLY F 440 -73.61 5.97 -39.08
N CYS F 441 -74.36 5.12 -39.79
CA CYS F 441 -75.36 5.59 -40.74
C CYS F 441 -76.79 5.37 -40.27
N SER F 442 -77.03 4.38 -39.41
CA SER F 442 -78.37 3.98 -38.99
C SER F 442 -78.25 2.85 -37.96
N GLY F 443 -79.04 2.93 -36.90
CA GLY F 443 -78.95 1.96 -35.82
C GLY F 443 -77.99 2.41 -34.75
N TYR F 444 -77.57 1.45 -33.92
CA TYR F 444 -76.65 1.72 -32.81
C TYR F 444 -75.46 0.78 -32.93
N PRO F 445 -74.65 0.93 -33.97
CA PRO F 445 -73.65 -0.09 -34.29
C PRO F 445 -72.35 0.09 -33.51
N ASN F 446 -71.56 -0.97 -33.50
CA ASN F 446 -70.23 -0.94 -32.90
C ASN F 446 -69.32 -0.11 -33.80
N MET F 447 -69.01 1.10 -33.37
CA MET F 447 -68.28 2.05 -34.21
C MET F 447 -66.77 2.02 -33.99
N ASN F 448 -66.26 1.16 -33.11
CA ASN F 448 -64.82 1.02 -32.95
C ASN F 448 -64.25 0.15 -34.07
N LEU F 449 -63.21 0.66 -34.74
CA LEU F 449 -62.44 -0.12 -35.71
C LEU F 449 -60.96 -0.01 -35.36
N ASP F 450 -60.34 -1.15 -35.06
CA ASP F 450 -58.93 -1.22 -34.69
C ASP F 450 -58.16 -1.90 -35.81
N CYS F 451 -57.01 -1.33 -36.18
CA CYS F 451 -56.11 -1.95 -37.14
C CYS F 451 -54.74 -2.16 -36.51
N LEU F 452 -53.97 -3.07 -37.11
CA LEU F 452 -52.66 -3.42 -36.58
C LEU F 452 -51.58 -2.43 -36.97
N LEU F 453 -51.70 -1.83 -38.16
CA LEU F 453 -50.73 -0.87 -38.68
C LEU F 453 -51.49 0.24 -39.40
N PRO F 454 -51.12 1.50 -39.18
CA PRO F 454 -51.66 2.58 -40.02
C PRO F 454 -51.26 2.37 -41.47
N GLN F 455 -52.12 2.85 -42.38
CA GLN F 455 -51.83 2.68 -43.79
C GLN F 455 -50.55 3.39 -44.18
N GLU F 456 -50.27 4.54 -43.58
CA GLU F 456 -49.01 5.23 -43.83
C GLU F 456 -47.82 4.40 -43.39
N TRP F 457 -47.96 3.63 -42.31
CA TRP F 457 -46.91 2.69 -41.94
C TRP F 457 -46.76 1.59 -42.99
N VAL F 458 -47.87 1.11 -43.53
CA VAL F 458 -47.80 0.12 -44.60
C VAL F 458 -47.09 0.70 -45.80
N LEU F 459 -47.50 1.92 -46.21
CA LEU F 459 -46.84 2.60 -47.31
C LEU F 459 -45.34 2.75 -47.06
N HIS F 460 -44.96 3.11 -45.83
CA HIS F 460 -43.55 3.37 -45.52
C HIS F 460 -42.72 2.11 -45.64
N PHE F 461 -43.15 1.02 -44.99
CA PHE F 461 -42.39 -0.23 -45.06
C PHE F 461 -42.26 -0.72 -46.50
N TYR F 462 -43.32 -0.57 -47.29
CA TYR F 462 -43.29 -1.08 -48.66
C TYR F 462 -42.21 -0.40 -49.49
N GLN F 463 -42.09 0.92 -49.37
CA GLN F 463 -41.13 1.65 -50.21
C GLN F 463 -39.72 1.49 -49.68
N GLU F 464 -39.51 1.73 -48.39
CA GLU F 464 -38.20 1.62 -47.75
C GLU F 464 -38.11 0.20 -47.22
N ALA F 465 -37.44 -0.67 -47.97
CA ALA F 465 -37.50 -2.11 -47.71
C ALA F 465 -36.36 -2.56 -46.78
N ALA F 466 -36.32 -1.92 -45.61
CA ALA F 466 -35.20 -2.13 -44.71
C ALA F 466 -35.27 -3.53 -44.09
N PRO F 467 -34.19 -4.31 -44.18
CA PRO F 467 -34.19 -5.64 -43.58
C PRO F 467 -34.33 -5.59 -42.06
N ALA F 468 -35.05 -6.57 -41.52
CA ALA F 468 -35.17 -6.72 -40.07
C ALA F 468 -33.92 -7.37 -39.51
N GLN F 469 -33.30 -6.72 -38.52
CA GLN F 469 -32.11 -7.26 -37.87
C GLN F 469 -32.45 -8.25 -36.77
N SER F 470 -33.71 -8.31 -36.35
CA SER F 470 -34.17 -9.29 -35.39
C SER F 470 -35.69 -9.36 -35.50
N ASP F 471 -36.31 -10.15 -34.64
CA ASP F 471 -37.76 -10.36 -34.72
C ASP F 471 -38.56 -9.22 -34.10
N VAL F 472 -37.92 -8.28 -33.40
CA VAL F 472 -38.63 -7.23 -32.70
C VAL F 472 -37.92 -5.91 -32.92
N ALA F 473 -38.68 -4.88 -33.31
CA ALA F 473 -38.18 -3.52 -33.40
C ALA F 473 -38.71 -2.73 -32.22
N LEU F 474 -37.81 -2.22 -31.38
CA LEU F 474 -38.22 -1.42 -30.24
C LEU F 474 -38.55 0.00 -30.69
N LEU F 475 -39.76 0.45 -30.37
CA LEU F 475 -40.19 1.81 -30.67
C LEU F 475 -40.37 2.58 -29.37
N ARG F 476 -40.07 3.88 -29.43
CA ARG F 476 -40.29 4.78 -28.30
C ARG F 476 -41.29 5.86 -28.73
N PHE F 477 -42.27 6.13 -27.87
CA PHE F 477 -43.27 7.16 -28.12
C PHE F 477 -42.88 8.42 -27.35
N VAL F 478 -42.69 9.53 -28.07
CA VAL F 478 -42.05 10.72 -27.51
C VAL F 478 -43.03 11.88 -27.58
N ASN F 479 -43.07 12.67 -26.50
CA ASN F 479 -43.79 13.93 -26.49
C ASN F 479 -42.84 15.06 -26.84
N PRO F 480 -42.95 15.69 -28.01
CA PRO F 480 -41.95 16.70 -28.40
C PRO F 480 -42.02 17.98 -27.58
N ASP F 481 -43.15 18.27 -26.92
CA ASP F 481 -43.22 19.45 -26.08
C ASP F 481 -42.28 19.32 -24.88
N THR F 482 -42.43 18.25 -24.09
CA THR F 482 -41.62 18.08 -22.89
C THR F 482 -40.35 17.29 -23.15
N GLY F 483 -40.26 16.62 -24.29
CA GLY F 483 -39.14 15.78 -24.65
C GLY F 483 -39.07 14.42 -23.97
N ARG F 484 -39.99 14.11 -23.06
CA ARG F 484 -39.91 12.87 -22.31
C ARG F 484 -40.62 11.75 -23.06
N VAL F 485 -40.07 10.55 -22.95
CA VAL F 485 -40.66 9.37 -23.57
C VAL F 485 -41.73 8.81 -22.65
N LEU F 486 -42.92 8.55 -23.21
CA LEU F 486 -44.06 8.13 -22.41
C LEU F 486 -44.13 6.61 -22.26
N PHE F 487 -43.90 5.87 -23.33
CA PHE F 487 -43.85 4.42 -23.25
C PHE F 487 -43.04 3.90 -24.42
N GLU F 488 -42.65 2.64 -24.33
CA GLU F 488 -42.01 1.92 -25.43
C GLU F 488 -42.86 0.70 -25.78
N CYS F 489 -42.69 0.24 -27.01
CA CYS F 489 -43.48 -0.89 -27.50
C CYS F 489 -42.64 -1.73 -28.45
N LYS F 490 -43.11 -2.94 -28.70
CA LYS F 490 -42.43 -3.91 -29.55
C LYS F 490 -43.19 -3.98 -30.87
N LEU F 491 -42.53 -3.59 -31.95
CA LEU F 491 -43.06 -3.76 -33.29
C LEU F 491 -42.48 -5.05 -33.88
N HIS F 492 -43.33 -6.05 -34.02
CA HIS F 492 -42.87 -7.36 -34.46
C HIS F 492 -42.68 -7.36 -35.97
N LYS F 493 -41.72 -8.18 -36.43
CA LYS F 493 -41.41 -8.24 -37.86
C LYS F 493 -42.66 -8.56 -38.68
N SER F 494 -43.53 -9.44 -38.17
CA SER F 494 -44.73 -9.87 -38.87
C SER F 494 -45.72 -8.73 -39.11
N GLY F 495 -45.44 -7.55 -38.58
CA GLY F 495 -46.34 -6.42 -38.72
C GLY F 495 -47.45 -6.30 -37.71
N TYR F 496 -47.10 -6.25 -36.41
CA TYR F 496 -48.07 -5.96 -35.36
C TYR F 496 -47.32 -5.40 -34.16
N VAL F 497 -48.05 -4.71 -33.29
CA VAL F 497 -47.45 -4.02 -32.14
C VAL F 497 -48.01 -4.60 -30.85
N THR F 498 -47.17 -4.60 -29.81
CA THR F 498 -47.54 -5.02 -28.46
C THR F 498 -47.00 -4.01 -27.46
N VAL F 499 -47.66 -3.91 -26.31
CA VAL F 499 -47.27 -3.01 -25.23
C VAL F 499 -47.39 -3.73 -23.90
N ALA F 500 -46.78 -3.14 -22.87
CA ALA F 500 -46.80 -3.68 -21.51
C ALA F 500 -47.89 -3.00 -20.71
N HIS F 501 -49.06 -3.63 -20.64
CA HIS F 501 -50.19 -3.10 -19.90
C HIS F 501 -51.22 -4.22 -19.71
N THR F 502 -52.04 -4.07 -18.68
CA THR F 502 -53.04 -5.09 -18.36
C THR F 502 -54.40 -4.42 -18.19
N GLY F 503 -55.40 -4.94 -18.91
CA GLY F 503 -56.72 -4.38 -18.91
C GLY F 503 -56.92 -3.48 -20.11
N PRO F 504 -58.17 -3.25 -20.50
CA PRO F 504 -58.42 -2.31 -21.60
C PRO F 504 -58.15 -0.88 -21.17
N HIS F 505 -57.69 -0.08 -22.13
CA HIS F 505 -57.27 1.28 -21.84
C HIS F 505 -57.12 2.07 -23.14
N ASP F 506 -57.83 3.19 -23.26
CA ASP F 506 -57.53 4.16 -24.30
C ASP F 506 -56.38 5.05 -23.84
N LEU F 507 -55.33 5.14 -24.66
CA LEU F 507 -54.11 5.79 -24.23
C LEU F 507 -54.28 7.31 -24.19
N VAL F 508 -53.64 7.93 -23.21
CA VAL F 508 -53.68 9.38 -23.04
C VAL F 508 -52.47 9.94 -23.80
N ILE F 509 -52.73 10.50 -24.97
CA ILE F 509 -51.70 10.78 -25.97
C ILE F 509 -51.65 12.28 -26.21
N PRO F 510 -50.51 12.92 -26.07
CA PRO F 510 -50.36 14.30 -26.53
C PRO F 510 -50.60 14.38 -28.03
N PRO F 511 -51.31 15.42 -28.50
CA PRO F 511 -51.68 15.46 -29.91
C PRO F 511 -50.49 15.47 -30.87
N ASN F 512 -49.32 15.92 -30.43
CA ASN F 512 -48.15 16.02 -31.30
C ASN F 512 -47.14 14.90 -31.08
N GLY F 513 -47.51 13.85 -30.34
CA GLY F 513 -46.59 12.74 -30.12
C GLY F 513 -46.42 11.87 -31.35
N TYR F 514 -45.23 11.29 -31.46
CA TYR F 514 -44.85 10.49 -32.62
C TYR F 514 -44.12 9.23 -32.17
N PHE F 515 -44.06 8.25 -33.06
CA PHE F 515 -43.28 7.03 -32.84
C PHE F 515 -41.88 7.19 -33.41
N ARG F 516 -40.88 6.77 -32.61
CA ARG F 516 -39.48 6.83 -33.01
C ARG F 516 -38.87 5.45 -32.84
N PHE F 517 -38.17 4.98 -33.87
CA PHE F 517 -37.51 3.69 -33.81
C PHE F 517 -36.23 3.79 -32.99
N ASP F 518 -36.03 2.84 -32.09
CA ASP F 518 -34.90 2.85 -31.16
C ASP F 518 -33.85 1.80 -31.47
N SER F 519 -34.25 0.54 -31.65
CA SER F 519 -33.28 -0.52 -31.90
C SER F 519 -33.98 -1.83 -32.19
N TRP F 520 -33.29 -2.69 -32.94
CA TRP F 520 -33.67 -4.10 -32.98
C TRP F 520 -33.19 -4.76 -31.71
N VAL F 521 -34.01 -5.68 -31.18
CA VAL F 521 -33.70 -6.35 -29.93
C VAL F 521 -33.99 -7.84 -30.07
N ASN F 522 -33.52 -8.60 -29.09
CA ASN F 522 -33.76 -10.03 -29.06
C ASN F 522 -35.11 -10.29 -28.41
N GLN F 523 -35.65 -11.48 -28.67
CA GLN F 523 -37.03 -11.71 -28.23
C GLN F 523 -37.17 -11.73 -26.72
N PHE F 524 -36.06 -11.73 -25.98
CA PHE F 524 -36.10 -11.74 -24.52
C PHE F 524 -36.22 -10.33 -23.93
N TYR F 525 -36.22 -9.29 -24.76
CA TYR F 525 -36.35 -7.93 -24.29
C TYR F 525 -37.72 -7.73 -23.64
N THR F 526 -37.71 -7.45 -22.34
CA THR F 526 -38.93 -7.24 -21.57
C THR F 526 -39.08 -5.74 -21.29
N LEU F 527 -40.19 -5.18 -21.77
CA LEU F 527 -40.37 -3.73 -21.76
C LEU F 527 -41.08 -3.28 -20.48
N ALA F 528 -40.76 -2.06 -20.05
CA ALA F 528 -41.34 -1.50 -18.84
C ALA F 528 -42.83 -1.19 -19.05
N PRO F 529 -43.66 -1.38 -18.02
CA PRO F 529 -45.08 -1.05 -18.14
C PRO F 529 -45.30 0.45 -18.27
N MET F 530 -46.37 0.81 -18.98
CA MET F 530 -46.74 2.19 -19.35
C MET F 530 -46.06 3.31 -18.56
N MET G 27 8.83 -55.02 -71.84
CA MET G 27 10.26 -55.32 -71.90
C MET G 27 10.71 -55.60 -73.34
N ALA G 28 9.75 -55.86 -74.22
CA ALA G 28 10.02 -56.15 -75.61
C ALA G 28 10.00 -54.92 -76.51
N LEU G 29 9.74 -53.73 -75.96
CA LEU G 29 9.86 -52.49 -76.72
C LEU G 29 10.77 -51.50 -76.01
N GLU G 30 11.53 -50.75 -76.81
CA GLU G 30 12.29 -49.62 -76.31
C GLU G 30 11.37 -48.45 -75.98
N PRO G 31 11.87 -47.46 -75.24
CA PRO G 31 11.14 -46.21 -75.11
C PRO G 31 11.09 -45.50 -76.46
N VAL G 32 10.01 -44.77 -76.69
CA VAL G 32 9.77 -44.11 -77.97
C VAL G 32 9.38 -42.67 -77.70
N VAL G 33 10.08 -41.74 -78.35
CA VAL G 33 9.92 -40.33 -78.04
C VAL G 33 8.57 -39.83 -78.53
N GLY G 34 7.99 -38.89 -77.77
CA GLY G 34 6.72 -38.29 -78.14
C GLY G 34 6.87 -37.07 -79.00
N ALA G 35 6.32 -35.94 -78.57
CA ALA G 35 6.28 -34.73 -79.37
C ALA G 35 7.56 -33.90 -79.30
N ALA G 36 8.53 -34.29 -78.47
CA ALA G 36 9.77 -33.52 -78.36
C ALA G 36 10.50 -33.44 -79.70
N ILE G 37 10.57 -34.54 -80.45
CA ILE G 37 11.26 -34.54 -81.75
C ILE G 37 10.64 -33.55 -82.71
N ALA G 38 9.37 -33.19 -82.52
CA ALA G 38 8.68 -32.37 -83.50
C ALA G 38 8.96 -30.88 -83.33
N ALA G 39 9.66 -30.47 -82.27
CA ALA G 39 9.79 -29.06 -81.93
C ALA G 39 10.29 -28.19 -83.08
N PRO G 40 11.34 -28.57 -83.82
CA PRO G 40 11.78 -27.69 -84.92
C PRO G 40 10.80 -27.59 -86.09
N VAL G 41 9.85 -28.50 -86.23
CA VAL G 41 8.94 -28.49 -87.37
C VAL G 41 7.48 -28.25 -86.98
N ALA G 42 7.13 -28.27 -85.70
CA ALA G 42 5.80 -27.85 -85.32
C ALA G 42 5.71 -26.33 -85.20
N GLY G 43 4.48 -25.83 -85.32
CA GLY G 43 4.23 -24.41 -85.15
C GLY G 43 4.41 -23.91 -83.72
N GLN G 44 4.23 -24.78 -82.73
CA GLN G 44 4.10 -24.34 -81.35
C GLN G 44 4.63 -25.41 -80.39
N GLN G 45 4.80 -25.00 -79.14
CA GLN G 45 5.16 -25.88 -78.04
C GLN G 45 4.00 -25.83 -77.05
N ASN G 46 3.41 -26.99 -76.77
CA ASN G 46 2.23 -27.07 -75.92
C ASN G 46 2.47 -27.95 -74.70
N VAL G 47 1.51 -27.90 -73.79
CA VAL G 47 1.53 -28.65 -72.54
C VAL G 47 0.13 -29.18 -72.29
N ILE G 48 0.07 -30.41 -71.81
CA ILE G 48 -1.18 -31.07 -71.44
C ILE G 48 -1.24 -31.07 -69.93
N ASP G 49 -2.45 -30.95 -69.38
CA ASP G 49 -2.60 -31.05 -67.94
C ASP G 49 -1.99 -32.36 -67.48
N PRO G 50 -0.92 -32.33 -66.67
CA PRO G 50 -0.26 -33.59 -66.27
C PRO G 50 -1.14 -34.51 -65.46
N TRP G 51 -2.16 -33.98 -64.78
CA TRP G 51 -3.06 -34.84 -64.02
C TRP G 51 -3.76 -35.86 -64.89
N ILE G 52 -3.98 -35.54 -66.18
CA ILE G 52 -4.65 -36.50 -67.07
C ILE G 52 -3.89 -37.82 -67.12
N ARG G 53 -2.57 -37.80 -66.96
CA ARG G 53 -1.82 -39.05 -67.02
C ARG G 53 -1.66 -39.72 -65.66
N ASN G 54 -2.40 -39.28 -64.65
CA ASN G 54 -2.30 -39.85 -63.31
C ASN G 54 -3.48 -40.75 -62.97
N ASN G 55 -4.36 -41.00 -63.93
CA ASN G 55 -5.61 -41.72 -63.69
C ASN G 55 -5.93 -42.60 -64.88
N PHE G 56 -6.08 -43.90 -64.65
CA PHE G 56 -6.55 -44.77 -65.72
C PHE G 56 -8.03 -44.50 -65.94
N VAL G 57 -8.42 -44.30 -67.20
CA VAL G 57 -9.79 -43.93 -67.53
C VAL G 57 -10.26 -44.75 -68.73
N GLN G 58 -11.55 -45.09 -68.73
CA GLN G 58 -12.06 -46.04 -69.71
C GLN G 58 -12.08 -45.40 -71.10
N ALA G 59 -11.49 -46.12 -72.07
CA ALA G 59 -11.44 -45.63 -73.44
C ALA G 59 -12.84 -45.48 -74.01
N PRO G 60 -13.04 -44.51 -74.92
CA PRO G 60 -14.33 -44.41 -75.61
C PRO G 60 -14.70 -45.65 -76.40
N GLY G 61 -13.79 -46.61 -76.53
CA GLY G 61 -14.04 -47.88 -77.18
C GLY G 61 -13.36 -48.94 -76.36
N GLY G 62 -13.66 -48.91 -75.06
CA GLY G 62 -13.02 -49.76 -74.08
C GLY G 62 -13.90 -50.85 -73.50
N GLU G 63 -14.88 -51.30 -74.27
CA GLU G 63 -15.71 -52.44 -73.89
C GLU G 63 -15.58 -53.51 -74.97
N PHE G 64 -15.38 -54.75 -74.54
CA PHE G 64 -15.44 -55.89 -75.42
C PHE G 64 -15.81 -57.10 -74.59
N THR G 65 -16.12 -58.20 -75.27
CA THR G 65 -16.77 -59.31 -74.60
C THR G 65 -16.15 -60.62 -75.05
N VAL G 66 -16.01 -61.56 -74.12
CA VAL G 66 -15.63 -62.94 -74.44
C VAL G 66 -16.76 -63.85 -73.99
N SER G 67 -17.36 -64.56 -74.93
CA SER G 67 -18.43 -65.52 -74.66
C SER G 67 -18.01 -66.85 -75.28
N PRO G 68 -18.64 -67.96 -74.86
CA PRO G 68 -18.27 -69.26 -75.42
C PRO G 68 -18.64 -69.41 -76.89
N ARG G 69 -19.45 -68.50 -77.43
CA ARG G 69 -19.66 -68.44 -78.87
C ARG G 69 -18.40 -68.01 -79.62
N ASN G 70 -17.49 -67.31 -78.95
CA ASN G 70 -16.29 -66.83 -79.60
C ASN G 70 -15.25 -67.95 -79.66
N ALA G 71 -14.42 -67.91 -80.69
CA ALA G 71 -13.33 -68.87 -80.86
C ALA G 71 -12.02 -68.15 -81.10
N PRO G 72 -10.90 -68.84 -80.84
CA PRO G 72 -9.59 -68.29 -81.21
C PRO G 72 -9.54 -67.93 -82.69
N GLY G 73 -8.83 -66.84 -82.97
CA GLY G 73 -8.67 -66.28 -84.29
C GLY G 73 -9.52 -65.05 -84.54
N GLU G 74 -10.64 -64.93 -83.84
CA GLU G 74 -11.46 -63.73 -83.92
C GLU G 74 -10.78 -62.64 -83.11
N ILE G 75 -10.57 -61.47 -83.73
CA ILE G 75 -10.03 -60.34 -82.98
C ILE G 75 -11.21 -59.73 -82.23
N LEU G 76 -11.28 -60.01 -80.92
CA LEU G 76 -12.42 -59.62 -80.11
C LEU G 76 -12.40 -58.13 -79.76
N TRP G 77 -11.26 -57.48 -79.89
CA TRP G 77 -11.13 -56.07 -79.56
C TRP G 77 -9.88 -55.53 -80.22
N SER G 78 -9.95 -54.27 -80.66
CA SER G 78 -8.79 -53.61 -81.22
C SER G 78 -9.02 -52.11 -81.17
N ALA G 79 -7.91 -51.36 -81.15
CA ALA G 79 -7.96 -49.91 -81.11
C ALA G 79 -6.64 -49.38 -81.65
N PRO G 80 -6.65 -48.29 -82.40
CA PRO G 80 -5.40 -47.64 -82.80
C PRO G 80 -4.97 -46.59 -81.80
N LEU G 81 -3.66 -46.43 -81.67
CA LEU G 81 -3.12 -45.38 -80.83
C LEU G 81 -3.56 -44.03 -81.37
N GLY G 82 -3.94 -43.14 -80.46
CA GLY G 82 -4.40 -41.82 -80.82
C GLY G 82 -5.21 -41.20 -79.72
N PRO G 83 -5.58 -39.93 -79.88
CA PRO G 83 -6.31 -39.24 -78.81
C PRO G 83 -7.66 -39.89 -78.51
N ASP G 84 -8.22 -40.65 -79.44
CA ASP G 84 -9.53 -41.27 -79.21
C ASP G 84 -9.48 -42.39 -78.19
N LEU G 85 -8.29 -42.76 -77.69
CA LEU G 85 -8.15 -43.79 -76.67
C LEU G 85 -8.53 -43.31 -75.28
N ASN G 86 -8.77 -42.02 -75.10
CA ASN G 86 -8.91 -41.43 -73.77
C ASN G 86 -9.93 -40.31 -73.82
N PRO G 87 -10.98 -40.36 -73.01
CA PRO G 87 -12.05 -39.35 -73.12
C PRO G 87 -11.59 -37.94 -72.80
N TYR G 88 -10.62 -37.77 -71.90
CA TYR G 88 -10.05 -36.44 -71.67
C TYR G 88 -9.29 -35.95 -72.90
N LEU G 89 -8.35 -36.77 -73.39
CA LEU G 89 -7.62 -36.41 -74.61
C LEU G 89 -8.56 -36.26 -75.80
N SER G 90 -9.63 -37.05 -75.84
CA SER G 90 -10.58 -36.96 -76.94
C SER G 90 -11.24 -35.58 -76.97
N HIS G 91 -11.60 -35.05 -75.80
CA HIS G 91 -12.16 -33.71 -75.75
C HIS G 91 -11.10 -32.67 -76.09
N LEU G 92 -9.89 -32.83 -75.54
CA LEU G 92 -8.80 -31.91 -75.85
C LEU G 92 -8.51 -31.87 -77.34
N ALA G 93 -8.62 -33.03 -78.01
CA ALA G 93 -8.23 -33.12 -79.42
C ALA G 93 -9.07 -32.21 -80.30
N ARG G 94 -10.28 -31.84 -79.88
CA ARG G 94 -11.07 -30.87 -80.64
C ARG G 94 -10.40 -29.52 -80.69
N MET G 95 -9.38 -29.30 -79.87
CA MET G 95 -8.73 -28.01 -79.71
C MET G 95 -7.32 -28.00 -80.26
N TYR G 96 -6.83 -29.14 -80.74
CA TYR G 96 -5.47 -29.26 -81.25
C TYR G 96 -5.47 -29.89 -82.64
N ASN G 97 -4.41 -29.61 -83.41
CA ASN G 97 -4.29 -30.10 -84.77
C ASN G 97 -3.54 -31.42 -84.88
N GLY G 98 -2.65 -31.72 -83.93
CA GLY G 98 -1.91 -32.96 -83.98
C GLY G 98 -1.42 -33.47 -82.64
N TYR G 99 -0.65 -34.54 -82.65
CA TYR G 99 -0.21 -35.18 -81.42
C TYR G 99 0.99 -36.07 -81.71
N ALA G 100 1.63 -36.53 -80.63
CA ALA G 100 2.64 -37.56 -80.70
C ALA G 100 2.86 -38.12 -79.29
N GLY G 101 3.17 -39.40 -79.22
CA GLY G 101 3.49 -40.05 -77.97
C GLY G 101 2.54 -41.20 -77.67
N GLY G 102 2.87 -41.92 -76.58
CA GLY G 102 2.27 -43.20 -76.30
C GLY G 102 1.31 -43.19 -75.12
N PHE G 103 0.81 -44.38 -74.82
CA PHE G 103 -0.16 -44.58 -73.75
C PHE G 103 0.29 -45.71 -72.83
N GLU G 104 -0.29 -45.72 -71.63
CA GLU G 104 -0.34 -46.91 -70.78
C GLU G 104 -1.79 -47.36 -70.76
N VAL G 105 -2.02 -48.60 -71.15
CA VAL G 105 -3.37 -49.15 -71.19
C VAL G 105 -3.54 -50.23 -70.11
N GLN G 106 -4.70 -50.23 -69.47
CA GLN G 106 -5.05 -51.16 -68.42
C GLN G 106 -6.28 -51.95 -68.84
N VAL G 107 -6.21 -53.28 -68.79
CA VAL G 107 -7.32 -54.15 -69.18
C VAL G 107 -7.82 -54.92 -67.97
N ILE G 108 -9.14 -54.98 -67.84
CA ILE G 108 -9.84 -55.62 -66.73
C ILE G 108 -10.79 -56.68 -67.28
N LEU G 109 -10.77 -57.88 -66.70
CA LEU G 109 -11.63 -58.98 -67.13
C LEU G 109 -12.49 -59.45 -65.96
N ALA G 110 -13.80 -59.56 -66.19
CA ALA G 110 -14.75 -59.95 -65.15
C ALA G 110 -15.13 -61.43 -65.29
N GLY G 111 -14.16 -62.29 -65.00
CA GLY G 111 -14.38 -63.72 -65.00
C GLY G 111 -14.77 -64.23 -63.62
N ASN G 112 -14.92 -65.54 -63.53
CA ASN G 112 -15.03 -66.22 -62.24
C ASN G 112 -14.22 -67.50 -62.29
N ALA G 113 -14.17 -68.20 -61.16
CA ALA G 113 -13.30 -69.37 -61.04
C ALA G 113 -13.71 -70.53 -61.95
N PHE G 114 -14.93 -70.54 -62.45
CA PHE G 114 -15.43 -71.59 -63.32
C PHE G 114 -15.13 -71.31 -64.79
N THR G 115 -14.47 -70.18 -65.07
CA THR G 115 -14.22 -69.71 -66.44
C THR G 115 -12.76 -69.98 -66.78
N ALA G 116 -12.50 -70.89 -67.72
CA ALA G 116 -11.15 -71.17 -68.19
C ALA G 116 -10.89 -70.55 -69.56
N GLY G 117 -9.65 -70.22 -69.82
CA GLY G 117 -9.23 -69.70 -71.11
C GLY G 117 -8.22 -68.59 -70.99
N LYS G 118 -7.51 -68.31 -72.09
CA LYS G 118 -6.48 -67.29 -72.12
C LYS G 118 -6.77 -66.28 -73.22
N ILE G 119 -6.50 -65.01 -72.94
CA ILE G 119 -6.59 -63.92 -73.91
C ILE G 119 -5.20 -63.30 -74.12
N ILE G 120 -4.86 -63.02 -75.38
CA ILE G 120 -3.65 -62.28 -75.72
C ILE G 120 -4.01 -60.84 -76.02
N PHE G 121 -3.27 -59.91 -75.45
CA PHE G 121 -3.26 -58.53 -75.91
C PHE G 121 -1.92 -58.32 -76.59
N ALA G 122 -1.93 -57.70 -77.77
CA ALA G 122 -0.69 -57.51 -78.52
C ALA G 122 -0.65 -56.16 -79.21
N ALA G 123 0.55 -55.60 -79.29
CA ALA G 123 0.83 -54.38 -80.03
C ALA G 123 1.39 -54.75 -81.39
N VAL G 124 0.66 -54.42 -82.44
CA VAL G 124 1.07 -54.70 -83.82
C VAL G 124 1.48 -53.39 -84.47
N PRO G 125 2.67 -53.32 -85.09
CA PRO G 125 3.22 -52.03 -85.51
C PRO G 125 2.54 -51.50 -86.76
N PRO G 126 2.75 -50.22 -87.09
CA PRO G 126 2.02 -49.63 -88.23
C PRO G 126 2.34 -50.34 -89.54
N ASN G 127 1.28 -50.54 -90.34
CA ASN G 127 1.35 -51.12 -91.68
C ASN G 127 1.63 -52.62 -91.66
N PHE G 128 1.40 -53.30 -90.55
CA PHE G 128 1.43 -54.75 -90.62
C PHE G 128 0.01 -55.27 -90.68
N PRO G 129 -0.32 -56.16 -91.61
CA PRO G 129 -1.71 -56.59 -91.78
C PRO G 129 -2.13 -57.58 -90.70
N THR G 130 -3.25 -57.29 -90.04
CA THR G 130 -3.77 -58.16 -88.99
C THR G 130 -4.62 -59.29 -89.54
N GLU G 131 -5.03 -59.22 -90.80
CA GLU G 131 -6.04 -60.12 -91.34
C GLU G 131 -5.45 -61.53 -91.47
N GLY G 132 -6.03 -62.48 -90.75
CA GLY G 132 -5.62 -63.86 -90.85
C GLY G 132 -4.70 -64.35 -89.77
N LEU G 133 -4.44 -63.54 -88.73
CA LEU G 133 -3.48 -63.90 -87.72
C LEU G 133 -3.97 -65.10 -86.91
N SER G 134 -3.09 -66.04 -86.68
CA SER G 134 -3.31 -67.16 -85.77
C SER G 134 -2.90 -66.77 -84.36
N PRO G 135 -3.45 -67.43 -83.33
CA PRO G 135 -3.01 -67.11 -81.96
C PRO G 135 -1.52 -67.31 -81.76
N SER G 136 -0.95 -68.38 -82.30
CA SER G 136 0.49 -68.56 -82.27
C SER G 136 1.22 -67.32 -82.81
N GLN G 137 0.77 -66.80 -83.95
CA GLN G 137 1.45 -65.67 -84.56
C GLN G 137 1.34 -64.41 -83.71
N VAL G 138 0.22 -64.23 -83.02
CA VAL G 138 0.04 -63.04 -82.19
C VAL G 138 1.10 -62.97 -81.09
N THR G 139 1.55 -64.12 -80.58
CA THR G 139 2.63 -64.15 -79.60
C THR G 139 3.94 -63.59 -80.15
N MET G 140 4.05 -63.39 -81.46
CA MET G 140 5.31 -62.91 -82.03
C MET G 140 5.44 -61.40 -81.97
N PHE G 141 4.37 -60.70 -81.63
CA PHE G 141 4.40 -59.28 -81.29
C PHE G 141 4.71 -59.12 -79.81
N PRO G 142 5.04 -57.90 -79.38
CA PRO G 142 4.96 -57.61 -77.93
C PRO G 142 3.55 -57.90 -77.43
N HIS G 143 3.46 -58.65 -76.34
CA HIS G 143 2.16 -59.16 -75.93
C HIS G 143 2.16 -59.50 -74.44
N ILE G 144 0.95 -59.69 -73.93
CA ILE G 144 0.71 -60.26 -72.60
C ILE G 144 -0.38 -61.31 -72.75
N ILE G 145 -0.24 -62.40 -72.01
CA ILE G 145 -1.21 -63.48 -71.97
C ILE G 145 -1.81 -63.50 -70.58
N VAL G 146 -3.10 -63.19 -70.49
CA VAL G 146 -3.81 -63.05 -69.23
C VAL G 146 -4.92 -64.10 -69.16
N ASP G 147 -5.02 -64.77 -68.02
CA ASP G 147 -6.02 -65.81 -67.82
C ASP G 147 -7.36 -65.16 -67.48
N VAL G 148 -8.44 -65.72 -68.06
CA VAL G 148 -9.75 -65.10 -67.91
C VAL G 148 -10.23 -65.03 -66.47
N ARG G 149 -9.69 -65.83 -65.56
CA ARG G 149 -10.17 -65.75 -64.18
C ARG G 149 -9.38 -64.76 -63.34
N GLN G 150 -8.48 -64.00 -63.95
CA GLN G 150 -7.66 -63.05 -63.21
C GLN G 150 -8.51 -61.91 -62.67
N LEU G 151 -8.21 -61.50 -61.43
CA LEU G 151 -8.89 -60.38 -60.78
C LEU G 151 -8.18 -59.06 -61.05
N GLU G 152 -6.86 -59.05 -60.88
CA GLU G 152 -6.11 -57.81 -60.94
C GLU G 152 -6.01 -57.31 -62.38
N PRO G 153 -6.06 -55.99 -62.60
CA PRO G 153 -5.90 -55.45 -63.95
C PRO G 153 -4.50 -55.70 -64.50
N VAL G 154 -4.42 -55.79 -65.83
CA VAL G 154 -3.16 -56.00 -66.55
C VAL G 154 -2.76 -54.71 -67.26
N LEU G 155 -1.48 -54.39 -67.21
CA LEU G 155 -0.92 -53.16 -67.76
C LEU G 155 -0.12 -53.43 -69.02
N ILE G 156 -0.44 -52.74 -70.11
CA ILE G 156 0.26 -52.87 -71.38
C ILE G 156 0.82 -51.50 -71.74
N PRO G 157 2.10 -51.37 -72.06
CA PRO G 157 2.60 -50.13 -72.65
C PRO G 157 2.40 -50.07 -74.16
N LEU G 158 1.95 -48.90 -74.63
CA LEU G 158 1.66 -48.67 -76.05
C LEU G 158 2.39 -47.45 -76.59
N PRO G 159 3.62 -47.63 -77.09
CA PRO G 159 4.41 -46.48 -77.55
C PRO G 159 4.06 -46.07 -78.99
N ASP G 160 4.33 -44.81 -79.30
CA ASP G 160 3.94 -44.23 -80.59
C ASP G 160 5.00 -44.48 -81.66
N VAL G 161 5.20 -45.76 -81.98
CA VAL G 161 6.09 -46.14 -83.07
C VAL G 161 5.58 -45.55 -84.38
N ARG G 162 6.48 -44.92 -85.13
CA ARG G 162 6.14 -44.13 -86.30
C ARG G 162 7.42 -43.79 -87.05
N ASN G 163 7.27 -43.28 -88.27
CA ASN G 163 8.41 -42.85 -89.06
C ASN G 163 8.28 -41.38 -89.48
N ASN G 164 7.41 -40.62 -88.83
CA ASN G 164 7.30 -39.19 -89.07
C ASN G 164 7.41 -38.46 -87.74
N PHE G 165 7.44 -37.13 -87.81
CA PHE G 165 7.63 -36.35 -86.59
C PHE G 165 6.41 -36.45 -85.69
N TYR G 166 5.21 -36.45 -86.26
CA TYR G 166 3.97 -36.47 -85.49
C TYR G 166 2.81 -36.78 -86.41
N HIS G 167 1.63 -36.91 -85.82
CA HIS G 167 0.41 -37.31 -86.51
C HIS G 167 -0.54 -36.13 -86.58
N TYR G 168 -1.28 -36.03 -87.70
CA TYR G 168 -2.35 -35.04 -87.80
C TYR G 168 -3.67 -35.68 -87.41
N ASN G 169 -4.49 -34.93 -86.67
CA ASN G 169 -5.82 -35.41 -86.28
C ASN G 169 -6.71 -35.59 -87.49
N GLN G 170 -6.62 -34.69 -88.48
CA GLN G 170 -7.50 -34.70 -89.63
C GLN G 170 -7.06 -35.69 -90.70
N SER G 171 -5.98 -36.41 -90.48
CA SER G 171 -5.51 -37.47 -91.37
C SER G 171 -5.74 -38.82 -90.72
N ASN G 172 -5.51 -39.87 -91.49
CA ASN G 172 -5.70 -41.23 -91.01
C ASN G 172 -4.45 -42.08 -91.26
N ASP G 173 -3.29 -41.45 -91.15
CA ASP G 173 -2.01 -42.15 -91.13
C ASP G 173 -2.10 -43.28 -90.10
N PRO G 174 -1.58 -44.47 -90.41
CA PRO G 174 -1.73 -45.59 -89.47
C PRO G 174 -0.76 -45.52 -88.29
N THR G 175 -1.24 -46.04 -87.16
CA THR G 175 -0.50 -46.09 -85.91
C THR G 175 -0.51 -47.53 -85.42
N ILE G 176 0.23 -47.78 -84.32
CA ILE G 176 0.14 -49.08 -83.68
C ILE G 176 -1.30 -49.38 -83.28
N LYS G 177 -1.66 -50.65 -83.38
CA LYS G 177 -2.95 -51.17 -82.96
C LYS G 177 -2.71 -52.05 -81.76
N LEU G 178 -3.58 -51.93 -80.76
CA LEU G 178 -3.62 -52.91 -79.68
C LEU G 178 -4.74 -53.88 -80.00
N ILE G 179 -4.44 -55.18 -79.92
CA ILE G 179 -5.30 -56.25 -80.39
C ILE G 179 -5.54 -57.23 -79.25
N ALA G 180 -6.78 -57.68 -79.10
CA ALA G 180 -7.13 -58.69 -78.11
C ALA G 180 -7.87 -59.84 -78.76
N MET G 181 -7.41 -61.06 -78.49
CA MET G 181 -8.07 -62.26 -79.00
C MET G 181 -7.87 -63.42 -78.05
N LEU G 182 -8.69 -64.45 -78.23
CA LEU G 182 -8.63 -65.68 -77.45
C LEU G 182 -7.38 -66.48 -77.80
N TYR G 183 -6.56 -66.77 -76.78
CA TYR G 183 -5.33 -67.53 -76.99
C TYR G 183 -5.59 -69.04 -76.93
N THR G 184 -6.47 -69.45 -76.03
CA THR G 184 -6.98 -70.80 -75.90
C THR G 184 -8.49 -70.73 -75.87
N PRO G 185 -9.19 -71.79 -76.27
CA PRO G 185 -10.65 -71.74 -76.26
C PRO G 185 -11.19 -71.46 -74.88
N LEU G 186 -12.34 -70.77 -74.84
CA LEU G 186 -13.04 -70.46 -73.60
C LEU G 186 -14.00 -71.58 -73.25
N ARG G 187 -13.93 -72.06 -72.01
CA ARG G 187 -14.87 -73.04 -71.51
C ARG G 187 -15.62 -72.44 -70.33
N ALA G 188 -16.94 -72.55 -70.36
CA ALA G 188 -17.80 -71.95 -69.33
C ALA G 188 -19.13 -72.69 -69.20
N VAL G 195 -23.71 -69.60 -72.18
CA VAL G 195 -24.46 -68.37 -72.04
C VAL G 195 -23.66 -67.36 -71.23
N PHE G 196 -22.75 -67.86 -70.38
CA PHE G 196 -21.94 -67.00 -69.52
C PHE G 196 -21.03 -66.09 -70.34
N THR G 197 -21.34 -64.80 -70.35
CA THR G 197 -20.52 -63.82 -71.05
C THR G 197 -19.57 -63.12 -70.08
N VAL G 198 -18.32 -63.00 -70.48
CA VAL G 198 -17.29 -62.33 -69.68
C VAL G 198 -17.21 -60.87 -70.13
N SER G 199 -17.58 -59.95 -69.25
CA SER G 199 -17.44 -58.52 -69.55
C SER G 199 -15.99 -58.08 -69.35
N CYS G 200 -15.44 -57.39 -70.34
CA CYS G 200 -14.06 -56.92 -70.31
C CYS G 200 -14.03 -55.41 -70.54
N ARG G 201 -13.09 -54.73 -69.90
CA ARG G 201 -12.97 -53.28 -70.03
C ARG G 201 -11.53 -52.87 -70.26
N VAL G 202 -11.35 -51.88 -71.13
CA VAL G 202 -10.04 -51.33 -71.46
C VAL G 202 -9.98 -49.89 -70.99
N LEU G 203 -9.00 -49.58 -70.13
CA LEU G 203 -8.75 -48.22 -69.66
C LEU G 203 -7.37 -47.79 -70.11
N THR G 204 -7.16 -46.48 -70.25
CA THR G 204 -5.91 -45.93 -70.77
C THR G 204 -5.57 -44.64 -70.05
N ARG G 205 -4.32 -44.22 -70.22
CA ARG G 205 -3.86 -42.90 -69.78
C ARG G 205 -2.60 -42.56 -70.56
N PRO G 206 -2.37 -41.29 -70.87
CA PRO G 206 -1.23 -40.94 -71.71
C PRO G 206 0.10 -41.15 -70.99
N SER G 207 1.09 -41.62 -71.74
CA SER G 207 2.45 -41.66 -71.25
C SER G 207 2.95 -40.24 -70.99
N PRO G 208 4.06 -40.09 -70.25
CA PRO G 208 4.62 -38.75 -70.04
C PRO G 208 5.08 -38.03 -71.31
N ASP G 209 5.46 -38.77 -72.35
CA ASP G 209 5.90 -38.15 -73.59
C ASP G 209 4.77 -37.79 -74.54
N PHE G 210 3.52 -38.11 -74.20
CA PHE G 210 2.40 -37.70 -75.05
C PHE G 210 2.17 -36.21 -74.91
N ASP G 211 1.83 -35.57 -76.02
CA ASP G 211 1.51 -34.14 -76.04
C ASP G 211 0.77 -33.81 -77.33
N PHE G 212 -0.07 -32.78 -77.26
CA PHE G 212 -0.74 -32.25 -78.44
C PHE G 212 0.18 -31.23 -79.12
N ILE G 213 -0.18 -30.79 -80.33
CA ILE G 213 0.77 -29.95 -81.03
C ILE G 213 0.31 -28.55 -81.43
N PHE G 214 -0.77 -28.40 -82.18
CA PHE G 214 -1.10 -27.05 -82.65
C PHE G 214 -2.48 -26.66 -82.18
N LEU G 215 -2.55 -25.59 -81.38
CA LEU G 215 -3.83 -25.11 -80.88
C LEU G 215 -4.66 -24.56 -82.04
N VAL G 216 -5.92 -24.98 -82.10
CA VAL G 216 -6.73 -24.63 -83.26
C VAL G 216 -8.17 -24.49 -82.78
N PRO G 217 -9.00 -23.66 -83.42
CA PRO G 217 -10.37 -23.47 -82.92
C PRO G 217 -11.24 -24.70 -83.15
N PRO G 218 -12.02 -25.11 -82.15
CA PRO G 218 -12.91 -26.26 -82.37
C PRO G 218 -14.06 -25.87 -83.27
N THR G 219 -13.91 -26.09 -84.58
CA THR G 219 -14.95 -25.80 -85.55
C THR G 219 -15.81 -27.02 -85.82
N VAL G 220 -16.90 -26.80 -86.57
CA VAL G 220 -17.80 -27.88 -86.96
C VAL G 220 -17.22 -28.66 -88.13
N GLU G 221 -16.60 -27.97 -89.09
CA GLU G 221 -16.00 -28.64 -90.24
C GLU G 221 -14.90 -29.62 -89.83
N SER G 222 -14.41 -29.54 -88.59
CA SER G 222 -13.35 -30.43 -88.14
C SER G 222 -13.80 -31.87 -88.19
N ARG G 223 -15.04 -32.15 -87.75
CA ARG G 223 -15.55 -33.50 -87.57
C ARG G 223 -14.82 -34.20 -86.44
N THR G 224 -14.47 -33.44 -85.41
CA THR G 224 -13.87 -33.96 -84.19
C THR G 224 -14.86 -34.00 -83.04
N LYS G 225 -16.07 -33.54 -83.27
CA LYS G 225 -17.10 -33.65 -82.24
C LYS G 225 -17.36 -35.14 -81.99
N PRO G 226 -17.46 -35.56 -80.73
CA PRO G 226 -17.68 -36.98 -80.45
C PRO G 226 -19.10 -37.41 -80.68
N PHE G 227 -19.26 -38.71 -80.97
CA PHE G 227 -20.55 -39.22 -81.42
C PHE G 227 -21.52 -39.32 -80.25
N THR G 228 -22.77 -38.93 -80.50
CA THR G 228 -23.81 -38.98 -79.49
C THR G 228 -25.12 -39.41 -80.13
N VAL G 229 -26.08 -39.69 -79.26
CA VAL G 229 -27.43 -40.12 -79.64
C VAL G 229 -28.37 -39.21 -78.87
N PRO G 230 -29.40 -38.66 -79.52
CA PRO G 230 -30.20 -37.61 -78.88
C PRO G 230 -30.82 -38.06 -77.56
N ILE G 231 -30.97 -37.09 -76.65
CA ILE G 231 -31.53 -37.36 -75.32
C ILE G 231 -33.03 -37.54 -75.37
N LEU G 232 -33.64 -37.36 -76.54
CA LEU G 232 -35.08 -37.43 -76.67
C LEU G 232 -35.61 -38.81 -76.32
N THR G 233 -36.84 -38.83 -75.83
CA THR G 233 -37.57 -40.05 -75.51
C THR G 233 -38.26 -40.60 -76.75
N VAL G 234 -38.47 -41.92 -76.75
CA VAL G 234 -39.21 -42.57 -77.84
C VAL G 234 -40.56 -41.89 -78.03
N GLU G 235 -41.26 -41.64 -76.93
CA GLU G 235 -42.59 -41.02 -76.98
C GLU G 235 -42.57 -39.66 -77.68
N GLU G 236 -41.51 -38.87 -77.48
CA GLU G 236 -41.43 -37.53 -78.04
C GLU G 236 -40.78 -37.45 -79.41
N MET G 237 -40.37 -38.57 -80.01
CA MET G 237 -39.77 -38.53 -81.33
C MET G 237 -40.79 -38.91 -82.39
N THR G 238 -40.35 -38.91 -83.64
CA THR G 238 -41.24 -38.98 -84.79
C THR G 238 -40.76 -40.06 -85.75
N ASN G 239 -41.72 -40.77 -86.36
CA ASN G 239 -41.39 -41.79 -87.35
C ASN G 239 -40.85 -41.16 -88.61
N SER G 240 -39.88 -41.83 -89.23
CA SER G 240 -39.19 -41.30 -90.40
C SER G 240 -39.76 -41.82 -91.70
N ARG G 241 -40.81 -42.65 -91.64
CA ARG G 241 -41.43 -43.24 -92.82
C ARG G 241 -42.85 -42.76 -93.05
N PHE G 242 -43.43 -42.01 -92.12
CA PHE G 242 -44.75 -41.42 -92.25
C PHE G 242 -44.90 -40.33 -91.20
N PRO G 243 -45.52 -39.20 -91.51
CA PRO G 243 -45.53 -38.08 -90.56
C PRO G 243 -46.38 -38.33 -89.33
N ILE G 244 -45.95 -39.26 -88.48
CA ILE G 244 -46.66 -39.60 -87.24
C ILE G 244 -45.66 -39.77 -86.12
N PRO G 245 -46.08 -39.52 -84.88
CA PRO G 245 -45.19 -39.71 -83.75
C PRO G 245 -44.85 -41.18 -83.54
N LEU G 246 -43.77 -41.41 -82.81
CA LEU G 246 -43.41 -42.76 -82.38
C LEU G 246 -44.28 -43.17 -81.19
N GLU G 247 -44.35 -44.47 -80.95
CA GLU G 247 -45.23 -44.98 -79.91
C GLU G 247 -44.57 -46.03 -79.03
N LYS G 248 -43.89 -47.00 -79.63
CA LYS G 248 -43.25 -48.04 -78.84
C LYS G 248 -42.02 -48.58 -79.57
N LEU G 249 -41.23 -49.37 -78.84
CA LEU G 249 -40.14 -50.15 -79.41
C LEU G 249 -40.56 -51.59 -79.63
N PHE G 250 -40.16 -52.15 -80.77
CA PHE G 250 -40.55 -53.50 -81.15
C PHE G 250 -39.36 -54.29 -81.68
N THR G 251 -39.22 -55.53 -81.21
CA THR G 251 -38.27 -56.50 -81.77
C THR G 251 -39.06 -57.66 -82.33
N GLY G 252 -38.60 -58.21 -83.44
CA GLY G 252 -39.22 -59.37 -84.03
C GLY G 252 -38.31 -60.12 -84.99
N PRO G 253 -38.70 -61.35 -85.33
CA PRO G 253 -37.98 -62.08 -86.38
C PRO G 253 -38.31 -61.51 -87.74
N SER G 254 -37.32 -61.50 -88.64
CA SER G 254 -37.47 -60.84 -89.93
C SER G 254 -37.12 -61.77 -91.09
N GLY G 255 -37.17 -63.08 -90.89
CA GLY G 255 -36.90 -64.00 -91.97
C GLY G 255 -37.98 -63.96 -93.03
N ALA G 256 -39.23 -63.69 -92.63
CA ALA G 256 -40.34 -63.66 -93.56
C ALA G 256 -40.18 -62.55 -94.58
N PHE G 257 -39.90 -61.34 -94.11
CA PHE G 257 -39.90 -60.15 -94.95
C PHE G 257 -38.48 -59.87 -95.44
N VAL G 258 -38.35 -58.83 -96.26
CA VAL G 258 -37.07 -58.24 -96.60
C VAL G 258 -37.11 -56.80 -96.10
N VAL G 259 -36.31 -56.50 -95.08
CA VAL G 259 -36.33 -55.19 -94.44
C VAL G 259 -35.44 -54.26 -95.26
N GLN G 260 -36.04 -53.45 -96.13
CA GLN G 260 -35.24 -52.59 -96.99
C GLN G 260 -35.89 -51.23 -97.20
N PRO G 261 -36.28 -50.52 -96.14
CA PRO G 261 -36.93 -49.22 -96.32
C PRO G 261 -35.99 -48.22 -96.96
N GLN G 262 -36.58 -47.18 -97.57
CA GLN G 262 -35.81 -46.11 -98.17
C GLN G 262 -35.98 -44.77 -97.48
N ASN G 263 -36.89 -44.66 -96.53
CA ASN G 263 -36.99 -43.47 -95.69
C ASN G 263 -36.42 -43.75 -94.31
N GLY G 264 -35.93 -42.70 -93.66
CA GLY G 264 -35.25 -42.88 -92.38
C GLY G 264 -34.05 -43.79 -92.47
N ARG G 265 -33.24 -43.61 -93.50
CA ARG G 265 -32.02 -44.39 -93.68
C ARG G 265 -30.83 -43.44 -93.71
N CYS G 266 -29.99 -43.53 -92.67
CA CYS G 266 -28.89 -42.58 -92.51
C CYS G 266 -27.73 -43.26 -91.78
N THR G 267 -26.52 -42.87 -92.17
CA THR G 267 -25.31 -43.42 -91.57
C THR G 267 -25.00 -42.64 -90.29
N THR G 268 -24.36 -43.33 -89.33
CA THR G 268 -23.97 -42.67 -88.08
C THR G 268 -23.15 -41.40 -88.29
N ASP G 269 -22.32 -41.33 -89.34
CA ASP G 269 -21.59 -40.10 -89.62
C ASP G 269 -22.35 -39.16 -90.55
N GLY G 270 -23.65 -39.38 -90.73
CA GLY G 270 -24.52 -38.38 -91.30
C GLY G 270 -24.71 -38.42 -92.80
N VAL G 271 -24.46 -39.55 -93.45
CA VAL G 271 -24.71 -39.69 -94.87
C VAL G 271 -26.12 -40.24 -95.07
N LEU G 272 -26.96 -39.47 -95.76
CA LEU G 272 -28.31 -39.92 -96.07
C LEU G 272 -28.29 -40.98 -97.16
N LEU G 273 -29.22 -41.93 -97.06
CA LEU G 273 -29.30 -43.05 -97.99
C LEU G 273 -30.75 -43.21 -98.45
N GLY G 274 -30.92 -43.91 -99.57
CA GLY G 274 -32.25 -44.15 -100.09
C GLY G 274 -32.94 -42.86 -100.50
N THR G 275 -34.22 -42.75 -100.13
CA THR G 275 -35.02 -41.57 -100.43
C THR G 275 -35.11 -40.61 -99.24
N THR G 276 -34.14 -40.67 -98.32
CA THR G 276 -34.27 -40.00 -97.04
C THR G 276 -33.97 -38.51 -97.17
N GLN G 277 -34.79 -37.69 -96.52
CA GLN G 277 -34.57 -36.26 -96.43
C GLN G 277 -34.81 -35.83 -94.98
N LEU G 278 -34.61 -34.55 -94.71
CA LEU G 278 -34.53 -34.10 -93.33
C LEU G 278 -35.86 -33.62 -92.77
N SER G 279 -36.75 -33.15 -93.62
CA SER G 279 -37.99 -32.56 -93.12
C SER G 279 -38.96 -33.67 -92.72
N PRO G 280 -39.40 -33.71 -91.45
CA PRO G 280 -40.34 -34.76 -91.03
C PRO G 280 -41.76 -34.53 -91.53
N VAL G 281 -42.01 -33.40 -92.19
CA VAL G 281 -43.32 -33.08 -92.71
C VAL G 281 -43.45 -33.49 -94.18
N ASN G 282 -42.36 -33.48 -94.93
CA ASN G 282 -42.37 -33.78 -96.35
C ASN G 282 -42.30 -35.27 -96.65
N ILE G 283 -42.60 -36.11 -95.68
CA ILE G 283 -42.56 -37.56 -95.88
C ILE G 283 -43.91 -37.97 -96.46
N CYS G 284 -43.87 -38.78 -97.51
CA CYS G 284 -45.07 -39.33 -98.14
C CYS G 284 -45.99 -38.22 -98.65
N THR G 285 -45.39 -37.15 -99.16
CA THR G 285 -46.10 -36.05 -99.79
C THR G 285 -45.74 -35.98 -101.26
N PHE G 286 -46.57 -35.27 -102.02
CA PHE G 286 -46.27 -34.97 -103.41
C PHE G 286 -46.67 -33.54 -103.73
N ARG G 287 -45.87 -32.89 -104.59
CA ARG G 287 -46.15 -31.53 -105.04
C ARG G 287 -45.94 -31.49 -106.55
N GLY G 288 -46.84 -30.83 -107.26
CA GLY G 288 -46.68 -30.66 -108.69
C GLY G 288 -47.94 -30.12 -109.32
N ASP G 289 -47.96 -30.21 -110.65
CA ASP G 289 -49.11 -29.80 -111.45
C ASP G 289 -49.94 -31.04 -111.78
N VAL G 290 -51.25 -30.88 -111.82
CA VAL G 290 -52.15 -32.02 -111.90
C VAL G 290 -52.99 -31.93 -113.17
N THR G 291 -53.34 -33.10 -113.70
CA THR G 291 -53.98 -33.24 -114.99
C THR G 291 -55.12 -34.25 -114.87
N HIS G 292 -56.26 -33.91 -115.46
CA HIS G 292 -57.41 -34.81 -115.39
C HIS G 292 -57.25 -35.98 -116.35
N ILE G 293 -57.72 -37.15 -115.92
CA ILE G 293 -57.82 -38.33 -116.76
C ILE G 293 -59.28 -38.45 -117.21
N ALA G 294 -59.50 -38.34 -118.51
CA ALA G 294 -60.84 -38.10 -119.05
C ALA G 294 -61.80 -39.24 -118.70
N GLY G 295 -62.97 -38.88 -118.18
CA GLY G 295 -64.03 -39.82 -117.91
C GLY G 295 -64.01 -40.47 -116.54
N THR G 296 -63.01 -40.21 -115.71
CA THR G 296 -62.89 -40.83 -114.40
C THR G 296 -62.73 -39.74 -113.34
N HIS G 297 -62.64 -40.17 -112.08
CA HIS G 297 -62.29 -39.29 -110.97
C HIS G 297 -60.80 -39.34 -110.66
N ASP G 298 -59.99 -39.83 -111.60
CA ASP G 298 -58.55 -39.94 -111.41
C ASP G 298 -57.85 -38.71 -111.98
N TYR G 299 -56.72 -38.36 -111.36
CA TYR G 299 -55.88 -37.28 -111.85
C TYR G 299 -54.44 -37.75 -111.90
N THR G 300 -53.67 -37.19 -112.83
CA THR G 300 -52.25 -37.45 -112.96
C THR G 300 -51.47 -36.22 -112.50
N MET G 301 -50.50 -36.43 -111.60
CA MET G 301 -49.68 -35.35 -111.07
C MET G 301 -48.28 -35.48 -111.64
N ASN G 302 -47.82 -34.44 -112.33
CA ASN G 302 -46.44 -34.37 -112.78
C ASN G 302 -45.64 -33.74 -111.65
N LEU G 303 -44.64 -34.45 -111.15
CA LEU G 303 -44.03 -34.11 -109.88
C LEU G 303 -42.98 -33.02 -110.03
N ALA G 304 -42.94 -32.13 -109.04
CA ALA G 304 -41.80 -31.28 -108.76
C ALA G 304 -41.09 -31.77 -107.51
N SER G 305 -39.81 -31.43 -107.39
CA SER G 305 -39.07 -31.82 -106.20
C SER G 305 -39.58 -31.05 -104.99
N GLN G 306 -39.07 -31.42 -103.81
CA GLN G 306 -39.68 -30.97 -102.56
C GLN G 306 -39.64 -29.45 -102.42
N ASN G 307 -38.69 -28.79 -103.09
CA ASN G 307 -38.50 -27.35 -103.01
C ASN G 307 -39.22 -26.59 -104.12
N TRP G 308 -40.15 -27.24 -104.83
CA TRP G 308 -40.81 -26.69 -106.01
C TRP G 308 -39.80 -26.35 -107.11
N ASN G 309 -38.69 -27.08 -107.16
CA ASN G 309 -37.82 -27.09 -108.32
C ASN G 309 -38.44 -27.94 -109.43
N ASN G 310 -37.88 -27.84 -110.62
CA ASN G 310 -38.10 -28.92 -111.58
C ASN G 310 -37.50 -30.21 -111.04
N TYR G 311 -38.11 -31.33 -111.38
CA TYR G 311 -37.65 -32.61 -110.91
C TYR G 311 -36.64 -33.20 -111.89
N ASP G 312 -35.51 -33.68 -111.36
CA ASP G 312 -34.45 -34.24 -112.19
C ASP G 312 -34.42 -35.75 -112.02
N PRO G 313 -34.80 -36.53 -113.03
CA PRO G 313 -34.74 -37.99 -112.90
C PRO G 313 -33.35 -38.59 -113.01
N THR G 314 -32.32 -37.78 -113.29
CA THR G 314 -30.96 -38.29 -113.41
C THR G 314 -30.21 -38.38 -112.09
N GLU G 315 -30.76 -37.89 -110.98
CA GLU G 315 -30.05 -37.96 -109.73
C GLU G 315 -29.86 -39.41 -109.30
N GLU G 316 -28.82 -39.63 -108.48
CA GLU G 316 -28.48 -40.97 -108.00
C GLU G 316 -29.39 -41.41 -106.86
N ILE G 317 -30.71 -41.30 -107.06
CA ILE G 317 -31.67 -41.63 -106.02
C ILE G 317 -32.67 -42.64 -106.59
N PRO G 318 -33.25 -43.52 -105.78
CA PRO G 318 -34.30 -44.41 -106.30
C PRO G 318 -35.57 -43.67 -106.71
N ALA G 319 -35.85 -42.53 -106.10
CA ALA G 319 -37.06 -41.75 -106.35
C ALA G 319 -36.93 -40.41 -105.64
N PRO G 320 -37.82 -39.44 -105.87
CA PRO G 320 -37.71 -38.16 -105.15
C PRO G 320 -37.78 -38.36 -103.65
N LEU G 321 -37.06 -37.49 -102.92
CA LEU G 321 -36.92 -37.64 -101.48
C LEU G 321 -38.28 -37.54 -100.81
N GLY G 322 -38.55 -38.47 -99.89
CA GLY G 322 -39.83 -38.54 -99.23
C GLY G 322 -40.87 -39.39 -99.92
N THR G 323 -40.52 -40.04 -101.02
CA THR G 323 -41.47 -40.90 -101.71
C THR G 323 -41.78 -42.13 -100.85
N PRO G 324 -43.05 -42.51 -100.73
CA PRO G 324 -43.40 -43.68 -99.92
C PRO G 324 -42.58 -44.91 -100.29
N ASP G 325 -42.22 -45.69 -99.28
CA ASP G 325 -41.32 -46.83 -99.44
C ASP G 325 -42.01 -48.14 -99.08
N PHE G 326 -43.33 -48.20 -99.24
CA PHE G 326 -44.10 -49.41 -98.99
C PHE G 326 -45.24 -49.47 -100.00
N VAL G 327 -45.78 -50.67 -100.19
CA VAL G 327 -46.89 -50.87 -101.11
C VAL G 327 -48.19 -50.78 -100.33
N GLY G 328 -49.07 -49.90 -100.78
CA GLY G 328 -50.35 -49.69 -100.12
C GLY G 328 -51.09 -48.54 -100.75
N LYS G 329 -52.29 -48.30 -100.25
CA LYS G 329 -53.12 -47.21 -100.71
C LYS G 329 -53.17 -46.16 -99.60
N ILE G 330 -52.61 -45.00 -99.87
CA ILE G 330 -52.48 -43.92 -98.89
C ILE G 330 -53.54 -42.87 -99.19
N GLN G 331 -54.40 -42.61 -98.21
CA GLN G 331 -55.46 -41.63 -98.34
C GLN G 331 -55.00 -40.31 -97.75
N GLY G 332 -55.33 -39.22 -98.45
CA GLY G 332 -55.05 -37.88 -97.96
C GLY G 332 -55.95 -36.84 -98.59
N VAL G 333 -55.38 -35.69 -98.91
CA VAL G 333 -56.13 -34.55 -99.43
C VAL G 333 -55.26 -33.83 -100.45
N LEU G 334 -55.80 -33.61 -101.65
CA LEU G 334 -55.16 -32.77 -102.65
C LEU G 334 -55.55 -31.31 -102.39
N THR G 335 -54.56 -30.43 -102.42
CA THR G 335 -54.76 -29.02 -102.13
C THR G 335 -54.22 -28.20 -103.29
N GLN G 336 -54.94 -27.13 -103.65
CA GLN G 336 -54.61 -26.36 -104.83
C GLN G 336 -54.90 -24.89 -104.59
N THR G 337 -54.08 -24.03 -105.20
CA THR G 337 -54.21 -22.59 -105.09
C THR G 337 -54.02 -21.98 -106.47
N THR G 338 -54.95 -21.12 -106.88
CA THR G 338 -54.88 -20.47 -108.18
C THR G 338 -54.18 -19.12 -108.07
N ARG G 339 -53.12 -18.94 -108.85
CA ARG G 339 -52.36 -17.70 -108.85
C ARG G 339 -53.19 -16.57 -109.46
N GLY G 340 -53.40 -15.49 -108.71
CA GLY G 340 -54.15 -14.37 -109.22
C GLY G 340 -55.33 -13.91 -108.38
N ASP G 341 -56.16 -14.85 -107.93
CA ASP G 341 -57.30 -14.53 -107.10
C ASP G 341 -57.24 -15.11 -105.70
N GLY G 342 -56.43 -16.14 -105.47
CA GLY G 342 -56.43 -16.84 -104.20
C GLY G 342 -57.44 -17.96 -104.09
N SER G 343 -57.89 -18.52 -105.21
CA SER G 343 -58.82 -19.64 -105.17
C SER G 343 -58.15 -20.85 -104.53
N THR G 344 -58.88 -21.55 -103.66
CA THR G 344 -58.35 -22.72 -102.98
C THR G 344 -59.36 -23.86 -103.02
N ARG G 345 -58.86 -25.07 -103.24
CA ARG G 345 -59.70 -26.25 -103.35
C ARG G 345 -59.06 -27.38 -102.55
N GLY G 346 -59.92 -28.21 -101.94
CA GLY G 346 -59.43 -29.36 -101.19
C GLY G 346 -60.32 -30.57 -101.37
N HIS G 347 -59.74 -31.67 -101.83
CA HIS G 347 -60.51 -32.85 -102.21
C HIS G 347 -59.87 -34.10 -101.67
N LYS G 348 -60.68 -34.93 -101.01
CA LYS G 348 -60.26 -36.26 -100.59
C LYS G 348 -59.61 -37.00 -101.75
N ALA G 349 -58.45 -37.60 -101.49
CA ALA G 349 -57.69 -38.23 -102.57
C ALA G 349 -56.94 -39.43 -102.02
N THR G 350 -56.52 -40.30 -102.93
CA THR G 350 -55.90 -41.57 -102.58
C THR G 350 -54.82 -41.90 -103.59
N VAL G 351 -53.66 -42.30 -103.09
CA VAL G 351 -52.55 -42.74 -103.93
C VAL G 351 -52.40 -44.24 -103.74
N SER G 352 -52.34 -44.97 -104.85
CA SER G 352 -52.09 -46.41 -104.80
C SER G 352 -50.63 -46.62 -105.14
N THR G 353 -49.86 -47.03 -104.15
CA THR G 353 -48.48 -47.45 -104.39
C THR G 353 -48.49 -48.87 -104.94
N GLY G 354 -47.55 -49.15 -105.83
CA GLY G 354 -47.51 -50.45 -106.48
C GLY G 354 -48.44 -50.55 -107.67
N SER G 355 -49.31 -49.56 -107.86
CA SER G 355 -50.06 -49.43 -109.10
C SER G 355 -49.12 -49.20 -110.27
N VAL G 356 -49.52 -49.69 -111.44
CA VAL G 356 -48.70 -49.52 -112.63
C VAL G 356 -48.56 -48.05 -113.01
N HIS G 357 -49.44 -47.19 -112.49
CA HIS G 357 -49.39 -45.77 -112.75
C HIS G 357 -48.63 -45.00 -111.67
N PHE G 358 -48.05 -45.71 -110.69
CA PHE G 358 -47.17 -45.12 -109.67
C PHE G 358 -45.73 -45.20 -110.17
N THR G 359 -45.28 -44.15 -110.84
CA THR G 359 -43.93 -44.08 -111.40
C THR G 359 -43.27 -42.77 -111.01
N PRO G 360 -42.98 -42.57 -109.72
CA PRO G 360 -42.44 -41.28 -109.28
C PRO G 360 -41.01 -41.05 -109.75
N LYS G 361 -40.26 -42.12 -110.02
CA LYS G 361 -38.92 -41.96 -110.60
C LYS G 361 -38.99 -41.30 -111.98
N LEU G 362 -40.07 -41.56 -112.72
CA LEU G 362 -40.27 -40.96 -114.02
C LEU G 362 -40.96 -39.60 -113.96
N GLY G 363 -41.66 -39.30 -112.87
CA GLY G 363 -42.17 -37.97 -112.64
C GLY G 363 -43.68 -37.86 -112.52
N SER G 364 -44.38 -38.99 -112.49
CA SER G 364 -45.84 -38.96 -112.51
C SER G 364 -46.41 -39.95 -111.51
N VAL G 365 -47.49 -39.55 -110.84
CA VAL G 365 -48.24 -40.40 -109.92
C VAL G 365 -49.72 -40.17 -110.17
N GLN G 366 -50.53 -41.18 -109.85
CA GLN G 366 -51.96 -41.17 -110.14
C GLN G 366 -52.76 -41.15 -108.83
N PHE G 367 -53.71 -40.23 -108.74
CA PHE G 367 -54.61 -40.09 -107.61
C PHE G 367 -56.02 -40.47 -108.01
N THR G 368 -56.79 -40.96 -107.04
CA THR G 368 -58.23 -41.14 -107.19
C THR G 368 -58.94 -40.22 -106.22
N THR G 369 -59.74 -39.30 -106.74
CA THR G 369 -60.27 -38.16 -105.99
C THR G 369 -61.78 -38.31 -105.81
N ASP G 370 -62.37 -37.32 -105.14
CA ASP G 370 -63.81 -37.27 -104.96
C ASP G 370 -64.50 -36.26 -105.88
N THR G 371 -63.80 -35.75 -106.88
CA THR G 371 -64.39 -34.89 -107.90
C THR G 371 -63.64 -35.12 -109.19
N ASN G 372 -64.34 -34.97 -110.32
CA ASN G 372 -63.72 -35.06 -111.64
C ASN G 372 -63.70 -33.74 -112.41
N ASN G 373 -64.11 -32.63 -111.81
CA ASN G 373 -64.14 -31.36 -112.52
C ASN G 373 -63.51 -30.17 -111.80
N ASP G 374 -63.19 -30.27 -110.51
CA ASP G 374 -62.75 -29.14 -109.70
C ASP G 374 -61.25 -29.12 -109.41
N LEU G 375 -60.41 -29.54 -110.35
CA LEU G 375 -58.96 -29.41 -110.21
C LEU G 375 -58.35 -28.84 -111.48
N GLU G 376 -57.91 -27.58 -111.40
CA GLU G 376 -57.39 -26.86 -112.56
C GLU G 376 -56.03 -27.42 -112.96
N THR G 377 -55.65 -27.17 -114.22
CA THR G 377 -54.47 -27.82 -114.78
C THR G 377 -53.16 -27.13 -114.40
N GLY G 378 -53.11 -25.80 -114.45
CA GLY G 378 -51.85 -25.13 -114.25
C GLY G 378 -51.46 -24.75 -112.85
N GLN G 379 -52.31 -25.01 -111.85
CA GLN G 379 -52.02 -24.58 -110.49
C GLN G 379 -51.22 -25.64 -109.74
N ASN G 380 -50.44 -25.17 -108.76
CA ASN G 380 -49.64 -26.06 -107.93
C ASN G 380 -50.52 -26.84 -106.97
N THR G 381 -50.25 -28.14 -106.85
CA THR G 381 -51.07 -29.04 -106.05
C THR G 381 -50.21 -29.82 -105.07
N LYS G 382 -50.71 -29.96 -103.84
CA LYS G 382 -50.01 -30.64 -102.75
C LYS G 382 -50.87 -31.77 -102.20
N PHE G 383 -50.29 -32.96 -102.12
CA PHE G 383 -50.92 -34.08 -101.43
C PHE G 383 -50.43 -34.14 -99.98
N THR G 384 -51.37 -33.94 -99.04
CA THR G 384 -51.06 -34.06 -97.63
C THR G 384 -51.50 -35.44 -97.15
N PRO G 385 -50.58 -36.32 -96.76
CA PRO G 385 -50.98 -37.68 -96.38
C PRO G 385 -51.65 -37.70 -95.02
N VAL G 386 -52.53 -38.68 -94.81
CA VAL G 386 -53.25 -38.81 -93.55
C VAL G 386 -53.21 -40.24 -93.05
N GLY G 387 -53.45 -41.21 -93.93
CA GLY G 387 -53.52 -42.58 -93.48
C GLY G 387 -53.55 -43.56 -94.63
N VAL G 388 -53.80 -44.83 -94.28
CA VAL G 388 -53.87 -45.93 -95.22
C VAL G 388 -55.26 -46.56 -95.16
N VAL G 389 -55.61 -47.25 -96.25
CA VAL G 389 -56.93 -47.87 -96.40
C VAL G 389 -56.75 -49.31 -96.88
N GLN G 390 -57.80 -50.10 -96.68
CA GLN G 390 -57.79 -51.53 -97.00
C GLN G 390 -59.13 -51.92 -97.59
N ASP G 391 -59.09 -52.75 -98.63
CA ASP G 391 -60.31 -53.29 -99.23
C ASP G 391 -60.93 -54.33 -98.31
N GLY G 392 -62.12 -54.03 -97.78
CA GLY G 392 -62.69 -54.85 -96.71
C GLY G 392 -63.12 -56.23 -97.13
N ASN G 393 -63.25 -56.47 -98.44
CA ASN G 393 -63.66 -57.78 -98.95
C ASN G 393 -62.49 -58.75 -99.09
N SER G 394 -61.26 -58.24 -99.06
CA SER G 394 -60.07 -59.09 -99.14
C SER G 394 -59.63 -59.49 -97.73
N ALA G 395 -58.52 -60.22 -97.64
CA ALA G 395 -58.05 -60.72 -96.36
C ALA G 395 -57.72 -59.55 -95.44
N HIS G 396 -58.22 -59.63 -94.20
CA HIS G 396 -58.07 -58.52 -93.27
C HIS G 396 -56.60 -58.36 -92.86
N GLN G 397 -56.17 -57.09 -92.80
CA GLN G 397 -54.82 -56.71 -92.37
C GLN G 397 -53.76 -57.12 -93.40
N ASN G 398 -54.05 -56.96 -94.68
CA ASN G 398 -53.14 -57.42 -95.72
C ASN G 398 -52.76 -56.37 -96.75
N GLU G 399 -53.38 -55.18 -96.75
CA GLU G 399 -53.21 -54.28 -97.88
C GLU G 399 -51.89 -53.52 -97.80
N PRO G 400 -51.59 -52.79 -96.71
CA PRO G 400 -50.29 -52.11 -96.65
C PRO G 400 -49.21 -53.05 -96.19
N GLN G 401 -48.33 -53.45 -97.11
CA GLN G 401 -47.22 -54.36 -96.84
C GLN G 401 -45.94 -53.54 -96.72
N GLN G 402 -45.57 -53.19 -95.48
CA GLN G 402 -44.52 -52.19 -95.26
C GLN G 402 -43.15 -52.65 -95.74
N TRP G 403 -42.92 -53.96 -95.84
CA TRP G 403 -41.61 -54.48 -96.23
C TRP G 403 -41.55 -54.90 -97.70
N VAL G 404 -42.49 -54.45 -98.51
CA VAL G 404 -42.46 -54.66 -99.96
C VAL G 404 -42.24 -53.32 -100.62
N LEU G 405 -41.14 -53.18 -101.36
CA LEU G 405 -40.87 -51.89 -101.96
C LEU G 405 -41.68 -51.72 -103.25
N PRO G 406 -42.21 -50.52 -103.49
CA PRO G 406 -42.81 -50.23 -104.79
C PRO G 406 -41.78 -50.28 -105.91
N ASN G 407 -42.29 -50.36 -107.13
CA ASN G 407 -41.46 -50.27 -108.33
C ASN G 407 -41.45 -48.80 -108.73
N TYR G 408 -40.37 -48.10 -108.39
CA TYR G 408 -40.37 -46.65 -108.50
C TYR G 408 -40.49 -46.17 -109.94
N SER G 409 -40.14 -47.01 -110.92
CA SER G 409 -40.32 -46.72 -112.34
C SER G 409 -41.38 -47.61 -112.97
N GLY G 410 -42.34 -48.07 -112.17
CA GLY G 410 -43.38 -48.99 -112.60
C GLY G 410 -42.82 -50.14 -113.40
N ARG G 411 -43.62 -50.61 -114.36
CA ARG G 411 -43.20 -51.73 -115.21
C ARG G 411 -42.01 -51.38 -116.10
N THR G 412 -41.76 -50.08 -116.34
CA THR G 412 -40.73 -49.65 -117.28
C THR G 412 -39.33 -49.63 -116.66
N GLY G 413 -38.92 -50.78 -116.15
CA GLY G 413 -37.57 -50.95 -115.62
C GLY G 413 -37.57 -51.46 -114.19
N HIS G 414 -36.38 -51.47 -113.60
CA HIS G 414 -36.13 -51.97 -112.27
C HIS G 414 -35.69 -50.83 -111.34
N ASN G 415 -35.84 -51.06 -110.04
CA ASN G 415 -35.43 -50.09 -109.04
C ASN G 415 -33.92 -49.98 -108.98
N VAL G 416 -33.42 -48.75 -108.82
CA VAL G 416 -31.99 -48.48 -108.87
C VAL G 416 -31.59 -47.67 -107.65
N HIS G 417 -30.27 -47.60 -107.42
CA HIS G 417 -29.65 -46.82 -106.35
C HIS G 417 -30.37 -47.01 -105.00
N LEU G 418 -30.71 -48.24 -104.68
CA LEU G 418 -31.45 -48.52 -103.46
C LEU G 418 -30.54 -48.51 -102.25
N ALA G 419 -31.12 -48.14 -101.10
CA ALA G 419 -30.45 -48.35 -99.83
C ALA G 419 -30.38 -49.85 -99.54
N PRO G 420 -29.29 -50.32 -98.95
CA PRO G 420 -29.12 -51.77 -98.77
C PRO G 420 -30.19 -52.36 -97.85
N ALA G 421 -30.40 -53.66 -97.99
CA ALA G 421 -31.26 -54.38 -97.08
C ALA G 421 -30.58 -54.59 -95.74
N VAL G 422 -31.37 -54.95 -94.74
CA VAL G 422 -30.96 -54.98 -93.34
C VAL G 422 -31.44 -56.29 -92.73
N ALA G 423 -30.54 -57.00 -92.07
CA ALA G 423 -30.86 -58.28 -91.44
C ALA G 423 -29.94 -58.48 -90.25
N PRO G 424 -30.40 -59.18 -89.21
CA PRO G 424 -29.50 -59.47 -88.08
C PRO G 424 -28.36 -60.38 -88.54
N THR G 425 -27.17 -60.12 -88.00
CA THR G 425 -25.99 -60.88 -88.39
C THR G 425 -25.41 -61.73 -87.26
N PHE G 426 -25.75 -61.43 -86.01
CA PHE G 426 -25.18 -62.12 -84.87
C PHE G 426 -26.17 -63.16 -84.35
N PRO G 427 -25.73 -64.37 -84.05
CA PRO G 427 -26.65 -65.39 -83.54
C PRO G 427 -27.40 -64.91 -82.30
N GLY G 428 -28.73 -65.04 -82.34
CA GLY G 428 -29.57 -64.68 -81.23
C GLY G 428 -30.10 -63.26 -81.26
N GLU G 429 -29.75 -62.48 -82.27
CA GLU G 429 -30.07 -61.06 -82.33
C GLU G 429 -31.15 -60.81 -83.37
N GLN G 430 -32.02 -59.83 -83.08
CA GLN G 430 -33.04 -59.37 -84.02
C GLN G 430 -32.97 -57.86 -84.16
N LEU G 431 -33.52 -57.36 -85.27
CA LEU G 431 -33.66 -55.93 -85.46
C LEU G 431 -34.49 -55.30 -84.34
N LEU G 432 -34.20 -54.03 -84.06
CA LEU G 432 -35.00 -53.22 -83.16
C LEU G 432 -35.68 -52.15 -83.98
N PHE G 433 -37.01 -52.14 -83.95
CA PHE G 433 -37.81 -51.24 -84.77
C PHE G 433 -38.43 -50.17 -83.89
N PHE G 434 -38.52 -48.97 -84.43
CA PHE G 434 -39.26 -47.88 -83.80
C PHE G 434 -40.67 -47.87 -84.37
N ARG G 435 -41.64 -48.27 -83.57
CA ARG G 435 -42.99 -48.55 -84.05
C ARG G 435 -43.92 -47.38 -83.80
N SER G 436 -44.72 -47.06 -84.81
CA SER G 436 -45.84 -46.17 -84.67
C SER G 436 -47.02 -46.74 -85.46
N THR G 437 -48.22 -46.31 -85.09
CA THR G 437 -49.45 -46.85 -85.65
C THR G 437 -50.05 -45.84 -86.62
N MET G 438 -50.18 -46.23 -87.87
CA MET G 438 -50.70 -45.33 -88.88
C MET G 438 -52.20 -45.15 -88.69
N PRO G 439 -52.72 -43.95 -88.98
CA PRO G 439 -54.18 -43.77 -89.00
C PRO G 439 -54.79 -44.59 -90.13
N GLY G 440 -55.84 -45.34 -89.80
CA GLY G 440 -56.64 -46.03 -90.80
C GLY G 440 -57.85 -45.19 -91.17
N CYS G 441 -58.09 -45.08 -92.48
CA CYS G 441 -59.16 -44.24 -93.00
C CYS G 441 -60.36 -45.01 -93.52
N SER G 442 -60.18 -46.26 -93.94
CA SER G 442 -61.29 -47.07 -94.43
C SER G 442 -60.84 -48.52 -94.51
N GLY G 443 -61.70 -49.42 -94.05
CA GLY G 443 -61.43 -50.84 -94.11
C GLY G 443 -60.75 -51.44 -92.89
N TYR G 444 -59.98 -52.50 -93.11
CA TYR G 444 -59.26 -53.22 -92.06
C TYR G 444 -57.78 -53.26 -92.41
N PRO G 445 -57.07 -52.13 -92.32
CA PRO G 445 -55.68 -52.10 -92.77
C PRO G 445 -54.67 -52.47 -91.69
N ASN G 446 -53.52 -52.94 -92.15
CA ASN G 446 -52.38 -53.25 -91.29
C ASN G 446 -51.70 -51.94 -90.92
N MET G 447 -51.94 -51.45 -89.71
CA MET G 447 -51.53 -50.11 -89.31
C MET G 447 -50.12 -50.08 -88.73
N ASN G 448 -49.46 -51.23 -88.63
CA ASN G 448 -48.13 -51.31 -88.05
C ASN G 448 -47.09 -50.70 -88.99
N LEU G 449 -46.36 -49.69 -88.52
CA LEU G 449 -45.29 -49.08 -89.29
C LEU G 449 -44.01 -49.01 -88.48
N ASP G 450 -42.97 -49.70 -88.95
CA ASP G 450 -41.68 -49.77 -88.29
C ASP G 450 -40.66 -48.99 -89.09
N CYS G 451 -39.87 -48.14 -88.42
CA CYS G 451 -38.70 -47.53 -89.02
C CYS G 451 -37.44 -47.94 -88.28
N LEU G 452 -36.30 -47.83 -88.97
CA LEU G 452 -35.02 -48.27 -88.42
C LEU G 452 -34.38 -47.23 -87.51
N LEU G 453 -34.63 -45.94 -87.78
CA LEU G 453 -34.10 -44.83 -87.02
C LEU G 453 -35.21 -43.78 -86.92
N PRO G 454 -35.41 -43.18 -85.75
CA PRO G 454 -36.30 -42.02 -85.68
C PRO G 454 -35.80 -40.89 -86.56
N GLN G 455 -36.75 -40.07 -87.02
CA GLN G 455 -36.40 -38.94 -87.87
C GLN G 455 -35.46 -37.98 -87.14
N GLU G 456 -35.63 -37.85 -85.83
CA GLU G 456 -34.74 -37.01 -85.03
C GLU G 456 -33.30 -37.54 -85.02
N TRP G 457 -33.14 -38.87 -85.01
CA TRP G 457 -31.79 -39.42 -85.10
C TRP G 457 -31.17 -39.12 -86.45
N VAL G 458 -31.97 -39.14 -87.53
CA VAL G 458 -31.46 -38.78 -88.84
C VAL G 458 -30.98 -37.32 -88.83
N LEU G 459 -31.80 -36.42 -88.28
CA LEU G 459 -31.40 -35.03 -88.13
C LEU G 459 -30.09 -34.91 -87.36
N HIS G 460 -29.97 -35.62 -86.24
CA HIS G 460 -28.80 -35.49 -85.40
C HIS G 460 -27.54 -35.98 -86.10
N PHE G 461 -27.59 -37.17 -86.69
CA PHE G 461 -26.40 -37.68 -87.37
C PHE G 461 -25.98 -36.77 -88.51
N TYR G 462 -26.95 -36.21 -89.25
CA TYR G 462 -26.63 -35.36 -90.39
C TYR G 462 -25.88 -34.11 -89.93
N GLN G 463 -26.37 -33.46 -88.87
CA GLN G 463 -25.80 -32.20 -88.40
C GLN G 463 -24.48 -32.41 -87.67
N GLU G 464 -24.36 -33.49 -86.90
CA GLU G 464 -23.16 -33.69 -86.09
C GLU G 464 -22.05 -34.35 -86.90
N ALA G 465 -22.39 -35.32 -87.74
CA ALA G 465 -21.45 -35.98 -88.65
C ALA G 465 -20.20 -36.48 -87.93
N ALA G 466 -20.41 -37.23 -86.86
CA ALA G 466 -19.29 -37.77 -86.11
C ALA G 466 -18.72 -38.97 -86.84
N PRO G 467 -17.44 -38.99 -87.19
CA PRO G 467 -16.86 -40.19 -87.80
C PRO G 467 -16.92 -41.37 -86.84
N ALA G 468 -17.25 -42.54 -87.39
CA ALA G 468 -17.34 -43.75 -86.59
C ALA G 468 -15.96 -44.35 -86.36
N GLN G 469 -15.64 -44.61 -85.10
CA GLN G 469 -14.36 -45.21 -84.76
C GLN G 469 -14.37 -46.73 -84.92
N SER G 470 -15.54 -47.32 -85.10
CA SER G 470 -15.66 -48.74 -85.43
C SER G 470 -17.02 -48.93 -86.09
N ASP G 471 -17.33 -50.18 -86.42
CA ASP G 471 -18.52 -50.46 -87.21
C ASP G 471 -19.79 -50.56 -86.38
N VAL G 472 -19.70 -50.58 -85.05
CA VAL G 472 -20.87 -50.77 -84.20
C VAL G 472 -20.78 -49.79 -83.03
N ALA G 473 -21.85 -49.05 -82.80
CA ALA G 473 -21.98 -48.18 -81.63
C ALA G 473 -22.89 -48.86 -80.62
N LEU G 474 -22.34 -49.21 -79.47
CA LEU G 474 -23.13 -49.82 -78.40
C LEU G 474 -23.96 -48.75 -77.71
N LEU G 475 -25.28 -48.95 -77.67
CA LEU G 475 -26.18 -48.05 -76.96
C LEU G 475 -26.78 -48.78 -75.77
N ARG G 476 -27.02 -48.03 -74.70
CA ARG G 476 -27.74 -48.54 -73.54
C ARG G 476 -28.94 -47.64 -73.23
N PHE G 477 -30.05 -48.28 -72.87
CA PHE G 477 -31.29 -47.58 -72.54
C PHE G 477 -31.36 -47.41 -71.03
N VAL G 478 -31.53 -46.17 -70.57
CA VAL G 478 -31.34 -45.80 -69.18
C VAL G 478 -32.65 -45.28 -68.60
N ASN G 479 -32.94 -45.67 -67.36
CA ASN G 479 -34.03 -45.08 -66.60
C ASN G 479 -33.47 -43.89 -65.84
N PRO G 480 -33.83 -42.65 -66.20
CA PRO G 480 -33.15 -41.49 -65.60
C PRO G 480 -33.45 -41.26 -64.13
N ASP G 481 -34.51 -41.86 -63.58
CA ASP G 481 -34.79 -41.70 -62.15
C ASP G 481 -33.71 -42.35 -61.31
N THR G 482 -33.46 -43.65 -61.53
CA THR G 482 -32.49 -44.41 -60.76
C THR G 482 -31.11 -44.48 -61.39
N GLY G 483 -30.97 -44.11 -62.67
CA GLY G 483 -29.72 -44.31 -63.36
C GLY G 483 -29.51 -45.71 -63.91
N ARG G 484 -30.52 -46.56 -63.84
CA ARG G 484 -30.36 -47.98 -64.14
C ARG G 484 -30.34 -48.25 -65.63
N VAL G 485 -29.48 -49.18 -66.03
CA VAL G 485 -29.41 -49.63 -67.41
C VAL G 485 -30.46 -50.73 -67.59
N LEU G 486 -31.35 -50.54 -68.57
CA LEU G 486 -32.45 -51.46 -68.79
C LEU G 486 -32.12 -52.53 -69.83
N PHE G 487 -31.53 -52.12 -70.96
CA PHE G 487 -31.04 -53.07 -71.94
C PHE G 487 -29.96 -52.39 -72.76
N GLU G 488 -29.19 -53.20 -73.48
CA GLU G 488 -28.23 -52.70 -74.44
C GLU G 488 -28.57 -53.19 -75.85
N CYS G 489 -28.17 -52.39 -76.84
CA CYS G 489 -28.43 -52.70 -78.23
C CYS G 489 -27.27 -52.18 -79.06
N LYS G 490 -27.16 -52.69 -80.28
CA LYS G 490 -26.08 -52.33 -81.19
C LYS G 490 -26.60 -51.42 -82.28
N LEU G 491 -26.07 -50.20 -82.34
CA LEU G 491 -26.39 -49.26 -83.41
C LEU G 491 -25.32 -49.42 -84.48
N HIS G 492 -25.68 -50.02 -85.60
CA HIS G 492 -24.68 -50.33 -86.62
C HIS G 492 -24.39 -49.08 -87.44
N LYS G 493 -23.12 -48.97 -87.88
CA LYS G 493 -22.69 -47.78 -88.61
C LYS G 493 -23.61 -47.54 -89.81
N SER G 494 -24.06 -48.62 -90.45
CA SER G 494 -24.93 -48.54 -91.63
C SER G 494 -26.28 -47.90 -91.31
N GLY G 495 -26.55 -47.59 -90.05
CA GLY G 495 -27.81 -46.99 -89.65
C GLY G 495 -28.99 -47.91 -89.39
N TYR G 496 -28.80 -48.91 -88.52
CA TYR G 496 -29.90 -49.74 -88.04
C TYR G 496 -29.50 -50.32 -86.70
N VAL G 497 -30.50 -50.71 -85.91
CA VAL G 497 -30.28 -51.16 -84.54
C VAL G 497 -30.71 -52.63 -84.40
N THR G 498 -29.96 -53.37 -83.58
CA THR G 498 -30.20 -54.77 -83.32
C THR G 498 -30.14 -55.02 -81.82
N VAL G 499 -30.86 -56.04 -81.35
CA VAL G 499 -30.90 -56.36 -79.93
C VAL G 499 -30.96 -57.88 -79.77
N ALA G 500 -30.69 -58.35 -78.56
CA ALA G 500 -30.62 -59.78 -78.26
C ALA G 500 -31.97 -60.27 -77.73
N HIS G 501 -32.73 -60.90 -78.62
CA HIS G 501 -34.07 -61.41 -78.30
C HIS G 501 -34.46 -62.38 -79.40
N THR G 502 -35.37 -63.29 -79.06
CA THR G 502 -35.97 -64.19 -80.04
C THR G 502 -37.48 -64.20 -79.85
N GLY G 503 -38.21 -63.98 -80.94
CA GLY G 503 -39.65 -63.88 -80.90
C GLY G 503 -40.10 -62.44 -80.95
N PRO G 504 -41.35 -62.21 -81.35
CA PRO G 504 -41.88 -60.85 -81.36
C PRO G 504 -42.07 -60.33 -79.95
N HIS G 505 -41.93 -59.01 -79.81
CA HIS G 505 -42.05 -58.37 -78.50
C HIS G 505 -42.19 -56.86 -78.62
N ASP G 506 -43.26 -56.31 -78.07
CA ASP G 506 -43.32 -54.88 -77.80
C ASP G 506 -42.61 -54.61 -76.47
N LEU G 507 -41.65 -53.70 -76.48
CA LEU G 507 -40.83 -53.47 -75.30
C LEU G 507 -41.58 -52.66 -74.25
N VAL G 508 -41.42 -53.05 -72.99
CA VAL G 508 -42.09 -52.40 -71.87
C VAL G 508 -41.10 -51.43 -71.24
N ILE G 509 -41.35 -50.14 -71.44
CA ILE G 509 -40.34 -49.11 -71.22
C ILE G 509 -40.87 -48.02 -70.29
N PRO G 510 -40.04 -47.50 -69.38
CA PRO G 510 -40.42 -46.27 -68.66
C PRO G 510 -40.62 -45.12 -69.63
N PRO G 511 -41.70 -44.35 -69.47
CA PRO G 511 -42.00 -43.29 -70.45
C PRO G 511 -40.91 -42.25 -70.62
N ASN G 512 -40.01 -42.08 -69.65
CA ASN G 512 -38.97 -41.07 -69.73
C ASN G 512 -37.58 -41.64 -70.04
N GLY G 513 -37.49 -42.93 -70.38
CA GLY G 513 -36.19 -43.52 -70.66
C GLY G 513 -35.58 -42.98 -71.95
N TYR G 514 -34.25 -42.97 -71.97
CA TYR G 514 -33.49 -42.38 -73.06
C TYR G 514 -32.35 -43.31 -73.48
N PHE G 515 -31.89 -43.12 -74.71
CA PHE G 515 -30.74 -43.87 -75.24
C PHE G 515 -29.44 -43.11 -74.98
N ARG G 516 -28.42 -43.85 -74.56
CA ARG G 516 -27.12 -43.30 -74.25
C ARG G 516 -26.03 -44.09 -74.99
N PHE G 517 -25.18 -43.39 -75.73
CA PHE G 517 -24.08 -44.04 -76.43
C PHE G 517 -22.96 -44.31 -75.43
N ASP G 518 -22.56 -45.57 -75.29
CA ASP G 518 -21.63 -45.94 -74.23
C ASP G 518 -20.26 -46.35 -74.71
N SER G 519 -20.13 -47.00 -75.86
CA SER G 519 -18.81 -47.44 -76.30
C SER G 519 -18.87 -47.91 -77.74
N TRP G 520 -17.76 -47.73 -78.45
CA TRP G 520 -17.55 -48.40 -79.73
C TRP G 520 -17.17 -49.86 -79.52
N VAL G 521 -17.78 -50.75 -80.29
CA VAL G 521 -17.53 -52.18 -80.22
C VAL G 521 -17.40 -52.72 -81.63
N ASN G 522 -16.98 -53.98 -81.73
CA ASN G 522 -16.89 -54.67 -83.01
C ASN G 522 -18.02 -55.70 -83.17
N GLN G 523 -17.97 -56.39 -84.30
CA GLN G 523 -19.05 -57.31 -84.70
C GLN G 523 -19.16 -58.52 -83.78
N PHE G 524 -18.16 -58.80 -82.97
CA PHE G 524 -18.16 -59.96 -82.09
C PHE G 524 -18.78 -59.68 -80.73
N TYR G 525 -19.19 -58.45 -80.46
CA TYR G 525 -19.75 -58.11 -79.16
C TYR G 525 -21.04 -58.88 -78.93
N THR G 526 -21.15 -59.48 -77.74
CA THR G 526 -22.30 -60.30 -77.37
C THR G 526 -23.21 -59.49 -76.46
N LEU G 527 -24.45 -59.26 -76.91
CA LEU G 527 -25.36 -58.39 -76.20
C LEU G 527 -25.98 -59.12 -75.03
N ALA G 528 -26.25 -58.38 -73.97
CA ALA G 528 -26.91 -58.97 -72.81
C ALA G 528 -28.33 -59.33 -73.22
N PRO G 529 -28.82 -60.52 -72.88
CA PRO G 529 -30.18 -60.89 -73.27
C PRO G 529 -31.21 -59.99 -72.60
N MET G 530 -32.28 -59.72 -73.33
CA MET G 530 -33.30 -58.77 -72.94
C MET G 530 -34.68 -59.39 -73.16
N GLY G 531 -35.55 -59.27 -72.17
CA GLY G 531 -36.92 -59.72 -72.30
C GLY G 531 -37.34 -60.75 -71.28
N PRO H 10 53.91 -57.57 -113.31
CA PRO H 10 52.73 -57.59 -112.43
C PRO H 10 51.46 -58.06 -113.14
N SER H 11 51.16 -57.46 -114.30
CA SER H 11 50.04 -57.87 -115.13
C SER H 11 50.48 -58.65 -116.36
N ASP H 12 51.78 -58.88 -116.51
CA ASP H 12 52.32 -59.46 -117.74
C ASP H 12 51.82 -60.89 -117.91
N GLY H 13 51.19 -61.15 -119.06
CA GLY H 13 50.69 -62.48 -119.38
C GLY H 13 49.30 -62.79 -118.87
N SER H 14 48.71 -61.90 -118.07
CA SER H 14 47.35 -62.12 -117.59
C SER H 14 46.41 -61.13 -118.26
N THR H 15 46.41 -59.89 -117.77
CA THR H 15 45.55 -58.86 -118.32
C THR H 15 46.25 -58.04 -119.39
N ALA H 16 47.59 -58.01 -119.36
CA ALA H 16 48.41 -57.50 -120.46
C ALA H 16 48.12 -56.04 -120.80
N ASN H 17 47.67 -55.26 -119.82
CA ASN H 17 47.40 -53.84 -119.98
C ASN H 17 46.38 -53.56 -121.08
N LEU H 18 45.67 -54.58 -121.54
CA LEU H 18 44.76 -54.49 -122.68
C LEU H 18 43.41 -53.90 -122.30
N VAL H 19 43.21 -53.62 -121.02
CA VAL H 19 41.88 -53.41 -120.45
C VAL H 19 41.93 -52.30 -119.41
N PRO H 20 40.89 -51.47 -119.29
CA PRO H 20 40.83 -50.54 -118.16
C PRO H 20 40.84 -51.30 -116.84
N GLU H 21 41.64 -50.81 -115.90
CA GLU H 21 41.73 -51.49 -114.61
C GLU H 21 40.65 -51.02 -113.65
N VAL H 22 40.69 -49.75 -113.26
CA VAL H 22 39.72 -49.22 -112.32
C VAL H 22 39.23 -47.87 -112.84
N ASN H 23 38.02 -47.50 -112.42
CA ASN H 23 37.43 -46.21 -112.76
C ASN H 23 37.68 -45.22 -111.64
N ASN H 24 38.03 -44.00 -112.01
CA ASN H 24 38.21 -42.94 -111.03
C ASN H 24 36.95 -42.09 -110.84
N GLU H 25 36.04 -42.10 -111.81
CA GLU H 25 34.81 -41.32 -111.69
C GLU H 25 34.00 -41.82 -110.50
N VAL H 26 33.33 -40.88 -109.82
CA VAL H 26 32.57 -41.17 -108.61
C VAL H 26 31.27 -40.37 -108.63
N MET H 27 30.22 -40.95 -108.07
CA MET H 27 28.90 -40.32 -108.10
C MET H 27 28.83 -39.14 -107.15
N ALA H 28 28.22 -38.05 -107.63
CA ALA H 28 28.14 -36.79 -106.89
C ALA H 28 26.97 -36.85 -105.90
N LEU H 29 27.12 -37.71 -104.89
CA LEU H 29 26.12 -37.84 -103.84
C LEU H 29 26.75 -37.48 -102.50
N GLU H 30 25.99 -36.76 -101.68
CA GLU H 30 26.41 -36.50 -100.31
C GLU H 30 26.17 -37.75 -99.46
N PRO H 31 26.84 -37.86 -98.32
CA PRO H 31 26.51 -38.93 -97.38
C PRO H 31 25.07 -38.80 -96.89
N VAL H 32 24.48 -39.93 -96.54
CA VAL H 32 23.09 -39.99 -96.08
C VAL H 32 23.02 -40.94 -94.89
N VAL H 33 22.44 -40.47 -93.79
CA VAL H 33 22.34 -41.27 -92.57
C VAL H 33 21.36 -42.41 -92.76
N GLY H 34 21.65 -43.54 -92.13
CA GLY H 34 20.75 -44.67 -92.17
C GLY H 34 19.77 -44.72 -91.01
N ALA H 35 19.72 -45.86 -90.33
CA ALA H 35 18.68 -46.11 -89.33
C ALA H 35 18.98 -45.49 -87.98
N ALA H 36 20.17 -44.94 -87.78
CA ALA H 36 20.49 -44.33 -86.49
C ALA H 36 19.53 -43.18 -86.17
N ILE H 37 19.16 -42.39 -87.19
CA ILE H 37 18.22 -41.30 -86.98
C ILE H 37 16.87 -41.80 -86.48
N ALA H 38 16.54 -43.05 -86.77
CA ALA H 38 15.22 -43.58 -86.50
C ALA H 38 15.05 -44.10 -85.08
N ALA H 39 16.15 -44.22 -84.32
CA ALA H 39 16.08 -44.89 -83.03
C ALA H 39 15.06 -44.30 -82.07
N PRO H 40 14.94 -42.98 -81.90
CA PRO H 40 13.96 -42.46 -80.93
C PRO H 40 12.51 -42.73 -81.30
N VAL H 41 12.21 -43.06 -82.56
CA VAL H 41 10.84 -43.34 -82.98
C VAL H 41 10.64 -44.75 -83.49
N ALA H 42 11.70 -45.53 -83.67
CA ALA H 42 11.53 -46.93 -84.00
C ALA H 42 11.17 -47.72 -82.75
N GLY H 43 10.47 -48.83 -82.95
CA GLY H 43 10.10 -49.67 -81.83
C GLY H 43 11.29 -50.34 -81.17
N GLN H 44 12.33 -50.64 -81.94
CA GLN H 44 13.43 -51.47 -81.48
C GLN H 44 14.69 -51.13 -82.23
N GLN H 45 15.82 -51.51 -81.66
CA GLN H 45 17.12 -51.36 -82.30
C GLN H 45 17.60 -52.77 -82.57
N ASN H 46 17.72 -53.13 -83.84
CA ASN H 46 17.99 -54.50 -84.21
C ASN H 46 19.41 -54.62 -84.73
N VAL H 47 19.79 -55.86 -85.02
CA VAL H 47 21.16 -56.18 -85.40
C VAL H 47 21.12 -57.11 -86.60
N ILE H 48 22.02 -56.87 -87.54
CA ILE H 48 22.22 -57.72 -88.70
C ILE H 48 23.53 -58.46 -88.48
N ASP H 49 23.54 -59.74 -88.83
CA ASP H 49 24.74 -60.55 -88.67
C ASP H 49 25.90 -59.84 -89.38
N PRO H 50 26.98 -59.51 -88.66
CA PRO H 50 28.05 -58.71 -89.28
C PRO H 50 28.69 -59.34 -90.51
N TRP H 51 28.70 -60.67 -90.62
CA TRP H 51 29.26 -61.28 -91.83
C TRP H 51 28.50 -60.83 -93.07
N ILE H 52 27.18 -60.66 -92.95
CA ILE H 52 26.36 -60.15 -94.05
C ILE H 52 26.81 -58.75 -94.43
N ARG H 53 27.28 -57.94 -93.47
CA ARG H 53 27.67 -56.58 -93.75
C ARG H 53 29.07 -56.47 -94.34
N ASN H 54 29.88 -57.51 -94.22
CA ASN H 54 31.27 -57.45 -94.66
C ASN H 54 31.54 -58.21 -95.95
N ASN H 55 30.52 -58.78 -96.59
CA ASN H 55 30.78 -59.70 -97.70
C ASN H 55 29.76 -59.52 -98.80
N PHE H 56 30.26 -59.23 -100.00
CA PHE H 56 29.40 -59.08 -101.17
C PHE H 56 28.80 -60.43 -101.58
N VAL H 57 27.52 -60.41 -101.89
CA VAL H 57 26.78 -61.59 -102.33
C VAL H 57 25.89 -61.14 -103.47
N GLN H 58 25.59 -62.07 -104.38
CA GLN H 58 24.89 -61.68 -105.60
C GLN H 58 23.44 -61.36 -105.30
N ALA H 59 22.97 -60.25 -105.86
CA ALA H 59 21.60 -59.81 -105.68
C ALA H 59 20.63 -60.79 -106.34
N PRO H 60 19.38 -60.82 -105.88
CA PRO H 60 18.38 -61.67 -106.57
C PRO H 60 18.31 -61.32 -108.05
N GLY H 61 18.26 -60.03 -108.38
CA GLY H 61 18.39 -59.61 -109.75
C GLY H 61 19.85 -59.23 -109.98
N GLY H 62 20.71 -60.23 -110.09
CA GLY H 62 22.14 -59.99 -110.18
C GLY H 62 22.84 -60.35 -111.48
N GLU H 63 22.11 -60.64 -112.54
CA GLU H 63 22.69 -60.90 -113.85
C GLU H 63 22.13 -59.94 -114.88
N PHE H 64 23.01 -59.41 -115.72
CA PHE H 64 22.58 -58.67 -116.90
C PHE H 64 23.67 -58.78 -117.96
N THR H 65 23.28 -58.56 -119.22
CA THR H 65 24.16 -58.80 -120.36
C THR H 65 24.22 -57.56 -121.25
N VAL H 66 25.38 -57.36 -121.86
CA VAL H 66 25.58 -56.41 -122.94
C VAL H 66 25.87 -57.22 -124.20
N SER H 67 24.98 -57.16 -125.18
CA SER H 67 25.11 -57.94 -126.40
C SER H 67 24.92 -57.04 -127.60
N PRO H 68 25.29 -57.51 -128.80
CA PRO H 68 25.10 -56.68 -130.00
C PRO H 68 23.64 -56.44 -130.37
N ARG H 69 22.71 -57.24 -129.83
CA ARG H 69 21.29 -56.98 -130.03
C ARG H 69 20.78 -55.79 -129.23
N ASN H 70 21.55 -55.31 -128.24
CA ASN H 70 21.12 -54.21 -127.41
C ASN H 70 21.40 -52.88 -128.11
N ALA H 71 20.55 -51.89 -127.83
CA ALA H 71 20.70 -50.57 -128.40
C ALA H 71 20.93 -49.53 -127.31
N PRO H 72 21.62 -48.43 -127.61
CA PRO H 72 21.82 -47.39 -126.61
C PRO H 72 20.49 -46.86 -126.10
N GLY H 73 20.46 -46.53 -124.81
CA GLY H 73 19.25 -46.09 -124.16
C GLY H 73 18.51 -47.17 -123.40
N GLU H 74 18.76 -48.43 -123.71
CA GLU H 74 18.11 -49.53 -123.01
C GLU H 74 18.65 -49.64 -121.59
N ILE H 75 17.75 -49.69 -120.63
CA ILE H 75 18.12 -49.92 -119.24
C ILE H 75 18.40 -51.40 -119.06
N LEU H 76 19.67 -51.77 -118.91
CA LEU H 76 20.03 -53.17 -118.79
C LEU H 76 19.78 -53.72 -117.39
N TRP H 77 19.74 -52.86 -116.38
CA TRP H 77 19.57 -53.29 -115.01
C TRP H 77 19.07 -52.11 -114.19
N SER H 78 18.17 -52.38 -113.25
CA SER H 78 17.66 -51.34 -112.38
C SER H 78 17.08 -51.99 -111.13
N ALA H 79 17.11 -51.23 -110.03
CA ALA H 79 16.59 -51.73 -108.77
C ALA H 79 16.35 -50.56 -107.83
N PRO H 80 15.30 -50.59 -107.01
CA PRO H 80 15.18 -49.61 -105.92
C PRO H 80 15.89 -50.11 -104.67
N LEU H 81 16.39 -49.15 -103.90
CA LEU H 81 17.02 -49.49 -102.64
C LEU H 81 16.02 -50.18 -101.72
N GLY H 82 16.46 -51.27 -101.10
CA GLY H 82 15.60 -52.05 -100.23
C GLY H 82 16.17 -53.43 -100.00
N PRO H 83 15.57 -54.19 -99.08
CA PRO H 83 16.13 -55.50 -98.72
C PRO H 83 16.21 -56.47 -99.89
N ASP H 84 15.41 -56.26 -100.95
CA ASP H 84 15.41 -57.19 -102.07
C ASP H 84 16.71 -57.14 -102.88
N LEU H 85 17.61 -56.21 -102.56
CA LEU H 85 18.90 -56.09 -103.22
C LEU H 85 19.90 -57.15 -102.75
N ASN H 86 19.55 -57.93 -101.73
CA ASN H 86 20.54 -58.81 -101.12
C ASN H 86 19.85 -60.07 -100.60
N PRO H 87 20.29 -61.26 -101.05
CA PRO H 87 19.55 -62.49 -100.73
C PRO H 87 19.43 -62.79 -99.24
N TYR H 88 20.45 -62.44 -98.44
CA TYR H 88 20.34 -62.62 -96.99
C TYR H 88 19.31 -61.66 -96.40
N LEU H 89 19.43 -60.37 -96.74
CA LEU H 89 18.45 -59.40 -96.27
C LEU H 89 17.05 -59.74 -96.76
N SER H 90 16.95 -60.33 -97.97
CA SER H 90 15.64 -60.70 -98.50
C SER H 90 14.92 -61.69 -97.58
N HIS H 91 15.66 -62.70 -97.09
CA HIS H 91 15.04 -63.65 -96.17
C HIS H 91 14.80 -63.00 -94.81
N LEU H 92 15.76 -62.21 -94.34
CA LEU H 92 15.58 -61.50 -93.08
C LEU H 92 14.37 -60.57 -93.16
N ALA H 93 14.13 -59.97 -94.32
CA ALA H 93 13.09 -58.96 -94.42
C ALA H 93 11.71 -59.54 -94.11
N ARG H 94 11.50 -60.83 -94.37
CA ARG H 94 10.21 -61.42 -94.06
C ARG H 94 9.95 -61.46 -92.56
N MET H 95 10.93 -61.08 -91.76
CA MET H 95 10.86 -61.14 -90.32
C MET H 95 10.81 -59.76 -89.68
N TYR H 96 10.87 -58.70 -90.49
CA TYR H 96 10.89 -57.33 -90.01
C TYR H 96 9.83 -56.50 -90.69
N ASN H 97 9.43 -55.42 -90.01
CA ASN H 97 8.35 -54.55 -90.49
C ASN H 97 8.86 -53.40 -91.34
N GLY H 98 10.10 -52.98 -91.12
CA GLY H 98 10.66 -51.89 -91.89
C GLY H 98 12.17 -51.93 -91.93
N TYR H 99 12.74 -50.87 -92.50
CA TYR H 99 14.19 -50.79 -92.66
C TYR H 99 14.58 -49.35 -92.93
N ALA H 100 15.88 -49.10 -92.88
CA ALA H 100 16.45 -47.80 -93.24
C ALA H 100 17.94 -47.98 -93.44
N GLY H 101 18.51 -47.20 -94.34
CA GLY H 101 19.94 -47.24 -94.59
C GLY H 101 20.26 -47.67 -96.02
N GLY H 102 21.56 -47.59 -96.31
CA GLY H 102 22.04 -47.66 -97.67
C GLY H 102 22.76 -48.97 -97.96
N PHE H 103 23.20 -49.09 -99.21
CA PHE H 103 23.89 -50.29 -99.67
C PHE H 103 25.20 -49.93 -100.34
N GLU H 104 26.09 -50.91 -100.37
CA GLU H 104 27.25 -50.93 -101.24
C GLU H 104 27.00 -51.98 -102.30
N VAL H 105 26.99 -51.56 -103.57
CA VAL H 105 26.76 -52.48 -104.69
C VAL H 105 28.08 -52.67 -105.44
N GLN H 106 28.33 -53.89 -105.87
CA GLN H 106 29.51 -54.24 -106.64
C GLN H 106 29.05 -54.78 -107.99
N VAL H 107 29.59 -54.22 -109.06
CA VAL H 107 29.24 -54.60 -110.43
C VAL H 107 30.49 -55.14 -111.12
N ILE H 108 30.36 -56.29 -111.77
CA ILE H 108 31.47 -56.94 -112.46
C ILE H 108 31.21 -56.79 -113.95
N LEU H 109 32.17 -56.19 -114.65
CA LEU H 109 32.07 -55.92 -116.09
C LEU H 109 33.34 -56.36 -116.80
N ALA H 110 33.74 -57.62 -116.64
CA ALA H 110 35.09 -58.00 -117.08
C ALA H 110 35.04 -58.49 -118.52
N GLY H 111 34.80 -57.54 -119.41
CA GLY H 111 34.57 -57.87 -120.81
C GLY H 111 35.85 -58.24 -121.52
N ASN H 112 35.70 -59.04 -122.58
CA ASN H 112 36.85 -59.42 -123.39
C ASN H 112 37.54 -58.19 -123.96
N ALA H 113 38.85 -58.32 -124.17
CA ALA H 113 39.64 -57.15 -124.58
C ALA H 113 39.27 -56.67 -125.98
N PHE H 114 38.62 -57.50 -126.77
CA PHE H 114 38.22 -57.16 -128.13
C PHE H 114 36.88 -56.44 -128.19
N THR H 115 36.27 -56.12 -127.06
CA THR H 115 34.96 -55.50 -127.03
C THR H 115 35.09 -54.00 -126.74
N ALA H 116 34.04 -53.25 -127.10
CA ALA H 116 33.95 -51.83 -126.81
C ALA H 116 32.55 -51.50 -126.32
N GLY H 117 32.44 -50.41 -125.56
CA GLY H 117 31.15 -49.87 -125.17
C GLY H 117 31.18 -49.28 -123.77
N LYS H 118 30.20 -48.43 -123.48
CA LYS H 118 30.10 -47.75 -122.19
C LYS H 118 28.73 -47.99 -121.56
N ILE H 119 28.72 -48.10 -120.23
CA ILE H 119 27.50 -48.15 -119.44
C ILE H 119 27.47 -46.96 -118.49
N ILE H 120 26.30 -46.35 -118.32
CA ILE H 120 26.09 -45.31 -117.31
C ILE H 120 25.36 -45.92 -116.13
N PHE H 121 25.90 -45.71 -114.93
CA PHE H 121 25.19 -45.99 -113.70
C PHE H 121 24.74 -44.65 -113.13
N ALA H 122 23.48 -44.57 -112.71
CA ALA H 122 22.96 -43.34 -112.15
C ALA H 122 22.03 -43.64 -110.98
N ALA H 123 22.04 -42.74 -110.00
CA ALA H 123 21.09 -42.76 -108.89
C ALA H 123 20.01 -41.72 -109.18
N VAL H 124 18.76 -42.17 -109.29
CA VAL H 124 17.61 -41.29 -109.52
C VAL H 124 16.85 -41.13 -108.21
N PRO H 125 16.47 -39.92 -107.84
CA PRO H 125 15.88 -39.70 -106.52
C PRO H 125 14.48 -40.28 -106.46
N PRO H 126 13.89 -40.40 -105.26
CA PRO H 126 12.71 -41.24 -105.09
C PRO H 126 11.50 -40.98 -105.98
N ASN H 127 10.97 -39.76 -106.00
CA ASN H 127 9.75 -39.48 -106.75
C ASN H 127 10.00 -38.95 -108.15
N PHE H 128 11.10 -39.32 -108.78
CA PHE H 128 11.29 -38.95 -110.18
C PHE H 128 10.94 -40.12 -111.08
N PRO H 129 10.15 -39.91 -112.13
CA PRO H 129 9.77 -41.02 -113.01
C PRO H 129 10.95 -41.53 -113.84
N THR H 130 11.13 -42.85 -113.81
CA THR H 130 12.17 -43.57 -114.53
C THR H 130 11.76 -44.00 -115.94
N GLU H 131 10.49 -43.84 -116.30
CA GLU H 131 9.93 -44.58 -117.44
C GLU H 131 10.49 -44.12 -118.78
N GLY H 132 10.51 -42.82 -119.04
CA GLY H 132 10.91 -42.38 -120.36
C GLY H 132 12.32 -41.84 -120.51
N LEU H 133 13.20 -42.17 -119.57
CA LEU H 133 14.51 -41.52 -119.53
C LEU H 133 15.34 -41.84 -120.77
N SER H 134 15.97 -40.81 -121.32
CA SER H 134 16.90 -40.88 -122.43
C SER H 134 18.33 -40.83 -121.93
N PRO H 135 19.29 -41.32 -122.72
CA PRO H 135 20.69 -41.22 -122.30
C PRO H 135 21.11 -39.82 -121.86
N SER H 136 20.78 -38.79 -122.65
CA SER H 136 21.05 -37.42 -122.26
C SER H 136 20.54 -37.11 -120.86
N GLN H 137 19.29 -37.51 -120.57
CA GLN H 137 18.68 -37.15 -119.30
C GLN H 137 19.35 -37.84 -118.13
N VAL H 138 19.75 -39.10 -118.31
CA VAL H 138 20.36 -39.85 -117.22
C VAL H 138 21.65 -39.18 -116.75
N THR H 139 22.36 -38.52 -117.66
CA THR H 139 23.56 -37.76 -117.31
C THR H 139 23.29 -36.67 -116.28
N MET H 140 22.05 -36.20 -116.14
CA MET H 140 21.80 -35.09 -115.23
C MET H 140 21.63 -35.53 -113.78
N PHE H 141 21.54 -36.82 -113.52
CA PHE H 141 21.59 -37.34 -112.15
C PHE H 141 23.04 -37.57 -111.77
N PRO H 142 23.33 -37.75 -110.48
CA PRO H 142 24.63 -38.30 -110.09
C PRO H 142 24.90 -39.57 -110.88
N HIS H 143 26.07 -39.65 -111.51
CA HIS H 143 26.29 -40.76 -112.42
C HIS H 143 27.77 -41.10 -112.52
N ILE H 144 28.01 -42.30 -113.05
CA ILE H 144 29.33 -42.83 -113.34
C ILE H 144 29.26 -43.48 -114.72
N ILE H 145 30.29 -43.26 -115.54
CA ILE H 145 30.37 -43.86 -116.88
C ILE H 145 31.55 -44.82 -116.90
N VAL H 146 31.25 -46.10 -117.15
CA VAL H 146 32.21 -47.18 -116.99
C VAL H 146 32.39 -47.88 -118.33
N ASP H 147 33.62 -48.28 -118.63
CA ASP H 147 33.89 -48.98 -119.87
C ASP H 147 33.48 -50.44 -119.70
N VAL H 148 32.91 -51.02 -120.75
CA VAL H 148 32.38 -52.37 -120.67
C VAL H 148 33.49 -53.37 -120.42
N ARG H 149 34.75 -53.00 -120.69
CA ARG H 149 35.88 -53.88 -120.45
C ARG H 149 36.49 -53.76 -119.06
N GLN H 150 35.96 -52.89 -118.20
CA GLN H 150 36.65 -52.61 -116.93
C GLN H 150 36.85 -53.89 -116.13
N LEU H 151 38.06 -54.06 -115.60
CA LEU H 151 38.47 -55.27 -114.92
C LEU H 151 38.12 -55.27 -113.44
N GLU H 152 38.46 -54.21 -112.74
CA GLU H 152 38.11 -54.22 -111.33
C GLU H 152 36.63 -53.97 -111.17
N PRO H 153 35.99 -54.61 -110.19
CA PRO H 153 34.56 -54.38 -109.98
C PRO H 153 34.29 -52.90 -109.71
N VAL H 154 33.12 -52.47 -110.11
CA VAL H 154 32.70 -51.09 -109.91
C VAL H 154 31.92 -51.03 -108.62
N LEU H 155 32.29 -50.10 -107.75
CA LEU H 155 31.66 -49.96 -106.45
C LEU H 155 30.83 -48.67 -106.46
N ILE H 156 29.54 -48.81 -106.23
CA ILE H 156 28.61 -47.69 -106.18
C ILE H 156 27.97 -47.70 -104.80
N PRO H 157 28.15 -46.66 -103.99
CA PRO H 157 27.37 -46.56 -102.76
C PRO H 157 25.99 -46.02 -103.06
N LEU H 158 24.99 -46.61 -102.41
CA LEU H 158 23.59 -46.27 -102.67
C LEU H 158 22.98 -45.75 -101.38
N PRO H 159 22.87 -44.43 -101.21
CA PRO H 159 22.35 -43.89 -99.95
C PRO H 159 20.84 -43.87 -99.91
N ASP H 160 20.30 -43.99 -98.70
CA ASP H 160 18.86 -44.08 -98.50
C ASP H 160 18.26 -42.68 -98.38
N VAL H 161 18.35 -41.93 -99.48
CA VAL H 161 17.69 -40.63 -99.55
C VAL H 161 16.19 -40.80 -99.33
N ARG H 162 15.64 -39.98 -98.45
CA ARG H 162 14.27 -40.12 -97.99
C ARG H 162 13.90 -38.84 -97.23
N ASN H 163 12.62 -38.71 -96.91
CA ASN H 163 12.13 -37.61 -96.08
C ASN H 163 11.42 -38.10 -94.83
N ASN H 164 11.63 -39.35 -94.45
CA ASN H 164 11.08 -39.90 -93.22
C ASN H 164 12.18 -40.63 -92.47
N PHE H 165 11.86 -41.08 -91.25
CA PHE H 165 12.86 -41.72 -90.42
C PHE H 165 13.26 -43.08 -90.97
N TYR H 166 12.32 -43.82 -91.51
CA TYR H 166 12.58 -45.15 -92.06
C TYR H 166 11.40 -45.54 -92.93
N HIS H 167 11.52 -46.70 -93.58
CA HIS H 167 10.56 -47.18 -94.55
C HIS H 167 9.79 -48.35 -93.97
N TYR H 168 8.52 -48.48 -94.37
CA TYR H 168 7.74 -49.67 -94.08
C TYR H 168 7.78 -50.64 -95.26
N ASN H 169 7.87 -51.93 -94.96
CA ASN H 169 7.85 -52.94 -96.01
C ASN H 169 6.55 -52.92 -96.80
N GLN H 170 5.43 -52.73 -96.10
CA GLN H 170 4.11 -52.86 -96.71
C GLN H 170 3.61 -51.59 -97.40
N SER H 171 4.42 -50.54 -97.49
CA SER H 171 3.94 -49.31 -98.09
C SER H 171 4.58 -49.14 -99.47
N ASN H 172 4.05 -48.18 -100.23
CA ASN H 172 4.58 -47.92 -101.57
C ASN H 172 5.39 -46.63 -101.64
N ASP H 173 5.92 -46.16 -100.52
CA ASP H 173 6.81 -45.00 -100.59
C ASP H 173 8.02 -45.35 -101.46
N PRO H 174 8.40 -44.49 -102.39
CA PRO H 174 9.52 -44.81 -103.28
C PRO H 174 10.87 -44.53 -102.64
N THR H 175 11.88 -45.24 -103.15
CA THR H 175 13.25 -45.09 -102.70
C THR H 175 14.11 -44.73 -103.91
N ILE H 176 15.39 -44.43 -103.65
CA ILE H 176 16.32 -44.25 -104.77
C ILE H 176 16.34 -45.50 -105.64
N LYS H 177 16.45 -45.29 -106.95
CA LYS H 177 16.63 -46.37 -107.91
C LYS H 177 18.05 -46.24 -108.44
N LEU H 178 18.73 -47.37 -108.55
CA LEU H 178 20.01 -47.45 -109.25
C LEU H 178 19.73 -47.94 -110.66
N ILE H 179 20.33 -47.26 -111.64
CA ILE H 179 20.07 -47.51 -113.04
C ILE H 179 21.37 -47.85 -113.73
N ALA H 180 21.35 -48.87 -114.57
CA ALA H 180 22.43 -49.19 -115.47
C ALA H 180 21.86 -49.14 -116.87
N MET H 181 22.39 -48.25 -117.70
CA MET H 181 21.88 -48.06 -119.05
C MET H 181 23.03 -48.12 -120.03
N LEU H 182 22.77 -48.74 -121.19
CA LEU H 182 23.79 -48.81 -122.22
C LEU H 182 23.98 -47.43 -122.84
N TYR H 183 25.19 -46.90 -122.70
CA TYR H 183 25.53 -45.55 -123.16
C TYR H 183 26.07 -45.58 -124.58
N THR H 184 26.86 -46.60 -124.88
CA THR H 184 27.41 -46.87 -126.19
C THR H 184 27.11 -48.31 -126.55
N PRO H 185 26.72 -48.58 -127.80
CA PRO H 185 26.44 -49.96 -128.19
C PRO H 185 27.68 -50.83 -128.08
N LEU H 186 27.45 -52.13 -127.93
CA LEU H 186 28.57 -53.06 -127.82
C LEU H 186 29.16 -53.30 -129.20
N ARG H 187 30.47 -53.08 -129.31
CA ARG H 187 31.22 -53.27 -130.54
C ARG H 187 32.40 -54.19 -130.24
N ALA H 188 32.79 -54.99 -131.23
CA ALA H 188 33.90 -55.92 -130.99
C ALA H 188 34.67 -56.11 -132.29
N ASN H 189 36.00 -56.13 -132.16
CA ASN H 189 36.90 -56.30 -133.30
C ASN H 189 37.72 -57.58 -133.21
N ASN H 190 37.33 -58.56 -132.39
CA ASN H 190 37.83 -59.91 -132.60
C ASN H 190 37.45 -60.36 -134.00
N ALA H 191 38.30 -61.17 -134.62
CA ALA H 191 38.07 -61.52 -136.01
C ALA H 191 37.20 -62.76 -136.19
N GLY H 192 36.66 -63.32 -135.12
CA GLY H 192 35.86 -64.52 -135.22
C GLY H 192 34.36 -64.29 -135.38
N ASP H 193 33.58 -64.86 -134.47
CA ASP H 193 32.13 -64.95 -134.60
C ASP H 193 31.36 -63.91 -133.80
N ASP H 194 32.06 -63.03 -133.06
CA ASP H 194 31.42 -61.97 -132.27
C ASP H 194 30.35 -62.53 -131.33
N VAL H 195 30.67 -63.64 -130.68
CA VAL H 195 29.79 -64.15 -129.65
C VAL H 195 30.29 -63.56 -128.33
N PHE H 196 31.04 -62.47 -128.42
CA PHE H 196 31.67 -61.84 -127.25
C PHE H 196 30.69 -60.97 -126.47
N THR H 197 29.58 -61.57 -126.04
CA THR H 197 28.66 -60.88 -125.16
C THR H 197 29.34 -60.67 -123.80
N VAL H 198 29.05 -59.54 -123.17
CA VAL H 198 29.64 -59.22 -121.87
C VAL H 198 28.66 -59.65 -120.79
N SER H 199 28.99 -60.73 -120.08
CA SER H 199 28.18 -61.19 -118.96
C SER H 199 28.55 -60.41 -117.71
N CYS H 200 27.55 -59.81 -117.06
CA CYS H 200 27.76 -58.92 -115.94
C CYS H 200 27.06 -59.46 -114.70
N ARG H 201 27.64 -59.19 -113.53
CA ARG H 201 27.08 -59.63 -112.28
C ARG H 201 26.99 -58.46 -111.32
N VAL H 202 25.92 -58.43 -110.53
CA VAL H 202 25.70 -57.41 -109.51
C VAL H 202 25.73 -58.09 -108.14
N LEU H 203 26.63 -57.64 -107.29
CA LEU H 203 26.72 -58.10 -105.91
C LEU H 203 26.49 -56.92 -104.99
N THR H 204 26.02 -57.20 -103.77
CA THR H 204 25.67 -56.15 -102.82
C THR H 204 26.03 -56.60 -101.41
N ARG H 205 26.03 -55.63 -100.50
CA ARG H 205 26.09 -55.86 -99.07
C ARG H 205 25.58 -54.59 -98.39
N PRO H 206 24.95 -54.70 -97.23
CA PRO H 206 24.39 -53.50 -96.59
C PRO H 206 25.48 -52.61 -96.06
N SER H 207 25.27 -51.30 -96.19
CA SER H 207 26.14 -50.32 -95.56
C SER H 207 26.11 -50.50 -94.04
N PRO H 208 27.09 -49.93 -93.33
CA PRO H 208 27.04 -50.03 -91.86
C PRO H 208 25.82 -49.36 -91.26
N ASP H 209 25.26 -48.36 -91.94
CA ASP H 209 24.11 -47.64 -91.42
C ASP H 209 22.78 -48.29 -91.72
N PHE H 210 22.76 -49.37 -92.50
CA PHE H 210 21.51 -50.07 -92.78
C PHE H 210 21.10 -50.91 -91.57
N ASP H 211 19.80 -50.98 -91.33
CA ASP H 211 19.28 -51.77 -90.22
C ASP H 211 17.80 -52.04 -90.42
N PHE H 212 17.35 -53.19 -89.92
CA PHE H 212 15.93 -53.51 -89.89
C PHE H 212 15.29 -52.88 -88.65
N ILE H 213 13.96 -52.80 -88.64
CA ILE H 213 13.34 -51.95 -87.63
C ILE H 213 12.46 -52.68 -86.62
N PHE H 214 11.43 -53.39 -87.05
CA PHE H 214 10.50 -53.98 -86.10
C PHE H 214 10.31 -55.46 -86.35
N LEU H 215 10.58 -56.29 -85.34
CA LEU H 215 10.42 -57.73 -85.43
C LEU H 215 8.95 -58.10 -85.55
N VAL H 216 8.59 -58.92 -86.55
CA VAL H 216 7.20 -59.27 -86.82
C VAL H 216 7.09 -60.70 -87.34
N PRO H 217 5.91 -61.31 -87.30
CA PRO H 217 5.75 -62.72 -87.72
C PRO H 217 6.19 -62.94 -89.16
N PRO H 218 7.09 -63.89 -89.40
CA PRO H 218 7.59 -64.14 -90.74
C PRO H 218 6.53 -64.73 -91.65
N THR H 219 6.64 -64.41 -92.93
CA THR H 219 5.91 -64.97 -94.07
C THR H 219 4.51 -64.37 -94.18
N VAL H 220 4.05 -63.61 -93.17
CA VAL H 220 2.71 -63.07 -93.21
C VAL H 220 2.63 -61.85 -94.12
N GLU H 221 3.63 -60.99 -94.04
CA GLU H 221 3.67 -59.79 -94.88
C GLU H 221 3.96 -60.17 -96.33
N SER H 222 3.01 -59.90 -97.22
CA SER H 222 3.34 -59.91 -98.63
C SER H 222 4.33 -58.79 -98.93
N ARG H 223 4.82 -58.77 -100.16
CA ARG H 223 5.85 -57.87 -100.69
C ARG H 223 7.25 -58.32 -100.27
N THR H 224 7.36 -59.22 -99.29
CA THR H 224 8.63 -59.86 -98.94
C THR H 224 8.66 -61.35 -99.27
N LYS H 225 7.55 -61.93 -99.71
CA LYS H 225 7.55 -63.34 -100.09
C LYS H 225 8.40 -63.52 -101.33
N PRO H 226 9.34 -64.46 -101.35
CA PRO H 226 10.18 -64.65 -102.53
C PRO H 226 9.54 -65.56 -103.57
N PHE H 227 9.84 -65.24 -104.83
CA PHE H 227 9.27 -65.97 -105.96
C PHE H 227 10.05 -67.25 -106.21
N THR H 228 9.33 -68.34 -106.47
CA THR H 228 9.95 -69.61 -106.78
C THR H 228 9.20 -70.28 -107.92
N VAL H 229 9.90 -71.17 -108.61
CA VAL H 229 9.32 -71.95 -109.71
C VAL H 229 9.32 -73.41 -109.30
N PRO H 230 8.21 -74.14 -109.52
CA PRO H 230 8.13 -75.52 -109.03
C PRO H 230 9.21 -76.42 -109.61
N ILE H 231 9.64 -77.38 -108.80
CA ILE H 231 10.73 -78.28 -109.18
C ILE H 231 10.19 -79.50 -109.92
N LEU H 232 8.89 -79.54 -110.19
CA LEU H 232 8.29 -80.66 -110.89
C LEU H 232 8.83 -80.75 -112.30
N THR H 233 8.89 -81.98 -112.82
CA THR H 233 9.38 -82.25 -114.16
C THR H 233 8.22 -82.19 -115.14
N VAL H 234 8.57 -81.99 -116.42
CA VAL H 234 7.57 -81.85 -117.48
C VAL H 234 6.59 -83.03 -117.48
N GLU H 235 7.11 -84.26 -117.39
CA GLU H 235 6.22 -85.42 -117.38
C GLU H 235 5.27 -85.42 -116.19
N GLU H 236 5.71 -84.87 -115.06
CA GLU H 236 4.88 -84.87 -113.86
C GLU H 236 3.83 -83.76 -113.86
N MET H 237 3.84 -82.87 -114.84
CA MET H 237 2.87 -81.79 -114.89
C MET H 237 1.81 -82.08 -115.96
N THR H 238 0.84 -81.17 -116.06
CA THR H 238 -0.34 -81.38 -116.88
C THR H 238 -0.60 -80.11 -117.69
N ASN H 239 -1.17 -80.30 -118.87
CA ASN H 239 -1.53 -79.15 -119.69
C ASN H 239 -2.64 -78.34 -119.03
N SER H 240 -2.60 -77.04 -119.25
CA SER H 240 -3.51 -76.09 -118.63
C SER H 240 -4.69 -75.74 -119.54
N ARG H 241 -4.72 -76.29 -120.75
CA ARG H 241 -5.76 -76.01 -121.73
C ARG H 241 -6.64 -77.21 -122.02
N PHE H 242 -6.29 -78.39 -121.52
CA PHE H 242 -7.05 -79.62 -121.68
C PHE H 242 -6.54 -80.59 -120.62
N PRO H 243 -7.42 -81.38 -120.00
CA PRO H 243 -6.98 -82.27 -118.91
C PRO H 243 -6.08 -83.41 -119.38
N ILE H 244 -4.85 -83.09 -119.76
CA ILE H 244 -3.91 -84.08 -120.29
C ILE H 244 -2.53 -83.81 -119.70
N PRO H 245 -1.70 -84.84 -119.56
CA PRO H 245 -0.32 -84.61 -119.13
C PRO H 245 0.49 -83.90 -120.21
N LEU H 246 1.56 -83.25 -119.77
CA LEU H 246 2.55 -82.71 -120.69
C LEU H 246 3.51 -83.79 -121.13
N GLU H 247 4.15 -83.57 -122.28
CA GLU H 247 5.10 -84.55 -122.81
C GLU H 247 6.39 -83.94 -123.33
N LYS H 248 6.31 -82.82 -124.04
CA LYS H 248 7.52 -82.18 -124.55
C LYS H 248 7.41 -80.67 -124.51
N LEU H 249 8.56 -80.01 -124.66
CA LEU H 249 8.67 -78.58 -124.84
C LEU H 249 8.95 -78.26 -126.31
N PHE H 250 8.24 -77.26 -126.84
CA PHE H 250 8.35 -76.91 -128.25
C PHE H 250 8.48 -75.40 -128.41
N THR H 251 9.41 -74.97 -129.27
CA THR H 251 9.52 -73.59 -129.69
C THR H 251 9.31 -73.49 -131.19
N GLY H 252 8.63 -72.43 -131.62
CA GLY H 252 8.45 -72.16 -133.03
C GLY H 252 8.06 -70.73 -133.30
N PRO H 253 8.22 -70.28 -134.55
CA PRO H 253 7.79 -68.94 -134.91
C PRO H 253 6.28 -68.81 -134.91
N SER H 254 5.80 -67.63 -134.48
CA SER H 254 4.39 -67.39 -134.27
C SER H 254 3.90 -66.16 -135.03
N GLY H 255 4.62 -65.73 -136.07
CA GLY H 255 4.22 -64.55 -136.81
C GLY H 255 2.95 -64.73 -137.63
N ALA H 256 2.72 -65.94 -138.15
CA ALA H 256 1.56 -66.17 -139.02
C ALA H 256 0.26 -66.04 -138.23
N PHE H 257 0.15 -66.76 -137.14
CA PHE H 257 -1.06 -66.90 -136.35
C PHE H 257 -0.97 -66.02 -135.08
N VAL H 258 -2.06 -65.98 -134.32
CA VAL H 258 -2.15 -65.16 -133.11
C VAL H 258 -2.29 -66.03 -131.87
N VAL H 259 -1.27 -66.00 -131.01
CA VAL H 259 -1.20 -66.83 -129.81
C VAL H 259 -1.94 -66.08 -128.71
N GLN H 260 -3.19 -66.47 -128.44
CA GLN H 260 -3.96 -65.74 -127.43
C GLN H 260 -4.84 -66.67 -126.59
N PRO H 261 -4.30 -67.73 -126.00
CA PRO H 261 -5.14 -68.64 -125.21
C PRO H 261 -5.76 -67.94 -124.01
N GLN H 262 -6.84 -68.52 -123.51
CA GLN H 262 -7.52 -68.03 -122.31
C GLN H 262 -7.48 -69.00 -121.14
N ASN H 263 -6.96 -70.21 -121.35
CA ASN H 263 -6.69 -71.14 -120.27
C ASN H 263 -5.18 -71.19 -120.03
N GLY H 264 -4.80 -71.48 -118.80
CA GLY H 264 -3.38 -71.42 -118.46
C GLY H 264 -2.82 -70.03 -118.62
N ARG H 265 -3.55 -69.03 -118.15
CA ARG H 265 -3.10 -67.63 -118.12
C ARG H 265 -3.08 -67.15 -116.68
N CYS H 266 -1.87 -66.96 -116.14
CA CYS H 266 -1.71 -66.54 -114.77
C CYS H 266 -0.41 -65.75 -114.69
N THR H 267 -0.43 -64.68 -113.91
CA THR H 267 0.72 -63.81 -113.73
C THR H 267 1.61 -64.33 -112.59
N THR H 268 2.90 -63.98 -112.68
CA THR H 268 3.89 -64.43 -111.71
C THR H 268 3.47 -64.17 -110.26
N ASP H 269 2.83 -63.03 -109.98
CA ASP H 269 2.38 -62.78 -108.63
C ASP H 269 0.98 -63.32 -108.35
N GLY H 270 0.47 -64.20 -109.20
CA GLY H 270 -0.69 -65.01 -108.87
C GLY H 270 -2.05 -64.45 -109.20
N VAL H 271 -2.14 -63.53 -110.16
CA VAL H 271 -3.43 -63.04 -110.64
C VAL H 271 -3.86 -63.88 -111.83
N LEU H 272 -5.00 -64.54 -111.71
CA LEU H 272 -5.54 -65.34 -112.80
C LEU H 272 -6.16 -64.44 -113.85
N LEU H 273 -6.06 -64.86 -115.12
CA LEU H 273 -6.51 -64.07 -116.24
C LEU H 273 -7.37 -64.93 -117.17
N GLY H 274 -8.18 -64.25 -117.98
CA GLY H 274 -9.01 -64.97 -118.94
C GLY H 274 -9.99 -65.89 -118.24
N THR H 275 -10.07 -67.14 -118.73
CA THR H 275 -10.96 -68.14 -118.18
C THR H 275 -10.23 -69.11 -117.25
N THR H 276 -9.10 -68.70 -116.68
CA THR H 276 -8.24 -69.62 -115.97
C THR H 276 -8.77 -69.89 -114.56
N GLN H 277 -8.76 -71.16 -114.18
CA GLN H 277 -9.14 -71.59 -112.84
C GLN H 277 -8.11 -72.62 -112.37
N LEU H 278 -8.29 -73.12 -111.16
CA LEU H 278 -7.22 -73.86 -110.50
C LEU H 278 -7.31 -75.37 -110.70
N SER H 279 -8.49 -75.90 -110.98
CA SER H 279 -8.64 -77.35 -111.06
C SER H 279 -8.16 -77.86 -112.41
N PRO H 280 -7.23 -78.82 -112.44
CA PRO H 280 -6.76 -79.36 -113.72
C PRO H 280 -7.76 -80.29 -114.39
N VAL H 281 -8.85 -80.62 -113.73
CA VAL H 281 -9.82 -81.58 -114.24
C VAL H 281 -10.97 -80.84 -114.93
N ASN H 282 -11.27 -79.63 -114.47
CA ASN H 282 -12.39 -78.85 -114.97
C ASN H 282 -12.03 -77.97 -116.17
N ILE H 283 -10.97 -78.31 -116.92
CA ILE H 283 -10.45 -77.37 -117.92
C ILE H 283 -11.19 -77.47 -119.25
N CYS H 284 -12.11 -78.41 -119.40
CA CYS H 284 -13.05 -78.42 -120.53
C CYS H 284 -14.32 -79.16 -120.11
N THR H 285 -14.84 -78.83 -118.95
CA THR H 285 -16.01 -79.47 -118.38
C THR H 285 -17.19 -78.52 -118.49
N PHE H 286 -18.39 -79.09 -118.47
CA PHE H 286 -19.61 -78.31 -118.41
C PHE H 286 -20.58 -78.99 -117.45
N ARG H 287 -21.29 -78.18 -116.67
CA ARG H 287 -22.29 -78.71 -115.75
C ARG H 287 -23.55 -77.86 -115.85
N GLY H 288 -24.71 -78.52 -115.85
CA GLY H 288 -25.96 -77.78 -115.89
C GLY H 288 -27.12 -78.70 -116.19
N ASP H 289 -28.25 -78.08 -116.56
CA ASP H 289 -29.47 -78.75 -116.95
C ASP H 289 -29.52 -78.85 -118.47
N VAL H 290 -30.12 -79.94 -118.96
CA VAL H 290 -30.07 -80.24 -120.39
C VAL H 290 -31.49 -80.33 -120.95
N THR H 291 -31.61 -79.99 -122.23
CA THR H 291 -32.90 -79.91 -122.92
C THR H 291 -32.77 -80.49 -124.33
N HIS H 292 -33.76 -81.30 -124.72
CA HIS H 292 -33.76 -81.91 -126.05
C HIS H 292 -34.18 -80.92 -127.12
N ILE H 293 -33.56 -81.06 -128.30
CA ILE H 293 -33.96 -80.33 -129.50
C ILE H 293 -34.71 -81.29 -130.41
N ALA H 294 -35.96 -80.96 -130.70
CA ALA H 294 -36.92 -81.91 -131.27
C ALA H 294 -36.47 -82.43 -132.63
N GLY H 295 -36.48 -83.76 -132.77
CA GLY H 295 -36.22 -84.42 -134.04
C GLY H 295 -34.77 -84.73 -134.30
N THR H 296 -33.86 -84.37 -133.41
CA THR H 296 -32.43 -84.53 -133.61
C THR H 296 -31.85 -85.30 -132.44
N HIS H 297 -30.54 -85.58 -132.53
CA HIS H 297 -29.79 -86.12 -131.41
C HIS H 297 -29.05 -85.02 -130.64
N ASP H 298 -29.50 -83.78 -130.78
CA ASP H 298 -28.86 -82.63 -130.17
C ASP H 298 -29.55 -82.27 -128.87
N TYR H 299 -28.77 -81.74 -127.93
CA TYR H 299 -29.31 -81.19 -126.69
C TYR H 299 -28.71 -79.83 -126.41
N THR H 300 -29.49 -78.97 -125.78
CA THR H 300 -29.03 -77.65 -125.35
C THR H 300 -28.91 -77.67 -123.83
N MET H 301 -27.74 -77.30 -123.33
CA MET H 301 -27.45 -77.32 -121.90
C MET H 301 -27.38 -75.89 -121.37
N ASN H 302 -28.21 -75.59 -120.37
CA ASN H 302 -28.14 -74.32 -119.65
C ASN H 302 -27.11 -74.43 -118.53
N LEU H 303 -26.10 -73.58 -118.57
CA LEU H 303 -24.89 -73.79 -117.80
C LEU H 303 -25.07 -73.35 -116.35
N ALA H 304 -24.37 -74.04 -115.47
CA ALA H 304 -24.15 -73.64 -114.08
C ALA H 304 -22.65 -73.56 -113.84
N SER H 305 -22.27 -72.99 -112.70
CA SER H 305 -20.86 -72.81 -112.40
C SER H 305 -20.19 -74.17 -112.17
N GLN H 306 -18.86 -74.15 -112.02
CA GLN H 306 -18.12 -75.40 -111.83
C GLN H 306 -18.65 -76.16 -110.62
N ASN H 307 -18.90 -75.46 -109.52
CA ASN H 307 -19.80 -75.95 -108.48
C ASN H 307 -21.25 -75.67 -108.88
N TRP H 308 -22.16 -76.54 -108.47
CA TRP H 308 -23.53 -76.52 -109.02
C TRP H 308 -24.31 -75.35 -108.41
N ASN H 309 -23.96 -74.15 -108.89
CA ASN H 309 -24.64 -72.91 -108.57
C ASN H 309 -24.94 -72.19 -109.87
N ASN H 310 -26.02 -71.41 -109.89
CA ASN H 310 -26.42 -70.71 -111.10
C ASN H 310 -25.26 -69.87 -111.63
N TYR H 311 -25.19 -69.74 -112.96
CA TYR H 311 -24.12 -69.01 -113.62
C TYR H 311 -24.53 -67.56 -113.87
N ASP H 312 -23.64 -66.64 -113.49
CA ASP H 312 -23.90 -65.21 -113.62
C ASP H 312 -23.11 -64.68 -114.81
N PRO H 313 -23.77 -64.18 -115.87
CA PRO H 313 -23.04 -63.73 -117.05
C PRO H 313 -22.50 -62.31 -116.98
N THR H 314 -22.76 -61.57 -115.91
CA THR H 314 -22.28 -60.19 -115.81
C THR H 314 -20.83 -60.09 -115.35
N GLU H 315 -20.21 -61.23 -115.00
CA GLU H 315 -18.85 -61.22 -114.49
C GLU H 315 -17.88 -60.65 -115.52
N GLU H 316 -16.84 -59.97 -115.02
CA GLU H 316 -15.82 -59.37 -115.88
C GLU H 316 -14.87 -60.46 -116.40
N ILE H 317 -15.47 -61.45 -117.04
CA ILE H 317 -14.75 -62.63 -117.54
C ILE H 317 -15.23 -62.89 -118.96
N PRO H 318 -14.38 -63.39 -119.86
CA PRO H 318 -14.88 -63.71 -121.22
C PRO H 318 -15.88 -64.84 -121.24
N ALA H 319 -15.85 -65.76 -120.28
CA ALA H 319 -16.71 -66.93 -120.25
C ALA H 319 -16.59 -67.62 -118.91
N PRO H 320 -17.42 -68.62 -118.58
CA PRO H 320 -17.21 -69.36 -117.34
C PRO H 320 -15.83 -70.01 -117.32
N LEU H 321 -15.26 -70.10 -116.11
CA LEU H 321 -13.89 -70.57 -115.98
C LEU H 321 -13.76 -72.00 -116.46
N GLY H 322 -12.77 -72.25 -117.30
CA GLY H 322 -12.54 -73.55 -117.90
C GLY H 322 -13.18 -73.76 -119.25
N THR H 323 -13.84 -72.74 -119.79
CA THR H 323 -14.43 -72.85 -121.12
C THR H 323 -13.34 -73.05 -122.16
N PRO H 324 -13.49 -73.99 -123.09
CA PRO H 324 -12.46 -74.20 -124.11
C PRO H 324 -12.08 -72.90 -124.82
N ASP H 325 -10.81 -72.78 -125.19
CA ASP H 325 -10.25 -71.56 -125.74
C ASP H 325 -9.72 -71.78 -127.16
N PHE H 326 -10.29 -72.74 -127.88
CA PHE H 326 -9.94 -73.00 -129.27
C PHE H 326 -11.18 -73.45 -130.01
N VAL H 327 -11.15 -73.35 -131.33
CA VAL H 327 -12.25 -73.81 -132.15
C VAL H 327 -11.98 -75.24 -132.61
N GLY H 328 -12.96 -76.11 -132.40
CA GLY H 328 -12.85 -77.50 -132.76
C GLY H 328 -14.05 -78.24 -132.22
N LYS H 329 -14.10 -79.53 -132.54
CA LYS H 329 -15.18 -80.39 -132.04
C LYS H 329 -14.57 -81.33 -131.01
N ILE H 330 -14.99 -81.16 -129.75
CA ILE H 330 -14.50 -81.95 -128.63
C ILE H 330 -15.53 -83.03 -128.30
N GLN H 331 -15.11 -84.29 -128.38
CA GLN H 331 -15.98 -85.40 -128.05
C GLN H 331 -15.74 -85.82 -126.61
N GLY H 332 -16.82 -86.16 -125.91
CA GLY H 332 -16.73 -86.65 -124.54
C GLY H 332 -17.91 -87.52 -124.19
N VAL H 333 -18.40 -87.37 -122.95
CA VAL H 333 -19.50 -88.20 -122.44
C VAL H 333 -20.33 -87.33 -121.50
N LEU H 334 -21.64 -87.31 -121.73
CA LEU H 334 -22.59 -86.70 -120.81
C LEU H 334 -23.04 -87.72 -119.77
N THR H 335 -23.08 -87.30 -118.51
CA THR H 335 -23.56 -88.15 -117.41
C THR H 335 -24.59 -87.39 -116.60
N GLN H 336 -25.58 -88.11 -116.08
CA GLN H 336 -26.74 -87.51 -115.44
C GLN H 336 -27.19 -88.42 -114.29
N THR H 337 -27.71 -87.81 -113.23
CA THR H 337 -28.15 -88.56 -112.06
C THR H 337 -29.48 -88.02 -111.54
N THR H 338 -30.41 -88.94 -111.26
CA THR H 338 -31.72 -88.63 -110.72
C THR H 338 -31.67 -88.60 -109.21
N ARG H 339 -32.18 -87.51 -108.61
CA ARG H 339 -32.06 -87.31 -107.17
C ARG H 339 -32.79 -88.37 -106.34
N GLY H 340 -33.79 -89.05 -106.89
CA GLY H 340 -34.55 -89.96 -106.05
C GLY H 340 -34.20 -91.44 -106.09
N ASP H 341 -34.22 -92.06 -107.26
CA ASP H 341 -33.92 -93.48 -107.36
C ASP H 341 -32.43 -93.77 -107.50
N GLY H 342 -31.63 -92.79 -107.87
CA GLY H 342 -30.23 -93.01 -108.14
C GLY H 342 -29.92 -93.59 -109.50
N SER H 343 -30.85 -93.48 -110.46
CA SER H 343 -30.59 -93.90 -111.83
C SER H 343 -29.53 -93.02 -112.47
N THR H 344 -28.67 -93.64 -113.28
CA THR H 344 -27.57 -92.94 -113.93
C THR H 344 -27.57 -93.27 -115.42
N ARG H 345 -27.25 -92.26 -116.23
CA ARG H 345 -27.26 -92.38 -117.69
C ARG H 345 -25.98 -91.79 -118.25
N GLY H 346 -25.40 -92.45 -119.25
CA GLY H 346 -24.18 -91.96 -119.86
C GLY H 346 -24.10 -92.20 -121.35
N HIS H 347 -23.90 -91.13 -122.12
CA HIS H 347 -24.03 -91.19 -123.58
C HIS H 347 -22.96 -90.38 -124.27
N LYS H 348 -22.32 -90.99 -125.27
CA LYS H 348 -21.40 -90.31 -126.17
C LYS H 348 -21.97 -88.98 -126.66
N ALA H 349 -21.15 -87.93 -126.59
CA ALA H 349 -21.61 -86.60 -126.95
C ALA H 349 -20.45 -85.80 -127.52
N THR H 350 -20.79 -84.71 -128.22
CA THR H 350 -19.81 -83.90 -128.92
C THR H 350 -20.27 -82.45 -128.92
N VAL H 351 -19.36 -81.54 -128.58
CA VAL H 351 -19.60 -80.10 -128.64
C VAL H 351 -18.71 -79.49 -129.70
N SER H 352 -19.29 -78.68 -130.58
CA SER H 352 -18.56 -77.89 -131.55
C SER H 352 -18.48 -76.46 -131.06
N THR H 353 -17.27 -75.98 -130.80
CA THR H 353 -17.09 -74.61 -130.34
C THR H 353 -17.22 -73.58 -131.46
N GLY H 354 -17.23 -74.01 -132.72
CA GLY H 354 -17.47 -73.11 -133.83
C GLY H 354 -18.91 -72.96 -134.23
N SER H 355 -19.79 -73.80 -133.68
CA SER H 355 -21.23 -73.68 -133.92
C SER H 355 -21.76 -72.35 -133.39
N VAL H 356 -22.75 -71.82 -134.10
CA VAL H 356 -23.38 -70.55 -133.71
C VAL H 356 -24.15 -70.69 -132.42
N HIS H 357 -24.44 -71.92 -131.99
CA HIS H 357 -25.15 -72.18 -130.75
C HIS H 357 -24.20 -72.44 -129.57
N PHE H 358 -22.90 -72.29 -129.79
CA PHE H 358 -21.90 -72.35 -128.72
C PHE H 358 -21.74 -70.94 -128.16
N THR H 359 -22.54 -70.61 -127.15
CA THR H 359 -22.56 -69.29 -126.52
C THR H 359 -22.41 -69.45 -125.02
N PRO H 360 -21.24 -69.83 -124.53
CA PRO H 360 -21.10 -70.06 -123.08
C PRO H 360 -21.18 -68.79 -122.25
N LYS H 361 -20.84 -67.64 -122.83
CA LYS H 361 -21.01 -66.38 -122.11
C LYS H 361 -22.48 -66.13 -121.77
N LEU H 362 -23.39 -66.58 -122.64
CA LEU H 362 -24.82 -66.35 -122.43
C LEU H 362 -25.45 -67.41 -121.56
N GLY H 363 -24.81 -68.58 -121.42
CA GLY H 363 -25.24 -69.56 -120.45
C GLY H 363 -25.69 -70.88 -121.07
N SER H 364 -25.52 -71.02 -122.38
CA SER H 364 -26.04 -72.17 -123.10
C SER H 364 -25.00 -72.72 -124.05
N VAL H 365 -24.91 -74.05 -124.11
CA VAL H 365 -24.04 -74.75 -125.05
C VAL H 365 -24.84 -75.91 -125.63
N GLN H 366 -24.51 -76.28 -126.86
CA GLN H 366 -25.23 -77.31 -127.60
C GLN H 366 -24.31 -78.50 -127.85
N PHE H 367 -24.77 -79.69 -127.45
CA PHE H 367 -24.10 -80.94 -127.73
C PHE H 367 -24.90 -81.74 -128.74
N THR H 368 -24.22 -82.61 -129.48
CA THR H 368 -24.86 -83.62 -130.31
C THR H 368 -24.53 -85.00 -129.74
N THR H 369 -25.57 -85.75 -129.40
CA THR H 369 -25.45 -86.97 -128.62
C THR H 369 -25.81 -88.18 -129.49
N ASP H 370 -25.80 -89.36 -128.87
CA ASP H 370 -26.19 -90.59 -129.53
C ASP H 370 -27.58 -91.09 -129.13
N THR H 371 -28.40 -90.22 -128.54
CA THR H 371 -29.79 -90.55 -128.25
C THR H 371 -30.66 -89.30 -128.37
N ASN H 372 -31.95 -89.53 -128.60
CA ASN H 372 -32.94 -88.48 -128.58
C ASN H 372 -33.86 -88.60 -127.37
N ASN H 373 -33.63 -89.61 -126.53
CA ASN H 373 -34.30 -89.73 -125.25
C ASN H 373 -33.20 -90.12 -124.26
N ASP H 374 -33.60 -90.63 -123.10
CA ASP H 374 -32.68 -91.07 -122.04
C ASP H 374 -31.85 -89.92 -121.46
N LEU H 375 -32.33 -88.69 -121.54
CA LEU H 375 -31.72 -87.57 -120.81
C LEU H 375 -32.81 -86.70 -120.22
N GLU H 376 -33.03 -86.83 -118.92
CA GLU H 376 -34.14 -86.13 -118.28
C GLU H 376 -33.82 -84.64 -118.20
N THR H 377 -34.87 -83.83 -118.05
CA THR H 377 -34.69 -82.38 -118.18
C THR H 377 -34.29 -81.72 -116.87
N GLY H 378 -34.90 -82.07 -115.76
CA GLY H 378 -34.64 -81.36 -114.53
C GLY H 378 -33.37 -81.70 -113.79
N GLN H 379 -32.61 -82.67 -114.29
CA GLN H 379 -31.45 -83.18 -113.56
C GLN H 379 -30.15 -82.53 -114.02
N ASN H 380 -29.19 -82.46 -113.11
CA ASN H 380 -27.87 -81.92 -113.39
C ASN H 380 -27.06 -82.88 -114.25
N THR H 381 -26.33 -82.33 -115.22
CA THR H 381 -25.61 -83.13 -116.20
C THR H 381 -24.20 -82.59 -116.37
N LYS H 382 -23.24 -83.49 -116.50
CA LYS H 382 -21.81 -83.15 -116.58
C LYS H 382 -21.22 -83.69 -117.87
N PHE H 383 -20.55 -82.82 -118.62
CA PHE H 383 -19.79 -83.21 -119.79
C PHE H 383 -18.34 -83.46 -119.40
N THR H 384 -17.89 -84.71 -119.53
CA THR H 384 -16.49 -85.06 -119.31
C THR H 384 -15.77 -85.15 -120.64
N PRO H 385 -14.78 -84.30 -120.90
CA PRO H 385 -14.08 -84.36 -122.20
C PRO H 385 -13.12 -85.54 -122.28
N VAL H 386 -12.88 -85.97 -123.52
CA VAL H 386 -12.00 -87.11 -123.76
C VAL H 386 -11.00 -86.76 -124.86
N GLY H 387 -11.48 -86.18 -125.95
CA GLY H 387 -10.61 -85.96 -127.09
C GLY H 387 -11.26 -85.05 -128.11
N VAL H 388 -10.57 -84.91 -129.24
CA VAL H 388 -10.99 -84.02 -130.32
C VAL H 388 -11.18 -84.86 -131.59
N VAL H 389 -12.03 -84.37 -132.49
CA VAL H 389 -12.40 -85.08 -133.70
C VAL H 389 -12.28 -84.15 -134.90
N GLN H 390 -12.20 -84.76 -136.08
CA GLN H 390 -12.01 -84.03 -137.32
C GLN H 390 -12.84 -84.66 -138.43
N ASP H 391 -13.46 -83.82 -139.25
CA ASP H 391 -14.21 -84.28 -140.42
C ASP H 391 -13.25 -84.75 -141.50
N GLY H 392 -13.26 -86.06 -141.79
CA GLY H 392 -12.22 -86.67 -142.58
C GLY H 392 -12.20 -86.27 -144.04
N ASN H 393 -13.30 -85.71 -144.55
CA ASN H 393 -13.40 -85.36 -145.96
C ASN H 393 -12.75 -84.03 -146.30
N SER H 394 -12.50 -83.18 -145.30
CA SER H 394 -11.82 -81.92 -145.53
C SER H 394 -10.32 -82.12 -145.37
N ALA H 395 -9.55 -81.03 -145.43
CA ALA H 395 -8.09 -81.11 -145.38
C ALA H 395 -7.64 -81.74 -144.07
N HIS H 396 -6.67 -82.64 -144.16
CA HIS H 396 -6.18 -83.33 -142.98
C HIS H 396 -5.47 -82.37 -142.04
N GLN H 397 -5.80 -82.47 -140.75
CA GLN H 397 -5.18 -81.66 -139.68
C GLN H 397 -5.52 -80.18 -139.80
N ASN H 398 -6.78 -79.86 -140.11
CA ASN H 398 -7.18 -78.48 -140.28
C ASN H 398 -8.30 -78.02 -139.37
N GLU H 399 -8.97 -78.94 -138.66
CA GLU H 399 -10.19 -78.55 -137.96
C GLU H 399 -9.90 -77.95 -136.59
N PRO H 400 -9.15 -78.62 -135.69
CA PRO H 400 -8.91 -78.01 -134.38
C PRO H 400 -7.80 -76.98 -134.47
N GLN H 401 -8.20 -75.71 -134.54
CA GLN H 401 -7.29 -74.58 -134.66
C GLN H 401 -7.07 -74.01 -133.26
N GLN H 402 -5.97 -74.43 -132.62
CA GLN H 402 -5.79 -74.12 -131.21
C GLN H 402 -5.62 -72.62 -130.97
N TRP H 403 -5.11 -71.90 -131.96
CA TRP H 403 -4.85 -70.47 -131.81
C TRP H 403 -5.95 -69.60 -132.38
N VAL H 404 -7.13 -70.17 -132.61
CA VAL H 404 -8.30 -69.43 -133.05
C VAL H 404 -9.30 -69.43 -131.89
N LEU H 405 -9.65 -68.25 -131.42
CA LEU H 405 -10.55 -68.21 -130.27
C LEU H 405 -11.99 -68.46 -130.72
N PRO H 406 -12.75 -69.22 -129.95
CA PRO H 406 -14.21 -69.28 -130.16
C PRO H 406 -14.84 -67.93 -129.86
N ASN H 407 -16.08 -67.79 -130.31
CA ASN H 407 -16.88 -66.60 -130.04
C ASN H 407 -17.76 -66.91 -128.84
N TYR H 408 -17.33 -66.43 -127.67
CA TYR H 408 -17.92 -66.86 -126.41
C TYR H 408 -19.37 -66.43 -126.28
N SER H 409 -19.79 -65.40 -127.01
CA SER H 409 -21.18 -64.98 -127.07
C SER H 409 -21.81 -65.27 -128.43
N GLY H 410 -21.28 -66.29 -129.12
CA GLY H 410 -21.72 -66.60 -130.47
C GLY H 410 -21.75 -65.38 -131.37
N ARG H 411 -22.74 -65.36 -132.27
CA ARG H 411 -22.90 -64.22 -133.16
C ARG H 411 -23.26 -62.93 -132.43
N THR H 412 -23.77 -63.02 -131.21
CA THR H 412 -24.17 -61.84 -130.46
C THR H 412 -22.92 -61.15 -129.92
N GLY H 413 -22.69 -59.90 -130.33
CA GLY H 413 -21.56 -59.15 -129.82
C GLY H 413 -20.21 -59.85 -130.06
N HIS H 414 -19.19 -59.28 -129.45
CA HIS H 414 -17.84 -59.81 -129.57
C HIS H 414 -17.30 -60.24 -128.21
N ASN H 415 -16.18 -60.97 -128.24
CA ASN H 415 -15.51 -61.40 -127.03
C ASN H 415 -14.95 -60.20 -126.26
N VAL H 416 -15.05 -60.26 -124.93
CA VAL H 416 -14.62 -59.15 -124.08
C VAL H 416 -13.71 -59.69 -122.97
N HIS H 417 -13.09 -58.76 -122.26
CA HIS H 417 -12.21 -59.03 -121.12
C HIS H 417 -11.26 -60.20 -121.38
N LEU H 418 -10.63 -60.17 -122.56
CA LEU H 418 -9.72 -61.23 -122.96
C LEU H 418 -8.34 -61.02 -122.34
N ALA H 419 -7.65 -62.12 -122.07
CA ALA H 419 -6.24 -62.05 -121.75
C ALA H 419 -5.46 -61.60 -122.99
N PRO H 420 -4.40 -60.81 -122.81
CA PRO H 420 -3.72 -60.23 -123.97
C PRO H 420 -3.08 -61.32 -124.83
N ALA H 421 -2.81 -60.95 -126.09
CA ALA H 421 -2.04 -61.83 -126.94
C ALA H 421 -0.57 -61.81 -126.50
N VAL H 422 0.19 -62.76 -127.03
CA VAL H 422 1.53 -63.04 -126.54
C VAL H 422 2.46 -63.23 -127.73
N ALA H 423 3.58 -62.51 -127.73
CA ALA H 423 4.54 -62.61 -128.81
C ALA H 423 5.93 -62.26 -128.25
N PRO H 424 6.98 -62.84 -128.81
CA PRO H 424 8.33 -62.42 -128.44
C PRO H 424 8.59 -60.97 -128.84
N THR H 425 9.30 -60.25 -127.98
CA THR H 425 9.58 -58.83 -128.18
C THR H 425 11.03 -58.54 -128.50
N PHE H 426 11.95 -59.46 -128.20
CA PHE H 426 13.39 -59.35 -128.31
C PHE H 426 13.90 -60.07 -129.56
N PRO H 427 14.84 -59.44 -130.26
CA PRO H 427 15.42 -60.05 -131.47
C PRO H 427 15.96 -61.45 -131.19
N GLY H 428 15.59 -62.39 -132.07
CA GLY H 428 16.12 -63.73 -132.01
C GLY H 428 15.33 -64.69 -131.14
N GLU H 429 14.24 -64.22 -130.53
CA GLU H 429 13.52 -64.97 -129.51
C GLU H 429 12.18 -65.49 -130.05
N GLN H 430 11.80 -66.69 -129.60
CA GLN H 430 10.50 -67.27 -129.89
C GLN H 430 9.85 -67.72 -128.59
N LEU H 431 8.53 -67.86 -128.65
CA LEU H 431 7.80 -68.44 -127.52
C LEU H 431 8.27 -69.86 -127.25
N LEU H 432 8.21 -70.25 -125.97
CA LEU H 432 8.44 -71.63 -125.56
C LEU H 432 7.12 -72.21 -125.06
N PHE H 433 6.66 -73.27 -125.70
CA PHE H 433 5.36 -73.86 -125.43
C PHE H 433 5.53 -75.17 -124.68
N PHE H 434 4.62 -75.43 -123.75
CA PHE H 434 4.51 -76.73 -123.11
C PHE H 434 3.50 -77.56 -123.90
N ARG H 435 3.99 -78.56 -124.63
CA ARG H 435 3.19 -79.21 -125.67
C ARG H 435 2.63 -80.54 -125.20
N SER H 436 1.34 -80.72 -125.43
CA SER H 436 0.60 -81.91 -125.09
C SER H 436 -0.09 -82.38 -126.36
N THR H 437 -0.44 -83.67 -126.43
CA THR H 437 -1.17 -84.20 -127.59
C THR H 437 -2.54 -84.70 -127.14
N MET H 438 -3.58 -84.10 -127.71
CA MET H 438 -4.94 -84.48 -127.37
C MET H 438 -5.29 -85.82 -128.00
N PRO H 439 -6.05 -86.67 -127.31
CA PRO H 439 -6.53 -87.91 -127.93
C PRO H 439 -7.43 -87.59 -129.12
N GLY H 440 -7.19 -88.29 -130.23
CA GLY H 440 -8.10 -88.23 -131.36
C GLY H 440 -9.14 -89.34 -131.28
N CYS H 441 -10.38 -88.99 -131.64
CA CYS H 441 -11.49 -89.92 -131.55
C CYS H 441 -12.05 -90.36 -132.89
N SER H 442 -11.79 -89.58 -133.95
CA SER H 442 -12.21 -89.91 -135.30
C SER H 442 -11.67 -88.86 -136.27
N GLY H 443 -11.28 -89.28 -137.47
CA GLY H 443 -10.79 -88.34 -138.45
C GLY H 443 -9.28 -88.21 -138.42
N TYR H 444 -8.78 -87.06 -138.85
CA TYR H 444 -7.35 -86.77 -138.90
C TYR H 444 -7.10 -85.42 -138.22
N PRO H 445 -7.29 -85.35 -136.91
CA PRO H 445 -7.30 -84.05 -136.23
C PRO H 445 -5.91 -83.55 -135.91
N ASN H 446 -5.83 -82.22 -135.76
CA ASN H 446 -4.58 -81.55 -135.39
C ASN H 446 -4.42 -81.72 -133.88
N MET H 447 -3.68 -82.76 -133.49
CA MET H 447 -3.66 -83.21 -132.11
C MET H 447 -2.75 -82.39 -131.22
N ASN H 448 -2.04 -81.40 -131.77
CA ASN H 448 -1.13 -80.57 -130.99
C ASN H 448 -1.89 -79.58 -130.13
N LEU H 449 -1.58 -79.54 -128.83
CA LEU H 449 -2.06 -78.50 -127.94
C LEU H 449 -0.91 -77.89 -127.18
N ASP H 450 -0.70 -76.58 -127.35
CA ASP H 450 0.35 -75.84 -126.68
C ASP H 450 -0.25 -74.90 -125.66
N CYS H 451 0.25 -74.94 -124.42
CA CYS H 451 -0.11 -73.96 -123.40
C CYS H 451 1.11 -73.15 -122.97
N LEU H 452 0.85 -71.97 -122.42
CA LEU H 452 1.92 -71.05 -122.04
C LEU H 452 2.54 -71.40 -120.70
N LEU H 453 1.75 -71.97 -119.78
CA LEU H 453 2.21 -72.37 -118.45
C LEU H 453 1.54 -73.69 -118.08
N PRO H 454 2.30 -74.63 -117.52
CA PRO H 454 1.66 -75.83 -116.95
C PRO H 454 0.70 -75.45 -115.82
N GLN H 455 -0.33 -76.28 -115.65
CA GLN H 455 -1.37 -75.98 -114.66
C GLN H 455 -0.78 -75.95 -113.26
N GLU H 456 0.20 -76.82 -112.97
CA GLU H 456 0.87 -76.79 -111.68
C GLU H 456 1.60 -75.47 -111.45
N TRP H 457 2.12 -74.84 -112.51
CA TRP H 457 2.70 -73.52 -112.36
C TRP H 457 1.63 -72.49 -112.02
N VAL H 458 0.46 -72.60 -112.65
CA VAL H 458 -0.65 -71.69 -112.35
C VAL H 458 -1.04 -71.82 -110.88
N LEU H 459 -1.20 -73.06 -110.41
CA LEU H 459 -1.50 -73.31 -109.00
C LEU H 459 -0.44 -72.69 -108.10
N HIS H 460 0.84 -72.87 -108.45
CA HIS H 460 1.91 -72.38 -107.61
C HIS H 460 1.90 -70.85 -107.52
N PHE H 461 1.82 -70.18 -108.68
CA PHE H 461 1.78 -68.73 -108.68
C PHE H 461 0.59 -68.21 -107.91
N TYR H 462 -0.57 -68.87 -108.05
CA TYR H 462 -1.77 -68.41 -107.37
C TYR H 462 -1.59 -68.43 -105.86
N GLN H 463 -1.05 -69.53 -105.32
CA GLN H 463 -0.94 -69.65 -103.87
C GLN H 463 0.19 -68.79 -103.32
N GLU H 464 1.34 -68.81 -103.97
CA GLU H 464 2.50 -68.02 -103.54
C GLU H 464 2.44 -66.70 -104.30
N ALA H 465 1.83 -65.68 -103.67
CA ALA H 465 1.56 -64.42 -104.35
C ALA H 465 2.79 -63.52 -104.34
N ALA H 466 3.89 -64.07 -104.85
CA ALA H 466 5.19 -63.42 -104.74
C ALA H 466 5.30 -62.22 -105.67
N PRO H 467 5.53 -61.02 -105.16
CA PRO H 467 5.69 -59.85 -106.05
C PRO H 467 6.95 -59.97 -106.88
N ALA H 468 6.83 -59.66 -108.17
CA ALA H 468 7.98 -59.65 -109.06
C ALA H 468 8.75 -58.35 -108.91
N GLN H 469 10.05 -58.44 -108.60
CA GLN H 469 10.86 -57.23 -108.50
C GLN H 469 11.26 -56.69 -109.87
N SER H 470 11.01 -57.44 -110.93
CA SER H 470 11.18 -56.91 -112.29
C SER H 470 10.32 -57.76 -113.22
N ASP H 471 10.33 -57.39 -114.51
CA ASP H 471 9.36 -57.97 -115.43
C ASP H 471 9.74 -59.35 -115.96
N VAL H 472 10.97 -59.83 -115.76
CA VAL H 472 11.37 -61.11 -116.32
C VAL H 472 12.16 -61.88 -115.27
N ALA H 473 11.83 -63.16 -115.10
CA ALA H 473 12.59 -64.08 -114.27
C ALA H 473 13.42 -64.99 -115.18
N LEU H 474 14.74 -64.92 -115.04
CA LEU H 474 15.64 -65.77 -115.82
C LEU H 474 15.65 -67.17 -115.23
N LEU H 475 15.27 -68.15 -116.04
CA LEU H 475 15.28 -69.55 -115.64
C LEU H 475 16.28 -70.33 -116.48
N ARG H 476 16.93 -71.30 -115.86
CA ARG H 476 17.80 -72.23 -116.57
C ARG H 476 17.31 -73.65 -116.36
N PHE H 477 17.31 -74.43 -117.43
CA PHE H 477 16.83 -75.81 -117.39
C PHE H 477 18.03 -76.74 -117.22
N VAL H 478 18.01 -77.53 -116.15
CA VAL H 478 19.19 -78.26 -115.69
C VAL H 478 18.89 -79.75 -115.69
N ASN H 479 19.89 -80.54 -116.07
CA ASN H 479 19.83 -81.98 -115.91
C ASN H 479 20.41 -82.32 -114.55
N PRO H 480 19.60 -82.71 -113.56
CA PRO H 480 20.14 -82.89 -112.21
C PRO H 480 21.12 -84.04 -112.09
N ASP H 481 21.09 -85.00 -113.02
CA ASP H 481 22.07 -86.07 -113.02
C ASP H 481 23.46 -85.54 -113.36
N THR H 482 23.58 -84.78 -114.44
CA THR H 482 24.86 -84.31 -114.91
C THR H 482 25.24 -82.93 -114.37
N GLY H 483 24.30 -82.20 -113.78
CA GLY H 483 24.57 -80.85 -113.34
C GLY H 483 24.62 -79.80 -114.44
N ARG H 484 24.39 -80.20 -115.69
CA ARG H 484 24.58 -79.31 -116.83
C ARG H 484 23.31 -78.53 -117.15
N VAL H 485 23.51 -77.30 -117.62
CA VAL H 485 22.42 -76.44 -118.08
C VAL H 485 22.11 -76.77 -119.52
N LEU H 486 20.84 -77.03 -119.81
CA LEU H 486 20.45 -77.39 -121.18
C LEU H 486 20.10 -76.15 -122.00
N PHE H 487 19.29 -75.26 -121.43
CA PHE H 487 18.98 -73.98 -122.05
C PHE H 487 18.58 -73.00 -120.96
N GLU H 488 18.57 -71.71 -121.30
CA GLU H 488 18.02 -70.69 -120.44
C GLU H 488 16.87 -70.01 -121.15
N CYS H 489 15.90 -69.52 -120.35
CA CYS H 489 14.70 -68.92 -120.90
C CYS H 489 14.22 -67.80 -119.99
N LYS H 490 13.31 -66.98 -120.53
CA LYS H 490 12.76 -65.82 -119.84
C LYS H 490 11.31 -66.07 -119.47
N LEU H 491 11.02 -66.10 -118.17
CA LEU H 491 9.64 -66.20 -117.67
C LEU H 491 9.11 -64.79 -117.40
N HIS H 492 8.18 -64.34 -118.23
CA HIS H 492 7.62 -63.00 -118.10
C HIS H 492 6.50 -62.98 -117.07
N LYS H 493 6.33 -61.83 -116.39
CA LYS H 493 5.25 -61.75 -115.40
C LYS H 493 3.91 -62.06 -116.03
N SER H 494 3.72 -61.69 -117.30
CA SER H 494 2.44 -61.90 -117.98
C SER H 494 2.05 -63.37 -118.07
N GLY H 495 2.93 -64.28 -117.66
CA GLY H 495 2.65 -65.70 -117.69
C GLY H 495 2.93 -66.40 -119.01
N TYR H 496 4.12 -66.17 -119.57
CA TYR H 496 4.56 -66.90 -120.74
C TYR H 496 6.08 -66.96 -120.74
N VAL H 497 6.61 -67.93 -121.49
CA VAL H 497 8.04 -68.20 -121.52
C VAL H 497 8.56 -67.92 -122.92
N THR H 498 9.81 -67.48 -122.99
CA THR H 498 10.47 -67.16 -124.26
C THR H 498 11.85 -67.82 -124.25
N VAL H 499 12.33 -68.18 -125.45
CA VAL H 499 13.67 -68.73 -125.60
C VAL H 499 14.33 -68.13 -126.84
N ALA H 500 15.65 -68.29 -126.91
CA ALA H 500 16.45 -67.79 -128.02
C ALA H 500 16.68 -68.92 -129.02
N HIS H 501 15.87 -68.93 -130.08
CA HIS H 501 15.97 -69.94 -131.13
C HIS H 501 15.18 -69.43 -132.33
N THR H 502 15.52 -69.95 -133.51
CA THR H 502 14.80 -69.60 -134.73
C THR H 502 14.42 -70.88 -135.47
N GLY H 503 13.15 -70.98 -135.83
CA GLY H 503 12.62 -72.16 -136.47
C GLY H 503 11.86 -73.04 -135.50
N PRO H 504 11.01 -73.92 -136.02
CA PRO H 504 10.35 -74.90 -135.14
C PRO H 504 11.33 -75.97 -134.69
N HIS H 505 11.10 -76.47 -133.47
CA HIS H 505 12.00 -77.46 -132.87
C HIS H 505 11.34 -78.09 -131.65
N ASP H 506 11.26 -79.41 -131.62
CA ASP H 506 10.96 -80.13 -130.38
C ASP H 506 12.21 -80.27 -129.55
N LEU H 507 12.12 -79.89 -128.27
CA LEU H 507 13.29 -79.92 -127.41
C LEU H 507 13.58 -81.35 -126.96
N VAL H 508 14.86 -81.71 -126.97
CA VAL H 508 15.32 -83.03 -126.56
C VAL H 508 15.74 -82.89 -125.10
N ILE H 509 14.92 -83.41 -124.20
CA ILE H 509 14.97 -83.08 -122.78
C ILE H 509 15.28 -84.34 -122.00
N PRO H 510 16.23 -84.32 -121.07
CA PRO H 510 16.39 -85.42 -120.13
C PRO H 510 15.15 -85.62 -119.29
N PRO H 511 14.77 -86.87 -119.00
CA PRO H 511 13.54 -87.10 -118.24
C PRO H 511 13.51 -86.47 -116.85
N ASN H 512 14.68 -86.14 -116.28
CA ASN H 512 14.75 -85.58 -114.93
C ASN H 512 14.92 -84.07 -114.91
N GLY H 513 14.88 -83.41 -116.07
CA GLY H 513 15.20 -81.99 -116.10
C GLY H 513 14.16 -81.14 -115.41
N TYR H 514 14.63 -80.07 -114.78
CA TYR H 514 13.78 -79.15 -114.01
C TYR H 514 14.19 -77.73 -114.33
N PHE H 515 13.29 -76.79 -114.05
CA PHE H 515 13.59 -75.37 -114.19
C PHE H 515 14.13 -74.82 -112.87
N ARG H 516 15.18 -74.02 -112.97
CA ARG H 516 15.84 -73.42 -111.81
C ARG H 516 15.83 -71.91 -111.98
N PHE H 517 15.28 -71.20 -111.01
CA PHE H 517 15.22 -69.75 -111.07
C PHE H 517 16.57 -69.20 -110.63
N ASP H 518 17.21 -68.40 -111.49
CA ASP H 518 18.59 -67.98 -111.29
C ASP H 518 18.77 -66.49 -111.02
N SER H 519 17.90 -65.64 -111.55
CA SER H 519 18.07 -64.20 -111.40
C SER H 519 16.84 -63.48 -111.97
N TRP H 520 16.52 -62.34 -111.37
CA TRP H 520 15.64 -61.36 -112.00
C TRP H 520 16.39 -60.54 -113.04
N VAL H 521 15.76 -60.34 -114.19
CA VAL H 521 16.30 -59.60 -115.31
C VAL H 521 15.18 -58.75 -115.91
N ASN H 522 15.52 -57.93 -116.89
CA ASN H 522 14.52 -57.20 -117.64
C ASN H 522 14.36 -57.79 -119.05
N GLN H 523 13.50 -57.15 -119.84
CA GLN H 523 13.19 -57.63 -121.18
C GLN H 523 14.38 -57.54 -122.13
N PHE H 524 15.43 -56.82 -121.75
CA PHE H 524 16.62 -56.67 -122.59
C PHE H 524 17.68 -57.72 -122.33
N TYR H 525 17.44 -58.67 -121.43
CA TYR H 525 18.40 -59.74 -121.20
C TYR H 525 18.55 -60.56 -122.48
N THR H 526 19.80 -60.88 -122.81
CA THR H 526 20.10 -61.66 -124.01
C THR H 526 20.35 -63.11 -123.60
N LEU H 527 19.53 -64.01 -124.14
CA LEU H 527 19.61 -65.41 -123.75
C LEU H 527 20.67 -66.13 -124.57
N ALA H 528 21.31 -67.12 -123.95
CA ALA H 528 22.25 -67.94 -124.68
C ALA H 528 21.50 -68.77 -125.72
N PRO H 529 22.04 -68.92 -126.92
CA PRO H 529 21.36 -69.72 -127.94
C PRO H 529 21.28 -71.18 -127.50
N MET H 530 20.21 -71.86 -127.94
CA MET H 530 20.00 -73.25 -127.57
C MET H 530 20.01 -74.24 -128.74
N GLY H 531 19.53 -73.85 -129.91
CA GLY H 531 19.01 -74.82 -130.84
C GLY H 531 20.09 -75.78 -131.34
N ASN H 532 19.73 -77.06 -131.40
CA ASN H 532 20.53 -78.10 -132.05
C ASN H 532 21.81 -78.38 -131.26
N ASN I 24 -0.76 -5.56 -81.36
CA ASN I 24 0.51 -6.26 -81.51
C ASN I 24 0.69 -6.68 -82.98
N GLU I 25 1.90 -6.48 -83.52
CA GLU I 25 2.21 -6.80 -84.90
C GLU I 25 3.14 -8.01 -85.04
N VAL I 26 3.05 -8.97 -84.11
CA VAL I 26 3.93 -10.13 -84.10
C VAL I 26 3.07 -11.39 -84.15
N MET I 27 3.29 -12.22 -85.15
CA MET I 27 2.57 -13.47 -85.26
C MET I 27 3.16 -14.54 -84.35
N ALA I 28 2.30 -15.14 -83.52
CA ALA I 28 2.69 -16.06 -82.46
C ALA I 28 3.05 -17.46 -83.00
N LEU I 29 4.08 -17.49 -83.83
CA LEU I 29 4.57 -18.75 -84.37
C LEU I 29 5.98 -19.00 -83.86
N GLU I 30 6.28 -20.26 -83.58
CA GLU I 30 7.62 -20.68 -83.23
C GLU I 30 8.49 -20.64 -84.49
N PRO I 31 9.81 -20.60 -84.34
CA PRO I 31 10.67 -20.82 -85.50
C PRO I 31 10.51 -22.24 -86.00
N VAL I 32 10.66 -22.40 -87.31
CA VAL I 32 10.50 -23.69 -87.97
C VAL I 32 11.66 -23.86 -88.94
N VAL I 33 12.39 -24.96 -88.80
CA VAL I 33 13.56 -25.17 -89.63
C VAL I 33 13.15 -25.45 -91.07
N GLY I 34 13.98 -25.01 -92.00
CA GLY I 34 13.78 -25.28 -93.41
C GLY I 34 14.54 -26.52 -93.83
N ALA I 35 15.40 -26.38 -94.83
CA ALA I 35 16.07 -27.54 -95.43
C ALA I 35 17.23 -28.06 -94.60
N ALA I 36 17.65 -27.32 -93.57
CA ALA I 36 18.78 -27.75 -92.75
C ALA I 36 18.52 -29.11 -92.11
N ILE I 37 17.31 -29.35 -91.59
CA ILE I 37 16.99 -30.66 -91.02
C ILE I 37 17.11 -31.75 -92.08
N ALA I 38 16.92 -31.40 -93.35
CA ALA I 38 16.88 -32.43 -94.38
C ALA I 38 18.27 -32.84 -94.85
N ALA I 39 19.31 -32.11 -94.44
CA ALA I 39 20.64 -32.36 -94.99
C ALA I 39 21.14 -33.78 -94.76
N PRO I 40 21.00 -34.40 -93.58
CA PRO I 40 21.48 -35.78 -93.42
C PRO I 40 20.73 -36.80 -94.26
N VAL I 41 19.53 -36.48 -94.76
CA VAL I 41 18.74 -37.42 -95.55
C VAL I 41 18.48 -36.95 -96.97
N ALA I 42 18.84 -35.71 -97.31
CA ALA I 42 18.73 -35.29 -98.70
C ALA I 42 19.94 -35.79 -99.48
N GLY I 43 19.76 -35.90 -100.80
CA GLY I 43 20.86 -36.34 -101.63
C GLY I 43 21.98 -35.33 -101.78
N GLN I 44 21.66 -34.04 -101.78
CA GLN I 44 22.65 -33.04 -102.15
C GLN I 44 22.27 -31.66 -101.60
N GLN I 45 23.22 -30.73 -101.70
CA GLN I 45 23.08 -29.36 -101.22
C GLN I 45 23.03 -28.40 -102.40
N ASN I 46 21.99 -27.57 -102.47
CA ASN I 46 21.81 -26.65 -103.59
C ASN I 46 21.72 -25.21 -103.15
N VAL I 47 21.71 -24.32 -104.15
CA VAL I 47 21.77 -22.88 -103.94
C VAL I 47 20.74 -22.21 -104.83
N ILE I 48 20.06 -21.20 -104.28
CA ILE I 48 19.13 -20.35 -105.01
C ILE I 48 19.81 -18.99 -105.18
N ASP I 49 19.63 -18.39 -106.36
CA ASP I 49 20.21 -17.09 -106.67
C ASP I 49 19.84 -16.08 -105.59
N PRO I 50 20.83 -15.44 -104.93
CA PRO I 50 20.51 -14.52 -103.83
C PRO I 50 19.60 -13.36 -104.20
N TRP I 51 19.58 -12.93 -105.46
CA TRP I 51 18.67 -11.86 -105.84
C TRP I 51 17.21 -12.28 -105.61
N ILE I 52 16.90 -13.55 -105.88
CA ILE I 52 15.56 -14.08 -105.63
C ILE I 52 15.21 -14.01 -104.16
N ARG I 53 16.21 -14.16 -103.27
CA ARG I 53 15.94 -14.15 -101.84
C ARG I 53 15.79 -12.75 -101.27
N ASN I 54 16.24 -11.73 -101.98
CA ASN I 54 16.27 -10.37 -101.46
C ASN I 54 15.18 -9.48 -102.05
N ASN I 55 14.25 -10.03 -102.81
CA ASN I 55 13.30 -9.20 -103.55
C ASN I 55 11.91 -9.83 -103.48
N PHE I 56 10.96 -9.05 -102.95
CA PHE I 56 9.58 -9.49 -102.86
C PHE I 56 8.94 -9.52 -104.24
N VAL I 57 8.15 -10.57 -104.49
CA VAL I 57 7.50 -10.77 -105.77
C VAL I 57 6.03 -11.07 -105.53
N GLN I 58 5.16 -10.47 -106.34
CA GLN I 58 3.72 -10.63 -106.18
C GLN I 58 3.26 -11.98 -106.69
N ALA I 59 2.48 -12.68 -105.88
CA ALA I 59 1.84 -13.89 -106.36
C ALA I 59 0.90 -13.52 -107.50
N PRO I 60 0.73 -14.39 -108.50
CA PRO I 60 -0.18 -14.05 -109.61
C PRO I 60 -1.61 -13.77 -109.16
N GLY I 61 -2.03 -14.29 -108.01
CA GLY I 61 -3.33 -13.99 -107.47
C GLY I 61 -3.19 -13.44 -106.06
N GLY I 62 -2.31 -12.46 -105.92
CA GLY I 62 -1.94 -11.90 -104.64
C GLY I 62 -2.53 -10.51 -104.47
N GLU I 63 -3.75 -10.35 -104.98
CA GLU I 63 -4.51 -9.12 -104.83
C GLU I 63 -5.85 -9.43 -104.19
N PHE I 64 -6.31 -8.54 -103.31
CA PHE I 64 -7.68 -8.58 -102.84
C PHE I 64 -8.10 -7.16 -102.48
N THR I 65 -9.40 -6.99 -102.27
CA THR I 65 -9.99 -5.67 -102.09
C THR I 65 -10.90 -5.66 -100.87
N VAL I 66 -10.81 -4.59 -100.10
CA VAL I 66 -11.67 -4.35 -98.94
C VAL I 66 -12.67 -3.27 -99.33
N SER I 67 -13.95 -3.62 -99.27
CA SER I 67 -15.04 -2.75 -99.67
C SER I 67 -16.03 -2.63 -98.53
N PRO I 68 -16.89 -1.59 -98.55
CA PRO I 68 -17.89 -1.45 -97.49
C PRO I 68 -18.98 -2.52 -97.53
N ARG I 69 -19.12 -3.26 -98.63
CA ARG I 69 -20.04 -4.39 -98.64
C ARG I 69 -19.55 -5.54 -97.77
N ASN I 70 -18.25 -5.59 -97.48
CA ASN I 70 -17.70 -6.73 -96.76
C ASN I 70 -18.10 -6.68 -95.29
N ALA I 71 -18.31 -7.86 -94.73
CA ALA I 71 -18.74 -8.05 -93.35
C ALA I 71 -17.76 -8.96 -92.62
N PRO I 72 -17.72 -8.89 -91.29
CA PRO I 72 -16.81 -9.78 -90.54
C PRO I 72 -17.04 -11.25 -90.87
N GLY I 73 -15.94 -11.99 -90.97
CA GLY I 73 -15.97 -13.39 -91.30
C GLY I 73 -15.68 -13.70 -92.76
N GLU I 74 -15.88 -12.74 -93.66
CA GLU I 74 -15.62 -12.97 -95.07
C GLU I 74 -14.12 -13.09 -95.32
N ILE I 75 -13.70 -14.21 -95.91
CA ILE I 75 -12.30 -14.43 -96.22
C ILE I 75 -11.97 -13.77 -97.55
N LEU I 76 -11.20 -12.68 -97.49
CA LEU I 76 -10.89 -11.89 -98.68
C LEU I 76 -9.80 -12.52 -99.55
N TRP I 77 -8.93 -13.35 -98.98
CA TRP I 77 -7.81 -13.90 -99.72
C TRP I 77 -7.18 -15.02 -98.91
N SER I 78 -6.67 -16.03 -99.61
CA SER I 78 -5.95 -17.11 -98.95
C SER I 78 -5.05 -17.81 -99.96
N ALA I 79 -3.99 -18.43 -99.44
CA ALA I 79 -3.01 -19.13 -100.26
C ALA I 79 -2.23 -20.11 -99.40
N PRO I 80 -1.85 -21.27 -99.94
CA PRO I 80 -0.97 -22.17 -99.20
C PRO I 80 0.51 -21.96 -99.52
N LEU I 81 1.34 -22.23 -98.52
CA LEU I 81 2.79 -22.12 -98.71
C LEU I 81 3.27 -23.10 -99.76
N GLY I 82 4.09 -22.62 -100.68
CA GLY I 82 4.63 -23.43 -101.74
C GLY I 82 5.25 -22.57 -102.83
N PRO I 83 5.96 -23.21 -103.75
CA PRO I 83 6.63 -22.45 -104.82
C PRO I 83 5.70 -21.64 -105.71
N ASP I 84 4.41 -21.98 -105.77
CA ASP I 84 3.51 -21.27 -106.67
C ASP I 84 3.21 -19.84 -106.24
N LEU I 85 3.64 -19.42 -105.05
CA LEU I 85 3.48 -18.04 -104.64
C LEU I 85 4.48 -17.10 -105.30
N ASN I 86 5.49 -17.65 -105.97
CA ASN I 86 6.61 -16.87 -106.45
C ASN I 86 7.06 -17.43 -107.80
N PRO I 87 6.85 -16.70 -108.89
CA PRO I 87 7.10 -17.27 -110.22
C PRO I 87 8.54 -17.68 -110.44
N TYR I 88 9.50 -17.03 -109.79
CA TYR I 88 10.88 -17.48 -109.87
C TYR I 88 11.05 -18.86 -109.25
N LEU I 89 10.57 -19.04 -108.01
CA LEU I 89 10.65 -20.36 -107.39
C LEU I 89 9.82 -21.38 -108.16
N SER I 90 8.71 -20.95 -108.76
CA SER I 90 7.86 -21.85 -109.53
C SER I 90 8.63 -22.39 -110.74
N HIS I 91 9.38 -21.52 -111.41
CA HIS I 91 10.18 -21.96 -112.55
C HIS I 91 11.33 -22.84 -112.11
N LEU I 92 11.97 -22.50 -110.99
CA LEU I 92 13.08 -23.30 -110.49
C LEU I 92 12.63 -24.71 -110.13
N ALA I 93 11.45 -24.84 -109.52
CA ALA I 93 11.01 -26.16 -109.05
C ALA I 93 10.85 -27.15 -110.20
N ARG I 94 10.67 -26.66 -111.42
CA ARG I 94 10.59 -27.54 -112.59
C ARG I 94 11.89 -28.29 -112.85
N MET I 95 12.98 -27.96 -112.15
CA MET I 95 14.26 -28.66 -112.31
C MET I 95 14.74 -29.29 -111.01
N TYR I 96 13.93 -29.27 -109.94
CA TYR I 96 14.28 -29.86 -108.66
C TYR I 96 13.21 -30.88 -108.25
N ASN I 97 13.62 -31.81 -107.39
CA ASN I 97 12.74 -32.87 -106.93
C ASN I 97 11.99 -32.51 -105.65
N GLY I 98 12.58 -31.66 -104.80
CA GLY I 98 11.87 -31.30 -103.60
C GLY I 98 12.32 -29.95 -103.06
N TYR I 99 11.73 -29.59 -101.93
CA TYR I 99 11.99 -28.31 -101.29
C TYR I 99 11.62 -28.43 -99.82
N ALA I 100 12.06 -27.43 -99.05
CA ALA I 100 11.65 -27.30 -97.65
C ALA I 100 11.98 -25.88 -97.21
N GLY I 101 11.18 -25.37 -96.30
CA GLY I 101 11.41 -24.06 -95.73
C GLY I 101 10.26 -23.11 -96.03
N GLY I 102 10.36 -21.92 -95.43
CA GLY I 102 9.28 -20.97 -95.38
C GLY I 102 9.54 -19.75 -96.22
N PHE I 103 8.58 -18.83 -96.17
CA PHE I 103 8.62 -17.59 -96.92
C PHE I 103 8.46 -16.43 -95.96
N GLU I 104 8.86 -15.25 -96.42
CA GLU I 104 8.48 -13.99 -95.81
C GLU I 104 7.48 -13.32 -96.73
N VAL I 105 6.30 -12.97 -96.19
CA VAL I 105 5.23 -12.37 -96.96
C VAL I 105 5.14 -10.89 -96.64
N GLN I 106 4.98 -10.08 -97.68
CA GLN I 106 4.82 -8.63 -97.55
C GLN I 106 3.47 -8.24 -98.14
N VAL I 107 2.62 -7.61 -97.33
CA VAL I 107 1.28 -7.22 -97.76
C VAL I 107 1.17 -5.71 -97.67
N ILE I 108 0.59 -5.11 -98.71
CA ILE I 108 0.53 -3.67 -98.88
C ILE I 108 -0.92 -3.23 -98.85
N LEU I 109 -1.22 -2.24 -98.03
CA LEU I 109 -2.58 -1.76 -97.80
C LEU I 109 -2.67 -0.33 -98.30
N ALA I 110 -3.54 -0.08 -99.27
CA ALA I 110 -3.65 1.24 -99.88
C ALA I 110 -4.84 1.99 -99.28
N GLY I 111 -4.65 2.39 -98.02
CA GLY I 111 -5.58 3.23 -97.31
C GLY I 111 -5.10 4.67 -97.21
N ASN I 112 -5.86 5.46 -96.45
CA ASN I 112 -5.44 6.80 -96.06
C ASN I 112 -5.97 7.09 -94.66
N ALA I 113 -5.51 8.20 -94.08
CA ALA I 113 -5.74 8.50 -92.67
C ALA I 113 -7.22 8.71 -92.34
N PHE I 114 -8.07 8.92 -93.33
CA PHE I 114 -9.48 9.17 -93.10
C PHE I 114 -10.33 7.90 -93.10
N THR I 115 -9.72 6.73 -93.04
CA THR I 115 -10.43 5.45 -93.08
C THR I 115 -10.42 4.81 -91.69
N ALA I 116 -11.10 3.66 -91.58
CA ALA I 116 -11.07 2.85 -90.36
C ALA I 116 -11.46 1.42 -90.72
N GLY I 117 -10.92 0.48 -89.96
CA GLY I 117 -11.24 -0.94 -90.10
C GLY I 117 -10.02 -1.82 -89.91
N LYS I 118 -10.28 -3.09 -89.59
CA LYS I 118 -9.22 -4.05 -89.30
C LYS I 118 -9.34 -5.28 -90.20
N ILE I 119 -8.17 -5.78 -90.62
CA ILE I 119 -8.04 -7.07 -91.31
C ILE I 119 -7.23 -8.00 -90.43
N ILE I 120 -7.65 -9.25 -90.32
CA ILE I 120 -6.88 -10.27 -89.61
C ILE I 120 -6.18 -11.17 -90.62
N PHE I 121 -4.88 -11.36 -90.43
CA PHE I 121 -4.11 -12.37 -91.13
C PHE I 121 -3.84 -13.50 -90.15
N ALA I 122 -4.00 -14.74 -90.60
CA ALA I 122 -3.82 -15.89 -89.72
C ALA I 122 -3.13 -17.01 -90.47
N ALA I 123 -2.30 -17.76 -89.73
CA ALA I 123 -1.65 -18.95 -90.24
C ALA I 123 -2.47 -20.17 -89.82
N VAL I 124 -2.98 -20.90 -90.80
CA VAL I 124 -3.77 -22.11 -90.55
C VAL I 124 -2.88 -23.32 -90.81
N PRO I 125 -2.77 -24.26 -89.88
CA PRO I 125 -1.77 -25.32 -90.01
C PRO I 125 -2.23 -26.40 -90.96
N PRO I 126 -1.31 -27.27 -91.40
CA PRO I 126 -1.67 -28.26 -92.43
C PRO I 126 -2.82 -29.16 -91.99
N ASN I 127 -3.65 -29.52 -92.97
CA ASN I 127 -4.81 -30.39 -92.80
C ASN I 127 -5.89 -29.79 -91.91
N PHE I 128 -5.88 -28.49 -91.69
CA PHE I 128 -7.05 -27.95 -91.00
C PHE I 128 -7.95 -27.22 -91.99
N PRO I 129 -9.26 -27.47 -91.94
CA PRO I 129 -10.17 -26.88 -92.94
C PRO I 129 -10.44 -25.40 -92.66
N THR I 130 -10.30 -24.59 -93.72
CA THR I 130 -10.56 -23.16 -93.69
C THR I 130 -12.03 -22.82 -93.85
N GLU I 131 -12.84 -23.80 -94.27
CA GLU I 131 -14.19 -23.55 -94.73
C GLU I 131 -15.13 -23.33 -93.54
N GLY I 132 -15.76 -22.16 -93.49
CA GLY I 132 -16.83 -21.92 -92.54
C GLY I 132 -16.45 -21.24 -91.24
N LEU I 133 -15.22 -20.75 -91.10
CA LEU I 133 -14.78 -20.19 -89.83
C LEU I 133 -15.53 -18.91 -89.52
N SER I 134 -15.89 -18.76 -88.24
CA SER I 134 -16.42 -17.48 -87.76
C SER I 134 -15.25 -16.55 -87.42
N PRO I 135 -15.49 -15.23 -87.37
CA PRO I 135 -14.37 -14.33 -87.06
C PRO I 135 -13.75 -14.59 -85.71
N SER I 136 -14.57 -14.87 -84.68
CA SER I 136 -14.05 -15.30 -83.39
C SER I 136 -13.04 -16.43 -83.55
N GLN I 137 -13.37 -17.43 -84.35
CA GLN I 137 -12.53 -18.64 -84.43
C GLN I 137 -11.21 -18.35 -85.13
N VAL I 138 -11.21 -17.50 -86.17
CA VAL I 138 -9.97 -17.20 -86.86
C VAL I 138 -8.97 -16.56 -85.91
N THR I 139 -9.46 -15.79 -84.95
CA THR I 139 -8.62 -15.19 -83.91
C THR I 139 -7.88 -16.24 -83.09
N MET I 140 -8.32 -17.50 -83.11
CA MET I 140 -7.69 -18.54 -82.31
C MET I 140 -6.48 -19.18 -82.97
N PHE I 141 -6.19 -18.84 -84.23
CA PHE I 141 -4.94 -19.22 -84.85
C PHE I 141 -3.88 -18.19 -84.50
N PRO I 142 -2.61 -18.48 -84.71
CA PRO I 142 -1.60 -17.41 -84.71
C PRO I 142 -2.03 -16.34 -85.70
N HIS I 143 -2.05 -15.10 -85.26
CA HIS I 143 -2.69 -14.08 -86.08
C HIS I 143 -2.06 -12.71 -85.85
N ILE I 144 -2.38 -11.81 -86.78
CA ILE I 144 -2.00 -10.41 -86.72
C ILE I 144 -3.23 -9.59 -87.10
N ILE I 145 -3.47 -8.50 -86.38
CA ILE I 145 -4.59 -7.60 -86.65
C ILE I 145 -4.03 -6.30 -87.21
N VAL I 146 -4.41 -5.97 -88.45
CA VAL I 146 -3.83 -4.87 -89.19
C VAL I 146 -4.90 -3.82 -89.44
N ASP I 147 -4.58 -2.56 -89.17
CA ASP I 147 -5.50 -1.47 -89.38
C ASP I 147 -5.44 -1.00 -90.83
N VAL I 148 -6.62 -0.67 -91.37
CA VAL I 148 -6.73 -0.23 -92.76
C VAL I 148 -5.92 1.04 -93.02
N ARG I 149 -5.56 1.77 -91.98
CA ARG I 149 -4.78 2.99 -92.14
C ARG I 149 -3.28 2.75 -92.18
N GLN I 150 -2.83 1.51 -92.05
CA GLN I 150 -1.40 1.23 -92.00
C GLN I 150 -0.73 1.57 -93.32
N LEU I 151 0.36 2.34 -93.25
CA LEU I 151 1.11 2.75 -94.43
C LEU I 151 2.27 1.81 -94.72
N GLU I 152 3.06 1.49 -93.70
CA GLU I 152 4.24 0.65 -93.90
C GLU I 152 3.78 -0.78 -94.18
N PRO I 153 4.45 -1.48 -95.08
CA PRO I 153 4.03 -2.85 -95.40
C PRO I 153 4.10 -3.75 -94.17
N VAL I 154 3.24 -4.75 -94.16
CA VAL I 154 3.19 -5.72 -93.07
C VAL I 154 4.03 -6.92 -93.46
N LEU I 155 4.92 -7.34 -92.57
CA LEU I 155 5.82 -8.46 -92.81
C LEU I 155 5.34 -9.64 -91.96
N ILE I 156 4.99 -10.72 -92.62
CA ILE I 156 4.44 -11.90 -91.97
C ILE I 156 5.37 -13.07 -92.28
N PRO I 157 5.95 -13.72 -91.28
CA PRO I 157 6.68 -14.97 -91.52
C PRO I 157 5.72 -16.13 -91.72
N LEU I 158 6.00 -16.94 -92.74
CA LEU I 158 5.18 -18.08 -93.13
C LEU I 158 6.04 -19.32 -93.05
N PRO I 159 6.07 -19.98 -91.90
CA PRO I 159 6.97 -21.11 -91.71
C PRO I 159 6.40 -22.41 -92.27
N ASP I 160 7.32 -23.31 -92.63
CA ASP I 160 6.94 -24.56 -93.28
C ASP I 160 6.68 -25.65 -92.24
N VAL I 161 5.63 -25.43 -91.44
CA VAL I 161 5.17 -26.45 -90.52
C VAL I 161 4.84 -27.72 -91.30
N ARG I 162 5.33 -28.84 -90.80
CA ARG I 162 5.26 -30.12 -91.50
C ARG I 162 5.64 -31.22 -90.53
N ASN I 163 5.43 -32.46 -90.95
CA ASN I 163 5.77 -33.62 -90.12
C ASN I 163 6.75 -34.56 -90.81
N ASN I 164 7.46 -34.08 -91.83
CA ASN I 164 8.52 -34.83 -92.46
C ASN I 164 9.75 -33.93 -92.62
N PHE I 165 10.85 -34.52 -93.10
CA PHE I 165 12.08 -33.77 -93.26
C PHE I 165 11.97 -32.71 -94.36
N TYR I 166 11.25 -33.02 -95.43
CA TYR I 166 11.10 -32.08 -96.53
C TYR I 166 9.96 -32.55 -97.42
N HIS I 167 9.64 -31.74 -98.42
CA HIS I 167 8.51 -31.98 -99.31
C HIS I 167 9.02 -32.44 -100.67
N TYR I 168 8.30 -33.37 -101.27
CA TYR I 168 8.53 -33.75 -102.67
C TYR I 168 7.58 -32.95 -103.54
N ASN I 169 8.06 -32.56 -104.72
CA ASN I 169 7.19 -31.86 -105.67
C ASN I 169 5.99 -32.71 -106.03
N GLN I 170 6.21 -34.00 -106.26
CA GLN I 170 5.21 -34.91 -106.80
C GLN I 170 4.21 -35.41 -105.77
N SER I 171 4.34 -35.07 -104.49
CA SER I 171 3.52 -35.66 -103.46
C SER I 171 2.45 -34.73 -102.89
N ASN I 172 2.42 -33.46 -103.31
CA ASN I 172 1.35 -32.52 -102.97
C ASN I 172 1.02 -32.50 -101.48
N ASP I 173 2.06 -32.59 -100.64
CA ASP I 173 1.86 -32.45 -99.20
C ASP I 173 1.14 -31.14 -98.87
N PRO I 174 0.26 -31.14 -97.87
CA PRO I 174 -0.39 -29.89 -97.47
C PRO I 174 0.52 -29.04 -96.60
N THR I 175 0.32 -27.73 -96.66
CA THR I 175 1.17 -26.78 -95.95
C THR I 175 0.31 -25.77 -95.19
N ILE I 176 0.99 -24.90 -94.44
CA ILE I 176 0.34 -23.75 -93.82
C ILE I 176 -0.36 -22.91 -94.89
N LYS I 177 -1.48 -22.32 -94.52
CA LYS I 177 -2.21 -21.37 -95.36
C LYS I 177 -2.21 -20.02 -94.66
N LEU I 178 -2.03 -18.96 -95.45
CA LEU I 178 -2.33 -17.61 -95.00
C LEU I 178 -3.74 -17.20 -95.40
N ILE I 179 -4.44 -16.60 -94.47
CA ILE I 179 -5.83 -16.19 -94.64
C ILE I 179 -5.92 -14.71 -94.31
N ALA I 180 -6.65 -13.96 -95.12
CA ALA I 180 -6.96 -12.58 -94.84
C ALA I 180 -8.47 -12.47 -94.73
N MET I 181 -8.94 -12.01 -93.58
CA MET I 181 -10.36 -11.97 -93.29
C MET I 181 -10.74 -10.58 -92.80
N LEU I 182 -11.92 -10.11 -93.23
CA LEU I 182 -12.42 -8.84 -92.74
C LEU I 182 -12.82 -8.98 -91.28
N TYR I 183 -12.14 -8.24 -90.41
CA TYR I 183 -12.39 -8.32 -88.98
C TYR I 183 -13.28 -7.18 -88.49
N THR I 184 -13.06 -5.98 -89.00
CA THR I 184 -13.90 -4.83 -88.69
C THR I 184 -14.28 -4.18 -90.02
N PRO I 185 -15.55 -3.83 -90.21
CA PRO I 185 -15.97 -3.28 -91.51
C PRO I 185 -15.27 -1.96 -91.81
N LEU I 186 -15.14 -1.68 -93.11
CA LEU I 186 -14.48 -0.47 -93.57
C LEU I 186 -15.43 0.70 -93.40
N ARG I 187 -14.97 1.73 -92.67
CA ARG I 187 -15.76 2.93 -92.45
C ARG I 187 -15.05 4.11 -93.11
N ALA I 188 -15.61 4.59 -94.21
CA ALA I 188 -14.99 5.66 -94.97
C ALA I 188 -16.03 6.37 -95.81
N ASN I 189 -15.87 7.67 -95.98
CA ASN I 189 -16.67 8.43 -96.92
C ASN I 189 -16.39 7.97 -98.36
N ASN I 190 -17.34 8.23 -99.24
CA ASN I 190 -17.14 8.02 -100.66
C ASN I 190 -16.90 9.36 -101.33
N ALA I 191 -16.28 9.33 -102.51
CA ALA I 191 -16.05 10.53 -103.31
C ALA I 191 -17.02 10.55 -104.47
N GLY I 192 -17.96 11.50 -104.46
CA GLY I 192 -19.00 11.55 -105.47
C GLY I 192 -19.80 10.26 -105.47
N ASP I 193 -19.88 9.63 -106.66
CA ASP I 193 -20.56 8.36 -106.83
C ASP I 193 -19.60 7.17 -106.88
N ASP I 194 -18.32 7.40 -106.62
CA ASP I 194 -17.30 6.36 -106.61
C ASP I 194 -17.10 5.91 -105.18
N VAL I 195 -17.30 4.62 -104.92
CA VAL I 195 -17.20 4.09 -103.56
C VAL I 195 -15.75 3.83 -103.21
N PHE I 196 -15.37 4.17 -101.99
CA PHE I 196 -13.99 4.03 -101.53
C PHE I 196 -13.71 2.56 -101.21
N THR I 197 -12.56 2.06 -101.69
CA THR I 197 -12.13 0.71 -101.39
C THR I 197 -10.64 0.72 -101.07
N VAL I 198 -10.23 -0.18 -100.19
CA VAL I 198 -8.82 -0.36 -99.87
C VAL I 198 -8.31 -1.58 -100.63
N SER I 199 -7.47 -1.32 -101.64
CA SER I 199 -6.87 -2.39 -102.42
C SER I 199 -5.62 -2.92 -101.74
N CYS I 200 -5.47 -4.24 -101.74
CA CYS I 200 -4.35 -4.91 -101.08
C CYS I 200 -3.59 -5.79 -102.06
N ARG I 201 -2.27 -5.88 -101.83
CA ARG I 201 -1.40 -6.73 -102.62
C ARG I 201 -0.53 -7.57 -101.69
N VAL I 202 -0.29 -8.81 -102.09
CA VAL I 202 0.49 -9.77 -101.32
C VAL I 202 1.77 -10.08 -102.09
N LEU I 203 2.90 -9.84 -101.43
CA LEU I 203 4.22 -10.07 -102.01
C LEU I 203 4.92 -11.16 -101.22
N THR I 204 5.89 -11.82 -101.85
CA THR I 204 6.55 -12.94 -101.21
C THR I 204 8.03 -12.95 -101.58
N ARG I 205 8.83 -13.61 -100.73
CA ARG I 205 10.21 -13.96 -101.04
C ARG I 205 10.62 -15.08 -100.12
N PRO I 206 11.51 -15.97 -100.56
CA PRO I 206 11.85 -17.13 -99.73
C PRO I 206 12.63 -16.73 -98.49
N SER I 207 12.30 -17.38 -97.37
CA SER I 207 13.09 -17.24 -96.16
C SER I 207 14.51 -17.75 -96.38
N PRO I 208 15.45 -17.38 -95.50
CA PRO I 208 16.80 -17.93 -95.62
C PRO I 208 16.87 -19.42 -95.45
N ASP I 209 15.93 -20.02 -94.70
CA ASP I 209 15.93 -21.46 -94.48
C ASP I 209 15.25 -22.23 -95.61
N PHE I 210 14.66 -21.55 -96.58
CA PHE I 210 14.08 -22.23 -97.74
C PHE I 210 15.17 -22.65 -98.71
N ASP I 211 15.00 -23.83 -99.30
CA ASP I 211 15.95 -24.32 -100.30
C ASP I 211 15.32 -25.46 -101.09
N PHE I 212 15.78 -25.61 -102.34
CA PHE I 212 15.40 -26.74 -103.16
C PHE I 212 16.36 -27.88 -102.85
N ILE I 213 16.01 -29.09 -103.27
CA ILE I 213 16.82 -30.20 -102.77
C ILE I 213 17.56 -31.04 -103.81
N PHE I 214 16.89 -31.63 -104.79
CA PHE I 214 17.62 -32.50 -105.70
C PHE I 214 17.43 -32.11 -107.15
N LEU I 215 18.54 -31.77 -107.83
CA LEU I 215 18.47 -31.41 -109.24
C LEU I 215 18.03 -32.60 -110.07
N VAL I 216 17.08 -32.36 -110.97
CA VAL I 216 16.51 -33.41 -111.80
C VAL I 216 16.23 -32.85 -113.18
N PRO I 217 16.09 -33.70 -114.19
CA PRO I 217 15.86 -33.21 -115.55
C PRO I 217 14.68 -32.27 -115.59
N PRO I 218 14.83 -31.10 -116.20
CA PRO I 218 13.79 -30.08 -116.13
C PRO I 218 12.53 -30.49 -116.86
N THR I 219 11.41 -29.98 -116.35
CA THR I 219 10.06 -30.12 -116.90
C THR I 219 9.59 -31.57 -117.02
N VAL I 220 10.26 -32.52 -116.38
CA VAL I 220 9.78 -33.89 -116.43
C VAL I 220 8.69 -34.13 -115.38
N GLU I 221 8.94 -33.73 -114.13
CA GLU I 221 8.00 -34.02 -113.05
C GLU I 221 6.67 -33.33 -113.30
N SER I 222 5.60 -34.13 -113.31
CA SER I 222 4.29 -33.67 -113.79
C SER I 222 3.73 -32.52 -112.95
N ARG I 223 3.82 -32.61 -111.62
CA ARG I 223 3.14 -31.58 -110.83
C ARG I 223 3.82 -30.19 -110.91
N THR I 224 4.84 -29.96 -111.72
CA THR I 224 5.43 -28.63 -111.85
C THR I 224 5.03 -27.93 -113.14
N LYS I 225 4.26 -28.58 -114.01
CA LYS I 225 3.86 -27.97 -115.26
C LYS I 225 2.88 -26.83 -115.01
N PRO I 226 3.11 -25.65 -115.57
CA PRO I 226 2.18 -24.53 -115.36
C PRO I 226 0.97 -24.63 -116.27
N PHE I 227 -0.15 -24.15 -115.77
CA PHE I 227 -1.39 -24.21 -116.54
C PHE I 227 -1.45 -23.09 -117.55
N THR I 228 -1.93 -23.41 -118.75
CA THR I 228 -2.09 -22.44 -119.81
C THR I 228 -3.39 -22.74 -120.55
N VAL I 229 -3.79 -21.78 -121.38
CA VAL I 229 -5.00 -21.88 -122.19
C VAL I 229 -4.60 -21.56 -123.63
N PRO I 230 -5.04 -22.33 -124.62
CA PRO I 230 -4.55 -22.13 -125.99
C PRO I 230 -4.75 -20.71 -126.48
N ILE I 231 -3.77 -20.24 -127.27
CA ILE I 231 -3.82 -18.89 -127.82
C ILE I 231 -4.80 -18.77 -128.97
N LEU I 232 -5.41 -19.88 -129.39
CA LEU I 232 -6.26 -19.88 -130.56
C LEU I 232 -7.45 -18.94 -130.40
N THR I 233 -7.90 -18.43 -131.55
CA THR I 233 -9.07 -17.60 -131.68
C THR I 233 -10.33 -18.47 -131.81
N VAL I 234 -11.47 -17.88 -131.44
CA VAL I 234 -12.76 -18.57 -131.54
C VAL I 234 -12.98 -19.10 -132.95
N GLU I 235 -12.75 -18.25 -133.96
CA GLU I 235 -12.93 -18.69 -135.34
C GLU I 235 -12.05 -19.87 -135.69
N GLU I 236 -10.85 -19.93 -135.11
CA GLU I 236 -9.89 -20.98 -135.43
C GLU I 236 -10.12 -22.27 -134.66
N MET I 237 -11.09 -22.32 -133.75
CA MET I 237 -11.31 -23.53 -132.96
C MET I 237 -12.50 -24.31 -133.51
N THR I 238 -12.81 -25.40 -132.83
CA THR I 238 -13.78 -26.37 -133.32
C THR I 238 -14.71 -26.77 -132.20
N ASN I 239 -15.99 -26.95 -132.52
CA ASN I 239 -16.96 -27.40 -131.53
C ASN I 239 -16.67 -28.83 -131.11
N SER I 240 -16.92 -29.12 -129.84
CA SER I 240 -16.60 -30.40 -129.24
C SER I 240 -17.79 -31.36 -129.25
N ARG I 241 -18.94 -30.92 -129.76
CA ARG I 241 -20.14 -31.72 -129.81
C ARG I 241 -20.56 -32.09 -131.23
N PHE I 242 -19.94 -31.49 -132.25
CA PHE I 242 -20.20 -31.81 -133.65
C PHE I 242 -19.02 -31.30 -134.47
N PRO I 243 -18.60 -32.01 -135.51
CA PRO I 243 -17.41 -31.58 -136.26
C PRO I 243 -17.60 -30.31 -137.07
N ILE I 244 -17.75 -29.18 -136.38
CA ILE I 244 -18.03 -27.89 -137.00
C ILE I 244 -17.10 -26.85 -136.37
N PRO I 245 -16.67 -25.82 -137.09
CA PRO I 245 -15.92 -24.75 -136.44
C PRO I 245 -16.83 -23.96 -135.52
N LEU I 246 -16.22 -23.26 -134.58
CA LEU I 246 -16.96 -22.37 -133.70
C LEU I 246 -17.32 -21.08 -134.42
N GLU I 247 -18.31 -20.38 -133.89
CA GLU I 247 -18.79 -19.17 -134.56
C GLU I 247 -18.86 -17.97 -133.64
N LYS I 248 -19.46 -18.12 -132.46
CA LYS I 248 -19.59 -17.01 -131.53
C LYS I 248 -19.61 -17.52 -130.10
N LEU I 249 -19.47 -16.60 -129.16
CA LEU I 249 -19.63 -16.86 -127.74
C LEU I 249 -21.01 -16.42 -127.29
N PHE I 250 -21.70 -17.27 -126.54
CA PHE I 250 -23.05 -16.98 -126.10
C PHE I 250 -23.17 -17.27 -124.62
N THR I 251 -23.74 -16.33 -123.88
CA THR I 251 -24.11 -16.53 -122.49
C THR I 251 -25.62 -16.35 -122.34
N GLY I 252 -26.23 -17.18 -121.49
CA GLY I 252 -27.63 -17.06 -121.20
C GLY I 252 -28.00 -17.74 -119.90
N PRO I 253 -29.18 -17.44 -119.38
CA PRO I 253 -29.68 -18.17 -118.21
C PRO I 253 -30.01 -19.60 -118.58
N SER I 254 -29.74 -20.51 -117.65
CA SER I 254 -29.85 -21.95 -117.89
C SER I 254 -30.76 -22.62 -116.87
N GLY I 255 -31.67 -21.87 -116.26
CA GLY I 255 -32.54 -22.47 -115.26
C GLY I 255 -33.57 -23.42 -115.84
N ALA I 256 -34.09 -23.11 -117.04
CA ALA I 256 -35.18 -23.90 -117.59
C ALA I 256 -34.74 -25.32 -117.90
N PHE I 257 -33.58 -25.46 -118.55
CA PHE I 257 -33.09 -26.74 -119.04
C PHE I 257 -31.98 -27.29 -118.13
N VAL I 258 -31.47 -28.47 -118.48
CA VAL I 258 -30.37 -29.12 -117.77
C VAL I 258 -29.16 -29.21 -118.69
N VAL I 259 -28.09 -28.49 -118.35
CA VAL I 259 -26.86 -28.47 -119.14
C VAL I 259 -26.01 -29.65 -118.70
N GLN I 260 -26.05 -30.73 -119.48
CA GLN I 260 -25.33 -31.95 -119.10
C GLN I 260 -24.73 -32.66 -120.32
N PRO I 261 -23.97 -31.98 -121.18
CA PRO I 261 -23.39 -32.67 -122.34
C PRO I 261 -22.41 -33.76 -121.91
N GLN I 262 -22.22 -34.73 -122.79
CA GLN I 262 -21.27 -35.82 -122.53
C GLN I 262 -20.07 -35.80 -123.46
N ASN I 263 -20.08 -34.96 -124.50
CA ASN I 263 -18.93 -34.72 -125.34
C ASN I 263 -18.36 -33.34 -125.00
N GLY I 264 -17.06 -33.18 -125.23
CA GLY I 264 -16.41 -31.96 -124.78
C GLY I 264 -16.47 -31.77 -123.29
N ARG I 265 -16.23 -32.85 -122.53
CA ARG I 265 -16.16 -32.81 -121.08
C ARG I 265 -14.78 -33.25 -120.65
N CYS I 266 -13.98 -32.30 -120.19
CA CYS I 266 -12.60 -32.56 -119.80
C CYS I 266 -12.23 -31.59 -118.70
N THR I 267 -11.50 -32.08 -117.71
CA THR I 267 -11.08 -31.32 -116.56
C THR I 267 -9.78 -30.55 -116.85
N THR I 268 -9.58 -29.48 -116.08
CA THR I 268 -8.37 -28.66 -116.21
C THR I 268 -7.06 -29.44 -116.13
N ASP I 269 -6.98 -30.44 -115.24
CA ASP I 269 -5.75 -31.25 -115.20
C ASP I 269 -5.78 -32.42 -116.18
N GLY I 270 -6.71 -32.42 -117.13
CA GLY I 270 -6.62 -33.25 -118.31
C GLY I 270 -7.23 -34.64 -118.25
N VAL I 271 -8.19 -34.87 -117.36
CA VAL I 271 -8.91 -36.14 -117.29
C VAL I 271 -10.15 -35.99 -118.17
N LEU I 272 -10.32 -36.91 -119.12
CA LEU I 272 -11.50 -36.91 -119.95
C LEU I 272 -12.69 -37.47 -119.18
N LEU I 273 -13.88 -36.95 -119.51
CA LEU I 273 -15.11 -37.32 -118.81
C LEU I 273 -16.20 -37.65 -119.82
N GLY I 274 -17.19 -38.41 -119.36
CA GLY I 274 -18.32 -38.75 -120.21
C GLY I 274 -17.89 -39.54 -121.43
N THR I 275 -18.42 -39.16 -122.60
CA THR I 275 -18.09 -39.81 -123.86
C THR I 275 -17.06 -39.04 -124.66
N THR I 276 -16.26 -38.20 -124.00
CA THR I 276 -15.36 -37.30 -124.71
C THR I 276 -14.11 -38.04 -125.17
N GLN I 277 -13.69 -37.76 -126.40
CA GLN I 277 -12.46 -38.30 -126.97
C GLN I 277 -11.73 -37.16 -127.66
N LEU I 278 -10.57 -37.46 -128.26
CA LEU I 278 -9.65 -36.42 -128.68
C LEU I 278 -9.81 -36.00 -130.13
N SER I 279 -10.35 -36.85 -130.99
CA SER I 279 -10.40 -36.52 -132.41
C SER I 279 -11.53 -35.55 -132.69
N PRO I 280 -11.26 -34.39 -133.29
CA PRO I 280 -12.35 -33.44 -133.60
C PRO I 280 -13.21 -33.87 -134.79
N VAL I 281 -12.80 -34.91 -135.52
CA VAL I 281 -13.57 -35.38 -136.67
C VAL I 281 -14.40 -36.61 -136.32
N ASN I 282 -14.02 -37.37 -135.30
CA ASN I 282 -14.74 -38.54 -134.83
C ASN I 282 -15.82 -38.20 -133.81
N ILE I 283 -16.37 -36.99 -133.85
CA ILE I 283 -17.24 -36.54 -132.77
C ILE I 283 -18.65 -37.08 -132.93
N CYS I 284 -19.20 -37.10 -134.15
CA CYS I 284 -20.48 -37.80 -134.32
C CYS I 284 -20.40 -38.90 -135.37
N THR I 285 -19.36 -39.72 -135.31
CA THR I 285 -19.15 -40.78 -136.28
C THR I 285 -19.51 -42.13 -135.68
N PHE I 286 -19.78 -43.09 -136.56
CA PHE I 286 -20.02 -44.47 -136.16
C PHE I 286 -19.25 -45.39 -137.09
N ARG I 287 -18.68 -46.45 -136.53
CA ARG I 287 -17.94 -47.44 -137.29
C ARG I 287 -18.35 -48.83 -136.84
N GLY I 288 -18.55 -49.73 -137.79
CA GLY I 288 -18.86 -51.09 -137.45
C GLY I 288 -19.38 -51.87 -138.66
N ASP I 289 -19.96 -53.02 -138.36
CA ASP I 289 -20.55 -53.91 -139.35
C ASP I 289 -22.04 -53.63 -139.44
N VAL I 290 -22.59 -53.74 -140.65
CA VAL I 290 -23.95 -53.28 -140.91
C VAL I 290 -24.79 -54.46 -141.40
N THR I 291 -26.06 -54.44 -141.04
CA THR I 291 -27.00 -55.53 -141.29
C THR I 291 -28.32 -54.96 -141.78
N HIS I 292 -28.88 -55.55 -142.83
CA HIS I 292 -30.13 -55.07 -143.39
C HIS I 292 -31.32 -55.49 -142.52
N ILE I 293 -32.32 -54.61 -142.45
CA ILE I 293 -33.59 -54.90 -141.80
C ILE I 293 -34.61 -55.20 -142.89
N ALA I 294 -35.15 -56.42 -142.86
CA ALA I 294 -35.87 -56.96 -144.01
C ALA I 294 -37.13 -56.14 -144.30
N GLY I 295 -37.30 -55.76 -145.57
CA GLY I 295 -38.49 -55.08 -146.03
C GLY I 295 -38.46 -53.57 -145.89
N THR I 296 -37.42 -52.99 -145.32
CA THR I 296 -37.32 -51.56 -145.08
C THR I 296 -36.05 -51.01 -145.74
N HIS I 297 -35.89 -49.69 -145.66
CA HIS I 297 -34.66 -49.05 -146.07
C HIS I 297 -33.71 -48.83 -144.90
N ASP I 298 -33.92 -49.53 -143.80
CA ASP I 298 -33.15 -49.35 -142.58
C ASP I 298 -32.08 -50.42 -142.45
N TYR I 299 -30.98 -50.06 -141.81
CA TYR I 299 -29.91 -50.99 -141.48
C TYR I 299 -29.54 -50.87 -140.01
N THR I 300 -29.10 -51.99 -139.44
CA THR I 300 -28.60 -52.05 -138.07
C THR I 300 -27.09 -52.19 -138.10
N MET I 301 -26.40 -51.34 -137.36
CA MET I 301 -24.94 -51.33 -137.31
C MET I 301 -24.48 -51.88 -135.97
N ASN I 302 -23.69 -52.94 -136.01
CA ASN I 302 -23.04 -53.48 -134.81
C ASN I 302 -21.72 -52.75 -134.63
N LEU I 303 -21.58 -52.06 -133.50
CA LEU I 303 -20.60 -50.99 -133.42
C LEU I 303 -19.21 -51.52 -133.10
N ALA I 304 -18.22 -50.70 -133.42
CA ALA I 304 -16.83 -50.87 -133.04
C ALA I 304 -16.37 -49.60 -132.31
N SER I 305 -15.07 -49.49 -132.10
CA SER I 305 -14.49 -48.29 -131.52
C SER I 305 -14.11 -47.30 -132.63
N GLN I 306 -13.79 -46.07 -132.21
CA GLN I 306 -13.23 -45.10 -133.13
C GLN I 306 -11.97 -45.61 -133.83
N ASN I 307 -11.27 -46.58 -133.23
CA ASN I 307 -10.03 -47.12 -133.78
C ASN I 307 -10.23 -48.54 -134.30
N TRP I 308 -11.47 -48.91 -134.63
CA TRP I 308 -11.86 -50.19 -135.23
C TRP I 308 -11.62 -51.38 -134.31
N ASN I 309 -11.43 -51.14 -133.01
CA ASN I 309 -11.44 -52.24 -132.06
C ASN I 309 -12.88 -52.72 -131.83
N ASN I 310 -13.01 -53.85 -131.12
CA ASN I 310 -14.32 -54.29 -130.69
C ASN I 310 -14.81 -53.39 -129.56
N TYR I 311 -16.12 -53.18 -129.50
CA TYR I 311 -16.71 -52.35 -128.45
C TYR I 311 -17.11 -53.22 -127.28
N ASP I 312 -16.73 -52.79 -126.08
CA ASP I 312 -16.99 -53.50 -124.84
C ASP I 312 -18.07 -52.77 -124.06
N PRO I 313 -19.32 -53.25 -124.07
CA PRO I 313 -20.40 -52.49 -123.40
C PRO I 313 -20.28 -52.51 -121.88
N THR I 314 -19.24 -53.14 -121.33
CA THR I 314 -19.04 -53.21 -119.89
C THR I 314 -18.13 -52.11 -119.40
N GLU I 315 -17.66 -51.24 -120.30
CA GLU I 315 -16.74 -50.18 -119.93
C GLU I 315 -17.45 -49.23 -118.98
N GLU I 316 -16.69 -48.61 -118.08
CA GLU I 316 -17.29 -47.64 -117.16
C GLU I 316 -17.43 -46.30 -117.88
N ILE I 317 -18.21 -46.36 -118.96
CA ILE I 317 -18.44 -45.22 -119.86
C ILE I 317 -19.92 -45.16 -120.19
N PRO I 318 -20.44 -43.96 -120.46
CA PRO I 318 -21.88 -43.88 -120.83
C PRO I 318 -22.22 -44.54 -122.15
N ALA I 319 -21.31 -44.50 -123.12
CA ALA I 319 -21.53 -45.00 -124.48
C ALA I 319 -20.19 -44.98 -125.18
N PRO I 320 -20.05 -45.59 -126.36
CA PRO I 320 -18.75 -45.52 -127.06
C PRO I 320 -18.36 -44.08 -127.29
N LEU I 321 -17.05 -43.82 -127.24
CA LEU I 321 -16.56 -42.45 -127.27
C LEU I 321 -16.94 -41.78 -128.59
N GLY I 322 -17.55 -40.60 -128.48
CA GLY I 322 -18.05 -39.89 -129.64
C GLY I 322 -19.52 -40.11 -129.96
N THR I 323 -20.24 -40.84 -129.12
CA THR I 323 -21.68 -40.99 -129.35
C THR I 323 -22.35 -39.62 -129.19
N PRO I 324 -23.27 -39.25 -130.07
CA PRO I 324 -23.96 -37.96 -129.93
C PRO I 324 -24.60 -37.82 -128.56
N ASP I 325 -24.60 -36.58 -128.05
CA ASP I 325 -25.05 -36.30 -126.69
C ASP I 325 -26.29 -35.40 -126.68
N PHE I 326 -27.09 -35.49 -127.74
CA PHE I 326 -28.33 -34.73 -127.82
C PHE I 326 -29.37 -35.55 -128.59
N VAL I 327 -30.63 -35.16 -128.42
CA VAL I 327 -31.72 -35.83 -129.12
C VAL I 327 -32.00 -35.07 -130.41
N GLY I 328 -32.00 -35.80 -131.52
CA GLY I 328 -32.22 -35.20 -132.81
C GLY I 328 -31.99 -36.22 -133.90
N LYS I 329 -32.25 -35.79 -135.13
CA LYS I 329 -32.06 -36.62 -136.31
C LYS I 329 -30.86 -36.08 -137.08
N ILE I 330 -29.79 -36.87 -137.13
CA ILE I 330 -28.55 -36.47 -137.78
C ILE I 330 -28.44 -37.18 -139.12
N GLN I 331 -28.36 -36.41 -140.20
CA GLN I 331 -28.18 -36.97 -141.53
C GLN I 331 -26.71 -36.93 -141.91
N GLY I 332 -26.25 -37.99 -142.57
CA GLY I 332 -24.87 -38.08 -143.03
C GLY I 332 -24.75 -38.97 -144.23
N VAL I 333 -23.69 -39.78 -144.25
CA VAL I 333 -23.40 -40.68 -145.36
C VAL I 333 -22.77 -41.95 -144.80
N LEU I 334 -23.32 -43.10 -145.17
CA LEU I 334 -22.72 -44.39 -144.87
C LEU I 334 -21.73 -44.76 -145.98
N THR I 335 -20.56 -45.23 -145.58
CA THR I 335 -19.48 -45.52 -146.51
C THR I 335 -18.99 -46.95 -146.26
N GLN I 336 -18.67 -47.66 -147.34
CA GLN I 336 -18.30 -49.06 -147.22
C GLN I 336 -17.24 -49.38 -148.27
N THR I 337 -16.35 -50.30 -147.92
CA THR I 337 -15.29 -50.73 -148.83
C THR I 337 -15.12 -52.24 -148.74
N THR I 338 -15.09 -52.90 -149.89
CA THR I 338 -14.90 -54.35 -149.94
C THR I 338 -13.40 -54.66 -149.96
N ARG I 339 -12.98 -55.53 -149.04
CA ARG I 339 -11.56 -55.84 -148.88
C ARG I 339 -10.99 -56.59 -150.08
N GLY I 340 -11.75 -57.51 -150.66
CA GLY I 340 -11.20 -58.36 -151.71
C GLY I 340 -10.88 -57.60 -153.00
N ASP I 341 -11.81 -56.77 -153.48
CA ASP I 341 -11.64 -56.08 -154.76
C ASP I 341 -11.43 -54.58 -154.65
N GLY I 342 -11.75 -53.97 -153.51
CA GLY I 342 -11.70 -52.53 -153.38
C GLY I 342 -12.95 -51.81 -153.85
N SER I 343 -14.06 -52.51 -153.98
CA SER I 343 -15.34 -51.89 -154.30
C SER I 343 -15.78 -50.97 -153.17
N THR I 344 -16.34 -49.82 -153.51
CA THR I 344 -16.79 -48.85 -152.53
C THR I 344 -18.20 -48.38 -152.85
N ARG I 345 -18.98 -48.17 -151.78
CA ARG I 345 -20.37 -47.76 -151.86
C ARG I 345 -20.64 -46.65 -150.87
N GLY I 346 -21.46 -45.68 -151.25
CA GLY I 346 -21.81 -44.57 -150.38
C GLY I 346 -23.24 -44.11 -150.49
N HIS I 347 -23.96 -44.07 -149.37
CA HIS I 347 -25.40 -43.81 -149.38
C HIS I 347 -25.80 -42.83 -148.30
N LYS I 348 -26.59 -41.83 -148.69
CA LYS I 348 -27.26 -40.93 -147.76
C LYS I 348 -27.94 -41.71 -146.64
N ALA I 349 -27.72 -41.28 -145.39
CA ALA I 349 -28.25 -42.01 -144.25
C ALA I 349 -28.55 -41.03 -143.11
N THR I 350 -29.37 -41.49 -142.17
CA THR I 350 -29.91 -40.65 -141.11
C THR I 350 -30.05 -41.46 -139.83
N VAL I 351 -29.62 -40.86 -138.72
CA VAL I 351 -29.74 -41.45 -137.39
C VAL I 351 -30.68 -40.59 -136.55
N SER I 352 -31.63 -41.22 -135.89
CA SER I 352 -32.43 -40.56 -134.86
C SER I 352 -31.94 -41.05 -133.50
N THR I 353 -31.42 -40.12 -132.70
CA THR I 353 -30.93 -40.47 -131.36
C THR I 353 -32.04 -40.65 -130.33
N GLY I 354 -33.28 -40.33 -130.67
CA GLY I 354 -34.38 -40.54 -129.76
C GLY I 354 -35.17 -41.81 -130.03
N SER I 355 -34.90 -42.46 -131.15
CA SER I 355 -35.51 -43.75 -131.45
C SER I 355 -35.12 -44.80 -130.42
N VAL I 356 -36.04 -45.73 -130.17
CA VAL I 356 -35.77 -46.83 -129.25
C VAL I 356 -34.69 -47.76 -129.78
N HIS I 357 -34.36 -47.66 -131.06
CA HIS I 357 -33.33 -48.50 -131.67
C HIS I 357 -31.97 -47.81 -131.66
N PHE I 358 -31.87 -46.63 -131.05
CA PHE I 358 -30.60 -45.97 -130.78
C PHE I 358 -30.13 -46.44 -129.42
N THR I 359 -29.34 -47.51 -129.40
CA THR I 359 -28.86 -48.13 -128.17
C THR I 359 -27.36 -48.35 -128.26
N PRO I 360 -26.57 -47.27 -128.27
CA PRO I 360 -25.12 -47.44 -128.49
C PRO I 360 -24.41 -48.07 -127.30
N LYS I 361 -24.92 -47.88 -126.08
CA LYS I 361 -24.33 -48.54 -124.92
C LYS I 361 -24.38 -50.05 -125.07
N LEU I 362 -25.42 -50.56 -125.72
CA LEU I 362 -25.56 -52.00 -125.95
C LEU I 362 -24.80 -52.46 -127.18
N GLY I 363 -24.48 -51.56 -128.10
CA GLY I 363 -23.61 -51.88 -129.21
C GLY I 363 -24.26 -51.76 -130.58
N SER I 364 -25.49 -51.24 -130.63
CA SER I 364 -26.28 -51.24 -131.87
C SER I 364 -26.89 -49.87 -132.09
N VAL I 365 -26.88 -49.44 -133.35
CA VAL I 365 -27.56 -48.21 -133.79
C VAL I 365 -28.26 -48.53 -135.10
N GLN I 366 -29.33 -47.79 -135.39
CA GLN I 366 -30.14 -48.02 -136.58
C GLN I 366 -30.08 -46.79 -137.47
N PHE I 367 -29.80 -47.01 -138.76
CA PHE I 367 -29.76 -45.97 -139.77
C PHE I 367 -30.94 -46.11 -140.72
N THR I 368 -31.35 -44.99 -141.30
CA THR I 368 -32.36 -44.97 -142.36
C THR I 368 -31.67 -44.51 -143.64
N THR I 369 -31.66 -45.37 -144.65
CA THR I 369 -30.85 -45.15 -145.84
C THR I 369 -31.74 -44.94 -147.06
N ASP I 370 -31.10 -44.75 -148.21
CA ASP I 370 -31.78 -44.68 -149.50
C ASP I 370 -31.59 -45.94 -150.34
N THR I 371 -31.19 -47.05 -149.72
CA THR I 371 -31.09 -48.32 -150.43
C THR I 371 -31.51 -49.45 -149.50
N ASN I 372 -32.05 -50.51 -150.10
CA ASN I 372 -32.34 -51.76 -149.40
C ASN I 372 -31.45 -52.93 -149.81
N ASN I 373 -30.48 -52.72 -150.68
CA ASN I 373 -29.69 -53.83 -151.20
C ASN I 373 -28.18 -53.64 -151.16
N ASP I 374 -27.71 -52.40 -151.30
CA ASP I 374 -26.32 -52.10 -151.61
C ASP I 374 -25.44 -51.87 -150.37
N LEU I 375 -25.68 -52.58 -149.26
CA LEU I 375 -24.77 -52.52 -148.12
C LEU I 375 -24.46 -53.93 -147.66
N GLU I 376 -23.21 -54.35 -147.87
CA GLU I 376 -22.77 -55.70 -147.60
C GLU I 376 -22.65 -55.97 -146.10
N THR I 377 -22.66 -57.26 -145.76
CA THR I 377 -22.45 -57.73 -144.40
C THR I 377 -20.96 -58.01 -144.19
N GLY I 378 -20.54 -57.97 -142.93
CA GLY I 378 -19.15 -58.20 -142.58
C GLY I 378 -18.16 -57.14 -143.04
N GLN I 379 -18.60 -56.13 -143.77
CA GLN I 379 -17.70 -55.08 -144.24
C GLN I 379 -17.73 -53.91 -143.27
N ASN I 380 -16.59 -53.22 -143.17
CA ASN I 380 -16.52 -52.06 -142.29
C ASN I 380 -17.28 -50.89 -142.91
N THR I 381 -18.03 -50.18 -142.06
CA THR I 381 -18.90 -49.11 -142.50
C THR I 381 -18.73 -47.92 -141.58
N LYS I 382 -18.66 -46.73 -142.16
CA LYS I 382 -18.45 -45.48 -141.41
C LYS I 382 -19.59 -44.53 -141.71
N PHE I 383 -20.21 -43.99 -140.65
CA PHE I 383 -21.18 -42.92 -140.79
C PHE I 383 -20.46 -41.58 -140.64
N THR I 384 -20.42 -40.80 -141.72
CA THR I 384 -19.83 -39.48 -141.69
C THR I 384 -20.94 -38.45 -141.49
N PRO I 385 -20.99 -37.76 -140.35
CA PRO I 385 -22.07 -36.80 -140.13
C PRO I 385 -21.90 -35.56 -140.97
N VAL I 386 -23.02 -34.91 -141.27
CA VAL I 386 -23.02 -33.71 -142.11
C VAL I 386 -23.84 -32.62 -141.43
N GLY I 387 -25.03 -32.98 -140.96
CA GLY I 387 -25.93 -32.00 -140.40
C GLY I 387 -27.12 -32.65 -139.73
N VAL I 388 -28.07 -31.80 -139.33
CA VAL I 388 -29.26 -32.25 -138.63
C VAL I 388 -30.48 -31.93 -139.49
N VAL I 389 -31.55 -32.69 -139.26
CA VAL I 389 -32.75 -32.61 -140.07
C VAL I 389 -33.95 -32.50 -139.14
N GLN I 390 -35.05 -31.98 -139.66
CA GLN I 390 -36.23 -31.68 -138.87
C GLN I 390 -37.48 -32.07 -139.65
N ASP I 391 -38.40 -32.73 -138.96
CA ASP I 391 -39.66 -33.15 -139.58
C ASP I 391 -40.56 -31.93 -139.73
N GLY I 392 -40.85 -31.56 -140.98
CA GLY I 392 -41.50 -30.29 -141.26
C GLY I 392 -42.94 -30.19 -140.78
N ASN I 393 -43.56 -31.32 -140.42
CA ASN I 393 -44.95 -31.31 -139.98
C ASN I 393 -45.09 -30.89 -138.52
N SER I 394 -44.01 -30.95 -137.75
CA SER I 394 -44.03 -30.55 -136.34
C SER I 394 -43.69 -29.07 -136.20
N ALA I 395 -43.69 -28.59 -134.96
CA ALA I 395 -43.39 -27.20 -134.68
C ALA I 395 -41.96 -26.87 -135.10
N HIS I 396 -41.80 -25.69 -135.70
CA HIS I 396 -40.50 -25.29 -136.22
C HIS I 396 -39.48 -25.13 -135.09
N GLN I 397 -38.27 -25.65 -135.32
CA GLN I 397 -37.16 -25.59 -134.36
C GLN I 397 -37.42 -26.46 -133.13
N ASN I 398 -37.97 -27.66 -133.33
CA ASN I 398 -38.34 -28.51 -132.20
C ASN I 398 -37.65 -29.86 -132.18
N GLU I 399 -37.00 -30.28 -133.27
CA GLU I 399 -36.53 -31.66 -133.30
C GLU I 399 -35.16 -31.82 -132.63
N PRO I 400 -34.10 -31.07 -133.03
CA PRO I 400 -32.81 -31.28 -132.37
C PRO I 400 -32.72 -30.53 -131.05
N GLN I 401 -32.94 -31.25 -129.95
CA GLN I 401 -32.97 -30.69 -128.59
C GLN I 401 -31.60 -30.89 -127.95
N GLN I 402 -30.76 -29.85 -127.99
CA GLN I 402 -29.35 -30.04 -127.66
C GLN I 402 -29.14 -30.45 -126.20
N TRP I 403 -30.03 -30.04 -125.30
CA TRP I 403 -29.82 -30.27 -123.88
C TRP I 403 -30.63 -31.45 -123.35
N VAL I 404 -31.16 -32.30 -124.22
CA VAL I 404 -31.82 -33.53 -123.82
C VAL I 404 -30.92 -34.69 -124.18
N LEU I 405 -30.51 -35.45 -123.19
CA LEU I 405 -29.60 -36.55 -123.48
C LEU I 405 -30.36 -37.72 -124.10
N PRO I 406 -29.78 -38.38 -125.09
CA PRO I 406 -30.37 -39.64 -125.57
C PRO I 406 -30.35 -40.69 -124.49
N ASN I 407 -31.14 -41.74 -124.71
CA ASN I 407 -31.18 -42.91 -123.82
C ASN I 407 -30.24 -43.95 -124.39
N TYR I 408 -29.03 -44.02 -123.83
CA TYR I 408 -27.97 -44.80 -124.46
C TYR I 408 -28.24 -46.29 -124.46
N SER I 409 -29.15 -46.77 -123.60
CA SER I 409 -29.54 -48.18 -123.59
C SER I 409 -31.01 -48.37 -123.96
N GLY I 410 -31.64 -47.36 -124.55
CA GLY I 410 -33.06 -47.44 -124.86
C GLY I 410 -33.93 -47.76 -123.66
N ARG I 411 -34.88 -48.68 -123.88
CA ARG I 411 -35.83 -49.07 -122.84
C ARG I 411 -35.18 -49.84 -121.70
N THR I 412 -34.18 -50.67 -122.00
CA THR I 412 -33.61 -51.60 -121.03
C THR I 412 -32.61 -50.94 -120.07
N GLY I 413 -33.10 -49.98 -119.28
CA GLY I 413 -32.28 -49.37 -118.26
C GLY I 413 -32.22 -47.86 -118.37
N HIS I 414 -31.27 -47.29 -117.63
CA HIS I 414 -31.04 -45.86 -117.57
C HIS I 414 -29.59 -45.56 -117.92
N ASN I 415 -29.30 -44.30 -118.21
CA ASN I 415 -27.94 -43.88 -118.54
C ASN I 415 -27.03 -44.06 -117.32
N VAL I 416 -25.78 -44.46 -117.58
CA VAL I 416 -24.84 -44.78 -116.52
C VAL I 416 -23.57 -43.96 -116.71
N HIS I 417 -22.85 -43.76 -115.60
CA HIS I 417 -21.56 -43.06 -115.57
C HIS I 417 -21.57 -41.77 -116.37
N LEU I 418 -22.60 -40.96 -116.16
CA LEU I 418 -22.72 -39.70 -116.87
C LEU I 418 -21.75 -38.67 -116.29
N ALA I 419 -21.28 -37.77 -117.15
CA ALA I 419 -20.56 -36.60 -116.68
C ALA I 419 -21.53 -35.69 -115.91
N PRO I 420 -21.06 -35.02 -114.87
CA PRO I 420 -21.97 -34.28 -113.99
C PRO I 420 -22.65 -33.15 -114.74
N ALA I 421 -23.80 -32.75 -114.23
CA ALA I 421 -24.46 -31.58 -114.78
C ALA I 421 -23.73 -30.32 -114.33
N VAL I 422 -24.04 -29.22 -115.00
CA VAL I 422 -23.25 -27.99 -114.89
C VAL I 422 -24.21 -26.83 -114.69
N ALA I 423 -23.95 -26.03 -113.66
CA ALA I 423 -24.78 -24.87 -113.38
C ALA I 423 -23.95 -23.84 -112.63
N PRO I 424 -24.23 -22.55 -112.82
CA PRO I 424 -23.56 -21.53 -112.01
C PRO I 424 -24.02 -21.61 -110.56
N THR I 425 -23.07 -21.39 -109.64
CA THR I 425 -23.34 -21.41 -108.22
C THR I 425 -23.25 -20.03 -107.57
N PHE I 426 -22.61 -19.08 -108.23
CA PHE I 426 -22.32 -17.77 -107.65
C PHE I 426 -23.32 -16.76 -108.21
N PRO I 427 -23.98 -15.98 -107.35
CA PRO I 427 -24.98 -15.01 -107.85
C PRO I 427 -24.42 -14.04 -108.87
N GLY I 428 -25.20 -13.84 -109.93
CA GLY I 428 -24.85 -12.94 -111.02
C GLY I 428 -24.13 -13.60 -112.17
N GLU I 429 -23.89 -14.90 -112.10
CA GLU I 429 -23.11 -15.63 -113.09
C GLU I 429 -24.00 -16.51 -113.95
N GLN I 430 -23.67 -16.59 -115.23
CA GLN I 430 -24.31 -17.51 -116.15
C GLN I 430 -23.20 -18.29 -116.85
N LEU I 431 -23.57 -19.47 -117.36
CA LEU I 431 -22.62 -20.24 -118.15
C LEU I 431 -22.17 -19.44 -119.37
N LEU I 432 -20.95 -19.71 -119.81
CA LEU I 432 -20.43 -19.19 -121.07
C LEU I 432 -20.31 -20.35 -122.05
N PHE I 433 -21.02 -20.26 -123.17
CA PHE I 433 -21.07 -21.33 -124.15
C PHE I 433 -20.28 -20.96 -125.39
N PHE I 434 -19.60 -21.94 -125.97
CA PHE I 434 -18.95 -21.79 -127.26
C PHE I 434 -19.92 -22.32 -128.31
N ARG I 435 -20.46 -21.42 -129.12
CA ARG I 435 -21.61 -21.72 -129.97
C ARG I 435 -21.19 -21.84 -131.43
N SER I 436 -21.68 -22.88 -132.10
CA SER I 436 -21.63 -22.99 -133.55
C SER I 436 -23.02 -23.34 -134.07
N THR I 437 -23.19 -23.19 -135.38
CA THR I 437 -24.47 -23.41 -136.05
C THR I 437 -24.38 -24.70 -136.86
N MET I 438 -25.18 -25.70 -136.48
CA MET I 438 -25.17 -26.97 -137.19
C MET I 438 -25.79 -26.81 -138.57
N PRO I 439 -25.22 -27.44 -139.59
CA PRO I 439 -25.86 -27.43 -140.90
C PRO I 439 -27.19 -28.18 -140.87
N GLY I 440 -28.19 -27.60 -141.51
CA GLY I 440 -29.45 -28.28 -141.74
C GLY I 440 -29.53 -28.90 -143.13
N CYS I 441 -30.10 -30.11 -143.20
CA CYS I 441 -30.18 -30.87 -144.43
C CYS I 441 -31.56 -30.83 -145.05
N SER I 442 -32.60 -30.64 -144.23
CA SER I 442 -34.00 -30.74 -144.62
C SER I 442 -34.83 -30.31 -143.43
N GLY I 443 -35.93 -29.59 -143.70
CA GLY I 443 -36.80 -29.18 -142.61
C GLY I 443 -36.46 -27.83 -142.03
N TYR I 444 -36.83 -27.60 -140.78
CA TYR I 444 -36.56 -26.34 -140.07
C TYR I 444 -35.98 -26.65 -138.69
N PRO I 445 -34.75 -27.16 -138.63
CA PRO I 445 -34.20 -27.62 -137.36
C PRO I 445 -33.51 -26.52 -136.56
N ASN I 446 -33.47 -26.74 -135.25
CA ASN I 446 -32.77 -25.83 -134.35
C ASN I 446 -31.27 -26.06 -134.51
N MET I 447 -30.60 -25.16 -135.21
CA MET I 447 -29.21 -25.35 -135.60
C MET I 447 -28.22 -24.88 -134.54
N ASN I 448 -28.70 -24.43 -133.38
CA ASN I 448 -27.83 -23.97 -132.31
C ASN I 448 -27.21 -25.15 -131.59
N LEU I 449 -25.87 -25.15 -131.49
CA LEU I 449 -25.15 -26.16 -130.73
C LEU I 449 -24.14 -25.47 -129.81
N ASP I 450 -24.38 -25.58 -128.51
CA ASP I 450 -23.52 -24.98 -127.49
C ASP I 450 -22.69 -26.05 -126.82
N CYS I 451 -21.38 -25.84 -126.76
CA CYS I 451 -20.50 -26.73 -126.00
C CYS I 451 -19.78 -25.95 -124.91
N LEU I 452 -19.37 -26.67 -123.87
CA LEU I 452 -18.75 -26.06 -122.70
C LEU I 452 -17.28 -25.75 -122.91
N LEU I 453 -16.59 -26.53 -123.75
CA LEU I 453 -15.17 -26.34 -124.03
C LEU I 453 -14.92 -26.58 -125.51
N PRO I 454 -14.14 -25.71 -126.16
CA PRO I 454 -13.68 -26.02 -127.52
C PRO I 454 -12.84 -27.30 -127.54
N GLN I 455 -12.87 -27.99 -128.67
CA GLN I 455 -12.16 -29.26 -128.76
C GLN I 455 -10.66 -29.07 -128.59
N GLU I 456 -10.12 -27.96 -129.09
CA GLU I 456 -8.70 -27.69 -128.93
C GLU I 456 -8.33 -27.51 -127.47
N TRP I 457 -9.25 -26.97 -126.65
CA TRP I 457 -9.01 -26.91 -125.21
C TRP I 457 -8.99 -28.30 -124.59
N VAL I 458 -9.86 -29.20 -125.05
CA VAL I 458 -9.80 -30.58 -124.59
C VAL I 458 -8.45 -31.19 -124.94
N LEU I 459 -8.01 -31.01 -126.19
CA LEU I 459 -6.68 -31.46 -126.58
C LEU I 459 -5.62 -30.85 -125.70
N HIS I 460 -5.71 -29.55 -125.44
CA HIS I 460 -4.67 -28.87 -124.69
C HIS I 460 -4.59 -29.39 -123.26
N PHE I 461 -5.73 -29.41 -122.56
CA PHE I 461 -5.74 -29.88 -121.17
C PHE I 461 -5.27 -31.32 -121.08
N TYR I 462 -5.62 -32.15 -122.07
CA TYR I 462 -5.22 -33.55 -122.05
C TYR I 462 -3.71 -33.69 -122.12
N GLN I 463 -3.07 -32.98 -123.05
CA GLN I 463 -1.63 -33.17 -123.26
C GLN I 463 -0.83 -32.55 -122.13
N GLU I 464 -1.10 -31.29 -121.80
CA GLU I 464 -0.41 -30.59 -120.73
C GLU I 464 -1.19 -30.84 -119.45
N ALA I 465 -0.79 -31.88 -118.71
CA ALA I 465 -1.55 -32.31 -117.54
C ALA I 465 -1.25 -31.43 -116.34
N ALA I 466 -1.50 -30.14 -116.52
CA ALA I 466 -1.15 -29.15 -115.51
C ALA I 466 -2.04 -29.30 -114.28
N PRO I 467 -1.47 -29.42 -113.08
CA PRO I 467 -2.29 -29.51 -111.88
C PRO I 467 -3.07 -28.23 -111.62
N ALA I 468 -4.31 -28.39 -111.19
CA ALA I 468 -5.14 -27.26 -110.81
C ALA I 468 -4.76 -26.81 -109.40
N GLN I 469 -4.40 -25.53 -109.26
CA GLN I 469 -4.06 -24.98 -107.96
C GLN I 469 -5.27 -24.56 -107.13
N SER I 470 -6.44 -24.47 -107.72
CA SER I 470 -7.66 -24.18 -106.98
C SER I 470 -8.86 -24.56 -107.83
N ASP I 471 -10.05 -24.19 -107.37
CA ASP I 471 -11.29 -24.56 -108.05
C ASP I 471 -11.58 -23.72 -109.29
N VAL I 472 -10.88 -22.60 -109.47
CA VAL I 472 -11.20 -21.66 -110.54
C VAL I 472 -9.91 -21.13 -111.14
N ALA I 473 -9.83 -21.15 -112.47
CA ALA I 473 -8.76 -20.49 -113.21
C ALA I 473 -9.34 -19.19 -113.78
N LEU I 474 -8.80 -18.06 -113.36
CA LEU I 474 -9.24 -16.76 -113.87
C LEU I 474 -8.66 -16.55 -115.27
N LEU I 475 -9.53 -16.32 -116.24
CA LEU I 475 -9.13 -16.03 -117.61
C LEU I 475 -9.51 -14.60 -117.97
N ARG I 476 -8.68 -13.96 -118.79
CA ARG I 476 -8.97 -12.66 -119.35
C ARG I 476 -9.00 -12.76 -120.86
N PHE I 477 -9.99 -12.12 -121.48
CA PHE I 477 -10.13 -12.11 -122.94
C PHE I 477 -9.52 -10.83 -123.46
N VAL I 478 -8.54 -10.95 -124.35
CA VAL I 478 -7.67 -9.84 -124.72
C VAL I 478 -7.76 -9.61 -126.23
N ASN I 479 -7.80 -8.33 -126.61
CA ASN I 479 -7.63 -7.93 -128.00
C ASN I 479 -6.16 -7.67 -128.24
N PRO I 480 -5.45 -8.50 -129.02
CA PRO I 480 -3.99 -8.38 -129.11
C PRO I 480 -3.53 -7.13 -129.83
N ASP I 481 -4.37 -6.50 -130.65
CA ASP I 481 -3.98 -5.25 -131.29
C ASP I 481 -3.80 -4.14 -130.25
N THR I 482 -4.82 -3.91 -129.43
CA THR I 482 -4.81 -2.83 -128.48
C THR I 482 -4.33 -3.24 -127.10
N GLY I 483 -4.26 -4.54 -126.81
CA GLY I 483 -3.87 -5.02 -125.51
C GLY I 483 -4.92 -4.92 -124.42
N ARG I 484 -6.11 -4.41 -124.73
CA ARG I 484 -7.09 -4.12 -123.70
C ARG I 484 -7.88 -5.37 -123.34
N VAL I 485 -8.23 -5.50 -122.07
CA VAL I 485 -9.03 -6.63 -121.62
C VAL I 485 -10.51 -6.32 -121.85
N LEU I 486 -11.20 -7.24 -122.51
CA LEU I 486 -12.60 -7.05 -122.86
C LEU I 486 -13.54 -7.59 -121.79
N PHE I 487 -13.26 -8.80 -121.29
CA PHE I 487 -13.98 -9.35 -120.16
C PHE I 487 -13.09 -10.38 -119.49
N GLU I 488 -13.47 -10.77 -118.28
CA GLU I 488 -12.84 -11.87 -117.56
C GLU I 488 -13.89 -12.93 -117.24
N CYS I 489 -13.42 -14.17 -117.08
CA CYS I 489 -14.32 -15.28 -116.82
C CYS I 489 -13.62 -16.28 -115.90
N LYS I 490 -14.43 -17.17 -115.33
CA LYS I 490 -13.96 -18.20 -114.41
C LYS I 490 -14.02 -19.55 -115.10
N LEU I 491 -12.85 -20.16 -115.31
CA LEU I 491 -12.78 -21.52 -115.83
C LEU I 491 -12.64 -22.48 -114.66
N HIS I 492 -13.70 -23.26 -114.41
CA HIS I 492 -13.71 -24.16 -113.27
C HIS I 492 -12.89 -25.40 -113.58
N LYS I 493 -12.31 -25.98 -112.53
CA LYS I 493 -11.45 -27.15 -112.70
C LYS I 493 -12.17 -28.25 -113.47
N SER I 494 -13.47 -28.44 -113.21
CA SER I 494 -14.25 -29.51 -113.83
C SER I 494 -14.48 -29.31 -115.33
N GLY I 495 -13.95 -28.24 -115.91
CA GLY I 495 -14.11 -27.99 -117.33
C GLY I 495 -15.38 -27.30 -117.80
N TYR I 496 -15.67 -26.11 -117.25
CA TYR I 496 -16.73 -25.27 -117.77
C TYR I 496 -16.41 -23.82 -117.39
N VAL I 497 -17.01 -22.89 -118.13
CA VAL I 497 -16.72 -21.47 -117.95
C VAL I 497 -17.98 -20.74 -117.53
N THR I 498 -17.80 -19.72 -116.68
CA THR I 498 -18.88 -18.87 -116.22
C THR I 498 -18.48 -17.41 -116.37
N VAL I 499 -19.47 -16.54 -116.54
CA VAL I 499 -19.24 -15.11 -116.71
C VAL I 499 -20.28 -14.35 -115.91
N ALA I 500 -19.99 -13.06 -115.71
CA ALA I 500 -20.88 -12.15 -114.97
C ALA I 500 -21.78 -11.44 -115.96
N HIS I 501 -23.02 -11.90 -116.09
CA HIS I 501 -23.97 -11.35 -117.03
C HIS I 501 -25.37 -11.83 -116.65
N THR I 502 -26.38 -11.09 -117.11
CA THR I 502 -27.76 -11.49 -116.91
C THR I 502 -28.54 -11.33 -118.20
N GLY I 503 -29.20 -12.41 -118.62
CA GLY I 503 -29.93 -12.43 -119.86
C GLY I 503 -29.18 -13.13 -120.98
N PRO I 504 -29.90 -13.62 -121.99
CA PRO I 504 -29.22 -14.19 -123.16
C PRO I 504 -28.55 -13.11 -123.96
N HIS I 505 -27.39 -13.46 -124.54
CA HIS I 505 -26.60 -12.48 -125.26
C HIS I 505 -25.50 -13.12 -126.11
N ASP I 506 -25.46 -12.76 -127.39
CA ASP I 506 -24.31 -13.08 -128.23
C ASP I 506 -23.22 -12.05 -127.97
N LEU I 507 -22.01 -12.52 -127.69
CA LEU I 507 -20.95 -11.61 -127.28
C LEU I 507 -20.43 -10.82 -128.47
N VAL I 508 -20.11 -9.55 -128.21
CA VAL I 508 -19.61 -8.64 -129.23
C VAL I 508 -18.08 -8.69 -129.14
N ILE I 509 -17.46 -9.47 -130.02
CA ILE I 509 -16.06 -9.82 -129.86
C ILE I 509 -15.25 -9.49 -131.12
N PRO I 510 -14.10 -8.85 -130.97
CA PRO I 510 -13.18 -8.68 -132.11
C PRO I 510 -12.71 -10.01 -132.66
N PRO I 511 -12.63 -10.14 -133.97
CA PRO I 511 -12.34 -11.45 -134.58
C PRO I 511 -11.00 -12.05 -134.17
N ASN I 512 -10.04 -11.26 -133.69
CA ASN I 512 -8.72 -11.76 -133.33
C ASN I 512 -8.50 -11.92 -131.82
N GLY I 513 -9.55 -11.83 -131.01
CA GLY I 513 -9.39 -11.97 -129.57
C GLY I 513 -9.10 -13.40 -129.15
N TYR I 514 -8.32 -13.52 -128.06
CA TYR I 514 -7.90 -14.81 -127.52
C TYR I 514 -8.10 -14.82 -126.00
N PHE I 515 -8.16 -16.02 -125.44
CA PHE I 515 -8.22 -16.20 -124.00
C PHE I 515 -6.82 -16.33 -123.41
N ARG I 516 -6.59 -15.64 -122.29
CA ARG I 516 -5.30 -15.65 -121.60
C ARG I 516 -5.48 -16.02 -120.15
N PHE I 517 -4.70 -16.98 -119.67
CA PHE I 517 -4.74 -17.39 -118.27
C PHE I 517 -3.97 -16.38 -117.42
N ASP I 518 -4.59 -15.95 -116.32
CA ASP I 518 -4.00 -14.93 -115.47
C ASP I 518 -3.55 -15.45 -114.11
N SER I 519 -4.38 -16.23 -113.42
CA SER I 519 -4.03 -16.70 -112.08
C SER I 519 -5.09 -17.68 -111.61
N TRP I 520 -4.69 -18.57 -110.71
CA TRP I 520 -5.64 -19.35 -109.93
C TRP I 520 -6.24 -18.52 -108.80
N VAL I 521 -7.53 -18.69 -108.59
CA VAL I 521 -8.27 -18.04 -107.52
C VAL I 521 -9.21 -19.08 -106.92
N ASN I 522 -9.86 -18.74 -105.82
CA ASN I 522 -10.81 -19.65 -105.22
C ASN I 522 -12.23 -19.23 -105.58
N GLN I 523 -13.19 -20.09 -105.25
CA GLN I 523 -14.54 -19.89 -105.77
C GLN I 523 -15.21 -18.64 -105.22
N PHE I 524 -14.60 -17.96 -104.24
CA PHE I 524 -15.19 -16.74 -103.71
C PHE I 524 -14.85 -15.52 -104.55
N TYR I 525 -14.01 -15.69 -105.58
CA TYR I 525 -13.62 -14.56 -106.43
C TYR I 525 -14.82 -14.00 -107.17
N THR I 526 -15.02 -12.70 -107.05
CA THR I 526 -16.13 -12.01 -107.69
C THR I 526 -15.62 -11.24 -108.90
N LEU I 527 -16.09 -11.60 -110.08
CA LEU I 527 -15.56 -11.04 -111.32
C LEU I 527 -16.38 -9.84 -111.75
N ALA I 528 -15.71 -8.92 -112.44
CA ALA I 528 -16.37 -7.71 -112.90
C ALA I 528 -17.44 -8.03 -113.93
N PRO I 529 -18.59 -7.36 -113.89
CA PRO I 529 -19.60 -7.54 -114.94
C PRO I 529 -19.13 -6.96 -116.26
N MET I 530 -19.60 -7.57 -117.34
CA MET I 530 -19.25 -7.25 -118.73
C MET I 530 -18.67 -5.85 -118.99
N ALA J 28 18.03 -76.51 -59.64
CA ALA J 28 19.12 -75.69 -60.18
C ALA J 28 20.00 -76.49 -61.13
N LEU J 29 20.46 -75.83 -62.19
CA LEU J 29 21.47 -76.36 -63.10
C LEU J 29 22.63 -75.38 -63.19
N GLU J 30 23.77 -75.87 -63.66
CA GLU J 30 24.87 -74.96 -63.95
C GLU J 30 24.64 -74.20 -65.25
N PRO J 31 25.31 -73.07 -65.41
CA PRO J 31 25.33 -72.41 -66.72
C PRO J 31 26.06 -73.28 -67.73
N VAL J 32 25.64 -73.18 -68.98
CA VAL J 32 26.15 -74.03 -70.05
C VAL J 32 26.43 -73.14 -71.24
N VAL J 33 27.68 -73.16 -71.72
CA VAL J 33 28.09 -72.23 -72.76
C VAL J 33 27.45 -72.60 -74.09
N GLY J 34 27.15 -71.59 -74.90
CA GLY J 34 26.66 -71.79 -76.24
C GLY J 34 27.77 -71.83 -77.27
N ALA J 35 27.67 -71.00 -78.30
CA ALA J 35 28.56 -71.08 -79.45
C ALA J 35 29.93 -70.46 -79.20
N ALA J 36 30.12 -69.77 -78.06
CA ALA J 36 31.41 -69.17 -77.77
C ALA J 36 32.53 -70.21 -77.76
N ILE J 37 32.26 -71.41 -77.23
CA ILE J 37 33.28 -72.46 -77.21
C ILE J 37 33.68 -72.86 -78.62
N ALA J 38 32.77 -72.74 -79.59
CA ALA J 38 33.01 -73.27 -80.93
C ALA J 38 33.86 -72.36 -81.79
N ALA J 39 34.21 -71.17 -81.30
CA ALA J 39 34.88 -70.17 -82.13
C ALA J 39 36.14 -70.68 -82.82
N PRO J 40 37.06 -71.40 -82.16
CA PRO J 40 38.27 -71.85 -82.86
C PRO J 40 38.01 -72.89 -83.94
N VAL J 41 36.88 -73.59 -83.92
CA VAL J 41 36.63 -74.65 -84.88
C VAL J 41 35.43 -74.38 -85.79
N ALA J 42 34.65 -73.34 -85.54
CA ALA J 42 33.63 -72.93 -86.50
C ALA J 42 34.25 -72.12 -87.64
N GLY J 43 33.56 -72.12 -88.77
CA GLY J 43 34.02 -71.33 -89.91
C GLY J 43 33.91 -69.83 -89.69
N GLN J 44 32.92 -69.39 -88.91
CA GLN J 44 32.56 -67.99 -88.83
C GLN J 44 32.08 -67.68 -87.42
N GLN J 45 32.00 -66.38 -87.12
CA GLN J 45 31.44 -65.90 -85.87
C GLN J 45 30.26 -65.00 -86.22
N ASN J 46 29.07 -65.37 -85.75
CA ASN J 46 27.82 -64.71 -86.10
C ASN J 46 27.12 -64.13 -84.88
N VAL J 47 26.07 -63.36 -85.16
CA VAL J 47 25.30 -62.65 -84.15
C VAL J 47 23.82 -62.80 -84.49
N ILE J 48 23.01 -62.98 -83.46
CA ILE J 48 21.55 -63.05 -83.57
C ILE J 48 20.98 -61.75 -83.02
N ASP J 49 19.94 -61.25 -83.69
CA ASP J 49 19.25 -60.05 -83.23
C ASP J 49 18.83 -60.24 -81.77
N PRO J 50 19.36 -59.45 -80.83
CA PRO J 50 19.05 -59.66 -79.41
C PRO J 50 17.58 -59.55 -79.06
N TRP J 51 16.80 -58.80 -79.84
CA TRP J 51 15.38 -58.68 -79.55
C TRP J 51 14.66 -60.03 -79.55
N ILE J 52 15.14 -60.99 -80.36
CA ILE J 52 14.51 -62.31 -80.39
C ILE J 52 14.49 -62.95 -79.02
N ARG J 53 15.49 -62.68 -78.17
CA ARG J 53 15.50 -63.27 -76.84
C ARG J 53 14.72 -62.44 -75.81
N ASN J 54 14.16 -61.30 -76.20
CA ASN J 54 13.46 -60.43 -75.26
C ASN J 54 11.95 -60.65 -75.27
N ASN J 55 11.47 -61.70 -75.94
CA ASN J 55 10.04 -61.92 -76.12
C ASN J 55 9.74 -63.41 -76.14
N PHE J 56 8.90 -63.88 -75.21
CA PHE J 56 8.44 -65.26 -75.27
C PHE J 56 7.46 -65.42 -76.42
N VAL J 57 7.65 -66.47 -77.23
CA VAL J 57 6.83 -66.70 -78.41
C VAL J 57 6.52 -68.19 -78.52
N GLN J 58 5.32 -68.50 -79.03
CA GLN J 58 4.81 -69.86 -78.98
C GLN J 58 5.61 -70.77 -79.90
N ALA J 59 6.04 -71.92 -79.36
CA ALA J 59 6.83 -72.87 -80.12
C ALA J 59 6.02 -73.47 -81.27
N PRO J 60 6.69 -73.81 -82.38
CA PRO J 60 6.00 -74.50 -83.48
C PRO J 60 5.39 -75.83 -83.08
N GLY J 61 5.77 -76.38 -81.93
CA GLY J 61 5.17 -77.58 -81.41
C GLY J 61 4.91 -77.33 -79.94
N GLY J 62 4.24 -76.22 -79.67
CA GLY J 62 4.02 -75.73 -78.32
C GLY J 62 2.59 -75.84 -77.86
N GLU J 63 1.84 -76.80 -78.41
CA GLU J 63 0.48 -77.07 -77.98
C GLU J 63 0.39 -78.50 -77.49
N PHE J 64 -0.25 -78.68 -76.34
CA PHE J 64 -0.58 -80.00 -75.85
C PHE J 64 -1.79 -79.87 -74.92
N THR J 65 -2.33 -81.01 -74.53
CA THR J 65 -3.61 -81.06 -73.85
C THR J 65 -3.59 -82.05 -72.69
N VAL J 66 -4.22 -81.68 -71.59
CA VAL J 66 -4.45 -82.60 -70.47
C VAL J 66 -5.95 -82.78 -70.30
N SER J 67 -6.42 -84.01 -70.47
CA SER J 67 -7.83 -84.37 -70.35
C SER J 67 -7.95 -85.58 -69.45
N PRO J 68 -9.16 -85.89 -68.96
CA PRO J 68 -9.32 -87.07 -68.11
C PRO J 68 -9.11 -88.39 -68.84
N ARG J 69 -9.06 -88.38 -70.18
CA ARG J 69 -8.63 -89.57 -70.90
C ARG J 69 -7.15 -89.87 -70.68
N ASN J 70 -6.37 -88.87 -70.28
CA ASN J 70 -4.95 -89.04 -70.05
C ASN J 70 -4.71 -89.57 -68.65
N ALA J 71 -3.61 -90.29 -68.47
CA ALA J 71 -3.23 -90.85 -67.19
C ALA J 71 -1.75 -90.61 -66.94
N PRO J 72 -1.32 -90.70 -65.68
CA PRO J 72 0.12 -90.66 -65.40
C PRO J 72 0.87 -91.75 -66.16
N GLY J 73 2.08 -91.41 -66.59
CA GLY J 73 2.95 -92.26 -67.36
C GLY J 73 2.97 -91.91 -68.83
N GLU J 74 1.88 -91.35 -69.34
CA GLU J 74 1.84 -90.87 -70.71
C GLU J 74 2.63 -89.57 -70.80
N ILE J 75 3.62 -89.52 -71.69
CA ILE J 75 4.34 -88.26 -71.92
C ILE J 75 3.44 -87.42 -72.81
N LEU J 76 2.74 -86.45 -72.20
CA LEU J 76 1.74 -85.65 -72.91
C LEU J 76 2.37 -84.60 -73.82
N TRP J 77 3.64 -84.27 -73.62
CA TRP J 77 4.28 -83.26 -74.45
C TRP J 77 5.79 -83.42 -74.34
N SER J 78 6.48 -83.17 -75.44
CA SER J 78 7.93 -83.22 -75.43
C SER J 78 8.47 -82.42 -76.61
N ALA J 79 9.71 -81.97 -76.47
CA ALA J 79 10.37 -81.22 -77.52
C ALA J 79 11.87 -81.31 -77.30
N PRO J 80 12.66 -81.43 -78.36
CA PRO J 80 14.12 -81.35 -78.21
C PRO J 80 14.60 -79.91 -78.31
N LEU J 81 15.72 -79.65 -77.63
CA LEU J 81 16.34 -78.34 -77.77
C LEU J 81 16.82 -78.15 -79.20
N GLY J 82 16.57 -76.97 -79.74
CA GLY J 82 16.92 -76.67 -81.11
C GLY J 82 16.18 -75.46 -81.63
N PRO J 83 16.54 -75.00 -82.83
CA PRO J 83 15.87 -73.81 -83.38
C PRO J 83 14.38 -74.01 -83.59
N ASP J 84 13.91 -75.26 -83.69
CA ASP J 84 12.49 -75.51 -83.89
C ASP J 84 11.65 -75.17 -82.67
N LEU J 85 12.27 -74.80 -81.55
CA LEU J 85 11.52 -74.38 -80.37
C LEU J 85 10.96 -72.96 -80.52
N ASN J 86 11.35 -72.24 -81.55
CA ASN J 86 11.04 -70.82 -81.63
C ASN J 86 10.84 -70.42 -83.09
N PRO J 87 9.68 -69.86 -83.44
CA PRO J 87 9.40 -69.58 -84.86
C PRO J 87 10.38 -68.60 -85.50
N TYR J 88 10.91 -67.64 -84.73
CA TYR J 88 11.90 -66.72 -85.28
C TYR J 88 13.20 -67.47 -85.60
N LEU J 89 13.75 -68.20 -84.61
CA LEU J 89 14.95 -68.98 -84.85
C LEU J 89 14.72 -70.03 -85.92
N SER J 90 13.49 -70.52 -86.05
CA SER J 90 13.20 -71.53 -87.06
C SER J 90 13.37 -70.95 -88.46
N HIS J 91 12.93 -69.70 -88.68
CA HIS J 91 13.15 -69.06 -89.96
C HIS J 91 14.62 -68.70 -90.14
N LEU J 92 15.26 -68.21 -89.07
CA LEU J 92 16.69 -67.90 -89.14
C LEU J 92 17.50 -69.13 -89.52
N ALA J 93 17.09 -70.31 -89.05
CA ALA J 93 17.89 -71.52 -89.27
C ALA J 93 18.03 -71.84 -90.75
N ARG J 94 17.12 -71.36 -91.60
CA ARG J 94 17.28 -71.58 -93.04
C ARG J 94 18.51 -70.88 -93.60
N MET J 95 19.16 -70.02 -92.81
CA MET J 95 20.32 -69.25 -93.25
C MET J 95 21.59 -69.71 -92.57
N TYR J 96 21.51 -70.69 -91.66
CA TYR J 96 22.68 -71.13 -90.93
C TYR J 96 22.80 -72.65 -90.98
N ASN J 97 24.05 -73.10 -90.80
CA ASN J 97 24.38 -74.52 -90.84
C ASN J 97 24.37 -75.17 -89.47
N GLY J 98 24.57 -74.40 -88.40
CA GLY J 98 24.56 -74.97 -87.07
C GLY J 98 24.21 -73.94 -86.02
N TYR J 99 24.27 -74.39 -84.76
CA TYR J 99 23.89 -73.56 -83.63
C TYR J 99 24.47 -74.15 -82.36
N ALA J 100 24.39 -73.39 -81.27
CA ALA J 100 24.69 -73.89 -79.95
C ALA J 100 24.11 -72.90 -78.94
N GLY J 101 23.68 -73.44 -77.81
CA GLY J 101 23.14 -72.63 -76.73
C GLY J 101 21.71 -73.01 -76.39
N GLY J 102 21.23 -72.41 -75.30
CA GLY J 102 20.03 -72.85 -74.63
C GLY J 102 18.85 -71.90 -74.79
N PHE J 103 17.74 -72.32 -74.18
CA PHE J 103 16.49 -71.61 -74.24
C PHE J 103 15.95 -71.39 -72.83
N GLU J 104 15.06 -70.41 -72.70
CA GLU J 104 14.16 -70.29 -71.56
C GLU J 104 12.76 -70.58 -72.08
N VAL J 105 12.09 -71.55 -71.48
CA VAL J 105 10.75 -71.95 -71.89
C VAL J 105 9.73 -71.54 -70.83
N GLN J 106 8.57 -71.08 -71.31
CA GLN J 106 7.44 -70.66 -70.49
C GLN J 106 6.23 -71.52 -70.84
N VAL J 107 5.58 -72.09 -69.82
CA VAL J 107 4.41 -72.95 -70.01
C VAL J 107 3.18 -72.30 -69.39
N ILE J 108 2.08 -72.37 -70.13
CA ILE J 108 0.80 -71.76 -69.74
C ILE J 108 -0.25 -72.86 -69.72
N LEU J 109 -1.02 -72.94 -68.62
CA LEU J 109 -2.02 -73.98 -68.42
C LEU J 109 -3.37 -73.33 -68.22
N ALA J 110 -4.33 -73.66 -69.10
CA ALA J 110 -5.65 -73.02 -69.08
C ALA J 110 -6.66 -73.90 -68.35
N GLY J 111 -6.46 -74.00 -67.03
CA GLY J 111 -7.37 -74.74 -66.17
C GLY J 111 -8.42 -73.84 -65.55
N ASN J 112 -9.25 -74.44 -64.70
CA ASN J 112 -10.16 -73.69 -63.85
C ASN J 112 -10.06 -74.20 -62.42
N ALA J 113 -10.80 -73.55 -61.51
CA ALA J 113 -10.70 -73.86 -60.09
C ALA J 113 -11.26 -75.24 -59.73
N PHE J 114 -12.04 -75.85 -60.61
CA PHE J 114 -12.63 -77.15 -60.34
C PHE J 114 -11.70 -78.27 -60.79
N THR J 115 -10.58 -77.94 -61.43
CA THR J 115 -9.68 -78.91 -62.04
C THR J 115 -8.54 -79.17 -61.07
N ALA J 116 -8.29 -80.45 -60.77
CA ALA J 116 -7.23 -80.83 -59.86
C ALA J 116 -6.23 -81.75 -60.55
N GLY J 117 -4.98 -81.66 -60.11
CA GLY J 117 -3.92 -82.51 -60.62
C GLY J 117 -2.64 -81.73 -60.80
N LYS J 118 -1.54 -82.47 -60.93
CA LYS J 118 -0.22 -81.86 -61.08
C LYS J 118 0.42 -82.34 -62.38
N ILE J 119 1.12 -81.43 -63.05
CA ILE J 119 1.92 -81.75 -64.23
C ILE J 119 3.39 -81.48 -63.92
N ILE J 120 4.26 -82.43 -64.28
CA ILE J 120 5.69 -82.24 -64.17
C ILE J 120 6.27 -81.94 -65.54
N PHE J 121 7.08 -80.89 -65.60
CA PHE J 121 7.95 -80.64 -66.75
C PHE J 121 9.36 -81.00 -66.30
N ALA J 122 10.07 -81.74 -67.13
CA ALA J 122 11.41 -82.17 -66.74
C ALA J 122 12.36 -82.11 -67.93
N ALA J 123 13.62 -81.74 -67.64
CA ALA J 123 14.69 -81.73 -68.63
C ALA J 123 15.46 -83.04 -68.49
N VAL J 124 15.40 -83.86 -69.53
CA VAL J 124 16.09 -85.15 -69.56
C VAL J 124 17.28 -85.03 -70.50
N PRO J 125 18.49 -85.41 -70.06
CA PRO J 125 19.69 -85.05 -70.81
C PRO J 125 19.89 -85.96 -72.01
N PRO J 126 20.79 -85.60 -72.94
CA PRO J 126 20.94 -86.37 -74.17
C PRO J 126 21.28 -87.83 -73.90
N ASN J 127 20.74 -88.71 -74.76
CA ASN J 127 21.00 -90.15 -74.71
C ASN J 127 20.47 -90.81 -73.46
N PHE J 128 19.50 -90.21 -72.79
CA PHE J 128 18.81 -90.94 -71.74
C PHE J 128 17.47 -91.40 -72.25
N PRO J 129 17.12 -92.67 -72.07
CA PRO J 129 15.88 -93.20 -72.64
C PRO J 129 14.67 -92.76 -71.82
N THR J 130 13.69 -92.19 -72.50
CA THR J 130 12.47 -91.74 -71.83
C THR J 130 11.43 -92.85 -71.68
N GLU J 131 11.62 -93.99 -72.33
CA GLU J 131 10.57 -94.99 -72.42
C GLU J 131 10.40 -95.69 -71.07
N GLY J 132 9.16 -95.73 -70.58
CA GLY J 132 8.85 -96.45 -69.37
C GLY J 132 8.96 -95.65 -68.10
N LEU J 133 9.20 -94.34 -68.19
CA LEU J 133 9.44 -93.54 -66.99
C LEU J 133 8.16 -93.40 -66.17
N SER J 134 8.32 -93.56 -64.86
CA SER J 134 7.26 -93.34 -63.89
C SER J 134 7.25 -91.88 -63.44
N PRO J 135 6.14 -91.40 -62.87
CA PRO J 135 6.14 -90.03 -62.34
C PRO J 135 7.19 -89.81 -61.27
N SER J 136 7.36 -90.78 -60.35
CA SER J 136 8.41 -90.71 -59.36
C SER J 136 9.77 -90.48 -60.00
N GLN J 137 10.10 -91.26 -61.04
CA GLN J 137 11.42 -91.17 -61.66
C GLN J 137 11.63 -89.82 -62.33
N VAL J 138 10.57 -89.27 -62.93
CA VAL J 138 10.70 -87.98 -63.61
C VAL J 138 11.10 -86.88 -62.63
N THR J 139 10.71 -86.99 -61.36
CA THR J 139 11.14 -86.02 -60.36
C THR J 139 12.66 -86.01 -60.17
N MET J 140 13.36 -87.02 -60.66
CA MET J 140 14.80 -87.11 -60.42
C MET J 140 15.60 -86.30 -61.42
N PHE J 141 14.98 -85.78 -62.47
CA PHE J 141 15.57 -84.81 -63.38
C PHE J 141 15.37 -83.41 -62.84
N PRO J 142 16.09 -82.43 -63.38
CA PRO J 142 15.68 -81.04 -63.14
C PRO J 142 14.23 -80.86 -63.56
N HIS J 143 13.40 -80.32 -62.67
CA HIS J 143 11.97 -80.33 -62.96
C HIS J 143 11.26 -79.22 -62.21
N ILE J 144 10.02 -78.99 -62.64
CA ILE J 144 9.08 -78.10 -61.97
C ILE J 144 7.74 -78.83 -61.92
N ILE J 145 7.04 -78.72 -60.80
CA ILE J 145 5.73 -79.33 -60.62
C ILE J 145 4.70 -78.21 -60.51
N VAL J 146 3.80 -78.15 -61.47
CA VAL J 146 2.84 -77.05 -61.60
C VAL J 146 1.43 -77.60 -61.46
N ASP J 147 0.60 -76.90 -60.70
CA ASP J 147 -0.78 -77.31 -60.49
C ASP J 147 -1.62 -76.89 -61.70
N VAL J 148 -2.52 -77.79 -62.13
CA VAL J 148 -3.28 -77.53 -63.34
C VAL J 148 -4.18 -76.30 -63.23
N ARG J 149 -4.51 -75.85 -62.02
CA ARG J 149 -5.34 -74.67 -61.88
C ARG J 149 -4.54 -73.39 -61.77
N GLN J 150 -3.22 -73.45 -61.96
CA GLN J 150 -2.38 -72.26 -61.86
C GLN J 150 -2.71 -71.27 -62.96
N LEU J 151 -2.71 -69.98 -62.61
CA LEU J 151 -2.99 -68.93 -63.58
C LEU J 151 -1.70 -68.39 -64.21
N GLU J 152 -0.70 -68.07 -63.39
CA GLU J 152 0.52 -67.45 -63.89
C GLU J 152 1.41 -68.48 -64.58
N PRO J 153 2.05 -68.10 -65.69
CA PRO J 153 2.95 -69.03 -66.40
C PRO J 153 4.15 -69.44 -65.55
N VAL J 154 4.68 -70.62 -65.85
CA VAL J 154 5.86 -71.17 -65.19
C VAL J 154 7.06 -71.06 -66.13
N LEU J 155 8.22 -70.70 -65.59
CA LEU J 155 9.45 -70.51 -66.36
C LEU J 155 10.42 -71.64 -66.09
N ILE J 156 10.88 -72.29 -67.15
CA ILE J 156 11.80 -73.42 -67.08
C ILE J 156 13.03 -73.09 -67.90
N PRO J 157 14.24 -73.18 -67.36
CA PRO J 157 15.44 -73.06 -68.19
C PRO J 157 15.82 -74.37 -68.87
N LEU J 158 16.24 -74.26 -70.14
CA LEU J 158 16.67 -75.41 -70.93
C LEU J 158 18.06 -75.17 -71.50
N PRO J 159 19.11 -75.61 -70.80
CA PRO J 159 20.48 -75.37 -71.27
C PRO J 159 20.93 -76.40 -72.29
N ASP J 160 21.89 -76.00 -73.12
CA ASP J 160 22.35 -76.87 -74.22
C ASP J 160 23.45 -77.82 -73.74
N VAL J 161 23.09 -78.71 -72.82
CA VAL J 161 24.00 -79.78 -72.40
C VAL J 161 24.37 -80.65 -73.59
N ARG J 162 25.67 -80.90 -73.75
CA ARG J 162 26.20 -81.57 -74.94
C ARG J 162 27.64 -81.95 -74.66
N ASN J 163 28.19 -82.77 -75.56
CA ASN J 163 29.57 -83.22 -75.43
C ASN J 163 30.39 -82.90 -76.68
N ASN J 164 29.90 -82.02 -77.53
CA ASN J 164 30.65 -81.58 -78.70
C ASN J 164 30.60 -80.06 -78.77
N PHE J 165 31.33 -79.50 -79.72
CA PHE J 165 31.45 -78.05 -79.79
C PHE J 165 30.13 -77.39 -80.17
N TYR J 166 29.36 -78.01 -81.05
CA TYR J 166 28.09 -77.45 -81.49
C TYR J 166 27.32 -78.50 -82.27
N HIS J 167 26.12 -78.14 -82.68
CA HIS J 167 25.21 -79.01 -83.41
C HIS J 167 25.05 -78.55 -84.85
N TYR J 168 24.88 -79.52 -85.76
CA TYR J 168 24.54 -79.23 -87.15
C TYR J 168 23.03 -79.31 -87.34
N ASN J 169 22.49 -78.43 -88.17
CA ASN J 169 21.06 -78.47 -88.49
C ASN J 169 20.70 -79.75 -89.25
N GLN J 170 21.57 -80.18 -90.16
CA GLN J 170 21.31 -81.32 -91.03
C GLN J 170 21.61 -82.65 -90.37
N SER J 171 22.00 -82.66 -89.10
CA SER J 171 22.29 -83.86 -88.35
C SER J 171 21.21 -84.09 -87.29
N ASN J 172 21.08 -85.34 -86.86
CA ASN J 172 20.11 -85.74 -85.87
C ASN J 172 20.78 -86.13 -84.55
N ASP J 173 21.92 -85.53 -84.28
CA ASP J 173 22.58 -85.66 -82.98
C ASP J 173 21.59 -85.26 -81.87
N PRO J 174 21.53 -86.03 -80.78
CA PRO J 174 20.52 -85.75 -79.76
C PRO J 174 20.91 -84.61 -78.84
N THR J 175 19.88 -83.90 -78.36
CA THR J 175 20.01 -82.76 -77.45
C THR J 175 19.13 -83.02 -76.24
N ILE J 176 19.19 -82.11 -75.25
CA ILE J 176 18.25 -82.21 -74.15
C ILE J 176 16.81 -82.18 -74.67
N LYS J 177 15.97 -82.97 -74.00
CA LYS J 177 14.55 -83.07 -74.30
C LYS J 177 13.82 -82.50 -73.09
N LEU J 178 12.77 -81.73 -73.34
CA LEU J 178 11.84 -81.33 -72.30
C LEU J 178 10.60 -82.21 -72.36
N ILE J 179 10.17 -82.73 -71.21
CA ILE J 179 9.11 -83.71 -71.11
C ILE J 179 8.03 -83.22 -70.16
N ALA J 180 6.76 -83.44 -70.52
CA ALA J 180 5.64 -83.13 -69.65
C ALA J 180 4.76 -84.36 -69.51
N MET J 181 4.47 -84.75 -68.27
CA MET J 181 3.51 -85.80 -67.96
C MET J 181 2.72 -85.44 -66.72
N LEU J 182 1.54 -86.04 -66.60
CA LEU J 182 0.71 -85.90 -65.40
C LEU J 182 1.40 -86.57 -64.21
N TYR J 183 1.65 -85.79 -63.16
CA TYR J 183 2.37 -86.28 -61.98
C TYR J 183 1.44 -86.92 -60.96
N THR J 184 0.21 -86.43 -60.87
CA THR J 184 -0.88 -87.00 -60.10
C THR J 184 -2.07 -87.10 -61.06
N PRO J 185 -2.99 -88.04 -60.84
CA PRO J 185 -4.12 -88.16 -61.77
C PRO J 185 -4.95 -86.89 -61.81
N LEU J 186 -5.51 -86.63 -62.99
CA LEU J 186 -6.39 -85.49 -63.20
C LEU J 186 -7.82 -85.84 -62.80
N ARG J 187 -8.43 -84.95 -62.01
CA ARG J 187 -9.84 -85.07 -61.64
C ARG J 187 -10.57 -83.86 -62.17
N ALA J 188 -11.70 -84.09 -62.84
CA ALA J 188 -12.45 -83.02 -63.49
C ALA J 188 -13.93 -83.37 -63.59
N VAL J 195 -15.08 -84.62 -69.58
CA VAL J 195 -15.10 -84.05 -70.92
C VAL J 195 -14.25 -82.79 -70.97
N PHE J 196 -13.97 -82.22 -69.79
CA PHE J 196 -13.23 -80.97 -69.68
C PHE J 196 -11.80 -81.16 -70.14
N THR J 197 -11.45 -80.55 -71.27
CA THR J 197 -10.09 -80.54 -71.76
C THR J 197 -9.37 -79.26 -71.31
N VAL J 198 -8.13 -79.44 -70.85
CA VAL J 198 -7.26 -78.34 -70.43
C VAL J 198 -6.31 -78.02 -71.58
N SER J 199 -6.47 -76.83 -72.17
CA SER J 199 -5.57 -76.40 -73.23
C SER J 199 -4.28 -75.85 -72.64
N CYS J 200 -3.14 -76.35 -73.13
CA CYS J 200 -1.83 -75.95 -72.65
C CYS J 200 -0.98 -75.42 -73.80
N ARG J 201 -0.16 -74.42 -73.50
CA ARG J 201 0.70 -73.80 -74.50
C ARG J 201 2.12 -73.68 -73.98
N VAL J 202 3.07 -73.93 -74.86
CA VAL J 202 4.50 -73.83 -74.56
C VAL J 202 5.09 -72.70 -75.40
N LEU J 203 5.70 -71.72 -74.72
CA LEU J 203 6.38 -70.62 -75.37
C LEU J 203 7.85 -70.66 -74.99
N THR J 204 8.71 -70.13 -75.86
CA THR J 204 10.15 -70.20 -75.66
C THR J 204 10.80 -68.90 -76.11
N ARG J 205 12.05 -68.73 -75.70
CA ARG J 205 12.90 -67.66 -76.20
C ARG J 205 14.35 -68.10 -75.99
N PRO J 206 15.27 -67.67 -76.85
CA PRO J 206 16.65 -68.15 -76.72
C PRO J 206 17.34 -67.52 -75.51
N SER J 207 18.18 -68.32 -74.85
CA SER J 207 19.06 -67.79 -73.82
C SER J 207 20.05 -66.79 -74.44
N PRO J 208 20.72 -66.00 -73.62
CA PRO J 208 21.76 -65.11 -74.17
C PRO J 208 22.92 -65.82 -74.83
N ASP J 209 23.23 -67.06 -74.42
CA ASP J 209 24.33 -67.80 -75.00
C ASP J 209 23.96 -68.56 -76.27
N PHE J 210 22.70 -68.49 -76.72
CA PHE J 210 22.34 -69.13 -77.98
C PHE J 210 22.88 -68.33 -79.14
N ASP J 211 23.36 -69.03 -80.17
CA ASP J 211 23.85 -68.38 -81.37
C ASP J 211 23.87 -69.37 -82.52
N PHE J 212 23.71 -68.84 -83.74
CA PHE J 212 23.86 -69.63 -84.94
C PHE J 212 25.33 -69.63 -85.37
N ILE J 213 25.69 -70.52 -86.30
CA ILE J 213 27.12 -70.66 -86.56
C ILE J 213 27.60 -70.35 -87.98
N PHE J 214 27.09 -71.01 -89.01
CA PHE J 214 27.66 -70.78 -90.33
C PHE J 214 26.60 -70.29 -91.31
N LEU J 215 26.81 -69.09 -91.86
CA LEU J 215 25.87 -68.51 -92.81
C LEU J 215 25.86 -69.31 -94.10
N VAL J 216 24.66 -69.65 -94.58
CA VAL J 216 24.58 -70.54 -95.73
C VAL J 216 23.32 -70.18 -96.52
N PRO J 217 23.27 -70.42 -97.84
CA PRO J 217 22.07 -70.07 -98.61
C PRO J 217 20.87 -70.93 -98.25
N PRO J 218 19.70 -70.33 -98.08
CA PRO J 218 18.48 -71.13 -97.93
C PRO J 218 18.13 -71.81 -99.24
N THR J 219 18.60 -73.04 -99.43
CA THR J 219 18.30 -73.83 -100.62
C THR J 219 17.15 -74.81 -100.36
N VAL J 220 16.69 -75.43 -101.43
CA VAL J 220 15.57 -76.37 -101.34
C VAL J 220 16.03 -77.70 -100.77
N GLU J 221 17.19 -78.21 -101.21
CA GLU J 221 17.67 -79.49 -100.70
C GLU J 221 18.00 -79.46 -99.21
N SER J 222 18.05 -78.27 -98.60
CA SER J 222 18.33 -78.19 -97.16
C SER J 222 17.28 -78.94 -96.37
N ARG J 223 16.06 -79.04 -96.91
CA ARG J 223 14.94 -79.64 -96.19
C ARG J 223 14.72 -78.96 -94.85
N THR J 224 15.00 -77.65 -94.81
CA THR J 224 14.77 -76.82 -93.64
C THR J 224 13.54 -75.95 -93.80
N LYS J 225 12.85 -76.06 -94.92
CA LYS J 225 11.59 -75.35 -95.10
C LYS J 225 10.58 -75.90 -94.10
N PRO J 226 9.84 -75.06 -93.40
CA PRO J 226 8.88 -75.57 -92.42
C PRO J 226 7.63 -76.09 -93.10
N PHE J 227 6.96 -77.02 -92.41
CA PHE J 227 5.84 -77.74 -92.99
C PHE J 227 4.61 -76.85 -93.05
N THR J 228 3.91 -76.89 -94.18
CA THR J 228 2.71 -76.10 -94.40
C THR J 228 1.70 -76.96 -95.15
N VAL J 229 0.48 -76.43 -95.23
CA VAL J 229 -0.64 -77.09 -95.89
C VAL J 229 -1.23 -76.08 -96.86
N PRO J 230 -1.55 -76.47 -98.09
CA PRO J 230 -1.95 -75.49 -99.11
C PRO J 230 -3.14 -74.64 -98.67
N ILE J 231 -3.16 -73.40 -99.17
CA ILE J 231 -4.25 -72.48 -98.84
C ILE J 231 -5.52 -72.81 -99.62
N LEU J 232 -5.46 -73.79 -100.52
CA LEU J 232 -6.57 -74.07 -101.39
C LEU J 232 -7.81 -74.50 -100.61
N THR J 233 -8.96 -74.14 -101.16
CA THR J 233 -10.25 -74.54 -100.61
C THR J 233 -10.62 -75.94 -101.08
N VAL J 234 -11.41 -76.64 -100.27
CA VAL J 234 -11.91 -77.97 -100.65
C VAL J 234 -12.54 -77.91 -102.03
N GLU J 235 -13.39 -76.90 -102.24
CA GLU J 235 -14.10 -76.75 -103.51
C GLU J 235 -13.15 -76.68 -104.70
N GLU J 236 -11.99 -76.04 -104.54
CA GLU J 236 -11.04 -75.88 -105.63
C GLU J 236 -9.99 -76.98 -105.74
N MET J 237 -10.01 -77.99 -104.87
CA MET J 237 -9.04 -79.08 -104.99
C MET J 237 -9.67 -80.28 -105.69
N THR J 238 -8.88 -81.34 -105.82
CA THR J 238 -9.18 -82.46 -106.69
C THR J 238 -8.99 -83.76 -105.93
N ASN J 239 -9.84 -84.75 -106.22
CA ASN J 239 -9.72 -86.05 -105.59
C ASN J 239 -8.48 -86.77 -106.09
N SER J 240 -7.85 -87.52 -105.19
CA SER J 240 -6.60 -88.20 -105.46
C SER J 240 -6.78 -89.64 -105.90
N ARG J 241 -8.04 -90.10 -106.02
CA ARG J 241 -8.35 -91.48 -106.39
C ARG J 241 -9.07 -91.58 -107.72
N PHE J 242 -9.54 -90.48 -108.29
CA PHE J 242 -10.17 -90.45 -109.60
C PHE J 242 -10.11 -89.01 -110.09
N PRO J 243 -10.04 -88.78 -111.41
CA PRO J 243 -9.92 -87.41 -111.90
C PRO J 243 -11.23 -86.65 -111.80
N ILE J 244 -11.66 -86.34 -110.58
CA ILE J 244 -12.92 -85.65 -110.30
C ILE J 244 -12.63 -84.53 -109.31
N PRO J 245 -13.34 -83.41 -109.36
CA PRO J 245 -13.16 -82.36 -108.35
C PRO J 245 -13.70 -82.82 -107.00
N LEU J 246 -13.19 -82.21 -105.94
CA LEU J 246 -13.70 -82.49 -104.61
C LEU J 246 -14.99 -81.72 -104.38
N GLU J 247 -15.75 -82.14 -103.36
CA GLU J 247 -17.07 -81.53 -103.17
C GLU J 247 -17.35 -81.20 -101.71
N LYS J 248 -17.09 -82.14 -100.79
CA LYS J 248 -17.34 -81.88 -99.38
C LYS J 248 -16.37 -82.70 -98.53
N LEU J 249 -16.38 -82.40 -97.23
CA LEU J 249 -15.67 -83.18 -96.22
C LEU J 249 -16.64 -84.11 -95.51
N PHE J 250 -16.20 -85.34 -95.26
CA PHE J 250 -17.05 -86.36 -94.65
C PHE J 250 -16.31 -87.08 -93.53
N THR J 251 -16.98 -87.23 -92.39
CA THR J 251 -16.52 -88.08 -91.30
C THR J 251 -17.48 -89.25 -91.16
N GLY J 252 -16.94 -90.44 -90.88
CA GLY J 252 -17.79 -91.57 -90.61
C GLY J 252 -17.08 -92.66 -89.83
N PRO J 253 -17.86 -93.56 -89.23
CA PRO J 253 -17.27 -94.76 -88.63
C PRO J 253 -16.78 -95.71 -89.70
N SER J 254 -15.67 -96.39 -89.41
CA SER J 254 -15.01 -97.23 -90.40
C SER J 254 -14.76 -98.64 -89.89
N GLY J 255 -15.54 -99.09 -88.90
CA GLY J 255 -15.31 -100.42 -88.34
C GLY J 255 -15.60 -101.52 -89.33
N ALA J 256 -16.63 -101.33 -90.16
CA ALA J 256 -17.03 -102.35 -91.13
C ALA J 256 -15.96 -102.58 -92.18
N PHE J 257 -15.39 -101.51 -92.71
CA PHE J 257 -14.52 -101.61 -93.87
C PHE J 257 -13.05 -101.70 -93.46
N VAL J 258 -12.18 -101.89 -94.45
CA VAL J 258 -10.74 -101.81 -94.28
C VAL J 258 -10.28 -100.64 -95.15
N VAL J 259 -9.83 -99.57 -94.51
CA VAL J 259 -9.43 -98.35 -95.22
C VAL J 259 -7.99 -98.53 -95.66
N GLN J 260 -7.79 -98.90 -96.93
CA GLN J 260 -6.45 -99.14 -97.42
C GLN J 260 -6.29 -98.71 -98.88
N PRO J 261 -6.68 -97.48 -99.25
CA PRO J 261 -6.51 -97.05 -100.64
C PRO J 261 -5.05 -97.00 -101.04
N GLN J 262 -4.79 -97.08 -102.34
CA GLN J 262 -3.44 -97.04 -102.85
C GLN J 262 -3.14 -95.80 -103.68
N ASN J 263 -4.13 -94.97 -103.96
CA ASN J 263 -3.91 -93.67 -104.57
C ASN J 263 -4.15 -92.59 -103.53
N GLY J 264 -3.50 -91.44 -103.72
CA GLY J 264 -3.57 -90.40 -102.72
C GLY J 264 -3.01 -90.85 -101.39
N ARG J 265 -1.87 -91.52 -101.42
CA ARG J 265 -1.16 -91.94 -100.21
C ARG J 265 0.24 -91.34 -100.26
N CYS J 266 0.52 -90.40 -99.37
CA CYS J 266 1.78 -89.66 -99.35
C CYS J 266 2.08 -89.23 -97.92
N THR J 267 3.36 -89.25 -97.57
CA THR J 267 3.80 -88.86 -96.25
C THR J 267 4.00 -87.34 -96.18
N THR J 268 3.81 -86.78 -94.98
CA THR J 268 3.98 -85.34 -94.78
C THR J 268 5.34 -84.83 -95.24
N ASP J 269 6.40 -85.64 -95.12
CA ASP J 269 7.70 -85.22 -95.64
C ASP J 269 7.90 -85.61 -97.10
N GLY J 270 6.84 -86.02 -97.79
CA GLY J 270 6.85 -86.11 -99.23
C GLY J 270 7.26 -87.46 -99.80
N VAL J 271 7.12 -88.54 -99.04
CA VAL J 271 7.37 -89.88 -99.55
C VAL J 271 6.06 -90.44 -100.07
N LEU J 272 6.03 -90.78 -101.36
CA LEU J 272 4.85 -91.41 -101.95
C LEU J 272 4.77 -92.89 -101.56
N LEU J 273 3.53 -93.37 -101.43
CA LEU J 273 3.28 -94.74 -100.99
C LEU J 273 2.30 -95.40 -101.95
N GLY J 274 2.30 -96.73 -101.95
CA GLY J 274 1.34 -97.47 -102.75
C GLY J 274 1.52 -97.20 -104.23
N THR J 275 0.40 -96.96 -104.93
CA THR J 275 0.40 -96.67 -106.36
C THR J 275 0.30 -95.17 -106.63
N THR J 276 0.64 -94.33 -105.67
CA THR J 276 0.37 -92.90 -105.77
C THR J 276 1.41 -92.23 -106.67
N GLN J 277 0.92 -91.37 -107.56
CA GLN J 277 1.75 -90.60 -108.45
C GLN J 277 1.27 -89.16 -108.46
N LEU J 278 1.96 -88.31 -109.24
CA LEU J 278 1.80 -86.87 -109.08
C LEU J 278 0.75 -86.27 -110.01
N SER J 279 0.53 -86.86 -111.18
CA SER J 279 -0.35 -86.25 -112.17
C SER J 279 -1.81 -86.52 -111.81
N PRO J 280 -2.64 -85.49 -111.64
CA PRO J 280 -4.05 -85.72 -111.25
C PRO J 280 -4.93 -86.23 -112.38
N VAL J 281 -4.40 -86.35 -113.60
CA VAL J 281 -5.18 -86.77 -114.75
C VAL J 281 -5.02 -88.27 -114.99
N ASN J 282 -3.87 -88.81 -114.59
CA ASN J 282 -3.56 -90.21 -114.82
C ASN J 282 -4.04 -91.13 -113.69
N ILE J 283 -5.06 -90.73 -112.93
CA ILE J 283 -5.35 -91.44 -111.69
C ILE J 283 -6.21 -92.69 -111.93
N CYS J 284 -6.69 -92.91 -113.15
CA CYS J 284 -7.33 -94.17 -113.51
C CYS J 284 -7.28 -94.39 -115.01
N THR J 285 -6.13 -94.11 -115.62
CA THR J 285 -5.92 -94.28 -117.03
C THR J 285 -5.02 -95.49 -117.29
N PHE J 286 -5.07 -95.99 -118.52
CA PHE J 286 -4.19 -97.05 -118.95
C PHE J 286 -3.64 -96.70 -120.33
N ARG J 287 -2.40 -97.09 -120.57
CA ARG J 287 -1.76 -96.87 -121.87
C ARG J 287 -1.02 -98.13 -122.28
N GLY J 288 -1.14 -98.49 -123.56
CA GLY J 288 -0.39 -99.62 -124.06
C GLY J 288 -0.87 -100.05 -125.43
N ASP J 289 -0.47 -101.26 -125.81
CA ASP J 289 -0.89 -101.90 -127.05
C ASP J 289 -2.05 -102.84 -126.76
N VAL J 290 -2.95 -102.97 -127.73
CA VAL J 290 -4.19 -103.69 -127.51
C VAL J 290 -4.31 -104.85 -128.49
N THR J 291 -4.95 -105.93 -128.03
CA THR J 291 -5.07 -107.18 -128.75
C THR J 291 -6.49 -107.68 -128.60
N HIS J 292 -7.11 -108.08 -129.70
CA HIS J 292 -8.50 -108.53 -129.66
C HIS J 292 -8.60 -109.97 -129.17
N ILE J 293 -9.66 -110.24 -128.41
CA ILE J 293 -10.00 -111.58 -127.98
C ILE J 293 -11.05 -112.12 -128.94
N ALA J 294 -10.69 -113.20 -129.64
CA ALA J 294 -11.46 -113.64 -130.81
C ALA J 294 -12.90 -114.01 -130.43
N GLY J 295 -13.85 -113.49 -131.21
CA GLY J 295 -15.25 -113.83 -131.08
C GLY J 295 -16.03 -112.99 -130.10
N THR J 296 -15.38 -112.09 -129.36
CA THR J 296 -16.03 -111.26 -128.36
C THR J 296 -15.74 -109.79 -128.66
N HIS J 297 -16.32 -108.90 -127.85
CA HIS J 297 -16.01 -107.48 -127.88
C HIS J 297 -15.01 -107.08 -126.82
N ASP J 298 -14.25 -108.03 -126.31
CA ASP J 298 -13.27 -107.78 -125.27
C ASP J 298 -11.90 -107.60 -125.90
N TYR J 299 -11.09 -106.74 -125.29
CA TYR J 299 -9.72 -106.52 -125.73
C TYR J 299 -8.78 -106.63 -124.55
N THR J 300 -7.56 -107.09 -124.85
CA THR J 300 -6.50 -107.19 -123.87
C THR J 300 -5.49 -106.08 -124.15
N MET J 301 -5.16 -105.31 -123.11
CA MET J 301 -4.20 -104.22 -123.23
C MET J 301 -2.90 -104.65 -122.56
N ASN J 302 -1.82 -104.71 -123.34
CA ASN J 302 -0.48 -104.93 -122.81
C ASN J 302 0.06 -103.58 -122.40
N LEU J 303 0.29 -103.40 -121.10
CA LEU J 303 0.47 -102.08 -120.54
C LEU J 303 1.89 -101.56 -120.74
N ALA J 304 2.01 -100.24 -120.77
CA ALA J 304 3.26 -99.53 -120.57
C ALA J 304 2.97 -98.35 -119.66
N SER J 305 3.99 -97.90 -118.92
CA SER J 305 3.79 -96.85 -117.95
C SER J 305 3.57 -95.51 -118.65
N GLN J 306 3.10 -94.53 -117.88
CA GLN J 306 2.94 -93.18 -118.41
C GLN J 306 4.27 -92.65 -118.93
N ASN J 307 4.20 -91.87 -120.01
CA ASN J 307 5.31 -91.43 -120.87
C ASN J 307 5.72 -92.53 -121.83
N TRP J 308 4.98 -93.65 -121.84
CA TRP J 308 5.18 -94.76 -122.77
C TRP J 308 6.57 -95.39 -122.62
N ASN J 309 7.05 -95.44 -121.37
CA ASN J 309 8.17 -96.31 -121.04
C ASN J 309 7.67 -97.74 -120.87
N ASN J 310 8.56 -98.70 -121.11
CA ASN J 310 8.17 -100.10 -120.90
C ASN J 310 7.91 -100.32 -119.41
N TYR J 311 6.95 -101.20 -119.13
CA TYR J 311 6.56 -101.44 -117.74
C TYR J 311 7.38 -102.59 -117.17
N ASP J 312 7.96 -102.36 -115.99
CA ASP J 312 8.81 -103.32 -115.31
C ASP J 312 8.04 -103.93 -114.16
N PRO J 313 7.76 -105.23 -114.17
CA PRO J 313 7.02 -105.83 -113.03
C PRO J 313 7.84 -105.97 -111.77
N THR J 314 9.16 -105.79 -111.83
CA THR J 314 10.03 -105.94 -110.66
C THR J 314 9.96 -104.75 -109.72
N GLU J 315 9.31 -103.65 -110.11
CA GLU J 315 9.24 -102.47 -109.27
C GLU J 315 8.55 -102.81 -107.95
N GLU J 316 9.09 -102.26 -106.86
CA GLU J 316 8.56 -102.53 -105.52
C GLU J 316 7.29 -101.71 -105.28
N ILE J 317 6.32 -101.93 -106.15
CA ILE J 317 5.05 -101.20 -106.15
C ILE J 317 3.94 -102.24 -106.23
N PRO J 318 2.77 -102.02 -105.61
CA PRO J 318 1.65 -102.96 -105.80
C PRO J 318 1.27 -103.17 -107.25
N ALA J 319 1.40 -102.14 -108.09
CA ALA J 319 0.89 -102.12 -109.46
C ALA J 319 1.37 -100.83 -110.11
N PRO J 320 1.19 -100.63 -111.42
CA PRO J 320 1.63 -99.36 -112.02
C PRO J 320 0.91 -98.17 -111.38
N LEU J 321 1.63 -97.06 -111.27
CA LEU J 321 1.10 -95.90 -110.57
C LEU J 321 -0.16 -95.39 -111.27
N GLY J 322 -1.17 -95.09 -110.47
CA GLY J 322 -2.46 -94.66 -110.98
C GLY J 322 -3.44 -95.79 -111.24
N THR J 323 -3.06 -97.02 -110.94
CA THR J 323 -3.97 -98.16 -111.09
C THR J 323 -5.12 -98.02 -110.10
N PRO J 324 -6.37 -98.19 -110.53
CA PRO J 324 -7.50 -98.05 -109.60
C PRO J 324 -7.30 -98.87 -108.34
N ASP J 325 -7.78 -98.31 -107.22
CA ASP J 325 -7.61 -98.93 -105.91
C ASP J 325 -8.95 -99.32 -105.30
N PHE J 326 -9.93 -99.64 -106.15
CA PHE J 326 -11.22 -100.13 -105.69
C PHE J 326 -11.74 -101.15 -106.70
N VAL J 327 -12.68 -101.96 -106.25
CA VAL J 327 -13.29 -102.97 -107.10
C VAL J 327 -14.57 -102.40 -107.69
N GLY J 328 -14.68 -102.46 -109.01
CA GLY J 328 -15.83 -101.90 -109.70
C GLY J 328 -15.61 -101.91 -111.20
N LYS J 329 -16.63 -101.48 -111.91
CA LYS J 329 -16.58 -101.37 -113.36
C LYS J 329 -16.48 -99.90 -113.73
N ILE J 330 -15.36 -99.52 -114.33
CA ILE J 330 -15.09 -98.14 -114.71
C ILE J 330 -15.30 -98.01 -116.21
N GLN J 331 -16.23 -97.14 -116.61
CA GLN J 331 -16.51 -96.88 -118.01
C GLN J 331 -15.78 -95.62 -118.46
N GLY J 332 -15.22 -95.68 -119.67
CA GLY J 332 -14.58 -94.54 -120.27
C GLY J 332 -14.54 -94.67 -121.78
N VAL J 333 -13.42 -94.31 -122.38
CA VAL J 333 -13.25 -94.32 -123.83
C VAL J 333 -11.85 -94.80 -124.15
N LEU J 334 -11.75 -95.80 -125.03
CA LEU J 334 -10.47 -96.20 -125.60
C LEU J 334 -10.17 -95.32 -126.81
N THR J 335 -8.94 -94.83 -126.87
CA THR J 335 -8.50 -93.91 -127.92
C THR J 335 -7.26 -94.48 -128.58
N GLN J 336 -7.17 -94.34 -129.90
CA GLN J 336 -6.11 -94.94 -130.67
C GLN J 336 -5.76 -94.01 -131.83
N THR J 337 -4.49 -93.99 -132.20
CA THR J 337 -4.01 -93.17 -133.29
C THR J 337 -3.04 -93.95 -134.15
N THR J 338 -3.26 -93.95 -135.46
CA THR J 338 -2.37 -94.62 -136.40
C THR J 338 -1.29 -93.63 -136.82
N ARG J 339 -0.04 -94.01 -136.61
CA ARG J 339 1.08 -93.10 -136.80
C ARG J 339 1.31 -92.75 -138.27
N GLY J 340 1.15 -93.71 -139.18
CA GLY J 340 1.48 -93.47 -140.57
C GLY J 340 0.69 -92.33 -141.21
N ASP J 341 -0.64 -92.33 -141.02
CA ASP J 341 -1.48 -91.30 -141.61
C ASP J 341 -2.12 -90.35 -140.60
N GLY J 342 -2.07 -90.67 -139.31
CA GLY J 342 -2.80 -89.90 -138.31
C GLY J 342 -4.24 -90.31 -138.12
N SER J 343 -4.58 -91.56 -138.47
CA SER J 343 -5.93 -92.05 -138.26
C SER J 343 -6.24 -92.12 -136.76
N THR J 344 -7.46 -91.75 -136.39
CA THR J 344 -7.87 -91.77 -134.99
C THR J 344 -9.21 -92.49 -134.82
N ARG J 345 -9.31 -93.28 -133.77
CA ARG J 345 -10.51 -94.05 -133.46
C ARG J 345 -10.83 -93.92 -131.98
N GLY J 346 -12.11 -93.85 -131.66
CA GLY J 346 -12.55 -93.73 -130.27
C GLY J 346 -13.81 -94.49 -129.96
N HIS J 347 -13.77 -95.36 -128.94
CA HIS J 347 -14.86 -96.27 -128.67
C HIS J 347 -15.13 -96.38 -127.17
N LYS J 348 -16.40 -96.24 -126.80
CA LYS J 348 -16.85 -96.50 -125.44
C LYS J 348 -16.33 -97.85 -124.94
N ALA J 349 -15.74 -97.83 -123.74
CA ALA J 349 -15.10 -99.03 -123.21
C ALA J 349 -15.28 -99.05 -121.69
N THR J 350 -15.07 -100.24 -121.12
CA THR J 350 -15.33 -100.47 -119.72
C THR J 350 -14.29 -101.44 -119.17
N VAL J 351 -13.77 -101.12 -117.99
CA VAL J 351 -12.82 -101.95 -117.28
C VAL J 351 -13.52 -102.52 -116.07
N SER J 352 -13.43 -103.83 -115.88
CA SER J 352 -13.93 -104.46 -114.68
C SER J 352 -12.74 -104.73 -113.77
N THR J 353 -12.69 -104.02 -112.64
CA THR J 353 -11.78 -104.37 -111.57
C THR J 353 -12.36 -105.54 -110.81
N GLY J 354 -11.49 -106.43 -110.35
CA GLY J 354 -11.95 -107.63 -109.68
C GLY J 354 -12.29 -108.76 -110.62
N SER J 355 -12.35 -108.50 -111.93
CA SER J 355 -12.36 -109.55 -112.93
C SER J 355 -11.05 -110.33 -112.89
N VAL J 356 -11.13 -111.63 -113.19
CA VAL J 356 -9.94 -112.46 -113.16
C VAL J 356 -8.92 -112.04 -114.21
N HIS J 357 -9.33 -111.27 -115.22
CA HIS J 357 -8.42 -110.83 -116.26
C HIS J 357 -7.85 -109.44 -115.98
N PHE J 358 -8.15 -108.87 -114.81
CA PHE J 358 -7.57 -107.61 -114.36
C PHE J 358 -6.29 -107.91 -113.60
N THR J 359 -5.16 -107.91 -114.32
CA THR J 359 -3.85 -108.20 -113.74
C THR J 359 -2.85 -107.12 -114.13
N PRO J 360 -3.02 -105.90 -113.61
CA PRO J 360 -2.12 -104.82 -114.02
C PRO J 360 -0.72 -104.96 -113.46
N LYS J 361 -0.56 -105.61 -112.31
CA LYS J 361 0.78 -105.88 -111.79
C LYS J 361 1.57 -106.79 -112.73
N LEU J 362 0.88 -107.68 -113.44
CA LEU J 362 1.53 -108.55 -114.41
C LEU J 362 1.68 -107.90 -115.78
N GLY J 363 0.91 -106.86 -116.07
CA GLY J 363 1.13 -106.08 -117.28
C GLY J 363 -0.02 -106.08 -118.26
N SER J 364 -1.15 -106.68 -117.89
CA SER J 364 -2.26 -106.82 -118.83
C SER J 364 -3.59 -106.57 -118.12
N VAL J 365 -4.50 -105.91 -118.82
CA VAL J 365 -5.85 -105.65 -118.35
C VAL J 365 -6.82 -105.92 -119.51
N GLN J 366 -8.07 -106.21 -119.16
CA GLN J 366 -9.09 -106.54 -120.14
C GLN J 366 -10.18 -105.48 -120.15
N PHE J 367 -10.51 -105.00 -121.35
CA PHE J 367 -11.59 -104.05 -121.58
C PHE J 367 -12.73 -104.74 -122.33
N THR J 368 -13.95 -104.29 -122.08
CA THR J 368 -15.10 -104.67 -122.88
C THR J 368 -15.58 -103.44 -123.64
N THR J 369 -15.57 -103.51 -124.96
CA THR J 369 -15.79 -102.35 -125.81
C THR J 369 -17.08 -102.51 -126.59
N ASP J 370 -17.42 -101.47 -127.37
CA ASP J 370 -18.58 -101.47 -128.23
C ASP J 370 -18.23 -101.77 -129.69
N THR J 371 -17.04 -102.32 -129.96
CA THR J 371 -16.69 -102.73 -131.31
C THR J 371 -15.76 -103.94 -131.22
N ASN J 372 -15.83 -104.81 -132.23
CA ASN J 372 -14.92 -105.94 -132.36
C ASN J 372 -13.94 -105.85 -133.53
N ASN J 373 -13.94 -104.76 -134.31
CA ASN J 373 -13.04 -104.68 -135.46
C ASN J 373 -12.24 -103.39 -135.58
N ASP J 374 -12.64 -102.29 -134.95
CA ASP J 374 -12.04 -100.98 -135.17
C ASP J 374 -10.97 -100.62 -134.14
N LEU J 375 -10.13 -101.57 -133.71
CA LEU J 375 -8.98 -101.25 -132.88
C LEU J 375 -7.74 -101.97 -133.41
N GLU J 376 -6.82 -101.20 -134.01
CA GLU J 376 -5.62 -101.77 -134.59
C GLU J 376 -4.69 -102.28 -133.49
N THR J 377 -3.77 -103.15 -133.87
CA THR J 377 -2.95 -103.82 -132.87
C THR J 377 -1.69 -103.05 -132.51
N GLY J 378 -0.88 -102.67 -133.50
CA GLY J 378 0.40 -102.05 -133.25
C GLY J 378 0.37 -100.63 -132.71
N GLN J 379 -0.80 -100.04 -132.53
CA GLN J 379 -0.91 -98.64 -132.14
C GLN J 379 -1.09 -98.48 -130.62
N ASN J 380 -0.58 -97.35 -130.12
CA ASN J 380 -0.73 -97.00 -128.71
C ASN J 380 -2.16 -96.59 -128.40
N THR J 381 -2.66 -97.02 -127.24
CA THR J 381 -4.06 -96.88 -126.89
C THR J 381 -4.18 -96.35 -125.47
N LYS J 382 -5.08 -95.39 -125.27
CA LYS J 382 -5.28 -94.73 -123.99
C LYS J 382 -6.72 -94.88 -123.54
N PHE J 383 -6.91 -95.37 -122.31
CA PHE J 383 -8.21 -95.40 -121.66
C PHE J 383 -8.41 -94.13 -120.83
N THR J 384 -9.36 -93.29 -121.22
CA THR J 384 -9.71 -92.11 -120.47
C THR J 384 -10.91 -92.42 -119.59
N PRO J 385 -10.78 -92.42 -118.26
CA PRO J 385 -11.93 -92.76 -117.41
C PRO J 385 -12.94 -91.63 -117.37
N VAL J 386 -14.20 -92.00 -117.09
CA VAL J 386 -15.29 -91.04 -117.05
C VAL J 386 -16.17 -91.29 -115.83
N GLY J 387 -16.51 -92.55 -115.59
CA GLY J 387 -17.42 -92.86 -114.50
C GLY J 387 -17.48 -94.33 -114.21
N VAL J 388 -18.40 -94.69 -113.31
CA VAL J 388 -18.60 -96.07 -112.88
C VAL J 388 -20.01 -96.50 -113.24
N VAL J 389 -20.23 -97.81 -113.30
CA VAL J 389 -21.51 -98.40 -113.65
C VAL J 389 -21.88 -99.48 -112.64
N GLN J 390 -23.17 -99.81 -112.64
CA GLN J 390 -23.73 -100.82 -111.75
C GLN J 390 -24.77 -101.63 -112.52
N ASP J 391 -24.74 -102.94 -112.35
CA ASP J 391 -25.74 -103.80 -112.99
C ASP J 391 -27.07 -103.61 -112.28
N GLY J 392 -28.05 -103.03 -112.97
CA GLY J 392 -29.26 -102.54 -112.32
C GLY J 392 -30.16 -103.62 -111.78
N ASN J 393 -29.97 -104.87 -112.20
CA ASN J 393 -30.82 -105.96 -111.73
C ASN J 393 -30.38 -106.51 -110.38
N SER J 394 -29.18 -106.16 -109.93
CA SER J 394 -28.67 -106.57 -108.64
C SER J 394 -29.04 -105.54 -107.57
N ALA J 395 -28.58 -105.77 -106.34
CA ALA J 395 -28.88 -104.86 -105.25
C ALA J 395 -28.30 -103.48 -105.53
N HIS J 396 -29.11 -102.45 -105.32
CA HIS J 396 -28.70 -101.09 -105.63
C HIS J 396 -27.57 -100.62 -104.73
N GLN J 397 -26.60 -99.92 -105.32
CA GLN J 397 -25.46 -99.34 -104.61
C GLN J 397 -24.48 -100.42 -104.12
N ASN J 398 -24.20 -101.42 -104.97
CA ASN J 398 -23.34 -102.51 -104.57
C ASN J 398 -22.14 -102.76 -105.48
N GLU J 399 -22.06 -102.13 -106.65
CA GLU J 399 -21.06 -102.56 -107.62
C GLU J 399 -19.69 -101.97 -107.31
N PRO J 400 -19.52 -100.63 -107.21
CA PRO J 400 -18.20 -100.09 -106.87
C PRO J 400 -17.97 -100.08 -105.36
N GLN J 401 -17.12 -100.99 -104.90
CA GLN J 401 -16.78 -101.12 -103.48
C GLN J 401 -15.48 -100.35 -103.24
N GLN J 402 -15.61 -99.11 -102.74
CA GLN J 402 -14.45 -98.22 -102.70
C GLN J 402 -13.40 -98.71 -101.72
N TRP J 403 -13.79 -99.43 -100.67
CA TRP J 403 -12.86 -99.88 -99.64
C TRP J 403 -12.42 -101.32 -99.83
N VAL J 404 -12.65 -101.90 -101.00
CA VAL J 404 -12.19 -103.25 -101.32
C VAL J 404 -11.10 -103.14 -102.37
N LEU J 405 -9.91 -103.65 -102.06
CA LEU J 405 -8.80 -103.54 -103.00
C LEU J 405 -8.91 -104.64 -104.06
N PRO J 406 -8.61 -104.30 -105.32
CA PRO J 406 -8.42 -105.34 -106.33
C PRO J 406 -7.23 -106.23 -106.04
N ASN J 407 -7.19 -107.36 -106.74
CA ASN J 407 -6.06 -108.28 -106.70
C ASN J 407 -5.20 -107.95 -107.91
N TYR J 408 -4.11 -107.20 -107.69
CA TYR J 408 -3.37 -106.61 -108.80
C TYR J 408 -2.68 -107.66 -109.67
N SER J 409 -2.45 -108.85 -109.13
CA SER J 409 -1.90 -109.98 -109.90
C SER J 409 -2.93 -111.08 -110.12
N GLY J 410 -4.21 -110.71 -110.15
CA GLY J 410 -5.26 -111.71 -110.28
C GLY J 410 -5.12 -112.84 -109.29
N ARG J 411 -5.46 -114.05 -109.72
CA ARG J 411 -5.40 -115.22 -108.85
C ARG J 411 -3.99 -115.80 -108.72
N THR J 412 -3.01 -115.29 -109.47
CA THR J 412 -1.68 -115.91 -109.45
C THR J 412 -0.99 -115.68 -108.12
N GLY J 413 -1.21 -114.52 -107.49
CA GLY J 413 -0.69 -114.28 -106.16
C GLY J 413 -1.40 -113.11 -105.52
N HIS J 414 -1.17 -112.95 -104.22
CA HIS J 414 -1.77 -111.85 -103.48
C HIS J 414 -1.01 -110.55 -103.72
N ASN J 415 -1.64 -109.44 -103.34
CA ASN J 415 -1.06 -108.12 -103.51
C ASN J 415 0.19 -107.96 -102.65
N VAL J 416 1.15 -107.18 -103.16
CA VAL J 416 2.42 -106.98 -102.50
C VAL J 416 2.70 -105.49 -102.36
N HIS J 417 3.66 -105.17 -101.48
CA HIS J 417 4.12 -103.80 -101.24
C HIS J 417 2.97 -102.81 -101.10
N LEU J 418 1.97 -103.19 -100.32
CA LEU J 418 0.78 -102.36 -100.18
C LEU J 418 1.05 -101.19 -99.24
N ALA J 419 0.34 -100.08 -99.49
CA ALA J 419 0.29 -99.01 -98.51
C ALA J 419 -0.48 -99.48 -97.28
N PRO J 420 -0.05 -99.08 -96.08
CA PRO J 420 -0.66 -99.65 -94.86
C PRO J 420 -2.12 -99.27 -94.73
N ALA J 421 -2.83 -100.05 -93.93
CA ALA J 421 -4.20 -99.72 -93.59
C ALA J 421 -4.25 -98.58 -92.58
N VAL J 422 -5.43 -97.98 -92.46
CA VAL J 422 -5.61 -96.71 -91.76
C VAL J 422 -6.83 -96.84 -90.86
N ALA J 423 -6.68 -96.46 -89.59
CA ALA J 423 -7.77 -96.56 -88.63
C ALA J 423 -7.57 -95.54 -87.52
N PRO J 424 -8.64 -95.07 -86.89
CA PRO J 424 -8.47 -94.20 -85.73
C PRO J 424 -7.88 -94.97 -84.55
N THR J 425 -7.00 -94.30 -83.81
CA THR J 425 -6.36 -94.90 -82.64
C THR J 425 -6.80 -94.27 -81.33
N PHE J 426 -7.38 -93.07 -81.37
CA PHE J 426 -7.75 -92.30 -80.19
C PHE J 426 -9.25 -92.46 -79.95
N PRO J 427 -9.66 -92.79 -78.73
CA PRO J 427 -11.10 -92.96 -78.44
C PRO J 427 -11.88 -91.70 -78.79
N GLY J 428 -12.98 -91.89 -79.52
CA GLY J 428 -13.84 -90.78 -79.90
C GLY J 428 -13.54 -90.18 -81.25
N GLU J 429 -12.52 -90.67 -81.95
CA GLU J 429 -12.06 -90.09 -83.19
C GLU J 429 -12.43 -90.97 -84.37
N GLN J 430 -12.73 -90.34 -85.50
CA GLN J 430 -12.98 -91.03 -86.76
C GLN J 430 -12.14 -90.40 -87.86
N LEU J 431 -11.91 -91.17 -88.92
CA LEU J 431 -11.26 -90.65 -90.10
C LEU J 431 -12.02 -89.47 -90.69
N LEU J 432 -11.28 -88.56 -91.31
CA LEU J 432 -11.85 -87.45 -92.07
C LEU J 432 -11.52 -87.68 -93.54
N PHE J 433 -12.57 -87.76 -94.36
CA PHE J 433 -12.42 -88.05 -95.78
C PHE J 433 -12.72 -86.81 -96.61
N PHE J 434 -12.00 -86.69 -97.71
CA PHE J 434 -12.29 -85.70 -98.75
C PHE J 434 -13.15 -86.39 -99.81
N ARG J 435 -14.41 -85.98 -99.89
CA ARG J 435 -15.42 -86.71 -100.65
C ARG J 435 -15.70 -86.04 -101.99
N SER J 436 -15.77 -86.86 -103.03
CA SER J 436 -16.35 -86.46 -104.30
C SER J 436 -17.31 -87.54 -104.78
N THR J 437 -18.20 -87.16 -105.70
CA THR J 437 -19.23 -88.05 -106.22
C THR J 437 -18.90 -88.42 -107.67
N MET J 438 -18.67 -89.70 -107.91
CA MET J 438 -18.30 -90.17 -109.24
C MET J 438 -19.50 -90.06 -110.18
N PRO J 439 -19.29 -89.64 -111.42
CA PRO J 439 -20.38 -89.73 -112.42
C PRO J 439 -20.76 -91.18 -112.65
N GLY J 440 -22.06 -91.44 -112.65
CA GLY J 440 -22.58 -92.74 -113.04
C GLY J 440 -22.95 -92.77 -114.51
N CYS J 441 -22.58 -93.87 -115.17
CA CYS J 441 -22.83 -94.02 -116.60
C CYS J 441 -23.96 -94.98 -116.93
N SER J 442 -24.33 -95.86 -116.00
CA SER J 442 -25.44 -96.78 -116.19
C SER J 442 -25.71 -97.47 -114.85
N GLY J 443 -26.99 -97.74 -114.58
CA GLY J 443 -27.34 -98.51 -113.41
C GLY J 443 -27.56 -97.67 -112.18
N TYR J 444 -27.36 -98.25 -111.00
CA TYR J 444 -27.57 -97.58 -109.72
C TYR J 444 -26.30 -97.71 -108.89
N PRO J 445 -25.23 -97.02 -109.27
CA PRO J 445 -23.93 -97.29 -108.67
C PRO J 445 -23.76 -96.55 -107.33
N ASN J 446 -22.78 -97.01 -106.57
CA ASN J 446 -22.34 -96.27 -105.39
C ASN J 446 -21.34 -95.22 -105.84
N MET J 447 -21.79 -93.97 -105.90
CA MET J 447 -20.98 -92.90 -106.48
C MET J 447 -20.06 -92.26 -105.46
N ASN J 448 -20.08 -92.74 -104.21
CA ASN J 448 -19.25 -92.20 -103.15
C ASN J 448 -17.78 -92.53 -103.39
N LEU J 449 -16.93 -91.51 -103.33
CA LEU J 449 -15.49 -91.69 -103.42
C LEU J 449 -14.79 -90.85 -102.35
N ASP J 450 -14.17 -91.53 -101.39
CA ASP J 450 -13.46 -90.88 -100.30
C ASP J 450 -11.96 -91.13 -100.47
N CYS J 451 -11.15 -90.07 -100.40
CA CYS J 451 -9.71 -90.21 -100.33
C CYS J 451 -9.17 -89.61 -99.03
N LEU J 452 -7.96 -90.05 -98.68
CA LEU J 452 -7.35 -89.65 -97.41
C LEU J 452 -6.69 -88.27 -97.50
N LEU J 453 -6.18 -87.91 -98.69
CA LEU J 453 -5.50 -86.65 -98.93
C LEU J 453 -5.89 -86.12 -100.30
N PRO J 454 -6.18 -84.83 -100.43
CA PRO J 454 -6.37 -84.25 -101.76
C PRO J 454 -5.10 -84.40 -102.60
N GLN J 455 -5.29 -84.49 -103.92
CA GLN J 455 -4.14 -84.65 -104.80
C GLN J 455 -3.21 -83.44 -104.71
N GLU J 456 -3.75 -82.24 -104.51
CA GLU J 456 -2.92 -81.07 -104.32
C GLU J 456 -2.09 -81.18 -103.05
N TRP J 457 -2.65 -81.76 -101.99
CA TRP J 457 -1.87 -81.96 -100.77
C TRP J 457 -0.72 -82.94 -101.01
N VAL J 458 -0.95 -83.96 -101.83
CA VAL J 458 0.13 -84.87 -102.20
C VAL J 458 1.24 -84.11 -102.92
N LEU J 459 0.86 -83.30 -103.92
CA LEU J 459 1.82 -82.51 -104.67
C LEU J 459 2.64 -81.61 -103.75
N HIS J 460 1.97 -80.94 -102.82
CA HIS J 460 2.64 -80.01 -101.92
C HIS J 460 3.65 -80.73 -101.02
N PHE J 461 3.21 -81.82 -100.38
CA PHE J 461 4.11 -82.57 -99.51
C PHE J 461 5.32 -83.09 -100.27
N TYR J 462 5.11 -83.57 -101.50
CA TYR J 462 6.20 -84.11 -102.30
C TYR J 462 7.23 -83.05 -102.62
N GLN J 463 6.79 -81.87 -103.06
CA GLN J 463 7.71 -80.82 -103.48
C GLN J 463 8.43 -80.20 -102.30
N GLU J 464 7.73 -79.98 -101.18
CA GLU J 464 8.34 -79.25 -100.07
C GLU J 464 9.17 -80.17 -99.19
N ALA J 465 8.80 -81.44 -99.09
CA ALA J 465 9.55 -82.46 -98.36
C ALA J 465 9.93 -82.01 -96.95
N ALA J 466 8.96 -81.47 -96.24
CA ALA J 466 9.24 -80.92 -94.91
C ALA J 466 9.38 -82.04 -93.89
N PRO J 467 10.50 -82.15 -93.20
CA PRO J 467 10.62 -83.19 -92.17
C PRO J 467 9.61 -82.98 -91.05
N ALA J 468 9.00 -84.08 -90.62
CA ALA J 468 8.01 -84.03 -89.54
C ALA J 468 8.72 -83.97 -88.20
N GLN J 469 8.39 -82.94 -87.41
CA GLN J 469 8.98 -82.77 -86.09
C GLN J 469 8.30 -83.63 -85.04
N SER J 470 7.17 -84.24 -85.36
CA SER J 470 6.50 -85.20 -84.49
C SER J 470 5.58 -86.05 -85.35
N ASP J 471 4.86 -86.96 -84.70
CA ASP J 471 4.06 -87.93 -85.44
C ASP J 471 2.71 -87.40 -85.88
N VAL J 472 2.27 -86.26 -85.35
CA VAL J 472 0.94 -85.72 -85.63
C VAL J 472 1.06 -84.23 -85.88
N ALA J 473 0.47 -83.77 -86.99
CA ALA J 473 0.35 -82.35 -87.29
C ALA J 473 -1.07 -81.91 -86.96
N LEU J 474 -1.19 -80.96 -86.04
CA LEU J 474 -2.50 -80.41 -85.70
C LEU J 474 -2.89 -79.36 -86.75
N LEU J 475 -4.04 -79.57 -87.39
CA LEU J 475 -4.56 -78.62 -88.35
C LEU J 475 -5.83 -77.99 -87.80
N ARG J 476 -6.03 -76.72 -88.12
CA ARG J 476 -7.28 -76.03 -87.83
C ARG J 476 -7.88 -75.46 -89.11
N PHE J 477 -9.19 -75.59 -89.23
CA PHE J 477 -9.95 -75.10 -90.38
C PHE J 477 -10.51 -73.72 -90.05
N VAL J 478 -10.21 -72.74 -90.88
CA VAL J 478 -10.40 -71.34 -90.55
C VAL J 478 -11.36 -70.69 -91.53
N ASN J 479 -12.25 -69.85 -91.00
CA ASN J 479 -13.10 -68.98 -91.80
C ASN J 479 -12.33 -67.69 -92.05
N PRO J 480 -11.88 -67.41 -93.27
CA PRO J 480 -10.98 -66.26 -93.49
C PRO J 480 -11.66 -64.90 -93.36
N ASP J 481 -12.98 -64.81 -93.47
CA ASP J 481 -13.65 -63.53 -93.28
C ASP J 481 -13.41 -62.99 -91.87
N THR J 482 -13.69 -63.82 -90.86
CA THR J 482 -13.56 -63.43 -89.46
C THR J 482 -12.24 -63.88 -88.83
N GLY J 483 -11.50 -64.81 -89.46
CA GLY J 483 -10.34 -65.39 -88.82
C GLY J 483 -10.65 -66.53 -87.87
N ARG J 484 -11.89 -66.98 -87.81
CA ARG J 484 -12.35 -67.85 -86.73
C ARG J 484 -12.02 -69.31 -87.01
N VAL J 485 -11.66 -70.02 -85.95
CA VAL J 485 -11.36 -71.44 -86.03
C VAL J 485 -12.64 -72.24 -85.87
N LEU J 486 -12.95 -73.08 -86.86
CA LEU J 486 -14.19 -73.83 -86.87
C LEU J 486 -14.04 -75.21 -86.25
N PHE J 487 -12.98 -75.93 -86.59
CA PHE J 487 -12.68 -77.20 -85.91
C PHE J 487 -11.19 -77.47 -86.05
N GLU J 488 -10.72 -78.45 -85.27
CA GLU J 488 -9.36 -78.94 -85.39
C GLU J 488 -9.37 -80.42 -85.77
N CYS J 489 -8.28 -80.85 -86.40
CA CYS J 489 -8.13 -82.24 -86.82
C CYS J 489 -6.66 -82.61 -86.76
N LYS J 490 -6.40 -83.92 -86.76
CA LYS J 490 -5.05 -84.44 -86.70
C LYS J 490 -4.66 -84.99 -88.07
N LEU J 491 -3.66 -84.38 -88.69
CA LEU J 491 -3.08 -84.91 -89.92
C LEU J 491 -1.87 -85.74 -89.50
N HIS J 492 -2.00 -87.05 -89.61
CA HIS J 492 -0.94 -87.94 -89.14
C HIS J 492 0.19 -87.97 -90.16
N LYS J 493 1.41 -88.16 -89.66
CA LYS J 493 2.58 -88.18 -90.53
C LYS J 493 2.41 -89.19 -91.66
N SER J 494 1.72 -90.30 -91.39
CA SER J 494 1.49 -91.36 -92.37
C SER J 494 0.64 -90.89 -93.56
N GLY J 495 0.10 -89.67 -93.51
CA GLY J 495 -0.75 -89.17 -94.58
C GLY J 495 -2.21 -89.56 -94.50
N TYR J 496 -2.83 -89.31 -93.35
CA TYR J 496 -4.27 -89.47 -93.19
C TYR J 496 -4.75 -88.59 -92.06
N VAL J 497 -6.02 -88.20 -92.10
CA VAL J 497 -6.56 -87.21 -91.18
C VAL J 497 -7.64 -87.84 -90.32
N THR J 498 -7.73 -87.38 -89.08
CA THR J 498 -8.72 -87.85 -88.12
C THR J 498 -9.32 -86.64 -87.41
N VAL J 499 -10.56 -86.77 -86.96
CA VAL J 499 -11.26 -85.70 -86.27
C VAL J 499 -12.10 -86.32 -85.15
N ALA J 500 -12.52 -85.46 -84.22
CA ALA J 500 -13.25 -85.92 -83.02
C ALA J 500 -14.75 -85.81 -83.29
N HIS J 501 -15.35 -86.95 -83.64
CA HIS J 501 -16.77 -87.05 -83.93
C HIS J 501 -17.14 -88.52 -83.87
N THR J 502 -18.42 -88.79 -83.66
CA THR J 502 -18.93 -90.15 -83.72
C THR J 502 -20.21 -90.18 -84.55
N GLY J 503 -20.25 -91.08 -85.53
CA GLY J 503 -21.35 -91.15 -86.46
C GLY J 503 -21.01 -90.55 -87.81
N PRO J 504 -21.77 -90.91 -88.83
CA PRO J 504 -21.55 -90.31 -90.15
C PRO J 504 -22.04 -88.87 -90.19
N HIS J 505 -21.34 -88.05 -90.99
CA HIS J 505 -21.66 -86.64 -91.06
C HIS J 505 -20.98 -85.96 -92.25
N ASP J 506 -21.77 -85.30 -93.09
CA ASP J 506 -21.22 -84.37 -94.07
C ASP J 506 -21.01 -83.03 -93.38
N LEU J 507 -19.81 -82.47 -93.50
CA LEU J 507 -19.45 -81.27 -92.74
C LEU J 507 -20.02 -80.02 -93.40
N VAL J 508 -20.51 -79.11 -92.56
CA VAL J 508 -21.09 -77.84 -92.99
C VAL J 508 -20.01 -76.77 -92.93
N ILE J 509 -19.51 -76.38 -94.09
CA ILE J 509 -18.27 -75.61 -94.19
C ILE J 509 -18.51 -74.34 -95.01
N PRO J 510 -17.98 -73.20 -94.60
CA PRO J 510 -17.99 -72.01 -95.47
C PRO J 510 -17.24 -72.28 -96.76
N PRO J 511 -17.79 -71.88 -97.90
CA PRO J 511 -17.16 -72.23 -99.19
C PRO J 511 -15.74 -71.73 -99.35
N ASN J 512 -15.30 -70.73 -98.58
CA ASN J 512 -13.95 -70.19 -98.70
C ASN J 512 -13.01 -70.60 -97.57
N GLY J 513 -13.43 -71.52 -96.70
CA GLY J 513 -12.59 -71.91 -95.58
C GLY J 513 -11.37 -72.71 -96.02
N TYR J 514 -10.30 -72.62 -95.23
CA TYR J 514 -9.02 -73.22 -95.58
C TYR J 514 -8.43 -73.95 -94.38
N PHE J 515 -7.50 -74.86 -94.67
CA PHE J 515 -6.74 -75.59 -93.65
C PHE J 515 -5.45 -74.86 -93.30
N ARG J 516 -5.15 -74.82 -92.00
CA ARG J 516 -3.97 -74.15 -91.49
C ARG J 516 -3.22 -75.07 -90.52
N PHE J 517 -1.93 -75.27 -90.75
CA PHE J 517 -1.11 -76.06 -89.84
C PHE J 517 -0.71 -75.19 -88.65
N ASP J 518 -1.06 -75.61 -87.44
CA ASP J 518 -0.92 -74.77 -86.26
C ASP J 518 0.13 -75.25 -85.26
N SER J 519 0.37 -76.55 -85.14
CA SER J 519 1.35 -77.02 -84.16
C SER J 519 1.63 -78.50 -84.38
N TRP J 520 2.85 -78.91 -84.06
CA TRP J 520 3.17 -80.32 -83.92
C TRP J 520 2.69 -80.82 -82.56
N VAL J 521 2.07 -82.01 -82.56
CA VAL J 521 1.56 -82.63 -81.36
C VAL J 521 1.88 -84.12 -81.39
N ASN J 522 1.63 -84.80 -80.28
CA ASN J 522 1.81 -86.24 -80.16
C ASN J 522 0.46 -86.94 -80.10
N GLN J 523 0.52 -88.27 -80.01
CA GLN J 523 -0.65 -89.14 -80.10
C GLN J 523 -1.65 -88.92 -78.98
N PHE J 524 -1.27 -88.24 -77.90
CA PHE J 524 -2.13 -88.06 -76.75
C PHE J 524 -2.99 -86.80 -76.85
N TYR J 525 -2.85 -86.02 -77.91
CA TYR J 525 -3.64 -84.80 -78.05
C TYR J 525 -5.12 -85.13 -78.17
N THR J 526 -5.93 -84.45 -77.37
CA THR J 526 -7.37 -84.66 -77.34
C THR J 526 -8.02 -83.57 -78.16
N LEU J 527 -8.74 -83.97 -79.21
CA LEU J 527 -9.30 -82.97 -80.13
C LEU J 527 -10.59 -82.39 -79.55
N ALA J 528 -10.84 -81.14 -79.90
CA ALA J 528 -12.10 -80.52 -79.49
C ALA J 528 -13.25 -81.18 -80.24
N PRO J 529 -14.37 -81.43 -79.57
CA PRO J 529 -15.50 -82.06 -80.27
C PRO J 529 -16.01 -81.17 -81.38
N MET J 530 -16.21 -81.76 -82.55
CA MET J 530 -16.47 -81.01 -83.77
C MET J 530 -17.94 -81.18 -84.12
N GLY J 531 -18.66 -80.05 -84.21
CA GLY J 531 -20.10 -80.02 -84.43
C GLY J 531 -20.72 -81.11 -85.29
N PRO K 10 67.18 -106.70 -45.48
CA PRO K 10 65.87 -106.11 -45.76
C PRO K 10 64.90 -107.09 -46.40
N SER K 11 65.38 -107.86 -47.37
CA SER K 11 64.57 -108.84 -48.10
C SER K 11 65.22 -110.21 -48.04
N ASP K 12 65.72 -110.58 -46.86
CA ASP K 12 66.42 -111.85 -46.67
C ASP K 12 65.49 -112.80 -45.92
N GLY K 13 65.24 -113.96 -46.51
CA GLY K 13 64.29 -114.89 -45.94
C GLY K 13 62.87 -114.65 -46.39
N SER K 14 62.64 -113.60 -47.19
CA SER K 14 61.32 -113.34 -47.74
C SER K 14 61.33 -113.59 -49.24
N THR K 15 61.82 -112.61 -50.00
CA THR K 15 61.87 -112.72 -51.45
C THR K 15 63.22 -113.23 -51.93
N ALA K 16 64.29 -112.90 -51.20
CA ALA K 16 65.63 -113.44 -51.39
C ALA K 16 66.28 -112.99 -52.69
N ASN K 17 65.84 -111.85 -53.24
CA ASN K 17 66.38 -111.31 -54.48
C ASN K 17 66.20 -112.29 -55.64
N LEU K 18 65.16 -113.13 -55.57
CA LEU K 18 64.94 -114.23 -56.51
C LEU K 18 64.06 -113.81 -57.66
N VAL K 19 63.63 -112.55 -57.68
CA VAL K 19 62.41 -112.09 -58.31
C VAL K 19 62.54 -110.61 -58.63
N PRO K 20 62.08 -110.15 -59.80
CA PRO K 20 62.15 -108.72 -60.11
C PRO K 20 61.36 -107.91 -59.09
N GLU K 21 61.92 -106.78 -58.66
CA GLU K 21 61.21 -105.92 -57.72
C GLU K 21 60.15 -105.08 -58.42
N VAL K 22 60.57 -104.14 -59.27
CA VAL K 22 59.64 -103.29 -60.00
C VAL K 22 60.10 -103.21 -61.45
N ASN K 23 59.21 -102.70 -62.31
CA ASN K 23 59.49 -102.57 -63.73
C ASN K 23 60.04 -101.18 -64.05
N ASN K 24 61.15 -101.16 -64.78
CA ASN K 24 61.65 -99.92 -65.38
C ASN K 24 60.62 -99.31 -66.33
N GLU K 25 60.17 -100.10 -67.32
CA GLU K 25 59.38 -99.61 -68.45
C GLU K 25 58.20 -98.75 -68.02
N VAL K 26 57.81 -97.85 -68.92
CA VAL K 26 56.76 -96.86 -68.70
C VAL K 26 56.09 -96.58 -70.04
N MET K 27 54.77 -96.53 -70.04
CA MET K 27 54.03 -96.40 -71.30
C MET K 27 54.22 -95.02 -71.92
N ALA K 28 54.37 -95.01 -73.24
CA ALA K 28 54.66 -93.80 -74.01
C ALA K 28 53.38 -93.05 -74.37
N LEU K 29 52.63 -92.65 -73.35
CA LEU K 29 51.42 -91.87 -73.52
C LEU K 29 51.62 -90.50 -72.92
N GLU K 30 51.10 -89.48 -73.61
CA GLU K 30 51.07 -88.14 -73.05
C GLU K 30 49.98 -88.05 -71.99
N PRO K 31 50.06 -87.07 -71.10
CA PRO K 31 48.94 -86.83 -70.18
C PRO K 31 47.70 -86.40 -70.95
N VAL K 32 46.54 -86.77 -70.40
CA VAL K 32 45.26 -86.50 -71.04
C VAL K 32 44.30 -85.97 -69.99
N VAL K 33 43.68 -84.83 -70.29
CA VAL K 33 42.76 -84.19 -69.37
C VAL K 33 41.51 -85.04 -69.20
N GLY K 34 40.92 -84.98 -68.01
CA GLY K 34 39.67 -85.65 -67.76
C GLY K 34 38.46 -84.76 -67.94
N ALA K 35 37.61 -84.71 -66.92
CA ALA K 35 36.30 -84.07 -67.01
C ALA K 35 36.36 -82.55 -66.89
N ALA K 36 37.53 -81.98 -66.60
CA ALA K 36 37.62 -80.53 -66.46
C ALA K 36 37.18 -79.80 -67.72
N ILE K 37 37.58 -80.29 -68.91
CA ILE K 37 37.15 -79.61 -70.13
C ILE K 37 35.63 -79.62 -70.26
N ALA K 38 34.96 -80.59 -69.64
CA ALA K 38 33.53 -80.72 -69.89
C ALA K 38 32.70 -79.74 -69.09
N ALA K 39 33.31 -79.05 -68.13
CA ALA K 39 32.54 -78.21 -67.21
C ALA K 39 31.67 -77.19 -67.94
N PRO K 40 32.16 -76.46 -68.94
CA PRO K 40 31.28 -75.50 -69.64
C PRO K 40 30.14 -76.14 -70.42
N VAL K 41 30.22 -77.42 -70.75
CA VAL K 41 29.16 -78.07 -71.53
C VAL K 41 28.48 -79.20 -70.78
N ALA K 42 28.97 -79.59 -69.60
CA ALA K 42 28.25 -80.55 -68.80
C ALA K 42 27.12 -79.86 -68.03
N GLY K 43 26.10 -80.64 -67.70
CA GLY K 43 24.99 -80.09 -66.94
C GLY K 43 25.38 -79.71 -65.52
N GLN K 44 26.33 -80.43 -64.94
CA GLN K 44 26.62 -80.33 -63.52
C GLN K 44 28.07 -80.73 -63.27
N GLN K 45 28.58 -80.33 -62.12
CA GLN K 45 29.92 -80.69 -61.69
C GLN K 45 29.74 -81.58 -60.47
N ASN K 46 30.13 -82.84 -60.59
CA ASN K 46 29.83 -83.82 -59.57
C ASN K 46 31.08 -84.23 -58.83
N VAL K 47 30.88 -85.00 -57.77
CA VAL K 47 31.94 -85.32 -56.82
C VAL K 47 31.87 -86.80 -56.54
N ILE K 48 33.03 -87.43 -56.48
CA ILE K 48 33.18 -88.83 -56.12
C ILE K 48 33.79 -88.88 -54.72
N ASP K 49 33.31 -89.80 -53.91
CA ASP K 49 33.82 -89.98 -52.57
C ASP K 49 35.35 -90.10 -52.63
N PRO K 50 36.09 -89.22 -51.96
CA PRO K 50 37.55 -89.24 -52.11
C PRO K 50 38.19 -90.56 -51.74
N TRP K 51 37.57 -91.35 -50.86
CA TRP K 51 38.14 -92.66 -50.53
C TRP K 51 38.21 -93.55 -51.77
N ILE K 52 37.19 -93.48 -52.63
CA ILE K 52 37.20 -94.24 -53.87
C ILE K 52 38.38 -93.85 -54.74
N ARG K 53 38.79 -92.57 -54.68
CA ARG K 53 39.88 -92.10 -55.51
C ARG K 53 41.25 -92.43 -54.94
N ASN K 54 41.34 -92.76 -53.66
CA ASN K 54 42.63 -92.97 -53.00
C ASN K 54 42.92 -94.44 -52.70
N ASN K 55 42.08 -95.37 -53.15
CA ASN K 55 42.21 -96.76 -52.71
C ASN K 55 41.91 -97.72 -53.85
N PHE K 56 42.87 -98.60 -54.14
CA PHE K 56 42.68 -99.61 -55.16
C PHE K 56 41.71 -100.68 -54.69
N VAL K 57 40.81 -101.07 -55.59
CA VAL K 57 39.82 -102.11 -55.34
C VAL K 57 39.79 -102.99 -56.58
N GLN K 58 39.49 -104.27 -56.38
CA GLN K 58 39.60 -105.21 -57.49
C GLN K 58 38.49 -104.94 -58.51
N ALA K 59 38.89 -104.86 -59.78
CA ALA K 59 37.95 -104.63 -60.86
C ALA K 59 36.97 -105.80 -60.95
N PRO K 60 35.75 -105.56 -61.48
CA PRO K 60 34.84 -106.69 -61.70
C PRO K 60 35.48 -107.77 -62.56
N GLY K 61 36.25 -107.36 -63.57
CA GLY K 61 37.04 -108.29 -64.34
C GLY K 61 38.46 -108.25 -63.79
N GLY K 62 38.63 -108.63 -62.53
CA GLY K 62 39.94 -108.50 -61.91
C GLY K 62 40.72 -109.77 -61.65
N GLU K 63 40.39 -110.85 -62.36
CA GLU K 63 41.16 -112.08 -62.26
C GLU K 63 41.61 -112.53 -63.65
N PHE K 64 42.85 -112.98 -63.76
CA PHE K 64 43.31 -113.72 -64.93
C PHE K 64 44.47 -114.62 -64.50
N THR K 65 44.80 -115.56 -65.38
CA THR K 65 45.75 -116.62 -65.07
C THR K 65 46.76 -116.77 -66.19
N VAL K 66 48.00 -117.07 -65.81
CA VAL K 66 49.01 -117.55 -66.75
C VAL K 66 49.33 -118.99 -66.36
N SER K 67 49.01 -119.93 -67.25
CA SER K 67 49.23 -121.34 -67.03
C SER K 67 49.97 -121.92 -68.22
N PRO K 68 50.48 -123.15 -68.12
CA PRO K 68 51.17 -123.75 -69.26
C PRO K 68 50.26 -124.06 -70.42
N ARG K 69 48.95 -124.14 -70.19
CA ARG K 69 47.99 -124.33 -71.27
C ARG K 69 47.85 -123.09 -72.15
N ASN K 70 48.30 -121.93 -71.67
CA ASN K 70 48.18 -120.70 -72.45
C ASN K 70 49.29 -120.64 -73.50
N ALA K 71 48.97 -120.04 -74.64
CA ALA K 71 49.95 -119.91 -75.71
C ALA K 71 50.27 -118.44 -75.96
N PRO K 72 51.48 -118.13 -76.41
CA PRO K 72 51.82 -116.73 -76.72
C PRO K 72 50.87 -116.16 -77.75
N GLY K 73 50.51 -114.89 -77.56
CA GLY K 73 49.58 -114.20 -78.43
C GLY K 73 48.19 -114.10 -77.87
N GLU K 74 47.84 -114.93 -76.89
CA GLU K 74 46.54 -114.88 -76.25
C GLU K 74 46.41 -113.63 -75.38
N ILE K 75 45.31 -112.91 -75.55
CA ILE K 75 44.98 -111.79 -74.68
C ILE K 75 44.41 -112.37 -73.39
N LEU K 76 45.19 -112.30 -72.30
CA LEU K 76 44.74 -112.86 -71.04
C LEU K 76 43.74 -111.98 -70.32
N TRP K 77 43.76 -110.67 -70.59
CA TRP K 77 42.87 -109.74 -69.91
C TRP K 77 42.77 -108.49 -70.78
N SER K 78 41.58 -107.91 -70.81
CA SER K 78 41.37 -106.69 -71.58
C SER K 78 40.13 -105.99 -71.05
N ALA K 79 40.11 -104.66 -71.20
CA ALA K 79 38.98 -103.87 -70.75
C ALA K 79 39.01 -102.53 -71.44
N PRO K 80 37.86 -101.97 -71.79
CA PRO K 80 37.83 -100.57 -72.22
C PRO K 80 37.68 -99.65 -71.02
N LEU K 81 38.26 -98.47 -71.14
CA LEU K 81 38.13 -97.47 -70.08
C LEU K 81 36.67 -97.12 -69.86
N GLY K 82 36.28 -97.03 -68.60
CA GLY K 82 34.91 -96.74 -68.23
C GLY K 82 34.65 -97.11 -66.79
N PRO K 83 33.47 -96.71 -66.29
CA PRO K 83 33.15 -96.97 -64.87
C PRO K 83 33.14 -98.45 -64.51
N ASP K 84 32.96 -99.33 -65.49
CA ASP K 84 32.92 -100.76 -65.19
C ASP K 84 34.28 -101.31 -64.79
N LEU K 85 35.33 -100.48 -64.81
CA LEU K 85 36.65 -100.89 -64.35
C LEU K 85 36.77 -100.93 -62.84
N ASN K 86 35.76 -100.47 -62.10
CA ASN K 86 35.86 -100.28 -60.66
C ASN K 86 34.50 -100.54 -60.02
N PRO K 87 34.42 -101.47 -59.05
CA PRO K 87 33.10 -101.87 -58.53
C PRO K 87 32.33 -100.74 -57.86
N TYR K 88 33.01 -99.82 -57.17
CA TYR K 88 32.33 -98.66 -56.61
C TYR K 88 31.79 -97.75 -57.71
N LEU K 89 32.63 -97.42 -58.69
CA LEU K 89 32.18 -96.61 -59.82
C LEU K 89 31.07 -97.31 -60.60
N SER K 90 31.07 -98.65 -60.64
CA SER K 90 30.03 -99.36 -61.37
C SER K 90 28.65 -99.11 -60.77
N HIS K 91 28.53 -99.15 -59.44
CA HIS K 91 27.24 -98.86 -58.83
C HIS K 91 26.91 -97.38 -58.95
N LEU K 92 27.91 -96.52 -58.77
CA LEU K 92 27.69 -95.09 -58.96
C LEU K 92 27.24 -94.80 -60.39
N ALA K 93 27.78 -95.53 -61.36
CA ALA K 93 27.48 -95.24 -62.76
C ALA K 93 26.00 -95.44 -63.07
N ARG K 94 25.33 -96.35 -62.35
CA ARG K 94 23.90 -96.53 -62.62
C ARG K 94 23.10 -95.29 -62.27
N MET K 95 23.74 -94.29 -61.68
CA MET K 95 23.10 -93.08 -61.20
C MET K 95 23.50 -91.86 -62.03
N TYR K 96 24.35 -92.02 -63.03
CA TYR K 96 24.83 -90.92 -63.84
C TYR K 96 24.63 -91.22 -65.32
N ASN K 97 24.55 -90.16 -66.12
CA ASN K 97 24.36 -90.28 -67.55
C ASN K 97 25.67 -90.33 -68.33
N GLY K 98 26.74 -89.77 -67.78
CA GLY K 98 28.00 -89.81 -68.49
C GLY K 98 29.18 -89.70 -67.56
N TYR K 99 30.37 -89.64 -68.17
CA TYR K 99 31.62 -89.60 -67.43
C TYR K 99 32.73 -89.08 -68.34
N ALA K 100 33.86 -88.77 -67.73
CA ALA K 100 35.07 -88.42 -68.45
C ALA K 100 36.25 -88.51 -67.49
N GLY K 101 37.40 -88.88 -68.02
CA GLY K 101 38.62 -88.97 -67.24
C GLY K 101 39.18 -90.37 -67.24
N GLY K 102 40.36 -90.49 -66.62
CA GLY K 102 41.18 -91.68 -66.74
C GLY K 102 41.25 -92.47 -65.45
N PHE K 103 41.96 -93.60 -65.54
CA PHE K 103 42.10 -94.54 -64.44
C PHE K 103 43.58 -94.82 -64.17
N GLU K 104 43.83 -95.27 -62.96
CA GLU K 104 45.10 -95.89 -62.59
C GLU K 104 44.80 -97.36 -62.29
N VAL K 105 45.40 -98.27 -63.05
CA VAL K 105 45.18 -99.69 -62.87
C VAL K 105 46.42 -100.31 -62.25
N GLN K 106 46.20 -101.21 -61.31
CA GLN K 106 47.27 -101.90 -60.61
C GLN K 106 47.12 -103.40 -60.84
N VAL K 107 48.20 -104.03 -61.31
CA VAL K 107 48.22 -105.45 -61.65
C VAL K 107 49.19 -106.16 -60.72
N ILE K 108 48.77 -107.31 -60.20
CA ILE K 108 49.59 -108.11 -59.30
C ILE K 108 49.97 -109.38 -60.06
N LEU K 109 51.27 -109.65 -60.11
CA LEU K 109 51.81 -110.77 -60.87
C LEU K 109 52.86 -111.54 -60.09
N ALA K 110 52.66 -111.75 -58.79
CA ALA K 110 53.80 -112.15 -57.97
C ALA K 110 53.90 -113.68 -57.99
N GLY K 111 54.34 -114.18 -59.15
CA GLY K 111 54.47 -115.59 -59.35
C GLY K 111 55.68 -116.18 -58.61
N ASN K 112 55.56 -117.48 -58.35
CA ASN K 112 56.64 -118.24 -57.72
C ASN K 112 57.96 -118.05 -58.47
N ALA K 113 59.06 -118.12 -57.72
CA ALA K 113 60.37 -117.79 -58.28
C ALA K 113 60.83 -118.80 -59.33
N PHE K 114 60.25 -119.99 -59.35
CA PHE K 114 60.62 -121.04 -60.29
C PHE K 114 59.92 -120.93 -61.64
N THR K 115 59.19 -119.85 -61.89
CA THR K 115 58.46 -119.67 -63.15
C THR K 115 59.16 -118.66 -64.03
N ALA K 116 58.85 -118.72 -65.33
CA ALA K 116 59.36 -117.76 -66.30
C ALA K 116 58.23 -117.35 -67.24
N GLY K 117 58.37 -116.17 -67.83
CA GLY K 117 57.45 -115.69 -68.84
C GLY K 117 57.23 -114.19 -68.76
N LYS K 118 56.78 -113.62 -69.87
CA LYS K 118 56.59 -112.18 -69.99
C LYS K 118 55.16 -111.87 -70.44
N ILE K 119 54.60 -110.79 -69.90
CA ILE K 119 53.31 -110.25 -70.31
C ILE K 119 53.51 -108.84 -70.88
N ILE K 120 52.83 -108.55 -71.99
CA ILE K 120 52.79 -107.19 -72.53
C ILE K 120 51.46 -106.54 -72.17
N PHE K 121 51.54 -105.34 -71.61
CA PHE K 121 50.39 -104.47 -71.43
C PHE K 121 50.48 -103.37 -72.48
N ALA K 122 49.36 -103.09 -73.15
CA ALA K 122 49.36 -102.06 -74.17
C ALA K 122 48.05 -101.29 -74.16
N ALA K 123 48.16 -99.99 -74.48
CA ALA K 123 47.01 -99.12 -74.67
C ALA K 123 46.75 -98.96 -76.18
N VAL K 124 45.60 -99.43 -76.64
CA VAL K 124 45.20 -99.29 -78.04
C VAL K 124 44.14 -98.20 -78.14
N PRO K 125 44.27 -97.27 -79.07
CA PRO K 125 43.44 -96.07 -79.05
C PRO K 125 42.03 -96.36 -79.56
N PRO K 126 41.10 -95.44 -79.35
CA PRO K 126 39.71 -95.67 -79.80
C PRO K 126 39.64 -95.85 -81.30
N ASN K 127 38.79 -96.81 -81.72
CA ASN K 127 38.50 -97.13 -83.12
C ASN K 127 39.62 -97.89 -83.81
N PHE K 128 40.56 -98.45 -83.06
CA PHE K 128 41.45 -99.40 -83.73
C PHE K 128 40.97 -100.80 -83.42
N PRO K 129 40.82 -101.69 -84.41
CA PRO K 129 40.28 -103.02 -84.14
C PRO K 129 41.29 -103.91 -83.40
N THR K 130 40.83 -104.50 -82.31
CA THR K 130 41.62 -105.35 -81.42
C THR K 130 41.69 -106.80 -81.88
N GLU K 131 40.87 -107.20 -82.85
CA GLU K 131 40.45 -108.59 -82.95
C GLU K 131 41.58 -109.51 -83.43
N GLY K 132 42.25 -109.16 -84.52
CA GLY K 132 43.33 -109.99 -85.00
C GLY K 132 44.73 -109.73 -84.47
N LEU K 133 44.87 -109.00 -83.36
CA LEU K 133 46.18 -108.48 -83.00
C LEU K 133 47.16 -109.60 -82.68
N SER K 134 48.36 -109.53 -83.29
CA SER K 134 49.59 -110.29 -83.14
C SER K 134 50.50 -109.64 -82.09
N PRO K 135 51.36 -110.42 -81.45
CA PRO K 135 52.30 -109.81 -80.50
C PRO K 135 53.19 -108.75 -81.12
N SER K 136 53.70 -109.00 -82.33
CA SER K 136 54.40 -107.98 -83.08
C SER K 136 53.60 -106.68 -83.15
N GLN K 137 52.31 -106.77 -83.48
CA GLN K 137 51.51 -105.57 -83.68
C GLN K 137 51.29 -104.82 -82.37
N VAL K 138 51.06 -105.55 -81.29
CA VAL K 138 50.81 -104.92 -79.99
C VAL K 138 52.01 -104.10 -79.55
N THR K 139 53.22 -104.54 -79.92
CA THR K 139 54.43 -103.80 -79.64
C THR K 139 54.42 -102.38 -80.24
N MET K 140 53.58 -102.12 -81.23
CA MET K 140 53.61 -100.81 -81.88
C MET K 140 52.74 -99.77 -81.18
N PHE K 141 51.92 -100.17 -80.21
CA PHE K 141 51.23 -99.23 -79.34
C PHE K 141 52.12 -98.86 -78.17
N PRO K 142 51.77 -97.81 -77.43
CA PRO K 142 52.40 -97.62 -76.12
C PRO K 142 52.25 -98.88 -75.29
N HIS K 143 53.36 -99.36 -74.73
CA HIS K 143 53.33 -100.68 -74.13
C HIS K 143 54.37 -100.80 -73.02
N ILE K 144 54.18 -101.85 -72.22
CA ILE K 144 55.06 -102.23 -71.12
C ILE K 144 55.20 -103.74 -71.16
N ILE K 145 56.42 -104.24 -70.97
CA ILE K 145 56.70 -105.67 -70.95
C ILE K 145 57.13 -106.04 -69.54
N VAL K 146 56.37 -106.92 -68.91
CA VAL K 146 56.51 -107.25 -67.49
C VAL K 146 56.82 -108.72 -67.33
N ASP K 147 57.71 -109.04 -66.38
CA ASP K 147 58.05 -110.43 -66.12
C ASP K 147 56.98 -111.05 -65.23
N VAL K 148 56.63 -112.30 -65.52
CA VAL K 148 55.54 -112.96 -64.81
C VAL K 148 55.86 -113.11 -63.33
N ARG K 149 57.13 -112.97 -62.93
CA ARG K 149 57.52 -113.09 -61.54
C ARG K 149 57.51 -111.77 -60.77
N GLN K 150 57.14 -110.66 -61.40
CA GLN K 150 57.33 -109.35 -60.78
C GLN K 150 56.63 -109.24 -59.43
N LEU K 151 57.34 -108.69 -58.46
CA LEU K 151 56.93 -108.69 -57.07
C LEU K 151 56.03 -107.50 -56.74
N GLU K 152 56.47 -106.30 -57.07
CA GLU K 152 55.66 -105.14 -56.78
C GLU K 152 54.57 -105.00 -57.84
N PRO K 153 53.41 -104.49 -57.46
CA PRO K 153 52.34 -104.33 -58.44
C PRO K 153 52.78 -103.42 -59.57
N VAL K 154 52.18 -103.65 -60.74
CA VAL K 154 52.47 -102.87 -61.93
C VAL K 154 51.41 -101.77 -62.01
N LEU K 155 51.86 -100.53 -62.16
CA LEU K 155 50.96 -99.39 -62.23
C LEU K 155 50.94 -98.87 -63.65
N ILE K 156 49.75 -98.86 -64.25
CA ILE K 156 49.54 -98.39 -65.61
C ILE K 156 48.55 -97.24 -65.52
N PRO K 157 48.91 -96.03 -65.92
CA PRO K 157 47.91 -94.98 -66.08
C PRO K 157 47.17 -95.16 -67.39
N LEU K 158 45.85 -95.00 -67.33
CA LEU K 158 44.98 -95.21 -68.49
C LEU K 158 44.23 -93.92 -68.78
N PRO K 159 44.72 -93.10 -69.71
CA PRO K 159 44.07 -91.80 -69.97
C PRO K 159 42.88 -91.95 -70.89
N ASP K 160 41.95 -91.01 -70.76
CA ASP K 160 40.71 -91.04 -71.54
C ASP K 160 40.90 -90.32 -72.88
N VAL K 161 41.75 -90.93 -73.72
CA VAL K 161 41.90 -90.44 -75.09
C VAL K 161 40.56 -90.48 -75.80
N ARG K 162 40.22 -89.37 -76.45
CA ARG K 162 38.91 -89.16 -77.04
C ARG K 162 38.97 -87.92 -77.91
N ASN K 163 37.90 -87.68 -78.68
CA ASN K 163 37.78 -86.49 -79.51
C ASN K 163 36.54 -85.67 -79.19
N ASN K 164 35.94 -85.90 -78.02
CA ASN K 164 34.77 -85.15 -77.57
C ASN K 164 34.98 -84.74 -76.13
N PHE K 165 34.04 -83.96 -75.60
CA PHE K 165 34.19 -83.43 -74.25
C PHE K 165 34.04 -84.53 -73.21
N TYR K 166 33.16 -85.50 -73.45
CA TYR K 166 32.93 -86.59 -72.51
C TYR K 166 32.11 -87.67 -73.20
N HIS K 167 31.89 -88.77 -72.48
CA HIS K 167 31.22 -89.96 -72.98
C HIS K 167 29.83 -90.08 -72.38
N TYR K 168 28.89 -90.59 -73.16
CA TYR K 168 27.57 -90.96 -72.67
C TYR K 168 27.54 -92.46 -72.37
N ASN K 169 26.91 -92.81 -71.25
CA ASN K 169 26.82 -94.23 -70.87
C ASN K 169 26.05 -95.04 -71.91
N GLN K 170 25.01 -94.45 -72.49
CA GLN K 170 24.11 -95.16 -73.37
C GLN K 170 24.56 -95.24 -74.83
N SER K 171 25.72 -94.71 -75.17
CA SER K 171 26.13 -94.73 -76.57
C SER K 171 27.24 -95.76 -76.76
N ASN K 172 27.67 -95.93 -78.00
CA ASN K 172 28.71 -96.90 -78.34
C ASN K 172 30.01 -96.25 -78.79
N ASP K 173 30.24 -94.99 -78.46
CA ASP K 173 31.52 -94.39 -78.81
C ASP K 173 32.63 -95.16 -78.08
N PRO K 174 33.68 -95.57 -78.78
CA PRO K 174 34.70 -96.41 -78.15
C PRO K 174 35.69 -95.60 -77.33
N THR K 175 36.32 -96.29 -76.39
CA THR K 175 37.32 -95.71 -75.51
C THR K 175 38.62 -96.48 -75.67
N ILE K 176 39.68 -95.99 -75.02
CA ILE K 176 40.91 -96.77 -74.97
C ILE K 176 40.64 -98.13 -74.38
N LYS K 177 41.35 -99.13 -74.90
CA LYS K 177 41.34 -100.46 -74.34
C LYS K 177 42.72 -100.72 -73.77
N LEU K 178 42.75 -101.30 -72.58
CA LEU K 178 43.97 -101.82 -71.99
C LEU K 178 44.03 -103.31 -72.27
N ILE K 179 45.17 -103.78 -72.77
CA ILE K 179 45.33 -105.14 -73.23
C ILE K 179 46.48 -105.78 -72.45
N ALA K 180 46.27 -107.02 -72.02
CA ALA K 180 47.33 -107.83 -71.44
C ALA K 180 47.42 -109.10 -72.27
N MET K 181 48.57 -109.33 -72.89
CA MET K 181 48.77 -110.46 -73.76
C MET K 181 49.97 -111.27 -73.29
N LEU K 182 49.86 -112.59 -73.44
CA LEU K 182 50.99 -113.44 -73.11
C LEU K 182 52.07 -113.24 -74.17
N TYR K 183 53.22 -112.72 -73.75
CA TYR K 183 54.29 -112.37 -74.68
C TYR K 183 55.27 -113.51 -74.84
N THR K 184 55.51 -114.23 -73.76
CA THR K 184 56.33 -115.40 -73.67
C THR K 184 55.53 -116.50 -72.99
N PRO K 185 55.65 -117.74 -73.44
CA PRO K 185 54.93 -118.83 -72.76
C PRO K 185 55.42 -118.98 -71.33
N LEU K 186 54.54 -119.48 -70.47
CA LEU K 186 54.93 -119.70 -69.09
C LEU K 186 55.74 -120.99 -69.00
N ARG K 187 56.93 -120.89 -68.41
CA ARG K 187 57.79 -122.03 -68.18
C ARG K 187 58.12 -122.10 -66.70
N ALA K 188 58.54 -123.29 -66.24
CA ALA K 188 58.89 -123.44 -64.84
C ALA K 188 59.90 -124.57 -64.69
N ASN K 189 60.68 -124.48 -63.61
CA ASN K 189 61.75 -125.42 -63.31
C ASN K 189 61.79 -125.72 -61.82
N ASN K 190 60.61 -125.86 -61.19
CA ASN K 190 60.52 -126.10 -59.77
C ASN K 190 60.99 -127.50 -59.37
N ALA K 191 61.05 -128.43 -60.34
CA ALA K 191 61.48 -129.82 -60.22
C ALA K 191 60.36 -130.72 -59.68
N GLY K 192 59.19 -130.19 -59.40
CA GLY K 192 58.06 -131.00 -58.97
C GLY K 192 57.09 -131.24 -60.10
N ASP K 193 55.80 -131.11 -59.80
CA ASP K 193 54.78 -131.06 -60.83
C ASP K 193 54.47 -129.61 -61.17
N ASP K 194 54.23 -129.34 -62.45
CA ASP K 194 54.05 -127.97 -62.94
C ASP K 194 52.64 -127.49 -62.59
N VAL K 195 52.44 -127.23 -61.30
CA VAL K 195 51.20 -126.65 -60.83
C VAL K 195 51.32 -125.14 -60.63
N PHE K 196 52.49 -124.56 -60.93
CA PHE K 196 52.79 -123.18 -60.57
C PHE K 196 52.15 -122.19 -61.54
N THR K 197 50.82 -122.24 -61.63
CA THR K 197 50.09 -121.25 -62.39
C THR K 197 50.19 -119.92 -61.67
N VAL K 198 50.32 -118.83 -62.41
CA VAL K 198 50.40 -117.51 -61.83
C VAL K 198 49.00 -116.90 -61.76
N SER K 199 48.47 -116.80 -60.55
CA SER K 199 47.17 -116.19 -60.33
C SER K 199 47.36 -114.68 -60.23
N CYS K 200 46.64 -113.94 -61.07
CA CYS K 200 46.83 -112.50 -61.21
C CYS K 200 45.55 -111.76 -60.87
N ARG K 201 45.73 -110.55 -60.34
CA ARG K 201 44.61 -109.71 -59.92
C ARG K 201 44.79 -108.32 -60.47
N VAL K 202 43.69 -107.72 -60.92
CA VAL K 202 43.68 -106.35 -61.43
C VAL K 202 42.85 -105.49 -60.49
N LEU K 203 43.48 -104.47 -59.93
CA LEU K 203 42.80 -103.51 -59.08
C LEU K 203 42.90 -102.14 -59.73
N THR K 204 41.94 -101.27 -59.44
CA THR K 204 41.88 -99.96 -60.08
C THR K 204 41.42 -98.91 -59.08
N ARG K 205 41.57 -97.66 -59.49
CA ARG K 205 40.97 -96.51 -58.84
C ARG K 205 40.93 -95.38 -59.85
N PRO K 206 39.95 -94.48 -59.76
CA PRO K 206 39.88 -93.40 -60.75
C PRO K 206 41.00 -92.41 -60.55
N SER K 207 41.54 -91.91 -61.66
CA SER K 207 42.48 -90.81 -61.60
C SER K 207 41.79 -89.58 -61.02
N PRO K 208 42.55 -88.58 -60.57
CA PRO K 208 41.90 -87.35 -60.07
C PRO K 208 41.07 -86.65 -61.13
N ASP K 209 41.40 -86.79 -62.41
CA ASP K 209 40.65 -86.13 -63.47
C ASP K 209 39.40 -86.86 -63.89
N PHE K 210 39.11 -88.04 -63.34
CA PHE K 210 37.89 -88.75 -63.67
C PHE K 210 36.72 -88.16 -62.89
N ASP K 211 35.56 -88.11 -63.53
CA ASP K 211 34.37 -87.63 -62.86
C ASP K 211 33.12 -88.04 -63.61
N PHE K 212 32.03 -88.24 -62.87
CA PHE K 212 30.73 -88.48 -63.49
C PHE K 212 30.12 -87.13 -63.85
N ILE K 213 29.09 -87.16 -64.69
CA ILE K 213 28.63 -85.88 -65.23
C ILE K 213 27.18 -85.50 -64.95
N PHE K 214 26.20 -86.32 -65.32
CA PHE K 214 24.82 -85.89 -65.17
C PHE K 214 24.04 -86.89 -64.32
N LEU K 215 23.46 -86.40 -63.23
CA LEU K 215 22.66 -87.22 -62.33
C LEU K 215 21.33 -87.60 -62.98
N VAL K 216 21.02 -88.89 -62.99
CA VAL K 216 19.81 -89.40 -63.64
C VAL K 216 19.21 -90.51 -62.81
N PRO K 217 17.95 -90.86 -63.06
CA PRO K 217 17.29 -91.93 -62.29
C PRO K 217 18.04 -93.24 -62.39
N PRO K 218 18.39 -93.83 -61.26
CA PRO K 218 19.19 -95.05 -61.27
C PRO K 218 18.42 -96.27 -61.75
N THR K 219 19.19 -97.26 -62.21
CA THR K 219 18.76 -98.62 -62.55
C THR K 219 17.98 -98.68 -63.87
N VAL K 220 17.84 -97.57 -64.60
CA VAL K 220 17.01 -97.58 -65.79
C VAL K 220 17.84 -97.56 -67.07
N GLU K 221 19.12 -97.21 -67.02
CA GLU K 221 19.94 -97.16 -68.22
C GLU K 221 20.46 -98.55 -68.50
N SER K 222 20.13 -99.10 -69.67
CA SER K 222 20.44 -100.48 -69.99
C SER K 222 21.90 -100.83 -69.75
N ARG K 223 22.81 -100.08 -70.36
CA ARG K 223 24.23 -100.45 -70.37
C ARG K 223 24.91 -100.37 -69.01
N THR K 224 24.20 -100.08 -67.93
CA THR K 224 24.82 -100.07 -66.61
C THR K 224 24.29 -101.15 -65.66
N LYS K 225 23.33 -101.97 -66.07
CA LYS K 225 22.83 -103.03 -65.20
C LYS K 225 23.94 -104.05 -64.92
N PRO K 226 24.18 -104.41 -63.66
CA PRO K 226 25.21 -105.39 -63.35
C PRO K 226 24.73 -106.83 -63.41
N PHE K 227 25.66 -107.72 -63.74
CA PHE K 227 25.34 -109.13 -63.88
C PHE K 227 25.37 -109.85 -62.53
N THR K 228 24.38 -110.70 -62.30
CA THR K 228 24.33 -111.53 -61.11
C THR K 228 23.81 -112.92 -61.48
N VAL K 229 24.00 -113.86 -60.57
CA VAL K 229 23.64 -115.26 -60.79
C VAL K 229 22.83 -115.72 -59.59
N PRO K 230 21.66 -116.32 -59.78
CA PRO K 230 20.76 -116.58 -58.65
C PRO K 230 21.40 -117.43 -57.57
N ILE K 231 21.01 -117.13 -56.32
CA ILE K 231 21.49 -117.86 -55.15
C ILE K 231 20.83 -119.22 -55.00
N LEU K 232 19.89 -119.58 -55.87
CA LEU K 232 19.16 -120.82 -55.73
C LEU K 232 20.09 -122.03 -55.75
N THR K 233 19.69 -123.06 -55.02
CA THR K 233 20.36 -124.35 -54.95
C THR K 233 19.90 -125.25 -56.10
N VAL K 234 20.74 -126.26 -56.43
CA VAL K 234 20.41 -127.21 -57.48
C VAL K 234 19.05 -127.86 -57.25
N GLU K 235 18.77 -128.35 -56.04
CA GLU K 235 17.47 -129.00 -55.81
C GLU K 235 16.31 -128.02 -56.01
N GLU K 236 16.52 -126.74 -55.73
CA GLU K 236 15.44 -125.77 -55.82
C GLU K 236 15.15 -125.33 -57.25
N MET K 237 15.97 -125.73 -58.21
CA MET K 237 15.76 -125.34 -59.59
C MET K 237 15.17 -126.49 -60.39
N THR K 238 14.91 -126.23 -61.67
CA THR K 238 14.16 -127.13 -62.54
C THR K 238 14.90 -127.29 -63.85
N ASN K 239 14.78 -128.46 -64.46
CA ASN K 239 15.39 -128.68 -65.76
C ASN K 239 14.70 -127.81 -66.79
N SER K 240 15.48 -127.34 -67.76
CA SER K 240 15.01 -126.40 -68.76
C SER K 240 14.57 -127.10 -70.06
N ARG K 241 14.68 -128.43 -70.12
CA ARG K 241 14.34 -129.19 -71.30
C ARG K 241 13.14 -130.10 -71.09
N PHE K 242 12.63 -130.21 -69.85
CA PHE K 242 11.49 -131.05 -69.51
C PHE K 242 11.01 -130.61 -68.14
N PRO K 243 9.69 -130.54 -67.90
CA PRO K 243 9.19 -129.96 -66.64
C PRO K 243 9.49 -130.82 -65.42
N ILE K 244 10.77 -130.92 -65.06
CA ILE K 244 11.20 -131.80 -63.97
C ILE K 244 12.25 -131.07 -63.14
N PRO K 245 12.31 -131.37 -61.85
CA PRO K 245 13.36 -130.75 -61.02
C PRO K 245 14.74 -131.29 -61.38
N LEU K 246 15.74 -130.48 -61.06
CA LEU K 246 17.13 -130.89 -61.17
C LEU K 246 17.50 -131.82 -60.04
N GLU K 247 18.55 -132.62 -60.24
CA GLU K 247 18.94 -133.55 -59.21
C GLU K 247 20.43 -133.54 -58.91
N LYS K 248 21.28 -133.49 -59.94
CA LYS K 248 22.72 -133.51 -59.72
C LYS K 248 23.43 -132.73 -60.81
N LEU K 249 24.69 -132.42 -60.56
CA LEU K 249 25.57 -131.81 -61.55
C LEU K 249 26.49 -132.88 -62.14
N PHE K 250 26.61 -132.89 -63.47
CA PHE K 250 27.39 -133.90 -64.17
C PHE K 250 28.28 -133.24 -65.22
N THR K 251 29.53 -133.68 -65.27
CA THR K 251 30.44 -133.35 -66.36
C THR K 251 30.87 -134.63 -67.07
N GLY K 252 31.01 -134.56 -68.39
CA GLY K 252 31.49 -135.66 -69.16
C GLY K 252 32.05 -135.25 -70.50
N PRO K 253 32.80 -136.16 -71.13
CA PRO K 253 33.31 -135.87 -72.48
C PRO K 253 32.19 -135.89 -73.51
N SER K 254 32.32 -134.99 -74.49
CA SER K 254 31.25 -134.78 -75.47
C SER K 254 31.77 -134.89 -76.90
N GLY K 255 32.92 -135.53 -77.11
CA GLY K 255 33.46 -135.66 -78.45
C GLY K 255 32.64 -136.58 -79.35
N ALA K 256 32.01 -137.61 -78.78
CA ALA K 256 31.29 -138.58 -79.60
C ALA K 256 30.04 -137.95 -80.22
N PHE K 257 29.22 -137.31 -79.38
CA PHE K 257 27.92 -136.79 -79.76
C PHE K 257 28.00 -135.28 -80.01
N VAL K 258 26.88 -134.70 -80.43
CA VAL K 258 26.77 -133.26 -80.70
C VAL K 258 25.78 -132.61 -79.75
N VAL K 259 26.28 -131.74 -78.87
CA VAL K 259 25.47 -131.07 -77.86
C VAL K 259 24.85 -129.84 -78.52
N GLN K 260 23.58 -129.93 -78.89
CA GLN K 260 22.93 -128.80 -79.54
C GLN K 260 21.47 -128.66 -79.09
N PRO K 261 21.18 -128.66 -77.80
CA PRO K 261 19.78 -128.52 -77.37
C PRO K 261 19.19 -127.19 -77.80
N GLN K 262 17.87 -127.15 -77.86
CA GLN K 262 17.16 -125.92 -78.20
C GLN K 262 16.31 -125.39 -77.08
N ASN K 263 16.18 -126.13 -75.97
CA ASN K 263 15.54 -125.63 -74.76
C ASN K 263 16.60 -125.34 -73.72
N GLY K 264 16.32 -124.37 -72.86
CA GLY K 264 17.36 -123.90 -71.94
C GLY K 264 18.55 -123.32 -72.67
N ARG K 265 18.31 -122.52 -73.70
CA ARG K 265 19.36 -121.82 -74.43
C ARG K 265 19.09 -120.32 -74.30
N CYS K 266 19.96 -119.64 -73.58
CA CYS K 266 19.79 -118.22 -73.33
C CYS K 266 21.16 -117.58 -73.13
N THR K 267 21.32 -116.38 -73.65
CA THR K 267 22.56 -115.64 -73.51
C THR K 267 22.58 -114.90 -72.17
N THR K 268 23.79 -114.63 -71.68
CA THR K 268 23.95 -113.94 -70.40
C THR K 268 23.21 -112.61 -70.31
N ASP K 269 23.15 -111.85 -71.40
CA ASP K 269 22.43 -110.58 -71.36
C ASP K 269 20.95 -110.70 -71.72
N GLY K 270 20.39 -111.92 -71.69
CA GLY K 270 18.95 -112.09 -71.72
C GLY K 270 18.28 -112.25 -73.07
N VAL K 271 19.01 -112.67 -74.09
CA VAL K 271 18.42 -112.97 -75.39
C VAL K 271 18.11 -114.47 -75.44
N LEU K 272 16.84 -114.80 -75.62
CA LEU K 272 16.44 -116.19 -75.75
C LEU K 272 16.81 -116.72 -77.14
N LEU K 273 17.14 -118.02 -77.18
CA LEU K 273 17.60 -118.67 -78.40
C LEU K 273 16.84 -119.97 -78.60
N GLY K 274 16.84 -120.44 -79.85
CA GLY K 274 16.24 -121.72 -80.16
C GLY K 274 14.74 -121.73 -79.90
N THR K 275 14.26 -122.79 -79.24
CA THR K 275 12.86 -122.94 -78.90
C THR K 275 12.58 -122.58 -77.44
N THR K 276 13.46 -121.79 -76.83
CA THR K 276 13.40 -121.54 -75.39
C THR K 276 12.37 -120.46 -75.07
N GLN K 277 11.59 -120.70 -74.00
CA GLN K 277 10.64 -119.72 -73.50
C GLN K 277 10.79 -119.66 -71.99
N LEU K 278 9.93 -118.85 -71.35
CA LEU K 278 10.14 -118.53 -69.94
C LEU K 278 9.39 -119.48 -69.01
N SER K 279 8.32 -120.10 -69.48
CA SER K 279 7.49 -120.90 -68.59
C SER K 279 8.15 -122.25 -68.33
N PRO K 280 8.37 -122.62 -67.06
CA PRO K 280 8.97 -123.92 -66.76
C PRO K 280 8.01 -125.10 -66.90
N VAL K 281 6.72 -124.83 -67.10
CA VAL K 281 5.71 -125.88 -67.15
C VAL K 281 5.40 -126.25 -68.60
N ASN K 282 5.55 -125.29 -69.50
CA ASN K 282 5.22 -125.48 -70.91
C ASN K 282 6.39 -126.04 -71.73
N ILE K 283 7.33 -126.75 -71.10
CA ILE K 283 8.57 -127.09 -71.79
C ILE K 283 8.43 -128.34 -72.65
N CYS K 284 7.32 -129.06 -72.55
CA CYS K 284 7.04 -130.17 -73.45
C CYS K 284 5.54 -130.35 -73.58
N THR K 285 4.82 -129.25 -73.73
CA THR K 285 3.36 -129.25 -73.81
C THR K 285 2.96 -128.92 -75.24
N PHE K 286 1.76 -129.38 -75.62
CA PHE K 286 1.18 -129.07 -76.92
C PHE K 286 -0.27 -128.68 -76.72
N ARG K 287 -0.73 -127.69 -77.48
CA ARG K 287 -2.10 -127.22 -77.40
C ARG K 287 -2.66 -127.04 -78.81
N GLY K 288 -3.89 -127.50 -79.02
CA GLY K 288 -4.51 -127.31 -80.31
C GLY K 288 -5.78 -128.14 -80.45
N ASP K 289 -6.22 -128.26 -81.70
CA ASP K 289 -7.40 -129.04 -82.08
C ASP K 289 -6.96 -130.39 -82.61
N VAL K 290 -7.79 -131.40 -82.36
CA VAL K 290 -7.40 -132.79 -82.57
C VAL K 290 -8.31 -133.43 -83.62
N THR K 291 -7.74 -134.40 -84.35
CA THR K 291 -8.38 -135.05 -85.49
C THR K 291 -8.12 -136.54 -85.41
N HIS K 292 -9.16 -137.35 -85.66
CA HIS K 292 -9.02 -138.80 -85.64
C HIS K 292 -8.42 -139.32 -86.93
N ILE K 293 -7.60 -140.35 -86.81
CA ILE K 293 -7.05 -141.09 -87.94
C ILE K 293 -7.80 -142.42 -88.05
N ALA K 294 -8.45 -142.63 -89.19
CA ALA K 294 -9.46 -143.67 -89.32
C ALA K 294 -8.88 -145.06 -89.08
N GLY K 295 -9.55 -145.82 -88.19
CA GLY K 295 -9.22 -147.20 -87.93
C GLY K 295 -8.14 -147.44 -86.89
N THR K 296 -7.50 -146.38 -86.41
CA THR K 296 -6.39 -146.48 -85.47
C THR K 296 -6.74 -145.73 -84.20
N HIS K 297 -5.84 -145.81 -83.21
CA HIS K 297 -5.98 -145.03 -81.99
C HIS K 297 -5.11 -143.78 -82.02
N ASP K 298 -4.71 -143.35 -83.21
CA ASP K 298 -3.82 -142.20 -83.40
C ASP K 298 -4.63 -140.96 -83.75
N TYR K 299 -4.13 -139.81 -83.32
CA TYR K 299 -4.76 -138.52 -83.63
C TYR K 299 -3.72 -137.53 -84.15
N THR K 300 -4.19 -136.61 -84.98
CA THR K 300 -3.38 -135.52 -85.51
C THR K 300 -3.83 -134.21 -84.87
N MET K 301 -2.88 -133.45 -84.32
CA MET K 301 -3.18 -132.20 -83.63
C MET K 301 -2.65 -131.03 -84.44
N ASN K 302 -3.54 -130.11 -84.81
CA ASN K 302 -3.16 -128.86 -85.46
C ASN K 302 -2.79 -127.84 -84.39
N LEU K 303 -1.58 -127.29 -84.49
CA LEU K 303 -0.96 -126.60 -83.37
C LEU K 303 -1.48 -125.18 -83.19
N ALA K 304 -1.73 -124.82 -81.94
CA ALA K 304 -1.94 -123.44 -81.52
C ALA K 304 -0.67 -122.90 -80.86
N SER K 305 -0.64 -121.59 -80.65
CA SER K 305 0.48 -120.98 -79.96
C SER K 305 0.43 -121.32 -78.47
N GLN K 306 1.48 -120.93 -77.75
CA GLN K 306 1.60 -121.32 -76.34
C GLN K 306 0.50 -120.70 -75.50
N ASN K 307 -0.01 -119.54 -75.91
CA ASN K 307 -1.08 -118.81 -75.22
C ASN K 307 -2.43 -118.94 -75.92
N TRP K 308 -2.68 -120.09 -76.56
CA TRP K 308 -3.93 -120.33 -77.31
C TRP K 308 -4.23 -119.21 -78.30
N ASN K 309 -3.24 -118.85 -79.10
CA ASN K 309 -3.44 -118.05 -80.30
C ASN K 309 -2.93 -118.82 -81.50
N ASN K 310 -3.11 -118.27 -82.69
CA ASN K 310 -2.68 -118.97 -83.89
C ASN K 310 -1.16 -119.01 -83.96
N TYR K 311 -0.63 -120.10 -84.51
CA TYR K 311 0.81 -120.26 -84.64
C TYR K 311 1.25 -119.81 -86.03
N ASP K 312 2.30 -118.98 -86.08
CA ASP K 312 2.83 -118.49 -87.34
C ASP K 312 4.16 -119.17 -87.62
N PRO K 313 4.27 -120.00 -88.65
CA PRO K 313 5.57 -120.63 -88.96
C PRO K 313 6.60 -119.66 -89.53
N THR K 314 6.18 -118.45 -89.94
CA THR K 314 7.11 -117.48 -90.51
C THR K 314 8.12 -116.96 -89.50
N GLU K 315 7.86 -117.14 -88.20
CA GLU K 315 8.77 -116.64 -87.18
C GLU K 315 10.14 -117.29 -87.31
N GLU K 316 11.18 -116.49 -87.11
CA GLU K 316 12.56 -116.96 -87.29
C GLU K 316 12.96 -117.88 -86.15
N ILE K 317 12.20 -118.96 -85.96
CA ILE K 317 12.39 -119.91 -84.87
C ILE K 317 12.38 -121.31 -85.47
N PRO K 318 13.15 -122.26 -84.95
CA PRO K 318 13.10 -123.63 -85.50
C PRO K 318 11.78 -124.35 -85.29
N ALA K 319 10.95 -123.90 -84.34
CA ALA K 319 9.69 -124.54 -84.01
C ALA K 319 8.94 -123.70 -82.99
N PRO K 320 7.70 -124.04 -82.63
CA PRO K 320 7.04 -123.33 -81.52
C PRO K 320 7.82 -123.50 -80.22
N LEU K 321 7.77 -122.46 -79.39
CA LEU K 321 8.55 -122.45 -78.17
C LEU K 321 8.09 -123.56 -77.23
N GLY K 322 9.05 -124.33 -76.73
CA GLY K 322 8.77 -125.48 -75.88
C GLY K 322 8.65 -126.79 -76.61
N THR K 323 8.90 -126.81 -77.92
CA THR K 323 8.87 -128.05 -78.67
C THR K 323 10.02 -128.94 -78.20
N PRO K 324 9.76 -130.22 -77.90
CA PRO K 324 10.83 -131.11 -77.43
C PRO K 324 12.04 -131.08 -78.36
N ASP K 325 13.22 -131.23 -77.76
CA ASP K 325 14.50 -131.10 -78.46
C ASP K 325 15.29 -132.40 -78.44
N PHE K 326 14.60 -133.54 -78.39
CA PHE K 326 15.24 -134.83 -78.47
C PHE K 326 14.32 -135.80 -79.21
N VAL K 327 14.89 -136.92 -79.64
CA VAL K 327 14.11 -137.99 -80.28
C VAL K 327 13.75 -139.01 -79.21
N GLY K 328 12.46 -139.33 -79.12
CA GLY K 328 11.99 -140.27 -78.13
C GLY K 328 10.48 -140.28 -78.11
N LYS K 329 9.94 -141.15 -77.27
CA LYS K 329 8.51 -141.27 -77.07
C LYS K 329 8.15 -140.70 -75.70
N ILE K 330 7.39 -139.61 -75.70
CA ILE K 330 6.98 -138.94 -74.47
C ILE K 330 5.54 -139.35 -74.18
N GLN K 331 5.32 -139.97 -73.03
CA GLN K 331 3.97 -140.37 -72.62
C GLN K 331 3.39 -139.34 -71.66
N GLY K 332 2.11 -139.02 -71.86
CA GLY K 332 1.42 -138.10 -71.00
C GLY K 332 -0.08 -138.33 -71.02
N VAL K 333 -0.85 -137.24 -71.03
CA VAL K 333 -2.30 -137.28 -71.01
C VAL K 333 -2.81 -136.13 -71.84
N LEU K 334 -3.69 -136.43 -72.81
CA LEU K 334 -4.43 -135.41 -73.51
C LEU K 334 -5.70 -135.10 -72.74
N THR K 335 -5.98 -133.81 -72.55
CA THR K 335 -7.15 -133.35 -71.83
C THR K 335 -7.90 -132.34 -72.68
N GLN K 336 -9.23 -132.36 -72.58
CA GLN K 336 -10.07 -131.60 -73.49
C GLN K 336 -11.30 -131.12 -72.73
N THR K 337 -11.81 -129.96 -73.13
CA THR K 337 -13.00 -129.38 -72.51
C THR K 337 -13.93 -128.82 -73.58
N THR K 338 -15.22 -129.14 -73.46
CA THR K 338 -16.24 -128.62 -74.36
C THR K 338 -16.81 -127.33 -73.80
N ARG K 339 -16.81 -126.27 -74.61
CA ARG K 339 -17.17 -124.94 -74.13
C ARG K 339 -18.62 -124.87 -73.64
N GLY K 340 -19.52 -125.60 -74.30
CA GLY K 340 -20.94 -125.45 -73.99
C GLY K 340 -21.35 -126.00 -72.64
N ASP K 341 -20.93 -127.23 -72.33
CA ASP K 341 -21.38 -127.88 -71.10
C ASP K 341 -20.27 -128.07 -70.07
N GLY K 342 -19.01 -127.84 -70.43
CA GLY K 342 -17.92 -128.09 -69.51
C GLY K 342 -17.54 -129.54 -69.34
N SER K 343 -17.97 -130.41 -70.26
CA SER K 343 -17.56 -131.81 -70.22
C SER K 343 -16.06 -131.92 -70.45
N THR K 344 -15.42 -132.81 -69.71
CA THR K 344 -13.98 -132.96 -69.75
C THR K 344 -13.60 -134.42 -69.92
N ARG K 345 -12.58 -134.66 -70.75
CA ARG K 345 -12.11 -136.01 -71.09
C ARG K 345 -10.59 -136.04 -70.99
N GLY K 346 -10.06 -137.12 -70.43
CA GLY K 346 -8.62 -137.27 -70.32
C GLY K 346 -8.12 -138.68 -70.57
N HIS K 347 -7.21 -138.84 -71.54
CA HIS K 347 -6.80 -140.16 -72.01
C HIS K 347 -5.30 -140.21 -72.21
N LYS K 348 -4.68 -141.28 -71.71
CA LYS K 348 -3.27 -141.59 -71.98
C LYS K 348 -2.92 -141.42 -73.45
N ALA K 349 -1.80 -140.75 -73.71
CA ALA K 349 -1.39 -140.45 -75.08
C ALA K 349 0.13 -140.43 -75.14
N THR K 350 0.66 -140.55 -76.36
CA THR K 350 2.10 -140.69 -76.56
C THR K 350 2.49 -140.04 -77.88
N VAL K 351 3.53 -139.23 -77.86
CA VAL K 351 4.09 -138.60 -79.04
C VAL K 351 5.51 -139.13 -79.26
N SER K 352 5.79 -139.60 -80.48
CA SER K 352 7.12 -140.01 -80.88
C SER K 352 7.71 -138.91 -81.77
N THR K 353 8.77 -138.28 -81.30
CA THR K 353 9.40 -137.18 -82.02
C THR K 353 10.28 -137.64 -83.18
N GLY K 354 10.52 -138.95 -83.31
CA GLY K 354 11.23 -139.44 -84.47
C GLY K 354 10.35 -139.90 -85.61
N SER K 355 9.05 -140.02 -85.35
CA SER K 355 8.09 -140.37 -86.40
C SER K 355 8.05 -139.31 -87.49
N VAL K 356 7.80 -139.75 -88.72
CA VAL K 356 7.75 -138.85 -89.86
C VAL K 356 6.57 -137.88 -89.74
N HIS K 357 5.59 -138.21 -88.89
CA HIS K 357 4.42 -137.36 -88.69
C HIS K 357 4.61 -136.35 -87.55
N PHE K 358 5.80 -136.31 -86.95
CA PHE K 358 6.16 -135.26 -85.99
C PHE K 358 6.79 -134.12 -86.77
N THR K 359 5.96 -133.16 -87.19
CA THR K 359 6.38 -132.01 -87.99
C THR K 359 5.85 -130.73 -87.36
N PRO K 360 6.36 -130.35 -86.18
CA PRO K 360 5.79 -129.20 -85.47
C PRO K 360 6.08 -127.86 -86.14
N LYS K 361 7.16 -127.74 -86.93
CA LYS K 361 7.40 -126.50 -87.65
C LYS K 361 6.27 -126.21 -88.65
N LEU K 362 5.68 -127.26 -89.23
CA LEU K 362 4.63 -127.09 -90.21
C LEU K 362 3.25 -126.94 -89.60
N GLY K 363 3.08 -127.36 -88.34
CA GLY K 363 1.84 -127.11 -87.61
C GLY K 363 1.13 -128.35 -87.11
N SER K 364 1.67 -129.55 -87.26
CA SER K 364 0.94 -130.76 -86.91
C SER K 364 1.84 -131.73 -86.17
N VAL K 365 1.28 -132.40 -85.16
CA VAL K 365 1.93 -133.45 -84.39
C VAL K 365 0.94 -134.59 -84.23
N GLN K 366 1.45 -135.82 -84.15
CA GLN K 366 0.60 -137.00 -84.09
C GLN K 366 0.79 -137.72 -82.76
N PHE K 367 -0.32 -138.04 -82.11
CA PHE K 367 -0.34 -138.81 -80.86
C PHE K 367 -0.89 -140.20 -81.12
N THR K 368 -0.49 -141.15 -80.28
CA THR K 368 -1.11 -142.46 -80.22
C THR K 368 -1.75 -142.63 -78.85
N THR K 369 -3.06 -142.82 -78.83
CA THR K 369 -3.85 -142.75 -77.61
C THR K 369 -4.43 -144.12 -77.27
N ASP K 370 -5.19 -144.17 -76.18
CA ASP K 370 -5.88 -145.37 -75.73
C ASP K 370 -7.37 -145.39 -76.08
N THR K 371 -7.79 -144.54 -77.01
CA THR K 371 -9.17 -144.56 -77.50
C THR K 371 -9.19 -144.16 -78.97
N ASN K 372 -10.23 -144.62 -79.67
CA ASN K 372 -10.52 -144.19 -81.04
C ASN K 372 -11.74 -143.29 -81.07
N ASN K 373 -12.34 -143.02 -79.92
CA ASN K 373 -13.50 -142.15 -79.77
C ASN K 373 -13.22 -141.19 -78.62
N ASP K 374 -14.25 -140.45 -78.17
CA ASP K 374 -14.17 -139.64 -76.95
C ASP K 374 -13.14 -138.52 -77.06
N LEU K 375 -12.86 -138.04 -78.27
CA LEU K 375 -12.05 -136.84 -78.47
C LEU K 375 -12.69 -135.99 -79.58
N GLU K 376 -13.31 -134.88 -79.19
CA GLU K 376 -14.05 -134.07 -80.14
C GLU K 376 -13.11 -133.34 -81.10
N THR K 377 -13.66 -132.95 -82.24
CA THR K 377 -12.88 -132.33 -83.30
C THR K 377 -12.71 -130.83 -83.14
N GLY K 378 -13.61 -130.15 -82.44
CA GLY K 378 -13.58 -128.71 -82.34
C GLY K 378 -13.08 -128.10 -81.05
N GLN K 379 -12.75 -128.91 -80.04
CA GLN K 379 -12.38 -128.40 -78.73
C GLN K 379 -10.86 -128.29 -78.59
N ASN K 380 -10.43 -127.37 -77.73
CA ASN K 380 -9.02 -127.19 -77.44
C ASN K 380 -8.50 -128.32 -76.56
N THR K 381 -7.31 -128.83 -76.89
CA THR K 381 -6.76 -130.00 -76.24
C THR K 381 -5.30 -129.75 -75.84
N LYS K 382 -4.93 -130.21 -74.65
CA LYS K 382 -3.60 -129.98 -74.09
C LYS K 382 -2.93 -131.31 -73.80
N PHE K 383 -1.70 -131.47 -74.29
CA PHE K 383 -0.86 -132.61 -73.93
C PHE K 383 0.02 -132.22 -72.74
N THR K 384 -0.22 -132.86 -71.60
CA THR K 384 0.58 -132.66 -70.42
C THR K 384 1.63 -133.76 -70.35
N PRO K 385 2.92 -133.45 -70.50
CA PRO K 385 3.92 -134.52 -70.50
C PRO K 385 4.14 -135.08 -69.11
N VAL K 386 4.59 -136.33 -69.05
CA VAL K 386 4.80 -137.02 -67.77
C VAL K 386 6.17 -137.69 -67.75
N GLY K 387 6.51 -138.39 -68.83
CA GLY K 387 7.73 -139.17 -68.83
C GLY K 387 8.06 -139.69 -70.21
N VAL K 388 9.07 -140.55 -70.26
CA VAL K 388 9.57 -141.14 -71.49
C VAL K 388 9.42 -142.65 -71.41
N VAL K 389 9.28 -143.29 -72.58
CA VAL K 389 9.09 -144.73 -72.69
C VAL K 389 10.08 -145.28 -73.71
N GLN K 390 10.25 -146.60 -73.68
CA GLN K 390 11.26 -147.27 -74.51
C GLN K 390 10.69 -148.55 -75.09
N ASP K 391 10.99 -148.79 -76.36
CA ASP K 391 10.58 -150.02 -77.03
C ASP K 391 11.43 -151.18 -76.53
N GLY K 392 10.79 -152.11 -75.80
CA GLY K 392 11.51 -153.12 -75.04
C GLY K 392 12.27 -154.13 -75.88
N ASN K 393 12.01 -154.20 -77.18
CA ASN K 393 12.63 -155.21 -78.04
C ASN K 393 14.03 -154.81 -78.50
N SER K 394 14.38 -153.52 -78.46
CA SER K 394 15.70 -153.08 -78.87
C SER K 394 16.65 -153.02 -77.68
N ALA K 395 17.87 -152.55 -77.95
CA ALA K 395 18.91 -152.46 -76.93
C ALA K 395 18.49 -151.54 -75.79
N HIS K 396 18.79 -151.97 -74.56
CA HIS K 396 18.39 -151.20 -73.39
C HIS K 396 19.08 -149.85 -73.36
N GLN K 397 18.31 -148.81 -73.02
CA GLN K 397 18.81 -147.44 -72.90
C GLN K 397 19.27 -146.86 -74.24
N ASN K 398 18.50 -147.11 -75.31
CA ASN K 398 18.89 -146.65 -76.63
C ASN K 398 17.85 -145.80 -77.37
N GLU K 399 16.61 -145.73 -76.88
CA GLU K 399 15.58 -145.08 -77.68
C GLU K 399 15.57 -143.56 -77.47
N PRO K 400 15.47 -143.04 -76.22
CA PRO K 400 15.45 -141.58 -76.07
C PRO K 400 16.86 -140.99 -76.15
N GLN K 401 17.21 -140.46 -77.32
CA GLN K 401 18.55 -139.94 -77.60
C GLN K 401 18.55 -138.42 -77.39
N GLN K 402 18.98 -137.99 -76.21
CA GLN K 402 18.77 -136.60 -75.81
C GLN K 402 19.57 -135.63 -76.68
N TRP K 403 20.68 -136.08 -77.26
CA TRP K 403 21.53 -135.21 -78.07
C TRP K 403 21.30 -135.38 -79.55
N VAL K 404 20.16 -135.96 -79.94
CA VAL K 404 19.77 -136.08 -81.34
C VAL K 404 18.57 -135.15 -81.55
N LEU K 405 18.74 -134.18 -82.43
CA LEU K 405 17.62 -133.28 -82.64
C LEU K 405 16.57 -133.93 -83.54
N PRO K 406 15.29 -133.78 -83.21
CA PRO K 406 14.24 -134.17 -84.14
C PRO K 406 14.29 -133.31 -85.39
N ASN K 407 13.61 -133.79 -86.43
CA ASN K 407 13.50 -133.02 -87.67
C ASN K 407 12.21 -132.22 -87.58
N TYR K 408 12.35 -130.93 -87.24
CA TYR K 408 11.21 -130.12 -86.88
C TYR K 408 10.25 -129.92 -88.04
N SER K 409 10.72 -130.08 -89.28
CA SER K 409 9.88 -130.01 -90.46
C SER K 409 9.68 -131.37 -91.11
N GLY K 410 9.86 -132.45 -90.35
CA GLY K 410 9.73 -133.80 -90.88
C GLY K 410 10.52 -134.01 -92.15
N ARG K 411 9.96 -134.83 -93.05
CA ARG K 411 10.64 -135.12 -94.31
C ARG K 411 10.83 -133.87 -95.17
N THR K 412 10.00 -132.84 -94.98
CA THR K 412 10.11 -131.63 -95.78
C THR K 412 11.24 -130.76 -95.24
N GLY K 413 12.15 -130.33 -96.12
CA GLY K 413 13.16 -129.37 -95.70
C GLY K 413 14.10 -129.87 -94.60
N HIS K 414 14.87 -128.92 -94.08
CA HIS K 414 15.81 -129.18 -92.99
C HIS K 414 15.58 -128.16 -91.87
N ASN K 415 16.15 -128.45 -90.71
CA ASN K 415 16.01 -127.57 -89.55
C ASN K 415 16.69 -126.24 -89.82
N VAL K 416 16.04 -125.15 -89.40
CA VAL K 416 16.53 -123.81 -89.66
C VAL K 416 16.64 -123.03 -88.35
N HIS K 417 17.35 -121.91 -88.43
CA HIS K 417 17.54 -120.95 -87.33
C HIS K 417 17.77 -121.64 -85.99
N LEU K 418 18.68 -122.60 -85.99
CA LEU K 418 18.97 -123.36 -84.78
C LEU K 418 19.92 -122.58 -83.87
N ALA K 419 19.77 -122.80 -82.57
CA ALA K 419 20.79 -122.35 -81.64
C ALA K 419 22.07 -123.13 -81.87
N PRO K 420 23.23 -122.50 -81.72
CA PRO K 420 24.49 -123.18 -82.08
C PRO K 420 24.78 -124.35 -81.16
N ALA K 421 25.63 -125.23 -81.66
CA ALA K 421 26.14 -126.33 -80.85
C ALA K 421 27.19 -125.83 -79.87
N VAL K 422 27.51 -126.65 -78.88
CA VAL K 422 28.26 -126.24 -77.72
C VAL K 422 29.32 -127.29 -77.44
N ALA K 423 30.56 -126.85 -77.25
CA ALA K 423 31.68 -127.74 -76.97
C ALA K 423 32.74 -126.98 -76.20
N PRO K 424 33.52 -127.65 -75.36
CA PRO K 424 34.65 -126.98 -74.72
C PRO K 424 35.67 -126.52 -75.75
N THR K 425 36.28 -125.35 -75.49
CA THR K 425 37.22 -124.76 -76.42
C THR K 425 38.66 -124.73 -75.89
N PHE K 426 38.85 -124.82 -74.58
CA PHE K 426 40.11 -124.70 -73.85
C PHE K 426 40.61 -126.07 -73.42
N PRO K 427 41.92 -126.31 -73.55
CA PRO K 427 42.50 -127.59 -73.15
C PRO K 427 42.16 -127.98 -71.72
N GLY K 428 41.76 -129.23 -71.53
CA GLY K 428 41.50 -129.77 -70.22
C GLY K 428 40.08 -129.60 -69.71
N GLU K 429 39.20 -129.00 -70.51
CA GLU K 429 37.89 -128.57 -70.05
C GLU K 429 36.79 -129.43 -70.66
N GLN K 430 35.73 -129.65 -69.88
CA GLN K 430 34.51 -130.31 -70.34
C GLN K 430 33.29 -129.49 -69.96
N LEU K 431 32.21 -129.71 -70.70
CA LEU K 431 30.94 -129.08 -70.34
C LEU K 431 30.49 -129.52 -68.95
N LEU K 432 29.78 -128.62 -68.28
CA LEU K 432 29.12 -128.92 -67.01
C LEU K 432 27.63 -128.93 -67.26
N PHE K 433 26.99 -130.06 -66.99
CA PHE K 433 25.59 -130.27 -67.28
C PHE K 433 24.78 -130.24 -65.98
N PHE K 434 23.58 -129.69 -66.06
CA PHE K 434 22.61 -129.77 -64.98
C PHE K 434 21.70 -130.95 -65.30
N ARG K 435 21.83 -132.03 -64.53
CA ARG K 435 21.27 -133.31 -64.93
C ARG K 435 20.00 -133.59 -64.14
N SER K 436 18.96 -134.00 -64.86
CA SER K 436 17.69 -134.38 -64.29
C SER K 436 17.37 -135.78 -64.75
N THR K 437 16.53 -136.48 -64.00
CA THR K 437 16.20 -137.87 -64.29
C THR K 437 14.71 -137.96 -64.63
N MET K 438 14.43 -138.26 -65.90
CA MET K 438 13.06 -138.31 -66.38
C MET K 438 12.34 -139.54 -65.84
N PRO K 439 11.04 -139.44 -65.58
CA PRO K 439 10.27 -140.63 -65.24
C PRO K 439 10.19 -141.56 -66.43
N GLY K 440 10.30 -142.86 -66.17
CA GLY K 440 10.01 -143.87 -67.17
C GLY K 440 8.59 -144.39 -66.97
N CYS K 441 7.87 -144.53 -68.08
CA CYS K 441 6.50 -145.03 -68.04
C CYS K 441 6.36 -146.46 -68.56
N SER K 442 7.30 -146.92 -69.39
CA SER K 442 7.28 -148.27 -69.93
C SER K 442 8.62 -148.53 -70.61
N GLY K 443 9.13 -149.75 -70.43
CA GLY K 443 10.38 -150.15 -71.07
C GLY K 443 11.61 -149.96 -70.23
N TYR K 444 12.77 -149.81 -70.89
CA TYR K 444 14.05 -149.56 -70.23
C TYR K 444 14.70 -148.34 -70.86
N PRO K 445 14.16 -147.15 -70.60
CA PRO K 445 14.60 -145.95 -71.32
C PRO K 445 15.80 -145.28 -70.67
N ASN K 446 16.48 -144.48 -71.49
CA ASN K 446 17.62 -143.69 -71.03
C ASN K 446 17.07 -142.45 -70.35
N MET K 447 16.98 -142.48 -69.03
CA MET K 447 16.27 -141.45 -68.27
C MET K 447 17.13 -140.23 -67.98
N ASN K 448 18.38 -140.23 -68.41
CA ASN K 448 19.27 -139.10 -68.18
C ASN K 448 18.87 -137.92 -69.07
N LEU K 449 18.71 -136.75 -68.45
CA LEU K 449 18.43 -135.52 -69.18
C LEU K 449 19.34 -134.40 -68.70
N ASP K 450 20.15 -133.88 -69.62
CA ASP K 450 21.12 -132.83 -69.31
C ASP K 450 20.72 -131.55 -70.03
N CYS K 451 20.64 -130.45 -69.28
CA CYS K 451 20.46 -129.12 -69.87
C CYS K 451 21.67 -128.24 -69.55
N LEU K 452 21.85 -127.20 -70.39
CA LEU K 452 23.01 -126.32 -70.27
C LEU K 452 22.82 -125.26 -69.20
N LEU K 453 21.57 -124.82 -68.96
CA LEU K 453 21.25 -123.79 -67.98
C LEU K 453 19.94 -124.21 -67.32
N PRO K 454 19.84 -124.13 -65.99
CA PRO K 454 18.55 -124.32 -65.33
C PRO K 454 17.55 -123.26 -65.79
N GLN K 455 16.27 -123.64 -65.74
CA GLN K 455 15.22 -122.74 -66.22
C GLN K 455 15.18 -121.45 -65.41
N GLU K 456 15.43 -121.53 -64.11
CA GLU K 456 15.47 -120.32 -63.28
C GLU K 456 16.62 -119.40 -63.67
N TRP K 457 17.73 -119.96 -64.15
CA TRP K 457 18.78 -119.11 -64.70
C TRP K 457 18.33 -118.43 -65.98
N VAL K 458 17.57 -119.14 -66.82
CA VAL K 458 17.02 -118.54 -68.03
C VAL K 458 16.12 -117.36 -67.68
N LEU K 459 15.19 -117.56 -66.74
CA LEU K 459 14.34 -116.48 -66.27
C LEU K 459 15.17 -115.30 -65.78
N HIS K 460 16.18 -115.58 -64.94
CA HIS K 460 16.97 -114.51 -64.34
C HIS K 460 17.69 -113.69 -65.40
N PHE K 461 18.39 -114.37 -66.33
CA PHE K 461 19.08 -113.65 -67.39
C PHE K 461 18.11 -112.85 -68.24
N TYR K 462 16.93 -113.40 -68.51
CA TYR K 462 15.97 -112.72 -69.36
C TYR K 462 15.52 -111.39 -68.75
N GLN K 463 15.12 -111.39 -67.48
CA GLN K 463 14.56 -110.17 -66.89
C GLN K 463 15.65 -109.13 -66.65
N GLU K 464 16.75 -109.50 -65.99
CA GLU K 464 17.84 -108.55 -65.78
C GLU K 464 18.78 -108.68 -66.97
N ALA K 465 18.64 -107.77 -67.94
CA ALA K 465 19.43 -107.83 -69.18
C ALA K 465 20.77 -107.14 -68.94
N ALA K 466 21.67 -107.87 -68.28
CA ALA K 466 22.94 -107.30 -67.88
C ALA K 466 23.94 -107.42 -69.02
N PRO K 467 24.47 -106.31 -69.54
CA PRO K 467 25.50 -106.39 -70.59
C PRO K 467 26.69 -107.22 -70.12
N ALA K 468 27.11 -108.15 -70.97
CA ALA K 468 28.27 -108.97 -70.66
C ALA K 468 29.54 -108.12 -70.78
N GLN K 469 30.34 -108.09 -69.71
CA GLN K 469 31.59 -107.36 -69.74
C GLN K 469 32.71 -108.12 -70.43
N SER K 470 32.53 -109.42 -70.62
CA SER K 470 33.46 -110.25 -71.37
C SER K 470 32.71 -111.54 -71.72
N ASP K 471 33.39 -112.44 -72.43
CA ASP K 471 32.71 -113.61 -72.93
C ASP K 471 32.50 -114.70 -71.89
N VAL K 472 33.15 -114.57 -70.72
CA VAL K 472 33.08 -115.60 -69.69
C VAL K 472 32.90 -114.96 -68.33
N ALA K 473 31.94 -115.47 -67.55
CA ALA K 473 31.77 -115.10 -66.15
C ALA K 473 32.33 -116.23 -65.30
N LEU K 474 33.34 -115.93 -64.48
CA LEU K 474 33.91 -116.90 -63.57
C LEU K 474 33.01 -117.07 -62.36
N LEU K 475 32.54 -118.30 -62.12
CA LEU K 475 31.73 -118.64 -60.97
C LEU K 475 32.50 -119.60 -60.07
N ARG K 476 32.28 -119.48 -58.77
CA ARG K 476 32.78 -120.46 -57.80
C ARG K 476 31.62 -121.06 -57.04
N PHE K 477 31.66 -122.37 -56.85
CA PHE K 477 30.60 -123.09 -56.13
C PHE K 477 31.02 -123.22 -54.66
N VAL K 478 30.18 -122.71 -53.77
CA VAL K 478 30.56 -122.53 -52.37
C VAL K 478 29.60 -123.34 -51.50
N ASN K 479 30.16 -123.99 -50.48
CA ASN K 479 29.37 -124.61 -49.43
C ASN K 479 29.17 -123.58 -48.32
N PRO K 480 27.97 -123.04 -48.13
CA PRO K 480 27.80 -121.96 -47.16
C PRO K 480 27.99 -122.41 -45.73
N ASP K 481 27.87 -123.72 -45.47
CA ASP K 481 28.15 -124.25 -44.14
C ASP K 481 29.64 -124.12 -43.81
N THR K 482 30.51 -124.56 -44.71
CA THR K 482 31.94 -124.58 -44.47
C THR K 482 32.65 -123.33 -44.96
N GLY K 483 32.03 -122.53 -45.81
CA GLY K 483 32.70 -121.41 -46.43
C GLY K 483 33.63 -121.79 -47.56
N ARG K 484 33.77 -123.08 -47.86
CA ARG K 484 34.77 -123.55 -48.81
C ARG K 484 34.24 -123.57 -50.24
N VAL K 485 35.16 -123.34 -51.17
CA VAL K 485 34.88 -123.48 -52.60
C VAL K 485 35.08 -124.93 -52.99
N LEU K 486 34.09 -125.49 -53.70
CA LEU K 486 34.15 -126.89 -54.11
C LEU K 486 34.83 -127.01 -55.48
N PHE K 487 34.44 -126.16 -56.42
CA PHE K 487 35.06 -126.10 -57.73
C PHE K 487 34.80 -124.72 -58.30
N GLU K 488 35.52 -124.38 -59.36
CA GLU K 488 35.23 -123.17 -60.12
C GLU K 488 34.89 -123.55 -61.54
N CYS K 489 34.09 -122.71 -62.19
CA CYS K 489 33.62 -122.99 -63.54
C CYS K 489 33.48 -121.70 -64.32
N LYS K 490 33.42 -121.85 -65.64
CA LYS K 490 33.33 -120.73 -66.56
C LYS K 490 31.93 -120.72 -67.18
N LEU K 491 31.16 -119.68 -66.90
CA LEU K 491 29.88 -119.47 -67.56
C LEU K 491 30.08 -118.57 -68.77
N HIS K 492 29.93 -119.13 -69.96
CA HIS K 492 30.16 -118.39 -71.19
C HIS K 492 28.92 -117.55 -71.51
N LYS K 493 29.15 -116.39 -72.14
CA LYS K 493 28.02 -115.53 -72.48
C LYS K 493 27.00 -116.27 -73.33
N SER K 494 27.46 -117.18 -74.19
CA SER K 494 26.61 -117.94 -75.10
C SER K 494 25.59 -118.80 -74.35
N GLY K 495 25.66 -118.82 -73.03
CA GLY K 495 24.75 -119.61 -72.22
C GLY K 495 25.11 -121.07 -72.02
N TYR K 496 26.34 -121.36 -71.61
CA TYR K 496 26.72 -122.70 -71.23
C TYR K 496 27.91 -122.64 -70.27
N VAL K 497 28.08 -123.72 -69.50
CA VAL K 497 29.05 -123.76 -68.41
C VAL K 497 30.11 -124.82 -68.72
N THR K 498 31.34 -124.55 -68.29
CA THR K 498 32.46 -125.45 -68.49
C THR K 498 33.21 -125.62 -67.18
N VAL K 499 33.90 -126.76 -67.03
CA VAL K 499 34.71 -127.05 -65.85
C VAL K 499 36.00 -127.73 -66.31
N ALA K 500 36.98 -127.79 -65.41
CA ALA K 500 38.28 -128.42 -65.68
C ALA K 500 38.27 -129.84 -65.13
N HIS K 501 38.01 -130.81 -66.01
CA HIS K 501 37.95 -132.21 -65.62
C HIS K 501 38.07 -133.08 -66.86
N THR K 502 38.50 -134.32 -66.64
CA THR K 502 38.64 -135.30 -67.70
C THR K 502 37.96 -136.59 -67.27
N GLY K 503 37.03 -137.07 -68.10
CA GLY K 503 36.25 -138.24 -67.78
C GLY K 503 34.85 -137.90 -67.31
N PRO K 504 33.97 -138.90 -67.29
CA PRO K 504 32.66 -138.70 -66.67
C PRO K 504 32.75 -138.67 -65.16
N HIS K 505 31.84 -137.91 -64.55
CA HIS K 505 31.82 -137.76 -63.09
C HIS K 505 30.49 -137.16 -62.64
N ASP K 506 29.81 -137.85 -61.73
CA ASP K 506 28.70 -137.24 -61.00
C ASP K 506 29.25 -136.47 -59.80
N LEU K 507 28.88 -135.19 -59.71
CA LEU K 507 29.46 -134.33 -58.69
C LEU K 507 28.88 -134.60 -57.31
N VAL K 508 29.75 -134.51 -56.30
CA VAL K 508 29.37 -134.68 -54.90
C VAL K 508 29.13 -133.29 -54.36
N ILE K 509 27.87 -132.91 -54.17
CA ILE K 509 27.49 -131.53 -53.92
C ILE K 509 26.84 -131.46 -52.53
N PRO K 510 27.25 -130.54 -51.67
CA PRO K 510 26.49 -130.26 -50.45
C PRO K 510 25.10 -129.78 -50.78
N PRO K 511 24.09 -130.18 -50.00
CA PRO K 511 22.71 -129.78 -50.33
C PRO K 511 22.50 -128.28 -50.37
N ASN K 512 23.35 -127.49 -49.71
CA ASN K 512 23.19 -126.06 -49.59
C ASN K 512 24.05 -125.27 -50.58
N GLY K 513 24.72 -125.94 -51.51
CA GLY K 513 25.69 -125.25 -52.35
C GLY K 513 25.03 -124.30 -53.34
N TYR K 514 25.72 -123.18 -53.58
CA TYR K 514 25.25 -122.13 -54.47
C TYR K 514 26.39 -121.68 -55.36
N PHE K 515 26.04 -121.06 -56.48
CA PHE K 515 27.02 -120.46 -57.37
C PHE K 515 27.24 -118.98 -57.03
N ARG K 516 28.50 -118.57 -57.02
CA ARG K 516 28.88 -117.20 -56.67
C ARG K 516 29.72 -116.61 -57.79
N PHE K 517 29.31 -115.44 -58.29
CA PHE K 517 30.01 -114.76 -59.36
C PHE K 517 31.16 -113.95 -58.78
N ASP K 518 32.38 -114.23 -59.25
CA ASP K 518 33.58 -113.66 -58.66
C ASP K 518 34.34 -112.70 -59.56
N SER K 519 34.29 -112.87 -60.88
CA SER K 519 35.07 -112.04 -61.78
C SER K 519 34.63 -112.28 -63.22
N TRP K 520 34.73 -111.23 -64.03
CA TRP K 520 34.72 -111.38 -65.48
C TRP K 520 36.08 -111.82 -65.98
N VAL K 521 36.10 -112.80 -66.87
CA VAL K 521 37.31 -113.36 -67.46
C VAL K 521 37.06 -113.59 -68.94
N ASN K 522 38.09 -114.01 -69.67
CA ASN K 522 37.93 -114.41 -71.05
C ASN K 522 38.10 -115.92 -71.19
N GLN K 523 38.03 -116.38 -72.45
CA GLN K 523 38.07 -117.81 -72.75
C GLN K 523 39.40 -118.46 -72.42
N PHE K 524 40.45 -117.68 -72.18
CA PHE K 524 41.77 -118.21 -71.89
C PHE K 524 42.02 -118.43 -70.40
N TYR K 525 41.03 -118.16 -69.55
CA TYR K 525 41.20 -118.37 -68.12
C TYR K 525 41.38 -119.87 -67.84
N THR K 526 42.33 -120.18 -66.98
CA THR K 526 42.66 -121.56 -66.64
C THR K 526 42.04 -121.93 -65.29
N LEU K 527 41.14 -122.92 -65.31
CA LEU K 527 40.39 -123.27 -64.12
C LEU K 527 41.18 -124.23 -63.24
N ALA K 528 40.95 -124.13 -61.94
CA ALA K 528 41.59 -125.04 -61.02
C ALA K 528 41.04 -126.45 -61.21
N PRO K 529 41.89 -127.47 -61.25
CA PRO K 529 41.39 -128.83 -61.45
C PRO K 529 40.52 -129.25 -60.28
N MET K 530 39.31 -129.73 -60.60
CA MET K 530 38.24 -129.89 -59.63
C MET K 530 38.01 -131.34 -59.20
N GLY K 531 37.98 -132.28 -60.15
CA GLY K 531 37.33 -133.55 -59.90
C GLY K 531 38.06 -134.39 -58.87
N ASN K 532 37.29 -135.28 -58.23
CA ASN K 532 37.82 -136.30 -57.32
C ASN K 532 38.47 -135.67 -56.08
N ASN L 24 36.98 -58.99 -104.02
CA ASN L 24 38.32 -59.29 -103.50
C ASN L 24 38.82 -60.66 -103.96
N GLU L 25 40.00 -61.04 -103.46
CA GLU L 25 40.60 -62.34 -103.73
C GLU L 25 40.87 -63.10 -102.44
N VAL L 26 40.15 -62.77 -101.36
CA VAL L 26 40.35 -63.36 -100.05
C VAL L 26 39.06 -64.04 -99.60
N MET L 27 39.19 -65.28 -99.12
CA MET L 27 38.05 -66.04 -98.65
C MET L 27 37.65 -65.64 -97.23
N ALA L 28 36.37 -65.33 -97.05
CA ALA L 28 35.83 -64.83 -95.77
C ALA L 28 35.67 -65.94 -94.75
N LEU L 29 36.80 -66.50 -94.33
CA LEU L 29 36.81 -67.55 -93.33
C LEU L 29 37.60 -67.10 -92.11
N GLU L 30 37.09 -67.44 -90.93
CA GLU L 30 37.85 -67.22 -89.71
C GLU L 30 38.99 -68.22 -89.66
N PRO L 31 40.01 -67.95 -88.84
CA PRO L 31 41.02 -68.97 -88.57
C PRO L 31 40.36 -70.18 -87.91
N VAL L 32 40.90 -71.36 -88.19
CA VAL L 32 40.37 -72.60 -87.66
C VAL L 32 41.54 -73.43 -87.14
N VAL L 33 41.51 -73.75 -85.85
CA VAL L 33 42.61 -74.46 -85.24
C VAL L 33 42.63 -75.90 -85.74
N GLY L 34 43.82 -76.43 -85.95
CA GLY L 34 43.96 -77.82 -86.36
C GLY L 34 44.14 -78.74 -85.16
N ALA L 35 45.24 -79.48 -85.14
CA ALA L 35 45.45 -80.50 -84.12
C ALA L 35 45.87 -79.92 -82.77
N ALA L 36 46.19 -78.63 -82.71
CA ALA L 36 46.61 -78.02 -81.45
C ALA L 36 45.53 -78.15 -80.37
N ILE L 37 44.25 -77.98 -80.73
CA ILE L 37 43.18 -78.19 -79.76
C ILE L 37 43.16 -79.62 -79.24
N ALA L 38 43.63 -80.58 -80.05
CA ALA L 38 43.47 -81.97 -79.63
C ALA L 38 44.53 -82.42 -78.65
N ALA L 39 45.55 -81.59 -78.41
CA ALA L 39 46.68 -82.03 -77.57
C ALA L 39 46.24 -82.49 -76.19
N PRO L 40 45.35 -81.79 -75.47
CA PRO L 40 44.92 -82.30 -74.16
C PRO L 40 44.15 -83.61 -74.22
N VAL L 41 43.59 -83.98 -75.37
CA VAL L 41 42.82 -85.21 -75.48
C VAL L 41 43.41 -86.22 -76.45
N ALA L 42 44.47 -85.87 -77.19
CA ALA L 42 45.15 -86.88 -77.99
C ALA L 42 46.11 -87.68 -77.12
N GLY L 43 46.37 -88.92 -77.55
CA GLY L 43 47.35 -89.74 -76.85
C GLY L 43 48.78 -89.29 -77.01
N GLN L 44 49.13 -88.70 -78.15
CA GLN L 44 50.53 -88.44 -78.45
C GLN L 44 50.65 -87.28 -79.44
N GLN L 45 51.87 -86.78 -79.59
CA GLN L 45 52.21 -85.67 -80.48
C GLN L 45 53.11 -86.19 -81.59
N ASN L 46 52.71 -85.99 -82.84
CA ASN L 46 53.43 -86.53 -83.98
C ASN L 46 53.94 -85.41 -84.89
N VAL L 47 54.76 -85.82 -85.85
CA VAL L 47 55.42 -84.90 -86.78
C VAL L 47 55.30 -85.46 -88.19
N ILE L 48 55.07 -84.55 -89.15
CA ILE L 48 55.02 -84.88 -90.57
C ILE L 48 56.31 -84.36 -91.21
N ASP L 49 56.85 -85.14 -92.14
CA ASP L 49 58.07 -84.75 -92.86
C ASP L 49 57.90 -83.36 -93.45
N PRO L 50 58.74 -82.39 -93.07
CA PRO L 50 58.53 -81.00 -93.50
C PRO L 50 58.51 -80.78 -95.00
N TRP L 51 59.15 -81.63 -95.80
CA TRP L 51 59.07 -81.45 -97.25
C TRP L 51 57.63 -81.58 -97.73
N ILE L 52 56.86 -82.48 -97.12
CA ILE L 52 55.44 -82.63 -97.48
C ILE L 52 54.67 -81.34 -97.21
N ARG L 53 55.07 -80.59 -96.18
CA ARG L 53 54.36 -79.36 -95.81
C ARG L 53 54.73 -78.17 -96.68
N ASN L 54 55.86 -78.21 -97.38
CA ASN L 54 56.34 -77.06 -98.13
C ASN L 54 56.15 -77.21 -99.64
N ASN L 55 55.48 -78.27 -100.10
CA ASN L 55 55.43 -78.57 -101.52
C ASN L 55 54.01 -78.95 -101.91
N PHE L 56 53.45 -78.21 -102.86
CA PHE L 56 52.13 -78.52 -103.39
C PHE L 56 52.15 -79.78 -104.24
N VAL L 57 51.13 -80.60 -104.07
CA VAL L 57 51.00 -81.88 -104.77
C VAL L 57 49.60 -81.96 -105.33
N GLN L 58 49.46 -82.48 -106.55
CA GLN L 58 48.18 -82.48 -107.24
C GLN L 58 47.26 -83.55 -106.66
N ALA L 59 46.03 -83.16 -106.35
CA ALA L 59 45.05 -84.12 -105.91
C ALA L 59 44.80 -85.11 -107.04
N PRO L 60 44.55 -86.39 -106.74
CA PRO L 60 44.41 -87.37 -107.83
C PRO L 60 43.27 -87.04 -108.79
N GLY L 61 42.18 -86.46 -108.32
CA GLY L 61 41.12 -86.06 -109.22
C GLY L 61 41.05 -84.56 -109.34
N GLY L 62 42.22 -83.94 -109.52
CA GLY L 62 42.35 -82.49 -109.38
C GLY L 62 42.46 -81.80 -110.72
N GLU L 63 41.69 -82.27 -111.70
CA GLU L 63 41.65 -81.67 -113.02
C GLU L 63 40.22 -81.24 -113.35
N PHE L 64 40.10 -80.09 -114.00
CA PHE L 64 38.82 -79.70 -114.59
C PHE L 64 39.10 -78.73 -115.74
N THR L 65 38.07 -78.48 -116.53
CA THR L 65 38.21 -77.71 -117.77
C THR L 65 37.06 -76.71 -117.87
N VAL L 66 37.40 -75.51 -118.34
CA VAL L 66 36.42 -74.48 -118.67
C VAL L 66 36.30 -74.42 -120.17
N SER L 67 35.12 -74.71 -120.68
CA SER L 67 34.83 -74.75 -122.10
C SER L 67 33.65 -73.84 -122.40
N PRO L 68 33.50 -73.39 -123.66
CA PRO L 68 32.37 -72.49 -123.98
C PRO L 68 31.02 -73.16 -123.87
N ARG L 69 30.97 -74.50 -123.87
CA ARG L 69 29.71 -75.20 -123.61
C ARG L 69 29.22 -75.00 -122.19
N ASN L 70 30.09 -74.56 -121.27
CA ASN L 70 29.70 -74.45 -119.88
C ASN L 70 28.83 -73.21 -119.66
N ALA L 71 27.88 -73.35 -118.74
CA ALA L 71 26.93 -72.32 -118.39
C ALA L 71 27.02 -72.00 -116.89
N PRO L 72 26.60 -70.80 -116.48
CA PRO L 72 26.64 -70.46 -115.06
C PRO L 72 25.87 -71.46 -114.20
N GLY L 73 26.44 -71.79 -113.05
CA GLY L 73 25.86 -72.75 -112.14
C GLY L 73 26.47 -74.14 -112.21
N GLU L 74 27.12 -74.48 -113.32
CA GLU L 74 27.71 -75.80 -113.45
C GLU L 74 28.92 -75.93 -112.54
N ILE L 75 28.92 -76.95 -111.69
CA ILE L 75 30.04 -77.25 -110.81
C ILE L 75 31.07 -78.05 -111.59
N LEU L 76 32.21 -77.42 -111.91
CA LEU L 76 33.24 -78.08 -112.70
C LEU L 76 34.11 -79.03 -111.87
N TRP L 77 34.20 -78.82 -110.56
CA TRP L 77 35.08 -79.62 -109.73
C TRP L 77 34.69 -79.45 -108.27
N SER L 78 34.86 -80.52 -107.50
CA SER L 78 34.60 -80.47 -106.08
C SER L 78 35.41 -81.55 -105.38
N ALA L 79 35.72 -81.30 -104.10
CA ALA L 79 36.46 -82.26 -103.28
C ALA L 79 36.21 -81.97 -101.81
N PRO L 80 36.10 -82.98 -100.97
CA PRO L 80 36.07 -82.75 -99.52
C PRO L 80 37.46 -82.81 -98.90
N LEU L 81 37.63 -82.02 -97.84
CA LEU L 81 38.89 -81.99 -97.12
C LEU L 81 39.19 -83.34 -96.46
N GLY L 82 40.43 -83.79 -96.60
CA GLY L 82 40.85 -85.05 -96.05
C GLY L 82 42.19 -85.48 -96.61
N PRO L 83 42.77 -86.53 -96.04
CA PRO L 83 44.10 -86.97 -96.51
C PRO L 83 44.11 -87.46 -97.96
N ASP L 84 42.96 -87.85 -98.50
CA ASP L 84 42.92 -88.43 -99.84
C ASP L 84 43.23 -87.42 -100.94
N LEU L 85 43.30 -86.13 -100.62
CA LEU L 85 43.66 -85.12 -101.60
C LEU L 85 45.15 -85.08 -101.88
N ASN L 86 45.95 -85.80 -101.10
CA ASN L 86 47.40 -85.70 -101.15
C ASN L 86 47.95 -87.10 -100.96
N PRO L 87 48.61 -87.67 -101.98
CA PRO L 87 49.01 -89.08 -101.89
C PRO L 87 50.01 -89.35 -100.78
N TYR L 88 50.83 -88.35 -100.42
CA TYR L 88 51.73 -88.52 -99.29
C TYR L 88 50.95 -88.65 -97.99
N LEU L 89 50.04 -87.71 -97.71
CA LEU L 89 49.22 -87.80 -96.52
C LEU L 89 48.32 -89.04 -96.56
N SER L 90 47.88 -89.44 -97.76
CA SER L 90 47.05 -90.64 -97.87
C SER L 90 47.84 -91.87 -97.46
N HIS L 91 49.10 -91.96 -97.88
CA HIS L 91 49.94 -93.07 -97.48
C HIS L 91 50.29 -92.99 -96.00
N LEU L 92 50.58 -91.79 -95.50
CA LEU L 92 50.85 -91.62 -94.08
C LEU L 92 49.65 -92.02 -93.23
N ALA L 93 48.44 -91.68 -93.69
CA ALA L 93 47.24 -91.92 -92.90
C ALA L 93 47.00 -93.40 -92.64
N ARG L 94 47.54 -94.27 -93.49
CA ARG L 94 47.36 -95.70 -93.32
C ARG L 94 48.06 -96.23 -92.07
N MET L 95 48.92 -95.43 -91.43
CA MET L 95 49.65 -95.83 -90.23
C MET L 95 49.31 -94.96 -89.02
N TYR L 96 48.30 -94.10 -89.12
CA TYR L 96 47.85 -93.25 -88.03
C TYR L 96 46.36 -93.48 -87.78
N ASN L 97 45.93 -93.14 -86.57
CA ASN L 97 44.55 -93.35 -86.18
C ASN L 97 43.65 -92.15 -86.46
N GLY L 98 44.19 -90.94 -86.49
CA GLY L 98 43.36 -89.80 -86.76
C GLY L 98 44.16 -88.61 -87.26
N TYR L 99 43.45 -87.50 -87.44
CA TYR L 99 44.04 -86.29 -87.99
C TYR L 99 43.17 -85.10 -87.62
N ALA L 100 43.73 -83.91 -87.79
CA ALA L 100 42.97 -82.67 -87.67
C ALA L 100 43.79 -81.56 -88.30
N GLY L 101 43.10 -80.59 -88.88
CA GLY L 101 43.73 -79.43 -89.47
C GLY L 101 43.43 -79.33 -90.95
N GLY L 102 43.84 -78.19 -91.52
CA GLY L 102 43.45 -77.80 -92.84
C GLY L 102 44.59 -77.89 -93.85
N PHE L 103 44.26 -77.54 -95.09
CA PHE L 103 45.18 -77.57 -96.20
C PHE L 103 45.26 -76.19 -96.84
N GLU L 104 46.33 -75.96 -97.57
CA GLU L 104 46.43 -74.85 -98.50
C GLU L 104 46.25 -75.41 -99.90
N VAL L 105 45.29 -74.88 -100.65
CA VAL L 105 44.97 -75.35 -101.99
C VAL L 105 45.50 -74.35 -103.01
N GLN L 106 46.16 -74.87 -104.05
CA GLN L 106 46.70 -74.06 -105.14
C GLN L 106 46.01 -74.52 -106.42
N VAL L 107 45.35 -73.59 -107.10
CA VAL L 107 44.62 -73.88 -108.34
C VAL L 107 45.24 -73.07 -109.47
N ILE L 108 45.51 -73.74 -110.59
CA ILE L 108 46.27 -73.19 -111.71
C ILE L 108 45.34 -73.07 -112.91
N LEU L 109 45.36 -71.91 -113.54
CA LEU L 109 44.44 -71.56 -114.63
C LEU L 109 45.27 -71.29 -115.87
N ALA L 110 45.03 -72.05 -116.93
CA ALA L 110 45.83 -71.96 -118.14
C ALA L 110 45.07 -71.17 -119.23
N GLY L 111 44.92 -69.88 -118.96
CA GLY L 111 44.34 -68.95 -119.90
C GLY L 111 45.40 -68.14 -120.63
N ASN L 112 44.93 -67.10 -121.32
CA ASN L 112 45.80 -66.08 -121.89
C ASN L 112 45.04 -64.77 -121.92
N ALA L 113 45.74 -63.70 -122.32
CA ALA L 113 45.20 -62.35 -122.20
C ALA L 113 43.99 -62.09 -123.08
N PHE L 114 43.73 -62.94 -124.08
CA PHE L 114 42.63 -62.72 -125.00
C PHE L 114 41.33 -63.39 -124.58
N THR L 115 41.24 -63.92 -123.37
CA THR L 115 40.05 -64.59 -122.89
C THR L 115 39.32 -63.72 -121.87
N ALA L 116 38.04 -64.05 -121.66
CA ALA L 116 37.24 -63.48 -120.57
C ALA L 116 36.45 -64.59 -119.88
N GLY L 117 36.12 -64.37 -118.63
CA GLY L 117 35.27 -65.27 -117.87
C GLY L 117 35.68 -65.40 -116.41
N LYS L 118 34.73 -65.77 -115.57
CA LYS L 118 34.97 -65.88 -114.14
C LYS L 118 34.62 -67.28 -113.63
N ILE L 119 35.44 -67.76 -112.70
CA ILE L 119 35.18 -68.98 -111.95
C ILE L 119 35.01 -68.59 -110.49
N ILE L 120 34.03 -69.20 -109.81
CA ILE L 120 33.89 -69.02 -108.37
C ILE L 120 34.38 -70.28 -107.67
N PHE L 121 35.22 -70.10 -106.66
CA PHE L 121 35.58 -71.13 -105.71
C PHE L 121 34.88 -70.79 -104.40
N ALA L 122 34.27 -71.79 -103.77
CA ALA L 122 33.52 -71.53 -102.55
C ALA L 122 33.71 -72.67 -101.57
N ALA L 123 33.73 -72.32 -100.29
CA ALA L 123 33.86 -73.28 -99.20
C ALA L 123 32.48 -73.60 -98.64
N VAL L 124 32.07 -74.84 -98.74
CA VAL L 124 30.78 -75.30 -98.25
C VAL L 124 30.99 -76.06 -96.95
N PRO L 125 30.30 -75.70 -95.87
CA PRO L 125 30.64 -76.24 -94.55
C PRO L 125 30.09 -77.64 -94.40
N PRO L 126 30.57 -78.40 -93.41
CA PRO L 126 30.17 -79.82 -93.31
C PRO L 126 28.67 -79.98 -93.19
N ASN L 127 28.19 -81.09 -93.74
CA ASN L 127 26.78 -81.47 -93.72
C ASN L 127 25.89 -80.50 -94.49
N PHE L 128 26.45 -79.68 -95.39
CA PHE L 128 25.52 -78.93 -96.22
C PHE L 128 25.47 -79.50 -97.62
N PRO L 129 24.27 -79.70 -98.18
CA PRO L 129 24.17 -80.35 -99.49
C PRO L 129 24.63 -79.46 -100.63
N THR L 130 25.47 -80.03 -101.50
CA THR L 130 25.97 -79.36 -102.69
C THR L 130 25.00 -79.44 -103.85
N GLU L 131 24.02 -80.34 -103.75
CA GLU L 131 23.21 -80.81 -104.87
C GLU L 131 22.12 -79.81 -105.23
N GLY L 132 22.36 -78.97 -106.25
CA GLY L 132 21.30 -78.14 -106.78
C GLY L 132 21.47 -76.64 -106.67
N LEU L 133 22.63 -76.18 -106.22
CA LEU L 133 22.81 -74.76 -105.93
C LEU L 133 22.73 -73.95 -107.21
N SER L 134 22.11 -72.77 -107.11
CA SER L 134 22.15 -71.76 -108.17
C SER L 134 23.39 -70.89 -108.01
N PRO L 135 23.84 -70.23 -109.07
CA PRO L 135 25.04 -69.38 -108.93
C PRO L 135 24.90 -68.29 -107.89
N SER L 136 23.74 -67.62 -107.85
CA SER L 136 23.46 -66.66 -106.78
C SER L 136 23.74 -67.27 -105.41
N GLN L 137 23.25 -68.49 -105.18
CA GLN L 137 23.37 -69.11 -103.86
C GLN L 137 24.82 -69.49 -103.54
N VAL L 138 25.58 -69.94 -104.54
CA VAL L 138 26.96 -70.30 -104.28
C VAL L 138 27.74 -69.08 -103.80
N THR L 139 27.39 -67.90 -104.29
CA THR L 139 27.98 -66.65 -103.84
C THR L 139 27.76 -66.41 -102.34
N MET L 140 26.79 -67.09 -101.73
CA MET L 140 26.47 -66.85 -100.34
C MET L 140 27.37 -67.62 -99.37
N PHE L 141 28.22 -68.51 -99.86
CA PHE L 141 29.25 -69.12 -99.05
C PHE L 141 30.47 -68.21 -99.01
N PRO L 142 31.41 -68.44 -98.09
CA PRO L 142 32.72 -67.82 -98.25
C PRO L 142 33.27 -68.20 -99.61
N HIS L 143 33.67 -67.19 -100.40
CA HIS L 143 33.97 -67.47 -101.79
C HIS L 143 35.07 -66.55 -102.31
N ILE L 144 35.59 -66.94 -103.46
CA ILE L 144 36.59 -66.19 -104.21
C ILE L 144 36.14 -66.21 -105.67
N ILE L 145 36.29 -65.08 -106.35
CA ILE L 145 35.95 -64.99 -107.77
C ILE L 145 37.25 -64.76 -108.54
N VAL L 146 37.55 -65.70 -109.44
CA VAL L 146 38.84 -65.76 -110.12
C VAL L 146 38.60 -65.55 -111.61
N ASP L 147 39.41 -64.70 -112.22
CA ASP L 147 39.28 -64.42 -113.64
C ASP L 147 40.05 -65.45 -114.46
N VAL L 148 39.45 -65.82 -115.60
CA VAL L 148 40.06 -66.79 -116.50
C VAL L 148 41.42 -66.32 -116.99
N ARG L 149 41.70 -65.02 -116.89
CA ARG L 149 42.98 -64.50 -117.37
C ARG L 149 44.07 -64.59 -116.32
N GLN L 150 43.78 -65.09 -115.13
CA GLN L 150 44.77 -65.06 -114.05
C GLN L 150 45.96 -65.94 -114.35
N LEU L 151 47.16 -65.36 -114.18
CA LEU L 151 48.42 -66.05 -114.43
C LEU L 151 48.98 -66.69 -113.16
N GLU L 152 49.03 -65.92 -112.08
CA GLU L 152 49.58 -66.41 -110.83
C GLU L 152 48.62 -67.42 -110.21
N PRO L 153 49.14 -68.50 -109.62
CA PRO L 153 48.24 -69.49 -109.01
C PRO L 153 47.40 -68.85 -107.90
N VAL L 154 46.22 -69.41 -107.70
CA VAL L 154 45.30 -68.93 -106.68
C VAL L 154 45.50 -69.77 -105.43
N LEU L 155 45.66 -69.11 -104.29
CA LEU L 155 45.89 -69.78 -103.02
C LEU L 155 44.62 -69.68 -102.19
N ILE L 156 44.05 -70.82 -101.85
CA ILE L 156 42.80 -70.91 -101.11
C ILE L 156 43.07 -71.66 -99.82
N PRO L 157 42.79 -71.09 -98.66
CA PRO L 157 42.89 -71.86 -97.42
C PRO L 157 41.64 -72.70 -97.24
N LEU L 158 41.84 -73.97 -96.89
CA LEU L 158 40.75 -74.93 -96.70
C LEU L 158 40.83 -75.38 -95.25
N PRO L 159 40.12 -74.71 -94.35
CA PRO L 159 40.22 -75.05 -92.93
C PRO L 159 39.34 -76.21 -92.54
N ASP L 160 39.77 -76.93 -91.51
CA ASP L 160 39.08 -78.14 -91.07
C ASP L 160 37.97 -77.79 -90.09
N VAL L 161 36.97 -77.06 -90.60
CA VAL L 161 35.78 -76.75 -89.82
C VAL L 161 35.11 -78.05 -89.38
N ARG L 162 34.77 -78.11 -88.09
CA ARG L 162 34.31 -79.35 -87.47
C ARG L 162 33.71 -78.98 -86.12
N ASN L 163 33.06 -79.97 -85.49
CA ASN L 163 32.49 -79.79 -84.16
C ASN L 163 33.05 -80.76 -83.14
N ASN L 164 34.19 -81.39 -83.42
CA ASN L 164 34.88 -82.21 -82.44
C ASN L 164 36.35 -81.85 -82.42
N PHE L 165 37.07 -82.43 -81.47
CA PHE L 165 38.48 -82.07 -81.28
C PHE L 165 39.32 -82.50 -82.47
N TYR L 166 39.02 -83.65 -83.07
CA TYR L 166 39.77 -84.16 -84.21
C TYR L 166 38.97 -85.28 -84.87
N HIS L 167 39.50 -85.79 -85.97
CA HIS L 167 38.85 -86.79 -86.80
C HIS L 167 39.52 -88.14 -86.62
N TYR L 168 38.72 -89.21 -86.63
CA TYR L 168 39.23 -90.57 -86.69
C TYR L 168 39.21 -91.04 -88.13
N ASN L 169 40.22 -91.83 -88.51
CA ASN L 169 40.23 -92.38 -89.86
C ASN L 169 39.04 -93.29 -90.09
N GLN L 170 38.70 -94.11 -89.10
CA GLN L 170 37.64 -95.10 -89.23
C GLN L 170 36.24 -94.53 -89.06
N SER L 171 36.08 -93.22 -88.87
CA SER L 171 34.76 -92.67 -88.62
C SER L 171 34.17 -91.88 -89.79
N ASN L 172 34.99 -91.51 -90.78
CA ASN L 172 34.51 -90.86 -92.01
C ASN L 172 33.61 -89.67 -91.71
N ASP L 173 34.01 -88.85 -90.74
CA ASP L 173 33.30 -87.60 -90.47
C ASP L 173 33.23 -86.73 -91.74
N PRO L 174 32.16 -85.96 -91.91
CA PRO L 174 32.10 -85.05 -93.05
C PRO L 174 32.94 -83.81 -92.83
N THR L 175 33.48 -83.27 -93.91
CA THR L 175 34.38 -82.13 -93.87
C THR L 175 33.90 -81.04 -94.82
N ILE L 176 34.61 -79.90 -94.76
CA ILE L 176 34.39 -78.86 -95.75
C ILE L 176 34.62 -79.40 -97.15
N LYS L 177 33.85 -78.89 -98.10
CA LYS L 177 34.04 -79.16 -99.52
C LYS L 177 34.43 -77.86 -100.21
N LEU L 178 35.39 -77.97 -101.14
CA LEU L 178 35.62 -76.92 -102.13
C LEU L 178 34.82 -77.15 -103.39
N ILE L 179 34.28 -76.06 -103.92
CA ILE L 179 33.46 -76.08 -105.12
C ILE L 179 34.11 -75.15 -106.13
N ALA L 180 34.19 -75.60 -107.37
CA ALA L 180 34.61 -74.75 -108.48
C ALA L 180 33.45 -74.71 -109.45
N MET L 181 32.93 -73.51 -109.70
CA MET L 181 31.75 -73.34 -110.52
C MET L 181 31.98 -72.27 -111.56
N LEU L 182 31.42 -72.48 -112.75
CA LEU L 182 31.48 -71.46 -113.79
C LEU L 182 30.56 -70.31 -113.42
N TYR L 183 31.13 -69.13 -113.21
CA TYR L 183 30.35 -67.97 -112.79
C TYR L 183 29.96 -67.10 -113.97
N THR L 184 30.87 -66.93 -114.91
CA THR L 184 30.62 -66.22 -116.15
C THR L 184 31.12 -67.08 -117.31
N PRO L 185 30.34 -67.20 -118.38
CA PRO L 185 30.76 -68.06 -119.49
C PRO L 185 32.07 -67.57 -120.11
N LEU L 186 32.82 -68.51 -120.68
CA LEU L 186 34.09 -68.19 -121.30
C LEU L 186 33.86 -67.60 -122.69
N ARG L 187 34.46 -66.43 -122.93
CA ARG L 187 34.40 -65.78 -124.24
C ARG L 187 35.82 -65.70 -124.80
N ALA L 188 36.05 -66.41 -125.90
CA ALA L 188 37.34 -66.44 -126.56
C ALA L 188 37.15 -66.88 -128.00
N ASN L 189 37.96 -66.33 -128.88
CA ASN L 189 38.11 -66.90 -130.22
C ASN L 189 38.58 -68.35 -130.13
N ASN L 190 38.33 -69.10 -131.19
CA ASN L 190 38.88 -70.43 -131.34
C ASN L 190 40.05 -70.36 -132.31
N ALA L 191 40.59 -71.52 -132.68
CA ALA L 191 41.78 -71.59 -133.55
C ALA L 191 41.47 -72.57 -134.68
N GLY L 192 40.79 -72.06 -135.71
CA GLY L 192 40.16 -72.94 -136.68
C GLY L 192 39.04 -73.75 -136.06
N ASP L 193 39.19 -75.07 -136.08
CA ASP L 193 38.19 -75.97 -135.52
C ASP L 193 38.62 -76.57 -134.19
N ASP L 194 39.87 -76.33 -133.76
CA ASP L 194 40.27 -76.60 -132.39
C ASP L 194 39.63 -75.55 -131.47
N VAL L 195 38.84 -76.02 -130.51
CA VAL L 195 38.03 -75.14 -129.67
C VAL L 195 38.85 -74.76 -128.44
N PHE L 196 39.00 -73.46 -128.20
CA PHE L 196 39.79 -72.99 -127.07
C PHE L 196 39.10 -73.33 -125.76
N THR L 197 39.87 -73.87 -124.81
CA THR L 197 39.40 -74.19 -123.47
C THR L 197 40.47 -73.82 -122.46
N VAL L 198 40.04 -73.45 -121.26
CA VAL L 198 40.95 -73.16 -120.16
C VAL L 198 41.03 -74.40 -119.27
N SER L 199 42.18 -75.06 -119.29
CA SER L 199 42.42 -76.23 -118.43
C SER L 199 42.90 -75.80 -117.05
N CYS L 200 42.36 -76.44 -116.02
CA CYS L 200 42.67 -76.10 -114.64
C CYS L 200 43.17 -77.33 -113.88
N ARG L 201 44.08 -77.06 -112.94
CA ARG L 201 44.64 -78.08 -112.07
C ARG L 201 44.57 -77.62 -110.62
N VAL L 202 44.28 -78.55 -109.72
CA VAL L 202 44.15 -78.28 -108.29
C VAL L 202 45.31 -78.98 -107.58
N LEU L 203 46.10 -78.20 -106.84
CA LEU L 203 47.23 -78.67 -106.07
C LEU L 203 46.94 -78.42 -104.59
N THR L 204 47.58 -79.20 -103.72
CA THR L 204 47.30 -79.09 -102.30
C THR L 204 48.59 -79.29 -101.50
N ARG L 205 48.56 -78.84 -100.25
CA ARG L 205 49.61 -79.13 -99.28
C ARG L 205 49.06 -78.85 -97.89
N PRO L 206 49.50 -79.56 -96.87
CA PRO L 206 48.89 -79.40 -95.54
C PRO L 206 49.27 -78.07 -94.92
N SER L 207 48.28 -77.42 -94.31
CA SER L 207 48.53 -76.22 -93.52
C SER L 207 49.45 -76.55 -92.35
N PRO L 208 50.02 -75.52 -91.72
CA PRO L 208 50.85 -75.78 -90.52
C PRO L 208 50.08 -76.38 -89.36
N ASP L 209 48.77 -76.14 -89.26
CA ASP L 209 48.01 -76.69 -88.13
C ASP L 209 47.54 -78.11 -88.38
N PHE L 210 47.77 -78.67 -89.58
CA PHE L 210 47.42 -80.05 -89.85
C PHE L 210 48.45 -80.99 -89.22
N ASP L 211 47.95 -82.10 -88.68
CA ASP L 211 48.84 -83.10 -88.10
C ASP L 211 48.07 -84.40 -87.95
N PHE L 212 48.81 -85.51 -87.96
CA PHE L 212 48.24 -86.81 -87.65
C PHE L 212 48.29 -87.00 -86.14
N ILE L 213 47.58 -88.00 -85.63
CA ILE L 213 47.45 -88.03 -84.18
C ILE L 213 48.03 -89.26 -83.47
N PHE L 214 47.60 -90.47 -83.79
CA PHE L 214 48.06 -91.62 -83.02
C PHE L 214 48.64 -92.71 -83.91
N LEU L 215 49.91 -93.06 -83.68
CA LEU L 215 50.55 -94.12 -84.45
C LEU L 215 49.88 -95.46 -84.18
N VAL L 216 49.66 -96.22 -85.25
CA VAL L 216 49.00 -97.52 -85.16
C VAL L 216 49.63 -98.45 -86.18
N PRO L 217 49.45 -99.76 -86.00
CA PRO L 217 50.06 -100.72 -86.93
C PRO L 217 49.64 -100.43 -88.36
N PRO L 218 50.60 -100.34 -89.28
CA PRO L 218 50.28 -99.87 -90.63
C PRO L 218 49.39 -100.85 -91.38
N THR L 219 48.47 -100.28 -92.15
CA THR L 219 47.56 -101.01 -93.05
C THR L 219 46.77 -102.07 -92.30
N VAL L 220 45.97 -101.62 -91.34
CA VAL L 220 45.09 -102.52 -90.57
C VAL L 220 43.69 -101.95 -90.64
N GLU L 221 43.56 -100.64 -90.42
CA GLU L 221 42.27 -99.98 -90.45
C GLU L 221 41.70 -100.00 -91.87
N SER L 222 40.44 -100.42 -92.00
CA SER L 222 39.85 -100.65 -93.31
C SER L 222 39.76 -99.37 -94.13
N ARG L 223 39.26 -98.28 -93.55
CA ARG L 223 38.94 -97.09 -94.33
C ARG L 223 40.16 -96.40 -94.93
N THR L 224 41.38 -96.89 -94.68
CA THR L 224 42.57 -96.30 -95.25
C THR L 224 43.16 -97.11 -96.40
N LYS L 225 42.60 -98.27 -96.71
CA LYS L 225 43.11 -99.08 -97.80
C LYS L 225 42.83 -98.41 -99.15
N PRO L 226 43.83 -98.25 -100.02
CA PRO L 226 43.58 -97.63 -101.32
C PRO L 226 42.98 -98.60 -102.32
N PHE L 227 42.19 -98.03 -103.23
CA PHE L 227 41.53 -98.82 -104.27
C PHE L 227 42.48 -99.08 -105.43
N THR L 228 42.42 -100.30 -105.97
CA THR L 228 43.23 -100.68 -107.12
C THR L 228 42.41 -101.58 -108.04
N VAL L 229 42.94 -101.77 -109.24
CA VAL L 229 42.33 -102.58 -110.30
C VAL L 229 43.38 -103.55 -110.81
N PRO L 230 43.07 -104.83 -111.00
CA PRO L 230 44.11 -105.81 -111.32
C PRO L 230 44.91 -105.41 -112.56
N ILE L 231 46.20 -105.76 -112.52
CA ILE L 231 47.12 -105.48 -113.64
C ILE L 231 46.92 -106.45 -114.80
N LEU L 232 46.03 -107.43 -114.66
CA LEU L 232 45.86 -108.46 -115.67
C LEU L 232 45.45 -107.88 -117.02
N THR L 233 45.84 -108.58 -118.08
CA THR L 233 45.44 -108.28 -119.44
C THR L 233 44.08 -108.90 -119.75
N VAL L 234 43.38 -108.29 -120.72
CA VAL L 234 42.08 -108.80 -121.14
C VAL L 234 42.13 -110.27 -121.50
N GLU L 235 43.15 -110.68 -122.26
CA GLU L 235 43.31 -112.10 -122.58
C GLU L 235 43.56 -112.94 -121.34
N GLU L 236 44.25 -112.39 -120.34
CA GLU L 236 44.62 -113.16 -119.16
C GLU L 236 43.48 -113.27 -118.14
N MET L 237 42.34 -112.63 -118.39
CA MET L 237 41.24 -112.69 -117.46
C MET L 237 40.16 -113.65 -117.98
N THR L 238 39.07 -113.76 -117.22
CA THR L 238 38.06 -114.79 -117.44
C THR L 238 36.68 -114.16 -117.32
N ASN L 239 35.75 -114.64 -118.12
CA ASN L 239 34.39 -114.12 -118.05
C ASN L 239 33.71 -114.57 -116.76
N SER L 240 32.84 -113.72 -116.23
CA SER L 240 32.19 -113.97 -114.97
C SER L 240 30.82 -114.62 -115.12
N ARG L 241 30.35 -114.83 -116.35
CA ARG L 241 29.04 -115.40 -116.59
C ARG L 241 29.10 -116.79 -117.20
N PHE L 242 30.26 -117.23 -117.70
CA PHE L 242 30.46 -118.57 -118.21
C PHE L 242 31.94 -118.89 -118.07
N PRO L 243 32.30 -120.16 -117.81
CA PRO L 243 33.72 -120.46 -117.54
C PRO L 243 34.59 -120.39 -118.80
N ILE L 244 34.74 -119.19 -119.33
CA ILE L 244 35.48 -118.96 -120.58
C ILE L 244 36.37 -117.75 -120.41
N PRO L 245 37.48 -117.69 -121.14
CA PRO L 245 38.29 -116.47 -121.13
C PRO L 245 37.62 -115.33 -121.87
N LEU L 246 38.10 -114.12 -121.61
CA LEU L 246 37.69 -112.93 -122.34
C LEU L 246 38.44 -112.81 -123.66
N GLU L 247 37.86 -112.04 -124.57
CA GLU L 247 38.43 -111.90 -125.91
C GLU L 247 38.58 -110.45 -126.34
N LYS L 248 37.55 -109.63 -126.15
CA LYS L 248 37.63 -108.23 -126.55
C LYS L 248 36.77 -107.37 -125.64
N LEU L 249 36.95 -106.05 -125.76
CA LEU L 249 36.08 -105.05 -125.15
C LEU L 249 35.14 -104.48 -126.21
N PHE L 250 33.85 -104.43 -125.87
CA PHE L 250 32.83 -103.92 -126.79
C PHE L 250 31.91 -102.96 -126.05
N THR L 251 31.65 -101.81 -126.65
CA THR L 251 30.67 -100.85 -126.14
C THR L 251 29.55 -100.69 -127.16
N GLY L 252 28.33 -100.51 -126.66
CA GLY L 252 27.19 -100.26 -127.53
C GLY L 252 26.01 -99.64 -126.81
N PRO L 253 25.08 -99.08 -127.58
CA PRO L 253 23.83 -98.57 -126.99
C PRO L 253 22.95 -99.71 -126.47
N SER L 254 22.24 -99.43 -125.38
CA SER L 254 21.49 -100.44 -124.65
C SER L 254 20.03 -100.07 -124.43
N GLY L 255 19.46 -99.19 -125.26
CA GLY L 255 18.09 -98.74 -125.03
C GLY L 255 17.04 -99.82 -125.25
N ALA L 256 17.23 -100.68 -126.25
CA ALA L 256 16.19 -101.65 -126.59
C ALA L 256 16.03 -102.69 -125.49
N PHE L 257 17.15 -103.27 -125.06
CA PHE L 257 17.21 -104.39 -124.13
C PHE L 257 17.54 -103.93 -122.71
N VAL L 258 17.47 -104.88 -121.77
CA VAL L 258 17.71 -104.62 -120.35
C VAL L 258 18.94 -105.37 -119.84
N VAL L 259 19.97 -104.63 -119.48
CA VAL L 259 21.24 -105.19 -118.99
C VAL L 259 21.09 -105.45 -117.50
N GLN L 260 20.84 -106.70 -117.11
CA GLN L 260 20.65 -107.00 -115.70
C GLN L 260 21.25 -108.35 -115.31
N PRO L 261 22.54 -108.60 -115.59
CA PRO L 261 23.15 -109.89 -115.21
C PRO L 261 23.10 -110.13 -113.71
N GLN L 262 23.19 -111.40 -113.33
CA GLN L 262 23.28 -111.78 -111.93
C GLN L 262 24.59 -112.44 -111.54
N ASN L 263 25.46 -112.77 -112.50
CA ASN L 263 26.81 -113.23 -112.23
C ASN L 263 27.79 -112.13 -112.62
N GLY L 264 28.95 -112.13 -111.96
CA GLY L 264 29.88 -111.03 -112.14
C GLY L 264 29.28 -109.70 -111.70
N ARG L 265 28.59 -109.70 -110.57
CA ARG L 265 28.03 -108.49 -109.99
C ARG L 265 28.65 -108.30 -108.62
N CYS L 266 29.51 -107.29 -108.49
CA CYS L 266 30.24 -107.04 -107.25
C CYS L 266 30.54 -105.56 -107.17
N THR L 267 30.43 -105.02 -105.97
CA THR L 267 30.67 -103.60 -105.71
C THR L 267 32.16 -103.35 -105.47
N THR L 268 32.57 -102.10 -105.70
CA THR L 268 33.96 -101.70 -105.52
C THR L 268 34.55 -102.05 -104.15
N ASP L 269 33.78 -101.90 -103.08
CA ASP L 269 34.29 -102.27 -101.76
C ASP L 269 34.05 -103.74 -101.41
N GLY L 270 33.72 -104.56 -102.40
CA GLY L 270 33.79 -106.01 -102.26
C GLY L 270 32.56 -106.73 -101.75
N VAL L 271 31.37 -106.14 -101.90
CA VAL L 271 30.13 -106.81 -101.54
C VAL L 271 29.63 -107.51 -102.79
N LEU L 272 29.42 -108.83 -102.69
CA LEU L 272 28.89 -109.60 -103.79
C LEU L 272 27.39 -109.38 -103.94
N LEU L 273 26.92 -109.45 -105.20
CA LEU L 273 25.54 -109.18 -105.55
C LEU L 273 25.00 -110.32 -106.40
N GLY L 274 23.67 -110.44 -106.42
CA GLY L 274 23.03 -111.42 -107.29
C GLY L 274 23.46 -112.84 -106.97
N THR L 275 23.76 -113.59 -108.02
CA THR L 275 24.20 -114.98 -107.89
C THR L 275 25.71 -115.12 -107.98
N THR L 276 26.44 -114.04 -107.72
CA THR L 276 27.88 -114.02 -107.96
C THR L 276 28.63 -114.73 -106.83
N GLN L 277 29.60 -115.56 -107.21
CA GLN L 277 30.48 -116.22 -106.26
C GLN L 277 31.90 -116.13 -106.80
N LEU L 278 32.84 -116.71 -106.06
CA LEU L 278 34.25 -116.41 -106.29
C LEU L 278 34.95 -117.39 -107.22
N SER L 279 34.49 -118.64 -107.31
CA SER L 279 35.20 -119.63 -108.10
C SER L 279 34.89 -119.44 -109.57
N PRO L 280 35.89 -119.23 -110.43
CA PRO L 280 35.61 -118.98 -111.86
C PRO L 280 35.20 -120.22 -112.64
N VAL L 281 35.25 -121.41 -112.05
CA VAL L 281 34.87 -122.63 -112.75
C VAL L 281 33.46 -123.09 -112.43
N ASN L 282 32.91 -122.70 -111.28
CA ASN L 282 31.56 -123.07 -110.87
C ASN L 282 30.50 -122.13 -111.43
N ILE L 283 30.80 -121.41 -112.51
CA ILE L 283 29.95 -120.31 -112.94
C ILE L 283 28.78 -120.77 -113.81
N CYS L 284 28.70 -122.05 -114.14
CA CYS L 284 27.51 -122.59 -114.79
C CYS L 284 27.40 -124.09 -114.55
N THR L 285 27.71 -124.52 -113.34
CA THR L 285 27.68 -125.92 -112.96
C THR L 285 26.53 -126.20 -112.02
N PHE L 286 26.17 -127.48 -111.93
CA PHE L 286 25.17 -127.96 -110.98
C PHE L 286 25.69 -129.23 -110.32
N ARG L 287 25.40 -129.38 -109.04
CA ARG L 287 25.80 -130.57 -108.29
C ARG L 287 24.63 -131.03 -107.44
N GLY L 288 24.43 -132.35 -107.38
CA GLY L 288 23.38 -132.90 -106.56
C GLY L 288 23.09 -134.34 -106.90
N ASP L 289 21.94 -134.81 -106.44
CA ASP L 289 21.44 -136.15 -106.73
C ASP L 289 20.47 -136.09 -107.91
N VAL L 290 20.49 -137.12 -108.75
CA VAL L 290 19.74 -137.12 -110.00
C VAL L 290 18.83 -138.34 -110.04
N THR L 291 17.69 -138.18 -110.72
CA THR L 291 16.66 -139.20 -110.80
C THR L 291 16.09 -139.23 -112.21
N HIS L 292 15.86 -140.44 -112.73
CA HIS L 292 15.37 -140.60 -114.09
C HIS L 292 13.90 -140.20 -114.20
N ILE L 293 13.54 -139.63 -115.35
CA ILE L 293 12.16 -139.33 -115.70
C ILE L 293 11.68 -140.42 -116.65
N ALA L 294 10.72 -141.22 -116.20
CA ALA L 294 10.39 -142.49 -116.84
C ALA L 294 9.91 -142.29 -118.27
N GLY L 295 10.48 -143.07 -119.19
CA GLY L 295 10.06 -143.07 -120.58
C GLY L 295 10.74 -142.07 -121.48
N THR L 296 11.63 -141.23 -120.97
CA THR L 296 12.28 -140.21 -121.76
C THR L 296 13.80 -140.31 -121.62
N HIS L 297 14.50 -139.45 -122.33
CA HIS L 297 15.94 -139.24 -122.15
C HIS L 297 16.24 -138.11 -121.16
N ASP L 298 15.25 -137.73 -120.36
CA ASP L 298 15.39 -136.62 -119.42
C ASP L 298 15.67 -137.12 -118.01
N TYR L 299 16.43 -136.33 -117.25
CA TYR L 299 16.66 -136.54 -115.84
C TYR L 299 16.46 -135.25 -115.08
N THR L 300 15.95 -135.36 -113.85
CA THR L 300 15.78 -134.22 -112.96
C THR L 300 16.79 -134.32 -111.83
N MET L 301 17.50 -133.23 -111.54
CA MET L 301 18.52 -133.18 -110.51
C MET L 301 18.02 -132.37 -109.32
N ASN L 302 18.08 -132.97 -108.14
CA ASN L 302 17.85 -132.26 -106.89
C ASN L 302 19.16 -131.64 -106.44
N LEU L 303 19.20 -130.32 -106.35
CA LEU L 303 20.46 -129.59 -106.27
C LEU L 303 20.94 -129.54 -104.82
N ALA L 304 22.07 -130.19 -104.55
CA ALA L 304 22.85 -129.90 -103.35
C ALA L 304 23.53 -128.54 -103.50
N SER L 305 24.33 -128.18 -102.51
CA SER L 305 25.19 -127.01 -102.62
C SER L 305 26.43 -127.35 -103.45
N GLN L 306 27.15 -126.30 -103.86
CA GLN L 306 28.37 -126.51 -104.64
C GLN L 306 29.47 -127.16 -103.80
N ASN L 307 29.48 -126.91 -102.50
CA ASN L 307 30.39 -127.61 -101.58
C ASN L 307 29.77 -128.87 -101.00
N TRP L 308 28.66 -129.33 -101.58
CA TRP L 308 27.97 -130.57 -101.20
C TRP L 308 27.35 -130.50 -99.81
N ASN L 309 26.75 -129.36 -99.49
CA ASN L 309 26.03 -129.16 -98.24
C ASN L 309 24.54 -129.00 -98.53
N ASN L 310 23.73 -129.22 -97.49
CA ASN L 310 22.28 -129.03 -97.61
C ASN L 310 21.99 -127.65 -98.19
N TYR L 311 20.95 -127.58 -99.03
CA TYR L 311 20.55 -126.33 -99.65
C TYR L 311 19.40 -125.72 -98.86
N ASP L 312 19.50 -124.42 -98.58
CA ASP L 312 18.49 -123.71 -97.79
C ASP L 312 17.74 -122.74 -98.68
N PRO L 313 16.42 -122.90 -98.87
CA PRO L 313 15.67 -121.96 -99.71
C PRO L 313 15.41 -120.60 -99.06
N THR L 314 15.80 -120.39 -97.80
CA THR L 314 15.51 -119.14 -97.11
C THR L 314 16.56 -118.06 -97.37
N GLU L 315 17.67 -118.41 -98.03
CA GLU L 315 18.74 -117.44 -98.28
C GLU L 315 18.24 -116.31 -99.18
N GLU L 316 18.66 -115.08 -98.84
CA GLU L 316 18.23 -113.88 -99.56
C GLU L 316 18.97 -113.75 -100.88
N ILE L 317 18.82 -114.77 -101.73
CA ILE L 317 19.54 -114.85 -103.00
C ILE L 317 18.53 -115.19 -104.09
N PRO L 318 18.73 -114.77 -105.34
CA PRO L 318 17.80 -115.19 -106.40
C PRO L 318 17.83 -116.68 -106.68
N ALA L 319 18.99 -117.33 -106.54
CA ALA L 319 19.16 -118.75 -106.81
C ALA L 319 20.52 -119.20 -106.28
N PRO L 320 20.86 -120.48 -106.31
CA PRO L 320 22.20 -120.89 -105.88
C PRO L 320 23.28 -120.19 -106.71
N LEU L 321 24.38 -119.87 -106.04
CA LEU L 321 25.44 -119.08 -106.66
C LEU L 321 26.04 -119.83 -107.85
N GLY L 322 26.17 -119.14 -108.98
CA GLY L 322 26.61 -119.76 -110.20
C GLY L 322 25.51 -120.21 -111.12
N THR L 323 24.26 -119.92 -110.80
CA THR L 323 23.16 -120.24 -111.70
C THR L 323 23.24 -119.37 -112.94
N PRO L 324 23.07 -119.94 -114.14
CA PRO L 324 23.15 -119.12 -115.36
C PRO L 324 22.22 -117.92 -115.32
N ASP L 325 22.67 -116.83 -115.93
CA ASP L 325 21.99 -115.55 -115.89
C ASP L 325 21.53 -115.10 -117.27
N PHE L 326 21.27 -116.07 -118.15
CA PHE L 326 20.77 -115.76 -119.49
C PHE L 326 19.82 -116.87 -119.93
N VAL L 327 19.05 -116.56 -120.97
CA VAL L 327 18.09 -117.51 -121.54
C VAL L 327 18.75 -118.24 -122.71
N GLY L 328 18.80 -119.56 -122.62
CA GLY L 328 19.45 -120.35 -123.64
C GLY L 328 19.55 -121.80 -123.21
N LYS L 329 20.13 -122.60 -124.11
CA LYS L 329 20.37 -124.01 -123.88
C LYS L 329 21.88 -124.26 -123.76
N ILE L 330 22.32 -124.69 -122.58
CA ILE L 330 23.73 -124.93 -122.31
C ILE L 330 24.00 -126.42 -122.37
N GLN L 331 24.89 -126.83 -123.27
CA GLN L 331 25.27 -128.23 -123.43
C GLN L 331 26.56 -128.51 -122.66
N GLY L 332 26.61 -129.67 -122.01
CA GLY L 332 27.80 -130.09 -121.29
C GLY L 332 27.92 -131.59 -121.13
N VAL L 333 28.36 -132.03 -119.95
CA VAL L 333 28.58 -133.44 -119.66
C VAL L 333 28.23 -133.69 -118.19
N LEU L 334 27.38 -134.68 -117.95
CA LEU L 334 27.07 -135.13 -116.59
C LEU L 334 28.10 -136.15 -116.14
N THR L 335 28.59 -135.99 -114.92
CA THR L 335 29.65 -136.83 -114.37
C THR L 335 29.18 -137.43 -113.06
N GLN L 336 29.52 -138.70 -112.82
CA GLN L 336 29.00 -139.43 -111.67
C GLN L 336 30.04 -140.43 -111.19
N THR L 337 30.04 -140.68 -109.88
CA THR L 337 30.98 -141.63 -109.29
C THR L 337 30.27 -142.48 -108.24
N THR L 338 30.44 -143.79 -108.34
CA THR L 338 29.86 -144.73 -107.39
C THR L 338 30.79 -144.88 -106.19
N ARG L 339 30.27 -144.63 -104.99
CA ARG L 339 31.11 -144.61 -103.79
C ARG L 339 31.70 -145.99 -103.48
N GLY L 340 30.92 -147.06 -103.68
CA GLY L 340 31.37 -148.37 -103.26
C GLY L 340 32.57 -148.91 -104.03
N ASP L 341 32.50 -148.84 -105.37
CA ASP L 341 33.57 -149.40 -106.20
C ASP L 341 34.39 -148.35 -106.96
N GLY L 342 33.89 -147.12 -107.06
CA GLY L 342 34.55 -146.12 -107.89
C GLY L 342 34.19 -146.16 -109.36
N SER L 343 33.07 -146.77 -109.71
CA SER L 343 32.59 -146.73 -111.09
C SER L 343 32.20 -145.30 -111.46
N THR L 344 32.45 -144.95 -112.73
CA THR L 344 32.19 -143.60 -113.20
C THR L 344 31.49 -143.63 -114.55
N ARG L 345 30.52 -142.73 -114.73
CA ARG L 345 29.72 -142.64 -115.93
C ARG L 345 29.61 -141.18 -116.37
N GLY L 346 29.68 -140.96 -117.69
CA GLY L 346 29.60 -139.62 -118.23
C GLY L 346 28.85 -139.50 -119.55
N HIS L 347 27.83 -138.64 -119.59
CA HIS L 347 26.92 -138.58 -120.72
C HIS L 347 26.61 -137.14 -121.09
N LYS L 348 26.67 -136.85 -122.39
CA LYS L 348 26.24 -135.59 -122.98
C LYS L 348 24.91 -135.14 -122.40
N ALA L 349 24.80 -133.85 -122.09
CA ALA L 349 23.62 -133.31 -121.45
C ALA L 349 23.39 -131.87 -121.89
N THR L 350 22.15 -131.40 -121.69
CA THR L 350 21.74 -130.08 -122.13
C THR L 350 20.69 -129.52 -121.16
N VAL L 351 20.85 -128.27 -120.76
CA VAL L 351 19.88 -127.57 -119.93
C VAL L 351 19.29 -126.41 -120.71
N SER L 352 17.97 -126.27 -120.67
CA SER L 352 17.29 -125.12 -121.25
C SER L 352 16.86 -124.22 -120.10
N THR L 353 17.39 -123.00 -120.07
CA THR L 353 17.02 -122.01 -119.07
C THR L 353 15.70 -121.30 -119.37
N GLY L 354 15.02 -121.66 -120.45
CA GLY L 354 13.71 -121.10 -120.74
C GLY L 354 12.61 -122.08 -120.41
N SER L 355 13.00 -123.30 -120.10
CA SER L 355 12.06 -124.34 -119.71
C SER L 355 11.33 -123.98 -118.42
N VAL L 356 10.07 -124.39 -118.35
CA VAL L 356 9.29 -124.21 -117.13
C VAL L 356 9.83 -125.09 -116.01
N HIS L 357 10.66 -126.08 -116.34
CA HIS L 357 11.25 -127.00 -115.38
C HIS L 357 12.62 -126.54 -114.91
N PHE L 358 13.06 -125.36 -115.36
CA PHE L 358 14.28 -124.71 -114.89
C PHE L 358 13.90 -123.91 -113.65
N THR L 359 14.01 -124.56 -112.49
CA THR L 359 13.63 -123.98 -111.20
C THR L 359 14.74 -124.17 -110.18
N PRO L 360 15.89 -123.51 -110.36
CA PRO L 360 17.00 -123.74 -109.44
C PRO L 360 16.76 -123.16 -108.05
N LYS L 361 15.97 -122.08 -107.96
CA LYS L 361 15.63 -121.55 -106.64
C LYS L 361 14.89 -122.57 -105.80
N LEU L 362 14.07 -123.42 -106.44
CA LEU L 362 13.33 -124.45 -105.74
C LEU L 362 14.12 -125.73 -105.58
N GLY L 363 15.14 -125.96 -106.39
CA GLY L 363 16.05 -127.06 -106.15
C GLY L 363 16.12 -128.12 -107.23
N SER L 364 15.44 -127.92 -108.36
CA SER L 364 15.39 -128.95 -109.39
C SER L 364 15.62 -128.35 -110.76
N VAL L 365 16.42 -129.07 -111.58
CA VAL L 365 16.68 -128.72 -112.97
C VAL L 365 16.64 -130.00 -113.78
N GLN L 366 16.34 -129.86 -115.08
CA GLN L 366 16.21 -130.99 -115.99
C GLN L 366 17.27 -130.92 -117.09
N PHE L 367 17.93 -132.04 -117.32
CA PHE L 367 18.88 -132.22 -118.40
C PHE L 367 18.29 -133.17 -119.44
N THR L 368 18.66 -132.95 -120.70
CA THR L 368 18.34 -133.88 -121.79
C THR L 368 19.63 -134.55 -122.22
N THR L 369 19.66 -135.87 -122.12
CA THR L 369 20.89 -136.64 -122.27
C THR L 369 20.85 -137.47 -123.55
N ASP L 370 21.92 -138.22 -123.79
CA ASP L 370 21.98 -139.17 -124.89
C ASP L 370 21.80 -140.60 -124.41
N THR L 371 21.26 -140.80 -123.20
CA THR L 371 20.86 -142.11 -122.72
C THR L 371 19.62 -141.98 -121.86
N ASN L 372 18.80 -143.03 -121.87
CA ASN L 372 17.65 -143.19 -120.99
C ASN L 372 17.92 -144.27 -119.95
N ASN L 373 19.18 -144.62 -119.73
CA ASN L 373 19.58 -145.82 -119.03
C ASN L 373 20.59 -145.60 -117.90
N ASP L 374 21.76 -145.06 -118.24
CA ASP L 374 22.98 -145.19 -117.44
C ASP L 374 23.24 -144.06 -116.45
N LEU L 375 22.26 -143.60 -115.69
CA LEU L 375 22.54 -142.68 -114.58
C LEU L 375 21.76 -143.12 -113.35
N GLU L 376 22.47 -143.75 -112.41
CA GLU L 376 21.84 -144.33 -111.21
C GLU L 376 21.52 -143.26 -110.18
N THR L 377 20.59 -143.58 -109.29
CA THR L 377 20.13 -142.65 -108.27
C THR L 377 20.92 -142.83 -106.97
N GLY L 378 20.92 -141.78 -106.15
CA GLY L 378 21.68 -141.71 -104.91
C GLY L 378 23.12 -141.27 -105.03
N GLN L 379 23.63 -141.08 -106.24
CA GLN L 379 25.02 -140.69 -106.44
C GLN L 379 25.14 -139.21 -106.75
N ASN L 380 26.26 -138.62 -106.34
CA ASN L 380 26.52 -137.22 -106.61
C ASN L 380 26.87 -137.01 -108.09
N THR L 381 26.31 -135.97 -108.68
CA THR L 381 26.45 -135.72 -110.11
C THR L 381 26.80 -134.27 -110.38
N LYS L 382 27.72 -134.05 -111.31
CA LYS L 382 28.25 -132.73 -111.63
C LYS L 382 28.02 -132.43 -113.11
N PHE L 383 27.44 -131.27 -113.39
CA PHE L 383 27.33 -130.79 -114.77
C PHE L 383 28.48 -129.85 -115.08
N THR L 384 29.34 -130.25 -116.02
CA THR L 384 30.42 -129.40 -116.49
C THR L 384 29.97 -128.73 -117.79
N PRO L 385 29.79 -127.42 -117.82
CA PRO L 385 29.32 -126.77 -119.04
C PRO L 385 30.43 -126.69 -120.08
N VAL L 386 30.02 -126.60 -121.34
CA VAL L 386 30.98 -126.55 -122.45
C VAL L 386 30.62 -125.44 -123.41
N GLY L 387 29.33 -125.32 -123.73
CA GLY L 387 28.91 -124.33 -124.70
C GLY L 387 27.41 -124.20 -124.75
N VAL L 388 26.95 -123.41 -125.72
CA VAL L 388 25.54 -123.15 -125.93
C VAL L 388 25.12 -123.77 -127.26
N VAL L 389 23.83 -124.08 -127.36
CA VAL L 389 23.26 -124.76 -128.52
C VAL L 389 22.01 -124.00 -128.95
N GLN L 390 21.59 -124.25 -130.18
CA GLN L 390 20.49 -123.51 -130.80
C GLN L 390 19.59 -124.46 -131.55
N ASP L 391 18.27 -124.33 -131.34
CA ASP L 391 17.30 -125.13 -132.06
C ASP L 391 17.11 -124.62 -133.48
N GLY L 392 16.87 -125.56 -134.40
CA GLY L 392 16.84 -125.23 -135.82
C GLY L 392 15.61 -124.43 -136.24
N ASN L 393 14.56 -124.41 -135.42
CA ASN L 393 13.33 -123.70 -135.76
C ASN L 393 13.37 -122.21 -135.45
N SER L 394 14.32 -121.74 -134.65
CA SER L 394 14.40 -120.32 -134.37
C SER L 394 15.30 -119.60 -135.39
N ALA L 395 15.25 -118.26 -135.33
CA ALA L 395 16.02 -117.42 -136.23
C ALA L 395 17.52 -117.59 -135.98
N HIS L 396 18.31 -117.04 -136.90
CA HIS L 396 19.76 -117.07 -136.75
C HIS L 396 20.16 -116.22 -135.56
N GLN L 397 20.95 -116.80 -134.65
CA GLN L 397 21.49 -116.06 -133.49
C GLN L 397 20.37 -115.56 -132.58
N ASN L 398 19.37 -116.40 -132.31
CA ASN L 398 18.23 -115.97 -131.52
C ASN L 398 17.96 -116.80 -130.27
N GLU L 399 18.61 -117.94 -130.09
CA GLU L 399 18.22 -118.79 -128.97
C GLU L 399 18.89 -118.34 -127.68
N PRO L 400 20.23 -118.17 -127.62
CA PRO L 400 20.83 -117.66 -126.37
C PRO L 400 20.75 -116.15 -126.26
N GLN L 401 19.76 -115.66 -125.51
CA GLN L 401 19.55 -114.23 -125.28
C GLN L 401 20.21 -113.85 -123.97
N GLN L 402 21.40 -113.25 -124.05
CA GLN L 402 22.20 -113.05 -122.84
C GLN L 402 21.55 -112.07 -121.87
N TRP L 403 20.78 -111.13 -122.40
CA TRP L 403 20.21 -110.05 -121.60
C TRP L 403 18.77 -110.30 -121.17
N VAL L 404 18.31 -111.55 -121.26
CA VAL L 404 16.98 -111.94 -120.79
C VAL L 404 17.19 -112.84 -119.58
N LEU L 405 16.65 -112.44 -118.44
CA LEU L 405 16.84 -113.24 -117.25
C LEU L 405 15.90 -114.45 -117.27
N PRO L 406 16.38 -115.62 -116.86
CA PRO L 406 15.47 -116.75 -116.59
C PRO L 406 14.56 -116.46 -115.40
N ASN L 407 13.53 -117.29 -115.28
CA ASN L 407 12.60 -117.22 -114.16
C ASN L 407 13.08 -118.24 -113.12
N TYR L 408 13.79 -117.76 -112.11
CA TYR L 408 14.54 -118.63 -111.23
C TYR L 408 13.64 -119.57 -110.41
N SER L 409 12.37 -119.23 -110.23
CA SER L 409 11.42 -120.12 -109.56
C SER L 409 10.37 -120.70 -110.49
N GLY L 410 10.67 -120.76 -111.80
CA GLY L 410 9.73 -121.23 -112.80
C GLY L 410 8.38 -120.56 -112.73
N ARG L 411 7.35 -121.34 -113.05
CA ARG L 411 5.98 -120.86 -113.12
C ARG L 411 5.42 -120.41 -111.77
N THR L 412 5.95 -120.91 -110.65
CA THR L 412 5.30 -120.69 -109.37
C THR L 412 5.53 -119.30 -108.80
N GLY L 413 6.58 -118.60 -109.21
CA GLY L 413 6.80 -117.26 -108.70
C GLY L 413 7.48 -116.31 -109.68
N HIS L 414 7.91 -115.16 -109.16
CA HIS L 414 8.66 -114.16 -109.90
C HIS L 414 10.07 -114.06 -109.33
N ASN L 415 10.96 -113.42 -110.09
CA ASN L 415 12.33 -113.27 -109.63
C ASN L 415 12.41 -112.36 -108.41
N VAL L 416 13.31 -112.71 -107.48
CA VAL L 416 13.44 -112.00 -106.21
C VAL L 416 14.91 -111.66 -105.98
N HIS L 417 15.15 -110.67 -105.12
CA HIS L 417 16.49 -110.27 -104.66
C HIS L 417 17.48 -110.10 -105.81
N LEU L 418 17.03 -109.49 -106.90
CA LEU L 418 17.91 -109.36 -108.06
C LEU L 418 18.88 -108.20 -107.89
N ALA L 419 20.05 -108.33 -108.49
CA ALA L 419 20.95 -107.20 -108.62
C ALA L 419 20.35 -106.16 -109.56
N PRO L 420 20.55 -104.87 -109.28
CA PRO L 420 19.86 -103.85 -110.08
C PRO L 420 20.30 -103.88 -111.54
N ALA L 421 19.41 -103.41 -112.42
CA ALA L 421 19.76 -103.25 -113.81
C ALA L 421 20.67 -102.05 -113.99
N VAL L 422 21.31 -101.98 -115.16
CA VAL L 422 22.43 -101.08 -115.39
C VAL L 422 22.24 -100.41 -116.74
N ALA L 423 22.35 -99.09 -116.77
CA ALA L 423 22.28 -98.34 -118.01
C ALA L 423 23.04 -97.04 -117.82
N PRO L 424 23.69 -96.52 -118.87
CA PRO L 424 24.34 -95.22 -118.74
C PRO L 424 23.33 -94.11 -118.49
N THR L 425 23.73 -93.15 -117.67
CA THR L 425 22.87 -92.03 -117.29
C THR L 425 23.35 -90.70 -117.81
N PHE L 426 24.61 -90.59 -118.23
CA PHE L 426 25.25 -89.34 -118.60
C PHE L 426 25.29 -89.26 -120.12
N PRO L 427 24.94 -88.12 -120.72
CA PRO L 427 24.94 -88.01 -122.19
C PRO L 427 26.29 -88.29 -122.82
N GLY L 428 26.27 -89.11 -123.87
CA GLY L 428 27.45 -89.47 -124.62
C GLY L 428 28.12 -90.74 -124.15
N GLU L 429 27.58 -91.40 -123.12
CA GLU L 429 28.19 -92.56 -122.50
C GLU L 429 27.40 -93.81 -122.79
N GLN L 430 28.11 -94.92 -123.01
CA GLN L 430 27.51 -96.23 -123.15
C GLN L 430 28.25 -97.20 -122.23
N LEU L 431 27.60 -98.30 -121.90
CA LEU L 431 28.25 -99.33 -121.12
C LEU L 431 29.50 -99.84 -121.84
N LEU L 432 30.49 -100.26 -121.05
CA LEU L 432 31.66 -100.95 -121.55
C LEU L 432 31.60 -102.39 -121.09
N PHE L 433 31.60 -103.32 -122.05
CA PHE L 433 31.41 -104.73 -121.79
C PHE L 433 32.72 -105.48 -121.96
N PHE L 434 32.90 -106.50 -121.13
CA PHE L 434 34.00 -107.45 -121.29
C PHE L 434 33.41 -108.65 -122.04
N ARG L 435 33.83 -108.83 -123.29
CA ARG L 435 33.16 -109.74 -124.21
C ARG L 435 33.99 -110.99 -124.45
N SER L 436 33.33 -112.14 -124.33
CA SER L 436 33.88 -113.44 -124.67
C SER L 436 32.97 -114.08 -125.71
N THR L 437 33.50 -115.06 -126.42
CA THR L 437 32.76 -115.76 -127.46
C THR L 437 32.50 -117.20 -126.99
N MET L 438 31.24 -117.52 -126.73
CA MET L 438 30.92 -118.81 -126.15
C MET L 438 31.12 -119.92 -127.18
N PRO L 439 31.59 -121.09 -126.75
CA PRO L 439 31.59 -122.25 -127.66
C PRO L 439 30.18 -122.62 -128.08
N GLY L 440 30.01 -122.84 -129.39
CA GLY L 440 28.79 -123.41 -129.92
C GLY L 440 28.94 -124.91 -130.09
N CYS L 441 27.87 -125.64 -129.73
CA CYS L 441 27.88 -127.10 -129.81
C CYS L 441 27.00 -127.65 -130.92
N SER L 442 26.04 -126.87 -131.41
CA SER L 442 25.07 -127.29 -132.43
C SER L 442 24.17 -126.12 -132.77
N GLY L 443 23.83 -125.99 -134.05
CA GLY L 443 23.00 -124.89 -134.49
C GLY L 443 23.86 -123.69 -134.84
N TYR L 444 23.21 -122.52 -134.88
CA TYR L 444 23.89 -121.26 -135.22
C TYR L 444 23.52 -120.22 -134.17
N PRO L 445 24.00 -120.39 -132.94
CA PRO L 445 23.50 -119.60 -131.82
C PRO L 445 24.22 -118.26 -131.66
N ASN L 446 23.65 -117.41 -130.83
CA ASN L 446 24.24 -116.13 -130.46
C ASN L 446 25.43 -116.41 -129.55
N MET L 447 26.64 -116.29 -130.07
CA MET L 447 27.84 -116.65 -129.34
C MET L 447 28.51 -115.49 -128.61
N ASN L 448 27.93 -114.29 -128.67
CA ASN L 448 28.45 -113.18 -127.89
C ASN L 448 28.03 -113.30 -126.44
N LEU L 449 29.00 -113.14 -125.52
CA LEU L 449 28.73 -113.08 -124.09
C LEU L 449 29.43 -111.87 -123.49
N ASP L 450 28.65 -110.93 -122.97
CA ASP L 450 29.18 -109.74 -122.32
C ASP L 450 28.92 -109.84 -120.83
N CYS L 451 29.94 -109.52 -120.02
CA CYS L 451 29.80 -109.40 -118.58
C CYS L 451 30.23 -108.01 -118.14
N LEU L 452 29.74 -107.60 -116.96
CA LEU L 452 30.02 -106.25 -116.48
C LEU L 452 31.40 -106.15 -115.86
N LEU L 453 31.87 -107.21 -115.18
CA LEU L 453 33.17 -107.22 -114.53
C LEU L 453 33.83 -108.57 -114.74
N PRO L 454 35.11 -108.60 -115.09
CA PRO L 454 35.84 -109.87 -115.13
C PRO L 454 35.81 -110.57 -113.79
N GLN L 455 35.86 -111.91 -113.83
CA GLN L 455 35.85 -112.66 -112.59
C GLN L 455 37.06 -112.32 -111.73
N GLU L 456 38.20 -112.07 -112.36
CA GLU L 456 39.39 -111.66 -111.62
C GLU L 456 39.20 -110.31 -110.93
N TRP L 457 38.41 -109.41 -111.55
CA TRP L 457 38.09 -108.16 -110.87
C TRP L 457 37.18 -108.42 -109.67
N VAL L 458 36.23 -109.34 -109.80
CA VAL L 458 35.36 -109.68 -108.68
C VAL L 458 36.18 -110.20 -107.52
N LEU L 459 37.08 -111.16 -107.81
CA LEU L 459 37.98 -111.68 -106.79
C LEU L 459 38.78 -110.55 -106.14
N HIS L 460 39.32 -109.64 -106.96
CA HIS L 460 40.16 -108.57 -106.45
C HIS L 460 39.38 -107.65 -105.52
N PHE L 461 38.23 -107.16 -105.96
CA PHE L 461 37.42 -106.28 -105.12
C PHE L 461 37.01 -106.99 -103.84
N TYR L 462 36.70 -108.28 -103.93
CA TYR L 462 36.25 -109.01 -102.75
C TYR L 462 37.34 -109.08 -101.70
N GLN L 463 38.57 -109.42 -102.11
CA GLN L 463 39.64 -109.62 -101.13
C GLN L 463 40.15 -108.30 -100.59
N GLU L 464 40.49 -107.37 -101.48
CA GLU L 464 41.00 -106.07 -101.08
C GLU L 464 39.79 -105.15 -100.96
N ALA L 465 39.28 -104.99 -99.74
CA ALA L 465 37.98 -104.34 -99.52
C ALA L 465 38.15 -102.83 -99.42
N ALA L 466 38.62 -102.24 -100.51
CA ALA L 466 38.96 -100.83 -100.54
C ALA L 466 37.69 -99.98 -100.52
N PRO L 467 37.53 -99.07 -99.55
CA PRO L 467 36.36 -98.20 -99.53
C PRO L 467 36.32 -97.29 -100.74
N ALA L 468 35.12 -97.10 -101.29
CA ALA L 468 34.93 -96.17 -102.39
C ALA L 468 34.88 -94.75 -101.84
N GLN L 469 35.74 -93.88 -102.35
CA GLN L 469 35.78 -92.50 -101.92
C GLN L 469 34.76 -91.63 -102.63
N SER L 470 34.18 -92.11 -103.72
CA SER L 470 33.09 -91.42 -104.40
C SER L 470 32.36 -92.46 -105.24
N ASP L 471 31.38 -92.00 -106.01
CA ASP L 471 30.52 -92.93 -106.74
C ASP L 471 31.18 -93.44 -108.03
N VAL L 472 32.29 -92.83 -108.46
CA VAL L 472 32.90 -93.16 -109.74
C VAL L 472 34.41 -93.27 -109.56
N ALA L 473 34.99 -94.37 -110.02
CA ALA L 473 36.43 -94.54 -110.06
C ALA L 473 36.91 -94.33 -111.49
N LEU L 474 37.74 -93.30 -111.69
CA LEU L 474 38.29 -93.04 -113.02
C LEU L 474 39.43 -94.01 -113.30
N LEU L 475 39.31 -94.77 -114.39
CA LEU L 475 40.34 -95.71 -114.83
C LEU L 475 40.97 -95.20 -116.12
N ARG L 476 42.28 -95.45 -116.27
CA ARG L 476 42.98 -95.14 -117.51
C ARG L 476 43.51 -96.43 -118.12
N PHE L 477 43.33 -96.59 -119.42
CA PHE L 477 43.80 -97.76 -120.14
C PHE L 477 45.12 -97.41 -120.83
N VAL L 478 46.18 -98.15 -120.52
CA VAL L 478 47.53 -97.78 -120.89
C VAL L 478 48.12 -98.87 -121.77
N ASN L 479 48.81 -98.46 -122.83
CA ASN L 479 49.63 -99.38 -123.60
C ASN L 479 51.07 -99.32 -123.08
N PRO L 480 51.57 -100.37 -122.43
CA PRO L 480 52.91 -100.28 -121.83
C PRO L 480 54.03 -100.21 -122.85
N ASP L 481 53.79 -100.67 -124.08
CA ASP L 481 54.83 -100.60 -125.11
C ASP L 481 55.16 -99.16 -125.45
N THR L 482 54.16 -98.35 -125.78
CA THR L 482 54.37 -96.97 -126.18
C THR L 482 54.27 -95.99 -125.01
N GLY L 483 53.73 -96.42 -123.88
CA GLY L 483 53.50 -95.58 -122.72
C GLY L 483 52.32 -94.65 -122.79
N ARG L 484 51.59 -94.62 -123.90
CA ARG L 484 50.51 -93.65 -124.07
C ARG L 484 49.20 -94.20 -123.57
N VAL L 485 48.36 -93.31 -123.04
CA VAL L 485 47.01 -93.68 -122.61
C VAL L 485 46.08 -93.64 -123.82
N LEU L 486 45.33 -94.73 -124.01
CA LEU L 486 44.46 -94.85 -125.17
C LEU L 486 43.05 -94.33 -124.90
N PHE L 487 42.49 -94.64 -123.73
CA PHE L 487 41.22 -94.07 -123.33
C PHE L 487 41.13 -94.13 -121.82
N GLU L 488 40.15 -93.40 -121.28
CA GLU L 488 39.79 -93.48 -119.88
C GLU L 488 38.32 -93.89 -119.77
N CYS L 489 37.97 -94.46 -118.63
CA CYS L 489 36.61 -94.94 -118.41
C CYS L 489 36.24 -94.74 -116.95
N LYS L 490 34.95 -94.86 -116.68
CA LYS L 490 34.40 -94.67 -115.34
C LYS L 490 33.94 -96.01 -114.81
N LEU L 491 34.58 -96.46 -113.72
CA LEU L 491 34.14 -97.65 -113.00
C LEU L 491 33.22 -97.21 -111.87
N HIS L 492 31.95 -97.55 -111.97
CA HIS L 492 30.97 -97.10 -111.01
C HIS L 492 31.05 -97.96 -109.75
N LYS L 493 30.76 -97.32 -108.61
CA LYS L 493 30.83 -98.03 -107.33
C LYS L 493 29.98 -99.29 -107.36
N SER L 494 28.83 -99.24 -108.05
CA SER L 494 27.92 -100.37 -108.12
C SER L 494 28.52 -101.57 -108.84
N GLY L 495 29.71 -101.44 -109.41
CA GLY L 495 30.34 -102.50 -110.17
C GLY L 495 29.97 -102.62 -111.63
N TYR L 496 30.14 -101.54 -112.39
CA TYR L 496 30.00 -101.58 -113.84
C TYR L 496 30.81 -100.44 -114.44
N VAL L 497 31.10 -100.55 -115.74
CA VAL L 497 31.94 -99.59 -116.43
C VAL L 497 31.15 -98.90 -117.53
N THR L 498 31.50 -97.63 -117.79
CA THR L 498 30.94 -96.83 -118.87
C THR L 498 32.08 -96.09 -119.55
N VAL L 499 31.89 -95.79 -120.85
CA VAL L 499 32.87 -95.06 -121.65
C VAL L 499 32.15 -94.05 -122.53
N ALA L 500 32.93 -93.13 -123.08
CA ALA L 500 32.42 -92.08 -123.96
C ALA L 500 32.56 -92.53 -125.40
N HIS L 501 31.48 -93.05 -125.98
CA HIS L 501 31.48 -93.50 -127.37
C HIS L 501 30.03 -93.65 -127.81
N THR L 502 29.80 -93.54 -129.12
CA THR L 502 28.46 -93.64 -129.67
C THR L 502 28.48 -94.61 -130.84
N GLY L 503 27.58 -95.59 -130.81
CA GLY L 503 27.52 -96.61 -131.83
C GLY L 503 28.24 -97.85 -131.36
N PRO L 504 27.91 -99.01 -131.94
CA PRO L 504 28.63 -100.22 -131.56
C PRO L 504 30.05 -100.17 -132.10
N HIS L 505 30.97 -100.76 -131.35
CA HIS L 505 32.38 -100.71 -131.70
C HIS L 505 33.19 -101.72 -130.90
N ASP L 506 33.85 -102.66 -131.57
CA ASP L 506 34.84 -103.49 -130.90
C ASP L 506 36.12 -102.68 -130.77
N LEU L 507 36.69 -102.64 -129.57
CA LEU L 507 37.80 -101.75 -129.29
C LEU L 507 39.09 -102.29 -129.90
N VAL L 508 39.91 -101.36 -130.39
CA VAL L 508 41.20 -101.69 -130.98
C VAL L 508 42.25 -101.54 -129.89
N ILE L 509 42.67 -102.66 -129.33
CA ILE L 509 43.42 -102.70 -128.08
C ILE L 509 44.72 -103.44 -128.33
N PRO L 510 45.87 -102.92 -127.89
CA PRO L 510 47.10 -103.70 -127.88
C PRO L 510 46.95 -104.92 -127.00
N PRO L 511 47.46 -106.08 -127.42
CA PRO L 511 47.19 -107.32 -126.68
C PRO L 511 47.69 -107.29 -125.24
N ASN L 512 48.67 -106.46 -124.90
CA ASN L 512 49.23 -106.40 -123.56
C ASN L 512 48.72 -105.21 -122.75
N GLY L 513 47.69 -104.53 -123.22
CA GLY L 513 47.18 -103.37 -122.50
C GLY L 513 46.41 -103.76 -121.25
N TYR L 514 46.51 -102.88 -120.24
CA TYR L 514 45.98 -103.13 -118.90
C TYR L 514 45.22 -101.90 -118.40
N PHE L 515 44.37 -102.14 -117.40
CA PHE L 515 43.63 -101.07 -116.73
C PHE L 515 44.39 -100.56 -115.51
N ARG L 516 44.46 -99.23 -115.38
CA ARG L 516 45.15 -98.59 -114.26
C ARG L 516 44.19 -97.62 -113.59
N PHE L 517 44.07 -97.73 -112.27
CA PHE L 517 43.21 -96.83 -111.52
C PHE L 517 43.90 -95.49 -111.34
N ASP L 518 43.17 -94.41 -111.60
CA ASP L 518 43.76 -93.07 -111.55
C ASP L 518 43.26 -92.23 -110.39
N SER L 519 41.96 -92.24 -110.10
CA SER L 519 41.42 -91.39 -109.04
C SER L 519 39.93 -91.61 -108.82
N TRP L 520 39.47 -91.37 -107.59
CA TRP L 520 38.05 -91.17 -107.39
C TRP L 520 37.69 -89.76 -107.83
N VAL L 521 36.53 -89.63 -108.49
CA VAL L 521 36.10 -88.33 -108.99
C VAL L 521 34.62 -88.14 -108.69
N ASN L 522 34.18 -86.88 -108.80
CA ASN L 522 32.78 -86.55 -108.59
C ASN L 522 31.99 -86.94 -109.84
N GLN L 523 30.69 -87.17 -109.67
CA GLN L 523 29.94 -87.73 -110.78
C GLN L 523 29.82 -86.76 -111.94
N PHE L 524 30.26 -85.51 -111.76
CA PHE L 524 30.21 -84.50 -112.81
C PHE L 524 31.41 -84.59 -113.76
N TYR L 525 32.32 -85.52 -113.52
CA TYR L 525 33.46 -85.70 -114.41
C TYR L 525 32.98 -86.16 -115.78
N THR L 526 33.40 -85.45 -116.82
CA THR L 526 33.07 -85.80 -118.19
C THR L 526 34.34 -86.22 -118.92
N LEU L 527 34.35 -87.45 -119.42
CA LEU L 527 35.53 -88.02 -120.05
C LEU L 527 35.47 -87.81 -121.57
N ALA L 528 36.64 -87.60 -122.15
CA ALA L 528 36.73 -87.41 -123.61
C ALA L 528 36.52 -88.75 -124.32
N PRO L 529 35.84 -88.74 -125.48
CA PRO L 529 35.63 -89.98 -126.26
C PRO L 529 36.92 -90.51 -126.88
N MET M 27 12.13 -72.83 -37.50
CA MET M 27 12.06 -71.83 -36.44
C MET M 27 11.76 -72.48 -35.09
N ALA M 28 11.01 -73.58 -35.12
CA ALA M 28 10.73 -74.37 -33.92
C ALA M 28 11.81 -75.39 -33.60
N LEU M 29 12.76 -75.62 -34.50
CA LEU M 29 13.90 -76.49 -34.24
C LEU M 29 15.22 -75.75 -34.48
N GLU M 30 16.21 -76.03 -33.64
CA GLU M 30 17.57 -75.56 -33.88
C GLU M 30 18.26 -76.38 -34.95
N PRO M 31 19.36 -75.88 -35.50
CA PRO M 31 20.19 -76.70 -36.38
C PRO M 31 20.75 -77.89 -35.61
N VAL M 32 20.96 -78.99 -36.34
CA VAL M 32 21.40 -80.25 -35.76
C VAL M 32 22.53 -80.78 -36.63
N VAL M 33 23.68 -81.07 -36.01
CA VAL M 33 24.85 -81.46 -36.76
C VAL M 33 24.64 -82.83 -37.38
N GLY M 34 25.18 -83.03 -38.59
CA GLY M 34 25.10 -84.30 -39.24
C GLY M 34 26.29 -85.19 -38.91
N ALA M 35 26.97 -85.71 -39.93
CA ALA M 35 28.03 -86.68 -39.70
C ALA M 35 29.32 -86.05 -39.24
N ALA M 36 29.44 -84.72 -39.28
CA ALA M 36 30.69 -84.06 -38.91
C ALA M 36 31.12 -84.42 -37.49
N ILE M 37 30.17 -84.46 -36.56
CA ILE M 37 30.48 -84.77 -35.17
C ILE M 37 31.05 -86.19 -35.03
N ALA M 38 30.80 -87.06 -36.00
CA ALA M 38 31.17 -88.47 -35.87
C ALA M 38 32.62 -88.75 -36.27
N ALA M 39 33.34 -87.74 -36.76
CA ALA M 39 34.65 -87.95 -37.35
C ALA M 39 35.64 -88.69 -36.45
N PRO M 40 35.78 -88.37 -35.16
CA PRO M 40 36.75 -89.11 -34.33
C PRO M 40 36.43 -90.59 -34.13
N VAL M 41 35.18 -91.01 -34.35
CA VAL M 41 34.80 -92.40 -34.13
C VAL M 41 34.34 -93.10 -35.40
N ALA M 42 34.30 -92.40 -36.54
CA ALA M 42 33.61 -92.93 -37.72
C ALA M 42 34.42 -93.99 -38.46
N GLY M 43 35.73 -93.78 -38.63
CA GLY M 43 36.58 -94.67 -39.38
C GLY M 43 36.99 -94.12 -40.74
N GLN M 44 36.14 -93.29 -41.35
CA GLN M 44 36.42 -92.71 -42.65
C GLN M 44 35.72 -91.36 -42.77
N GLN M 45 36.17 -90.59 -43.75
CA GLN M 45 35.59 -89.29 -44.09
C GLN M 45 35.05 -89.42 -45.51
N ASN M 46 33.75 -89.20 -45.67
CA ASN M 46 33.14 -89.35 -46.99
C ASN M 46 32.45 -88.07 -47.44
N VAL M 47 32.08 -88.08 -48.72
CA VAL M 47 31.48 -86.94 -49.39
C VAL M 47 30.34 -87.46 -50.26
N ILE M 48 29.22 -86.74 -50.26
CA ILE M 48 28.06 -87.05 -51.09
C ILE M 48 28.06 -86.07 -52.26
N ASP M 49 27.65 -86.54 -53.43
CA ASP M 49 27.55 -85.65 -54.57
C ASP M 49 26.67 -84.45 -54.19
N PRO M 50 27.21 -83.24 -54.18
CA PRO M 50 26.41 -82.09 -53.71
C PRO M 50 25.16 -81.83 -54.53
N TRP M 51 25.14 -82.22 -55.80
CA TRP M 51 23.95 -82.02 -56.60
C TRP M 51 22.73 -82.74 -56.05
N ILE M 52 22.94 -83.90 -55.39
CA ILE M 52 21.82 -84.65 -54.84
C ILE M 52 20.96 -83.80 -53.91
N ARG M 53 21.57 -82.85 -53.19
CA ARG M 53 20.81 -81.99 -52.30
C ARG M 53 20.28 -80.74 -53.00
N ASN M 54 20.38 -80.65 -54.33
CA ASN M 54 19.91 -79.48 -55.06
C ASN M 54 18.58 -79.73 -55.76
N ASN M 55 17.94 -80.88 -55.51
CA ASN M 55 16.74 -81.26 -56.26
C ASN M 55 15.81 -82.03 -55.34
N PHE M 56 14.58 -81.53 -55.15
CA PHE M 56 13.59 -82.29 -54.41
C PHE M 56 13.12 -83.46 -55.27
N VAL M 57 13.05 -84.64 -54.68
CA VAL M 57 12.69 -85.84 -55.43
C VAL M 57 11.75 -86.70 -54.60
N GLN M 58 10.80 -87.36 -55.26
CA GLN M 58 9.78 -88.13 -54.57
C GLN M 58 10.40 -89.31 -53.83
N ALA M 59 9.98 -89.51 -52.59
CA ALA M 59 10.54 -90.54 -51.73
C ALA M 59 10.12 -91.93 -52.19
N PRO M 60 10.87 -92.97 -51.79
CA PRO M 60 10.42 -94.34 -52.08
C PRO M 60 9.03 -94.58 -51.51
N GLY M 61 8.70 -93.93 -50.40
CA GLY M 61 7.35 -93.91 -49.90
C GLY M 61 6.82 -92.65 -50.54
N GLY M 62 6.25 -91.72 -49.78
CA GLY M 62 5.94 -90.45 -50.40
C GLY M 62 4.69 -90.37 -51.23
N GLU M 63 3.83 -91.39 -51.18
CA GLU M 63 2.52 -91.31 -51.82
C GLU M 63 1.49 -91.64 -50.75
N PHE M 64 0.61 -90.69 -50.46
CA PHE M 64 -0.48 -90.92 -49.55
C PHE M 64 -1.69 -90.15 -50.06
N THR M 65 -2.84 -90.46 -49.48
CA THR M 65 -4.10 -90.01 -50.03
C THR M 65 -5.00 -89.51 -48.90
N VAL M 66 -5.74 -88.44 -49.17
CA VAL M 66 -6.78 -87.94 -48.28
C VAL M 66 -8.11 -88.04 -49.00
N SER M 67 -9.02 -88.85 -48.45
CA SER M 67 -10.33 -89.08 -49.02
C SER M 67 -11.38 -88.81 -47.96
N PRO M 68 -12.66 -88.66 -48.36
CA PRO M 68 -13.70 -88.39 -47.35
C PRO M 68 -13.96 -89.56 -46.44
N ARG M 69 -13.51 -90.78 -46.79
CA ARG M 69 -13.59 -91.89 -45.86
C ARG M 69 -12.66 -91.70 -44.66
N ASN M 70 -11.63 -90.87 -44.80
CA ASN M 70 -10.67 -90.65 -43.73
C ASN M 70 -11.23 -89.64 -42.72
N ALA M 71 -10.80 -89.79 -41.48
CA ALA M 71 -11.19 -88.90 -40.40
C ALA M 71 -9.96 -88.39 -39.68
N PRO M 72 -10.08 -87.27 -38.98
CA PRO M 72 -9.00 -86.84 -38.08
C PRO M 72 -8.69 -87.92 -37.05
N GLY M 73 -7.39 -88.05 -36.75
CA GLY M 73 -6.86 -89.06 -35.85
C GLY M 73 -6.14 -90.17 -36.58
N GLU M 74 -6.56 -90.48 -37.82
CA GLU M 74 -5.84 -91.45 -38.62
C GLU M 74 -4.53 -90.84 -39.11
N ILE M 75 -3.41 -91.51 -38.85
CA ILE M 75 -2.13 -91.06 -39.38
C ILE M 75 -2.07 -91.50 -40.84
N LEU M 76 -2.32 -90.56 -41.75
CA LEU M 76 -2.49 -90.88 -43.17
C LEU M 76 -1.16 -91.14 -43.85
N TRP M 77 -0.04 -90.69 -43.28
CA TRP M 77 1.26 -90.87 -43.88
C TRP M 77 2.32 -90.65 -42.81
N SER M 78 3.40 -91.43 -42.89
CA SER M 78 4.50 -91.27 -41.96
C SER M 78 5.75 -91.89 -42.56
N ALA M 79 6.90 -91.38 -42.14
CA ALA M 79 8.18 -91.86 -42.63
C ALA M 79 9.26 -91.52 -41.61
N PRO M 80 10.22 -92.41 -41.37
CA PRO M 80 11.35 -92.08 -40.50
C PRO M 80 12.51 -91.48 -41.29
N LEU M 81 13.24 -90.61 -40.61
CA LEU M 81 14.43 -90.03 -41.20
C LEU M 81 15.45 -91.13 -41.48
N GLY M 82 16.05 -91.07 -42.66
CA GLY M 82 16.99 -92.07 -43.10
C GLY M 82 17.17 -92.02 -44.59
N PRO M 83 18.13 -92.79 -45.12
CA PRO M 83 18.41 -92.71 -46.56
C PRO M 83 17.23 -93.15 -47.40
N ASP M 84 16.31 -93.93 -46.84
CA ASP M 84 15.16 -94.40 -47.60
C ASP M 84 14.17 -93.28 -47.90
N LEU M 85 14.42 -92.06 -47.43
CA LEU M 85 13.57 -90.91 -47.76
C LEU M 85 13.82 -90.37 -49.16
N ASN M 86 14.87 -90.82 -49.83
CA ASN M 86 15.32 -90.21 -51.08
C ASN M 86 15.90 -91.29 -51.98
N PRO M 87 15.36 -91.47 -53.18
CA PRO M 87 15.80 -92.59 -54.03
C PRO M 87 17.27 -92.53 -54.43
N TYR M 88 17.84 -91.33 -54.61
CA TYR M 88 19.27 -91.24 -54.87
C TYR M 88 20.07 -91.74 -53.68
N LEU M 89 19.78 -91.21 -52.49
CA LEU M 89 20.42 -91.68 -51.28
C LEU M 89 20.14 -93.16 -51.05
N SER M 90 18.97 -93.64 -51.47
CA SER M 90 18.62 -95.04 -51.26
C SER M 90 19.57 -95.96 -52.03
N HIS M 91 19.89 -95.61 -53.27
CA HIS M 91 20.86 -96.41 -54.01
C HIS M 91 22.25 -96.28 -53.41
N LEU M 92 22.63 -95.06 -53.01
CA LEU M 92 23.93 -94.84 -52.39
C LEU M 92 24.10 -95.69 -51.15
N ALA M 93 23.02 -95.85 -50.37
CA ALA M 93 23.09 -96.53 -49.09
C ALA M 93 23.54 -97.98 -49.22
N ARG M 94 23.40 -98.56 -50.43
CA ARG M 94 23.92 -99.90 -50.67
C ARG M 94 25.44 -99.96 -50.61
N MET M 95 26.10 -98.81 -50.56
CA MET M 95 27.55 -98.70 -50.58
C MET M 95 28.12 -98.20 -49.26
N TYR M 96 27.26 -97.87 -48.30
CA TYR M 96 27.71 -97.28 -47.06
C TYR M 96 27.16 -98.05 -45.86
N ASN M 97 27.89 -97.97 -44.75
CA ASN M 97 27.51 -98.67 -43.54
C ASN M 97 26.65 -97.83 -42.62
N GLY M 98 26.74 -96.51 -42.69
CA GLY M 98 25.94 -95.66 -41.84
C GLY M 98 25.75 -94.28 -42.43
N TYR M 99 25.09 -93.43 -41.65
CA TYR M 99 24.74 -92.09 -42.10
C TYR M 99 24.46 -91.22 -40.88
N ALA M 100 24.38 -89.91 -41.13
CA ALA M 100 23.94 -88.96 -40.12
C ALA M 100 23.61 -87.65 -40.83
N GLY M 101 22.60 -86.96 -40.32
CA GLY M 101 22.18 -85.68 -40.85
C GLY M 101 20.74 -85.71 -41.32
N GLY M 102 20.26 -84.52 -41.68
CA GLY M 102 18.85 -84.27 -41.83
C GLY M 102 18.43 -84.06 -43.27
N PHE M 103 17.13 -83.80 -43.43
CA PHE M 103 16.51 -83.63 -44.73
C PHE M 103 15.70 -82.33 -44.76
N GLU M 104 15.46 -81.84 -45.97
CA GLU M 104 14.40 -80.88 -46.24
C GLU M 104 13.36 -81.62 -47.08
N VAL M 105 12.13 -81.67 -46.57
CA VAL M 105 11.05 -82.37 -47.24
C VAL M 105 10.01 -81.38 -47.78
N GLN M 106 9.50 -81.67 -48.97
CA GLN M 106 8.51 -80.86 -49.67
C GLN M 106 7.25 -81.67 -49.91
N VAL M 107 6.09 -81.12 -49.56
CA VAL M 107 4.81 -81.81 -49.66
C VAL M 107 3.93 -81.11 -50.69
N ILE M 108 3.26 -81.90 -51.50
CA ILE M 108 2.44 -81.42 -52.61
C ILE M 108 1.05 -82.04 -52.50
N LEU M 109 0.01 -81.21 -52.56
CA LEU M 109 -1.37 -81.66 -52.37
C LEU M 109 -2.19 -81.30 -53.60
N ALA M 110 -2.86 -82.30 -54.19
CA ALA M 110 -3.64 -82.11 -55.41
C ALA M 110 -5.12 -81.96 -55.08
N GLY M 111 -5.44 -80.81 -54.48
CA GLY M 111 -6.80 -80.45 -54.16
C GLY M 111 -7.45 -79.60 -55.25
N ASN M 112 -8.68 -79.18 -54.98
CA ASN M 112 -9.35 -78.20 -55.82
C ASN M 112 -10.15 -77.25 -54.92
N ALA M 113 -10.68 -76.20 -55.53
CA ALA M 113 -11.31 -75.12 -54.78
C ALA M 113 -12.53 -75.56 -53.98
N PHE M 114 -13.11 -76.73 -54.30
CA PHE M 114 -14.26 -77.23 -53.57
C PHE M 114 -13.86 -78.07 -52.36
N THR M 115 -12.56 -78.25 -52.15
CA THR M 115 -12.06 -79.18 -51.13
C THR M 115 -11.64 -78.37 -49.90
N ALA M 116 -12.42 -78.47 -48.83
CA ALA M 116 -12.08 -77.82 -47.56
C ALA M 116 -11.43 -78.80 -46.61
N GLY M 117 -10.55 -78.28 -45.77
CA GLY M 117 -9.90 -79.07 -44.74
C GLY M 117 -8.43 -78.72 -44.59
N LYS M 118 -7.86 -79.12 -43.45
CA LYS M 118 -6.47 -78.86 -43.13
C LYS M 118 -5.75 -80.18 -42.83
N ILE M 119 -4.49 -80.27 -43.26
CA ILE M 119 -3.61 -81.38 -42.90
C ILE M 119 -2.43 -80.84 -42.11
N ILE M 120 -2.06 -81.52 -41.03
CA ILE M 120 -0.84 -81.20 -40.28
C ILE M 120 0.25 -82.19 -40.66
N PHE M 121 1.43 -81.67 -40.93
CA PHE M 121 2.65 -82.46 -40.93
C PHE M 121 3.41 -82.10 -39.67
N ALA M 122 3.96 -83.09 -38.99
CA ALA M 122 4.69 -82.82 -37.76
C ALA M 122 5.93 -83.71 -37.65
N ALA M 123 6.98 -83.14 -37.06
CA ALA M 123 8.19 -83.88 -36.71
C ALA M 123 8.07 -84.31 -35.26
N VAL M 124 8.00 -85.61 -35.05
CA VAL M 124 7.88 -86.21 -33.72
C VAL M 124 9.22 -86.86 -33.37
N PRO M 125 9.77 -86.59 -32.19
CA PRO M 125 11.17 -86.95 -31.92
C PRO M 125 11.32 -88.45 -31.69
N PRO M 126 12.56 -88.95 -31.67
CA PRO M 126 12.77 -90.40 -31.86
C PRO M 126 12.02 -91.37 -30.96
N ASN M 127 11.97 -91.14 -29.65
CA ASN M 127 11.33 -92.11 -28.76
C ASN M 127 10.00 -91.64 -28.19
N PHE M 128 9.27 -90.86 -28.95
CA PHE M 128 7.94 -90.45 -28.52
C PHE M 128 6.90 -91.34 -29.18
N PRO M 129 5.93 -91.88 -28.42
CA PRO M 129 4.95 -92.79 -29.01
C PRO M 129 3.89 -92.03 -29.80
N THR M 130 3.71 -92.41 -31.05
CA THR M 130 2.72 -91.73 -31.87
C THR M 130 1.30 -92.27 -31.68
N GLU M 131 1.14 -93.45 -31.08
CA GLU M 131 -0.13 -94.14 -31.11
C GLU M 131 -1.09 -93.46 -30.14
N GLY M 132 -2.11 -92.79 -30.68
CA GLY M 132 -3.18 -92.21 -29.89
C GLY M 132 -3.26 -90.70 -30.01
N LEU M 133 -2.45 -90.08 -30.87
CA LEU M 133 -2.34 -88.64 -30.89
C LEU M 133 -3.63 -88.01 -31.39
N SER M 134 -4.04 -86.95 -30.74
CA SER M 134 -5.14 -86.13 -31.24
C SER M 134 -4.59 -85.07 -32.18
N PRO M 135 -5.43 -84.49 -33.04
CA PRO M 135 -4.94 -83.38 -33.88
C PRO M 135 -4.42 -82.21 -33.06
N SER M 136 -5.11 -81.86 -31.96
CA SER M 136 -4.60 -80.86 -31.03
C SER M 136 -3.18 -81.18 -30.58
N GLN M 137 -2.93 -82.42 -30.16
CA GLN M 137 -1.63 -82.79 -29.64
C GLN M 137 -0.56 -82.69 -30.72
N VAL M 138 -0.90 -83.00 -31.96
CA VAL M 138 0.08 -82.95 -33.03
C VAL M 138 0.62 -81.54 -33.22
N THR M 139 -0.20 -80.52 -32.96
CA THR M 139 0.27 -79.14 -33.02
C THR M 139 1.37 -78.83 -32.02
N MET M 140 1.59 -79.68 -31.04
CA MET M 140 2.59 -79.39 -30.02
C MET M 140 4.00 -79.79 -30.44
N PHE M 141 4.15 -80.48 -31.56
CA PHE M 141 5.44 -80.72 -32.19
C PHE M 141 5.78 -79.58 -33.12
N PRO M 142 7.01 -79.52 -33.62
CA PRO M 142 7.27 -78.72 -34.82
C PRO M 142 6.33 -79.16 -35.93
N HIS M 143 5.62 -78.21 -36.52
CA HIS M 143 4.58 -78.60 -37.45
C HIS M 143 4.28 -77.50 -38.44
N ILE M 144 3.57 -77.88 -39.50
CA ILE M 144 2.98 -76.95 -40.46
C ILE M 144 1.56 -77.42 -40.75
N ILE M 145 0.65 -76.47 -40.86
CA ILE M 145 -0.75 -76.72 -41.16
C ILE M 145 -1.04 -76.14 -42.53
N VAL M 146 -1.36 -77.01 -43.47
CA VAL M 146 -1.57 -76.64 -44.87
C VAL M 146 -2.99 -77.00 -45.27
N ASP M 147 -3.63 -76.09 -46.01
CA ASP M 147 -4.99 -76.28 -46.46
C ASP M 147 -5.00 -77.21 -47.67
N VAL M 148 -6.00 -78.08 -47.74
CA VAL M 148 -6.01 -79.10 -48.79
C VAL M 148 -6.15 -78.49 -50.18
N ARG M 149 -6.63 -77.26 -50.29
CA ARG M 149 -6.80 -76.66 -51.61
C ARG M 149 -5.57 -75.85 -52.04
N GLN M 150 -4.48 -75.92 -51.28
CA GLN M 150 -3.27 -75.17 -51.59
C GLN M 150 -2.62 -75.67 -52.88
N LEU M 151 -2.15 -74.72 -53.69
CA LEU M 151 -1.45 -75.04 -54.94
C LEU M 151 0.06 -75.19 -54.72
N GLU M 152 0.68 -74.25 -54.02
CA GLU M 152 2.13 -74.23 -53.89
C GLU M 152 2.61 -75.28 -52.88
N PRO M 153 3.72 -75.96 -53.17
CA PRO M 153 4.27 -76.93 -52.22
C PRO M 153 4.72 -76.29 -50.91
N VAL M 154 4.64 -77.07 -49.83
CA VAL M 154 5.06 -76.65 -48.50
C VAL M 154 6.38 -77.33 -48.16
N LEU M 155 7.28 -76.59 -47.50
CA LEU M 155 8.62 -77.07 -47.15
C LEU M 155 8.70 -77.32 -45.65
N ILE M 156 9.19 -78.51 -45.28
CA ILE M 156 9.33 -78.93 -43.89
C ILE M 156 10.79 -79.26 -43.65
N PRO M 157 11.43 -78.73 -42.62
CA PRO M 157 12.76 -79.25 -42.22
C PRO M 157 12.68 -80.45 -41.30
N LEU M 158 13.54 -81.44 -41.58
CA LEU M 158 13.61 -82.68 -40.80
C LEU M 158 15.02 -82.92 -40.30
N PRO M 159 15.39 -82.40 -39.14
CA PRO M 159 16.77 -82.54 -38.66
C PRO M 159 16.99 -83.87 -37.95
N ASP M 160 18.22 -84.36 -38.00
CA ASP M 160 18.53 -85.69 -37.45
C ASP M 160 18.82 -85.59 -35.96
N VAL M 161 17.77 -85.23 -35.20
CA VAL M 161 17.82 -85.28 -33.75
C VAL M 161 18.13 -86.71 -33.30
N ARG M 162 19.09 -86.84 -32.39
CA ARG M 162 19.57 -88.16 -31.96
C ARG M 162 20.42 -87.98 -30.72
N ASN M 163 20.77 -89.11 -30.09
CA ASN M 163 21.63 -89.11 -28.91
C ASN M 163 22.89 -89.94 -29.11
N ASN M 164 23.22 -90.26 -30.35
CA ASN M 164 24.47 -90.96 -30.65
C ASN M 164 25.18 -90.23 -31.78
N PHE M 165 26.39 -90.69 -32.09
CA PHE M 165 27.19 -90.02 -33.10
C PHE M 165 26.59 -90.18 -34.49
N TYR M 166 26.02 -91.36 -34.79
CA TYR M 166 25.45 -91.61 -36.10
C TYR M 166 24.60 -92.88 -36.05
N HIS M 167 23.96 -93.18 -37.19
CA HIS M 167 23.04 -94.29 -37.33
C HIS M 167 23.68 -95.36 -38.22
N TYR M 168 23.41 -96.63 -37.92
CA TYR M 168 23.82 -97.71 -38.80
C TYR M 168 22.68 -98.08 -39.75
N ASN M 169 23.04 -98.39 -40.99
CA ASN M 169 22.04 -98.81 -41.96
C ASN M 169 21.40 -100.12 -41.54
N GLN M 170 22.20 -101.03 -40.97
CA GLN M 170 21.76 -102.37 -40.61
C GLN M 170 21.00 -102.41 -39.29
N SER M 171 20.81 -101.28 -38.62
CA SER M 171 20.10 -101.23 -37.36
C SER M 171 18.80 -100.45 -37.51
N ASN M 172 17.88 -100.71 -36.58
CA ASN M 172 16.58 -100.04 -36.52
C ASN M 172 16.47 -99.18 -35.27
N ASP M 173 17.58 -98.61 -34.85
CA ASP M 173 17.58 -97.47 -33.93
C ASP M 173 16.62 -96.42 -34.46
N PRO M 174 15.76 -95.84 -33.62
CA PRO M 174 14.75 -94.91 -34.12
C PRO M 174 15.28 -93.50 -34.37
N THR M 175 14.65 -92.85 -35.34
CA THR M 175 14.99 -91.51 -35.79
C THR M 175 13.75 -90.64 -35.69
N ILE M 176 13.90 -89.34 -35.96
CA ILE M 176 12.71 -88.51 -36.07
C ILE M 176 11.78 -89.10 -37.13
N LYS M 177 10.49 -88.98 -36.87
CA LYS M 177 9.43 -89.43 -37.75
C LYS M 177 8.66 -88.19 -38.20
N LEU M 178 8.34 -88.13 -39.49
CA LEU M 178 7.41 -87.14 -40.00
C LEU M 178 6.03 -87.76 -40.10
N ILE M 179 5.02 -87.05 -39.58
CA ILE M 179 3.66 -87.57 -39.44
C ILE M 179 2.72 -86.63 -40.18
N ALA M 180 1.80 -87.20 -40.95
CA ALA M 180 0.76 -86.44 -41.63
C ALA M 180 -0.61 -86.99 -41.23
N MET M 181 -1.47 -86.10 -40.73
CA MET M 181 -2.85 -86.45 -40.42
C MET M 181 -3.80 -85.29 -40.72
N LEU M 182 -5.08 -85.63 -40.85
CA LEU M 182 -6.14 -84.65 -41.02
C LEU M 182 -6.34 -83.83 -39.75
N TYR M 183 -6.22 -82.50 -39.87
CA TYR M 183 -6.31 -81.60 -38.72
C TYR M 183 -7.75 -81.14 -38.48
N THR M 184 -8.51 -80.93 -39.54
CA THR M 184 -9.94 -80.68 -39.50
C THR M 184 -10.60 -81.59 -40.51
N PRO M 185 -11.86 -81.98 -40.29
CA PRO M 185 -12.51 -82.91 -41.21
C PRO M 185 -12.49 -82.41 -42.65
N LEU M 186 -12.43 -83.37 -43.57
CA LEU M 186 -12.44 -83.11 -45.00
C LEU M 186 -13.87 -83.02 -45.51
N ARG M 187 -14.16 -81.98 -46.30
CA ARG M 187 -15.46 -81.83 -46.94
C ARG M 187 -15.24 -81.84 -48.45
N ALA M 188 -15.97 -82.71 -49.14
CA ALA M 188 -15.81 -82.88 -50.58
C ALA M 188 -17.07 -83.44 -51.23
N VAL M 195 -16.62 -88.56 -53.10
CA VAL M 195 -15.85 -89.56 -53.82
C VAL M 195 -14.50 -88.97 -54.21
N PHE M 196 -14.39 -87.64 -54.10
CA PHE M 196 -13.19 -86.92 -54.53
C PHE M 196 -12.01 -87.30 -53.65
N THR M 197 -11.07 -88.07 -54.21
CA THR M 197 -9.85 -88.42 -53.50
C THR M 197 -8.74 -87.43 -53.85
N VAL M 198 -8.05 -86.95 -52.82
CA VAL M 198 -6.98 -85.96 -52.96
C VAL M 198 -5.64 -86.70 -53.01
N SER M 199 -4.99 -86.66 -54.17
CA SER M 199 -3.67 -87.28 -54.32
C SER M 199 -2.61 -86.38 -53.72
N CYS M 200 -1.74 -86.96 -52.89
CA CYS M 200 -0.69 -86.22 -52.21
C CYS M 200 0.66 -86.87 -52.48
N ARG M 201 1.71 -86.04 -52.56
CA ARG M 201 3.05 -86.51 -52.82
C ARG M 201 4.04 -85.87 -51.86
N VAL M 202 5.01 -86.65 -51.41
CA VAL M 202 6.09 -86.19 -50.54
C VAL M 202 7.41 -86.31 -51.30
N LEU M 203 8.12 -85.20 -51.42
CA LEU M 203 9.45 -85.18 -52.00
C LEU M 203 10.46 -84.71 -50.96
N THR M 204 11.71 -85.14 -51.10
CA THR M 204 12.75 -84.82 -50.13
C THR M 204 14.07 -84.54 -50.83
N ARG M 205 15.00 -83.99 -50.07
CA ARG M 205 16.39 -83.84 -50.48
C ARG M 205 17.23 -83.71 -49.22
N PRO M 206 18.47 -84.17 -49.23
CA PRO M 206 19.27 -84.15 -48.00
C PRO M 206 19.69 -82.74 -47.63
N SER M 207 19.69 -82.46 -46.32
CA SER M 207 20.27 -81.23 -45.81
C SER M 207 21.76 -81.17 -46.13
N PRO M 208 22.38 -79.99 -46.06
CA PRO M 208 23.84 -79.92 -46.29
C PRO M 208 24.66 -80.70 -45.28
N ASP M 209 24.15 -80.91 -44.06
CA ASP M 209 24.90 -81.65 -43.05
C ASP M 209 24.75 -83.16 -43.18
N PHE M 210 23.92 -83.66 -44.10
CA PHE M 210 23.77 -85.10 -44.26
C PHE M 210 24.99 -85.68 -44.97
N ASP M 211 25.41 -86.86 -44.51
CA ASP M 211 26.53 -87.57 -45.13
C ASP M 211 26.47 -89.04 -44.75
N PHE M 212 27.00 -89.88 -45.62
CA PHE M 212 27.18 -91.29 -45.34
C PHE M 212 28.51 -91.50 -44.62
N ILE M 213 28.72 -92.69 -44.06
CA ILE M 213 29.91 -92.83 -43.22
C ILE M 213 30.95 -93.86 -43.66
N PHE M 214 30.61 -95.14 -43.79
CA PHE M 214 31.66 -96.11 -44.05
C PHE M 214 31.42 -96.84 -45.36
N LEU M 215 32.36 -96.70 -46.30
CA LEU M 215 32.25 -97.33 -47.61
C LEU M 215 32.33 -98.84 -47.48
N VAL M 216 31.38 -99.55 -48.08
CA VAL M 216 31.28 -100.99 -47.85
C VAL M 216 30.77 -101.63 -49.14
N PRO M 217 31.10 -102.89 -49.44
CA PRO M 217 30.65 -103.51 -50.70
C PRO M 217 29.16 -103.80 -50.70
N PRO M 218 28.45 -103.48 -51.79
CA PRO M 218 27.04 -103.88 -51.89
C PRO M 218 26.90 -105.39 -52.08
N THR M 219 26.74 -106.12 -50.99
CA THR M 219 26.54 -107.57 -51.05
C THR M 219 25.06 -107.90 -50.98
N VAL M 220 24.74 -109.16 -51.29
CA VAL M 220 23.34 -109.62 -51.25
C VAL M 220 22.86 -109.76 -49.82
N GLU M 221 23.70 -110.30 -48.93
CA GLU M 221 23.33 -110.48 -47.53
C GLU M 221 23.06 -109.16 -46.80
N SER M 222 23.41 -108.02 -47.40
CA SER M 222 23.20 -106.74 -46.72
C SER M 222 21.71 -106.48 -46.48
N ARG M 223 20.85 -106.98 -47.36
CA ARG M 223 19.42 -106.68 -47.33
C ARG M 223 19.19 -105.19 -47.57
N THR M 224 20.03 -104.60 -48.42
CA THR M 224 19.86 -103.21 -48.83
C THR M 224 19.36 -103.08 -50.25
N LYS M 225 19.11 -104.19 -50.93
CA LYS M 225 18.49 -104.12 -52.25
C LYS M 225 17.08 -103.58 -52.09
N PRO M 226 16.66 -102.62 -52.92
CA PRO M 226 15.31 -102.09 -52.80
C PRO M 226 14.29 -103.03 -53.42
N PHE M 227 13.06 -102.94 -52.92
CA PHE M 227 12.03 -103.89 -53.29
C PHE M 227 11.53 -103.61 -54.70
N THR M 228 11.33 -104.68 -55.45
CA THR M 228 10.82 -104.60 -56.81
C THR M 228 9.91 -105.80 -57.07
N VAL M 229 9.23 -105.72 -58.21
CA VAL M 229 8.27 -106.74 -58.65
C VAL M 229 8.68 -107.13 -60.07
N PRO M 230 8.71 -108.42 -60.39
CA PRO M 230 9.28 -108.85 -61.68
C PRO M 230 8.60 -108.20 -62.87
N ILE M 231 9.38 -108.02 -63.93
CA ILE M 231 8.90 -107.41 -65.16
C ILE M 231 8.02 -108.37 -65.94
N LEU M 232 7.93 -109.62 -65.49
CA LEU M 232 7.22 -110.65 -66.25
C LEU M 232 5.74 -110.29 -66.40
N THR M 233 5.17 -110.75 -67.51
CA THR M 233 3.76 -110.60 -67.83
C THR M 233 2.94 -111.72 -67.20
N VAL M 234 1.67 -111.42 -66.91
CA VAL M 234 0.74 -112.43 -66.41
C VAL M 234 0.76 -113.66 -67.32
N GLU M 235 0.65 -113.42 -68.62
CA GLU M 235 0.62 -114.49 -69.61
C GLU M 235 1.82 -115.43 -69.50
N GLU M 236 3.01 -114.86 -69.24
CA GLU M 236 4.23 -115.65 -69.20
C GLU M 236 4.58 -116.19 -67.81
N MET M 237 3.72 -116.02 -66.81
CA MET M 237 4.02 -116.55 -65.49
C MET M 237 3.23 -117.83 -65.22
N THR M 238 3.42 -118.37 -64.01
CA THR M 238 2.96 -119.71 -63.66
C THR M 238 2.20 -119.67 -62.35
N ASN M 239 1.15 -120.47 -62.25
CA ASN M 239 0.37 -120.55 -61.01
C ASN M 239 1.16 -121.24 -59.92
N SER M 240 0.98 -120.77 -58.69
CA SER M 240 1.72 -121.28 -57.55
C SER M 240 0.97 -122.36 -56.79
N ARG M 241 -0.23 -122.71 -57.25
CA ARG M 241 -1.08 -123.70 -56.58
C ARG M 241 -1.27 -124.97 -57.39
N PHE M 242 -0.83 -125.00 -58.65
CA PHE M 242 -0.87 -126.18 -59.50
C PHE M 242 0.04 -125.92 -60.69
N PRO M 243 0.76 -126.92 -61.17
CA PRO M 243 1.75 -126.67 -62.25
C PRO M 243 1.12 -126.30 -63.59
N ILE M 244 0.52 -125.12 -63.68
CA ILE M 244 -0.14 -124.66 -64.89
C ILE M 244 0.33 -123.23 -65.14
N PRO M 245 0.37 -122.73 -66.37
CA PRO M 245 0.63 -121.31 -66.57
C PRO M 245 -0.55 -120.47 -66.11
N LEU M 246 -0.28 -119.19 -65.85
CA LEU M 246 -1.33 -118.24 -65.55
C LEU M 246 -2.04 -117.82 -66.83
N GLU M 247 -3.25 -117.29 -66.68
CA GLU M 247 -4.04 -116.93 -67.85
C GLU M 247 -4.68 -115.55 -67.74
N LYS M 248 -5.31 -115.24 -66.61
CA LYS M 248 -5.91 -113.92 -66.46
C LYS M 248 -5.90 -113.50 -64.99
N LEU M 249 -6.21 -112.22 -64.77
CA LEU M 249 -6.42 -111.66 -63.44
C LEU M 249 -7.90 -111.53 -63.13
N PHE M 250 -8.27 -111.91 -61.91
CA PHE M 250 -9.67 -111.97 -61.50
C PHE M 250 -9.87 -111.29 -60.15
N THR M 251 -10.92 -110.49 -60.06
CA THR M 251 -11.37 -109.91 -58.79
C THR M 251 -12.77 -110.43 -58.48
N GLY M 252 -13.03 -110.69 -57.21
CA GLY M 252 -14.37 -111.05 -56.78
C GLY M 252 -14.58 -110.91 -55.29
N PRO M 253 -15.84 -110.87 -54.87
CA PRO M 253 -16.15 -110.90 -53.45
C PRO M 253 -15.86 -112.26 -52.85
N SER M 254 -15.41 -112.25 -51.59
CA SER M 254 -14.95 -113.47 -50.94
C SER M 254 -15.69 -113.73 -49.63
N GLY M 255 -16.89 -113.16 -49.46
CA GLY M 255 -17.61 -113.36 -48.21
C GLY M 255 -18.07 -114.79 -48.03
N ALA M 256 -18.40 -115.47 -49.14
CA ALA M 256 -18.86 -116.85 -49.07
C ALA M 256 -17.75 -117.77 -48.56
N PHE M 257 -16.54 -117.62 -49.10
CA PHE M 257 -15.46 -118.56 -48.86
C PHE M 257 -14.55 -118.08 -47.75
N VAL M 258 -13.60 -118.93 -47.39
CA VAL M 258 -12.48 -118.57 -46.53
C VAL M 258 -11.23 -118.73 -47.39
N VAL M 259 -10.59 -117.62 -47.71
CA VAL M 259 -9.43 -117.64 -48.60
C VAL M 259 -8.19 -117.91 -47.74
N GLN M 260 -7.76 -119.17 -47.72
CA GLN M 260 -6.61 -119.53 -46.90
C GLN M 260 -5.73 -120.56 -47.61
N PRO M 261 -5.31 -120.33 -48.85
CA PRO M 261 -4.45 -121.30 -49.52
C PRO M 261 -3.12 -121.45 -48.79
N GLN M 262 -2.47 -122.60 -48.99
CA GLN M 262 -1.20 -122.89 -48.34
C GLN M 262 -0.04 -122.97 -49.32
N ASN M 263 -0.31 -122.92 -50.63
CA ASN M 263 0.72 -122.79 -51.64
C ASN M 263 0.70 -121.37 -52.19
N GLY M 264 1.83 -120.91 -52.68
CA GLY M 264 1.93 -119.52 -53.09
C GLY M 264 1.71 -118.58 -51.93
N ARG M 265 2.32 -118.86 -50.79
CA ARG M 265 2.28 -118.00 -49.62
C ARG M 265 3.70 -117.57 -49.29
N CYS M 266 3.98 -116.28 -49.45
CA CYS M 266 5.31 -115.77 -49.22
C CYS M 266 5.23 -114.29 -48.87
N THR M 267 6.12 -113.86 -47.98
CA THR M 267 6.18 -112.46 -47.56
C THR M 267 7.01 -111.67 -48.56
N THR M 268 6.69 -110.38 -48.71
CA THR M 268 7.44 -109.52 -49.62
C THR M 268 8.93 -109.55 -49.32
N ASP M 269 9.31 -109.76 -48.06
CA ASP M 269 10.73 -109.89 -47.71
C ASP M 269 11.22 -111.33 -47.78
N GLY M 270 10.46 -112.22 -48.41
CA GLY M 270 10.98 -113.52 -48.80
C GLY M 270 10.82 -114.65 -47.81
N VAL M 271 9.90 -114.53 -46.85
CA VAL M 271 9.63 -115.62 -45.91
C VAL M 271 8.52 -116.49 -46.48
N LEU M 272 8.82 -117.78 -46.66
CA LEU M 272 7.84 -118.73 -47.14
C LEU M 272 6.87 -119.10 -46.02
N LEU M 273 5.62 -119.37 -46.41
CA LEU M 273 4.55 -119.65 -45.46
C LEU M 273 3.82 -120.91 -45.88
N GLY M 274 3.15 -121.55 -44.91
CA GLY M 274 2.33 -122.71 -45.21
C GLY M 274 3.16 -123.84 -45.80
N THR M 275 2.63 -124.44 -46.87
CA THR M 275 3.30 -125.54 -47.56
C THR M 275 4.05 -125.06 -48.80
N THR M 276 4.39 -123.78 -48.87
CA THR M 276 4.95 -123.19 -50.08
C THR M 276 6.42 -123.55 -50.21
N GLN M 277 6.83 -123.91 -51.43
CA GLN M 277 8.22 -124.20 -51.74
C GLN M 277 8.54 -123.53 -53.07
N LEU M 278 9.78 -123.69 -53.53
CA LEU M 278 10.28 -122.86 -54.61
C LEU M 278 10.12 -123.49 -55.99
N SER M 279 10.13 -124.81 -56.08
CA SER M 279 10.12 -125.45 -57.39
C SER M 279 8.71 -125.44 -57.97
N PRO M 280 8.50 -124.84 -59.15
CA PRO M 280 7.15 -124.78 -59.72
C PRO M 280 6.63 -126.11 -60.27
N VAL M 281 7.45 -127.17 -60.26
CA VAL M 281 7.05 -128.46 -60.80
C VAL M 281 6.52 -129.36 -59.69
N ASN M 282 6.98 -129.13 -58.45
CA ASN M 282 6.59 -129.96 -57.31
C ASN M 282 5.31 -129.48 -56.63
N ILE M 283 4.42 -128.78 -57.34
CA ILE M 283 3.34 -128.10 -56.63
C ILE M 283 2.17 -129.03 -56.35
N CYS M 284 2.18 -130.25 -56.88
CA CYS M 284 1.18 -131.25 -56.52
C CYS M 284 1.69 -132.65 -56.80
N THR M 285 2.94 -132.91 -56.45
CA THR M 285 3.58 -134.19 -56.68
C THR M 285 3.75 -134.94 -55.36
N PHE M 286 3.93 -136.25 -55.47
CA PHE M 286 4.24 -137.09 -54.32
C PHE M 286 5.33 -138.07 -54.72
N ARG M 287 6.23 -138.36 -53.79
CA ARG M 287 7.31 -139.32 -54.01
C ARG M 287 7.41 -140.25 -52.81
N GLY M 288 7.55 -141.55 -53.07
CA GLY M 288 7.72 -142.48 -51.99
C GLY M 288 7.60 -143.92 -52.46
N ASP M 289 7.45 -144.81 -51.49
CA ASP M 289 7.29 -146.25 -51.69
C ASP M 289 5.82 -146.61 -51.66
N VAL M 290 5.44 -147.62 -52.44
CA VAL M 290 4.04 -147.92 -52.70
C VAL M 290 3.72 -149.33 -52.19
N THR M 291 2.46 -149.50 -51.77
CA THR M 291 1.97 -150.73 -51.16
C THR M 291 0.57 -151.02 -51.66
N HIS M 292 0.31 -152.28 -52.01
CA HIS M 292 -1.01 -152.69 -52.48
C HIS M 292 -1.98 -152.86 -51.32
N ILE M 293 -3.23 -152.50 -51.56
CA ILE M 293 -4.35 -152.76 -50.65
C ILE M 293 -5.18 -153.89 -51.25
N ALA M 294 -5.28 -154.99 -50.51
CA ALA M 294 -5.77 -156.26 -51.05
C ALA M 294 -7.20 -156.14 -51.57
N GLY M 295 -7.43 -156.65 -52.78
CA GLY M 295 -8.75 -156.75 -53.37
C GLY M 295 -9.23 -155.53 -54.13
N THR M 296 -8.45 -154.45 -54.14
CA THR M 296 -8.84 -153.22 -54.81
C THR M 296 -7.75 -152.84 -55.81
N HIS M 297 -8.02 -151.76 -56.56
CA HIS M 297 -7.02 -151.13 -57.39
C HIS M 297 -6.38 -149.94 -56.70
N ASP M 298 -6.44 -149.90 -55.37
CA ASP M 298 -5.91 -148.82 -54.56
C ASP M 298 -4.51 -149.17 -54.07
N TYR M 299 -3.69 -148.14 -53.91
CA TYR M 299 -2.35 -148.28 -53.35
C TYR M 299 -2.13 -147.25 -52.26
N THR M 300 -1.26 -147.60 -51.31
CA THR M 300 -0.81 -146.70 -50.25
C THR M 300 0.64 -146.31 -50.51
N MET M 301 0.91 -145.01 -50.47
CA MET M 301 2.24 -144.46 -50.68
C MET M 301 2.80 -143.96 -49.35
N ASN M 302 3.95 -144.49 -48.94
CA ASN M 302 4.67 -144.00 -47.78
C ASN M 302 5.59 -142.89 -48.24
N LEU M 303 5.37 -141.68 -47.74
CA LEU M 303 5.92 -140.47 -48.35
C LEU M 303 7.32 -140.15 -47.86
N ALA M 304 8.09 -139.52 -48.75
CA ALA M 304 9.43 -139.02 -48.51
C ALA M 304 9.45 -137.53 -48.82
N SER M 305 10.50 -136.83 -48.39
CA SER M 305 10.59 -135.42 -48.68
C SER M 305 10.82 -135.19 -50.18
N GLN M 306 10.65 -133.94 -50.60
CA GLN M 306 10.79 -133.59 -52.02
C GLN M 306 12.17 -133.93 -52.56
N ASN M 307 13.18 -133.99 -51.69
CA ASN M 307 14.56 -134.27 -52.06
C ASN M 307 14.88 -135.76 -52.08
N TRP M 308 13.87 -136.63 -51.98
CA TRP M 308 14.07 -138.07 -51.81
C TRP M 308 14.83 -138.38 -50.53
N ASN M 309 14.55 -137.60 -49.49
CA ASN M 309 15.10 -137.80 -48.16
C ASN M 309 14.03 -138.35 -47.25
N ASN M 310 14.46 -138.90 -46.11
CA ASN M 310 13.52 -139.44 -45.14
C ASN M 310 12.58 -138.32 -44.68
N TYR M 311 11.32 -138.68 -44.43
CA TYR M 311 10.30 -137.72 -44.05
C TYR M 311 10.24 -137.56 -42.53
N ASP M 312 10.23 -136.31 -42.09
CA ASP M 312 10.16 -135.95 -40.68
C ASP M 312 8.80 -135.33 -40.40
N PRO M 313 7.94 -135.92 -39.56
CA PRO M 313 6.65 -135.29 -39.27
C PRO M 313 6.69 -134.27 -38.14
N THR M 314 7.87 -133.99 -37.57
CA THR M 314 8.00 -133.07 -36.46
C THR M 314 8.33 -131.65 -36.91
N GLU M 315 8.44 -131.42 -38.21
CA GLU M 315 8.70 -130.09 -38.74
C GLU M 315 7.49 -129.19 -38.51
N GLU M 316 7.75 -127.90 -38.33
CA GLU M 316 6.69 -126.93 -38.06
C GLU M 316 6.06 -126.47 -39.38
N ILE M 317 5.49 -127.44 -40.09
CA ILE M 317 4.87 -127.20 -41.39
C ILE M 317 3.54 -127.95 -41.45
N PRO M 318 2.46 -127.32 -41.93
CA PRO M 318 1.15 -128.02 -41.96
C PRO M 318 1.20 -129.37 -42.64
N ALA M 319 2.10 -129.57 -43.60
CA ALA M 319 2.21 -130.78 -44.41
C ALA M 319 3.51 -130.71 -45.22
N PRO M 320 3.90 -131.77 -45.92
CA PRO M 320 5.07 -131.66 -46.80
C PRO M 320 4.87 -130.59 -47.87
N LEU M 321 5.96 -129.92 -48.22
CA LEU M 321 5.89 -128.80 -49.15
C LEU M 321 5.39 -129.27 -50.51
N GLY M 322 4.43 -128.52 -51.06
CA GLY M 322 3.82 -128.88 -52.32
C GLY M 322 2.59 -129.75 -52.20
N THR M 323 2.16 -130.06 -51.00
CA THR M 323 0.94 -130.81 -50.80
C THR M 323 -0.25 -129.98 -51.27
N PRO M 324 -1.19 -130.56 -52.03
CA PRO M 324 -2.33 -129.79 -52.50
C PRO M 324 -3.04 -129.08 -51.35
N ASP M 325 -3.53 -127.87 -51.63
CA ASP M 325 -4.15 -127.01 -50.62
C ASP M 325 -5.62 -126.78 -50.92
N PHE M 326 -6.26 -127.74 -51.58
CA PHE M 326 -7.69 -127.69 -51.86
C PHE M 326 -8.24 -129.10 -51.77
N VAL M 327 -9.56 -129.19 -51.60
CA VAL M 327 -10.24 -130.47 -51.54
C VAL M 327 -10.74 -130.83 -52.93
N GLY M 328 -10.36 -132.00 -53.41
CA GLY M 328 -10.74 -132.43 -54.74
C GLY M 328 -10.03 -133.70 -55.11
N LYS M 329 -10.38 -134.22 -56.27
CA LYS M 329 -9.79 -135.45 -56.79
C LYS M 329 -8.89 -135.08 -57.97
N ILE M 330 -7.59 -135.29 -57.78
CA ILE M 330 -6.57 -134.93 -58.76
C ILE M 330 -6.14 -136.19 -59.51
N GLN M 331 -6.27 -136.16 -60.82
CA GLN M 331 -5.86 -137.27 -61.68
C GLN M 331 -4.47 -137.01 -62.23
N GLY M 332 -3.65 -138.05 -62.26
CA GLY M 332 -2.32 -137.98 -62.83
C GLY M 332 -1.81 -139.33 -63.27
N VAL M 333 -0.53 -139.59 -63.01
CA VAL M 333 0.14 -140.83 -63.42
C VAL M 333 1.13 -141.21 -62.33
N LEU M 334 1.08 -142.47 -61.90
CA LEU M 334 2.11 -143.01 -61.03
C LEU M 334 3.24 -143.55 -61.90
N THR M 335 4.47 -143.23 -61.52
CA THR M 335 5.66 -143.66 -62.24
C THR M 335 6.62 -144.36 -61.30
N GLN M 336 7.27 -145.41 -61.79
CA GLN M 336 8.09 -146.27 -60.96
C GLN M 336 9.29 -146.75 -61.75
N THR M 337 10.43 -146.88 -61.05
CA THR M 337 11.67 -147.34 -61.67
C THR M 337 12.34 -148.33 -60.73
N THR M 338 12.72 -149.49 -61.27
CA THR M 338 13.34 -150.54 -60.47
C THR M 338 14.87 -150.39 -60.49
N ARG M 339 15.45 -150.24 -59.31
CA ARG M 339 16.90 -150.11 -59.19
C ARG M 339 17.57 -151.44 -59.54
N GLY M 340 18.40 -151.44 -60.58
CA GLY M 340 19.08 -152.67 -60.96
C GLY M 340 18.96 -153.05 -62.42
N ASP M 341 17.73 -153.05 -62.95
CA ASP M 341 17.50 -153.38 -64.34
C ASP M 341 16.97 -152.22 -65.18
N GLY M 342 16.43 -151.18 -64.56
CA GLY M 342 15.83 -150.08 -65.30
C GLY M 342 14.38 -150.27 -65.69
N SER M 343 13.65 -151.16 -65.02
CA SER M 343 12.24 -151.36 -65.32
C SER M 343 11.46 -150.09 -64.99
N THR M 344 10.54 -149.74 -65.89
CA THR M 344 9.70 -148.56 -65.72
C THR M 344 8.25 -148.89 -66.02
N ARG M 345 7.35 -148.37 -65.19
CA ARG M 345 5.92 -148.62 -65.30
C ARG M 345 5.15 -147.32 -65.11
N GLY M 346 4.05 -147.18 -65.84
CA GLY M 346 3.23 -145.99 -65.73
C GLY M 346 1.74 -146.28 -65.83
N HIS M 347 0.98 -145.82 -64.82
CA HIS M 347 -0.44 -146.15 -64.73
C HIS M 347 -1.23 -144.92 -64.31
N LYS M 348 -2.32 -144.66 -65.02
CA LYS M 348 -3.30 -143.66 -64.61
C LYS M 348 -3.66 -143.81 -63.14
N ALA M 349 -3.64 -142.70 -62.41
CA ALA M 349 -3.85 -142.75 -60.97
C ALA M 349 -4.60 -141.50 -60.54
N THR M 350 -5.17 -141.57 -59.35
CA THR M 350 -6.03 -140.51 -58.85
C THR M 350 -5.88 -140.39 -57.35
N VAL M 351 -5.73 -139.15 -56.87
CA VAL M 351 -5.67 -138.84 -55.45
C VAL M 351 -6.96 -138.10 -55.12
N SER M 352 -7.65 -138.54 -54.08
CA SER M 352 -8.80 -137.82 -53.56
C SER M 352 -8.36 -137.06 -52.31
N THR M 353 -8.36 -135.75 -52.39
CA THR M 353 -8.04 -134.91 -51.26
C THR M 353 -9.25 -134.85 -50.34
N GLY M 354 -9.00 -134.73 -49.03
CA GLY M 354 -10.07 -134.69 -48.07
C GLY M 354 -10.71 -136.04 -47.79
N SER M 355 -10.39 -137.07 -48.56
CA SER M 355 -10.73 -138.43 -48.20
C SER M 355 -10.04 -138.81 -46.90
N VAL M 356 -10.67 -139.72 -46.15
CA VAL M 356 -10.14 -140.08 -44.84
C VAL M 356 -8.75 -140.71 -44.91
N HIS M 357 -8.34 -141.19 -46.08
CA HIS M 357 -7.02 -141.79 -46.24
C HIS M 357 -5.98 -140.79 -46.76
N PHE M 358 -6.35 -139.51 -46.86
CA PHE M 358 -5.42 -138.42 -47.18
C PHE M 358 -4.85 -137.88 -45.88
N THR M 359 -3.69 -138.41 -45.47
CA THR M 359 -3.00 -137.97 -44.25
C THR M 359 -1.53 -137.71 -44.53
N PRO M 360 -1.22 -136.68 -45.33
CA PRO M 360 0.18 -136.47 -45.71
C PRO M 360 1.03 -135.93 -44.58
N LYS M 361 0.43 -135.21 -43.63
CA LYS M 361 1.17 -134.79 -42.44
C LYS M 361 1.63 -135.99 -41.62
N LEU M 362 0.87 -137.08 -41.67
CA LEU M 362 1.23 -138.31 -40.98
C LEU M 362 2.14 -139.22 -41.80
N GLY M 363 2.19 -139.00 -43.11
CA GLY M 363 3.20 -139.64 -43.95
C GLY M 363 2.67 -140.55 -45.03
N SER M 364 1.34 -140.61 -45.20
CA SER M 364 0.74 -141.56 -46.12
C SER M 364 -0.41 -140.91 -46.87
N VAL M 365 -0.53 -141.27 -48.15
CA VAL M 365 -1.67 -140.87 -48.98
C VAL M 365 -2.10 -142.08 -49.80
N GLN M 366 -3.35 -142.08 -50.22
CA GLN M 366 -3.95 -143.20 -50.93
C GLN M 366 -4.29 -142.82 -52.36
N PHE M 367 -3.90 -143.66 -53.30
CA PHE M 367 -4.21 -143.51 -54.71
C PHE M 367 -5.20 -144.58 -55.14
N THR M 368 -6.01 -144.28 -56.15
CA THR M 368 -6.79 -145.29 -56.84
C THR M 368 -6.32 -145.40 -58.28
N THR M 369 -5.83 -146.57 -58.66
CA THR M 369 -5.10 -146.76 -59.90
C THR M 369 -5.91 -147.64 -60.85
N ASP M 370 -5.33 -147.92 -62.02
CA ASP M 370 -5.93 -148.83 -62.98
C ASP M 370 -5.26 -150.20 -63.00
N THR M 371 -4.54 -150.57 -61.94
CA THR M 371 -3.94 -151.89 -61.84
C THR M 371 -3.98 -152.34 -60.39
N ASN M 372 -4.06 -153.65 -60.18
CA ASN M 372 -3.97 -154.25 -58.85
C ASN M 372 -2.72 -155.11 -58.63
N ASN M 373 -1.86 -155.27 -59.63
CA ASN M 373 -0.71 -156.17 -59.49
C ASN M 373 0.64 -155.61 -59.92
N ASP M 374 0.68 -154.52 -60.69
CA ASP M 374 1.88 -154.10 -61.42
C ASP M 374 2.61 -152.94 -60.78
N LEU M 375 2.69 -152.84 -59.45
CA LEU M 375 3.51 -151.81 -58.80
C LEU M 375 4.32 -152.40 -57.66
N GLU M 376 5.63 -152.51 -57.87
CA GLU M 376 6.51 -153.14 -56.89
C GLU M 376 6.64 -152.26 -55.66
N THR M 377 6.87 -152.90 -54.50
CA THR M 377 6.88 -152.14 -53.26
C THR M 377 8.23 -151.46 -53.00
N GLY M 378 9.32 -152.17 -53.24
CA GLY M 378 10.64 -151.62 -52.96
C GLY M 378 10.98 -150.35 -53.73
N GLN M 379 10.48 -150.23 -54.95
CA GLN M 379 10.88 -149.14 -55.83
C GLN M 379 10.25 -147.81 -55.46
N ASN M 380 10.97 -146.73 -55.78
CA ASN M 380 10.51 -145.37 -55.57
C ASN M 380 9.48 -145.00 -56.64
N THR M 381 8.45 -144.27 -56.23
CA THR M 381 7.31 -143.98 -57.09
C THR M 381 6.95 -142.50 -56.99
N LYS M 382 6.63 -141.90 -58.14
CA LYS M 382 6.32 -140.48 -58.25
C LYS M 382 4.94 -140.28 -58.88
N PHE M 383 4.11 -139.47 -58.23
CA PHE M 383 2.85 -139.02 -58.82
C PHE M 383 3.03 -137.70 -59.54
N THR M 384 2.84 -137.71 -60.86
CA THR M 384 2.90 -136.49 -61.66
C THR M 384 1.48 -136.01 -61.93
N PRO M 385 1.06 -134.86 -61.38
CA PRO M 385 -0.31 -134.40 -61.59
C PRO M 385 -0.53 -133.85 -62.99
N VAL M 386 -1.79 -133.93 -63.43
CA VAL M 386 -2.19 -133.49 -64.77
C VAL M 386 -3.42 -132.62 -64.68
N GLY M 387 -4.41 -133.06 -63.90
CA GLY M 387 -5.67 -132.35 -63.84
C GLY M 387 -6.56 -132.84 -62.73
N VAL M 388 -7.80 -132.35 -62.74
CA VAL M 388 -8.79 -132.69 -61.73
C VAL M 388 -10.01 -133.32 -62.41
N VAL M 389 -10.77 -134.07 -61.61
CA VAL M 389 -11.94 -134.81 -62.08
C VAL M 389 -13.12 -134.52 -61.15
N GLN M 390 -14.32 -134.79 -61.68
CA GLN M 390 -15.56 -134.53 -60.99
C GLN M 390 -16.52 -135.69 -61.25
N ASP M 391 -17.23 -136.12 -60.21
CA ASP M 391 -18.22 -137.18 -60.36
C ASP M 391 -19.44 -136.63 -61.09
N GLY M 392 -19.67 -137.08 -62.32
CA GLY M 392 -20.65 -136.46 -63.19
C GLY M 392 -22.09 -136.65 -62.76
N ASN M 393 -22.34 -137.59 -61.85
CA ASN M 393 -23.70 -137.87 -61.37
C ASN M 393 -24.13 -136.93 -60.27
N SER M 394 -23.20 -136.20 -59.66
CA SER M 394 -23.50 -135.20 -58.65
C SER M 394 -23.68 -133.83 -59.33
N ALA M 395 -23.92 -132.80 -58.51
CA ALA M 395 -24.17 -131.47 -59.05
C ALA M 395 -22.98 -130.99 -59.87
N HIS M 396 -23.28 -130.40 -61.02
CA HIS M 396 -22.24 -129.99 -61.96
C HIS M 396 -21.37 -128.89 -61.36
N GLN M 397 -20.05 -129.00 -61.57
CA GLN M 397 -19.07 -128.00 -61.16
C GLN M 397 -18.96 -127.87 -59.65
N ASN M 398 -18.93 -128.99 -58.94
CA ASN M 398 -18.95 -128.96 -57.48
C ASN M 398 -17.80 -129.69 -56.80
N GLU M 399 -16.97 -130.44 -57.52
CA GLU M 399 -16.05 -131.32 -56.81
C GLU M 399 -14.82 -130.58 -56.29
N PRO M 400 -14.04 -129.86 -57.13
CA PRO M 400 -12.85 -129.19 -56.59
C PRO M 400 -13.21 -127.86 -55.92
N GLN M 401 -13.20 -127.86 -54.60
CA GLN M 401 -13.49 -126.67 -53.79
C GLN M 401 -12.17 -126.02 -53.40
N GLN M 402 -11.72 -125.03 -54.18
CA GLN M 402 -10.37 -124.51 -54.03
C GLN M 402 -10.16 -123.80 -52.69
N TRP M 403 -11.22 -123.28 -52.07
CA TRP M 403 -11.09 -122.52 -50.84
C TRP M 403 -11.42 -123.35 -49.60
N VAL M 404 -11.45 -124.68 -49.73
CA VAL M 404 -11.62 -125.58 -48.60
C VAL M 404 -10.30 -126.32 -48.40
N LEU M 405 -9.70 -126.17 -47.22
CA LEU M 405 -8.45 -126.87 -47.01
C LEU M 405 -8.70 -128.32 -46.63
N PRO M 406 -7.92 -129.26 -47.16
CA PRO M 406 -7.96 -130.64 -46.67
C PRO M 406 -7.52 -130.75 -45.22
N ASN M 407 -7.80 -131.91 -44.64
CA ASN M 407 -7.39 -132.21 -43.27
C ASN M 407 -6.06 -132.92 -43.35
N TYR M 408 -4.96 -132.19 -43.11
CA TYR M 408 -3.64 -132.71 -43.40
C TYR M 408 -3.24 -133.87 -42.49
N SER M 409 -3.82 -133.95 -41.30
CA SER M 409 -3.56 -135.06 -40.38
C SER M 409 -4.76 -136.00 -40.27
N GLY M 410 -5.59 -136.04 -41.31
CA GLY M 410 -6.80 -136.83 -41.37
C GLY M 410 -7.64 -136.70 -40.13
N ARG M 411 -8.33 -137.80 -39.79
CA ARG M 411 -9.24 -137.80 -38.65
C ARG M 411 -8.52 -137.64 -37.31
N THR M 412 -7.24 -138.01 -37.25
CA THR M 412 -6.49 -138.03 -35.98
C THR M 412 -5.89 -136.67 -35.65
N GLY M 413 -6.74 -135.66 -35.55
CA GLY M 413 -6.33 -134.32 -35.16
C GLY M 413 -6.72 -133.26 -36.17
N HIS M 414 -6.27 -132.05 -35.90
CA HIS M 414 -6.60 -130.88 -36.69
C HIS M 414 -5.37 -130.30 -37.38
N ASN M 415 -5.63 -129.45 -38.38
CA ASN M 415 -4.56 -128.79 -39.13
C ASN M 415 -3.77 -127.86 -38.22
N VAL M 416 -2.46 -127.80 -38.44
CA VAL M 416 -1.57 -127.00 -37.61
C VAL M 416 -0.67 -126.14 -38.50
N HIS M 417 -0.03 -125.16 -37.88
CA HIS M 417 0.97 -124.29 -38.51
C HIS M 417 0.49 -123.73 -39.85
N LEU M 418 -0.76 -123.29 -39.90
CA LEU M 418 -1.33 -122.84 -41.16
C LEU M 418 -0.86 -121.43 -41.49
N ALA M 419 -0.77 -121.15 -42.78
CA ALA M 419 -0.70 -119.77 -43.23
C ALA M 419 -2.04 -119.10 -42.97
N PRO M 420 -2.05 -117.85 -42.52
CA PRO M 420 -3.31 -117.21 -42.12
C PRO M 420 -4.24 -117.03 -43.31
N ALA M 421 -5.53 -116.91 -43.00
CA ALA M 421 -6.52 -116.61 -44.03
C ALA M 421 -6.42 -115.16 -44.47
N VAL M 422 -7.06 -114.87 -45.60
CA VAL M 422 -6.84 -113.63 -46.34
C VAL M 422 -8.20 -113.09 -46.75
N ALA M 423 -8.42 -111.80 -46.50
CA ALA M 423 -9.69 -111.16 -46.83
C ALA M 423 -9.45 -109.67 -47.03
N PRO M 424 -10.25 -109.01 -47.87
CA PRO M 424 -10.11 -107.56 -48.00
C PRO M 424 -10.43 -106.85 -46.70
N THR M 425 -9.66 -105.81 -46.41
CA THR M 425 -9.76 -105.08 -45.15
C THR M 425 -10.27 -103.65 -45.31
N PHE M 426 -10.16 -103.08 -46.51
CA PHE M 426 -10.48 -101.69 -46.79
C PHE M 426 -11.83 -101.58 -47.48
N PRO M 427 -12.70 -100.68 -47.04
CA PRO M 427 -14.04 -100.57 -47.66
C PRO M 427 -13.95 -100.33 -49.16
N GLY M 428 -14.71 -101.13 -49.91
CA GLY M 428 -14.78 -101.00 -51.36
C GLY M 428 -13.78 -101.86 -52.10
N GLU M 429 -12.92 -102.59 -51.40
CA GLU M 429 -11.80 -103.31 -51.98
C GLU M 429 -12.07 -104.81 -51.95
N GLN M 430 -11.57 -105.51 -52.97
CA GLN M 430 -11.64 -106.97 -53.05
C GLN M 430 -10.26 -107.52 -53.36
N LEU M 431 -10.07 -108.79 -53.02
CA LEU M 431 -8.85 -109.51 -53.41
C LEU M 431 -8.67 -109.51 -54.91
N LEU M 432 -7.41 -109.52 -55.33
CA LEU M 432 -7.04 -109.67 -56.74
C LEU M 432 -6.35 -111.02 -56.89
N PHE M 433 -6.91 -111.87 -57.73
CA PHE M 433 -6.45 -113.24 -57.90
C PHE M 433 -5.76 -113.40 -59.24
N PHE M 434 -4.72 -114.24 -59.26
CA PHE M 434 -4.08 -114.67 -60.49
C PHE M 434 -4.71 -115.99 -60.90
N ARG M 435 -5.48 -115.97 -61.99
CA ARG M 435 -6.34 -117.08 -62.37
C ARG M 435 -5.72 -117.90 -63.49
N SER M 436 -5.69 -119.21 -63.29
CA SER M 436 -5.44 -120.18 -64.36
C SER M 436 -6.52 -121.24 -64.32
N THR M 437 -6.69 -121.94 -65.44
CA THR M 437 -7.75 -122.93 -65.59
C THR M 437 -7.13 -124.33 -65.60
N MET M 438 -7.56 -125.16 -64.66
CA MET M 438 -7.00 -126.50 -64.53
C MET M 438 -7.46 -127.39 -65.68
N PRO M 439 -6.62 -128.32 -66.11
CA PRO M 439 -7.09 -129.38 -67.02
C PRO M 439 -8.12 -130.26 -66.32
N GLY M 440 -9.25 -130.46 -66.99
CA GLY M 440 -10.24 -131.45 -66.56
C GLY M 440 -10.05 -132.77 -67.28
N CYS M 441 -10.11 -133.87 -66.52
CA CYS M 441 -9.86 -135.20 -67.05
C CYS M 441 -11.11 -136.06 -67.17
N SER M 442 -12.17 -135.73 -66.43
CA SER M 442 -13.42 -136.48 -66.42
C SER M 442 -14.46 -135.68 -65.66
N GLY M 443 -15.70 -135.73 -66.13
CA GLY M 443 -16.79 -135.10 -65.40
C GLY M 443 -16.98 -133.65 -65.80
N TYR M 444 -17.58 -132.91 -64.87
CA TYR M 444 -17.85 -131.47 -65.04
C TYR M 444 -17.25 -130.75 -63.84
N PRO M 445 -15.94 -130.54 -63.82
CA PRO M 445 -15.28 -129.97 -62.65
C PRO M 445 -15.24 -128.44 -62.68
N ASN M 446 -15.06 -127.87 -61.48
CA ASN M 446 -14.72 -126.46 -61.34
C ASN M 446 -13.22 -126.31 -61.64
N MET M 447 -12.91 -125.89 -62.85
CA MET M 447 -11.54 -125.81 -63.32
C MET M 447 -10.86 -124.50 -62.96
N ASN M 448 -11.54 -123.65 -62.18
CA ASN M 448 -10.99 -122.37 -61.77
C ASN M 448 -10.03 -122.52 -60.60
N LEU M 449 -8.81 -122.00 -60.74
CA LEU M 449 -7.81 -122.01 -59.68
C LEU M 449 -7.21 -120.63 -59.52
N ASP M 450 -7.36 -120.05 -58.34
CA ASP M 450 -6.86 -118.71 -58.03
C ASP M 450 -5.76 -118.80 -56.99
N CYS M 451 -4.61 -118.18 -57.28
CA CYS M 451 -3.52 -118.07 -56.32
C CYS M 451 -3.29 -116.61 -55.94
N LEU M 452 -2.71 -116.41 -54.76
CA LEU M 452 -2.53 -115.06 -54.25
C LEU M 452 -1.31 -114.38 -54.86
N LEU M 453 -0.27 -115.14 -55.19
CA LEU M 453 0.96 -114.64 -55.78
C LEU M 453 1.39 -115.63 -56.85
N PRO M 454 1.82 -115.14 -58.01
CA PRO M 454 2.45 -116.03 -58.99
C PRO M 454 3.68 -116.70 -58.40
N GLN M 455 3.97 -117.91 -58.89
CA GLN M 455 5.10 -118.65 -58.35
C GLN M 455 6.40 -117.88 -58.59
N GLU M 456 6.50 -117.19 -59.72
CA GLU M 456 7.69 -116.37 -60.00
C GLU M 456 7.83 -115.23 -59.00
N TRP M 457 6.72 -114.68 -58.50
CA TRP M 457 6.82 -113.67 -57.45
C TRP M 457 7.34 -114.27 -56.15
N VAL M 458 6.94 -115.51 -55.85
CA VAL M 458 7.49 -116.19 -54.68
C VAL M 458 9.00 -116.35 -54.84
N LEU M 459 9.42 -116.82 -56.02
CA LEU M 459 10.86 -116.94 -56.32
C LEU M 459 11.57 -115.60 -56.15
N HIS M 460 10.98 -114.53 -56.69
CA HIS M 460 11.65 -113.23 -56.65
C HIS M 460 11.76 -112.70 -55.23
N PHE M 461 10.67 -112.71 -54.48
CA PHE M 461 10.73 -112.24 -53.09
C PHE M 461 11.72 -113.05 -52.27
N TYR M 462 11.79 -114.35 -52.53
CA TYR M 462 12.69 -115.22 -51.75
C TYR M 462 14.14 -114.80 -51.95
N GLN M 463 14.56 -114.62 -53.21
CA GLN M 463 15.96 -114.33 -53.51
C GLN M 463 16.33 -112.90 -53.12
N GLU M 464 15.43 -111.95 -53.36
CA GLU M 464 15.76 -110.54 -53.13
C GLU M 464 15.66 -110.20 -51.65
N ALA M 465 14.68 -110.79 -50.95
CA ALA M 465 14.43 -110.57 -49.53
C ALA M 465 14.53 -109.10 -49.12
N ALA M 466 13.82 -108.25 -49.84
CA ALA M 466 13.89 -106.82 -49.54
C ALA M 466 13.08 -106.52 -48.29
N PRO M 467 13.66 -105.89 -47.27
CA PRO M 467 12.86 -105.54 -46.09
C PRO M 467 11.75 -104.55 -46.44
N ALA M 468 10.55 -104.82 -45.91
CA ALA M 468 9.39 -103.98 -46.15
C ALA M 468 9.43 -102.74 -45.28
N GLN M 469 9.40 -101.57 -45.92
CA GLN M 469 9.45 -100.28 -45.22
C GLN M 469 8.10 -99.85 -44.69
N SER M 470 7.01 -100.51 -45.09
CA SER M 470 5.69 -100.29 -44.52
C SER M 470 4.86 -101.53 -44.79
N ASP M 471 3.60 -101.49 -44.34
CA ASP M 471 2.76 -102.68 -44.41
C ASP M 471 2.14 -102.92 -45.78
N VAL M 472 2.21 -101.94 -46.69
CA VAL M 472 1.56 -102.05 -47.99
C VAL M 472 2.50 -101.53 -49.06
N ALA M 473 2.69 -102.31 -50.12
CA ALA M 473 3.44 -101.90 -51.29
C ALA M 473 2.46 -101.59 -52.42
N LEU M 474 2.41 -100.34 -52.84
CA LEU M 474 1.52 -99.93 -53.92
C LEU M 474 2.10 -100.38 -55.26
N LEU M 475 1.31 -101.15 -56.02
CA LEU M 475 1.69 -101.55 -57.36
C LEU M 475 0.78 -100.88 -58.38
N ARG M 476 1.35 -100.53 -59.53
CA ARG M 476 0.58 -100.04 -60.67
C ARG M 476 0.85 -100.90 -61.89
N PHE M 477 -0.20 -101.19 -62.65
CA PHE M 477 -0.12 -102.01 -63.84
C PHE M 477 -0.01 -101.08 -65.05
N VAL M 478 1.04 -101.27 -65.85
CA VAL M 478 1.43 -100.29 -66.86
C VAL M 478 1.34 -100.93 -68.25
N ASN M 479 0.87 -100.15 -69.21
CA ASN M 479 0.93 -100.53 -70.62
C ASN M 479 2.27 -100.03 -71.15
N PRO M 480 3.20 -100.91 -71.51
CA PRO M 480 4.54 -100.43 -71.91
C PRO M 480 4.59 -99.70 -73.23
N ASP M 481 3.59 -99.86 -74.10
CA ASP M 481 3.59 -99.14 -75.37
C ASP M 481 3.52 -97.63 -75.15
N THR M 482 2.52 -97.18 -74.39
CA THR M 482 2.36 -95.76 -74.09
C THR M 482 2.97 -95.33 -72.76
N GLY M 483 3.29 -96.28 -71.88
CA GLY M 483 3.67 -95.92 -70.52
C GLY M 483 2.50 -95.63 -69.60
N ARG M 484 1.27 -95.85 -70.05
CA ARG M 484 0.09 -95.40 -69.32
C ARG M 484 -0.22 -96.34 -68.17
N VAL M 485 -0.65 -95.77 -67.05
CA VAL M 485 -1.01 -96.55 -65.87
C VAL M 485 -2.48 -96.96 -65.99
N LEU M 486 -2.73 -98.27 -65.91
CA LEU M 486 -4.05 -98.82 -66.13
C LEU M 486 -4.86 -98.95 -64.85
N PHE M 487 -4.26 -99.47 -63.78
CA PHE M 487 -4.91 -99.50 -62.48
C PHE M 487 -3.84 -99.59 -61.40
N GLU M 488 -4.25 -99.33 -60.17
CA GLU M 488 -3.38 -99.52 -59.03
C GLU M 488 -3.98 -100.55 -58.08
N CYS M 489 -3.10 -101.24 -57.37
CA CYS M 489 -3.49 -102.27 -56.43
C CYS M 489 -2.51 -102.27 -55.27
N LYS M 490 -2.92 -102.89 -54.16
CA LYS M 490 -2.13 -102.93 -52.95
C LYS M 490 -1.57 -104.34 -52.78
N LEU M 491 -0.25 -104.45 -52.77
CA LEU M 491 0.42 -105.71 -52.45
C LEU M 491 0.74 -105.67 -50.97
N HIS M 492 0.05 -106.47 -50.18
CA HIS M 492 0.24 -106.44 -48.74
C HIS M 492 1.47 -107.24 -48.35
N LYS M 493 2.14 -106.78 -47.29
CA LYS M 493 3.38 -107.41 -46.84
C LYS M 493 3.19 -108.89 -46.60
N SER M 494 2.01 -109.30 -46.12
CA SER M 494 1.68 -110.69 -45.84
C SER M 494 1.67 -111.55 -47.10
N GLY M 495 1.84 -110.93 -48.26
CA GLY M 495 1.85 -111.65 -49.52
C GLY M 495 0.49 -111.94 -50.14
N TYR M 496 -0.34 -110.90 -50.30
CA TYR M 496 -1.59 -111.00 -51.04
C TYR M 496 -1.94 -109.63 -51.57
N VAL M 497 -2.76 -109.60 -52.63
CA VAL M 497 -3.03 -108.37 -53.34
C VAL M 497 -4.53 -108.05 -53.25
N THR M 498 -4.83 -106.76 -53.19
CA THR M 498 -6.19 -106.26 -53.12
C THR M 498 -6.35 -105.15 -54.14
N VAL M 499 -7.58 -104.95 -54.63
CA VAL M 499 -7.86 -103.93 -55.63
C VAL M 499 -9.23 -103.33 -55.33
N ALA M 500 -9.50 -102.17 -55.93
CA ALA M 500 -10.73 -101.42 -55.70
C ALA M 500 -11.74 -101.74 -56.79
N HIS M 501 -12.68 -102.62 -56.45
CA HIS M 501 -13.75 -103.06 -57.34
C HIS M 501 -14.79 -103.75 -56.48
N THR M 502 -16.02 -103.81 -56.98
CA THR M 502 -17.08 -104.58 -56.33
C THR M 502 -17.78 -105.43 -57.36
N GLY M 503 -17.90 -106.72 -57.07
CA GLY M 503 -18.49 -107.67 -57.99
C GLY M 503 -17.41 -108.44 -58.73
N PRO M 504 -17.75 -109.61 -59.26
CA PRO M 504 -16.76 -110.39 -60.00
C PRO M 504 -16.44 -109.74 -61.35
N HIS M 505 -15.20 -109.94 -61.78
CA HIS M 505 -14.71 -109.32 -63.01
C HIS M 505 -13.41 -109.99 -63.46
N ASP M 506 -13.38 -110.46 -64.70
CA ASP M 506 -12.11 -110.77 -65.36
C ASP M 506 -11.53 -109.48 -65.92
N LEU M 507 -10.25 -109.23 -65.61
CA LEU M 507 -9.63 -107.97 -66.00
C LEU M 507 -9.29 -107.98 -67.48
N VAL M 508 -9.53 -106.84 -68.13
CA VAL M 508 -9.25 -106.65 -69.54
C VAL M 508 -7.88 -105.99 -69.65
N ILE M 509 -6.88 -106.78 -70.03
CA ILE M 509 -5.49 -106.40 -69.85
C ILE M 509 -4.73 -106.51 -71.17
N PRO M 510 -3.90 -105.55 -71.53
CA PRO M 510 -2.98 -105.72 -72.66
C PRO M 510 -2.05 -106.90 -72.44
N PRO M 511 -1.83 -107.72 -73.47
CA PRO M 511 -1.03 -108.93 -73.27
C PRO M 511 0.39 -108.67 -72.78
N ASN M 512 0.94 -107.48 -73.02
CA ASN M 512 2.31 -107.15 -72.65
C ASN M 512 2.42 -106.28 -71.40
N GLY M 513 1.31 -106.08 -70.68
CA GLY M 513 1.35 -105.24 -69.49
C GLY M 513 2.08 -105.89 -68.34
N TYR M 514 2.68 -105.04 -67.49
CA TYR M 514 3.54 -105.50 -66.39
C TYR M 514 3.20 -104.74 -65.11
N PHE M 515 3.59 -105.34 -63.99
CA PHE M 515 3.45 -104.74 -62.67
C PHE M 515 4.69 -103.94 -62.28
N ARG M 516 4.46 -102.77 -61.69
CA ARG M 516 5.53 -101.87 -61.27
C ARG M 516 5.31 -101.44 -59.82
N PHE M 517 6.34 -101.58 -58.99
CA PHE M 517 6.27 -101.08 -57.63
C PHE M 517 6.52 -99.58 -57.63
N ASP M 518 5.59 -98.82 -57.04
CA ASP M 518 5.64 -97.37 -57.13
C ASP M 518 5.90 -96.66 -55.79
N SER M 519 5.39 -97.19 -54.68
CA SER M 519 5.56 -96.49 -53.42
C SER M 519 5.12 -97.39 -52.27
N TRP M 520 5.76 -97.19 -51.12
CA TRP M 520 5.23 -97.69 -49.86
C TRP M 520 4.10 -96.79 -49.37
N VAL M 521 3.02 -97.40 -48.90
CA VAL M 521 1.85 -96.70 -48.38
C VAL M 521 1.39 -97.44 -47.12
N ASN M 522 0.40 -96.86 -46.45
CA ASN M 522 -0.15 -97.50 -45.25
C ASN M 522 -1.59 -97.94 -45.50
N GLN M 523 -2.19 -98.48 -44.44
CA GLN M 523 -3.51 -99.10 -44.52
C GLN M 523 -4.61 -98.11 -44.89
N PHE M 524 -4.37 -96.81 -44.75
CA PHE M 524 -5.38 -95.80 -45.04
C PHE M 524 -5.39 -95.34 -46.49
N TYR M 525 -4.49 -95.86 -47.32
CA TYR M 525 -4.44 -95.46 -48.72
C TYR M 525 -5.71 -95.89 -49.44
N THR M 526 -6.26 -94.98 -50.23
CA THR M 526 -7.49 -95.19 -50.98
C THR M 526 -7.14 -95.45 -52.45
N LEU M 527 -7.52 -96.62 -52.94
CA LEU M 527 -7.14 -97.01 -54.29
C LEU M 527 -8.09 -96.38 -55.31
N ALA M 528 -7.55 -96.08 -56.48
CA ALA M 528 -8.39 -95.57 -57.56
C ALA M 528 -9.27 -96.71 -58.07
N PRO M 529 -10.56 -96.48 -58.26
CA PRO M 529 -11.42 -97.56 -58.77
C PRO M 529 -11.08 -97.92 -60.20
N MET M 530 -11.19 -99.21 -60.51
CA MET M 530 -10.76 -99.77 -61.78
C MET M 530 -11.89 -100.60 -62.37
N GLY M 531 -12.23 -100.32 -63.63
CA GLY M 531 -13.29 -101.05 -64.30
C GLY M 531 -14.37 -100.15 -64.86
N PRO N 10 29.08 -70.99 20.85
CA PRO N 10 28.25 -71.00 19.64
C PRO N 10 27.18 -72.10 19.65
N SER N 11 27.59 -73.30 20.04
CA SER N 11 26.68 -74.41 20.25
C SER N 11 26.41 -74.68 21.73
N ASP N 12 26.78 -73.75 22.61
CA ASP N 12 26.50 -73.94 24.03
C ASP N 12 24.99 -73.90 24.24
N GLY N 13 24.42 -75.04 24.64
CA GLY N 13 22.99 -75.15 24.87
C GLY N 13 22.22 -75.79 23.75
N SER N 14 22.84 -75.97 22.59
CA SER N 14 22.22 -76.60 21.42
C SER N 14 23.23 -77.53 20.79
N THR N 15 22.87 -78.81 20.63
CA THR N 15 23.75 -79.81 20.00
C THR N 15 24.95 -80.11 20.88
N ALA N 16 25.64 -79.05 21.33
CA ALA N 16 26.52 -79.10 22.50
C ALA N 16 27.71 -80.04 22.31
N ASN N 17 28.18 -80.16 21.06
CA ASN N 17 29.33 -80.98 20.70
C ASN N 17 29.09 -82.46 20.96
N LEU N 18 27.83 -82.85 21.16
CA LEU N 18 27.50 -84.23 21.47
C LEU N 18 27.39 -85.06 20.21
N VAL N 19 27.47 -84.40 19.05
CA VAL N 19 27.09 -85.00 17.78
C VAL N 19 28.06 -84.53 16.71
N PRO N 20 28.37 -85.38 15.74
CA PRO N 20 29.27 -84.96 14.66
C PRO N 20 28.63 -83.86 13.84
N GLU N 21 29.44 -82.90 13.39
CA GLU N 21 28.89 -81.74 12.71
C GLU N 21 28.76 -81.93 11.20
N VAL N 22 29.85 -82.30 10.52
CA VAL N 22 29.81 -82.52 9.08
C VAL N 22 30.76 -83.66 8.73
N ASN N 23 30.55 -84.23 7.55
CA ASN N 23 31.43 -85.26 7.02
C ASN N 23 32.50 -84.62 6.14
N ASN N 24 33.76 -84.92 6.43
CA ASN N 24 34.86 -84.53 5.58
C ASN N 24 35.09 -85.50 4.43
N GLU N 25 34.44 -86.66 4.44
CA GLU N 25 34.57 -87.62 3.35
C GLU N 25 33.86 -87.11 2.09
N VAL N 26 34.41 -87.49 0.94
CA VAL N 26 33.95 -87.01 -0.37
C VAL N 26 34.01 -88.18 -1.35
N MET N 27 32.98 -88.30 -2.18
CA MET N 27 32.93 -89.38 -3.16
C MET N 27 33.99 -89.20 -4.24
N ALA N 28 34.74 -90.28 -4.51
CA ALA N 28 35.78 -90.29 -5.54
C ALA N 28 35.16 -90.45 -6.93
N LEU N 29 34.46 -89.40 -7.36
CA LEU N 29 33.90 -89.33 -8.71
C LEU N 29 34.51 -88.15 -9.45
N GLU N 30 34.84 -88.36 -10.73
CA GLU N 30 35.27 -87.27 -11.58
C GLU N 30 34.07 -86.42 -11.98
N PRO N 31 34.31 -85.17 -12.37
CA PRO N 31 33.21 -84.35 -12.91
C PRO N 31 32.72 -84.90 -14.24
N VAL N 32 31.44 -84.64 -14.51
CA VAL N 32 30.78 -85.14 -15.70
C VAL N 32 29.94 -84.01 -16.30
N VAL N 33 30.09 -83.79 -17.62
CA VAL N 33 29.31 -82.78 -18.30
C VAL N 33 27.85 -83.21 -18.37
N GLY N 34 26.95 -82.23 -18.35
CA GLY N 34 25.55 -82.51 -18.53
C GLY N 34 25.07 -82.39 -19.97
N ALA N 35 24.03 -81.59 -20.18
CA ALA N 35 23.38 -81.52 -21.49
C ALA N 35 24.13 -80.64 -22.48
N ALA N 36 25.14 -79.88 -22.05
CA ALA N 36 25.87 -79.01 -22.97
C ALA N 36 26.46 -79.79 -24.13
N ILE N 37 27.01 -80.98 -23.85
CA ILE N 37 27.59 -81.83 -24.89
C ILE N 37 26.56 -82.21 -25.94
N ALA N 38 25.27 -82.20 -25.57
CA ALA N 38 24.21 -82.67 -26.45
C ALA N 38 23.69 -81.60 -27.38
N ALA N 39 24.10 -80.35 -27.22
CA ALA N 39 23.51 -79.25 -27.99
C ALA N 39 23.56 -79.46 -29.50
N PRO N 40 24.67 -79.92 -30.10
CA PRO N 40 24.66 -80.11 -31.57
C PRO N 40 23.73 -81.19 -32.06
N VAL N 41 23.28 -82.11 -31.20
CA VAL N 41 22.39 -83.19 -31.62
C VAL N 41 21.03 -83.14 -30.96
N ALA N 42 20.81 -82.29 -29.97
CA ALA N 42 19.46 -82.16 -29.46
C ALA N 42 18.66 -81.24 -30.37
N GLY N 43 17.34 -81.41 -30.32
CA GLY N 43 16.47 -80.59 -31.13
C GLY N 43 16.46 -79.13 -30.70
N GLN N 44 16.68 -78.88 -29.41
CA GLN N 44 16.43 -77.57 -28.84
C GLN N 44 17.32 -77.40 -27.61
N GLN N 45 17.51 -76.14 -27.21
CA GLN N 45 18.22 -75.81 -25.98
C GLN N 45 17.17 -75.24 -25.04
N ASN N 46 16.90 -75.94 -23.95
CA ASN N 46 15.81 -75.58 -23.08
C ASN N 46 16.33 -74.98 -21.79
N VAL N 47 15.40 -74.48 -20.98
CA VAL N 47 15.73 -73.72 -19.80
C VAL N 47 14.86 -74.24 -18.66
N ILE N 48 15.46 -74.34 -17.48
CA ILE N 48 14.76 -74.69 -16.26
C ILE N 48 14.70 -73.45 -15.39
N ASP N 49 13.57 -73.24 -14.73
CA ASP N 49 13.40 -72.09 -13.87
C ASP N 49 14.55 -72.04 -12.86
N PRO N 50 15.34 -70.97 -12.85
CA PRO N 50 16.54 -70.96 -11.98
C PRO N 50 16.26 -71.21 -10.52
N TRP N 51 15.05 -70.90 -10.03
CA TRP N 51 14.75 -71.17 -8.63
C TRP N 51 14.85 -72.66 -8.34
N ILE N 52 14.38 -73.50 -9.26
CA ILE N 52 14.49 -74.95 -9.10
C ILE N 52 15.95 -75.37 -8.99
N ARG N 53 16.85 -74.65 -9.65
CA ARG N 53 18.26 -75.01 -9.64
C ARG N 53 18.99 -74.54 -8.38
N ASN N 54 18.42 -73.61 -7.63
CA ASN N 54 19.11 -73.03 -6.50
C ASN N 54 18.51 -73.42 -5.14
N ASN N 55 17.52 -74.30 -5.11
CA ASN N 55 16.81 -74.55 -3.87
C ASN N 55 16.45 -76.02 -3.71
N PHE N 56 16.89 -76.61 -2.61
CA PHE N 56 16.61 -78.01 -2.32
C PHE N 56 15.14 -78.23 -2.00
N VAL N 57 14.58 -79.28 -2.58
CA VAL N 57 13.19 -79.68 -2.35
C VAL N 57 13.19 -81.19 -2.15
N GLN N 58 12.25 -81.68 -1.34
CA GLN N 58 12.26 -83.08 -0.98
C GLN N 58 11.85 -83.95 -2.17
N ALA N 59 12.66 -84.96 -2.45
CA ALA N 59 12.42 -85.87 -3.57
C ALA N 59 11.12 -86.63 -3.37
N PRO N 60 10.51 -87.10 -4.47
CA PRO N 60 9.33 -87.97 -4.32
C PRO N 60 9.59 -89.13 -3.38
N GLY N 61 10.74 -89.78 -3.50
CA GLY N 61 11.13 -90.76 -2.51
C GLY N 61 12.19 -90.13 -1.63
N GLY N 62 11.75 -89.44 -0.58
CA GLY N 62 12.69 -88.69 0.24
C GLY N 62 12.52 -88.90 1.72
N GLU N 63 11.95 -90.04 2.10
CA GLU N 63 11.88 -90.46 3.49
C GLU N 63 12.48 -91.84 3.62
N PHE N 64 13.29 -92.04 4.66
CA PHE N 64 13.71 -93.37 5.06
C PHE N 64 14.04 -93.34 6.53
N THR N 65 14.16 -94.53 7.12
CA THR N 65 14.31 -94.68 8.56
C THR N 65 15.43 -95.63 8.90
N VAL N 66 16.14 -95.31 9.98
CA VAL N 66 17.06 -96.25 10.62
C VAL N 66 16.46 -96.58 11.98
N SER N 67 16.05 -97.83 12.16
CA SER N 67 15.44 -98.32 13.39
C SER N 67 16.14 -99.59 13.81
N PRO N 68 15.93 -100.03 15.06
CA PRO N 68 16.59 -101.27 15.51
C PRO N 68 16.08 -102.50 14.78
N ARG N 69 14.91 -102.43 14.15
CA ARG N 69 14.42 -103.54 13.35
C ARG N 69 15.22 -103.74 12.06
N ASN N 70 15.98 -102.73 11.64
CA ASN N 70 16.77 -102.84 10.42
C ASN N 70 18.05 -103.62 10.71
N ALA N 71 18.51 -104.36 9.70
CA ALA N 71 19.74 -105.12 9.85
C ALA N 71 20.80 -104.58 8.89
N PRO N 72 22.08 -104.69 9.26
CA PRO N 72 23.14 -104.22 8.36
C PRO N 72 23.07 -104.93 7.00
N GLY N 73 23.34 -104.16 5.95
CA GLY N 73 23.26 -104.64 4.60
C GLY N 73 21.99 -104.27 3.87
N GLU N 74 20.93 -103.94 4.59
CA GLU N 74 19.69 -103.54 3.94
C GLU N 74 19.85 -102.18 3.29
N ILE N 75 19.48 -102.08 2.01
CA ILE N 75 19.50 -100.81 1.31
C ILE N 75 18.29 -100.01 1.77
N LEU N 76 18.54 -98.98 2.58
CA LEU N 76 17.46 -98.20 3.17
C LEU N 76 16.86 -97.21 2.18
N TRP N 77 17.63 -96.81 1.17
CA TRP N 77 17.20 -95.81 0.20
C TRP N 77 18.03 -95.99 -1.05
N SER N 78 17.38 -95.85 -2.21
CA SER N 78 18.08 -95.94 -3.47
C SER N 78 17.25 -95.24 -4.54
N ALA N 79 17.94 -94.73 -5.56
CA ALA N 79 17.27 -94.05 -6.65
C ALA N 79 18.21 -93.96 -7.83
N PRO N 80 17.73 -94.13 -9.06
CA PRO N 80 18.56 -93.84 -10.23
C PRO N 80 18.42 -92.39 -10.64
N LEU N 81 19.50 -91.87 -11.23
CA LEU N 81 19.47 -90.49 -11.70
C LEU N 81 18.41 -90.32 -12.77
N GLY N 82 17.68 -89.21 -12.68
CA GLY N 82 16.62 -88.90 -13.60
C GLY N 82 15.73 -87.82 -13.02
N PRO N 83 14.78 -87.33 -13.82
CA PRO N 83 13.89 -86.26 -13.33
C PRO N 83 13.08 -86.66 -12.11
N ASP N 84 12.89 -87.95 -11.87
CA ASP N 84 12.06 -88.40 -10.76
C ASP N 84 12.69 -88.11 -9.40
N LEU N 85 13.92 -87.62 -9.36
CA LEU N 85 14.59 -87.25 -8.11
C LEU N 85 14.09 -85.94 -7.54
N ASN N 86 13.24 -85.21 -8.25
CA ASN N 86 12.88 -83.87 -7.83
C ASN N 86 11.44 -83.57 -8.25
N PRO N 87 10.57 -83.16 -7.30
CA PRO N 87 9.15 -83.02 -7.64
C PRO N 87 8.87 -81.99 -8.73
N TYR N 88 9.61 -80.88 -8.74
CA TYR N 88 9.45 -79.91 -9.83
C TYR N 88 9.88 -80.52 -11.16
N LEU N 89 11.06 -81.14 -11.19
CA LEU N 89 11.51 -81.79 -12.40
C LEU N 89 10.58 -82.91 -12.82
N SER N 90 9.93 -83.57 -11.86
CA SER N 90 8.99 -84.65 -12.17
C SER N 90 7.80 -84.12 -12.94
N HIS N 91 7.27 -82.97 -12.52
CA HIS N 91 6.18 -82.35 -13.28
C HIS N 91 6.69 -81.85 -14.62
N LEU N 92 7.88 -81.24 -14.65
CA LEU N 92 8.42 -80.74 -15.90
C LEU N 92 8.72 -81.86 -16.88
N ALA N 93 9.15 -83.03 -16.38
CA ALA N 93 9.56 -84.11 -17.27
C ALA N 93 8.38 -84.67 -18.06
N ARG N 94 7.15 -84.40 -17.64
CA ARG N 94 5.99 -84.85 -18.38
C ARG N 94 5.76 -84.00 -19.62
N MET N 95 6.62 -83.02 -19.86
CA MET N 95 6.51 -82.09 -20.97
C MET N 95 7.68 -82.20 -21.92
N TYR N 96 8.68 -83.05 -21.61
CA TYR N 96 9.90 -83.14 -22.38
C TYR N 96 10.17 -84.59 -22.78
N ASN N 97 10.93 -84.76 -23.86
CA ASN N 97 11.23 -86.08 -24.40
C ASN N 97 12.49 -86.70 -23.82
N GLY N 98 13.42 -85.89 -23.33
CA GLY N 98 14.63 -86.44 -22.77
C GLY N 98 15.29 -85.50 -21.78
N TYR N 99 16.45 -85.91 -21.29
CA TYR N 99 17.17 -85.15 -20.29
C TYR N 99 18.63 -85.56 -20.32
N ALA N 100 19.46 -84.74 -19.67
CA ALA N 100 20.86 -85.07 -19.46
C ALA N 100 21.40 -84.15 -18.37
N GLY N 101 22.31 -84.70 -17.58
CA GLY N 101 22.95 -83.94 -16.52
C GLY N 101 22.67 -84.54 -15.15
N GLY N 102 23.35 -83.96 -14.16
CA GLY N 102 23.43 -84.56 -12.84
C GLY N 102 22.64 -83.79 -11.81
N PHE N 103 22.67 -84.33 -10.59
CA PHE N 103 21.93 -83.76 -9.48
C PHE N 103 22.86 -83.53 -8.31
N GLU N 104 22.42 -82.64 -7.42
CA GLU N 104 22.98 -82.52 -6.08
C GLU N 104 21.91 -82.99 -5.12
N VAL N 105 22.22 -84.02 -4.33
CA VAL N 105 21.27 -84.56 -3.37
C VAL N 105 21.72 -84.20 -1.97
N GLN N 106 20.76 -83.88 -1.11
CA GLN N 106 21.02 -83.53 0.27
C GLN N 106 20.28 -84.53 1.16
N VAL N 107 21.01 -85.15 2.08
CA VAL N 107 20.47 -86.13 3.01
C VAL N 107 20.57 -85.57 4.41
N ILE N 108 19.49 -85.68 5.17
CA ILE N 108 19.43 -85.16 6.54
C ILE N 108 19.39 -86.37 7.47
N LEU N 109 20.33 -86.41 8.41
CA LEU N 109 20.49 -87.53 9.33
C LEU N 109 20.63 -87.05 10.75
N ALA N 110 19.86 -86.04 11.17
CA ALA N 110 20.18 -85.37 12.43
C ALA N 110 19.58 -86.19 13.56
N GLY N 111 20.24 -87.31 13.85
CA GLY N 111 19.75 -88.24 14.85
C GLY N 111 19.99 -87.75 16.26
N ASN N 112 19.23 -88.33 17.19
CA ASN N 112 19.40 -88.04 18.61
C ASN N 112 20.81 -88.43 19.07
N ALA N 113 21.32 -87.68 20.04
CA ALA N 113 22.70 -87.86 20.48
C ALA N 113 22.94 -89.22 21.15
N PHE N 114 21.89 -89.88 21.59
CA PHE N 114 22.02 -91.18 22.26
C PHE N 114 22.04 -92.36 21.30
N THR N 115 22.07 -92.12 19.99
CA THR N 115 22.06 -93.21 19.02
C THR N 115 23.46 -93.46 18.47
N ALA N 116 23.59 -94.51 17.68
CA ALA N 116 24.86 -94.86 17.06
C ALA N 116 24.58 -95.69 15.81
N GLY N 117 25.51 -95.60 14.86
CA GLY N 117 25.43 -96.40 13.64
C GLY N 117 25.94 -95.61 12.45
N LYS N 118 26.27 -96.33 11.38
CA LYS N 118 26.81 -95.74 10.18
C LYS N 118 25.98 -96.12 8.96
N ILE N 119 25.89 -95.19 8.01
CA ILE N 119 25.28 -95.43 6.71
C ILE N 119 26.33 -95.25 5.63
N ILE N 120 26.30 -96.11 4.60
CA ILE N 120 27.13 -95.93 3.41
C ILE N 120 26.27 -95.42 2.26
N PHE N 121 26.71 -94.32 1.66
CA PHE N 121 26.18 -93.84 0.40
C PHE N 121 27.18 -94.23 -0.68
N ALA N 122 26.68 -94.77 -1.80
CA ALA N 122 27.55 -95.19 -2.88
C ALA N 122 26.91 -94.90 -4.23
N ALA N 123 27.74 -94.56 -5.20
CA ALA N 123 27.35 -94.41 -6.59
C ALA N 123 27.75 -95.67 -7.35
N VAL N 124 26.77 -96.38 -7.89
CA VAL N 124 27.01 -97.59 -8.68
C VAL N 124 26.77 -97.25 -10.15
N PRO N 125 27.68 -97.59 -11.05
CA PRO N 125 27.61 -97.09 -12.42
C PRO N 125 26.55 -97.85 -13.21
N PRO N 126 26.15 -97.32 -14.37
CA PRO N 126 25.09 -97.98 -15.15
C PRO N 126 25.51 -99.37 -15.59
N ASN N 127 24.51 -100.27 -15.66
CA ASN N 127 24.68 -101.66 -16.06
C ASN N 127 25.43 -102.49 -15.03
N PHE N 128 25.54 -102.02 -13.79
CA PHE N 128 25.98 -102.92 -12.73
C PHE N 128 24.81 -103.36 -11.89
N PRO N 129 24.65 -104.66 -11.62
CA PRO N 129 23.48 -105.13 -10.87
C PRO N 129 23.57 -104.77 -9.40
N THR N 130 22.50 -104.13 -8.90
CA THR N 130 22.35 -103.69 -7.52
C THR N 130 21.86 -104.79 -6.58
N GLU N 131 21.35 -105.90 -7.12
CA GLU N 131 20.42 -106.74 -6.36
C GLU N 131 21.12 -107.51 -5.24
N GLY N 132 22.24 -108.17 -5.54
CA GLY N 132 22.94 -108.92 -4.53
C GLY N 132 23.95 -108.21 -3.67
N LEU N 133 24.05 -106.88 -3.71
CA LEU N 133 25.22 -106.20 -3.18
C LEU N 133 25.35 -106.40 -1.67
N SER N 134 26.58 -106.78 -1.24
CA SER N 134 27.04 -106.87 0.14
C SER N 134 27.68 -105.57 0.57
N PRO N 135 27.76 -105.30 1.87
CA PRO N 135 28.46 -104.08 2.33
C PRO N 135 29.91 -104.02 1.89
N SER N 136 30.64 -105.13 1.98
CA SER N 136 32.00 -105.18 1.44
C SER N 136 32.05 -104.67 0.00
N GLN N 137 31.14 -105.18 -0.84
CA GLN N 137 31.19 -104.82 -2.26
C GLN N 137 30.82 -103.36 -2.48
N VAL N 138 29.87 -102.85 -1.71
CA VAL N 138 29.45 -101.46 -1.85
C VAL N 138 30.61 -100.51 -1.59
N THR N 139 31.49 -100.88 -0.67
CA THR N 139 32.72 -100.12 -0.42
C THR N 139 33.61 -100.00 -1.66
N MET N 140 33.43 -100.87 -2.66
CA MET N 140 34.32 -100.83 -3.82
C MET N 140 33.90 -99.83 -4.88
N PHE N 141 32.72 -99.23 -4.75
CA PHE N 141 32.33 -98.09 -5.57
C PHE N 141 32.80 -96.80 -4.91
N PRO N 142 32.72 -95.66 -5.61
CA PRO N 142 32.83 -94.38 -4.91
C PRO N 142 31.80 -94.31 -3.80
N HIS N 143 32.24 -93.97 -2.59
CA HIS N 143 31.35 -94.12 -1.45
C HIS N 143 31.69 -93.09 -0.38
N ILE N 144 30.75 -92.94 0.55
CA ILE N 144 30.89 -92.10 1.73
C ILE N 144 30.33 -92.88 2.91
N ILE N 145 31.02 -92.85 4.04
CA ILE N 145 30.57 -93.49 5.26
C ILE N 145 30.25 -92.40 6.27
N VAL N 146 28.99 -92.33 6.68
CA VAL N 146 28.45 -91.21 7.45
C VAL N 146 27.84 -91.74 8.74
N ASP N 147 28.03 -91.01 9.83
CA ASP N 147 27.47 -91.42 11.10
C ASP N 147 26.00 -91.03 11.15
N VAL N 148 25.18 -91.92 11.71
CA VAL N 148 23.73 -91.71 11.69
C VAL N 148 23.33 -90.47 12.47
N ARG N 149 24.21 -89.94 13.31
CA ARG N 149 23.88 -88.73 14.07
C ARG N 149 24.29 -87.43 13.39
N GLN N 150 24.89 -87.47 12.19
CA GLN N 150 25.47 -86.25 11.62
C GLN N 150 24.43 -85.14 11.49
N LEU N 151 24.82 -83.94 11.92
CA LEU N 151 23.88 -82.84 12.08
C LEU N 151 23.72 -82.01 10.82
N GLU N 152 24.82 -81.62 10.20
CA GLU N 152 24.67 -80.86 8.97
C GLU N 152 24.36 -81.82 7.84
N PRO N 153 23.53 -81.40 6.88
CA PRO N 153 23.15 -82.31 5.81
C PRO N 153 24.36 -82.78 5.02
N VAL N 154 24.22 -83.98 4.46
CA VAL N 154 25.26 -84.57 3.64
C VAL N 154 24.98 -84.19 2.21
N LEU N 155 25.99 -83.68 1.52
CA LEU N 155 25.82 -83.27 0.13
C LEU N 155 26.55 -84.27 -0.75
N ILE N 156 25.81 -84.87 -1.66
CA ILE N 156 26.35 -85.86 -2.59
C ILE N 156 26.09 -85.33 -3.99
N PRO N 157 27.12 -85.07 -4.79
CA PRO N 157 26.88 -84.79 -6.20
C PRO N 157 26.75 -86.09 -6.97
N LEU N 158 25.77 -86.13 -7.86
CA LEU N 158 25.43 -87.33 -8.62
C LEU N 158 25.56 -87.04 -10.10
N PRO N 159 26.68 -87.38 -10.73
CA PRO N 159 26.90 -87.01 -12.13
C PRO N 159 26.23 -88.00 -13.08
N ASP N 160 25.93 -87.50 -14.28
CA ASP N 160 25.20 -88.30 -15.28
C ASP N 160 26.19 -89.11 -16.12
N VAL N 161 26.86 -90.05 -15.44
CA VAL N 161 27.71 -91.00 -16.15
C VAL N 161 26.88 -91.78 -17.15
N ARG N 162 27.37 -91.84 -18.39
CA ARG N 162 26.62 -92.36 -19.51
C ARG N 162 27.59 -92.49 -20.68
N ASN N 163 27.14 -93.17 -21.74
CA ASN N 163 27.94 -93.33 -22.96
C ASN N 163 27.20 -92.81 -24.18
N ASN N 164 26.18 -91.99 -23.96
CA ASN N 164 25.45 -91.34 -25.04
C ASN N 164 25.36 -89.86 -24.74
N PHE N 165 24.85 -89.09 -25.71
CA PHE N 165 24.76 -87.65 -25.52
C PHE N 165 23.73 -87.29 -24.47
N TYR N 166 22.64 -88.05 -24.37
CA TYR N 166 21.57 -87.80 -23.41
C TYR N 166 20.64 -89.00 -23.37
N HIS N 167 19.66 -88.95 -22.48
CA HIS N 167 18.74 -90.03 -22.19
C HIS N 167 17.37 -89.71 -22.75
N TYR N 168 16.65 -90.73 -23.22
CA TYR N 168 15.24 -90.60 -23.58
C TYR N 168 14.38 -91.05 -22.42
N ASN N 169 13.26 -90.33 -22.21
CA ASN N 169 12.37 -90.67 -21.10
C ASN N 169 11.75 -92.04 -21.28
N GLN N 170 11.38 -92.38 -22.50
CA GLN N 170 10.68 -93.62 -22.83
C GLN N 170 11.61 -94.80 -23.07
N SER N 171 12.90 -94.69 -22.74
CA SER N 171 13.81 -95.78 -23.04
C SER N 171 14.20 -96.52 -21.76
N ASN N 172 14.96 -97.59 -21.95
CA ASN N 172 15.39 -98.47 -20.88
C ASN N 172 16.86 -98.32 -20.48
N ASP N 173 17.65 -97.52 -21.19
CA ASP N 173 19.06 -97.41 -20.85
C ASP N 173 19.22 -97.01 -19.38
N PRO N 174 20.16 -97.60 -18.67
CA PRO N 174 20.33 -97.34 -17.24
C PRO N 174 21.17 -96.10 -16.96
N THR N 175 21.01 -95.57 -15.76
CA THR N 175 21.75 -94.42 -15.27
C THR N 175 22.42 -94.81 -13.95
N ILE N 176 23.26 -93.93 -13.43
CA ILE N 176 23.81 -94.15 -12.09
C ILE N 176 22.68 -94.28 -11.08
N LYS N 177 22.88 -95.16 -10.12
CA LYS N 177 21.99 -95.34 -9.00
C LYS N 177 22.76 -94.83 -7.79
N LEU N 178 22.10 -94.04 -6.95
CA LEU N 178 22.64 -93.66 -5.66
C LEU N 178 22.04 -94.59 -4.60
N ILE N 179 22.90 -95.13 -3.76
CA ILE N 179 22.52 -96.17 -2.80
C ILE N 179 22.83 -95.69 -1.40
N ALA N 180 21.89 -95.90 -0.50
CA ALA N 180 22.11 -95.71 0.93
C ALA N 180 21.85 -97.05 1.59
N MET N 181 22.85 -97.58 2.28
CA MET N 181 22.75 -98.89 2.90
C MET N 181 23.17 -98.78 4.36
N LEU N 182 22.49 -99.52 5.22
CA LEU N 182 22.86 -99.54 6.63
C LEU N 182 24.17 -100.28 6.78
N TYR N 183 25.21 -99.56 7.21
CA TYR N 183 26.55 -100.12 7.31
C TYR N 183 26.80 -100.71 8.69
N THR N 184 26.25 -100.06 9.72
CA THR N 184 26.28 -100.51 11.09
C THR N 184 24.87 -100.51 11.63
N PRO N 185 24.51 -101.51 12.44
CA PRO N 185 23.18 -101.51 13.06
C PRO N 185 22.99 -100.30 13.97
N LEU N 186 21.74 -99.88 14.13
CA LEU N 186 21.43 -98.76 14.98
C LEU N 186 21.41 -99.21 16.44
N ARG N 187 22.19 -98.51 17.27
CA ARG N 187 22.23 -98.75 18.71
C ARG N 187 21.82 -97.47 19.42
N ALA N 188 21.49 -97.60 20.71
CA ALA N 188 21.11 -96.42 21.48
C ALA N 188 21.37 -96.69 22.96
N ASN N 189 21.87 -95.67 23.67
CA ASN N 189 22.15 -95.79 25.10
C ASN N 189 21.42 -94.72 25.93
N ASN N 190 20.32 -94.16 25.44
CA ASN N 190 19.39 -93.52 26.36
C ASN N 190 18.92 -94.59 27.36
N ALA N 191 18.42 -94.14 28.51
CA ALA N 191 18.21 -95.09 29.62
C ALA N 191 17.16 -96.15 29.28
N GLY N 192 15.99 -95.75 28.80
CA GLY N 192 14.99 -96.76 28.53
C GLY N 192 14.03 -96.41 27.41
N ASP N 193 13.21 -97.41 27.08
CA ASP N 193 12.13 -97.29 26.09
C ASP N 193 12.65 -96.77 24.75
N ASP N 194 13.61 -97.52 24.19
CA ASP N 194 14.25 -97.12 22.95
C ASP N 194 13.20 -96.99 21.85
N VAL N 195 12.96 -95.76 21.40
CA VAL N 195 12.08 -95.54 20.25
C VAL N 195 12.83 -94.52 19.41
N PHE N 196 14.14 -94.40 19.65
CA PHE N 196 14.95 -93.37 19.00
C PHE N 196 15.28 -93.80 17.56
N THR N 197 14.23 -93.89 16.75
CA THR N 197 14.41 -94.14 15.34
C THR N 197 14.89 -92.86 14.68
N VAL N 198 15.81 -93.00 13.73
CA VAL N 198 16.35 -91.85 13.02
C VAL N 198 15.49 -91.63 11.78
N SER N 199 14.70 -90.56 11.79
CA SER N 199 13.95 -90.17 10.62
C SER N 199 14.86 -89.36 9.71
N CYS N 200 14.96 -89.78 8.45
CA CYS N 200 15.86 -89.17 7.50
C CYS N 200 15.08 -88.63 6.32
N ARG N 201 15.58 -87.54 5.74
CA ARG N 201 14.93 -86.91 4.60
C ARG N 201 15.96 -86.66 3.51
N VAL N 202 15.54 -86.86 2.27
CA VAL N 202 16.39 -86.67 1.10
C VAL N 202 15.82 -85.51 0.29
N LEU N 203 16.62 -84.49 0.06
CA LEU N 203 16.26 -83.37 -0.78
C LEU N 203 17.24 -83.28 -1.94
N THR N 204 16.79 -82.68 -3.04
CA THR N 204 17.62 -82.61 -4.25
C THR N 204 17.42 -81.28 -4.94
N ARG N 205 18.27 -81.02 -5.92
CA ARG N 205 18.11 -79.95 -6.89
C ARG N 205 18.98 -80.29 -8.07
N PRO N 206 18.62 -79.84 -9.28
CA PRO N 206 19.44 -80.18 -10.45
C PRO N 206 20.76 -79.43 -10.42
N SER N 207 21.82 -80.12 -10.82
CA SER N 207 23.09 -79.47 -11.02
C SER N 207 22.95 -78.42 -12.13
N PRO N 208 23.90 -77.48 -12.22
CA PRO N 208 23.80 -76.48 -13.29
C PRO N 208 23.86 -77.09 -14.69
N ASP N 209 24.47 -78.26 -14.85
CA ASP N 209 24.58 -78.90 -16.15
C ASP N 209 23.38 -79.77 -16.51
N PHE N 210 22.41 -79.94 -15.62
CA PHE N 210 21.20 -80.70 -15.97
C PHE N 210 20.29 -79.84 -16.84
N ASP N 211 19.62 -80.49 -17.80
CA ASP N 211 18.70 -79.78 -18.67
C ASP N 211 17.77 -80.77 -19.36
N PHE N 212 16.56 -80.31 -19.68
CA PHE N 212 15.62 -81.08 -20.48
C PHE N 212 15.92 -80.83 -21.95
N ILE N 213 15.38 -81.69 -22.82
CA ILE N 213 15.81 -81.59 -24.21
C ILE N 213 14.75 -81.27 -25.25
N PHE N 214 13.69 -82.05 -25.37
CA PHE N 214 12.77 -81.81 -26.48
C PHE N 214 11.34 -81.64 -25.97
N LEU N 215 10.73 -80.50 -26.31
CA LEU N 215 9.37 -80.18 -25.90
C LEU N 215 8.38 -81.10 -26.62
N VAL N 216 7.49 -81.74 -25.86
CA VAL N 216 6.56 -82.74 -26.38
C VAL N 216 5.23 -82.62 -25.66
N PRO N 217 4.16 -83.19 -26.23
CA PRO N 217 2.82 -83.05 -25.63
C PRO N 217 2.77 -83.56 -24.21
N PRO N 218 2.39 -82.72 -23.26
CA PRO N 218 2.47 -83.09 -21.85
C PRO N 218 1.48 -84.18 -21.48
N THR N 219 1.86 -84.95 -20.46
CA THR N 219 1.09 -85.99 -19.77
C THR N 219 0.66 -87.14 -20.68
N VAL N 220 1.15 -87.20 -21.91
CA VAL N 220 0.75 -88.25 -22.83
C VAL N 220 1.47 -89.54 -22.45
N GLU N 221 0.80 -90.68 -22.70
CA GLU N 221 1.17 -91.99 -22.19
C GLU N 221 2.68 -92.21 -22.17
N SER N 222 3.22 -92.41 -20.97
CA SER N 222 4.67 -92.32 -20.79
C SER N 222 5.02 -92.87 -19.41
N ARG N 223 6.33 -93.02 -19.21
CA ARG N 223 6.96 -93.40 -17.95
C ARG N 223 7.12 -92.20 -17.01
N THR N 224 6.43 -91.10 -17.29
CA THR N 224 6.48 -89.89 -16.48
C THR N 224 5.19 -89.61 -15.71
N LYS N 225 4.15 -90.43 -15.87
CA LYS N 225 2.93 -90.20 -15.10
C LYS N 225 3.21 -90.48 -13.62
N PRO N 226 2.84 -89.57 -12.72
CA PRO N 226 3.05 -89.79 -11.29
C PRO N 226 1.93 -90.58 -10.62
N PHE N 227 2.32 -91.30 -9.58
CA PHE N 227 1.38 -92.14 -8.83
C PHE N 227 0.58 -91.30 -7.85
N THR N 228 -0.72 -91.57 -7.77
CA THR N 228 -1.60 -90.92 -6.81
C THR N 228 -2.56 -91.95 -6.22
N VAL N 229 -3.21 -91.56 -5.13
CA VAL N 229 -4.12 -92.44 -4.42
C VAL N 229 -5.44 -91.70 -4.23
N PRO N 230 -6.58 -92.31 -4.55
CA PRO N 230 -7.85 -91.57 -4.57
C PRO N 230 -8.19 -90.94 -3.23
N ILE N 231 -8.86 -89.79 -3.30
CA ILE N 231 -9.26 -89.03 -2.12
C ILE N 231 -10.49 -89.61 -1.44
N LEU N 232 -11.08 -90.68 -2.00
CA LEU N 232 -12.33 -91.19 -1.47
C LEU N 232 -12.19 -91.68 -0.04
N THR N 233 -13.29 -91.57 0.71
CA THR N 233 -13.40 -92.06 2.07
C THR N 233 -13.68 -93.56 2.06
N VAL N 234 -13.30 -94.23 3.16
CA VAL N 234 -13.56 -95.66 3.30
C VAL N 234 -15.03 -95.97 3.07
N GLU N 235 -15.92 -95.18 3.68
CA GLU N 235 -17.36 -95.41 3.50
C GLU N 235 -17.80 -95.27 2.04
N GLU N 236 -17.16 -94.37 1.29
CA GLU N 236 -17.58 -94.13 -0.08
C GLU N 236 -17.04 -95.16 -1.05
N MET N 237 -16.20 -96.09 -0.59
CA MET N 237 -15.65 -97.11 -1.46
C MET N 237 -16.39 -98.42 -1.25
N THR N 238 -16.03 -99.43 -2.04
CA THR N 238 -16.76 -100.69 -2.09
C THR N 238 -15.77 -101.84 -2.03
N ASN N 239 -16.22 -102.95 -1.44
CA ASN N 239 -15.39 -104.14 -1.38
C ASN N 239 -15.16 -104.69 -2.77
N SER N 240 -13.98 -105.25 -2.98
CA SER N 240 -13.57 -105.73 -4.29
C SER N 240 -13.78 -107.24 -4.44
N ARG N 241 -14.31 -107.89 -3.41
CA ARG N 241 -14.54 -109.33 -3.40
C ARG N 241 -16.01 -109.69 -3.36
N PHE N 242 -16.91 -108.70 -3.18
CA PHE N 242 -18.35 -108.91 -3.14
C PHE N 242 -18.98 -107.53 -3.31
N PRO N 243 -20.07 -107.41 -4.09
CA PRO N 243 -20.62 -106.07 -4.37
C PRO N 243 -21.26 -105.43 -3.15
N ILE N 244 -20.43 -105.05 -2.18
CA ILE N 244 -20.90 -104.44 -0.93
C ILE N 244 -20.00 -103.26 -0.61
N PRO N 245 -20.53 -102.25 0.09
CA PRO N 245 -19.68 -101.14 0.52
C PRO N 245 -18.69 -101.58 1.59
N LEU N 246 -17.62 -100.80 1.71
CA LEU N 246 -16.67 -101.00 2.79
C LEU N 246 -17.23 -100.48 4.10
N GLU N 247 -16.71 -100.98 5.20
CA GLU N 247 -17.26 -100.56 6.48
C GLU N 247 -16.21 -100.19 7.52
N LYS N 248 -15.15 -100.98 7.65
CA LYS N 248 -14.12 -100.68 8.62
C LYS N 248 -12.75 -101.07 8.05
N LEU N 249 -11.71 -100.58 8.71
CA LEU N 249 -10.35 -101.03 8.46
C LEU N 249 -9.93 -101.96 9.59
N PHE N 250 -9.34 -103.10 9.24
CA PHE N 250 -8.98 -104.12 10.21
C PHE N 250 -7.57 -104.61 9.96
N THR N 251 -6.78 -104.72 11.02
CA THR N 251 -5.50 -105.39 10.96
C THR N 251 -5.52 -106.56 11.95
N GLY N 252 -4.93 -107.67 11.53
CA GLY N 252 -4.79 -108.83 12.39
C GLY N 252 -3.66 -109.74 11.93
N PRO N 253 -3.25 -110.66 12.79
CA PRO N 253 -2.24 -111.64 12.39
C PRO N 253 -2.80 -112.64 11.39
N SER N 254 -1.96 -113.05 10.45
CA SER N 254 -2.36 -113.95 9.37
C SER N 254 -1.49 -115.21 9.32
N GLY N 255 -0.79 -115.52 10.41
CA GLY N 255 0.10 -116.67 10.39
C GLY N 255 -0.61 -118.01 10.27
N ALA N 256 -1.80 -118.13 10.85
CA ALA N 256 -2.50 -119.41 10.82
C ALA N 256 -2.95 -119.75 9.41
N PHE N 257 -3.67 -118.83 8.77
CA PHE N 257 -4.32 -119.05 7.50
C PHE N 257 -3.48 -118.48 6.35
N VAL N 258 -3.94 -118.70 5.12
CA VAL N 258 -3.23 -118.26 3.91
C VAL N 258 -4.05 -117.21 3.17
N VAL N 259 -3.52 -115.98 3.12
CA VAL N 259 -4.20 -114.84 2.50
C VAL N 259 -3.84 -114.84 1.03
N GLN N 260 -4.73 -115.37 0.19
CA GLN N 260 -4.45 -115.43 -1.24
C GLN N 260 -5.70 -115.15 -2.08
N PRO N 261 -6.43 -114.06 -1.83
CA PRO N 261 -7.64 -113.80 -2.62
C PRO N 261 -7.28 -113.55 -4.08
N GLN N 262 -8.26 -113.77 -4.96
CA GLN N 262 -8.07 -113.58 -6.39
C GLN N 262 -8.91 -112.44 -6.98
N ASN N 263 -9.79 -111.82 -6.20
CA ASN N 263 -10.48 -110.61 -6.59
C ASN N 263 -9.89 -109.43 -5.83
N GLY N 264 -9.96 -108.25 -6.44
CA GLY N 264 -9.33 -107.10 -5.82
C GLY N 264 -7.84 -107.28 -5.68
N ARG N 265 -7.19 -107.79 -6.73
CA ARG N 265 -5.74 -107.90 -6.79
C ARG N 265 -5.25 -107.09 -7.99
N CYS N 266 -4.53 -106.02 -7.70
CA CYS N 266 -4.05 -105.12 -8.75
C CYS N 266 -2.75 -104.49 -8.29
N THR N 267 -1.82 -104.34 -9.22
CA THR N 267 -0.53 -103.76 -8.94
C THR N 267 -0.59 -102.24 -9.05
N THR N 268 0.34 -101.57 -8.34
CA THR N 268 0.40 -100.11 -8.34
C THR N 268 0.45 -99.50 -9.74
N ASP N 269 1.13 -100.15 -10.69
CA ASP N 269 1.19 -99.62 -12.04
C ASP N 269 0.07 -100.12 -12.95
N GLY N 270 -0.99 -100.71 -12.38
CA GLY N 270 -2.23 -100.91 -13.11
C GLY N 270 -2.38 -102.21 -13.85
N VAL N 271 -1.65 -103.26 -13.48
CA VAL N 271 -1.81 -104.58 -14.06
C VAL N 271 -2.75 -105.39 -13.17
N LEU N 272 -3.85 -105.85 -13.73
CA LEU N 272 -4.77 -106.71 -13.00
C LEU N 272 -4.22 -108.12 -12.88
N LEU N 273 -4.56 -108.78 -11.78
CA LEU N 273 -4.07 -110.12 -11.48
C LEU N 273 -5.22 -111.03 -11.08
N GLY N 274 -5.00 -112.33 -11.21
CA GLY N 274 -5.99 -113.31 -10.80
C GLY N 274 -7.28 -113.17 -11.61
N THR N 275 -8.42 -113.21 -10.91
CA THR N 275 -9.72 -113.08 -11.55
C THR N 275 -10.26 -111.65 -11.46
N THR N 276 -9.39 -110.66 -11.29
CA THR N 276 -9.83 -109.31 -11.01
C THR N 276 -10.26 -108.58 -12.28
N GLN N 277 -11.39 -107.89 -12.20
CA GLN N 277 -11.89 -107.05 -13.28
C GLN N 277 -12.36 -105.73 -12.70
N LEU N 278 -12.86 -104.85 -13.56
CA LEU N 278 -13.04 -103.45 -13.16
C LEU N 278 -14.43 -103.15 -12.61
N SER N 279 -15.44 -103.93 -12.99
CA SER N 279 -16.81 -103.59 -12.61
C SER N 279 -17.06 -103.98 -11.16
N PRO N 280 -17.51 -103.05 -10.30
CA PRO N 280 -17.79 -103.40 -8.91
C PRO N 280 -19.09 -104.16 -8.71
N VAL N 281 -19.89 -104.33 -9.76
CA VAL N 281 -21.18 -104.99 -9.70
C VAL N 281 -21.05 -106.44 -10.14
N ASN N 282 -20.13 -106.69 -11.06
CA ASN N 282 -19.90 -108.01 -11.65
C ASN N 282 -18.97 -108.88 -10.82
N ILE N 283 -18.89 -108.64 -9.51
CA ILE N 283 -17.83 -109.26 -8.72
C ILE N 283 -18.18 -110.69 -8.32
N CYS N 284 -19.43 -110.98 -8.00
CA CYS N 284 -19.88 -112.37 -7.80
C CYS N 284 -21.07 -112.70 -8.68
N THR N 285 -20.99 -112.34 -9.95
CA THR N 285 -22.10 -112.54 -10.87
C THR N 285 -21.78 -113.72 -11.77
N PHE N 286 -22.83 -114.31 -12.34
CA PHE N 286 -22.70 -115.35 -13.35
C PHE N 286 -23.72 -115.10 -14.46
N ARG N 287 -23.31 -115.33 -15.70
CA ARG N 287 -24.21 -115.17 -16.85
C ARG N 287 -24.04 -116.36 -17.78
N GLY N 288 -25.15 -116.89 -18.28
CA GLY N 288 -25.09 -117.99 -19.21
C GLY N 288 -26.45 -118.64 -19.40
N ASP N 289 -26.41 -119.83 -20.01
CA ASP N 289 -27.57 -120.65 -20.26
C ASP N 289 -27.70 -121.71 -19.17
N VAL N 290 -28.94 -122.08 -18.86
CA VAL N 290 -29.22 -122.93 -17.71
C VAL N 290 -29.95 -124.20 -18.15
N THR N 291 -29.72 -125.27 -17.39
CA THR N 291 -30.22 -126.62 -17.69
C THR N 291 -30.74 -127.25 -16.41
N HIS N 292 -31.92 -127.88 -16.49
CA HIS N 292 -32.50 -128.54 -15.33
C HIS N 292 -31.86 -129.92 -15.08
N ILE N 293 -31.70 -130.26 -13.81
CA ILE N 293 -31.25 -131.58 -13.39
C ILE N 293 -32.46 -132.34 -12.85
N ALA N 294 -32.78 -133.46 -13.49
CA ALA N 294 -34.05 -134.17 -13.27
C ALA N 294 -34.17 -134.67 -11.84
N GLY N 295 -35.33 -134.41 -11.22
CA GLY N 295 -35.65 -134.90 -9.90
C GLY N 295 -35.25 -133.99 -8.76
N THR N 296 -34.59 -132.88 -9.03
CA THR N 296 -34.13 -131.95 -8.01
C THR N 296 -34.62 -130.56 -8.35
N HIS N 297 -34.35 -129.62 -7.45
CA HIS N 297 -34.53 -128.20 -7.74
C HIS N 297 -33.22 -127.57 -8.18
N ASP N 298 -32.29 -128.37 -8.67
CA ASP N 298 -30.97 -127.92 -9.07
C ASP N 298 -30.94 -127.62 -10.57
N TYR N 299 -30.09 -126.66 -10.94
CA TYR N 299 -29.83 -126.35 -12.34
C TYR N 299 -28.34 -126.24 -12.60
N THR N 300 -27.95 -126.55 -13.83
CA THR N 300 -26.57 -126.41 -14.28
C THR N 300 -26.51 -125.25 -15.28
N MET N 301 -25.60 -124.32 -15.03
CA MET N 301 -25.44 -123.14 -15.89
C MET N 301 -24.13 -123.25 -16.67
N ASN N 302 -24.24 -123.23 -17.99
CA ASN N 302 -23.07 -123.16 -18.87
C ASN N 302 -22.71 -121.70 -19.11
N LEU N 303 -21.48 -121.33 -18.73
CA LEU N 303 -21.12 -119.94 -18.56
C LEU N 303 -20.75 -119.30 -19.89
N ALA N 304 -21.30 -118.11 -20.14
CA ALA N 304 -20.70 -117.16 -21.06
C ALA N 304 -19.83 -116.19 -20.26
N SER N 305 -19.13 -115.29 -20.96
CA SER N 305 -18.30 -114.32 -20.28
C SER N 305 -19.19 -113.24 -19.64
N GLN N 306 -18.54 -112.25 -19.03
CA GLN N 306 -19.26 -111.22 -18.28
C GLN N 306 -19.89 -110.18 -19.20
N ASN N 307 -19.45 -110.12 -20.45
CA ASN N 307 -20.00 -109.23 -21.47
C ASN N 307 -20.90 -109.95 -22.46
N TRP N 308 -21.31 -111.19 -22.14
CA TRP N 308 -22.07 -112.08 -23.02
C TRP N 308 -21.35 -112.42 -24.32
N ASN N 309 -20.04 -112.21 -24.39
CA ASN N 309 -19.27 -112.88 -25.43
C ASN N 309 -19.17 -114.37 -25.09
N ASN N 310 -18.56 -115.14 -25.98
CA ASN N 310 -18.22 -116.50 -25.60
C ASN N 310 -17.08 -116.50 -24.60
N TYR N 311 -17.11 -117.47 -23.69
CA TYR N 311 -16.06 -117.59 -22.68
C TYR N 311 -14.97 -118.51 -23.22
N ASP N 312 -13.72 -118.07 -23.10
CA ASP N 312 -12.58 -118.83 -23.62
C ASP N 312 -11.87 -119.47 -22.45
N PRO N 313 -11.87 -120.80 -22.32
CA PRO N 313 -11.27 -121.44 -21.14
C PRO N 313 -9.77 -121.65 -21.23
N THR N 314 -9.12 -121.21 -22.30
CA THR N 314 -7.68 -121.39 -22.47
C THR N 314 -6.89 -120.17 -22.03
N GLU N 315 -7.57 -119.12 -21.59
CA GLU N 315 -6.92 -117.89 -21.16
C GLU N 315 -6.09 -118.15 -19.90
N GLU N 316 -5.02 -117.36 -19.74
CA GLU N 316 -4.12 -117.54 -18.60
C GLU N 316 -4.69 -116.85 -17.37
N ILE N 317 -5.90 -117.28 -17.00
CA ILE N 317 -6.63 -116.72 -15.86
C ILE N 317 -7.14 -117.89 -15.03
N PRO N 318 -7.08 -117.82 -13.70
CA PRO N 318 -7.52 -118.97 -12.89
C PRO N 318 -9.00 -119.31 -13.01
N ALA N 319 -9.79 -118.46 -13.67
CA ALA N 319 -11.23 -118.61 -13.82
C ALA N 319 -11.77 -117.39 -14.56
N PRO N 320 -13.02 -117.38 -15.02
CA PRO N 320 -13.58 -116.16 -15.61
C PRO N 320 -13.52 -115.01 -14.62
N LEU N 321 -13.33 -113.81 -15.15
CA LEU N 321 -13.14 -112.64 -14.29
C LEU N 321 -14.38 -112.43 -13.43
N GLY N 322 -14.18 -112.25 -12.13
CA GLY N 322 -15.28 -112.10 -11.21
C GLY N 322 -15.76 -113.39 -10.57
N THR N 323 -15.10 -114.50 -10.81
CA THR N 323 -15.47 -115.74 -10.14
C THR N 323 -15.19 -115.61 -8.65
N PRO N 324 -16.12 -116.01 -7.78
CA PRO N 324 -15.87 -115.93 -6.32
C PRO N 324 -14.57 -116.59 -5.94
N ASP N 325 -13.90 -116.02 -4.93
CA ASP N 325 -12.58 -116.45 -4.51
C ASP N 325 -12.59 -116.99 -3.07
N PHE N 326 -13.73 -117.53 -2.63
CA PHE N 326 -13.84 -118.15 -1.32
C PHE N 326 -14.79 -119.33 -1.39
N VAL N 327 -14.70 -120.21 -0.42
CA VAL N 327 -15.59 -121.37 -0.34
C VAL N 327 -16.77 -121.03 0.57
N GLY N 328 -17.97 -121.29 0.07
CA GLY N 328 -19.17 -121.00 0.81
C GLY N 328 -20.38 -121.18 -0.07
N LYS N 329 -21.54 -120.95 0.52
CA LYS N 329 -22.81 -120.98 -0.19
C LYS N 329 -23.30 -119.54 -0.33
N ILE N 330 -23.35 -119.05 -1.56
CA ILE N 330 -23.80 -117.70 -1.86
C ILE N 330 -25.24 -117.77 -2.36
N GLN N 331 -26.15 -117.09 -1.67
CA GLN N 331 -27.53 -117.02 -2.06
C GLN N 331 -27.79 -115.74 -2.84
N GLY N 332 -28.55 -115.85 -3.93
CA GLY N 332 -28.95 -114.70 -4.72
C GLY N 332 -30.24 -114.96 -5.45
N VAL N 333 -30.31 -114.50 -6.69
CA VAL N 333 -31.51 -114.58 -7.50
C VAL N 333 -31.11 -114.84 -8.95
N LEU N 334 -31.70 -115.87 -9.55
CA LEU N 334 -31.57 -116.10 -10.98
C LEU N 334 -32.67 -115.34 -11.71
N THR N 335 -32.29 -114.65 -12.78
CA THR N 335 -33.22 -113.87 -13.58
C THR N 335 -33.08 -114.27 -15.04
N GLN N 336 -34.20 -114.27 -15.75
CA GLN N 336 -34.23 -114.77 -17.11
C GLN N 336 -35.26 -113.97 -17.89
N THR N 337 -35.00 -113.79 -19.18
CA THR N 337 -35.90 -113.04 -20.06
C THR N 337 -35.99 -113.76 -21.39
N THR N 338 -37.21 -113.90 -21.91
CA THR N 338 -37.44 -114.51 -23.21
C THR N 338 -37.36 -113.41 -24.27
N ARG N 339 -36.48 -113.60 -25.25
CA ARG N 339 -36.21 -112.57 -26.25
C ARG N 339 -37.41 -112.29 -27.14
N GLY N 340 -38.38 -113.20 -27.23
CA GLY N 340 -39.48 -113.03 -28.16
C GLY N 340 -40.64 -112.17 -27.68
N ASP N 341 -41.11 -112.41 -26.46
CA ASP N 341 -42.24 -111.67 -25.91
C ASP N 341 -41.87 -110.75 -24.76
N GLY N 342 -40.66 -110.85 -24.23
CA GLY N 342 -40.27 -110.06 -23.07
C GLY N 342 -40.76 -110.60 -21.75
N SER N 343 -41.17 -111.87 -21.70
CA SER N 343 -41.53 -112.51 -20.44
C SER N 343 -40.30 -112.66 -19.55
N THR N 344 -40.47 -112.45 -18.25
CA THR N 344 -39.37 -112.46 -17.30
C THR N 344 -39.68 -113.36 -16.12
N ARG N 345 -38.64 -114.04 -15.62
CA ARG N 345 -38.75 -114.99 -14.52
C ARG N 345 -37.66 -114.72 -13.50
N GLY N 346 -38.00 -114.86 -12.22
CA GLY N 346 -37.05 -114.64 -11.15
C GLY N 346 -37.21 -115.61 -9.99
N HIS N 347 -36.14 -116.31 -9.63
CA HIS N 347 -36.22 -117.39 -8.65
C HIS N 347 -35.03 -117.38 -7.71
N LYS N 348 -35.33 -117.46 -6.41
CA LYS N 348 -34.32 -117.71 -5.38
C LYS N 348 -33.40 -118.85 -5.76
N ALA N 349 -32.09 -118.63 -5.63
CA ALA N 349 -31.11 -119.63 -6.01
C ALA N 349 -29.88 -119.50 -5.13
N THR N 350 -29.07 -120.55 -5.10
CA THR N 350 -27.92 -120.62 -4.22
C THR N 350 -26.82 -121.41 -4.91
N VAL N 351 -25.58 -120.90 -4.85
CA VAL N 351 -24.42 -121.55 -5.42
C VAL N 351 -23.45 -121.91 -4.30
N SER N 352 -22.99 -123.15 -4.30
CA SER N 352 -21.97 -123.61 -3.36
C SER N 352 -20.64 -123.70 -4.11
N THR N 353 -19.68 -122.88 -3.72
CA THR N 353 -18.37 -122.86 -4.35
C THR N 353 -17.46 -124.00 -3.89
N GLY N 354 -17.85 -124.75 -2.86
CA GLY N 354 -17.06 -125.88 -2.42
C GLY N 354 -17.57 -127.19 -3.00
N SER N 355 -18.72 -127.12 -3.67
CA SER N 355 -19.29 -128.28 -4.34
C SER N 355 -18.36 -128.80 -5.42
N VAL N 356 -18.39 -130.13 -5.61
CA VAL N 356 -17.58 -130.77 -6.64
C VAL N 356 -18.02 -130.35 -8.03
N HIS N 357 -19.23 -129.79 -8.17
CA HIS N 357 -19.75 -129.32 -9.44
C HIS N 357 -19.54 -127.84 -9.68
N PHE N 358 -18.83 -127.15 -8.79
CA PHE N 358 -18.45 -125.75 -9.00
C PHE N 358 -17.16 -125.74 -9.79
N THR N 359 -17.30 -125.68 -11.12
CA THR N 359 -16.17 -125.76 -12.05
C THR N 359 -16.20 -124.60 -13.04
N PRO N 360 -16.00 -123.37 -12.56
CA PRO N 360 -16.12 -122.24 -13.48
C PRO N 360 -14.98 -122.16 -14.48
N LYS N 361 -13.80 -122.68 -14.15
CA LYS N 361 -12.71 -122.75 -15.12
C LYS N 361 -13.08 -123.64 -16.30
N LEU N 362 -13.85 -124.69 -16.05
CA LEU N 362 -14.29 -125.59 -17.10
C LEU N 362 -15.57 -125.12 -17.79
N GLY N 363 -16.32 -124.22 -17.16
CA GLY N 363 -17.40 -123.56 -17.86
C GLY N 363 -18.79 -123.79 -17.30
N SER N 364 -18.90 -124.48 -16.17
CA SER N 364 -20.20 -124.84 -15.61
C SER N 364 -20.21 -124.60 -14.11
N VAL N 365 -21.36 -124.15 -13.61
CA VAL N 365 -21.61 -123.95 -12.19
C VAL N 365 -23.01 -124.46 -11.89
N GLN N 366 -23.23 -124.93 -10.66
CA GLN N 366 -24.49 -125.54 -10.27
C GLN N 366 -25.18 -124.71 -9.20
N PHE N 367 -26.46 -124.40 -9.44
CA PHE N 367 -27.32 -123.68 -8.52
C PHE N 367 -28.38 -124.63 -7.98
N THR N 368 -28.89 -124.33 -6.78
CA THR N 368 -30.09 -124.96 -6.25
C THR N 368 -31.16 -123.89 -6.11
N THR N 369 -32.29 -124.11 -6.75
CA THR N 369 -33.32 -123.09 -6.95
C THR N 369 -34.57 -123.46 -6.16
N ASP N 370 -35.60 -122.62 -6.29
CA ASP N 370 -36.90 -122.86 -5.67
C ASP N 370 -37.94 -123.38 -6.65
N THR N 371 -37.52 -123.87 -7.82
CA THR N 371 -38.43 -124.52 -8.76
C THR N 371 -37.69 -125.62 -9.53
N ASN N 372 -38.47 -126.58 -10.01
CA ASN N 372 -38.01 -127.58 -10.96
C ASN N 372 -38.61 -127.33 -12.33
N ASN N 373 -39.37 -126.25 -12.45
CA ASN N 373 -40.00 -125.75 -13.66
C ASN N 373 -39.61 -124.29 -13.80
N ASP N 374 -40.16 -123.59 -14.80
CA ASP N 374 -40.13 -122.13 -14.83
C ASP N 374 -38.73 -121.58 -15.06
N LEU N 375 -37.86 -122.34 -15.73
CA LEU N 375 -36.57 -121.83 -16.19
C LEU N 375 -36.28 -122.40 -17.57
N GLU N 376 -36.42 -121.57 -18.61
CA GLU N 376 -36.29 -122.05 -19.98
C GLU N 376 -34.86 -122.49 -20.26
N THR N 377 -34.71 -123.30 -21.30
CA THR N 377 -33.43 -123.91 -21.64
C THR N 377 -32.55 -123.04 -22.52
N GLY N 378 -33.13 -122.12 -23.30
CA GLY N 378 -32.36 -121.39 -24.29
C GLY N 378 -32.10 -119.92 -24.03
N GLN N 379 -32.63 -119.39 -22.93
CA GLN N 379 -32.56 -117.96 -22.68
C GLN N 379 -31.36 -117.58 -21.80
N ASN N 380 -30.90 -116.36 -21.97
CA ASN N 380 -29.79 -115.84 -21.17
C ASN N 380 -30.23 -115.63 -19.73
N THR N 381 -29.39 -116.04 -18.79
CA THR N 381 -29.74 -116.05 -17.38
C THR N 381 -28.59 -115.46 -16.56
N LYS N 382 -28.95 -114.66 -15.57
CA LYS N 382 -27.99 -113.94 -14.74
C LYS N 382 -28.21 -114.27 -13.27
N PHE N 383 -27.15 -114.66 -12.57
CA PHE N 383 -27.18 -114.82 -11.13
C PHE N 383 -26.74 -113.51 -10.48
N THR N 384 -27.66 -112.86 -9.77
CA THR N 384 -27.34 -111.64 -9.04
C THR N 384 -27.06 -112.01 -7.59
N PRO N 385 -25.85 -111.82 -7.08
CA PRO N 385 -25.57 -112.22 -5.69
C PRO N 385 -26.15 -111.24 -4.69
N VAL N 386 -26.47 -111.77 -3.51
CA VAL N 386 -27.10 -110.98 -2.46
C VAL N 386 -26.38 -111.19 -1.13
N GLY N 387 -26.11 -112.44 -0.79
CA GLY N 387 -25.54 -112.73 0.51
C GLY N 387 -25.05 -114.15 0.61
N VAL N 388 -24.65 -114.51 1.82
CA VAL N 388 -24.08 -115.82 2.12
C VAL N 388 -24.95 -116.49 3.18
N VAL N 389 -24.89 -117.84 3.19
CA VAL N 389 -25.69 -118.65 4.11
C VAL N 389 -24.78 -119.66 4.79
N GLN N 390 -25.30 -120.23 5.88
CA GLN N 390 -24.55 -121.16 6.72
C GLN N 390 -25.45 -122.28 7.19
N ASP N 391 -24.91 -123.50 7.19
CA ASP N 391 -25.63 -124.66 7.68
C ASP N 391 -25.74 -124.61 9.20
N GLY N 392 -26.96 -124.44 9.71
CA GLY N 392 -27.15 -124.16 11.13
C GLY N 392 -26.84 -125.32 12.04
N ASN N 393 -26.78 -126.54 11.50
CA ASN N 393 -26.57 -127.72 12.32
C ASN N 393 -25.10 -127.97 12.64
N SER N 394 -24.17 -127.40 11.87
CA SER N 394 -22.75 -127.51 12.16
C SER N 394 -22.29 -126.33 13.02
N ALA N 395 -20.99 -126.27 13.27
CA ALA N 395 -20.43 -125.27 14.17
C ALA N 395 -20.74 -123.86 13.69
N HIS N 396 -21.09 -122.98 14.62
CA HIS N 396 -21.47 -121.62 14.28
C HIS N 396 -20.29 -120.84 13.71
N GLN N 397 -20.56 -120.09 12.63
CA GLN N 397 -19.57 -119.21 11.99
C GLN N 397 -18.44 -120.01 11.33
N ASN N 398 -18.79 -121.09 10.64
CA ASN N 398 -17.79 -121.97 10.06
C ASN N 398 -17.92 -122.16 8.56
N GLU N 399 -18.99 -121.69 7.93
CA GLU N 399 -19.27 -122.07 6.55
C GLU N 399 -18.49 -121.20 5.55
N PRO N 400 -18.59 -119.85 5.59
CA PRO N 400 -17.84 -119.06 4.61
C PRO N 400 -16.39 -118.85 5.03
N GLN N 401 -15.48 -119.62 4.43
CA GLN N 401 -14.05 -119.54 4.73
C GLN N 401 -13.39 -118.65 3.67
N GLN N 402 -13.29 -117.36 3.99
CA GLN N 402 -12.91 -116.39 2.96
C GLN N 402 -11.48 -116.61 2.47
N TRP N 403 -10.62 -117.19 3.29
CA TRP N 403 -9.22 -117.38 2.96
C TRP N 403 -8.94 -118.79 2.46
N VAL N 404 -9.97 -119.54 2.07
CA VAL N 404 -9.82 -120.83 1.42
C VAL N 404 -10.29 -120.65 -0.03
N LEU N 405 -9.39 -120.89 -0.97
CA LEU N 405 -9.78 -120.70 -2.36
C LEU N 405 -10.60 -121.89 -2.84
N PRO N 406 -11.66 -121.65 -3.60
CA PRO N 406 -12.35 -122.76 -4.27
C PRO N 406 -11.43 -123.46 -5.24
N ASN N 407 -11.83 -124.67 -5.65
CA ASN N 407 -11.10 -125.41 -6.66
C ASN N 407 -11.75 -125.08 -8.00
N TYR N 408 -11.10 -124.19 -8.75
CA TYR N 408 -11.75 -123.55 -9.88
C TYR N 408 -12.09 -124.52 -11.00
N SER N 409 -11.38 -125.65 -11.09
CA SER N 409 -11.69 -126.68 -12.06
C SER N 409 -12.32 -127.91 -11.41
N GLY N 410 -12.96 -127.72 -10.27
CA GLY N 410 -13.55 -128.83 -9.53
C GLY N 410 -12.60 -129.99 -9.33
N ARG N 411 -13.14 -131.20 -9.47
CA ARG N 411 -12.33 -132.41 -9.24
C ARG N 411 -11.20 -132.56 -10.24
N THR N 412 -11.31 -131.97 -11.43
CA THR N 412 -10.27 -132.10 -12.44
C THR N 412 -9.17 -131.07 -12.19
N GLY N 413 -7.92 -131.55 -12.18
CA GLY N 413 -6.75 -130.69 -12.04
C GLY N 413 -6.74 -129.78 -10.81
N HIS N 414 -5.77 -128.87 -10.82
CA HIS N 414 -5.58 -127.90 -9.75
C HIS N 414 -5.70 -126.48 -10.30
N ASN N 415 -5.84 -125.52 -9.39
CA ASN N 415 -5.93 -124.12 -9.78
C ASN N 415 -4.61 -123.65 -10.37
N VAL N 416 -4.69 -122.79 -11.39
CA VAL N 416 -3.51 -122.33 -12.11
C VAL N 416 -3.53 -120.81 -12.20
N HIS N 417 -2.39 -120.25 -12.62
CA HIS N 417 -2.20 -118.81 -12.83
C HIS N 417 -2.81 -117.98 -11.71
N LEU N 418 -2.53 -118.40 -10.47
CA LEU N 418 -3.04 -117.71 -9.30
C LEU N 418 -2.21 -116.48 -8.99
N ALA N 419 -2.87 -115.46 -8.44
CA ALA N 419 -2.14 -114.36 -7.84
C ALA N 419 -1.43 -114.85 -6.58
N PRO N 420 -0.25 -114.31 -6.29
CA PRO N 420 0.54 -114.83 -5.16
C PRO N 420 -0.15 -114.58 -3.83
N ALA N 421 0.24 -115.38 -2.84
CA ALA N 421 -0.20 -115.13 -1.48
C ALA N 421 0.54 -113.92 -0.90
N VAL N 422 0.03 -113.42 0.21
CA VAL N 422 0.41 -112.11 0.72
C VAL N 422 0.62 -112.22 2.22
N ALA N 423 1.74 -111.69 2.71
CA ALA N 423 2.08 -111.74 4.12
C ALA N 423 3.00 -110.59 4.46
N PRO N 424 2.97 -110.10 5.69
CA PRO N 424 3.97 -109.10 6.11
C PRO N 424 5.37 -109.68 6.10
N THR N 425 6.34 -108.84 5.71
CA THR N 425 7.73 -109.26 5.60
C THR N 425 8.64 -108.63 6.64
N PHE N 426 8.24 -107.52 7.25
CA PHE N 426 8.98 -106.69 8.18
C PHE N 426 8.52 -106.93 9.61
N PRO N 427 9.48 -107.06 10.54
CA PRO N 427 9.12 -107.31 11.94
C PRO N 427 8.14 -106.28 12.49
N GLY N 428 7.13 -106.77 13.20
CA GLY N 428 6.17 -105.90 13.84
C GLY N 428 4.98 -105.52 12.99
N GLU N 429 4.91 -106.03 11.76
CA GLU N 429 3.94 -105.58 10.77
C GLU N 429 2.87 -106.63 10.54
N GLN N 430 1.65 -106.19 10.30
CA GLN N 430 0.53 -107.03 9.91
C GLN N 430 -0.13 -106.46 8.67
N LEU N 431 -0.82 -107.32 7.93
CA LEU N 431 -1.62 -106.86 6.80
C LEU N 431 -2.71 -105.91 7.28
N LEU N 432 -3.06 -104.96 6.42
CA LEU N 432 -4.17 -104.06 6.66
C LEU N 432 -5.29 -104.41 5.69
N PHE N 433 -6.44 -104.80 6.22
CA PHE N 433 -7.55 -105.29 5.44
C PHE N 433 -8.63 -104.22 5.36
N PHE N 434 -9.26 -104.12 4.21
CA PHE N 434 -10.45 -103.30 4.04
C PHE N 434 -11.64 -104.23 4.23
N ARG N 435 -12.36 -104.07 5.33
CA ARG N 435 -13.32 -105.05 5.79
C ARG N 435 -14.75 -104.59 5.49
N SER N 436 -15.53 -105.50 4.91
CA SER N 436 -16.94 -105.27 4.66
C SER N 436 -17.71 -106.41 5.31
N THR N 437 -18.99 -106.19 5.56
CA THR N 437 -19.84 -107.17 6.22
C THR N 437 -20.83 -107.75 5.22
N MET N 438 -20.71 -109.05 4.96
CA MET N 438 -21.58 -109.68 3.98
C MET N 438 -22.97 -109.88 4.57
N PRO N 439 -24.02 -109.64 3.80
CA PRO N 439 -25.37 -109.99 4.27
C PRO N 439 -25.50 -111.49 4.46
N GLY N 440 -26.05 -111.89 5.62
CA GLY N 440 -26.43 -113.27 5.83
C GLY N 440 -27.89 -113.49 5.47
N CYS N 441 -28.15 -114.59 4.77
CA CYS N 441 -29.52 -114.91 4.36
C CYS N 441 -30.17 -116.01 5.18
N SER N 442 -29.37 -116.86 5.83
CA SER N 442 -29.89 -117.96 6.62
C SER N 442 -28.75 -118.58 7.41
N GLY N 443 -29.04 -118.94 8.66
CA GLY N 443 -28.07 -119.62 9.49
C GLY N 443 -27.20 -118.69 10.30
N TYR N 444 -25.98 -119.14 10.63
CA TYR N 444 -25.03 -118.36 11.42
C TYR N 444 -23.74 -118.21 10.63
N PRO N 445 -23.75 -117.39 9.58
CA PRO N 445 -22.59 -117.32 8.68
C PRO N 445 -21.48 -116.45 9.23
N ASN N 446 -20.28 -116.69 8.70
CA ASN N 446 -19.13 -115.85 8.99
C ASN N 446 -19.16 -114.69 8.00
N MET N 447 -19.67 -113.54 8.44
CA MET N 447 -20.04 -112.45 7.57
C MET N 447 -18.87 -111.52 7.25
N ASN N 448 -17.69 -111.81 7.77
CA ASN N 448 -16.51 -110.98 7.55
C ASN N 448 -15.93 -111.20 6.16
N LEU N 449 -15.70 -110.12 5.42
CA LEU N 449 -15.05 -110.16 4.12
C LEU N 449 -13.96 -109.10 4.07
N ASP N 450 -12.71 -109.53 3.96
CA ASP N 450 -11.55 -108.65 3.92
C ASP N 450 -10.94 -108.68 2.52
N CYS N 451 -10.83 -107.51 1.90
CA CYS N 451 -10.13 -107.37 0.63
C CYS N 451 -8.84 -106.58 0.82
N LEU N 452 -7.90 -106.78 -0.12
CA LEU N 452 -6.59 -106.16 0.00
C LEU N 452 -6.59 -104.72 -0.50
N LEU N 453 -7.42 -104.42 -1.50
CA LEU N 453 -7.54 -103.10 -2.11
C LEU N 453 -9.01 -102.84 -2.38
N PRO N 454 -9.50 -101.64 -2.07
CA PRO N 454 -10.86 -101.27 -2.48
C PRO N 454 -10.98 -101.29 -3.99
N GLN N 455 -12.21 -101.51 -4.47
CA GLN N 455 -12.46 -101.62 -5.90
C GLN N 455 -12.11 -100.31 -6.62
N GLU N 456 -12.37 -99.18 -5.96
CA GLU N 456 -12.02 -97.89 -6.55
C GLU N 456 -10.51 -97.73 -6.71
N TRP N 457 -9.72 -98.28 -5.78
CA TRP N 457 -8.28 -98.27 -5.97
C TRP N 457 -7.88 -99.11 -7.17
N VAL N 458 -8.56 -100.25 -7.36
CA VAL N 458 -8.29 -101.08 -8.53
C VAL N 458 -8.57 -100.31 -9.80
N LEU N 459 -9.75 -99.67 -9.87
CA LEU N 459 -10.08 -98.83 -11.01
C LEU N 459 -9.03 -97.75 -11.22
N HIS N 460 -8.67 -97.05 -10.14
CA HIS N 460 -7.78 -95.90 -10.25
C HIS N 460 -6.40 -96.31 -10.74
N PHE N 461 -5.81 -97.34 -10.11
CA PHE N 461 -4.49 -97.80 -10.53
C PHE N 461 -4.51 -98.27 -11.98
N TYR N 462 -5.61 -98.92 -12.39
CA TYR N 462 -5.69 -99.44 -13.76
C TYR N 462 -5.63 -98.30 -14.78
N GLN N 463 -6.38 -97.22 -14.54
CA GLN N 463 -6.46 -96.16 -15.54
C GLN N 463 -5.17 -95.35 -15.58
N GLU N 464 -4.65 -94.94 -14.43
CA GLU N 464 -3.40 -94.17 -14.39
C GLU N 464 -2.25 -95.15 -14.21
N ALA N 465 -1.73 -95.66 -15.32
CA ALA N 465 -0.75 -96.73 -15.26
C ALA N 465 0.62 -96.17 -14.88
N ALA N 466 0.65 -95.55 -13.70
CA ALA N 466 1.83 -94.86 -13.20
C ALA N 466 2.93 -95.83 -12.79
N PRO N 467 4.14 -95.72 -13.36
CA PRO N 467 5.23 -96.62 -12.96
C PRO N 467 5.58 -96.44 -11.49
N ALA N 468 5.82 -97.58 -10.82
CA ALA N 468 6.19 -97.54 -9.42
C ALA N 468 7.66 -97.15 -9.28
N GLN N 469 7.92 -96.12 -8.47
CA GLN N 469 9.28 -95.61 -8.29
C GLN N 469 10.09 -96.46 -7.31
N SER N 470 9.43 -97.26 -6.49
CA SER N 470 10.07 -98.23 -5.61
C SER N 470 9.00 -99.23 -5.21
N ASP N 471 9.40 -100.21 -4.40
CA ASP N 471 8.46 -101.31 -4.14
C ASP N 471 7.39 -100.97 -3.11
N VAL N 472 7.51 -99.86 -2.40
CA VAL N 472 6.55 -99.50 -1.34
C VAL N 472 6.22 -98.02 -1.45
N ALA N 473 4.93 -97.69 -1.39
CA ALA N 473 4.48 -96.31 -1.32
C ALA N 473 4.00 -96.02 0.09
N LEU N 474 4.65 -95.06 0.75
CA LEU N 474 4.28 -94.67 2.11
C LEU N 474 3.01 -93.82 2.08
N LEU N 475 1.98 -94.27 2.80
CA LEU N 475 0.73 -93.53 2.95
C LEU N 475 0.54 -93.14 4.40
N ARG N 476 -0.03 -91.96 4.61
CA ARG N 476 -0.47 -91.52 5.93
C ARG N 476 -1.97 -91.24 5.90
N PHE N 477 -2.66 -91.71 6.93
CA PHE N 477 -4.11 -91.56 7.03
C PHE N 477 -4.40 -90.33 7.88
N VAL N 478 -5.12 -89.37 7.32
CA VAL N 478 -5.25 -88.03 7.89
C VAL N 478 -6.71 -87.74 8.16
N ASN N 479 -6.98 -87.14 9.33
CA ASN N 479 -8.30 -86.60 9.64
C ASN N 479 -8.32 -85.13 9.22
N PRO N 480 -9.02 -84.77 8.14
CA PRO N 480 -8.91 -83.39 7.64
C PRO N 480 -9.54 -82.36 8.57
N ASP N 481 -10.44 -82.78 9.46
CA ASP N 481 -10.99 -81.85 10.44
C ASP N 481 -9.93 -81.38 11.43
N THR N 482 -9.17 -82.32 12.00
CA THR N 482 -8.14 -81.98 12.97
C THR N 482 -6.77 -81.76 12.35
N GLY N 483 -6.57 -82.15 11.10
CA GLY N 483 -5.26 -82.07 10.50
C GLY N 483 -4.28 -83.14 10.95
N ARG N 484 -4.70 -84.05 11.83
CA ARG N 484 -3.79 -84.98 12.47
C ARG N 484 -3.61 -86.24 11.62
N VAL N 485 -2.43 -86.84 11.76
CA VAL N 485 -2.16 -88.15 11.16
C VAL N 485 -2.65 -89.21 12.14
N LEU N 486 -3.44 -90.16 11.63
CA LEU N 486 -3.96 -91.22 12.49
C LEU N 486 -3.00 -92.40 12.54
N PHE N 487 -2.53 -92.84 11.38
CA PHE N 487 -1.52 -93.88 11.29
C PHE N 487 -0.84 -93.74 9.94
N GLU N 488 0.29 -94.43 9.78
CA GLU N 488 0.95 -94.54 8.49
C GLU N 488 1.00 -96.01 8.07
N CYS N 489 1.00 -96.24 6.76
CA CYS N 489 0.96 -97.58 6.24
C CYS N 489 1.77 -97.67 4.96
N LYS N 490 2.11 -98.89 4.58
CA LYS N 490 2.92 -99.18 3.41
C LYS N 490 2.06 -99.86 2.35
N LEU N 491 1.91 -99.20 1.19
CA LEU N 491 1.22 -99.79 0.05
C LEU N 491 2.25 -100.41 -0.91
N HIS N 492 2.25 -101.74 -0.98
CA HIS N 492 3.22 -102.48 -1.77
C HIS N 492 2.76 -102.54 -3.23
N LYS N 493 3.72 -102.57 -4.17
CA LYS N 493 3.33 -102.62 -5.58
C LYS N 493 2.41 -103.79 -5.85
N SER N 494 2.63 -104.92 -5.17
CA SER N 494 1.88 -106.14 -5.39
C SER N 494 0.40 -105.98 -5.07
N GLY N 495 0.01 -104.80 -4.60
CA GLY N 495 -1.38 -104.53 -4.28
C GLY N 495 -1.85 -105.01 -2.92
N TYR N 496 -1.12 -104.65 -1.86
CA TYR N 496 -1.60 -104.91 -0.51
C TYR N 496 -0.98 -103.89 0.43
N VAL N 497 -1.62 -103.70 1.57
CA VAL N 497 -1.26 -102.66 2.52
C VAL N 497 -0.84 -103.31 3.83
N THR N 498 0.11 -102.69 4.52
CA THR N 498 0.64 -103.18 5.78
C THR N 498 0.68 -102.03 6.79
N VAL N 499 0.59 -102.39 8.08
CA VAL N 499 0.72 -101.42 9.17
C VAL N 499 1.57 -102.06 10.27
N ALA N 500 2.02 -101.22 11.20
CA ALA N 500 2.84 -101.64 12.33
C ALA N 500 1.91 -101.86 13.53
N HIS N 501 1.56 -103.13 13.78
CA HIS N 501 0.68 -103.47 14.88
C HIS N 501 0.81 -104.96 15.17
N THR N 502 0.48 -105.33 16.40
CA THR N 502 0.50 -106.72 16.83
C THR N 502 -0.82 -107.03 17.52
N GLY N 503 -1.50 -108.07 17.04
CA GLY N 503 -2.80 -108.43 17.54
C GLY N 503 -3.92 -107.97 16.62
N PRO N 504 -5.11 -108.55 16.78
CA PRO N 504 -6.26 -108.09 16.00
C PRO N 504 -6.78 -106.76 16.50
N HIS N 505 -7.31 -105.97 15.56
CA HIS N 505 -7.81 -104.63 15.89
C HIS N 505 -8.67 -104.06 14.78
N ASP N 506 -9.90 -103.65 15.13
CA ASP N 506 -10.70 -102.81 14.26
C ASP N 506 -10.30 -101.35 14.46
N LEU N 507 -9.97 -100.66 13.38
CA LEU N 507 -9.45 -99.31 13.48
C LEU N 507 -10.57 -98.30 13.77
N VAL N 508 -10.25 -97.32 14.59
CA VAL N 508 -11.18 -96.25 14.94
C VAL N 508 -10.88 -95.09 13.98
N ILE N 509 -11.78 -94.85 13.04
CA ILE N 509 -11.52 -94.01 11.88
C ILE N 509 -12.48 -92.84 11.91
N PRO N 510 -12.00 -91.61 11.74
CA PRO N 510 -12.90 -90.47 11.52
C PRO N 510 -13.67 -90.64 10.23
N PRO N 511 -14.95 -90.28 10.19
CA PRO N 511 -15.74 -90.53 8.98
C PRO N 511 -15.20 -89.83 7.74
N ASN N 512 -14.40 -88.78 7.90
CA ASN N 512 -13.85 -88.03 6.77
C ASN N 512 -12.39 -88.36 6.50
N GLY N 513 -11.84 -89.39 7.14
CA GLY N 513 -10.42 -89.68 6.99
C GLY N 513 -10.10 -90.20 5.60
N TYR N 514 -8.92 -89.81 5.11
CA TYR N 514 -8.48 -90.18 3.77
C TYR N 514 -7.01 -90.58 3.80
N PHE N 515 -6.59 -91.31 2.78
CA PHE N 515 -5.20 -91.70 2.62
C PHE N 515 -4.45 -90.64 1.84
N ARG N 516 -3.23 -90.32 2.29
CA ARG N 516 -2.39 -89.30 1.65
C ARG N 516 -1.05 -89.92 1.32
N PHE N 517 -0.66 -89.84 0.05
CA PHE N 517 0.61 -90.39 -0.40
C PHE N 517 1.72 -89.39 -0.11
N ASP N 518 2.72 -89.83 0.66
CA ASP N 518 3.73 -88.91 1.18
C ASP N 518 5.12 -89.12 0.63
N SER N 519 5.50 -90.35 0.27
CA SER N 519 6.86 -90.64 -0.18
C SER N 519 6.93 -92.05 -0.73
N TRP N 520 7.79 -92.24 -1.73
CA TRP N 520 8.23 -93.58 -2.09
C TRP N 520 9.26 -94.08 -1.09
N VAL N 521 9.11 -95.33 -0.66
CA VAL N 521 10.00 -95.99 0.28
C VAL N 521 10.23 -97.43 -0.19
N ASN N 522 11.07 -98.15 0.53
CA ASN N 522 11.22 -99.58 0.27
C ASN N 522 10.66 -100.40 1.44
N GLN N 523 10.78 -101.72 1.33
CA GLN N 523 10.18 -102.59 2.34
C GLN N 523 10.86 -102.48 3.70
N PHE N 524 12.02 -101.83 3.78
CA PHE N 524 12.74 -101.68 5.03
C PHE N 524 12.32 -100.45 5.81
N TYR N 525 11.37 -99.67 5.30
CA TYR N 525 10.88 -98.50 6.02
C TYR N 525 10.20 -98.95 7.31
N THR N 526 10.54 -98.27 8.41
CA THR N 526 9.99 -98.61 9.71
C THR N 526 8.83 -97.67 10.03
N LEU N 527 7.65 -98.24 10.19
CA LEU N 527 6.43 -97.47 10.34
C LEU N 527 6.26 -97.03 11.80
N ALA N 528 5.62 -95.88 11.97
CA ALA N 528 5.31 -95.43 13.31
C ALA N 528 4.37 -96.44 13.96
N PRO N 529 4.57 -96.75 15.24
CA PRO N 529 3.70 -97.74 15.89
C PRO N 529 2.26 -97.27 15.94
N MET N 530 1.37 -98.12 15.44
CA MET N 530 -0.07 -97.90 15.49
C MET N 530 -0.62 -98.54 16.75
N GLY N 531 -1.46 -97.79 17.47
CA GLY N 531 -1.85 -98.20 18.81
C GLY N 531 -3.33 -98.50 18.96
N ASN N 532 -3.66 -99.26 20.01
CA ASN N 532 -5.05 -99.55 20.34
C ASN N 532 -5.82 -98.28 20.67
N ASN O 23 48.08 -100.49 -52.56
CA ASN O 23 48.69 -101.58 -51.81
C ASN O 23 50.11 -101.28 -51.38
N ASN O 24 50.23 -100.41 -50.37
CA ASN O 24 51.51 -99.94 -49.85
C ASN O 24 51.82 -100.53 -48.48
N GLU O 25 51.03 -101.52 -48.04
CA GLU O 25 51.09 -102.24 -46.74
C GLU O 25 50.40 -101.44 -45.63
N VAL O 26 49.64 -100.40 -45.96
CA VAL O 26 48.99 -99.53 -44.98
C VAL O 26 47.48 -99.69 -45.12
N MET O 27 46.80 -99.89 -43.99
CA MET O 27 45.35 -100.00 -43.99
C MET O 27 44.69 -98.63 -44.02
N ALA O 28 43.78 -98.43 -44.98
CA ALA O 28 43.14 -97.15 -45.25
C ALA O 28 42.07 -96.79 -44.22
N LEU O 29 42.46 -96.65 -42.96
CA LEU O 29 41.54 -96.28 -41.89
C LEU O 29 41.96 -94.92 -41.34
N GLU O 30 40.96 -94.09 -41.01
CA GLU O 30 41.24 -92.86 -40.31
C GLU O 30 41.63 -93.18 -38.87
N PRO O 31 42.29 -92.25 -38.19
CA PRO O 31 42.49 -92.41 -36.75
C PRO O 31 41.15 -92.42 -36.02
N VAL O 32 41.08 -93.22 -34.96
CA VAL O 32 39.85 -93.38 -34.21
C VAL O 32 40.18 -93.23 -32.74
N VAL O 33 39.49 -92.30 -32.07
CA VAL O 33 39.79 -92.01 -30.68
C VAL O 33 39.29 -93.14 -29.79
N GLY O 34 40.00 -93.39 -28.71
CA GLY O 34 39.61 -94.40 -27.75
C GLY O 34 38.87 -93.78 -26.59
N ALA O 35 39.35 -94.03 -25.37
CA ALA O 35 38.62 -93.62 -24.17
C ALA O 35 38.75 -92.13 -23.91
N ALA O 36 39.61 -91.42 -24.64
CA ALA O 36 39.77 -89.98 -24.44
C ALA O 36 38.45 -89.24 -24.63
N ILE O 37 37.67 -89.61 -25.64
CA ILE O 37 36.37 -88.95 -25.83
C ILE O 37 35.46 -89.20 -24.64
N ALA O 38 35.65 -90.32 -23.93
CA ALA O 38 34.71 -90.67 -22.88
C ALA O 38 34.99 -89.93 -21.58
N ALA O 39 36.12 -89.24 -21.46
CA ALA O 39 36.51 -88.63 -20.19
C ALA O 39 35.45 -87.68 -19.63
N PRO O 40 34.82 -86.79 -20.40
CA PRO O 40 33.76 -85.95 -19.82
C PRO O 40 32.52 -86.70 -19.38
N VAL O 41 32.28 -87.91 -19.88
CA VAL O 41 31.07 -88.65 -19.54
C VAL O 41 31.35 -89.95 -18.81
N ALA O 42 32.63 -90.32 -18.62
CA ALA O 42 32.96 -91.49 -17.83
C ALA O 42 33.06 -91.10 -16.36
N GLY O 43 32.81 -92.08 -15.49
CA GLY O 43 32.88 -91.81 -14.07
C GLY O 43 34.28 -91.48 -13.58
N GLN O 44 35.30 -92.14 -14.13
CA GLN O 44 36.63 -92.05 -13.54
C GLN O 44 37.70 -92.38 -14.58
N GLN O 45 38.95 -92.11 -14.21
CA GLN O 45 40.13 -92.33 -15.05
C GLN O 45 40.95 -93.48 -14.50
N ASN O 46 41.25 -94.46 -15.34
CA ASN O 46 41.97 -95.65 -14.91
C ASN O 46 43.24 -95.87 -15.74
N VAL O 47 44.06 -96.79 -15.25
CA VAL O 47 45.38 -97.07 -15.81
C VAL O 47 45.54 -98.58 -15.96
N ILE O 48 46.14 -98.98 -17.08
CA ILE O 48 46.46 -100.37 -17.37
C ILE O 48 47.96 -100.54 -17.22
N ASP O 49 48.37 -101.67 -16.62
CA ASP O 49 49.78 -101.97 -16.43
C ASP O 49 50.52 -101.87 -17.75
N PRO O 50 51.53 -101.00 -17.86
CA PRO O 50 52.16 -100.75 -19.16
C PRO O 50 52.76 -101.97 -19.83
N TRP O 51 53.17 -103.00 -19.08
CA TRP O 51 53.71 -104.19 -19.72
C TRP O 51 52.69 -104.82 -20.66
N ILE O 52 51.42 -104.82 -20.27
CA ILE O 52 50.36 -105.31 -21.13
C ILE O 52 50.31 -104.52 -22.44
N ARG O 53 50.58 -103.21 -22.35
CA ARG O 53 50.53 -102.35 -23.53
C ARG O 53 51.72 -102.56 -24.46
N ASN O 54 52.84 -103.05 -23.95
CA ASN O 54 54.06 -103.15 -24.74
C ASN O 54 54.35 -104.55 -25.27
N ASN O 55 53.52 -105.55 -24.96
CA ASN O 55 53.86 -106.92 -25.31
C ASN O 55 52.68 -107.60 -26.01
N PHE O 56 52.93 -108.08 -27.22
CA PHE O 56 51.93 -108.77 -28.01
C PHE O 56 51.62 -110.14 -27.41
N VAL O 57 50.34 -110.49 -27.38
CA VAL O 57 49.88 -111.75 -26.80
C VAL O 57 48.96 -112.42 -27.81
N GLN O 58 49.08 -113.73 -27.94
CA GLN O 58 48.32 -114.46 -28.94
C GLN O 58 46.86 -114.63 -28.51
N ALA O 59 45.94 -114.29 -29.42
CA ALA O 59 44.54 -114.55 -29.15
C ALA O 59 44.34 -116.05 -29.03
N PRO O 60 43.38 -116.50 -28.21
CA PRO O 60 43.17 -117.95 -28.08
C PRO O 60 42.81 -118.65 -29.38
N GLY O 61 42.01 -118.00 -30.22
CA GLY O 61 41.70 -118.57 -31.52
C GLY O 61 42.58 -118.04 -32.63
N GLY O 62 43.73 -117.46 -32.28
CA GLY O 62 44.56 -116.78 -33.25
C GLY O 62 45.46 -117.70 -34.06
N GLU O 63 44.89 -118.76 -34.62
CA GLU O 63 45.60 -119.70 -35.47
C GLU O 63 44.85 -119.85 -36.79
N PHE O 64 45.58 -119.88 -37.89
CA PHE O 64 45.01 -120.35 -39.15
C PHE O 64 46.13 -120.83 -40.05
N THR O 65 45.76 -121.56 -41.09
CA THR O 65 46.71 -122.25 -41.96
C THR O 65 46.35 -121.99 -43.42
N VAL O 66 47.37 -121.72 -44.22
CA VAL O 66 47.23 -121.61 -45.66
C VAL O 66 47.71 -122.91 -46.28
N SER O 67 46.82 -123.60 -46.97
CA SER O 67 47.10 -124.87 -47.61
C SER O 67 46.80 -124.77 -49.10
N PRO O 68 47.36 -125.66 -49.93
CA PRO O 68 47.07 -125.59 -51.37
C PRO O 68 45.63 -125.94 -51.72
N ARG O 69 44.90 -126.62 -50.84
CA ARG O 69 43.48 -126.83 -51.06
C ARG O 69 42.68 -125.55 -50.98
N ASN O 70 43.20 -124.54 -50.28
CA ASN O 70 42.47 -123.30 -50.08
C ASN O 70 42.29 -122.56 -51.40
N ALA O 71 41.11 -121.97 -51.58
CA ALA O 71 40.71 -121.29 -52.79
C ALA O 71 40.32 -119.84 -52.48
N PRO O 72 40.41 -118.95 -53.47
CA PRO O 72 40.03 -117.56 -53.24
C PRO O 72 38.60 -117.42 -52.73
N GLY O 73 38.42 -116.51 -51.77
CA GLY O 73 37.15 -116.28 -51.13
C GLY O 73 36.99 -116.92 -49.77
N GLU O 74 37.80 -117.93 -49.46
CA GLU O 74 37.67 -118.63 -48.19
C GLU O 74 38.22 -117.74 -47.08
N ILE O 75 37.39 -117.47 -46.07
CA ILE O 75 37.82 -116.69 -44.91
C ILE O 75 38.55 -117.63 -43.95
N LEU O 76 39.87 -117.49 -43.88
CA LEU O 76 40.67 -118.38 -43.05
C LEU O 76 40.59 -118.05 -41.55
N TRP O 77 40.31 -116.80 -41.20
CA TRP O 77 40.29 -116.41 -39.80
C TRP O 77 39.51 -115.10 -39.65
N SER O 78 38.84 -114.96 -38.50
CA SER O 78 38.12 -113.73 -38.21
C SER O 78 38.03 -113.57 -36.70
N ALA O 79 37.91 -112.30 -36.27
CA ALA O 79 37.77 -111.99 -34.85
C ALA O 79 37.15 -110.62 -34.69
N PRO O 80 36.29 -110.40 -33.69
CA PRO O 80 35.83 -109.04 -33.39
C PRO O 80 36.68 -108.38 -32.32
N LEU O 81 36.82 -107.07 -32.44
CA LEU O 81 37.58 -106.30 -31.46
C LEU O 81 36.92 -106.40 -30.09
N GLY O 82 37.72 -106.72 -29.08
CA GLY O 82 37.25 -106.80 -27.73
C GLY O 82 38.29 -107.40 -26.80
N PRO O 83 38.06 -107.29 -25.49
CA PRO O 83 39.04 -107.82 -24.53
C PRO O 83 39.29 -109.31 -24.66
N ASP O 84 38.38 -110.07 -25.27
CA ASP O 84 38.58 -111.51 -25.36
C ASP O 84 39.73 -111.90 -26.27
N LEU O 85 40.30 -110.95 -27.01
CA LEU O 85 41.48 -111.26 -27.82
C LEU O 85 42.72 -111.39 -26.95
N ASN O 86 42.74 -110.75 -25.79
CA ASN O 86 43.93 -110.68 -24.95
C ASN O 86 43.60 -111.21 -23.56
N PRO O 87 44.19 -112.32 -23.13
CA PRO O 87 43.81 -112.90 -21.82
C PRO O 87 44.05 -111.98 -20.64
N TYR O 88 45.06 -111.10 -20.72
CA TYR O 88 45.24 -110.11 -19.65
C TYR O 88 44.07 -109.13 -19.61
N LEU O 89 43.73 -108.54 -20.75
CA LEU O 89 42.59 -107.62 -20.78
C LEU O 89 41.30 -108.34 -20.43
N SER O 90 41.17 -109.62 -20.81
CA SER O 90 39.98 -110.38 -20.48
C SER O 90 39.85 -110.54 -18.98
N HIS O 91 40.95 -110.84 -18.29
CA HIS O 91 40.92 -110.95 -16.84
C HIS O 91 40.69 -109.60 -16.19
N LEU O 92 41.34 -108.55 -16.70
CA LEU O 92 41.12 -107.22 -16.16
C LEU O 92 39.67 -106.80 -16.34
N ALA O 93 39.06 -107.12 -17.48
CA ALA O 93 37.71 -106.68 -17.77
C ALA O 93 36.70 -107.20 -16.76
N ARG O 94 37.01 -108.33 -16.11
CA ARG O 94 36.09 -108.87 -15.13
C ARG O 94 35.96 -107.98 -13.90
N MET O 95 36.81 -106.96 -13.75
CA MET O 95 36.74 -106.04 -12.62
C MET O 95 36.42 -104.61 -13.04
N TYR O 96 36.08 -104.38 -14.31
CA TYR O 96 35.75 -103.07 -14.84
C TYR O 96 34.38 -103.11 -15.49
N ASN O 97 33.77 -101.92 -15.61
CA ASN O 97 32.42 -101.79 -16.13
C ASN O 97 32.37 -101.57 -17.63
N GLY O 98 33.40 -100.95 -18.20
CA GLY O 98 33.39 -100.70 -19.63
C GLY O 98 34.78 -100.44 -20.16
N TYR O 99 34.85 -100.18 -21.46
CA TYR O 99 36.12 -99.96 -22.13
C TYR O 99 35.87 -99.16 -23.39
N ALA O 100 36.97 -98.68 -23.98
CA ALA O 100 36.93 -98.01 -25.26
C ALA O 100 38.35 -97.98 -25.82
N GLY O 101 38.45 -98.04 -27.14
CA GLY O 101 39.72 -97.94 -27.82
C GLY O 101 40.06 -99.22 -28.56
N GLY O 102 41.14 -99.13 -29.32
CA GLY O 102 41.48 -100.12 -30.31
C GLY O 102 42.72 -100.92 -29.94
N PHE O 103 43.09 -101.83 -30.84
CA PHE O 103 44.21 -102.73 -30.65
C PHE O 103 45.20 -102.58 -31.79
N GLU O 104 46.42 -103.04 -31.54
CA GLU O 104 47.40 -103.28 -32.59
C GLU O 104 47.51 -104.79 -32.75
N VAL O 105 47.35 -105.27 -33.98
CA VAL O 105 47.40 -106.70 -34.26
C VAL O 105 48.70 -107.02 -34.97
N GLN O 106 49.32 -108.12 -34.55
CA GLN O 106 50.55 -108.63 -35.15
C GLN O 106 50.25 -110.01 -35.71
N VAL O 107 50.48 -110.20 -37.00
CA VAL O 107 50.25 -111.49 -37.66
C VAL O 107 51.59 -111.96 -38.22
N ILE O 108 51.89 -113.24 -37.97
CA ILE O 108 53.17 -113.86 -38.32
C ILE O 108 52.90 -114.96 -39.33
N LEU O 109 53.68 -114.97 -40.41
CA LEU O 109 53.48 -115.91 -41.50
C LEU O 109 54.72 -116.78 -41.61
N ALA O 110 54.52 -118.10 -41.64
CA ALA O 110 55.62 -119.06 -41.64
C ALA O 110 55.79 -119.60 -43.05
N GLY O 111 56.62 -118.91 -43.84
CA GLY O 111 56.86 -119.25 -45.22
C GLY O 111 58.33 -119.15 -45.53
N ASN O 112 58.67 -119.38 -46.80
CA ASN O 112 60.03 -119.21 -47.27
C ASN O 112 60.01 -118.63 -48.68
N ALA O 113 61.21 -118.41 -49.23
CA ALA O 113 61.38 -117.72 -50.50
C ALA O 113 60.84 -118.49 -51.70
N PHE O 114 60.54 -119.77 -51.55
CA PHE O 114 60.11 -120.60 -52.66
C PHE O 114 58.59 -120.75 -52.75
N THR O 115 57.87 -119.85 -52.10
CA THR O 115 56.41 -119.88 -52.05
C THR O 115 55.83 -118.70 -52.81
N ALA O 116 54.60 -118.86 -53.29
CA ALA O 116 53.85 -117.76 -53.86
C ALA O 116 52.43 -117.77 -53.30
N GLY O 117 51.82 -116.61 -53.23
CA GLY O 117 50.43 -116.46 -52.82
C GLY O 117 50.19 -115.23 -51.97
N LYS O 118 48.94 -114.74 -51.99
CA LYS O 118 48.58 -113.52 -51.28
C LYS O 118 47.42 -113.77 -50.34
N ILE O 119 47.48 -113.16 -49.16
CA ILE O 119 46.40 -113.13 -48.19
C ILE O 119 45.93 -111.69 -48.03
N ILE O 120 44.62 -111.48 -47.97
CA ILE O 120 44.06 -110.16 -47.66
C ILE O 120 43.56 -110.15 -46.23
N PHE O 121 43.97 -109.13 -45.48
CA PHE O 121 43.40 -108.80 -44.19
C PHE O 121 42.51 -107.58 -44.38
N ALA O 122 41.29 -107.63 -43.86
CA ALA O 122 40.36 -106.54 -44.06
C ALA O 122 39.64 -106.19 -42.76
N ALA O 123 39.37 -104.91 -42.58
CA ALA O 123 38.60 -104.40 -41.46
C ALA O 123 37.16 -104.18 -41.90
N VAL O 124 36.23 -104.90 -41.29
CA VAL O 124 34.80 -104.81 -41.60
C VAL O 124 34.13 -104.03 -40.49
N PRO O 125 33.35 -102.99 -40.81
CA PRO O 125 32.84 -102.09 -39.77
C PRO O 125 31.71 -102.73 -38.99
N PRO O 126 31.40 -102.20 -37.81
CA PRO O 126 30.36 -102.82 -36.97
C PRO O 126 29.03 -102.94 -37.70
N ASN O 127 28.36 -104.06 -37.47
CA ASN O 127 27.01 -104.37 -37.95
C ASN O 127 26.99 -104.74 -39.43
N PHE O 128 28.13 -105.00 -40.04
CA PHE O 128 28.09 -105.46 -41.42
C PHE O 128 28.31 -106.96 -41.48
N PRO O 129 27.51 -107.69 -42.27
CA PRO O 129 27.65 -109.15 -42.30
C PRO O 129 28.91 -109.60 -43.03
N THR O 130 29.63 -110.52 -42.40
CA THR O 130 30.85 -111.12 -42.94
C THR O 130 30.55 -112.27 -43.89
N GLU O 131 29.31 -112.74 -43.92
CA GLU O 131 28.95 -114.02 -44.51
C GLU O 131 28.62 -113.86 -45.99
N GLY O 132 29.28 -114.65 -46.83
CA GLY O 132 29.01 -114.69 -48.25
C GLY O 132 29.86 -113.80 -49.13
N LEU O 133 30.85 -113.11 -48.56
CA LEU O 133 31.60 -112.11 -49.31
C LEU O 133 32.44 -112.79 -50.39
N SER O 134 32.48 -112.17 -51.57
CA SER O 134 33.40 -112.58 -52.62
C SER O 134 34.73 -111.88 -52.46
N PRO O 135 35.80 -112.42 -53.05
CA PRO O 135 37.12 -111.75 -52.90
C PRO O 135 37.12 -110.33 -53.42
N SER O 136 36.52 -110.08 -54.59
CA SER O 136 36.38 -108.71 -55.07
C SER O 136 35.79 -107.81 -53.99
N GLN O 137 34.72 -108.26 -53.34
CA GLN O 137 34.02 -107.44 -52.37
C GLN O 137 34.89 -107.16 -51.14
N VAL O 138 35.67 -108.15 -50.70
CA VAL O 138 36.53 -107.94 -49.53
C VAL O 138 37.56 -106.87 -49.83
N THR O 139 38.03 -106.78 -51.07
CA THR O 139 38.93 -105.70 -51.47
C THR O 139 38.31 -104.33 -51.28
N MET O 140 36.99 -104.25 -51.20
CA MET O 140 36.30 -102.96 -51.10
C MET O 140 36.28 -102.40 -49.68
N PHE O 141 36.74 -103.17 -48.69
CA PHE O 141 36.95 -102.66 -47.33
C PHE O 141 38.33 -102.05 -47.23
N PRO O 142 38.61 -101.29 -46.16
CA PRO O 142 40.02 -101.01 -45.85
C PRO O 142 40.76 -102.32 -45.73
N HIS O 143 41.87 -102.46 -46.45
CA HIS O 143 42.46 -103.77 -46.56
C HIS O 143 43.96 -103.68 -46.77
N ILE O 144 44.61 -104.83 -46.58
CA ILE O 144 46.04 -105.02 -46.78
C ILE O 144 46.21 -106.36 -47.49
N ILE O 145 47.10 -106.39 -48.47
CA ILE O 145 47.41 -107.61 -49.21
C ILE O 145 48.84 -108.01 -48.87
N VAL O 146 48.99 -109.19 -48.27
CA VAL O 146 50.26 -109.63 -47.71
C VAL O 146 50.72 -110.85 -48.49
N ASP O 147 51.98 -110.84 -48.90
CA ASP O 147 52.56 -111.96 -49.63
C ASP O 147 52.96 -113.06 -48.65
N VAL O 148 52.76 -114.30 -49.08
CA VAL O 148 53.07 -115.45 -48.23
C VAL O 148 54.56 -115.51 -47.93
N ARG O 149 55.38 -114.80 -48.70
CA ARG O 149 56.80 -114.77 -48.45
C ARG O 149 57.21 -113.73 -47.42
N GLN O 150 56.27 -112.96 -46.87
CA GLN O 150 56.64 -111.89 -45.96
C GLN O 150 57.26 -112.46 -44.68
N LEU O 151 58.42 -111.94 -44.31
CA LEU O 151 59.13 -112.40 -43.13
C LEU O 151 58.82 -111.56 -41.91
N GLU O 152 58.89 -110.24 -42.05
CA GLU O 152 58.62 -109.37 -40.93
C GLU O 152 57.14 -109.43 -40.58
N PRO O 153 56.80 -109.43 -39.30
CA PRO O 153 55.38 -109.51 -38.93
C PRO O 153 54.61 -108.32 -39.48
N VAL O 154 53.34 -108.56 -39.79
CA VAL O 154 52.48 -107.53 -40.35
C VAL O 154 51.77 -106.86 -39.19
N LEU O 155 51.78 -105.53 -39.18
CA LEU O 155 51.14 -104.76 -38.12
C LEU O 155 49.88 -104.12 -38.68
N ILE O 156 48.74 -104.47 -38.10
CA ILE O 156 47.43 -103.98 -38.51
C ILE O 156 46.84 -103.23 -37.34
N PRO O 157 46.49 -101.95 -37.49
CA PRO O 157 45.77 -101.27 -36.42
C PRO O 157 44.27 -101.53 -36.52
N LEU O 158 43.68 -101.97 -35.41
CA LEU O 158 42.27 -102.30 -35.33
C LEU O 158 41.57 -101.24 -34.49
N PRO O 159 41.01 -100.20 -35.11
CA PRO O 159 40.43 -99.12 -34.34
C PRO O 159 39.01 -99.44 -33.87
N ASP O 160 38.62 -98.81 -32.77
CA ASP O 160 37.32 -99.09 -32.16
C ASP O 160 36.26 -98.16 -32.77
N VAL O 161 36.01 -98.37 -34.07
CA VAL O 161 34.92 -97.68 -34.73
C VAL O 161 33.61 -98.01 -34.03
N ARG O 162 32.84 -96.98 -33.72
CA ARG O 162 31.65 -97.08 -32.90
C ARG O 162 30.88 -95.77 -33.02
N ASN O 163 29.64 -95.78 -32.52
CA ASN O 163 28.79 -94.59 -32.56
C ASN O 163 28.36 -94.14 -31.17
N ASN O 164 29.06 -94.59 -30.14
CA ASN O 164 28.83 -94.14 -28.79
C ASN O 164 30.17 -93.75 -28.17
N PHE O 165 30.10 -93.19 -26.95
CA PHE O 165 31.32 -92.72 -26.30
C PHE O 165 32.23 -93.89 -25.91
N TYR O 166 31.64 -95.00 -25.46
CA TYR O 166 32.40 -96.17 -25.04
C TYR O 166 31.44 -97.35 -24.92
N HIS O 167 31.99 -98.52 -24.61
CA HIS O 167 31.23 -99.76 -24.53
C HIS O 167 31.03 -100.17 -23.08
N TYR O 168 29.86 -100.75 -22.80
CA TYR O 168 29.63 -101.44 -21.53
C TYR O 168 29.87 -102.92 -21.71
N ASN O 169 30.43 -103.56 -20.68
CA ASN O 169 30.68 -104.99 -20.76
C ASN O 169 29.38 -105.77 -20.93
N GLN O 170 28.32 -105.36 -20.24
CA GLN O 170 27.08 -106.12 -20.19
C GLN O 170 26.20 -105.93 -21.43
N SER O 171 26.57 -105.07 -22.38
CA SER O 171 25.70 -104.78 -23.50
C SER O 171 26.12 -105.42 -24.83
N ASN O 172 27.33 -105.99 -24.90
CA ASN O 172 27.81 -106.73 -26.07
C ASN O 172 27.54 -105.98 -27.38
N ASP O 173 28.02 -104.74 -27.44
CA ASP O 173 27.93 -103.95 -28.67
C ASP O 173 28.72 -104.63 -29.80
N PRO O 174 28.30 -104.43 -31.04
CA PRO O 174 29.10 -104.94 -32.16
C PRO O 174 30.31 -104.07 -32.42
N THR O 175 31.38 -104.70 -32.90
CA THR O 175 32.64 -104.01 -33.14
C THR O 175 33.17 -104.33 -34.54
N ILE O 176 34.26 -103.65 -34.91
CA ILE O 176 34.99 -104.03 -36.12
C ILE O 176 35.44 -105.49 -36.03
N LYS O 177 35.49 -106.14 -37.19
CA LYS O 177 36.01 -107.48 -37.35
C LYS O 177 37.25 -107.43 -38.23
N LEU O 178 38.28 -108.18 -37.86
CA LEU O 178 39.36 -108.51 -38.79
C LEU O 178 39.08 -109.82 -39.48
N ILE O 179 39.32 -109.83 -40.78
CA ILE O 179 39.05 -110.96 -41.65
C ILE O 179 40.33 -111.27 -42.40
N ALA O 180 40.67 -112.55 -42.47
CA ALA O 180 41.79 -113.00 -43.29
C ALA O 180 41.22 -113.95 -44.32
N MET O 181 41.43 -113.63 -45.59
CA MET O 181 40.90 -114.39 -46.70
C MET O 181 42.01 -114.72 -47.67
N LEU O 182 41.94 -115.90 -48.26
CA LEU O 182 42.90 -116.28 -49.28
C LEU O 182 42.62 -115.48 -50.55
N TYR O 183 43.59 -114.69 -51.00
CA TYR O 183 43.43 -113.87 -52.19
C TYR O 183 44.01 -114.52 -53.43
N THR O 184 45.18 -115.14 -53.27
CA THR O 184 45.82 -115.92 -54.32
C THR O 184 46.19 -117.26 -53.72
N PRO O 185 45.93 -118.36 -54.43
CA PRO O 185 46.24 -119.68 -53.88
C PRO O 185 47.73 -119.84 -53.63
N LEU O 186 48.05 -120.72 -52.69
CA LEU O 186 49.44 -120.99 -52.36
C LEU O 186 50.02 -121.92 -53.41
N ARG O 187 51.10 -121.49 -54.04
CA ARG O 187 51.83 -122.29 -55.02
C ARG O 187 53.22 -122.56 -54.49
N ALA O 188 53.48 -123.82 -54.16
CA ALA O 188 54.77 -124.25 -53.63
C ALA O 188 54.88 -125.76 -53.82
N ASN O 189 56.11 -126.22 -54.03
CA ASN O 189 56.34 -127.65 -54.06
C ASN O 189 56.01 -128.27 -52.70
N ASN O 190 55.77 -129.57 -52.70
CA ASN O 190 55.70 -130.32 -51.47
C ASN O 190 57.05 -130.98 -51.24
N ALA O 191 57.16 -131.84 -50.23
CA ALA O 191 58.42 -132.50 -49.92
C ALA O 191 58.12 -133.93 -49.50
N GLY O 192 58.37 -134.88 -50.40
CA GLY O 192 57.84 -136.21 -50.17
C GLY O 192 56.33 -136.17 -50.15
N ASP O 193 55.73 -136.99 -49.31
CA ASP O 193 54.28 -137.06 -49.19
C ASP O 193 53.74 -136.07 -48.17
N ASP O 194 54.61 -135.22 -47.61
CA ASP O 194 54.20 -134.14 -46.71
C ASP O 194 53.88 -132.89 -47.54
N VAL O 195 52.67 -132.37 -47.39
CA VAL O 195 52.23 -131.21 -48.16
C VAL O 195 52.65 -129.93 -47.45
N PHE O 196 53.23 -129.00 -48.21
CA PHE O 196 53.69 -127.74 -47.64
C PHE O 196 52.51 -126.84 -47.29
N THR O 197 52.52 -126.29 -46.08
CA THR O 197 51.51 -125.33 -45.66
C THR O 197 52.16 -124.14 -44.98
N VAL O 198 51.50 -122.99 -45.08
CA VAL O 198 51.96 -121.77 -44.42
C VAL O 198 51.12 -121.57 -43.17
N SER O 199 51.74 -121.78 -42.01
CA SER O 199 51.07 -121.59 -40.74
C SER O 199 51.11 -120.12 -40.31
N CYS O 200 50.00 -119.63 -39.78
CA CYS O 200 49.89 -118.23 -39.39
C CYS O 200 49.44 -118.10 -37.94
N ARG O 201 49.93 -117.06 -37.27
CA ARG O 201 49.56 -116.74 -35.90
C ARG O 201 49.15 -115.28 -35.81
N VAL O 202 48.13 -115.02 -34.98
CA VAL O 202 47.60 -113.67 -34.76
C VAL O 202 47.90 -113.26 -33.33
N LEU O 203 48.62 -112.15 -33.18
CA LEU O 203 49.01 -111.61 -31.90
C LEU O 203 48.36 -110.25 -31.72
N THR O 204 48.16 -109.83 -30.47
CA THR O 204 47.47 -108.58 -30.20
C THR O 204 48.07 -107.89 -29.00
N ARG O 205 47.83 -106.59 -28.90
CA ARG O 205 48.13 -105.80 -27.71
C ARG O 205 47.31 -104.53 -27.77
N PRO O 206 46.92 -103.96 -26.62
CA PRO O 206 46.07 -102.78 -26.66
C PRO O 206 46.83 -101.58 -27.22
N SER O 207 46.13 -100.80 -28.05
CA SER O 207 46.65 -99.52 -28.52
C SER O 207 46.80 -98.56 -27.35
N PRO O 208 47.53 -97.45 -27.54
CA PRO O 208 47.60 -96.45 -26.47
C PRO O 208 46.25 -95.83 -26.12
N ASP O 209 45.30 -95.78 -27.05
CA ASP O 209 44.01 -95.16 -26.76
C ASP O 209 43.00 -96.12 -26.13
N PHE O 210 43.34 -97.40 -26.01
CA PHE O 210 42.47 -98.33 -25.31
C PHE O 210 42.58 -98.11 -23.81
N ASP O 211 41.46 -98.22 -23.11
CA ASP O 211 41.47 -98.14 -21.67
C ASP O 211 40.16 -98.71 -21.13
N PHE O 212 40.21 -99.20 -19.89
CA PHE O 212 39.01 -99.61 -19.19
C PHE O 212 38.42 -98.38 -18.49
N ILE O 213 37.17 -98.49 -18.03
CA ILE O 213 36.55 -97.25 -17.56
C ILE O 213 36.16 -97.21 -16.09
N PHE O 214 35.31 -98.11 -15.60
CA PHE O 214 34.86 -97.95 -14.22
C PHE O 214 35.15 -99.19 -13.38
N LEU O 215 35.90 -99.00 -12.29
CA LEU O 215 36.17 -100.09 -11.36
C LEU O 215 34.89 -100.55 -10.67
N VAL O 216 34.69 -101.86 -10.66
CA VAL O 216 33.47 -102.46 -10.09
C VAL O 216 33.88 -103.76 -9.39
N PRO O 217 33.03 -104.25 -8.49
CA PRO O 217 33.34 -105.47 -7.76
C PRO O 217 33.68 -106.60 -8.73
N PRO O 218 34.79 -107.29 -8.49
CA PRO O 218 35.27 -108.26 -9.48
C PRO O 218 34.37 -109.48 -9.57
N THR O 219 34.33 -110.05 -10.78
CA THR O 219 33.61 -111.27 -11.13
C THR O 219 32.12 -111.20 -10.85
N VAL O 220 31.54 -110.01 -10.70
CA VAL O 220 30.10 -109.89 -10.51
C VAL O 220 29.36 -109.84 -11.85
N GLU O 221 29.81 -109.00 -12.78
CA GLU O 221 29.10 -108.82 -14.04
C GLU O 221 29.12 -110.10 -14.86
N SER O 222 27.92 -110.56 -15.25
CA SER O 222 27.77 -111.89 -15.83
C SER O 222 28.53 -112.04 -17.15
N ARG O 223 28.47 -111.04 -18.02
CA ARG O 223 29.00 -111.25 -19.36
C ARG O 223 30.51 -111.32 -19.44
N THR O 224 31.22 -111.26 -18.31
CA THR O 224 32.67 -111.37 -18.29
C THR O 224 33.17 -112.71 -17.73
N LYS O 225 32.29 -113.58 -17.28
CA LYS O 225 32.71 -114.89 -16.77
C LYS O 225 33.27 -115.74 -17.91
N PRO O 226 34.44 -116.34 -17.76
CA PRO O 226 34.97 -117.19 -18.82
C PRO O 226 34.34 -118.57 -18.79
N PHE O 227 34.28 -119.19 -19.97
CA PHE O 227 33.72 -120.52 -20.11
C PHE O 227 34.74 -121.58 -19.74
N THR O 228 34.27 -122.62 -19.05
CA THR O 228 35.14 -123.73 -18.66
C THR O 228 34.38 -125.04 -18.82
N VAL O 229 35.15 -126.13 -18.80
CA VAL O 229 34.63 -127.48 -18.96
C VAL O 229 35.16 -128.33 -17.80
N PRO O 230 34.32 -129.11 -17.13
CA PRO O 230 34.77 -129.82 -15.93
C PRO O 230 35.99 -130.69 -16.20
N ILE O 231 36.90 -130.71 -15.21
CA ILE O 231 38.11 -131.52 -15.28
C ILE O 231 37.83 -132.99 -15.03
N LEU O 232 36.58 -133.36 -14.75
CA LEU O 232 36.23 -134.73 -14.44
C LEU O 232 36.57 -135.68 -15.59
N THR O 233 36.84 -136.93 -15.23
CA THR O 233 37.10 -138.02 -16.15
C THR O 233 35.78 -138.71 -16.54
N VAL O 234 35.81 -139.38 -17.69
CA VAL O 234 34.64 -140.10 -18.21
C VAL O 234 34.07 -141.05 -17.15
N GLU O 235 34.94 -141.82 -16.50
CA GLU O 235 34.48 -142.73 -15.45
C GLU O 235 33.82 -141.97 -14.32
N GLU O 236 34.39 -140.83 -13.94
CA GLU O 236 33.92 -140.04 -12.81
C GLU O 236 32.62 -139.30 -13.08
N MET O 237 32.11 -139.32 -14.31
CA MET O 237 30.89 -138.62 -14.63
C MET O 237 29.71 -139.60 -14.69
N THR O 238 28.57 -139.12 -15.19
CA THR O 238 27.30 -139.82 -15.07
C THR O 238 26.46 -139.52 -16.31
N ASN O 239 25.68 -140.51 -16.73
CA ASN O 239 24.80 -140.31 -17.87
C ASN O 239 23.67 -139.34 -17.52
N SER O 240 23.23 -138.59 -18.53
CA SER O 240 22.23 -137.54 -18.34
C SER O 240 20.82 -137.97 -18.70
N ARG O 241 20.65 -139.14 -19.33
CA ARG O 241 19.34 -139.61 -19.77
C ARG O 241 18.80 -140.77 -18.94
N PHE O 242 19.62 -141.35 -18.05
CA PHE O 242 19.16 -142.39 -17.16
C PHE O 242 20.10 -142.40 -15.96
N PRO O 243 19.59 -142.62 -14.73
CA PRO O 243 20.44 -142.47 -13.54
C PRO O 243 21.50 -143.56 -13.43
N ILE O 244 22.45 -143.56 -14.36
CA ILE O 244 23.48 -144.60 -14.43
C ILE O 244 24.80 -143.94 -14.81
N PRO O 245 25.93 -144.58 -14.46
CA PRO O 245 27.23 -143.99 -14.79
C PRO O 245 27.53 -144.03 -16.28
N LEU O 246 28.64 -143.42 -16.68
CA LEU O 246 29.10 -143.45 -18.06
C LEU O 246 30.08 -144.59 -18.30
N GLU O 247 30.17 -145.00 -19.56
CA GLU O 247 31.01 -146.14 -19.96
C GLU O 247 32.17 -145.66 -20.84
N LYS O 248 31.90 -145.19 -22.06
CA LYS O 248 32.96 -144.73 -22.94
C LYS O 248 32.42 -143.68 -23.91
N LEU O 249 33.34 -143.09 -24.67
CA LEU O 249 33.05 -142.12 -25.71
C LEU O 249 32.89 -142.82 -27.05
N PHE O 250 31.77 -142.57 -27.73
CA PHE O 250 31.42 -143.26 -28.96
C PHE O 250 31.04 -142.24 -30.03
N THR O 251 31.63 -142.41 -31.21
CA THR O 251 31.28 -141.63 -32.40
C THR O 251 30.65 -142.54 -33.44
N GLY O 252 29.64 -142.04 -34.14
CA GLY O 252 29.03 -142.79 -35.22
C GLY O 252 28.18 -141.95 -36.15
N PRO O 253 27.93 -142.48 -37.35
CA PRO O 253 26.99 -141.83 -38.26
C PRO O 253 25.57 -141.94 -37.76
N SER O 254 24.77 -140.92 -38.06
CA SER O 254 23.42 -140.80 -37.50
C SER O 254 22.36 -140.66 -38.58
N GLY O 255 22.62 -141.13 -39.80
CA GLY O 255 21.67 -140.96 -40.87
C GLY O 255 20.43 -141.83 -40.72
N ALA O 256 20.60 -143.05 -40.18
CA ALA O 256 19.50 -144.00 -40.10
C ALA O 256 18.43 -143.58 -39.10
N PHE O 257 18.76 -142.71 -38.14
CA PHE O 257 17.88 -142.41 -37.02
C PHE O 257 17.87 -140.91 -36.75
N VAL O 258 16.95 -140.49 -35.89
CA VAL O 258 16.80 -139.09 -35.47
C VAL O 258 17.34 -138.93 -34.05
N VAL O 259 18.46 -138.21 -33.92
CA VAL O 259 19.07 -137.94 -32.62
C VAL O 259 18.37 -136.70 -32.05
N GLN O 260 17.39 -136.90 -31.18
CA GLN O 260 16.65 -135.80 -30.57
C GLN O 260 16.31 -136.11 -29.12
N PRO O 261 17.31 -136.38 -28.27
CA PRO O 261 17.03 -136.62 -26.86
C PRO O 261 16.31 -135.44 -26.22
N GLN O 262 15.75 -135.68 -25.04
CA GLN O 262 15.18 -134.61 -24.24
C GLN O 262 15.79 -134.50 -22.85
N ASN O 263 16.64 -135.45 -22.45
CA ASN O 263 17.43 -135.36 -21.23
C ASN O 263 18.88 -135.12 -21.60
N GLY O 264 19.61 -134.44 -20.72
CA GLY O 264 20.96 -134.04 -21.07
C GLY O 264 21.01 -133.09 -22.24
N ARG O 265 20.07 -132.15 -22.29
CA ARG O 265 20.06 -131.09 -23.31
C ARG O 265 20.16 -129.75 -22.60
N CYS O 266 21.33 -129.13 -22.70
CA CYS O 266 21.59 -127.87 -22.02
C CYS O 266 22.57 -127.07 -22.87
N THR O 267 22.33 -125.77 -22.96
CA THR O 267 23.17 -124.90 -23.77
C THR O 267 24.38 -124.41 -22.97
N THR O 268 25.45 -124.06 -23.70
CA THR O 268 26.71 -123.64 -23.10
C THR O 268 26.56 -122.55 -22.04
N ASP O 269 25.68 -121.57 -22.25
CA ASP O 269 25.50 -120.52 -21.25
C ASP O 269 24.44 -120.86 -20.21
N GLY O 270 24.06 -122.13 -20.08
CA GLY O 270 23.31 -122.59 -18.92
C GLY O 270 21.80 -122.52 -18.99
N VAL O 271 21.20 -122.46 -20.17
CA VAL O 271 19.76 -122.58 -20.31
C VAL O 271 19.43 -124.06 -20.53
N LEU O 272 18.57 -124.60 -19.68
CA LEU O 272 18.15 -125.98 -19.79
C LEU O 272 17.13 -126.15 -20.91
N LEU O 273 17.14 -127.32 -21.54
CA LEU O 273 16.32 -127.61 -22.70
C LEU O 273 15.53 -128.89 -22.48
N GLY O 274 14.36 -128.94 -23.12
CA GLY O 274 13.55 -130.15 -23.09
C GLY O 274 13.12 -130.55 -21.70
N THR O 275 13.36 -131.81 -21.35
CA THR O 275 13.00 -132.36 -20.05
C THR O 275 14.20 -132.47 -19.11
N THR O 276 15.29 -131.78 -19.41
CA THR O 276 16.51 -131.94 -18.63
C THR O 276 16.39 -131.20 -17.31
N GLN O 277 16.82 -131.85 -16.23
CA GLN O 277 16.87 -131.26 -14.90
C GLN O 277 18.21 -131.61 -14.25
N LEU O 278 18.41 -131.12 -13.04
CA LEU O 278 19.75 -131.08 -12.47
C LEU O 278 20.12 -132.33 -11.67
N SER O 279 19.16 -133.00 -11.07
CA SER O 279 19.49 -134.11 -10.16
C SER O 279 19.96 -135.31 -10.95
N PRO O 280 21.14 -135.87 -10.65
CA PRO O 280 21.64 -137.03 -11.40
C PRO O 280 20.97 -138.35 -11.04
N VAL O 281 20.10 -138.36 -10.02
CA VAL O 281 19.41 -139.58 -9.62
C VAL O 281 17.92 -139.54 -9.96
N ASN O 282 17.33 -138.35 -10.14
CA ASN O 282 15.92 -138.19 -10.45
C ASN O 282 15.68 -138.19 -11.96
N ILE O 283 16.53 -138.87 -12.72
CA ILE O 283 16.49 -138.76 -14.18
C ILE O 283 15.30 -139.52 -14.75
N CYS O 284 14.97 -140.68 -14.19
CA CYS O 284 13.80 -141.45 -14.63
C CYS O 284 12.97 -141.87 -13.41
N THR O 285 12.39 -140.89 -12.72
CA THR O 285 11.63 -141.14 -11.50
C THR O 285 10.21 -140.59 -11.66
N PHE O 286 9.29 -141.15 -10.86
CA PHE O 286 7.91 -140.70 -10.85
C PHE O 286 7.43 -140.61 -9.41
N ARG O 287 6.65 -139.56 -9.12
CA ARG O 287 6.11 -139.33 -7.78
C ARG O 287 4.64 -138.97 -7.89
N GLY O 288 3.82 -139.57 -7.03
CA GLY O 288 2.41 -139.23 -7.01
C GLY O 288 1.61 -140.21 -6.17
N ASP O 289 0.30 -140.12 -6.33
CA ASP O 289 -0.68 -140.97 -5.67
C ASP O 289 -1.15 -142.06 -6.62
N VAL O 290 -1.41 -143.25 -6.08
CA VAL O 290 -1.61 -144.43 -6.89
C VAL O 290 -3.03 -144.95 -6.70
N THR O 291 -3.55 -145.59 -7.76
CA THR O 291 -4.93 -146.04 -7.82
C THR O 291 -4.96 -147.41 -8.50
N HIS O 292 -5.75 -148.33 -7.94
CA HIS O 292 -5.90 -149.66 -8.53
C HIS O 292 -6.91 -149.68 -9.66
N ILE O 293 -6.62 -150.50 -10.67
CA ILE O 293 -7.58 -150.85 -11.72
C ILE O 293 -8.09 -152.25 -11.40
N ALA O 294 -9.40 -152.37 -11.19
CA ALA O 294 -9.97 -153.51 -10.48
C ALA O 294 -9.64 -154.83 -11.17
N GLY O 295 -9.14 -155.78 -10.37
CA GLY O 295 -8.93 -157.15 -10.81
C GLY O 295 -7.67 -157.40 -11.63
N THR O 296 -6.90 -156.36 -11.94
CA THR O 296 -5.74 -156.48 -12.81
C THR O 296 -4.46 -156.27 -12.01
N HIS O 297 -3.33 -156.37 -12.70
CA HIS O 297 -2.03 -156.03 -12.14
C HIS O 297 -1.62 -154.59 -12.44
N ASP O 298 -2.57 -153.74 -12.81
CA ASP O 298 -2.30 -152.38 -13.23
C ASP O 298 -2.56 -151.38 -12.11
N TYR O 299 -1.81 -150.29 -12.11
CA TYR O 299 -2.04 -149.17 -11.21
C TYR O 299 -1.95 -147.86 -11.99
N THR O 300 -2.79 -146.90 -11.60
CA THR O 300 -2.81 -145.57 -12.21
C THR O 300 -2.21 -144.56 -11.24
N MET O 301 -1.18 -143.85 -11.68
CA MET O 301 -0.49 -142.85 -10.87
C MET O 301 -0.80 -141.45 -11.40
N ASN O 302 -1.39 -140.63 -10.55
CA ASN O 302 -1.59 -139.21 -10.86
C ASN O 302 -0.34 -138.46 -10.41
N LEU O 303 0.32 -137.79 -11.34
CA LEU O 303 1.68 -137.31 -11.11
C LEU O 303 1.70 -135.94 -10.44
N ALA O 304 2.80 -135.67 -9.75
CA ALA O 304 3.07 -134.35 -9.20
C ALA O 304 4.31 -133.78 -9.88
N SER O 305 5.00 -132.86 -9.20
CA SER O 305 6.31 -132.42 -9.64
C SER O 305 7.38 -133.28 -8.95
N GLN O 306 8.66 -132.93 -9.16
CA GLN O 306 9.72 -133.44 -8.31
C GLN O 306 9.86 -132.71 -6.97
N ASN O 307 9.31 -131.50 -6.85
CA ASN O 307 9.29 -130.81 -5.56
C ASN O 307 7.99 -131.05 -4.81
N TRP O 308 7.23 -132.08 -5.22
CA TRP O 308 5.99 -132.50 -4.56
C TRP O 308 4.94 -131.41 -4.62
N ASN O 309 4.86 -130.73 -5.76
CA ASN O 309 3.80 -129.75 -6.03
C ASN O 309 2.92 -130.24 -7.18
N ASN O 310 1.81 -129.53 -7.39
CA ASN O 310 0.92 -129.83 -8.49
C ASN O 310 1.63 -129.67 -9.83
N TYR O 311 1.23 -130.48 -10.81
CA TYR O 311 1.77 -130.37 -12.15
C TYR O 311 0.87 -129.45 -12.98
N ASP O 312 1.47 -128.50 -13.68
CA ASP O 312 0.72 -127.54 -14.48
C ASP O 312 0.89 -127.86 -15.96
N PRO O 313 -0.18 -128.26 -16.66
CA PRO O 313 -0.02 -128.60 -18.09
C PRO O 313 0.19 -127.38 -18.97
N THR O 314 -0.09 -126.18 -18.47
CA THR O 314 0.10 -124.96 -19.26
C THR O 314 1.57 -124.65 -19.47
N GLU O 315 2.44 -125.07 -18.54
CA GLU O 315 3.86 -124.77 -18.63
C GLU O 315 4.44 -125.29 -19.94
N GLU O 316 5.24 -124.44 -20.59
CA GLU O 316 5.77 -124.70 -21.93
C GLU O 316 6.90 -125.72 -21.85
N ILE O 317 6.56 -126.93 -21.41
CA ILE O 317 7.51 -128.02 -21.27
C ILE O 317 6.92 -129.26 -21.96
N PRO O 318 7.74 -130.19 -22.49
CA PRO O 318 7.16 -131.40 -23.08
C PRO O 318 6.34 -132.22 -22.10
N ALA O 319 6.82 -132.33 -20.87
CA ALA O 319 6.36 -133.28 -19.87
C ALA O 319 6.99 -132.88 -18.54
N PRO O 320 6.64 -133.51 -17.42
CA PRO O 320 7.37 -133.22 -16.19
C PRO O 320 8.86 -133.55 -16.35
N LEU O 321 9.70 -132.72 -15.73
CA LEU O 321 11.13 -132.81 -15.91
C LEU O 321 11.63 -134.17 -15.42
N GLY O 322 12.45 -134.82 -16.23
CA GLY O 322 12.89 -136.17 -15.95
C GLY O 322 12.07 -137.26 -16.61
N THR O 323 11.09 -136.90 -17.42
CA THR O 323 10.37 -137.92 -18.17
C THR O 323 11.33 -138.61 -19.13
N PRO O 324 11.36 -139.94 -19.18
CA PRO O 324 12.31 -140.64 -20.07
C PRO O 324 12.20 -140.16 -21.51
N ASP O 325 13.32 -140.21 -22.22
CA ASP O 325 13.43 -139.63 -23.56
C ASP O 325 13.61 -140.69 -24.64
N PHE O 326 13.07 -141.88 -24.41
CA PHE O 326 13.10 -142.94 -25.39
C PHE O 326 11.84 -143.79 -25.22
N VAL O 327 11.65 -144.73 -26.15
CA VAL O 327 10.53 -145.66 -26.10
C VAL O 327 11.02 -147.01 -25.56
N GLY O 328 10.32 -147.53 -24.56
CA GLY O 328 10.69 -148.80 -23.98
C GLY O 328 9.82 -149.11 -22.77
N LYS O 329 10.04 -150.30 -22.23
CA LYS O 329 9.42 -150.75 -20.99
C LYS O 329 10.50 -150.80 -19.93
N ILE O 330 10.42 -149.90 -18.96
CA ILE O 330 11.41 -149.79 -17.88
C ILE O 330 10.84 -150.40 -16.61
N GLN O 331 11.58 -151.35 -16.03
CA GLN O 331 11.22 -151.97 -14.77
C GLN O 331 12.03 -151.37 -13.63
N GLY O 332 11.37 -151.15 -12.50
CA GLY O 332 12.02 -150.64 -11.31
C GLY O 332 11.28 -151.08 -10.08
N VAL O 333 11.16 -150.19 -9.09
CA VAL O 333 10.50 -150.51 -7.84
C VAL O 333 9.68 -149.30 -7.40
N LEU O 334 8.41 -149.54 -7.10
CA LEU O 334 7.57 -148.54 -6.45
C LEU O 334 7.74 -148.64 -4.94
N THR O 335 7.66 -147.50 -4.26
CA THR O 335 7.75 -147.48 -2.81
C THR O 335 6.67 -146.56 -2.25
N GLN O 336 6.06 -146.98 -1.14
CA GLN O 336 4.98 -146.23 -0.52
C GLN O 336 5.14 -146.25 0.99
N THR O 337 4.72 -145.16 1.63
CA THR O 337 4.78 -145.02 3.08
C THR O 337 3.46 -144.43 3.55
N THR O 338 2.84 -145.07 4.54
CA THR O 338 1.55 -144.62 5.05
C THR O 338 1.75 -143.66 6.22
N ARG O 339 1.15 -142.49 6.12
CA ARG O 339 1.28 -141.46 7.14
C ARG O 339 0.58 -141.89 8.42
N GLY O 340 1.33 -142.02 9.51
CA GLY O 340 0.73 -142.43 10.75
C GLY O 340 1.22 -143.72 11.39
N ASP O 341 1.46 -144.77 10.59
CA ASP O 341 1.86 -146.06 11.14
C ASP O 341 3.26 -146.50 10.77
N GLY O 342 3.91 -145.85 9.80
CA GLY O 342 5.22 -146.33 9.39
C GLY O 342 5.21 -147.52 8.46
N SER O 343 4.13 -147.74 7.72
CA SER O 343 4.08 -148.84 6.78
C SER O 343 5.09 -148.65 5.66
N THR O 344 5.82 -149.72 5.35
CA THR O 344 6.95 -149.72 4.42
C THR O 344 6.72 -150.77 3.36
N ARG O 345 6.38 -150.36 2.13
CA ARG O 345 6.14 -151.30 1.06
C ARG O 345 7.02 -150.97 -0.14
N GLY O 346 7.54 -152.01 -0.77
CA GLY O 346 8.37 -151.90 -1.96
C GLY O 346 8.06 -153.00 -2.94
N HIS O 347 7.77 -152.67 -4.18
CA HIS O 347 7.27 -153.65 -5.14
C HIS O 347 7.96 -153.48 -6.49
N LYS O 348 8.43 -154.59 -7.04
CA LYS O 348 8.91 -154.60 -8.42
C LYS O 348 7.78 -154.21 -9.35
N ALA O 349 8.03 -153.24 -10.23
CA ALA O 349 7.01 -152.64 -11.06
C ALA O 349 7.60 -152.32 -12.44
N THR O 350 6.72 -152.05 -13.39
CA THR O 350 7.11 -151.88 -14.79
C THR O 350 6.30 -150.75 -15.40
N VAL O 351 6.97 -149.87 -16.14
CA VAL O 351 6.34 -148.80 -16.88
C VAL O 351 6.63 -149.00 -18.36
N SER O 352 5.59 -148.90 -19.19
CA SER O 352 5.75 -148.87 -20.63
C SER O 352 5.50 -147.44 -21.12
N THR O 353 6.53 -146.82 -21.69
CA THR O 353 6.36 -145.51 -22.31
C THR O 353 5.71 -145.60 -23.68
N GLY O 354 5.67 -146.80 -24.26
CA GLY O 354 5.00 -147.06 -25.52
C GLY O 354 3.60 -147.58 -25.40
N SER O 355 3.15 -147.89 -24.18
CA SER O 355 1.75 -148.22 -23.97
C SER O 355 0.87 -147.00 -24.22
N VAL O 356 -0.35 -147.27 -24.70
CA VAL O 356 -1.28 -146.23 -25.11
C VAL O 356 -1.73 -145.34 -23.95
N HIS O 357 -1.53 -145.79 -22.71
CA HIS O 357 -1.95 -145.06 -21.53
C HIS O 357 -0.85 -144.20 -20.90
N PHE O 358 0.27 -144.03 -21.59
CA PHE O 358 1.37 -143.17 -21.11
C PHE O 358 1.10 -141.74 -21.57
N THR O 359 0.47 -140.95 -20.71
CA THR O 359 0.12 -139.55 -20.98
C THR O 359 0.63 -138.67 -19.85
N PRO O 360 1.96 -138.48 -19.75
CA PRO O 360 2.48 -137.66 -18.65
C PRO O 360 2.20 -136.18 -18.81
N LYS O 361 2.04 -135.70 -20.05
CA LYS O 361 1.70 -134.29 -20.25
C LYS O 361 0.32 -133.99 -19.68
N LEU O 362 -0.59 -134.96 -19.72
CA LEU O 362 -1.91 -134.79 -19.12
C LEU O 362 -1.96 -135.16 -17.65
N GLY O 363 -1.02 -135.97 -17.16
CA GLY O 363 -0.89 -136.24 -15.73
C GLY O 363 -0.91 -137.70 -15.31
N SER O 364 -0.94 -138.70 -16.19
CA SER O 364 -1.10 -140.08 -15.72
C SER O 364 -0.08 -141.00 -16.37
N VAL O 365 0.37 -142.00 -15.59
CA VAL O 365 1.15 -143.12 -16.10
C VAL O 365 0.64 -144.39 -15.42
N GLN O 366 0.87 -145.53 -16.08
CA GLN O 366 0.43 -146.83 -15.59
C GLN O 366 1.60 -147.76 -15.28
N PHE O 367 1.49 -148.46 -14.16
CA PHE O 367 2.49 -149.43 -13.72
C PHE O 367 1.85 -150.81 -13.70
N THR O 368 2.65 -151.82 -14.00
CA THR O 368 2.25 -153.22 -13.82
C THR O 368 3.07 -153.86 -12.71
N THR O 369 2.41 -154.29 -11.65
CA THR O 369 3.03 -154.77 -10.42
C THR O 369 2.83 -156.27 -10.31
N ASP O 370 3.38 -156.84 -9.23
CA ASP O 370 3.19 -158.25 -8.91
C ASP O 370 2.24 -158.47 -7.73
N THR O 371 1.55 -157.43 -7.27
CA THR O 371 0.48 -157.55 -6.30
C THR O 371 -0.65 -156.62 -6.73
N ASN O 372 -1.89 -157.04 -6.48
CA ASN O 372 -3.07 -156.25 -6.82
C ASN O 372 -3.78 -155.61 -5.63
N ASN O 373 -3.28 -155.76 -4.40
CA ASN O 373 -3.95 -155.17 -3.25
C ASN O 373 -3.03 -154.37 -2.33
N ASP O 374 -1.76 -154.19 -2.71
CA ASP O 374 -0.75 -153.63 -1.81
C ASP O 374 -0.39 -152.18 -2.10
N LEU O 375 -1.31 -151.37 -2.64
CA LEU O 375 -1.04 -149.94 -2.82
C LEU O 375 -2.26 -149.12 -2.39
N GLU O 376 -2.13 -148.44 -1.25
CA GLU O 376 -3.20 -147.66 -0.66
C GLU O 376 -3.58 -146.45 -1.52
N THR O 377 -4.75 -145.90 -1.22
CA THR O 377 -5.24 -144.67 -1.83
C THR O 377 -4.68 -143.45 -1.09
N GLY O 378 -4.54 -142.35 -1.83
CA GLY O 378 -4.07 -141.09 -1.27
C GLY O 378 -2.66 -141.02 -0.70
N GLN O 379 -1.89 -142.10 -0.75
CA GLN O 379 -0.55 -142.10 -0.18
C GLN O 379 0.48 -141.82 -1.27
N ASN O 380 1.57 -141.18 -0.87
CA ASN O 380 2.65 -140.85 -1.81
C ASN O 380 3.46 -142.08 -2.18
N THR O 381 3.70 -142.25 -3.49
CA THR O 381 4.38 -143.41 -4.02
C THR O 381 5.40 -142.93 -5.04
N LYS O 382 6.61 -143.51 -5.01
CA LYS O 382 7.69 -143.10 -5.90
C LYS O 382 8.24 -144.30 -6.65
N PHE O 383 8.39 -144.14 -7.97
CA PHE O 383 9.00 -145.16 -8.81
C PHE O 383 10.50 -144.88 -8.98
N THR O 384 11.33 -145.84 -8.54
CA THR O 384 12.80 -145.85 -8.66
C THR O 384 13.22 -146.62 -9.91
N PRO O 385 14.04 -146.01 -10.79
CA PRO O 385 14.48 -146.71 -12.00
C PRO O 385 15.70 -147.58 -11.78
N VAL O 386 15.65 -148.84 -12.27
CA VAL O 386 16.74 -149.78 -12.11
C VAL O 386 17.22 -150.31 -13.45
N GLY O 387 16.31 -150.66 -14.35
CA GLY O 387 16.72 -151.20 -15.63
C GLY O 387 15.56 -151.29 -16.60
N VAL O 388 15.88 -151.74 -17.81
CA VAL O 388 14.90 -151.89 -18.89
C VAL O 388 14.83 -153.36 -19.27
N VAL O 389 13.77 -153.71 -19.99
CA VAL O 389 13.39 -155.11 -20.19
C VAL O 389 13.25 -155.38 -21.68
N GLN O 390 13.30 -156.67 -22.01
CA GLN O 390 13.33 -157.15 -23.39
C GLN O 390 12.36 -158.32 -23.51
N ASP O 391 11.53 -158.29 -24.55
CA ASP O 391 10.57 -159.36 -24.80
C ASP O 391 11.19 -160.41 -25.71
N GLY O 392 11.43 -161.60 -25.15
CA GLY O 392 12.23 -162.61 -25.82
C GLY O 392 11.58 -163.24 -27.05
N ASN O 393 10.28 -163.05 -27.23
CA ASN O 393 9.60 -163.61 -28.39
C ASN O 393 9.75 -162.73 -29.63
N SER O 394 9.95 -161.43 -29.45
CA SER O 394 10.11 -160.51 -30.56
C SER O 394 11.59 -160.42 -30.97
N ALA O 395 11.87 -159.54 -31.92
CA ALA O 395 13.21 -159.43 -32.49
C ALA O 395 14.23 -159.11 -31.41
N HIS O 396 15.38 -159.78 -31.50
CA HIS O 396 16.44 -159.61 -30.51
C HIS O 396 17.18 -158.30 -30.75
N GLN O 397 17.46 -157.58 -29.66
CA GLN O 397 18.07 -156.25 -29.69
C GLN O 397 17.14 -155.22 -30.32
N ASN O 398 15.84 -155.31 -29.98
CA ASN O 398 14.82 -154.46 -30.59
C ASN O 398 14.01 -153.64 -29.59
N GLU O 399 14.05 -153.98 -28.31
CA GLU O 399 13.08 -153.45 -27.35
C GLU O 399 13.51 -152.09 -26.82
N PRO O 400 14.78 -151.89 -26.37
CA PRO O 400 15.18 -150.53 -25.97
C PRO O 400 15.56 -149.69 -27.18
N GLN O 401 14.64 -148.82 -27.62
CA GLN O 401 14.84 -147.97 -28.79
C GLN O 401 15.34 -146.61 -28.33
N GLN O 402 16.66 -146.40 -28.43
CA GLN O 402 17.28 -145.23 -27.81
C GLN O 402 16.81 -143.93 -28.44
N TRP O 403 16.62 -143.91 -29.76
CA TRP O 403 16.38 -142.69 -30.51
C TRP O 403 14.90 -142.49 -30.89
N VAL O 404 13.97 -143.19 -30.25
CA VAL O 404 12.56 -143.03 -30.55
C VAL O 404 11.88 -142.41 -29.35
N LEU O 405 11.27 -141.24 -29.55
CA LEU O 405 10.58 -140.53 -28.49
C LEU O 405 9.18 -141.13 -28.26
N PRO O 406 8.74 -141.24 -27.01
CA PRO O 406 7.32 -141.50 -26.74
C PRO O 406 6.47 -140.29 -27.10
N ASN O 407 5.15 -140.53 -27.11
CA ASN O 407 4.16 -139.46 -27.28
C ASN O 407 3.66 -139.04 -25.89
N TYR O 408 4.17 -137.91 -25.40
CA TYR O 408 3.85 -137.51 -24.03
C TYR O 408 2.38 -137.14 -23.90
N SER O 409 1.79 -136.59 -24.96
CA SER O 409 0.37 -136.29 -24.98
C SER O 409 -0.49 -137.54 -25.10
N GLY O 410 0.10 -138.68 -25.44
CA GLY O 410 -0.61 -139.95 -25.56
C GLY O 410 -1.82 -140.00 -26.48
N ARG O 411 -1.65 -139.52 -27.71
CA ARG O 411 -2.63 -139.50 -28.80
C ARG O 411 -3.62 -138.33 -28.73
N THR O 412 -3.46 -137.40 -27.81
CA THR O 412 -4.31 -136.22 -27.73
C THR O 412 -3.50 -135.03 -28.21
N GLY O 413 -3.97 -134.36 -29.24
CA GLY O 413 -3.19 -133.28 -29.83
C GLY O 413 -1.92 -133.83 -30.44
N HIS O 414 -0.78 -133.29 -30.02
CA HIS O 414 0.52 -133.73 -30.54
C HIS O 414 1.62 -133.34 -29.57
N ASN O 415 2.80 -133.94 -29.74
CA ASN O 415 3.95 -133.58 -28.93
C ASN O 415 4.32 -132.13 -29.19
N VAL O 416 4.54 -131.37 -28.11
CA VAL O 416 4.80 -129.94 -28.24
C VAL O 416 6.04 -129.56 -27.45
N HIS O 417 6.71 -128.49 -27.92
CA HIS O 417 7.83 -127.85 -27.23
C HIS O 417 8.98 -128.81 -26.95
N LEU O 418 9.40 -129.54 -27.99
CA LEU O 418 10.51 -130.47 -27.84
C LEU O 418 11.83 -129.75 -28.02
N ALA O 419 12.88 -130.29 -27.42
CA ALA O 419 14.21 -129.80 -27.71
C ALA O 419 14.58 -130.14 -29.15
N PRO O 420 15.31 -129.26 -29.85
CA PRO O 420 15.59 -129.50 -31.27
C PRO O 420 16.43 -130.75 -31.47
N ALA O 421 16.32 -131.32 -32.67
CA ALA O 421 17.15 -132.44 -33.05
C ALA O 421 18.57 -131.99 -33.36
N VAL O 422 19.47 -132.95 -33.41
CA VAL O 422 20.91 -132.68 -33.42
C VAL O 422 21.55 -133.53 -34.49
N ALA O 423 22.28 -132.88 -35.40
CA ALA O 423 22.97 -133.58 -36.48
C ALA O 423 24.19 -132.76 -36.88
N PRO O 424 25.28 -133.41 -37.28
CA PRO O 424 26.42 -132.66 -37.79
C PRO O 424 26.10 -132.03 -39.14
N THR O 425 26.60 -130.81 -39.33
CA THR O 425 26.37 -130.08 -40.56
C THR O 425 27.63 -129.88 -41.39
N PHE O 426 28.79 -130.02 -40.78
CA PHE O 426 30.06 -129.80 -41.46
C PHE O 426 30.56 -131.13 -42.02
N PRO O 427 31.01 -131.18 -43.27
CA PRO O 427 31.51 -132.43 -43.85
C PRO O 427 32.69 -133.02 -43.08
N GLY O 428 32.61 -134.33 -42.84
CA GLY O 428 33.61 -135.09 -42.13
C GLY O 428 33.37 -135.24 -40.65
N GLU O 429 32.28 -134.68 -40.12
CA GLU O 429 32.00 -134.69 -38.70
C GLU O 429 30.83 -135.59 -38.37
N GLN O 430 30.97 -136.35 -37.29
CA GLN O 430 29.88 -137.11 -36.73
C GLN O 430 29.74 -136.73 -35.26
N LEU O 431 28.54 -136.92 -34.73
CA LEU O 431 28.31 -136.67 -33.32
C LEU O 431 29.27 -137.49 -32.45
N LEU O 432 29.64 -136.92 -31.32
CA LEU O 432 30.40 -137.61 -30.29
C LEU O 432 29.47 -137.84 -29.11
N PHE O 433 29.25 -139.11 -28.78
CA PHE O 433 28.27 -139.49 -27.77
C PHE O 433 28.99 -139.90 -26.48
N PHE O 434 28.33 -139.59 -25.37
CA PHE O 434 28.70 -140.15 -24.06
C PHE O 434 27.77 -141.31 -23.77
N ARG O 435 28.33 -142.51 -23.68
CA ARG O 435 27.54 -143.73 -23.67
C ARG O 435 27.56 -144.43 -22.30
N CYS O 451 24.26 -140.32 -24.73
CA CYS O 451 23.80 -138.98 -24.37
C CYS O 451 24.74 -137.91 -24.92
N LEU O 452 24.20 -136.71 -25.12
CA LEU O 452 24.96 -135.64 -25.77
C LEU O 452 25.89 -134.93 -24.80
N LEU O 453 25.48 -134.79 -23.53
CA LEU O 453 26.27 -134.10 -22.51
C LEU O 453 26.21 -134.90 -21.22
N PRO O 454 27.33 -135.11 -20.55
CA PRO O 454 27.30 -135.69 -19.20
C PRO O 454 26.48 -134.83 -18.26
N GLN O 455 25.90 -135.46 -17.24
CA GLN O 455 25.08 -134.72 -16.29
C GLN O 455 25.91 -133.70 -15.53
N GLU O 456 27.15 -134.05 -15.19
CA GLU O 456 28.04 -133.10 -14.53
C GLU O 456 28.30 -131.88 -15.42
N TRP O 457 28.39 -132.10 -16.73
CA TRP O 457 28.53 -130.98 -17.66
C TRP O 457 27.28 -130.09 -17.65
N VAL O 458 26.09 -130.69 -17.55
CA VAL O 458 24.87 -129.90 -17.45
C VAL O 458 24.91 -129.04 -16.19
N LEU O 459 25.27 -129.65 -15.07
CA LEU O 459 25.41 -128.92 -13.81
C LEU O 459 26.37 -127.75 -13.97
N HIS O 460 27.53 -128.00 -14.57
CA HIS O 460 28.55 -126.97 -14.71
C HIS O 460 28.04 -125.80 -15.55
N PHE O 461 27.49 -126.09 -16.73
CA PHE O 461 26.99 -125.01 -17.57
C PHE O 461 25.86 -124.25 -16.88
N TYR O 462 25.01 -124.96 -16.14
CA TYR O 462 23.88 -124.32 -15.48
C TYR O 462 24.36 -123.30 -14.44
N GLN O 463 25.34 -123.67 -13.63
CA GLN O 463 25.81 -122.79 -12.56
C GLN O 463 26.68 -121.67 -13.12
N GLU O 464 27.77 -122.02 -13.80
CA GLU O 464 28.71 -121.02 -14.33
C GLU O 464 28.19 -120.64 -15.71
N ALA O 465 27.31 -119.64 -15.74
CA ALA O 465 26.52 -119.33 -16.94
C ALA O 465 27.31 -118.42 -17.89
N ALA O 466 28.47 -118.94 -18.32
CA ALA O 466 29.40 -118.13 -19.11
C ALA O 466 28.86 -117.92 -20.52
N PRO O 467 28.80 -116.67 -21.00
CA PRO O 467 28.33 -116.42 -22.36
C PRO O 467 29.25 -117.03 -23.41
N ALA O 468 28.64 -117.62 -24.44
CA ALA O 468 29.40 -118.14 -25.56
C ALA O 468 29.83 -117.01 -26.49
N GLN O 469 31.13 -116.97 -26.80
CA GLN O 469 31.67 -115.94 -27.68
C GLN O 469 31.50 -116.28 -29.17
N SER O 470 31.14 -117.51 -29.50
CA SER O 470 30.77 -117.89 -30.85
C SER O 470 29.96 -119.17 -30.78
N ASP O 471 29.64 -119.75 -31.95
CA ASP O 471 28.78 -120.91 -32.00
C ASP O 471 29.49 -122.20 -31.62
N VAL O 472 30.81 -122.19 -31.50
CA VAL O 472 31.59 -123.41 -31.30
C VAL O 472 32.71 -123.13 -30.30
N ALA O 473 32.79 -123.96 -29.26
CA ALA O 473 33.90 -123.93 -28.31
C ALA O 473 34.84 -125.08 -28.62
N LEU O 474 36.09 -124.77 -28.93
CA LEU O 474 37.08 -125.79 -29.21
C LEU O 474 37.53 -126.45 -27.91
N LEU O 475 37.43 -127.77 -27.85
CA LEU O 475 37.91 -128.55 -26.72
C LEU O 475 39.07 -129.44 -27.15
N ARG O 476 40.06 -129.57 -26.28
CA ARG O 476 41.17 -130.49 -26.47
C ARG O 476 41.15 -131.56 -25.39
N PHE O 477 41.40 -132.80 -25.78
CA PHE O 477 41.47 -133.93 -24.87
C PHE O 477 42.94 -134.21 -24.57
N VAL O 478 43.28 -134.20 -23.28
CA VAL O 478 44.68 -134.18 -22.84
C VAL O 478 44.94 -135.40 -21.97
N ASN O 479 46.12 -135.99 -22.13
CA ASN O 479 46.58 -137.04 -21.22
C ASN O 479 47.39 -136.39 -20.11
N PRO O 480 46.92 -136.39 -18.86
CA PRO O 480 47.61 -135.61 -17.82
C PRO O 480 48.98 -136.17 -17.48
N ASP O 481 49.18 -137.48 -17.62
CA ASP O 481 50.49 -138.06 -17.32
C ASP O 481 51.55 -137.52 -18.26
N THR O 482 51.32 -137.61 -19.57
CA THR O 482 52.33 -137.24 -20.55
C THR O 482 52.21 -135.79 -21.00
N GLY O 483 51.06 -135.16 -20.75
CA GLY O 483 50.79 -133.80 -21.17
C GLY O 483 50.44 -133.60 -22.63
N ARG O 484 50.51 -134.62 -23.47
CA ARG O 484 50.30 -134.44 -24.90
C ARG O 484 48.81 -134.54 -25.22
N VAL O 485 48.40 -133.79 -26.24
CA VAL O 485 47.01 -133.75 -26.67
C VAL O 485 46.73 -134.89 -27.63
N LEU O 486 45.62 -135.58 -27.41
CA LEU O 486 45.23 -136.73 -28.22
C LEU O 486 44.35 -136.33 -29.40
N PHE O 487 43.26 -135.61 -29.13
CA PHE O 487 42.38 -135.15 -30.19
C PHE O 487 41.67 -133.89 -29.73
N GLU O 488 41.02 -133.22 -30.67
CA GLU O 488 40.18 -132.08 -30.39
C GLU O 488 38.78 -132.31 -30.93
N CYS O 489 37.82 -131.62 -30.34
CA CYS O 489 36.42 -131.74 -30.72
C CYS O 489 35.77 -130.37 -30.62
N LYS O 490 34.59 -130.26 -31.24
CA LYS O 490 33.86 -129.01 -31.27
C LYS O 490 32.64 -129.12 -30.36
N LEU O 491 32.62 -128.32 -29.31
CA LEU O 491 31.45 -128.22 -28.43
C LEU O 491 30.59 -127.07 -28.95
N HIS O 492 29.42 -127.40 -29.47
CA HIS O 492 28.55 -126.42 -30.08
C HIS O 492 27.82 -125.65 -29.00
N LYS O 493 27.37 -124.44 -29.35
CA LYS O 493 26.64 -123.66 -28.34
C LYS O 493 25.43 -124.45 -27.84
N SER O 494 24.72 -125.12 -28.74
CA SER O 494 23.67 -126.03 -28.32
C SER O 494 24.30 -127.22 -27.60
N GLY O 495 23.49 -127.99 -26.89
CA GLY O 495 24.09 -129.07 -26.14
C GLY O 495 24.57 -130.29 -26.90
N TYR O 496 25.60 -130.17 -27.74
CA TYR O 496 26.13 -131.35 -28.41
C TYR O 496 27.58 -131.16 -28.83
N VAL O 497 28.26 -132.29 -29.02
CA VAL O 497 29.67 -132.34 -29.39
C VAL O 497 29.81 -133.08 -30.72
N THR O 498 30.78 -132.66 -31.53
CA THR O 498 31.08 -133.30 -32.80
C THR O 498 32.58 -133.53 -32.93
N VAL O 499 32.94 -134.57 -33.70
CA VAL O 499 34.33 -134.97 -33.90
C VAL O 499 34.55 -135.30 -35.37
N ALA O 500 35.82 -135.35 -35.77
CA ALA O 500 36.22 -135.61 -37.15
C ALA O 500 36.60 -137.08 -37.32
N HIS O 501 35.63 -137.88 -37.76
CA HIS O 501 35.81 -139.30 -38.06
C HIS O 501 34.56 -139.79 -38.75
N THR O 502 34.72 -140.83 -39.57
CA THR O 502 33.60 -141.40 -40.32
C THR O 502 33.48 -142.88 -40.02
N GLY O 503 32.27 -143.31 -39.67
CA GLY O 503 32.00 -144.67 -39.27
C GLY O 503 31.90 -144.80 -37.76
N PRO O 504 31.21 -145.84 -37.29
CA PRO O 504 31.10 -146.06 -35.85
C PRO O 504 32.44 -146.45 -35.25
N HIS O 505 32.65 -146.05 -34.00
CA HIS O 505 33.93 -146.30 -33.32
C HIS O 505 33.83 -146.04 -31.83
N ASP O 506 34.27 -147.01 -31.02
CA ASP O 506 34.55 -146.75 -29.61
C ASP O 506 35.93 -146.12 -29.50
N LEU O 507 36.02 -145.02 -28.76
CA LEU O 507 37.25 -144.24 -28.76
C LEU O 507 38.35 -144.93 -27.95
N VAL O 508 39.59 -144.58 -28.30
CA VAL O 508 40.79 -145.15 -27.70
C VAL O 508 41.23 -144.30 -26.50
N ILE O 509 40.49 -144.39 -25.40
CA ILE O 509 40.52 -143.38 -24.34
C ILE O 509 41.47 -143.85 -23.25
N PRO O 510 42.45 -143.02 -22.86
CA PRO O 510 43.17 -143.29 -21.62
C PRO O 510 42.24 -143.18 -20.44
N PRO O 511 42.53 -143.89 -19.34
CA PRO O 511 41.56 -143.93 -18.24
C PRO O 511 41.41 -142.61 -17.52
N ASN O 512 42.47 -141.79 -17.43
CA ASN O 512 42.45 -140.55 -16.67
C ASN O 512 42.42 -139.31 -17.57
N GLY O 513 41.88 -139.43 -18.77
CA GLY O 513 41.83 -138.28 -19.68
C GLY O 513 40.67 -137.35 -19.39
N TYR O 514 40.92 -136.05 -19.63
CA TYR O 514 39.96 -135.00 -19.32
C TYR O 514 39.87 -134.02 -20.49
N PHE O 515 38.74 -133.32 -20.56
CA PHE O 515 38.52 -132.27 -21.57
C PHE O 515 38.95 -130.91 -21.03
N ARG O 516 39.68 -130.17 -21.86
CA ARG O 516 40.16 -128.84 -21.51
C ARG O 516 39.72 -127.86 -22.59
N PHE O 517 39.15 -126.73 -22.16
CA PHE O 517 38.66 -125.71 -23.08
C PHE O 517 39.83 -124.89 -23.62
N ASP O 518 39.85 -124.71 -24.95
CA ASP O 518 40.95 -124.01 -25.61
C ASP O 518 40.57 -122.63 -26.11
N SER O 519 39.48 -122.49 -26.86
CA SER O 519 39.13 -121.19 -27.43
C SER O 519 37.74 -121.26 -28.05
N TRP O 520 37.13 -120.09 -28.22
CA TRP O 520 36.01 -119.92 -29.12
C TRP O 520 36.54 -119.78 -30.55
N VAL O 521 35.83 -120.36 -31.50
CA VAL O 521 36.26 -120.38 -32.89
C VAL O 521 35.09 -120.08 -33.82
N ASN O 522 35.38 -119.32 -34.88
CA ASN O 522 34.38 -119.00 -35.89
C ASN O 522 33.96 -120.28 -36.60
N GLN O 523 32.70 -120.34 -37.02
CA GLN O 523 32.06 -121.61 -37.35
C GLN O 523 32.71 -122.31 -38.55
N PHE O 524 33.65 -121.66 -39.25
CA PHE O 524 34.32 -122.29 -40.38
C PHE O 524 35.50 -123.15 -39.94
N TYR O 525 35.81 -123.18 -38.64
CA TYR O 525 36.94 -123.95 -38.13
C TYR O 525 36.84 -125.44 -38.46
N THR O 526 37.84 -125.92 -39.19
CA THR O 526 37.93 -127.32 -39.59
C THR O 526 38.94 -128.02 -38.69
N LEU O 527 38.52 -129.09 -38.02
CA LEU O 527 39.33 -129.69 -36.97
C LEU O 527 40.07 -130.92 -37.50
N ALA O 528 41.22 -131.19 -36.91
CA ALA O 528 42.02 -132.34 -37.29
C ALA O 528 41.30 -133.65 -36.93
N PRO O 529 41.39 -134.67 -37.79
CA PRO O 529 40.76 -135.96 -37.47
C PRO O 529 41.44 -136.68 -36.31
N MET O 530 40.89 -137.81 -35.90
CA MET O 530 41.34 -138.60 -34.74
C MET O 530 42.84 -138.55 -34.49
N MET P 27 18.34 -2.44 59.99
CA MET P 27 18.12 -3.48 59.00
C MET P 27 16.72 -3.39 58.39
N ALA P 28 15.73 -3.10 59.23
CA ALA P 28 14.34 -3.05 58.78
C ALA P 28 13.97 -1.74 58.11
N LEU P 29 14.75 -0.67 58.31
CA LEU P 29 14.53 0.59 57.61
C LEU P 29 15.80 1.05 56.91
N GLU P 30 15.62 1.71 55.76
CA GLU P 30 16.72 2.36 55.06
C GLU P 30 17.17 3.63 55.77
N PRO P 31 18.32 4.17 55.40
CA PRO P 31 18.68 5.52 55.83
C PRO P 31 17.71 6.54 55.23
N VAL P 32 17.50 7.62 55.95
CA VAL P 32 16.53 8.64 55.57
C VAL P 32 17.20 10.00 55.76
N VAL P 33 17.23 10.80 54.70
CA VAL P 33 17.94 12.07 54.74
C VAL P 33 17.23 13.05 55.65
N GLY P 34 18.00 13.87 56.35
CA GLY P 34 17.45 14.91 57.19
C GLY P 34 17.24 16.23 56.48
N ALA P 35 17.84 17.29 57.02
CA ALA P 35 17.59 18.64 56.53
C ALA P 35 18.39 19.00 55.29
N ALA P 36 19.33 18.14 54.87
CA ALA P 36 20.15 18.46 53.69
C ALA P 36 19.29 18.66 52.45
N ILE P 37 18.26 17.82 52.27
CA ILE P 37 17.38 17.95 51.11
C ILE P 37 16.67 19.31 51.08
N ALA P 38 16.52 19.96 52.23
CA ALA P 38 15.76 21.20 52.27
C ALA P 38 16.57 22.40 51.82
N ALA P 39 17.86 22.24 51.53
CA ALA P 39 18.74 23.38 51.26
C ALA P 39 18.22 24.32 50.18
N PRO P 40 17.69 23.85 49.04
CA PRO P 40 17.19 24.80 48.03
C PRO P 40 15.96 25.59 48.45
N VAL P 41 15.18 25.12 49.42
CA VAL P 41 13.92 25.77 49.79
C VAL P 41 13.92 26.34 51.19
N ALA P 42 14.91 26.03 52.03
CA ALA P 42 15.03 26.69 53.32
C ALA P 42 15.70 28.04 53.19
N GLY P 43 15.38 28.93 54.12
CA GLY P 43 16.00 30.24 54.13
C GLY P 43 17.48 30.22 54.43
N GLN P 44 17.93 29.23 55.23
CA GLN P 44 19.26 29.27 55.81
C GLN P 44 19.81 27.86 55.95
N GLN P 45 21.11 27.80 56.19
CA GLN P 45 21.82 26.55 56.47
C GLN P 45 22.35 26.66 57.89
N ASN P 46 21.94 25.74 58.75
CA ASN P 46 22.31 25.79 60.16
C ASN P 46 23.08 24.56 60.59
N VAL P 47 23.62 24.64 61.81
CA VAL P 47 24.44 23.59 62.39
C VAL P 47 24.06 23.46 63.86
N ILE P 48 23.96 22.21 64.32
CA ILE P 48 23.68 21.88 65.71
C ILE P 48 24.98 21.41 66.35
N ASP P 49 25.16 21.76 67.62
CA ASP P 49 26.34 21.32 68.36
C ASP P 49 26.45 19.79 68.28
N PRO P 50 27.50 19.26 67.66
CA PRO P 50 27.61 17.81 67.50
C PRO P 50 27.65 17.02 68.79
N TRP P 51 28.06 17.63 69.90
CA TRP P 51 28.06 16.93 71.18
C TRP P 51 26.66 16.49 71.59
N ILE P 52 25.63 17.24 71.20
CA ILE P 52 24.26 16.86 71.54
C ILE P 52 23.93 15.45 71.07
N ARG P 53 24.53 15.00 69.95
CA ARG P 53 24.26 13.66 69.46
C ARG P 53 25.18 12.59 70.04
N ASN P 54 26.08 12.94 70.96
CA ASN P 54 27.01 11.97 71.51
C ASN P 54 26.60 11.45 72.88
N ASN P 55 25.39 11.78 73.33
CA ASN P 55 24.97 11.46 74.69
C ASN P 55 23.48 11.14 74.68
N PHE P 56 23.12 9.91 75.08
CA PHE P 56 21.70 9.58 75.21
C PHE P 56 21.14 10.29 76.44
N VAL P 57 20.03 11.00 76.28
CA VAL P 57 19.48 11.81 77.34
C VAL P 57 17.97 11.60 77.42
N GLN P 58 17.44 11.65 78.64
CA GLN P 58 16.06 11.24 78.87
C GLN P 58 15.09 12.24 78.25
N ALA P 59 14.13 11.72 77.48
CA ALA P 59 13.16 12.56 76.81
C ALA P 59 12.27 13.30 77.81
N PRO P 60 11.79 14.50 77.46
CA PRO P 60 10.84 15.20 78.33
C PRO P 60 9.57 14.40 78.58
N GLY P 61 9.31 13.38 77.79
CA GLY P 61 8.20 12.48 78.02
C GLY P 61 8.71 11.07 77.87
N GLY P 62 9.79 10.80 78.59
CA GLY P 62 10.49 9.54 78.49
C GLY P 62 10.35 8.65 79.71
N GLU P 63 9.26 8.82 80.45
CA GLU P 63 8.93 7.94 81.56
C GLU P 63 7.62 7.24 81.24
N PHE P 64 7.58 5.93 81.46
CA PHE P 64 6.36 5.17 81.37
C PHE P 64 6.50 3.95 82.26
N THR P 65 5.39 3.26 82.48
CA THR P 65 5.35 2.25 83.51
C THR P 65 4.65 1.00 82.99
N VAL P 66 5.15 -0.16 83.38
CA VAL P 66 4.50 -1.44 83.13
C VAL P 66 4.19 -2.09 84.46
N SER P 67 2.90 -2.26 84.75
CA SER P 67 2.42 -2.84 85.98
C SER P 67 1.49 -3.99 85.65
N PRO P 68 1.21 -4.89 86.60
CA PRO P 68 0.30 -6.01 86.31
C PRO P 68 -1.14 -5.58 86.08
N ARG P 69 -1.50 -4.34 86.43
CA ARG P 69 -2.81 -3.81 86.05
C ARG P 69 -2.92 -3.60 84.54
N ASN P 70 -1.79 -3.46 83.84
CA ASN P 70 -1.81 -3.26 82.40
C ASN P 70 -1.97 -4.60 81.68
N ALA P 71 -2.55 -4.54 80.50
CA ALA P 71 -2.74 -5.71 79.65
C ALA P 71 -2.20 -5.43 78.26
N PRO P 72 -1.88 -6.48 77.50
CA PRO P 72 -1.56 -6.29 76.08
C PRO P 72 -2.68 -5.58 75.35
N GLY P 73 -2.30 -4.72 74.41
CA GLY P 73 -3.20 -3.90 73.62
C GLY P 73 -3.23 -2.46 74.07
N GLU P 74 -2.94 -2.19 75.34
CA GLU P 74 -2.81 -0.82 75.81
C GLU P 74 -1.48 -0.26 75.33
N ILE P 75 -1.51 0.90 74.67
CA ILE P 75 -0.28 1.59 74.28
C ILE P 75 0.21 2.32 75.53
N LEU P 76 1.24 1.75 76.17
CA LEU P 76 1.73 2.26 77.44
C LEU P 76 2.60 3.50 77.29
N TRP P 77 3.15 3.74 76.10
CA TRP P 77 4.02 4.88 75.89
C TRP P 77 4.08 5.16 74.39
N SER P 78 4.13 6.44 74.04
CA SER P 78 4.26 6.82 72.64
C SER P 78 4.81 8.24 72.57
N ALA P 79 5.46 8.53 71.44
CA ALA P 79 6.03 9.86 71.22
C ALA P 79 6.19 10.06 69.72
N PRO P 80 5.95 11.27 69.22
CA PRO P 80 6.25 11.58 67.82
C PRO P 80 7.68 12.06 67.64
N LEU P 81 8.23 11.80 66.46
CA LEU P 81 9.52 12.36 66.11
C LEU P 81 9.44 13.87 66.11
N GLY P 82 10.46 14.51 66.67
CA GLY P 82 10.49 15.94 66.78
C GLY P 82 11.46 16.39 67.84
N PRO P 83 11.70 17.70 67.94
CA PRO P 83 12.68 18.18 68.93
C PRO P 83 12.27 17.91 70.36
N ASP P 84 10.99 17.62 70.61
CA ASP P 84 10.51 17.37 71.96
C ASP P 84 10.95 16.02 72.51
N LEU P 85 11.65 15.21 71.71
CA LEU P 85 12.21 13.94 72.17
C LEU P 85 13.50 14.12 72.96
N ASN P 86 14.04 15.33 73.02
CA ASN P 86 15.37 15.54 73.57
C ASN P 86 15.41 16.91 74.24
N PRO P 87 15.75 16.95 75.54
CA PRO P 87 15.69 18.23 76.27
C PRO P 87 16.65 19.28 75.74
N TYR P 88 17.81 18.89 75.21
CA TYR P 88 18.69 19.87 74.58
C TYR P 88 18.05 20.44 73.31
N LEU P 89 17.63 19.57 72.39
CA LEU P 89 16.95 20.02 71.19
C LEU P 89 15.69 20.80 71.52
N SER P 90 15.05 20.48 72.66
CA SER P 90 13.84 21.19 73.05
C SER P 90 14.14 22.66 73.30
N HIS P 91 15.24 22.96 73.99
CA HIS P 91 15.60 24.37 74.23
C HIS P 91 16.03 25.02 72.93
N LEU P 92 16.83 24.33 72.11
CA LEU P 92 17.24 24.87 70.82
C LEU P 92 16.03 25.23 69.97
N ALA P 93 14.97 24.43 70.07
CA ALA P 93 13.83 24.62 69.19
C ALA P 93 13.18 25.99 69.39
N ARG P 94 13.34 26.60 70.56
CA ARG P 94 12.82 27.94 70.79
C ARG P 94 13.49 28.97 69.91
N MET P 95 14.59 28.60 69.24
CA MET P 95 15.39 29.50 68.43
C MET P 95 15.30 29.19 66.95
N TYR P 96 14.55 28.15 66.58
CA TYR P 96 14.45 27.72 65.19
C TYR P 96 12.99 27.60 64.78
N ASN P 97 12.77 27.71 63.46
CA ASN P 97 11.43 27.67 62.88
C ASN P 97 11.03 26.28 62.44
N GLY P 98 11.99 25.42 62.11
CA GLY P 98 11.70 24.08 61.65
C GLY P 98 12.87 23.15 61.87
N TYR P 99 12.72 21.92 61.37
CA TYR P 99 13.72 20.90 61.57
C TYR P 99 13.52 19.78 60.56
N ALA P 100 14.51 18.89 60.46
CA ALA P 100 14.40 17.66 59.70
C ALA P 100 15.51 16.72 60.14
N GLY P 101 15.19 15.42 60.13
CA GLY P 101 16.15 14.39 60.47
C GLY P 101 15.66 13.53 61.63
N GLY P 102 16.44 12.49 61.90
CA GLY P 102 16.01 11.40 62.74
C GLY P 102 16.72 11.34 64.08
N PHE P 103 16.33 10.33 64.87
CA PHE P 103 16.84 10.13 66.21
C PHE P 103 17.31 8.68 66.39
N GLU P 104 18.16 8.48 67.38
CA GLU P 104 18.39 7.17 67.99
C GLU P 104 17.80 7.21 69.39
N VAL P 105 16.91 6.26 69.68
CA VAL P 105 16.27 6.17 70.98
C VAL P 105 16.79 4.95 71.73
N GLN P 106 17.00 5.12 73.04
CA GLN P 106 17.48 4.08 73.94
C GLN P 106 16.45 3.86 75.05
N VAL P 107 16.04 2.61 75.26
CA VAL P 107 15.01 2.27 76.24
C VAL P 107 15.62 1.45 77.37
N ILE P 108 15.25 1.79 78.59
CA ILE P 108 15.74 1.14 79.81
C ILE P 108 14.56 0.63 80.61
N LEU P 109 14.62 -0.64 81.02
CA LEU P 109 13.57 -1.28 81.81
C LEU P 109 14.14 -1.78 83.13
N ALA P 110 13.48 -1.43 84.23
CA ALA P 110 13.90 -1.81 85.57
C ALA P 110 13.12 -3.03 86.06
N GLY P 111 13.44 -4.18 85.49
CA GLY P 111 12.83 -5.43 85.88
C GLY P 111 13.61 -6.16 86.96
N ASN P 112 13.13 -7.36 87.28
CA ASN P 112 13.87 -8.29 88.13
C ASN P 112 13.59 -9.71 87.65
N ALA P 113 14.28 -10.67 88.28
CA ALA P 113 14.23 -12.05 87.80
C ALA P 113 12.86 -12.69 87.93
N PHE P 114 11.98 -12.17 88.78
CA PHE P 114 10.64 -12.72 88.93
C PHE P 114 9.64 -12.06 87.97
N THR P 115 10.10 -11.16 87.11
CA THR P 115 9.24 -10.36 86.24
C THR P 115 9.28 -10.92 84.83
N ALA P 116 8.30 -11.76 84.50
CA ALA P 116 8.16 -12.31 83.15
C ALA P 116 7.36 -11.36 82.26
N GLY P 117 7.63 -11.40 80.97
CA GLY P 117 6.85 -10.64 80.01
C GLY P 117 7.70 -9.97 78.94
N LYS P 118 7.06 -9.61 77.84
CA LYS P 118 7.72 -9.00 76.70
C LYS P 118 7.06 -7.67 76.37
N ILE P 119 7.87 -6.68 76.02
CA ILE P 119 7.41 -5.39 75.51
C ILE P 119 7.88 -5.19 74.08
N ILE P 120 7.00 -4.70 73.21
CA ILE P 120 7.38 -4.30 71.86
C ILE P 120 7.44 -2.79 71.78
N PHE P 121 8.54 -2.28 71.23
CA PHE P 121 8.64 -0.90 70.79
C PHE P 121 8.54 -0.92 69.27
N ALA P 122 7.75 -0.01 68.71
CA ALA P 122 7.60 0.01 67.25
C ALA P 122 7.50 1.44 66.73
N ALA P 123 8.06 1.64 65.54
CA ALA P 123 7.95 2.90 64.81
C ALA P 123 6.84 2.75 63.77
N VAL P 124 5.77 3.50 63.95
CA VAL P 124 4.61 3.48 63.06
C VAL P 124 4.64 4.73 62.19
N PRO P 125 4.53 4.60 60.87
CA PRO P 125 4.83 5.73 59.98
C PRO P 125 3.71 6.76 59.98
N PRO P 126 3.95 7.95 59.44
CA PRO P 126 2.93 9.02 59.52
C PRO P 126 1.63 8.62 58.86
N ASN P 127 0.53 9.14 59.42
CA ASN P 127 -0.82 8.96 58.91
C ASN P 127 -1.30 7.52 58.97
N PHE P 128 -0.69 6.71 59.79
CA PHE P 128 -1.21 5.37 60.04
C PHE P 128 -1.92 5.35 61.39
N PRO P 129 -3.14 4.80 61.46
CA PRO P 129 -3.89 4.83 62.72
C PRO P 129 -3.37 3.79 63.70
N THR P 130 -3.07 4.24 64.92
CA THR P 130 -2.61 3.32 65.95
C THR P 130 -3.75 2.65 66.68
N GLU P 131 -4.98 3.14 66.54
CA GLU P 131 -6.07 2.72 67.41
C GLU P 131 -6.49 1.29 67.07
N GLY P 132 -6.67 0.47 68.11
CA GLY P 132 -7.13 -0.88 67.94
C GLY P 132 -6.07 -1.89 67.59
N LEU P 133 -4.80 -1.49 67.59
CA LEU P 133 -3.73 -2.39 67.16
C LEU P 133 -3.57 -3.53 68.15
N SER P 134 -3.41 -4.73 67.62
CA SER P 134 -3.08 -5.91 68.39
C SER P 134 -1.57 -6.06 68.52
N PRO P 135 -1.09 -6.81 69.52
CA PRO P 135 0.36 -7.02 69.61
C PRO P 135 0.93 -7.72 68.39
N SER P 136 0.24 -8.73 67.86
CA SER P 136 0.64 -9.35 66.60
C SER P 136 0.85 -8.30 65.50
N GLN P 137 -0.10 -7.38 65.34
CA GLN P 137 -0.01 -6.40 64.27
C GLN P 137 1.17 -5.46 64.47
N VAL P 138 1.46 -5.11 65.72
CA VAL P 138 2.57 -4.20 66.00
C VAL P 138 3.89 -4.78 65.49
N THR P 139 4.05 -6.11 65.54
CA THR P 139 5.26 -6.75 65.01
C THR P 139 5.44 -6.51 63.51
N MET P 140 4.42 -6.03 62.81
CA MET P 140 4.55 -5.84 61.38
C MET P 140 5.21 -4.50 61.02
N PHE P 141 5.41 -3.62 61.99
CA PHE P 141 6.21 -2.42 61.81
C PHE P 141 7.67 -2.74 62.09
N PRO P 142 8.59 -1.84 61.74
CA PRO P 142 9.93 -1.91 62.33
C PRO P 142 9.80 -1.89 63.84
N HIS P 143 10.40 -2.87 64.51
CA HIS P 143 10.14 -3.04 65.93
C HIS P 143 11.29 -3.75 66.61
N ILE P 144 11.28 -3.68 67.95
CA ILE P 144 12.18 -4.45 68.80
C ILE P 144 11.34 -5.03 69.93
N ILE P 145 11.62 -6.29 70.27
CA ILE P 145 10.95 -6.99 71.36
C ILE P 145 11.96 -7.23 72.47
N VAL P 146 11.73 -6.61 73.62
CA VAL P 146 12.66 -6.64 74.73
C VAL P 146 11.97 -7.27 75.93
N ASP P 147 12.69 -8.16 76.61
CA ASP P 147 12.15 -8.86 77.77
C ASP P 147 12.24 -7.94 78.99
N VAL P 148 11.20 -7.97 79.83
CA VAL P 148 11.15 -7.05 80.96
C VAL P 148 12.25 -7.28 81.99
N ARG P 149 12.88 -8.45 82.00
CA ARG P 149 13.96 -8.68 82.96
C ARG P 149 15.34 -8.30 82.41
N GLN P 150 15.39 -7.72 81.22
CA GLN P 150 16.68 -7.30 80.64
C GLN P 150 17.32 -6.19 81.46
N LEU P 151 18.64 -6.29 81.63
CA LEU P 151 19.40 -5.26 82.33
C LEU P 151 19.89 -4.17 81.39
N GLU P 152 20.53 -4.57 80.28
CA GLU P 152 21.16 -3.63 79.37
C GLU P 152 20.13 -2.91 78.51
N PRO P 153 20.33 -1.63 78.23
CA PRO P 153 19.38 -0.88 77.40
C PRO P 153 19.34 -1.39 75.96
N VAL P 154 18.19 -1.18 75.31
CA VAL P 154 17.97 -1.53 73.91
C VAL P 154 17.99 -0.26 73.06
N LEU P 155 18.59 -0.35 71.87
CA LEU P 155 18.72 0.78 70.95
C LEU P 155 17.76 0.62 69.77
N ILE P 156 16.97 1.66 69.50
CA ILE P 156 16.04 1.68 68.39
C ILE P 156 16.37 2.88 67.50
N PRO P 157 16.47 2.71 66.18
CA PRO P 157 16.56 3.87 65.28
C PRO P 157 15.20 4.47 64.96
N LEU P 158 15.14 5.79 64.86
CA LEU P 158 13.92 6.51 64.49
C LEU P 158 14.18 7.50 63.36
N PRO P 159 14.02 7.08 62.10
CA PRO P 159 14.31 7.96 60.97
C PRO P 159 13.13 8.88 60.66
N ASP P 160 13.43 10.03 60.09
CA ASP P 160 12.40 11.05 59.85
C ASP P 160 11.73 10.83 58.49
N VAL P 161 11.02 9.70 58.39
CA VAL P 161 10.19 9.45 57.22
C VAL P 161 9.14 10.55 57.08
N ARG P 162 8.97 11.05 55.86
CA ARG P 162 8.13 12.20 55.56
C ARG P 162 7.98 12.28 54.05
N ASN P 163 7.03 13.12 53.61
CA ASN P 163 6.80 13.37 52.19
C ASN P 163 6.96 14.84 51.83
N ASN P 164 7.56 15.63 52.72
CA ASN P 164 7.88 17.02 52.45
C ASN P 164 9.34 17.26 52.80
N PHE P 165 9.81 18.47 52.47
CA PHE P 165 11.22 18.78 52.64
C PHE P 165 11.60 18.84 54.11
N TYR P 166 10.73 19.38 54.95
CA TYR P 166 11.01 19.51 56.37
C TYR P 166 9.73 19.86 57.10
N HIS P 167 9.83 19.88 58.43
CA HIS P 167 8.70 20.10 59.31
C HIS P 167 8.82 21.47 59.96
N TYR P 168 7.67 22.11 60.20
CA TYR P 168 7.65 23.35 60.95
C TYR P 168 7.37 23.09 62.42
N ASN P 169 8.04 23.85 63.29
CA ASN P 169 7.81 23.71 64.72
C ASN P 169 6.39 24.11 65.10
N GLN P 170 5.85 25.13 64.45
CA GLN P 170 4.57 25.70 64.81
C GLN P 170 3.39 24.94 64.21
N SER P 171 3.64 23.89 63.42
CA SER P 171 2.58 23.11 62.82
C SER P 171 2.57 21.70 63.40
N ASN P 172 1.38 21.11 63.45
CA ASN P 172 1.20 19.75 63.96
C ASN P 172 1.17 18.73 62.82
N ASP P 173 1.95 18.97 61.78
CA ASP P 173 2.22 17.99 60.74
C ASP P 173 2.66 16.68 61.40
N PRO P 174 2.14 15.53 60.96
CA PRO P 174 2.48 14.27 61.62
C PRO P 174 3.83 13.71 61.17
N THR P 175 4.47 13.03 62.11
CA THR P 175 5.77 12.39 61.93
C THR P 175 5.66 10.94 62.38
N ILE P 176 6.74 10.17 62.16
CA ILE P 176 6.75 8.81 62.70
C ILE P 176 6.53 8.86 64.20
N LYS P 177 5.81 7.87 64.69
CA LYS P 177 5.47 7.71 66.10
C LYS P 177 6.17 6.46 66.60
N LEU P 178 6.76 6.53 67.79
CA LEU P 178 7.27 5.35 68.47
C LEU P 178 6.26 4.92 69.52
N ILE P 179 5.94 3.63 69.53
CA ILE P 179 4.89 3.06 70.37
C ILE P 179 5.47 1.92 71.19
N ALA P 180 5.08 1.85 72.46
CA ALA P 180 5.46 0.76 73.34
C ALA P 180 4.21 0.12 73.95
N MET P 181 4.10 -1.21 73.84
CA MET P 181 3.00 -1.93 74.45
C MET P 181 3.46 -3.32 74.87
N LEU P 182 2.71 -3.90 75.81
CA LEU P 182 2.94 -5.27 76.26
C LEU P 182 2.68 -6.26 75.14
N TYR P 183 3.69 -7.07 74.82
CA TYR P 183 3.60 -8.06 73.75
C TYR P 183 3.07 -9.39 74.25
N THR P 184 3.45 -9.77 75.47
CA THR P 184 2.93 -10.90 76.23
C THR P 184 2.57 -10.39 77.62
N PRO P 185 1.59 -10.99 78.28
CA PRO P 185 1.17 -10.46 79.58
C PRO P 185 2.30 -10.46 80.59
N LEU P 186 2.29 -9.44 81.44
CA LEU P 186 3.28 -9.28 82.49
C LEU P 186 2.88 -10.08 83.73
N ARG P 187 3.82 -10.89 84.22
CA ARG P 187 3.62 -11.66 85.44
C ARG P 187 4.60 -11.18 86.50
N ALA P 188 4.09 -10.92 87.70
CA ALA P 188 4.91 -10.37 88.78
C ALA P 188 4.35 -10.75 90.15
N VAL P 195 1.43 -5.77 92.74
CA VAL P 195 1.81 -4.46 93.26
C VAL P 195 3.13 -4.01 92.63
N PHE P 196 3.98 -4.99 92.28
CA PHE P 196 5.30 -4.71 91.73
C PHE P 196 5.21 -3.99 90.39
N THR P 197 5.54 -2.71 90.37
CA THR P 197 5.52 -1.93 89.15
C THR P 197 6.92 -1.82 88.56
N VAL P 198 7.01 -1.92 87.23
CA VAL P 198 8.26 -1.82 86.47
C VAL P 198 8.42 -0.40 85.97
N SER P 199 9.41 0.32 86.48
CA SER P 199 9.70 1.66 85.98
C SER P 199 10.50 1.57 84.68
N CYS P 200 10.09 2.35 83.68
CA CYS P 200 10.74 2.34 82.38
C CYS P 200 11.15 3.76 82.00
N ARG P 201 12.27 3.86 81.29
CA ARG P 201 12.79 5.15 80.86
C ARG P 201 13.15 5.10 79.38
N VAL P 202 12.84 6.18 78.68
CA VAL P 202 13.15 6.35 77.26
C VAL P 202 14.12 7.50 77.11
N LEU P 203 15.28 7.24 76.53
CA LEU P 203 16.29 8.25 76.25
C LEU P 203 16.53 8.34 74.74
N THR P 204 16.96 9.51 74.29
CA THR P 204 17.09 9.80 72.87
C THR P 204 18.33 10.64 72.62
N ARG P 205 18.74 10.67 71.35
CA ARG P 205 19.80 11.55 70.88
C ARG P 205 19.65 11.70 69.38
N PRO P 206 19.96 12.87 68.82
CA PRO P 206 19.70 13.10 67.40
C PRO P 206 20.64 12.30 66.50
N SER P 207 20.09 11.78 65.41
CA SER P 207 20.90 11.18 64.37
C SER P 207 21.84 12.24 63.78
N PRO P 208 22.89 11.82 63.06
CA PRO P 208 23.77 12.80 62.42
C PRO P 208 23.08 13.67 61.38
N ASP P 209 22.02 13.18 60.74
CA ASP P 209 21.32 13.96 59.72
C ASP P 209 20.24 14.89 60.28
N PHE P 210 20.04 14.91 61.60
CA PHE P 210 19.10 15.87 62.16
C PHE P 210 19.70 17.27 62.15
N ASP P 211 18.86 18.27 61.88
CA ASP P 211 19.28 19.66 61.92
C ASP P 211 18.05 20.55 62.01
N PHE P 212 18.25 21.72 62.62
CA PHE P 212 17.24 22.76 62.66
C PHE P 212 17.37 23.60 61.39
N ILE P 213 16.35 24.42 61.12
CA ILE P 213 16.39 25.11 59.83
C ILE P 213 16.46 26.63 59.87
N PHE P 214 15.51 27.33 60.48
CA PHE P 214 15.51 28.79 60.36
C PHE P 214 15.69 29.43 61.72
N LEU P 215 16.77 30.21 61.87
CA LEU P 215 17.04 30.92 63.11
C LEU P 215 16.00 31.99 63.34
N VAL P 216 15.39 32.00 64.53
CA VAL P 216 14.26 32.88 64.74
C VAL P 216 14.29 33.31 66.21
N PRO P 217 13.72 34.47 66.57
CA PRO P 217 13.75 34.91 67.97
C PRO P 217 12.83 34.11 68.86
N PRO P 218 13.29 33.71 70.04
CA PRO P 218 12.38 33.11 71.03
C PRO P 218 11.40 34.14 71.58
N THR P 219 10.23 34.26 70.98
CA THR P 219 9.19 35.16 71.43
C THR P 219 8.16 34.42 72.27
N VAL P 220 7.31 35.18 72.96
CA VAL P 220 6.29 34.60 73.83
C VAL P 220 5.16 34.00 73.02
N GLU P 221 4.71 34.67 71.96
CA GLU P 221 3.67 34.11 71.11
C GLU P 221 4.09 32.81 70.41
N SER P 222 5.37 32.45 70.44
CA SER P 222 5.80 31.23 69.75
C SER P 222 5.11 30.01 70.35
N ARG P 223 4.89 30.03 71.66
CA ARG P 223 4.37 28.89 72.41
C ARG P 223 5.31 27.69 72.27
N THR P 224 6.61 27.98 72.33
CA THR P 224 7.65 26.96 72.37
C THR P 224 8.29 26.85 73.74
N LYS P 225 7.88 27.68 74.70
CA LYS P 225 8.41 27.60 76.04
C LYS P 225 8.01 26.26 76.65
N PRO P 226 8.93 25.54 77.31
CA PRO P 226 8.57 24.25 77.88
C PRO P 226 7.67 24.43 79.10
N PHE P 227 6.87 23.40 79.37
CA PHE P 227 5.88 23.47 80.43
C PHE P 227 6.55 23.31 81.79
N THR P 228 6.13 24.13 82.74
CA THR P 228 6.69 24.14 84.08
C THR P 228 5.56 24.36 85.10
N VAL P 229 5.93 24.16 86.37
CA VAL P 229 5.03 24.29 87.50
C VAL P 229 5.70 25.21 88.50
N PRO P 230 4.99 26.18 89.08
CA PRO P 230 5.65 27.20 89.90
C PRO P 230 6.47 26.62 91.05
N ILE P 231 7.56 27.31 91.36
CA ILE P 231 8.45 26.91 92.45
C ILE P 231 7.87 27.22 93.82
N LEU P 232 6.73 27.91 93.86
CA LEU P 232 6.17 28.34 95.13
C LEU P 232 5.79 27.17 96.02
N THR P 233 5.86 27.40 97.32
CA THR P 233 5.48 26.44 98.33
C THR P 233 3.97 26.47 98.57
N VAL P 234 3.43 25.34 99.04
CA VAL P 234 2.01 25.27 99.38
C VAL P 234 1.64 26.38 100.36
N GLU P 235 2.47 26.55 101.39
CA GLU P 235 2.19 27.55 102.42
C GLU P 235 2.12 28.97 101.85
N GLU P 236 2.98 29.28 100.88
CA GLU P 236 3.04 30.62 100.32
C GLU P 236 2.07 30.86 99.17
N MET P 237 1.23 29.91 98.82
CA MET P 237 0.29 30.09 97.73
C MET P 237 -1.11 30.39 98.28
N THR P 238 -2.06 30.60 97.37
CA THR P 238 -3.37 31.15 97.69
C THR P 238 -4.44 30.29 97.07
N ASN P 239 -5.56 30.14 97.78
CA ASN P 239 -6.68 29.37 97.26
C ASN P 239 -7.35 30.11 96.11
N SER P 240 -7.85 29.34 95.14
CA SER P 240 -8.40 29.88 93.92
C SER P 240 -9.92 30.00 93.96
N ARG P 241 -10.55 29.62 95.08
CA ARG P 241 -12.01 29.66 95.21
C ARG P 241 -12.49 30.65 96.26
N PHE P 242 -11.59 31.24 97.05
CA PHE P 242 -11.92 32.22 98.08
C PHE P 242 -10.63 32.91 98.50
N PRO P 243 -10.66 34.22 98.75
CA PRO P 243 -9.41 34.94 99.03
C PRO P 243 -8.75 34.57 100.35
N ILE P 244 -8.22 33.35 100.42
CA ILE P 244 -7.59 32.80 101.62
C ILE P 244 -6.27 32.16 101.21
N PRO P 245 -5.24 32.14 102.05
CA PRO P 245 -4.03 31.40 101.71
C PRO P 245 -4.29 29.90 101.73
N LEU P 246 -3.41 29.16 101.07
CA LEU P 246 -3.44 27.72 101.14
C LEU P 246 -2.85 27.24 102.46
N GLU P 247 -3.21 26.02 102.85
CA GLU P 247 -2.87 25.55 104.19
C GLU P 247 -2.30 24.14 104.19
N LYS P 248 -2.96 23.20 103.50
CA LYS P 248 -2.48 21.84 103.45
C LYS P 248 -2.91 21.19 102.13
N LEU P 249 -2.33 20.03 101.85
CA LEU P 249 -2.76 19.18 100.75
C LEU P 249 -3.59 18.02 101.29
N PHE P 250 -4.68 17.71 100.61
CA PHE P 250 -5.63 16.71 101.08
C PHE P 250 -6.00 15.75 99.97
N THR P 251 -6.04 14.46 100.30
CA THR P 251 -6.58 13.44 99.43
C THR P 251 -7.80 12.82 100.11
N GLY P 252 -8.83 12.53 99.34
CA GLY P 252 -9.99 11.86 99.85
C GLY P 252 -10.84 11.22 98.77
N PRO P 253 -11.71 10.29 99.17
CA PRO P 253 -12.68 9.74 98.22
C PRO P 253 -13.76 10.75 97.88
N SER P 254 -14.21 10.71 96.64
CA SER P 254 -15.16 11.70 96.14
C SER P 254 -16.41 11.06 95.55
N GLY P 255 -16.73 9.82 95.94
CA GLY P 255 -17.91 9.17 95.42
C GLY P 255 -19.19 9.83 95.88
N ALA P 256 -19.20 10.35 97.10
CA ALA P 256 -20.39 10.98 97.66
C ALA P 256 -20.76 12.22 96.86
N PHE P 257 -19.78 13.08 96.60
CA PHE P 257 -20.03 14.40 96.04
C PHE P 257 -19.85 14.36 94.52
N VAL P 258 -20.15 15.50 93.89
CA VAL P 258 -19.82 15.74 92.49
C VAL P 258 -18.87 16.92 92.48
N VAL P 259 -17.60 16.66 92.12
CA VAL P 259 -16.55 17.67 92.19
C VAL P 259 -16.61 18.49 90.90
N GLN P 260 -17.21 19.67 90.97
CA GLN P 260 -17.38 20.49 89.78
C GLN P 260 -17.24 21.98 90.10
N PRO P 261 -16.16 22.40 90.77
CA PRO P 261 -16.01 23.84 91.06
C PRO P 261 -15.86 24.63 89.76
N GLN P 262 -16.21 25.90 89.83
CA GLN P 262 -16.10 26.78 88.67
C GLN P 262 -15.05 27.87 88.83
N ASN P 263 -14.45 28.01 90.00
CA ASN P 263 -13.32 28.90 90.20
C ASN P 263 -12.03 28.09 90.34
N GLY P 264 -10.93 28.69 89.92
CA GLY P 264 -9.67 27.96 89.87
C GLY P 264 -9.69 26.77 88.94
N ARG P 265 -10.26 26.94 87.75
CA ARG P 265 -10.29 25.89 86.73
C ARG P 265 -9.59 26.42 85.48
N CYS P 266 -8.46 25.80 85.13
CA CYS P 266 -7.63 26.27 84.04
C CYS P 266 -6.91 25.08 83.42
N THR P 267 -6.69 25.16 82.11
CA THR P 267 -5.99 24.10 81.37
C THR P 267 -4.49 24.36 81.43
N THR P 268 -3.71 23.27 81.38
CA THR P 268 -2.26 23.38 81.41
C THR P 268 -1.69 24.33 80.36
N ASP P 269 -2.30 24.42 79.18
CA ASP P 269 -1.85 25.38 78.19
C ASP P 269 -2.56 26.73 78.32
N GLY P 270 -3.21 26.98 79.46
CA GLY P 270 -3.61 28.31 79.83
C GLY P 270 -4.98 28.76 79.40
N VAL P 271 -5.90 27.83 79.14
CA VAL P 271 -7.28 28.18 78.83
C VAL P 271 -8.08 28.20 80.11
N LEU P 272 -8.65 29.37 80.44
CA LEU P 272 -9.50 29.50 81.61
C LEU P 272 -10.87 28.87 81.37
N LEU P 273 -11.45 28.33 82.43
CA LEU P 273 -12.71 27.60 82.34
C LEU P 273 -13.68 28.09 83.42
N GLY P 274 -14.96 27.83 83.19
CA GLY P 274 -15.96 28.15 84.20
C GLY P 274 -16.02 29.64 84.47
N THR P 275 -16.07 30.00 85.76
CA THR P 275 -16.13 31.39 86.19
C THR P 275 -14.76 31.93 86.60
N THR P 276 -13.68 31.30 86.14
CA THR P 276 -12.36 31.58 86.65
C THR P 276 -11.79 32.85 86.04
N GLN P 277 -11.17 33.67 86.87
CA GLN P 277 -10.47 34.88 86.45
C GLN P 277 -9.12 34.92 87.18
N LEU P 278 -8.33 35.95 86.90
CA LEU P 278 -6.92 35.95 87.28
C LEU P 278 -6.65 36.65 88.60
N SER P 279 -7.49 37.60 89.01
CA SER P 279 -7.20 38.38 90.21
C SER P 279 -7.55 37.56 91.45
N PRO P 280 -6.60 37.35 92.38
CA PRO P 280 -6.90 36.53 93.56
C PRO P 280 -7.74 37.24 94.61
N VAL P 281 -8.01 38.54 94.46
CA VAL P 281 -8.77 39.30 95.45
C VAL P 281 -10.24 39.36 95.05
N ASN P 282 -10.51 39.24 93.76
CA ASN P 282 -11.86 39.32 93.23
C ASN P 282 -12.57 37.96 93.18
N ILE P 283 -12.18 36.99 94.02
CA ILE P 283 -12.66 35.62 93.82
C ILE P 283 -14.01 35.36 94.49
N CYS P 284 -14.54 36.32 95.26
CA CYS P 284 -15.91 36.21 95.77
C CYS P 284 -16.47 37.59 96.10
N THR P 285 -16.24 38.54 95.21
CA THR P 285 -16.67 39.91 95.38
C THR P 285 -17.84 40.19 94.45
N PHE P 286 -18.59 41.25 94.79
CA PHE P 286 -19.64 41.75 93.91
C PHE P 286 -19.53 43.26 93.87
N ARG P 287 -19.76 43.83 92.69
CA ARG P 287 -19.72 45.27 92.48
C ARG P 287 -20.92 45.69 91.66
N GLY P 288 -21.57 46.77 92.07
CA GLY P 288 -22.70 47.28 91.31
C GLY P 288 -23.49 48.29 92.11
N ASP P 289 -24.68 48.57 91.61
CA ASP P 289 -25.61 49.51 92.21
C ASP P 289 -26.60 48.76 93.09
N VAL P 290 -27.00 49.40 94.19
CA VAL P 290 -27.76 48.72 95.23
C VAL P 290 -29.10 49.40 95.42
N THR P 291 -30.11 48.60 95.77
CA THR P 291 -31.50 49.02 95.84
C THR P 291 -32.10 48.45 97.12
N HIS P 292 -32.82 49.29 97.87
CA HIS P 292 -33.48 48.80 99.07
C HIS P 292 -34.76 48.05 98.71
N ILE P 293 -35.03 46.99 99.46
CA ILE P 293 -36.29 46.27 99.38
C ILE P 293 -37.15 46.72 100.56
N ALA P 294 -38.30 47.33 100.24
CA ALA P 294 -39.02 48.15 101.21
C ALA P 294 -39.46 47.33 102.42
N GLY P 295 -39.18 47.86 103.61
CA GLY P 295 -39.63 47.28 104.85
C GLY P 295 -38.72 46.24 105.46
N THR P 296 -37.61 45.91 104.79
CA THR P 296 -36.69 44.86 105.25
C THR P 296 -35.29 45.44 105.38
N HIS P 297 -34.37 44.60 105.87
CA HIS P 297 -32.95 44.94 105.90
C HIS P 297 -32.20 44.33 104.71
N ASP P 298 -32.92 43.92 103.67
CA ASP P 298 -32.32 43.31 102.50
C ASP P 298 -32.15 44.33 101.39
N TYR P 299 -31.10 44.14 100.60
CA TYR P 299 -30.86 44.98 99.44
C TYR P 299 -30.64 44.13 98.20
N THR P 300 -31.01 44.68 97.04
CA THR P 300 -30.79 44.05 95.75
C THR P 300 -29.68 44.79 95.02
N MET P 301 -28.66 44.05 94.58
CA MET P 301 -27.51 44.62 93.88
C MET P 301 -27.60 44.27 92.41
N ASN P 302 -27.66 45.28 91.56
CA ASN P 302 -27.60 45.09 90.12
C ASN P 302 -26.13 45.08 89.70
N LEU P 303 -25.68 43.95 89.17
CA LEU P 303 -24.26 43.67 89.06
C LEU P 303 -23.66 44.29 87.82
N ALA P 304 -22.46 44.85 87.97
CA ALA P 304 -21.66 45.30 86.84
C ALA P 304 -20.79 44.14 86.38
N SER P 305 -19.73 44.43 85.63
CA SER P 305 -18.70 43.44 85.31
C SER P 305 -17.68 43.38 86.46
N GLN P 306 -16.73 42.44 86.33
CA GLN P 306 -15.62 42.36 87.29
C GLN P 306 -14.96 43.72 87.47
N ASN P 307 -14.56 44.35 86.37
CA ASN P 307 -14.33 45.79 86.33
C ASN P 307 -15.66 46.52 86.16
N TRP P 308 -15.68 47.80 86.54
CA TRP P 308 -16.96 48.50 86.60
C TRP P 308 -17.43 48.80 85.17
N ASN P 309 -17.93 47.76 84.51
CA ASN P 309 -18.45 47.81 83.15
C ASN P 309 -19.86 47.24 83.15
N ASN P 310 -20.53 47.29 82.00
CA ASN P 310 -21.80 46.61 81.85
C ASN P 310 -21.59 45.10 81.83
N TYR P 311 -22.56 44.38 82.41
CA TYR P 311 -22.53 42.92 82.43
C TYR P 311 -23.32 42.38 81.26
N ASP P 312 -22.75 41.39 80.56
CA ASP P 312 -23.39 40.82 79.38
C ASP P 312 -23.96 39.46 79.71
N PRO P 313 -25.28 39.29 79.72
CA PRO P 313 -25.86 37.97 79.99
C PRO P 313 -25.68 36.96 78.87
N THR P 314 -25.23 37.40 77.69
CA THR P 314 -25.04 36.50 76.55
C THR P 314 -23.64 35.91 76.48
N GLU P 315 -22.74 36.30 77.39
CA GLU P 315 -21.39 35.76 77.40
C GLU P 315 -21.42 34.26 77.62
N GLU P 316 -20.54 33.55 76.92
CA GLU P 316 -20.51 32.10 77.03
C GLU P 316 -19.84 31.69 78.34
N ILE P 317 -20.36 32.19 79.46
CA ILE P 317 -19.83 31.93 80.79
C ILE P 317 -21.01 31.47 81.64
N PRO P 318 -20.83 30.61 82.66
CA PRO P 318 -21.95 30.29 83.54
C PRO P 318 -22.43 31.46 84.40
N ALA P 319 -21.53 32.37 84.77
CA ALA P 319 -21.88 33.48 85.65
C ALA P 319 -20.76 34.51 85.56
N PRO P 320 -20.92 35.68 86.16
CA PRO P 320 -19.82 36.65 86.17
C PRO P 320 -18.58 36.04 86.80
N LEU P 321 -17.42 36.40 86.26
CA LEU P 321 -16.17 35.78 86.69
C LEU P 321 -15.89 36.13 88.14
N GLY P 322 -15.57 35.11 88.94
CA GLY P 322 -15.38 35.27 90.36
C GLY P 322 -16.62 35.05 91.19
N THR P 323 -17.72 34.66 90.57
CA THR P 323 -18.94 34.35 91.31
C THR P 323 -18.70 33.10 92.16
N PRO P 324 -19.14 33.10 93.41
CA PRO P 324 -18.95 31.91 94.26
C PRO P 324 -19.48 30.65 93.59
N ASP P 325 -18.77 29.55 93.81
CA ASP P 325 -19.08 28.27 93.16
C ASP P 325 -19.46 27.22 94.19
N PHE P 326 -20.06 27.64 95.29
CA PHE P 326 -20.58 26.74 96.30
C PHE P 326 -21.85 27.35 96.90
N VAL P 327 -22.65 26.50 97.53
CA VAL P 327 -23.89 26.93 98.17
C VAL P 327 -23.62 27.16 99.65
N GLY P 328 -23.97 28.35 100.12
CA GLY P 328 -23.73 28.71 101.50
C GLY P 328 -24.03 30.17 101.71
N LYS P 329 -23.87 30.59 102.97
CA LYS P 329 -24.05 31.99 103.35
C LYS P 329 -22.68 32.61 103.59
N ILE P 330 -22.30 33.55 102.73
CA ILE P 330 -21.02 34.23 102.79
C ILE P 330 -21.23 35.59 103.44
N GLN P 331 -20.55 35.82 104.57
CA GLN P 331 -20.62 37.11 105.24
C GLN P 331 -19.43 37.97 104.85
N GLY P 332 -19.68 39.27 104.69
CA GLY P 332 -18.62 40.22 104.42
C GLY P 332 -18.99 41.62 104.83
N VAL P 333 -18.65 42.60 104.00
CA VAL P 333 -18.91 44.01 104.27
C VAL P 333 -19.27 44.69 102.95
N LEU P 334 -20.38 45.43 102.95
CA LEU P 334 -20.74 46.29 101.83
C LEU P 334 -20.09 47.66 102.00
N THR P 335 -19.51 48.17 100.91
CA THR P 335 -18.79 49.43 100.90
C THR P 335 -19.36 50.32 99.82
N GLN P 336 -19.44 51.64 100.11
CA GLN P 336 -20.08 52.57 99.20
C GLN P 336 -19.36 53.91 99.26
N THR P 337 -19.33 54.60 98.12
CA THR P 337 -18.73 55.93 98.02
C THR P 337 -19.62 56.80 97.15
N THR P 338 -19.91 58.01 97.63
CA THR P 338 -20.79 58.94 96.94
C THR P 338 -20.00 59.89 96.03
N ARG P 339 -20.37 59.91 94.75
CA ARG P 339 -19.77 60.88 93.83
C ARG P 339 -20.19 62.28 94.23
N GLY P 340 -19.24 63.20 94.26
CA GLY P 340 -19.50 64.57 94.65
C GLY P 340 -18.85 64.99 95.95
N ASP P 341 -18.38 64.03 96.73
CA ASP P 341 -17.65 64.28 97.98
C ASP P 341 -17.08 62.94 98.44
N GLY P 342 -16.64 62.88 99.69
CA GLY P 342 -16.00 61.69 100.19
C GLY P 342 -16.86 60.81 101.07
N SER P 343 -18.19 60.91 100.93
CA SER P 343 -19.06 60.12 101.78
C SER P 343 -18.79 58.63 101.60
N THR P 344 -18.65 57.92 102.72
CA THR P 344 -18.35 56.49 102.73
C THR P 344 -19.21 55.78 103.75
N ARG P 345 -19.67 54.58 103.39
CA ARG P 345 -20.52 53.78 104.26
C ARG P 345 -20.02 52.34 104.24
N GLY P 346 -20.07 51.70 105.40
CA GLY P 346 -19.66 50.32 105.53
C GLY P 346 -20.54 49.53 106.49
N HIS P 347 -21.12 48.45 106.00
CA HIS P 347 -22.12 47.71 106.77
C HIS P 347 -21.90 46.22 106.62
N LYS P 348 -21.89 45.52 107.77
CA LYS P 348 -21.91 44.07 107.79
C LYS P 348 -23.00 43.53 106.88
N ALA P 349 -22.64 42.55 106.04
CA ALA P 349 -23.60 42.04 105.06
C ALA P 349 -23.32 40.56 104.82
N THR P 350 -24.32 39.89 104.25
CA THR P 350 -24.29 38.44 104.08
C THR P 350 -25.00 38.09 102.77
N VAL P 351 -24.39 37.18 102.01
CA VAL P 351 -24.98 36.67 100.78
C VAL P 351 -25.38 35.23 101.05
N SER P 352 -26.61 34.89 100.70
CA SER P 352 -27.06 33.50 100.74
C SER P 352 -27.05 32.95 99.32
N THR P 353 -26.17 31.98 99.08
CA THR P 353 -26.19 31.27 97.82
C THR P 353 -27.33 30.26 97.86
N GLY P 354 -27.72 29.74 96.70
CA GLY P 354 -28.80 28.79 96.64
C GLY P 354 -30.16 29.37 96.97
N SER P 355 -30.22 30.60 97.48
CA SER P 355 -31.46 31.34 97.61
C SER P 355 -32.07 31.64 96.24
N VAL P 356 -33.39 31.72 96.22
CA VAL P 356 -34.10 31.96 94.96
C VAL P 356 -33.79 33.33 94.37
N HIS P 357 -33.31 34.27 95.18
CA HIS P 357 -32.97 35.61 94.70
C HIS P 357 -31.50 35.75 94.34
N PHE P 358 -30.74 34.66 94.39
CA PHE P 358 -29.34 34.63 93.94
C PHE P 358 -29.32 34.30 92.45
N THR P 359 -29.33 35.35 91.62
CA THR P 359 -29.34 35.20 90.17
C THR P 359 -28.24 36.05 89.55
N PRO P 360 -26.97 35.69 89.77
CA PRO P 360 -25.89 36.53 89.25
C PRO P 360 -25.73 36.45 87.74
N LYS P 361 -26.15 35.34 87.13
CA LYS P 361 -26.16 35.26 85.67
C LYS P 361 -27.13 36.29 85.09
N LEU P 362 -28.22 36.57 85.79
CA LEU P 362 -29.20 37.54 85.33
C LEU P 362 -28.86 38.97 85.74
N GLY P 363 -27.99 39.14 86.73
CA GLY P 363 -27.48 40.46 87.04
C GLY P 363 -27.82 40.96 88.43
N SER P 364 -28.44 40.12 89.26
CA SER P 364 -28.91 40.57 90.57
C SER P 364 -28.58 39.53 91.64
N VAL P 365 -28.20 40.03 92.81
CA VAL P 365 -28.01 39.21 94.01
C VAL P 365 -28.58 39.99 95.19
N GLN P 366 -28.96 39.26 96.24
CA GLN P 366 -29.61 39.84 97.40
C GLN P 366 -28.73 39.69 98.63
N PHE P 367 -28.55 40.79 99.36
CA PHE P 367 -27.79 40.83 100.60
C PHE P 367 -28.74 41.06 101.76
N THR P 368 -28.36 40.56 102.94
CA THR P 368 -29.04 40.90 104.18
C THR P 368 -28.06 41.68 105.05
N THR P 369 -28.43 42.92 105.38
CA THR P 369 -27.52 43.88 105.99
C THR P 369 -27.96 44.18 107.42
N ASP P 370 -27.24 45.08 108.07
CA ASP P 370 -27.61 45.58 109.38
C ASP P 370 -28.20 46.98 109.35
N THR P 371 -28.67 47.43 108.18
CA THR P 371 -29.31 48.72 108.07
C THR P 371 -30.33 48.67 106.94
N ASN P 372 -31.42 49.45 107.07
CA ASN P 372 -32.39 49.63 106.00
C ASN P 372 -32.44 51.04 105.43
N ASN P 373 -31.57 51.96 105.86
CA ASN P 373 -31.64 53.35 105.42
C ASN P 373 -30.33 53.95 104.92
N ASP P 374 -29.18 53.37 105.25
CA ASP P 374 -27.87 53.99 105.03
C ASP P 374 -27.14 53.46 103.80
N LEU P 375 -27.86 53.11 102.73
CA LEU P 375 -27.23 52.73 101.46
C LEU P 375 -27.90 53.42 100.29
N GLU P 376 -27.21 54.39 99.70
CA GLU P 376 -27.78 55.21 98.63
C GLU P 376 -27.95 54.37 97.36
N THR P 377 -28.83 54.81 96.48
CA THR P 377 -29.22 54.00 95.33
C THR P 377 -28.31 54.17 94.13
N GLY P 378 -27.83 55.38 93.86
CA GLY P 378 -27.03 55.60 92.67
C GLY P 378 -25.54 55.39 92.79
N GLN P 379 -25.03 55.05 93.96
CA GLN P 379 -23.60 54.97 94.18
C GLN P 379 -23.07 53.55 93.96
N ASN P 380 -21.81 53.46 93.56
CA ASN P 380 -21.16 52.17 93.35
C ASN P 380 -20.88 51.49 94.68
N THR P 381 -21.12 50.18 94.73
CA THR P 381 -21.06 49.42 95.96
C THR P 381 -20.26 48.14 95.75
N LYS P 382 -19.39 47.82 96.72
CA LYS P 382 -18.50 46.67 96.64
C LYS P 382 -18.72 45.78 97.86
N PHE P 383 -18.96 44.49 97.60
CA PHE P 383 -19.01 43.49 98.66
C PHE P 383 -17.66 42.80 98.82
N THR P 384 -17.03 42.99 99.98
CA THR P 384 -15.76 42.35 100.29
C THR P 384 -16.01 41.11 101.13
N PRO P 385 -15.73 39.90 100.62
CA PRO P 385 -16.03 38.70 101.41
C PRO P 385 -15.05 38.52 102.56
N VAL P 386 -15.50 37.81 103.59
CA VAL P 386 -14.68 37.57 104.77
C VAL P 386 -14.73 36.10 105.20
N GLY P 387 -15.92 35.53 105.24
CA GLY P 387 -16.05 34.18 105.76
C GLY P 387 -17.43 33.60 105.52
N VAL P 388 -17.65 32.43 106.12
CA VAL P 388 -18.92 31.72 106.02
C VAL P 388 -19.55 31.62 107.39
N VAL P 389 -20.88 31.46 107.40
CA VAL P 389 -21.69 31.43 108.61
C VAL P 389 -22.59 30.19 108.55
N GLN P 390 -23.13 29.83 109.72
CA GLN P 390 -23.93 28.61 109.84
C GLN P 390 -25.12 28.86 110.76
N ASP P 391 -26.26 28.30 110.38
CA ASP P 391 -27.46 28.36 111.19
C ASP P 391 -27.30 27.41 112.39
N GLY P 392 -27.21 27.98 113.60
CA GLY P 392 -26.78 27.21 114.75
C GLY P 392 -27.79 26.20 115.24
N ASN P 393 -29.06 26.35 114.88
CA ASN P 393 -30.10 25.42 115.30
C ASN P 393 -30.20 24.19 114.41
N SER P 394 -29.59 24.22 113.23
CA SER P 394 -29.61 23.10 112.31
C SER P 394 -28.43 22.17 112.60
N ALA P 395 -28.32 21.11 111.80
CA ALA P 395 -27.25 20.13 112.02
C ALA P 395 -25.89 20.80 111.87
N HIS P 396 -25.00 20.53 112.82
CA HIS P 396 -23.69 21.17 112.83
C HIS P 396 -22.85 20.71 111.64
N GLN P 397 -22.16 21.68 111.03
CA GLN P 397 -21.24 21.45 109.90
C GLN P 397 -22.01 21.05 108.63
N ASN P 398 -23.12 21.74 108.36
CA ASN P 398 -23.96 21.39 107.22
C ASN P 398 -24.23 22.54 106.26
N GLU P 399 -23.90 23.78 106.62
CA GLU P 399 -24.39 24.91 105.83
C GLU P 399 -23.53 25.16 104.59
N PRO P 400 -22.20 25.34 104.71
CA PRO P 400 -21.41 25.56 103.49
C PRO P 400 -21.03 24.26 102.80
N GLN P 401 -21.75 23.91 101.74
CA GLN P 401 -21.54 22.68 100.99
C GLN P 401 -20.69 23.00 99.76
N GLN P 402 -19.37 22.82 99.89
CA GLN P 402 -18.45 23.34 98.88
C GLN P 402 -18.61 22.65 97.53
N TRP P 403 -19.11 21.41 97.51
CA TRP P 403 -19.23 20.65 96.28
C TRP P 403 -20.63 20.70 95.69
N VAL P 404 -21.47 21.63 96.13
CA VAL P 404 -22.80 21.83 95.60
C VAL P 404 -22.82 23.16 94.85
N LEU P 405 -23.10 23.10 93.55
CA LEU P 405 -23.08 24.32 92.76
C LEU P 405 -24.37 25.11 92.96
N PRO P 406 -24.26 26.44 93.03
CA PRO P 406 -25.47 27.28 92.98
C PRO P 406 -26.21 27.17 91.65
N ASN P 407 -27.44 27.68 91.66
CA ASN P 407 -28.25 27.81 90.46
C ASN P 407 -28.02 29.24 89.97
N TYR P 408 -27.18 29.39 88.96
CA TYR P 408 -26.67 30.71 88.59
C TYR P 408 -27.75 31.63 88.04
N SER P 409 -28.83 31.07 87.49
CA SER P 409 -29.97 31.86 87.03
C SER P 409 -31.19 31.69 87.92
N GLY P 410 -30.99 31.31 89.18
CA GLY P 410 -32.11 31.04 90.08
C GLY P 410 -33.12 30.09 89.48
N ARG P 411 -34.40 30.35 89.77
CA ARG P 411 -35.47 29.48 89.29
C ARG P 411 -35.59 29.49 87.76
N THR P 412 -35.15 30.58 87.12
CA THR P 412 -35.43 30.79 85.70
C THR P 412 -34.49 30.05 84.75
N GLY P 413 -34.35 28.74 84.92
CA GLY P 413 -33.51 27.94 84.05
C GLY P 413 -32.42 27.22 84.82
N HIS P 414 -31.54 26.58 84.05
CA HIS P 414 -30.41 25.84 84.59
C HIS P 414 -29.10 26.46 84.15
N ASN P 415 -28.02 26.09 84.84
CA ASN P 415 -26.70 26.59 84.52
C ASN P 415 -26.24 26.12 83.16
N VAL P 416 -25.49 26.97 82.47
CA VAL P 416 -24.97 26.65 81.14
C VAL P 416 -23.47 26.90 81.13
N HIS P 417 -22.83 26.46 80.04
CA HIS P 417 -21.40 26.61 79.80
C HIS P 417 -20.58 26.34 81.06
N LEU P 418 -20.89 25.22 81.72
CA LEU P 418 -20.19 24.85 82.94
C LEU P 418 -18.85 24.20 82.61
N ALA P 419 -17.89 24.42 83.50
CA ALA P 419 -16.68 23.62 83.45
C ALA P 419 -17.01 22.18 83.84
N PRO P 420 -16.39 21.19 83.19
CA PRO P 420 -16.78 19.80 83.43
C PRO P 420 -16.48 19.37 84.85
N ALA P 421 -17.18 18.33 85.28
CA ALA P 421 -16.92 17.74 86.58
C ALA P 421 -15.66 16.88 86.53
N VAL P 422 -15.15 16.54 87.71
CA VAL P 422 -13.81 15.98 87.86
C VAL P 422 -13.91 14.77 88.79
N ALA P 423 -13.31 13.66 88.38
CA ALA P 423 -13.33 12.44 89.17
C ALA P 423 -12.10 11.62 88.82
N PRO P 424 -11.58 10.84 89.77
CA PRO P 424 -10.48 9.91 89.44
C PRO P 424 -10.92 8.84 88.47
N THR P 425 -10.04 8.50 87.54
CA THR P 425 -10.32 7.50 86.51
C THR P 425 -9.46 6.26 86.60
N PHE P 426 -8.34 6.30 87.33
CA PHE P 426 -7.40 5.19 87.42
C PHE P 426 -7.61 4.42 88.71
N PRO P 427 -7.67 3.09 88.67
CA PRO P 427 -7.88 2.32 89.90
C PRO P 427 -6.84 2.63 90.96
N GLY P 428 -7.33 2.91 92.17
CA GLY P 428 -6.49 3.20 93.31
C GLY P 428 -6.19 4.66 93.52
N GLU P 429 -6.65 5.53 92.64
CA GLU P 429 -6.27 6.94 92.62
C GLU P 429 -7.42 7.80 93.13
N GLN P 430 -7.06 8.87 93.84
CA GLN P 430 -8.03 9.86 94.30
C GLN P 430 -7.54 11.25 93.90
N LEU P 431 -8.49 12.18 93.86
CA LEU P 431 -8.13 13.58 93.66
C LEU P 431 -7.17 14.04 94.75
N LEU P 432 -6.32 14.99 94.41
CA LEU P 432 -5.50 15.72 95.36
C LEU P 432 -6.01 17.15 95.43
N PHE P 433 -6.39 17.58 96.64
CA PHE P 433 -7.02 18.88 96.84
C PHE P 433 -6.03 19.80 97.54
N PHE P 434 -6.10 21.08 97.18
CA PHE P 434 -5.39 22.13 97.89
C PHE P 434 -6.35 22.75 98.90
N ARG P 435 -6.09 22.51 100.18
CA ARG P 435 -7.03 22.80 101.26
C ARG P 435 -6.66 24.10 101.96
N SER P 436 -7.68 24.92 102.19
CA SER P 436 -7.59 26.04 103.11
C SER P 436 -8.83 26.05 103.98
N THR P 437 -8.73 26.71 105.13
CA THR P 437 -9.83 26.76 106.10
C THR P 437 -10.44 28.16 106.06
N MET P 438 -11.73 28.22 105.73
CA MET P 438 -12.42 29.50 105.66
C MET P 438 -12.65 30.04 107.06
N PRO P 439 -12.61 31.36 107.25
CA PRO P 439 -12.98 31.91 108.56
C PRO P 439 -14.48 31.78 108.80
N GLY P 440 -14.82 31.38 110.03
CA GLY P 440 -16.21 31.37 110.45
C GLY P 440 -16.59 32.69 111.09
N CYS P 441 -17.81 33.14 110.79
CA CYS P 441 -18.33 34.40 111.33
C CYS P 441 -19.46 34.22 112.32
N SER P 442 -20.14 33.08 112.31
CA SER P 442 -21.24 32.77 113.21
C SER P 442 -21.68 31.34 112.98
N GLY P 443 -22.06 30.66 114.06
CA GLY P 443 -22.56 29.30 113.96
C GLY P 443 -21.49 28.24 114.05
N TYR P 444 -21.73 27.09 113.43
CA TYR P 444 -20.78 25.98 113.40
C TYR P 444 -20.59 25.52 111.96
N PRO P 445 -19.89 26.31 111.14
CA PRO P 445 -19.84 26.03 109.70
C PRO P 445 -18.76 25.03 109.34
N ASN P 446 -18.95 24.40 108.17
CA ASN P 446 -17.98 23.49 107.59
C ASN P 446 -16.92 24.31 106.88
N MET P 447 -15.80 24.55 107.54
CA MET P 447 -14.83 25.54 107.09
C MET P 447 -13.87 25.00 106.04
N ASN P 448 -14.00 23.73 105.65
CA ASN P 448 -13.09 23.11 104.70
C ASN P 448 -13.35 23.62 103.28
N LEU P 449 -12.32 24.16 102.63
CA LEU P 449 -12.41 24.65 101.26
C LEU P 449 -11.30 24.03 100.41
N ASP P 450 -11.68 23.18 99.46
CA ASP P 450 -10.75 22.51 98.55
C ASP P 450 -10.86 23.08 97.14
N CYS P 451 -9.72 23.44 96.56
CA CYS P 451 -9.65 23.83 95.16
C CYS P 451 -8.77 22.85 94.39
N LEU P 452 -8.99 22.80 93.08
CA LEU P 452 -8.25 21.84 92.25
C LEU P 452 -6.87 22.35 91.88
N LEU P 453 -6.69 23.67 91.76
CA LEU P 453 -5.41 24.28 91.43
C LEU P 453 -5.24 25.52 92.28
N PRO P 454 -4.03 25.77 92.79
CA PRO P 454 -3.76 27.07 93.43
C PRO P 454 -4.00 28.20 92.45
N GLN P 455 -4.35 29.37 92.99
CA GLN P 455 -4.57 30.53 92.13
C GLN P 455 -3.29 30.90 91.41
N GLU P 456 -2.14 30.77 92.09
CA GLU P 456 -0.86 31.06 91.46
C GLU P 456 -0.57 30.12 90.29
N TRP P 457 -1.02 28.86 90.39
CA TRP P 457 -0.88 27.95 89.27
C TRP P 457 -1.75 28.39 88.09
N VAL P 458 -2.93 28.94 88.37
CA VAL P 458 -3.79 29.44 87.31
C VAL P 458 -3.09 30.57 86.56
N LEU P 459 -2.54 31.53 87.31
CA LEU P 459 -1.78 32.62 86.70
C LEU P 459 -0.63 32.09 85.86
N HIS P 460 0.13 31.14 86.41
CA HIS P 460 1.31 30.62 85.72
C HIS P 460 0.93 29.93 84.41
N PHE P 461 -0.06 29.04 84.47
CA PHE P 461 -0.48 28.33 83.27
C PHE P 461 -1.00 29.31 82.22
N TYR P 462 -1.73 30.34 82.66
CA TYR P 462 -2.31 31.29 81.73
C TYR P 462 -1.22 32.04 80.97
N GLN P 463 -0.21 32.53 81.71
CA GLN P 463 0.81 33.38 81.10
C GLN P 463 1.75 32.57 80.22
N GLU P 464 2.09 31.35 80.64
CA GLU P 464 3.09 30.58 79.90
C GLU P 464 2.48 29.85 78.72
N ALA P 465 1.20 29.54 78.80
CA ALA P 465 0.44 28.84 77.75
C ALA P 465 1.25 27.78 77.03
N ALA P 466 1.86 26.88 77.81
CA ALA P 466 2.69 25.84 77.21
C ALA P 466 1.80 24.76 76.61
N PRO P 467 1.94 24.45 75.32
CA PRO P 467 1.13 23.38 74.75
C PRO P 467 1.44 22.04 75.40
N ALA P 468 0.37 21.29 75.69
CA ALA P 468 0.51 19.98 76.34
C ALA P 468 0.92 18.93 75.33
N GLN P 469 2.03 18.24 75.62
CA GLN P 469 2.55 17.21 74.73
C GLN P 469 1.88 15.85 74.93
N SER P 470 1.10 15.70 76.01
CA SER P 470 0.28 14.52 76.22
C SER P 470 -0.82 14.90 77.20
N ASP P 471 -1.65 13.92 77.55
CA ASP P 471 -2.84 14.19 78.35
C ASP P 471 -2.58 14.26 79.85
N VAL P 472 -1.40 13.84 80.31
CA VAL P 472 -1.10 13.82 81.75
C VAL P 472 0.32 14.35 81.95
N ALA P 473 0.46 15.30 82.87
CA ALA P 473 1.77 15.80 83.28
C ALA P 473 2.13 15.21 84.63
N LEU P 474 3.20 14.43 84.68
CA LEU P 474 3.65 13.84 85.93
C LEU P 474 4.42 14.87 86.76
N LEU P 475 3.95 15.12 87.97
CA LEU P 475 4.66 16.00 88.91
C LEU P 475 5.21 15.17 90.07
N ARG P 476 6.37 15.58 90.58
CA ARG P 476 6.94 15.01 91.79
C ARG P 476 7.20 16.09 92.82
N PHE P 477 6.92 15.77 94.08
CA PHE P 477 7.07 16.68 95.21
C PHE P 477 8.43 16.44 95.85
N VAL P 478 9.23 17.49 95.97
CA VAL P 478 10.65 17.36 96.29
C VAL P 478 10.94 18.09 97.59
N ASN P 479 11.81 17.48 98.41
CA ASN P 479 12.37 18.13 99.59
C ASN P 479 13.63 18.88 99.15
N PRO P 480 13.65 20.20 99.17
CA PRO P 480 14.82 20.93 98.65
C PRO P 480 16.07 20.77 99.49
N ASP P 481 15.96 20.38 100.75
CA ASP P 481 17.15 20.19 101.56
C ASP P 481 18.01 19.04 101.02
N THR P 482 17.40 17.88 100.84
CA THR P 482 18.11 16.69 100.39
C THR P 482 17.97 16.42 98.89
N GLY P 483 17.01 17.06 98.22
CA GLY P 483 16.72 16.68 96.85
C GLY P 483 15.80 15.48 96.70
N ARG P 484 15.24 14.99 97.81
CA ARG P 484 14.54 13.71 97.81
C ARG P 484 13.12 13.85 97.27
N VAL P 485 12.71 12.86 96.49
CA VAL P 485 11.33 12.82 95.98
C VAL P 485 10.44 12.19 97.03
N LEU P 486 9.39 12.91 97.43
CA LEU P 486 8.51 12.47 98.50
C LEU P 486 7.29 11.72 97.99
N PHE P 487 6.65 12.23 96.94
CA PHE P 487 5.57 11.52 96.27
C PHE P 487 5.45 12.05 94.86
N GLU P 488 4.71 11.31 94.03
CA GLU P 488 4.37 11.74 92.68
C GLU P 488 2.86 11.79 92.51
N CYS P 489 2.42 12.66 91.60
CA CYS P 489 1.01 12.82 91.30
C CYS P 489 0.85 13.19 89.83
N LYS P 490 -0.38 13.08 89.34
CA LYS P 490 -0.69 13.34 87.94
C LYS P 490 -1.43 14.67 87.82
N LEU P 491 -0.85 15.60 87.09
CA LEU P 491 -1.51 16.87 86.76
C LEU P 491 -2.15 16.68 85.40
N HIS P 492 -3.48 16.58 85.38
CA HIS P 492 -4.17 16.29 84.14
C HIS P 492 -4.31 17.54 83.29
N LYS P 493 -4.30 17.34 81.97
CA LYS P 493 -4.37 18.44 81.02
C LYS P 493 -5.59 19.32 81.30
N SER P 494 -6.70 18.71 81.71
CA SER P 494 -7.92 19.44 82.08
C SER P 494 -7.75 20.32 83.31
N GLY P 495 -6.60 20.27 83.97
CA GLY P 495 -6.35 21.10 85.13
C GLY P 495 -6.88 20.60 86.46
N TYR P 496 -6.53 19.36 86.81
CA TYR P 496 -6.80 18.82 88.14
C TYR P 496 -5.75 17.77 88.45
N VAL P 497 -5.55 17.51 89.74
CA VAL P 497 -4.47 16.65 90.20
C VAL P 497 -5.06 15.41 90.85
N THR P 498 -4.38 14.27 90.65
CA THR P 498 -4.78 13.00 91.20
C THR P 498 -3.55 12.33 91.80
N VAL P 499 -3.75 11.52 92.84
CA VAL P 499 -2.65 10.85 93.52
C VAL P 499 -3.10 9.45 93.90
N ALA P 500 -2.14 8.58 94.20
CA ALA P 500 -2.40 7.17 94.48
C ALA P 500 -2.53 6.97 95.99
N HIS P 501 -3.77 6.90 96.46
CA HIS P 501 -4.10 6.75 97.87
C HIS P 501 -5.56 6.34 97.96
N THR P 502 -5.91 5.73 99.09
CA THR P 502 -7.30 5.38 99.37
C THR P 502 -7.66 5.83 100.78
N GLY P 503 -8.75 6.58 100.91
CA GLY P 503 -9.18 7.10 102.18
C GLY P 503 -8.80 8.56 102.35
N PRO P 504 -9.45 9.24 103.28
CA PRO P 504 -9.07 10.63 103.56
C PRO P 504 -7.74 10.70 104.28
N HIS P 505 -6.99 11.77 104.01
CA HIS P 505 -5.69 11.97 104.61
C HIS P 505 -5.19 13.40 104.37
N ASP P 506 -4.80 14.10 105.44
CA ASP P 506 -4.03 15.31 105.28
C ASP P 506 -2.56 14.94 105.10
N LEU P 507 -1.93 15.50 104.07
CA LEU P 507 -0.57 15.09 103.72
C LEU P 507 0.42 15.69 104.71
N VAL P 508 1.43 14.89 105.07
CA VAL P 508 2.47 15.29 106.00
C VAL P 508 3.65 15.79 105.16
N ILE P 509 3.81 17.10 105.12
CA ILE P 509 4.65 17.74 104.11
C ILE P 509 5.73 18.59 104.78
N PRO P 510 6.98 18.53 104.31
CA PRO P 510 7.98 19.51 104.73
C PRO P 510 7.55 20.92 104.33
N PRO P 511 7.70 21.89 105.22
CA PRO P 511 7.17 23.24 104.94
C PRO P 511 7.75 23.88 103.69
N ASN P 512 8.95 23.50 103.26
CA ASN P 512 9.60 24.11 102.11
C ASN P 512 9.55 23.26 100.84
N GLY P 513 8.77 22.18 100.84
CA GLY P 513 8.71 21.33 99.67
C GLY P 513 7.99 21.98 98.50
N TYR P 514 8.40 21.60 97.28
CA TYR P 514 7.91 22.22 96.06
C TYR P 514 7.52 21.15 95.04
N PHE P 515 6.70 21.56 94.07
CA PHE P 515 6.30 20.71 92.96
C PHE P 515 7.23 20.89 91.76
N ARG P 516 7.58 19.77 91.13
CA ARG P 516 8.48 19.74 89.98
C ARG P 516 7.86 18.91 88.87
N PHE P 517 7.81 19.46 87.66
CA PHE P 517 7.28 18.72 86.51
C PHE P 517 8.38 17.82 85.96
N ASP P 518 8.12 16.52 85.88
CA ASP P 518 9.17 15.57 85.55
C ASP P 518 9.01 14.89 84.19
N SER P 519 7.79 14.66 83.71
CA SER P 519 7.65 13.99 82.42
C SER P 519 6.20 14.05 81.96
N TRP P 520 6.02 14.10 80.65
CA TRP P 520 4.73 13.83 80.03
C TRP P 520 4.46 12.34 80.00
N VAL P 521 3.28 11.93 80.45
CA VAL P 521 2.88 10.53 80.52
C VAL P 521 1.45 10.42 80.00
N ASN P 522 0.97 9.19 79.84
CA ASN P 522 -0.39 8.93 79.39
C ASN P 522 -1.23 8.35 80.52
N GLN P 523 -2.48 8.00 80.17
CA GLN P 523 -3.47 7.57 81.15
C GLN P 523 -3.09 6.25 81.82
N PHE P 524 -2.16 5.49 81.25
CA PHE P 524 -1.79 4.18 81.76
C PHE P 524 -0.68 4.22 82.80
N TYR P 525 -0.13 5.40 83.09
CA TYR P 525 0.94 5.51 84.06
C TYR P 525 0.41 5.13 85.44
N THR P 526 1.14 4.27 86.14
CA THR P 526 0.77 3.77 87.45
C THR P 526 1.56 4.53 88.50
N LEU P 527 0.86 5.22 89.39
CA LEU P 527 1.53 6.10 90.33
C LEU P 527 2.07 5.30 91.51
N ALA P 528 3.15 5.79 92.08
CA ALA P 528 3.69 5.17 93.28
C ALA P 528 2.73 5.41 94.44
N PRO P 529 2.48 4.41 95.28
CA PRO P 529 1.59 4.61 96.42
C PRO P 529 2.18 5.58 97.42
N MET P 530 1.30 6.42 97.97
CA MET P 530 1.69 7.53 98.85
C MET P 530 0.94 7.41 100.16
N GLY P 531 1.64 7.64 101.27
CA GLY P 531 1.00 7.77 102.57
C GLY P 531 1.53 6.80 103.60
N PRO Q 10 -5.50 -7.39 4.69
CA PRO Q 10 -5.20 -7.29 6.12
C PRO Q 10 -6.44 -6.99 6.96
N SER Q 11 -7.29 -6.08 6.45
CA SER Q 11 -8.56 -5.77 7.07
C SER Q 11 -9.73 -6.17 6.18
N ASP Q 12 -9.50 -7.05 5.22
CA ASP Q 12 -10.55 -7.40 4.26
C ASP Q 12 -11.45 -8.45 4.91
N GLY Q 13 -12.71 -8.09 5.15
CA GLY Q 13 -13.63 -8.99 5.81
C GLY Q 13 -13.67 -8.85 7.31
N SER Q 14 -12.72 -8.14 7.90
CA SER Q 14 -12.76 -7.72 9.30
C SER Q 14 -12.61 -6.21 9.35
N THR Q 15 -13.61 -5.52 9.93
CA THR Q 15 -13.62 -4.07 10.12
C THR Q 15 -13.86 -3.35 8.79
N ALA Q 16 -13.03 -3.62 7.77
CA ALA Q 16 -13.30 -3.21 6.40
C ALA Q 16 -13.17 -1.70 6.20
N ASN Q 17 -12.21 -1.09 6.89
CA ASN Q 17 -11.94 0.34 6.82
C ASN Q 17 -13.14 1.20 7.20
N LEU Q 18 -14.18 0.60 7.78
CA LEU Q 18 -15.43 1.27 8.11
C LEU Q 18 -15.31 2.13 9.36
N VAL Q 19 -14.10 2.26 9.91
CA VAL Q 19 -13.89 2.50 11.33
C VAL Q 19 -12.53 3.15 11.56
N PRO Q 20 -12.45 4.21 12.38
CA PRO Q 20 -11.14 4.75 12.75
C PRO Q 20 -10.28 3.68 13.42
N GLU Q 21 -9.05 3.53 12.93
CA GLU Q 21 -8.17 2.52 13.51
C GLU Q 21 -7.55 3.01 14.82
N VAL Q 22 -6.76 4.08 14.76
CA VAL Q 22 -6.05 4.57 15.93
C VAL Q 22 -6.24 6.08 16.00
N ASN Q 23 -6.03 6.63 17.20
CA ASN Q 23 -6.08 8.07 17.42
C ASN Q 23 -4.71 8.68 17.22
N ASN Q 24 -4.70 9.86 16.60
CA ASN Q 24 -3.48 10.65 16.41
C ASN Q 24 -3.22 11.59 17.57
N GLU Q 25 -4.27 12.09 18.20
CA GLU Q 25 -4.15 13.11 19.24
C GLU Q 25 -3.40 12.56 20.45
N VAL Q 26 -2.78 13.46 21.20
CA VAL Q 26 -1.90 13.12 22.31
C VAL Q 26 -2.06 14.18 23.39
N MET Q 27 -2.07 13.74 24.64
CA MET Q 27 -2.29 14.65 25.76
C MET Q 27 -1.07 15.53 25.99
N ALA Q 28 -1.31 16.84 26.09
CA ALA Q 28 -0.25 17.84 26.27
C ALA Q 28 0.17 17.89 27.74
N LEU Q 29 0.77 16.79 28.19
CA LEU Q 29 1.34 16.69 29.53
C LEU Q 29 2.83 16.43 29.43
N GLU Q 30 3.61 17.13 30.24
CA GLU Q 30 5.03 16.85 30.34
C GLU Q 30 5.26 15.56 31.11
N PRO Q 31 6.44 14.95 30.96
CA PRO Q 31 6.77 13.81 31.81
C PRO Q 31 6.84 14.20 33.28
N VAL Q 32 6.48 13.25 34.15
CA VAL Q 32 6.41 13.46 35.58
C VAL Q 32 7.08 12.28 36.28
N VAL Q 33 7.99 12.57 37.20
CA VAL Q 33 8.74 11.53 37.88
C VAL Q 33 7.82 10.76 38.84
N GLY Q 34 8.12 9.49 39.03
CA GLY Q 34 7.38 8.68 39.98
C GLY Q 34 7.98 8.66 41.38
N ALA Q 35 8.17 7.46 41.92
CA ALA Q 35 8.58 7.32 43.31
C ALA Q 35 10.08 7.49 43.51
N ALA Q 36 10.88 7.56 42.45
CA ALA Q 36 12.32 7.70 42.60
C ALA Q 36 12.67 8.94 43.42
N ILE Q 37 11.96 10.05 43.19
CA ILE Q 37 12.18 11.28 43.93
C ILE Q 37 12.01 11.08 45.43
N ALA Q 38 11.20 10.10 45.84
CA ALA Q 38 10.89 9.89 47.24
C ALA Q 38 11.91 9.03 47.97
N ALA Q 39 12.87 8.43 47.25
CA ALA Q 39 13.77 7.46 47.88
C ALA Q 39 14.53 8.00 49.07
N PRO Q 40 15.10 9.20 49.05
CA PRO Q 40 15.84 9.67 50.24
C PRO Q 40 14.98 9.93 51.47
N VAL Q 41 13.66 10.09 51.32
CA VAL Q 41 12.79 10.37 52.45
C VAL Q 41 11.74 9.30 52.67
N ALA Q 42 11.62 8.31 51.79
CA ALA Q 42 10.72 7.20 52.05
C ALA Q 42 11.38 6.22 53.02
N GLY Q 43 10.53 5.47 53.72
CA GLY Q 43 11.05 4.51 54.67
C GLY Q 43 11.81 3.36 54.03
N GLN Q 44 11.41 2.99 52.82
CA GLN Q 44 11.88 1.76 52.19
C GLN Q 44 11.73 1.88 50.69
N GLN Q 45 12.47 1.06 49.97
CA GLN Q 45 12.38 1.01 48.52
C GLN Q 45 11.76 -0.34 48.20
N ASN Q 46 10.56 -0.32 47.63
CA ASN Q 46 9.76 -1.52 47.47
C ASN Q 46 9.71 -1.93 46.00
N VAL Q 47 9.13 -3.10 45.77
CA VAL Q 47 9.12 -3.71 44.45
C VAL Q 47 7.72 -4.23 44.19
N ILE Q 48 7.23 -4.01 42.97
CA ILE Q 48 5.96 -4.53 42.49
C ILE Q 48 6.28 -5.66 41.52
N ASP Q 49 5.49 -6.72 41.59
CA ASP Q 49 5.68 -7.85 40.70
C ASP Q 49 5.70 -7.36 39.26
N PRO Q 50 6.80 -7.57 38.52
CA PRO Q 50 6.90 -7.01 37.17
C PRO Q 50 5.79 -7.45 36.23
N TRP Q 51 5.18 -8.62 36.44
CA TRP Q 51 4.06 -9.01 35.61
C TRP Q 51 2.89 -8.04 35.77
N ILE Q 52 2.68 -7.53 36.99
CA ILE Q 52 1.65 -6.53 37.21
C ILE Q 52 1.94 -5.27 36.40
N ARG Q 53 3.23 -4.95 36.21
CA ARG Q 53 3.60 -3.74 35.50
C ARG Q 53 3.53 -3.88 33.99
N ASN Q 54 3.54 -5.10 33.47
CA ASN Q 54 3.61 -5.31 32.03
C ASN Q 54 2.29 -5.75 31.42
N ASN Q 55 1.20 -5.80 32.18
CA ASN Q 55 -0.03 -6.39 31.68
C ASN Q 55 -1.25 -5.60 32.12
N PHE Q 56 -2.05 -5.19 31.14
CA PHE Q 56 -3.28 -4.45 31.42
C PHE Q 56 -4.33 -5.36 32.04
N VAL Q 57 -5.02 -4.83 33.05
CA VAL Q 57 -6.08 -5.54 33.74
C VAL Q 57 -7.22 -4.54 33.95
N GLN Q 58 -8.45 -5.04 33.96
CA GLN Q 58 -9.58 -4.13 34.03
C GLN Q 58 -9.64 -3.49 35.41
N ALA Q 59 -9.74 -2.16 35.42
CA ALA Q 59 -9.78 -1.40 36.65
C ALA Q 59 -11.07 -1.67 37.42
N PRO Q 60 -11.04 -1.58 38.75
CA PRO Q 60 -12.31 -1.46 39.48
C PRO Q 60 -12.98 -0.20 38.98
N GLY Q 61 -14.26 -0.30 38.65
CA GLY Q 61 -14.71 0.68 37.68
C GLY Q 61 -14.36 -0.02 36.39
N GLY Q 62 -13.93 0.70 35.35
CA GLY Q 62 -13.55 -0.01 34.15
C GLY Q 62 -14.67 -0.39 33.20
N GLU Q 63 -15.93 -0.17 33.57
CA GLU Q 63 -17.03 -0.27 32.61
C GLU Q 63 -17.79 1.04 32.55
N PHE Q 64 -18.14 1.45 31.33
CA PHE Q 64 -19.08 2.55 31.12
C PHE Q 64 -19.71 2.36 29.75
N THR Q 65 -20.77 3.11 29.50
CA THR Q 65 -21.58 2.93 28.29
C THR Q 65 -21.90 4.26 27.65
N VAL Q 66 -21.94 4.27 26.33
CA VAL Q 66 -22.51 5.37 25.55
C VAL Q 66 -23.80 4.85 24.92
N SER Q 67 -24.92 5.42 25.32
CA SER Q 67 -26.23 5.02 24.84
C SER Q 67 -26.98 6.24 24.35
N PRO Q 68 -28.10 6.05 23.64
CA PRO Q 68 -28.86 7.21 23.16
C PRO Q 68 -29.51 8.00 24.27
N ARG Q 69 -29.67 7.42 25.46
CA ARG Q 69 -30.16 8.18 26.61
C ARG Q 69 -29.13 9.18 27.14
N ASN Q 70 -27.85 9.00 26.85
CA ASN Q 70 -26.84 9.89 27.39
C ASN Q 70 -26.83 11.20 26.62
N ALA Q 71 -26.54 12.29 27.33
CA ALA Q 71 -26.51 13.60 26.70
C ALA Q 71 -25.11 14.18 26.74
N PRO Q 72 -24.73 14.99 25.75
CA PRO Q 72 -23.41 15.61 25.76
C PRO Q 72 -23.17 16.39 27.04
N GLY Q 73 -21.95 16.31 27.55
CA GLY Q 73 -21.60 16.93 28.81
C GLY Q 73 -21.56 15.97 29.99
N GLU Q 74 -22.23 14.83 29.89
CA GLU Q 74 -22.20 13.87 30.98
C GLU Q 74 -20.83 13.21 31.05
N ILE Q 75 -20.24 13.22 32.24
CA ILE Q 75 -19.00 12.50 32.50
C ILE Q 75 -19.35 11.02 32.65
N LEU Q 76 -19.02 10.22 31.62
CA LEU Q 76 -19.36 8.80 31.63
C LEU Q 76 -18.43 7.98 32.50
N TRP Q 77 -17.23 8.48 32.77
CA TRP Q 77 -16.25 7.74 33.56
C TRP Q 77 -15.25 8.74 34.10
N SER Q 78 -14.81 8.53 35.33
CA SER Q 78 -13.82 9.42 35.93
C SER Q 78 -13.15 8.69 37.08
N ALA Q 79 -11.91 9.06 37.35
CA ALA Q 79 -11.15 8.42 38.41
C ALA Q 79 -9.97 9.28 38.81
N PRO Q 80 -9.63 9.36 40.09
CA PRO Q 80 -8.36 9.98 40.47
C PRO Q 80 -7.24 8.96 40.41
N LEU Q 81 -6.04 9.45 40.16
CA LEU Q 81 -4.88 8.57 40.17
C LEU Q 81 -4.69 7.99 41.57
N GLY Q 82 -4.39 6.69 41.61
CA GLY Q 82 -4.20 6.00 42.86
C GLY Q 82 -4.26 4.50 42.66
N PRO Q 83 -3.94 3.74 43.71
CA PRO Q 83 -3.89 2.29 43.56
C PRO Q 83 -5.23 1.66 43.20
N ASP Q 84 -6.33 2.37 43.46
CA ASP Q 84 -7.65 1.83 43.18
C ASP Q 84 -7.94 1.73 41.68
N LEU Q 85 -7.03 2.21 40.85
CA LEU Q 85 -7.14 2.12 39.40
C LEU Q 85 -6.84 0.72 38.87
N ASN Q 86 -6.38 -0.20 39.71
CA ASN Q 86 -5.88 -1.49 39.26
C ASN Q 86 -6.19 -2.53 40.34
N PRO Q 87 -6.88 -3.62 39.98
CA PRO Q 87 -7.30 -4.59 41.01
C PRO Q 87 -6.15 -5.22 41.76
N TYR Q 88 -5.04 -5.53 41.08
CA TYR Q 88 -3.86 -6.05 41.78
C TYR Q 88 -3.29 -5.01 42.73
N LEU Q 89 -3.12 -3.77 42.24
CA LEU Q 89 -2.66 -2.69 43.09
C LEU Q 89 -3.63 -2.39 44.22
N SER Q 90 -4.94 -2.61 44.00
CA SER Q 90 -5.92 -2.38 45.06
C SER Q 90 -5.69 -3.31 46.25
N HIS Q 91 -5.44 -4.60 45.98
CA HIS Q 91 -5.18 -5.54 47.06
C HIS Q 91 -3.83 -5.29 47.69
N LEU Q 92 -2.82 -4.99 46.88
CA LEU Q 92 -1.50 -4.64 47.41
C LEU Q 92 -1.59 -3.41 48.31
N ALA Q 93 -2.40 -2.42 47.93
CA ALA Q 93 -2.42 -1.17 48.66
C ALA Q 93 -2.89 -1.36 50.11
N ARG Q 94 -3.62 -2.44 50.40
CA ARG Q 94 -4.00 -2.67 51.79
C ARG Q 94 -2.80 -3.03 52.64
N MET Q 95 -1.64 -3.23 52.02
CA MET Q 95 -0.42 -3.66 52.68
C MET Q 95 0.63 -2.56 52.72
N TYR Q 96 0.35 -1.39 52.16
CA TYR Q 96 1.30 -0.29 52.12
C TYR Q 96 0.67 0.98 52.66
N ASN Q 97 1.53 1.89 53.11
CA ASN Q 97 1.12 3.15 53.71
C ASN Q 97 0.99 4.28 52.69
N GLY Q 98 1.75 4.23 51.60
CA GLY Q 98 1.66 5.28 50.61
C GLY Q 98 2.15 4.82 49.26
N TYR Q 99 2.19 5.76 48.32
CA TYR Q 99 2.54 5.45 46.94
C TYR Q 99 2.96 6.72 46.23
N ALA Q 100 3.53 6.53 45.04
CA ALA Q 100 3.86 7.63 44.14
C ALA Q 100 4.12 7.05 42.75
N GLY Q 101 3.78 7.82 41.73
CA GLY Q 101 4.00 7.42 40.36
C GLY Q 101 2.70 7.30 39.58
N GLY Q 102 2.87 7.05 38.28
CA GLY Q 102 1.80 7.21 37.32
C GLY Q 102 1.27 5.88 36.80
N PHE Q 103 0.29 6.00 35.92
CA PHE Q 103 -0.36 4.85 35.31
C PHE Q 103 -0.37 4.99 33.79
N GLU Q 104 -0.53 3.85 33.14
CA GLU Q 104 -0.92 3.76 31.74
C GLU Q 104 -2.33 3.20 31.73
N VAL Q 105 -3.28 3.94 31.16
CA VAL Q 105 -4.67 3.49 31.07
C VAL Q 105 -4.99 3.14 29.62
N GLN Q 106 -5.73 2.05 29.43
CA GLN Q 106 -6.16 1.61 28.13
C GLN Q 106 -7.68 1.60 28.11
N VAL Q 107 -8.25 2.27 27.11
CA VAL Q 107 -9.70 2.41 26.95
C VAL Q 107 -10.09 1.72 25.65
N ILE Q 108 -11.16 0.92 25.71
CA ILE Q 108 -11.63 0.16 24.55
C ILE Q 108 -12.96 0.77 24.13
N LEU Q 109 -13.05 1.15 22.86
CA LEU Q 109 -14.22 1.82 22.31
C LEU Q 109 -14.52 1.27 20.91
N ALA Q 110 -14.75 -0.03 20.79
CA ALA Q 110 -14.89 -0.58 19.45
C ALA Q 110 -16.36 -0.59 19.05
N GLY Q 111 -16.87 0.62 18.86
CA GLY Q 111 -18.27 0.79 18.50
C GLY Q 111 -18.60 0.15 17.17
N ASN Q 112 -19.89 -0.18 17.02
CA ASN Q 112 -20.37 -0.70 15.75
C ASN Q 112 -20.23 0.36 14.67
N ALA Q 113 -19.98 -0.07 13.43
CA ALA Q 113 -19.65 0.86 12.36
C ALA Q 113 -20.80 1.82 12.05
N PHE Q 114 -22.02 1.48 12.45
CA PHE Q 114 -23.20 2.30 12.19
C PHE Q 114 -23.42 3.36 13.26
N THR Q 115 -22.51 3.51 14.21
CA THR Q 115 -22.65 4.46 15.31
C THR Q 115 -21.82 5.71 15.04
N ALA Q 116 -22.23 6.82 15.64
CA ALA Q 116 -21.49 8.07 15.60
C ALA Q 116 -21.40 8.67 17.00
N GLY Q 117 -20.37 9.48 17.21
CA GLY Q 117 -20.23 10.25 18.43
C GLY Q 117 -18.77 10.34 18.88
N LYS Q 118 -18.48 11.35 19.70
CA LYS Q 118 -17.13 11.63 20.16
C LYS Q 118 -17.08 11.68 21.68
N ILE Q 119 -15.97 11.19 22.25
CA ILE Q 119 -15.68 11.30 23.67
C ILE Q 119 -14.40 12.11 23.86
N ILE Q 120 -14.40 12.99 24.87
CA ILE Q 120 -13.18 13.67 25.29
C ILE Q 120 -12.64 13.03 26.56
N PHE Q 121 -11.36 12.69 26.54
CA PHE Q 121 -10.63 12.32 27.74
C PHE Q 121 -9.78 13.51 28.14
N ALA Q 122 -9.78 13.85 29.43
CA ALA Q 122 -9.01 15.00 29.89
C ALA Q 122 -8.38 14.74 31.25
N ALA Q 123 -7.18 15.30 31.43
CA ALA Q 123 -6.45 15.29 32.69
C ALA Q 123 -6.65 16.62 33.40
N VAL Q 124 -7.27 16.59 34.56
CA VAL Q 124 -7.49 17.80 35.36
C VAL Q 124 -6.54 17.77 36.55
N PRO Q 125 -5.81 18.85 36.82
CA PRO Q 125 -4.74 18.81 37.82
C PRO Q 125 -5.30 18.83 39.23
N PRO Q 126 -4.47 18.48 40.23
CA PRO Q 126 -4.98 18.42 41.61
C PRO Q 126 -5.47 19.78 42.08
N ASN Q 127 -6.51 19.75 42.91
CA ASN Q 127 -7.12 20.93 43.53
C ASN Q 127 -7.87 21.80 42.54
N PHE Q 128 -8.16 21.28 41.36
CA PHE Q 128 -9.13 21.99 40.54
C PHE Q 128 -10.49 21.32 40.66
N PRO Q 129 -11.57 22.06 40.89
CA PRO Q 129 -12.87 21.41 41.08
C PRO Q 129 -13.42 20.85 39.78
N THR Q 130 -13.76 19.56 39.80
CA THR Q 130 -14.36 18.88 38.67
C THR Q 130 -15.87 19.04 38.61
N GLU Q 131 -16.48 19.49 39.70
CA GLU Q 131 -17.91 19.31 39.98
C GLU Q 131 -18.83 20.21 39.15
N GLY Q 132 -18.40 20.95 38.14
CA GLY Q 132 -19.34 21.69 37.31
C GLY Q 132 -18.94 21.82 35.85
N LEU Q 133 -17.94 21.05 35.43
CA LEU Q 133 -17.29 21.30 34.15
C LEU Q 133 -18.23 21.11 32.96
N SER Q 134 -18.20 22.07 32.05
CA SER Q 134 -18.85 22.11 30.75
C SER Q 134 -17.94 21.51 29.68
N PRO Q 135 -18.52 21.09 28.55
CA PRO Q 135 -17.65 20.56 27.47
C PRO Q 135 -16.62 21.56 26.97
N SER Q 136 -17.01 22.82 26.77
CA SER Q 136 -16.03 23.85 26.42
C SER Q 136 -14.87 23.88 27.41
N GLN Q 137 -15.16 23.87 28.70
CA GLN Q 137 -14.12 24.04 29.71
C GLN Q 137 -13.15 22.87 29.72
N VAL Q 138 -13.66 21.65 29.55
CA VAL Q 138 -12.82 20.46 29.56
C VAL Q 138 -11.77 20.53 28.46
N THR Q 139 -12.08 21.19 27.35
CA THR Q 139 -11.11 21.36 26.28
C THR Q 139 -9.88 22.15 26.72
N MET Q 140 -9.97 22.93 27.79
CA MET Q 140 -8.84 23.77 28.19
C MET Q 140 -7.79 23.02 28.99
N PHE Q 141 -8.06 21.79 29.41
CA PHE Q 141 -7.05 20.92 29.99
C PHE Q 141 -6.33 20.15 28.90
N PRO Q 142 -5.21 19.52 29.21
CA PRO Q 142 -4.67 18.51 28.29
C PRO Q 142 -5.74 17.47 27.99
N HIS Q 143 -5.97 17.20 26.71
CA HIS Q 143 -7.12 16.38 26.36
C HIS Q 143 -6.89 15.64 25.05
N ILE Q 144 -7.75 14.65 24.82
CA ILE Q 144 -7.77 13.86 23.60
C ILE Q 144 -9.23 13.69 23.21
N ILE Q 145 -9.53 13.77 21.92
CA ILE Q 145 -10.88 13.56 21.40
C ILE Q 145 -10.88 12.31 20.53
N VAL Q 146 -11.68 11.32 20.90
CA VAL Q 146 -11.67 10.00 20.28
C VAL Q 146 -13.06 9.69 19.73
N ASP Q 147 -13.09 9.03 18.57
CA ASP Q 147 -14.35 8.64 17.96
C ASP Q 147 -14.84 7.35 18.61
N VAL Q 148 -16.14 7.29 18.87
CA VAL Q 148 -16.71 6.17 19.61
C VAL Q 148 -16.54 4.85 18.87
N ARG Q 149 -16.22 4.89 17.57
CA ARG Q 149 -16.00 3.69 16.78
C ARG Q 149 -14.54 3.24 16.75
N GLN Q 150 -13.63 3.90 17.47
CA GLN Q 150 -12.21 3.61 17.31
C GLN Q 150 -11.88 2.16 17.65
N LEU Q 151 -11.10 1.52 16.78
CA LEU Q 151 -10.89 0.09 16.88
C LEU Q 151 -9.75 -0.26 17.83
N GLU Q 152 -8.62 0.37 17.67
CA GLU Q 152 -7.54 0.05 18.57
C GLU Q 152 -7.73 0.80 19.89
N PRO Q 153 -7.36 0.20 21.01
CA PRO Q 153 -7.57 0.85 22.30
C PRO Q 153 -6.84 2.18 22.37
N VAL Q 154 -7.38 3.09 23.17
CA VAL Q 154 -6.80 4.41 23.37
C VAL Q 154 -5.85 4.31 24.55
N LEU Q 155 -4.62 4.80 24.36
CA LEU Q 155 -3.61 4.74 25.41
C LEU Q 155 -3.39 6.15 25.94
N ILE Q 156 -3.62 6.33 27.23
CA ILE Q 156 -3.44 7.61 27.90
C ILE Q 156 -2.44 7.40 29.03
N PRO Q 157 -1.30 8.09 29.03
CA PRO Q 157 -0.45 8.07 30.21
C PRO Q 157 -0.98 9.08 31.23
N LEU Q 158 -0.98 8.66 32.50
CA LEU Q 158 -1.56 9.47 33.56
C LEU Q 158 -0.46 9.75 34.59
N PRO Q 159 0.18 10.91 34.53
CA PRO Q 159 1.30 11.19 35.42
C PRO Q 159 0.85 11.67 36.80
N ASP Q 160 1.69 11.43 37.79
CA ASP Q 160 1.37 11.74 39.18
C ASP Q 160 1.80 13.18 39.52
N VAL Q 161 1.11 14.13 38.87
CA VAL Q 161 1.30 15.54 39.19
C VAL Q 161 0.97 15.77 40.66
N ARG Q 162 1.87 16.45 41.36
CA ARG Q 162 1.80 16.63 42.81
C ARG Q 162 2.84 17.64 43.22
N ASN Q 163 2.78 18.06 44.48
CA ASN Q 163 3.76 19.00 45.02
C ASN Q 163 4.47 18.44 46.25
N ASN Q 164 4.38 17.13 46.48
CA ASN Q 164 5.11 16.48 47.55
C ASN Q 164 5.82 15.25 47.00
N PHE Q 165 6.63 14.63 47.85
CA PHE Q 165 7.45 13.50 47.41
C PHE Q 165 6.59 12.29 47.06
N TYR Q 166 5.53 12.06 47.82
CA TYR Q 166 4.65 10.93 47.59
C TYR Q 166 3.34 11.16 48.35
N HIS Q 167 2.40 10.23 48.17
CA HIS Q 167 1.06 10.33 48.74
C HIS Q 167 0.89 9.33 49.86
N TYR Q 168 0.12 9.70 50.88
CA TYR Q 168 -0.29 8.78 51.92
C TYR Q 168 -1.67 8.21 51.59
N ASN Q 169 -1.86 6.91 51.84
CA ASN Q 169 -3.15 6.29 51.60
C ASN Q 169 -4.23 6.90 52.48
N GLN Q 170 -3.91 7.17 53.75
CA GLN Q 170 -4.90 7.58 54.72
C GLN Q 170 -5.24 9.06 54.70
N SER Q 171 -4.65 9.83 53.79
CA SER Q 171 -4.90 11.26 53.74
C SER Q 171 -5.78 11.57 52.54
N ASN Q 172 -6.18 12.84 52.41
CA ASN Q 172 -7.06 13.22 51.33
C ASN Q 172 -6.44 14.26 50.39
N ASP Q 173 -5.11 14.34 50.31
CA ASP Q 173 -4.51 15.18 49.31
C ASP Q 173 -4.96 14.70 47.93
N PRO Q 174 -5.35 15.61 47.03
CA PRO Q 174 -5.86 15.17 45.73
C PRO Q 174 -4.75 14.83 44.75
N THR Q 175 -5.14 14.07 43.74
CA THR Q 175 -4.28 13.64 42.66
C THR Q 175 -4.91 14.08 41.34
N ILE Q 176 -4.18 13.89 40.23
CA ILE Q 176 -4.81 14.10 38.94
C ILE Q 176 -6.04 13.23 38.81
N LYS Q 177 -7.07 13.77 38.18
CA LYS Q 177 -8.27 13.02 37.84
C LYS Q 177 -8.28 12.85 36.33
N LEU Q 178 -8.61 11.65 35.88
CA LEU Q 178 -8.85 11.39 34.48
C LEU Q 178 -10.35 11.38 34.24
N ILE Q 179 -10.79 12.09 33.20
CA ILE Q 179 -12.20 12.28 32.90
C ILE Q 179 -12.48 11.77 31.50
N ALA Q 180 -13.60 11.07 31.36
CA ALA Q 180 -14.15 10.74 30.05
C ALA Q 180 -15.54 11.35 30.01
N MET Q 181 -15.76 12.22 29.04
CA MET Q 181 -17.03 12.93 28.92
C MET Q 181 -17.57 12.76 27.52
N LEU Q 182 -18.89 12.60 27.41
CA LEU Q 182 -19.51 12.51 26.10
C LEU Q 182 -19.47 13.88 25.44
N TYR Q 183 -18.75 13.97 24.33
CA TYR Q 183 -18.51 15.25 23.66
C TYR Q 183 -19.55 15.51 22.58
N THR Q 184 -19.96 14.46 21.89
CA THR Q 184 -21.00 14.47 20.89
C THR Q 184 -22.01 13.38 21.22
N PRO Q 185 -23.31 13.66 21.08
CA PRO Q 185 -24.31 12.66 21.42
C PRO Q 185 -24.16 11.43 20.52
N LEU Q 186 -24.61 10.29 21.03
CA LEU Q 186 -24.50 9.06 20.26
C LEU Q 186 -25.63 9.01 19.25
N ARG Q 187 -25.27 8.92 17.97
CA ARG Q 187 -26.19 8.77 16.87
C ARG Q 187 -25.87 7.47 16.15
N ALA Q 188 -26.86 6.95 15.41
CA ALA Q 188 -26.66 5.69 14.72
C ALA Q 188 -27.59 5.63 13.51
N ASN Q 189 -27.15 4.88 12.49
CA ASN Q 189 -27.92 4.78 11.25
C ASN Q 189 -27.95 3.36 10.72
N ASN Q 190 -27.79 2.35 11.57
CA ASN Q 190 -28.32 1.03 11.28
C ASN Q 190 -29.81 1.14 11.02
N ALA Q 191 -30.26 0.57 9.90
CA ALA Q 191 -31.64 0.81 9.47
C ALA Q 191 -32.65 0.27 10.46
N GLY Q 192 -32.36 -0.88 11.06
CA GLY Q 192 -33.34 -1.52 11.92
C GLY Q 192 -33.50 -0.79 13.24
N ASP Q 193 -34.53 -1.19 13.98
CA ASP Q 193 -34.80 -0.59 15.29
C ASP Q 193 -34.01 -1.33 16.36
N ASP Q 194 -32.71 -1.09 16.37
CA ASP Q 194 -31.82 -1.60 17.40
C ASP Q 194 -31.04 -0.45 18.02
N VAL Q 195 -30.51 -0.69 19.20
CA VAL Q 195 -29.79 0.35 19.93
C VAL Q 195 -28.39 0.56 19.37
N PHE Q 196 -27.53 -0.46 19.48
CA PHE Q 196 -26.09 -0.37 19.21
C PHE Q 196 -25.39 0.52 20.24
N THR Q 197 -25.76 0.34 21.51
CA THR Q 197 -25.02 0.96 22.59
C THR Q 197 -23.56 0.55 22.50
N VAL Q 198 -22.67 1.48 22.81
CA VAL Q 198 -21.23 1.20 22.79
C VAL Q 198 -20.81 0.83 24.21
N SER Q 199 -20.48 -0.45 24.40
CA SER Q 199 -19.97 -0.92 25.68
C SER Q 199 -18.47 -0.69 25.71
N CYS Q 200 -17.99 -0.04 26.76
CA CYS Q 200 -16.61 0.41 26.83
C CYS Q 200 -15.91 -0.19 28.04
N ARG Q 201 -14.61 -0.40 27.89
CA ARG Q 201 -13.82 -1.01 28.95
C ARG Q 201 -12.59 -0.17 29.23
N VAL Q 202 -12.24 -0.03 30.51
CA VAL Q 202 -11.06 0.69 30.95
C VAL Q 202 -10.12 -0.30 31.62
N LEU Q 203 -8.92 -0.43 31.09
CA LEU Q 203 -7.89 -1.27 31.66
C LEU Q 203 -6.67 -0.41 31.97
N THR Q 204 -5.86 -0.86 32.93
CA THR Q 204 -4.73 -0.07 33.40
C THR Q 204 -3.55 -0.98 33.71
N ARG Q 205 -2.39 -0.35 33.89
CA ARG Q 205 -1.22 -0.96 34.47
C ARG Q 205 -0.34 0.15 35.03
N PRO Q 206 0.39 -0.10 36.11
CA PRO Q 206 1.21 0.97 36.68
C PRO Q 206 2.38 1.30 35.76
N SER Q 207 2.70 2.59 35.69
CA SER Q 207 3.89 3.00 34.96
C SER Q 207 5.13 2.39 35.62
N PRO Q 208 6.26 2.37 34.90
CA PRO Q 208 7.49 1.88 35.53
C PRO Q 208 7.93 2.72 36.73
N ASP Q 209 7.57 4.00 36.78
CA ASP Q 209 7.95 4.86 37.89
C ASP Q 209 7.03 4.74 39.09
N PHE Q 210 5.96 3.93 39.00
CA PHE Q 210 5.06 3.73 40.13
C PHE Q 210 5.69 2.80 41.16
N ASP Q 211 5.44 3.09 42.44
CA ASP Q 211 5.89 2.22 43.51
C ASP Q 211 5.12 2.53 44.79
N PHE Q 212 5.00 1.52 45.65
CA PHE Q 212 4.46 1.71 46.99
C PHE Q 212 5.59 2.16 47.91
N ILE Q 213 5.23 2.68 49.09
CA ILE Q 213 6.21 3.36 49.93
C ILE Q 213 6.52 2.55 51.20
N PHE Q 214 5.54 2.35 52.08
CA PHE Q 214 5.85 1.81 53.40
C PHE Q 214 5.02 0.58 53.72
N LEU Q 215 5.69 -0.52 54.05
CA LEU Q 215 5.00 -1.75 54.42
C LEU Q 215 4.29 -1.60 55.77
N VAL Q 216 3.01 -1.93 55.82
CA VAL Q 216 2.21 -1.73 57.03
C VAL Q 216 1.16 -2.84 57.20
N PRO Q 217 0.62 -3.04 58.40
CA PRO Q 217 -0.34 -4.13 58.64
C PRO Q 217 -1.56 -4.05 57.75
N PRO Q 218 -1.91 -5.15 57.08
CA PRO Q 218 -3.01 -5.14 56.13
C PRO Q 218 -4.38 -4.99 56.77
N THR Q 219 -5.28 -4.34 56.02
CA THR Q 219 -6.73 -4.25 56.23
C THR Q 219 -7.11 -3.29 57.36
N VAL Q 220 -6.14 -2.68 58.06
CA VAL Q 220 -6.50 -1.79 59.16
C VAL Q 220 -6.68 -0.35 58.70
N GLU Q 221 -6.48 -0.05 57.42
CA GLU Q 221 -6.62 1.29 56.89
C GLU Q 221 -7.92 1.37 56.10
N SER Q 222 -8.78 2.32 56.46
CA SER Q 222 -10.12 2.36 55.88
C SER Q 222 -10.07 2.57 54.37
N ARG Q 223 -9.32 3.59 53.92
CA ARG Q 223 -9.33 4.02 52.53
C ARG Q 223 -8.95 2.92 51.54
N THR Q 224 -8.36 1.82 52.01
CA THR Q 224 -7.98 0.72 51.14
C THR Q 224 -8.93 -0.48 51.22
N LYS Q 225 -9.93 -0.45 52.10
CA LYS Q 225 -10.86 -1.57 52.22
C LYS Q 225 -11.71 -1.68 50.97
N PRO Q 226 -11.78 -2.85 50.33
CA PRO Q 226 -12.57 -3.00 49.10
C PRO Q 226 -14.03 -3.36 49.37
N PHE Q 227 -14.87 -2.92 48.45
CA PHE Q 227 -16.31 -3.13 48.57
C PHE Q 227 -16.72 -4.48 48.03
N THR Q 228 -17.63 -5.14 48.75
CA THR Q 228 -18.19 -6.43 48.34
C THR Q 228 -19.68 -6.45 48.65
N VAL Q 229 -20.36 -7.42 48.06
CA VAL Q 229 -21.79 -7.61 48.26
C VAL Q 229 -22.02 -9.08 48.60
N PRO Q 230 -22.73 -9.39 49.69
CA PRO Q 230 -22.78 -10.77 50.17
C PRO Q 230 -23.32 -11.77 49.15
N ILE Q 231 -22.79 -13.00 49.23
CA ILE Q 231 -23.18 -14.10 48.35
C ILE Q 231 -24.53 -14.69 48.70
N LEU Q 232 -25.18 -14.21 49.77
CA LEU Q 232 -26.42 -14.82 50.21
C LEU Q 232 -27.50 -14.78 49.13
N THR Q 233 -28.33 -15.81 49.15
CA THR Q 233 -29.47 -15.94 48.26
C THR Q 233 -30.67 -15.16 48.83
N VAL Q 234 -31.57 -14.75 47.94
CA VAL Q 234 -32.77 -14.01 48.34
C VAL Q 234 -33.53 -14.72 49.46
N GLU Q 235 -33.79 -16.03 49.32
CA GLU Q 235 -34.52 -16.72 50.39
C GLU Q 235 -33.74 -16.72 51.70
N GLU Q 236 -32.41 -16.69 51.64
CA GLU Q 236 -31.61 -16.79 52.85
C GLU Q 236 -31.51 -15.47 53.62
N MET Q 237 -32.07 -14.38 53.09
CA MET Q 237 -32.01 -13.09 53.75
C MET Q 237 -33.36 -12.77 54.38
N THR Q 238 -33.43 -11.61 55.03
CA THR Q 238 -34.57 -11.22 55.84
C THR Q 238 -34.94 -9.78 55.54
N ASN Q 239 -36.22 -9.47 55.69
CA ASN Q 239 -36.68 -8.11 55.45
C ASN Q 239 -36.10 -7.16 56.49
N SER Q 240 -35.82 -5.94 56.06
CA SER Q 240 -35.22 -4.93 56.92
C SER Q 240 -36.25 -3.98 57.50
N ARG Q 241 -37.52 -4.18 57.18
CA ARG Q 241 -38.60 -3.34 57.65
C ARG Q 241 -39.59 -4.07 58.56
N PHE Q 242 -39.47 -5.39 58.68
CA PHE Q 242 -40.32 -6.21 59.54
C PHE Q 242 -39.63 -7.54 59.69
N PRO Q 243 -39.65 -8.17 60.86
CA PRO Q 243 -38.88 -9.41 61.05
C PRO Q 243 -39.43 -10.60 60.29
N ILE Q 244 -39.33 -10.58 58.96
CA ILE Q 244 -39.90 -11.63 58.11
C ILE Q 244 -38.82 -12.01 57.10
N PRO Q 245 -38.79 -13.23 56.57
CA PRO Q 245 -37.88 -13.53 55.47
C PRO Q 245 -38.29 -12.83 54.19
N LEU Q 246 -37.33 -12.72 53.28
CA LEU Q 246 -37.60 -12.24 51.94
C LEU Q 246 -38.25 -13.35 51.11
N GLU Q 247 -38.93 -12.94 50.05
CA GLU Q 247 -39.65 -13.91 49.23
C GLU Q 247 -39.44 -13.73 47.73
N LYS Q 248 -39.47 -12.49 47.24
CA LYS Q 248 -39.30 -12.25 45.82
C LYS Q 248 -38.62 -10.91 45.61
N LEU Q 249 -38.18 -10.67 44.38
CA LEU Q 249 -37.73 -9.36 43.94
C LEU Q 249 -38.79 -8.72 43.05
N PHE Q 250 -39.10 -7.45 43.30
CA PHE Q 250 -40.13 -6.73 42.57
C PHE Q 250 -39.64 -5.38 42.12
N THR Q 251 -39.94 -5.03 40.87
CA THR Q 251 -39.77 -3.66 40.37
C THR Q 251 -41.12 -3.16 39.89
N GLY Q 252 -41.39 -1.87 40.14
CA GLY Q 252 -42.61 -1.26 39.67
C GLY Q 252 -42.50 0.25 39.60
N PRO Q 253 -43.44 0.90 38.91
CA PRO Q 253 -43.45 2.36 38.87
C PRO Q 253 -43.81 2.96 40.22
N SER Q 254 -43.10 4.04 40.56
CA SER Q 254 -43.19 4.66 41.88
C SER Q 254 -43.54 6.14 41.79
N GLY Q 255 -44.11 6.59 40.67
CA GLY Q 255 -44.41 8.00 40.51
C GLY Q 255 -45.54 8.49 41.39
N ALA Q 256 -46.54 7.63 41.66
CA ALA Q 256 -47.71 8.09 42.41
C ALA Q 256 -47.35 8.40 43.85
N PHE Q 257 -46.76 7.44 44.53
CA PHE Q 257 -46.52 7.45 45.96
C PHE Q 257 -45.08 7.90 46.26
N VAL Q 258 -44.77 8.04 47.55
CA VAL Q 258 -43.46 8.52 47.99
C VAL Q 258 -42.72 7.42 48.74
N VAL Q 259 -41.62 6.96 48.15
CA VAL Q 259 -40.81 5.88 48.70
C VAL Q 259 -39.81 6.51 49.67
N GLN Q 260 -40.12 6.48 50.96
CA GLN Q 260 -39.25 7.12 51.94
C GLN Q 260 -39.15 6.30 53.23
N PRO Q 261 -38.86 5.00 53.16
CA PRO Q 261 -38.76 4.20 54.40
C PRO Q 261 -37.63 4.69 55.28
N GLN Q 262 -37.73 4.38 56.57
CA GLN Q 262 -36.70 4.74 57.53
C GLN Q 262 -36.01 3.54 58.17
N ASN Q 263 -36.49 2.33 57.93
CA ASN Q 263 -35.80 1.12 58.32
C ASN Q 263 -35.15 0.51 57.09
N GLY Q 264 -34.06 -0.21 57.31
CA GLY Q 264 -33.31 -0.75 56.18
C GLY Q 264 -32.79 0.33 55.26
N ARG Q 265 -32.25 1.41 55.85
CA ARG Q 265 -31.61 2.49 55.10
C ARG Q 265 -30.17 2.56 55.56
N CYS Q 266 -29.25 2.24 54.65
CA CYS Q 266 -27.83 2.21 54.98
C CYS Q 266 -27.04 2.51 53.72
N THR Q 267 -25.96 3.24 53.89
CA THR Q 267 -25.09 3.59 52.77
C THR Q 267 -24.04 2.51 52.52
N THR Q 268 -23.55 2.49 51.28
CA THR Q 268 -22.55 1.51 50.86
C THR Q 268 -21.31 1.46 51.76
N ASP Q 269 -20.84 2.61 52.24
CA ASP Q 269 -19.69 2.61 53.14
C ASP Q 269 -20.08 2.48 54.62
N GLY Q 270 -21.31 2.08 54.91
CA GLY Q 270 -21.67 1.59 56.23
C GLY Q 270 -22.20 2.61 57.24
N VAL Q 271 -22.72 3.74 56.78
CA VAL Q 271 -23.35 4.72 57.67
C VAL Q 271 -24.85 4.40 57.71
N LEU Q 272 -25.35 4.12 58.91
CA LEU Q 272 -26.78 3.86 59.08
C LEU Q 272 -27.57 5.17 59.01
N LEU Q 273 -28.79 5.06 58.48
CA LEU Q 273 -29.66 6.22 58.27
C LEU Q 273 -31.03 5.94 58.87
N GLY Q 274 -31.75 7.03 59.15
CA GLY Q 274 -33.11 6.91 59.66
C GLY Q 274 -33.17 6.16 60.98
N THR Q 275 -34.14 5.26 61.09
CA THR Q 275 -34.35 4.46 62.30
C THR Q 275 -33.70 3.08 62.20
N THR Q 276 -32.69 2.93 61.34
CA THR Q 276 -32.12 1.62 61.05
C THR Q 276 -31.15 1.19 62.14
N GLN Q 277 -31.23 -0.09 62.52
CA GLN Q 277 -30.31 -0.69 63.47
C GLN Q 277 -29.88 -2.04 62.92
N LEU Q 278 -29.05 -2.77 63.68
CA LEU Q 278 -28.40 -3.94 63.13
C LEU Q 278 -29.16 -5.22 63.42
N SER Q 279 -29.93 -5.26 64.51
CA SER Q 279 -30.58 -6.50 64.90
C SER Q 279 -31.81 -6.72 64.04
N PRO Q 280 -31.91 -7.85 63.32
CA PRO Q 280 -33.09 -8.09 62.48
C PRO Q 280 -34.34 -8.50 63.25
N VAL Q 281 -34.22 -8.72 64.55
CA VAL Q 281 -35.34 -9.17 65.37
C VAL Q 281 -36.03 -8.00 66.04
N ASN Q 282 -35.31 -6.90 66.23
CA ASN Q 282 -35.85 -5.70 66.86
C ASN Q 282 -36.48 -4.73 65.85
N ILE Q 283 -36.92 -5.20 64.68
CA ILE Q 283 -37.27 -4.25 63.63
C ILE Q 283 -38.68 -3.70 63.76
N CYS Q 284 -39.46 -4.20 64.71
CA CYS Q 284 -40.74 -3.59 65.09
C CYS Q 284 -41.09 -3.95 66.52
N THR Q 285 -40.11 -3.88 67.40
CA THR Q 285 -40.26 -4.27 68.78
C THR Q 285 -40.37 -3.02 69.63
N PHE Q 286 -40.93 -3.17 70.83
CA PHE Q 286 -40.98 -2.10 71.80
C PHE Q 286 -40.67 -2.68 73.17
N ARG Q 287 -39.94 -1.91 73.99
CA ARG Q 287 -39.64 -2.33 75.34
C ARG Q 287 -39.83 -1.14 76.27
N GLY Q 288 -40.45 -1.37 77.42
CA GLY Q 288 -40.61 -0.29 78.39
C GLY Q 288 -41.59 -0.67 79.49
N ASP Q 289 -42.00 0.36 80.23
CA ASP Q 289 -42.97 0.23 81.30
C ASP Q 289 -44.34 0.63 80.77
N VAL Q 290 -45.38 -0.04 81.25
CA VAL Q 290 -46.71 0.08 80.67
C VAL Q 290 -47.70 0.54 81.73
N THR Q 291 -48.72 1.27 81.29
CA THR Q 291 -49.70 1.91 82.16
C THR Q 291 -51.11 1.67 81.62
N HIS Q 292 -52.03 1.31 82.50
CA HIS Q 292 -53.42 1.10 82.11
C HIS Q 292 -54.14 2.43 81.91
N ILE Q 293 -55.03 2.47 80.94
CA ILE Q 293 -55.89 3.63 80.69
C ILE Q 293 -57.28 3.34 81.24
N ALA Q 294 -57.72 4.18 82.18
CA ALA Q 294 -58.92 3.88 82.94
C ALA Q 294 -60.14 3.75 82.04
N GLY Q 295 -60.90 2.66 82.23
CA GLY Q 295 -62.15 2.46 81.54
C GLY Q 295 -62.05 1.78 80.20
N THR Q 296 -60.84 1.51 79.72
CA THR Q 296 -60.62 0.92 78.40
C THR Q 296 -59.75 -0.33 78.57
N HIS Q 297 -59.53 -1.02 77.45
CA HIS Q 297 -58.56 -2.09 77.38
C HIS Q 297 -57.24 -1.63 76.75
N ASP Q 298 -56.99 -0.33 76.78
CA ASP Q 298 -55.81 0.28 76.17
C ASP Q 298 -54.73 0.48 77.23
N TYR Q 299 -53.47 0.39 76.78
CA TYR Q 299 -52.33 0.65 77.64
C TYR Q 299 -51.37 1.62 76.95
N THR Q 300 -50.73 2.45 77.77
CA THR Q 300 -49.73 3.40 77.30
C THR Q 300 -48.36 2.90 77.72
N MET Q 301 -47.43 2.86 76.77
CA MET Q 301 -46.07 2.37 77.02
C MET Q 301 -45.09 3.54 77.03
N ASN Q 302 -44.39 3.70 78.14
CA ASN Q 302 -43.27 4.64 78.22
C ASN Q 302 -42.01 3.90 77.77
N LEU Q 303 -41.38 4.40 76.72
CA LEU Q 303 -40.39 3.63 75.98
C LEU Q 303 -39.02 3.70 76.65
N ALA Q 304 -38.38 2.53 76.76
CA ALA Q 304 -36.94 2.43 76.94
C ALA Q 304 -36.26 2.20 75.60
N SER Q 305 -34.93 2.09 75.63
CA SER Q 305 -34.17 1.81 74.43
C SER Q 305 -34.26 0.32 74.09
N GLN Q 306 -33.61 -0.08 72.99
CA GLN Q 306 -33.67 -1.47 72.55
C GLN Q 306 -32.89 -2.38 73.49
N ASN Q 307 -31.86 -1.84 74.15
CA ASN Q 307 -31.06 -2.55 75.14
C ASN Q 307 -31.53 -2.30 76.57
N TRP Q 308 -32.78 -1.85 76.74
CA TRP Q 308 -33.41 -1.62 78.03
C TRP Q 308 -32.68 -0.53 78.83
N ASN Q 309 -32.34 0.57 78.15
CA ASN Q 309 -31.92 1.79 78.79
C ASN Q 309 -32.97 2.87 78.56
N ASN Q 310 -32.96 3.90 79.39
CA ASN Q 310 -33.80 5.06 79.16
C ASN Q 310 -33.63 5.57 77.74
N TYR Q 311 -34.71 6.09 77.16
CA TYR Q 311 -34.68 6.61 75.80
C TYR Q 311 -34.42 8.10 75.82
N ASP Q 312 -33.49 8.55 74.97
CA ASP Q 312 -33.12 9.96 74.89
C ASP Q 312 -33.69 10.56 73.62
N PRO Q 313 -34.74 11.38 73.71
CA PRO Q 313 -35.33 11.96 72.50
C PRO Q 313 -34.48 13.05 71.85
N THR Q 314 -33.37 13.45 72.46
CA THR Q 314 -32.51 14.48 71.90
C THR Q 314 -31.68 13.98 70.72
N GLU Q 315 -31.57 12.65 70.56
CA GLU Q 315 -30.74 12.08 69.51
C GLU Q 315 -31.22 12.52 68.13
N GLU Q 316 -30.26 12.74 67.23
CA GLU Q 316 -30.53 13.23 65.87
C GLU Q 316 -31.11 12.12 64.99
N ILE Q 317 -32.20 11.52 65.45
CA ILE Q 317 -32.88 10.45 64.74
C ILE Q 317 -34.38 10.75 64.68
N PRO Q 318 -35.10 10.26 63.67
CA PRO Q 318 -36.54 10.51 63.61
C PRO Q 318 -37.33 9.85 64.73
N ALA Q 319 -36.87 8.71 65.23
CA ALA Q 319 -37.56 7.96 66.29
C ALA Q 319 -36.61 6.88 66.80
N PRO Q 320 -36.95 6.17 67.89
CA PRO Q 320 -36.09 5.07 68.33
C PRO Q 320 -35.83 4.07 67.21
N LEU Q 321 -34.64 3.48 67.23
CA LEU Q 321 -34.25 2.58 66.16
C LEU Q 321 -35.14 1.35 66.15
N GLY Q 322 -35.64 1.01 64.97
CA GLY Q 322 -36.57 -0.08 64.79
C GLY Q 322 -38.03 0.30 64.89
N THR Q 323 -38.34 1.58 65.06
CA THR Q 323 -39.71 2.03 65.09
C THR Q 323 -40.35 1.82 63.72
N PRO Q 324 -41.56 1.28 63.65
CA PRO Q 324 -42.19 1.03 62.36
C PRO Q 324 -42.19 2.28 61.48
N ASP Q 325 -42.04 2.06 60.17
CA ASP Q 325 -41.90 3.13 59.19
C ASP Q 325 -43.05 3.14 58.21
N PHE Q 326 -44.20 2.65 58.62
CA PHE Q 326 -45.42 2.67 57.81
C PHE Q 326 -46.62 2.88 58.74
N VAL Q 327 -47.73 3.34 58.17
CA VAL Q 327 -48.97 3.51 58.92
C VAL Q 327 -49.82 2.26 58.75
N GLY Q 328 -50.29 1.73 59.86
CA GLY Q 328 -51.07 0.51 59.86
C GLY Q 328 -51.29 0.05 61.27
N LYS Q 329 -52.00 -1.07 61.38
CA LYS Q 329 -52.25 -1.71 62.67
C LYS Q 329 -51.42 -2.99 62.73
N ILE Q 330 -50.44 -3.02 63.62
CA ILE Q 330 -49.55 -4.16 63.78
C ILE Q 330 -49.99 -4.94 65.01
N GLN Q 331 -50.29 -6.21 64.81
CA GLN Q 331 -50.71 -7.09 65.90
C GLN Q 331 -49.57 -7.97 66.35
N GLY Q 332 -49.42 -8.11 67.67
CA GLY Q 332 -48.41 -8.97 68.24
C GLY Q 332 -48.79 -9.44 69.63
N VAL Q 333 -47.82 -9.46 70.54
CA VAL Q 333 -48.02 -9.95 71.90
C VAL Q 333 -47.20 -9.08 72.84
N LEU Q 334 -47.82 -8.61 73.91
CA LEU Q 334 -47.11 -8.00 75.02
C LEU Q 334 -46.73 -9.09 76.02
N THR Q 335 -45.47 -9.09 76.44
CA THR Q 335 -44.97 -10.06 77.41
C THR Q 335 -44.32 -9.30 78.56
N GLN Q 336 -44.47 -9.84 79.77
CA GLN Q 336 -44.06 -9.13 80.97
C GLN Q 336 -43.56 -10.13 82.00
N THR Q 337 -42.57 -9.72 82.77
CA THR Q 337 -41.99 -10.59 83.80
C THR Q 337 -41.75 -9.78 85.07
N THR Q 338 -42.18 -10.35 86.20
CA THR Q 338 -42.04 -9.72 87.51
C THR Q 338 -40.72 -10.11 88.17
N ARG Q 339 -39.97 -9.10 88.61
CA ARG Q 339 -38.60 -9.32 89.09
C ARG Q 339 -38.55 -10.25 90.29
N GLY Q 340 -39.44 -10.06 91.26
CA GLY Q 340 -39.32 -10.78 92.53
C GLY Q 340 -39.61 -12.27 92.43
N ASP Q 341 -40.71 -12.64 91.79
CA ASP Q 341 -41.12 -14.04 91.75
C ASP Q 341 -40.95 -14.70 90.39
N GLY Q 342 -40.77 -13.93 89.32
CA GLY Q 342 -40.68 -14.51 87.99
C GLY Q 342 -42.00 -14.86 87.36
N SER Q 343 -43.10 -14.31 87.84
CA SER Q 343 -44.40 -14.50 87.19
C SER Q 343 -44.39 -13.82 85.84
N THR Q 344 -44.99 -14.47 84.85
CA THR Q 344 -44.96 -13.99 83.47
C THR Q 344 -46.38 -13.93 82.89
N ARG Q 345 -46.63 -12.90 82.09
CA ARG Q 345 -47.92 -12.66 81.48
C ARG Q 345 -47.75 -12.30 80.01
N GLY Q 346 -48.67 -12.79 79.18
CA GLY Q 346 -48.64 -12.53 77.75
C GLY Q 346 -50.03 -12.29 77.21
N HIS Q 347 -50.23 -11.18 76.50
CA HIS Q 347 -51.56 -10.77 76.07
C HIS Q 347 -51.54 -10.26 74.64
N LYS Q 348 -52.48 -10.75 73.84
CA LYS Q 348 -52.74 -10.22 72.50
C LYS Q 348 -52.79 -8.70 72.53
N ALA Q 349 -52.08 -8.06 71.62
CA ALA Q 349 -52.01 -6.60 71.63
C ALA Q 349 -51.86 -6.09 70.20
N THR Q 350 -52.20 -4.82 70.02
CA THR Q 350 -52.24 -4.20 68.70
C THR Q 350 -51.83 -2.75 68.84
N VAL Q 351 -50.97 -2.29 67.93
CA VAL Q 351 -50.54 -0.89 67.88
C VAL Q 351 -50.96 -0.30 66.55
N SER Q 352 -51.62 0.86 66.60
CA SER Q 352 -51.98 1.60 65.40
C SER Q 352 -51.01 2.77 65.26
N THR Q 353 -50.18 2.75 64.21
CA THR Q 353 -49.19 3.79 64.03
C THR Q 353 -49.78 5.06 63.44
N GLY Q 354 -50.97 5.01 62.87
CA GLY Q 354 -51.64 6.21 62.41
C GLY Q 354 -52.42 6.92 63.48
N SER Q 355 -52.56 6.27 64.64
CA SER Q 355 -53.25 6.85 65.78
C SER Q 355 -52.59 8.13 66.26
N VAL Q 356 -53.40 9.04 66.79
CA VAL Q 356 -52.88 10.29 67.32
C VAL Q 356 -52.04 10.04 68.56
N HIS Q 357 -52.18 8.87 69.19
CA HIS Q 357 -51.42 8.50 70.38
C HIS Q 357 -50.16 7.71 70.06
N PHE Q 358 -49.82 7.53 68.78
CA PHE Q 358 -48.54 6.93 68.38
C PHE Q 358 -47.52 8.05 68.29
N THR Q 359 -46.80 8.27 69.38
CA THR Q 359 -45.79 9.34 69.48
C THR Q 359 -44.49 8.77 70.02
N PRO Q 360 -43.80 7.92 69.24
CA PRO Q 360 -42.59 7.29 69.78
C PRO Q 360 -41.42 8.26 69.91
N LYS Q 361 -41.36 9.31 69.09
CA LYS Q 361 -40.31 10.31 69.25
C LYS Q 361 -40.41 11.00 70.61
N LEU Q 362 -41.62 11.17 71.12
CA LEU Q 362 -41.83 11.77 72.42
C LEU Q 362 -41.70 10.76 73.56
N GLY Q 363 -41.79 9.46 73.25
CA GLY Q 363 -41.46 8.45 74.23
C GLY Q 363 -42.63 7.56 74.64
N SER Q 364 -43.77 7.70 73.96
CA SER Q 364 -44.98 6.99 74.36
C SER Q 364 -45.66 6.39 73.13
N VAL Q 365 -46.18 5.17 73.30
CA VAL Q 365 -46.96 4.49 72.29
C VAL Q 365 -48.14 3.84 73.00
N GLN Q 366 -49.25 3.68 72.28
CA GLN Q 366 -50.47 3.15 72.84
C GLN Q 366 -50.83 1.83 72.17
N PHE Q 367 -51.08 0.81 72.98
CA PHE Q 367 -51.53 -0.50 72.52
C PHE Q 367 -52.97 -0.73 72.93
N THR Q 368 -53.68 -1.56 72.15
CA THR Q 368 -54.99 -2.06 72.51
C THR Q 368 -54.86 -3.55 72.82
N THR Q 369 -55.29 -3.95 74.01
CA THR Q 369 -55.01 -5.28 74.54
C THR Q 369 -56.31 -6.06 74.72
N ASP Q 370 -56.17 -7.29 75.21
CA ASP Q 370 -57.28 -8.18 75.52
C ASP Q 370 -57.60 -8.28 77.01
N THR Q 371 -57.11 -7.34 77.81
CA THR Q 371 -57.46 -7.25 79.23
C THR Q 371 -57.39 -5.80 79.69
N ASN Q 372 -58.05 -5.53 80.82
CA ASN Q 372 -57.90 -4.25 81.51
C ASN Q 372 -57.17 -4.40 82.83
N ASN Q 373 -56.76 -5.62 83.19
CA ASN Q 373 -55.86 -5.86 84.30
C ASN Q 373 -54.80 -6.84 83.79
N ASP Q 374 -54.09 -7.47 84.73
CA ASP Q 374 -53.05 -8.46 84.42
C ASP Q 374 -51.89 -7.86 83.61
N LEU Q 375 -51.64 -6.55 83.75
CA LEU Q 375 -50.41 -5.94 83.27
C LEU Q 375 -49.92 -4.97 84.34
N GLU Q 376 -48.87 -5.34 85.06
CA GLU Q 376 -48.41 -4.51 86.15
C GLU Q 376 -47.76 -3.24 85.61
N THR Q 377 -47.75 -2.20 86.45
CA THR Q 377 -47.27 -0.89 86.02
C THR Q 377 -45.77 -0.69 86.22
N GLY Q 378 -45.11 -1.51 87.01
CA GLY Q 378 -43.70 -1.32 87.25
C GLY Q 378 -42.77 -2.26 86.53
N GLN Q 379 -43.30 -3.24 85.81
CA GLN Q 379 -42.48 -4.29 85.21
C GLN Q 379 -42.13 -3.97 83.76
N ASN Q 380 -41.01 -4.52 83.30
CA ASN Q 380 -40.60 -4.35 81.92
C ASN Q 380 -41.48 -5.19 81.00
N THR Q 381 -41.90 -4.59 79.89
CA THR Q 381 -42.84 -5.20 78.97
C THR Q 381 -42.33 -5.06 77.54
N LYS Q 382 -42.46 -6.13 76.77
CA LYS Q 382 -41.93 -6.22 75.42
C LYS Q 382 -43.06 -6.52 74.45
N PHE Q 383 -43.14 -5.74 73.38
CA PHE Q 383 -44.06 -6.03 72.29
C PHE Q 383 -43.34 -6.83 71.21
N THR Q 384 -43.75 -8.08 71.03
CA THR Q 384 -43.23 -8.91 69.96
C THR Q 384 -44.19 -8.87 68.79
N PRO Q 385 -43.81 -8.31 67.64
CA PRO Q 385 -44.74 -8.22 66.52
C PRO Q 385 -44.92 -9.56 65.83
N VAL Q 386 -46.08 -9.72 65.19
CA VAL Q 386 -46.43 -10.96 64.52
C VAL Q 386 -46.92 -10.68 63.11
N GLY Q 387 -47.81 -9.70 62.97
CA GLY Q 387 -48.42 -9.45 61.68
C GLY Q 387 -49.19 -8.15 61.67
N VAL Q 388 -49.90 -7.95 60.56
CA VAL Q 388 -50.66 -6.73 60.31
C VAL Q 388 -52.13 -7.10 60.14
N VAL Q 389 -53.02 -6.14 60.43
CA VAL Q 389 -54.46 -6.35 60.38
C VAL Q 389 -55.12 -5.22 59.63
N GLN Q 390 -56.38 -5.47 59.23
CA GLN Q 390 -57.18 -4.54 58.45
C GLN Q 390 -58.62 -4.55 58.95
N ASP Q 391 -59.22 -3.36 59.02
CA ASP Q 391 -60.63 -3.24 59.39
C ASP Q 391 -61.50 -3.69 58.22
N GLY Q 392 -62.21 -4.80 58.40
CA GLY Q 392 -62.90 -5.50 57.32
C GLY Q 392 -64.07 -4.78 56.70
N ASN Q 393 -64.58 -3.72 57.35
CA ASN Q 393 -65.74 -3.00 56.83
C ASN Q 393 -65.37 -1.96 55.78
N SER Q 394 -64.11 -1.54 55.72
CA SER Q 394 -63.66 -0.60 54.71
C SER Q 394 -63.07 -1.35 53.51
N ALA Q 395 -62.54 -0.59 52.56
CA ALA Q 395 -62.06 -1.13 51.30
C ALA Q 395 -60.99 -2.19 51.53
N HIS Q 396 -61.08 -3.28 50.77
CA HIS Q 396 -60.11 -4.37 50.91
C HIS Q 396 -58.72 -3.92 50.49
N GLN Q 397 -57.72 -4.29 51.29
CA GLN Q 397 -56.31 -3.99 51.01
C GLN Q 397 -56.01 -2.49 51.08
N ASN Q 398 -56.54 -1.81 52.09
CA ASN Q 398 -56.37 -0.37 52.20
C ASN Q 398 -55.74 0.09 53.51
N GLU Q 399 -55.55 -0.79 54.48
CA GLU Q 399 -55.17 -0.33 55.82
C GLU Q 399 -53.64 -0.14 55.91
N PRO Q 400 -52.81 -1.16 55.62
CA PRO Q 400 -51.36 -0.96 55.78
C PRO Q 400 -50.74 -0.25 54.59
N GLN Q 401 -50.44 1.04 54.73
CA GLN Q 401 -49.84 1.85 53.67
C GLN Q 401 -48.33 1.92 53.89
N GLN Q 402 -47.57 1.05 53.20
CA GLN Q 402 -46.15 0.91 53.54
C GLN Q 402 -45.36 2.18 53.22
N TRP Q 403 -45.78 2.95 52.22
CA TRP Q 403 -45.02 4.11 51.78
C TRP Q 403 -45.57 5.41 52.35
N VAL Q 404 -46.38 5.33 53.40
CA VAL Q 404 -46.84 6.51 54.14
C VAL Q 404 -46.17 6.49 55.50
N LEU Q 405 -45.37 7.52 55.77
CA LEU Q 405 -44.67 7.53 57.04
C LEU Q 405 -45.61 7.95 58.17
N PRO Q 406 -45.57 7.27 59.31
CA PRO Q 406 -46.31 7.74 60.49
C PRO Q 406 -45.75 9.07 60.96
N ASN Q 407 -46.52 9.73 61.84
CA ASN Q 407 -46.07 10.97 62.46
C ASN Q 407 -45.40 10.61 63.78
N TYR Q 408 -44.06 10.61 63.78
CA TYR Q 408 -43.31 10.05 64.89
C TYR Q 408 -43.52 10.85 66.17
N SER Q 409 -43.91 12.11 66.07
CA SER Q 409 -44.24 12.93 67.22
C SER Q 409 -45.73 13.22 67.32
N GLY Q 410 -46.57 12.39 66.70
CA GLY Q 410 -48.00 12.61 66.62
C GLY Q 410 -48.35 14.01 66.18
N ARG Q 411 -49.45 14.52 66.75
CA ARG Q 411 -49.94 15.84 66.37
C ARG Q 411 -48.98 16.96 66.76
N THR Q 412 -48.06 16.72 67.69
CA THR Q 412 -47.09 17.74 68.08
C THR Q 412 -45.95 17.78 67.06
N GLY Q 413 -45.71 18.95 66.48
CA GLY Q 413 -44.60 19.13 65.54
C GLY Q 413 -44.63 18.18 64.34
N HIS Q 414 -43.53 18.19 63.60
CA HIS Q 414 -43.38 17.41 62.39
C HIS Q 414 -42.22 16.41 62.52
N ASN Q 415 -42.17 15.48 61.57
CA ASN Q 415 -41.08 14.51 61.52
C ASN Q 415 -39.76 15.19 61.18
N VAL Q 416 -38.68 14.72 61.81
CA VAL Q 416 -37.36 15.33 61.65
C VAL Q 416 -36.35 14.24 61.33
N HIS Q 417 -35.15 14.69 60.91
CA HIS Q 417 -33.99 13.84 60.66
C HIS Q 417 -34.35 12.59 59.86
N LEU Q 418 -35.17 12.78 58.83
CA LEU Q 418 -35.60 11.66 58.00
C LEU Q 418 -34.52 11.30 56.99
N ALA Q 419 -34.44 10.01 56.65
CA ALA Q 419 -33.65 9.59 55.51
C ALA Q 419 -34.32 10.07 54.22
N PRO Q 420 -33.55 10.46 53.21
CA PRO Q 420 -34.15 11.10 52.02
C PRO Q 420 -35.07 10.14 51.29
N ALA Q 421 -35.95 10.72 50.48
CA ALA Q 421 -36.77 9.91 49.60
C ALA Q 421 -35.93 9.38 48.45
N VAL Q 422 -36.48 8.41 47.73
CA VAL Q 422 -35.73 7.59 46.80
C VAL Q 422 -36.55 7.44 45.52
N ALA Q 423 -35.92 7.68 44.38
CA ALA Q 423 -36.61 7.58 43.09
C ALA Q 423 -35.58 7.33 42.01
N PRO Q 424 -35.96 6.65 40.93
CA PRO Q 424 -35.06 6.54 39.77
C PRO Q 424 -34.83 7.89 39.12
N THR Q 425 -33.59 8.11 38.67
CA THR Q 425 -33.19 9.37 38.06
C THR Q 425 -32.81 9.22 36.59
N PHE Q 426 -32.58 8.01 36.10
CA PHE Q 426 -32.15 7.72 34.74
C PHE Q 426 -33.33 7.24 33.90
N PRO Q 427 -33.43 7.73 32.66
CA PRO Q 427 -34.53 7.32 31.78
C PRO Q 427 -34.65 5.80 31.65
N GLY Q 428 -35.87 5.30 31.82
CA GLY Q 428 -36.15 3.90 31.63
C GLY Q 428 -35.97 3.04 32.87
N GLU Q 429 -35.60 3.64 34.00
CA GLU Q 429 -35.21 2.92 35.20
C GLU Q 429 -36.30 2.99 36.26
N GLN Q 430 -36.46 1.90 37.00
CA GLN Q 430 -37.35 1.84 38.16
C GLN Q 430 -36.59 1.29 39.36
N LEU Q 431 -37.11 1.59 40.54
CA LEU Q 431 -36.57 1.00 41.77
C LEU Q 431 -36.66 -0.52 41.71
N LEU Q 432 -35.71 -1.19 42.36
CA LEU Q 432 -35.78 -2.62 42.59
C LEU Q 432 -35.98 -2.87 44.07
N PHE Q 433 -37.07 -3.52 44.42
CA PHE Q 433 -37.46 -3.74 45.80
C PHE Q 433 -37.23 -5.19 46.18
N PHE Q 434 -36.85 -5.41 47.43
CA PHE Q 434 -36.77 -6.75 47.99
C PHE Q 434 -38.08 -6.98 48.75
N ARG Q 435 -38.91 -7.89 48.23
CA ARG Q 435 -40.30 -8.00 48.66
C ARG Q 435 -40.50 -9.16 49.61
N SER Q 436 -41.22 -8.88 50.68
CA SER Q 436 -41.60 -9.86 51.68
C SER Q 436 -43.10 -9.74 51.87
N THR Q 437 -43.75 -10.81 52.32
CA THR Q 437 -45.20 -10.80 52.50
C THR Q 437 -45.52 -10.98 53.98
N MET Q 438 -46.16 -9.94 54.56
CA MET Q 438 -46.40 -9.91 56.00
C MET Q 438 -47.55 -10.83 56.36
N PRO Q 439 -47.45 -11.56 57.47
CA PRO Q 439 -48.59 -12.35 57.93
C PRO Q 439 -49.77 -11.44 58.25
N GLY Q 440 -50.96 -11.88 57.84
CA GLY Q 440 -52.20 -11.24 58.26
C GLY Q 440 -52.81 -11.96 59.44
N CYS Q 441 -53.35 -11.17 60.38
CA CYS Q 441 -53.94 -11.71 61.59
C CYS Q 441 -55.46 -11.65 61.60
N SER Q 442 -56.05 -10.71 60.85
CA SER Q 442 -57.47 -10.45 60.85
C SER Q 442 -57.76 -9.40 59.79
N GLY Q 443 -58.90 -9.54 59.12
CA GLY Q 443 -59.28 -8.57 58.11
C GLY Q 443 -58.76 -8.92 56.73
N TYR Q 444 -58.58 -7.90 55.88
CA TYR Q 444 -58.05 -8.06 54.53
C TYR Q 444 -56.91 -7.08 54.32
N PRO Q 445 -55.75 -7.32 54.95
CA PRO Q 445 -54.67 -6.34 54.90
C PRO Q 445 -53.84 -6.43 53.63
N ASN Q 446 -53.23 -5.30 53.29
CA ASN Q 446 -52.30 -5.22 52.17
C ASN Q 446 -50.94 -5.74 52.65
N MET Q 447 -50.63 -6.99 52.35
CA MET Q 447 -49.58 -7.73 53.03
C MET Q 447 -48.21 -7.55 52.38
N ASN Q 448 -48.10 -6.77 51.31
CA ASN Q 448 -46.84 -6.59 50.61
C ASN Q 448 -45.95 -5.62 51.37
N LEU Q 449 -44.70 -6.01 51.63
CA LEU Q 449 -43.71 -5.13 52.27
C LEU Q 449 -42.42 -5.15 51.47
N ASP Q 450 -42.05 -3.99 50.91
CA ASP Q 450 -40.84 -3.82 50.11
C ASP Q 450 -39.81 -3.01 50.89
N CYS Q 451 -38.56 -3.48 50.91
CA CYS Q 451 -37.46 -2.69 51.43
C CYS Q 451 -36.40 -2.45 50.36
N LEU Q 452 -35.59 -1.42 50.58
CA LEU Q 452 -34.58 -1.04 49.59
C LEU Q 452 -33.34 -1.91 49.70
N LEU Q 453 -33.05 -2.43 50.89
CA LEU Q 453 -31.89 -3.29 51.13
C LEU Q 453 -32.28 -4.41 52.09
N PRO Q 454 -31.90 -5.66 51.80
CA PRO Q 454 -32.09 -6.72 52.79
C PRO Q 454 -31.31 -6.39 54.06
N GLN Q 455 -31.79 -6.93 55.18
CA GLN Q 455 -31.14 -6.62 56.46
C GLN Q 455 -29.71 -7.12 56.50
N GLU Q 456 -29.44 -8.28 55.89
CA GLU Q 456 -28.08 -8.80 55.87
C GLU Q 456 -27.13 -7.90 55.11
N TRP Q 457 -27.63 -7.18 54.09
CA TRP Q 457 -26.80 -6.18 53.42
C TRP Q 457 -26.50 -5.00 54.33
N VAL Q 458 -27.47 -4.60 55.16
CA VAL Q 458 -27.21 -3.55 56.15
C VAL Q 458 -26.11 -4.00 57.10
N LEU Q 459 -26.21 -5.23 57.60
CA LEU Q 459 -25.16 -5.78 58.45
C LEU Q 459 -23.81 -5.73 57.75
N HIS Q 460 -23.76 -6.18 56.50
CA HIS Q 460 -22.48 -6.28 55.80
C HIS Q 460 -21.87 -4.91 55.54
N PHE Q 461 -22.65 -3.98 54.98
CA PHE Q 461 -22.13 -2.65 54.70
C PHE Q 461 -21.65 -1.97 55.98
N TYR Q 462 -22.37 -2.19 57.08
CA TYR Q 462 -21.99 -1.56 58.35
C TYR Q 462 -20.62 -2.03 58.80
N GLN Q 463 -20.35 -3.34 58.74
CA GLN Q 463 -19.11 -3.86 59.28
C GLN Q 463 -17.92 -3.53 58.38
N GLU Q 464 -18.07 -3.71 57.07
CA GLU Q 464 -16.97 -3.42 56.15
C GLU Q 464 -17.15 -1.98 55.64
N ALA Q 465 -16.53 -1.02 56.32
CA ALA Q 465 -16.78 0.38 56.01
C ALA Q 465 -15.97 0.79 54.77
N ALA Q 466 -16.24 0.09 53.67
CA ALA Q 466 -15.47 0.24 52.44
C ALA Q 466 -15.87 1.54 51.73
N PRO Q 467 -14.93 2.45 51.49
CA PRO Q 467 -15.26 3.68 50.75
C PRO Q 467 -15.74 3.37 49.35
N ALA Q 468 -16.76 4.12 48.92
CA ALA Q 468 -17.30 3.97 47.56
C ALA Q 468 -16.39 4.67 46.56
N GLN Q 469 -15.94 3.92 45.55
CA GLN Q 469 -15.05 4.49 44.54
C GLN Q 469 -15.81 5.36 43.56
N SER Q 470 -17.13 5.24 43.53
CA SER Q 470 -17.99 6.11 42.73
C SER Q 470 -19.39 6.01 43.32
N ASP Q 471 -20.32 6.73 42.72
CA ASP Q 471 -21.65 6.84 43.31
C ASP Q 471 -22.54 5.64 43.04
N VAL Q 472 -22.18 4.76 42.10
CA VAL Q 472 -23.03 3.64 41.72
C VAL Q 472 -22.16 2.39 41.59
N ALA Q 473 -22.59 1.30 42.21
CA ALA Q 473 -21.95 0.00 42.05
C ALA Q 473 -22.79 -0.87 41.13
N LEU Q 474 -22.20 -1.30 40.00
CA LEU Q 474 -22.88 -2.16 39.05
C LEU Q 474 -22.90 -3.60 39.56
N LEU Q 475 -24.10 -4.16 39.71
CA LEU Q 475 -24.26 -5.55 40.11
C LEU Q 475 -24.91 -6.32 38.96
N ARG Q 476 -24.48 -7.57 38.79
CA ARG Q 476 -25.14 -8.51 37.88
C ARG Q 476 -25.65 -9.70 38.67
N PHE Q 477 -26.88 -10.12 38.38
CA PHE Q 477 -27.52 -11.23 39.08
C PHE Q 477 -27.32 -12.50 38.25
N VAL Q 478 -26.71 -13.51 38.86
CA VAL Q 478 -26.19 -14.66 38.14
C VAL Q 478 -26.88 -15.93 38.61
N ASN Q 479 -27.18 -16.82 37.66
CA ASN Q 479 -27.63 -18.17 37.98
C ASN Q 479 -26.42 -19.08 38.00
N PRO Q 480 -25.95 -19.52 39.17
CA PRO Q 480 -24.70 -20.30 39.21
C PRO Q 480 -24.82 -21.67 38.58
N ASP Q 481 -26.03 -22.22 38.46
CA ASP Q 481 -26.19 -23.49 37.76
C ASP Q 481 -25.88 -23.33 36.27
N THR Q 482 -26.47 -22.32 35.64
CA THR Q 482 -26.32 -22.11 34.21
C THR Q 482 -25.16 -21.18 33.85
N GLY Q 483 -24.64 -20.43 34.81
CA GLY Q 483 -23.60 -19.45 34.54
C GLY Q 483 -24.06 -18.16 33.88
N ARG Q 484 -25.35 -18.01 33.61
CA ARG Q 484 -25.86 -16.89 32.84
C ARG Q 484 -26.30 -15.74 33.73
N VAL Q 485 -26.13 -14.53 33.21
CA VAL Q 485 -26.57 -13.30 33.90
C VAL Q 485 -28.05 -13.07 33.60
N LEU Q 486 -28.84 -12.90 34.66
CA LEU Q 486 -30.29 -12.76 34.50
C LEU Q 486 -30.68 -11.30 34.27
N PHE Q 487 -30.12 -10.39 35.06
CA PHE Q 487 -30.30 -8.97 34.85
C PHE Q 487 -29.13 -8.25 35.51
N GLU Q 488 -28.95 -6.99 35.15
CA GLU Q 488 -27.98 -6.14 35.84
C GLU Q 488 -28.70 -4.97 36.50
N CYS Q 489 -28.13 -4.48 37.58
CA CYS Q 489 -28.76 -3.41 38.36
C CYS Q 489 -27.69 -2.49 38.91
N LYS Q 490 -28.13 -1.30 39.35
CA LYS Q 490 -27.27 -0.28 39.91
C LYS Q 490 -27.54 -0.16 41.41
N LEU Q 491 -26.52 -0.44 42.23
CA LEU Q 491 -26.60 -0.24 43.67
C LEU Q 491 -25.99 1.12 44.01
N HIS Q 492 -26.83 2.05 44.46
CA HIS Q 492 -26.42 3.41 44.76
C HIS Q 492 -25.85 3.52 46.18
N LYS Q 493 -24.92 4.47 46.38
CA LYS Q 493 -24.34 4.64 47.72
C LYS Q 493 -25.42 4.92 48.74
N SER Q 494 -26.47 5.66 48.36
CA SER Q 494 -27.55 5.99 49.28
C SER Q 494 -28.28 4.76 49.81
N GLY Q 495 -27.96 3.56 49.32
CA GLY Q 495 -28.60 2.35 49.78
C GLY Q 495 -29.91 2.01 49.14
N TYR Q 496 -29.95 1.98 47.81
CA TYR Q 496 -31.12 1.51 47.09
C TYR Q 496 -30.69 1.01 45.71
N VAL Q 497 -31.51 0.16 45.13
CA VAL Q 497 -31.18 -0.50 43.88
C VAL Q 497 -32.17 -0.06 42.80
N THR Q 498 -31.68 0.00 41.56
CA THR Q 498 -32.47 0.36 40.41
C THR Q 498 -32.25 -0.65 39.30
N VAL Q 499 -33.24 -0.80 38.42
CA VAL Q 499 -33.14 -1.71 37.28
C VAL Q 499 -33.73 -1.03 36.05
N ALA Q 500 -33.43 -1.60 34.88
CA ALA Q 500 -33.92 -1.07 33.60
C ALA Q 500 -35.18 -1.85 33.21
N HIS Q 501 -36.34 -1.26 33.52
CA HIS Q 501 -37.61 -1.88 33.21
C HIS Q 501 -38.70 -0.82 33.32
N THR Q 502 -39.82 -1.09 32.66
CA THR Q 502 -40.98 -0.22 32.69
C THR Q 502 -42.21 -1.05 33.00
N GLY Q 503 -42.95 -0.65 34.04
CA GLY Q 503 -44.11 -1.39 34.48
C GLY Q 503 -43.85 -2.24 35.71
N PRO Q 504 -44.92 -2.64 36.40
CA PRO Q 504 -44.76 -3.55 37.53
C PRO Q 504 -44.43 -4.95 37.06
N HIS Q 505 -43.64 -5.65 37.89
CA HIS Q 505 -43.19 -7.00 37.54
C HIS Q 505 -42.58 -7.70 38.75
N ASP Q 506 -43.08 -8.89 39.07
CA ASP Q 506 -42.40 -9.78 40.00
C ASP Q 506 -41.35 -10.57 39.24
N LEU Q 507 -40.11 -10.55 39.73
CA LEU Q 507 -39.03 -11.14 38.97
C LEU Q 507 -39.08 -12.66 39.04
N VAL Q 508 -38.80 -13.31 37.92
CA VAL Q 508 -38.75 -14.76 37.81
C VAL Q 508 -37.29 -15.15 38.02
N ILE Q 509 -36.95 -15.66 39.20
CA ILE Q 509 -35.58 -15.79 39.64
C ILE Q 509 -35.30 -17.24 40.00
N PRO Q 510 -34.19 -17.81 39.53
CA PRO Q 510 -33.77 -19.14 40.01
C PRO Q 510 -33.47 -19.12 41.49
N PRO Q 511 -33.86 -20.17 42.23
CA PRO Q 511 -33.65 -20.16 43.67
C PRO Q 511 -32.20 -20.01 44.11
N ASN Q 512 -31.23 -20.26 43.22
CA ASN Q 512 -29.81 -20.19 43.55
C ASN Q 512 -29.17 -18.87 43.13
N GLY Q 513 -29.93 -17.90 42.64
CA GLY Q 513 -29.34 -16.69 42.12
C GLY Q 513 -28.72 -15.83 43.21
N TYR Q 514 -27.63 -15.16 42.84
CA TYR Q 514 -26.89 -14.27 43.73
C TYR Q 514 -26.50 -13.01 42.98
N PHE Q 515 -26.21 -11.95 43.74
CA PHE Q 515 -25.72 -10.70 43.18
C PHE Q 515 -24.19 -10.73 43.10
N ARG Q 516 -23.64 -10.32 41.97
CA ARG Q 516 -22.20 -10.31 41.75
C ARG Q 516 -21.76 -8.90 41.40
N PHE Q 517 -20.81 -8.36 42.16
CA PHE Q 517 -20.32 -7.01 41.95
C PHE Q 517 -19.27 -7.04 40.82
N ASP Q 518 -19.51 -6.24 39.78
CA ASP Q 518 -18.70 -6.29 38.57
C ASP Q 518 -17.89 -5.04 38.29
N SER Q 519 -18.37 -3.86 38.68
CA SER Q 519 -17.67 -2.63 38.34
C SER Q 519 -18.30 -1.45 39.06
N TRP Q 520 -17.48 -0.45 39.36
CA TRP Q 520 -17.98 0.87 39.72
C TRP Q 520 -18.38 1.64 38.47
N VAL Q 521 -19.53 2.32 38.54
CA VAL Q 521 -20.05 3.15 37.46
C VAL Q 521 -20.62 4.43 38.09
N ASN Q 522 -21.07 5.34 37.25
CA ASN Q 522 -21.77 6.52 37.74
C ASN Q 522 -23.25 6.46 37.35
N GLN Q 523 -23.97 7.53 37.70
CA GLN Q 523 -25.41 7.56 37.51
C GLN Q 523 -25.82 7.55 36.03
N PHE Q 524 -24.88 7.77 35.12
CA PHE Q 524 -25.16 7.79 33.69
C PHE Q 524 -24.99 6.43 33.02
N TYR Q 525 -24.62 5.40 33.78
CA TYR Q 525 -24.50 4.07 33.21
C TYR Q 525 -25.85 3.59 32.73
N THR Q 526 -25.86 3.00 31.53
CA THR Q 526 -27.10 2.52 30.92
C THR Q 526 -27.20 1.02 31.08
N LEU Q 527 -28.23 0.57 31.79
CA LEU Q 527 -28.38 -0.84 32.13
C LEU Q 527 -29.04 -1.60 31.00
N ALA Q 528 -28.65 -2.85 30.84
CA ALA Q 528 -29.28 -3.69 29.83
C ALA Q 528 -30.73 -3.96 30.23
N PRO Q 529 -31.68 -3.86 29.28
CA PRO Q 529 -33.08 -4.03 29.64
C PRO Q 529 -33.36 -5.46 30.07
N MET Q 530 -34.08 -5.60 31.19
CA MET Q 530 -34.38 -6.92 31.74
C MET Q 530 -35.75 -7.44 31.35
N GLY Q 531 -36.72 -6.55 31.14
CA GLY Q 531 -38.11 -6.91 31.35
C GLY Q 531 -38.62 -7.93 30.34
N ASN Q 532 -39.18 -9.03 30.86
CA ASN Q 532 -39.83 -10.05 30.05
C ASN Q 532 -38.86 -10.71 29.08
N VAL R 22 22.77 44.53 60.96
CA VAL R 22 23.91 44.53 60.03
C VAL R 22 24.13 45.96 59.51
N ASN R 23 23.03 46.67 59.29
CA ASN R 23 23.01 48.00 58.68
C ASN R 23 23.83 48.03 57.39
N ASN R 24 23.63 47.04 56.54
CA ASN R 24 24.04 47.12 55.14
C ASN R 24 22.91 46.58 54.27
N GLU R 25 23.01 46.84 52.97
CA GLU R 25 21.87 46.62 52.08
C GLU R 25 21.63 45.16 51.73
N VAL R 26 22.36 44.22 52.34
CA VAL R 26 22.30 42.81 51.99
C VAL R 26 21.50 42.06 53.04
N MET R 27 20.54 41.26 52.59
CA MET R 27 19.67 40.49 53.46
C MET R 27 20.18 39.05 53.56
N ALA R 28 20.39 38.58 54.78
CA ALA R 28 21.15 37.34 55.02
C ALA R 28 20.27 36.12 54.77
N LEU R 29 19.94 35.94 53.50
CA LEU R 29 19.15 34.80 53.04
C LEU R 29 19.95 33.98 52.05
N GLU R 30 19.83 32.65 52.13
CA GLU R 30 20.39 31.80 51.10
C GLU R 30 19.55 31.95 49.84
N PRO R 31 20.10 31.61 48.68
CA PRO R 31 19.25 31.54 47.49
C PRO R 31 18.19 30.47 47.67
N VAL R 32 17.03 30.71 47.07
CA VAL R 32 15.89 29.81 47.22
C VAL R 32 15.33 29.54 45.84
N VAL R 33 15.23 28.26 45.48
CA VAL R 33 14.78 27.90 44.15
C VAL R 33 13.28 28.13 44.03
N GLY R 34 12.84 28.57 42.86
CA GLY R 34 11.44 28.75 42.58
C GLY R 34 10.87 27.52 41.89
N ALA R 35 10.29 27.72 40.70
CA ALA R 35 9.52 26.68 40.03
C ALA R 35 10.39 25.63 39.34
N ALA R 36 11.72 25.86 39.27
CA ALA R 36 12.60 24.88 38.65
C ALA R 36 12.54 23.53 39.36
N ILE R 37 12.51 23.51 40.69
CA ILE R 37 12.36 22.24 41.40
C ILE R 37 11.05 21.55 41.07
N ALA R 38 10.03 22.30 40.66
CA ALA R 38 8.74 21.67 40.43
C ALA R 38 8.67 20.99 39.08
N ALA R 39 9.67 21.18 38.22
CA ALA R 39 9.58 20.69 36.85
C ALA R 39 9.33 19.18 36.79
N PRO R 40 10.07 18.34 37.53
CA PRO R 40 9.80 16.89 37.45
C PRO R 40 8.44 16.48 37.96
N VAL R 41 7.77 17.31 38.77
CA VAL R 41 6.50 16.95 39.35
C VAL R 41 5.36 17.87 38.92
N ALA R 42 5.63 18.96 38.22
CA ALA R 42 4.54 19.73 37.66
C ALA R 42 4.07 19.12 36.35
N GLY R 43 2.80 19.36 36.04
CA GLY R 43 2.23 18.87 34.80
C GLY R 43 2.73 19.58 33.56
N GLN R 44 3.12 20.85 33.70
CA GLN R 44 3.32 21.69 32.53
C GLN R 44 4.35 22.79 32.81
N GLN R 45 4.85 23.38 31.72
CA GLN R 45 5.83 24.47 31.77
C GLN R 45 5.19 25.73 31.19
N ASN R 46 5.21 26.82 31.95
CA ASN R 46 4.55 28.04 31.50
C ASN R 46 5.50 29.23 31.46
N VAL R 47 4.99 30.32 30.89
CA VAL R 47 5.76 31.53 30.60
C VAL R 47 4.91 32.73 31.00
N ILE R 48 5.56 33.72 31.61
CA ILE R 48 4.95 34.99 32.00
C ILE R 48 5.46 36.06 31.06
N ASP R 49 4.57 36.98 30.66
CA ASP R 49 4.93 38.07 29.77
C ASP R 49 6.14 38.82 30.34
N PRO R 50 7.26 38.87 29.61
CA PRO R 50 8.49 39.44 30.19
C PRO R 50 8.37 40.87 30.69
N TRP R 51 7.46 41.68 30.15
CA TRP R 51 7.31 43.04 30.66
C TRP R 51 6.90 43.03 32.13
N ILE R 52 6.05 42.07 32.52
CA ILE R 52 5.65 41.94 33.92
C ILE R 52 6.85 41.66 34.80
N ARG R 53 7.85 40.94 34.29
CA ARG R 53 9.01 40.59 35.09
C ARG R 53 10.00 41.73 35.25
N ASN R 54 10.00 42.70 34.34
CA ASN R 54 11.00 43.76 34.34
C ASN R 54 10.50 45.09 34.88
N ASN R 55 9.26 45.15 35.38
CA ASN R 55 8.67 46.43 35.79
C ASN R 55 8.06 46.30 37.16
N PHE R 56 8.53 47.14 38.09
CA PHE R 56 7.98 47.18 39.44
C PHE R 56 6.57 47.76 39.43
N VAL R 57 5.71 47.19 40.28
CA VAL R 57 4.32 47.60 40.37
C VAL R 57 3.95 47.74 41.85
N GLN R 58 3.21 48.79 42.18
CA GLN R 58 2.90 49.07 43.58
C GLN R 58 1.86 48.09 44.10
N ALA R 59 2.14 47.51 45.26
CA ALA R 59 1.14 46.68 45.91
C ALA R 59 -0.06 47.56 46.25
N PRO R 60 -1.30 47.05 46.13
CA PRO R 60 -2.47 47.92 46.34
C PRO R 60 -2.52 48.54 47.72
N GLY R 61 -1.86 47.95 48.71
CA GLY R 61 -1.73 48.58 50.00
C GLY R 61 -0.28 48.68 50.41
N GLY R 62 0.56 49.13 49.48
CA GLY R 62 2.00 49.15 49.67
C GLY R 62 2.46 50.55 49.96
N GLU R 63 1.73 51.23 50.83
CA GLU R 63 2.08 52.56 51.32
C GLU R 63 2.11 52.55 52.84
N PHE R 64 3.10 53.24 53.41
CA PHE R 64 3.11 53.50 54.84
C PHE R 64 3.87 54.79 55.09
N THR R 65 3.76 55.29 56.32
CA THR R 65 4.27 56.59 56.68
C THR R 65 5.05 56.51 57.98
N VAL R 66 6.16 57.23 58.03
CA VAL R 66 6.96 57.40 59.23
C VAL R 66 6.71 58.81 59.75
N SER R 67 6.20 58.90 60.96
CA SER R 67 5.84 60.16 61.61
C SER R 67 6.55 60.24 62.94
N PRO R 68 6.70 61.45 63.50
CA PRO R 68 7.37 61.57 64.81
C PRO R 68 6.56 60.97 65.95
N ARG R 69 5.28 60.68 65.75
CA ARG R 69 4.50 59.95 66.72
C ARG R 69 4.95 58.49 66.84
N ASN R 70 5.64 57.97 65.83
CA ASN R 70 5.98 56.56 65.82
C ASN R 70 7.08 56.25 66.82
N ALA R 71 7.01 55.07 67.42
CA ALA R 71 7.94 54.62 68.45
C ALA R 71 8.58 53.30 68.04
N PRO R 72 9.77 53.01 68.55
CA PRO R 72 10.45 51.75 68.19
C PRO R 72 9.58 50.54 68.51
N GLY R 73 9.56 49.59 67.59
CA GLY R 73 8.76 48.40 67.70
C GLY R 73 7.47 48.42 66.90
N GLU R 74 6.97 49.59 66.54
CA GLU R 74 5.71 49.67 65.80
C GLU R 74 5.91 49.13 64.39
N ILE R 75 5.05 48.19 64.00
CA ILE R 75 5.09 47.62 62.65
C ILE R 75 4.34 48.56 61.70
N LEU R 76 5.10 49.22 60.83
CA LEU R 76 4.50 50.19 59.90
C LEU R 76 3.84 49.52 58.69
N TRP R 77 4.30 48.34 58.29
CA TRP R 77 3.77 47.71 57.09
C TRP R 77 4.17 46.25 57.06
N SER R 78 3.32 45.43 56.46
CA SER R 78 3.64 44.01 56.30
C SER R 78 2.83 43.43 55.15
N ALA R 79 3.35 42.35 54.58
CA ALA R 79 2.69 41.63 53.49
C ALA R 79 3.26 40.24 53.39
N PRO R 80 2.46 39.22 53.08
CA PRO R 80 3.00 37.90 52.76
C PRO R 80 3.25 37.73 51.26
N LEU R 81 4.29 36.96 50.95
CA LEU R 81 4.61 36.68 49.56
C LEU R 81 3.47 35.94 48.88
N GLY R 82 3.15 36.38 47.66
CA GLY R 82 2.09 35.77 46.90
C GLY R 82 1.63 36.66 45.76
N PRO R 83 0.82 36.10 44.86
CA PRO R 83 0.38 36.88 43.69
C PRO R 83 -0.44 38.11 44.03
N ASP R 84 -1.02 38.19 45.22
CA ASP R 84 -1.85 39.34 45.56
C ASP R 84 -1.07 40.63 45.74
N LEU R 85 0.27 40.57 45.78
CA LEU R 85 1.08 41.77 45.84
C LEU R 85 1.21 42.47 44.50
N ASN R 86 0.71 41.87 43.43
CA ASN R 86 0.97 42.34 42.09
C ASN R 86 -0.28 42.16 41.24
N PRO R 87 -0.93 43.24 40.82
CA PRO R 87 -2.23 43.10 40.13
C PRO R 87 -2.13 42.33 38.83
N TYR R 88 -0.98 42.36 38.16
CA TYR R 88 -0.80 41.56 36.96
C TYR R 88 -0.77 40.07 37.29
N LEU R 89 0.09 39.67 38.25
CA LEU R 89 0.15 38.27 38.64
C LEU R 89 -1.17 37.80 39.25
N SER R 90 -1.87 38.69 39.95
CA SER R 90 -3.15 38.33 40.56
C SER R 90 -4.16 37.95 39.49
N HIS R 91 -4.21 38.73 38.41
CA HIS R 91 -5.11 38.43 37.30
C HIS R 91 -4.67 37.17 36.56
N LEU R 92 -3.35 36.99 36.40
CA LEU R 92 -2.85 35.76 35.79
C LEU R 92 -3.21 34.53 36.61
N ALA R 93 -3.14 34.64 37.94
CA ALA R 93 -3.38 33.48 38.79
C ALA R 93 -4.79 32.92 38.65
N ARG R 94 -5.75 33.75 38.23
CA ARG R 94 -7.11 33.31 38.00
C ARG R 94 -7.23 32.30 36.86
N MET R 95 -6.16 32.06 36.10
CA MET R 95 -6.17 31.08 35.01
C MET R 95 -5.14 29.98 35.22
N TYR R 96 -4.45 29.95 36.36
CA TYR R 96 -3.42 28.96 36.65
C TYR R 96 -3.76 28.23 37.94
N ASN R 97 -3.20 27.03 38.08
CA ASN R 97 -3.49 26.18 39.23
C ASN R 97 -2.52 26.36 40.38
N GLY R 98 -1.28 26.77 40.10
CA GLY R 98 -0.33 26.95 41.17
C GLY R 98 0.81 27.86 40.76
N TYR R 99 1.77 28.01 41.66
CA TYR R 99 2.90 28.89 41.44
C TYR R 99 4.03 28.49 42.39
N ALA R 100 5.20 29.04 42.14
CA ALA R 100 6.34 28.92 43.03
C ALA R 100 7.37 29.96 42.62
N GLY R 101 8.10 30.47 43.61
CA GLY R 101 9.14 31.44 43.37
C GLY R 101 8.89 32.73 44.11
N GLY R 102 9.91 33.59 44.07
CA GLY R 102 9.98 34.76 44.90
C GLY R 102 9.84 36.04 44.10
N PHE R 103 9.89 37.16 44.83
CA PHE R 103 9.73 38.48 44.26
C PHE R 103 10.94 39.32 44.60
N GLU R 104 11.12 40.39 43.84
CA GLU R 104 12.01 41.48 44.20
C GLU R 104 11.14 42.64 44.64
N VAL R 105 11.41 43.17 45.82
CA VAL R 105 10.65 44.27 46.39
C VAL R 105 11.49 45.54 46.30
N GLN R 106 10.84 46.62 45.88
CA GLN R 106 11.46 47.93 45.78
C GLN R 106 10.69 48.85 46.72
N VAL R 107 11.39 49.45 47.67
CA VAL R 107 10.79 50.35 48.64
C VAL R 107 11.41 51.73 48.47
N ILE R 108 10.56 52.75 48.39
CA ILE R 108 10.95 54.12 48.07
C ILE R 108 10.69 54.98 49.29
N LEU R 109 11.69 55.79 49.66
CA LEU R 109 11.65 56.57 50.87
C LEU R 109 11.70 58.04 50.48
N ALA R 110 10.71 58.81 50.94
CA ALA R 110 10.59 60.21 50.57
C ALA R 110 11.07 61.11 51.71
N GLY R 111 12.39 61.14 51.90
CA GLY R 111 13.01 62.01 52.86
C GLY R 111 14.05 62.91 52.23
N ASN R 112 14.57 63.83 53.02
CA ASN R 112 15.65 64.74 52.63
C ASN R 112 16.83 64.61 53.58
N ALA R 113 17.90 65.35 53.26
CA ALA R 113 19.18 65.24 53.97
C ALA R 113 19.10 65.70 55.42
N PHE R 114 18.04 66.42 55.79
CA PHE R 114 17.90 67.01 57.11
C PHE R 114 17.17 66.11 58.11
N THR R 115 16.93 64.85 57.77
CA THR R 115 16.18 63.92 58.59
C THR R 115 17.11 62.90 59.24
N ALA R 116 16.68 62.35 60.37
CA ALA R 116 17.35 61.20 60.96
C ALA R 116 16.33 60.13 61.34
N GLY R 117 16.78 58.88 61.37
CA GLY R 117 15.97 57.76 61.81
C GLY R 117 16.22 56.53 60.95
N LYS R 118 15.93 55.36 61.52
CA LYS R 118 16.17 54.09 60.85
C LYS R 118 14.90 53.26 60.79
N ILE R 119 14.72 52.56 59.67
CA ILE R 119 13.66 51.57 59.49
C ILE R 119 14.30 50.21 59.30
N ILE R 120 13.73 49.18 59.91
CA ILE R 120 14.15 47.81 59.70
C ILE R 120 13.14 47.10 58.82
N PHE R 121 13.64 46.46 57.76
CA PHE R 121 12.87 45.52 56.96
C PHE R 121 13.37 44.12 57.30
N ALA R 122 12.45 43.19 57.55
CA ALA R 122 12.85 41.86 57.98
C ALA R 122 11.97 40.82 57.31
N ALA R 123 12.59 39.68 57.00
CA ALA R 123 11.91 38.53 56.43
C ALA R 123 11.59 37.55 57.55
N VAL R 124 10.30 37.31 57.78
CA VAL R 124 9.84 36.36 58.78
C VAL R 124 9.40 35.09 58.07
N PRO R 125 9.89 33.91 58.49
CA PRO R 125 9.68 32.70 57.70
C PRO R 125 8.27 32.17 57.88
N PRO R 126 7.83 31.25 57.02
CA PRO R 126 6.45 30.75 57.10
C PRO R 126 6.15 30.15 58.47
N ASN R 127 4.93 30.38 58.94
CA ASN R 127 4.38 29.85 60.18
C ASN R 127 4.99 30.46 61.43
N PHE R 128 5.64 31.59 61.31
CA PHE R 128 6.07 32.25 62.54
C PHE R 128 5.17 33.43 62.84
N PRO R 129 4.70 33.58 64.08
CA PRO R 129 3.79 34.68 64.40
C PRO R 129 4.53 36.02 64.44
N THR R 130 3.98 36.99 63.71
CA THR R 130 4.48 38.35 63.68
C THR R 130 3.97 39.17 64.88
N GLU R 131 2.95 38.68 65.55
CA GLU R 131 2.17 39.46 66.50
C GLU R 131 2.92 39.58 67.82
N GLY R 132 3.55 40.73 68.05
CA GLY R 132 4.09 41.03 69.37
C GLY R 132 5.58 41.23 69.49
N LEU R 133 6.30 41.23 68.37
CA LEU R 133 7.76 41.25 68.43
C LEU R 133 8.26 42.58 68.97
N SER R 134 9.31 42.51 69.80
CA SER R 134 10.05 43.68 70.22
C SER R 134 11.10 44.02 69.17
N PRO R 135 11.59 45.28 69.14
CA PRO R 135 12.62 45.63 68.15
C PRO R 135 13.88 44.79 68.27
N SER R 136 14.34 44.54 69.49
CA SER R 136 15.44 43.60 69.71
C SER R 136 15.22 42.29 68.96
N GLN R 137 14.01 41.73 69.06
CA GLN R 137 13.73 40.44 68.45
C GLN R 137 13.69 40.51 66.93
N VAL R 138 13.16 41.59 66.37
CA VAL R 138 13.04 41.68 64.92
C VAL R 138 14.42 41.67 64.27
N THR R 139 15.43 42.22 64.95
CA THR R 139 16.80 42.15 64.49
C THR R 139 17.30 40.72 64.34
N MET R 140 16.61 39.74 64.91
CA MET R 140 17.06 38.36 64.89
C MET R 140 16.61 37.60 63.65
N PHE R 141 15.73 38.18 62.84
CA PHE R 141 15.42 37.63 61.52
C PHE R 141 16.46 38.13 60.53
N PRO R 142 16.54 37.54 59.34
CA PRO R 142 17.26 38.20 58.26
C PRO R 142 16.68 39.60 58.07
N HIS R 143 17.55 40.61 58.04
CA HIS R 143 17.04 41.97 58.10
C HIS R 143 17.98 42.94 57.39
N ILE R 144 17.42 44.12 57.13
CA ILE R 144 18.13 45.25 56.55
C ILE R 144 17.74 46.48 57.36
N ILE R 145 18.71 47.34 57.65
CA ILE R 145 18.47 48.58 58.38
C ILE R 145 18.70 49.74 57.42
N VAL R 146 17.65 50.52 57.20
CA VAL R 146 17.64 51.57 56.17
C VAL R 146 17.47 52.92 56.86
N ASP R 147 18.29 53.89 56.46
CA ASP R 147 18.22 55.23 57.01
C ASP R 147 17.16 56.04 56.26
N VAL R 148 16.42 56.85 57.01
CA VAL R 148 15.35 57.66 56.44
C VAL R 148 15.85 58.65 55.40
N ARG R 149 17.16 58.88 55.35
CA ARG R 149 17.71 59.79 54.34
C ARG R 149 17.99 59.10 53.02
N GLN R 150 17.78 57.80 52.90
CA GLN R 150 18.20 57.10 51.69
C GLN R 150 17.42 57.56 50.46
N LEU R 151 18.14 57.88 49.40
CA LEU R 151 17.56 58.38 48.15
C LEU R 151 17.30 57.26 47.16
N GLU R 152 18.28 56.40 46.95
CA GLU R 152 18.12 55.32 45.98
C GLU R 152 17.17 54.28 46.56
N PRO R 153 16.26 53.74 45.75
CA PRO R 153 15.32 52.76 46.28
C PRO R 153 16.05 51.54 46.81
N VAL R 154 15.45 50.91 47.81
CA VAL R 154 16.04 49.74 48.43
C VAL R 154 15.47 48.51 47.75
N LEU R 155 16.35 47.59 47.35
CA LEU R 155 15.95 46.37 46.67
C LEU R 155 16.07 45.21 47.65
N ILE R 156 14.95 44.55 47.92
CA ILE R 156 14.88 43.48 48.90
C ILE R 156 14.43 42.22 48.17
N PRO R 157 15.23 41.16 48.16
CA PRO R 157 14.74 39.89 47.61
C PRO R 157 13.89 39.16 48.63
N LEU R 158 12.77 38.64 48.16
CA LEU R 158 11.78 37.96 49.01
C LEU R 158 11.63 36.55 48.47
N PRO R 159 12.38 35.60 49.01
CA PRO R 159 12.38 34.24 48.46
C PRO R 159 11.22 33.41 48.97
N ASP R 160 10.82 32.44 48.15
CA ASP R 160 9.65 31.61 48.45
C ASP R 160 10.06 30.43 49.31
N VAL R 161 10.51 30.74 50.53
CA VAL R 161 10.81 29.70 51.51
C VAL R 161 9.56 28.88 51.78
N ARG R 162 9.70 27.56 51.72
CA ARG R 162 8.57 26.65 51.77
C ARG R 162 9.12 25.24 51.98
N ASN R 163 8.23 24.30 52.26
CA ASN R 163 8.62 22.91 52.49
C ASN R 163 7.98 21.96 51.49
N ASN R 164 7.47 22.48 50.37
CA ASN R 164 6.95 21.66 49.30
C ASN R 164 7.52 22.14 47.97
N PHE R 165 7.22 21.39 46.91
CA PHE R 165 7.76 21.71 45.59
C PHE R 165 7.18 23.02 45.07
N TYR R 166 5.89 23.26 45.33
CA TYR R 166 5.23 24.47 44.86
C TYR R 166 3.92 24.63 45.63
N HIS R 167 3.23 25.74 45.37
CA HIS R 167 2.00 26.08 46.06
C HIS R 167 0.82 25.91 45.12
N TYR R 168 -0.30 25.44 45.67
CA TYR R 168 -1.57 25.42 44.96
C TYR R 168 -2.34 26.69 45.33
N ASN R 169 -3.07 27.24 44.35
CA ASN R 169 -3.87 28.42 44.62
C ASN R 169 -4.92 28.12 45.69
N GLN R 170 -5.54 26.95 45.63
CA GLN R 170 -6.66 26.63 46.51
C GLN R 170 -6.25 26.20 47.91
N SER R 171 -4.96 26.16 48.24
CA SER R 171 -4.55 25.64 49.54
C SER R 171 -4.02 26.70 50.50
N ASN R 172 -3.94 27.96 50.08
CA ASN R 172 -3.55 29.09 50.93
C ASN R 172 -2.39 28.75 51.86
N ASP R 173 -1.34 28.17 51.29
CA ASP R 173 -0.13 27.88 52.05
C ASP R 173 0.46 29.16 52.65
N PRO R 174 1.04 29.09 53.85
CA PRO R 174 1.72 30.26 54.41
C PRO R 174 3.07 30.47 53.76
N THR R 175 3.46 31.74 53.68
CA THR R 175 4.69 32.15 53.01
C THR R 175 5.46 33.13 53.90
N ILE R 176 6.67 33.48 53.43
CA ILE R 176 7.42 34.55 54.08
C ILE R 176 6.62 35.85 54.07
N LYS R 177 6.82 36.65 55.11
CA LYS R 177 6.26 37.98 55.25
C LYS R 177 7.40 38.99 55.26
N LEU R 178 7.17 40.13 54.61
CA LEU R 178 8.01 41.30 54.82
C LEU R 178 7.41 42.19 55.90
N ILE R 179 8.28 42.66 56.78
CA ILE R 179 7.92 43.48 57.91
C ILE R 179 8.72 44.77 57.80
N ALA R 180 8.05 45.90 58.04
CA ALA R 180 8.72 47.17 58.16
C ALA R 180 8.38 47.73 59.53
N MET R 181 9.41 47.99 60.32
CA MET R 181 9.25 48.45 61.68
C MET R 181 10.13 49.66 61.93
N LEU R 182 9.64 50.60 62.73
CA LEU R 182 10.44 51.76 63.11
C LEU R 182 11.55 51.32 64.06
N TYR R 183 12.80 51.51 63.65
CA TYR R 183 13.92 51.09 64.46
C TYR R 183 14.51 52.24 65.28
N THR R 184 14.60 53.43 64.68
CA THR R 184 15.02 54.63 65.36
C THR R 184 13.97 55.70 65.07
N PRO R 185 13.55 56.47 66.08
CA PRO R 185 12.52 57.47 65.86
C PRO R 185 12.97 58.51 64.85
N LEU R 186 11.98 59.11 64.19
CA LEU R 186 12.25 60.15 63.20
C LEU R 186 12.55 61.46 63.89
N ARG R 187 13.70 62.05 63.55
CA ARG R 187 14.10 63.33 64.11
C ARG R 187 14.15 64.32 62.96
N ALA R 188 13.29 65.34 63.02
CA ALA R 188 13.25 66.35 61.98
C ALA R 188 12.54 67.59 62.51
N ASN R 189 12.79 68.71 61.84
CA ASN R 189 12.01 69.92 62.07
C ASN R 189 10.70 69.84 61.30
N ASN R 190 9.74 70.67 61.71
CA ASN R 190 8.52 70.84 60.94
C ASN R 190 8.63 72.12 60.12
N ALA R 191 7.56 72.45 59.39
CA ALA R 191 7.54 73.60 58.49
C ALA R 191 6.34 74.47 58.85
N GLY R 192 6.51 75.32 59.86
CA GLY R 192 5.37 75.96 60.47
C GLY R 192 4.64 75.00 61.37
N ASP R 193 3.36 74.77 61.06
CA ASP R 193 2.51 73.84 61.81
C ASP R 193 2.22 72.58 61.03
N ASP R 194 2.86 72.38 59.88
CA ASP R 194 2.77 71.14 59.13
C ASP R 194 3.85 70.18 59.62
N VAL R 195 3.44 69.00 60.06
CA VAL R 195 4.35 68.05 60.69
C VAL R 195 5.04 67.22 59.61
N PHE R 196 6.38 67.26 59.61
CA PHE R 196 7.15 66.54 58.60
C PHE R 196 7.02 65.04 58.80
N THR R 197 6.77 64.31 57.71
CA THR R 197 6.67 62.86 57.74
C THR R 197 7.32 62.29 56.49
N VAL R 198 7.85 61.07 56.62
CA VAL R 198 8.43 60.35 55.50
C VAL R 198 7.42 59.34 54.98
N SER R 199 6.91 59.59 53.77
CA SER R 199 6.02 58.65 53.10
C SER R 199 6.84 57.58 52.39
N CYS R 200 6.37 56.33 52.49
CA CYS R 200 7.04 55.20 51.88
C CYS R 200 6.09 54.44 50.98
N ARG R 201 6.65 53.87 49.91
CA ARG R 201 5.91 53.09 48.95
C ARG R 201 6.64 51.77 48.70
N VAL R 202 5.86 50.70 48.54
CA VAL R 202 6.39 49.35 48.31
C VAL R 202 6.02 48.92 46.91
N LEU R 203 7.04 48.56 46.13
CA LEU R 203 6.88 48.11 44.76
C LEU R 203 7.37 46.67 44.65
N THR R 204 6.86 45.94 43.66
CA THR R 204 7.19 44.54 43.54
C THR R 204 7.29 44.16 42.07
N ARG R 205 8.01 43.08 41.81
CA ARG R 205 8.02 42.43 40.50
C ARG R 205 8.53 41.02 40.69
N PRO R 206 8.09 40.06 39.87
CA PRO R 206 8.48 38.67 40.10
C PRO R 206 9.95 38.46 39.81
N SER R 207 10.61 37.67 40.68
CA SER R 207 11.96 37.22 40.43
C SER R 207 12.00 36.32 39.19
N PRO R 208 13.19 36.10 38.63
CA PRO R 208 13.27 35.18 37.48
C PRO R 208 12.86 33.76 37.81
N ASP R 209 13.00 33.34 39.07
CA ASP R 209 12.63 31.98 39.47
C ASP R 209 11.15 31.83 39.79
N PHE R 210 10.37 32.91 39.76
CA PHE R 210 8.93 32.81 39.92
C PHE R 210 8.30 32.32 38.62
N ASP R 211 7.28 31.48 38.75
CA ASP R 211 6.52 31.04 37.58
C ASP R 211 5.20 30.45 38.02
N PHE R 212 4.21 30.52 37.14
CA PHE R 212 2.94 29.84 37.34
C PHE R 212 3.07 28.42 36.83
N ILE R 213 2.13 27.54 37.22
CA ILE R 213 2.40 26.14 36.92
C ILE R 213 1.43 25.43 35.99
N PHE R 214 0.12 25.39 36.28
CA PHE R 214 -0.75 24.62 35.41
C PHE R 214 -1.92 25.46 34.89
N LEU R 215 -2.05 25.55 33.56
CA LEU R 215 -3.15 26.28 32.95
C LEU R 215 -4.48 25.60 33.23
N VAL R 216 -5.47 26.38 33.66
CA VAL R 216 -6.78 25.86 34.07
C VAL R 216 -7.84 26.85 33.61
N PRO R 217 -9.09 26.40 33.53
CA PRO R 217 -10.16 27.28 33.07
C PRO R 217 -10.20 28.55 33.90
N PRO R 218 -10.23 29.71 33.24
CA PRO R 218 -10.09 30.98 33.95
C PRO R 218 -11.28 31.27 34.84
N THR R 219 -10.97 31.74 36.06
CA THR R 219 -11.91 32.25 37.06
C THR R 219 -12.79 31.17 37.69
N VAL R 220 -12.42 29.90 37.56
CA VAL R 220 -13.20 28.85 38.20
C VAL R 220 -12.79 28.68 39.67
N GLU R 221 -11.48 28.69 39.94
CA GLU R 221 -10.96 28.41 41.27
C GLU R 221 -11.36 29.51 42.24
N SER R 222 -11.99 29.10 43.36
CA SER R 222 -12.63 30.05 44.26
C SER R 222 -11.65 31.04 44.87
N ARG R 223 -10.50 30.55 45.35
CA ARG R 223 -9.62 31.43 46.13
C ARG R 223 -8.89 32.47 45.28
N THR R 224 -9.15 32.63 43.99
CA THR R 224 -8.52 33.69 43.19
C THR R 224 -9.49 34.81 42.84
N LYS R 225 -10.76 34.71 43.22
CA LYS R 225 -11.71 35.77 42.90
C LYS R 225 -11.41 37.03 43.71
N PRO R 226 -11.32 38.19 43.07
CA PRO R 226 -11.04 39.43 43.81
C PRO R 226 -12.28 40.00 44.49
N PHE R 227 -12.03 40.68 45.61
CA PHE R 227 -13.11 41.24 46.41
C PHE R 227 -13.59 42.56 45.83
N THR R 228 -14.91 42.76 45.84
CA THR R 228 -15.55 43.97 45.34
C THR R 228 -16.69 44.36 46.26
N VAL R 229 -17.17 45.59 46.08
CA VAL R 229 -18.26 46.15 46.87
C VAL R 229 -19.24 46.82 45.90
N PRO R 230 -20.54 46.58 46.01
CA PRO R 230 -21.48 47.04 44.97
C PRO R 230 -21.40 48.54 44.75
N ILE R 231 -21.56 48.93 43.47
CA ILE R 231 -21.48 50.33 43.07
C ILE R 231 -22.74 51.10 43.44
N LEU R 232 -23.75 50.41 43.98
CA LEU R 232 -25.03 51.04 44.26
C LEU R 232 -24.89 52.17 45.26
N THR R 233 -25.78 53.15 45.14
CA THR R 233 -25.92 54.27 46.05
C THR R 233 -26.77 53.88 47.25
N VAL R 234 -26.56 54.60 48.36
CA VAL R 234 -27.32 54.36 49.58
C VAL R 234 -28.82 54.39 49.30
N GLU R 235 -29.28 55.37 48.51
CA GLU R 235 -30.69 55.44 48.17
C GLU R 235 -31.16 54.20 47.43
N GLU R 236 -30.29 53.60 46.61
CA GLU R 236 -30.63 52.44 45.80
C GLU R 236 -30.51 51.12 46.53
N MET R 237 -30.07 51.10 47.79
CA MET R 237 -29.96 49.87 48.55
C MET R 237 -31.10 49.75 49.56
N THR R 238 -31.09 48.65 50.30
CA THR R 238 -32.21 48.24 51.13
C THR R 238 -31.69 47.79 52.50
N ASN R 239 -32.45 48.11 53.54
CA ASN R 239 -32.08 47.71 54.89
C ASN R 239 -32.17 46.20 55.04
N SER R 240 -31.30 45.65 55.87
CA SER R 240 -31.18 44.21 56.04
C SER R 240 -31.94 43.67 57.25
N ARG R 241 -32.61 44.54 58.01
CA ARG R 241 -33.34 44.12 59.20
C ARG R 241 -34.85 44.32 59.06
N PHE R 242 -35.32 44.98 58.00
CA PHE R 242 -36.73 45.21 57.74
C PHE R 242 -36.85 45.62 56.29
N PRO R 243 -37.89 45.20 55.58
CA PRO R 243 -37.99 45.48 54.14
C PRO R 243 -38.27 46.94 53.79
N ILE R 244 -37.30 47.83 54.02
CA ILE R 244 -37.47 49.25 53.75
C ILE R 244 -36.23 49.75 53.03
N PRO R 245 -36.31 50.79 52.19
CA PRO R 245 -35.10 51.34 51.60
C PRO R 245 -34.21 52.00 52.65
N LEU R 246 -32.95 52.20 52.29
CA LEU R 246 -32.03 52.94 53.13
C LEU R 246 -32.28 54.44 53.00
N GLU R 247 -31.76 55.19 53.98
CA GLU R 247 -32.03 56.61 54.04
C GLU R 247 -30.78 57.45 54.26
N LYS R 248 -29.96 57.09 55.26
CA LYS R 248 -28.75 57.85 55.55
C LYS R 248 -27.69 56.93 56.13
N LEU R 249 -26.46 57.45 56.18
CA LEU R 249 -25.37 56.84 56.92
C LEU R 249 -25.21 57.55 58.25
N PHE R 250 -25.11 56.77 59.33
CA PHE R 250 -25.08 57.33 60.67
C PHE R 250 -23.97 56.64 61.46
N THR R 251 -23.13 57.44 62.12
CA THR R 251 -22.13 56.95 63.04
C THR R 251 -22.41 57.52 64.42
N GLY R 252 -22.17 56.70 65.46
CA GLY R 252 -22.31 57.16 66.81
C GLY R 252 -21.62 56.24 67.81
N PRO R 253 -21.39 56.73 69.02
CA PRO R 253 -20.86 55.88 70.08
C PRO R 253 -21.86 54.80 70.49
N SER R 254 -21.33 53.62 70.81
CA SER R 254 -22.15 52.44 71.07
C SER R 254 -21.85 51.81 72.42
N GLY R 255 -21.28 52.57 73.36
CA GLY R 255 -20.88 51.97 74.62
C GLY R 255 -22.05 51.58 75.51
N ALA R 256 -23.12 52.36 75.50
CA ALA R 256 -24.21 52.13 76.47
C ALA R 256 -24.90 50.81 76.20
N PHE R 257 -25.28 50.57 74.96
CA PHE R 257 -26.11 49.45 74.54
C PHE R 257 -25.25 48.36 73.89
N VAL R 258 -25.89 47.25 73.53
CA VAL R 258 -25.20 46.13 72.89
C VAL R 258 -25.68 45.97 71.45
N VAL R 259 -24.76 46.19 70.51
CA VAL R 259 -25.04 46.11 69.08
C VAL R 259 -24.90 44.65 68.67
N GLN R 260 -26.03 43.93 68.56
CA GLN R 260 -25.94 42.52 68.24
C GLN R 260 -27.09 42.06 67.34
N PRO R 261 -27.33 42.71 66.20
CA PRO R 261 -28.44 42.27 65.34
C PRO R 261 -28.23 40.84 64.85
N GLN R 262 -29.33 40.20 64.47
CA GLN R 262 -29.28 38.86 63.93
C GLN R 262 -29.70 38.76 62.47
N ASN R 263 -30.21 39.84 61.90
CA ASN R 263 -30.48 39.92 60.46
C ASN R 263 -29.46 40.84 59.81
N GLY R 264 -29.19 40.57 58.53
CA GLY R 264 -28.16 41.32 57.82
C GLY R 264 -26.79 41.17 58.43
N ARG R 265 -26.44 39.94 58.83
CA ARG R 265 -25.11 39.63 59.36
C ARG R 265 -24.48 38.61 58.44
N CYS R 266 -23.45 39.03 57.70
CA CYS R 266 -22.80 38.18 56.73
C CYS R 266 -21.34 38.59 56.63
N THR R 267 -20.49 37.59 56.45
CA THR R 267 -19.06 37.79 56.35
C THR R 267 -18.65 38.15 54.91
N THR R 268 -17.50 38.84 54.82
CA THR R 268 -16.94 39.24 53.53
C THR R 268 -16.82 38.11 52.51
N ASP R 269 -16.47 36.90 52.96
CA ASP R 269 -16.41 35.77 52.04
C ASP R 269 -17.74 35.02 51.93
N GLY R 270 -18.84 35.62 52.36
CA GLY R 270 -20.16 35.14 51.97
C GLY R 270 -20.79 34.07 52.84
N VAL R 271 -20.37 33.94 54.10
CA VAL R 271 -21.01 33.04 55.05
C VAL R 271 -22.07 33.84 55.81
N LEU R 272 -23.32 33.40 55.73
CA LEU R 272 -24.41 34.03 56.46
C LEU R 272 -24.37 33.63 57.93
N LEU R 273 -24.82 34.53 58.79
CA LEU R 273 -24.74 34.36 60.23
C LEU R 273 -26.10 34.65 60.85
N GLY R 274 -26.32 34.08 62.04
CA GLY R 274 -27.53 34.38 62.79
C GLY R 274 -28.78 33.96 62.02
N THR R 275 -29.74 34.87 61.92
CA THR R 275 -30.99 34.64 61.23
C THR R 275 -31.02 35.27 59.83
N THR R 276 -29.85 35.54 59.25
CA THR R 276 -29.79 36.30 58.01
C THR R 276 -30.08 35.40 56.80
N GLN R 277 -30.88 35.92 55.87
CA GLN R 277 -31.19 35.25 54.62
C GLN R 277 -31.09 36.27 53.49
N LEU R 278 -31.33 35.81 52.26
CA LEU R 278 -30.97 36.58 51.07
C LEU R 278 -32.11 37.46 50.54
N SER R 279 -33.35 37.11 50.82
CA SER R 279 -34.46 37.81 50.20
C SER R 279 -34.66 39.16 50.89
N PRO R 280 -34.67 40.27 50.14
CA PRO R 280 -34.91 41.57 50.78
C PRO R 280 -36.34 41.82 51.18
N VAL R 281 -37.28 40.94 50.82
CA VAL R 281 -38.68 41.11 51.17
C VAL R 281 -39.12 40.19 52.32
N ASN R 282 -38.43 39.06 52.53
CA ASN R 282 -38.76 38.10 53.57
C ASN R 282 -38.09 38.42 54.91
N ILE R 283 -37.75 39.69 55.16
CA ILE R 283 -36.87 40.01 56.29
C ILE R 283 -37.62 40.14 57.60
N CYS R 284 -38.95 40.08 57.59
CA CYS R 284 -39.73 40.04 58.82
C CYS R 284 -41.09 39.41 58.56
N THR R 285 -41.09 38.31 57.82
CA THR R 285 -42.29 37.60 57.43
C THR R 285 -42.40 36.31 58.22
N PHE R 286 -43.62 35.78 58.29
CA PHE R 286 -43.86 34.48 58.89
C PHE R 286 -44.80 33.69 57.98
N ARG R 287 -44.54 32.39 57.86
CA ARG R 287 -45.35 31.49 57.06
C ARG R 287 -45.63 30.23 57.86
N GLY R 288 -46.87 29.75 57.80
CA GLY R 288 -47.20 28.52 58.49
C GLY R 288 -48.70 28.30 58.57
N ASP R 289 -49.08 27.41 59.49
CA ASP R 289 -50.46 27.07 59.77
C ASP R 289 -50.93 27.85 60.99
N VAL R 290 -52.20 28.25 60.99
CA VAL R 290 -52.71 29.17 61.99
C VAL R 290 -53.86 28.51 62.75
N THR R 291 -53.97 28.85 64.03
CA THR R 291 -54.91 28.23 64.95
C THR R 291 -55.51 29.30 65.85
N HIS R 292 -56.83 29.24 66.04
CA HIS R 292 -57.52 30.20 66.88
C HIS R 292 -57.29 29.89 68.36
N ILE R 293 -57.19 30.93 69.18
CA ILE R 293 -57.14 30.82 70.63
C ILE R 293 -58.52 31.18 71.17
N ALA R 294 -59.14 30.21 71.86
CA ALA R 294 -60.57 30.29 72.16
C ALA R 294 -60.90 31.50 73.02
N GLY R 295 -61.88 32.28 72.58
CA GLY R 295 -62.39 33.41 73.33
C GLY R 295 -61.71 34.75 73.08
N THR R 296 -60.67 34.79 72.25
CA THR R 296 -59.93 36.02 72.03
C THR R 296 -59.88 36.33 70.53
N HIS R 297 -59.27 37.47 70.21
CA HIS R 297 -58.97 37.84 68.82
C HIS R 297 -57.55 37.44 68.43
N ASP R 298 -56.95 36.51 69.16
CA ASP R 298 -55.57 36.08 68.95
C ASP R 298 -55.51 34.79 68.15
N TYR R 299 -54.45 34.64 67.36
CA TYR R 299 -54.17 33.43 66.62
C TYR R 299 -52.73 32.99 66.88
N THR R 300 -52.52 31.68 66.87
CA THR R 300 -51.19 31.08 67.00
C THR R 300 -50.79 30.46 65.67
N MET R 301 -49.60 30.82 65.20
CA MET R 301 -49.06 30.32 63.93
C MET R 301 -47.96 29.30 64.22
N ASN R 302 -48.13 28.09 63.71
CA ASN R 302 -47.09 27.07 63.74
C ASN R 302 -46.24 27.25 62.50
N LEU R 303 -44.95 27.52 62.70
CA LEU R 303 -44.14 28.11 61.64
C LEU R 303 -43.61 27.06 60.67
N ALA R 304 -43.28 27.55 59.47
CA ALA R 304 -42.52 26.83 58.46
C ALA R 304 -41.37 27.72 58.00
N SER R 305 -40.60 27.24 57.03
CA SER R 305 -39.52 28.05 56.49
C SER R 305 -40.05 29.13 55.56
N GLN R 306 -39.17 30.04 55.15
CA GLN R 306 -39.56 31.06 54.18
C GLN R 306 -39.83 30.44 52.81
N ASN R 307 -39.14 29.36 52.47
CA ASN R 307 -39.43 28.57 51.28
C ASN R 307 -40.40 27.44 51.56
N TRP R 308 -41.14 27.52 52.67
CA TRP R 308 -42.22 26.63 53.09
C TRP R 308 -41.76 25.26 53.55
N ASN R 309 -40.46 25.04 53.75
CA ASN R 309 -40.01 23.83 54.43
C ASN R 309 -40.60 23.75 55.83
N ASN R 310 -40.74 22.53 56.33
CA ASN R 310 -41.03 22.34 57.74
C ASN R 310 -39.89 22.94 58.58
N TYR R 311 -40.24 23.43 59.77
CA TYR R 311 -39.23 24.02 60.65
C TYR R 311 -38.70 22.99 61.62
N ASP R 312 -37.37 22.94 61.74
CA ASP R 312 -36.69 22.00 62.63
C ASP R 312 -36.08 22.79 63.78
N PRO R 313 -36.61 22.68 65.01
CA PRO R 313 -36.00 23.39 66.15
C PRO R 313 -34.59 22.91 66.48
N THR R 314 -34.10 21.85 65.82
CA THR R 314 -32.79 21.29 66.07
C THR R 314 -31.69 21.98 65.27
N GLU R 315 -32.05 22.82 64.29
CA GLU R 315 -31.06 23.48 63.46
C GLU R 315 -30.19 24.42 64.29
N GLU R 316 -28.90 24.47 63.96
CA GLU R 316 -27.95 25.27 64.70
C GLU R 316 -28.14 26.76 64.36
N ILE R 317 -29.35 27.27 64.55
CA ILE R 317 -29.71 28.63 64.19
C ILE R 317 -30.42 29.24 65.39
N PRO R 318 -30.37 30.57 65.59
CA PRO R 318 -31.16 31.16 66.69
C PRO R 318 -32.66 31.01 66.51
N ALA R 319 -33.14 31.13 65.28
CA ALA R 319 -34.56 31.14 64.96
C ALA R 319 -34.70 30.96 63.45
N PRO R 320 -35.92 30.70 62.93
CA PRO R 320 -36.06 30.59 61.48
C PRO R 320 -35.56 31.85 60.77
N LEU R 321 -34.99 31.65 59.59
CA LEU R 321 -34.30 32.73 58.89
C LEU R 321 -35.27 33.86 58.55
N GLY R 322 -34.87 35.09 58.87
CA GLY R 322 -35.69 36.25 58.66
C GLY R 322 -36.55 36.64 59.85
N THR R 323 -36.43 35.96 60.97
CA THR R 323 -37.17 36.33 62.17
C THR R 323 -36.69 37.68 62.67
N PRO R 324 -37.61 38.59 63.04
CA PRO R 324 -37.19 39.90 63.54
C PRO R 324 -36.18 39.77 64.68
N ASP R 325 -35.25 40.72 64.73
CA ASP R 325 -34.13 40.67 65.66
C ASP R 325 -34.16 41.83 66.66
N PHE R 326 -35.35 42.31 67.00
CA PHE R 326 -35.50 43.38 67.97
C PHE R 326 -36.79 43.14 68.76
N VAL R 327 -36.91 43.83 69.88
CA VAL R 327 -38.09 43.74 70.74
C VAL R 327 -39.03 44.89 70.40
N GLY R 328 -40.27 44.55 70.10
CA GLY R 328 -41.26 45.53 69.73
C GLY R 328 -42.52 44.85 69.23
N LYS R 329 -43.50 45.66 68.90
CA LYS R 329 -44.75 45.19 68.33
C LYS R 329 -44.77 45.56 66.85
N ILE R 330 -44.73 44.55 65.98
CA ILE R 330 -44.68 44.74 64.53
C ILE R 330 -46.07 44.49 63.98
N GLN R 331 -46.61 45.48 63.27
CA GLN R 331 -47.91 45.37 62.64
C GLN R 331 -47.76 45.02 61.16
N GLY R 332 -48.65 44.16 60.67
CA GLY R 332 -48.68 43.82 59.26
C GLY R 332 -50.04 43.32 58.80
N VAL R 333 -50.05 42.30 57.93
CA VAL R 333 -51.28 41.76 57.37
C VAL R 333 -51.12 40.25 57.25
N LEU R 334 -52.06 39.49 57.81
CA LEU R 334 -52.10 38.04 57.65
C LEU R 334 -52.89 37.68 56.40
N THR R 335 -52.33 36.81 55.57
CA THR R 335 -52.93 36.42 54.31
C THR R 335 -52.98 34.91 54.24
N GLN R 336 -54.06 34.38 53.65
CA GLN R 336 -54.31 32.95 53.63
C GLN R 336 -54.92 32.57 52.29
N THR R 337 -54.59 31.37 51.81
CA THR R 337 -55.11 30.88 50.53
C THR R 337 -55.56 29.44 50.66
N THR R 338 -56.79 29.17 50.23
CA THR R 338 -57.40 27.84 50.29
C THR R 338 -57.10 27.08 48.99
N ARG R 339 -56.58 25.85 49.14
CA ARG R 339 -56.22 25.05 47.97
C ARG R 339 -57.44 24.64 47.15
N GLY R 340 -58.58 24.40 47.79
CA GLY R 340 -59.74 23.86 47.10
C GLY R 340 -60.57 24.81 46.24
N ASP R 341 -60.93 25.98 46.75
CA ASP R 341 -61.78 26.90 46.00
C ASP R 341 -61.06 28.18 45.59
N GLY R 342 -59.79 28.34 45.93
CA GLY R 342 -59.11 29.59 45.66
C GLY R 342 -59.52 30.73 46.56
N SER R 343 -60.17 30.45 47.68
CA SER R 343 -60.56 31.49 48.62
C SER R 343 -59.34 32.13 49.26
N THR R 344 -59.37 33.45 49.40
CA THR R 344 -58.29 34.21 50.01
C THR R 344 -58.86 35.22 50.98
N ARG R 345 -58.20 35.37 52.13
CA ARG R 345 -58.60 36.29 53.17
C ARG R 345 -57.38 37.04 53.69
N GLY R 346 -57.56 38.32 54.01
CA GLY R 346 -56.47 39.13 54.51
C GLY R 346 -56.88 40.08 55.61
N HIS R 347 -56.20 40.01 56.76
CA HIS R 347 -56.60 40.73 57.97
C HIS R 347 -55.38 41.40 58.60
N LYS R 348 -55.54 42.69 58.92
CA LYS R 348 -54.56 43.42 59.72
C LYS R 348 -54.21 42.66 61.00
N ALA R 349 -52.92 42.58 61.30
CA ALA R 349 -52.44 41.79 62.43
C ALA R 349 -51.22 42.46 63.06
N THR R 350 -50.90 42.02 64.28
CA THR R 350 -49.83 42.61 65.08
C THR R 350 -49.13 41.52 65.86
N VAL R 351 -47.79 41.53 65.82
CA VAL R 351 -46.95 40.59 66.57
C VAL R 351 -46.11 41.35 67.58
N SER R 352 -46.13 40.89 68.83
CA SER R 352 -45.24 41.42 69.86
C SER R 352 -44.11 40.42 70.06
N THR R 353 -42.89 40.85 69.74
CA THR R 353 -41.69 40.03 69.93
C THR R 353 -41.20 40.01 71.38
N GLY R 354 -41.70 40.91 72.23
CA GLY R 354 -41.34 40.90 73.62
C GLY R 354 -42.38 40.20 74.48
N SER R 355 -43.54 39.92 73.89
CA SER R 355 -44.55 39.11 74.56
C SER R 355 -44.02 37.71 74.81
N VAL R 356 -44.46 37.10 75.91
CA VAL R 356 -43.98 35.79 76.31
C VAL R 356 -44.40 34.69 75.33
N HIS R 357 -45.38 34.96 74.47
CA HIS R 357 -45.86 33.98 73.51
C HIS R 357 -45.13 34.05 72.17
N PHE R 358 -44.11 34.90 72.05
CA PHE R 358 -43.22 34.91 70.89
C PHE R 358 -42.07 33.94 71.12
N THR R 359 -42.24 32.71 70.65
CA THR R 359 -41.24 31.66 70.82
C THR R 359 -40.96 30.99 69.47
N PRO R 360 -40.38 31.71 68.52
CA PRO R 360 -40.20 31.14 67.17
C PRO R 360 -39.17 30.04 67.10
N LYS R 361 -38.19 30.00 68.01
CA LYS R 361 -37.24 28.89 68.03
C LYS R 361 -37.95 27.57 68.31
N LEU R 362 -39.03 27.60 69.09
CA LEU R 362 -39.81 26.41 69.38
C LEU R 362 -40.85 26.11 68.31
N GLY R 363 -41.18 27.10 67.47
CA GLY R 363 -41.99 26.85 66.30
C GLY R 363 -43.30 27.60 66.23
N SER R 364 -43.54 28.52 67.18
CA SER R 364 -44.83 29.17 67.29
C SER R 364 -44.66 30.67 67.52
N VAL R 365 -45.55 31.45 66.91
CA VAL R 365 -45.62 32.89 67.12
C VAL R 365 -47.10 33.25 67.29
N GLN R 366 -47.38 34.35 67.99
CA GLN R 366 -48.74 34.75 68.29
C GLN R 366 -49.06 36.09 67.64
N PHE R 367 -50.21 36.16 66.98
CA PHE R 367 -50.73 37.36 66.35
C PHE R 367 -51.97 37.85 67.08
N THR R 368 -52.18 39.17 67.02
CA THR R 368 -53.42 39.80 67.49
C THR R 368 -54.17 40.30 66.27
N THR R 369 -55.29 39.67 65.96
CA THR R 369 -55.98 39.85 64.67
C THR R 369 -57.29 40.61 64.89
N ASP R 370 -58.01 40.83 63.79
CA ASP R 370 -59.31 41.50 63.80
C ASP R 370 -60.51 40.57 63.58
N THR R 371 -60.36 39.27 63.78
CA THR R 371 -61.52 38.39 63.67
C THR R 371 -61.43 37.26 64.69
N ASN R 372 -62.60 36.72 65.06
CA ASN R 372 -62.67 35.54 65.92
C ASN R 372 -62.47 34.25 65.13
N ASN R 373 -63.22 34.05 64.03
CA ASN R 373 -63.09 32.84 63.21
C ASN R 373 -63.14 33.17 61.71
N ASP R 374 -61.99 33.57 61.16
CA ASP R 374 -61.88 33.85 59.74
C ASP R 374 -60.50 33.45 59.22
N LEU R 375 -59.86 32.49 59.88
CA LEU R 375 -58.62 31.90 59.40
C LEU R 375 -58.70 30.40 59.63
N GLU R 376 -58.86 29.63 58.57
CA GLU R 376 -59.06 28.20 58.70
C GLU R 376 -57.75 27.48 58.94
N THR R 377 -57.84 26.28 59.50
CA THR R 377 -56.66 25.50 59.84
C THR R 377 -56.21 24.71 58.61
N GLY R 378 -54.98 24.19 58.67
CA GLY R 378 -54.37 23.45 57.59
C GLY R 378 -54.02 24.25 56.36
N GLN R 379 -54.37 25.54 56.31
CA GLN R 379 -54.14 26.37 55.14
C GLN R 379 -52.92 27.24 55.35
N ASN R 380 -52.21 27.52 54.26
CA ASN R 380 -51.01 28.34 54.33
C ASN R 380 -51.34 29.80 54.63
N THR R 381 -50.60 30.38 55.57
CA THR R 381 -50.84 31.74 56.04
C THR R 381 -49.51 32.49 56.05
N LYS R 382 -49.53 33.74 55.57
CA LYS R 382 -48.32 34.55 55.42
C LYS R 382 -48.51 35.88 56.14
N PHE R 383 -47.54 36.24 56.98
CA PHE R 383 -47.49 37.55 57.62
C PHE R 383 -46.61 38.49 56.79
N THR R 384 -47.21 39.52 56.21
CA THR R 384 -46.47 40.55 55.49
C THR R 384 -46.28 41.77 56.38
N PRO R 385 -45.04 42.12 56.75
CA PRO R 385 -44.85 43.28 57.63
C PRO R 385 -45.04 44.59 56.87
N VAL R 386 -45.40 45.63 57.62
CA VAL R 386 -45.64 46.95 57.05
C VAL R 386 -44.97 48.02 57.90
N GLY R 387 -45.08 47.89 59.23
CA GLY R 387 -44.53 48.89 60.13
C GLY R 387 -44.56 48.41 61.56
N VAL R 388 -44.16 49.31 62.46
CA VAL R 388 -44.10 49.03 63.88
C VAL R 388 -45.06 49.96 64.61
N VAL R 389 -45.47 49.53 65.80
CA VAL R 389 -46.50 50.22 66.58
C VAL R 389 -45.97 50.45 67.99
N GLN R 390 -46.63 51.35 68.70
CA GLN R 390 -46.18 51.80 70.03
C GLN R 390 -47.39 51.92 70.94
N ASP R 391 -47.26 51.36 72.15
CA ASP R 391 -48.30 51.50 73.17
C ASP R 391 -48.23 52.91 73.76
N GLY R 392 -49.28 53.70 73.52
CA GLY R 392 -49.23 55.13 73.76
C GLY R 392 -49.13 55.56 75.21
N ASN R 393 -49.40 54.65 76.15
CA ASN R 393 -49.37 55.02 77.57
C ASN R 393 -47.97 55.03 78.14
N SER R 394 -47.01 54.38 77.49
CA SER R 394 -45.64 54.33 77.97
C SER R 394 -44.87 55.54 77.45
N ALA R 395 -43.57 55.59 77.78
CA ALA R 395 -42.74 56.71 77.38
C ALA R 395 -42.69 56.81 75.86
N HIS R 396 -42.76 58.04 75.35
CA HIS R 396 -42.77 58.23 73.90
C HIS R 396 -41.41 57.84 73.32
N GLN R 397 -41.44 57.04 72.25
CA GLN R 397 -40.26 56.50 71.59
C GLN R 397 -39.55 55.45 72.47
N ASN R 398 -40.32 54.57 73.10
CA ASN R 398 -39.78 53.61 74.06
C ASN R 398 -40.08 52.16 73.73
N GLU R 399 -41.03 51.88 72.84
CA GLU R 399 -41.49 50.50 72.69
C GLU R 399 -40.59 49.68 71.76
N PRO R 400 -40.30 50.14 70.52
CA PRO R 400 -39.38 49.34 69.69
C PRO R 400 -37.93 49.58 70.04
N GLN R 401 -37.35 48.65 70.80
CA GLN R 401 -35.97 48.73 71.26
C GLN R 401 -35.09 47.95 70.29
N GLN R 402 -34.49 48.64 69.32
CA GLN R 402 -33.85 47.93 68.21
C GLN R 402 -32.66 47.11 68.69
N TRP R 403 -32.01 47.52 69.78
CA TRP R 403 -30.80 46.87 70.24
C TRP R 403 -31.05 45.90 71.38
N VAL R 404 -32.30 45.50 71.60
CA VAL R 404 -32.65 44.47 72.56
C VAL R 404 -33.15 43.27 71.77
N LEU R 405 -32.50 42.13 71.95
CA LEU R 405 -32.92 40.95 71.22
C LEU R 405 -34.16 40.34 71.86
N PRO R 406 -35.11 39.86 71.05
CA PRO R 406 -36.17 39.02 71.60
C PRO R 406 -35.62 37.73 72.16
N ASN R 407 -36.43 37.05 72.96
CA ASN R 407 -36.10 35.74 73.51
C ASN R 407 -36.73 34.67 72.61
N TYR R 408 -35.91 34.07 71.74
CA TYR R 408 -36.43 33.22 70.68
C TYR R 408 -37.08 31.95 71.21
N SER R 409 -36.72 31.50 72.41
CA SER R 409 -37.39 30.37 73.05
C SER R 409 -38.16 30.78 74.30
N GLY R 410 -38.54 32.05 74.40
CA GLY R 410 -39.21 32.56 75.58
C GLY R 410 -38.51 32.18 76.88
N ARG R 411 -39.31 31.72 77.83
CA ARG R 411 -38.88 31.31 79.17
C ARG R 411 -38.27 29.91 79.22
N THR R 412 -38.42 29.09 78.18
CA THR R 412 -37.94 27.72 78.26
C THR R 412 -36.42 27.61 78.13
N GLY R 413 -35.78 28.58 77.50
CA GLY R 413 -34.33 28.57 77.38
C GLY R 413 -33.80 29.96 77.13
N HIS R 414 -32.53 30.02 76.77
CA HIS R 414 -31.87 31.27 76.41
C HIS R 414 -31.55 31.25 74.92
N ASN R 415 -31.20 32.43 74.39
CA ASN R 415 -30.84 32.51 72.99
C ASN R 415 -29.58 31.69 72.73
N VAL R 416 -29.55 30.99 71.60
CA VAL R 416 -28.47 30.07 71.29
C VAL R 416 -27.94 30.38 69.89
N HIS R 417 -26.69 29.97 69.66
CA HIS R 417 -26.02 30.11 68.35
C HIS R 417 -26.19 31.51 67.76
N LEU R 418 -26.05 32.52 68.61
CA LEU R 418 -26.27 33.90 68.17
C LEU R 418 -25.07 34.41 67.38
N ALA R 419 -25.34 35.35 66.48
CA ALA R 419 -24.26 36.07 65.82
C ALA R 419 -23.55 36.96 66.84
N PRO R 420 -22.22 37.05 66.78
CA PRO R 420 -21.49 37.76 67.83
C PRO R 420 -21.86 39.24 67.87
N ALA R 421 -21.59 39.86 69.01
CA ALA R 421 -21.76 41.30 69.13
C ALA R 421 -20.64 42.03 68.38
N VAL R 422 -20.85 43.32 68.17
CA VAL R 422 -20.01 44.11 67.27
C VAL R 422 -19.69 45.43 67.96
N ALA R 423 -18.41 45.78 68.02
CA ALA R 423 -17.98 47.01 68.65
C ALA R 423 -16.65 47.44 68.06
N PRO R 424 -16.38 48.74 67.96
CA PRO R 424 -15.06 49.19 67.54
C PRO R 424 -13.99 48.89 68.58
N THR R 425 -12.81 48.50 68.11
CA THR R 425 -11.69 48.16 68.97
C THR R 425 -10.55 49.16 68.91
N PHE R 426 -10.54 50.02 67.91
CA PHE R 426 -9.49 50.98 67.62
C PHE R 426 -9.85 52.34 68.20
N PRO R 427 -8.99 52.96 69.00
CA PRO R 427 -9.31 54.28 69.56
C PRO R 427 -9.62 55.28 68.45
N GLY R 428 -10.72 56.00 68.64
CA GLY R 428 -11.14 57.00 67.69
C GLY R 428 -12.13 56.52 66.66
N GLU R 429 -12.52 55.24 66.71
CA GLU R 429 -13.40 54.65 65.72
C GLU R 429 -14.77 54.39 66.33
N GLN R 430 -15.81 54.60 65.53
CA GLN R 430 -17.16 54.24 65.90
C GLN R 430 -17.77 53.41 64.77
N LEU R 431 -18.77 52.61 65.11
CA LEU R 431 -19.50 51.87 64.09
C LEU R 431 -20.09 52.83 63.06
N LEU R 432 -20.19 52.34 61.83
CA LEU R 432 -20.90 53.04 60.77
C LEU R 432 -22.16 52.27 60.44
N PHE R 433 -23.31 52.93 60.59
CA PHE R 433 -24.61 52.28 60.44
C PHE R 433 -25.28 52.74 59.15
N PHE R 434 -26.00 51.82 58.53
CA PHE R 434 -26.90 52.13 57.42
C PHE R 434 -28.30 52.25 58.02
N ARG R 435 -28.81 53.48 58.07
CA ARG R 435 -30.01 53.79 58.83
C ARG R 435 -31.18 54.07 57.89
N SER R 436 -32.35 53.51 58.23
CA SER R 436 -33.60 53.81 57.57
C SER R 436 -34.66 54.13 58.62
N THR R 437 -35.80 54.65 58.15
CA THR R 437 -36.91 55.05 59.00
C THR R 437 -38.03 54.02 58.83
N MET R 438 -38.41 53.36 59.94
CA MET R 438 -39.50 52.40 59.87
C MET R 438 -40.85 53.10 59.79
N PRO R 439 -41.80 52.55 59.02
CA PRO R 439 -43.16 53.08 59.05
C PRO R 439 -43.79 52.91 60.44
N GLY R 440 -44.45 53.96 60.90
CA GLY R 440 -45.23 53.91 62.12
C GLY R 440 -46.71 53.75 61.83
N CYS R 441 -47.35 52.80 62.54
CA CYS R 441 -48.74 52.47 62.28
C CYS R 441 -49.71 52.97 63.33
N SER R 442 -49.24 53.29 64.54
CA SER R 442 -50.05 53.85 65.61
C SER R 442 -49.14 54.20 66.77
N GLY R 443 -49.44 55.32 67.44
CA GLY R 443 -48.67 55.73 68.61
C GLY R 443 -47.52 56.68 68.30
N TYR R 444 -46.47 56.61 69.11
CA TYR R 444 -45.26 57.42 68.92
C TYR R 444 -44.04 56.52 69.01
N PRO R 445 -43.80 55.68 68.00
CA PRO R 445 -42.76 54.66 68.13
C PRO R 445 -41.37 55.20 67.78
N ASN R 446 -40.37 54.47 68.26
CA ASN R 446 -38.97 54.72 67.89
C ASN R 446 -38.77 54.17 66.47
N MET R 447 -38.73 55.07 65.49
CA MET R 447 -38.73 54.66 64.09
C MET R 447 -37.32 54.54 63.50
N ASN R 448 -36.28 54.73 64.28
CA ASN R 448 -34.91 54.56 63.81
C ASN R 448 -34.58 53.08 63.68
N LEU R 449 -34.07 52.67 62.52
CA LEU R 449 -33.55 51.32 62.32
C LEU R 449 -32.18 51.36 61.67
N ASP R 450 -31.17 50.88 62.39
CA ASP R 450 -29.79 50.82 61.92
C ASP R 450 -29.45 49.37 61.58
N CYS R 451 -28.78 49.16 60.46
CA CYS R 451 -28.21 47.85 60.15
C CYS R 451 -26.72 47.97 59.85
N LEU R 452 -26.02 46.85 60.00
CA LEU R 452 -24.57 46.83 59.82
C LEU R 452 -24.17 46.74 58.35
N LEU R 453 -24.97 46.07 57.52
CA LEU R 453 -24.69 45.91 56.09
C LEU R 453 -26.00 46.04 55.32
N PRO R 454 -25.99 46.76 54.19
CA PRO R 454 -27.16 46.73 53.30
C PRO R 454 -27.43 45.31 52.80
N GLN R 455 -28.70 45.04 52.52
CA GLN R 455 -29.06 43.71 52.02
C GLN R 455 -28.39 43.42 50.68
N GLU R 456 -28.21 44.45 49.85
CA GLU R 456 -27.51 44.27 48.58
C GLU R 456 -26.07 43.83 48.80
N TRP R 457 -25.43 44.35 49.85
CA TRP R 457 -24.07 43.91 50.18
C TRP R 457 -24.07 42.46 50.66
N VAL R 458 -25.09 42.05 51.43
CA VAL R 458 -25.20 40.66 51.84
C VAL R 458 -25.32 39.77 50.61
N LEU R 459 -26.22 40.14 49.70
CA LEU R 459 -26.38 39.40 48.44
C LEU R 459 -25.05 39.32 47.70
N HIS R 460 -24.34 40.45 47.60
CA HIS R 460 -23.10 40.48 46.83
C HIS R 460 -22.04 39.56 47.44
N PHE R 461 -21.81 39.68 48.75
CA PHE R 461 -20.82 38.83 49.39
C PHE R 461 -21.19 37.35 49.27
N TYR R 462 -22.48 37.04 49.36
CA TYR R 462 -22.91 35.65 49.26
C TYR R 462 -22.65 35.07 47.87
N GLN R 463 -22.93 35.84 46.81
CA GLN R 463 -22.80 35.30 45.46
C GLN R 463 -21.35 35.13 45.05
N GLU R 464 -20.51 36.12 45.34
CA GLU R 464 -19.10 36.08 44.95
C GLU R 464 -18.27 35.47 46.07
N ALA R 465 -17.39 34.52 45.72
CA ALA R 465 -16.61 33.79 46.72
C ALA R 465 -15.94 34.75 47.69
N ALA R 466 -15.15 35.68 47.15
CA ALA R 466 -14.55 36.81 47.85
C ALA R 466 -13.70 36.43 49.07
N PRO R 467 -12.63 35.65 48.91
CA PRO R 467 -11.80 35.33 50.07
C PRO R 467 -11.16 36.59 50.62
N ALA R 468 -11.20 36.76 51.94
CA ALA R 468 -10.58 37.91 52.58
C ALA R 468 -9.09 37.70 52.75
N GLN R 469 -8.29 38.64 52.22
CA GLN R 469 -6.83 38.56 52.32
C GLN R 469 -6.29 39.09 53.64
N SER R 470 -7.13 39.76 54.44
CA SER R 470 -6.75 40.19 55.78
C SER R 470 -8.03 40.50 56.56
N ASP R 471 -7.87 41.03 57.77
CA ASP R 471 -9.00 41.25 58.66
C ASP R 471 -9.81 42.50 58.32
N VAL R 472 -9.31 43.38 57.46
CA VAL R 472 -9.98 44.64 57.17
C VAL R 472 -9.86 44.95 55.69
N ALA R 473 -10.99 45.30 55.06
CA ALA R 473 -11.01 45.81 53.71
C ALA R 473 -11.18 47.31 53.76
N LEU R 474 -10.21 48.04 53.24
CA LEU R 474 -10.28 49.50 53.21
C LEU R 474 -11.20 49.94 52.08
N LEU R 475 -12.24 50.68 52.42
CA LEU R 475 -13.17 51.22 51.44
C LEU R 475 -13.05 52.74 51.38
N ARG R 476 -13.21 53.29 50.18
CA ARG R 476 -13.24 54.73 49.98
C ARG R 476 -14.59 55.11 49.37
N PHE R 477 -15.20 56.16 49.90
CA PHE R 477 -16.47 56.66 49.42
C PHE R 477 -16.22 57.81 48.46
N VAL R 478 -16.71 57.69 47.23
CA VAL R 478 -16.30 58.57 46.13
C VAL R 478 -17.53 59.30 45.58
N ASN R 479 -17.35 60.58 45.27
CA ASN R 479 -18.35 61.36 44.57
C ASN R 479 -18.05 61.25 43.07
N PRO R 480 -18.88 60.56 42.29
CA PRO R 480 -18.50 60.29 40.89
C PRO R 480 -18.50 61.52 40.00
N ASP R 481 -19.25 62.57 40.35
CA ASP R 481 -19.24 63.78 39.55
C ASP R 481 -17.87 64.45 39.56
N THR R 482 -17.34 64.71 40.76
CA THR R 482 -16.07 65.39 40.90
C THR R 482 -14.88 64.44 41.06
N GLY R 483 -15.14 63.17 41.36
CA GLY R 483 -14.08 62.20 41.60
C GLY R 483 -13.42 62.27 42.96
N ARG R 484 -13.86 63.15 43.85
CA ARG R 484 -13.16 63.35 45.12
C ARG R 484 -13.59 62.32 46.16
N VAL R 485 -12.63 61.88 46.98
CA VAL R 485 -12.87 60.93 48.04
C VAL R 485 -13.29 61.68 49.30
N LEU R 486 -14.43 61.32 49.87
CA LEU R 486 -14.95 62.04 51.03
C LEU R 486 -14.43 61.49 52.34
N PHE R 487 -14.48 60.17 52.50
CA PHE R 487 -13.92 59.53 53.68
C PHE R 487 -13.56 58.10 53.33
N GLU R 488 -12.77 57.49 54.20
CA GLU R 488 -12.44 56.09 54.11
C GLU R 488 -12.92 55.40 55.37
N CYS R 489 -13.19 54.10 55.25
CA CYS R 489 -13.71 53.32 56.35
C CYS R 489 -13.13 51.92 56.30
N LYS R 490 -13.26 51.21 57.40
CA LYS R 490 -12.73 49.87 57.54
C LYS R 490 -13.90 48.89 57.52
N LEU R 491 -13.95 48.06 56.48
CA LEU R 491 -14.93 46.98 56.42
C LEU R 491 -14.28 45.73 56.98
N HIS R 492 -14.74 45.30 58.14
CA HIS R 492 -14.11 44.16 58.79
C HIS R 492 -14.61 42.87 58.17
N LYS R 493 -13.72 41.87 58.14
CA LYS R 493 -14.08 40.57 57.57
C LYS R 493 -15.36 40.05 58.21
N SER R 494 -15.55 40.32 59.51
CA SER R 494 -16.70 39.84 60.26
C SER R 494 -18.02 40.38 59.74
N GLY R 495 -17.99 41.32 58.78
CA GLY R 495 -19.19 41.96 58.27
C GLY R 495 -19.73 43.17 59.02
N TYR R 496 -18.88 44.16 59.27
CA TYR R 496 -19.35 45.43 59.81
C TYR R 496 -18.35 46.52 59.42
N VAL R 497 -18.81 47.76 59.46
CA VAL R 497 -18.01 48.91 59.02
C VAL R 497 -17.78 49.86 60.20
N THR R 498 -16.59 50.46 60.23
CA THR R 498 -16.22 51.44 61.24
C THR R 498 -15.61 52.65 60.54
N VAL R 499 -15.70 53.81 61.18
CA VAL R 499 -15.21 55.06 60.63
C VAL R 499 -14.49 55.84 61.73
N ALA R 500 -13.71 56.83 61.31
CA ALA R 500 -12.94 57.67 62.23
C ALA R 500 -13.75 58.92 62.52
N HIS R 501 -14.47 58.90 63.64
CA HIS R 501 -15.29 60.02 64.08
C HIS R 501 -15.63 59.81 65.54
N THR R 502 -15.94 60.90 66.22
CA THR R 502 -16.32 60.85 67.63
C THR R 502 -17.60 61.66 67.82
N GLY R 503 -18.60 61.03 68.43
CA GLY R 503 -19.88 61.66 68.64
C GLY R 503 -20.90 61.22 67.62
N PRO R 504 -22.18 61.39 67.92
CA PRO R 504 -23.22 61.04 66.95
C PRO R 504 -23.23 62.04 65.79
N HIS R 505 -23.56 61.51 64.61
CA HIS R 505 -23.48 62.30 63.39
C HIS R 505 -24.20 61.65 62.22
N ASP R 506 -25.13 62.36 61.60
CA ASP R 506 -25.63 61.98 60.28
C ASP R 506 -24.67 62.48 59.21
N LEU R 507 -24.26 61.57 58.32
CA LEU R 507 -23.16 61.85 57.42
C LEU R 507 -23.55 62.80 56.29
N VAL R 508 -22.56 63.59 55.86
CA VAL R 508 -22.73 64.60 54.80
C VAL R 508 -22.39 63.91 53.48
N ILE R 509 -23.41 63.44 52.77
CA ILE R 509 -23.24 62.51 51.66
C ILE R 509 -23.84 63.10 50.40
N PRO R 510 -23.11 63.14 49.29
CA PRO R 510 -23.71 63.43 47.98
C PRO R 510 -24.67 62.33 47.57
N PRO R 511 -25.80 62.68 46.95
CA PRO R 511 -26.82 61.66 46.66
C PRO R 511 -26.35 60.55 45.71
N ASN R 512 -25.32 60.78 44.90
CA ASN R 512 -24.84 59.78 43.95
C ASN R 512 -23.53 59.10 44.39
N GLY R 513 -23.09 59.30 45.62
CA GLY R 513 -21.85 58.69 46.08
C GLY R 513 -21.98 57.19 46.31
N TYR R 514 -20.86 56.50 46.10
CA TYR R 514 -20.79 55.04 46.17
C TYR R 514 -19.56 54.61 46.97
N PHE R 515 -19.58 53.37 47.44
CA PHE R 515 -18.43 52.76 48.10
C PHE R 515 -17.55 52.02 47.09
N ARG R 516 -16.24 52.24 47.17
CA ARG R 516 -15.27 51.63 46.28
C ARG R 516 -14.20 50.91 47.09
N PHE R 517 -13.93 49.66 46.75
CA PHE R 517 -12.92 48.89 47.45
C PHE R 517 -11.53 49.29 46.97
N ASP R 518 -10.62 49.53 47.92
CA ASP R 518 -9.29 50.04 47.60
C ASP R 518 -8.18 49.03 47.84
N SER R 519 -8.20 48.33 48.99
CA SER R 519 -7.14 47.38 49.32
C SER R 519 -7.45 46.63 50.61
N TRP R 520 -6.90 45.43 50.76
CA TRP R 520 -6.82 44.80 52.06
C TRP R 520 -5.69 45.42 52.87
N VAL R 521 -5.93 45.60 54.17
CA VAL R 521 -4.95 46.18 55.08
C VAL R 521 -4.92 45.31 56.33
N ASN R 522 -3.94 45.58 57.18
CA ASN R 522 -3.81 44.87 58.44
C ASN R 522 -4.38 45.73 59.56
N GLN R 523 -4.78 45.05 60.64
CA GLN R 523 -5.71 45.63 61.60
C GLN R 523 -5.15 46.88 62.29
N PHE R 524 -3.88 47.19 62.08
CA PHE R 524 -3.24 48.37 62.67
C PHE R 524 -3.45 49.62 61.81
N TYR R 525 -4.12 49.50 60.67
CA TYR R 525 -4.32 50.64 59.79
C TYR R 525 -5.16 51.72 60.46
N THR R 526 -4.62 52.94 60.48
CA THR R 526 -5.27 54.10 61.07
C THR R 526 -5.83 54.98 59.96
N LEU R 527 -7.14 55.15 59.95
CA LEU R 527 -7.82 55.83 58.85
C LEU R 527 -7.99 57.32 59.15
N ALA R 528 -8.06 58.10 58.08
CA ALA R 528 -8.19 59.56 58.20
C ALA R 528 -9.55 59.94 58.82
N PRO R 529 -9.57 60.92 59.70
CA PRO R 529 -10.84 61.38 60.28
C PRO R 529 -11.69 62.13 59.25
N MET R 530 -12.99 62.20 59.56
CA MET R 530 -13.97 62.93 58.74
C MET R 530 -13.45 64.25 58.18
N MET S 27 23.10 -25.14 60.00
CA MET S 27 24.30 -25.93 59.75
C MET S 27 23.99 -27.42 59.70
N ALA S 28 22.82 -27.79 60.21
CA ALA S 28 22.35 -29.18 60.18
C ALA S 28 21.59 -29.54 58.92
N LEU S 29 21.19 -28.56 58.10
CA LEU S 29 20.53 -28.81 56.83
C LEU S 29 21.27 -28.12 55.69
N GLU S 30 21.22 -28.76 54.51
CA GLU S 30 21.72 -28.13 53.29
C GLU S 30 20.79 -27.03 52.80
N PRO S 31 21.30 -26.16 51.92
CA PRO S 31 20.41 -25.22 51.23
C PRO S 31 19.42 -25.95 50.34
N VAL S 32 18.23 -25.36 50.20
CA VAL S 32 17.15 -25.95 49.43
C VAL S 32 16.58 -24.88 48.51
N VAL S 33 16.54 -25.17 47.21
CA VAL S 33 16.14 -24.18 46.22
C VAL S 33 14.64 -23.91 46.34
N GLY S 34 14.25 -22.66 46.10
CA GLY S 34 12.85 -22.30 46.07
C GLY S 34 12.24 -22.36 44.69
N ALA S 35 11.61 -21.27 44.26
CA ALA S 35 10.83 -21.29 43.02
C ALA S 35 11.69 -21.15 41.78
N ALA S 36 12.99 -20.87 41.91
CA ALA S 36 13.84 -20.69 40.74
C ALA S 36 13.87 -21.97 39.88
N ILE S 37 13.89 -23.14 40.53
CA ILE S 37 13.90 -24.41 39.82
C ILE S 37 12.63 -24.60 38.99
N ALA S 38 11.53 -23.93 39.36
CA ALA S 38 10.25 -24.16 38.72
C ALA S 38 10.06 -23.38 37.43
N ALA S 39 11.01 -22.50 37.08
CA ALA S 39 10.83 -21.61 35.94
C ALA S 39 10.45 -22.32 34.65
N PRO S 40 11.05 -23.46 34.26
CA PRO S 40 10.65 -24.11 33.00
C PRO S 40 9.22 -24.63 32.99
N VAL S 41 8.60 -24.86 34.14
CA VAL S 41 7.24 -25.41 34.18
C VAL S 41 6.23 -24.49 34.82
N ALA S 42 6.66 -23.39 35.45
CA ALA S 42 5.70 -22.42 35.93
C ALA S 42 5.19 -21.55 34.79
N GLY S 43 3.99 -21.00 34.96
CA GLY S 43 3.44 -20.11 33.97
C GLY S 43 4.16 -18.77 33.87
N GLN S 44 4.76 -18.31 34.96
CA GLN S 44 5.23 -16.94 35.05
C GLN S 44 6.46 -16.85 35.95
N GLN S 45 7.11 -15.70 35.89
CA GLN S 45 8.24 -15.35 36.74
C GLN S 45 7.80 -14.16 37.58
N ASN S 46 7.80 -14.32 38.90
CA ASN S 46 7.32 -13.27 39.78
C ASN S 46 8.40 -12.82 40.76
N VAL S 47 8.09 -11.72 41.44
CA VAL S 47 8.99 -11.09 42.40
C VAL S 47 8.14 -10.68 43.59
N ILE S 48 8.67 -10.91 44.78
CA ILE S 48 8.01 -10.50 46.01
C ILE S 48 8.77 -9.31 46.58
N ASP S 49 8.05 -8.38 47.21
CA ASP S 49 8.67 -7.22 47.81
C ASP S 49 9.79 -7.67 48.76
N PRO S 50 11.05 -7.35 48.47
CA PRO S 50 12.15 -7.85 49.31
C PRO S 50 12.11 -7.40 50.75
N TRP S 51 11.46 -6.28 51.05
CA TRP S 51 11.37 -5.83 52.44
C TRP S 51 10.63 -6.83 53.32
N ILE S 52 9.72 -7.62 52.75
CA ILE S 52 8.98 -8.59 53.56
C ILE S 52 9.91 -9.56 54.27
N ARG S 53 11.07 -9.87 53.69
CA ARG S 53 12.01 -10.77 54.34
C ARG S 53 13.01 -10.05 55.26
N ASN S 54 12.83 -8.76 55.50
CA ASN S 54 13.77 -7.98 56.31
C ASN S 54 13.25 -7.73 57.72
N ASN S 55 12.14 -8.36 58.11
CA ASN S 55 11.49 -8.09 59.37
C ASN S 55 10.82 -9.35 59.88
N PHE S 56 11.20 -9.82 61.07
CA PHE S 56 10.48 -10.94 61.67
C PHE S 56 9.10 -10.48 62.11
N VAL S 57 8.09 -11.27 61.79
CA VAL S 57 6.71 -10.89 62.04
C VAL S 57 5.94 -12.10 62.58
N GLN S 58 4.99 -11.83 63.47
CA GLN S 58 4.35 -12.93 64.20
C GLN S 58 3.45 -13.72 63.26
N ALA S 59 3.59 -15.04 63.30
CA ALA S 59 2.79 -15.92 62.46
C ALA S 59 1.31 -15.87 62.84
N PRO S 60 0.42 -16.08 61.86
CA PRO S 60 -1.02 -16.18 62.19
C PRO S 60 -1.31 -17.28 63.19
N GLY S 61 -0.45 -18.29 63.29
CA GLY S 61 -0.59 -19.33 64.28
C GLY S 61 0.72 -19.42 65.03
N GLY S 62 1.16 -18.27 65.53
CA GLY S 62 2.45 -18.14 66.18
C GLY S 62 2.36 -17.93 67.68
N GLU S 63 1.29 -18.41 68.30
CA GLU S 63 1.14 -18.37 69.75
C GLU S 63 1.02 -19.79 70.27
N PHE S 64 1.75 -20.08 71.34
CA PHE S 64 1.60 -21.34 72.04
C PHE S 64 2.01 -21.11 73.49
N THR S 65 1.74 -22.10 74.33
CA THR S 65 1.86 -21.90 75.76
C THR S 65 2.53 -23.11 76.39
N VAL S 66 3.40 -22.85 77.37
CA VAL S 66 3.97 -23.90 78.21
C VAL S 66 3.53 -23.64 79.64
N SER S 67 2.75 -24.56 80.20
CA SER S 67 2.25 -24.45 81.56
C SER S 67 2.53 -25.75 82.30
N PRO S 68 2.47 -25.74 83.63
CA PRO S 68 2.70 -26.99 84.38
C PRO S 68 1.59 -28.01 84.18
N ARG S 69 0.49 -27.65 83.55
CA ARG S 69 -0.48 -28.65 83.11
C ARG S 69 0.06 -29.50 81.98
N ASN S 70 1.02 -28.99 81.23
CA ASN S 70 1.59 -29.70 80.09
C ASN S 70 2.64 -30.71 80.55
N ALA S 71 2.78 -31.79 79.80
CA ALA S 71 3.79 -32.80 80.07
C ALA S 71 4.61 -33.05 78.81
N PRO S 72 5.83 -33.57 78.97
CA PRO S 72 6.58 -34.02 77.80
C PRO S 72 5.79 -35.05 77.01
N GLY S 73 5.93 -34.98 75.68
CA GLY S 73 5.21 -35.80 74.74
C GLY S 73 4.08 -35.08 74.05
N GLU S 74 3.49 -34.08 74.71
CA GLU S 74 2.48 -33.25 74.07
C GLU S 74 3.16 -32.30 73.09
N ILE S 75 2.69 -32.29 71.84
CA ILE S 75 3.19 -31.33 70.87
C ILE S 75 2.47 -30.01 71.13
N LEU S 76 3.15 -29.08 71.79
CA LEU S 76 2.54 -27.85 72.25
C LEU S 76 2.34 -26.85 71.13
N TRP S 77 3.04 -27.01 70.00
CA TRP S 77 2.95 -26.05 68.90
C TRP S 77 3.45 -26.74 67.64
N SER S 78 2.83 -26.40 66.52
CA SER S 78 3.27 -26.94 65.24
C SER S 78 2.74 -26.06 64.13
N ALA S 79 3.42 -26.10 62.99
CA ALA S 79 3.03 -25.30 61.84
C ALA S 79 3.61 -25.94 60.59
N PRO S 80 2.89 -25.96 59.49
CA PRO S 80 3.48 -26.38 58.21
C PRO S 80 4.09 -25.22 57.47
N LEU S 81 5.15 -25.52 56.71
CA LEU S 81 5.73 -24.50 55.85
C LEU S 81 4.70 -24.07 54.81
N GLY S 82 4.63 -22.76 54.59
CA GLY S 82 3.67 -22.23 53.65
C GLY S 82 3.43 -20.75 53.89
N PRO S 83 2.67 -20.11 53.01
CA PRO S 83 2.44 -18.67 53.17
C PRO S 83 1.74 -18.31 54.46
N ASP S 84 1.02 -19.25 55.07
CA ASP S 84 0.27 -18.97 56.30
C ASP S 84 1.18 -18.77 57.51
N LEU S 85 2.49 -18.94 57.35
CA LEU S 85 3.44 -18.65 58.42
C LEU S 85 3.67 -17.16 58.63
N ASN S 86 3.19 -16.32 57.73
CA ASN S 86 3.56 -14.91 57.71
C ASN S 86 2.37 -14.07 57.25
N PRO S 87 1.93 -13.11 58.06
CA PRO S 87 0.71 -12.36 57.70
C PRO S 87 0.83 -11.59 56.40
N TYR S 88 2.03 -11.10 56.08
CA TYR S 88 2.24 -10.45 54.79
C TYR S 88 2.09 -11.46 53.66
N LEU S 89 2.80 -12.59 53.75
CA LEU S 89 2.67 -13.63 52.75
C LEU S 89 1.24 -14.18 52.69
N SER S 90 0.54 -14.17 53.83
CA SER S 90 -0.83 -14.65 53.84
C SER S 90 -1.73 -13.79 52.97
N HIS S 91 -1.59 -12.45 53.07
CA HIS S 91 -2.40 -11.58 52.22
C HIS S 91 -1.95 -11.67 50.77
N LEU S 92 -0.64 -11.72 50.53
CA LEU S 92 -0.14 -11.88 49.18
C LEU S 92 -0.65 -13.16 48.54
N ALA S 93 -0.80 -14.23 49.35
CA ALA S 93 -1.16 -15.53 48.79
C ALA S 93 -2.51 -15.50 48.09
N ARG S 94 -3.39 -14.56 48.47
CA ARG S 94 -4.67 -14.43 47.80
C ARG S 94 -4.51 -13.98 46.35
N MET S 95 -3.30 -13.62 45.95
CA MET S 95 -3.02 -13.11 44.61
C MET S 95 -2.21 -14.08 43.78
N TYR S 96 -1.82 -15.21 44.34
CA TYR S 96 -0.97 -16.16 43.65
C TYR S 96 -1.55 -17.56 43.74
N ASN S 97 -1.18 -18.39 42.77
CA ASN S 97 -1.68 -19.75 42.69
C ASN S 97 -0.79 -20.75 43.40
N GLY S 98 0.52 -20.47 43.50
CA GLY S 98 1.44 -21.38 44.15
C GLY S 98 2.64 -20.66 44.71
N TYR S 99 3.56 -21.43 45.27
CA TYR S 99 4.73 -20.88 45.94
C TYR S 99 5.80 -21.95 46.03
N ALA S 100 7.01 -21.51 46.39
CA ALA S 100 8.12 -22.39 46.70
C ALA S 100 9.16 -21.60 47.45
N GLY S 101 9.83 -22.26 48.39
CA GLY S 101 10.89 -21.64 49.16
C GLY S 101 10.63 -21.68 50.65
N GLY S 102 11.66 -21.29 51.40
CA GLY S 102 11.72 -21.55 52.82
C GLY S 102 11.61 -20.29 53.66
N PHE S 103 11.69 -20.50 54.97
CA PHE S 103 11.54 -19.44 55.95
C PHE S 103 12.68 -19.45 56.94
N GLU S 104 12.88 -18.31 57.59
CA GLU S 104 13.63 -18.20 58.83
C GLU S 104 12.64 -17.87 59.92
N VAL S 105 12.56 -18.72 60.94
CA VAL S 105 11.59 -18.55 62.02
C VAL S 105 12.32 -18.19 63.32
N GLN S 106 11.72 -17.28 64.08
CA GLN S 106 12.24 -16.79 65.36
C GLN S 106 11.24 -17.10 66.47
N VAL S 107 11.71 -17.71 67.56
CA VAL S 107 10.86 -18.08 68.69
C VAL S 107 11.26 -17.28 69.92
N ILE S 108 10.26 -16.80 70.66
CA ILE S 108 10.43 -15.98 71.85
C ILE S 108 9.70 -16.64 73.01
N LEU S 109 10.37 -16.77 74.15
CA LEU S 109 9.82 -17.46 75.31
C LEU S 109 9.79 -16.50 76.50
N ALA S 110 8.60 -16.30 77.08
CA ALA S 110 8.43 -15.36 78.19
C ALA S 110 8.42 -16.11 79.53
N GLY S 111 9.60 -16.57 79.92
CA GLY S 111 9.80 -17.22 81.20
C GLY S 111 10.29 -16.25 82.26
N ASN S 112 10.75 -16.82 83.37
CA ASN S 112 11.46 -16.07 84.38
C ASN S 112 12.43 -17.00 85.11
N ALA S 113 13.24 -16.42 85.98
CA ALA S 113 14.32 -17.17 86.63
C ALA S 113 13.83 -18.29 87.54
N PHE S 114 12.57 -18.25 87.96
CA PHE S 114 12.03 -19.28 88.84
C PHE S 114 11.50 -20.46 88.05
N THR S 115 11.63 -20.42 86.73
CA THR S 115 11.03 -21.42 85.83
C THR S 115 12.14 -22.33 85.32
N ALA S 116 11.89 -23.64 85.34
CA ALA S 116 12.85 -24.61 84.84
C ALA S 116 12.21 -25.50 83.78
N GLY S 117 13.01 -25.95 82.84
CA GLY S 117 12.56 -26.85 81.80
C GLY S 117 13.16 -26.47 80.47
N LYS S 118 13.10 -27.40 79.52
CA LYS S 118 13.66 -27.19 78.19
C LYS S 118 12.57 -27.40 77.15
N ILE S 119 12.58 -26.57 76.11
CA ILE S 119 11.73 -26.75 74.94
C ILE S 119 12.62 -27.14 73.77
N ILE S 120 12.16 -28.11 72.98
CA ILE S 120 12.83 -28.49 71.74
C ILE S 120 11.95 -28.12 70.57
N PHE S 121 12.52 -27.42 69.60
CA PHE S 121 11.89 -27.16 68.32
C PHE S 121 12.56 -28.04 67.28
N ALA S 122 11.77 -28.67 66.41
CA ALA S 122 12.33 -29.57 65.43
C ALA S 122 11.60 -29.46 64.10
N ALA S 123 12.37 -29.63 63.02
CA ALA S 123 11.84 -29.68 61.67
C ALA S 123 11.69 -31.13 61.27
N VAL S 124 10.47 -31.56 61.02
CA VAL S 124 10.16 -32.95 60.66
C VAL S 124 9.77 -32.97 59.18
N PRO S 125 10.40 -33.82 58.37
CA PRO S 125 10.27 -33.69 56.92
C PRO S 125 8.92 -34.21 56.44
N PRO S 126 8.51 -33.84 55.22
CA PRO S 126 7.15 -34.18 54.78
C PRO S 126 6.94 -35.69 54.78
N ASN S 127 5.72 -36.09 55.15
CA ASN S 127 5.29 -37.49 55.18
C ASN S 127 5.96 -38.28 56.28
N PHE S 128 6.52 -37.63 57.30
CA PHE S 128 6.91 -38.41 58.45
C PHE S 128 5.88 -38.25 59.55
N PRO S 129 5.40 -39.35 60.15
CA PRO S 129 4.31 -39.25 61.13
C PRO S 129 4.79 -38.72 62.47
N THR S 130 4.16 -37.65 62.95
CA THR S 130 4.53 -37.09 64.24
C THR S 130 3.88 -37.83 65.39
N GLU S 131 2.88 -38.66 65.12
CA GLU S 131 2.01 -39.21 66.15
C GLU S 131 2.77 -40.24 66.97
N GLY S 132 3.13 -39.87 68.19
CA GLY S 132 3.73 -40.79 69.14
C GLY S 132 5.16 -40.48 69.51
N LEU S 133 5.71 -39.37 69.02
CA LEU S 133 7.12 -39.10 69.18
C LEU S 133 7.47 -38.87 70.64
N SER S 134 8.59 -39.42 71.06
CA SER S 134 9.15 -39.13 72.36
C SER S 134 10.07 -37.92 72.26
N PRO S 135 10.33 -37.25 73.38
CA PRO S 135 11.32 -36.15 73.33
C PRO S 135 12.68 -36.62 72.85
N SER S 136 13.11 -37.82 73.27
CA SER S 136 14.33 -38.41 72.75
C SER S 136 14.32 -38.45 71.22
N GLN S 137 13.23 -38.96 70.64
CA GLN S 137 13.17 -39.11 69.19
C GLN S 137 13.17 -37.77 68.48
N VAL S 138 12.51 -36.77 69.06
CA VAL S 138 12.44 -35.45 68.43
C VAL S 138 13.84 -34.89 68.21
N THR S 139 14.78 -35.19 69.11
CA THR S 139 16.17 -34.77 68.93
C THR S 139 16.81 -35.38 67.69
N MET S 140 16.22 -36.41 67.09
CA MET S 140 16.84 -37.03 65.93
C MET S 140 16.55 -36.26 64.64
N PHE S 141 15.65 -35.29 64.68
CA PHE S 141 15.44 -34.35 63.58
C PHE S 141 16.40 -33.20 63.72
N PRO S 142 16.54 -32.36 62.68
CA PRO S 142 17.14 -31.04 62.90
C PRO S 142 16.38 -30.34 64.01
N HIS S 143 17.10 -29.85 65.01
CA HIS S 143 16.42 -29.37 66.21
C HIS S 143 17.25 -28.30 66.90
N ILE S 144 16.59 -27.63 67.84
CA ILE S 144 17.22 -26.74 68.82
C ILE S 144 16.59 -27.01 70.17
N ILE S 145 17.42 -27.00 71.21
CA ILE S 145 16.93 -27.19 72.57
C ILE S 145 17.16 -25.88 73.30
N VAL S 146 16.07 -25.23 73.70
CA VAL S 146 16.10 -23.89 74.27
C VAL S 146 15.54 -23.93 75.68
N ASP S 147 16.20 -23.23 76.59
CA ASP S 147 15.77 -23.21 77.99
C ASP S 147 14.63 -22.20 78.13
N VAL S 148 13.63 -22.57 78.93
CA VAL S 148 12.44 -21.73 79.06
C VAL S 148 12.74 -20.35 79.64
N ARG S 149 13.87 -20.18 80.32
CA ARG S 149 14.16 -18.89 80.93
C ARG S 149 15.04 -17.99 80.05
N GLN S 150 15.35 -18.39 78.82
CA GLN S 150 16.16 -17.56 77.93
C GLN S 150 15.43 -16.27 77.58
N LEU S 151 16.18 -15.16 77.59
CA LEU S 151 15.62 -13.87 77.22
C LEU S 151 15.72 -13.63 75.72
N GLU S 152 16.89 -13.90 75.14
CA GLU S 152 17.11 -13.59 73.73
C GLU S 152 16.35 -14.56 72.83
N PRO S 153 15.74 -14.06 71.75
CA PRO S 153 15.02 -14.95 70.82
C PRO S 153 15.96 -15.92 70.13
N VAL S 154 15.40 -17.10 69.80
CA VAL S 154 16.12 -18.16 69.11
C VAL S 154 15.68 -18.23 67.65
N LEU S 155 16.64 -18.42 66.75
CA LEU S 155 16.43 -18.44 65.30
C LEU S 155 16.53 -19.86 64.74
N ILE S 156 15.52 -20.29 63.99
CA ILE S 156 15.46 -21.61 63.38
C ILE S 156 15.35 -21.44 61.87
N PRO S 157 16.17 -22.13 61.07
CA PRO S 157 15.91 -22.20 59.62
C PRO S 157 14.89 -23.28 59.25
N LEU S 158 13.98 -22.92 58.34
CA LEU S 158 12.92 -23.82 57.87
C LEU S 158 12.92 -23.91 56.35
N PRO S 159 13.67 -24.85 55.76
CA PRO S 159 13.74 -24.95 54.30
C PRO S 159 12.62 -25.80 53.69
N ASP S 160 12.30 -25.45 52.44
CA ASP S 160 11.16 -26.05 51.74
C ASP S 160 11.56 -27.36 51.07
N VAL S 161 11.92 -28.33 51.91
CA VAL S 161 12.17 -29.69 51.44
C VAL S 161 10.91 -30.25 50.80
N ARG S 162 11.07 -30.85 49.61
CA ARG S 162 9.94 -31.29 48.80
C ARG S 162 10.48 -32.17 47.68
N ASN S 163 9.55 -32.82 46.96
CA ASN S 163 9.91 -33.65 45.82
C ASN S 163 9.20 -33.22 44.54
N ASN S 164 8.66 -32.01 44.50
CA ASN S 164 8.06 -31.45 43.30
C ASN S 164 8.61 -30.06 43.06
N PHE S 165 8.26 -29.49 41.91
CA PHE S 165 8.82 -28.19 41.54
C PHE S 165 8.33 -27.10 42.47
N TYR S 166 7.08 -27.17 42.91
CA TYR S 166 6.49 -26.15 43.78
C TYR S 166 5.17 -26.68 44.33
N HIS S 167 4.54 -25.86 45.18
CA HIS S 167 3.32 -26.20 45.88
C HIS S 167 2.17 -25.35 45.35
N TYR S 168 0.97 -25.93 45.30
CA TYR S 168 -0.24 -25.17 45.01
C TYR S 168 -0.94 -24.74 46.30
N ASN S 169 -1.46 -23.51 46.28
CA ASN S 169 -2.19 -23.01 47.45
C ASN S 169 -3.47 -23.81 47.69
N GLN S 170 -4.15 -24.20 46.61
CA GLN S 170 -5.43 -24.90 46.70
C GLN S 170 -5.27 -26.40 46.98
N SER S 171 -4.05 -26.88 47.20
CA SER S 171 -3.81 -28.29 47.48
C SER S 171 -3.33 -28.47 48.91
N ASN S 172 -3.67 -29.64 49.48
CA ASN S 172 -3.24 -30.02 50.82
C ASN S 172 -1.99 -30.90 50.79
N ASP S 173 -1.19 -30.75 49.74
CA ASP S 173 0.09 -31.43 49.64
C ASP S 173 0.94 -31.13 50.89
N PRO S 174 1.59 -32.13 51.47
CA PRO S 174 2.30 -31.91 52.72
C PRO S 174 3.66 -31.25 52.53
N THR S 175 4.04 -30.46 53.52
CA THR S 175 5.30 -29.72 53.54
C THR S 175 6.04 -30.05 54.83
N ILE S 176 7.27 -29.54 54.94
CA ILE S 176 7.99 -29.65 56.20
C ILE S 176 7.19 -29.01 57.33
N LYS S 177 7.27 -29.63 58.51
CA LYS S 177 6.59 -29.16 59.70
C LYS S 177 7.59 -28.79 60.77
N LEU S 178 7.34 -27.68 61.47
CA LEU S 178 8.06 -27.33 62.68
C LEU S 178 7.20 -27.67 63.89
N ILE S 179 7.78 -28.38 64.86
CA ILE S 179 7.06 -28.85 66.04
C ILE S 179 7.80 -28.39 67.30
N ALA S 180 7.03 -28.02 68.33
CA ALA S 180 7.56 -27.61 69.62
C ALA S 180 6.97 -28.49 70.71
N MET S 181 7.84 -28.99 71.59
CA MET S 181 7.38 -29.80 72.71
C MET S 181 8.36 -29.70 73.88
N LEU S 182 7.85 -29.99 75.06
CA LEU S 182 8.65 -30.03 76.28
C LEU S 182 9.65 -31.16 76.22
N TYR S 183 10.94 -30.81 76.30
CA TYR S 183 12.02 -31.80 76.20
C TYR S 183 12.33 -32.39 77.57
N THR S 184 12.23 -31.57 78.61
CA THR S 184 12.31 -31.91 80.03
C THR S 184 11.11 -31.30 80.72
N PRO S 185 10.59 -31.94 81.77
CA PRO S 185 9.38 -31.42 82.41
C PRO S 185 9.57 -30.01 82.95
N LEU S 186 8.48 -29.23 82.89
CA LEU S 186 8.46 -27.85 83.35
C LEU S 186 8.16 -27.80 84.85
N ARG S 187 8.98 -27.06 85.59
CA ARG S 187 8.76 -26.84 87.01
C ARG S 187 8.54 -25.35 87.25
N ALA S 188 7.46 -25.03 87.96
CA ALA S 188 7.07 -23.64 88.19
C ALA S 188 6.26 -23.50 89.49
N VAL S 195 0.20 -22.19 88.63
CA VAL S 195 -0.59 -21.19 87.93
C VAL S 195 0.24 -20.53 86.83
N PHE S 196 1.56 -20.47 87.04
CA PHE S 196 2.46 -19.75 86.14
C PHE S 196 2.48 -20.31 84.74
N THR S 197 1.88 -19.59 83.80
CA THR S 197 1.92 -19.96 82.39
C THR S 197 2.99 -19.17 81.66
N VAL S 198 3.73 -19.86 80.79
CA VAL S 198 4.78 -19.25 79.98
C VAL S 198 4.21 -18.93 78.61
N SER S 199 4.06 -17.65 78.31
CA SER S 199 3.57 -17.23 76.99
C SER S 199 4.71 -17.28 75.98
N CYS S 200 4.47 -17.92 74.84
CA CYS S 200 5.48 -18.07 73.80
C CYS S 200 4.95 -17.53 72.47
N ARG S 201 5.84 -16.95 71.68
CA ARG S 201 5.47 -16.38 70.40
C ARG S 201 6.44 -16.82 69.30
N VAL S 202 5.89 -17.15 68.14
CA VAL S 202 6.64 -17.59 66.97
C VAL S 202 6.51 -16.54 65.88
N LEU S 203 7.65 -16.02 65.43
CA LEU S 203 7.71 -15.05 64.35
C LEU S 203 8.48 -15.65 63.17
N THR S 204 8.20 -15.15 61.97
CA THR S 204 8.78 -15.69 60.75
C THR S 204 9.13 -14.58 59.77
N ARG S 205 9.91 -14.94 58.77
CA ARG S 205 10.14 -14.12 57.58
C ARG S 205 10.61 -15.04 56.47
N PRO S 206 10.29 -14.73 55.21
CA PRO S 206 10.67 -15.64 54.12
C PRO S 206 12.17 -15.63 53.87
N SER S 207 12.71 -16.82 53.56
CA SER S 207 14.07 -16.92 53.09
C SER S 207 14.21 -16.18 51.76
N PRO S 208 15.44 -15.87 51.34
CA PRO S 208 15.61 -15.24 50.02
C PRO S 208 15.17 -16.09 48.84
N ASP S 209 15.14 -17.43 48.98
CA ASP S 209 14.70 -18.29 47.89
C ASP S 209 13.18 -18.45 47.82
N PHE S 210 12.43 -17.86 48.75
CA PHE S 210 10.98 -17.95 48.71
C PHE S 210 10.41 -17.04 47.62
N ASP S 211 9.38 -17.52 46.96
CA ASP S 211 8.71 -16.73 45.93
C ASP S 211 7.35 -17.34 45.63
N PHE S 212 6.42 -16.48 45.23
CA PHE S 212 5.12 -16.92 44.74
C PHE S 212 5.23 -17.23 43.24
N ILE S 213 4.20 -17.87 42.69
CA ILE S 213 4.38 -18.33 41.30
C ILE S 213 3.40 -17.81 40.26
N PHE S 214 2.09 -17.97 40.42
CA PHE S 214 1.22 -17.58 39.33
C PHE S 214 0.22 -16.53 39.80
N LEU S 215 0.27 -15.36 39.19
CA LEU S 215 -0.62 -14.25 39.55
C LEU S 215 -2.06 -14.56 39.17
N VAL S 216 -2.96 -14.42 40.13
CA VAL S 216 -4.32 -14.89 39.88
C VAL S 216 -5.28 -13.98 40.65
N PRO S 217 -6.53 -13.80 40.22
CA PRO S 217 -7.45 -12.89 40.92
C PRO S 217 -7.87 -13.44 42.27
N PRO S 218 -7.89 -12.61 43.32
CA PRO S 218 -8.43 -13.07 44.60
C PRO S 218 -9.94 -13.23 44.50
N THR S 219 -10.39 -14.44 44.17
CA THR S 219 -11.82 -14.73 44.12
C THR S 219 -12.31 -15.26 45.46
N VAL S 220 -13.63 -15.36 45.58
CA VAL S 220 -14.23 -15.90 46.79
C VAL S 220 -14.12 -17.41 46.83
N GLU S 221 -14.34 -18.08 45.68
CA GLU S 221 -14.25 -19.54 45.64
C GLU S 221 -12.87 -20.06 45.99
N SER S 222 -11.85 -19.20 46.00
CA SER S 222 -10.50 -19.65 46.34
C SER S 222 -10.48 -20.21 47.75
N ARG S 223 -11.26 -19.60 48.65
CA ARG S 223 -11.22 -19.91 50.07
C ARG S 223 -9.83 -19.63 50.62
N THR S 224 -9.26 -18.51 50.20
CA THR S 224 -7.98 -18.01 50.71
C THR S 224 -8.15 -16.79 51.59
N LYS S 225 -9.38 -16.31 51.77
CA LYS S 225 -9.61 -15.23 52.70
C LYS S 225 -9.27 -15.73 54.09
N PRO S 226 -8.55 -14.95 54.90
CA PRO S 226 -8.17 -15.43 56.22
C PRO S 226 -9.32 -15.36 57.21
N PHE S 227 -9.25 -16.20 58.23
CA PHE S 227 -10.35 -16.36 59.15
C PHE S 227 -10.46 -15.16 60.08
N THR S 228 -11.70 -14.69 60.27
CA THR S 228 -11.99 -13.58 61.15
C THR S 228 -13.30 -13.85 61.86
N VAL S 229 -13.60 -12.99 62.83
CA VAL S 229 -14.80 -13.07 63.64
C VAL S 229 -15.44 -11.68 63.60
N PRO S 230 -16.76 -11.58 63.43
CA PRO S 230 -17.37 -10.26 63.20
C PRO S 230 -17.06 -9.29 64.33
N ILE S 231 -16.97 -8.02 63.95
CA ILE S 231 -16.73 -6.94 64.92
C ILE S 231 -17.97 -6.57 65.70
N LEU S 232 -19.11 -7.18 65.41
CA LEU S 232 -20.35 -6.84 66.09
C LEU S 232 -20.23 -7.06 67.59
N THR S 233 -20.99 -6.26 68.33
CA THR S 233 -21.07 -6.33 69.78
C THR S 233 -22.06 -7.40 70.22
N VAL S 234 -21.81 -7.96 71.40
CA VAL S 234 -22.74 -8.94 71.99
C VAL S 234 -24.14 -8.35 72.04
N GLU S 235 -24.25 -7.11 72.50
CA GLU S 235 -25.54 -6.44 72.63
C GLU S 235 -26.28 -6.36 71.29
N GLU S 236 -25.55 -6.16 70.19
CA GLU S 236 -26.18 -5.99 68.89
C GLU S 236 -26.37 -7.29 68.10
N MET S 237 -26.03 -8.44 68.66
CA MET S 237 -26.21 -9.69 67.94
C MET S 237 -27.45 -10.41 68.43
N THR S 238 -27.70 -11.59 67.85
CA THR S 238 -28.97 -12.28 67.99
C THR S 238 -28.73 -13.73 68.40
N ASN S 239 -29.62 -14.25 69.24
CA ASN S 239 -29.53 -15.66 69.65
C ASN S 239 -29.84 -16.56 68.47
N SER S 240 -29.14 -17.69 68.40
CA SER S 240 -29.24 -18.63 67.29
C SER S 240 -30.19 -19.79 67.59
N ARG S 241 -30.80 -19.82 68.76
CA ARG S 241 -31.71 -20.88 69.16
C ARG S 241 -33.14 -20.39 69.33
N PHE S 242 -33.38 -19.07 69.25
CA PHE S 242 -34.70 -18.46 69.35
C PHE S 242 -34.59 -17.04 68.82
N PRO S 243 -35.57 -16.55 68.08
CA PRO S 243 -35.42 -15.25 67.42
C PRO S 243 -35.44 -14.08 68.40
N ILE S 244 -34.43 -13.98 69.26
CA ILE S 244 -34.33 -12.88 70.21
C ILE S 244 -32.90 -12.39 70.28
N PRO S 245 -32.72 -11.11 70.63
CA PRO S 245 -31.36 -10.57 70.75
C PRO S 245 -30.60 -11.20 71.91
N LEU S 246 -29.28 -11.10 71.82
CA LEU S 246 -28.40 -11.53 72.90
C LEU S 246 -28.40 -10.48 74.01
N GLU S 247 -27.98 -10.90 75.20
CA GLU S 247 -28.04 -10.01 76.35
C GLU S 247 -26.74 -10.01 77.17
N LYS S 248 -26.18 -11.17 77.45
CA LYS S 248 -24.95 -11.24 78.23
C LYS S 248 -24.18 -12.50 77.87
N LEU S 249 -22.93 -12.55 78.33
CA LEU S 249 -22.09 -13.74 78.24
C LEU S 249 -22.07 -14.46 79.58
N PHE S 250 -22.18 -15.79 79.53
CA PHE S 250 -22.31 -16.60 80.73
C PHE S 250 -21.40 -17.81 80.65
N THR S 251 -20.69 -18.07 81.75
CA THR S 251 -19.91 -19.29 81.92
C THR S 251 -20.50 -20.09 83.06
N GLY S 252 -20.52 -21.41 82.92
CA GLY S 252 -20.95 -22.26 84.01
C GLY S 252 -20.53 -23.71 83.85
N PRO S 253 -20.58 -24.47 84.94
CA PRO S 253 -20.31 -25.91 84.85
C PRO S 253 -21.42 -26.64 84.12
N SER S 254 -21.03 -27.70 83.39
CA SER S 254 -21.98 -28.42 82.56
C SER S 254 -21.99 -29.91 82.87
N GLY S 255 -21.55 -30.31 84.08
CA GLY S 255 -21.49 -31.72 84.40
C GLY S 255 -22.87 -32.34 84.49
N ALA S 256 -23.84 -31.58 84.98
CA ALA S 256 -25.20 -32.07 85.15
C ALA S 256 -25.88 -32.34 83.82
N PHE S 257 -25.67 -31.44 82.85
CA PHE S 257 -26.48 -31.41 81.64
C PHE S 257 -25.75 -32.13 80.50
N VAL S 258 -26.46 -32.28 79.39
CA VAL S 258 -25.86 -32.73 78.13
C VAL S 258 -26.00 -31.56 77.16
N VAL S 259 -24.88 -30.92 76.82
CA VAL S 259 -24.89 -29.74 75.97
C VAL S 259 -24.88 -30.21 74.52
N GLN S 260 -26.07 -30.27 73.92
CA GLN S 260 -26.17 -30.78 72.55
C GLN S 260 -27.22 -30.04 71.75
N PRO S 261 -27.21 -28.70 71.72
CA PRO S 261 -28.20 -27.98 70.92
C PRO S 261 -28.04 -28.33 69.44
N GLN S 262 -29.11 -28.13 68.68
CA GLN S 262 -29.06 -28.37 67.25
C GLN S 262 -29.23 -27.11 66.41
N ASN S 263 -29.53 -25.98 67.03
CA ASN S 263 -29.54 -24.71 66.32
C ASN S 263 -28.33 -23.87 66.74
N GLY S 264 -27.90 -23.00 65.83
CA GLY S 264 -26.67 -22.25 66.08
C GLY S 264 -25.49 -23.18 66.23
N ARG S 265 -25.41 -24.18 65.37
CA ARG S 265 -24.30 -25.13 65.35
C ARG S 265 -23.64 -25.03 63.97
N CYS S 266 -22.42 -24.52 63.93
CA CYS S 266 -21.74 -24.26 62.67
C CYS S 266 -20.23 -24.37 62.85
N THR S 267 -19.56 -24.86 61.82
CA THR S 267 -18.12 -24.99 61.84
C THR S 267 -17.47 -23.67 61.43
N THR S 268 -16.25 -23.44 61.94
CA THR S 268 -15.51 -22.22 61.61
C THR S 268 -15.34 -22.02 60.10
N ASP S 269 -15.23 -23.09 59.32
CA ASP S 269 -15.11 -22.96 57.88
C ASP S 269 -16.45 -22.99 57.16
N GLY S 270 -17.56 -22.85 57.88
CA GLY S 270 -18.84 -22.60 57.26
C GLY S 270 -19.68 -23.82 56.95
N VAL S 271 -19.46 -24.94 57.64
CA VAL S 271 -20.32 -26.10 57.48
C VAL S 271 -21.42 -26.05 58.54
N LEU S 272 -22.66 -26.04 58.08
CA LEU S 272 -23.80 -26.08 59.00
C LEU S 272 -24.02 -27.49 59.55
N LEU S 273 -24.46 -27.55 60.80
CA LEU S 273 -24.65 -28.81 61.52
C LEU S 273 -26.04 -28.82 62.13
N GLY S 274 -26.51 -30.02 62.46
CA GLY S 274 -27.80 -30.15 63.13
C GLY S 274 -28.93 -29.56 62.30
N THR S 275 -29.82 -28.83 62.97
CA THR S 275 -30.97 -28.20 62.34
C THR S 275 -30.72 -26.72 62.01
N THR S 276 -29.46 -26.31 61.91
CA THR S 276 -29.12 -24.91 61.79
C THR S 276 -29.35 -24.41 60.37
N GLN S 277 -29.93 -23.22 60.26
CA GLN S 277 -30.11 -22.53 59.00
C GLN S 277 -29.70 -21.07 59.19
N LEU S 278 -29.83 -20.27 58.14
CA LEU S 278 -29.19 -18.95 58.13
C LEU S 278 -30.11 -17.84 58.59
N SER S 279 -31.41 -17.98 58.42
CA SER S 279 -32.32 -16.87 58.69
C SER S 279 -32.49 -16.70 60.20
N PRO S 280 -32.19 -15.53 60.77
CA PRO S 280 -32.35 -15.34 62.21
C PRO S 280 -33.81 -15.21 62.63
N VAL S 281 -34.72 -15.13 61.66
CA VAL S 281 -36.13 -14.90 61.91
C VAL S 281 -36.88 -16.24 61.90
N ASN S 282 -36.38 -17.19 61.12
CA ASN S 282 -37.07 -18.46 60.94
C ASN S 282 -36.70 -19.51 61.98
N ILE S 283 -36.18 -19.08 63.13
CA ILE S 283 -35.82 -20.02 64.18
C ILE S 283 -37.07 -20.30 65.00
N CYS S 284 -37.35 -21.58 65.24
CA CYS S 284 -38.46 -22.01 66.10
C CYS S 284 -39.80 -21.60 65.49
N THR S 285 -39.89 -21.69 64.16
CA THR S 285 -41.10 -21.38 63.41
C THR S 285 -41.59 -22.64 62.71
N PHE S 286 -42.85 -22.62 62.30
CA PHE S 286 -43.41 -23.70 61.51
C PHE S 286 -44.30 -23.15 60.40
N ARG S 287 -44.27 -23.81 59.24
CA ARG S 287 -45.12 -23.48 58.10
C ARG S 287 -45.71 -24.78 57.54
N GLY S 288 -46.99 -24.74 57.18
CA GLY S 288 -47.62 -25.87 56.56
C GLY S 288 -49.13 -25.74 56.53
N ASP S 289 -49.77 -26.86 56.25
CA ASP S 289 -51.22 -26.97 56.26
C ASP S 289 -51.67 -27.54 57.59
N VAL S 290 -52.83 -27.08 58.07
CA VAL S 290 -53.28 -27.42 59.42
C VAL S 290 -54.62 -28.14 59.35
N THR S 291 -54.84 -29.03 60.32
CA THR S 291 -56.00 -29.91 60.37
C THR S 291 -56.52 -29.96 61.80
N HIS S 292 -57.84 -29.88 61.96
CA HIS S 292 -58.44 -29.90 63.28
C HIS S 292 -58.41 -31.30 63.88
N ILE S 293 -58.21 -31.37 65.20
CA ILE S 293 -58.31 -32.60 65.97
C ILE S 293 -59.65 -32.60 66.68
N ALA S 294 -60.49 -33.60 66.36
CA ALA S 294 -61.90 -33.58 66.74
C ALA S 294 -62.07 -33.57 68.26
N GLY S 295 -62.89 -32.63 68.74
CA GLY S 295 -63.25 -32.55 70.14
C GLY S 295 -62.37 -31.69 71.01
N THR S 296 -61.29 -31.13 70.47
CA THR S 296 -60.35 -30.30 71.22
C THR S 296 -60.15 -28.98 70.50
N HIS S 297 -59.36 -28.11 71.11
CA HIS S 297 -58.85 -26.91 70.45
C HIS S 297 -57.45 -27.14 69.88
N ASP S 298 -57.09 -28.41 69.68
CA ASP S 298 -55.78 -28.79 69.19
C ASP S 298 -55.82 -28.97 67.69
N TYR S 299 -54.71 -28.65 67.03
CA TYR S 299 -54.58 -28.78 65.59
C TYR S 299 -53.31 -29.54 65.24
N THR S 300 -53.35 -30.22 64.10
CA THR S 300 -52.21 -30.91 63.53
C THR S 300 -51.73 -30.16 62.30
N MET S 301 -50.43 -29.85 62.25
CA MET S 301 -49.83 -29.15 61.13
C MET S 301 -48.98 -30.11 60.30
N ASN S 302 -49.30 -30.21 59.02
CA ASN S 302 -48.49 -30.97 58.08
C ASN S 302 -47.41 -30.05 57.52
N LEU S 303 -46.16 -30.41 57.74
CA LEU S 303 -45.05 -29.47 57.58
C LEU S 303 -44.65 -29.38 56.11
N ALA S 304 -44.68 -28.15 55.57
CA ALA S 304 -44.02 -27.83 54.32
C ALA S 304 -42.61 -27.32 54.61
N SER S 305 -41.85 -27.04 53.56
CA SER S 305 -40.48 -26.57 53.74
C SER S 305 -40.49 -25.12 54.26
N GLN S 306 -39.31 -24.67 54.71
CA GLN S 306 -39.15 -23.28 55.11
C GLN S 306 -39.38 -22.34 53.93
N ASN S 307 -39.03 -22.76 52.72
CA ASN S 307 -39.29 -22.01 51.49
C ASN S 307 -40.72 -22.17 50.99
N TRP S 308 -41.54 -22.96 51.69
CA TRP S 308 -42.90 -23.33 51.27
C TRP S 308 -42.88 -24.34 50.13
N ASN S 309 -41.81 -25.14 50.06
CA ASN S 309 -41.75 -26.33 49.22
C ASN S 309 -42.38 -27.51 49.96
N ASN S 310 -42.32 -28.69 49.34
CA ASN S 310 -42.58 -29.89 50.10
C ASN S 310 -41.40 -30.18 51.03
N TYR S 311 -41.71 -30.76 52.19
CA TYR S 311 -40.70 -31.15 53.15
C TYR S 311 -40.38 -32.62 52.96
N ASP S 312 -39.09 -32.95 52.90
CA ASP S 312 -38.68 -34.33 52.69
C ASP S 312 -38.20 -34.91 54.01
N PRO S 313 -38.92 -35.84 54.63
CA PRO S 313 -38.47 -36.43 55.90
C PRO S 313 -37.27 -37.34 55.78
N THR S 314 -36.75 -37.58 54.57
CA THR S 314 -35.63 -38.48 54.36
C THR S 314 -34.29 -37.76 54.28
N GLU S 315 -34.27 -36.44 54.49
CA GLU S 315 -33.02 -35.69 54.42
C GLU S 315 -32.10 -36.09 55.57
N GLU S 316 -30.80 -35.91 55.37
CA GLU S 316 -29.81 -36.31 56.36
C GLU S 316 -29.71 -35.28 57.47
N ILE S 317 -30.85 -34.94 58.08
CA ILE S 317 -30.94 -33.93 59.13
C ILE S 317 -31.71 -34.57 60.29
N PRO S 318 -31.49 -34.16 61.54
CA PRO S 318 -32.32 -34.69 62.62
C PRO S 318 -33.79 -34.28 62.53
N ALA S 319 -34.09 -33.18 61.85
CA ALA S 319 -35.43 -32.61 61.75
C ALA S 319 -35.38 -31.46 60.75
N PRO S 320 -36.50 -30.86 60.33
CA PRO S 320 -36.41 -29.72 59.42
C PRO S 320 -35.67 -28.56 60.06
N LEU S 321 -34.99 -27.77 59.22
CA LEU S 321 -34.12 -26.72 59.71
C LEU S 321 -34.94 -25.66 60.45
N GLY S 322 -34.46 -25.27 61.64
CA GLY S 322 -35.15 -24.35 62.50
C GLY S 322 -36.08 -24.98 63.52
N THR S 323 -36.15 -26.30 63.57
CA THR S 323 -36.99 -26.97 64.55
C THR S 323 -36.47 -26.69 65.96
N PRO S 324 -37.34 -26.36 66.91
CA PRO S 324 -36.89 -26.11 68.28
C PRO S 324 -36.02 -27.24 68.80
N ASP S 325 -34.99 -26.87 69.56
CA ASP S 325 -33.99 -27.83 70.02
C ASP S 325 -33.99 -27.95 71.54
N PHE S 326 -35.14 -27.72 72.16
CA PHE S 326 -35.28 -27.91 73.60
C PHE S 326 -36.69 -28.39 73.90
N VAL S 327 -36.85 -28.97 75.08
CA VAL S 327 -38.15 -29.45 75.53
C VAL S 327 -38.83 -28.33 76.30
N GLY S 328 -40.04 -27.98 75.90
CA GLY S 328 -40.77 -26.91 76.56
C GLY S 328 -42.03 -26.60 75.78
N LYS S 329 -42.78 -25.65 76.34
CA LYS S 329 -44.02 -25.19 75.71
C LYS S 329 -43.78 -23.79 75.15
N ILE S 330 -43.79 -23.69 73.83
CA ILE S 330 -43.53 -22.43 73.13
C ILE S 330 -44.84 -21.85 72.66
N GLN S 331 -45.17 -20.65 73.13
CA GLN S 331 -46.39 -19.97 72.73
C GLN S 331 -46.09 -18.95 71.65
N GLY S 332 -46.99 -18.85 70.68
CA GLY S 332 -46.88 -17.86 69.62
C GLY S 332 -48.24 -17.52 69.06
N VAL S 333 -48.31 -17.38 67.74
CA VAL S 333 -49.53 -17.01 67.03
C VAL S 333 -49.55 -17.77 65.71
N LEU S 334 -50.66 -18.47 65.44
CA LEU S 334 -50.85 -19.11 64.15
C LEU S 334 -51.48 -18.12 63.18
N THR S 335 -50.93 -18.06 61.97
CA THR S 335 -51.37 -17.11 60.96
C THR S 335 -51.71 -17.85 59.68
N GLN S 336 -52.78 -17.40 59.01
CA GLN S 336 -53.31 -18.07 57.84
C GLN S 336 -53.86 -17.02 56.90
N THR S 337 -53.74 -17.28 55.59
CA THR S 337 -54.27 -16.38 54.58
C THR S 337 -54.94 -17.19 53.48
N THR S 338 -56.16 -16.83 53.12
CA THR S 338 -56.89 -17.51 52.06
C THR S 338 -56.62 -16.80 50.74
N ARG S 339 -56.05 -17.53 49.78
CA ARG S 339 -55.76 -16.97 48.46
C ARG S 339 -57.04 -16.85 47.63
N GLY S 340 -57.24 -15.68 47.03
CA GLY S 340 -58.44 -15.42 46.25
C GLY S 340 -59.23 -14.23 46.74
N ASP S 341 -59.46 -14.16 48.06
CA ASP S 341 -60.14 -13.04 48.68
C ASP S 341 -59.24 -12.22 49.60
N GLY S 342 -58.11 -12.78 50.03
CA GLY S 342 -57.25 -12.12 50.99
C GLY S 342 -57.68 -12.25 52.43
N SER S 343 -58.52 -13.23 52.76
CA SER S 343 -58.93 -13.45 54.14
C SER S 343 -57.73 -13.83 54.99
N THR S 344 -57.63 -13.22 56.17
CA THR S 344 -56.52 -13.48 57.09
C THR S 344 -57.06 -13.75 58.48
N ARG S 345 -56.44 -14.72 59.16
CA ARG S 345 -56.85 -15.14 60.49
C ARG S 345 -55.63 -15.33 61.38
N GLY S 346 -55.76 -14.97 62.64
CA GLY S 346 -54.67 -15.10 63.59
C GLY S 346 -55.12 -15.53 64.97
N HIS S 347 -54.52 -16.58 65.51
CA HIS S 347 -54.96 -17.15 66.78
C HIS S 347 -53.76 -17.53 67.63
N LYS S 348 -53.78 -17.10 68.89
CA LYS S 348 -52.84 -17.58 69.90
C LYS S 348 -52.73 -19.09 69.88
N ALA S 349 -51.50 -19.60 69.85
CA ALA S 349 -51.26 -21.02 69.73
C ALA S 349 -50.03 -21.40 70.53
N THR S 350 -49.90 -22.70 70.80
CA THR S 350 -48.86 -23.18 71.70
C THR S 350 -48.38 -24.55 71.25
N VAL S 351 -47.06 -24.72 71.19
CA VAL S 351 -46.44 -25.99 70.85
C VAL S 351 -45.79 -26.52 72.12
N SER S 352 -46.06 -27.78 72.44
CA SER S 352 -45.37 -28.47 73.52
C SER S 352 -44.36 -29.41 72.90
N THR S 353 -43.09 -29.09 73.07
CA THR S 353 -42.02 -29.97 72.63
C THR S 353 -41.88 -31.11 73.62
N GLY S 354 -41.45 -32.26 73.14
CA GLY S 354 -41.39 -33.43 73.99
C GLY S 354 -42.74 -34.07 74.25
N SER S 355 -43.83 -33.42 73.86
CA SER S 355 -45.12 -34.09 73.73
C SER S 355 -45.04 -35.19 72.68
N VAL S 356 -45.82 -36.24 72.90
CA VAL S 356 -45.77 -37.40 72.00
C VAL S 356 -46.25 -37.06 70.60
N HIS S 357 -46.96 -35.95 70.43
CA HIS S 357 -47.44 -35.52 69.12
C HIS S 357 -46.50 -34.52 68.47
N PHE S 358 -45.36 -34.22 69.09
CA PHE S 358 -44.30 -33.42 68.50
C PHE S 358 -43.39 -34.37 67.73
N THR S 359 -43.65 -34.53 66.43
CA THR S 359 -42.89 -35.43 65.57
C THR S 359 -42.51 -34.72 64.27
N PRO S 360 -41.64 -33.72 64.35
CA PRO S 360 -41.34 -32.95 63.14
C PRO S 360 -40.48 -33.71 62.15
N LYS S 361 -39.68 -34.68 62.61
CA LYS S 361 -38.92 -35.53 61.68
C LYS S 361 -39.85 -36.30 60.75
N LEU S 362 -41.04 -36.66 61.23
CA LEU S 362 -42.02 -37.36 60.41
C LEU S 362 -42.92 -36.41 59.62
N GLY S 363 -43.01 -35.15 60.02
CA GLY S 363 -43.66 -34.16 59.20
C GLY S 363 -44.87 -33.49 59.83
N SER S 364 -45.14 -33.78 61.10
CA SER S 364 -46.32 -33.25 61.76
C SER S 364 -45.99 -32.82 63.18
N VAL S 365 -46.59 -31.70 63.61
CA VAL S 365 -46.51 -31.22 64.97
C VAL S 365 -47.92 -30.77 65.38
N GLN S 366 -48.16 -30.76 66.69
CA GLN S 366 -49.49 -30.47 67.22
C GLN S 366 -49.48 -29.17 68.02
N PHE S 367 -50.43 -28.29 67.71
CA PHE S 367 -50.64 -27.02 68.39
C PHE S 367 -51.92 -27.08 69.21
N THR S 368 -51.96 -26.30 70.28
CA THR S 368 -53.20 -26.04 71.01
C THR S 368 -53.53 -24.57 70.84
N THR S 369 -54.72 -24.29 70.30
CA THR S 369 -55.09 -22.95 69.86
C THR S 369 -56.22 -22.41 70.72
N ASP S 370 -56.69 -21.21 70.38
CA ASP S 370 -57.82 -20.59 71.07
C ASP S 370 -59.11 -20.67 70.27
N THR S 371 -59.16 -21.53 69.25
CA THR S 371 -60.41 -21.82 68.54
C THR S 371 -60.37 -23.28 68.08
N ASN S 372 -61.56 -23.81 67.82
CA ASN S 372 -61.74 -25.13 67.21
C ASN S 372 -62.31 -25.07 65.80
N ASN S 373 -62.44 -23.87 65.22
CA ASN S 373 -63.07 -23.72 63.91
C ASN S 373 -62.27 -22.88 62.91
N ASP S 374 -61.98 -21.63 63.28
CA ASP S 374 -61.56 -20.60 62.32
C ASP S 374 -60.28 -20.92 61.55
N LEU S 375 -59.46 -21.87 61.97
CA LEU S 375 -58.32 -22.27 61.15
C LEU S 375 -58.78 -23.19 60.02
N GLU S 376 -58.74 -22.67 58.79
CA GLU S 376 -59.15 -23.43 57.63
C GLU S 376 -58.08 -24.49 57.29
N THR S 377 -58.51 -25.53 56.58
CA THR S 377 -57.61 -26.65 56.31
C THR S 377 -56.76 -26.45 55.07
N GLY S 378 -57.36 -25.96 53.98
CA GLY S 378 -56.64 -25.85 52.72
C GLY S 378 -55.44 -24.92 52.75
N GLN S 379 -55.57 -23.81 53.47
CA GLN S 379 -54.59 -22.73 53.39
C GLN S 379 -53.30 -23.00 54.16
N ASN S 380 -52.23 -22.36 53.70
CA ASN S 380 -50.93 -22.39 54.36
C ASN S 380 -50.98 -21.61 55.67
N THR S 381 -50.29 -22.13 56.68
CA THR S 381 -50.33 -21.57 58.02
C THR S 381 -48.93 -21.45 58.57
N LYS S 382 -48.66 -20.32 59.24
CA LYS S 382 -47.35 -20.02 59.81
C LYS S 382 -47.47 -19.81 61.32
N PHE S 383 -46.64 -20.51 62.09
CA PHE S 383 -46.50 -20.27 63.52
C PHE S 383 -45.34 -19.31 63.78
N THR S 384 -45.66 -18.12 64.30
CA THR S 384 -44.63 -17.15 64.68
C THR S 384 -44.38 -17.28 66.17
N PRO S 385 -43.18 -17.64 66.61
CA PRO S 385 -42.92 -17.81 68.04
C PRO S 385 -42.79 -16.49 68.77
N VAL S 386 -43.11 -16.51 70.07
CA VAL S 386 -43.03 -15.32 70.90
C VAL S 386 -42.32 -15.62 72.21
N GLY S 387 -42.70 -16.71 72.86
CA GLY S 387 -42.14 -17.01 74.16
C GLY S 387 -42.49 -18.40 74.64
N VAL S 388 -42.12 -18.68 75.89
CA VAL S 388 -42.35 -19.96 76.53
C VAL S 388 -43.24 -19.77 77.74
N VAL S 389 -43.90 -20.86 78.16
CA VAL S 389 -44.81 -20.86 79.30
C VAL S 389 -44.46 -22.02 80.22
N GLN S 390 -44.99 -21.94 81.45
CA GLN S 390 -44.72 -22.91 82.49
C GLN S 390 -45.99 -23.20 83.26
N ASP S 391 -46.22 -24.48 83.56
CA ASP S 391 -47.37 -24.88 84.39
C ASP S 391 -47.11 -24.47 85.83
N GLY S 392 -47.90 -23.52 86.34
CA GLY S 392 -47.59 -22.88 87.61
C GLY S 392 -47.74 -23.78 88.82
N ASN S 393 -48.43 -24.91 88.68
CA ASN S 393 -48.64 -25.81 89.81
C ASN S 393 -47.44 -26.71 90.07
N SER S 394 -46.54 -26.85 89.10
CA SER S 394 -45.34 -27.63 89.27
C SER S 394 -44.22 -26.75 89.84
N ALA S 395 -43.03 -27.32 89.97
CA ALA S 395 -41.91 -26.58 90.53
C ALA S 395 -41.59 -25.36 89.66
N HIS S 396 -41.35 -24.24 90.31
CA HIS S 396 -41.07 -23.00 89.58
C HIS S 396 -39.75 -23.09 88.84
N GLN S 397 -39.76 -22.61 87.59
CA GLN S 397 -38.57 -22.57 86.73
C GLN S 397 -38.10 -23.96 86.32
N ASN S 398 -39.04 -24.83 85.96
CA ASN S 398 -38.71 -26.21 85.60
C ASN S 398 -39.18 -26.66 84.22
N GLU S 399 -39.96 -25.84 83.51
CA GLU S 399 -40.62 -26.36 82.30
C GLU S 399 -39.68 -26.35 81.09
N PRO S 400 -39.11 -25.21 80.67
CA PRO S 400 -38.23 -25.25 79.49
C PRO S 400 -36.81 -25.67 79.84
N GLN S 401 -36.48 -26.92 79.55
CA GLN S 401 -35.16 -27.49 79.84
C GLN S 401 -34.31 -27.40 78.57
N GLN S 402 -33.52 -26.32 78.48
CA GLN S 402 -32.84 -26.01 77.23
C GLN S 402 -31.84 -27.08 76.81
N TRP S 403 -31.33 -27.88 77.76
CA TRP S 403 -30.32 -28.89 77.47
C TRP S 403 -30.92 -30.30 77.35
N VAL S 404 -32.23 -30.42 77.17
CA VAL S 404 -32.86 -31.71 76.92
C VAL S 404 -33.38 -31.68 75.48
N LEU S 405 -32.88 -32.61 74.68
CA LEU S 405 -33.35 -32.60 73.29
C LEU S 405 -34.72 -33.26 73.19
N PRO S 406 -35.61 -32.70 72.39
CA PRO S 406 -36.84 -33.42 72.04
C PRO S 406 -36.57 -34.69 71.26
N ASN S 407 -37.58 -35.56 71.24
CA ASN S 407 -37.52 -36.79 70.46
C ASN S 407 -38.17 -36.45 69.12
N TYR S 408 -37.33 -36.25 68.10
CA TYR S 408 -37.80 -35.66 66.85
C TYR S 408 -38.77 -36.57 66.09
N SER S 409 -38.73 -37.87 66.34
CA SER S 409 -39.67 -38.81 65.71
C SER S 409 -40.65 -39.40 66.73
N GLY S 410 -40.92 -38.66 67.80
CA GLY S 410 -41.79 -39.11 68.88
C GLY S 410 -41.35 -40.45 69.45
N ARG S 411 -42.34 -41.24 69.85
CA ARG S 411 -42.08 -42.56 70.42
C ARG S 411 -41.61 -43.56 69.37
N THR S 412 -41.87 -43.31 68.08
CA THR S 412 -41.54 -44.25 67.02
C THR S 412 -40.07 -44.14 66.61
N GLY S 413 -39.19 -44.31 67.59
CA GLY S 413 -37.75 -44.36 67.39
C GLY S 413 -37.02 -43.27 68.16
N HIS S 414 -35.72 -43.20 67.90
CA HIS S 414 -34.85 -42.19 68.50
C HIS S 414 -34.22 -41.29 67.44
N ASN S 415 -33.67 -40.17 67.91
CA ASN S 415 -33.10 -39.14 67.05
C ASN S 415 -31.87 -39.63 66.29
N VAL S 416 -31.70 -39.11 65.08
CA VAL S 416 -30.61 -39.48 64.18
C VAL S 416 -29.92 -38.21 63.67
N HIS S 417 -28.79 -38.43 63.00
CA HIS S 417 -27.97 -37.36 62.40
C HIS S 417 -27.83 -36.12 63.28
N LEU S 418 -27.52 -36.35 64.56
CA LEU S 418 -27.41 -35.25 65.50
C LEU S 418 -26.06 -34.56 65.38
N ALA S 419 -26.04 -33.26 65.68
CA ALA S 419 -24.80 -32.58 65.94
C ALA S 419 -24.21 -33.10 67.25
N PRO S 420 -22.89 -33.23 67.34
CA PRO S 420 -22.30 -33.87 68.53
C PRO S 420 -22.54 -33.05 69.79
N ALA S 421 -22.44 -33.73 70.93
CA ALA S 421 -22.50 -33.03 72.19
C ALA S 421 -21.19 -32.28 72.46
N VAL S 422 -21.25 -31.37 73.43
CA VAL S 422 -20.21 -30.38 73.66
C VAL S 422 -19.90 -30.34 75.15
N ALA S 423 -18.62 -30.41 75.50
CA ALA S 423 -18.19 -30.36 76.89
C ALA S 423 -16.75 -29.86 76.93
N PRO S 424 -16.35 -29.18 78.01
CA PRO S 424 -14.94 -28.77 78.13
C PRO S 424 -14.03 -29.98 78.27
N THR S 425 -12.89 -29.91 77.59
CA THR S 425 -11.92 -31.00 77.59
C THR S 425 -10.61 -30.62 78.27
N PHE S 426 -10.34 -29.33 78.48
CA PHE S 426 -9.10 -28.88 79.08
C PHE S 426 -9.34 -28.58 80.56
N PRO S 427 -8.49 -29.06 81.46
CA PRO S 427 -8.72 -28.83 82.89
C PRO S 427 -8.81 -27.34 83.23
N GLY S 428 -9.82 -27.00 84.04
CA GLY S 428 -10.01 -25.64 84.48
C GLY S 428 -10.93 -24.82 83.60
N GLU S 429 -11.44 -25.39 82.53
CA GLU S 429 -12.18 -24.66 81.50
C GLU S 429 -13.65 -25.03 81.52
N GLN S 430 -14.49 -24.04 81.18
CA GLN S 430 -15.92 -24.24 81.02
C GLN S 430 -16.36 -23.65 79.69
N LEU S 431 -17.51 -24.10 79.20
CA LEU S 431 -18.12 -23.47 78.05
C LEU S 431 -18.41 -21.99 78.30
N LEU S 432 -18.37 -21.21 77.23
CA LEU S 432 -18.80 -19.82 77.24
C LEU S 432 -20.07 -19.74 76.41
N PHE S 433 -21.14 -19.25 77.02
CA PHE S 433 -22.46 -19.20 76.39
C PHE S 433 -22.82 -17.77 76.04
N PHE S 434 -23.53 -17.62 74.93
CA PHE S 434 -24.17 -16.37 74.57
C PHE S 434 -25.61 -16.46 75.05
N ARG S 435 -25.91 -15.72 76.12
CA ARG S 435 -27.14 -15.90 76.90
C ARG S 435 -28.14 -14.80 76.56
N SER S 436 -29.37 -15.20 76.31
CA SER S 436 -30.48 -14.26 76.22
C SER S 436 -31.67 -14.80 77.03
N THR S 437 -32.63 -13.92 77.28
CA THR S 437 -33.78 -14.23 78.13
C THR S 437 -35.04 -14.33 77.30
N MET S 438 -35.65 -15.51 77.30
CA MET S 438 -36.85 -15.73 76.50
C MET S 438 -38.04 -15.02 77.14
N PRO S 439 -38.93 -14.43 76.34
CA PRO S 439 -40.13 -13.82 76.93
C PRO S 439 -41.03 -14.89 77.53
N GLY S 440 -41.53 -14.61 78.73
CA GLY S 440 -42.52 -15.48 79.35
C GLY S 440 -43.94 -15.00 79.08
N CYS S 441 -44.82 -15.97 78.77
CA CYS S 441 -46.19 -15.68 78.38
C CYS S 441 -47.21 -16.02 79.46
N SER S 442 -46.87 -16.94 80.37
CA SER S 442 -47.69 -17.31 81.51
C SER S 442 -46.94 -18.34 82.36
N GLY S 443 -47.08 -18.26 83.67
CA GLY S 443 -46.42 -19.21 84.55
C GLY S 443 -45.11 -18.68 85.09
N TYR S 444 -44.25 -19.62 85.49
CA TYR S 444 -42.94 -19.32 86.06
C TYR S 444 -41.88 -20.08 85.27
N PRO S 445 -41.64 -19.71 84.03
CA PRO S 445 -40.73 -20.47 83.17
C PRO S 445 -39.26 -20.14 83.44
N ASN S 446 -38.41 -21.11 83.11
CA ASN S 446 -36.97 -20.88 83.08
C ASN S 446 -36.63 -20.19 81.78
N MET S 447 -36.42 -18.89 81.83
CA MET S 447 -36.27 -18.07 80.63
C MET S 447 -34.84 -18.01 80.13
N ASN S 448 -33.93 -18.73 80.78
CA ASN S 448 -32.52 -18.73 80.42
C ASN S 448 -32.32 -19.51 79.12
N LEU S 449 -31.75 -18.85 78.10
CA LEU S 449 -31.48 -19.51 76.82
C LEU S 449 -30.05 -19.26 76.38
N ASP S 450 -29.23 -20.32 76.44
CA ASP S 450 -27.81 -20.25 76.11
C ASP S 450 -27.60 -20.88 74.74
N CYS S 451 -26.86 -20.21 73.87
CA CYS S 451 -26.45 -20.80 72.60
C CYS S 451 -24.92 -20.82 72.50
N LEU S 452 -24.42 -21.69 71.61
CA LEU S 452 -22.98 -21.85 71.46
C LEU S 452 -22.34 -20.79 70.59
N LEU S 453 -23.07 -20.28 69.59
CA LEU S 453 -22.58 -19.26 68.67
C LEU S 453 -23.70 -18.28 68.37
N PRO S 454 -23.40 -16.98 68.30
CA PRO S 454 -24.40 -16.03 67.79
C PRO S 454 -24.80 -16.39 66.37
N GLN S 455 -26.05 -16.05 66.02
CA GLN S 455 -26.52 -16.34 64.67
C GLN S 455 -25.70 -15.58 63.63
N GLU S 456 -25.26 -14.36 63.96
CA GLU S 456 -24.41 -13.60 63.05
C GLU S 456 -23.05 -14.27 62.84
N TRP S 457 -22.53 -14.95 63.87
CA TRP S 457 -21.30 -15.72 63.67
C TRP S 457 -21.54 -16.88 62.71
N VAL S 458 -22.72 -17.51 62.79
CA VAL S 458 -23.06 -18.57 61.86
C VAL S 458 -23.08 -18.02 60.44
N LEU S 459 -23.75 -16.88 60.25
CA LEU S 459 -23.78 -16.23 58.94
C LEU S 459 -22.38 -15.96 58.42
N HIS S 460 -21.52 -15.40 59.28
CA HIS S 460 -20.17 -15.02 58.85
C HIS S 460 -19.36 -16.23 58.41
N PHE S 461 -19.35 -17.28 59.24
CA PHE S 461 -18.57 -18.47 58.89
C PHE S 461 -19.06 -19.08 57.59
N TYR S 462 -20.38 -19.06 57.37
CA TYR S 462 -20.94 -19.67 56.17
C TYR S 462 -20.45 -18.94 54.92
N GLN S 463 -20.50 -17.61 54.95
CA GLN S 463 -20.17 -16.82 53.78
C GLN S 463 -18.67 -16.78 53.53
N GLU S 464 -17.85 -16.70 54.59
CA GLU S 464 -16.42 -16.54 54.43
C GLU S 464 -15.74 -17.88 54.14
N ALA S 465 -16.31 -18.97 54.63
CA ALA S 465 -15.77 -20.32 54.49
C ALA S 465 -14.26 -20.40 54.65
N ALA S 466 -13.74 -19.74 55.67
CA ALA S 466 -12.29 -19.71 55.83
C ALA S 466 -11.80 -21.06 56.34
N PRO S 467 -10.87 -21.73 55.66
CA PRO S 467 -10.36 -23.00 56.17
C PRO S 467 -9.62 -22.83 57.49
N ALA S 468 -9.83 -23.77 58.41
CA ALA S 468 -9.19 -23.72 59.72
C ALA S 468 -7.78 -24.24 59.62
N GLN S 469 -6.81 -23.43 60.06
CA GLN S 469 -5.41 -23.81 60.05
C GLN S 469 -5.03 -24.68 61.25
N SER S 470 -5.91 -24.80 62.24
CA SER S 470 -5.72 -25.72 63.34
C SER S 470 -7.09 -25.97 63.97
N ASP S 471 -7.10 -26.78 65.04
CA ASP S 471 -8.37 -27.20 65.63
C ASP S 471 -8.97 -26.16 66.56
N VAL S 472 -8.22 -25.11 66.91
CA VAL S 472 -8.69 -24.12 67.88
C VAL S 472 -8.30 -22.74 67.39
N ALA S 473 -9.26 -21.83 67.36
CA ALA S 473 -9.00 -20.43 67.05
C ALA S 473 -9.04 -19.63 68.35
N LEU S 474 -7.91 -19.03 68.72
CA LEU S 474 -7.83 -18.22 69.92
C LEU S 474 -8.46 -16.85 69.66
N LEU S 475 -9.48 -16.50 70.45
CA LEU S 475 -10.09 -15.19 70.38
C LEU S 475 -9.81 -14.42 71.66
N ARG S 476 -9.64 -13.11 71.52
CA ARG S 476 -9.53 -12.19 72.65
C ARG S 476 -10.59 -11.10 72.56
N PHE S 477 -11.19 -10.79 73.70
CA PHE S 477 -12.25 -9.79 73.80
C PHE S 477 -11.63 -8.46 74.22
N VAL S 478 -11.88 -7.42 73.43
CA VAL S 478 -11.13 -6.17 73.49
C VAL S 478 -12.06 -5.03 73.84
N ASN S 479 -11.57 -4.11 74.68
CA ASN S 479 -12.25 -2.84 74.94
C ASN S 479 -11.73 -1.82 73.94
N PRO S 480 -12.53 -1.38 72.97
CA PRO S 480 -12.00 -0.51 71.91
C PRO S 480 -11.60 0.88 72.36
N ASP S 481 -12.06 1.37 73.51
CA ASP S 481 -11.64 2.69 73.96
C ASP S 481 -10.15 2.73 74.25
N THR S 482 -9.67 1.80 75.08
CA THR S 482 -8.27 1.77 75.48
C THR S 482 -7.42 0.80 74.66
N GLY S 483 -8.04 -0.09 73.89
CA GLY S 483 -7.30 -1.17 73.24
C GLY S 483 -7.03 -2.38 74.10
N ARG S 484 -7.58 -2.43 75.32
CA ARG S 484 -7.18 -3.43 76.30
C ARG S 484 -7.85 -4.76 76.06
N VAL S 485 -7.10 -5.84 76.30
CA VAL S 485 -7.63 -7.19 76.23
C VAL S 485 -8.22 -7.56 77.58
N LEU S 486 -9.49 -7.98 77.59
CA LEU S 486 -10.18 -8.27 78.83
C LEU S 486 -10.10 -9.75 79.20
N PHE S 487 -10.30 -10.64 78.25
CA PHE S 487 -10.10 -12.07 78.47
C PHE S 487 -9.81 -12.74 77.13
N GLU S 488 -9.33 -13.97 77.21
CA GLU S 488 -9.14 -14.80 76.03
C GLU S 488 -9.98 -16.06 76.14
N CYS S 489 -10.36 -16.60 74.99
CA CYS S 489 -11.18 -17.80 74.93
C CYS S 489 -10.80 -18.60 73.69
N LYS S 490 -11.20 -19.87 73.68
CA LYS S 490 -10.91 -20.77 72.59
C LYS S 490 -12.18 -21.04 71.78
N LEU S 491 -12.17 -20.62 70.52
CA LEU S 491 -13.24 -20.94 69.60
C LEU S 491 -12.84 -22.22 68.89
N HIS S 492 -13.53 -23.31 69.18
CA HIS S 492 -13.15 -24.60 68.62
C HIS S 492 -13.69 -24.75 67.21
N LYS S 493 -12.93 -25.48 66.38
CA LYS S 493 -13.33 -25.66 64.99
C LYS S 493 -14.76 -26.20 64.91
N SER S 494 -15.14 -27.07 65.86
CA SER S 494 -16.46 -27.68 65.88
C SER S 494 -17.58 -26.65 66.07
N GLY S 495 -17.24 -25.40 66.35
CA GLY S 495 -18.21 -24.35 66.58
C GLY S 495 -18.75 -24.21 67.98
N TYR S 496 -17.86 -24.12 68.96
CA TYR S 496 -18.24 -23.84 70.34
C TYR S 496 -17.05 -23.18 71.05
N VAL S 497 -17.36 -22.41 72.09
CA VAL S 497 -16.35 -21.60 72.77
C VAL S 497 -16.17 -22.09 74.18
N THR S 498 -14.93 -22.03 74.66
CA THR S 498 -14.57 -22.43 76.01
C THR S 498 -13.67 -21.36 76.60
N VAL S 499 -13.72 -21.21 77.93
CA VAL S 499 -12.92 -20.20 78.61
C VAL S 499 -12.47 -20.76 79.95
N ALA S 500 -11.46 -20.11 80.54
CA ALA S 500 -10.81 -20.59 81.75
C ALA S 500 -11.47 -19.96 82.96
N HIS S 501 -12.39 -20.71 83.57
CA HIS S 501 -13.15 -20.26 84.74
C HIS S 501 -13.75 -21.48 85.40
N THR S 502 -14.05 -21.35 86.69
CA THR S 502 -14.72 -22.40 87.44
C THR S 502 -15.85 -21.79 88.26
N GLY S 503 -17.05 -22.33 88.08
CA GLY S 503 -18.24 -21.81 88.72
C GLY S 503 -19.08 -20.99 87.76
N PRO S 504 -20.36 -20.83 88.08
CA PRO S 504 -21.22 -19.98 87.25
C PRO S 504 -20.88 -18.51 87.45
N HIS S 505 -21.03 -17.74 86.36
CA HIS S 505 -20.67 -16.33 86.38
C HIS S 505 -21.24 -15.61 85.15
N ASP S 506 -22.01 -14.55 85.39
CA ASP S 506 -22.37 -13.63 84.33
C ASP S 506 -21.20 -12.69 84.09
N LEU S 507 -20.76 -12.59 82.84
CA LEU S 507 -19.57 -11.78 82.56
C LEU S 507 -19.94 -10.30 82.56
N VAL S 508 -19.04 -9.50 83.13
CA VAL S 508 -19.19 -8.06 83.19
C VAL S 508 -18.35 -7.46 82.06
N ILE S 509 -19.01 -6.98 81.01
CA ILE S 509 -18.31 -6.59 79.79
C ILE S 509 -18.69 -5.16 79.44
N PRO S 510 -17.74 -4.34 78.98
CA PRO S 510 -18.09 -3.04 78.41
C PRO S 510 -19.07 -3.21 77.27
N PRO S 511 -20.11 -2.37 77.21
CA PRO S 511 -21.16 -2.58 76.21
C PRO S 511 -20.66 -2.56 74.78
N ASN S 512 -19.52 -1.92 74.50
CA ASN S 512 -19.00 -1.79 73.15
C ASN S 512 -17.83 -2.73 72.85
N GLY S 513 -17.55 -3.69 73.74
CA GLY S 513 -16.47 -4.62 73.50
C GLY S 513 -16.77 -5.59 72.37
N TYR S 514 -15.71 -6.03 71.69
CA TYR S 514 -15.82 -6.88 70.51
C TYR S 514 -14.84 -8.05 70.62
N PHE S 515 -15.11 -9.08 69.83
CA PHE S 515 -14.22 -10.22 69.72
C PHE S 515 -13.23 -10.04 68.57
N ARG S 516 -11.99 -10.44 68.81
CA ARG S 516 -10.91 -10.36 67.83
C ARG S 516 -10.21 -11.71 67.72
N PHE S 517 -10.08 -12.23 66.50
CA PHE S 517 -9.36 -13.48 66.28
C PHE S 517 -7.87 -13.17 66.24
N ASP S 518 -7.09 -13.83 67.11
CA ASP S 518 -5.69 -13.48 67.30
C ASP S 518 -4.69 -14.52 66.80
N SER S 519 -5.00 -15.81 66.91
CA SER S 519 -4.01 -16.82 66.52
C SER S 519 -4.65 -18.19 66.49
N TRP S 520 -4.18 -19.03 65.57
CA TRP S 520 -4.46 -20.46 65.62
C TRP S 520 -3.58 -21.13 66.65
N VAL S 521 -4.19 -21.97 67.48
CA VAL S 521 -3.52 -22.72 68.54
C VAL S 521 -4.04 -24.14 68.48
N ASN S 522 -3.50 -25.00 69.35
CA ASN S 522 -3.99 -26.38 69.44
C ASN S 522 -4.59 -26.64 70.82
N GLN S 523 -4.97 -27.89 71.03
CA GLN S 523 -5.73 -28.32 72.21
C GLN S 523 -4.97 -28.13 73.52
N PHE S 524 -3.66 -27.92 73.47
CA PHE S 524 -2.83 -27.81 74.67
C PHE S 524 -2.71 -26.37 75.19
N TYR S 525 -3.30 -25.40 74.51
CA TYR S 525 -3.20 -24.01 74.93
C TYR S 525 -3.86 -23.78 76.28
N THR S 526 -3.14 -23.09 77.17
CA THR S 526 -3.60 -22.81 78.52
C THR S 526 -4.09 -21.37 78.57
N LEU S 527 -5.38 -21.20 78.87
CA LEU S 527 -5.98 -19.89 78.81
C LEU S 527 -5.70 -19.12 80.09
N ALA S 528 -5.66 -17.80 79.96
CA ALA S 528 -5.54 -16.96 81.14
C ALA S 528 -6.81 -17.10 81.98
N PRO S 529 -6.68 -17.13 83.30
CA PRO S 529 -7.87 -17.17 84.15
C PRO S 529 -8.68 -15.89 84.00
N MET S 530 -10.00 -16.03 84.06
CA MET S 530 -10.93 -14.93 83.83
C MET S 530 -11.96 -14.91 84.95
N GLY S 531 -12.02 -13.80 85.68
CA GLY S 531 -13.02 -13.62 86.71
C GLY S 531 -12.56 -12.73 87.86
N PRO T 10 38.27 -75.49 28.52
CA PRO T 10 37.64 -74.48 29.39
C PRO T 10 36.42 -75.04 30.15
N SER T 11 35.46 -75.58 29.40
CA SER T 11 34.24 -76.13 29.97
C SER T 11 34.27 -77.66 30.00
N ASP T 12 35.44 -78.26 29.80
CA ASP T 12 35.55 -79.70 29.64
C ASP T 12 35.33 -80.38 30.99
N GLY T 13 34.28 -81.19 31.09
CA GLY T 13 33.98 -81.91 32.30
C GLY T 13 33.20 -81.12 33.33
N SER T 14 32.84 -79.87 33.02
CA SER T 14 32.10 -79.02 33.93
C SER T 14 30.70 -78.75 33.37
N THR T 15 30.60 -77.89 32.35
CA THR T 15 29.33 -77.55 31.74
C THR T 15 29.15 -78.20 30.38
N ALA T 16 30.23 -78.65 29.75
CA ALA T 16 30.20 -79.52 28.58
C ALA T 16 29.47 -78.92 27.38
N ASN T 17 29.31 -77.60 27.35
CA ASN T 17 28.56 -76.89 26.30
C ASN T 17 27.10 -77.31 26.24
N LEU T 18 26.61 -78.03 27.24
CA LEU T 18 25.25 -78.56 27.29
C LEU T 18 24.22 -77.48 27.55
N VAL T 19 24.67 -76.25 27.80
CA VAL T 19 23.91 -75.26 28.54
C VAL T 19 24.22 -73.86 28.02
N PRO T 20 23.22 -73.01 27.79
CA PRO T 20 23.51 -71.64 27.33
C PRO T 20 24.41 -70.92 28.32
N GLU T 21 25.43 -70.23 27.79
CA GLU T 21 26.41 -69.59 28.66
C GLU T 21 25.97 -68.20 29.11
N VAL T 22 25.82 -67.25 28.18
CA VAL T 22 25.32 -65.93 28.53
C VAL T 22 24.12 -65.60 27.66
N ASN T 23 23.29 -64.69 28.15
CA ASN T 23 22.21 -64.08 27.37
C ASN T 23 22.74 -62.80 26.74
N ASN T 24 22.65 -62.72 25.41
CA ASN T 24 23.00 -61.50 24.71
C ASN T 24 21.89 -60.45 24.72
N GLU T 25 20.64 -60.87 24.88
CA GLU T 25 19.50 -59.96 24.88
C GLU T 25 19.66 -58.88 25.94
N VAL T 26 19.00 -57.75 25.72
CA VAL T 26 19.15 -56.56 26.57
C VAL T 26 17.80 -55.85 26.64
N MET T 27 17.50 -55.27 27.80
CA MET T 27 16.25 -54.55 27.99
C MET T 27 16.28 -53.20 27.26
N ALA T 28 15.20 -52.90 26.55
CA ALA T 28 15.07 -51.64 25.80
C ALA T 28 14.62 -50.49 26.71
N LEU T 29 15.47 -50.16 27.68
CA LEU T 29 15.23 -49.07 28.60
C LEU T 29 16.31 -48.00 28.44
N GLU T 30 15.89 -46.73 28.45
CA GLU T 30 16.84 -45.63 28.50
C GLU T 30 17.42 -45.49 29.90
N PRO T 31 18.57 -44.84 30.03
CA PRO T 31 19.08 -44.51 31.37
C PRO T 31 18.17 -43.53 32.08
N VAL T 32 18.18 -43.62 33.41
CA VAL T 32 17.35 -42.79 34.29
C VAL T 32 18.20 -42.27 35.43
N VAL T 33 18.17 -40.96 35.65
CA VAL T 33 18.97 -40.38 36.73
C VAL T 33 18.40 -40.80 38.07
N GLY T 34 19.29 -40.97 39.05
CA GLY T 34 18.85 -41.27 40.40
C GLY T 34 18.64 -40.06 41.27
N ALA T 35 19.27 -40.07 42.45
CA ALA T 35 19.03 -39.05 43.45
C ALA T 35 19.79 -37.76 43.20
N ALA T 36 20.74 -37.74 42.26
CA ALA T 36 21.51 -36.53 42.02
C ALA T 36 20.60 -35.38 41.63
N ILE T 37 19.59 -35.65 40.80
CA ILE T 37 18.66 -34.62 40.34
C ILE T 37 17.92 -33.97 41.51
N ALA T 38 17.83 -34.67 42.65
CA ALA T 38 17.05 -34.21 43.79
C ALA T 38 17.83 -33.30 44.73
N ALA T 39 19.12 -33.11 44.50
CA ALA T 39 19.94 -32.39 45.48
C ALA T 39 19.45 -30.98 45.80
N PRO T 40 19.01 -30.15 44.85
CA PRO T 40 18.52 -28.81 45.22
C PRO T 40 17.25 -28.82 46.06
N VAL T 41 16.49 -29.92 46.10
CA VAL T 41 15.24 -29.95 46.85
C VAL T 41 15.24 -30.97 47.97
N ALA T 42 16.25 -31.83 48.07
CA ALA T 42 16.32 -32.75 49.20
C ALA T 42 16.88 -32.05 50.43
N GLY T 43 16.56 -32.62 51.59
CA GLY T 43 17.09 -32.07 52.84
C GLY T 43 18.59 -32.23 52.97
N GLN T 44 19.13 -33.34 52.46
CA GLN T 44 20.52 -33.70 52.71
C GLN T 44 21.04 -34.55 51.57
N GLN T 45 22.36 -34.62 51.46
CA GLN T 45 23.04 -35.47 50.49
C GLN T 45 23.69 -36.57 51.30
N ASN T 46 23.03 -37.71 51.38
CA ASN T 46 23.50 -38.79 52.24
C ASN T 46 24.39 -39.73 51.45
N VAL T 47 24.99 -40.68 52.17
CA VAL T 47 26.01 -41.55 51.63
C VAL T 47 25.69 -42.97 52.06
N ILE T 48 25.80 -43.91 51.14
CA ILE T 48 25.60 -45.32 51.39
C ILE T 48 26.97 -45.99 51.39
N ASP T 49 27.17 -46.93 52.30
CA ASP T 49 28.43 -47.65 52.42
C ASP T 49 28.80 -48.25 51.06
N PRO T 50 29.96 -47.89 50.50
CA PRO T 50 30.28 -48.35 49.14
C PRO T 50 30.32 -49.86 48.98
N TRP T 51 30.58 -50.62 50.05
CA TRP T 51 30.53 -52.08 49.93
C TRP T 51 29.13 -52.54 49.57
N ILE T 52 28.10 -51.88 50.11
CA ILE T 52 26.72 -52.22 49.78
C ILE T 52 26.48 -52.00 48.29
N ARG T 53 27.15 -51.01 47.69
CA ARG T 53 26.94 -50.70 46.28
C ARG T 53 27.73 -51.60 45.34
N ASN T 54 28.76 -52.27 45.82
CA ASN T 54 29.65 -53.05 44.97
C ASN T 54 29.47 -54.55 45.08
N ASN T 55 28.49 -55.03 45.85
CA ASN T 55 28.45 -56.44 46.18
C ASN T 55 27.01 -56.95 46.18
N PHE T 56 26.76 -57.97 45.36
CA PHE T 56 25.43 -58.57 45.28
C PHE T 56 25.11 -59.35 46.55
N VAL T 57 23.90 -59.14 47.06
CA VAL T 57 23.38 -59.83 48.23
C VAL T 57 21.97 -60.26 47.90
N GLN T 58 21.53 -61.37 48.48
CA GLN T 58 20.23 -61.91 48.09
C GLN T 58 19.13 -60.98 48.58
N ALA T 59 18.23 -60.63 47.68
CA ALA T 59 17.11 -59.77 48.04
C ALA T 59 16.20 -60.45 49.05
N PRO T 60 15.55 -59.68 49.92
CA PRO T 60 14.44 -60.23 50.69
C PRO T 60 13.39 -60.67 49.68
N GLY T 61 13.03 -61.95 49.72
CA GLY T 61 12.27 -62.45 48.60
C GLY T 61 13.16 -62.69 47.39
N GLY T 62 14.21 -63.48 47.58
CA GLY T 62 15.15 -63.74 46.51
C GLY T 62 15.19 -65.18 46.08
N GLU T 63 14.15 -65.95 46.38
CA GLU T 63 14.01 -67.33 45.93
C GLU T 63 12.72 -67.49 45.14
N PHE T 64 12.79 -68.23 44.03
CA PHE T 64 11.60 -68.71 43.35
C PHE T 64 11.98 -69.98 42.60
N THR T 65 10.96 -70.69 42.12
CA THR T 65 11.15 -72.01 41.54
C THR T 65 10.35 -72.14 40.25
N VAL T 66 10.93 -72.88 39.31
CA VAL T 66 10.23 -73.36 38.13
C VAL T 66 10.10 -74.86 38.27
N SER T 67 8.88 -75.35 38.40
CA SER T 67 8.60 -76.77 38.59
C SER T 67 7.58 -77.20 37.55
N PRO T 68 7.38 -78.52 37.38
CA PRO T 68 6.40 -78.97 36.38
C PRO T 68 4.97 -78.64 36.77
N ARG T 69 4.70 -78.34 38.04
CA ARG T 69 3.36 -77.90 38.43
C ARG T 69 3.04 -76.50 37.94
N ASN T 70 4.03 -75.70 37.59
CA ASN T 70 3.78 -74.33 37.16
C ASN T 70 3.26 -74.33 35.73
N ALA T 71 2.43 -73.33 35.43
CA ALA T 71 1.87 -73.19 34.11
C ALA T 71 2.33 -71.90 33.46
N PRO T 72 2.47 -71.86 32.13
CA PRO T 72 2.88 -70.62 31.46
C PRO T 72 1.92 -69.49 31.80
N GLY T 73 2.48 -68.28 31.93
CA GLY T 73 1.70 -67.11 32.26
C GLY T 73 1.75 -66.73 33.72
N GLU T 74 2.09 -67.67 34.60
CA GLU T 74 2.19 -67.38 36.03
C GLU T 74 3.40 -66.51 36.30
N ILE T 75 3.20 -65.43 37.07
CA ILE T 75 4.31 -64.60 37.51
C ILE T 75 5.01 -65.30 38.67
N LEU T 76 6.21 -65.82 38.41
CA LEU T 76 6.97 -66.53 39.44
C LEU T 76 7.67 -65.60 40.42
N TRP T 77 7.92 -64.35 40.03
CA TRP T 77 8.64 -63.42 40.89
C TRP T 77 8.31 -62.00 40.44
N SER T 78 8.19 -61.10 41.41
CA SER T 78 7.94 -59.69 41.09
C SER T 78 8.30 -58.84 42.30
N ALA T 79 8.68 -57.60 42.03
CA ALA T 79 9.02 -56.65 43.08
C ALA T 79 8.99 -55.24 42.51
N PRO T 80 8.55 -54.26 43.27
CA PRO T 80 8.71 -52.87 42.84
C PRO T 80 10.07 -52.35 43.26
N LEU T 81 10.59 -51.42 42.46
CA LEU T 81 11.86 -50.79 42.81
C LEU T 81 11.74 -50.06 44.14
N GLY T 82 12.72 -50.26 45.00
CA GLY T 82 12.72 -49.66 46.30
C GLY T 82 13.71 -50.33 47.23
N PRO T 83 13.88 -49.75 48.43
CA PRO T 83 14.88 -50.28 49.36
C PRO T 83 14.64 -51.71 49.78
N ASP T 84 13.41 -52.22 49.67
CA ASP T 84 13.10 -53.57 50.07
C ASP T 84 13.72 -54.62 49.15
N LEU T 85 14.36 -54.19 48.06
CA LEU T 85 15.04 -55.10 47.14
C LEU T 85 16.36 -55.61 47.68
N ASN T 86 16.83 -55.09 48.81
CA ASN T 86 18.18 -55.37 49.27
C ASN T 86 18.21 -55.37 50.80
N PRO T 87 18.67 -56.46 51.42
CA PRO T 87 18.56 -56.56 52.89
C PRO T 87 19.32 -55.49 53.63
N TYR T 88 20.49 -55.07 53.12
CA TYR T 88 21.21 -53.96 53.74
C TYR T 88 20.42 -52.67 53.60
N LEU T 89 19.97 -52.36 52.37
CA LEU T 89 19.15 -51.17 52.17
C LEU T 89 17.86 -51.23 52.96
N SER T 90 17.33 -52.44 53.20
CA SER T 90 16.09 -52.57 53.96
C SER T 90 16.24 -52.05 55.39
N HIS T 91 17.34 -52.42 56.05
CA HIS T 91 17.58 -51.89 57.39
C HIS T 91 17.96 -50.41 57.34
N LEU T 92 18.77 -50.03 56.34
CA LEU T 92 19.10 -48.62 56.20
C LEU T 92 17.84 -47.79 55.97
N ALA T 93 16.88 -48.34 55.23
CA ALA T 93 15.68 -47.58 54.89
C ALA T 93 14.89 -47.21 56.13
N ARG T 94 15.02 -47.98 57.20
CA ARG T 94 14.32 -47.67 58.44
C ARG T 94 14.80 -46.35 59.03
N MET T 95 15.90 -45.81 58.51
CA MET T 95 16.58 -44.66 59.07
C MET T 95 16.44 -43.43 58.19
N TYR T 96 15.74 -43.54 57.07
CA TYR T 96 15.59 -42.47 56.11
C TYR T 96 14.13 -42.26 55.76
N ASN T 97 13.83 -41.05 55.28
CA ASN T 97 12.48 -40.65 54.94
C ASN T 97 12.13 -40.94 53.49
N GLY T 98 13.12 -40.99 52.62
CA GLY T 98 12.86 -41.27 51.22
C GLY T 98 14.09 -41.79 50.51
N TYR T 99 13.94 -41.97 49.20
CA TYR T 99 15.00 -42.54 48.38
C TYR T 99 14.76 -42.15 46.93
N ALA T 100 15.78 -42.39 46.11
CA ALA T 100 15.66 -42.23 44.67
C ALA T 100 16.83 -42.95 44.03
N GLY T 101 16.58 -43.53 42.86
CA GLY T 101 17.61 -44.19 42.09
C GLY T 101 17.31 -45.66 41.88
N GLY T 102 18.17 -46.27 41.06
CA GLY T 102 17.89 -47.56 40.48
C GLY T 102 18.72 -48.67 41.11
N PHE T 103 18.46 -49.88 40.61
CA PHE T 103 19.10 -51.08 41.13
C PHE T 103 19.72 -51.85 39.98
N GLU T 104 20.70 -52.68 40.33
CA GLU T 104 21.20 -53.74 39.48
C GLU T 104 20.78 -55.06 40.12
N VAL T 105 20.01 -55.86 39.40
CA VAL T 105 19.53 -57.14 39.93
C VAL T 105 20.24 -58.27 39.19
N GLN T 106 20.58 -59.32 39.94
CA GLN T 106 21.24 -60.49 39.41
C GLN T 106 20.37 -61.70 39.69
N VAL T 107 20.05 -62.45 38.64
CA VAL T 107 19.18 -63.61 38.73
C VAL T 107 20.00 -64.85 38.37
N ILE T 108 19.87 -65.90 39.18
CA ILE T 108 20.59 -67.15 38.97
C ILE T 108 19.58 -68.19 38.52
N LEU T 109 19.80 -68.76 37.33
CA LEU T 109 18.89 -69.72 36.71
C LEU T 109 19.65 -70.93 36.18
N ALA T 110 20.54 -71.51 36.98
CA ALA T 110 21.45 -72.51 36.41
C ALA T 110 20.84 -73.89 36.59
N GLY T 111 19.82 -74.15 35.77
CA GLY T 111 19.10 -75.41 35.84
C GLY T 111 19.90 -76.57 35.29
N ASN T 112 19.42 -77.77 35.62
CA ASN T 112 20.01 -78.99 35.10
C ASN T 112 19.92 -79.03 33.58
N ALA T 113 20.93 -79.65 32.96
CA ALA T 113 21.03 -79.65 31.51
C ALA T 113 19.90 -80.42 30.84
N PHE T 114 19.19 -81.27 31.59
CA PHE T 114 18.09 -82.08 31.07
C PHE T 114 16.75 -81.36 31.10
N THR T 115 16.72 -80.09 31.47
CA THR T 115 15.47 -79.35 31.59
C THR T 115 15.34 -78.37 30.43
N ALA T 116 14.09 -78.03 30.09
CA ALA T 116 13.80 -77.04 29.07
C ALA T 116 12.78 -76.04 29.59
N GLY T 117 12.81 -74.84 29.04
CA GLY T 117 11.83 -73.82 29.36
C GLY T 117 12.44 -72.42 29.35
N LYS T 118 11.58 -71.44 29.20
CA LYS T 118 12.00 -70.05 29.08
C LYS T 118 11.25 -69.19 30.09
N ILE T 119 11.96 -68.19 30.63
CA ILE T 119 11.37 -67.18 31.50
C ILE T 119 11.50 -65.83 30.81
N ILE T 120 10.46 -65.01 30.93
CA ILE T 120 10.49 -63.63 30.44
C ILE T 120 10.59 -62.68 31.64
N PHE T 121 11.59 -61.81 31.60
CA PHE T 121 11.70 -60.72 32.55
C PHE T 121 11.28 -59.44 31.84
N ALA T 122 10.49 -58.61 32.51
CA ALA T 122 10.02 -57.37 31.91
C ALA T 122 9.92 -56.28 32.97
N ALA T 123 10.19 -55.05 32.54
CA ALA T 123 10.00 -53.86 33.36
C ALA T 123 8.68 -53.20 32.97
N VAL T 124 7.75 -53.13 33.91
CA VAL T 124 6.45 -52.51 33.69
C VAL T 124 6.45 -51.13 34.35
N PRO T 125 5.99 -50.09 33.68
CA PRO T 125 6.17 -48.73 34.19
C PRO T 125 5.22 -48.50 35.35
N PRO T 126 5.37 -47.39 36.09
CA PRO T 126 4.72 -47.26 37.40
C PRO T 126 3.21 -47.49 37.45
N ASN T 127 2.41 -46.67 36.78
CA ASN T 127 0.97 -46.74 36.96
C ASN T 127 0.27 -47.74 36.04
N PHE T 128 0.99 -48.75 35.54
CA PHE T 128 0.34 -49.78 34.75
C PHE T 128 0.04 -50.99 35.62
N PRO T 129 -1.19 -51.53 35.57
CA PRO T 129 -1.54 -52.67 36.45
C PRO T 129 -0.94 -53.98 35.96
N THR T 130 -0.28 -54.68 36.88
CA THR T 130 0.33 -56.00 36.61
C THR T 130 -0.66 -57.14 36.76
N GLU T 131 -1.86 -56.88 37.30
CA GLU T 131 -2.66 -57.93 37.91
C GLU T 131 -3.23 -58.92 36.89
N GLY T 132 -3.57 -58.45 35.69
CA GLY T 132 -4.08 -59.38 34.67
C GLY T 132 -3.16 -59.74 33.52
N LEU T 133 -1.87 -59.47 33.63
CA LEU T 133 -1.01 -59.50 32.45
C LEU T 133 -0.88 -60.91 31.87
N SER T 134 -0.98 -61.00 30.55
CA SER T 134 -0.77 -62.19 29.74
C SER T 134 0.65 -62.24 29.20
N PRO T 135 1.11 -63.42 28.79
CA PRO T 135 2.44 -63.49 28.14
C PRO T 135 2.58 -62.58 26.94
N SER T 136 1.59 -62.55 26.05
CA SER T 136 1.59 -61.59 24.94
C SER T 136 1.81 -60.17 25.43
N GLN T 137 1.06 -59.75 26.45
CA GLN T 137 1.13 -58.36 26.90
C GLN T 137 2.48 -58.03 27.52
N VAL T 138 3.04 -58.98 28.27
CA VAL T 138 4.34 -58.76 28.91
C VAL T 138 5.41 -58.51 27.87
N THR T 139 5.28 -59.13 26.70
CA THR T 139 6.19 -58.88 25.59
C THR T 139 6.20 -57.43 25.12
N MET T 140 5.15 -56.67 25.41
CA MET T 140 5.07 -55.31 24.88
C MET T 140 5.80 -54.28 25.74
N PHE T 141 6.26 -54.65 26.93
CA PHE T 141 7.18 -53.84 27.71
C PHE T 141 8.61 -54.16 27.32
N PRO T 142 9.57 -53.33 27.73
CA PRO T 142 10.97 -53.76 27.68
C PRO T 142 11.12 -55.10 28.36
N HIS T 143 11.75 -56.05 27.68
CA HIS T 143 11.79 -57.40 28.22
C HIS T 143 13.05 -58.14 27.78
N ILE T 144 13.32 -59.23 28.49
CA ILE T 144 14.42 -60.14 28.17
C ILE T 144 13.87 -61.56 28.33
N ILE T 145 14.19 -62.43 27.38
CA ILE T 145 13.72 -63.81 27.40
C ILE T 145 14.92 -64.72 27.63
N VAL T 146 14.90 -65.46 28.74
CA VAL T 146 16.06 -66.20 29.22
C VAL T 146 15.71 -67.67 29.30
N ASP T 147 16.66 -68.53 28.95
CA ASP T 147 16.45 -69.97 29.04
C ASP T 147 16.64 -70.43 30.47
N VAL T 148 15.81 -71.38 30.89
CA VAL T 148 15.81 -71.82 32.29
C VAL T 148 17.13 -72.51 32.64
N ARG T 149 17.92 -72.93 31.64
CA ARG T 149 19.22 -73.54 31.87
C ARG T 149 20.35 -72.53 31.92
N GLN T 150 20.08 -71.23 31.80
CA GLN T 150 21.13 -70.24 31.67
C GLN T 150 22.16 -70.37 32.80
N LEU T 151 23.44 -70.38 32.43
CA LEU T 151 24.49 -70.65 33.40
C LEU T 151 24.97 -69.40 34.10
N GLU T 152 25.32 -68.39 33.34
CA GLU T 152 25.79 -67.17 33.96
C GLU T 152 24.61 -66.38 34.51
N PRO T 153 24.78 -65.70 35.64
CA PRO T 153 23.67 -64.92 36.18
C PRO T 153 23.18 -63.90 35.16
N VAL T 154 21.90 -63.59 35.24
CA VAL T 154 21.29 -62.63 34.33
C VAL T 154 21.32 -61.28 35.01
N LEU T 155 21.81 -60.28 34.29
CA LEU T 155 21.94 -58.93 34.82
C LEU T 155 20.88 -58.05 34.21
N ILE T 156 20.00 -57.52 35.05
CA ILE T 156 18.89 -56.68 34.61
C ILE T 156 19.05 -55.35 35.33
N PRO T 157 19.33 -54.26 34.63
CA PRO T 157 19.31 -52.96 35.29
C PRO T 157 17.88 -52.46 35.39
N LEU T 158 17.55 -51.95 36.58
CA LEU T 158 16.19 -51.51 36.90
C LEU T 158 16.24 -50.03 37.21
N PRO T 159 15.90 -49.16 36.26
CA PRO T 159 15.95 -47.72 36.51
C PRO T 159 14.72 -47.22 37.23
N ASP T 160 14.90 -46.09 37.93
CA ASP T 160 13.83 -45.50 38.74
C ASP T 160 13.02 -44.51 37.90
N VAL T 161 12.32 -45.07 36.90
CA VAL T 161 11.38 -44.27 36.13
C VAL T 161 10.35 -43.66 37.06
N ARG T 162 10.12 -42.36 36.92
CA ARG T 162 9.28 -41.62 37.85
C ARG T 162 9.03 -40.23 37.26
N ASN T 163 8.13 -39.48 37.89
CA ASN T 163 7.83 -38.12 37.49
C ASN T 163 8.05 -37.11 38.60
N ASN T 164 8.74 -37.49 39.68
CA ASN T 164 9.09 -36.59 40.75
C ASN T 164 10.58 -36.70 41.08
N PHE T 165 11.04 -35.82 41.96
CA PHE T 165 12.47 -35.77 42.26
C PHE T 165 12.92 -37.01 43.03
N TYR T 166 12.07 -37.52 43.93
CA TYR T 166 12.39 -38.70 44.71
C TYR T 166 11.11 -39.23 45.35
N HIS T 167 11.23 -40.36 46.04
CA HIS T 167 10.10 -41.07 46.62
C HIS T 167 10.12 -40.93 48.13
N TYR T 168 8.93 -40.90 48.74
CA TYR T 168 8.77 -40.98 50.18
C TYR T 168 8.45 -42.41 50.59
N ASN T 169 9.03 -42.85 51.71
CA ASN T 169 8.76 -44.19 52.20
C ASN T 169 7.29 -44.37 52.56
N GLN T 170 6.70 -43.37 53.19
CA GLN T 170 5.36 -43.46 53.74
C GLN T 170 4.26 -43.21 52.71
N SER T 171 4.58 -43.02 51.44
CA SER T 171 3.57 -42.66 50.47
C SER T 171 3.20 -43.85 49.58
N ASN T 172 2.13 -43.65 48.80
CA ASN T 172 1.52 -44.66 47.97
C ASN T 172 2.00 -44.66 46.51
N ASP T 173 2.71 -43.62 46.08
CA ASP T 173 3.08 -43.52 44.66
C ASP T 173 3.83 -44.77 44.19
N PRO T 174 3.47 -45.31 43.02
CA PRO T 174 4.07 -46.55 42.55
C PRO T 174 5.41 -46.32 41.87
N THR T 175 6.19 -47.39 41.83
CA THR T 175 7.49 -47.37 41.19
C THR T 175 7.50 -48.40 40.07
N ILE T 176 8.56 -48.38 39.25
CA ILE T 176 8.73 -49.42 38.25
C ILE T 176 8.72 -50.78 38.92
N LYS T 177 8.15 -51.77 38.25
CA LYS T 177 8.11 -53.14 38.74
C LYS T 177 8.91 -54.03 37.81
N LEU T 178 9.67 -54.94 38.40
CA LEU T 178 10.33 -56.01 37.65
C LEU T 178 9.48 -57.27 37.73
N ILE T 179 9.28 -57.92 36.59
CA ILE T 179 8.40 -59.06 36.46
C ILE T 179 9.22 -60.23 35.95
N ALA T 180 9.04 -61.39 36.57
CA ALA T 180 9.56 -62.65 36.05
C ALA T 180 8.36 -63.58 35.87
N MET T 181 8.09 -63.94 34.61
CA MET T 181 6.95 -64.77 34.29
C MET T 181 7.41 -66.00 33.54
N LEU T 182 6.75 -67.12 33.82
CA LEU T 182 7.05 -68.35 33.10
C LEU T 182 6.51 -68.24 31.69
N TYR T 183 7.43 -68.24 30.72
CA TYR T 183 7.10 -67.97 29.33
C TYR T 183 6.77 -69.25 28.58
N THR T 184 7.50 -70.31 28.89
CA THR T 184 7.33 -71.67 28.42
C THR T 184 7.30 -72.62 29.61
N PRO T 185 6.42 -73.62 29.59
CA PRO T 185 6.36 -74.56 30.71
C PRO T 185 7.68 -75.29 30.86
N LEU T 186 7.94 -75.77 32.08
CA LEU T 186 9.15 -76.51 32.35
C LEU T 186 8.99 -77.94 31.87
N ARG T 187 9.89 -78.38 31.00
CA ARG T 187 9.96 -79.74 30.52
C ARG T 187 11.30 -80.34 30.89
N ALA T 188 11.39 -81.66 30.82
CA ALA T 188 12.64 -82.33 31.17
C ALA T 188 12.69 -83.67 30.46
N ASN T 189 13.92 -84.13 30.18
CA ASN T 189 14.10 -85.41 29.50
C ASN T 189 15.21 -86.24 30.15
N ASN T 190 15.60 -85.92 31.38
CA ASN T 190 16.28 -86.89 32.22
C ASN T 190 15.39 -88.13 32.33
N ALA T 191 16.02 -89.29 32.46
CA ALA T 191 15.28 -90.52 32.21
C ALA T 191 14.58 -91.09 33.43
N GLY T 192 14.73 -90.47 34.60
CA GLY T 192 14.13 -91.02 35.80
C GLY T 192 12.96 -90.17 36.24
N ASP T 193 12.75 -90.03 37.55
CA ASP T 193 11.70 -89.15 38.04
C ASP T 193 12.13 -87.70 37.83
N ASP T 194 11.23 -86.86 37.30
CA ASP T 194 11.61 -85.50 36.93
C ASP T 194 11.55 -84.59 38.16
N VAL T 195 12.52 -84.82 39.05
CA VAL T 195 12.61 -84.03 40.27
C VAL T 195 13.49 -82.83 39.98
N PHE T 196 13.76 -82.59 38.69
CA PHE T 196 14.68 -81.53 38.27
C PHE T 196 13.95 -80.18 38.25
N THR T 197 13.60 -79.72 39.44
CA THR T 197 13.03 -78.40 39.60
C THR T 197 14.18 -77.41 39.52
N VAL T 198 13.92 -76.24 38.93
CA VAL T 198 14.95 -75.21 38.81
C VAL T 198 14.81 -74.26 39.99
N SER T 199 15.77 -74.32 40.91
CA SER T 199 15.81 -73.39 42.03
C SER T 199 16.52 -72.11 41.59
N CYS T 200 15.87 -70.97 41.78
CA CYS T 200 16.37 -69.71 41.28
C CYS T 200 16.58 -68.74 42.44
N ARG T 201 17.59 -67.88 42.27
CA ARG T 201 17.94 -66.91 43.28
C ARG T 201 18.03 -65.53 42.65
N VAL T 202 17.55 -64.54 43.39
CA VAL T 202 17.58 -63.15 42.97
C VAL T 202 18.48 -62.39 43.95
N LEU T 203 19.54 -61.79 43.43
CA LEU T 203 20.42 -60.94 44.21
C LEU T 203 20.42 -59.54 43.62
N THR T 204 20.73 -58.54 44.45
CA THR T 204 20.65 -57.15 44.02
C THR T 204 21.82 -56.36 44.61
N ARG T 205 21.97 -55.14 44.10
CA ARG T 205 22.81 -54.12 44.69
C ARG T 205 22.35 -52.78 44.13
N PRO T 206 22.49 -51.69 44.89
CA PRO T 206 22.02 -50.39 44.38
C PRO T 206 22.90 -49.90 43.25
N SER T 207 22.26 -49.29 42.25
CA SER T 207 22.99 -48.58 41.22
C SER T 207 23.77 -47.43 41.85
N PRO T 208 24.79 -46.90 41.16
CA PRO T 208 25.51 -45.75 41.73
C PRO T 208 24.63 -44.53 41.93
N ASP T 209 23.57 -44.38 41.15
CA ASP T 209 22.69 -43.23 41.30
C ASP T 209 21.66 -43.40 42.41
N PHE T 210 21.63 -44.55 43.08
CA PHE T 210 20.72 -44.74 44.20
C PHE T 210 21.24 -44.01 45.44
N ASP T 211 20.32 -43.43 46.20
CA ASP T 211 20.69 -42.76 47.45
C ASP T 211 19.46 -42.57 48.31
N PHE T 212 19.66 -42.57 49.63
CA PHE T 212 18.61 -42.24 50.58
C PHE T 212 18.52 -40.73 50.73
N ILE T 213 17.44 -40.24 51.33
CA ILE T 213 17.24 -38.79 51.28
C ILE T 213 17.29 -38.06 52.61
N PHE T 214 16.43 -38.40 53.57
CA PHE T 214 16.35 -37.60 54.80
C PHE T 214 16.48 -38.47 56.03
N LEU T 215 17.46 -38.15 56.88
CA LEU T 215 17.71 -38.91 58.11
C LEU T 215 16.58 -38.68 59.12
N VAL T 216 15.94 -39.77 59.57
CA VAL T 216 14.77 -39.73 60.44
C VAL T 216 14.82 -40.85 61.50
N PRO T 217 14.00 -40.80 62.55
CA PRO T 217 14.04 -41.82 63.62
C PRO T 217 13.85 -43.24 63.09
N PRO T 218 14.71 -44.16 63.52
CA PRO T 218 14.85 -45.46 62.85
C PRO T 218 13.67 -46.42 62.90
N THR T 219 12.82 -46.42 63.91
CA THR T 219 11.75 -47.41 63.89
C THR T 219 10.33 -46.82 63.80
N VAL T 220 10.18 -45.50 63.71
CA VAL T 220 8.85 -44.93 63.75
C VAL T 220 8.07 -45.22 62.46
N GLU T 221 8.73 -45.13 61.31
CA GLU T 221 8.03 -45.24 60.03
C GLU T 221 7.52 -46.65 59.79
N SER T 222 6.19 -46.77 59.70
CA SER T 222 5.52 -48.07 59.59
C SER T 222 6.06 -48.92 58.45
N ARG T 223 5.99 -48.40 57.22
CA ARG T 223 6.30 -49.13 56.00
C ARG T 223 7.69 -49.75 55.96
N THR T 224 8.58 -49.40 56.89
CA THR T 224 9.92 -49.97 56.89
C THR T 224 10.12 -51.08 57.92
N LYS T 225 9.11 -51.41 58.71
CA LYS T 225 9.26 -52.49 59.68
C LYS T 225 9.41 -53.82 58.96
N PRO T 226 10.42 -54.62 59.28
CA PRO T 226 10.61 -55.91 58.62
C PRO T 226 9.83 -57.03 59.29
N PHE T 227 9.42 -57.99 58.47
CA PHE T 227 8.61 -59.10 58.96
C PHE T 227 9.50 -60.17 59.60
N THR T 228 9.04 -60.71 60.72
CA THR T 228 9.74 -61.79 61.42
C THR T 228 8.72 -62.79 61.93
N VAL T 229 9.23 -63.96 62.33
CA VAL T 229 8.40 -65.03 62.86
C VAL T 229 9.01 -65.46 64.19
N PRO T 230 8.21 -65.59 65.25
CA PRO T 230 8.77 -65.90 66.57
C PRO T 230 9.53 -67.23 66.57
N ILE T 231 10.63 -67.26 67.33
CA ILE T 231 11.47 -68.45 67.45
C ILE T 231 10.93 -69.48 68.42
N LEU T 232 9.76 -69.26 69.01
CA LEU T 232 9.24 -70.20 69.99
C LEU T 232 9.03 -71.57 69.37
N THR T 233 9.11 -72.61 70.19
CA THR T 233 8.85 -73.98 69.79
C THR T 233 7.36 -74.28 69.84
N VAL T 234 6.94 -75.26 69.03
CA VAL T 234 5.54 -75.70 69.00
C VAL T 234 5.04 -76.02 70.41
N GLU T 235 5.82 -76.78 71.17
CA GLU T 235 5.44 -77.12 72.54
C GLU T 235 5.33 -75.88 73.43
N GLU T 236 6.17 -74.86 73.19
CA GLU T 236 6.15 -73.69 74.06
C GLU T 236 5.03 -72.71 73.73
N MET T 237 4.27 -72.97 72.67
CA MET T 237 3.18 -72.10 72.26
C MET T 237 1.84 -72.73 72.65
N THR T 238 0.76 -72.02 72.34
CA THR T 238 -0.57 -72.37 72.81
C THR T 238 -1.55 -72.31 71.64
N ASN T 239 -2.58 -73.15 71.72
CA ASN T 239 -3.63 -73.13 70.71
C ASN T 239 -4.42 -71.84 70.80
N SER T 240 -4.87 -71.37 69.64
CA SER T 240 -5.56 -70.09 69.52
C SER T 240 -7.07 -70.24 69.52
N ARG T 241 -7.57 -71.48 69.62
CA ARG T 241 -9.00 -71.77 69.57
C ARG T 241 -9.55 -72.30 70.89
N PHE T 242 -8.67 -72.60 71.86
CA PHE T 242 -9.02 -73.10 73.19
C PHE T 242 -7.80 -72.92 74.08
N PRO T 243 -7.97 -72.48 75.32
CA PRO T 243 -6.81 -72.12 76.15
C PRO T 243 -5.99 -73.32 76.59
N ILE T 244 -5.35 -74.00 75.65
CA ILE T 244 -4.55 -75.19 75.94
C ILE T 244 -3.27 -75.14 75.11
N PRO T 245 -2.22 -75.82 75.57
CA PRO T 245 -0.97 -75.84 74.80
C PRO T 245 -1.06 -76.62 73.50
N LEU T 246 -0.16 -76.28 72.59
CA LEU T 246 0.06 -77.06 71.38
C LEU T 246 0.95 -78.26 71.69
N GLU T 247 0.87 -79.28 70.85
CA GLU T 247 1.68 -80.47 71.08
C GLU T 247 2.29 -81.04 69.80
N LYS T 248 1.56 -81.04 68.68
CA LYS T 248 2.13 -81.55 67.45
C LYS T 248 1.63 -80.75 66.25
N LEU T 249 2.29 -80.98 65.11
CA LEU T 249 1.89 -80.47 63.81
C LEU T 249 1.24 -81.57 62.97
N PHE T 250 0.14 -81.23 62.31
CA PHE T 250 -0.62 -82.17 61.51
C PHE T 250 -1.00 -81.55 60.17
N THR T 251 -0.83 -82.31 59.10
CA THR T 251 -1.36 -81.94 57.79
C THR T 251 -2.30 -83.04 57.32
N GLY T 252 -3.39 -82.65 56.66
CA GLY T 252 -4.32 -83.59 56.08
C GLY T 252 -5.17 -82.96 55.00
N PRO T 253 -5.83 -83.80 54.20
CA PRO T 253 -6.74 -83.28 53.18
C PRO T 253 -8.00 -82.68 53.80
N SER T 254 -8.50 -81.63 53.14
CA SER T 254 -9.61 -80.83 53.66
C SER T 254 -10.76 -80.73 52.68
N GLY T 255 -10.85 -81.64 51.70
CA GLY T 255 -11.86 -81.51 50.67
C GLY T 255 -13.28 -81.73 51.17
N ALA T 256 -13.46 -82.63 52.15
CA ALA T 256 -14.81 -82.99 52.58
C ALA T 256 -15.48 -81.83 53.32
N PHE T 257 -14.78 -81.27 54.30
CA PHE T 257 -15.32 -80.29 55.22
C PHE T 257 -14.89 -78.88 54.84
N VAL T 258 -15.37 -77.89 55.58
CA VAL T 258 -15.07 -76.48 55.34
C VAL T 258 -14.22 -75.94 56.48
N VAL T 259 -12.98 -75.58 56.19
CA VAL T 259 -12.03 -75.06 57.16
C VAL T 259 -12.28 -73.55 57.26
N GLN T 260 -13.02 -73.12 58.29
CA GLN T 260 -13.32 -71.70 58.39
C GLN T 260 -13.35 -71.25 59.85
N PRO T 261 -12.34 -71.56 60.66
CA PRO T 261 -12.38 -71.13 62.06
C PRO T 261 -12.37 -69.62 62.18
N GLN T 262 -12.88 -69.12 63.30
CA GLN T 262 -12.97 -67.68 63.54
C GLN T 262 -12.11 -67.21 64.71
N ASN T 263 -11.46 -68.10 65.43
CA ASN T 263 -10.48 -67.73 66.45
C ASN T 263 -9.09 -68.05 65.94
N GLY T 264 -8.11 -67.28 66.42
CA GLY T 264 -6.75 -67.45 65.94
C GLY T 264 -6.65 -67.22 64.44
N ARG T 265 -7.32 -66.18 63.95
CA ARG T 265 -7.24 -65.79 62.55
C ARG T 265 -6.67 -64.38 62.48
N CYS T 266 -5.46 -64.25 61.94
CA CYS T 266 -4.76 -62.97 61.91
C CYS T 266 -3.89 -62.91 60.67
N THR T 267 -3.82 -61.72 60.08
CA THR T 267 -3.00 -61.49 58.91
C THR T 267 -1.56 -61.13 59.29
N THR T 268 -0.64 -61.41 58.37
CA THR T 268 0.78 -61.16 58.58
C THR T 268 1.08 -59.72 59.03
N ASP T 269 0.39 -58.73 58.49
CA ASP T 269 0.62 -57.35 58.90
C ASP T 269 -0.25 -56.90 60.07
N GLY T 270 -0.85 -57.84 60.80
CA GLY T 270 -1.41 -57.55 62.11
C GLY T 270 -2.85 -57.11 62.17
N VAL T 271 -3.65 -57.39 61.16
CA VAL T 271 -5.09 -57.14 61.19
C VAL T 271 -5.78 -58.40 61.70
N LEU T 272 -6.48 -58.28 62.82
CA LEU T 272 -7.25 -59.38 63.36
C LEU T 272 -8.54 -59.58 62.57
N LEU T 273 -8.98 -60.83 62.48
CA LEU T 273 -10.15 -61.20 61.70
C LEU T 273 -11.09 -62.05 62.55
N GLY T 274 -12.36 -62.08 62.12
CA GLY T 274 -13.33 -62.94 62.79
C GLY T 274 -13.50 -62.53 64.25
N THR T 275 -13.48 -63.52 65.14
CA THR T 275 -13.59 -63.28 66.56
C THR T 275 -12.25 -63.31 67.27
N THR T 276 -11.16 -63.06 66.54
CA THR T 276 -9.82 -63.27 67.08
C THR T 276 -9.45 -62.14 68.03
N GLN T 277 -8.81 -62.50 69.14
CA GLN T 277 -8.46 -61.58 70.20
C GLN T 277 -7.06 -61.94 70.70
N LEU T 278 -6.51 -61.12 71.60
CA LEU T 278 -5.09 -61.25 71.93
C LEU T 278 -4.79 -62.08 73.18
N SER T 279 -5.70 -62.17 74.12
CA SER T 279 -5.38 -62.88 75.36
C SER T 279 -5.56 -64.38 75.13
N PRO T 280 -4.54 -65.20 75.43
CA PRO T 280 -4.67 -66.65 75.24
C PRO T 280 -5.56 -67.32 76.27
N VAL T 281 -6.00 -66.60 77.30
CA VAL T 281 -6.79 -67.17 78.39
C VAL T 281 -8.27 -66.88 78.16
N ASN T 282 -8.55 -65.76 77.51
CA ASN T 282 -9.92 -65.32 77.22
C ASN T 282 -10.47 -65.92 75.93
N ILE T 283 -10.01 -67.11 75.55
CA ILE T 283 -10.31 -67.62 74.21
C ILE T 283 -11.69 -68.26 74.17
N CYS T 284 -12.02 -69.14 75.12
CA CYS T 284 -13.39 -69.66 75.19
C CYS T 284 -14.11 -69.25 76.46
N THR T 285 -14.02 -67.96 76.81
CA THR T 285 -14.55 -67.45 78.06
C THR T 285 -15.86 -66.72 77.79
N PHE T 286 -16.66 -66.58 78.83
CA PHE T 286 -17.84 -65.73 78.83
C PHE T 286 -17.90 -64.98 80.16
N ARG T 287 -18.28 -63.71 80.13
CA ARG T 287 -18.45 -62.91 81.34
C ARG T 287 -19.75 -62.14 81.25
N GLY T 288 -20.51 -62.11 82.35
CA GLY T 288 -21.75 -61.37 82.36
C GLY T 288 -22.60 -61.70 83.58
N ASP T 289 -23.86 -61.29 83.50
CA ASP T 289 -24.87 -61.51 84.52
C ASP T 289 -25.71 -62.74 84.19
N VAL T 290 -26.16 -63.44 85.22
CA VAL T 290 -26.79 -64.74 85.04
C VAL T 290 -28.20 -64.73 85.62
N THR T 291 -29.07 -65.53 85.00
CA THR T 291 -30.50 -65.59 85.30
C THR T 291 -30.95 -67.04 85.29
N HIS T 292 -31.72 -67.44 86.29
CA HIS T 292 -32.27 -68.80 86.33
C HIS T 292 -33.50 -68.90 85.43
N ILE T 293 -33.65 -70.05 84.77
CA ILE T 293 -34.86 -70.39 84.03
C ILE T 293 -35.66 -71.39 84.85
N ALA T 294 -36.90 -71.02 85.18
CA ALA T 294 -37.66 -71.71 86.22
C ALA T 294 -37.89 -73.17 85.87
N GLY T 295 -37.65 -74.05 86.86
CA GLY T 295 -37.95 -75.46 86.75
C GLY T 295 -36.83 -76.32 86.20
N THR T 296 -35.70 -75.73 85.82
CA THR T 296 -34.59 -76.46 85.24
C THR T 296 -33.32 -76.14 86.01
N HIS T 297 -32.23 -76.80 85.64
CA HIS T 297 -30.89 -76.44 86.10
C HIS T 297 -30.14 -75.59 85.09
N ASP T 298 -30.86 -74.95 84.17
CA ASP T 298 -30.29 -74.12 83.12
C ASP T 298 -30.31 -72.66 83.55
N TYR T 299 -29.33 -71.90 83.05
CA TYR T 299 -29.27 -70.47 83.27
C TYR T 299 -29.06 -69.73 81.96
N THR T 300 -29.57 -68.51 81.90
CA THR T 300 -29.37 -67.61 80.76
C THR T 300 -28.42 -66.51 81.20
N MET T 301 -27.36 -66.31 80.41
CA MET T 301 -26.33 -65.33 80.72
C MET T 301 -26.36 -64.18 79.72
N ASN T 302 -26.53 -62.96 80.22
CA ASN T 302 -26.44 -61.75 79.42
C ASN T 302 -24.99 -61.29 79.36
N LEU T 303 -24.45 -61.18 78.14
CA LEU T 303 -23.01 -61.08 77.94
C LEU T 303 -22.52 -59.65 78.12
N ALA T 304 -21.47 -59.50 78.93
CA ALA T 304 -20.60 -58.33 78.87
C ALA T 304 -19.43 -58.63 77.92
N SER T 305 -18.39 -57.79 77.97
CA SER T 305 -17.13 -58.06 77.31
C SER T 305 -16.13 -58.63 78.30
N GLN T 306 -14.95 -59.03 77.80
CA GLN T 306 -13.93 -59.58 78.70
C GLN T 306 -13.39 -58.54 79.66
N ASN T 307 -13.50 -57.26 79.32
CA ASN T 307 -13.14 -56.16 80.22
C ASN T 307 -14.31 -55.70 81.07
N TRP T 308 -15.46 -56.40 81.00
CA TRP T 308 -16.68 -56.06 81.72
C TRP T 308 -17.28 -54.74 81.21
N ASN T 309 -17.43 -54.65 79.90
CA ASN T 309 -18.13 -53.57 79.24
C ASN T 309 -19.31 -54.17 78.48
N ASN T 310 -20.41 -53.42 78.38
CA ASN T 310 -21.60 -53.97 77.77
C ASN T 310 -21.32 -54.37 76.32
N TYR T 311 -21.85 -55.51 75.93
CA TYR T 311 -21.65 -55.99 74.57
C TYR T 311 -22.43 -55.14 73.58
N ASP T 312 -21.76 -54.74 72.50
CA ASP T 312 -22.39 -53.94 71.45
C ASP T 312 -22.61 -54.82 70.23
N PRO T 313 -23.84 -55.25 69.95
CA PRO T 313 -24.06 -56.14 68.78
C PRO T 313 -23.86 -55.46 67.43
N THR T 314 -23.61 -54.14 67.38
CA THR T 314 -23.49 -53.45 66.11
C THR T 314 -22.07 -53.45 65.58
N GLU T 315 -21.12 -54.00 66.34
CA GLU T 315 -19.74 -54.06 65.87
C GLU T 315 -19.63 -55.04 64.71
N GLU T 316 -18.70 -54.77 63.80
CA GLU T 316 -18.54 -55.59 62.60
C GLU T 316 -17.74 -56.84 62.91
N ILE T 317 -18.30 -57.67 63.79
CA ILE T 317 -17.67 -58.90 64.24
C ILE T 317 -18.72 -60.00 64.14
N PRO T 318 -18.34 -61.25 63.83
CA PRO T 318 -19.35 -62.33 63.80
C PRO T 318 -19.98 -62.60 65.16
N ALA T 319 -19.32 -62.23 66.25
CA ALA T 319 -19.76 -62.49 67.62
C ALA T 319 -18.80 -61.79 68.57
N PRO T 320 -19.11 -61.70 69.87
CA PRO T 320 -18.14 -61.12 70.80
C PRO T 320 -16.82 -61.85 70.75
N LEU T 321 -15.73 -61.10 70.92
CA LEU T 321 -14.40 -61.67 70.72
C LEU T 321 -14.18 -62.80 71.70
N GLY T 322 -13.68 -63.93 71.20
CA GLY T 322 -13.51 -65.11 72.02
C GLY T 322 -14.68 -66.06 72.00
N THR T 323 -15.69 -65.81 71.20
CA THR T 323 -16.81 -66.75 71.12
C THR T 323 -16.32 -68.04 70.49
N PRO T 324 -16.65 -69.20 71.06
CA PRO T 324 -16.22 -70.47 70.47
C PRO T 324 -16.60 -70.56 68.99
N ASP T 325 -15.75 -71.24 68.21
CA ASP T 325 -15.91 -71.30 66.77
C ASP T 325 -16.18 -72.71 66.27
N PHE T 326 -16.77 -73.55 67.12
CA PHE T 326 -17.15 -74.89 66.73
C PHE T 326 -18.44 -75.28 67.44
N VAL T 327 -19.08 -76.32 66.94
CA VAL T 327 -20.30 -76.84 67.57
C VAL T 327 -19.91 -77.98 68.51
N GLY T 328 -20.35 -77.88 69.75
CA GLY T 328 -20.03 -78.89 70.75
C GLY T 328 -20.50 -78.45 72.11
N LYS T 329 -20.31 -79.35 73.07
CA LYS T 329 -20.65 -79.10 74.46
C LYS T 329 -19.37 -78.90 75.23
N ILE T 330 -19.15 -77.69 75.72
CA ILE T 330 -17.94 -77.33 76.46
C ILE T 330 -18.28 -77.31 77.94
N GLN T 331 -17.58 -78.12 78.73
CA GLN T 331 -17.77 -78.17 80.16
C GLN T 331 -16.72 -77.31 80.86
N GLY T 332 -17.17 -76.55 81.85
CA GLY T 332 -16.27 -75.74 82.66
C GLY T 332 -16.86 -75.46 84.03
N VAL T 333 -16.65 -74.24 84.53
CA VAL T 333 -17.05 -73.85 85.88
C VAL T 333 -17.50 -72.40 85.83
N LEU T 334 -18.72 -72.13 86.32
CA LEU T 334 -19.17 -70.77 86.54
C LEU T 334 -18.75 -70.32 87.93
N THR T 335 -18.17 -69.12 88.01
CA THR T 335 -17.68 -68.56 89.26
C THR T 335 -18.30 -67.19 89.45
N GLN T 336 -18.55 -66.84 90.71
CA GLN T 336 -19.33 -65.63 91.00
C GLN T 336 -18.83 -65.01 92.30
N THR T 337 -18.95 -63.69 92.39
CA THR T 337 -18.55 -62.94 93.57
C THR T 337 -19.60 -61.88 93.88
N THR T 338 -20.00 -61.80 95.15
CA THR T 338 -20.93 -60.79 95.64
C THR T 338 -20.17 -59.56 96.14
N ARG T 339 -20.60 -58.38 95.68
CA ARG T 339 -19.82 -57.17 95.90
C ARG T 339 -19.59 -56.90 97.39
N GLY T 340 -20.62 -57.10 98.22
CA GLY T 340 -20.55 -56.70 99.61
C GLY T 340 -19.79 -57.55 100.61
N ASP T 341 -19.97 -58.87 100.59
CA ASP T 341 -19.33 -59.71 101.61
C ASP T 341 -18.19 -60.58 101.08
N GLY T 342 -17.92 -60.55 99.78
CA GLY T 342 -16.89 -61.41 99.26
C GLY T 342 -17.26 -62.87 99.16
N SER T 343 -18.55 -63.19 99.19
CA SER T 343 -18.96 -64.58 99.01
C SER T 343 -18.67 -65.04 97.59
N THR T 344 -18.20 -66.28 97.46
CA THR T 344 -17.82 -66.84 96.18
C THR T 344 -18.41 -68.23 96.03
N ARG T 345 -18.88 -68.53 94.81
CA ARG T 345 -19.54 -69.79 94.50
C ARG T 345 -19.01 -70.32 93.17
N GLY T 346 -18.83 -71.63 93.09
CA GLY T 346 -18.35 -72.24 91.87
C GLY T 346 -19.05 -73.56 91.58
N HIS T 347 -19.65 -73.66 90.40
CA HIS T 347 -20.51 -74.79 90.07
C HIS T 347 -20.26 -75.26 88.65
N LYS T 348 -20.07 -76.58 88.51
CA LYS T 348 -19.98 -77.25 87.22
C LYS T 348 -21.04 -76.75 86.26
N ALA T 349 -20.63 -76.41 85.04
CA ALA T 349 -21.54 -75.87 84.05
C ALA T 349 -21.08 -76.27 82.66
N THR T 350 -22.00 -76.17 81.70
CA THR T 350 -21.78 -76.68 80.35
C THR T 350 -22.53 -75.80 79.37
N VAL T 351 -21.87 -75.45 78.27
CA VAL T 351 -22.47 -74.68 77.18
C VAL T 351 -22.52 -75.56 75.93
N SER T 352 -23.68 -75.60 75.30
CA SER T 352 -23.86 -76.27 74.01
C SER T 352 -23.93 -75.19 72.93
N THR T 353 -22.92 -75.16 72.07
CA THR T 353 -22.88 -74.16 71.00
C THR T 353 -23.79 -74.50 69.82
N GLY T 354 -24.40 -75.68 69.81
CA GLY T 354 -25.35 -76.03 68.77
C GLY T 354 -26.79 -75.79 69.19
N SER T 355 -26.97 -75.46 70.47
CA SER T 355 -28.29 -75.14 71.00
C SER T 355 -28.88 -73.91 70.35
N VAL T 356 -30.21 -73.88 70.25
CA VAL T 356 -30.92 -72.74 69.67
C VAL T 356 -30.77 -71.51 70.55
N HIS T 357 -30.43 -71.68 71.82
CA HIS T 357 -30.28 -70.58 72.76
C HIS T 357 -28.82 -70.14 72.90
N PHE T 358 -27.92 -70.68 72.08
CA PHE T 358 -26.55 -70.17 71.97
C PHE T 358 -26.58 -69.07 70.92
N THR T 359 -26.83 -67.85 71.37
CA THR T 359 -26.96 -66.68 70.50
C THR T 359 -26.06 -65.55 71.03
N PRO T 360 -24.74 -65.72 70.96
CA PRO T 360 -23.85 -64.70 71.54
C PRO T 360 -23.83 -63.41 70.74
N LYS T 361 -24.14 -63.44 69.44
CA LYS T 361 -24.25 -62.19 68.68
C LYS T 361 -25.40 -61.34 69.21
N LEU T 362 -26.45 -61.98 69.71
CA LEU T 362 -27.60 -61.24 70.24
C LEU T 362 -27.43 -60.85 71.70
N GLY T 363 -26.53 -61.52 72.43
CA GLY T 363 -26.18 -61.08 73.76
C GLY T 363 -26.43 -62.09 74.87
N SER T 364 -26.83 -63.31 74.51
CA SER T 364 -27.22 -64.29 75.52
C SER T 364 -26.69 -65.66 75.16
N VAL T 365 -26.28 -66.41 76.19
CA VAL T 365 -25.84 -67.79 76.07
C VAL T 365 -26.46 -68.57 77.22
N GLN T 366 -26.70 -69.86 77.00
CA GLN T 366 -27.39 -70.69 77.97
C GLN T 366 -26.47 -71.78 78.48
N PHE T 367 -26.38 -71.93 79.80
CA PHE T 367 -25.59 -72.96 80.46
C PHE T 367 -26.51 -73.96 81.17
N THR T 368 -26.03 -75.18 81.31
CA THR T 368 -26.66 -76.19 82.16
C THR T 368 -25.74 -76.47 83.34
N THR T 369 -26.26 -76.29 84.55
CA THR T 369 -25.46 -76.27 85.77
C THR T 369 -25.80 -77.49 86.63
N ASP T 370 -25.12 -77.59 87.77
CA ASP T 370 -25.40 -78.64 88.76
C ASP T 370 -26.16 -78.13 89.98
N THR T 371 -26.75 -76.94 89.91
CA THR T 371 -27.64 -76.43 90.95
C THR T 371 -28.70 -75.55 90.30
N ASN T 372 -29.86 -75.47 90.94
CA ASN T 372 -30.93 -74.59 90.50
C ASN T 372 -31.06 -73.36 91.39
N ASN T 373 -30.18 -73.21 92.37
CA ASN T 373 -30.13 -72.04 93.23
C ASN T 373 -28.66 -71.59 93.26
N ASP T 374 -28.29 -70.88 94.32
CA ASP T 374 -26.89 -70.55 94.60
C ASP T 374 -26.21 -69.79 93.46
N LEU T 375 -26.98 -69.02 92.68
CA LEU T 375 -26.43 -68.10 91.69
C LEU T 375 -27.26 -66.83 91.67
N GLU T 376 -26.69 -65.73 92.17
CA GLU T 376 -27.44 -64.49 92.36
C GLU T 376 -27.86 -63.90 91.01
N THR T 377 -28.81 -62.97 91.08
CA THR T 377 -29.42 -62.38 89.89
C THR T 377 -28.61 -61.22 89.33
N GLY T 378 -27.77 -60.58 90.14
CA GLY T 378 -27.10 -59.36 89.72
C GLY T 378 -25.58 -59.39 89.73
N GLN T 379 -24.97 -60.51 90.08
CA GLN T 379 -23.53 -60.57 90.24
C GLN T 379 -22.85 -60.98 88.93
N ASN T 380 -21.62 -60.48 88.76
CA ASN T 380 -20.81 -60.82 87.58
C ASN T 380 -20.28 -62.25 87.67
N THR T 381 -20.37 -62.97 86.55
CA THR T 381 -20.10 -64.39 86.51
C THR T 381 -19.22 -64.72 85.32
N LYS T 382 -18.24 -65.60 85.52
CA LYS T 382 -17.28 -65.98 84.51
C LYS T 382 -17.35 -67.47 84.27
N PHE T 383 -17.48 -67.86 83.00
CA PHE T 383 -17.36 -69.26 82.61
C PHE T 383 -15.89 -69.54 82.25
N THR T 384 -15.24 -70.37 83.06
CA THR T 384 -13.88 -70.80 82.77
C THR T 384 -13.94 -72.14 82.07
N PRO T 385 -13.53 -72.24 80.81
CA PRO T 385 -13.62 -73.52 80.10
C PRO T 385 -12.54 -74.49 80.56
N VAL T 386 -12.87 -75.78 80.45
CA VAL T 386 -11.98 -76.83 80.92
C VAL T 386 -11.82 -77.90 79.86
N GLY T 387 -12.93 -78.32 79.27
CA GLY T 387 -12.88 -79.42 78.31
C GLY T 387 -14.18 -79.58 77.57
N VAL T 388 -14.25 -80.64 76.77
CA VAL T 388 -15.38 -80.93 75.92
C VAL T 388 -15.95 -82.29 76.33
N VAL T 389 -17.24 -82.49 76.03
CA VAL T 389 -17.96 -83.71 76.37
C VAL T 389 -18.71 -84.21 75.15
N GLN T 390 -19.12 -85.48 75.22
CA GLN T 390 -19.77 -86.18 74.11
C GLN T 390 -20.94 -87.00 74.62
N ASP T 391 -22.05 -86.97 73.90
CA ASP T 391 -23.22 -87.77 74.23
C ASP T 391 -22.96 -89.22 73.84
N GLY T 392 -22.92 -90.10 74.84
CA GLY T 392 -22.44 -91.46 74.68
C GLY T 392 -23.34 -92.38 73.86
N ASN T 393 -24.59 -91.99 73.60
CA ASN T 393 -25.51 -92.88 72.91
C ASN T 393 -25.34 -92.89 71.39
N SER T 394 -24.77 -91.82 70.81
CA SER T 394 -24.51 -91.81 69.38
C SER T 394 -23.07 -92.27 69.10
N ALA T 395 -22.70 -92.23 67.82
CA ALA T 395 -21.41 -92.76 67.38
C ALA T 395 -20.26 -92.06 68.10
N HIS T 396 -19.26 -92.85 68.48
CA HIS T 396 -18.12 -92.32 69.20
C HIS T 396 -17.37 -91.30 68.34
N GLN T 397 -17.00 -90.18 68.97
CA GLN T 397 -16.21 -89.12 68.33
C GLN T 397 -17.01 -88.37 67.25
N ASN T 398 -18.28 -88.08 67.54
CA ASN T 398 -19.15 -87.40 66.58
C ASN T 398 -19.71 -86.09 67.10
N GLU T 399 -19.52 -85.76 68.38
CA GLU T 399 -20.19 -84.63 68.99
C GLU T 399 -19.43 -83.33 68.74
N PRO T 400 -18.12 -83.21 69.10
CA PRO T 400 -17.43 -81.94 68.86
C PRO T 400 -16.94 -81.84 67.42
N GLN T 401 -17.67 -81.09 66.60
CA GLN T 401 -17.35 -80.93 65.18
C GLN T 401 -16.60 -79.61 64.99
N GLN T 402 -15.26 -79.68 65.02
CA GLN T 402 -14.47 -78.46 65.11
C GLN T 402 -14.60 -77.60 63.85
N TRP T 403 -14.88 -78.21 62.71
CA TRP T 403 -14.93 -77.48 61.44
C TRP T 403 -16.35 -77.09 61.05
N VAL T 404 -17.29 -77.10 62.00
CA VAL T 404 -18.65 -76.64 61.78
C VAL T 404 -18.85 -75.37 62.60
N LEU T 405 -19.18 -74.28 61.93
CA LEU T 405 -19.33 -73.05 62.69
C LEU T 405 -20.70 -73.04 63.38
N PRO T 406 -20.75 -72.63 64.65
CA PRO T 406 -22.03 -72.37 65.29
C PRO T 406 -22.75 -71.20 64.63
N ASN T 407 -24.05 -71.12 64.88
CA ASN T 407 -24.86 -70.01 64.38
C ASN T 407 -24.86 -68.93 65.45
N TYR T 408 -24.04 -67.90 65.25
CA TYR T 408 -23.76 -66.92 66.30
C TYR T 408 -25.00 -66.12 66.66
N SER T 409 -26.00 -66.06 65.77
CA SER T 409 -27.26 -65.39 66.04
C SER T 409 -28.41 -66.38 66.20
N GLY T 410 -28.12 -67.63 66.56
CA GLY T 410 -29.13 -68.65 66.67
C GLY T 410 -30.03 -68.73 65.44
N ARG T 411 -31.30 -69.00 65.67
CA ARG T 411 -32.26 -69.13 64.58
C ARG T 411 -32.46 -67.84 63.81
N THR T 412 -32.17 -66.68 64.41
CA THR T 412 -32.36 -65.40 63.74
C THR T 412 -31.21 -65.13 62.78
N GLY T 413 -31.52 -65.05 61.48
CA GLY T 413 -30.51 -64.69 60.49
C GLY T 413 -29.35 -65.68 60.34
N HIS T 414 -28.34 -65.23 59.60
CA HIS T 414 -27.12 -65.99 59.34
C HIS T 414 -25.91 -65.24 59.91
N ASN T 415 -24.79 -65.95 59.97
CA ASN T 415 -23.55 -65.37 60.45
C ASN T 415 -23.07 -64.25 59.54
N VAL T 416 -22.45 -63.23 60.13
CA VAL T 416 -21.98 -62.07 59.38
C VAL T 416 -20.50 -61.84 59.67
N HIS T 417 -19.91 -60.99 58.82
CA HIS T 417 -18.51 -60.55 58.93
C HIS T 417 -17.56 -61.68 59.29
N LEU T 418 -17.68 -62.80 58.58
CA LEU T 418 -16.85 -63.96 58.87
C LEU T 418 -15.46 -63.77 58.28
N ALA T 419 -14.47 -64.39 58.93
CA ALA T 419 -13.19 -64.59 58.30
C ALA T 419 -13.34 -65.58 57.13
N PRO T 420 -12.56 -65.40 56.06
CA PRO T 420 -12.75 -66.25 54.88
C PRO T 420 -12.42 -67.70 55.16
N ALA T 421 -12.96 -68.58 54.31
CA ALA T 421 -12.57 -69.97 54.39
C ALA T 421 -11.17 -70.15 53.79
N VAL T 422 -10.57 -71.30 54.07
CA VAL T 422 -9.15 -71.53 53.80
C VAL T 422 -9.01 -72.90 53.15
N ALA T 423 -8.27 -72.97 52.04
CA ALA T 423 -8.03 -74.21 51.34
C ALA T 423 -6.73 -74.09 50.55
N PRO T 424 -6.02 -75.18 50.35
CA PRO T 424 -4.82 -75.13 49.50
C PRO T 424 -5.19 -74.83 48.05
N THR T 425 -4.36 -74.01 47.41
CA THR T 425 -4.58 -73.59 46.03
C THR T 425 -3.58 -74.16 45.05
N PHE T 426 -2.43 -74.64 45.52
CA PHE T 426 -1.36 -75.13 44.66
C PHE T 426 -1.36 -76.65 44.62
N PRO T 427 -1.20 -77.23 43.44
CA PRO T 427 -1.19 -78.69 43.31
C PRO T 427 -0.15 -79.35 44.22
N GLY T 428 -0.59 -80.38 44.94
CA GLY T 428 0.29 -81.12 45.83
C GLY T 428 0.30 -80.64 47.26
N GLU T 429 -0.47 -79.61 47.58
CA GLU T 429 -0.38 -78.92 48.85
C GLU T 429 -1.60 -79.19 49.72
N GLN T 430 -1.39 -79.25 51.03
CA GLN T 430 -2.44 -79.31 52.02
C GLN T 430 -2.17 -78.28 53.11
N LEU T 431 -3.23 -77.93 53.83
CA LEU T 431 -3.06 -77.06 55.00
C LEU T 431 -2.15 -77.71 56.02
N LEU T 432 -1.43 -76.88 56.77
CA LEU T 432 -0.63 -77.32 57.91
C LEU T 432 -1.28 -76.77 59.17
N PHE T 433 -1.64 -77.68 60.09
CA PHE T 433 -2.40 -77.34 61.27
C PHE T 433 -1.51 -77.43 62.51
N PHE T 434 -1.73 -76.53 63.45
CA PHE T 434 -1.11 -76.63 64.77
C PHE T 434 -2.10 -77.33 65.68
N ARG T 435 -1.80 -78.57 66.06
CA ARG T 435 -2.79 -79.48 66.64
C ARG T 435 -2.62 -79.60 68.14
N SER T 436 -3.74 -79.43 68.85
CA SER T 436 -3.80 -79.55 70.29
C SER T 436 -4.95 -80.52 70.59
N THR T 437 -4.84 -81.25 71.70
CA THR T 437 -5.85 -82.23 72.08
C THR T 437 -6.62 -81.71 73.29
N MET T 438 -7.91 -81.48 73.10
CA MET T 438 -8.72 -80.88 74.14
C MET T 438 -8.93 -81.88 75.28
N PRO T 439 -8.97 -81.41 76.52
CA PRO T 439 -9.40 -82.29 77.62
C PRO T 439 -10.81 -82.80 77.39
N GLY T 440 -11.01 -84.08 77.67
CA GLY T 440 -12.34 -84.68 77.68
C GLY T 440 -12.87 -84.79 79.10
N CYS T 441 -14.14 -84.43 79.29
CA CYS T 441 -14.74 -84.42 80.61
C CYS T 441 -15.80 -85.49 80.83
N SER T 442 -16.38 -86.03 79.77
CA SER T 442 -17.32 -87.14 79.86
C SER T 442 -17.68 -87.61 78.46
N GLY T 443 -17.82 -88.92 78.30
CA GLY T 443 -18.18 -89.51 77.02
C GLY T 443 -17.00 -89.95 76.19
N TYR T 444 -17.17 -89.92 74.86
CA TYR T 444 -16.13 -90.29 73.90
C TYR T 444 -15.96 -89.15 72.90
N PRO T 445 -15.44 -88.02 73.35
CA PRO T 445 -15.45 -86.82 72.50
C PRO T 445 -14.29 -86.78 71.52
N ASN T 446 -14.52 -86.07 70.42
CA ASN T 446 -13.51 -85.85 69.38
C ASN T 446 -12.58 -84.75 69.89
N MET T 447 -11.42 -85.15 70.41
CA MET T 447 -10.57 -84.25 71.18
C MET T 447 -9.56 -83.51 70.32
N ASN T 448 -9.60 -83.68 69.00
CA ASN T 448 -8.69 -82.97 68.10
C ASN T 448 -9.12 -81.51 67.97
N LEU T 449 -8.15 -80.60 68.13
CA LEU T 449 -8.36 -79.18 67.86
C LEU T 449 -7.22 -78.62 67.02
N ASP T 450 -7.51 -78.24 65.79
CA ASP T 450 -6.53 -77.67 64.87
C ASP T 450 -6.79 -76.17 64.72
N CYS T 451 -5.74 -75.36 64.87
CA CYS T 451 -5.82 -73.95 64.57
C CYS T 451 -4.85 -73.61 63.42
N LEU T 452 -5.12 -72.48 62.77
CA LEU T 452 -4.31 -72.08 61.62
C LEU T 452 -3.02 -71.38 62.02
N LEU T 453 -3.00 -70.70 63.17
CA LEU T 453 -1.84 -69.98 63.67
C LEU T 453 -1.78 -70.12 65.18
N PRO T 454 -0.61 -70.40 65.75
CA PRO T 454 -0.48 -70.35 67.21
C PRO T 454 -0.77 -68.96 67.73
N GLN T 455 -1.34 -68.90 68.95
CA GLN T 455 -1.77 -67.63 69.50
C GLN T 455 -0.61 -66.65 69.61
N GLU T 456 0.58 -67.15 69.95
CA GLU T 456 1.75 -66.28 70.01
C GLU T 456 2.11 -65.71 68.65
N TRP T 457 1.83 -66.42 67.56
CA TRP T 457 2.00 -65.82 66.25
C TRP T 457 1.01 -64.67 66.03
N VAL T 458 -0.22 -64.84 66.50
CA VAL T 458 -1.21 -63.76 66.40
C VAL T 458 -0.71 -62.54 67.16
N LEU T 459 -0.25 -62.74 68.39
CA LEU T 459 0.31 -61.65 69.19
C LEU T 459 1.46 -60.95 68.49
N HIS T 460 2.35 -61.74 67.88
CA HIS T 460 3.53 -61.16 67.22
C HIS T 460 3.13 -60.32 66.02
N PHE T 461 2.31 -60.87 65.13
CA PHE T 461 1.89 -60.13 63.94
C PHE T 461 1.17 -58.84 64.33
N TYR T 462 0.36 -58.89 65.38
CA TYR T 462 -0.40 -57.71 65.78
C TYR T 462 0.51 -56.57 66.21
N GLN T 463 1.50 -56.87 67.06
CA GLN T 463 2.36 -55.80 67.59
C GLN T 463 3.33 -55.29 66.54
N GLU T 464 3.96 -56.20 65.79
CA GLU T 464 4.92 -55.85 64.75
C GLU T 464 4.18 -55.83 63.41
N ALA T 465 3.49 -54.72 63.15
CA ALA T 465 2.60 -54.64 61.99
C ALA T 465 3.41 -54.47 60.70
N ALA T 466 4.24 -55.47 60.44
CA ALA T 466 5.15 -55.45 59.30
C ALA T 466 4.40 -55.68 57.99
N PRO T 467 4.47 -54.77 57.03
CA PRO T 467 3.77 -54.97 55.76
C PRO T 467 4.31 -56.18 55.00
N ALA T 468 3.40 -56.91 54.38
CA ALA T 468 3.76 -58.09 53.59
C ALA T 468 4.33 -57.66 52.25
N GLN T 469 5.53 -58.17 51.95
CA GLN T 469 6.19 -57.83 50.70
C GLN T 469 5.66 -58.63 49.52
N SER T 470 4.97 -59.73 49.79
CA SER T 470 4.29 -60.52 48.76
C SER T 470 3.25 -61.38 49.48
N ASP T 471 2.53 -62.18 48.70
CA ASP T 471 1.39 -62.88 49.28
C ASP T 471 1.77 -64.09 50.13
N VAL T 472 3.03 -64.53 50.08
CA VAL T 472 3.46 -65.74 50.78
C VAL T 472 4.84 -65.52 51.39
N ALA T 473 5.00 -65.89 52.65
CA ALA T 473 6.30 -65.93 53.30
C ALA T 473 6.79 -67.37 53.35
N LEU T 474 7.95 -67.63 52.75
CA LEU T 474 8.55 -68.96 52.79
C LEU T 474 9.22 -69.21 54.13
N LEU T 475 8.81 -70.27 54.81
CA LEU T 475 9.42 -70.68 56.07
C LEU T 475 10.08 -72.04 55.90
N ARG T 476 11.20 -72.23 56.59
CA ARG T 476 11.85 -73.54 56.69
C ARG T 476 11.92 -73.93 58.16
N PHE T 477 11.58 -75.19 58.44
CA PHE T 477 11.57 -75.70 59.81
C PHE T 477 12.89 -76.42 60.08
N VAL T 478 13.62 -75.95 61.09
CA VAL T 478 15.02 -76.32 61.31
C VAL T 478 15.14 -77.02 62.66
N ASN T 479 15.94 -78.08 62.69
CA ASN T 479 16.36 -78.70 63.93
C ASN T 479 17.65 -78.04 64.38
N PRO T 480 17.64 -77.21 65.44
CA PRO T 480 18.84 -76.43 65.76
C PRO T 480 19.99 -77.27 66.27
N ASP T 481 19.72 -78.47 66.78
CA ASP T 481 20.81 -79.35 67.19
C ASP T 481 21.61 -79.82 65.98
N THR T 482 20.93 -80.34 64.96
CA THR T 482 21.60 -80.89 63.79
C THR T 482 21.83 -79.87 62.69
N GLY T 483 21.17 -78.72 62.74
CA GLY T 483 21.26 -77.75 61.67
C GLY T 483 20.45 -78.08 60.43
N ARG T 484 19.73 -79.20 60.42
CA ARG T 484 19.03 -79.65 59.23
C ARG T 484 17.65 -79.03 59.10
N VAL T 485 17.24 -78.84 57.85
CA VAL T 485 15.88 -78.42 57.53
C VAL T 485 14.99 -79.66 57.48
N LEU T 486 13.86 -79.62 58.20
CA LEU T 486 12.96 -80.76 58.26
C LEU T 486 11.92 -80.70 57.15
N PHE T 487 11.33 -79.53 56.94
CA PHE T 487 10.42 -79.31 55.82
C PHE T 487 10.38 -77.81 55.58
N GLU T 488 9.81 -77.44 54.43
CA GLU T 488 9.51 -76.05 54.15
C GLU T 488 8.02 -75.87 53.96
N CYS T 489 7.54 -74.66 54.25
CA CYS T 489 6.12 -74.38 54.21
C CYS T 489 5.90 -72.92 53.79
N LYS T 490 4.68 -72.64 53.37
CA LYS T 490 4.28 -71.33 52.88
C LYS T 490 3.33 -70.67 53.88
N LEU T 491 3.74 -69.53 54.43
CA LEU T 491 2.89 -68.71 55.29
C LEU T 491 2.24 -67.61 54.46
N HIS T 492 0.92 -67.71 54.29
CA HIS T 492 0.15 -66.76 53.49
C HIS T 492 -0.22 -65.54 54.32
N LYS T 493 -0.36 -64.38 53.66
CA LYS T 493 -0.77 -63.18 54.39
C LYS T 493 -2.09 -63.42 55.12
N SER T 494 -2.99 -64.19 54.52
CA SER T 494 -4.31 -64.43 55.07
C SER T 494 -4.27 -65.07 56.45
N GLY T 495 -3.09 -65.49 56.91
CA GLY T 495 -2.93 -66.14 58.20
C GLY T 495 -3.19 -67.63 58.21
N TYR T 496 -2.53 -68.37 57.32
CA TYR T 496 -2.57 -69.82 57.36
C TYR T 496 -1.33 -70.37 56.68
N VAL T 497 -1.01 -71.63 57.00
CA VAL T 497 0.22 -72.26 56.55
C VAL T 497 -0.12 -73.43 55.64
N THR T 498 0.74 -73.66 54.65
CA THR T 498 0.55 -74.76 53.72
C THR T 498 1.88 -75.51 53.55
N VAL T 499 1.79 -76.81 53.26
CA VAL T 499 2.94 -77.66 52.98
C VAL T 499 2.60 -78.54 51.80
N ALA T 500 3.65 -79.16 51.22
CA ALA T 500 3.51 -80.05 50.07
C ALA T 500 3.50 -81.49 50.56
N HIS T 501 2.30 -82.08 50.67
CA HIS T 501 2.13 -83.44 51.13
C HIS T 501 0.75 -83.92 50.72
N THR T 502 0.59 -85.25 50.68
CA THR T 502 -0.68 -85.86 50.33
C THR T 502 -1.02 -86.93 51.36
N GLY T 503 -2.22 -86.83 51.93
CA GLY T 503 -2.66 -87.75 52.95
C GLY T 503 -2.53 -87.17 54.35
N PRO T 504 -3.24 -87.77 55.31
CA PRO T 504 -3.07 -87.36 56.70
C PRO T 504 -1.74 -87.84 57.26
N HIS T 505 -1.17 -87.02 58.16
CA HIS T 505 0.14 -87.32 58.72
C HIS T 505 0.40 -86.45 59.94
N ASP T 506 0.72 -87.08 61.07
CA ASP T 506 1.28 -86.35 62.20
C ASP T 506 2.78 -86.19 62.01
N LEU T 507 3.26 -84.96 62.13
CA LEU T 507 4.66 -84.69 61.87
C LEU T 507 5.53 -85.15 63.04
N VAL T 508 6.71 -85.65 62.71
CA VAL T 508 7.69 -86.07 63.70
C VAL T 508 8.65 -84.89 63.86
N ILE T 509 8.53 -84.18 64.97
CA ILE T 509 9.15 -82.88 65.16
C ILE T 509 10.11 -83.00 66.34
N PRO T 510 11.38 -82.65 66.17
CA PRO T 510 12.29 -82.55 67.32
C PRO T 510 11.82 -81.51 68.31
N PRO T 511 11.93 -81.79 69.60
CA PRO T 511 11.37 -80.86 70.61
C PRO T 511 11.92 -79.44 70.53
N ASN T 512 13.08 -79.24 69.88
CA ASN T 512 13.72 -77.94 69.80
C ASN T 512 13.44 -77.21 68.48
N GLY T 513 12.57 -77.76 67.64
CA GLY T 513 12.42 -77.22 66.30
C GLY T 513 11.74 -75.87 66.27
N TYR T 514 12.18 -75.04 65.33
CA TYR T 514 11.68 -73.68 65.20
C TYR T 514 11.48 -73.36 63.72
N PHE T 515 10.64 -72.37 63.45
CA PHE T 515 10.41 -71.85 62.11
C PHE T 515 11.37 -70.71 61.82
N ARG T 516 11.95 -70.72 60.62
CA ARG T 516 12.91 -69.72 60.19
C ARG T 516 12.41 -69.08 58.90
N PHE T 517 12.31 -67.75 58.89
CA PHE T 517 11.87 -67.04 57.70
C PHE T 517 13.06 -66.90 56.76
N ASP T 518 12.89 -67.36 55.52
CA ASP T 518 13.99 -67.42 54.57
C ASP T 518 13.84 -66.50 53.36
N SER T 519 12.62 -66.26 52.90
CA SER T 519 12.41 -65.49 51.68
C SER T 519 10.92 -65.19 51.51
N TRP T 520 10.64 -64.04 50.90
CA TRP T 520 9.32 -63.80 50.35
C TRP T 520 9.16 -64.51 49.02
N VAL T 521 8.02 -65.15 48.83
CA VAL T 521 7.69 -65.90 47.64
C VAL T 521 6.24 -65.57 47.27
N ASN T 522 5.78 -66.10 46.15
CA ASN T 522 4.37 -65.94 45.84
C ASN T 522 3.67 -67.30 45.92
N GLN T 523 2.39 -67.29 45.56
CA GLN T 523 1.54 -68.47 45.69
C GLN T 523 1.97 -69.60 44.76
N PHE T 524 2.79 -69.31 43.75
CA PHE T 524 3.25 -70.29 42.79
C PHE T 524 4.55 -70.98 43.20
N TYR T 525 5.10 -70.63 44.36
CA TYR T 525 6.32 -71.28 44.83
C TYR T 525 6.08 -72.75 45.08
N THR T 526 6.98 -73.59 44.58
CA THR T 526 6.87 -75.03 44.70
C THR T 526 7.73 -75.53 45.85
N LEU T 527 7.09 -76.14 46.85
CA LEU T 527 7.78 -76.56 48.05
C LEU T 527 8.44 -77.91 47.85
N ALA T 528 9.55 -78.11 48.56
CA ALA T 528 10.19 -79.41 48.54
C ALA T 528 9.25 -80.44 49.17
N PRO T 529 9.16 -81.65 48.60
CA PRO T 529 8.25 -82.64 49.18
C PRO T 529 8.70 -83.01 50.59
N MET T 530 7.75 -82.97 51.52
CA MET T 530 8.05 -83.08 52.94
C MET T 530 7.73 -84.45 53.52
N GLY T 531 6.62 -85.05 53.12
CA GLY T 531 5.96 -86.05 53.96
C GLY T 531 6.88 -87.19 54.34
N ASN T 532 6.84 -87.56 55.61
CA ASN T 532 7.64 -88.65 56.20
C ASN T 532 9.11 -88.23 56.30
N ASN U 24 -1.46 -6.96 22.50
CA ASN U 24 -2.56 -7.07 21.54
C ASN U 24 -3.10 -8.53 21.46
N GLU U 25 -2.60 -9.36 20.56
CA GLU U 25 -3.08 -10.72 20.36
C GLU U 25 -2.18 -11.76 21.02
N VAL U 26 -1.38 -11.37 22.00
CA VAL U 26 -0.39 -12.24 22.61
C VAL U 26 -0.76 -12.51 24.06
N MET U 27 -0.80 -13.79 24.44
CA MET U 27 -1.08 -14.17 25.80
C MET U 27 0.20 -14.09 26.64
N ALA U 28 0.11 -13.44 27.80
CA ALA U 28 1.27 -13.16 28.65
C ALA U 28 1.66 -14.41 29.44
N LEU U 29 2.19 -15.40 28.71
CA LEU U 29 2.67 -16.63 29.32
C LEU U 29 4.14 -16.82 29.01
N GLU U 30 4.90 -17.25 30.03
CA GLU U 30 6.28 -17.65 29.83
C GLU U 30 6.30 -18.96 29.04
N PRO U 31 7.41 -19.27 28.38
CA PRO U 31 7.52 -20.59 27.77
C PRO U 31 7.51 -21.68 28.84
N VAL U 32 7.00 -22.84 28.45
CA VAL U 32 6.84 -23.96 29.38
C VAL U 32 7.37 -25.21 28.70
N VAL U 33 8.32 -25.88 29.36
CA VAL U 33 8.97 -27.03 28.74
C VAL U 33 7.99 -28.19 28.69
N GLY U 34 8.03 -28.95 27.60
CA GLY U 34 7.19 -30.12 27.47
C GLY U 34 7.90 -31.35 27.94
N ALA U 35 7.95 -32.40 27.11
CA ALA U 35 8.47 -33.67 27.55
C ALA U 35 9.99 -33.70 27.58
N ALA U 36 10.65 -32.66 27.05
CA ALA U 36 12.10 -32.63 27.06
C ALA U 36 12.65 -32.69 28.48
N ILE U 37 11.99 -32.01 29.42
CA ILE U 37 12.44 -32.03 30.81
C ILE U 37 12.35 -33.42 31.41
N ALA U 38 11.48 -34.28 30.88
CA ALA U 38 11.23 -35.58 31.49
C ALA U 38 12.21 -36.64 31.04
N ALA U 39 13.08 -36.33 30.08
CA ALA U 39 13.96 -37.35 29.51
C ALA U 39 14.80 -38.05 30.56
N PRO U 40 15.44 -37.37 31.52
CA PRO U 40 16.26 -38.10 32.50
C PRO U 40 15.47 -39.03 33.40
N VAL U 41 14.15 -38.84 33.52
CA VAL U 41 13.33 -39.67 34.40
C VAL U 41 12.30 -40.50 33.65
N ALA U 42 12.10 -40.27 32.35
CA ALA U 42 11.23 -41.14 31.58
C ALA U 42 11.99 -42.40 31.17
N GLY U 43 11.25 -43.50 31.02
CA GLY U 43 11.89 -44.73 30.59
C GLY U 43 12.37 -44.73 29.16
N GLN U 44 11.71 -43.97 28.28
CA GLN U 44 12.00 -44.11 26.85
C GLN U 44 11.60 -42.83 26.11
N GLN U 45 12.04 -42.76 24.85
CA GLN U 45 11.83 -41.62 23.97
C GLN U 45 10.90 -42.06 22.83
N ASN U 46 9.82 -41.32 22.62
CA ASN U 46 8.82 -41.71 21.65
C ASN U 46 8.60 -40.62 20.60
N VAL U 47 7.87 -40.98 19.55
CA VAL U 47 7.67 -40.14 18.37
C VAL U 47 6.20 -40.20 17.98
N ILE U 48 5.65 -39.04 17.61
CA ILE U 48 4.28 -38.90 17.14
C ILE U 48 4.31 -38.65 15.64
N ASP U 49 3.35 -39.23 14.92
CA ASP U 49 3.24 -39.03 13.48
C ASP U 49 3.23 -37.53 13.17
N PRO U 50 4.18 -37.03 12.39
CA PRO U 50 4.26 -35.57 12.16
C PRO U 50 3.02 -34.96 11.56
N TRP U 51 2.22 -35.71 10.80
CA TRP U 51 0.99 -35.13 10.26
C TRP U 51 0.07 -34.67 11.38
N ILE U 52 -0.02 -35.44 12.46
CA ILE U 52 -0.82 -35.05 13.62
C ILE U 52 -0.33 -33.74 14.21
N ARG U 53 0.98 -33.49 14.14
CA ARG U 53 1.56 -32.28 14.71
C ARG U 53 1.37 -31.05 13.83
N ASN U 54 1.11 -31.22 12.54
CA ASN U 54 1.08 -30.12 11.59
C ASN U 54 -0.33 -29.74 11.15
N ASN U 55 -1.36 -30.35 11.72
CA ASN U 55 -2.72 -30.18 11.21
C ASN U 55 -3.68 -29.97 12.37
N PHE U 56 -4.39 -28.84 12.34
CA PHE U 56 -5.38 -28.54 13.35
C PHE U 56 -6.59 -29.46 13.22
N VAL U 57 -7.10 -29.88 14.38
CA VAL U 57 -8.23 -30.80 14.47
C VAL U 57 -9.19 -30.24 15.52
N GLN U 58 -10.48 -30.34 15.25
CA GLN U 58 -11.45 -29.71 16.12
C GLN U 58 -11.59 -30.48 17.43
N ALA U 59 -11.53 -29.75 18.54
CA ALA U 59 -11.78 -30.38 19.82
C ALA U 59 -13.20 -30.92 19.81
N PRO U 60 -13.46 -32.06 20.45
CA PRO U 60 -14.80 -32.65 20.37
C PRO U 60 -15.90 -31.70 20.82
N GLY U 61 -15.71 -30.96 21.91
CA GLY U 61 -16.70 -29.97 22.26
C GLY U 61 -16.21 -28.55 22.01
N GLY U 62 -15.63 -28.35 20.83
CA GLY U 62 -14.95 -27.10 20.53
C GLY U 62 -15.82 -26.13 19.75
N GLU U 63 -17.11 -26.11 20.05
CA GLU U 63 -18.02 -25.15 19.45
C GLU U 63 -18.75 -24.35 20.52
N PHE U 64 -18.92 -23.05 20.28
CA PHE U 64 -19.77 -22.22 21.09
C PHE U 64 -20.28 -21.06 20.24
N THR U 65 -21.28 -20.34 20.76
CA THR U 65 -21.99 -19.33 20.00
C THR U 65 -22.10 -18.05 20.81
N VAL U 66 -21.95 -16.91 20.14
CA VAL U 66 -22.15 -15.59 20.73
C VAL U 66 -23.46 -15.02 20.20
N SER U 67 -24.40 -14.79 21.09
CA SER U 67 -25.73 -14.29 20.78
C SER U 67 -25.96 -12.97 21.49
N PRO U 68 -26.92 -12.15 21.03
CA PRO U 68 -27.18 -10.89 21.73
C PRO U 68 -27.79 -11.07 23.10
N ARG U 69 -28.33 -12.26 23.41
CA ARG U 69 -28.80 -12.55 24.76
C ARG U 69 -27.64 -12.67 25.74
N ASN U 70 -26.42 -12.91 25.27
CA ASN U 70 -25.30 -13.11 26.17
C ASN U 70 -24.92 -11.79 26.85
N ALA U 71 -24.47 -11.89 28.09
CA ALA U 71 -24.08 -10.75 28.90
C ALA U 71 -22.64 -10.91 29.38
N PRO U 72 -21.95 -9.81 29.68
CA PRO U 72 -20.57 -9.91 30.16
C PRO U 72 -20.44 -10.80 31.39
N GLY U 73 -19.39 -11.61 31.40
CA GLY U 73 -19.14 -12.54 32.47
C GLY U 73 -19.55 -13.97 32.20
N GLU U 74 -20.45 -14.19 31.25
CA GLU U 74 -20.89 -15.55 30.95
C GLU U 74 -19.76 -16.33 30.30
N ILE U 75 -19.44 -17.50 30.86
CA ILE U 75 -18.41 -18.38 30.31
C ILE U 75 -19.04 -19.16 29.16
N LEU U 76 -18.66 -18.81 27.93
CA LEU U 76 -19.23 -19.50 26.77
C LEU U 76 -18.59 -20.85 26.49
N TRP U 77 -17.36 -21.08 26.93
CA TRP U 77 -16.65 -22.30 26.58
C TRP U 77 -15.43 -22.47 27.48
N SER U 78 -15.10 -23.71 27.77
CA SER U 78 -13.92 -24.02 28.58
C SER U 78 -13.45 -25.42 28.23
N ALA U 79 -12.17 -25.67 28.48
CA ALA U 79 -11.58 -26.98 28.28
C ALA U 79 -10.28 -27.07 29.06
N PRO U 80 -9.96 -28.23 29.63
CA PRO U 80 -8.61 -28.43 30.17
C PRO U 80 -7.67 -29.00 29.12
N LEU U 81 -6.40 -28.64 29.25
CA LEU U 81 -5.38 -29.21 28.37
C LEU U 81 -5.28 -30.71 28.62
N GLY U 82 -5.21 -31.47 27.53
CA GLY U 82 -5.09 -32.90 27.63
C GLY U 82 -5.41 -33.61 26.32
N PRO U 83 -5.10 -34.90 26.25
CA PRO U 83 -5.29 -35.64 25.00
C PRO U 83 -6.73 -35.70 24.52
N ASP U 84 -7.73 -35.52 25.40
CA ASP U 84 -9.09 -35.62 24.93
C ASP U 84 -9.50 -34.47 24.01
N LEU U 85 -8.69 -33.42 23.92
CA LEU U 85 -8.98 -32.33 23.00
C LEU U 85 -8.71 -32.69 21.54
N ASN U 86 -8.12 -33.86 21.29
CA ASN U 86 -7.66 -34.21 19.96
C ASN U 86 -7.87 -35.71 19.75
N PRO U 87 -8.76 -36.09 18.83
CA PRO U 87 -9.12 -37.51 18.73
C PRO U 87 -7.96 -38.40 18.33
N TYR U 88 -6.99 -37.85 17.58
CA TYR U 88 -5.79 -38.62 17.25
C TYR U 88 -4.96 -38.87 18.51
N LEU U 89 -4.61 -37.82 19.24
CA LEU U 89 -3.89 -37.99 20.49
C LEU U 89 -4.68 -38.83 21.49
N SER U 90 -6.01 -38.71 21.47
CA SER U 90 -6.84 -39.48 22.39
C SER U 90 -6.71 -40.97 22.11
N HIS U 91 -6.69 -41.35 20.84
CA HIS U 91 -6.52 -42.75 20.49
C HIS U 91 -5.12 -43.24 20.84
N LEU U 92 -4.10 -42.41 20.57
CA LEU U 92 -2.73 -42.79 20.85
C LEU U 92 -2.50 -43.00 22.36
N ALA U 93 -3.12 -42.17 23.20
CA ALA U 93 -2.90 -42.25 24.63
C ALA U 93 -3.30 -43.62 25.20
N ARG U 94 -4.17 -44.34 24.50
CA ARG U 94 -4.56 -45.67 24.96
C ARG U 94 -3.40 -46.65 24.94
N MET U 95 -2.31 -46.33 24.23
CA MET U 95 -1.16 -47.22 24.13
C MET U 95 0.09 -46.64 24.78
N TYR U 96 -0.04 -45.52 25.48
CA TYR U 96 1.08 -44.88 26.17
C TYR U 96 0.73 -44.72 27.64
N ASN U 97 1.78 -44.59 28.46
CA ASN U 97 1.61 -44.49 29.90
C ASN U 97 1.47 -43.06 30.38
N GLY U 98 2.05 -42.09 29.67
CA GLY U 98 1.96 -40.72 30.10
C GLY U 98 2.25 -39.77 28.97
N TYR U 99 2.29 -38.48 29.31
CA TYR U 99 2.48 -37.43 28.33
C TYR U 99 2.99 -36.19 29.05
N ALA U 100 3.44 -35.22 28.25
CA ALA U 100 3.86 -33.92 28.75
C ALA U 100 3.95 -32.96 27.58
N GLY U 101 3.61 -31.70 27.84
CA GLY U 101 3.71 -30.66 26.84
C GLY U 101 2.36 -30.03 26.55
N GLY U 102 2.41 -28.99 25.71
CA GLY U 102 1.28 -28.12 25.48
C GLY U 102 0.71 -28.30 24.08
N PHE U 103 -0.31 -27.50 23.80
CA PHE U 103 -1.01 -27.50 22.52
C PHE U 103 -0.98 -26.09 21.96
N GLU U 104 -1.20 -25.99 20.66
CA GLU U 104 -1.53 -24.73 20.02
C GLU U 104 -3.01 -24.78 19.63
N VAL U 105 -3.76 -23.78 20.07
CA VAL U 105 -5.21 -23.73 19.84
C VAL U 105 -5.52 -22.71 18.75
N GLN U 106 -6.39 -23.11 17.83
CA GLN U 106 -6.88 -22.24 16.77
C GLN U 106 -8.38 -22.05 16.97
N VAL U 107 -8.81 -20.81 17.13
CA VAL U 107 -10.22 -20.51 17.34
C VAL U 107 -10.70 -19.63 16.18
N ILE U 108 -11.84 -20.01 15.61
CA ILE U 108 -12.38 -19.41 14.40
C ILE U 108 -13.68 -18.70 14.76
N LEU U 109 -13.84 -17.48 14.26
CA LEU U 109 -14.96 -16.62 14.60
C LEU U 109 -15.70 -16.29 13.30
N ALA U 110 -17.01 -16.54 13.27
CA ALA U 110 -17.78 -16.32 12.05
C ALA U 110 -18.56 -15.00 12.15
N GLY U 111 -17.78 -13.91 12.16
CA GLY U 111 -18.32 -12.57 12.16
C GLY U 111 -18.36 -11.96 10.77
N ASN U 112 -18.75 -10.69 10.75
CA ASN U 112 -18.63 -9.87 9.55
C ASN U 112 -18.39 -8.43 9.99
N ALA U 113 -18.10 -7.56 9.01
CA ALA U 113 -17.66 -6.21 9.31
C ALA U 113 -18.72 -5.38 10.02
N PHE U 114 -19.98 -5.80 9.99
CA PHE U 114 -21.09 -5.03 10.55
C PHE U 114 -21.42 -5.41 11.99
N THR U 115 -20.55 -6.14 12.68
CA THR U 115 -20.74 -6.58 14.06
C THR U 115 -19.86 -5.79 15.02
N ALA U 116 -20.29 -5.71 16.27
CA ALA U 116 -19.41 -5.25 17.34
C ALA U 116 -19.48 -6.20 18.53
N GLY U 117 -18.40 -6.27 19.28
CA GLY U 117 -18.33 -7.04 20.51
C GLY U 117 -16.98 -7.71 20.69
N LYS U 118 -16.64 -7.98 21.94
CA LYS U 118 -15.34 -8.54 22.31
C LYS U 118 -15.49 -9.83 23.09
N ILE U 119 -14.62 -10.80 22.81
CA ILE U 119 -14.50 -12.04 23.56
C ILE U 119 -13.12 -12.08 24.20
N ILE U 120 -13.06 -12.50 25.47
CA ILE U 120 -11.78 -12.72 26.14
C ILE U 120 -11.50 -14.21 26.25
N PHE U 121 -10.30 -14.60 25.84
CA PHE U 121 -9.77 -15.93 26.10
C PHE U 121 -8.73 -15.80 27.21
N ALA U 122 -8.77 -16.73 28.16
CA ALA U 122 -7.87 -16.63 29.31
C ALA U 122 -7.32 -17.99 29.68
N ALA U 123 -6.07 -17.98 30.16
CA ALA U 123 -5.40 -19.18 30.64
C ALA U 123 -5.51 -19.21 32.16
N VAL U 124 -6.21 -20.22 32.66
CA VAL U 124 -6.45 -20.38 34.09
C VAL U 124 -5.54 -21.50 34.60
N PRO U 125 -4.80 -21.29 35.67
CA PRO U 125 -3.73 -22.22 36.05
C PRO U 125 -4.31 -23.49 36.66
N PRO U 126 -3.49 -24.53 36.85
CA PRO U 126 -4.04 -25.87 37.11
C PRO U 126 -5.07 -26.01 38.23
N ASN U 127 -4.78 -25.55 39.44
CA ASN U 127 -5.70 -25.77 40.55
C ASN U 127 -6.53 -24.53 40.90
N PHE U 128 -6.81 -23.68 39.92
CA PHE U 128 -7.63 -22.52 40.27
C PHE U 128 -9.07 -22.71 39.84
N PRO U 129 -10.02 -22.41 40.71
CA PRO U 129 -11.44 -22.61 40.38
C PRO U 129 -11.95 -21.53 39.42
N THR U 130 -12.63 -21.98 38.36
CA THR U 130 -13.27 -21.09 37.40
C THR U 130 -14.63 -20.61 37.89
N GLU U 131 -15.16 -21.23 38.94
CA GLU U 131 -16.57 -21.10 39.29
C GLU U 131 -16.83 -19.73 39.93
N GLY U 132 -17.50 -18.85 39.21
CA GLY U 132 -17.97 -17.60 39.78
C GLY U 132 -17.21 -16.36 39.37
N LEU U 133 -16.26 -16.45 38.45
CA LEU U 133 -15.41 -15.32 38.13
C LEU U 133 -16.20 -14.20 37.50
N SER U 134 -15.89 -12.96 37.89
CA SER U 134 -16.43 -11.77 37.25
C SER U 134 -15.58 -11.39 36.04
N PRO U 135 -16.12 -10.59 35.12
CA PRO U 135 -15.32 -10.20 33.94
C PRO U 135 -14.02 -9.48 34.30
N SER U 136 -14.09 -8.53 35.23
CA SER U 136 -12.87 -7.89 35.74
C SER U 136 -11.81 -8.91 36.12
N GLN U 137 -12.20 -9.92 36.88
CA GLN U 137 -11.23 -10.88 37.40
C GLN U 137 -10.63 -11.74 36.30
N VAL U 138 -11.44 -12.14 35.31
CA VAL U 138 -10.94 -12.98 34.24
C VAL U 138 -9.82 -12.26 33.49
N THR U 139 -9.91 -10.93 33.40
CA THR U 139 -8.85 -10.11 32.83
C THR U 139 -7.53 -10.25 33.57
N MET U 140 -7.56 -10.73 34.82
CA MET U 140 -6.34 -10.79 35.62
C MET U 140 -5.52 -12.05 35.36
N PHE U 141 -6.03 -13.01 34.59
CA PHE U 141 -5.23 -14.10 34.08
C PHE U 141 -4.48 -13.66 32.83
N PRO U 142 -3.49 -14.42 32.37
CA PRO U 142 -2.98 -14.20 31.01
C PRO U 142 -4.14 -14.31 30.04
N HIS U 143 -4.26 -13.33 29.15
CA HIS U 143 -5.49 -13.26 28.36
C HIS U 143 -5.27 -12.53 27.04
N ILE U 144 -6.25 -12.70 26.16
CA ILE U 144 -6.35 -12.05 24.86
C ILE U 144 -7.77 -11.54 24.72
N ILE U 145 -7.93 -10.35 24.13
CA ILE U 145 -9.24 -9.77 23.86
C ILE U 145 -9.43 -9.77 22.35
N VAL U 146 -10.45 -10.47 21.88
CA VAL U 146 -10.67 -10.71 20.46
C VAL U 146 -11.95 -10.02 20.05
N ASP U 147 -11.90 -9.28 18.95
CA ASP U 147 -13.06 -8.57 18.45
C ASP U 147 -13.90 -9.52 17.60
N VAL U 148 -15.23 -9.37 17.71
CA VAL U 148 -16.13 -10.26 16.99
C VAL U 148 -15.97 -10.16 15.48
N ARG U 149 -15.33 -9.11 14.99
CA ARG U 149 -15.15 -8.98 13.56
C ARG U 149 -13.88 -9.63 13.04
N GLN U 150 -13.05 -10.22 13.90
CA GLN U 150 -11.76 -10.73 13.43
C GLN U 150 -11.93 -11.89 12.46
N LEU U 151 -11.29 -11.78 11.30
CA LEU U 151 -11.39 -12.78 10.24
C LEU U 151 -10.32 -13.85 10.38
N GLU U 152 -9.08 -13.44 10.63
CA GLU U 152 -8.00 -14.40 10.72
C GLU U 152 -8.17 -15.20 12.00
N PRO U 153 -7.93 -16.51 11.95
CA PRO U 153 -8.12 -17.32 13.17
C PRO U 153 -7.16 -16.86 14.26
N VAL U 154 -7.60 -17.03 15.49
CA VAL U 154 -6.79 -16.63 16.64
C VAL U 154 -5.97 -17.83 17.08
N LEU U 155 -4.68 -17.62 17.27
CA LEU U 155 -3.76 -18.67 17.67
C LEU U 155 -3.36 -18.44 19.11
N ILE U 156 -3.68 -19.42 19.96
CA ILE U 156 -3.44 -19.33 21.39
C ILE U 156 -2.52 -20.48 21.77
N PRO U 157 -1.37 -20.22 22.38
CA PRO U 157 -0.58 -21.31 22.95
C PRO U 157 -1.14 -21.67 24.33
N LEU U 158 -1.26 -22.97 24.56
CA LEU U 158 -1.81 -23.51 25.81
C LEU U 158 -0.72 -24.34 26.44
N PRO U 159 0.09 -23.77 27.33
CA PRO U 159 1.24 -24.50 27.87
C PRO U 159 0.86 -25.42 29.02
N ASP U 160 1.65 -26.48 29.18
CA ASP U 160 1.37 -27.51 30.17
C ASP U 160 2.01 -27.12 31.50
N VAL U 161 1.47 -26.05 32.07
CA VAL U 161 1.86 -25.64 33.42
C VAL U 161 1.55 -26.76 34.40
N ARG U 162 2.54 -27.09 35.24
CA ARG U 162 2.48 -28.26 36.11
C ARG U 162 3.62 -28.14 37.11
N ASN U 163 3.61 -29.04 38.10
CA ASN U 163 4.66 -29.07 39.11
C ASN U 163 5.37 -30.42 39.16
N ASN U 164 5.25 -31.24 38.12
CA ASN U 164 5.98 -32.49 38.02
C ASN U 164 6.60 -32.61 36.63
N PHE U 165 7.40 -33.66 36.44
CA PHE U 165 8.12 -33.80 35.17
C PHE U 165 7.17 -34.10 34.03
N TYR U 166 6.14 -34.90 34.28
CA TYR U 166 5.17 -35.27 33.25
C TYR U 166 3.94 -35.85 33.94
N HIS U 167 2.92 -36.15 33.14
CA HIS U 167 1.63 -36.60 33.62
C HIS U 167 1.44 -38.08 33.32
N TYR U 168 0.81 -38.79 34.24
CA TYR U 168 0.37 -40.16 34.01
C TYR U 168 -1.10 -40.16 33.57
N ASN U 169 -1.42 -41.05 32.64
CA ASN U 169 -2.80 -41.18 32.18
C ASN U 169 -3.73 -41.58 33.32
N GLN U 170 -3.27 -42.48 34.18
CA GLN U 170 -4.11 -43.03 35.23
C GLN U 170 -4.24 -42.13 36.45
N SER U 171 -3.55 -40.99 36.50
CA SER U 171 -3.58 -40.16 37.70
C SER U 171 -4.39 -38.88 37.56
N ASN U 172 -4.98 -38.62 36.38
CA ASN U 172 -5.91 -37.51 36.16
C ASN U 172 -5.43 -36.22 36.82
N ASP U 173 -4.15 -35.89 36.65
CA ASP U 173 -3.63 -34.63 37.16
C ASP U 173 -4.40 -33.44 36.58
N PRO U 174 -4.57 -32.38 37.37
CA PRO U 174 -5.24 -31.19 36.85
C PRO U 174 -4.30 -30.41 35.95
N THR U 175 -4.88 -29.77 34.94
CA THR U 175 -4.08 -29.02 33.98
C THR U 175 -4.65 -27.62 33.79
N ILE U 176 -3.88 -26.82 33.04
CA ILE U 176 -4.31 -25.49 32.64
C ILE U 176 -5.64 -25.59 31.86
N LYS U 177 -6.48 -24.56 32.02
CA LYS U 177 -7.76 -24.49 31.34
C LYS U 177 -7.80 -23.25 30.44
N LEU U 178 -8.38 -23.42 29.25
CA LEU U 178 -8.76 -22.29 28.41
C LEU U 178 -10.18 -21.86 28.70
N ILE U 179 -10.37 -20.55 28.82
CA ILE U 179 -11.64 -19.94 29.17
C ILE U 179 -12.03 -19.00 28.04
N ALA U 180 -13.27 -19.09 27.59
CA ALA U 180 -13.82 -18.14 26.64
C ALA U 180 -15.02 -17.48 27.28
N MET U 181 -14.98 -16.15 27.39
CA MET U 181 -16.02 -15.41 28.08
C MET U 181 -16.44 -14.21 27.24
N LEU U 182 -17.72 -13.88 27.29
CA LEU U 182 -18.21 -12.68 26.63
C LEU U 182 -17.75 -11.44 27.39
N TYR U 183 -16.95 -10.61 26.73
CA TYR U 183 -16.41 -9.40 27.36
C TYR U 183 -17.24 -8.16 27.05
N THR U 184 -17.68 -8.02 25.80
CA THR U 184 -18.59 -6.96 25.39
C THR U 184 -19.77 -7.58 24.65
N PRO U 185 -20.99 -7.12 24.93
CA PRO U 185 -22.16 -7.69 24.27
C PRO U 185 -22.08 -7.54 22.76
N LEU U 186 -22.76 -8.45 22.06
CA LEU U 186 -22.79 -8.45 20.60
C LEU U 186 -23.79 -7.40 20.12
N ARG U 187 -23.32 -6.50 19.25
CA ARG U 187 -24.17 -5.45 18.70
C ARG U 187 -24.26 -5.66 17.19
N ALA U 188 -25.44 -6.07 16.72
CA ALA U 188 -25.66 -6.31 15.29
C ALA U 188 -27.15 -6.23 14.99
N ASN U 189 -27.45 -5.96 13.73
CA ASN U 189 -28.81 -6.08 13.21
C ASN U 189 -29.17 -7.56 13.01
N ASN U 190 -30.47 -7.83 12.97
CA ASN U 190 -30.96 -9.13 12.54
C ASN U 190 -31.55 -9.01 11.14
N ALA U 191 -31.66 -10.15 10.45
CA ALA U 191 -32.32 -10.22 9.15
C ALA U 191 -33.67 -10.90 9.33
N GLY U 192 -34.74 -10.14 9.18
CA GLY U 192 -36.07 -10.71 9.37
C GLY U 192 -36.28 -11.10 10.82
N ASP U 193 -36.74 -12.33 11.02
CA ASP U 193 -36.90 -12.89 12.36
C ASP U 193 -35.72 -13.75 12.78
N ASP U 194 -34.78 -14.02 11.87
CA ASP U 194 -33.57 -14.75 12.21
C ASP U 194 -32.61 -13.82 12.95
N VAL U 195 -32.25 -14.19 14.18
CA VAL U 195 -31.39 -13.36 15.02
C VAL U 195 -29.94 -13.67 14.69
N PHE U 196 -29.15 -12.61 14.46
CA PHE U 196 -27.75 -12.80 14.08
C PHE U 196 -26.94 -13.29 15.27
N THR U 197 -26.11 -14.31 15.03
CA THR U 197 -25.23 -14.86 16.06
C THR U 197 -23.88 -15.17 15.43
N VAL U 198 -22.83 -15.04 16.25
CA VAL U 198 -21.47 -15.35 15.83
C VAL U 198 -21.13 -16.75 16.33
N SER U 199 -21.00 -17.69 15.40
CA SER U 199 -20.59 -19.05 15.73
C SER U 199 -19.07 -19.14 15.85
N CYS U 200 -18.61 -19.88 16.85
CA CYS U 200 -17.18 -20.05 17.10
C CYS U 200 -16.81 -21.52 17.14
N ARG U 201 -15.62 -21.84 16.63
CA ARG U 201 -15.09 -23.20 16.64
C ARG U 201 -13.67 -23.17 17.21
N VAL U 202 -13.34 -24.20 17.97
CA VAL U 202 -12.04 -24.32 18.63
C VAL U 202 -11.29 -25.50 18.01
N LEU U 203 -10.11 -25.25 17.48
CA LEU U 203 -9.27 -26.23 16.83
C LEU U 203 -7.97 -26.37 17.62
N THR U 204 -7.34 -27.54 17.52
CA THR U 204 -6.17 -27.82 18.34
C THR U 204 -5.15 -28.62 17.55
N ARG U 205 -3.89 -28.56 17.98
CA ARG U 205 -2.84 -29.43 17.49
C ARG U 205 -1.69 -29.41 18.48
N PRO U 206 -0.94 -30.50 18.61
CA PRO U 206 0.09 -30.55 19.66
C PRO U 206 1.24 -29.60 19.36
N SER U 207 1.72 -28.93 20.42
CA SER U 207 2.92 -28.13 20.31
C SER U 207 4.11 -29.03 19.97
N PRO U 208 5.22 -28.45 19.52
CA PRO U 208 6.41 -29.28 19.27
C PRO U 208 6.96 -29.93 20.52
N ASP U 209 6.76 -29.33 21.69
CA ASP U 209 7.28 -29.89 22.93
C ASP U 209 6.36 -30.94 23.54
N PHE U 210 5.20 -31.20 22.95
CA PHE U 210 4.35 -32.28 23.43
C PHE U 210 4.90 -33.62 22.95
N ASP U 211 4.77 -34.64 23.81
CA ASP U 211 5.18 -35.99 23.44
C ASP U 211 4.55 -36.98 24.42
N PHE U 212 4.34 -38.21 23.94
CA PHE U 212 3.92 -39.30 24.79
C PHE U 212 5.14 -39.95 25.45
N ILE U 213 4.91 -40.80 26.45
CA ILE U 213 6.05 -41.27 27.23
C ILE U 213 6.37 -42.75 27.08
N PHE U 214 5.50 -43.65 27.53
CA PHE U 214 5.88 -45.05 27.63
C PHE U 214 4.89 -45.96 26.92
N LEU U 215 5.36 -46.73 25.93
CA LEU U 215 4.48 -47.66 25.24
C LEU U 215 3.99 -48.74 26.19
N VAL U 216 2.69 -49.01 26.14
CA VAL U 216 2.03 -49.96 27.03
C VAL U 216 0.93 -50.68 26.25
N PRO U 217 0.48 -51.82 26.76
CA PRO U 217 -0.57 -52.57 26.06
C PRO U 217 -1.79 -51.72 25.78
N PRO U 218 -2.31 -51.79 24.56
CA PRO U 218 -3.11 -50.68 24.01
C PRO U 218 -4.48 -50.46 24.64
N THR U 219 -5.10 -51.43 25.32
CA THR U 219 -6.38 -51.09 25.94
C THR U 219 -6.49 -51.54 27.39
N VAL U 220 -5.38 -51.67 28.10
CA VAL U 220 -5.47 -52.13 29.48
C VAL U 220 -5.83 -50.99 30.43
N GLU U 221 -5.25 -49.81 30.23
CA GLU U 221 -5.41 -48.71 31.16
C GLU U 221 -6.83 -48.16 31.16
N SER U 222 -7.47 -48.17 32.33
CA SER U 222 -8.90 -47.87 32.42
C SER U 222 -9.22 -46.43 32.00
N ARG U 223 -8.48 -45.46 32.53
CA ARG U 223 -8.84 -44.06 32.32
C ARG U 223 -8.72 -43.59 30.88
N THR U 224 -8.34 -44.45 29.94
CA THR U 224 -8.25 -44.06 28.55
C THR U 224 -9.37 -44.62 27.69
N LYS U 225 -10.24 -45.46 28.24
CA LYS U 225 -11.33 -46.03 27.44
C LYS U 225 -12.33 -44.92 27.07
N PRO U 226 -12.68 -44.79 25.80
CA PRO U 226 -13.61 -43.74 25.40
C PRO U 226 -15.07 -44.14 25.59
N PHE U 227 -15.89 -43.15 25.88
CA PHE U 227 -17.30 -43.39 26.14
C PHE U 227 -18.05 -43.61 24.83
N THR U 228 -18.97 -44.56 24.84
CA THR U 228 -19.81 -44.82 23.69
C THR U 228 -21.24 -45.11 24.13
N VAL U 229 -22.13 -45.11 23.15
CA VAL U 229 -23.57 -45.31 23.35
C VAL U 229 -24.01 -46.35 22.32
N PRO U 230 -24.83 -47.32 22.70
CA PRO U 230 -25.18 -48.41 21.77
C PRO U 230 -25.79 -47.87 20.48
N ILE U 231 -25.50 -48.58 19.38
CA ILE U 231 -26.10 -48.26 18.08
C ILE U 231 -27.53 -48.76 17.97
N LEU U 232 -28.04 -49.41 19.00
CA LEU U 232 -29.35 -50.03 18.93
C LEU U 232 -30.44 -48.99 18.63
N THR U 233 -31.48 -49.45 17.95
CA THR U 233 -32.66 -48.66 17.66
C THR U 233 -33.58 -48.66 18.87
N VAL U 234 -34.41 -47.61 18.97
CA VAL U 234 -35.40 -47.53 20.04
C VAL U 234 -36.25 -48.80 20.09
N GLU U 235 -36.72 -49.25 18.92
CA GLU U 235 -37.50 -50.49 18.88
C GLU U 235 -36.68 -51.69 19.32
N GLU U 236 -35.38 -51.70 19.05
CA GLU U 236 -34.56 -52.85 19.40
C GLU U 236 -34.13 -52.86 20.86
N MET U 237 -34.43 -51.82 21.62
CA MET U 237 -34.04 -51.74 23.01
C MET U 237 -35.24 -52.08 23.90
N THR U 238 -35.00 -52.06 25.20
CA THR U 238 -35.94 -52.58 26.18
C THR U 238 -36.07 -51.58 27.32
N ASN U 239 -37.29 -51.44 27.84
CA ASN U 239 -37.49 -50.57 28.99
C ASN U 239 -36.82 -51.16 30.22
N SER U 240 -36.28 -50.29 31.06
CA SER U 240 -35.51 -50.71 32.21
C SER U 240 -36.34 -50.76 33.49
N ARG U 241 -37.64 -50.46 33.39
CA ARG U 241 -38.52 -50.42 34.55
C ARG U 241 -39.57 -51.51 34.52
N PHE U 242 -39.71 -52.22 33.40
CA PHE U 242 -40.68 -53.31 33.23
C PHE U 242 -40.23 -54.15 32.05
N PRO U 243 -40.37 -55.48 32.11
CA PRO U 243 -39.83 -56.33 31.04
C PRO U 243 -40.59 -56.22 29.73
N ILE U 244 -40.53 -55.04 29.09
CA ILE U 244 -41.22 -54.81 27.81
C ILE U 244 -40.32 -53.98 26.92
N PRO U 245 -40.50 -54.09 25.61
CA PRO U 245 -39.73 -53.26 24.68
C PRO U 245 -40.14 -51.79 24.74
N LEU U 246 -39.24 -50.94 24.27
CA LEU U 246 -39.52 -49.52 24.08
C LEU U 246 -40.35 -49.31 22.83
N GLU U 247 -41.00 -48.14 22.77
CA GLU U 247 -41.87 -47.84 21.63
C GLU U 247 -41.63 -46.46 21.04
N LYS U 248 -41.47 -45.42 21.88
CA LYS U 248 -41.26 -44.08 21.37
C LYS U 248 -40.40 -43.30 22.34
N LEU U 249 -39.95 -42.13 21.89
CA LEU U 249 -39.26 -41.15 22.72
C LEU U 249 -40.20 -40.01 23.08
N PHE U 250 -40.22 -39.63 24.36
CA PHE U 250 -41.14 -38.62 24.85
C PHE U 250 -40.39 -37.63 25.72
N THR U 251 -40.61 -36.34 25.47
CA THR U 251 -40.14 -35.27 26.34
C THR U 251 -41.33 -34.48 26.87
N GLY U 252 -41.23 -34.04 28.12
CA GLY U 252 -42.25 -33.19 28.69
C GLY U 252 -41.80 -32.42 29.92
N PRO U 253 -42.58 -31.40 30.30
CA PRO U 253 -42.32 -30.71 31.56
C PRO U 253 -42.63 -31.59 32.75
N SER U 254 -41.80 -31.47 33.80
CA SER U 254 -41.87 -32.37 34.93
C SER U 254 -41.95 -31.61 36.27
N GLY U 255 -42.41 -30.36 36.26
CA GLY U 255 -42.43 -29.58 37.49
C GLY U 255 -43.43 -30.05 38.52
N ALA U 256 -44.58 -30.57 38.08
CA ALA U 256 -45.63 -30.95 39.04
C ALA U 256 -45.18 -32.12 39.89
N PHE U 257 -44.66 -33.16 39.25
CA PHE U 257 -44.34 -34.45 39.86
C PHE U 257 -42.84 -34.59 40.14
N VAL U 258 -42.48 -35.70 40.80
CA VAL U 258 -41.09 -35.99 41.16
C VAL U 258 -40.59 -37.20 40.39
N VAL U 259 -39.64 -36.97 39.49
CA VAL U 259 -39.06 -38.01 38.64
C VAL U 259 -37.91 -38.65 39.44
N GLN U 260 -38.18 -39.81 40.04
CA GLN U 260 -37.17 -40.47 40.87
C GLN U 260 -37.20 -41.99 40.75
N PRO U 261 -37.12 -42.56 39.55
CA PRO U 261 -37.15 -44.02 39.42
C PRO U 261 -35.99 -44.68 40.15
N GLN U 262 -36.18 -45.96 40.48
CA GLN U 262 -35.12 -46.74 41.13
C GLN U 262 -34.62 -47.89 40.27
N ASN U 263 -35.26 -48.17 39.15
CA ASN U 263 -34.76 -49.13 38.17
C ASN U 263 -34.29 -48.39 36.92
N GLY U 264 -33.35 -49.00 36.21
CA GLY U 264 -32.74 -48.32 35.09
C GLY U 264 -32.03 -47.04 35.49
N ARG U 265 -31.36 -47.07 36.63
CA ARG U 265 -30.59 -45.93 37.12
C ARG U 265 -29.12 -46.36 37.19
N CYS U 266 -28.31 -45.78 36.32
CA CYS U 266 -26.91 -46.16 36.19
C CYS U 266 -26.13 -44.93 35.75
N THR U 267 -24.92 -44.79 36.28
CA THR U 267 -24.04 -43.70 35.95
C THR U 267 -23.26 -44.02 34.68
N THR U 268 -22.80 -42.96 34.01
CA THR U 268 -22.04 -43.12 32.77
C THR U 268 -20.82 -44.03 32.90
N ASP U 269 -20.10 -43.98 34.01
CA ASP U 269 -18.94 -44.85 34.17
C ASP U 269 -19.27 -46.21 34.77
N GLY U 270 -20.55 -46.59 34.80
CA GLY U 270 -20.93 -47.96 35.06
C GLY U 270 -21.24 -48.37 36.48
N VAL U 271 -21.57 -47.42 37.36
CA VAL U 271 -22.00 -47.73 38.71
C VAL U 271 -23.53 -47.83 38.71
N LEU U 272 -24.05 -48.97 39.14
CA LEU U 272 -25.49 -49.13 39.27
C LEU U 272 -26.01 -48.40 40.50
N LEU U 273 -27.23 -47.89 40.40
CA LEU U 273 -27.85 -47.07 41.44
C LEU U 273 -29.24 -47.59 41.76
N GLY U 274 -29.72 -47.27 42.95
CA GLY U 274 -31.06 -47.65 43.36
C GLY U 274 -31.22 -49.16 43.39
N THR U 275 -32.34 -49.63 42.83
CA THR U 275 -32.66 -51.05 42.77
C THR U 275 -32.33 -51.66 41.41
N THR U 276 -31.44 -51.02 40.67
CA THR U 276 -31.16 -51.41 39.29
C THR U 276 -30.26 -52.63 39.24
N GLN U 277 -30.60 -53.58 38.36
CA GLN U 277 -29.80 -54.77 38.13
C GLN U 277 -29.72 -54.99 36.63
N LEU U 278 -29.02 -56.06 36.23
CA LEU U 278 -28.59 -56.19 34.84
C LEU U 278 -29.53 -57.02 33.97
N SER U 279 -30.28 -57.95 34.55
CA SER U 279 -31.08 -58.86 33.74
C SER U 279 -32.31 -58.15 33.23
N PRO U 280 -32.53 -58.09 31.91
CA PRO U 280 -33.72 -57.39 31.39
C PRO U 280 -35.03 -58.13 31.63
N VAL U 281 -34.99 -59.37 32.14
CA VAL U 281 -36.22 -60.12 32.36
C VAL U 281 -36.65 -60.10 33.83
N ASN U 282 -35.73 -59.88 34.75
CA ASN U 282 -36.02 -59.86 36.18
C ASN U 282 -36.38 -58.46 36.68
N ILE U 283 -36.92 -57.61 35.81
CA ILE U 283 -37.11 -56.21 36.16
C ILE U 283 -38.32 -56.02 37.06
N CYS U 284 -39.32 -56.88 36.99
CA CYS U 284 -40.43 -56.84 37.94
C CYS U 284 -40.82 -58.24 38.40
N THR U 285 -39.84 -59.06 38.71
CA THR U 285 -40.10 -60.43 39.14
C THR U 285 -39.92 -60.57 40.64
N PHE U 286 -40.49 -61.64 41.18
CA PHE U 286 -40.30 -62.02 42.57
C PHE U 286 -40.09 -63.53 42.65
N ARG U 287 -39.23 -63.96 43.56
CA ARG U 287 -38.99 -65.38 43.80
C ARG U 287 -38.93 -65.62 45.30
N GLY U 288 -39.48 -66.74 45.73
CA GLY U 288 -39.37 -67.14 47.12
C GLY U 288 -40.30 -68.29 47.44
N ASP U 289 -40.45 -68.53 48.73
CA ASP U 289 -41.37 -69.53 49.26
C ASP U 289 -42.64 -68.83 49.69
N VAL U 290 -43.78 -69.51 49.54
CA VAL U 290 -45.08 -68.85 49.63
C VAL U 290 -45.90 -69.48 50.75
N THR U 291 -46.78 -68.67 51.33
CA THR U 291 -47.59 -69.03 52.48
C THR U 291 -48.99 -68.47 52.29
N HIS U 292 -50.00 -69.30 52.57
CA HIS U 292 -51.40 -68.89 52.44
C HIS U 292 -51.85 -68.05 53.63
N ILE U 293 -52.71 -67.07 53.35
CA ILE U 293 -53.38 -66.28 54.38
C ILE U 293 -54.81 -66.82 54.51
N ALA U 294 -55.14 -67.31 55.70
CA ALA U 294 -56.33 -68.13 55.89
C ALA U 294 -57.61 -67.37 55.56
N GLY U 295 -58.48 -67.99 54.77
CA GLY U 295 -59.80 -67.46 54.49
C GLY U 295 -59.89 -66.52 53.32
N THR U 296 -58.77 -66.18 52.68
CA THR U 296 -58.74 -65.25 51.57
C THR U 296 -58.09 -65.93 50.36
N HIS U 297 -58.05 -65.20 49.24
CA HIS U 297 -57.30 -65.62 48.08
C HIS U 297 -55.93 -64.98 48.02
N ASP U 298 -55.43 -64.48 49.15
CA ASP U 298 -54.15 -63.80 49.24
C ASP U 298 -53.07 -64.77 49.69
N TYR U 299 -51.85 -64.52 49.23
CA TYR U 299 -50.68 -65.27 49.68
C TYR U 299 -49.56 -64.31 50.03
N THR U 300 -48.74 -64.72 51.00
CA THR U 300 -47.55 -63.99 51.40
C THR U 300 -46.33 -64.75 50.89
N MET U 301 -45.43 -64.02 50.22
CA MET U 301 -44.20 -64.59 49.70
C MET U 301 -43.03 -64.13 50.56
N ASN U 302 -42.30 -65.09 51.13
CA ASN U 302 -41.06 -64.82 51.86
C ASN U 302 -39.95 -64.70 50.83
N LEU U 303 -39.53 -63.47 50.55
CA LEU U 303 -38.64 -63.20 49.43
C LEU U 303 -37.24 -63.74 49.65
N ALA U 304 -36.69 -64.33 48.60
CA ALA U 304 -35.30 -64.74 48.54
C ALA U 304 -34.65 -64.00 47.38
N SER U 305 -33.34 -63.77 47.48
CA SER U 305 -32.62 -62.97 46.50
C SER U 305 -32.89 -63.47 45.08
N GLN U 306 -32.76 -62.55 44.11
CA GLN U 306 -33.03 -62.90 42.72
C GLN U 306 -32.16 -64.06 42.24
N ASN U 307 -30.95 -64.20 42.78
CA ASN U 307 -30.07 -65.33 42.50
C ASN U 307 -30.38 -66.56 43.39
N TRP U 308 -31.56 -66.57 44.02
CA TRP U 308 -32.10 -67.64 44.86
C TRP U 308 -31.41 -67.78 46.21
N ASN U 309 -30.57 -66.84 46.61
CA ASN U 309 -29.79 -66.96 47.83
C ASN U 309 -30.58 -66.41 49.02
N ASN U 310 -29.98 -66.52 50.21
CA ASN U 310 -30.55 -65.86 51.38
C ASN U 310 -30.58 -64.35 51.16
N TYR U 311 -31.63 -63.70 51.66
CA TYR U 311 -31.78 -62.27 51.49
C TYR U 311 -31.22 -61.53 52.70
N ASP U 312 -30.40 -60.52 52.45
CA ASP U 312 -29.83 -59.69 53.51
C ASP U 312 -30.46 -58.30 53.46
N PRO U 313 -31.25 -57.90 54.46
CA PRO U 313 -31.81 -56.54 54.43
C PRO U 313 -30.79 -55.45 54.70
N THR U 314 -29.63 -55.79 55.26
CA THR U 314 -28.61 -54.79 55.59
C THR U 314 -28.02 -54.12 54.35
N GLU U 315 -28.23 -54.69 53.17
CA GLU U 315 -27.65 -54.16 51.94
C GLU U 315 -28.03 -52.70 51.74
N GLU U 316 -27.05 -51.89 51.34
CA GLU U 316 -27.23 -50.45 51.17
C GLU U 316 -28.00 -50.17 49.88
N ILE U 317 -29.18 -50.77 49.80
CA ILE U 317 -30.05 -50.70 48.62
C ILE U 317 -31.46 -50.35 49.10
N PRO U 318 -32.30 -49.67 48.31
CA PRO U 318 -33.67 -49.38 48.78
C PRO U 318 -34.51 -50.63 48.97
N ALA U 319 -34.24 -51.70 48.22
CA ALA U 319 -35.03 -52.92 48.18
C ALA U 319 -34.27 -53.95 47.35
N PRO U 320 -34.71 -55.21 47.30
CA PRO U 320 -34.03 -56.17 46.42
C PRO U 320 -34.04 -55.69 44.97
N LEU U 321 -32.96 -56.00 44.27
CA LEU U 321 -32.78 -55.50 42.91
C LEU U 321 -33.90 -56.00 42.02
N GLY U 322 -34.47 -55.07 41.24
CA GLY U 322 -35.58 -55.37 40.37
C GLY U 322 -36.95 -55.18 40.98
N THR U 323 -37.02 -54.71 42.22
CA THR U 323 -38.31 -54.45 42.84
C THR U 323 -39.01 -53.31 42.10
N PRO U 324 -40.31 -53.45 41.80
CA PRO U 324 -41.01 -52.41 41.05
C PRO U 324 -40.87 -51.05 41.73
N ASP U 325 -40.76 -50.01 40.91
CA ASP U 325 -40.50 -48.65 41.39
C ASP U 325 -41.67 -47.71 41.12
N PHE U 326 -42.88 -48.24 41.10
CA PHE U 326 -44.07 -47.40 40.93
C PHE U 326 -45.20 -47.98 41.77
N VAL U 327 -46.21 -47.15 41.99
CA VAL U 327 -47.39 -47.55 42.75
C VAL U 327 -48.47 -48.01 41.77
N GLY U 328 -48.90 -49.26 41.91
CA GLY U 328 -49.89 -49.82 41.02
C GLY U 328 -50.05 -51.30 41.28
N LYS U 329 -50.99 -51.89 40.55
CA LYS U 329 -51.31 -53.31 40.66
C LYS U 329 -50.78 -54.01 39.41
N ILE U 330 -49.80 -54.90 39.60
CA ILE U 330 -49.16 -55.62 38.50
C ILE U 330 -49.71 -57.04 38.48
N GLN U 331 -50.32 -57.42 37.36
CA GLN U 331 -50.86 -58.77 37.19
C GLN U 331 -49.86 -59.64 36.43
N GLY U 332 -49.70 -60.87 36.91
CA GLY U 332 -48.85 -61.83 36.24
C GLY U 332 -49.24 -63.26 36.55
N VAL U 333 -48.25 -64.14 36.72
CA VAL U 333 -48.50 -65.56 36.92
C VAL U 333 -47.49 -66.09 37.93
N LEU U 334 -47.99 -66.73 38.98
CA LEU U 334 -47.15 -67.43 39.94
C LEU U 334 -46.90 -68.84 39.44
N THR U 335 -45.64 -69.27 39.53
CA THR U 335 -45.23 -70.59 39.06
C THR U 335 -44.50 -71.31 40.19
N GLN U 336 -44.72 -72.62 40.30
CA GLN U 336 -44.18 -73.40 41.40
C GLN U 336 -43.80 -74.78 40.87
N THR U 337 -42.78 -75.36 41.49
CA THR U 337 -42.30 -76.68 41.09
C THR U 337 -41.95 -77.52 42.31
N THR U 338 -42.54 -78.70 42.40
CA THR U 338 -42.24 -79.63 43.49
C THR U 338 -40.98 -80.39 43.09
N ARG U 339 -39.96 -80.32 43.95
CA ARG U 339 -38.66 -80.88 43.59
C ARG U 339 -38.69 -82.39 43.42
N GLY U 340 -39.27 -83.12 44.39
CA GLY U 340 -39.20 -84.57 44.31
C GLY U 340 -40.05 -85.18 43.22
N ASP U 341 -41.34 -84.84 43.17
CA ASP U 341 -42.21 -85.40 42.14
C ASP U 341 -42.00 -84.75 40.78
N GLY U 342 -41.65 -83.46 40.76
CA GLY U 342 -41.56 -82.70 39.52
C GLY U 342 -42.85 -82.05 39.06
N SER U 343 -43.85 -81.96 39.93
CA SER U 343 -45.13 -81.35 39.57
C SER U 343 -44.97 -79.83 39.45
N THR U 344 -45.91 -79.21 38.73
CA THR U 344 -45.85 -77.80 38.40
C THR U 344 -47.25 -77.19 38.49
N ARG U 345 -47.34 -75.99 39.04
CA ARG U 345 -48.60 -75.27 39.21
C ARG U 345 -48.44 -73.83 38.78
N GLY U 346 -49.48 -73.27 38.16
CA GLY U 346 -49.46 -71.89 37.71
C GLY U 346 -50.78 -71.17 37.86
N HIS U 347 -50.77 -70.01 38.52
CA HIS U 347 -52.01 -69.33 38.88
C HIS U 347 -51.90 -67.83 38.64
N LYS U 348 -52.90 -67.28 37.94
CA LYS U 348 -53.07 -65.85 37.79
C LYS U 348 -52.94 -65.13 39.13
N ALA U 349 -52.13 -64.07 39.18
CA ALA U 349 -51.85 -63.41 40.44
C ALA U 349 -51.60 -61.92 40.20
N THR U 350 -51.68 -61.15 41.27
CA THR U 350 -51.62 -59.69 41.22
C THR U 350 -50.94 -59.17 42.47
N VAL U 351 -50.02 -58.22 42.29
CA VAL U 351 -49.33 -57.54 43.38
C VAL U 351 -49.77 -56.08 43.43
N SER U 352 -50.15 -55.62 44.62
CA SER U 352 -50.43 -54.20 44.84
C SER U 352 -49.24 -53.59 45.57
N THR U 353 -48.55 -52.68 44.88
CA THR U 353 -47.38 -52.01 45.45
C THR U 353 -47.72 -50.91 46.44
N GLY U 354 -48.98 -50.45 46.47
CA GLY U 354 -49.37 -49.44 47.42
C GLY U 354 -50.03 -49.99 48.65
N SER U 355 -50.39 -51.28 48.61
CA SER U 355 -50.95 -51.95 49.77
C SER U 355 -49.94 -51.99 50.90
N VAL U 356 -50.44 -51.87 52.14
CA VAL U 356 -49.57 -51.86 53.31
C VAL U 356 -48.83 -53.17 53.50
N HIS U 357 -49.24 -54.23 52.82
CA HIS U 357 -48.60 -55.54 52.94
C HIS U 357 -47.51 -55.73 51.89
N PHE U 358 -47.24 -54.71 51.08
CA PHE U 358 -46.11 -54.69 50.15
C PHE U 358 -44.91 -54.11 50.88
N THR U 359 -44.12 -54.99 51.49
CA THR U 359 -42.93 -54.61 52.25
C THR U 359 -41.74 -55.41 51.77
N PRO U 360 -41.28 -55.17 50.53
CA PRO U 360 -40.18 -55.99 50.00
C PRO U 360 -38.85 -55.72 50.67
N LYS U 361 -38.63 -54.51 51.19
CA LYS U 361 -37.40 -54.24 51.94
C LYS U 361 -37.27 -55.13 53.15
N LEU U 362 -38.39 -55.48 53.78
CA LEU U 362 -38.38 -56.37 54.94
C LEU U 362 -38.39 -57.83 54.56
N GLY U 363 -38.81 -58.17 53.34
CA GLY U 363 -38.67 -59.52 52.85
C GLY U 363 -39.98 -60.21 52.50
N SER U 364 -41.08 -59.46 52.55
CA SER U 364 -42.40 -60.05 52.39
C SER U 364 -43.22 -59.21 51.41
N VAL U 365 -43.94 -59.91 50.53
CA VAL U 365 -44.85 -59.28 49.59
C VAL U 365 -46.13 -60.11 49.56
N GLN U 366 -47.24 -59.45 49.26
CA GLN U 366 -48.55 -60.08 49.29
C GLN U 366 -49.12 -60.12 47.88
N PHE U 367 -49.56 -61.30 47.46
CA PHE U 367 -50.18 -61.52 46.16
C PHE U 367 -51.66 -61.81 46.33
N THR U 368 -52.44 -61.47 45.30
CA THR U 368 -53.83 -61.90 45.20
C THR U 368 -53.94 -62.85 44.01
N THR U 369 -54.38 -64.07 44.27
CA THR U 369 -54.35 -65.14 43.29
C THR U 369 -55.78 -65.52 42.90
N ASP U 370 -55.88 -66.48 41.98
CA ASP U 370 -57.18 -66.98 41.58
C ASP U 370 -57.51 -68.34 42.21
N THR U 371 -56.75 -68.75 43.22
CA THR U 371 -57.07 -69.94 43.98
C THR U 371 -56.57 -69.76 45.41
N ASN U 372 -57.24 -70.41 46.35
CA ASN U 372 -56.81 -70.46 47.75
C ASN U 372 -56.26 -71.84 48.09
N ASN U 373 -56.11 -72.69 47.08
CA ASN U 373 -55.63 -74.05 47.15
C ASN U 373 -54.56 -74.21 46.08
N ASP U 374 -53.81 -75.31 46.14
CA ASP U 374 -52.86 -75.69 45.09
C ASP U 374 -51.62 -74.78 45.03
N LEU U 375 -51.21 -74.21 46.16
CA LEU U 375 -49.89 -73.57 46.26
C LEU U 375 -49.26 -74.04 47.56
N GLU U 376 -48.36 -75.03 47.46
CA GLU U 376 -47.77 -75.67 48.61
C GLU U 376 -46.63 -74.83 49.20
N THR U 377 -46.26 -75.17 50.42
CA THR U 377 -45.22 -74.48 51.17
C THR U 377 -43.86 -75.10 50.85
N GLY U 378 -42.80 -74.46 51.34
CA GLY U 378 -41.42 -74.89 51.13
C GLY U 378 -40.91 -74.97 49.69
N GLN U 379 -41.77 -74.74 48.72
CA GLN U 379 -41.37 -74.85 47.32
C GLN U 379 -41.07 -73.47 46.75
N ASN U 380 -40.11 -73.42 45.84
CA ASN U 380 -39.71 -72.17 45.21
C ASN U 380 -40.75 -71.72 44.20
N THR U 381 -41.07 -70.43 44.23
CA THR U 381 -42.16 -69.86 43.46
C THR U 381 -41.70 -68.58 42.79
N LYS U 382 -42.01 -68.43 41.50
CA LYS U 382 -41.56 -67.30 40.70
C LYS U 382 -42.77 -66.56 40.15
N PHE U 383 -42.80 -65.25 40.36
CA PHE U 383 -43.81 -64.39 39.75
C PHE U 383 -43.28 -63.83 38.43
N THR U 384 -43.94 -64.18 37.32
CA THR U 384 -43.63 -63.63 36.02
C THR U 384 -44.57 -62.48 35.73
N PRO U 385 -44.09 -61.24 35.66
CA PRO U 385 -45.00 -60.11 35.43
C PRO U 385 -45.50 -60.09 34.00
N VAL U 386 -46.67 -59.48 33.80
CA VAL U 386 -47.28 -59.44 32.47
C VAL U 386 -47.75 -58.02 32.17
N GLY U 387 -48.41 -57.38 33.12
CA GLY U 387 -48.97 -56.07 32.85
C GLY U 387 -49.53 -55.43 34.10
N VAL U 388 -50.21 -54.30 33.89
CA VAL U 388 -50.81 -53.53 34.97
C VAL U 388 -52.32 -53.56 34.81
N VAL U 389 -53.01 -53.34 35.93
CA VAL U 389 -54.46 -53.49 36.01
C VAL U 389 -55.03 -52.25 36.72
N GLN U 390 -56.33 -52.03 36.52
CA GLN U 390 -56.99 -50.83 37.01
C GLN U 390 -58.38 -51.18 37.50
N ASP U 391 -58.77 -50.57 38.63
CA ASP U 391 -60.13 -50.71 39.16
C ASP U 391 -61.06 -49.83 38.32
N GLY U 392 -61.95 -50.46 37.56
CA GLY U 392 -62.73 -49.73 36.57
C GLY U 392 -63.76 -48.80 37.16
N ASN U 393 -64.11 -48.99 38.44
CA ASN U 393 -65.10 -48.15 39.10
C ASN U 393 -64.52 -46.82 39.61
N SER U 394 -63.19 -46.71 39.67
CA SER U 394 -62.54 -45.47 40.04
C SER U 394 -62.28 -44.63 38.79
N ALA U 395 -61.67 -43.46 38.98
CA ALA U 395 -61.41 -42.57 37.86
C ALA U 395 -60.50 -43.25 36.84
N HIS U 396 -60.85 -43.13 35.57
CA HIS U 396 -60.10 -43.82 34.52
C HIS U 396 -58.70 -43.23 34.41
N GLN U 397 -57.70 -44.12 34.31
CA GLN U 397 -56.28 -43.75 34.20
C GLN U 397 -55.77 -43.10 35.49
N ASN U 398 -56.14 -43.66 36.64
CA ASN U 398 -55.76 -43.09 37.92
C ASN U 398 -54.99 -44.04 38.83
N GLU U 399 -54.94 -45.34 38.51
CA GLU U 399 -54.39 -46.31 39.45
C GLU U 399 -52.87 -46.45 39.34
N PRO U 400 -52.27 -46.68 38.15
CA PRO U 400 -50.80 -46.82 38.09
C PRO U 400 -50.07 -45.49 38.02
N GLN U 401 -49.52 -45.04 39.16
CA GLN U 401 -48.78 -43.79 39.26
C GLN U 401 -47.30 -44.09 39.10
N GLN U 402 -46.76 -43.89 37.88
CA GLN U 402 -45.39 -44.35 37.62
C GLN U 402 -44.37 -43.55 38.41
N TRP U 403 -44.67 -42.28 38.70
CA TRP U 403 -43.71 -41.37 39.31
C TRP U 403 -43.91 -41.24 40.81
N VAL U 404 -44.66 -42.17 41.42
CA VAL U 404 -44.81 -42.25 42.87
C VAL U 404 -44.08 -43.50 43.33
N LEU U 405 -43.11 -43.33 44.19
CA LEU U 405 -42.42 -44.53 44.65
C LEU U 405 -43.25 -45.25 45.70
N PRO U 406 -43.27 -46.59 45.67
CA PRO U 406 -43.84 -47.34 46.79
C PRO U 406 -43.02 -47.13 48.06
N ASN U 407 -43.64 -47.48 49.19
CA ASN U 407 -42.96 -47.42 50.48
C ASN U 407 -42.38 -48.81 50.74
N TYR U 408 -41.08 -48.96 50.52
CA TYR U 408 -40.46 -50.27 50.48
C TYR U 408 -40.47 -50.96 51.84
N SER U 409 -40.62 -50.22 52.93
CA SER U 409 -40.71 -50.80 54.26
C SER U 409 -42.11 -50.70 54.86
N GLY U 410 -43.14 -50.59 54.02
CA GLY U 410 -44.49 -50.35 54.48
C GLY U 410 -44.56 -49.15 55.41
N ARG U 411 -45.41 -49.27 56.45
CA ARG U 411 -45.58 -48.19 57.41
C ARG U 411 -44.35 -48.04 58.32
N THR U 412 -43.59 -49.13 58.51
CA THR U 412 -42.51 -49.17 59.50
C THR U 412 -41.22 -48.54 59.00
N GLY U 413 -41.30 -47.26 58.65
CA GLY U 413 -40.13 -46.49 58.28
C GLY U 413 -40.26 -45.87 56.90
N HIS U 414 -39.16 -45.25 56.47
CA HIS U 414 -39.08 -44.51 55.22
C HIS U 414 -38.12 -45.21 54.26
N ASN U 415 -38.21 -44.82 52.99
CA ASN U 415 -37.31 -45.36 51.99
C ASN U 415 -35.89 -44.87 52.26
N VAL U 416 -34.91 -45.75 52.05
CA VAL U 416 -33.53 -45.45 52.39
C VAL U 416 -32.64 -45.78 51.19
N HIS U 417 -31.65 -44.91 50.93
CA HIS U 417 -30.62 -45.10 49.91
C HIS U 417 -31.18 -44.99 48.49
N LEU U 418 -32.02 -43.99 48.26
CA LEU U 418 -32.68 -43.83 46.97
C LEU U 418 -31.71 -43.20 45.97
N ALA U 419 -31.91 -43.52 44.70
CA ALA U 419 -31.28 -42.76 43.64
C ALA U 419 -31.88 -41.36 43.63
N PRO U 420 -31.07 -40.34 43.32
CA PRO U 420 -31.54 -38.96 43.44
C PRO U 420 -32.66 -38.67 42.45
N ALA U 421 -33.43 -37.63 42.79
CA ALA U 421 -34.43 -37.16 41.85
C ALA U 421 -33.75 -36.38 40.73
N VAL U 422 -34.49 -36.14 39.66
CA VAL U 422 -33.92 -35.69 38.40
C VAL U 422 -34.77 -34.55 37.86
N ALA U 423 -34.11 -33.46 37.46
CA ALA U 423 -34.81 -32.32 36.86
C ALA U 423 -33.84 -31.56 35.98
N PRO U 424 -34.33 -30.94 34.90
CA PRO U 424 -33.48 -30.04 34.11
C PRO U 424 -33.09 -28.80 34.89
N THR U 425 -31.89 -28.29 34.61
CA THR U 425 -31.41 -27.08 35.26
C THR U 425 -31.33 -25.87 34.34
N PHE U 426 -31.34 -26.06 33.03
CA PHE U 426 -31.21 -25.01 32.01
C PHE U 426 -32.56 -24.57 31.49
N PRO U 427 -32.74 -23.26 31.35
CA PRO U 427 -34.00 -22.75 30.78
C PRO U 427 -34.22 -23.35 29.40
N GLY U 428 -35.42 -23.85 29.16
CA GLY U 428 -35.76 -24.39 27.86
C GLY U 428 -35.51 -25.87 27.72
N GLU U 429 -35.02 -26.53 28.77
CA GLU U 429 -34.66 -27.94 28.72
C GLU U 429 -35.67 -28.76 29.50
N GLN U 430 -36.00 -29.93 28.97
CA GLN U 430 -36.84 -30.88 29.66
C GLN U 430 -36.19 -32.26 29.60
N LEU U 431 -36.60 -33.12 30.53
CA LEU U 431 -36.15 -34.50 30.50
C LEU U 431 -36.52 -35.17 29.18
N LEU U 432 -35.70 -36.12 28.76
CA LEU U 432 -36.01 -37.00 27.64
C LEU U 432 -36.23 -38.41 28.18
N PHE U 433 -37.43 -38.94 27.95
CA PHE U 433 -37.84 -40.23 28.50
C PHE U 433 -37.86 -41.27 27.40
N PHE U 434 -37.48 -42.50 27.75
CA PHE U 434 -37.62 -43.64 26.86
C PHE U 434 -38.94 -44.32 27.22
N ARG U 435 -39.91 -44.24 26.32
CA ARG U 435 -41.30 -44.53 26.63
C ARG U 435 -41.72 -45.87 26.05
N SER U 436 -42.36 -46.69 26.88
CA SER U 436 -43.02 -47.90 26.45
C SER U 436 -44.42 -47.95 27.04
N THR U 437 -45.25 -48.82 26.48
CA THR U 437 -46.66 -48.93 26.83
C THR U 437 -46.91 -50.27 27.51
N MET U 438 -47.30 -50.25 28.77
CA MET U 438 -47.45 -51.47 29.52
C MET U 438 -48.70 -52.22 29.06
N PRO U 439 -48.67 -53.55 29.08
CA PRO U 439 -49.89 -54.33 28.81
C PRO U 439 -50.92 -54.11 29.91
N GLY U 440 -52.18 -53.94 29.50
CA GLY U 440 -53.29 -53.85 30.42
C GLY U 440 -54.07 -55.14 30.47
N CYS U 441 -54.52 -55.51 31.67
CA CYS U 441 -55.20 -56.78 31.89
C CYS U 441 -56.68 -56.63 32.20
N SER U 442 -57.09 -55.49 32.77
CA SER U 442 -58.45 -55.24 33.22
C SER U 442 -58.54 -53.79 33.64
N GLY U 443 -59.69 -53.16 33.38
CA GLY U 443 -59.87 -51.78 33.79
C GLY U 443 -59.36 -50.80 32.75
N TYR U 444 -59.05 -49.60 33.22
CA TYR U 444 -58.59 -48.50 32.36
C TYR U 444 -57.33 -47.88 32.98
N PRO U 445 -56.19 -48.57 32.88
CA PRO U 445 -54.97 -48.09 33.53
C PRO U 445 -54.17 -47.13 32.65
N ASN U 446 -53.38 -46.31 33.32
CA ASN U 446 -52.41 -45.44 32.63
C ASN U 446 -51.25 -46.32 32.17
N MET U 447 -51.25 -46.66 30.89
CA MET U 447 -50.29 -47.60 30.34
C MET U 447 -48.96 -46.95 29.96
N ASN U 448 -48.77 -45.67 30.28
CA ASN U 448 -47.52 -44.97 30.02
C ASN U 448 -46.45 -45.40 31.03
N LEU U 449 -45.28 -45.79 30.51
CA LEU U 449 -44.12 -46.12 31.36
C LEU U 449 -42.88 -45.48 30.77
N ASP U 450 -42.27 -44.57 31.52
CA ASP U 450 -41.09 -43.84 31.09
C ASP U 450 -39.90 -44.23 31.97
N CYS U 451 -38.78 -44.58 31.33
CA CYS U 451 -37.52 -44.78 32.03
C CYS U 451 -36.48 -43.79 31.55
N LEU U 452 -35.47 -43.57 32.39
CA LEU U 452 -34.43 -42.59 32.08
C LEU U 452 -33.36 -43.15 31.14
N LEU U 453 -33.11 -44.46 31.21
CA LEU U 453 -32.09 -45.13 30.40
C LEU U 453 -32.65 -46.47 29.93
N PRO U 454 -32.44 -46.82 28.65
CA PRO U 454 -32.76 -48.18 28.21
C PRO U 454 -31.93 -49.20 28.96
N GLN U 455 -32.48 -50.40 29.10
CA GLN U 455 -31.77 -51.43 29.84
C GLN U 455 -30.45 -51.78 29.16
N GLU U 456 -30.43 -51.79 27.83
CA GLU U 456 -29.21 -52.04 27.08
C GLU U 456 -28.17 -50.95 27.31
N TRP U 457 -28.61 -49.69 27.53
CA TRP U 457 -27.65 -48.66 27.92
C TRP U 457 -27.07 -48.92 29.31
N VAL U 458 -27.89 -49.40 30.24
CA VAL U 458 -27.37 -49.79 31.54
C VAL U 458 -26.33 -50.88 31.39
N LEU U 459 -26.67 -51.92 30.62
CA LEU U 459 -25.72 -53.00 30.35
C LEU U 459 -24.43 -52.44 29.76
N HIS U 460 -24.56 -51.56 28.77
CA HIS U 460 -23.39 -51.05 28.07
C HIS U 460 -22.48 -50.26 29.00
N PHE U 461 -23.05 -49.31 29.74
CA PHE U 461 -22.25 -48.50 30.66
C PHE U 461 -21.56 -49.38 31.70
N TYR U 462 -22.27 -50.38 32.21
CA TYR U 462 -21.71 -51.21 33.28
C TYR U 462 -20.46 -51.95 32.81
N GLN U 463 -20.50 -52.54 31.62
CA GLN U 463 -19.36 -53.31 31.13
C GLN U 463 -18.24 -52.41 30.64
N GLU U 464 -18.54 -51.48 29.75
CA GLU U 464 -17.54 -50.59 29.16
C GLU U 464 -17.46 -49.37 30.06
N ALA U 465 -16.62 -49.46 31.10
CA ALA U 465 -16.69 -48.54 32.22
C ALA U 465 -15.87 -47.28 31.97
N ALA U 466 -16.25 -46.58 30.90
CA ALA U 466 -15.47 -45.43 30.43
C ALA U 466 -15.61 -44.27 31.40
N PRO U 467 -14.51 -43.67 31.86
CA PRO U 467 -14.59 -42.50 32.74
C PRO U 467 -15.23 -41.31 32.02
N ALA U 468 -16.05 -40.58 32.76
CA ALA U 468 -16.66 -39.35 32.24
C ALA U 468 -15.66 -38.20 32.31
N GLN U 469 -15.42 -37.56 31.17
CA GLN U 469 -14.52 -36.43 31.09
C GLN U 469 -15.17 -35.11 31.53
N SER U 470 -16.48 -35.10 31.73
CA SER U 470 -17.19 -33.97 32.30
C SER U 470 -18.54 -34.47 32.78
N ASP U 471 -19.39 -33.55 33.23
CA ASP U 471 -20.69 -33.91 33.77
C ASP U 471 -21.73 -34.21 32.69
N VAL U 472 -21.44 -33.89 31.43
CA VAL U 472 -22.43 -33.98 30.36
C VAL U 472 -21.80 -34.58 29.12
N ALA U 473 -22.41 -35.61 28.58
CA ALA U 473 -22.04 -36.19 27.30
C ALA U 473 -23.03 -35.72 26.24
N LEU U 474 -22.56 -34.96 25.27
CA LEU U 474 -23.41 -34.51 24.17
C LEU U 474 -23.64 -35.67 23.21
N LEU U 475 -24.90 -36.00 22.96
CA LEU U 475 -25.28 -37.01 22.00
C LEU U 475 -25.99 -36.37 20.82
N ARG U 476 -25.81 -36.97 19.64
CA ARG U 476 -26.53 -36.60 18.43
C ARG U 476 -27.38 -37.77 17.99
N PHE U 477 -28.64 -37.49 17.66
CA PHE U 477 -29.56 -38.51 17.18
C PHE U 477 -29.65 -38.41 15.66
N VAL U 478 -29.33 -39.49 14.97
CA VAL U 478 -29.08 -39.45 13.52
C VAL U 478 -30.07 -40.37 12.82
N ASN U 479 -30.62 -39.88 11.70
CA ASN U 479 -31.40 -40.70 10.79
C ASN U 479 -30.45 -41.28 9.75
N PRO U 480 -30.13 -42.58 9.79
CA PRO U 480 -29.09 -43.10 8.89
C PRO U 480 -29.50 -43.12 7.43
N ASP U 481 -30.78 -43.04 7.12
CA ASP U 481 -31.23 -43.01 5.73
C ASP U 481 -30.71 -41.77 5.02
N THR U 482 -30.99 -40.60 5.57
CA THR U 482 -30.62 -39.34 4.95
C THR U 482 -29.28 -38.80 5.45
N GLY U 483 -28.75 -39.34 6.53
CA GLY U 483 -27.58 -38.79 7.17
C GLY U 483 -27.82 -37.58 8.03
N ARG U 484 -29.07 -37.11 8.12
CA ARG U 484 -29.36 -35.85 8.79
C ARG U 484 -29.46 -36.08 10.29
N VAL U 485 -28.97 -35.11 11.06
CA VAL U 485 -29.11 -35.15 12.51
C VAL U 485 -30.45 -34.52 12.86
N LEU U 486 -31.24 -35.23 13.65
CA LEU U 486 -32.59 -34.80 13.96
C LEU U 486 -32.62 -33.89 15.18
N PHE U 487 -31.88 -34.24 16.21
CA PHE U 487 -31.71 -33.38 17.37
C PHE U 487 -30.44 -33.82 18.08
N GLU U 488 -30.01 -33.00 19.03
CA GLU U 488 -28.96 -33.38 19.96
C GLU U 488 -29.49 -33.28 21.37
N CYS U 489 -28.88 -34.04 22.27
CA CYS U 489 -29.34 -34.08 23.64
C CYS U 489 -28.13 -34.24 24.54
N LYS U 490 -28.34 -33.99 25.83
CA LYS U 490 -27.30 -34.05 26.83
C LYS U 490 -27.52 -35.29 27.69
N LEU U 491 -26.55 -36.20 27.66
CA LEU U 491 -26.53 -37.35 28.56
C LEU U 491 -25.69 -36.99 29.77
N HIS U 492 -26.34 -36.82 30.92
CA HIS U 492 -25.65 -36.40 32.12
C HIS U 492 -24.94 -37.58 32.76
N LYS U 493 -23.81 -37.29 33.40
CA LYS U 493 -23.02 -38.34 34.04
C LYS U 493 -23.85 -39.16 35.01
N SER U 494 -24.77 -38.50 35.73
CA SER U 494 -25.62 -39.16 36.71
C SER U 494 -26.55 -40.20 36.08
N GLY U 495 -26.58 -40.29 34.76
CA GLY U 495 -27.47 -41.21 34.07
C GLY U 495 -28.88 -40.74 33.80
N TYR U 496 -29.03 -39.59 33.13
CA TYR U 496 -30.32 -39.16 32.62
C TYR U 496 -30.09 -38.23 31.44
N VAL U 497 -31.13 -38.06 30.62
CA VAL U 497 -31.02 -37.30 29.39
C VAL U 497 -31.96 -36.09 29.43
N THR U 498 -31.52 -35.01 28.79
CA THR U 498 -32.28 -33.77 28.68
C THR U 498 -32.24 -33.30 27.23
N VAL U 499 -33.28 -32.56 26.82
CA VAL U 499 -33.37 -32.02 25.48
C VAL U 499 -33.90 -30.59 25.55
N ALA U 500 -33.79 -29.89 24.42
CA ALA U 500 -34.23 -28.50 24.29
C ALA U 500 -35.64 -28.52 23.69
N HIS U 501 -36.64 -28.38 24.55
CA HIS U 501 -38.04 -28.42 24.13
C HIS U 501 -38.90 -27.89 25.27
N THR U 502 -40.10 -27.42 24.92
CA THR U 502 -41.08 -26.97 25.89
C THR U 502 -42.43 -27.57 25.56
N GLY U 503 -43.06 -28.21 26.53
CA GLY U 503 -44.34 -28.84 26.35
C GLY U 503 -44.21 -30.34 26.14
N PRO U 504 -45.29 -31.09 26.36
CA PRO U 504 -45.24 -32.52 26.07
C PRO U 504 -45.21 -32.77 24.57
N HIS U 505 -44.51 -33.83 24.18
CA HIS U 505 -44.32 -34.12 22.77
C HIS U 505 -43.79 -35.54 22.57
N ASP U 506 -44.51 -36.34 21.79
CA ASP U 506 -43.95 -37.60 21.31
C ASP U 506 -43.08 -37.33 20.10
N LEU U 507 -41.83 -37.80 20.16
CA LEU U 507 -40.88 -37.47 19.11
C LEU U 507 -41.19 -38.30 17.87
N VAL U 508 -41.11 -37.65 16.71
CA VAL U 508 -41.38 -38.29 15.43
C VAL U 508 -40.04 -38.74 14.85
N ILE U 509 -39.74 -40.03 14.98
CA ILE U 509 -38.41 -40.53 14.71
C ILE U 509 -38.47 -41.62 13.64
N PRO U 510 -37.56 -41.61 12.67
CA PRO U 510 -37.45 -42.72 11.73
C PRO U 510 -37.16 -44.01 12.45
N PRO U 511 -37.78 -45.12 12.03
CA PRO U 511 -37.65 -46.37 12.78
C PRO U 511 -36.23 -46.87 12.93
N ASN U 512 -35.30 -46.48 12.06
CA ASN U 512 -33.92 -46.94 12.13
C ASN U 512 -32.96 -45.91 12.71
N GLY U 513 -33.48 -44.87 13.36
CA GLY U 513 -32.61 -43.89 13.99
C GLY U 513 -31.92 -44.41 15.24
N TYR U 514 -30.69 -43.92 15.45
CA TYR U 514 -29.81 -44.39 16.51
C TYR U 514 -29.14 -43.19 17.18
N PHE U 515 -28.68 -43.40 18.41
CA PHE U 515 -27.92 -42.38 19.14
C PHE U 515 -26.42 -42.56 18.91
N ARG U 516 -25.75 -41.43 18.68
CA ARG U 516 -24.32 -41.41 18.42
C ARG U 516 -23.67 -40.46 19.42
N PHE U 517 -22.60 -40.91 20.07
CA PHE U 517 -21.88 -40.06 21.01
C PHE U 517 -21.00 -39.08 20.24
N ASP U 518 -21.04 -37.82 20.64
CA ASP U 518 -20.30 -36.77 19.96
C ASP U 518 -19.13 -36.24 20.78
N SER U 519 -19.36 -35.88 22.04
CA SER U 519 -18.30 -35.23 22.81
C SER U 519 -18.69 -35.01 24.27
N TRP U 520 -17.69 -35.01 25.15
CA TRP U 520 -17.89 -34.43 26.47
C TRP U 520 -17.82 -32.92 26.34
N VAL U 521 -18.70 -32.23 27.06
CA VAL U 521 -18.81 -30.78 26.99
C VAL U 521 -18.85 -30.24 28.40
N ASN U 522 -18.76 -28.91 28.50
CA ASN U 522 -18.79 -28.29 29.81
C ASN U 522 -20.23 -27.97 30.18
N GLN U 523 -20.44 -27.62 31.45
CA GLN U 523 -21.81 -27.53 31.93
C GLN U 523 -22.57 -26.37 31.32
N PHE U 524 -21.88 -25.44 30.67
CA PHE U 524 -22.51 -24.27 30.08
C PHE U 524 -22.91 -24.47 28.63
N TYR U 525 -22.64 -25.64 28.06
CA TYR U 525 -22.96 -25.90 26.65
C TYR U 525 -24.45 -25.78 26.41
N THR U 526 -24.83 -24.97 25.43
CA THR U 526 -26.23 -24.70 25.12
C THR U 526 -26.59 -25.38 23.81
N LEU U 527 -27.58 -26.28 23.86
CA LEU U 527 -27.92 -27.11 22.71
C LEU U 527 -29.04 -26.48 21.90
N ALA U 528 -29.00 -26.74 20.59
CA ALA U 528 -29.99 -26.18 19.68
C ALA U 528 -31.38 -26.75 19.93
N PRO U 529 -32.42 -25.91 19.90
CA PRO U 529 -33.78 -26.42 20.11
C PRO U 529 -34.26 -27.28 18.95
N MET U 530 -35.12 -28.24 19.28
CA MET U 530 -35.70 -29.21 18.34
C MET U 530 -35.86 -28.71 16.91
N MET V 27 41.60 -29.21 75.21
CA MET V 27 43.03 -28.91 75.28
C MET V 27 43.76 -29.94 76.13
N ALA V 28 43.00 -30.67 76.95
CA ALA V 28 43.57 -31.70 77.82
C ALA V 28 43.77 -33.04 77.13
N LEU V 29 43.23 -33.23 75.92
CA LEU V 29 43.47 -34.45 75.16
C LEU V 29 43.96 -34.13 73.75
N GLU V 30 44.86 -34.97 73.25
CA GLU V 30 45.28 -34.93 71.86
C GLU V 30 44.19 -35.49 70.95
N PRO V 31 44.29 -35.26 69.64
CA PRO V 31 43.44 -35.99 68.71
C PRO V 31 43.79 -37.48 68.75
N VAL V 32 42.80 -38.32 68.50
CA VAL V 32 42.96 -39.76 68.61
C VAL V 32 42.35 -40.40 67.37
N VAL V 33 43.15 -41.23 66.69
CA VAL V 33 42.74 -41.77 65.39
C VAL V 33 41.63 -42.78 65.57
N GLY V 34 40.70 -42.80 64.62
CA GLY V 34 39.62 -43.77 64.61
C GLY V 34 39.94 -45.00 63.81
N ALA V 35 39.07 -45.36 62.87
CA ALA V 35 39.17 -46.63 62.15
C ALA V 35 40.16 -46.60 61.01
N ALA V 36 40.70 -45.43 60.65
CA ALA V 36 41.67 -45.38 59.56
C ALA V 36 42.90 -46.21 59.86
N ILE V 37 43.38 -46.18 61.10
CA ILE V 37 44.57 -46.94 61.49
C ILE V 37 44.36 -48.44 61.31
N ALA V 38 43.12 -48.90 61.30
CA ALA V 38 42.82 -50.33 61.26
C ALA V 38 42.84 -50.92 59.86
N ALA V 39 42.98 -50.08 58.83
CA ALA V 39 42.80 -50.55 57.45
C ALA V 39 43.64 -51.77 57.09
N PRO V 40 44.93 -51.88 57.45
CA PRO V 40 45.69 -53.07 57.05
C PRO V 40 45.21 -54.37 57.70
N VAL V 41 44.44 -54.31 58.78
CA VAL V 41 44.01 -55.52 59.46
C VAL V 41 42.49 -55.70 59.47
N ALA V 42 41.74 -54.69 59.05
CA ALA V 42 40.30 -54.86 58.90
C ALA V 42 39.98 -55.60 57.61
N GLY V 43 38.82 -56.26 57.61
CA GLY V 43 38.37 -56.93 56.41
C GLY V 43 37.99 -55.99 55.28
N GLN V 44 37.50 -54.79 55.61
CA GLN V 44 36.83 -53.92 54.66
C GLN V 44 37.06 -52.46 55.02
N GLN V 45 36.73 -51.59 54.07
CA GLN V 45 36.75 -50.14 54.25
C GLN V 45 35.30 -49.69 54.13
N ASN V 46 34.78 -49.06 55.18
CA ASN V 46 33.39 -48.66 55.20
C ASN V 46 33.24 -47.16 55.36
N VAL V 47 32.01 -46.70 55.19
CA VAL V 47 31.67 -45.28 55.26
C VAL V 47 30.38 -45.14 56.05
N ILE V 48 30.32 -44.14 56.91
CA ILE V 48 29.13 -43.78 57.66
C ILE V 48 28.55 -42.54 57.03
N ASP V 49 27.22 -42.48 56.96
CA ASP V 49 26.56 -41.30 56.43
C ASP V 49 27.04 -40.07 57.21
N PRO V 50 27.73 -39.14 56.56
CA PRO V 50 28.29 -37.98 57.30
C PRO V 50 27.25 -37.12 57.98
N TRP V 51 26.00 -37.12 57.52
CA TRP V 51 24.97 -36.35 58.20
C TRP V 51 24.79 -36.77 59.66
N ILE V 52 25.06 -38.04 59.98
CA ILE V 52 24.90 -38.51 61.35
C ILE V 52 25.74 -37.68 62.32
N ARG V 53 26.89 -37.18 61.89
CA ARG V 53 27.73 -36.38 62.77
C ARG V 53 27.40 -34.90 62.75
N ASN V 54 26.36 -34.47 62.04
CA ASN V 54 26.03 -33.05 61.95
C ASN V 54 24.90 -32.65 62.88
N ASN V 55 24.45 -33.56 63.76
CA ASN V 55 23.29 -33.30 64.60
C ASN V 55 23.49 -34.00 65.94
N PHE V 56 23.47 -33.24 67.03
CA PHE V 56 23.46 -33.86 68.35
C PHE V 56 22.12 -34.54 68.60
N VAL V 57 22.17 -35.74 69.16
CA VAL V 57 20.98 -36.53 69.40
C VAL V 57 21.11 -37.23 70.75
N GLN V 58 19.98 -37.38 71.44
CA GLN V 58 20.01 -37.87 72.82
C GLN V 58 20.43 -39.34 72.85
N ALA V 59 21.39 -39.65 73.72
CA ALA V 59 21.89 -41.01 73.82
C ALA V 59 20.79 -41.95 74.32
N PRO V 60 20.84 -43.22 73.92
CA PRO V 60 19.88 -44.20 74.46
C PRO V 60 19.93 -44.32 75.97
N GLY V 61 20.99 -43.83 76.60
CA GLY V 61 21.09 -43.82 78.04
C GLY V 61 21.57 -42.45 78.46
N GLY V 62 20.90 -41.44 77.93
CA GLY V 62 21.30 -40.05 78.12
C GLY V 62 20.41 -39.28 79.06
N GLU V 63 19.77 -39.97 80.01
CA GLU V 63 18.97 -39.31 81.03
C GLU V 63 19.56 -39.61 82.39
N PHE V 64 19.70 -38.58 83.21
CA PHE V 64 20.08 -38.73 84.61
C PHE V 64 19.54 -37.53 85.36
N THR V 65 19.59 -37.61 86.68
CA THR V 65 18.86 -36.68 87.52
C THR V 65 19.74 -36.26 88.68
N VAL V 66 19.67 -34.97 89.03
CA VAL V 66 20.32 -34.45 90.23
C VAL V 66 19.25 -33.90 91.15
N SER V 67 19.11 -34.49 92.34
CA SER V 67 18.15 -34.09 93.35
C SER V 67 18.88 -33.86 94.65
N PRO V 68 18.27 -33.17 95.62
CA PRO V 68 18.94 -32.97 96.90
C PRO V 68 19.11 -34.24 97.70
N ARG V 69 18.46 -35.34 97.29
CA ARG V 69 18.75 -36.63 97.89
C ARG V 69 20.15 -37.11 97.55
N ASN V 70 20.70 -36.65 96.44
CA ASN V 70 22.03 -37.04 96.00
C ASN V 70 23.10 -36.23 96.72
N ALA V 71 24.26 -36.83 96.89
CA ALA V 71 25.40 -36.17 97.53
C ALA V 71 26.64 -36.36 96.68
N PRO V 72 27.63 -35.48 96.84
CA PRO V 72 28.91 -35.69 96.16
C PRO V 72 29.51 -37.05 96.49
N GLY V 73 30.14 -37.65 95.47
CA GLY V 73 30.70 -38.98 95.54
C GLY V 73 29.88 -40.01 94.79
N GLU V 74 28.57 -39.79 94.68
CA GLU V 74 27.73 -40.69 93.89
C GLU V 74 27.97 -40.43 92.41
N ILE V 75 28.28 -41.48 91.65
CA ILE V 75 28.39 -41.33 90.20
C ILE V 75 26.97 -41.32 89.65
N LEU V 76 26.48 -40.13 89.32
CA LEU V 76 25.08 -39.95 88.95
C LEU V 76 24.77 -40.43 87.55
N TRP V 77 25.77 -40.56 86.70
CA TRP V 77 25.58 -40.95 85.31
C TRP V 77 26.92 -41.40 84.75
N SER V 78 26.89 -42.40 83.88
CA SER V 78 28.10 -42.86 83.24
C SER V 78 27.74 -43.64 81.99
N ALA V 79 28.71 -43.70 81.06
CA ALA V 79 28.52 -44.40 79.80
C ALA V 79 29.89 -44.73 79.23
N PRO V 80 30.06 -45.88 78.61
CA PRO V 80 31.29 -46.16 77.87
C PRO V 80 31.18 -45.67 76.44
N LEU V 81 32.33 -45.30 75.88
CA LEU V 81 32.37 -44.99 74.46
C LEU V 81 31.97 -46.23 73.67
N GLY V 82 31.14 -46.02 72.65
CA GLY V 82 30.67 -47.10 71.82
C GLY V 82 29.48 -46.64 71.00
N PRO V 83 29.04 -47.49 70.07
CA PRO V 83 27.90 -47.10 69.23
C PRO V 83 26.63 -46.90 70.04
N ASP V 84 26.55 -47.47 71.24
CA ASP V 84 25.36 -47.35 72.06
C ASP V 84 25.14 -45.94 72.59
N LEU V 85 26.08 -45.03 72.34
CA LEU V 85 25.92 -43.62 72.73
C LEU V 85 25.00 -42.85 71.81
N ASN V 86 24.60 -43.44 70.68
CA ASN V 86 23.92 -42.68 69.64
C ASN V 86 22.90 -43.56 68.93
N PRO V 87 21.63 -43.19 68.97
CA PRO V 87 20.57 -44.09 68.44
C PRO V 87 20.68 -44.35 66.94
N TYR V 88 21.21 -43.40 66.17
CA TYR V 88 21.47 -43.67 64.76
C TYR V 88 22.57 -44.72 64.62
N LEU V 89 23.70 -44.51 65.29
CA LEU V 89 24.78 -45.49 65.28
C LEU V 89 24.33 -46.82 65.88
N SER V 90 23.43 -46.77 66.87
CA SER V 90 22.96 -47.99 67.51
C SER V 90 22.24 -48.90 66.51
N HIS V 91 21.41 -48.32 65.64
CA HIS V 91 20.76 -49.13 64.62
C HIS V 91 21.76 -49.60 63.58
N LEU V 92 22.69 -48.72 63.19
CA LEU V 92 23.74 -49.10 62.25
C LEU V 92 24.55 -50.28 62.78
N ALA V 93 24.81 -50.30 64.09
CA ALA V 93 25.70 -51.31 64.65
C ALA V 93 25.16 -52.72 64.46
N ARG V 94 23.84 -52.87 64.30
CA ARG V 94 23.28 -54.19 64.03
C ARG V 94 23.73 -54.73 62.68
N MET V 95 24.35 -53.88 61.87
CA MET V 95 24.76 -54.21 60.51
C MET V 95 26.27 -54.30 60.39
N TYR V 96 27.01 -54.04 61.47
CA TYR V 96 28.46 -54.01 61.46
C TYR V 96 29.00 -54.88 62.59
N ASN V 97 30.24 -55.35 62.40
CA ASN V 97 30.91 -56.20 63.37
C ASN V 97 31.81 -55.42 64.34
N GLY V 98 32.31 -54.25 63.95
CA GLY V 98 33.15 -53.49 64.84
C GLY V 98 33.15 -52.02 64.51
N TYR V 99 33.95 -51.27 65.27
CA TYR V 99 33.99 -49.81 65.16
C TYR V 99 35.30 -49.30 65.71
N ALA V 100 35.56 -48.01 65.46
CA ALA V 100 36.67 -47.29 66.06
C ALA V 100 36.42 -45.80 65.89
N GLY V 101 36.80 -45.02 66.89
CA GLY V 101 36.69 -43.57 66.81
C GLY V 101 35.79 -43.02 67.89
N GLY V 102 35.79 -41.69 67.98
CA GLY V 102 35.26 -40.99 69.12
C GLY V 102 33.97 -40.24 68.85
N PHE V 103 33.49 -39.58 69.90
CA PHE V 103 32.25 -38.84 69.87
C PHE V 103 32.48 -37.42 70.40
N GLU V 104 31.55 -36.53 70.07
CA GLU V 104 31.36 -35.28 70.78
C GLU V 104 30.05 -35.41 71.54
N VAL V 105 30.10 -35.19 72.85
CA VAL V 105 28.93 -35.29 73.71
C VAL V 105 28.54 -33.92 74.22
N GLN V 106 27.24 -33.68 74.31
CA GLN V 106 26.64 -32.43 74.74
C GLN V 106 25.76 -32.69 75.96
N VAL V 107 25.94 -31.90 77.02
CA VAL V 107 25.19 -32.07 78.26
C VAL V 107 24.27 -30.87 78.48
N ILE V 108 23.03 -31.14 78.86
CA ILE V 108 22.00 -30.14 79.09
C ILE V 108 21.43 -30.33 80.50
N LEU V 109 21.37 -29.25 81.28
CA LEU V 109 20.90 -29.30 82.66
C LEU V 109 19.71 -28.36 82.83
N ALA V 110 18.60 -28.92 83.35
CA ALA V 110 17.35 -28.17 83.50
C ALA V 110 17.23 -27.63 84.93
N GLY V 111 18.10 -26.68 85.23
CA GLY V 111 18.09 -26.00 86.51
C GLY V 111 17.28 -24.72 86.49
N ASN V 112 17.35 -24.00 87.60
CA ASN V 112 16.79 -22.65 87.69
C ASN V 112 17.69 -21.82 88.60
N ALA V 113 17.41 -20.51 88.65
CA ALA V 113 18.28 -19.58 89.35
C ALA V 113 18.32 -19.81 90.85
N PHE V 114 17.37 -20.55 91.42
CA PHE V 114 17.37 -20.83 92.85
C PHE V 114 18.13 -22.11 93.16
N THR V 115 18.71 -22.77 92.15
CA THR V 115 19.36 -24.07 92.27
C THR V 115 20.87 -23.86 92.24
N ALA V 116 21.51 -23.94 93.41
CA ALA V 116 22.96 -23.83 93.47
C ALA V 116 23.62 -25.21 93.46
N GLY V 117 24.83 -25.26 92.93
CA GLY V 117 25.63 -26.46 92.93
C GLY V 117 26.38 -26.64 91.63
N LYS V 118 27.42 -27.48 91.66
CA LYS V 118 28.25 -27.76 90.49
C LYS V 118 28.24 -29.24 90.16
N ILE V 119 28.17 -29.56 88.87
CA ILE V 119 28.32 -30.90 88.35
C ILE V 119 29.62 -30.97 87.57
N ILE V 120 30.40 -32.03 87.78
CA ILE V 120 31.60 -32.27 87.01
C ILE V 120 31.38 -33.48 86.11
N PHE V 121 31.71 -33.33 84.83
CA PHE V 121 31.78 -34.42 83.88
C PHE V 121 33.25 -34.71 83.60
N ALA V 122 33.63 -35.98 83.58
CA ALA V 122 35.02 -36.35 83.36
C ALA V 122 35.11 -37.60 82.51
N ALA V 123 36.14 -37.65 81.65
CA ALA V 123 36.46 -38.81 80.85
C ALA V 123 37.55 -39.59 81.57
N VAL V 124 37.24 -40.82 81.95
CA VAL V 124 38.16 -41.71 82.66
C VAL V 124 38.65 -42.77 81.68
N PRO V 125 39.96 -42.98 81.56
CA PRO V 125 40.48 -43.83 80.49
C PRO V 125 40.27 -45.30 80.79
N PRO V 126 40.42 -46.17 79.80
CA PRO V 126 40.11 -47.60 80.01
C PRO V 126 40.97 -48.21 81.10
N ASN V 127 40.39 -49.17 81.81
CA ASN V 127 41.04 -49.93 82.87
C ASN V 127 41.49 -49.06 84.05
N PHE V 128 40.88 -47.91 84.23
CA PHE V 128 41.06 -47.21 85.49
C PHE V 128 39.82 -47.43 86.35
N PRO V 129 39.96 -47.82 87.61
CA PRO V 129 38.78 -48.12 88.43
C PRO V 129 38.07 -46.85 88.86
N THR V 130 36.76 -46.78 88.60
CA THR V 130 35.99 -45.62 89.01
C THR V 130 35.52 -45.69 90.46
N GLU V 131 35.54 -46.88 91.06
CA GLU V 131 34.89 -47.06 92.36
C GLU V 131 35.75 -46.42 93.43
N GLY V 132 35.22 -45.41 94.10
CA GLY V 132 35.87 -44.81 95.25
C GLY V 132 36.31 -43.38 95.03
N LEU V 133 36.07 -42.84 93.83
CA LEU V 133 36.61 -41.54 93.46
C LEU V 133 35.96 -40.43 94.27
N SER V 134 36.78 -39.51 94.74
CA SER V 134 36.33 -38.30 95.39
C SER V 134 36.09 -37.21 94.36
N PRO V 135 35.29 -36.20 94.68
CA PRO V 135 35.13 -35.07 93.74
C PRO V 135 36.44 -34.40 93.40
N SER V 136 37.31 -34.19 94.39
CA SER V 136 38.65 -33.66 94.12
C SER V 136 39.38 -34.48 93.06
N GLN V 137 39.39 -35.82 93.22
CA GLN V 137 40.16 -36.66 92.31
C GLN V 137 39.62 -36.59 90.89
N VAL V 138 38.32 -36.44 90.74
CA VAL V 138 37.71 -36.42 89.41
C VAL V 138 38.25 -35.27 88.58
N THR V 139 38.62 -34.16 89.21
CA THR V 139 39.20 -33.03 88.49
C THR V 139 40.51 -33.39 87.81
N MET V 140 41.14 -34.51 88.18
CA MET V 140 42.44 -34.84 87.61
C MET V 140 42.33 -35.54 86.26
N PHE V 141 41.13 -35.92 85.85
CA PHE V 141 40.88 -36.37 84.48
C PHE V 141 40.59 -35.17 83.59
N PRO V 142 40.62 -35.36 82.27
CA PRO V 142 39.96 -34.39 81.39
C PRO V 142 38.52 -34.21 81.83
N HIS V 143 38.10 -32.95 82.00
CA HIS V 143 36.81 -32.72 82.65
C HIS V 143 36.28 -31.34 82.30
N ILE V 144 35.01 -31.14 82.65
CA ILE V 144 34.34 -29.85 82.62
C ILE V 144 33.57 -29.70 83.92
N ILE V 145 33.56 -28.50 84.48
CA ILE V 145 32.81 -28.22 85.70
C ILE V 145 31.70 -27.26 85.31
N VAL V 146 30.46 -27.72 85.40
CA VAL V 146 29.31 -26.96 84.93
C VAL V 146 28.39 -26.69 86.11
N ASP V 147 27.92 -25.45 86.20
CA ASP V 147 27.03 -25.06 87.28
C ASP V 147 25.61 -25.48 86.91
N VAL V 148 24.85 -25.94 87.92
CA VAL V 148 23.51 -26.47 87.64
C VAL V 148 22.54 -25.42 87.13
N ARG V 149 22.79 -24.12 87.34
CA ARG V 149 21.85 -23.13 86.83
C ARG V 149 22.20 -22.66 85.42
N GLN V 150 23.15 -23.32 84.77
CA GLN V 150 23.54 -22.97 83.41
C GLN V 150 22.44 -23.28 82.40
N LEU V 151 22.22 -22.35 81.46
CA LEU V 151 21.23 -22.52 80.42
C LEU V 151 21.81 -23.17 79.17
N GLU V 152 22.94 -22.68 78.69
CA GLU V 152 23.51 -23.17 77.45
C GLU V 152 24.17 -24.53 77.65
N PRO V 153 24.01 -25.45 76.70
CA PRO V 153 24.65 -26.77 76.81
C PRO V 153 26.17 -26.67 76.81
N VAL V 154 26.82 -27.66 77.41
CA VAL V 154 28.28 -27.75 77.47
C VAL V 154 28.74 -28.93 76.61
N LEU V 155 29.86 -28.75 75.90
CA LEU V 155 30.42 -29.70 74.95
C LEU V 155 31.66 -30.40 75.50
N ILE V 156 31.66 -31.73 75.45
CA ILE V 156 32.78 -32.55 75.92
C ILE V 156 33.26 -33.40 74.74
N PRO V 157 34.56 -33.40 74.43
CA PRO V 157 35.08 -34.38 73.47
C PRO V 157 35.41 -35.71 74.14
N LEU V 158 35.01 -36.81 73.47
CA LEU V 158 35.25 -38.17 73.97
C LEU V 158 36.01 -38.99 72.93
N PRO V 159 37.34 -39.00 72.97
CA PRO V 159 38.11 -39.75 71.97
C PRO V 159 38.24 -41.22 72.31
N ASP V 160 38.44 -42.03 71.28
CA ASP V 160 38.50 -43.49 71.43
C ASP V 160 39.93 -43.92 71.79
N VAL V 161 40.34 -43.53 72.99
CA VAL V 161 41.59 -44.01 73.55
C VAL V 161 41.55 -45.52 73.69
N ARG V 162 42.58 -46.20 73.21
CA ARG V 162 42.62 -47.66 73.16
C ARG V 162 44.04 -48.07 72.81
N ASN V 163 44.33 -49.37 72.99
CA ASN V 163 45.64 -49.92 72.66
C ASN V 163 45.54 -51.02 71.62
N ASN V 164 44.43 -51.09 70.89
CA ASN V 164 44.27 -52.01 69.79
C ASN V 164 43.73 -51.25 68.58
N PHE V 165 43.67 -51.94 67.45
CA PHE V 165 43.31 -51.28 66.20
C PHE V 165 41.85 -50.82 66.20
N TYR V 166 40.95 -51.62 66.75
CA TYR V 166 39.53 -51.31 66.76
C TYR V 166 38.83 -52.24 67.75
N HIS V 167 37.54 -51.99 67.96
CA HIS V 167 36.73 -52.70 68.93
C HIS V 167 35.74 -53.62 68.21
N TYR V 168 35.43 -54.76 68.83
CA TYR V 168 34.35 -55.61 68.36
C TYR V 168 33.06 -55.31 69.11
N ASN V 169 31.94 -55.34 68.37
CA ASN V 169 30.64 -55.14 69.00
C ASN V 169 30.30 -56.27 69.96
N GLN V 170 30.66 -57.49 69.61
CA GLN V 170 30.32 -58.68 70.39
C GLN V 170 31.24 -58.91 71.60
N SER V 171 32.22 -58.05 71.83
CA SER V 171 33.13 -58.20 72.96
C SER V 171 32.90 -57.09 73.99
N ASN V 172 33.27 -57.39 75.23
CA ASN V 172 33.20 -56.42 76.32
C ASN V 172 34.56 -55.82 76.64
N ASP V 173 35.41 -55.68 75.64
CA ASP V 173 36.66 -54.95 75.78
C ASP V 173 36.36 -53.56 76.33
N PRO V 174 37.12 -53.06 77.30
CA PRO V 174 36.78 -51.78 77.91
C PRO V 174 37.18 -50.61 77.03
N THR V 175 36.44 -49.52 77.18
CA THR V 175 36.67 -48.29 76.43
C THR V 175 36.73 -47.13 77.40
N ILE V 176 37.08 -45.96 76.87
CA ILE V 176 37.02 -44.75 77.69
C ILE V 176 35.59 -44.56 78.18
N LYS V 177 35.47 -44.09 79.42
CA LYS V 177 34.19 -43.90 80.08
C LYS V 177 33.99 -42.42 80.39
N LEU V 178 32.78 -41.92 80.22
CA LEU V 178 32.39 -40.61 80.72
C LEU V 178 31.55 -40.76 81.98
N ILE V 179 31.89 -39.99 83.02
CA ILE V 179 31.22 -40.07 84.33
C ILE V 179 30.77 -38.68 84.74
N ALA V 180 29.60 -38.59 85.35
CA ALA V 180 29.08 -37.35 85.91
C ALA V 180 28.76 -37.52 87.39
N MET V 181 29.29 -36.63 88.22
CA MET V 181 28.99 -36.62 89.65
C MET V 181 28.88 -35.18 90.14
N LEU V 182 28.16 -35.02 91.26
CA LEU V 182 28.07 -33.74 91.94
C LEU V 182 29.45 -33.33 92.46
N TYR V 183 29.91 -32.15 92.04
CA TYR V 183 31.23 -31.65 92.41
C TYR V 183 31.17 -30.84 93.70
N THR V 184 30.10 -30.09 93.90
CA THR V 184 29.77 -29.43 95.15
C THR V 184 28.33 -29.76 95.50
N PRO V 185 27.99 -29.78 96.79
CA PRO V 185 26.62 -30.16 97.17
C PRO V 185 25.57 -29.26 96.54
N LEU V 186 24.43 -29.89 96.19
CA LEU V 186 23.30 -29.21 95.59
C LEU V 186 22.43 -28.60 96.67
N ARG V 187 22.06 -27.33 96.50
CA ARG V 187 21.16 -26.65 97.42
C ARG V 187 19.88 -26.27 96.68
N ALA V 188 18.74 -26.51 97.35
CA ALA V 188 17.44 -26.23 96.78
C ALA V 188 16.40 -25.97 97.89
N VAL V 195 13.02 -30.23 97.31
CA VAL V 195 12.22 -31.24 96.63
C VAL V 195 12.46 -31.12 95.12
N PHE V 196 13.05 -29.99 94.72
CA PHE V 196 13.30 -29.70 93.32
C PHE V 196 14.27 -30.70 92.73
N THR V 197 13.85 -31.42 91.71
CA THR V 197 14.73 -32.30 90.96
C THR V 197 15.19 -31.64 89.67
N VAL V 198 16.49 -31.77 89.38
CA VAL V 198 17.09 -31.23 88.17
C VAL V 198 17.14 -32.31 87.11
N SER V 199 16.36 -32.16 86.04
CA SER V 199 16.41 -33.11 84.93
C SER V 199 17.63 -32.82 84.07
N CYS V 200 18.38 -33.86 83.72
CA CYS V 200 19.58 -33.73 82.92
C CYS V 200 19.50 -34.61 81.68
N ARG V 201 20.06 -34.13 80.57
CA ARG V 201 20.06 -34.88 79.32
C ARG V 201 21.46 -34.87 78.69
N VAL V 202 21.86 -36.02 78.15
CA VAL V 202 23.14 -36.21 77.49
C VAL V 202 22.89 -36.54 76.02
N LEU V 203 23.43 -35.71 75.12
CA LEU V 203 23.32 -35.93 73.69
C LEU V 203 24.71 -36.12 73.10
N THR V 204 24.78 -36.85 71.99
CA THR V 204 26.06 -37.19 71.36
C THR V 204 25.95 -37.14 69.85
N ARG V 205 27.11 -37.13 69.20
CA ARG V 205 27.24 -37.32 67.77
C ARG V 205 28.66 -37.80 67.48
N PRO V 206 28.85 -38.65 66.48
CA PRO V 206 30.19 -39.19 66.24
C PRO V 206 31.16 -38.14 65.76
N SER V 207 32.40 -38.23 66.23
CA SER V 207 33.48 -37.43 65.68
C SER V 207 33.71 -37.79 64.21
N PRO V 208 34.44 -36.94 63.47
CA PRO V 208 34.75 -37.28 62.07
C PRO V 208 35.58 -38.55 61.91
N ASP V 209 36.35 -38.95 62.93
CA ASP V 209 37.17 -40.16 62.84
C ASP V 209 36.42 -41.44 63.21
N PHE V 210 35.16 -41.34 63.63
CA PHE V 210 34.39 -42.55 63.94
C PHE V 210 33.97 -43.26 62.66
N ASP V 211 34.02 -44.59 62.69
CA ASP V 211 33.62 -45.41 61.57
C ASP V 211 33.37 -46.85 62.04
N PHE V 212 32.48 -47.54 61.34
CA PHE V 212 32.24 -48.96 61.55
C PHE V 212 33.25 -49.77 60.73
N ILE V 213 33.29 -51.08 60.96
CA ILE V 213 34.35 -51.86 60.32
C ILE V 213 33.90 -52.94 59.35
N PHE V 214 33.10 -53.92 59.79
CA PHE V 214 32.81 -55.05 58.91
C PHE V 214 31.32 -55.23 58.71
N LEU V 215 30.88 -55.16 57.46
CA LEU V 215 29.46 -55.34 57.15
C LEU V 215 29.01 -56.75 57.44
N VAL V 216 27.91 -56.90 58.16
CA VAL V 216 27.51 -58.23 58.61
C VAL V 216 25.98 -58.28 58.67
N PRO V 217 25.36 -59.42 58.41
CA PRO V 217 23.89 -59.50 58.46
C PRO V 217 23.35 -59.27 59.85
N PRO V 218 22.31 -58.44 60.01
CA PRO V 218 21.69 -58.30 61.33
C PRO V 218 20.94 -59.58 61.67
N THR V 219 21.59 -60.48 62.39
CA THR V 219 20.98 -61.73 62.83
C THR V 219 20.43 -61.59 64.26
N VAL V 220 19.60 -62.55 64.63
CA VAL V 220 19.00 -62.55 65.96
C VAL V 220 20.02 -63.00 67.02
N GLU V 221 20.88 -63.96 66.68
CA GLU V 221 21.89 -64.43 67.62
C GLU V 221 22.91 -63.35 67.98
N SER V 222 23.01 -62.27 67.18
CA SER V 222 24.00 -61.24 67.47
C SER V 222 23.72 -60.56 68.80
N ARG V 223 22.48 -60.62 69.29
CA ARG V 223 22.07 -59.90 70.49
C ARG V 223 22.44 -58.43 70.36
N THR V 224 22.14 -57.86 69.20
CA THR V 224 22.30 -56.44 68.94
C THR V 224 20.98 -55.71 68.82
N LYS V 225 19.85 -56.40 68.87
CA LYS V 225 18.56 -55.73 68.86
C LYS V 225 18.43 -54.92 70.13
N PRO V 226 17.99 -53.66 70.06
CA PRO V 226 17.91 -52.83 71.25
C PRO V 226 16.67 -53.17 72.08
N PHE V 227 16.77 -52.86 73.37
CA PHE V 227 15.77 -53.30 74.32
C PHE V 227 14.47 -52.53 74.15
N THR V 228 13.36 -53.26 74.19
CA THR V 228 12.04 -52.67 74.10
C THR V 228 11.11 -53.36 75.09
N VAL V 229 9.93 -52.78 75.22
CA VAL V 229 8.87 -53.25 76.11
C VAL V 229 7.61 -53.30 75.25
N PRO V 230 6.83 -54.38 75.32
CA PRO V 230 5.69 -54.52 74.39
C PRO V 230 4.72 -53.36 74.47
N ILE V 231 4.14 -53.03 73.31
CA ILE V 231 3.16 -51.95 73.23
C ILE V 231 1.79 -52.37 73.73
N LEU V 232 1.63 -53.63 74.13
CA LEU V 232 0.33 -54.11 74.56
C LEU V 232 -0.15 -53.36 75.80
N THR V 233 -1.47 -53.27 75.92
CA THR V 233 -2.14 -52.65 77.04
C THR V 233 -2.29 -53.63 78.20
N VAL V 234 -2.38 -53.08 79.42
CA VAL V 234 -2.67 -53.88 80.60
C VAL V 234 -3.93 -54.72 80.38
N GLU V 235 -4.95 -54.09 79.80
CA GLU V 235 -6.22 -54.76 79.55
C GLU V 235 -6.05 -56.01 78.68
N GLU V 236 -5.12 -55.97 77.72
CA GLU V 236 -4.93 -57.07 76.78
C GLU V 236 -3.82 -58.04 77.18
N MET V 237 -3.16 -57.84 78.32
CA MET V 237 -2.10 -58.74 78.75
C MET V 237 -2.61 -59.70 79.81
N THR V 238 -1.73 -60.59 80.27
CA THR V 238 -2.11 -61.73 81.08
C THR V 238 -1.22 -61.83 82.31
N ASN V 239 -1.82 -62.25 83.43
CA ASN V 239 -1.05 -62.45 84.65
C ASN V 239 -0.12 -63.64 84.49
N SER V 240 1.06 -63.54 85.11
CA SER V 240 2.10 -64.54 84.97
C SER V 240 2.13 -65.54 86.12
N ARG V 241 1.23 -65.40 87.10
CA ARG V 241 1.17 -66.28 88.25
C ARG V 241 -0.09 -67.13 88.29
N PHE V 242 -1.03 -66.90 87.36
CA PHE V 242 -2.27 -67.66 87.27
C PHE V 242 -2.87 -67.40 85.91
N PRO V 243 -3.45 -68.41 85.25
CA PRO V 243 -3.94 -68.21 83.88
C PRO V 243 -5.17 -67.31 83.81
N ILE V 244 -5.00 -66.03 84.14
CA ILE V 244 -6.09 -65.05 84.05
C ILE V 244 -5.55 -63.75 83.49
N PRO V 245 -6.42 -62.97 82.84
CA PRO V 245 -5.97 -61.69 82.28
C PRO V 245 -5.62 -60.68 83.37
N LEU V 246 -4.80 -59.71 82.99
CA LEU V 246 -4.50 -58.58 83.86
C LEU V 246 -5.70 -57.64 83.94
N GLU V 247 -5.73 -56.82 84.99
CA GLU V 247 -6.91 -56.00 85.22
C GLU V 247 -6.56 -54.55 85.55
N LYS V 248 -5.62 -54.34 86.48
CA LYS V 248 -5.21 -52.98 86.83
C LYS V 248 -3.76 -52.99 87.30
N LEU V 249 -3.20 -51.78 87.43
CA LEU V 249 -1.89 -51.56 88.01
C LEU V 249 -2.03 -51.11 89.45
N PHE V 250 -1.20 -51.67 90.32
CA PHE V 250 -1.28 -51.42 91.76
C PHE V 250 0.10 -51.13 92.33
N THR V 251 0.15 -50.10 93.18
CA THR V 251 1.33 -49.82 94.00
C THR V 251 0.96 -49.96 95.46
N GLY V 252 1.87 -50.50 96.26
CA GLY V 252 1.69 -50.54 97.69
C GLY V 252 2.97 -50.72 98.47
N PRO V 253 2.94 -50.37 99.76
CA PRO V 253 4.07 -50.67 100.63
C PRO V 253 4.15 -52.17 100.89
N SER V 254 5.38 -52.69 100.97
CA SER V 254 5.59 -54.13 101.04
C SER V 254 6.43 -54.53 102.25
N GLY V 255 6.47 -53.70 103.28
CA GLY V 255 7.31 -53.99 104.43
C GLY V 255 6.84 -55.21 105.19
N ALA V 256 5.53 -55.45 105.23
CA ALA V 256 4.98 -56.57 105.99
C ALA V 256 5.37 -57.90 105.36
N PHE V 257 5.20 -58.04 104.05
CA PHE V 257 5.32 -59.32 103.39
C PHE V 257 6.75 -59.54 102.91
N VAL V 258 7.00 -60.71 102.34
CA VAL V 258 8.23 -60.98 101.60
C VAL V 258 7.80 -61.23 100.16
N VAL V 259 8.18 -60.33 99.26
CA VAL V 259 7.77 -60.42 97.86
C VAL V 259 8.79 -61.33 97.16
N GLN V 260 8.42 -62.60 96.99
CA GLN V 260 9.34 -63.54 96.38
C GLN V 260 8.62 -64.54 95.48
N PRO V 261 7.77 -64.09 94.56
CA PRO V 261 7.10 -65.04 93.66
C PRO V 261 8.11 -65.76 92.79
N GLN V 262 7.72 -66.95 92.34
CA GLN V 262 8.58 -67.75 91.49
C GLN V 262 8.05 -67.92 90.07
N ASN V 263 6.83 -67.47 89.79
CA ASN V 263 6.31 -67.42 88.43
C ASN V 263 6.31 -65.99 87.93
N GLY V 264 6.44 -65.83 86.62
CA GLY V 264 6.59 -64.51 86.04
C GLY V 264 7.84 -63.82 86.54
N ARG V 265 8.95 -64.54 86.55
CA ARG V 265 10.24 -63.98 86.92
C ARG V 265 11.23 -64.17 85.79
N CYS V 266 11.69 -63.07 85.20
CA CYS V 266 12.56 -63.09 84.03
C CYS V 266 13.42 -61.84 84.01
N THR V 267 14.64 -61.98 83.52
CA THR V 267 15.56 -60.86 83.37
C THR V 267 15.30 -60.14 82.05
N THR V 268 15.62 -58.85 82.00
CA THR V 268 15.43 -58.07 80.78
C THR V 268 16.08 -58.68 79.55
N ASP V 269 17.22 -59.38 79.70
CA ASP V 269 17.82 -60.06 78.56
C ASP V 269 17.35 -61.50 78.41
N GLY V 270 16.28 -61.88 79.10
CA GLY V 270 15.57 -63.11 78.77
C GLY V 270 16.01 -64.35 79.52
N VAL V 271 16.64 -64.21 80.68
CA VAL V 271 16.97 -65.36 81.50
C VAL V 271 15.80 -65.61 82.45
N LEU V 272 15.19 -66.79 82.33
CA LEU V 272 14.09 -67.17 83.20
C LEU V 272 14.60 -67.58 84.58
N LEU V 273 13.79 -67.31 85.60
CA LEU V 273 14.15 -67.54 86.98
C LEU V 273 13.01 -68.27 87.69
N GLY V 274 13.34 -68.88 88.82
CA GLY V 274 12.32 -69.55 89.62
C GLY V 274 11.65 -70.67 88.86
N THR V 275 10.32 -70.72 88.96
CA THR V 275 9.53 -71.74 88.28
C THR V 275 8.88 -71.23 87.00
N THR V 276 9.43 -70.15 86.41
CA THR V 276 8.76 -69.48 85.31
C THR V 276 9.02 -70.23 84.00
N GLN V 277 7.96 -70.37 83.20
CA GLN V 277 8.04 -70.92 81.86
C GLN V 277 7.22 -70.04 80.93
N LEU V 278 7.19 -70.40 79.65
CA LEU V 278 6.71 -69.47 78.63
C LEU V 278 5.23 -69.62 78.34
N SER V 279 4.64 -70.79 78.54
CA SER V 279 3.25 -71.01 78.16
C SER V 279 2.34 -70.38 79.22
N PRO V 280 1.45 -69.47 78.83
CA PRO V 280 0.56 -68.82 79.82
C PRO V 280 -0.57 -69.71 80.32
N VAL V 281 -0.73 -70.90 79.76
CA VAL V 281 -1.83 -71.80 80.12
C VAL V 281 -1.37 -72.79 81.18
N ASN V 282 -0.06 -73.09 81.17
CA ASN V 282 0.51 -74.06 82.09
C ASN V 282 0.92 -73.46 83.43
N ILE V 283 0.34 -72.33 83.83
CA ILE V 283 0.90 -71.59 84.97
C ILE V 283 0.38 -72.11 86.31
N CYS V 284 -0.59 -73.03 86.31
CA CYS V 284 -1.00 -73.69 87.55
C CYS V 284 -1.65 -75.04 87.28
N THR V 285 -1.06 -75.80 86.37
CA THR V 285 -1.60 -77.08 85.95
C THR V 285 -0.70 -78.21 86.47
N PHE V 286 -1.26 -79.41 86.52
CA PHE V 286 -0.49 -80.60 86.84
C PHE V 286 -0.88 -81.72 85.89
N ARG V 287 0.12 -82.50 85.47
CA ARG V 287 -0.09 -83.63 84.58
C ARG V 287 0.68 -84.83 85.11
N GLY V 288 0.05 -85.99 85.09
CA GLY V 288 0.73 -87.20 85.55
C GLY V 288 -0.25 -88.34 85.74
N ASP V 289 0.22 -89.36 86.47
CA ASP V 289 -0.57 -90.53 86.81
C ASP V 289 -1.16 -90.37 88.20
N VAL V 290 -2.37 -90.88 88.38
CA VAL V 290 -3.15 -90.62 89.58
C VAL V 290 -3.44 -91.95 90.29
N THR V 291 -3.48 -91.88 91.62
CA THR V 291 -3.57 -93.06 92.48
C THR V 291 -4.53 -92.77 93.62
N HIS V 292 -5.40 -93.74 93.93
CA HIS V 292 -6.36 -93.57 95.01
C HIS V 292 -5.73 -93.76 96.38
N ILE V 293 -6.20 -92.98 97.34
CA ILE V 293 -5.87 -93.15 98.76
C ILE V 293 -7.06 -93.81 99.42
N ALA V 294 -6.87 -95.03 99.93
CA ALA V 294 -7.98 -95.90 100.28
C ALA V 294 -8.89 -95.28 101.34
N GLY V 295 -10.19 -95.31 101.09
CA GLY V 295 -11.19 -94.87 102.04
C GLY V 295 -11.52 -93.40 102.02
N THR V 296 -10.83 -92.61 101.20
CA THR V 296 -10.98 -91.16 101.15
C THR V 296 -11.35 -90.74 99.73
N HIS V 297 -11.60 -89.44 99.57
CA HIS V 297 -11.77 -88.85 98.25
C HIS V 297 -10.50 -88.20 97.75
N ASP V 298 -9.36 -88.55 98.31
CA ASP V 298 -8.08 -87.97 97.97
C ASP V 298 -7.35 -88.85 96.97
N TYR V 299 -6.59 -88.21 96.08
CA TYR V 299 -5.75 -88.90 95.12
C TYR V 299 -4.33 -88.33 95.14
N THR V 300 -3.37 -89.18 94.83
CA THR V 300 -1.98 -88.78 94.70
C THR V 300 -1.58 -88.80 93.23
N MET V 301 -0.98 -87.72 92.75
CA MET V 301 -0.54 -87.61 91.37
C MET V 301 0.98 -87.65 91.35
N ASN V 302 1.54 -88.62 90.63
CA ASN V 302 2.98 -88.65 90.38
C ASN V 302 3.25 -87.80 89.14
N LEU V 303 4.02 -86.73 89.31
CA LEU V 303 4.05 -85.68 88.32
C LEU V 303 5.00 -86.04 87.19
N ALA V 304 4.56 -85.83 85.96
CA ALA V 304 5.43 -85.84 84.81
C ALA V 304 5.91 -84.42 84.53
N SER V 305 6.92 -84.31 83.66
CA SER V 305 7.34 -83.00 83.18
C SER V 305 6.14 -82.26 82.57
N GLN V 306 6.31 -80.96 82.36
CA GLN V 306 5.24 -80.17 81.77
C GLN V 306 4.95 -80.64 80.34
N ASN V 307 5.90 -81.33 79.73
CA ASN V 307 5.82 -81.86 78.38
C ASN V 307 5.24 -83.27 78.33
N TRP V 308 4.79 -83.80 79.47
CA TRP V 308 4.42 -85.21 79.65
C TRP V 308 5.60 -86.17 79.50
N ASN V 309 6.83 -85.71 79.71
CA ASN V 309 7.96 -86.61 79.74
C ASN V 309 8.27 -86.99 81.19
N ASN V 310 9.36 -87.73 81.38
CA ASN V 310 9.77 -88.07 82.74
C ASN V 310 10.18 -86.81 83.51
N TYR V 311 9.91 -86.82 84.81
CA TYR V 311 10.32 -85.73 85.69
C TYR V 311 11.65 -86.09 86.34
N ASP V 312 12.59 -85.16 86.30
CA ASP V 312 13.91 -85.37 86.89
C ASP V 312 14.07 -84.43 88.08
N PRO V 313 14.17 -84.94 89.31
CA PRO V 313 14.26 -84.04 90.47
C PRO V 313 15.62 -83.38 90.63
N THR V 314 16.63 -83.80 89.86
CA THR V 314 17.96 -83.23 89.97
C THR V 314 18.10 -81.93 89.18
N GLU V 315 17.01 -81.48 88.57
CA GLU V 315 16.99 -80.23 87.84
C GLU V 315 17.23 -79.05 88.78
N GLU V 316 18.04 -78.08 88.34
CA GLU V 316 18.38 -76.95 89.20
C GLU V 316 17.29 -75.88 89.16
N ILE V 317 16.10 -76.30 89.60
CA ILE V 317 14.94 -75.42 89.69
C ILE V 317 14.23 -75.68 91.01
N PRO V 318 13.53 -74.68 91.54
CA PRO V 318 12.86 -74.87 92.83
C PRO V 318 11.75 -75.90 92.82
N ALA V 319 11.18 -76.22 91.66
CA ALA V 319 10.05 -77.11 91.51
C ALA V 319 9.74 -77.24 90.02
N PRO V 320 8.78 -78.07 89.60
CA PRO V 320 8.40 -78.09 88.20
C PRO V 320 7.97 -76.70 87.72
N LEU V 321 8.33 -76.38 86.48
CA LEU V 321 8.02 -75.06 85.95
C LEU V 321 6.51 -74.87 85.87
N GLY V 322 6.04 -73.75 86.42
CA GLY V 322 4.62 -73.47 86.50
C GLY V 322 3.95 -73.92 87.78
N THR V 323 4.69 -74.54 88.69
CA THR V 323 4.11 -74.94 89.96
C THR V 323 3.67 -73.70 90.74
N PRO V 324 2.47 -73.69 91.32
CA PRO V 324 1.99 -72.50 92.03
C PRO V 324 3.03 -71.97 93.03
N ASP V 325 3.08 -70.66 93.16
CA ASP V 325 4.09 -69.97 93.97
C ASP V 325 3.45 -69.20 95.12
N PHE V 326 2.31 -69.67 95.60
CA PHE V 326 1.66 -69.08 96.76
C PHE V 326 0.99 -70.19 97.56
N VAL V 327 0.67 -69.89 98.81
CA VAL V 327 0.02 -70.85 99.69
C VAL V 327 -1.49 -70.63 99.62
N GLY V 328 -2.23 -71.68 99.34
CA GLY V 328 -3.68 -71.58 99.25
C GLY V 328 -4.26 -72.87 98.70
N LYS V 329 -5.58 -72.89 98.64
CA LYS V 329 -6.32 -74.02 98.09
C LYS V 329 -6.86 -73.60 96.72
N ILE V 330 -6.38 -74.26 95.68
CA ILE V 330 -6.75 -73.96 94.30
C ILE V 330 -7.74 -75.01 93.84
N GLN V 331 -8.92 -74.56 93.42
CA GLN V 331 -9.95 -75.45 92.91
C GLN V 331 -9.90 -75.48 91.38
N GLY V 332 -10.10 -76.66 90.81
CA GLY V 332 -10.18 -76.82 89.37
C GLY V 332 -10.98 -78.04 88.98
N VAL V 333 -10.50 -78.76 87.96
CA VAL V 333 -11.17 -79.95 87.44
C VAL V 333 -10.08 -80.93 87.02
N LEU V 334 -10.18 -82.17 87.51
CA LEU V 334 -9.31 -83.25 87.05
C LEU V 334 -9.90 -83.89 85.81
N THR V 335 -9.06 -84.11 84.79
CA THR V 335 -9.48 -84.64 83.51
C THR V 335 -8.63 -85.85 83.15
N GLN V 336 -9.26 -86.85 82.55
CA GLN V 336 -8.61 -88.11 82.26
C GLN V 336 -9.16 -88.68 80.96
N THR V 337 -8.30 -89.38 80.21
CA THR V 337 -8.70 -90.02 78.97
C THR V 337 -8.08 -91.40 78.90
N THR V 338 -8.89 -92.41 78.60
CA THR V 338 -8.44 -93.79 78.54
C THR V 338 -8.03 -94.19 77.11
N ARG V 339 -6.80 -94.67 76.98
CA ARG V 339 -6.29 -95.14 75.70
C ARG V 339 -6.99 -96.42 75.26
N GLY V 340 -7.26 -96.52 73.96
CA GLY V 340 -7.92 -97.69 73.41
C GLY V 340 -9.41 -97.57 73.16
N ASP V 341 -10.13 -96.90 74.05
CA ASP V 341 -11.54 -96.62 73.84
C ASP V 341 -11.88 -95.15 73.75
N GLY V 342 -11.03 -94.26 74.28
CA GLY V 342 -11.33 -92.85 74.31
C GLY V 342 -12.26 -92.40 75.41
N SER V 343 -12.42 -93.21 76.45
CA SER V 343 -13.27 -92.83 77.58
C SER V 343 -12.68 -91.61 78.28
N THR V 344 -13.54 -90.67 78.66
CA THR V 344 -13.12 -89.45 79.32
C THR V 344 -13.95 -89.20 80.56
N ARG V 345 -13.29 -88.73 81.62
CA ARG V 345 -13.92 -88.46 82.90
C ARG V 345 -13.43 -87.14 83.45
N GLY V 346 -14.32 -86.39 84.10
CA GLY V 346 -13.97 -85.10 84.67
C GLY V 346 -14.65 -84.83 86.00
N HIS V 347 -13.85 -84.48 87.01
CA HIS V 347 -14.34 -84.36 88.38
C HIS V 347 -13.79 -83.10 89.03
N LYS V 348 -14.70 -82.34 89.66
CA LYS V 348 -14.33 -81.22 90.51
C LYS V 348 -13.24 -81.64 91.50
N ALA V 349 -12.17 -80.84 91.59
CA ALA V 349 -11.04 -81.21 92.40
C ALA V 349 -10.37 -79.97 92.96
N THR V 350 -9.52 -80.18 93.96
CA THR V 350 -8.90 -79.10 94.71
C THR V 350 -7.49 -79.51 95.11
N VAL V 351 -6.55 -78.56 94.98
CA VAL V 351 -5.18 -78.74 95.43
C VAL V 351 -4.97 -77.81 96.61
N SER V 352 -4.43 -78.35 97.71
CA SER V 352 -4.08 -77.55 98.87
C SER V 352 -2.56 -77.35 98.89
N THR V 353 -2.14 -76.11 98.62
CA THR V 353 -0.75 -75.74 98.76
C THR V 353 -0.44 -75.51 100.24
N GLY V 354 0.75 -75.93 100.66
CA GLY V 354 1.13 -75.86 102.05
C GLY V 354 0.70 -77.06 102.87
N SER V 355 -0.14 -77.93 102.29
CA SER V 355 -0.36 -79.26 102.86
C SER V 355 0.95 -80.04 102.84
N VAL V 356 1.11 -80.94 103.82
CA VAL V 356 2.32 -81.73 103.89
C VAL V 356 2.47 -82.66 102.71
N HIS V 357 1.37 -82.92 101.98
CA HIS V 357 1.39 -83.77 100.81
C HIS V 357 1.58 -83.00 99.52
N PHE V 358 1.82 -81.69 99.61
CA PHE V 358 2.18 -80.85 98.47
C PHE V 358 3.70 -80.87 98.34
N THR V 359 4.21 -81.83 97.57
CA THR V 359 5.65 -82.02 97.38
C THR V 359 5.99 -82.14 95.90
N PRO V 360 5.82 -81.07 95.13
CA PRO V 360 6.03 -81.20 93.68
C PRO V 360 7.49 -81.38 93.31
N LYS V 361 8.41 -80.83 94.11
CA LYS V 361 9.84 -81.04 93.88
C LYS V 361 10.20 -82.52 94.02
N LEU V 362 9.47 -83.26 94.84
CA LEU V 362 9.70 -84.68 95.02
C LEU V 362 8.98 -85.54 94.00
N GLY V 363 7.95 -85.01 93.35
CA GLY V 363 7.30 -85.69 92.24
C GLY V 363 5.84 -86.02 92.48
N SER V 364 5.25 -85.61 93.60
CA SER V 364 3.88 -85.99 93.92
C SER V 364 3.16 -84.83 94.60
N VAL V 365 1.87 -84.69 94.27
CA VAL V 365 0.99 -83.75 94.94
C VAL V 365 -0.34 -84.46 95.20
N GLN V 366 -1.08 -83.94 96.19
CA GLN V 366 -2.32 -84.54 96.65
C GLN V 366 -3.50 -83.67 96.28
N PHE V 367 -4.52 -84.29 95.69
CA PHE V 367 -5.79 -83.65 95.36
C PHE V 367 -6.87 -84.18 96.29
N THR V 368 -7.87 -83.35 96.57
CA THR V 368 -9.09 -83.79 97.20
C THR V 368 -10.23 -83.63 96.22
N THR V 369 -10.90 -84.72 95.89
CA THR V 369 -11.84 -84.77 94.78
C THR V 369 -13.25 -85.02 95.30
N ASP V 370 -14.20 -85.07 94.38
CA ASP V 370 -15.58 -85.42 94.70
C ASP V 370 -15.94 -86.84 94.27
N THR V 371 -14.95 -87.69 94.05
CA THR V 371 -15.21 -89.10 93.77
C THR V 371 -14.05 -89.92 94.34
N ASN V 372 -14.36 -91.13 94.81
CA ASN V 372 -13.35 -92.07 95.27
C ASN V 372 -13.18 -93.30 94.40
N ASN V 373 -13.89 -93.41 93.28
CA ASN V 373 -13.81 -94.61 92.45
C ASN V 373 -13.59 -94.38 90.95
N ASP V 374 -13.88 -93.19 90.43
CA ASP V 374 -13.92 -92.96 88.98
C ASP V 374 -12.63 -92.35 88.42
N LEU V 375 -11.46 -92.71 88.95
CA LEU V 375 -10.20 -92.27 88.37
C LEU V 375 -9.20 -93.41 88.27
N GLU V 376 -8.97 -93.90 87.04
CA GLU V 376 -8.12 -95.04 86.80
C GLU V 376 -6.66 -94.68 87.09
N THR V 377 -5.83 -95.71 87.30
CA THR V 377 -4.46 -95.46 87.71
C THR V 377 -3.49 -95.26 86.56
N GLY V 378 -3.58 -96.08 85.51
CA GLY V 378 -2.60 -96.01 84.44
C GLY V 378 -2.77 -94.91 83.41
N GLN V 379 -3.81 -94.09 83.51
CA GLN V 379 -4.14 -93.10 82.49
C GLN V 379 -3.60 -91.71 82.83
N ASN V 380 -3.40 -90.91 81.78
CA ASN V 380 -2.94 -89.54 81.93
C ASN V 380 -4.04 -88.66 82.50
N THR V 381 -3.66 -87.81 83.47
CA THR V 381 -4.61 -86.96 84.17
C THR V 381 -4.07 -85.54 84.23
N LYS V 382 -4.97 -84.58 84.00
CA LYS V 382 -4.61 -83.16 83.94
C LYS V 382 -5.48 -82.38 84.90
N PHE V 383 -4.85 -81.56 85.73
CA PHE V 383 -5.55 -80.59 86.58
C PHE V 383 -5.62 -79.25 85.87
N THR V 384 -6.84 -78.82 85.53
CA THR V 384 -7.06 -77.51 84.94
C THR V 384 -7.50 -76.55 86.04
N PRO V 385 -6.69 -75.54 86.39
CA PRO V 385 -7.07 -74.66 87.50
C PRO V 385 -8.18 -73.70 87.10
N VAL V 386 -8.95 -73.26 88.09
CA VAL V 386 -10.09 -72.39 87.85
C VAL V 386 -10.09 -71.22 88.83
N GLY V 387 -9.87 -71.52 90.11
CA GLY V 387 -9.96 -70.49 91.12
C GLY V 387 -9.44 -70.96 92.46
N VAL V 388 -9.62 -70.10 93.46
CA VAL V 388 -9.19 -70.36 94.83
C VAL V 388 -10.41 -70.36 95.75
N VAL V 389 -10.26 -71.03 96.89
CA VAL V 389 -11.33 -71.20 97.86
C VAL V 389 -10.81 -70.82 99.25
N GLN V 390 -11.75 -70.59 100.16
CA GLN V 390 -11.44 -70.14 101.51
C GLN V 390 -12.32 -70.89 102.51
N ASP V 391 -11.71 -71.31 103.61
CA ASP V 391 -12.45 -71.97 104.69
C ASP V 391 -13.30 -70.93 105.40
N GLY V 392 -14.63 -71.07 105.27
CA GLY V 392 -15.54 -70.02 105.67
C GLY V 392 -15.61 -69.78 107.17
N ASN V 393 -15.12 -70.72 107.97
CA ASN V 393 -15.16 -70.59 109.43
C ASN V 393 -14.02 -69.75 109.97
N SER V 394 -12.96 -69.53 109.19
CA SER V 394 -11.84 -68.72 109.63
C SER V 394 -12.08 -67.25 109.27
N ALA V 395 -11.10 -66.41 109.58
CA ALA V 395 -11.20 -64.99 109.29
C ALA V 395 -11.31 -64.76 107.78
N HIS V 396 -12.22 -63.87 107.40
CA HIS V 396 -12.46 -63.61 105.98
C HIS V 396 -11.23 -62.99 105.33
N GLN V 397 -10.92 -63.45 104.11
CA GLN V 397 -9.80 -62.94 103.32
C GLN V 397 -8.45 -63.33 103.93
N ASN V 398 -8.33 -64.57 104.40
CA ASN V 398 -7.09 -65.01 105.02
C ASN V 398 -6.47 -66.26 104.40
N GLU V 399 -7.15 -66.96 103.50
CA GLU V 399 -6.70 -68.28 103.11
C GLU V 399 -5.58 -68.21 102.06
N PRO V 400 -5.80 -67.57 100.89
CA PRO V 400 -4.71 -67.54 99.89
C PRO V 400 -3.72 -66.42 100.16
N GLN V 401 -2.56 -66.77 100.70
CA GLN V 401 -1.51 -65.80 101.02
C GLN V 401 -0.51 -65.77 99.87
N GLN V 402 -0.67 -64.81 98.96
CA GLN V 402 0.12 -64.81 97.74
C GLN V 402 1.60 -64.59 97.98
N TRP V 403 1.98 -63.96 99.10
CA TRP V 403 3.37 -63.66 99.37
C TRP V 403 4.02 -64.66 100.31
N VAL V 404 3.39 -65.81 100.54
CA VAL V 404 3.98 -66.90 101.31
C VAL V 404 4.21 -68.07 100.35
N LEU V 405 5.46 -68.48 100.21
CA LEU V 405 5.80 -69.53 99.27
C LEU V 405 5.47 -70.90 99.86
N PRO V 406 5.00 -71.83 99.05
CA PRO V 406 4.87 -73.23 99.49
C PRO V 406 6.22 -73.82 99.85
N ASN V 407 6.16 -74.94 100.57
CA ASN V 407 7.35 -75.75 100.84
C ASN V 407 7.37 -76.83 99.78
N TYR V 408 8.23 -76.65 98.77
CA TYR V 408 8.17 -77.47 97.56
C TYR V 408 8.53 -78.93 97.82
N SER V 409 9.30 -79.21 98.87
CA SER V 409 9.63 -80.57 99.28
C SER V 409 9.00 -80.94 100.61
N GLY V 410 7.88 -80.30 100.95
CA GLY V 410 7.17 -80.46 102.21
C GLY V 410 8.11 -80.40 103.40
N ARG V 411 7.78 -81.16 104.44
CA ARG V 411 8.59 -81.18 105.65
C ARG V 411 9.98 -81.76 105.40
N THR V 412 10.17 -82.53 104.33
CA THR V 412 11.43 -83.22 104.09
C THR V 412 12.47 -82.31 103.45
N GLY V 413 12.75 -81.17 104.07
CA GLY V 413 13.78 -80.25 103.62
C GLY V 413 13.21 -78.87 103.33
N HIS V 414 14.11 -78.00 102.85
CA HIS V 414 13.75 -76.62 102.54
C HIS V 414 13.91 -76.36 101.04
N ASN V 415 13.31 -75.25 100.61
CA ASN V 415 13.32 -74.86 99.20
C ASN V 415 14.72 -74.47 98.74
N VAL V 416 15.03 -74.80 97.47
CA VAL V 416 16.34 -74.54 96.89
C VAL V 416 16.14 -73.78 95.57
N HIS V 417 17.25 -73.23 95.07
CA HIS V 417 17.30 -72.54 93.78
C HIS V 417 16.14 -71.57 93.58
N LEU V 418 15.82 -70.81 94.62
CA LEU V 418 14.72 -69.85 94.53
C LEU V 418 15.15 -68.61 93.77
N ALA V 419 14.17 -67.97 93.13
CA ALA V 419 14.38 -66.62 92.63
C ALA V 419 14.49 -65.65 93.79
N PRO V 420 15.34 -64.63 93.71
CA PRO V 420 15.58 -63.76 94.86
C PRO V 420 14.32 -62.99 95.22
N ALA V 421 14.26 -62.55 96.48
CA ALA V 421 13.18 -61.67 96.87
C ALA V 421 13.41 -60.25 96.36
N VAL V 422 12.36 -59.45 96.44
CA VAL V 422 12.26 -58.18 95.73
C VAL V 422 11.78 -57.13 96.72
N ALA V 423 12.46 -55.99 96.75
CA ALA V 423 12.09 -54.93 97.67
C ALA V 423 12.55 -53.59 97.09
N PRO V 424 11.85 -52.50 97.39
CA PRO V 424 12.31 -51.19 96.96
C PRO V 424 13.65 -50.83 97.59
N THR V 425 14.51 -50.18 96.82
CA THR V 425 15.83 -49.82 97.29
C THR V 425 16.03 -48.31 97.39
N PHE V 426 15.20 -47.51 96.67
CA PHE V 426 15.33 -46.06 96.60
C PHE V 426 14.30 -45.42 97.52
N PRO V 427 14.71 -44.45 98.34
CA PRO V 427 13.76 -43.81 99.27
C PRO V 427 12.58 -43.21 98.53
N GLY V 428 11.37 -43.49 99.03
CA GLY V 428 10.15 -42.98 98.47
C GLY V 428 9.51 -43.87 97.43
N GLU V 429 10.11 -45.02 97.12
CA GLU V 429 9.68 -45.86 96.02
C GLU V 429 9.04 -47.14 96.54
N GLN V 430 8.04 -47.61 95.79
CA GLN V 430 7.35 -48.87 96.07
C GLN V 430 7.33 -49.72 94.81
N LEU V 431 7.14 -51.03 94.99
CA LEU V 431 6.94 -51.90 93.85
C LEU V 431 5.69 -51.48 93.07
N LEU V 432 5.73 -51.77 91.77
CA LEU V 432 4.56 -51.63 90.91
C LEU V 432 4.11 -53.03 90.51
N PHE V 433 2.88 -53.38 90.84
CA PHE V 433 2.35 -54.72 90.63
C PHE V 433 1.36 -54.71 89.49
N PHE V 434 1.34 -55.79 88.72
CA PHE V 434 0.31 -56.03 87.72
C PHE V 434 -0.75 -56.92 88.38
N ARG V 435 -1.91 -56.34 88.65
CA ARG V 435 -2.94 -56.96 89.48
C ARG V 435 -4.04 -57.55 88.62
N SER V 436 -4.42 -58.78 88.95
CA SER V 436 -5.65 -59.39 88.46
C SER V 436 -6.40 -59.99 89.63
N THR V 437 -7.68 -60.28 89.42
CA THR V 437 -8.55 -60.84 90.44
C THR V 437 -8.83 -62.31 90.12
N MET V 438 -8.42 -63.20 91.03
CA MET V 438 -8.65 -64.62 90.84
C MET V 438 -10.12 -64.95 91.06
N PRO V 439 -10.70 -65.86 90.28
CA PRO V 439 -12.06 -66.32 90.57
C PRO V 439 -12.12 -67.04 91.91
N GLY V 440 -13.12 -66.71 92.72
CA GLY V 440 -13.43 -67.48 93.90
C GLY V 440 -14.43 -68.59 93.61
N CYS V 441 -14.15 -69.77 94.15
CA CYS V 441 -15.01 -70.93 93.94
C CYS V 441 -15.85 -71.30 95.16
N SER V 442 -15.45 -70.88 96.36
CA SER V 442 -16.19 -71.12 97.59
C SER V 442 -15.53 -70.31 98.71
N GLY V 443 -16.36 -69.82 99.63
CA GLY V 443 -15.86 -69.15 100.81
C GLY V 443 -15.70 -67.65 100.63
N TYR V 444 -14.75 -67.06 101.35
CA TYR V 444 -14.46 -65.63 101.29
C TYR V 444 -12.95 -65.45 101.12
N PRO V 445 -12.41 -65.81 99.96
CA PRO V 445 -10.96 -65.81 99.79
C PRO V 445 -10.41 -64.44 99.41
N ASN V 446 -9.10 -64.31 99.61
CA ASN V 446 -8.36 -63.11 99.20
C ASN V 446 -8.06 -63.25 97.71
N MET V 447 -8.88 -62.60 96.89
CA MET V 447 -8.88 -62.84 95.44
C MET V 447 -7.84 -62.02 94.71
N ASN V 448 -7.03 -61.25 95.43
CA ASN V 448 -6.02 -60.38 94.81
C ASN V 448 -4.80 -61.18 94.39
N LEU V 449 -4.33 -60.97 93.16
CA LEU V 449 -3.10 -61.58 92.67
C LEU V 449 -2.22 -60.55 91.98
N ASP V 450 -1.05 -60.30 92.55
CA ASP V 450 -0.06 -59.37 92.01
C ASP V 450 1.12 -60.16 91.44
N CYS V 451 1.51 -59.84 90.20
CA CYS V 451 2.76 -60.35 89.66
C CYS V 451 3.70 -59.21 89.30
N LEU V 452 4.99 -59.55 89.21
CA LEU V 452 6.03 -58.57 88.95
C LEU V 452 6.14 -58.19 87.48
N LEU V 453 5.85 -59.12 86.58
CA LEU V 453 5.94 -58.89 85.14
C LEU V 453 4.77 -59.57 84.46
N PRO V 454 4.13 -58.91 83.49
CA PRO V 454 3.13 -59.60 82.66
C PRO V 454 3.74 -60.78 81.93
N GLN V 455 2.91 -61.79 81.69
CA GLN V 455 3.39 -62.97 80.98
C GLN V 455 3.90 -62.62 79.59
N GLU V 456 3.24 -61.66 78.94
CA GLU V 456 3.69 -61.20 77.63
C GLU V 456 5.05 -60.52 77.69
N TRP V 457 5.34 -59.81 78.79
CA TRP V 457 6.69 -59.24 78.94
C TRP V 457 7.72 -60.34 79.10
N VAL V 458 7.37 -61.42 79.79
CA VAL V 458 8.29 -62.56 79.90
C VAL V 458 8.58 -63.13 78.52
N LEU V 459 7.53 -63.40 77.74
CA LEU V 459 7.70 -63.89 76.38
C LEU V 459 8.59 -62.97 75.56
N HIS V 460 8.33 -61.66 75.63
CA HIS V 460 9.08 -60.70 74.83
C HIS V 460 10.56 -60.67 75.24
N PHE V 461 10.82 -60.57 76.54
CA PHE V 461 12.21 -60.56 77.00
C PHE V 461 12.93 -61.84 76.61
N TYR V 462 12.24 -62.98 76.65
CA TYR V 462 12.88 -64.25 76.32
C TYR V 462 13.33 -64.26 74.87
N GLN V 463 12.45 -63.84 73.95
CA GLN V 463 12.73 -63.95 72.54
C GLN V 463 13.75 -62.90 72.10
N GLU V 464 13.64 -61.67 72.61
CA GLU V 464 14.48 -60.60 72.13
C GLU V 464 15.87 -60.68 72.73
N ALA V 465 15.97 -61.09 74.00
CA ALA V 465 17.23 -61.23 74.73
C ALA V 465 18.16 -60.03 74.56
N ALA V 466 17.61 -58.84 74.79
CA ALA V 466 18.41 -57.62 74.63
C ALA V 466 19.32 -57.46 75.84
N PRO V 467 20.64 -57.41 75.66
CA PRO V 467 21.53 -57.20 76.81
C PRO V 467 21.27 -55.85 77.45
N ALA V 468 21.26 -55.84 78.79
CA ALA V 468 21.01 -54.62 79.53
C ALA V 468 22.26 -53.75 79.56
N GLN V 469 22.12 -52.51 79.11
CA GLN V 469 23.23 -51.57 79.09
C GLN V 469 23.47 -50.90 80.45
N SER V 470 22.55 -51.07 81.39
CA SER V 470 22.76 -50.63 82.77
C SER V 470 21.83 -51.44 83.66
N ASP V 471 21.86 -51.13 84.95
CA ASP V 471 21.11 -51.92 85.92
C ASP V 471 19.64 -51.55 86.01
N VAL V 472 19.21 -50.44 85.39
CA VAL V 472 17.84 -49.97 85.49
C VAL V 472 17.39 -49.46 84.13
N ALA V 473 16.24 -49.94 83.66
CA ALA V 473 15.61 -49.45 82.44
C ALA V 473 14.45 -48.54 82.80
N LEU V 474 14.56 -47.27 82.43
CA LEU V 474 13.53 -46.29 82.72
C LEU V 474 12.38 -46.44 81.73
N LEU V 475 11.17 -46.68 82.24
CA LEU V 475 9.98 -46.80 81.41
C LEU V 475 9.04 -45.62 81.69
N ARG V 476 8.35 -45.17 80.66
CA ARG V 476 7.32 -44.15 80.79
C ARG V 476 5.99 -44.65 80.24
N PHE V 477 4.92 -44.34 80.96
CA PHE V 477 3.56 -44.71 80.57
C PHE V 477 2.92 -43.54 79.84
N VAL V 478 2.43 -43.80 78.63
CA VAL V 478 2.09 -42.75 77.66
C VAL V 478 0.61 -42.85 77.30
N ASN V 479 -0.02 -41.68 77.14
CA ASN V 479 -1.37 -41.60 76.60
C ASN V 479 -1.25 -41.49 75.09
N PRO V 480 -1.62 -42.52 74.33
CA PRO V 480 -1.36 -42.49 72.88
C PRO V 480 -2.18 -41.48 72.10
N ASP V 481 -3.32 -41.02 72.63
CA ASP V 481 -4.11 -40.03 71.92
C ASP V 481 -3.34 -38.71 71.80
N THR V 482 -2.86 -38.18 72.92
CA THR V 482 -2.16 -36.91 72.96
C THR V 482 -0.65 -37.04 72.90
N GLY V 483 -0.10 -38.24 73.10
CA GLY V 483 1.33 -38.37 73.25
C GLY V 483 1.86 -38.07 74.64
N ARG V 484 0.97 -37.84 75.60
CA ARG V 484 1.36 -37.34 76.92
C ARG V 484 1.99 -38.44 77.78
N VAL V 485 3.01 -38.05 78.53
CA VAL V 485 3.64 -38.94 79.50
C VAL V 485 2.88 -38.82 80.81
N LEU V 486 2.41 -39.94 81.33
CA LEU V 486 1.58 -39.95 82.53
C LEU V 486 2.41 -40.18 83.79
N PHE V 487 3.31 -41.15 83.77
CA PHE V 487 4.23 -41.36 84.88
C PHE V 487 5.45 -42.09 84.35
N GLU V 488 6.50 -42.13 85.17
CA GLU V 488 7.68 -42.92 84.90
C GLU V 488 7.90 -43.93 86.03
N CYS V 489 8.59 -45.00 85.68
CA CYS V 489 8.89 -46.08 86.62
C CYS V 489 10.22 -46.70 86.23
N LYS V 490 10.78 -47.48 87.16
CA LYS V 490 12.05 -48.16 86.94
C LYS V 490 11.81 -49.65 86.76
N LEU V 491 12.18 -50.18 85.60
CA LEU V 491 12.20 -51.61 85.36
C LEU V 491 13.63 -52.08 85.63
N HIS V 492 13.82 -52.80 86.72
CA HIS V 492 15.17 -53.22 87.11
C HIS V 492 15.61 -54.43 86.30
N LYS V 493 16.90 -54.50 86.04
CA LYS V 493 17.46 -55.58 85.22
C LYS V 493 17.02 -56.94 85.75
N SER V 494 16.90 -57.07 87.08
CA SER V 494 16.47 -58.31 87.74
C SER V 494 15.03 -58.69 87.41
N GLY V 495 14.30 -57.87 86.65
CA GLY V 495 12.94 -58.17 86.28
C GLY V 495 11.85 -57.83 87.27
N TYR V 496 11.83 -56.59 87.77
CA TYR V 496 10.76 -56.09 88.60
C TYR V 496 10.70 -54.58 88.48
N VAL V 497 9.51 -54.02 88.73
CA VAL V 497 9.26 -52.61 88.48
C VAL V 497 8.98 -51.89 89.79
N THR V 498 9.42 -50.63 89.86
CA THR V 498 9.19 -49.77 91.01
C THR V 498 8.74 -48.40 90.51
N VAL V 499 8.00 -47.68 91.37
CA VAL V 499 7.48 -46.37 91.03
C VAL V 499 7.56 -45.49 92.28
N ALA V 500 7.41 -44.18 92.08
CA ALA V 500 7.53 -43.21 93.17
C ALA V 500 6.15 -42.89 93.74
N HIS V 501 5.83 -43.52 94.87
CA HIS V 501 4.55 -43.36 95.55
C HIS V 501 4.70 -43.88 96.96
N THR V 502 3.83 -43.42 97.84
CA THR V 502 3.75 -43.95 99.21
C THR V 502 2.29 -44.22 99.53
N GLY V 503 2.02 -45.42 100.05
CA GLY V 503 0.67 -45.82 100.37
C GLY V 503 0.13 -46.77 99.32
N PRO V 504 -0.91 -47.54 99.66
CA PRO V 504 -1.56 -48.37 98.65
C PRO V 504 -2.36 -47.50 97.69
N HIS V 505 -2.42 -47.95 96.44
CA HIS V 505 -3.13 -47.19 95.42
C HIS V 505 -3.35 -48.01 94.14
N ASP V 506 -4.59 -48.09 93.69
CA ASP V 506 -4.89 -48.57 92.34
C ASP V 506 -4.69 -47.43 91.36
N LEU V 507 -3.89 -47.66 90.32
CA LEU V 507 -3.59 -46.59 89.38
C LEU V 507 -4.76 -46.39 88.41
N VAL V 508 -5.06 -45.12 88.16
CA VAL V 508 -6.13 -44.72 87.26
C VAL V 508 -5.50 -44.34 85.92
N ILE V 509 -5.69 -45.21 84.92
CA ILE V 509 -4.96 -45.07 83.66
C ILE V 509 -5.94 -45.10 82.50
N PRO V 510 -5.67 -44.39 81.41
CA PRO V 510 -6.47 -44.54 80.19
C PRO V 510 -6.44 -45.98 79.70
N PRO V 511 -7.59 -46.51 79.27
CA PRO V 511 -7.63 -47.93 78.89
C PRO V 511 -6.69 -48.29 77.75
N ASN V 512 -6.26 -47.32 76.94
CA ASN V 512 -5.39 -47.57 75.79
C ASN V 512 -3.94 -47.14 76.03
N GLY V 513 -3.57 -46.79 77.26
CA GLY V 513 -2.20 -46.40 77.53
C GLY V 513 -1.24 -47.57 77.45
N TYR V 514 0.01 -47.27 77.09
CA TYR V 514 1.04 -48.27 76.85
C TYR V 514 2.33 -47.87 77.54
N PHE V 515 3.20 -48.86 77.77
CA PHE V 515 4.54 -48.63 78.31
C PHE V 515 5.55 -48.43 77.19
N ARG V 516 6.46 -47.48 77.40
CA ARG V 516 7.50 -47.15 76.43
C ARG V 516 8.85 -47.06 77.13
N PHE V 517 9.85 -47.78 76.59
CA PHE V 517 11.20 -47.73 77.13
C PHE V 517 11.91 -46.47 76.62
N ASP V 518 12.39 -45.64 77.54
CA ASP V 518 12.89 -44.32 77.18
C ASP V 518 14.39 -44.13 77.36
N SER V 519 15.02 -44.78 78.34
CA SER V 519 16.44 -44.56 78.57
C SER V 519 16.96 -45.57 79.59
N TRP V 520 18.23 -45.93 79.44
CA TRP V 520 18.96 -46.59 80.52
C TRP V 520 19.39 -45.58 81.57
N VAL V 521 19.23 -45.95 82.84
CA VAL V 521 19.58 -45.10 83.97
C VAL V 521 20.28 -45.98 85.01
N ASN V 522 20.82 -45.33 86.05
CA ASN V 522 21.47 -46.05 87.15
C ASN V 522 20.64 -45.93 88.42
N GLN V 523 21.20 -46.48 89.51
CA GLN V 523 20.48 -46.63 90.76
C GLN V 523 20.14 -45.30 91.43
N PHE V 524 20.79 -44.21 91.03
CA PHE V 524 20.58 -42.91 91.65
C PHE V 524 19.47 -42.10 90.99
N TYR V 525 18.81 -42.64 89.97
CA TYR V 525 17.73 -41.91 89.31
C TYR V 525 16.57 -41.67 90.27
N THR V 526 16.10 -40.42 90.31
CA THR V 526 15.01 -40.00 91.18
C THR V 526 13.75 -39.89 90.33
N LEU V 527 12.74 -40.67 90.66
CA LEU V 527 11.55 -40.72 89.84
C LEU V 527 10.61 -39.58 90.20
N ALA V 528 9.87 -39.11 89.19
CA ALA V 528 8.87 -38.09 89.45
C ALA V 528 7.74 -38.71 90.28
N PRO V 529 7.22 -37.99 91.26
CA PRO V 529 6.11 -38.55 92.05
C PRO V 529 4.86 -38.75 91.22
N MET V 530 4.12 -39.80 91.55
CA MET V 530 2.92 -40.18 90.84
C MET V 530 1.79 -40.29 91.85
N GLY V 531 0.64 -39.71 91.54
CA GLY V 531 -0.47 -39.64 92.48
C GLY V 531 -1.83 -39.71 91.83
N PRO W 10 97.58 -49.65 83.17
CA PRO W 10 96.11 -49.61 83.16
C PRO W 10 95.49 -50.43 84.29
N SER W 11 95.67 -51.74 84.25
CA SER W 11 95.22 -52.63 85.31
C SER W 11 96.37 -53.09 86.21
N ASP W 12 97.54 -52.49 86.08
CA ASP W 12 98.65 -52.77 87.00
C ASP W 12 98.24 -52.46 88.43
N GLY W 13 98.60 -53.33 89.36
CA GLY W 13 97.88 -53.31 90.62
C GLY W 13 96.45 -53.69 90.31
N SER W 14 95.50 -52.99 90.93
CA SER W 14 94.14 -52.97 90.41
C SER W 14 93.56 -54.37 90.20
N THR W 15 92.83 -54.55 89.10
CA THR W 15 92.19 -55.83 88.82
C THR W 15 93.19 -56.89 88.35
N ALA W 16 94.24 -56.48 87.62
CA ALA W 16 95.42 -57.28 87.32
C ALA W 16 95.20 -58.35 86.26
N ASN W 17 94.14 -58.24 85.46
CA ASN W 17 93.84 -59.20 84.40
C ASN W 17 93.58 -60.60 84.95
N LEU W 18 93.34 -60.70 86.25
CA LEU W 18 92.97 -61.97 86.88
C LEU W 18 91.54 -62.36 86.57
N VAL W 19 90.81 -61.53 85.83
CA VAL W 19 89.36 -61.50 85.89
C VAL W 19 88.88 -61.01 84.54
N PRO W 20 87.68 -61.38 84.08
CA PRO W 20 87.26 -60.99 82.73
C PRO W 20 86.75 -59.55 82.70
N GLU W 21 87.13 -58.84 81.64
CA GLU W 21 86.84 -57.41 81.57
C GLU W 21 85.42 -57.17 81.08
N VAL W 22 85.18 -57.38 79.79
CA VAL W 22 83.86 -57.22 79.22
C VAL W 22 83.42 -58.55 78.63
N ASN W 23 82.10 -58.71 78.50
CA ASN W 23 81.51 -59.81 77.76
C ASN W 23 81.23 -59.40 76.33
N ASN W 24 81.64 -60.23 75.38
CA ASN W 24 81.40 -59.98 73.97
C ASN W 24 80.01 -60.45 73.51
N GLU W 25 79.42 -61.43 74.19
CA GLU W 25 78.14 -61.99 73.76
C GLU W 25 77.04 -60.92 73.73
N VAL W 26 76.09 -61.12 72.83
CA VAL W 26 74.97 -60.20 72.64
C VAL W 26 73.69 -61.02 72.50
N MET W 27 72.60 -60.52 73.09
CA MET W 27 71.31 -61.17 72.98
C MET W 27 70.74 -61.03 71.58
N ALA W 28 70.27 -62.16 71.02
CA ALA W 28 69.74 -62.24 69.66
C ALA W 28 68.30 -61.73 69.61
N LEU W 29 68.14 -60.44 69.87
CA LEU W 29 66.85 -59.77 69.79
C LEU W 29 66.88 -58.69 68.72
N GLU W 30 65.81 -58.62 67.93
CA GLU W 30 65.64 -57.51 66.99
C GLU W 30 65.26 -56.24 67.75
N PRO W 31 65.45 -55.07 67.15
CA PRO W 31 64.92 -53.85 67.76
C PRO W 31 63.41 -53.87 67.83
N VAL W 32 62.87 -53.21 68.86
CA VAL W 32 61.43 -53.16 69.11
C VAL W 32 61.05 -51.73 69.46
N VAL W 33 60.05 -51.19 68.74
CA VAL W 33 59.66 -49.79 68.94
C VAL W 33 58.97 -49.64 70.29
N GLY W 34 59.11 -48.46 70.89
CA GLY W 34 58.41 -48.18 72.12
C GLY W 34 57.07 -47.50 71.95
N ALA W 35 56.87 -46.38 72.66
CA ALA W 35 55.57 -45.73 72.71
C ALA W 35 55.29 -44.87 71.49
N ALA W 36 56.29 -44.64 70.62
CA ALA W 36 56.05 -43.84 69.43
C ALA W 36 54.92 -44.40 68.59
N ILE W 37 54.87 -45.73 68.45
CA ILE W 37 53.81 -46.38 67.68
C ILE W 37 52.44 -46.11 68.25
N ALA W 38 52.35 -45.77 69.54
CA ALA W 38 51.08 -45.58 70.21
C ALA W 38 50.51 -44.17 70.05
N ALA W 39 51.29 -43.25 69.50
CA ALA W 39 50.90 -41.84 69.46
C ALA W 39 49.53 -41.59 68.85
N PRO W 40 49.13 -42.21 67.73
CA PRO W 40 47.79 -41.92 67.18
C PRO W 40 46.64 -42.42 68.05
N VAL W 41 46.87 -43.39 68.93
CA VAL W 41 45.78 -43.97 69.73
C VAL W 41 45.95 -43.72 71.22
N ALA W 42 47.07 -43.17 71.67
CA ALA W 42 47.18 -42.79 73.07
C ALA W 42 46.46 -41.47 73.32
N GLY W 43 46.00 -41.28 74.55
CA GLY W 43 45.33 -40.05 74.89
C GLY W 43 46.25 -38.85 74.87
N GLN W 44 47.53 -39.05 75.16
CA GLN W 44 48.46 -37.97 75.41
C GLN W 44 49.86 -38.45 75.12
N GLN W 45 50.77 -37.52 74.89
CA GLN W 45 52.19 -37.82 74.74
C GLN W 45 52.90 -37.18 75.91
N ASN W 46 53.53 -37.98 76.74
CA ASN W 46 54.08 -37.51 77.99
C ASN W 46 55.60 -37.53 77.95
N VAL W 47 56.20 -36.99 79.00
CA VAL W 47 57.63 -36.77 79.05
C VAL W 47 58.14 -37.28 80.39
N ILE W 48 59.29 -37.93 80.35
CA ILE W 48 59.99 -38.38 81.54
C ILE W 48 61.17 -37.45 81.73
N ASP W 49 61.47 -37.10 82.97
CA ASP W 49 62.63 -36.27 83.26
C ASP W 49 63.85 -36.90 82.60
N PRO W 50 64.57 -36.16 81.74
CA PRO W 50 65.69 -36.77 81.02
C PRO W 50 66.79 -37.34 81.92
N TRP W 51 66.95 -36.82 83.13
CA TRP W 51 67.95 -37.41 84.03
C TRP W 51 67.60 -38.86 84.35
N ILE W 52 66.32 -39.16 84.53
CA ILE W 52 65.89 -40.53 84.78
C ILE W 52 66.30 -41.42 83.62
N ARG W 53 66.28 -40.89 82.40
CA ARG W 53 66.58 -41.68 81.21
C ARG W 53 68.07 -41.88 81.00
N ASN W 54 68.91 -41.03 81.56
CA ASN W 54 70.33 -41.05 81.29
C ASN W 54 71.17 -41.63 82.42
N ASN W 55 70.56 -42.12 83.49
CA ASN W 55 71.32 -42.52 84.67
C ASN W 55 70.76 -43.78 85.28
N PHE W 56 71.64 -44.78 85.43
CA PHE W 56 71.25 -46.02 86.08
C PHE W 56 71.03 -45.83 87.58
N VAL W 57 69.95 -46.43 88.07
CA VAL W 57 69.59 -46.45 89.48
C VAL W 57 69.21 -47.88 89.81
N GLN W 58 69.44 -48.28 91.06
CA GLN W 58 69.23 -49.68 91.42
C GLN W 58 67.74 -50.01 91.40
N ALA W 59 67.41 -51.13 90.78
CA ALA W 59 66.04 -51.58 90.67
C ALA W 59 65.44 -51.85 92.05
N PRO W 60 64.12 -51.73 92.19
CA PRO W 60 63.49 -52.20 93.44
C PRO W 60 63.86 -53.64 93.75
N GLY W 61 63.90 -54.49 92.73
CA GLY W 61 64.45 -55.82 92.89
C GLY W 61 65.89 -55.78 92.40
N GLY W 62 66.78 -55.15 93.17
CA GLY W 62 68.13 -54.92 92.72
C GLY W 62 69.25 -55.70 93.38
N GLU W 63 68.95 -56.70 94.21
CA GLU W 63 69.99 -57.52 94.80
C GLU W 63 69.72 -58.99 94.52
N PHE W 64 70.79 -59.73 94.24
CA PHE W 64 70.74 -61.19 94.27
C PHE W 64 72.15 -61.71 94.55
N THR W 65 72.23 -63.00 94.85
CA THR W 65 73.47 -63.60 95.35
C THR W 65 73.77 -64.89 94.63
N VAL W 66 75.05 -65.15 94.42
CA VAL W 66 75.55 -66.47 94.03
C VAL W 66 76.39 -67.00 95.18
N SER W 67 75.93 -68.05 95.83
CA SER W 67 76.60 -68.65 96.96
C SER W 67 76.77 -70.14 96.74
N PRO W 68 77.60 -70.81 97.54
CA PRO W 68 77.77 -72.26 97.36
C PRO W 68 76.54 -73.06 97.73
N ARG W 69 75.60 -72.48 98.49
CA ARG W 69 74.31 -73.12 98.74
C ARG W 69 73.40 -73.12 97.52
N ASN W 70 73.68 -72.30 96.51
CA ASN W 70 72.84 -72.27 95.32
C ASN W 70 73.19 -73.46 94.42
N ALA W 71 72.19 -73.97 93.72
CA ALA W 71 72.40 -75.08 92.82
C ALA W 71 72.08 -74.66 91.38
N PRO W 72 72.73 -75.28 90.39
CA PRO W 72 72.43 -74.96 88.99
C PRO W 72 70.96 -75.19 88.68
N GLY W 73 70.40 -74.29 87.87
CA GLY W 73 68.99 -74.31 87.53
C GLY W 73 68.15 -73.33 88.31
N GLU W 74 68.64 -72.86 89.46
CA GLU W 74 67.89 -71.90 90.25
C GLU W 74 67.87 -70.54 89.57
N ILE W 75 66.68 -69.99 89.39
CA ILE W 75 66.52 -68.63 88.88
C ILE W 75 66.83 -67.68 90.03
N LEU W 76 68.00 -67.04 89.97
CA LEU W 76 68.46 -66.15 91.03
C LEU W 76 67.81 -64.78 90.99
N TRP W 77 67.30 -64.35 89.83
CA TRP W 77 66.70 -63.04 89.67
C TRP W 77 65.79 -63.09 88.46
N SER W 78 64.65 -62.40 88.55
CA SER W 78 63.74 -62.35 87.42
C SER W 78 62.82 -61.14 87.59
N ALA W 79 62.39 -60.58 86.46
CA ALA W 79 61.51 -59.43 86.48
C ALA W 79 60.79 -59.32 85.15
N PRO W 80 59.51 -58.97 85.13
CA PRO W 80 58.85 -58.62 83.88
C PRO W 80 59.10 -57.16 83.53
N LEU W 81 59.14 -56.87 82.24
CA LEU W 81 59.31 -55.49 81.81
C LEU W 81 58.13 -54.66 82.29
N GLY W 82 58.43 -53.47 82.82
CA GLY W 82 57.42 -52.58 83.33
C GLY W 82 58.04 -51.52 84.22
N PRO W 83 57.23 -50.54 84.62
CA PRO W 83 57.78 -49.43 85.42
C PRO W 83 58.39 -49.88 86.73
N ASP W 84 58.04 -51.08 87.20
CA ASP W 84 58.54 -51.58 88.48
C ASP W 84 60.02 -51.93 88.44
N LEU W 85 60.66 -51.87 87.26
CA LEU W 85 62.09 -52.13 87.14
C LEU W 85 62.94 -50.97 87.63
N ASN W 86 62.33 -49.84 87.96
CA ASN W 86 63.06 -48.61 88.20
C ASN W 86 62.35 -47.78 89.27
N PRO W 87 63.04 -47.42 90.36
CA PRO W 87 62.36 -46.75 91.48
C PRO W 87 61.73 -45.41 91.10
N TYR W 88 62.40 -44.64 90.25
CA TYR W 88 61.82 -43.38 89.78
C TYR W 88 60.57 -43.64 88.97
N LEU W 89 60.65 -44.51 87.97
CA LEU W 89 59.48 -44.88 87.20
C LEU W 89 58.41 -45.54 88.06
N SER W 90 58.82 -46.22 89.14
CA SER W 90 57.84 -46.81 90.05
C SER W 90 56.94 -45.77 90.68
N HIS W 91 57.52 -44.66 91.15
CA HIS W 91 56.68 -43.59 91.69
C HIS W 91 55.93 -42.88 90.58
N LEU W 92 56.59 -42.64 89.45
CA LEU W 92 55.93 -41.98 88.33
C LEU W 92 54.73 -42.78 87.85
N ALA W 93 54.86 -44.11 87.83
CA ALA W 93 53.79 -44.97 87.32
C ALA W 93 52.52 -44.85 88.14
N ARG W 94 52.62 -44.45 89.41
CA ARG W 94 51.43 -44.27 90.21
C ARG W 94 50.56 -43.15 89.65
N MET W 95 51.13 -42.32 88.78
CA MET W 95 50.48 -41.15 88.23
C MET W 95 49.99 -41.38 86.80
N TYR W 96 50.21 -42.56 86.24
CA TYR W 96 49.89 -42.84 84.84
C TYR W 96 49.08 -44.12 84.73
N ASN W 97 48.32 -44.22 83.64
CA ASN W 97 47.44 -45.33 83.36
C ASN W 97 48.10 -46.44 82.55
N GLY W 98 49.12 -46.11 81.76
CA GLY W 98 49.77 -47.12 80.97
C GLY W 98 51.19 -46.74 80.61
N TYR W 99 51.80 -47.59 79.78
CA TYR W 99 53.18 -47.40 79.38
C TYR W 99 53.46 -48.23 78.14
N ALA W 100 54.60 -47.96 77.51
CA ALA W 100 55.13 -48.78 76.44
C ALA W 100 56.59 -48.42 76.24
N GLY W 101 57.38 -49.40 75.84
CA GLY W 101 58.79 -49.21 75.57
C GLY W 101 59.66 -50.05 76.47
N GLY W 102 60.95 -50.03 76.17
CA GLY W 102 61.89 -50.97 76.72
C GLY W 102 62.82 -50.34 77.75
N PHE W 103 63.68 -51.19 78.30
CA PHE W 103 64.59 -50.77 79.35
C PHE W 103 66.02 -51.14 79.00
N GLU W 104 66.94 -50.44 79.65
CA GLU W 104 68.34 -50.81 79.71
C GLU W 104 68.58 -51.29 81.14
N VAL W 105 69.02 -52.53 81.30
CA VAL W 105 69.34 -53.08 82.62
C VAL W 105 70.84 -53.23 82.74
N GLN W 106 71.36 -52.93 83.92
CA GLN W 106 72.78 -53.04 84.22
C GLN W 106 72.95 -54.00 85.38
N VAL W 107 73.78 -55.02 85.17
CA VAL W 107 74.03 -56.06 86.18
C VAL W 107 75.51 -56.02 86.55
N ILE W 108 75.78 -55.93 87.85
CA ILE W 108 77.14 -55.91 88.36
C ILE W 108 77.43 -57.29 88.93
N LEU W 109 78.52 -57.89 88.46
CA LEU W 109 78.90 -59.24 88.85
C LEU W 109 80.39 -59.29 89.13
N ALA W 110 80.90 -58.37 89.94
CA ALA W 110 82.35 -58.21 90.04
C ALA W 110 82.86 -59.03 91.23
N GLY W 111 82.84 -60.35 91.05
CA GLY W 111 83.18 -61.24 92.14
C GLY W 111 84.68 -61.36 92.33
N ASN W 112 85.06 -61.88 93.50
CA ASN W 112 86.47 -62.07 93.80
C ASN W 112 87.12 -62.98 92.76
N ALA W 113 88.42 -62.76 92.55
CA ALA W 113 89.14 -63.47 91.48
C ALA W 113 89.25 -64.96 91.75
N PHE W 114 89.06 -65.39 93.00
CA PHE W 114 89.19 -66.78 93.39
C PHE W 114 87.90 -67.57 93.22
N THR W 115 86.88 -66.99 92.59
CA THR W 115 85.59 -67.65 92.42
C THR W 115 85.45 -68.15 90.99
N ALA W 116 84.61 -69.17 90.83
CA ALA W 116 84.24 -69.69 89.53
C ALA W 116 82.73 -69.82 89.43
N GLY W 117 82.23 -69.80 88.20
CA GLY W 117 80.83 -70.06 87.93
C GLY W 117 80.27 -69.16 86.85
N LYS W 118 79.17 -69.61 86.25
CA LYS W 118 78.55 -68.90 85.14
C LYS W 118 77.07 -68.64 85.44
N ILE W 119 76.60 -67.47 85.00
CA ILE W 119 75.18 -67.12 85.03
C ILE W 119 74.70 -66.93 83.60
N ILE W 120 73.53 -67.46 83.29
CA ILE W 120 72.87 -67.21 82.01
C ILE W 120 71.72 -66.23 82.22
N PHE W 121 71.71 -65.17 81.41
CA PHE W 121 70.60 -64.24 81.32
C PHE W 121 69.81 -64.53 80.05
N ALA W 122 68.49 -64.58 80.15
CA ALA W 122 67.67 -64.90 78.98
C ALA W 122 66.39 -64.08 79.00
N ALA W 123 65.94 -63.72 77.80
CA ALA W 123 64.66 -63.04 77.58
C ALA W 123 63.62 -64.05 77.13
N VAL W 124 62.57 -64.23 77.92
CA VAL W 124 61.48 -65.14 77.57
C VAL W 124 60.29 -64.32 77.11
N PRO W 125 59.67 -64.65 75.98
CA PRO W 125 58.66 -63.77 75.40
C PRO W 125 57.34 -63.89 76.13
N PRO W 126 56.44 -62.91 75.97
CA PRO W 126 55.19 -62.93 76.73
C PRO W 126 54.35 -64.15 76.39
N ASN W 127 53.73 -64.72 77.43
CA ASN W 127 52.86 -65.90 77.37
C ASN W 127 53.63 -67.20 77.25
N PHE W 128 54.91 -67.22 77.59
CA PHE W 128 55.59 -68.50 77.75
C PHE W 128 55.76 -68.82 79.22
N PRO W 129 55.41 -70.03 79.66
CA PRO W 129 55.49 -70.35 81.09
C PRO W 129 56.92 -70.50 81.56
N THR W 130 57.26 -69.79 82.63
CA THR W 130 58.58 -69.78 83.23
C THR W 130 58.79 -70.89 84.25
N GLU W 131 57.72 -71.59 84.67
CA GLU W 131 57.73 -72.31 85.94
C GLU W 131 58.69 -73.49 85.92
N GLY W 132 58.63 -74.32 84.88
CA GLY W 132 59.47 -75.52 84.86
C GLY W 132 60.78 -75.43 84.12
N LEU W 133 61.26 -74.21 83.86
CA LEU W 133 62.38 -74.04 82.95
C LEU W 133 63.66 -74.68 83.50
N SER W 134 64.29 -75.52 82.68
CA SER W 134 65.60 -76.13 82.87
C SER W 134 66.66 -75.25 82.25
N PRO W 135 67.93 -75.41 82.65
CA PRO W 135 69.00 -74.65 81.99
C PRO W 135 69.10 -74.93 80.50
N SER W 136 68.94 -76.18 80.08
CA SER W 136 68.86 -76.49 78.65
C SER W 136 67.81 -75.64 77.94
N GLN W 137 66.61 -75.55 78.52
CA GLN W 137 65.50 -74.85 77.85
C GLN W 137 65.76 -73.35 77.77
N VAL W 138 66.33 -72.77 78.82
CA VAL W 138 66.62 -71.34 78.83
C VAL W 138 67.56 -70.96 77.70
N THR W 139 68.47 -71.86 77.33
CA THR W 139 69.37 -71.63 76.21
C THR W 139 68.64 -71.41 74.88
N MET W 140 67.38 -71.85 74.76
CA MET W 140 66.72 -71.72 73.46
C MET W 140 66.08 -70.36 73.26
N PHE W 141 66.03 -69.50 74.28
CA PHE W 141 65.67 -68.11 74.09
C PHE W 141 66.91 -67.31 73.75
N PRO W 142 66.75 -66.07 73.28
CA PRO W 142 67.90 -65.17 73.23
C PRO W 142 68.55 -65.11 74.61
N HIS W 143 69.86 -65.33 74.66
CA HIS W 143 70.50 -65.49 75.94
C HIS W 143 71.93 -64.99 75.88
N ILE W 144 72.47 -64.73 77.06
CA ILE W 144 73.87 -64.33 77.22
C ILE W 144 74.43 -65.13 78.40
N ILE W 145 75.63 -65.65 78.25
CA ILE W 145 76.28 -66.43 79.31
C ILE W 145 77.48 -65.65 79.80
N VAL W 146 77.46 -65.31 81.09
CA VAL W 146 78.38 -64.36 81.69
C VAL W 146 79.12 -65.05 82.83
N ASP W 147 80.41 -64.76 82.96
CA ASP W 147 81.20 -65.32 84.05
C ASP W 147 80.94 -64.53 85.32
N VAL W 148 80.86 -65.24 86.45
CA VAL W 148 80.51 -64.60 87.72
C VAL W 148 81.57 -63.62 88.16
N ARG W 149 82.77 -63.69 87.58
CA ARG W 149 83.85 -62.75 87.89
C ARG W 149 83.87 -61.52 87.00
N GLN W 150 82.94 -61.38 86.05
CA GLN W 150 83.04 -60.30 85.08
C GLN W 150 83.06 -58.94 85.75
N LEU W 151 83.97 -58.08 85.31
CA LEU W 151 84.26 -56.83 85.99
C LEU W 151 83.37 -55.70 85.50
N GLU W 152 83.32 -55.51 84.21
CA GLU W 152 82.48 -54.42 83.73
C GLU W 152 81.02 -54.84 83.83
N PRO W 153 80.13 -53.91 84.17
CA PRO W 153 78.72 -54.28 84.29
C PRO W 153 78.20 -54.84 82.98
N VAL W 154 77.21 -55.71 83.09
CA VAL W 154 76.61 -56.33 81.91
C VAL W 154 75.41 -55.49 81.52
N LEU W 155 75.34 -55.13 80.25
CA LEU W 155 74.25 -54.31 79.75
C LEU W 155 73.37 -55.18 78.87
N ILE W 156 72.10 -55.26 79.23
CA ILE W 156 71.11 -56.05 78.52
C ILE W 156 70.00 -55.09 78.11
N PRO W 157 69.77 -54.87 76.82
CA PRO W 157 68.57 -54.12 76.43
C PRO W 157 67.38 -55.05 76.49
N LEU W 158 66.27 -54.53 77.03
CA LEU W 158 65.07 -55.33 77.25
C LEU W 158 63.95 -54.72 76.44
N PRO W 159 63.65 -55.25 75.26
CA PRO W 159 62.63 -54.64 74.40
C PRO W 159 61.22 -55.05 74.82
N ASP W 160 60.27 -54.16 74.54
CA ASP W 160 58.89 -54.37 74.93
C ASP W 160 58.16 -55.15 73.83
N VAL W 161 58.59 -56.40 73.67
CA VAL W 161 57.90 -57.33 72.78
C VAL W 161 56.45 -57.45 73.22
N ARG W 162 55.53 -57.28 72.27
CA ARG W 162 54.11 -57.18 72.59
C ARG W 162 53.33 -57.29 71.28
N ASN W 163 52.01 -57.42 71.39
CA ASN W 163 51.13 -57.45 70.23
C ASN W 163 50.07 -56.38 70.27
N ASN W 164 50.25 -55.35 71.10
CA ASN W 164 49.34 -54.22 71.17
C ASN W 164 50.15 -52.93 71.13
N PHE W 165 49.44 -51.81 71.08
CA PHE W 165 50.12 -50.52 70.99
C PHE W 165 50.83 -50.18 72.28
N TYR W 166 50.23 -50.52 73.42
CA TYR W 166 50.82 -50.23 74.72
C TYR W 166 50.12 -51.07 75.78
N HIS W 167 50.60 -50.97 77.02
CA HIS W 167 50.15 -51.76 78.15
C HIS W 167 49.37 -50.89 79.12
N TYR W 168 48.35 -51.48 79.76
CA TYR W 168 47.66 -50.83 80.85
C TYR W 168 48.25 -51.32 82.18
N ASN W 169 48.37 -50.40 83.13
CA ASN W 169 48.90 -50.75 84.45
C ASN W 169 48.01 -51.75 85.18
N GLN W 170 46.70 -51.60 85.05
CA GLN W 170 45.76 -52.42 85.80
C GLN W 170 45.44 -53.77 85.17
N SER W 171 46.06 -54.14 84.06
CA SER W 171 45.69 -55.40 83.41
C SER W 171 46.74 -56.46 83.65
N ASN W 172 46.33 -57.72 83.48
CA ASN W 172 47.20 -58.87 83.63
C ASN W 172 47.89 -59.30 82.34
N ASP W 173 47.94 -58.42 81.34
CA ASP W 173 48.67 -58.76 80.13
C ASP W 173 50.15 -59.02 80.45
N PRO W 174 50.73 -60.10 79.94
CA PRO W 174 52.14 -60.38 80.22
C PRO W 174 53.07 -59.59 79.31
N THR W 175 54.27 -59.37 79.82
CA THR W 175 55.32 -58.67 79.08
C THR W 175 56.54 -59.57 79.04
N ILE W 176 57.54 -59.15 78.26
CA ILE W 176 58.79 -59.90 78.23
C ILE W 176 59.36 -60.00 79.64
N LYS W 177 59.94 -61.14 79.95
CA LYS W 177 60.59 -61.35 81.24
C LYS W 177 62.07 -61.55 81.02
N LEU W 178 62.87 -60.91 81.86
CA LEU W 178 64.31 -61.13 81.90
C LEU W 178 64.61 -62.11 83.03
N ILE W 179 65.43 -63.11 82.72
CA ILE W 179 65.68 -64.24 83.61
C ILE W 179 67.18 -64.28 83.87
N ALA W 180 67.55 -64.46 85.13
CA ALA W 180 68.92 -64.76 85.53
C ALA W 180 68.91 -66.09 86.25
N MET W 181 69.61 -67.08 85.68
CA MET W 181 69.64 -68.41 86.26
C MET W 181 71.09 -68.84 86.44
N LEU W 182 71.35 -69.51 87.55
CA LEU W 182 72.69 -70.01 87.80
C LEU W 182 72.97 -71.16 86.85
N TYR W 183 73.97 -70.98 85.98
CA TYR W 183 74.25 -71.92 84.91
C TYR W 183 75.28 -72.96 85.33
N THR W 184 76.27 -72.54 86.11
CA THR W 184 77.28 -73.36 86.73
C THR W 184 77.34 -73.06 88.22
N PRO W 185 77.50 -74.07 89.06
CA PRO W 185 77.58 -73.83 90.51
C PRO W 185 78.77 -72.93 90.84
N LEU W 186 78.64 -72.22 91.96
CA LEU W 186 79.74 -71.37 92.41
C LEU W 186 80.80 -72.23 93.06
N ARG W 187 82.02 -72.13 92.54
CA ARG W 187 83.18 -72.79 93.11
C ARG W 187 84.24 -71.73 93.44
N ALA W 188 85.17 -72.08 94.31
CA ALA W 188 86.21 -71.14 94.69
C ALA W 188 87.44 -71.90 95.14
N ASN W 189 88.59 -71.23 95.02
CA ASN W 189 89.88 -71.87 95.29
C ASN W 189 90.84 -70.91 96.01
N ASN W 190 90.30 -69.98 96.79
CA ASN W 190 91.07 -69.34 97.83
C ASN W 190 91.45 -70.37 98.89
N ALA W 191 92.72 -70.42 99.27
CA ALA W 191 93.06 -71.21 100.45
C ALA W 191 92.35 -70.61 101.66
N GLY W 192 92.25 -71.40 102.72
CA GLY W 192 91.50 -70.94 103.87
C GLY W 192 90.01 -71.02 103.62
N ASP W 193 89.23 -71.03 104.70
CA ASP W 193 87.79 -71.18 104.57
C ASP W 193 87.11 -69.84 104.83
N ASP W 194 87.13 -68.98 103.83
CA ASP W 194 86.09 -68.00 103.60
C ASP W 194 85.11 -68.55 102.58
N VAL W 195 84.03 -67.81 102.35
CA VAL W 195 82.99 -68.22 101.40
C VAL W 195 83.15 -67.53 100.05
N PHE W 196 83.20 -66.20 100.06
CA PHE W 196 83.26 -65.37 98.86
C PHE W 196 81.98 -65.50 98.06
N THR W 197 80.85 -65.20 98.68
CA THR W 197 79.60 -65.12 97.95
C THR W 197 79.69 -63.92 97.01
N VAL W 198 79.08 -64.04 95.84
CA VAL W 198 79.07 -62.96 94.87
C VAL W 198 77.82 -62.14 95.08
N SER W 199 77.98 -60.94 95.65
CA SER W 199 76.87 -60.02 95.84
C SER W 199 76.65 -59.26 94.54
N CYS W 200 75.47 -59.39 93.96
CA CYS W 200 75.17 -58.84 92.65
C CYS W 200 74.13 -57.74 92.75
N ARG W 201 74.23 -56.78 91.85
CA ARG W 201 73.33 -55.64 91.84
C ARG W 201 72.76 -55.44 90.44
N VAL W 202 71.48 -55.12 90.38
CA VAL W 202 70.77 -54.87 89.13
C VAL W 202 70.35 -53.41 89.11
N LEU W 203 70.82 -52.66 88.12
CA LEU W 203 70.43 -51.28 87.94
C LEU W 203 69.74 -51.12 86.59
N THR W 204 68.90 -50.10 86.47
CA THR W 204 68.10 -49.92 85.26
C THR W 204 67.99 -48.44 84.92
N ARG W 205 67.54 -48.19 83.69
CA ARG W 205 67.09 -46.90 83.24
C ARG W 205 66.21 -47.13 82.02
N PRO W 206 65.22 -46.27 81.77
CA PRO W 206 64.34 -46.51 80.63
C PRO W 206 65.09 -46.26 79.32
N SER W 207 64.78 -47.07 78.32
CA SER W 207 65.26 -46.80 76.98
C SER W 207 64.64 -45.50 76.46
N PRO W 208 65.23 -44.90 75.41
CA PRO W 208 64.64 -43.67 74.88
C PRO W 208 63.22 -43.84 74.37
N ASP W 209 62.84 -45.04 73.94
CA ASP W 209 61.49 -45.29 73.44
C ASP W 209 60.48 -45.56 74.54
N PHE W 210 60.89 -45.63 75.80
CA PHE W 210 59.95 -45.82 76.89
C PHE W 210 59.21 -44.51 77.17
N ASP W 211 57.91 -44.62 77.46
CA ASP W 211 57.14 -43.44 77.80
C ASP W 211 55.87 -43.84 78.54
N PHE W 212 55.41 -42.97 79.44
CA PHE W 212 54.13 -43.15 80.10
C PHE W 212 53.03 -42.57 79.22
N ILE W 213 51.79 -42.95 79.48
CA ILE W 213 50.76 -42.60 78.50
C ILE W 213 49.63 -41.70 78.98
N PHE W 214 48.90 -42.08 80.03
CA PHE W 214 47.74 -41.29 80.41
C PHE W 214 47.83 -40.85 81.87
N LEU W 215 47.79 -39.54 82.09
CA LEU W 215 47.84 -38.97 83.43
C LEU W 215 46.55 -39.27 84.18
N VAL W 216 46.68 -39.80 85.39
CA VAL W 216 45.53 -40.26 86.18
C VAL W 216 45.78 -40.00 87.67
N PRO W 217 44.75 -40.02 88.52
CA PRO W 217 44.93 -39.75 89.96
C PRO W 217 45.93 -40.70 90.59
N PRO W 218 46.92 -40.16 91.31
CA PRO W 218 48.14 -40.93 91.60
C PRO W 218 47.99 -42.06 92.62
N THR W 219 47.16 -41.94 93.65
CA THR W 219 47.12 -43.00 94.65
C THR W 219 45.96 -43.99 94.46
N VAL W 220 45.22 -43.88 93.36
CA VAL W 220 44.02 -44.71 93.18
C VAL W 220 44.38 -46.12 92.68
N GLU W 221 45.25 -46.22 91.68
CA GLU W 221 45.53 -47.51 91.05
C GLU W 221 46.24 -48.45 92.02
N SER W 222 45.64 -49.63 92.21
CA SER W 222 46.15 -50.59 93.20
C SER W 222 47.51 -51.16 92.83
N ARG W 223 47.73 -51.54 91.57
CA ARG W 223 48.95 -52.26 91.20
C ARG W 223 50.21 -51.41 91.29
N THR W 224 50.09 -50.10 91.41
CA THR W 224 51.26 -49.23 91.50
C THR W 224 51.64 -48.93 92.93
N LYS W 225 50.84 -49.38 93.91
CA LYS W 225 51.12 -49.11 95.30
C LYS W 225 52.42 -49.80 95.71
N PRO W 226 53.39 -49.08 96.27
CA PRO W 226 54.64 -49.72 96.68
C PRO W 226 54.59 -50.32 98.08
N PHE W 227 55.36 -51.39 98.25
CA PHE W 227 55.41 -52.12 99.51
C PHE W 227 56.37 -51.46 100.48
N THR W 228 55.96 -51.39 101.74
CA THR W 228 56.79 -50.85 102.81
C THR W 228 56.58 -51.68 104.07
N VAL W 229 57.44 -51.45 105.05
CA VAL W 229 57.38 -52.16 106.33
C VAL W 229 57.42 -51.13 107.44
N PRO W 230 56.50 -51.20 108.41
CA PRO W 230 56.41 -50.12 109.41
C PRO W 230 57.70 -49.92 110.17
N ILE W 231 57.98 -48.65 110.49
CA ILE W 231 59.20 -48.28 111.21
C ILE W 231 59.14 -48.55 112.70
N LEU W 232 58.01 -49.08 113.19
CA LEU W 232 57.86 -49.30 114.63
C LEU W 232 58.91 -50.27 115.16
N THR W 233 59.29 -50.07 116.42
CA THR W 233 60.23 -50.91 117.14
C THR W 233 59.51 -52.15 117.66
N VAL W 234 60.28 -53.23 117.88
CA VAL W 234 59.72 -54.46 118.42
C VAL W 234 58.97 -54.20 119.72
N GLU W 235 59.58 -53.46 120.65
CA GLU W 235 58.93 -53.18 121.93
C GLU W 235 57.63 -52.40 121.76
N GLU W 236 57.54 -51.56 120.73
CA GLU W 236 56.33 -50.76 120.52
C GLU W 236 55.21 -51.53 119.83
N MET W 237 55.44 -52.77 119.42
CA MET W 237 54.44 -53.57 118.76
C MET W 237 53.87 -54.59 119.74
N THR W 238 52.91 -55.38 119.27
CA THR W 238 52.14 -56.28 120.12
C THR W 238 52.07 -57.64 119.45
N ASN W 239 51.95 -58.68 120.28
CA ASN W 239 51.81 -60.03 119.74
C ASN W 239 50.47 -60.19 119.04
N SER W 240 50.47 -60.97 117.97
CA SER W 240 49.29 -61.19 117.15
C SER W 240 48.54 -62.45 117.53
N ARG W 241 49.04 -63.17 118.55
CA ARG W 241 48.43 -64.41 119.00
C ARG W 241 47.85 -64.32 120.41
N PHE W 242 48.09 -63.21 121.11
CA PHE W 242 47.54 -62.96 122.44
C PHE W 242 47.67 -61.48 122.71
N PRO W 243 46.67 -60.84 123.31
CA PRO W 243 46.70 -59.37 123.43
C PRO W 243 47.75 -58.87 124.40
N ILE W 244 49.02 -59.06 124.06
CA ILE W 244 50.14 -58.63 124.90
C ILE W 244 51.25 -58.10 124.01
N PRO W 245 52.10 -57.22 124.56
CA PRO W 245 53.20 -56.66 123.76
C PRO W 245 54.25 -57.69 123.42
N LEU W 246 55.04 -57.37 122.38
CA LEU W 246 56.21 -58.15 122.03
C LEU W 246 57.35 -57.83 122.97
N GLU W 247 58.31 -58.73 123.05
CA GLU W 247 59.41 -58.52 123.98
C GLU W 247 60.79 -58.78 123.36
N LYS W 248 60.94 -59.85 122.59
CA LYS W 248 62.22 -60.16 121.98
C LYS W 248 62.00 -60.84 120.63
N LEU W 249 63.09 -60.93 119.87
CA LEU W 249 63.12 -61.70 118.63
C LEU W 249 63.83 -63.02 118.90
N PHE W 250 63.25 -64.11 118.41
CA PHE W 250 63.80 -65.43 118.65
C PHE W 250 63.84 -66.23 117.36
N THR W 251 64.96 -66.92 117.13
CA THR W 251 65.07 -67.90 116.05
C THR W 251 65.41 -69.25 116.66
N GLY W 252 64.82 -70.31 116.11
CA GLY W 252 65.12 -71.66 116.50
C GLY W 252 64.72 -72.68 115.45
N PRO W 253 65.25 -73.89 115.54
CA PRO W 253 64.81 -74.95 114.63
C PRO W 253 63.40 -75.40 114.94
N SER W 254 62.69 -75.79 113.88
CA SER W 254 61.27 -76.16 113.97
C SER W 254 61.02 -77.56 113.44
N GLY W 255 62.05 -78.42 113.40
CA GLY W 255 61.87 -79.73 112.81
C GLY W 255 60.98 -80.65 113.64
N ALA W 256 61.07 -80.55 114.96
CA ALA W 256 60.32 -81.46 115.83
C ALA W 256 58.82 -81.19 115.73
N PHE W 257 58.43 -79.94 115.93
CA PHE W 257 57.05 -79.51 116.06
C PHE W 257 56.56 -78.93 114.73
N VAL W 258 55.28 -78.60 114.68
CA VAL W 258 54.64 -78.06 113.46
C VAL W 258 54.18 -76.63 113.68
N VAL W 259 54.79 -75.69 112.97
CA VAL W 259 54.50 -74.27 113.11
C VAL W 259 53.32 -73.95 112.21
N GLN W 260 52.12 -73.89 112.78
CA GLN W 260 50.94 -73.63 111.95
C GLN W 260 49.93 -72.74 112.67
N PRO W 261 50.34 -71.59 113.20
CA PRO W 261 49.38 -70.72 113.90
C PRO W 261 48.28 -70.24 112.97
N GLN W 262 47.15 -69.87 113.57
CA GLN W 262 46.04 -69.32 112.79
C GLN W 262 45.72 -67.86 113.12
N ASN W 263 46.35 -67.28 114.12
CA ASN W 263 46.26 -65.85 114.38
C ASN W 263 47.56 -65.17 113.98
N GLY W 264 47.45 -63.89 113.63
CA GLY W 264 48.62 -63.18 113.13
C GLY W 264 49.19 -63.81 111.88
N ARG W 265 48.33 -64.20 110.95
CA ARG W 265 48.72 -64.73 109.67
C ARG W 265 48.17 -63.85 108.56
N CYS W 266 49.06 -63.15 107.85
CA CYS W 266 48.64 -62.22 106.81
C CYS W 266 49.71 -62.16 105.74
N THR W 267 49.25 -62.03 104.49
CA THR W 267 50.12 -61.97 103.33
C THR W 267 50.56 -60.54 103.04
N THR W 268 51.73 -60.43 102.39
CA THR W 268 52.31 -59.14 102.06
C THR W 268 51.35 -58.20 101.32
N ASP W 269 50.51 -58.73 100.44
CA ASP W 269 49.52 -57.89 99.76
C ASP W 269 48.18 -57.80 100.50
N GLY W 270 48.14 -58.18 101.77
CA GLY W 270 47.04 -57.81 102.64
C GLY W 270 45.85 -58.74 102.69
N VAL W 271 46.02 -60.01 102.34
CA VAL W 271 44.96 -61.01 102.46
C VAL W 271 45.10 -61.68 103.82
N LEU W 272 44.08 -61.55 104.66
CA LEU W 272 44.07 -62.21 105.95
C LEU W 272 43.79 -63.70 105.78
N LEU W 273 44.36 -64.49 106.67
CA LEU W 273 44.29 -65.95 106.56
C LEU W 273 43.88 -66.54 107.90
N GLY W 274 43.39 -67.78 107.85
CA GLY W 274 43.04 -68.49 109.07
C GLY W 274 41.98 -67.75 109.85
N THR W 275 42.20 -67.59 111.14
CA THR W 275 41.30 -66.86 112.03
C THR W 275 41.77 -65.44 112.28
N THR W 276 42.60 -64.88 111.40
CA THR W 276 43.25 -63.61 111.66
C THR W 276 42.32 -62.43 111.39
N GLN W 277 42.33 -61.47 112.31
CA GLN W 277 41.47 -60.30 112.27
C GLN W 277 42.33 -59.10 112.66
N LEU W 278 41.73 -57.91 112.63
CA LEU W 278 42.54 -56.70 112.69
C LEU W 278 42.71 -56.13 114.09
N SER W 279 41.77 -56.39 115.01
CA SER W 279 41.85 -55.74 116.31
C SER W 279 42.88 -56.43 117.19
N PRO W 280 43.85 -55.69 117.74
CA PRO W 280 44.85 -56.33 118.62
C PRO W 280 44.32 -56.69 120.00
N VAL W 281 43.09 -56.29 120.33
CA VAL W 281 42.51 -56.54 121.65
C VAL W 281 41.60 -57.77 121.60
N ASN W 282 41.01 -58.01 120.42
CA ASN W 282 40.06 -59.09 120.21
C ASN W 282 40.72 -60.41 119.85
N ILE W 283 41.96 -60.63 120.29
CA ILE W 283 42.73 -61.75 119.77
C ILE W 283 42.42 -63.05 120.51
N CYS W 284 42.16 -63.01 121.81
CA CYS W 284 41.67 -64.19 122.53
C CYS W 284 40.39 -63.87 123.29
N THR W 285 39.45 -63.25 122.60
CA THR W 285 38.21 -62.79 123.21
C THR W 285 37.06 -63.69 122.77
N PHE W 286 36.01 -63.73 123.58
CA PHE W 286 34.76 -64.39 123.23
C PHE W 286 33.61 -63.51 123.68
N ARG W 287 32.57 -63.42 122.84
CA ARG W 287 31.37 -62.65 123.15
C ARG W 287 30.14 -63.48 122.83
N GLY W 288 29.16 -63.46 123.72
CA GLY W 288 27.93 -64.18 123.47
C GLY W 288 27.07 -64.29 124.72
N ASP W 289 26.08 -65.16 124.63
CA ASP W 289 25.15 -65.45 125.70
C ASP W 289 25.59 -66.69 126.45
N VAL W 290 25.34 -66.71 127.76
CA VAL W 290 25.91 -67.72 128.64
C VAL W 290 24.79 -68.51 129.31
N THR W 291 25.10 -69.77 129.61
CA THR W 291 24.14 -70.74 130.14
C THR W 291 24.83 -71.54 131.23
N HIS W 292 24.15 -71.73 132.36
CA HIS W 292 24.71 -72.54 133.43
C HIS W 292 24.55 -74.02 133.13
N ILE W 293 25.55 -74.81 133.52
CA ILE W 293 25.49 -76.27 133.46
C ILE W 293 25.20 -76.79 134.87
N ALA W 294 24.07 -77.48 135.01
CA ALA W 294 23.54 -77.81 136.32
C ALA W 294 24.51 -78.68 137.11
N GLY W 295 24.76 -78.28 138.36
CA GLY W 295 25.57 -79.06 139.27
C GLY W 295 27.06 -78.75 139.26
N THR W 296 27.51 -77.82 138.42
CA THR W 296 28.92 -77.53 138.25
C THR W 296 29.16 -76.03 138.43
N HIS W 297 30.44 -75.64 138.37
CA HIS W 297 30.83 -74.25 138.21
C HIS W 297 31.13 -73.92 136.76
N ASP W 298 30.63 -74.73 135.83
CA ASP W 298 30.88 -74.60 134.40
C ASP W 298 29.72 -73.88 133.73
N TYR W 299 30.04 -73.11 132.69
CA TYR W 299 29.04 -72.45 131.86
C TYR W 299 29.33 -72.73 130.39
N THR W 300 28.26 -72.79 129.60
CA THR W 300 28.35 -72.94 128.16
C THR W 300 27.96 -71.62 127.51
N MET W 301 28.83 -71.13 126.62
CA MET W 301 28.63 -69.84 125.96
C MET W 301 28.28 -70.07 124.49
N ASN W 302 27.14 -69.54 124.08
CA ASN W 302 26.74 -69.52 122.67
C ASN W 302 27.30 -68.27 122.01
N LEU W 303 28.11 -68.46 120.98
CA LEU W 303 29.00 -67.43 120.48
C LEU W 303 28.30 -66.51 119.49
N ALA W 304 28.46 -65.21 119.67
CA ALA W 304 28.30 -64.23 118.60
C ALA W 304 29.67 -63.74 118.14
N SER W 305 29.67 -63.02 117.03
CA SER W 305 30.91 -62.51 116.46
C SER W 305 31.50 -61.43 117.37
N GLN W 306 32.75 -61.04 117.06
CA GLN W 306 33.43 -60.04 117.88
C GLN W 306 32.70 -58.70 117.83
N ASN W 307 31.99 -58.45 116.74
CA ASN W 307 31.15 -57.26 116.57
C ASN W 307 29.77 -57.44 117.18
N TRP W 308 29.58 -58.48 118.00
CA TRP W 308 28.27 -58.99 118.41
C TRP W 308 27.35 -59.28 117.22
N ASN W 309 27.91 -59.43 116.03
CA ASN W 309 27.20 -60.04 114.92
C ASN W 309 26.89 -61.50 115.24
N ASN W 310 25.81 -62.01 114.68
CA ASN W 310 25.55 -63.44 114.78
C ASN W 310 26.63 -64.21 114.04
N TYR W 311 26.95 -65.40 114.54
CA TYR W 311 28.01 -66.23 113.97
C TYR W 311 27.45 -67.24 112.98
N ASP W 312 28.07 -67.30 111.80
CA ASP W 312 27.68 -68.23 110.75
C ASP W 312 28.75 -69.32 110.65
N PRO W 313 28.47 -70.56 111.04
CA PRO W 313 29.49 -71.61 110.97
C PRO W 313 29.79 -72.11 109.55
N THR W 314 29.09 -71.62 108.53
CA THR W 314 29.31 -72.07 107.16
C THR W 314 30.37 -71.25 106.44
N GLU W 315 30.91 -70.21 107.09
CA GLU W 315 31.91 -69.36 106.45
C GLU W 315 33.17 -70.16 106.16
N GLU W 316 33.93 -69.70 105.15
CA GLU W 316 35.12 -70.42 104.72
C GLU W 316 36.30 -70.10 105.63
N ILE W 317 36.11 -70.25 106.93
CA ILE W 317 37.11 -69.90 107.94
C ILE W 317 37.24 -71.15 108.82
N PRO W 318 38.40 -71.43 109.43
CA PRO W 318 38.48 -72.59 110.33
C PRO W 318 37.71 -72.40 111.64
N ALA W 319 37.44 -71.16 112.06
CA ALA W 319 36.78 -70.87 113.32
C ALA W 319 36.43 -69.38 113.35
N PRO W 320 35.63 -68.91 114.31
CA PRO W 320 35.39 -67.47 114.40
C PRO W 320 36.71 -66.71 114.59
N LEU W 321 36.77 -65.52 114.00
CA LEU W 321 38.03 -64.79 113.95
C LEU W 321 38.49 -64.43 115.35
N GLY W 322 39.75 -64.71 115.65
CA GLY W 322 40.29 -64.49 116.97
C GLY W 322 40.21 -65.68 117.90
N THR W 323 39.73 -66.83 117.43
CA THR W 323 39.71 -68.01 118.27
C THR W 323 41.14 -68.41 118.61
N PRO W 324 41.45 -68.73 119.86
CA PRO W 324 42.81 -69.14 120.22
C PRO W 324 43.33 -70.25 119.32
N ASP W 325 44.63 -70.20 119.03
CA ASP W 325 45.26 -71.10 118.08
C ASP W 325 46.32 -71.98 118.74
N PHE W 326 46.13 -72.30 120.02
CA PHE W 326 47.00 -73.21 120.74
C PHE W 326 46.16 -73.96 121.77
N VAL W 327 46.67 -75.10 122.22
CA VAL W 327 45.99 -75.88 123.24
C VAL W 327 46.54 -75.49 124.61
N GLY W 328 45.64 -75.15 125.51
CA GLY W 328 46.03 -74.71 126.84
C GLY W 328 44.82 -74.17 127.57
N LYS W 329 45.04 -73.80 128.82
CA LYS W 329 43.99 -73.23 129.65
C LYS W 329 44.24 -71.74 129.79
N ILE W 330 43.32 -70.94 129.25
CA ILE W 330 43.43 -69.49 129.29
C ILE W 330 42.51 -68.98 130.40
N GLN W 331 43.10 -68.30 131.38
CA GLN W 331 42.34 -67.72 132.47
C GLN W 331 42.12 -66.23 132.23
N GLY W 332 40.91 -65.77 132.50
CA GLY W 332 40.56 -64.37 132.37
C GLY W 332 39.41 -64.02 133.27
N VAL W 333 38.48 -63.21 132.76
CA VAL W 333 37.34 -62.74 133.54
C VAL W 333 36.15 -62.65 132.60
N LEU W 334 35.03 -63.24 133.00
CA LEU W 334 33.76 -63.04 132.31
C LEU W 334 33.07 -61.82 132.90
N THR W 335 32.59 -60.94 132.02
CA THR W 335 31.90 -59.72 132.42
C THR W 335 30.55 -59.65 131.74
N GLN W 336 29.57 -59.12 132.46
CA GLN W 336 28.19 -59.18 132.02
C GLN W 336 27.47 -57.93 132.49
N THR W 337 26.50 -57.48 131.69
CA THR W 337 25.74 -56.28 132.02
C THR W 337 24.27 -56.55 131.72
N THR W 338 23.39 -56.18 132.67
CA THR W 338 21.96 -56.34 132.49
C THR W 338 21.41 -55.10 131.79
N ARG W 339 20.70 -55.32 130.69
CA ARG W 339 20.28 -54.24 129.81
C ARG W 339 19.29 -53.28 130.47
N GLY W 340 18.45 -53.77 131.38
CA GLY W 340 17.42 -52.92 131.97
C GLY W 340 17.87 -51.97 133.06
N ASP W 341 18.65 -52.44 134.03
CA ASP W 341 19.07 -51.60 135.15
C ASP W 341 20.53 -51.17 135.09
N GLY W 342 21.34 -51.81 134.26
CA GLY W 342 22.77 -51.54 134.23
C GLY W 342 23.58 -52.20 135.33
N SER W 343 23.04 -53.23 135.98
CA SER W 343 23.81 -54.02 136.93
C SER W 343 24.88 -54.80 136.17
N THR W 344 26.05 -54.94 136.79
CA THR W 344 27.19 -55.58 136.14
C THR W 344 27.83 -56.61 137.06
N ARG W 345 28.30 -57.72 136.45
CA ARG W 345 28.88 -58.85 137.15
C ARG W 345 30.18 -59.27 136.50
N GLY W 346 31.17 -59.63 137.32
CA GLY W 346 32.45 -60.09 136.81
C GLY W 346 33.05 -61.21 137.62
N HIS W 347 33.38 -62.32 136.97
CA HIS W 347 33.79 -63.54 137.67
C HIS W 347 34.98 -64.20 137.00
N LYS W 348 35.99 -64.54 137.80
CA LYS W 348 37.12 -65.35 137.37
C LYS W 348 36.63 -66.58 136.60
N ALA W 349 37.22 -66.80 135.42
CA ALA W 349 36.79 -67.90 134.56
C ALA W 349 37.98 -68.40 133.76
N THR W 350 37.86 -69.62 133.26
CA THR W 350 38.96 -70.26 132.54
C THR W 350 38.38 -71.16 131.46
N VAL W 351 38.94 -71.07 130.26
CA VAL W 351 38.59 -71.91 129.13
C VAL W 351 39.78 -72.79 128.78
N SER W 352 39.53 -74.08 128.65
CA SER W 352 40.54 -75.02 128.17
C SER W 352 40.25 -75.31 126.70
N THR W 353 41.17 -74.93 125.82
CA THR W 353 40.98 -75.11 124.40
C THR W 353 41.17 -76.55 123.94
N GLY W 354 41.81 -77.38 124.76
CA GLY W 354 41.91 -78.79 124.43
C GLY W 354 40.74 -79.62 124.90
N SER W 355 39.86 -79.01 125.70
CA SER W 355 38.68 -79.68 126.19
C SER W 355 37.78 -80.15 125.05
N VAL W 356 37.06 -81.24 125.29
CA VAL W 356 36.15 -81.79 124.29
C VAL W 356 34.99 -80.84 124.01
N HIS W 357 34.72 -79.91 124.92
CA HIS W 357 33.63 -78.96 124.78
C HIS W 357 34.08 -77.63 124.19
N PHE W 358 35.35 -77.51 123.79
CA PHE W 358 35.84 -76.34 123.08
C PHE W 358 35.56 -76.55 121.59
N THR W 359 34.39 -76.08 121.15
CA THR W 359 33.93 -76.25 119.78
C THR W 359 33.47 -74.90 119.22
N PRO W 360 34.39 -73.96 118.99
CA PRO W 360 33.96 -72.64 118.53
C PRO W 360 33.52 -72.63 117.08
N LYS W 361 34.03 -73.53 116.24
CA LYS W 361 33.53 -73.61 114.87
C LYS W 361 32.05 -73.99 114.85
N LEU W 362 31.61 -74.78 115.83
CA LEU W 362 30.21 -75.18 115.94
C LEU W 362 29.37 -74.16 116.69
N GLY W 363 30.00 -73.26 117.44
CA GLY W 363 29.29 -72.12 118.01
C GLY W 363 29.25 -72.05 119.52
N SER W 364 29.95 -72.96 120.22
CA SER W 364 29.85 -73.02 121.66
C SER W 364 31.22 -73.26 122.27
N VAL W 365 31.47 -72.62 123.41
CA VAL W 365 32.70 -72.81 124.17
C VAL W 365 32.33 -72.89 125.65
N GLN W 366 33.13 -73.63 126.42
CA GLN W 366 32.83 -73.89 127.82
C GLN W 366 33.87 -73.25 128.73
N PHE W 367 33.40 -72.50 129.73
CA PHE W 367 34.23 -71.90 130.76
C PHE W 367 33.98 -72.59 132.09
N THR W 368 34.99 -72.56 132.96
CA THR W 368 34.84 -72.92 134.36
C THR W 368 35.02 -71.67 135.21
N THR W 369 34.02 -71.36 136.02
CA THR W 369 33.94 -70.08 136.72
C THR W 369 34.06 -70.31 138.23
N ASP W 370 33.96 -69.20 138.98
CA ASP W 370 34.01 -69.24 140.43
C ASP W 370 32.64 -69.11 141.08
N THR W 371 31.55 -69.27 140.33
CA THR W 371 30.20 -69.31 140.87
C THR W 371 29.34 -70.21 140.00
N ASN W 372 28.25 -70.71 140.60
CA ASN W 372 27.21 -71.40 139.86
C ASN W 372 25.94 -70.57 139.77
N ASN W 373 25.97 -69.35 140.28
CA ASN W 373 24.93 -68.34 140.08
C ASN W 373 25.61 -67.03 139.68
N ASP W 374 24.86 -65.94 139.66
CA ASP W 374 25.37 -64.60 139.29
C ASP W 374 25.82 -64.53 137.83
N LEU W 375 25.22 -65.32 136.94
CA LEU W 375 25.40 -65.14 135.50
C LEU W 375 24.06 -65.32 134.81
N GLU W 376 23.45 -64.22 134.35
CA GLU W 376 22.13 -64.28 133.77
C GLU W 376 22.17 -65.01 132.42
N THR W 377 21.01 -65.48 131.99
CA THR W 377 20.92 -66.30 130.79
C THR W 377 20.77 -65.47 129.51
N GLY W 378 20.10 -64.32 129.59
CA GLY W 378 19.81 -63.52 128.42
C GLY W 378 20.76 -62.38 128.13
N GLN W 379 21.77 -62.15 128.97
CA GLN W 379 22.64 -60.99 128.83
C GLN W 379 23.89 -61.34 128.05
N ASN W 380 24.42 -60.35 127.34
CA ASN W 380 25.66 -60.52 126.59
C ASN W 380 26.84 -60.57 127.55
N THR W 381 27.77 -61.49 127.26
CA THR W 381 28.88 -61.76 128.16
C THR W 381 30.17 -61.77 127.37
N LYS W 382 31.21 -61.15 127.93
CA LYS W 382 32.50 -61.01 127.29
C LYS W 382 33.58 -61.66 128.14
N PHE W 383 34.39 -62.52 127.52
CA PHE W 383 35.57 -63.06 128.17
C PHE W 383 36.77 -62.20 127.80
N THR W 384 37.36 -61.54 128.78
CA THR W 384 38.58 -60.79 128.58
C THR W 384 39.77 -61.64 129.01
N PRO W 385 40.67 -62.00 128.10
CA PRO W 385 41.79 -62.87 128.49
C PRO W 385 42.81 -62.13 129.33
N VAL W 386 43.51 -62.88 130.17
CA VAL W 386 44.49 -62.30 131.08
C VAL W 386 45.80 -63.07 130.98
N GLY W 387 45.71 -64.39 131.04
CA GLY W 387 46.91 -65.20 131.08
C GLY W 387 46.60 -66.66 130.88
N VAL W 388 47.65 -67.47 131.04
CA VAL W 388 47.58 -68.90 130.82
C VAL W 388 47.96 -69.60 132.12
N VAL W 389 47.43 -70.81 132.31
CA VAL W 389 47.65 -71.57 133.54
C VAL W 389 48.08 -73.00 133.17
N GLN W 390 48.63 -73.69 134.16
CA GLN W 390 49.20 -75.01 133.99
C GLN W 390 48.80 -75.92 135.14
N ASP W 391 48.45 -77.16 134.81
CA ASP W 391 48.16 -78.15 135.84
C ASP W 391 49.48 -78.51 136.53
N GLY W 392 49.63 -78.09 137.78
CA GLY W 392 50.93 -78.11 138.44
C GLY W 392 51.45 -79.49 138.75
N ASN W 393 50.60 -80.51 138.71
CA ASN W 393 51.00 -81.88 139.00
C ASN W 393 51.53 -82.63 137.78
N SER W 394 51.28 -82.14 136.56
CA SER W 394 51.84 -82.76 135.37
C SER W 394 53.21 -82.16 135.09
N ALA W 395 53.83 -82.57 133.98
CA ALA W 395 55.19 -82.15 133.68
C ALA W 395 55.27 -80.63 133.59
N HIS W 396 56.32 -80.08 134.20
CA HIS W 396 56.48 -78.63 134.28
C HIS W 396 56.73 -78.02 132.89
N GLN W 397 56.02 -76.92 132.62
CA GLN W 397 56.18 -76.15 131.38
C GLN W 397 55.76 -76.92 130.13
N ASN W 398 54.70 -77.72 130.23
CA ASN W 398 54.26 -78.52 129.10
C ASN W 398 52.79 -78.31 128.72
N GLU W 399 52.04 -77.52 129.48
CA GLU W 399 50.58 -77.51 129.27
C GLU W 399 50.23 -76.64 128.07
N PRO W 400 50.65 -75.36 128.01
CA PRO W 400 50.26 -74.57 126.84
C PRO W 400 51.18 -74.91 125.68
N GLN W 401 50.68 -75.72 124.74
CA GLN W 401 51.46 -76.16 123.58
C GLN W 401 51.16 -75.21 122.43
N GLN W 402 52.00 -74.19 122.27
CA GLN W 402 51.67 -73.10 121.37
C GLN W 402 51.62 -73.57 119.92
N TRP W 403 52.37 -74.62 119.58
CA TRP W 403 52.42 -75.14 118.21
C TRP W 403 51.53 -76.36 118.02
N VAL W 404 50.57 -76.57 118.92
CA VAL W 404 49.54 -77.60 118.76
C VAL W 404 48.21 -76.89 118.54
N LEU W 405 47.60 -77.13 117.39
CA LEU W 405 46.32 -76.46 117.15
C LEU W 405 45.20 -77.15 117.91
N PRO W 406 44.29 -76.39 118.51
CA PRO W 406 43.07 -76.99 119.05
C PRO W 406 42.23 -77.59 117.93
N ASN W 407 41.25 -78.40 118.33
CA ASN W 407 40.29 -78.98 117.40
C ASN W 407 39.06 -78.08 117.41
N TYR W 408 38.92 -77.25 116.38
CA TYR W 408 37.94 -76.17 116.40
C TYR W 408 36.51 -76.70 116.45
N SER W 409 36.29 -77.94 116.04
CA SER W 409 34.98 -78.56 116.13
C SER W 409 34.98 -79.72 117.11
N GLY W 410 35.90 -79.71 118.07
CA GLY W 410 36.04 -80.80 119.02
C GLY W 410 36.07 -82.16 118.36
N ARG W 411 35.44 -83.13 119.01
CA ARG W 411 35.42 -84.51 118.50
C ARG W 411 34.69 -84.62 117.17
N THR W 412 33.83 -83.66 116.83
CA THR W 412 33.05 -83.69 115.59
C THR W 412 33.94 -83.20 114.45
N GLY W 413 34.51 -84.14 113.70
CA GLY W 413 35.31 -83.79 112.54
C GLY W 413 36.63 -83.09 112.87
N HIS W 414 37.28 -82.63 111.81
CA HIS W 414 38.60 -82.01 111.86
C HIS W 414 38.57 -80.58 111.32
N ASN W 415 39.71 -79.90 111.51
CA ASN W 415 39.92 -78.54 111.02
C ASN W 415 39.82 -78.52 109.50
N VAL W 416 39.34 -77.41 108.95
CA VAL W 416 38.89 -77.35 107.56
C VAL W 416 39.65 -76.32 106.75
N HIS W 417 39.69 -75.07 107.21
CA HIS W 417 40.30 -74.02 106.40
C HIS W 417 41.54 -73.41 107.03
N LEU W 418 42.52 -74.24 107.37
CA LEU W 418 43.68 -73.78 108.11
C LEU W 418 44.62 -73.00 107.19
N ALA W 419 45.28 -72.00 107.78
CA ALA W 419 46.42 -71.39 107.12
C ALA W 419 47.56 -72.40 107.04
N PRO W 420 48.35 -72.35 105.97
CA PRO W 420 49.35 -73.41 105.74
C PRO W 420 50.39 -73.44 106.84
N ALA W 421 51.06 -74.58 106.96
CA ALA W 421 52.19 -74.67 107.87
C ALA W 421 53.40 -73.95 107.28
N VAL W 422 54.40 -73.73 108.13
CA VAL W 422 55.49 -72.81 107.83
C VAL W 422 56.79 -73.48 108.25
N ALA W 423 57.78 -73.46 107.36
CA ALA W 423 59.09 -74.06 107.66
C ALA W 423 60.12 -73.38 106.78
N PRO W 424 61.37 -73.28 107.25
CA PRO W 424 62.44 -72.78 106.37
C PRO W 424 62.72 -73.74 105.23
N THR W 425 62.93 -73.17 104.04
CA THR W 425 63.15 -73.95 102.83
C THR W 425 64.55 -73.84 102.26
N PHE W 426 65.33 -72.85 102.67
CA PHE W 426 66.67 -72.63 102.14
C PHE W 426 67.72 -73.13 103.13
N PRO W 427 68.76 -73.79 102.64
CA PRO W 427 69.81 -74.31 103.53
C PRO W 427 70.41 -73.24 104.42
N GLY W 428 70.53 -73.56 105.70
CA GLY W 428 71.13 -72.67 106.67
C GLY W 428 70.14 -71.74 107.36
N GLU W 429 68.86 -71.82 107.02
CA GLU W 429 67.87 -70.84 107.44
C GLU W 429 66.91 -71.43 108.48
N GLN W 430 66.50 -70.59 109.42
CA GLN W 430 65.48 -70.92 110.40
C GLN W 430 64.44 -69.81 110.44
N LEU W 431 63.25 -70.16 110.94
CA LEU W 431 62.23 -69.15 111.18
C LEU W 431 62.74 -68.08 112.16
N LEU W 432 62.23 -66.87 111.99
CA LEU W 432 62.43 -65.78 112.94
C LEU W 432 61.11 -65.47 113.61
N PHE W 433 61.06 -65.59 114.93
CA PHE W 433 59.82 -65.47 115.68
C PHE W 433 59.82 -64.16 116.47
N PHE W 434 58.65 -63.53 116.54
CA PHE W 434 58.44 -62.37 117.41
C PHE W 434 57.90 -62.89 118.73
N ARG W 435 58.72 -62.83 119.78
CA ARG W 435 58.46 -63.55 121.02
C ARG W 435 57.93 -62.63 122.10
N SER W 436 56.84 -63.04 122.71
CA SER W 436 56.15 -62.32 123.77
C SER W 436 56.00 -63.29 124.94
N THR W 437 55.92 -62.74 126.15
CA THR W 437 55.82 -63.57 127.35
C THR W 437 54.41 -63.45 127.93
N MET W 438 53.69 -64.56 127.95
CA MET W 438 52.32 -64.56 128.44
C MET W 438 52.31 -64.45 129.96
N PRO W 439 51.37 -63.71 130.52
CA PRO W 439 51.18 -63.76 131.98
C PRO W 439 50.73 -65.15 132.41
N GLY W 440 51.33 -65.65 133.48
CA GLY W 440 50.88 -66.87 134.14
C GLY W 440 49.97 -66.53 135.31
N CYS W 441 48.89 -67.30 135.45
CA CYS W 441 47.93 -67.07 136.52
C CYS W 441 47.96 -68.15 137.59
N SER W 442 48.49 -69.33 137.30
CA SER W 442 48.52 -70.43 138.26
C SER W 442 49.40 -71.56 137.72
N GLY W 443 50.28 -72.10 138.56
CA GLY W 443 51.02 -73.28 138.19
C GLY W 443 52.35 -72.97 137.54
N TYR W 444 52.82 -73.87 136.67
CA TYR W 444 54.11 -73.76 135.99
C TYR W 444 53.91 -73.81 134.48
N PRO W 445 53.35 -72.76 133.89
CA PRO W 445 53.02 -72.79 132.47
C PRO W 445 54.20 -72.42 131.57
N ASN W 446 54.13 -72.90 130.34
CA ASN W 446 55.10 -72.52 129.31
C ASN W 446 54.68 -71.16 128.78
N MET W 447 55.34 -70.11 129.24
CA MET W 447 54.87 -68.75 129.01
C MET W 447 55.35 -68.18 127.67
N ASN W 448 56.10 -68.95 126.90
CA ASN W 448 56.67 -68.48 125.64
C ASN W 448 55.59 -68.42 124.57
N LEU W 449 55.45 -67.27 123.92
CA LEU W 449 54.51 -67.11 122.82
C LEU W 449 55.20 -66.48 121.62
N ASP W 450 55.29 -67.23 120.52
CA ASP W 450 55.90 -66.78 119.28
C ASP W 450 54.80 -66.57 118.24
N CYS W 451 54.81 -65.41 117.60
CA CYS W 451 53.99 -65.18 116.41
C CYS W 451 54.87 -64.91 115.20
N LEU W 452 54.31 -65.13 114.01
CA LEU W 452 55.08 -64.99 112.78
C LEU W 452 55.17 -63.55 112.32
N LEU W 453 54.15 -62.73 112.61
CA LEU W 453 54.09 -61.33 112.23
C LEU W 453 53.50 -60.53 113.38
N PRO W 454 54.08 -59.39 113.74
CA PRO W 454 53.42 -58.51 114.71
C PRO W 454 52.07 -58.05 114.20
N GLN W 455 51.16 -57.78 115.13
CA GLN W 455 49.81 -57.38 114.76
C GLN W 455 49.82 -56.08 113.96
N GLU W 456 50.71 -55.15 114.31
CA GLU W 456 50.82 -53.91 113.54
C GLU W 456 51.26 -54.17 112.10
N TRP W 457 52.11 -55.18 111.89
CA TRP W 457 52.46 -55.55 110.51
C TRP W 457 51.24 -56.09 109.77
N VAL W 458 50.40 -56.88 110.45
CA VAL W 458 49.16 -57.34 109.84
C VAL W 458 48.28 -56.15 109.47
N LEU W 459 48.08 -55.23 110.42
CA LEU W 459 47.31 -54.02 110.15
C LEU W 459 47.86 -53.27 108.94
N HIS W 460 49.19 -53.12 108.89
CA HIS W 460 49.82 -52.34 107.83
C HIS W 460 49.63 -53.02 106.48
N PHE W 461 49.98 -54.31 106.38
CA PHE W 461 49.85 -55.01 105.11
C PHE W 461 48.40 -54.98 104.61
N TYR W 462 47.45 -55.07 105.54
CA TYR W 462 46.03 -55.08 105.17
C TYR W 462 45.62 -53.77 104.51
N GLN W 463 46.06 -52.63 105.06
CA GLN W 463 45.58 -51.35 104.53
C GLN W 463 46.20 -51.02 103.18
N GLU W 464 47.50 -51.24 103.00
CA GLU W 464 48.14 -50.94 101.71
C GLU W 464 48.24 -52.26 100.94
N ALA W 465 47.31 -52.48 100.01
CA ALA W 465 47.23 -53.77 99.33
C ALA W 465 48.32 -53.85 98.26
N ALA W 466 49.56 -53.68 98.72
CA ALA W 466 50.70 -53.57 97.82
C ALA W 466 51.02 -54.91 97.16
N PRO W 467 51.01 -54.99 95.84
CA PRO W 467 51.37 -56.25 95.17
C PRO W 467 52.82 -56.64 95.43
N ALA W 468 53.03 -57.94 95.60
CA ALA W 468 54.37 -58.47 95.80
C ALA W 468 55.11 -58.53 94.47
N GLN W 469 56.28 -57.90 94.42
CA GLN W 469 57.07 -57.90 93.20
C GLN W 469 57.84 -59.19 93.01
N SER W 470 57.99 -59.96 94.09
CA SER W 470 58.56 -61.30 94.05
C SER W 470 58.12 -62.00 95.33
N ASP W 471 58.57 -63.23 95.51
CA ASP W 471 58.07 -64.00 96.65
C ASP W 471 58.73 -63.65 97.98
N VAL W 472 59.80 -62.86 97.98
CA VAL W 472 60.53 -62.57 99.21
C VAL W 472 60.94 -61.10 99.23
N ALA W 473 60.69 -60.43 100.35
CA ALA W 473 61.15 -59.08 100.58
C ALA W 473 62.35 -59.11 101.52
N LEU W 474 63.50 -58.65 101.03
CA LEU W 474 64.72 -58.62 101.84
C LEU W 474 64.68 -57.45 102.81
N LEU W 475 64.79 -57.74 104.09
CA LEU W 475 64.83 -56.71 105.12
C LEU W 475 66.18 -56.73 105.81
N ARG W 476 66.65 -55.54 106.20
CA ARG W 476 67.83 -55.40 107.03
C ARG W 476 67.45 -54.68 108.32
N PHE W 477 67.96 -55.19 109.45
CA PHE W 477 67.65 -54.64 110.76
C PHE W 477 68.77 -53.68 111.15
N VAL W 478 68.40 -52.43 111.41
CA VAL W 478 69.35 -51.33 111.52
C VAL W 478 69.25 -50.70 112.90
N ASN W 479 70.40 -50.36 113.47
CA ASN W 479 70.45 -49.52 114.66
C ASN W 479 70.55 -48.08 114.19
N PRO W 480 69.50 -47.27 114.34
CA PRO W 480 69.53 -45.92 113.74
C PRO W 480 70.53 -45.00 114.39
N ASP W 481 70.94 -45.26 115.63
CA ASP W 481 71.96 -44.44 116.27
C ASP W 481 73.30 -44.59 115.56
N THR W 482 73.73 -45.82 115.33
CA THR W 482 75.04 -46.12 114.77
C THR W 482 75.02 -46.27 113.25
N GLY W 483 73.85 -46.43 112.64
CA GLY W 483 73.74 -46.68 111.22
C GLY W 483 74.03 -48.10 110.79
N ARG W 484 74.34 -49.00 111.71
CA ARG W 484 74.84 -50.33 111.36
C ARG W 484 73.70 -51.32 111.17
N VAL W 485 73.91 -52.24 110.22
CA VAL W 485 72.97 -53.32 110.00
C VAL W 485 73.28 -54.45 110.97
N LEU W 486 72.27 -54.89 111.72
CA LEU W 486 72.47 -55.91 112.74
C LEU W 486 72.32 -57.31 112.17
N PHE W 487 71.30 -57.51 111.33
CA PHE W 487 71.15 -58.75 110.57
C PHE W 487 70.26 -58.44 109.37
N GLU W 488 70.24 -59.38 108.43
CA GLU W 488 69.29 -59.33 107.34
C GLU W 488 68.39 -60.54 107.42
N CYS W 489 67.17 -60.41 106.90
CA CYS W 489 66.19 -61.47 106.97
C CYS W 489 65.31 -61.42 105.73
N LYS W 490 64.56 -62.51 105.53
CA LYS W 490 63.68 -62.67 104.38
C LYS W 490 62.24 -62.64 104.84
N LEU W 491 61.48 -61.66 104.36
CA LEU W 491 60.03 -61.59 104.60
C LEU W 491 59.32 -62.21 103.39
N HIS W 492 58.70 -63.37 103.61
CA HIS W 492 58.00 -64.08 102.55
C HIS W 492 56.58 -63.52 102.39
N LYS W 493 56.06 -63.55 101.16
CA LYS W 493 54.71 -63.03 100.94
C LYS W 493 53.70 -63.71 101.87
N SER W 494 53.89 -65.00 102.13
CA SER W 494 52.96 -65.79 102.94
C SER W 494 52.86 -65.27 104.37
N GLY W 495 53.66 -64.27 104.72
CA GLY W 495 53.62 -63.71 106.05
C GLY W 495 54.44 -64.42 107.10
N TYR W 496 55.74 -64.60 106.83
CA TYR W 496 56.66 -65.10 107.84
C TYR W 496 58.07 -64.67 107.48
N VAL W 497 58.94 -64.70 108.48
CA VAL W 497 60.31 -64.20 108.33
C VAL W 497 61.28 -65.35 108.55
N THR W 498 62.43 -65.26 107.88
CA THR W 498 63.48 -66.26 107.98
C THR W 498 64.82 -65.56 108.18
N VAL W 499 65.75 -66.23 108.85
CA VAL W 499 67.09 -65.72 109.09
C VAL W 499 68.09 -66.86 108.92
N ALA W 500 69.36 -66.49 108.77
CA ALA W 500 70.45 -67.46 108.61
C ALA W 500 71.10 -67.71 109.97
N HIS W 501 70.70 -68.81 110.61
CA HIS W 501 71.22 -69.18 111.91
C HIS W 501 70.92 -70.65 112.15
N THR W 502 71.70 -71.26 113.04
CA THR W 502 71.53 -72.65 113.42
C THR W 502 71.56 -72.76 114.93
N GLY W 503 70.51 -73.33 115.51
CA GLY W 503 70.36 -73.40 116.94
C GLY W 503 69.44 -72.34 117.48
N PRO W 504 68.91 -72.55 118.68
CA PRO W 504 68.08 -71.52 119.31
C PRO W 504 68.91 -70.33 119.76
N HIS W 505 68.27 -69.16 119.74
CA HIS W 505 68.96 -67.91 120.07
C HIS W 505 67.95 -66.79 120.31
N ASP W 506 68.04 -66.14 121.47
CA ASP W 506 67.36 -64.88 121.68
C ASP W 506 68.22 -63.74 121.15
N LEU W 507 67.63 -62.90 120.31
CA LEU W 507 68.39 -61.84 119.67
C LEU W 507 68.64 -60.71 120.66
N VAL W 508 69.84 -60.12 120.59
CA VAL W 508 70.20 -58.96 121.39
C VAL W 508 69.99 -57.74 120.51
N ILE W 509 68.97 -56.96 120.81
CA ILE W 509 68.46 -55.93 119.91
C ILE W 509 68.58 -54.59 120.61
N PRO W 510 69.19 -53.59 119.98
CA PRO W 510 69.11 -52.22 120.50
C PRO W 510 67.67 -51.75 120.54
N PRO W 511 67.27 -51.07 121.61
CA PRO W 511 65.85 -50.69 121.76
C PRO W 511 65.34 -49.82 120.62
N ASN W 512 66.21 -49.22 119.82
CA ASN W 512 65.80 -48.36 118.72
C ASN W 512 65.78 -49.07 117.38
N GLY W 513 66.04 -50.37 117.34
CA GLY W 513 66.24 -51.03 116.05
C GLY W 513 64.94 -51.16 115.28
N TYR W 514 65.06 -51.01 113.96
CA TYR W 514 63.91 -51.05 113.06
C TYR W 514 64.24 -51.90 111.85
N PHE W 515 63.18 -52.36 111.18
CA PHE W 515 63.33 -53.10 109.93
C PHE W 515 63.28 -52.14 108.75
N ARG W 516 64.17 -52.36 107.79
CA ARG W 516 64.26 -51.52 106.60
C ARG W 516 64.16 -52.41 105.37
N PHE W 517 63.21 -52.08 104.48
CA PHE W 517 63.03 -52.84 103.25
C PHE W 517 64.03 -52.37 102.21
N ASP W 518 64.84 -53.29 101.69
CA ASP W 518 65.99 -52.95 100.86
C ASP W 518 65.88 -53.40 99.41
N SER W 519 65.22 -54.54 99.16
CA SER W 519 65.16 -55.08 97.80
C SER W 519 64.16 -56.22 97.78
N TRP W 520 63.53 -56.42 96.62
CA TRP W 520 62.85 -57.67 96.33
C TRP W 520 63.85 -58.74 95.92
N VAL W 521 63.66 -59.95 96.47
CA VAL W 521 64.50 -61.11 96.19
C VAL W 521 63.58 -62.32 96.06
N ASN W 522 64.16 -63.45 95.67
CA ASN W 522 63.41 -64.71 95.65
C ASN W 522 63.89 -65.63 96.77
N GLN W 523 63.34 -66.85 96.79
CA GLN W 523 63.66 -67.76 97.88
C GLN W 523 65.11 -68.23 97.85
N PHE W 524 65.83 -68.01 96.75
CA PHE W 524 67.21 -68.45 96.63
C PHE W 524 68.21 -67.42 97.11
N TYR W 525 67.75 -66.29 97.62
CA TYR W 525 68.65 -65.29 98.18
C TYR W 525 69.39 -65.89 99.37
N THR W 526 70.70 -65.68 99.41
CA THR W 526 71.54 -66.21 100.48
C THR W 526 71.84 -65.11 101.49
N LEU W 527 71.35 -65.30 102.72
CA LEU W 527 71.44 -64.26 103.73
C LEU W 527 72.80 -64.30 104.41
N ALA W 528 73.25 -63.12 104.83
CA ALA W 528 74.50 -63.06 105.57
C ALA W 528 74.33 -63.73 106.92
N PRO W 529 75.33 -64.50 107.38
CA PRO W 529 75.19 -65.18 108.67
C PRO W 529 75.11 -64.16 109.80
N MET W 530 74.04 -64.26 110.58
CA MET W 530 73.70 -63.28 111.59
C MET W 530 74.13 -63.66 113.01
N GLY W 531 73.94 -64.92 113.40
CA GLY W 531 73.93 -65.26 114.80
C GLY W 531 75.28 -65.07 115.46
N ASN W 532 75.24 -64.69 116.75
CA ASN W 532 76.44 -64.55 117.57
C ASN W 532 77.43 -63.54 116.97
N ASN X 24 30.19 -62.97 41.35
CA ASN X 24 31.11 -63.74 40.53
C ASN X 24 31.96 -64.72 41.34
N GLU X 25 33.16 -65.00 40.86
CA GLU X 25 34.03 -66.06 41.41
C GLU X 25 35.11 -65.49 42.33
N VAL X 26 34.86 -64.33 42.94
CA VAL X 26 35.89 -63.57 43.65
C VAL X 26 35.35 -63.10 45.00
N MET X 27 36.21 -63.14 46.02
CA MET X 27 35.83 -62.87 47.40
C MET X 27 36.04 -61.39 47.72
N ALA X 28 35.00 -60.75 48.24
CA ALA X 28 34.98 -59.29 48.42
C ALA X 28 35.64 -58.88 49.74
N LEU X 29 36.94 -59.15 49.83
CA LEU X 29 37.74 -58.79 50.99
C LEU X 29 38.87 -57.87 50.58
N GLU X 30 39.17 -56.89 51.44
CA GLU X 30 40.36 -56.09 51.24
C GLU X 30 41.58 -56.93 51.52
N PRO X 31 42.75 -56.52 51.03
CA PRO X 31 43.98 -57.18 51.45
C PRO X 31 44.20 -56.97 52.94
N VAL X 32 44.80 -57.96 53.58
CA VAL X 32 44.97 -57.97 55.02
C VAL X 32 46.42 -58.35 55.32
N VAL X 33 47.10 -57.50 56.08
CA VAL X 33 48.52 -57.70 56.34
C VAL X 33 48.70 -58.89 57.26
N GLY X 34 49.77 -59.66 57.03
CA GLY X 34 50.12 -60.75 57.91
C GLY X 34 51.12 -60.34 58.97
N ALA X 35 52.24 -61.05 59.05
CA ALA X 35 53.20 -60.80 60.11
C ALA X 35 54.05 -59.57 59.86
N ALA X 36 53.99 -58.98 58.66
CA ALA X 36 54.83 -57.82 58.36
C ALA X 36 54.53 -56.66 59.31
N ILE X 37 53.26 -56.42 59.59
CA ILE X 37 52.89 -55.33 60.50
C ILE X 37 53.48 -55.53 61.89
N ALA X 38 53.80 -56.78 62.26
CA ALA X 38 54.23 -57.08 63.61
C ALA X 38 55.73 -56.91 63.81
N ALA X 39 56.49 -56.70 62.74
CA ALA X 39 57.95 -56.67 62.85
C ALA X 39 58.45 -55.65 63.86
N PRO X 40 57.96 -54.40 63.90
CA PRO X 40 58.47 -53.45 64.90
C PRO X 40 58.19 -53.86 66.34
N VAL X 41 57.24 -54.76 66.57
CA VAL X 41 56.91 -55.20 67.93
C VAL X 41 57.16 -56.68 68.16
N ALA X 42 57.46 -57.45 67.12
CA ALA X 42 57.84 -58.85 67.32
C ALA X 42 59.27 -58.93 67.82
N GLY X 43 59.57 -60.02 68.54
CA GLY X 43 60.92 -60.21 69.00
C GLY X 43 61.92 -60.52 67.90
N GLN X 44 61.49 -61.25 66.87
CA GLN X 44 62.43 -61.78 65.89
C GLN X 44 61.70 -62.10 64.59
N GLN X 45 62.48 -62.42 63.56
CA GLN X 45 61.99 -62.76 62.24
C GLN X 45 62.30 -64.23 61.94
N ASN X 46 61.28 -64.99 61.54
CA ASN X 46 61.45 -66.41 61.28
C ASN X 46 61.06 -66.77 59.85
N VAL X 47 61.38 -68.00 59.48
CA VAL X 47 61.22 -68.50 58.11
C VAL X 47 60.55 -69.86 58.16
N ILE X 48 59.62 -70.09 57.24
CA ILE X 48 58.92 -71.36 57.08
C ILE X 48 59.47 -72.04 55.83
N ASP X 49 59.65 -73.35 55.90
CA ASP X 49 60.14 -74.15 54.79
C ASP X 49 59.30 -73.87 53.53
N PRO X 50 59.90 -73.35 52.45
CA PRO X 50 59.11 -72.93 51.29
C PRO X 50 58.25 -74.02 50.67
N TRP X 51 58.61 -75.29 50.82
CA TRP X 51 57.75 -76.34 50.30
C TRP X 51 56.37 -76.31 50.96
N ILE X 52 56.33 -76.01 52.25
CA ILE X 52 55.03 -75.91 52.94
C ILE X 52 54.18 -74.80 52.33
N ARG X 53 54.81 -73.73 51.85
CA ARG X 53 54.06 -72.59 51.34
C ARG X 53 53.53 -72.79 49.93
N ASN X 54 54.07 -73.76 49.19
CA ASN X 54 53.74 -73.94 47.79
C ASN X 54 52.88 -75.16 47.53
N ASN X 55 52.40 -75.85 48.57
CA ASN X 55 51.78 -77.15 48.42
C ASN X 55 50.56 -77.24 49.32
N PHE X 56 49.41 -77.49 48.71
CA PHE X 56 48.16 -77.61 49.44
C PHE X 56 48.11 -78.91 50.23
N VAL X 57 47.56 -78.83 51.44
CA VAL X 57 47.45 -79.96 52.35
C VAL X 57 46.05 -79.98 52.93
N GLN X 58 45.47 -81.17 53.06
CA GLN X 58 44.09 -81.30 53.50
C GLN X 58 43.98 -81.15 55.00
N ALA X 59 43.03 -80.34 55.45
CA ALA X 59 42.72 -80.30 56.87
C ALA X 59 42.22 -81.67 57.31
N PRO X 60 42.50 -82.07 58.55
CA PRO X 60 42.04 -83.40 59.00
C PRO X 60 40.53 -83.57 58.96
N GLY X 61 39.76 -82.49 58.93
CA GLY X 61 38.33 -82.57 58.78
C GLY X 61 37.88 -81.71 57.64
N GLY X 62 38.56 -81.83 56.50
CA GLY X 62 38.35 -80.97 55.35
C GLY X 62 37.61 -81.70 54.27
N GLU X 63 36.66 -82.53 54.68
CA GLU X 63 35.77 -83.25 53.78
C GLU X 63 34.33 -82.94 54.14
N PHE X 64 33.49 -82.77 53.11
CA PHE X 64 32.05 -82.73 53.30
C PHE X 64 31.38 -83.19 52.02
N THR X 65 30.08 -83.45 52.11
CA THR X 65 29.33 -84.08 51.03
C THR X 65 28.06 -83.28 50.75
N VAL X 66 27.72 -83.15 49.48
CA VAL X 66 26.46 -82.58 49.03
C VAL X 66 25.57 -83.72 48.55
N SER X 67 24.43 -83.87 49.20
CA SER X 67 23.46 -84.92 48.94
C SER X 67 22.11 -84.28 48.60
N PRO X 68 21.21 -85.01 47.95
CA PRO X 68 19.89 -84.44 47.65
C PRO X 68 19.04 -84.21 48.89
N ARG X 69 19.37 -84.85 50.02
CA ARG X 69 18.66 -84.56 51.26
C ARG X 69 18.93 -83.15 51.78
N ASN X 70 19.99 -82.51 51.31
CA ASN X 70 20.37 -81.20 51.84
C ASN X 70 19.45 -80.12 51.30
N ALA X 71 19.16 -79.14 52.15
CA ALA X 71 18.27 -78.02 51.87
C ALA X 71 19.02 -76.71 52.09
N PRO X 72 18.58 -75.63 51.45
CA PRO X 72 19.25 -74.34 51.65
C PRO X 72 19.31 -73.94 53.12
N GLY X 73 20.45 -73.37 53.52
CA GLY X 73 20.69 -72.96 54.88
C GLY X 73 21.57 -73.90 55.69
N GLU X 74 21.66 -75.16 55.32
CA GLU X 74 22.45 -76.12 56.08
C GLU X 74 23.93 -75.83 55.90
N ILE X 75 24.65 -75.68 57.01
CA ILE X 75 26.09 -75.50 57.00
C ILE X 75 26.75 -76.86 56.81
N LEU X 76 27.32 -77.10 55.63
CA LEU X 76 27.95 -78.38 55.35
C LEU X 76 29.35 -78.50 55.93
N TRP X 77 30.04 -77.38 56.16
CA TRP X 77 31.42 -77.41 56.61
C TRP X 77 31.81 -76.03 57.14
N SER X 78 32.69 -76.01 58.13
CA SER X 78 33.20 -74.76 58.65
C SER X 78 34.53 -75.00 59.34
N ALA X 79 35.35 -73.94 59.41
CA ALA X 79 36.64 -74.00 60.09
C ALA X 79 37.10 -72.58 60.39
N PRO X 80 37.74 -72.35 61.53
CA PRO X 80 38.38 -71.06 61.77
C PRO X 80 39.83 -71.05 61.30
N LEU X 81 40.28 -69.88 60.90
CA LEU X 81 41.67 -69.73 60.47
C LEU X 81 42.62 -70.02 61.63
N GLY X 82 43.66 -70.80 61.36
CA GLY X 82 44.65 -71.08 62.36
C GLY X 82 45.53 -72.25 61.98
N PRO X 83 46.62 -72.44 62.73
CA PRO X 83 47.56 -73.51 62.42
C PRO X 83 46.95 -74.91 62.42
N ASP X 84 45.82 -75.12 63.09
CA ASP X 84 45.26 -76.47 63.15
C ASP X 84 44.70 -76.95 61.82
N LEU X 85 44.57 -76.08 60.81
CA LEU X 85 44.08 -76.51 59.51
C LEU X 85 45.13 -77.26 58.72
N ASN X 86 46.37 -77.26 59.18
CA ASN X 86 47.51 -77.70 58.39
C ASN X 86 48.45 -78.47 59.31
N PRO X 87 48.65 -79.77 59.08
CA PRO X 87 49.43 -80.57 60.02
C PRO X 87 50.87 -80.11 60.10
N TYR X 88 51.43 -79.60 59.00
CA TYR X 88 52.79 -79.05 59.05
C TYR X 88 52.84 -77.82 59.94
N LEU X 89 51.95 -76.85 59.71
CA LEU X 89 51.90 -75.69 60.58
C LEU X 89 51.52 -76.05 62.00
N SER X 90 50.64 -77.05 62.17
CA SER X 90 50.23 -77.47 63.50
C SER X 90 51.42 -78.00 64.29
N HIS X 91 52.27 -78.78 63.63
CA HIS X 91 53.48 -79.27 64.27
C HIS X 91 54.48 -78.15 64.53
N LEU X 92 54.65 -77.25 63.55
CA LEU X 92 55.59 -76.14 63.71
C LEU X 92 55.21 -75.23 64.86
N ALA X 93 53.90 -74.99 65.04
CA ALA X 93 53.45 -74.05 66.07
C ALA X 93 53.85 -74.49 67.48
N ARG X 94 54.11 -75.79 67.68
CA ARG X 94 54.55 -76.29 68.97
C ARG X 94 55.93 -75.75 69.37
N MET X 95 56.66 -75.13 68.44
CA MET X 95 57.98 -74.59 68.73
C MET X 95 58.03 -73.07 68.57
N TYR X 96 56.90 -72.43 68.32
CA TYR X 96 56.81 -70.99 68.16
C TYR X 96 55.80 -70.42 69.15
N ASN X 97 55.95 -69.12 69.43
CA ASN X 97 55.09 -68.44 70.39
C ASN X 97 53.86 -67.80 69.76
N GLY X 98 53.95 -67.38 68.50
CA GLY X 98 52.81 -66.74 67.88
C GLY X 98 52.84 -66.85 66.38
N TYR X 99 51.86 -66.19 65.76
CA TYR X 99 51.70 -66.23 64.31
C TYR X 99 50.83 -65.06 63.89
N ALA X 100 50.84 -64.80 62.59
CA ALA X 100 49.94 -63.84 61.98
C ALA X 100 49.94 -64.09 60.48
N GLY X 101 48.79 -63.86 59.86
CA GLY X 101 48.66 -63.99 58.43
C GLY X 101 47.66 -65.06 58.05
N GLY X 102 47.34 -65.08 56.75
CA GLY X 102 46.23 -65.84 56.23
C GLY X 102 46.67 -67.04 55.43
N PHE X 103 45.67 -67.75 54.91
CA PHE X 103 45.87 -68.99 54.16
C PHE X 103 45.25 -68.83 52.78
N GLU X 104 45.67 -69.71 51.87
CA GLU X 104 44.98 -69.93 50.62
C GLU X 104 44.26 -71.27 50.72
N VAL X 105 42.96 -71.27 50.49
CA VAL X 105 42.14 -72.47 50.60
C VAL X 105 41.78 -72.98 49.21
N GLN X 106 41.92 -74.29 49.02
CA GLN X 106 41.57 -74.96 47.77
C GLN X 106 40.48 -75.98 48.06
N VAL X 107 39.35 -75.86 47.38
CA VAL X 107 38.24 -76.77 47.56
C VAL X 107 37.98 -77.48 46.25
N ILE X 108 37.81 -78.80 46.32
CA ILE X 108 37.68 -79.67 45.16
C ILE X 108 36.29 -80.29 45.17
N LEU X 109 35.61 -80.22 44.02
CA LEU X 109 34.22 -80.64 43.90
C LEU X 109 34.16 -81.78 42.89
N ALA X 110 33.62 -82.92 43.31
CA ALA X 110 33.58 -84.10 42.45
C ALA X 110 32.18 -84.26 41.87
N GLY X 111 31.84 -83.34 40.98
CA GLY X 111 30.62 -83.37 40.21
C GLY X 111 30.80 -83.95 38.83
N ASN X 112 29.82 -83.71 37.97
CA ASN X 112 29.93 -84.01 36.54
C ASN X 112 28.93 -83.12 35.80
N ALA X 113 29.00 -83.16 34.47
CA ALA X 113 28.28 -82.20 33.65
C ALA X 113 26.77 -82.34 33.77
N PHE X 114 26.27 -83.45 34.29
CA PHE X 114 24.84 -83.72 34.36
C PHE X 114 24.20 -83.29 35.69
N THR X 115 24.92 -82.56 36.53
CA THR X 115 24.44 -82.15 37.85
C THR X 115 24.11 -80.66 37.86
N ALA X 116 23.20 -80.28 38.75
CA ALA X 116 22.91 -78.87 39.02
C ALA X 116 22.91 -78.62 40.53
N GLY X 117 23.22 -77.38 40.91
CA GLY X 117 23.17 -76.94 42.29
C GLY X 117 24.33 -76.02 42.63
N LYS X 118 24.11 -75.18 43.65
CA LYS X 118 25.08 -74.16 44.04
C LYS X 118 25.49 -74.31 45.50
N ILE X 119 26.77 -74.09 45.77
CA ILE X 119 27.34 -73.99 47.11
C ILE X 119 27.87 -72.58 47.31
N ILE X 120 27.64 -72.00 48.47
CA ILE X 120 28.24 -70.71 48.83
C ILE X 120 29.33 -70.92 49.86
N PHE X 121 30.50 -70.34 49.60
CA PHE X 121 31.56 -70.22 50.58
C PHE X 121 31.58 -68.78 51.07
N ALA X 122 31.72 -68.58 52.38
CA ALA X 122 31.64 -67.25 52.94
C ALA X 122 32.65 -67.07 54.06
N ALA X 123 33.17 -65.85 54.16
CA ALA X 123 34.07 -65.45 55.23
C ALA X 123 33.28 -64.73 56.32
N VAL X 124 33.23 -65.30 57.50
CA VAL X 124 32.54 -64.72 58.64
C VAL X 124 33.59 -64.10 59.56
N PRO X 125 33.45 -62.83 59.93
CA PRO X 125 34.53 -62.13 60.61
C PRO X 125 34.62 -62.56 62.06
N PRO X 126 35.73 -62.23 62.74
CA PRO X 126 35.91 -62.69 64.12
C PRO X 126 34.79 -62.22 65.03
N ASN X 127 34.43 -63.09 65.98
CA ASN X 127 33.42 -62.83 67.00
C ASN X 127 32.01 -62.72 66.44
N PHE X 128 31.77 -63.18 65.21
CA PHE X 128 30.36 -63.20 64.82
C PHE X 128 29.83 -64.62 64.88
N PRO X 129 28.67 -64.82 65.51
CA PRO X 129 28.11 -66.17 65.64
C PRO X 129 27.61 -66.72 64.31
N THR X 130 28.01 -67.96 64.01
CA THR X 130 27.54 -68.69 62.83
C THR X 130 26.18 -69.33 63.05
N GLU X 131 25.75 -69.43 64.31
CA GLU X 131 24.64 -70.31 64.71
C GLU X 131 23.32 -69.65 64.34
N GLY X 132 22.70 -70.10 63.26
CA GLY X 132 21.33 -69.71 62.97
C GLY X 132 21.09 -68.93 61.70
N LEU X 133 22.13 -68.76 60.88
CA LEU X 133 22.01 -67.91 59.70
C LEU X 133 21.08 -68.54 58.67
N SER X 134 20.25 -67.70 58.07
CA SER X 134 19.46 -68.09 56.91
C SER X 134 20.29 -67.95 55.63
N PRO X 135 19.91 -68.62 54.55
CA PRO X 135 20.69 -68.47 53.30
C PRO X 135 20.79 -67.05 52.81
N SER X 136 19.69 -66.28 52.86
CA SER X 136 19.75 -64.86 52.57
C SER X 136 20.87 -64.17 53.34
N GLN X 137 20.95 -64.45 54.64
CA GLN X 137 21.89 -63.72 55.49
C GLN X 137 23.35 -64.09 55.18
N VAL X 138 23.61 -65.36 54.87
CA VAL X 138 24.99 -65.77 54.59
C VAL X 138 25.52 -65.04 53.39
N THR X 139 24.66 -64.73 52.42
CA THR X 139 25.02 -63.93 51.25
C THR X 139 25.53 -62.55 51.64
N MET X 140 25.20 -62.08 52.84
CA MET X 140 25.54 -60.72 53.24
C MET X 140 26.97 -60.62 53.74
N PHE X 141 27.67 -61.74 53.88
CA PHE X 141 29.10 -61.77 54.14
C PHE X 141 29.86 -61.68 52.82
N PRO X 142 31.15 -61.39 52.85
CA PRO X 142 31.98 -61.64 51.66
C PRO X 142 31.82 -63.11 51.28
N HIS X 143 31.51 -63.36 50.01
CA HIS X 143 31.11 -64.72 49.65
C HIS X 143 31.43 -65.02 48.20
N ILE X 144 31.36 -66.31 47.89
CA ILE X 144 31.56 -66.85 46.55
C ILE X 144 30.47 -67.89 46.34
N ILE X 145 29.93 -67.95 45.13
CA ILE X 145 28.91 -68.94 44.78
C ILE X 145 29.50 -69.90 43.76
N VAL X 146 29.57 -71.17 44.12
CA VAL X 146 30.26 -72.17 43.32
C VAL X 146 29.23 -73.18 42.83
N ASP X 147 29.31 -73.49 41.53
CA ASP X 147 28.40 -74.46 40.92
C ASP X 147 28.93 -75.87 41.11
N VAL X 148 28.01 -76.80 41.33
CA VAL X 148 28.34 -78.20 41.54
C VAL X 148 29.07 -78.80 40.33
N ARG X 149 28.98 -78.14 39.18
CA ARG X 149 29.63 -78.65 37.98
C ARG X 149 31.09 -78.23 37.90
N GLN X 150 31.60 -77.47 38.86
CA GLN X 150 32.95 -76.91 38.72
C GLN X 150 34.01 -78.00 38.75
N LEU X 151 34.86 -78.00 37.72
CA LEU X 151 35.97 -78.93 37.60
C LEU X 151 37.25 -78.37 38.19
N GLU X 152 37.57 -77.13 37.87
CA GLU X 152 38.80 -76.53 38.36
C GLU X 152 38.65 -76.23 39.86
N PRO X 153 39.67 -76.50 40.66
CA PRO X 153 39.55 -76.24 42.09
C PRO X 153 39.30 -74.77 42.35
N VAL X 154 38.57 -74.50 43.43
CA VAL X 154 38.23 -73.13 43.80
C VAL X 154 39.28 -72.64 44.77
N LEU X 155 39.81 -71.45 44.52
CA LEU X 155 40.86 -70.85 45.35
C LEU X 155 40.24 -69.72 46.14
N ILE X 156 40.32 -69.80 47.46
CA ILE X 156 39.73 -68.84 48.37
C ILE X 156 40.83 -68.24 49.24
N PRO X 157 41.01 -66.92 49.23
CA PRO X 157 41.91 -66.29 50.21
C PRO X 157 41.19 -66.14 51.55
N LEU X 158 41.87 -66.55 52.61
CA LEU X 158 41.29 -66.52 53.96
C LEU X 158 42.22 -65.63 54.78
N PRO X 159 41.92 -64.34 54.87
CA PRO X 159 42.82 -63.41 55.55
C PRO X 159 42.65 -63.41 57.06
N ASP X 160 43.72 -63.01 57.74
CA ASP X 160 43.78 -63.01 59.20
C ASP X 160 43.27 -61.67 59.73
N VAL X 161 41.98 -61.43 59.49
CA VAL X 161 41.30 -60.27 60.05
C VAL X 161 41.40 -60.32 61.56
N ARG X 162 41.84 -59.21 62.16
CA ARG X 162 42.12 -59.17 63.59
C ARG X 162 42.29 -57.72 64.01
N ASN X 163 42.35 -57.50 65.31
CA ASN X 163 42.49 -56.15 65.86
C ASN X 163 43.77 -55.99 66.69
N ASN X 164 44.73 -56.89 66.54
CA ASN X 164 46.03 -56.75 67.17
C ASN X 164 47.11 -57.02 66.13
N PHE X 165 48.37 -56.84 66.55
CA PHE X 165 49.49 -57.00 65.62
C PHE X 165 49.65 -58.45 65.19
N TYR X 166 49.44 -59.39 66.10
CA TYR X 166 49.59 -60.82 65.82
C TYR X 166 48.92 -61.60 66.95
N HIS X 167 48.90 -62.91 66.83
CA HIS X 167 48.24 -63.80 67.77
C HIS X 167 49.28 -64.56 68.60
N TYR X 168 48.97 -64.78 69.87
CA TYR X 168 49.73 -65.71 70.71
C TYR X 168 49.04 -67.06 70.72
N ASN X 169 49.83 -68.13 70.72
CA ASN X 169 49.26 -69.47 70.77
C ASN X 169 48.44 -69.67 72.03
N GLN X 170 48.90 -69.13 73.15
CA GLN X 170 48.27 -69.35 74.45
C GLN X 170 47.04 -68.48 74.69
N SER X 171 46.68 -67.61 73.76
CA SER X 171 45.58 -66.69 73.99
C SER X 171 44.31 -67.04 73.22
N ASN X 172 44.36 -68.03 72.33
CA ASN X 172 43.20 -68.55 71.61
C ASN X 172 42.28 -67.43 71.11
N ASP X 173 42.89 -66.42 70.50
CA ASP X 173 42.14 -65.34 69.87
C ASP X 173 41.13 -65.92 68.86
N PRO X 174 39.95 -65.34 68.73
CA PRO X 174 39.03 -65.80 67.67
C PRO X 174 39.52 -65.33 66.32
N THR X 175 39.25 -66.12 65.30
CA THR X 175 39.67 -65.81 63.94
C THR X 175 38.51 -65.87 62.95
N ILE X 176 38.80 -65.42 61.73
CA ILE X 176 37.87 -65.55 60.63
C ILE X 176 37.51 -67.02 60.42
N LYS X 177 36.27 -67.27 59.99
CA LYS X 177 35.80 -68.61 59.68
C LYS X 177 35.40 -68.73 58.21
N LEU X 178 35.76 -69.85 57.59
CA LEU X 178 35.17 -70.24 56.32
C LEU X 178 33.94 -71.10 56.53
N ILE X 179 32.90 -70.78 55.77
CA ILE X 179 31.60 -71.41 55.87
C ILE X 179 31.27 -71.99 54.51
N ALA X 180 30.75 -73.21 54.49
CA ALA X 180 30.22 -73.81 53.28
C ALA X 180 28.77 -74.15 53.55
N MET X 181 27.88 -73.64 52.69
CA MET X 181 26.46 -73.80 52.87
C MET X 181 25.82 -74.20 51.55
N LEU X 182 24.82 -75.07 51.62
CA LEU X 182 24.05 -75.41 50.43
C LEU X 182 23.15 -74.24 50.05
N TYR X 183 23.35 -73.69 48.86
CA TYR X 183 22.58 -72.54 48.41
C TYR X 183 21.42 -72.94 47.52
N THR X 184 21.63 -73.92 46.64
CA THR X 184 20.62 -74.48 45.76
C THR X 184 20.66 -75.99 45.89
N PRO X 185 19.52 -76.66 45.96
CA PRO X 185 19.52 -78.11 46.11
C PRO X 185 20.19 -78.79 44.93
N LEU X 186 20.72 -79.98 45.18
CA LEU X 186 21.40 -80.76 44.16
C LEU X 186 20.38 -81.47 43.28
N ARG X 187 20.48 -81.26 41.98
CA ARG X 187 19.57 -81.88 41.02
C ARG X 187 20.40 -82.83 40.16
N ALA X 188 20.16 -84.12 40.31
CA ALA X 188 20.88 -85.12 39.53
C ALA X 188 20.09 -86.42 39.49
N ASN X 189 20.25 -87.16 38.40
CA ASN X 189 19.79 -88.54 38.34
C ASN X 189 20.49 -89.38 39.40
N ASN X 190 19.97 -90.58 39.63
CA ASN X 190 20.67 -91.58 40.41
C ASN X 190 21.24 -92.66 39.48
N ALA X 191 21.79 -93.71 40.07
CA ALA X 191 22.35 -94.83 39.31
C ALA X 191 21.95 -96.11 40.02
N GLY X 192 21.03 -96.86 39.41
CA GLY X 192 20.42 -97.96 40.15
C GLY X 192 19.78 -97.44 41.41
N ASP X 193 20.20 -98.00 42.55
CA ASP X 193 19.75 -97.54 43.86
C ASP X 193 20.85 -96.85 44.65
N ASP X 194 21.99 -96.57 44.02
CA ASP X 194 23.06 -95.77 44.61
C ASP X 194 22.75 -94.30 44.37
N VAL X 195 22.48 -93.56 45.45
CA VAL X 195 22.11 -92.16 45.36
C VAL X 195 23.35 -91.32 45.05
N PHE X 196 23.26 -90.48 44.02
CA PHE X 196 24.37 -89.63 43.62
C PHE X 196 24.64 -88.54 44.66
N THR X 197 25.92 -88.29 44.93
CA THR X 197 26.33 -87.26 45.87
C THR X 197 27.59 -86.58 45.34
N VAL X 198 27.74 -85.30 45.68
CA VAL X 198 28.95 -84.55 45.33
C VAL X 198 29.85 -84.51 46.56
N SER X 199 30.96 -85.22 46.50
CA SER X 199 31.96 -85.19 47.57
C SER X 199 32.89 -84.00 47.40
N CYS X 200 33.18 -83.32 48.51
CA CYS X 200 34.04 -82.14 48.50
C CYS X 200 35.19 -82.31 49.47
N ARG X 201 36.34 -81.73 49.11
CA ARG X 201 37.52 -81.75 49.94
C ARG X 201 38.07 -80.34 50.07
N VAL X 202 38.57 -80.00 51.25
CA VAL X 202 39.07 -78.68 51.57
C VAL X 202 40.58 -78.79 51.79
N LEU X 203 41.34 -78.01 51.03
CA LEU X 203 42.79 -77.98 51.12
C LEU X 203 43.26 -76.59 51.55
N THR X 204 44.45 -76.53 52.12
CA THR X 204 44.97 -75.26 52.64
C THR X 204 46.46 -75.19 52.41
N ARG X 205 46.98 -73.95 52.44
CA ARG X 205 48.41 -73.69 52.48
C ARG X 205 48.60 -72.24 52.92
N PRO X 206 49.71 -71.92 53.60
CA PRO X 206 49.85 -70.55 54.12
C PRO X 206 50.04 -69.56 52.98
N SER X 207 49.40 -68.40 53.12
CA SER X 207 49.66 -67.28 52.26
C SER X 207 51.08 -66.77 52.46
N PRO X 208 51.60 -65.97 51.53
CA PRO X 208 52.95 -65.41 51.73
C PRO X 208 53.06 -64.52 52.96
N ASP X 209 51.96 -63.90 53.40
CA ASP X 209 52.03 -63.03 54.56
C ASP X 209 51.91 -63.78 55.88
N PHE X 210 51.67 -65.10 55.85
CA PHE X 210 51.65 -65.88 57.08
C PHE X 210 53.07 -66.15 57.54
N ASP X 211 53.28 -66.10 58.85
CA ASP X 211 54.58 -66.42 59.42
C ASP X 211 54.43 -66.68 60.91
N PHE X 212 55.37 -67.45 61.46
CA PHE X 212 55.47 -67.63 62.90
C PHE X 212 56.29 -66.49 63.49
N ILE X 213 56.27 -66.33 64.82
CA ILE X 213 56.80 -65.13 65.45
C ILE X 213 58.05 -65.43 66.30
N PHE X 214 57.92 -66.23 67.36
CA PHE X 214 59.04 -66.38 68.28
C PHE X 214 59.39 -67.83 68.56
N LEU X 215 60.63 -68.22 68.28
CA LEU X 215 61.08 -69.57 68.63
C LEU X 215 61.06 -69.75 70.14
N VAL X 216 60.55 -70.89 70.58
CA VAL X 216 60.44 -71.22 72.00
C VAL X 216 60.70 -72.71 72.17
N PRO X 217 61.00 -73.14 73.39
CA PRO X 217 61.27 -74.56 73.61
C PRO X 217 60.09 -75.40 73.15
N PRO X 218 60.37 -76.42 72.33
CA PRO X 218 59.28 -77.15 71.68
C PRO X 218 58.44 -77.96 72.67
N THR X 219 57.14 -77.97 72.41
CA THR X 219 56.12 -78.75 73.13
C THR X 219 55.91 -78.31 74.57
N VAL X 220 56.38 -77.13 74.97
CA VAL X 220 56.09 -76.64 76.32
C VAL X 220 54.73 -75.98 76.36
N GLU X 221 54.44 -75.07 75.42
CA GLU X 221 53.21 -74.30 75.45
C GLU X 221 51.98 -75.20 75.38
N SER X 222 51.13 -75.10 76.40
CA SER X 222 50.06 -76.08 76.59
C SER X 222 49.09 -76.14 75.42
N ARG X 223 48.68 -74.98 74.91
CA ARG X 223 47.62 -74.99 73.87
C ARG X 223 48.09 -75.54 72.52
N THR X 224 49.30 -76.05 72.35
CA THR X 224 49.72 -76.63 71.08
C THR X 224 49.79 -78.15 71.10
N LYS X 225 49.56 -78.80 72.24
CA LYS X 225 49.61 -80.25 72.29
C LYS X 225 48.42 -80.84 71.52
N PRO X 226 48.65 -81.82 70.66
CA PRO X 226 47.54 -82.43 69.92
C PRO X 226 46.80 -83.48 70.75
N PHE X 227 45.52 -83.61 70.47
CA PHE X 227 44.68 -84.56 71.18
C PHE X 227 44.91 -85.98 70.67
N THR X 228 44.95 -86.93 71.59
CA THR X 228 45.09 -88.34 71.23
C THR X 228 44.21 -89.19 72.13
N VAL X 229 44.01 -90.44 71.72
CA VAL X 229 43.18 -91.42 72.40
C VAL X 229 44.01 -92.69 72.51
N PRO X 230 44.09 -93.32 73.69
CA PRO X 230 45.05 -94.42 73.87
C PRO X 230 44.82 -95.57 72.88
N ILE X 231 45.93 -96.16 72.44
CA ILE X 231 45.89 -97.30 71.52
C ILE X 231 45.54 -98.59 72.22
N LEU X 232 45.32 -98.57 73.52
CA LEU X 232 45.01 -99.78 74.26
C LEU X 232 43.75 -100.45 73.74
N THR X 233 43.71 -101.77 73.89
CA THR X 233 42.56 -102.60 73.54
C THR X 233 41.54 -102.59 74.68
N VAL X 234 40.28 -102.87 74.32
CA VAL X 234 39.20 -102.98 75.31
C VAL X 234 39.58 -103.96 76.42
N GLU X 235 40.10 -105.12 76.04
CA GLU X 235 40.51 -106.12 77.04
C GLU X 235 41.63 -105.58 77.93
N GLU X 236 42.50 -104.74 77.39
CA GLU X 236 43.64 -104.23 78.14
C GLU X 236 43.28 -103.05 79.04
N MET X 237 42.05 -102.54 78.99
CA MET X 237 41.68 -101.39 79.81
C MET X 237 40.83 -101.84 81.00
N THR X 238 40.45 -100.88 81.82
CA THR X 238 39.82 -101.12 83.11
C THR X 238 38.58 -100.24 83.23
N ASN X 239 37.53 -100.78 83.84
CA ASN X 239 36.33 -100.00 84.06
C ASN X 239 36.59 -98.88 85.06
N SER X 240 35.88 -97.77 84.91
CA SER X 240 36.09 -96.59 85.73
C SER X 240 35.13 -96.50 86.91
N ARG X 241 34.23 -97.48 87.05
CA ARG X 241 33.25 -97.49 88.13
C ARG X 241 33.43 -98.65 89.09
N PHE X 242 34.31 -99.61 88.78
CA PHE X 242 34.60 -100.75 89.64
C PHE X 242 35.93 -101.35 89.22
N PRO X 243 36.78 -101.77 90.16
CA PRO X 243 38.13 -102.23 89.80
C PRO X 243 38.14 -103.57 89.08
N ILE X 244 37.59 -103.61 87.88
CA ILE X 244 37.55 -104.84 87.08
C ILE X 244 37.81 -104.49 85.62
N PRO X 245 38.36 -105.45 84.87
CA PRO X 245 38.62 -105.21 83.45
C PRO X 245 37.34 -105.05 82.65
N LEU X 246 37.48 -104.44 81.48
CA LEU X 246 36.38 -104.28 80.54
C LEU X 246 36.11 -105.59 79.79
N GLU X 247 34.93 -105.66 79.18
CA GLU X 247 34.51 -106.91 78.55
C GLU X 247 33.98 -106.71 77.13
N LYS X 248 33.03 -105.80 76.94
CA LYS X 248 32.45 -105.59 75.62
C LYS X 248 32.04 -104.13 75.46
N LEU X 249 31.78 -103.75 74.22
CA LEU X 249 31.21 -102.44 73.90
C LEU X 249 29.71 -102.61 73.70
N PHE X 250 28.93 -101.75 74.34
CA PHE X 250 27.48 -101.86 74.33
C PHE X 250 26.85 -100.50 74.06
N THR X 251 25.93 -100.46 73.11
CA THR X 251 25.11 -99.29 72.86
C THR X 251 23.65 -99.64 73.11
N GLY X 252 22.90 -98.71 73.69
CA GLY X 252 21.49 -98.90 73.91
C GLY X 252 20.75 -97.61 74.13
N PRO X 253 19.43 -97.63 73.97
CA PRO X 253 18.63 -96.45 74.28
C PRO X 253 18.60 -96.16 75.78
N SER X 254 18.56 -94.87 76.11
CA SER X 254 18.64 -94.41 77.49
C SER X 254 17.45 -93.52 77.86
N GLY X 255 16.32 -93.67 77.18
CA GLY X 255 15.18 -92.81 77.45
C GLY X 255 14.53 -93.08 78.80
N ALA X 256 14.48 -94.35 79.21
CA ALA X 256 13.77 -94.70 80.44
C ALA X 256 14.49 -94.14 81.67
N PHE X 257 15.78 -94.39 81.77
CA PHE X 257 16.60 -94.11 82.94
C PHE X 257 17.46 -92.87 82.71
N VAL X 258 18.16 -92.46 83.78
CA VAL X 258 19.01 -91.26 83.76
C VAL X 258 20.47 -91.66 83.89
N VAL X 259 21.25 -91.39 82.85
CA VAL X 259 22.67 -91.73 82.79
C VAL X 259 23.45 -90.59 83.43
N GLN X 260 23.83 -90.76 84.70
CA GLN X 260 24.52 -89.67 85.39
C GLN X 260 25.60 -90.20 86.34
N PRO X 261 26.52 -91.04 85.89
CA PRO X 261 27.55 -91.56 86.79
C PRO X 261 28.43 -90.44 87.33
N GLN X 262 29.09 -90.72 88.45
CA GLN X 262 30.02 -89.76 89.04
C GLN X 262 31.47 -90.24 89.06
N ASN X 263 31.73 -91.49 88.72
CA ASN X 263 33.08 -91.99 88.51
C ASN X 263 33.34 -92.20 87.03
N GLY X 264 34.59 -92.04 86.62
CA GLY X 264 34.90 -92.04 85.21
C GLY X 264 34.22 -90.91 84.45
N ARG X 265 34.23 -89.70 85.02
CA ARG X 265 33.74 -88.51 84.34
C ARG X 265 34.90 -87.54 84.21
N CYS X 266 35.39 -87.37 82.98
CA CYS X 266 36.54 -86.53 82.73
C CYS X 266 36.42 -85.92 81.34
N THR X 267 36.81 -84.67 81.23
CA THR X 267 36.72 -83.93 79.98
C THR X 267 37.95 -84.20 79.11
N THR X 268 37.75 -84.01 77.80
CA THR X 268 38.82 -84.22 76.81
C THR X 268 40.14 -83.50 77.15
N ASP X 269 40.08 -82.30 77.71
CA ASP X 269 41.32 -81.62 78.10
C ASP X 269 41.74 -81.91 79.54
N GLY X 270 41.18 -82.93 80.17
CA GLY X 270 41.73 -83.46 81.41
C GLY X 270 41.23 -82.88 82.71
N VAL X 271 40.03 -82.30 82.74
CA VAL X 271 39.44 -81.84 83.98
C VAL X 271 38.58 -82.97 84.53
N LEU X 272 38.89 -83.42 85.75
CA LEU X 272 38.11 -84.45 86.41
C LEU X 272 36.81 -83.88 86.97
N LEU X 273 35.76 -84.70 86.92
CA LEU X 273 34.42 -84.28 87.31
C LEU X 273 33.82 -85.29 88.27
N GLY X 274 32.86 -84.82 89.07
CA GLY X 274 32.18 -85.69 90.00
C GLY X 274 33.13 -86.26 91.04
N THR X 275 33.05 -87.56 91.26
CA THR X 275 33.88 -88.26 92.24
C THR X 275 35.05 -88.98 91.60
N THR X 276 35.45 -88.58 90.39
CA THR X 276 36.44 -89.33 89.63
C THR X 276 37.86 -89.03 90.11
N GLN X 277 38.66 -90.08 90.23
CA GLN X 277 40.07 -89.98 90.58
C GLN X 277 40.85 -90.92 89.66
N LEU X 278 42.17 -90.95 89.83
CA LEU X 278 43.04 -91.53 88.81
C LEU X 278 43.35 -93.00 89.04
N SER X 279 43.37 -93.47 90.28
CA SER X 279 43.79 -94.83 90.55
C SER X 279 42.68 -95.82 90.19
N PRO X 280 42.94 -96.80 89.31
CA PRO X 280 41.89 -97.78 88.96
C PRO X 280 41.61 -98.82 90.03
N VAL X 281 42.38 -98.84 91.12
CA VAL X 281 42.18 -99.82 92.18
C VAL X 281 41.42 -99.24 93.37
N ASN X 282 41.44 -97.92 93.55
CA ASN X 282 40.72 -97.22 94.60
C ASN X 282 39.31 -96.81 94.18
N ILE X 283 38.71 -97.55 93.25
CA ILE X 283 37.47 -97.11 92.61
C ILE X 283 36.25 -97.32 93.51
N CYS X 284 36.22 -98.37 94.32
CA CYS X 284 35.13 -98.53 95.29
C CYS X 284 35.70 -98.98 96.63
N THR X 285 36.66 -98.21 97.15
CA THR X 285 37.33 -98.53 98.40
C THR X 285 37.00 -97.48 99.46
N PHE X 286 37.20 -97.87 100.72
CA PHE X 286 37.04 -96.96 101.84
C PHE X 286 38.21 -97.13 102.80
N ARG X 287 38.65 -96.03 103.39
CA ARG X 287 39.73 -96.06 104.37
C ARG X 287 39.36 -95.16 105.55
N GLY X 288 39.60 -95.66 106.76
CA GLY X 288 39.33 -94.86 107.94
C GLY X 288 39.38 -95.71 109.20
N ASP X 289 38.86 -95.12 110.27
CA ASP X 289 38.78 -95.77 111.57
C ASP X 289 37.40 -96.38 111.77
N VAL X 290 37.36 -97.49 112.49
CA VAL X 290 36.17 -98.32 112.56
C VAL X 290 35.69 -98.40 114.01
N THR X 291 34.37 -98.51 114.17
CA THR X 291 33.71 -98.44 115.47
C THR X 291 32.63 -99.52 115.54
N HIS X 292 32.55 -100.18 116.69
CA HIS X 292 31.57 -101.25 116.88
C HIS X 292 30.19 -100.68 117.15
N ILE X 293 29.17 -101.34 116.60
CA ILE X 293 27.78 -101.07 116.92
C ILE X 293 27.30 -102.13 117.89
N ALA X 294 26.93 -101.72 119.10
CA ALA X 294 26.80 -102.64 120.22
C ALA X 294 25.77 -103.72 119.94
N GLY X 295 26.17 -104.97 120.18
CA GLY X 295 25.27 -106.11 120.10
C GLY X 295 25.01 -106.66 118.71
N THR X 296 25.54 -106.04 117.67
CA THR X 296 25.24 -106.41 116.29
C THR X 296 26.53 -106.73 115.54
N HIS X 297 26.37 -107.14 114.27
CA HIS X 297 27.48 -107.41 113.38
C HIS X 297 27.82 -106.21 112.49
N ASP X 298 27.40 -105.01 112.87
CA ASP X 298 27.66 -103.80 112.09
C ASP X 298 28.80 -102.98 112.68
N TYR X 299 29.53 -102.30 111.79
CA TYR X 299 30.56 -101.35 112.18
C TYR X 299 30.39 -100.04 111.41
N THR X 300 30.75 -98.94 112.05
CA THR X 300 30.71 -97.61 111.46
C THR X 300 32.12 -97.10 111.20
N MET X 301 32.37 -96.66 109.98
CA MET X 301 33.69 -96.19 109.56
C MET X 301 33.71 -94.68 109.42
N ASN X 302 34.61 -94.03 110.16
CA ASN X 302 34.89 -92.60 109.96
C ASN X 302 35.96 -92.48 108.89
N LEU X 303 35.64 -91.80 107.80
CA LEU X 303 36.41 -91.93 106.57
C LEU X 303 37.64 -91.03 106.57
N ALA X 304 38.70 -91.52 105.94
CA ALA X 304 39.85 -90.73 105.54
C ALA X 304 39.89 -90.61 104.02
N SER X 305 40.83 -89.80 103.53
CA SER X 305 41.07 -89.72 102.10
C SER X 305 41.63 -91.04 101.57
N GLN X 306 41.71 -91.14 100.23
CA GLN X 306 42.41 -92.25 99.61
C GLN X 306 43.90 -92.23 99.95
N ASN X 307 44.46 -91.04 100.16
CA ASN X 307 45.86 -90.88 100.53
C ASN X 307 46.09 -90.83 102.03
N TRP X 308 45.07 -91.21 102.82
CA TRP X 308 45.18 -91.35 104.28
C TRP X 308 45.30 -89.99 104.98
N ASN X 309 44.53 -89.02 104.51
CA ASN X 309 44.42 -87.73 105.18
C ASN X 309 42.99 -87.52 105.66
N ASN X 310 42.80 -86.49 106.48
CA ASN X 310 41.47 -86.13 106.95
C ASN X 310 40.54 -85.85 105.77
N TYR X 311 39.26 -86.18 105.95
CA TYR X 311 38.26 -85.93 104.92
C TYR X 311 37.65 -84.56 105.16
N ASP X 312 37.59 -83.75 104.11
CA ASP X 312 37.05 -82.40 104.23
C ASP X 312 35.68 -82.33 103.56
N PRO X 313 34.60 -82.16 104.33
CA PRO X 313 33.26 -82.13 103.72
C PRO X 313 32.93 -80.83 103.02
N THR X 314 33.83 -79.85 103.04
CA THR X 314 33.62 -78.56 102.41
C THR X 314 34.04 -78.56 100.93
N GLU X 315 34.72 -79.62 100.50
CA GLU X 315 35.16 -79.71 99.11
C GLU X 315 33.97 -79.73 98.17
N GLU X 316 34.10 -79.05 97.03
CA GLU X 316 33.00 -78.91 96.08
C GLU X 316 32.89 -80.19 95.23
N ILE X 317 32.69 -81.30 95.94
CA ILE X 317 32.58 -82.64 95.34
C ILE X 317 31.34 -83.33 95.89
N PRO X 318 30.75 -84.27 95.14
CA PRO X 318 29.56 -84.96 95.66
C PRO X 318 29.82 -85.78 96.91
N ALA X 319 31.01 -86.37 97.01
CA ALA X 319 31.41 -87.23 98.11
C ALA X 319 32.91 -87.49 97.95
N PRO X 320 33.58 -88.16 98.89
CA PRO X 320 35.02 -88.41 98.70
C PRO X 320 35.28 -89.14 97.39
N LEU X 321 36.41 -88.81 96.78
CA LEU X 321 36.71 -89.32 95.45
C LEU X 321 36.80 -90.84 95.47
N GLY X 322 36.11 -91.48 94.54
CA GLY X 322 36.04 -92.92 94.50
C GLY X 322 34.85 -93.52 95.22
N THR X 323 33.95 -92.71 95.76
CA THR X 323 32.77 -93.23 96.41
C THR X 323 31.85 -93.88 95.37
N PRO X 324 31.32 -95.08 95.62
CA PRO X 324 30.47 -95.75 94.63
C PRO X 324 29.35 -94.83 94.14
N ASP X 325 29.02 -94.96 92.85
CA ASP X 325 28.06 -94.08 92.20
C ASP X 325 26.83 -94.85 91.71
N PHE X 326 26.49 -95.93 92.41
CA PHE X 326 25.29 -96.70 92.10
C PHE X 326 24.70 -97.23 93.40
N VAL X 327 23.44 -97.63 93.34
CA VAL X 327 22.75 -98.18 94.50
C VAL X 327 22.85 -99.70 94.47
N GLY X 328 23.34 -100.26 95.57
CA GLY X 328 23.52 -101.70 95.65
C GLY X 328 24.25 -102.07 96.93
N LYS X 329 24.41 -103.38 97.11
CA LYS X 329 25.12 -103.95 98.24
C LYS X 329 26.43 -104.54 97.70
N ILE X 330 27.55 -103.94 98.10
CA ILE X 330 28.87 -104.37 97.63
C ILE X 330 29.55 -105.15 98.75
N GLN X 331 29.91 -106.40 98.46
CA GLN X 331 30.63 -107.23 99.41
C GLN X 331 32.13 -107.15 99.13
N GLY X 332 32.91 -107.10 100.19
CA GLY X 332 34.36 -107.10 100.08
C GLY X 332 35.01 -107.68 101.31
N VAL X 333 36.08 -107.05 101.76
CA VAL X 333 36.86 -107.50 102.91
C VAL X 333 37.38 -106.26 103.63
N LEU X 334 37.16 -106.21 104.94
CA LEU X 334 37.80 -105.19 105.78
C LEU X 334 39.16 -105.69 106.23
N THR X 335 40.16 -104.82 106.13
CA THR X 335 41.54 -105.15 106.45
C THR X 335 42.09 -104.14 107.44
N GLN X 336 42.88 -104.62 108.40
CA GLN X 336 43.34 -103.77 109.50
C GLN X 336 44.72 -104.24 109.94
N THR X 337 45.51 -103.29 110.43
CA THR X 337 46.83 -103.57 110.97
C THR X 337 47.02 -102.74 112.24
N THR X 338 47.49 -103.40 113.30
CA THR X 338 47.69 -102.74 114.58
C THR X 338 49.09 -102.15 114.67
N ARG X 339 49.17 -100.86 114.95
CA ARG X 339 50.44 -100.17 115.04
C ARG X 339 51.22 -100.65 116.27
N GLY X 340 52.54 -100.69 116.14
CA GLY X 340 53.42 -101.18 117.19
C GLY X 340 53.78 -102.66 117.19
N ASP X 341 52.79 -103.53 117.01
CA ASP X 341 53.01 -104.97 117.00
C ASP X 341 52.79 -105.62 115.64
N GLY X 342 52.07 -104.97 114.73
CA GLY X 342 51.78 -105.55 113.44
C GLY X 342 50.68 -106.59 113.37
N SER X 343 49.79 -106.64 114.35
CA SER X 343 48.66 -107.56 114.27
C SER X 343 47.76 -107.19 113.11
N THR X 344 47.28 -108.20 112.39
CA THR X 344 46.45 -107.99 111.21
C THR X 344 45.23 -108.90 111.24
N ARG X 345 44.09 -108.35 110.81
CA ARG X 345 42.81 -109.05 110.83
C ARG X 345 42.08 -108.81 109.52
N GLY X 346 41.36 -109.84 109.05
CA GLY X 346 40.59 -109.73 107.83
C GLY X 346 39.25 -110.43 107.89
N HIS X 347 38.17 -109.68 107.64
CA HIS X 347 36.81 -110.18 107.84
C HIS X 347 35.91 -109.76 106.69
N LYS X 348 35.16 -110.72 106.15
CA LYS X 348 34.12 -110.45 105.17
C LYS X 348 33.19 -109.32 105.64
N ALA X 349 32.93 -108.37 104.74
CA ALA X 349 32.13 -107.19 105.06
C ALA X 349 31.35 -106.77 103.82
N THR X 350 30.33 -105.94 104.04
CA THR X 350 29.40 -105.54 102.99
C THR X 350 28.95 -104.12 103.21
N VAL X 351 28.92 -103.34 102.13
CA VAL X 351 28.42 -101.96 102.14
C VAL X 351 27.14 -101.91 101.32
N SER X 352 26.10 -101.33 101.91
CA SER X 352 24.87 -101.01 101.18
C SER X 352 24.85 -99.52 100.94
N THR X 353 24.91 -99.12 99.67
CA THR X 353 24.86 -97.70 99.32
C THR X 353 23.44 -97.13 99.42
N GLY X 354 22.42 -97.98 99.37
CA GLY X 354 21.05 -97.52 99.55
C GLY X 354 20.62 -97.39 100.99
N SER X 355 21.40 -97.93 101.92
CA SER X 355 21.14 -97.75 103.34
C SER X 355 21.17 -96.28 103.74
N VAL X 356 20.34 -95.93 104.72
CA VAL X 356 20.28 -94.56 105.23
C VAL X 356 21.56 -94.19 105.99
N HIS X 357 22.36 -95.18 106.39
CA HIS X 357 23.62 -94.93 107.08
C HIS X 357 24.80 -94.87 106.12
N PHE X 358 24.55 -94.90 104.81
CA PHE X 358 25.57 -94.64 103.80
C PHE X 358 25.59 -93.13 103.54
N THR X 359 26.44 -92.43 104.29
CA THR X 359 26.55 -90.97 104.22
C THR X 359 28.01 -90.57 104.04
N PRO X 360 28.61 -90.87 102.88
CA PRO X 360 30.04 -90.60 102.74
C PRO X 360 30.39 -89.12 102.65
N LYS X 361 29.47 -88.28 102.17
CA LYS X 361 29.71 -86.85 102.17
C LYS X 361 29.87 -86.31 103.59
N LEU X 362 29.19 -86.93 104.55
CA LEU X 362 29.28 -86.52 105.95
C LEU X 362 30.46 -87.16 106.67
N GLY X 363 31.01 -88.24 106.13
CA GLY X 363 32.24 -88.78 106.67
C GLY X 363 32.11 -90.18 107.24
N SER X 364 30.96 -90.82 107.05
CA SER X 364 30.67 -92.09 107.70
C SER X 364 29.99 -93.04 106.74
N VAL X 365 30.39 -94.32 106.81
CA VAL X 365 29.76 -95.40 106.07
C VAL X 365 29.60 -96.58 107.02
N GLN X 366 28.60 -97.42 106.75
CA GLN X 366 28.27 -98.54 107.63
C GLN X 366 28.47 -99.86 106.91
N PHE X 367 29.20 -100.77 107.56
CA PHE X 367 29.45 -102.11 107.03
C PHE X 367 28.70 -103.14 107.87
N THR X 368 28.31 -104.23 107.22
CA THR X 368 27.75 -105.39 107.89
C THR X 368 28.74 -106.53 107.74
N THR X 369 29.23 -107.03 108.86
CA THR X 369 30.39 -107.92 108.87
C THR X 369 29.96 -109.33 109.28
N ASP X 370 30.93 -110.24 109.29
CA ASP X 370 30.71 -111.60 109.77
C ASP X 370 31.30 -111.83 111.15
N THR X 371 31.62 -110.75 111.88
CA THR X 371 32.04 -110.85 113.26
C THR X 371 31.54 -109.61 114.00
N ASN X 372 31.29 -109.77 115.30
CA ASN X 372 31.00 -108.66 116.19
C ASN X 372 32.16 -108.38 117.14
N ASN X 373 33.27 -109.08 116.95
CA ASN X 373 34.51 -108.94 117.69
C ASN X 373 35.66 -108.81 116.69
N ASP X 374 36.88 -108.68 117.21
CA ASP X 374 38.10 -108.78 116.40
C ASP X 374 38.25 -107.63 115.39
N LEU X 375 37.72 -106.46 115.67
CA LEU X 375 38.04 -105.27 114.87
C LEU X 375 38.25 -104.10 115.82
N GLU X 376 39.51 -103.74 116.04
CA GLU X 376 39.86 -102.71 117.02
C GLU X 376 39.56 -101.31 116.49
N THR X 377 39.39 -100.39 117.43
CA THR X 377 39.12 -98.99 117.12
C THR X 377 40.43 -98.22 117.07
N GLY X 378 40.40 -97.06 116.40
CA GLY X 378 41.57 -96.23 116.23
C GLY X 378 42.60 -96.72 115.23
N GLN X 379 42.43 -97.91 114.66
CA GLN X 379 43.40 -98.47 113.74
C GLN X 379 42.96 -98.22 112.30
N ASN X 380 43.95 -98.17 111.41
CA ASN X 380 43.65 -97.93 110.00
C ASN X 380 42.98 -99.15 109.39
N THR X 381 41.92 -98.91 108.61
CA THR X 381 41.11 -99.98 108.05
C THR X 381 40.82 -99.67 106.59
N LYS X 382 40.92 -100.69 105.74
CA LYS X 382 40.71 -100.56 104.31
C LYS X 382 39.67 -101.57 103.85
N PHE X 383 38.64 -101.09 103.17
CA PHE X 383 37.64 -101.97 102.55
C PHE X 383 38.05 -102.23 101.11
N THR X 384 38.37 -103.49 100.80
CA THR X 384 38.70 -103.88 99.44
C THR X 384 37.48 -104.46 98.76
N PRO X 385 36.95 -103.84 97.72
CA PRO X 385 35.74 -104.38 97.07
C PRO X 385 36.05 -105.63 96.26
N VAL X 386 35.04 -106.47 96.10
CA VAL X 386 35.19 -107.72 95.35
C VAL X 386 34.02 -107.87 94.38
N GLY X 387 32.81 -107.60 94.86
CA GLY X 387 31.64 -107.82 94.04
C GLY X 387 30.39 -107.27 94.66
N VAL X 388 29.26 -107.56 94.01
CA VAL X 388 27.95 -107.11 94.46
C VAL X 388 27.09 -108.33 94.80
N VAL X 389 26.13 -108.12 95.68
CA VAL X 389 25.31 -109.18 96.24
C VAL X 389 23.85 -108.74 96.11
N GLN X 390 22.95 -109.73 96.20
CA GLN X 390 21.54 -109.51 95.92
C GLN X 390 20.69 -110.23 96.96
N ASP X 391 19.64 -109.54 97.41
CA ASP X 391 18.67 -110.11 98.33
C ASP X 391 17.78 -111.10 97.59
N GLY X 392 17.89 -112.38 97.93
CA GLY X 392 17.27 -113.42 97.14
C GLY X 392 15.76 -113.43 97.19
N ASN X 393 15.17 -112.73 98.16
CA ASN X 393 13.72 -112.71 98.33
C ASN X 393 13.05 -111.73 97.38
N SER X 394 13.81 -110.82 96.78
CA SER X 394 13.30 -109.85 95.82
C SER X 394 13.39 -110.41 94.40
N ALA X 395 12.94 -109.61 93.45
CA ALA X 395 12.95 -110.00 92.04
C ALA X 395 14.38 -110.22 91.56
N HIS X 396 14.58 -111.26 90.75
CA HIS X 396 15.91 -111.58 90.26
C HIS X 396 16.43 -110.47 89.36
N GLN X 397 17.69 -110.08 89.57
CA GLN X 397 18.36 -109.01 88.84
C GLN X 397 17.78 -107.63 89.17
N ASN X 398 17.53 -107.36 90.46
CA ASN X 398 16.82 -106.15 90.85
C ASN X 398 17.58 -105.28 91.84
N GLU X 399 18.60 -105.80 92.52
CA GLU X 399 19.12 -105.02 93.64
C GLU X 399 20.15 -103.97 93.23
N PRO X 400 21.24 -104.31 92.50
CA PRO X 400 22.19 -103.25 92.14
C PRO X 400 21.74 -102.43 90.94
N GLN X 401 21.22 -101.23 91.21
CA GLN X 401 20.71 -100.34 90.16
C GLN X 401 21.81 -99.38 89.73
N GLN X 402 22.46 -99.67 88.59
CA GLN X 402 23.68 -98.95 88.25
C GLN X 402 23.40 -97.47 87.97
N TRP X 403 22.19 -97.13 87.50
CA TRP X 403 21.88 -95.78 87.09
C TRP X 403 21.07 -95.02 88.15
N VAL X 404 21.06 -95.49 89.39
CA VAL X 404 20.42 -94.78 90.49
C VAL X 404 21.52 -94.28 91.41
N LEU X 405 21.61 -92.96 91.57
CA LEU X 405 22.67 -92.46 92.42
C LEU X 405 22.29 -92.61 93.89
N PRO X 406 23.23 -93.01 94.75
CA PRO X 406 22.99 -92.96 96.20
C PRO X 406 22.80 -91.53 96.68
N ASN X 407 22.29 -91.41 97.89
CA ASN X 407 22.16 -90.12 98.56
C ASN X 407 23.42 -89.93 99.40
N TYR X 408 24.34 -89.12 98.88
CA TYR X 408 25.69 -89.04 99.46
C TYR X 408 25.68 -88.49 100.88
N SER X 409 24.65 -87.74 101.26
CA SER X 409 24.48 -87.27 102.63
C SER X 409 23.29 -87.94 103.30
N GLY X 410 22.93 -89.14 102.85
CA GLY X 410 21.76 -89.83 103.37
C GLY X 410 20.51 -88.96 103.38
N ARG X 411 19.73 -89.09 104.45
CA ARG X 411 18.48 -88.35 104.59
C ARG X 411 18.69 -86.85 104.83
N THR X 412 19.88 -86.43 105.26
CA THR X 412 20.05 -85.06 105.75
C THR X 412 20.04 -84.02 104.64
N GLY X 413 20.23 -84.42 103.39
CA GLY X 413 20.15 -83.47 102.30
C GLY X 413 20.10 -84.16 100.96
N HIS X 414 20.26 -83.36 99.91
CA HIS X 414 20.30 -83.86 98.54
C HIS X 414 21.72 -83.83 98.02
N ASN X 415 21.94 -84.57 96.94
CA ASN X 415 23.28 -84.63 96.33
C ASN X 415 23.67 -83.26 95.81
N VAL X 416 24.96 -82.92 95.93
CA VAL X 416 25.45 -81.60 95.57
C VAL X 416 26.60 -81.76 94.59
N HIS X 417 26.86 -80.68 93.84
CA HIS X 417 27.98 -80.57 92.90
C HIS X 417 28.15 -81.83 92.06
N LEU X 418 27.03 -82.31 91.52
CA LEU X 418 27.05 -83.52 90.71
C LEU X 418 27.58 -83.24 89.31
N ALA X 419 28.21 -84.26 88.73
CA ALA X 419 28.54 -84.21 87.31
C ALA X 419 27.26 -84.28 86.48
N PRO X 420 27.24 -83.60 85.34
CA PRO X 420 25.98 -83.50 84.58
C PRO X 420 25.51 -84.86 84.08
N ALA X 421 24.21 -84.94 83.79
CA ALA X 421 23.68 -86.11 83.13
C ALA X 421 24.07 -86.10 81.66
N VAL X 422 23.88 -87.25 81.01
CA VAL X 422 24.43 -87.48 79.67
C VAL X 422 23.36 -88.14 78.83
N ALA X 423 23.11 -87.60 77.64
CA ALA X 423 22.10 -88.15 76.74
C ALA X 423 22.44 -87.79 75.31
N PRO X 424 22.12 -88.66 74.36
CA PRO X 424 22.28 -88.30 72.94
C PRO X 424 21.31 -87.21 72.54
N THR X 425 21.79 -86.28 71.71
CA THR X 425 20.99 -85.15 71.24
C THR X 425 20.71 -85.21 69.74
N PHE X 426 21.43 -86.04 69.00
CA PHE X 426 21.36 -86.16 67.55
C PHE X 426 20.45 -87.33 67.18
N PRO X 427 19.49 -87.12 66.28
CA PRO X 427 18.59 -88.21 65.90
C PRO X 427 19.35 -89.41 65.35
N GLY X 428 19.01 -90.59 65.87
CA GLY X 428 19.62 -91.83 65.43
C GLY X 428 20.83 -92.25 66.23
N GLU X 429 21.24 -91.47 67.22
CA GLU X 429 22.45 -91.72 67.97
C GLU X 429 22.11 -92.22 69.36
N GLN X 430 22.88 -93.19 69.85
CA GLN X 430 22.76 -93.68 71.21
C GLN X 430 24.13 -93.62 71.87
N LEU X 431 24.12 -93.54 73.20
CA LEU X 431 25.35 -93.58 73.96
C LEU X 431 26.12 -94.86 73.65
N LEU X 432 27.44 -94.77 73.74
CA LEU X 432 28.31 -95.95 73.66
C LEU X 432 28.91 -96.19 75.04
N PHE X 433 28.65 -97.36 75.59
CA PHE X 433 29.04 -97.69 76.95
C PHE X 433 30.21 -98.67 76.93
N PHE X 434 31.12 -98.50 77.89
CA PHE X 434 32.18 -99.47 78.13
C PHE X 434 31.69 -100.39 79.24
N ARG X 435 31.36 -101.62 78.88
CA ARG X 435 30.62 -102.53 79.75
C ARG X 435 31.53 -103.62 80.29
N SER X 436 31.47 -103.85 81.61
CA SER X 436 32.06 -105.03 82.22
C SER X 436 31.05 -105.69 83.14
N THR X 437 31.38 -106.92 83.55
CA THR X 437 30.50 -107.78 84.33
C THR X 437 31.01 -107.81 85.77
N MET X 438 30.22 -107.26 86.70
CA MET X 438 30.64 -107.24 88.09
C MET X 438 30.64 -108.64 88.70
N PRO X 439 31.66 -108.98 89.49
CA PRO X 439 31.63 -110.23 90.26
C PRO X 439 30.40 -110.33 91.15
N GLY X 440 29.68 -111.44 91.05
CA GLY X 440 28.57 -111.70 91.94
C GLY X 440 28.96 -112.54 93.14
N CYS X 441 28.99 -111.91 94.32
CA CYS X 441 29.36 -112.63 95.55
C CYS X 441 28.26 -113.60 95.99
N SER X 442 27.00 -113.17 95.93
CA SER X 442 25.89 -114.00 96.36
C SER X 442 24.60 -113.46 95.74
N GLY X 443 23.56 -114.29 95.76
CA GLY X 443 22.28 -113.84 95.25
C GLY X 443 22.24 -113.86 93.73
N TYR X 444 21.27 -113.11 93.18
CA TYR X 444 21.07 -113.01 91.73
C TYR X 444 21.03 -111.54 91.34
N PRO X 445 22.18 -110.85 91.36
CA PRO X 445 22.19 -109.42 91.10
C PRO X 445 22.40 -109.08 89.63
N ASN X 446 22.10 -107.82 89.30
CA ASN X 446 22.37 -107.25 87.98
C ASN X 446 23.86 -106.94 87.90
N MET X 447 24.61 -107.78 87.17
CA MET X 447 26.06 -107.68 87.13
C MET X 447 26.58 -106.77 86.02
N ASN X 448 25.69 -106.22 85.19
CA ASN X 448 26.11 -105.33 84.12
C ASN X 448 26.53 -103.98 84.67
N LEU X 449 27.75 -103.54 84.31
CA LEU X 449 28.26 -102.24 84.74
C LEU X 449 28.81 -101.48 83.52
N ASP X 450 28.16 -100.38 83.19
CA ASP X 450 28.53 -99.55 82.05
C ASP X 450 29.20 -98.27 82.56
N CYS X 451 30.35 -97.93 81.98
CA CYS X 451 31.00 -96.66 82.25
C CYS X 451 31.15 -95.85 80.96
N LEU X 452 31.23 -94.53 81.12
CA LEU X 452 31.26 -93.63 79.97
C LEU X 452 32.65 -93.53 79.35
N LEU X 453 33.70 -93.70 80.15
CA LEU X 453 35.08 -93.65 79.69
C LEU X 453 35.87 -94.74 80.40
N PRO X 454 36.72 -95.46 79.68
CA PRO X 454 37.66 -96.36 80.37
C PRO X 454 38.56 -95.56 81.29
N GLN X 455 39.00 -96.21 82.37
CA GLN X 455 39.85 -95.51 83.34
C GLN X 455 41.16 -95.08 82.70
N GLU X 456 41.68 -95.88 81.77
CA GLU X 456 42.91 -95.51 81.08
C GLU X 456 42.72 -94.27 80.23
N TRP X 457 41.54 -94.07 79.65
CA TRP X 457 41.25 -92.83 78.95
C TRP X 457 41.22 -91.65 79.91
N VAL X 458 40.67 -91.85 81.10
CA VAL X 458 40.70 -90.79 82.12
C VAL X 458 42.13 -90.44 82.47
N LEU X 459 42.95 -91.47 82.72
CA LEU X 459 44.38 -91.24 82.98
C LEU X 459 45.02 -90.49 81.83
N HIS X 460 44.71 -90.87 80.59
CA HIS X 460 45.34 -90.26 79.44
C HIS X 460 44.95 -88.79 79.30
N PHE X 461 43.64 -88.51 79.36
CA PHE X 461 43.18 -87.14 79.21
C PHE X 461 43.76 -86.25 80.30
N TYR X 462 43.86 -86.77 81.53
CA TYR X 462 44.35 -85.96 82.65
C TYR X 462 45.80 -85.54 82.45
N GLN X 463 46.65 -86.48 82.02
CA GLN X 463 48.08 -86.16 81.93
C GLN X 463 48.36 -85.30 80.71
N GLU X 464 47.88 -85.71 79.54
CA GLU X 464 48.10 -84.99 78.29
C GLU X 464 46.92 -84.04 78.13
N ALA X 465 47.07 -82.82 78.62
CA ALA X 465 45.95 -81.88 78.74
C ALA X 465 45.71 -81.15 77.42
N ALA X 466 45.34 -81.93 76.40
CA ALA X 466 45.23 -81.38 75.06
C ALA X 466 43.94 -80.58 74.91
N PRO X 467 44.02 -79.32 74.49
CA PRO X 467 42.80 -78.52 74.30
C PRO X 467 41.91 -79.09 73.21
N ALA X 468 40.60 -79.01 73.43
CA ALA X 468 39.64 -79.42 72.43
C ALA X 468 39.48 -78.34 71.37
N GLN X 469 39.64 -78.72 70.10
CA GLN X 469 39.47 -77.78 69.00
C GLN X 469 38.01 -77.58 68.60
N SER X 470 37.10 -78.42 69.08
CA SER X 470 35.67 -78.21 68.88
C SER X 470 34.91 -79.06 69.89
N ASP X 471 33.59 -79.14 69.71
CA ASP X 471 32.74 -79.83 70.68
C ASP X 471 32.81 -81.34 70.57
N VAL X 472 33.25 -81.89 69.44
CA VAL X 472 33.19 -83.33 69.21
C VAL X 472 34.47 -83.80 68.54
N ALA X 473 35.08 -84.84 69.10
CA ALA X 473 36.25 -85.48 68.52
C ALA X 473 35.82 -86.76 67.82
N LEU X 474 36.07 -86.82 66.51
CA LEU X 474 35.71 -88.00 65.73
C LEU X 474 36.72 -89.12 65.96
N LEU X 475 36.23 -90.28 66.39
CA LEU X 475 37.07 -91.46 66.58
C LEU X 475 36.68 -92.55 65.60
N ARG X 476 37.68 -93.31 65.15
CA ARG X 476 37.48 -94.47 64.29
C ARG X 476 38.05 -95.70 64.97
N PHE X 477 37.30 -96.81 64.91
CA PHE X 477 37.74 -98.07 65.49
C PHE X 477 38.33 -98.94 64.39
N VAL X 478 39.58 -99.36 64.57
CA VAL X 478 40.37 -99.97 63.50
C VAL X 478 40.82 -101.35 63.95
N ASN X 479 40.79 -102.31 63.01
CA ASN X 479 41.41 -103.61 63.20
C ASN X 479 42.84 -103.57 62.68
N PRO X 480 43.86 -103.70 63.54
CA PRO X 480 45.23 -103.51 63.06
C PRO X 480 45.71 -104.60 62.12
N ASP X 481 45.10 -105.79 62.15
CA ASP X 481 45.47 -106.84 61.21
C ASP X 481 45.07 -106.46 59.79
N THR X 482 43.79 -106.13 59.59
CA THR X 482 43.25 -105.88 58.27
C THR X 482 43.27 -104.42 57.86
N GLY X 483 43.40 -103.50 58.81
CA GLY X 483 43.37 -102.08 58.52
C GLY X 483 42.00 -101.47 58.26
N ARG X 484 40.93 -102.26 58.32
CA ARG X 484 39.62 -101.75 57.94
C ARG X 484 38.96 -101.05 59.13
N VAL X 485 38.17 -100.03 58.82
CA VAL X 485 37.40 -99.34 59.85
C VAL X 485 36.09 -100.11 60.07
N LEU X 486 35.78 -100.36 61.34
CA LEU X 486 34.58 -101.10 61.72
C LEU X 486 33.40 -100.16 61.96
N PHE X 487 33.64 -99.08 62.70
CA PHE X 487 32.65 -98.03 62.91
C PHE X 487 33.37 -96.76 63.29
N GLU X 488 32.63 -95.66 63.25
CA GLU X 488 33.09 -94.40 63.81
C GLU X 488 32.12 -93.95 64.91
N CYS X 489 32.63 -93.13 65.81
CA CYS X 489 31.82 -92.65 66.92
C CYS X 489 32.25 -91.23 67.25
N LYS X 490 31.41 -90.56 68.04
CA LYS X 490 31.63 -89.17 68.41
C LYS X 490 32.01 -89.13 69.88
N LEU X 491 33.24 -88.69 70.16
CA LEU X 491 33.69 -88.45 71.53
C LEU X 491 33.41 -86.99 71.86
N HIS X 492 32.46 -86.76 72.76
CA HIS X 492 32.08 -85.40 73.11
C HIS X 492 33.08 -84.81 74.10
N LYS X 493 33.28 -83.49 73.98
CA LYS X 493 34.22 -82.79 74.83
C LYS X 493 33.96 -83.05 76.30
N SER X 494 32.69 -83.16 76.68
CA SER X 494 32.30 -83.41 78.07
C SER X 494 32.77 -84.77 78.58
N GLY X 495 33.32 -85.62 77.73
CA GLY X 495 33.77 -86.93 78.15
C GLY X 495 32.75 -88.06 78.07
N TYR X 496 32.16 -88.26 76.90
CA TYR X 496 31.31 -89.42 76.67
C TYR X 496 31.26 -89.70 75.17
N VAL X 497 30.85 -90.93 74.83
CA VAL X 497 30.85 -91.38 73.44
C VAL X 497 29.43 -91.71 73.00
N THR X 498 29.14 -91.46 71.72
CA THR X 498 27.87 -91.78 71.10
C THR X 498 28.15 -92.45 69.76
N VAL X 499 27.20 -93.28 69.32
CA VAL X 499 27.31 -94.01 68.06
C VAL X 499 25.96 -93.92 67.34
N ALA X 500 25.99 -94.23 66.05
CA ALA X 500 24.79 -94.19 65.22
C ALA X 500 24.19 -95.59 65.18
N HIS X 501 23.17 -95.81 66.02
CA HIS X 501 22.51 -97.10 66.13
C HIS X 501 21.18 -96.89 66.83
N THR X 502 20.26 -97.83 66.62
CA THR X 502 18.97 -97.81 67.29
C THR X 502 18.70 -99.18 67.88
N GLY X 503 18.39 -99.22 69.18
CA GLY X 503 18.13 -100.47 69.85
C GLY X 503 19.36 -100.94 70.60
N PRO X 504 19.16 -101.79 71.61
CA PRO X 504 20.32 -102.36 72.32
C PRO X 504 21.06 -103.35 71.44
N HIS X 505 22.38 -103.40 71.64
CA HIS X 505 23.25 -104.21 70.80
C HIS X 505 24.63 -104.34 71.42
N ASP X 506 25.10 -105.58 71.61
CA ASP X 506 26.50 -105.80 71.95
C ASP X 506 27.35 -105.74 70.69
N LEU X 507 28.41 -104.93 70.73
CA LEU X 507 29.23 -104.73 69.54
C LEU X 507 30.14 -105.92 69.31
N VAL X 508 30.28 -106.31 68.05
CA VAL X 508 31.13 -107.42 67.64
C VAL X 508 32.48 -106.85 67.19
N ILE X 509 33.48 -106.96 68.05
CA ILE X 509 34.76 -106.30 67.82
C ILE X 509 35.87 -107.34 67.79
N PRO X 510 36.79 -107.27 66.84
CA PRO X 510 38.00 -108.09 66.88
C PRO X 510 38.78 -107.81 68.14
N PRO X 511 39.30 -108.86 68.79
CA PRO X 511 39.87 -108.70 70.13
C PRO X 511 41.03 -107.72 70.21
N ASN X 512 41.72 -107.43 69.10
CA ASN X 512 42.88 -106.53 69.13
C ASN X 512 42.57 -105.15 68.56
N GLY X 513 41.31 -104.82 68.30
CA GLY X 513 40.98 -103.53 67.75
C GLY X 513 41.13 -102.39 68.75
N TYR X 514 41.45 -101.21 68.24
CA TYR X 514 41.75 -100.04 69.06
C TYR X 514 41.04 -98.81 68.52
N PHE X 515 40.90 -97.80 69.37
CA PHE X 515 40.33 -96.51 68.98
C PHE X 515 41.40 -95.57 68.48
N ARG X 516 41.11 -94.87 67.38
CA ARG X 516 42.04 -93.94 66.76
C ARG X 516 41.37 -92.59 66.56
N PHE X 517 42.04 -91.51 66.97
CA PHE X 517 41.54 -90.16 66.78
C PHE X 517 41.78 -89.72 65.35
N ASP X 518 40.74 -89.16 64.71
CA ASP X 518 40.83 -88.75 63.31
C ASP X 518 40.81 -87.25 63.10
N SER X 519 39.94 -86.51 63.79
CA SER X 519 39.81 -85.08 63.61
C SER X 519 38.81 -84.46 64.57
N TRP X 520 38.98 -83.18 64.87
CA TRP X 520 37.91 -82.40 65.48
C TRP X 520 36.86 -82.01 64.46
N VAL X 521 35.60 -82.10 64.86
CA VAL X 521 34.46 -81.73 64.02
C VAL X 521 33.47 -80.95 64.89
N ASN X 522 32.47 -80.37 64.23
CA ASN X 522 31.40 -79.70 64.95
C ASN X 522 30.20 -80.63 65.03
N GLN X 523 29.23 -80.26 65.87
CA GLN X 523 28.17 -81.23 66.18
C GLN X 523 27.26 -81.53 64.99
N PHE X 524 27.39 -80.81 63.87
CA PHE X 524 26.53 -81.12 62.74
C PHE X 524 27.01 -82.33 61.96
N TYR X 525 28.16 -82.89 62.33
CA TYR X 525 28.69 -84.07 61.66
C TYR X 525 27.76 -85.26 61.88
N THR X 526 27.30 -85.87 60.79
CA THR X 526 26.41 -87.01 60.85
C THR X 526 27.22 -88.26 60.53
N LEU X 527 27.33 -89.16 61.50
CA LEU X 527 28.24 -90.30 61.35
C LEU X 527 27.52 -91.47 60.70
N ALA X 528 28.29 -92.29 59.99
CA ALA X 528 27.74 -93.46 59.33
C ALA X 528 27.29 -94.50 60.35
N PRO X 529 26.12 -95.10 60.16
CA PRO X 529 25.68 -96.17 61.07
C PRO X 529 26.50 -97.44 60.88
N MET X 530 26.68 -98.18 61.97
CA MET X 530 27.46 -99.42 62.04
C MET X 530 28.40 -99.71 60.87
N MET Y 27 47.69 -8.46 84.38
CA MET Y 27 47.78 -7.07 83.97
C MET Y 27 48.51 -6.23 85.02
N ALA Y 28 48.26 -6.52 86.29
CA ALA Y 28 48.92 -5.82 87.39
C ALA Y 28 50.27 -6.42 87.78
N LEU Y 29 50.64 -7.57 87.23
CA LEU Y 29 51.95 -8.16 87.47
C LEU Y 29 52.69 -8.41 86.17
N GLU Y 30 54.01 -8.25 86.22
CA GLU Y 30 54.90 -8.64 85.13
C GLU Y 30 55.12 -10.15 85.09
N PRO Y 31 55.66 -10.65 83.99
CA PRO Y 31 56.11 -12.06 83.96
C PRO Y 31 57.26 -12.26 84.93
N VAL Y 32 57.36 -13.46 85.46
CA VAL Y 32 58.37 -13.79 86.46
C VAL Y 32 59.01 -15.13 86.09
N VAL Y 33 60.33 -15.15 86.04
CA VAL Y 33 61.05 -16.32 85.56
C VAL Y 33 60.93 -17.46 86.56
N GLY Y 34 60.84 -18.69 86.05
CA GLY Y 34 60.79 -19.84 86.91
C GLY Y 34 62.16 -20.41 87.20
N ALA Y 35 62.34 -21.71 86.96
CA ALA Y 35 63.57 -22.38 87.32
C ALA Y 35 64.70 -22.19 86.31
N ALA Y 36 64.42 -21.58 85.15
CA ALA Y 36 65.45 -21.41 84.14
C ALA Y 36 66.62 -20.58 84.66
N ILE Y 37 66.33 -19.53 85.43
CA ILE Y 37 67.37 -18.66 85.99
C ILE Y 37 68.31 -19.43 86.90
N ALA Y 38 67.88 -20.56 87.44
CA ALA Y 38 68.64 -21.27 88.47
C ALA Y 38 69.68 -22.21 87.89
N ALA Y 39 69.74 -22.36 86.57
CA ALA Y 39 70.60 -23.36 85.96
C ALA Y 39 72.06 -23.27 86.37
N PRO Y 40 72.70 -22.10 86.44
CA PRO Y 40 74.12 -22.07 86.83
C PRO Y 40 74.39 -22.52 88.26
N VAL Y 41 73.38 -22.53 89.13
CA VAL Y 41 73.59 -22.89 90.53
C VAL Y 41 72.82 -24.12 90.96
N ALA Y 42 71.88 -24.62 90.15
CA ALA Y 42 71.26 -25.90 90.44
C ALA Y 42 72.17 -27.05 90.04
N GLY Y 43 71.97 -28.19 90.71
CA GLY Y 43 72.72 -29.38 90.36
C GLY Y 43 72.35 -29.97 89.01
N GLN Y 44 71.11 -29.75 88.55
CA GLN Y 44 70.58 -30.47 87.40
C GLN Y 44 69.57 -29.61 86.64
N GLN Y 45 69.28 -30.07 85.42
CA GLN Y 45 68.25 -29.49 84.57
C GLN Y 45 67.18 -30.57 84.40
N ASN Y 46 65.95 -30.25 84.78
CA ASN Y 46 64.86 -31.21 84.76
C ASN Y 46 63.71 -30.74 83.89
N VAL Y 47 62.76 -31.64 83.71
CA VAL Y 47 61.59 -31.42 82.87
C VAL Y 47 60.38 -31.99 83.61
N ILE Y 48 59.27 -31.27 83.55
CA ILE Y 48 58.00 -31.71 84.11
C ILE Y 48 57.11 -32.15 82.96
N ASP Y 49 56.29 -33.16 83.20
CA ASP Y 49 55.37 -33.59 82.15
C ASP Y 49 54.52 -32.39 81.74
N PRO Y 50 54.59 -31.96 80.47
CA PRO Y 50 53.82 -30.78 80.06
C PRO Y 50 52.32 -30.95 80.18
N TRP Y 51 51.81 -32.18 80.10
CA TRP Y 51 50.37 -32.38 80.24
C TRP Y 51 49.84 -31.91 81.59
N ILE Y 52 50.68 -31.92 82.63
CA ILE Y 52 50.23 -31.47 83.94
C ILE Y 52 49.73 -30.04 83.91
N ARG Y 53 50.29 -29.19 83.06
CA ARG Y 53 49.86 -27.80 82.98
C ARG Y 53 48.69 -27.57 82.03
N ASN Y 54 48.13 -28.63 81.43
CA ASN Y 54 47.04 -28.47 80.48
C ASN Y 54 45.68 -28.72 81.10
N ASN Y 55 45.60 -28.89 82.41
CA ASN Y 55 44.35 -29.27 83.07
C ASN Y 55 44.28 -28.61 84.43
N PHE Y 56 43.23 -27.82 84.66
CA PHE Y 56 43.02 -27.26 86.00
C PHE Y 56 42.57 -28.38 86.93
N VAL Y 57 43.18 -28.45 88.10
CA VAL Y 57 42.94 -29.54 89.04
C VAL Y 57 42.84 -28.98 90.45
N GLN Y 58 41.98 -29.61 91.27
CA GLN Y 58 41.64 -29.04 92.56
C GLN Y 58 42.83 -29.15 93.51
N ALA Y 59 43.15 -28.03 94.15
CA ALA Y 59 44.27 -27.98 95.07
C ALA Y 59 44.05 -28.90 96.28
N PRO Y 60 45.13 -29.43 96.86
CA PRO Y 60 44.98 -30.19 98.12
C PRO Y 60 44.38 -29.37 99.24
N GLY Y 61 44.39 -28.05 99.14
CA GLY Y 61 43.75 -27.19 100.11
C GLY Y 61 42.90 -26.20 99.37
N GLY Y 62 42.06 -26.74 98.47
CA GLY Y 62 41.26 -25.94 97.57
C GLY Y 62 39.79 -25.94 97.90
N GLU Y 63 39.45 -26.10 99.18
CA GLU Y 63 38.08 -25.96 99.64
C GLU Y 63 38.02 -24.87 100.69
N PHE Y 64 37.02 -24.00 100.57
CA PHE Y 64 36.71 -23.03 101.60
C PHE Y 64 35.24 -22.66 101.47
N THR Y 65 34.77 -21.89 102.44
CA THR Y 65 33.35 -21.62 102.60
C THR Y 65 33.09 -20.14 102.83
N VAL Y 66 32.04 -19.62 102.19
CA VAL Y 66 31.49 -18.31 102.50
C VAL Y 66 30.07 -18.53 103.01
N SER Y 67 29.82 -18.15 104.26
CA SER Y 67 28.52 -18.29 104.89
C SER Y 67 28.14 -16.95 105.50
N PRO Y 68 26.86 -16.75 105.84
CA PRO Y 68 26.47 -15.48 106.46
C PRO Y 68 27.01 -15.31 107.87
N ARG Y 69 27.51 -16.38 108.49
CA ARG Y 69 28.25 -16.25 109.74
C ARG Y 69 29.58 -15.55 109.53
N ASN Y 70 30.10 -15.55 108.30
CA ASN Y 70 31.37 -14.89 108.00
C ASN Y 70 31.14 -13.40 107.83
N ALA Y 71 32.17 -12.62 108.12
CA ALA Y 71 32.14 -11.18 107.94
C ALA Y 71 33.34 -10.71 107.14
N PRO Y 72 33.25 -9.52 106.54
CA PRO Y 72 34.43 -8.92 105.92
C PRO Y 72 35.57 -8.78 106.92
N GLY Y 73 36.79 -8.98 106.43
CA GLY Y 73 38.00 -8.96 107.21
C GLY Y 73 38.54 -10.33 107.56
N GLU Y 74 37.66 -11.32 107.67
CA GLU Y 74 38.12 -12.68 107.89
C GLU Y 74 38.73 -13.22 106.61
N ILE Y 75 39.96 -13.71 106.69
CA ILE Y 75 40.58 -14.34 105.53
C ILE Y 75 40.02 -15.75 105.43
N LEU Y 76 39.06 -15.92 104.50
CA LEU Y 76 38.32 -17.17 104.41
C LEU Y 76 39.12 -18.29 103.76
N TRP Y 77 40.19 -17.96 103.04
CA TRP Y 77 41.01 -18.96 102.39
C TRP Y 77 42.36 -18.35 102.07
N SER Y 78 43.41 -19.15 102.18
CA SER Y 78 44.73 -18.69 101.78
C SER Y 78 45.60 -19.89 101.48
N ALA Y 79 46.61 -19.68 100.63
CA ALA Y 79 47.52 -20.74 100.25
C ALA Y 79 48.81 -20.09 99.77
N PRO Y 80 49.96 -20.65 100.09
CA PRO Y 80 51.21 -20.15 99.50
C PRO Y 80 51.58 -20.91 98.24
N LEU Y 81 52.28 -20.19 97.35
CA LEU Y 81 52.79 -20.79 96.13
C LEU Y 81 53.75 -21.92 96.47
N GLY Y 82 53.60 -23.05 95.77
CA GLY Y 82 54.41 -24.22 96.00
C GLY Y 82 53.75 -25.45 95.41
N PRO Y 83 54.47 -26.57 95.43
CA PRO Y 83 53.91 -27.79 94.83
C PRO Y 83 52.67 -28.30 95.54
N ASP Y 84 52.45 -27.90 96.79
CA ASP Y 84 51.25 -28.32 97.52
C ASP Y 84 49.98 -27.69 96.97
N LEU Y 85 50.08 -26.81 95.97
CA LEU Y 85 48.92 -26.23 95.31
C LEU Y 85 48.26 -27.18 94.31
N ASN Y 86 48.90 -28.30 94.00
CA ASN Y 86 48.47 -29.14 92.89
C ASN Y 86 48.76 -30.60 93.20
N PRO Y 87 47.73 -31.47 93.21
CA PRO Y 87 47.94 -32.86 93.66
C PRO Y 87 48.92 -33.63 92.80
N TYR Y 88 49.00 -33.33 91.51
CA TYR Y 88 50.03 -33.94 90.67
C TYR Y 88 51.42 -33.49 91.11
N LEU Y 89 51.62 -32.17 91.22
CA LEU Y 89 52.90 -31.65 91.67
C LEU Y 89 53.24 -32.12 93.07
N SER Y 90 52.22 -32.31 93.91
CA SER Y 90 52.45 -32.74 95.29
C SER Y 90 53.07 -34.12 95.33
N HIS Y 91 52.59 -35.05 94.49
CA HIS Y 91 53.22 -36.36 94.40
C HIS Y 91 54.60 -36.26 93.76
N LEU Y 92 54.73 -35.47 92.70
CA LEU Y 92 56.03 -35.27 92.07
C LEU Y 92 57.04 -34.71 93.06
N ALA Y 93 56.61 -33.81 93.94
CA ALA Y 93 57.55 -33.13 94.82
C ALA Y 93 58.29 -34.12 95.74
N ARG Y 94 57.72 -35.30 95.97
CA ARG Y 94 58.37 -36.31 96.78
C ARG Y 94 59.63 -36.85 96.12
N MET Y 95 59.82 -36.55 94.85
CA MET Y 95 60.91 -37.07 94.04
C MET Y 95 61.93 -35.99 93.69
N TYR Y 96 61.67 -34.74 94.09
CA TYR Y 96 62.52 -33.61 93.77
C TYR Y 96 62.87 -32.83 95.03
N ASN Y 97 64.02 -32.15 95.00
CA ASN Y 97 64.51 -31.41 96.16
C ASN Y 97 64.10 -29.94 96.17
N GLY Y 98 63.82 -29.34 95.02
CA GLY Y 98 63.42 -27.95 94.98
C GLY Y 98 62.54 -27.66 93.78
N TYR Y 99 62.19 -26.39 93.63
CA TYR Y 99 61.28 -25.97 92.57
C TYR Y 99 61.41 -24.47 92.38
N ALA Y 100 60.83 -23.99 91.28
CA ALA Y 100 60.68 -22.56 91.01
C ALA Y 100 59.65 -22.39 89.90
N GLY Y 101 58.94 -21.28 89.93
CA GLY Y 101 57.96 -20.96 88.90
C GLY Y 101 56.57 -20.79 89.48
N GLY Y 102 55.66 -20.38 88.59
CA GLY Y 102 54.37 -19.88 88.99
C GLY Y 102 53.22 -20.82 88.64
N PHE Y 103 52.02 -20.37 88.99
CA PHE Y 103 50.80 -21.12 88.78
C PHE Y 103 49.74 -20.27 88.10
N GLU Y 104 48.79 -20.94 87.47
CA GLU Y 104 47.50 -20.36 87.13
C GLU Y 104 46.47 -21.02 88.05
N VAL Y 105 45.73 -20.22 88.81
CA VAL Y 105 44.70 -20.72 89.70
C VAL Y 105 43.32 -20.31 89.18
N GLN Y 106 42.37 -21.23 89.30
CA GLN Y 106 40.98 -21.05 88.89
C GLN Y 106 40.07 -21.24 90.10
N VAL Y 107 39.20 -20.27 90.37
CA VAL Y 107 38.31 -20.31 91.52
C VAL Y 107 36.86 -20.44 91.05
N ILE Y 108 36.12 -21.31 91.74
CA ILE Y 108 34.73 -21.63 91.42
C ILE Y 108 33.88 -21.36 92.65
N LEU Y 109 32.76 -20.66 92.47
CA LEU Y 109 31.84 -20.34 93.56
C LEU Y 109 30.45 -20.88 93.22
N ALA Y 110 29.89 -21.67 94.14
CA ALA Y 110 28.57 -22.27 93.94
C ALA Y 110 27.49 -21.47 94.67
N GLY Y 111 27.25 -20.27 94.15
CA GLY Y 111 26.17 -19.43 94.64
C GLY Y 111 24.89 -19.63 93.84
N ASN Y 112 23.88 -18.85 94.21
CA ASN Y 112 22.64 -18.79 93.43
C ASN Y 112 22.22 -17.32 93.30
N ALA Y 113 21.18 -17.09 92.49
CA ALA Y 113 20.78 -15.73 92.16
C ALA Y 113 20.25 -14.95 93.35
N PHE Y 114 19.91 -15.62 94.46
CA PHE Y 114 19.42 -14.97 95.66
C PHE Y 114 20.57 -14.58 96.59
N THR Y 115 21.82 -14.85 96.20
CA THR Y 115 23.00 -14.68 97.06
C THR Y 115 23.76 -13.43 96.64
N ALA Y 116 23.61 -12.34 97.39
CA ALA Y 116 24.37 -11.13 97.13
C ALA Y 116 25.69 -11.16 97.88
N GLY Y 117 26.70 -10.48 97.34
CA GLY Y 117 27.97 -10.31 98.01
C GLY Y 117 29.14 -10.44 97.05
N LYS Y 118 30.29 -9.91 97.47
CA LYS Y 118 31.50 -9.95 96.66
C LYS Y 118 32.63 -10.63 97.42
N ILE Y 119 33.42 -11.43 96.70
CA ILE Y 119 34.64 -12.03 97.21
C ILE Y 119 35.81 -11.43 96.46
N ILE Y 120 36.86 -11.04 97.19
CA ILE Y 120 38.10 -10.55 96.58
C ILE Y 120 39.19 -11.58 96.79
N PHE Y 121 39.87 -11.94 95.70
CA PHE Y 121 41.08 -12.74 95.74
C PHE Y 121 42.28 -11.83 95.49
N ALA Y 122 43.34 -12.01 96.27
CA ALA Y 122 44.50 -11.15 96.14
C ALA Y 122 45.80 -11.94 96.30
N ALA Y 123 46.81 -11.54 95.54
CA ALA Y 123 48.16 -12.07 95.66
C ALA Y 123 48.96 -11.10 96.53
N VAL Y 124 49.36 -11.55 97.70
CA VAL Y 124 50.13 -10.75 98.65
C VAL Y 124 51.58 -11.23 98.63
N PRO Y 125 52.55 -10.35 98.42
CA PRO Y 125 53.91 -10.78 98.08
C PRO Y 125 54.66 -11.24 99.31
N PRO Y 126 55.79 -11.95 99.13
CA PRO Y 126 56.48 -12.55 100.28
C PRO Y 126 56.90 -11.51 101.31
N ASN Y 127 56.82 -11.91 102.58
CA ASN Y 127 57.20 -11.10 103.72
C ASN Y 127 56.32 -9.88 103.93
N PHE Y 128 55.12 -9.88 103.35
CA PHE Y 128 54.19 -8.83 103.74
C PHE Y 128 53.19 -9.40 104.74
N PRO Y 129 52.96 -8.74 105.87
CA PRO Y 129 52.09 -9.31 106.90
C PRO Y 129 50.62 -9.17 106.54
N THR Y 130 49.90 -10.29 106.56
CA THR Y 130 48.48 -10.28 106.24
C THR Y 130 47.62 -9.91 107.43
N GLU Y 131 48.16 -9.95 108.65
CA GLU Y 131 47.34 -9.86 109.84
C GLU Y 131 46.81 -8.44 109.99
N GLY Y 132 45.50 -8.29 109.92
CA GLY Y 132 44.86 -7.02 110.17
C GLY Y 132 44.30 -6.34 108.93
N LEU Y 133 44.36 -6.99 107.78
CA LEU Y 133 44.02 -6.34 106.52
C LEU Y 133 42.52 -6.01 106.47
N SER Y 134 42.22 -4.83 106.00
CA SER Y 134 40.86 -4.44 105.71
C SER Y 134 40.50 -4.82 104.28
N PRO Y 135 39.21 -4.92 103.94
CA PRO Y 135 38.86 -5.18 102.55
C PRO Y 135 39.38 -4.13 101.58
N SER Y 136 39.24 -2.84 101.93
CA SER Y 136 39.83 -1.77 101.14
C SER Y 136 41.31 -2.01 100.84
N GLN Y 137 42.09 -2.36 101.87
CA GLN Y 137 43.53 -2.52 101.69
C GLN Y 137 43.85 -3.67 100.75
N VAL Y 138 43.06 -4.75 100.81
CA VAL Y 138 43.32 -5.91 99.96
C VAL Y 138 43.26 -5.54 98.49
N THR Y 139 42.43 -4.55 98.13
CA THR Y 139 42.38 -4.08 96.74
C THR Y 139 43.69 -3.49 96.27
N MET Y 140 44.62 -3.15 97.17
CA MET Y 140 45.85 -2.51 96.75
C MET Y 140 46.90 -3.52 96.27
N PHE Y 141 46.64 -4.80 96.46
CA PHE Y 141 47.42 -5.87 95.84
C PHE Y 141 46.88 -6.16 94.46
N PRO Y 142 47.61 -6.91 93.64
CA PRO Y 142 46.96 -7.53 92.47
C PRO Y 142 45.78 -8.35 92.95
N HIS Y 143 44.62 -8.14 92.32
CA HIS Y 143 43.41 -8.73 92.87
C HIS Y 143 42.37 -8.90 91.77
N ILE Y 144 41.34 -9.67 92.11
CA ILE Y 144 40.08 -9.73 91.37
C ILE Y 144 38.94 -9.66 92.35
N ILE Y 145 37.88 -8.96 91.97
CA ILE Y 145 36.67 -8.88 92.79
C ILE Y 145 35.58 -9.64 92.06
N VAL Y 146 35.10 -10.72 92.67
CA VAL Y 146 34.18 -11.64 92.02
C VAL Y 146 32.86 -11.67 92.81
N ASP Y 147 31.76 -11.67 92.09
CA ASP Y 147 30.44 -11.72 92.71
C ASP Y 147 30.07 -13.15 93.05
N VAL Y 148 29.48 -13.35 94.24
CA VAL Y 148 29.21 -14.70 94.72
C VAL Y 148 28.21 -15.44 93.84
N ARG Y 149 27.39 -14.73 93.06
CA ARG Y 149 26.44 -15.42 92.19
C ARG Y 149 27.02 -15.72 90.81
N GLN Y 150 28.31 -15.51 90.61
CA GLN Y 150 28.94 -15.77 89.31
C GLN Y 150 28.97 -17.26 88.99
N LEU Y 151 28.62 -17.59 87.75
CA LEU Y 151 28.60 -18.98 87.31
C LEU Y 151 29.95 -19.41 86.72
N GLU Y 152 30.53 -18.58 85.86
CA GLU Y 152 31.76 -18.94 85.19
C GLU Y 152 32.95 -18.83 86.15
N PRO Y 153 33.89 -19.77 86.10
CA PRO Y 153 35.06 -19.68 86.98
C PRO Y 153 35.94 -18.50 86.63
N VAL Y 154 36.67 -18.00 87.63
CA VAL Y 154 37.60 -16.89 87.48
C VAL Y 154 39.04 -17.39 87.49
N LEU Y 155 39.88 -16.84 86.61
CA LEU Y 155 41.28 -17.21 86.48
C LEU Y 155 42.20 -16.15 87.10
N ILE Y 156 43.12 -16.59 87.96
CA ILE Y 156 44.08 -15.71 88.63
C ILE Y 156 45.48 -16.18 88.27
N PRO Y 157 46.37 -15.30 87.81
CA PRO Y 157 47.78 -15.68 87.70
C PRO Y 157 48.53 -15.51 89.01
N LEU Y 158 49.36 -16.50 89.34
CA LEU Y 158 50.16 -16.49 90.58
C LEU Y 158 51.65 -16.69 90.27
N PRO Y 159 52.41 -15.62 90.08
CA PRO Y 159 53.83 -15.76 89.73
C PRO Y 159 54.71 -15.96 90.95
N ASP Y 160 55.85 -16.61 90.73
CA ASP Y 160 56.77 -16.96 91.82
C ASP Y 160 57.73 -15.81 92.13
N VAL Y 161 57.15 -14.70 92.58
CA VAL Y 161 57.94 -13.59 93.08
C VAL Y 161 58.83 -14.05 94.24
N ARG Y 162 60.10 -13.68 94.17
CA ARG Y 162 61.11 -14.17 95.11
C ARG Y 162 62.39 -13.36 94.91
N ASN Y 163 63.32 -13.53 95.84
CA ASN Y 163 64.61 -12.86 95.76
C ASN Y 163 65.77 -13.85 95.75
N ASN Y 164 65.49 -15.13 95.50
CA ASN Y 164 66.52 -16.14 95.38
C ASN Y 164 66.30 -16.94 94.10
N PHE Y 165 67.26 -17.80 93.79
CA PHE Y 165 67.20 -18.53 92.52
C PHE Y 165 66.06 -19.53 92.51
N TYR Y 166 65.79 -20.17 93.65
CA TYR Y 166 64.71 -21.16 93.72
C TYR Y 166 64.42 -21.47 95.18
N HIS Y 167 63.42 -22.32 95.39
CA HIS Y 167 62.91 -22.68 96.71
C HIS Y 167 63.29 -24.12 97.03
N TYR Y 168 63.59 -24.39 98.30
CA TYR Y 168 63.79 -25.76 98.76
C TYR Y 168 62.50 -26.34 99.33
N ASN Y 169 62.25 -27.62 99.03
CA ASN Y 169 61.04 -28.27 99.53
C ASN Y 169 61.06 -28.39 101.05
N GLN Y 170 62.24 -28.66 101.63
CA GLN Y 170 62.38 -28.90 103.07
C GLN Y 170 62.49 -27.63 103.89
N SER Y 171 62.49 -26.45 103.27
CA SER Y 171 62.62 -25.19 103.99
C SER Y 171 61.31 -24.42 103.96
N ASN Y 172 61.12 -23.57 104.97
CA ASN Y 172 59.93 -22.74 105.10
C ASN Y 172 60.18 -21.32 104.61
N ASP Y 173 61.04 -21.17 103.60
CA ASP Y 173 61.22 -19.91 102.90
C ASP Y 173 59.86 -19.40 102.43
N PRO Y 174 59.55 -18.12 102.64
CA PRO Y 174 58.22 -17.63 102.28
C PRO Y 174 58.08 -17.39 100.79
N THR Y 175 56.86 -17.58 100.31
CA THR Y 175 56.53 -17.37 98.91
C THR Y 175 55.30 -16.48 98.82
N ILE Y 176 54.98 -16.06 97.59
CA ILE Y 176 53.75 -15.32 97.35
C ILE Y 176 52.58 -16.11 97.90
N LYS Y 177 51.62 -15.39 98.46
CA LYS Y 177 50.43 -15.99 99.06
C LYS Y 177 49.20 -15.49 98.31
N LEU Y 178 48.25 -16.39 98.05
CA LEU Y 178 46.94 -16.01 97.57
C LEU Y 178 45.93 -16.07 98.71
N ILE Y 179 45.17 -14.99 98.91
CA ILE Y 179 44.23 -14.86 100.01
C ILE Y 179 42.86 -14.50 99.45
N ALA Y 180 41.81 -15.05 100.05
CA ALA Y 180 40.43 -14.73 99.69
C ALA Y 180 39.66 -14.27 100.92
N MET Y 181 38.97 -13.15 100.81
CA MET Y 181 38.11 -12.67 101.88
C MET Y 181 36.84 -12.04 101.30
N LEU Y 182 35.84 -11.91 102.15
CA LEU Y 182 34.62 -11.21 101.81
C LEU Y 182 34.91 -9.72 101.62
N TYR Y 183 34.58 -9.19 100.44
CA TYR Y 183 34.87 -7.80 100.12
C TYR Y 183 33.72 -6.88 100.52
N THR Y 184 32.48 -7.35 100.36
CA THR Y 184 31.27 -6.73 100.84
C THR Y 184 30.51 -7.81 101.60
N PRO Y 185 29.69 -7.43 102.58
CA PRO Y 185 29.01 -8.46 103.39
C PRO Y 185 28.15 -9.37 102.54
N LEU Y 186 28.06 -10.63 102.96
CA LEU Y 186 27.24 -11.63 102.30
C LEU Y 186 25.82 -11.57 102.84
N ARG Y 187 24.84 -11.52 101.95
CA ARG Y 187 23.43 -11.54 102.33
C ARG Y 187 22.78 -12.78 101.74
N ALA Y 188 22.02 -13.49 102.57
CA ALA Y 188 21.41 -14.75 102.16
C ALA Y 188 20.13 -15.03 102.94
N VAL Y 195 21.22 -19.82 106.67
CA VAL Y 195 21.57 -21.23 106.64
C VAL Y 195 22.34 -21.53 105.34
N PHE Y 196 22.09 -20.72 104.32
CA PHE Y 196 22.66 -20.96 102.99
C PHE Y 196 24.16 -20.73 103.00
N THR Y 197 24.92 -21.82 102.91
CA THR Y 197 26.37 -21.76 102.80
C THR Y 197 26.78 -21.90 101.34
N VAL Y 198 27.73 -21.06 100.92
CA VAL Y 198 28.24 -21.06 99.56
C VAL Y 198 29.51 -21.91 99.52
N SER Y 199 29.46 -23.03 98.82
CA SER Y 199 30.62 -23.87 98.66
C SER Y 199 31.54 -23.30 97.58
N CYS Y 200 32.82 -23.17 97.89
CA CYS Y 200 33.81 -22.65 96.95
C CYS Y 200 34.94 -23.64 96.78
N ARG Y 201 35.48 -23.69 95.56
CA ARG Y 201 36.59 -24.58 95.25
C ARG Y 201 37.68 -23.83 94.50
N VAL Y 202 38.92 -24.17 94.82
CA VAL Y 202 40.11 -23.60 94.19
C VAL Y 202 40.84 -24.69 93.41
N LEU Y 203 41.06 -24.45 92.12
CA LEU Y 203 41.81 -25.35 91.27
C LEU Y 203 43.04 -24.62 90.73
N THR Y 204 44.09 -25.39 90.40
CA THR Y 204 45.36 -24.82 89.98
C THR Y 204 45.97 -25.64 88.86
N ARG Y 205 46.95 -25.05 88.18
CA ARG Y 205 47.82 -25.77 87.26
C ARG Y 205 49.10 -24.99 87.10
N PRO Y 206 50.22 -25.65 86.85
CA PRO Y 206 51.51 -24.94 86.80
C PRO Y 206 51.62 -24.05 85.57
N SER Y 207 52.22 -22.88 85.77
CA SER Y 207 52.59 -22.03 84.65
C SER Y 207 53.63 -22.74 83.79
N PRO Y 208 53.84 -22.29 82.55
CA PRO Y 208 54.90 -22.89 81.72
C PRO Y 208 56.30 -22.76 82.30
N ASP Y 209 56.57 -21.74 83.10
CA ASP Y 209 57.89 -21.53 83.67
C ASP Y 209 58.14 -22.32 84.95
N PHE Y 210 57.15 -23.05 85.45
CA PHE Y 210 57.35 -23.88 86.63
C PHE Y 210 58.17 -25.12 86.31
N ASP Y 211 59.04 -25.49 87.24
CA ASP Y 211 59.84 -26.71 87.10
C ASP Y 211 60.40 -27.12 88.45
N PHE Y 212 60.61 -28.42 88.61
CA PHE Y 212 61.30 -28.97 89.77
C PHE Y 212 62.80 -28.95 89.50
N ILE Y 213 63.60 -29.13 90.56
CA ILE Y 213 65.02 -28.93 90.36
C ILE Y 213 65.93 -30.14 90.60
N PHE Y 214 65.94 -30.74 91.77
CA PHE Y 214 66.96 -31.78 91.98
C PHE Y 214 66.29 -33.12 92.25
N LEU Y 215 66.58 -34.10 91.40
CA LEU Y 215 66.02 -35.44 91.53
C LEU Y 215 66.54 -36.12 92.79
N VAL Y 216 65.64 -36.67 93.58
CA VAL Y 216 66.04 -37.18 94.89
C VAL Y 216 65.15 -38.38 95.23
N PRO Y 217 65.61 -39.34 96.04
CA PRO Y 217 64.76 -40.49 96.38
C PRO Y 217 63.62 -40.08 97.30
N PRO Y 218 62.41 -40.59 97.06
CA PRO Y 218 61.35 -40.42 98.05
C PRO Y 218 61.63 -41.26 99.28
N THR Y 219 62.23 -40.66 100.30
CA THR Y 219 62.51 -41.33 101.55
C THR Y 219 61.43 -40.98 102.59
N VAL Y 220 61.46 -41.71 103.71
CA VAL Y 220 60.52 -41.47 104.79
C VAL Y 220 60.89 -40.19 105.54
N GLU Y 221 62.17 -39.98 105.80
CA GLU Y 221 62.61 -38.78 106.53
C GLU Y 221 62.35 -37.49 105.77
N SER Y 222 62.02 -37.54 104.48
CA SER Y 222 61.75 -36.31 103.75
C SER Y 222 60.56 -35.57 104.35
N ARG Y 223 59.65 -36.31 104.98
CA ARG Y 223 58.40 -35.75 105.50
C ARG Y 223 57.61 -35.05 104.40
N THR Y 224 57.63 -35.65 103.21
CA THR Y 224 56.88 -35.17 102.07
C THR Y 224 55.69 -36.06 101.75
N LYS Y 225 55.49 -37.13 102.50
CA LYS Y 225 54.33 -37.98 102.31
C LYS Y 225 53.08 -37.16 102.64
N PRO Y 226 52.06 -37.20 101.79
CA PRO Y 226 50.87 -36.38 102.08
C PRO Y 226 50.05 -36.99 103.21
N PHE Y 227 49.34 -36.11 103.91
CA PHE Y 227 48.62 -36.53 105.11
C PHE Y 227 47.38 -37.33 104.72
N THR Y 228 47.16 -38.42 105.45
CA THR Y 228 46.01 -39.28 105.22
C THR Y 228 45.46 -39.75 106.55
N VAL Y 229 44.31 -40.42 106.45
CA VAL Y 229 43.58 -40.96 107.60
C VAL Y 229 43.31 -42.42 107.26
N PRO Y 230 43.55 -43.36 108.18
CA PRO Y 230 43.46 -44.78 107.82
C PRO Y 230 42.09 -45.16 107.30
N ILE Y 231 42.09 -46.09 106.35
CA ILE Y 231 40.84 -46.57 105.75
C ILE Y 231 40.08 -47.52 106.66
N LEU Y 232 40.60 -47.79 107.86
CA LEU Y 232 39.94 -48.72 108.76
C LEU Y 232 38.57 -48.20 109.16
N THR Y 233 37.66 -49.15 109.39
CA THR Y 233 36.30 -48.86 109.83
C THR Y 233 36.26 -48.62 111.34
N VAL Y 234 35.27 -47.83 111.77
CA VAL Y 234 35.05 -47.60 113.19
C VAL Y 234 34.97 -48.93 113.94
N GLU Y 235 34.20 -49.86 113.38
CA GLU Y 235 34.02 -51.17 114.01
C GLU Y 235 35.34 -51.90 114.23
N GLU Y 236 36.27 -51.79 113.29
CA GLU Y 236 37.52 -52.54 113.35
C GLU Y 236 38.65 -51.83 114.09
N MET Y 237 38.43 -50.64 114.64
CA MET Y 237 39.50 -49.94 115.33
C MET Y 237 39.33 -50.09 116.84
N THR Y 238 40.24 -49.47 117.58
CA THR Y 238 40.40 -49.71 119.00
C THR Y 238 40.41 -48.38 119.76
N ASN Y 239 39.80 -48.37 120.94
CA ASN Y 239 39.80 -47.19 121.77
C ASN Y 239 41.20 -46.92 122.32
N SER Y 240 41.53 -45.64 122.46
CA SER Y 240 42.86 -45.21 122.85
C SER Y 240 42.97 -44.90 124.35
N ARG Y 241 41.89 -45.07 125.11
CA ARG Y 241 41.90 -44.79 126.54
C ARG Y 241 41.71 -46.04 127.39
N PHE Y 242 41.41 -47.19 126.77
CA PHE Y 242 41.23 -48.46 127.46
C PHE Y 242 41.34 -49.57 126.42
N PRO Y 243 42.00 -50.69 126.72
CA PRO Y 243 42.21 -51.72 125.70
C PRO Y 243 40.92 -52.44 125.31
N ILE Y 244 40.02 -51.71 124.66
CA ILE Y 244 38.76 -52.26 124.17
C ILE Y 244 38.48 -51.73 122.78
N PRO Y 245 37.73 -52.48 121.98
CA PRO Y 245 37.41 -52.01 120.63
C PRO Y 245 36.47 -50.82 120.66
N LEU Y 246 36.46 -50.07 119.56
CA LEU Y 246 35.50 -49.00 119.36
C LEU Y 246 34.16 -49.58 118.95
N GLU Y 247 33.11 -48.76 119.11
CA GLU Y 247 31.76 -49.27 118.92
C GLU Y 247 30.87 -48.35 118.08
N LYS Y 248 30.83 -47.06 118.41
CA LYS Y 248 30.03 -46.13 117.64
C LYS Y 248 30.63 -44.73 117.74
N LEU Y 249 30.12 -43.82 116.92
CA LEU Y 249 30.47 -42.41 116.95
C LEU Y 249 29.41 -41.61 117.69
N PHE Y 250 29.86 -40.69 118.56
CA PHE Y 250 28.97 -39.92 119.42
C PHE Y 250 29.35 -38.45 119.39
N THR Y 251 28.34 -37.59 119.29
CA THR Y 251 28.49 -36.16 119.45
C THR Y 251 27.69 -35.70 120.64
N GLY Y 252 28.22 -34.74 121.40
CA GLY Y 252 27.49 -34.13 122.48
C GLY Y 252 28.03 -32.77 122.89
N PRO Y 253 27.22 -32.01 123.62
CA PRO Y 253 27.70 -30.75 124.19
C PRO Y 253 28.64 -31.01 125.35
N SER Y 254 29.62 -30.13 125.52
CA SER Y 254 30.67 -30.34 126.51
C SER Y 254 30.74 -29.21 127.52
N GLY Y 255 29.66 -28.45 127.69
CA GLY Y 255 29.68 -27.34 128.62
C GLY Y 255 29.81 -27.78 130.06
N ALA Y 256 29.21 -28.92 130.40
CA ALA Y 256 29.26 -29.43 131.76
C ALA Y 256 30.67 -29.88 132.13
N PHE Y 257 31.32 -30.62 131.24
CA PHE Y 257 32.58 -31.27 131.57
C PHE Y 257 33.76 -30.38 131.18
N VAL Y 258 34.95 -30.85 131.53
CA VAL Y 258 36.21 -30.34 131.01
C VAL Y 258 36.86 -31.52 130.28
N VAL Y 259 36.95 -31.42 128.95
CA VAL Y 259 37.48 -32.50 128.13
C VAL Y 259 38.99 -32.33 128.06
N GLN Y 260 39.72 -33.13 128.83
CA GLN Y 260 41.18 -33.04 128.86
C GLN Y 260 41.81 -34.41 129.01
N PRO Y 261 41.44 -35.41 128.20
CA PRO Y 261 42.05 -36.73 128.33
C PRO Y 261 43.52 -36.67 127.99
N GLN Y 262 44.28 -37.62 128.56
CA GLN Y 262 45.71 -37.67 128.34
C GLN Y 262 46.16 -38.90 127.58
N ASN Y 263 45.26 -39.84 127.31
CA ASN Y 263 45.56 -40.97 126.43
C ASN Y 263 44.87 -40.77 125.10
N GLY Y 264 45.48 -41.33 124.05
CA GLY Y 264 44.96 -41.12 122.71
C GLY Y 264 44.96 -39.66 122.33
N ARG Y 265 46.06 -38.98 122.62
CA ARG Y 265 46.26 -37.58 122.25
C ARG Y 265 47.51 -37.47 121.38
N CYS Y 266 47.32 -37.12 120.11
CA CYS Y 266 48.40 -37.07 119.14
C CYS Y 266 48.11 -35.99 118.11
N THR Y 267 49.17 -35.36 117.65
CA THR Y 267 49.08 -34.32 116.63
C THR Y 267 49.09 -34.97 115.24
N THR Y 268 48.45 -34.31 114.29
CA THR Y 268 48.41 -34.83 112.92
C THR Y 268 49.80 -35.13 112.36
N ASP Y 269 50.83 -34.36 112.71
CA ASP Y 269 52.16 -34.66 112.21
C ASP Y 269 52.93 -35.60 113.14
N GLY Y 270 52.23 -36.27 114.06
CA GLY Y 270 52.81 -37.39 114.77
C GLY Y 270 53.49 -37.06 116.09
N VAL Y 271 53.16 -35.94 116.72
CA VAL Y 271 53.70 -35.62 118.04
C VAL Y 271 52.75 -36.17 119.10
N LEU Y 272 53.28 -37.04 119.95
CA LEU Y 272 52.49 -37.57 121.06
C LEU Y 272 52.39 -36.57 122.19
N LEU Y 273 51.26 -36.59 122.89
CA LEU Y 273 50.95 -35.63 123.94
C LEU Y 273 50.48 -36.38 125.19
N GLY Y 274 50.62 -35.72 126.33
CA GLY Y 274 50.12 -36.28 127.58
C GLY Y 274 50.78 -37.60 127.92
N THR Y 275 49.98 -38.59 128.31
CA THR Y 275 50.47 -39.92 128.63
C THR Y 275 50.30 -40.89 127.48
N THR Y 276 50.23 -40.40 126.24
CA THR Y 276 49.88 -41.23 125.10
C THR Y 276 51.10 -42.02 124.62
N GLN Y 277 50.89 -43.31 124.36
CA GLN Y 277 51.93 -44.16 123.78
C GLN Y 277 51.30 -45.01 122.68
N LEU Y 278 52.11 -45.86 122.05
CA LEU Y 278 51.71 -46.48 120.79
C LEU Y 278 51.04 -47.84 120.96
N SER Y 279 51.33 -48.54 122.04
CA SER Y 279 50.83 -49.90 122.20
C SER Y 279 49.37 -49.88 122.64
N PRO Y 280 48.46 -50.51 121.89
CA PRO Y 280 47.04 -50.49 122.28
C PRO Y 280 46.70 -51.43 123.43
N VAL Y 281 47.65 -52.22 123.91
CA VAL Y 281 47.42 -53.20 124.96
C VAL Y 281 47.82 -52.62 126.32
N ASN Y 282 48.80 -51.71 126.31
CA ASN Y 282 49.36 -51.14 127.52
C ASN Y 282 48.63 -49.88 127.98
N ILE Y 283 47.35 -49.71 127.63
CA ILE Y 283 46.70 -48.42 127.85
C ILE Y 283 46.10 -48.29 129.25
N CYS Y 284 46.13 -49.35 130.06
CA CYS Y 284 45.77 -49.24 131.47
C CYS Y 284 46.41 -50.35 132.28
N THR Y 285 47.67 -50.65 131.99
CA THR Y 285 48.41 -51.69 132.66
C THR Y 285 49.42 -51.06 133.61
N PHE Y 286 49.86 -51.87 134.59
CA PHE Y 286 50.90 -51.49 135.52
C PHE Y 286 51.87 -52.65 135.65
N ARG Y 287 53.15 -52.33 135.78
CA ARG Y 287 54.19 -53.33 135.98
C ARG Y 287 55.16 -52.85 137.05
N GLY Y 288 55.57 -53.75 137.93
CA GLY Y 288 56.56 -53.41 138.93
C GLY Y 288 56.66 -54.49 139.98
N ASP Y 289 57.32 -54.12 141.08
CA ASP Y 289 57.48 -54.98 142.24
C ASP Y 289 56.41 -54.63 143.27
N VAL Y 290 55.90 -55.64 143.96
CA VAL Y 290 54.71 -55.47 144.78
C VAL Y 290 55.04 -55.79 146.23
N THR Y 291 54.37 -55.08 147.14
CA THR Y 291 54.66 -55.12 148.57
C THR Y 291 53.34 -55.14 149.34
N HIS Y 292 53.25 -56.01 150.33
CA HIS Y 292 52.05 -56.11 151.14
C HIS Y 292 51.97 -54.97 152.14
N ILE Y 293 50.75 -54.48 152.37
CA ILE Y 293 50.45 -53.52 153.42
C ILE Y 293 49.86 -54.28 154.59
N ALA Y 294 50.55 -54.27 155.73
CA ALA Y 294 50.26 -55.20 156.81
C ALA Y 294 48.85 -54.99 157.35
N GLY Y 295 48.11 -56.11 157.49
CA GLY Y 295 46.79 -56.10 158.08
C GLY Y 295 45.66 -55.88 157.12
N THR Y 296 45.93 -55.70 155.83
CA THR Y 296 44.91 -55.45 154.82
C THR Y 296 45.08 -56.44 153.68
N HIS Y 297 44.17 -56.36 152.70
CA HIS Y 297 44.32 -57.05 151.43
C HIS Y 297 44.91 -56.14 150.36
N ASP Y 298 45.52 -55.02 150.77
CA ASP Y 298 46.06 -54.03 149.87
C ASP Y 298 47.55 -54.27 149.64
N TYR Y 299 48.01 -53.94 148.45
CA TYR Y 299 49.42 -54.02 148.10
C TYR Y 299 49.88 -52.71 147.49
N THR Y 300 51.17 -52.42 147.65
CA THR Y 300 51.80 -51.25 147.05
C THR Y 300 52.75 -51.72 145.96
N MET Y 301 52.64 -51.10 144.79
CA MET Y 301 53.47 -51.43 143.63
C MET Y 301 54.46 -50.32 143.36
N ASN Y 302 55.74 -50.64 143.38
CA ASN Y 302 56.78 -49.71 142.97
C ASN Y 302 56.94 -49.83 141.46
N LEU Y 303 56.62 -48.75 140.74
CA LEU Y 303 56.41 -48.86 139.30
C LEU Y 303 57.74 -48.88 138.56
N ALA Y 304 57.92 -49.88 137.70
CA ALA Y 304 58.98 -49.88 136.70
C ALA Y 304 58.41 -49.41 135.36
N SER Y 305 59.32 -49.23 134.40
CA SER Y 305 58.94 -48.68 133.10
C SER Y 305 58.12 -49.71 132.32
N GLN Y 306 57.50 -49.24 131.23
CA GLN Y 306 56.70 -50.13 130.39
C GLN Y 306 57.55 -51.24 129.79
N ASN Y 307 58.87 -51.03 129.69
CA ASN Y 307 59.83 -51.98 129.14
C ASN Y 307 60.60 -52.68 130.26
N TRP Y 308 60.11 -52.59 131.50
CA TRP Y 308 60.77 -53.13 132.69
C TRP Y 308 62.12 -52.47 132.92
N ASN Y 309 62.17 -51.15 132.69
CA ASN Y 309 63.30 -50.31 133.04
C ASN Y 309 62.99 -49.55 134.32
N ASN Y 310 63.89 -48.65 134.71
CA ASN Y 310 63.63 -47.77 135.84
C ASN Y 310 62.66 -46.67 135.42
N TYR Y 311 61.86 -46.22 136.37
CA TYR Y 311 60.90 -45.14 136.13
C TYR Y 311 61.52 -43.82 136.57
N ASP Y 312 61.48 -42.84 135.69
CA ASP Y 312 62.12 -41.55 135.94
C ASP Y 312 61.07 -40.49 136.23
N PRO Y 313 60.99 -39.97 137.47
CA PRO Y 313 59.99 -38.94 137.76
C PRO Y 313 60.34 -37.57 137.21
N THR Y 314 61.53 -37.40 136.64
CA THR Y 314 61.96 -36.11 136.10
C THR Y 314 61.67 -35.99 134.61
N GLU Y 315 60.98 -36.96 134.05
CA GLU Y 315 60.56 -36.90 132.65
C GLU Y 315 59.44 -35.88 132.51
N GLU Y 316 59.39 -35.21 131.35
CA GLU Y 316 58.40 -34.16 131.14
C GLU Y 316 57.07 -34.74 130.67
N ILE Y 317 56.55 -35.66 131.48
CA ILE Y 317 55.30 -36.35 131.21
C ILE Y 317 54.40 -36.22 132.43
N PRO Y 318 53.09 -36.02 132.28
CA PRO Y 318 52.21 -35.92 133.45
C PRO Y 318 52.22 -37.16 134.34
N ALA Y 319 52.59 -38.33 133.79
CA ALA Y 319 52.60 -39.60 134.48
C ALA Y 319 53.25 -40.63 133.56
N PRO Y 320 53.56 -41.84 134.02
CA PRO Y 320 54.08 -42.86 133.10
C PRO Y 320 53.09 -43.13 131.97
N LEU Y 321 53.64 -43.42 130.80
CA LEU Y 321 52.82 -43.55 129.60
C LEU Y 321 51.86 -44.72 129.73
N GLY Y 322 50.59 -44.46 129.44
CA GLY Y 322 49.53 -45.44 129.61
C GLY Y 322 48.82 -45.38 130.94
N THR Y 323 49.17 -44.43 131.79
CA THR Y 323 48.49 -44.27 133.07
C THR Y 323 47.03 -43.87 132.82
N PRO Y 324 46.07 -44.48 133.49
CA PRO Y 324 44.67 -44.09 133.28
C PRO Y 324 44.47 -42.58 133.43
N ASP Y 325 43.57 -42.03 132.63
CA ASP Y 325 43.35 -40.59 132.55
C ASP Y 325 41.95 -40.22 133.00
N PHE Y 326 41.36 -41.04 133.87
CA PHE Y 326 40.04 -40.75 134.42
C PHE Y 326 39.98 -41.24 135.85
N VAL Y 327 39.01 -40.72 136.60
CA VAL Y 327 38.83 -41.09 138.00
C VAL Y 327 37.80 -42.21 138.08
N GLY Y 328 38.18 -43.31 138.72
CA GLY Y 328 37.30 -44.45 138.85
C GLY Y 328 38.06 -45.60 139.46
N LYS Y 329 37.32 -46.69 139.67
CA LYS Y 329 37.90 -47.93 140.20
C LYS Y 329 37.92 -48.97 139.07
N ILE Y 330 39.13 -49.33 138.65
CA ILE Y 330 39.35 -50.26 137.55
C ILE Y 330 39.69 -51.63 138.12
N GLN Y 331 38.90 -52.63 137.77
CA GLN Y 331 39.12 -53.99 138.24
C GLN Y 331 39.88 -54.77 137.17
N GLY Y 332 40.85 -55.56 137.62
CA GLY Y 332 41.64 -56.39 136.73
C GLY Y 332 42.15 -57.61 137.43
N VAL Y 333 43.41 -57.96 137.14
CA VAL Y 333 44.06 -59.15 137.68
C VAL Y 333 45.53 -58.85 137.86
N LEU Y 334 46.05 -59.08 139.06
CA LEU Y 334 47.49 -59.01 139.30
C LEU Y 334 48.11 -60.36 138.98
N THR Y 335 49.20 -60.34 138.23
CA THR Y 335 49.87 -61.53 137.75
C THR Y 335 51.34 -61.48 138.15
N GLN Y 336 51.88 -62.63 138.52
CA GLN Y 336 53.23 -62.68 139.08
C GLN Y 336 53.89 -63.98 138.66
N THR Y 337 55.21 -63.93 138.46
CA THR Y 337 55.98 -65.10 138.09
C THR Y 337 57.27 -65.11 138.90
N THR Y 338 57.60 -66.26 139.50
CA THR Y 338 58.81 -66.40 140.28
C THR Y 338 59.94 -66.89 139.39
N ARG Y 339 60.98 -66.08 139.23
CA ARG Y 339 62.11 -66.47 138.41
C ARG Y 339 62.91 -67.57 139.10
N GLY Y 340 63.23 -68.63 138.36
CA GLY Y 340 63.94 -69.75 138.93
C GLY Y 340 63.21 -71.06 138.85
N ASP Y 341 61.94 -71.08 139.27
CA ASP Y 341 61.12 -72.27 139.17
C ASP Y 341 59.96 -72.15 138.19
N GLY Y 342 59.57 -70.94 137.82
CA GLY Y 342 58.41 -70.74 136.97
C GLY Y 342 57.07 -70.71 137.68
N SER Y 343 57.07 -70.45 139.00
CA SER Y 343 55.81 -70.32 139.73
C SER Y 343 55.04 -69.10 139.25
N THR Y 344 53.73 -69.25 139.11
CA THR Y 344 52.86 -68.16 138.67
C THR Y 344 51.62 -68.09 139.55
N ARG Y 345 51.20 -66.85 139.86
CA ARG Y 345 50.05 -66.59 140.72
C ARG Y 345 49.21 -65.49 140.12
N GLY Y 346 47.89 -65.60 140.26
CA GLY Y 346 46.98 -64.62 139.72
C GLY Y 346 45.78 -64.32 140.60
N HIS Y 347 45.56 -63.05 140.93
CA HIS Y 347 44.56 -62.66 141.91
C HIS Y 347 43.77 -61.45 141.43
N LYS Y 348 42.45 -61.54 141.57
CA LYS Y 348 41.55 -60.39 141.37
C LYS Y 348 42.06 -59.18 142.11
N ALA Y 349 42.11 -58.04 141.41
CA ALA Y 349 42.64 -56.82 141.98
C ALA Y 349 41.92 -55.62 141.40
N THR Y 350 42.03 -54.48 142.09
CA THR Y 350 41.29 -53.29 141.74
C THR Y 350 42.13 -52.07 142.06
N VAL Y 351 42.15 -51.12 141.13
CA VAL Y 351 42.85 -49.85 141.30
C VAL Y 351 41.79 -48.77 141.44
N SER Y 352 41.94 -47.94 142.47
CA SER Y 352 41.09 -46.76 142.62
C SER Y 352 41.90 -45.55 142.18
N THR Y 353 41.47 -44.94 141.10
CA THR Y 353 42.09 -43.71 140.63
C THR Y 353 41.56 -42.55 141.47
N GLY Y 354 42.34 -41.48 141.55
CA GLY Y 354 41.95 -40.34 142.35
C GLY Y 354 42.00 -40.58 143.85
N SER Y 355 42.24 -41.81 144.28
CA SER Y 355 42.55 -42.09 145.68
C SER Y 355 43.84 -41.40 146.09
N VAL Y 356 43.94 -41.08 147.38
CA VAL Y 356 45.11 -40.40 147.90
C VAL Y 356 46.37 -41.24 147.76
N HIS Y 357 46.23 -42.56 147.58
CA HIS Y 357 47.38 -43.43 147.38
C HIS Y 357 47.66 -43.72 145.91
N PHE Y 358 46.88 -43.13 145.00
CA PHE Y 358 47.13 -43.24 143.55
C PHE Y 358 48.12 -42.15 143.18
N THR Y 359 49.41 -42.47 143.21
CA THR Y 359 50.48 -41.50 142.94
C THR Y 359 51.44 -42.03 141.89
N PRO Y 360 50.98 -42.26 140.66
CA PRO Y 360 51.86 -42.88 139.65
C PRO Y 360 52.97 -41.96 139.17
N LYS Y 361 52.77 -40.64 139.25
CA LYS Y 361 53.87 -39.71 138.96
C LYS Y 361 55.02 -39.87 139.93
N LEU Y 362 54.72 -40.25 141.18
CA LEU Y 362 55.73 -40.45 142.20
C LEU Y 362 56.31 -41.86 142.20
N GLY Y 363 55.62 -42.82 141.59
CA GLY Y 363 56.18 -44.14 141.34
C GLY Y 363 55.43 -45.27 142.04
N SER Y 364 54.33 -45.01 142.72
CA SER Y 364 53.63 -46.02 143.50
C SER Y 364 52.12 -45.88 143.30
N VAL Y 365 51.44 -47.03 143.20
CA VAL Y 365 49.99 -47.09 143.16
C VAL Y 365 49.55 -48.26 144.05
N GLN Y 366 48.31 -48.19 144.51
CA GLN Y 366 47.79 -49.14 145.48
C GLN Y 366 46.66 -49.96 144.87
N PHE Y 367 46.74 -51.27 145.05
CA PHE Y 367 45.72 -52.21 144.63
C PHE Y 367 45.01 -52.77 145.86
N THR Y 368 43.74 -53.14 145.69
CA THR Y 368 43.02 -53.93 146.68
C THR Y 368 42.71 -55.29 146.07
N THR Y 369 43.20 -56.35 146.72
CA THR Y 369 43.22 -57.68 146.14
C THR Y 369 42.28 -58.60 146.91
N ASP Y 370 42.20 -59.84 146.45
CA ASP Y 370 41.43 -60.88 147.13
C ASP Y 370 42.30 -61.83 147.93
N THR Y 371 43.56 -61.44 148.20
CA THR Y 371 44.46 -62.25 148.99
C THR Y 371 45.42 -61.32 149.72
N ASN Y 372 45.87 -61.74 150.91
CA ASN Y 372 46.90 -61.03 151.66
C ASN Y 372 48.17 -61.84 151.89
N ASN Y 373 48.30 -63.02 151.30
CA ASN Y 373 49.47 -63.88 151.53
C ASN Y 373 50.17 -64.38 150.28
N ASP Y 374 49.52 -64.41 149.12
CA ASP Y 374 50.01 -65.08 147.92
C ASP Y 374 50.63 -64.13 146.89
N LEU Y 375 51.26 -63.04 147.33
CA LEU Y 375 51.98 -62.16 146.40
C LEU Y 375 53.36 -61.84 146.96
N GLU Y 376 54.38 -62.43 146.37
CA GLU Y 376 55.75 -62.31 146.86
C GLU Y 376 56.29 -60.91 146.59
N THR Y 377 57.30 -60.52 147.36
CA THR Y 377 57.77 -59.14 147.32
C THR Y 377 58.81 -58.89 146.24
N GLY Y 378 59.68 -59.85 145.97
CA GLY Y 378 60.75 -59.61 145.00
C GLY Y 378 60.42 -59.85 143.55
N GLN Y 379 59.21 -60.30 143.22
CA GLN Y 379 58.88 -60.71 141.86
C GLN Y 379 58.19 -59.59 141.08
N ASN Y 380 58.38 -59.61 139.76
CA ASN Y 380 57.70 -58.68 138.88
C ASN Y 380 56.22 -59.01 138.78
N THR Y 381 55.39 -57.98 138.80
CA THR Y 381 53.95 -58.14 138.86
C THR Y 381 53.27 -57.22 137.86
N LYS Y 382 52.26 -57.74 137.17
CA LYS Y 382 51.57 -57.05 136.09
C LYS Y 382 50.08 -56.97 136.39
N PHE Y 383 49.52 -55.76 136.30
CA PHE Y 383 48.08 -55.56 136.39
C PHE Y 383 47.48 -55.55 134.98
N THR Y 384 46.64 -56.54 134.69
CA THR Y 384 45.93 -56.59 133.42
C THR Y 384 44.52 -56.04 133.63
N PRO Y 385 44.16 -54.90 133.04
CA PRO Y 385 42.83 -54.35 133.27
C PRO Y 385 41.76 -55.15 132.55
N VAL Y 386 40.55 -55.12 133.11
CA VAL Y 386 39.43 -55.89 132.56
C VAL Y 386 38.19 -55.01 132.46
N GLY Y 387 37.93 -54.22 133.49
CA GLY Y 387 36.72 -53.44 133.52
C GLY Y 387 36.71 -52.45 134.66
N VAL Y 388 35.54 -51.82 134.84
CA VAL Y 388 35.33 -50.82 135.89
C VAL Y 388 34.21 -51.29 136.81
N VAL Y 389 34.23 -50.75 138.04
CA VAL Y 389 33.27 -51.12 139.07
C VAL Y 389 32.69 -49.86 139.70
N GLN Y 390 31.55 -50.04 140.37
CA GLN Y 390 30.79 -48.93 140.94
C GLN Y 390 30.21 -49.36 142.28
N ASP Y 391 30.22 -48.44 143.24
CA ASP Y 391 29.60 -48.69 144.54
C ASP Y 391 28.08 -48.65 144.39
N GLY Y 392 27.43 -49.82 144.56
CA GLY Y 392 26.03 -49.96 144.21
C GLY Y 392 25.08 -49.23 145.14
N ASN Y 393 25.54 -48.87 146.33
CA ASN Y 393 24.70 -48.16 147.30
C ASN Y 393 24.65 -46.66 147.04
N SER Y 394 25.54 -46.13 146.21
CA SER Y 394 25.54 -44.72 145.83
C SER Y 394 24.70 -44.53 144.57
N ALA Y 395 24.65 -43.29 144.09
CA ALA Y 395 23.84 -42.99 142.91
C ALA Y 395 24.34 -43.76 141.71
N HIS Y 396 23.41 -44.37 140.97
CA HIS Y 396 23.76 -45.24 139.86
C HIS Y 396 24.44 -44.46 138.73
N GLN Y 397 25.48 -45.07 138.17
CA GLN Y 397 26.23 -44.51 137.02
C GLN Y 397 27.03 -43.26 137.40
N ASN Y 398 27.68 -43.29 138.56
CA ASN Y 398 28.40 -42.11 139.04
C ASN Y 398 29.88 -42.33 139.36
N GLU Y 399 30.37 -43.57 139.34
CA GLU Y 399 31.71 -43.81 139.85
C GLU Y 399 32.78 -43.49 138.80
N PRO Y 400 32.74 -44.08 137.58
CA PRO Y 400 33.78 -43.73 136.60
C PRO Y 400 33.47 -42.42 135.91
N GLN Y 401 34.19 -41.36 136.30
CA GLN Y 401 34.03 -40.03 135.72
C GLN Y 401 35.12 -39.84 134.67
N GLN Y 402 34.79 -40.10 133.41
CA GLN Y 402 35.82 -40.15 132.37
C GLN Y 402 36.44 -38.78 132.12
N TRP Y 403 35.72 -37.69 132.40
CA TRP Y 403 36.22 -36.35 132.13
C TRP Y 403 36.80 -35.66 133.36
N VAL Y 404 37.09 -36.43 134.42
CA VAL Y 404 37.75 -35.90 135.60
C VAL Y 404 39.14 -36.53 135.66
N LEU Y 405 40.17 -35.68 135.62
CA LEU Y 405 41.52 -36.22 135.64
C LEU Y 405 41.94 -36.58 137.06
N PRO Y 406 42.63 -37.71 137.23
CA PRO Y 406 43.28 -38.00 138.52
C PRO Y 406 44.37 -37.00 138.85
N ASN Y 407 44.75 -37.00 140.13
CA ASN Y 407 45.89 -36.22 140.61
C ASN Y 407 47.07 -37.16 140.61
N TYR Y 408 47.92 -37.05 139.58
CA TYR Y 408 48.96 -38.04 139.34
C TYR Y 408 50.02 -38.06 140.43
N SER Y 409 50.17 -36.98 141.20
CA SER Y 409 51.07 -36.94 142.34
C SER Y 409 50.32 -36.88 143.67
N GLY Y 410 49.08 -37.37 143.70
CA GLY Y 410 48.24 -37.30 144.87
C GLY Y 410 48.21 -35.91 145.49
N ARG Y 411 48.13 -35.89 146.82
CA ARG Y 411 48.06 -34.62 147.55
C ARG Y 411 49.33 -33.79 147.41
N THR Y 412 50.47 -34.42 147.09
CA THR Y 412 51.78 -33.75 147.10
C THR Y 412 52.04 -32.96 145.81
N GLY Y 413 51.13 -32.06 145.50
CA GLY Y 413 51.27 -31.18 144.35
C GLY Y 413 50.11 -31.29 143.38
N HIS Y 414 50.26 -30.63 142.24
CA HIS Y 414 49.26 -30.62 141.18
C HIS Y 414 49.82 -31.25 139.91
N ASN Y 415 48.92 -31.54 138.98
CA ASN Y 415 49.28 -32.15 137.70
C ASN Y 415 50.11 -31.19 136.86
N VAL Y 416 51.10 -31.74 136.15
CA VAL Y 416 52.01 -30.95 135.33
C VAL Y 416 52.09 -31.56 133.93
N HIS Y 417 52.62 -30.76 133.01
CA HIS Y 417 52.86 -31.18 131.62
C HIS Y 417 51.64 -31.86 131.00
N LEU Y 418 50.46 -31.31 131.27
CA LEU Y 418 49.23 -31.91 130.77
C LEU Y 418 49.04 -31.61 129.29
N ALA Y 419 48.38 -32.52 128.59
CA ALA Y 419 47.87 -32.19 127.28
C ALA Y 419 46.73 -31.19 127.40
N PRO Y 420 46.59 -30.25 126.46
CA PRO Y 420 45.62 -29.17 126.62
C PRO Y 420 44.18 -29.70 126.65
N ALA Y 421 43.30 -28.87 127.21
CA ALA Y 421 41.88 -29.19 127.15
C ALA Y 421 41.31 -28.85 125.77
N VAL Y 422 40.10 -29.34 125.52
CA VAL Y 422 39.52 -29.38 124.18
C VAL Y 422 38.07 -28.95 124.28
N ALA Y 423 37.65 -28.03 123.40
CA ALA Y 423 36.29 -27.55 123.36
C ALA Y 423 35.99 -27.07 121.95
N PRO Y 424 34.75 -27.14 121.50
CA PRO Y 424 34.41 -26.59 120.19
C PRO Y 424 34.57 -25.08 120.16
N THR Y 425 35.07 -24.57 119.03
CA THR Y 425 35.39 -23.16 118.88
C THR Y 425 34.50 -22.44 117.88
N PHE Y 426 33.81 -23.17 117.01
CA PHE Y 426 32.98 -22.63 115.93
C PHE Y 426 31.51 -22.73 116.33
N PRO Y 427 30.73 -21.68 116.12
CA PRO Y 427 29.31 -21.72 116.50
C PRO Y 427 28.57 -22.86 115.81
N GLY Y 428 27.83 -23.63 116.60
CA GLY Y 428 27.03 -24.72 116.09
C GLY Y 428 27.74 -26.05 116.06
N GLU Y 429 29.00 -26.11 116.46
CA GLU Y 429 29.84 -27.30 116.34
C GLU Y 429 30.03 -27.94 117.71
N GLN Y 430 30.11 -29.27 117.72
CA GLN Y 430 30.44 -30.01 118.92
C GLN Y 430 31.55 -31.02 118.65
N LEU Y 431 32.21 -31.44 119.72
CA LEU Y 431 33.20 -32.50 119.63
C LEU Y 431 32.58 -33.77 119.03
N LEU Y 432 33.41 -34.51 118.30
CA LEU Y 432 33.06 -35.84 117.82
C LEU Y 432 33.91 -36.87 118.55
N PHE Y 433 33.25 -37.80 119.22
CA PHE Y 433 33.91 -38.77 120.07
C PHE Y 433 33.83 -40.15 119.43
N PHE Y 434 34.89 -40.93 119.61
CA PHE Y 434 34.90 -42.35 119.26
C PHE Y 434 34.56 -43.13 120.52
N ARG Y 435 33.37 -43.71 120.54
CA ARG Y 435 32.78 -44.24 121.77
C ARG Y 435 32.90 -45.75 121.83
N SER Y 436 33.33 -46.25 122.98
CA SER Y 436 33.22 -47.66 123.31
C SER Y 436 32.70 -47.79 124.75
N THR Y 437 32.14 -48.95 125.06
CA THR Y 437 31.56 -49.20 126.37
C THR Y 437 32.51 -50.11 127.17
N MET Y 438 32.93 -49.63 128.33
CA MET Y 438 33.81 -50.41 129.19
C MET Y 438 33.04 -51.56 129.82
N PRO Y 439 33.67 -52.73 129.99
CA PRO Y 439 33.00 -53.82 130.69
C PRO Y 439 32.80 -53.46 132.16
N GLY Y 440 31.60 -53.75 132.66
CA GLY Y 440 31.31 -53.61 134.08
C GLY Y 440 31.55 -54.90 134.83
N CYS Y 441 32.15 -54.78 136.02
CA CYS Y 441 32.46 -55.94 136.85
C CYS Y 441 31.63 -56.03 138.12
N SER Y 442 31.11 -54.91 138.63
CA SER Y 442 30.33 -54.90 139.86
C SER Y 442 29.64 -53.57 140.02
N GLY Y 443 28.36 -53.59 140.40
CA GLY Y 443 27.59 -52.38 140.63
C GLY Y 443 26.85 -51.86 139.43
N TYR Y 444 26.64 -50.54 139.39
CA TYR Y 444 25.96 -49.85 138.29
C TYR Y 444 26.90 -48.76 137.78
N PRO Y 445 27.91 -49.12 137.00
CA PRO Y 445 28.90 -48.13 136.56
C PRO Y 445 28.50 -47.41 135.28
N ASN Y 446 29.05 -46.21 135.12
CA ASN Y 446 28.90 -45.43 133.89
C ASN Y 446 29.91 -45.97 132.88
N MET Y 447 29.44 -46.82 131.97
CA MET Y 447 30.32 -47.62 131.13
C MET Y 447 30.73 -46.89 129.86
N ASN Y 448 30.31 -45.65 129.68
CA ASN Y 448 30.62 -44.88 128.49
C ASN Y 448 32.06 -44.38 128.51
N LEU Y 449 32.82 -44.69 127.47
CA LEU Y 449 34.20 -44.21 127.33
C LEU Y 449 34.39 -43.56 125.97
N ASP Y 450 34.71 -42.26 125.97
CA ASP Y 450 34.90 -41.47 124.77
C ASP Y 450 36.37 -41.08 124.64
N CYS Y 451 36.96 -41.28 123.47
CA CYS Y 451 38.29 -40.78 123.17
C CYS Y 451 38.28 -39.86 121.95
N LEU Y 452 39.30 -39.02 121.87
CA LEU Y 452 39.37 -38.01 120.83
C LEU Y 452 39.88 -38.57 119.50
N LEU Y 453 40.73 -39.60 119.56
CA LEU Y 453 41.31 -40.23 118.38
C LEU Y 453 41.36 -41.73 118.61
N PRO Y 454 41.02 -42.54 117.60
CA PRO Y 454 41.28 -43.97 117.70
C PRO Y 454 42.76 -44.23 117.87
N GLN Y 455 43.08 -45.34 118.54
CA GLN Y 455 44.48 -45.68 118.75
C GLN Y 455 45.19 -45.95 117.43
N GLU Y 456 44.47 -46.52 116.45
CA GLU Y 456 45.04 -46.71 115.12
C GLU Y 456 45.37 -45.40 114.43
N TRP Y 457 44.57 -44.36 114.66
CA TRP Y 457 44.91 -43.04 114.13
C TRP Y 457 46.18 -42.49 114.78
N VAL Y 458 46.36 -42.75 116.07
CA VAL Y 458 47.59 -42.33 116.74
C VAL Y 458 48.79 -43.01 116.10
N LEU Y 459 48.70 -44.34 115.90
CA LEU Y 459 49.77 -45.08 115.24
C LEU Y 459 50.09 -44.49 113.86
N HIS Y 460 49.04 -44.22 113.07
CA HIS Y 460 49.24 -43.78 111.70
C HIS Y 460 49.91 -42.40 111.64
N PHE Y 461 49.40 -41.45 112.43
CA PHE Y 461 50.01 -40.12 112.45
C PHE Y 461 51.47 -40.19 112.90
N TYR Y 462 51.77 -41.08 113.85
CA TYR Y 462 53.13 -41.18 114.37
C TYR Y 462 54.10 -41.62 113.28
N GLN Y 463 53.72 -42.65 112.52
CA GLN Y 463 54.61 -43.23 111.53
C GLN Y 463 54.72 -42.38 110.28
N GLU Y 464 53.61 -41.77 109.85
CA GLU Y 464 53.63 -41.01 108.61
C GLU Y 464 54.17 -39.60 108.80
N ALA Y 465 54.00 -39.05 110.00
CA ALA Y 465 54.50 -37.72 110.38
C ALA Y 465 54.34 -36.69 109.27
N ALA Y 466 53.13 -36.58 108.74
CA ALA Y 466 52.87 -35.65 107.65
C ALA Y 466 52.73 -34.24 108.19
N PRO Y 467 53.55 -33.28 107.76
CA PRO Y 467 53.38 -31.90 108.24
C PRO Y 467 52.02 -31.33 107.83
N ALA Y 468 51.39 -30.64 108.77
CA ALA Y 468 50.08 -30.04 108.54
C ALA Y 468 50.22 -28.75 107.72
N GLN Y 469 49.52 -28.69 106.60
CA GLN Y 469 49.56 -27.51 105.73
C GLN Y 469 48.64 -26.40 106.21
N SER Y 470 47.75 -26.68 107.16
CA SER Y 470 46.92 -25.66 107.78
C SER Y 470 46.43 -26.21 109.11
N ASP Y 471 45.62 -25.41 109.81
CA ASP Y 471 45.25 -25.71 111.18
C ASP Y 471 44.11 -26.71 111.29
N VAL Y 472 43.44 -27.03 110.17
CA VAL Y 472 42.27 -27.90 110.17
C VAL Y 472 42.35 -28.82 108.98
N ALA Y 473 42.16 -30.11 109.20
CA ALA Y 473 42.04 -31.09 108.14
C ALA Y 473 40.57 -31.47 107.98
N LEU Y 474 40.01 -31.21 106.81
CA LEU Y 474 38.62 -31.56 106.56
C LEU Y 474 38.51 -33.04 106.23
N LEU Y 475 37.70 -33.77 106.99
CA LEU Y 475 37.44 -35.18 106.72
C LEU Y 475 36.00 -35.37 106.29
N ARG Y 476 35.78 -36.32 105.39
CA ARG Y 476 34.43 -36.74 105.02
C ARG Y 476 34.28 -38.25 105.18
N PHE Y 477 33.11 -38.65 105.66
CA PHE Y 477 32.78 -40.05 105.92
C PHE Y 477 32.02 -40.60 104.71
N VAL Y 478 32.48 -41.72 104.17
CA VAL Y 478 32.04 -42.20 102.86
C VAL Y 478 31.43 -43.59 103.02
N ASN Y 479 30.33 -43.81 102.30
CA ASN Y 479 29.73 -45.14 102.16
C ASN Y 479 30.35 -45.78 100.92
N PRO Y 480 31.19 -46.82 101.06
CA PRO Y 480 31.91 -47.34 99.90
C PRO Y 480 31.03 -48.05 98.87
N ASP Y 481 29.82 -48.48 99.22
CA ASP Y 481 28.94 -49.10 98.23
C ASP Y 481 28.59 -48.12 97.13
N THR Y 482 28.10 -46.94 97.50
CA THR Y 482 27.68 -45.92 96.56
C THR Y 482 28.74 -44.85 96.30
N GLY Y 483 29.76 -44.73 97.16
CA GLY Y 483 30.68 -43.62 97.08
C GLY Y 483 30.17 -42.35 97.71
N ARG Y 484 29.04 -42.40 98.41
CA ARG Y 484 28.35 -41.21 98.87
C ARG Y 484 28.99 -40.66 100.14
N VAL Y 485 29.03 -39.34 100.24
CA VAL Y 485 29.51 -38.66 101.44
C VAL Y 485 28.33 -38.51 102.39
N LEU Y 486 28.50 -38.99 103.61
CA LEU Y 486 27.41 -38.95 104.59
C LEU Y 486 27.48 -37.72 105.48
N PHE Y 487 28.68 -37.35 105.96
CA PHE Y 487 28.84 -36.12 106.70
C PHE Y 487 30.30 -35.66 106.56
N GLU Y 488 30.54 -34.41 106.94
CA GLU Y 488 31.89 -33.88 107.02
C GLU Y 488 32.19 -33.45 108.45
N CYS Y 489 33.47 -33.46 108.79
CA CYS Y 489 33.93 -33.09 110.12
C CYS Y 489 35.31 -32.47 110.00
N LYS Y 490 35.71 -31.75 111.05
CA LYS Y 490 36.98 -31.06 111.10
C LYS Y 490 37.93 -31.79 112.04
N LEU Y 491 39.04 -32.30 111.50
CA LEU Y 491 40.09 -32.91 112.29
C LEU Y 491 41.13 -31.84 112.56
N HIS Y 492 41.18 -31.36 113.79
CA HIS Y 492 42.07 -30.25 114.12
C HIS Y 492 43.50 -30.73 114.27
N LYS Y 493 44.44 -29.86 113.90
CA LYS Y 493 45.85 -30.21 113.95
C LYS Y 493 46.25 -30.67 115.35
N SER Y 494 45.67 -30.05 116.38
CA SER Y 494 45.96 -30.41 117.77
C SER Y 494 45.56 -31.83 118.11
N GLY Y 495 44.89 -32.54 117.19
CA GLY Y 495 44.45 -33.90 117.42
C GLY Y 495 43.12 -34.10 118.11
N TYR Y 496 42.07 -33.48 117.57
CA TYR Y 496 40.70 -33.77 118.01
C TYR Y 496 39.76 -33.41 116.88
N VAL Y 497 38.58 -34.04 116.90
CA VAL Y 497 37.62 -33.93 115.80
C VAL Y 497 36.38 -33.20 116.29
N THR Y 498 35.79 -32.40 115.41
CA THR Y 498 34.58 -31.66 115.70
C THR Y 498 33.62 -31.81 114.54
N VAL Y 499 32.32 -31.71 114.83
CA VAL Y 499 31.29 -31.86 113.81
C VAL Y 499 30.19 -30.84 114.06
N ALA Y 500 29.35 -30.64 113.05
CA ALA Y 500 28.27 -29.64 113.09
C ALA Y 500 26.98 -30.31 113.51
N HIS Y 501 26.66 -30.20 114.80
CA HIS Y 501 25.47 -30.80 115.39
C HIS Y 501 25.18 -30.11 116.71
N THR Y 502 23.93 -30.20 117.15
CA THR Y 502 23.52 -29.68 118.45
C THR Y 502 22.69 -30.74 119.16
N GLY Y 503 23.09 -31.06 120.39
CA GLY Y 503 22.44 -32.09 121.16
C GLY Y 503 23.23 -33.39 121.15
N PRO Y 504 22.98 -34.25 122.13
CA PRO Y 504 23.62 -35.57 122.10
C PRO Y 504 23.04 -36.44 121.00
N HIS Y 505 23.89 -37.28 120.43
CA HIS Y 505 23.49 -38.11 119.29
C HIS Y 505 24.51 -39.21 119.08
N ASP Y 506 24.06 -40.46 119.10
CA ASP Y 506 24.86 -41.57 118.59
C ASP Y 506 24.66 -41.62 117.08
N LEU Y 507 25.76 -41.60 116.33
CA LEU Y 507 25.65 -41.54 114.88
C LEU Y 507 25.28 -42.90 114.30
N VAL Y 508 24.38 -42.87 113.31
CA VAL Y 508 23.95 -44.06 112.60
C VAL Y 508 24.75 -44.16 111.30
N ILE Y 509 25.68 -45.11 111.24
CA ILE Y 509 26.62 -45.18 110.13
C ILE Y 509 26.55 -46.57 109.50
N PRO Y 510 26.80 -46.71 108.21
CA PRO Y 510 26.99 -48.03 107.62
C PRO Y 510 28.18 -48.73 108.25
N PRO Y 511 28.08 -50.02 108.54
CA PRO Y 511 29.19 -50.72 109.20
C PRO Y 511 30.49 -50.71 108.40
N ASN Y 512 30.44 -50.46 107.09
CA ASN Y 512 31.62 -50.47 106.24
C ASN Y 512 32.10 -49.06 105.87
N GLY Y 513 31.52 -48.02 106.46
CA GLY Y 513 31.93 -46.66 106.15
C GLY Y 513 33.30 -46.33 106.70
N TYR Y 514 34.00 -45.42 106.01
CA TYR Y 514 35.37 -45.06 106.36
C TYR Y 514 35.55 -43.56 106.30
N PHE Y 515 36.59 -43.07 106.98
CA PHE Y 515 36.95 -41.65 106.98
C PHE Y 515 37.95 -41.36 105.86
N ARG Y 516 37.74 -40.22 105.18
CA ARG Y 516 38.59 -39.80 104.07
C ARG Y 516 39.02 -38.35 104.26
N PHE Y 517 40.33 -38.10 104.18
CA PHE Y 517 40.84 -36.73 104.25
C PHE Y 517 40.69 -36.07 102.87
N ASP Y 518 39.99 -34.94 102.81
CA ASP Y 518 39.65 -34.34 101.54
C ASP Y 518 40.36 -33.02 101.23
N SER Y 519 40.67 -32.21 102.24
CA SER Y 519 41.25 -30.90 101.97
C SER Y 519 41.73 -30.28 103.27
N TRP Y 520 42.78 -29.46 103.16
CA TRP Y 520 43.12 -28.52 104.23
C TRP Y 520 42.21 -27.29 104.17
N VAL Y 521 41.73 -26.87 105.34
CA VAL Y 521 40.86 -25.71 105.48
C VAL Y 521 41.36 -24.90 106.67
N ASN Y 522 40.76 -23.73 106.86
CA ASN Y 522 41.09 -22.89 108.01
C ASN Y 522 39.91 -22.81 108.98
N GLN Y 523 40.11 -22.04 110.05
CA GLN Y 523 39.16 -21.99 111.17
C GLN Y 523 37.80 -21.44 110.78
N PHE Y 524 37.70 -20.75 109.65
CA PHE Y 524 36.45 -20.10 109.24
C PHE Y 524 35.53 -21.01 108.44
N TYR Y 525 35.97 -22.23 108.13
CA TYR Y 525 35.17 -23.14 107.33
C TYR Y 525 33.88 -23.51 108.06
N THR Y 526 32.77 -23.46 107.35
CA THR Y 526 31.46 -23.78 107.92
C THR Y 526 31.09 -25.20 107.51
N LEU Y 527 30.86 -26.06 108.50
CA LEU Y 527 30.59 -27.45 108.25
C LEU Y 527 29.12 -27.66 107.87
N ALA Y 528 28.89 -28.63 106.99
CA ALA Y 528 27.54 -28.97 106.60
C ALA Y 528 26.81 -29.57 107.80
N PRO Y 529 25.58 -29.16 108.06
CA PRO Y 529 24.87 -29.68 109.23
C PRO Y 529 24.60 -31.17 109.09
N MET Y 530 24.86 -31.89 110.18
CA MET Y 530 24.79 -33.34 110.21
C MET Y 530 23.72 -33.77 111.21
N GLY Y 531 22.85 -34.69 110.79
CA GLY Y 531 21.83 -35.23 111.67
C GLY Y 531 20.42 -34.84 111.28
N PRO Z 10 90.03 33.45 92.71
CA PRO Z 10 88.91 32.51 92.80
C PRO Z 10 88.56 32.15 94.24
N SER Z 11 89.53 32.33 95.15
CA SER Z 11 89.40 31.96 96.54
C SER Z 11 90.09 32.97 97.44
N ASP Z 12 90.23 34.20 96.97
CA ASP Z 12 90.97 35.24 97.67
C ASP Z 12 90.01 36.02 98.57
N GLY Z 13 90.24 35.95 99.88
CA GLY Z 13 89.40 36.62 100.84
C GLY Z 13 88.17 35.84 101.23
N SER Z 14 88.00 34.64 100.68
CA SER Z 14 86.89 33.77 101.02
C SER Z 14 87.43 32.63 101.86
N THR Z 15 88.00 31.63 101.20
CA THR Z 15 88.50 30.46 101.89
C THR Z 15 89.99 30.61 102.18
N ALA Z 16 90.70 31.35 101.34
CA ALA Z 16 92.04 31.87 101.58
C ALA Z 16 93.11 30.80 101.55
N ASN Z 17 92.81 29.64 100.97
CA ASN Z 17 93.74 28.54 100.82
C ASN Z 17 94.17 27.96 102.17
N LEU Z 18 93.34 28.14 103.19
CA LEU Z 18 93.64 27.81 104.58
C LEU Z 18 93.14 26.44 104.98
N VAL Z 19 92.69 25.65 104.01
CA VAL Z 19 91.70 24.60 104.19
C VAL Z 19 91.83 23.64 103.02
N PRO Z 20 91.75 22.33 103.23
CA PRO Z 20 91.74 21.41 102.09
C PRO Z 20 90.51 21.68 101.22
N GLU Z 21 90.72 21.64 99.90
CA GLU Z 21 89.60 21.86 98.99
C GLU Z 21 88.72 20.63 98.89
N VAL Z 22 89.23 19.58 98.26
CA VAL Z 22 88.55 18.28 98.24
C VAL Z 22 89.56 17.22 98.65
N ASN Z 23 89.04 16.03 98.92
CA ASN Z 23 89.85 14.84 99.08
C ASN Z 23 89.93 14.07 97.77
N ASN Z 24 91.08 13.46 97.51
CA ASN Z 24 91.26 12.63 96.34
C ASN Z 24 91.35 11.14 96.65
N GLU Z 25 91.41 10.75 97.93
CA GLU Z 25 91.25 9.35 98.29
C GLU Z 25 89.91 8.82 97.79
N VAL Z 26 89.88 7.52 97.51
CA VAL Z 26 88.68 6.86 96.99
C VAL Z 26 88.52 5.51 97.66
N MET Z 27 87.29 5.18 98.03
CA MET Z 27 86.99 3.89 98.64
C MET Z 27 87.24 2.75 97.65
N ALA Z 28 88.08 1.81 98.05
CA ALA Z 28 88.41 0.66 97.21
C ALA Z 28 87.26 -0.33 97.12
N LEU Z 29 86.16 0.07 96.49
CA LEU Z 29 85.01 -0.80 96.27
C LEU Z 29 84.79 -0.99 94.78
N GLU Z 30 84.44 -2.21 94.38
CA GLU Z 30 84.04 -2.49 93.01
C GLU Z 30 82.63 -1.97 92.76
N PRO Z 31 82.27 -1.74 91.50
CA PRO Z 31 80.88 -1.42 91.18
C PRO Z 31 79.96 -2.60 91.46
N VAL Z 32 78.72 -2.29 91.85
CA VAL Z 32 77.74 -3.28 92.27
C VAL Z 32 76.40 -2.96 91.62
N VAL Z 33 75.81 -3.96 90.96
CA VAL Z 33 74.55 -3.74 90.25
C VAL Z 33 73.41 -3.55 91.23
N GLY Z 34 72.43 -2.74 90.84
CA GLY Z 34 71.26 -2.53 91.67
C GLY Z 34 70.09 -3.43 91.32
N ALA Z 35 68.92 -2.84 91.09
CA ALA Z 35 67.70 -3.61 90.94
C ALA Z 35 67.52 -4.20 89.55
N ALA Z 36 68.36 -3.82 88.58
CA ALA Z 36 68.22 -4.36 87.23
C ALA Z 36 68.35 -5.88 87.24
N ILE Z 37 69.27 -6.40 88.04
CA ILE Z 37 69.46 -7.84 88.13
C ILE Z 37 68.20 -8.54 88.64
N ALA Z 38 67.33 -7.82 89.34
CA ALA Z 38 66.15 -8.40 89.97
C ALA Z 38 64.95 -8.49 89.03
N ALA Z 39 65.03 -7.88 87.86
CA ALA Z 39 63.87 -7.74 87.00
C ALA Z 39 63.16 -9.06 86.66
N PRO Z 40 63.86 -10.16 86.35
CA PRO Z 40 63.14 -11.40 86.05
C PRO Z 40 62.42 -12.03 87.24
N VAL Z 41 62.80 -11.70 88.47
CA VAL Z 41 62.18 -12.30 89.65
C VAL Z 41 61.41 -11.32 90.50
N ALA Z 42 61.49 -10.03 90.21
CA ALA Z 42 60.62 -9.10 90.93
C ALA Z 42 59.23 -9.11 90.32
N GLY Z 43 58.24 -8.74 91.13
CA GLY Z 43 56.88 -8.68 90.64
C GLY Z 43 56.65 -7.56 89.64
N GLN Z 44 57.41 -6.47 89.78
CA GLN Z 44 57.13 -5.25 89.04
C GLN Z 44 58.42 -4.46 88.87
N GLN Z 45 58.43 -3.60 87.86
CA GLN Z 45 59.55 -2.69 87.62
C GLN Z 45 58.98 -1.30 87.88
N ASN Z 46 59.47 -0.64 88.91
CA ASN Z 46 58.88 0.61 89.35
C ASN Z 46 59.82 1.77 89.02
N VAL Z 47 59.35 2.97 89.31
CA VAL Z 47 60.03 4.18 88.91
C VAL Z 47 60.04 5.12 90.09
N ILE Z 48 61.17 5.77 90.31
CA ILE Z 48 61.33 6.79 91.33
C ILE Z 48 61.38 8.13 90.61
N ASP Z 49 60.74 9.14 91.19
CA ASP Z 49 60.72 10.47 90.63
C ASP Z 49 62.16 10.90 90.32
N PRO Z 50 62.47 11.28 89.08
CA PRO Z 50 63.86 11.62 88.74
C PRO Z 50 64.43 12.77 89.56
N TRP Z 51 63.59 13.68 90.05
CA TRP Z 51 64.12 14.75 90.89
C TRP Z 51 64.76 14.18 92.15
N ILE Z 52 64.13 13.16 92.75
CA ILE Z 52 64.69 12.53 93.93
C ILE Z 52 66.05 11.93 93.63
N ARG Z 53 66.27 11.45 92.40
CA ARG Z 53 67.54 10.83 92.05
C ARG Z 53 68.63 11.85 91.72
N ASN Z 54 68.26 13.09 91.44
CA ASN Z 54 69.23 14.10 90.99
C ASN Z 54 69.54 15.15 92.05
N ASN Z 55 69.03 15.01 93.26
CA ASN Z 55 69.15 16.09 94.24
C ASN Z 55 69.41 15.56 95.64
N PHE Z 56 70.52 16.00 96.22
CA PHE Z 56 70.86 15.63 97.58
C PHE Z 56 69.90 16.28 98.58
N VAL Z 57 69.46 15.49 99.54
CA VAL Z 57 68.60 15.95 100.62
C VAL Z 57 69.18 15.37 101.89
N GLN Z 58 69.03 16.08 103.00
CA GLN Z 58 69.63 15.60 104.23
C GLN Z 58 68.89 14.35 104.69
N ALA Z 59 69.66 13.32 105.01
CA ALA Z 59 69.09 12.07 105.47
C ALA Z 59 68.44 12.23 106.85
N PRO Z 60 67.43 11.43 107.16
CA PRO Z 60 67.04 11.28 108.56
C PRO Z 60 68.28 10.78 109.29
N GLY Z 61 68.62 11.43 110.38
CA GLY Z 61 69.89 11.11 110.96
C GLY Z 61 71.01 11.68 110.11
N GLY Z 62 70.91 12.97 109.79
CA GLY Z 62 71.87 13.63 108.94
C GLY Z 62 72.71 14.68 109.62
N GLU Z 63 72.72 14.74 110.95
CA GLU Z 63 73.58 15.65 111.69
C GLU Z 63 74.50 14.86 112.61
N PHE Z 64 75.74 15.30 112.69
CA PHE Z 64 76.66 14.83 113.72
C PHE Z 64 77.71 15.90 113.96
N THR Z 65 78.45 15.75 115.06
CA THR Z 65 79.38 16.75 115.54
C THR Z 65 80.72 16.15 115.93
N VAL Z 66 81.78 16.92 115.69
CA VAL Z 66 83.11 16.64 116.21
C VAL Z 66 83.42 17.74 117.21
N SER Z 67 83.56 17.38 118.48
CA SER Z 67 83.84 18.32 119.55
C SER Z 67 85.02 17.83 120.37
N PRO Z 68 85.56 18.67 121.25
CA PRO Z 68 86.68 18.22 122.09
C PRO Z 68 86.28 17.20 123.14
N ARG Z 69 84.99 17.06 123.45
CA ARG Z 69 84.54 15.97 124.31
C ARG Z 69 84.63 14.60 123.65
N ASN Z 70 84.77 14.55 122.32
CA ASN Z 70 84.84 13.27 121.64
C ASN Z 70 86.26 12.73 121.70
N ALA Z 71 86.37 11.41 121.78
CA ALA Z 71 87.67 10.75 121.79
C ALA Z 71 87.83 9.89 120.55
N PRO Z 72 89.06 9.72 120.06
CA PRO Z 72 89.27 8.88 118.86
C PRO Z 72 88.71 7.48 119.08
N GLY Z 73 88.17 6.90 118.02
CA GLY Z 73 87.55 5.60 118.08
C GLY Z 73 86.04 5.66 118.19
N GLU Z 74 85.48 6.78 118.62
CA GLU Z 74 84.03 6.92 118.72
C GLU Z 74 83.42 7.01 117.34
N ILE Z 75 82.39 6.20 117.09
CA ILE Z 75 81.63 6.25 115.85
C ILE Z 75 80.64 7.40 115.96
N LEU Z 76 80.90 8.50 115.24
CA LEU Z 76 80.07 9.68 115.32
C LEU Z 76 78.78 9.55 114.51
N TRP Z 77 78.77 8.70 113.50
CA TRP Z 77 77.63 8.54 112.61
C TRP Z 77 77.75 7.19 111.91
N SER Z 78 76.62 6.53 111.72
CA SER Z 78 76.59 5.26 111.02
C SER Z 78 75.19 4.99 110.51
N ALA Z 79 75.10 4.24 109.42
CA ALA Z 79 73.82 3.91 108.82
C ALA Z 79 73.97 2.68 107.96
N PRO Z 80 73.00 1.78 107.95
CA PRO Z 80 72.98 0.71 106.95
C PRO Z 80 72.30 1.20 105.68
N LEU Z 81 72.70 0.60 104.57
CA LEU Z 81 72.07 0.93 103.29
C LEU Z 81 70.58 0.57 103.34
N GLY Z 82 69.76 1.48 102.83
CA GLY Z 82 68.33 1.29 102.82
C GLY Z 82 67.59 2.58 102.57
N PRO Z 83 66.26 2.49 102.37
CA PRO Z 83 65.49 3.69 102.04
C PRO Z 83 65.51 4.74 103.13
N ASP Z 84 65.81 4.37 104.36
CA ASP Z 84 65.86 5.32 105.46
C ASP Z 84 67.04 6.28 105.38
N LEU Z 85 67.91 6.11 104.39
CA LEU Z 85 69.01 7.02 104.13
C LEU Z 85 68.56 8.33 103.50
N ASN Z 86 67.29 8.44 103.12
CA ASN Z 86 66.81 9.57 102.33
C ASN Z 86 65.34 9.82 102.67
N PRO Z 87 65.00 11.03 103.10
CA PRO Z 87 63.62 11.28 103.58
C PRO Z 87 62.55 11.05 102.53
N TYR Z 88 62.82 11.38 101.27
CA TYR Z 88 61.86 11.11 100.21
C TYR Z 88 61.65 9.61 100.04
N LEU Z 89 62.75 8.86 99.94
CA LEU Z 89 62.67 7.41 99.84
C LEU Z 89 62.03 6.80 101.09
N SER Z 90 62.20 7.44 102.26
CA SER Z 90 61.61 6.92 103.49
C SER Z 90 60.09 6.89 103.40
N HIS Z 91 59.48 7.98 102.91
CA HIS Z 91 58.03 7.97 102.74
C HIS Z 91 57.61 7.03 101.62
N LEU Z 92 58.38 7.01 100.53
CA LEU Z 92 58.06 6.09 99.45
C LEU Z 92 58.14 4.64 99.91
N ALA Z 93 59.09 4.35 100.80
CA ALA Z 93 59.29 2.95 101.22
C ALA Z 93 58.06 2.42 101.95
N ARG Z 94 57.27 3.31 102.57
CA ARG Z 94 56.06 2.88 103.24
C ARG Z 94 55.04 2.33 102.26
N MET Z 95 55.31 2.44 100.97
CA MET Z 95 54.41 2.07 99.89
C MET Z 95 54.94 0.88 99.09
N TYR Z 96 56.11 0.37 99.44
CA TYR Z 96 56.75 -0.72 98.72
C TYR Z 96 57.14 -1.84 99.67
N ASN Z 97 57.29 -3.03 99.11
CA ASN Z 97 57.63 -4.22 99.87
C ASN Z 97 59.14 -4.47 99.94
N GLY Z 98 59.90 -4.02 98.95
CA GLY Z 98 61.32 -4.24 98.98
C GLY Z 98 62.06 -3.23 98.12
N TYR Z 99 63.37 -3.43 98.03
CA TYR Z 99 64.24 -2.49 97.33
C TYR Z 99 65.53 -3.20 96.95
N ALA Z 100 66.31 -2.54 96.10
CA ALA Z 100 67.66 -2.99 95.76
C ALA Z 100 68.40 -1.83 95.12
N GLY Z 101 69.71 -1.78 95.36
CA GLY Z 101 70.56 -0.79 94.77
C GLY Z 101 71.20 0.11 95.81
N GLY Z 102 72.09 0.97 95.33
CA GLY Z 102 72.98 1.71 96.19
C GLY Z 102 72.63 3.19 96.28
N PHE Z 103 73.41 3.88 97.09
CA PHE Z 103 73.21 5.30 97.34
C PHE Z 103 74.51 6.05 97.07
N GLU Z 104 74.38 7.36 96.86
CA GLU Z 104 75.50 8.28 96.95
C GLU Z 104 75.26 9.17 98.15
N VAL Z 105 76.19 9.18 99.10
CA VAL Z 105 76.06 10.01 100.29
C VAL Z 105 77.04 11.18 100.19
N GLN Z 106 76.59 12.34 100.64
CA GLN Z 106 77.40 13.54 100.66
C GLN Z 106 77.54 14.04 102.09
N VAL Z 107 78.77 14.26 102.53
CA VAL Z 107 79.06 14.67 103.89
C VAL Z 107 79.70 16.05 103.86
N ILE Z 108 79.13 16.99 104.61
CA ILE Z 108 79.68 18.34 104.73
C ILE Z 108 80.50 18.41 106.01
N LEU Z 109 81.75 18.84 105.89
CA LEU Z 109 82.68 18.92 107.00
C LEU Z 109 83.43 20.24 106.98
N ALA Z 110 82.76 21.34 106.66
CA ALA Z 110 83.49 22.58 106.37
C ALA Z 110 83.71 23.31 107.68
N GLY Z 111 84.71 22.84 108.44
CA GLY Z 111 84.99 23.39 109.74
C GLY Z 111 85.90 24.61 109.69
N ASN Z 112 85.96 25.29 110.83
CA ASN Z 112 86.79 26.48 110.97
C ASN Z 112 88.26 26.16 110.74
N ALA Z 113 88.95 27.10 110.08
CA ALA Z 113 90.34 26.88 109.66
C ALA Z 113 91.27 26.66 110.85
N PHE Z 114 90.84 27.02 112.05
CA PHE Z 114 91.64 26.91 113.27
C PHE Z 114 91.50 25.56 113.94
N THR Z 115 90.79 24.60 113.34
CA THR Z 115 90.57 23.30 113.93
C THR Z 115 91.45 22.25 113.26
N ALA Z 116 91.70 21.16 113.99
CA ALA Z 116 92.43 20.01 113.45
C ALA Z 116 91.72 18.72 113.82
N GLY Z 117 91.94 17.69 113.03
CA GLY Z 117 91.40 16.38 113.31
C GLY Z 117 90.98 15.67 112.03
N LYS Z 118 90.92 14.34 112.11
CA LYS Z 118 90.64 13.50 110.95
C LYS Z 118 89.46 12.58 111.25
N ILE Z 119 88.65 12.34 110.23
CA ILE Z 119 87.55 11.38 110.30
C ILE Z 119 87.82 10.27 109.28
N ILE Z 120 87.58 9.03 109.68
CA ILE Z 120 87.68 7.90 108.77
C ILE Z 120 86.27 7.42 108.44
N PHE Z 121 85.97 7.32 107.14
CA PHE Z 121 84.76 6.70 106.65
C PHE Z 121 85.08 5.30 106.14
N ALA Z 122 84.24 4.33 106.46
CA ALA Z 122 84.50 2.97 106.03
C ALA Z 122 83.21 2.26 105.65
N ALA Z 123 83.31 1.39 104.64
CA ALA Z 123 82.24 0.48 104.26
C ALA Z 123 82.53 -0.88 104.88
N VAL Z 124 81.67 -1.32 105.79
CA VAL Z 124 81.78 -2.63 106.43
C VAL Z 124 80.75 -3.57 105.82
N PRO Z 125 81.14 -4.79 105.45
CA PRO Z 125 80.26 -5.64 104.67
C PRO Z 125 79.12 -6.18 105.53
N PRO Z 126 78.10 -6.78 104.92
CA PRO Z 126 76.85 -7.05 105.65
C PRO Z 126 76.93 -7.81 106.97
N ASN Z 127 77.46 -9.04 106.96
CA ASN Z 127 77.44 -9.86 108.17
C ASN Z 127 78.68 -9.70 109.04
N PHE Z 128 79.36 -8.54 108.99
CA PHE Z 128 80.46 -8.30 109.92
C PHE Z 128 79.98 -7.45 111.09
N PRO Z 129 80.34 -7.82 112.32
CA PRO Z 129 79.86 -7.05 113.48
C PRO Z 129 80.59 -5.72 113.63
N THR Z 130 79.80 -4.65 113.76
CA THR Z 130 80.30 -3.29 113.94
C THR Z 130 80.64 -2.96 115.39
N GLU Z 131 80.18 -3.77 116.35
CA GLU Z 131 79.96 -3.30 117.72
C GLU Z 131 81.28 -3.01 118.45
N GLY Z 132 82.33 -3.77 118.18
CA GLY Z 132 83.61 -3.53 118.82
C GLY Z 132 84.72 -2.90 118.01
N LEU Z 133 84.44 -2.32 116.85
CA LEU Z 133 85.50 -1.95 115.92
C LEU Z 133 86.41 -0.88 116.51
N SER Z 134 87.73 -1.12 116.41
CA SER Z 134 88.82 -0.22 116.71
C SER Z 134 89.22 0.58 115.48
N PRO Z 135 89.90 1.71 115.65
CA PRO Z 135 90.40 2.44 114.47
C PRO Z 135 91.34 1.61 113.61
N SER Z 136 92.26 0.86 114.24
CA SER Z 136 93.09 -0.09 113.51
C SER Z 136 92.25 -0.99 112.60
N GLN Z 137 91.16 -1.54 113.15
CA GLN Z 137 90.37 -2.51 112.40
C GLN Z 137 89.61 -1.87 111.26
N VAL Z 138 89.06 -0.68 111.49
CA VAL Z 138 88.28 0.01 110.46
C VAL Z 138 89.12 0.29 109.22
N THR Z 139 90.42 0.52 109.41
CA THR Z 139 91.34 0.68 108.28
C THR Z 139 91.38 -0.54 107.38
N MET Z 140 90.98 -1.71 107.84
CA MET Z 140 91.09 -2.90 107.00
C MET Z 140 89.90 -3.08 106.06
N PHE Z 141 88.84 -2.29 106.22
CA PHE Z 141 87.77 -2.22 105.24
C PHE Z 141 88.13 -1.20 104.17
N PRO Z 142 87.40 -1.17 103.06
CA PRO Z 142 87.48 0.00 102.17
C PRO Z 142 87.18 1.27 102.97
N HIS Z 143 88.07 2.25 102.86
CA HIS Z 143 87.97 3.40 103.75
C HIS Z 143 88.47 4.67 103.06
N ILE Z 144 88.09 5.80 103.66
CA ILE Z 144 88.54 7.11 103.23
C ILE Z 144 88.85 7.91 104.50
N ILE Z 145 89.98 8.63 104.50
CA ILE Z 145 90.36 9.46 105.63
C ILE Z 145 90.26 10.93 105.23
N VAL Z 146 89.41 11.67 105.93
CA VAL Z 146 89.04 13.02 105.55
C VAL Z 146 89.41 13.98 106.67
N ASP Z 147 89.92 15.16 106.31
CA ASP Z 147 90.29 16.15 107.29
C ASP Z 147 89.04 16.92 107.74
N VAL Z 148 88.97 17.21 109.04
CA VAL Z 148 87.78 17.83 109.59
C VAL Z 148 87.56 19.23 109.03
N ARG Z 149 88.58 19.83 108.42
CA ARG Z 149 88.44 21.15 107.80
C ARG Z 149 88.07 21.11 106.33
N GLN Z 150 87.87 19.93 105.73
CA GLN Z 150 87.68 19.85 104.28
C GLN Z 150 86.45 20.66 103.86
N LEU Z 151 86.62 21.45 102.81
CA LEU Z 151 85.62 22.43 102.41
C LEU Z 151 84.60 21.85 101.45
N GLU Z 152 85.05 21.19 100.40
CA GLU Z 152 84.08 20.63 99.47
C GLU Z 152 83.52 19.34 100.06
N PRO Z 153 82.23 19.09 99.85
CA PRO Z 153 81.61 17.90 100.44
C PRO Z 153 82.31 16.63 100.01
N VAL Z 154 82.24 15.63 100.88
CA VAL Z 154 82.84 14.33 100.60
C VAL Z 154 81.77 13.49 99.94
N LEU Z 155 82.11 12.88 98.81
CA LEU Z 155 81.17 12.03 98.08
C LEU Z 155 81.60 10.58 98.25
N ILE Z 156 80.73 9.80 98.88
CA ILE Z 156 80.98 8.39 99.15
C ILE Z 156 79.91 7.59 98.42
N PRO Z 157 80.28 6.79 97.42
CA PRO Z 157 79.28 5.89 96.84
C PRO Z 157 79.17 4.63 97.69
N LEU Z 158 77.94 4.22 97.96
CA LEU Z 158 77.66 3.12 98.87
C LEU Z 158 76.90 2.04 98.11
N PRO Z 159 77.56 0.97 97.66
CA PRO Z 159 76.88 -0.05 96.88
C PRO Z 159 76.15 -1.06 97.75
N ASP Z 160 75.11 -1.66 97.17
CA ASP Z 160 74.27 -2.63 97.86
C ASP Z 160 74.85 -4.03 97.73
N VAL Z 161 75.99 -4.22 98.38
CA VAL Z 161 76.57 -5.56 98.49
C VAL Z 161 75.58 -6.50 99.17
N ARG Z 162 75.39 -7.68 98.58
CA ARG Z 162 74.37 -8.62 99.02
C ARG Z 162 74.60 -9.94 98.28
N ASN Z 163 73.89 -10.98 98.73
CA ASN Z 163 73.98 -12.29 98.08
C ASN Z 163 72.64 -12.77 97.56
N ASN Z 164 71.66 -11.88 97.45
CA ASN Z 164 70.37 -12.21 96.87
C ASN Z 164 69.98 -11.13 95.87
N PHE Z 165 68.87 -11.36 95.18
CA PHE Z 165 68.46 -10.45 94.11
C PHE Z 165 68.07 -9.09 94.66
N TYR Z 166 67.45 -9.06 95.83
CA TYR Z 166 67.01 -7.81 96.43
C TYR Z 166 66.63 -8.07 97.89
N HIS Z 167 66.26 -7.00 98.59
CA HIS Z 167 65.96 -7.03 100.01
C HIS Z 167 64.46 -6.84 100.23
N TYR Z 168 63.95 -7.50 101.27
CA TYR Z 168 62.60 -7.25 101.73
C TYR Z 168 62.62 -6.22 102.86
N ASN Z 169 61.63 -5.33 102.88
CA ASN Z 169 61.54 -4.33 103.93
C ASN Z 169 61.39 -4.99 105.29
N GLN Z 170 60.60 -6.05 105.36
CA GLN Z 170 60.21 -6.70 106.61
C GLN Z 170 61.23 -7.72 107.12
N SER Z 171 62.38 -7.87 106.49
CA SER Z 171 63.31 -8.88 106.95
C SER Z 171 64.47 -8.24 107.71
N ASN Z 172 65.17 -9.07 108.48
CA ASN Z 172 66.32 -8.65 109.26
C ASN Z 172 67.64 -8.87 108.55
N ASP Z 173 67.62 -9.26 107.27
CA ASP Z 173 68.86 -9.46 106.55
C ASP Z 173 69.72 -8.20 106.57
N PRO Z 174 71.01 -8.32 106.79
CA PRO Z 174 71.86 -7.14 106.92
C PRO Z 174 72.32 -6.63 105.57
N THR Z 175 72.64 -5.34 105.55
CA THR Z 175 73.14 -4.67 104.35
C THR Z 175 74.48 -4.02 104.68
N ILE Z 176 75.15 -3.51 103.65
CA ILE Z 176 76.38 -2.77 103.88
C ILE Z 176 76.10 -1.61 104.82
N LYS Z 177 77.06 -1.33 105.70
CA LYS Z 177 76.97 -0.20 106.62
C LYS Z 177 78.06 0.80 106.29
N LEU Z 178 77.71 2.07 106.32
CA LEU Z 178 78.68 3.15 106.23
C LEU Z 178 79.01 3.64 107.63
N ILE Z 179 80.30 3.80 107.90
CA ILE Z 179 80.78 4.12 109.24
C ILE Z 179 81.54 5.43 109.18
N ALA Z 180 81.28 6.30 110.14
CA ALA Z 180 82.09 7.51 110.35
C ALA Z 180 82.63 7.44 111.77
N MET Z 181 83.95 7.42 111.88
CA MET Z 181 84.61 7.32 113.17
C MET Z 181 85.63 8.44 113.31
N LEU Z 182 85.75 8.98 114.52
CA LEU Z 182 86.77 9.97 114.78
C LEU Z 182 88.13 9.30 114.79
N TYR Z 183 89.00 9.67 113.86
CA TYR Z 183 90.27 9.02 113.66
C TYR Z 183 91.37 9.70 114.45
N THR Z 184 91.28 11.01 114.57
CA THR Z 184 92.13 11.89 115.35
C THR Z 184 91.26 12.77 116.22
N PRO Z 185 91.65 13.03 117.48
CA PRO Z 185 90.86 13.92 118.33
C PRO Z 185 90.78 15.31 117.70
N LEU Z 186 89.73 16.04 118.06
CA LEU Z 186 89.59 17.40 117.55
C LEU Z 186 90.46 18.33 118.37
N ARG Z 187 91.36 19.03 117.69
CA ARG Z 187 92.24 20.03 118.27
C ARG Z 187 91.99 21.35 117.57
N ALA Z 188 92.27 22.45 118.26
CA ALA Z 188 92.06 23.77 117.66
C ALA Z 188 93.00 24.77 118.29
N ASN Z 189 93.45 25.74 117.49
CA ASN Z 189 94.45 26.71 117.93
C ASN Z 189 94.00 28.16 117.71
N ASN Z 190 92.71 28.42 117.55
CA ASN Z 190 92.24 29.79 117.73
C ASN Z 190 92.61 30.25 119.14
N ALA Z 191 92.72 31.56 119.31
CA ALA Z 191 93.29 32.04 120.57
C ALA Z 191 92.28 32.27 121.67
N GLY Z 192 91.00 32.04 121.41
CA GLY Z 192 89.99 32.28 122.43
C GLY Z 192 89.47 30.99 123.03
N ASP Z 193 88.17 30.94 123.31
CA ASP Z 193 87.56 29.76 123.89
C ASP Z 193 87.29 28.71 122.81
N ASP Z 194 87.56 27.45 123.14
CA ASP Z 194 87.48 26.37 122.15
C ASP Z 194 86.01 25.99 121.94
N VAL Z 195 85.26 26.94 121.37
CA VAL Z 195 83.88 26.68 120.98
C VAL Z 195 83.80 26.18 119.55
N PHE Z 196 84.94 26.09 118.86
CA PHE Z 196 84.95 25.72 117.45
C PHE Z 196 84.63 24.24 117.25
N THR Z 197 83.37 23.88 117.42
CA THR Z 197 82.90 22.53 117.15
C THR Z 197 82.54 22.47 115.67
N VAL Z 198 82.81 21.32 115.06
CA VAL Z 198 82.50 21.14 113.65
C VAL Z 198 81.12 20.50 113.54
N SER Z 199 80.14 21.30 113.14
CA SER Z 199 78.80 20.80 112.87
C SER Z 199 78.79 20.22 111.47
N CYS Z 200 78.43 18.95 111.35
CA CYS Z 200 78.51 18.25 110.08
C CYS Z 200 77.13 17.80 109.64
N ARG Z 201 76.94 17.71 108.33
CA ARG Z 201 75.66 17.30 107.77
C ARG Z 201 75.88 16.20 106.73
N VAL Z 202 74.98 15.23 106.73
CA VAL Z 202 75.01 14.12 105.78
C VAL Z 202 73.80 14.23 104.88
N LEU Z 203 74.04 14.25 103.57
CA LEU Z 203 72.99 14.29 102.56
C LEU Z 203 73.14 13.09 101.64
N THR Z 204 72.03 12.69 101.01
CA THR Z 204 72.03 11.50 100.17
C THR Z 204 71.14 11.70 98.95
N ARG Z 205 71.29 10.79 98.00
CA ARG Z 205 70.37 10.60 96.89
C ARG Z 205 70.56 9.19 96.38
N PRO Z 206 69.52 8.55 95.85
CA PRO Z 206 69.70 7.19 95.36
C PRO Z 206 70.55 7.17 94.11
N SER Z 207 71.40 6.14 94.01
CA SER Z 207 72.15 5.91 92.78
C SER Z 207 71.17 5.62 91.65
N PRO Z 208 71.62 5.69 90.40
CA PRO Z 208 70.73 5.33 89.29
C PRO Z 208 70.24 3.88 89.35
N ASP Z 209 71.00 2.99 89.96
CA ASP Z 209 70.60 1.58 90.03
C ASP Z 209 69.65 1.27 91.18
N PHE Z 210 69.34 2.24 92.04
CA PHE Z 210 68.40 2.00 93.13
C PHE Z 210 66.97 2.01 92.59
N ASP Z 211 66.13 1.16 93.16
CA ASP Z 211 64.73 1.11 92.77
C ASP Z 211 63.92 0.38 93.83
N PHE Z 212 62.65 0.75 93.94
CA PHE Z 212 61.72 0.01 94.77
C PHE Z 212 61.14 -1.14 93.95
N ILE Z 213 60.53 -2.10 94.63
CA ILE Z 213 60.17 -3.33 93.92
C ILE Z 213 58.69 -3.68 93.85
N PHE Z 214 58.01 -3.79 94.98
CA PHE Z 214 56.62 -4.27 94.91
C PHE Z 214 55.68 -3.32 95.60
N LEU Z 215 54.70 -2.82 94.85
CA LEU Z 215 53.70 -1.89 95.35
C LEU Z 215 52.80 -2.58 96.38
N VAL Z 216 52.73 -2.05 97.60
CA VAL Z 216 51.97 -2.67 98.68
C VAL Z 216 51.28 -1.59 99.50
N PRO Z 217 50.20 -1.95 100.19
CA PRO Z 217 49.51 -0.99 101.08
C PRO Z 217 50.47 -0.27 101.99
N PRO Z 218 50.20 0.99 102.35
CA PRO Z 218 51.05 1.68 103.32
C PRO Z 218 50.81 1.26 104.77
N THR Z 219 50.40 0.01 104.97
CA THR Z 219 50.13 -0.55 106.28
C THR Z 219 51.26 -1.46 106.75
N VAL Z 220 52.41 -1.43 106.08
CA VAL Z 220 53.48 -2.35 106.40
C VAL Z 220 53.90 -2.12 107.84
N GLU Z 221 54.42 -3.16 108.48
CA GLU Z 221 54.78 -3.10 109.89
C GLU Z 221 55.74 -1.94 110.15
N SER Z 222 56.07 -1.70 111.41
CA SER Z 222 56.79 -0.48 111.78
C SER Z 222 58.14 -0.34 111.09
N ARG Z 223 58.68 -1.38 110.46
CA ARG Z 223 60.03 -1.27 109.91
C ARG Z 223 60.13 -0.06 108.99
N THR Z 224 59.04 0.28 108.32
CA THR Z 224 58.97 1.41 107.42
C THR Z 224 58.34 2.66 108.07
N LYS Z 225 57.71 2.52 109.24
CA LYS Z 225 57.00 3.62 109.89
C LYS Z 225 57.97 4.66 110.45
N PRO Z 226 57.73 5.95 110.23
CA PRO Z 226 58.67 6.97 110.70
C PRO Z 226 58.35 7.50 112.09
N PHE Z 227 59.43 7.83 112.81
CA PHE Z 227 59.33 8.28 114.20
C PHE Z 227 58.95 9.75 114.27
N THR Z 228 58.07 10.09 115.21
CA THR Z 228 57.66 11.46 115.44
C THR Z 228 57.53 11.71 116.93
N VAL Z 229 57.42 13.00 117.28
CA VAL Z 229 57.28 13.44 118.67
C VAL Z 229 56.08 14.38 118.75
N PRO Z 230 55.19 14.19 119.71
CA PRO Z 230 53.95 14.99 119.72
C PRO Z 230 54.23 16.49 119.85
N ILE Z 231 53.40 17.28 119.16
CA ILE Z 231 53.51 18.73 119.17
C ILE Z 231 52.91 19.37 120.41
N LEU Z 232 52.43 18.58 121.37
CA LEU Z 232 51.84 19.15 122.58
C LEU Z 232 52.83 20.00 123.36
N THR Z 233 52.31 20.99 124.07
CA THR Z 233 53.11 21.84 124.94
C THR Z 233 53.27 21.18 126.32
N VAL Z 234 54.34 21.57 127.02
CA VAL Z 234 54.61 21.05 128.35
C VAL Z 234 53.41 21.24 129.27
N GLU Z 235 52.86 22.45 129.30
CA GLU Z 235 51.70 22.72 130.17
C GLU Z 235 50.49 21.87 129.80
N GLU Z 236 50.33 21.53 128.52
CA GLU Z 236 49.17 20.77 128.08
C GLU Z 236 49.30 19.28 128.35
N MET Z 237 50.45 18.81 128.81
CA MET Z 237 50.67 17.39 129.05
C MET Z 237 50.58 17.11 130.54
N THR Z 238 50.74 15.83 130.90
CA THR Z 238 50.48 15.37 132.26
C THR Z 238 51.64 14.50 132.72
N ASN Z 239 51.87 14.51 134.03
CA ASN Z 239 52.92 13.68 134.61
C ASN Z 239 52.55 12.21 134.50
N SER Z 240 53.58 11.37 134.33
CA SER Z 240 53.43 9.94 134.12
C SER Z 240 53.64 9.14 135.40
N ARG Z 241 53.92 9.82 136.53
CA ARG Z 241 54.16 9.18 137.82
C ARG Z 241 53.08 9.51 138.84
N PHE Z 242 52.17 10.45 138.53
CA PHE Z 242 51.08 10.85 139.40
C PHE Z 242 50.05 11.57 138.54
N PRO Z 243 48.76 11.34 138.75
CA PRO Z 243 47.76 11.93 137.87
C PRO Z 243 47.64 13.44 138.04
N ILE Z 244 48.70 14.16 137.69
CA ILE Z 244 48.73 15.62 137.79
C ILE Z 244 49.41 16.20 136.55
N PRO Z 245 49.09 17.45 136.22
CA PRO Z 245 49.70 18.07 135.03
C PRO Z 245 51.19 18.30 135.20
N LEU Z 246 51.86 18.49 134.07
CA LEU Z 246 53.23 18.97 134.08
C LEU Z 246 53.23 20.47 134.35
N GLU Z 247 54.36 20.97 134.82
CA GLU Z 247 54.40 22.40 135.11
C GLU Z 247 55.64 23.10 134.60
N LYS Z 248 56.82 22.50 134.76
CA LYS Z 248 58.06 23.10 134.31
C LYS Z 248 59.03 22.00 133.89
N LEU Z 249 60.06 22.41 133.15
CA LEU Z 249 61.17 21.54 132.79
C LEU Z 249 62.35 21.82 133.71
N PHE Z 250 62.97 20.76 134.20
CA PHE Z 250 64.06 20.86 135.17
C PHE Z 250 65.23 19.96 134.78
N THR Z 251 66.43 20.50 134.86
CA THR Z 251 67.65 19.71 134.76
C THR Z 251 68.43 19.87 136.06
N GLY Z 252 69.06 18.78 136.51
CA GLY Z 252 69.90 18.83 137.68
C GLY Z 252 70.87 17.67 137.72
N PRO Z 253 71.91 17.79 138.55
CA PRO Z 253 72.82 16.65 138.73
C PRO Z 253 72.15 15.53 139.50
N SER Z 254 72.54 14.30 139.16
CA SER Z 254 71.91 13.10 139.70
C SER Z 254 72.92 12.16 140.34
N GLY Z 255 74.11 12.66 140.70
CA GLY Z 255 75.13 11.78 141.23
C GLY Z 255 74.80 11.24 142.62
N ALA Z 256 74.14 12.05 143.45
CA ALA Z 256 73.89 11.62 144.83
C ALA Z 256 72.92 10.46 144.86
N PHE Z 257 71.78 10.61 144.20
CA PHE Z 257 70.65 9.70 144.28
C PHE Z 257 70.65 8.75 143.07
N VAL Z 258 69.69 7.83 143.06
CA VAL Z 258 69.55 6.85 141.97
C VAL Z 258 68.21 7.06 141.26
N VAL Z 259 68.28 7.46 140.00
CA VAL Z 259 67.09 7.75 139.19
C VAL Z 259 66.65 6.44 138.54
N GLN Z 260 65.64 5.79 139.12
CA GLN Z 260 65.14 4.55 138.55
C GLN Z 260 63.62 4.43 138.70
N PRO Z 261 62.85 5.41 138.23
CA PRO Z 261 61.38 5.29 138.33
C PRO Z 261 60.88 4.10 137.53
N GLN Z 262 59.67 3.65 137.88
CA GLN Z 262 59.05 2.54 137.20
C GLN Z 262 57.76 2.91 136.48
N ASN Z 263 57.26 4.13 136.65
CA ASN Z 263 56.16 4.67 135.87
C ASN Z 263 56.69 5.72 134.91
N GLY Z 264 55.99 5.89 133.80
CA GLY Z 264 56.53 6.75 132.75
C GLY Z 264 57.83 6.20 132.21
N ARG Z 265 57.88 4.90 131.95
CA ARG Z 265 59.01 4.23 131.32
C ARG Z 265 58.54 3.56 130.04
N CYS Z 266 59.01 4.07 128.91
CA CYS Z 266 58.61 3.54 127.62
C CYS Z 266 59.73 3.80 126.63
N THR Z 267 59.95 2.84 125.75
CA THR Z 267 60.98 2.95 124.72
C THR Z 267 60.43 3.63 123.48
N THR Z 268 61.33 4.26 122.71
CA THR Z 268 60.96 4.99 121.50
C THR Z 268 60.09 4.18 120.54
N ASP Z 269 60.36 2.89 120.39
CA ASP Z 269 59.52 2.07 119.51
C ASP Z 269 58.32 1.45 120.23
N GLY Z 270 57.96 1.95 121.41
CA GLY Z 270 56.65 1.66 121.98
C GLY Z 270 56.54 0.44 122.87
N VAL Z 271 57.63 -0.04 123.44
CA VAL Z 271 57.60 -1.12 124.41
C VAL Z 271 57.54 -0.50 125.80
N LEU Z 272 56.47 -0.79 126.53
CA LEU Z 272 56.34 -0.31 127.91
C LEU Z 272 57.24 -1.12 128.84
N LEU Z 273 57.73 -0.45 129.88
CA LEU Z 273 58.65 -1.04 130.83
C LEU Z 273 58.16 -0.82 132.25
N GLY Z 274 58.65 -1.65 133.16
CA GLY Z 274 58.34 -1.48 134.57
C GLY Z 274 56.85 -1.63 134.84
N THR Z 275 56.30 -0.70 135.63
CA THR Z 275 54.89 -0.71 135.99
C THR Z 275 54.07 0.26 135.14
N THR Z 276 54.55 0.60 133.94
CA THR Z 276 53.96 1.66 133.16
C THR Z 276 52.74 1.16 132.39
N GLN Z 277 51.68 1.98 132.38
CA GLN Z 277 50.48 1.71 131.61
C GLN Z 277 50.04 3.00 130.93
N LEU Z 278 48.95 2.93 130.19
CA LEU Z 278 48.59 4.02 129.27
C LEU Z 278 47.60 5.03 129.87
N SER Z 279 46.81 4.62 130.84
CA SER Z 279 45.80 5.54 131.36
C SER Z 279 46.46 6.56 132.28
N PRO Z 280 46.27 7.87 132.02
CA PRO Z 280 46.87 8.89 132.91
C PRO Z 280 46.16 9.03 134.24
N VAL Z 281 45.02 8.37 134.44
CA VAL Z 281 44.23 8.51 135.65
C VAL Z 281 44.52 7.37 136.61
N ASN Z 282 44.90 6.21 136.08
CA ASN Z 282 45.16 5.01 136.86
C ASN Z 282 46.59 4.94 137.36
N ILE Z 283 47.24 6.07 137.59
CA ILE Z 283 48.67 6.05 137.87
C ILE Z 283 48.93 5.77 139.36
N CYS Z 284 48.25 6.46 140.27
CA CYS Z 284 48.37 6.07 141.67
C CYS Z 284 47.05 5.56 142.23
N THR Z 285 46.38 4.69 141.48
CA THR Z 285 45.07 4.17 141.86
C THR Z 285 45.20 2.71 142.28
N PHE Z 286 44.24 2.26 143.09
CA PHE Z 286 44.11 0.86 143.47
C PHE Z 286 42.64 0.48 143.44
N ARG Z 287 42.35 -0.76 143.02
CA ARG Z 287 41.00 -1.28 143.00
C ARG Z 287 40.99 -2.69 143.56
N GLY Z 288 40.00 -3.00 144.39
CA GLY Z 288 39.89 -4.35 144.93
C GLY Z 288 38.91 -4.42 146.07
N ASP Z 289 38.99 -5.54 146.80
CA ASP Z 289 38.18 -5.84 147.96
C ASP Z 289 38.93 -5.48 149.24
N VAL Z 290 38.18 -5.03 150.25
CA VAL Z 290 38.76 -4.45 151.44
C VAL Z 290 38.34 -5.26 152.67
N THR Z 291 39.24 -5.30 153.66
CA THR Z 291 39.10 -6.12 154.86
C THR Z 291 39.49 -5.30 156.07
N HIS Z 292 38.71 -5.39 157.14
CA HIS Z 292 39.02 -4.67 158.37
C HIS Z 292 40.09 -5.37 159.19
N ILE Z 293 40.94 -4.58 159.82
CA ILE Z 293 41.89 -5.06 160.82
C ILE Z 293 41.34 -4.72 162.19
N ALA Z 294 41.09 -5.75 163.00
CA ALA Z 294 40.29 -5.60 164.21
C ALA Z 294 40.91 -4.60 165.16
N GLY Z 295 40.10 -3.66 165.65
CA GLY Z 295 40.50 -2.73 166.68
C GLY Z 295 41.22 -1.49 166.19
N THR Z 296 41.45 -1.36 164.89
CA THR Z 296 42.21 -0.25 164.33
C THR Z 296 41.36 0.50 163.31
N HIS Z 297 41.94 1.58 162.79
CA HIS Z 297 41.37 2.33 161.67
C HIS Z 297 42.02 1.94 160.34
N ASP Z 298 42.69 0.79 160.30
CA ASP Z 298 43.40 0.32 159.12
C ASP Z 298 42.61 -0.76 158.41
N TYR Z 299 42.77 -0.82 157.09
CA TYR Z 299 42.17 -1.87 156.28
C TYR Z 299 43.22 -2.46 155.33
N THR Z 300 43.04 -3.74 155.02
CA THR Z 300 43.89 -4.45 154.07
C THR Z 300 43.10 -4.70 152.81
N MET Z 301 43.66 -4.30 151.66
CA MET Z 301 42.99 -4.42 150.37
C MET Z 301 43.65 -5.50 149.53
N ASN Z 302 42.85 -6.49 149.11
CA ASN Z 302 43.31 -7.51 148.18
C ASN Z 302 43.08 -7.00 146.75
N LEU Z 303 44.15 -6.97 145.96
CA LEU Z 303 44.17 -6.18 144.73
C LEU Z 303 43.55 -6.94 143.56
N ALA Z 304 42.66 -6.27 142.84
CA ALA Z 304 42.25 -6.69 141.51
C ALA Z 304 43.20 -6.09 140.47
N SER Z 305 42.81 -6.16 139.20
CA SER Z 305 43.52 -5.43 138.15
C SER Z 305 43.04 -3.98 138.13
N GLN Z 306 43.61 -3.18 137.22
CA GLN Z 306 43.20 -1.78 137.08
C GLN Z 306 41.88 -1.65 136.32
N ASN Z 307 41.63 -2.55 135.36
CA ASN Z 307 40.32 -2.70 134.72
C ASN Z 307 39.43 -3.71 135.45
N TRP Z 308 39.64 -3.91 136.74
CA TRP Z 308 38.90 -4.86 137.59
C TRP Z 308 39.04 -6.30 137.12
N ASN Z 309 40.06 -6.63 136.34
CA ASN Z 309 40.26 -8.03 135.96
C ASN Z 309 40.80 -8.82 137.15
N ASN Z 310 41.10 -10.10 136.91
CA ASN Z 310 41.84 -10.88 137.88
C ASN Z 310 43.29 -10.45 137.90
N TYR Z 311 43.90 -10.48 139.09
CA TYR Z 311 45.32 -10.15 139.24
C TYR Z 311 46.17 -11.40 139.27
N ASP Z 312 47.20 -11.44 138.42
CA ASP Z 312 48.11 -12.58 138.33
C ASP Z 312 49.48 -12.16 138.85
N PRO Z 313 49.95 -12.67 139.98
CA PRO Z 313 51.26 -12.27 140.49
C PRO Z 313 52.46 -12.92 139.81
N THR Z 314 52.24 -13.87 138.90
CA THR Z 314 53.35 -14.54 138.22
C THR Z 314 53.82 -13.79 136.98
N GLU Z 315 53.11 -12.74 136.57
CA GLU Z 315 53.50 -11.98 135.39
C GLU Z 315 54.86 -11.31 135.61
N GLU Z 316 55.67 -11.26 134.55
CA GLU Z 316 57.04 -10.75 134.60
C GLU Z 316 57.09 -9.21 134.67
N ILE Z 317 56.44 -8.67 135.69
CA ILE Z 317 56.33 -7.24 135.93
C ILE Z 317 56.78 -7.02 137.38
N PRO Z 318 57.34 -5.87 137.74
CA PRO Z 318 57.72 -5.66 139.15
C PRO Z 318 56.53 -5.53 140.09
N ALA Z 319 55.37 -5.12 139.59
CA ALA Z 319 54.20 -4.87 140.42
C ALA Z 319 53.03 -4.59 139.49
N PRO Z 320 51.79 -4.56 139.98
CA PRO Z 320 50.67 -4.23 139.10
C PRO Z 320 50.87 -2.87 138.45
N LEU Z 321 50.39 -2.75 137.21
CA LEU Z 321 50.65 -1.55 136.44
C LEU Z 321 50.01 -0.37 137.15
N GLY Z 322 50.79 0.70 137.32
CA GLY Z 322 50.32 1.84 138.07
C GLY Z 322 50.67 1.82 139.54
N THR Z 323 51.44 0.84 140.00
CA THR Z 323 51.85 0.86 141.39
C THR Z 323 52.79 2.04 141.62
N PRO Z 324 52.56 2.87 142.63
CA PRO Z 324 53.44 4.03 142.87
C PRO Z 324 54.90 3.63 142.95
N ASP Z 325 55.77 4.51 142.44
CA ASP Z 325 57.19 4.22 142.31
C ASP Z 325 58.06 5.11 143.18
N PHE Z 326 57.53 5.53 144.33
CA PHE Z 326 58.30 6.28 145.32
C PHE Z 326 57.84 5.89 146.71
N VAL Z 327 58.66 6.17 147.71
CA VAL Z 327 58.31 5.92 149.10
C VAL Z 327 57.73 7.19 149.69
N GLY Z 328 56.57 7.07 150.32
CA GLY Z 328 55.89 8.21 150.87
C GLY Z 328 54.49 7.83 151.29
N LYS Z 329 53.80 8.79 151.87
CA LYS Z 329 52.42 8.61 152.32
C LYS Z 329 51.53 9.39 151.36
N ILE Z 330 50.73 8.67 150.59
CA ILE Z 330 49.81 9.25 149.61
C ILE Z 330 48.42 9.28 150.21
N GLN Z 331 47.84 10.48 150.33
CA GLN Z 331 46.50 10.63 150.84
C GLN Z 331 45.52 10.75 149.68
N GLY Z 332 44.38 10.09 149.82
CA GLY Z 332 43.32 10.17 148.83
C GLY Z 332 41.96 9.88 149.43
N VAL Z 333 41.15 9.11 148.70
CA VAL Z 333 39.79 8.79 149.10
C VAL Z 333 39.49 7.36 148.67
N LEU Z 334 39.02 6.54 149.60
CA LEU Z 334 38.47 5.24 149.26
C LEU Z 334 36.98 5.41 148.96
N THR Z 335 36.52 4.81 147.86
CA THR Z 335 35.13 4.88 147.46
C THR Z 335 34.62 3.48 147.18
N GLN Z 336 33.37 3.23 147.54
CA GLN Z 336 32.80 1.90 147.50
C GLN Z 336 31.34 2.00 147.10
N THR Z 337 30.86 0.99 146.40
CA THR Z 337 29.47 0.94 145.96
C THR Z 337 28.92 -0.47 146.15
N THR Z 338 27.76 -0.57 146.80
CA THR Z 338 27.12 -1.86 147.01
C THR Z 338 26.20 -2.15 145.83
N ARG Z 339 26.41 -3.31 145.20
CA ARG Z 339 25.68 -3.67 143.99
C ARG Z 339 24.18 -3.88 144.21
N GLY Z 340 23.77 -4.21 145.44
CA GLY Z 340 22.36 -4.56 145.64
C GLY Z 340 21.43 -3.36 145.62
N ASP Z 341 21.73 -2.34 146.40
CA ASP Z 341 20.85 -1.18 146.49
C ASP Z 341 21.43 0.09 145.89
N GLY Z 342 22.69 0.08 145.47
CA GLY Z 342 23.32 1.29 144.99
C GLY Z 342 23.82 2.22 146.08
N SER Z 343 23.97 1.72 147.31
CA SER Z 343 24.55 2.53 148.37
C SER Z 343 26.02 2.80 148.08
N THR Z 344 26.45 4.02 148.38
CA THR Z 344 27.82 4.44 148.11
C THR Z 344 28.40 5.12 149.35
N ARG Z 345 29.67 4.85 149.61
CA ARG Z 345 30.37 5.37 150.78
C ARG Z 345 31.72 5.93 150.36
N GLY Z 346 32.11 7.04 150.97
CA GLY Z 346 33.40 7.65 150.67
C GLY Z 346 34.09 8.26 151.87
N HIS Z 347 35.30 7.80 152.17
CA HIS Z 347 35.99 8.17 153.39
C HIS Z 347 37.47 8.41 153.12
N LYS Z 348 37.98 9.52 153.65
CA LYS Z 348 39.40 9.85 153.65
C LYS Z 348 40.26 8.66 154.04
N ALA Z 349 41.32 8.42 153.26
CA ALA Z 349 42.20 7.29 153.50
C ALA Z 349 43.60 7.64 153.04
N THR Z 350 44.58 6.87 153.53
CA THR Z 350 45.99 7.15 153.28
C THR Z 350 46.77 5.86 153.19
N VAL Z 351 47.65 5.77 152.20
CA VAL Z 351 48.54 4.62 152.01
C VAL Z 351 49.99 5.08 152.19
N SER Z 352 50.73 4.34 153.00
CA SER Z 352 52.16 4.56 153.18
C SER Z 352 52.93 3.50 152.40
N THR Z 353 53.67 3.94 151.38
CA THR Z 353 54.44 3.04 150.53
C THR Z 353 55.73 2.54 151.18
N GLY Z 354 56.08 3.04 152.35
CA GLY Z 354 57.26 2.56 153.04
C GLY Z 354 56.92 1.60 154.17
N SER Z 355 55.63 1.53 154.51
CA SER Z 355 55.17 0.57 155.50
C SER Z 355 55.44 -0.86 155.05
N VAL Z 356 55.75 -1.72 156.03
CA VAL Z 356 56.09 -3.12 155.73
C VAL Z 356 54.89 -3.88 155.17
N HIS Z 357 53.68 -3.36 155.32
CA HIS Z 357 52.48 -4.01 154.80
C HIS Z 357 52.08 -3.49 153.41
N PHE Z 358 52.92 -2.67 152.78
CA PHE Z 358 52.73 -2.27 151.39
C PHE Z 358 53.41 -3.31 150.52
N THR Z 359 52.66 -4.33 150.12
CA THR Z 359 53.18 -5.46 149.34
C THR Z 359 52.30 -5.71 148.12
N PRO Z 360 52.30 -4.78 147.16
CA PRO Z 360 51.40 -4.95 146.01
C PRO Z 360 51.80 -6.08 145.07
N LYS Z 361 53.09 -6.44 145.02
CA LYS Z 361 53.49 -7.59 144.20
C LYS Z 361 52.84 -8.88 144.70
N LEU Z 362 52.62 -8.98 146.01
CA LEU Z 362 52.01 -10.17 146.59
C LEU Z 362 50.48 -10.08 146.62
N GLY Z 363 49.91 -8.89 146.53
CA GLY Z 363 48.48 -8.76 146.36
C GLY Z 363 47.75 -7.97 147.43
N SER Z 364 48.47 -7.36 148.36
CA SER Z 364 47.82 -6.67 149.46
C SER Z 364 48.48 -5.32 149.73
N VAL Z 365 47.65 -4.34 150.05
CA VAL Z 365 48.09 -3.00 150.44
C VAL Z 365 47.25 -2.56 151.64
N GLN Z 366 47.84 -1.75 152.51
CA GLN Z 366 47.19 -1.34 153.75
C GLN Z 366 46.94 0.17 153.74
N PHE Z 367 45.71 0.55 154.06
CA PHE Z 367 45.32 1.95 154.19
C PHE Z 367 45.02 2.27 155.64
N THR Z 368 45.18 3.54 156.00
CA THR Z 368 44.71 4.07 157.28
C THR Z 368 43.61 5.09 157.02
N THR Z 369 42.42 4.84 157.54
CA THR Z 369 41.23 5.57 157.15
C THR Z 369 40.71 6.40 158.32
N ASP Z 370 39.63 7.13 158.07
CA ASP Z 370 38.99 7.96 159.08
C ASP Z 370 37.72 7.34 159.65
N THR Z 371 37.55 6.02 159.51
CA THR Z 371 36.48 5.28 160.18
C THR Z 371 36.96 3.87 160.50
N ASN Z 372 36.32 3.27 161.50
CA ASN Z 372 36.52 1.87 161.83
C ASN Z 372 35.31 1.03 161.41
N ASN Z 373 34.31 1.66 160.80
CA ASN Z 373 33.10 1.05 160.28
C ASN Z 373 32.90 1.53 158.86
N ASP Z 374 31.78 1.14 158.24
CA ASP Z 374 31.32 1.73 156.99
C ASP Z 374 32.16 1.33 155.79
N LEU Z 375 32.78 0.14 155.82
CA LEU Z 375 33.45 -0.42 154.64
C LEU Z 375 33.19 -1.91 154.56
N GLU Z 376 32.36 -2.33 153.60
CA GLU Z 376 31.94 -3.71 153.49
C GLU Z 376 33.11 -4.61 153.09
N THR Z 377 32.97 -5.89 153.38
CA THR Z 377 34.05 -6.84 153.16
C THR Z 377 34.07 -7.46 151.78
N GLY Z 378 32.95 -7.40 151.04
CA GLY Z 378 32.87 -8.09 149.77
C GLY Z 378 32.74 -7.19 148.54
N GLN Z 379 32.68 -5.88 148.75
CA GLN Z 379 32.41 -4.95 147.67
C GLN Z 379 33.71 -4.39 147.08
N ASN Z 380 33.63 -4.02 145.80
CA ASN Z 380 34.77 -3.42 145.12
C ASN Z 380 34.99 -1.98 145.60
N THR Z 381 36.25 -1.65 145.86
CA THR Z 381 36.63 -0.36 146.44
C THR Z 381 37.79 0.21 145.65
N LYS Z 382 37.74 1.51 145.39
CA LYS Z 382 38.72 2.20 144.57
C LYS Z 382 39.39 3.29 145.39
N PHE Z 383 40.72 3.31 145.39
CA PHE Z 383 41.50 4.39 145.97
C PHE Z 383 41.81 5.42 144.90
N THR Z 384 41.23 6.62 145.04
CA THR Z 384 41.54 7.73 144.14
C THR Z 384 42.59 8.61 144.79
N PRO Z 385 43.79 8.74 144.22
CA PRO Z 385 44.82 9.56 144.87
C PRO Z 385 44.53 11.03 144.70
N VAL Z 386 45.03 11.84 145.65
CA VAL Z 386 44.85 13.28 145.61
C VAL Z 386 46.18 13.99 145.84
N GLY Z 387 46.94 13.54 146.82
CA GLY Z 387 48.16 14.24 147.17
C GLY Z 387 49.01 13.44 148.13
N VAL Z 388 50.11 14.07 148.56
CA VAL Z 388 51.10 13.46 149.43
C VAL Z 388 51.16 14.25 150.73
N VAL Z 389 51.55 13.58 151.82
CA VAL Z 389 51.57 14.18 153.15
C VAL Z 389 52.91 13.88 153.81
N GLN Z 390 53.19 14.63 154.87
CA GLN Z 390 54.47 14.58 155.57
C GLN Z 390 54.25 14.66 157.06
N ASP Z 391 54.98 13.84 157.81
CA ASP Z 391 54.96 13.90 159.28
C ASP Z 391 55.73 15.12 159.73
N GLY Z 392 55.03 16.10 160.33
CA GLY Z 392 55.62 17.40 160.60
C GLY Z 392 56.70 17.38 161.66
N ASN Z 393 56.78 16.31 162.45
CA ASN Z 393 57.76 16.23 163.53
C ASN Z 393 59.15 15.83 163.04
N SER Z 394 59.26 15.29 161.83
CA SER Z 394 60.54 14.95 161.25
C SER Z 394 61.09 16.12 160.43
N ALA Z 395 62.25 15.90 159.81
CA ALA Z 395 62.89 16.95 159.03
C ALA Z 395 62.00 17.39 157.89
N HIS Z 396 61.93 18.70 157.69
CA HIS Z 396 61.04 19.27 156.68
C HIS Z 396 61.47 18.89 155.27
N GLN Z 397 60.49 18.51 154.44
CA GLN Z 397 60.69 18.18 153.03
C GLN Z 397 61.51 16.90 152.85
N ASN Z 398 61.25 15.89 153.69
CA ASN Z 398 62.01 14.65 153.65
C ASN Z 398 61.17 13.39 153.47
N GLU Z 399 59.84 13.48 153.49
CA GLU Z 399 59.03 12.28 153.59
C GLU Z 399 58.87 11.61 152.22
N PRO Z 400 58.34 12.29 151.18
CA PRO Z 400 58.23 11.60 149.88
C PRO Z 400 59.53 11.68 149.10
N GLN Z 401 60.29 10.59 149.13
CA GLN Z 401 61.60 10.52 148.46
C GLN Z 401 61.39 9.91 147.09
N GLN Z 402 61.25 10.77 146.07
CA GLN Z 402 60.77 10.32 144.77
C GLN Z 402 61.73 9.33 144.10
N TRP Z 403 63.02 9.40 144.43
CA TRP Z 403 64.00 8.53 143.80
C TRP Z 403 64.35 7.33 144.66
N VAL Z 404 63.51 7.02 145.64
CA VAL Z 404 63.65 5.82 146.46
C VAL Z 404 62.50 4.88 146.11
N LEU Z 405 62.84 3.70 145.62
CA LEU Z 405 61.78 2.79 145.21
C LEU Z 405 61.17 2.11 146.42
N PRO Z 406 59.84 1.95 146.45
CA PRO Z 406 59.23 1.07 147.44
C PRO Z 406 59.65 -0.37 147.23
N ASN Z 407 59.43 -1.18 148.27
CA ASN Z 407 59.71 -2.61 148.20
C ASN Z 407 58.41 -3.30 147.81
N TYR Z 408 58.30 -3.66 146.52
CA TYR Z 408 57.02 -4.10 145.98
C TYR Z 408 56.56 -5.43 146.58
N SER Z 409 57.50 -6.23 147.09
CA SER Z 409 57.19 -7.49 147.76
C SER Z 409 57.42 -7.41 149.27
N GLY Z 410 57.34 -6.20 149.83
CA GLY Z 410 57.62 -5.94 151.23
C GLY Z 410 58.95 -6.54 151.65
N ARG Z 411 59.02 -6.98 152.90
CA ARG Z 411 60.29 -7.56 153.37
C ARG Z 411 60.61 -8.87 152.66
N THR Z 412 59.64 -9.53 152.04
CA THR Z 412 59.90 -10.80 151.37
C THR Z 412 60.61 -10.53 150.04
N GLY Z 413 61.64 -11.31 149.76
CA GLY Z 413 62.36 -11.23 148.50
C GLY Z 413 62.82 -9.85 148.09
N HIS Z 414 63.30 -9.71 146.85
CA HIS Z 414 63.73 -8.43 146.32
C HIS Z 414 62.90 -8.05 145.11
N ASN Z 415 62.98 -6.78 144.73
CA ASN Z 415 62.28 -6.30 143.55
C ASN Z 415 62.88 -6.93 142.29
N VAL Z 416 62.03 -7.28 141.34
CA VAL Z 416 62.46 -7.97 140.13
C VAL Z 416 61.91 -7.25 138.91
N HIS Z 417 62.44 -7.64 137.75
CA HIS Z 417 62.06 -7.12 136.43
C HIS Z 417 61.83 -5.61 136.45
N LEU Z 418 62.80 -4.91 137.05
CA LEU Z 418 62.74 -3.46 137.13
C LEU Z 418 63.17 -2.84 135.81
N ALA Z 419 62.61 -1.67 135.52
CA ALA Z 419 63.17 -0.88 134.44
C ALA Z 419 64.57 -0.40 134.83
N PRO Z 420 65.49 -0.31 133.88
CA PRO Z 420 66.88 0.01 134.23
C PRO Z 420 66.99 1.39 134.85
N ALA Z 421 68.07 1.59 135.59
CA ALA Z 421 68.36 2.92 136.09
C ALA Z 421 68.92 3.79 134.97
N VAL Z 422 68.90 5.10 135.20
CA VAL Z 422 69.11 6.08 134.14
C VAL Z 422 70.09 7.13 134.66
N ALA Z 423 71.09 7.45 133.84
CA ALA Z 423 72.08 8.45 134.19
C ALA Z 423 72.66 9.03 132.91
N PRO Z 424 73.13 10.27 132.94
CA PRO Z 424 73.84 10.81 131.78
C PRO Z 424 75.14 10.05 131.52
N THR Z 425 75.47 9.90 130.24
CA THR Z 425 76.67 9.17 129.84
C THR Z 425 77.72 10.03 129.16
N PHE Z 426 77.35 11.20 128.64
CA PHE Z 426 78.27 12.05 127.89
C PHE Z 426 78.75 13.21 128.76
N PRO Z 427 80.03 13.55 128.66
CA PRO Z 427 80.58 14.65 129.46
C PRO Z 427 79.81 15.96 129.27
N GLY Z 428 79.43 16.57 130.39
CA GLY Z 428 78.74 17.84 130.38
C GLY Z 428 77.23 17.75 130.39
N GLU Z 429 76.67 16.54 130.44
CA GLU Z 429 75.26 16.33 130.23
C GLU Z 429 74.57 15.95 131.55
N GLN Z 430 73.32 16.39 131.68
CA GLN Z 430 72.47 16.02 132.80
C GLN Z 430 71.12 15.55 132.27
N LEU Z 431 70.42 14.77 133.10
CA LEU Z 431 69.05 14.39 132.77
C LEU Z 431 68.18 15.64 132.65
N LEU Z 432 67.16 15.54 131.79
CA LEU Z 432 66.11 16.56 131.69
C LEU Z 432 64.81 15.94 132.19
N PHE Z 433 64.25 16.54 133.23
CA PHE Z 433 63.07 16.01 133.90
C PHE Z 433 61.86 16.86 133.56
N PHE Z 434 60.70 16.21 133.44
CA PHE Z 434 59.43 16.93 133.33
C PHE Z 434 58.85 17.02 134.74
N ARG Z 435 58.83 18.23 135.28
CA ARG Z 435 58.61 18.43 136.71
C ARG Z 435 57.19 18.91 136.98
N SER Z 436 56.56 18.30 137.99
CA SER Z 436 55.22 18.65 138.39
C SER Z 436 55.21 18.88 139.89
N THR Z 437 54.17 19.57 140.35
CA THR Z 437 54.00 19.88 141.76
C THR Z 437 52.87 19.01 142.32
N MET Z 438 53.22 18.06 143.17
CA MET Z 438 52.20 17.24 143.81
C MET Z 438 51.44 18.09 144.82
N PRO Z 439 50.14 17.87 144.96
CA PRO Z 439 49.39 18.52 146.05
C PRO Z 439 49.86 17.99 147.40
N GLY Z 440 50.10 18.90 148.33
CA GLY Z 440 50.32 18.55 149.73
C GLY Z 440 49.05 18.69 150.53
N CYS Z 441 48.78 17.68 151.37
CA CYS Z 441 47.55 17.65 152.15
C CYS Z 441 47.75 17.93 153.62
N SER Z 442 48.98 17.77 154.13
CA SER Z 442 49.29 17.99 155.54
C SER Z 442 50.79 17.90 155.73
N GLY Z 443 51.34 18.82 156.52
CA GLY Z 443 52.76 18.81 156.81
C GLY Z 443 53.61 19.68 155.91
N TYR Z 444 54.85 19.27 155.68
CA TYR Z 444 55.78 19.93 154.77
C TYR Z 444 56.42 18.89 153.85
N PRO Z 445 55.66 18.34 152.90
CA PRO Z 445 56.19 17.26 152.07
C PRO Z 445 57.00 17.78 150.90
N ASN Z 446 57.87 16.90 150.39
CA ASN Z 446 58.67 17.22 149.20
C ASN Z 446 57.75 17.04 148.00
N MET Z 447 57.18 18.14 147.53
CA MET Z 447 56.11 18.12 146.54
C MET Z 447 56.61 17.98 145.11
N ASN Z 448 57.92 17.96 144.91
CA ASN Z 448 58.51 17.84 143.58
C ASN Z 448 58.42 16.40 143.06
N LEU Z 449 57.82 16.24 141.88
CA LEU Z 449 57.75 14.95 141.19
C LEU Z 449 58.33 15.10 139.80
N ASP Z 450 59.36 14.32 139.49
CA ASP Z 450 60.02 14.35 138.19
C ASP Z 450 59.83 13.04 137.47
N CYS Z 451 59.38 13.10 136.21
CA CYS Z 451 59.26 11.93 135.36
C CYS Z 451 60.15 12.07 134.14
N LEU Z 452 60.49 10.92 133.53
CA LEU Z 452 61.40 10.92 132.40
C LEU Z 452 60.70 11.22 131.08
N LEU Z 453 59.41 10.88 130.97
CA LEU Z 453 58.61 11.11 129.78
C LEU Z 453 57.21 11.55 130.20
N PRO Z 454 56.65 12.57 129.55
CA PRO Z 454 55.23 12.88 129.78
C PRO Z 454 54.35 11.72 129.36
N GLN Z 455 53.20 11.60 130.01
CA GLN Z 455 52.30 10.48 129.76
C GLN Z 455 51.82 10.46 128.32
N GLU Z 456 51.61 11.64 127.72
CA GLU Z 456 51.23 11.69 126.31
C GLU Z 456 52.35 11.19 125.40
N TRP Z 457 53.61 11.40 125.78
CA TRP Z 457 54.70 10.81 125.02
C TRP Z 457 54.67 9.29 125.09
N VAL Z 458 54.34 8.74 126.26
CA VAL Z 458 54.22 7.29 126.40
C VAL Z 458 53.12 6.76 125.50
N LEU Z 459 51.94 7.40 125.56
CA LEU Z 459 50.84 7.04 124.67
C LEU Z 459 51.27 7.09 123.21
N HIS Z 460 51.93 8.19 122.81
CA HIS Z 460 52.31 8.36 121.41
C HIS Z 460 53.28 7.27 120.96
N PHE Z 461 54.33 7.05 121.73
CA PHE Z 461 55.29 6.00 121.37
C PHE Z 461 54.63 4.63 121.32
N TYR Z 462 53.72 4.36 122.26
CA TYR Z 462 53.11 3.03 122.32
C TYR Z 462 52.31 2.73 121.06
N GLN Z 463 51.48 3.69 120.62
CA GLN Z 463 50.61 3.44 119.47
C GLN Z 463 51.40 3.45 118.17
N GLU Z 464 52.22 4.50 117.98
CA GLU Z 464 53.00 4.66 116.76
C GLU Z 464 54.37 4.05 117.05
N ALA Z 465 54.45 2.73 116.91
CA ALA Z 465 55.61 1.98 117.37
C ALA Z 465 56.76 2.07 116.37
N ALA Z 466 57.22 3.30 116.16
CA ALA Z 466 58.25 3.57 115.16
C ALA Z 466 59.60 3.05 115.65
N PRO Z 467 60.27 2.18 114.88
CA PRO Z 467 61.58 1.68 115.29
C PRO Z 467 62.61 2.79 115.33
N ALA Z 468 63.44 2.77 116.37
CA ALA Z 468 64.47 3.76 116.51
C ALA Z 468 65.59 3.42 115.52
N GLN Z 469 65.95 4.40 114.71
CA GLN Z 469 66.97 4.21 113.69
C GLN Z 469 68.37 4.35 114.26
N SER Z 470 68.49 4.89 115.47
CA SER Z 470 69.73 4.92 116.22
C SER Z 470 69.34 5.13 117.68
N ASP Z 471 70.34 5.19 118.55
CA ASP Z 471 70.02 5.19 119.98
C ASP Z 471 69.55 6.55 120.49
N VAL Z 472 69.68 7.62 119.71
CA VAL Z 472 69.31 8.95 120.16
C VAL Z 472 68.54 9.68 119.07
N ALA Z 473 67.43 10.30 119.43
CA ALA Z 473 66.70 11.22 118.56
C ALA Z 473 67.00 12.64 119.01
N LEU Z 474 67.58 13.44 118.12
CA LEU Z 474 67.87 14.83 118.44
C LEU Z 474 66.61 15.67 118.36
N LEU Z 475 66.27 16.33 119.47
CA LEU Z 475 65.13 17.24 119.52
C LEU Z 475 65.61 18.67 119.75
N ARG Z 476 64.89 19.62 119.18
CA ARG Z 476 65.11 21.03 119.45
C ARG Z 476 63.82 21.65 119.96
N PHE Z 477 63.93 22.47 121.00
CA PHE Z 477 62.78 23.12 121.61
C PHE Z 477 62.62 24.50 120.99
N VAL Z 478 61.46 24.75 120.38
CA VAL Z 478 61.27 25.89 119.50
C VAL Z 478 60.17 26.76 120.06
N ASN Z 479 60.41 28.08 120.04
CA ASN Z 479 59.37 29.05 120.37
C ASN Z 479 58.66 29.44 119.07
N PRO Z 480 57.43 28.98 118.84
CA PRO Z 480 56.80 29.22 117.54
C PRO Z 480 56.47 30.68 117.29
N ASP Z 481 56.38 31.49 118.34
CA ASP Z 481 56.17 32.91 118.17
C ASP Z 481 57.39 33.55 117.49
N THR Z 482 58.58 33.29 118.03
CA THR Z 482 59.80 33.92 117.54
C THR Z 482 60.52 33.10 116.49
N GLY Z 483 60.21 31.81 116.37
CA GLY Z 483 60.94 30.94 115.48
C GLY Z 483 62.29 30.52 116.01
N ARG Z 484 62.68 30.96 117.21
CA ARG Z 484 64.01 30.72 117.74
C ARG Z 484 64.06 29.42 118.52
N VAL Z 485 65.23 28.77 118.49
CA VAL Z 485 65.50 27.57 119.29
C VAL Z 485 65.94 27.98 120.68
N LEU Z 486 65.32 27.37 121.70
CA LEU Z 486 65.68 27.66 123.09
C LEU Z 486 66.78 26.72 123.57
N PHE Z 487 66.65 25.42 123.29
CA PHE Z 487 67.70 24.46 123.58
C PHE Z 487 67.51 23.26 122.67
N GLU Z 488 68.51 22.40 122.64
CA GLU Z 488 68.40 21.10 122.02
C GLU Z 488 68.66 20.02 123.06
N CYS Z 489 68.09 18.83 122.83
CA CYS Z 489 68.22 17.74 123.77
C CYS Z 489 68.28 16.41 123.03
N LYS Z 490 68.73 15.39 123.74
CA LYS Z 490 68.88 14.04 123.21
C LYS Z 490 67.84 13.11 123.84
N LEU Z 491 66.94 12.57 123.03
CA LEU Z 491 65.99 11.57 123.46
C LEU Z 491 66.53 10.17 123.15
N HIS Z 492 66.86 9.42 124.19
CA HIS Z 492 67.40 8.07 124.04
C HIS Z 492 66.27 7.07 123.86
N LYS Z 493 66.57 5.97 123.15
CA LYS Z 493 65.53 4.95 122.94
C LYS Z 493 64.96 4.46 124.26
N SER Z 494 65.80 4.33 125.28
CA SER Z 494 65.37 3.78 126.56
C SER Z 494 64.28 4.62 127.22
N GLY Z 495 63.95 5.75 126.60
CA GLY Z 495 62.92 6.63 127.13
C GLY Z 495 63.35 7.64 128.18
N TYR Z 496 64.36 8.45 127.88
CA TYR Z 496 64.72 9.56 128.76
C TYR Z 496 65.42 10.63 127.93
N VAL Z 497 65.43 11.85 128.47
CA VAL Z 497 65.95 13.01 127.76
C VAL Z 497 67.18 13.51 128.50
N THR Z 498 68.13 14.05 127.73
CA THR Z 498 69.35 14.60 128.28
C THR Z 498 69.60 15.98 127.68
N VAL Z 499 70.27 16.85 128.44
CA VAL Z 499 70.63 18.19 127.99
C VAL Z 499 72.06 18.49 128.41
N ALA Z 500 72.64 19.52 127.80
CA ALA Z 500 74.01 19.95 128.09
C ALA Z 500 73.95 21.10 129.09
N HIS Z 501 74.16 20.78 130.36
CA HIS Z 501 74.12 21.77 131.43
C HIS Z 501 74.80 21.21 132.66
N THR Z 502 75.24 22.11 133.54
CA THR Z 502 75.84 21.75 134.81
C THR Z 502 75.19 22.58 135.90
N GLY Z 503 74.69 21.92 136.94
CA GLY Z 503 74.00 22.59 138.01
C GLY Z 503 72.49 22.45 137.90
N PRO Z 504 71.79 22.64 139.01
CA PRO Z 504 70.32 22.63 138.96
C PRO Z 504 69.77 23.89 138.32
N HIS Z 505 68.63 23.74 137.66
CA HIS Z 505 68.01 24.84 136.93
C HIS Z 505 66.58 24.53 136.50
N ASP Z 506 65.64 25.39 136.88
CA ASP Z 506 64.31 25.37 136.32
C ASP Z 506 64.34 26.10 134.98
N LEU Z 507 63.80 25.47 133.93
CA LEU Z 507 63.90 26.06 132.61
C LEU Z 507 62.91 27.20 132.44
N VAL Z 508 63.34 28.23 131.73
CA VAL Z 508 62.52 29.39 131.44
C VAL Z 508 61.90 29.13 130.07
N ILE Z 509 60.62 28.78 130.05
CA ILE Z 509 59.99 28.17 128.89
C ILE Z 509 58.90 29.12 128.40
N PRO Z 510 58.88 29.47 127.12
CA PRO Z 510 57.73 30.16 126.54
C PRO Z 510 56.50 29.27 126.57
N PRO Z 511 55.32 29.81 126.90
CA PRO Z 511 54.15 28.95 127.09
C PRO Z 511 53.77 28.15 125.84
N ASN Z 512 54.23 28.56 124.66
CA ASN Z 512 53.89 27.92 123.40
C ASN Z 512 54.98 26.98 122.89
N GLY Z 513 56.03 26.74 123.67
CA GLY Z 513 57.16 26.00 123.15
C GLY Z 513 56.85 24.53 122.93
N TYR Z 514 57.43 23.97 121.87
CA TYR Z 514 57.22 22.58 121.48
C TYR Z 514 58.55 21.95 121.11
N PHE Z 515 58.59 20.62 121.17
CA PHE Z 515 59.77 19.86 120.75
C PHE Z 515 59.68 19.48 119.28
N ARG Z 516 60.79 19.61 118.57
CA ARG Z 516 60.86 19.31 117.15
C ARG Z 516 61.93 18.26 116.89
N PHE Z 517 61.55 17.18 116.21
CA PHE Z 517 62.50 16.13 115.86
C PHE Z 517 63.27 16.55 114.62
N ASP Z 518 64.60 16.62 114.75
CA ASP Z 518 65.44 17.17 113.69
C ASP Z 518 66.37 16.15 113.04
N SER Z 519 66.85 15.16 113.77
CA SER Z 519 67.80 14.20 113.22
C SER Z 519 67.99 13.04 114.20
N TRP Z 520 68.27 11.86 113.64
CA TRP Z 520 68.82 10.76 114.43
C TRP Z 520 70.30 10.97 114.68
N VAL Z 521 70.74 10.78 115.93
CA VAL Z 521 72.13 10.89 116.32
C VAL Z 521 72.45 9.76 117.29
N ASN Z 522 73.71 9.59 117.62
CA ASN Z 522 74.08 8.60 118.62
C ASN Z 522 74.52 9.30 119.91
N GLN Z 523 75.01 8.51 120.87
CA GLN Z 523 75.29 9.06 122.20
C GLN Z 523 76.44 10.06 122.19
N PHE Z 524 77.21 10.14 121.10
CA PHE Z 524 78.36 11.03 121.05
C PHE Z 524 78.02 12.42 120.49
N TYR Z 525 76.77 12.66 120.13
CA TYR Z 525 76.39 14.00 119.68
C TYR Z 525 76.62 15.00 120.80
N THR Z 526 77.23 16.13 120.47
CA THR Z 526 77.52 17.17 121.43
C THR Z 526 76.47 18.27 121.33
N LEU Z 527 75.75 18.50 122.42
CA LEU Z 527 74.63 19.42 122.42
C LEU Z 527 75.12 20.85 122.65
N ALA Z 528 74.38 21.81 122.09
CA ALA Z 528 74.70 23.21 122.32
C ALA Z 528 74.48 23.56 123.79
N PRO Z 529 75.37 24.35 124.39
CA PRO Z 529 75.18 24.76 125.79
C PRO Z 529 73.95 25.63 125.96
N MET Z 530 73.06 25.22 126.85
CA MET Z 530 71.74 25.82 126.98
C MET Z 530 71.63 26.82 128.13
N GLY Z 531 72.12 26.47 129.32
CA GLY Z 531 71.60 27.03 130.55
C GLY Z 531 71.82 28.53 130.65
N ASN Z 532 70.97 29.15 131.48
CA ASN Z 532 71.04 30.57 131.82
C ASN Z 532 70.73 31.45 130.61
N ASN AA 24 79.11 -45.10 85.06
CA ASN AA 24 80.49 -45.59 85.12
C ASN AA 24 81.31 -44.85 86.18
N GLU AA 25 82.24 -43.99 85.73
CA GLU AA 25 83.10 -43.23 86.62
C GLU AA 25 82.83 -41.73 86.59
N VAL AA 26 81.64 -41.31 86.14
CA VAL AA 26 81.32 -39.90 85.98
C VAL AA 26 80.06 -39.61 86.79
N MET AA 27 80.14 -38.61 87.67
CA MET AA 27 79.01 -38.21 88.48
C MET AA 27 78.07 -37.30 87.69
N ALA AA 28 76.79 -37.65 87.67
CA ALA AA 28 75.79 -36.97 86.84
C ALA AA 28 75.38 -35.64 87.46
N LEU AA 29 76.33 -34.71 87.48
CA LEU AA 29 76.09 -33.36 87.95
C LEU AA 29 76.30 -32.37 86.81
N GLU AA 30 75.45 -31.35 86.75
CA GLU AA 30 75.68 -30.25 85.84
C GLU AA 30 76.82 -29.40 86.37
N PRO AA 31 77.45 -28.60 85.51
CA PRO AA 31 78.40 -27.61 86.02
C PRO AA 31 77.68 -26.61 86.90
N VAL AA 32 78.41 -26.07 87.87
CA VAL AA 32 77.85 -25.12 88.83
C VAL AA 32 78.81 -23.95 88.97
N VAL AA 33 78.30 -22.74 88.75
CA VAL AA 33 79.16 -21.57 88.78
C VAL AA 33 79.58 -21.31 90.22
N GLY AA 34 80.82 -20.88 90.39
CA GLY AA 34 81.33 -20.52 91.70
C GLY AA 34 81.16 -19.04 91.96
N ALA AA 35 82.25 -18.37 92.33
CA ALA AA 35 82.15 -16.99 92.76
C ALA AA 35 81.98 -16.02 91.60
N ALA AA 36 82.16 -16.49 90.37
CA ALA AA 36 82.01 -15.60 89.21
C ALA AA 36 80.62 -14.98 89.16
N ILE AA 37 79.58 -15.78 89.43
CA ILE AA 37 78.22 -15.26 89.40
C ILE AA 37 78.02 -14.17 90.44
N ALA AA 38 78.83 -14.15 91.49
CA ALA AA 38 78.66 -13.19 92.57
C ALA AA 38 79.35 -11.86 92.29
N ALA AA 39 80.11 -11.77 91.19
CA ALA AA 39 80.91 -10.58 90.94
C ALA AA 39 80.08 -9.31 90.92
N PRO AA 40 78.93 -9.24 90.23
CA PRO AA 40 78.16 -7.98 90.23
C PRO AA 40 77.60 -7.60 91.59
N VAL AA 41 77.53 -8.52 92.55
CA VAL AA 41 76.96 -8.22 93.86
C VAL AA 41 77.96 -8.34 95.00
N ALA AA 42 79.16 -8.85 94.75
CA ALA AA 42 80.20 -8.82 95.77
C ALA AA 42 80.87 -7.45 95.80
N GLY AA 43 81.42 -7.09 96.96
CA GLY AA 43 82.14 -5.84 97.05
C GLY AA 43 83.45 -5.80 96.28
N GLN AA 44 84.15 -6.93 96.20
CA GLN AA 44 85.51 -6.92 95.69
C GLN AA 44 85.89 -8.27 95.09
N GLN AA 45 87.04 -8.29 94.41
CA GLN AA 45 87.58 -9.47 93.76
C GLN AA 45 88.83 -9.92 94.51
N ASN AA 46 88.90 -11.21 94.82
CA ASN AA 46 89.99 -11.73 95.64
C ASN AA 46 90.74 -12.84 94.92
N VAL AA 47 91.89 -13.22 95.50
CA VAL AA 47 92.81 -14.17 94.90
C VAL AA 47 93.31 -15.13 95.97
N ILE AA 48 93.39 -16.41 95.62
CA ILE AA 48 93.91 -17.44 96.50
C ILE AA 48 95.26 -17.89 95.95
N ASP AA 49 96.19 -18.15 96.86
CA ASP AA 49 97.52 -18.64 96.49
C ASP AA 49 97.40 -19.87 95.60
N PRO AA 50 97.92 -19.83 94.37
CA PRO AA 50 97.73 -20.95 93.44
C PRO AA 50 98.23 -22.29 93.93
N TRP AA 51 99.23 -22.32 94.82
CA TRP AA 51 99.67 -23.60 95.36
C TRP AA 51 98.52 -24.28 96.10
N ILE AA 52 97.71 -23.51 96.83
CA ILE AA 52 96.56 -24.08 97.54
C ILE AA 52 95.60 -24.72 96.55
N ARG AA 53 95.50 -24.17 95.33
CA ARG AA 53 94.59 -24.71 94.33
C ARG AA 53 95.12 -25.93 93.61
N ASN AA 54 96.44 -26.12 93.57
CA ASN AA 54 97.02 -27.20 92.79
C ASN AA 54 97.42 -28.41 93.61
N ASN AA 55 97.14 -28.43 94.91
CA ASN AA 55 97.66 -29.48 95.78
C ASN AA 55 96.55 -30.01 96.67
N PHE AA 56 96.33 -31.32 96.60
CA PHE AA 56 95.33 -31.98 97.42
C PHE AA 56 95.75 -32.01 98.88
N VAL AA 57 94.80 -31.77 99.77
CA VAL AA 57 95.04 -31.76 101.20
C VAL AA 57 93.97 -32.59 101.88
N GLN AA 58 94.36 -33.37 102.87
CA GLN AA 58 93.44 -34.29 103.50
C GLN AA 58 92.46 -33.55 104.40
N ALA AA 59 91.18 -33.86 104.26
CA ALA AA 59 90.19 -33.30 105.15
C ALA AA 59 90.51 -33.80 106.57
N PRO AA 60 90.25 -32.98 107.59
CA PRO AA 60 90.65 -33.37 108.95
C PRO AA 60 90.06 -34.70 109.40
N GLY AA 61 88.90 -35.09 108.88
CA GLY AA 61 88.34 -36.37 109.23
C GLY AA 61 87.97 -37.13 107.98
N GLY AA 62 88.93 -37.23 107.06
CA GLY AA 62 88.70 -37.82 105.75
C GLY AA 62 89.36 -39.17 105.66
N GLU AA 63 89.17 -39.96 106.69
CA GLU AA 63 89.63 -41.35 106.74
C GLU AA 63 88.45 -42.25 107.07
N PHE AA 64 88.38 -43.39 106.40
CA PHE AA 64 87.44 -44.43 106.79
C PHE AA 64 87.96 -45.78 106.34
N THR AA 65 87.31 -46.84 106.83
CA THR AA 65 87.77 -48.21 106.66
C THR AA 65 86.62 -49.08 106.20
N VAL AA 66 86.92 -49.98 105.27
CA VAL AA 66 85.99 -51.00 104.80
C VAL AA 66 86.44 -52.32 105.39
N SER AA 67 85.56 -52.93 106.18
CA SER AA 67 85.83 -54.18 106.87
C SER AA 67 84.77 -55.21 106.50
N PRO AA 68 85.05 -56.50 106.69
CA PRO AA 68 84.03 -57.51 106.35
C PRO AA 68 82.82 -57.46 107.27
N ARG AA 69 82.89 -56.80 108.42
CA ARG AA 69 81.69 -56.58 109.22
C ARG AA 69 80.72 -55.62 108.57
N ASN AA 70 81.19 -54.81 107.62
CA ASN AA 70 80.33 -53.78 107.06
C ASN AA 70 79.29 -54.40 106.14
N ALA AA 71 78.10 -53.82 106.16
CA ALA AA 71 76.93 -54.32 105.46
C ALA AA 71 76.40 -53.26 104.48
N PRO AA 72 75.73 -53.69 103.42
CA PRO AA 72 75.15 -52.71 102.49
C PRO AA 72 74.22 -51.73 103.19
N GLY AA 73 74.39 -50.45 102.88
CA GLY AA 73 73.62 -49.40 103.50
C GLY AA 73 74.34 -48.61 104.58
N GLU AA 74 75.40 -49.16 105.15
CA GLU AA 74 76.14 -48.44 106.18
C GLU AA 74 76.91 -47.28 105.57
N ILE AA 75 76.67 -46.08 106.08
CA ILE AA 75 77.39 -44.89 105.64
C ILE AA 75 78.78 -44.89 106.27
N LEU AA 76 79.81 -45.13 105.47
CA LEU AA 76 81.16 -45.18 106.00
C LEU AA 76 81.77 -43.80 106.26
N TRP AA 77 81.32 -42.76 105.56
CA TRP AA 77 81.94 -41.46 105.68
C TRP AA 77 81.04 -40.40 105.04
N SER AA 78 81.06 -39.19 105.60
CA SER AA 78 80.27 -38.11 105.04
C SER AA 78 80.90 -36.78 105.43
N ALA AA 79 80.67 -35.77 104.59
CA ALA AA 79 81.19 -34.43 104.85
C ALA AA 79 80.42 -33.42 104.03
N PRO AA 80 80.14 -32.22 104.55
CA PRO AA 80 79.56 -31.16 103.74
C PRO AA 80 80.60 -30.27 103.10
N LEU AA 81 80.25 -29.73 101.93
CA LEU AA 81 81.13 -28.78 101.26
C LEU AA 81 81.32 -27.53 102.12
N GLY AA 82 82.55 -27.07 102.20
CA GLY AA 82 82.86 -25.88 102.97
C GLY AA 82 84.35 -25.76 103.26
N PRO AA 83 84.77 -24.60 103.74
CA PRO AA 83 86.20 -24.39 104.00
C PRO AA 83 86.79 -25.32 105.04
N ASP AA 84 85.97 -25.89 105.93
CA ASP AA 84 86.52 -26.74 106.99
C ASP AA 84 87.12 -28.03 106.47
N LEU AA 85 86.88 -28.38 105.21
CA LEU AA 85 87.49 -29.59 104.64
C LEU AA 85 88.95 -29.40 104.29
N ASN AA 86 89.47 -28.18 104.39
CA ASN AA 86 90.80 -27.84 103.92
C ASN AA 86 91.44 -26.85 104.87
N PRO AA 87 92.46 -27.25 105.62
CA PRO AA 87 92.96 -26.38 106.70
C PRO AA 87 93.50 -25.06 106.18
N TYR AA 88 94.01 -25.02 104.95
CA TYR AA 88 94.44 -23.76 104.35
C TYR AA 88 93.25 -22.84 104.13
N LEU AA 89 92.20 -23.33 103.46
CA LEU AA 89 91.00 -22.53 103.27
C LEU AA 89 90.33 -22.19 104.59
N SER AA 90 90.39 -23.12 105.55
CA SER AA 90 89.79 -22.87 106.85
C SER AA 90 90.46 -21.68 107.53
N HIS AA 91 91.79 -21.63 107.45
CA HIS AA 91 92.54 -20.52 108.03
C HIS AA 91 92.31 -19.23 107.25
N LEU AA 92 92.32 -19.31 105.92
CA LEU AA 92 92.05 -18.13 105.11
C LEU AA 92 90.65 -17.60 105.36
N ALA AA 93 89.69 -18.49 105.60
CA ALA AA 93 88.31 -18.06 105.79
C ALA AA 93 88.16 -17.15 107.01
N ARG AA 94 89.07 -17.24 107.98
CA ARG AA 94 88.95 -16.41 109.16
C ARG AA 94 89.17 -14.92 108.85
N MET AA 95 89.70 -14.57 107.67
CA MET AA 95 89.94 -13.18 107.31
C MET AA 95 89.10 -12.72 106.13
N TYR AA 96 88.12 -13.54 105.71
CA TYR AA 96 87.20 -13.20 104.64
C TYR AA 96 85.77 -13.31 105.14
N ASN AA 97 84.87 -12.60 104.45
CA ASN AA 97 83.47 -12.53 104.88
C ASN AA 97 82.61 -13.60 104.25
N GLY AA 98 82.97 -14.10 103.06
CA GLY AA 98 82.19 -15.11 102.40
C GLY AA 98 83.00 -15.89 101.40
N TYR AA 99 82.30 -16.78 100.68
CA TYR AA 99 82.92 -17.66 99.70
C TYR AA 99 81.83 -18.19 98.79
N ALA AA 100 82.26 -18.79 97.68
CA ALA AA 100 81.36 -19.51 96.79
C ALA AA 100 82.18 -20.36 95.84
N GLY AA 101 81.66 -21.52 95.50
CA GLY AA 101 82.32 -22.43 94.58
C GLY AA 101 82.63 -23.76 95.23
N GLY AA 102 83.11 -24.67 94.38
CA GLY AA 102 83.23 -26.07 94.72
C GLY AA 102 84.67 -26.53 94.89
N PHE AA 103 84.79 -27.83 95.19
CA PHE AA 103 86.06 -28.49 95.43
C PHE AA 103 86.21 -29.65 94.45
N GLU AA 104 87.45 -30.09 94.29
CA GLU AA 104 87.75 -31.36 93.65
C GLU AA 104 88.18 -32.31 94.77
N VAL AA 105 87.51 -33.45 94.88
CA VAL AA 105 87.78 -34.40 95.95
C VAL AA 105 88.55 -35.58 95.37
N GLN AA 106 89.57 -36.03 96.11
CA GLN AA 106 90.37 -37.18 95.74
C GLN AA 106 90.27 -38.20 96.87
N VAL AA 107 89.80 -39.39 96.55
CA VAL AA 107 89.64 -40.46 97.54
C VAL AA 107 90.55 -41.61 97.14
N ILE AA 108 91.27 -42.14 98.12
CA ILE AA 108 92.33 -43.13 97.91
C ILE AA 108 91.91 -44.44 98.58
N LEU AA 109 92.03 -45.54 97.84
CA LEU AA 109 91.58 -46.86 98.27
C LEU AA 109 92.79 -47.77 98.31
N ALA AA 110 93.09 -48.31 99.49
CA ALA AA 110 94.27 -49.17 99.66
C ALA AA 110 93.87 -50.64 99.62
N GLY AA 111 93.47 -51.06 98.42
CA GLY AA 111 93.14 -52.44 98.14
C GLY AA 111 94.29 -53.19 97.48
N ASN AA 112 93.99 -54.42 97.08
CA ASN AA 112 94.89 -55.17 96.21
C ASN AA 112 94.05 -56.05 95.28
N ALA AA 113 94.74 -56.70 94.34
CA ALA AA 113 94.07 -57.41 93.26
C ALA AA 113 93.24 -58.59 93.73
N PHE AA 114 93.43 -59.05 94.95
CA PHE AA 114 92.75 -60.24 95.47
C PHE AA 114 91.47 -59.94 96.24
N THR AA 115 90.95 -58.72 96.18
CA THR AA 115 89.74 -58.36 96.91
C THR AA 115 88.55 -58.19 95.96
N ALA AA 116 87.37 -58.09 96.54
CA ALA AA 116 86.15 -57.74 95.82
C ALA AA 116 85.28 -56.88 96.72
N GLY AA 117 84.48 -56.03 96.09
CA GLY AA 117 83.51 -55.20 96.79
C GLY AA 117 83.39 -53.82 96.17
N LYS AA 118 82.26 -53.17 96.42
CA LYS AA 118 81.94 -51.88 95.83
C LYS AA 118 81.60 -50.85 96.90
N ILE AA 119 82.07 -49.63 96.69
CA ILE AA 119 81.68 -48.47 97.48
C ILE AA 119 80.96 -47.49 96.55
N ILE AA 120 79.88 -46.89 97.04
CA ILE AA 120 79.23 -45.80 96.31
C ILE AA 120 79.54 -44.48 96.99
N PHE AA 121 79.95 -43.50 96.19
CA PHE AA 121 80.03 -42.11 96.59
C PHE AA 121 78.88 -41.37 95.94
N ALA AA 122 78.17 -40.55 96.72
CA ALA AA 122 76.98 -39.90 96.23
C ALA AA 122 76.95 -38.44 96.68
N ALA AA 123 76.42 -37.58 95.82
CA ALA AA 123 76.24 -36.17 96.11
C ALA AA 123 74.80 -35.95 96.56
N VAL AA 124 74.62 -35.54 97.81
CA VAL AA 124 73.30 -35.26 98.37
C VAL AA 124 73.09 -33.75 98.38
N PRO AA 125 72.00 -33.25 97.83
CA PRO AA 125 71.87 -31.81 97.61
C PRO AA 125 71.51 -31.11 98.91
N PRO AA 126 71.64 -29.78 98.95
CA PRO AA 126 71.39 -29.06 100.20
C PRO AA 126 69.99 -29.29 100.74
N ASN AA 127 69.89 -29.32 102.07
CA ASN AA 127 68.64 -29.48 102.81
C ASN AA 127 67.97 -30.83 102.59
N PHE AA 128 68.70 -31.83 102.09
CA PHE AA 128 68.07 -33.14 102.09
C PHE AA 128 68.64 -34.02 103.19
N PRO AA 129 67.78 -34.70 103.94
CA PRO AA 129 68.27 -35.52 105.07
C PRO AA 129 68.95 -36.79 104.59
N THR AA 130 70.14 -37.03 105.13
CA THR AA 130 70.90 -38.26 104.88
C THR AA 130 70.46 -39.39 105.80
N GLU AA 131 69.72 -39.07 106.86
CA GLU AA 131 69.50 -39.99 107.97
C GLU AA 131 68.44 -41.01 107.58
N GLY AA 132 68.88 -42.22 107.23
CA GLY AA 132 67.94 -43.31 107.05
C GLY AA 132 67.92 -43.97 105.69
N LEU AA 133 68.84 -43.58 104.82
CA LEU AA 133 68.79 -44.03 103.42
C LEU AA 133 69.11 -45.51 103.32
N SER AA 134 68.36 -46.20 102.44
CA SER AA 134 68.66 -47.56 102.01
C SER AA 134 69.60 -47.53 100.82
N PRO AA 135 70.34 -48.62 100.55
CA PRO AA 135 71.28 -48.61 99.42
C PRO AA 135 70.62 -48.32 98.08
N SER AA 136 69.46 -48.92 97.80
CA SER AA 136 68.68 -48.56 96.62
C SER AA 136 68.52 -47.05 96.49
N GLN AA 137 68.11 -46.40 97.59
CA GLN AA 137 67.81 -44.97 97.54
C GLN AA 137 69.06 -44.15 97.25
N VAL AA 138 70.20 -44.51 97.84
CA VAL AA 138 71.42 -43.73 97.63
C VAL AA 138 71.80 -43.71 96.16
N THR AA 139 71.52 -44.79 95.43
CA THR AA 139 71.77 -44.84 93.99
C THR AA 139 71.00 -43.77 93.23
N MET AA 140 69.96 -43.19 93.82
CA MET AA 140 69.12 -42.25 93.12
C MET AA 140 69.67 -40.82 93.15
N PHE AA 141 70.72 -40.57 93.92
CA PHE AA 141 71.46 -39.32 93.85
C PHE AA 141 72.49 -39.43 92.73
N PRO AA 142 73.08 -38.30 92.31
CA PRO AA 142 74.29 -38.39 91.48
C PRO AA 142 75.33 -39.21 92.23
N HIS AA 143 75.87 -40.23 91.57
CA HIS AA 143 76.68 -41.18 92.29
C HIS AA 143 77.76 -41.78 91.40
N ILE AA 144 78.71 -42.43 92.06
CA ILE AA 144 79.79 -43.17 91.42
C ILE AA 144 79.92 -44.49 92.18
N ILE AA 145 80.16 -45.57 91.44
CA ILE AA 145 80.34 -46.89 92.03
C ILE AA 145 81.78 -47.31 91.81
N VAL AA 146 82.51 -47.51 92.90
CA VAL AA 146 83.95 -47.71 92.87
C VAL AA 146 84.27 -49.10 93.37
N ASP AA 147 85.15 -49.79 92.68
CA ASP AA 147 85.57 -51.12 93.10
C ASP AA 147 86.71 -51.02 94.10
N VAL AA 148 86.68 -51.90 95.09
CA VAL AA 148 87.70 -51.93 96.14
C VAL AA 148 89.08 -52.21 95.55
N ARG AA 149 89.13 -52.75 94.33
CA ARG AA 149 90.40 -53.05 93.69
C ARG AA 149 90.97 -51.85 92.95
N GLN AA 150 90.31 -50.70 92.97
CA GLN AA 150 90.79 -49.58 92.20
C GLN AA 150 92.12 -49.07 92.74
N LEU AA 151 93.08 -48.87 91.84
CA LEU AA 151 94.40 -48.37 92.21
C LEU AA 151 94.48 -46.86 92.09
N GLU AA 152 94.05 -46.32 90.96
CA GLU AA 152 94.13 -44.90 90.72
C GLU AA 152 93.15 -44.17 91.63
N PRO AA 153 93.53 -43.02 92.18
CA PRO AA 153 92.60 -42.30 93.05
C PRO AA 153 91.36 -41.89 92.28
N VAL AA 154 90.26 -41.76 93.00
CA VAL AA 154 88.99 -41.38 92.39
C VAL AA 154 88.85 -39.87 92.53
N LEU AA 155 88.50 -39.21 91.43
CA LEU AA 155 88.33 -37.77 91.41
C LEU AA 155 86.84 -37.47 91.32
N ILE AA 156 86.31 -36.79 92.32
CA ILE AA 156 84.89 -36.47 92.41
C ILE AA 156 84.75 -34.95 92.43
N PRO AA 157 84.01 -34.36 91.50
CA PRO AA 157 83.71 -32.93 91.61
C PRO AA 157 82.59 -32.72 92.61
N LEU AA 158 82.77 -31.74 93.49
CA LEU AA 158 81.81 -31.42 94.53
C LEU AA 158 81.38 -29.97 94.31
N PRO AA 159 80.31 -29.75 93.55
CA PRO AA 159 79.90 -28.39 93.20
C PRO AA 159 79.09 -27.72 94.30
N ASP AA 160 79.17 -26.40 94.32
CA ASP AA 160 78.54 -25.58 95.35
C ASP AA 160 77.10 -25.26 94.95
N VAL AA 161 76.29 -26.33 94.88
CA VAL AA 161 74.86 -26.16 94.64
C VAL AA 161 74.26 -25.29 95.75
N ARG AA 162 73.48 -24.31 95.35
CA ARG AA 162 72.94 -23.32 96.27
C ARG AA 162 71.84 -22.54 95.55
N ASN AA 163 71.11 -21.73 96.30
CA ASN AA 163 70.05 -20.90 95.75
C ASN AA 163 70.31 -19.41 95.97
N ASN AA 164 71.53 -19.03 96.30
CA ASN AA 164 71.93 -17.63 96.43
C ASN AA 164 73.24 -17.41 95.68
N PHE AA 165 73.68 -16.15 95.65
CA PHE AA 165 74.89 -15.81 94.89
C PHE AA 165 76.14 -16.36 95.54
N TYR AA 166 76.22 -16.33 96.87
CA TYR AA 166 77.38 -16.82 97.60
C TYR AA 166 76.99 -16.99 99.06
N HIS AA 167 77.93 -17.50 99.86
CA HIS AA 167 77.68 -17.84 101.26
C HIS AA 167 78.41 -16.86 102.16
N TYR AA 168 77.76 -16.50 103.28
CA TYR AA 168 78.41 -15.75 104.33
C TYR AA 168 78.94 -16.71 105.39
N ASN AA 169 80.12 -16.40 105.93
CA ASN AA 169 80.69 -17.23 106.98
C ASN AA 169 79.77 -17.29 108.20
N GLN AA 170 79.18 -16.16 108.57
CA GLN AA 170 78.36 -16.07 109.77
C GLN AA 170 76.94 -16.62 109.59
N SER AA 171 76.55 -17.08 108.40
CA SER AA 171 75.18 -17.51 108.18
C SER AA 171 74.99 -19.01 108.08
N ASN AA 172 76.09 -19.78 108.01
CA ASN AA 172 76.04 -21.25 108.12
C ASN AA 172 75.01 -21.88 107.17
N ASP AA 173 75.01 -21.40 105.92
CA ASP AA 173 74.18 -21.99 104.88
C ASP AA 173 74.43 -23.49 104.75
N PRO AA 174 73.41 -24.27 104.42
CA PRO AA 174 73.62 -25.71 104.17
C PRO AA 174 74.21 -25.91 102.79
N THR AA 175 75.03 -26.95 102.66
CA THR AA 175 75.71 -27.22 101.40
C THR AA 175 75.53 -28.66 100.97
N ILE AA 176 75.99 -28.93 99.74
CA ILE AA 176 76.05 -30.29 99.23
C ILE AA 176 76.91 -31.16 100.15
N LYS AA 177 76.55 -32.44 100.24
CA LYS AA 177 77.28 -33.41 101.04
C LYS AA 177 77.79 -34.55 100.16
N LEU AA 178 79.02 -35.00 100.45
CA LEU AA 178 79.51 -36.27 99.93
C LEU AA 178 79.21 -37.40 100.89
N ILE AA 179 78.73 -38.51 100.34
CA ILE AA 179 78.32 -39.68 101.09
C ILE AA 179 79.17 -40.83 100.60
N ALA AA 180 79.69 -41.63 101.53
CA ALA AA 180 80.37 -42.88 101.19
C ALA AA 180 79.64 -43.99 101.91
N MET AA 181 79.14 -44.95 101.14
CA MET AA 181 78.35 -46.05 101.69
C MET AA 181 78.86 -47.36 101.12
N LEU AA 182 78.84 -48.40 101.95
CA LEU AA 182 79.20 -49.73 101.48
C LEU AA 182 78.10 -50.26 100.57
N TYR AA 183 78.45 -50.52 99.31
CA TYR AA 183 77.45 -50.99 98.34
C TYR AA 183 77.48 -52.50 98.16
N THR AA 184 78.66 -53.10 98.14
CA THR AA 184 78.82 -54.54 98.10
C THR AA 184 79.81 -54.94 99.18
N PRO AA 185 79.53 -55.98 99.96
CA PRO AA 185 80.42 -56.33 101.07
C PRO AA 185 81.81 -56.70 100.58
N LEU AA 186 82.79 -56.49 101.46
CA LEU AA 186 84.18 -56.77 101.12
C LEU AA 186 84.44 -58.26 101.25
N ARG AA 187 84.91 -58.87 100.17
CA ARG AA 187 85.23 -60.30 100.17
C ARG AA 187 86.71 -60.45 99.92
N ALA AA 188 87.42 -60.95 100.93
CA ALA AA 188 88.87 -61.11 100.87
C ALA AA 188 89.31 -62.15 101.90
N ASN AA 189 90.41 -62.83 101.61
CA ASN AA 189 91.06 -63.64 102.62
C ASN AA 189 91.62 -62.76 103.74
N ASN AA 190 91.92 -63.38 104.87
CA ASN AA 190 92.66 -62.76 105.94
C ASN AA 190 94.03 -63.42 106.06
N ALA AA 191 94.94 -62.74 106.76
CA ALA AA 191 96.30 -63.22 106.95
C ALA AA 191 96.49 -63.51 108.43
N GLY AA 192 96.62 -64.79 108.77
CA GLY AA 192 96.61 -65.15 110.18
C GLY AA 192 95.29 -64.76 110.80
N ASP AA 193 95.35 -64.28 112.05
CA ASP AA 193 94.19 -63.72 112.72
C ASP AA 193 94.11 -62.20 112.59
N ASP AA 194 95.03 -61.60 111.84
CA ASP AA 194 94.87 -60.22 111.38
C ASP AA 194 93.86 -60.17 110.24
N VAL AA 195 92.84 -59.34 110.39
CA VAL AA 195 91.74 -59.28 109.44
C VAL AA 195 92.03 -58.21 108.39
N PHE AA 196 91.88 -58.57 107.11
CA PHE AA 196 92.11 -57.65 106.02
C PHE AA 196 91.03 -56.57 105.98
N THR AA 197 91.45 -55.31 105.88
CA THR AA 197 90.54 -54.18 105.75
C THR AA 197 91.08 -53.23 104.69
N VAL AA 198 90.18 -52.53 104.02
CA VAL AA 198 90.54 -51.54 103.01
C VAL AA 198 90.44 -50.15 103.64
N SER AA 199 91.60 -49.52 103.86
CA SER AA 199 91.65 -48.18 104.40
C SER AA 199 91.47 -47.13 103.31
N CYS AA 200 90.67 -46.11 103.60
CA CYS AA 200 90.37 -45.08 102.63
C CYS AA 200 90.70 -43.69 103.19
N ARG AA 201 91.15 -42.81 102.29
CA ARG AA 201 91.48 -41.44 102.64
C ARG AA 201 90.80 -40.49 101.66
N VAL AA 202 90.34 -39.35 102.17
CA VAL AA 202 89.67 -38.33 101.38
C VAL AA 202 90.58 -37.10 101.33
N LEU AA 203 90.94 -36.69 100.12
CA LEU AA 203 91.75 -35.51 99.87
C LEU AA 203 90.92 -34.49 99.11
N THR AA 204 91.29 -33.22 99.24
CA THR AA 204 90.50 -32.15 98.63
C THR AA 204 91.42 -31.05 98.13
N ARG AA 205 90.90 -30.26 97.19
CA ARG AA 205 91.53 -29.01 96.76
C ARG AA 205 90.45 -28.16 96.11
N PRO AA 206 90.56 -26.84 96.18
CA PRO AA 206 89.47 -26.00 95.66
C PRO AA 206 89.42 -26.04 94.15
N SER AA 207 88.19 -26.12 93.63
CA SER AA 207 87.96 -25.99 92.19
C SER AA 207 88.35 -24.60 91.72
N PRO AA 208 88.54 -24.42 90.41
CA PRO AA 208 88.87 -23.07 89.91
C PRO AA 208 87.77 -22.05 90.15
N ASP AA 209 86.51 -22.46 90.26
CA ASP AA 209 85.44 -21.50 90.49
C ASP AA 209 85.26 -21.14 91.95
N PHE AA 210 85.98 -21.79 92.86
CA PHE AA 210 85.94 -21.40 94.26
C PHE AA 210 86.76 -20.13 94.48
N ASP AA 211 86.25 -19.25 95.33
CA ASP AA 211 86.99 -18.05 95.73
C ASP AA 211 86.36 -17.46 96.98
N PHE AA 212 87.18 -16.75 97.74
CA PHE AA 212 86.71 -15.98 98.89
C PHE AA 212 86.19 -14.63 98.41
N ILE AA 213 85.49 -13.90 99.29
CA ILE AA 213 84.82 -12.70 98.79
C ILE AA 213 85.32 -11.39 99.38
N PHE AA 214 85.21 -11.17 100.69
CA PHE AA 214 85.47 -9.84 101.22
C PHE AA 214 86.47 -9.89 102.36
N LEU AA 215 87.60 -9.20 102.21
CA LEU AA 215 88.58 -9.15 103.29
C LEU AA 215 87.99 -8.45 104.50
N VAL AA 216 88.24 -9.03 105.68
CA VAL AA 216 87.71 -8.52 106.95
C VAL AA 216 88.77 -8.72 108.02
N PRO AA 217 88.66 -8.01 109.13
CA PRO AA 217 89.65 -8.12 110.19
C PRO AA 217 89.84 -9.56 110.60
N PRO AA 218 91.09 -10.00 110.75
CA PRO AA 218 91.42 -11.42 110.55
C PRO AA 218 90.88 -12.39 111.59
N THR AA 219 90.52 -12.00 112.81
CA THR AA 219 89.90 -13.01 113.67
C THR AA 219 88.67 -12.49 114.40
N VAL AA 220 87.86 -11.64 113.76
CA VAL AA 220 86.69 -11.09 114.43
C VAL AA 220 85.48 -12.00 114.33
N GLU AA 221 85.18 -12.51 113.12
CA GLU AA 221 83.93 -13.22 112.89
C GLU AA 221 83.84 -14.50 113.73
N SER AA 222 82.75 -14.60 114.49
CA SER AA 222 82.63 -15.64 115.52
C SER AA 222 82.63 -17.05 114.95
N ARG AA 223 81.90 -17.28 113.86
CA ARG AA 223 81.72 -18.63 113.35
C ARG AA 223 82.93 -19.19 112.62
N THR AA 224 84.06 -18.48 112.61
CA THR AA 224 85.28 -19.00 111.99
C THR AA 224 86.34 -19.39 113.00
N LYS AA 225 86.10 -19.20 114.30
CA LYS AA 225 87.09 -19.58 115.30
C LYS AA 225 87.25 -21.10 115.34
N PRO AA 226 88.48 -21.61 115.28
CA PRO AA 226 88.67 -23.06 115.34
C PRO AA 226 88.63 -23.59 116.76
N PHE AA 227 88.14 -24.81 116.89
CA PHE AA 227 88.01 -25.45 118.19
C PHE AA 227 89.35 -26.00 118.65
N THR AA 228 89.64 -25.84 119.94
CA THR AA 228 90.87 -26.36 120.51
C THR AA 228 90.61 -26.91 121.90
N VAL AA 229 91.58 -27.68 122.38
CA VAL AA 229 91.55 -28.35 123.67
C VAL AA 229 92.87 -28.04 124.37
N PRO AA 230 92.87 -27.66 125.64
CA PRO AA 230 94.11 -27.21 126.28
C PRO AA 230 95.21 -28.27 126.21
N ILE AA 231 96.45 -27.79 126.06
CA ILE AA 231 97.62 -28.65 126.06
C ILE AA 231 98.00 -29.14 127.44
N LEU AA 232 97.25 -28.73 128.47
CA LEU AA 232 97.60 -29.08 129.84
C LEU AA 232 97.62 -30.60 130.03
N THR AA 233 98.48 -31.03 130.94
CA THR AA 233 98.58 -32.42 131.35
C THR AA 233 97.55 -32.75 132.44
N VAL AA 234 97.21 -34.04 132.51
CA VAL AA 234 96.27 -34.52 133.53
C VAL AA 234 96.68 -34.05 134.92
N GLU AA 235 97.97 -34.18 135.23
CA GLU AA 235 98.46 -33.74 136.54
C GLU AA 235 98.31 -32.24 136.72
N GLU AA 236 98.51 -31.47 135.66
CA GLU AA 236 98.48 -30.02 135.74
C GLU AA 236 97.08 -29.44 135.74
N MET AA 237 96.05 -30.26 135.57
CA MET AA 237 94.68 -29.78 135.54
C MET AA 237 94.00 -30.03 136.88
N THR AA 238 92.74 -29.61 136.98
CA THR AA 238 92.01 -29.58 138.23
C THR AA 238 90.64 -30.21 138.01
N ASN AA 239 90.16 -30.92 139.03
CA ASN AA 239 88.83 -31.51 138.95
C ASN AA 239 87.74 -30.45 139.06
N SER AA 240 86.65 -30.67 138.35
CA SER AA 240 85.56 -29.72 138.26
C SER AA 240 84.46 -30.02 139.27
N ARG AA 241 84.61 -31.08 140.03
CA ARG AA 241 83.62 -31.53 141.00
C ARG AA 241 84.11 -31.43 142.44
N PHE AA 242 85.41 -31.11 142.64
CA PHE AA 242 86.03 -30.95 143.94
C PHE AA 242 87.33 -30.19 143.75
N PRO AA 243 87.66 -29.25 144.62
CA PRO AA 243 88.88 -28.45 144.40
C PRO AA 243 90.16 -29.24 144.62
N ILE AA 244 90.39 -30.26 143.80
CA ILE AA 244 91.62 -31.07 143.90
C ILE AA 244 92.14 -31.38 142.52
N PRO AA 245 93.46 -31.53 142.40
CA PRO AA 245 94.04 -31.84 141.08
C PRO AA 245 93.65 -33.23 140.60
N LEU AA 246 93.76 -33.41 139.28
CA LEU AA 246 93.56 -34.72 138.66
C LEU AA 246 94.78 -35.60 138.84
N GLU AA 247 94.57 -36.91 138.70
CA GLU AA 247 95.65 -37.87 138.90
C GLU AA 247 95.77 -38.92 137.80
N LYS AA 248 94.66 -39.51 137.36
CA LYS AA 248 94.73 -40.50 136.29
C LYS AA 248 93.45 -40.47 135.46
N LEU AA 249 93.50 -41.17 134.32
CA LEU AA 249 92.35 -41.41 133.47
C LEU AA 249 91.77 -42.80 133.71
N PHE AA 250 90.45 -42.88 133.84
CA PHE AA 250 89.76 -44.14 134.10
C PHE AA 250 88.60 -44.28 133.14
N THR AA 251 88.55 -45.42 132.44
CA THR AA 251 87.41 -45.78 131.61
C THR AA 251 86.75 -47.03 132.17
N GLY AA 252 85.42 -47.05 132.18
CA GLY AA 252 84.69 -48.20 132.65
C GLY AA 252 83.25 -48.23 132.20
N PRO AA 253 82.60 -49.38 132.34
CA PRO AA 253 81.16 -49.46 132.09
C PRO AA 253 80.36 -48.71 133.15
N SER AA 254 79.26 -48.08 132.71
CA SER AA 254 78.43 -47.25 133.56
C SER AA 254 76.96 -47.65 133.50
N GLY AA 255 76.66 -48.89 133.14
CA GLY AA 255 75.28 -49.31 132.97
C GLY AA 255 74.47 -49.37 134.26
N ALA AA 256 75.10 -49.70 135.38
CA ALA AA 256 74.37 -49.88 136.64
C ALA AA 256 73.76 -48.56 137.12
N PHE AA 257 74.59 -47.52 137.19
CA PHE AA 257 74.27 -46.25 137.80
C PHE AA 257 73.95 -45.17 136.76
N VAL AA 258 73.55 -44.00 137.24
CA VAL AA 258 73.13 -42.88 136.39
C VAL AA 258 74.16 -41.75 136.47
N VAL AA 259 74.85 -41.51 135.35
CA VAL AA 259 75.90 -40.49 135.25
C VAL AA 259 75.23 -39.16 134.93
N GLN AA 260 75.04 -38.32 135.96
CA GLN AA 260 74.37 -37.04 135.71
C GLN AA 260 74.92 -35.90 136.57
N PRO AA 261 76.24 -35.65 136.57
CA PRO AA 261 76.78 -34.55 137.37
C PRO AA 261 76.25 -33.20 136.93
N GLN AA 262 76.37 -32.21 137.83
CA GLN AA 262 75.98 -30.84 137.53
C GLN AA 262 77.13 -29.84 137.57
N ASN AA 263 78.32 -30.24 138.00
CA ASN AA 263 79.52 -29.41 137.91
C ASN AA 263 80.43 -29.98 136.82
N GLY AA 264 81.22 -29.11 136.21
CA GLY AA 264 81.99 -29.52 135.05
C GLY AA 264 81.10 -29.97 133.92
N ARG AA 265 79.99 -29.25 133.70
CA ARG AA 265 79.07 -29.51 132.60
C ARG AA 265 79.01 -28.27 131.72
N CYS AA 266 79.63 -28.35 130.55
CA CYS AA 266 79.74 -27.23 129.64
C CYS AA 266 79.79 -27.77 128.22
N THR AA 267 79.14 -27.06 127.31
CA THR AA 267 79.10 -27.46 125.92
C THR AA 267 80.36 -26.99 125.19
N THR AA 268 80.65 -27.68 124.08
CA THR AA 268 81.84 -27.38 123.27
C THR AA 268 81.94 -25.91 122.86
N ASP AA 269 80.82 -25.26 122.53
CA ASP AA 269 80.87 -23.84 122.18
C ASP AA 269 80.70 -22.91 123.38
N GLY AA 270 80.84 -23.41 124.61
CA GLY AA 270 81.02 -22.56 125.76
C GLY AA 270 79.78 -22.14 126.54
N VAL AA 271 78.69 -22.90 126.45
CA VAL AA 271 77.52 -22.66 127.29
C VAL AA 271 77.65 -23.50 128.55
N LEU AA 272 77.60 -22.84 129.70
CA LEU AA 272 77.63 -23.54 130.98
C LEU AA 272 76.28 -24.17 131.29
N LEU AA 273 76.33 -25.32 131.98
CA LEU AA 273 75.14 -26.11 132.26
C LEU AA 273 75.09 -26.45 133.75
N GLY AA 274 73.86 -26.72 134.22
CA GLY AA 274 73.68 -27.19 135.57
C GLY AA 274 74.17 -26.21 136.61
N THR AA 275 74.98 -26.71 137.55
CA THR AA 275 75.56 -25.89 138.61
C THR AA 275 76.98 -25.45 138.29
N THR AA 276 77.39 -25.49 137.03
CA THR AA 276 78.77 -25.25 136.66
C THR AA 276 79.07 -23.76 136.68
N GLN AA 277 80.19 -23.39 137.29
CA GLN AA 277 80.61 -22.00 137.35
C GLN AA 277 82.11 -21.92 137.06
N LEU AA 278 82.63 -20.70 137.11
CA LEU AA 278 83.92 -20.40 136.51
C LEU AA 278 85.09 -20.55 137.46
N SER AA 279 84.90 -20.30 138.75
CA SER AA 279 86.01 -20.31 139.69
C SER AA 279 86.37 -21.74 140.05
N PRO AA 280 87.62 -22.18 139.85
CA PRO AA 280 87.97 -23.58 140.19
C PRO AA 280 88.08 -23.85 141.69
N VAL AA 281 88.08 -22.82 142.54
CA VAL AA 281 88.21 -23.02 143.98
C VAL AA 281 86.88 -22.93 144.72
N ASN AA 282 85.80 -22.54 144.03
CA ASN AA 282 84.47 -22.41 144.61
C ASN AA 282 83.63 -23.66 144.41
N ILE AA 283 84.25 -24.82 144.21
CA ILE AA 283 83.51 -26.00 143.76
C ILE AA 283 82.65 -26.57 144.90
N CYS AA 284 83.24 -26.78 146.07
CA CYS AA 284 82.48 -27.29 147.21
C CYS AA 284 82.49 -26.33 148.39
N THR AA 285 82.40 -25.03 148.10
CA THR AA 285 82.44 -24.02 149.14
C THR AA 285 81.04 -23.49 149.39
N PHE AA 286 80.85 -22.89 150.57
CA PHE AA 286 79.61 -22.23 150.90
C PHE AA 286 79.91 -20.90 151.57
N ARG AA 287 79.12 -19.87 151.22
CA ARG AA 287 79.29 -18.54 151.80
C ARG AA 287 77.92 -17.98 152.16
N GLY AA 288 77.83 -17.37 153.33
CA GLY AA 288 76.60 -16.70 153.72
C GLY AA 288 76.62 -16.34 155.20
N ASP AA 289 75.44 -16.00 155.70
CA ASP AA 289 75.22 -15.68 157.10
C ASP AA 289 74.74 -16.93 157.82
N VAL AA 290 75.13 -17.07 159.07
CA VAL AA 290 74.99 -18.34 159.78
C VAL AA 290 74.11 -18.17 161.01
N THR AA 291 73.43 -19.25 161.38
CA THR AA 291 72.48 -19.26 162.48
C THR AA 291 72.67 -20.55 163.27
N HIS AA 292 72.83 -20.43 164.58
CA HIS AA 292 72.93 -21.60 165.44
C HIS AA 292 71.54 -22.09 165.81
N ILE AA 293 71.37 -23.41 165.90
CA ILE AA 293 70.17 -24.02 166.45
C ILE AA 293 70.53 -24.57 167.83
N ALA AA 294 70.05 -23.90 168.87
CA ALA AA 294 70.52 -24.18 170.23
C ALA AA 294 70.15 -25.59 170.63
N GLY AA 295 71.13 -26.33 171.18
CA GLY AA 295 70.90 -27.66 171.69
C GLY AA 295 71.76 -28.74 171.05
N THR AA 296 72.57 -28.40 170.06
CA THR AA 296 73.43 -29.34 169.35
C THR AA 296 74.74 -28.64 168.99
N HIS AA 297 75.62 -29.38 168.32
CA HIS AA 297 76.80 -28.81 167.68
C HIS AA 297 76.56 -28.52 166.21
N ASP AA 298 75.31 -28.39 165.79
CA ASP AA 298 74.93 -28.16 164.41
C ASP AA 298 74.62 -26.69 164.16
N TYR AA 299 74.90 -26.23 162.95
CA TYR AA 299 74.57 -24.89 162.51
C TYR AA 299 73.89 -24.93 161.15
N THR AA 300 73.01 -23.96 160.93
CA THR AA 300 72.35 -23.76 159.64
C THR AA 300 72.90 -22.50 158.99
N MET AA 301 73.29 -22.61 157.73
CA MET AA 301 73.86 -21.50 156.97
C MET AA 301 72.84 -20.98 155.96
N ASN AA 302 72.49 -19.71 156.07
CA ASN AA 302 71.65 -19.03 155.09
C ASN AA 302 72.54 -18.36 154.04
N LEU AA 303 72.42 -18.81 152.78
CA LEU AA 303 73.40 -18.51 151.75
C LEU AA 303 73.10 -17.15 151.09
N TRP AA 308 79.25 -13.75 146.51
CA TRP AA 308 78.50 -13.09 147.57
C TRP AA 308 77.21 -12.51 146.99
N ASN AA 309 76.28 -13.40 146.61
CA ASN AA 309 75.09 -13.02 145.86
C ASN AA 309 73.86 -13.61 146.54
N ASN AA 310 72.96 -12.75 147.00
CA ASN AA 310 71.60 -13.18 147.24
C ASN AA 310 70.86 -13.22 145.90
N TYR AA 311 69.94 -14.18 145.79
CA TYR AA 311 69.44 -14.59 144.48
C TYR AA 311 67.94 -14.84 144.53
N ASP AA 312 67.29 -14.53 143.42
CA ASP AA 312 65.84 -14.60 143.23
C ASP AA 312 65.48 -15.85 142.43
N PRO AA 313 64.19 -16.17 142.29
CA PRO AA 313 63.79 -17.40 141.59
C PRO AA 313 63.92 -17.36 140.07
N THR AA 314 64.35 -16.26 139.46
CA THR AA 314 64.47 -16.26 137.99
C THR AA 314 65.67 -17.07 137.53
N GLU AA 315 66.53 -17.52 138.45
CA GLU AA 315 67.64 -18.40 138.11
C GLU AA 315 67.11 -19.76 137.63
N GLU AA 316 67.45 -20.13 136.40
CA GLU AA 316 66.99 -21.38 135.81
C GLU AA 316 67.98 -22.51 136.06
N ILE AA 317 68.38 -22.68 137.32
CA ILE AA 317 69.46 -23.60 137.68
C ILE AA 317 68.97 -24.68 138.63
N PRO AA 318 69.60 -25.87 138.64
CA PRO AA 318 69.21 -26.88 139.64
C PRO AA 318 69.51 -26.48 141.07
N ALA AA 319 70.50 -25.63 141.27
CA ALA AA 319 70.96 -25.19 142.59
C ALA AA 319 71.93 -24.03 142.38
N PRO AA 320 72.30 -23.28 143.43
CA PRO AA 320 73.31 -22.24 143.24
C PRO AA 320 74.64 -22.83 142.79
N LEU AA 321 75.33 -22.08 141.93
CA LEU AA 321 76.55 -22.57 141.31
C LEU AA 321 77.60 -22.87 142.38
N GLY AA 322 78.23 -24.04 142.27
CA GLY AA 322 79.17 -24.48 143.28
C GLY AA 322 78.59 -25.40 144.33
N THR AA 323 77.43 -26.00 144.08
CA THR AA 323 76.83 -26.96 145.00
C THR AA 323 77.32 -28.37 144.66
N PRO AA 324 77.73 -29.16 145.66
CA PRO AA 324 78.19 -30.52 145.38
C PRO AA 324 77.17 -31.33 144.59
N ASP AA 325 77.68 -32.22 143.73
CA ASP AA 325 76.84 -33.03 142.85
C ASP AA 325 76.94 -34.52 143.16
N PHE AA 326 77.20 -34.85 144.44
CA PHE AA 326 77.27 -36.24 144.88
C PHE AA 326 76.74 -36.33 146.29
N VAL AA 327 76.41 -37.55 146.71
CA VAL AA 327 75.90 -37.83 148.04
C VAL AA 327 77.05 -38.26 148.94
N GLY AA 328 77.20 -37.58 150.08
CA GLY AA 328 78.29 -37.88 150.99
C GLY AA 328 78.36 -36.81 152.07
N LYS AA 329 79.31 -37.02 152.97
CA LYS AA 329 79.62 -36.06 154.03
C LYS AA 329 81.00 -35.46 153.75
N ILE AA 330 81.03 -34.14 153.50
CA ILE AA 330 82.24 -33.42 153.16
C ILE AA 330 82.73 -32.66 154.39
N GLN AA 331 83.93 -32.98 154.84
CA GLN AA 331 84.54 -32.35 156.00
C GLN AA 331 85.44 -31.20 155.55
N GLY AA 332 85.38 -30.08 156.28
CA GLY AA 332 86.24 -28.96 156.01
C GLY AA 332 86.41 -28.04 157.20
N VAL AA 333 86.43 -26.72 156.96
CA VAL AA 333 86.63 -25.72 158.00
C VAL AA 333 85.71 -24.54 157.73
N LEU AA 334 84.95 -24.13 158.76
CA LEU AA 334 84.16 -22.92 158.71
C LEU AA 334 85.00 -21.72 159.14
N THR AA 335 84.91 -20.63 158.39
CA THR AA 335 85.72 -19.44 158.62
C THR AA 335 84.80 -18.24 158.81
N GLN AA 336 85.17 -17.36 159.75
CA GLN AA 336 84.31 -16.25 160.12
C GLN AA 336 85.18 -15.05 160.50
N THR AA 337 84.70 -13.85 160.15
CA THR AA 337 85.42 -12.63 160.46
C THR AA 337 84.44 -11.57 160.96
N THR AA 338 84.76 -10.97 162.10
CA THR AA 338 83.96 -9.91 162.71
C THR AA 338 84.39 -8.57 162.13
N ARG AA 339 83.41 -7.70 161.90
CA ARG AA 339 83.63 -6.41 161.25
C ARG AA 339 83.74 -5.29 162.30
N GLY AA 340 84.78 -4.46 162.16
CA GLY AA 340 85.09 -3.39 163.07
C GLY AA 340 86.22 -3.69 164.05
N ASP AA 341 86.45 -4.97 164.36
CA ASP AA 341 87.56 -5.35 165.22
C ASP AA 341 88.58 -6.26 164.56
N GLY AA 342 88.21 -6.94 163.48
CA GLY AA 342 89.12 -7.88 162.82
C GLY AA 342 89.21 -9.24 163.47
N SER AA 343 88.28 -9.58 164.37
CA SER AA 343 88.28 -10.90 164.98
C SER AA 343 87.98 -11.98 163.96
N THR AA 344 88.68 -13.11 164.06
CA THR AA 344 88.52 -14.24 163.16
C THR AA 344 88.41 -15.53 163.94
N ARG AA 345 87.49 -16.41 163.51
CA ARG AA 345 87.25 -17.70 164.14
C ARG AA 345 87.16 -18.79 163.08
N GLY AA 346 87.71 -19.96 163.39
CA GLY AA 346 87.72 -21.08 162.46
C GLY AA 346 87.49 -22.43 163.14
N HIS AA 347 86.51 -23.20 162.65
CA HIS AA 347 86.07 -24.41 163.33
C HIS AA 347 85.86 -25.55 162.34
N LYS AA 348 86.42 -26.72 162.69
CA LYS AA 348 86.19 -27.97 161.98
C LYS AA 348 84.71 -28.22 161.76
N ALA AA 349 84.34 -28.55 160.52
CA ALA AA 349 82.93 -28.69 160.17
C ALA AA 349 82.75 -29.74 159.08
N THR AA 350 81.49 -30.17 158.92
CA THR AA 350 81.12 -31.25 158.01
C THR AA 350 79.76 -30.93 157.40
N VAL AA 351 79.60 -31.20 156.10
CA VAL AA 351 78.33 -31.04 155.41
C VAL AA 351 77.83 -32.41 154.94
N SER AA 352 76.56 -32.70 155.20
CA SER AA 352 75.92 -33.92 154.74
C SER AA 352 74.99 -33.58 153.57
N THR AA 353 75.29 -34.14 152.39
CA THR AA 353 74.45 -33.94 151.21
C THR AA 353 73.22 -34.83 151.17
N GLY AA 354 73.18 -35.91 151.96
CA GLY AA 354 72.03 -36.77 152.03
C GLY AA 354 71.05 -36.46 153.14
N SER AA 355 71.41 -35.56 154.04
CA SER AA 355 70.48 -35.08 155.07
C SER AA 355 69.31 -34.32 154.46
N VAL AA 356 68.14 -34.46 155.08
CA VAL AA 356 66.96 -33.74 154.64
C VAL AA 356 67.08 -32.24 154.87
N HIS AA 357 68.05 -31.82 155.68
CA HIS AA 357 68.29 -30.41 155.96
C HIS AA 357 69.29 -29.80 154.98
N PHE AA 358 69.74 -30.59 154.00
CA PHE AA 358 70.59 -30.12 152.91
C PHE AA 358 69.66 -29.62 151.80
N THR AA 359 69.28 -28.35 151.89
CA THR AA 359 68.32 -27.73 150.97
C THR AA 359 68.92 -26.44 150.41
N PRO AA 360 69.98 -26.55 149.59
CA PRO AA 360 70.64 -25.32 149.12
C PRO AA 360 69.83 -24.52 148.13
N LYS AA 361 68.95 -25.16 147.35
CA LYS AA 361 68.09 -24.41 146.45
C LYS AA 361 67.19 -23.45 147.20
N LEU AA 362 66.75 -23.82 148.40
CA LEU AA 362 65.89 -22.99 149.23
C LEU AA 362 66.66 -21.98 150.06
N GLY AA 363 67.95 -22.19 150.27
CA GLY AA 363 68.79 -21.17 150.87
C GLY AA 363 69.42 -21.56 152.19
N SER AA 364 69.27 -22.82 152.60
CA SER AA 364 69.74 -23.24 153.92
C SER AA 364 70.47 -24.57 153.81
N VAL AA 365 71.58 -24.68 154.54
CA VAL AA 365 72.37 -25.90 154.61
C VAL AA 365 72.73 -26.12 156.07
N GLN AA 366 72.99 -27.37 156.44
CA GLN AA 366 73.30 -27.74 157.82
C GLN AA 366 74.73 -28.25 157.91
N PHE AA 367 75.49 -27.69 158.84
CA PHE AA 367 76.83 -28.16 159.16
C PHE AA 367 76.84 -28.81 160.53
N THR AA 368 77.72 -29.80 160.69
CA THR AA 368 78.01 -30.36 162.01
C THR AA 368 79.43 -29.97 162.37
N THR AA 369 79.58 -29.19 163.43
CA THR AA 369 80.86 -28.57 163.77
C THR AA 369 81.35 -29.11 165.11
N ASP AA 370 82.53 -28.65 165.52
CA ASP AA 370 83.05 -28.92 166.86
C ASP AA 370 82.92 -27.71 167.77
N THR AA 371 81.79 -27.00 167.70
CA THR AA 371 81.55 -25.87 168.59
C THR AA 371 80.05 -25.77 168.88
N ASN AA 372 79.71 -25.23 170.04
CA ASN AA 372 78.34 -24.83 170.33
C ASN AA 372 78.14 -23.33 170.58
N ASN AA 373 79.20 -22.55 170.77
CA ASN AA 373 79.02 -21.13 171.07
C ASN AA 373 79.96 -20.16 170.37
N ASP AA 374 80.97 -20.61 169.63
CA ASP AA 374 82.01 -19.73 169.09
C ASP AA 374 81.84 -19.41 167.61
N LEU AA 375 80.61 -19.35 167.11
CA LEU AA 375 80.36 -18.79 165.77
C LEU AA 375 79.16 -17.87 165.89
N GLU AA 376 79.41 -16.57 165.95
CA GLU AA 376 78.38 -15.59 166.18
C GLU AA 376 77.60 -15.29 164.90
N THR AA 377 76.44 -14.67 165.07
CA THR AA 377 75.49 -14.41 164.00
C THR AA 377 75.81 -13.06 163.33
N GLY AA 378 75.15 -12.79 162.20
CA GLY AA 378 75.36 -11.61 161.39
C GLY AA 378 76.68 -11.53 160.66
N GLN AA 379 77.60 -12.45 160.88
CA GLN AA 379 78.92 -12.40 160.25
C GLN AA 379 78.96 -13.33 159.04
N ASN AA 380 79.78 -12.95 158.05
CA ASN AA 380 79.95 -13.76 156.85
C ASN AA 380 80.82 -14.97 157.15
N THR AA 381 80.41 -16.13 156.63
CA THR AA 381 81.06 -17.39 156.94
C THR AA 381 81.32 -18.18 155.67
N LYS AA 382 82.49 -18.80 155.60
CA LYS AA 382 82.95 -19.53 154.43
C LYS AA 382 83.31 -20.96 154.83
N PHE AA 383 82.74 -21.93 154.12
CA PHE AA 383 83.15 -23.33 154.27
C PHE AA 383 84.20 -23.67 153.22
N THR AA 384 85.41 -23.97 153.68
CA THR AA 384 86.48 -24.46 152.81
C THR AA 384 86.53 -25.98 152.92
N PRO AA 385 86.18 -26.72 151.87
CA PRO AA 385 86.21 -28.18 151.96
C PRO AA 385 87.63 -28.72 151.92
N VAL AA 386 87.78 -29.94 152.44
CA VAL AA 386 89.08 -30.59 152.50
C VAL AA 386 88.95 -32.00 151.94
N GLY AA 387 87.91 -32.72 152.36
CA GLY AA 387 87.76 -34.09 151.93
C GLY AA 387 86.43 -34.68 152.33
N VAL AA 388 86.30 -35.98 152.11
CA VAL AA 388 85.08 -36.72 152.39
C VAL AA 388 85.35 -37.70 153.53
N VAL AA 389 84.27 -38.10 154.20
CA VAL AA 389 84.34 -38.93 155.40
C VAL AA 389 83.37 -40.09 155.25
N GLN AA 390 83.62 -41.16 156.02
CA GLN AA 390 82.80 -42.37 155.96
C GLN AA 390 82.71 -42.95 157.37
N ASP AA 391 81.50 -43.36 157.76
CA ASP AA 391 81.31 -44.07 159.02
C ASP AA 391 81.75 -45.53 158.87
N GLY AA 392 82.79 -45.91 159.61
CA GLY AA 392 83.47 -47.16 159.35
C GLY AA 392 82.67 -48.41 159.67
N ASN AA 393 81.59 -48.29 160.44
CA ASN AA 393 80.79 -49.45 160.81
C ASN AA 393 79.80 -49.85 159.71
N SER AA 394 79.57 -48.97 158.73
CA SER AA 394 78.74 -49.26 157.58
C SER AA 394 79.61 -49.93 156.52
N ALA AA 395 79.03 -50.20 155.35
CA ALA AA 395 79.80 -50.87 154.30
C ALA AA 395 81.00 -50.01 153.94
N HIS AA 396 82.16 -50.64 153.83
CA HIS AA 396 83.36 -49.88 153.57
C HIS AA 396 83.27 -49.30 152.16
N GLN AA 397 83.63 -48.03 152.03
CA GLN AA 397 83.58 -47.30 150.75
C GLN AA 397 82.13 -47.10 150.29
N ASN AA 398 81.23 -46.70 151.22
CA ASN AA 398 79.82 -46.61 150.88
C ASN AA 398 79.18 -45.24 151.07
N GLU AA 399 79.81 -44.30 151.76
CA GLU AA 399 79.05 -43.08 151.98
C GLU AA 399 79.17 -42.12 150.80
N PRO AA 400 80.37 -41.79 150.28
CA PRO AA 400 80.41 -40.87 149.14
C PRO AA 400 80.11 -41.57 147.83
N GLN AA 401 78.86 -41.40 147.38
CA GLN AA 401 78.34 -41.96 146.14
C GLN AA 401 78.43 -40.89 145.04
N GLN AA 402 79.49 -40.95 144.23
CA GLN AA 402 79.81 -39.83 143.35
C GLN AA 402 78.75 -39.64 142.27
N TRP AA 403 78.10 -40.73 141.84
CA TRP AA 403 77.19 -40.70 140.71
C TRP AA 403 75.73 -40.59 141.11
N VAL AA 404 75.43 -40.51 142.41
CA VAL AA 404 74.08 -40.30 142.91
C VAL AA 404 73.92 -38.81 143.19
N LEU AA 405 72.90 -38.19 142.59
CA LEU AA 405 72.69 -36.77 142.81
C LEU AA 405 71.98 -36.54 144.14
N PRO AA 406 72.40 -35.53 144.90
CA PRO AA 406 71.58 -35.06 146.03
C PRO AA 406 70.29 -34.42 145.55
N ASN AA 407 69.36 -34.24 146.49
CA ASN AA 407 68.10 -33.55 146.23
C ASN AA 407 68.28 -32.09 146.58
N TYR AA 408 68.47 -31.26 145.55
CA TYR AA 408 68.90 -29.89 145.76
C TYR AA 408 67.84 -29.05 146.48
N SER AA 409 66.57 -29.45 146.45
CA SER AA 409 65.53 -28.74 147.20
C SER AA 409 65.03 -29.53 148.40
N GLY AA 410 65.84 -30.43 148.94
CA GLY AA 410 65.41 -31.26 150.07
C GLY AA 410 64.10 -31.96 149.84
N ARG AA 411 63.32 -32.08 150.92
CA ARG AA 411 62.03 -32.77 150.87
C ARG AA 411 60.97 -31.99 150.08
N THR AA 412 61.11 -30.68 149.96
CA THR AA 412 60.01 -29.83 149.47
C THR AA 412 59.80 -29.90 147.96
N GLY AA 413 60.52 -30.76 147.26
CA GLY AA 413 60.31 -30.92 145.84
C GLY AA 413 61.41 -31.76 145.22
N HIS AA 414 61.40 -31.81 143.89
CA HIS AA 414 62.40 -32.56 143.15
C HIS AA 414 63.28 -31.61 142.32
N ASN AA 415 64.39 -32.16 141.85
CA ASN AA 415 65.35 -31.37 141.09
C ASN AA 415 64.79 -30.93 139.75
N VAL AA 416 65.14 -29.70 139.34
CA VAL AA 416 64.64 -29.10 138.11
C VAL AA 416 65.84 -28.61 137.30
N HIS AA 417 65.61 -28.40 136.00
CA HIS AA 417 66.59 -27.80 135.08
C HIS AA 417 67.96 -28.47 135.17
N LEU AA 418 67.98 -29.80 135.22
CA LEU AA 418 69.26 -30.49 135.32
C LEU AA 418 69.95 -30.52 133.96
N ALA AA 419 71.27 -30.64 134.00
CA ALA AA 419 71.99 -31.01 132.79
C ALA AA 419 71.64 -32.44 132.43
N PRO AA 420 71.51 -32.77 131.15
CA PRO AA 420 71.02 -34.09 130.76
C PRO AA 420 71.94 -35.20 131.26
N ALA AA 421 71.37 -36.39 131.42
CA ALA AA 421 72.20 -37.53 131.78
C ALA AA 421 73.01 -37.98 130.57
N VAL AA 422 74.02 -38.81 130.83
CA VAL AA 422 75.07 -39.08 129.85
C VAL AA 422 75.30 -40.58 129.81
N ALA AA 423 75.30 -41.14 128.60
CA ALA AA 423 75.55 -42.55 128.41
C ALA AA 423 76.13 -42.77 127.02
N PRO AA 424 77.05 -43.71 126.86
CA PRO AA 424 77.50 -44.06 125.50
C PRO AA 424 76.37 -44.73 124.73
N THR AA 425 76.29 -44.41 123.44
CA THR AA 425 75.25 -44.98 122.59
C THR AA 425 75.79 -45.94 121.54
N PHE AA 426 77.08 -45.90 121.25
CA PHE AA 426 77.69 -46.60 120.13
C PHE AA 426 78.30 -47.91 120.64
N PRO AA 427 78.13 -49.04 119.95
CA PRO AA 427 78.73 -50.30 120.43
C PRO AA 427 80.25 -50.24 120.57
N GLY AA 428 80.73 -50.73 121.70
CA GLY AA 428 82.15 -50.83 121.98
C GLY AA 428 82.75 -49.65 122.70
N GLU AA 429 81.95 -48.63 123.02
CA GLU AA 429 82.43 -47.40 123.62
C GLU AA 429 82.01 -47.31 125.08
N GLN AA 430 82.88 -46.76 125.91
CA GLN AA 430 82.59 -46.45 127.29
C GLN AA 430 83.02 -45.01 127.56
N LEU AA 431 82.41 -44.42 128.59
CA LEU AA 431 82.84 -43.09 129.03
C LEU AA 431 84.32 -43.10 129.40
N LEU AA 432 84.97 -41.96 129.16
CA LEU AA 432 86.34 -41.72 129.63
C LEU AA 432 86.28 -40.63 130.69
N PHE AA 433 86.73 -40.97 131.90
CA PHE AA 433 86.59 -40.10 133.05
C PHE AA 433 87.94 -39.51 133.43
N PHE AA 434 87.91 -38.28 133.91
CA PHE AA 434 89.08 -37.63 134.47
C PHE AA 434 89.04 -37.88 135.98
N ARG AA 435 89.97 -38.69 136.46
CA ARG AA 435 89.90 -39.25 137.80
C ARG AA 435 90.87 -38.55 138.73
N SER AA 436 90.34 -38.08 139.86
CA SER AA 436 91.15 -37.57 140.95
C SER AA 436 90.70 -38.24 142.23
N THR AA 437 91.58 -38.20 143.23
CA THR AA 437 91.38 -38.93 144.48
C THR AA 437 91.04 -37.92 145.58
N MET AA 438 89.84 -38.03 146.12
CA MET AA 438 89.45 -37.13 147.19
C MET AA 438 90.21 -37.48 148.47
N PRO AA 439 90.68 -36.48 149.21
CA PRO AA 439 91.25 -36.76 150.54
C PRO AA 439 90.19 -37.27 151.50
N GLY AA 440 90.55 -38.30 152.26
CA GLY AA 440 89.71 -38.80 153.34
C GLY AA 440 90.17 -38.27 154.69
N CYS AA 441 89.22 -37.84 155.50
CA CYS AA 441 89.51 -37.24 156.80
C CYS AA 441 89.14 -38.11 157.98
N SER AA 442 88.36 -39.18 157.77
CA SER AA 442 87.97 -40.12 158.80
C SER AA 442 87.23 -41.27 158.15
N GLY AA 443 87.48 -42.49 158.63
CA GLY AA 443 86.80 -43.66 158.10
C GLY AA 443 87.53 -44.27 156.92
N TYR AA 444 86.78 -45.01 156.10
CA TYR AA 444 87.32 -45.72 154.95
C TYR AA 444 86.46 -45.40 153.73
N PRO AA 445 86.53 -44.17 153.23
CA PRO AA 445 85.55 -43.73 152.24
C PRO AA 445 85.91 -44.14 150.82
N ASN AA 446 84.92 -44.03 149.94
CA ASN AA 446 85.09 -44.22 148.50
C ASN AA 446 85.78 -42.99 147.94
N MET AA 447 87.11 -43.05 147.80
CA MET AA 447 87.91 -41.87 147.51
C MET AA 447 87.93 -41.53 146.02
N ASN AA 448 87.18 -42.27 145.20
CA ASN AA 448 87.11 -42.01 143.77
C ASN AA 448 86.29 -40.75 143.50
N LEU AA 449 86.83 -39.84 142.69
CA LEU AA 449 86.03 -38.78 142.09
C LEU AA 449 86.36 -38.68 140.60
N ASP AA 450 85.40 -39.04 139.76
CA ASP AA 450 85.50 -38.93 138.31
C ASP AA 450 84.66 -37.76 137.85
N CYS AA 451 85.24 -36.91 137.00
CA CYS AA 451 84.49 -35.81 136.41
C CYS AA 451 84.48 -35.93 134.89
N LEU AA 452 83.51 -35.26 134.27
CA LEU AA 452 83.34 -35.34 132.83
C LEU AA 452 84.30 -34.42 132.08
N LEU AA 453 84.60 -33.26 132.65
CA LEU AA 453 85.47 -32.27 132.04
C LEU AA 453 86.32 -31.63 133.14
N PRO AA 454 87.62 -31.47 132.92
CA PRO AA 454 88.43 -30.66 133.83
C PRO AA 454 87.92 -29.23 133.89
N GLN AA 455 88.13 -28.59 135.03
CA GLN AA 455 87.70 -27.20 135.17
C GLN AA 455 88.44 -26.29 134.21
N GLU AA 456 89.70 -26.59 133.91
CA GLU AA 456 90.43 -25.84 132.90
C GLU AA 456 89.81 -26.01 131.52
N TRP AA 457 89.26 -27.19 131.23
CA TRP AA 457 88.52 -27.38 129.98
C TRP AA 457 87.24 -26.56 129.94
N VAL AA 458 86.52 -26.48 131.07
CA VAL AA 458 85.33 -25.64 131.14
C VAL AA 458 85.70 -24.18 130.88
N LEU AA 459 86.75 -23.70 131.54
CA LEU AA 459 87.23 -22.34 131.33
C LEU AA 459 87.58 -22.11 129.87
N HIS AA 460 88.31 -23.05 129.26
CA HIS AA 460 88.75 -22.88 127.88
C HIS AA 460 87.58 -22.80 126.91
N PHE AA 461 86.63 -23.74 127.01
CA PHE AA 461 85.48 -23.72 126.12
C PHE AA 461 84.67 -22.43 126.31
N TYR AA 462 84.57 -21.94 127.55
CA TYR AA 462 83.79 -20.74 127.81
C TYR AA 462 84.39 -19.53 127.13
N GLN AA 463 85.71 -19.34 127.23
CA GLN AA 463 86.33 -18.13 126.68
C GLN AA 463 86.40 -18.19 125.16
N GLU AA 464 86.91 -19.29 124.62
CA GLU AA 464 87.03 -19.47 123.18
C GLU AA 464 85.77 -20.20 122.71
N ALA AA 465 84.77 -19.42 122.28
CA ALA AA 465 83.44 -19.96 122.01
C ALA AA 465 83.36 -20.55 120.61
N ALA AA 466 84.22 -21.53 120.36
CA ALA AA 466 84.39 -22.06 119.02
C ALA AA 466 83.17 -22.88 118.61
N PRO AA 467 82.55 -22.58 117.47
CA PRO AA 467 81.38 -23.35 117.03
C PRO AA 467 81.75 -24.79 116.73
N ALA AA 468 80.84 -25.70 117.09
CA ALA AA 468 81.01 -27.11 116.77
C ALA AA 468 80.57 -27.38 115.34
N GLN AA 469 81.47 -27.97 114.55
CA GLN AA 469 81.16 -28.30 113.16
C GLN AA 469 80.40 -29.61 113.02
N SER AA 470 80.30 -30.41 114.08
CA SER AA 470 79.50 -31.63 114.08
C SER AA 470 79.24 -32.00 115.54
N ASP AA 471 78.66 -33.17 115.76
CA ASP AA 471 78.29 -33.59 117.11
C ASP AA 471 79.46 -34.19 117.91
N VAL AA 472 80.60 -34.47 117.27
CA VAL AA 472 81.69 -35.19 117.92
C VAL AA 472 83.02 -34.59 117.48
N ALA AA 473 83.87 -34.28 118.45
CA ALA AA 473 85.23 -33.82 118.19
C ALA AA 473 86.21 -34.96 118.43
N LEU AA 474 86.96 -35.33 117.39
CA LEU AA 474 87.97 -36.36 117.53
C LEU AA 474 89.21 -35.79 118.21
N LEU AA 475 89.61 -36.43 119.30
CA LEU AA 475 90.84 -36.09 120.02
C LEU AA 475 91.86 -37.23 119.91
N ARG AA 476 93.13 -36.86 119.78
CA ARG AA 476 94.23 -37.81 119.82
C ARG AA 476 95.08 -37.48 121.04
N PHE AA 477 95.38 -38.50 121.85
CA PHE AA 477 96.17 -38.32 123.05
C PHE AA 477 97.60 -38.77 122.73
N VAL AA 478 98.57 -37.88 122.92
CA VAL AA 478 99.91 -38.06 122.35
C VAL AA 478 100.93 -38.13 123.48
N ASN AA 479 101.90 -39.04 123.32
CA ASN AA 479 103.07 -39.08 124.18
C ASN AA 479 104.19 -38.24 123.59
N PRO AA 480 104.50 -37.07 124.16
CA PRO AA 480 105.48 -36.19 123.51
C PRO AA 480 106.90 -36.74 123.53
N ASP AA 481 107.18 -37.69 124.42
CA ASP AA 481 108.51 -38.28 124.48
C ASP AA 481 108.82 -39.06 123.22
N THR AA 482 107.93 -39.98 122.85
CA THR AA 482 108.14 -40.84 121.68
C THR AA 482 107.46 -40.33 120.43
N GLY AA 483 106.50 -39.41 120.56
CA GLY AA 483 105.72 -38.94 119.44
C GLY AA 483 104.60 -39.84 118.99
N ARG AA 484 104.41 -40.99 119.63
CA ARG AA 484 103.42 -41.96 119.19
C ARG AA 484 102.06 -41.65 119.84
N VAL AA 485 101.00 -41.92 119.09
CA VAL AA 485 99.64 -41.75 119.61
C VAL AA 485 99.24 -43.00 120.37
N LEU AA 486 98.73 -42.82 121.59
CA LEU AA 486 98.38 -43.96 122.42
C LEU AA 486 96.96 -44.43 122.14
N PHE AA 487 96.01 -43.50 122.08
CA PHE AA 487 94.64 -43.82 121.71
C PHE AA 487 93.98 -42.54 121.19
N GLU AA 488 92.78 -42.70 120.65
CA GLU AA 488 91.92 -41.57 120.30
C GLU AA 488 90.61 -41.69 121.05
N CYS AA 489 89.91 -40.56 121.17
CA CYS AA 489 88.66 -40.51 121.90
C CYS AA 489 87.73 -39.50 121.24
N LYS AA 490 86.46 -39.58 121.60
CA LYS AA 490 85.42 -38.71 121.05
C LYS AA 490 84.96 -37.75 122.14
N LEU AA 491 85.17 -36.46 121.90
CA LEU AA 491 84.65 -35.41 122.76
C LEU AA 491 83.33 -34.94 122.18
N HIS AA 492 82.22 -35.25 122.85
CA HIS AA 492 80.91 -34.93 122.33
C HIS AA 492 80.62 -33.45 122.53
N LYS AA 493 79.82 -32.89 121.62
CA LYS AA 493 79.44 -31.48 121.70
C LYS AA 493 78.79 -31.16 123.04
N SER AA 494 77.99 -32.09 123.58
CA SER AA 494 77.33 -31.88 124.85
C SER AA 494 78.29 -31.77 126.02
N GLY AA 495 79.59 -31.98 125.80
CA GLY AA 495 80.58 -31.93 126.86
C GLY AA 495 80.79 -33.20 127.66
N TYR AA 496 81.16 -34.29 126.98
CA TYR AA 496 81.61 -35.50 127.65
C TYR AA 496 82.45 -36.31 126.67
N VAL AA 497 83.24 -37.25 127.21
CA VAL AA 497 84.20 -38.00 126.41
C VAL AA 497 83.86 -39.48 126.46
N THR AA 498 84.22 -40.20 125.38
CA THR AA 498 84.06 -41.63 125.26
C THR AA 498 85.31 -42.23 124.63
N VAL AA 499 85.58 -43.51 124.93
CA VAL AA 499 86.72 -44.23 124.37
C VAL AA 499 86.30 -45.66 124.01
N ALA AA 500 87.16 -46.31 123.22
CA ALA AA 500 86.95 -47.68 122.76
C ALA AA 500 87.71 -48.63 123.68
N HIS AA 501 87.01 -49.12 124.70
CA HIS AA 501 87.56 -50.06 125.66
C HIS AA 501 86.39 -50.69 126.40
N THR AA 502 86.59 -51.90 126.92
CA THR AA 502 85.54 -52.61 127.62
C THR AA 502 86.08 -53.14 128.95
N GLY AA 503 85.36 -52.85 130.03
CA GLY AA 503 85.79 -53.20 131.35
C GLY AA 503 86.41 -52.01 132.04
N PRO AA 504 86.46 -52.01 133.38
CA PRO AA 504 87.14 -50.93 134.08
C PRO AA 504 88.64 -51.03 133.87
N HIS AA 505 89.28 -49.87 133.78
CA HIS AA 505 90.71 -49.81 133.48
C HIS AA 505 91.25 -48.43 133.77
N ASP AA 506 92.27 -48.34 134.62
CA ASP AA 506 93.03 -47.11 134.76
C ASP AA 506 94.07 -47.03 133.65
N LEU AA 507 94.06 -45.91 132.93
CA LEU AA 507 94.87 -45.80 131.72
C LEU AA 507 96.34 -45.65 132.06
N VAL AA 508 97.20 -46.26 131.25
CA VAL AA 508 98.64 -46.18 131.43
C VAL AA 508 99.13 -44.97 130.65
N ILE AA 509 99.36 -43.86 131.35
CA ILE AA 509 99.58 -42.57 130.73
C ILE AA 509 100.96 -42.08 131.13
N PRO AA 510 101.78 -41.63 130.18
CA PRO AA 510 102.99 -40.88 130.53
C PRO AA 510 102.64 -39.61 131.26
N PRO AA 511 103.42 -39.25 132.28
CA PRO AA 511 103.07 -38.06 133.09
C PRO AA 511 103.04 -36.77 132.30
N ASN AA 512 103.71 -36.69 131.14
CA ASN AA 512 103.75 -35.47 130.34
C ASN AA 512 102.87 -35.54 129.09
N GLY AA 513 102.03 -36.56 128.94
CA GLY AA 513 101.18 -36.65 127.78
C GLY AA 513 100.02 -35.66 127.81
N TYR AA 514 99.61 -35.22 126.62
CA TYR AA 514 98.62 -34.17 126.46
C TYR AA 514 97.57 -34.56 125.42
N PHE AA 515 96.41 -33.91 125.50
CA PHE AA 515 95.32 -34.09 124.55
C PHE AA 515 95.44 -33.13 123.37
N ARG AA 516 95.23 -33.66 122.16
CA ARG AA 516 95.34 -32.87 120.94
C ARG AA 516 94.06 -33.05 120.12
N PHE AA 517 93.49 -31.93 119.69
CA PHE AA 517 92.30 -31.95 118.85
C PHE AA 517 92.68 -32.28 117.41
N ASP AA 518 92.01 -33.28 116.84
CA ASP AA 518 92.35 -33.76 115.50
C ASP AA 518 91.35 -33.38 114.42
N SER AA 519 90.05 -33.44 114.70
CA SER AA 519 89.05 -33.15 113.67
C SER AA 519 87.62 -33.20 114.18
N TRP AA 520 86.73 -32.44 113.54
CA TRP AA 520 85.32 -32.71 113.68
C TRP AA 520 84.95 -33.89 112.81
N VAL AA 521 84.14 -34.79 113.34
CA VAL AA 521 83.76 -36.01 112.64
C VAL AA 521 82.25 -36.20 112.75
N ASN AA 522 81.74 -37.15 111.99
CA ASN AA 522 80.32 -37.48 112.00
C ASN AA 522 80.10 -38.66 112.93
N GLN AA 523 78.90 -38.73 113.52
CA GLN AA 523 78.72 -39.65 114.64
C GLN AA 523 78.85 -41.12 114.21
N PHE AA 524 79.03 -41.39 112.92
CA PHE AA 524 79.23 -42.74 112.44
C PHE AA 524 80.70 -43.16 112.53
N TYR AA 525 81.57 -42.25 112.98
CA TYR AA 525 82.99 -42.54 113.12
C TYR AA 525 83.22 -43.60 114.20
N THR AA 526 83.88 -44.67 113.83
CA THR AA 526 84.21 -45.76 114.75
C THR AA 526 85.70 -45.71 115.05
N LEU AA 527 86.04 -45.52 116.33
CA LEU AA 527 87.42 -45.30 116.73
C LEU AA 527 88.12 -46.63 116.98
N ALA AA 528 89.42 -46.66 116.68
CA ALA AA 528 90.20 -47.88 116.81
C ALA AA 528 90.36 -48.27 118.28
N PRO AA 529 90.29 -49.57 118.60
CA PRO AA 529 90.50 -50.00 119.98
C PRO AA 529 91.94 -49.80 120.43
N MET AA 530 92.11 -49.54 121.73
CA MET AA 530 93.37 -49.19 122.39
C MET AA 530 94.64 -49.30 121.56
N MET BA 27 33.08 8.48 75.15
CA MET BA 27 32.38 8.85 73.92
C MET BA 27 31.70 10.20 74.05
N ALA BA 28 31.38 10.60 75.29
CA ALA BA 28 30.78 11.90 75.54
C ALA BA 28 31.79 12.97 75.97
N LEU BA 29 33.03 12.61 76.25
CA LEU BA 29 34.07 13.57 76.56
C LEU BA 29 35.28 13.38 75.65
N GLU BA 30 35.94 14.48 75.32
CA GLU BA 30 37.24 14.47 74.66
C GLU BA 30 38.35 14.10 75.63
N PRO BA 31 39.53 13.74 75.11
CA PRO BA 31 40.70 13.63 75.98
C PRO BA 31 41.07 14.98 76.55
N VAL BA 32 41.64 14.96 77.75
CA VAL BA 32 41.98 16.17 78.47
C VAL BA 32 43.40 16.05 78.98
N VAL BA 33 44.23 17.06 78.69
CA VAL BA 33 45.64 17.00 79.02
C VAL BA 33 45.82 17.10 80.53
N GLY BA 34 46.81 16.37 81.05
CA GLY BA 34 47.15 16.44 82.45
C GLY BA 34 48.24 17.45 82.74
N ALA BA 35 49.31 17.01 83.41
CA ALA BA 35 50.32 17.94 83.88
C ALA BA 35 51.31 18.36 82.79
N ALA BA 36 51.25 17.75 81.61
CA ALA BA 36 52.19 18.13 80.54
C ALA BA 36 52.04 19.59 80.16
N ILE BA 37 50.80 20.09 80.09
CA ILE BA 37 50.57 21.48 79.71
C ILE BA 37 51.22 22.45 80.68
N ALA BA 38 51.48 22.02 81.91
CA ALA BA 38 51.97 22.92 82.95
C ALA BA 38 53.47 23.13 82.90
N ALA BA 39 54.19 22.43 82.03
CA ALA BA 39 55.64 22.44 82.06
C ALA BA 39 56.25 23.84 82.03
N PRO BA 40 55.80 24.79 81.20
CA PRO BA 40 56.42 26.14 81.22
C PRO BA 40 56.25 26.90 82.52
N VAL BA 41 55.27 26.56 83.36
CA VAL BA 41 54.99 27.32 84.57
C VAL BA 41 55.13 26.51 85.83
N ALA BA 42 55.34 25.19 85.73
CA ALA BA 42 55.67 24.40 86.91
C ALA BA 42 57.13 24.59 87.30
N GLY BA 43 57.41 24.38 88.59
CA GLY BA 43 58.79 24.42 89.04
C GLY BA 43 59.63 23.24 88.59
N GLN BA 44 58.98 22.09 88.35
CA GLN BA 44 59.70 20.83 88.15
C GLN BA 44 58.91 19.90 87.24
N GLN BA 45 59.59 18.86 86.78
CA GLN BA 45 59.00 17.80 85.97
C GLN BA 45 59.12 16.52 86.78
N ASN BA 46 57.99 15.86 87.05
CA ASN BA 46 57.99 14.68 87.89
C ASN BA 46 57.38 13.49 87.17
N VAL BA 47 57.51 12.33 87.82
CA VAL BA 47 57.04 11.05 87.30
C VAL BA 47 56.38 10.29 88.43
N ILE BA 48 55.27 9.63 88.13
CA ILE BA 48 54.55 8.76 89.06
C ILE BA 48 54.86 7.32 88.68
N ASP BA 49 54.99 6.46 89.69
CA ASP BA 49 55.21 5.05 89.44
C ASP BA 49 54.11 4.53 88.51
N PRO BA 50 54.45 4.09 87.30
CA PRO BA 50 53.41 3.67 86.35
C PRO BA 50 52.57 2.50 86.82
N TRP BA 51 53.11 1.66 87.71
CA TRP BA 51 52.31 0.54 88.22
C TRP BA 51 51.07 1.02 88.97
N ILE BA 52 51.12 2.20 89.58
CA ILE BA 52 49.95 2.71 90.30
C ILE BA 52 48.73 2.80 89.39
N ARG BA 53 48.92 3.06 88.10
CA ARG BA 53 47.78 3.16 87.20
C ARG BA 53 47.39 1.82 86.57
N ASN BA 54 47.97 0.71 87.01
CA ASN BA 54 47.69 -0.59 86.42
C ASN BA 54 46.75 -1.43 87.28
N ASN BA 55 46.17 -0.85 88.33
CA ASN BA 55 45.36 -1.61 89.28
C ASN BA 55 44.28 -0.70 89.85
N PHE BA 56 43.02 -1.08 89.68
CA PHE BA 56 41.95 -0.34 90.33
C PHE BA 56 42.02 -0.58 91.84
N VAL BA 57 41.87 0.49 92.62
CA VAL BA 57 41.99 0.40 94.06
C VAL BA 57 40.90 1.24 94.71
N GLN BA 58 40.40 0.77 95.86
CA GLN BA 58 39.22 1.38 96.45
C GLN BA 58 39.56 2.75 96.99
N ALA BA 59 38.76 3.74 96.61
CA ALA BA 59 38.98 5.11 97.04
C ALA BA 59 38.78 5.24 98.56
N PRO BA 60 39.50 6.17 99.20
CA PRO BA 60 39.24 6.46 100.61
C PRO BA 60 37.81 6.91 100.88
N GLY BA 61 37.04 7.23 99.85
CA GLY BA 61 35.65 7.54 99.99
C GLY BA 61 34.90 6.73 98.95
N GLY BA 62 35.19 5.43 98.95
CA GLY BA 62 34.66 4.54 97.93
C GLY BA 62 33.59 3.59 98.41
N GLU BA 63 32.87 3.98 99.47
CA GLU BA 63 31.72 3.21 99.94
C GLU BA 63 30.48 4.09 99.92
N PHE BA 64 29.39 3.53 99.43
CA PHE BA 64 28.07 4.15 99.51
C PHE BA 64 27.04 3.04 99.45
N THR BA 65 25.80 3.41 99.75
CA THR BA 65 24.79 2.39 99.99
C THR BA 65 23.49 2.77 99.30
N VAL BA 66 22.81 1.78 98.74
CA VAL BA 66 21.47 1.95 98.18
C VAL BA 66 20.52 1.04 98.95
N SER BA 67 19.56 1.63 99.63
CA SER BA 67 18.57 0.91 100.43
C SER BA 67 17.19 1.38 100.02
N PRO BA 68 16.13 0.65 100.41
CA PRO BA 68 14.77 1.11 100.09
C PRO BA 68 14.36 2.35 100.87
N ARG BA 69 15.12 2.75 101.89
CA ARG BA 69 14.90 4.06 102.50
C ARG BA 69 15.24 5.19 101.54
N ASN BA 70 16.10 4.94 100.56
CA ASN BA 70 16.53 5.95 99.61
C ASN BA 70 15.50 6.15 98.51
N ALA BA 71 15.48 7.34 97.94
CA ALA BA 71 14.61 7.70 96.83
C ALA BA 71 15.41 8.41 95.76
N PRO BA 72 14.92 8.42 94.53
CA PRO BA 72 15.55 9.26 93.50
C PRO BA 72 15.62 10.71 93.94
N GLY BA 73 16.68 11.38 93.52
CA GLY BA 73 16.98 12.75 93.86
C GLY BA 73 18.04 12.88 94.94
N GLU BA 74 18.14 11.89 95.83
CA GLU BA 74 19.19 11.91 96.84
C GLU BA 74 20.52 11.57 96.18
N ILE BA 75 21.53 12.41 96.41
CA ILE BA 75 22.86 12.09 95.90
C ILE BA 75 23.49 11.11 96.88
N LEU BA 76 23.49 9.83 96.50
CA LEU BA 76 23.94 8.77 97.40
C LEU BA 76 25.46 8.70 97.52
N TRP BA 77 26.18 9.27 96.56
CA TRP BA 77 27.64 9.22 96.59
C TRP BA 77 28.17 10.31 95.67
N SER BA 78 29.30 10.90 96.08
CA SER BA 78 29.94 11.91 95.25
C SER BA 78 31.40 12.03 95.68
N ALA BA 79 32.24 12.46 94.74
CA ALA BA 79 33.66 12.63 95.02
C ALA BA 79 34.23 13.64 94.05
N PRO BA 80 35.09 14.55 94.49
CA PRO BA 80 35.80 15.43 93.56
C PRO BA 80 37.08 14.81 93.05
N LEU BA 81 37.40 15.14 91.80
CA LEU BA 81 38.66 14.68 91.23
C LEU BA 81 39.83 15.23 92.03
N GLY BA 82 40.81 14.38 92.30
CA GLY BA 82 41.94 14.73 93.11
C GLY BA 82 42.68 13.51 93.62
N PRO BA 83 43.83 13.73 94.24
CA PRO BA 83 44.61 12.59 94.74
C PRO BA 83 43.87 11.79 95.81
N ASP BA 84 42.89 12.38 96.48
CA ASP BA 84 42.16 11.66 97.52
C ASP BA 84 41.27 10.56 96.95
N LEU BA 85 41.17 10.44 95.64
CA LEU BA 85 40.42 9.34 95.02
C LEU BA 85 41.16 8.02 95.07
N ASN BA 86 42.42 8.01 95.51
CA ASN BA 86 43.25 6.83 95.38
C ASN BA 86 44.21 6.76 96.56
N PRO BA 87 44.17 5.68 97.35
CA PRO BA 87 45.01 5.64 98.56
C PRO BA 87 46.50 5.70 98.27
N TYR BA 88 46.94 5.17 97.14
CA TYR BA 88 48.34 5.30 96.75
C TYR BA 88 48.69 6.76 96.48
N LEU BA 89 47.93 7.40 95.58
CA LEU BA 89 48.12 8.82 95.32
C LEU BA 89 47.91 9.66 96.57
N SER BA 90 47.05 9.20 97.49
CA SER BA 90 46.80 9.95 98.71
C SER BA 90 48.06 10.06 99.54
N HIS BA 91 48.82 8.96 99.67
CA HIS BA 91 50.07 9.03 100.40
C HIS BA 91 51.09 9.85 99.63
N LEU BA 92 51.17 9.65 98.32
CA LEU BA 92 52.09 10.40 97.48
C LEU BA 92 51.83 11.90 97.58
N ALA BA 93 50.56 12.30 97.68
CA ALA BA 93 50.24 13.72 97.69
C ALA BA 93 50.83 14.44 98.89
N ARG BA 94 51.17 13.72 99.96
CA ARG BA 94 51.83 14.34 101.09
C ARG BA 94 53.23 14.82 100.73
N MET BA 95 53.73 14.41 99.57
CA MET BA 95 55.08 14.69 99.12
C MET BA 95 55.11 15.66 97.95
N TYR BA 96 53.95 16.12 97.49
CA TYR BA 96 53.84 16.99 96.34
C TYR BA 96 52.98 18.21 96.65
N ASN BA 97 53.19 19.28 95.88
CA ASN BA 97 52.47 20.52 96.06
C ASN BA 97 51.25 20.64 95.16
N GLY BA 98 51.24 19.96 94.02
CA GLY BA 98 50.11 20.04 93.12
C GLY BA 98 50.00 18.82 92.23
N TYR BA 99 49.01 18.86 91.34
CA TYR BA 99 48.73 17.72 90.46
C TYR BA 99 47.93 18.21 89.27
N ALA BA 100 47.82 17.34 88.27
CA ALA BA 100 46.94 17.56 87.13
C ALA BA 100 46.74 16.23 86.44
N GLY BA 101 45.54 16.04 85.89
CA GLY BA 101 45.22 14.84 85.14
C GLY BA 101 44.03 14.10 85.75
N GLY BA 102 43.60 13.08 85.02
CA GLY BA 102 42.33 12.43 85.26
C GLY BA 102 42.47 11.03 85.82
N PHE BA 103 41.32 10.42 86.05
CA PHE BA 103 41.22 9.09 86.62
C PHE BA 103 40.32 8.20 85.77
N GLU BA 104 40.50 6.89 85.94
CA GLU BA 104 39.51 5.91 85.55
C GLU BA 104 38.89 5.36 86.83
N VAL BA 105 37.57 5.43 86.93
CA VAL BA 105 36.86 4.95 88.11
C VAL BA 105 36.04 3.70 87.75
N GLN BA 106 36.03 2.76 88.69
CA GLN BA 106 35.32 1.48 88.58
C GLN BA 106 34.30 1.39 89.71
N VAL BA 107 33.04 1.11 89.37
CA VAL BA 107 31.97 1.00 90.37
C VAL BA 107 31.49 -0.44 90.42
N ILE BA 108 31.32 -0.95 91.64
CA ILE BA 108 30.87 -2.31 91.91
C ILE BA 108 29.58 -2.26 92.74
N LEU BA 109 28.54 -2.97 92.29
CA LEU BA 109 27.26 -2.99 92.97
C LEU BA 109 26.94 -4.41 93.42
N ALA BA 110 26.63 -4.58 94.70
CA ALA BA 110 26.36 -5.89 95.29
C ALA BA 110 24.85 -6.11 95.43
N GLY BA 111 24.21 -6.32 94.29
CA GLY BA 111 22.79 -6.62 94.25
C GLY BA 111 22.52 -8.12 94.24
N ASN BA 112 21.25 -8.46 94.03
CA ASN BA 112 20.86 -9.83 93.73
C ASN BA 112 19.67 -9.81 92.78
N ALA BA 113 19.27 -11.00 92.33
CA ALA BA 113 18.25 -11.11 91.28
C ALA BA 113 16.89 -10.61 91.72
N PHE BA 114 16.64 -10.47 93.03
CA PHE BA 114 15.36 -10.00 93.53
C PHE BA 114 15.34 -8.48 93.65
N THR BA 115 16.44 -7.81 93.28
CA THR BA 115 16.56 -6.37 93.45
C THR BA 115 16.35 -5.70 92.09
N ALA BA 116 15.54 -4.65 92.06
CA ALA BA 116 15.31 -3.89 90.85
C ALA BA 116 15.64 -2.43 91.10
N GLY BA 117 16.07 -1.75 90.05
CA GLY BA 117 16.34 -0.33 90.12
C GLY BA 117 17.60 0.00 89.34
N LYS BA 118 17.75 1.28 89.02
CA LYS BA 118 18.89 1.76 88.25
C LYS BA 118 19.62 2.84 89.04
N ILE BA 119 20.94 2.81 88.96
CA ILE BA 119 21.79 3.85 89.52
C ILE BA 119 22.45 4.57 88.35
N ILE BA 120 22.47 5.90 88.41
CA ILE BA 120 23.19 6.69 87.42
C ILE BA 120 24.41 7.31 88.08
N PHE BA 121 25.56 7.17 87.44
CA PHE BA 121 26.78 7.87 87.78
C PHE BA 121 27.01 8.94 86.72
N ALA BA 122 27.36 10.15 87.14
CA ALA BA 122 27.58 11.22 86.18
C ALA BA 122 28.74 12.11 86.59
N ALA BA 123 29.46 12.60 85.59
CA ALA BA 123 30.53 13.58 85.78
C ALA BA 123 29.95 14.96 85.53
N VAL BA 124 29.92 15.77 86.57
CA VAL BA 124 29.36 17.13 86.54
C VAL BA 124 30.53 18.11 86.57
N PRO BA 125 30.58 19.07 85.65
CA PRO BA 125 31.81 19.84 85.44
C PRO BA 125 32.03 20.84 86.56
N PRO BA 126 33.22 21.45 86.62
CA PRO BA 126 33.69 22.06 87.89
C PRO BA 126 32.78 23.06 88.57
N ASN BA 127 32.09 23.94 87.84
CA ASN BA 127 31.31 24.98 88.48
C ASN BA 127 29.80 24.84 88.25
N PHE BA 128 29.33 23.64 88.03
CA PHE BA 128 27.89 23.49 87.90
C PHE BA 128 27.30 23.05 89.23
N PRO BA 129 26.22 23.69 89.69
CA PRO BA 129 25.65 23.37 91.01
C PRO BA 129 24.86 22.07 90.97
N THR BA 130 25.13 21.18 91.92
CA THR BA 130 24.39 19.93 92.01
C THR BA 130 23.10 20.02 92.80
N GLU BA 131 22.89 21.09 93.57
CA GLU BA 131 21.81 21.10 94.56
C GLU BA 131 20.47 21.24 93.85
N GLY BA 132 19.74 20.13 93.74
CA GLY BA 132 18.38 20.18 93.24
C GLY BA 132 18.17 19.32 92.01
N LEU BA 133 19.20 18.56 91.64
CA LEU BA 133 19.19 17.85 90.36
C LEU BA 133 18.12 16.77 90.35
N SER BA 134 17.39 16.71 89.26
CA SER BA 134 16.44 15.64 89.01
C SER BA 134 17.14 14.48 88.31
N PRO BA 135 16.58 13.27 88.38
CA PRO BA 135 17.20 12.16 87.63
C PRO BA 135 17.25 12.42 86.14
N SER BA 136 16.18 12.98 85.57
CA SER BA 136 16.18 13.40 84.17
C SER BA 136 17.39 14.27 83.84
N GLN BA 137 17.62 15.31 84.66
CA GLN BA 137 18.71 16.25 84.37
C GLN BA 137 20.08 15.59 84.47
N VAL BA 138 20.25 14.67 85.42
CA VAL BA 138 21.55 14.03 85.61
C VAL BA 138 21.98 13.27 84.35
N THR BA 139 21.02 12.73 83.59
CA THR BA 139 21.35 12.09 82.32
C THR BA 139 21.96 13.05 81.31
N MET BA 140 21.84 14.35 81.52
CA MET BA 140 22.35 15.30 80.53
C MET BA 140 23.84 15.56 80.68
N PHE BA 141 24.47 15.04 81.73
CA PHE BA 141 25.92 15.00 81.84
C PHE BA 141 26.44 13.73 81.20
N PRO BA 142 27.76 13.62 81.00
CA PRO BA 142 28.35 12.30 80.78
C PRO BA 142 27.92 11.36 81.90
N HIS BA 143 27.39 10.20 81.54
CA HIS BA 143 26.78 9.35 82.55
C HIS BA 143 26.79 7.89 82.11
N ILE BA 144 26.52 7.02 83.10
CA ILE BA 144 26.23 5.62 82.86
C ILE BA 144 25.01 5.26 83.68
N ILE BA 145 24.14 4.43 83.12
CA ILE BA 145 22.98 3.95 83.85
C ILE BA 145 23.20 2.46 84.03
N VAL BA 146 23.38 2.05 85.29
CA VAL BA 146 23.75 0.67 85.62
C VAL BA 146 22.65 0.06 86.48
N ASP BA 147 22.30 -1.19 86.18
CA ASP BA 147 21.23 -1.85 86.91
C ASP BA 147 21.78 -2.42 88.22
N VAL BA 148 21.01 -2.25 89.30
CA VAL BA 148 21.49 -2.64 90.62
C VAL BA 148 21.78 -4.13 90.72
N ARG BA 149 21.25 -4.94 89.83
CA ARG BA 149 21.52 -6.37 89.89
C ARG BA 149 22.72 -6.79 89.05
N GLN BA 150 23.42 -5.83 88.44
CA GLN BA 150 24.58 -6.13 87.61
C GLN BA 150 25.70 -6.75 88.42
N LEU BA 151 26.36 -7.76 87.84
CA LEU BA 151 27.48 -8.43 88.50
C LEU BA 151 28.82 -7.80 88.14
N GLU BA 152 29.06 -7.54 86.85
CA GLU BA 152 30.34 -7.04 86.38
C GLU BA 152 30.50 -5.56 86.72
N PRO BA 153 31.70 -5.15 87.12
CA PRO BA 153 31.94 -3.73 87.41
C PRO BA 153 31.83 -2.86 86.15
N VAL BA 154 31.44 -1.61 86.36
CA VAL BA 154 31.30 -0.63 85.28
C VAL BA 154 32.45 0.37 85.35
N LEU BA 155 32.96 0.76 84.18
CA LEU BA 155 34.08 1.69 84.04
C LEU BA 155 33.61 3.07 83.57
N ILE BA 156 34.04 4.11 84.30
CA ILE BA 156 33.74 5.49 83.96
C ILE BA 156 35.06 6.24 83.77
N PRO BA 157 35.25 6.97 82.68
CA PRO BA 157 36.40 7.89 82.62
C PRO BA 157 36.06 9.22 83.29
N LEU BA 158 37.02 9.74 84.06
CA LEU BA 158 36.88 11.03 84.76
C LEU BA 158 38.03 11.96 84.39
N PRO BA 159 37.87 12.79 83.36
CA PRO BA 159 38.97 13.68 82.96
C PRO BA 159 39.00 14.96 83.77
N ASP BA 160 40.20 15.55 83.83
CA ASP BA 160 40.46 16.72 84.67
C ASP BA 160 40.14 18.01 83.91
N VAL BA 161 38.86 18.17 83.60
CA VAL BA 161 38.38 19.42 83.02
C VAL BA 161 38.67 20.59 83.96
N ARG BA 162 39.23 21.66 83.42
CA ARG BA 162 39.70 22.79 84.20
C ARG BA 162 40.03 23.94 83.25
N ASN BA 163 40.22 25.13 83.84
CA ASN BA 163 40.55 26.33 83.07
C ASN BA 163 41.87 26.95 83.52
N ASN BA 164 42.70 26.19 84.23
CA ASN BA 164 44.02 26.63 84.62
C ASN BA 164 45.02 25.52 84.31
N PHE BA 165 46.30 25.81 84.52
CA PHE BA 165 47.34 24.86 84.16
C PHE BA 165 47.31 23.62 85.05
N TYR BA 166 47.03 23.79 86.34
CA TYR BA 166 47.03 22.66 87.27
C TYR BA 166 46.41 23.10 88.59
N HIS BA 167 46.31 22.14 89.51
CA HIS BA 167 45.66 22.32 90.80
C HIS BA 167 46.69 22.30 91.92
N TYR BA 168 46.47 23.11 92.96
CA TYR BA 168 47.28 23.03 94.17
C TYR BA 168 46.59 22.14 95.20
N ASN BA 169 47.40 21.33 95.90
CA ASN BA 169 46.87 20.47 96.95
C ASN BA 169 46.29 21.27 98.10
N GLN BA 170 46.88 22.42 98.41
CA GLN BA 170 46.48 23.21 99.58
C GLN BA 170 45.27 24.11 99.32
N SER BA 171 44.75 24.15 98.10
CA SER BA 171 43.60 24.99 97.79
C SER BA 171 42.40 24.11 97.46
N ASN BA 172 41.21 24.70 97.58
CA ASN BA 172 39.96 24.03 97.27
C ASN BA 172 39.36 24.51 95.96
N ASP BA 173 40.22 24.89 95.01
CA ASP BA 173 39.77 25.14 93.65
C ASP BA 173 38.93 23.96 93.17
N PRO BA 174 37.77 24.20 92.56
CA PRO BA 174 36.87 23.09 92.25
C PRO BA 174 37.29 22.29 91.04
N THR BA 175 36.99 21.00 91.08
CA THR BA 175 37.34 20.04 90.06
C THR BA 175 36.09 19.34 89.56
N ILE BA 176 36.24 18.57 88.49
CA ILE BA 176 35.13 17.74 88.03
C ILE BA 176 34.69 16.83 89.18
N LYS BA 177 33.38 16.62 89.28
CA LYS BA 177 32.77 15.83 90.33
C LYS BA 177 32.08 14.62 89.72
N LEU BA 178 32.23 13.46 90.36
CA LEU BA 178 31.44 12.27 90.02
C LEU BA 178 30.34 12.07 91.07
N ILE BA 179 29.10 11.92 90.61
CA ILE BA 179 27.94 11.84 91.50
C ILE BA 179 27.11 10.61 91.14
N ALA BA 180 26.58 9.94 92.15
CA ALA BA 180 25.72 8.77 91.98
C ALA BA 180 24.38 8.97 92.68
N MET BA 181 23.29 8.78 91.93
CA MET BA 181 21.95 8.80 92.50
C MET BA 181 21.08 7.70 91.87
N LEU BA 182 20.03 7.35 92.59
CA LEU BA 182 19.04 6.40 92.08
C LEU BA 182 18.30 6.99 90.89
N TYR BA 183 18.36 6.31 89.75
CA TYR BA 183 17.77 6.80 88.52
C TYR BA 183 16.30 6.41 88.41
N THR BA 184 15.96 5.21 88.87
CA THR BA 184 14.61 4.69 89.02
C THR BA 184 14.49 4.16 90.44
N PRO BA 185 13.30 4.17 91.02
CA PRO BA 185 13.16 3.72 92.41
C PRO BA 185 13.66 2.29 92.61
N LEU BA 186 14.20 2.07 93.81
CA LEU BA 186 14.71 0.77 94.21
C LEU BA 186 13.59 -0.07 94.81
N ARG BA 187 13.40 -1.27 94.29
CA ARG BA 187 12.38 -2.18 94.80
C ARG BA 187 13.06 -3.42 95.37
N ALA BA 188 12.62 -3.83 96.56
CA ALA BA 188 13.22 -4.97 97.25
C ALA BA 188 12.23 -5.60 98.23
N VAL BA 195 14.39 -4.60 103.63
CA VAL BA 195 15.49 -4.48 104.58
C VAL BA 195 16.82 -4.65 103.84
N PHE BA 196 16.73 -5.15 102.61
CA PHE BA 196 17.92 -5.46 101.81
C PHE BA 196 18.68 -4.18 101.46
N THR BA 197 19.84 -4.01 102.06
CA THR BA 197 20.73 -2.90 101.73
C THR BA 197 21.78 -3.37 100.72
N VAL BA 198 21.98 -2.58 99.67
CA VAL BA 198 22.93 -2.90 98.61
C VAL BA 198 24.26 -2.19 98.91
N SER BA 199 25.30 -2.97 99.19
CA SER BA 199 26.62 -2.41 99.40
C SER BA 199 27.26 -2.08 98.05
N CYS BA 200 27.83 -0.88 97.94
CA CYS BA 200 28.45 -0.42 96.72
C CYS BA 200 29.89 0.02 96.98
N ARG BA 201 30.76 -0.19 96.00
CA ARG BA 201 32.16 0.16 96.13
C ARG BA 201 32.64 0.92 94.89
N VAL BA 202 33.43 1.96 95.14
CA VAL BA 202 34.03 2.76 94.08
C VAL BA 202 35.54 2.58 94.14
N LEU BA 203 36.13 2.15 93.04
CA LEU BA 203 37.57 2.04 92.91
C LEU BA 203 38.06 2.95 91.80
N THR BA 204 39.33 3.34 91.87
CA THR BA 204 39.90 4.29 90.93
C THR BA 204 41.33 3.89 90.59
N ARG BA 205 41.85 4.52 89.55
CA ARG BA 205 43.27 4.47 89.23
C ARG BA 205 43.59 5.66 88.34
N PRO BA 206 44.78 6.22 88.43
CA PRO BA 206 45.08 7.43 87.66
C PRO BA 206 45.16 7.14 86.17
N SER BA 207 44.64 8.07 85.37
CA SER BA 207 44.84 8.01 83.94
C SER BA 207 46.33 8.13 83.61
N PRO BA 208 46.73 7.79 82.38
CA PRO BA 208 48.13 7.99 82.01
C PRO BA 208 48.58 9.44 82.05
N ASP BA 209 47.68 10.40 81.85
CA ASP BA 209 48.04 11.82 81.86
C ASP BA 209 48.06 12.43 83.26
N PHE BA 210 47.76 11.67 84.31
CA PHE BA 210 47.88 12.20 85.66
C PHE BA 210 49.35 12.29 86.06
N ASP BA 211 49.68 13.35 86.80
CA ASP BA 211 51.01 13.52 87.34
C ASP BA 211 50.97 14.53 88.47
N PHE BA 212 51.90 14.36 89.40
CA PHE BA 212 52.12 15.35 90.45
C PHE BA 212 53.10 16.41 89.95
N ILE BA 213 53.17 17.51 90.68
CA ILE BA 213 53.96 18.60 90.11
C ILE BA 213 55.17 19.07 90.92
N PHE BA 214 55.02 19.44 92.18
CA PHE BA 214 56.17 20.01 92.88
C PHE BA 214 56.50 19.18 94.12
N LEU BA 215 57.70 18.62 94.15
CA LEU BA 215 58.16 17.83 95.28
C LEU BA 215 58.36 18.70 96.51
N VAL BA 216 57.79 18.30 97.65
CA VAL BA 216 57.81 19.18 98.80
C VAL BA 216 57.89 18.30 100.06
N PRO BA 217 58.45 18.78 101.16
CA PRO BA 217 58.56 17.93 102.36
C PRO BA 217 57.19 17.62 102.96
N PRO BA 218 56.94 16.37 103.32
CA PRO BA 218 55.74 16.08 104.12
C PRO BA 218 55.89 16.65 105.53
N THR BA 219 55.35 17.83 105.76
CA THR BA 219 55.40 18.46 107.07
C THR BA 219 54.06 18.31 107.79
N VAL BA 220 54.05 18.70 109.07
CA VAL BA 220 52.84 18.62 109.88
C VAL BA 220 51.85 19.70 109.48
N GLU BA 221 52.34 20.93 109.27
CA GLU BA 221 51.45 22.03 108.89
C GLU BA 221 50.78 21.81 107.54
N SER BA 222 51.26 20.87 106.72
CA SER BA 222 50.68 20.69 105.38
C SER BA 222 49.21 20.29 105.46
N ARG BA 223 48.79 19.70 106.59
CA ARG BA 223 47.43 19.17 106.74
C ARG BA 223 47.09 18.18 105.64
N THR BA 224 48.09 17.42 105.19
CA THR BA 224 47.91 16.39 104.19
C THR BA 224 47.95 14.99 104.78
N LYS BA 225 48.15 14.88 106.09
CA LYS BA 225 48.14 13.57 106.73
C LYS BA 225 46.72 13.02 106.68
N PRO BA 226 46.55 11.75 106.34
CA PRO BA 226 45.20 11.20 106.22
C PRO BA 226 44.58 10.91 107.58
N PHE BA 227 43.25 10.97 107.61
CA PHE BA 227 42.52 10.89 108.87
C PHE BA 227 42.51 9.47 109.40
N THR BA 228 42.75 9.34 110.71
CA THR BA 228 42.77 8.04 111.37
C THR BA 228 42.11 8.16 112.74
N VAL BA 229 41.88 7.00 113.35
CA VAL BA 229 41.25 6.87 114.66
C VAL BA 229 42.18 5.99 115.49
N PRO BA 230 42.49 6.36 116.74
CA PRO BA 230 43.54 5.66 117.48
C PRO BA 230 43.23 4.18 117.66
N ILE BA 231 44.31 3.38 117.67
CA ILE BA 231 44.18 1.94 117.84
C ILE BA 231 43.94 1.53 119.28
N LEU BA 232 43.90 2.49 120.21
CA LEU BA 232 43.69 2.17 121.61
C LEU BA 232 42.35 1.47 121.81
N THR BA 233 42.32 0.60 122.81
CA THR BA 233 41.12 -0.13 123.18
C THR BA 233 40.24 0.71 124.10
N VAL BA 234 38.92 0.44 124.06
CA VAL BA 234 37.97 1.11 124.95
C VAL BA 234 38.44 1.00 126.40
N GLU BA 235 38.84 -0.22 126.79
CA GLU BA 235 39.25 -0.47 128.17
C GLU BA 235 40.41 0.43 128.59
N GLU BA 236 41.35 0.68 127.69
CA GLU BA 236 42.56 1.43 128.00
C GLU BA 236 42.42 2.94 127.80
N MET BA 237 41.25 3.44 127.42
CA MET BA 237 41.09 4.88 127.21
C MET BA 237 40.41 5.53 128.41
N THR BA 238 40.20 6.84 128.32
CA THR BA 238 39.80 7.67 129.44
C THR BA 238 38.62 8.54 129.05
N ASN BA 239 37.67 8.69 129.99
CA ASN BA 239 36.50 9.52 129.75
C ASN BA 239 36.88 10.99 129.69
N SER BA 240 36.17 11.73 128.84
CA SER BA 240 36.48 13.13 128.57
C SER BA 240 35.67 14.11 129.41
N ARG BA 241 34.77 13.61 130.26
CA ARG BA 241 33.94 14.45 131.09
C ARG BA 241 34.24 14.30 132.58
N PHE BA 242 35.11 13.37 132.97
CA PHE BA 242 35.50 13.18 134.35
C PHE BA 242 36.75 12.34 134.37
N PRO BA 243 37.73 12.66 135.21
CA PRO BA 243 39.01 11.94 135.16
C PRO BA 243 38.92 10.49 135.63
N ILE BA 244 38.23 9.66 134.85
CA ILE BA 244 38.09 8.23 135.16
C ILE BA 244 38.19 7.43 133.87
N PRO BA 245 38.65 6.18 133.97
CA PRO BA 245 38.78 5.36 132.77
C PRO BA 245 37.42 4.97 132.21
N LEU BA 246 37.42 4.64 130.92
CA LEU BA 246 36.25 4.10 130.24
C LEU BA 246 36.04 2.63 130.59
N GLU BA 247 34.81 2.16 130.38
CA GLU BA 247 34.46 0.80 130.78
C GLU BA 247 33.70 0.03 129.71
N LYS BA 248 32.69 0.65 129.11
CA LYS BA 248 31.90 -0.05 128.10
C LYS BA 248 31.34 0.95 127.09
N LEU BA 249 30.81 0.41 126.00
CA LEU BA 249 30.08 1.17 124.99
C LEU BA 249 28.58 1.00 125.18
N PHE BA 250 27.84 2.09 125.03
CA PHE BA 250 26.40 2.10 125.29
C PHE BA 250 25.65 2.80 124.16
N THR BA 251 24.55 2.20 123.73
CA THR BA 251 23.61 2.83 122.80
C THR BA 251 22.26 2.94 123.49
N GLY BA 252 21.57 4.06 123.26
CA GLY BA 252 20.22 4.21 123.76
C GLY BA 252 19.46 5.33 123.06
N PRO BA 253 18.14 5.31 123.21
CA PRO BA 253 17.32 6.42 122.69
C PRO BA 253 17.50 7.67 123.54
N SER BA 254 17.45 8.82 122.88
CA SER BA 254 17.75 10.09 123.54
C SER BA 254 16.62 11.10 123.39
N GLY BA 255 15.39 10.63 123.13
CA GLY BA 255 14.29 11.56 122.95
C GLY BA 255 13.95 12.33 124.21
N ALA BA 256 14.14 11.70 125.37
CA ALA BA 256 13.81 12.35 126.65
C ALA BA 256 14.75 13.51 126.93
N PHE BA 257 16.05 13.29 126.78
CA PHE BA 257 17.05 14.25 127.24
C PHE BA 257 17.46 15.19 126.11
N VAL BA 258 18.34 16.12 126.45
CA VAL BA 258 19.02 16.98 125.48
C VAL BA 258 20.51 16.68 125.62
N VAL BA 259 21.10 16.09 124.57
CA VAL BA 259 22.50 15.69 124.60
C VAL BA 259 23.33 16.89 124.19
N GLN BA 260 23.89 17.58 125.17
CA GLN BA 260 24.67 18.78 124.88
C GLN BA 260 25.85 18.94 125.84
N PRO BA 261 26.69 17.92 126.04
CA PRO BA 261 27.85 18.10 126.92
C PRO BA 261 28.81 19.15 126.38
N GLN BA 262 29.62 19.70 127.27
CA GLN BA 262 30.62 20.68 126.88
C GLN BA 262 32.04 20.19 127.05
N ASN BA 263 32.24 19.01 127.63
CA ASN BA 263 33.54 18.36 127.69
C ASN BA 263 33.57 17.22 126.68
N GLY BA 264 34.77 16.91 126.19
CA GLY BA 264 34.88 15.93 125.13
C GLY BA 264 34.14 16.34 123.86
N ARG BA 265 34.30 17.59 123.47
CA ARG BA 265 33.70 18.13 122.24
C ARG BA 265 34.84 18.59 121.33
N CYS BA 266 35.01 17.90 120.22
CA CYS BA 266 36.08 18.20 119.29
C CYS BA 266 35.67 17.79 117.88
N THR BA 267 36.14 18.55 116.90
CA THR BA 267 35.85 18.27 115.50
C THR BA 267 36.89 17.27 114.97
N THR BA 268 36.49 16.48 113.97
CA THR BA 268 37.39 15.51 113.38
C THR BA 268 38.68 16.14 112.84
N ASP BA 269 38.64 17.40 112.41
CA ASP BA 269 39.88 18.08 112.00
C ASP BA 269 40.53 18.83 113.15
N GLY BA 270 40.12 18.58 114.38
CA GLY BA 270 40.88 19.00 115.55
C GLY BA 270 40.51 20.34 116.13
N VAL BA 271 39.29 20.83 115.88
CA VAL BA 271 38.82 22.07 116.48
C VAL BA 271 38.09 21.71 117.77
N LEU BA 272 38.56 22.26 118.88
CA LEU BA 272 37.88 22.04 120.16
C LEU BA 272 36.62 22.88 120.24
N LEU BA 273 35.63 22.37 120.97
CA LEU BA 273 34.34 23.02 121.11
C LEU BA 273 33.96 23.11 122.58
N GLY BA 274 33.05 24.04 122.87
CA GLY BA 274 32.54 24.16 124.23
C GLY BA 274 33.64 24.51 125.22
N THR BA 275 33.65 23.80 126.34
CA THR BA 275 34.64 24.00 127.40
C THR BA 275 35.77 22.97 127.34
N THR BA 276 35.99 22.35 126.18
CA THR BA 276 36.88 21.22 126.07
C THR BA 276 38.34 21.67 126.02
N GLN BA 277 39.19 20.97 126.76
CA GLN BA 277 40.63 21.19 126.73
C GLN BA 277 41.33 19.84 126.63
N LEU BA 278 42.67 19.88 126.60
CA LEU BA 278 43.43 18.70 126.21
C LEU BA 278 43.88 17.83 127.37
N SER BA 279 44.08 18.41 128.55
CA SER BA 279 44.64 17.63 129.66
C SER BA 279 43.56 16.76 130.30
N PRO BA 280 43.75 15.45 130.39
CA PRO BA 280 42.73 14.58 130.99
C PRO BA 280 42.69 14.65 132.51
N VAL BA 281 43.62 15.35 133.13
CA VAL BA 281 43.69 15.46 134.59
C VAL BA 281 43.01 16.75 135.05
N ASN BA 282 42.95 17.75 134.18
CA ASN BA 282 42.33 19.01 134.55
C ASN BA 282 40.83 19.03 134.30
N ILE BA 283 40.21 17.85 134.20
CA ILE BA 283 38.77 17.76 133.96
C ILE BA 283 38.07 17.81 135.31
N CYS BA 284 37.17 18.78 135.47
CA CYS BA 284 36.34 18.92 136.67
C CYS BA 284 37.17 19.31 137.89
N THR BA 285 38.18 20.15 137.66
CA THR BA 285 39.03 20.68 138.72
C THR BA 285 38.83 22.19 138.83
N PHE BA 286 39.24 22.73 139.97
CA PHE BA 286 39.24 24.18 140.14
C PHE BA 286 40.53 24.61 140.82
N ARG BA 287 41.05 25.77 140.40
CA ARG BA 287 42.25 26.35 140.99
C ARG BA 287 42.00 27.83 141.21
N GLY BA 288 42.41 28.34 142.37
CA GLY BA 288 42.27 29.76 142.65
C GLY BA 288 42.50 30.07 144.11
N ASP BA 289 42.07 31.27 144.50
CA ASP BA 289 42.18 31.74 145.88
C ASP BA 289 40.84 31.53 146.58
N VAL BA 290 40.91 31.21 147.87
CA VAL BA 290 39.72 30.78 148.60
C VAL BA 290 39.48 31.73 149.77
N THR BA 291 38.20 31.92 150.09
CA THR BA 291 37.75 32.87 151.10
C THR BA 291 36.63 32.25 151.92
N HIS BA 292 36.72 32.38 153.24
CA HIS BA 292 35.65 31.89 154.11
C HIS BA 292 34.51 32.90 154.14
N ILE BA 293 33.28 32.39 154.13
CA ILE BA 293 32.08 33.20 154.34
C ILE BA 293 31.56 32.92 155.74
N ALA BA 294 31.48 33.98 156.54
CA ALA BA 294 31.36 33.87 158.00
C ALA BA 294 30.12 33.10 158.41
N GLY BA 295 30.30 32.18 159.37
CA GLY BA 295 29.21 31.46 160.00
C GLY BA 295 28.86 30.11 159.40
N THR BA 296 29.54 29.67 158.35
CA THR BA 296 29.25 28.39 157.73
C THR BA 296 30.55 27.59 157.59
N HIS BA 297 30.43 26.39 157.04
CA HIS BA 297 31.57 25.61 156.60
C HIS BA 297 31.84 25.79 155.10
N ASP BA 298 31.31 26.87 154.52
CA ASP BA 298 31.42 27.13 153.09
C ASP BA 298 32.59 28.06 152.81
N TYR BA 299 33.18 27.91 151.62
CA TYR BA 299 34.21 28.81 151.14
C TYR BA 299 33.88 29.25 149.72
N THR BA 300 34.29 30.47 149.40
CA THR BA 300 34.13 31.03 148.06
C THR BA 300 35.49 31.11 147.37
N MET BA 301 35.59 30.52 146.18
CA MET BA 301 36.85 30.46 145.43
C MET BA 301 36.74 31.38 144.22
N ASN BA 302 37.66 32.34 144.13
CA ASN BA 302 37.80 33.15 142.93
C ASN BA 302 38.81 32.48 142.00
N LEU BA 303 38.37 32.15 140.80
CA LEU BA 303 39.09 31.23 139.92
C LEU BA 303 40.13 31.96 139.09
N ALA BA 304 41.11 31.19 138.63
CA ALA BA 304 42.11 31.70 137.68
C ALA BA 304 42.16 30.78 136.46
N SER BA 305 43.18 30.94 135.63
CA SER BA 305 43.39 30.02 134.52
C SER BA 305 43.90 28.68 135.05
N GLN BA 306 43.72 27.63 134.22
CA GLN BA 306 44.28 26.33 134.55
C GLN BA 306 45.80 26.35 134.64
N ASN BA 307 46.44 27.41 134.15
CA ASN BA 307 47.87 27.64 134.26
C ASN BA 307 48.24 28.61 135.37
N TRP BA 308 47.24 29.13 136.09
CA TRP BA 308 47.34 30.13 137.16
C TRP BA 308 47.56 31.53 136.62
N ASN BA 309 47.19 31.80 135.38
CA ASN BA 309 47.11 33.16 134.87
C ASN BA 309 45.76 33.74 135.22
N ASN BA 310 45.65 35.08 135.15
CA ASN BA 310 44.40 35.73 135.50
C ASN BA 310 43.28 35.19 134.61
N TYR BA 311 42.06 35.18 135.15
CA TYR BA 311 40.92 34.62 134.43
C TYR BA 311 40.25 35.69 133.58
N ASP BA 312 39.94 35.33 132.33
CA ASP BA 312 39.30 36.23 131.38
C ASP BA 312 37.88 35.76 131.12
N PRO BA 313 36.85 36.50 131.56
CA PRO BA 313 35.48 36.07 131.28
C PRO BA 313 34.99 36.39 129.88
N THR BA 314 35.77 37.15 129.10
CA THR BA 314 35.38 37.50 127.74
C THR BA 314 35.72 36.43 126.71
N GLU BA 315 36.43 35.38 127.12
CA GLU BA 315 36.77 34.29 126.20
C GLU BA 315 35.51 33.65 125.66
N GLU BA 316 35.55 33.28 124.37
CA GLU BA 316 34.39 32.71 123.70
C GLU BA 316 33.89 31.42 124.38
N ILE BA 317 34.69 30.82 125.24
CA ILE BA 317 34.29 29.58 125.93
C ILE BA 317 33.05 29.83 126.78
N PRO BA 318 32.20 28.84 126.97
CA PRO BA 318 31.04 29.02 127.88
C PRO BA 318 31.44 29.22 129.33
N ALA BA 319 32.61 28.73 129.74
CA ALA BA 319 33.11 28.75 131.10
C ALA BA 319 34.60 28.41 131.02
N PRO BA 320 35.36 28.46 132.11
CA PRO BA 320 36.76 28.00 132.03
C PRO BA 320 36.84 26.55 131.59
N LEU BA 321 37.91 26.24 130.85
CA LEU BA 321 38.05 24.92 130.26
C LEU BA 321 38.14 23.87 131.36
N GLY BA 322 37.38 22.80 131.20
CA GLY BA 322 37.33 21.72 132.18
C GLY BA 322 36.27 21.90 133.24
N THR BA 323 35.49 22.96 133.18
CA THR BA 323 34.41 23.16 134.14
C THR BA 323 33.36 22.09 133.94
N PRO BA 324 32.86 21.47 135.01
CA PRO BA 324 31.88 20.38 134.86
C PRO BA 324 30.71 20.79 133.98
N ASP BA 325 30.22 19.83 133.19
CA ASP BA 325 29.17 20.08 132.21
C ASP BA 325 27.90 19.29 132.55
N PHE BA 326 27.67 19.05 133.84
CA PHE BA 326 26.45 18.41 134.31
C PHE BA 326 26.07 19.02 135.64
N VAL BA 327 24.80 18.86 136.00
CA VAL BA 327 24.29 19.37 137.28
C VAL BA 327 24.35 18.26 138.31
N GLY BA 328 24.98 18.54 139.45
CA GLY BA 328 25.13 17.55 140.49
C GLY BA 328 26.04 18.07 141.58
N LYS BA 329 26.21 17.23 142.59
CA LYS BA 329 27.11 17.52 143.72
C LYS BA 329 28.35 16.65 143.57
N ILE BA 330 29.50 17.28 143.33
CA ILE BA 330 30.76 16.58 143.12
C ILE BA 330 31.59 16.70 144.39
N GLN BA 331 31.97 15.57 144.97
CA GLN BA 331 32.80 15.54 146.16
C GLN BA 331 34.25 15.33 145.78
N GLY BA 332 35.15 16.05 146.46
CA GLY BA 332 36.57 15.87 146.27
C GLY BA 332 37.36 16.29 147.49
N VAL BA 333 38.48 16.97 147.26
CA VAL BA 333 39.39 17.40 148.32
C VAL BA 333 39.98 18.74 147.90
N LEU BA 334 39.92 19.72 148.80
CA LEU BA 334 40.64 20.98 148.61
C LEU BA 334 42.06 20.84 149.15
N THR BA 335 43.02 21.31 148.37
CA THR BA 335 44.42 21.27 148.74
C THR BA 335 45.02 22.66 148.65
N GLN BA 336 45.88 23.00 149.62
CA GLN BA 336 46.39 24.35 149.76
C GLN BA 336 47.83 24.30 150.25
N THR BA 337 48.64 25.26 149.79
CA THR BA 337 50.05 25.33 150.19
C THR BA 337 50.41 26.78 150.43
N THR BA 338 51.06 27.04 151.57
CA THR BA 338 51.48 28.40 151.93
C THR BA 338 52.88 28.69 151.40
N ARG BA 339 53.00 29.72 150.57
CA ARG BA 339 54.31 30.16 150.12
C ARG BA 339 55.06 30.82 151.27
N GLY BA 340 56.25 30.31 151.58
CA GLY BA 340 57.05 30.86 152.66
C GLY BA 340 57.56 29.83 153.63
N ASP BA 341 56.69 28.95 154.10
CA ASP BA 341 57.08 27.86 154.98
C ASP BA 341 56.85 26.47 154.40
N GLY BA 342 56.04 26.34 153.35
CA GLY BA 342 55.67 25.05 152.82
C GLY BA 342 54.57 24.34 153.57
N SER BA 343 53.75 25.07 154.33
CA SER BA 343 52.62 24.47 155.01
C SER BA 343 51.58 23.98 154.00
N THR BA 344 51.02 22.79 154.27
CA THR BA 344 50.02 22.18 153.40
C THR BA 344 48.83 21.72 154.21
N ARG BA 345 47.63 21.91 153.65
CA ARG BA 345 46.39 21.56 154.31
C ARG BA 345 45.46 20.85 153.33
N GLY BA 346 44.74 19.85 153.82
CA GLY BA 346 43.81 19.12 152.98
C GLY BA 346 42.54 18.67 153.69
N HIS BA 347 41.39 19.05 153.16
CA HIS BA 347 40.11 18.81 153.81
C HIS BA 347 39.05 18.39 152.80
N LYS BA 348 38.33 17.33 153.14
CA LYS BA 348 37.16 16.89 152.38
C LYS BA 348 36.23 18.06 152.03
N ALA BA 349 35.85 18.14 150.76
CA ALA BA 349 35.07 19.26 150.26
C ALA BA 349 34.15 18.78 149.15
N THR BA 350 33.14 19.60 148.85
CA THR BA 350 32.08 19.23 147.93
C THR BA 350 31.64 20.46 147.14
N VAL BA 351 31.43 20.26 145.84
CA VAL BA 351 30.94 21.31 144.95
C VAL BA 351 29.53 20.95 144.53
N SER BA 352 28.62 21.91 144.67
CA SER BA 352 27.25 21.76 144.17
C SER BA 352 27.11 22.54 142.88
N THR BA 353 26.91 21.83 141.78
CA THR BA 353 26.59 22.45 140.51
C THR BA 353 25.12 22.87 140.51
N GLY BA 354 24.77 23.83 139.64
CA GLY BA 354 23.43 24.33 139.58
C GLY BA 354 22.99 25.16 140.77
N SER BA 355 23.77 25.19 141.83
CA SER BA 355 23.56 26.13 142.92
C SER BA 355 23.66 27.56 142.38
N VAL BA 356 22.89 28.47 143.00
CA VAL BA 356 22.87 29.84 142.52
C VAL BA 356 24.22 30.53 142.69
N HIS BA 357 25.10 29.99 143.52
CA HIS BA 357 26.44 30.53 143.72
C HIS BA 357 27.48 29.86 142.82
N PHE BA 358 27.06 28.96 141.95
CA PHE BA 358 27.93 28.33 140.96
C PHE BA 358 27.94 29.21 139.71
N THR BA 359 28.89 30.14 139.65
CA THR BA 359 29.02 31.08 138.54
C THR BA 359 30.46 31.08 138.04
N PRO BA 360 30.91 29.98 137.45
CA PRO BA 360 32.31 29.92 137.01
C PRO BA 360 32.60 30.83 135.83
N LYS BA 361 31.60 31.13 135.01
CA LYS BA 361 31.78 32.11 133.94
C LYS BA 361 32.08 33.49 134.50
N LEU BA 362 31.52 33.79 135.67
CA LEU BA 362 31.72 35.09 136.33
C LEU BA 362 32.96 35.11 137.21
N GLY BA 363 33.49 33.94 137.57
CA GLY BA 363 34.78 33.85 138.23
C GLY BA 363 34.76 33.24 139.61
N SER BA 364 33.64 32.76 140.11
CA SER BA 364 33.56 32.26 141.49
C SER BA 364 32.72 31.00 141.55
N VAL BA 365 33.13 30.07 142.41
CA VAL BA 365 32.38 28.86 142.73
C VAL BA 365 32.45 28.64 144.23
N GLN BA 366 31.45 27.93 144.76
CA GLN BA 366 31.28 27.75 146.19
C GLN BA 366 31.46 26.29 146.56
N PHE BA 367 32.30 26.03 147.56
CA PHE BA 367 32.54 24.71 148.10
C PHE BA 367 31.94 24.59 149.50
N THR BA 368 31.56 23.38 149.87
CA THR BA 368 31.21 23.06 151.25
C THR BA 368 32.24 22.11 151.82
N THR BA 369 32.89 22.52 152.90
CA THR BA 369 34.04 21.82 153.45
C THR BA 369 33.69 21.24 154.81
N ASP BA 370 34.65 20.53 155.42
CA ASP BA 370 34.51 20.03 156.77
C ASP BA 370 35.33 20.85 157.77
N THR BA 371 35.71 22.07 157.42
CA THR BA 371 36.35 22.98 158.35
C THR BA 371 35.93 24.40 158.01
N ASN BA 372 35.82 25.23 159.04
CA ASN BA 372 35.51 26.65 158.87
C ASN BA 372 36.67 27.59 159.22
N ASN BA 373 37.84 27.06 159.56
CA ASN BA 373 38.97 27.90 159.94
C ASN BA 373 40.30 27.57 159.27
N ASP BA 374 40.47 26.36 158.72
CA ASP BA 374 41.77 25.87 158.30
C ASP BA 374 42.07 26.10 156.81
N LEU BA 375 41.60 27.19 156.23
CA LEU BA 375 41.96 27.54 154.85
C LEU BA 375 42.35 29.01 154.75
N GLU BA 376 43.64 29.28 154.59
CA GLU BA 376 44.14 30.65 154.56
C GLU BA 376 43.70 31.33 153.27
N THR BA 377 43.67 32.66 153.29
CA THR BA 377 43.10 33.39 152.16
C THR BA 377 44.10 33.71 151.05
N GLY BA 378 45.37 33.89 151.37
CA GLY BA 378 46.31 34.29 150.34
C GLY BA 378 46.92 33.18 149.51
N GLN BA 379 46.61 31.92 149.81
CA GLN BA 379 47.29 30.79 149.18
C GLN BA 379 46.52 30.24 147.98
N ASN BA 380 47.27 29.65 147.05
CA ASN BA 380 46.68 28.96 145.91
C ASN BA 380 46.05 27.65 146.37
N THR BA 381 44.87 27.35 145.83
CA THR BA 381 44.09 26.20 146.27
C THR BA 381 43.57 25.43 145.07
N LYS BA 382 43.62 24.10 145.18
CA LYS BA 382 43.23 23.20 144.09
C LYS BA 382 42.14 22.25 144.57
N PHE BA 383 41.08 22.13 143.79
CA PHE BA 383 40.08 21.08 143.98
C PHE BA 383 40.41 19.87 143.12
N THR BA 384 40.71 18.75 143.78
CA THR BA 384 40.91 17.49 143.09
C THR BA 384 39.64 16.67 143.21
N PRO BA 385 38.91 16.44 142.12
CA PRO BA 385 37.63 15.72 142.23
C PRO BA 385 37.85 14.23 142.43
N VAL BA 386 36.84 13.59 143.03
CA VAL BA 386 36.90 12.16 143.32
C VAL BA 386 35.64 11.45 142.86
N GLY BA 387 34.47 12.02 143.14
CA GLY BA 387 33.24 11.34 142.85
C GLY BA 387 32.03 12.23 143.01
N VAL BA 388 30.86 11.60 142.93
CA VAL BA 388 29.57 12.28 143.04
C VAL BA 388 28.80 11.72 144.23
N VAL BA 389 27.89 12.53 144.75
CA VAL BA 389 27.11 12.22 145.95
C VAL BA 389 25.64 12.49 145.67
N GLN BA 390 24.78 11.89 146.49
CA GLN BA 390 23.33 11.97 146.31
C GLN BA 390 22.66 12.14 147.67
N ASP BA 391 21.70 13.06 147.73
CA ASP BA 391 20.92 13.26 148.96
C ASP BA 391 19.93 12.10 149.07
N GLY BA 392 20.15 11.22 150.04
CA GLY BA 392 19.47 9.94 150.08
C GLY BA 392 17.99 10.01 150.40
N ASN BA 393 17.51 11.15 150.93
CA ASN BA 393 16.12 11.26 151.32
C ASN BA 393 15.20 11.59 150.15
N SER BA 394 15.74 12.06 149.04
CA SER BA 394 14.97 12.29 147.83
C SER BA 394 14.99 11.02 146.97
N ALA BA 395 14.38 11.09 145.80
CA ALA BA 395 14.27 9.90 144.96
C ALA BA 395 15.66 9.38 144.59
N HIS BA 396 15.83 8.07 144.69
CA HIS BA 396 17.13 7.46 144.43
C HIS BA 396 17.50 7.56 142.96
N GLN BA 397 18.78 7.86 142.71
CA GLN BA 397 19.35 7.98 141.36
C GLN BA 397 18.83 9.22 140.63
N ASN BA 398 18.76 10.35 141.33
CA ASN BA 398 18.18 11.56 140.75
C ASN BA 398 19.09 12.78 140.80
N GLU BA 399 20.20 12.73 141.53
CA GLU BA 399 20.96 13.95 141.81
C GLU BA 399 21.84 14.34 140.62
N PRO BA 400 22.74 13.46 140.13
CA PRO BA 400 23.58 13.86 138.99
C PRO BA 400 22.87 13.66 137.65
N GLN BA 401 22.36 14.75 137.07
CA GLN BA 401 21.66 14.72 135.78
C GLN BA 401 22.66 15.06 134.68
N GLN BA 402 23.24 14.03 134.06
CA GLN BA 402 24.38 14.25 133.18
C GLN BA 402 24.02 15.05 131.93
N TRP BA 403 22.77 15.01 131.49
CA TRP BA 403 22.36 15.69 130.27
C TRP BA 403 21.67 17.03 130.55
N VAL BA 404 21.83 17.58 131.75
CA VAL BA 404 21.33 18.91 132.09
C VAL BA 404 22.53 19.81 132.29
N LEU BA 405 22.62 20.86 131.49
CA LEU BA 405 23.75 21.76 131.60
C LEU BA 405 23.58 22.70 132.79
N PRO BA 406 24.64 22.93 133.55
CA PRO BA 406 24.62 23.99 134.56
C PRO BA 406 24.46 25.38 133.95
N ASN BA 407 24.11 26.33 134.80
CA ASN BA 407 23.99 27.73 134.41
C ASN BA 407 25.33 28.38 134.75
N TYR BA 408 26.16 28.60 133.72
CA TYR BA 408 27.54 29.02 133.94
C TYR BA 408 27.65 30.44 134.48
N SER BA 409 26.65 31.29 134.26
CA SER BA 409 26.65 32.64 134.82
C SER BA 409 25.60 32.81 135.92
N GLY BA 410 25.20 31.72 136.57
CA GLY BA 410 24.18 31.77 137.60
C GLY BA 410 22.93 32.53 137.17
N ARG BA 411 22.35 33.25 138.12
CA ARG BA 411 21.12 34.00 137.87
C ARG BA 411 21.29 35.13 136.86
N THR BA 412 22.51 35.65 136.69
CA THR BA 412 22.75 36.83 135.86
C THR BA 412 22.88 36.49 134.37
N GLY BA 413 21.89 35.81 133.84
CA GLY BA 413 21.83 35.54 132.41
C GLY BA 413 21.78 34.05 132.11
N HIS BA 414 21.90 33.75 130.82
CA HIS BA 414 21.90 32.40 130.29
C HIS BA 414 23.26 32.08 129.66
N ASN BA 415 23.49 30.79 129.45
CA ASN BA 415 24.76 30.31 128.90
C ASN BA 415 24.96 30.79 127.47
N VAL BA 416 26.23 31.03 127.12
CA VAL BA 416 26.58 31.59 125.82
C VAL BA 416 27.62 30.72 125.12
N HIS BA 417 27.72 30.91 123.81
CA HIS BA 417 28.69 30.23 122.95
C HIS BA 417 28.78 28.73 123.24
N LEU BA 418 27.63 28.10 123.42
CA LEU BA 418 27.62 26.68 123.79
C LEU BA 418 28.02 25.81 122.60
N ALA BA 419 28.58 24.65 122.91
CA ALA BA 419 28.70 23.61 121.90
C ALA BA 419 27.31 23.11 121.54
N PRO BA 420 27.05 22.85 120.26
CA PRO BA 420 25.69 22.51 119.84
C PRO BA 420 25.23 21.19 120.44
N ALA BA 421 23.91 21.03 120.50
CA ALA BA 421 23.35 19.77 120.95
C ALA BA 421 23.38 18.73 119.83
N VAL BA 422 23.18 17.47 120.21
CA VAL BA 422 23.48 16.34 119.35
C VAL BA 422 22.32 15.36 119.43
N ALA BA 423 21.87 14.90 118.27
CA ALA BA 423 20.74 13.98 118.17
C ALA BA 423 20.92 13.11 116.93
N PRO BA 424 20.41 11.88 116.94
CA PRO BA 424 20.42 11.07 115.73
C PRO BA 424 19.56 11.71 114.64
N THR BA 425 20.05 11.63 113.40
CA THR BA 425 19.32 12.20 112.27
C THR BA 425 18.82 11.15 111.28
N PHE BA 426 19.35 9.93 111.33
CA PHE BA 426 19.03 8.88 110.38
C PHE BA 426 18.01 7.92 111.01
N PRO BA 427 16.94 7.58 110.30
CA PRO BA 427 15.94 6.66 110.87
C PRO BA 427 16.55 5.36 111.34
N GLY BA 428 16.22 4.98 112.57
CA GLY BA 428 16.70 3.73 113.14
C GLY BA 428 18.00 3.83 113.90
N GLU BA 429 18.59 5.02 113.96
CA GLU BA 429 19.92 5.22 114.52
C GLU BA 429 19.84 5.89 115.89
N GLN BA 430 20.76 5.51 116.77
CA GLN BA 430 20.92 6.15 118.05
C GLN BA 430 22.38 6.54 118.26
N LEU BA 431 22.61 7.52 119.14
CA LEU BA 431 23.96 7.86 119.53
C LEU BA 431 24.68 6.64 120.11
N LEU BA 432 26.00 6.63 119.95
CA LEU BA 432 26.86 5.64 120.58
C LEU BA 432 27.68 6.36 121.64
N PHE BA 433 27.55 5.92 122.88
CA PHE BA 433 28.19 6.56 124.02
C PHE BA 433 29.35 5.73 124.51
N PHE BA 434 30.39 6.43 124.97
CA PHE BA 434 31.50 5.81 125.69
C PHE BA 434 31.21 5.94 127.18
N ARG BA 435 30.92 4.81 127.82
CA ARG BA 435 30.40 4.78 129.19
C ARG BA 435 31.50 4.46 130.17
N SER BA 436 31.57 5.27 131.23
CA SER BA 436 32.37 4.97 132.41
C SER BA 436 31.51 5.20 133.64
N THR BA 437 31.95 4.64 134.77
CA THR BA 437 31.17 4.68 136.00
C THR BA 437 31.88 5.56 137.03
N MET BA 438 31.17 6.55 137.54
CA MET BA 438 31.74 7.50 138.48
C MET BA 438 31.84 6.85 139.87
N PRO BA 439 32.90 7.12 140.62
CA PRO BA 439 32.93 6.70 142.02
C PRO BA 439 31.80 7.37 142.79
N GLY BA 440 31.09 6.57 143.59
CA GLY BA 440 30.06 7.07 144.47
C GLY BA 440 30.60 7.26 145.88
N CYS BA 441 30.29 8.41 146.47
CA CYS BA 441 30.83 8.79 147.76
C CYS BA 441 29.80 8.81 148.89
N SER BA 442 28.52 9.00 148.58
CA SER BA 442 27.49 9.04 149.61
C SER BA 442 26.11 9.03 148.95
N GLY BA 443 25.19 8.29 149.54
CA GLY BA 443 23.83 8.21 149.03
C GLY BA 443 23.65 7.15 147.97
N TYR BA 444 22.72 7.39 147.04
CA TYR BA 444 22.45 6.50 145.92
C TYR BA 444 22.49 7.34 144.65
N PRO BA 445 23.68 7.70 144.17
CA PRO BA 445 23.78 8.57 143.00
C PRO BA 445 23.71 7.83 141.69
N ASN BA 446 23.31 8.57 140.65
CA ASN BA 446 23.30 8.08 139.28
C ASN BA 446 24.74 8.08 138.78
N MET BA 447 25.39 6.93 138.82
CA MET BA 447 26.84 6.85 138.65
C MET BA 447 27.26 6.73 137.20
N ASN BA 448 26.31 6.65 136.27
CA ASN BA 448 26.61 6.47 134.86
C ASN BA 448 27.05 7.80 134.23
N LEU BA 449 28.17 7.76 133.50
CA LEU BA 449 28.66 8.94 132.78
C LEU BA 449 28.99 8.57 131.34
N ASP BA 450 28.31 9.20 130.39
CA ASP BA 450 28.52 8.98 128.97
C ASP BA 450 29.17 10.19 128.33
N CYS BA 451 30.21 9.97 127.53
CA CYS BA 451 30.79 11.02 126.70
C CYS BA 451 30.65 10.67 125.23
N LEU BA 452 30.74 11.70 124.39
CA LEU BA 452 30.60 11.53 122.95
C LEU BA 452 31.89 11.07 122.29
N LEU BA 453 33.05 11.45 122.85
CA LEU BA 453 34.36 11.07 122.34
C LEU BA 453 35.27 10.79 123.53
N PRO BA 454 36.06 9.71 123.47
CA PRO BA 454 37.10 9.53 124.48
C PRO BA 454 38.07 10.70 124.46
N GLN BA 455 38.68 10.96 125.61
CA GLN BA 455 39.63 12.06 125.70
C GLN BA 455 40.82 11.84 124.77
N GLU BA 456 41.24 10.58 124.64
CA GLU BA 456 42.35 10.26 123.74
C GLU BA 456 42.01 10.57 122.28
N TRP BA 457 40.74 10.42 121.90
CA TRP BA 457 40.32 10.83 120.57
C TRP BA 457 40.39 12.34 120.41
N VAL BA 458 40.08 13.10 121.47
CA VAL BA 458 40.20 14.55 121.40
C VAL BA 458 41.65 14.95 121.16
N LEU BA 459 42.57 14.35 121.92
CA LEU BA 459 43.99 14.59 121.72
C LEU BA 459 44.41 14.25 120.29
N HIS BA 460 44.00 13.07 119.81
CA HIS BA 460 44.44 12.60 118.50
C HIS BA 460 43.93 13.51 117.39
N PHE BA 461 42.64 13.84 117.42
CA PHE BA 461 42.08 14.72 116.39
C PHE BA 461 42.76 16.08 116.42
N TYR BA 462 43.07 16.59 117.61
CA TYR BA 462 43.68 17.91 117.73
C TYR BA 462 45.05 17.94 117.06
N GLN BA 463 45.89 16.93 117.35
CA GLN BA 463 47.25 16.93 116.84
C GLN BA 463 47.31 16.61 115.35
N GLU BA 464 46.47 15.67 114.90
CA GLU BA 464 46.53 15.25 113.50
C GLU BA 464 45.92 16.30 112.58
N ALA BA 465 44.83 16.92 113.02
CA ALA BA 465 44.11 17.96 112.27
C ALA BA 465 43.89 17.58 110.82
N ALA BA 466 43.39 16.36 110.61
CA ALA BA 466 43.14 15.89 109.26
C ALA BA 466 41.87 16.54 108.72
N PRO BA 467 41.92 17.24 107.59
CA PRO BA 467 40.69 17.82 107.04
C PRO BA 467 39.70 16.74 106.61
N ALA BA 468 38.43 16.97 106.92
CA ALA BA 468 37.38 16.01 106.62
C ALA BA 468 36.98 16.09 105.16
N GLN BA 469 37.04 14.95 104.46
CA GLN BA 469 36.69 14.89 103.05
C GLN BA 469 35.19 14.78 102.82
N SER BA 470 34.41 14.53 103.86
CA SER BA 470 32.95 14.57 103.79
C SER BA 470 32.42 14.75 105.20
N ASP BA 471 31.09 14.77 105.32
CA ASP BA 471 30.46 15.10 106.59
C ASP BA 471 30.38 13.92 107.56
N VAL BA 472 30.70 12.70 107.11
CA VAL BA 472 30.58 11.52 107.97
C VAL BA 472 31.81 10.64 107.75
N ALA BA 473 32.43 10.20 108.84
CA ALA BA 473 33.52 9.23 108.79
C ALA BA 473 33.00 7.86 109.24
N LEU BA 474 33.01 6.90 108.34
CA LEU BA 474 32.57 5.55 108.66
C LEU BA 474 33.68 4.80 109.40
N LEU BA 475 33.38 4.32 110.60
CA LEU BA 475 34.31 3.53 111.38
C LEU BA 475 33.79 2.11 111.51
N ARG BA 476 34.71 1.15 111.58
CA ARG BA 476 34.37 -0.24 111.86
C ARG BA 476 35.16 -0.76 113.06
N PHE BA 477 34.49 -1.53 113.90
CA PHE BA 477 35.08 -2.11 115.10
C PHE BA 477 35.54 -3.53 114.75
N VAL BA 478 36.81 -3.81 114.98
CA VAL BA 478 37.47 -5.00 114.44
C VAL BA 478 37.97 -5.87 115.59
N ASN BA 479 37.84 -7.19 115.44
CA ASN BA 479 38.46 -8.15 116.34
C ASN BA 479 39.85 -8.47 115.81
N PRO BA 480 40.93 -8.07 116.50
CA PRO BA 480 42.27 -8.24 115.93
C PRO BA 480 42.73 -9.68 115.84
N ASP BA 481 42.15 -10.60 116.60
CA ASP BA 481 42.56 -12.00 116.49
C ASP BA 481 42.22 -12.56 115.11
N THR BA 482 40.96 -12.41 114.70
CA THR BA 482 40.48 -12.94 113.43
C THR BA 482 40.48 -11.94 112.29
N GLY BA 483 40.59 -10.64 112.57
CA GLY BA 483 40.39 -9.64 111.54
C GLY BA 483 38.94 -9.31 111.27
N ARG BA 484 38.02 -9.84 112.08
CA ARG BA 484 36.59 -9.77 111.79
C ARG BA 484 36.00 -8.41 112.12
N VAL BA 485 35.10 -7.96 111.28
CA VAL BA 485 34.37 -6.72 111.52
C VAL BA 485 33.15 -7.05 112.36
N LEU BA 486 33.02 -6.36 113.50
CA LEU BA 486 31.93 -6.66 114.42
C LEU BA 486 30.72 -5.76 114.19
N PHE BA 487 30.94 -4.45 114.01
CA PHE BA 487 29.86 -3.53 113.68
C PHE BA 487 30.47 -2.30 113.02
N GLU BA 488 29.59 -1.52 112.39
CA GLU BA 488 29.98 -0.24 111.82
C GLU BA 488 29.18 0.88 112.48
N CYS BA 489 29.78 2.07 112.49
CA CYS BA 489 29.19 3.24 113.10
C CYS BA 489 29.63 4.48 112.32
N LYS BA 490 28.91 5.57 112.53
CA LYS BA 490 29.19 6.83 111.85
C LYS BA 490 29.79 7.83 112.84
N LEU BA 491 31.02 8.23 112.58
CA LEU BA 491 31.66 9.31 113.32
C LEU BA 491 31.40 10.59 112.54
N HIS BA 492 30.55 11.45 113.09
CA HIS BA 492 30.16 12.66 112.38
C HIS BA 492 31.25 13.71 112.50
N LYS BA 493 31.34 14.55 111.47
CA LYS BA 493 32.36 15.58 111.43
C LYS BA 493 32.29 16.46 112.68
N SER BA 494 31.09 16.71 113.19
CA SER BA 494 30.88 17.54 114.38
C SER BA 494 31.45 16.91 115.65
N GLY BA 495 31.97 15.69 115.58
CA GLY BA 495 32.54 15.03 116.75
C GLY BA 495 31.60 14.25 117.63
N TYR BA 496 30.83 13.33 117.04
CA TYR BA 496 30.02 12.40 117.81
C TYR BA 496 29.76 11.15 116.97
N VAL BA 497 29.45 10.05 117.65
CA VAL BA 497 29.32 8.75 117.00
C VAL BA 497 27.87 8.30 117.08
N THR BA 498 27.39 7.65 116.03
CA THR BA 498 26.04 7.13 115.96
C THR BA 498 26.09 5.72 115.39
N VAL BA 499 25.13 4.89 115.78
CA VAL BA 499 25.09 3.48 115.38
C VAL BA 499 23.64 3.07 115.12
N ALA BA 500 23.48 1.95 114.43
CA ALA BA 500 22.17 1.46 114.01
C ALA BA 500 21.65 0.45 115.03
N HIS BA 501 20.77 0.91 115.92
CA HIS BA 501 20.20 0.09 116.97
C HIS BA 501 18.99 0.82 117.53
N THR BA 502 18.11 0.05 118.19
CA THR BA 502 16.94 0.61 118.84
C THR BA 502 16.80 0.02 120.24
N GLY BA 503 16.66 0.89 121.24
CA GLY BA 503 16.55 0.47 122.61
C GLY BA 503 17.87 0.62 123.34
N PRO BA 504 17.83 0.68 124.67
CA PRO BA 504 19.08 0.73 125.43
C PRO BA 504 19.82 -0.59 125.33
N HIS BA 505 21.15 -0.50 125.34
CA HIS BA 505 21.99 -1.69 125.20
C HIS BA 505 23.44 -1.39 125.54
N ASP BA 506 24.02 -2.15 126.46
CA ASP BA 506 25.46 -2.18 126.63
C ASP BA 506 26.06 -3.14 125.61
N LEU BA 507 27.05 -2.66 124.86
CA LEU BA 507 27.62 -3.48 123.80
C LEU BA 507 28.54 -4.55 124.37
N VAL BA 508 28.46 -5.75 123.80
CA VAL BA 508 29.30 -6.87 124.19
C VAL BA 508 30.46 -6.93 123.21
N ILE BA 509 31.64 -6.49 123.65
CA ILE BA 509 32.76 -6.29 122.74
C ILE BA 509 33.95 -7.10 123.26
N PRO BA 510 34.73 -7.71 122.38
CA PRO BA 510 36.00 -8.31 122.80
C PRO BA 510 36.90 -7.28 123.45
N PRO BA 511 37.56 -7.63 124.56
CA PRO BA 511 38.35 -6.64 125.30
C PRO BA 511 39.48 -6.04 124.49
N ASN BA 512 39.94 -6.71 123.43
CA ASN BA 512 41.05 -6.22 122.62
C ASN BA 512 40.61 -5.61 121.30
N GLY BA 513 39.30 -5.42 121.10
CA GLY BA 513 38.82 -4.85 119.86
C GLY BA 513 39.14 -3.38 119.73
N TYR BA 514 39.32 -2.93 118.47
CA TYR BA 514 39.75 -1.58 118.17
C TYR BA 514 38.90 -0.98 117.06
N PHE BA 515 38.91 0.36 116.99
CA PHE BA 515 38.22 1.10 115.95
C PHE BA 515 39.15 1.36 114.76
N ARG BA 516 38.59 1.23 113.56
CA ARG BA 516 39.30 1.43 112.31
C ARG BA 516 38.52 2.38 111.42
N PHE BA 517 39.16 3.42 110.93
CA PHE BA 517 38.52 4.31 109.97
C PHE BA 517 38.59 3.68 108.58
N ASP BA 518 37.44 3.54 107.93
CA ASP BA 518 37.36 2.78 106.68
C ASP BA 518 37.02 3.60 105.45
N SER BA 519 36.17 4.63 105.56
CA SER BA 519 35.79 5.37 104.37
C SER BA 519 35.02 6.62 104.77
N TRP BA 520 35.17 7.66 103.95
CA TRP BA 520 34.29 8.82 104.00
C TRP BA 520 32.97 8.50 103.30
N VAL BA 521 31.86 8.87 103.92
CA VAL BA 521 30.53 8.65 103.38
C VAL BA 521 29.73 9.94 103.59
N ASN BA 522 28.52 9.97 103.02
CA ASN BA 522 27.61 11.07 103.21
C ASN BA 522 26.46 10.67 104.14
N GLN BA 523 25.52 11.60 104.32
CA GLN BA 523 24.45 11.43 105.28
C GLN BA 523 23.49 10.31 104.93
N PHE BA 524 23.49 9.85 103.67
CA PHE BA 524 22.54 8.84 103.22
C PHE BA 524 23.01 7.42 103.46
N TYR BA 525 24.21 7.23 104.03
CA TYR BA 525 24.72 5.90 104.29
C TYR BA 525 23.84 5.17 105.29
N THR BA 526 23.46 3.95 104.95
CA THR BA 526 22.60 3.11 105.78
C THR BA 526 23.49 2.10 106.50
N LEU BA 527 23.47 2.15 107.83
CA LEU BA 527 24.38 1.33 108.62
C LEU BA 527 23.84 -0.08 108.79
N ALA BA 528 24.76 -1.03 108.88
CA ALA BA 528 24.37 -2.40 109.18
C ALA BA 528 23.82 -2.45 110.59
N PRO BA 529 22.69 -3.13 110.82
CA PRO BA 529 22.17 -3.20 112.19
C PRO BA 529 23.09 -4.02 113.10
N MET BA 530 23.12 -3.60 114.36
CA MET BA 530 24.00 -4.15 115.37
C MET BA 530 23.18 -4.50 116.61
N GLY BA 531 23.41 -5.69 117.15
CA GLY BA 531 22.70 -6.13 118.33
C GLY BA 531 22.05 -7.50 118.20
N PRO CA 10 26.83 60.36 44.19
CA PRO CA 10 26.90 59.20 45.10
C PRO CA 10 26.03 59.37 46.35
N SER CA 11 26.18 60.51 47.03
CA SER CA 11 25.39 60.83 48.20
C SER CA 11 24.46 62.02 47.96
N ASP CA 12 24.34 62.48 46.72
CA ASP CA 12 23.61 63.71 46.44
C ASP CA 12 22.14 63.50 46.73
N GLY CA 13 21.61 64.22 47.71
CA GLY CA 13 20.21 64.11 48.09
C GLY CA 13 19.96 63.18 49.27
N SER CA 14 20.98 62.45 49.70
CA SER CA 14 20.89 61.54 50.84
C SER CA 14 22.17 61.67 51.66
N THR CA 15 22.04 62.15 52.90
CA THR CA 15 23.17 62.46 53.78
C THR CA 15 23.84 63.76 53.32
N ALA CA 16 24.29 63.79 52.07
CA ALA CA 16 24.69 65.02 51.37
C ALA CA 16 25.99 65.61 51.91
N ASN CA 17 26.84 64.78 52.50
CA ASN CA 17 28.13 65.18 53.04
C ASN CA 17 27.99 66.10 54.26
N LEU CA 18 26.83 66.11 54.89
CA LEU CA 18 26.56 66.95 56.05
C LEU CA 18 27.01 66.28 57.33
N VAL CA 19 27.66 65.13 57.22
CA VAL CA 19 27.72 64.11 58.27
C VAL CA 19 28.97 63.27 58.09
N PRO CA 20 29.73 63.00 59.16
CA PRO CA 20 30.91 62.13 59.03
C PRO CA 20 30.52 60.75 58.53
N GLU CA 21 31.33 60.20 57.62
CA GLU CA 21 30.97 58.96 56.92
C GLU CA 21 31.38 57.74 57.74
N VAL CA 22 32.69 57.47 57.82
CA VAL CA 22 33.19 56.43 58.72
C VAL CA 22 34.29 57.05 59.58
N ASN CA 23 34.53 56.41 60.73
CA ASN CA 23 35.65 56.77 61.59
C ASN CA 23 36.87 55.97 61.18
N ASN CA 24 38.03 56.62 61.22
CA ASN CA 24 39.29 55.94 60.99
C ASN CA 24 40.05 55.59 62.26
N GLU CA 25 39.80 56.30 63.37
CA GLU CA 25 40.43 55.96 64.63
C GLU CA 25 40.12 54.51 65.02
N VAL CA 26 41.05 53.87 65.71
CA VAL CA 26 41.02 52.43 65.93
C VAL CA 26 41.63 52.10 67.28
N MET CA 27 41.07 51.10 67.96
CA MET CA 27 41.45 50.79 69.33
C MET CA 27 42.82 50.15 69.39
N ALA CA 28 43.60 50.56 70.39
CA ALA CA 28 44.99 50.11 70.57
C ALA CA 28 45.04 48.80 71.35
N LEU CA 29 44.37 47.78 70.81
CA LEU CA 29 44.38 46.45 71.40
C LEU CA 29 45.07 45.47 70.47
N GLU CA 30 45.86 44.56 71.05
CA GLU CA 30 46.44 43.45 70.33
C GLU CA 30 45.39 42.37 70.08
N PRO CA 31 45.64 41.47 69.13
CA PRO CA 31 44.78 40.29 68.99
C PRO CA 31 44.84 39.42 70.23
N VAL CA 32 43.74 38.72 70.51
CA VAL CA 32 43.64 37.83 71.65
C VAL CA 32 42.98 36.53 71.20
N VAL CA 33 43.60 35.40 71.54
CA VAL CA 33 43.06 34.11 71.12
C VAL CA 33 41.76 33.84 71.89
N GLY CA 34 40.84 33.15 71.24
CA GLY CA 34 39.61 32.75 71.90
C GLY CA 34 39.65 31.39 72.56
N ALA CA 35 38.66 30.54 72.25
CA ALA CA 35 38.51 29.28 72.94
C ALA CA 35 39.39 28.17 72.40
N ALA CA 36 40.10 28.40 71.28
CA ALA CA 36 40.97 27.36 70.75
C ALA CA 36 42.06 26.98 71.75
N ILE CA 37 42.60 27.97 72.47
CA ILE CA 37 43.66 27.71 73.44
C ILE CA 37 43.20 26.79 74.55
N ALA CA 38 41.88 26.71 74.79
CA ALA CA 38 41.33 25.91 75.88
C ALA CA 38 41.09 24.46 75.50
N ALA CA 39 41.28 24.10 74.23
CA ALA CA 39 40.89 22.77 73.76
C ALA CA 39 41.51 21.63 74.55
N PRO CA 40 42.81 21.64 74.89
CA PRO CA 40 43.36 20.51 75.66
C PRO CA 40 42.79 20.37 77.07
N VAL CA 41 42.19 21.41 77.64
CA VAL CA 41 41.68 21.35 79.01
C VAL CA 41 40.17 21.51 79.08
N ALA CA 42 39.50 21.85 77.99
CA ALA CA 42 38.05 21.86 78.01
C ALA CA 42 37.51 20.45 77.86
N GLY CA 43 36.29 20.24 78.36
CA GLY CA 43 35.67 18.93 78.24
C GLY CA 43 35.33 18.57 76.81
N GLN CA 44 35.01 19.57 75.99
CA GLN CA 44 34.43 19.34 74.68
C GLN CA 44 34.75 20.51 73.78
N GLN CA 45 34.65 20.27 72.48
CA GLN CA 45 34.83 21.32 71.47
C GLN CA 45 33.46 21.49 70.83
N ASN CA 46 32.82 22.63 71.09
CA ASN CA 46 31.44 22.81 70.69
C ASN CA 46 31.36 23.68 69.45
N VAL CA 47 30.15 23.83 68.93
CA VAL CA 47 29.92 24.52 67.68
C VAL CA 47 28.76 25.49 67.88
N ILE CA 48 28.92 26.68 67.34
CA ILE CA 48 27.88 27.70 67.31
C ILE CA 48 27.36 27.78 65.88
N ASP CA 49 26.04 27.94 65.74
CA ASP CA 49 25.41 28.02 64.44
C ASP CA 49 26.11 29.12 63.61
N PRO CA 50 26.66 28.78 62.44
CA PRO CA 50 27.43 29.79 61.69
C PRO CA 50 26.67 31.05 61.35
N TRP CA 51 25.35 30.96 61.17
CA TRP CA 51 24.58 32.17 60.86
C TRP CA 51 24.69 33.19 61.99
N ILE CA 52 24.74 32.72 63.24
CA ILE CA 52 24.90 33.60 64.39
C ILE CA 52 26.20 34.38 64.30
N ARG CA 53 27.25 33.77 63.74
CA ARG CA 53 28.55 34.42 63.70
C ARG CA 53 28.68 35.46 62.59
N ASN CA 54 27.83 35.39 61.57
CA ASN CA 54 27.97 36.23 60.40
C ASN CA 54 26.96 37.37 60.32
N ASN CA 55 26.16 37.58 61.36
CA ASN CA 55 25.06 38.55 61.27
C ASN CA 55 24.91 39.29 62.59
N PHE CA 56 24.94 40.61 62.51
CA PHE CA 56 24.74 41.43 63.69
C PHE CA 56 23.28 41.39 64.13
N VAL CA 57 23.09 41.26 65.44
CA VAL CA 57 21.78 41.24 66.06
C VAL CA 57 21.87 42.15 67.29
N GLN CA 58 20.77 42.82 67.60
CA GLN CA 58 20.82 43.81 68.65
C GLN CA 58 21.00 43.15 70.02
N ALA CA 59 21.98 43.65 70.77
CA ALA CA 59 22.27 43.13 72.08
C ALA CA 59 21.10 43.37 73.03
N PRO CA 60 20.95 42.53 74.06
CA PRO CA 60 19.91 42.80 75.06
C PRO CA 60 20.01 44.19 75.64
N GLY CA 61 21.23 44.63 75.92
CA GLY CA 61 21.48 46.00 76.33
C GLY CA 61 21.82 46.82 75.11
N GLY CA 62 20.89 46.90 74.15
CA GLY CA 62 21.18 47.47 72.84
C GLY CA 62 20.59 48.82 72.50
N GLU CA 63 20.05 49.56 73.46
CA GLU CA 63 19.58 50.91 73.22
C GLU CA 63 20.23 51.86 74.21
N PHE CA 64 20.64 53.03 73.72
CA PHE CA 64 21.03 54.15 74.59
C PHE CA 64 20.80 55.44 73.82
N THR CA 65 20.80 56.55 74.56
CA THR CA 65 20.41 57.85 74.03
C THR CA 65 21.42 58.91 74.43
N VAL CA 66 21.63 59.86 73.52
CA VAL CA 66 22.35 61.09 73.81
C VAL CA 66 21.36 62.24 73.70
N SER CA 67 21.08 62.90 74.82
CA SER CA 67 20.12 64.00 74.88
C SER CA 67 20.78 65.19 75.56
N PRO CA 68 20.17 66.37 75.47
CA PRO CA 68 20.78 67.55 76.12
C PRO CA 68 20.76 67.46 77.63
N ARG CA 69 19.93 66.60 78.20
CA ARG CA 69 19.92 66.37 79.64
C ARG CA 69 21.17 65.62 80.12
N ASN CA 70 21.88 64.94 79.22
CA ASN CA 70 23.06 64.19 79.64
C ASN CA 70 24.24 65.15 79.81
N ALA CA 71 25.09 64.83 80.78
CA ALA CA 71 26.28 65.64 80.99
C ALA CA 71 27.54 64.85 80.64
N PRO CA 72 28.60 65.54 80.21
CA PRO CA 72 29.86 64.84 79.91
C PRO CA 72 30.37 64.09 81.13
N GLY CA 73 30.93 62.91 80.89
CA GLY CA 73 31.38 62.04 81.94
C GLY CA 73 30.42 60.94 82.30
N GLU CA 74 29.14 61.09 81.94
CA GLU CA 74 28.17 60.02 82.15
C GLU CA 74 28.46 58.86 81.21
N ILE CA 75 28.54 57.66 81.76
CA ILE CA 75 28.66 56.45 80.95
C ILE CA 75 27.28 56.12 80.41
N LEU CA 76 27.08 56.31 79.12
CA LEU CA 76 25.79 56.07 78.49
C LEU CA 76 25.52 54.59 78.22
N TRP CA 77 26.57 53.77 78.13
CA TRP CA 77 26.42 52.36 77.80
C TRP CA 77 27.67 51.64 78.25
N SER CA 78 27.49 50.43 78.78
CA SER CA 78 28.62 49.63 79.21
C SER CA 78 28.18 48.18 79.32
N ALA CA 79 29.14 47.27 79.11
CA ALA CA 79 28.84 45.85 79.16
C ALA CA 79 30.14 45.09 79.39
N PRO CA 80 30.13 44.02 80.17
CA PRO CA 80 31.29 43.12 80.22
C PRO CA 80 31.20 42.08 79.12
N LEU CA 81 32.37 41.63 78.67
CA LEU CA 81 32.38 40.56 77.68
C LEU CA 81 31.74 39.32 78.27
N GLY CA 82 30.88 38.68 77.47
CA GLY CA 82 30.16 37.51 77.92
C GLY CA 82 28.99 37.24 76.99
N PRO CA 83 28.34 36.08 77.17
CA PRO CA 83 27.24 35.72 76.26
C PRO CA 83 26.08 36.68 76.30
N ASP CA 84 25.94 37.47 77.37
CA ASP CA 84 24.81 38.39 77.50
C ASP CA 84 24.88 39.55 76.51
N LEU CA 85 25.98 39.65 75.74
CA LEU CA 85 26.11 40.66 74.71
C LEU CA 85 25.28 40.36 73.47
N ASN CA 86 24.66 39.18 73.39
CA ASN CA 86 24.04 38.74 72.15
C ASN CA 86 22.82 37.88 72.48
N PRO CA 87 21.64 38.24 71.99
CA PRO CA 87 20.42 37.50 72.40
C PRO CA 87 20.45 36.02 72.02
N TYR CA 88 21.03 35.67 70.88
CA TYR CA 88 21.16 34.26 70.52
C TYR CA 88 22.11 33.55 71.50
N LEU CA 89 23.29 34.12 71.71
CA LEU CA 89 24.23 33.53 72.66
C LEU CA 89 23.67 33.50 74.07
N SER CA 90 22.80 34.45 74.42
CA SER CA 90 22.20 34.47 75.75
C SER CA 90 21.33 33.24 75.99
N HIS CA 91 20.51 32.86 75.00
CA HIS CA 91 19.71 31.65 75.16
C HIS CA 91 20.57 30.40 75.08
N LEU CA 92 21.57 30.41 74.19
CA LEU CA 92 22.50 29.30 74.12
C LEU CA 92 23.26 29.12 75.44
N ALA CA 93 23.64 30.24 76.08
CA ALA CA 93 24.47 30.14 77.27
C ALA CA 93 23.79 29.39 78.40
N ARG CA 94 22.46 29.32 78.41
CA ARG CA 94 21.83 28.55 79.48
C ARG CA 94 22.09 27.05 79.32
N MET CA 95 22.72 26.66 78.22
CA MET CA 95 22.95 25.27 77.88
C MET CA 95 24.42 24.87 77.99
N TYR CA 96 25.28 25.81 78.35
CA TYR CA 96 26.71 25.55 78.44
C TYR CA 96 27.24 26.01 79.80
N ASN CA 97 28.36 25.42 80.19
CA ASN CA 97 28.98 25.69 81.49
C ASN CA 97 29.98 26.84 81.44
N GLY CA 98 30.60 27.09 80.29
CA GLY CA 98 31.54 28.18 80.18
C GLY CA 98 31.72 28.65 78.75
N TYR CA 99 32.67 29.58 78.58
CA TYR CA 99 32.89 30.20 77.28
C TYR CA 99 34.28 30.81 77.25
N ALA CA 100 34.71 31.18 76.05
CA ALA CA 100 35.95 31.91 75.85
C ALA CA 100 35.93 32.51 74.44
N GLY CA 101 36.52 33.68 74.30
CA GLY CA 101 36.62 34.34 73.03
C GLY CA 101 35.95 35.70 73.03
N GLY CA 102 36.09 36.39 71.90
CA GLY CA 102 35.77 37.80 71.81
C GLY CA 102 34.53 38.05 70.97
N PHE CA 103 34.18 39.34 70.89
CA PHE CA 103 33.00 39.76 70.17
C PHE CA 103 33.35 40.86 69.18
N GLU CA 104 32.50 40.99 68.18
CA GLU CA 104 32.45 42.16 67.31
C GLU CA 104 31.18 42.90 67.67
N VAL CA 105 31.31 44.16 68.10
CA VAL CA 105 30.16 44.99 68.43
C VAL CA 105 30.00 46.08 67.38
N GLN CA 106 28.75 46.34 67.01
CA GLN CA 106 28.41 47.36 66.02
C GLN CA 106 27.54 48.39 66.70
N VAL CA 107 27.96 49.66 66.62
CA VAL CA 107 27.25 50.77 67.23
C VAL CA 107 26.75 51.69 66.13
N ILE CA 108 25.49 52.10 66.22
CA ILE CA 108 24.86 52.96 65.23
C ILE CA 108 24.63 54.32 65.89
N LEU CA 109 25.15 55.37 65.26
CA LEU CA 109 25.06 56.72 65.81
C LEU CA 109 24.66 57.72 64.72
N ALA CA 110 23.53 57.51 64.05
CA ALA CA 110 23.28 58.32 62.86
C ALA CA 110 22.45 59.55 63.25
N GLY CA 111 23.12 60.42 64.02
CA GLY CA 111 22.49 61.64 64.47
C GLY CA 111 22.05 62.54 63.33
N ASN CA 112 21.13 63.43 63.66
CA ASN CA 112 20.68 64.42 62.70
C ASN CA 112 21.82 65.40 62.40
N ALA CA 113 21.80 65.95 61.19
CA ALA CA 113 22.94 66.76 60.73
C ALA CA 113 23.10 68.04 61.53
N PHE CA 114 22.06 68.47 62.24
CA PHE CA 114 22.08 69.70 63.03
C PHE CA 114 22.58 69.49 64.45
N THR CA 115 23.06 68.29 64.79
CA THR CA 115 23.51 67.99 66.15
C THR CA 115 25.03 67.97 66.22
N ALA CA 116 25.54 68.19 67.42
CA ALA CA 116 26.98 68.13 67.68
C ALA CA 116 27.24 67.33 68.96
N GLY CA 117 28.41 66.74 69.05
CA GLY CA 117 28.84 66.04 70.25
C GLY CA 117 29.68 64.81 69.91
N LYS CA 118 30.47 64.38 70.90
CA LYS CA 118 31.39 63.27 70.73
C LYS CA 118 31.15 62.22 71.82
N ILE CA 119 31.28 60.95 71.44
CA ILE CA 119 31.24 59.84 72.37
C ILE CA 119 32.60 59.15 72.32
N ILE CA 120 33.11 58.76 73.49
CA ILE CA 120 34.33 57.98 73.58
C ILE CA 120 33.98 56.55 73.95
N PHE CA 121 34.48 55.60 73.17
CA PHE CA 121 34.41 54.18 73.48
C PHE CA 121 35.78 53.71 73.96
N ALA CA 122 35.80 52.95 75.05
CA ALA CA 122 37.06 52.45 75.59
C ALA CA 122 36.90 51.05 76.14
N ALA CA 123 37.96 50.26 76.02
CA ALA CA 123 38.05 48.92 76.61
C ALA CA 123 38.84 49.01 77.91
N VAL CA 124 38.21 48.64 79.02
CA VAL CA 124 38.87 48.63 80.33
C VAL CA 124 39.18 47.18 80.69
N PRO CA 125 40.41 46.88 81.12
CA PRO CA 125 40.82 45.49 81.29
C PRO CA 125 40.26 44.91 82.56
N PRO CA 126 40.27 43.57 82.71
CA PRO CA 126 39.65 42.94 83.88
C PRO CA 126 40.34 43.36 85.17
N ASN CA 127 39.54 43.56 86.21
CA ASN CA 127 39.94 43.94 87.56
C ASN CA 127 40.33 45.41 87.68
N PHE CA 128 39.98 46.24 86.70
CA PHE CA 128 40.11 47.68 86.93
C PHE CA 128 38.73 48.25 87.27
N PRO CA 129 38.61 49.03 88.34
CA PRO CA 129 37.29 49.55 88.73
C PRO CA 129 36.83 50.68 87.81
N THR CA 130 35.63 50.51 87.26
CA THR CA 130 35.03 51.49 86.36
C THR CA 130 34.31 52.61 87.12
N GLU CA 131 34.04 52.41 88.41
CA GLU CA 131 32.99 53.14 89.11
C GLU CA 131 33.32 54.60 89.39
N GLY CA 132 34.58 55.01 89.25
CA GLY CA 132 34.90 56.40 89.44
C GLY CA 132 35.49 57.11 88.24
N LEU CA 133 35.42 56.48 87.07
CA LEU CA 133 36.22 56.92 85.93
C LEU CA 133 35.81 58.30 85.45
N SER CA 134 36.79 59.17 85.28
CA SER CA 134 36.69 60.50 84.66
C SER CA 134 36.95 60.40 83.16
N PRO CA 135 36.50 61.40 82.40
CA PRO CA 135 36.83 61.40 80.96
C PRO CA 135 38.32 61.41 80.67
N SER CA 136 39.10 62.20 81.43
CA SER CA 136 40.55 62.14 81.34
C SER CA 136 41.07 60.72 81.47
N GLN CA 137 40.60 59.99 82.48
CA GLN CA 137 41.12 58.65 82.74
C GLN CA 137 40.71 57.66 81.66
N VAL CA 138 39.49 57.79 81.13
CA VAL CA 138 39.01 56.86 80.12
C VAL CA 138 39.90 56.90 78.89
N THR CA 139 40.47 58.07 78.58
CA THR CA 139 41.42 58.21 77.49
C THR CA 139 42.67 57.36 77.65
N MET CA 140 42.98 56.91 78.86
CA MET CA 140 44.24 56.19 79.06
C MET CA 140 44.14 54.70 78.75
N PHE CA 141 42.94 54.18 78.52
CA PHE CA 141 42.75 52.84 77.98
C PHE CA 141 42.77 52.90 76.46
N PRO CA 142 42.84 51.75 75.79
CA PRO CA 142 42.53 51.75 74.35
C PRO CA 142 41.15 52.36 74.11
N HIS CA 143 41.08 53.31 73.19
CA HIS CA 143 39.86 54.08 73.04
C HIS CA 143 39.67 54.58 71.62
N ILE CA 144 38.43 54.96 71.32
CA ILE CA 144 38.03 55.54 70.05
C ILE CA 144 37.07 56.68 70.36
N ILE CA 145 37.23 57.81 69.68
CA ILE CA 145 36.37 58.97 69.86
C ILE CA 145 35.57 59.17 68.59
N VAL CA 146 34.24 59.12 68.70
CA VAL CA 146 33.33 59.10 67.57
C VAL CA 146 32.39 60.29 67.66
N ASP CA 147 32.07 60.86 66.50
CA ASP CA 147 31.13 61.97 66.45
C ASP CA 147 29.71 61.44 66.47
N VAL CA 148 28.85 62.11 67.24
CA VAL CA 148 27.50 61.62 67.46
C VAL CA 148 26.70 61.56 66.15
N ARG CA 149 27.17 62.23 65.11
CA ARG CA 149 26.53 62.24 63.79
C ARG CA 149 27.03 61.14 62.89
N GLN CA 150 27.89 60.24 63.37
CA GLN CA 150 28.53 59.26 62.52
C GLN CA 150 27.50 58.44 61.75
N LEU CA 151 27.71 58.32 60.43
CA LEU CA 151 26.72 57.69 59.58
C LEU CA 151 26.91 56.18 59.50
N GLU CA 152 28.12 55.74 59.21
CA GLU CA 152 28.36 54.31 59.13
C GLU CA 152 28.51 53.75 60.53
N PRO CA 153 28.03 52.52 60.77
CA PRO CA 153 28.14 51.96 62.11
C PRO CA 153 29.58 51.89 62.56
N VAL CA 154 29.77 51.96 63.87
CA VAL CA 154 31.11 51.89 64.45
C VAL CA 154 31.36 50.44 64.82
N LEU CA 155 32.46 49.89 64.33
CA LEU CA 155 32.79 48.50 64.59
C LEU CA 155 33.95 48.45 65.57
N ILE CA 156 33.70 47.82 66.72
CA ILE CA 156 34.68 47.72 67.80
C ILE CA 156 34.93 46.24 68.04
N PRO CA 157 36.14 45.74 67.88
CA PRO CA 157 36.44 44.38 68.32
C PRO CA 157 36.69 44.38 69.82
N LEU CA 158 36.12 43.38 70.50
CA LEU CA 158 36.21 43.28 71.95
C LEU CA 158 36.86 41.94 72.30
N PRO CA 159 38.16 41.92 72.56
CA PRO CA 159 38.84 40.64 72.80
C PRO CA 159 38.74 40.19 74.24
N ASP CA 160 38.87 38.86 74.42
CA ASP CA 160 38.67 38.24 75.72
C ASP CA 160 39.99 38.21 76.49
N VAL CA 161 40.45 39.41 76.86
CA VAL CA 161 41.60 39.52 77.75
C VAL CA 161 41.31 38.78 79.03
N ARG CA 162 42.25 37.92 79.45
CA ARG CA 162 42.06 37.03 80.58
C ARG CA 162 43.40 36.39 80.91
N ASN CA 163 43.44 35.72 82.07
CA ASN CA 163 44.64 34.98 82.48
C ASN CA 163 44.35 33.51 82.72
N ASN CA 164 43.24 33.00 82.19
CA ASN CA 164 42.91 31.58 82.27
C ASN CA 164 42.51 31.08 80.88
N PHE CA 165 42.31 29.76 80.79
CA PHE CA 165 41.99 29.16 79.50
C PHE CA 165 40.61 29.59 79.02
N TYR CA 166 39.65 29.72 79.94
CA TYR CA 166 38.27 30.08 79.59
C TYR CA 166 37.56 30.48 80.89
N HIS CA 167 36.31 30.92 80.73
CA HIS CA 167 35.50 31.43 81.83
C HIS CA 167 34.39 30.45 82.16
N TYR CA 168 34.04 30.37 83.44
CA TYR CA 168 32.86 29.64 83.88
C TYR CA 168 31.68 30.58 83.99
N ASN CA 169 30.50 30.10 83.56
CA ASN CA 169 29.30 30.92 83.64
C ASN CA 169 28.96 31.29 85.08
N GLN CA 170 29.13 30.33 86.00
CA GLN CA 170 28.71 30.49 87.39
C GLN CA 170 29.74 31.18 88.27
N SER CA 171 30.84 31.68 87.72
CA SER CA 171 31.89 32.24 88.56
C SER CA 171 31.88 33.76 88.51
N ASN CA 172 32.74 34.36 89.33
CA ASN CA 172 32.83 35.81 89.47
C ASN CA 172 34.07 36.43 88.83
N ASP CA 173 34.93 35.64 88.18
CA ASP CA 173 36.08 36.24 87.53
C ASP CA 173 35.64 37.31 86.55
N PRO CA 174 36.27 38.47 86.55
CA PRO CA 174 35.85 39.56 85.65
C PRO CA 174 36.40 39.40 84.25
N THR CA 175 35.74 40.05 83.32
CA THR CA 175 36.14 40.07 81.92
C THR CA 175 36.34 41.52 81.49
N ILE CA 176 36.86 41.70 80.27
CA ILE CA 176 36.97 43.04 79.71
C ILE CA 176 35.60 43.70 79.64
N LYS CA 177 35.57 45.00 79.91
CA LYS CA 177 34.36 45.80 79.83
C LYS CA 177 34.51 46.81 78.70
N LEU CA 178 33.45 46.98 77.91
CA LEU CA 178 33.40 48.03 76.92
C LEU CA 178 32.59 49.20 77.47
N ILE CA 179 33.12 50.40 77.32
CA ILE CA 179 32.57 51.60 77.93
C ILE CA 179 32.25 52.59 76.82
N ALA CA 180 31.05 53.17 76.87
CA ALA CA 180 30.69 54.29 76.02
C ALA CA 180 30.31 55.43 76.93
N MET CA 181 31.03 56.55 76.81
CA MET CA 181 30.85 57.68 77.69
C MET CA 181 30.67 58.95 76.87
N LEU CA 182 29.77 59.81 77.32
CA LEU CA 182 29.58 61.08 76.64
C LEU CA 182 30.81 61.95 76.87
N TYR CA 183 31.53 62.25 75.78
CA TYR CA 183 32.81 62.94 75.84
C TYR CA 183 32.64 64.45 75.72
N THR CA 184 31.70 64.86 74.89
CA THR CA 184 31.27 66.24 74.69
C THR CA 184 29.76 66.29 74.83
N PRO CA 185 29.23 67.31 75.49
CA PRO CA 185 27.77 67.41 75.61
C PRO CA 185 27.13 67.53 74.24
N LEU CA 186 25.88 67.10 74.15
CA LEU CA 186 25.15 67.18 72.89
C LEU CA 186 24.62 68.59 72.69
N ARG CA 187 24.96 69.19 71.56
CA ARG CA 187 24.50 70.52 71.16
C ARG CA 187 23.77 70.40 69.83
N ALA CA 188 22.93 71.38 69.52
CA ALA CA 188 22.23 71.36 68.24
C ALA CA 188 21.85 72.78 67.83
N ASN CA 189 21.85 73.01 66.51
CA ASN CA 189 21.51 74.29 65.91
C ASN CA 189 20.44 74.12 64.85
N ASN CA 190 19.49 73.20 65.06
CA ASN CA 190 18.46 72.94 64.06
C ASN CA 190 17.57 74.15 63.79
N ALA CA 191 17.56 75.13 64.70
CA ALA CA 191 16.80 76.39 64.60
C ALA CA 191 15.32 76.21 64.92
N GLY CA 192 14.95 75.12 65.58
CA GLY CA 192 13.57 74.84 65.88
C GLY CA 192 13.34 74.71 67.38
N ASP CA 193 12.06 74.70 67.77
CA ASP CA 193 11.70 74.43 69.14
C ASP CA 193 11.98 72.98 69.54
N ASP CA 194 12.27 72.11 68.57
CA ASP CA 194 12.49 70.70 68.83
C ASP CA 194 13.85 70.49 69.48
N VAL CA 195 14.06 69.26 69.94
CA VAL CA 195 15.38 68.78 70.36
C VAL CA 195 15.63 67.44 69.67
N PHE CA 196 16.83 67.28 69.15
CA PHE CA 196 17.16 66.14 68.31
C PHE CA 196 18.00 65.12 69.10
N THR CA 197 17.33 64.46 70.04
CA THR CA 197 17.99 63.38 70.76
C THR CA 197 18.53 62.35 69.78
N VAL CA 198 19.72 61.83 70.06
CA VAL CA 198 20.33 60.82 69.21
C VAL CA 198 19.97 59.46 69.77
N SER CA 199 19.09 58.74 69.06
CA SER CA 199 18.75 57.38 69.44
C SER CA 199 19.79 56.44 68.86
N CYS CA 200 20.42 55.64 69.72
CA CYS CA 200 21.54 54.80 69.36
C CYS CA 200 21.21 53.34 69.58
N ARG CA 201 21.77 52.47 68.75
CA ARG CA 201 21.54 51.05 68.85
C ARG CA 201 22.87 50.32 68.86
N VAL CA 202 22.95 49.28 69.69
CA VAL CA 202 24.15 48.46 69.81
C VAL CA 202 23.81 47.06 69.34
N LEU CA 203 24.53 46.59 68.32
CA LEU CA 203 24.39 45.24 67.82
C LEU CA 203 25.72 44.52 67.96
N THR CA 204 25.67 43.19 68.03
CA THR CA 204 26.87 42.39 68.23
C THR CA 204 26.78 41.10 67.43
N ARG CA 205 27.92 40.42 67.34
CA ARG CA 205 28.01 39.05 66.87
C ARG CA 205 29.31 38.48 67.42
N PRO CA 206 29.37 37.17 67.68
CA PRO CA 206 30.58 36.60 68.24
C PRO CA 206 31.71 36.58 67.21
N SER CA 207 32.93 36.79 67.71
CA SER CA 207 34.10 36.62 66.88
C SER CA 207 34.22 35.16 66.42
N PRO CA 208 35.02 34.90 65.39
CA PRO CA 208 35.24 33.49 65.00
C PRO CA 208 35.90 32.67 66.10
N ASP CA 209 36.67 33.30 66.99
CA ASP CA 209 37.35 32.59 68.05
C ASP CA 209 36.48 32.35 69.27
N PHE CA 210 35.24 32.85 69.29
CA PHE CA 210 34.35 32.61 70.42
C PHE CA 210 33.77 31.21 70.35
N ASP CA 211 33.63 30.57 71.50
CA ASP CA 211 33.02 29.25 71.56
C ASP CA 211 32.56 28.96 72.98
N PHE CA 212 31.52 28.13 73.08
CA PHE CA 212 31.03 27.61 74.35
C PHE CA 212 31.85 26.38 74.72
N ILE CA 213 31.82 25.99 76.00
CA ILE CA 213 32.74 24.97 76.50
C ILE CA 213 32.04 23.65 76.88
N PHE CA 214 31.16 23.67 77.87
CA PHE CA 214 30.67 22.39 78.38
C PHE CA 214 29.15 22.31 78.38
N LEU CA 215 28.61 21.29 77.73
CA LEU CA 215 27.17 21.10 77.64
C LEU CA 215 26.59 20.72 79.01
N VAL CA 216 25.55 21.42 79.45
CA VAL CA 216 24.97 21.25 80.79
C VAL CA 216 23.46 21.43 80.73
N PRO CA 217 22.75 20.97 81.77
CA PRO CA 217 21.28 21.09 81.81
C PRO CA 217 20.81 22.53 81.64
N PRO CA 218 19.82 22.74 80.77
CA PRO CA 218 19.61 24.05 80.15
C PRO CA 218 19.03 25.15 81.02
N THR CA 219 18.49 24.90 82.22
CA THR CA 219 18.02 26.04 82.99
C THR CA 219 18.46 26.02 84.46
N VAL CA 220 19.43 25.19 84.83
CA VAL CA 220 19.79 25.09 86.24
C VAL CA 220 20.74 26.18 86.71
N GLU CA 221 21.35 26.94 85.79
CA GLU CA 221 22.38 27.90 86.18
C GLU CA 221 21.82 29.30 86.40
N SER CA 222 22.14 29.87 87.56
CA SER CA 222 21.53 31.12 88.00
C SER CA 222 21.85 32.28 87.06
N ARG CA 223 23.15 32.56 86.86
CA ARG CA 223 23.62 33.74 86.16
C ARG CA 223 23.28 33.75 84.67
N THR CA 224 22.59 32.73 84.15
CA THR CA 224 22.16 32.71 82.77
C THR CA 224 20.66 32.88 82.57
N LYS CA 225 19.87 32.94 83.65
CA LYS CA 225 18.42 33.09 83.50
C LYS CA 225 18.09 34.48 82.95
N PRO CA 226 17.25 34.58 81.93
CA PRO CA 226 16.91 35.88 81.35
C PRO CA 226 15.77 36.60 82.06
N PHE CA 227 15.85 37.92 82.04
CA PHE CA 227 14.85 38.75 82.69
C PHE CA 227 13.62 38.94 81.81
N THR CA 228 12.45 38.86 82.42
CA THR CA 228 11.18 39.11 81.74
C THR CA 228 10.25 39.87 82.69
N VAL CA 229 9.19 40.40 82.12
CA VAL CA 229 8.19 41.15 82.86
C VAL CA 229 6.83 40.57 82.50
N PRO CA 230 5.96 40.25 83.46
CA PRO CA 230 4.75 39.51 83.13
C PRO CA 230 3.85 40.29 82.18
N ILE CA 231 3.21 39.55 81.26
CA ILE CA 231 2.34 40.14 80.25
C ILE CA 231 0.96 40.50 80.78
N LEU CA 232 0.70 40.32 82.07
CA LEU CA 232 -0.61 40.64 82.61
C LEU CA 232 -0.94 42.11 82.41
N THR CA 233 -2.23 42.40 82.28
CA THR CA 233 -2.73 43.75 82.18
C THR CA 233 -2.86 44.38 83.56
N VAL CA 234 -2.78 45.72 83.60
CA VAL CA 234 -2.91 46.47 84.85
C VAL CA 234 -4.17 46.10 85.61
N GLU CA 235 -5.31 46.07 84.90
CA GLU CA 235 -6.57 45.73 85.56
C GLU CA 235 -6.57 44.31 86.15
N GLU CA 236 -5.84 43.38 85.52
CA GLU CA 236 -5.83 42.00 86.00
C GLU CA 236 -4.89 41.79 87.18
N MET CA 237 -4.14 42.80 87.59
CA MET CA 237 -3.20 42.66 88.69
C MET CA 237 -3.79 43.28 89.95
N THR CA 238 -3.03 43.20 91.04
CA THR CA 238 -3.51 43.58 92.36
C THR CA 238 -2.47 44.44 93.07
N ASN CA 239 -2.95 45.37 93.89
CA ASN CA 239 -2.08 46.24 94.65
C ASN CA 239 -1.28 45.44 95.68
N SER CA 240 -0.05 45.87 95.90
CA SER CA 240 0.88 45.18 96.79
C SER CA 240 0.90 45.79 98.19
N ARG CA 241 0.09 46.82 98.42
CA ARG CA 241 0.03 47.51 99.72
C ARG CA 241 -1.30 47.32 100.42
N PHE CA 242 -2.30 46.73 99.75
CA PHE CA 242 -3.62 46.45 100.30
C PHE CA 242 -4.29 45.44 99.40
N PRO CA 243 -5.03 44.46 99.96
CA PRO CA 243 -5.56 43.37 99.11
C PRO CA 243 -6.70 43.80 98.20
N ILE CA 244 -6.39 44.64 97.22
CA ILE CA 244 -7.39 45.16 96.29
C ILE CA 244 -6.81 45.22 94.90
N PRO CA 245 -7.66 45.16 93.87
CA PRO CA 245 -7.16 45.26 92.49
C PRO CA 245 -6.59 46.64 92.19
N LEU CA 246 -5.79 46.68 91.13
CA LEU CA 246 -5.31 47.94 90.59
C LEU CA 246 -6.39 48.58 89.70
N GLU CA 247 -6.28 49.88 89.50
CA GLU CA 247 -7.29 50.54 88.68
C GLU CA 247 -6.73 51.47 87.62
N LYS CA 248 -5.71 52.25 87.94
CA LYS CA 248 -5.13 53.15 86.96
C LYS CA 248 -3.64 53.33 87.23
N LEU CA 249 -2.95 53.92 86.25
CA LEU CA 249 -1.56 54.32 86.38
C LEU CA 249 -1.50 55.83 86.66
N PHE CA 250 -0.67 56.21 87.64
CA PHE CA 250 -0.55 57.61 88.05
C PHE CA 250 0.91 58.00 88.18
N THR CA 251 1.26 59.16 87.64
CA THR CA 251 2.56 59.78 87.88
C THR CA 251 2.36 61.14 88.54
N GLY CA 252 3.25 61.49 89.47
CA GLY CA 252 3.23 62.80 90.09
C GLY CA 252 4.55 63.19 90.74
N PRO CA 253 4.72 64.48 91.00
CA PRO CA 253 5.92 64.92 91.72
C PRO CA 253 5.87 64.53 93.19
N SER CA 254 7.04 64.20 93.73
CA SER CA 254 7.15 63.64 95.07
C SER CA 254 8.09 64.47 95.96
N GLY CA 255 8.31 65.74 95.63
CA GLY CA 255 9.23 66.55 96.41
C GLY CA 255 8.76 66.84 97.82
N ALA CA 256 7.45 67.00 98.01
CA ALA CA 256 6.94 67.37 99.33
C ALA CA 256 7.13 66.23 100.33
N PHE CA 257 6.62 65.06 100.00
CA PHE CA 257 6.51 63.92 100.90
C PHE CA 257 7.64 62.94 100.63
N VAL CA 258 7.71 61.87 101.43
CA VAL CA 258 8.76 60.87 101.33
C VAL CA 258 8.14 59.51 100.95
N VAL CA 259 8.50 59.03 99.76
CA VAL CA 259 7.99 57.77 99.23
C VAL CA 259 8.87 56.65 99.78
N GLN CA 260 8.39 55.98 100.83
CA GLN CA 260 9.18 54.91 101.44
C GLN CA 260 8.30 53.73 101.87
N PRO CA 261 7.45 53.19 101.00
CA PRO CA 261 6.62 52.06 101.40
C PRO CA 261 7.49 50.86 101.77
N GLN CA 262 6.92 49.97 102.58
CA GLN CA 262 7.61 48.76 102.97
C GLN CA 262 6.94 47.48 102.49
N ASN CA 263 5.75 47.58 101.90
CA ASN CA 263 5.09 46.47 101.21
C ASN CA 263 5.21 46.72 99.71
N GLY CA 264 5.20 45.63 98.95
CA GLY CA 264 5.45 45.77 97.53
C GLY CA 264 6.82 46.33 97.24
N ARG CA 265 7.83 45.83 97.95
CA ARG CA 265 9.24 46.16 97.74
C ARG CA 265 10.00 44.90 97.35
N CYS CA 266 10.42 44.83 96.10
CA CYS CA 266 11.13 43.67 95.59
C CYS CA 266 12.07 44.13 94.49
N THR CA 267 13.24 43.51 94.45
CA THR CA 267 14.25 43.83 93.46
C THR CA 267 14.06 42.99 92.18
N THR CA 268 14.60 43.50 91.08
CA THR CA 268 14.54 42.80 89.79
C THR CA 268 15.02 41.35 89.85
N ASP CA 269 16.09 41.06 90.62
CA ASP CA 269 16.53 39.67 90.70
C ASP CA 269 15.89 38.89 91.85
N GLY CA 270 14.80 39.39 92.42
CA GLY CA 270 13.97 38.59 93.30
C GLY CA 270 14.28 38.62 94.78
N VAL CA 271 14.96 39.65 95.26
CA VAL CA 271 15.20 39.84 96.69
C VAL CA 271 14.07 40.69 97.26
N LEU CA 272 13.35 40.14 98.23
CA LEU CA 272 12.30 40.88 98.91
C LEU CA 272 12.91 41.87 99.92
N LEU CA 273 12.23 43.00 100.10
CA LEU CA 273 12.72 44.07 100.94
C LEU CA 273 11.60 44.54 101.87
N GLY CA 274 11.99 45.16 102.96
CA GLY CA 274 11.02 45.71 103.91
C GLY CA 274 10.14 44.61 104.48
N THR CA 275 8.83 44.85 104.52
CA THR CA 275 7.87 43.89 105.06
C THR CA 275 7.20 43.08 103.96
N THR CA 276 7.85 42.94 102.81
CA THR CA 276 7.20 42.34 101.64
C THR CA 276 7.19 40.82 101.73
N GLN CA 277 6.05 40.23 101.38
CA GLN CA 277 5.89 38.79 101.28
C GLN CA 277 5.11 38.49 100.02
N LEU CA 278 4.88 37.19 99.76
CA LEU CA 278 4.42 36.77 98.45
C LEU CA 278 2.90 36.71 98.31
N SER CA 279 2.17 36.57 99.42
CA SER CA 279 0.73 36.37 99.33
C SER CA 279 0.04 37.71 99.09
N PRO CA 280 -0.77 37.83 98.04
CA PRO CA 280 -1.53 39.07 97.81
C PRO CA 280 -2.73 39.25 98.73
N VAL CA 281 -3.06 38.25 99.54
CA VAL CA 281 -4.23 38.30 100.41
C VAL CA 281 -3.82 38.68 101.82
N ASN CA 282 -2.59 38.35 102.20
CA ASN CA 282 -2.09 38.61 103.55
C ASN CA 282 -1.42 39.98 103.69
N ILE CA 283 -1.78 40.94 102.83
CA ILE CA 283 -1.01 42.18 102.76
C ILE CA 283 -1.44 43.19 103.82
N CYS CA 284 -2.53 42.92 104.54
CA CYS CA 284 -2.91 43.75 105.68
C CYS CA 284 -3.66 42.90 106.70
N THR CA 285 -3.13 41.71 106.98
CA THR CA 285 -3.73 40.75 107.88
C THR CA 285 -2.93 40.68 109.18
N PHE CA 286 -3.63 40.26 110.23
CA PHE CA 286 -3.00 39.96 111.52
C PHE CA 286 -3.60 38.66 112.03
N ARG CA 287 -2.77 37.83 112.64
CA ARG CA 287 -3.22 36.55 113.20
C ARG CA 287 -2.60 36.38 114.58
N GLY CA 288 -3.42 35.93 115.54
CA GLY CA 288 -2.90 35.67 116.86
C GLY CA 288 -4.02 35.45 117.87
N ASP CA 289 -3.63 35.52 119.14
CA ASP CA 289 -4.53 35.38 120.28
C ASP CA 289 -4.91 36.76 120.80
N VAL CA 290 -6.16 36.87 121.27
CA VAL CA 290 -6.75 38.17 121.57
C VAL CA 290 -7.09 38.25 123.05
N THR CA 291 -7.03 39.47 123.58
CA THR CA 291 -7.15 39.74 125.01
C THR CA 291 -8.07 40.95 125.21
N HIS CA 292 -8.99 40.84 126.17
CA HIS CA 292 -9.88 41.95 126.46
C HIS CA 292 -9.19 43.02 127.29
N ILE CA 293 -9.49 44.29 126.98
CA ILE CA 293 -9.06 45.43 127.77
C ILE CA 293 -10.21 45.88 128.65
N ALA CA 294 -10.00 45.84 129.96
CA ALA CA 294 -11.09 45.96 130.93
C ALA CA 294 -11.82 47.30 130.79
N GLY CA 295 -13.14 47.23 130.66
CA GLY CA 295 -13.99 48.40 130.66
C GLY CA 295 -14.22 49.05 129.32
N THR CA 296 -13.56 48.59 128.26
CA THR CA 296 -13.63 49.21 126.95
C THR CA 296 -14.06 48.18 125.92
N HIS CA 297 -14.21 48.64 124.67
CA HIS CA 297 -14.42 47.75 123.54
C HIS CA 297 -13.12 47.44 122.81
N ASP CA 298 -11.99 47.66 123.46
CA ASP CA 298 -10.68 47.46 122.87
C ASP CA 298 -10.14 46.08 123.21
N TYR CA 299 -9.36 45.52 122.29
CA TYR CA 299 -8.67 44.26 122.52
C TYR CA 299 -7.21 44.38 122.11
N THR CA 300 -6.35 43.65 122.83
CA THR CA 300 -4.93 43.57 122.51
C THR CA 300 -4.66 42.19 121.92
N MET CA 301 -4.01 42.15 120.76
CA MET CA 301 -3.72 40.91 120.06
C MET CA 301 -2.23 40.61 120.13
N ASN CA 302 -1.89 39.42 120.62
CA ASN CA 302 -0.53 38.91 120.57
C ASN CA 302 -0.30 38.24 119.22
N LEU CA 303 0.68 38.74 118.47
CA LEU CA 303 0.82 38.40 117.07
C LEU CA 303 1.56 37.07 116.91
N ALA CA 304 1.01 36.20 116.07
CA ALA CA 304 1.77 35.08 115.51
C ALA CA 304 2.37 35.51 114.18
N SER CA 305 2.96 34.57 113.45
CA SER CA 305 3.28 34.80 112.05
C SER CA 305 2.00 34.65 111.21
N GLN CA 306 2.12 34.94 109.90
CA GLN CA 306 0.97 34.79 109.03
C GLN CA 306 0.69 33.34 108.67
N ASN CA 307 1.68 32.46 108.80
CA ASN CA 307 1.50 31.02 108.69
C ASN CA 307 1.15 30.37 110.02
N TRP CA 308 0.76 31.18 111.02
CA TRP CA 308 0.45 30.74 112.38
C TRP CA 308 1.65 30.08 113.07
N ASN CA 309 2.86 30.47 112.69
CA ASN CA 309 4.05 30.08 113.41
C ASN CA 309 4.37 31.12 114.49
N ASN CA 310 5.37 30.81 115.31
CA ASN CA 310 5.83 31.77 116.30
C ASN CA 310 6.52 32.95 115.58
N TYR CA 311 6.35 34.14 116.12
CA TYR CA 311 6.95 35.34 115.56
C TYR CA 311 8.26 35.66 116.30
N ASP CA 312 9.32 35.91 115.53
CA ASP CA 312 10.64 36.15 116.10
C ASP CA 312 11.02 37.62 115.92
N PRO CA 313 11.17 38.39 117.00
CA PRO CA 313 11.55 39.80 116.87
C PRO CA 313 13.02 40.03 116.54
N THR CA 314 13.83 38.98 116.48
CA THR CA 314 15.25 39.10 116.17
C THR CA 314 15.50 39.15 114.66
N GLU CA 315 14.47 38.94 113.84
CA GLU CA 315 14.64 38.96 112.40
C GLU CA 315 15.08 40.33 111.91
N GLU CA 316 15.93 40.34 110.88
CA GLU CA 316 16.44 41.58 110.32
C GLU CA 316 15.37 42.20 109.44
N ILE CA 317 14.19 42.39 110.00
CA ILE CA 317 13.02 42.87 109.26
C ILE CA 317 12.40 44.01 110.07
N PRO CA 318 11.75 45.00 109.44
CA PRO CA 318 11.19 46.11 110.21
C PRO CA 318 9.90 45.77 110.95
N ALA CA 319 9.24 44.66 110.62
CA ALA CA 319 7.97 44.25 111.21
C ALA CA 319 7.55 42.92 110.58
N PRO CA 320 6.54 42.24 111.12
CA PRO CA 320 6.06 41.03 110.45
C PRO CA 320 5.62 41.32 109.02
N LEU CA 321 5.85 40.34 108.15
CA LEU CA 321 5.56 40.52 106.74
C LEU CA 321 4.07 40.77 106.53
N GLY CA 322 3.74 41.81 105.77
CA GLY CA 322 2.37 42.18 105.53
C GLY CA 322 1.81 43.21 106.49
N THR CA 323 2.62 43.73 107.39
CA THR CA 323 2.17 44.79 108.29
C THR CA 323 1.89 46.06 107.48
N PRO CA 324 0.75 46.72 107.70
CA PRO CA 324 0.45 47.95 106.97
C PRO CA 324 1.59 48.97 107.06
N ASP CA 325 1.81 49.68 105.96
CA ASP CA 325 2.93 50.61 105.82
C ASP CA 325 2.46 52.05 105.68
N PHE CA 326 1.32 52.37 106.28
CA PHE CA 326 0.81 53.73 106.28
C PHE CA 326 0.11 53.98 107.61
N VAL CA 327 -0.07 55.25 107.94
CA VAL CA 327 -0.80 55.63 109.14
C VAL CA 327 -2.26 55.87 108.78
N GLY CA 328 -3.14 55.24 109.53
CA GLY CA 328 -4.56 55.36 109.28
C GLY CA 328 -5.32 54.36 110.13
N LYS CA 329 -6.63 54.43 110.04
CA LYS CA 329 -7.51 53.50 110.73
C LYS CA 329 -8.13 52.59 109.68
N ILE CA 330 -7.77 51.31 109.73
CA ILE CA 330 -8.25 50.31 108.79
C ILE CA 330 -9.37 49.52 109.48
N GLN CA 331 -10.53 49.49 108.86
CA GLN CA 331 -11.66 48.72 109.39
C GLN CA 331 -11.72 47.37 108.68
N GLY CA 332 -11.99 46.34 109.44
CA GLY CA 332 -12.18 45.00 108.90
C GLY CA 332 -13.05 44.17 109.80
N VAL CA 333 -12.71 42.90 109.94
CA VAL CA 333 -13.51 41.94 110.68
C VAL CA 333 -12.57 40.97 111.38
N LEU CA 334 -12.73 40.83 112.69
CA LEU CA 334 -12.04 39.79 113.43
C LEU CA 334 -12.91 38.53 113.39
N THR CA 335 -12.28 37.40 113.13
CA THR CA 335 -12.96 36.11 113.11
C THR CA 335 -12.21 35.14 113.99
N GLN CA 336 -12.97 34.25 114.65
CA GLN CA 336 -12.41 33.39 115.67
C GLN CA 336 -13.12 32.05 115.61
N THR CA 337 -12.38 31.00 115.93
CA THR CA 337 -12.90 29.64 115.90
C THR CA 337 -12.43 28.90 117.14
N THR CA 338 -13.37 28.25 117.83
CA THR CA 338 -13.03 27.45 119.00
C THR CA 338 -12.75 26.02 118.55
N ARG CA 339 -11.56 25.53 118.87
CA ARG CA 339 -11.11 24.24 118.35
C ARG CA 339 -11.92 23.07 118.89
N GLY CA 340 -12.39 23.13 120.14
CA GLY CA 340 -13.06 21.99 120.72
C GLY CA 340 -14.42 21.70 120.10
N ASP CA 341 -15.26 22.74 119.95
CA ASP CA 341 -16.61 22.55 119.43
C ASP CA 341 -16.82 23.11 118.04
N GLY CA 342 -15.95 23.99 117.55
CA GLY CA 342 -16.13 24.62 116.26
C GLY CA 342 -17.10 25.79 116.23
N SER CA 343 -17.37 26.40 117.38
CA SER CA 343 -18.13 27.63 117.40
C SER CA 343 -17.32 28.76 116.76
N THR CA 344 -17.99 29.63 116.02
CA THR CA 344 -17.32 30.70 115.29
C THR CA 344 -17.98 32.04 115.58
N ARG CA 345 -17.15 33.09 115.66
CA ARG CA 345 -17.58 34.43 116.01
C ARG CA 345 -16.96 35.43 115.04
N GLY CA 346 -17.74 36.46 114.69
CA GLY CA 346 -17.24 37.49 113.79
C GLY CA 346 -17.71 38.87 114.19
N HIS CA 347 -16.76 39.79 114.40
CA HIS CA 347 -17.07 41.11 114.96
C HIS CA 347 -16.34 42.20 114.20
N LYS CA 348 -17.09 43.22 113.79
CA LYS CA 348 -16.52 44.45 113.25
C LYS CA 348 -15.39 44.96 114.12
N ALA CA 349 -14.27 45.28 113.50
CA ALA CA 349 -13.09 45.70 114.26
C ALA CA 349 -12.30 46.71 113.44
N THR CA 350 -11.43 47.45 114.13
CA THR CA 350 -10.69 48.54 113.54
C THR CA 350 -9.32 48.65 114.20
N VAL CA 351 -8.28 48.80 113.38
CA VAL CA 351 -6.92 48.99 113.84
C VAL CA 351 -6.46 50.38 113.44
N SER CA 352 -5.86 51.10 114.39
CA SER CA 352 -5.21 52.37 114.10
C SER CA 352 -3.71 52.17 114.12
N THR CA 353 -3.07 52.39 112.97
CA THR CA 353 -1.62 52.27 112.86
C THR CA 353 -0.88 53.47 113.44
N GLY CA 354 -1.56 54.58 113.72
CA GLY CA 354 -0.93 55.71 114.38
C GLY CA 354 -1.06 55.69 115.88
N SER CA 355 -1.90 54.80 116.40
CA SER CA 355 -2.05 54.61 117.84
C SER CA 355 -0.73 54.19 118.48
N VAL CA 356 -0.53 54.62 119.73
CA VAL CA 356 0.67 54.26 120.46
C VAL CA 356 0.70 52.78 120.79
N HIS CA 357 -0.45 52.09 120.69
CA HIS CA 357 -0.55 50.67 120.95
C HIS CA 357 -0.40 49.83 119.68
N PHE CA 358 -0.09 50.45 118.55
CA PHE CA 358 0.28 49.74 117.32
C PHE CA 358 1.79 49.53 117.38
N THR CA 359 2.19 48.38 117.93
CA THR CA 359 3.60 48.02 118.08
C THR CA 359 3.81 46.60 117.56
N PRO CA 360 3.67 46.39 116.25
CA PRO CA 360 3.78 45.02 115.72
C PRO CA 360 5.20 44.48 115.75
N LYS CA 361 6.21 45.34 115.71
CA LYS CA 361 7.59 44.85 115.82
C LYS CA 361 7.84 44.20 117.18
N LEU CA 362 7.14 44.66 118.22
CA LEU CA 362 7.26 44.08 119.54
C LEU CA 362 6.30 42.92 119.77
N GLY CA 363 5.25 42.79 118.95
CA GLY CA 363 4.42 41.61 118.99
C GLY CA 363 2.96 41.83 119.33
N SER CA 364 2.53 43.08 119.45
CA SER CA 364 1.17 43.37 119.88
C SER CA 364 0.56 44.46 119.03
N VAL CA 365 -0.74 44.32 118.74
CA VAL CA 365 -1.52 45.31 118.02
C VAL CA 365 -2.86 45.43 118.74
N GLN CA 366 -3.46 46.63 118.69
CA GLN CA 366 -4.69 46.90 119.42
C GLN CA 366 -5.83 47.17 118.44
N PHE CA 367 -6.94 46.48 118.64
CA PHE CA 367 -8.16 46.67 117.87
C PHE CA 367 -9.24 47.28 118.75
N THR CA 368 -10.17 48.00 118.13
CA THR CA 368 -11.40 48.44 118.78
C THR CA 368 -12.59 47.77 118.10
N THR CA 369 -13.39 47.08 118.90
CA THR CA 369 -14.42 46.17 118.41
C THR CA 369 -15.81 46.70 118.75
N ASP CA 370 -16.82 45.93 118.35
CA ASP CA 370 -18.21 46.25 118.63
C ASP CA 370 -18.81 45.43 119.77
N THR CA 371 -17.99 44.74 120.56
CA THR CA 371 -18.46 44.03 121.74
C THR CA 371 -17.36 43.98 122.79
N ASN CA 372 -17.79 43.83 124.05
CA ASN CA 372 -16.89 43.61 125.17
C ASN CA 372 -16.96 42.15 125.64
N ASN CA 373 -17.74 41.33 124.94
CA ASN CA 373 -17.92 39.91 125.18
C ASN CA 373 -17.68 39.18 123.86
N ASP CA 374 -17.85 37.85 123.88
CA ASP CA 374 -17.83 37.04 122.66
C ASP CA 374 -16.48 37.05 121.95
N LEU CA 375 -15.39 37.22 122.71
CA LEU CA 375 -14.04 37.06 122.14
C LEU CA 375 -13.17 36.31 123.15
N GLU CA 376 -12.90 35.04 122.85
CA GLU CA 376 -12.21 34.16 123.79
C GLU CA 376 -10.77 34.58 123.99
N THR CA 377 -10.18 34.10 125.09
CA THR CA 377 -8.83 34.46 125.50
C THR CA 377 -7.76 33.59 124.87
N GLY CA 378 -8.10 32.35 124.48
CA GLY CA 378 -7.09 31.43 123.98
C GLY CA 378 -7.19 30.95 122.55
N GLN CA 379 -8.21 31.39 121.81
CA GLN CA 379 -8.44 30.86 120.47
C GLN CA 379 -7.77 31.73 119.42
N ASN CA 380 -7.43 31.09 118.29
CA ASN CA 380 -6.78 31.78 117.18
C ASN CA 380 -7.75 32.73 116.49
N THR CA 381 -7.28 33.94 116.19
CA THR CA 381 -8.12 35.01 115.66
C THR CA 381 -7.40 35.69 114.51
N LYS CA 382 -8.16 35.96 113.44
CA LYS CA 382 -7.64 36.54 112.21
C LYS CA 382 -8.37 37.84 111.91
N PHE CA 383 -7.60 38.89 111.65
CA PHE CA 383 -8.16 40.17 111.18
C PHE CA 383 -8.14 40.20 109.66
N THR CA 384 -9.33 40.21 109.06
CA THR CA 384 -9.46 40.35 107.61
C THR CA 384 -9.75 41.80 107.28
N PRO CA 385 -8.86 42.52 106.59
CA PRO CA 385 -9.10 43.94 106.31
C PRO CA 385 -10.13 44.13 105.20
N VAL CA 386 -10.79 45.29 105.25
CA VAL CA 386 -11.85 45.60 104.29
C VAL CA 386 -11.64 46.98 103.68
N GLY CA 387 -11.34 47.97 104.51
CA GLY CA 387 -11.22 49.33 104.01
C GLY CA 387 -10.65 50.26 105.06
N VAL CA 388 -10.64 51.54 104.72
CA VAL CA 388 -10.10 52.59 105.58
C VAL CA 388 -11.22 53.55 105.97
N VAL CA 389 -11.05 54.22 107.11
CA VAL CA 389 -12.05 55.12 107.66
C VAL CA 389 -11.39 56.45 108.04
N GLN CA 390 -12.23 57.46 108.22
CA GLN CA 390 -11.78 58.82 108.51
C GLN CA 390 -12.71 59.45 109.54
N ASP CA 391 -12.12 60.18 110.49
CA ASP CA 391 -12.88 60.93 111.47
C ASP CA 391 -13.52 62.15 110.81
N GLY CA 392 -14.85 62.18 110.74
CA GLY CA 392 -15.57 63.16 109.95
C GLY CA 392 -15.49 64.57 110.47
N ASN CA 393 -15.03 64.78 111.71
CA ASN CA 393 -14.99 66.10 112.30
C ASN CA 393 -13.76 66.90 111.90
N SER CA 394 -12.69 66.24 111.45
CA SER CA 394 -11.48 66.93 111.05
C SER CA 394 -11.53 67.25 109.55
N ALA CA 395 -10.43 67.82 109.04
CA ALA CA 395 -10.37 68.21 107.65
C ALA CA 395 -10.58 67.00 106.74
N HIS CA 396 -11.38 67.19 105.69
CA HIS CA 396 -11.72 66.09 104.80
C HIS CA 396 -10.51 65.62 104.01
N GLN CA 397 -10.36 64.29 103.91
CA GLN CA 397 -9.28 63.63 103.18
C GLN CA 397 -7.91 63.81 103.84
N ASN CA 398 -7.87 63.65 105.17
CA ASN CA 398 -6.65 63.89 105.92
C ASN CA 398 -6.17 62.70 106.75
N GLU CA 399 -6.98 61.64 106.88
CA GLU CA 399 -6.68 60.60 107.86
C GLU CA 399 -5.68 59.58 107.32
N PRO CA 400 -5.93 58.91 106.17
CA PRO CA 400 -4.95 57.92 105.70
C PRO CA 400 -3.80 58.54 104.94
N GLN CA 401 -2.65 58.69 105.58
CA GLN CA 401 -1.47 59.31 104.97
C GLN CA 401 -0.59 58.17 104.46
N GLN CA 402 -0.75 57.83 103.17
CA GLN CA 402 -0.15 56.62 102.64
C GLN CA 402 1.38 56.69 102.64
N TRP CA 403 1.95 57.89 102.57
CA TRP CA 403 3.40 58.05 102.52
C TRP CA 403 4.00 58.41 103.87
N VAL CA 404 3.27 58.19 104.94
CA VAL CA 404 3.78 58.37 106.31
C VAL CA 404 3.88 56.98 106.93
N LEU CA 405 5.09 56.58 107.31
CA LEU CA 405 5.25 55.25 107.85
C LEU CA 405 4.82 55.22 109.31
N PRO CA 406 4.12 54.17 109.73
CA PRO CA 406 3.89 53.95 111.16
C PRO CA 406 5.20 53.70 111.88
N ASN CA 407 5.17 53.82 113.20
CA ASN CA 407 6.32 53.50 114.03
C ASN CA 407 6.17 52.06 114.48
N TYR CA 408 6.88 51.16 113.81
CA TYR CA 408 6.62 49.73 113.94
C TYR CA 408 6.91 49.22 115.34
N SER CA 409 7.73 49.94 116.11
CA SER CA 409 7.96 49.60 117.51
C SER CA 409 7.31 50.61 118.45
N GLY CA 410 6.28 51.30 117.98
CA GLY CA 410 5.63 52.34 118.76
C GLY CA 410 6.61 53.33 119.36
N ARG CA 411 6.33 53.74 120.60
CA ARG CA 411 7.15 54.69 121.32
C ARG CA 411 8.54 54.16 121.65
N THR CA 412 8.72 52.83 121.70
CA THR CA 412 10.01 52.25 122.04
C THR CA 412 10.90 52.27 120.80
N GLY CA 413 12.08 52.89 120.92
CA GLY CA 413 13.01 52.87 119.79
C GLY CA 413 12.42 53.50 118.52
N HIS CA 414 13.11 53.25 117.42
CA HIS CA 414 12.68 53.74 116.12
C HIS CA 414 12.72 52.61 115.10
N ASN CA 415 12.18 52.90 113.92
CA ASN CA 415 12.15 51.94 112.82
C ASN CA 415 13.55 51.57 112.36
N VAL CA 416 13.74 50.30 112.01
CA VAL CA 416 15.03 49.79 111.57
C VAL CA 416 14.82 48.95 110.32
N HIS CA 417 15.93 48.58 109.69
CA HIS CA 417 15.97 47.70 108.51
C HIS CA 417 14.85 48.01 107.52
N LEU CA 418 14.71 49.31 107.22
CA LEU CA 418 13.71 49.76 106.27
C LEU CA 418 14.22 49.60 104.84
N ALA CA 419 13.29 49.38 103.92
CA ALA CA 419 13.63 49.53 102.52
C ALA CA 419 13.91 51.00 102.21
N PRO CA 420 14.87 51.29 101.32
CA PRO CA 420 15.26 52.69 101.10
C PRO CA 420 14.12 53.50 100.53
N ALA CA 421 14.23 54.81 100.69
CA ALA CA 421 13.27 55.70 100.07
C ALA CA 421 13.54 55.80 98.57
N VAL CA 422 12.57 56.33 97.84
CA VAL CA 422 12.56 56.23 96.39
C VAL CA 422 12.18 57.60 95.81
N ALA CA 423 12.97 58.08 94.86
CA ALA CA 423 12.76 59.36 94.22
C ALA CA 423 13.38 59.33 92.83
N PRO CA 424 12.83 60.08 91.88
CA PRO CA 424 13.46 60.17 90.57
C PRO CA 424 14.80 60.88 90.64
N THR CA 425 15.76 60.38 89.84
CA THR CA 425 17.13 60.87 89.88
C THR CA 425 17.54 61.62 88.62
N PHE CA 426 16.84 61.43 87.51
CA PHE CA 426 17.15 61.99 86.20
C PHE CA 426 16.23 63.18 85.89
N PRO CA 427 16.78 64.24 85.32
CA PRO CA 427 15.98 65.44 85.00
C PRO CA 427 14.75 65.12 84.17
N GLY CA 428 13.62 65.68 84.59
CA GLY CA 428 12.37 65.56 83.86
C GLY CA 428 11.52 64.37 84.21
N GLU CA 429 11.96 63.54 85.15
CA GLU CA 429 11.34 62.25 85.42
C GLU CA 429 10.60 62.26 86.75
N GLN CA 430 9.49 61.53 86.80
CA GLN CA 430 8.72 61.33 88.01
C GLN CA 430 8.48 59.85 88.22
N LEU CA 431 8.22 59.47 89.47
CA LEU CA 431 7.83 58.10 89.78
C LEU CA 431 6.55 57.74 89.02
N LEU CA 432 6.44 56.46 88.68
CA LEU CA 432 5.21 55.91 88.12
C LEU CA 432 4.59 54.96 89.13
N PHE CA 433 3.36 55.26 89.56
CA PHE CA 433 2.68 54.51 90.60
C PHE CA 433 1.58 53.68 89.98
N PHE CA 434 1.37 52.49 90.52
CA PHE CA 434 0.22 51.66 90.16
C PHE CA 434 -0.89 51.94 91.17
N ARG CA 435 -1.94 52.62 90.73
CA ARG CA 435 -2.89 53.24 91.65
C ARG CA 435 -4.14 52.39 91.80
N SER CA 436 -4.56 52.24 93.05
CA SER CA 436 -5.72 51.45 93.42
C SER CA 436 -6.53 52.27 94.42
N THR CA 437 -7.83 52.04 94.43
CA THR CA 437 -8.75 52.83 95.25
C THR CA 437 -9.23 51.99 96.41
N MET CA 438 -8.86 52.38 97.63
CA MET CA 438 -9.24 51.62 98.80
C MET CA 438 -10.72 51.82 99.11
N PRO CA 439 -11.43 50.78 99.51
CA PRO CA 439 -12.81 50.97 99.97
C PRO CA 439 -12.87 51.88 101.18
N GLY CA 440 -13.83 52.81 101.17
CA GLY CA 440 -14.12 53.64 102.33
C GLY CA 440 -15.28 53.07 103.12
N CYS CA 441 -15.13 53.07 104.45
CA CYS CA 441 -16.14 52.48 105.33
C CYS CA 441 -16.86 53.49 106.21
N SER CA 442 -16.28 54.67 106.43
CA SER CA 442 -16.88 55.69 107.29
C SER CA 442 -16.05 56.96 107.17
N GLY CA 443 -16.73 58.10 107.09
CA GLY CA 443 -16.05 59.38 107.02
C GLY CA 443 -15.77 59.86 105.61
N TYR CA 444 -14.74 60.70 105.46
CA TYR CA 444 -14.32 61.24 104.17
C TYR CA 444 -12.83 60.95 103.98
N PRO CA 445 -12.46 59.67 103.83
CA PRO CA 445 -11.05 59.31 103.88
C PRO CA 445 -10.33 59.53 102.56
N ASN CA 446 -9.00 59.57 102.67
CA ASN CA 446 -8.12 59.66 101.50
C ASN CA 446 -7.93 58.26 100.94
N MET CA 447 -8.67 57.95 99.88
CA MET CA 447 -8.81 56.57 99.42
C MET CA 447 -7.75 56.16 98.41
N ASN CA 448 -6.82 57.07 98.07
CA ASN CA 448 -5.78 56.79 97.10
C ASN CA 448 -4.72 55.89 97.71
N LEU CA 449 -4.42 54.77 97.05
CA LEU CA 449 -3.28 53.93 97.41
C LEU CA 449 -2.38 53.70 96.20
N ASP CA 450 -1.14 54.18 96.29
CA ASP CA 450 -0.15 54.03 95.24
C ASP CA 450 0.89 53.02 95.70
N CYS CA 451 1.17 52.02 94.86
CA CYS CA 451 2.27 51.10 95.11
C CYS CA 451 3.32 51.18 94.01
N LEU CA 452 4.54 50.76 94.35
CA LEU CA 452 5.67 50.86 93.43
C LEU CA 452 5.71 49.72 92.42
N LEU CA 453 5.26 48.53 92.83
CA LEU CA 453 5.24 47.34 91.98
C LEU CA 453 3.93 46.59 92.24
N PRO CA 454 3.25 46.12 91.18
CA PRO CA 454 2.12 45.22 91.40
C PRO CA 454 2.59 43.94 92.08
N GLN CA 455 1.68 43.35 92.87
CA GLN CA 455 2.04 42.16 93.63
C GLN CA 455 2.46 41.01 92.71
N GLU CA 456 1.80 40.90 91.56
CA GLU CA 456 2.18 39.87 90.59
C GLU CA 456 3.58 40.09 90.04
N TRP CA 457 4.03 41.34 89.96
CA TRP CA 457 5.43 41.58 89.61
C TRP CA 457 6.37 41.11 90.71
N VAL CA 458 5.98 41.29 91.97
CA VAL CA 458 6.78 40.79 93.09
C VAL CA 458 6.90 39.28 93.00
N LEU CA 459 5.77 38.59 92.83
CA LEU CA 459 5.77 37.14 92.66
C LEU CA 459 6.69 36.72 91.52
N HIS CA 460 6.56 37.38 90.37
CA HIS CA 460 7.33 36.98 89.20
C HIS CA 460 8.82 37.16 89.44
N PHE CA 461 9.22 38.33 89.92
CA PHE CA 461 10.64 38.58 90.17
C PHE CA 461 11.21 37.59 91.16
N TYR CA 462 10.44 37.23 92.19
CA TYR CA 462 10.93 36.32 93.22
C TYR CA 462 11.23 34.94 92.65
N GLN CA 463 10.34 34.40 91.82
CA GLN CA 463 10.53 33.03 91.33
C GLN CA 463 11.64 32.97 90.30
N GLU CA 464 11.67 33.91 89.35
CA GLU CA 464 12.73 33.94 88.33
C GLU CA 464 13.83 34.87 88.86
N ALA CA 465 14.85 34.28 89.48
CA ALA CA 465 15.89 35.10 90.12
C ALA CA 465 16.89 35.56 89.06
N ALA CA 466 16.35 36.28 88.07
CA ALA CA 466 17.14 36.68 86.90
C ALA CA 466 18.11 37.79 87.26
N PRO CA 467 19.41 37.59 87.08
CA PRO CA 467 20.37 38.67 87.39
C PRO CA 467 20.15 39.85 86.47
N ALA CA 468 20.24 41.05 87.05
CA ALA CA 468 20.10 42.27 86.28
C ALA CA 468 21.40 42.56 85.54
N GLN CA 469 21.33 42.70 84.22
CA GLN CA 469 22.51 42.97 83.42
C GLN CA 469 22.91 44.44 83.45
N SER CA 470 22.03 45.31 83.93
CA SER CA 470 22.36 46.70 84.22
C SER CA 470 21.31 47.21 85.20
N ASP CA 471 21.43 48.48 85.58
CA ASP CA 471 20.60 48.99 86.66
C ASP CA 471 19.17 49.36 86.24
N VAL CA 472 18.85 49.39 84.95
CA VAL CA 472 17.54 49.82 84.49
C VAL CA 472 17.06 48.92 83.36
N ALA CA 473 15.81 48.48 83.43
CA ALA CA 473 15.16 47.76 82.34
C ALA CA 473 14.20 48.70 81.63
N LEU CA 474 14.43 48.91 80.33
CA LEU CA 474 13.55 49.77 79.54
C LEU CA 474 12.28 49.00 79.19
N LEU CA 475 11.13 49.54 79.60
CA LEU CA 475 9.83 48.97 79.26
C LEU CA 475 9.06 49.95 78.39
N ARG CA 476 8.32 49.41 77.42
CA ARG CA 476 7.40 50.17 76.60
C ARG CA 476 6.00 49.60 76.79
N PHE CA 477 5.02 50.49 76.93
CA PHE CA 477 3.63 50.08 77.14
C PHE CA 477 2.94 50.06 75.79
N VAL CA 478 2.38 48.91 75.42
CA VAL CA 478 1.89 48.68 74.07
C VAL CA 478 0.39 48.37 74.11
N ASN CA 479 -0.35 48.95 73.17
CA ASN CA 479 -1.75 48.62 72.93
C ASN CA 479 -1.78 47.53 71.87
N PRO CA 480 -2.05 46.27 72.24
CA PRO CA 480 -1.92 45.19 71.25
C PRO CA 480 -2.97 45.24 70.15
N ASP CA 481 -4.07 45.96 70.35
CA ASP CA 481 -5.04 46.13 69.27
C ASP CA 481 -4.48 46.99 68.15
N THR CA 482 -3.90 48.14 68.50
CA THR CA 482 -3.40 49.08 67.51
C THR CA 482 -1.93 48.89 67.16
N GLY CA 483 -1.19 48.14 67.97
CA GLY CA 483 0.24 47.97 67.78
C GLY CA 483 1.07 49.15 68.25
N ARG CA 484 0.46 50.20 68.76
CA ARG CA 484 1.16 51.43 69.07
C ARG CA 484 1.77 51.39 70.47
N VAL CA 485 2.90 52.06 70.61
CA VAL CA 485 3.54 52.28 71.91
C VAL CA 485 2.90 53.51 72.55
N LEU CA 486 2.46 53.38 73.80
CA LEU CA 486 1.80 54.49 74.49
C LEU CA 486 2.82 55.36 75.23
N PHE CA 487 3.71 54.74 75.98
CA PHE CA 487 4.78 55.45 76.66
C PHE CA 487 5.92 54.46 76.92
N GLU CA 488 7.08 55.00 77.29
CA GLU CA 488 8.18 54.18 77.76
C GLU CA 488 8.53 54.57 79.18
N CYS CA 489 9.09 53.63 79.92
CA CYS CA 489 9.41 53.86 81.32
C CYS CA 489 10.65 53.06 81.70
N LYS CA 490 11.24 53.44 82.82
CA LYS CA 490 12.47 52.83 83.34
C LYS CA 490 12.13 52.04 84.58
N LEU CA 491 12.39 50.73 84.55
CA LEU CA 491 12.26 49.86 85.71
C LEU CA 491 13.63 49.67 86.36
N HIS CA 492 13.80 50.23 87.55
CA HIS CA 492 15.07 50.15 88.27
C HIS CA 492 15.16 48.83 89.03
N LYS CA 493 16.39 48.34 89.22
CA LYS CA 493 16.57 47.09 89.95
C LYS CA 493 15.92 47.14 91.32
N SER CA 494 15.98 48.30 91.99
CA SER CA 494 15.46 48.48 93.34
C SER CA 494 13.95 48.27 93.42
N GLY CA 495 13.30 48.05 92.28
CA GLY CA 495 11.87 47.84 92.27
C GLY CA 495 11.02 49.09 92.26
N TYR CA 496 11.27 49.99 91.33
CA TYR CA 496 10.37 51.13 91.13
C TYR CA 496 10.49 51.59 89.68
N VAL CA 497 9.45 52.29 89.23
CA VAL CA 497 9.32 52.68 87.83
C VAL CA 497 9.29 54.20 87.74
N THR CA 498 9.86 54.72 86.65
CA THR CA 498 9.91 56.14 86.40
C THR CA 498 9.44 56.43 84.99
N VAL CA 499 8.88 57.63 84.78
CA VAL CA 499 8.47 58.09 83.46
C VAL CA 499 8.88 59.54 83.30
N ALA CA 500 8.85 60.02 82.06
CA ALA CA 500 9.23 61.40 81.73
C ALA CA 500 7.97 62.24 81.64
N HIS CA 501 7.66 62.95 82.72
CA HIS CA 501 6.49 63.81 82.78
C HIS CA 501 6.68 64.79 83.93
N THR CA 502 5.96 65.90 83.86
CA THR CA 502 5.97 66.91 84.92
C THR CA 502 4.53 67.27 85.27
N GLY CA 503 4.19 67.13 86.54
CA GLY CA 503 2.84 67.38 87.01
C GLY CA 503 2.05 66.10 87.24
N PRO CA 504 1.01 66.18 88.06
CA PRO CA 504 0.17 65.00 88.30
C PRO CA 504 -0.68 64.68 87.09
N HIS CA 505 -0.91 63.38 86.88
CA HIS CA 505 -1.64 62.92 85.71
C HIS CA 505 -2.07 61.46 85.85
N ASP CA 506 -3.37 61.20 85.68
CA ASP CA 506 -3.86 59.85 85.50
C ASP CA 506 -3.68 59.43 84.05
N LEU CA 507 -3.06 58.27 83.83
CA LEU CA 507 -2.76 57.85 82.47
C LEU CA 507 -4.02 57.32 81.79
N VAL CA 508 -4.13 57.60 80.49
CA VAL CA 508 -5.25 57.15 79.67
C VAL CA 508 -4.78 55.86 79.02
N ILE CA 509 -5.23 54.72 79.54
CA ILE CA 509 -4.62 53.43 79.24
C ILE CA 509 -5.69 52.55 78.61
N PRO CA 510 -5.42 51.93 77.46
CA PRO CA 510 -6.32 50.90 76.92
C PRO CA 510 -6.41 49.70 77.85
N PRO CA 511 -7.60 49.12 77.98
CA PRO CA 511 -7.77 47.99 78.90
C PRO CA 511 -6.90 46.78 78.57
N ASN CA 512 -6.40 46.66 77.33
CA ASN CA 512 -5.57 45.54 76.93
C ASN CA 512 -4.08 45.86 76.94
N GLY CA 513 -3.68 47.03 77.42
CA GLY CA 513 -2.28 47.41 77.33
C GLY CA 513 -1.39 46.62 78.28
N TYR CA 514 -0.19 46.32 77.81
CA TYR CA 514 0.77 45.50 78.55
C TYR CA 514 2.15 46.14 78.46
N PHE CA 515 3.01 45.78 79.42
CA PHE CA 515 4.39 46.24 79.45
C PHE CA 515 5.28 45.27 78.68
N ARG CA 516 6.17 45.81 77.86
CA ARG CA 516 7.06 45.02 77.03
C ARG CA 516 8.51 45.39 77.33
N PHE CA 517 9.32 44.39 77.65
CA PHE CA 517 10.73 44.61 77.93
C PHE CA 517 11.48 44.70 76.61
N ASP CA 518 12.19 45.80 76.39
CA ASP CA 518 12.82 46.07 75.10
C ASP CA 518 14.35 46.09 75.14
N SER CA 519 14.96 46.52 76.24
CA SER CA 519 16.42 46.62 76.29
C SER CA 519 16.86 46.93 77.71
N TRP CA 520 18.04 46.47 78.07
CA TRP CA 520 18.73 46.96 79.25
C TRP CA 520 19.36 48.32 78.96
N VAL CA 521 19.20 49.24 79.90
CA VAL CA 521 19.73 50.59 79.81
C VAL CA 521 20.26 50.96 81.19
N ASN CA 522 20.88 52.13 81.31
CA ASN CA 522 21.26 52.58 82.62
C ASN CA 522 20.45 53.80 83.06
N GLN CA 523 20.90 54.41 84.15
CA GLN CA 523 20.20 55.51 84.80
C GLN CA 523 20.17 56.78 83.95
N PHE CA 524 21.00 56.86 82.92
CA PHE CA 524 21.09 58.04 82.07
C PHE CA 524 20.24 57.98 80.81
N TYR CA 525 19.49 56.89 80.60
CA TYR CA 525 18.60 56.82 79.45
C TYR CA 525 17.56 57.93 79.52
N THR CA 526 17.31 58.57 78.38
CA THR CA 526 16.33 59.64 78.28
C THR CA 526 15.05 59.10 77.67
N LEU CA 527 13.95 59.17 78.43
CA LEU CA 527 12.70 58.59 78.01
C LEU CA 527 11.96 59.54 77.07
N ALA CA 528 11.23 58.95 76.13
CA ALA CA 528 10.44 59.76 75.23
C ALA CA 528 9.36 60.50 76.02
N PRO CA 529 9.13 61.78 75.71
CA PRO CA 529 8.12 62.55 76.48
C PRO CA 529 6.73 61.97 76.29
N MET CA 530 6.12 61.55 77.41
CA MET CA 530 4.92 60.74 77.42
C MET CA 530 3.63 61.54 77.59
N GLY CA 531 3.62 62.54 78.47
CA GLY CA 531 2.35 63.10 78.92
C GLY CA 531 1.71 63.95 77.85
N ASN CA 532 0.37 63.90 77.81
CA ASN CA 532 -0.44 64.71 76.91
C ASN CA 532 -0.05 64.51 75.45
N ASN DA 24 76.12 22.02 95.32
CA ASN DA 24 76.91 23.09 94.72
C ASN DA 24 76.18 24.43 94.75
N GLU DA 25 76.44 25.28 93.76
CA GLU DA 25 75.96 26.65 93.76
C GLU DA 25 74.74 26.86 92.87
N VAL DA 26 74.06 25.79 92.46
CA VAL DA 26 73.01 25.86 91.46
C VAL DA 26 71.71 25.39 92.09
N MET DA 27 70.64 26.16 91.89
CA MET DA 27 69.33 25.81 92.42
C MET DA 27 68.57 24.95 91.40
N ALA DA 28 68.13 23.78 91.84
CA ALA DA 28 67.55 22.75 90.96
C ALA DA 28 66.11 23.09 90.61
N LEU DA 29 65.96 24.15 89.81
CA LEU DA 29 64.65 24.56 89.33
C LEU DA 29 64.62 24.48 87.81
N GLU DA 30 63.48 24.09 87.28
CA GLU DA 30 63.26 24.15 85.85
C GLU DA 30 63.09 25.60 85.42
N PRO DA 31 63.34 25.90 84.14
CA PRO DA 31 62.98 27.23 83.64
C PRO DA 31 61.48 27.45 83.73
N VAL DA 32 61.08 28.70 83.93
CA VAL DA 32 59.68 29.07 84.08
C VAL DA 32 59.42 30.29 83.21
N VAL DA 33 58.45 30.16 82.30
CA VAL DA 33 58.16 31.22 81.35
C VAL DA 33 57.52 32.39 82.06
N GLY DA 34 57.89 33.60 81.63
CA GLY DA 34 57.31 34.82 82.18
C GLY DA 34 56.12 35.31 81.39
N ALA DA 35 56.17 36.56 80.95
CA ALA DA 35 55.02 37.17 80.28
C ALA DA 35 54.87 36.72 78.83
N ALA DA 36 55.86 36.01 78.28
CA ALA DA 36 55.73 35.51 76.92
C ALA DA 36 54.52 34.61 76.77
N ILE DA 37 54.29 33.72 77.75
CA ILE DA 37 53.15 32.82 77.68
C ILE DA 37 51.84 33.57 77.68
N ALA DA 38 51.82 34.79 78.22
CA ALA DA 38 50.58 35.55 78.36
C ALA DA 38 50.22 36.34 77.10
N ALA DA 39 51.13 36.42 76.14
CA ALA DA 39 50.93 37.29 74.98
C ALA DA 39 49.62 37.02 74.25
N PRO DA 40 49.20 35.77 73.98
CA PRO DA 40 47.93 35.55 73.27
C PRO DA 40 46.70 35.98 74.06
N VAL DA 41 46.78 36.15 75.38
CA VAL DA 41 45.62 36.51 76.18
C VAL DA 41 45.76 37.85 76.86
N ALA DA 42 46.93 38.48 76.83
CA ALA DA 42 47.04 39.85 77.32
C ALA DA 42 46.55 40.82 76.27
N GLY DA 43 46.06 41.98 76.74
CA GLY DA 43 45.59 42.98 75.80
C GLY DA 43 46.68 43.63 74.98
N GLN DA 44 47.87 43.79 75.56
CA GLN DA 44 48.90 44.62 74.94
C GLN DA 44 50.28 44.16 75.41
N GLN DA 45 51.31 44.68 74.75
CA GLN DA 45 52.69 44.38 75.07
C GLN DA 45 53.37 45.62 75.65
N ASN DA 46 54.29 45.41 76.59
CA ASN DA 46 54.89 46.54 77.31
C ASN DA 46 56.39 46.37 77.42
N VAL DA 47 57.04 47.44 77.85
CA VAL DA 47 58.49 47.53 77.93
C VAL DA 47 58.85 48.20 79.26
N ILE DA 48 59.89 47.66 79.91
CA ILE DA 48 60.44 48.21 81.13
C ILE DA 48 61.78 48.85 80.79
N ASP DA 49 62.05 50.01 81.38
CA ASP DA 49 63.31 50.70 81.17
C ASP DA 49 64.49 49.76 81.42
N PRO DA 50 65.34 49.53 80.43
CA PRO DA 50 66.40 48.51 80.57
C PRO DA 50 67.35 48.72 81.74
N TRP DA 51 67.55 49.95 82.22
CA TRP DA 51 68.43 50.13 83.37
C TRP DA 51 67.89 49.40 84.59
N ILE DA 52 66.57 49.38 84.76
CA ILE DA 52 65.98 48.64 85.87
C ILE DA 52 66.28 47.16 85.74
N ARG DA 53 66.34 46.65 84.51
CA ARG DA 53 66.61 45.24 84.28
C ARG DA 53 68.05 44.84 84.57
N ASN DA 54 68.99 45.78 84.48
CA ASN DA 54 70.41 45.45 84.54
C ASN DA 54 71.08 45.80 85.86
N ASN DA 55 70.32 46.24 86.86
CA ASN DA 55 70.90 46.75 88.11
C ASN DA 55 70.18 46.15 89.30
N PHE DA 56 70.93 45.47 90.16
CA PHE DA 56 70.37 44.92 91.38
C PHE DA 56 70.04 46.03 92.37
N VAL DA 57 68.90 45.89 93.04
CA VAL DA 57 68.40 46.91 93.96
C VAL DA 57 67.96 46.20 95.24
N GLN DA 58 68.25 46.82 96.38
CA GLN DA 58 67.96 46.20 97.67
C GLN DA 58 66.47 46.27 97.98
N ALA DA 59 65.88 45.14 98.34
CA ALA DA 59 64.54 45.16 98.88
C ALA DA 59 64.56 45.93 100.20
N PRO DA 60 63.49 46.65 100.53
CA PRO DA 60 63.54 47.47 101.76
C PRO DA 60 63.81 46.67 103.02
N GLY DA 61 63.31 45.45 103.10
CA GLY DA 61 63.58 44.58 104.24
C GLY DA 61 64.62 43.52 103.96
N GLY DA 62 65.43 43.71 102.92
CA GLY DA 62 66.36 42.66 102.50
C GLY DA 62 67.68 42.65 103.24
N GLU DA 63 67.61 42.69 104.56
CA GLU DA 63 68.76 42.60 105.43
C GLU DA 63 68.53 41.52 106.48
N PHE DA 64 69.55 40.73 106.77
CA PHE DA 64 69.50 39.83 107.92
C PHE DA 64 70.91 39.58 108.40
N THR DA 65 71.01 38.97 109.59
CA THR DA 65 72.28 38.80 110.28
C THR DA 65 72.39 37.38 110.80
N VAL DA 66 73.56 36.78 110.57
CA VAL DA 66 73.92 35.50 111.16
C VAL DA 66 74.77 35.76 112.39
N SER DA 67 74.27 35.34 113.54
CA SER DA 67 74.93 35.53 114.81
C SER DA 67 75.20 34.18 115.46
N PRO DA 68 76.14 34.11 116.42
CA PRO DA 68 76.41 32.83 117.07
C PRO DA 68 75.27 32.32 117.93
N ARG DA 69 74.32 33.18 118.32
CA ARG DA 69 73.13 32.70 119.01
C ARG DA 69 72.23 31.88 118.10
N ASN DA 70 72.33 32.07 116.79
CA ASN DA 70 71.41 31.40 115.87
C ASN DA 70 71.72 29.90 115.81
N ALA DA 71 70.65 29.11 115.74
CA ALA DA 71 70.69 27.66 115.76
C ALA DA 71 70.06 27.10 114.49
N PRO DA 72 70.41 25.89 114.09
CA PRO DA 72 69.85 25.33 112.84
C PRO DA 72 68.33 25.30 112.87
N GLY DA 73 67.73 25.64 111.73
CA GLY DA 73 66.29 25.68 111.60
C GLY DA 73 65.68 27.06 111.70
N GLU DA 74 66.39 28.02 112.28
CA GLU DA 74 65.88 29.38 112.40
C GLU DA 74 65.82 30.04 111.03
N ILE DA 75 64.63 30.51 110.66
CA ILE DA 75 64.42 31.22 109.40
C ILE DA 75 64.93 32.65 109.57
N LEU DA 76 66.07 32.96 108.96
CA LEU DA 76 66.64 34.30 109.11
C LEU DA 76 65.98 35.36 108.22
N TRP DA 77 65.38 34.97 107.10
CA TRP DA 77 64.84 35.95 106.16
C TRP DA 77 63.92 35.25 105.18
N SER DA 78 62.88 35.96 104.73
CA SER DA 78 61.97 35.41 103.75
C SER DA 78 61.33 36.53 102.94
N ALA DA 79 60.94 36.22 101.70
CA ALA DA 79 60.27 37.19 100.84
C ALA DA 79 59.49 36.46 99.76
N PRO DA 80 58.30 36.94 99.40
CA PRO DA 80 57.60 36.39 98.24
C PRO DA 80 57.93 37.15 96.96
N LEU DA 81 57.91 36.42 95.84
CA LEU DA 81 58.14 37.05 94.55
C LEU DA 81 57.03 38.06 94.24
N GLY DA 82 57.42 39.24 93.78
CA GLY DA 82 56.46 40.28 93.48
C GLY DA 82 57.11 41.65 93.33
N PRO DA 83 56.41 42.57 92.68
CA PRO DA 83 56.99 43.90 92.43
C PRO DA 83 57.43 44.65 93.67
N ASP DA 84 56.94 44.28 94.85
CA ASP DA 84 57.26 45.02 96.07
C ASP DA 84 58.73 44.87 96.46
N LEU DA 85 59.41 43.84 95.95
CA LEU DA 85 60.82 43.66 96.24
C LEU DA 85 61.67 44.78 95.64
N ASN DA 86 61.30 45.24 94.45
CA ASN DA 86 62.07 46.25 93.74
C ASN DA 86 61.32 47.57 93.76
N PRO DA 87 61.82 48.60 94.44
CA PRO DA 87 61.07 49.87 94.51
C PRO DA 87 60.76 50.46 93.15
N TYR DA 88 61.59 50.21 92.14
CA TYR DA 88 61.28 50.69 90.80
C TYR DA 88 60.05 49.98 90.25
N LEU DA 89 60.04 48.64 90.30
CA LEU DA 89 58.88 47.91 89.81
C LEU DA 89 57.64 48.21 90.62
N SER DA 90 57.80 48.43 91.93
CA SER DA 90 56.66 48.75 92.79
C SER DA 90 56.00 50.04 92.34
N HIS DA 91 56.81 51.04 91.98
CA HIS DA 91 56.25 52.29 91.47
C HIS DA 91 55.61 52.09 90.10
N LEU DA 92 56.25 51.31 89.22
CA LEU DA 92 55.66 51.03 87.93
C LEU DA 92 54.32 50.34 88.06
N ALA DA 93 54.20 49.41 89.00
CA ALA DA 93 52.98 48.61 89.12
C ALA DA 93 51.75 49.47 89.38
N ARG DA 94 51.93 50.66 89.95
CA ARG DA 94 50.82 51.57 90.18
C ARG DA 94 50.18 52.07 88.89
N MET DA 95 50.80 51.81 87.74
CA MET DA 95 50.24 52.22 86.45
C MET DA 95 49.97 51.02 85.54
N TYR DA 96 50.09 49.79 86.04
CA TYR DA 96 49.84 48.59 85.28
C TYR DA 96 48.81 47.71 85.98
N ASN DA 97 48.17 46.85 85.20
CA ASN DA 97 47.10 45.98 85.69
C ASN DA 97 47.59 44.62 86.17
N GLY DA 98 48.70 44.14 85.63
CA GLY DA 98 49.23 42.87 86.05
C GLY DA 98 50.69 42.71 85.66
N TYR DA 99 51.20 41.50 85.90
CA TYR DA 99 52.60 41.19 85.65
C TYR DA 99 52.75 39.68 85.56
N ALA DA 100 53.93 39.25 85.09
CA ALA DA 100 54.30 37.84 85.04
C ALA DA 100 55.80 37.75 84.83
N GLY DA 101 56.40 36.75 85.44
CA GLY DA 101 57.82 36.49 85.30
C GLY DA 101 58.55 36.64 86.62
N GLY DA 102 59.82 36.27 86.59
CA GLY DA 102 60.62 36.10 87.78
C GLY DA 102 61.72 37.15 87.91
N PHE DA 103 62.49 36.99 89.00
CA PHE DA 103 63.57 37.90 89.35
C PHE DA 103 64.88 37.10 89.45
N GLU DA 104 65.98 37.82 89.37
CA GLU DA 104 67.28 37.30 89.81
C GLU DA 104 67.62 37.96 91.13
N VAL DA 105 67.90 37.14 92.14
CA VAL DA 105 68.18 37.62 93.49
C VAL DA 105 69.67 37.54 93.75
N GLN DA 106 70.22 38.59 94.34
CA GLN DA 106 71.62 38.66 94.70
C GLN DA 106 71.72 38.84 96.21
N VAL DA 107 72.46 37.96 96.88
CA VAL DA 107 72.64 38.02 98.32
C VAL DA 107 74.13 38.18 98.60
N ILE DA 108 74.46 39.12 99.49
CA ILE DA 108 75.82 39.51 99.80
C ILE DA 108 76.12 39.11 101.23
N LEU DA 109 77.24 38.42 101.43
CA LEU DA 109 77.62 37.86 102.72
C LEU DA 109 78.87 38.56 103.20
N ALA DA 110 78.82 39.14 104.40
CA ALA DA 110 79.92 39.94 104.94
C ALA DA 110 80.68 39.12 105.99
N GLY DA 111 81.45 38.16 105.50
CA GLY DA 111 82.30 37.34 106.33
C GLY DA 111 83.77 37.59 106.08
N ASN DA 112 84.59 36.67 106.59
CA ASN DA 112 86.02 36.65 106.31
C ASN DA 112 86.52 35.21 106.41
N ALA DA 113 87.78 35.02 106.04
CA ALA DA 113 88.33 33.67 105.90
C ALA DA 113 88.43 32.91 107.22
N PHE DA 114 88.31 33.59 108.36
CA PHE DA 114 88.45 32.95 109.67
C PHE DA 114 87.12 32.53 110.28
N THR DA 115 86.08 32.36 109.48
CA THR DA 115 84.73 32.00 109.95
C THR DA 115 84.36 30.61 109.44
N ALA DA 116 83.27 30.07 110.01
CA ALA DA 116 82.67 28.84 109.52
C ALA DA 116 81.16 28.92 109.73
N GLY DA 117 80.43 28.19 108.90
CA GLY DA 117 78.97 28.10 109.01
C GLY DA 117 78.32 28.09 107.64
N LYS DA 118 77.14 27.49 107.57
CA LYS DA 118 76.42 27.33 106.31
C LYS DA 118 75.02 27.93 106.40
N ILE DA 119 74.58 28.54 105.31
CA ILE DA 119 73.23 29.05 105.14
C ILE DA 119 72.58 28.30 103.98
N ILE DA 120 71.30 27.93 104.14
CA ILE DA 120 70.51 27.39 103.04
C ILE DA 120 69.55 28.46 102.53
N PHE DA 121 69.54 28.66 101.22
CA PHE DA 121 68.50 29.41 100.54
C PHE DA 121 67.63 28.40 99.80
N ALA DA 122 66.31 28.53 99.96
CA ALA DA 122 65.41 27.54 99.37
C ALA DA 122 64.20 28.21 98.76
N ALA DA 123 63.76 27.65 97.63
CA ALA DA 123 62.59 28.11 96.91
C ALA DA 123 61.38 27.29 97.37
N VAL DA 124 60.43 27.94 98.01
CA VAL DA 124 59.22 27.30 98.49
C VAL DA 124 58.09 27.62 97.52
N PRO DA 125 57.37 26.62 97.00
CA PRO DA 125 56.43 26.86 95.92
C PRO DA 125 55.15 27.49 96.44
N PRO DA 126 54.32 28.05 95.55
CA PRO DA 126 53.12 28.75 96.00
C PRO DA 126 52.20 27.84 96.81
N ASN DA 127 51.54 28.44 97.81
CA ASN DA 127 50.56 27.81 98.68
C ASN DA 127 51.15 26.73 99.58
N PHE DA 128 52.45 26.68 99.73
CA PHE DA 128 52.96 25.75 100.74
C PHE DA 128 53.38 26.51 101.98
N PRO DA 129 52.99 26.07 103.17
CA PRO DA 129 53.34 26.81 104.39
C PRO DA 129 54.80 26.67 104.74
N THR DA 130 55.44 27.82 105.04
CA THR DA 130 56.81 27.87 105.54
C THR DA 130 56.87 27.64 107.05
N GLU DA 131 55.72 27.67 107.72
CA GLU DA 131 55.64 27.86 109.17
C GLU DA 131 55.86 26.51 109.87
N GLY DA 132 57.05 26.32 110.43
CA GLY DA 132 57.33 25.14 111.22
C GLY DA 132 58.36 24.19 110.66
N LEU DA 133 59.03 24.52 109.56
CA LEU DA 133 59.92 23.58 108.89
C LEU DA 133 61.12 23.26 109.76
N SER DA 134 61.55 22.00 109.72
CA SER DA 134 62.81 21.56 110.30
C SER DA 134 63.94 21.74 109.29
N PRO DA 135 65.20 21.80 109.74
CA PRO DA 135 66.30 21.97 108.78
C PRO DA 135 66.39 20.85 107.75
N SER DA 136 66.24 19.60 108.19
CA SER DA 136 66.15 18.48 107.26
C SER DA 136 65.13 18.76 106.15
N GLN DA 137 63.93 19.19 106.53
CA GLN DA 137 62.84 19.34 105.57
C GLN DA 137 63.13 20.45 104.56
N VAL DA 138 63.71 21.55 105.01
CA VAL DA 138 63.98 22.67 104.10
C VAL DA 138 64.92 22.22 102.99
N THR DA 139 65.83 21.30 103.29
CA THR DA 139 66.71 20.72 102.28
C THR DA 139 65.94 20.02 101.17
N MET DA 140 64.67 19.69 101.40
CA MET DA 140 63.89 18.95 100.41
C MET DA 140 63.26 19.84 99.35
N PHE DA 141 63.34 21.17 99.50
CA PHE DA 141 62.95 22.09 98.43
C PHE DA 141 64.13 22.26 97.48
N PRO DA 142 63.91 22.83 96.30
CA PRO DA 142 65.06 23.31 95.51
C PRO DA 142 65.84 24.29 96.37
N HIS DA 143 67.15 24.08 96.48
CA HIS DA 143 67.90 24.82 97.48
C HIS DA 143 69.36 24.97 97.08
N ILE DA 144 70.03 25.86 97.80
CA ILE DA 144 71.45 26.14 97.66
C ILE DA 144 72.02 26.23 99.07
N ILE DA 145 73.21 25.67 99.27
CA ILE DA 145 73.90 25.72 100.55
C ILE DA 145 75.13 26.61 100.39
N VAL DA 146 75.16 27.71 101.13
CA VAL DA 146 76.15 28.76 100.96
C VAL DA 146 77.00 28.84 102.21
N ASP DA 147 78.32 28.90 102.01
CA ASP DA 147 79.26 28.98 103.13
C ASP DA 147 79.44 30.43 103.55
N VAL DA 148 79.50 30.64 104.87
CA VAL DA 148 79.61 31.99 105.42
C VAL DA 148 80.86 32.71 104.93
N ARG DA 149 81.84 31.96 104.44
CA ARG DA 149 83.08 32.56 103.95
C ARG DA 149 82.98 33.02 102.50
N GLN DA 150 81.84 32.84 101.84
CA GLN DA 150 81.75 33.16 100.42
C GLN DA 150 81.91 34.67 100.19
N LEU DA 151 82.80 35.04 99.27
CA LEU DA 151 83.04 36.44 98.95
C LEU DA 151 82.18 36.93 97.78
N GLU DA 152 82.15 36.16 96.69
CA GLU DA 152 81.36 36.56 95.53
C GLU DA 152 79.87 36.47 95.87
N PRO DA 153 79.07 37.44 95.44
CA PRO DA 153 77.64 37.39 95.76
C PRO DA 153 77.02 36.13 95.17
N VAL DA 154 75.97 35.65 95.82
CA VAL DA 154 75.27 34.48 95.36
C VAL DA 154 74.13 34.93 94.45
N LEU DA 155 74.01 34.29 93.30
CA LEU DA 155 72.96 34.62 92.33
C LEU DA 155 71.94 33.49 92.35
N ILE DA 156 70.70 33.84 92.70
CA ILE DA 156 69.61 32.88 92.81
C ILE DA 156 68.53 33.29 91.83
N PRO DA 157 68.15 32.43 90.87
CA PRO DA 157 66.99 32.73 90.04
C PRO DA 157 65.72 32.39 90.81
N LEU DA 158 64.76 33.30 90.77
CA LEU DA 158 63.51 33.16 91.50
C LEU DA 158 62.39 33.17 90.47
N PRO DA 159 61.98 32.00 89.99
CA PRO DA 159 61.00 31.94 88.90
C PRO DA 159 59.57 32.06 89.41
N ASP DA 160 58.70 32.53 88.51
CA ASP DA 160 57.31 32.84 88.84
C ASP DA 160 56.44 31.60 88.62
N VAL DA 161 56.69 30.59 89.46
CA VAL DA 161 55.84 29.40 89.48
C VAL DA 161 54.40 29.81 89.75
N ARG DA 162 53.48 29.28 88.96
CA ARG DA 162 52.08 29.68 88.98
C ARG DA 162 51.28 28.69 88.15
N ASN DA 163 49.96 28.80 88.24
CA ASN DA 163 49.07 27.96 87.44
C ASN DA 163 48.16 28.78 86.53
N ASN DA 164 48.49 30.05 86.29
CA ASN DA 164 47.74 30.88 85.35
C ASN DA 164 48.72 31.60 84.42
N PHE DA 165 48.15 32.31 83.45
CA PHE DA 165 48.98 32.96 82.43
C PHE DA 165 49.78 34.12 83.02
N TYR DA 166 49.19 34.86 83.95
CA TYR DA 166 49.86 36.00 84.59
C TYR DA 166 49.06 36.36 85.83
N HIS DA 167 49.57 37.34 86.56
CA HIS DA 167 48.96 37.78 87.82
C HIS DA 167 48.32 39.15 87.63
N TYR DA 168 47.16 39.35 88.25
CA TYR DA 168 46.57 40.68 88.33
C TYR DA 168 47.04 41.34 89.61
N ASN DA 169 47.27 42.65 89.54
CA ASN DA 169 47.67 43.39 90.74
C ASN DA 169 46.62 43.28 91.84
N GLN DA 170 45.34 43.35 91.46
CA GLN DA 170 44.24 43.39 92.42
C GLN DA 170 43.86 42.03 93.00
N SER DA 171 44.43 40.92 92.51
CA SER DA 171 43.98 39.61 92.96
C SER DA 171 44.90 38.97 94.01
N ASN DA 172 46.10 39.51 94.22
CA ASN DA 172 47.00 39.03 95.27
C ASN DA 172 47.17 37.51 95.25
N ASP DA 173 47.53 36.99 94.07
CA ASP DA 173 47.85 35.56 93.96
C ASP DA 173 49.04 35.21 94.84
N PRO DA 174 49.11 33.97 95.34
CA PRO DA 174 50.29 33.55 96.08
C PRO DA 174 51.43 33.28 95.11
N THR DA 175 52.65 33.49 95.59
CA THR DA 175 53.81 33.31 94.75
C THR DA 175 54.88 32.47 95.44
N ILE DA 176 55.91 32.14 94.67
CA ILE DA 176 57.08 31.47 95.19
C ILE DA 176 57.73 32.33 96.27
N LYS DA 177 58.33 31.67 97.27
CA LYS DA 177 59.01 32.35 98.37
C LYS DA 177 60.46 31.90 98.42
N LEU DA 178 61.35 32.86 98.72
CA LEU DA 178 62.75 32.57 98.95
C LEU DA 178 62.97 32.59 100.46
N ILE DA 179 63.61 31.54 100.98
CA ILE DA 179 63.78 31.35 102.41
C ILE DA 179 65.27 31.30 102.71
N ALA DA 180 65.70 31.97 103.78
CA ALA DA 180 67.07 31.87 104.26
C ALA DA 180 67.02 31.24 105.64
N MET DA 181 67.73 30.13 105.81
CA MET DA 181 67.74 29.43 107.08
C MET DA 181 69.16 29.10 107.49
N LEU DA 182 69.43 29.15 108.79
CA LEU DA 182 70.73 28.76 109.30
C LEU DA 182 70.88 27.24 109.22
N TYR DA 183 71.85 26.77 108.45
CA TYR DA 183 72.05 25.33 108.30
C TYR DA 183 73.12 24.80 109.26
N THR DA 184 74.21 25.54 109.42
CA THR DA 184 75.28 25.21 110.34
C THR DA 184 75.56 26.43 111.20
N PRO DA 185 75.77 26.25 112.51
CA PRO DA 185 76.02 27.42 113.37
C PRO DA 185 77.29 28.14 112.98
N LEU DA 186 77.31 29.44 113.26
CA LEU DA 186 78.47 30.28 112.95
C LEU DA 186 79.54 30.09 114.03
N ARG DA 187 80.73 29.67 113.61
CA ARG DA 187 81.85 29.51 114.52
C ARG DA 187 82.93 30.51 114.15
N ALA DA 188 83.22 31.42 115.07
CA ALA DA 188 84.27 32.42 114.83
C ALA DA 188 84.65 33.05 116.16
N ASN DA 189 85.91 33.50 116.23
CA ASN DA 189 86.36 34.31 117.37
C ASN DA 189 85.56 35.61 117.42
N ASN DA 190 85.62 36.27 118.58
CA ASN DA 190 85.14 37.64 118.69
C ASN DA 190 86.34 38.59 118.82
N ALA DA 191 86.05 39.85 119.17
CA ALA DA 191 87.08 40.88 119.27
C ALA DA 191 86.79 41.72 120.51
N GLY DA 192 87.37 41.33 121.64
CA GLY DA 192 87.01 41.98 122.89
C GLY DA 192 85.54 41.76 123.18
N ASP DA 193 84.85 42.86 123.51
CA ASP DA 193 83.43 42.80 123.85
C ASP DA 193 82.53 42.82 122.61
N ASP DA 194 83.10 42.90 121.42
CA ASP DA 194 82.33 42.90 120.19
C ASP DA 194 82.15 41.47 119.71
N VAL DA 195 80.89 41.05 119.59
CA VAL DA 195 80.59 39.70 119.11
C VAL DA 195 80.55 39.72 117.59
N PHE DA 196 81.30 38.81 116.97
CA PHE DA 196 81.37 38.78 115.52
C PHE DA 196 80.06 38.25 114.93
N THR DA 197 79.55 38.93 113.92
CA THR DA 197 78.37 38.49 113.18
C THR DA 197 78.62 38.67 111.69
N VAL DA 198 77.89 37.88 110.90
CA VAL DA 198 77.91 38.00 109.45
C VAL DA 198 76.62 38.70 109.02
N SER DA 199 76.75 39.95 108.58
CA SER DA 199 75.61 40.70 108.07
C SER DA 199 75.38 40.37 106.60
N CYS DA 200 74.11 40.22 106.24
CA CYS DA 200 73.74 39.83 104.89
C CYS DA 200 72.76 40.82 104.29
N ARG DA 201 72.86 41.00 102.97
CA ARG DA 201 72.00 41.90 102.23
C ARG DA 201 71.42 41.16 101.03
N VAL DA 202 70.15 41.42 100.74
CA VAL DA 202 69.44 40.79 99.63
C VAL DA 202 69.16 41.86 98.59
N LEU DA 203 69.62 41.61 97.37
CA LEU DA 203 69.43 42.48 96.23
C LEU DA 203 68.60 41.75 95.18
N THR DA 204 67.93 42.51 94.32
CA THR DA 204 67.05 41.90 93.34
C THR DA 204 67.07 42.73 92.06
N ARG DA 205 66.66 42.09 90.96
CA ARG DA 205 66.40 42.77 89.70
C ARG DA 205 65.55 41.84 88.86
N PRO DA 206 64.72 42.39 87.96
CA PRO DA 206 63.80 41.52 87.22
C PRO DA 206 64.55 40.66 86.21
N SER DA 207 64.16 39.40 86.11
CA SER DA 207 64.65 38.53 85.05
C SER DA 207 64.18 39.06 83.69
N PRO DA 208 64.80 38.59 82.60
CA PRO DA 208 64.33 39.04 81.28
C PRO DA 208 62.90 38.66 80.95
N ASP DA 209 62.38 37.58 81.54
CA ASP DA 209 60.99 37.19 81.24
C ASP DA 209 59.97 37.93 82.09
N PHE DA 210 60.39 38.75 83.04
CA PHE DA 210 59.43 39.57 83.78
C PHE DA 210 58.96 40.73 82.92
N ASP DA 211 57.68 41.04 83.01
CA ASP DA 211 57.14 42.20 82.30
C ASP DA 211 55.80 42.57 82.93
N PHE DA 212 55.45 43.85 82.84
CA PHE DA 212 54.13 44.28 83.24
C PHE DA 212 53.18 44.06 82.06
N ILE DA 213 51.88 44.13 82.29
CA ILE DA 213 50.93 43.59 81.31
C ILE DA 213 50.06 44.69 80.67
N PHE DA 214 49.28 45.43 81.46
CA PHE DA 214 48.32 46.36 80.86
C PHE DA 214 48.43 47.76 81.47
N LEU DA 215 48.72 48.76 80.65
CA LEU DA 215 48.76 50.14 81.13
C LEU DA 215 47.38 50.57 81.61
N VAL DA 216 47.33 51.17 82.79
CA VAL DA 216 46.08 51.61 83.41
C VAL DA 216 46.32 52.95 84.09
N PRO DA 217 45.26 53.70 84.34
CA PRO DA 217 45.42 55.00 84.99
C PRO DA 217 46.20 54.86 86.28
N PRO DA 218 47.23 55.68 86.46
CA PRO DA 218 48.14 55.49 87.59
C PRO DA 218 47.48 55.77 88.93
N THR DA 219 47.91 54.99 89.92
CA THR DA 219 47.51 55.10 91.33
C THR DA 219 46.02 54.95 91.56
N VAL DA 220 45.27 54.36 90.63
CA VAL DA 220 43.85 54.13 90.85
C VAL DA 220 43.60 52.80 91.56
N GLU DA 221 44.24 51.73 91.09
CA GLU DA 221 44.02 50.40 91.66
C GLU DA 221 44.47 50.33 93.11
N SER DA 222 43.57 49.84 93.97
CA SER DA 222 43.74 49.97 95.41
C SER DA 222 44.99 49.26 95.92
N ARG DA 223 45.25 48.05 95.44
CA ARG DA 223 46.28 47.20 96.05
C ARG DA 223 47.71 47.61 95.72
N THR DA 224 47.92 48.70 94.99
CA THR DA 224 49.26 49.17 94.69
C THR DA 224 49.65 50.40 95.50
N LYS DA 225 48.75 50.92 96.32
CA LYS DA 225 49.08 52.10 97.12
C LYS DA 225 50.10 51.74 98.19
N PRO DA 226 51.19 52.50 98.32
CA PRO DA 226 52.19 52.18 99.35
C PRO DA 226 51.80 52.72 100.71
N PHE DA 227 52.24 52.02 101.74
CA PHE DA 227 51.93 52.38 103.10
C PHE DA 227 52.87 53.47 103.58
N THR DA 228 52.31 54.44 104.31
CA THR DA 228 53.11 55.53 104.86
C THR DA 228 52.62 55.87 106.26
N VAL DA 229 53.44 56.62 106.97
CA VAL DA 229 53.18 57.04 108.35
C VAL DA 229 53.38 58.54 108.43
N PRO DA 230 52.44 59.28 109.03
CA PRO DA 230 52.50 60.75 108.96
C PRO DA 230 53.80 61.29 109.53
N ILE DA 231 54.33 62.33 108.86
CA ILE DA 231 55.55 62.99 109.31
C ILE DA 231 55.32 63.92 110.49
N LEU DA 232 54.10 63.98 111.01
CA LEU DA 232 53.81 64.84 112.14
C LEU DA 232 54.68 64.48 113.34
N THR DA 233 54.95 65.49 114.16
CA THR DA 233 55.70 65.36 115.40
C THR DA 233 54.77 64.97 116.54
N VAL DA 234 55.35 64.36 117.58
CA VAL DA 234 54.58 63.96 118.76
C VAL DA 234 53.77 65.14 119.30
N GLU DA 235 54.42 66.30 119.43
CA GLU DA 235 53.74 67.49 119.93
C GLU DA 235 52.58 67.89 119.02
N GLU DA 236 52.78 67.73 117.71
CA GLU DA 236 51.80 68.16 116.72
C GLU DA 236 50.60 67.24 116.58
N MET DA 237 50.59 66.11 117.28
CA MET DA 237 49.50 65.15 117.15
C MET DA 237 48.53 65.28 118.32
N THR DA 238 47.68 64.27 118.51
CA THR DA 238 46.53 64.37 119.39
C THR DA 238 46.15 62.98 119.87
N ASN DA 239 45.71 62.89 121.11
CA ASN DA 239 45.26 61.62 121.67
C ASN DA 239 43.98 61.16 120.98
N SER DA 240 43.85 59.84 120.85
CA SER DA 240 42.71 59.23 120.15
C SER DA 240 41.61 58.78 121.10
N ARG DA 241 41.80 58.95 122.41
CA ARG DA 241 40.83 58.54 123.41
C ARG DA 241 40.22 59.71 124.18
N PHE DA 242 40.79 60.91 124.05
CA PHE DA 242 40.26 62.08 124.73
C PHE DA 242 40.78 63.31 124.00
N PRO DA 243 39.96 64.35 123.82
CA PRO DA 243 40.39 65.49 122.99
C PRO DA 243 41.51 66.31 123.61
N ILE DA 244 42.72 65.76 123.65
CA ILE DA 244 43.88 66.44 124.22
C ILE DA 244 45.08 66.20 123.33
N PRO DA 245 46.03 67.15 123.30
CA PRO DA 245 47.27 66.90 122.57
C PRO DA 245 48.10 65.83 123.28
N LEU DA 246 49.05 65.26 122.54
CA LEU DA 246 49.96 64.29 123.11
C LEU DA 246 51.15 64.99 123.76
N GLU DA 247 51.78 64.27 124.70
CA GLU DA 247 52.91 64.82 125.46
C GLU DA 247 54.18 63.99 125.32
N LYS DA 248 54.11 62.68 125.54
CA LYS DA 248 55.31 61.85 125.50
C LYS DA 248 54.96 60.46 125.02
N LEU DA 249 55.99 59.70 124.70
CA LEU DA 249 55.88 58.28 124.37
C LEU DA 249 56.27 57.46 125.60
N PHE DA 250 55.38 56.56 126.03
CA PHE DA 250 55.58 55.78 127.23
C PHE DA 250 55.51 54.30 126.89
N THR DA 251 56.52 53.55 127.31
CA THR DA 251 56.55 52.10 127.19
C THR DA 251 56.54 51.47 128.58
N GLY DA 252 55.79 50.39 128.75
CA GLY DA 252 55.74 49.70 130.01
C GLY DA 252 55.18 48.29 129.93
N PRO DA 253 55.44 47.49 130.96
CA PRO DA 253 54.88 46.14 131.02
C PRO DA 253 53.38 46.17 131.25
N SER DA 254 52.69 45.16 130.69
CA SER DA 254 51.24 45.10 130.73
C SER DA 254 50.74 43.79 131.32
N GLY DA 255 51.56 43.11 132.12
CA GLY DA 255 51.15 41.84 132.69
C GLY DA 255 50.06 41.97 133.74
N ALA DA 256 50.08 43.05 134.53
CA ALA DA 256 49.12 43.21 135.62
C ALA DA 256 47.72 43.50 135.11
N PHE DA 257 47.59 44.16 133.96
CA PHE DA 257 46.35 44.77 133.53
C PHE DA 257 46.05 44.41 132.06
N VAL DA 258 44.84 44.74 131.63
CA VAL DA 258 44.35 44.44 130.28
C VAL DA 258 44.32 45.71 129.42
N VAL DA 259 45.18 45.74 128.41
CA VAL DA 259 45.27 46.88 127.49
C VAL DA 259 44.30 46.61 126.35
N GLN DA 260 43.06 47.10 126.48
CA GLN DA 260 42.02 46.83 125.49
C GLN DA 260 41.15 48.07 125.25
N PRO DA 261 41.76 49.19 124.83
CA PRO DA 261 40.95 50.38 124.53
C PRO DA 261 39.96 50.12 123.41
N GLN DA 262 38.92 50.94 123.36
CA GLN DA 262 37.98 50.93 122.24
C GLN DA 262 38.02 52.20 121.41
N ASN DA 263 38.76 53.21 121.83
CA ASN DA 263 38.97 54.42 121.05
C ASN DA 263 40.43 54.46 120.61
N GLY DA 264 40.66 54.89 119.38
CA GLY DA 264 42.00 54.82 118.84
C GLY DA 264 42.39 53.43 118.40
N ARG DA 265 41.45 52.68 117.83
CA ARG DA 265 41.69 51.31 117.38
C ARG DA 265 41.38 51.25 115.90
N CYS DA 266 42.42 51.15 115.08
CA CYS DA 266 42.28 51.13 113.64
C CYS DA 266 43.41 50.29 113.06
N THR DA 267 43.09 49.53 112.02
CA THR DA 267 44.04 48.68 111.34
C THR DA 267 44.79 49.43 110.24
N THR DA 268 46.01 48.97 109.96
CA THR DA 268 46.89 49.56 108.95
C THR DA 268 46.20 49.82 107.61
N ASP DA 269 45.35 48.91 107.14
CA ASP DA 269 44.66 49.15 105.88
C ASP DA 269 43.35 49.92 106.05
N GLY DA 270 43.13 50.55 107.20
CA GLY DA 270 42.10 51.55 107.35
C GLY DA 270 40.72 51.11 107.73
N VAL DA 271 40.57 49.93 108.34
CA VAL DA 271 39.27 49.50 108.87
C VAL DA 271 39.18 49.98 110.31
N LEU DA 272 38.15 50.75 110.60
CA LEU DA 272 37.94 51.25 111.95
C LEU DA 272 37.35 50.17 112.85
N LEU DA 273 37.74 50.20 114.12
CA LEU DA 273 37.38 49.15 115.06
C LEU DA 273 36.84 49.76 116.34
N GLY DA 274 36.04 48.96 117.05
CA GLY DA 274 35.53 49.36 118.35
C GLY DA 274 34.65 50.59 118.23
N THR DA 275 34.90 51.57 119.11
CA THR DA 275 34.14 52.81 119.13
C THR DA 275 34.90 53.96 118.46
N THR DA 276 35.91 53.65 117.66
CA THR DA 276 36.78 54.67 117.12
C THR DA 276 36.10 55.34 115.92
N GLN DA 277 36.18 56.68 115.88
CA GLN DA 277 35.70 57.44 114.74
C GLN DA 277 36.75 58.51 114.42
N LEU DA 278 36.46 59.31 113.40
CA LEU DA 278 37.51 60.09 112.74
C LEU DA 278 37.72 61.47 113.35
N SER DA 279 36.70 62.06 113.95
CA SER DA 279 36.84 63.43 114.40
C SER DA 279 37.70 63.50 115.66
N PRO DA 280 38.74 64.33 115.68
CA PRO DA 280 39.62 64.43 116.85
C PRO DA 280 39.02 65.20 118.00
N VAL DA 281 37.83 65.78 117.81
CA VAL DA 281 37.19 66.59 118.84
C VAL DA 281 35.93 65.93 119.39
N ASN DA 282 35.24 65.10 118.60
CA ASN DA 282 34.00 64.51 119.06
C ASN DA 282 34.23 63.22 119.83
N ILE DA 283 35.42 63.08 120.42
CA ILE DA 283 35.72 61.92 121.24
C ILE DA 283 34.92 62.07 122.52
N CYS DA 284 34.56 60.93 123.13
CA CYS DA 284 33.91 60.90 124.44
C CYS DA 284 32.88 62.02 124.59
N THR DA 285 31.96 62.09 123.63
CA THR DA 285 30.96 63.15 123.58
C THR DA 285 29.58 62.52 123.34
N PHE DA 286 28.55 63.23 123.78
CA PHE DA 286 27.19 62.73 123.71
C PHE DA 286 26.27 63.78 123.09
N ARG DA 287 25.28 63.31 122.33
CA ARG DA 287 24.29 64.15 121.70
C ARG DA 287 22.93 63.50 121.81
N GLY DA 288 21.91 64.28 122.18
CA GLY DA 288 20.58 63.71 122.30
C GLY DA 288 19.60 64.67 122.96
N ASP DA 289 18.48 64.09 123.37
CA ASP DA 289 17.39 64.79 124.06
C ASP DA 289 17.46 64.53 125.55
N VAL DA 290 17.11 65.54 126.34
CA VAL DA 290 17.33 65.49 127.78
C VAL DA 290 15.98 65.56 128.51
N THR DA 291 15.91 64.92 129.67
CA THR DA 291 14.68 64.76 130.43
C THR DA 291 14.99 64.89 131.92
N HIS DA 292 14.14 65.60 132.65
CA HIS DA 292 14.32 65.77 134.08
C HIS DA 292 13.86 64.54 134.87
N ILE DA 293 14.59 64.22 135.93
CA ILE DA 293 14.20 63.20 136.89
C ILE DA 293 13.65 63.91 138.12
N ALA DA 294 12.41 63.60 138.47
CA ALA DA 294 11.65 64.46 139.39
C ALA DA 294 12.34 64.60 140.74
N GLY DA 295 12.52 65.85 141.17
CA GLY DA 295 13.04 66.16 142.48
C GLY DA 295 14.54 66.13 142.63
N THR DA 296 15.29 65.74 141.59
CA THR DA 296 16.73 65.58 141.68
C THR DA 296 17.43 66.58 140.77
N HIS DA 297 18.77 66.57 140.81
CA HIS DA 297 19.59 67.33 139.89
C HIS DA 297 20.08 66.50 138.72
N ASP DA 298 19.44 65.35 138.48
CA ASP DA 298 19.86 64.42 137.44
C ASP DA 298 18.95 64.52 136.23
N TYR DA 299 19.52 64.23 135.06
CA TYR DA 299 18.76 64.19 133.81
C TYR DA 299 19.11 62.93 133.04
N THR DA 300 18.10 62.36 132.36
CA THR DA 300 18.27 61.18 131.53
C THR DA 300 18.24 61.61 130.07
N MET DA 301 19.29 61.26 129.32
CA MET DA 301 19.45 61.68 127.93
C MET DA 301 19.30 60.49 127.00
N ASN DA 302 18.34 60.57 126.07
CA ASN DA 302 18.22 59.59 125.00
C ASN DA 302 19.11 60.03 123.85
N LEU DA 303 20.08 59.19 123.49
CA LEU DA 303 21.18 59.62 122.65
C LEU DA 303 20.87 59.46 121.17
N ALA DA 304 21.60 60.22 120.35
CA ALA DA 304 21.58 60.15 118.91
C ALA DA 304 22.93 59.64 118.41
N SER DA 305 23.25 59.91 117.15
CA SER DA 305 24.58 59.68 116.62
C SER DA 305 25.41 60.96 116.71
N GLN DA 306 26.62 60.95 116.13
CA GLN DA 306 27.38 62.18 115.93
C GLN DA 306 26.84 63.04 114.79
N ASN DA 307 26.11 62.46 113.84
CA ASN DA 307 25.58 63.22 112.71
C ASN DA 307 24.11 63.59 112.89
N TRP DA 308 23.62 63.53 114.14
CA TRP DA 308 22.25 63.90 114.48
C TRP DA 308 21.24 63.01 113.77
N ASN DA 309 21.48 61.71 113.82
CA ASN DA 309 20.52 60.69 113.41
C ASN DA 309 20.12 59.85 114.61
N ASN DA 310 19.00 59.15 114.49
CA ASN DA 310 18.60 58.20 115.51
C ASN DA 310 19.63 57.08 115.62
N TYR DA 311 19.76 56.53 116.83
CA TYR DA 311 20.71 55.46 117.08
C TYR DA 311 20.04 54.11 116.91
N ASP DA 312 20.67 53.23 116.12
CA ASP DA 312 20.15 51.90 115.86
C ASP DA 312 20.97 50.91 116.68
N PRO DA 313 20.35 50.20 117.64
CA PRO DA 313 21.12 49.26 118.46
C PRO DA 313 21.40 47.91 117.80
N THR DA 314 20.80 47.63 116.63
CA THR DA 314 21.06 46.35 115.97
C THR DA 314 22.46 46.28 115.37
N GLU DA 315 23.06 47.43 115.06
CA GLU DA 315 24.38 47.46 114.43
C GLU DA 315 25.42 46.81 115.34
N GLU DA 316 26.34 46.05 114.73
CA GLU DA 316 27.35 45.28 115.47
C GLU DA 316 28.47 46.20 115.95
N ILE DA 317 28.14 47.04 116.92
CA ILE DA 317 29.07 48.02 117.47
C ILE DA 317 29.05 47.87 118.99
N PRO DA 318 30.13 48.20 119.70
CA PRO DA 318 30.06 48.15 121.18
C PRO DA 318 29.07 49.16 121.74
N ALA DA 319 29.12 50.39 121.25
CA ALA DA 319 28.37 51.53 121.76
C ALA DA 319 28.30 52.54 120.62
N PRO DA 320 27.60 53.67 120.78
CA PRO DA 320 27.69 54.71 119.74
C PRO DA 320 29.13 55.14 119.56
N LEU DA 321 29.50 55.40 118.30
CA LEU DA 321 30.90 55.69 117.99
C LEU DA 321 31.34 56.96 118.70
N GLY DA 322 32.51 56.88 119.34
CA GLY DA 322 33.02 57.97 120.14
C GLY DA 322 32.68 57.88 121.61
N THR DA 323 31.99 56.81 122.03
CA THR DA 323 31.70 56.59 123.44
C THR DA 323 32.99 56.39 124.22
N PRO DA 324 33.15 57.02 125.38
CA PRO DA 324 34.39 56.85 126.16
C PRO DA 324 34.65 55.36 126.43
N ASP DA 325 35.94 55.02 126.51
CA ASP DA 325 36.36 53.63 126.57
C ASP DA 325 37.02 53.28 127.91
N PHE DA 326 36.59 53.93 128.99
CA PHE DA 326 37.15 53.67 130.31
C PHE DA 326 36.07 53.88 131.36
N VAL DA 327 36.37 53.46 132.59
CA VAL DA 327 35.48 53.65 133.73
C VAL DA 327 35.95 54.84 134.55
N GLY DA 328 35.04 55.77 134.82
CA GLY DA 328 35.37 56.96 135.57
C GLY DA 328 34.20 57.91 135.58
N LYS DA 329 34.38 59.00 136.31
CA LYS DA 329 33.41 60.08 136.38
C LYS DA 329 34.01 61.28 135.66
N ILE DA 330 33.44 61.62 134.50
CA ILE DA 330 33.91 62.72 133.66
C ILE DA 330 32.98 63.92 133.81
N GLN DA 331 33.54 65.05 134.18
CA GLN DA 331 32.79 66.30 134.31
C GLN DA 331 33.05 67.17 133.08
N GLY DA 332 32.02 67.86 132.63
CA GLY DA 332 32.14 68.76 131.49
C GLY DA 332 31.09 69.84 131.54
N VAL DA 333 30.54 70.18 130.37
CA VAL DA 333 29.56 71.24 130.24
C VAL DA 333 28.50 70.79 129.23
N LEU DA 334 27.23 70.86 129.63
CA LEU DA 334 26.12 70.70 128.70
C LEU DA 334 25.76 72.05 128.08
N THR DA 335 25.42 72.03 126.80
CA THR DA 335 24.95 73.22 126.10
C THR DA 335 23.70 72.84 125.33
N GLN DA 336 22.72 73.74 125.33
CA GLN DA 336 21.43 73.48 124.70
C GLN DA 336 20.95 74.74 123.99
N THR DA 337 20.21 74.55 122.91
CA THR DA 337 19.63 75.65 122.14
C THR DA 337 18.19 75.30 121.83
N THR DA 338 17.26 76.18 122.22
CA THR DA 338 15.84 75.94 122.02
C THR DA 338 15.40 76.57 120.70
N ARG DA 339 14.83 75.76 119.82
CA ARG DA 339 14.35 76.25 118.54
C ARG DA 339 13.12 77.13 118.74
N GLY DA 340 13.16 78.34 118.20
CA GLY DA 340 12.07 79.28 118.34
C GLY DA 340 12.49 80.63 118.88
N ASP DA 341 13.30 80.64 119.94
CA ASP DA 341 13.82 81.88 120.51
C ASP DA 341 15.34 81.98 120.47
N GLY DA 342 16.04 80.88 120.28
CA GLY DA 342 17.50 80.90 120.31
C GLY DA 342 18.08 80.98 121.71
N SER DA 343 17.34 80.58 122.73
CA SER DA 343 17.86 80.59 124.09
C SER DA 343 19.01 79.60 124.24
N THR DA 344 20.07 80.04 124.91
CA THR DA 344 21.26 79.23 125.11
C THR DA 344 21.58 79.18 126.59
N ARG DA 345 21.73 77.96 127.11
CA ARG DA 345 21.99 77.73 128.53
C ARG DA 345 23.21 76.85 128.68
N GLY DA 346 23.94 77.07 129.78
CA GLY DA 346 25.14 76.31 130.04
C GLY DA 346 25.24 75.86 131.48
N HIS DA 347 25.46 74.55 131.67
CA HIS DA 347 25.40 73.93 132.99
C HIS DA 347 26.60 73.02 133.16
N LYS DA 348 27.29 73.17 134.30
CA LYS DA 348 28.32 72.22 134.68
C LYS DA 348 27.67 70.90 135.06
N ALA DA 349 28.19 69.80 134.51
CA ALA DA 349 27.55 68.50 134.62
C ALA DA 349 28.61 67.41 134.80
N THR DA 350 28.14 66.24 135.21
CA THR DA 350 29.02 65.12 135.56
C THR DA 350 28.41 63.83 135.03
N VAL DA 351 29.23 63.00 134.38
CA VAL DA 351 28.83 61.69 133.92
C VAL DA 351 29.67 60.65 134.65
N SER DA 352 29.01 59.63 135.18
CA SER DA 352 29.68 58.47 135.75
C SER DA 352 29.52 57.29 134.81
N THR DA 353 30.63 56.80 134.28
CA THR DA 353 30.59 55.63 133.41
C THR DA 353 30.45 54.33 134.21
N GLY DA 354 30.71 54.37 135.51
CA GLY DA 354 30.51 53.23 136.38
C GLY DA 354 29.15 53.16 137.03
N SER DA 355 28.34 54.20 136.85
CA SER DA 355 26.97 54.18 137.34
C SER DA 355 26.15 53.13 136.62
N VAL DA 356 25.20 52.54 137.36
CA VAL DA 356 24.34 51.50 136.80
C VAL DA 356 23.39 52.05 135.73
N HIS DA 357 23.17 53.36 135.70
CA HIS DA 357 22.29 54.00 134.73
C HIS DA 357 23.03 54.51 133.49
N PHE DA 358 24.32 54.23 133.38
CA PHE DA 358 25.10 54.54 132.17
C PHE DA 358 25.00 53.35 131.22
N THR DA 359 24.03 53.41 130.31
CA THR DA 359 23.76 52.33 129.35
C THR DA 359 23.68 52.91 127.95
N PRO DA 360 24.81 53.34 127.38
CA PRO DA 360 24.76 53.97 126.05
C PRO DA 360 24.42 53.01 124.93
N LYS DA 361 24.71 51.72 125.08
CA LYS DA 361 24.34 50.75 124.04
C LYS DA 361 22.83 50.64 123.90
N LEU DA 362 22.09 50.75 125.00
CA LEU DA 362 20.64 50.71 124.94
C LEU DA 362 20.00 52.06 124.68
N GLY DA 363 20.73 53.15 124.92
CA GLY DA 363 20.28 54.47 124.52
C GLY DA 363 20.18 55.51 125.62
N SER DA 364 20.58 55.24 126.87
CA SER DA 364 20.37 56.21 127.94
C SER DA 364 21.68 56.46 128.70
N VAL DA 365 21.89 57.72 129.08
CA VAL DA 365 22.97 58.12 129.98
C VAL DA 365 22.41 59.18 130.92
N GLN DA 366 23.02 59.31 132.10
CA GLN DA 366 22.60 60.27 133.11
C GLN DA 366 23.70 61.27 133.41
N PHE DA 367 23.29 62.53 133.58
CA PHE DA 367 24.17 63.61 133.95
C PHE DA 367 23.66 64.19 135.27
N THR DA 368 24.60 64.66 136.10
CA THR DA 368 24.26 65.38 137.31
C THR DA 368 24.65 66.84 137.14
N THR DA 369 23.65 67.72 137.21
CA THR DA 369 23.82 69.12 136.85
C THR DA 369 23.80 69.98 138.12
N ASP DA 370 24.00 71.28 137.93
CA ASP DA 370 23.95 72.25 139.01
C ASP DA 370 22.71 73.14 138.95
N THR DA 371 21.71 72.77 138.15
CA THR DA 371 20.39 73.39 138.21
C THR DA 371 19.34 72.30 138.04
N ASN DA 372 18.18 72.52 138.67
CA ASN DA 372 17.03 71.63 138.54
C ASN DA 372 15.88 72.24 137.76
N ASN DA 373 16.07 73.44 137.19
CA ASN DA 373 15.02 74.16 136.47
C ASN DA 373 15.29 74.36 134.99
N ASP DA 374 16.55 74.47 134.57
CA ASP DA 374 16.94 75.18 133.36
C ASP DA 374 17.31 74.25 132.20
N LEU DA 375 16.68 73.09 132.07
CA LEU DA 375 16.90 72.22 130.92
C LEU DA 375 15.58 71.73 130.35
N GLU DA 376 15.21 72.25 129.18
CA GLU DA 376 13.96 71.92 128.52
C GLU DA 376 14.01 70.50 127.95
N THR DA 377 12.83 69.92 127.75
CA THR DA 377 12.68 68.59 127.19
C THR DA 377 12.60 68.67 125.66
N GLY DA 378 12.88 67.54 125.02
CA GLY DA 378 12.81 67.41 123.56
C GLY DA 378 13.78 68.22 122.72
N GLN DA 379 14.64 69.03 123.35
CA GLN DA 379 15.58 69.86 122.61
C GLN DA 379 16.94 69.17 122.55
N ASN DA 380 17.68 69.46 121.47
CA ASN DA 380 19.00 68.87 121.29
C ASN DA 380 19.99 69.48 122.25
N THR DA 381 20.77 68.62 122.92
CA THR DA 381 21.74 69.03 123.92
C THR DA 381 23.05 68.29 123.68
N LYS DA 382 24.16 69.00 123.82
CA LYS DA 382 25.48 68.46 123.53
C LYS DA 382 26.37 68.59 124.75
N PHE DA 383 27.00 67.48 125.15
CA PHE DA 383 27.92 67.45 126.28
C PHE DA 383 29.35 67.66 125.79
N THR DA 384 29.97 68.76 126.21
CA THR DA 384 31.35 69.03 125.89
C THR DA 384 32.24 68.60 127.04
N PRO DA 385 33.16 67.66 126.84
CA PRO DA 385 34.03 67.22 127.93
C PRO DA 385 35.21 68.17 128.13
N VAL DA 386 35.73 68.18 129.36
CA VAL DA 386 36.88 69.02 129.69
C VAL DA 386 37.90 68.21 130.47
N GLY DA 387 37.44 67.39 131.43
CA GLY DA 387 38.37 66.67 132.27
C GLY DA 387 37.67 65.62 133.10
N VAL DA 388 38.45 64.98 133.96
CA VAL DA 388 37.98 63.91 134.84
C VAL DA 388 38.11 64.37 136.29
N VAL DA 389 37.34 63.72 137.16
CA VAL DA 389 37.17 64.14 138.54
C VAL DA 389 37.47 62.97 139.46
N GLN DA 390 37.73 63.28 140.72
CA GLN DA 390 38.13 62.31 141.72
C GLN DA 390 37.37 62.57 143.01
N ASP DA 391 36.84 61.51 143.61
CA ASP DA 391 36.18 61.59 144.90
C ASP DA 391 37.23 61.34 145.99
N GLY DA 392 37.56 62.38 146.75
CA GLY DA 392 38.69 62.35 147.65
C GLY DA 392 38.53 61.43 148.85
N ASN DA 393 37.34 60.85 149.05
CA ASN DA 393 37.11 60.02 150.23
C ASN DA 393 37.75 58.64 150.10
N SER DA 394 37.98 58.16 148.88
CA SER DA 394 38.65 56.90 148.65
C SER DA 394 40.15 57.14 148.49
N ALA DA 395 40.89 56.07 148.20
CA ALA DA 395 42.33 56.18 148.03
C ALA DA 395 42.64 57.14 146.89
N HIS DA 396 43.62 58.00 147.09
CA HIS DA 396 43.95 59.00 146.09
C HIS DA 396 44.61 58.37 144.88
N GLN DA 397 44.21 58.85 143.68
CA GLN DA 397 44.62 58.32 142.38
C GLN DA 397 44.00 56.95 142.10
N ASN DA 398 42.72 56.79 142.44
CA ASN DA 398 42.03 55.52 142.31
C ASN DA 398 40.79 55.55 141.44
N GLU DA 399 40.24 56.73 141.13
CA GLU DA 399 38.89 56.81 140.60
C GLU DA 399 38.83 56.63 139.08
N PRO DA 400 39.63 57.37 138.28
CA PRO DA 400 39.58 57.14 136.83
C PRO DA 400 40.45 55.97 136.39
N GLN DA 401 39.82 54.82 136.14
CA GLN DA 401 40.53 53.58 135.85
C GLN DA 401 40.67 53.44 134.33
N GLN DA 402 41.86 53.75 133.83
CA GLN DA 402 42.06 53.91 132.39
C GLN DA 402 41.82 52.61 131.64
N TRP DA 403 42.22 51.48 132.23
CA TRP DA 403 42.21 50.19 131.56
C TRP DA 403 41.00 49.33 131.92
N VAL DA 404 39.95 49.92 132.47
CA VAL DA 404 38.73 49.20 132.83
C VAL DA 404 37.61 49.65 131.90
N LEU DA 405 37.08 48.72 131.12
CA LEU DA 405 35.97 49.07 130.24
C LEU DA 405 34.68 49.14 131.04
N PRO DA 406 33.83 50.13 130.76
CA PRO DA 406 32.46 50.09 131.27
C PRO DA 406 31.66 49.00 130.58
N ASN DA 407 30.51 48.69 131.19
CA ASN DA 407 29.52 47.79 130.58
C ASN DA 407 28.54 48.66 129.81
N TYR DA 408 28.68 48.67 128.48
CA TYR DA 408 27.94 49.64 127.66
C TYR DA 408 26.43 49.43 127.77
N SER DA 409 25.99 48.23 128.12
CA SER DA 409 24.59 47.93 128.42
C SER DA 409 24.56 47.41 129.85
N GLY DA 410 24.65 48.32 130.82
CA GLY DA 410 24.72 48.00 132.23
C GLY DA 410 23.62 47.13 132.81
N ARG DA 411 24.01 45.96 133.33
CA ARG DA 411 23.11 44.99 133.94
C ARG DA 411 22.19 44.29 132.95
N THR DA 412 22.59 44.20 131.68
CA THR DA 412 21.79 43.50 130.69
C THR DA 412 22.62 42.46 129.93
N GLY DA 413 23.66 41.94 130.56
CA GLY DA 413 24.47 40.90 129.97
C GLY DA 413 25.97 41.16 130.02
N HIS DA 414 26.60 41.25 128.85
CA HIS DA 414 28.02 41.53 128.77
C HIS DA 414 28.28 42.45 127.57
N ASN DA 415 29.51 42.97 127.51
CA ASN DA 415 29.93 43.80 126.40
C ASN DA 415 30.02 42.96 125.12
N VAL DA 416 29.66 43.55 123.98
CA VAL DA 416 29.61 42.80 122.73
C VAL DA 416 30.37 43.54 121.63
N HIS DA 417 30.84 42.76 120.65
CA HIS DA 417 31.47 43.27 119.43
C HIS DA 417 32.61 44.24 119.72
N LEU DA 418 33.48 43.86 120.65
CA LEU DA 418 34.56 44.75 121.07
C LEU DA 418 35.83 44.49 120.26
N ALA DA 419 36.68 45.51 120.22
CA ALA DA 419 37.99 45.38 119.60
C ALA DA 419 38.89 44.50 120.47
N PRO DA 420 39.69 43.63 119.87
CA PRO DA 420 40.48 42.67 120.66
C PRO DA 420 41.45 43.37 121.60
N ALA DA 421 41.86 42.65 122.63
CA ALA DA 421 42.86 43.14 123.55
C ALA DA 421 44.25 43.06 122.91
N VAL DA 422 45.21 43.75 123.53
CA VAL DA 422 46.50 44.03 122.90
C VAL DA 422 47.60 43.77 123.91
N ALA DA 423 48.55 42.93 123.53
CA ALA DA 423 49.72 42.62 124.35
C ALA DA 423 50.82 42.12 123.45
N PRO DA 424 52.08 42.40 123.75
CA PRO DA 424 53.17 41.79 122.98
C PRO DA 424 53.25 40.30 123.24
N THR DA 425 53.54 39.54 122.19
CA THR DA 425 53.76 38.11 122.32
C THR DA 425 55.22 37.73 122.08
N PHE DA 426 56.00 38.59 121.45
CA PHE DA 426 57.39 38.28 121.18
C PHE DA 426 58.21 38.65 122.43
N PRO DA 427 59.08 37.75 122.91
CA PRO DA 427 59.91 38.06 124.08
C PRO DA 427 60.82 39.26 123.90
N GLY DA 428 60.87 40.09 124.95
CA GLY DA 428 61.68 41.29 125.01
C GLY DA 428 60.98 42.57 124.61
N GLU DA 429 59.71 42.48 124.21
CA GLU DA 429 58.95 43.62 123.70
C GLU DA 429 57.85 44.02 124.66
N GLN DA 430 57.63 45.33 124.77
CA GLN DA 430 56.49 45.89 125.47
C GLN DA 430 55.76 46.81 124.50
N LEU DA 431 54.49 47.05 124.77
CA LEU DA 431 53.77 48.05 124.00
C LEU DA 431 54.43 49.41 124.12
N LEU DA 432 54.31 50.21 123.07
CA LEU DA 432 54.71 51.61 123.09
C LEU DA 432 53.43 52.45 123.02
N PHE DA 433 53.22 53.26 124.04
CA PHE DA 433 52.00 54.04 124.17
C PHE DA 433 52.27 55.48 123.79
N PHE DA 434 51.26 56.13 123.24
CA PHE DA 434 51.27 57.56 123.01
C PHE DA 434 50.56 58.19 124.20
N ARG DA 435 51.33 58.89 125.02
CA ARG DA 435 50.91 59.32 126.35
C ARG DA 435 50.67 60.82 126.38
N SER DA 436 49.47 61.20 126.82
CA SER DA 436 49.14 62.60 127.05
C SER DA 436 48.70 62.77 128.51
N THR DA 437 48.71 64.02 128.96
CA THR DA 437 48.35 64.35 130.33
C THR DA 437 46.97 65.00 130.32
N MET DA 438 46.01 64.35 130.99
CA MET DA 438 44.63 64.81 130.99
C MET DA 438 44.47 66.04 131.87
N PRO DA 439 43.27 66.61 131.99
CA PRO DA 439 43.01 67.61 133.03
C PRO DA 439 42.44 67.00 134.30
N GLY DA 440 42.60 67.74 135.39
CA GLY DA 440 41.91 67.45 136.63
C GLY DA 440 40.92 68.55 137.00
N CYS DA 441 39.69 68.17 137.33
CA CYS DA 441 38.72 69.11 137.88
C CYS DA 441 38.85 69.25 139.39
N SER DA 442 38.96 68.15 140.13
CA SER DA 442 38.81 68.18 141.58
C SER DA 442 39.70 67.11 142.20
N GLY DA 443 40.68 67.54 142.99
CA GLY DA 443 41.39 66.65 143.88
C GLY DA 443 42.62 66.04 143.24
N TYR DA 444 42.72 64.72 143.28
CA TYR DA 444 43.87 63.99 142.75
C TYR DA 444 43.39 62.79 141.93
N PRO DA 445 42.94 63.02 140.70
CA PRO DA 445 42.65 61.90 139.79
C PRO DA 445 43.86 61.49 138.97
N ASN DA 446 43.71 60.35 138.28
CA ASN DA 446 44.74 59.83 137.40
C ASN DA 446 44.94 60.78 136.23
N MET DA 447 46.14 61.32 136.08
CA MET DA 447 46.41 62.39 135.13
C MET DA 447 47.20 61.95 133.91
N ASN DA 448 47.54 60.67 133.80
CA ASN DA 448 48.22 60.13 132.62
C ASN DA 448 47.25 59.32 131.78
N LEU DA 449 47.23 59.58 130.47
CA LEU DA 449 46.39 58.86 129.53
C LEU DA 449 47.24 58.30 128.39
N ASP DA 450 47.07 57.01 128.11
CA ASP DA 450 47.84 56.29 127.10
C ASP DA 450 46.91 55.78 126.02
N CYS DA 451 47.31 55.94 124.76
CA CYS DA 451 46.56 55.40 123.62
C CYS DA 451 47.51 54.69 122.67
N LEU DA 452 46.93 53.78 121.88
CA LEU DA 452 47.74 52.93 121.01
C LEU DA 452 48.15 53.63 119.72
N LEU DA 453 47.28 54.49 119.18
CA LEU DA 453 47.52 55.19 117.93
C LEU DA 453 47.08 56.64 118.07
N PRO DA 454 47.88 57.60 117.60
CA PRO DA 454 47.41 58.98 117.52
C PRO DA 454 46.20 59.11 116.61
N GLN DA 455 45.36 60.11 116.89
CA GLN DA 455 44.17 60.31 116.07
C GLN DA 455 44.56 60.64 114.63
N GLU DA 456 45.64 61.39 114.45
CA GLU DA 456 46.13 61.69 113.11
C GLU DA 456 46.52 60.42 112.37
N TRP DA 457 47.06 59.43 113.09
CA TRP DA 457 47.37 58.15 112.46
C TRP DA 457 46.10 57.41 112.06
N VAL DA 458 45.06 57.46 112.90
CA VAL DA 458 43.79 56.86 112.54
C VAL DA 458 43.26 57.49 111.26
N LEU DA 459 43.31 58.82 111.19
CA LEU DA 459 42.90 59.53 109.98
C LEU DA 459 43.68 59.04 108.77
N HIS DA 460 45.01 58.94 108.90
CA HIS DA 460 45.86 58.58 107.77
C HIS DA 460 45.54 57.18 107.26
N PHE DA 461 45.47 56.20 108.16
CA PHE DA 461 45.17 54.84 107.74
C PHE DA 461 43.79 54.75 107.09
N TYR DA 462 42.82 55.50 107.61
CA TYR DA 462 41.46 55.42 107.08
C TYR DA 462 41.40 55.91 105.64
N GLN DA 463 42.03 57.04 105.34
CA GLN DA 463 41.92 57.64 104.01
C GLN DA 463 42.80 56.91 103.01
N GLU DA 464 44.10 56.82 103.29
CA GLU DA 464 45.07 56.17 102.41
C GLU DA 464 45.08 54.70 102.80
N ALA DA 465 44.21 53.92 102.15
CA ALA DA 465 43.91 52.57 102.61
C ALA DA 465 44.91 51.56 102.04
N ALA DA 466 46.17 51.77 102.41
CA ALA DA 466 47.26 50.99 101.87
C ALA DA 466 47.20 49.56 102.38
N PRO DA 467 47.21 48.56 101.50
CA PRO DA 467 47.23 47.17 101.95
C PRO DA 467 48.52 46.84 102.70
N ALA DA 468 48.36 46.06 103.77
CA ALA DA 468 49.52 45.59 104.52
C ALA DA 468 50.18 44.42 103.81
N GLN DA 469 51.49 44.53 103.56
CA GLN DA 469 52.26 43.49 102.90
C GLN DA 469 52.77 42.43 103.86
N SER DA 470 52.67 42.64 105.17
CA SER DA 470 52.93 41.60 106.16
C SER DA 470 52.28 42.04 107.47
N ASP DA 471 52.50 41.25 108.52
CA ASP DA 471 51.85 41.50 109.80
C ASP DA 471 52.49 42.63 110.60
N VAL DA 472 53.66 43.11 110.19
CA VAL DA 472 54.40 44.11 110.95
C VAL DA 472 55.06 45.09 109.99
N ALA DA 473 54.83 46.38 110.22
CA ALA DA 473 55.51 47.45 109.50
C ALA DA 473 56.64 47.98 110.36
N LEU DA 474 57.87 47.87 109.88
CA LEU DA 474 59.03 48.38 110.61
C LEU DA 474 59.08 49.89 110.46
N LEU DA 475 59.12 50.60 111.59
CA LEU DA 475 59.23 52.04 111.63
C LEU DA 475 60.56 52.45 112.23
N ARG DA 476 61.14 53.52 111.70
CA ARG DA 476 62.35 54.12 112.26
C ARG DA 476 62.04 55.54 112.73
N PHE DA 477 62.59 55.90 113.88
CA PHE DA 477 62.41 57.22 114.46
C PHE DA 477 63.66 58.06 114.19
N VAL DA 478 63.48 59.20 113.54
CA VAL DA 478 64.58 59.96 112.95
C VAL DA 478 64.65 61.32 113.62
N ASN DA 479 65.87 61.78 113.89
CA ASN DA 479 66.10 63.16 114.30
C ASN DA 479 66.43 63.99 113.06
N PRO DA 480 65.53 64.88 112.62
CA PRO DA 480 65.78 65.56 111.34
C PRO DA 480 66.94 66.51 111.38
N ASP DA 481 67.20 67.13 112.54
CA ASP DA 481 68.33 68.05 112.67
C ASP DA 481 69.65 67.35 112.41
N THR DA 482 69.90 66.24 113.12
CA THR DA 482 71.17 65.55 113.06
C THR DA 482 71.20 64.42 112.03
N GLY DA 483 70.05 63.98 111.54
CA GLY DA 483 70.00 62.85 110.63
C GLY DA 483 70.14 61.49 111.27
N ARG DA 484 70.24 61.41 112.59
CA ARG DA 484 70.56 60.17 113.27
C ARG DA 484 69.31 59.33 113.49
N VAL DA 485 69.49 58.01 113.46
CA VAL DA 485 68.42 57.06 113.78
C VAL DA 485 68.43 56.84 115.29
N LEU DA 486 67.28 57.03 115.93
CA LEU DA 486 67.23 56.86 117.38
C LEU DA 486 66.83 55.45 117.80
N PHE DA 487 65.74 54.94 117.24
CA PHE DA 487 65.32 53.57 117.52
C PHE DA 487 64.40 53.11 116.40
N GLU DA 488 64.10 51.82 116.41
CA GLU DA 488 63.11 51.21 115.54
C GLU DA 488 62.02 50.56 116.39
N CYS DA 489 60.84 50.41 115.80
CA CYS DA 489 59.71 49.80 116.49
C CYS DA 489 58.86 49.05 115.47
N LYS DA 490 57.97 48.20 115.99
CA LYS DA 490 57.11 47.37 115.15
C LYS DA 490 55.69 47.88 115.25
N LEU DA 491 55.15 48.36 114.13
CA LEU DA 491 53.75 48.76 114.02
C LEU DA 491 52.97 47.55 113.52
N HIS DA 492 52.14 46.97 114.38
CA HIS DA 492 51.42 45.77 113.99
C HIS DA 492 50.25 46.10 113.09
N LYS DA 493 49.97 45.19 112.17
CA LYS DA 493 48.92 45.38 111.16
C LYS DA 493 47.58 45.74 111.79
N SER DA 494 47.34 45.32 113.04
CA SER DA 494 46.03 45.48 113.64
C SER DA 494 45.87 46.75 114.47
N GLY DA 495 46.89 47.60 114.55
CA GLY DA 495 46.69 48.86 115.26
C GLY DA 495 47.41 49.10 116.56
N TYR DA 496 48.61 48.55 116.74
CA TYR DA 496 49.38 48.89 117.94
C TYR DA 496 50.86 48.84 117.64
N VAL DA 497 51.64 49.49 118.51
CA VAL DA 497 53.09 49.60 118.36
C VAL DA 497 53.76 48.92 119.54
N THR DA 498 54.92 48.32 119.30
CA THR DA 498 55.72 47.66 120.32
C THR DA 498 57.18 48.05 120.13
N VAL DA 499 57.93 48.03 121.24
CA VAL DA 499 59.34 48.40 121.24
C VAL DA 499 60.13 47.39 122.06
N ALA DA 500 61.45 47.41 121.88
CA ALA DA 500 62.37 46.51 122.57
C ALA DA 500 62.91 47.22 123.81
N HIS DA 501 62.26 46.98 124.93
CA HIS DA 501 62.60 47.61 126.21
C HIS DA 501 61.88 46.87 127.31
N THR DA 502 62.43 46.92 128.52
CA THR DA 502 61.82 46.28 129.67
C THR DA 502 61.74 47.27 130.83
N GLY DA 503 60.56 47.37 131.43
CA GLY DA 503 60.32 48.30 132.51
C GLY DA 503 59.68 49.58 132.02
N PRO DA 504 59.00 50.30 132.91
CA PRO DA 504 58.38 51.56 132.50
C PRO DA 504 59.43 52.59 132.13
N HIS DA 505 59.08 53.44 131.15
CA HIS DA 505 60.03 54.41 130.61
C HIS DA 505 59.33 55.45 129.76
N ASP DA 506 59.51 56.72 130.09
CA ASP DA 506 59.17 57.81 129.18
C ASP DA 506 60.32 58.03 128.22
N LEU DA 507 60.01 58.13 126.93
CA LEU DA 507 61.05 58.09 125.91
C LEU DA 507 61.85 59.39 125.88
N VAL DA 508 63.14 59.23 125.61
CA VAL DA 508 64.11 60.35 125.65
C VAL DA 508 64.25 60.90 124.24
N ILE DA 509 63.26 61.67 123.79
CA ILE DA 509 63.12 61.99 122.38
C ILE DA 509 63.34 63.47 122.13
N PRO DA 510 64.10 63.82 121.10
CA PRO DA 510 64.20 65.20 120.62
C PRO DA 510 62.84 65.73 120.18
N PRO DA 511 62.57 67.01 120.43
CA PRO DA 511 61.21 67.53 120.27
C PRO DA 511 60.66 67.46 118.85
N ASN DA 512 61.52 67.47 117.83
CA ASN DA 512 61.07 67.50 116.44
C ASN DA 512 61.21 66.15 115.73
N GLY DA 513 61.32 65.05 116.49
CA GLY DA 513 61.45 63.75 115.88
C GLY DA 513 60.12 63.19 115.39
N TYR DA 514 60.20 62.41 114.31
CA TYR DA 514 59.03 61.88 113.63
C TYR DA 514 59.24 60.40 113.29
N PHE DA 515 58.13 59.70 113.07
CA PHE DA 515 58.15 58.30 112.67
C PHE DA 515 58.22 58.19 111.15
N ARG DA 516 59.10 57.31 110.68
CA ARG DA 516 59.29 57.08 109.25
C ARG DA 516 59.19 55.59 108.95
N PHE DA 517 58.38 55.23 107.96
CA PHE DA 517 58.20 53.85 107.57
C PHE DA 517 59.37 53.38 106.72
N ASP DA 518 59.91 52.20 107.04
CA ASP DA 518 61.01 51.63 106.28
C ASP DA 518 60.60 50.44 105.41
N SER DA 519 59.90 49.46 105.98
CA SER DA 519 59.60 48.25 105.22
C SER DA 519 58.63 47.39 106.00
N TRP DA 520 57.89 46.56 105.26
CA TRP DA 520 57.21 45.43 105.87
C TRP DA 520 58.21 44.34 106.16
N VAL DA 521 58.03 43.66 107.29
CA VAL DA 521 58.95 42.63 107.72
C VAL DA 521 58.17 41.44 108.24
N ASN DA 522 58.71 40.25 108.00
CA ASN DA 522 58.09 39.04 108.54
C ASN DA 522 58.21 39.04 110.06
N GLN DA 523 57.28 38.33 110.72
CA GLN DA 523 57.08 38.50 112.15
C GLN DA 523 58.28 38.08 112.99
N PHE DA 524 59.31 37.48 112.37
CA PHE DA 524 60.49 37.03 113.08
C PHE DA 524 61.50 38.15 113.31
N TYR DA 525 61.24 39.35 112.80
CA TYR DA 525 62.19 40.46 112.89
C TYR DA 525 62.51 40.80 114.34
N THR DA 526 63.80 40.76 114.67
CA THR DA 526 64.30 41.08 116.00
C THR DA 526 64.93 42.47 115.95
N LEU DA 527 64.45 43.38 116.80
CA LEU DA 527 64.79 44.79 116.68
C LEU DA 527 65.74 45.21 117.80
N ALA DA 528 66.56 46.21 117.49
CA ALA DA 528 67.56 46.69 118.43
C ALA DA 528 66.89 47.40 119.61
N PRO DA 529 67.41 47.22 120.83
CA PRO DA 529 66.91 47.93 122.02
C PRO DA 529 67.63 49.26 122.25
N MET EA 27 -5.64 56.01 -28.23
CA MET EA 27 -5.20 55.60 -26.90
C MET EA 27 -6.12 54.54 -26.32
N ALA EA 28 -7.42 54.65 -26.63
CA ALA EA 28 -8.42 53.75 -26.10
C ALA EA 28 -8.62 52.49 -26.94
N LEU EA 29 -8.06 52.42 -28.15
CA LEU EA 29 -8.14 51.22 -28.96
C LEU EA 29 -6.75 50.76 -29.40
N GLU EA 30 -6.56 49.43 -29.44
CA GLU EA 30 -5.37 48.79 -30.00
C GLU EA 30 -5.40 48.78 -31.52
N PRO EA 31 -4.23 48.62 -32.14
CA PRO EA 31 -4.21 48.42 -33.60
C PRO EA 31 -4.92 47.13 -33.97
N VAL EA 32 -5.52 47.12 -35.15
CA VAL EA 32 -6.38 46.02 -35.60
C VAL EA 32 -5.97 45.66 -37.02
N VAL EA 33 -5.71 44.37 -37.26
CA VAL EA 33 -5.22 43.92 -38.55
C VAL EA 33 -6.31 44.05 -39.60
N GLY EA 34 -5.93 44.41 -40.82
CA GLY EA 34 -6.84 44.49 -41.94
C GLY EA 34 -6.89 43.20 -42.74
N ALA EA 35 -6.66 43.30 -44.04
CA ALA EA 35 -6.83 42.15 -44.93
C ALA EA 35 -5.64 41.20 -44.90
N ALA EA 36 -4.53 41.58 -44.25
CA ALA EA 36 -3.35 40.71 -44.23
C ALA EA 36 -3.68 39.34 -43.63
N ILE EA 37 -4.46 39.32 -42.54
CA ILE EA 37 -4.83 38.07 -41.90
C ILE EA 37 -5.61 37.17 -42.85
N ALA EA 38 -6.27 37.74 -43.86
CA ALA EA 38 -7.17 36.97 -44.70
C ALA EA 38 -6.47 36.21 -45.81
N ALA EA 39 -5.16 36.39 -45.95
CA ALA EA 39 -4.43 35.82 -47.08
C ALA EA 39 -4.61 34.31 -47.24
N PRO EA 40 -4.54 33.48 -46.20
CA PRO EA 40 -4.70 32.02 -46.42
C PRO EA 40 -6.09 31.60 -46.89
N VAL EA 41 -7.13 32.43 -46.70
CA VAL EA 41 -8.48 32.05 -47.09
C VAL EA 41 -9.06 32.93 -48.17
N ALA EA 42 -8.40 34.02 -48.55
CA ALA EA 42 -8.85 34.81 -49.68
C ALA EA 42 -8.42 34.16 -51.00
N GLY EA 43 -9.18 34.45 -52.05
CA GLY EA 43 -8.79 33.98 -53.37
C GLY EA 43 -7.53 34.63 -53.91
N GLN EA 44 -7.25 35.86 -53.50
CA GLN EA 44 -6.23 36.69 -54.15
C GLN EA 44 -5.65 37.67 -53.15
N GLN EA 45 -4.53 38.29 -53.55
CA GLN EA 45 -3.87 39.34 -52.81
C GLN EA 45 -3.88 40.58 -53.69
N ASN EA 46 -4.45 41.67 -53.18
CA ASN EA 46 -4.62 42.89 -53.95
C ASN EA 46 -3.95 44.09 -53.30
N VAL EA 47 -3.91 45.18 -54.05
CA VAL EA 47 -3.25 46.41 -53.65
C VAL EA 47 -4.16 47.57 -54.02
N ILE EA 48 -4.23 48.55 -53.14
CA ILE EA 48 -4.97 49.79 -53.36
C ILE EA 48 -3.96 50.89 -53.62
N ASP EA 49 -4.31 51.82 -54.51
CA ASP EA 49 -3.45 52.96 -54.76
C ASP EA 49 -3.17 53.67 -53.44
N PRO EA 50 -1.92 53.71 -52.98
CA PRO EA 50 -1.60 54.32 -51.68
C PRO EA 50 -1.95 55.80 -51.59
N TRP EA 51 -2.00 56.51 -52.71
CA TRP EA 51 -2.38 57.92 -52.66
C TRP EA 51 -3.78 58.11 -52.09
N ILE EA 52 -4.67 57.12 -52.25
CA ILE EA 52 -6.02 57.22 -51.71
C ILE EA 52 -6.01 57.50 -50.21
N ARG EA 53 -5.02 56.99 -49.48
CA ARG EA 53 -4.94 57.22 -48.05
C ARG EA 53 -4.20 58.50 -47.67
N ASN EA 54 -3.77 59.30 -48.65
CA ASN EA 54 -2.99 60.51 -48.36
C ASN EA 54 -3.85 61.77 -48.39
N ASN EA 55 -5.17 61.63 -48.49
CA ASN EA 55 -6.04 62.78 -48.67
C ASN EA 55 -7.36 62.52 -47.97
N PHE EA 56 -7.72 63.36 -47.00
CA PHE EA 56 -9.05 63.27 -46.40
C PHE EA 56 -10.08 63.75 -47.41
N VAL EA 57 -11.15 62.98 -47.57
CA VAL EA 57 -12.17 63.29 -48.57
C VAL EA 57 -13.56 63.05 -47.98
N GLN EA 58 -14.51 63.88 -48.40
CA GLN EA 58 -15.83 63.88 -47.77
C GLN EA 58 -16.54 62.57 -48.07
N ALA EA 59 -17.07 61.94 -47.02
CA ALA EA 59 -17.77 60.68 -47.19
C ALA EA 59 -19.07 60.86 -47.97
N PRO EA 60 -19.52 59.83 -48.68
CA PRO EA 60 -20.83 59.90 -49.35
C PRO EA 60 -21.97 60.18 -48.39
N GLY EA 61 -21.80 59.93 -47.10
CA GLY EA 61 -22.80 60.27 -46.12
C GLY EA 61 -22.15 61.12 -45.05
N GLY EA 62 -21.43 62.14 -45.49
CA GLY EA 62 -20.62 62.93 -44.60
C GLY EA 62 -21.15 64.32 -44.30
N GLU EA 63 -22.46 64.49 -44.40
CA GLU EA 63 -23.11 65.75 -44.01
C GLU EA 63 -24.09 65.47 -42.89
N PHE EA 64 -24.05 66.31 -41.86
CA PHE EA 64 -25.05 66.30 -40.81
C PHE EA 64 -25.12 67.68 -40.19
N THR EA 65 -26.12 67.88 -39.35
CA THR EA 65 -26.48 69.22 -38.92
C THR EA 65 -26.73 69.20 -37.42
N VAL EA 66 -26.31 70.26 -36.73
CA VAL EA 66 -26.64 70.48 -35.33
C VAL EA 66 -27.37 71.82 -35.24
N SER EA 67 -28.65 71.77 -34.88
CA SER EA 67 -29.51 72.93 -34.78
C SER EA 67 -30.13 72.97 -33.40
N PRO EA 68 -30.68 74.12 -32.98
CA PRO EA 68 -31.30 74.17 -31.65
C PRO EA 68 -32.59 73.37 -31.55
N ARG EA 69 -33.16 72.93 -32.68
CA ARG EA 69 -34.25 71.98 -32.64
C ARG EA 69 -33.79 70.62 -32.14
N ASN EA 70 -32.50 70.32 -32.25
CA ASN EA 70 -31.96 69.05 -31.79
C ASN EA 70 -31.71 69.08 -30.30
N ALA EA 71 -31.85 67.91 -29.67
CA ALA EA 71 -31.60 67.73 -28.25
C ALA EA 71 -30.66 66.56 -28.04
N PRO EA 72 -29.98 66.51 -26.89
CA PRO EA 72 -29.16 65.33 -26.58
C PRO EA 72 -30.00 64.06 -26.60
N GLY EA 73 -29.37 62.98 -27.02
CA GLY EA 73 -29.98 61.67 -27.18
C GLY EA 73 -30.30 61.34 -28.62
N GLU EA 74 -30.53 62.35 -29.44
CA GLU EA 74 -30.74 62.17 -30.85
C GLU EA 74 -29.42 61.80 -31.52
N ILE EA 75 -29.38 60.70 -32.24
CA ILE EA 75 -28.17 60.35 -32.97
C ILE EA 75 -28.18 61.17 -34.26
N LEU EA 76 -27.40 62.25 -34.27
CA LEU EA 76 -27.43 63.22 -35.35
C LEU EA 76 -26.72 62.73 -36.60
N TRP EA 77 -25.83 61.76 -36.48
CA TRP EA 77 -25.07 61.25 -37.62
C TRP EA 77 -24.50 59.89 -37.25
N SER EA 78 -24.43 59.00 -38.22
CA SER EA 78 -23.85 57.68 -37.99
C SER EA 78 -23.42 57.10 -39.34
N ALA EA 79 -22.47 56.15 -39.25
CA ALA EA 79 -21.97 55.50 -40.44
C ALA EA 79 -21.32 54.19 -40.06
N PRO EA 80 -21.46 53.13 -40.84
CA PRO EA 80 -20.70 51.91 -40.59
C PRO EA 80 -19.37 51.93 -41.33
N LEU EA 81 -18.39 51.26 -40.74
CA LEU EA 81 -17.13 51.08 -41.42
C LEU EA 81 -17.36 50.26 -42.69
N GLY EA 82 -16.76 50.71 -43.78
CA GLY EA 82 -16.93 50.07 -45.07
C GLY EA 82 -16.50 50.97 -46.19
N PRO EA 83 -16.44 50.43 -47.42
CA PRO EA 83 -15.97 51.23 -48.56
C PRO EA 83 -16.85 52.43 -48.82
N ASP EA 84 -18.10 52.42 -48.36
CA ASP EA 84 -19.00 53.54 -48.57
C ASP EA 84 -18.60 54.76 -47.76
N LEU EA 85 -17.58 54.66 -46.90
CA LEU EA 85 -17.09 55.80 -46.14
C LEU EA 85 -16.25 56.74 -46.98
N ASN EA 86 -15.89 56.36 -48.21
CA ASN EA 86 -14.92 57.10 -48.99
C ASN EA 86 -15.28 57.00 -50.47
N PRO EA 87 -15.49 58.13 -51.14
CA PRO EA 87 -15.96 58.09 -52.53
C PRO EA 87 -15.00 57.40 -53.49
N TYR EA 88 -13.69 57.46 -53.22
CA TYR EA 88 -12.75 56.70 -54.04
C TYR EA 88 -12.92 55.20 -53.82
N LEU EA 89 -12.87 54.77 -52.55
CA LEU EA 89 -13.06 53.35 -52.25
C LEU EA 89 -14.42 52.87 -52.71
N SER EA 90 -15.41 53.76 -52.70
CA SER EA 90 -16.75 53.40 -53.13
C SER EA 90 -16.77 52.99 -54.60
N HIS EA 91 -16.09 53.77 -55.45
CA HIS EA 91 -16.00 53.40 -56.85
C HIS EA 91 -15.15 52.15 -57.02
N LEU EA 92 -14.05 52.05 -56.26
CA LEU EA 92 -13.21 50.86 -56.31
C LEU EA 92 -14.01 49.61 -55.94
N ALA EA 93 -14.94 49.74 -54.99
CA ALA EA 93 -15.69 48.59 -54.48
C ALA EA 93 -16.50 47.90 -55.57
N ARG EA 94 -16.80 48.61 -56.66
CA ARG EA 94 -17.51 47.98 -57.78
C ARG EA 94 -16.69 46.92 -58.48
N MET EA 95 -15.40 46.83 -58.16
CA MET EA 95 -14.46 45.91 -58.80
C MET EA 95 -14.00 44.81 -57.85
N TYR EA 96 -14.46 44.83 -56.60
CA TYR EA 96 -14.00 43.89 -55.60
C TYR EA 96 -15.16 43.21 -54.90
N ASN EA 97 -14.88 42.02 -54.37
CA ASN EA 97 -15.87 41.21 -53.68
C ASN EA 97 -15.91 41.47 -52.19
N GLY EA 98 -14.78 41.86 -51.59
CA GLY EA 98 -14.72 42.08 -50.16
C GLY EA 98 -13.63 43.06 -49.79
N TYR EA 99 -13.48 43.26 -48.48
CA TYR EA 99 -12.55 44.26 -47.94
C TYR EA 99 -12.27 43.92 -46.49
N ALA EA 100 -11.24 44.58 -45.95
CA ALA EA 100 -10.93 44.51 -44.53
C ALA EA 100 -9.97 45.63 -44.20
N GLY EA 101 -10.12 46.18 -43.00
CA GLY EA 101 -9.22 47.21 -42.52
C GLY EA 101 -9.96 48.48 -42.17
N GLY EA 102 -9.21 49.44 -41.62
CA GLY EA 102 -9.77 50.56 -40.92
C GLY EA 102 -9.63 51.88 -41.68
N PHE EA 103 -10.15 52.92 -41.04
CA PHE EA 103 -10.14 54.27 -41.60
C PHE EA 103 -9.59 55.25 -40.58
N GLU EA 104 -9.14 56.39 -41.09
CA GLU EA 104 -8.99 57.61 -40.29
C GLU EA 104 -10.10 58.54 -40.77
N VAL EA 105 -10.92 59.01 -39.84
CA VAL EA 105 -12.02 59.91 -40.15
C VAL EA 105 -11.76 61.28 -39.52
N GLN EA 106 -12.09 62.33 -40.27
CA GLN EA 106 -11.91 63.72 -39.87
C GLN EA 106 -13.26 64.42 -39.88
N VAL EA 107 -13.59 65.10 -38.77
CA VAL EA 107 -14.87 65.76 -38.62
C VAL EA 107 -14.64 67.27 -38.53
N ILE EA 108 -15.53 68.03 -39.18
CA ILE EA 108 -15.42 69.48 -39.28
C ILE EA 108 -16.76 70.10 -38.90
N LEU EA 109 -16.73 71.08 -38.00
CA LEU EA 109 -17.94 71.74 -37.52
C LEU EA 109 -17.86 73.22 -37.83
N ALA EA 110 -18.91 73.77 -38.46
CA ALA EA 110 -18.94 75.18 -38.85
C ALA EA 110 -19.71 75.99 -37.80
N GLY EA 111 -19.07 76.13 -36.63
CA GLY EA 111 -19.63 76.92 -35.55
C GLY EA 111 -19.13 78.36 -35.58
N ASN EA 112 -19.54 79.10 -34.56
CA ASN EA 112 -18.96 80.43 -34.33
C ASN EA 112 -18.91 80.67 -32.82
N ALA EA 113 -18.31 81.81 -32.45
CA ALA EA 113 -18.02 82.09 -31.04
C ALA EA 113 -19.28 82.25 -30.20
N PHE EA 114 -20.42 82.50 -30.83
CA PHE EA 114 -21.67 82.73 -30.11
C PHE EA 114 -22.41 81.42 -29.83
N THR EA 115 -21.87 80.30 -30.31
CA THR EA 115 -22.53 79.00 -30.19
C THR EA 115 -21.88 78.22 -29.05
N ALA EA 116 -22.72 77.57 -28.24
CA ALA EA 116 -22.22 76.76 -27.13
C ALA EA 116 -22.80 75.36 -27.25
N GLY EA 117 -22.05 74.40 -26.75
CA GLY EA 117 -22.49 73.01 -26.71
C GLY EA 117 -21.37 72.08 -27.11
N LYS EA 118 -21.54 70.81 -26.77
CA LYS EA 118 -20.53 69.81 -27.07
C LYS EA 118 -21.14 68.71 -27.94
N ILE EA 119 -20.35 68.22 -28.89
CA ILE EA 119 -20.69 67.04 -29.67
C ILE EA 119 -19.73 65.93 -29.26
N ILE EA 120 -20.27 64.72 -29.05
CA ILE EA 120 -19.44 63.55 -28.80
C ILE EA 120 -19.53 62.63 -30.02
N PHE EA 121 -18.37 62.18 -30.49
CA PHE EA 121 -18.28 61.13 -31.51
C PHE EA 121 -17.80 59.87 -30.83
N ALA EA 122 -18.40 58.73 -31.18
CA ALA EA 122 -18.02 57.49 -30.51
C ALA EA 122 -18.00 56.31 -31.47
N ALA EA 123 -17.05 55.40 -31.25
CA ALA EA 123 -16.97 54.14 -31.96
C ALA EA 123 -17.65 53.08 -31.12
N VAL EA 124 -18.73 52.51 -31.65
CA VAL EA 124 -19.52 51.50 -30.96
C VAL EA 124 -19.29 50.15 -31.66
N PRO EA 125 -18.99 49.08 -30.93
CA PRO EA 125 -18.52 47.85 -31.56
C PRO EA 125 -19.64 47.16 -32.31
N PRO EA 126 -19.33 46.14 -33.12
CA PRO EA 126 -20.30 45.68 -34.14
C PRO EA 126 -21.68 45.29 -33.66
N ASN EA 127 -21.83 44.45 -32.64
CA ASN EA 127 -23.15 44.00 -32.24
C ASN EA 127 -23.67 44.66 -30.97
N PHE EA 128 -23.28 45.91 -30.74
CA PHE EA 128 -23.86 46.65 -29.61
C PHE EA 128 -25.01 47.51 -30.10
N PRO EA 129 -26.17 47.47 -29.45
CA PRO EA 129 -27.33 48.23 -29.92
C PRO EA 129 -27.23 49.70 -29.50
N THR EA 130 -27.40 50.59 -30.48
CA THR EA 130 -27.32 52.02 -30.21
C THR EA 130 -28.61 52.60 -29.65
N GLU EA 131 -29.72 51.88 -29.71
CA GLU EA 131 -31.02 52.47 -29.46
C GLU EA 131 -31.17 52.78 -27.97
N GLY EA 132 -31.46 54.04 -27.65
CA GLY EA 132 -31.71 54.44 -26.29
C GLY EA 132 -30.50 54.97 -25.56
N LEU EA 133 -29.37 55.16 -26.23
CA LEU EA 133 -28.14 55.53 -25.56
C LEU EA 133 -28.25 56.93 -24.98
N SER EA 134 -27.80 57.09 -23.75
CA SER EA 134 -27.71 58.41 -23.16
C SER EA 134 -26.37 59.04 -23.50
N PRO EA 135 -26.25 60.38 -23.40
CA PRO EA 135 -24.94 60.99 -23.58
C PRO EA 135 -23.91 60.48 -22.60
N SER EA 136 -24.30 60.31 -21.33
CA SER EA 136 -23.43 59.68 -20.33
C SER EA 136 -22.88 58.35 -20.82
N GLN EA 137 -23.75 57.48 -21.35
CA GLN EA 137 -23.31 56.14 -21.73
C GLN EA 137 -22.33 56.18 -22.90
N VAL EA 138 -22.55 57.09 -23.84
CA VAL EA 138 -21.71 57.19 -25.03
C VAL EA 138 -20.24 57.45 -24.66
N THR EA 139 -19.99 58.14 -23.55
CA THR EA 139 -18.61 58.34 -23.10
C THR EA 139 -17.92 57.02 -22.75
N MET EA 140 -18.64 55.91 -22.63
CA MET EA 140 -18.00 54.66 -22.26
C MET EA 140 -17.42 53.91 -23.45
N PHE EA 141 -17.69 54.35 -24.66
CA PHE EA 141 -17.02 53.85 -25.86
C PHE EA 141 -15.74 54.64 -26.09
N PRO EA 142 -14.89 54.19 -27.02
CA PRO EA 142 -13.89 55.11 -27.56
C PRO EA 142 -14.60 56.35 -28.09
N HIS EA 143 -14.12 57.53 -27.68
CA HIS EA 143 -14.88 58.73 -28.00
C HIS EA 143 -13.99 59.95 -27.97
N ILE EA 144 -14.50 61.02 -28.58
CA ILE EA 144 -13.95 62.37 -28.49
C ILE EA 144 -15.08 63.34 -28.20
N ILE EA 145 -14.82 64.32 -27.34
CA ILE EA 145 -15.80 65.34 -27.03
C ILE EA 145 -15.27 66.64 -27.61
N VAL EA 146 -16.01 67.20 -28.57
CA VAL EA 146 -15.57 68.38 -29.31
C VAL EA 146 -16.55 69.51 -29.08
N ASP EA 147 -16.02 70.71 -28.86
CA ASP EA 147 -16.86 71.90 -28.65
C ASP EA 147 -17.32 72.43 -30.00
N VAL EA 148 -18.58 72.90 -30.05
CA VAL EA 148 -19.17 73.30 -31.32
C VAL EA 148 -18.46 74.49 -31.96
N ARG EA 149 -17.74 75.29 -31.18
CA ARG EA 149 -17.08 76.47 -31.75
C ARG EA 149 -15.67 76.17 -32.23
N GLN EA 150 -15.25 74.91 -32.21
CA GLN EA 150 -13.90 74.55 -32.63
C GLN EA 150 -13.69 74.86 -34.12
N LEU EA 151 -12.50 75.37 -34.45
CA LEU EA 151 -12.14 75.66 -35.83
C LEU EA 151 -11.40 74.50 -36.49
N GLU EA 152 -10.38 73.97 -35.83
CA GLU EA 152 -9.55 72.94 -36.44
C GLU EA 152 -10.27 71.59 -36.45
N PRO EA 153 -10.14 70.82 -37.53
CA PRO EA 153 -10.83 69.53 -37.60
C PRO EA 153 -10.31 68.56 -36.55
N VAL EA 154 -11.19 67.63 -36.16
CA VAL EA 154 -10.87 66.58 -35.21
C VAL EA 154 -10.67 65.25 -35.93
N LEU EA 155 -9.66 64.48 -35.51
CA LEU EA 155 -9.28 63.20 -36.12
C LEU EA 155 -9.69 62.03 -35.22
N ILE EA 156 -10.43 61.08 -35.79
CA ILE EA 156 -10.90 59.90 -35.08
C ILE EA 156 -10.34 58.66 -35.78
N PRO EA 157 -9.69 57.74 -35.07
CA PRO EA 157 -9.37 56.44 -35.68
C PRO EA 157 -10.55 55.47 -35.61
N LEU EA 158 -10.77 54.75 -36.71
CA LEU EA 158 -11.85 53.77 -36.82
C LEU EA 158 -11.30 52.41 -37.24
N PRO EA 159 -10.95 51.55 -36.30
CA PRO EA 159 -10.40 50.23 -36.65
C PRO EA 159 -11.49 49.23 -36.98
N ASP EA 160 -11.13 48.25 -37.81
CA ASP EA 160 -12.08 47.24 -38.29
C ASP EA 160 -12.14 46.06 -37.32
N VAL EA 161 -12.67 46.35 -36.13
CA VAL EA 161 -13.00 45.29 -35.18
C VAL EA 161 -14.03 44.34 -35.78
N ARG EA 162 -13.77 43.04 -35.66
CA ARG EA 162 -14.57 42.01 -36.29
C ARG EA 162 -14.14 40.66 -35.73
N ASN EA 163 -14.92 39.62 -36.02
CA ASN EA 163 -14.59 38.28 -35.57
C ASN EA 163 -14.49 37.30 -36.73
N ASN EA 164 -14.33 37.81 -37.94
CA ASN EA 164 -14.13 36.98 -39.12
C ASN EA 164 -12.92 37.50 -39.87
N PHE EA 165 -12.50 36.74 -40.89
CA PHE EA 165 -11.28 37.11 -41.60
C PHE EA 165 -11.47 38.41 -42.39
N TYR EA 166 -12.67 38.62 -42.94
CA TYR EA 166 -12.94 39.81 -43.75
C TYR EA 166 -14.44 39.90 -44.01
N HIS EA 167 -14.83 40.99 -44.67
CA HIS EA 167 -16.22 41.32 -44.95
C HIS EA 167 -16.51 41.17 -46.45
N TYR EA 168 -17.74 40.77 -46.78
CA TYR EA 168 -18.21 40.77 -48.16
C TYR EA 168 -19.00 42.03 -48.46
N ASN EA 169 -18.82 42.57 -49.67
CA ASN EA 169 -19.57 43.75 -50.09
C ASN EA 169 -21.06 43.44 -50.14
N GLN EA 170 -21.43 42.25 -50.60
CA GLN EA 170 -22.81 41.86 -50.84
C GLN EA 170 -23.54 41.41 -49.59
N SER EA 171 -22.88 41.39 -48.43
CA SER EA 171 -23.47 40.97 -47.18
C SER EA 171 -23.63 42.17 -46.24
N ASN EA 172 -24.55 42.02 -45.30
CA ASN EA 172 -24.80 43.05 -44.29
C ASN EA 172 -24.28 42.63 -42.92
N ASP EA 173 -23.18 41.86 -42.93
CA ASP EA 173 -22.45 41.56 -41.70
C ASP EA 173 -22.12 42.88 -41.00
N PRO EA 174 -22.36 42.99 -39.69
CA PRO EA 174 -22.18 44.28 -39.04
C PRO EA 174 -20.72 44.62 -38.79
N THR EA 175 -20.43 45.90 -38.85
CA THR EA 175 -19.10 46.44 -38.65
C THR EA 175 -19.17 47.48 -37.54
N ILE EA 176 -18.00 47.95 -37.11
CA ILE EA 176 -17.96 49.05 -36.15
C ILE EA 176 -18.74 50.23 -36.70
N LYS EA 177 -19.42 50.94 -35.81
CA LYS EA 177 -20.20 52.12 -36.15
C LYS EA 177 -19.59 53.35 -35.51
N LEU EA 178 -19.54 54.45 -36.25
CA LEU EA 178 -19.26 55.77 -35.69
C LEU EA 178 -20.56 56.54 -35.54
N ILE EA 179 -20.79 57.12 -34.36
CA ILE EA 179 -22.02 57.82 -34.05
C ILE EA 179 -21.68 59.20 -33.48
N ALA EA 180 -22.47 60.20 -33.85
CA ALA EA 180 -22.34 61.55 -33.31
C ALA EA 180 -23.66 62.00 -32.71
N MET EA 181 -23.61 62.47 -31.47
CA MET EA 181 -24.77 63.04 -30.79
C MET EA 181 -24.36 64.26 -29.97
N LEU EA 182 -25.36 65.08 -29.66
CA LEU EA 182 -25.16 66.23 -28.77
C LEU EA 182 -24.86 65.72 -27.36
N TYR EA 183 -23.69 66.08 -26.83
CA TYR EA 183 -23.26 65.60 -25.53
C TYR EA 183 -23.78 66.48 -24.39
N THR EA 184 -23.87 67.78 -24.65
CA THR EA 184 -24.48 68.78 -23.79
C THR EA 184 -25.43 69.58 -24.66
N PRO EA 185 -26.51 70.12 -24.08
CA PRO EA 185 -27.48 70.86 -24.90
C PRO EA 185 -26.82 72.02 -25.64
N LEU EA 186 -27.32 72.25 -26.85
CA LEU EA 186 -26.87 73.32 -27.72
C LEU EA 186 -27.61 74.63 -27.44
N ARG EA 187 -26.86 75.70 -27.22
CA ARG EA 187 -27.42 77.03 -27.07
C ARG EA 187 -26.97 77.88 -28.25
N ALA EA 188 -27.91 78.56 -28.88
CA ALA EA 188 -27.61 79.32 -30.09
C ALA EA 188 -28.59 80.48 -30.27
N VAL EA 195 -32.31 79.82 -34.99
CA VAL EA 195 -32.26 80.01 -36.44
C VAL EA 195 -30.89 79.57 -36.96
N PHE EA 196 -29.89 79.60 -36.08
CA PHE EA 196 -28.52 79.27 -36.45
C PHE EA 196 -28.35 77.76 -36.55
N THR EA 197 -28.21 77.26 -37.76
CA THR EA 197 -27.92 75.85 -38.00
C THR EA 197 -26.43 75.66 -38.23
N VAL EA 198 -25.85 74.68 -37.55
CA VAL EA 198 -24.42 74.37 -37.67
C VAL EA 198 -24.25 73.26 -38.69
N SER EA 199 -23.65 73.60 -39.84
CA SER EA 199 -23.34 72.59 -40.83
C SER EA 199 -22.09 71.85 -40.41
N CYS EA 200 -22.13 70.52 -40.48
CA CYS EA 200 -21.01 69.67 -40.09
C CYS EA 200 -20.67 68.74 -41.24
N ARG EA 201 -19.38 68.42 -41.37
CA ARG EA 201 -18.91 67.56 -42.44
C ARG EA 201 -17.99 66.49 -41.90
N VAL EA 202 -18.12 65.29 -42.45
CA VAL EA 202 -17.30 64.15 -42.10
C VAL EA 202 -16.47 63.75 -43.32
N LEU EA 203 -15.14 63.74 -43.17
CA LEU EA 203 -14.23 63.28 -44.21
C LEU EA 203 -13.47 62.06 -43.70
N THR EA 204 -13.07 61.20 -44.63
CA THR EA 204 -12.45 59.92 -44.29
C THR EA 204 -11.29 59.63 -45.21
N ARG EA 205 -10.47 58.66 -44.82
CA ARG EA 205 -9.44 58.09 -45.67
C ARG EA 205 -9.07 56.73 -45.11
N PRO EA 206 -8.66 55.79 -45.97
CA PRO EA 206 -8.37 54.44 -45.46
C PRO EA 206 -7.09 54.41 -44.63
N SER EA 207 -7.13 53.63 -43.55
CA SER EA 207 -5.93 53.31 -42.80
C SER EA 207 -4.96 52.55 -43.70
N PRO EA 208 -3.68 52.46 -43.29
CA PRO EA 208 -2.74 51.65 -44.09
C PRO EA 208 -3.09 50.17 -44.16
N ASP EA 209 -3.79 49.62 -43.18
CA ASP EA 209 -4.15 48.21 -43.20
C ASP EA 209 -5.41 47.91 -44.03
N PHE EA 210 -6.04 48.92 -44.61
CA PHE EA 210 -7.21 48.67 -45.45
C PHE EA 210 -6.79 48.14 -46.82
N ASP EA 211 -7.54 47.16 -47.31
CA ASP EA 211 -7.32 46.64 -48.65
C ASP EA 211 -8.56 45.89 -49.11
N PHE EA 212 -8.74 45.85 -50.42
CA PHE EA 212 -9.79 45.05 -51.02
C PHE EA 212 -9.31 43.63 -51.23
N ILE EA 213 -10.23 42.74 -51.57
CA ILE EA 213 -9.82 41.35 -51.55
C ILE EA 213 -9.94 40.58 -52.87
N PHE EA 214 -11.09 40.56 -53.52
CA PHE EA 214 -11.23 39.71 -54.69
C PHE EA 214 -11.66 40.53 -55.88
N LEU EA 215 -10.86 40.51 -56.94
CA LEU EA 215 -11.14 41.26 -58.15
C LEU EA 215 -12.35 40.68 -58.87
N VAL EA 216 -13.29 41.52 -59.26
CA VAL EA 216 -14.53 40.97 -59.82
C VAL EA 216 -15.08 41.97 -60.85
N PRO EA 217 -15.82 41.53 -61.86
CA PRO EA 217 -16.37 42.48 -62.85
C PRO EA 217 -17.46 43.34 -62.25
N PRO EA 218 -17.46 44.66 -62.52
CA PRO EA 218 -18.59 45.48 -62.09
C PRO EA 218 -19.81 45.19 -62.94
N THR EA 219 -20.64 44.25 -62.49
CA THR EA 219 -21.87 43.90 -63.19
C THR EA 219 -23.04 44.72 -62.66
N VAL EA 220 -24.17 44.65 -63.38
CA VAL EA 220 -25.36 45.40 -62.99
C VAL EA 220 -26.01 44.73 -61.79
N GLU EA 221 -26.04 43.39 -61.77
CA GLU EA 221 -26.67 42.66 -60.66
C GLU EA 221 -25.95 42.90 -59.33
N SER EA 222 -24.74 43.43 -59.37
CA SER EA 222 -23.99 43.66 -58.12
C SER EA 222 -24.75 44.60 -57.20
N ARG EA 223 -25.39 45.62 -57.77
CA ARG EA 223 -26.04 46.70 -57.04
C ARG EA 223 -25.02 47.60 -56.34
N THR EA 224 -23.77 47.56 -56.80
CA THR EA 224 -22.70 48.42 -56.31
C THR EA 224 -22.69 49.77 -57.00
N LYS EA 225 -23.59 50.00 -57.95
CA LYS EA 225 -23.68 51.32 -58.57
C LYS EA 225 -24.16 52.33 -57.54
N PRO EA 226 -23.51 53.48 -57.41
CA PRO EA 226 -23.91 54.44 -56.39
C PRO EA 226 -25.14 55.22 -56.82
N PHE EA 227 -25.88 55.69 -55.81
CA PHE EA 227 -27.17 56.31 -56.08
C PHE EA 227 -26.98 57.68 -56.72
N THR EA 228 -27.80 57.95 -57.73
CA THR EA 228 -27.78 59.22 -58.45
C THR EA 228 -29.21 59.62 -58.79
N VAL EA 229 -29.34 60.85 -59.25
CA VAL EA 229 -30.63 61.42 -59.65
C VAL EA 229 -30.45 62.04 -61.02
N PRO EA 230 -31.37 61.83 -61.96
CA PRO EA 230 -31.13 62.23 -63.35
C PRO EA 230 -30.84 63.73 -63.48
N ILE EA 231 -29.99 64.05 -64.46
CA ILE EA 231 -29.64 65.44 -64.75
C ILE EA 231 -30.73 66.15 -65.53
N LEU EA 232 -31.83 65.48 -65.86
CA LEU EA 232 -32.89 66.11 -66.64
C LEU EA 232 -33.48 67.29 -65.90
N THR EA 233 -33.93 68.27 -66.68
CA THR EA 233 -34.59 69.47 -66.17
C THR EA 233 -36.06 69.18 -65.87
N VAL EA 234 -36.62 69.95 -64.93
CA VAL EA 234 -38.04 69.85 -64.63
C VAL EA 234 -38.87 69.98 -65.91
N GLU EA 235 -38.53 70.98 -66.73
CA GLU EA 235 -39.26 71.22 -67.97
C GLU EA 235 -39.24 70.02 -68.91
N GLU EA 236 -38.11 69.31 -69.00
CA GLU EA 236 -37.99 68.21 -69.93
C GLU EA 236 -38.46 66.87 -69.38
N MET EA 237 -39.01 66.82 -68.16
CA MET EA 237 -39.48 65.57 -67.60
C MET EA 237 -41.00 65.48 -67.69
N THR EA 238 -41.55 64.37 -67.22
CA THR EA 238 -42.94 64.01 -67.49
C THR EA 238 -43.64 63.66 -66.18
N ASN EA 239 -44.91 64.07 -66.07
CA ASN EA 239 -45.70 63.75 -64.90
C ASN EA 239 -46.00 62.25 -64.84
N SER EA 240 -46.00 61.70 -63.64
CA SER EA 240 -46.13 60.27 -63.41
C SER EA 240 -47.56 59.85 -63.11
N ARG EA 241 -48.50 60.79 -63.07
CA ARG EA 241 -49.90 60.51 -62.75
C ARG EA 241 -50.84 60.72 -63.93
N PHE EA 242 -50.34 61.28 -65.05
CA PHE EA 242 -51.12 61.54 -66.24
C PHE EA 242 -50.17 61.80 -67.39
N PRO EA 243 -50.47 61.32 -68.60
CA PRO EA 243 -49.51 61.44 -69.70
C PRO EA 243 -49.33 62.88 -70.17
N ILE EA 244 -48.75 63.72 -69.32
CA ILE EA 244 -48.46 65.12 -69.66
C ILE EA 244 -47.08 65.49 -69.13
N PRO EA 245 -46.42 66.44 -69.78
CA PRO EA 245 -45.11 66.88 -69.29
C PRO EA 245 -45.22 67.63 -67.98
N LEU EA 246 -44.08 67.71 -67.29
CA LEU EA 246 -43.98 68.50 -66.07
C LEU EA 246 -43.89 69.98 -66.41
N GLU EA 247 -44.22 70.82 -65.44
CA GLU EA 247 -44.30 72.24 -65.74
C GLU EA 247 -43.65 73.14 -64.68
N LYS EA 248 -43.94 72.89 -63.40
CA LYS EA 248 -43.31 73.69 -62.34
C LYS EA 248 -43.18 72.84 -61.08
N LEU EA 249 -42.41 73.37 -60.12
CA LEU EA 249 -42.30 72.80 -58.78
C LEU EA 249 -43.14 73.58 -57.80
N PHE EA 250 -43.85 72.87 -56.93
CA PHE EA 250 -44.80 73.48 -56.00
C PHE EA 250 -44.62 72.91 -54.60
N THR EA 251 -44.62 73.80 -53.61
CA THR EA 251 -44.68 73.40 -52.21
C THR EA 251 -45.96 73.96 -51.61
N GLY EA 252 -46.59 73.18 -50.74
CA GLY EA 252 -47.75 73.65 -50.01
C GLY EA 252 -48.04 72.84 -48.76
N PRO EA 253 -48.82 73.41 -47.86
CA PRO EA 253 -49.26 72.65 -46.69
C PRO EA 253 -50.24 71.56 -47.10
N SER EA 254 -50.19 70.44 -46.39
CA SER EA 254 -50.95 69.26 -46.78
C SER EA 254 -51.87 68.78 -45.66
N GLY EA 255 -52.23 69.68 -44.72
CA GLY EA 255 -53.06 69.26 -43.61
C GLY EA 255 -54.46 68.85 -44.04
N ALA EA 256 -54.99 69.52 -45.07
CA ALA EA 256 -56.36 69.28 -45.51
C ALA EA 256 -56.53 67.87 -46.09
N PHE EA 257 -55.61 67.46 -46.94
CA PHE EA 257 -55.78 66.27 -47.76
C PHE EA 257 -55.14 65.06 -47.09
N VAL EA 258 -55.29 63.91 -47.74
CA VAL EA 258 -54.48 62.73 -47.48
C VAL EA 258 -53.70 62.46 -48.77
N VAL EA 259 -52.38 62.63 -48.71
CA VAL EA 259 -51.53 62.50 -49.89
C VAL EA 259 -51.17 61.02 -50.04
N GLN EA 260 -51.91 60.32 -50.90
CA GLN EA 260 -51.69 58.90 -51.07
C GLN EA 260 -51.84 58.48 -52.54
N PRO EA 261 -51.20 59.15 -53.49
CA PRO EA 261 -51.34 58.75 -54.89
C PRO EA 261 -50.75 57.36 -55.11
N GLN EA 262 -51.21 56.72 -56.18
CA GLN EA 262 -50.77 55.37 -56.50
C GLN EA 262 -49.96 55.25 -57.78
N ASN EA 263 -49.86 56.33 -58.56
CA ASN EA 263 -48.98 56.34 -59.72
C ASN EA 263 -47.78 57.22 -59.43
N GLY EA 264 -46.66 56.91 -60.09
CA GLY EA 264 -45.41 57.59 -59.79
C GLY EA 264 -44.97 57.40 -58.36
N ARG EA 265 -45.07 56.18 -57.84
CA ARG EA 265 -44.61 55.85 -56.50
C ARG EA 265 -43.56 54.74 -56.60
N CYS EA 266 -42.32 55.07 -56.25
CA CYS EA 266 -41.20 54.15 -56.40
C CYS EA 266 -40.17 54.45 -55.33
N THR EA 267 -39.48 53.41 -54.89
CA THR EA 267 -38.44 53.52 -53.87
C THR EA 267 -37.11 53.85 -54.54
N THR EA 268 -36.22 54.50 -53.78
CA THR EA 268 -34.89 54.82 -54.30
C THR EA 268 -34.12 53.60 -54.79
N ASP EA 269 -34.33 52.42 -54.21
CA ASP EA 269 -33.64 51.23 -54.72
C ASP EA 269 -34.45 50.51 -55.80
N GLY EA 270 -35.46 51.15 -56.36
CA GLY EA 270 -36.11 50.65 -57.56
C GLY EA 270 -37.29 49.73 -57.36
N VAL EA 271 -37.94 49.78 -56.19
CA VAL EA 271 -39.15 49.00 -55.96
C VAL EA 271 -40.36 49.84 -56.32
N LEU EA 272 -41.18 49.36 -57.24
CA LEU EA 272 -42.41 50.04 -57.60
C LEU EA 272 -43.50 49.80 -56.55
N LEU EA 273 -44.37 50.79 -56.37
CA LEU EA 273 -45.41 50.74 -55.36
C LEU EA 273 -46.76 51.10 -55.97
N GLY EA 274 -47.82 50.65 -55.31
CA GLY EA 274 -49.17 51.00 -55.74
C GLY EA 274 -49.48 50.50 -57.13
N THR EA 275 -50.05 51.37 -57.95
CA THR EA 275 -50.42 51.05 -59.32
C THR EA 275 -49.37 51.51 -60.32
N THR EA 276 -48.14 51.74 -59.86
CA THR EA 276 -47.13 52.39 -60.67
C THR EA 276 -46.51 51.39 -61.63
N GLN EA 277 -46.33 51.82 -62.88
CA GLN EA 277 -45.60 51.05 -63.87
C GLN EA 277 -44.71 52.01 -64.64
N LEU EA 278 -43.96 51.48 -65.60
CA LEU EA 278 -42.83 52.20 -66.15
C LEU EA 278 -43.19 53.07 -67.36
N SER EA 279 -44.22 52.70 -68.10
CA SER EA 279 -44.50 53.37 -69.36
C SER EA 279 -45.20 54.69 -69.10
N PRO EA 280 -44.67 55.82 -69.58
CA PRO EA 280 -45.32 57.12 -69.35
C PRO EA 280 -46.56 57.34 -70.18
N VAL EA 281 -46.88 56.43 -71.11
CA VAL EA 281 -48.02 56.60 -72.01
C VAL EA 281 -49.23 55.87 -71.47
N ASN EA 282 -49.01 54.77 -70.74
CA ASN EA 282 -50.09 53.96 -70.20
C ASN EA 282 -50.56 54.43 -68.83
N ILE EA 283 -50.39 55.71 -68.50
CA ILE EA 283 -50.62 56.14 -67.12
C ILE EA 283 -52.09 56.43 -66.83
N CYS EA 284 -52.96 56.44 -67.85
CA CYS EA 284 -54.41 56.51 -67.64
C CYS EA 284 -55.16 55.94 -68.84
N THR EA 285 -54.69 54.81 -69.35
CA THR EA 285 -55.30 54.15 -70.48
C THR EA 285 -56.02 52.89 -70.02
N PHE EA 286 -56.95 52.42 -70.84
CA PHE EA 286 -57.64 51.16 -70.60
C PHE EA 286 -57.69 50.38 -71.91
N ARG EA 287 -57.53 49.06 -71.81
CA ARG EA 287 -57.59 48.18 -72.97
C ARG EA 287 -58.44 46.97 -72.62
N GLY EA 288 -59.32 46.58 -73.54
CA GLY EA 288 -60.13 45.41 -73.34
C GLY EA 288 -61.25 45.33 -74.35
N ASP EA 289 -62.21 44.47 -74.05
CA ASP EA 289 -63.40 44.27 -74.89
C ASP EA 289 -64.53 45.12 -74.35
N VAL EA 290 -65.39 45.58 -75.26
CA VAL EA 290 -66.39 46.58 -74.91
C VAL EA 290 -67.79 46.02 -75.19
N THR EA 291 -68.75 46.47 -74.37
CA THR EA 291 -70.11 45.96 -74.37
C THR EA 291 -71.07 47.14 -74.24
N HIS EA 292 -72.12 47.14 -75.05
CA HIS EA 292 -73.12 48.20 -74.99
C HIS EA 292 -74.05 48.01 -73.80
N ILE EA 293 -74.46 49.13 -73.19
CA ILE EA 293 -75.49 49.15 -72.17
C ILE EA 293 -76.78 49.62 -72.85
N ALA EA 294 -77.80 48.75 -72.84
CA ALA EA 294 -78.94 48.91 -73.74
C ALA EA 294 -79.68 50.22 -73.50
N GLY EA 295 -79.92 50.96 -74.57
CA GLY EA 295 -80.73 52.16 -74.56
C GLY EA 295 -80.00 53.45 -74.21
N THR EA 296 -78.72 53.37 -73.88
CA THR EA 296 -77.94 54.52 -73.44
C THR EA 296 -76.71 54.68 -74.33
N HIS EA 297 -75.92 55.71 -74.06
CA HIS EA 297 -74.63 55.89 -74.69
C HIS EA 297 -73.47 55.38 -73.84
N ASP EA 298 -73.76 54.51 -72.86
CA ASP EA 298 -72.76 53.99 -71.95
C ASP EA 298 -72.29 52.61 -72.42
N TYR EA 299 -71.02 52.31 -72.14
CA TYR EA 299 -70.43 51.01 -72.45
C TYR EA 299 -69.69 50.47 -71.24
N THR EA 300 -69.63 49.14 -71.15
CA THR EA 300 -68.85 48.45 -70.12
C THR EA 300 -67.65 47.76 -70.78
N MET EA 301 -66.45 48.00 -70.24
CA MET EA 301 -65.22 47.43 -70.76
C MET EA 301 -64.68 46.39 -69.78
N ASN EA 302 -64.52 45.16 -70.25
CA ASN EA 302 -63.83 44.12 -69.49
C ASN EA 302 -62.34 44.21 -69.77
N LEU EA 303 -61.55 44.44 -68.72
CA LEU EA 303 -60.18 44.90 -68.89
C LEU EA 303 -59.24 43.72 -69.15
N ALA EA 304 -58.29 43.94 -70.05
CA ALA EA 304 -57.06 43.15 -70.11
C ALA EA 304 -55.92 43.88 -69.40
N SER EA 305 -54.79 43.18 -69.29
CA SER EA 305 -53.55 43.78 -68.79
C SER EA 305 -53.00 44.79 -69.80
N GLN EA 306 -51.98 45.54 -69.36
CA GLN EA 306 -51.36 46.54 -70.23
C GLN EA 306 -50.79 45.92 -71.49
N ASN EA 307 -50.26 44.69 -71.37
CA ASN EA 307 -49.62 43.99 -72.49
C ASN EA 307 -50.63 43.24 -73.35
N TRP EA 308 -51.93 43.34 -73.03
CA TRP EA 308 -53.05 42.66 -73.68
C TRP EA 308 -53.12 41.21 -73.23
N ASN EA 309 -52.40 40.85 -72.17
CA ASN EA 309 -52.58 39.56 -71.52
C ASN EA 309 -53.91 39.52 -70.77
N ASN EA 310 -54.24 38.34 -70.25
CA ASN EA 310 -55.40 38.23 -69.38
C ASN EA 310 -55.12 38.89 -68.04
N TYR EA 311 -56.17 39.41 -67.42
CA TYR EA 311 -56.04 40.09 -66.13
C TYR EA 311 -56.30 39.13 -64.98
N ASP EA 312 -55.40 39.13 -64.00
CA ASP EA 312 -55.48 38.27 -62.83
C ASP EA 312 -55.83 39.12 -61.61
N PRO EA 313 -57.00 38.95 -61.00
CA PRO EA 313 -57.37 39.76 -59.84
C PRO EA 313 -56.71 39.33 -58.54
N THR EA 314 -55.94 38.25 -58.54
CA THR EA 314 -55.27 37.75 -57.34
C THR EA 314 -53.89 38.38 -57.12
N GLU EA 315 -53.42 39.20 -58.05
CA GLU EA 315 -52.12 39.83 -57.91
C GLU EA 315 -52.12 40.79 -56.71
N GLU EA 316 -51.00 40.80 -55.98
CA GLU EA 316 -50.90 41.60 -54.76
C GLU EA 316 -50.78 43.07 -55.14
N ILE EA 317 -51.84 43.62 -55.73
CA ILE EA 317 -51.82 44.98 -56.26
C ILE EA 317 -53.14 45.66 -55.94
N PRO EA 318 -53.13 46.98 -55.77
CA PRO EA 318 -54.41 47.69 -55.54
C PRO EA 318 -55.35 47.66 -56.74
N ALA EA 319 -54.83 47.69 -57.95
CA ALA EA 319 -55.62 47.74 -59.17
C ALA EA 319 -54.70 47.50 -60.36
N PRO EA 320 -55.19 47.44 -61.61
CA PRO EA 320 -54.26 47.30 -62.73
C PRO EA 320 -53.29 48.48 -62.78
N LEU EA 321 -52.07 48.20 -63.23
CA LEU EA 321 -51.05 49.23 -63.25
C LEU EA 321 -51.43 50.33 -64.24
N GLY EA 322 -51.35 51.57 -63.79
CA GLY EA 322 -51.73 52.70 -64.60
C GLY EA 322 -53.17 53.14 -64.44
N THR EA 323 -53.93 52.50 -63.58
CA THR EA 323 -55.30 52.93 -63.32
C THR EA 323 -55.26 54.31 -62.64
N PRO EA 324 -56.11 55.25 -63.05
CA PRO EA 324 -56.10 56.57 -62.43
C PRO EA 324 -56.16 56.48 -60.91
N ASP EA 325 -55.46 57.41 -60.25
CA ASP EA 325 -55.31 57.41 -58.80
C ASP EA 325 -55.93 58.66 -58.18
N PHE EA 326 -56.96 59.21 -58.84
CA PHE EA 326 -57.69 60.35 -58.32
C PHE EA 326 -59.15 60.21 -58.71
N VAL EA 327 -60.01 60.95 -58.02
CA VAL EA 327 -61.43 60.96 -58.31
C VAL EA 327 -61.74 62.09 -59.27
N GLY EA 328 -62.38 61.76 -60.38
CA GLY EA 328 -62.71 62.75 -61.39
C GLY EA 328 -63.23 62.09 -62.64
N LYS EA 329 -63.61 62.94 -63.59
CA LYS EA 329 -64.08 62.49 -64.89
C LYS EA 329 -63.03 62.82 -65.95
N ILE EA 330 -62.44 61.78 -66.54
CA ILE EA 330 -61.37 61.90 -67.51
C ILE EA 330 -61.95 61.71 -68.90
N GLN EA 331 -61.79 62.72 -69.76
CA GLN EA 331 -62.29 62.65 -71.12
C GLN EA 331 -61.16 62.23 -72.06
N GLY EA 332 -61.50 61.37 -73.01
CA GLY EA 332 -60.54 60.92 -73.99
C GLY EA 332 -61.23 60.44 -75.27
N VAL EA 333 -60.73 59.34 -75.82
CA VAL EA 333 -61.25 58.77 -77.07
C VAL EA 333 -61.13 57.26 -76.98
N LEU EA 334 -62.24 56.57 -77.26
CA LEU EA 334 -62.22 55.12 -77.42
C LEU EA 334 -61.86 54.79 -78.86
N THR EA 335 -60.90 53.88 -79.04
CA THR EA 335 -60.43 53.48 -80.35
C THR EA 335 -60.53 51.97 -80.49
N GLN EA 336 -60.94 51.52 -81.67
CA GLN EA 336 -61.20 50.11 -81.90
C GLN EA 336 -60.81 49.76 -83.33
N THR EA 337 -60.33 48.54 -83.52
CA THR EA 337 -59.94 48.05 -84.83
C THR EA 337 -60.45 46.63 -84.97
N THR EA 338 -61.11 46.35 -86.09
CA THR EA 338 -61.70 45.03 -86.34
C THR EA 338 -60.69 44.14 -87.04
N ARG EA 339 -60.32 43.03 -86.39
CA ARG EA 339 -59.38 42.09 -86.98
C ARG EA 339 -60.03 41.37 -88.15
N GLY EA 340 -59.36 41.38 -89.30
CA GLY EA 340 -59.90 40.74 -90.48
C GLY EA 340 -60.04 41.66 -91.67
N ASP EA 341 -60.61 42.85 -91.45
CA ASP EA 341 -60.78 43.83 -92.52
C ASP EA 341 -60.03 45.12 -92.29
N GLY EA 342 -59.62 45.43 -91.05
CA GLY EA 342 -58.99 46.70 -90.76
C GLY EA 342 -59.93 47.85 -90.48
N SER EA 343 -61.19 47.58 -90.14
CA SER EA 343 -62.12 48.64 -89.80
C SER EA 343 -61.67 49.34 -88.53
N THR EA 344 -61.77 50.68 -88.53
CA THR EA 344 -61.39 51.48 -87.37
C THR EA 344 -62.46 52.52 -87.07
N ARG EA 345 -62.71 52.73 -85.78
CA ARG EA 345 -63.73 53.66 -85.31
C ARG EA 345 -63.18 54.46 -84.15
N GLY EA 346 -63.58 55.74 -84.08
CA GLY EA 346 -63.15 56.61 -83.00
C GLY EA 346 -64.24 57.55 -82.50
N HIS EA 347 -64.49 57.54 -81.19
CA HIS EA 347 -65.60 58.28 -80.61
C HIS EA 347 -65.14 58.95 -79.32
N LYS EA 348 -65.46 60.23 -79.18
CA LYS EA 348 -65.29 60.93 -77.91
C LYS EA 348 -65.91 60.12 -76.78
N ALA EA 349 -65.16 59.97 -75.68
CA ALA EA 349 -65.60 59.16 -74.57
C ALA EA 349 -65.08 59.75 -73.28
N THR EA 350 -65.67 59.32 -72.17
CA THR EA 350 -65.38 59.90 -70.87
C THR EA 350 -65.53 58.82 -69.79
N VAL EA 351 -64.57 58.79 -68.88
CA VAL EA 351 -64.60 57.87 -67.73
C VAL EA 351 -64.83 58.71 -66.49
N SER EA 352 -65.81 58.32 -65.67
CA SER EA 352 -66.02 58.94 -64.38
C SER EA 352 -65.44 58.03 -63.32
N THR EA 353 -64.33 58.47 -62.72
CA THR EA 353 -63.74 57.75 -61.61
C THR EA 353 -64.52 58.06 -60.34
N GLY EA 354 -64.61 57.09 -59.45
CA GLY EA 354 -65.42 57.25 -58.26
C GLY EA 354 -66.90 57.07 -58.49
N SER EA 355 -67.35 57.01 -59.75
CA SER EA 355 -68.69 56.54 -60.06
C SER EA 355 -68.83 55.08 -59.64
N VAL EA 356 -70.08 54.69 -59.31
CA VAL EA 356 -70.32 53.37 -58.75
C VAL EA 356 -69.94 52.24 -59.71
N HIS EA 357 -69.83 52.53 -61.00
CA HIS EA 357 -69.48 51.51 -61.98
C HIS EA 357 -67.99 51.48 -62.32
N PHE EA 358 -67.18 52.24 -61.59
CA PHE EA 358 -65.73 52.20 -61.74
C PHE EA 358 -65.15 51.15 -60.79
N THR EA 359 -64.98 49.92 -61.30
CA THR EA 359 -64.47 48.80 -60.52
C THR EA 359 -63.33 48.12 -61.27
N PRO EA 360 -62.19 48.79 -61.43
CA PRO EA 360 -61.12 48.20 -62.24
C PRO EA 360 -60.42 47.03 -61.58
N LYS EA 361 -60.37 46.99 -60.24
CA LYS EA 361 -59.83 45.81 -59.56
C LYS EA 361 -60.66 44.57 -59.86
N LEU EA 362 -61.96 44.75 -60.10
CA LEU EA 362 -62.84 43.64 -60.42
C LEU EA 362 -62.84 43.30 -61.91
N GLY EA 363 -62.37 44.21 -62.75
CA GLY EA 363 -62.13 43.94 -64.15
C GLY EA 363 -62.96 44.76 -65.12
N SER EA 364 -63.78 45.70 -64.65
CA SER EA 364 -64.69 46.42 -65.53
C SER EA 364 -64.77 47.89 -65.13
N VAL EA 365 -64.82 48.76 -66.13
CA VAL EA 365 -65.04 50.19 -65.96
C VAL EA 365 -66.04 50.63 -67.01
N GLN EA 366 -66.75 51.72 -66.73
CA GLN EA 366 -67.84 52.19 -67.57
C GLN EA 366 -67.49 53.51 -68.23
N PHE EA 367 -67.69 53.58 -69.54
CA PHE EA 367 -67.47 54.77 -70.35
C PHE EA 367 -68.80 55.34 -70.80
N THR EA 368 -68.84 56.65 -71.02
CA THR EA 368 -69.96 57.29 -71.69
C THR EA 368 -69.46 57.87 -73.01
N THR EA 369 -70.09 57.46 -74.10
CA THR EA 369 -69.62 57.76 -75.45
C THR EA 369 -70.62 58.67 -76.16
N ASP EA 370 -70.30 59.02 -77.41
CA ASP EA 370 -71.18 59.83 -78.23
C ASP EA 370 -71.92 59.01 -79.30
N THR EA 371 -71.91 57.69 -79.18
CA THR EA 371 -72.68 56.82 -80.06
C THR EA 371 -73.11 55.61 -79.26
N ASN EA 372 -74.28 55.06 -79.59
CA ASN EA 372 -74.79 53.86 -78.94
C ASN EA 372 -74.80 52.62 -79.83
N ASN EA 373 -74.29 52.68 -81.06
CA ASN EA 373 -74.30 51.53 -81.94
C ASN EA 373 -72.98 51.20 -82.64
N ASP EA 374 -71.96 52.04 -82.55
CA ASP EA 374 -70.76 51.92 -83.37
C ASP EA 374 -69.56 51.34 -82.61
N LEU EA 375 -69.78 50.45 -81.64
CA LEU EA 375 -68.67 49.78 -80.97
C LEU EA 375 -68.96 48.28 -80.87
N GLU EA 376 -68.23 47.49 -81.65
CA GLU EA 376 -68.44 46.05 -81.73
C GLU EA 376 -67.96 45.37 -80.46
N THR EA 377 -68.46 44.16 -80.22
CA THR EA 377 -68.23 43.50 -78.93
C THR EA 377 -66.94 42.69 -78.89
N GLY EA 378 -66.62 41.96 -79.95
CA GLY EA 378 -65.45 41.10 -79.90
C GLY EA 378 -64.11 41.73 -80.15
N GLN EA 379 -64.06 43.03 -80.46
CA GLN EA 379 -62.82 43.67 -80.88
C GLN EA 379 -62.12 44.36 -79.70
N ASN EA 380 -60.80 44.45 -79.81
CA ASN EA 380 -59.99 45.12 -78.80
C ASN EA 380 -60.18 46.64 -78.87
N THR EA 381 -60.28 47.27 -77.72
CA THR EA 381 -60.60 48.69 -77.63
C THR EA 381 -59.67 49.37 -76.62
N LYS EA 382 -59.18 50.54 -76.99
CA LYS EA 382 -58.20 51.29 -76.20
C LYS EA 382 -58.76 52.67 -75.86
N PHE EA 383 -58.71 53.03 -74.58
CA PHE EA 383 -59.02 54.38 -74.15
C PHE EA 383 -57.75 55.23 -74.10
N THR EA 384 -57.68 56.25 -74.95
CA THR EA 384 -56.57 57.19 -74.93
C THR EA 384 -56.99 58.43 -74.15
N PRO EA 385 -56.38 58.72 -73.00
CA PRO EA 385 -56.81 59.87 -72.21
C PRO EA 385 -56.30 61.17 -72.80
N VAL EA 386 -57.04 62.25 -72.53
CA VAL EA 386 -56.69 63.57 -73.06
C VAL EA 386 -56.80 64.65 -71.99
N GLY EA 387 -57.88 64.60 -71.20
CA GLY EA 387 -58.08 65.65 -70.23
C GLY EA 387 -59.17 65.29 -69.24
N VAL EA 388 -59.51 66.28 -68.41
CA VAL EA 388 -60.54 66.17 -67.38
C VAL EA 388 -61.64 67.17 -67.66
N VAL EA 389 -62.82 66.89 -67.12
CA VAL EA 389 -64.01 67.72 -67.32
C VAL EA 389 -64.65 68.02 -65.96
N GLN EA 390 -65.48 69.06 -65.95
CA GLN EA 390 -66.11 69.54 -64.73
C GLN EA 390 -67.54 69.95 -65.02
N ASP EA 391 -68.45 69.60 -64.11
CA ASP EA 391 -69.85 69.98 -64.23
C ASP EA 391 -70.00 71.48 -63.94
N GLY EA 392 -70.34 72.25 -64.97
CA GLY EA 392 -70.30 73.71 -64.85
C GLY EA 392 -71.36 74.28 -63.93
N ASN EA 393 -72.38 73.48 -63.60
CA ASN EA 393 -73.45 73.95 -62.72
C ASN EA 393 -73.10 73.82 -61.25
N SER EA 394 -72.08 73.02 -60.92
CA SER EA 394 -71.64 72.84 -59.55
C SER EA 394 -70.56 73.87 -59.21
N ALA EA 395 -70.07 73.80 -57.97
CA ALA EA 395 -69.05 74.73 -57.52
C ALA EA 395 -67.79 74.61 -58.37
N HIS EA 396 -67.26 75.76 -58.77
CA HIS EA 396 -66.10 75.78 -59.66
C HIS EA 396 -64.87 75.18 -58.99
N GLN EA 397 -64.11 74.40 -59.76
CA GLN EA 397 -62.86 73.79 -59.31
C GLN EA 397 -63.10 72.73 -58.23
N ASN EA 398 -64.11 71.88 -58.43
CA ASN EA 398 -64.46 70.88 -57.42
C ASN EA 398 -64.48 69.44 -57.94
N GLU EA 399 -64.42 69.21 -59.25
CA GLU EA 399 -64.70 67.87 -59.77
C GLU EA 399 -63.48 66.96 -59.64
N PRO EA 400 -62.30 67.31 -60.23
CA PRO EA 400 -61.16 66.39 -60.13
C PRO EA 400 -60.37 66.59 -58.84
N GLN EA 401 -60.59 65.70 -57.86
CA GLN EA 401 -59.97 65.80 -56.55
C GLN EA 401 -58.75 64.89 -56.51
N GLN EA 402 -57.57 65.47 -56.77
CA GLN EA 402 -56.38 64.65 -57.02
C GLN EA 402 -55.97 63.86 -55.78
N TRP EA 403 -56.30 64.34 -54.58
CA TRP EA 403 -55.89 63.68 -53.35
C TRP EA 403 -56.99 62.82 -52.75
N VAL EA 404 -58.02 62.50 -53.53
CA VAL EA 404 -59.06 61.57 -53.12
C VAL EA 404 -58.92 60.32 -53.96
N LEU EA 405 -58.67 59.19 -53.30
CA LEU EA 405 -58.48 57.96 -54.06
C LEU EA 405 -59.83 57.37 -54.47
N PRO EA 406 -59.93 56.85 -55.69
CA PRO EA 406 -61.10 56.05 -56.06
C PRO EA 406 -61.22 54.77 -55.24
N ASN EA 407 -62.41 54.20 -55.28
CA ASN EA 407 -62.68 52.90 -54.67
C ASN EA 407 -62.49 51.86 -55.78
N TYR EA 408 -61.33 51.19 -55.77
CA TYR EA 408 -60.92 50.37 -56.89
C TYR EA 408 -61.81 49.14 -57.09
N SER EA 409 -62.49 48.68 -56.04
CA SER EA 409 -63.42 47.57 -56.13
C SER EA 409 -64.86 48.00 -55.90
N GLY EA 410 -65.19 49.25 -56.22
CA GLY EA 410 -66.48 49.87 -56.02
C GLY EA 410 -67.01 49.62 -54.62
N ARG EA 411 -68.33 49.51 -54.51
CA ARG EA 411 -68.94 49.28 -53.21
C ARG EA 411 -68.71 47.86 -52.69
N THR EA 412 -68.37 46.91 -53.56
CA THR EA 412 -68.17 45.52 -53.15
C THR EA 412 -66.77 45.32 -52.58
N GLY EA 413 -66.43 46.11 -51.57
CA GLY EA 413 -65.18 46.01 -50.87
C GLY EA 413 -64.38 47.30 -50.95
N HIS EA 414 -63.36 47.37 -50.10
CA HIS EA 414 -62.48 48.53 -50.05
C HIS EA 414 -61.06 48.17 -50.49
N ASN EA 415 -60.29 49.21 -50.79
CA ASN EA 415 -58.98 49.08 -51.40
C ASN EA 415 -57.96 48.39 -50.49
N VAL EA 416 -57.12 47.56 -51.11
CA VAL EA 416 -56.09 46.78 -50.43
C VAL EA 416 -54.75 47.07 -51.10
N HIS EA 417 -53.68 46.59 -50.47
CA HIS EA 417 -52.30 46.73 -50.95
C HIS EA 417 -52.02 48.13 -51.50
N LEU EA 418 -52.43 49.15 -50.75
CA LEU EA 418 -52.20 50.52 -51.17
C LEU EA 418 -50.76 50.94 -50.87
N ALA EA 419 -50.25 51.85 -51.70
CA ALA EA 419 -49.03 52.56 -51.33
C ALA EA 419 -49.32 53.49 -50.17
N PRO EA 420 -48.41 53.60 -49.20
CA PRO EA 420 -48.73 54.34 -47.97
C PRO EA 420 -48.95 55.82 -48.25
N ALA EA 421 -49.62 56.46 -47.30
CA ALA EA 421 -49.77 57.91 -47.38
C ALA EA 421 -48.47 58.60 -46.98
N VAL EA 422 -48.38 59.88 -47.33
CA VAL EA 422 -47.13 60.63 -47.31
C VAL EA 422 -47.40 61.97 -46.62
N ALA EA 423 -46.54 62.33 -45.67
CA ALA EA 423 -46.71 63.55 -44.91
C ALA EA 423 -45.35 64.03 -44.42
N PRO EA 424 -45.18 65.34 -44.23
CA PRO EA 424 -43.93 65.84 -43.64
C PRO EA 424 -43.80 65.39 -42.19
N THR EA 425 -42.56 65.07 -41.81
CA THR EA 425 -42.27 64.61 -40.46
C THR EA 425 -41.42 65.60 -39.67
N PHE EA 426 -40.74 66.53 -40.33
CA PHE EA 426 -39.83 67.44 -39.67
C PHE EA 426 -40.49 68.81 -39.51
N PRO EA 427 -40.38 69.43 -38.33
CA PRO EA 427 -40.98 70.76 -38.12
C PRO EA 427 -40.50 71.78 -39.14
N GLY EA 428 -41.46 72.47 -39.76
CA GLY EA 428 -41.19 73.50 -40.74
C GLY EA 428 -41.12 73.02 -42.18
N GLU EA 429 -41.30 71.74 -42.43
CA GLU EA 429 -41.09 71.15 -43.74
C GLU EA 429 -42.43 70.81 -44.38
N GLN EA 430 -42.50 70.97 -45.70
CA GLN EA 430 -43.67 70.59 -46.48
C GLN EA 430 -43.24 69.74 -47.66
N LEU EA 431 -44.17 68.93 -48.16
CA LEU EA 431 -43.91 68.14 -49.35
C LEU EA 431 -43.51 69.03 -50.52
N LEU EA 432 -42.69 68.49 -51.41
CA LEU EA 432 -42.34 69.12 -52.67
C LEU EA 432 -42.99 68.31 -53.79
N PHE EA 433 -43.81 68.97 -54.60
CA PHE EA 433 -44.57 68.33 -55.65
C PHE EA 433 -44.02 68.70 -57.01
N PHE EA 434 -44.06 67.75 -57.94
CA PHE EA 434 -43.76 68.02 -59.34
C PHE EA 434 -45.09 68.26 -60.03
N ARG EA 435 -45.33 69.51 -60.43
CA ARG EA 435 -46.65 69.96 -60.84
C ARG EA 435 -46.76 70.09 -62.36
N SER EA 436 -47.86 69.59 -62.89
CA SER EA 436 -48.27 69.85 -64.27
C SER EA 436 -49.75 70.19 -64.29
N THR EA 437 -50.18 70.84 -65.38
CA THR EA 437 -51.56 71.29 -65.52
C THR EA 437 -52.27 70.45 -66.57
N MET EA 438 -53.31 69.73 -66.15
CA MET EA 438 -54.05 68.86 -67.05
C MET EA 438 -54.89 69.69 -68.01
N PRO EA 439 -55.01 69.27 -69.26
CA PRO EA 439 -55.93 69.98 -70.17
C PRO EA 439 -57.37 69.78 -69.74
N GLY EA 440 -58.14 70.85 -69.78
CA GLY EA 440 -59.58 70.77 -69.58
C GLY EA 440 -60.33 70.64 -70.90
N CYS EA 441 -61.41 69.86 -70.87
CA CYS EA 441 -62.23 69.63 -72.05
C CYS EA 441 -63.61 70.26 -71.98
N SER EA 442 -64.14 70.51 -70.77
CA SER EA 442 -65.43 71.16 -70.60
C SER EA 442 -65.59 71.56 -69.15
N GLY EA 443 -66.19 72.73 -68.92
CA GLY EA 443 -66.47 73.18 -67.58
C GLY EA 443 -65.36 73.98 -66.94
N TYR EA 444 -65.29 73.96 -65.61
CA TYR EA 444 -64.32 74.73 -64.83
C TYR EA 444 -63.59 73.77 -63.90
N PRO EA 445 -62.70 72.93 -64.44
CA PRO EA 445 -62.09 71.88 -63.63
C PRO EA 445 -60.85 72.36 -62.88
N ASN EA 446 -60.54 71.62 -61.82
CA ASN EA 446 -59.28 71.79 -61.10
C ASN EA 446 -58.19 71.12 -61.92
N MET EA 447 -57.36 71.91 -62.58
CA MET EA 447 -56.38 71.39 -63.52
C MET EA 447 -55.04 71.10 -62.85
N ASN EA 448 -54.93 71.38 -61.55
CA ASN EA 448 -53.70 71.14 -60.81
C ASN EA 448 -53.44 69.64 -60.67
N LEU EA 449 -52.25 69.19 -61.08
CA LEU EA 449 -51.85 67.79 -60.89
C LEU EA 449 -50.45 67.72 -60.30
N ASP EA 450 -50.35 67.27 -59.05
CA ASP EA 450 -49.10 67.12 -58.32
C ASP EA 450 -48.75 65.64 -58.21
N CYS EA 451 -47.53 65.28 -58.61
CA CYS EA 451 -47.01 63.94 -58.35
C CYS EA 451 -45.78 64.01 -57.44
N LEU EA 452 -45.51 62.90 -56.76
CA LEU EA 452 -44.42 62.84 -55.80
C LEU EA 452 -43.07 62.64 -56.47
N LEU EA 453 -43.03 61.98 -57.62
CA LEU EA 453 -41.81 61.70 -58.37
C LEU EA 453 -42.10 61.84 -59.86
N PRO EA 454 -41.21 62.48 -60.62
CA PRO EA 454 -41.33 62.43 -62.08
C PRO EA 454 -41.27 61.01 -62.59
N GLN EA 455 -41.91 60.78 -63.74
CA GLN EA 455 -41.89 59.44 -64.31
C GLN EA 455 -40.47 59.00 -64.64
N GLU EA 456 -39.65 59.93 -65.12
CA GLU EA 456 -38.26 59.61 -65.46
C GLU EA 456 -37.47 59.20 -64.22
N TRP EA 457 -37.78 59.79 -63.07
CA TRP EA 457 -37.12 59.36 -61.83
C TRP EA 457 -37.54 57.94 -61.47
N VAL EA 458 -38.81 57.60 -61.68
CA VAL EA 458 -39.25 56.24 -61.44
C VAL EA 458 -38.47 55.26 -62.31
N LEU EA 459 -38.33 55.59 -63.60
CA LEU EA 459 -37.54 54.77 -64.51
C LEU EA 459 -36.10 54.63 -64.04
N HIS EA 460 -35.48 55.75 -63.66
CA HIS EA 460 -34.07 55.73 -63.29
C HIS EA 460 -33.85 54.90 -62.02
N PHE EA 461 -34.70 55.10 -61.01
CA PHE EA 461 -34.57 54.31 -59.79
C PHE EA 461 -34.75 52.82 -60.08
N TYR EA 462 -35.69 52.48 -60.97
CA TYR EA 462 -35.98 51.08 -61.26
C TYR EA 462 -34.77 50.39 -61.88
N GLN EA 463 -34.13 51.05 -62.86
CA GLN EA 463 -33.03 50.44 -63.60
C GLN EA 463 -31.73 50.41 -62.79
N GLU EA 464 -31.51 51.41 -61.95
CA GLU EA 464 -30.25 51.52 -61.23
C GLU EA 464 -30.26 50.64 -59.98
N ALA EA 465 -31.39 50.57 -59.29
CA ALA EA 465 -31.56 49.77 -58.08
C ALA EA 465 -30.46 50.03 -57.06
N ALA EA 466 -30.18 51.29 -56.81
CA ALA EA 466 -29.12 51.64 -55.87
C ALA EA 466 -29.62 51.43 -54.44
N PRO EA 467 -28.98 50.57 -53.65
CA PRO EA 467 -29.39 50.40 -52.26
C PRO EA 467 -29.20 51.70 -51.48
N ALA EA 468 -30.20 52.02 -50.66
CA ALA EA 468 -30.18 53.24 -49.86
C ALA EA 468 -29.32 53.05 -48.62
N GLN EA 469 -28.33 53.92 -48.46
CA GLN EA 469 -27.42 53.85 -47.32
C GLN EA 469 -27.98 54.51 -46.07
N SER EA 470 -29.08 55.25 -46.19
CA SER EA 470 -29.81 55.75 -45.03
C SER EA 470 -31.22 56.07 -45.49
N ASP EA 471 -32.03 56.58 -44.56
CA ASP EA 471 -33.45 56.78 -44.84
C ASP EA 471 -33.72 58.05 -45.64
N VAL EA 472 -32.72 58.93 -45.82
CA VAL EA 472 -32.93 60.19 -46.51
C VAL EA 472 -31.75 60.46 -47.43
N ALA EA 473 -32.04 60.81 -48.69
CA ALA EA 473 -31.04 61.28 -49.64
C ALA EA 473 -31.17 62.78 -49.77
N LEU EA 474 -30.11 63.50 -49.42
CA LEU EA 474 -30.11 64.95 -49.55
C LEU EA 474 -29.84 65.35 -51.00
N LEU EA 475 -30.77 66.11 -51.60
CA LEU EA 475 -30.61 66.61 -52.95
C LEU EA 475 -30.47 68.12 -52.93
N ARG EA 476 -29.67 68.64 -53.86
CA ARG EA 476 -29.53 70.07 -54.07
C ARG EA 476 -29.84 70.45 -55.50
N PHE EA 477 -30.53 71.57 -55.68
CA PHE EA 477 -30.89 72.09 -56.99
C PHE EA 477 -29.86 73.15 -57.39
N VAL EA 478 -29.24 72.95 -58.55
CA VAL EA 478 -28.04 73.69 -58.93
C VAL EA 478 -28.32 74.47 -60.21
N ASN EA 479 -27.80 75.70 -60.27
CA ASN EA 479 -27.81 76.49 -61.49
C ASN EA 479 -26.54 76.16 -62.26
N PRO EA 480 -26.63 75.46 -63.40
CA PRO EA 480 -25.41 74.95 -64.05
C PRO EA 480 -24.52 76.04 -64.65
N ASP EA 481 -25.06 77.23 -64.91
CA ASP EA 481 -24.21 78.31 -65.42
C ASP EA 481 -23.15 78.71 -64.41
N THR EA 482 -23.59 79.07 -63.21
CA THR EA 482 -22.70 79.55 -62.15
C THR EA 482 -22.22 78.46 -61.21
N GLY EA 483 -22.85 77.28 -61.22
CA GLY EA 483 -22.53 76.28 -60.23
C GLY EA 483 -23.21 76.46 -58.88
N ARG EA 484 -24.12 77.41 -58.77
CA ARG EA 484 -24.67 77.83 -57.49
C ARG EA 484 -25.76 76.90 -57.01
N VAL EA 485 -25.80 76.67 -55.69
CA VAL EA 485 -26.84 75.89 -55.06
C VAL EA 485 -28.01 76.81 -54.73
N LEU EA 486 -29.20 76.45 -55.19
CA LEU EA 486 -30.37 77.30 -55.00
C LEU EA 486 -31.17 76.90 -53.77
N PHE EA 487 -31.42 75.61 -53.59
CA PHE EA 487 -32.07 75.10 -52.39
C PHE EA 487 -31.69 73.64 -52.20
N GLU EA 488 -31.94 73.13 -51.01
CA GLU EA 488 -31.76 71.72 -50.71
C GLU EA 488 -33.08 71.12 -50.27
N CYS EA 489 -33.22 69.81 -50.50
CA CYS EA 489 -34.43 69.09 -50.16
C CYS EA 489 -34.07 67.67 -49.78
N LYS EA 490 -35.00 66.98 -49.14
CA LYS EA 490 -34.81 65.60 -48.70
C LYS EA 490 -35.62 64.67 -49.57
N LEU EA 491 -34.93 63.77 -50.28
CA LEU EA 491 -35.60 62.72 -51.04
C LEU EA 491 -35.64 61.50 -50.13
N HIS EA 492 -36.84 61.16 -49.65
CA HIS EA 492 -36.94 60.06 -48.71
C HIS EA 492 -36.90 58.72 -49.43
N LYS EA 493 -36.35 57.72 -48.75
CA LYS EA 493 -36.19 56.40 -49.35
C LYS EA 493 -37.53 55.88 -49.87
N SER EA 494 -38.63 56.20 -49.18
CA SER EA 494 -39.97 55.78 -49.57
C SER EA 494 -40.43 56.38 -50.89
N GLY EA 495 -39.63 57.25 -51.51
CA GLY EA 495 -39.99 57.89 -52.77
C GLY EA 495 -40.89 59.10 -52.68
N TYR EA 496 -40.50 60.08 -51.87
CA TYR EA 496 -41.17 61.37 -51.85
C TYR EA 496 -40.20 62.42 -51.34
N VAL EA 497 -40.41 63.67 -51.76
CA VAL EA 497 -39.46 64.75 -51.52
C VAL EA 497 -40.09 65.78 -50.60
N THR EA 498 -39.28 66.35 -49.70
CA THR EA 498 -39.72 67.34 -48.75
C THR EA 498 -38.73 68.50 -48.77
N VAL EA 499 -39.21 69.70 -48.44
CA VAL EA 499 -38.39 70.89 -48.43
C VAL EA 499 -38.80 71.76 -47.24
N ALA EA 500 -37.94 72.70 -46.88
CA ALA EA 500 -38.15 73.59 -45.73
C ALA EA 500 -38.80 74.90 -46.18
N HIS EA 501 -40.11 74.98 -46.01
CA HIS EA 501 -40.91 76.14 -46.40
C HIS EA 501 -42.26 76.00 -45.71
N THR EA 502 -42.95 77.13 -45.55
CA THR EA 502 -44.29 77.14 -45.01
C THR EA 502 -45.19 78.00 -45.88
N GLY EA 503 -46.32 77.43 -46.29
CA GLY EA 503 -47.26 78.11 -47.16
C GLY EA 503 -47.18 77.65 -48.60
N PRO EA 504 -48.23 77.92 -49.37
CA PRO EA 504 -48.19 77.57 -50.80
C PRO EA 504 -47.24 78.48 -51.54
N HIS EA 505 -46.57 77.91 -52.54
CA HIS EA 505 -45.54 78.64 -53.28
C HIS EA 505 -45.16 77.93 -54.57
N ASP EA 506 -45.24 78.64 -55.69
CA ASP EA 506 -44.63 78.18 -56.92
C ASP EA 506 -43.16 78.55 -56.90
N LEU EA 507 -42.29 77.57 -57.17
CA LEU EA 507 -40.85 77.80 -57.06
C LEU EA 507 -40.34 78.54 -58.29
N VAL EA 508 -39.50 79.54 -58.05
CA VAL EA 508 -38.91 80.35 -59.11
C VAL EA 508 -37.52 79.77 -59.39
N ILE EA 509 -37.42 79.03 -60.50
CA ILE EA 509 -36.22 78.24 -60.78
C ILE EA 509 -35.68 78.61 -62.15
N PRO EA 510 -34.36 78.71 -62.32
CA PRO EA 510 -33.78 78.81 -63.65
C PRO EA 510 -34.23 77.65 -64.52
N PRO EA 511 -34.55 77.91 -65.79
CA PRO EA 511 -35.10 76.85 -66.65
C PRO EA 511 -34.16 75.68 -66.86
N ASN EA 512 -32.85 75.86 -66.67
CA ASN EA 512 -31.87 74.81 -66.93
C ASN EA 512 -31.33 74.16 -65.67
N GLY EA 513 -31.88 74.48 -64.50
CA GLY EA 513 -31.38 73.91 -63.26
C GLY EA 513 -31.72 72.44 -63.11
N TYR EA 514 -30.85 71.72 -62.40
CA TYR EA 514 -30.93 70.27 -62.26
C TYR EA 514 -30.78 69.86 -60.80
N PHE EA 515 -31.25 68.66 -60.47
CA PHE EA 515 -31.11 68.09 -59.15
C PHE EA 515 -29.84 67.25 -59.06
N ARG EA 516 -29.16 67.37 -57.92
CA ARG EA 516 -27.90 66.67 -57.67
C ARG EA 516 -27.99 65.95 -56.34
N PHE EA 517 -27.61 64.67 -56.32
CA PHE EA 517 -27.54 63.93 -55.06
C PHE EA 517 -26.22 64.26 -54.38
N ASP EA 518 -26.28 64.75 -53.14
CA ASP EA 518 -25.09 65.28 -52.48
C ASP EA 518 -24.60 64.46 -51.29
N SER EA 519 -25.49 63.83 -50.53
CA SER EA 519 -25.05 63.06 -49.36
C SER EA 519 -26.24 62.30 -48.79
N TRP EA 520 -25.96 61.12 -48.26
CA TRP EA 520 -26.93 60.41 -47.44
C TRP EA 520 -26.99 61.06 -46.06
N VAL EA 521 -28.20 61.28 -45.56
CA VAL EA 521 -28.42 61.89 -44.25
C VAL EA 521 -29.51 61.11 -43.53
N ASN EA 522 -29.69 61.45 -42.25
CA ASN EA 522 -30.71 60.85 -41.42
C ASN EA 522 -31.86 61.82 -41.15
N GLN EA 523 -32.84 61.35 -40.37
CA GLN EA 523 -34.10 62.05 -40.17
C GLN EA 523 -33.95 63.37 -39.43
N PHE EA 524 -32.83 63.57 -38.74
CA PHE EA 524 -32.63 64.76 -37.92
C PHE EA 524 -32.05 65.93 -38.69
N TYR EA 525 -31.77 65.76 -39.98
CA TYR EA 525 -31.17 66.82 -40.78
C TYR EA 525 -32.11 68.02 -40.89
N THR EA 526 -31.56 69.21 -40.65
CA THR EA 526 -32.31 70.46 -40.70
C THR EA 526 -32.02 71.15 -42.03
N LEU EA 527 -33.05 71.33 -42.84
CA LEU EA 527 -32.84 71.88 -44.17
C LEU EA 527 -32.77 73.40 -44.11
N ALA EA 528 -31.95 73.97 -44.99
CA ALA EA 528 -31.88 75.41 -45.10
C ALA EA 528 -33.19 75.93 -45.68
N PRO EA 529 -33.74 77.01 -45.11
CA PRO EA 529 -35.01 77.53 -45.63
C PRO EA 529 -34.84 78.06 -47.05
N MET EA 530 -35.88 77.87 -47.86
CA MET EA 530 -35.88 78.32 -49.24
C MET EA 530 -37.05 79.28 -49.45
N GLY EA 531 -36.81 80.33 -50.25
CA GLY EA 531 -37.87 81.23 -50.65
C GLY EA 531 -37.85 82.56 -49.94
N PRO FA 10 -6.12 5.93 6.23
CA PRO FA 10 -6.37 7.18 5.52
C PRO FA 10 -7.85 7.40 5.18
N SER FA 11 -8.53 6.35 4.72
CA SER FA 11 -9.97 6.36 4.54
C SER FA 11 -10.69 5.57 5.62
N ASP FA 12 -9.99 5.16 6.67
CA ASP FA 12 -10.64 4.35 7.70
C ASP FA 12 -11.55 5.25 8.52
N GLY FA 13 -12.86 4.95 8.50
CA GLY FA 13 -13.85 5.71 9.22
C GLY FA 13 -14.53 6.78 8.39
N SER FA 14 -14.13 6.93 7.13
CA SER FA 14 -14.68 7.91 6.20
C SER FA 14 -14.71 7.25 4.83
N THR FA 15 -15.88 7.21 4.18
CA THR FA 15 -15.98 6.72 2.80
C THR FA 15 -15.67 5.22 2.79
N ALA FA 16 -14.49 4.84 3.30
CA ALA FA 16 -14.17 3.47 3.71
C ALA FA 16 -14.06 2.50 2.55
N ASN FA 17 -13.78 3.00 1.35
CA ASN FA 17 -13.65 2.24 0.11
C ASN FA 17 -15.00 1.80 -0.44
N LEU FA 18 -16.10 2.26 0.18
CA LEU FA 18 -17.44 1.89 -0.25
C LEU FA 18 -17.81 2.58 -1.56
N VAL FA 19 -16.95 3.48 -2.03
CA VAL FA 19 -17.29 4.52 -2.99
C VAL FA 19 -16.15 4.68 -3.99
N PRO FA 20 -16.44 4.85 -5.28
CA PRO FA 20 -15.38 5.17 -6.24
C PRO FA 20 -14.69 6.47 -5.87
N GLU FA 21 -13.36 6.51 -6.03
CA GLU FA 21 -12.60 7.68 -5.61
C GLU FA 21 -12.51 8.72 -6.72
N VAL FA 22 -11.94 8.36 -7.87
CA VAL FA 22 -11.86 9.26 -8.99
C VAL FA 22 -12.13 8.48 -10.27
N ASN FA 23 -12.50 9.22 -11.32
CA ASN FA 23 -12.74 8.66 -12.64
C ASN FA 23 -11.45 8.71 -13.45
N ASN FA 24 -11.03 7.56 -13.97
CA ASN FA 24 -9.92 7.52 -14.91
C ASN FA 24 -10.30 8.00 -16.31
N GLU FA 25 -11.59 7.95 -16.68
CA GLU FA 25 -12.00 8.30 -18.02
C GLU FA 25 -11.78 9.78 -18.32
N VAL FA 26 -11.53 10.07 -19.60
CA VAL FA 26 -11.24 11.42 -20.07
C VAL FA 26 -12.02 11.66 -21.36
N MET FA 27 -12.56 12.88 -21.51
CA MET FA 27 -13.28 13.22 -22.73
C MET FA 27 -12.33 13.36 -23.91
N ALA FA 28 -12.69 12.72 -25.02
CA ALA FA 28 -11.86 12.69 -26.22
C ALA FA 28 -12.05 14.00 -27.02
N LEU FA 29 -11.52 15.08 -26.47
CA LEU FA 29 -11.53 16.38 -27.11
C LEU FA 29 -10.10 16.85 -27.33
N GLU FA 30 -9.84 17.47 -28.49
CA GLU FA 30 -8.57 18.12 -28.75
C GLU FA 30 -8.50 19.46 -28.02
N PRO FA 31 -7.30 19.96 -27.76
CA PRO FA 31 -7.18 21.31 -27.20
C PRO FA 31 -7.63 22.37 -28.19
N VAL FA 32 -8.16 23.46 -27.65
CA VAL FA 32 -8.78 24.52 -28.44
C VAL FA 32 -8.33 25.86 -27.90
N VAL FA 33 -7.79 26.71 -28.78
CA VAL FA 33 -7.27 28.00 -28.33
C VAL FA 33 -8.40 28.92 -27.92
N GLY FA 34 -8.14 29.78 -26.94
CA GLY FA 34 -9.15 30.73 -26.52
C GLY FA 34 -9.07 32.07 -27.21
N ALA FA 35 -9.03 33.16 -26.44
CA ALA FA 35 -9.12 34.48 -27.02
C ALA FA 35 -7.80 35.00 -27.57
N ALA FA 36 -6.69 34.29 -27.31
CA ALA FA 36 -5.39 34.76 -27.80
C ALA FA 36 -5.41 34.91 -29.32
N ILE FA 37 -6.04 33.97 -30.02
CA ILE FA 37 -6.11 34.00 -31.47
C ILE FA 37 -6.83 35.24 -31.97
N ALA FA 38 -7.67 35.86 -31.12
CA ALA FA 38 -8.50 36.98 -31.53
C ALA FA 38 -7.77 38.32 -31.44
N ALA FA 39 -6.56 38.34 -30.90
CA ALA FA 39 -5.87 39.60 -30.62
C ALA FA 39 -5.75 40.52 -31.83
N PRO FA 40 -5.36 40.06 -33.02
CA PRO FA 40 -5.25 40.98 -34.16
C PRO FA 40 -6.56 41.59 -34.61
N VAL FA 41 -7.72 41.01 -34.24
CA VAL FA 41 -9.00 41.52 -34.70
C VAL FA 41 -9.89 42.00 -33.56
N ALA FA 42 -9.52 41.78 -32.31
CA ALA FA 42 -10.31 42.37 -31.24
C ALA FA 42 -9.96 43.84 -31.07
N GLY FA 43 -10.91 44.59 -30.51
CA GLY FA 43 -10.64 45.97 -30.21
C GLY FA 43 -9.62 46.15 -29.11
N GLN FA 44 -9.56 45.20 -28.18
CA GLN FA 44 -8.81 45.39 -26.95
C GLN FA 44 -8.35 44.04 -26.43
N GLN FA 45 -7.37 44.08 -25.54
CA GLN FA 45 -6.90 42.90 -24.83
C GLN FA 45 -7.23 43.16 -23.37
N ASN FA 46 -8.15 42.39 -22.81
CA ASN FA 46 -8.65 42.66 -21.47
C ASN FA 46 -8.16 41.60 -20.49
N VAL FA 47 -8.44 41.84 -19.22
CA VAL FA 47 -7.89 41.05 -18.13
C VAL FA 47 -9.01 40.71 -17.17
N ILE FA 48 -9.02 39.46 -16.72
CA ILE FA 48 -9.96 38.98 -15.72
C ILE FA 48 -9.19 38.84 -14.40
N ASP FA 49 -9.84 39.22 -13.31
CA ASP FA 49 -9.24 39.13 -11.98
C ASP FA 49 -8.70 37.72 -11.78
N PRO FA 50 -7.40 37.57 -11.48
CA PRO FA 50 -6.82 36.22 -11.39
C PRO FA 50 -7.47 35.32 -10.37
N TRP FA 51 -8.07 35.88 -9.31
CA TRP FA 51 -8.75 35.02 -8.35
C TRP FA 51 -9.92 34.30 -9.01
N ILE FA 52 -10.64 34.99 -9.89
CA ILE FA 52 -11.76 34.39 -10.61
C ILE FA 52 -11.30 33.19 -11.42
N ARG FA 53 -10.06 33.23 -11.93
CA ARG FA 53 -9.55 32.15 -12.76
C ARG FA 53 -9.06 30.96 -11.97
N ASN FA 54 -8.74 31.14 -10.68
CA ASN FA 54 -8.08 30.09 -9.91
C ASN FA 54 -8.98 29.45 -8.87
N ASN FA 55 -10.27 29.77 -8.85
CA ASN FA 55 -11.14 29.30 -7.77
C ASN FA 55 -12.52 28.94 -8.31
N PHE FA 56 -12.95 27.71 -8.05
CA PHE FA 56 -14.27 27.27 -8.46
C PHE FA 56 -15.37 27.94 -7.66
N VAL FA 57 -16.39 28.39 -8.36
CA VAL FA 57 -17.57 29.00 -7.77
C VAL FA 57 -18.78 28.38 -8.46
N GLN FA 58 -19.88 28.24 -7.72
CA GLN FA 58 -21.02 27.49 -8.23
C GLN FA 58 -21.69 28.27 -9.36
N ALA FA 59 -21.97 27.55 -10.45
CA ALA FA 59 -22.61 28.15 -11.60
C ALA FA 59 -24.02 28.62 -11.25
N PRO FA 60 -24.54 29.62 -11.94
CA PRO FA 60 -25.96 29.98 -11.76
C PRO FA 60 -26.85 28.77 -11.96
N GLY FA 61 -26.56 27.97 -12.97
CA GLY FA 61 -27.22 26.69 -13.15
C GLY FA 61 -26.39 25.62 -12.48
N GLY FA 62 -26.25 25.70 -11.15
CA GLY FA 62 -25.34 24.83 -10.44
C GLY FA 62 -25.92 23.76 -9.55
N GLU FA 63 -27.22 23.50 -9.60
CA GLU FA 63 -27.84 22.41 -8.83
C GLU FA 63 -28.59 21.49 -9.77
N PHE FA 64 -28.50 20.18 -9.50
CA PHE FA 64 -29.40 19.21 -10.11
C PHE FA 64 -29.43 17.97 -9.22
N THR FA 65 -30.43 17.12 -9.48
CA THR FA 65 -30.75 16.00 -8.60
C THR FA 65 -30.93 14.71 -9.38
N VAL FA 66 -30.50 13.60 -8.80
CA VAL FA 66 -30.83 12.26 -9.27
C VAL FA 66 -31.73 11.62 -8.23
N SER FA 67 -32.96 11.34 -8.61
CA SER FA 67 -33.96 10.76 -7.73
C SER FA 67 -34.60 9.56 -8.40
N PRO FA 68 -35.34 8.74 -7.65
CA PRO FA 68 -36.04 7.61 -8.27
C PRO FA 68 -37.16 8.02 -9.21
N ARG FA 69 -37.67 9.25 -9.12
CA ARG FA 69 -38.63 9.73 -10.10
C ARG FA 69 -38.02 9.98 -11.47
N ASN FA 70 -36.69 10.08 -11.56
CA ASN FA 70 -36.05 10.35 -12.84
C ASN FA 70 -35.99 9.06 -13.64
N ALA FA 71 -36.06 9.21 -14.97
CA ALA FA 71 -35.98 8.06 -15.86
C ALA FA 71 -34.73 8.14 -16.72
N PRO FA 72 -34.17 6.99 -17.09
CA PRO FA 72 -32.96 7.03 -17.94
C PRO FA 72 -33.25 7.76 -19.24
N GLY FA 73 -32.25 8.54 -19.69
CA GLY FA 73 -32.39 9.35 -20.87
C GLY FA 73 -32.70 10.80 -20.59
N GLU FA 74 -33.18 11.12 -19.39
CA GLU FA 74 -33.49 12.49 -19.04
C GLU FA 74 -32.21 13.29 -18.86
N ILE FA 75 -32.14 14.45 -19.51
CA ILE FA 75 -31.02 15.38 -19.34
C ILE FA 75 -31.22 16.11 -18.03
N LEU FA 76 -30.41 15.78 -17.02
CA LEU FA 76 -30.54 16.39 -15.70
C LEU FA 76 -29.92 17.77 -15.63
N TRP FA 77 -28.98 18.09 -16.54
CA TRP FA 77 -28.28 19.35 -16.52
C TRP FA 77 -27.71 19.60 -17.92
N SER FA 78 -27.72 20.85 -18.34
CA SER FA 78 -27.14 21.22 -19.62
C SER FA 78 -26.84 22.70 -19.62
N ALA FA 79 -25.85 23.10 -20.41
CA ALA FA 79 -25.46 24.50 -20.51
C ALA FA 79 -24.66 24.72 -21.77
N PRO FA 80 -24.84 25.84 -22.46
CA PRO FA 80 -23.90 26.20 -23.53
C PRO FA 80 -22.74 27.00 -22.96
N LEU FA 81 -21.58 26.87 -23.60
CA LEU FA 81 -20.41 27.60 -23.15
C LEU FA 81 -20.67 29.11 -23.25
N GLY FA 82 -20.27 29.83 -22.22
CA GLY FA 82 -20.46 31.26 -22.17
C GLY FA 82 -20.33 31.80 -20.76
N PRO FA 83 -20.35 33.12 -20.62
CA PRO FA 83 -20.15 33.71 -19.28
C PRO FA 83 -21.19 33.29 -18.26
N ASP FA 84 -22.36 32.82 -18.68
CA ASP FA 84 -23.40 32.44 -17.72
C ASP FA 84 -23.04 31.19 -16.94
N LEU FA 85 -21.95 30.52 -17.29
CA LEU FA 85 -21.48 29.35 -16.56
C LEU FA 85 -20.86 29.70 -15.22
N ASN FA 86 -20.70 30.99 -14.91
CA ASN FA 86 -19.93 31.40 -13.76
C ASN FA 86 -20.47 32.74 -13.23
N PRO FA 87 -20.83 32.81 -11.95
CA PRO FA 87 -21.51 34.02 -11.45
C PRO FA 87 -20.68 35.29 -11.55
N TYR FA 88 -19.36 35.21 -11.32
CA TYR FA 88 -18.51 36.40 -11.47
C TYR FA 88 -18.46 36.85 -12.92
N LEU FA 89 -18.21 35.91 -13.85
CA LEU FA 89 -18.21 36.26 -15.25
C LEU FA 89 -19.57 36.78 -15.71
N SER FA 90 -20.64 36.34 -15.05
CA SER FA 90 -21.98 36.80 -15.42
C SER FA 90 -22.12 38.30 -15.21
N HIS FA 91 -21.65 38.82 -14.08
CA HIS FA 91 -21.73 40.26 -13.86
C HIS FA 91 -20.73 40.99 -14.73
N LEU FA 92 -19.52 40.43 -14.89
CA LEU FA 92 -18.53 41.03 -15.78
C LEU FA 92 -19.06 41.10 -17.21
N ALA FA 93 -19.82 40.08 -17.63
CA ALA FA 93 -20.29 40.04 -19.01
C ALA FA 93 -21.22 41.20 -19.35
N ARG FA 94 -21.90 41.78 -18.34
CA ARG FA 94 -22.72 42.93 -18.66
C ARG FA 94 -21.87 44.13 -19.07
N MET FA 95 -20.56 44.05 -18.89
CA MET FA 95 -19.64 45.14 -19.11
C MET FA 95 -18.78 44.93 -20.35
N TYR FA 96 -18.98 43.82 -21.07
CA TYR FA 96 -18.20 43.48 -22.23
C TYR FA 96 -19.11 43.15 -23.41
N ASN FA 97 -18.56 43.28 -24.62
CA ASN FA 97 -19.30 43.01 -25.83
C ASN FA 97 -19.14 41.58 -26.33
N GLY FA 98 -18.03 40.92 -26.01
CA GLY FA 98 -17.84 39.56 -26.47
C GLY FA 98 -16.86 38.78 -25.62
N TYR FA 99 -16.59 37.55 -26.04
CA TYR FA 99 -15.76 36.64 -25.28
C TYR FA 99 -15.23 35.56 -26.22
N ALA FA 100 -14.22 34.83 -25.73
CA ALA FA 100 -13.71 33.64 -26.40
C ALA FA 100 -12.88 32.85 -25.40
N GLY FA 101 -12.95 31.53 -25.51
CA GLY FA 101 -12.20 30.65 -24.64
C GLY FA 101 -13.11 29.74 -23.82
N GLY FA 102 -12.47 28.82 -23.11
CA GLY FA 102 -13.15 27.68 -22.54
C GLY FA 102 -13.24 27.77 -21.02
N PHE FA 103 -13.84 26.73 -20.45
CA PHE FA 103 -14.06 26.67 -19.01
C PHE FA 103 -13.51 25.37 -18.46
N GLU FA 104 -13.27 25.40 -17.15
CA GLU FA 104 -13.09 24.20 -16.33
C GLU FA 104 -14.34 24.09 -15.48
N VAL FA 105 -15.08 22.99 -15.62
CA VAL FA 105 -16.28 22.75 -14.84
C VAL FA 105 -16.02 21.64 -13.84
N GLN FA 106 -16.56 21.79 -12.64
CA GLN FA 106 -16.42 20.82 -11.57
C GLN FA 106 -17.81 20.37 -11.16
N VAL FA 107 -18.01 19.06 -11.13
CA VAL FA 107 -19.29 18.45 -10.77
C VAL FA 107 -19.09 17.62 -9.51
N ILE FA 108 -20.00 17.76 -8.55
CA ILE FA 108 -19.92 17.04 -7.28
C ILE FA 108 -21.07 16.04 -7.25
N LEU FA 109 -20.74 14.77 -7.04
CA LEU FA 109 -21.69 13.67 -7.09
C LEU FA 109 -21.46 12.71 -5.93
N ALA FA 110 -21.22 13.23 -4.73
CA ALA FA 110 -20.73 12.37 -3.66
C ALA FA 110 -21.95 11.84 -2.91
N GLY FA 111 -22.62 10.87 -3.55
CA GLY FA 111 -23.83 10.31 -3.02
C GLY FA 111 -23.59 9.21 -2.00
N ASN FA 112 -24.66 8.85 -1.30
CA ASN FA 112 -24.56 7.84 -0.25
C ASN FA 112 -24.11 6.51 -0.84
N ALA FA 113 -23.46 5.70 0.00
CA ALA FA 113 -22.83 4.47 -0.46
C ALA FA 113 -23.84 3.41 -0.87
N PHE FA 114 -25.10 3.54 -0.42
CA PHE FA 114 -26.15 2.58 -0.69
C PHE FA 114 -26.89 2.84 -2.00
N THR FA 115 -26.43 3.80 -2.80
CA THR FA 115 -27.09 4.16 -4.03
C THR FA 115 -26.35 3.59 -5.24
N ALA FA 116 -27.07 3.41 -6.33
CA ALA FA 116 -26.50 2.94 -7.58
C ALA FA 116 -26.99 3.83 -8.73
N GLY FA 117 -26.19 3.91 -9.78
CA GLY FA 117 -26.58 4.61 -10.99
C GLY FA 117 -25.41 5.32 -11.65
N LYS FA 118 -25.55 5.58 -12.95
CA LYS FA 118 -24.51 6.20 -13.74
C LYS FA 118 -25.04 7.46 -14.44
N ILE FA 119 -24.20 8.49 -14.51
CA ILE FA 119 -24.47 9.69 -15.29
C ILE FA 119 -23.45 9.78 -16.42
N ILE FA 120 -23.91 10.12 -17.61
CA ILE FA 120 -23.02 10.38 -18.75
C ILE FA 120 -22.94 11.87 -19.00
N PHE FA 121 -21.71 12.39 -19.09
CA PHE FA 121 -21.45 13.76 -19.51
C PHE FA 121 -20.94 13.76 -20.94
N ALA FA 122 -21.45 14.68 -21.76
CA ALA FA 122 -21.03 14.72 -23.15
C ALA FA 122 -20.93 16.16 -23.66
N ALA FA 123 -19.95 16.39 -24.53
CA ALA FA 123 -19.79 17.66 -25.23
C ALA FA 123 -20.36 17.51 -26.64
N VAL FA 124 -21.41 18.25 -26.93
CA VAL FA 124 -22.05 18.24 -28.24
C VAL FA 124 -21.64 19.51 -28.99
N PRO FA 125 -21.22 19.40 -30.24
CA PRO FA 125 -20.61 20.54 -30.92
C PRO FA 125 -21.68 21.56 -31.28
N PRO FA 126 -21.29 22.77 -31.71
CA PRO FA 126 -22.24 23.89 -31.76
C PRO FA 126 -23.56 23.67 -32.50
N ASN FA 127 -23.51 23.43 -33.81
CA ASN FA 127 -24.73 23.38 -34.62
C ASN FA 127 -25.39 22.01 -34.66
N PHE FA 128 -25.16 21.17 -33.66
CA PHE FA 128 -25.89 19.90 -33.58
C PHE FA 128 -27.06 20.03 -32.64
N PRO FA 129 -28.24 19.56 -33.04
CA PRO FA 129 -29.43 19.70 -32.18
C PRO FA 129 -29.44 18.72 -31.03
N THR FA 130 -29.69 19.24 -29.82
CA THR FA 130 -29.75 18.47 -28.59
C THR FA 130 -31.10 17.78 -28.36
N GLU FA 131 -32.12 18.13 -29.14
CA GLU FA 131 -33.50 18.03 -28.67
C GLU FA 131 -33.99 16.57 -28.60
N GLY FA 132 -33.74 15.79 -29.64
CA GLY FA 132 -34.14 14.40 -29.63
C GLY FA 132 -33.15 13.39 -29.08
N LEU FA 133 -32.09 13.82 -28.40
CA LEU FA 133 -30.99 12.91 -28.13
C LEU FA 133 -31.39 11.78 -27.19
N SER FA 134 -31.05 10.54 -27.60
CA SER FA 134 -31.14 9.30 -26.85
C SER FA 134 -29.83 9.01 -26.14
N PRO FA 135 -29.84 8.15 -25.11
CA PRO FA 135 -28.58 7.77 -24.48
C PRO FA 135 -27.60 7.14 -25.46
N SER FA 136 -28.07 6.23 -26.30
CA SER FA 136 -27.24 5.67 -27.37
C SER FA 136 -26.54 6.78 -28.17
N GLN FA 137 -27.30 7.80 -28.58
CA GLN FA 137 -26.73 8.83 -29.45
C GLN FA 137 -25.69 9.66 -28.72
N VAL FA 138 -25.95 9.99 -27.46
CA VAL FA 138 -25.02 10.82 -26.69
C VAL FA 138 -23.66 10.16 -26.56
N THR FA 139 -23.62 8.83 -26.53
CA THR FA 139 -22.35 8.11 -26.48
C THR FA 139 -21.45 8.42 -27.68
N MET FA 140 -22.01 8.91 -28.79
CA MET FA 140 -21.18 9.12 -29.98
C MET FA 140 -20.43 10.44 -29.97
N PHE FA 141 -20.70 11.32 -29.01
CA PHE FA 141 -19.89 12.51 -28.78
C PHE FA 141 -18.75 12.18 -27.83
N PRO FA 142 -17.74 13.05 -27.74
CA PRO FA 142 -16.81 12.94 -26.62
C PRO FA 142 -17.58 12.88 -25.32
N HIS FA 143 -17.28 11.88 -24.51
CA HIS FA 143 -18.14 11.64 -23.35
C HIS FA 143 -17.35 11.00 -22.22
N ILE FA 144 -17.91 11.12 -21.03
CA ILE FA 144 -17.39 10.48 -19.83
C ILE FA 144 -18.57 9.87 -19.09
N ILE FA 145 -18.40 8.65 -18.61
CA ILE FA 145 -19.45 7.95 -17.86
C ILE FA 145 -19.01 7.84 -16.41
N VAL FA 146 -19.81 8.40 -15.52
CA VAL FA 146 -19.43 8.62 -14.13
C VAL FA 146 -20.44 7.93 -13.22
N ASP FA 147 -19.96 7.36 -12.13
CA ASP FA 147 -20.85 6.72 -11.17
C ASP FA 147 -21.44 7.76 -10.22
N VAL FA 148 -22.71 7.57 -9.87
CA VAL FA 148 -23.43 8.54 -9.07
C VAL FA 148 -22.85 8.64 -7.66
N ARG FA 149 -22.07 7.66 -7.24
CA ARG FA 149 -21.43 7.66 -5.92
C ARG FA 149 -20.04 8.25 -5.90
N GLN FA 150 -19.51 8.74 -7.03
CA GLN FA 150 -18.12 9.16 -7.07
C GLN FA 150 -17.84 10.27 -6.06
N LEU FA 151 -16.71 10.13 -5.36
CA LEU FA 151 -16.41 10.96 -4.19
C LEU FA 151 -15.71 12.25 -4.58
N GLU FA 152 -14.65 12.14 -5.35
CA GLU FA 152 -13.94 13.32 -5.78
C GLU FA 152 -14.71 13.98 -6.92
N PRO FA 153 -14.68 15.31 -6.99
CA PRO FA 153 -15.42 15.99 -8.03
C PRO FA 153 -14.95 15.57 -9.41
N VAL FA 154 -15.85 15.63 -10.38
CA VAL FA 154 -15.53 15.33 -11.75
C VAL FA 154 -15.08 16.63 -12.41
N LEU FA 155 -13.94 16.59 -13.08
CA LEU FA 155 -13.42 17.76 -13.77
C LEU FA 155 -13.55 17.54 -15.27
N ILE FA 156 -14.28 18.43 -15.93
CA ILE FA 156 -14.48 18.39 -17.37
C ILE FA 156 -13.95 19.69 -17.95
N PRO FA 157 -12.93 19.66 -18.81
CA PRO FA 157 -12.57 20.87 -19.54
C PRO FA 157 -13.51 21.04 -20.72
N LEU FA 158 -13.96 22.27 -20.92
CA LEU FA 158 -14.97 22.59 -21.93
C LEU FA 158 -14.37 23.58 -22.92
N PRO FA 159 -13.93 23.11 -24.08
CA PRO FA 159 -13.25 24.00 -25.02
C PRO FA 159 -14.20 24.78 -25.90
N ASP FA 160 -13.75 25.95 -26.34
CA ASP FA 160 -14.57 26.89 -27.11
C ASP FA 160 -14.46 26.55 -28.61
N VAL FA 161 -14.96 25.36 -28.95
CA VAL FA 161 -15.07 24.98 -30.34
C VAL FA 161 -15.93 26.00 -31.09
N ARG FA 162 -15.43 26.47 -32.22
CA ARG FA 162 -16.04 27.56 -32.98
C ARG FA 162 -15.36 27.65 -34.33
N ASN FA 163 -15.94 28.47 -35.21
CA ASN FA 163 -15.35 28.73 -36.53
C ASN FA 163 -15.06 30.21 -36.75
N ASN FA 164 -15.04 31.00 -35.68
CA ASN FA 164 -14.69 32.41 -35.77
C ASN FA 164 -13.70 32.76 -34.66
N PHE FA 165 -13.22 34.01 -34.69
CA PHE FA 165 -12.19 34.43 -33.75
C PHE FA 165 -12.74 34.50 -32.33
N TYR FA 166 -13.98 34.94 -32.17
CA TYR FA 166 -14.61 35.09 -30.86
C TYR FA 166 -16.11 35.28 -31.08
N HIS FA 167 -16.84 35.34 -29.97
CA HIS FA 167 -18.30 35.41 -29.98
C HIS FA 167 -18.76 36.79 -29.52
N TYR FA 168 -19.87 37.25 -30.11
CA TYR FA 168 -20.54 38.43 -29.62
C TYR FA 168 -21.66 38.03 -28.67
N ASN FA 169 -21.86 38.83 -27.62
CA ASN FA 169 -22.92 38.54 -26.66
C ASN FA 169 -24.30 38.61 -27.31
N GLN FA 170 -24.52 39.59 -28.18
CA GLN FA 170 -25.84 39.84 -28.76
C GLN FA 170 -26.18 38.97 -29.95
N SER FA 171 -25.34 38.01 -30.33
CA SER FA 171 -25.66 37.20 -31.50
C SER FA 171 -26.08 35.80 -31.06
N ASN FA 172 -26.79 35.11 -31.95
CA ASN FA 172 -27.29 33.78 -31.67
C ASN FA 172 -26.42 32.67 -32.25
N ASP FA 173 -25.14 32.94 -32.51
CA ASP FA 173 -24.25 31.87 -32.92
C ASP FA 173 -24.14 30.84 -31.79
N PRO FA 174 -24.24 29.55 -32.08
CA PRO FA 174 -24.20 28.54 -31.01
C PRO FA 174 -22.77 28.24 -30.59
N THR FA 175 -22.65 27.74 -29.36
CA THR FA 175 -21.38 27.36 -28.78
C THR FA 175 -21.45 25.89 -28.37
N ILE FA 176 -20.30 25.35 -27.95
CA ILE FA 176 -20.31 24.00 -27.42
C ILE FA 176 -21.26 23.92 -26.23
N LYS FA 177 -21.95 22.79 -26.11
CA LYS FA 177 -22.88 22.53 -25.01
C LYS FA 177 -22.36 21.36 -24.20
N LEU FA 178 -22.40 21.50 -22.87
CA LEU FA 178 -22.12 20.39 -21.98
C LEU FA 178 -23.42 19.76 -21.55
N ILE FA 179 -23.50 18.44 -21.63
CA ILE FA 179 -24.73 17.69 -21.39
C ILE FA 179 -24.49 16.71 -20.25
N ALA FA 180 -25.41 16.69 -19.29
CA ALA FA 180 -25.43 15.70 -18.22
C ALA FA 180 -26.75 14.95 -18.33
N MET FA 181 -26.67 13.66 -18.60
CA MET FA 181 -27.88 12.86 -18.80
C MET FA 181 -27.81 11.63 -17.91
N LEU FA 182 -28.96 11.26 -17.37
CA LEU FA 182 -29.04 10.05 -16.55
C LEU FA 182 -28.91 8.84 -17.47
N TYR FA 183 -27.84 8.06 -17.27
CA TYR FA 183 -27.50 6.95 -18.14
C TYR FA 183 -28.10 5.65 -17.65
N THR FA 184 -28.12 5.47 -16.33
CA THR FA 184 -28.70 4.37 -15.60
C THR FA 184 -29.62 4.92 -14.53
N PRO FA 185 -30.77 4.30 -14.30
CA PRO FA 185 -31.69 4.80 -13.26
C PRO FA 185 -31.03 4.74 -11.89
N LEU FA 186 -31.51 5.58 -10.98
CA LEU FA 186 -30.99 5.57 -9.63
C LEU FA 186 -31.61 4.42 -8.85
N ARG FA 187 -30.74 3.58 -8.29
CA ARG FA 187 -31.12 2.45 -7.46
C ARG FA 187 -30.48 2.62 -6.09
N ALA FA 188 -31.12 2.07 -5.07
CA ALA FA 188 -30.61 2.19 -3.72
C ALA FA 188 -31.02 0.97 -2.91
N ASN FA 189 -30.17 0.60 -1.94
CA ASN FA 189 -30.42 -0.61 -1.15
C ASN FA 189 -30.07 -0.42 0.32
N ASN FA 190 -30.11 0.82 0.81
CA ASN FA 190 -30.33 1.00 2.25
C ASN FA 190 -31.57 0.23 2.66
N ALA FA 191 -31.59 -0.26 3.90
CA ALA FA 191 -32.71 -1.11 4.27
C ALA FA 191 -33.96 -0.31 4.58
N GLY FA 192 -33.80 0.94 4.99
CA GLY FA 192 -34.91 1.73 5.47
C GLY FA 192 -35.82 2.17 4.34
N ASP FA 193 -36.92 2.83 4.73
CA ASP FA 193 -37.81 3.41 3.75
C ASP FA 193 -37.44 4.86 3.47
N ASP FA 194 -36.16 5.06 3.17
CA ASP FA 194 -35.58 6.37 2.92
C ASP FA 194 -35.40 6.56 1.41
N VAL FA 195 -35.32 7.83 1.01
CA VAL FA 195 -35.09 8.19 -0.38
C VAL FA 195 -33.77 8.94 -0.41
N PHE FA 196 -32.71 8.24 -0.80
CA PHE FA 196 -31.36 8.80 -0.83
C PHE FA 196 -31.09 9.55 -2.12
N THR FA 197 -31.99 10.46 -2.51
CA THR FA 197 -31.75 11.33 -3.66
C THR FA 197 -30.32 11.86 -3.63
N VAL FA 198 -29.69 11.92 -4.80
CA VAL FA 198 -28.34 12.43 -4.92
C VAL FA 198 -28.41 13.90 -5.30
N SER FA 199 -28.04 14.77 -4.37
CA SER FA 199 -27.93 16.20 -4.66
C SER FA 199 -26.57 16.49 -5.27
N CYS FA 200 -26.57 17.14 -6.42
CA CYS FA 200 -25.37 17.38 -7.20
C CYS FA 200 -25.13 18.87 -7.36
N ARG FA 201 -23.87 19.26 -7.46
CA ARG FA 201 -23.51 20.65 -7.60
C ARG FA 201 -22.54 20.83 -8.75
N VAL FA 202 -22.72 21.92 -9.50
CA VAL FA 202 -21.88 22.26 -10.64
C VAL FA 202 -21.16 23.57 -10.32
N LEU FA 203 -19.84 23.53 -10.31
CA LEU FA 203 -19.02 24.71 -10.11
C LEU FA 203 -18.11 24.89 -11.32
N THR FA 204 -17.71 26.13 -11.58
CA THR FA 204 -16.89 26.43 -12.75
C THR FA 204 -15.84 27.48 -12.41
N ARG FA 205 -14.88 27.61 -13.32
CA ARG FA 205 -13.93 28.70 -13.36
C ARG FA 205 -13.43 28.81 -14.78
N PRO FA 206 -13.08 30.01 -15.24
CA PRO FA 206 -12.66 30.15 -16.63
C PRO FA 206 -11.29 29.51 -16.84
N SER FA 207 -11.11 28.88 -18.00
CA SER FA 207 -9.79 28.42 -18.40
C SER FA 207 -8.86 29.62 -18.54
N PRO FA 208 -7.54 29.39 -18.53
CA PRO FA 208 -6.62 30.52 -18.74
C PRO FA 208 -6.79 31.19 -20.10
N ASP FA 209 -7.27 30.47 -21.11
CA ASP FA 209 -7.42 31.04 -22.43
C ASP FA 209 -8.73 31.81 -22.61
N PHE FA 210 -9.61 31.81 -21.62
CA PHE FA 210 -10.84 32.59 -21.70
C PHE FA 210 -10.55 34.06 -21.44
N ASP FA 211 -11.24 34.93 -22.16
CA ASP FA 211 -11.07 36.36 -21.97
C ASP FA 211 -12.27 37.10 -22.55
N PHE FA 212 -12.58 38.25 -21.96
CA PHE FA 212 -13.58 39.14 -22.53
C PHE FA 212 -12.93 39.99 -23.61
N ILE FA 213 -13.74 40.65 -24.45
CA ILE FA 213 -13.22 41.28 -25.66
C ILE FA 213 -13.32 42.81 -25.64
N PHE FA 214 -14.54 43.35 -25.57
CA PHE FA 214 -14.70 44.79 -25.76
C PHE FA 214 -15.51 45.44 -24.65
N LEU FA 215 -14.91 46.44 -23.99
CA LEU FA 215 -15.55 47.16 -22.89
C LEU FA 215 -16.72 47.98 -23.42
N VAL FA 216 -17.89 47.85 -22.81
CA VAL FA 216 -19.11 48.50 -23.30
C VAL FA 216 -19.98 48.94 -22.12
N PRO FA 217 -20.96 49.82 -22.38
CA PRO FA 217 -21.82 50.36 -21.31
C PRO FA 217 -22.47 49.28 -20.46
N PRO FA 218 -22.47 49.48 -19.14
CA PRO FA 218 -22.46 48.34 -18.21
C PRO FA 218 -23.73 47.52 -18.18
N THR FA 219 -24.90 48.08 -18.49
CA THR FA 219 -26.11 47.29 -18.41
C THR FA 219 -27.05 47.44 -19.61
N VAL FA 220 -26.68 48.19 -20.64
CA VAL FA 220 -27.58 48.41 -21.77
C VAL FA 220 -27.93 47.10 -22.45
N GLU FA 221 -26.91 46.31 -22.80
CA GLU FA 221 -27.10 45.17 -23.69
C GLU FA 221 -27.94 44.09 -23.03
N SER FA 222 -29.07 43.76 -23.66
CA SER FA 222 -29.86 42.62 -23.19
C SER FA 222 -29.09 41.33 -23.45
N ARG FA 223 -29.66 40.22 -22.98
CA ARG FA 223 -29.10 38.85 -23.02
C ARG FA 223 -28.02 38.69 -21.97
N THR FA 224 -27.67 39.75 -21.24
CA THR FA 224 -26.78 39.63 -20.09
C THR FA 224 -27.44 40.07 -18.78
N LYS FA 225 -28.68 40.57 -18.83
CA LYS FA 225 -29.37 40.95 -17.61
C LYS FA 225 -29.66 39.69 -16.80
N PRO FA 226 -29.31 39.66 -15.52
CA PRO FA 226 -29.57 38.46 -14.71
C PRO FA 226 -30.98 38.44 -14.16
N PHE FA 227 -31.52 37.23 -14.03
CA PHE FA 227 -32.88 37.05 -13.56
C PHE FA 227 -32.94 37.14 -12.05
N THR FA 228 -33.96 37.82 -11.55
CA THR FA 228 -34.19 37.93 -10.12
C THR FA 228 -35.68 37.84 -9.84
N VAL FA 229 -36.01 37.64 -8.57
CA VAL FA 229 -37.40 37.51 -8.15
C VAL FA 229 -37.62 38.47 -6.99
N PRO FA 230 -38.67 39.30 -7.02
CA PRO FA 230 -38.80 40.36 -6.03
C PRO FA 230 -38.83 39.84 -4.61
N ILE FA 231 -38.23 40.61 -3.70
CA ILE FA 231 -38.16 40.26 -2.28
C ILE FA 231 -39.46 40.51 -1.53
N LEU FA 232 -40.50 40.98 -2.21
CA LEU FA 232 -41.76 41.28 -1.54
C LEU FA 232 -42.35 40.04 -0.87
N THR FA 233 -43.07 40.29 0.22
CA THR FA 233 -43.78 39.24 0.95
C THR FA 233 -45.14 38.98 0.29
N VAL FA 234 -45.65 37.76 0.49
CA VAL FA 234 -46.94 37.37 -0.08
C VAL FA 234 -48.04 38.36 0.30
N GLU FA 235 -48.14 38.72 1.58
CA GLU FA 235 -49.16 39.68 2.01
C GLU FA 235 -48.99 41.04 1.36
N GLU FA 236 -47.76 41.44 1.04
CA GLU FA 236 -47.52 42.76 0.46
C GLU FA 236 -47.82 42.82 -1.03
N MET FA 237 -48.15 41.70 -1.67
CA MET FA 237 -48.44 41.67 -3.09
C MET FA 237 -49.95 41.57 -3.31
N THR FA 238 -50.35 41.56 -4.58
CA THR FA 238 -51.75 41.65 -4.96
C THR FA 238 -52.08 40.60 -6.00
N ASN FA 239 -53.31 40.12 -5.99
CA ASN FA 239 -53.77 39.15 -6.97
C ASN FA 239 -53.82 39.77 -8.36
N SER FA 240 -53.48 38.97 -9.36
CA SER FA 240 -53.37 39.43 -10.73
C SER FA 240 -54.62 39.17 -11.55
N ARG FA 241 -55.66 38.60 -10.93
CA ARG FA 241 -56.92 38.30 -11.61
C ARG FA 241 -58.08 39.13 -11.10
N PHE FA 242 -57.88 39.92 -10.03
CA PHE FA 242 -58.89 40.79 -9.45
C PHE FA 242 -58.18 41.80 -8.56
N PRO FA 243 -58.60 43.06 -8.56
CA PRO FA 243 -57.85 44.08 -7.80
C PRO FA 243 -57.97 43.91 -6.29
N ILE FA 244 -57.42 42.84 -5.75
CA ILE FA 244 -57.45 42.58 -4.32
C ILE FA 244 -56.11 42.02 -3.87
N PRO FA 245 -55.79 42.14 -2.58
CA PRO FA 245 -54.52 41.60 -2.08
C PRO FA 245 -54.47 40.08 -2.12
N LEU FA 246 -53.24 39.56 -2.07
CA LEU FA 246 -53.03 38.15 -1.82
C LEU FA 246 -53.19 37.86 -0.34
N GLU FA 247 -53.43 36.59 0.00
CA GLU FA 247 -53.61 36.26 1.41
C GLU FA 247 -52.88 35.00 1.84
N LYS FA 248 -52.91 33.94 1.01
CA LYS FA 248 -52.25 32.70 1.38
C LYS FA 248 -51.69 32.02 0.12
N LEU FA 249 -50.83 31.04 0.36
CA LEU FA 249 -50.33 30.16 -0.69
C LEU FA 249 -51.07 28.83 -0.61
N PHE FA 250 -51.49 28.31 -1.76
CA PHE FA 250 -52.28 27.09 -1.82
C PHE FA 250 -51.78 26.19 -2.95
N THR FA 251 -51.60 24.91 -2.64
CA THR FA 251 -51.39 23.89 -3.66
C THR FA 251 -52.51 22.88 -3.58
N GLY FA 252 -52.96 22.40 -4.75
CA GLY FA 252 -53.99 21.39 -4.81
C GLY FA 252 -53.99 20.66 -6.13
N PRO FA 253 -54.64 19.50 -6.18
CA PRO FA 253 -54.75 18.77 -7.45
C PRO FA 253 -55.66 19.48 -8.43
N SER FA 254 -55.28 19.40 -9.72
CA SER FA 254 -55.98 20.12 -10.79
C SER FA 254 -56.43 19.16 -11.88
N GLY FA 255 -56.60 17.87 -11.57
CA GLY FA 255 -56.93 16.90 -12.61
C GLY FA 255 -58.31 17.08 -13.18
N ALA FA 256 -59.29 17.44 -12.35
CA ALA FA 256 -60.67 17.53 -12.83
C ALA FA 256 -60.84 18.69 -13.81
N PHE FA 257 -60.40 19.87 -13.40
CA PHE FA 257 -60.68 21.12 -14.09
C PHE FA 257 -59.48 21.52 -14.96
N VAL FA 258 -59.63 22.62 -15.70
CA VAL FA 258 -58.58 23.10 -16.60
C VAL FA 258 -58.09 24.47 -16.13
N VAL FA 259 -56.82 24.53 -15.71
CA VAL FA 259 -56.21 25.74 -15.19
C VAL FA 259 -55.68 26.53 -16.38
N GLN FA 260 -56.45 27.52 -16.84
CA GLN FA 260 -56.04 28.27 -18.02
C GLN FA 260 -56.42 29.75 -17.90
N PRO FA 261 -56.06 30.43 -16.82
CA PRO FA 261 -56.39 31.86 -16.71
C PRO FA 261 -55.70 32.66 -17.80
N GLN FA 262 -56.26 33.84 -18.08
CA GLN FA 262 -55.70 34.74 -19.08
C GLN FA 262 -55.20 36.06 -18.49
N ASN FA 263 -55.44 36.30 -17.21
CA ASN FA 263 -54.83 37.42 -16.49
C ASN FA 263 -53.74 36.86 -15.58
N GLY FA 264 -52.75 37.70 -15.29
CA GLY FA 264 -51.61 37.21 -14.54
C GLY FA 264 -50.87 36.11 -15.27
N ARG FA 265 -50.69 36.26 -16.58
CA ARG FA 265 -49.91 35.36 -17.41
C ARG FA 265 -48.74 36.13 -18.02
N CYS FA 266 -47.54 35.80 -17.57
CA CYS FA 266 -46.34 36.50 -18.01
C CYS FA 266 -45.19 35.52 -17.96
N THR FA 267 -44.31 35.61 -18.94
CA THR FA 267 -43.16 34.73 -19.01
C THR FA 267 -41.97 35.33 -18.24
N THR FA 268 -41.06 34.45 -17.82
CA THR FA 268 -39.88 34.86 -17.06
C THR FA 268 -39.05 35.96 -17.73
N ASP FA 269 -38.90 35.91 -19.05
CA ASP FA 269 -38.16 36.99 -19.73
C ASP FA 269 -39.06 38.15 -20.15
N GLY FA 270 -40.27 38.24 -19.60
CA GLY FA 270 -41.04 39.48 -19.64
C GLY FA 270 -42.00 39.66 -20.79
N VAL FA 271 -42.44 38.60 -21.43
CA VAL FA 271 -43.46 38.67 -22.47
C VAL FA 271 -44.82 38.43 -21.82
N LEU FA 272 -45.72 39.41 -21.93
CA LEU FA 272 -47.08 39.25 -21.43
C LEU FA 272 -47.90 38.35 -22.36
N LEU FA 273 -48.85 37.64 -21.77
CA LEU FA 273 -49.64 36.65 -22.48
C LEU FA 273 -51.12 36.88 -22.20
N GLY FA 274 -51.96 36.36 -23.11
CA GLY FA 274 -53.40 36.45 -22.91
C GLY FA 274 -53.86 37.89 -22.82
N THR FA 275 -54.71 38.17 -21.84
CA THR FA 275 -55.24 39.52 -21.61
C THR FA 275 -54.48 40.25 -20.50
N THR FA 276 -53.23 39.88 -20.26
CA THR FA 276 -52.50 40.40 -19.11
C THR FA 276 -51.95 41.78 -19.40
N GLN FA 277 -52.08 42.69 -18.43
CA GLN FA 277 -51.55 44.04 -18.53
C GLN FA 277 -50.90 44.40 -17.19
N LEU FA 278 -50.37 45.62 -17.12
CA LEU FA 278 -49.46 45.98 -16.04
C LEU FA 278 -50.14 46.65 -14.85
N SER FA 279 -51.28 47.29 -15.05
CA SER FA 279 -51.92 48.01 -13.94
C SER FA 279 -52.66 47.04 -13.04
N PRO FA 280 -52.39 47.03 -11.73
CA PRO FA 280 -53.12 46.15 -10.81
C PRO FA 280 -54.52 46.63 -10.48
N VAL FA 281 -54.91 47.82 -10.92
CA VAL FA 281 -56.21 48.40 -10.62
C VAL FA 281 -57.19 48.14 -11.76
N ASN FA 282 -56.66 48.04 -12.99
CA ASN FA 282 -57.46 47.85 -14.19
C ASN FA 282 -57.74 46.39 -14.49
N ILE FA 283 -57.75 45.53 -13.46
CA ILE FA 283 -57.74 44.10 -13.74
C ILE FA 283 -59.13 43.55 -14.06
N CYS FA 284 -60.19 44.12 -13.49
CA CYS FA 284 -61.54 43.74 -13.90
C CYS FA 284 -62.37 44.96 -14.25
N THR FA 285 -61.78 45.91 -14.95
CA THR FA 285 -62.38 47.21 -15.21
C THR FA 285 -62.90 47.27 -16.64
N PHE FA 286 -63.86 48.17 -16.87
CA PHE FA 286 -64.36 48.47 -18.19
C PHE FA 286 -64.55 49.98 -18.33
N ARG FA 287 -64.22 50.51 -19.50
CA ARG FA 287 -64.40 51.93 -19.80
C ARG FA 287 -65.01 52.06 -21.18
N GLY FA 288 -66.00 52.94 -21.32
CA GLY FA 288 -66.61 53.19 -22.61
C GLY FA 288 -67.88 53.99 -22.48
N ASP FA 289 -68.64 54.01 -23.58
CA ASP FA 289 -69.91 54.70 -23.70
C ASP FA 289 -71.05 53.72 -23.45
N VAL FA 290 -72.13 54.20 -22.84
CA VAL FA 290 -73.19 53.33 -22.35
C VAL FA 290 -74.52 53.71 -23.00
N THR FA 291 -75.38 52.70 -23.15
CA THR FA 291 -76.66 52.82 -23.84
C THR FA 291 -77.71 52.08 -23.01
N HIS FA 292 -78.88 52.69 -22.86
CA HIS FA 292 -79.97 52.04 -22.13
C HIS FA 292 -80.69 51.03 -23.01
N ILE FA 293 -81.13 49.94 -22.38
CA ILE FA 293 -81.95 48.92 -23.01
C ILE FA 293 -83.40 49.15 -22.58
N ALA FA 294 -84.26 49.43 -23.55
CA ALA FA 294 -85.60 49.95 -23.26
C ALA FA 294 -86.42 48.93 -22.47
N GLY FA 295 -87.01 49.39 -21.38
CA GLY FA 295 -87.90 48.60 -20.55
C GLY FA 295 -87.25 47.81 -19.45
N THR FA 296 -85.92 47.84 -19.36
CA THR FA 296 -85.18 47.06 -18.38
C THR FA 296 -84.26 47.99 -17.60
N HIS FA 297 -83.58 47.42 -16.60
CA HIS FA 297 -82.51 48.10 -15.89
C HIS FA 297 -81.14 47.73 -16.45
N ASP FA 298 -81.10 47.24 -17.69
CA ASP FA 298 -79.87 46.78 -18.32
C ASP FA 298 -79.29 47.89 -19.20
N TYR FA 299 -77.97 47.87 -19.35
CA TYR FA 299 -77.29 48.77 -20.26
C TYR FA 299 -76.28 48.01 -21.12
N THR FA 300 -76.06 48.53 -22.32
CA THR FA 300 -75.04 48.01 -23.22
C THR FA 300 -73.87 48.99 -23.24
N MET FA 301 -72.67 48.48 -23.00
CA MET FA 301 -71.46 49.29 -22.94
C MET FA 301 -70.59 49.02 -24.17
N ASN FA 302 -70.34 50.05 -24.95
CA ASN FA 302 -69.41 49.97 -26.07
C ASN FA 302 -68.01 50.32 -25.56
N LEU FA 303 -67.08 49.39 -25.71
CA LEU FA 303 -65.82 49.46 -24.98
C LEU FA 303 -64.82 50.35 -25.68
N ALA FA 304 -64.22 51.26 -24.93
CA ALA FA 304 -62.95 51.88 -25.28
C ALA FA 304 -61.80 51.01 -24.74
N SER FA 305 -60.58 51.39 -25.09
CA SER FA 305 -59.41 50.66 -24.61
C SER FA 305 -59.15 51.01 -23.15
N GLN FA 306 -58.11 50.39 -22.57
CA GLN FA 306 -57.70 50.72 -21.20
C GLN FA 306 -57.50 52.22 -21.04
N ASN FA 307 -56.65 52.80 -21.89
CA ASN FA 307 -56.66 54.23 -22.13
C ASN FA 307 -57.85 54.56 -23.03
N TRP FA 308 -58.51 55.69 -22.76
CA TRP FA 308 -59.81 55.95 -23.37
C TRP FA 308 -59.76 55.99 -24.90
N ASN FA 309 -58.58 55.98 -25.51
CA ASN FA 309 -58.47 55.82 -26.96
C ASN FA 309 -59.29 54.63 -27.43
N ASN FA 310 -59.72 54.69 -28.70
CA ASN FA 310 -60.71 53.73 -29.19
C ASN FA 310 -60.15 52.31 -29.09
N TYR FA 311 -61.06 51.34 -28.94
CA TYR FA 311 -60.67 49.95 -28.83
C TYR FA 311 -60.69 49.30 -30.20
N ASP FA 312 -59.61 48.57 -30.52
CA ASP FA 312 -59.45 47.93 -31.83
C ASP FA 312 -59.54 46.42 -31.66
N PRO FA 313 -60.54 45.75 -32.25
CA PRO FA 313 -60.63 44.29 -32.13
C PRO FA 313 -59.64 43.52 -32.99
N THR FA 314 -58.88 44.18 -33.87
CA THR FA 314 -57.93 43.48 -34.73
C THR FA 314 -56.72 42.97 -33.95
N GLU FA 315 -56.47 43.52 -32.76
CA GLU FA 315 -55.30 43.12 -31.97
C GLU FA 315 -55.32 41.61 -31.74
N GLU FA 316 -54.13 41.00 -31.74
CA GLU FA 316 -53.98 39.56 -31.59
C GLU FA 316 -54.03 39.19 -30.10
N ILE FA 317 -55.20 39.40 -29.51
CA ILE FA 317 -55.42 39.19 -28.09
C ILE FA 317 -56.73 38.42 -27.94
N PRO FA 318 -56.91 37.59 -26.90
CA PRO FA 318 -58.20 36.92 -26.72
C PRO FA 318 -59.34 37.88 -26.39
N ALA FA 319 -59.04 39.06 -25.86
CA ALA FA 319 -60.02 40.06 -25.44
C ALA FA 319 -59.27 41.32 -25.01
N PRO FA 320 -59.96 42.45 -24.77
CA PRO FA 320 -59.25 43.63 -24.27
C PRO FA 320 -58.53 43.33 -22.97
N LEU FA 321 -57.38 43.98 -22.79
CA LEU FA 321 -56.53 43.66 -21.65
C LEU FA 321 -57.27 43.96 -20.35
N GLY FA 322 -57.25 43.00 -19.43
CA GLY FA 322 -57.98 43.13 -18.19
C GLY FA 322 -59.38 42.55 -18.22
N THR FA 323 -59.79 41.93 -19.31
CA THR FA 323 -61.10 41.32 -19.36
C THR FA 323 -61.16 40.17 -18.34
N PRO FA 324 -62.21 40.07 -17.54
CA PRO FA 324 -62.32 38.98 -16.57
C PRO FA 324 -62.12 37.62 -17.23
N ASP FA 325 -61.51 36.70 -16.49
CA ASP FA 325 -61.14 35.39 -17.01
C ASP FA 325 -61.83 34.27 -16.27
N PHE FA 326 -63.04 34.54 -15.75
CA PHE FA 326 -63.85 33.52 -15.11
C PHE FA 326 -65.32 33.82 -15.38
N VAL FA 327 -66.15 32.79 -15.24
CA VAL FA 327 -67.60 32.97 -15.39
C VAL FA 327 -68.22 33.19 -14.02
N GLY FA 328 -69.00 34.25 -13.92
CA GLY FA 328 -69.61 34.63 -12.67
C GLY FA 328 -70.26 35.99 -12.83
N LYS FA 329 -70.89 36.44 -11.76
CA LYS FA 329 -71.53 37.74 -11.74
C LYS FA 329 -70.68 38.66 -10.85
N ILE FA 330 -70.07 39.66 -11.47
CA ILE FA 330 -69.20 40.61 -10.77
C ILE FA 330 -70.00 41.88 -10.53
N GLN FA 331 -70.12 42.27 -9.26
CA GLN FA 331 -70.84 43.47 -8.91
C GLN FA 331 -69.86 44.60 -8.61
N GLY FA 332 -70.20 45.80 -9.05
CA GLY FA 332 -69.41 46.99 -8.77
C GLY FA 332 -70.23 48.25 -8.88
N VAL FA 333 -69.65 49.29 -9.49
CA VAL FA 333 -70.28 50.60 -9.59
C VAL FA 333 -69.92 51.20 -10.93
N LEU FA 334 -70.93 51.65 -11.68
CA LEU FA 334 -70.70 52.43 -12.89
C LEU FA 334 -70.63 53.91 -12.50
N THR FA 335 -69.62 54.61 -13.00
CA THR FA 335 -69.41 56.01 -12.71
C THR FA 335 -69.31 56.77 -14.02
N GLN FA 336 -69.85 57.98 -14.03
CA GLN FA 336 -70.02 58.74 -15.26
C GLN FA 336 -69.84 60.22 -14.93
N THR FA 337 -69.31 60.97 -15.90
CA THR FA 337 -69.06 62.39 -15.72
C THR FA 337 -69.49 63.15 -16.97
N THR FA 338 -70.24 64.24 -16.76
CA THR FA 338 -70.68 65.11 -17.85
C THR FA 338 -69.60 66.16 -18.10
N ARG FA 339 -69.11 66.24 -19.34
CA ARG FA 339 -68.01 67.14 -19.67
C ARG FA 339 -68.38 68.61 -19.51
N GLY FA 340 -69.65 68.96 -19.71
CA GLY FA 340 -70.02 70.37 -19.71
C GLY FA 340 -70.03 71.01 -18.33
N ASP FA 341 -70.69 70.37 -17.36
CA ASP FA 341 -70.81 70.94 -16.03
C ASP FA 341 -70.02 70.18 -14.96
N GLY FA 342 -69.55 68.97 -15.24
CA GLY FA 342 -68.87 68.18 -14.25
C GLY FA 342 -69.78 67.46 -13.28
N SER FA 343 -71.04 67.25 -13.64
CA SER FA 343 -71.94 66.44 -12.85
C SER FA 343 -71.50 64.98 -12.90
N THR FA 344 -71.66 64.27 -11.78
CA THR FA 344 -71.23 62.90 -11.67
C THR FA 344 -72.34 62.02 -11.12
N ARG FA 345 -72.39 60.78 -11.62
CA ARG FA 345 -73.43 59.81 -11.26
C ARG FA 345 -72.79 58.48 -10.91
N GLY FA 346 -73.35 57.79 -9.91
CA GLY FA 346 -72.83 56.51 -9.49
C GLY FA 346 -73.91 55.52 -9.10
N HIS FA 347 -73.91 54.33 -9.73
CA HIS FA 347 -75.00 53.38 -9.58
C HIS FA 347 -74.48 51.96 -9.49
N LYS FA 348 -74.98 51.22 -8.50
CA LYS FA 348 -74.75 49.78 -8.40
C LYS FA 348 -75.02 49.09 -9.73
N ALA FA 349 -74.08 48.22 -10.14
CA ALA FA 349 -74.23 47.51 -11.41
C ALA FA 349 -73.56 46.16 -11.30
N THR FA 350 -73.91 45.28 -12.23
CA THR FA 350 -73.45 43.89 -12.21
C THR FA 350 -73.27 43.40 -13.63
N VAL FA 351 -72.13 42.77 -13.90
CA VAL FA 351 -71.85 42.14 -15.19
C VAL FA 351 -71.80 40.63 -14.99
N SER FA 352 -72.52 39.90 -15.82
CA SER FA 352 -72.47 38.43 -15.83
C SER FA 352 -71.63 38.01 -17.02
N THR FA 353 -70.48 37.39 -16.74
CA THR FA 353 -69.55 36.97 -17.78
C THR FA 353 -69.98 35.70 -18.50
N GLY FA 354 -71.02 35.03 -18.03
CA GLY FA 354 -71.54 33.87 -18.72
C GLY FA 354 -72.74 34.21 -19.59
N SER FA 355 -73.22 35.45 -19.44
CA SER FA 355 -74.32 35.94 -20.27
C SER FA 355 -73.95 35.92 -21.75
N VAL FA 356 -74.96 35.65 -22.58
CA VAL FA 356 -74.77 35.61 -24.03
C VAL FA 356 -74.40 36.98 -24.58
N HIS FA 357 -74.66 38.05 -23.83
CA HIS FA 357 -74.34 39.41 -24.24
C HIS FA 357 -73.02 39.90 -23.66
N PHE FA 358 -72.26 39.02 -22.99
CA PHE FA 358 -70.90 39.34 -22.55
C PHE FA 358 -69.97 38.99 -23.70
N THR FA 359 -69.73 39.97 -24.57
CA THR FA 359 -68.90 39.79 -25.77
C THR FA 359 -67.86 40.90 -25.83
N PRO FA 360 -66.88 40.91 -24.91
CA PRO FA 360 -65.90 42.00 -24.91
C PRO FA 360 -64.96 41.97 -26.10
N LYS FA 361 -64.72 40.80 -26.70
CA LYS FA 361 -63.89 40.73 -27.90
C LYS FA 361 -64.53 41.51 -29.04
N LEU FA 362 -65.87 41.53 -29.10
CA LEU FA 362 -66.58 42.23 -30.16
C LEU FA 362 -66.83 43.69 -29.83
N GLY FA 363 -66.71 44.09 -28.56
CA GLY FA 363 -66.73 45.49 -28.22
C GLY FA 363 -67.88 45.90 -27.33
N SER FA 364 -68.67 44.95 -26.85
CA SER FA 364 -69.86 45.26 -26.08
C SER FA 364 -69.96 44.35 -24.86
N VAL FA 365 -70.40 44.94 -23.75
CA VAL FA 365 -70.65 44.23 -22.51
C VAL FA 365 -71.96 44.75 -21.93
N GLN FA 366 -72.67 43.91 -21.19
CA GLN FA 366 -73.98 44.27 -20.65
C GLN FA 366 -73.95 44.29 -19.13
N PHE FA 367 -74.40 45.40 -18.55
CA PHE FA 367 -74.56 45.58 -17.12
C PHE FA 367 -76.04 45.67 -16.76
N THR FA 368 -76.37 45.23 -15.55
CA THR FA 368 -77.68 45.40 -14.96
C THR FA 368 -77.54 46.31 -13.75
N THR FA 369 -78.27 47.43 -13.76
CA THR FA 369 -78.06 48.51 -12.81
C THR FA 369 -79.24 48.63 -11.86
N ASP FA 370 -79.18 49.64 -10.99
CA ASP FA 370 -80.24 49.94 -10.05
C ASP FA 370 -81.10 51.13 -10.49
N THR FA 371 -81.02 51.53 -11.76
CA THR FA 371 -81.87 52.57 -12.31
C THR FA 371 -82.15 52.27 -13.77
N ASN FA 372 -83.23 52.88 -14.27
CA ASN FA 372 -83.56 52.85 -15.69
C ASN FA 372 -83.33 54.21 -16.33
N ASN FA 373 -82.88 55.19 -15.55
CA ASN FA 373 -82.59 56.54 -16.00
C ASN FA 373 -81.22 56.92 -15.46
N ASP FA 374 -80.83 58.20 -15.62
CA ASP FA 374 -79.62 58.73 -14.98
C ASP FA 374 -78.34 58.12 -15.53
N LEU FA 375 -78.31 57.72 -16.80
CA LEU FA 375 -77.06 57.37 -17.48
C LEU FA 375 -77.08 57.92 -18.90
N GLU FA 376 -76.35 59.02 -19.12
CA GLU FA 376 -76.36 59.69 -20.41
C GLU FA 376 -75.66 58.83 -21.46
N THR FA 377 -75.96 59.11 -22.72
CA THR FA 377 -75.48 58.30 -23.83
C THR FA 377 -74.10 58.70 -24.35
N GLY FA 378 -73.64 59.91 -24.07
CA GLY FA 378 -72.40 60.36 -24.65
C GLY FA 378 -71.19 60.43 -23.73
N GLN FA 379 -71.37 60.11 -22.46
CA GLN FA 379 -70.32 60.32 -21.47
C GLN FA 379 -69.48 59.06 -21.27
N ASN FA 380 -68.22 59.27 -20.88
CA ASN FA 380 -67.33 58.16 -20.56
C ASN FA 380 -67.74 57.54 -19.23
N THR FA 381 -67.74 56.21 -19.19
CA THR FA 381 -68.26 55.47 -18.06
C THR FA 381 -67.28 54.38 -17.65
N LYS FA 382 -67.07 54.23 -16.34
CA LYS FA 382 -66.10 53.31 -15.78
C LYS FA 382 -66.80 52.32 -14.86
N PHE FA 383 -66.56 51.04 -15.07
CA PHE FA 383 -66.99 50.01 -14.12
C PHE FA 383 -65.85 49.71 -13.17
N THR FA 384 -66.04 50.04 -11.89
CA THR FA 384 -65.10 49.72 -10.84
C THR FA 384 -65.56 48.44 -10.17
N PRO FA 385 -64.82 47.34 -10.27
CA PRO FA 385 -65.28 46.10 -9.64
C PRO FA 385 -65.11 46.14 -8.13
N VAL FA 386 -65.95 45.34 -7.45
CA VAL FA 386 -65.94 45.29 -6.00
C VAL FA 386 -65.88 43.84 -5.54
N GLY FA 387 -66.74 43.01 -6.11
CA GLY FA 387 -66.86 41.65 -5.64
C GLY FA 387 -67.70 40.81 -6.57
N VAL FA 388 -67.98 39.59 -6.13
CA VAL FA 388 -68.72 38.61 -6.90
C VAL FA 388 -69.96 38.22 -6.10
N VAL FA 389 -71.01 37.79 -6.82
CA VAL FA 389 -72.27 37.42 -6.20
C VAL FA 389 -72.72 36.06 -6.75
N GLN FA 390 -73.69 35.46 -6.05
CA GLN FA 390 -74.15 34.11 -6.33
C GLN FA 390 -75.67 34.06 -6.21
N ASP FA 391 -76.31 33.37 -7.16
CA ASP FA 391 -77.75 33.13 -7.06
C ASP FA 391 -77.99 32.15 -5.93
N GLY FA 392 -78.63 32.62 -4.85
CA GLY FA 392 -78.65 31.86 -3.61
C GLY FA 392 -79.47 30.60 -3.64
N ASN FA 393 -80.34 30.45 -4.64
CA ASN FA 393 -81.20 29.29 -4.74
C ASN FA 393 -80.57 28.09 -5.44
N SER FA 394 -79.47 28.30 -6.17
CA SER FA 394 -78.75 27.18 -6.78
C SER FA 394 -77.73 26.65 -5.79
N ALA FA 395 -76.90 25.69 -6.22
CA ALA FA 395 -75.97 25.03 -5.32
C ALA FA 395 -75.03 26.04 -4.68
N HIS FA 396 -74.82 25.88 -3.37
CA HIS FA 396 -73.99 26.79 -2.62
C HIS FA 396 -72.53 26.69 -3.05
N GLN FA 397 -71.88 27.86 -3.21
CA GLN FA 397 -70.47 27.96 -3.54
C GLN FA 397 -70.13 27.44 -4.93
N ASN FA 398 -71.02 27.71 -5.91
CA ASN FA 398 -70.82 27.18 -7.25
C ASN FA 398 -70.84 28.21 -8.36
N GLU FA 399 -71.12 29.48 -8.06
CA GLU FA 399 -71.42 30.41 -9.14
C GLU FA 399 -70.14 30.92 -9.80
N PRO FA 400 -69.16 31.48 -9.05
CA PRO FA 400 -67.94 31.94 -9.73
C PRO FA 400 -66.99 30.79 -10.02
N GLN FA 401 -66.98 30.30 -11.26
CA GLN FA 401 -66.13 29.18 -11.63
C GLN FA 401 -64.82 29.73 -12.16
N GLN FA 402 -63.81 29.84 -11.30
CA GLN FA 402 -62.63 30.61 -11.69
C GLN FA 402 -61.87 29.95 -12.84
N TRP FA 403 -61.96 28.62 -12.96
CA TRP FA 403 -61.20 27.92 -13.97
C TRP FA 403 -62.04 27.63 -15.23
N VAL FA 404 -63.14 28.34 -15.40
CA VAL FA 404 -63.97 28.24 -16.59
C VAL FA 404 -63.83 29.57 -17.34
N LEU FA 405 -63.31 29.50 -18.56
CA LEU FA 405 -63.11 30.75 -19.27
C LEU FA 405 -64.44 31.24 -19.85
N PRO FA 406 -64.73 32.53 -19.75
CA PRO FA 406 -65.87 33.09 -20.48
C PRO FA 406 -65.65 33.00 -21.98
N ASN FA 407 -66.73 33.17 -22.72
CA ASN FA 407 -66.66 33.19 -24.19
C ASN FA 407 -66.57 34.64 -24.62
N TYR FA 408 -65.34 35.08 -24.94
CA TYR FA 408 -65.10 36.50 -25.15
C TYR FA 408 -65.84 37.03 -26.37
N SER FA 409 -66.24 36.17 -27.29
CA SER FA 409 -67.07 36.57 -28.41
C SER FA 409 -68.49 36.00 -28.30
N GLY FA 410 -68.92 35.68 -27.09
CA GLY FA 410 -70.23 35.09 -26.85
C GLY FA 410 -70.53 33.94 -27.79
N ARG FA 411 -71.80 33.84 -28.17
CA ARG FA 411 -72.28 32.80 -29.06
C ARG FA 411 -71.71 32.90 -30.47
N THR FA 412 -71.09 34.02 -30.83
CA THR FA 412 -70.67 34.25 -32.20
C THR FA 412 -69.48 33.38 -32.59
N GLY FA 413 -68.49 33.23 -31.71
CA GLY FA 413 -67.37 32.38 -32.07
C GLY FA 413 -66.61 31.88 -30.85
N HIS FA 414 -65.58 31.08 -31.14
CA HIS FA 414 -64.73 30.50 -30.11
C HIS FA 414 -63.63 31.47 -29.70
N ASN FA 415 -63.07 31.21 -28.52
CA ASN FA 415 -61.95 32.00 -28.01
C ASN FA 415 -60.70 31.79 -28.87
N VAL FA 416 -59.91 32.85 -29.02
CA VAL FA 416 -58.71 32.81 -29.85
C VAL FA 416 -57.52 33.32 -29.06
N HIS FA 417 -56.33 33.06 -29.60
CA HIS FA 417 -55.04 33.49 -29.04
C HIS FA 417 -55.01 33.36 -27.52
N LEU FA 418 -55.40 32.19 -27.03
CA LEU FA 418 -55.42 31.96 -25.60
C LEU FA 418 -54.02 31.65 -25.09
N ALA FA 419 -53.75 32.06 -23.85
CA ALA FA 419 -52.57 31.57 -23.17
C ALA FA 419 -52.74 30.09 -22.88
N PRO FA 420 -51.67 29.30 -22.95
CA PRO FA 420 -51.81 27.85 -22.81
C PRO FA 420 -52.31 27.46 -21.43
N ALA FA 421 -52.91 26.27 -21.35
CA ALA FA 421 -53.27 25.73 -20.06
C ALA FA 421 -52.02 25.25 -19.33
N VAL FA 422 -52.18 24.96 -18.04
CA VAL FA 422 -51.06 24.77 -17.14
C VAL FA 422 -51.35 23.56 -16.26
N ALA FA 423 -50.36 22.66 -16.16
CA ALA FA 423 -50.49 21.47 -15.35
C ALA FA 423 -49.10 21.02 -14.92
N PRO FA 424 -48.98 20.37 -13.76
CA PRO FA 424 -47.70 19.74 -13.41
C PRO FA 424 -47.37 18.59 -14.34
N THR FA 425 -46.08 18.48 -14.67
CA THR FA 425 -45.58 17.47 -15.59
C THR FA 425 -44.70 16.42 -14.95
N PHE FA 426 -44.19 16.68 -13.74
CA PHE FA 426 -43.27 15.84 -13.00
C PHE FA 426 -44.00 15.07 -11.91
N PRO FA 427 -43.69 13.77 -11.75
CA PRO FA 427 -44.36 12.96 -10.74
C PRO FA 427 -44.26 13.54 -9.34
N GLY FA 428 -45.39 13.59 -8.65
CA GLY FA 428 -45.45 14.05 -7.28
C GLY FA 428 -45.72 15.53 -7.11
N GLU FA 429 -45.88 16.26 -8.20
CA GLU FA 429 -45.88 17.72 -8.19
C GLU FA 429 -47.27 18.27 -8.45
N GLN FA 430 -47.60 19.37 -7.78
CA GLN FA 430 -48.84 20.09 -7.99
C GLN FA 430 -48.55 21.56 -8.23
N LEU FA 431 -49.50 22.24 -8.87
CA LEU FA 431 -49.40 23.68 -9.03
C LEU FA 431 -49.33 24.37 -7.67
N LEU FA 432 -48.64 25.51 -7.64
CA LEU FA 432 -48.65 26.40 -6.49
C LEU FA 432 -49.41 27.67 -6.86
N PHE FA 433 -50.47 27.96 -6.13
CA PHE FA 433 -51.36 29.07 -6.43
C PHE FA 433 -51.16 30.17 -5.40
N PHE FA 434 -51.25 31.41 -5.85
CA PHE FA 434 -51.27 32.57 -4.96
C PHE FA 434 -52.74 32.94 -4.76
N ARG FA 435 -53.25 32.70 -3.55
CA ARG FA 435 -54.68 32.68 -3.31
C ARG FA 435 -55.14 33.97 -2.63
N SER FA 436 -56.25 34.50 -3.12
CA SER FA 436 -56.85 35.71 -2.60
C SER FA 436 -58.32 35.39 -2.33
N THR FA 437 -58.94 36.16 -1.45
CA THR FA 437 -60.34 35.95 -1.09
C THR FA 437 -61.18 37.11 -1.63
N MET FA 438 -62.03 36.82 -2.61
CA MET FA 438 -62.79 37.87 -3.26
C MET FA 438 -63.91 38.34 -2.32
N PRO FA 439 -64.19 39.63 -2.27
CA PRO FA 439 -65.36 40.09 -1.52
C PRO FA 439 -66.63 39.52 -2.13
N GLY FA 440 -67.50 39.00 -1.28
CA GLY FA 440 -68.84 38.61 -1.69
C GLY FA 440 -69.82 39.73 -1.40
N CYS FA 441 -70.72 39.99 -2.35
CA CYS FA 441 -71.69 41.07 -2.21
C CYS FA 441 -73.11 40.58 -1.96
N SER FA 442 -73.44 39.35 -2.33
CA SER FA 442 -74.77 38.79 -2.12
C SER FA 442 -74.77 37.30 -2.43
N GLY FA 443 -75.36 36.51 -1.55
CA GLY FA 443 -75.44 35.07 -1.77
C GLY FA 443 -74.30 34.28 -1.15
N TYR FA 444 -74.01 33.12 -1.74
CA TYR FA 444 -72.99 32.21 -1.24
C TYR FA 444 -71.99 31.90 -2.35
N PRO FA 445 -71.17 32.87 -2.73
CA PRO FA 445 -70.27 32.67 -3.87
C PRO FA 445 -69.03 31.90 -3.48
N ASN FA 446 -68.39 31.32 -4.50
CA ASN FA 446 -67.07 30.70 -4.33
C ASN FA 446 -66.03 31.81 -4.37
N MET FA 447 -65.61 32.26 -3.19
CA MET FA 447 -64.82 33.48 -3.06
C MET FA 447 -63.33 33.23 -3.27
N ASN FA 448 -62.93 31.99 -3.55
CA ASN FA 448 -61.53 31.64 -3.73
C ASN FA 448 -61.07 32.06 -5.12
N LEU FA 449 -60.02 32.88 -5.19
CA LEU FA 449 -59.40 33.26 -6.45
C LEU FA 449 -57.91 32.94 -6.42
N ASP FA 450 -57.49 32.05 -7.33
CA ASP FA 450 -56.10 31.64 -7.44
C ASP FA 450 -55.50 32.22 -8.71
N CYS FA 451 -54.32 32.83 -8.58
CA CYS FA 451 -53.54 33.24 -9.74
C CYS FA 451 -52.20 32.52 -9.77
N LEU FA 452 -51.60 32.46 -10.97
CA LEU FA 452 -50.35 31.75 -11.15
C LEU FA 452 -49.14 32.60 -10.75
N LEU FA 453 -49.22 33.92 -10.91
CA LEU FA 453 -48.13 34.83 -10.57
C LEU FA 453 -48.72 36.06 -9.89
N PRO FA 454 -48.15 36.52 -8.78
CA PRO FA 454 -48.56 37.81 -8.22
C PRO FA 454 -48.35 38.92 -9.23
N GLN FA 455 -49.15 39.97 -9.10
CA GLN FA 455 -49.09 41.06 -10.08
C GLN FA 455 -47.72 41.73 -10.08
N GLU FA 456 -47.11 41.87 -8.90
CA GLU FA 456 -45.78 42.47 -8.82
C GLU FA 456 -44.73 41.62 -9.53
N TRP FA 457 -44.90 40.29 -9.55
CA TRP FA 457 -43.99 39.46 -10.33
C TRP FA 457 -44.15 39.73 -11.82
N VAL FA 458 -45.39 39.93 -12.26
CA VAL FA 458 -45.62 40.28 -13.67
C VAL FA 458 -44.95 41.60 -14.00
N LEU FA 459 -45.16 42.62 -13.15
CA LEU FA 459 -44.48 43.90 -13.32
C LEU FA 459 -42.96 43.73 -13.35
N HIS FA 460 -42.41 42.95 -12.42
CA HIS FA 460 -40.97 42.81 -12.34
C HIS FA 460 -40.41 42.12 -13.57
N PHE FA 461 -40.98 40.97 -13.95
CA PHE FA 461 -40.51 40.25 -15.13
C PHE FA 461 -40.61 41.13 -16.37
N TYR FA 462 -41.65 41.95 -16.46
CA TYR FA 462 -41.84 42.77 -17.64
C TYR FA 462 -40.72 43.78 -17.80
N GLN FA 463 -40.39 44.51 -16.74
CA GLN FA 463 -39.40 45.58 -16.86
C GLN FA 463 -37.99 45.01 -16.98
N GLU FA 464 -37.63 44.11 -16.07
CA GLU FA 464 -36.29 43.52 -16.05
C GLU FA 464 -36.38 42.23 -16.88
N ALA FA 465 -36.26 42.40 -18.20
CA ALA FA 465 -36.56 41.31 -19.13
C ALA FA 465 -35.33 40.39 -19.27
N ALA FA 466 -35.10 39.63 -18.21
CA ALA FA 466 -33.91 38.79 -18.14
C ALA FA 466 -34.13 37.50 -18.91
N PRO FA 467 -33.29 37.16 -19.89
CA PRO FA 467 -33.45 35.89 -20.60
C PRO FA 467 -33.31 34.70 -19.66
N ALA FA 468 -34.18 33.71 -19.86
CA ALA FA 468 -34.14 32.50 -19.06
C ALA FA 468 -33.00 31.61 -19.53
N GLN FA 469 -32.10 31.25 -18.62
CA GLN FA 469 -30.98 30.38 -18.95
C GLN FA 469 -31.39 28.91 -19.04
N SER FA 470 -32.57 28.58 -18.53
CA SER FA 470 -33.15 27.25 -18.69
C SER FA 470 -34.64 27.39 -18.41
N ASP FA 471 -35.36 26.28 -18.52
CA ASP FA 471 -36.81 26.37 -18.44
C ASP FA 471 -37.37 26.53 -17.03
N VAL FA 472 -36.57 26.33 -15.98
CA VAL FA 472 -37.08 26.36 -14.62
C VAL FA 472 -36.14 27.13 -13.72
N ALA FA 473 -36.69 28.05 -12.94
CA ALA FA 473 -35.95 28.74 -11.90
C ALA FA 473 -36.28 28.09 -10.57
N LEU FA 474 -35.27 27.59 -9.88
CA LEU FA 474 -35.46 27.01 -8.56
C LEU FA 474 -35.56 28.14 -7.53
N LEU FA 475 -36.67 28.19 -6.81
CA LEU FA 475 -36.87 29.15 -5.74
C LEU FA 475 -37.00 28.42 -4.41
N ARG FA 476 -36.48 29.04 -3.35
CA ARG FA 476 -36.67 28.55 -1.99
C ARG FA 476 -37.34 29.65 -1.17
N PHE FA 477 -38.32 29.25 -0.36
CA PHE FA 477 -39.06 30.17 0.50
C PHE FA 477 -38.41 30.17 1.87
N VAL FA 478 -37.97 31.35 2.32
CA VAL FA 478 -37.10 31.46 3.48
C VAL FA 478 -37.78 32.32 4.54
N ASN FA 479 -37.66 31.90 5.80
CA ASN FA 479 -38.06 32.72 6.92
C ASN FA 479 -36.85 33.56 7.34
N PRO FA 480 -36.84 34.86 7.09
CA PRO FA 480 -35.62 35.64 7.36
C PRO FA 480 -35.30 35.77 8.83
N ASP FA 481 -36.29 35.59 9.72
CA ASP FA 481 -36.01 35.59 11.15
C ASP FA 481 -35.13 34.41 11.52
N THR FA 482 -35.49 33.21 11.06
CA THR FA 482 -34.79 31.99 11.44
C THR FA 482 -33.71 31.58 10.46
N GLY FA 483 -33.71 32.12 9.24
CA GLY FA 483 -32.79 31.70 8.20
C GLY FA 483 -33.15 30.39 7.54
N ARG FA 484 -34.24 29.74 7.94
CA ARG FA 484 -34.55 28.40 7.46
C ARG FA 484 -35.39 28.42 6.20
N VAL FA 485 -35.19 27.40 5.38
CA VAL FA 485 -36.00 27.19 4.19
C VAL FA 485 -37.28 26.48 4.57
N LEU FA 486 -38.42 27.01 4.12
CA LEU FA 486 -39.72 26.42 4.43
C LEU FA 486 -40.12 25.38 3.39
N PHE FA 487 -39.98 25.73 2.11
CA PHE FA 487 -40.19 24.77 1.02
C PHE FA 487 -39.40 25.27 -0.17
N GLU FA 488 -39.24 24.41 -1.16
CA GLU FA 488 -38.66 24.81 -2.43
C GLU FA 488 -39.67 24.54 -3.55
N CYS FA 489 -39.58 25.35 -4.60
CA CYS FA 489 -40.55 25.29 -5.69
C CYS FA 489 -39.86 25.59 -7.02
N LYS FA 490 -40.56 25.26 -8.10
CA LYS FA 490 -40.05 25.43 -9.45
C LYS FA 490 -40.86 26.51 -10.16
N LEU FA 491 -40.19 27.58 -10.56
CA LEU FA 491 -40.81 28.64 -11.36
C LEU FA 491 -40.47 28.42 -12.84
N HIS FA 492 -41.48 28.04 -13.62
CA HIS FA 492 -41.30 27.77 -15.05
C HIS FA 492 -41.35 29.07 -15.84
N LYS FA 493 -40.62 29.11 -16.97
CA LYS FA 493 -40.62 30.32 -17.78
C LYS FA 493 -42.03 30.72 -18.18
N SER FA 494 -42.89 29.74 -18.45
CA SER FA 494 -44.24 30.00 -18.94
C SER FA 494 -45.07 30.81 -17.95
N GLY FA 495 -44.51 31.10 -16.78
CA GLY FA 495 -45.20 31.87 -15.77
C GLY FA 495 -46.14 31.11 -14.85
N TYR FA 496 -45.65 30.05 -14.23
CA TYR FA 496 -46.41 29.34 -13.21
C TYR FA 496 -45.43 28.62 -12.30
N VAL FA 497 -45.91 28.28 -11.10
CA VAL FA 497 -45.08 27.70 -10.05
C VAL FA 497 -45.57 26.30 -9.75
N THR FA 498 -44.65 25.44 -9.33
CA THR FA 498 -44.96 24.06 -8.95
C THR FA 498 -44.28 23.75 -7.62
N VAL FA 499 -44.88 22.83 -6.86
CA VAL FA 499 -44.31 22.35 -5.61
C VAL FA 499 -44.50 20.84 -5.53
N ALA FA 500 -43.76 20.22 -4.62
CA ALA FA 500 -43.82 18.77 -4.40
C ALA FA 500 -44.78 18.48 -3.26
N HIS FA 501 -46.01 18.10 -3.61
CA HIS FA 501 -47.02 17.78 -2.61
C HIS FA 501 -48.14 17.01 -3.28
N THR FA 502 -48.90 16.27 -2.48
CA THR FA 502 -50.05 15.52 -2.95
C THR FA 502 -51.23 15.81 -2.04
N GLY FA 503 -52.33 16.28 -2.62
CA GLY FA 503 -53.50 16.68 -1.87
C GLY FA 503 -53.58 18.18 -1.71
N PRO FA 504 -54.79 18.70 -1.46
CA PRO FA 504 -54.92 20.13 -1.22
C PRO FA 504 -54.35 20.52 0.14
N HIS FA 505 -53.86 21.77 0.21
CA HIS FA 505 -53.21 22.26 1.41
C HIS FA 505 -53.04 23.77 1.33
N ASP FA 506 -53.52 24.49 2.34
CA ASP FA 506 -53.14 25.89 2.51
C ASP FA 506 -51.80 25.94 3.25
N LEU FA 507 -50.85 26.69 2.70
CA LEU FA 507 -49.53 26.74 3.29
C LEU FA 507 -49.52 27.60 4.54
N VAL FA 508 -48.79 27.15 5.55
CA VAL FA 508 -48.63 27.88 6.81
C VAL FA 508 -47.33 28.65 6.67
N ILE FA 509 -47.45 29.97 6.49
CA ILE FA 509 -46.35 30.81 6.03
C ILE FA 509 -46.05 31.83 7.11
N PRO FA 510 -44.79 31.98 7.52
CA PRO FA 510 -44.42 33.12 8.37
C PRO FA 510 -44.68 34.44 7.66
N PRO FA 511 -45.19 35.45 8.37
CA PRO FA 511 -45.56 36.70 7.70
C PRO FA 511 -44.41 37.38 6.98
N ASN FA 512 -43.16 37.05 7.30
CA ASN FA 512 -41.98 37.67 6.71
C ASN FA 512 -41.33 36.84 5.61
N GLY FA 513 -41.95 35.73 5.21
CA GLY FA 513 -41.30 34.84 4.26
C GLY FA 513 -41.25 35.42 2.86
N TYR FA 514 -40.15 35.12 2.16
CA TYR FA 514 -39.90 35.63 0.81
C TYR FA 514 -39.35 34.50 -0.04
N PHE FA 515 -39.46 34.67 -1.36
CA PHE FA 515 -38.88 33.73 -2.30
C PHE FA 515 -37.45 34.14 -2.63
N ARG FA 516 -36.55 33.17 -2.69
CA ARG FA 516 -35.15 33.39 -3.02
C ARG FA 516 -34.75 32.51 -4.19
N PHE FA 517 -34.21 33.14 -5.24
CA PHE FA 517 -33.76 32.42 -6.43
C PHE FA 517 -32.38 31.83 -6.18
N ASP FA 518 -32.26 30.51 -6.31
CA ASP FA 518 -31.05 29.80 -5.92
C ASP FA 518 -30.26 29.18 -7.07
N SER FA 519 -30.92 28.74 -8.14
CA SER FA 519 -30.24 28.08 -9.24
C SER FA 519 -31.20 27.91 -10.40
N TRP FA 520 -30.66 27.94 -11.62
CA TRP FA 520 -31.39 27.46 -12.78
C TRP FA 520 -31.40 25.93 -12.80
N VAL FA 521 -32.56 25.36 -13.11
CA VAL FA 521 -32.73 23.91 -13.23
C VAL FA 521 -33.64 23.65 -14.44
N ASN FA 522 -33.86 22.37 -14.73
CA ASN FA 522 -34.81 21.97 -15.77
C ASN FA 522 -36.02 21.28 -15.14
N GLN FA 523 -36.94 20.85 -16.01
CA GLN FA 523 -38.20 20.28 -15.56
C GLN FA 523 -38.02 18.96 -14.83
N PHE FA 524 -36.83 18.35 -14.90
CA PHE FA 524 -36.55 17.09 -14.24
C PHE FA 524 -35.97 17.26 -12.84
N TYR FA 525 -35.79 18.49 -12.37
CA TYR FA 525 -35.33 18.70 -11.00
C TYR FA 525 -36.37 18.12 -10.04
N THR FA 526 -35.89 17.42 -9.02
CA THR FA 526 -36.75 16.80 -8.03
C THR FA 526 -36.79 17.67 -6.79
N LEU FA 527 -37.98 18.14 -6.43
CA LEU FA 527 -38.12 19.06 -5.32
C LEU FA 527 -38.19 18.29 -4.01
N ALA FA 528 -37.70 18.91 -2.94
CA ALA FA 528 -37.81 18.29 -1.63
C ALA FA 528 -39.28 18.21 -1.23
N PRO FA 529 -39.72 17.10 -0.63
CA PRO FA 529 -41.13 17.02 -0.21
C PRO FA 529 -41.41 18.04 0.87
N MET FA 530 -42.45 18.84 0.65
CA MET FA 530 -42.71 20.02 1.47
C MET FA 530 -43.89 19.89 2.41
N GLY FA 531 -44.91 19.09 2.05
CA GLY FA 531 -46.16 19.11 2.79
C GLY FA 531 -46.03 18.34 4.10
N ASN FA 532 -46.52 18.96 5.17
CA ASN FA 532 -46.79 18.26 6.44
C ASN FA 532 -45.52 17.64 7.02
N ASN GA 24 -2.57 30.77 -70.98
CA ASN GA 24 -2.32 29.34 -70.92
C ASN GA 24 -3.46 28.60 -70.20
N GLU GA 25 -3.12 27.52 -69.50
CA GLU GA 25 -4.08 26.60 -68.91
C GLU GA 25 -4.07 26.61 -67.39
N VAL GA 26 -3.76 27.75 -66.78
CA VAL GA 26 -3.58 27.85 -65.34
C VAL GA 26 -4.52 28.92 -64.80
N MET GA 27 -5.31 28.56 -63.80
CA MET GA 27 -6.26 29.48 -63.18
C MET GA 27 -5.57 30.35 -62.13
N ALA GA 28 -5.75 31.67 -62.25
CA ALA GA 28 -5.03 32.67 -61.45
C ALA GA 28 -5.62 32.81 -60.06
N LEU GA 29 -5.50 31.73 -59.28
CA LEU GA 29 -5.97 31.72 -57.91
C LEU GA 29 -4.79 31.51 -56.96
N GLU GA 30 -4.80 32.21 -55.83
CA GLU GA 30 -3.83 31.95 -54.78
C GLU GA 30 -4.12 30.59 -54.16
N PRO GA 31 -3.14 30.01 -53.48
CA PRO GA 31 -3.44 28.84 -52.65
C PRO GA 31 -4.40 29.22 -51.54
N VAL GA 32 -5.23 28.26 -51.15
CA VAL GA 32 -6.25 28.48 -50.13
C VAL GA 32 -6.19 27.33 -49.14
N VAL GA 33 -6.04 27.67 -47.86
CA VAL GA 33 -5.86 26.65 -46.84
C VAL GA 33 -7.17 25.91 -46.61
N GLY GA 34 -7.08 24.62 -46.35
CA GLY GA 34 -8.25 23.82 -46.04
C GLY GA 34 -8.48 23.73 -44.54
N ALA GA 35 -8.62 22.52 -44.02
CA ALA GA 35 -9.03 22.35 -42.63
C ALA GA 35 -7.87 22.54 -41.66
N ALA GA 36 -6.65 22.66 -42.15
CA ALA GA 36 -5.49 22.84 -41.27
C ALA GA 36 -5.63 24.10 -40.43
N ILE GA 37 -6.12 25.19 -41.04
CA ILE GA 37 -6.30 26.45 -40.31
C ILE GA 37 -7.30 26.30 -39.18
N ALA GA 38 -8.19 25.32 -39.27
CA ALA GA 38 -9.25 25.16 -38.28
C ALA GA 38 -8.81 24.34 -37.07
N ALA GA 39 -7.61 23.77 -37.11
CA ALA GA 39 -7.18 22.85 -36.06
C ALA GA 39 -7.23 23.46 -34.67
N PRO GA 40 -6.72 24.68 -34.41
CA PRO GA 40 -6.79 25.22 -33.04
C PRO GA 40 -8.20 25.53 -32.57
N VAL GA 41 -9.18 25.61 -33.48
CA VAL GA 41 -10.55 25.91 -33.09
C VAL GA 41 -11.52 24.78 -33.42
N ALA GA 42 -11.09 23.75 -34.13
CA ALA GA 42 -11.94 22.59 -34.30
C ALA GA 42 -11.88 21.70 -33.07
N GLY GA 43 -12.95 20.96 -32.85
CA GLY GA 43 -12.99 20.00 -31.76
C GLY GA 43 -12.10 18.79 -31.96
N GLN GA 44 -11.87 18.39 -33.21
CA GLN GA 44 -11.32 17.07 -33.45
C GLN GA 44 -10.57 17.01 -34.79
N GLN GA 45 -9.82 15.92 -34.96
CA GLN GA 45 -9.05 15.62 -36.18
C GLN GA 45 -9.67 14.38 -36.83
N ASN GA 46 -10.05 14.49 -38.09
CA ASN GA 46 -10.70 13.39 -38.78
C ASN GA 46 -9.91 12.95 -40.02
N VAL GA 47 -10.32 11.83 -40.58
CA VAL GA 47 -9.63 11.22 -41.71
C VAL GA 47 -10.66 10.75 -42.73
N ILE GA 48 -10.36 10.97 -44.00
CA ILE GA 48 -11.18 10.51 -45.11
C ILE GA 48 -10.47 9.32 -45.74
N ASP GA 49 -11.24 8.32 -46.15
CA ASP GA 49 -10.69 7.13 -46.80
C ASP GA 49 -9.86 7.56 -48.02
N PRO GA 50 -8.57 7.21 -48.05
CA PRO GA 50 -7.70 7.70 -49.13
C PRO GA 50 -8.16 7.35 -50.54
N TRP GA 51 -8.87 6.25 -50.74
CA TRP GA 51 -9.36 5.94 -52.08
C TRP GA 51 -10.27 7.04 -52.61
N ILE GA 52 -11.09 7.62 -51.72
CA ILE GA 52 -11.97 8.73 -52.09
C ILE GA 52 -11.17 9.93 -52.56
N ARG GA 53 -9.97 10.13 -52.03
CA ARG GA 53 -9.16 11.28 -52.40
C ARG GA 53 -8.42 11.10 -53.71
N ASN GA 54 -8.20 9.86 -54.15
CA ASN GA 54 -7.38 9.60 -55.33
C ASN GA 54 -8.20 9.24 -56.56
N ASN GA 55 -9.52 9.35 -56.49
CA ASN GA 55 -10.38 8.87 -57.58
C ASN GA 55 -11.45 9.90 -57.89
N PHE GA 56 -11.46 10.36 -59.14
CA PHE GA 56 -12.46 11.30 -59.62
C PHE GA 56 -13.83 10.64 -59.73
N VAL GA 57 -14.86 11.39 -59.31
CA VAL GA 57 -16.22 10.87 -59.30
C VAL GA 57 -17.16 11.94 -59.86
N GLN GA 58 -18.07 11.52 -60.73
CA GLN GA 58 -18.92 12.46 -61.46
C GLN GA 58 -20.01 13.02 -60.56
N ALA GA 59 -20.15 14.34 -60.56
CA ALA GA 59 -21.25 14.96 -59.86
C ALA GA 59 -22.55 14.49 -60.49
N PRO GA 60 -23.62 14.33 -59.71
CA PRO GA 60 -24.85 13.76 -60.27
C PRO GA 60 -25.42 14.55 -61.44
N GLY GA 61 -25.14 15.84 -61.51
CA GLY GA 61 -25.55 16.64 -62.64
C GLY GA 61 -24.37 17.35 -63.26
N GLY GA 62 -23.29 16.60 -63.48
CA GLY GA 62 -22.04 17.16 -63.97
C GLY GA 62 -21.83 16.82 -65.42
N GLU GA 63 -22.89 16.99 -66.20
CA GLU GA 63 -22.86 16.82 -67.65
C GLU GA 63 -23.43 18.07 -68.31
N PHE GA 64 -22.83 18.46 -69.43
CA PHE GA 64 -23.41 19.49 -70.27
C PHE GA 64 -22.95 19.27 -71.70
N THR GA 65 -23.60 19.96 -72.63
CA THR GA 65 -23.37 19.74 -74.05
C THR GA 65 -23.13 21.07 -74.75
N VAL GA 66 -22.16 21.07 -75.66
CA VAL GA 66 -21.88 22.21 -76.53
C VAL GA 66 -22.46 21.91 -77.90
N SER GA 67 -23.39 22.74 -78.33
CA SER GA 67 -24.11 22.58 -79.58
C SER GA 67 -23.89 23.81 -80.47
N PRO GA 68 -24.13 23.69 -81.77
CA PRO GA 68 -23.99 24.87 -82.64
C PRO GA 68 -25.04 25.93 -82.39
N ARG GA 69 -26.16 25.56 -81.77
CA ARG GA 69 -27.17 26.54 -81.39
C ARG GA 69 -26.66 27.46 -80.29
N ASN GA 70 -25.65 27.04 -79.55
CA ASN GA 70 -25.18 27.84 -78.42
C ASN GA 70 -24.43 29.07 -78.91
N ALA GA 71 -24.61 30.18 -78.19
CA ALA GA 71 -24.05 31.48 -78.50
C ALA GA 71 -23.23 31.99 -77.32
N PRO GA 72 -22.23 32.83 -77.57
CA PRO GA 72 -21.39 33.32 -76.47
C PRO GA 72 -22.20 33.97 -75.35
N GLY GA 73 -21.81 33.66 -74.11
CA GLY GA 73 -22.49 34.16 -72.94
C GLY GA 73 -23.38 33.16 -72.24
N GLU GA 74 -23.78 32.10 -72.93
CA GLU GA 74 -24.66 31.11 -72.31
C GLU GA 74 -23.89 30.29 -71.29
N ILE GA 75 -24.43 30.20 -70.08
CA ILE GA 75 -23.85 29.37 -69.02
C ILE GA 75 -24.30 27.93 -69.24
N LEU GA 76 -23.37 27.08 -69.70
CA LEU GA 76 -23.70 25.68 -69.97
C LEU GA 76 -23.75 24.82 -68.71
N TRP GA 77 -23.13 25.24 -67.61
CA TRP GA 77 -23.05 24.41 -66.42
C TRP GA 77 -22.52 25.25 -65.26
N SER GA 78 -22.99 24.92 -64.06
CA SER GA 78 -22.51 25.61 -62.87
C SER GA 78 -22.73 24.73 -61.65
N ALA GA 79 -21.91 24.95 -60.62
CA ALA GA 79 -22.02 24.23 -59.36
C ALA GA 79 -21.30 24.99 -58.27
N PRO GA 80 -21.83 25.02 -57.05
CA PRO GA 80 -21.07 25.57 -55.91
C PRO GA 80 -20.26 24.50 -55.20
N LEU GA 81 -19.12 24.92 -54.67
CA LEU GA 81 -18.24 23.99 -53.96
C LEU GA 81 -18.94 23.42 -52.73
N GLY GA 82 -18.83 22.11 -52.55
CA GLY GA 82 -19.44 21.46 -51.41
C GLY GA 82 -19.56 19.97 -51.59
N PRO GA 83 -19.92 19.27 -50.52
CA PRO GA 83 -19.98 17.81 -50.56
C PRO GA 83 -20.99 17.24 -51.55
N ASP GA 84 -21.99 18.03 -51.97
CA ASP GA 84 -22.96 17.49 -52.91
C ASP GA 84 -22.39 17.23 -54.29
N LEU GA 85 -21.17 17.67 -54.58
CA LEU GA 85 -20.55 17.35 -55.86
C LEU GA 85 -19.99 15.95 -55.91
N ASN GA 86 -19.99 15.23 -54.79
CA ASN GA 86 -19.29 13.97 -54.66
C ASN GA 86 -20.10 13.03 -53.78
N PRO GA 87 -20.70 11.98 -54.35
CA PRO GA 87 -21.65 11.16 -53.58
C PRO GA 87 -21.03 10.52 -52.36
N TYR GA 88 -19.72 10.21 -52.41
CA TYR GA 88 -19.04 9.70 -51.23
C TYR GA 88 -18.98 10.74 -50.13
N LEU GA 89 -18.50 11.96 -50.45
CA LEU GA 89 -18.44 13.02 -49.45
C LEU GA 89 -19.83 13.40 -48.98
N SER GA 90 -20.83 13.34 -49.85
CA SER GA 90 -22.20 13.67 -49.46
C SER GA 90 -22.70 12.71 -48.40
N HIS GA 91 -22.41 11.42 -48.57
CA HIS GA 91 -22.80 10.43 -47.57
C HIS GA 91 -21.98 10.58 -46.30
N LEU GA 92 -20.68 10.86 -46.43
CA LEU GA 92 -19.84 11.08 -45.26
C LEU GA 92 -20.31 12.28 -44.46
N ALA GA 93 -20.73 13.35 -45.16
CA ALA GA 93 -21.13 14.57 -44.47
C ALA GA 93 -22.32 14.36 -43.55
N ARG GA 94 -23.12 13.33 -43.80
CA ARG GA 94 -24.23 13.03 -42.90
C ARG GA 94 -23.78 12.60 -41.51
N MET GA 95 -22.50 12.26 -41.32
CA MET GA 95 -22.02 11.84 -40.01
C MET GA 95 -20.98 12.80 -39.43
N TYR GA 96 -20.76 13.95 -40.08
CA TYR GA 96 -19.84 14.96 -39.58
C TYR GA 96 -20.57 16.29 -39.41
N ASN GA 97 -20.00 17.16 -38.60
CA ASN GA 97 -20.61 18.45 -38.29
C ASN GA 97 -20.19 19.56 -39.23
N GLY GA 98 -18.99 19.49 -39.79
CA GLY GA 98 -18.54 20.53 -40.70
C GLY GA 98 -17.44 20.05 -41.61
N TYR GA 99 -16.91 20.99 -42.38
CA TYR GA 99 -15.88 20.68 -43.37
C TYR GA 99 -15.14 21.97 -43.72
N ALA GA 100 -14.01 21.80 -44.39
CA ALA GA 100 -13.26 22.92 -44.95
C ALA GA 100 -12.27 22.37 -45.96
N GLY GA 101 -12.01 23.16 -46.98
CA GLY GA 101 -11.08 22.79 -48.03
C GLY GA 101 -11.75 22.65 -49.37
N GLY GA 102 -10.91 22.46 -50.39
CA GLY GA 102 -11.33 22.56 -51.77
C GLY GA 102 -11.30 21.23 -52.48
N PHE GA 103 -11.64 21.28 -53.76
CA PHE GA 103 -11.73 20.10 -54.61
C PHE GA 103 -10.81 20.27 -55.81
N GLU GA 104 -10.50 19.15 -56.46
CA GLU GA 104 -9.89 19.13 -57.77
C GLU GA 104 -10.96 18.70 -58.76
N VAL GA 105 -11.19 19.52 -59.78
CA VAL GA 105 -12.24 19.26 -60.76
C VAL GA 105 -11.59 18.80 -62.06
N GLN GA 106 -12.18 17.77 -62.66
CA GLN GA 106 -11.73 17.22 -63.93
C GLN GA 106 -12.89 17.32 -64.91
N VAL GA 107 -12.66 17.98 -66.05
CA VAL GA 107 -13.69 18.14 -67.06
C VAL GA 107 -13.20 17.47 -68.34
N ILE GA 108 -14.08 16.68 -68.95
CA ILE GA 108 -13.76 15.84 -70.10
C ILE GA 108 -14.53 16.34 -71.30
N LEU GA 109 -13.84 16.48 -72.43
CA LEU GA 109 -14.38 17.08 -73.64
C LEU GA 109 -14.30 16.07 -74.76
N ALA GA 110 -15.44 15.76 -75.39
CA ALA GA 110 -15.49 14.75 -76.43
C ALA GA 110 -15.51 15.42 -77.81
N GLY GA 111 -14.37 16.00 -78.15
CA GLY GA 111 -14.16 16.61 -79.45
C GLY GA 111 -13.43 15.70 -80.42
N ASN GA 112 -13.07 16.30 -81.56
CA ASN GA 112 -12.14 15.69 -82.49
C ASN GA 112 -11.39 16.81 -83.22
N ALA GA 113 -10.39 16.42 -84.01
CA ALA GA 113 -9.49 17.39 -84.61
C ALA GA 113 -10.18 18.34 -85.59
N PHE GA 114 -11.37 17.99 -86.06
CA PHE GA 114 -12.08 18.75 -87.08
C PHE GA 114 -13.03 19.82 -86.52
N THR GA 115 -12.96 20.11 -85.23
CA THR GA 115 -13.84 21.07 -84.58
C THR GA 115 -13.09 22.35 -84.22
N ALA GA 116 -13.85 23.44 -84.06
CA ALA GA 116 -13.33 24.68 -83.52
C ALA GA 116 -14.30 25.24 -82.49
N GLY GA 117 -13.76 25.99 -81.54
CA GLY GA 117 -14.57 26.68 -80.53
C GLY GA 117 -13.93 26.66 -79.17
N LYS GA 118 -14.30 27.64 -78.34
CA LYS GA 118 -13.71 27.82 -77.01
C LYS GA 118 -14.79 27.80 -75.92
N ILE GA 119 -14.43 27.21 -74.78
CA ILE GA 119 -15.21 27.24 -73.56
C ILE GA 119 -14.40 27.94 -72.48
N ILE GA 120 -15.03 28.81 -71.69
CA ILE GA 120 -14.38 29.40 -70.53
C ILE GA 120 -14.93 28.76 -69.27
N PHE GA 121 -14.03 28.33 -68.39
CA PHE GA 121 -14.33 27.94 -67.03
C PHE GA 121 -13.84 29.06 -66.11
N ALA GA 122 -14.69 29.46 -65.17
CA ALA GA 122 -14.36 30.60 -64.31
C ALA GA 122 -14.75 30.32 -62.87
N ALA GA 123 -13.93 30.82 -61.95
CA ALA GA 123 -14.19 30.75 -60.52
C ALA GA 123 -14.84 32.04 -60.06
N VAL GA 124 -16.07 31.96 -59.58
CA VAL GA 124 -16.82 33.10 -59.09
C VAL GA 124 -16.80 33.06 -57.57
N PRO GA 125 -16.39 34.13 -56.89
CA PRO GA 125 -16.14 34.05 -55.46
C PRO GA 125 -17.44 34.06 -54.67
N PRO GA 126 -17.40 33.73 -53.39
CA PRO GA 126 -18.64 33.64 -52.60
C PRO GA 126 -19.42 34.95 -52.60
N ASN GA 127 -20.74 34.83 -52.59
CA ASN GA 127 -21.70 35.93 -52.55
C ASN GA 127 -21.63 36.82 -53.79
N PHE GA 128 -21.03 36.35 -54.88
CA PHE GA 128 -21.15 37.17 -56.07
C PHE GA 128 -22.19 36.61 -57.01
N PRO GA 129 -23.06 37.44 -57.55
CA PRO GA 129 -24.14 36.94 -58.42
C PRO GA 129 -23.60 36.53 -59.78
N THR GA 130 -23.98 35.32 -60.20
CA THR GA 130 -23.69 34.78 -61.53
C THR GA 130 -24.70 35.26 -62.56
N GLU GA 131 -25.80 35.85 -62.11
CA GLU GA 131 -26.99 36.08 -62.92
C GLU GA 131 -26.74 37.24 -63.88
N GLY GA 132 -26.62 36.94 -65.17
CA GLY GA 132 -26.59 37.96 -66.19
C GLY GA 132 -25.25 38.36 -66.75
N LEU GA 133 -24.17 37.65 -66.40
CA LEU GA 133 -22.84 38.05 -66.83
C LEU GA 133 -22.73 37.98 -68.34
N SER GA 134 -22.03 38.96 -68.93
CA SER GA 134 -21.65 38.95 -70.32
C SER GA 134 -20.34 38.18 -70.50
N PRO GA 135 -20.05 37.68 -71.72
CA PRO GA 135 -18.79 36.95 -71.90
C PRO GA 135 -17.55 37.75 -71.55
N SER GA 136 -17.51 39.03 -71.94
CA SER GA 136 -16.43 39.91 -71.51
C SER GA 136 -16.21 39.83 -70.00
N GLN GA 137 -17.30 39.94 -69.23
CA GLN GA 137 -17.18 40.04 -67.77
C GLN GA 137 -16.72 38.73 -67.15
N VAL GA 138 -17.16 37.59 -67.66
CA VAL GA 138 -16.75 36.31 -67.08
C VAL GA 138 -15.23 36.17 -67.19
N THR GA 139 -14.64 36.71 -68.25
CA THR GA 139 -13.19 36.73 -68.41
C THR GA 139 -12.48 37.47 -67.28
N MET GA 140 -13.20 38.30 -66.53
CA MET GA 140 -12.62 39.11 -65.47
C MET GA 140 -12.47 38.36 -64.16
N PHE GA 141 -13.02 37.15 -64.05
CA PHE GA 141 -12.74 36.26 -62.92
C PHE GA 141 -11.48 35.47 -63.22
N PRO GA 142 -10.91 34.80 -62.21
CA PRO GA 142 -9.92 33.75 -62.51
C PRO GA 142 -10.56 32.78 -63.49
N HIS GA 143 -9.85 32.51 -64.59
CA HIS GA 143 -10.50 31.80 -65.67
C HIS GA 143 -9.48 31.00 -66.48
N ILE GA 144 -10.02 30.07 -67.26
CA ILE GA 144 -9.26 29.23 -68.17
C ILE GA 144 -10.06 29.13 -69.47
N ILE GA 145 -9.37 29.19 -70.60
CA ILE GA 145 -10.01 29.12 -71.90
C ILE GA 145 -9.60 27.81 -72.56
N VAL GA 146 -10.59 26.97 -72.85
CA VAL GA 146 -10.34 25.59 -73.26
C VAL GA 146 -10.87 25.40 -74.67
N ASP GA 147 -10.07 24.78 -75.52
CA ASP GA 147 -10.46 24.55 -76.91
C ASP GA 147 -11.27 23.27 -77.01
N VAL GA 148 -12.29 23.30 -77.89
CA VAL GA 148 -13.15 22.14 -78.10
C VAL GA 148 -12.36 20.94 -78.60
N ARG GA 149 -11.16 21.15 -79.11
CA ARG GA 149 -10.33 20.06 -79.59
C ARG GA 149 -9.49 19.43 -78.50
N GLN GA 150 -9.55 19.93 -77.26
CA GLN GA 150 -8.66 19.42 -76.23
C GLN GA 150 -8.97 17.95 -75.93
N LEU GA 151 -7.93 17.11 -75.93
CA LEU GA 151 -8.08 15.68 -75.68
C LEU GA 151 -7.89 15.34 -74.21
N GLU GA 152 -6.80 15.83 -73.63
CA GLU GA 152 -6.49 15.51 -72.25
C GLU GA 152 -7.49 16.18 -71.33
N PRO GA 153 -7.91 15.51 -70.26
CA PRO GA 153 -8.87 16.14 -69.34
C PRO GA 153 -8.28 17.41 -68.74
N VAL GA 154 -9.15 18.37 -68.49
CA VAL GA 154 -8.74 19.65 -67.91
C VAL GA 154 -8.87 19.53 -66.40
N LEU GA 155 -7.82 19.90 -65.69
CA LEU GA 155 -7.80 19.82 -64.23
C LEU GA 155 -7.88 21.23 -63.67
N ILE GA 156 -8.92 21.50 -62.89
CA ILE GA 156 -9.19 22.82 -62.34
C ILE GA 156 -9.19 22.70 -60.82
N PRO GA 157 -8.36 23.46 -60.11
CA PRO GA 157 -8.48 23.51 -58.66
C PRO GA 157 -9.61 24.46 -58.26
N LEU GA 158 -10.44 24.00 -57.32
CA LEU GA 158 -11.60 24.76 -56.85
C LEU GA 158 -11.38 25.01 -55.37
N PRO GA 159 -10.76 26.12 -55.00
CA PRO GA 159 -10.41 26.35 -53.60
C PRO GA 159 -11.57 26.88 -52.77
N ASP GA 160 -11.50 26.60 -51.48
CA ASP GA 160 -12.58 26.93 -50.55
C ASP GA 160 -12.39 28.35 -50.01
N VAL GA 161 -12.53 29.32 -50.93
CA VAL GA 161 -12.50 30.71 -50.53
C VAL GA 161 -13.61 30.97 -49.54
N ARG GA 162 -13.28 31.63 -48.43
CA ARG GA 162 -14.22 31.81 -47.32
C ARG GA 162 -13.63 32.86 -46.38
N ASN GA 163 -14.46 33.30 -45.43
CA ASN GA 163 -14.01 34.27 -44.43
C ASN GA 163 -14.15 33.74 -43.00
N ASN GA 164 -14.30 32.44 -42.83
CA ASN GA 164 -14.31 31.82 -41.51
C ASN GA 164 -13.34 30.65 -41.51
N PHE GA 165 -13.15 30.05 -40.33
CA PHE GA 165 -12.20 28.95 -40.21
C PHE GA 165 -12.68 27.70 -40.96
N TYR GA 166 -13.98 27.45 -40.94
CA TYR GA 166 -14.55 26.29 -41.63
C TYR GA 166 -16.06 26.47 -41.70
N HIS GA 167 -16.72 25.53 -42.37
CA HIS GA 167 -18.16 25.58 -42.60
C HIS GA 167 -18.86 24.55 -41.73
N TYR GA 168 -20.04 24.91 -41.25
CA TYR GA 168 -20.95 23.97 -40.60
C TYR GA 168 -21.95 23.46 -41.62
N ASN GA 169 -22.30 22.17 -41.52
CA ASN GA 169 -23.29 21.62 -42.43
C ASN GA 169 -24.63 22.34 -42.31
N GLN GA 170 -25.04 22.66 -41.08
CA GLN GA 170 -26.35 23.25 -40.84
C GLN GA 170 -26.43 24.74 -41.11
N SER GA 171 -25.35 25.39 -41.53
CA SER GA 171 -25.38 26.83 -41.72
C SER GA 171 -25.38 27.26 -43.19
N ASN GA 172 -25.21 26.33 -44.12
CA ASN GA 172 -25.29 26.58 -45.57
C ASN GA 172 -24.61 27.89 -45.97
N ASP GA 173 -23.34 28.00 -45.59
CA ASP GA 173 -22.52 29.12 -46.03
C ASP GA 173 -22.42 29.13 -47.56
N PRO GA 174 -22.32 30.31 -48.17
CA PRO GA 174 -22.09 30.36 -49.61
C PRO GA 174 -20.63 30.06 -49.92
N THR GA 175 -20.41 29.42 -51.05
CA THR GA 175 -19.06 29.05 -51.45
C THR GA 175 -18.76 29.47 -52.88
N ILE GA 176 -17.49 29.27 -53.24
CA ILE GA 176 -17.04 29.48 -54.61
C ILE GA 176 -17.85 28.62 -55.58
N LYS GA 177 -18.09 29.16 -56.78
CA LYS GA 177 -18.80 28.47 -57.84
C LYS GA 177 -17.91 28.32 -59.07
N LEU GA 178 -18.00 27.17 -59.73
CA LEU GA 178 -17.45 27.00 -61.07
C LEU GA 178 -18.49 27.29 -62.13
N ILE GA 179 -18.06 27.99 -63.16
CA ILE GA 179 -18.91 28.45 -64.25
C ILE GA 179 -18.35 27.90 -65.55
N ALA GA 180 -19.22 27.39 -66.40
CA ALA GA 180 -18.86 26.98 -67.75
C ALA GA 180 -19.70 27.79 -68.72
N MET GA 181 -19.03 28.53 -69.60
CA MET GA 181 -19.72 29.39 -70.55
C MET GA 181 -19.15 29.20 -71.95
N LEU GA 182 -20.02 29.25 -72.94
CA LEU GA 182 -19.58 29.21 -74.32
C LEU GA 182 -18.88 30.52 -74.66
N TYR GA 183 -17.61 30.45 -75.02
CA TYR GA 183 -16.83 31.65 -75.31
C TYR GA 183 -16.71 31.91 -76.81
N THR GA 184 -16.55 30.85 -77.60
CA THR GA 184 -16.53 30.93 -79.04
C THR GA 184 -17.49 29.86 -79.57
N PRO GA 185 -18.32 30.18 -80.57
CA PRO GA 185 -19.27 29.19 -81.06
C PRO GA 185 -18.57 27.97 -81.63
N LEU GA 186 -19.30 26.86 -81.64
CA LEU GA 186 -18.77 25.61 -82.15
C LEU GA 186 -18.91 25.59 -83.67
N ARG GA 187 -17.81 25.30 -84.35
CA ARG GA 187 -17.81 25.20 -85.80
C ARG GA 187 -17.45 23.77 -86.17
N ALA GA 188 -18.35 23.09 -86.86
CA ALA GA 188 -18.10 21.72 -87.28
C ALA GA 188 -19.05 21.33 -88.40
N ASN GA 189 -18.61 20.40 -89.24
CA ASN GA 189 -19.52 19.75 -90.17
C ASN GA 189 -20.50 18.87 -89.40
N ASN GA 190 -21.60 18.53 -90.07
CA ASN GA 190 -22.53 17.53 -89.54
C ASN GA 190 -22.40 16.25 -90.35
N ALA GA 191 -23.14 15.22 -89.94
CA ALA GA 191 -23.10 13.92 -90.59
C ALA GA 191 -24.54 13.46 -90.83
N GLY GA 192 -25.01 13.58 -92.07
CA GLY GA 192 -26.41 13.35 -92.33
C GLY GA 192 -27.25 14.43 -91.68
N ASP GA 193 -28.37 14.01 -91.10
CA ASP GA 193 -29.22 14.91 -90.34
C ASP GA 193 -28.84 14.95 -88.87
N ASP GA 194 -27.86 14.15 -88.45
CA ASP GA 194 -27.34 14.18 -87.09
C ASP GA 194 -26.42 15.40 -86.93
N VAL GA 195 -26.78 16.28 -86.00
CA VAL GA 195 -25.99 17.47 -85.75
C VAL GA 195 -24.86 17.15 -84.78
N PHE GA 196 -23.64 17.55 -85.14
CA PHE GA 196 -22.48 17.30 -84.29
C PHE GA 196 -22.55 18.16 -83.02
N THR GA 197 -22.25 17.54 -81.88
CA THR GA 197 -22.22 18.23 -80.60
C THR GA 197 -21.06 17.71 -79.76
N VAL GA 198 -20.49 18.60 -78.95
CA VAL GA 198 -19.40 18.26 -78.06
C VAL GA 198 -19.98 18.02 -76.67
N SER GA 199 -19.99 16.77 -76.23
CA SER GA 199 -20.45 16.40 -74.91
C SER GA 199 -19.35 16.59 -73.86
N CYS GA 200 -19.71 17.15 -72.71
CA CYS GA 200 -18.78 17.37 -71.63
C CYS GA 200 -19.26 16.71 -70.35
N ARG GA 201 -18.29 16.25 -69.55
CA ARG GA 201 -18.54 15.62 -68.26
C ARG GA 201 -17.65 16.28 -67.21
N VAL GA 202 -18.19 16.50 -66.02
CA VAL GA 202 -17.49 17.15 -64.92
C VAL GA 202 -17.27 16.13 -63.82
N LEU GA 203 -16.01 15.95 -63.44
CA LEU GA 203 -15.60 15.01 -62.40
C LEU GA 203 -14.96 15.77 -61.25
N THR GA 204 -14.97 15.17 -60.07
CA THR GA 204 -14.46 15.86 -58.89
C THR GA 204 -13.76 14.86 -57.97
N ARG GA 205 -12.93 15.39 -57.08
CA ARG GA 205 -12.37 14.64 -55.97
C ARG GA 205 -11.82 15.64 -54.96
N PRO GA 206 -11.82 15.33 -53.67
CA PRO GA 206 -11.40 16.33 -52.68
C PRO GA 206 -9.91 16.58 -52.76
N SER GA 207 -9.54 17.86 -52.64
CA SER GA 207 -8.13 18.22 -52.55
C SER GA 207 -7.53 17.63 -51.27
N PRO GA 208 -6.20 17.59 -51.16
CA PRO GA 208 -5.59 17.08 -49.92
C PRO GA 208 -5.90 17.93 -48.70
N ASP GA 209 -6.16 19.23 -48.87
CA ASP GA 209 -6.46 20.07 -47.72
C ASP GA 209 -7.91 19.99 -47.29
N PHE GA 210 -8.76 19.27 -48.02
CA PHE GA 210 -10.15 19.06 -47.62
C PHE GA 210 -10.23 18.03 -46.51
N ASP GA 211 -11.14 18.26 -45.57
CA ASP GA 211 -11.38 17.30 -44.49
C ASP GA 211 -12.69 17.66 -43.79
N PHE GA 212 -13.31 16.65 -43.19
CA PHE GA 212 -14.47 16.86 -42.33
C PHE GA 212 -13.98 17.23 -40.93
N ILE GA 213 -14.89 17.68 -40.06
CA ILE GA 213 -14.49 18.25 -38.78
C ILE GA 213 -14.91 17.41 -37.56
N PHE GA 214 -16.22 17.27 -37.33
CA PHE GA 214 -16.64 16.67 -36.05
C PHE GA 214 -17.60 15.51 -36.24
N LEU GA 215 -17.24 14.32 -35.73
CA LEU GA 215 -18.13 13.16 -35.83
C LEU GA 215 -19.39 13.40 -35.00
N VAL GA 216 -20.55 13.11 -35.60
CA VAL GA 216 -21.85 13.34 -34.97
C VAL GA 216 -22.79 12.21 -35.35
N PRO GA 217 -23.87 12.03 -34.60
CA PRO GA 217 -24.81 10.94 -34.87
C PRO GA 217 -25.29 10.96 -36.30
N PRO GA 218 -25.28 9.79 -36.95
CA PRO GA 218 -25.09 9.74 -38.41
C PRO GA 218 -26.22 10.28 -39.25
N THR GA 219 -27.47 10.32 -38.80
CA THR GA 219 -28.46 10.92 -39.69
C THR GA 219 -29.32 11.96 -38.98
N VAL GA 220 -28.76 12.71 -38.04
CA VAL GA 220 -29.58 13.68 -37.31
C VAL GA 220 -29.68 15.02 -38.04
N GLU GA 221 -28.55 15.58 -38.47
CA GLU GA 221 -28.53 16.95 -39.00
C GLU GA 221 -29.35 17.09 -40.28
N SER GA 222 -30.31 18.01 -40.23
CA SER GA 222 -31.34 18.09 -41.27
C SER GA 222 -30.76 18.38 -42.66
N ARG GA 223 -29.89 19.39 -42.77
CA ARG GA 223 -29.44 19.82 -44.10
C ARG GA 223 -28.60 18.80 -44.84
N THR GA 224 -28.35 17.61 -44.28
CA THR GA 224 -27.59 16.58 -44.98
C THR GA 224 -28.48 15.50 -45.55
N LYS GA 225 -29.80 15.60 -45.36
CA LYS GA 225 -30.73 14.60 -45.87
C LYS GA 225 -30.81 14.67 -47.39
N PRO GA 226 -30.65 13.55 -48.10
CA PRO GA 226 -30.78 13.59 -49.55
C PRO GA 226 -32.24 13.57 -49.99
N PHE GA 227 -32.50 14.22 -51.10
CA PHE GA 227 -33.86 14.32 -51.62
C PHE GA 227 -34.23 13.07 -52.39
N THR GA 228 -35.47 12.62 -52.21
CA THR GA 228 -35.98 11.45 -52.92
C THR GA 228 -37.43 11.69 -53.31
N VAL GA 229 -37.90 10.83 -54.21
CA VAL GA 229 -39.25 10.88 -54.76
C VAL GA 229 -39.83 9.47 -54.63
N PRO GA 230 -41.06 9.30 -54.13
CA PRO GA 230 -41.55 7.95 -53.84
C PRO GA 230 -41.53 7.05 -55.06
N ILE GA 231 -41.22 5.77 -54.82
CA ILE GA 231 -41.20 4.76 -55.89
C ILE GA 231 -42.58 4.31 -56.30
N LEU GA 232 -43.63 4.84 -55.67
CA LEU GA 232 -44.99 4.39 -55.96
C LEU GA 232 -45.34 4.62 -57.43
N THR GA 233 -46.24 3.78 -57.92
CA THR GA 233 -46.83 3.89 -59.24
C THR GA 233 -48.01 4.86 -59.22
N VAL GA 234 -48.30 5.42 -60.40
CA VAL GA 234 -49.45 6.31 -60.56
C VAL GA 234 -50.72 5.65 -60.06
N GLU GA 235 -50.96 4.40 -60.50
CA GLU GA 235 -52.14 3.68 -60.07
C GLU GA 235 -52.20 3.51 -58.56
N GLU GA 236 -51.05 3.34 -57.92
CA GLU GA 236 -51.00 3.11 -56.48
C GLU GA 236 -51.12 4.40 -55.67
N MET GA 237 -51.13 5.56 -56.32
CA MET GA 237 -51.19 6.82 -55.60
C MET GA 237 -52.60 7.39 -55.63
N THR GA 238 -52.76 8.54 -54.99
CA THR GA 238 -54.06 9.13 -54.70
C THR GA 238 -54.03 10.60 -55.07
N ASN GA 239 -55.15 11.11 -55.56
CA ASN GA 239 -55.24 12.53 -55.89
C ASN GA 239 -55.24 13.36 -54.61
N SER GA 240 -54.66 14.56 -54.72
CA SER GA 240 -54.49 15.45 -53.58
C SER GA 240 -55.61 16.48 -53.46
N ARG GA 241 -56.56 16.48 -54.40
CA ARG GA 241 -57.64 17.45 -54.43
C ARG GA 241 -59.01 16.81 -54.20
N PHE GA 242 -59.09 15.48 -54.18
CA PHE GA 242 -60.33 14.74 -53.94
C PHE GA 242 -59.94 13.33 -53.54
N PRO GA 243 -60.63 12.71 -52.59
CA PRO GA 243 -60.21 11.38 -52.10
C PRO GA 243 -60.44 10.25 -53.10
N ILE GA 244 -59.76 10.28 -54.23
CA ILE GA 244 -59.88 9.22 -55.24
C ILE GA 244 -58.50 8.88 -55.77
N PRO GA 245 -58.33 7.64 -56.25
CA PRO GA 245 -57.02 7.25 -56.79
C PRO GA 245 -56.70 8.01 -58.07
N LEU GA 246 -55.40 8.02 -58.39
CA LEU GA 246 -54.95 8.57 -59.66
C LEU GA 246 -55.21 7.60 -60.79
N GLU GA 247 -55.16 8.13 -62.02
CA GLU GA 247 -55.48 7.31 -63.18
C GLU GA 247 -54.47 7.48 -64.31
N LYS GA 248 -54.14 8.71 -64.69
CA LYS GA 248 -53.19 8.95 -65.76
C LYS GA 248 -52.46 10.26 -65.53
N LEU GA 249 -51.40 10.46 -66.30
CA LEU GA 249 -50.67 11.72 -66.34
C LEU GA 249 -51.12 12.52 -67.55
N PHE GA 250 -51.40 13.81 -67.34
CA PHE GA 250 -51.92 14.66 -68.40
C PHE GA 250 -51.12 15.94 -68.46
N THR GA 251 -50.69 16.32 -69.66
CA THR GA 251 -50.04 17.59 -69.91
C THR GA 251 -50.89 18.39 -70.88
N GLY GA 252 -50.96 19.71 -70.66
CA GLY GA 252 -51.68 20.57 -71.55
C GLY GA 252 -51.29 22.04 -71.44
N PRO GA 253 -51.68 22.83 -72.43
CA PRO GA 253 -51.47 24.27 -72.34
C PRO GA 253 -52.39 24.90 -71.30
N SER GA 254 -51.87 25.92 -70.61
CA SER GA 254 -52.56 26.53 -69.48
C SER GA 254 -52.72 28.03 -69.64
N GLY GA 255 -52.65 28.54 -70.88
CA GLY GA 255 -52.74 29.98 -71.07
C GLY GA 255 -54.14 30.53 -70.82
N ALA GA 256 -55.18 29.77 -71.19
CA ALA GA 256 -56.54 30.28 -71.09
C ALA GA 256 -56.95 30.47 -69.64
N PHE GA 257 -56.75 29.44 -68.81
CA PHE GA 257 -57.21 29.41 -67.44
C PHE GA 257 -56.05 29.64 -66.47
N VAL GA 258 -56.37 29.73 -65.18
CA VAL GA 258 -55.39 29.97 -64.13
C VAL GA 258 -55.25 28.75 -63.24
N VAL GA 259 -54.07 28.15 -63.25
CA VAL GA 259 -53.76 26.97 -62.45
C VAL GA 259 -53.34 27.45 -61.06
N GLN GA 260 -54.28 27.44 -60.10
CA GLN GA 260 -53.94 27.93 -58.77
C GLN GA 260 -54.61 27.08 -57.69
N PRO GA 261 -54.42 25.75 -57.70
CA PRO GA 261 -55.05 24.93 -56.65
C PRO GA 261 -54.51 25.26 -55.27
N GLN GA 262 -55.30 24.92 -54.25
CA GLN GA 262 -54.88 25.11 -52.88
C GLN GA 262 -54.71 23.81 -52.11
N ASN GA 263 -55.12 22.68 -52.69
CA ASN GA 263 -54.82 21.37 -52.13
C ASN GA 263 -53.73 20.71 -52.95
N GLY GA 264 -52.97 19.83 -52.30
CA GLY GA 264 -51.81 19.27 -52.97
C GLY GA 264 -50.79 20.32 -53.33
N ARG GA 265 -50.54 21.27 -52.43
CA ARG GA 265 -49.53 22.29 -52.61
C ARG GA 265 -48.52 22.17 -51.47
N CYS GA 266 -47.33 21.69 -51.79
CA CYS GA 266 -46.30 21.43 -50.79
C CYS GA 266 -44.94 21.60 -51.46
N THR GA 267 -44.01 22.19 -50.72
CA THR GA 267 -42.69 22.45 -51.28
C THR GA 267 -41.81 21.21 -51.15
N THR GA 268 -40.80 21.15 -52.03
CA THR GA 268 -39.86 20.04 -52.05
C THR GA 268 -39.27 19.72 -50.68
N ASP GA 269 -38.99 20.76 -49.89
CA ASP GA 269 -38.47 20.56 -48.55
C ASP GA 269 -39.55 20.41 -47.47
N GLY GA 270 -40.80 20.19 -47.88
CA GLY GA 270 -41.82 19.72 -46.95
C GLY GA 270 -42.63 20.78 -46.24
N VAL GA 271 -42.73 21.99 -46.79
CA VAL GA 271 -43.58 23.04 -46.23
C VAL GA 271 -44.93 22.95 -46.92
N LEU GA 272 -45.98 22.80 -46.14
CA LEU GA 272 -47.33 22.78 -46.71
C LEU GA 272 -47.76 24.20 -47.08
N LEU GA 273 -48.58 24.27 -48.14
CA LEU GA 273 -49.02 25.55 -48.69
C LEU GA 273 -50.54 25.56 -48.82
N GLY GA 274 -51.10 26.75 -48.80
CA GLY GA 274 -52.54 26.89 -49.03
C GLY GA 274 -53.34 26.16 -47.97
N THR GA 275 -54.32 25.38 -48.43
CA THR GA 275 -55.17 24.58 -47.57
C THR GA 275 -54.74 23.11 -47.51
N THR GA 276 -53.49 22.82 -47.82
CA THR GA 276 -53.04 21.44 -47.97
C THR GA 276 -52.78 20.82 -46.60
N GLN GA 277 -53.23 19.58 -46.43
CA GLN GA 277 -53.01 18.81 -45.21
C GLN GA 277 -52.63 17.39 -45.60
N LEU GA 278 -52.42 16.54 -44.59
CA LEU GA 278 -51.75 15.26 -44.82
C LEU GA 278 -52.68 14.10 -45.08
N SER GA 279 -53.89 14.11 -44.52
CA SER GA 279 -54.75 12.92 -44.62
C SER GA 279 -55.37 12.85 -46.01
N PRO GA 280 -55.17 11.76 -46.75
CA PRO GA 280 -55.71 11.67 -48.11
C PRO GA 280 -57.20 11.41 -48.19
N VAL GA 281 -57.86 11.12 -47.08
CA VAL GA 281 -59.29 10.81 -47.09
C VAL GA 281 -60.09 12.04 -46.68
N ASN GA 282 -59.47 12.94 -45.92
CA ASN GA 282 -60.12 14.15 -45.44
C ASN GA 282 -59.99 15.32 -46.41
N ILE GA 283 -59.84 15.06 -47.70
CA ILE GA 283 -59.52 16.13 -48.65
C ILE GA 283 -60.75 16.90 -49.11
N CYS GA 284 -61.94 16.46 -48.71
CA CYS GA 284 -63.18 17.20 -48.98
C CYS GA 284 -64.25 16.83 -47.97
N THR GA 285 -63.86 16.77 -46.70
CA THR GA 285 -64.76 16.45 -45.61
C THR GA 285 -65.04 17.70 -44.79
N PHE GA 286 -66.16 17.69 -44.08
CA PHE GA 286 -66.51 18.73 -43.13
C PHE GA 286 -67.00 18.07 -41.86
N ARG GA 287 -66.69 18.68 -40.73
CA ARG GA 287 -67.13 18.17 -39.44
C ARG GA 287 -67.59 19.33 -38.57
N GLY GA 288 -68.70 19.14 -37.87
CA GLY GA 288 -69.18 20.18 -36.97
C GLY GA 288 -70.59 19.90 -36.48
N ASP GA 289 -71.21 20.94 -35.95
CA ASP GA 289 -72.57 20.91 -35.48
C ASP GA 289 -73.51 21.40 -36.57
N VAL GA 290 -74.71 20.82 -36.62
CA VAL GA 290 -75.61 21.05 -37.74
C VAL GA 290 -76.92 21.63 -37.24
N THR GA 291 -77.51 22.50 -38.07
CA THR GA 291 -78.68 23.30 -37.72
C THR GA 291 -79.60 23.35 -38.92
N HIS GA 292 -80.90 23.17 -38.68
CA HIS GA 292 -81.89 23.18 -39.76
C HIS GA 292 -82.17 24.62 -40.21
N ILE GA 293 -82.35 24.77 -41.52
CA ILE GA 293 -82.80 26.03 -42.11
C ILE GA 293 -84.29 25.89 -42.38
N ALA GA 294 -85.11 26.69 -41.69
CA ALA GA 294 -86.54 26.45 -41.63
C ALA GA 294 -87.18 26.54 -43.00
N GLY GA 295 -88.01 25.55 -43.33
CA GLY GA 295 -88.78 25.54 -44.55
C GLY GA 295 -88.10 24.90 -45.75
N THR GA 296 -86.86 24.44 -45.60
CA THR GA 296 -86.11 23.85 -46.70
C THR GA 296 -85.59 22.48 -46.29
N HIS GA 297 -84.91 21.83 -47.22
CA HIS GA 297 -84.13 20.63 -46.94
C HIS GA 297 -82.66 20.96 -46.69
N ASP GA 298 -82.36 22.21 -46.37
CA ASP GA 298 -81.00 22.70 -46.21
C ASP GA 298 -80.59 22.73 -44.74
N TYR GA 299 -79.29 22.50 -44.50
CA TYR GA 299 -78.72 22.61 -43.16
C TYR GA 299 -77.46 23.46 -43.19
N THR GA 300 -77.21 24.14 -42.08
CA THR GA 300 -76.03 24.97 -41.87
C THR GA 300 -75.10 24.31 -40.87
N MET GA 301 -73.83 24.15 -41.25
CA MET GA 301 -72.83 23.48 -40.44
C MET GA 301 -71.83 24.48 -39.88
N ASN GA 302 -71.71 24.51 -38.55
CA ASN GA 302 -70.66 25.26 -37.88
C ASN GA 302 -69.45 24.33 -37.75
N LEU GA 303 -68.33 24.73 -38.34
CA LEU GA 303 -67.28 23.78 -38.66
C LEU GA 303 -66.34 23.54 -37.47
N ALA GA 304 -65.65 22.41 -37.53
CA ALA GA 304 -64.58 22.02 -36.62
C ALA GA 304 -63.31 21.77 -37.43
N SER GA 305 -62.27 21.31 -36.74
CA SER GA 305 -61.06 20.84 -37.41
C SER GA 305 -61.29 19.45 -38.01
N GLN GA 306 -60.26 18.93 -38.70
CA GLN GA 306 -60.26 17.52 -39.06
C GLN GA 306 -60.24 16.63 -37.83
N ASN GA 307 -59.46 17.01 -36.81
CA ASN GA 307 -59.38 16.27 -35.56
C ASN GA 307 -60.42 16.73 -34.55
N TRP GA 308 -61.51 17.34 -35.01
CA TRP GA 308 -62.65 17.75 -34.17
C TRP GA 308 -62.24 18.78 -33.13
N ASN GA 309 -61.36 19.71 -33.53
CA ASN GA 309 -61.01 20.84 -32.68
C ASN GA 309 -61.88 22.04 -33.07
N ASN GA 310 -61.54 23.22 -32.54
CA ASN GA 310 -62.21 24.46 -32.93
C ASN GA 310 -61.50 25.09 -34.12
N TYR GA 311 -62.28 25.76 -34.95
CA TYR GA 311 -61.75 26.44 -36.13
C TYR GA 311 -61.46 27.91 -35.80
N ASP GA 312 -60.27 28.37 -36.17
CA ASP GA 312 -59.81 29.72 -35.90
C ASP GA 312 -59.80 30.53 -37.19
N PRO GA 313 -60.60 31.60 -37.31
CA PRO GA 313 -60.58 32.40 -38.54
C PRO GA 313 -59.34 33.27 -38.66
N THR GA 314 -58.50 33.34 -37.63
CA THR GA 314 -57.30 34.17 -37.65
C THR GA 314 -56.09 33.42 -38.21
N GLU GA 315 -56.23 32.11 -38.46
CA GLU GA 315 -55.13 31.34 -39.01
C GLU GA 315 -54.74 31.86 -40.39
N GLU GA 316 -53.44 31.93 -40.65
CA GLU GA 316 -52.94 32.48 -41.89
C GLU GA 316 -53.10 31.48 -43.04
N ILE GA 317 -54.32 30.99 -43.24
CA ILE GA 317 -54.66 30.01 -44.26
C ILE GA 317 -55.89 30.49 -45.01
N PRO GA 318 -56.10 30.09 -46.26
CA PRO GA 318 -57.30 30.53 -46.99
C PRO GA 318 -58.60 30.03 -46.38
N ALA GA 319 -58.58 28.85 -45.77
CA ALA GA 319 -59.77 28.19 -45.26
C ALA GA 319 -59.32 26.99 -44.44
N PRO GA 320 -60.21 26.29 -43.73
CA PRO GA 320 -59.76 25.09 -43.01
C PRO GA 320 -59.12 24.08 -43.95
N LEU GA 321 -58.11 23.38 -43.44
CA LEU GA 321 -57.33 22.49 -44.28
C LEU GA 321 -58.20 21.37 -44.83
N GLY GA 322 -58.09 21.14 -46.14
CA GLY GA 322 -58.90 20.16 -46.82
C GLY GA 322 -60.19 20.71 -47.42
N THR GA 323 -60.41 22.01 -47.35
CA THR GA 323 -61.58 22.60 -47.98
C THR GA 323 -61.43 22.51 -49.49
N PRO GA 324 -62.49 22.11 -50.20
CA PRO GA 324 -62.39 21.99 -51.66
C PRO GA 324 -61.86 23.26 -52.29
N ASP GA 325 -61.08 23.10 -53.36
CA ASP GA 325 -60.39 24.21 -54.00
C ASP GA 325 -60.88 24.40 -55.44
N PHE GA 326 -62.14 24.08 -55.69
CA PHE GA 326 -62.72 24.24 -57.01
C PHE GA 326 -64.19 24.63 -56.85
N VAL GA 327 -64.77 25.12 -57.94
CA VAL GA 327 -66.18 25.50 -57.97
C VAL GA 327 -66.99 24.32 -58.50
N GLY GA 328 -67.99 23.90 -57.73
CA GLY GA 328 -68.82 22.79 -58.12
C GLY GA 328 -69.74 22.39 -56.99
N LYS GA 329 -70.63 21.45 -57.31
CA LYS GA 329 -71.58 20.88 -56.36
C LYS GA 329 -71.15 19.45 -56.07
N ILE GA 330 -70.77 19.19 -54.82
CA ILE GA 330 -70.25 17.88 -54.40
C ILE GA 330 -71.32 17.18 -53.57
N GLN GA 331 -71.73 16.00 -54.03
CA GLN GA 331 -72.71 15.19 -53.33
C GLN GA 331 -72.02 14.12 -52.50
N GLY GA 332 -72.53 13.91 -51.28
CA GLY GA 332 -71.99 12.88 -50.38
C GLY GA 332 -73.04 12.40 -49.42
N VAL GA 333 -72.65 12.23 -48.16
CA VAL GA 333 -73.54 11.72 -47.11
C VAL GA 333 -73.18 12.42 -45.80
N LEU GA 334 -74.20 12.91 -45.11
CA LEU GA 334 -74.04 13.43 -43.76
C LEU GA 334 -74.22 12.31 -42.74
N THR GA 335 -73.33 12.28 -41.75
CA THR GA 335 -73.29 11.23 -40.75
C THR GA 335 -73.27 11.85 -39.36
N GLN GA 336 -73.99 11.23 -38.43
CA GLN GA 336 -74.18 11.81 -37.10
C GLN GA 336 -74.31 10.69 -36.08
N THR GA 337 -73.86 10.97 -34.85
CA THR GA 337 -73.98 10.02 -33.75
C THR GA 337 -74.29 10.76 -32.46
N THR GA 338 -75.35 10.33 -31.77
CA THR GA 338 -75.73 10.90 -30.48
C THR GA 338 -74.89 10.25 -29.38
N ARG GA 339 -74.31 11.07 -28.50
CA ARG GA 339 -73.35 10.57 -27.53
C ARG GA 339 -73.96 9.58 -26.54
N GLY GA 340 -75.09 9.93 -25.93
CA GLY GA 340 -75.60 9.11 -24.84
C GLY GA 340 -76.18 7.77 -25.26
N ASP GA 341 -77.11 7.78 -26.23
CA ASP GA 341 -77.72 6.53 -26.66
C ASP GA 341 -76.96 5.83 -27.78
N GLY GA 342 -76.15 6.54 -28.55
CA GLY GA 342 -75.51 5.95 -29.71
C GLY GA 342 -76.35 5.93 -30.96
N SER GA 343 -77.40 6.74 -31.04
CA SER GA 343 -78.21 6.82 -32.25
C SER GA 343 -77.41 7.42 -33.39
N THR GA 344 -77.59 6.87 -34.59
CA THR GA 344 -76.85 7.30 -35.77
C THR GA 344 -77.80 7.50 -36.95
N ARG GA 345 -77.56 8.58 -37.71
CA ARG GA 345 -78.38 8.97 -38.84
C ARG GA 345 -77.49 9.25 -40.05
N GLY GA 346 -77.98 8.90 -41.23
CA GLY GA 346 -77.22 9.14 -42.45
C GLY GA 346 -78.10 9.56 -43.63
N HIS GA 347 -77.79 10.70 -44.23
CA HIS GA 347 -78.66 11.30 -45.24
C HIS GA 347 -77.84 11.82 -46.41
N LYS GA 348 -78.27 11.44 -47.62
CA LYS GA 348 -77.76 12.01 -48.86
C LYS GA 348 -77.71 13.54 -48.78
N ALA GA 349 -76.58 14.12 -49.17
CA ALA GA 349 -76.39 15.56 -49.03
C ALA GA 349 -75.51 16.08 -50.16
N THR GA 350 -75.53 17.40 -50.35
CA THR GA 350 -74.84 18.05 -51.46
C THR GA 350 -74.36 19.42 -51.01
N VAL GA 351 -73.12 19.75 -51.37
CA VAL GA 351 -72.51 21.05 -51.08
C VAL GA 351 -72.29 21.79 -52.39
N SER GA 352 -72.71 23.05 -52.45
CA SER GA 352 -72.40 23.94 -53.56
C SER GA 352 -71.33 24.93 -53.09
N THR GA 353 -70.15 24.84 -53.70
CA THR GA 353 -69.05 25.74 -53.38
C THR GA 353 -69.17 27.11 -54.04
N GLY GA 354 -70.10 27.28 -54.99
CA GLY GA 354 -70.30 28.56 -55.62
C GLY GA 354 -71.45 29.35 -55.04
N SER GA 355 -72.24 28.72 -54.19
CA SER GA 355 -73.28 29.43 -53.44
C SER GA 355 -72.66 30.46 -52.50
N VAL GA 356 -73.36 31.58 -52.33
CA VAL GA 356 -72.89 32.64 -51.45
C VAL GA 356 -72.88 32.22 -49.99
N HIS GA 357 -73.52 31.09 -49.66
CA HIS GA 357 -73.57 30.57 -48.30
C HIS GA 357 -72.45 29.56 -48.03
N PHE GA 358 -71.57 29.34 -49.00
CA PHE GA 358 -70.36 28.54 -48.81
C PHE GA 358 -69.26 29.48 -48.35
N THR GA 359 -69.14 29.63 -47.04
CA THR GA 359 -68.16 30.52 -46.42
C THR GA 359 -67.34 29.77 -45.38
N PRO GA 360 -66.53 28.80 -45.80
CA PRO GA 360 -65.83 27.97 -44.81
C PRO GA 360 -64.74 28.73 -44.07
N LYS GA 361 -64.19 29.78 -44.67
CA LYS GA 361 -63.24 30.62 -43.94
C LYS GA 361 -63.89 31.30 -42.74
N LEU GA 362 -65.18 31.61 -42.84
CA LEU GA 362 -65.90 32.22 -41.73
C LEU GA 362 -66.50 31.18 -40.78
N GLY GA 363 -66.64 29.94 -41.21
CA GLY GA 363 -67.02 28.88 -40.28
C GLY GA 363 -68.35 28.20 -40.59
N SER GA 364 -68.92 28.48 -41.76
CA SER GA 364 -70.24 27.97 -42.09
C SER GA 364 -70.25 27.44 -43.51
N VAL GA 365 -70.95 26.32 -43.71
CA VAL GA 365 -71.24 25.78 -45.03
C VAL GA 365 -72.69 25.32 -45.05
N GLN GA 366 -73.30 25.36 -46.22
CA GLN GA 366 -74.72 25.04 -46.38
C GLN GA 366 -74.84 23.79 -47.24
N PHE GA 367 -75.62 22.82 -46.76
CA PHE GA 367 -75.85 21.56 -47.45
C PHE GA 367 -77.29 21.49 -47.95
N THR GA 368 -77.49 20.77 -49.05
CA THR GA 368 -78.81 20.44 -49.55
C THR GA 368 -79.04 18.95 -49.33
N THR GA 369 -79.99 18.62 -48.46
CA THR GA 369 -80.16 17.26 -47.98
C THR GA 369 -81.49 16.70 -48.50
N ASP GA 370 -81.76 15.44 -48.13
CA ASP GA 370 -83.03 14.80 -48.48
C ASP GA 370 -83.98 14.65 -47.29
N THR GA 371 -83.69 15.29 -46.15
CA THR GA 371 -84.63 15.29 -45.06
C THR GA 371 -84.53 16.60 -44.30
N ASN GA 372 -85.67 17.06 -43.76
CA ASN GA 372 -85.74 18.23 -42.89
C ASN GA 372 -86.12 17.89 -41.46
N ASN GA 373 -86.26 16.61 -41.10
CA ASN GA 373 -86.71 16.23 -39.77
C ASN GA 373 -85.83 15.19 -39.08
N ASP GA 374 -84.63 14.90 -39.59
CA ASP GA 374 -83.87 13.76 -39.06
C ASP GA 374 -82.39 14.06 -38.89
N LEU GA 375 -82.02 15.30 -38.57
CA LEU GA 375 -80.64 15.65 -38.25
C LEU GA 375 -80.63 16.50 -36.98
N GLU GA 376 -80.24 15.88 -35.87
CA GLU GA 376 -80.34 16.50 -34.55
C GLU GA 376 -79.29 17.59 -34.36
N THR GA 377 -79.56 18.48 -33.41
CA THR GA 377 -78.69 19.61 -33.11
C THR GA 377 -77.71 19.21 -31.99
N GLY GA 378 -76.63 19.98 -31.87
CA GLY GA 378 -75.62 19.74 -30.86
C GLY GA 378 -74.78 18.49 -31.00
N GLN GA 379 -75.05 17.64 -31.99
CA GLN GA 379 -74.30 16.41 -32.16
C GLN GA 379 -73.28 16.57 -33.29
N ASN GA 380 -72.18 15.84 -33.17
CA ASN GA 380 -71.11 15.91 -34.16
C ASN GA 380 -71.54 15.26 -35.48
N THR GA 381 -71.27 15.95 -36.58
CA THR GA 381 -71.76 15.56 -37.90
C THR GA 381 -70.64 15.62 -38.92
N LYS GA 382 -70.54 14.59 -39.76
CA LYS GA 382 -69.46 14.46 -40.72
C LYS GA 382 -70.02 14.32 -42.14
N PHE GA 383 -69.50 15.13 -43.05
CA PHE GA 383 -69.80 14.99 -44.48
C PHE GA 383 -68.71 14.15 -45.15
N THR GA 384 -69.10 12.98 -45.66
CA THR GA 384 -68.18 12.13 -46.42
C THR GA 384 -68.40 12.36 -47.90
N PRO GA 385 -67.43 12.91 -48.63
CA PRO GA 385 -67.65 13.20 -50.05
C PRO GA 385 -67.67 11.93 -50.89
N VAL GA 386 -68.38 12.00 -52.02
CA VAL GA 386 -68.50 10.84 -52.89
C VAL GA 386 -68.25 11.23 -54.34
N GLY GA 387 -68.84 12.33 -54.79
CA GLY GA 387 -68.72 12.70 -56.18
C GLY GA 387 -69.25 14.10 -56.45
N VAL GA 388 -69.29 14.43 -57.74
CA VAL GA 388 -69.76 15.73 -58.20
C VAL GA 388 -71.03 15.53 -58.99
N VAL GA 389 -71.83 16.60 -59.06
CA VAL GA 389 -73.15 16.55 -59.67
C VAL GA 389 -73.28 17.72 -60.65
N GLN GA 390 -74.23 17.60 -61.58
CA GLN GA 390 -74.40 18.56 -62.66
C GLN GA 390 -75.88 18.80 -62.91
N ASP GA 391 -76.23 20.07 -63.11
CA ASP GA 391 -77.61 20.43 -63.46
C ASP GA 391 -77.85 20.08 -64.92
N GLY GA 392 -78.72 19.09 -65.17
CA GLY GA 392 -78.81 18.50 -66.49
C GLY GA 392 -79.40 19.42 -67.54
N ASN GA 393 -80.07 20.49 -67.12
CA ASN GA 393 -80.70 21.41 -68.06
C ASN GA 393 -79.72 22.43 -68.62
N SER GA 394 -78.56 22.60 -68.00
CA SER GA 394 -77.54 23.52 -68.47
C SER GA 394 -76.59 22.80 -69.43
N ALA GA 395 -75.58 23.54 -69.91
CA ALA GA 395 -74.65 23.00 -70.89
C ALA GA 395 -73.90 21.81 -70.30
N HIS GA 396 -73.77 20.76 -71.11
CA HIS GA 396 -73.12 19.54 -70.65
C HIS GA 396 -71.62 19.76 -70.45
N GLN GA 397 -71.10 19.22 -69.33
CA GLN GA 397 -69.69 19.34 -68.95
C GLN GA 397 -69.32 20.78 -68.60
N ASN GA 398 -70.21 21.48 -67.89
CA ASN GA 398 -70.01 22.91 -67.65
C ASN GA 398 -70.03 23.32 -66.18
N GLU GA 399 -70.50 22.47 -65.27
CA GLU GA 399 -70.75 22.97 -63.92
C GLU GA 399 -69.52 22.90 -63.01
N PRO GA 400 -68.84 21.73 -62.86
CA PRO GA 400 -67.66 21.71 -61.98
C PRO GA 400 -66.42 22.25 -62.65
N GLN GA 401 -66.06 23.49 -62.30
CA GLN GA 401 -64.91 24.19 -62.88
C GLN GA 401 -63.69 24.03 -61.97
N GLN GA 402 -62.80 23.10 -62.34
CA GLN GA 402 -61.74 22.73 -61.41
C GLN GA 402 -60.76 23.87 -61.16
N TRP GA 403 -60.56 24.77 -62.13
CA TRP GA 403 -59.56 25.81 -62.03
C TRP GA 403 -60.16 27.16 -61.63
N VAL GA 404 -61.37 27.18 -61.09
CA VAL GA 404 -61.99 28.39 -60.58
C VAL GA 404 -62.04 28.26 -59.07
N LEU GA 405 -61.44 29.21 -58.38
CA LEU GA 405 -61.47 29.07 -56.93
C LEU GA 405 -62.82 29.51 -56.38
N PRO GA 406 -63.37 28.80 -55.39
CA PRO GA 406 -64.50 29.33 -54.63
C PRO GA 406 -64.09 30.58 -53.87
N ASN GA 407 -65.10 31.32 -53.40
CA ASN GA 407 -64.88 32.49 -52.55
C ASN GA 407 -65.03 32.02 -51.11
N TYR GA 408 -63.89 31.79 -50.45
CA TYR GA 408 -63.88 31.12 -49.15
C TYR GA 408 -64.59 31.95 -48.07
N SER GA 409 -64.77 33.25 -48.30
CA SER GA 409 -65.50 34.11 -47.37
C SER GA 409 -66.74 34.73 -48.01
N GLY GA 410 -67.32 34.09 -49.02
CA GLY GA 410 -68.44 34.67 -49.72
C GLY GA 410 -68.21 36.07 -50.25
N ARG GA 411 -69.01 37.04 -49.79
CA ARG GA 411 -68.90 38.42 -50.23
C ARG GA 411 -68.32 39.35 -49.18
N THR GA 412 -68.02 38.86 -47.97
CA THR GA 412 -67.56 39.76 -46.91
C THR GA 412 -66.10 40.16 -47.12
N GLY GA 413 -65.26 39.21 -47.53
CA GLY GA 413 -63.90 39.52 -47.90
C GLY GA 413 -63.41 38.51 -48.92
N HIS GA 414 -62.48 38.95 -49.77
CA HIS GA 414 -61.97 38.06 -50.80
C HIS GA 414 -60.89 37.15 -50.23
N ASN GA 415 -60.53 36.13 -51.01
CA ASN GA 415 -59.58 35.11 -50.56
C ASN GA 415 -58.24 35.72 -50.20
N VAL GA 416 -57.66 35.24 -49.09
CA VAL GA 416 -56.40 35.75 -48.56
C VAL GA 416 -55.46 34.57 -48.39
N HIS GA 417 -54.18 34.88 -48.16
CA HIS GA 417 -53.10 33.91 -47.94
C HIS GA 417 -53.20 32.72 -48.88
N LEU GA 418 -53.38 33.01 -50.17
CA LEU GA 418 -53.50 31.96 -51.17
C LEU GA 418 -52.13 31.41 -51.54
N ALA GA 419 -52.11 30.13 -51.87
CA ALA GA 419 -50.93 29.57 -52.52
C ALA GA 419 -50.76 30.18 -53.90
N PRO GA 420 -49.52 30.42 -54.35
CA PRO GA 420 -49.32 31.14 -55.60
C PRO GA 420 -49.85 30.38 -56.80
N ALA GA 421 -50.12 31.11 -57.88
CA ALA GA 421 -50.48 30.46 -59.13
C ALA GA 421 -49.24 29.86 -59.78
N VAL GA 422 -49.47 28.98 -60.74
CA VAL GA 422 -48.43 28.10 -61.28
C VAL GA 422 -48.52 28.12 -62.80
N ALA GA 423 -47.38 28.35 -63.46
CA ALA GA 423 -47.35 28.35 -64.91
C ALA GA 423 -45.93 28.06 -65.37
N PRO GA 424 -45.77 27.40 -66.52
CA PRO GA 424 -44.44 27.20 -67.08
C PRO GA 424 -43.86 28.51 -67.62
N THR GA 425 -42.55 28.68 -67.43
CA THR GA 425 -41.84 29.85 -67.95
C THR GA 425 -40.88 29.51 -69.08
N PHE GA 426 -40.58 28.24 -69.30
CA PHE GA 426 -39.59 27.82 -70.27
C PHE GA 426 -40.26 27.53 -71.62
N PRO GA 427 -39.73 28.05 -72.72
CA PRO GA 427 -40.31 27.76 -74.03
C PRO GA 427 -40.36 26.25 -74.30
N GLY GA 428 -41.53 25.79 -74.75
CA GLY GA 428 -41.73 24.39 -75.05
C GLY GA 428 -42.24 23.57 -73.91
N GLU GA 429 -42.43 24.16 -72.74
CA GLU GA 429 -42.78 23.41 -71.54
C GLU GA 429 -44.22 23.68 -71.15
N GLN GA 430 -44.90 22.63 -70.71
CA GLN GA 430 -46.25 22.72 -70.17
C GLN GA 430 -46.26 22.04 -68.82
N LEU GA 431 -47.23 22.41 -67.98
CA LEU GA 431 -47.41 21.74 -66.72
C LEU GA 431 -47.65 20.25 -66.94
N LEU GA 432 -47.21 19.44 -65.99
CA LEU GA 432 -47.54 18.02 -65.95
C LEU GA 432 -48.48 17.79 -64.77
N PHE GA 433 -49.68 17.29 -65.07
CA PHE GA 433 -50.74 17.13 -64.09
C PHE GA 433 -50.91 15.66 -63.75
N PHE GA 434 -51.25 15.39 -62.50
CA PHE GA 434 -51.65 14.06 -62.06
C PHE GA 434 -53.18 14.04 -62.10
N ARG GA 435 -53.72 13.30 -63.05
CA ARG GA 435 -55.13 13.37 -63.43
C ARG GA 435 -55.88 12.15 -62.93
N SER GA 436 -57.01 12.40 -62.26
CA SER GA 436 -57.95 11.34 -61.93
C SER GA 436 -59.34 11.79 -62.34
N THR GA 437 -60.28 10.83 -62.31
CA THR GA 437 -61.65 11.05 -62.77
C THR GA 437 -62.59 10.97 -61.57
N MET GA 438 -63.33 12.05 -61.31
CA MET GA 438 -64.25 12.07 -60.19
C MET GA 438 -65.50 11.24 -60.49
N PRO GA 439 -66.09 10.63 -59.45
CA PRO GA 439 -67.38 9.97 -59.65
C PRO GA 439 -68.47 10.99 -59.94
N GLY GA 440 -69.38 10.62 -60.85
CA GLY GA 440 -70.59 11.39 -61.11
C GLY GA 440 -71.78 10.88 -60.32
N CYS GA 441 -72.58 11.81 -59.82
CA CYS GA 441 -73.75 11.47 -59.02
C CYS GA 441 -75.07 11.73 -59.71
N SER GA 442 -75.11 12.67 -60.65
CA SER GA 442 -76.30 13.01 -61.44
C SER GA 442 -75.91 14.07 -62.47
N GLY GA 443 -76.46 13.97 -63.67
CA GLY GA 443 -76.17 14.93 -64.71
C GLY GA 443 -75.04 14.50 -65.62
N TYR GA 444 -74.41 15.48 -66.26
CA TYR GA 444 -73.31 15.26 -67.19
C TYR GA 444 -72.14 16.17 -66.82
N PRO GA 445 -71.53 15.96 -65.65
CA PRO GA 445 -70.56 16.93 -65.14
C PRO GA 445 -69.16 16.71 -65.67
N ASN GA 446 -68.34 17.76 -65.53
CA ASN GA 446 -66.92 17.72 -65.88
C ASN GA 446 -66.20 16.92 -64.80
N MET GA 447 -65.84 15.68 -65.12
CA MET GA 447 -65.31 14.75 -64.14
C MET GA 447 -63.78 14.78 -64.04
N ASN GA 448 -63.12 15.63 -64.82
CA ASN GA 448 -61.66 15.70 -64.79
C ASN GA 448 -61.17 16.47 -63.58
N LEU GA 449 -60.22 15.89 -62.86
CA LEU GA 449 -59.56 16.57 -61.74
C LEU GA 449 -58.05 16.40 -61.90
N ASP GA 450 -57.33 17.51 -62.04
CA ASP GA 450 -55.88 17.51 -62.15
C ASP GA 450 -55.29 18.16 -60.90
N CYS GA 451 -54.29 17.50 -60.30
CA CYS GA 451 -53.53 18.06 -59.21
C CYS GA 451 -52.06 18.16 -59.59
N LEU GA 452 -51.35 19.07 -58.89
CA LEU GA 452 -49.95 19.31 -59.21
C LEU GA 452 -49.02 18.26 -58.61
N LEU GA 453 -49.39 17.67 -57.48
CA LEU GA 453 -48.58 16.67 -56.79
C LEU GA 453 -49.51 15.60 -56.24
N PRO GA 454 -49.18 14.32 -56.41
CA PRO GA 454 -49.92 13.27 -55.73
C PRO GA 454 -49.82 13.43 -54.22
N GLN GA 455 -50.87 13.00 -53.51
CA GLN GA 455 -50.90 13.18 -52.07
C GLN GA 455 -49.77 12.43 -51.39
N GLU GA 456 -49.40 11.25 -51.92
CA GLU GA 456 -48.29 10.49 -51.36
C GLU GA 456 -46.97 11.23 -51.48
N TRP GA 457 -46.80 12.05 -52.53
CA TRP GA 457 -45.63 12.91 -52.61
C TRP GA 457 -45.65 13.98 -51.52
N VAL GA 458 -46.82 14.52 -51.22
CA VAL GA 458 -46.96 15.49 -50.13
C VAL GA 458 -46.52 14.85 -48.81
N LEU GA 459 -47.04 13.65 -48.54
CA LEU GA 459 -46.61 12.90 -47.37
C LEU GA 459 -45.10 12.71 -47.36
N HIS GA 460 -44.53 12.32 -48.50
CA HIS GA 460 -43.10 12.03 -48.56
C HIS GA 460 -42.26 13.29 -48.32
N PHE GA 461 -42.56 14.37 -49.05
CA PHE GA 461 -41.81 15.61 -48.85
C PHE GA 461 -41.96 16.12 -47.42
N TYR GA 462 -43.14 15.95 -46.82
CA TYR GA 462 -43.37 16.47 -45.49
C TYR GA 462 -42.49 15.78 -44.45
N GLN GA 463 -42.46 14.44 -44.47
CA GLN GA 463 -41.72 13.73 -43.43
C GLN GA 463 -40.22 13.81 -43.66
N GLU GA 464 -39.78 13.55 -44.90
CA GLU GA 464 -38.36 13.62 -45.24
C GLU GA 464 -38.09 15.03 -45.74
N ALA GA 465 -37.65 15.89 -44.81
CA ALA GA 465 -37.55 17.33 -45.08
C ALA GA 465 -36.24 17.68 -45.77
N ALA GA 466 -36.03 17.07 -46.93
CA ALA GA 466 -34.76 17.19 -47.62
C ALA GA 466 -34.60 18.58 -48.21
N PRO GA 467 -33.53 19.31 -47.89
CA PRO GA 467 -33.31 20.63 -48.48
C PRO GA 467 -33.11 20.56 -49.98
N ALA GA 468 -33.66 21.55 -50.68
CA ALA GA 468 -33.47 21.65 -52.12
C ALA GA 468 -32.10 22.28 -52.41
N GLN GA 469 -31.31 21.60 -53.24
CA GLN GA 469 -30.00 22.10 -53.63
C GLN GA 469 -30.06 23.08 -54.80
N SER GA 470 -31.20 23.20 -55.47
CA SER GA 470 -31.42 24.23 -56.47
C SER GA 470 -32.93 24.34 -56.70
N ASP GA 471 -33.32 25.14 -57.69
CA ASP GA 471 -34.74 25.43 -57.90
C ASP GA 471 -35.48 24.31 -58.63
N VAL GA 472 -34.78 23.33 -59.19
CA VAL GA 472 -35.40 22.30 -60.01
C VAL GA 472 -34.76 20.96 -59.72
N ALA GA 473 -35.60 19.96 -59.43
CA ALA GA 473 -35.16 18.57 -59.27
C ALA GA 473 -35.50 17.83 -60.56
N LEU GA 474 -34.48 17.33 -61.24
CA LEU GA 474 -34.68 16.55 -62.46
C LEU GA 474 -35.11 15.13 -62.11
N LEU GA 475 -36.26 14.71 -62.62
CA LEU GA 475 -36.80 13.38 -62.43
C LEU GA 475 -36.85 12.63 -63.75
N ARG GA 476 -36.59 11.33 -63.71
CA ARG GA 476 -36.72 10.45 -64.86
C ARG GA 476 -37.76 9.38 -64.57
N PHE GA 477 -38.62 9.11 -65.55
CA PHE GA 477 -39.66 8.10 -65.42
C PHE GA 477 -39.17 6.81 -66.07
N VAL GA 478 -39.13 5.73 -65.29
CA VAL GA 478 -38.43 4.51 -65.67
C VAL GA 478 -39.41 3.35 -65.66
N ASN GA 479 -39.32 2.49 -66.67
CA ASN GA 479 -40.03 1.21 -66.69
C ASN GA 479 -39.13 0.15 -66.07
N PRO GA 480 -39.47 -0.38 -64.89
CA PRO GA 480 -38.52 -1.28 -64.20
C PRO GA 480 -38.33 -2.61 -64.88
N ASP GA 481 -39.24 -3.04 -65.75
CA ASP GA 481 -39.06 -4.31 -66.45
C ASP GA 481 -37.86 -4.24 -67.40
N THR GA 482 -37.86 -3.26 -68.30
CA THR GA 482 -36.85 -3.14 -69.32
C THR GA 482 -35.70 -2.20 -68.94
N GLY GA 483 -35.88 -1.39 -67.90
CA GLY GA 483 -34.88 -0.40 -67.53
C GLY GA 483 -34.87 0.87 -68.35
N ARG GA 484 -35.81 1.04 -69.29
CA ARG GA 484 -35.74 2.14 -70.23
C ARG GA 484 -36.34 3.42 -69.63
N VAL GA 485 -35.73 4.55 -69.97
CA VAL GA 485 -36.22 5.85 -69.57
C VAL GA 485 -37.23 6.33 -70.60
N LEU GA 486 -38.41 6.75 -70.14
CA LEU GA 486 -39.45 7.19 -71.06
C LEU GA 486 -39.36 8.69 -71.33
N PHE GA 487 -39.24 9.48 -70.26
CA PHE GA 487 -39.07 10.92 -70.39
C PHE GA 487 -38.43 11.43 -69.10
N GLU GA 488 -38.00 12.68 -69.15
CA GLU GA 488 -37.54 13.39 -67.97
C GLU GA 488 -38.45 14.59 -67.76
N CYS GA 489 -38.52 15.05 -66.52
CA CYS GA 489 -39.37 16.18 -66.18
C CYS GA 489 -38.71 16.96 -65.06
N LYS GA 490 -39.18 18.19 -64.86
CA LYS GA 490 -38.60 19.09 -63.90
C LYS GA 490 -39.55 19.21 -62.72
N LEU GA 491 -39.10 18.79 -61.55
CA LEU GA 491 -39.84 18.97 -60.31
C LEU GA 491 -39.36 20.26 -59.67
N HIS GA 492 -40.19 21.29 -59.73
CA HIS GA 492 -39.77 22.60 -59.24
C HIS GA 492 -39.86 22.64 -57.71
N LYS GA 493 -38.93 23.37 -57.11
CA LYS GA 493 -38.89 23.47 -55.66
C LYS GA 493 -40.24 23.89 -55.09
N SER GA 494 -40.95 24.76 -55.81
CA SER GA 494 -42.25 25.27 -55.39
C SER GA 494 -43.33 24.18 -55.31
N GLY GA 495 -43.02 22.95 -55.72
CA GLY GA 495 -43.98 21.87 -55.69
C GLY GA 495 -44.92 21.74 -56.87
N TYR GA 496 -44.36 21.70 -58.08
CA TYR GA 496 -45.14 21.41 -59.28
C TYR GA 496 -44.18 20.86 -60.34
N VAL GA 497 -44.75 20.14 -61.32
CA VAL GA 497 -43.95 19.46 -62.33
C VAL GA 497 -44.26 20.05 -63.71
N THR GA 498 -43.23 20.08 -64.55
CA THR GA 498 -43.33 20.53 -65.94
C THR GA 498 -42.63 19.53 -66.84
N VAL GA 499 -43.07 19.49 -68.11
CA VAL GA 499 -42.53 18.58 -69.10
C VAL GA 499 -42.36 19.31 -70.41
N ALA GA 500 -41.57 18.72 -71.30
CA ALA GA 500 -41.30 19.32 -72.62
C ALA GA 500 -42.27 18.72 -73.62
N HIS GA 501 -43.36 19.45 -73.89
CA HIS GA 501 -44.38 19.03 -74.83
C HIS GA 501 -45.22 20.24 -75.20
N THR GA 502 -45.86 20.16 -76.37
CA THR GA 502 -46.77 21.21 -76.81
C THR GA 502 -48.05 20.58 -77.31
N GLY GA 503 -49.18 21.06 -76.79
CA GLY GA 503 -50.47 20.51 -77.12
C GLY GA 503 -50.97 19.59 -76.02
N PRO GA 504 -52.28 19.39 -75.93
CA PRO GA 504 -52.81 18.45 -74.94
C PRO GA 504 -52.50 17.02 -75.33
N HIS GA 505 -52.27 16.19 -74.31
CA HIS GA 505 -51.86 14.81 -74.54
C HIS GA 505 -51.98 13.97 -73.26
N ASP GA 506 -52.68 12.85 -73.36
CA ASP GA 506 -52.62 11.83 -72.30
C ASP GA 506 -51.39 10.98 -72.51
N LEU GA 507 -50.57 10.85 -71.46
CA LEU GA 507 -49.31 10.14 -71.59
C LEU GA 507 -49.54 8.64 -71.61
N VAL GA 508 -48.80 7.94 -72.46
CA VAL GA 508 -48.88 6.49 -72.59
C VAL GA 508 -47.74 5.89 -71.78
N ILE GA 509 -48.08 5.36 -70.60
CA ILE GA 509 -47.08 4.94 -69.63
C ILE GA 509 -47.30 3.47 -69.27
N PRO GA 510 -46.24 2.68 -69.15
CA PRO GA 510 -46.37 1.33 -68.60
C PRO GA 510 -46.95 1.36 -67.20
N PRO GA 511 -47.83 0.41 -66.87
CA PRO GA 511 -48.54 0.48 -65.59
C PRO GA 511 -47.63 0.42 -64.37
N ASN GA 512 -46.42 -0.11 -64.49
CA ASN GA 512 -45.50 -0.24 -63.37
C ASN GA 512 -44.39 0.81 -63.37
N GLY GA 513 -44.48 1.82 -64.23
CA GLY GA 513 -43.48 2.86 -64.24
C GLY GA 513 -43.56 3.79 -63.03
N TYR GA 514 -42.40 4.30 -62.61
CA TYR GA 514 -42.25 5.10 -61.41
C TYR GA 514 -41.33 6.28 -61.70
N PHE GA 515 -41.38 7.29 -60.82
CA PHE GA 515 -40.50 8.46 -60.90
C PHE GA 515 -39.22 8.25 -60.08
N ARG GA 516 -38.08 8.63 -60.67
CA ARG GA 516 -36.78 8.48 -60.03
C ARG GA 516 -36.02 9.80 -60.08
N PHE GA 517 -35.53 10.23 -58.92
CA PHE GA 517 -34.74 11.46 -58.82
C PHE GA 517 -33.30 11.22 -59.25
N ASP GA 518 -32.78 12.07 -60.13
CA ASP GA 518 -31.42 11.89 -60.63
C ASP GA 518 -30.44 12.98 -60.20
N SER GA 519 -30.86 14.24 -60.15
CA SER GA 519 -29.94 15.31 -59.77
C SER GA 519 -30.70 16.62 -59.64
N TRP GA 520 -30.17 17.50 -58.79
CA TRP GA 520 -30.53 18.91 -58.82
C TRP GA 520 -29.84 19.62 -59.97
N VAL GA 521 -30.59 20.48 -60.64
CA VAL GA 521 -30.11 21.27 -61.77
C VAL GA 521 -30.64 22.69 -61.59
N ASN GA 522 -30.14 23.62 -62.40
CA ASN GA 522 -30.63 24.98 -62.34
C ASN GA 522 -31.62 25.20 -63.47
N GLN GA 523 -32.34 26.32 -63.39
CA GLN GA 523 -33.52 26.51 -64.25
C GLN GA 523 -33.16 26.67 -65.72
N PHE GA 524 -31.86 26.79 -66.07
CA PHE GA 524 -31.50 26.89 -67.47
C PHE GA 524 -31.47 25.53 -68.15
N TYR GA 525 -31.65 24.45 -67.39
CA TYR GA 525 -31.65 23.10 -67.95
C TYR GA 525 -32.81 22.91 -68.92
N THR GA 526 -32.50 22.45 -70.13
CA THR GA 526 -33.50 22.20 -71.15
C THR GA 526 -33.68 20.69 -71.30
N LEU GA 527 -34.90 20.22 -71.05
CA LEU GA 527 -35.16 18.79 -71.04
C LEU GA 527 -35.57 18.30 -72.42
N ALA GA 528 -35.30 17.03 -72.70
CA ALA GA 528 -35.64 16.44 -73.98
C ALA GA 528 -37.16 16.33 -74.16
N PRO GA 529 -37.67 16.61 -75.36
CA PRO GA 529 -39.10 16.41 -75.61
C PRO GA 529 -39.46 14.93 -75.67
N MET GA 530 -40.72 14.64 -75.33
CA MET GA 530 -41.34 13.31 -75.39
C MET GA 530 -40.54 12.23 -76.12
N MET HA 27 2.18 68.28 -9.21
CA MET HA 27 3.10 69.31 -8.73
C MET HA 27 2.81 69.71 -7.28
N ALA HA 28 1.56 70.09 -7.01
CA ALA HA 28 1.12 70.43 -5.66
C ALA HA 28 0.84 69.22 -4.79
N LEU HA 29 0.69 68.03 -5.37
CA LEU HA 29 0.56 66.79 -4.61
C LEU HA 29 1.64 65.79 -5.00
N GLU HA 30 2.11 65.04 -4.03
CA GLU HA 30 2.98 63.88 -4.26
C GLU HA 30 2.19 62.70 -4.80
N PRO HA 31 2.88 61.70 -5.36
CA PRO HA 31 2.21 60.44 -5.67
C PRO HA 31 1.74 59.77 -4.39
N VAL HA 32 0.66 59.02 -4.51
CA VAL HA 32 0.03 58.35 -3.37
C VAL HA 32 -0.22 56.91 -3.73
N VAL HA 33 0.25 55.99 -2.88
CA VAL HA 33 0.17 54.57 -3.17
C VAL HA 33 -1.28 54.12 -3.11
N GLY HA 34 -1.64 53.19 -3.99
CA GLY HA 34 -2.98 52.63 -3.99
C GLY HA 34 -3.09 51.39 -3.12
N ALA HA 35 -3.55 50.29 -3.71
CA ALA HA 35 -3.83 49.10 -2.92
C ALA HA 35 -2.59 48.28 -2.60
N ALA HA 36 -1.45 48.56 -3.25
CA ALA HA 36 -0.28 47.73 -3.06
C ALA HA 36 0.16 47.68 -1.61
N ILE HA 37 0.08 48.81 -0.91
CA ILE HA 37 0.47 48.89 0.49
C ILE HA 37 -0.40 47.98 1.36
N ALA HA 38 -1.60 47.63 0.91
CA ALA HA 38 -2.53 46.85 1.71
C ALA HA 38 -2.28 45.36 1.65
N ALA HA 39 -1.33 44.91 0.82
CA ALA HA 39 -1.14 43.49 0.57
C ALA HA 39 -0.97 42.65 1.85
N PRO HA 40 -0.15 43.03 2.83
CA PRO HA 40 -0.01 42.18 4.02
C PRO HA 40 -1.27 42.05 4.87
N VAL HA 41 -2.24 42.95 4.72
CA VAL HA 41 -3.44 42.91 5.55
C VAL HA 41 -4.72 42.67 4.75
N ALA HA 42 -4.66 42.71 3.41
CA ALA HA 42 -5.83 42.35 2.63
C ALA HA 42 -5.96 40.83 2.53
N GLY HA 43 -7.19 40.38 2.30
CA GLY HA 43 -7.41 38.97 2.09
C GLY HA 43 -6.84 38.42 0.79
N GLN HA 44 -6.77 39.25 -0.25
CA GLN HA 44 -6.51 38.75 -1.60
C GLN HA 44 -5.77 39.81 -2.42
N GLN HA 45 -5.26 39.36 -3.56
CA GLN HA 45 -4.61 40.22 -4.55
C GLN HA 45 -5.47 40.18 -5.81
N ASN HA 46 -5.98 41.34 -6.20
CA ASN HA 46 -6.89 41.44 -7.34
C ASN HA 46 -6.30 42.32 -8.43
N VAL HA 47 -6.96 42.28 -9.59
CA VAL HA 47 -6.54 43.04 -10.76
C VAL HA 47 -7.79 43.59 -11.44
N ILE HA 48 -7.70 44.83 -11.89
CA ILE HA 48 -8.76 45.50 -12.63
C ILE HA 48 -8.35 45.53 -14.09
N ASP HA 49 -9.32 45.32 -14.99
CA ASP HA 49 -9.05 45.40 -16.41
C ASP HA 49 -8.37 46.73 -16.72
N PRO HA 50 -7.14 46.72 -17.22
CA PRO HA 50 -6.41 47.98 -17.42
C PRO HA 50 -7.05 48.92 -18.42
N TRP HA 51 -7.86 48.42 -19.35
CA TRP HA 51 -8.52 49.30 -20.30
C TRP HA 51 -9.42 50.32 -19.62
N ILE HA 52 -9.98 49.99 -18.45
CA ILE HA 52 -10.88 50.92 -17.76
C ILE HA 52 -10.18 52.24 -17.48
N ARG HA 53 -8.85 52.22 -17.23
CA ARG HA 53 -8.12 53.44 -16.95
C ARG HA 53 -7.64 54.15 -18.22
N ASN HA 54 -7.85 53.59 -19.40
CA ASN HA 54 -7.36 54.18 -20.63
C ASN HA 54 -8.40 55.03 -21.34
N ASN HA 55 -9.51 55.35 -20.67
CA ASN HA 55 -10.61 56.07 -21.31
C ASN HA 55 -11.32 56.93 -20.26
N PHE HA 56 -11.40 58.23 -20.50
CA PHE HA 56 -12.21 59.08 -19.64
C PHE HA 56 -13.68 58.81 -19.86
N VAL HA 57 -14.43 58.71 -18.76
CA VAL HA 57 -15.85 58.39 -18.81
C VAL HA 57 -16.61 59.23 -17.78
N GLN HA 58 -17.84 59.58 -18.12
CA GLN HA 58 -18.60 60.54 -17.32
C GLN HA 58 -19.04 59.92 -16.00
N ALA HA 59 -18.79 60.64 -14.91
CA ALA HA 59 -19.15 60.16 -13.58
C ALA HA 59 -20.67 60.03 -13.42
N PRO HA 60 -21.11 59.09 -12.59
CA PRO HA 60 -22.54 59.03 -12.24
C PRO HA 60 -23.06 60.31 -11.64
N GLY HA 61 -22.18 61.14 -11.09
CA GLY HA 61 -22.56 62.44 -10.57
C GLY HA 61 -21.64 63.46 -11.19
N GLY HA 62 -21.55 63.39 -12.52
CA GLY HA 62 -20.64 64.22 -13.28
C GLY HA 62 -21.34 65.32 -14.06
N GLU HA 63 -22.49 65.77 -13.58
CA GLU HA 63 -23.19 66.90 -14.16
C GLU HA 63 -23.36 67.97 -13.11
N PHE HA 64 -23.06 69.21 -13.48
CA PHE HA 64 -23.34 70.36 -12.65
C PHE HA 64 -23.48 71.56 -13.57
N THR HA 65 -23.93 72.67 -13.01
CA THR HA 65 -24.32 73.79 -13.84
C THR HA 65 -23.85 75.10 -13.21
N VAL HA 66 -23.40 76.02 -14.06
CA VAL HA 66 -23.10 77.40 -13.66
C VAL HA 66 -24.07 78.31 -14.41
N SER HA 67 -24.89 79.04 -13.66
CA SER HA 67 -25.86 79.96 -14.21
C SER HA 67 -25.68 81.30 -13.50
N PRO HA 68 -26.22 82.39 -14.07
CA PRO HA 68 -26.06 83.70 -13.41
C PRO HA 68 -26.83 83.83 -12.11
N ARG HA 69 -27.76 82.91 -11.82
CA ARG HA 69 -28.36 82.86 -10.48
C ARG HA 69 -27.33 82.47 -9.42
N ASN HA 70 -26.24 81.83 -9.83
CA ASN HA 70 -25.23 81.37 -8.89
C ASN HA 70 -24.28 82.51 -8.52
N ALA HA 71 -23.73 82.41 -7.31
CA ALA HA 71 -22.77 83.38 -6.79
C ALA HA 71 -21.54 82.66 -6.29
N PRO HA 72 -20.40 83.35 -6.24
CA PRO HA 72 -19.22 82.78 -5.57
C PRO HA 72 -19.52 82.42 -4.13
N GLY HA 73 -18.96 81.29 -3.70
CA GLY HA 73 -19.17 80.71 -2.40
C GLY HA 73 -20.09 79.51 -2.39
N GLU HA 74 -21.00 79.43 -3.36
CA GLU HA 74 -21.82 78.24 -3.51
C GLU HA 74 -20.96 77.12 -4.09
N ILE HA 75 -20.94 75.98 -3.43
CA ILE HA 75 -20.21 74.83 -3.98
C ILE HA 75 -21.12 74.19 -5.02
N LEU HA 76 -20.83 74.46 -6.30
CA LEU HA 76 -21.70 74.09 -7.40
C LEU HA 76 -21.61 72.61 -7.74
N TRP HA 77 -20.58 71.92 -7.27
CA TRP HA 77 -20.38 70.51 -7.57
C TRP HA 77 -19.38 69.96 -6.58
N SER HA 78 -19.56 68.69 -6.22
CA SER HA 78 -18.62 68.02 -5.34
C SER HA 78 -18.82 66.52 -5.46
N ALA HA 79 -17.76 65.78 -5.15
CA ALA HA 79 -17.80 64.33 -5.19
C ALA HA 79 -16.68 63.79 -4.32
N PRO HA 80 -16.89 62.70 -3.59
CA PRO HA 80 -15.80 62.04 -2.88
C PRO HA 80 -15.12 60.99 -3.74
N LEU HA 81 -13.83 60.78 -3.46
CA LEU HA 81 -13.09 59.73 -4.12
C LEU HA 81 -13.69 58.38 -3.76
N GLY HA 82 -13.86 57.53 -4.77
CA GLY HA 82 -14.47 56.24 -4.59
C GLY HA 82 -14.91 55.66 -5.92
N PRO HA 83 -15.34 54.41 -5.93
CA PRO HA 83 -15.74 53.77 -7.19
C PRO HA 83 -16.93 54.45 -7.85
N ASP HA 84 -17.73 55.20 -7.10
CA ASP HA 84 -18.88 55.89 -7.66
C ASP HA 84 -18.49 57.07 -8.56
N LEU HA 85 -17.20 57.38 -8.68
CA LEU HA 85 -16.73 58.39 -9.62
C LEU HA 85 -16.71 57.91 -11.06
N ASN HA 86 -16.95 56.63 -11.30
CA ASN HA 86 -16.74 56.01 -12.61
C ASN HA 86 -17.75 54.89 -12.81
N PRO HA 87 -18.56 54.96 -13.85
CA PRO HA 87 -19.65 53.97 -14.01
C PRO HA 87 -19.15 52.54 -14.18
N TYR HA 88 -17.97 52.35 -14.80
CA TYR HA 88 -17.41 51.01 -14.87
C TYR HA 88 -17.03 50.50 -13.49
N LEU HA 89 -16.23 51.28 -12.75
CA LEU HA 89 -15.86 50.89 -11.38
C LEU HA 89 -17.09 50.73 -10.50
N SER HA 90 -18.14 51.52 -10.76
CA SER HA 90 -19.35 51.44 -9.93
C SER HA 90 -19.99 50.06 -10.05
N HIS HA 91 -20.05 49.52 -11.27
CA HIS HA 91 -20.59 48.18 -11.45
C HIS HA 91 -19.64 47.14 -10.87
N LEU HA 92 -18.33 47.34 -11.05
CA LEU HA 92 -17.34 46.44 -10.45
C LEU HA 92 -17.45 46.44 -8.93
N ALA HA 93 -17.78 47.60 -8.34
CA ALA HA 93 -17.82 47.71 -6.88
C ALA HA 93 -18.83 46.76 -6.27
N ARG HA 94 -19.85 46.36 -7.03
CA ARG HA 94 -20.83 45.39 -6.57
C ARG HA 94 -20.22 44.01 -6.35
N MET HA 95 -18.99 43.81 -6.80
CA MET HA 95 -18.32 42.52 -6.77
C MET HA 95 -17.12 42.51 -5.82
N TYR HA 96 -16.80 43.65 -5.21
CA TYR HA 96 -15.63 43.78 -4.35
C TYR HA 96 -16.03 44.40 -3.02
N ASN HA 97 -15.21 44.11 -2.00
CA ASN HA 97 -15.47 44.60 -0.65
C ASN HA 97 -14.79 45.94 -0.36
N GLY HA 98 -13.69 46.25 -1.04
CA GLY HA 98 -13.01 47.50 -0.78
C GLY HA 98 -12.16 47.93 -1.96
N TYR HA 99 -11.44 49.03 -1.74
CA TYR HA 99 -10.65 49.63 -2.81
C TYR HA 99 -9.56 50.51 -2.21
N ALA HA 100 -8.64 50.93 -3.08
CA ALA HA 100 -7.63 51.93 -2.73
C ALA HA 100 -7.08 52.49 -4.04
N GLY HA 101 -6.73 53.77 -4.01
CA GLY HA 101 -6.06 54.41 -5.12
C GLY HA 101 -6.88 55.56 -5.70
N GLY HA 102 -6.23 56.29 -6.59
CA GLY HA 102 -6.70 57.58 -7.02
C GLY HA 102 -7.25 57.58 -8.44
N PHE HA 103 -7.66 58.78 -8.86
CA PHE HA 103 -8.27 58.98 -10.17
C PHE HA 103 -7.59 60.15 -10.89
N GLU HA 104 -7.76 60.16 -12.21
CA GLU HA 104 -7.65 61.38 -13.00
C GLU HA 104 -9.05 61.80 -13.41
N VAL HA 105 -9.41 63.05 -13.12
CA VAL HA 105 -10.70 63.60 -13.46
C VAL HA 105 -10.53 64.64 -14.55
N GLN HA 106 -11.48 64.68 -15.49
CA GLN HA 106 -11.51 65.62 -16.59
C GLN HA 106 -12.80 66.43 -16.52
N VAL HA 107 -12.70 67.76 -16.61
CA VAL HA 107 -13.86 68.63 -16.53
C VAL HA 107 -14.06 69.37 -17.84
N ILE HA 108 -15.31 69.42 -18.29
CA ILE HA 108 -15.70 70.03 -19.55
C ILE HA 108 -16.72 71.12 -19.29
N LEU HA 109 -16.49 72.31 -19.86
CA LEU HA 109 -17.36 73.47 -19.66
C LEU HA 109 -17.89 73.93 -21.01
N ALA HA 110 -19.22 74.03 -21.12
CA ALA HA 110 -19.87 74.43 -22.37
C ALA HA 110 -20.25 75.91 -22.32
N GLY HA 111 -19.23 76.76 -22.37
CA GLY HA 111 -19.42 78.18 -22.44
C GLY HA 111 -19.43 78.70 -23.87
N ASN HA 112 -19.57 80.01 -23.99
CA ASN HA 112 -19.38 80.69 -25.27
C ASN HA 112 -18.54 81.95 -25.03
N ALA HA 113 -18.17 82.61 -26.12
CA ALA HA 113 -17.25 83.74 -26.05
C ALA HA 113 -17.85 84.93 -25.30
N PHE HA 114 -19.16 84.96 -25.11
CA PHE HA 114 -19.87 86.03 -24.43
C PHE HA 114 -19.96 85.76 -22.92
N THR HA 115 -19.37 84.66 -22.45
CA THR HA 115 -19.49 84.21 -21.06
C THR HA 115 -18.19 84.48 -20.32
N ALA HA 116 -18.21 85.45 -19.40
CA ALA HA 116 -17.05 85.73 -18.56
C ALA HA 116 -17.21 85.07 -17.19
N GLY HA 117 -16.08 84.70 -16.60
CA GLY HA 117 -16.07 84.15 -15.25
C GLY HA 117 -15.06 83.02 -15.11
N LYS HA 118 -14.70 82.73 -13.86
CA LYS HA 118 -13.75 81.67 -13.56
C LYS HA 118 -14.38 80.66 -12.60
N ILE HA 119 -14.11 79.39 -12.86
CA ILE HA 119 -14.47 78.30 -11.96
C ILE HA 119 -13.18 77.72 -11.39
N ILE HA 120 -13.16 77.46 -10.08
CA ILE HA 120 -12.04 76.79 -9.44
C ILE HA 120 -12.47 75.39 -9.00
N PHE HA 121 -11.67 74.39 -9.37
CA PHE HA 121 -11.80 73.04 -8.85
C PHE HA 121 -10.69 72.81 -7.85
N ALA HA 122 -11.01 72.20 -6.71
CA ALA HA 122 -10.00 71.96 -5.70
C ALA HA 122 -10.21 70.61 -5.03
N ALA HA 123 -9.10 69.97 -4.69
CA ALA HA 123 -9.10 68.73 -3.92
C ALA HA 123 -8.89 69.10 -2.45
N VAL HA 124 -9.90 68.86 -1.64
CA VAL HA 124 -9.85 69.14 -0.21
C VAL HA 124 -9.66 67.83 0.54
N PRO HA 125 -8.69 67.72 1.44
CA PRO HA 125 -8.30 66.42 1.98
C PRO HA 125 -9.30 65.94 3.01
N PRO HA 126 -9.24 64.66 3.40
CA PRO HA 126 -10.25 64.12 4.33
C PRO HA 126 -10.27 64.87 5.66
N ASN HA 127 -11.46 64.98 6.23
CA ASN HA 127 -11.72 65.58 7.53
C ASN HA 127 -11.42 67.08 7.57
N PHE HA 128 -11.43 67.75 6.43
CA PHE HA 128 -11.41 69.21 6.46
C PHE HA 128 -12.81 69.72 6.14
N PRO HA 129 -13.35 70.66 6.92
CA PRO HA 129 -14.72 71.11 6.68
C PRO HA 129 -14.81 72.08 5.52
N THR HA 130 -15.69 71.79 4.57
CA THR HA 130 -15.90 72.66 3.43
C THR HA 130 -16.87 73.80 3.72
N GLU HA 131 -17.63 73.72 4.82
CA GLU HA 131 -18.73 74.65 5.04
C GLU HA 131 -18.17 76.01 5.42
N GLY HA 132 -18.32 76.99 4.52
CA GLY HA 132 -17.94 78.35 4.78
C GLY HA 132 -16.79 78.84 3.94
N LEU HA 133 -16.30 78.03 3.01
CA LEU HA 133 -15.10 78.36 2.27
C LEU HA 133 -15.34 79.55 1.36
N SER HA 134 -14.40 80.47 1.36
CA SER HA 134 -14.36 81.58 0.43
C SER HA 134 -13.57 81.18 -0.82
N PRO HA 135 -13.77 81.88 -1.93
CA PRO HA 135 -12.95 81.57 -3.12
C PRO HA 135 -11.46 81.72 -2.85
N SER HA 136 -11.07 82.78 -2.12
CA SER HA 136 -9.67 82.94 -1.72
C SER HA 136 -9.15 81.69 -1.02
N GLN HA 137 -9.91 81.18 -0.06
CA GLN HA 137 -9.46 80.02 0.71
C GLN HA 137 -9.35 78.77 -0.16
N VAL HA 138 -10.27 78.61 -1.12
CA VAL HA 138 -10.27 77.41 -1.95
C VAL HA 138 -8.96 77.30 -2.74
N THR HA 139 -8.39 78.44 -3.15
CA THR HA 139 -7.09 78.45 -3.83
C THR HA 139 -5.96 77.91 -2.96
N MET HA 140 -6.16 77.78 -1.65
CA MET HA 140 -5.10 77.29 -0.78
C MET HA 140 -5.01 75.77 -0.78
N PHE HA 141 -5.94 75.09 -1.40
CA PHE HA 141 -5.85 73.66 -1.68
C PHE HA 141 -5.16 73.45 -3.02
N PRO HA 142 -4.78 72.22 -3.35
CA PRO HA 142 -4.50 71.90 -4.75
C PRO HA 142 -5.69 72.27 -5.61
N HIS HA 143 -5.44 73.01 -6.69
CA HIS HA 143 -6.56 73.59 -7.42
C HIS HA 143 -6.20 73.84 -8.88
N ILE HA 144 -7.23 74.09 -9.67
CA ILE HA 144 -7.12 74.61 -11.03
C ILE HA 144 -8.16 75.71 -11.19
N ILE HA 145 -7.78 76.78 -11.87
CA ILE HA 145 -8.70 77.87 -12.16
C ILE HA 145 -8.93 77.86 -13.66
N VAL HA 146 -10.17 77.60 -14.08
CA VAL HA 146 -10.52 77.42 -15.47
C VAL HA 146 -11.52 78.48 -15.88
N ASP HA 147 -11.30 79.06 -17.06
CA ASP HA 147 -12.19 80.11 -17.56
C ASP HA 147 -13.41 79.47 -18.19
N VAL HA 148 -14.59 80.04 -17.92
CA VAL HA 148 -15.84 79.43 -18.40
C VAL HA 148 -15.93 79.35 -19.92
N ARG HA 149 -15.19 80.18 -20.65
CA ARG HA 149 -15.26 80.13 -22.10
C ARG HA 149 -14.25 79.16 -22.71
N GLN HA 150 -13.52 78.42 -21.88
CA GLN HA 150 -12.55 77.46 -22.38
C GLN HA 150 -13.22 76.33 -23.14
N LEU HA 151 -12.61 75.92 -24.25
CA LEU HA 151 -13.11 74.82 -25.08
C LEU HA 151 -12.52 73.48 -24.65
N GLU HA 152 -11.21 73.44 -24.42
CA GLU HA 152 -10.51 72.18 -24.16
C GLU HA 152 -10.75 71.72 -22.73
N PRO HA 153 -10.92 70.41 -22.52
CA PRO HA 153 -11.10 69.88 -21.16
C PRO HA 153 -9.85 70.10 -20.31
N VAL HA 154 -10.09 70.28 -19.01
CA VAL HA 154 -9.02 70.46 -18.02
C VAL HA 154 -8.89 69.18 -17.20
N LEU HA 155 -7.63 68.79 -16.92
CA LEU HA 155 -7.31 67.55 -16.23
C LEU HA 155 -6.85 67.82 -14.80
N ILE HA 156 -7.45 67.12 -13.84
CA ILE HA 156 -7.12 67.24 -12.42
C ILE HA 156 -6.74 65.87 -11.91
N PRO HA 157 -5.59 65.71 -11.24
CA PRO HA 157 -5.32 64.45 -10.53
C PRO HA 157 -5.96 64.44 -9.14
N LEU HA 158 -6.53 63.29 -8.79
CA LEU HA 158 -7.18 63.10 -7.48
C LEU HA 158 -6.60 61.89 -6.75
N PRO HA 159 -5.58 62.07 -5.95
CA PRO HA 159 -4.95 60.93 -5.27
C PRO HA 159 -5.68 60.52 -4.01
N ASP HA 160 -5.53 59.26 -3.64
CA ASP HA 160 -6.28 58.68 -2.51
C ASP HA 160 -5.53 58.91 -1.20
N VAL HA 161 -5.43 60.18 -0.83
CA VAL HA 161 -4.90 60.56 0.48
C VAL HA 161 -5.74 59.93 1.59
N ARG HA 162 -5.07 59.30 2.55
CA ARG HA 162 -5.73 58.53 3.59
C ARG HA 162 -4.71 58.19 4.67
N ASN HA 163 -5.21 57.70 5.80
CA ASN HA 163 -4.35 57.30 6.91
C ASN HA 163 -4.57 55.84 7.30
N ASN HA 164 -5.20 55.06 6.43
CA ASN HA 164 -5.36 53.63 6.64
C ASN HA 164 -4.93 52.90 5.37
N PHE HA 165 -4.90 51.58 5.45
CA PHE HA 165 -4.40 50.80 4.33
C PHE HA 165 -5.34 50.89 3.13
N TYR HA 166 -6.64 50.92 3.37
CA TYR HA 166 -7.62 50.93 2.29
C TYR HA 166 -9.01 51.26 2.84
N HIS HA 167 -9.97 51.36 1.93
CA HIS HA 167 -11.33 51.77 2.23
C HIS HA 167 -12.29 50.60 2.06
N TYR HA 168 -13.31 50.52 2.91
CA TYR HA 168 -14.39 49.56 2.74
C TYR HA 168 -15.56 50.20 2.00
N ASN HA 169 -16.16 49.43 1.09
CA ASN HA 169 -17.33 49.92 0.37
C ASN HA 169 -18.49 50.19 1.31
N GLN HA 170 -18.66 49.35 2.33
CA GLN HA 170 -19.80 49.42 3.24
C GLN HA 170 -19.63 50.43 4.36
N SER HA 171 -18.52 51.17 4.40
CA SER HA 171 -18.30 52.18 5.43
C SER HA 171 -18.35 53.58 4.81
N ASN HA 172 -18.57 54.57 5.67
CA ASN HA 172 -18.61 55.97 5.27
C ASN HA 172 -17.38 56.72 5.74
N ASP HA 173 -16.27 56.01 5.88
CA ASP HA 173 -14.98 56.61 6.16
C ASP HA 173 -14.71 57.70 5.13
N PRO HA 174 -14.27 58.89 5.54
CA PRO HA 174 -14.15 59.98 4.58
C PRO HA 174 -12.91 59.87 3.71
N THR HA 175 -13.04 60.37 2.48
CA THR HA 175 -11.97 60.36 1.50
C THR HA 175 -11.74 61.79 1.02
N ILE HA 176 -10.68 61.97 0.23
CA ILE HA 176 -10.45 63.27 -0.40
C ILE HA 176 -11.66 63.65 -1.24
N LYS HA 177 -12.00 64.93 -1.21
CA LYS HA 177 -13.18 65.46 -1.90
C LYS HA 177 -12.72 66.43 -2.98
N LEU HA 178 -13.36 66.36 -4.14
CA LEU HA 178 -13.20 67.38 -5.18
C LEU HA 178 -14.40 68.32 -5.19
N ILE HA 179 -14.15 69.63 -5.08
CA ILE HA 179 -15.20 70.63 -4.98
C ILE HA 179 -14.99 71.67 -6.07
N ALA HA 180 -16.08 72.13 -6.68
CA ALA HA 180 -16.06 73.18 -7.68
C ALA HA 180 -16.97 74.33 -7.28
N MET HA 181 -16.43 75.55 -7.29
CA MET HA 181 -17.22 76.75 -7.06
C MET HA 181 -16.79 77.85 -8.01
N LEU HA 182 -17.67 78.85 -8.16
CA LEU HA 182 -17.36 80.04 -8.93
C LEU HA 182 -16.26 80.84 -8.22
N TYR HA 183 -15.16 81.09 -8.92
CA TYR HA 183 -14.02 81.79 -8.33
C TYR HA 183 -14.18 83.30 -8.46
N THR HA 184 -14.72 83.76 -9.59
CA THR HA 184 -15.13 85.13 -9.84
C THR HA 184 -16.55 85.09 -10.36
N PRO HA 185 -17.36 86.12 -10.08
CA PRO HA 185 -18.77 86.05 -10.48
C PRO HA 185 -18.94 85.83 -11.97
N LEU HA 186 -19.96 85.05 -12.31
CA LEU HA 186 -20.28 84.75 -13.71
C LEU HA 186 -21.15 85.85 -14.28
N ARG HA 187 -20.71 86.44 -15.39
CA ARG HA 187 -21.50 87.41 -16.11
C ARG HA 187 -21.78 86.88 -17.52
N ALA HA 188 -23.04 86.91 -17.92
CA ALA HA 188 -23.47 86.32 -19.18
C ALA HA 188 -24.73 87.00 -19.73
N VAL HA 195 -30.36 84.22 -18.62
CA VAL HA 195 -31.00 82.95 -18.94
C VAL HA 195 -29.94 81.92 -19.34
N PHE HA 196 -28.81 82.40 -19.87
CA PHE HA 196 -27.77 81.51 -20.38
C PHE HA 196 -27.16 80.67 -19.27
N THR HA 197 -27.49 79.39 -19.26
CA THR HA 197 -26.91 78.45 -18.32
C THR HA 197 -25.78 77.68 -18.97
N VAL HA 198 -24.69 77.51 -18.24
CA VAL HA 198 -23.50 76.81 -18.71
C VAL HA 198 -23.57 75.36 -18.25
N SER HA 199 -23.71 74.44 -19.20
CA SER HA 199 -23.72 73.01 -18.87
C SER HA 199 -22.27 72.55 -18.65
N CYS HA 200 -22.04 71.85 -17.55
CA CYS HA 200 -20.71 71.34 -17.22
C CYS HA 200 -20.76 69.83 -17.01
N ARG HA 201 -19.68 69.15 -17.41
CA ARG HA 201 -19.61 67.71 -17.29
C ARG HA 201 -18.27 67.30 -16.69
N VAL HA 202 -18.33 66.35 -15.76
CA VAL HA 202 -17.15 65.81 -15.08
C VAL HA 202 -16.98 64.36 -15.49
N LEU HA 203 -15.82 64.04 -16.05
CA LEU HA 203 -15.47 62.68 -16.43
C LEU HA 203 -14.26 62.23 -15.61
N THR HA 204 -14.13 60.92 -15.41
CA THR HA 204 -13.08 60.37 -14.57
C THR HA 204 -12.55 59.08 -15.18
N ARG HA 205 -11.40 58.66 -14.66
CA ARG HA 205 -10.83 57.34 -14.94
C ARG HA 205 -9.86 57.01 -13.83
N PRO HA 206 -9.68 55.73 -13.50
CA PRO HA 206 -8.80 55.39 -12.37
C PRO HA 206 -7.34 55.60 -12.71
N SER HA 207 -6.59 56.06 -11.71
CA SER HA 207 -5.13 56.10 -11.81
C SER HA 207 -4.61 54.68 -11.98
N PRO HA 208 -3.35 54.49 -12.39
CA PRO HA 208 -2.80 53.13 -12.42
C PRO HA 208 -2.74 52.43 -11.06
N ASP HA 209 -2.67 53.17 -9.96
CA ASP HA 209 -2.57 52.58 -8.64
C ASP HA 209 -3.92 52.23 -8.02
N PHE HA 210 -5.02 52.53 -8.70
CA PHE HA 210 -6.32 52.12 -8.17
C PHE HA 210 -6.53 50.63 -8.37
N ASP HA 211 -7.14 50.00 -7.37
CA ASP HA 211 -7.46 48.58 -7.44
C ASP HA 211 -8.51 48.25 -6.41
N PHE HA 212 -9.30 47.23 -6.70
CA PHE HA 212 -10.25 46.69 -5.73
C PHE HA 212 -9.54 45.65 -4.88
N ILE HA 213 -10.17 45.28 -3.77
CA ILE HA 213 -9.45 44.43 -2.84
C ILE HA 213 -10.02 43.04 -2.56
N PHE HA 214 -11.25 42.91 -2.15
CA PHE HA 214 -11.75 41.58 -1.78
C PHE HA 214 -12.95 41.21 -2.64
N LEU HA 215 -12.80 40.13 -3.41
CA LEU HA 215 -13.87 39.63 -4.26
C LEU HA 215 -15.02 39.09 -3.42
N VAL HA 216 -16.24 39.50 -3.73
CA VAL HA 216 -17.36 39.15 -2.86
C VAL HA 216 -18.60 38.98 -3.74
N PRO HA 217 -19.60 38.20 -3.35
CA PRO HA 217 -20.79 38.03 -4.20
C PRO HA 217 -21.64 39.29 -4.26
N PRO HA 218 -22.11 39.69 -5.44
CA PRO HA 218 -23.08 40.80 -5.50
C PRO HA 218 -24.41 40.35 -4.92
N THR HA 219 -24.62 40.61 -3.64
CA THR HA 219 -25.89 40.33 -2.98
C THR HA 219 -26.76 41.59 -2.92
N VAL HA 220 -28.04 41.38 -2.59
CA VAL HA 220 -29.00 42.47 -2.48
C VAL HA 220 -28.78 43.26 -1.20
N GLU HA 221 -28.50 42.57 -0.09
CA GLU HA 221 -28.29 43.24 1.19
C GLU HA 221 -27.07 44.17 1.17
N SER HA 222 -26.21 44.07 0.16
CA SER HA 222 -25.04 44.95 0.10
C SER HA 222 -25.46 46.40 -0.01
N ARG HA 223 -26.49 46.66 -0.83
CA ARG HA 223 -26.93 48.02 -1.18
C ARG HA 223 -25.87 48.70 -2.03
N THR HA 224 -25.31 47.94 -2.97
CA THR HA 224 -24.38 48.46 -3.97
C THR HA 224 -25.03 48.57 -5.34
N LYS HA 225 -26.29 48.16 -5.45
CA LYS HA 225 -27.02 48.34 -6.69
C LYS HA 225 -27.19 49.83 -6.93
N PRO HA 226 -26.89 50.33 -8.12
CA PRO HA 226 -27.01 51.77 -8.36
C PRO HA 226 -28.47 52.18 -8.48
N PHE HA 227 -28.71 53.46 -8.23
CA PHE HA 227 -30.08 53.97 -8.20
C PHE HA 227 -30.65 54.06 -9.61
N THR HA 228 -31.90 53.65 -9.75
CA THR HA 228 -32.59 53.66 -11.02
C THR HA 228 -34.04 54.08 -10.79
N VAL HA 229 -34.72 54.33 -11.90
CA VAL HA 229 -36.11 54.77 -11.92
C VAL HA 229 -36.81 53.85 -12.93
N PRO HA 230 -37.99 53.33 -12.61
CA PRO HA 230 -38.59 52.32 -13.48
C PRO HA 230 -38.84 52.84 -14.89
N ILE HA 231 -38.73 51.93 -15.85
CA ILE HA 231 -38.98 52.26 -17.25
C ILE HA 231 -40.46 52.36 -17.56
N LEU HA 232 -41.32 52.13 -16.57
CA LEU HA 232 -42.75 52.15 -16.82
C LEU HA 232 -43.20 53.52 -17.29
N THR HA 233 -44.22 53.53 -18.12
CA THR HA 233 -44.80 54.74 -18.66
C THR HA 233 -45.81 55.34 -17.68
N VAL HA 234 -46.00 56.66 -17.77
CA VAL HA 234 -47.02 57.33 -16.97
C VAL HA 234 -48.37 56.67 -17.18
N GLU HA 235 -48.69 56.35 -18.43
CA GLU HA 235 -49.97 55.73 -18.77
C GLU HA 235 -50.17 54.40 -18.04
N GLU HA 236 -49.09 53.63 -17.88
CA GLU HA 236 -49.20 52.29 -17.27
C GLU HA 236 -48.96 52.27 -15.77
N MET HA 237 -48.75 53.42 -15.12
CA MET HA 237 -48.52 53.41 -13.67
C MET HA 237 -49.80 53.84 -12.95
N THR HA 238 -49.71 53.88 -11.62
CA THR HA 238 -50.88 53.97 -10.76
C THR HA 238 -50.68 55.07 -9.73
N ASN HA 239 -51.77 55.77 -9.41
CA ASN HA 239 -51.72 56.80 -8.38
C ASN HA 239 -51.53 56.18 -7.00
N SER HA 240 -50.75 56.86 -6.17
CA SER HA 240 -50.38 56.35 -4.86
C SER HA 240 -51.30 56.84 -3.74
N ARG HA 241 -52.32 57.63 -4.07
CA ARG HA 241 -53.26 58.18 -3.10
C ARG HA 241 -54.67 57.67 -3.29
N PHE HA 242 -54.95 56.91 -4.35
CA PHE HA 242 -56.26 56.35 -4.63
C PHE HA 242 -56.10 55.22 -5.64
N PRO HA 243 -56.84 54.11 -5.49
CA PRO HA 243 -56.63 52.97 -6.38
C PRO HA 243 -57.13 53.22 -7.80
N ILE HA 244 -56.49 54.15 -8.49
CA ILE HA 244 -56.83 54.48 -9.89
C ILE HA 244 -55.55 54.66 -10.68
N PRO HA 245 -55.61 54.40 -11.99
CA PRO HA 245 -54.42 54.59 -12.82
C PRO HA 245 -54.05 56.06 -12.94
N LEU HA 246 -52.78 56.29 -13.29
CA LEU HA 246 -52.29 57.62 -13.61
C LEU HA 246 -52.75 58.04 -15.00
N GLU HA 247 -52.70 59.36 -15.25
CA GLU HA 247 -53.28 59.88 -16.48
C GLU HA 247 -52.40 60.91 -17.16
N LYS HA 248 -51.91 61.90 -16.42
CA LYS HA 248 -51.06 62.91 -17.02
C LYS HA 248 -50.09 63.46 -15.98
N LEU HA 249 -49.11 64.23 -16.47
CA LEU HA 249 -48.17 64.96 -15.64
C LEU HA 249 -48.61 66.42 -15.54
N PHE HA 250 -48.55 66.97 -14.33
CA PHE HA 250 -49.05 68.32 -14.08
C PHE HA 250 -48.05 69.13 -13.27
N THR HA 251 -47.82 70.38 -13.71
CA THR HA 251 -47.06 71.35 -12.95
C THR HA 251 -47.98 72.50 -12.57
N GLY HA 252 -47.82 73.02 -11.36
CA GLY HA 252 -48.55 74.20 -10.96
C GLY HA 252 -47.94 74.91 -9.76
N PRO HA 253 -48.29 76.17 -9.58
CA PRO HA 253 -47.87 76.88 -8.37
C PRO HA 253 -48.62 76.36 -7.15
N SER HA 254 -47.93 76.35 -6.02
CA SER HA 254 -48.47 75.74 -4.81
C SER HA 254 -48.44 76.71 -3.63
N GLY HA 255 -48.45 78.02 -3.89
CA GLY HA 255 -48.41 78.98 -2.80
C GLY HA 255 -49.68 78.98 -1.98
N ALA HA 256 -50.82 78.79 -2.65
CA ALA HA 256 -52.10 78.79 -1.95
C ALA HA 256 -52.24 77.57 -1.04
N PHE HA 257 -51.76 76.42 -1.47
CA PHE HA 257 -51.99 75.17 -0.78
C PHE HA 257 -50.82 74.85 0.16
N VAL HA 258 -51.00 73.77 0.91
CA VAL HA 258 -49.92 73.13 1.66
C VAL HA 258 -49.84 71.70 1.15
N VAL HA 259 -48.74 71.37 0.47
CA VAL HA 259 -48.57 70.06 -0.14
C VAL HA 259 -47.99 69.14 0.92
N GLN HA 260 -48.85 68.34 1.56
CA GLN HA 260 -48.37 67.45 2.59
C GLN HA 260 -49.10 66.10 2.55
N PRO HA 261 -49.16 65.43 1.40
CA PRO HA 261 -49.84 64.13 1.36
C PRO HA 261 -49.12 63.12 2.23
N GLN HA 262 -49.86 62.11 2.67
CA GLN HA 262 -49.28 61.07 3.52
C GLN HA 262 -49.24 59.70 2.85
N ASN HA 263 -49.85 59.54 1.68
CA ASN HA 263 -49.70 58.35 0.87
C ASN HA 263 -48.80 58.65 -0.32
N GLY HA 264 -48.12 57.62 -0.80
CA GLY HA 264 -47.13 57.82 -1.85
C GLY HA 264 -46.01 58.74 -1.42
N ARG HA 265 -45.49 58.53 -0.21
CA ARG HA 265 -44.37 59.28 0.31
C ARG HA 265 -43.26 58.28 0.64
N CYS HA 266 -42.15 58.36 -0.09
CA CYS HA 266 -41.06 57.41 0.07
C CYS HA 266 -39.74 58.03 -0.37
N THR HA 267 -38.67 57.65 0.34
CA THR HA 267 -37.34 58.15 0.04
C THR HA 267 -36.71 57.31 -1.07
N THR HA 268 -35.82 57.93 -1.84
CA THR HA 268 -35.12 57.24 -2.91
C THR HA 268 -34.43 55.94 -2.45
N ASP HA 269 -33.94 55.89 -1.21
CA ASP HA 269 -33.34 54.65 -0.72
C ASP HA 269 -34.36 53.73 -0.06
N GLY HA 270 -35.65 53.99 -0.23
CA GLY HA 270 -36.68 53.02 0.11
C GLY HA 270 -37.25 53.11 1.50
N VAL HA 271 -37.19 54.27 2.15
CA VAL HA 271 -37.81 54.45 3.46
C VAL HA 271 -39.22 54.99 3.26
N LEU HA 272 -40.22 54.24 3.73
CA LEU HA 272 -41.60 54.68 3.65
C LEU HA 272 -41.88 55.75 4.69
N LEU HA 273 -42.77 56.69 4.35
CA LEU HA 273 -43.05 57.84 5.17
C LEU HA 273 -44.56 58.00 5.32
N GLY HA 274 -44.96 58.70 6.38
CA GLY HA 274 -46.38 58.98 6.60
C GLY HA 274 -47.17 57.70 6.74
N THR HA 275 -48.30 57.63 6.04
CA THR HA 275 -49.16 56.45 6.07
C THR HA 275 -48.95 55.55 4.87
N THR HA 276 -47.78 55.63 4.24
CA THR HA 276 -47.57 54.95 2.96
C THR HA 276 -47.29 53.47 3.19
N GLN HA 277 -47.90 52.64 2.35
CA GLN HA 277 -47.66 51.21 2.32
C GLN HA 277 -47.45 50.77 0.88
N LEU HA 278 -47.22 49.48 0.68
CA LEU HA 278 -46.75 48.99 -0.61
C LEU HA 278 -47.87 48.53 -1.55
N SER HA 279 -49.02 48.12 -1.02
CA SER HA 279 -50.05 47.53 -1.86
C SER HA 279 -50.83 48.64 -2.57
N PRO HA 280 -50.92 48.62 -3.91
CA PRO HA 280 -51.66 49.67 -4.62
C PRO HA 280 -53.17 49.55 -4.51
N VAL HA 281 -53.69 48.48 -3.91
CA VAL HA 281 -55.13 48.25 -3.83
C VAL HA 281 -55.68 48.74 -2.51
N ASN HA 282 -54.83 48.71 -1.47
CA ASN HA 282 -55.24 49.08 -0.12
C ASN HA 282 -55.10 50.58 0.18
N ILE HA 283 -55.19 51.44 -0.84
CA ILE HA 283 -54.82 52.84 -0.63
C ILE HA 283 -55.96 53.70 -0.09
N CYS HA 284 -57.17 53.16 0.01
CA CYS HA 284 -58.26 53.84 0.71
C CYS HA 284 -59.31 52.84 1.19
N THR HA 285 -58.85 51.72 1.73
CA THR HA 285 -59.71 50.66 2.20
C THR HA 285 -59.76 50.67 3.71
N PHE HA 286 -60.80 50.04 4.26
CA PHE HA 286 -60.90 49.83 5.69
C PHE HA 286 -61.38 48.41 5.94
N ARG HA 287 -60.85 47.79 7.00
CA ARG HA 287 -61.24 46.45 7.40
C ARG HA 287 -61.45 46.43 8.90
N GLY HA 288 -62.54 45.79 9.34
CA GLY HA 288 -62.77 45.66 10.77
C GLY HA 288 -64.16 45.17 11.08
N ASP HA 289 -64.52 45.31 12.35
CA ASP HA 289 -65.83 44.91 12.87
C ASP HA 289 -66.74 46.13 12.88
N VAL HA 290 -68.03 45.90 12.64
CA VAL HA 290 -68.95 47.00 12.42
C VAL HA 290 -70.09 46.95 13.42
N THR HA 291 -70.60 48.14 13.76
CA THR HA 291 -71.58 48.37 14.81
C THR HA 291 -72.61 49.35 14.28
N HIS HA 292 -73.89 49.06 14.51
CA HIS HA 292 -74.94 50.00 14.10
C HIS HA 292 -75.05 51.15 15.08
N ILE HA 293 -75.33 52.34 14.55
CA ILE HA 293 -75.64 53.51 15.35
C ILE HA 293 -77.16 53.71 15.35
N ALA HA 294 -77.75 53.62 16.54
CA ALA HA 294 -79.20 53.46 16.66
C ALA HA 294 -79.95 54.65 16.06
N GLY HA 295 -80.95 54.35 15.24
CA GLY HA 295 -81.85 55.35 14.69
C GLY HA 295 -81.43 55.96 13.38
N THR HA 296 -80.25 55.62 12.85
CA THR HA 296 -79.76 56.18 11.61
C THR HA 296 -79.38 55.05 10.67
N HIS HA 297 -78.91 55.42 9.47
CA HIS HA 297 -78.31 54.48 8.54
C HIS HA 297 -76.79 54.47 8.64
N ASP HA 298 -76.24 54.93 9.77
CA ASP HA 298 -74.81 55.02 9.97
C ASP HA 298 -74.30 53.80 10.71
N TYR HA 299 -73.06 53.41 10.39
CA TYR HA 299 -72.39 52.31 11.08
C TYR HA 299 -71.00 52.76 11.53
N THR HA 300 -70.54 52.19 12.64
CA THR HA 300 -69.22 52.46 13.18
C THR HA 300 -68.33 51.23 12.98
N MET HA 301 -67.16 51.45 12.41
CA MET HA 301 -66.20 50.38 12.15
C MET HA 301 -65.01 50.52 13.09
N ASN HA 302 -64.79 49.50 13.93
CA ASN HA 302 -63.57 49.40 14.72
C ASN HA 302 -62.52 48.68 13.89
N LEU HA 303 -61.42 49.36 13.62
CA LEU HA 303 -60.51 48.95 12.55
C LEU HA 303 -59.56 47.86 13.01
N ALA HA 304 -59.10 47.06 12.04
CA ALA HA 304 -58.02 46.11 12.23
C ALA HA 304 -56.98 46.31 11.12
N SER HA 305 -55.85 45.62 11.25
CA SER HA 305 -54.75 45.79 10.31
C SER HA 305 -55.12 45.23 8.94
N GLN HA 306 -54.20 45.39 7.98
CA GLN HA 306 -54.46 44.94 6.61
C GLN HA 306 -54.68 43.43 6.55
N ASN HA 307 -53.95 42.67 7.37
CA ASN HA 307 -54.11 41.22 7.45
C ASN HA 307 -55.15 40.82 8.50
N TRP HA 308 -55.85 41.79 9.08
CA TRP HA 308 -56.85 41.63 10.14
C TRP HA 308 -56.20 41.37 11.49
N ASN HA 309 -54.96 41.80 11.67
CA ASN HA 309 -54.34 41.83 12.98
C ASN HA 309 -54.99 42.91 13.84
N ASN HA 310 -54.75 42.82 15.15
CA ASN HA 310 -55.16 43.90 16.02
C ASN HA 310 -54.47 45.20 15.61
N TYR HA 311 -55.17 46.32 15.77
CA TYR HA 311 -54.62 47.62 15.45
C TYR HA 311 -54.06 48.26 16.71
N ASP HA 312 -52.80 48.70 16.64
CA ASP HA 312 -52.13 49.36 17.76
C ASP HA 312 -51.98 50.84 17.45
N PRO HA 313 -52.55 51.75 18.24
CA PRO HA 313 -52.43 53.18 17.92
C PRO HA 313 -51.12 53.81 18.33
N THR HA 314 -50.21 53.05 18.96
CA THR HA 314 -48.92 53.55 19.38
C THR HA 314 -47.84 53.20 18.36
N GLU HA 315 -48.24 52.99 17.10
CA GLU HA 315 -47.37 52.53 16.03
C GLU HA 315 -46.34 53.57 15.59
N GLU HA 316 -46.47 54.83 16.00
CA GLU HA 316 -45.59 55.92 15.60
C GLU HA 316 -45.89 56.39 14.18
N ILE HA 317 -47.07 56.07 13.69
CA ILE HA 317 -47.54 56.45 12.36
C ILE HA 317 -48.70 57.42 12.57
N PRO HA 318 -48.89 58.42 11.70
CA PRO HA 318 -50.06 59.31 11.86
C PRO HA 318 -51.39 58.59 11.87
N ALA HA 319 -51.49 57.43 11.23
CA ALA HA 319 -52.73 56.68 11.11
C ALA HA 319 -52.40 55.31 10.55
N PRO HA 320 -53.35 54.37 10.50
CA PRO HA 320 -53.08 53.09 9.85
C PRO HA 320 -52.71 53.30 8.38
N LEU HA 321 -51.82 52.45 7.88
CA LEU HA 321 -51.33 52.61 6.52
C LEU HA 321 -52.47 52.46 5.52
N GLY HA 322 -52.51 53.37 4.56
CA GLY HA 322 -53.57 53.42 3.58
C GLY HA 322 -54.72 54.33 3.95
N THR HA 323 -54.65 55.00 5.09
CA THR HA 323 -55.71 55.90 5.50
C THR HA 323 -55.78 57.07 4.53
N PRO HA 324 -56.98 57.47 4.10
CA PRO HA 324 -57.10 58.60 3.18
C PRO HA 324 -56.36 59.83 3.71
N ASP HA 325 -55.73 60.58 2.80
CA ASP HA 325 -54.89 61.70 3.15
C ASP HA 325 -55.45 63.02 2.63
N PHE HA 326 -56.77 63.10 2.49
CA PHE HA 326 -57.44 64.31 2.08
C PHE HA 326 -58.79 64.39 2.79
N VAL HA 327 -59.38 65.58 2.78
CA VAL HA 327 -60.70 65.79 3.34
C VAL HA 327 -61.72 65.72 2.20
N GLY HA 328 -62.72 64.85 2.37
CA GLY HA 328 -63.74 64.68 1.35
C GLY HA 328 -64.61 63.50 1.72
N LYS HA 329 -65.62 63.28 0.89
CA LYS HA 329 -66.53 62.15 1.07
C LYS HA 329 -66.26 61.11 -0.01
N ILE HA 330 -65.80 59.93 0.41
CA ILE HA 330 -65.45 58.84 -0.48
C ILE HA 330 -66.57 57.82 -0.47
N GLN HA 331 -67.14 57.53 -1.63
CA GLN HA 331 -68.19 56.53 -1.76
C GLN HA 331 -67.60 55.21 -2.23
N GLY HA 332 -68.07 54.12 -1.64
CA GLY HA 332 -67.66 52.78 -2.05
C GLY HA 332 -68.74 51.78 -1.74
N VAL HA 333 -68.32 50.61 -1.25
CA VAL HA 333 -69.22 49.50 -0.95
C VAL HA 333 -68.70 48.78 0.28
N LEU HA 334 -69.57 48.58 1.26
CA LEU HA 334 -69.25 47.73 2.39
C LEU HA 334 -69.55 46.28 2.05
N THR HA 335 -68.62 45.39 2.38
CA THR HA 335 -68.73 43.97 2.08
C THR HA 335 -68.55 43.17 3.36
N GLN HA 336 -69.34 42.11 3.51
CA GLN HA 336 -69.39 41.34 4.74
C GLN HA 336 -69.62 39.88 4.41
N THR HA 337 -69.03 39.00 5.19
CA THR HA 337 -69.18 37.56 5.02
C THR HA 337 -69.37 36.91 6.37
N THR HA 338 -70.35 36.02 6.47
CA THR HA 338 -70.66 35.33 7.73
C THR HA 338 -69.83 34.07 7.85
N ARG HA 339 -69.05 33.97 8.93
CA ARG HA 339 -68.18 32.83 9.16
C ARG HA 339 -69.00 31.56 9.45
N GLY HA 340 -68.86 30.56 8.61
CA GLY HA 340 -69.60 29.32 8.81
C GLY HA 340 -70.54 28.89 7.70
N ASP HA 341 -71.36 29.80 7.18
CA ASP HA 341 -72.27 29.46 6.11
C ASP HA 341 -71.94 30.12 4.77
N GLY HA 342 -71.13 31.17 4.77
CA GLY HA 342 -70.80 31.87 3.54
C GLY HA 342 -71.76 32.95 3.12
N SER HA 343 -72.59 33.46 4.03
CA SER HA 343 -73.49 34.56 3.69
C SER HA 343 -72.67 35.80 3.37
N THR HA 344 -73.10 36.54 2.34
CA THR HA 344 -72.41 37.76 1.92
C THR HA 344 -73.40 38.89 1.71
N ARG HA 345 -72.98 40.10 2.08
CA ARG HA 345 -73.82 41.29 1.98
C ARG HA 345 -73.00 42.44 1.40
N GLY HA 346 -73.68 43.27 0.61
CA GLY HA 346 -73.03 44.43 0.01
C GLY HA 346 -73.92 45.66 -0.08
N HIS HA 347 -73.46 46.78 0.47
CA HIS HA 347 -74.28 47.98 0.57
C HIS HA 347 -73.48 49.22 0.20
N LYS HA 348 -74.05 50.03 -0.70
CA LYS HA 348 -73.51 51.36 -0.97
C LYS HA 348 -73.26 52.12 0.32
N ALA HA 349 -72.06 52.68 0.45
CA ALA HA 349 -71.67 53.35 1.69
C ALA HA 349 -70.72 54.49 1.36
N THR HA 350 -70.54 55.37 2.33
CA THR HA 350 -69.77 56.60 2.13
C THR HA 350 -69.05 56.96 3.41
N VAL HA 351 -67.80 57.36 3.29
CA VAL HA 351 -66.99 57.82 4.41
C VAL HA 351 -66.83 59.32 4.28
N SER HA 352 -67.10 60.04 5.36
CA SER HA 352 -66.89 61.49 5.41
C SER HA 352 -65.61 61.76 6.17
N THR HA 353 -64.60 62.26 5.47
CA THR HA 353 -63.38 62.69 6.11
C THR HA 353 -63.61 64.08 6.71
N GLY HA 354 -62.77 64.45 7.66
CA GLY HA 354 -62.96 65.70 8.37
C GLY HA 354 -64.18 65.72 9.27
N SER HA 355 -65.06 64.73 9.16
CA SER HA 355 -66.11 64.51 10.14
C SER HA 355 -65.51 64.20 11.49
N VAL HA 356 -66.22 64.61 12.55
CA VAL HA 356 -65.73 64.41 13.91
C VAL HA 356 -65.65 62.94 14.30
N HIS HA 357 -66.37 62.07 13.60
CA HIS HA 357 -66.34 60.64 13.92
C HIS HA 357 -65.31 59.88 13.07
N PHE HA 358 -64.56 60.58 12.23
CA PHE HA 358 -63.46 59.99 11.47
C PHE HA 358 -62.21 60.05 12.33
N THR HA 359 -61.95 58.98 13.08
CA THR HA 359 -60.81 58.92 14.01
C THR HA 359 -60.04 57.62 13.82
N PRO HA 360 -59.36 57.45 12.68
CA PRO HA 360 -58.66 56.18 12.45
C PRO HA 360 -57.44 55.99 13.34
N LYS HA 361 -56.81 57.09 13.77
CA LYS HA 361 -55.73 56.99 14.74
C LYS HA 361 -56.22 56.39 16.06
N LEU HA 362 -57.50 56.61 16.38
CA LEU HA 362 -58.08 56.05 17.59
C LEU HA 362 -58.68 54.66 17.37
N GLY HA 363 -58.97 54.30 16.13
CA GLY HA 363 -59.37 52.94 15.83
C GLY HA 363 -60.77 52.79 15.29
N SER HA 364 -61.47 53.90 15.04
CA SER HA 364 -62.85 53.86 14.62
C SER HA 364 -63.13 54.91 13.56
N VAL HA 365 -63.96 54.54 12.58
CA VAL HA 365 -64.45 55.46 11.56
C VAL HA 365 -65.94 55.20 11.38
N GLN HA 366 -66.63 56.19 10.82
CA GLN HA 366 -68.08 56.15 10.66
C GLN HA 366 -68.44 56.12 9.18
N PHE HA 367 -69.32 55.21 8.82
CA PHE HA 367 -69.86 55.09 7.47
C PHE HA 367 -71.33 55.50 7.47
N THR HA 368 -71.79 56.02 6.33
CA THR HA 368 -73.21 56.22 6.08
C THR HA 368 -73.64 55.29 4.96
N THR HA 369 -74.59 54.43 5.24
CA THR HA 369 -74.93 53.31 4.37
C THR HA 369 -76.35 53.49 3.81
N ASP HA 370 -76.76 52.52 2.99
CA ASP HA 370 -78.13 52.46 2.49
C ASP HA 370 -78.98 51.41 3.20
N THR HA 371 -78.56 50.96 4.39
CA THR HA 371 -79.35 50.01 5.16
C THR HA 371 -79.11 50.28 6.64
N ASN HA 372 -80.13 50.01 7.46
CA ASN HA 372 -80.02 50.07 8.91
C ASN HA 372 -80.12 48.73 9.60
N ASN HA 373 -80.23 47.62 8.87
CA ASN HA 373 -80.38 46.31 9.50
C ASN HA 373 -79.50 45.20 8.93
N ASP HA 374 -79.03 45.31 7.68
CA ASP HA 374 -78.38 44.20 6.98
C ASP HA 374 -76.86 44.18 7.14
N LEU HA 375 -76.33 44.58 8.29
CA LEU HA 375 -74.90 44.45 8.56
C LEU HA 375 -74.71 43.83 9.94
N GLU HA 376 -74.31 42.56 9.97
CA GLU HA 376 -74.17 41.82 11.21
C GLU HA 376 -72.97 42.37 12.00
N THR HA 377 -72.97 42.09 13.31
CA THR HA 377 -72.02 42.76 14.19
C THR HA 377 -70.66 42.07 14.22
N GLY HA 378 -70.64 40.76 14.42
CA GLY HA 378 -69.37 40.07 14.59
C GLY HA 378 -68.58 39.76 13.34
N GLN HA 379 -69.07 40.08 12.15
CA GLN HA 379 -68.44 39.63 10.93
C GLN HA 379 -67.43 40.65 10.42
N ASN HA 380 -66.42 40.13 9.69
CA ASN HA 380 -65.39 40.96 9.10
C ASN HA 380 -65.96 41.77 7.93
N THR HA 381 -65.61 43.05 7.88
CA THR HA 381 -66.20 43.97 6.93
C THR HA 381 -65.13 44.80 6.25
N LYS HA 382 -65.25 44.94 4.93
CA LYS HA 382 -64.26 45.61 4.09
C LYS HA 382 -64.93 46.74 3.32
N PHE HA 383 -64.33 47.93 3.38
CA PHE HA 383 -64.74 49.04 2.52
C PHE HA 383 -63.87 49.07 1.26
N THR HA 384 -64.50 48.86 0.11
CA THR HA 384 -63.83 48.98 -1.17
C THR HA 384 -64.16 50.34 -1.77
N PRO HA 385 -63.18 51.25 -1.91
CA PRO HA 385 -63.51 52.58 -2.43
C PRO HA 385 -63.73 52.58 -3.94
N VAL HA 386 -64.55 53.53 -4.39
CA VAL HA 386 -64.89 53.65 -5.80
C VAL HA 386 -64.73 55.08 -6.30
N GLY HA 387 -65.22 56.05 -5.53
CA GLY HA 387 -65.19 57.42 -6.00
C GLY HA 387 -65.52 58.41 -4.90
N VAL HA 388 -65.64 59.67 -5.29
CA VAL HA 388 -65.92 60.77 -4.37
C VAL HA 388 -67.22 61.46 -4.79
N VAL HA 389 -67.84 62.14 -3.81
CA VAL HA 389 -69.12 62.80 -3.99
C VAL HA 389 -69.03 64.23 -3.46
N GLN HA 390 -70.00 65.04 -3.87
CA GLN HA 390 -70.05 66.46 -3.55
C GLN HA 390 -71.47 66.86 -3.21
N ASP HA 391 -71.61 67.75 -2.23
CA ASP HA 391 -72.91 68.33 -1.91
C ASP HA 391 -73.30 69.29 -3.03
N GLY HA 392 -74.31 68.91 -3.82
CA GLY HA 392 -74.60 69.60 -5.06
C GLY HA 392 -75.17 71.00 -4.91
N ASN HA 393 -75.67 71.34 -3.71
CA ASN HA 393 -76.25 72.64 -3.45
C ASN HA 393 -75.22 73.68 -3.04
N SER HA 394 -74.00 73.26 -2.69
CA SER HA 394 -72.93 74.17 -2.33
C SER HA 394 -72.14 74.57 -3.57
N ALA HA 395 -71.08 75.34 -3.38
CA ALA HA 395 -70.26 75.79 -4.50
C ALA HA 395 -69.64 74.60 -5.21
N HIS HA 396 -69.74 74.61 -6.55
CA HIS HA 396 -69.28 73.48 -7.34
C HIS HA 396 -67.77 73.31 -7.26
N GLN HA 397 -67.34 72.06 -7.12
CA GLN HA 397 -65.92 71.67 -7.06
C GLN HA 397 -65.24 72.15 -5.78
N ASN HA 398 -65.93 72.02 -4.65
CA ASN HA 398 -65.42 72.53 -3.38
C ASN HA 398 -65.28 71.46 -2.31
N GLU HA 399 -65.79 70.25 -2.53
CA GLU HA 399 -65.92 69.30 -1.43
C GLU HA 399 -64.61 68.55 -1.16
N PRO HA 400 -64.02 67.81 -2.14
CA PRO HA 400 -62.78 67.10 -1.83
C PRO HA 400 -61.55 68.00 -1.97
N GLN HA 401 -61.00 68.41 -0.83
CA GLN HA 401 -59.82 69.28 -0.78
C GLN HA 401 -58.59 68.39 -0.62
N GLN HA 402 -57.90 68.10 -1.73
CA GLN HA 402 -56.85 67.08 -1.70
C GLN HA 402 -55.66 67.51 -0.84
N TRP HA 403 -55.43 68.81 -0.70
CA TRP HA 403 -54.26 69.30 0.02
C TRP HA 403 -54.58 69.70 1.46
N VAL HA 404 -55.73 69.28 1.98
CA VAL HA 404 -56.09 69.50 3.37
C VAL HA 404 -56.06 68.14 4.06
N LEU HA 405 -55.21 68.00 5.08
CA LEU HA 405 -55.11 66.70 5.73
C LEU HA 405 -56.24 66.55 6.75
N PRO HA 406 -56.84 65.36 6.83
CA PRO HA 406 -57.80 65.08 7.90
C PRO HA 406 -57.16 65.13 9.28
N ASN HA 407 -58.01 65.22 10.29
CA ASN HA 407 -57.58 65.13 11.68
C ASN HA 407 -57.76 63.67 12.07
N TYR HA 408 -56.64 62.92 12.09
CA TYR HA 408 -56.72 61.48 12.25
C TYR HA 408 -57.24 61.07 13.63
N SER HA 409 -57.18 61.97 14.61
CA SER HA 409 -57.75 61.74 15.93
C SER HA 409 -58.96 62.65 16.19
N GLY HA 410 -59.65 63.05 15.12
CA GLY HA 410 -60.76 63.97 15.27
C GLY HA 410 -60.39 65.18 16.08
N ARG HA 411 -61.30 65.61 16.96
CA ARG HA 411 -61.02 66.78 17.79
C ARG HA 411 -60.19 66.45 19.02
N THR HA 412 -60.02 65.17 19.35
CA THR HA 412 -59.31 64.76 20.56
C THR HA 412 -57.78 64.78 20.33
N GLY HA 413 -57.30 65.94 19.90
CA GLY HA 413 -55.89 66.19 19.66
C GLY HA 413 -55.62 66.51 18.21
N HIS HA 414 -54.33 66.63 17.90
CA HIS HA 414 -53.85 66.94 16.56
C HIS HA 414 -53.07 65.76 15.97
N ASN HA 415 -52.80 65.86 14.68
CA ASN HA 415 -52.05 64.82 13.97
C ASN HA 415 -50.60 64.76 14.44
N VAL HA 416 -50.05 63.54 14.46
CA VAL HA 416 -48.71 63.29 14.95
C VAL HA 416 -47.93 62.52 13.89
N HIS HA 417 -46.61 62.50 14.05
CA HIS HA 417 -45.67 61.78 13.18
C HIS HA 417 -46.01 61.98 11.71
N LEU HA 418 -46.25 63.23 11.33
CA LEU HA 418 -46.63 63.53 9.96
C LEU HA 418 -45.41 63.48 9.04
N ALA HA 419 -45.65 63.09 7.80
CA ALA HA 419 -44.64 63.28 6.77
C ALA HA 419 -44.47 64.78 6.50
N PRO HA 420 -43.25 65.23 6.24
CA PRO HA 420 -43.03 66.68 6.11
C PRO HA 420 -43.76 67.25 4.90
N ALA HA 421 -43.98 68.56 4.94
CA ALA HA 421 -44.58 69.22 3.79
C ALA HA 421 -43.53 69.46 2.71
N VAL HA 422 -44.03 69.84 1.54
CA VAL HA 422 -43.25 69.83 0.31
C VAL HA 422 -43.51 71.15 -0.41
N ALA HA 423 -42.43 71.80 -0.85
CA ALA HA 423 -42.54 73.07 -1.56
C ALA HA 423 -41.32 73.24 -2.45
N PRO HA 424 -41.44 73.95 -3.57
CA PRO HA 424 -40.26 74.27 -4.37
C PRO HA 424 -39.30 75.18 -3.62
N THR HA 425 -38.01 74.92 -3.80
CA THR HA 425 -36.97 75.67 -3.10
C THR HA 425 -36.11 76.52 -4.02
N PHE HA 426 -36.09 76.24 -5.32
CA PHE HA 426 -35.25 76.89 -6.31
C PHE HA 426 -36.07 77.90 -7.10
N PRO HA 427 -35.56 79.12 -7.31
CA PRO HA 427 -36.33 80.12 -8.08
C PRO HA 427 -36.69 79.62 -9.47
N GLY HA 428 -37.96 79.75 -9.82
CA GLY HA 428 -38.46 79.35 -11.12
C GLY HA 428 -38.97 77.93 -11.20
N GLU HA 429 -38.90 77.17 -10.11
CA GLU HA 429 -39.25 75.76 -10.12
C GLU HA 429 -40.58 75.54 -9.39
N GLN HA 430 -41.33 74.57 -9.89
CA GLN HA 430 -42.58 74.13 -9.25
C GLN HA 430 -42.57 72.62 -9.11
N LEU HA 431 -43.39 72.12 -8.19
CA LEU HA 431 -43.58 70.69 -8.07
C LEU HA 431 -44.11 70.09 -9.37
N LEU HA 432 -43.75 68.84 -9.61
CA LEU HA 432 -44.28 68.05 -10.70
C LEU HA 432 -45.15 66.97 -10.08
N PHE HA 433 -46.42 66.95 -10.48
CA PHE HA 433 -47.41 66.05 -9.90
C PHE HA 433 -47.75 64.96 -10.89
N PHE HA 434 -47.98 63.76 -10.38
CA PHE HA 434 -48.55 62.67 -11.17
C PHE HA 434 -50.06 62.71 -10.97
N ARG HA 435 -50.78 63.12 -12.00
CA ARG HA 435 -52.19 63.49 -11.90
C ARG HA 435 -53.07 62.39 -12.48
N SER HA 436 -54.04 61.95 -11.67
CA SER HA 436 -55.11 61.09 -12.15
C SER HA 436 -56.43 61.71 -11.72
N THR HA 437 -57.52 61.25 -12.34
CA THR HA 437 -58.84 61.83 -12.11
C THR HA 437 -59.72 60.82 -11.39
N MET HA 438 -60.22 61.22 -10.23
CA MET HA 438 -61.04 60.33 -9.42
C MET HA 438 -62.42 60.19 -10.04
N PRO HA 439 -63.04 59.01 -9.97
CA PRO HA 439 -64.44 58.91 -10.38
C PRO HA 439 -65.32 59.69 -9.42
N GLY HA 440 -66.30 60.39 -9.98
CA GLY HA 440 -67.36 61.01 -9.19
C GLY HA 440 -68.59 60.12 -9.12
N CYS HA 441 -69.16 60.00 -7.92
CA CYS HA 441 -70.35 59.18 -7.72
C CYS HA 441 -71.62 60.00 -7.56
N SER HA 442 -71.52 61.26 -7.15
CA SER HA 442 -72.67 62.14 -7.02
C SER HA 442 -72.21 63.59 -6.90
N GLY HA 443 -72.92 64.49 -7.58
CA GLY HA 443 -72.68 65.91 -7.43
C GLY HA 443 -71.71 66.53 -8.41
N TYR HA 444 -71.03 67.59 -7.97
CA TYR HA 444 -70.06 68.33 -8.79
C TYR HA 444 -68.74 68.38 -8.02
N PRO HA 445 -68.00 67.28 -7.97
CA PRO HA 445 -66.80 67.23 -7.12
C PRO HA 445 -65.54 67.64 -7.85
N ASN HA 446 -64.55 68.04 -7.05
CA ASN HA 446 -63.20 68.31 -7.54
C ASN HA 446 -62.48 66.96 -7.69
N MET HA 447 -62.44 66.45 -8.92
CA MET HA 447 -61.98 65.10 -9.18
C MET HA 447 -60.47 65.01 -9.35
N ASN HA 448 -59.76 66.13 -9.24
CA ASN HA 448 -58.32 66.15 -9.46
C ASN HA 448 -57.57 65.56 -8.27
N LEU HA 449 -56.71 64.57 -8.54
CA LEU HA 449 -55.89 63.96 -7.51
C LEU HA 449 -54.42 63.93 -7.95
N ASP HA 450 -53.57 64.65 -7.21
CA ASP HA 450 -52.14 64.74 -7.50
C ASP HA 450 -51.38 63.98 -6.42
N CYS HA 451 -50.44 63.13 -6.84
CA CYS HA 451 -49.51 62.50 -5.92
C CYS HA 451 -48.07 62.89 -6.25
N LEU HA 452 -47.20 62.74 -5.27
CA LEU HA 452 -45.80 63.13 -5.43
C LEU HA 452 -44.98 62.06 -6.14
N LEU HA 453 -45.32 60.79 -5.95
CA LEU HA 453 -44.61 59.65 -6.53
C LEU HA 453 -45.64 58.63 -6.99
N PRO HA 454 -45.46 58.04 -8.17
CA PRO HA 454 -46.30 56.89 -8.54
C PRO HA 454 -46.10 55.74 -7.56
N GLN HA 455 -47.12 54.91 -7.43
CA GLN HA 455 -47.03 53.79 -6.50
C GLN HA 455 -45.95 52.82 -6.92
N GLU HA 456 -45.80 52.62 -8.24
CA GLU HA 456 -44.73 51.75 -8.73
C GLU HA 456 -43.36 52.29 -8.39
N TRP HA 457 -43.20 53.62 -8.37
CA TRP HA 457 -41.93 54.19 -7.92
C TRP HA 457 -41.71 53.91 -6.44
N VAL HA 458 -42.77 53.96 -5.63
CA VAL HA 458 -42.65 53.64 -4.22
C VAL HA 458 -42.17 52.20 -4.05
N LEU HA 459 -42.80 51.27 -4.77
CA LEU HA 459 -42.38 49.88 -4.75
C LEU HA 459 -40.92 49.73 -5.16
N HIS HA 460 -40.51 50.41 -6.23
CA HIS HA 460 -39.16 50.25 -6.76
C HIS HA 460 -38.12 50.73 -5.76
N PHE HA 461 -38.29 51.94 -5.22
CA PHE HA 461 -37.32 52.45 -4.25
C PHE HA 461 -37.24 51.53 -3.04
N TYR HA 462 -38.39 51.03 -2.58
CA TYR HA 462 -38.42 50.18 -1.40
C TYR HA 462 -37.59 48.92 -1.63
N GLN HA 463 -37.80 48.27 -2.78
CA GLN HA 463 -37.15 46.98 -3.05
C GLN HA 463 -35.67 47.16 -3.34
N GLU HA 464 -35.30 48.22 -4.06
CA GLU HA 464 -33.91 48.36 -4.52
C GLU HA 464 -33.04 49.00 -3.46
N ALA HA 465 -33.62 49.85 -2.60
CA ALA HA 465 -32.93 50.52 -1.50
C ALA HA 465 -31.54 51.03 -1.86
N ALA HA 466 -31.45 51.75 -2.96
CA ALA HA 466 -30.16 52.29 -3.39
C ALA HA 466 -29.82 53.51 -2.55
N PRO HA 467 -28.66 53.53 -1.88
CA PRO HA 467 -28.30 54.73 -1.11
C PRO HA 467 -28.08 55.92 -2.02
N ALA HA 468 -28.58 57.07 -1.57
CA ALA HA 468 -28.48 58.30 -2.35
C ALA HA 468 -27.09 58.91 -2.21
N GLN HA 469 -26.43 59.17 -3.34
CA GLN HA 469 -25.10 59.75 -3.33
C GLN HA 469 -25.12 61.28 -3.23
N SER HA 470 -26.29 61.89 -3.32
CA SER HA 470 -26.43 63.32 -3.06
C SER HA 470 -27.90 63.60 -2.76
N ASP HA 471 -28.22 64.86 -2.53
CA ASP HA 471 -29.56 65.23 -2.10
C ASP HA 471 -30.57 65.32 -3.24
N VAL HA 472 -30.12 65.32 -4.49
CA VAL HA 472 -30.99 65.53 -5.64
C VAL HA 472 -30.59 64.56 -6.74
N ALA HA 473 -31.56 63.84 -7.29
CA ALA HA 473 -31.36 62.95 -8.42
C ALA HA 473 -31.94 63.61 -9.67
N LEU HA 474 -31.10 63.86 -10.67
CA LEU HA 474 -31.56 64.47 -11.92
C LEU HA 474 -32.18 63.42 -12.82
N LEU HA 475 -33.43 63.65 -13.22
CA LEU HA 475 -34.13 62.77 -14.15
C LEU HA 475 -34.39 63.50 -15.46
N ARG HA 476 -34.35 62.76 -16.56
CA ARG HA 476 -34.69 63.27 -17.88
C ARG HA 476 -35.77 62.39 -18.51
N PHE HA 477 -36.72 63.02 -19.19
CA PHE HA 477 -37.83 62.35 -19.85
C PHE HA 477 -37.49 62.17 -21.32
N VAL HA 478 -37.54 60.93 -21.80
CA VAL HA 478 -36.99 60.56 -23.10
C VAL HA 478 -38.09 59.98 -23.98
N ASN HA 479 -38.07 60.37 -25.26
CA ASN HA 479 -38.90 59.73 -26.28
C ASN HA 479 -38.09 58.58 -26.86
N PRO HA 480 -38.48 57.32 -26.60
CA PRO HA 480 -37.63 56.19 -27.03
C PRO HA 480 -37.58 55.98 -28.54
N ASP HA 481 -38.50 56.57 -29.31
CA ASP HA 481 -38.44 56.42 -30.76
C ASP HA 481 -37.19 57.08 -31.33
N THR HA 482 -36.95 58.35 -30.97
CA THR HA 482 -35.78 59.07 -31.44
C THR HA 482 -34.64 59.12 -30.44
N GLY HA 483 -34.88 58.75 -29.19
CA GLY HA 483 -33.87 58.93 -28.16
C GLY HA 483 -33.81 60.33 -27.57
N ARG HA 484 -34.74 61.21 -27.96
CA ARG HA 484 -34.64 62.62 -27.64
C ARG HA 484 -35.07 62.92 -26.21
N VAL HA 485 -34.35 63.82 -25.56
CA VAL HA 485 -34.68 64.26 -24.21
C VAL HA 485 -35.70 65.38 -24.29
N LEU HA 486 -36.83 65.21 -23.60
CA LEU HA 486 -37.93 66.15 -23.70
C LEU HA 486 -37.89 67.21 -22.61
N PHE HA 487 -37.63 66.81 -21.37
CA PHE HA 487 -37.39 67.77 -20.31
C PHE HA 487 -36.57 67.09 -19.22
N GLU HA 488 -36.05 67.88 -18.30
CA GLU HA 488 -35.37 67.37 -17.12
C GLU HA 488 -36.08 67.86 -15.87
N CYS HA 489 -35.95 67.08 -14.80
CA CYS HA 489 -36.58 67.40 -13.53
C CYS HA 489 -35.69 66.89 -12.41
N LYS HA 490 -35.94 67.39 -11.20
CA LYS HA 490 -35.17 67.02 -10.01
C LYS HA 490 -36.02 66.12 -9.13
N LEU HA 491 -35.56 64.87 -8.95
CA LEU HA 491 -36.18 63.97 -8.00
C LEU HA 491 -35.43 64.14 -6.68
N HIS HA 492 -36.08 64.74 -5.70
CA HIS HA 492 -35.41 65.04 -4.45
C HIS HA 492 -35.36 63.79 -3.56
N LYS HA 493 -34.28 63.69 -2.79
CA LYS HA 493 -34.08 62.53 -1.95
C LYS HA 493 -35.29 62.29 -1.06
N SER HA 494 -35.94 63.37 -0.61
CA SER HA 494 -37.11 63.27 0.25
C SER HA 494 -38.30 62.60 -0.43
N GLY HA 495 -38.19 62.30 -1.72
CA GLY HA 495 -39.28 61.68 -2.45
C GLY HA 495 -40.34 62.60 -3.01
N TYR HA 496 -39.92 63.61 -3.76
CA TYR HA 496 -40.82 64.45 -4.54
C TYR HA 496 -40.06 65.04 -5.71
N VAL HA 497 -40.81 65.41 -6.75
CA VAL HA 497 -40.21 65.86 -8.00
C VAL HA 497 -40.54 67.32 -8.23
N THR HA 498 -39.61 68.05 -8.85
CA THR HA 498 -39.78 69.44 -9.19
C THR HA 498 -39.27 69.66 -10.61
N VAL HA 499 -39.84 70.65 -11.30
CA VAL HA 499 -39.46 70.99 -12.66
C VAL HA 499 -39.42 72.51 -12.79
N ALA HA 500 -38.73 73.00 -13.82
CA ALA HA 500 -38.55 74.43 -14.04
C ALA HA 500 -39.65 74.93 -14.98
N HIS HA 501 -40.68 75.53 -14.37
CA HIS HA 501 -41.85 76.05 -15.07
C HIS HA 501 -42.57 76.97 -14.09
N THR HA 502 -43.35 77.90 -14.62
CA THR HA 502 -44.18 78.76 -13.79
C THR HA 502 -45.58 78.86 -14.38
N GLY HA 503 -46.58 78.62 -13.55
CA GLY HA 503 -47.96 78.59 -13.97
C GLY HA 503 -48.48 77.17 -14.05
N PRO HA 504 -49.79 77.00 -13.99
CA PRO HA 504 -50.36 75.66 -14.12
C PRO HA 504 -50.24 75.16 -15.56
N HIS HA 505 -50.02 73.85 -15.69
CA HIS HA 505 -49.84 73.26 -17.02
C HIS HA 505 -49.92 71.74 -16.99
N ASP HA 506 -50.81 71.17 -17.80
CA ASP HA 506 -50.78 69.75 -18.08
C ASP HA 506 -49.72 69.48 -19.14
N LEU HA 507 -48.79 68.57 -18.86
CA LEU HA 507 -47.71 68.32 -19.79
C LEU HA 507 -48.21 67.47 -20.96
N VAL HA 508 -47.75 67.81 -22.16
CA VAL HA 508 -48.08 67.10 -23.39
C VAL HA 508 -46.92 66.17 -23.71
N ILE HA 509 -47.10 64.88 -23.46
CA ILE HA 509 -45.99 63.93 -23.49
C ILE HA 509 -46.34 62.80 -24.46
N PRO HA 510 -45.36 62.28 -25.20
CA PRO HA 510 -45.59 61.07 -25.99
C PRO HA 510 -46.06 59.94 -25.11
N PRO HA 511 -47.07 59.17 -25.54
CA PRO HA 511 -47.65 58.14 -24.67
C PRO HA 511 -46.66 57.07 -24.26
N ASN HA 512 -45.58 56.86 -25.00
CA ASN HA 512 -44.58 55.84 -24.69
C ASN HA 512 -43.30 56.40 -24.05
N GLY HA 513 -43.30 57.68 -23.67
CA GLY HA 513 -42.12 58.26 -23.04
C GLY HA 513 -41.89 57.72 -21.65
N TYR HA 514 -40.61 57.70 -21.24
CA TYR HA 514 -40.19 57.12 -19.98
C TYR HA 514 -39.23 58.06 -19.24
N PHE HA 515 -39.12 57.85 -17.93
CA PHE HA 515 -38.18 58.58 -17.09
C PHE HA 515 -36.84 57.85 -17.01
N ARG HA 516 -35.75 58.60 -17.09
CA ARG HA 516 -34.40 58.05 -17.04
C ARG HA 516 -33.56 58.80 -16.02
N PHE HA 517 -32.92 58.06 -15.11
CA PHE HA 517 -32.04 58.67 -14.12
C PHE HA 517 -30.67 58.94 -14.74
N ASP HA 518 -30.23 60.19 -14.72
CA ASP HA 518 -29.04 60.56 -15.48
C ASP HA 518 -27.86 60.98 -14.62
N SER HA 519 -28.06 61.61 -13.47
CA SER HA 519 -26.92 62.09 -12.70
C SER HA 519 -27.37 62.52 -11.32
N TRP HA 520 -26.48 62.35 -10.34
CA TRP HA 520 -26.60 63.01 -9.06
C TRP HA 520 -26.16 64.46 -9.16
N VAL HA 521 -26.94 65.36 -8.55
CA VAL HA 521 -26.68 66.80 -8.57
C VAL HA 521 -26.91 67.33 -7.16
N ASN HA 522 -26.61 68.60 -6.97
CA ASN HA 522 -26.87 69.29 -5.71
C ASN HA 522 -28.00 70.30 -5.87
N GLN HA 523 -28.27 71.01 -4.77
CA GLN HA 523 -29.38 71.95 -4.73
C GLN HA 523 -29.21 73.12 -5.67
N PHE HA 524 -27.98 73.39 -6.15
CA PHE HA 524 -27.71 74.55 -6.99
C PHE HA 524 -27.92 74.30 -8.47
N TYR HA 525 -28.28 73.07 -8.85
CA TYR HA 525 -28.48 72.75 -10.25
C TYR HA 525 -29.64 73.54 -10.83
N THR HA 526 -29.42 74.16 -11.99
CA THR HA 526 -30.41 74.98 -12.66
C THR HA 526 -31.04 74.16 -13.79
N LEU HA 527 -32.35 73.94 -13.70
CA LEU HA 527 -33.01 73.05 -14.63
C LEU HA 527 -33.31 73.79 -15.93
N ALA HA 528 -33.27 73.05 -17.03
CA ALA HA 528 -33.65 73.62 -18.30
C ALA HA 528 -35.15 73.92 -18.27
N PRO HA 529 -35.58 75.11 -18.72
CA PRO HA 529 -37.00 75.42 -18.69
C PRO HA 529 -37.81 74.49 -19.59
N MET HA 530 -39.07 74.29 -19.20
CA MET HA 530 -39.97 73.38 -19.86
C MET HA 530 -41.31 74.07 -20.07
N GLY HA 531 -41.98 73.72 -21.18
CA GLY HA 531 -43.33 74.22 -21.43
C GLY HA 531 -43.52 74.84 -22.80
N PRO IA 10 32.95 71.47 42.22
CA PRO IA 10 32.14 72.04 41.14
C PRO IA 10 30.67 72.19 41.52
N SER IA 11 30.30 71.63 42.68
CA SER IA 11 29.00 71.87 43.29
C SER IA 11 29.14 72.56 44.65
N ASP IA 12 30.31 73.07 44.98
CA ASP IA 12 30.55 73.61 46.32
C ASP IA 12 29.96 75.01 46.39
N GLY IA 13 29.00 75.22 47.27
CA GLY IA 13 28.36 76.51 47.41
C GLY IA 13 27.14 76.70 46.54
N SER IA 14 26.85 75.73 45.66
CA SER IA 14 25.68 75.73 44.79
C SER IA 14 25.11 74.33 44.83
N THR IA 15 23.83 74.21 45.22
CA THR IA 15 23.17 72.90 45.27
C THR IA 15 23.75 72.08 46.42
N ALA IA 16 25.08 71.95 46.44
CA ALA IA 16 25.83 71.48 47.60
C ALA IA 16 25.51 70.04 47.96
N ASN IA 17 25.32 69.21 46.92
CA ASN IA 17 25.03 67.78 47.07
C ASN IA 17 23.84 67.53 47.99
N LEU IA 18 23.00 68.54 48.20
CA LEU IA 18 21.87 68.49 49.13
C LEU IA 18 20.63 67.91 48.48
N VAL IA 19 20.74 67.41 47.26
CA VAL IA 19 19.58 67.35 46.38
C VAL IA 19 19.91 66.37 45.25
N PRO IA 20 18.95 65.57 44.80
CA PRO IA 20 19.27 64.59 43.74
C PRO IA 20 19.71 65.28 42.46
N GLU IA 21 20.76 64.74 41.85
CA GLU IA 21 21.31 65.36 40.64
C GLU IA 21 20.55 64.91 39.40
N VAL IA 22 20.65 63.63 39.05
CA VAL IA 22 19.94 63.09 37.90
C VAL IA 22 19.11 61.89 38.34
N ASN IA 23 18.04 61.62 37.59
CA ASN IA 23 17.28 60.39 37.72
C ASN IA 23 17.75 59.39 36.67
N ASN IA 24 18.02 58.16 37.11
CA ASN IA 24 18.42 57.11 36.19
C ASN IA 24 17.24 56.28 35.67
N GLU IA 25 16.04 56.48 36.21
CA GLU IA 25 14.88 55.70 35.79
C GLU IA 25 14.50 56.03 34.35
N VAL IA 26 14.03 55.01 33.63
CA VAL IA 26 13.65 55.13 32.23
C VAL IA 26 12.30 54.48 32.01
N MET IA 27 11.45 55.12 31.21
CA MET IA 27 10.18 54.54 30.81
C MET IA 27 10.36 53.37 29.85
N ALA IA 28 9.76 52.24 30.19
CA ALA IA 28 9.89 51.00 29.42
C ALA IA 28 8.96 51.05 28.21
N LEU IA 29 9.32 51.91 27.26
CA LEU IA 29 8.60 52.06 26.00
C LEU IA 29 9.51 51.70 24.84
N GLU IA 30 8.97 50.96 23.86
CA GLU IA 30 9.71 50.71 22.64
C GLU IA 30 9.75 51.96 21.78
N PRO IA 31 10.70 52.05 20.85
CA PRO IA 31 10.66 53.12 19.86
C PRO IA 31 9.45 52.99 18.95
N VAL IA 32 8.96 54.15 18.49
CA VAL IA 32 7.76 54.23 17.67
C VAL IA 32 8.02 55.16 16.51
N VAL IA 33 7.78 54.68 15.29
CA VAL IA 33 8.07 55.48 14.11
C VAL IA 33 7.09 56.63 14.00
N GLY IA 34 7.57 57.78 13.52
CA GLY IA 34 6.72 58.93 13.32
C GLY IA 34 6.10 58.97 11.94
N ALA IA 35 6.25 60.09 11.25
CA ALA IA 35 5.52 60.30 10.00
C ALA IA 35 6.19 59.63 8.80
N ALA IA 36 7.38 59.06 8.98
CA ALA IA 36 8.06 58.40 7.86
C ALA IA 36 7.20 57.28 7.28
N ILE IA 37 6.57 56.49 8.15
CA ILE IA 37 5.73 55.39 7.71
C ILE IA 37 4.56 55.89 6.86
N ALA IA 38 4.14 57.15 7.04
CA ALA IA 38 2.95 57.68 6.40
C ALA IA 38 3.21 58.25 5.01
N ALA IA 39 4.47 58.34 4.59
CA ALA IA 39 4.79 59.04 3.35
C ALA IA 39 4.06 58.49 2.12
N PRO IA 40 3.92 57.17 1.91
CA PRO IA 40 3.21 56.71 0.71
C PRO IA 40 1.73 57.07 0.67
N VAL IA 41 1.09 57.37 1.79
CA VAL IA 41 -0.34 57.70 1.80
C VAL IA 41 -0.63 59.12 2.26
N ALA IA 42 0.37 59.88 2.70
CA ALA IA 42 0.13 61.28 2.95
C ALA IA 42 0.14 62.05 1.63
N GLY IA 43 -0.53 63.19 1.63
CA GLY IA 43 -0.53 64.03 0.45
C GLY IA 43 0.82 64.65 0.15
N GLN IA 44 1.62 64.90 1.18
CA GLN IA 44 2.79 65.73 1.05
C GLN IA 44 3.79 65.34 2.12
N GLN IA 45 5.06 65.67 1.88
CA GLN IA 45 6.13 65.47 2.85
C GLN IA 45 6.54 66.88 3.24
N ASN IA 46 6.30 67.23 4.50
CA ASN IA 46 6.49 68.60 4.93
C ASN IA 46 7.68 68.71 5.86
N VAL IA 47 8.01 69.94 6.21
CA VAL IA 47 9.23 70.24 6.93
C VAL IA 47 8.88 71.18 8.08
N ILE IA 48 9.46 70.93 9.24
CA ILE IA 48 9.33 71.79 10.40
C ILE IA 48 10.66 72.51 10.56
N ASP IA 49 10.60 73.81 10.89
CA ASP IA 49 11.79 74.61 11.05
C ASP IA 49 12.72 73.91 12.04
N PRO IA 50 13.96 73.59 11.64
CA PRO IA 50 14.82 72.78 12.53
C PRO IA 50 15.08 73.40 13.88
N TRP IA 51 15.07 74.73 14.00
CA TRP IA 51 15.27 75.34 15.31
C TRP IA 51 14.19 74.88 16.29
N ILE IA 52 12.96 74.73 15.81
CA ILE IA 52 11.87 74.25 16.66
C ILE IA 52 12.18 72.83 17.15
N ARG IA 53 12.83 72.02 16.32
CA ARG IA 53 13.10 70.63 16.69
C ARG IA 53 14.26 70.49 17.67
N ASN IA 54 15.11 71.51 17.78
CA ASN IA 54 16.31 71.41 18.58
C ASN IA 54 16.26 72.21 19.88
N ASN IA 55 15.12 72.81 20.22
CA ASN IA 55 15.10 73.75 21.33
C ASN IA 55 13.82 73.61 22.13
N PHE IA 56 13.97 73.39 23.44
CA PHE IA 56 12.83 73.28 24.32
C PHE IA 56 12.16 74.62 24.53
N VAL IA 57 10.83 74.62 24.46
CA VAL IA 57 10.01 75.80 24.65
C VAL IA 57 8.85 75.38 25.55
N GLN IA 58 8.37 76.32 26.36
CA GLN IA 58 7.36 75.94 27.35
C GLN IA 58 6.06 75.60 26.64
N ALA IA 59 5.48 74.47 27.01
CA ALA IA 59 4.21 74.04 26.44
C ALA IA 59 3.07 74.97 26.87
N PRO IA 60 2.05 75.14 26.03
CA PRO IA 60 0.80 75.69 26.54
C PRO IA 60 0.33 74.72 27.60
N GLY IA 61 0.09 75.23 28.80
CA GLY IA 61 -0.14 74.30 29.87
C GLY IA 61 1.19 73.70 30.30
N GLY IA 62 2.15 74.58 30.59
CA GLY IA 62 3.48 74.19 30.99
C GLY IA 62 3.83 74.55 32.41
N GLU IA 63 2.84 74.88 33.22
CA GLU IA 63 3.04 75.18 34.64
C GLU IA 63 2.16 74.26 35.49
N PHE IA 64 2.74 73.77 36.58
CA PHE IA 64 1.97 73.10 37.63
C PHE IA 64 2.75 73.23 38.92
N THR IA 65 2.08 72.94 40.04
CA THR IA 65 2.62 73.18 41.36
C THR IA 65 2.38 71.98 42.27
N VAL IA 66 3.36 71.71 43.13
CA VAL IA 66 3.21 70.76 44.22
C VAL IA 66 3.25 71.57 45.52
N SER IA 67 2.14 71.60 46.23
CA SER IA 67 1.98 72.36 47.45
C SER IA 67 1.43 71.46 48.55
N PRO IA 68 1.45 71.91 49.81
CA PRO IA 68 0.92 71.06 50.89
C PRO IA 68 -0.59 70.88 50.83
N ARG IA 69 -1.32 71.70 50.07
CA ARG IA 69 -2.75 71.48 49.88
C ARG IA 69 -3.05 70.27 49.00
N ASN IA 70 -2.06 69.80 48.22
CA ASN IA 70 -2.30 68.68 47.33
C ASN IA 70 -2.25 67.36 48.10
N ALA IA 71 -3.01 66.39 47.63
CA ALA IA 71 -3.03 65.07 48.26
C ALA IA 71 -2.56 64.01 47.27
N PRO IA 72 -1.95 62.92 47.76
CA PRO IA 72 -1.46 61.89 46.84
C PRO IA 72 -2.58 61.34 45.98
N GLY IA 73 -2.25 61.06 44.73
CA GLY IA 73 -3.22 60.58 43.76
C GLY IA 73 -3.74 61.64 42.81
N GLU IA 74 -3.65 62.92 43.17
CA GLU IA 74 -4.11 63.99 42.30
C GLU IA 74 -3.19 64.09 41.09
N ILE IA 75 -3.79 64.10 39.91
CA ILE IA 75 -3.03 64.31 38.68
C ILE IA 75 -2.70 65.80 38.56
N LEU IA 76 -1.44 66.15 38.77
CA LEU IA 76 -1.02 67.54 38.73
C LEU IA 76 -0.86 68.07 37.32
N TRP IA 77 -0.69 67.19 36.34
CA TRP IA 77 -0.44 67.60 34.97
C TRP IA 77 -0.77 66.44 34.05
N SER IA 78 -1.33 66.76 32.88
CA SER IA 78 -1.64 65.73 31.90
C SER IA 78 -1.81 66.38 30.54
N ALA IA 79 -1.53 65.59 29.50
CA ALA IA 79 -1.64 66.07 28.13
C ALA IA 79 -1.66 64.89 27.18
N PRO IA 80 -2.47 64.94 26.13
CA PRO IA 80 -2.33 63.95 25.05
C PRO IA 80 -1.28 64.42 24.06
N LEU IA 81 -0.65 63.44 23.41
CA LEU IA 81 0.32 63.77 22.38
C LEU IA 81 -0.37 64.53 21.26
N GLY IA 82 0.28 65.58 20.78
CA GLY IA 82 -0.29 66.41 19.74
C GLY IA 82 0.36 67.77 19.66
N PRO IA 83 -0.02 68.54 18.64
CA PRO IA 83 0.62 69.86 18.45
C PRO IA 83 0.41 70.82 19.60
N ASP IA 84 -0.61 70.61 20.43
CA ASP IA 84 -0.86 71.54 21.53
C ASP IA 84 0.19 71.44 22.62
N LEU IA 85 1.13 70.51 22.50
CA LEU IA 85 2.23 70.38 23.45
C LEU IA 85 3.32 71.42 23.23
N ASN IA 86 3.27 72.19 22.16
CA ASN IA 86 4.37 73.07 21.80
C ASN IA 86 3.81 74.32 21.11
N PRO IA 87 4.10 75.52 21.62
CA PRO IA 87 3.45 76.72 21.08
C PRO IA 87 3.77 76.99 19.62
N TYR IA 88 4.98 76.68 19.17
CA TYR IA 88 5.30 76.85 17.75
C TYR IA 88 4.46 75.90 16.90
N LEU IA 89 4.43 74.62 17.28
CA LEU IA 89 3.59 73.65 16.58
C LEU IA 89 2.11 74.02 16.65
N SER IA 90 1.69 74.66 17.75
CA SER IA 90 0.29 75.07 17.88
C SER IA 90 -0.11 76.08 16.81
N HIS IA 91 0.74 77.07 16.56
CA HIS IA 91 0.47 77.99 15.45
C HIS IA 91 0.64 77.29 14.12
N LEU IA 92 1.66 76.46 14.00
CA LEU IA 92 1.86 75.70 12.77
C LEU IA 92 0.66 74.80 12.49
N ALA IA 93 0.08 74.21 13.53
CA ALA IA 93 -1.01 73.26 13.31
C ALA IA 93 -2.25 73.90 12.73
N ARG IA 94 -2.46 75.21 12.92
CA ARG IA 94 -3.63 75.80 12.26
C ARG IA 94 -3.48 75.82 10.76
N MET IA 95 -2.32 75.41 10.25
CA MET IA 95 -1.99 75.48 8.84
C MET IA 95 -1.88 74.10 8.19
N TYR IA 96 -2.10 73.03 8.96
CA TYR IA 96 -1.96 71.67 8.47
C TYR IA 96 -3.18 70.87 8.84
N ASN IA 97 -3.40 69.78 8.10
CA ASN IA 97 -4.56 68.93 8.31
C ASN IA 97 -4.30 67.80 9.30
N GLY IA 98 -3.06 67.34 9.43
CA GLY IA 98 -2.79 66.25 10.34
C GLY IA 98 -1.36 66.24 10.81
N TYR IA 99 -1.03 65.18 11.56
CA TYR IA 99 0.30 65.05 12.13
C TYR IA 99 0.56 63.58 12.47
N ALA IA 100 1.83 63.29 12.77
CA ALA IA 100 2.25 61.99 13.27
C ALA IA 100 3.63 62.16 13.87
N GLY IA 101 3.91 61.38 14.91
CA GLY IA 101 5.22 61.37 15.53
C GLY IA 101 5.17 61.88 16.96
N GLY IA 102 6.32 61.74 17.63
CA GLY IA 102 6.39 61.88 19.07
C GLY IA 102 7.09 63.16 19.49
N PHE IA 103 7.19 63.31 20.81
CA PHE IA 103 7.76 64.51 21.43
C PHE IA 103 8.85 64.13 22.42
N GLU IA 104 9.70 65.11 22.71
CA GLU IA 104 10.58 65.09 23.86
C GLU IA 104 10.06 66.14 24.83
N VAL IA 105 9.68 65.72 26.04
CA VAL IA 105 9.18 66.65 27.06
C VAL IA 105 10.23 66.78 28.13
N GLN IA 106 10.41 68.00 28.63
CA GLN IA 106 11.36 68.30 29.68
C GLN IA 106 10.60 68.94 30.84
N VAL IA 107 10.74 68.35 32.02
CA VAL IA 107 10.07 68.82 33.23
C VAL IA 107 11.13 69.32 34.20
N ILE IA 108 10.88 70.49 34.80
CA ILE IA 108 11.81 71.11 35.73
C ILE IA 108 11.18 71.00 37.11
N LEU IA 109 11.92 70.43 38.05
CA LEU IA 109 11.43 70.16 39.39
C LEU IA 109 12.46 70.55 40.43
N ALA IA 110 12.93 71.80 40.42
CA ALA IA 110 14.08 72.10 41.29
C ALA IA 110 13.58 72.60 42.64
N GLY IA 111 12.96 71.67 43.35
CA GLY IA 111 12.41 71.98 44.67
C GLY IA 111 13.49 72.44 45.64
N ASN IA 112 13.06 73.25 46.60
CA ASN IA 112 13.95 73.65 47.69
C ASN IA 112 14.44 72.42 48.44
N ALA IA 113 15.69 72.48 48.91
CA ALA IA 113 16.32 71.31 49.48
C ALA IA 113 15.62 70.83 50.75
N PHE IA 114 14.80 71.67 51.36
CA PHE IA 114 14.06 71.32 52.58
C PHE IA 114 12.73 70.65 52.30
N THR IA 115 12.43 70.32 51.04
CA THR IA 115 11.15 69.74 50.68
C THR IA 115 11.33 68.24 50.44
N ALA IA 116 10.26 67.49 50.65
CA ALA IA 116 10.23 66.06 50.36
C ALA IA 116 8.99 65.73 49.54
N GLY IA 117 9.09 64.67 48.75
CA GLY IA 117 7.95 64.17 48.01
C GLY IA 117 8.38 63.63 46.65
N LYS IA 118 7.53 62.77 46.10
CA LYS IA 118 7.81 62.10 44.84
C LYS IA 118 6.66 62.34 43.86
N ILE IA 119 7.01 62.49 42.58
CA ILE IA 119 6.04 62.55 41.50
C ILE IA 119 6.28 61.37 40.56
N ILE IA 120 5.20 60.73 40.13
CA ILE IA 120 5.29 59.64 39.15
C ILE IA 120 4.77 60.16 37.82
N PHE IA 121 5.58 59.98 36.77
CA PHE IA 121 5.19 60.23 35.40
C PHE IA 121 4.88 58.91 34.72
N ALA IA 122 3.77 58.85 33.98
CA ALA IA 122 3.40 57.62 33.30
C ALA IA 122 2.81 57.93 31.94
N ALA IA 123 3.06 57.02 30.99
CA ALA IA 123 2.45 57.04 29.67
C ALA IA 123 1.30 56.03 29.63
N VAL IA 124 0.08 56.51 29.42
CA VAL IA 124 -1.10 55.64 29.31
C VAL IA 124 -1.47 55.52 27.84
N PRO IA 125 -1.62 54.30 27.33
CA PRO IA 125 -1.82 54.11 25.88
C PRO IA 125 -3.17 54.61 25.43
N PRO IA 126 -3.34 54.88 24.14
CA PRO IA 126 -4.63 55.39 23.65
C PRO IA 126 -5.75 54.41 23.95
N ASN IA 127 -6.93 54.97 24.26
CA ASN IA 127 -8.19 54.27 24.49
C ASN IA 127 -8.27 53.66 25.88
N PHE IA 128 -7.35 53.99 26.79
CA PHE IA 128 -7.55 53.54 28.16
C PHE IA 128 -8.09 54.69 28.99
N PRO IA 129 -9.16 54.50 29.74
CA PRO IA 129 -9.74 55.61 30.50
C PRO IA 129 -8.77 56.14 31.55
N THR IA 130 -8.52 57.45 31.50
CA THR IA 130 -7.65 58.06 32.49
C THR IA 130 -8.40 58.42 33.76
N GLU IA 131 -9.73 58.56 33.69
CA GLU IA 131 -10.51 59.12 34.78
C GLU IA 131 -10.65 58.06 35.86
N GLY IA 132 -10.12 58.33 37.03
CA GLY IA 132 -10.28 57.44 38.16
C GLY IA 132 -9.05 56.63 38.52
N LEU IA 133 -7.90 56.92 37.90
CA LEU IA 133 -6.72 56.10 38.13
C LEU IA 133 -6.20 56.30 39.55
N SER IA 134 -5.91 55.22 40.21
CA SER IA 134 -5.23 55.22 41.50
C SER IA 134 -3.73 55.21 41.28
N PRO IA 135 -2.95 55.59 42.30
CA PRO IA 135 -1.49 55.48 42.15
C PRO IA 135 -1.04 54.07 41.86
N SER IA 136 -1.58 53.07 42.56
CA SER IA 136 -1.29 51.67 42.27
C SER IA 136 -1.43 51.38 40.78
N GLN IA 137 -2.53 51.81 40.17
CA GLN IA 137 -2.77 51.48 38.77
C GLN IA 137 -1.79 52.17 37.84
N VAL IA 138 -1.46 53.43 38.14
CA VAL IA 138 -0.55 54.20 37.29
C VAL IA 138 0.81 53.53 37.20
N THR IA 139 1.24 52.87 38.28
CA THR IA 139 2.47 52.09 38.28
C THR IA 139 2.47 50.98 37.23
N MET IA 140 1.31 50.54 36.75
CA MET IA 140 1.32 49.43 35.81
C MET IA 140 1.56 49.85 34.37
N PHE IA 141 1.60 51.15 34.08
CA PHE IA 141 2.03 51.65 32.79
C PHE IA 141 3.54 51.85 32.80
N PRO IA 142 4.15 52.08 31.64
CA PRO IA 142 5.52 52.62 31.63
C PRO IA 142 5.56 53.89 32.47
N HIS IA 143 6.51 53.94 33.40
CA HIS IA 143 6.48 55.03 34.38
C HIS IA 143 7.88 55.33 34.90
N ILE IA 144 7.99 56.52 35.50
CA ILE IA 144 9.21 57.00 36.13
C ILE IA 144 8.79 57.68 37.43
N ILE IA 145 9.52 57.41 38.50
CA ILE IA 145 9.26 58.01 39.81
C ILE IA 145 10.42 58.96 40.13
N VAL IA 146 10.10 60.24 40.30
CA VAL IA 146 11.09 61.30 40.41
C VAL IA 146 10.88 62.05 41.72
N ASP IA 147 11.99 62.43 42.36
CA ASP IA 147 11.92 63.19 43.60
C ASP IA 147 11.62 64.65 43.29
N VAL IA 148 10.79 65.27 44.13
CA VAL IA 148 10.35 66.63 43.89
C VAL IA 148 11.52 67.62 43.95
N ARG IA 149 12.65 67.19 44.51
CA ARG IA 149 13.86 68.02 44.59
C ARG IA 149 14.79 67.84 43.40
N GLN IA 150 14.43 67.02 42.42
CA GLN IA 150 15.33 66.69 41.32
C GLN IA 150 15.84 67.96 40.65
N LEU IA 151 17.17 68.03 40.50
CA LEU IA 151 17.79 69.27 40.03
C LEU IA 151 17.88 69.31 38.51
N GLU IA 152 18.38 68.25 37.89
CA GLU IA 152 18.44 68.27 36.45
C GLU IA 152 17.05 68.01 35.89
N PRO IA 153 16.69 68.66 34.78
CA PRO IA 153 15.36 68.43 34.22
C PRO IA 153 15.15 66.97 33.91
N VAL IA 154 13.89 66.56 33.94
CA VAL IA 154 13.52 65.19 33.62
C VAL IA 154 13.14 65.16 32.15
N LEU IA 155 13.75 64.25 31.39
CA LEU IA 155 13.47 64.13 29.97
C LEU IA 155 12.69 62.84 29.76
N ILE IA 156 11.49 62.99 29.20
CA ILE IA 156 10.60 61.87 28.94
C ILE IA 156 10.32 61.85 27.43
N PRO IA 157 10.65 60.78 26.72
CA PRO IA 157 10.20 60.68 25.33
C PRO IA 157 8.77 60.18 25.29
N LEU IA 158 7.98 60.78 24.41
CA LEU IA 158 6.55 60.49 24.30
C LEU IA 158 6.27 60.00 22.89
N PRO IA 159 6.24 58.69 22.66
CA PRO IA 159 6.08 58.18 21.30
C PRO IA 159 4.61 58.17 20.88
N ASP IA 160 4.40 58.26 19.56
CA ASP IA 160 3.06 58.36 19.00
C ASP IA 160 2.51 56.95 18.74
N VAL IA 161 2.24 56.25 19.84
CA VAL IA 161 1.56 54.98 19.76
C VAL IA 161 0.20 55.19 19.09
N ARG IA 162 -0.09 54.34 18.11
CA ARG IA 162 -1.27 54.50 17.26
C ARG IA 162 -1.41 53.24 16.41
N ASN IA 163 -2.56 53.13 15.74
CA ASN IA 163 -2.82 52.01 14.84
C ASN IA 163 -3.14 52.48 13.43
N ASN IA 164 -2.83 53.73 13.10
CA ASN IA 164 -3.01 54.25 11.76
C ASN IA 164 -1.73 54.95 11.31
N PHE IA 165 -1.72 55.35 10.05
CA PHE IA 165 -0.52 55.96 9.48
C PHE IA 165 -0.25 57.32 10.12
N TYR IA 166 -1.30 58.09 10.40
CA TYR IA 166 -1.16 59.42 10.99
C TYR IA 166 -2.52 59.85 11.52
N HIS IA 167 -2.53 61.02 12.17
CA HIS IA 167 -3.71 61.56 12.82
C HIS IA 167 -4.27 62.74 12.04
N TYR IA 168 -5.59 62.88 12.05
CA TYR IA 168 -6.24 64.07 11.53
C TYR IA 168 -6.53 65.03 12.68
N ASN IA 169 -6.34 66.33 12.42
CA ASN IA 169 -6.60 67.34 13.45
C ASN IA 169 -8.06 67.35 13.88
N GLN IA 170 -8.97 67.22 12.92
CA GLN IA 170 -10.40 67.40 13.18
C GLN IA 170 -11.07 66.17 13.75
N SER IA 171 -10.35 65.09 14.04
CA SER IA 171 -10.97 63.87 14.51
C SER IA 171 -10.71 63.70 16.00
N ASN IA 172 -11.55 62.88 16.63
CA ASN IA 172 -11.43 62.61 18.06
C ASN IA 172 -10.70 61.30 18.35
N ASP IA 173 -9.91 60.80 17.41
CA ASP IA 173 -9.11 59.62 17.69
C ASP IA 173 -8.15 59.91 18.84
N PRO IA 174 -8.04 59.02 19.82
CA PRO IA 174 -7.21 59.32 20.99
C PRO IA 174 -5.73 59.03 20.73
N THR IA 175 -4.89 59.70 21.51
CA THR IA 175 -3.46 59.52 21.43
C THR IA 175 -2.93 59.10 22.79
N ILE IA 176 -1.65 58.73 22.83
CA ILE IA 176 -1.01 58.45 24.11
C ILE IA 176 -1.09 59.69 24.99
N LYS IA 177 -1.26 59.47 26.29
CA LYS IA 177 -1.30 60.56 27.26
C LYS IA 177 -0.14 60.42 28.22
N LEU IA 178 0.51 61.54 28.52
CA LEU IA 178 1.51 61.61 29.57
C LEU IA 178 0.84 62.14 30.82
N ILE IA 179 1.10 61.48 31.95
CA ILE IA 179 0.42 61.76 33.20
C ILE IA 179 1.48 62.11 34.24
N ALA IA 180 1.22 63.15 35.01
CA ALA IA 180 2.04 63.47 36.17
C ALA IA 180 1.11 63.45 37.38
N MET IA 181 1.40 62.57 38.33
CA MET IA 181 0.55 62.40 39.50
C MET IA 181 1.40 62.52 40.76
N LEU IA 182 0.82 63.15 41.78
CA LEU IA 182 1.53 63.26 43.04
C LEU IA 182 1.56 61.87 43.69
N TYR IA 183 2.77 61.33 43.83
CA TYR IA 183 2.95 59.96 44.31
C TYR IA 183 3.13 59.92 45.82
N THR IA 184 3.76 60.95 46.38
CA THR IA 184 3.93 61.17 47.80
C THR IA 184 3.55 62.60 48.13
N PRO IA 185 2.85 62.83 49.25
CA PRO IA 185 2.47 64.21 49.60
C PRO IA 185 3.71 65.06 49.80
N LEU IA 186 3.56 66.36 49.60
CA LEU IA 186 4.69 67.26 49.76
C LEU IA 186 4.91 67.52 51.23
N ARG IA 187 6.13 67.25 51.69
CA ARG IA 187 6.56 67.47 53.06
C ARG IA 187 7.73 68.44 53.06
N ALA IA 188 7.93 69.15 54.16
CA ALA IA 188 9.06 70.07 54.24
C ALA IA 188 9.46 70.25 55.70
N ASN IA 189 10.76 70.45 55.92
CA ASN IA 189 11.31 70.57 57.25
C ASN IA 189 12.26 71.75 57.37
N ASN IA 190 12.06 72.80 56.56
CA ASN IA 190 12.67 74.09 56.87
C ASN IA 190 12.12 74.59 58.19
N ALA IA 191 13.01 75.12 59.03
CA ALA IA 191 12.61 75.44 60.40
C ALA IA 191 11.48 76.46 60.42
N GLY IA 192 11.55 77.46 59.54
CA GLY IA 192 10.67 78.60 59.64
C GLY IA 192 9.23 78.25 59.29
N ASP IA 193 8.36 79.23 59.51
CA ASP IA 193 6.92 79.05 59.28
C ASP IA 193 6.56 79.33 57.83
N ASP IA 194 7.12 78.53 56.94
CA ASP IA 194 7.07 78.78 55.50
C ASP IA 194 6.42 77.62 54.77
N VAL IA 195 6.19 77.82 53.47
CA VAL IA 195 5.43 76.89 52.66
C VAL IA 195 6.38 76.08 51.79
N PHE IA 196 7.12 76.78 50.92
CA PHE IA 196 8.03 76.18 49.95
C PHE IA 196 7.31 75.31 48.93
N THR IA 197 6.25 75.86 48.34
CA THR IA 197 5.60 75.19 47.22
C THR IA 197 6.63 74.93 46.14
N VAL IA 198 6.51 73.80 45.44
CA VAL IA 198 7.41 73.47 44.34
C VAL IA 198 6.78 73.93 43.04
N SER IA 199 7.33 74.99 42.45
CA SER IA 199 6.88 75.48 41.15
C SER IA 199 7.57 74.67 40.06
N CYS IA 200 6.77 74.07 39.18
CA CYS IA 200 7.28 73.17 38.15
C CYS IA 200 6.94 73.71 36.76
N ARG IA 201 7.81 73.40 35.80
CA ARG IA 201 7.62 73.85 34.43
C ARG IA 201 7.79 72.67 33.49
N VAL IA 202 6.96 72.64 32.45
CA VAL IA 202 7.01 71.61 31.41
C VAL IA 202 7.38 72.29 30.09
N LEU IA 203 8.47 71.83 29.48
CA LEU IA 203 8.89 72.30 28.17
C LEU IA 203 8.96 71.12 27.22
N THR IA 204 8.81 71.40 25.92
CA THR IA 204 8.73 70.34 24.92
C THR IA 204 9.48 70.75 23.66
N ARG IA 205 9.70 69.76 22.81
CA ARG IA 205 10.15 69.96 21.43
C ARG IA 205 9.81 68.70 20.65
N PRO IA 206 9.53 68.82 19.36
CA PRO IA 206 9.14 67.64 18.59
C PRO IA 206 10.32 66.71 18.38
N SER IA 207 10.06 65.40 18.42
CA SER IA 207 11.06 64.42 18.03
C SER IA 207 11.46 64.62 16.57
N PRO IA 208 12.58 64.03 16.15
CA PRO IA 208 12.94 64.14 14.72
C PRO IA 208 11.93 63.51 13.79
N ASP IA 209 11.17 62.51 14.25
CA ASP IA 209 10.20 61.84 13.41
C ASP IA 209 8.84 62.52 13.38
N PHE IA 210 8.64 63.59 14.14
CA PHE IA 210 7.37 64.30 14.10
C PHE IA 210 7.27 65.15 12.84
N ASP IA 211 6.07 65.21 12.27
CA ASP IA 211 5.87 65.96 11.03
C ASP IA 211 4.39 66.24 10.84
N PHE IA 212 4.11 67.34 10.16
CA PHE IA 212 2.76 67.69 9.73
C PHE IA 212 2.46 67.00 8.40
N ILE IA 213 1.18 66.98 8.01
CA ILE IA 213 0.85 66.13 6.86
C ILE IA 213 0.33 66.90 5.65
N PHE IA 214 -0.77 67.63 5.78
CA PHE IA 214 -1.38 68.24 4.60
C PHE IA 214 -1.60 69.73 4.82
N LEU IA 215 -1.05 70.55 3.94
CA LEU IA 215 -1.20 71.99 4.01
C LEU IA 215 -2.66 72.39 3.72
N VAL IA 216 -3.25 73.19 4.61
CA VAL IA 216 -4.66 73.56 4.48
C VAL IA 216 -4.85 75.01 4.96
N PRO IA 217 -5.95 75.63 4.57
CA PRO IA 217 -6.19 77.05 4.92
C PRO IA 217 -6.21 77.26 6.42
N PRO IA 218 -5.41 78.21 6.92
CA PRO IA 218 -5.30 78.42 8.36
C PRO IA 218 -6.53 79.11 8.93
N THR IA 219 -6.70 78.95 10.24
CA THR IA 219 -7.72 79.60 11.06
C THR IA 219 -9.11 79.05 10.76
N VAL IA 220 -9.20 77.97 10.00
CA VAL IA 220 -10.48 77.38 9.62
C VAL IA 220 -10.86 76.20 10.52
N GLU IA 221 -9.93 75.26 10.72
CA GLU IA 221 -10.24 74.07 11.49
C GLU IA 221 -10.53 74.43 12.95
N SER IA 222 -11.65 73.93 13.47
CA SER IA 222 -12.12 74.35 14.78
C SER IA 222 -11.14 73.97 15.88
N ARG IA 223 -10.76 72.69 15.94
CA ARG IA 223 -9.95 72.14 17.04
C ARG IA 223 -8.54 72.72 17.13
N THR IA 224 -8.17 73.65 16.25
CA THR IA 224 -6.87 74.28 16.32
C THR IA 224 -6.90 75.75 16.74
N LYS IA 225 -8.08 76.34 16.94
CA LYS IA 225 -8.13 77.74 17.36
C LYS IA 225 -7.61 77.89 18.78
N PRO IA 226 -6.66 78.80 19.03
CA PRO IA 226 -6.09 78.94 20.37
C PRO IA 226 -6.86 79.88 21.28
N PHE IA 227 -6.83 79.56 22.57
CA PHE IA 227 -7.61 80.30 23.56
C PHE IA 227 -6.89 81.59 23.96
N THR IA 228 -7.67 82.66 24.09
CA THR IA 228 -7.18 83.95 24.54
C THR IA 228 -8.21 84.62 25.43
N VAL IA 229 -7.76 85.67 26.13
CA VAL IA 229 -8.62 86.41 27.05
C VAL IA 229 -8.47 87.88 26.71
N PRO IA 230 -9.58 88.63 26.58
CA PRO IA 230 -9.47 90.01 26.07
C PRO IA 230 -8.61 90.89 26.96
N ILE IA 231 -7.88 91.81 26.30
CA ILE IA 231 -7.02 92.77 26.98
C ILE IA 231 -7.76 93.92 27.63
N LEU IA 232 -9.09 93.97 27.51
CA LEU IA 232 -9.86 95.08 28.05
C LEU IA 232 -9.67 95.21 29.55
N THR IA 233 -9.79 96.45 30.03
CA THR IA 233 -9.74 96.79 31.44
C THR IA 233 -11.09 96.58 32.11
N VAL IA 234 -11.06 96.35 33.42
CA VAL IA 234 -12.29 96.17 34.20
C VAL IA 234 -13.26 97.32 33.96
N GLU IA 235 -12.76 98.56 33.99
CA GLU IA 235 -13.62 99.72 33.76
C GLU IA 235 -14.22 99.72 32.35
N GLU IA 236 -13.49 99.22 31.37
CA GLU IA 236 -13.96 99.25 30.00
C GLU IA 236 -14.96 98.14 29.69
N MET IA 237 -15.23 97.24 30.63
CA MET IA 237 -16.15 96.15 30.43
C MET IA 237 -17.48 96.45 31.13
N THR IA 238 -18.45 95.55 30.96
CA THR IA 238 -19.81 95.77 31.41
C THR IA 238 -20.31 94.53 32.13
N ASN IA 239 -21.17 94.75 33.12
CA ASN IA 239 -21.75 93.63 33.86
C ASN IA 239 -22.68 92.84 32.96
N SER IA 240 -22.70 91.52 33.18
CA SER IA 240 -23.45 90.60 32.33
C SER IA 240 -24.81 90.25 32.91
N ARG IA 241 -25.16 90.81 34.07
CA ARG IA 241 -26.41 90.55 34.76
C ARG IA 241 -27.34 91.76 34.81
N PHE IA 242 -26.87 92.93 34.37
CA PHE IA 242 -27.61 94.18 34.32
C PHE IA 242 -26.83 95.18 33.48
N PRO IA 243 -27.48 95.96 32.62
CA PRO IA 243 -26.74 96.79 31.66
C PRO IA 243 -26.02 97.97 32.31
N ILE IA 244 -25.01 97.68 33.13
CA ILE IA 244 -24.24 98.71 33.82
C ILE IA 244 -22.76 98.36 33.75
N PRO IA 245 -21.88 99.36 33.81
CA PRO IA 245 -20.45 99.08 33.76
C PRO IA 245 -19.94 98.40 35.03
N LEU IA 246 -18.82 97.70 34.87
CA LEU IA 246 -18.09 97.16 36.01
C LEU IA 246 -17.27 98.26 36.66
N GLU IA 247 -16.94 98.06 37.95
CA GLU IA 247 -16.14 99.07 38.62
C GLU IA 247 -15.06 98.47 39.52
N LYS IA 248 -15.35 97.38 40.23
CA LYS IA 248 -14.32 96.76 41.05
C LYS IA 248 -14.42 95.25 40.98
N LEU IA 249 -13.35 94.60 41.46
CA LEU IA 249 -13.26 93.16 41.66
C LEU IA 249 -13.44 92.80 43.13
N PHE IA 250 -14.23 91.78 43.39
CA PHE IA 250 -14.53 91.36 44.75
C PHE IA 250 -14.41 89.85 44.89
N THR IA 251 -13.76 89.42 45.96
CA THR IA 251 -13.75 88.02 46.38
C THR IA 251 -14.37 87.91 47.76
N GLY IA 252 -15.13 86.85 47.99
CA GLY IA 252 -15.70 86.60 49.29
C GLY IA 252 -16.11 85.16 49.50
N PRO IA 253 -16.38 84.79 50.74
CA PRO IA 253 -16.90 83.45 51.01
C PRO IA 253 -18.32 83.29 50.50
N SER IA 254 -18.62 82.09 50.02
CA SER IA 254 -19.89 81.81 49.36
C SER IA 254 -20.63 80.65 50.01
N GLY IA 255 -20.28 80.32 51.26
CA GLY IA 255 -20.92 79.21 51.93
C GLY IA 255 -22.37 79.47 52.31
N ALA IA 256 -22.70 80.73 52.62
CA ALA IA 256 -24.05 81.05 53.10
C ALA IA 256 -25.07 80.88 51.99
N PHE IA 257 -24.83 81.50 50.84
CA PHE IA 257 -25.82 81.57 49.77
C PHE IA 257 -25.51 80.52 48.72
N VAL IA 258 -26.34 80.45 47.68
CA VAL IA 258 -26.11 79.56 46.55
C VAL IA 258 -25.85 80.43 45.32
N VAL IA 259 -24.62 80.37 44.82
CA VAL IA 259 -24.18 81.17 43.68
C VAL IA 259 -24.60 80.42 42.42
N GLN IA 260 -25.70 80.85 41.80
CA GLN IA 260 -26.17 80.17 40.60
C GLN IA 260 -26.80 81.14 39.60
N PRO IA 261 -26.12 82.22 39.23
CA PRO IA 261 -26.71 83.15 38.26
C PRO IA 261 -26.93 82.48 36.91
N GLN IA 262 -27.85 83.04 36.13
CA GLN IA 262 -28.18 82.52 34.81
C GLN IA 262 -27.84 83.48 33.69
N ASN IA 263 -27.41 84.70 34.00
CA ASN IA 263 -26.86 85.61 33.02
C ASN IA 263 -25.35 85.68 33.22
N GLY IA 264 -24.63 85.99 32.14
CA GLY IA 264 -23.19 85.90 32.23
C GLY IA 264 -22.73 84.48 32.49
N ARG IA 265 -23.32 83.53 31.77
CA ARG IA 265 -22.93 82.12 31.80
C ARG IA 265 -22.50 81.66 30.43
N CYS IA 266 -21.21 81.44 30.27
CA CYS IA 266 -20.65 81.03 29.00
C CYS IA 266 -19.37 80.25 29.29
N THR IA 267 -19.20 79.17 28.56
CA THR IA 267 -18.06 78.28 28.74
C THR IA 267 -16.87 78.76 27.91
N THR IA 268 -15.67 78.39 28.36
CA THR IA 268 -14.43 78.78 27.69
C THR IA 268 -14.44 78.48 26.19
N ASP IA 269 -15.01 77.35 25.76
CA ASP IA 269 -15.06 77.07 24.34
C ASP IA 269 -16.34 77.62 23.67
N GLY IA 270 -17.03 78.55 24.34
CA GLY IA 270 -18.01 79.40 23.67
C GLY IA 270 -19.44 78.90 23.61
N VAL IA 271 -19.83 78.01 24.50
CA VAL IA 271 -21.21 77.55 24.60
C VAL IA 271 -21.91 78.39 25.66
N LEU IA 272 -22.96 79.10 25.27
CA LEU IA 272 -23.75 79.88 26.21
C LEU IA 272 -24.64 78.97 27.04
N LEU IA 273 -24.89 79.37 28.28
CA LEU IA 273 -25.66 78.58 29.23
C LEU IA 273 -26.74 79.46 29.87
N GLY IA 274 -27.75 78.80 30.42
CA GLY IA 274 -28.81 79.53 31.11
C GLY IA 274 -29.54 80.46 30.16
N THR IA 275 -29.78 81.68 30.63
CA THR IA 275 -30.53 82.67 29.88
C THR IA 275 -29.63 83.67 29.15
N THR IA 276 -28.38 83.30 28.90
CA THR IA 276 -27.38 84.24 28.43
C THR IA 276 -27.48 84.47 26.92
N GLN IA 277 -27.35 85.73 26.52
CA GLN IA 277 -27.28 86.11 25.11
C GLN IA 277 -26.13 87.09 24.94
N LEU IA 278 -25.95 87.59 23.72
CA LEU IA 278 -24.73 88.31 23.39
C LEU IA 278 -24.85 89.82 23.61
N SER IA 279 -26.05 90.38 23.51
CA SER IA 279 -26.20 91.83 23.54
C SER IA 279 -26.13 92.31 24.98
N PRO IA 280 -25.23 93.25 25.31
CA PRO IA 280 -25.15 93.77 26.68
C PRO IA 280 -26.25 94.75 27.05
N VAL IA 281 -27.11 95.14 26.12
CA VAL IA 281 -28.16 96.12 26.38
C VAL IA 281 -29.48 95.43 26.70
N ASN IA 282 -29.67 94.23 26.18
CA ASN IA 282 -30.89 93.46 26.39
C ASN IA 282 -30.84 92.59 27.64
N ILE IA 283 -30.06 92.98 28.66
CA ILE IA 283 -29.79 92.03 29.73
C ILE IA 283 -30.89 92.02 30.79
N CYS IA 284 -31.62 93.12 30.97
CA CYS IA 284 -32.84 93.10 31.77
C CYS IA 284 -33.99 93.75 31.03
N THR IA 285 -34.13 93.42 29.75
CA THR IA 285 -35.10 94.05 28.88
C THR IA 285 -36.27 93.09 28.63
N PHE IA 286 -37.43 93.66 28.35
CA PHE IA 286 -38.61 92.91 27.95
C PHE IA 286 -39.27 93.62 26.77
N ARG IA 287 -39.76 92.84 25.81
CA ARG IA 287 -40.43 93.36 24.63
C ARG IA 287 -41.70 92.56 24.40
N GLY IA 288 -42.81 93.26 24.11
CA GLY IA 288 -44.04 92.53 23.83
C GLY IA 288 -45.25 93.45 23.82
N ASP IA 289 -46.43 92.81 23.91
CA ASP IA 289 -47.74 93.45 23.91
C ASP IA 289 -48.23 93.63 25.33
N VAL IA 290 -48.97 94.72 25.56
CA VAL IA 290 -49.37 95.11 26.90
C VAL IA 290 -50.90 95.09 27.01
N THR IA 291 -51.38 94.74 28.20
CA THR IA 291 -52.79 94.49 28.48
C THR IA 291 -53.13 95.11 29.84
N HIS IA 292 -54.29 95.76 29.92
CA HIS IA 292 -54.70 96.39 31.17
C HIS IA 292 -55.26 95.39 32.17
N ILE IA 293 -54.98 95.63 33.45
CA ILE IA 293 -55.63 94.96 34.56
C ILE IA 293 -56.64 95.94 35.15
N ALA IA 294 -57.92 95.58 35.08
CA ALA IA 294 -59.00 96.55 35.30
C ALA IA 294 -58.94 97.15 36.70
N GLY IA 295 -59.03 98.48 36.76
CA GLY IA 295 -59.16 99.22 38.00
C GLY IA 295 -57.86 99.56 38.71
N THR IA 296 -56.73 99.11 38.19
CA THR IA 296 -55.43 99.29 38.83
C THR IA 296 -54.48 100.01 37.88
N HIS IA 297 -53.28 100.31 38.37
CA HIS IA 297 -52.21 100.84 37.56
C HIS IA 297 -51.24 99.75 37.10
N ASP IA 298 -51.67 98.50 37.12
CA ASP IA 298 -50.85 97.36 36.74
C ASP IA 298 -51.17 96.94 35.30
N TYR IA 299 -50.16 96.42 34.61
CA TYR IA 299 -50.33 95.88 33.28
C TYR IA 299 -49.68 94.52 33.17
N THR IA 300 -50.24 93.66 32.30
CA THR IA 300 -49.69 92.36 31.98
C THR IA 300 -49.10 92.43 30.58
N MET IA 301 -47.85 92.02 30.43
CA MET IA 301 -47.15 92.05 29.15
C MET IA 301 -46.94 90.65 28.61
N ASN IA 302 -47.48 90.38 27.42
CA ASN IA 302 -47.25 89.12 26.72
C ASN IA 302 -45.98 89.25 25.89
N LEU IA 303 -45.03 88.33 26.13
CA LEU IA 303 -43.65 88.54 25.72
C LEU IA 303 -43.42 88.16 24.26
N ALA IA 304 -42.72 89.03 23.54
CA ALA IA 304 -41.98 88.67 22.35
C ALA IA 304 -40.50 88.55 22.70
N SER IA 305 -39.70 88.09 21.73
CA SER IA 305 -38.29 87.85 21.96
C SER IA 305 -37.50 89.15 21.86
N GLN IA 306 -36.18 89.06 22.04
CA GLN IA 306 -35.32 90.24 21.93
C GLN IA 306 -35.36 90.82 20.52
N ASN IA 307 -35.57 89.98 19.51
CA ASN IA 307 -35.72 90.43 18.13
C ASN IA 307 -37.17 90.70 17.73
N TRP IA 308 -38.12 90.55 18.67
CA TRP IA 308 -39.57 90.77 18.52
C TRP IA 308 -40.30 89.61 17.85
N ASN IA 309 -39.63 88.50 17.56
CA ASN IA 309 -40.36 87.29 17.21
C ASN IA 309 -40.99 86.68 18.44
N ASN IA 310 -42.04 85.89 18.21
CA ASN IA 310 -42.79 85.32 19.34
C ASN IA 310 -41.91 84.36 20.12
N TYR IA 311 -42.20 84.24 21.41
CA TYR IA 311 -41.41 83.40 22.30
C TYR IA 311 -41.92 81.96 22.25
N ASP IA 312 -40.99 81.02 22.08
CA ASP IA 312 -41.33 79.61 21.98
C ASP IA 312 -41.02 78.95 23.32
N PRO IA 313 -42.02 78.49 24.07
CA PRO IA 313 -41.75 77.88 25.39
C PRO IA 313 -41.19 76.47 25.31
N THR IA 314 -41.10 75.86 24.13
CA THR IA 314 -40.53 74.52 24.01
C THR IA 314 -39.01 74.55 24.03
N GLU IA 315 -38.41 75.75 23.97
CA GLU IA 315 -36.96 75.88 23.99
C GLU IA 315 -36.37 75.37 25.30
N GLU IA 316 -35.11 74.96 25.23
CA GLU IA 316 -34.40 74.40 26.38
C GLU IA 316 -33.90 75.45 27.37
N ILE IA 317 -34.32 76.70 27.21
CA ILE IA 317 -33.90 77.80 28.07
C ILE IA 317 -34.72 77.76 29.35
N PRO IA 318 -34.25 78.31 30.48
CA PRO IA 318 -35.13 78.45 31.64
C PRO IA 318 -36.14 79.58 31.52
N ALA IA 319 -35.91 80.53 30.63
CA ALA IA 319 -36.75 81.71 30.44
C ALA IA 319 -36.26 82.42 29.19
N PRO IA 320 -36.96 83.45 28.69
CA PRO IA 320 -36.43 84.18 27.53
C PRO IA 320 -35.04 84.73 27.81
N LEU IA 321 -34.22 84.78 26.76
CA LEU IA 321 -32.83 85.20 26.93
C LEU IA 321 -32.78 86.62 27.47
N GLY IA 322 -32.02 86.81 28.54
CA GLY IA 322 -31.94 88.10 29.19
C GLY IA 322 -32.92 88.32 30.32
N THR IA 323 -33.69 87.30 30.68
CA THR IA 323 -34.61 87.46 31.81
C THR IA 323 -33.83 87.64 33.11
N PRO IA 324 -34.21 88.62 33.94
CA PRO IA 324 -33.48 88.86 35.19
C PRO IA 324 -33.35 87.59 36.03
N ASP IA 325 -32.22 87.46 36.71
CA ASP IA 325 -31.86 86.23 37.41
C ASP IA 325 -31.74 86.47 38.91
N PHE IA 326 -32.48 87.44 39.44
CA PHE IA 326 -32.52 87.70 40.87
C PHE IA 326 -33.93 88.17 41.23
N VAL IA 327 -34.25 88.08 42.52
CA VAL IA 327 -35.54 88.54 43.01
C VAL IA 327 -35.40 89.98 43.51
N GLY IA 328 -36.30 90.84 43.04
CA GLY IA 328 -36.26 92.24 43.43
C GLY IA 328 -37.24 93.02 42.60
N LYS IA 329 -37.30 94.32 42.89
CA LYS IA 329 -38.15 95.25 42.16
C LYS IA 329 -37.24 96.14 41.33
N ILE IA 330 -37.35 96.01 40.01
CA ILE IA 330 -36.54 96.77 39.06
C ILE IA 330 -37.39 97.90 38.49
N GLN IA 331 -36.93 99.13 38.65
CA GLN IA 331 -37.60 100.28 38.08
C GLN IA 331 -36.98 100.63 36.75
N GLY IA 332 -37.82 101.00 35.79
CA GLY IA 332 -37.36 101.46 34.49
C GLY IA 332 -38.39 102.35 33.85
N VAL IA 333 -38.56 102.21 32.54
CA VAL IA 333 -39.47 103.03 31.76
C VAL IA 333 -40.06 102.15 30.67
N LEU IA 334 -41.39 102.11 30.60
CA LEU IA 334 -42.08 101.49 29.48
C LEU IA 334 -42.26 102.51 28.37
N THR IA 335 -41.92 102.13 27.14
CA THR IA 335 -42.07 102.99 25.99
C THR IA 335 -42.84 102.24 24.90
N GLN IA 336 -43.64 102.98 24.15
CA GLN IA 336 -44.57 102.39 23.19
C GLN IA 336 -44.67 103.32 21.99
N THR IA 337 -44.89 102.73 20.82
CA THR IA 337 -44.99 103.49 19.58
C THR IA 337 -46.18 102.99 18.77
N THR IA 338 -46.99 103.93 18.30
CA THR IA 338 -48.17 103.62 17.49
C THR IA 338 -47.77 103.55 16.02
N ARG IA 339 -48.13 102.43 15.37
CA ARG IA 339 -47.69 102.18 14.00
C ARG IA 339 -48.21 103.20 13.00
N GLY IA 340 -49.31 103.88 13.31
CA GLY IA 340 -49.93 104.79 12.35
C GLY IA 340 -49.41 106.21 12.28
N ASP IA 341 -49.27 106.89 13.42
CA ASP IA 341 -48.87 108.29 13.43
C ASP IA 341 -47.48 108.54 13.97
N GLY IA 342 -46.84 107.56 14.60
CA GLY IA 342 -45.57 107.78 15.26
C GLY IA 342 -45.67 108.45 16.61
N SER IA 343 -46.85 108.42 17.23
CA SER IA 343 -47.00 108.91 18.60
C SER IA 343 -46.23 108.01 19.55
N THR IA 344 -45.62 108.62 20.56
CA THR IA 344 -44.78 107.89 21.51
C THR IA 344 -45.17 108.24 22.95
N ARG IA 345 -45.10 107.23 23.82
CA ARG IA 345 -45.52 107.34 25.20
C ARG IA 345 -44.45 106.76 26.12
N GLY IA 346 -44.21 107.43 27.24
CA GLY IA 346 -43.21 106.95 28.19
C GLY IA 346 -43.59 107.16 29.64
N HIS IA 347 -43.61 106.07 30.42
CA HIS IA 347 -44.14 106.09 31.77
C HIS IA 347 -43.29 105.25 32.70
N LYS IA 348 -42.94 105.83 33.86
CA LYS IA 348 -42.30 105.11 34.95
C LYS IA 348 -42.98 103.77 35.20
N ALA IA 349 -42.18 102.71 35.33
CA ALA IA 349 -42.72 101.37 35.52
C ALA IA 349 -41.78 100.56 36.39
N THR IA 350 -42.32 99.50 36.99
CA THR IA 350 -41.59 98.68 37.95
C THR IA 350 -42.09 97.26 37.88
N VAL IA 351 -41.15 96.31 37.84
CA VAL IA 351 -41.45 94.87 37.82
C VAL IA 351 -40.91 94.24 39.08
N SER IA 352 -41.75 93.44 39.75
CA SER IA 352 -41.32 92.65 40.90
C SER IA 352 -41.12 91.20 40.44
N THR IA 353 -39.88 90.74 40.47
CA THR IA 353 -39.55 89.37 40.07
C THR IA 353 -39.88 88.33 41.13
N GLY IA 354 -40.22 88.75 42.34
CA GLY IA 354 -40.62 87.80 43.37
C GLY IA 354 -42.12 87.68 43.46
N SER IA 355 -42.83 88.58 42.77
CA SER IA 355 -44.28 88.50 42.67
C SER IA 355 -44.68 87.21 41.96
N VAL IA 356 -45.82 86.65 42.38
CA VAL IA 356 -46.31 85.40 41.82
C VAL IA 356 -46.70 85.56 40.36
N HIS IA 357 -46.86 86.80 39.88
CA HIS IA 357 -47.23 87.06 38.49
C HIS IA 357 -46.02 87.28 37.58
N PHE IA 358 -44.81 87.10 38.10
CA PHE IA 358 -43.60 87.13 37.27
C PHE IA 358 -43.35 85.71 36.75
N THR IA 359 -43.89 85.42 35.57
CA THR IA 359 -43.81 84.11 34.94
C THR IA 359 -43.31 84.25 33.51
N PRO IA 360 -42.04 84.62 33.32
CA PRO IA 360 -41.56 84.84 31.95
C PRO IA 360 -41.40 83.56 31.15
N LYS IA 361 -41.20 82.41 31.82
CA LYS IA 361 -41.17 81.15 31.08
C LYS IA 361 -42.49 80.88 30.38
N LEU IA 362 -43.60 81.33 30.97
CA LEU IA 362 -44.92 81.10 30.39
C LEU IA 362 -45.32 82.18 29.40
N GLY IA 363 -44.71 83.37 29.47
CA GLY IA 363 -44.92 84.36 28.44
C GLY IA 363 -45.49 85.68 28.92
N SER IA 364 -45.62 85.85 30.23
CA SER IA 364 -46.25 87.05 30.77
C SER IA 364 -45.48 87.57 31.96
N VAL IA 365 -45.38 88.90 32.04
CA VAL IA 365 -44.76 89.61 33.16
C VAL IA 365 -45.66 90.79 33.50
N GLN IA 366 -45.65 91.19 34.78
CA GLN IA 366 -46.54 92.23 35.27
C GLN IA 366 -45.75 93.43 35.73
N PHE IA 367 -46.12 94.61 35.23
CA PHE IA 367 -45.55 95.88 35.64
C PHE IA 367 -46.57 96.70 36.42
N THR IA 368 -46.07 97.55 37.30
CA THR IA 368 -46.89 98.57 37.96
C THR IA 368 -46.44 99.94 37.47
N THR IA 369 -47.37 100.70 36.91
CA THR IA 369 -47.07 101.90 36.14
C THR IA 369 -47.57 103.13 36.89
N ASP IA 370 -47.37 104.29 36.28
CA ASP IA 370 -47.87 105.55 36.82
C ASP IA 370 -49.11 106.06 36.09
N THR IA 371 -49.79 105.19 35.35
CA THR IA 371 -51.09 105.48 34.76
C THR IA 371 -51.90 104.20 34.68
N ASN IA 372 -53.22 104.37 34.61
CA ASN IA 372 -54.13 103.27 34.34
C ASN IA 372 -54.69 103.35 32.93
N ASN IA 373 -54.26 104.34 32.16
CA ASN IA 373 -54.66 104.53 30.77
C ASN IA 373 -53.36 104.72 29.99
N ASP IA 374 -53.47 105.27 28.78
CA ASP IA 374 -52.32 105.80 28.04
C ASP IA 374 -51.34 104.70 27.60
N LEU IA 375 -51.83 103.47 27.43
CA LEU IA 375 -51.04 102.40 26.83
C LEU IA 375 -51.94 101.57 25.91
N GLU IA 376 -51.70 101.66 24.61
CA GLU IA 376 -52.57 101.01 23.64
C GLU IA 376 -52.53 99.48 23.83
N THR IA 377 -53.56 98.84 23.29
CA THR IA 377 -53.79 97.41 23.50
C THR IA 377 -53.01 96.51 22.55
N GLY IA 378 -52.64 97.01 21.38
CA GLY IA 378 -52.04 96.16 20.37
C GLY IA 378 -50.63 96.51 19.91
N GLN IA 379 -50.03 97.54 20.50
CA GLN IA 379 -48.75 98.05 20.01
C GLN IA 379 -47.58 97.42 20.75
N ASN IA 380 -46.43 97.37 20.07
CA ASN IA 380 -45.21 96.83 20.63
C ASN IA 380 -44.66 97.76 21.72
N THR IA 381 -44.22 97.16 22.82
CA THR IA 381 -43.79 97.89 24.01
C THR IA 381 -42.48 97.33 24.53
N LYS IA 382 -41.58 98.23 24.92
CA LYS IA 382 -40.24 97.88 25.38
C LYS IA 382 -40.04 98.39 26.80
N PHE IA 383 -39.58 97.51 27.69
CA PHE IA 383 -39.18 97.90 29.04
C PHE IA 383 -37.67 98.14 29.08
N THR IA 384 -37.29 99.40 29.32
CA THR IA 384 -35.89 99.75 29.47
C THR IA 384 -35.55 99.84 30.95
N PRO IA 385 -34.72 98.95 31.48
CA PRO IA 385 -34.40 99.01 32.92
C PRO IA 385 -33.42 100.11 33.24
N VAL IA 386 -33.49 100.57 34.49
CA VAL IA 386 -32.68 101.70 34.95
C VAL IA 386 -31.98 101.38 36.27
N GLY IA 387 -32.72 100.79 37.21
CA GLY IA 387 -32.18 100.59 38.53
C GLY IA 387 -33.08 99.72 39.38
N VAL IA 388 -32.75 99.63 40.66
CA VAL IA 388 -33.47 98.79 41.60
C VAL IA 388 -34.00 99.66 42.75
N VAL IA 389 -35.07 99.16 43.38
CA VAL IA 389 -35.76 99.86 44.47
C VAL IA 389 -35.96 98.87 45.62
N GLN IA 390 -36.29 99.41 46.80
CA GLN IA 390 -36.38 98.63 48.02
C GLN IA 390 -37.60 99.04 48.83
N ASP IA 391 -38.28 98.04 49.41
CA ASP IA 391 -39.39 98.28 50.31
C ASP IA 391 -38.87 98.85 51.62
N GLY IA 392 -39.19 100.13 51.88
CA GLY IA 392 -38.52 100.87 52.94
C GLY IA 392 -38.89 100.46 54.36
N ASN IA 393 -40.00 99.75 54.53
CA ASN IA 393 -40.46 99.37 55.86
C ASN IA 393 -39.85 98.07 56.38
N SER IA 394 -39.28 97.26 55.51
CA SER IA 394 -38.62 96.02 55.92
C SER IA 394 -37.15 96.31 56.23
N ALA IA 395 -36.40 95.25 56.52
CA ALA IA 395 -35.00 95.39 56.91
C ALA IA 395 -34.20 96.08 55.80
N HIS IA 396 -33.34 96.99 56.20
CA HIS IA 396 -32.54 97.76 55.24
C HIS IA 396 -31.59 96.86 54.48
N GLN IA 397 -31.53 97.04 53.16
CA GLN IA 397 -30.62 96.28 52.28
C GLN IA 397 -30.99 94.80 52.20
N ASN IA 398 -32.27 94.49 52.12
CA ASN IA 398 -32.73 93.11 52.09
C ASN IA 398 -33.59 92.75 50.88
N GLU IA 399 -34.01 93.72 50.08
CA GLU IA 399 -35.00 93.45 49.05
C GLU IA 399 -34.35 92.80 47.83
N PRO IA 400 -33.29 93.40 47.22
CA PRO IA 400 -32.68 92.75 46.06
C PRO IA 400 -31.72 91.65 46.49
N GLN IA 401 -32.16 90.39 46.37
CA GLN IA 401 -31.36 89.22 46.76
C GLN IA 401 -30.73 88.64 45.50
N GLN IA 402 -29.48 89.04 45.23
CA GLN IA 402 -28.87 88.73 43.94
C GLN IA 402 -28.61 87.24 43.76
N TRP IA 403 -28.45 86.49 44.85
CA TRP IA 403 -28.17 85.06 44.75
C TRP IA 403 -29.42 84.22 44.97
N VAL IA 404 -30.59 84.80 44.87
CA VAL IA 404 -31.85 84.08 44.94
C VAL IA 404 -32.48 84.13 43.55
N LEU IA 405 -32.69 82.96 42.96
CA LEU IA 405 -33.27 82.97 41.64
C LEU IA 405 -34.78 83.18 41.74
N PRO IA 406 -35.35 83.99 40.85
CA PRO IA 406 -36.81 84.01 40.72
C PRO IA 406 -37.33 82.66 40.26
N ASN IA 407 -38.64 82.48 40.42
CA ASN IA 407 -39.30 81.28 39.92
C ASN IA 407 -39.82 81.61 38.53
N TYR IA 408 -39.10 81.13 37.52
CA TYR IA 408 -39.33 81.59 36.15
C TYR IA 408 -40.70 81.19 35.63
N SER IA 409 -41.31 80.16 36.21
CA SER IA 409 -42.70 79.80 35.90
C SER IA 409 -43.64 80.14 37.05
N GLY IA 410 -43.24 81.08 37.91
CA GLY IA 410 -44.01 81.44 39.09
C GLY IA 410 -44.46 80.23 39.88
N ARG IA 411 -45.66 80.32 40.44
CA ARG IA 411 -46.19 79.24 41.26
C ARG IA 411 -46.37 77.94 40.49
N THR IA 412 -46.37 78.00 39.16
CA THR IA 412 -46.50 76.80 38.34
C THR IA 412 -45.15 76.10 38.24
N GLY IA 413 -45.17 74.77 38.37
CA GLY IA 413 -43.98 73.95 38.21
C GLY IA 413 -42.73 74.44 38.90
N HIS IA 414 -41.57 74.19 38.29
CA HIS IA 414 -40.29 74.62 38.82
C HIS IA 414 -39.36 75.00 37.68
N ASN IA 415 -38.26 75.66 38.05
CA ASN IA 415 -37.24 76.03 37.07
C ASN IA 415 -36.64 74.76 36.48
N VAL IA 416 -36.22 74.84 35.22
CA VAL IA 416 -36.08 73.63 34.41
C VAL IA 416 -34.66 73.37 33.93
N HIS IA 417 -34.06 74.31 33.19
CA HIS IA 417 -32.75 74.04 32.63
C HIS IA 417 -31.70 75.05 33.08
N LEU IA 418 -31.46 75.09 34.38
CA LEU IA 418 -30.57 76.09 34.96
C LEU IA 418 -29.11 75.73 34.70
N ALA IA 419 -28.29 76.77 34.57
CA ALA IA 419 -26.85 76.58 34.60
C ALA IA 419 -26.43 76.14 36.00
N PRO IA 420 -25.41 75.29 36.10
CA PRO IA 420 -25.05 74.73 37.41
C PRO IA 420 -24.60 75.82 38.37
N ALA IA 421 -24.69 75.52 39.66
CA ALA IA 421 -24.16 76.40 40.67
C ALA IA 421 -22.64 76.33 40.69
N VAL IA 422 -22.03 77.29 41.38
CA VAL IA 422 -20.60 77.55 41.29
C VAL IA 422 -20.06 77.75 42.70
N ALA IA 423 -18.98 77.04 43.03
CA ALA IA 423 -18.35 77.15 44.33
C ALA IA 423 -16.88 76.77 44.20
N PRO IA 424 -16.01 77.33 45.03
CA PRO IA 424 -14.61 76.90 45.01
C PRO IA 424 -14.47 75.45 45.47
N THR IA 425 -13.59 74.72 44.78
CA THR IA 425 -13.41 73.30 45.01
C THR IA 425 -12.07 72.96 45.66
N PHE IA 426 -11.10 73.87 45.61
CA PHE IA 426 -9.74 73.72 46.10
C PHE IA 426 -9.57 74.44 47.44
N PRO IA 427 -8.87 73.81 48.39
CA PRO IA 427 -8.65 74.43 49.70
C PRO IA 427 -8.03 75.82 49.59
N GLY IA 428 -8.59 76.76 50.35
CA GLY IA 428 -8.05 78.10 50.44
C GLY IA 428 -8.58 79.08 49.42
N GLU IA 429 -9.49 78.64 48.55
CA GLU IA 429 -9.91 79.41 47.39
C GLU IA 429 -11.33 79.94 47.57
N GLN IA 430 -11.57 81.14 47.04
CA GLN IA 430 -12.89 81.73 46.99
C GLN IA 430 -13.17 82.22 45.57
N LEU IA 431 -14.45 82.33 45.24
CA LEU IA 431 -14.84 82.89 43.95
C LEU IA 431 -14.31 84.30 43.78
N LEU IA 432 -14.04 84.68 42.54
CA LEU IA 432 -13.72 86.05 42.18
C LEU IA 432 -14.87 86.61 41.35
N PHE IA 433 -15.47 87.69 41.85
CA PHE IA 433 -16.66 88.27 41.26
C PHE IA 433 -16.28 89.58 40.57
N PHE IA 434 -16.93 89.85 39.44
CA PHE IA 434 -16.85 91.16 38.80
C PHE IA 434 -18.03 91.98 39.29
N ARG IA 435 -17.74 92.98 40.14
CA ARG IA 435 -18.78 93.61 40.94
C ARG IA 435 -19.12 94.99 40.39
N SER IA 436 -20.42 95.21 40.20
CA SER IA 436 -20.97 96.44 39.67
C SER IA 436 -22.01 96.91 40.67
N THR IA 437 -22.28 98.21 40.69
CA THR IA 437 -23.28 98.77 41.60
C THR IA 437 -24.47 99.30 40.81
N MET IA 438 -25.64 98.73 41.07
CA MET IA 438 -26.84 99.09 40.33
C MET IA 438 -27.33 100.45 40.80
N PRO IA 439 -27.87 101.26 39.91
CA PRO IA 439 -28.54 102.49 40.35
C PRO IA 439 -29.67 102.18 41.32
N GLY IA 440 -29.74 102.97 42.39
CA GLY IA 440 -30.86 102.92 43.32
C GLY IA 440 -31.85 104.02 43.02
N CYS IA 441 -33.13 103.65 42.97
CA CYS IA 441 -34.18 104.57 42.52
C CYS IA 441 -35.17 104.94 43.61
N SER IA 442 -35.29 104.16 44.67
CA SER IA 442 -36.16 104.48 45.79
C SER IA 442 -35.92 103.49 46.92
N GLY IA 443 -35.82 104.01 48.14
CA GLY IA 443 -35.60 103.17 49.31
C GLY IA 443 -34.15 103.00 49.69
N TYR IA 444 -33.83 101.86 50.31
CA TYR IA 444 -32.48 101.52 50.76
C TYR IA 444 -32.08 100.16 50.20
N PRO IA 445 -31.87 100.07 48.88
CA PRO IA 445 -31.71 98.76 48.24
C PRO IA 445 -30.29 98.22 48.30
N ASN IA 446 -30.19 96.91 48.11
CA ASN IA 446 -28.90 96.24 48.07
C ASN IA 446 -28.34 96.38 46.66
N MET IA 447 -27.48 97.38 46.47
CA MET IA 447 -27.07 97.80 45.14
C MET IA 447 -25.92 96.98 44.57
N ASN IA 448 -25.45 95.98 45.30
CA ASN IA 448 -24.32 95.17 44.88
C ASN IA 448 -24.75 94.09 43.88
N LEU IA 449 -24.07 94.04 42.74
CA LEU IA 449 -24.32 93.02 41.72
C LEU IA 449 -23.01 92.36 41.33
N ASP IA 450 -22.92 91.05 41.55
CA ASP IA 450 -21.75 90.27 41.19
C ASP IA 450 -22.09 89.33 40.04
N CYS IA 451 -21.27 89.36 38.99
CA CYS IA 451 -21.38 88.41 37.88
C CYS IA 451 -20.09 87.61 37.75
N LEU IA 452 -20.20 86.43 37.12
CA LEU IA 452 -19.05 85.54 37.02
C LEU IA 452 -18.12 85.89 35.88
N LEU IA 453 -18.65 86.47 34.79
CA LEU IA 453 -17.87 86.86 33.62
C LEU IA 453 -18.37 88.21 33.12
N PRO IA 454 -17.47 89.14 32.80
CA PRO IA 454 -17.90 90.36 32.09
C PRO IA 454 -18.51 90.01 30.74
N GLN IA 455 -19.46 90.85 30.31
CA GLN IA 455 -20.20 90.55 29.09
C GLN IA 455 -19.29 90.48 27.87
N GLU IA 456 -18.22 91.28 27.86
CA GLU IA 456 -17.25 91.20 26.77
C GLU IA 456 -16.53 89.85 26.76
N TRP IA 457 -16.32 89.24 27.93
CA TRP IA 457 -15.74 87.91 27.95
C TRP IA 457 -16.69 86.89 27.33
N VAL IA 458 -17.99 87.03 27.59
CA VAL IA 458 -18.97 86.14 26.97
C VAL IA 458 -18.95 86.30 25.45
N LEU IA 459 -18.98 87.55 24.98
CA LEU IA 459 -18.85 87.82 23.55
C LEU IA 459 -17.59 87.18 22.97
N HIS IA 460 -16.46 87.38 23.65
CA HIS IA 460 -15.17 86.89 23.14
C HIS IA 460 -15.15 85.37 23.07
N PHE IA 461 -15.52 84.70 24.16
CA PHE IA 461 -15.55 83.25 24.17
C PHE IA 461 -16.49 82.71 23.11
N TYR IA 462 -17.63 83.38 22.90
CA TYR IA 462 -18.61 82.92 21.93
C TYR IA 462 -18.03 82.93 20.51
N GLN IA 463 -17.38 84.03 20.12
CA GLN IA 463 -16.90 84.13 18.75
C GLN IA 463 -15.70 83.22 18.51
N GLU IA 464 -14.73 83.22 19.44
CA GLU IA 464 -13.54 82.38 19.28
C GLU IA 464 -13.82 81.04 19.96
N ALA IA 465 -14.30 80.06 19.18
CA ALA IA 465 -14.77 78.81 19.78
C ALA IA 465 -13.57 77.91 20.07
N ALA IA 466 -12.65 78.45 20.87
CA ALA IA 466 -11.39 77.77 21.15
C ALA IA 466 -11.61 76.60 22.09
N PRO IA 467 -11.25 75.37 21.70
CA PRO IA 467 -11.41 74.24 22.62
C PRO IA 467 -10.49 74.39 23.83
N ALA IA 468 -11.04 74.11 25.00
CA ALA IA 468 -10.26 74.17 26.22
C ALA IA 468 -9.36 72.94 26.30
N GLN IA 469 -8.06 73.17 26.45
CA GLN IA 469 -7.10 72.07 26.52
C GLN IA 469 -7.04 71.44 27.91
N SER IA 470 -7.58 72.10 28.92
CA SER IA 470 -7.75 71.51 30.24
C SER IA 470 -8.86 72.29 30.92
N ASP IA 471 -9.18 71.89 32.16
CA ASP IA 471 -10.37 72.45 32.80
C ASP IA 471 -10.15 73.82 33.42
N VAL IA 472 -8.91 74.30 33.51
CA VAL IA 472 -8.62 75.58 34.15
C VAL IA 472 -7.56 76.32 33.33
N ALA IA 473 -7.82 77.59 33.05
CA ALA IA 473 -6.85 78.47 32.42
C ALA IA 473 -6.29 79.42 33.48
N LEU IA 474 -4.97 79.38 33.67
CA LEU IA 474 -4.32 80.25 34.64
C LEU IA 474 -4.17 81.65 34.07
N LEU IA 475 -4.69 82.63 34.79
CA LEU IA 475 -4.54 84.04 34.44
C LEU IA 475 -3.73 84.75 35.50
N ARG IA 476 -2.92 85.72 35.08
CA ARG IA 476 -2.22 86.61 35.99
C ARG IA 476 -2.65 88.03 35.68
N PHE IA 477 -2.96 88.80 36.72
CA PHE IA 477 -3.41 90.17 36.57
C PHE IA 477 -2.21 91.08 36.68
N VAL IA 478 -1.97 91.89 35.65
CA VAL IA 478 -0.71 92.59 35.50
C VAL IA 478 -0.97 94.09 35.45
N ASN IA 479 -0.14 94.84 36.14
CA ASN IA 479 -0.12 96.30 36.06
C ASN IA 479 0.91 96.68 35.00
N PRO IA 480 0.48 97.08 33.80
CA PRO IA 480 1.44 97.29 32.71
C PRO IA 480 2.36 98.47 32.94
N ASP IA 481 1.98 99.42 33.79
CA ASP IA 481 2.89 100.51 34.12
C ASP IA 481 4.12 99.99 34.87
N THR IA 482 3.90 99.17 35.90
CA THR IA 482 5.01 98.66 36.70
C THR IA 482 5.56 97.34 36.20
N GLY IA 483 4.82 96.62 35.35
CA GLY IA 483 5.22 95.28 34.95
C GLY IA 483 4.94 94.20 35.97
N ARG IA 484 4.36 94.53 37.11
CA ARG IA 484 4.19 93.57 38.19
C ARG IA 484 2.88 92.80 38.08
N VAL IA 485 2.93 91.56 38.57
CA VAL IA 485 1.74 90.73 38.72
C VAL IA 485 1.10 91.07 40.07
N LEU IA 486 -0.22 91.32 40.06
CA LEU IA 486 -0.93 91.68 41.27
C LEU IA 486 -1.49 90.44 41.95
N PHE IA 487 -2.12 89.56 41.18
CA PHE IA 487 -2.60 88.28 41.69
C PHE IA 487 -2.71 87.33 40.51
N GLU IA 488 -2.84 86.04 40.82
CA GLU IA 488 -3.16 85.05 39.81
C GLU IA 488 -4.49 84.38 40.17
N CYS IA 489 -5.17 83.90 39.14
CA CYS IA 489 -6.49 83.33 39.33
C CYS IA 489 -6.70 82.17 38.37
N LYS IA 490 -7.71 81.36 38.67
CA LYS IA 490 -8.06 80.19 37.89
C LYS IA 490 -9.37 80.45 37.16
N LEU IA 491 -9.31 80.45 35.83
CA LEU IA 491 -10.51 80.54 34.99
C LEU IA 491 -10.93 79.13 34.58
N HIS IA 492 -12.05 78.65 35.13
CA HIS IA 492 -12.55 77.31 34.86
C HIS IA 492 -13.40 77.29 33.59
N LYS IA 493 -13.40 76.16 32.89
CA LYS IA 493 -14.14 76.04 31.64
C LYS IA 493 -15.60 76.42 31.83
N SER IA 494 -16.17 76.10 33.00
CA SER IA 494 -17.57 76.36 33.29
C SER IA 494 -17.91 77.85 33.26
N GLY IA 495 -16.92 78.72 33.11
CA GLY IA 495 -17.17 80.15 33.08
C GLY IA 495 -17.24 80.82 34.44
N TYR IA 496 -16.24 80.60 35.28
CA TYR IA 496 -16.13 81.31 36.55
C TYR IA 496 -14.67 81.37 36.96
N VAL IA 497 -14.37 82.33 37.83
CA VAL IA 497 -12.99 82.62 38.24
C VAL IA 497 -12.86 82.36 39.73
N THR IA 498 -11.67 81.90 40.13
CA THR IA 498 -11.36 81.64 41.52
C THR IA 498 -10.02 82.27 41.87
N VAL IA 499 -9.83 82.62 43.15
CA VAL IA 499 -8.58 83.17 43.65
C VAL IA 499 -8.28 82.56 45.01
N ALA IA 500 -7.04 82.69 45.44
CA ALA IA 500 -6.60 82.18 46.74
C ALA IA 500 -6.68 83.31 47.75
N HIS IA 501 -7.76 83.31 48.52
CA HIS IA 501 -7.98 84.32 49.54
C HIS IA 501 -9.01 83.80 50.52
N THR IA 502 -9.00 84.34 51.74
CA THR IA 502 -9.94 83.96 52.78
C THR IA 502 -10.53 85.24 53.38
N GLY IA 503 -11.86 85.32 53.41
CA GLY IA 503 -12.54 86.49 53.89
C GLY IA 503 -12.98 87.41 52.77
N PRO IA 504 -13.93 88.30 53.06
CA PRO IA 504 -14.33 89.30 52.05
C PRO IA 504 -13.24 90.33 51.82
N HIS IA 505 -13.19 90.83 50.58
CA HIS IA 505 -12.15 91.79 50.20
C HIS IA 505 -12.49 92.46 48.87
N ASP IA 506 -12.56 93.79 48.87
CA ASP IA 506 -12.58 94.55 47.61
C ASP IA 506 -11.17 94.76 47.11
N LEU IA 507 -10.92 94.37 45.86
CA LEU IA 507 -9.57 94.40 45.32
C LEU IA 507 -9.13 95.81 44.99
N VAL IA 508 -7.86 96.09 45.22
CA VAL IA 508 -7.25 97.38 44.89
C VAL IA 508 -6.56 97.19 43.54
N ILE IA 509 -7.16 97.73 42.48
CA ILE IA 509 -6.79 97.41 41.11
C ILE IA 509 -6.30 98.69 40.45
N PRO IA 510 -5.10 98.70 39.86
CA PRO IA 510 -4.69 99.83 39.02
C PRO IA 510 -5.62 99.99 37.83
N PRO IA 511 -5.95 101.23 37.46
CA PRO IA 511 -6.91 101.44 36.37
C PRO IA 511 -6.49 100.83 35.04
N ASN IA 512 -5.20 100.55 34.83
CA ASN IA 512 -4.71 100.01 33.58
C ASN IA 512 -4.49 98.50 33.62
N GLY IA 513 -4.87 97.84 34.72
CA GLY IA 513 -4.57 96.43 34.86
C GLY IA 513 -5.41 95.57 33.93
N TYR IA 514 -4.79 94.51 33.44
CA TYR IA 514 -5.42 93.60 32.47
C TYR IA 514 -5.11 92.17 32.87
N PHE IA 515 -5.89 91.23 32.34
CA PHE IA 515 -5.66 89.81 32.54
C PHE IA 515 -4.76 89.25 31.46
N ARG IA 516 -3.81 88.40 31.87
CA ARG IA 516 -2.86 87.77 30.97
C ARG IA 516 -2.96 86.26 31.09
N PHE IA 517 -3.20 85.58 29.98
CA PHE IA 517 -3.28 84.12 29.97
C PHE IA 517 -1.86 83.55 29.92
N ASP IA 518 -1.52 82.73 30.91
CA ASP IA 518 -0.15 82.25 31.07
C ASP IA 518 0.00 80.76 30.84
N SER IA 519 -0.98 79.94 31.19
CA SER IA 519 -0.82 78.49 31.08
C SER IA 519 -2.16 77.81 31.30
N TRP IA 520 -2.31 76.64 30.69
CA TRP IA 520 -3.35 75.68 31.06
C TRP IA 520 -2.94 74.91 32.31
N VAL IA 521 -3.86 74.77 33.26
CA VAL IA 521 -3.63 74.04 34.49
C VAL IA 521 -4.87 73.21 34.79
N ASN IA 522 -4.80 72.40 35.82
CA ASN IA 522 -5.98 71.67 36.28
C ASN IA 522 -6.45 72.24 37.62
N GLN IA 523 -7.52 71.67 38.15
CA GLN IA 523 -8.13 72.23 39.35
C GLN IA 523 -7.23 72.13 40.58
N PHE IA 524 -6.14 71.38 40.49
CA PHE IA 524 -5.23 71.18 41.61
C PHE IA 524 -4.10 72.20 41.66
N TYR IA 525 -4.07 73.15 40.73
CA TYR IA 525 -3.05 74.20 40.76
C TYR IA 525 -3.21 75.04 42.02
N THR IA 526 -2.10 75.33 42.68
CA THR IA 526 -2.10 76.10 43.91
C THR IA 526 -1.71 77.54 43.61
N LEU IA 527 -2.62 78.46 43.90
CA LEU IA 527 -2.44 79.85 43.52
C LEU IA 527 -1.61 80.57 44.57
N ALA IA 528 -0.84 81.56 44.12
CA ALA IA 528 -0.06 82.35 45.04
C ALA IA 528 -0.99 83.13 45.96
N PRO IA 529 -0.71 83.19 47.26
CA PRO IA 529 -1.58 83.95 48.17
C PRO IA 529 -1.57 85.43 47.82
N MET IA 530 -2.75 85.99 47.64
CA MET IA 530 -2.94 87.31 47.04
C MET IA 530 -3.31 88.39 48.05
N GLY IA 531 -4.29 88.13 48.92
CA GLY IA 531 -5.02 89.21 49.54
C GLY IA 531 -4.19 90.00 50.53
N ASN IA 532 -4.67 91.22 50.82
CA ASN IA 532 -4.09 92.08 51.85
C ASN IA 532 -2.60 92.37 51.59
N ASN JA 24 -11.27 21.88 -3.62
CA ASN JA 24 -10.48 20.96 -2.82
C ASN JA 24 -10.62 21.21 -1.31
N GLU JA 25 -9.50 21.16 -0.58
CA GLU JA 25 -9.50 21.27 0.87
C GLU JA 25 -8.66 22.45 1.37
N VAL JA 26 -8.45 23.46 0.52
CA VAL JA 26 -7.57 24.58 0.84
C VAL JA 26 -8.34 25.89 0.73
N MET JA 27 -8.21 26.75 1.74
CA MET JA 27 -8.89 28.04 1.76
C MET JA 27 -8.09 29.04 0.92
N ALA JA 28 -8.75 29.62 -0.08
CA ALA JA 28 -8.10 30.55 -1.01
C ALA JA 28 -7.99 31.94 -0.38
N LEU JA 29 -7.14 32.03 0.63
CA LEU JA 29 -6.81 33.29 1.28
C LEU JA 29 -5.32 33.55 1.14
N GLU JA 30 -4.94 34.80 0.92
CA GLU JA 30 -3.55 35.18 0.99
C GLU JA 30 -3.09 35.14 2.43
N PRO JA 31 -1.78 35.09 2.68
CA PRO JA 31 -1.29 35.29 4.04
C PRO JA 31 -1.63 36.69 4.52
N VAL JA 32 -1.83 36.82 5.83
CA VAL JA 32 -2.19 38.10 6.43
C VAL JA 32 -1.34 38.30 7.68
N VAL JA 33 -0.64 39.42 7.74
CA VAL JA 33 0.31 39.65 8.82
C VAL JA 33 -0.46 39.89 10.11
N GLY JA 34 0.10 39.41 11.22
CA GLY JA 34 -0.47 39.65 12.52
C GLY JA 34 0.11 40.88 13.18
N ALA JA 35 0.62 40.73 14.41
CA ALA JA 35 1.06 41.90 15.16
C ALA JA 35 2.42 42.40 14.70
N ALA JA 36 3.12 41.64 13.86
CA ALA JA 36 4.44 42.06 13.39
C ALA JA 36 4.37 43.42 12.70
N ILE JA 37 3.34 43.64 11.87
CA ILE JA 37 3.20 44.91 11.18
C ILE JA 37 2.98 46.05 12.16
N ALA JA 38 2.46 45.76 13.34
CA ALA JA 38 2.16 46.79 14.32
C ALA JA 38 3.35 47.18 15.17
N ALA JA 39 4.45 46.42 15.07
CA ALA JA 39 5.60 46.63 15.94
C ALA JA 39 6.14 48.05 15.89
N PRO JA 40 6.32 48.70 14.73
CA PRO JA 40 6.83 50.08 14.73
C PRO JA 40 5.88 51.08 15.37
N VAL JA 41 4.61 50.76 15.54
CA VAL JA 41 3.63 51.68 16.11
C VAL JA 41 3.02 51.20 17.41
N ALA JA 42 3.25 49.95 17.82
CA ALA JA 42 2.82 49.52 19.13
C ALA JA 42 3.80 50.01 20.21
N GLY JA 43 3.28 50.20 21.42
CA GLY JA 43 4.13 50.62 22.52
C GLY JA 43 5.14 49.59 22.97
N GLN JA 44 4.77 48.31 22.91
CA GLN JA 44 5.60 47.27 23.54
C GLN JA 44 5.41 45.94 22.83
N GLN JA 45 6.27 44.99 23.18
CA GLN JA 45 6.27 43.65 22.63
C GLN JA 45 5.91 42.68 23.75
N ASN JA 46 4.88 41.87 23.55
CA ASN JA 46 4.40 40.96 24.59
C ASN JA 46 4.46 39.51 24.12
N VAL JA 47 4.23 38.62 25.09
CA VAL JA 47 4.35 37.18 24.88
C VAL JA 47 3.12 36.50 25.49
N ILE JA 48 2.59 35.52 24.78
CA ILE JA 48 1.50 34.68 25.24
C ILE JA 48 2.08 33.32 25.63
N ASP JA 49 1.56 32.75 26.70
CA ASP JA 49 2.02 31.44 27.16
C ASP JA 49 1.95 30.45 25.98
N PRO JA 50 3.06 29.81 25.62
CA PRO JA 50 3.07 28.94 24.43
C PRO JA 50 2.06 27.79 24.45
N TRP JA 51 1.69 27.30 25.63
CA TRP JA 51 0.68 26.23 25.67
C TRP JA 51 -0.64 26.69 25.07
N ILE JA 52 -1.01 27.95 25.32
CA ILE JA 52 -2.23 28.50 24.74
C ILE JA 52 -2.15 28.47 23.22
N ARG JA 53 -0.95 28.65 22.67
CA ARG JA 53 -0.77 28.62 21.22
C ARG JA 53 -0.73 27.22 20.64
N ASN JA 54 -0.40 26.20 21.43
CA ASN JA 54 -0.21 24.86 20.93
C ASN JA 54 -1.39 23.94 21.17
N ASN JA 55 -2.49 24.43 21.72
CA ASN JA 55 -3.58 23.55 22.14
C ASN JA 55 -4.92 24.16 21.76
N PHE JA 56 -5.69 23.39 21.00
CA PHE JA 56 -7.02 23.79 20.58
C PHE JA 56 -7.99 23.83 21.76
N VAL JA 57 -8.87 24.82 21.74
CA VAL JA 57 -9.83 25.05 22.81
C VAL JA 57 -11.18 25.33 22.16
N GLN JA 58 -12.24 24.79 22.74
CA GLN JA 58 -13.56 24.92 22.13
C GLN JA 58 -14.11 26.33 22.30
N ALA JA 59 -14.59 26.90 21.19
CA ALA JA 59 -15.22 28.20 21.25
C ALA JA 59 -16.46 28.11 22.13
N PRO JA 60 -16.79 29.17 22.85
CA PRO JA 60 -17.93 29.11 23.77
C PRO JA 60 -19.23 28.62 23.14
N GLY JA 61 -19.52 29.05 21.92
CA GLY JA 61 -20.70 28.54 21.24
C GLY JA 61 -20.34 27.87 19.94
N GLY JA 62 -19.37 26.96 20.00
CA GLY JA 62 -18.82 26.34 18.82
C GLY JA 62 -19.35 24.94 18.62
N GLU JA 63 -20.66 24.81 18.73
CA GLU JA 63 -21.37 23.57 18.46
C GLU JA 63 -22.51 23.84 17.49
N PHE JA 64 -22.67 22.94 16.51
CA PHE JA 64 -23.84 22.98 15.65
C PHE JA 64 -24.12 21.57 15.15
N THR JA 65 -25.30 21.40 14.56
CA THR JA 65 -25.77 20.08 14.17
C THR JA 65 -26.32 20.11 12.74
N VAL JA 66 -25.98 19.07 11.99
CA VAL JA 66 -26.56 18.82 10.67
C VAL JA 66 -27.66 17.78 10.83
N SER JA 67 -28.87 18.16 10.48
CA SER JA 67 -30.04 17.31 10.60
C SER JA 67 -30.72 17.13 9.24
N PRO JA 68 -31.50 16.08 9.07
CA PRO JA 68 -32.19 15.89 7.78
C PRO JA 68 -33.25 16.94 7.52
N ARG JA 69 -33.69 17.67 8.55
CA ARG JA 69 -34.56 18.83 8.35
C ARG JA 69 -33.85 19.99 7.69
N ASN JA 70 -32.52 20.02 7.74
CA ASN JA 70 -31.77 21.17 7.21
C ASN JA 70 -31.79 21.16 5.69
N ALA JA 71 -31.85 22.36 5.11
CA ALA JA 71 -31.93 22.59 3.69
C ALA JA 71 -30.77 23.44 3.21
N PRO JA 72 -30.40 23.34 1.93
CA PRO JA 72 -29.29 24.17 1.41
C PRO JA 72 -29.52 25.65 1.66
N GLY JA 73 -28.44 26.34 2.04
CA GLY JA 73 -28.49 27.76 2.32
C GLY JA 73 -28.57 28.11 3.78
N GLU JA 74 -29.04 27.20 4.63
CA GLU JA 74 -29.19 27.51 6.04
C GLU JA 74 -27.83 27.66 6.71
N ILE JA 75 -27.63 28.77 7.41
CA ILE JA 75 -26.40 28.99 8.16
C ILE JA 75 -26.48 28.20 9.45
N LEU JA 76 -25.66 27.15 9.56
CA LEU JA 76 -25.66 26.34 10.78
C LEU JA 76 -24.86 26.97 11.92
N TRP JA 77 -23.87 27.81 11.61
CA TRP JA 77 -23.02 28.37 12.66
C TRP JA 77 -22.24 29.53 12.07
N SER JA 78 -21.91 30.51 12.93
CA SER JA 78 -21.13 31.65 12.50
C SER JA 78 -20.41 32.23 13.72
N ALA JA 79 -19.28 32.89 13.46
CA ALA JA 79 -18.52 33.55 14.52
C ALA JA 79 -17.56 34.55 13.91
N PRO JA 80 -17.34 35.70 14.55
CA PRO JA 80 -16.30 36.63 14.11
C PRO JA 80 -14.98 36.37 14.80
N LEU JA 81 -13.90 36.69 14.10
CA LEU JA 81 -12.56 36.57 14.68
C LEU JA 81 -12.39 37.51 15.86
N GLY JA 82 -11.82 37.00 16.93
CA GLY JA 82 -11.60 37.80 18.12
C GLY JA 82 -11.28 36.96 19.34
N PRO JA 83 -10.89 37.64 20.42
CA PRO JA 83 -10.51 36.91 21.65
C PRO JA 83 -11.64 36.12 22.29
N ASP JA 84 -12.90 36.43 22.02
CA ASP JA 84 -13.96 35.70 22.70
C ASP JA 84 -14.10 34.26 22.19
N LEU JA 85 -13.40 33.87 21.14
CA LEU JA 85 -13.46 32.50 20.67
C LEU JA 85 -12.67 31.55 21.55
N ASN JA 86 -11.90 32.08 22.49
CA ASN JA 86 -10.93 31.32 23.27
C ASN JA 86 -10.87 31.87 24.68
N PRO JA 87 -11.37 31.12 25.68
CA PRO JA 87 -11.50 31.68 27.03
C PRO JA 87 -10.17 32.09 27.63
N TYR JA 88 -9.07 31.45 27.22
CA TYR JA 88 -7.74 31.91 27.65
C TYR JA 88 -7.45 33.30 27.08
N LEU JA 89 -7.59 33.45 25.76
CA LEU JA 89 -7.35 34.76 25.15
C LEU JA 89 -8.33 35.80 25.67
N SER JA 90 -9.56 35.39 25.94
CA SER JA 90 -10.56 36.33 26.45
C SER JA 90 -10.15 36.86 27.81
N HIS JA 91 -9.62 35.99 28.67
CA HIS JA 91 -9.18 36.41 29.98
C HIS JA 91 -7.94 37.29 29.90
N LEU JA 92 -6.99 36.92 29.03
CA LEU JA 92 -5.79 37.73 28.86
C LEU JA 92 -6.13 39.12 28.34
N ALA JA 93 -7.11 39.21 27.45
CA ALA JA 93 -7.42 40.49 26.83
C ALA JA 93 -7.89 41.51 27.87
N ARG JA 94 -8.40 41.05 29.00
CA ARG JA 94 -8.82 41.97 30.05
C ARG JA 94 -7.65 42.70 30.71
N MET JA 95 -6.40 42.33 30.40
CA MET JA 95 -5.23 43.04 30.91
C MET JA 95 -4.38 43.65 29.79
N TYR JA 96 -4.87 43.62 28.55
CA TYR JA 96 -4.19 44.19 27.40
C TYR JA 96 -5.10 45.21 26.71
N ASN JA 97 -4.47 46.10 25.96
CA ASN JA 97 -5.17 47.19 25.28
C ASN JA 97 -5.54 46.85 23.84
N GLY JA 98 -4.80 45.98 23.18
CA GLY JA 98 -5.15 45.61 21.82
C GLY JA 98 -4.55 44.28 21.42
N TYR JA 99 -4.77 43.93 20.15
CA TYR JA 99 -4.32 42.66 19.61
C TYR JA 99 -4.29 42.78 18.09
N ALA JA 100 -3.69 41.78 17.46
CA ALA JA 100 -3.71 41.67 16.01
C ALA JA 100 -3.29 40.25 15.65
N GLY JA 101 -3.86 39.75 14.55
CA GLY JA 101 -3.51 38.44 14.04
C GLY JA 101 -4.68 37.48 14.10
N GLY JA 102 -4.44 36.31 13.51
CA GLY JA 102 -5.48 35.36 13.20
C GLY JA 102 -5.44 34.13 14.11
N PHE JA 103 -6.37 33.22 13.83
CA PHE JA 103 -6.51 31.98 14.58
C PHE JA 103 -6.43 30.81 13.62
N GLU JA 104 -6.16 29.63 14.18
CA GLU JA 104 -6.34 28.36 13.47
C GLU JA 104 -7.59 27.71 14.05
N VAL JA 105 -8.55 27.40 13.18
CA VAL JA 105 -9.82 26.83 13.60
C VAL JA 105 -9.84 25.35 13.25
N GLN JA 106 -10.28 24.54 14.21
CA GLN JA 106 -10.42 23.10 14.03
C GLN JA 106 -11.89 22.74 14.21
N VAL JA 107 -12.48 22.13 13.19
CA VAL JA 107 -13.89 21.74 13.23
C VAL JA 107 -13.97 20.23 13.11
N ILE JA 108 -14.78 19.62 13.96
CA ILE JA 108 -14.87 18.17 14.12
C ILE JA 108 -16.27 17.74 13.70
N LEU JA 109 -16.32 16.70 12.86
CA LEU JA 109 -17.56 16.23 12.26
C LEU JA 109 -17.78 14.79 12.71
N ALA JA 110 -18.92 14.53 13.35
CA ALA JA 110 -19.16 13.21 13.92
C ALA JA 110 -20.13 12.44 13.01
N GLY JA 111 -19.61 12.07 11.85
CA GLY JA 111 -20.31 11.24 10.89
C GLY JA 111 -19.85 9.80 10.93
N ASN JA 112 -20.21 9.06 9.88
CA ASN JA 112 -19.72 7.71 9.64
C ASN JA 112 -19.83 7.43 8.14
N ALA JA 113 -19.29 6.29 7.73
CA ALA JA 113 -19.18 5.98 6.31
C ALA JA 113 -20.52 5.82 5.60
N PHE JA 114 -21.60 5.65 6.35
CA PHE JA 114 -22.91 5.41 5.76
C PHE JA 114 -23.72 6.68 5.52
N THR JA 115 -23.11 7.85 5.66
CA THR JA 115 -23.79 9.13 5.47
C THR JA 115 -23.37 9.77 4.15
N ALA JA 116 -24.01 10.89 3.83
CA ALA JA 116 -23.64 11.70 2.68
C ALA JA 116 -24.15 13.12 2.90
N GLY JA 117 -23.44 14.08 2.33
CA GLY JA 117 -23.82 15.48 2.38
C GLY JA 117 -22.60 16.37 2.54
N LYS JA 118 -22.77 17.64 2.18
CA LYS JA 118 -21.65 18.58 2.20
C LYS JA 118 -21.98 19.80 3.06
N ILE JA 119 -20.95 20.28 3.76
CA ILE JA 119 -20.99 21.54 4.48
C ILE JA 119 -19.96 22.46 3.85
N ILE JA 120 -20.32 23.74 3.68
CA ILE JA 120 -19.38 24.74 3.22
C ILE JA 120 -18.98 25.62 4.40
N PHE JA 121 -17.67 25.80 4.56
CA PHE JA 121 -17.11 26.80 5.46
C PHE JA 121 -16.56 27.93 4.59
N ALA JA 122 -16.85 29.17 4.99
CA ALA JA 122 -16.49 30.30 4.15
C ALA JA 122 -15.97 31.47 4.99
N ALA JA 123 -14.99 32.18 4.44
CA ALA JA 123 -14.42 33.37 5.05
C ALA JA 123 -15.12 34.59 4.47
N VAL JA 124 -15.83 35.31 5.33
CA VAL JA 124 -16.58 36.50 4.95
C VAL JA 124 -15.82 37.73 5.43
N PRO JA 125 -15.61 38.73 4.60
CA PRO JA 125 -14.68 39.81 4.93
C PRO JA 125 -15.30 40.77 5.95
N PRO JA 126 -14.50 41.68 6.53
CA PRO JA 126 -14.96 42.38 7.74
C PRO JA 126 -16.28 43.14 7.64
N ASN JA 127 -16.50 43.93 6.59
CA ASN JA 127 -17.73 44.71 6.54
C ASN JA 127 -18.77 44.16 5.58
N PHE JA 128 -18.73 42.88 5.27
CA PHE JA 128 -19.77 42.35 4.40
C PHE JA 128 -20.84 41.65 5.21
N PRO JA 129 -22.12 41.92 4.93
CA PRO JA 129 -23.21 41.30 5.70
C PRO JA 129 -23.43 39.85 5.33
N THR JA 130 -23.64 39.02 6.37
CA THR JA 130 -23.99 37.62 6.19
C THR JA 130 -25.49 37.42 5.96
N GLU JA 131 -26.30 38.43 6.23
CA GLU JA 131 -27.73 38.29 6.39
C GLU JA 131 -28.41 38.17 5.02
N GLY JA 132 -28.63 36.94 4.57
CA GLY JA 132 -29.43 36.75 3.37
C GLY JA 132 -28.79 36.00 2.21
N LEU JA 133 -27.59 35.45 2.40
CA LEU JA 133 -26.86 34.85 1.29
C LEU JA 133 -27.54 33.57 0.82
N SER JA 134 -27.52 33.37 -0.51
CA SER JA 134 -27.87 32.10 -1.11
C SER JA 134 -26.66 31.17 -1.16
N PRO JA 135 -26.87 29.86 -1.31
CA PRO JA 135 -25.70 28.95 -1.37
C PRO JA 135 -24.74 29.26 -2.51
N SER JA 136 -25.25 29.52 -3.71
CA SER JA 136 -24.41 29.93 -4.83
C SER JA 136 -23.48 31.07 -4.41
N GLN JA 137 -24.03 32.09 -3.75
CA GLN JA 137 -23.24 33.26 -3.39
C GLN JA 137 -22.21 32.94 -2.30
N VAL JA 138 -22.58 32.11 -1.32
CA VAL JA 138 -21.63 31.76 -0.28
C VAL JA 138 -20.42 31.06 -0.87
N THR JA 139 -20.62 30.30 -1.95
CA THR JA 139 -19.51 29.69 -2.68
C THR JA 139 -18.56 30.74 -3.25
N MET JA 140 -19.00 31.99 -3.39
CA MET JA 140 -18.19 33.01 -4.04
C MET JA 140 -17.18 33.64 -3.10
N PHE JA 141 -17.26 33.36 -1.80
CA PHE JA 141 -16.21 33.76 -0.86
C PHE JA 141 -15.11 32.71 -0.89
N PRO JA 142 -13.95 33.02 -0.32
CA PRO JA 142 -12.99 31.94 -0.04
C PRO JA 142 -13.69 30.87 0.79
N HIS JA 143 -13.58 29.62 0.34
CA HIS JA 143 -14.44 28.60 0.95
C HIS JA 143 -13.77 27.24 0.90
N ILE JA 144 -14.34 26.34 1.69
CA ILE JA 144 -13.95 24.93 1.74
C ILE JA 144 -15.23 24.11 1.76
N ILE JA 145 -15.25 23.01 1.02
CA ILE JA 145 -16.39 22.10 0.98
C ILE JA 145 -15.98 20.79 1.65
N VAL JA 146 -16.68 20.45 2.73
CA VAL JA 146 -16.31 19.34 3.58
C VAL JA 146 -17.41 18.30 3.54
N ASP JA 147 -17.04 17.03 3.37
CA ASP JA 147 -18.02 15.97 3.32
C ASP JA 147 -18.38 15.52 4.73
N VAL JA 148 -19.65 15.18 4.92
CA VAL JA 148 -20.14 14.73 6.21
C VAL JA 148 -19.43 13.46 6.69
N ARG JA 149 -18.83 12.70 5.77
CA ARG JA 149 -18.13 11.49 6.15
C ARG JA 149 -16.71 11.76 6.64
N GLN JA 150 -16.25 13.01 6.65
CA GLN JA 150 -14.86 13.29 6.96
C GLN JA 150 -14.53 12.93 8.40
N LEU JA 151 -13.45 12.16 8.58
CA LEU JA 151 -13.02 11.74 9.90
C LEU JA 151 -12.00 12.68 10.51
N GLU JA 152 -10.97 13.05 9.75
CA GLU JA 152 -9.92 13.90 10.28
C GLU JA 152 -10.48 15.30 10.50
N PRO JA 153 -10.10 15.97 11.58
CA PRO JA 153 -10.61 17.32 11.81
C PRO JA 153 -10.21 18.23 10.66
N VAL JA 154 -11.03 19.24 10.42
CA VAL JA 154 -10.79 20.20 9.35
C VAL JA 154 -10.07 21.39 9.96
N LEU JA 155 -8.96 21.78 9.34
CA LEU JA 155 -8.13 22.89 9.83
C LEU JA 155 -8.35 24.08 8.91
N ILE JA 156 -8.88 25.15 9.48
CA ILE JA 156 -9.23 26.36 8.73
C ILE JA 156 -8.41 27.51 9.29
N PRO JA 157 -7.62 28.19 8.46
CA PRO JA 157 -7.00 29.44 8.90
C PRO JA 157 -7.99 30.58 8.82
N LEU JA 158 -7.99 31.40 9.87
CA LEU JA 158 -8.88 32.55 9.97
C LEU JA 158 -7.99 33.78 10.13
N PRO JA 159 -7.63 34.44 9.03
CA PRO JA 159 -6.69 35.55 9.11
C PRO JA 159 -7.37 36.85 9.49
N ASP JA 160 -6.60 37.74 10.11
CA ASP JA 160 -7.11 39.00 10.64
C ASP JA 160 -7.05 40.07 9.54
N VAL JA 161 -7.88 39.84 8.51
CA VAL JA 161 -8.07 40.85 7.48
C VAL JA 161 -8.56 42.14 8.13
N ARG JA 162 -7.91 43.24 7.79
CA ARG JA 162 -8.16 44.52 8.45
C ARG JA 162 -7.49 45.60 7.61
N ASN JA 163 -7.80 46.86 7.94
CA ASN JA 163 -7.21 48.01 7.26
C ASN JA 163 -6.45 48.92 8.21
N ASN JA 164 -6.10 48.44 9.40
CA ASN JA 164 -5.25 49.18 10.32
C ASN JA 164 -4.13 48.26 10.83
N PHE JA 165 -3.23 48.82 11.62
CA PHE JA 165 -2.09 48.05 12.10
C PHE JA 165 -2.51 47.02 13.12
N TYR JA 166 -3.50 47.33 13.96
CA TYR JA 166 -3.98 46.41 14.99
C TYR JA 166 -5.32 46.94 15.51
N HIS JA 167 -5.94 46.16 16.39
CA HIS JA 167 -7.25 46.48 16.95
C HIS JA 167 -7.12 46.91 18.40
N TYR JA 168 -7.95 47.86 18.82
CA TYR JA 168 -8.13 48.19 20.22
C TYR JA 168 -9.32 47.43 20.79
N ASN JA 169 -9.21 47.03 22.05
CA ASN JA 169 -10.32 46.33 22.70
C ASN JA 169 -11.56 47.22 22.82
N GLN JA 170 -11.36 48.51 23.09
CA GLN JA 170 -12.48 49.42 23.35
C GLN JA 170 -13.15 49.93 22.09
N SER JA 171 -12.66 49.58 20.89
CA SER JA 171 -13.16 50.17 19.66
C SER JA 171 -14.06 49.24 18.86
N ASN JA 172 -14.16 47.96 19.24
CA ASN JA 172 -15.06 46.99 18.63
C ASN JA 172 -15.03 47.05 17.10
N ASP JA 173 -13.82 46.99 16.53
CA ASP JA 173 -13.65 46.92 15.09
C ASP JA 173 -14.36 45.70 14.52
N PRO JA 174 -14.87 45.79 13.30
CA PRO JA 174 -15.44 44.60 12.66
C PRO JA 174 -14.31 43.71 12.15
N THR JA 175 -14.57 42.40 12.18
CA THR JA 175 -13.55 41.44 11.76
C THR JA 175 -14.14 40.42 10.80
N ILE JA 176 -13.23 39.61 10.25
CA ILE JA 176 -13.60 38.49 9.39
C ILE JA 176 -14.50 37.51 10.16
N LYS JA 177 -15.41 36.87 9.43
CA LYS JA 177 -16.34 35.89 9.98
C LYS JA 177 -16.13 34.53 9.33
N LEU JA 178 -16.22 33.47 10.13
CA LEU JA 178 -16.40 32.12 9.61
C LEU JA 178 -17.87 31.76 9.53
N ILE JA 179 -18.25 31.16 8.42
CA ILE JA 179 -19.62 30.80 8.10
C ILE JA 179 -19.66 29.30 7.88
N ALA JA 180 -20.64 28.64 8.49
CA ALA JA 180 -20.89 27.23 8.22
C ALA JA 180 -22.31 27.12 7.69
N MET JA 181 -22.44 26.60 6.49
CA MET JA 181 -23.73 26.52 5.81
C MET JA 181 -23.91 25.11 5.25
N LEU JA 182 -25.15 24.62 5.28
CA LEU JA 182 -25.47 23.33 4.67
C LEU JA 182 -25.43 23.46 3.15
N TYR JA 183 -24.51 22.74 2.52
CA TYR JA 183 -24.37 22.80 1.07
C TYR JA 183 -25.14 21.68 0.37
N THR JA 184 -25.08 20.47 0.92
CA THR JA 184 -25.86 19.36 0.41
C THR JA 184 -26.60 18.70 1.56
N PRO JA 185 -27.87 18.36 1.38
CA PRO JA 185 -28.65 17.78 2.48
C PRO JA 185 -28.06 16.46 2.96
N LEU JA 186 -28.29 16.17 4.23
CA LEU JA 186 -27.77 14.96 4.85
C LEU JA 186 -28.63 13.77 4.43
N ARG JA 187 -27.98 12.75 3.89
CA ARG JA 187 -28.65 11.52 3.46
C ARG JA 187 -28.13 10.36 4.30
N ALA JA 188 -28.98 9.82 5.17
CA ALA JA 188 -28.61 8.71 6.03
C ALA JA 188 -29.88 8.01 6.51
N ASN JA 189 -29.73 6.73 6.85
CA ASN JA 189 -30.78 6.01 7.55
C ASN JA 189 -31.00 6.62 8.94
N ASN JA 190 -32.04 6.14 9.62
CA ASN JA 190 -32.21 6.37 11.05
C ASN JA 190 -32.09 5.04 11.78
N ALA JA 191 -32.22 5.09 13.11
CA ALA JA 191 -32.26 3.90 13.95
C ALA JA 191 -33.66 3.79 14.55
N GLY JA 192 -34.58 3.22 13.78
CA GLY JA 192 -35.97 3.27 14.17
C GLY JA 192 -36.47 4.71 14.16
N ASP JA 193 -36.87 5.19 15.34
CA ASP JA 193 -37.40 6.54 15.49
C ASP JA 193 -36.38 7.53 16.04
N ASP JA 194 -35.20 7.08 16.43
CA ASP JA 194 -34.10 7.99 16.74
C ASP JA 194 -33.47 8.49 15.45
N VAL JA 195 -33.52 9.80 15.24
CA VAL JA 195 -33.15 10.39 13.96
C VAL JA 195 -31.66 10.67 13.94
N PHE JA 196 -30.98 10.20 12.89
CA PHE JA 196 -29.54 10.39 12.78
C PHE JA 196 -29.21 11.85 12.48
N THR JA 197 -28.23 12.39 13.21
CA THR JA 197 -27.75 13.74 12.98
C THR JA 197 -26.24 13.77 13.11
N VAL JA 198 -25.60 14.68 12.38
CA VAL JA 198 -24.16 14.88 12.46
C VAL JA 198 -23.89 16.07 13.38
N SER JA 199 -23.34 15.80 14.56
CA SER JA 199 -22.96 16.85 15.50
C SER JA 199 -21.58 17.38 15.17
N CYS JA 200 -21.43 18.71 15.24
CA CYS JA 200 -20.19 19.37 14.90
C CYS JA 200 -19.69 20.22 16.06
N ARG JA 201 -18.38 20.33 16.17
CA ARG JA 201 -17.72 21.14 17.19
C ARG JA 201 -16.65 22.01 16.54
N VAL JA 202 -16.51 23.23 17.04
CA VAL JA 202 -15.54 24.20 16.54
C VAL JA 202 -14.51 24.46 17.63
N LEU JA 203 -13.24 24.21 17.30
CA LEU JA 203 -12.11 24.40 18.19
C LEU JA 203 -11.21 25.49 17.62
N THR JA 204 -10.44 26.13 18.51
CA THR JA 204 -9.63 27.25 18.06
C THR JA 204 -8.32 27.29 18.85
N ARG JA 205 -7.33 27.98 18.28
CA ARG JA 205 -6.10 28.34 18.95
C ARG JA 205 -5.44 29.46 18.16
N PRO JA 206 -4.68 30.35 18.81
CA PRO JA 206 -4.14 31.50 18.09
C PRO JA 206 -3.09 31.09 17.08
N SER JA 207 -3.11 31.75 15.92
CA SER JA 207 -2.05 31.61 14.94
C SER JA 207 -0.73 32.12 15.52
N PRO JA 208 0.40 31.76 14.92
CA PRO JA 208 1.67 32.31 15.40
C PRO JA 208 1.76 33.82 15.25
N ASP JA 209 1.02 34.41 14.32
CA ASP JA 209 1.07 35.85 14.13
C ASP JA 209 0.16 36.63 15.07
N PHE JA 210 -0.67 35.95 15.85
CA PHE JA 210 -1.53 36.63 16.81
C PHE JA 210 -0.73 37.03 18.04
N ASP JA 211 -1.05 38.22 18.57
CA ASP JA 211 -0.43 38.66 19.82
C ASP JA 211 -1.21 39.84 20.38
N PHE JA 212 -1.10 40.02 21.69
CA PHE JA 212 -1.64 41.19 22.36
C PHE JA 212 -0.63 42.34 22.24
N ILE JA 213 -1.06 43.57 22.56
CA ILE JA 213 -0.25 44.75 22.26
C ILE JA 213 0.26 45.45 23.52
N PHE JA 214 -0.62 45.96 24.36
CA PHE JA 214 -0.15 46.84 25.45
C PHE JA 214 -0.70 46.42 26.80
N LEU JA 215 0.19 46.13 27.76
CA LEU JA 215 -0.24 45.79 29.11
C LEU JA 215 -0.93 46.98 29.77
N VAL JA 216 -2.08 46.74 30.38
CA VAL JA 216 -2.89 47.77 31.03
C VAL JA 216 -3.47 47.18 32.31
N PRO JA 217 -3.89 48.04 33.24
CA PRO JA 217 -4.43 47.54 34.51
C PRO JA 217 -5.59 46.59 34.28
N PRO JA 218 -5.55 45.42 34.91
CA PRO JA 218 -6.54 44.38 34.60
C PRO JA 218 -7.95 44.76 35.02
N THR JA 219 -8.91 44.42 34.15
CA THR JA 219 -10.35 44.56 34.32
C THR JA 219 -10.84 46.00 34.35
N VAL JA 220 -10.03 46.98 33.93
CA VAL JA 220 -10.52 48.35 33.89
C VAL JA 220 -11.32 48.62 32.61
N GLU JA 221 -10.80 48.15 31.46
CA GLU JA 221 -11.43 48.44 30.17
C GLU JA 221 -12.80 47.79 30.08
N SER JA 222 -13.84 48.63 29.96
CA SER JA 222 -15.22 48.16 30.12
C SER JA 222 -15.63 47.11 29.07
N ARG JA 223 -15.09 47.19 27.86
CA ARG JA 223 -15.58 46.29 26.82
C ARG JA 223 -14.98 44.90 26.89
N THR JA 224 -14.21 44.59 27.93
CA THR JA 224 -13.67 43.26 28.13
C THR JA 224 -14.29 42.53 29.32
N LYS JA 225 -15.20 43.17 30.06
CA LYS JA 225 -15.84 42.52 31.19
C LYS JA 225 -16.71 41.37 30.68
N PRO JA 226 -16.61 40.18 31.26
CA PRO JA 226 -17.44 39.07 30.81
C PRO JA 226 -18.83 39.10 31.42
N PHE JA 227 -19.79 38.59 30.64
CA PHE JA 227 -21.17 38.57 31.08
C PHE JA 227 -21.41 37.41 32.03
N THR JA 228 -22.22 37.65 33.06
CA THR JA 228 -22.55 36.63 34.03
C THR JA 228 -24.00 36.76 34.45
N VAL JA 229 -24.49 35.71 35.11
CA VAL JA 229 -25.86 35.58 35.60
C VAL JA 229 -25.79 35.13 37.05
N PRO JA 230 -26.55 35.75 37.96
CA PRO JA 230 -26.36 35.47 39.39
C PRO JA 230 -26.49 33.98 39.71
N ILE JA 231 -25.69 33.56 40.69
CA ILE JA 231 -25.64 32.16 41.14
C ILE JA 231 -26.90 31.86 41.95
N LEU JA 232 -27.73 32.88 42.16
CA LEU JA 232 -28.88 32.74 43.04
C LEU JA 232 -29.82 31.65 42.55
N THR JA 233 -30.48 31.00 43.51
CA THR JA 233 -31.53 30.02 43.26
C THR JA 233 -32.87 30.72 43.09
N VAL JA 234 -33.78 30.05 42.36
CA VAL JA 234 -35.12 30.59 42.14
C VAL JA 234 -35.75 30.98 43.47
N GLU JA 235 -35.65 30.10 44.47
CA GLU JA 235 -36.23 30.40 45.78
C GLU JA 235 -35.58 31.63 46.41
N GLU JA 236 -34.27 31.80 46.21
CA GLU JA 236 -33.54 32.90 46.84
C GLU JA 236 -33.70 34.22 46.11
N MET JA 237 -34.39 34.26 44.98
CA MET JA 237 -34.55 35.49 44.22
C MET JA 237 -35.93 36.09 44.49
N THR JA 238 -36.18 37.23 43.86
CA THR JA 238 -37.35 38.05 44.15
C THR JA 238 -37.99 38.48 42.84
N ASN JA 239 -39.32 38.52 42.84
CA ASN JA 239 -40.06 38.98 41.67
C ASN JA 239 -39.85 40.48 41.48
N SER JA 240 -39.80 40.91 40.22
CA SER JA 240 -39.47 42.29 39.86
C SER JA 240 -40.71 43.13 39.64
N ARG JA 241 -41.90 42.54 39.74
CA ARG JA 241 -43.16 43.23 39.47
C ARG JA 241 -44.02 43.39 40.72
N PHE JA 242 -43.64 42.76 41.83
CA PHE JA 242 -44.32 42.85 43.11
C PHE JA 242 -43.33 42.44 44.18
N PRO JA 243 -43.30 43.09 45.34
CA PRO JA 243 -42.27 42.77 46.34
C PRO JA 243 -42.49 41.41 46.99
N ILE JA 244 -42.36 40.33 46.22
CA ILE JA 244 -42.54 38.98 46.73
C ILE JA 244 -41.51 38.06 46.12
N PRO JA 245 -41.15 36.99 46.83
CA PRO JA 245 -40.16 36.04 46.30
C PRO JA 245 -40.69 35.27 45.09
N LEU JA 246 -39.75 34.67 44.36
CA LEU JA 246 -40.07 33.76 43.27
C LEU JA 246 -40.46 32.39 43.81
N GLU JA 247 -41.17 31.62 42.99
CA GLU JA 247 -41.66 30.32 43.43
C GLU JA 247 -41.42 29.22 42.41
N LYS JA 248 -41.76 29.44 41.15
CA LYS JA 248 -41.53 28.42 40.12
C LYS JA 248 -41.26 29.08 38.78
N LEU JA 249 -40.76 28.27 37.84
CA LEU JA 249 -40.57 28.66 36.45
C LEU JA 249 -41.73 28.13 35.61
N PHE JA 250 -42.29 28.99 34.75
CA PHE JA 250 -43.43 28.61 33.94
C PHE JA 250 -43.19 29.02 32.49
N THR JA 251 -43.40 28.09 31.57
CA THR JA 251 -43.35 28.36 30.14
C THR JA 251 -44.73 28.12 29.55
N GLY JA 252 -45.12 28.96 28.59
CA GLY JA 252 -46.37 28.78 27.90
C GLY JA 252 -46.45 29.55 26.59
N PRO JA 253 -47.42 29.18 25.76
CA PRO JA 253 -47.70 29.98 24.56
C PRO JA 253 -48.38 31.29 24.94
N SER JA 254 -47.97 32.37 24.25
CA SER JA 254 -48.40 33.71 24.61
C SER JA 254 -48.99 34.46 23.41
N GLY JA 255 -49.48 33.74 22.40
CA GLY JA 255 -49.99 34.39 21.22
C GLY JA 255 -51.25 35.21 21.44
N ALA JA 256 -52.11 34.78 22.37
CA ALA JA 256 -53.39 35.48 22.57
C ALA JA 256 -53.17 36.89 23.10
N PHE JA 257 -52.35 37.03 24.12
CA PHE JA 257 -52.20 38.27 24.88
C PHE JA 257 -50.91 39.01 24.48
N VAL JA 258 -50.73 40.20 25.04
CA VAL JA 258 -49.59 41.07 24.76
C VAL JA 258 -48.71 41.21 25.99
N VAL JA 259 -47.51 40.64 25.94
CA VAL JA 259 -46.57 40.64 27.05
C VAL JA 259 -45.71 41.91 26.94
N GLN JA 260 -46.08 42.95 27.69
CA GLN JA 260 -45.33 44.20 27.60
C GLN JA 260 -45.15 44.85 28.99
N PRO JA 261 -44.61 44.13 29.97
CA PRO JA 261 -44.44 44.72 31.30
C PRO JA 261 -43.53 45.94 31.29
N GLN JA 262 -43.60 46.71 32.39
CA GLN JA 262 -42.72 47.85 32.58
C GLN JA 262 -41.79 47.73 33.77
N ASN JA 263 -41.93 46.71 34.60
CA ASN JA 263 -41.00 46.41 35.68
C ASN JA 263 -40.17 45.18 35.33
N GLY JA 264 -38.96 45.13 35.88
CA GLY JA 264 -38.06 44.05 35.52
C GLY JA 264 -37.73 44.06 34.05
N ARG JA 265 -37.52 45.25 33.46
CA ARG JA 265 -37.09 45.39 32.08
C ARG JA 265 -35.75 46.11 32.05
N CYS JA 266 -34.70 45.35 31.74
CA CYS JA 266 -33.34 45.85 31.75
C CYS JA 266 -32.56 45.09 30.70
N THR JA 267 -31.68 45.79 30.00
CA THR JA 267 -30.90 45.18 28.93
C THR JA 267 -29.65 44.51 29.51
N THR JA 268 -29.15 43.53 28.75
CA THR JA 268 -27.97 42.77 29.15
C THR JA 268 -26.77 43.65 29.52
N ASP JA 269 -26.52 44.73 28.78
CA ASP JA 269 -25.41 45.61 29.15
C ASP JA 269 -25.80 46.69 30.16
N GLY JA 270 -26.95 46.53 30.83
CA GLY JA 270 -27.24 47.30 32.03
C GLY JA 270 -28.00 48.60 31.87
N VAL JA 271 -28.73 48.79 30.78
CA VAL JA 271 -29.57 49.97 30.62
C VAL JA 271 -30.96 49.63 31.15
N LEU JA 272 -31.44 50.44 32.08
CA LEU JA 272 -32.79 50.28 32.62
C LEU JA 272 -33.84 50.78 31.63
N LEU JA 273 -34.99 50.13 31.64
CA LEU JA 273 -36.06 50.41 30.69
C LEU JA 273 -37.38 50.55 31.42
N GLY JA 274 -38.32 51.22 30.76
CA GLY JA 274 -39.69 51.32 31.26
C GLY JA 274 -39.75 52.00 32.62
N THR JA 275 -40.49 51.39 33.54
CA THR JA 275 -40.64 51.90 34.90
C THR JA 275 -39.73 51.20 35.89
N THR JA 276 -38.66 50.58 35.42
CA THR JA 276 -37.84 49.71 36.27
C THR JA 276 -36.87 50.55 37.11
N GLN JA 277 -36.75 50.18 38.38
CA GLN JA 277 -35.80 50.81 39.29
C GLN JA 277 -35.12 49.71 40.11
N LEU JA 278 -34.23 50.12 41.00
CA LEU JA 278 -33.29 49.19 41.60
C LEU JA 278 -33.76 48.61 42.93
N SER JA 279 -34.59 49.34 43.67
CA SER JA 279 -34.97 48.90 45.01
C SER JA 279 -35.99 47.79 44.92
N PRO JA 280 -35.70 46.58 45.43
CA PRO JA 280 -36.66 45.46 45.29
C PRO JA 280 -37.89 45.59 46.17
N VAL JA 281 -37.93 46.56 47.08
CA VAL JA 281 -39.08 46.75 47.96
C VAL JA 281 -39.99 47.88 47.51
N ASN JA 282 -39.48 48.81 46.71
CA ASN JA 282 -40.24 49.97 46.22
C ASN JA 282 -41.02 49.67 44.95
N ILE JA 283 -41.44 48.41 44.74
CA ILE JA 283 -41.96 48.02 43.43
C ILE JA 283 -43.39 48.49 43.25
N CYS JA 284 -44.30 48.06 44.13
CA CYS JA 284 -45.69 48.51 44.07
C CYS JA 284 -46.01 49.53 45.15
N THR JA 285 -45.11 50.48 45.40
CA THR JA 285 -45.30 51.46 46.45
C THR JA 285 -45.55 52.83 45.86
N PHE JA 286 -46.17 53.70 46.68
CA PHE JA 286 -46.36 55.10 46.34
C PHE JA 286 -46.05 55.97 47.55
N ARG JA 287 -45.44 57.12 47.31
CA ARG JA 287 -45.11 58.08 48.35
C ARG JA 287 -45.51 59.47 47.89
N GLY JA 288 -46.11 60.25 48.77
CA GLY JA 288 -46.45 61.62 48.44
C GLY JA 288 -47.34 62.23 49.49
N ASP JA 289 -47.94 63.37 49.10
CA ASP JA 289 -48.87 64.12 49.93
C ASP JA 289 -50.29 63.71 49.56
N VAL JA 290 -51.18 63.71 50.55
CA VAL JA 290 -52.48 63.07 50.42
C VAL JA 290 -53.60 64.07 50.64
N THR JA 291 -54.74 63.79 50.00
CA THR JA 291 -55.89 64.68 49.97
C THR JA 291 -57.14 63.83 50.18
N HIS JA 292 -58.03 64.28 51.06
CA HIS JA 292 -59.29 63.57 51.30
C HIS JA 292 -60.28 63.90 50.19
N ILE JA 293 -61.09 62.92 49.81
CA ILE JA 293 -62.19 63.12 48.87
C ILE JA 293 -63.48 63.20 49.66
N ALA JA 294 -64.12 64.38 49.63
CA ALA JA 294 -65.24 64.68 50.51
C ALA JA 294 -66.44 63.79 50.20
N GLY JA 295 -67.03 63.20 51.24
CA GLY JA 295 -68.24 62.42 51.10
C GLY JA 295 -68.06 60.95 50.80
N THR JA 296 -66.82 60.47 50.64
CA THR JA 296 -66.56 59.07 50.38
C THR JA 296 -65.49 58.58 51.36
N HIS JA 297 -65.18 57.29 51.28
CA HIS JA 297 -64.05 56.70 52.00
C HIS JA 297 -62.80 56.62 51.14
N ASP JA 298 -62.73 57.42 50.09
CA ASP JA 298 -61.62 57.45 49.15
C ASP JA 298 -60.67 58.60 49.46
N TYR JA 299 -59.40 58.42 49.11
CA TYR JA 299 -58.40 59.47 49.23
C TYR JA 299 -57.61 59.57 47.94
N THR JA 300 -57.17 60.79 47.64
CA THR JA 300 -56.32 61.09 46.48
C THR JA 300 -54.91 61.41 46.96
N MET JA 301 -53.92 60.75 46.38
CA MET JA 301 -52.52 60.96 46.74
C MET JA 301 -51.80 61.70 45.62
N ASN JA 302 -51.25 62.86 45.94
CA ASN JA 302 -50.38 63.60 45.03
C ASN JA 302 -48.95 63.11 45.21
N LEU JA 303 -48.38 62.57 44.14
CA LEU JA 303 -47.16 61.77 44.24
C LEU JA 303 -45.94 62.68 44.24
N ALA JA 304 -45.17 62.64 45.32
CA ALA JA 304 -44.01 63.50 45.48
C ALA JA 304 -42.78 62.86 44.86
N ASN JA 310 -40.26 65.27 44.43
CA ASN JA 310 -40.64 66.12 43.31
C ASN JA 310 -40.87 65.26 42.07
N TYR JA 311 -41.18 65.92 40.95
CA TYR JA 311 -41.44 65.21 39.69
C TYR JA 311 -41.58 66.23 38.56
N ASP JA 312 -40.85 66.04 37.46
CA ASP JA 312 -40.89 66.94 36.32
C ASP JA 312 -41.37 66.23 35.06
N PRO JA 313 -41.84 66.98 34.06
CA PRO JA 313 -42.30 66.34 32.81
C PRO JA 313 -41.19 65.92 31.86
N THR JA 314 -39.93 66.28 32.12
CA THR JA 314 -38.85 65.89 31.22
C THR JA 314 -38.56 64.40 31.28
N GLU JA 315 -39.14 63.70 32.25
CA GLU JA 315 -38.93 62.26 32.39
C GLU JA 315 -39.43 61.51 31.16
N GLU JA 316 -38.59 60.65 30.61
CA GLU JA 316 -38.92 59.88 29.41
C GLU JA 316 -39.54 58.54 29.77
N ILE JA 317 -39.84 58.31 31.03
CA ILE JA 317 -40.42 57.06 31.52
C ILE JA 317 -41.94 57.07 31.31
N PRO JA 318 -42.58 55.90 31.18
CA PRO JA 318 -44.05 55.87 31.07
C PRO JA 318 -44.79 56.27 32.34
N ALA JA 319 -44.14 56.18 33.49
CA ALA JA 319 -44.76 56.48 34.78
C ALA JA 319 -43.63 56.57 35.82
N PRO JA 320 -43.89 57.08 37.02
CA PRO JA 320 -42.83 57.07 38.04
C PRO JA 320 -42.37 55.65 38.33
N LEU JA 321 -41.06 55.51 38.59
CA LEU JA 321 -40.49 54.19 38.76
C LEU JA 321 -41.12 53.51 39.97
N GLY JA 322 -41.54 52.27 39.78
CA GLY JA 322 -42.22 51.56 40.85
C GLY JA 322 -43.72 51.70 40.73
N THR JA 323 -44.22 51.71 39.50
CA THR JA 323 -45.64 51.78 39.24
C THR JA 323 -46.12 50.45 38.67
N PRO JA 324 -47.21 49.89 39.18
CA PRO JA 324 -47.69 48.60 38.69
C PRO JA 324 -47.83 48.56 37.17
N ASP JA 325 -47.59 47.37 36.61
CA ASP JA 325 -47.61 47.13 35.16
C ASP JA 325 -48.71 46.14 34.80
N PHE JA 326 -49.78 46.09 35.60
CA PHE JA 326 -50.90 45.20 35.35
C PHE JA 326 -52.18 45.88 35.80
N VAL JA 327 -53.31 45.36 35.31
CA VAL JA 327 -54.63 45.87 35.67
C VAL JA 327 -55.19 45.00 36.79
N GLY JA 328 -55.54 45.63 37.90
CA GLY JA 328 -56.02 44.90 39.05
C GLY JA 328 -56.18 45.82 40.24
N LYS JA 329 -56.65 45.23 41.34
CA LYS JA 329 -56.85 45.93 42.60
C LYS JA 329 -55.82 45.44 43.61
N ILE JA 330 -54.93 46.33 44.04
CA ILE JA 330 -53.85 45.98 44.96
C ILE JA 330 -54.21 46.48 46.36
N GLN JA 331 -54.29 45.54 47.32
CA GLN JA 331 -54.60 45.86 48.70
C GLN JA 331 -53.31 46.00 49.50
N GLY JA 332 -53.27 46.98 50.39
CA GLY JA 332 -52.14 47.15 51.29
C GLY JA 332 -52.49 47.96 52.53
N VAL JA 333 -51.55 48.81 52.95
CA VAL JA 333 -51.70 49.63 54.16
C VAL JA 333 -51.07 50.99 53.87
N LEU JA 334 -51.82 52.05 54.11
CA LEU JA 334 -51.29 53.42 54.05
C LEU JA 334 -50.70 53.80 55.40
N THR JA 335 -49.50 54.36 55.38
CA THR JA 335 -48.75 54.71 56.58
C THR JA 335 -48.39 56.19 56.56
N GLN JA 336 -48.50 56.84 57.73
CA GLN JA 336 -48.35 58.28 57.83
C GLN JA 336 -47.73 58.62 59.17
N THR JA 337 -46.96 59.71 59.20
CA THR JA 337 -46.31 60.17 60.42
C THR JA 337 -46.43 61.68 60.53
N THR JA 338 -46.95 62.15 61.67
CA THR JA 338 -47.03 63.58 61.94
C THR JA 338 -45.69 64.06 62.48
N ARG JA 339 -45.11 65.06 61.80
CA ARG JA 339 -43.76 65.49 62.12
C ARG JA 339 -43.67 66.18 63.48
N GLY JA 340 -44.67 66.98 63.85
CA GLY JA 340 -44.55 67.80 65.04
C GLY JA 340 -44.38 67.02 66.33
N ASP JA 341 -45.21 66.00 66.55
CA ASP JA 341 -45.13 65.21 67.78
C ASP JA 341 -44.76 63.75 67.56
N GLY JA 342 -44.40 63.36 66.35
CA GLY JA 342 -44.14 61.96 66.07
C GLY JA 342 -45.35 61.08 66.04
N SER JA 343 -46.53 61.63 65.79
CA SER JA 343 -47.75 60.84 65.69
C SER JA 343 -47.72 59.96 64.44
N THR JA 344 -48.23 58.74 64.57
CA THR JA 344 -48.28 57.80 63.46
C THR JA 344 -49.66 57.16 63.35
N ARG JA 345 -50.15 57.04 62.11
CA ARG JA 345 -51.43 56.42 61.82
C ARG JA 345 -51.29 55.48 60.63
N GLY JA 346 -51.95 54.33 60.69
CA GLY JA 346 -51.90 53.33 59.63
C GLY JA 346 -53.21 52.64 59.35
N HIS JA 347 -53.64 52.64 58.09
CA HIS JA 347 -54.99 52.18 57.73
C HIS JA 347 -54.96 51.32 56.48
N LYS JA 348 -55.65 50.17 56.56
CA LYS JA 348 -55.89 49.30 55.41
C LYS JA 348 -56.41 50.08 54.21
N ALA JA 349 -55.82 49.83 53.05
CA ALA JA 349 -56.11 50.61 51.84
C ALA JA 349 -56.01 49.71 50.61
N THR JA 350 -56.55 50.21 49.50
CA THR JA 350 -56.63 49.45 48.26
C THR JA 350 -56.43 50.40 47.08
N VAL JA 351 -55.65 49.96 46.09
CA VAL JA 351 -55.38 50.74 44.88
C VAL JA 351 -56.03 50.04 43.70
N SER JA 352 -56.74 50.81 42.88
CA SER JA 352 -57.31 50.30 41.63
C SER JA 352 -56.47 50.83 40.47
N THR JA 353 -55.78 49.92 39.78
CA THR JA 353 -54.98 50.22 38.60
C THR JA 353 -55.80 50.35 37.32
N GLY JA 354 -57.10 50.09 37.37
CA GLY JA 354 -57.93 50.20 36.18
C GLY JA 354 -59.02 51.26 36.24
N SER JA 355 -59.26 51.81 37.43
CA SER JA 355 -60.18 52.93 37.54
C SER JA 355 -59.63 54.14 36.79
N VAL JA 356 -60.54 54.93 36.22
CA VAL JA 356 -60.14 56.10 35.43
C VAL JA 356 -59.45 57.17 36.27
N HIS JA 357 -59.56 57.09 37.60
CA HIS JA 357 -58.96 58.08 38.49
C HIS JA 357 -57.53 57.70 38.88
N PHE JA 358 -57.01 56.59 38.35
CA PHE JA 358 -55.64 56.16 38.54
C PHE JA 358 -54.79 56.76 37.41
N THR JA 359 -54.24 57.95 37.67
CA THR JA 359 -53.49 58.73 36.69
C THR JA 359 -52.12 59.10 37.24
N PRO JA 360 -51.24 58.10 37.43
CA PRO JA 360 -49.97 58.38 38.11
C PRO JA 360 -48.99 59.20 37.28
N LYS JA 361 -49.06 59.15 35.95
CA LYS JA 361 -48.20 60.00 35.14
C LYS JA 361 -48.46 61.47 35.42
N LEU JA 362 -49.71 61.83 35.72
CA LEU JA 362 -50.07 63.20 36.02
C LEU JA 362 -49.85 63.56 37.48
N GLY JA 363 -49.76 62.56 38.36
CA GLY JA 363 -49.36 62.79 39.73
C GLY JA 363 -50.38 62.41 40.79
N SER JA 364 -51.48 61.77 40.41
CA SER JA 364 -52.53 61.49 41.38
C SER JA 364 -53.07 60.07 41.21
N VAL JA 365 -53.30 59.41 42.34
CA VAL JA 365 -53.93 58.09 42.41
C VAL JA 365 -54.92 58.14 43.57
N GLN JA 366 -55.94 57.27 43.50
CA GLN JA 366 -56.95 57.21 44.55
C GLN JA 366 -56.89 55.86 45.25
N PHE JA 367 -56.91 55.90 46.57
CA PHE JA 367 -56.96 54.72 47.43
C PHE JA 367 -58.35 54.64 48.04
N THR JA 368 -58.81 53.41 48.28
CA THR JA 368 -60.02 53.19 49.05
C THR JA 368 -59.62 52.60 50.39
N THR JA 369 -59.94 53.32 51.46
CA THR JA 369 -59.43 53.03 52.79
C THR JA 369 -60.55 52.56 53.70
N ASP JA 370 -60.17 52.17 54.91
CA ASP JA 370 -61.13 51.79 55.94
C ASP JA 370 -61.35 52.91 56.96
N THR JA 371 -60.94 54.14 56.63
CA THR JA 371 -61.25 55.29 57.44
C THR JA 371 -61.42 56.50 56.54
N ASN JA 372 -62.32 57.41 56.94
CA ASN JA 372 -62.50 58.71 56.32
C ASN JA 372 -61.99 59.85 57.20
N ASN JA 373 -61.28 59.52 58.28
CA ASN JA 373 -61.07 60.43 59.40
C ASN JA 373 -59.60 60.58 59.80
N ASP JA 374 -58.96 59.47 60.16
CA ASP JA 374 -57.65 59.47 60.80
C ASP JA 374 -56.48 59.48 59.82
N LEU JA 375 -56.61 60.15 58.67
CA LEU JA 375 -55.49 60.39 57.77
C LEU JA 375 -55.53 61.86 57.36
N GLU JA 376 -54.57 62.64 57.85
CA GLU JA 376 -54.56 64.09 57.70
C GLU JA 376 -53.69 64.54 56.52
N THR JA 377 -53.85 65.80 56.16
CA THR JA 377 -53.18 66.45 55.05
C THR JA 377 -51.87 67.08 55.54
N GLY JA 378 -51.02 67.47 54.58
CA GLY JA 378 -49.72 68.03 54.86
C GLY JA 378 -48.59 67.04 55.13
N GLN JA 379 -48.92 65.86 55.63
CA GLN JA 379 -47.91 64.89 56.01
C GLN JA 379 -47.72 63.85 54.90
N ASN JA 380 -46.50 63.32 54.82
CA ASN JA 380 -46.13 62.34 53.81
C ASN JA 380 -46.67 60.96 54.15
N THR JA 381 -47.15 60.25 53.13
CA THR JA 381 -47.82 58.97 53.30
C THR JA 381 -47.29 57.96 52.30
N LYS JA 382 -47.12 56.72 52.76
CA LYS JA 382 -46.55 55.64 51.97
C LYS JA 382 -47.53 54.48 51.91
N PHE JA 383 -47.76 53.96 50.70
CA PHE JA 383 -48.55 52.75 50.52
C PHE JA 383 -47.64 51.53 50.46
N THR JA 384 -47.76 50.65 51.45
CA THR JA 384 -47.04 49.37 51.46
C THR JA 384 -47.97 48.29 50.93
N PRO JA 385 -47.71 47.73 49.76
CA PRO JA 385 -48.60 46.68 49.23
C PRO JA 385 -48.42 45.37 49.95
N VAL JA 386 -49.45 44.53 49.86
CA VAL JA 386 -49.43 43.21 50.50
C VAL JA 386 -49.87 42.16 49.49
N GLY JA 387 -50.92 42.45 48.74
CA GLY JA 387 -51.45 41.47 47.81
C GLY JA 387 -52.50 42.07 46.91
N VAL JA 388 -53.19 41.19 46.17
CA VAL JA 388 -54.22 41.61 45.23
C VAL JA 388 -55.56 41.06 45.71
N VAL JA 389 -56.63 41.73 45.26
CA VAL JA 389 -58.00 41.45 45.69
C VAL JA 389 -58.88 41.28 44.46
N GLN JA 390 -60.00 40.59 44.65
CA GLN JA 390 -60.87 40.19 43.55
C GLN JA 390 -62.33 40.27 43.97
N ASP JA 391 -63.16 40.83 43.10
CA ASP JA 391 -64.60 40.89 43.32
C ASP JA 391 -65.19 39.51 43.08
N GLY JA 392 -65.69 38.87 44.15
CA GLY JA 392 -66.06 37.46 44.08
C GLY JA 392 -67.31 37.18 43.26
N ASN JA 393 -68.14 38.20 43.01
CA ASN JA 393 -69.35 38.02 42.23
C ASN JA 393 -69.10 38.06 40.73
N SER JA 394 -67.93 38.56 40.32
CA SER JA 394 -67.52 38.56 38.93
C SER JA 394 -66.83 37.23 38.63
N ALA JA 395 -66.32 37.10 37.40
CA ALA JA 395 -65.73 35.83 36.98
C ALA JA 395 -64.59 35.44 37.93
N HIS JA 396 -64.54 34.16 38.27
CA HIS JA 396 -63.50 33.69 39.17
C HIS JA 396 -62.15 33.81 38.48
N GLN JA 397 -61.16 34.38 39.17
CA GLN JA 397 -59.82 34.59 38.61
C GLN JA 397 -59.85 35.60 37.45
N ASN JA 398 -60.54 36.72 37.66
CA ASN JA 398 -60.76 37.70 36.60
C ASN JA 398 -60.22 39.10 36.88
N GLU JA 399 -59.86 39.43 38.12
CA GLU JA 399 -59.56 40.84 38.38
C GLU JA 399 -58.10 41.20 38.08
N PRO JA 400 -57.08 40.50 38.63
CA PRO JA 400 -55.70 40.89 38.29
C PRO JA 400 -55.22 40.30 36.97
N GLN JA 401 -55.27 41.12 35.91
CA GLN JA 401 -54.84 40.70 34.57
C GLN JA 401 -53.38 41.10 34.38
N GLN JA 402 -52.47 40.16 34.56
CA GLN JA 402 -51.06 40.50 34.68
C GLN JA 402 -50.49 41.07 33.38
N TRP JA 403 -51.01 40.65 32.23
CA TRP JA 403 -50.45 41.02 30.94
C TRP JA 403 -51.20 42.15 30.25
N VAL JA 404 -52.04 42.87 30.99
CA VAL JA 404 -52.76 44.01 30.46
C VAL JA 404 -52.16 45.26 31.09
N LEU JA 405 -51.63 46.15 30.26
CA LEU JA 405 -51.03 47.33 30.85
C LEU JA 405 -52.10 48.33 31.27
N PRO JA 406 -51.96 48.95 32.43
CA PRO JA 406 -52.83 50.08 32.78
C PRO JA 406 -52.61 51.26 31.85
N ASN JA 407 -53.56 52.19 31.88
CA ASN JA 407 -53.44 53.44 31.14
C ASN JA 407 -52.77 54.43 32.07
N TYR JA 408 -51.45 54.62 31.86
CA TYR JA 408 -50.65 55.32 32.84
C TYR JA 408 -51.04 56.79 32.97
N SER JA 409 -51.62 57.38 31.92
CA SER JA 409 -52.07 58.77 31.96
C SER JA 409 -53.58 58.89 31.99
N GLY JA 410 -54.28 57.86 32.48
CA GLY JA 410 -55.72 57.82 32.49
C GLY JA 410 -56.30 58.07 31.10
N ARG JA 411 -57.46 58.73 31.08
CA ARG JA 411 -58.14 59.05 29.83
C ARG JA 411 -57.57 60.28 29.14
N THR JA 412 -56.85 61.15 29.86
CA THR JA 412 -56.38 62.41 29.29
C THR JA 412 -55.18 62.27 28.38
N GLY JA 413 -54.72 61.06 28.09
CA GLY JA 413 -53.60 60.93 27.18
C GLY JA 413 -53.39 59.48 26.76
N HIS JA 414 -52.24 59.26 26.14
CA HIS JA 414 -51.82 57.94 25.65
C HIS JA 414 -50.60 57.46 26.41
N ASN JA 415 -50.38 56.14 26.39
CA ASN JA 415 -49.16 55.59 26.96
C ASN JA 415 -48.00 55.92 26.02
N VAL JA 416 -46.87 56.36 26.59
CA VAL JA 416 -45.74 56.80 25.78
C VAL JA 416 -44.50 56.09 26.29
N HIS JA 417 -43.43 56.11 25.47
CA HIS JA 417 -42.12 55.58 25.80
C HIS JA 417 -42.13 54.25 26.53
N LEU JA 418 -42.94 53.30 26.09
CA LEU JA 418 -42.99 52.01 26.76
C LEU JA 418 -41.78 51.18 26.37
N ALA JA 419 -41.41 50.26 27.25
CA ALA JA 419 -40.46 49.23 26.87
C ALA JA 419 -41.10 48.34 25.80
N PRO JA 420 -40.33 47.89 24.81
CA PRO JA 420 -40.94 47.15 23.71
C PRO JA 420 -41.68 45.92 24.20
N ALA JA 421 -42.66 45.49 23.42
CA ALA JA 421 -43.32 44.24 23.73
C ALA JA 421 -42.42 43.07 23.38
N VAL JA 422 -42.78 41.89 23.87
CA VAL JA 422 -41.91 40.73 23.84
C VAL JA 422 -42.74 39.53 23.42
N ALA JA 423 -42.25 38.80 22.40
CA ALA JA 423 -42.90 37.60 21.92
C ALA JA 423 -41.84 36.72 21.28
N PRO JA 424 -41.98 35.40 21.38
CA PRO JA 424 -41.03 34.53 20.67
C PRO JA 424 -41.18 34.69 19.17
N THR JA 425 -40.04 34.69 18.48
CA THR JA 425 -40.01 34.85 17.03
C THR JA 425 -39.52 33.60 16.30
N PHE JA 426 -38.90 32.66 17.01
CA PHE JA 426 -38.30 31.47 16.44
C PHE JA 426 -39.26 30.29 16.62
N PRO JA 427 -39.49 29.47 15.59
CA PRO JA 427 -40.43 28.35 15.72
C PRO JA 427 -40.03 27.36 16.81
N GLY JA 428 -40.99 26.97 17.61
CA GLY JA 428 -40.81 25.97 18.64
C GLY JA 428 -40.42 26.52 19.98
N GLU JA 429 -40.29 27.84 20.10
CA GLU JA 429 -39.86 28.49 21.32
C GLU JA 429 -41.02 29.24 21.96
N GLN JA 430 -41.06 29.24 23.27
CA GLN JA 430 -42.02 30.03 24.03
C GLN JA 430 -41.25 30.82 25.08
N LEU JA 431 -41.87 31.89 25.54
CA LEU JA 431 -41.29 32.65 26.64
C LEU JA 431 -41.09 31.76 27.86
N LEU JA 432 -40.05 32.05 28.63
CA LEU JA 432 -39.83 31.44 29.94
C LEU JA 432 -40.01 32.51 31.00
N PHE JA 433 -40.95 32.28 31.91
CA PHE JA 433 -41.34 33.25 32.92
C PHE JA 433 -40.86 32.82 34.28
N PHE JA 434 -40.50 33.80 35.10
CA PHE JA 434 -40.19 33.57 36.51
C PHE JA 434 -41.48 33.84 37.28
N ARG JA 435 -42.09 32.79 37.81
CA ARG JA 435 -43.44 32.85 38.34
C ARG JA 435 -43.44 32.87 39.85
N SER JA 436 -44.20 33.80 40.41
CA SER JA 436 -44.44 33.89 41.84
C SER JA 436 -45.95 33.93 42.06
N THR JA 437 -46.35 33.67 43.30
CA THR JA 437 -47.76 33.66 43.68
C THR JA 437 -48.05 34.89 44.53
N MET JA 438 -48.90 35.78 44.01
CA MET JA 438 -49.24 36.98 44.76
C MET JA 438 -50.17 36.61 45.93
N PRO JA 439 -49.96 37.20 47.10
CA PRO JA 439 -50.90 36.96 48.20
C PRO JA 439 -52.29 37.47 47.85
N GLY JA 440 -53.29 36.62 48.10
CA GLY JA 440 -54.68 37.03 47.95
C GLY JA 440 -55.23 37.55 49.25
N CYS JA 441 -55.87 38.72 49.18
CA CYS JA 441 -56.33 39.43 50.37
C CYS JA 441 -57.84 39.32 50.58
N SER JA 442 -58.61 39.06 49.52
CA SER JA 442 -60.06 38.94 49.58
C SER JA 442 -60.57 38.56 48.20
N GLY JA 443 -61.55 37.67 48.15
CA GLY JA 443 -62.08 37.19 46.89
C GLY JA 443 -61.34 35.95 46.44
N TYR JA 444 -61.31 35.69 45.14
CA TYR JA 444 -60.64 34.51 44.56
C TYR JA 444 -59.80 34.96 43.37
N PRO JA 445 -58.71 35.68 43.62
CA PRO JA 445 -58.02 36.38 42.53
C PRO JA 445 -57.12 35.47 41.72
N ASN JA 446 -56.75 35.97 40.53
CA ASN JA 446 -55.78 35.32 39.66
C ASN JA 446 -54.39 35.61 40.22
N MET JA 447 -53.84 34.66 40.97
CA MET JA 447 -52.64 34.89 41.77
C MET JA 447 -51.36 34.57 41.01
N ASN JA 448 -51.44 34.35 39.69
CA ASN JA 448 -50.25 34.19 38.86
C ASN JA 448 -49.61 35.56 38.60
N LEU JA 449 -48.31 35.66 38.87
CA LEU JA 449 -47.52 36.83 38.51
C LEU JA 449 -46.21 36.38 37.89
N ASP JA 450 -46.08 36.56 36.57
CA ASP JA 450 -44.89 36.17 35.83
C ASP JA 450 -44.11 37.43 35.47
N CYS JA 451 -42.79 37.39 35.64
CA CYS JA 451 -41.92 38.49 35.25
C CYS JA 451 -40.86 38.01 34.28
N LEU JA 452 -40.29 38.97 33.54
CA LEU JA 452 -39.29 38.65 32.53
C LEU JA 452 -37.90 38.45 33.12
N LEU JA 453 -37.55 39.22 34.16
CA LEU JA 453 -36.25 39.14 34.81
C LEU JA 453 -36.43 39.30 36.31
N PRO JA 454 -35.80 38.46 37.13
CA PRO JA 454 -35.77 38.72 38.57
C PRO JA 454 -35.12 40.05 38.87
N GLN JA 455 -35.53 40.65 39.99
CA GLN JA 455 -34.97 41.95 40.37
C GLN JA 455 -33.47 41.85 40.62
N GLU JA 456 -33.01 40.72 41.17
CA GLU JA 456 -31.58 40.52 41.35
C GLU JA 456 -30.85 40.47 40.01
N TRP JA 457 -31.50 39.95 38.96
CA TRP JA 457 -30.92 40.00 37.63
C TRP JA 457 -30.86 41.43 37.11
N VAL JA 458 -31.89 42.23 37.39
CA VAL JA 458 -31.85 43.64 37.02
C VAL JA 458 -30.68 44.33 37.70
N LEU JA 459 -30.55 44.14 39.01
CA LEU JA 459 -29.43 44.70 39.77
C LEU JA 459 -28.09 44.27 39.18
N HIS JA 460 -27.96 42.97 38.89
CA HIS JA 460 -26.68 42.44 38.44
C HIS JA 460 -26.26 43.04 37.11
N PHE JA 461 -27.17 43.03 36.12
CA PHE JA 461 -26.86 43.61 34.82
C PHE JA 461 -26.53 45.10 34.95
N TYR JA 462 -27.20 45.79 35.87
CA TYR JA 462 -26.97 47.22 36.04
C TYR JA 462 -25.56 47.50 36.54
N GLN JA 463 -25.11 46.78 37.57
CA GLN JA 463 -23.81 47.09 38.18
C GLN JA 463 -22.67 46.62 37.29
N GLU JA 464 -22.74 45.38 36.82
CA GLU JA 464 -21.71 44.82 35.93
C GLU JA 464 -22.22 45.04 34.51
N ALA JA 465 -21.73 46.10 33.86
CA ALA JA 465 -22.27 46.50 32.56
C ALA JA 465 -21.57 45.76 31.42
N ALA JA 466 -21.64 44.43 31.48
CA ALA JA 466 -20.88 43.62 30.54
C ALA JA 466 -21.44 43.77 29.13
N PRO JA 467 -20.61 44.11 28.15
CA PRO JA 467 -21.11 44.25 26.78
C PRO JA 467 -21.66 42.95 26.23
N ALA JA 468 -22.78 43.04 25.52
CA ALA JA 468 -23.35 41.86 24.87
C ALA JA 468 -22.62 41.63 23.56
N GLN JA 469 -22.06 40.43 23.39
CA GLN JA 469 -21.34 40.09 22.17
C GLN JA 469 -22.24 39.59 21.04
N SER JA 470 -23.52 39.37 21.30
CA SER JA 470 -24.47 39.03 20.26
C SER JA 470 -25.87 39.28 20.79
N ASP JA 471 -26.88 38.91 20.01
CA ASP JA 471 -28.28 39.15 20.38
C ASP JA 471 -28.83 38.13 21.36
N VAL JA 472 -28.11 37.04 21.64
CA VAL JA 472 -28.64 35.96 22.47
C VAL JA 472 -27.53 35.44 23.39
N ALA JA 473 -27.84 35.34 24.68
CA ALA JA 473 -26.97 34.70 25.66
C ALA JA 473 -27.52 33.33 25.99
N LEU JA 474 -26.75 32.28 25.70
CA LEU JA 474 -27.16 30.93 26.04
C LEU JA 474 -26.94 30.67 27.52
N LEU JA 475 -27.99 30.26 28.22
CA LEU JA 475 -27.92 29.87 29.62
C LEU JA 475 -28.18 28.38 29.78
N ARG JA 476 -27.49 27.75 30.73
CA ARG JA 476 -27.71 26.36 31.10
C ARG JA 476 -28.18 26.29 32.54
N PHE JA 477 -29.23 25.50 32.79
CA PHE JA 477 -29.78 25.32 34.12
C PHE JA 477 -29.21 24.03 34.71
N VAL JA 478 -28.59 24.12 35.89
CA VAL JA 478 -27.78 23.05 36.44
C VAL JA 478 -28.38 22.63 37.78
N ASN JA 479 -28.42 21.31 38.00
CA ASN JA 479 -28.72 20.73 39.29
C ASN JA 479 -27.40 20.43 40.00
N PRO JA 480 -27.02 21.18 41.04
CA PRO JA 480 -25.67 21.01 41.60
C PRO JA 480 -25.46 19.67 42.28
N ASP JA 481 -26.54 18.98 42.66
CA ASP JA 481 -26.40 17.66 43.28
C ASP JA 481 -25.84 16.65 42.29
N THR JA 482 -26.48 16.51 41.12
CA THR JA 482 -26.09 15.50 40.16
C THR JA 482 -25.11 16.01 39.11
N GLY JA 483 -24.95 17.32 38.97
CA GLY JA 483 -24.09 17.88 37.96
C GLY JA 483 -24.65 17.87 36.56
N ARG JA 484 -25.85 17.32 36.36
CA ARG JA 484 -26.42 17.17 35.03
C ARG JA 484 -27.16 18.44 34.63
N VAL JA 485 -27.12 18.75 33.34
CA VAL JA 485 -27.84 19.90 32.82
C VAL JA 485 -29.28 19.49 32.57
N LEU JA 486 -30.22 20.31 33.07
CA LEU JA 486 -31.64 19.98 32.93
C LEU JA 486 -32.23 20.54 31.65
N PHE JA 487 -31.94 21.80 31.35
CA PHE JA 487 -32.33 22.40 30.08
C PHE JA 487 -31.43 23.60 29.82
N GLU JA 488 -31.49 24.10 28.59
CA GLU JA 488 -30.87 25.36 28.23
C GLU JA 488 -31.91 26.31 27.65
N CYS JA 489 -31.64 27.60 27.74
CA CYS JA 489 -32.57 28.62 27.29
C CYS JA 489 -31.79 29.81 26.73
N LYS JA 490 -32.51 30.67 26.00
CA LYS JA 490 -31.93 31.81 25.32
C LYS JA 490 -32.31 33.08 26.07
N LEU JA 491 -31.32 33.78 26.61
CA LEU JA 491 -31.54 35.09 27.23
C LEU JA 491 -31.25 36.16 26.18
N HIS JA 492 -32.30 36.84 25.74
CA HIS JA 492 -32.16 37.83 24.68
C HIS JA 492 -31.63 39.15 25.25
N LYS JA 493 -30.87 39.86 24.42
CA LYS JA 493 -30.26 41.11 24.86
C LYS JA 493 -31.29 42.10 25.38
N SER JA 494 -32.48 42.12 24.76
CA SER JA 494 -33.56 43.02 25.14
C SER JA 494 -34.07 42.75 26.56
N GLY JA 495 -33.55 41.72 27.22
CA GLY JA 495 -33.99 41.36 28.55
C GLY JA 495 -35.24 40.50 28.65
N TYR JA 496 -35.22 39.34 27.99
CA TYR JA 496 -36.29 38.36 28.13
C TYR JA 496 -35.75 36.99 27.79
N VAL JA 497 -36.46 35.96 28.26
CA VAL JA 497 -36.00 34.58 28.10
C VAL JA 497 -37.00 33.77 27.28
N THR JA 498 -36.48 32.78 26.56
CA THR JA 498 -37.27 31.84 25.77
C THR JA 498 -36.72 30.43 25.98
N VAL JA 499 -37.57 29.42 25.80
CA VAL JA 499 -37.19 28.01 25.93
C VAL JA 499 -37.83 27.18 24.82
N ALA JA 500 -37.32 25.97 24.67
CA ALA JA 500 -37.81 25.01 23.67
C ALA JA 500 -38.82 24.08 24.33
N HIS JA 501 -40.09 24.44 24.22
CA HIS JA 501 -41.18 23.64 24.76
C HIS JA 501 -42.47 24.16 24.14
N THR JA 502 -43.49 23.31 24.11
CA THR JA 502 -44.78 23.69 23.52
C THR JA 502 -45.89 23.34 24.50
N GLY JA 503 -46.75 24.32 24.76
CA GLY JA 503 -47.83 24.16 25.70
C GLY JA 503 -47.47 24.76 27.04
N PRO JA 504 -48.48 25.09 27.85
CA PRO JA 504 -48.18 25.58 29.20
C PRO JA 504 -47.64 24.47 30.08
N HIS JA 505 -46.72 24.84 30.96
CA HIS JA 505 -46.03 23.86 31.79
C HIS JA 505 -45.31 24.55 32.95
N ASP JA 506 -45.61 24.15 34.18
CA ASP JA 506 -44.80 24.52 35.32
C ASP JA 506 -43.60 23.57 35.41
N LEU JA 507 -42.40 24.15 35.49
CA LEU JA 507 -41.18 23.36 35.45
C LEU JA 507 -40.94 22.63 36.76
N VAL JA 508 -40.39 21.43 36.65
CA VAL JA 508 -40.03 20.62 37.82
C VAL JA 508 -38.56 20.90 38.11
N ILE JA 509 -38.30 21.69 39.15
CA ILE JA 509 -37.00 22.26 39.41
C ILE JA 509 -36.50 21.71 40.74
N PRO JA 510 -35.25 21.25 40.83
CA PRO JA 510 -34.64 20.99 42.13
C PRO JA 510 -34.55 22.27 42.94
N PRO JA 511 -34.77 22.20 44.25
CA PRO JA 511 -34.83 23.44 45.04
C PRO JA 511 -33.55 24.25 45.00
N ASN JA 512 -32.40 23.61 44.76
CA ASN JA 512 -31.10 24.28 44.76
C ASN JA 512 -30.53 24.49 43.35
N GLY JA 513 -31.34 24.34 42.31
CA GLY JA 513 -30.84 24.58 40.96
C GLY JA 513 -30.67 26.06 40.64
N TYR JA 514 -29.67 26.35 39.82
CA TYR JA 514 -29.23 27.71 39.52
C TYR JA 514 -29.01 27.87 38.01
N PHE JA 515 -29.01 29.12 37.57
CA PHE JA 515 -28.71 29.47 36.18
C PHE JA 515 -27.22 29.74 36.00
N ARG JA 516 -26.65 29.18 34.92
CA ARG JA 516 -25.25 29.35 34.58
C ARG JA 516 -25.13 29.82 33.14
N PHE JA 517 -24.35 30.87 32.92
CA PHE JA 517 -24.15 31.40 31.58
C PHE JA 517 -23.12 30.55 30.84
N ASP JA 518 -23.45 30.16 29.61
CA ASP JA 518 -22.57 29.29 28.83
C ASP JA 518 -21.87 29.98 27.68
N SER JA 519 -22.57 30.83 26.92
CA SER JA 519 -21.95 31.45 25.75
C SER JA 519 -22.86 32.46 25.07
N TRP JA 520 -22.25 33.43 24.38
CA TRP JA 520 -22.99 34.19 23.37
C TRP JA 520 -23.12 33.35 22.11
N VAL JA 521 -24.30 33.42 21.49
CA VAL JA 521 -24.56 32.65 20.28
C VAL JA 521 -25.27 33.54 19.26
N ASN JA 522 -25.34 33.03 18.04
CA ASN JA 522 -26.02 33.70 16.94
C ASN JA 522 -27.49 33.30 16.94
N GLN JA 523 -28.34 34.18 16.40
CA GLN JA 523 -29.77 33.93 16.53
C GLN JA 523 -30.24 32.70 15.75
N PHE JA 524 -29.36 32.06 15.00
CA PHE JA 524 -29.68 30.84 14.26
C PHE JA 524 -29.46 29.59 15.10
N TYR JA 525 -29.01 29.77 16.35
CA TYR JA 525 -28.77 28.64 17.24
C TYR JA 525 -30.06 27.89 17.54
N THR JA 526 -30.02 26.58 17.38
CA THR JA 526 -31.18 25.72 17.60
C THR JA 526 -31.01 25.01 18.94
N LEU JA 527 -31.93 25.27 19.86
CA LEU JA 527 -31.81 24.78 21.23
C LEU JA 527 -32.54 23.44 21.40
N ALA JA 528 -31.98 22.60 22.27
CA ALA JA 528 -32.58 21.31 22.57
C ALA JA 528 -33.82 21.46 23.44
N PRO JA 529 -34.85 20.65 23.22
CA PRO JA 529 -36.02 20.67 24.10
C PRO JA 529 -35.68 20.11 25.48
N MET JA 530 -36.66 20.21 26.39
CA MET JA 530 -36.54 19.79 27.80
C MET JA 530 -35.47 18.74 28.10
N MET KA 27 13.74 87.50 -17.72
CA MET KA 27 14.66 87.90 -18.79
C MET KA 27 15.17 89.32 -18.56
N ALA KA 28 14.31 90.18 -18.02
CA ALA KA 28 14.68 91.56 -17.74
C ALA KA 28 15.29 91.75 -16.36
N LEU KA 29 15.25 90.74 -15.49
CA LEU KA 29 15.92 90.81 -14.20
C LEU KA 29 16.85 89.62 -14.00
N GLU KA 30 17.98 89.86 -13.34
CA GLU KA 30 18.85 88.79 -12.90
C GLU KA 30 18.25 88.06 -11.70
N PRO KA 31 18.77 86.88 -11.38
CA PRO KA 31 18.41 86.24 -10.11
C PRO KA 31 18.91 87.08 -8.95
N VAL KA 32 18.18 87.03 -7.85
CA VAL KA 32 18.44 87.88 -6.69
C VAL KA 32 18.39 87.00 -5.44
N VAL KA 33 19.46 87.05 -4.66
CA VAL KA 33 19.61 86.16 -3.51
C VAL KA 33 18.58 86.49 -2.44
N GLY KA 34 18.12 85.44 -1.74
CA GLY KA 34 17.20 85.61 -0.64
C GLY KA 34 17.89 85.69 0.70
N ALA KA 35 17.49 84.86 1.66
CA ALA KA 35 18.01 84.97 3.01
C ALA KA 35 19.37 84.31 3.18
N ALA KA 36 19.85 83.56 2.19
CA ALA KA 36 21.13 82.89 2.33
C ALA KA 36 22.27 83.87 2.60
N ILE KA 37 22.24 85.03 1.94
CA ILE KA 37 23.26 86.05 2.13
C ILE KA 37 23.30 86.57 3.56
N ALA KA 38 22.20 86.44 4.30
CA ALA KA 38 22.09 87.04 5.63
C ALA KA 38 22.71 86.18 6.72
N ALA KA 39 23.16 84.98 6.39
CA ALA KA 39 23.59 84.02 7.41
C ALA KA 39 24.61 84.56 8.40
N PRO KA 40 25.67 85.28 8.00
CA PRO KA 40 26.64 85.77 8.99
C PRO KA 40 26.09 86.78 9.98
N VAL KA 41 24.98 87.46 9.68
CA VAL KA 41 24.46 88.50 10.56
C VAL KA 41 23.08 88.19 11.12
N ALA KA 42 22.39 87.16 10.63
CA ALA KA 42 21.16 86.76 11.30
C ALA KA 42 21.44 85.89 12.52
N GLY KA 43 20.49 85.90 13.45
CA GLY KA 43 20.61 85.09 14.65
C GLY KA 43 20.53 83.59 14.42
N GLN KA 44 19.84 83.16 13.36
CA GLN KA 44 19.49 81.75 13.20
C GLN KA 44 19.38 81.40 11.72
N GLN KA 45 19.33 80.10 11.45
CA GLN KA 45 19.08 79.57 10.12
C GLN KA 45 17.74 78.84 10.18
N ASN KA 46 16.81 79.25 9.32
CA ASN KA 46 15.47 78.68 9.33
C ASN KA 46 15.10 78.11 7.97
N VAL KA 47 14.01 77.34 7.98
CA VAL KA 47 13.53 76.63 6.80
C VAL KA 47 12.02 76.80 6.73
N ILE KA 48 11.51 77.02 5.53
CA ILE KA 48 10.08 77.13 5.26
C ILE KA 48 9.64 75.85 4.57
N ASP KA 49 8.45 75.38 4.90
CA ASP KA 49 7.89 74.20 4.26
C ASP KA 49 7.94 74.39 2.74
N PRO KA 50 8.67 73.55 2.02
CA PRO KA 50 8.77 73.72 0.57
C PRO KA 50 7.44 73.63 -0.15
N TRP KA 51 6.44 72.95 0.41
CA TRP KA 51 5.14 72.88 -0.24
C TRP KA 51 4.49 74.26 -0.40
N ILE KA 52 4.82 75.21 0.49
CA ILE KA 52 4.27 76.56 0.36
C ILE KA 52 4.58 77.16 -1.01
N ARG KA 53 5.73 76.82 -1.58
CA ARG KA 53 6.11 77.35 -2.90
C ARG KA 53 5.60 76.52 -4.07
N ASN KA 54 4.90 75.42 -3.81
CA ASN KA 54 4.45 74.53 -4.89
C ASN KA 54 3.02 74.82 -5.34
N ASN KA 55 2.41 75.88 -4.82
CA ASN KA 55 0.99 76.13 -5.06
C ASN KA 55 0.73 77.63 -5.12
N PHE KA 56 0.20 78.11 -6.25
CA PHE KA 56 -0.21 79.50 -6.33
C PHE KA 56 -1.47 79.71 -5.50
N VAL KA 57 -1.48 80.75 -4.69
CA VAL KA 57 -2.60 81.02 -3.79
C VAL KA 57 -2.91 82.51 -3.81
N GLN KA 58 -4.19 82.85 -3.68
CA GLN KA 58 -4.63 84.22 -3.87
C GLN KA 58 -4.11 85.10 -2.74
N ALA KA 59 -3.53 86.24 -3.10
CA ALA KA 59 -2.96 87.14 -2.12
C ALA KA 59 -4.03 87.72 -1.21
N PRO KA 60 -3.69 88.05 0.04
CA PRO KA 60 -4.63 88.76 0.93
C PRO KA 60 -5.12 90.07 0.36
N GLY KA 61 -4.47 90.60 -0.67
CA GLY KA 61 -4.91 91.80 -1.34
C GLY KA 61 -4.70 91.61 -2.82
N GLY KA 62 -5.20 90.47 -3.30
CA GLY KA 62 -5.03 90.04 -4.67
C GLY KA 62 -6.30 90.13 -5.48
N GLU KA 63 -7.16 91.09 -5.13
CA GLU KA 63 -8.36 91.37 -5.91
C GLU KA 63 -8.28 92.81 -6.38
N PHE KA 64 -8.60 93.02 -7.66
CA PHE KA 64 -8.77 94.35 -8.20
C PHE KA 64 -9.69 94.25 -9.40
N THR KA 65 -10.10 95.40 -9.90
CA THR KA 65 -11.17 95.45 -10.88
C THR KA 65 -10.82 96.43 -11.99
N VAL KA 66 -11.12 96.05 -13.22
CA VAL KA 66 -11.04 96.95 -14.38
C VAL KA 66 -12.44 97.16 -14.92
N SER KA 67 -12.92 98.40 -14.85
CA SER KA 67 -14.24 98.77 -15.32
C SER KA 67 -14.09 99.94 -16.29
N PRO KA 68 -15.09 100.19 -17.13
CA PRO KA 68 -14.96 101.29 -18.09
C PRO KA 68 -14.97 102.66 -17.43
N ARG KA 69 -15.34 102.75 -16.15
CA ARG KA 69 -15.14 103.98 -15.39
C ARG KA 69 -13.66 104.27 -15.18
N ASN KA 70 -12.81 103.27 -15.25
CA ASN KA 70 -11.38 103.43 -15.06
C ASN KA 70 -10.73 103.91 -16.35
N ALA KA 71 -9.63 104.64 -16.21
CA ALA KA 71 -8.87 105.17 -17.33
C ALA KA 71 -7.40 104.79 -17.20
N PRO KA 72 -6.66 104.82 -18.31
CA PRO KA 72 -5.20 104.73 -18.22
C PRO KA 72 -4.63 105.83 -17.32
N GLY KA 73 -3.59 105.46 -16.57
CA GLY KA 73 -2.94 106.30 -15.60
C GLY KA 73 -3.31 105.99 -14.17
N GLU KA 74 -4.52 105.47 -13.95
CA GLU KA 74 -4.95 105.06 -12.62
C GLU KA 74 -4.26 103.76 -12.26
N ILE KA 75 -3.57 103.73 -11.13
CA ILE KA 75 -2.94 102.49 -10.67
C ILE KA 75 -4.06 101.67 -10.02
N LEU KA 76 -4.55 100.66 -10.75
CA LEU KA 76 -5.72 99.90 -10.34
C LEU KA 76 -5.41 98.87 -9.27
N TRP KA 77 -4.14 98.49 -9.12
CA TRP KA 77 -3.76 97.49 -8.14
C TRP KA 77 -2.28 97.61 -7.88
N SER KA 78 -1.87 97.40 -6.63
CA SER KA 78 -0.46 97.43 -6.31
C SER KA 78 -0.24 96.67 -5.01
N ALA KA 79 0.96 96.13 -4.85
CA ALA KA 79 1.31 95.37 -3.67
C ALA KA 79 2.81 95.41 -3.50
N PRO KA 80 3.32 95.53 -2.27
CA PRO KA 80 4.76 95.41 -2.03
C PRO KA 80 5.16 93.97 -1.75
N LEU KA 81 6.39 93.65 -2.13
CA LEU KA 81 6.94 92.34 -1.78
C LEU KA 81 7.03 92.20 -0.28
N GLY KA 82 6.64 91.03 0.22
CA GLY KA 82 6.62 90.77 1.63
C GLY KA 82 5.77 89.56 1.95
N PRO KA 83 5.79 89.11 3.20
CA PRO KA 83 5.00 87.92 3.55
C PRO KA 83 3.52 88.13 3.37
N ASP KA 84 3.05 89.38 3.35
CA ASP KA 84 1.63 89.70 3.21
C ASP KA 84 1.12 89.42 1.81
N LEU KA 85 1.99 89.02 0.88
CA LEU KA 85 1.57 88.64 -0.47
C LEU KA 85 0.99 87.24 -0.52
N ASN KA 86 1.09 86.47 0.56
CA ASN KA 86 0.75 85.06 0.52
C ASN KA 86 0.18 84.64 1.87
N PRO KA 87 -1.05 84.12 1.91
CA PRO KA 87 -1.69 83.87 3.21
C PRO KA 87 -0.98 82.84 4.06
N TYR KA 88 -0.34 81.83 3.46
CA TYR KA 88 0.48 80.91 4.25
C TYR KA 88 1.68 81.64 4.83
N LEU KA 89 2.42 82.35 3.99
CA LEU KA 89 3.52 83.17 4.49
C LEU KA 89 3.03 84.22 5.47
N SER KA 90 1.81 84.71 5.29
CA SER KA 90 1.26 85.71 6.19
C SER KA 90 1.07 85.13 7.58
N HIS KA 91 0.52 83.92 7.67
CA HIS KA 91 0.35 83.30 8.98
C HIS KA 91 1.70 82.96 9.59
N LEU KA 92 2.61 82.42 8.77
CA LEU KA 92 3.96 82.10 9.25
C LEU KA 92 4.64 83.34 9.80
N ALA KA 93 4.39 84.50 9.19
CA ALA KA 93 5.11 85.71 9.55
C ALA KA 93 4.86 86.13 11.00
N ARG KA 94 3.73 85.73 11.58
CA ARG KA 94 3.48 86.04 12.98
C ARG KA 94 4.46 85.32 13.91
N MET KA 95 5.23 84.37 13.37
CA MET KA 95 6.14 83.55 14.14
C MET KA 95 7.60 83.88 13.87
N TYR KA 96 7.86 84.80 12.95
CA TYR KA 96 9.23 85.17 12.58
C TYR KA 96 9.41 86.67 12.66
N ASN KA 97 10.68 87.08 12.79
CA ASN KA 97 11.03 88.49 12.93
C ASN KA 97 11.41 89.15 11.62
N GLY KA 98 11.90 88.40 10.63
CA GLY KA 98 12.26 88.99 9.36
C GLY KA 98 12.18 87.98 8.22
N TYR KA 99 12.59 88.44 7.05
CA TYR KA 99 12.51 87.61 5.85
C TYR KA 99 13.44 88.19 4.79
N ALA KA 100 13.67 87.40 3.74
CA ALA KA 100 14.35 87.86 2.53
C ALA KA 100 14.05 86.88 1.42
N GLY KA 101 13.92 87.40 0.21
CA GLY KA 101 13.63 86.59 -0.96
C GLY KA 101 12.39 87.07 -1.68
N GLY KA 102 12.13 86.43 -2.82
CA GLY KA 102 11.15 86.93 -3.77
C GLY KA 102 10.01 85.96 -4.01
N PHE KA 103 9.12 86.37 -4.92
CA PHE KA 103 7.91 85.63 -5.23
C PHE KA 103 7.80 85.39 -6.72
N GLU KA 104 6.98 84.40 -7.07
CA GLU KA 104 6.40 84.28 -8.41
C GLU KA 104 4.92 84.61 -8.27
N VAL KA 105 4.45 85.60 -9.03
CA VAL KA 105 3.06 86.05 -8.99
C VAL KA 105 2.34 85.64 -10.26
N GLN KA 106 1.08 85.25 -10.10
CA GLN KA 106 0.18 84.82 -11.17
C GLN KA 106 -1.03 85.75 -11.21
N VAL KA 107 -1.35 86.27 -12.39
CA VAL KA 107 -2.46 87.20 -12.56
C VAL KA 107 -3.53 86.56 -13.45
N ILE KA 108 -4.78 86.65 -13.00
CA ILE KA 108 -5.94 86.09 -13.69
C ILE KA 108 -6.92 87.20 -14.01
N LEU KA 109 -7.35 87.30 -15.27
CA LEU KA 109 -8.28 88.32 -15.73
C LEU KA 109 -9.52 87.64 -16.28
N ALA KA 110 -10.69 88.03 -15.77
CA ALA KA 110 -11.96 87.44 -16.19
C ALA KA 110 -12.69 88.39 -17.14
N GLY KA 111 -12.48 88.18 -18.43
CA GLY KA 111 -13.11 88.99 -19.45
C GLY KA 111 -13.78 88.09 -20.48
N ASN KA 112 -14.41 88.72 -21.46
CA ASN KA 112 -15.00 88.00 -22.58
C ASN KA 112 -14.49 88.56 -23.90
N ALA KA 113 -14.86 87.87 -24.98
CA ALA KA 113 -14.38 88.22 -26.32
C ALA KA 113 -14.87 89.59 -26.76
N PHE KA 114 -15.89 90.12 -26.09
CA PHE KA 114 -16.46 91.42 -26.38
C PHE KA 114 -15.74 92.55 -25.64
N THR KA 115 -14.68 92.21 -24.90
CA THR KA 115 -13.93 93.18 -24.10
C THR KA 115 -12.61 93.47 -24.80
N ALA KA 116 -12.26 94.75 -24.93
CA ALA KA 116 -11.01 95.16 -25.54
C ALA KA 116 -10.19 96.01 -24.58
N GLY KA 117 -8.88 95.87 -24.67
CA GLY KA 117 -7.98 96.69 -23.86
C GLY KA 117 -6.79 95.93 -23.34
N LYS KA 118 -5.78 96.63 -22.83
CA LYS KA 118 -4.56 96.00 -22.34
C LYS KA 118 -4.29 96.43 -20.91
N ILE KA 119 -3.81 95.50 -20.10
CA ILE KA 119 -3.35 95.78 -18.74
C ILE KA 119 -1.85 95.54 -18.71
N ILE KA 120 -1.11 96.46 -18.11
CA ILE KA 120 0.32 96.30 -17.89
C ILE KA 120 0.56 96.04 -16.41
N PHE KA 121 1.36 95.02 -16.12
CA PHE KA 121 1.88 94.76 -14.79
C PHE KA 121 3.35 95.12 -14.81
N ALA KA 122 3.82 95.83 -13.78
CA ALA KA 122 5.22 96.24 -13.75
C ALA KA 122 5.78 96.15 -12.35
N ALA KA 123 7.05 95.75 -12.27
CA ALA KA 123 7.81 95.71 -11.03
C ALA KA 123 8.63 96.99 -10.95
N VAL KA 124 8.31 97.86 -10.01
CA VAL KA 124 8.98 99.14 -9.83
C VAL KA 124 9.90 99.04 -8.62
N PRO KA 125 11.19 99.36 -8.77
CA PRO KA 125 12.16 99.02 -7.72
C PRO KA 125 12.05 99.95 -6.53
N PRO KA 126 12.64 99.59 -5.39
CA PRO KA 126 12.43 100.37 -4.17
C PRO KA 126 12.88 101.81 -4.31
N ASN KA 127 12.16 102.70 -3.63
CA ASN KA 127 12.44 104.13 -3.56
C ASN KA 127 12.27 104.85 -4.89
N PHE KA 128 11.49 104.29 -5.80
CA PHE KA 128 11.13 105.02 -7.00
C PHE KA 128 9.68 105.46 -6.88
N PRO KA 129 9.36 106.73 -7.13
CA PRO KA 129 7.99 107.22 -6.93
C PRO KA 129 7.09 106.74 -8.05
N THR KA 130 5.95 106.16 -7.67
CA THR KA 130 4.97 105.73 -8.67
C THR KA 130 4.02 106.84 -9.09
N GLU KA 131 3.96 107.94 -8.34
CA GLU KA 131 2.89 108.91 -8.53
C GLU KA 131 3.10 109.65 -9.84
N GLY KA 132 2.05 109.73 -10.65
CA GLY KA 132 2.11 110.46 -11.90
C GLY KA 132 2.59 109.66 -13.09
N LEU KA 133 2.78 108.35 -12.93
CA LEU KA 133 3.37 107.54 -13.98
C LEU KA 133 2.45 107.51 -15.20
N SER KA 134 3.05 107.63 -16.39
CA SER KA 134 2.32 107.43 -17.63
C SER KA 134 2.35 105.97 -18.04
N PRO KA 135 1.41 105.52 -18.87
CA PRO KA 135 1.47 104.13 -19.35
C PRO KA 135 2.73 103.81 -20.11
N SER KA 136 3.17 104.71 -21.00
CA SER KA 136 4.45 104.54 -21.69
C SER KA 136 5.59 104.29 -20.71
N GLN KA 137 5.66 105.10 -19.65
CA GLN KA 137 6.78 105.00 -18.71
C GLN KA 137 6.77 103.66 -17.97
N VAL KA 138 5.57 103.16 -17.63
CA VAL KA 138 5.47 101.90 -16.90
C VAL KA 138 6.13 100.77 -17.69
N THR KA 139 6.09 100.83 -19.02
CA THR KA 139 6.77 99.84 -19.84
C THR KA 139 8.29 99.86 -19.67
N MET KA 140 8.86 100.89 -19.05
CA MET KA 140 10.31 100.94 -18.93
C MET KA 140 10.82 100.17 -17.73
N PHE KA 141 9.93 99.65 -16.89
CA PHE KA 141 10.26 98.70 -15.85
C PHE KA 141 10.19 97.29 -16.42
N PRO KA 142 10.66 96.28 -15.69
CA PRO KA 142 10.27 94.90 -16.03
C PRO KA 142 8.75 94.79 -16.02
N HIS KA 143 8.18 94.28 -17.10
CA HIS KA 143 6.73 94.36 -17.26
C HIS KA 143 6.19 93.24 -18.14
N ILE KA 144 4.88 93.07 -18.05
CA ILE KA 144 4.12 92.18 -18.93
C ILE KA 144 2.89 92.95 -19.39
N ILE KA 145 2.55 92.80 -20.67
CA ILE KA 145 1.36 93.43 -21.21
C ILE KA 145 0.39 92.31 -21.58
N VAL KA 146 -0.76 92.28 -20.90
CA VAL KA 146 -1.72 91.19 -21.01
C VAL KA 146 -3.03 91.75 -21.54
N ASP KA 147 -3.59 91.08 -22.54
CA ASP KA 147 -4.86 91.50 -23.11
C ASP KA 147 -5.98 91.11 -22.16
N VAL KA 148 -6.98 91.99 -22.02
CA VAL KA 148 -8.06 91.75 -21.06
C VAL KA 148 -8.92 90.54 -21.43
N ARG KA 149 -8.93 90.11 -22.68
CA ARG KA 149 -9.75 88.97 -23.04
C ARG KA 149 -8.99 87.66 -22.94
N GLN KA 150 -7.81 87.68 -22.32
CA GLN KA 150 -7.00 86.48 -22.21
C GLN KA 150 -7.58 85.50 -21.19
N LEU KA 151 -7.58 84.22 -21.54
CA LEU KA 151 -8.07 83.17 -20.65
C LEU KA 151 -6.97 82.65 -19.74
N GLU KA 152 -5.78 82.40 -20.28
CA GLU KA 152 -4.72 81.79 -19.51
C GLU KA 152 -4.11 82.78 -18.51
N PRO KA 153 -3.76 82.32 -17.31
CA PRO KA 153 -3.07 83.18 -16.35
C PRO KA 153 -1.67 83.55 -16.83
N VAL KA 154 -1.16 84.66 -16.31
CA VAL KA 154 0.17 85.15 -16.68
C VAL KA 154 1.05 85.20 -15.43
N LEU KA 155 2.31 84.79 -15.57
CA LEU KA 155 3.28 84.67 -14.49
C LEU KA 155 4.32 85.79 -14.54
N ILE KA 156 4.55 86.45 -13.41
CA ILE KA 156 5.58 87.49 -13.30
C ILE KA 156 6.56 87.09 -12.20
N PRO KA 157 7.86 87.25 -12.41
CA PRO KA 157 8.81 87.13 -11.28
C PRO KA 157 8.93 88.44 -10.51
N LEU KA 158 8.96 88.31 -9.18
CA LEU KA 158 9.14 89.44 -8.28
C LEU KA 158 10.34 89.18 -7.36
N PRO KA 159 11.53 89.66 -7.73
CA PRO KA 159 12.71 89.44 -6.89
C PRO KA 159 12.91 90.52 -5.85
N ASP KA 160 13.54 90.13 -4.75
CA ASP KA 160 13.70 91.02 -3.58
C ASP KA 160 14.94 91.90 -3.73
N VAL KA 161 14.89 92.77 -4.74
CA VAL KA 161 15.93 93.79 -4.90
C VAL KA 161 15.97 94.67 -3.65
N ARG KA 162 17.18 94.87 -3.13
CA ARG KA 162 17.36 95.56 -1.85
C ARG KA 162 18.83 95.91 -1.71
N ASN KA 163 19.14 96.77 -0.74
CA ASN KA 163 20.51 97.15 -0.44
C ASN KA 163 20.91 96.76 0.97
N ASN KA 164 20.16 95.88 1.62
CA ASN KA 164 20.51 95.37 2.93
C ASN KA 164 20.40 93.85 2.92
N PHE KA 165 20.81 93.25 4.03
CA PHE KA 165 20.85 91.79 4.09
C PHE KA 165 19.45 91.19 4.07
N TYR KA 166 18.50 91.83 4.76
CA TYR KA 166 17.14 91.31 4.85
C TYR KA 166 16.23 92.40 5.40
N HIS KA 167 14.94 92.07 5.49
CA HIS KA 167 13.90 92.98 5.91
C HIS KA 167 13.35 92.56 7.27
N TYR KA 168 12.98 93.56 8.09
CA TYR KA 168 12.28 93.29 9.34
C TYR KA 168 10.78 93.39 9.14
N ASN KA 169 10.03 92.49 9.79
CA ASN KA 169 8.58 92.52 9.71
C ASN KA 169 8.02 93.78 10.36
N GLN KA 170 8.62 94.23 11.46
CA GLN KA 170 8.11 95.36 12.21
C GLN KA 170 8.53 96.71 11.66
N SER KA 171 9.30 96.74 10.57
CA SER KA 171 9.74 97.99 9.97
C SER KA 171 9.03 98.19 8.64
N ASN KA 172 8.97 99.46 8.22
CA ASN KA 172 8.38 99.84 6.94
C ASN KA 172 9.44 100.16 5.89
N ASP KA 173 10.58 99.47 5.97
CA ASP KA 173 11.59 99.55 4.92
C ASP KA 173 10.93 99.25 3.58
N PRO KA 174 11.24 100.03 2.53
CA PRO KA 174 10.56 99.82 1.26
C PRO KA 174 11.10 98.62 0.50
N THR KA 175 10.21 98.01 -0.27
CA THR KA 175 10.53 96.83 -1.05
C THR KA 175 10.08 97.06 -2.50
N ILE KA 176 10.48 96.14 -3.38
CA ILE KA 176 9.99 96.19 -4.75
C ILE KA 176 8.47 96.14 -4.76
N LYS KA 177 7.87 96.90 -5.67
CA LYS KA 177 6.43 97.05 -5.75
C LYS KA 177 5.93 96.54 -7.09
N LEU KA 178 4.83 95.79 -7.08
CA LEU KA 178 4.15 95.41 -8.31
C LEU KA 178 2.93 96.28 -8.53
N ILE KA 179 2.80 96.87 -9.71
CA ILE KA 179 1.74 97.83 -10.02
C ILE KA 179 1.03 97.36 -11.28
N ALA KA 180 -0.30 97.52 -11.30
CA ALA KA 180 -1.11 97.23 -12.48
C ALA KA 180 -1.93 98.45 -12.86
N MET KA 181 -1.87 98.82 -14.14
CA MET KA 181 -2.69 99.89 -14.69
C MET KA 181 -3.15 99.53 -16.10
N LEU KA 182 -4.19 100.24 -16.56
CA LEU KA 182 -4.65 100.11 -17.93
C LEU KA 182 -3.62 100.68 -18.89
N TYR KA 183 -3.14 99.84 -19.80
CA TYR KA 183 -2.12 100.26 -20.76
C TYR KA 183 -2.74 100.94 -21.98
N THR KA 184 -3.90 100.47 -22.42
CA THR KA 184 -4.73 101.08 -23.44
C THR KA 184 -6.14 101.17 -22.86
N PRO KA 185 -6.94 102.13 -23.31
CA PRO KA 185 -8.28 102.28 -22.73
C PRO KA 185 -9.12 101.02 -22.89
N LEU KA 186 -9.96 100.77 -21.88
CA LEU KA 186 -10.86 99.64 -21.89
C LEU KA 186 -12.14 99.98 -22.64
N ARG KA 187 -12.52 99.13 -23.59
CA ARG KA 187 -13.73 99.31 -24.38
C ARG KA 187 -14.65 98.13 -24.12
N ALA KA 188 -15.92 98.43 -23.85
CA ALA KA 188 -16.89 97.39 -23.54
C ALA KA 188 -18.31 97.83 -23.88
N VAL KA 195 -21.22 99.05 -18.10
CA VAL KA 195 -21.44 98.67 -16.72
C VAL KA 195 -20.77 97.31 -16.48
N PHE KA 196 -20.08 96.81 -17.52
CA PHE KA 196 -19.41 95.52 -17.46
C PHE KA 196 -18.10 95.64 -16.71
N THR KA 197 -18.03 95.06 -15.52
CA THR KA 197 -16.82 95.09 -14.71
C THR KA 197 -16.03 93.81 -14.89
N VAL KA 198 -14.73 93.95 -15.11
CA VAL KA 198 -13.82 92.83 -15.30
C VAL KA 198 -13.19 92.49 -13.96
N SER KA 199 -13.54 91.33 -13.41
CA SER KA 199 -12.97 90.89 -12.14
C SER KA 199 -11.58 90.31 -12.37
N CYS KA 200 -10.60 90.77 -11.58
CA CYS KA 200 -9.22 90.34 -11.70
C CYS KA 200 -8.71 89.81 -10.37
N ARG KA 201 -7.86 88.80 -10.42
CA ARG KA 201 -7.32 88.16 -9.23
C ARG KA 201 -5.81 88.01 -9.35
N VAL KA 202 -5.13 88.23 -8.24
CA VAL KA 202 -3.68 88.10 -8.15
C VAL KA 202 -3.33 86.98 -7.17
N LEU KA 203 -2.57 86.00 -7.65
CA LEU KA 203 -2.11 84.90 -6.81
C LEU KA 203 -0.59 84.91 -6.76
N THR KA 204 -0.03 84.40 -5.66
CA THR KA 204 1.41 84.44 -5.45
C THR KA 204 1.88 83.12 -4.84
N ARG KA 205 3.19 82.90 -4.93
CA ARG KA 205 3.85 81.82 -4.22
C ARG KA 205 5.31 82.19 -4.04
N PRO KA 206 5.95 81.77 -2.94
CA PRO KA 206 7.34 82.18 -2.70
C PRO KA 206 8.31 81.54 -3.68
N SER KA 207 9.31 82.31 -4.08
CA SER KA 207 10.43 81.77 -4.82
C SER KA 207 11.21 80.80 -3.94
N PRO KA 208 12.09 79.98 -4.53
CA PRO KA 208 12.93 79.11 -3.70
C PRO KA 208 13.86 79.84 -2.76
N ASP KA 209 14.34 81.03 -3.13
CA ASP KA 209 15.26 81.77 -2.25
C ASP KA 209 14.55 82.50 -1.12
N PHE KA 210 13.22 82.53 -1.10
CA PHE KA 210 12.51 83.17 0.01
C PHE KA 210 12.67 82.34 1.27
N ASP KA 211 12.89 83.03 2.39
CA ASP KA 211 12.94 82.36 3.68
C ASP KA 211 12.74 83.38 4.79
N PHE KA 212 12.19 82.92 5.91
CA PHE KA 212 12.01 83.73 7.10
C PHE KA 212 13.29 83.68 7.91
N ILE KA 213 13.43 84.58 8.88
CA ILE KA 213 14.74 84.63 9.53
C ILE KA 213 14.76 84.31 11.02
N PHE KA 214 14.07 85.06 11.88
CA PHE KA 214 14.27 84.84 13.30
C PHE KA 214 12.98 84.38 13.97
N LEU KA 215 13.01 83.18 14.55
CA LEU KA 215 11.86 82.61 15.23
C LEU KA 215 11.50 83.43 16.46
N VAL KA 216 10.24 83.82 16.59
CA VAL KA 216 9.88 84.72 17.66
C VAL KA 216 8.46 84.38 18.11
N PRO KA 217 8.07 84.63 19.35
CA PRO KA 217 6.71 84.28 19.81
C PRO KA 217 5.65 85.13 19.13
N PRO KA 218 4.57 84.51 18.64
CA PRO KA 218 3.43 85.31 18.18
C PRO KA 218 2.76 85.97 19.37
N THR KA 219 2.83 87.29 19.45
CA THR KA 219 2.23 88.04 20.54
C THR KA 219 1.30 89.12 19.99
N VAL KA 220 0.52 89.71 20.90
CA VAL KA 220 -0.46 90.73 20.53
C VAL KA 220 0.24 92.03 20.16
N GLU KA 221 1.29 92.41 20.90
CA GLU KA 221 1.99 93.66 20.63
C GLU KA 221 2.66 93.67 19.26
N SER KA 222 2.94 92.49 18.68
CA SER KA 222 3.61 92.45 17.38
C SER KA 222 2.77 93.10 16.29
N ARG KA 223 1.48 93.34 16.56
CA ARG KA 223 0.53 93.83 15.56
C ARG KA 223 0.71 93.12 14.24
N THR KA 224 0.93 91.80 14.31
CA THR KA 224 1.04 90.93 13.15
C THR KA 224 -0.22 90.10 12.93
N LYS KA 225 -1.22 90.23 13.80
CA LYS KA 225 -2.46 89.51 13.62
C LYS KA 225 -3.17 90.07 12.37
N PRO KA 226 -3.69 89.21 11.51
CA PRO KA 226 -4.34 89.71 10.30
C PRO KA 226 -5.70 90.29 10.62
N PHE KA 227 -6.11 91.24 9.77
CA PHE KA 227 -7.34 91.99 10.01
C PHE KA 227 -8.56 91.12 9.76
N THR KA 228 -9.53 91.23 10.65
CA THR KA 228 -10.78 90.47 10.57
C THR KA 228 -11.94 91.36 10.95
N VAL KA 229 -13.14 90.87 10.69
CA VAL KA 229 -14.38 91.58 10.99
C VAL KA 229 -15.27 90.58 11.72
N PRO KA 230 -15.87 90.95 12.85
CA PRO KA 230 -16.49 89.95 13.72
C PRO KA 230 -17.58 89.16 13.02
N ILE KA 231 -17.70 87.88 13.42
CA ILE KA 231 -18.71 87.00 12.84
C ILE KA 231 -20.11 87.28 13.35
N LEU KA 232 -20.25 88.22 14.28
CA LEU KA 232 -21.56 88.52 14.86
C LEU KA 232 -22.53 89.00 13.78
N THR KA 233 -23.80 88.69 14.00
CA THR KA 233 -24.90 89.10 13.14
C THR KA 233 -25.38 90.50 13.51
N VAL KA 234 -25.97 91.18 12.52
CA VAL KA 234 -26.59 92.49 12.76
C VAL KA 234 -27.55 92.41 13.93
N GLU KA 235 -28.40 91.39 13.93
CA GLU KA 235 -29.39 91.21 14.98
C GLU KA 235 -28.77 91.14 16.36
N GLU KA 236 -27.61 90.50 16.48
CA GLU KA 236 -26.96 90.31 17.78
C GLU KA 236 -25.98 91.42 18.16
N MET KA 237 -25.79 92.43 17.32
CA MET KA 237 -24.86 93.50 17.66
C MET KA 237 -25.62 94.71 18.21
N THR KA 238 -24.87 95.77 18.51
CA THR KA 238 -25.37 96.89 19.28
C THR KA 238 -25.00 98.19 18.58
N ASN KA 239 -25.89 99.18 18.67
CA ASN KA 239 -25.62 100.49 18.11
C ASN KA 239 -24.53 101.20 18.90
N SER KA 240 -23.72 101.97 18.19
CA SER KA 240 -22.58 102.67 18.77
C SER KA 240 -22.88 104.12 19.11
N ARG KA 241 -24.10 104.59 18.85
CA ARG KA 241 -24.50 105.95 19.12
C ARG KA 241 -25.62 106.07 20.15
N PHE KA 242 -26.18 104.95 20.61
CA PHE KA 242 -27.19 104.92 21.66
C PHE KA 242 -27.29 103.50 22.19
N PRO KA 243 -27.44 103.32 23.50
CA PRO KA 243 -27.42 101.96 24.06
C PRO KA 243 -28.65 101.15 23.68
N ILE KA 244 -28.76 100.80 22.40
CA ILE KA 244 -29.87 99.97 21.90
C ILE KA 244 -29.32 98.98 20.89
N PRO KA 245 -30.00 97.85 20.74
CA PRO KA 245 -29.59 96.87 19.71
C PRO KA 245 -29.78 97.41 18.30
N LEU KA 246 -29.05 96.80 17.37
CA LEU KA 246 -29.20 97.04 15.94
C LEU KA 246 -30.40 96.25 15.40
N GLU KA 247 -30.87 96.66 14.22
CA GLU KA 247 -32.05 96.02 13.64
C GLU KA 247 -31.90 95.72 12.16
N LYS KA 248 -31.43 96.69 11.37
CA LYS KA 248 -31.29 96.46 9.94
C LYS KA 248 -30.15 97.30 9.38
N LEU KA 249 -29.77 96.97 8.15
CA LEU KA 249 -28.80 97.72 7.39
C LEU KA 249 -29.52 98.65 6.42
N PHE KA 250 -29.03 99.88 6.29
CA PHE KA 250 -29.68 100.90 5.48
C PHE KA 250 -28.66 101.62 4.61
N THR KA 251 -29.02 101.82 3.35
CA THR KA 251 -28.27 102.66 2.42
C THR KA 251 -29.15 103.83 2.02
N GLY KA 252 -28.53 105.01 1.88
CA GLY KA 252 -29.24 106.15 1.37
C GLY KA 252 -28.32 107.24 0.82
N PRO KA 253 -28.90 108.17 0.06
CA PRO KA 253 -28.14 109.35 -0.35
C PRO KA 253 -27.95 110.30 0.83
N SER KA 254 -26.80 110.96 0.84
CA SER KA 254 -26.42 111.78 2.00
C SER KA 254 -26.10 113.22 1.60
N GLY KA 255 -26.59 113.67 0.44
CA GLY KA 255 -26.29 115.02 0.01
C GLY KA 255 -26.93 116.06 0.90
N ALA KA 256 -28.11 115.75 1.44
CA ALA KA 256 -28.85 116.73 2.24
C ALA KA 256 -28.11 117.05 3.53
N PHE KA 257 -27.64 116.03 4.25
CA PHE KA 257 -27.09 116.19 5.58
C PHE KA 257 -25.57 116.27 5.51
N VAL KA 258 -24.96 116.47 6.67
CA VAL KA 258 -23.53 116.32 6.85
C VAL KA 258 -23.34 115.18 7.82
N VAL KA 259 -22.79 114.06 7.33
CA VAL KA 259 -22.65 112.85 8.13
C VAL KA 259 -21.34 112.96 8.91
N GLN KA 260 -21.44 113.35 10.18
CA GLN KA 260 -20.24 113.54 10.99
C GLN KA 260 -20.46 113.14 12.44
N PRO KA 261 -20.96 111.93 12.72
CA PRO KA 261 -21.14 111.51 14.11
C PRO KA 261 -19.80 111.45 14.83
N GLN KA 262 -19.85 111.56 16.15
CA GLN KA 262 -18.65 111.46 16.96
C GLN KA 262 -18.63 110.23 17.86
N ASN KA 263 -19.72 109.48 17.90
CA ASN KA 263 -19.76 108.17 18.54
C ASN KA 263 -19.76 107.10 17.45
N GLY KA 264 -19.21 105.92 17.79
CA GLY KA 264 -19.01 104.92 16.77
C GLY KA 264 -18.06 105.37 15.69
N ARG KA 265 -16.94 105.95 16.10
CA ARG KA 265 -15.86 106.35 15.20
C ARG KA 265 -14.56 105.69 15.64
N CYS KA 266 -14.08 104.75 14.84
CA CYS KA 266 -12.87 104.00 15.15
C CYS KA 266 -12.21 103.59 13.85
N THR KA 267 -10.88 103.62 13.83
CA THR KA 267 -10.11 103.24 12.65
C THR KA 267 -9.91 101.73 12.65
N THR KA 268 -9.74 101.17 11.45
CA THR KA 268 -9.54 99.72 11.31
C THR KA 268 -8.38 99.18 12.14
N ASP KA 269 -7.30 99.96 12.33
CA ASP KA 269 -6.20 99.52 13.17
C ASP KA 269 -6.37 99.93 14.63
N GLY KA 270 -7.58 100.34 15.03
CA GLY KA 270 -7.91 100.44 16.43
C GLY KA 270 -7.71 101.78 17.09
N VAL KA 271 -7.67 102.87 16.32
CA VAL KA 271 -7.59 104.22 16.90
C VAL KA 271 -9.00 104.75 17.07
N LEU KA 272 -9.38 105.06 18.31
CA LEU KA 272 -10.66 105.68 18.58
C LEU KA 272 -10.63 107.15 18.18
N LEU KA 273 -11.78 107.64 17.71
CA LEU KA 273 -11.92 109.00 17.20
C LEU KA 273 -13.13 109.67 17.83
N GLY KA 274 -13.12 111.01 17.80
CA GLY KA 274 -14.26 111.76 18.29
C GLY KA 274 -14.49 111.53 19.77
N THR KA 275 -15.75 111.30 20.14
CA THR KA 275 -16.12 111.03 21.52
C THR KA 275 -16.31 109.54 21.79
N THR KA 276 -15.71 108.68 20.97
CA THR KA 276 -15.98 107.25 21.04
C THR KA 276 -15.22 106.60 22.18
N GLN KA 277 -15.90 105.73 22.92
CA GLN KA 277 -15.28 104.92 23.95
C GLN KA 277 -15.77 103.48 23.79
N LEU KA 278 -15.32 102.61 24.68
CA LEU KA 278 -15.49 101.17 24.46
C LEU KA 278 -16.76 100.61 25.06
N SER KA 279 -17.26 101.18 26.15
CA SER KA 279 -18.38 100.59 26.87
C SER KA 279 -19.68 100.91 26.15
N PRO KA 280 -20.47 99.90 25.76
CA PRO KA 280 -21.71 100.16 25.03
C PRO KA 280 -22.85 100.69 25.89
N VAL KA 281 -22.66 100.78 27.20
CA VAL KA 281 -23.70 101.22 28.13
C VAL KA 281 -23.55 102.71 28.42
N ASN KA 282 -22.33 103.23 28.30
CA ASN KA 282 -22.03 104.62 28.61
C ASN KA 282 -22.20 105.55 27.42
N ILE KA 283 -23.02 105.18 26.43
CA ILE KA 283 -23.03 105.92 25.17
C ILE KA 283 -23.96 107.14 25.22
N CYS KA 284 -24.71 107.32 26.30
CA CYS KA 284 -25.47 108.55 26.48
C CYS KA 284 -25.78 108.81 27.95
N THR KA 285 -24.80 108.56 28.81
CA THR KA 285 -24.97 108.74 30.24
C THR KA 285 -24.19 109.96 30.69
N PHE KA 286 -24.55 110.47 31.88
CA PHE KA 286 -23.83 111.56 32.51
C PHE KA 286 -23.65 111.23 33.99
N ARG KA 287 -22.51 111.63 34.54
CA ARG KA 287 -22.22 111.42 35.95
C ARG KA 287 -21.64 112.70 36.53
N GLY KA 288 -22.09 113.08 37.72
CA GLY KA 288 -21.53 114.24 38.39
C GLY KA 288 -22.39 114.66 39.56
N ASP KA 289 -22.12 115.88 40.02
CA ASP KA 289 -22.86 116.51 41.10
C ASP KA 289 -23.91 117.45 40.50
N VAL KA 290 -25.05 117.54 41.17
CA VAL KA 290 -26.20 118.25 40.62
C VAL KA 290 -26.61 119.40 41.53
N THR KA 291 -27.14 120.46 40.92
CA THR KA 291 -27.44 121.72 41.57
C THR KA 291 -28.81 122.19 41.08
N HIS KA 292 -29.64 122.66 42.01
CA HIS KA 292 -30.96 123.14 41.64
C HIS KA 292 -30.88 124.53 41.02
N ILE KA 293 -31.75 124.77 40.05
CA ILE KA 293 -31.94 126.09 39.44
C ILE KA 293 -33.16 126.73 40.09
N ALA KA 294 -32.94 127.86 40.75
CA ALA KA 294 -33.92 128.41 41.69
C ALA KA 294 -35.26 128.71 41.01
N GLY KA 295 -36.33 128.19 41.59
CA GLY KA 295 -37.68 128.49 41.17
C GLY KA 295 -38.24 127.63 40.05
N THR KA 296 -37.45 126.71 39.50
CA THR KA 296 -37.87 125.90 38.37
C THR KA 296 -37.71 124.42 38.72
N HIS KA 297 -38.07 123.56 37.76
CA HIS KA 297 -37.83 122.13 37.86
C HIS KA 297 -36.57 121.70 37.13
N ASP KA 298 -35.67 122.65 36.85
CA ASP KA 298 -34.43 122.38 36.13
C ASP KA 298 -33.28 122.22 37.11
N TYR KA 299 -32.32 121.37 36.74
CA TYR KA 299 -31.11 121.17 37.52
C TYR KA 299 -29.89 121.25 36.63
N THR KA 300 -28.78 121.72 37.21
CA THR KA 300 -27.50 121.81 36.54
C THR KA 300 -26.56 120.75 37.10
N MET KA 301 -25.95 119.97 36.22
CA MET KA 301 -25.01 118.91 36.61
C MET KA 301 -23.60 119.31 36.22
N ASN KA 302 -22.71 119.37 37.21
CA ASN KA 302 -21.29 119.55 36.95
C ASN KA 302 -20.68 118.17 36.74
N LEU KA 303 -20.09 117.97 35.57
CA LEU KA 303 -19.79 116.62 35.09
C LEU KA 303 -18.49 116.09 35.67
N ALA KA 304 -18.50 114.82 36.05
CA ALA KA 304 -17.28 114.08 36.34
C ALA KA 304 -16.83 113.35 35.08
N SER KA 305 -15.60 112.83 35.14
CA SER KA 305 -15.10 112.00 34.05
C SER KA 305 -15.96 110.75 33.89
N GLN KA 306 -15.70 110.03 32.79
CA GLN KA 306 -16.43 108.80 32.52
C GLN KA 306 -16.29 107.79 33.65
N ASN KA 307 -15.17 107.84 34.38
CA ASN KA 307 -14.84 106.91 35.45
C ASN KA 307 -15.05 107.51 36.83
N TRP KA 308 -15.80 108.62 36.92
CA TRP KA 308 -15.91 109.43 38.14
C TRP KA 308 -14.56 109.99 38.56
N ASN KA 309 -13.78 110.47 37.59
CA ASN KA 309 -12.59 111.25 37.91
C ASN KA 309 -12.95 112.73 37.85
N ASN KA 310 -11.94 113.60 37.90
CA ASN KA 310 -12.10 114.94 37.35
C ASN KA 310 -12.29 114.86 35.85
N TYR KA 311 -13.02 115.83 35.29
CA TYR KA 311 -13.12 115.97 33.85
C TYR KA 311 -12.07 116.99 33.41
N ASP KA 312 -11.32 116.64 32.37
CA ASP KA 312 -10.22 117.48 31.93
C ASP KA 312 -10.60 118.18 30.62
N PRO KA 313 -10.79 119.50 30.62
CA PRO KA 313 -11.13 120.18 29.37
C PRO KA 313 -9.96 120.28 28.41
N THR KA 314 -8.73 120.12 28.88
CA THR KA 314 -7.55 120.19 28.03
C THR KA 314 -7.37 118.93 27.19
N GLU KA 315 -8.21 117.92 27.40
CA GLU KA 315 -8.13 116.69 26.62
C GLU KA 315 -8.40 117.00 25.15
N GLU KA 316 -7.60 116.39 24.27
CA GLU KA 316 -7.73 116.62 22.83
C GLU KA 316 -8.91 115.82 22.28
N ILE KA 317 -10.07 116.05 22.90
CA ILE KA 317 -11.33 115.38 22.56
C ILE KA 317 -12.40 116.46 22.39
N PRO KA 318 -13.36 116.29 21.46
CA PRO KA 318 -14.40 117.32 21.31
C PRO KA 318 -15.25 117.51 22.55
N ALA KA 319 -15.50 116.45 23.30
CA ALA KA 319 -16.30 116.48 24.52
C ALA KA 319 -16.01 115.20 25.30
N PRO KA 320 -16.58 114.99 26.51
CA PRO KA 320 -16.33 113.73 27.20
C PRO KA 320 -16.84 112.54 26.40
N LEU KA 321 -16.14 111.41 26.55
CA LEU KA 321 -16.46 110.24 25.76
C LEU KA 321 -17.85 109.73 26.12
N GLY KA 322 -18.67 109.49 25.09
CA GLY KA 322 -20.04 109.09 25.26
C GLY KA 322 -21.05 110.21 25.27
N THR KA 323 -20.60 111.45 25.08
CA THR KA 323 -21.54 112.56 24.98
C THR KA 323 -22.36 112.42 23.70
N PRO KA 324 -23.68 112.61 23.76
CA PRO KA 324 -24.50 112.47 22.55
C PRO KA 324 -23.96 113.30 21.39
N ASP KA 325 -24.12 112.76 20.18
CA ASP KA 325 -23.60 113.37 18.97
C ASP KA 325 -24.73 113.76 18.02
N PHE KA 326 -25.90 114.06 18.56
CA PHE KA 326 -27.02 114.55 17.77
C PHE KA 326 -27.80 115.56 18.60
N VAL KA 327 -28.53 116.43 17.90
CA VAL KA 327 -29.34 117.45 18.56
C VAL KA 327 -30.75 116.91 18.76
N GLY KA 328 -31.22 116.96 20.00
CA GLY KA 328 -32.52 116.43 20.33
C GLY KA 328 -32.72 116.45 21.82
N LYS KA 329 -33.91 116.07 22.23
CA LYS KA 329 -34.28 116.02 23.64
C LYS KA 329 -34.33 114.55 24.04
N ILE KA 330 -33.39 114.14 24.89
CA ILE KA 330 -33.24 112.76 25.32
C ILE KA 330 -33.85 112.61 26.70
N GLN KA 331 -34.84 111.73 26.83
CA GLN KA 331 -35.48 111.47 28.11
C GLN KA 331 -34.86 110.25 28.77
N GLY KA 332 -34.65 110.35 30.07
CA GLY KA 332 -34.14 109.24 30.85
C GLY KA 332 -34.53 109.33 32.31
N VAL KA 333 -33.59 109.00 33.20
CA VAL KA 333 -33.85 108.97 34.64
C VAL KA 333 -32.57 109.43 35.34
N LEU KA 334 -32.72 110.38 36.26
CA LEU KA 334 -31.64 110.75 37.16
C LEU KA 334 -31.69 109.87 38.40
N THR KA 335 -30.52 109.35 38.79
CA THR KA 335 -30.39 108.47 39.93
C THR KA 335 -29.33 109.00 40.88
N GLN KA 336 -29.57 108.86 42.19
CA GLN KA 336 -28.72 109.47 43.19
C GLN KA 336 -28.69 108.55 44.41
N THR KA 337 -27.54 108.55 45.11
CA THR KA 337 -27.39 107.78 46.34
C THR KA 337 -26.62 108.61 47.35
N THR KA 338 -27.14 108.70 48.57
CA THR KA 338 -26.50 109.43 49.66
C THR KA 338 -25.58 108.51 50.46
N ARG KA 339 -24.32 108.92 50.59
CA ARG KA 339 -23.33 108.15 51.33
C ARG KA 339 -23.67 108.11 52.82
N GLY KA 340 -23.41 106.98 53.45
CA GLY KA 340 -23.63 106.84 54.88
C GLY KA 340 -24.93 106.19 55.32
N ASP KA 341 -26.03 106.48 54.63
CA ASP KA 341 -27.30 105.84 54.92
C ASP KA 341 -27.86 105.00 53.77
N GLY KA 342 -27.41 105.22 52.54
CA GLY KA 342 -27.96 104.50 51.41
C GLY KA 342 -29.24 105.06 50.84
N SER KA 343 -29.54 106.33 51.08
CA SER KA 343 -30.73 106.94 50.50
C SER KA 343 -30.65 106.93 48.98
N THR KA 344 -31.76 106.61 48.33
CA THR KA 344 -31.81 106.52 46.88
C THR KA 344 -33.02 107.28 46.34
N ARG KA 345 -32.81 107.97 45.22
CA ARG KA 345 -33.85 108.77 44.59
C ARG KA 345 -33.82 108.52 43.09
N GLY KA 346 -35.00 108.51 42.48
CA GLY KA 346 -35.11 108.32 41.05
C GLY KA 346 -36.21 109.15 40.42
N HIS KA 347 -35.85 109.98 39.43
CA HIS KA 347 -36.79 110.93 38.87
C HIS KA 347 -36.65 110.99 37.35
N LYS KA 348 -37.79 110.87 36.67
CA LYS KA 348 -37.88 111.13 35.24
C LYS KA 348 -37.22 112.45 34.89
N ALA KA 349 -36.36 112.43 33.87
CA ALA KA 349 -35.60 113.62 33.50
C ALA KA 349 -35.35 113.63 32.00
N THR KA 350 -34.95 114.79 31.51
CA THR KA 350 -34.79 115.03 30.08
C THR KA 350 -33.63 116.00 29.87
N VAL KA 351 -32.80 115.72 28.88
CA VAL KA 351 -31.70 116.59 28.47
C VAL KA 351 -32.02 117.14 27.10
N SER KA 352 -31.83 118.45 26.93
CA SER KA 352 -31.97 119.08 25.64
C SER KA 352 -30.59 119.32 25.04
N THR KA 353 -30.32 118.67 23.92
CA THR KA 353 -29.12 118.98 23.15
C THR KA 353 -29.36 120.27 22.37
N GLY KA 354 -28.27 120.93 21.98
CA GLY KA 354 -28.38 122.18 21.25
C GLY KA 354 -28.90 123.33 22.06
N SER KA 355 -29.39 123.08 23.28
CA SER KA 355 -29.70 124.13 24.23
C SER KA 355 -28.43 124.90 24.59
N VAL KA 356 -28.61 126.19 24.92
CA VAL KA 356 -27.47 127.02 25.26
C VAL KA 356 -26.80 126.57 26.56
N HIS KA 357 -27.49 125.80 27.39
CA HIS KA 357 -26.91 125.30 28.64
C HIS KA 357 -26.32 123.92 28.51
N PHE KA 358 -26.32 123.33 27.31
CA PHE KA 358 -25.69 122.05 27.04
C PHE KA 358 -24.24 122.31 26.66
N THR KA 359 -23.35 122.30 27.65
CA THR KA 359 -21.93 122.59 27.46
C THR KA 359 -21.08 121.51 28.12
N PRO KA 360 -21.12 120.28 27.59
CA PRO KA 360 -20.37 119.21 28.26
C PRO KA 360 -18.87 119.36 28.12
N LYS KA 361 -18.40 120.01 27.05
CA LYS KA 361 -16.97 120.32 26.94
C LYS KA 361 -16.53 121.27 28.05
N LEU KA 362 -17.44 122.13 28.51
CA LEU KA 362 -17.15 123.04 29.61
C LEU KA 362 -17.39 122.44 30.98
N GLY KA 363 -18.19 121.37 31.05
CA GLY KA 363 -18.31 120.62 32.28
C GLY KA 363 -19.70 120.60 32.89
N SER KA 364 -20.68 121.17 32.20
CA SER KA 364 -22.03 121.26 32.75
C SER KA 364 -23.07 121.03 31.67
N VAL KA 365 -24.16 120.35 32.05
CA VAL KA 365 -25.36 120.20 31.23
C VAL KA 365 -26.57 120.39 32.13
N GLN KA 366 -27.69 120.76 31.54
CA GLN KA 366 -28.90 121.11 32.27
C GLN KA 366 -30.00 120.09 31.99
N PHE KA 367 -30.65 119.63 33.06
CA PHE KA 367 -31.75 118.68 33.00
C PHE KA 367 -33.05 119.39 33.38
N THR KA 368 -34.16 118.89 32.84
CA THR KA 368 -35.49 119.29 33.28
C THR KA 368 -36.18 118.07 33.88
N THR KA 369 -36.57 118.17 35.16
CA THR KA 369 -36.99 117.04 35.96
C THR KA 369 -38.47 117.16 36.31
N ASP KA 370 -38.97 116.17 37.05
CA ASP KA 370 -40.33 116.18 37.56
C ASP KA 370 -40.40 116.48 39.06
N THR KA 371 -39.32 117.03 39.63
CA THR KA 371 -39.37 117.53 41.01
C THR KA 371 -38.41 118.70 41.14
N ASN KA 372 -38.73 119.61 42.05
CA ASN KA 372 -37.86 120.72 42.40
C ASN KA 372 -37.26 120.63 43.81
N ASN KA 373 -37.52 119.54 44.54
CA ASN KA 373 -37.10 119.45 45.94
C ASN KA 373 -36.34 118.17 46.32
N ASP KA 374 -36.41 117.11 45.53
CA ASP KA 374 -35.90 115.79 45.93
C ASP KA 374 -34.58 115.42 45.27
N LEU KA 375 -33.65 116.36 45.04
CA LEU KA 375 -32.33 116.00 44.55
C LEU KA 375 -31.24 116.69 45.37
N GLU KA 376 -30.55 115.91 46.20
CA GLU KA 376 -29.55 116.43 47.12
C GLU KA 376 -28.32 116.92 46.35
N THR KA 377 -27.49 117.72 47.03
CA THR KA 377 -26.43 118.47 46.35
C THR KA 377 -25.14 117.66 46.17
N GLY KA 378 -24.49 117.31 47.29
CA GLY KA 378 -23.18 116.68 47.29
C GLY KA 378 -23.11 115.23 46.80
N GLN KA 379 -24.21 114.62 46.39
CA GLN KA 379 -24.19 113.19 46.08
C GLN KA 379 -23.97 112.93 44.59
N ASN KA 380 -23.43 111.76 44.30
CA ASN KA 380 -23.17 111.32 42.93
C ASN KA 380 -24.48 111.01 42.21
N THR KA 381 -24.57 111.46 40.95
CA THR KA 381 -25.80 111.36 40.19
C THR KA 381 -25.51 110.82 38.79
N LYS KA 382 -26.35 109.90 38.34
CA LYS KA 382 -26.20 109.22 37.06
C LYS KA 382 -27.46 109.42 36.22
N PHE KA 383 -27.27 109.89 34.98
CA PHE KA 383 -28.35 109.95 34.01
C PHE KA 383 -28.33 108.68 33.14
N THR KA 384 -29.38 107.86 33.28
CA THR KA 384 -29.51 106.66 32.45
C THR KA 384 -30.46 106.98 31.30
N PRO KA 385 -29.98 107.01 30.05
CA PRO KA 385 -30.86 107.39 28.94
C PRO KA 385 -31.84 106.28 28.62
N VAL KA 386 -32.98 106.67 28.04
CA VAL KA 386 -34.02 105.72 27.69
C VAL KA 386 -34.52 105.97 26.27
N GLY KA 387 -34.74 107.23 25.92
CA GLY KA 387 -35.31 107.52 24.63
C GLY KA 387 -35.25 108.99 24.29
N VAL KA 388 -35.91 109.34 23.18
CA VAL KA 388 -35.98 110.70 22.67
C VAL KA 388 -37.45 111.13 22.62
N VAL KA 389 -37.67 112.45 22.64
CA VAL KA 389 -38.99 113.02 22.68
C VAL KA 389 -39.11 114.13 21.64
N GLN KA 390 -40.35 114.52 21.36
CA GLN KA 390 -40.67 115.49 20.33
C GLN KA 390 -41.78 116.41 20.82
N ASP KA 391 -41.62 117.70 20.55
CA ASP KA 391 -42.66 118.67 20.88
C ASP KA 391 -43.80 118.55 19.88
N GLY KA 392 -44.96 118.09 20.37
CA GLY KA 392 -46.04 117.69 19.49
C GLY KA 392 -46.69 118.81 18.70
N ASN KA 393 -46.44 120.06 19.09
CA ASN KA 393 -47.04 121.21 18.41
C ASN KA 393 -46.27 121.61 17.15
N SER KA 394 -45.03 121.16 17.01
CA SER KA 394 -44.23 121.45 15.83
C SER KA 394 -44.42 120.36 14.78
N ALA KA 395 -43.71 120.50 13.67
CA ALA KA 395 -43.83 119.55 12.57
C ALA KA 395 -43.38 118.16 13.02
N HIS KA 396 -44.17 117.16 12.66
CA HIS KA 396 -43.89 115.80 13.11
C HIS KA 396 -42.60 115.28 12.51
N GLN KA 397 -41.82 114.56 13.33
CA GLN KA 397 -40.56 113.94 12.93
C GLN KA 397 -39.47 114.97 12.61
N ASN KA 398 -39.39 116.02 13.42
CA ASN KA 398 -38.42 117.09 13.19
C ASN KA 398 -37.50 117.36 14.38
N GLU KA 399 -37.74 116.76 15.54
CA GLU KA 399 -37.08 117.17 16.77
C GLU KA 399 -35.69 116.55 16.86
N PRO KA 400 -35.54 115.20 16.80
CA PRO KA 400 -34.19 114.63 16.88
C PRO KA 400 -33.51 114.58 15.52
N GLN KA 401 -32.60 115.51 15.27
CA GLN KA 401 -31.86 115.62 14.00
C GLN KA 401 -30.51 114.94 14.17
N GLN KA 402 -30.42 113.67 13.74
CA GLN KA 402 -29.26 112.87 14.08
C GLN KA 402 -27.98 113.37 13.42
N TRP KA 403 -28.09 114.02 12.26
CA TRP KA 403 -26.91 114.46 11.53
C TRP KA 403 -26.56 115.92 11.80
N VAL KA 404 -27.08 116.49 12.87
CA VAL KA 404 -26.74 117.85 13.31
C VAL KA 404 -25.91 117.73 14.57
N LEU KA 405 -24.68 118.21 14.52
CA LEU KA 405 -23.88 118.10 15.73
C LEU KA 405 -24.21 119.22 16.70
N PRO KA 406 -24.30 118.92 17.99
CA PRO KA 406 -24.40 119.97 19.00
C PRO KA 406 -23.15 120.82 19.06
N ASN KA 407 -23.28 121.94 19.75
CA ASN KA 407 -22.13 122.79 20.08
C ASN KA 407 -21.67 122.35 21.46
N TYR KA 408 -20.56 121.60 21.51
CA TYR KA 408 -20.16 120.96 22.75
C TYR KA 408 -19.69 121.99 23.79
N SER KA 409 -19.29 123.18 23.36
CA SER KA 409 -18.91 124.26 24.25
C SER KA 409 -19.97 125.36 24.29
N GLY KA 410 -21.22 125.01 23.99
CA GLY KA 410 -22.27 126.00 23.91
C GLY KA 410 -21.93 127.13 22.96
N ARG KA 411 -22.31 128.35 23.35
CA ARG KA 411 -22.05 129.51 22.51
C ARG KA 411 -20.65 130.08 22.69
N THR KA 412 -19.96 129.71 23.77
CA THR KA 412 -18.63 130.25 24.09
C THR KA 412 -17.54 129.53 23.29
N GLY KA 413 -17.68 129.56 21.98
CA GLY KA 413 -16.72 128.97 21.07
C GLY KA 413 -17.32 127.84 20.25
N HIS KA 414 -16.51 127.34 19.33
CA HIS KA 414 -16.89 126.27 18.43
C HIS KA 414 -16.31 124.94 18.89
N ASN KA 415 -16.88 123.85 18.34
CA ASN KA 415 -16.40 122.52 18.64
C ASN KA 415 -15.00 122.31 18.06
N VAL KA 416 -14.18 121.52 18.77
CA VAL KA 416 -12.80 121.29 18.37
C VAL KA 416 -12.55 119.78 18.28
N HIS KA 417 -11.41 119.44 17.68
CA HIS KA 417 -10.93 118.07 17.54
C HIS KA 417 -12.04 117.10 17.15
N LEU KA 418 -12.79 117.47 16.14
CA LEU KA 418 -13.89 116.64 15.69
C LEU KA 418 -13.37 115.48 14.85
N ALA KA 419 -14.10 114.36 14.90
CA ALA KA 419 -13.88 113.31 13.92
C ALA KA 419 -14.31 113.81 12.54
N PRO KA 420 -13.58 113.46 11.49
CA PRO KA 420 -13.87 114.05 10.18
C PRO KA 420 -15.24 113.64 9.67
N ALA KA 421 -15.77 114.45 8.74
CA ALA KA 421 -17.02 114.13 8.09
C ALA KA 421 -16.82 113.03 7.04
N VAL KA 422 -17.94 112.43 6.63
CA VAL KA 422 -17.94 111.19 5.88
C VAL KA 422 -18.93 111.34 4.73
N ALA KA 423 -18.49 110.99 3.52
CA ALA KA 423 -19.31 111.09 2.33
C ALA KA 423 -18.82 110.05 1.33
N PRO KA 424 -19.71 109.50 0.50
CA PRO KA 424 -19.26 108.60 -0.56
C PRO KA 424 -18.40 109.35 -1.57
N THR KA 425 -17.35 108.68 -2.04
CA THR KA 425 -16.40 109.28 -2.96
C THR KA 425 -16.42 108.66 -4.35
N PHE KA 426 -16.98 107.46 -4.49
CA PHE KA 426 -16.97 106.71 -5.74
C PHE KA 426 -18.31 106.84 -6.45
N PRO KA 427 -18.31 107.08 -7.76
CA PRO KA 427 -19.58 107.22 -8.49
C PRO KA 427 -20.46 105.99 -8.31
N GLY KA 428 -21.71 106.24 -7.94
CA GLY KA 428 -22.69 105.20 -7.78
C GLY KA 428 -22.80 104.62 -6.39
N GLU KA 429 -21.99 105.10 -5.45
CA GLU KA 429 -21.89 104.51 -4.13
C GLU KA 429 -22.55 105.42 -3.08
N GLN KA 430 -23.12 104.78 -2.07
CA GLN KA 430 -23.67 105.50 -0.92
C GLN KA 430 -23.16 104.83 0.35
N LEU KA 431 -23.19 105.59 1.44
CA LEU KA 431 -22.86 105.02 2.74
C LEU KA 431 -23.79 103.86 3.07
N LEU KA 432 -23.26 102.89 3.82
CA LEU KA 432 -24.04 101.81 4.37
C LEU KA 432 -24.12 102.03 5.88
N PHE KA 433 -25.34 102.12 6.39
CA PHE KA 433 -25.58 102.49 7.77
C PHE KA 433 -26.07 101.27 8.55
N PHE KA 434 -25.64 101.19 9.81
CA PHE KA 434 -26.20 100.24 10.75
C PHE KA 434 -27.30 100.95 11.52
N ARG KA 435 -28.55 100.56 11.24
CA ARG KA 435 -29.71 101.31 11.68
C ARG KA 435 -30.36 100.63 12.87
N SER KA 436 -30.78 101.44 13.84
CA SER KA 436 -31.64 100.97 14.92
C SER KA 436 -32.73 101.99 15.16
N THR KA 437 -33.77 101.57 15.87
CA THR KA 437 -34.94 102.42 16.14
C THR KA 437 -34.94 102.83 17.61
N MET KA 438 -34.79 104.13 17.86
CA MET KA 438 -34.77 104.61 19.23
C MET KA 438 -36.19 104.55 19.81
N PRO KA 439 -36.33 104.17 21.08
CA PRO KA 439 -37.62 104.32 21.74
C PRO KA 439 -37.96 105.79 21.91
N GLY KA 440 -39.18 106.16 21.54
CA GLY KA 440 -39.70 107.49 21.79
C GLY KA 440 -40.52 107.53 23.07
N CYS KA 441 -40.38 108.61 23.82
CA CYS KA 441 -41.08 108.78 25.09
C CYS KA 441 -42.24 109.75 25.02
N SER KA 442 -42.26 110.69 24.07
CA SER KA 442 -43.35 111.63 23.94
C SER KA 442 -43.25 112.35 22.60
N GLY KA 443 -44.39 112.59 21.98
CA GLY KA 443 -44.43 113.30 20.72
C GLY KA 443 -44.40 112.38 19.51
N TYR KA 444 -43.95 112.94 18.39
CA TYR KA 444 -43.84 112.23 17.12
C TYR KA 444 -42.40 112.32 16.63
N PRO KA 445 -41.46 111.73 17.36
CA PRO KA 445 -40.04 111.99 17.08
C PRO KA 445 -39.52 111.16 15.92
N ASN KA 446 -38.42 111.65 15.34
CA ASN KA 446 -37.67 110.91 14.33
C ASN KA 446 -36.84 109.86 15.04
N MET KA 447 -37.32 108.62 15.03
CA MET KA 447 -36.71 107.57 15.84
C MET KA 447 -35.56 106.86 15.13
N ASN KA 448 -35.23 107.29 13.91
CA ASN KA 448 -34.15 106.68 13.15
C ASN KA 448 -32.80 107.04 13.75
N LEU KA 449 -31.94 106.03 13.97
CA LEU KA 449 -30.56 106.25 14.39
C LEU KA 449 -29.60 105.41 13.56
N ASP KA 450 -28.77 106.07 12.75
CA ASP KA 450 -27.80 105.42 11.89
C ASP KA 450 -26.40 105.61 12.48
N CYS KA 451 -25.66 104.52 12.65
CA CYS KA 451 -24.25 104.61 13.02
C CYS KA 451 -23.39 103.99 11.93
N LEU KA 452 -22.12 104.44 11.89
CA LEU KA 452 -21.21 104.01 10.84
C LEU KA 452 -20.59 102.64 11.12
N LEU KA 453 -20.42 102.28 12.39
CA LEU KA 453 -19.84 101.02 12.80
C LEU KA 453 -20.60 100.50 14.01
N PRO KA 454 -20.94 99.21 14.05
CA PRO KA 454 -21.46 98.63 15.29
C PRO KA 454 -20.46 98.80 16.42
N GLN KA 455 -20.99 98.88 17.65
CA GLN KA 455 -20.11 99.06 18.80
C GLN KA 455 -19.16 97.87 18.94
N GLU KA 456 -19.63 96.66 18.61
CA GLU KA 456 -18.77 95.49 18.68
C GLU KA 456 -17.63 95.56 17.68
N TRP KA 457 -17.85 96.16 16.51
CA TRP KA 457 -16.74 96.37 15.58
C TRP KA 457 -15.73 97.36 16.15
N VAL KA 458 -16.20 98.38 16.85
CA VAL KA 458 -15.29 99.31 17.51
C VAL KA 458 -14.43 98.57 18.53
N LEU KA 459 -15.08 97.75 19.37
CA LEU KA 459 -14.36 96.92 20.33
C LEU KA 459 -13.36 96.02 19.64
N HIS KA 460 -13.78 95.35 18.56
CA HIS KA 460 -12.93 94.39 17.88
C HIS KA 460 -11.70 95.06 17.27
N PHE KA 461 -11.91 96.14 16.53
CA PHE KA 461 -10.80 96.85 15.91
C PHE KA 461 -9.83 97.36 16.96
N TYR KA 462 -10.34 97.81 18.10
CA TYR KA 462 -9.49 98.35 19.16
C TYR KA 462 -8.54 97.28 19.70
N GLN KA 463 -9.08 96.09 19.99
CA GLN KA 463 -8.28 95.03 20.59
C GLN KA 463 -7.33 94.40 19.58
N GLU KA 464 -7.78 94.20 18.34
CA GLU KA 464 -6.94 93.52 17.36
C GLU KA 464 -5.83 94.43 16.87
N ALA KA 465 -6.13 95.72 16.71
CA ALA KA 465 -5.20 96.74 16.20
C ALA KA 465 -4.43 96.25 14.97
N ALA KA 466 -5.17 95.69 14.02
CA ALA KA 466 -4.54 95.12 12.84
C ALA KA 466 -4.13 96.25 11.88
N PRO KA 467 -2.85 96.37 11.54
CA PRO KA 467 -2.45 97.44 10.61
C PRO KA 467 -3.10 97.25 9.25
N ALA KA 468 -3.58 98.35 8.68
CA ALA KA 468 -4.26 98.33 7.39
C ALA KA 468 -3.24 98.23 6.27
N GLN KA 469 -3.41 97.22 5.41
CA GLN KA 469 -2.50 97.00 4.30
C GLN KA 469 -2.83 97.87 3.09
N SER KA 470 -3.99 98.52 3.10
CA SER KA 470 -4.34 99.50 2.08
C SER KA 470 -5.47 100.36 2.63
N ASP KA 471 -5.95 101.29 1.80
CA ASP KA 471 -6.90 102.28 2.28
C ASP KA 471 -8.33 101.76 2.36
N VAL KA 472 -8.63 100.61 1.77
CA VAL KA 472 -10.00 100.09 1.71
C VAL KA 472 -9.97 98.59 1.97
N ALA KA 473 -10.80 98.13 2.90
CA ALA KA 473 -10.99 96.71 3.16
C ALA KA 473 -12.29 96.26 2.53
N LEU KA 474 -12.20 95.35 1.57
CA LEU KA 474 -13.39 94.81 0.93
C LEU KA 474 -14.05 93.77 1.83
N LEU KA 475 -15.31 94.00 2.18
CA LEU KA 475 -16.09 93.04 2.95
C LEU KA 475 -17.17 92.44 2.04
N ARG KA 476 -17.48 91.18 2.28
CA ARG KA 476 -18.60 90.51 1.61
C ARG KA 476 -19.56 89.94 2.66
N PHE KA 477 -20.85 90.09 2.39
CA PHE KA 477 -21.91 89.62 3.29
C PHE KA 477 -22.37 88.26 2.80
N VAL KA 478 -22.34 87.26 3.68
CA VAL KA 478 -22.42 85.86 3.29
C VAL KA 478 -23.61 85.21 3.98
N ASN KA 479 -24.31 84.34 3.23
CA ASN KA 479 -25.35 83.49 3.79
C ASN KA 479 -24.70 82.20 4.26
N PRO KA 480 -24.64 81.92 5.57
CA PRO KA 480 -23.87 80.77 6.05
C PRO KA 480 -24.48 79.42 5.70
N ASP KA 481 -25.78 79.34 5.37
CA ASP KA 481 -26.37 78.06 5.02
C ASP KA 481 -25.73 77.49 3.76
N THR KA 482 -25.75 78.27 2.68
CA THR KA 482 -25.25 77.85 1.38
C THR KA 482 -23.81 78.30 1.11
N GLY KA 483 -23.28 79.23 1.91
CA GLY KA 483 -21.99 79.82 1.60
C GLY KA 483 -22.02 80.95 0.60
N ARG KA 484 -23.20 81.40 0.19
CA ARG KA 484 -23.35 82.30 -0.94
C ARG KA 484 -23.06 83.74 -0.54
N VAL KA 485 -22.41 84.47 -1.43
CA VAL KA 485 -22.15 85.89 -1.25
C VAL KA 485 -23.36 86.67 -1.74
N LEU KA 486 -23.90 87.54 -0.88
CA LEU KA 486 -25.09 88.31 -1.22
C LEU KA 486 -24.75 89.68 -1.78
N PHE KA 487 -23.82 90.39 -1.16
CA PHE KA 487 -23.34 91.66 -1.69
C PHE KA 487 -21.94 91.91 -1.18
N GLU KA 488 -21.26 92.87 -1.81
CA GLU KA 488 -19.97 93.33 -1.34
C GLU KA 488 -20.04 94.82 -1.03
N CYS KA 489 -19.18 95.24 -0.11
CA CYS KA 489 -19.12 96.64 0.32
C CYS KA 489 -17.68 96.98 0.67
N LYS KA 490 -17.41 98.27 0.79
CA LYS KA 490 -16.07 98.77 1.13
C LYS KA 490 -16.05 99.31 2.54
N LEU KA 491 -15.25 98.70 3.40
CA LEU KA 491 -14.99 99.21 4.74
C LEU KA 491 -13.75 100.06 4.65
N HIS KA 492 -13.90 101.38 4.73
CA HIS KA 492 -12.77 102.27 4.56
C HIS KA 492 -11.93 102.34 5.83
N LYS KA 493 -10.63 102.54 5.64
CA LYS KA 493 -9.70 102.59 6.77
C LYS KA 493 -10.17 103.61 7.81
N SER KA 494 -10.78 104.70 7.36
CA SER KA 494 -11.24 105.79 8.22
C SER KA 494 -12.35 105.35 9.18
N GLY KA 495 -12.81 104.11 9.04
CA GLY KA 495 -13.91 103.62 9.88
C GLY KA 495 -15.30 103.95 9.41
N TYR KA 496 -15.61 103.67 8.15
CA TYR KA 496 -16.97 103.78 7.65
C TYR KA 496 -17.13 102.86 6.44
N VAL KA 497 -18.37 102.48 6.16
CA VAL KA 497 -18.67 101.51 5.13
C VAL KA 497 -19.50 102.16 4.03
N THR KA 498 -19.23 101.75 2.79
CA THR KA 498 -19.94 102.24 1.62
C THR KA 498 -20.34 101.05 0.75
N VAL KA 499 -21.41 101.22 -0.01
CA VAL KA 499 -21.94 100.17 -0.87
C VAL KA 499 -22.45 100.82 -2.16
N ALA KA 500 -22.68 100.00 -3.18
CA ALA KA 500 -23.12 100.47 -4.50
C ALA KA 500 -24.63 100.36 -4.62
N HIS KA 501 -25.32 101.50 -4.52
CA HIS KA 501 -26.76 101.61 -4.65
C HIS KA 501 -27.08 103.08 -4.86
N THR KA 502 -28.25 103.34 -5.45
CA THR KA 502 -28.78 104.69 -5.56
C THR KA 502 -30.22 104.71 -5.06
N GLY KA 503 -30.51 105.63 -4.15
CA GLY KA 503 -31.81 105.71 -3.55
C GLY KA 503 -31.80 105.11 -2.15
N PRO KA 504 -32.77 105.46 -1.33
CA PRO KA 504 -32.87 104.84 -0.01
C PRO KA 504 -33.36 103.40 -0.13
N HIS KA 505 -32.92 102.57 0.80
CA HIS KA 505 -33.28 101.16 0.80
C HIS KA 505 -32.91 100.50 2.13
N ASP KA 506 -33.88 99.85 2.77
CA ASP KA 506 -33.57 98.92 3.85
C ASP KA 506 -33.21 97.58 3.24
N LEU KA 507 -32.06 97.03 3.63
CA LEU KA 507 -31.56 95.81 2.99
C LEU KA 507 -32.33 94.59 3.49
N VAL KA 508 -32.61 93.68 2.56
CA VAL KA 508 -33.29 92.42 2.86
C VAL KA 508 -32.21 91.35 3.03
N ILE KA 509 -31.93 90.98 4.28
CA ILE KA 509 -30.79 90.13 4.59
C ILE KA 509 -31.27 88.91 5.37
N PRO KA 510 -30.72 87.74 5.12
CA PRO KA 510 -30.98 86.59 5.99
C PRO KA 510 -30.60 86.91 7.42
N PRO KA 511 -31.43 86.51 8.38
CA PRO KA 511 -31.16 86.88 9.79
C PRO KA 511 -29.85 86.33 10.33
N ASN KA 512 -29.27 85.29 9.72
CA ASN KA 512 -28.04 84.69 10.20
C ASN KA 512 -26.82 85.10 9.37
N GLY KA 513 -26.96 86.07 8.47
CA GLY KA 513 -25.86 86.49 7.63
C GLY KA 513 -24.78 87.21 8.42
N TYR KA 514 -23.53 87.08 7.95
CA TYR KA 514 -22.38 87.65 8.62
C TYR KA 514 -21.47 88.36 7.61
N PHE KA 515 -20.66 89.28 8.13
CA PHE KA 515 -19.66 89.98 7.32
C PHE KA 515 -18.34 89.24 7.35
N ARG KA 516 -17.69 89.14 6.19
CA ARG KA 516 -16.42 88.47 6.04
C ARG KA 516 -15.44 89.39 5.31
N PHE KA 517 -14.24 89.57 5.87
CA PHE KA 517 -13.23 90.37 5.21
C PHE KA 517 -12.54 89.50 4.17
N ASP KA 518 -12.54 89.94 2.92
CA ASP KA 518 -12.11 89.10 1.81
C ASP KA 518 -10.81 89.54 1.14
N SER KA 519 -10.52 90.84 1.08
CA SER KA 519 -9.29 91.28 0.41
C SER KA 519 -9.08 92.77 0.66
N TRP KA 520 -7.82 93.16 0.72
CA TRP KA 520 -7.45 94.58 0.64
C TRP KA 520 -7.55 95.08 -0.79
N VAL KA 521 -8.14 96.25 -0.96
CA VAL KA 521 -8.35 96.88 -2.26
C VAL KA 521 -7.98 98.36 -2.12
N ASN KA 522 -7.89 99.04 -3.26
CA ASN KA 522 -7.63 100.47 -3.28
C ASN KA 522 -8.87 101.25 -3.73
N GLN KA 523 -8.70 102.57 -3.83
CA GLN KA 523 -9.82 103.48 -4.03
C GLN KA 523 -10.52 103.28 -5.37
N PHE KA 524 -9.89 102.59 -6.32
CA PHE KA 524 -10.43 102.41 -7.67
C PHE KA 524 -11.31 101.18 -7.81
N TYR KA 525 -11.44 100.38 -6.77
CA TYR KA 525 -12.25 99.17 -6.84
C TYR KA 525 -13.71 99.51 -7.10
N THR KA 526 -14.30 98.85 -8.09
CA THR KA 526 -15.68 99.08 -8.50
C THR KA 526 -16.56 98.01 -7.88
N LEU KA 527 -17.49 98.42 -7.03
CA LEU KA 527 -18.28 97.46 -6.28
C LEU KA 527 -19.38 96.86 -7.17
N ALA KA 528 -19.71 95.61 -6.89
CA ALA KA 528 -20.83 94.99 -7.57
C ALA KA 528 -22.12 95.68 -7.14
N PRO KA 529 -23.03 95.96 -8.07
CA PRO KA 529 -24.28 96.62 -7.68
C PRO KA 529 -25.14 95.73 -6.81
N MET KA 530 -25.87 96.36 -5.89
CA MET KA 530 -26.65 95.66 -4.88
C MET KA 530 -28.06 96.23 -4.89
N GLY KA 531 -29.05 95.36 -4.95
CA GLY KA 531 -30.43 95.78 -5.16
C GLY KA 531 -31.43 95.18 -4.19
N PRO LA 10 65.63 120.04 -19.15
CA PRO LA 10 64.41 119.23 -19.19
C PRO LA 10 63.15 120.07 -18.95
N SER LA 11 63.22 120.95 -17.96
CA SER LA 11 62.14 121.87 -17.60
C SER LA 11 62.68 123.28 -17.49
N ASP LA 12 63.43 123.70 -18.52
CA ASP LA 12 64.11 124.99 -18.53
C ASP LA 12 63.36 125.90 -19.50
N GLY LA 13 63.05 127.12 -19.04
CA GLY LA 13 62.22 128.00 -19.81
C GLY LA 13 60.75 127.74 -19.62
N SER LA 14 60.40 126.72 -18.84
CA SER LA 14 59.05 126.43 -18.40
C SER LA 14 59.14 126.01 -16.96
N THR LA 15 58.33 126.62 -16.09
CA THR LA 15 58.24 126.24 -14.68
C THR LA 15 59.54 126.56 -13.95
N ALA LA 16 60.68 126.07 -14.48
CA ALA LA 16 62.02 126.47 -14.03
C ALA LA 16 62.25 126.12 -12.56
N ASN LA 17 61.70 124.99 -12.14
CA ASN LA 17 61.76 124.52 -10.75
C ASN LA 17 61.38 125.61 -9.76
N LEU LA 18 60.55 126.57 -10.20
CA LEU LA 18 60.08 127.63 -9.33
C LEU LA 18 58.92 127.18 -8.45
N VAL LA 19 58.51 125.93 -8.60
CA VAL LA 19 57.16 125.47 -8.30
C VAL LA 19 57.21 123.99 -7.92
N PRO LA 20 56.44 123.54 -6.93
CA PRO LA 20 56.39 122.11 -6.63
C PRO LA 20 55.83 121.34 -7.82
N GLU LA 21 56.38 120.15 -8.07
CA GLU LA 21 55.91 119.35 -9.20
C GLU LA 21 54.75 118.45 -8.77
N VAL LA 22 55.02 117.48 -7.89
CA VAL LA 22 53.98 116.57 -7.43
C VAL LA 22 54.09 116.44 -5.91
N ASN LA 23 52.99 116.03 -5.30
CA ASN LA 23 52.88 115.95 -3.86
C ASN LA 23 53.26 114.57 -3.36
N ASN LA 24 53.99 114.54 -2.24
CA ASN LA 24 54.32 113.28 -1.58
C ASN LA 24 53.12 112.70 -0.85
N GLU LA 25 52.41 113.54 -0.10
CA GLU LA 25 51.34 113.10 0.80
C GLU LA 25 50.28 112.28 0.07
N VAL LA 26 49.61 111.42 0.83
CA VAL LA 26 48.69 110.40 0.32
C VAL LA 26 47.66 110.13 1.40
N MET LA 27 46.40 110.00 1.00
CA MET LA 27 45.32 109.89 1.97
C MET LA 27 45.30 108.51 2.61
N ALA LA 28 45.19 108.49 3.95
CA ALA LA 28 45.20 107.27 4.74
C ALA LA 28 43.81 106.61 4.75
N LEU LA 29 43.40 106.16 3.57
CA LEU LA 29 42.14 105.44 3.41
C LEU LA 29 42.44 104.01 2.95
N GLU LA 30 41.67 103.05 3.48
CA GLU LA 30 41.73 101.69 2.96
C GLU LA 30 40.97 101.59 1.66
N PRO LA 31 41.26 100.59 0.84
CA PRO LA 31 40.43 100.35 -0.34
C PRO LA 31 39.02 99.93 0.05
N VAL LA 32 38.06 100.27 -0.81
CA VAL LA 32 36.65 100.02 -0.56
C VAL LA 32 36.03 99.45 -1.82
N VAL LA 33 35.30 98.35 -1.68
CA VAL LA 33 34.70 97.71 -2.86
C VAL LA 33 33.56 98.58 -3.38
N GLY LA 34 33.33 98.51 -4.68
CA GLY LA 34 32.21 99.22 -5.28
C GLY LA 34 30.95 98.39 -5.40
N ALA LA 35 30.39 98.33 -6.61
CA ALA LA 35 29.09 97.71 -6.82
C ALA LA 35 29.16 96.19 -6.97
N ALA LA 36 30.36 95.61 -7.07
CA ALA LA 36 30.46 94.15 -7.21
C ALA LA 36 29.81 93.45 -6.02
N ILE LA 37 29.99 93.99 -4.82
CA ILE LA 37 29.43 93.38 -3.63
C ILE LA 37 27.91 93.32 -3.68
N ALA LA 38 27.28 94.20 -4.46
CA ALA LA 38 25.82 94.30 -4.53
C ALA LA 38 25.20 93.36 -5.55
N ALA LA 39 26.00 92.66 -6.34
CA ALA LA 39 25.47 91.88 -7.45
C ALA LA 39 24.40 90.86 -7.04
N PRO LA 40 24.54 90.10 -5.95
CA PRO LA 40 23.47 89.16 -5.59
C PRO LA 40 22.15 89.82 -5.19
N VAL LA 41 22.15 91.10 -4.83
CA VAL LA 41 20.94 91.77 -4.38
C VAL LA 41 20.50 92.92 -5.27
N ALA LA 42 21.31 93.30 -6.25
CA ALA LA 42 20.85 94.29 -7.22
C ALA LA 42 19.96 93.62 -8.26
N GLY LA 43 19.12 94.44 -8.91
CA GLY LA 43 18.25 93.92 -9.93
C GLY LA 43 18.99 93.48 -11.18
N GLN LA 44 20.08 94.18 -11.51
CA GLN LA 44 20.76 94.00 -12.78
C GLN LA 44 22.22 94.41 -12.61
N GLN LA 45 23.05 93.95 -13.52
CA GLN LA 45 24.45 94.36 -13.56
C GLN LA 45 24.58 95.19 -14.83
N ASN LA 46 24.93 96.46 -14.67
CA ASN LA 46 24.92 97.39 -15.79
C ASN LA 46 26.34 97.77 -16.15
N VAL LA 47 26.46 98.52 -17.24
CA VAL LA 47 27.75 98.85 -17.82
C VAL LA 47 27.78 100.34 -18.10
N ILE LA 48 28.90 100.97 -17.78
CA ILE LA 48 29.15 102.36 -18.07
C ILE LA 48 30.13 102.40 -19.23
N ASP LA 49 29.90 103.31 -20.18
CA ASP LA 49 30.74 103.44 -21.35
C ASP LA 49 32.19 103.60 -20.92
N PRO LA 50 33.08 102.68 -21.31
CA PRO LA 50 34.45 102.71 -20.78
C PRO LA 50 35.19 104.02 -21.00
N TRP LA 51 34.84 104.80 -22.03
CA TRP LA 51 35.50 106.09 -22.21
C TRP LA 51 35.27 107.00 -21.01
N ILE LA 52 34.06 106.96 -20.43
CA ILE LA 52 33.77 107.74 -19.23
C ILE LA 52 34.71 107.34 -18.09
N ARG LA 53 35.08 106.05 -18.02
CA ARG LA 53 35.91 105.57 -16.93
C ARG LA 53 37.38 105.88 -17.11
N ASN LA 54 37.82 106.15 -18.33
CA ASN LA 54 39.24 106.34 -18.61
C ASN LA 54 39.62 107.80 -18.85
N ASN LA 55 38.70 108.75 -18.66
CA ASN LA 55 38.97 110.12 -19.05
C ASN LA 55 38.39 111.10 -18.05
N PHE LA 56 39.25 111.97 -17.52
CA PHE LA 56 38.81 113.00 -16.60
C PHE LA 56 37.98 114.06 -17.32
N VAL LA 57 36.88 114.45 -16.69
CA VAL LA 57 36.00 115.50 -17.20
C VAL LA 57 35.65 116.38 -16.02
N GLN LA 58 35.47 117.68 -16.28
CA GLN LA 58 35.28 118.62 -15.20
C GLN LA 58 33.93 118.38 -14.54
N ALA LA 59 33.93 118.28 -13.23
CA ALA LA 59 32.72 118.02 -12.48
C ALA LA 59 31.73 119.17 -12.65
N PRO LA 60 30.43 118.90 -12.59
CA PRO LA 60 29.49 119.97 -12.27
C PRO LA 60 29.92 120.53 -10.92
N GLY LA 61 30.18 121.82 -10.89
CA GLY LA 61 30.75 122.36 -9.68
C GLY LA 61 32.21 122.00 -9.57
N GLY LA 62 32.97 122.34 -10.60
CA GLY LA 62 34.37 121.99 -10.66
C GLY LA 62 35.29 123.19 -10.80
N GLU LA 63 34.83 124.35 -10.33
CA GLU LA 63 35.64 125.56 -10.27
C GLU LA 63 35.65 126.09 -8.84
N PHE LA 64 36.82 126.52 -8.39
CA PHE LA 64 36.93 127.28 -7.16
C PHE LA 64 38.21 128.11 -7.21
N THR LA 65 38.30 129.07 -6.29
CA THR LA 65 39.33 130.10 -6.32
C THR LA 65 39.96 130.27 -4.95
N VAL LA 66 41.27 130.52 -4.94
CA VAL LA 66 41.98 131.00 -3.77
C VAL LA 66 42.39 132.43 -4.05
N SER LA 67 41.83 133.37 -3.30
CA SER LA 67 42.11 134.80 -3.47
C SER LA 67 42.51 135.38 -2.12
N PRO LA 68 43.05 136.61 -2.11
CA PRO LA 68 43.41 137.22 -0.82
C PRO LA 68 42.21 137.56 0.03
N ARG LA 69 41.00 137.61 -0.55
CA ARG LA 69 39.79 137.79 0.22
C ARG LA 69 39.42 136.55 1.04
N ASN LA 70 39.98 135.39 0.72
CA ASN LA 70 39.65 134.17 1.45
C ASN LA 70 40.48 134.12 2.73
N ALA LA 71 39.87 133.55 3.78
CA ALA LA 71 40.54 133.42 5.06
C ALA LA 71 40.69 131.96 5.45
N PRO LA 72 41.73 131.60 6.20
CA PRO LA 72 41.92 130.20 6.58
C PRO LA 72 40.69 129.66 7.31
N GLY LA 73 40.38 128.39 7.05
CA GLY LA 73 39.21 127.75 7.59
C GLY LA 73 38.03 127.68 6.66
N GLU LA 74 37.98 128.55 5.65
CA GLU LA 74 36.89 128.53 4.69
C GLU LA 74 37.00 127.29 3.81
N ILE LA 75 35.91 126.55 3.69
CA ILE LA 75 35.86 125.42 2.78
C ILE LA 75 35.62 125.97 1.37
N LEU LA 76 36.65 125.92 0.54
CA LEU LA 76 36.57 126.47 -0.81
C LEU LA 76 35.82 125.55 -1.78
N TRP LA 77 35.74 124.26 -1.48
CA TRP LA 77 35.08 123.30 -2.36
C TRP LA 77 34.71 122.08 -1.54
N SER LA 78 33.55 121.50 -1.83
CA SER LA 78 33.14 120.29 -1.14
C SER LA 78 32.08 119.58 -1.96
N ALA LA 79 32.02 118.25 -1.81
CA ALA LA 79 31.06 117.47 -2.56
C ALA LA 79 30.85 116.13 -1.87
N PRO LA 80 29.63 115.61 -1.84
CA PRO LA 80 29.43 114.23 -1.42
C PRO LA 80 29.60 113.30 -2.61
N LEU LA 81 30.10 112.09 -2.32
CA LEU LA 81 30.26 111.11 -3.38
C LEU LA 81 28.90 110.79 -3.99
N GLY LA 82 28.88 110.70 -5.32
CA GLY LA 82 27.66 110.42 -6.04
C GLY LA 82 27.78 110.80 -7.51
N PRO LA 83 26.77 110.47 -8.30
CA PRO LA 83 26.84 110.76 -9.74
C PRO LA 83 26.97 112.23 -10.07
N ASP LA 84 26.62 113.13 -9.16
CA ASP LA 84 26.73 114.57 -9.42
C ASP LA 84 28.16 115.06 -9.51
N LEU LA 85 29.14 114.17 -9.27
CA LEU LA 85 30.55 114.50 -9.39
C LEU LA 85 31.04 114.51 -10.82
N ASN LA 86 30.21 114.13 -11.79
CA ASN LA 86 30.69 113.89 -13.15
C ASN LA 86 29.56 114.15 -14.14
N PRO LA 87 29.76 115.04 -15.12
CA PRO LA 87 28.64 115.44 -15.99
C PRO LA 87 28.06 114.28 -16.81
N TYR LA 88 28.88 113.35 -17.28
CA TYR LA 88 28.36 112.18 -17.98
C TYR LA 88 27.53 111.31 -17.04
N LEU LA 89 28.09 110.99 -15.86
CA LEU LA 89 27.34 110.24 -14.86
C LEU LA 89 26.10 111.00 -14.41
N SER LA 90 26.14 112.33 -14.42
CA SER LA 90 24.98 113.12 -14.01
C SER LA 90 23.80 112.89 -14.93
N HIS LA 91 24.03 112.88 -16.25
CA HIS LA 91 22.94 112.61 -17.19
C HIS LA 91 22.54 111.15 -17.14
N LEU LA 92 23.53 110.25 -17.01
CA LEU LA 92 23.21 108.83 -16.87
C LEU LA 92 22.33 108.57 -15.65
N ALA LA 93 22.60 109.29 -14.55
CA ALA LA 93 21.89 109.01 -13.31
C ALA LA 93 20.39 109.25 -13.43
N ARG LA 94 19.94 110.08 -14.37
CA ARG LA 94 18.50 110.27 -14.48
C ARG LA 94 17.81 108.98 -14.94
N MET LA 95 18.60 108.01 -15.38
CA MET LA 95 18.12 106.79 -16.02
C MET LA 95 18.30 105.56 -15.13
N TYR LA 96 18.89 105.72 -13.94
CA TYR LA 96 19.15 104.62 -13.04
C TYR LA 96 18.55 104.91 -11.67
N ASN LA 97 18.34 103.84 -10.91
CA ASN LA 97 17.72 103.95 -9.59
C ASN LA 97 18.74 104.10 -8.47
N GLY LA 98 19.95 103.58 -8.66
CA GLY LA 98 20.96 103.68 -7.62
C GLY LA 98 22.35 103.49 -8.18
N TYR LA 99 23.32 103.42 -7.26
CA TYR LA 99 24.71 103.33 -7.65
C TYR LA 99 25.52 102.82 -6.46
N ALA LA 100 26.77 102.47 -6.74
CA ALA LA 100 27.75 102.17 -5.72
C ALA LA 100 29.13 102.22 -6.36
N GLY LA 101 30.12 102.59 -5.57
CA GLY LA 101 31.49 102.62 -6.03
C GLY LA 101 32.12 103.99 -5.88
N GLY LA 102 33.40 104.06 -6.20
CA GLY LA 102 34.23 105.19 -5.86
C GLY LA 102 34.59 106.04 -7.07
N PHE LA 103 35.26 107.14 -6.79
CA PHE LA 103 35.65 108.10 -7.81
C PHE LA 103 37.14 108.36 -7.75
N GLU LA 104 37.66 108.81 -8.89
CA GLU LA 104 38.98 109.42 -8.98
C GLU LA 104 38.75 110.89 -9.26
N VAL LA 105 39.21 111.76 -8.35
CA VAL LA 105 39.10 113.20 -8.56
C VAL LA 105 40.48 113.75 -8.87
N GLN LA 106 40.53 114.69 -9.80
CA GLN LA 106 41.76 115.36 -10.20
C GLN LA 106 41.56 116.86 -9.96
N VAL LA 107 42.47 117.47 -9.22
CA VAL LA 107 42.41 118.89 -8.89
C VAL LA 107 43.63 119.58 -9.50
N ILE LA 108 43.38 120.70 -10.17
CA ILE LA 108 44.44 121.48 -10.82
C ILE LA 108 44.61 122.74 -10.00
N LEU LA 109 45.84 122.98 -9.53
CA LEU LA 109 46.18 124.10 -8.66
C LEU LA 109 47.44 124.78 -9.14
N ALA LA 110 47.56 125.08 -10.43
CA ALA LA 110 48.87 125.47 -10.94
C ALA LA 110 49.03 126.98 -10.81
N GLY LA 111 49.18 127.40 -9.55
CA GLY LA 111 49.28 128.80 -9.21
C GLY LA 111 50.51 129.45 -9.81
N ASN LA 112 50.54 130.78 -9.72
CA ASN LA 112 51.69 131.51 -10.20
C ASN LA 112 52.85 131.34 -9.23
N ALA LA 113 54.07 131.47 -9.74
CA ALA LA 113 55.24 131.18 -8.92
C ALA LA 113 55.41 132.16 -7.77
N PHE LA 114 54.79 133.33 -7.87
CA PHE LA 114 54.91 134.38 -6.87
C PHE LA 114 53.88 134.26 -5.75
N THR LA 115 53.10 133.18 -5.73
CA THR LA 115 52.02 133.02 -4.75
C THR LA 115 52.41 132.02 -3.68
N ALA LA 116 51.81 132.18 -2.50
CA ALA LA 116 52.01 131.26 -1.39
C ALA LA 116 50.67 130.86 -0.80
N GLY LA 117 50.65 129.70 -0.17
CA GLY LA 117 49.49 129.21 0.57
C GLY LA 117 49.32 127.72 0.43
N LYS LA 118 48.57 127.13 1.36
CA LYS LA 118 48.34 125.69 1.39
C LYS LA 118 46.84 125.41 1.43
N ILE LA 119 46.43 124.33 0.74
CA ILE LA 119 45.07 123.81 0.81
C ILE LA 119 45.12 122.41 1.39
N ILE LA 120 44.19 122.12 2.31
CA ILE LA 120 44.06 120.77 2.85
C ILE LA 120 42.82 120.11 2.24
N PHE LA 121 43.02 118.90 1.72
CA PHE LA 121 41.93 118.06 1.25
C PHE LA 121 41.67 116.96 2.26
N ALA LA 122 40.40 116.68 2.55
CA ALA LA 122 40.07 115.67 3.55
C ALA LA 122 38.83 114.89 3.13
N ALA LA 123 38.84 113.61 3.48
CA ALA LA 123 37.67 112.73 3.36
C ALA LA 123 37.01 112.60 4.74
N VAL LA 124 35.77 113.06 4.85
CA VAL LA 124 35.00 112.95 6.09
C VAL LA 124 33.96 111.83 5.91
N PRO LA 125 33.84 110.91 6.85
CA PRO LA 125 33.04 109.71 6.64
C PRO LA 125 31.55 109.99 6.77
N PRO LA 126 30.69 109.09 6.27
CA PRO LA 126 29.25 109.34 6.31
C PRO LA 126 28.73 109.52 7.72
N ASN LA 127 27.82 110.48 7.88
CA ASN LA 127 27.14 110.85 9.13
C ASN LA 127 28.02 111.64 10.08
N PHE LA 128 29.15 112.16 9.63
CA PHE LA 128 29.84 113.12 10.48
C PHE LA 128 29.46 114.53 10.05
N PRO LA 129 29.07 115.40 10.98
CA PRO LA 129 28.68 116.76 10.60
C PRO LA 129 29.89 117.57 10.17
N THR LA 130 29.76 118.21 9.00
CA THR LA 130 30.83 119.01 8.39
C THR LA 130 30.66 120.50 8.68
N GLU LA 131 29.65 120.89 9.46
CA GLU LA 131 29.21 122.29 9.49
C GLU LA 131 30.23 123.19 10.15
N GLY LA 132 30.72 122.83 11.34
CA GLY LA 132 31.57 123.72 12.10
C GLY LA 132 33.05 123.40 12.11
N LEU LA 133 33.51 122.59 11.16
CA LEU LA 133 34.87 122.06 11.22
C LEU LA 133 35.91 123.16 11.25
N SER LA 134 36.78 123.09 12.26
CA SER LA 134 37.98 123.91 12.33
C SER LA 134 39.10 123.30 11.50
N PRO LA 135 40.10 124.09 11.12
CA PRO LA 135 41.27 123.49 10.44
C PRO LA 135 41.96 122.42 11.26
N SER LA 136 42.13 122.64 12.56
CA SER LA 136 42.63 121.59 13.45
C SER LA 136 41.85 120.28 13.27
N GLN LA 137 40.52 120.37 13.29
CA GLN LA 137 39.69 119.17 13.27
C GLN LA 137 39.77 118.46 11.92
N VAL LA 138 39.83 119.20 10.82
CA VAL LA 138 39.91 118.58 9.51
C VAL LA 138 41.16 117.71 9.39
N THR LA 139 42.23 118.09 10.08
CA THR LA 139 43.44 117.29 10.12
C THR LA 139 43.23 115.89 10.69
N MET LA 140 42.16 115.68 11.47
CA MET LA 140 41.99 114.38 12.13
C MET LA 140 41.30 113.35 11.25
N PHE LA 141 40.78 113.74 10.09
CA PHE LA 141 40.36 112.78 9.07
C PHE LA 141 41.54 112.41 8.19
N PRO LA 142 41.42 111.36 7.38
CA PRO LA 142 42.41 111.17 6.31
C PRO LA 142 42.51 112.43 5.48
N HIS LA 143 43.74 112.88 5.24
CA HIS LA 143 43.90 114.19 4.62
C HIS LA 143 45.18 114.25 3.80
N ILE LA 144 45.25 115.27 2.96
CA ILE LA 144 46.43 115.58 2.16
C ILE LA 144 46.59 117.10 2.17
N ILE LA 145 47.82 117.57 2.33
CA ILE LA 145 48.11 119.01 2.33
C ILE LA 145 48.94 119.35 1.10
N VAL LA 146 48.41 120.25 0.28
CA VAL LA 146 48.93 120.55 -1.05
C VAL LA 146 49.29 122.02 -1.12
N ASP LA 147 50.40 122.34 -1.78
CA ASP LA 147 50.80 123.72 -1.94
C ASP LA 147 50.02 124.35 -3.09
N VAL LA 148 49.62 125.61 -2.92
CA VAL LA 148 48.75 126.25 -3.90
C VAL LA 148 49.45 126.42 -5.24
N ARG LA 149 50.78 126.33 -5.29
CA ARG LA 149 51.51 126.47 -6.53
C ARG LA 149 51.74 125.15 -7.26
N GLN LA 150 51.26 124.02 -6.72
CA GLN LA 150 51.63 122.72 -7.27
C GLN LA 150 51.25 122.61 -8.74
N LEU LA 151 52.17 122.05 -9.52
CA LEU LA 151 52.06 122.02 -10.98
C LEU LA 151 51.28 120.81 -11.47
N GLU LA 152 51.63 119.63 -11.00
CA GLU LA 152 50.92 118.46 -11.47
C GLU LA 152 49.60 118.35 -10.73
N PRO LA 153 48.56 117.87 -11.41
CA PRO LA 153 47.26 117.73 -10.76
C PRO LA 153 47.36 116.79 -9.57
N VAL LA 154 46.52 117.04 -8.57
CA VAL LA 154 46.48 116.20 -7.39
C VAL LA 154 45.40 115.15 -7.61
N LEU LA 155 45.76 113.90 -7.39
CA LEU LA 155 44.84 112.78 -7.57
C LEU LA 155 44.44 112.27 -6.20
N ILE LA 156 43.14 112.30 -5.92
CA ILE LA 156 42.58 111.84 -4.67
C ILE LA 156 41.59 110.73 -5.01
N PRO LA 157 41.81 109.51 -4.54
CA PRO LA 157 40.77 108.49 -4.70
C PRO LA 157 39.73 108.63 -3.60
N LEU LA 158 38.46 108.52 -4.00
CA LEU LA 158 37.33 108.76 -3.10
C LEU LA 158 36.51 107.49 -2.99
N PRO LA 159 36.72 106.67 -1.97
CA PRO LA 159 36.03 105.38 -1.88
C PRO LA 159 34.63 105.53 -1.32
N ASP LA 160 33.77 104.58 -1.70
CA ASP LA 160 32.36 104.61 -1.32
C ASP LA 160 32.16 103.93 0.03
N VAL LA 161 32.72 104.56 1.07
CA VAL LA 161 32.50 104.10 2.43
C VAL LA 161 31.00 104.13 2.73
N ARG LA 162 30.51 103.02 3.27
CA ARG LA 162 29.07 102.82 3.48
C ARG LA 162 28.88 101.58 4.34
N ASN LA 163 27.64 101.39 4.80
CA ASN LA 163 27.29 100.21 5.59
C ASN LA 163 26.16 99.41 4.94
N ASN LA 164 25.88 99.68 3.67
CA ASN LA 164 24.88 98.94 2.92
C ASN LA 164 25.48 98.52 1.58
N PHE LA 165 24.71 97.72 0.84
CA PHE LA 165 25.22 97.20 -0.42
C PHE LA 165 25.39 98.30 -1.46
N TYR LA 166 24.48 99.28 -1.47
CA TYR LA 166 24.51 100.35 -2.46
C TYR LA 166 23.54 101.44 -2.03
N HIS LA 167 23.52 102.53 -2.80
CA HIS LA 167 22.76 103.73 -2.48
C HIS LA 167 21.61 103.90 -3.46
N TYR LA 168 20.51 104.45 -2.97
CA TYR LA 168 19.39 104.85 -3.83
C TYR LA 168 19.51 106.33 -4.13
N ASN LA 169 19.18 106.71 -5.37
CA ASN LA 169 19.18 108.13 -5.74
C ASN LA 169 18.19 108.92 -4.90
N GLN LA 170 17.03 108.33 -4.63
CA GLN LA 170 15.92 109.01 -3.96
C GLN LA 170 16.02 109.00 -2.45
N SER LA 171 17.11 108.54 -1.85
CA SER LA 171 17.15 108.48 -0.39
C SER LA 171 18.07 109.57 0.16
N ASN LA 172 17.92 109.79 1.46
CA ASN LA 172 18.70 110.78 2.21
C ASN LA 172 19.94 110.21 2.86
N ASP LA 173 20.20 108.90 2.75
CA ASP LA 173 21.39 108.34 3.34
C ASP LA 173 22.65 109.08 2.87
N PRO LA 174 23.56 109.39 3.78
CA PRO LA 174 24.74 110.18 3.42
C PRO LA 174 25.86 109.33 2.85
N THR LA 175 26.73 110.00 2.10
CA THR LA 175 27.92 109.38 1.54
C THR LA 175 29.14 110.12 2.06
N ILE LA 176 30.32 109.54 1.81
CA ILE LA 176 31.56 110.22 2.13
C ILE LA 176 31.62 111.56 1.41
N LYS LA 177 32.12 112.58 2.11
CA LYS LA 177 32.28 113.92 1.55
C LYS LA 177 33.76 114.19 1.38
N LEU LA 178 34.12 114.78 0.23
CA LEU LA 178 35.46 115.30 0.02
C LEU LA 178 35.47 116.79 0.31
N ILE LA 179 36.46 117.22 1.09
CA ILE LA 179 36.52 118.58 1.62
C ILE LA 179 37.81 119.21 1.11
N ALA LA 180 37.70 120.42 0.58
CA ALA LA 180 38.86 121.24 0.26
C ALA LA 180 38.75 122.51 1.08
N MET LA 181 39.71 122.74 1.96
CA MET LA 181 39.68 123.88 2.85
C MET LA 181 40.98 124.66 2.73
N LEU LA 182 40.86 125.98 2.81
CA LEU LA 182 42.05 126.83 2.80
C LEU LA 182 42.77 126.66 4.13
N TYR LA 183 44.00 126.15 4.07
CA TYR LA 183 44.77 125.81 5.26
C TYR LA 183 45.66 126.95 5.70
N THR LA 184 46.22 127.66 4.73
CA THR LA 184 47.04 128.84 4.91
C THR LA 184 46.50 129.95 4.01
N PRO LA 185 46.48 131.20 4.50
CA PRO LA 185 45.98 132.30 3.67
C PRO LA 185 46.83 132.46 2.42
N LEU LA 186 46.22 132.98 1.37
CA LEU LA 186 46.95 133.19 0.13
C LEU LA 186 47.79 134.45 0.24
N ARG LA 187 49.09 134.30 0.02
CA ARG LA 187 50.04 135.38 0.00
C ARG LA 187 50.75 135.40 -1.35
N ALA LA 188 51.26 136.56 -1.73
CA ALA LA 188 51.97 136.66 -3.00
C ALA LA 188 52.98 137.80 -2.92
N ASN LA 189 54.05 137.67 -3.70
CA ASN LA 189 55.14 138.63 -3.65
C ASN LA 189 55.67 138.99 -5.03
N ASN LA 190 54.81 138.94 -6.05
CA ASN LA 190 55.06 139.75 -7.24
C ASN LA 190 55.20 141.21 -6.82
N ALA LA 191 55.76 142.02 -7.71
CA ALA LA 191 56.03 143.38 -7.27
C ALA LA 191 54.83 144.31 -7.45
N GLY LA 192 54.08 144.17 -8.54
CA GLY LA 192 53.08 145.15 -8.87
C GLY LA 192 51.81 144.97 -8.08
N ASP LA 193 50.85 145.85 -8.35
CA ASP LA 193 49.50 145.71 -7.78
C ASP LA 193 48.64 144.86 -8.71
N ASP LA 194 48.99 143.58 -8.77
CA ASP LA 194 48.21 142.60 -9.52
C ASP LA 194 47.88 141.45 -8.59
N VAL LA 195 46.63 140.98 -8.63
CA VAL LA 195 46.20 139.93 -7.71
C VAL LA 195 46.35 138.59 -8.41
N PHE LA 196 47.32 137.78 -7.97
CA PHE LA 196 47.52 136.47 -8.58
C PHE LA 196 46.60 135.45 -7.91
N THR LA 197 45.30 135.62 -8.17
CA THR LA 197 44.34 134.67 -7.63
C THR LA 197 44.60 133.32 -8.28
N VAL LA 198 44.47 132.26 -7.50
CA VAL LA 198 44.69 130.91 -8.01
C VAL LA 198 43.36 130.33 -8.46
N SER LA 199 43.15 130.27 -9.77
CA SER LA 199 41.95 129.64 -10.31
C SER LA 199 42.16 128.13 -10.37
N CYS LA 200 41.23 127.39 -9.77
CA CYS LA 200 41.37 125.96 -9.61
C CYS LA 200 40.24 125.23 -10.33
N ARG LA 201 40.55 124.02 -10.80
CA ARG LA 201 39.59 123.21 -11.52
C ARG LA 201 39.59 121.80 -10.94
N VAL LA 202 38.39 121.23 -10.81
CA VAL LA 202 38.20 119.88 -10.30
C VAL LA 202 37.61 119.04 -11.42
N LEU LA 203 38.32 117.96 -11.77
CA LEU LA 203 37.84 116.99 -12.77
C LEU LA 203 37.73 115.63 -12.09
N THR LA 204 36.87 114.77 -12.65
CA THR LA 204 36.61 113.48 -12.03
C THR LA 204 36.44 112.42 -13.11
N ARG LA 205 36.44 111.16 -12.66
CA ARG LA 205 36.02 110.02 -13.45
C ARG LA 205 35.70 108.89 -12.48
N PRO LA 206 34.78 108.00 -12.82
CA PRO LA 206 34.44 106.92 -11.90
C PRO LA 206 35.57 105.91 -11.80
N SER LA 207 35.81 105.41 -10.59
CA SER LA 207 36.71 104.29 -10.39
C SER LA 207 36.18 103.06 -11.13
N PRO LA 208 37.03 102.05 -11.36
CA PRO LA 208 36.54 100.85 -12.05
C PRO LA 208 35.45 100.10 -11.29
N ASP LA 209 35.36 100.24 -9.97
CA ASP LA 209 34.34 99.57 -9.18
C ASP LA 209 33.03 100.34 -9.12
N PHE LA 210 32.95 101.54 -9.71
CA PHE LA 210 31.71 102.28 -9.74
C PHE LA 210 30.77 101.68 -10.77
N ASP LA 211 29.47 101.66 -10.45
CA ASP LA 211 28.50 101.14 -11.40
C ASP LA 211 27.10 101.61 -11.01
N PHE LA 212 26.24 101.76 -12.02
CA PHE LA 212 24.83 102.04 -11.79
C PHE LA 212 24.10 100.72 -11.59
N ILE LA 213 22.88 100.79 -11.06
CA ILE LA 213 22.26 99.51 -10.70
C ILE LA 213 20.95 99.16 -11.42
N PHE LA 214 19.92 99.99 -11.30
CA PHE LA 214 18.61 99.60 -11.82
C PHE LA 214 18.10 100.60 -12.84
N LEU LA 215 17.85 100.11 -14.05
CA LEU LA 215 17.35 100.93 -15.15
C LEU LA 215 15.91 101.40 -14.87
N VAL LA 216 15.69 102.71 -14.83
CA VAL LA 216 14.38 103.28 -14.48
C VAL LA 216 14.02 104.34 -15.50
N PRO LA 217 12.73 104.68 -15.62
CA PRO LA 217 12.31 105.79 -16.49
C PRO LA 217 13.13 107.05 -16.26
N PRO LA 218 13.57 107.70 -17.33
CA PRO LA 218 14.44 108.87 -17.20
C PRO LA 218 13.63 110.14 -16.98
N THR LA 219 14.14 111.01 -16.11
CA THR LA 219 13.64 112.34 -15.78
C THR LA 219 12.44 112.27 -14.84
N VAL LA 220 11.95 111.07 -14.48
CA VAL LA 220 10.75 110.96 -13.67
C VAL LA 220 11.10 110.89 -12.20
N GLU LA 221 12.39 110.92 -11.87
CA GLU LA 221 12.90 110.80 -10.53
C GLU LA 221 13.55 112.13 -10.16
N SER LA 222 13.03 112.80 -9.14
CA SER LA 222 13.66 114.06 -8.78
C SER LA 222 15.03 113.77 -8.18
N ARG LA 223 15.75 114.83 -7.82
CA ARG LA 223 17.08 114.80 -7.20
C ARG LA 223 18.13 114.49 -8.27
N THR LA 224 17.72 114.20 -9.50
CA THR LA 224 18.62 114.01 -10.62
C THR LA 224 18.39 114.99 -11.76
N LYS LA 225 17.33 115.79 -11.69
CA LYS LA 225 17.10 116.79 -12.73
C LYS LA 225 18.21 117.84 -12.63
N PRO LA 226 18.86 118.20 -13.72
CA PRO LA 226 19.97 119.15 -13.64
C PRO LA 226 19.51 120.59 -13.72
N PHE LA 227 20.26 121.44 -13.04
CA PHE LA 227 19.94 122.86 -12.97
C PHE LA 227 20.30 123.55 -14.28
N THR LA 228 19.41 124.44 -14.72
CA THR LA 228 19.66 125.25 -15.91
C THR LA 228 19.10 126.64 -15.67
N VAL LA 229 19.53 127.56 -16.53
CA VAL LA 229 19.08 128.95 -16.46
C VAL LA 229 18.63 129.32 -17.87
N PRO LA 230 17.45 129.92 -18.04
CA PRO LA 230 16.91 130.12 -19.38
C PRO LA 230 17.82 130.98 -20.25
N ILE LA 231 17.82 130.66 -21.55
CA ILE LA 231 18.63 131.37 -22.54
C ILE LA 231 18.04 132.70 -22.95
N LEU LA 232 16.89 133.10 -22.39
CA LEU LA 232 16.24 134.34 -22.80
C LEU LA 232 17.14 135.55 -22.56
N THR LA 233 16.96 136.57 -23.40
CA THR LA 233 17.66 137.84 -23.28
C THR LA 233 16.93 138.76 -22.29
N VAL LA 234 17.69 139.67 -21.68
CA VAL LA 234 17.14 140.61 -20.71
C VAL LA 234 15.94 141.35 -21.27
N GLU LA 235 16.05 141.87 -22.50
CA GLU LA 235 14.93 142.57 -23.11
C GLU LA 235 13.72 141.66 -23.30
N GLU LA 236 13.95 140.37 -23.56
CA GLU LA 236 12.84 139.45 -23.82
C GLU LA 236 12.14 139.00 -22.55
N MET LA 237 12.63 139.39 -21.37
CA MET LA 237 12.03 139.01 -20.11
C MET LA 237 11.23 140.18 -19.53
N THR LA 238 10.59 139.93 -18.39
CA THR LA 238 9.62 140.85 -17.83
C THR LA 238 9.91 141.02 -16.34
N ASN LA 239 9.56 142.19 -15.81
CA ASN LA 239 9.76 142.46 -14.40
C ASN LA 239 8.83 141.59 -13.56
N SER LA 240 9.33 141.20 -12.39
CA SER LA 240 8.59 140.31 -11.50
C SER LA 240 7.89 141.06 -10.39
N ARG LA 241 8.04 142.39 -10.33
CA ARG LA 241 7.45 143.22 -9.29
C ARG LA 241 6.38 144.16 -9.84
N PHE LA 242 6.22 144.23 -11.16
CA PHE LA 242 5.23 145.05 -11.84
C PHE LA 242 5.13 144.54 -13.26
N PRO LA 243 3.93 144.50 -13.85
CA PRO LA 243 3.79 143.89 -15.19
C PRO LA 243 4.37 144.73 -16.31
N ILE LA 244 5.70 144.90 -16.31
CA ILE LA 244 6.37 145.68 -17.36
C ILE LA 244 7.65 144.97 -17.76
N PRO LA 245 8.11 145.19 -18.99
CA PRO LA 245 9.33 144.53 -19.44
C PRO LA 245 10.56 145.04 -18.71
N LEU LA 246 11.62 144.21 -18.77
CA LEU LA 246 12.93 144.60 -18.29
C LEU LA 246 13.62 145.52 -19.31
N GLU LA 247 14.58 146.30 -18.82
CA GLU LA 247 15.28 147.23 -19.71
C GLU LA 247 16.78 147.24 -19.54
N LYS LA 248 17.28 147.14 -18.31
CA LYS LA 248 18.72 147.14 -18.09
C LYS LA 248 19.07 146.30 -16.88
N LEU LA 249 20.36 146.00 -16.75
CA LEU LA 249 20.92 145.38 -15.56
C LEU LA 249 21.66 146.45 -14.75
N PHE LA 250 21.43 146.47 -13.44
CA PHE LA 250 22.01 147.49 -12.57
C PHE LA 250 22.60 146.86 -11.31
N THR LA 251 23.81 147.27 -10.95
CA THR LA 251 24.38 146.95 -9.65
C THR LA 251 24.67 148.25 -8.91
N GLY LA 252 24.44 148.22 -7.60
CA GLY LA 252 24.76 149.35 -6.76
C GLY LA 252 24.92 148.97 -5.30
N PRO LA 253 25.52 149.86 -4.51
CA PRO LA 253 25.62 149.59 -3.07
C PRO LA 253 24.26 149.72 -2.40
N SER LA 254 24.02 148.84 -1.44
CA SER LA 254 22.72 148.73 -0.80
C SER LA 254 22.81 148.87 0.72
N GLY LA 255 23.87 149.49 1.22
CA GLY LA 255 24.02 149.62 2.66
C GLY LA 255 22.99 150.54 3.29
N ALA LA 256 22.58 151.59 2.57
CA ALA LA 256 21.68 152.58 3.15
C ALA LA 256 20.31 151.99 3.44
N PHE LA 257 19.72 151.35 2.43
CA PHE LA 257 18.35 150.89 2.44
C PHE LA 257 18.32 149.38 2.71
N VAL LA 258 17.11 148.81 2.82
CA VAL LA 258 16.92 147.39 3.09
C VAL LA 258 16.20 146.72 1.94
N VAL LA 259 16.91 145.84 1.23
CA VAL LA 259 16.39 145.17 0.05
C VAL LA 259 15.63 143.93 0.52
N GLN LA 260 14.31 144.02 0.58
CA GLN LA 260 13.50 142.90 1.04
C GLN LA 260 12.21 142.76 0.24
N PRO LA 261 12.27 142.72 -1.09
CA PRO LA 261 11.04 142.60 -1.87
C PRO LA 261 10.33 141.28 -1.60
N GLN LA 262 9.02 141.25 -1.87
CA GLN LA 262 8.22 140.05 -1.71
C GLN LA 262 7.64 139.50 -3.00
N ASN LA 263 7.79 140.19 -4.12
CA ASN LA 263 7.44 139.65 -5.43
C ASN LA 263 8.68 139.28 -6.20
N GLY LA 264 8.55 138.28 -7.07
CA GLY LA 264 9.71 137.77 -7.77
C GLY LA 264 10.77 137.21 -6.83
N ARG LA 265 10.34 136.47 -5.83
CA ARG LA 265 11.25 135.79 -4.91
C ARG LA 265 11.01 134.28 -4.97
N CYS LA 266 11.99 133.56 -5.51
CA CYS LA 266 11.87 132.13 -5.72
C CYS LA 266 13.25 131.50 -5.56
N THR LA 267 13.27 130.33 -4.94
CA THR LA 267 14.52 129.63 -4.70
C THR LA 267 14.93 128.82 -5.93
N THR LA 268 16.24 128.58 -6.04
CA THR LA 268 16.81 127.83 -7.16
C THR LA 268 16.12 126.49 -7.43
N ASP LA 269 15.74 125.74 -6.39
CA ASP LA 269 15.03 124.49 -6.62
C ASP LA 269 13.51 124.65 -6.68
N GLY LA 270 13.02 125.89 -6.83
CA GLY LA 270 11.64 126.12 -7.22
C GLY LA 270 10.61 126.28 -6.12
N VAL LA 271 11.03 126.67 -4.92
CA VAL LA 271 10.11 127.00 -3.84
C VAL LA 271 9.83 128.49 -3.88
N LEU LA 272 8.56 128.85 -4.07
CA LEU LA 272 8.17 130.25 -4.09
C LEU LA 272 8.15 130.82 -2.68
N LEU LA 273 8.47 132.12 -2.58
CA LEU LA 273 8.59 132.80 -1.31
C LEU LA 273 7.80 134.10 -1.34
N GLY LA 274 7.46 134.58 -0.14
CA GLY LA 274 6.75 135.85 -0.04
C GLY LA 274 5.40 135.79 -0.73
N THR LA 275 5.10 136.83 -1.51
CA THR LA 275 3.84 136.95 -2.24
C THR LA 275 3.99 136.55 -3.70
N THR LA 276 5.01 135.75 -4.02
CA THR LA 276 5.35 135.49 -5.41
C THR LA 276 4.41 134.45 -6.01
N GLN LA 277 3.97 134.72 -7.25
CA GLN LA 277 3.17 133.79 -8.01
C GLN LA 277 3.70 133.77 -9.44
N LEU LA 278 3.05 132.96 -10.29
CA LEU LA 278 3.62 132.63 -11.59
C LEU LA 278 3.15 133.51 -12.73
N SER LA 279 1.98 134.12 -12.63
CA SER LA 279 1.47 134.90 -13.75
C SER LA 279 2.16 136.25 -13.80
N PRO LA 280 2.77 136.63 -14.92
CA PRO LA 280 3.45 137.94 -15.00
C PRO LA 280 2.51 139.12 -15.15
N VAL LA 281 1.22 138.87 -15.33
CA VAL LA 281 0.25 139.94 -15.56
C VAL LA 281 -0.42 140.33 -14.24
N ASN LA 282 -0.53 139.37 -13.32
CA ASN LA 282 -1.19 139.57 -12.04
C ASN LA 282 -0.26 140.10 -10.95
N ILE LA 283 0.80 140.84 -11.32
CA ILE LA 283 1.81 141.20 -10.32
C ILE LA 283 1.46 142.46 -9.55
N CYS LA 284 0.39 143.16 -9.93
CA CYS LA 284 -0.13 144.29 -9.15
C CYS LA 284 -1.60 144.47 -9.47
N THR LA 285 -2.31 143.36 -9.50
CA THR LA 285 -3.71 143.29 -9.85
C THR LA 285 -4.51 143.13 -8.56
N PHE LA 286 -5.79 143.52 -8.62
CA PHE LA 286 -6.72 143.24 -7.55
C PHE LA 286 -8.04 142.85 -8.16
N ARG LA 287 -8.71 141.88 -7.55
CA ARG LA 287 -10.04 141.46 -7.98
C ARG LA 287 -10.92 141.29 -6.74
N GLY LA 288 -12.16 141.75 -6.84
CA GLY LA 288 -13.08 141.56 -5.74
C GLY LA 288 -14.35 142.35 -5.94
N ASP LA 289 -15.11 142.45 -4.86
CA ASP LA 289 -16.35 143.21 -4.81
C ASP LA 289 -16.04 144.58 -4.22
N VAL LA 290 -16.73 145.61 -4.70
CA VAL LA 290 -16.36 146.97 -4.35
C VAL LA 290 -17.55 147.68 -3.70
N THR LA 291 -17.23 148.60 -2.79
CA THR LA 291 -18.21 149.26 -1.94
C THR LA 291 -17.88 150.75 -1.91
N HIS LA 292 -18.88 151.60 -2.06
CA HIS LA 292 -18.66 153.04 -2.06
C HIS LA 292 -18.45 153.55 -0.64
N ILE LA 293 -17.58 154.55 -0.50
CA ILE LA 293 -17.38 155.27 0.75
C ILE LA 293 -18.17 156.57 0.67
N ALA LA 294 -19.15 156.72 1.56
CA ALA LA 294 -20.16 157.76 1.42
C ALA LA 294 -19.54 159.14 1.51
N GLY LA 295 -19.90 160.00 0.55
CA GLY LA 295 -19.48 161.38 0.53
C GLY LA 295 -18.17 161.66 -0.17
N THR LA 296 -17.49 160.63 -0.66
CA THR LA 296 -16.19 160.76 -1.30
C THR LA 296 -16.24 160.10 -2.67
N HIS LA 297 -15.13 160.18 -3.40
CA HIS LA 297 -14.93 159.40 -4.61
C HIS LA 297 -14.08 158.15 -4.35
N ASP LA 298 -14.01 157.71 -3.10
CA ASP LA 298 -13.21 156.56 -2.70
C ASP LA 298 -14.09 155.33 -2.65
N TYR LA 299 -13.48 154.17 -2.93
CA TYR LA 299 -14.16 152.89 -2.84
C TYR LA 299 -13.34 151.90 -2.04
N THR LA 300 -14.04 151.00 -1.35
CA THR LA 300 -13.42 149.92 -0.61
C THR LA 300 -13.67 148.61 -1.36
N MET LA 301 -12.60 147.86 -1.60
CA MET LA 301 -12.69 146.59 -2.31
C MET LA 301 -12.44 145.44 -1.33
N ASN LA 302 -13.42 144.56 -1.20
CA ASN LA 302 -13.28 143.34 -0.41
C ASN LA 302 -12.66 142.27 -1.30
N LEU LA 303 -11.50 141.74 -0.87
CA LEU LA 303 -10.61 141.02 -1.78
C LEU LA 303 -11.08 139.59 -1.99
N ALA LA 304 -11.02 139.15 -3.25
CA ALA LA 304 -11.11 137.75 -3.61
C ALA LA 304 -9.71 137.22 -3.90
N SER LA 305 -9.63 135.97 -4.36
CA SER LA 305 -8.37 135.39 -4.76
C SER LA 305 -8.05 135.75 -6.21
N GLN LA 306 -6.81 135.48 -6.61
CA GLN LA 306 -6.36 135.82 -7.96
C GLN LA 306 -7.10 135.01 -9.01
N ASN LA 307 -7.69 133.88 -8.63
CA ASN LA 307 -8.54 133.05 -9.46
C ASN LA 307 -10.03 133.24 -9.14
N TRP LA 308 -10.38 134.36 -8.52
CA TRP LA 308 -11.72 134.70 -8.04
C TRP LA 308 -12.27 133.72 -7.01
N ASN LA 309 -11.40 132.99 -6.30
CA ASN LA 309 -11.86 132.27 -5.12
C ASN LA 309 -11.94 133.24 -3.94
N ASN LA 310 -12.59 132.81 -2.88
CA ASN LA 310 -12.56 133.60 -1.66
C ASN LA 310 -11.14 133.62 -1.10
N TYR LA 311 -10.79 134.72 -0.45
CA TYR LA 311 -9.43 134.88 0.08
C TYR LA 311 -9.40 134.39 1.52
N ASP LA 312 -8.40 133.57 1.83
CA ASP LA 312 -8.23 133.00 3.17
C ASP LA 312 -7.04 133.66 3.86
N PRO LA 313 -7.26 134.56 4.81
CA PRO LA 313 -6.12 135.24 5.44
C PRO LA 313 -5.36 134.34 6.39
N THR LA 314 -5.83 133.10 6.58
CA THR LA 314 -5.14 132.13 7.41
C THR LA 314 -3.86 131.63 6.75
N GLU LA 315 -3.77 131.74 5.43
CA GLU LA 315 -2.63 131.21 4.69
C GLU LA 315 -1.34 131.84 5.20
N GLU LA 316 -0.29 131.03 5.30
CA GLU LA 316 0.98 131.49 5.85
C GLU LA 316 1.77 132.27 4.79
N ILE LA 317 1.17 133.38 4.37
CA ILE LA 317 1.72 134.25 3.33
C ILE LA 317 1.64 135.67 3.90
N PRO LA 318 2.56 136.57 3.56
CA PRO LA 318 2.44 137.96 4.06
C PRO LA 318 1.20 138.68 3.56
N ALA LA 319 0.62 138.25 2.44
CA ALA LA 319 -0.52 138.89 1.79
C ALA LA 319 -0.90 138.08 0.55
N PRO LA 320 -2.06 138.34 -0.07
CA PRO LA 320 -2.40 137.61 -1.30
C PRO LA 320 -1.30 137.77 -2.35
N LEU LA 321 -1.11 136.70 -3.13
CA LEU LA 321 -0.01 136.67 -4.08
C LEU LA 321 -0.19 137.76 -5.13
N GLY LA 322 0.90 138.50 -5.40
CA GLY LA 322 0.87 139.62 -6.32
C GLY LA 322 0.56 140.95 -5.69
N THR LA 323 0.40 141.00 -4.37
CA THR LA 323 0.18 142.27 -3.68
C THR LA 323 1.42 143.13 -3.79
N PRO LA 324 1.28 144.42 -4.12
CA PRO LA 324 2.46 145.28 -4.26
C PRO LA 324 3.39 145.20 -3.05
N ASP LA 325 4.68 145.34 -3.32
CA ASP LA 325 5.72 145.19 -2.31
C ASP LA 325 6.49 146.50 -2.13
N PHE LA 326 5.85 147.63 -2.39
CA PHE LA 326 6.45 148.93 -2.18
C PHE LA 326 5.38 149.92 -1.76
N VAL LA 327 5.81 151.02 -1.14
CA VAL LA 327 4.90 152.09 -0.77
C VAL LA 327 4.87 153.12 -1.89
N GLY LA 328 3.67 153.47 -2.33
CA GLY LA 328 3.51 154.39 -3.43
C GLY LA 328 2.07 154.42 -3.87
N LYS LA 329 1.80 155.27 -4.86
CA LYS LA 329 0.47 155.41 -5.42
C LYS LA 329 0.50 154.81 -6.83
N ILE LA 330 -0.20 153.69 -6.99
CA ILE LA 330 -0.25 152.98 -8.26
C ILE LA 330 -1.57 153.33 -8.94
N GLN LA 331 -1.49 153.94 -10.11
CA GLN LA 331 -2.67 154.33 -10.86
C GLN LA 331 -2.96 153.31 -11.96
N GLY LA 332 -4.24 152.99 -12.11
CA GLY LA 332 -4.67 152.07 -13.15
C GLY LA 332 -6.12 152.30 -13.51
N VAL LA 333 -6.86 151.20 -13.70
CA VAL LA 333 -8.25 151.27 -14.13
C VAL LA 333 -9.02 150.17 -13.42
N LEU LA 334 -10.14 150.54 -12.79
CA LEU LA 334 -11.08 149.57 -12.29
C LEU LA 334 -12.08 149.23 -13.39
N THR LA 335 -12.30 147.95 -13.60
CA THR LA 335 -13.25 147.48 -14.60
C THR LA 335 -14.24 146.54 -13.94
N GLN LA 336 -15.49 146.62 -14.38
CA GLN LA 336 -16.58 145.93 -13.72
C GLN LA 336 -17.57 145.48 -14.79
N THR LA 337 -18.21 144.33 -14.55
CA THR LA 337 -19.17 143.78 -15.49
C THR LA 337 -20.39 143.26 -14.74
N THR LA 338 -21.59 143.59 -15.22
CA THR LA 338 -22.83 143.11 -14.64
C THR LA 338 -23.22 141.79 -15.30
N ARG LA 339 -23.43 140.76 -14.48
CA ARG LA 339 -23.62 139.41 -14.97
C ARG LA 339 -24.90 139.25 -15.78
N GLY LA 340 -25.96 139.99 -15.44
CA GLY LA 340 -27.25 139.76 -16.10
C GLY LA 340 -27.31 140.29 -17.52
N ASP LA 341 -26.83 141.51 -17.74
CA ASP LA 341 -26.92 142.12 -19.07
C ASP LA 341 -25.57 142.28 -19.77
N GLY LA 342 -24.45 142.15 -19.05
CA GLY LA 342 -23.16 142.37 -19.65
C GLY LA 342 -22.75 143.81 -19.83
N SER LA 343 -23.40 144.74 -19.13
CA SER LA 343 -22.95 146.12 -19.11
C SER LA 343 -21.59 146.22 -18.45
N THR LA 344 -20.73 147.09 -18.99
CA THR LA 344 -19.36 147.22 -18.51
C THR LA 344 -19.02 148.68 -18.23
N ARG LA 345 -18.20 148.88 -17.20
CA ARG LA 345 -17.79 150.21 -16.75
C ARG LA 345 -16.29 150.24 -16.49
N GLY LA 346 -15.67 151.38 -16.79
CA GLY LA 346 -14.24 151.56 -16.58
C GLY LA 346 -13.89 152.94 -16.07
N HIS LA 347 -13.16 153.01 -14.96
CA HIS LA 347 -12.91 154.27 -14.28
C HIS LA 347 -11.47 154.36 -13.79
N LYS LA 348 -10.82 155.48 -14.11
CA LYS LA 348 -9.52 155.83 -13.55
C LYS LA 348 -9.52 155.61 -12.04
N ALA LA 349 -8.49 154.91 -11.54
CA ALA LA 349 -8.44 154.60 -10.12
C ALA LA 349 -6.99 154.59 -9.65
N THR LA 350 -6.83 154.72 -8.33
CA THR LA 350 -5.51 154.85 -7.72
C THR LA 350 -5.53 154.20 -6.34
N VAL LA 351 -4.52 153.38 -6.08
CA VAL LA 351 -4.34 152.74 -4.78
C VAL LA 351 -3.06 153.27 -4.15
N SER LA 352 -3.15 153.70 -2.89
CA SER LA 352 -1.99 154.12 -2.12
C SER LA 352 -1.63 152.98 -1.17
N THR LA 353 -0.48 152.35 -1.41
CA THR LA 353 -0.06 151.24 -0.57
C THR LA 353 0.47 151.70 0.78
N GLY LA 354 0.79 152.98 0.93
CA GLY LA 354 1.17 153.51 2.22
C GLY LA 354 0.02 153.99 3.07
N SER LA 355 -1.18 154.02 2.49
CA SER LA 355 -2.38 154.42 3.21
C SER LA 355 -2.68 153.49 4.37
N VAL LA 356 -3.28 154.06 5.42
CA VAL LA 356 -3.70 153.27 6.57
C VAL LA 356 -4.83 152.32 6.19
N HIS LA 357 -5.53 152.59 5.09
CA HIS LA 357 -6.61 151.73 4.61
C HIS LA 357 -6.14 150.67 3.64
N PHE LA 358 -4.83 150.57 3.41
CA PHE LA 358 -4.25 149.50 2.58
C PHE LA 358 -3.98 148.31 3.49
N THR LA 359 -4.97 147.42 3.58
CA THR LA 359 -4.90 146.24 4.45
C THR LA 359 -5.24 144.98 3.67
N PRO LA 360 -4.37 144.58 2.73
CA PRO LA 360 -4.70 143.38 1.92
C PRO LA 360 -4.62 142.09 2.71
N LYS LA 361 -3.79 142.02 3.75
CA LYS LA 361 -3.77 140.83 4.62
C LYS LA 361 -5.11 140.65 5.32
N LEU LA 362 -5.79 141.73 5.65
CA LEU LA 362 -7.08 141.66 6.31
C LEU LA 362 -8.24 141.53 5.33
N GLY LA 363 -8.01 141.86 4.05
CA GLY LA 363 -8.99 141.55 3.02
C GLY LA 363 -9.58 142.76 2.33
N SER LA 364 -9.07 143.95 2.64
CA SER LA 364 -9.68 145.18 2.14
C SER LA 364 -8.59 146.13 1.65
N VAL LA 365 -8.89 146.80 0.54
CA VAL LA 365 -8.01 147.79 -0.06
C VAL LA 365 -8.91 148.96 -0.47
N GLN LA 366 -8.35 150.16 -0.45
CA GLN LA 366 -9.10 151.37 -0.77
C GLN LA 366 -8.56 152.02 -2.04
N PHE LA 367 -9.46 152.33 -2.95
CA PHE LA 367 -9.15 153.03 -4.20
C PHE LA 367 -9.73 154.44 -4.16
N THR LA 368 -9.09 155.35 -4.90
CA THR LA 368 -9.63 156.67 -5.15
C THR LA 368 -9.95 156.76 -6.64
N THR LA 369 -11.19 157.08 -6.96
CA THR LA 369 -11.71 156.96 -8.32
C THR LA 369 -12.12 158.34 -8.85
N ASP LA 370 -12.64 158.33 -10.07
CA ASP LA 370 -13.17 159.51 -10.74
C ASP LA 370 -14.70 159.57 -10.75
N THR LA 371 -15.35 158.77 -9.90
CA THR LA 371 -16.80 158.83 -9.75
C THR LA 371 -17.19 158.50 -8.33
N ASN LA 372 -18.39 158.92 -7.95
CA ASN LA 372 -19.02 158.51 -6.71
C ASN LA 372 -20.23 157.62 -6.98
N ASN LA 373 -20.51 157.36 -8.25
CA ASN LA 373 -21.58 156.49 -8.74
C ASN LA 373 -20.97 155.55 -9.77
N ASP LA 374 -21.81 154.87 -10.56
CA ASP LA 374 -21.35 154.02 -11.67
C ASP LA 374 -20.36 152.95 -11.23
N LEU LA 375 -20.43 152.48 -9.99
CA LEU LA 375 -19.73 151.26 -9.58
C LEU LA 375 -20.68 150.42 -8.73
N GLU LA 376 -21.17 149.32 -9.30
CA GLU LA 376 -22.13 148.49 -8.60
C GLU LA 376 -21.46 147.78 -7.41
N THR LA 377 -22.27 147.39 -6.44
CA THR LA 377 -21.74 146.80 -5.22
C THR LA 377 -21.59 145.29 -5.30
N GLY LA 378 -22.46 144.61 -6.04
CA GLY LA 378 -22.41 143.16 -6.04
C GLY LA 378 -21.57 142.53 -7.12
N GLN LA 379 -20.99 143.31 -8.02
CA GLN LA 379 -20.29 142.78 -9.18
C GLN LA 379 -18.79 142.68 -8.94
N ASN LA 380 -18.17 141.71 -9.61
CA ASN LA 380 -16.73 141.52 -9.52
C ASN LA 380 -16.00 142.63 -10.27
N THR LA 381 -14.93 143.14 -9.66
CA THR LA 381 -14.21 144.30 -10.17
C THR LA 381 -12.72 144.02 -10.15
N LYS LA 382 -12.03 144.40 -11.22
CA LYS LA 382 -10.61 144.12 -11.39
C LYS LA 382 -9.83 145.43 -11.53
N PHE LA 383 -8.75 145.56 -10.75
CA PHE LA 383 -7.82 146.67 -10.89
C PHE LA 383 -6.65 146.27 -11.79
N THR LA 384 -6.57 146.91 -12.95
CA THR LA 384 -5.45 146.72 -13.85
C THR LA 384 -4.46 147.87 -13.66
N PRO LA 385 -3.23 147.61 -13.20
CA PRO LA 385 -2.30 148.71 -12.98
C PRO LA 385 -1.69 149.21 -14.28
N VAL LA 386 -1.24 150.47 -14.26
CA VAL LA 386 -0.65 151.09 -15.44
C VAL LA 386 0.68 151.75 -15.07
N GLY LA 387 0.69 152.47 -13.96
CA GLY LA 387 1.88 153.22 -13.61
C GLY LA 387 1.85 153.72 -12.19
N VAL LA 388 2.84 154.53 -11.85
CA VAL LA 388 2.99 155.10 -10.51
C VAL LA 388 2.96 156.62 -10.64
N VAL LA 389 2.52 157.30 -9.58
CA VAL LA 389 2.36 158.74 -9.58
C VAL LA 389 2.99 159.34 -8.33
N GLN LA 390 3.26 160.65 -8.41
CA GLN LA 390 3.93 161.40 -7.37
C GLN LA 390 3.31 162.78 -7.24
N ASP LA 391 3.13 163.25 -6.01
CA ASP LA 391 2.63 164.60 -5.77
C ASP LA 391 3.72 165.61 -6.11
N GLY LA 392 3.46 166.43 -7.13
CA GLY LA 392 4.50 167.30 -7.67
C GLY LA 392 4.92 168.42 -6.74
N ASN LA 393 4.11 168.72 -5.72
CA ASN LA 393 4.40 169.80 -4.80
C ASN LA 393 5.38 169.41 -3.69
N SER LA 394 5.61 168.11 -3.49
CA SER LA 394 6.59 167.60 -2.55
C SER LA 394 7.93 167.38 -3.25
N ALA LA 395 8.89 166.83 -2.50
CA ALA LA 395 10.24 166.64 -3.03
C ALA LA 395 10.21 165.72 -4.25
N HIS LA 396 10.97 166.09 -5.27
CA HIS LA 396 10.96 165.36 -6.53
C HIS LA 396 11.57 163.97 -6.36
N GLN LA 397 10.88 162.96 -6.93
CA GLN LA 397 11.35 161.57 -6.94
C GLN LA 397 11.41 160.95 -5.55
N ASN LA 398 10.40 161.18 -4.72
CA ASN LA 398 10.42 160.70 -3.35
C ASN LA 398 9.27 159.77 -2.98
N GLU LA 399 8.25 159.64 -3.83
CA GLU LA 399 7.04 158.96 -3.39
C GLU LA 399 7.16 157.44 -3.55
N PRO LA 400 7.47 156.88 -4.74
CA PRO LA 400 7.53 155.42 -4.84
C PRO LA 400 8.83 154.88 -4.27
N GLN LA 401 8.78 154.43 -3.02
CA GLN LA 401 9.97 153.92 -2.32
C GLN LA 401 9.98 152.41 -2.47
N GLN LA 402 10.66 151.92 -3.51
CA GLN LA 402 10.53 150.52 -3.88
C GLN LA 402 11.08 149.60 -2.81
N TRP LA 403 12.02 150.08 -1.99
CA TRP LA 403 12.65 149.25 -0.97
C TRP LA 403 12.03 149.46 0.41
N VAL LA 404 10.84 150.05 0.48
CA VAL LA 404 10.08 150.16 1.71
C VAL LA 404 8.85 149.28 1.58
N LEU LA 405 8.70 148.33 2.50
CA LEU LA 405 7.55 147.45 2.40
C LEU LA 405 6.30 148.16 2.92
N PRO LA 406 5.16 147.96 2.27
CA PRO LA 406 3.89 148.41 2.85
C PRO LA 406 3.57 147.65 4.12
N ASN LA 407 2.61 148.17 4.88
CA ASN LA 407 2.12 147.48 6.06
C ASN LA 407 0.93 146.64 5.62
N TYR LA 408 1.16 145.35 5.41
CA TYR LA 408 0.16 144.51 4.75
C TYR LA 408 -1.08 144.35 5.60
N SER LA 409 -0.96 144.55 6.92
CA SER LA 409 -2.09 144.53 7.84
C SER LA 409 -2.40 145.92 8.38
N GLY LA 410 -2.02 146.97 7.66
CA GLY LA 410 -2.19 148.34 8.10
C GLY LA 410 -1.64 148.56 9.50
N ARG LA 411 -2.32 149.43 10.24
CA ARG LA 411 -1.89 149.77 11.59
C ARG LA 411 -1.96 148.59 12.55
N THR LA 412 -2.76 147.56 12.25
CA THR LA 412 -2.89 146.41 13.13
C THR LA 412 -1.74 145.45 12.92
N GLY LA 413 -1.08 145.06 14.01
CA GLY LA 413 0.01 144.11 13.95
C GLY LA 413 1.15 144.48 13.01
N HIS LA 414 2.09 143.57 12.81
CA HIS LA 414 3.21 143.78 11.91
C HIS LA 414 3.20 142.72 10.81
N ASN LA 415 3.99 142.98 9.77
CA ASN LA 415 4.10 142.04 8.66
C ASN LA 415 4.67 140.70 9.14
N VAL LA 416 4.15 139.61 8.59
CA VAL LA 416 4.55 138.27 8.99
C VAL LA 416 4.91 137.46 7.75
N HIS LA 417 5.50 136.29 8.00
CA HIS LA 417 5.92 135.33 6.97
C HIS LA 417 6.56 136.02 5.76
N LEU LA 418 7.48 136.93 6.04
CA LEU LA 418 8.16 137.64 4.98
C LEU LA 418 9.29 136.81 4.41
N ALA LA 419 9.57 137.01 3.12
CA ALA LA 419 10.80 136.51 2.55
C ALA LA 419 11.98 137.28 3.15
N PRO LA 420 13.12 136.63 3.35
CA PRO LA 420 14.23 137.26 4.07
C PRO LA 420 14.78 138.45 3.29
N ALA LA 421 15.43 139.35 4.01
CA ALA LA 421 16.12 140.41 3.31
C ALA LA 421 17.43 139.89 2.74
N VAL LA 422 18.01 140.67 1.83
CA VAL LA 422 19.06 140.20 0.93
C VAL LA 422 20.17 141.24 0.92
N ALA LA 423 21.41 140.79 1.07
CA ALA LA 423 22.57 141.66 1.06
C ALA LA 423 23.78 140.85 0.63
N PRO LA 424 24.75 141.49 -0.03
CA PRO LA 424 26.01 140.79 -0.33
C PRO LA 424 26.77 140.46 0.96
N THR LA 425 27.39 139.28 0.96
CA THR LA 425 28.13 138.81 2.13
C THR LA 425 29.64 138.71 1.89
N PHE LA 426 30.09 138.74 0.64
CA PHE LA 426 31.48 138.57 0.27
C PHE LA 426 32.13 139.92 -0.03
N PRO LA 427 33.35 140.14 0.46
CA PRO LA 427 34.02 141.43 0.26
C PRO LA 427 34.09 141.83 -1.20
N GLY LA 428 33.69 143.07 -1.48
CA GLY LA 428 33.75 143.63 -2.82
C GLY LA 428 32.53 143.40 -3.67
N GLU LA 429 31.49 142.77 -3.14
CA GLU LA 429 30.35 142.32 -3.93
C GLU LA 429 29.14 143.21 -3.68
N GLN LA 430 28.34 143.43 -4.73
CA GLN LA 430 27.07 144.13 -4.63
C GLN LA 430 25.98 143.29 -5.29
N LEU LA 431 24.74 143.53 -4.87
CA LEU LA 431 23.60 142.91 -5.53
C LEU LA 431 23.57 143.30 -7.00
N LEU LA 432 23.04 142.40 -7.83
CA LEU LA 432 22.78 142.68 -9.24
C LEU LA 432 21.27 142.68 -9.44
N PHE LA 433 20.75 143.80 -9.91
CA PHE LA 433 19.31 144.01 -10.06
C PHE LA 433 18.92 143.94 -11.52
N PHE LA 434 17.76 143.36 -11.80
CA PHE LA 434 17.17 143.41 -13.12
C PHE LA 434 16.21 144.60 -13.11
N ARG LA 435 16.56 145.64 -13.85
CA ARG LA 435 15.92 146.94 -13.70
C ARG LA 435 14.92 147.20 -14.81
N SER LA 436 13.76 147.71 -14.42
CA SER LA 436 12.71 148.11 -15.34
C SER LA 436 12.30 149.53 -14.95
N THR LA 437 11.69 150.23 -15.90
CA THR LA 437 11.30 151.62 -15.71
C THR LA 437 9.78 151.72 -15.70
N MET LA 438 9.22 152.07 -14.55
CA MET LA 438 7.78 152.07 -14.40
C MET LA 438 7.16 153.26 -15.14
N PRO LA 439 6.00 153.08 -15.78
CA PRO LA 439 5.35 154.21 -16.44
C PRO LA 439 4.90 155.24 -15.41
N GLY LA 440 5.15 156.51 -15.73
CA GLY LA 440 4.64 157.62 -14.92
C GLY LA 440 3.34 158.14 -15.48
N CYS LA 441 2.39 158.41 -14.58
CA CYS LA 441 1.05 158.86 -14.98
C CYS LA 441 0.77 160.31 -14.61
N SER LA 442 1.46 160.85 -13.60
CA SER LA 442 1.31 162.22 -13.16
C SER LA 442 2.42 162.51 -12.16
N GLY LA 443 2.89 163.75 -12.16
CA GLY LA 443 3.87 164.17 -11.17
C GLY LA 443 5.29 163.87 -11.60
N TYR LA 444 6.18 163.73 -10.61
CA TYR LA 444 7.59 163.42 -10.84
C TYR LA 444 7.98 162.18 -10.06
N PRO LA 445 7.49 161.01 -10.46
CA PRO LA 445 7.70 159.80 -9.65
C PRO LA 445 9.10 159.22 -9.85
N ASN LA 446 9.52 158.44 -8.84
CA ASN LA 446 10.76 157.69 -8.92
C ASN LA 446 10.46 156.38 -9.63
N MET LA 447 10.70 156.34 -10.93
CA MET LA 447 10.19 155.29 -11.81
C MET LA 447 11.08 154.05 -11.85
N ASN LA 448 12.16 154.03 -11.08
CA ASN LA 448 13.07 152.89 -11.07
C ASN LA 448 12.50 151.74 -10.23
N LEU LA 449 12.35 150.57 -10.84
CA LEU LA 449 11.90 149.37 -10.13
C LEU LA 449 12.88 148.23 -10.38
N ASP LA 450 13.54 147.78 -9.31
CA ASP LA 450 14.52 146.69 -9.37
C ASP LA 450 13.95 145.42 -8.77
N CYS LA 451 14.02 144.31 -9.50
CA CYS LA 451 13.66 142.99 -8.98
C CYS LA 451 14.89 142.10 -8.89
N LEU LA 452 14.82 141.09 -8.02
CA LEU LA 452 15.97 140.22 -7.79
C LEU LA 452 16.09 139.13 -8.85
N LEU LA 453 14.97 138.69 -9.41
CA LEU LA 453 14.91 137.65 -10.45
C LEU LA 453 13.87 138.04 -11.49
N PRO LA 454 14.18 137.88 -12.77
CA PRO LA 454 13.14 138.07 -13.80
C PRO LA 454 12.01 137.06 -13.60
N GLN LA 455 10.81 137.46 -14.04
CA GLN LA 455 9.65 136.59 -13.87
C GLN LA 455 9.81 135.27 -14.61
N GLU LA 456 10.45 135.31 -15.78
CA GLU LA 456 10.71 134.06 -16.51
C GLU LA 456 11.67 133.15 -15.77
N TRP LA 457 12.60 133.71 -14.99
CA TRP LA 457 13.44 132.87 -14.15
C TRP LA 457 12.63 132.22 -13.04
N VAL LA 458 11.67 132.96 -12.47
CA VAL LA 458 10.79 132.39 -11.44
C VAL LA 458 9.97 131.25 -12.03
N LEU LA 459 9.37 131.47 -13.20
CA LEU LA 459 8.65 130.41 -13.89
C LEU LA 459 9.54 129.19 -14.11
N HIS LA 460 10.78 129.41 -14.55
CA HIS LA 460 11.66 128.30 -14.89
C HIS LA 460 11.99 127.46 -13.67
N PHE LA 461 12.42 128.12 -12.58
CA PHE LA 461 12.77 127.37 -11.37
C PHE LA 461 11.58 126.60 -10.83
N TYR LA 462 10.39 127.20 -10.87
CA TYR LA 462 9.21 126.54 -10.33
C TYR LA 462 8.94 125.22 -11.04
N GLN LA 463 9.00 125.22 -12.38
CA GLN LA 463 8.69 124.02 -13.14
C GLN LA 463 9.81 122.99 -13.06
N GLU LA 464 11.05 123.44 -13.19
CA GLU LA 464 12.22 122.57 -13.18
C GLU LA 464 12.79 122.58 -11.76
N ALA LA 465 12.26 121.70 -10.92
CA ALA LA 465 12.62 121.73 -9.49
C ALA LA 465 13.97 121.05 -9.27
N ALA LA 466 14.99 121.60 -9.92
CA ALA LA 466 16.34 121.03 -9.87
C ALA LA 466 16.99 121.31 -8.51
N PRO LA 467 17.38 120.27 -7.76
CA PRO LA 467 18.01 120.51 -6.46
C PRO LA 467 19.37 121.17 -6.62
N ALA LA 468 19.64 122.14 -5.76
CA ALA LA 468 20.92 122.85 -5.80
C ALA LA 468 22.00 121.99 -5.15
N GLN LA 469 23.08 121.75 -5.89
CA GLN LA 469 24.18 120.95 -5.39
C GLN LA 469 25.12 121.74 -4.49
N SER LA 470 24.98 123.07 -4.47
CA SER LA 470 25.69 123.93 -3.53
C SER LA 470 24.88 125.22 -3.44
N ASP LA 471 25.34 126.14 -2.60
CA ASP LA 471 24.52 127.32 -2.34
C ASP LA 471 24.63 128.40 -3.41
N VAL LA 472 25.55 128.28 -4.36
CA VAL LA 472 25.76 129.33 -5.35
C VAL LA 472 25.95 128.69 -6.73
N ALA LA 473 25.26 129.23 -7.73
CA ALA LA 473 25.44 128.84 -9.11
C ALA LA 473 26.24 129.92 -9.83
N LEU LA 474 27.43 129.56 -10.31
CA LEU LA 474 28.28 130.51 -11.03
C LEU LA 474 27.74 130.69 -12.45
N LEU LA 475 27.41 131.93 -12.80
CA LEU LA 475 26.94 132.28 -14.13
C LEU LA 475 27.93 133.21 -14.79
N ARG LA 476 28.10 133.05 -16.10
CA ARG LA 476 28.86 133.98 -16.90
C ARG LA 476 27.96 134.56 -17.99
N PHE LA 477 28.05 135.87 -18.20
CA PHE LA 477 27.24 136.55 -19.19
C PHE LA 477 28.04 136.67 -20.49
N VAL LA 478 27.46 136.18 -21.58
CA VAL LA 478 28.19 135.94 -22.82
C VAL LA 478 27.57 136.78 -23.95
N ASN LA 479 28.43 137.37 -24.77
CA ASN LA 479 28.00 137.98 -26.02
C ASN LA 479 28.12 136.92 -27.12
N PRO LA 480 27.02 136.35 -27.61
CA PRO LA 480 27.14 135.26 -28.59
C PRO LA 480 27.72 135.69 -29.92
N ASP LA 481 27.62 136.98 -30.27
CA ASP LA 481 28.24 137.45 -31.51
C ASP LA 481 29.76 137.36 -31.43
N THR LA 482 30.35 137.87 -30.34
CA THR LA 482 31.80 137.90 -30.20
C THR LA 482 32.37 136.67 -29.48
N GLY LA 483 31.53 135.88 -28.83
CA GLY LA 483 32.00 134.76 -28.04
C GLY LA 483 32.59 135.13 -26.69
N ARG LA 484 32.66 136.40 -26.35
CA ARG LA 484 33.37 136.87 -25.17
C ARG LA 484 32.47 136.91 -23.93
N VAL LA 485 33.08 136.65 -22.78
CA VAL LA 485 32.41 136.75 -21.49
C VAL LA 485 32.48 138.19 -21.01
N LEU LA 486 31.32 138.76 -20.68
CA LEU LA 486 31.27 140.17 -20.29
C LEU LA 486 31.46 140.35 -18.79
N PHE LA 487 30.82 139.51 -17.98
CA PHE LA 487 31.06 139.48 -16.54
C PHE LA 487 30.63 138.12 -16.02
N GLU LA 488 31.03 137.82 -14.79
CA GLU LA 488 30.55 136.65 -14.08
C GLU LA 488 29.83 137.09 -12.82
N CYS LA 489 28.89 136.26 -12.36
CA CYS LA 489 28.08 136.59 -11.20
C CYS LA 489 27.71 135.32 -10.43
N LYS LA 490 27.25 135.50 -9.20
CA LYS LA 490 26.87 134.42 -8.30
C LYS LA 490 25.36 134.43 -8.10
N LEU LA 491 24.70 133.36 -8.55
CA LEU LA 491 23.27 133.15 -8.30
C LEU LA 491 23.08 132.25 -7.08
N HIS LA 492 22.57 132.83 -6.00
CA HIS LA 492 22.36 132.11 -4.74
C HIS LA 492 21.05 131.34 -4.76
N LYS LA 493 21.00 130.23 -4.02
CA LYS LA 493 19.76 129.44 -3.96
C LYS LA 493 18.58 130.30 -3.55
N SER LA 494 18.78 131.24 -2.62
CA SER LA 494 17.70 132.06 -2.10
C SER LA 494 17.03 132.91 -3.18
N GLY LA 495 17.54 132.90 -4.40
CA GLY LA 495 16.97 133.68 -5.48
C GLY LA 495 17.42 135.13 -5.53
N TYR LA 496 18.72 135.35 -5.57
CA TYR LA 496 19.26 136.67 -5.84
C TYR LA 496 20.65 136.53 -6.41
N VAL LA 497 21.09 137.58 -7.12
CA VAL LA 497 22.34 137.56 -7.86
C VAL LA 497 23.28 138.61 -7.28
N THR LA 498 24.57 138.32 -7.31
CA THR LA 498 25.60 139.23 -6.83
C THR LA 498 26.68 139.36 -7.90
N VAL LA 499 27.37 140.51 -7.91
CA VAL LA 499 28.49 140.74 -8.81
C VAL LA 499 29.59 141.43 -8.03
N ALA LA 500 30.79 141.44 -8.62
CA ALA LA 500 31.98 142.04 -8.02
C ALA LA 500 32.18 143.43 -8.60
N HIS LA 501 31.72 144.45 -7.86
CA HIS LA 501 31.82 145.83 -8.30
C HIS LA 501 31.57 146.72 -7.09
N THR LA 502 32.04 147.97 -7.19
CA THR LA 502 31.81 148.96 -6.15
C THR LA 502 31.27 150.23 -6.78
N GLY LA 503 30.14 150.72 -6.25
CA GLY LA 503 29.50 151.89 -6.77
C GLY LA 503 28.33 151.57 -7.67
N PRO LA 504 27.43 152.55 -7.85
CA PRO LA 504 26.31 152.34 -8.77
C PRO LA 504 26.76 152.39 -10.22
N HIS LA 505 26.10 151.58 -11.05
CA HIS LA 505 26.46 151.47 -12.45
C HIS LA 505 25.38 150.73 -13.24
N ASP LA 506 24.88 151.34 -14.31
CA ASP LA 506 24.05 150.63 -15.27
C ASP LA 506 24.94 149.87 -16.24
N LEU LA 507 24.66 148.59 -16.42
CA LEU LA 507 25.54 147.75 -17.24
C LEU LA 507 25.33 148.06 -18.72
N VAL LA 508 26.42 148.06 -19.47
CA VAL LA 508 26.37 148.23 -20.92
C VAL LA 508 26.40 146.84 -21.53
N ILE LA 509 25.25 146.40 -22.04
CA ILE LA 509 25.02 145.00 -22.37
C ILE LA 509 24.72 144.90 -23.86
N PRO LA 510 25.34 143.99 -24.59
CA PRO LA 510 24.90 143.70 -25.96
C PRO LA 510 23.47 143.19 -25.98
N PRO LA 511 22.68 143.60 -26.97
CA PRO LA 511 21.27 143.17 -27.01
C PRO LA 511 21.09 141.65 -27.07
N ASN LA 512 22.10 140.90 -27.53
CA ASN LA 512 22.00 139.46 -27.69
C ASN LA 512 22.58 138.68 -26.51
N GLY LA 513 22.99 139.36 -25.45
CA GLY LA 513 23.68 138.68 -24.36
C GLY LA 513 22.75 137.79 -23.55
N TYR LA 514 23.31 136.67 -23.10
CA TYR LA 514 22.57 135.66 -22.36
C TYR LA 514 23.40 135.20 -21.17
N PHE LA 515 22.73 134.65 -20.17
CA PHE LA 515 23.41 134.05 -19.02
C PHE LA 515 23.70 132.59 -19.28
N ARG LA 516 24.90 132.16 -18.90
CA ARG LA 516 25.36 130.78 -19.10
C ARG LA 516 25.80 130.20 -17.77
N PHE LA 517 25.22 129.07 -17.40
CA PHE LA 517 25.56 128.41 -16.14
C PHE LA 517 26.84 127.59 -16.34
N ASP LA 518 27.87 127.88 -15.55
CA ASP LA 518 29.20 127.33 -15.77
C ASP LA 518 29.67 126.36 -14.70
N SER LA 519 29.28 126.54 -13.44
CA SER LA 519 29.76 125.68 -12.37
C SER LA 519 28.97 125.96 -11.09
N TRP LA 520 28.81 124.92 -10.27
CA TRP LA 520 28.40 125.10 -8.89
C TRP LA 520 29.58 125.55 -8.04
N VAL LA 521 29.36 126.56 -7.19
CA VAL LA 521 30.38 127.07 -6.28
C VAL LA 521 29.71 127.36 -4.94
N ASN LA 522 30.52 127.72 -3.95
CA ASN LA 522 30.00 128.16 -2.66
C ASN LA 522 30.19 129.66 -2.48
N GLN LA 523 29.78 130.16 -1.32
CA GLN LA 523 29.75 131.60 -1.07
C GLN LA 523 31.13 132.24 -1.06
N PHE LA 524 32.20 131.46 -1.01
CA PHE LA 524 33.56 131.99 -0.98
C PHE LA 524 34.19 132.13 -2.36
N TYR LA 525 33.48 131.78 -3.43
CA TYR LA 525 34.02 131.95 -4.76
C TYR LA 525 34.27 133.43 -5.02
N THR LA 526 35.41 133.74 -5.60
CA THR LA 526 35.83 135.12 -5.85
C THR LA 526 35.60 135.48 -7.31
N LEU LA 527 34.72 136.46 -7.54
CA LEU LA 527 34.30 136.81 -8.89
C LEU LA 527 35.30 137.77 -9.52
N ALA LA 528 35.43 137.67 -10.84
CA ALA LA 528 36.31 138.58 -11.55
C ALA LA 528 35.75 140.00 -11.51
N PRO LA 529 36.61 141.01 -11.30
CA PRO LA 529 36.12 142.40 -11.30
C PRO LA 529 35.63 142.81 -12.68
N MET LA 530 34.52 143.56 -12.70
CA MET LA 530 33.86 143.92 -13.95
C MET LA 530 33.82 145.41 -14.26
N GLY LA 531 34.02 146.27 -13.26
CA GLY LA 531 33.73 147.68 -13.42
C GLY LA 531 34.50 148.45 -14.47
N ASN LA 532 33.77 148.94 -15.48
CA ASN LA 532 34.30 149.83 -16.51
C ASN LA 532 35.42 149.17 -17.31
N ASN MA 24 18.96 73.95 29.56
CA ASN MA 24 20.40 74.09 29.36
C ASN MA 24 20.91 75.50 29.66
N GLU MA 25 22.22 75.67 29.49
CA GLU MA 25 22.95 76.89 29.82
C GLU MA 25 23.68 77.46 28.60
N VAL MA 26 23.19 77.15 27.40
CA VAL MA 26 23.82 77.55 26.14
C VAL MA 26 22.79 78.22 25.26
N MET MA 27 23.12 79.44 24.80
CA MET MA 27 22.18 80.22 23.99
C MET MA 27 22.06 79.65 22.59
N ALA MA 28 20.83 79.44 22.14
CA ALA MA 28 20.52 78.85 20.85
C ALA MA 28 20.67 79.89 19.73
N LEU MA 29 21.87 80.44 19.64
CA LEU MA 29 22.18 81.45 18.63
C LEU MA 29 23.30 80.95 17.72
N GLU MA 30 23.16 81.25 16.43
CA GLU MA 30 24.23 81.02 15.49
C GLU MA 30 25.35 82.02 15.75
N PRO MA 31 26.55 81.75 15.25
CA PRO MA 31 27.60 82.78 15.28
C PRO MA 31 27.19 83.98 14.45
N VAL MA 32 27.68 85.15 14.83
CA VAL MA 32 27.33 86.40 14.17
C VAL MA 32 28.60 87.22 13.98
N VAL MA 33 28.88 87.61 12.74
CA VAL MA 33 30.12 88.29 12.43
C VAL MA 33 30.11 89.70 13.02
N GLY MA 34 31.28 90.16 13.45
CA GLY MA 34 31.44 91.51 13.94
C GLY MA 34 31.90 92.43 12.83
N ALA MA 35 33.00 93.14 13.05
CA ALA MA 35 33.46 94.14 12.09
C ALA MA 35 34.18 93.53 10.91
N ALA MA 36 34.48 92.23 10.94
CA ALA MA 36 35.16 91.59 9.83
C ALA MA 36 34.38 91.76 8.53
N ILE MA 37 33.07 91.54 8.58
CA ILE MA 37 32.24 91.66 7.38
C ILE MA 37 32.23 93.08 6.84
N ALA MA 38 32.53 94.07 7.69
CA ALA MA 38 32.49 95.46 7.27
C ALA MA 38 33.79 95.93 6.65
N ALA MA 39 34.88 95.19 6.86
CA ALA MA 39 36.19 95.64 6.41
C ALA MA 39 36.24 96.06 4.94
N PRO MA 40 35.65 95.33 3.99
CA PRO MA 40 35.68 95.80 2.59
C PRO MA 40 34.92 97.10 2.35
N VAL MA 41 34.03 97.52 3.25
CA VAL MA 41 33.30 98.77 3.08
C VAL MA 41 33.56 99.79 4.18
N ALA MA 42 34.32 99.43 5.22
CA ALA MA 42 34.72 100.43 6.19
C ALA MA 42 35.89 101.24 5.65
N GLY MA 43 36.02 102.47 6.15
CA GLY MA 43 37.13 103.30 5.73
C GLY MA 43 38.49 102.82 6.18
N GLN MA 44 38.58 102.22 7.37
CA GLN MA 44 39.88 101.95 7.97
C GLN MA 44 39.76 100.83 9.00
N GLN MA 45 40.91 100.36 9.48
CA GLN MA 45 41.01 99.29 10.46
C GLN MA 45 41.49 99.86 11.79
N ASN MA 46 40.77 99.56 12.87
CA ASN MA 46 41.08 100.12 14.18
C ASN MA 46 41.36 99.04 15.20
N VAL MA 47 41.82 99.48 16.37
CA VAL MA 47 42.25 98.59 17.46
C VAL MA 47 41.72 99.14 18.78
N ILE MA 48 41.28 98.24 19.64
CA ILE MA 48 40.85 98.55 21.00
C ILE MA 48 41.89 98.00 21.96
N ASP MA 49 42.20 98.76 23.00
CA ASP MA 49 43.17 98.33 24.00
C ASP MA 49 42.77 96.95 24.53
N PRO MA 50 43.63 95.94 24.40
CA PRO MA 50 43.24 94.58 24.78
C PRO MA 50 42.82 94.42 26.23
N TRP MA 51 43.28 95.29 27.14
CA TRP MA 51 42.81 95.18 28.52
C TRP MA 51 41.30 95.37 28.59
N ILE MA 52 40.76 96.28 27.77
CA ILE MA 52 39.32 96.50 27.72
C ILE MA 52 38.60 95.23 27.26
N ARG MA 53 39.26 94.44 26.41
CA ARG MA 53 38.66 93.23 25.85
C ARG MA 53 38.69 92.06 26.82
N ASN MA 54 39.63 92.04 27.76
CA ASN MA 54 39.83 90.89 28.63
C ASN MA 54 39.24 91.06 30.02
N ASN MA 55 38.57 92.17 30.32
CA ASN MA 55 38.12 92.45 31.68
C ASN MA 55 36.66 92.87 31.67
N PHE MA 56 35.84 92.12 32.41
CA PHE MA 56 34.43 92.43 32.54
C PHE MA 56 34.22 93.70 33.34
N VAL MA 57 33.25 94.50 32.92
CA VAL MA 57 32.96 95.79 33.54
C VAL MA 57 31.46 95.89 33.74
N GLN MA 58 31.06 96.40 34.91
CA GLN MA 58 29.64 96.48 35.24
C GLN MA 58 28.97 97.61 34.49
N ALA MA 59 27.85 97.30 33.84
CA ALA MA 59 27.06 98.35 33.21
C ALA MA 59 26.53 99.27 34.29
N PRO MA 60 26.39 100.57 34.00
CA PRO MA 60 26.04 101.53 35.07
C PRO MA 60 24.71 101.21 35.74
N GLY MA 61 23.82 100.47 35.08
CA GLY MA 61 22.59 100.05 35.70
C GLY MA 61 22.38 98.56 35.52
N GLY MA 62 23.41 97.80 35.85
CA GLY MA 62 23.45 96.37 35.64
C GLY MA 62 23.24 95.67 36.96
N GLU MA 63 22.24 96.15 37.69
CA GLU MA 63 21.85 95.58 38.97
C GLU MA 63 20.39 95.15 38.92
N PHE MA 64 20.08 94.00 39.52
CA PHE MA 64 18.69 93.69 39.77
C PHE MA 64 18.63 92.73 40.95
N THR MA 65 17.43 92.54 41.47
CA THR MA 65 17.20 91.79 42.70
C THR MA 65 16.02 90.85 42.49
N VAL MA 66 16.15 89.64 43.00
CA VAL MA 66 15.07 88.66 43.02
C VAL MA 66 14.54 88.56 44.45
N SER MA 67 13.27 88.88 44.61
CA SER MA 67 12.59 88.90 45.89
C SER MA 67 11.40 87.95 45.85
N PRO MA 68 10.91 87.50 47.02
CA PRO MA 68 9.73 86.61 47.01
C PRO MA 68 8.46 87.30 46.58
N ARG MA 69 8.41 88.63 46.61
CA ARG MA 69 7.28 89.36 46.04
C ARG MA 69 7.23 89.25 44.53
N ASN MA 70 8.33 88.86 43.89
CA ASN MA 70 8.36 88.78 42.44
C ASN MA 70 7.60 87.55 41.96
N ALA MA 71 6.96 87.70 40.81
CA ALA MA 71 6.11 86.68 40.20
C ALA MA 71 6.60 86.35 38.80
N PRO MA 72 6.30 85.15 38.30
CA PRO MA 72 6.70 84.80 36.93
C PRO MA 72 6.19 85.80 35.91
N GLY MA 73 7.04 86.11 34.93
CA GLY MA 73 6.72 87.05 33.88
C GLY MA 73 7.27 88.44 34.07
N GLU MA 74 7.59 88.82 35.30
CA GLU MA 74 8.13 90.15 35.56
C GLU MA 74 9.55 90.27 35.00
N ILE MA 75 9.77 91.30 34.18
CA ILE MA 75 11.10 91.57 33.63
C ILE MA 75 11.93 92.26 34.70
N LEU MA 76 12.91 91.55 35.25
CA LEU MA 76 13.75 92.14 36.29
C LEU MA 76 14.82 93.07 35.75
N TRP MA 77 15.23 92.91 34.49
CA TRP MA 77 16.34 93.67 33.94
C TRP MA 77 16.34 93.56 32.42
N SER MA 78 16.77 94.62 31.76
CA SER MA 78 16.88 94.59 30.31
C SER MA 78 17.91 95.61 29.85
N ALA MA 79 18.51 95.33 28.69
CA ALA MA 79 19.52 96.21 28.09
C ALA MA 79 19.65 95.90 26.61
N PRO MA 80 19.85 96.89 25.76
CA PRO MA 80 20.18 96.63 24.35
C PRO MA 80 21.68 96.62 24.14
N LEU MA 81 22.11 95.82 23.16
CA LEU MA 81 23.53 95.77 22.81
C LEU MA 81 23.98 97.13 22.29
N GLY MA 82 25.13 97.58 22.79
CA GLY MA 82 25.68 98.85 22.38
C GLY MA 82 26.77 99.31 23.33
N PRO MA 83 27.50 100.35 22.93
CA PRO MA 83 28.63 100.82 23.75
C PRO MA 83 28.25 101.33 25.12
N ASP MA 84 26.99 101.71 25.34
CA ASP MA 84 26.62 102.26 26.64
C ASP MA 84 26.67 101.25 27.77
N LEU MA 85 26.80 99.96 27.47
CA LEU MA 85 26.90 98.95 28.51
C LEU MA 85 28.25 98.93 29.19
N ASN MA 86 29.23 99.68 28.67
CA ASN MA 86 30.61 99.55 29.10
C ASN MA 86 31.25 100.93 29.04
N PRO MA 87 31.63 101.49 30.18
CA PRO MA 87 32.10 102.89 30.19
C PRO MA 87 33.34 103.12 29.35
N TYR MA 88 34.22 102.12 29.24
CA TYR MA 88 35.38 102.28 28.36
C TYR MA 88 34.95 102.40 26.91
N LEU MA 89 34.09 101.49 26.45
CA LEU MA 89 33.60 101.59 25.08
C LEU MA 89 32.77 102.85 24.87
N SER MA 90 32.03 103.26 25.92
CA SER MA 90 31.24 104.49 25.83
C SER MA 90 32.13 105.70 25.58
N HIS MA 91 33.25 105.78 26.30
CA HIS MA 91 34.18 106.88 26.10
C HIS MA 91 34.86 106.78 24.75
N LEU MA 92 35.29 105.57 24.36
CA LEU MA 92 35.92 105.38 23.06
C LEU MA 92 34.96 105.74 21.92
N ALA MA 93 33.67 105.40 22.09
CA ALA MA 93 32.72 105.63 21.01
C ALA MA 93 32.58 107.11 20.67
N ARG MA 94 32.87 108.00 21.62
CA ARG MA 94 32.77 109.42 21.32
C ARG MA 94 33.78 109.89 20.28
N MET MA 95 34.80 109.08 19.98
CA MET MA 95 35.83 109.47 19.02
C MET MA 95 35.82 108.60 17.76
N TYR MA 96 34.80 107.76 17.59
CA TYR MA 96 34.67 106.89 16.43
C TYR MA 96 33.33 107.15 15.76
N ASN MA 97 33.25 106.76 14.49
CA ASN MA 97 32.06 107.00 13.69
C ASN MA 97 31.07 105.84 13.74
N GLY MA 98 31.55 104.63 13.95
CA GLY MA 98 30.65 103.50 14.00
C GLY MA 98 31.26 102.31 14.72
N TYR MA 99 30.53 101.21 14.69
CA TYR MA 99 30.94 100.01 15.39
C TYR MA 99 30.19 98.82 14.82
N ALA MA 100 30.66 97.62 15.16
CA ALA MA 100 30.00 96.39 14.81
C ALA MA 100 30.56 95.29 15.68
N GLY MA 101 29.72 94.34 16.05
CA GLY MA 101 30.13 93.19 16.82
C GLY MA 101 29.43 93.15 18.17
N GLY MA 102 29.64 92.02 18.84
CA GLY MA 102 28.87 91.65 20.00
C GLY MA 102 29.69 91.72 21.28
N PHE MA 103 29.04 91.37 22.37
CA PHE MA 103 29.62 91.39 23.70
C PHE MA 103 29.52 90.00 24.31
N GLU MA 104 30.36 89.76 25.31
CA GLU MA 104 30.17 88.65 26.23
C GLU MA 104 29.69 89.24 27.55
N VAL MA 105 28.55 88.75 28.04
CA VAL MA 105 27.96 89.26 29.27
C VAL MA 105 28.21 88.27 30.40
N GLN MA 106 28.54 88.79 31.57
CA GLN MA 106 28.74 87.99 32.77
C GLN MA 106 27.70 88.43 33.80
N VAL MA 107 26.91 87.48 34.28
CA VAL MA 107 25.90 87.76 35.29
C VAL MA 107 26.25 86.97 36.54
N ILE MA 108 26.22 87.64 37.69
CA ILE MA 108 26.64 87.09 38.97
C ILE MA 108 25.43 87.01 39.88
N LEU MA 109 25.22 85.85 40.49
CA LEU MA 109 24.03 85.55 41.28
C LEU MA 109 24.49 85.29 42.71
N ALA MA 110 23.97 86.05 43.67
CA ALA MA 110 24.41 85.92 45.05
C ALA MA 110 23.38 85.14 45.85
N GLY MA 111 23.32 83.85 45.55
CA GLY MA 111 22.49 82.91 46.28
C GLY MA 111 23.27 82.12 47.31
N ASN MA 112 22.59 81.11 47.87
CA ASN MA 112 23.24 80.07 48.66
C ASN MA 112 22.46 78.78 48.45
N ALA MA 113 23.02 77.68 48.98
CA ALA MA 113 22.49 76.35 48.69
C ALA MA 113 21.08 76.12 49.24
N PHE MA 114 20.59 76.97 50.12
CA PHE MA 114 19.29 76.80 50.76
C PHE MA 114 18.15 77.49 50.04
N THR MA 115 18.36 77.98 48.81
CA THR MA 115 17.37 78.70 48.04
C THR MA 115 16.88 77.87 46.86
N ALA MA 116 15.68 78.19 46.37
CA ALA MA 116 15.18 77.64 45.13
C ALA MA 116 14.64 78.75 44.24
N GLY MA 117 14.64 78.51 42.93
CA GLY MA 117 14.06 79.43 41.96
C GLY MA 117 14.87 79.50 40.68
N LYS MA 118 14.21 79.90 39.61
CA LYS MA 118 14.81 79.99 38.27
C LYS MA 118 14.66 81.40 37.71
N ILE MA 119 15.71 81.85 37.00
CA ILE MA 119 15.70 83.07 36.22
C ILE MA 119 15.92 82.71 34.76
N ILE MA 120 15.18 83.33 33.85
CA ILE MA 120 15.40 83.16 32.42
C ILE MA 120 16.09 84.40 31.85
N PHE MA 121 17.18 84.17 31.12
CA PHE MA 121 17.81 85.18 30.29
C PHE MA 121 17.47 84.85 28.84
N ALA MA 122 17.10 85.87 28.07
CA ALA MA 122 16.67 85.64 26.70
C ALA MA 122 17.17 86.75 25.80
N ALA MA 123 17.53 86.37 24.57
CA ALA MA 123 17.96 87.31 23.54
C ALA MA 123 16.77 87.62 22.65
N VAL MA 124 16.34 88.88 22.65
CA VAL MA 124 15.22 89.35 21.83
C VAL MA 124 15.79 90.09 20.62
N PRO MA 125 15.41 89.72 19.41
CA PRO MA 125 16.09 90.23 18.22
C PRO MA 125 15.70 91.67 17.94
N PRO MA 126 16.42 92.36 17.07
CA PRO MA 126 16.11 93.78 16.82
C PRO MA 126 14.68 93.96 16.33
N ASN MA 127 14.11 95.11 16.68
CA ASN MA 127 12.76 95.51 16.27
C ASN MA 127 11.69 94.57 16.79
N PHE MA 128 11.99 93.77 17.80
CA PHE MA 128 10.84 93.07 18.37
C PHE MA 128 10.44 93.69 19.70
N PRO MA 129 9.14 93.89 19.92
CA PRO MA 129 8.70 94.53 21.17
C PRO MA 129 8.81 93.60 22.37
N THR MA 130 9.45 94.09 23.43
CA THR MA 130 9.56 93.40 24.71
C THR MA 130 8.31 93.61 25.57
N GLU MA 131 7.47 94.56 25.21
CA GLU MA 131 6.43 95.10 26.09
C GLU MA 131 5.25 94.13 26.17
N GLY MA 132 5.22 93.31 27.22
CA GLY MA 132 4.03 92.53 27.47
C GLY MA 132 4.15 91.01 27.40
N LEU MA 133 5.36 90.48 27.26
CA LEU MA 133 5.52 89.05 27.08
C LEU MA 133 5.10 88.29 28.32
N SER MA 134 4.49 87.12 28.11
CA SER MA 134 4.25 86.11 29.14
C SER MA 134 5.45 85.18 29.26
N PRO MA 135 5.61 84.48 30.40
CA PRO MA 135 6.75 83.56 30.52
C PRO MA 135 6.78 82.46 29.47
N SER MA 136 5.62 81.87 29.15
CA SER MA 136 5.55 80.94 28.02
C SER MA 136 6.21 81.53 26.78
N GLN MA 137 5.88 82.78 26.45
CA GLN MA 137 6.37 83.39 25.23
C GLN MA 137 7.87 83.67 25.31
N VAL MA 138 8.36 84.14 26.46
CA VAL MA 138 9.78 84.48 26.58
C VAL MA 138 10.64 83.25 26.34
N THR MA 139 10.14 82.08 26.76
CA THR MA 139 10.82 80.82 26.50
C THR MA 139 11.03 80.54 25.02
N MET MA 140 10.29 81.23 24.15
CA MET MA 140 10.34 80.97 22.71
C MET MA 140 11.48 81.71 22.01
N PHE MA 141 12.20 82.60 22.73
CA PHE MA 141 13.43 83.20 22.25
C PHE MA 141 14.61 82.29 22.54
N PRO MA 142 15.75 82.51 21.90
CA PRO MA 142 17.00 81.90 22.39
C PRO MA 142 17.16 82.28 23.85
N HIS MA 143 17.36 81.26 24.70
CA HIS MA 143 17.26 81.53 26.12
C HIS MA 143 18.11 80.56 26.92
N ILE MA 144 18.28 80.92 28.20
CA ILE MA 144 18.99 80.14 29.20
C ILE MA 144 18.16 80.20 30.46
N ILE MA 145 18.06 79.07 31.16
CA ILE MA 145 17.34 78.99 32.43
C ILE MA 145 18.36 78.75 33.53
N VAL MA 146 18.45 79.69 34.47
CA VAL MA 146 19.52 79.71 35.46
C VAL MA 146 18.91 79.53 36.83
N ASP MA 147 19.53 78.69 37.66
CA ASP MA 147 19.04 78.42 39.00
C ASP MA 147 19.59 79.45 39.96
N VAL MA 148 18.73 79.88 40.90
CA VAL MA 148 19.12 80.86 41.90
C VAL MA 148 20.29 80.38 42.75
N ARG MA 149 20.55 79.07 42.75
CA ARG MA 149 21.66 78.52 43.51
C ARG MA 149 22.98 78.55 42.76
N GLN MA 150 23.01 79.03 41.51
CA GLN MA 150 24.24 78.97 40.75
C GLN MA 150 25.32 79.85 41.37
N LEU MA 151 26.51 79.28 41.56
CA LEU MA 151 27.64 79.98 42.15
C LEU MA 151 28.56 80.58 41.09
N GLU MA 152 28.93 79.79 40.09
CA GLU MA 152 29.83 80.27 39.06
C GLU MA 152 29.08 81.26 38.18
N PRO MA 153 29.71 82.36 37.78
CA PRO MA 153 29.01 83.35 36.96
C PRO MA 153 28.56 82.74 35.65
N VAL MA 154 27.47 83.27 35.12
CA VAL MA 154 26.92 82.78 33.86
C VAL MA 154 27.47 83.65 32.75
N LEU MA 155 27.93 83.01 31.68
CA LEU MA 155 28.49 83.72 30.53
C LEU MA 155 27.49 83.64 29.39
N ILE MA 156 27.07 84.80 28.90
CA ILE MA 156 26.07 84.91 27.86
C ILE MA 156 26.70 85.63 26.68
N PRO MA 157 26.72 85.06 25.48
CA PRO MA 157 27.13 85.81 24.30
C PRO MA 157 25.97 86.63 23.78
N LEU MA 158 26.23 87.90 23.47
CA LEU MA 158 25.23 88.84 22.98
C LEU MA 158 25.70 89.29 21.61
N PRO MA 159 25.25 88.63 20.54
CA PRO MA 159 25.75 88.96 19.21
C PRO MA 159 25.02 90.14 18.59
N ASP MA 160 25.72 90.78 17.65
CA ASP MA 160 25.22 92.01 17.01
C ASP MA 160 24.39 91.63 15.79
N VAL MA 161 23.26 90.98 16.07
CA VAL MA 161 22.30 90.68 15.01
C VAL MA 161 21.83 91.98 14.37
N ARG MA 162 21.85 92.02 13.04
CA ARG MA 162 21.60 93.24 12.29
C ARG MA 162 21.41 92.87 10.83
N ASN MA 163 20.98 93.85 10.03
CA ASN MA 163 20.80 93.67 8.60
C ASN MA 163 21.67 94.63 7.77
N ASN MA 164 22.70 95.22 8.38
CA ASN MA 164 23.66 96.03 7.65
C ASN MA 164 25.07 95.64 8.06
N PHE MA 165 26.05 96.21 7.35
CA PHE MA 165 27.44 95.85 7.57
C PHE MA 165 27.93 96.29 8.95
N TYR MA 166 27.50 97.46 9.42
CA TYR MA 166 27.87 97.97 10.72
C TYR MA 166 26.93 99.11 11.09
N HIS MA 167 27.08 99.61 12.31
CA HIS MA 167 26.19 100.64 12.84
C HIS MA 167 26.93 101.97 12.88
N TYR MA 168 26.21 103.05 12.60
CA TYR MA 168 26.73 104.39 12.80
C TYR MA 168 26.29 104.89 14.17
N ASN MA 169 27.19 105.62 14.84
CA ASN MA 169 26.84 106.19 16.14
C ASN MA 169 25.64 107.12 16.02
N GLN MA 170 25.57 107.89 14.93
CA GLN MA 170 24.54 108.92 14.76
C GLN MA 170 23.22 108.39 14.24
N SER MA 171 23.09 107.10 13.94
CA SER MA 171 21.85 106.63 13.32
C SER MA 171 20.95 105.85 14.27
N ASN MA 172 21.39 105.56 15.49
CA ASN MA 172 20.53 105.00 16.53
C ASN MA 172 19.79 103.74 16.05
N ASP MA 173 20.48 102.89 15.30
CA ASP MA 173 19.89 101.62 14.87
C ASP MA 173 19.43 100.81 16.08
N PRO MA 174 18.35 100.04 15.92
CA PRO MA 174 17.94 99.13 17.00
C PRO MA 174 18.82 97.88 17.00
N THR MA 175 19.03 97.34 18.21
CA THR MA 175 19.89 96.18 18.37
C THR MA 175 19.20 95.09 19.17
N ILE MA 176 19.88 93.94 19.25
CA ILE MA 176 19.46 92.85 20.13
C ILE MA 176 19.37 93.33 21.57
N LYS MA 177 18.43 92.76 22.31
CA LYS MA 177 18.24 93.03 23.73
C LYS MA 177 18.45 91.77 24.56
N LEU MA 178 19.07 91.92 25.73
CA LEU MA 178 19.03 90.90 26.78
C LEU MA 178 17.90 91.16 27.75
N ILE MA 179 17.19 90.10 28.10
CA ILE MA 179 16.03 90.14 28.95
C ILE MA 179 16.32 89.22 30.14
N ALA MA 180 16.01 89.69 31.35
CA ALA MA 180 16.05 88.83 32.51
C ALA MA 180 14.67 88.85 33.13
N MET MA 181 14.07 87.66 33.26
CA MET MA 181 12.72 87.51 33.76
C MET MA 181 12.70 86.43 34.83
N LEU MA 182 11.88 86.64 35.86
CA LEU MA 182 11.70 85.62 36.88
C LEU MA 182 10.86 84.47 36.32
N TYR MA 183 11.44 83.27 36.26
CA TYR MA 183 10.75 82.13 35.69
C TYR MA 183 10.08 81.26 36.76
N THR MA 184 10.72 81.11 37.91
CA THR MA 184 10.15 80.41 39.04
C THR MA 184 10.31 81.28 40.29
N PRO MA 185 9.28 81.37 41.13
CA PRO MA 185 9.39 82.22 42.31
C PRO MA 185 10.50 81.76 43.24
N LEU MA 186 11.05 82.70 44.00
CA LEU MA 186 12.12 82.40 44.94
C LEU MA 186 11.54 81.75 46.20
N ARG MA 187 12.06 80.58 46.56
CA ARG MA 187 11.65 79.86 47.76
C ARG MA 187 12.84 79.77 48.70
N ALA MA 188 12.80 80.52 49.78
CA ALA MA 188 13.87 80.55 50.77
C ALA MA 188 13.28 81.02 52.09
N ASN MA 189 13.97 80.66 53.17
CA ASN MA 189 13.59 81.19 54.47
C ASN MA 189 13.99 82.66 54.57
N ASN MA 190 13.48 83.33 55.60
CA ASN MA 190 13.91 84.66 55.95
C ASN MA 190 14.85 84.56 57.14
N ALA MA 191 15.24 85.70 57.71
CA ALA MA 191 16.19 85.73 58.83
C ALA MA 191 15.70 86.76 59.85
N GLY MA 192 14.86 86.32 60.79
CA GLY MA 192 14.15 87.27 61.62
C GLY MA 192 13.17 88.05 60.76
N ASP MA 193 13.28 89.37 60.80
CA ASP MA 193 12.52 90.23 59.90
C ASP MA 193 13.34 90.72 58.73
N ASP MA 194 14.61 90.34 58.65
CA ASP MA 194 15.38 90.49 57.42
C ASP MA 194 14.87 89.50 56.37
N VAL MA 195 14.54 90.01 55.19
CA VAL MA 195 13.88 89.21 54.15
C VAL MA 195 14.91 88.84 53.10
N PHE MA 196 15.06 87.54 52.86
CA PHE MA 196 16.08 87.05 51.94
C PHE MA 196 15.78 87.47 50.51
N THR MA 197 16.82 87.95 49.82
CA THR MA 197 16.74 88.31 48.41
C THR MA 197 18.06 87.96 47.74
N VAL MA 198 17.98 87.56 46.48
CA VAL MA 198 19.16 87.28 45.68
C VAL MA 198 19.46 88.51 44.82
N SER MA 199 20.58 89.17 45.12
CA SER MA 199 21.04 90.30 44.33
C SER MA 199 21.88 89.81 43.15
N CYS MA 200 21.65 90.41 41.99
CA CYS MA 200 22.35 90.04 40.77
C CYS MA 200 23.06 91.26 40.17
N ARG MA 201 24.19 90.98 39.53
CA ARG MA 201 25.00 91.99 38.86
C ARG MA 201 25.30 91.52 37.44
N VAL MA 202 25.31 92.46 36.50
CA VAL MA 202 25.54 92.19 35.09
C VAL MA 202 26.84 92.86 34.69
N LEU MA 203 27.77 92.06 34.17
CA LEU MA 203 29.07 92.51 33.73
C LEU MA 203 29.19 92.26 32.22
N THR MA 204 30.08 93.01 31.58
CA THR MA 204 30.17 92.92 30.12
C THR MA 204 31.61 93.17 29.69
N ARG MA 205 31.93 92.68 28.49
CA ARG MA 205 33.20 92.98 27.83
C ARG MA 205 33.02 92.71 26.34
N PRO MA 206 33.74 93.41 25.47
CA PRO MA 206 33.52 93.22 24.04
C PRO MA 206 34.02 91.86 23.59
N SER MA 207 33.21 91.20 22.76
CA SER MA 207 33.64 89.99 22.08
C SER MA 207 34.83 90.28 21.18
N PRO MA 208 35.56 89.25 20.75
CA PRO MA 208 36.67 89.49 19.81
C PRO MA 208 36.25 90.08 18.48
N ASP MA 209 35.02 89.88 18.05
CA ASP MA 209 34.59 90.42 16.76
C ASP MA 209 34.09 91.85 16.86
N PHE MA 210 33.98 92.42 18.06
CA PHE MA 210 33.59 93.80 18.20
C PHE MA 210 34.75 94.73 17.87
N ASP MA 211 34.44 95.84 17.21
CA ASP MA 211 35.44 96.84 16.89
C ASP MA 211 34.76 98.15 16.51
N PHE MA 212 35.47 99.25 16.73
CA PHE MA 212 35.06 100.55 16.24
C PHE MA 212 35.49 100.69 14.78
N ILE MA 213 34.95 101.69 14.06
CA ILE MA 213 35.09 101.73 12.60
C ILE MA 213 35.95 102.90 12.13
N PHE MA 214 35.55 104.14 12.41
CA PHE MA 214 36.24 105.27 11.80
C PHE MA 214 36.59 106.34 12.83
N LEU MA 215 37.88 106.68 12.94
CA LEU MA 215 38.30 107.75 13.85
C LEU MA 215 37.75 109.09 13.38
N VAL MA 216 37.21 109.86 14.33
CA VAL MA 216 36.61 111.17 14.05
C VAL MA 216 36.94 112.10 15.21
N PRO MA 217 36.77 113.41 15.00
CA PRO MA 217 37.07 114.37 16.06
C PRO MA 217 36.35 114.04 17.35
N PRO MA 218 37.06 114.08 18.47
CA PRO MA 218 36.67 113.27 19.64
C PRO MA 218 35.37 113.64 20.33
N THR MA 219 34.91 114.89 20.34
CA THR MA 219 33.61 115.08 20.98
C THR MA 219 32.58 115.78 20.09
N VAL MA 220 32.61 115.55 18.78
CA VAL MA 220 31.69 116.27 17.90
C VAL MA 220 30.34 115.58 17.82
N GLU MA 221 30.31 114.27 17.56
CA GLU MA 221 29.06 113.59 17.22
C GLU MA 221 28.05 113.62 18.36
N SER MA 222 26.88 114.19 18.07
CA SER MA 222 25.91 114.54 19.11
C SER MA 222 25.40 113.32 19.88
N ARG MA 223 25.19 112.19 19.20
CA ARG MA 223 24.54 111.06 19.87
C ARG MA 223 25.44 110.34 20.85
N THR MA 224 26.68 110.77 21.04
CA THR MA 224 27.60 110.14 21.98
C THR MA 224 27.87 110.99 23.21
N LYS MA 225 27.26 112.17 23.32
CA LYS MA 225 27.43 113.00 24.52
C LYS MA 225 26.74 112.34 25.70
N PRO MA 226 27.42 112.22 26.85
CA PRO MA 226 26.78 111.60 28.02
C PRO MA 226 25.90 112.59 28.77
N PHE MA 227 24.87 112.04 29.42
CA PHE MA 227 23.96 112.87 30.19
C PHE MA 227 24.55 113.18 31.56
N THR MA 228 24.33 114.42 32.02
CA THR MA 228 24.81 114.87 33.33
C THR MA 228 23.79 115.82 33.94
N VAL MA 229 23.92 116.02 35.24
CA VAL MA 229 23.00 116.85 36.01
C VAL MA 229 23.83 117.82 36.83
N PRO MA 230 23.51 119.12 36.81
CA PRO MA 230 24.41 120.12 37.42
C PRO MA 230 24.68 119.85 38.89
N ILE MA 231 25.92 120.11 39.31
CA ILE MA 231 26.34 119.93 40.69
C ILE MA 231 25.86 121.03 41.61
N LEU MA 232 25.17 122.03 41.07
CA LEU MA 232 24.69 123.15 41.88
C LEU MA 232 23.75 122.67 42.98
N THR MA 233 23.74 123.43 44.06
CA THR MA 233 22.85 123.26 45.21
C THR MA 233 21.51 123.97 44.96
N VAL MA 234 20.49 123.51 45.69
CA VAL MA 234 19.17 124.14 45.62
C VAL MA 234 19.26 125.64 45.88
N GLU MA 235 20.02 126.02 46.91
CA GLU MA 235 20.16 127.43 47.24
C GLU MA 235 20.78 128.21 46.08
N GLU MA 236 21.68 127.59 45.34
CA GLU MA 236 22.40 128.26 44.26
C GLU MA 236 21.62 128.29 42.95
N MET MA 237 20.48 127.60 42.87
CA MET MA 237 19.71 127.56 41.64
C MET MA 237 18.52 128.52 41.73
N THR MA 238 17.74 128.55 40.64
CA THR MA 238 16.72 129.58 40.42
C THR MA 238 15.44 128.90 39.96
N ASN MA 239 14.31 129.41 40.43
CA ASN MA 239 13.03 128.90 39.99
C ASN MA 239 12.81 129.25 38.52
N SER MA 240 12.14 128.35 37.80
CA SER MA 240 11.97 128.47 36.36
C SER MA 240 10.63 129.08 35.95
N ARG MA 241 9.79 129.44 36.92
CA ARG MA 241 8.48 129.99 36.65
C ARG MA 241 8.34 131.45 37.07
N PHE MA 242 9.33 131.98 37.81
CA PHE MA 242 9.33 133.37 38.26
C PHE MA 242 10.77 133.71 38.65
N PRO MA 243 11.26 134.90 38.31
CA PRO MA 243 12.69 135.21 38.52
C PRO MA 243 13.08 135.36 39.98
N ILE MA 244 13.04 134.27 40.74
CA ILE MA 244 13.41 134.28 42.16
C ILE MA 244 14.21 133.05 42.48
N PRO MA 245 15.05 133.11 43.52
CA PRO MA 245 15.85 131.93 43.89
C PRO MA 245 14.98 130.79 44.39
N LEU MA 246 15.55 129.59 44.37
CA LEU MA 246 14.93 128.42 44.96
C LEU MA 246 15.12 128.42 46.48
N GLU MA 247 14.29 127.63 47.17
CA GLU MA 247 14.29 127.63 48.63
C GLU MA 247 14.32 126.23 49.22
N LYS MA 248 13.42 125.34 48.78
CA LYS MA 248 13.39 123.99 49.31
C LYS MA 248 12.88 123.02 48.25
N LEU MA 249 13.03 121.73 48.55
CA LEU MA 249 12.44 120.66 47.77
C LEU MA 249 11.17 120.17 48.46
N PHE MA 250 10.10 120.00 47.69
CA PHE MA 250 8.79 119.65 48.23
C PHE MA 250 8.18 118.52 47.43
N THR MA 251 7.67 117.51 48.13
CA THR MA 251 6.87 116.46 47.53
C THR MA 251 5.47 116.49 48.15
N GLY MA 252 4.46 116.21 47.32
CA GLY MA 252 3.10 116.11 47.80
C GLY MA 252 2.19 115.38 46.83
N PRO MA 253 1.03 114.95 47.31
CA PRO MA 253 0.04 114.35 46.39
C PRO MA 253 -0.53 115.41 45.46
N SER MA 254 -0.82 114.99 44.23
CA SER MA 254 -1.21 115.91 43.17
C SER MA 254 -2.52 115.53 42.51
N GLY MA 255 -3.37 114.75 43.20
CA GLY MA 255 -4.62 114.31 42.58
C GLY MA 255 -5.62 115.44 42.41
N ALA MA 256 -5.69 116.36 43.39
CA ALA MA 256 -6.75 117.36 43.39
C ALA MA 256 -6.64 118.29 42.19
N PHE MA 257 -5.46 118.84 41.98
CA PHE MA 257 -5.20 119.88 41.01
C PHE MA 257 -4.54 119.29 39.76
N VAL MA 258 -4.29 120.15 38.76
CA VAL MA 258 -3.63 119.75 37.52
C VAL MA 258 -2.27 120.42 37.44
N VAL MA 259 -1.21 119.61 37.47
CA VAL MA 259 0.18 120.08 37.39
C VAL MA 259 0.51 120.25 35.91
N GLN MA 260 0.42 121.48 35.41
CA GLN MA 260 0.68 121.69 33.99
C GLN MA 260 1.39 123.02 33.73
N PRO MA 261 2.50 123.32 34.40
CA PRO MA 261 3.20 124.58 34.13
C PRO MA 261 3.65 124.66 32.69
N GLN MA 262 3.86 125.88 32.21
CA GLN MA 262 4.38 126.07 30.87
C GLN MA 262 5.75 126.74 30.86
N ASN MA 263 6.24 127.19 32.00
CA ASN MA 263 7.61 127.65 32.16
C ASN MA 263 8.39 126.60 32.93
N GLY MA 264 9.69 126.51 32.65
CA GLY MA 264 10.47 125.43 33.21
C GLY MA 264 10.03 124.05 32.74
N ARG MA 265 9.73 123.92 31.45
CA ARG MA 265 9.40 122.65 30.83
C ARG MA 265 10.42 122.38 29.73
N CYS MA 266 11.30 121.42 29.97
CA CYS MA 266 12.35 121.08 29.02
C CYS MA 266 12.65 119.60 29.15
N THR MA 267 12.90 118.96 28.01
CA THR MA 267 13.20 117.54 27.96
C THR MA 267 14.68 117.28 28.21
N THR MA 268 14.96 116.06 28.67
CA THR MA 268 16.34 115.64 28.98
C THR MA 268 17.33 115.87 27.84
N ASP MA 269 16.93 115.66 26.59
CA ASP MA 269 17.84 115.94 25.48
C ASP MA 269 17.74 117.38 24.97
N GLY MA 270 17.14 118.28 25.74
CA GLY MA 270 17.27 119.70 25.50
C GLY MA 270 16.29 120.38 24.58
N VAL MA 271 15.09 119.83 24.39
CA VAL MA 271 14.04 120.48 23.62
C VAL MA 271 13.17 121.29 24.57
N LEU MA 272 13.08 122.60 24.31
CA LEU MA 272 12.22 123.47 25.11
C LEU MA 272 10.76 123.27 24.74
N LEU MA 273 9.89 123.42 25.74
CA LEU MA 273 8.46 123.17 25.59
C LEU MA 273 7.67 124.33 26.16
N GLY MA 274 6.43 124.46 25.69
CA GLY MA 274 5.53 125.48 26.24
C GLY MA 274 6.08 126.87 26.05
N THR MA 275 6.03 127.67 27.12
CA THR MA 275 6.51 129.04 27.10
C THR MA 275 7.91 129.18 27.69
N THR MA 276 8.67 128.08 27.73
CA THR MA 276 9.95 128.07 28.42
C THR MA 276 11.04 128.69 27.56
N GLN MA 277 11.86 129.54 28.17
CA GLN MA 277 13.02 130.14 27.53
C GLN MA 277 14.18 130.11 28.51
N LEU MA 278 15.34 130.61 28.09
CA LEU MA 278 16.58 130.32 28.80
C LEU MA 278 16.93 131.36 29.85
N SER MA 279 16.53 132.61 29.67
CA SER MA 279 16.99 133.67 30.55
C SER MA 279 16.24 133.59 31.87
N PRO MA 280 16.94 133.47 33.02
CA PRO MA 280 16.24 133.36 34.30
C PRO MA 280 15.63 134.67 34.79
N VAL MA 281 15.87 135.79 34.11
CA VAL MA 281 15.33 137.08 34.54
C VAL MA 281 14.11 137.45 33.72
N ASN MA 282 14.01 136.92 32.51
CA ASN MA 282 12.89 137.20 31.61
C ASN MA 282 11.70 136.28 31.84
N ILE MA 283 11.52 135.73 33.05
CA ILE MA 283 10.56 134.65 33.23
C ILE MA 283 9.14 135.15 33.43
N CYS MA 284 8.93 136.46 33.56
CA CYS MA 284 7.59 137.03 33.61
C CYS MA 284 7.60 138.48 33.16
N THR MA 285 8.37 138.78 32.12
CA THR MA 285 8.55 140.12 31.61
C THR MA 285 7.80 140.28 30.29
N PHE MA 286 7.49 141.53 29.96
CA PHE MA 286 6.86 141.85 28.68
C PHE MA 286 7.58 143.04 28.07
N ARG MA 287 7.69 143.04 26.74
CA ARG MA 287 8.32 144.11 26.00
C ARG MA 287 7.44 144.48 24.81
N GLY MA 288 7.31 145.77 24.56
CA GLY MA 288 6.52 146.21 23.42
C GLY MA 288 6.26 147.71 23.45
N ASP MA 289 5.27 148.12 22.68
CA ASP MA 289 4.80 149.50 22.61
C ASP MA 289 3.53 149.62 23.45
N VAL MA 290 3.37 150.78 24.11
CA VAL MA 290 2.33 150.93 25.12
C VAL MA 290 1.37 152.03 24.69
N THR MA 291 0.11 151.86 25.07
CA THR MA 291 -0.99 152.72 24.63
C THR MA 291 -1.92 152.99 25.81
N HIS MA 292 -2.36 154.23 25.94
CA HIS MA 292 -3.29 154.61 27.00
C HIS MA 292 -4.69 154.13 26.67
N ILE MA 293 -5.43 153.73 27.72
CA ILE MA 293 -6.85 153.41 27.61
C ILE MA 293 -7.63 154.61 28.15
N ALA MA 294 -8.44 155.22 27.29
CA ALA MA 294 -8.98 156.55 27.55
C ALA MA 294 -9.83 156.56 28.82
N GLY MA 295 -9.54 157.51 29.70
CA GLY MA 295 -10.33 157.74 30.90
C GLY MA 295 -9.91 156.94 32.12
N THR MA 296 -8.91 156.08 32.00
CA THR MA 296 -8.47 155.24 33.11
C THR MA 296 -6.97 155.41 33.33
N HIS MA 297 -6.45 154.72 34.35
CA HIS MA 297 -5.02 154.59 34.57
C HIS MA 297 -4.46 153.30 34.00
N ASP MA 298 -5.16 152.71 33.03
CA ASP MA 298 -4.77 151.44 32.42
C ASP MA 298 -4.04 151.68 31.10
N TYR MA 299 -3.12 150.79 30.78
CA TYR MA 299 -2.41 150.83 29.51
C TYR MA 299 -2.45 149.48 28.81
N THR MA 300 -2.47 149.52 27.48
CA THR MA 300 -2.42 148.34 26.63
C THR MA 300 -1.06 148.26 25.95
N MET MA 301 -0.39 147.13 26.08
CA MET MA 301 0.92 146.90 25.51
C MET MA 301 0.80 145.97 24.30
N ASN MA 302 1.26 146.44 23.14
CA ASN MA 302 1.38 145.61 21.95
C ASN MA 302 2.76 144.96 21.99
N LEU MA 303 2.80 143.63 22.03
CA LEU MA 303 3.99 142.92 22.46
C LEU MA 303 4.99 142.73 21.32
N ALA MA 304 6.25 142.56 21.71
CA ALA MA 304 7.29 141.99 20.88
C ALA MA 304 8.01 140.90 21.68
N SER MA 305 8.99 140.26 21.06
CA SER MA 305 9.72 139.20 21.72
C SER MA 305 10.72 139.77 22.72
N GLN MA 306 11.36 138.88 23.49
CA GLN MA 306 12.50 139.28 24.32
C GLN MA 306 13.71 139.74 23.51
N ASN MA 307 13.94 139.16 22.32
CA ASN MA 307 14.98 139.69 21.44
C ASN MA 307 14.57 140.98 20.75
N TRP MA 308 13.37 141.50 21.04
CA TRP MA 308 12.78 142.77 20.62
C TRP MA 308 12.25 142.74 19.19
N ASN MA 309 12.31 141.62 18.48
CA ASN MA 309 11.69 141.54 17.17
C ASN MA 309 10.17 141.44 17.32
N ASN MA 310 9.45 141.88 16.28
CA ASN MA 310 8.00 141.90 16.32
C ASN MA 310 7.45 140.49 16.58
N TYR MA 311 6.30 140.45 17.25
CA TYR MA 311 5.70 139.18 17.64
C TYR MA 311 4.73 138.68 16.58
N ASP MA 312 4.85 137.40 16.24
CA ASP MA 312 4.02 136.72 15.24
C ASP MA 312 3.11 135.75 15.97
N PRO MA 313 1.79 135.93 15.95
CA PRO MA 313 0.91 135.01 16.68
C PRO MA 313 0.68 133.66 16.02
N THR MA 314 1.19 133.44 14.80
CA THR MA 314 1.05 132.17 14.11
C THR MA 314 2.28 131.28 14.30
N GLU MA 315 3.11 131.58 15.30
CA GLU MA 315 4.34 130.83 15.53
C GLU MA 315 4.12 129.44 16.13
N GLU MA 316 2.87 129.09 16.45
CA GLU MA 316 2.51 127.78 17.02
C GLU MA 316 3.04 127.62 18.45
N ILE MA 317 2.84 128.67 19.25
CA ILE MA 317 3.29 128.70 20.64
C ILE MA 317 2.07 129.01 21.51
N PRO MA 318 2.03 128.57 22.78
CA PRO MA 318 0.91 129.00 23.63
C PRO MA 318 0.86 130.50 23.82
N ALA MA 319 2.02 131.15 23.88
CA ALA MA 319 2.16 132.58 24.18
C ALA MA 319 3.61 132.99 23.91
N PRO MA 320 3.94 134.27 23.95
CA PRO MA 320 5.34 134.66 23.86
C PRO MA 320 6.14 134.05 25.01
N LEU MA 321 7.40 133.70 24.71
CA LEU MA 321 8.22 132.98 25.67
C LEU MA 321 8.45 133.81 26.92
N GLY MA 322 8.29 133.18 28.08
CA GLY MA 322 8.41 133.86 29.35
C GLY MA 322 7.11 134.40 29.91
N THR MA 323 5.99 134.13 29.25
CA THR MA 323 4.69 134.54 29.77
C THR MA 323 4.36 133.74 31.03
N PRO MA 324 3.89 134.38 32.10
CA PRO MA 324 3.53 133.64 33.32
C PRO MA 324 2.54 132.53 33.02
N ASP MA 325 2.64 131.44 33.78
CA ASP MA 325 1.88 130.22 33.53
C ASP MA 325 0.87 129.94 34.64
N PHE MA 326 0.40 130.99 35.31
CA PHE MA 326 -0.54 130.86 36.40
C PHE MA 326 -1.49 132.05 36.39
N VAL MA 327 -2.61 131.90 37.09
CA VAL MA 327 -3.59 132.97 37.20
C VAL MA 327 -3.33 133.76 38.48
N GLY MA 328 -3.20 135.07 38.34
CA GLY MA 328 -2.95 135.95 39.46
C GLY MA 328 -2.69 137.34 38.95
N LYS MA 329 -2.54 138.26 39.91
CA LYS MA 329 -2.22 139.65 39.62
C LYS MA 329 -0.78 139.91 40.04
N ILE MA 330 0.07 140.17 39.05
CA ILE MA 330 1.51 140.32 39.25
C ILE MA 330 1.86 141.81 39.23
N GLN MA 331 2.53 142.25 40.29
CA GLN MA 331 2.99 143.64 40.39
C GLN MA 331 4.45 143.74 39.99
N GLY MA 332 4.79 144.82 39.28
CA GLY MA 332 6.17 145.11 38.94
C GLY MA 332 6.39 146.58 38.64
N VAL MA 333 7.21 146.87 37.63
CA VAL MA 333 7.55 148.23 37.25
C VAL MA 333 7.61 148.31 35.73
N LEU MA 334 6.86 149.23 35.15
CA LEU MA 334 6.94 149.54 33.73
C LEU MA 334 8.03 150.57 33.49
N THR MA 335 8.91 150.30 32.53
CA THR MA 335 10.06 151.15 32.23
C THR MA 335 10.04 151.53 30.76
N GLN MA 336 10.43 152.77 30.45
CA GLN MA 336 10.36 153.29 29.10
C GLN MA 336 11.56 154.20 28.87
N THR MA 337 12.04 154.23 27.62
CA THR MA 337 13.19 155.05 27.28
C THR MA 337 12.99 155.74 25.94
N THR MA 338 13.15 157.06 25.92
CA THR MA 338 13.04 157.87 24.72
C THR MA 338 14.42 157.98 24.06
N ARG MA 339 14.48 157.67 22.76
CA ARG MA 339 15.77 157.59 22.07
C ARG MA 339 16.47 158.94 21.96
N GLY MA 340 15.76 159.97 21.50
CA GLY MA 340 16.45 161.22 21.17
C GLY MA 340 16.96 161.99 22.39
N ASP MA 341 16.09 162.27 23.35
CA ASP MA 341 16.52 163.00 24.54
C ASP MA 341 17.17 162.09 25.58
N GLY MA 342 16.88 160.79 25.55
CA GLY MA 342 17.36 159.90 26.58
C GLY MA 342 16.48 159.87 27.81
N SER MA 343 15.25 160.38 27.71
CA SER MA 343 14.33 160.37 28.84
C SER MA 343 13.95 158.94 29.23
N THR MA 344 13.88 158.71 30.54
CA THR MA 344 13.53 157.40 31.07
C THR MA 344 12.49 157.59 32.17
N ARG MA 345 11.50 156.71 32.20
CA ARG MA 345 10.41 156.76 33.18
C ARG MA 345 10.13 155.36 33.71
N GLY MA 346 9.82 155.28 35.01
CA GLY MA 346 9.53 154.02 35.66
C GLY MA 346 8.38 154.10 36.63
N HIS MA 347 7.38 153.23 36.47
CA HIS MA 347 6.12 153.33 37.21
C HIS MA 347 5.69 151.96 37.72
N LYS MA 348 5.36 151.91 39.01
CA LYS MA 348 4.68 150.76 39.61
C LYS MA 348 3.46 150.37 38.78
N ALA MA 349 3.34 149.07 38.47
CA ALA MA 349 2.29 148.58 37.60
C ALA MA 349 1.88 147.18 38.01
N THR MA 350 0.71 146.76 37.50
CA THR MA 350 0.09 145.50 37.89
C THR MA 350 -0.56 144.85 36.68
N VAL MA 351 -0.33 143.56 36.51
CA VAL MA 351 -0.91 142.76 35.42
C VAL MA 351 -1.83 141.73 36.03
N SER MA 352 -3.06 141.65 35.52
CA SER MA 352 -3.99 140.57 35.87
C SER MA 352 -3.97 139.56 34.74
N THR MA 353 -3.48 138.35 35.03
CA THR MA 353 -3.41 137.29 34.04
C THR MA 353 -4.76 136.60 33.81
N GLY MA 354 -5.73 136.82 34.69
CA GLY MA 354 -7.06 136.25 34.52
C GLY MA 354 -8.08 137.26 34.01
N SER MA 355 -7.69 138.53 33.94
CA SER MA 355 -8.53 139.54 33.34
C SER MA 355 -8.79 139.23 31.86
N VAL MA 356 -9.99 139.58 31.40
CA VAL MA 356 -10.40 139.30 30.03
C VAL MA 356 -9.58 140.08 29.01
N HIS MA 357 -8.88 141.13 29.42
CA HIS MA 357 -8.03 141.91 28.53
C HIS MA 357 -6.58 141.43 28.52
N PHE MA 358 -6.29 140.33 29.22
CA PHE MA 358 -4.98 139.67 29.15
C PHE MA 358 -5.01 138.63 28.03
N THR MA 359 -4.58 139.04 26.84
CA THR MA 359 -4.61 138.20 25.65
C THR MA 359 -3.21 138.18 25.03
N PRO MA 360 -2.24 137.54 25.69
CA PRO MA 360 -0.87 137.60 25.18
C PRO MA 360 -0.64 136.79 23.91
N LYS MA 361 -1.40 135.71 23.69
CA LYS MA 361 -1.28 134.97 22.43
C LYS MA 361 -1.69 135.85 21.25
N LEU MA 362 -2.64 136.75 21.46
CA LEU MA 362 -3.07 137.65 20.40
C LEU MA 362 -2.19 138.88 20.26
N GLY MA 363 -1.42 139.20 21.30
CA GLY MA 363 -0.42 140.25 21.17
C GLY MA 363 -0.61 141.43 22.09
N SER MA 364 -1.56 141.36 23.02
CA SER MA 364 -1.93 142.50 23.86
C SER MA 364 -2.02 142.07 25.32
N VAL MA 365 -1.52 142.93 26.21
CA VAL MA 365 -1.66 142.75 27.65
C VAL MA 365 -2.00 144.12 28.25
N GLN MA 366 -2.73 144.10 29.36
CA GLN MA 366 -3.21 145.32 30.00
C GLN MA 366 -2.56 145.49 31.36
N PHE MA 367 -1.99 146.67 31.60
CA PHE MA 367 -1.38 147.03 32.87
C PHE MA 367 -2.22 148.08 33.58
N THR MA 368 -2.19 148.05 34.91
CA THR MA 368 -2.77 149.09 35.74
C THR MA 368 -1.63 149.86 36.38
N THR MA 369 -1.51 151.14 36.05
CA THR MA 369 -0.33 151.92 36.37
C THR MA 369 -0.67 152.99 37.40
N ASP MA 370 0.34 153.78 37.79
CA ASP MA 370 0.16 154.90 38.69
C ASP MA 370 0.22 156.25 37.99
N THR MA 371 0.09 156.28 36.66
CA THR MA 371 -0.01 157.54 35.94
C THR MA 371 -0.92 157.33 34.74
N ASN MA 372 -1.55 158.40 34.28
CA ASN MA 372 -2.29 158.39 33.02
C ASN MA 372 -1.65 159.21 31.91
N ASN MA 373 -0.51 159.87 32.17
CA ASN MA 373 0.13 160.68 31.14
C ASN MA 373 1.63 160.51 31.01
N ASP MA 374 2.26 159.62 31.78
CA ASP MA 374 3.72 159.53 31.78
C ASP MA 374 4.23 158.28 31.07
N LEU MA 375 3.48 157.76 30.10
CA LEU MA 375 3.98 156.68 29.24
C LEU MA 375 3.63 157.01 27.80
N GLU MA 376 4.63 157.43 27.03
CA GLU MA 376 4.37 157.86 25.66
C GLU MA 376 4.24 156.65 24.73
N THR MA 377 3.60 156.88 23.58
CA THR MA 377 3.32 155.83 22.62
C THR MA 377 4.51 155.67 21.67
N GLY MA 378 4.47 154.62 20.86
CA GLY MA 378 5.54 154.27 19.95
C GLY MA 378 6.90 153.98 20.55
N GLN MA 379 7.05 154.15 21.86
CA GLN MA 379 8.31 153.93 22.54
C GLN MA 379 8.34 152.55 23.18
N ASN MA 380 9.54 152.00 23.32
CA ASN MA 380 9.71 150.69 23.93
C ASN MA 380 9.46 150.73 25.43
N THR MA 381 8.74 149.72 25.92
CA THR MA 381 8.35 149.64 27.32
C THR MA 381 8.59 148.23 27.83
N LYS MA 382 9.13 148.11 29.05
CA LYS MA 382 9.49 146.84 29.65
C LYS MA 382 8.82 146.70 31.01
N PHE MA 383 8.15 145.57 31.21
CA PHE MA 383 7.58 145.21 32.52
C PHE MA 383 8.57 144.33 33.29
N THR MA 384 9.10 144.86 34.39
CA THR MA 384 9.99 144.09 35.27
C THR MA 384 9.18 143.54 36.44
N PRO MA 385 8.99 142.23 36.54
CA PRO MA 385 8.20 141.69 37.66
C PRO MA 385 8.97 141.70 38.97
N VAL MA 386 8.22 141.78 40.06
CA VAL MA 386 8.80 141.84 41.41
C VAL MA 386 8.09 140.88 42.34
N GLY MA 387 6.75 140.84 42.27
CA GLY MA 387 5.99 140.00 43.18
C GLY MA 387 4.54 139.89 42.74
N VAL MA 388 3.76 139.20 43.58
CA VAL MA 388 2.36 138.94 43.32
C VAL MA 388 1.55 139.59 44.43
N VAL MA 389 0.28 139.86 44.13
CA VAL MA 389 -0.58 140.64 45.01
C VAL MA 389 -1.88 139.88 45.24
N GLN MA 390 -2.60 140.27 46.29
CA GLN MA 390 -3.83 139.61 46.72
C GLN MA 390 -4.83 140.66 47.17
N ASP MA 391 -6.09 140.50 46.73
CA ASP MA 391 -7.16 141.38 47.15
C ASP MA 391 -7.62 140.99 48.56
N GLY MA 392 -7.44 141.91 49.51
CA GLY MA 392 -7.68 141.60 50.91
C GLY MA 392 -9.13 141.35 51.27
N ASN MA 393 -10.06 141.68 50.37
CA ASN MA 393 -11.49 141.51 50.64
C ASN MA 393 -11.97 140.08 50.39
N SER MA 394 -11.16 139.22 49.78
CA SER MA 394 -11.52 137.84 49.55
C SER MA 394 -10.84 136.97 50.60
N ALA MA 395 -11.05 135.66 50.49
CA ALA MA 395 -10.40 134.74 51.42
C ALA MA 395 -8.89 134.83 51.27
N HIS MA 396 -8.19 134.80 52.39
CA HIS MA 396 -6.74 134.98 52.38
C HIS MA 396 -6.06 133.77 51.76
N GLN MA 397 -4.91 134.02 51.10
CA GLN MA 397 -4.12 132.96 50.48
C GLN MA 397 -4.89 132.21 49.40
N ASN MA 398 -5.69 132.95 48.62
CA ASN MA 398 -6.47 132.34 47.55
C ASN MA 398 -6.28 132.97 46.17
N GLU MA 399 -5.53 134.07 46.03
CA GLU MA 399 -5.48 134.76 44.75
C GLU MA 399 -4.57 134.11 43.72
N PRO MA 400 -3.24 134.03 43.93
CA PRO MA 400 -2.40 133.44 42.88
C PRO MA 400 -2.55 131.92 42.87
N GLN MA 401 -3.25 131.41 41.85
CA GLN MA 401 -3.51 129.98 41.71
C GLN MA 401 -2.45 129.41 40.76
N GLN MA 402 -1.38 128.85 41.33
CA GLN MA 402 -0.23 128.50 40.51
C GLN MA 402 -0.55 127.41 39.51
N TRP MA 403 -1.53 126.56 39.79
CA TRP MA 403 -1.84 125.41 38.96
C TRP MA 403 -3.04 125.66 38.05
N VAL MA 404 -3.44 126.91 37.87
CA VAL MA 404 -4.52 127.28 36.96
C VAL MA 404 -3.91 128.08 35.82
N LEU MA 405 -4.09 127.58 34.59
CA LEU MA 405 -3.49 128.26 33.45
C LEU MA 405 -4.33 129.46 33.04
N PRO MA 406 -3.70 130.60 32.75
CA PRO MA 406 -4.42 131.73 32.14
C PRO MA 406 -4.95 131.36 30.76
N ASN MA 407 -5.86 132.19 30.27
CA ASN MA 407 -6.44 132.05 28.93
C ASN MA 407 -5.68 132.99 27.98
N TYR MA 408 -4.74 132.44 27.22
CA TYR MA 408 -3.83 133.26 26.43
C TYR MA 408 -4.53 134.00 25.30
N SER MA 409 -5.69 133.52 24.85
CA SER MA 409 -6.48 134.20 23.82
C SER MA 409 -7.79 134.75 24.36
N GLY MA 410 -7.85 135.04 25.66
CA GLY MA 410 -9.07 135.54 26.28
C GLY MA 410 -10.31 134.73 25.93
N ARG MA 411 -11.43 135.43 25.79
CA ARG MA 411 -12.71 134.77 25.56
C ARG MA 411 -12.77 134.04 24.21
N THR MA 412 -12.02 134.52 23.22
CA THR MA 412 -12.09 133.97 21.85
C THR MA 412 -11.25 132.71 21.67
N GLY MA 413 -11.58 131.69 22.45
CA GLY MA 413 -10.96 130.37 22.30
C GLY MA 413 -10.29 129.89 23.57
N HIS MA 414 -9.57 128.79 23.42
CA HIS MA 414 -8.83 128.13 24.49
C HIS MA 414 -7.33 128.13 24.19
N ASN MA 415 -6.55 127.77 25.19
CA ASN MA 415 -5.10 127.64 25.05
C ASN MA 415 -4.77 126.51 24.08
N VAL MA 416 -3.72 126.70 23.27
CA VAL MA 416 -3.31 125.73 22.26
C VAL MA 416 -1.82 125.44 22.46
N HIS MA 417 -1.33 124.41 21.76
CA HIS MA 417 0.05 123.95 21.78
C HIS MA 417 0.63 123.92 23.19
N LEU MA 418 -0.14 123.38 24.13
CA LEU MA 418 0.29 123.34 25.51
C LEU MA 418 1.28 122.21 25.76
N ALA MA 419 2.19 122.44 26.69
CA ALA MA 419 3.01 121.36 27.22
C ALA MA 419 2.14 120.41 28.04
N PRO MA 420 2.39 119.10 27.97
CA PRO MA 420 1.47 118.14 28.60
C PRO MA 420 1.42 118.31 30.11
N ALA MA 421 0.33 117.83 30.69
CA ALA MA 421 0.22 117.79 32.13
C ALA MA 421 1.09 116.66 32.69
N VAL MA 422 1.30 116.69 34.00
CA VAL MA 422 2.32 115.85 34.63
C VAL MA 422 1.72 115.23 35.89
N ALA MA 423 1.86 113.92 36.02
CA ALA MA 423 1.35 113.19 37.16
C ALA MA 423 2.18 111.93 37.34
N PRO MA 424 2.35 111.46 38.58
CA PRO MA 424 3.02 110.18 38.80
C PRO MA 424 2.20 109.02 38.27
N THR MA 425 2.89 108.04 37.68
CA THR MA 425 2.25 106.89 37.05
C THR MA 425 2.49 105.60 37.82
N PHE MA 426 3.45 105.59 38.73
CA PHE MA 426 3.93 104.44 39.50
C PHE MA 426 3.32 104.46 40.88
N PRO MA 427 2.81 103.33 41.38
CA PRO MA 427 2.29 103.30 42.75
C PRO MA 427 3.36 103.68 43.76
N GLY MA 428 2.99 104.56 44.69
CA GLY MA 428 3.87 104.98 45.76
C GLY MA 428 4.71 106.20 45.46
N GLU MA 429 4.60 106.77 44.26
CA GLU MA 429 5.45 107.86 43.82
C GLU MA 429 4.67 109.16 43.76
N GLN MA 430 5.33 110.24 44.16
CA GLN MA 430 4.77 111.58 44.05
C GLN MA 430 5.75 112.47 43.30
N LEU MA 431 5.21 113.52 42.71
CA LEU MA 431 6.05 114.52 42.07
C LEU MA 431 7.01 115.12 43.09
N LEU MA 432 8.19 115.52 42.62
CA LEU MA 432 9.14 116.28 43.41
C LEU MA 432 9.25 117.68 42.82
N PHE MA 433 8.93 118.69 43.62
CA PHE MA 433 8.89 120.07 43.18
C PHE MA 433 10.07 120.84 43.76
N PHE MA 434 10.56 121.79 42.98
CA PHE MA 434 11.53 122.77 43.46
C PHE MA 434 10.74 124.01 43.85
N ARG MA 435 10.65 124.27 45.14
CA ARG MA 435 9.74 125.27 45.69
C ARG MA 435 10.48 126.51 46.13
N SER MA 436 9.93 127.67 45.77
CA SER MA 436 10.42 128.95 46.24
C SER MA 436 9.26 129.81 46.72
N THR MA 437 9.61 130.91 47.38
CA THR MA 437 8.64 131.81 48.01
C THR MA 437 8.60 133.10 47.20
N MET MA 438 7.45 133.38 46.59
CA MET MA 438 7.32 134.61 45.82
C MET MA 438 7.18 135.81 46.75
N PRO MA 439 7.69 136.97 46.34
CA PRO MA 439 7.41 138.20 47.09
C PRO MA 439 5.94 138.58 47.02
N GLY MA 440 5.41 139.01 48.14
CA GLY MA 440 4.11 139.67 48.19
C GLY MA 440 4.25 141.19 48.28
N CYS MA 441 3.44 141.89 47.48
CA CYS MA 441 3.51 143.34 47.42
C CYS MA 441 2.34 144.02 48.15
N SER MA 442 1.24 143.31 48.36
CA SER MA 442 0.05 143.79 49.05
C SER MA 442 -0.89 142.60 49.23
N GLY MA 443 -1.63 142.61 50.32
CA GLY MA 443 -2.62 141.57 50.57
C GLY MA 443 -2.04 140.39 51.31
N TYR MA 444 -2.72 139.24 51.17
CA TYR MA 444 -2.33 137.99 51.83
C TYR MA 444 -2.29 136.87 50.80
N PRO MA 445 -1.32 136.90 49.88
CA PRO MA 445 -1.36 135.99 48.73
C PRO MA 445 -0.72 134.63 49.02
N ASN MA 446 -1.06 133.68 48.14
CA ASN MA 446 -0.45 132.35 48.14
C ASN MA 446 0.94 132.46 47.54
N MET MA 447 1.96 132.47 48.40
CA MET MA 447 3.31 132.79 47.96
C MET MA 447 4.11 131.59 47.51
N ASN MA 448 3.53 130.39 47.56
CA ASN MA 448 4.24 129.17 47.16
C ASN MA 448 4.30 129.08 45.64
N LEU MA 449 5.49 128.85 45.10
CA LEU MA 449 5.66 128.56 43.67
C LEU MA 449 6.49 127.30 43.50
N ASP MA 450 5.91 126.29 42.86
CA ASP MA 450 6.59 125.03 42.58
C ASP MA 450 6.94 124.98 41.10
N CYS MA 451 8.17 124.59 40.79
CA CYS MA 451 8.56 124.30 39.42
C CYS MA 451 9.07 122.87 39.29
N LEU MA 452 9.00 122.35 38.08
CA LEU MA 452 9.38 120.95 37.83
C LEU MA 452 10.88 120.80 37.68
N LEU MA 453 11.57 121.81 37.15
CA LEU MA 453 13.00 121.80 36.94
C LEU MA 453 13.54 123.17 37.30
N PRO MA 454 14.67 123.24 38.02
CA PRO MA 454 15.34 124.54 38.19
C PRO MA 454 15.73 125.12 36.84
N GLN MA 455 15.81 126.45 36.79
CA GLN MA 455 16.16 127.10 35.54
C GLN MA 455 17.57 126.69 35.10
N GLU MA 456 18.46 126.45 36.05
CA GLU MA 456 19.80 125.98 35.71
C GLU MA 456 19.76 124.61 35.04
N TRP MA 457 18.85 123.74 35.48
CA TRP MA 457 18.69 122.45 34.79
C TRP MA 457 18.16 122.64 33.38
N VAL MA 458 17.24 123.59 33.18
CA VAL MA 458 16.75 123.88 31.84
C VAL MA 458 17.91 124.33 30.96
N LEU MA 459 18.71 125.28 31.48
CA LEU MA 459 19.90 125.74 30.77
C LEU MA 459 20.81 124.58 30.42
N HIS MA 460 21.08 123.71 31.40
CA HIS MA 460 22.03 122.62 31.21
C HIS MA 460 21.57 121.65 30.13
N PHE MA 461 20.32 121.19 30.21
CA PHE MA 461 19.82 120.27 29.19
C PHE MA 461 19.87 120.89 27.80
N TYR MA 462 19.57 122.20 27.70
CA TYR MA 462 19.58 122.86 26.39
C TYR MA 462 20.97 122.87 25.78
N GLN MA 463 22.00 123.19 26.59
CA GLN MA 463 23.36 123.29 26.06
C GLN MA 463 23.92 121.90 25.78
N GLU MA 464 23.97 121.05 26.82
CA GLU MA 464 24.55 119.71 26.69
C GLU MA 464 23.44 118.78 26.25
N ALA MA 465 23.23 118.75 24.93
CA ALA MA 465 22.06 118.08 24.34
C ALA MA 465 22.23 116.56 24.34
N ALA MA 466 22.42 116.01 25.52
CA ALA MA 466 22.73 114.59 25.65
C ALA MA 466 21.50 113.75 25.36
N PRO MA 467 21.58 112.78 24.45
CA PRO MA 467 20.43 111.90 24.18
C PRO MA 467 20.06 111.06 25.39
N ALA MA 468 18.75 110.90 25.60
CA ALA MA 468 18.25 110.05 26.67
C ALA MA 468 18.30 108.58 26.22
N GLN MA 469 18.95 107.75 27.02
CA GLN MA 469 19.08 106.33 26.71
C GLN MA 469 17.86 105.51 27.15
N SER MA 470 16.96 106.09 27.94
CA SER MA 470 15.71 105.45 28.29
C SER MA 470 14.75 106.52 28.78
N ASP MA 471 13.59 106.10 29.28
CA ASP MA 471 12.55 107.05 29.69
C ASP MA 471 12.81 107.66 31.05
N VAL MA 472 13.77 107.13 31.82
CA VAL MA 472 14.00 107.58 33.18
C VAL MA 472 15.50 107.63 33.44
N ALA MA 473 15.95 108.76 33.99
CA ALA MA 473 17.32 108.91 34.46
C ALA MA 473 17.32 108.78 35.97
N LEU MA 474 18.06 107.80 36.49
CA LEU MA 474 18.16 107.62 37.93
C LEU MA 474 19.14 108.64 38.49
N LEU MA 475 18.68 109.45 39.45
CA LEU MA 475 19.51 110.42 40.15
C LEU MA 475 19.63 110.04 41.61
N ARG MA 476 20.81 110.32 42.18
CA ARG MA 476 21.04 110.15 43.61
C ARG MA 476 21.42 111.49 44.22
N PHE MA 477 20.87 111.76 45.41
CA PHE MA 477 21.15 112.99 46.14
C PHE MA 477 22.23 112.68 47.17
N VAL MA 478 23.35 113.41 47.09
CA VAL MA 478 24.56 113.06 47.82
C VAL MA 478 24.95 114.19 48.75
N ASN MA 479 25.37 113.84 49.96
CA ASN MA 479 25.97 114.78 50.89
C ASN MA 479 27.48 114.74 50.67
N PRO MA 480 28.09 115.81 50.16
CA PRO MA 480 29.52 115.72 49.79
C PRO MA 480 30.44 115.59 50.99
N ASP MA 481 30.03 116.05 52.18
CA ASP MA 481 30.89 115.94 53.35
C ASP MA 481 31.09 114.48 53.75
N THR MA 482 29.98 113.75 53.93
CA THR MA 482 30.03 112.38 54.42
C THR MA 482 30.01 111.34 53.31
N GLY MA 483 29.64 111.74 52.09
CA GLY MA 483 29.48 110.77 51.01
C GLY MA 483 28.17 110.02 51.01
N ARG MA 484 27.24 110.34 51.91
CA ARG MA 484 26.04 109.53 52.09
C ARG MA 484 24.96 109.89 51.09
N VAL MA 485 24.22 108.87 50.66
CA VAL MA 485 23.06 109.05 49.80
C VAL MA 485 21.83 109.27 50.67
N LEU MA 486 21.10 110.35 50.41
CA LEU MA 486 19.90 110.61 51.18
C LEU MA 486 18.66 109.98 50.55
N PHE MA 487 18.52 110.15 49.24
CA PHE MA 487 17.45 109.51 48.50
C PHE MA 487 17.87 109.39 47.05
N GLU MA 488 17.10 108.62 46.29
CA GLU MA 488 17.22 108.57 44.85
C GLU MA 488 15.88 108.97 44.25
N CYS MA 489 15.92 109.42 43.00
CA CYS MA 489 14.70 109.86 42.33
C CYS MA 489 14.80 109.54 40.85
N LYS MA 490 13.65 109.66 40.18
CA LYS MA 490 13.53 109.37 38.76
C LYS MA 490 13.32 110.69 38.02
N LEU MA 491 14.27 111.05 37.16
CA LEU MA 491 14.11 112.19 36.27
C LEU MA 491 13.60 111.66 34.93
N HIS MA 492 12.36 111.97 34.61
CA HIS MA 492 11.75 111.45 33.40
C HIS MA 492 12.26 112.24 32.19
N LYS MA 493 12.35 111.54 31.06
CA LYS MA 493 12.83 112.16 29.83
C LYS MA 493 12.04 113.43 29.51
N SER MA 494 10.73 113.42 29.80
CA SER MA 494 9.85 114.55 29.55
C SER MA 494 10.19 115.77 30.39
N GLY MA 495 11.13 115.66 31.33
CA GLY MA 495 11.51 116.79 32.16
C GLY MA 495 10.70 117.03 33.42
N TYR MA 496 10.57 116.01 34.27
CA TYR MA 496 10.01 116.17 35.61
C TYR MA 496 10.58 115.10 36.51
N VAL MA 497 10.49 115.32 37.82
CA VAL MA 497 11.10 114.44 38.80
C VAL MA 497 10.00 113.82 39.67
N THR MA 498 10.22 112.57 40.08
CA THR MA 498 9.33 111.84 40.97
C THR MA 498 10.15 111.17 42.07
N VAL MA 499 9.50 110.97 43.22
CA VAL MA 499 10.13 110.32 44.37
C VAL MA 499 9.14 109.38 45.03
N ALA MA 500 9.67 108.48 45.85
CA ALA MA 500 8.88 107.47 46.54
C ALA MA 500 8.54 107.99 47.93
N HIS MA 501 7.33 108.54 48.08
CA HIS MA 501 6.85 109.10 49.33
C HIS MA 501 5.35 109.26 49.24
N THR MA 502 4.69 109.29 50.39
CA THR MA 502 3.25 109.53 50.45
C THR MA 502 2.96 110.60 51.48
N GLY MA 503 2.21 111.62 51.06
CA GLY MA 503 1.91 112.76 51.90
C GLY MA 503 2.78 113.95 51.59
N PRO MA 504 2.33 115.15 51.96
CA PRO MA 504 3.15 116.35 51.77
C PRO MA 504 4.33 116.36 52.72
N HIS MA 505 5.45 116.91 52.23
CA HIS MA 505 6.70 116.91 53.00
C HIS MA 505 7.72 117.88 52.43
N ASP MA 506 8.23 118.78 53.26
CA ASP MA 506 9.43 119.53 52.94
C ASP MA 506 10.64 118.65 53.25
N LEU MA 507 11.58 118.56 52.31
CA LEU MA 507 12.66 117.60 52.43
C LEU MA 507 13.70 118.03 53.46
N VAL MA 508 14.24 117.04 54.17
CA VAL MA 508 15.26 117.25 55.19
C VAL MA 508 16.62 117.07 54.52
N ILE MA 509 17.13 118.17 53.96
CA ILE MA 509 18.26 118.13 53.03
C ILE MA 509 19.38 119.01 53.59
N PRO MA 510 20.60 118.50 53.70
CA PRO MA 510 21.76 119.33 54.04
C PRO MA 510 21.97 120.43 53.00
N PRO MA 511 22.36 121.63 53.45
CA PRO MA 511 22.44 122.77 52.54
C PRO MA 511 23.41 122.60 51.39
N ASN MA 512 24.40 121.71 51.48
CA ASN MA 512 25.38 121.52 50.41
C ASN MA 512 25.11 120.30 49.55
N GLY MA 513 23.94 119.66 49.71
CA GLY MA 513 23.64 118.48 48.94
C GLY MA 513 23.33 118.78 47.48
N TYR MA 514 23.69 117.85 46.61
CA TYR MA 514 23.56 118.01 45.17
C TYR MA 514 23.01 116.72 44.55
N PHE MA 515 22.45 116.86 43.34
CA PHE MA 515 21.98 115.72 42.57
C PHE MA 515 23.08 115.17 41.67
N ARG MA 516 23.20 113.85 41.64
CA ARG MA 516 24.22 113.18 40.85
C ARG MA 516 23.56 112.11 39.98
N PHE MA 517 23.89 112.13 38.68
CA PHE MA 517 23.36 111.14 37.75
C PHE MA 517 24.12 109.83 37.92
N ASP MA 518 23.38 108.73 38.05
CA ASP MA 518 23.99 107.43 38.28
C ASP MA 518 23.89 106.48 37.11
N SER MA 519 22.73 106.40 36.45
CA SER MA 519 22.53 105.44 35.37
C SER MA 519 21.19 105.69 34.71
N TRP MA 520 21.10 105.34 33.43
CA TRP MA 520 19.80 105.15 32.80
C TRP MA 520 19.21 103.82 33.24
N VAL MA 521 17.91 103.84 33.51
CA VAL MA 521 17.16 102.66 33.93
C VAL MA 521 15.87 102.62 33.13
N ASN MA 522 15.15 101.52 33.25
CA ASN MA 522 13.91 101.37 32.49
C ASN MA 522 12.73 101.74 33.39
N GLN MA 523 11.58 101.94 32.75
CA GLN MA 523 10.47 102.57 33.47
C GLN MA 523 9.90 101.67 34.57
N PHE MA 524 10.29 100.40 34.62
CA PHE MA 524 9.81 99.49 35.64
C PHE MA 524 10.64 99.56 36.92
N TYR MA 525 11.68 100.39 36.95
CA TYR MA 525 12.53 100.51 38.13
C TYR MA 525 11.75 101.05 39.32
N THR MA 526 11.83 100.34 40.44
CA THR MA 526 11.14 100.72 41.68
C THR MA 526 12.20 101.22 42.67
N LEU MA 527 12.08 102.47 43.08
CA LEU MA 527 13.12 103.13 43.87
C LEU MA 527 12.80 103.08 45.35
N ALA MA 528 13.87 103.08 46.16
CA ALA MA 528 13.74 103.01 47.61
C ALA MA 528 13.12 104.30 48.15
N PRO MA 529 12.23 104.21 49.14
CA PRO MA 529 11.63 105.39 49.77
C PRO MA 529 12.62 106.16 50.65
N MET NA 27 14.22 86.41 -41.48
CA MET NA 27 13.43 85.63 -42.44
C MET NA 27 13.61 86.18 -43.85
N ALA NA 28 13.12 87.40 -44.08
CA ALA NA 28 13.22 88.05 -45.38
C ALA NA 28 14.41 88.99 -45.51
N LEU NA 29 15.10 89.31 -44.41
CA LEU NA 29 16.30 90.14 -44.47
C LEU NA 29 17.49 89.41 -43.84
N GLU NA 30 18.67 89.65 -44.42
CA GLU NA 30 19.93 89.21 -43.84
C GLU NA 30 20.29 90.02 -42.61
N PRO NA 31 21.21 89.53 -41.79
CA PRO NA 31 21.78 90.37 -40.73
C PRO NA 31 22.56 91.54 -41.32
N VAL NA 32 22.60 92.63 -40.56
CA VAL NA 32 23.23 93.86 -41.00
C VAL NA 32 24.11 94.36 -39.86
N VAL NA 33 25.37 94.68 -40.17
CA VAL NA 33 26.33 95.06 -39.14
C VAL NA 33 25.97 96.42 -38.56
N GLY NA 34 26.20 96.59 -37.26
CA GLY NA 34 25.98 97.86 -36.60
C GLY NA 34 27.20 98.74 -36.61
N ALA NA 35 27.61 99.21 -35.43
CA ALA NA 35 28.71 100.17 -35.32
C ALA NA 35 30.08 99.51 -35.40
N ALA NA 36 30.16 98.18 -35.38
CA ALA NA 36 31.45 97.51 -35.44
C ALA NA 36 32.20 97.86 -36.72
N ILE NA 37 31.50 97.92 -37.85
CA ILE NA 37 32.13 98.27 -39.12
C ILE NA 37 32.73 99.67 -39.11
N ALA NA 38 32.25 100.54 -38.22
CA ALA NA 38 32.69 101.93 -38.22
C ALA NA 38 34.00 102.15 -37.49
N ALA NA 39 34.54 101.12 -36.86
CA ALA NA 39 35.70 101.29 -35.97
C ALA NA 39 36.88 102.02 -36.61
N PRO NA 40 37.31 101.71 -37.84
CA PRO NA 40 38.50 102.39 -38.38
C PRO NA 40 38.31 103.87 -38.64
N VAL NA 41 37.08 104.37 -38.76
CA VAL NA 41 36.85 105.77 -39.07
C VAL NA 41 36.10 106.51 -37.98
N ALA NA 42 35.59 105.82 -36.96
CA ALA NA 42 35.01 106.55 -35.84
C ALA NA 42 36.11 107.04 -34.89
N GLY NA 43 35.77 108.09 -34.14
CA GLY NA 43 36.70 108.59 -33.14
C GLY NA 43 36.92 107.64 -31.96
N GLN NA 44 35.92 106.83 -31.63
CA GLN NA 44 35.93 106.10 -30.37
C GLN NA 44 35.16 104.79 -30.50
N GLN NA 45 35.36 103.93 -29.51
CA GLN NA 45 34.62 102.68 -29.36
C GLN NA 45 33.81 102.80 -28.07
N ASN NA 46 32.49 102.66 -28.17
CA ASN NA 46 31.61 102.84 -27.03
C ASN NA 46 30.82 101.58 -26.72
N VAL NA 47 30.13 101.64 -25.59
CA VAL NA 47 29.32 100.53 -25.09
C VAL NA 47 28.01 101.09 -24.57
N ILE NA 48 26.93 100.39 -24.85
CA ILE NA 48 25.60 100.70 -24.34
C ILE NA 48 25.28 99.69 -23.25
N ASP NA 49 24.61 100.15 -22.19
CA ASP NA 49 24.19 99.24 -21.15
C ASP NA 49 23.40 98.09 -21.77
N PRO NA 50 23.87 96.84 -21.65
CA PRO NA 50 23.18 95.72 -22.30
C PRO NA 50 21.76 95.49 -21.81
N TRP NA 51 21.42 95.94 -20.59
CA TRP NA 51 20.06 95.76 -20.11
C TRP NA 51 19.04 96.50 -20.97
N ILE NA 52 19.43 97.60 -21.60
CA ILE NA 52 18.52 98.36 -22.45
C ILE NA 52 17.92 97.49 -23.54
N ARG NA 53 18.69 96.51 -24.04
CA ARG NA 53 18.20 95.63 -25.09
C ARG NA 53 17.42 94.43 -24.56
N ASN NA 54 17.33 94.27 -23.25
CA ASN NA 54 16.65 93.11 -22.67
C ASN NA 54 15.20 93.39 -22.32
N ASN NA 55 14.66 94.53 -22.74
CA ASN NA 55 13.31 94.94 -22.33
C ASN NA 55 12.65 95.72 -23.46
N PHE NA 56 11.51 95.25 -23.94
CA PHE NA 56 10.74 96.02 -24.91
C PHE NA 56 10.09 97.21 -24.21
N VAL NA 57 10.19 98.39 -24.83
CA VAL NA 57 9.68 99.62 -24.25
C VAL NA 57 9.02 100.47 -25.32
N GLN NA 58 7.99 101.20 -24.93
CA GLN NA 58 7.14 101.90 -25.88
C GLN NA 58 7.90 103.07 -26.52
N ALA NA 59 7.85 103.14 -27.85
CA ALA NA 59 8.53 104.20 -28.58
C ALA NA 59 7.94 105.57 -28.25
N PRO NA 60 8.77 106.63 -28.31
CA PRO NA 60 8.24 108.00 -28.18
C PRO NA 60 7.21 108.35 -29.25
N GLY NA 61 7.12 107.57 -30.32
CA GLY NA 61 6.10 107.76 -31.32
C GLY NA 61 5.53 106.39 -31.63
N GLY NA 62 5.13 105.70 -30.55
CA GLY NA 62 4.68 104.33 -30.60
C GLY NA 62 3.19 104.14 -30.36
N GLU NA 63 2.40 105.16 -30.68
CA GLU NA 63 0.95 105.04 -30.61
C GLU NA 63 0.37 105.33 -31.98
N PHE NA 64 -0.59 104.49 -32.39
CA PHE NA 64 -1.37 104.73 -33.59
C PHE NA 64 -2.72 104.05 -33.41
N THR NA 65 -3.63 104.36 -34.34
CA THR NA 65 -5.02 103.98 -34.17
C THR NA 65 -5.57 103.41 -35.48
N VAL NA 66 -6.40 102.37 -35.38
CA VAL NA 66 -7.17 101.87 -36.51
C VAL NA 66 -8.65 102.00 -36.14
N SER NA 67 -9.35 102.87 -36.85
CA SER NA 67 -10.77 103.12 -36.63
C SER NA 67 -11.48 102.98 -37.96
N PRO NA 68 -12.81 102.84 -37.97
CA PRO NA 68 -13.53 102.68 -39.25
C PRO NA 68 -13.49 103.93 -40.11
N ARG NA 69 -13.07 105.07 -39.58
CA ARG NA 69 -12.84 106.22 -40.44
C ARG NA 69 -11.64 106.00 -41.36
N ASN NA 70 -10.72 105.13 -40.98
CA ASN NA 70 -9.54 104.85 -41.79
C ASN NA 70 -9.88 103.89 -42.92
N ALA NA 71 -9.17 104.04 -44.03
CA ALA NA 71 -9.32 103.17 -45.18
C ALA NA 71 -7.96 102.65 -45.60
N PRO NA 72 -7.93 101.54 -46.34
CA PRO NA 72 -6.66 101.08 -46.91
C PRO NA 72 -6.03 102.14 -47.79
N GLY NA 73 -4.69 102.19 -47.75
CA GLY NA 73 -3.89 103.14 -48.46
C GLY NA 73 -3.33 104.24 -47.58
N GLU NA 74 -4.01 104.54 -46.47
CA GLU NA 74 -3.51 105.50 -45.51
C GLU NA 74 -2.41 104.85 -44.68
N ILE NA 75 -1.25 105.48 -44.61
CA ILE NA 75 -0.19 104.97 -43.74
C ILE NA 75 -0.52 105.44 -42.33
N LEU NA 76 -1.05 104.51 -41.52
CA LEU NA 76 -1.56 104.85 -40.19
C LEU NA 76 -0.44 105.05 -39.19
N TRP NA 77 0.75 104.54 -39.45
CA TRP NA 77 1.86 104.65 -38.52
C TRP NA 77 3.16 104.46 -39.30
N SER NA 78 4.17 105.22 -38.90
CA SER NA 78 5.48 105.07 -39.53
C SER NA 78 6.53 105.63 -38.59
N ALA NA 79 7.75 105.12 -38.74
CA ALA NA 79 8.86 105.54 -37.90
C ALA NA 79 10.16 105.24 -38.64
N PRO NA 80 11.15 106.11 -38.58
CA PRO NA 80 12.47 105.76 -39.10
C PRO NA 80 13.35 105.12 -38.04
N LEU NA 81 14.26 104.27 -38.48
CA LEU NA 81 15.23 103.70 -37.57
C LEU NA 81 16.14 104.80 -37.03
N GLY NA 82 16.40 104.75 -35.73
CA GLY NA 82 17.19 105.76 -35.07
C GLY NA 82 16.98 105.73 -33.57
N PRO NA 83 17.75 106.51 -32.83
CA PRO NA 83 17.63 106.47 -31.36
C PRO NA 83 16.25 106.90 -30.88
N ASP NA 84 15.50 107.66 -31.67
CA ASP NA 84 14.18 108.11 -31.25
C ASP NA 84 13.16 106.99 -31.19
N LEU NA 85 13.52 105.76 -31.59
CA LEU NA 85 12.62 104.62 -31.48
C LEU NA 85 12.52 104.09 -30.05
N ASN NA 86 13.34 104.58 -29.12
CA ASN NA 86 13.42 104.00 -27.80
C ASN NA 86 13.71 105.11 -26.80
N PRO NA 87 12.89 105.24 -25.75
CA PRO NA 87 13.09 106.34 -24.80
C PRO NA 87 14.43 106.28 -24.07
N TYR NA 88 14.96 105.09 -23.79
CA TYR NA 88 16.28 104.99 -23.18
C TYR NA 88 17.37 105.49 -24.14
N LEU NA 89 17.38 104.95 -25.36
CA LEU NA 89 18.33 105.42 -26.36
C LEU NA 89 18.13 106.90 -26.65
N SER NA 90 16.89 107.39 -26.54
CA SER NA 90 16.62 108.80 -26.82
C SER NA 90 17.36 109.69 -25.83
N HIS NA 91 17.33 109.34 -24.54
CA HIS NA 91 18.06 110.13 -23.56
C HIS NA 91 19.56 109.96 -23.77
N LEU NA 92 20.01 108.73 -24.05
CA LEU NA 92 21.42 108.49 -24.30
C LEU NA 92 21.91 109.34 -25.47
N ALA NA 93 21.08 109.52 -26.50
CA ALA NA 93 21.53 110.16 -27.72
C ALA NA 93 21.98 111.58 -27.48
N ARG NA 94 21.51 112.20 -26.39
CA ARG NA 94 21.98 113.53 -25.99
C ARG NA 94 23.45 113.52 -25.58
N MET NA 95 24.06 112.34 -25.48
CA MET NA 95 25.44 112.18 -25.07
C MET NA 95 26.33 111.67 -26.18
N TYR NA 96 25.77 111.38 -27.36
CA TYR NA 96 26.53 110.80 -28.44
C TYR NA 96 26.31 111.57 -29.73
N ASN NA 97 27.31 111.50 -30.61
CA ASN NA 97 27.27 112.22 -31.87
C ASN NA 97 26.71 111.38 -33.00
N GLY NA 98 26.82 110.06 -32.91
CA GLY NA 98 26.30 109.19 -33.95
C GLY NA 98 25.96 107.82 -33.44
N TYR NA 99 25.52 106.97 -34.37
CA TYR NA 99 25.04 105.64 -34.03
C TYR NA 99 25.04 104.78 -35.29
N ALA NA 100 24.88 103.47 -35.08
CA ALA NA 100 24.66 102.52 -36.15
C ALA NA 100 24.11 101.24 -35.55
N GLY NA 101 23.25 100.57 -36.29
CA GLY NA 101 22.66 99.32 -35.86
C GLY NA 101 21.15 99.39 -35.76
N GLY NA 102 20.56 98.22 -35.52
CA GLY NA 102 19.15 98.01 -35.72
C GLY NA 102 18.37 97.82 -34.42
N PHE NA 103 17.07 97.59 -34.59
CA PHE NA 103 16.16 97.41 -33.47
C PHE NA 103 15.35 96.14 -33.66
N GLU NA 104 14.78 95.66 -32.57
CA GLU NA 104 13.68 94.70 -32.57
C GLU NA 104 12.45 95.46 -32.12
N VAL NA 105 11.41 95.48 -32.94
CA VAL NA 105 10.17 96.18 -32.63
C VAL NA 105 9.05 95.20 -32.38
N GLN NA 106 8.20 95.51 -31.40
CA GLN NA 106 7.05 94.72 -31.00
C GLN NA 106 5.79 95.57 -31.11
N VAL NA 107 4.77 95.05 -31.80
CA VAL NA 107 3.51 95.76 -32.02
C VAL NA 107 2.39 95.06 -31.26
N ILE NA 108 1.55 95.84 -30.60
CA ILE NA 108 0.43 95.37 -29.80
C ILE NA 108 -0.86 96.00 -30.33
N LEU NA 109 -1.87 95.17 -30.57
CA LEU NA 109 -3.15 95.62 -31.12
C LEU NA 109 -4.27 95.28 -30.15
N ALA NA 110 -5.06 96.30 -29.78
CA ALA NA 110 -6.14 96.14 -28.80
C ALA NA 110 -7.48 95.98 -29.51
N GLY NA 111 -7.62 94.83 -30.17
CA GLY NA 111 -8.84 94.50 -30.89
C GLY NA 111 -9.81 93.73 -30.02
N ASN NA 112 -10.89 93.27 -30.66
CA ASN NA 112 -11.79 92.30 -30.03
C ASN NA 112 -12.44 91.45 -31.11
N ALA NA 113 -13.20 90.45 -30.67
CA ALA NA 113 -13.72 89.43 -31.58
C ALA NA 113 -14.70 89.98 -32.61
N PHE NA 114 -15.26 91.16 -32.38
CA PHE NA 114 -16.21 91.76 -33.30
C PHE NA 114 -15.50 92.62 -34.35
N THR NA 115 -14.16 92.70 -34.29
CA THR NA 115 -13.36 93.58 -35.12
C THR NA 115 -12.65 92.76 -36.18
N ALA NA 116 -13.11 92.85 -37.43
CA ALA NA 116 -12.44 92.19 -38.54
C ALA NA 116 -11.52 93.15 -39.29
N GLY NA 117 -10.48 92.62 -39.88
CA GLY NA 117 -9.56 93.38 -40.72
C GLY NA 117 -8.12 92.97 -40.46
N LYS NA 118 -7.25 93.31 -41.41
CA LYS NA 118 -5.83 92.99 -41.31
C LYS NA 118 -4.98 94.24 -41.41
N ILE NA 119 -3.92 94.30 -40.61
CA ILE NA 119 -2.91 95.36 -40.67
C ILE NA 119 -1.61 94.75 -41.17
N ILE NA 120 -0.96 95.45 -42.10
CA ILE NA 120 0.36 95.05 -42.58
C ILE NA 120 1.40 96.02 -42.06
N PHE NA 121 2.48 95.48 -41.51
CA PHE NA 121 3.68 96.24 -41.17
C PHE NA 121 4.77 95.89 -42.17
N ALA NA 122 5.50 96.90 -42.66
CA ALA NA 122 6.53 96.64 -43.66
C ALA NA 122 7.76 97.52 -43.42
N ALA NA 123 8.92 96.96 -43.75
CA ALA NA 123 10.18 97.68 -43.74
C ALA NA 123 10.48 98.14 -45.15
N VAL NA 124 10.54 99.45 -45.35
CA VAL NA 124 10.80 100.08 -46.65
C VAL NA 124 12.21 100.66 -46.61
N PRO NA 125 13.04 100.39 -47.61
CA PRO NA 125 14.47 100.71 -47.51
C PRO NA 125 14.71 102.21 -47.62
N PRO NA 126 15.93 102.67 -47.33
CA PRO NA 126 16.13 104.11 -47.04
C PRO NA 126 15.69 105.11 -48.11
N ASN NA 127 15.83 104.80 -49.39
CA ASN NA 127 15.50 105.81 -50.40
C ASN NA 127 14.33 105.41 -51.30
N PHE NA 128 13.43 104.57 -50.80
CA PHE NA 128 12.26 104.24 -51.60
C PHE NA 128 11.09 105.12 -51.19
N PRO NA 129 10.40 105.74 -52.15
CA PRO NA 129 9.30 106.66 -51.81
C PRO NA 129 8.06 105.90 -51.36
N THR NA 130 7.52 106.29 -50.21
CA THR NA 130 6.32 105.61 -49.71
C THR NA 130 5.03 106.14 -50.32
N GLU NA 131 5.04 107.28 -51.00
CA GLU NA 131 3.79 107.93 -51.34
C GLU NA 131 3.05 107.13 -52.41
N GLY NA 132 1.73 107.04 -52.25
CA GLY NA 132 0.90 106.41 -53.25
C GLY NA 132 0.89 104.90 -53.23
N LEU NA 133 1.50 104.28 -52.22
CA LEU NA 133 1.61 102.83 -52.17
C LEU NA 133 0.24 102.20 -51.99
N SER NA 134 -0.02 101.14 -52.74
CA SER NA 134 -1.21 100.33 -52.55
C SER NA 134 -0.94 99.24 -51.53
N PRO NA 135 -1.98 98.69 -50.89
CA PRO NA 135 -1.75 97.58 -49.96
C PRO NA 135 -1.06 96.39 -50.63
N SER NA 136 -1.44 96.08 -51.88
CA SER NA 136 -0.73 95.05 -52.64
C SER NA 136 0.77 95.31 -52.69
N GLN NA 137 1.15 96.56 -52.99
CA GLN NA 137 2.57 96.88 -53.16
C GLN NA 137 3.33 96.71 -51.85
N VAL NA 138 2.71 97.07 -50.72
CA VAL NA 138 3.38 96.99 -49.44
C VAL NA 138 3.84 95.57 -49.13
N THR NA 139 3.09 94.57 -49.60
CA THR NA 139 3.50 93.18 -49.43
C THR NA 139 4.81 92.84 -50.16
N MET NA 140 5.27 93.69 -51.07
CA MET NA 140 6.49 93.41 -51.80
C MET NA 140 7.74 93.78 -51.00
N PHE NA 141 7.58 94.43 -49.87
CA PHE NA 141 8.64 94.65 -48.90
C PHE NA 141 8.72 93.49 -47.93
N PRO NA 142 9.79 93.39 -47.14
CA PRO NA 142 9.73 92.55 -45.95
C PRO NA 142 8.54 93.00 -45.10
N HIS NA 143 7.70 92.05 -44.71
CA HIS NA 143 6.45 92.46 -44.07
C HIS NA 143 5.91 91.35 -43.18
N ILE NA 144 4.93 91.73 -42.38
CA ILE NA 144 4.08 90.83 -41.60
C ILE NA 144 2.64 91.29 -41.75
N ILE NA 145 1.72 90.34 -41.86
CA ILE NA 145 0.30 90.65 -41.95
C ILE NA 145 -0.36 90.12 -40.68
N VAL NA 146 -0.89 91.02 -39.87
CA VAL NA 146 -1.41 90.69 -38.54
C VAL NA 146 -2.90 91.05 -38.49
N ASP NA 147 -3.71 90.13 -37.96
CA ASP NA 147 -5.14 90.36 -37.86
C ASP NA 147 -5.41 91.23 -36.64
N VAL NA 148 -6.39 92.14 -36.77
CA VAL NA 148 -6.62 93.12 -35.71
C VAL NA 148 -7.03 92.50 -34.38
N ARG NA 149 -7.58 91.29 -34.38
CA ARG NA 149 -8.05 90.71 -33.13
C ARG NA 149 -7.00 89.82 -32.44
N GLN NA 150 -5.75 89.85 -32.89
CA GLN NA 150 -4.69 89.11 -32.20
C GLN NA 150 -4.42 89.67 -30.80
N LEU NA 151 -4.24 88.75 -29.84
CA LEU NA 151 -3.93 89.10 -28.47
C LEU NA 151 -2.43 89.22 -28.23
N GLU NA 152 -1.67 88.21 -28.69
CA GLU NA 152 -0.24 88.19 -28.45
C GLU NA 152 0.47 89.22 -29.34
N PRO NA 153 1.51 89.88 -28.83
CA PRO NA 153 2.25 90.85 -29.65
C PRO NA 153 2.96 90.18 -30.83
N VAL NA 154 3.19 90.98 -31.87
CA VAL NA 154 3.94 90.56 -33.05
C VAL NA 154 5.34 91.20 -33.03
N LEU NA 155 6.35 90.41 -33.42
CA LEU NA 155 7.76 90.83 -33.41
C LEU NA 155 8.28 91.08 -34.83
N ILE NA 156 8.85 92.26 -35.05
CA ILE NA 156 9.39 92.66 -36.35
C ILE NA 156 10.87 92.97 -36.18
N PRO NA 157 11.76 92.39 -36.98
CA PRO NA 157 13.17 92.83 -36.98
C PRO NA 157 13.37 94.06 -37.87
N LEU NA 158 14.15 95.02 -37.37
CA LEU NA 158 14.42 96.26 -38.11
C LEU NA 158 15.92 96.50 -38.24
N PRO NA 159 16.54 96.01 -39.31
CA PRO NA 159 17.99 96.17 -39.46
C PRO NA 159 18.36 97.52 -40.06
N ASP NA 160 19.55 97.99 -39.73
CA ASP NA 160 20.00 99.32 -40.13
C ASP NA 160 20.67 99.27 -41.51
N VAL NA 161 19.86 98.93 -42.51
CA VAL NA 161 20.30 99.01 -43.90
C VAL NA 161 20.73 100.42 -44.23
N ARG NA 162 21.90 100.55 -44.86
CA ARG NA 162 22.53 101.85 -45.12
C ARG NA 162 23.67 101.63 -46.10
N ASN NA 163 24.21 102.74 -46.61
CA ASN NA 163 25.36 102.69 -47.51
C ASN NA 163 26.54 103.51 -47.00
N ASN NA 164 26.55 103.86 -45.71
CA ASN NA 164 27.68 104.52 -45.10
C ASN NA 164 28.03 103.81 -43.80
N PHE NA 165 29.13 104.23 -43.17
CA PHE NA 165 29.63 103.51 -42.00
C PHE NA 165 28.68 103.66 -40.82
N TYR NA 166 28.08 104.84 -40.66
CA TYR NA 166 27.19 105.10 -39.53
C TYR NA 166 26.41 106.39 -39.80
N HIS NA 167 25.52 106.71 -38.87
CA HIS NA 167 24.62 107.85 -38.99
C HIS NA 167 25.03 108.93 -37.99
N TYR NA 168 24.84 110.19 -38.37
CA TYR NA 168 25.01 111.31 -37.44
C TYR NA 168 23.66 111.72 -36.86
N ASN NA 169 23.66 112.07 -35.57
CA ASN NA 169 22.43 112.53 -34.93
C ASN NA 169 21.96 113.85 -35.51
N GLN NA 170 22.89 114.74 -35.82
CA GLN NA 170 22.59 116.09 -36.27
C GLN NA 170 22.27 116.17 -37.76
N SER NA 171 22.26 115.06 -38.47
CA SER NA 171 22.02 115.04 -39.91
C SER NA 171 20.69 114.39 -40.22
N ASN NA 172 20.17 114.69 -41.42
CA ASN NA 172 18.91 114.14 -41.90
C ASN NA 172 19.12 113.00 -42.88
N ASP NA 173 20.23 112.28 -42.75
CA ASP NA 173 20.49 111.10 -43.58
C ASP NA 173 19.33 110.11 -43.43
N PRO NA 174 18.81 109.58 -44.53
CA PRO NA 174 17.63 108.71 -44.45
C PRO NA 174 17.99 107.30 -43.96
N THR NA 175 17.03 106.70 -43.25
CA THR NA 175 17.20 105.37 -42.70
C THR NA 175 16.03 104.49 -43.14
N ILE NA 176 16.14 103.20 -42.84
CA ILE NA 176 15.03 102.30 -43.09
C ILE NA 176 13.81 102.77 -42.32
N LYS NA 177 12.64 102.66 -42.94
CA LYS NA 177 11.38 103.09 -42.35
C LYS NA 177 10.48 101.88 -42.14
N LEU NA 178 9.82 101.81 -40.99
CA LEU NA 178 8.76 100.85 -40.75
C LEU NA 178 7.40 101.54 -40.86
N ILE NA 179 6.50 100.97 -41.68
CA ILE NA 179 5.22 101.58 -41.99
C ILE NA 179 4.11 100.58 -41.67
N ALA NA 180 2.97 101.10 -41.17
CA ALA NA 180 1.79 100.29 -40.88
C ALA NA 180 0.59 100.85 -41.63
N MET NA 181 -0.16 99.97 -42.29
CA MET NA 181 -1.38 100.40 -42.97
C MET NA 181 -2.39 99.27 -43.00
N LEU NA 182 -3.65 99.64 -43.21
CA LEU NA 182 -4.74 98.68 -43.35
C LEU NA 182 -4.55 97.88 -44.65
N TYR NA 183 -4.46 96.56 -44.53
CA TYR NA 183 -4.25 95.69 -45.67
C TYR NA 183 -5.56 95.25 -46.29
N THR NA 184 -6.59 95.07 -45.48
CA THR NA 184 -7.97 94.83 -45.88
C THR NA 184 -8.84 95.82 -45.13
N PRO NA 185 -10.00 96.19 -45.68
CA PRO NA 185 -10.85 97.15 -44.97
C PRO NA 185 -11.23 96.65 -43.59
N LEU NA 186 -11.33 97.59 -42.65
CA LEU NA 186 -11.73 97.33 -41.29
C LEU NA 186 -13.24 97.31 -41.15
N ARG NA 187 -13.77 96.24 -40.58
CA ARG NA 187 -15.20 96.11 -40.33
C ARG NA 187 -15.42 96.08 -38.82
N ALA NA 188 -16.37 96.89 -38.35
CA ALA NA 188 -16.59 97.03 -36.91
C ALA NA 188 -18.03 97.42 -36.61
N VAL NA 195 -17.68 103.40 -34.62
CA VAL NA 195 -17.38 104.07 -33.36
C VAL NA 195 -16.18 103.41 -32.67
N PHE NA 196 -16.08 102.10 -32.81
CA PHE NA 196 -15.03 101.33 -32.15
C PHE NA 196 -13.66 101.69 -32.70
N THR NA 197 -12.80 102.24 -31.85
CA THR NA 197 -11.42 102.49 -32.20
C THR NA 197 -10.53 101.37 -31.65
N VAL NA 198 -9.58 100.93 -32.48
CA VAL NA 198 -8.60 99.93 -32.09
C VAL NA 198 -7.32 100.67 -31.69
N SER NA 199 -7.01 100.64 -30.39
CA SER NA 199 -5.80 101.28 -29.90
C SER NA 199 -4.61 100.37 -30.17
N CYS NA 200 -3.54 100.94 -30.72
CA CYS NA 200 -2.34 100.19 -31.05
C CYS NA 200 -1.13 100.82 -30.41
N ARG NA 201 -0.18 99.98 -29.99
CA ARG NA 201 1.04 100.45 -29.36
C ARG NA 201 2.24 99.76 -29.99
N VAL NA 202 3.31 100.51 -30.19
CA VAL NA 202 4.56 100.03 -30.77
C VAL NA 202 5.65 100.13 -29.71
N LEU NA 203 6.30 99.00 -29.42
CA LEU NA 203 7.42 98.96 -28.50
C LEU NA 203 8.67 98.49 -29.24
N THR NA 204 9.84 98.89 -28.75
CA THR NA 204 11.10 98.55 -29.40
C THR NA 204 12.16 98.22 -28.36
N ARG NA 205 13.26 97.64 -28.84
CA ARG NA 205 14.47 97.48 -28.04
C ARG NA 205 15.64 97.33 -29.01
N PRO NA 206 16.82 97.80 -28.63
CA PRO NA 206 17.95 97.77 -29.57
C PRO NA 206 18.42 96.36 -29.87
N SER NA 207 18.79 96.13 -31.13
CA SER NA 207 19.45 94.90 -31.53
C SER NA 207 20.79 94.79 -30.80
N PRO NA 208 21.38 93.59 -30.76
CA PRO NA 208 22.72 93.48 -30.14
C PRO NA 208 23.81 94.26 -30.87
N ASP NA 209 23.65 94.50 -32.17
CA ASP NA 209 24.66 95.22 -32.94
C ASP NA 209 24.50 96.74 -32.89
N PHE NA 210 23.46 97.24 -32.22
CA PHE NA 210 23.31 98.68 -32.10
C PHE NA 210 24.33 99.24 -31.11
N ASP NA 211 24.85 100.42 -31.41
CA ASP NA 211 25.78 101.11 -30.54
C ASP NA 211 25.87 102.57 -30.91
N PHE NA 212 26.14 103.41 -29.92
CA PHE NA 212 26.41 104.81 -30.15
C PHE NA 212 27.90 104.99 -30.46
N ILE NA 213 28.27 106.17 -30.97
CA ILE NA 213 29.63 106.27 -31.47
C ILE NA 213 30.53 107.31 -30.80
N PHE NA 214 30.17 108.58 -30.78
CA PHE NA 214 31.12 109.56 -30.27
C PHE NA 214 30.54 110.30 -29.06
N LEU NA 215 31.22 110.18 -27.92
CA LEU NA 215 30.77 110.82 -26.68
C LEU NA 215 30.88 112.33 -26.80
N VAL NA 216 29.81 113.03 -26.44
CA VAL NA 216 29.79 114.47 -26.68
C VAL NA 216 28.94 115.13 -25.59
N PRO NA 217 29.21 116.37 -25.19
CA PRO NA 217 28.42 117.00 -24.13
C PRO NA 217 27.00 117.27 -24.56
N PRO NA 218 26.01 116.99 -23.70
CA PRO NA 218 24.65 117.45 -23.99
C PRO NA 218 24.57 118.96 -23.85
N THR NA 219 24.65 119.69 -24.96
CA THR NA 219 24.51 121.13 -24.97
C THR NA 219 23.10 121.52 -25.41
N VAL NA 220 22.82 122.83 -25.29
CA VAL NA 220 21.52 123.35 -25.70
C VAL NA 220 21.43 123.46 -27.22
N GLU NA 221 22.48 123.96 -27.87
CA GLU NA 221 22.46 124.16 -29.32
C GLU NA 221 22.38 122.85 -30.10
N SER NA 222 22.50 121.70 -29.43
CA SER NA 222 22.43 120.42 -30.13
C SER NA 222 21.07 120.24 -30.78
N ARG NA 223 20.00 120.62 -30.07
CA ARG NA 223 18.62 120.39 -30.47
C ARG NA 223 18.32 118.90 -30.44
N THR NA 224 18.82 118.23 -29.41
CA THR NA 224 18.53 116.84 -29.11
C THR NA 224 17.63 116.71 -27.89
N LYS NA 225 17.25 117.83 -27.28
CA LYS NA 225 16.35 117.79 -26.14
C LYS NA 225 15.01 117.23 -26.59
N PRO NA 226 14.42 116.30 -25.86
CA PRO NA 226 13.13 115.75 -26.27
C PRO NA 226 12.00 116.72 -25.99
N PHE NA 227 10.95 116.60 -26.80
CA PHE NA 227 9.87 117.58 -26.78
C PHE NA 227 8.96 117.35 -25.59
N THR NA 228 8.57 118.46 -24.96
CA THR NA 228 7.69 118.44 -23.80
C THR NA 228 6.74 119.63 -23.87
N VAL NA 229 5.78 119.62 -22.96
CA VAL NA 229 4.78 120.67 -22.84
C VAL NA 229 4.75 121.08 -21.37
N PRO NA 230 4.74 122.37 -21.05
CA PRO NA 230 4.90 122.79 -19.66
C PRO NA 230 3.84 122.19 -18.74
N ILE NA 231 4.24 121.93 -17.50
CA ILE NA 231 3.36 121.35 -16.49
C ILE NA 231 2.41 122.36 -15.89
N LEU NA 232 2.47 123.62 -16.32
CA LEU NA 232 1.63 124.66 -15.76
C LEU NA 232 0.15 124.35 -15.93
N THR NA 233 -0.64 124.86 -14.99
CA THR NA 233 -2.10 124.77 -15.03
C THR NA 233 -2.69 125.86 -15.91
N VAL NA 234 -3.87 125.58 -16.47
CA VAL NA 234 -4.59 126.57 -17.27
C VAL NA 234 -4.73 127.89 -16.53
N GLU NA 235 -5.14 127.83 -15.26
CA GLU NA 235 -5.32 129.06 -14.48
C GLU NA 235 -4.03 129.85 -14.31
N GLU NA 236 -2.89 129.18 -14.19
CA GLU NA 236 -1.64 129.89 -13.93
C GLU NA 236 -0.92 130.36 -15.19
N MET NA 237 -1.51 130.14 -16.37
CA MET NA 237 -0.88 130.59 -17.60
C MET NA 237 -1.55 131.87 -18.09
N THR NA 238 -1.05 132.39 -19.22
CA THR NA 238 -1.42 133.72 -19.67
C THR NA 238 -1.81 133.66 -21.13
N ASN NA 239 -2.82 134.46 -21.50
CA ASN NA 239 -3.28 134.50 -22.88
C ASN NA 239 -2.23 135.17 -23.76
N SER NA 240 -2.11 134.67 -24.98
CA SER NA 240 -1.08 135.11 -25.90
C SER NA 240 -1.58 136.20 -26.84
N ARG NA 241 -2.86 136.56 -26.75
CA ARG NA 241 -3.48 137.57 -27.60
C ARG NA 241 -3.86 138.83 -26.87
N PHE NA 242 -3.75 138.86 -25.53
CA PHE NA 242 -4.05 140.01 -24.70
C PHE NA 242 -3.45 139.78 -23.33
N PRO NA 243 -2.86 140.81 -22.69
CA PRO NA 243 -2.16 140.58 -21.41
C PRO NA 243 -3.13 140.28 -20.27
N ILE NA 244 -3.79 139.13 -20.34
CA ILE NA 244 -4.72 138.69 -19.31
C ILE NA 244 -4.52 137.20 -19.04
N PRO NA 245 -4.79 136.76 -17.83
CA PRO NA 245 -4.62 135.34 -17.52
C PRO NA 245 -5.66 134.48 -18.23
N LEU NA 246 -5.33 133.20 -18.37
CA LEU NA 246 -6.26 132.22 -18.92
C LEU NA 246 -7.29 131.82 -17.88
N GLU NA 247 -8.41 131.26 -18.37
CA GLU NA 247 -9.53 130.99 -17.49
C GLU NA 247 -10.12 129.60 -17.68
N LYS NA 248 -10.37 129.20 -18.93
CA LYS NA 248 -10.94 127.89 -19.18
C LYS NA 248 -10.53 127.40 -20.57
N LEU NA 249 -10.80 126.12 -20.80
CA LEU NA 249 -10.65 125.49 -22.11
C LEU NA 249 -12.00 125.44 -22.80
N PHE NA 250 -12.01 125.77 -24.10
CA PHE NA 250 -13.26 125.86 -24.85
C PHE NA 250 -13.11 125.20 -26.21
N THR NA 251 -14.11 124.40 -26.58
CA THR NA 251 -14.22 123.82 -27.91
C THR NA 251 -15.44 124.41 -28.60
N GLY NA 252 -15.33 124.65 -29.90
CA GLY NA 252 -16.48 125.04 -30.68
C GLY NA 252 -16.30 124.85 -32.17
N PRO NA 253 -17.41 124.82 -32.89
CA PRO NA 253 -17.34 124.81 -34.36
C PRO NA 253 -16.85 126.13 -34.90
N SER NA 254 -16.11 126.07 -36.01
CA SER NA 254 -15.48 127.26 -36.57
C SER NA 254 -15.89 127.48 -38.02
N GLY NA 255 -17.03 126.92 -38.45
CA GLY NA 255 -17.44 127.09 -39.83
C GLY NA 255 -17.83 128.52 -40.14
N ALA NA 256 -18.41 129.23 -39.17
CA ALA NA 256 -18.85 130.60 -39.38
C ALA NA 256 -17.67 131.54 -39.60
N PHE NA 257 -16.64 131.42 -38.77
CA PHE NA 257 -15.55 132.38 -38.75
C PHE NA 257 -14.34 131.84 -39.51
N VAL NA 258 -13.31 132.66 -39.61
CA VAL NA 258 -12.00 132.25 -40.10
C VAL NA 258 -11.02 132.43 -38.96
N VAL NA 259 -10.49 131.32 -38.44
CA VAL NA 259 -9.58 131.35 -37.30
C VAL NA 259 -8.19 131.61 -37.85
N GLN NA 260 -7.72 132.86 -37.74
CA GLN NA 260 -6.41 133.21 -38.24
C GLN NA 260 -5.73 134.25 -37.35
N PRO NA 261 -5.65 134.05 -36.04
CA PRO NA 261 -4.96 135.03 -35.19
C PRO NA 261 -3.48 135.11 -35.56
N GLN NA 262 -2.88 136.25 -35.24
CA GLN NA 262 -1.47 136.47 -35.51
C GLN NA 262 -0.62 136.57 -34.25
N ASN NA 263 -1.23 136.60 -33.07
CA ASN NA 263 -0.50 136.51 -31.82
C ASN NA 263 -0.70 135.12 -31.23
N GLY NA 264 0.30 134.67 -30.48
CA GLY NA 264 0.26 133.31 -29.97
C GLY NA 264 0.28 132.33 -31.12
N ARG NA 265 1.20 132.54 -32.04
CA ARG NA 265 1.45 131.64 -33.17
C ARG NA 265 2.90 131.18 -33.08
N CYS NA 266 3.10 129.89 -32.84
CA CYS NA 266 4.43 129.34 -32.66
C CYS NA 266 4.41 127.87 -33.08
N THR NA 267 5.51 127.42 -33.68
CA THR NA 267 5.67 126.04 -34.07
C THR NA 267 6.19 125.25 -32.87
N THR NA 268 5.86 123.96 -32.83
CA THR NA 268 6.36 123.10 -31.76
C THR NA 268 7.87 123.12 -31.63
N ASP NA 269 8.61 123.30 -32.74
CA ASP NA 269 10.05 123.41 -32.66
C ASP NA 269 10.52 124.84 -32.44
N GLY NA 270 9.62 125.76 -32.11
CA GLY NA 270 10.01 127.06 -31.62
C GLY NA 270 10.15 128.15 -32.66
N VAL NA 271 9.50 128.02 -33.81
CA VAL NA 271 9.50 129.09 -34.81
C VAL NA 271 8.28 129.98 -34.58
N LEU NA 272 8.53 131.26 -34.30
CA LEU NA 272 7.45 132.22 -34.11
C LEU NA 272 6.85 132.62 -35.45
N LEU NA 273 5.54 132.88 -35.43
CA LEU NA 273 4.78 133.17 -36.65
C LEU NA 273 3.97 134.44 -36.46
N GLY NA 274 3.59 135.06 -37.58
CA GLY NA 274 2.74 136.24 -37.53
C GLY NA 274 3.40 137.37 -36.78
N THR NA 275 2.63 138.00 -35.89
CA THR NA 275 3.11 139.13 -35.08
C THR NA 275 3.54 138.70 -33.68
N THR NA 276 3.86 137.41 -33.50
CA THR NA 276 4.05 136.87 -32.16
C THR NA 276 5.44 137.20 -31.64
N GLN NA 277 5.49 137.58 -30.36
CA GLN NA 277 6.74 137.85 -29.67
C GLN NA 277 6.69 137.21 -28.29
N LEU NA 278 7.77 137.37 -27.52
CA LEU NA 278 7.95 136.54 -26.34
C LEU NA 278 7.40 137.16 -25.07
N SER NA 279 7.34 138.48 -24.97
CA SER NA 279 6.96 139.12 -23.72
C SER NA 279 5.45 139.08 -23.55
N PRO NA 280 4.93 138.51 -22.45
CA PRO NA 280 3.47 138.49 -22.24
C PRO NA 280 2.89 139.83 -21.86
N VAL NA 281 3.71 140.86 -21.70
CA VAL NA 281 3.25 142.17 -21.28
C VAL NA 281 3.08 143.13 -22.46
N ASN NA 282 3.80 142.89 -23.57
CA ASN NA 282 3.76 143.74 -24.74
C ASN NA 282 2.77 143.25 -25.78
N ILE NA 283 1.74 142.52 -25.37
CA ILE NA 283 0.92 141.81 -26.33
C ILE NA 283 -0.04 142.74 -27.07
N CYS NA 284 -0.58 143.76 -26.41
CA CYS NA 284 -1.37 144.78 -27.09
C CYS NA 284 -0.92 146.19 -26.72
N THR NA 285 0.37 146.45 -26.87
CA THR NA 285 0.94 147.73 -26.50
C THR NA 285 1.50 148.43 -27.74
N PHE NA 286 1.67 149.75 -27.60
CA PHE NA 286 2.30 150.58 -28.62
C PHE NA 286 3.24 151.56 -27.95
N ARG NA 287 4.37 151.83 -28.60
CA ARG NA 287 5.34 152.80 -28.11
C ARG NA 287 5.75 153.70 -29.25
N GLY NA 288 5.89 154.99 -28.97
CA GLY NA 288 6.38 155.91 -29.99
C GLY NA 288 6.17 157.36 -29.58
N ASP NA 289 6.32 158.23 -30.59
CA ASP NA 289 6.12 159.66 -30.46
C ASP NA 289 4.72 160.01 -30.95
N VAL NA 290 4.11 161.01 -30.32
CA VAL NA 290 2.71 161.28 -30.53
C VAL NA 290 2.50 162.70 -31.06
N THR NA 291 1.44 162.86 -31.85
CA THR NA 291 1.14 164.08 -32.61
C THR NA 291 -0.34 164.39 -32.47
N HIS NA 292 -0.66 165.66 -32.23
CA HIS NA 292 -2.05 166.07 -32.09
C HIS NA 292 -2.73 166.17 -33.44
N ILE NA 293 -4.02 165.82 -33.48
CA ILE NA 293 -4.86 166.01 -34.65
C ILE NA 293 -5.74 167.24 -34.41
N ALA NA 294 -5.60 168.23 -35.27
CA ALA NA 294 -6.16 169.55 -35.00
C ALA NA 294 -7.67 169.50 -34.87
N GLY NA 295 -8.18 170.10 -33.79
CA GLY NA 295 -9.60 170.25 -33.58
C GLY NA 295 -10.28 169.10 -32.87
N THR NA 296 -9.56 168.04 -32.53
CA THR NA 296 -10.13 166.86 -31.89
C THR NA 296 -9.37 166.56 -30.62
N HIS NA 297 -9.81 165.52 -29.92
CA HIS NA 297 -9.06 164.93 -28.83
C HIS NA 297 -8.24 163.73 -29.28
N ASP NA 298 -7.99 163.61 -30.58
CA ASP NA 298 -7.31 162.47 -31.17
C ASP NA 298 -5.83 162.77 -31.35
N TYR NA 299 -5.02 161.71 -31.23
CA TYR NA 299 -3.58 161.81 -31.45
C TYR NA 299 -3.11 160.73 -32.40
N THR NA 300 -2.03 161.03 -33.12
CA THR NA 300 -1.37 160.09 -34.01
C THR NA 300 -0.04 159.66 -33.41
N MET NA 301 0.18 158.36 -33.32
CA MET NA 301 1.41 157.79 -32.79
C MET NA 301 2.25 157.21 -33.92
N ASN NA 302 3.46 157.73 -34.07
CA ASN NA 302 4.44 157.17 -35.00
C ASN NA 302 5.22 156.09 -34.25
N LEU NA 303 5.18 154.86 -34.78
CA LEU NA 303 5.51 153.70 -33.99
C LEU NA 303 7.02 153.49 -33.88
N ALA NA 304 7.41 152.70 -32.89
CA ALA NA 304 8.78 152.25 -32.70
C ALA NA 304 8.74 150.77 -32.32
N SER NA 305 9.93 150.18 -32.19
CA SER NA 305 10.06 148.77 -31.82
C SER NA 305 9.69 148.59 -30.35
N GLN NA 306 9.58 147.33 -29.92
CA GLN NA 306 9.37 147.05 -28.50
C GLN NA 306 10.50 147.62 -27.66
N ASN NA 307 11.74 147.42 -28.10
CA ASN NA 307 12.85 148.26 -27.65
C ASN NA 307 12.68 149.64 -28.27
N TRP NA 308 13.13 150.68 -27.58
CA TRP NA 308 12.89 152.02 -28.12
C TRP NA 308 13.88 152.25 -29.26
N ASN NA 309 13.58 151.62 -30.39
CA ASN NA 309 14.34 151.71 -31.63
C ASN NA 309 13.38 152.06 -32.75
N ASN NA 310 13.92 152.55 -33.86
CA ASN NA 310 13.08 152.85 -35.01
C ASN NA 310 12.44 151.57 -35.54
N TYR NA 311 11.22 151.71 -36.05
CA TYR NA 311 10.48 150.61 -36.65
C TYR NA 311 10.71 150.56 -38.16
N ASP NA 312 11.02 149.38 -38.68
CA ASP NA 312 11.26 149.19 -40.10
C ASP NA 312 10.04 148.49 -40.69
N PRO NA 313 9.25 149.16 -41.54
CA PRO NA 313 8.00 148.56 -42.03
C PRO NA 313 8.19 147.39 -43.00
N THR NA 314 9.42 147.05 -43.38
CA THR NA 314 9.67 145.95 -44.30
C THR NA 314 10.37 144.79 -43.62
N GLU NA 315 9.72 144.18 -42.62
CA GLU NA 315 10.36 143.13 -41.81
C GLU NA 315 9.79 141.74 -42.08
N GLU NA 316 9.18 141.51 -43.24
CA GLU NA 316 8.61 140.20 -43.58
C GLU NA 316 7.52 139.77 -42.59
N ILE NA 317 6.95 140.71 -41.87
CA ILE NA 317 5.90 140.44 -40.88
C ILE NA 317 4.67 141.28 -41.23
N PRO NA 318 3.46 140.84 -40.85
CA PRO NA 318 2.26 141.62 -41.16
C PRO NA 318 2.21 142.98 -40.48
N ALA NA 319 2.88 143.13 -39.34
CA ALA NA 319 2.81 144.35 -38.54
C ALA NA 319 3.87 144.26 -37.46
N PRO NA 320 4.15 145.32 -36.71
CA PRO NA 320 5.10 145.19 -35.59
C PRO NA 320 4.61 144.16 -34.58
N LEU NA 321 5.57 143.50 -33.94
CA LEU NA 321 5.24 142.41 -33.04
C LEU NA 321 4.44 142.94 -31.85
N GLY NA 322 3.35 142.25 -31.52
CA GLY NA 322 2.46 142.70 -30.47
C GLY NA 322 1.30 143.55 -30.96
N THR NA 323 1.16 143.74 -32.25
CA THR NA 323 0.02 144.47 -32.78
C THR NA 323 -1.25 143.66 -32.54
N PRO NA 324 -2.34 144.29 -32.09
CA PRO NA 324 -3.60 143.55 -31.93
C PRO NA 324 -3.97 142.78 -33.19
N ASP NA 325 -4.57 141.61 -32.99
CA ASP NA 325 -4.92 140.71 -34.08
C ASP NA 325 -6.42 140.54 -34.22
N PHE NA 326 -7.20 141.53 -33.78
CA PHE NA 326 -8.64 141.50 -33.93
C PHE NA 326 -9.18 142.90 -34.13
N VAL NA 327 -10.37 142.99 -34.68
CA VAL NA 327 -11.03 144.27 -34.94
C VAL NA 327 -11.90 144.63 -33.75
N GLY NA 328 -11.68 145.81 -33.20
CA GLY NA 328 -12.40 146.24 -32.03
C GLY NA 328 -11.77 147.51 -31.48
N LYS NA 329 -12.38 148.02 -30.43
CA LYS NA 329 -11.89 149.24 -29.77
C LYS NA 329 -11.27 148.85 -28.44
N ILE NA 330 -9.95 149.03 -28.34
CA ILE NA 330 -9.19 148.68 -27.14
C ILE NA 330 -8.90 149.96 -26.37
N GLN NA 331 -9.38 150.02 -25.13
CA GLN NA 331 -9.17 151.19 -24.28
C GLN NA 331 -8.05 150.91 -23.29
N GLY NA 332 -7.20 151.89 -23.09
CA GLY NA 332 -6.10 151.78 -22.14
C GLY NA 332 -5.68 153.13 -21.62
N VAL NA 333 -4.37 153.36 -21.52
CA VAL NA 333 -3.81 154.58 -20.96
C VAL NA 333 -2.57 154.95 -21.74
N LEU NA 334 -2.48 156.20 -22.18
CA LEU NA 334 -1.26 156.73 -22.78
C LEU NA 334 -0.38 157.30 -21.67
N THR NA 335 0.89 156.92 -21.67
CA THR NA 335 1.84 157.32 -20.65
C THR NA 335 3.06 157.96 -21.29
N GLN NA 336 3.59 159.00 -20.65
CA GLN NA 336 4.65 159.81 -21.24
C GLN NA 336 5.56 160.31 -20.14
N THR NA 337 6.84 160.46 -20.47
CA THR NA 337 7.83 160.97 -19.53
C THR NA 337 8.74 161.94 -20.26
N THR NA 338 8.91 163.14 -19.69
CA THR NA 338 9.78 164.16 -20.29
C THR NA 338 11.19 164.01 -19.73
N ARG NA 339 12.16 163.79 -20.61
CA ARG NA 339 13.54 163.61 -20.19
C ARG NA 339 14.13 164.91 -19.67
N GLY NA 340 14.92 164.81 -18.60
CA GLY NA 340 15.56 165.96 -17.99
C GLY NA 340 14.93 166.48 -16.72
N ASP NA 341 13.60 166.54 -16.66
CA ASP NA 341 12.91 166.95 -15.45
C ASP NA 341 12.10 165.84 -14.79
N GLY NA 342 11.80 164.77 -15.54
CA GLY NA 342 11.00 163.68 -15.01
C GLY NA 342 9.50 163.90 -15.00
N SER NA 343 9.01 164.88 -15.77
CA SER NA 343 7.57 165.12 -15.84
C SER NA 343 6.88 163.92 -16.49
N THR NA 344 5.72 163.55 -15.93
CA THR NA 344 4.97 162.40 -16.41
C THR NA 344 3.51 162.76 -16.59
N ARG NA 345 2.89 162.25 -17.65
CA ARG NA 345 1.50 162.52 -17.97
C ARG NA 345 0.81 161.21 -18.32
N GLY NA 346 -0.44 161.07 -17.88
CA GLY NA 346 -1.20 159.86 -18.13
C GLY NA 346 -2.65 160.14 -18.47
N HIS NA 347 -3.12 159.60 -19.60
CA HIS NA 347 -4.44 159.94 -20.12
C HIS NA 347 -5.14 158.71 -20.65
N LYS NA 348 -6.39 158.53 -20.24
CA LYS NA 348 -7.27 157.53 -20.83
C LYS NA 348 -7.25 157.63 -22.36
N ALA NA 349 -7.11 156.49 -23.02
CA ALA NA 349 -7.00 156.48 -24.47
C ALA NA 349 -7.65 155.23 -25.02
N THR NA 350 -7.96 155.27 -26.32
CA THR NA 350 -8.70 154.21 -26.97
C THR NA 350 -8.19 154.05 -28.39
N VAL NA 351 -7.98 152.80 -28.80
CA VAL NA 351 -7.57 152.46 -30.15
C VAL NA 351 -8.75 151.78 -30.82
N SER NA 352 -9.10 152.24 -32.01
CA SER NA 352 -10.11 151.56 -32.82
C SER NA 352 -9.37 150.78 -33.90
N THR NA 353 -9.45 149.46 -33.81
CA THR NA 353 -8.90 148.62 -34.85
C THR NA 353 -9.89 148.58 -36.01
N GLY NA 354 -9.39 148.28 -37.20
CA GLY NA 354 -10.25 148.27 -38.37
C GLY NA 354 -10.71 149.63 -38.82
N SER NA 355 -10.44 150.68 -38.02
CA SER NA 355 -10.51 152.05 -38.49
C SER NA 355 -9.49 152.29 -39.60
N VAL NA 356 -9.85 153.18 -40.52
CA VAL NA 356 -8.98 153.49 -41.65
C VAL NA 356 -7.68 154.15 -41.19
N HIS NA 357 -7.64 154.68 -39.97
CA HIS NA 357 -6.42 155.27 -39.44
C HIS NA 357 -5.59 154.28 -38.64
N PHE NA 358 -6.01 153.01 -38.60
CA PHE NA 358 -5.22 151.93 -38.01
C PHE NA 358 -4.33 151.35 -39.11
N THR NA 359 -3.11 151.87 -39.22
CA THR NA 359 -2.15 151.43 -40.22
C THR NA 359 -0.80 151.17 -39.57
N PRO NA 360 -0.71 150.15 -38.70
CA PRO NA 360 0.56 149.91 -38.01
C PRO NA 360 1.64 149.37 -38.92
N LYS NA 361 1.27 148.73 -40.04
CA LYS NA 361 2.26 148.28 -41.00
C LYS NA 361 3.04 149.46 -41.58
N LEU NA 362 2.37 150.59 -41.74
CA LEU NA 362 2.99 151.79 -42.30
C LEU NA 362 3.69 152.64 -41.24
N GLY NA 363 3.35 152.46 -39.96
CA GLY NA 363 4.08 153.09 -38.88
C GLY NA 363 3.28 154.02 -37.99
N SER NA 364 1.95 154.09 -38.18
CA SER NA 364 1.14 155.03 -37.43
C SER NA 364 -0.19 154.42 -37.02
N VAL NA 365 -0.64 154.76 -35.81
CA VAL NA 365 -1.96 154.41 -35.31
C VAL NA 365 -2.56 155.63 -34.64
N GLN NA 366 -3.88 155.67 -34.57
CA GLN NA 366 -4.62 156.82 -34.04
C GLN NA 366 -5.34 156.46 -32.76
N PHE NA 367 -5.15 157.28 -31.73
CA PHE NA 367 -5.83 157.15 -30.45
C PHE NA 367 -6.85 158.27 -30.28
N THR NA 368 -7.88 158.00 -29.48
CA THR NA 368 -8.80 159.01 -29.00
C THR NA 368 -8.60 159.15 -27.49
N THR NA 369 -8.25 160.35 -27.03
CA THR NA 369 -7.80 160.57 -25.67
C THR NA 369 -8.81 161.43 -24.91
N ASP NA 370 -8.50 161.69 -23.64
CA ASP NA 370 -9.34 162.53 -22.79
C ASP NA 370 -8.75 163.92 -22.55
N THR NA 371 -7.73 164.32 -23.30
CA THR NA 371 -7.25 165.70 -23.30
C THR NA 371 -6.78 166.01 -24.71
N ASN NA 372 -6.85 167.29 -25.09
CA ASN NA 372 -6.41 167.72 -26.42
C ASN NA 372 -5.11 168.50 -26.43
N ASN NA 373 -4.46 168.72 -25.28
CA ASN NA 373 -3.19 169.43 -25.29
C ASN NA 373 -2.09 168.83 -24.42
N ASP NA 374 -2.41 167.97 -23.45
CA ASP NA 374 -1.44 167.52 -22.44
C ASP NA 374 -0.61 166.33 -22.91
N LEU NA 375 -0.28 166.24 -24.19
CA LEU NA 375 0.62 165.20 -24.70
C LEU NA 375 1.71 165.83 -25.55
N GLU NA 376 2.93 165.86 -25.04
CA GLU NA 376 4.04 166.50 -25.74
C GLU NA 376 4.39 165.69 -26.99
N THR NA 377 5.06 166.36 -27.93
CA THR NA 377 5.34 165.72 -29.21
C THR NA 377 6.64 164.93 -29.24
N GLY NA 378 7.72 165.47 -28.69
CA GLY NA 378 9.00 164.79 -28.84
C GLY NA 378 9.28 163.65 -27.89
N GLN NA 379 8.41 163.38 -26.93
CA GLN NA 379 8.68 162.41 -25.87
C GLN NA 379 8.10 161.04 -26.21
N ASN NA 380 8.74 160.01 -25.66
CA ASN NA 380 8.29 158.63 -25.85
C ASN NA 380 6.98 158.39 -25.10
N THR NA 381 6.08 157.66 -25.72
CA THR NA 381 4.75 157.42 -25.18
C THR NA 381 4.39 155.94 -25.33
N LYS NA 382 3.79 155.38 -24.28
CA LYS NA 382 3.42 153.98 -24.22
C LYS NA 382 1.92 153.86 -24.00
N PHE NA 383 1.27 153.03 -24.82
CA PHE NA 383 -0.12 152.66 -24.61
C PHE NA 383 -0.18 151.35 -23.84
N THR NA 384 -0.72 151.40 -22.62
CA THR NA 384 -0.93 150.20 -21.80
C THR NA 384 -2.37 149.75 -21.98
N PRO NA 385 -2.63 148.59 -22.59
CA PRO NA 385 -4.02 148.17 -22.81
C PRO NA 385 -4.67 147.72 -21.50
N VAL NA 386 -6.00 147.83 -21.47
CA VAL NA 386 -6.75 147.46 -20.28
C VAL NA 386 -7.96 146.61 -20.65
N GLY NA 387 -8.70 147.02 -21.68
CA GLY NA 387 -9.91 146.32 -22.01
C GLY NA 387 -10.48 146.75 -23.35
N VAL NA 388 -11.69 146.26 -23.63
CA VAL NA 388 -12.40 146.52 -24.86
C VAL NA 388 -13.69 147.25 -24.53
N VAL NA 389 -14.21 147.99 -25.52
CA VAL NA 389 -15.42 148.77 -25.35
C VAL NA 389 -16.35 148.51 -26.54
N GLN NA 390 -17.62 148.88 -26.35
CA GLN NA 390 -18.67 148.63 -27.33
C GLN NA 390 -19.60 149.83 -27.36
N ASP NA 391 -20.02 150.23 -28.56
CA ASP NA 391 -21.01 151.29 -28.70
C ASP NA 391 -22.38 150.76 -28.28
N GLY NA 392 -22.92 151.30 -27.18
CA GLY NA 392 -24.09 150.72 -26.55
C GLY NA 392 -25.36 150.83 -27.36
N ASN NA 393 -25.37 151.70 -28.37
CA ASN NA 393 -26.55 151.91 -29.21
C ASN NA 393 -26.67 150.88 -30.32
N SER NA 394 -25.62 150.12 -30.60
CA SER NA 394 -25.65 149.06 -31.59
C SER NA 394 -26.03 147.73 -30.94
N ALA NA 395 -26.01 146.67 -31.74
CA ALA NA 395 -26.37 145.34 -31.24
C ALA NA 395 -25.41 144.91 -30.14
N HIS NA 396 -25.98 144.40 -29.04
CA HIS NA 396 -25.16 144.01 -27.89
C HIS NA 396 -24.27 142.83 -28.23
N GLN NA 397 -23.00 142.92 -27.80
CA GLN NA 397 -21.99 141.87 -27.98
C GLN NA 397 -21.59 141.70 -29.45
N ASN NA 398 -21.40 142.82 -30.16
CA ASN NA 398 -21.05 142.74 -31.57
C ASN NA 398 -19.79 143.49 -31.98
N GLU NA 399 -19.18 144.27 -31.09
CA GLU NA 399 -18.14 145.19 -31.54
C GLU NA 399 -16.78 144.49 -31.71
N PRO NA 400 -16.21 143.86 -30.67
CA PRO NA 400 -14.89 143.23 -30.85
C PRO NA 400 -15.02 141.85 -31.46
N GLN NA 401 -14.71 141.74 -32.75
CA GLN NA 401 -14.78 140.49 -33.50
C GLN NA 401 -13.40 139.83 -33.50
N GLN NA 402 -13.18 138.88 -32.60
CA GLN NA 402 -11.85 138.35 -32.39
C GLN NA 402 -11.33 137.61 -33.62
N TRP NA 403 -12.21 137.08 -34.45
CA TRP NA 403 -11.81 136.31 -35.63
C TRP NA 403 -11.83 137.13 -36.90
N VAL NA 404 -11.84 138.46 -36.79
CA VAL NA 404 -11.72 139.35 -37.93
C VAL NA 404 -10.38 140.04 -37.84
N LEU NA 405 -9.54 139.83 -38.85
CA LEU NA 405 -8.22 140.46 -38.77
C LEU NA 405 -8.31 141.92 -39.21
N PRO NA 406 -7.60 142.81 -38.53
CA PRO NA 406 -7.46 144.18 -39.02
C PRO NA 406 -6.74 144.25 -40.35
N ASN NA 407 -6.90 145.39 -41.02
CA ASN NA 407 -6.18 145.70 -42.25
C ASN NA 407 -4.93 146.46 -41.83
N TYR NA 408 -3.79 145.77 -41.76
CA TYR NA 408 -2.62 146.34 -41.13
C TYR NA 408 -2.06 147.54 -41.88
N SER NA 409 -2.38 147.66 -43.18
CA SER NA 409 -2.02 148.84 -43.96
C SER NA 409 -3.25 149.67 -44.34
N GLY NA 410 -4.33 149.56 -43.56
CA GLY NA 410 -5.56 150.25 -43.89
C GLY NA 410 -5.97 150.02 -45.33
N ARG NA 411 -6.52 151.06 -45.95
CA ARG NA 411 -6.95 150.95 -47.34
C ARG NA 411 -5.78 150.83 -48.30
N THR NA 412 -4.55 151.12 -47.87
CA THR NA 412 -3.38 151.14 -48.74
C THR NA 412 -2.84 149.73 -48.99
N GLY NA 413 -3.72 148.87 -49.51
CA GLY NA 413 -3.39 147.49 -49.81
C GLY NA 413 -3.98 146.52 -48.81
N HIS NA 414 -3.54 145.26 -48.93
CA HIS NA 414 -4.00 144.16 -48.10
C HIS NA 414 -2.87 143.65 -47.22
N ASN NA 415 -3.25 142.83 -46.24
CA ASN NA 415 -2.31 142.23 -45.31
C ASN NA 415 -1.37 141.26 -46.02
N VAL NA 416 -0.14 141.16 -45.52
CA VAL NA 416 0.87 140.28 -46.10
C VAL NA 416 1.53 139.49 -44.98
N HIS NA 417 2.32 138.49 -45.38
CA HIS NA 417 3.10 137.63 -44.49
C HIS NA 417 2.30 137.21 -43.26
N LEU NA 418 1.08 136.75 -43.49
CA LEU NA 418 0.21 136.33 -42.40
C LEU NA 418 0.55 134.91 -41.96
N ALA NA 419 0.33 134.65 -40.67
CA ALA NA 419 0.28 133.28 -40.21
C ALA NA 419 -0.95 132.59 -40.80
N PRO NA 420 -0.84 131.33 -41.21
CA PRO NA 420 -1.95 130.70 -41.95
C PRO NA 420 -3.18 130.54 -41.07
N ALA NA 421 -4.32 130.37 -41.74
CA ALA NA 421 -5.55 130.10 -41.02
C ALA NA 421 -5.55 128.66 -40.50
N VAL NA 422 -6.50 128.38 -39.60
CA VAL NA 422 -6.50 127.17 -38.79
C VAL NA 422 -7.92 126.64 -38.75
N ALA NA 423 -8.08 125.33 -38.99
CA ALA NA 423 -9.39 124.71 -39.01
C ALA NA 423 -9.22 123.23 -38.72
N PRO NA 424 -10.23 122.58 -38.14
CA PRO NA 424 -10.16 121.13 -37.96
C PRO NA 424 -10.14 120.42 -39.30
N THR NA 425 -9.32 119.37 -39.38
CA THR NA 425 -9.12 118.65 -40.63
C THR NA 425 -9.62 117.21 -40.58
N PHE NA 426 -9.81 116.66 -39.39
CA PHE NA 426 -10.24 115.29 -39.16
C PHE NA 426 -11.72 115.27 -38.80
N PRO NA 427 -12.52 114.40 -39.42
CA PRO NA 427 -13.96 114.37 -39.12
C PRO NA 427 -14.24 114.15 -37.64
N GLY NA 428 -15.14 114.96 -37.09
CA GLY NA 428 -15.55 114.87 -35.71
C GLY NA 428 -14.74 115.74 -34.77
N GLU NA 429 -13.77 116.47 -35.28
CA GLU NA 429 -12.82 117.23 -34.48
C GLU NA 429 -13.10 118.71 -34.58
N GLN NA 430 -12.85 119.43 -33.48
CA GLN NA 430 -12.94 120.88 -33.45
C GLN NA 430 -11.66 121.45 -32.85
N LEU NA 431 -11.42 122.73 -33.11
CA LEU NA 431 -10.32 123.42 -32.45
C LEU NA 431 -10.52 123.41 -30.93
N LEU NA 432 -9.40 123.40 -30.21
CA LEU NA 432 -9.39 123.61 -28.77
C LEU NA 432 -8.75 124.95 -28.50
N PHE NA 433 -9.50 125.83 -27.84
CA PHE NA 433 -9.09 127.19 -27.56
C PHE NA 433 -8.78 127.36 -26.08
N PHE NA 434 -7.78 128.17 -25.79
CA PHE NA 434 -7.52 128.62 -24.42
C PHE NA 434 -8.24 129.93 -24.23
N ARG NA 435 -9.30 129.92 -23.42
CA ARG NA 435 -10.25 131.02 -23.36
C ARG NA 435 -10.05 131.86 -22.11
N SER NA 436 -9.96 133.18 -22.30
CA SER NA 436 -9.97 134.13 -21.21
C SER NA 436 -10.99 135.22 -21.51
N THR NA 437 -11.36 135.98 -20.48
CA THR NA 437 -12.41 136.99 -20.61
C THR NA 437 -11.79 138.38 -20.55
N MET NA 438 -11.98 139.16 -21.62
CA MET NA 438 -11.42 140.49 -21.68
C MET NA 438 -12.20 141.43 -20.75
N PRO NA 439 -11.53 142.32 -20.05
CA PRO NA 439 -12.27 143.32 -19.25
C PRO NA 439 -12.99 144.30 -20.17
N GLY NA 440 -14.24 144.58 -19.85
CA GLY NA 440 -15.01 145.60 -20.54
C GLY NA 440 -14.99 146.92 -19.79
N CYS NA 441 -14.86 148.02 -20.55
CA CYS NA 441 -14.77 149.34 -19.98
C CYS NA 441 -16.00 150.21 -20.23
N SER NA 442 -16.77 149.92 -21.26
CA SER NA 442 -17.92 150.73 -21.65
C SER NA 442 -18.77 149.93 -22.64
N GLY NA 443 -20.08 150.00 -22.50
CA GLY NA 443 -20.97 149.34 -23.44
C GLY NA 443 -21.24 147.90 -23.07
N TYR NA 444 -21.63 147.13 -24.09
CA TYR NA 444 -21.96 145.72 -23.96
C TYR NA 444 -21.08 144.91 -24.92
N PRO NA 445 -19.78 144.81 -24.65
CA PRO NA 445 -18.87 144.20 -25.60
C PRO NA 445 -18.77 142.68 -25.48
N ASN NA 446 -18.40 142.06 -26.59
CA ASN NA 446 -18.13 140.62 -26.65
C ASN NA 446 -16.78 140.38 -25.99
N MET NA 447 -16.79 139.92 -24.75
CA MET NA 447 -15.59 139.86 -23.93
C MET NA 447 -14.82 138.55 -24.09
N ASN NA 448 -15.30 137.65 -24.93
CA ASN NA 448 -14.66 136.37 -25.16
C ASN NA 448 -13.37 136.53 -25.97
N LEU NA 449 -12.27 135.96 -25.48
CA LEU NA 449 -11.00 135.95 -26.23
C LEU NA 449 -10.38 134.56 -26.23
N ASP NA 450 -10.29 133.94 -27.41
CA ASP NA 450 -9.71 132.62 -27.60
C ASP NA 450 -8.33 132.76 -28.24
N CYS NA 451 -7.34 132.04 -27.71
CA CYS NA 451 -6.05 131.90 -28.37
C CYS NA 451 -5.75 130.43 -28.65
N LEU NA 452 -4.83 130.20 -29.60
CA LEU NA 452 -4.50 128.85 -30.02
C LEU NA 452 -3.47 128.19 -29.10
N LEU NA 453 -2.57 128.96 -28.51
CA LEU NA 453 -1.54 128.48 -27.61
C LEU NA 453 -1.36 129.47 -26.47
N PRO NA 454 -1.21 129.00 -25.23
CA PRO NA 454 -0.84 129.89 -24.14
C PRO NA 454 0.51 130.55 -24.41
N GLN NA 455 0.67 131.76 -23.88
CA GLN NA 455 1.94 132.46 -24.05
C GLN NA 455 3.08 131.70 -23.40
N GLU NA 456 2.81 131.03 -22.28
CA GLU NA 456 3.84 130.21 -21.64
C GLU NA 456 4.26 129.02 -22.51
N TRP NA 457 3.33 128.47 -23.31
CA TRP NA 457 3.73 127.43 -24.25
C TRP NA 457 4.59 128.02 -25.38
N VAL NA 458 4.28 129.24 -25.81
CA VAL NA 458 5.12 129.90 -26.82
C VAL NA 458 6.54 130.06 -26.31
N LEU NA 459 6.68 130.56 -25.07
CA LEU NA 459 8.00 130.70 -24.45
C LEU NA 459 8.73 129.37 -24.43
N HIS NA 460 8.03 128.30 -24.03
CA HIS NA 460 8.67 126.99 -23.87
C HIS NA 460 9.15 126.45 -25.21
N PHE NA 461 8.26 126.44 -26.22
CA PHE NA 461 8.67 125.92 -27.53
C PHE NA 461 9.84 126.71 -28.08
N TYR NA 462 9.85 128.02 -27.87
CA TYR NA 462 10.90 128.87 -28.41
C TYR NA 462 12.25 128.51 -27.81
N GLN NA 463 12.31 128.37 -26.48
CA GLN NA 463 13.57 128.11 -25.79
C GLN NA 463 14.06 126.69 -26.01
N GLU NA 464 13.14 125.72 -26.02
CA GLU NA 464 13.55 124.32 -26.11
C GLU NA 464 13.86 123.89 -27.53
N ALA NA 465 13.27 124.56 -28.53
CA ALA NA 465 13.47 124.29 -29.94
C ALA NA 465 13.54 122.80 -30.28
N ALA NA 466 12.63 122.02 -29.72
CA ALA NA 466 12.71 120.58 -29.93
C ALA NA 466 12.26 120.23 -31.34
N PRO NA 467 13.06 119.53 -32.12
CA PRO NA 467 12.61 119.13 -33.46
C PRO NA 467 11.42 118.19 -33.40
N ALA NA 468 10.43 118.44 -34.25
CA ALA NA 468 9.23 117.63 -34.30
C ALA NA 468 9.48 116.36 -35.10
N GLN NA 469 9.24 115.21 -34.48
CA GLN NA 469 9.45 113.93 -35.13
C GLN NA 469 8.29 113.52 -36.03
N SER NA 470 7.16 114.21 -35.94
CA SER NA 470 6.05 114.01 -36.85
C SER NA 470 5.19 115.27 -36.83
N ASP NA 471 4.12 115.25 -37.62
CA ASP NA 471 3.29 116.44 -37.81
C ASP NA 471 2.30 116.67 -36.68
N VAL NA 472 2.10 115.71 -35.78
CA VAL NA 472 1.10 115.83 -34.72
C VAL NA 472 1.68 115.31 -33.42
N ALA NA 473 1.59 116.12 -32.36
CA ALA NA 473 1.98 115.70 -31.02
C ALA NA 473 0.73 115.39 -30.19
N LEU NA 474 0.58 114.14 -29.79
CA LEU NA 474 -0.58 113.74 -29.00
C LEU NA 474 -0.38 114.18 -27.55
N LEU NA 475 -1.31 114.98 -27.04
CA LEU NA 475 -1.28 115.42 -25.65
C LEU NA 475 -2.44 114.81 -24.90
N ARG NA 476 -2.22 114.47 -23.64
CA ARG NA 476 -3.28 114.01 -22.74
C ARG NA 476 -3.33 114.88 -21.50
N PHE NA 477 -4.54 115.21 -21.06
CA PHE NA 477 -4.79 116.05 -19.89
C PHE NA 477 -5.02 115.14 -18.69
N VAL NA 478 -4.24 115.35 -17.63
CA VAL NA 478 -4.12 114.39 -16.54
C VAL NA 478 -4.56 115.06 -15.23
N ASN NA 479 -5.23 114.27 -14.38
CA ASN NA 479 -5.53 114.67 -13.01
C ASN NA 479 -4.39 114.18 -12.14
N PRO NA 480 -3.58 115.06 -11.55
CA PRO NA 480 -2.40 114.60 -10.81
C PRO NA 480 -2.72 113.90 -9.50
N ASP NA 481 -3.91 114.10 -8.93
CA ASP NA 481 -4.25 113.43 -7.69
C ASP NA 481 -4.34 111.92 -7.89
N THR NA 482 -5.14 111.48 -8.87
CA THR NA 482 -5.35 110.07 -9.14
C THR NA 482 -4.46 109.53 -10.25
N GLY NA 483 -3.78 110.40 -11.00
CA GLY NA 483 -3.03 109.97 -12.16
C GLY NA 483 -3.86 109.75 -13.42
N ARG NA 484 -5.15 110.04 -13.38
CA ARG NA 484 -6.08 109.63 -14.42
C ARG NA 484 -6.02 110.55 -15.64
N VAL NA 485 -6.16 109.95 -16.82
CA VAL NA 485 -6.22 110.69 -18.07
C VAL NA 485 -7.66 111.11 -18.32
N LEU NA 486 -7.88 112.41 -18.53
CA LEU NA 486 -9.22 112.96 -18.71
C LEU NA 486 -9.62 113.12 -20.17
N PHE NA 487 -8.74 113.63 -21.02
CA PHE NA 487 -8.99 113.64 -22.45
C PHE NA 487 -7.67 113.69 -23.19
N GLU NA 488 -7.73 113.41 -24.50
CA GLU NA 488 -6.59 113.53 -25.37
C GLU NA 488 -6.89 114.52 -26.49
N CYS NA 489 -5.82 115.14 -26.99
CA CYS NA 489 -5.93 116.14 -28.04
C CYS NA 489 -4.70 116.07 -28.93
N LYS NA 490 -4.80 116.71 -30.10
CA LYS NA 490 -3.69 116.74 -31.05
C LYS NA 490 -3.11 118.15 -31.10
N LEU NA 491 -1.85 118.28 -30.70
CA LEU NA 491 -1.11 119.51 -30.85
C LEU NA 491 -0.38 119.43 -32.17
N HIS NA 492 -0.82 120.21 -33.15
CA HIS NA 492 -0.22 120.12 -34.48
C HIS NA 492 1.07 120.90 -34.52
N LYS NA 493 1.99 120.44 -35.37
CA LYS NA 493 3.29 121.10 -35.49
C LYS NA 493 3.12 122.58 -35.81
N SER NA 494 2.11 122.93 -36.60
CA SER NA 494 1.81 124.31 -36.98
C SER NA 494 1.44 125.18 -35.79
N GLY NA 495 1.33 124.58 -34.61
CA GLY NA 495 0.98 125.33 -33.41
C GLY NA 495 -0.49 125.60 -33.16
N TYR NA 496 -1.32 124.56 -33.14
CA TYR NA 496 -2.72 124.69 -32.71
C TYR NA 496 -3.19 123.32 -32.25
N VAL NA 497 -4.22 123.32 -31.40
CA VAL NA 497 -4.70 122.10 -30.76
C VAL NA 497 -6.10 121.78 -31.25
N THR NA 498 -6.39 120.49 -31.39
CA THR NA 498 -7.69 120.00 -31.84
C THR NA 498 -8.13 118.88 -30.90
N VAL NA 499 -9.45 118.71 -30.77
CA VAL NA 499 -10.01 117.71 -29.87
C VAL NA 499 -11.21 117.09 -30.56
N ALA NA 500 -11.66 115.95 -30.03
CA ALA NA 500 -12.78 115.19 -30.60
C ALA NA 500 -14.07 115.55 -29.85
N HIS NA 501 -14.85 116.45 -30.44
CA HIS NA 501 -16.09 116.94 -29.88
C HIS NA 501 -16.86 117.65 -30.98
N THR NA 502 -18.17 117.74 -30.81
CA THR NA 502 -19.01 118.51 -31.72
C THR NA 502 -19.97 119.37 -30.92
N GLY NA 503 -20.01 120.66 -31.24
CA GLY NA 503 -20.83 121.61 -30.53
C GLY NA 503 -19.97 122.46 -29.61
N PRO NA 504 -20.47 123.64 -29.24
CA PRO NA 504 -19.71 124.48 -28.32
C PRO NA 504 -19.75 123.90 -26.91
N HIS NA 505 -18.65 124.10 -26.18
CA HIS NA 505 -18.54 123.52 -24.85
C HIS NA 505 -17.39 124.14 -24.06
N ASP NA 506 -17.69 124.66 -22.88
CA ASP NA 506 -16.65 125.02 -21.91
C ASP NA 506 -16.24 123.74 -21.18
N LEU NA 507 -14.94 123.45 -21.20
CA LEU NA 507 -14.48 122.19 -20.64
C LEU NA 507 -14.48 122.23 -19.12
N VAL NA 508 -14.88 121.12 -18.52
CA VAL NA 508 -14.94 120.97 -17.08
C VAL NA 508 -13.69 120.23 -16.63
N ILE NA 509 -12.74 120.98 -16.06
CA ILE NA 509 -11.42 120.42 -15.76
C ILE NA 509 -11.15 120.61 -14.27
N PRO NA 510 -10.48 119.66 -13.63
CA PRO NA 510 -9.96 119.89 -12.28
C PRO NA 510 -8.97 121.04 -12.28
N PRO NA 511 -9.03 121.91 -11.28
CA PRO NA 511 -8.18 123.12 -11.30
C PRO NA 511 -6.70 122.83 -11.36
N ASN NA 512 -6.25 121.64 -10.96
CA ASN NA 512 -4.84 121.30 -10.92
C ASN NA 512 -4.40 120.38 -12.06
N GLY NA 513 -5.27 120.13 -13.03
CA GLY NA 513 -4.89 119.29 -14.15
C GLY NA 513 -3.85 119.92 -15.05
N TYR NA 514 -3.04 119.07 -15.67
CA TYR NA 514 -1.90 119.50 -16.49
C TYR NA 514 -1.90 118.74 -17.81
N PHE NA 515 -1.22 119.31 -18.80
CA PHE NA 515 -1.02 118.66 -20.09
C PHE NA 515 0.28 117.87 -20.11
N ARG NA 516 0.23 116.68 -20.72
CA ARG NA 516 1.39 115.79 -20.82
C ARG NA 516 1.55 115.32 -22.26
N PHE NA 517 2.75 115.49 -22.82
CA PHE NA 517 3.02 115.00 -24.16
C PHE NA 517 3.27 113.49 -24.12
N ASP NA 518 2.49 112.73 -24.87
CA ASP NA 518 2.52 111.27 -24.74
C ASP NA 518 3.11 110.53 -25.94
N SER NA 519 2.94 111.02 -27.16
CA SER NA 519 3.48 110.30 -28.31
C SER NA 519 3.38 111.16 -29.55
N TRP NA 520 4.34 110.99 -30.45
CA TRP NA 520 4.21 111.47 -31.81
C TRP NA 520 3.27 110.56 -32.61
N VAL NA 521 2.37 111.18 -33.36
CA VAL NA 521 1.35 110.51 -34.15
C VAL NA 521 1.26 111.21 -35.50
N ASN NA 522 0.43 110.69 -36.38
CA ASN NA 522 0.21 111.34 -37.67
C ASN NA 522 -1.25 111.79 -37.81
N GLN NA 523 -1.58 112.27 -39.01
CA GLN NA 523 -2.86 112.91 -39.27
C GLN NA 523 -4.04 111.95 -39.15
N PHE NA 524 -3.79 110.65 -39.19
CA PHE NA 524 -4.87 109.66 -39.20
C PHE NA 524 -5.28 109.23 -37.80
N TYR NA 525 -4.64 109.74 -36.76
CA TYR NA 525 -5.00 109.35 -35.40
C TYR NA 525 -6.43 109.76 -35.08
N THR NA 526 -7.19 108.83 -34.53
CA THR NA 526 -8.58 109.04 -34.16
C THR NA 526 -8.63 109.31 -32.66
N LEU NA 527 -9.10 110.49 -32.29
CA LEU NA 527 -9.07 110.88 -30.89
C LEU NA 527 -10.27 110.30 -30.15
N ALA NA 528 -10.04 110.00 -28.87
CA ALA NA 528 -11.13 109.53 -28.03
C ALA NA 528 -12.14 110.66 -27.83
N PRO NA 529 -13.43 110.36 -27.89
CA PRO NA 529 -14.42 111.44 -27.72
C PRO NA 529 -14.37 112.01 -26.32
N MET NA 530 -14.58 113.32 -26.23
CA MET NA 530 -14.52 114.05 -24.98
C MET NA 530 -15.87 114.71 -24.73
N GLY NA 531 -16.47 114.45 -23.58
CA GLY NA 531 -17.60 115.21 -23.12
C GLY NA 531 -18.88 114.42 -23.02
N PRO OA 10 44.70 84.01 -93.59
CA PRO OA 10 44.29 84.80 -92.43
C PRO OA 10 43.57 86.11 -92.79
N SER OA 11 44.30 87.04 -93.40
CA SER OA 11 43.78 88.37 -93.69
C SER OA 11 43.60 88.60 -95.20
N ASP OA 12 43.61 87.53 -95.98
CA ASP OA 12 43.68 87.65 -97.43
C ASP OA 12 42.26 87.68 -97.99
N GLY OA 13 41.88 88.83 -98.55
CA GLY OA 13 40.57 88.99 -99.13
C GLY OA 13 39.57 89.64 -98.18
N SER OA 14 39.92 89.74 -96.91
CA SER OA 14 39.14 90.41 -95.89
C SER OA 14 40.09 91.27 -95.07
N THR OA 15 39.75 92.55 -94.91
CA THR OA 15 40.48 93.46 -94.01
C THR OA 15 41.98 93.29 -94.21
N ALA OA 16 42.42 93.53 -95.45
CA ALA OA 16 43.76 93.12 -95.86
C ALA OA 16 44.86 94.00 -95.27
N ASN OA 17 45.03 93.90 -93.96
CA ASN OA 17 45.99 94.70 -93.21
C ASN OA 17 45.89 96.18 -93.55
N LEU OA 18 44.70 96.61 -93.96
CA LEU OA 18 44.44 97.97 -94.39
C LEU OA 18 43.95 98.80 -93.23
N VAL OA 19 43.77 98.16 -92.09
CA VAL OA 19 43.01 98.65 -90.95
C VAL OA 19 43.71 98.23 -89.67
N PRO OA 20 43.76 99.07 -88.64
CA PRO OA 20 44.30 98.63 -87.35
C PRO OA 20 43.45 97.49 -86.81
N GLU OA 21 44.12 96.48 -86.24
CA GLU OA 21 43.38 95.33 -85.70
C GLU OA 21 42.89 95.60 -84.29
N VAL OA 22 43.82 95.70 -83.33
CA VAL OA 22 43.43 95.93 -81.95
C VAL OA 22 44.24 97.10 -81.40
N ASN OA 23 43.70 97.72 -80.35
CA ASN OA 23 44.40 98.72 -79.57
C ASN OA 23 45.23 98.04 -78.49
N ASN OA 24 46.51 98.37 -78.43
CA ASN OA 24 47.33 97.97 -77.30
C ASN OA 24 47.05 98.82 -76.06
N GLU OA 25 46.51 100.02 -76.23
CA GLU OA 25 46.38 100.98 -75.14
C GLU OA 25 45.39 100.49 -74.08
N VAL OA 26 45.68 100.86 -72.83
CA VAL OA 26 44.91 100.41 -71.67
C VAL OA 26 44.68 101.62 -70.77
N MET OA 27 43.50 101.70 -70.17
CA MET OA 27 43.20 102.81 -69.27
C MET OA 27 43.89 102.62 -67.93
N ALA OA 28 44.50 103.70 -67.44
CA ALA OA 28 45.28 103.67 -66.21
C ALA OA 28 44.36 103.79 -64.98
N LEU OA 29 43.51 102.78 -64.81
CA LEU OA 29 42.64 102.69 -63.65
C LEU OA 29 43.03 101.48 -62.82
N GLU OA 30 43.02 101.65 -61.49
CA GLU OA 30 43.17 100.54 -60.58
C GLU OA 30 41.88 99.73 -60.51
N PRO OA 31 41.97 98.47 -60.06
CA PRO OA 31 40.74 97.72 -59.81
C PRO OA 31 39.91 98.33 -58.69
N VAL OA 32 38.61 98.15 -58.77
CA VAL OA 32 37.67 98.72 -57.82
C VAL OA 32 36.63 97.65 -57.44
N VAL OA 33 36.45 97.44 -56.13
CA VAL OA 33 35.54 96.40 -55.68
C VAL OA 33 34.10 96.80 -56.03
N GLY OA 34 33.29 95.80 -56.34
CA GLY OA 34 31.88 96.04 -56.58
C GLY OA 34 31.03 95.89 -55.34
N ALA OA 35 29.99 95.05 -55.43
CA ALA OA 35 29.00 94.97 -54.38
C ALA OA 35 29.41 94.11 -53.20
N ALA OA 36 30.51 93.34 -53.34
CA ALA OA 36 30.95 92.49 -52.23
C ALA OA 36 31.22 93.31 -50.98
N ILE OA 37 31.83 94.48 -51.13
CA ILE OA 37 32.13 95.32 -49.98
C ILE OA 37 30.87 95.76 -49.24
N ALA OA 38 29.72 95.75 -49.91
CA ALA OA 38 28.49 96.25 -49.32
C ALA OA 38 27.73 95.20 -48.51
N ALA OA 39 28.16 93.94 -48.57
CA ALA OA 39 27.37 92.84 -48.01
C ALA OA 39 26.98 93.03 -46.54
N PRO OA 40 27.87 93.44 -45.63
CA PRO OA 40 27.46 93.59 -44.23
C PRO OA 40 26.43 94.68 -43.99
N VAL OA 41 26.26 95.64 -44.90
CA VAL OA 41 25.30 96.71 -44.70
C VAL OA 41 24.19 96.72 -45.75
N ALA OA 42 24.26 95.88 -46.77
CA ALA OA 42 23.12 95.77 -47.67
C ALA OA 42 22.02 94.95 -47.02
N GLY OA 43 20.79 95.20 -47.48
CA GLY OA 43 19.67 94.43 -46.97
C GLY OA 43 19.73 92.97 -47.38
N GLN OA 44 20.25 92.69 -48.58
CA GLN OA 44 20.15 91.38 -49.18
C GLN OA 44 21.32 91.17 -50.13
N GLN OA 45 21.59 89.91 -50.43
CA GLN OA 45 22.61 89.55 -51.40
C GLN OA 45 21.85 88.94 -52.58
N ASN OA 46 21.86 89.63 -53.71
CA ASN OA 46 21.01 89.27 -54.83
C ASN OA 46 21.84 88.70 -55.96
N VAL OA 47 21.14 88.20 -56.97
CA VAL OA 47 21.76 87.45 -58.05
C VAL OA 47 21.23 87.99 -59.37
N ILE OA 48 22.13 88.16 -60.32
CA ILE OA 48 21.80 88.56 -61.68
C ILE OA 48 21.95 87.32 -62.56
N ASP OA 49 21.04 87.16 -63.51
CA ASP OA 49 21.07 86.02 -64.41
C ASP OA 49 22.44 85.92 -65.07
N PRO OA 50 23.17 84.81 -64.87
CA PRO OA 50 24.54 84.73 -65.38
C PRO OA 50 24.67 84.94 -66.88
N TRP OA 51 23.62 84.67 -67.66
CA TRP OA 51 23.70 84.95 -69.09
C TRP OA 51 23.88 86.45 -69.33
N ILE OA 52 23.20 87.28 -68.53
CA ILE OA 52 23.34 88.72 -68.65
C ILE OA 52 24.78 89.15 -68.40
N ARG OA 53 25.49 88.44 -67.52
CA ARG OA 53 26.85 88.82 -67.17
C ARG OA 53 27.88 88.37 -68.18
N ASN OA 54 27.55 87.39 -69.02
CA ASN OA 54 28.53 86.81 -69.92
C ASN OA 54 28.36 87.23 -71.37
N ASN OA 55 27.43 88.13 -71.68
CA ASN OA 55 27.09 88.40 -73.07
C ASN OA 55 26.84 89.88 -73.30
N PHE OA 56 27.58 90.46 -74.23
CA PHE OA 56 27.41 91.86 -74.59
C PHE OA 56 26.08 92.09 -75.29
N VAL OA 57 25.41 93.17 -74.90
CA VAL OA 57 24.15 93.59 -75.50
C VAL OA 57 24.26 95.10 -75.69
N GLN OA 58 23.58 95.60 -76.71
CA GLN OA 58 23.71 97.02 -77.04
C GLN OA 58 23.05 97.88 -75.97
N ALA OA 59 23.79 98.89 -75.51
CA ALA OA 59 23.26 99.83 -74.53
C ALA OA 59 22.09 100.61 -75.10
N PRO OA 60 21.17 101.08 -74.26
CA PRO OA 60 20.11 101.96 -74.77
C PRO OA 60 20.67 103.16 -75.49
N GLY OA 61 21.79 103.69 -75.02
CA GLY OA 61 22.51 104.74 -75.71
C GLY OA 61 23.64 104.10 -76.50
N GLY OA 62 23.31 103.22 -77.44
CA GLY OA 62 24.37 102.47 -78.10
C GLY OA 62 24.66 102.74 -79.55
N GLU OA 63 24.24 103.88 -80.07
CA GLU OA 63 24.61 104.29 -81.42
C GLU OA 63 25.25 105.67 -81.37
N PHE OA 64 26.32 105.85 -82.13
CA PHE OA 64 26.84 107.19 -82.39
C PHE OA 64 27.58 107.16 -83.72
N THR OA 65 27.89 108.35 -84.24
CA THR OA 65 28.44 108.51 -85.58
C THR OA 65 29.61 109.47 -85.59
N VAL OA 66 30.61 109.15 -86.41
CA VAL OA 66 31.67 110.07 -86.78
C VAL OA 66 31.46 110.44 -88.25
N SER OA 67 31.15 111.70 -88.51
CA SER OA 67 30.90 112.19 -89.86
C SER OA 67 31.73 113.45 -90.09
N PRO OA 68 31.83 113.92 -91.34
CA PRO OA 68 32.61 115.13 -91.59
C PRO OA 68 31.98 116.39 -91.04
N ARG OA 69 30.68 116.38 -90.73
CA ARG OA 69 30.08 117.52 -90.05
C ARG OA 69 30.50 117.64 -88.59
N ASN OA 70 31.12 116.62 -88.02
CA ASN OA 70 31.57 116.70 -86.64
C ASN OA 70 32.90 117.46 -86.57
N ALA OA 71 33.10 118.15 -85.45
CA ALA OA 71 34.34 118.89 -85.25
C ALA OA 71 35.09 118.35 -84.04
N PRO OA 72 36.41 118.43 -84.04
CA PRO OA 72 37.18 117.94 -82.88
C PRO OA 72 36.72 118.63 -81.59
N GLY OA 73 36.72 117.86 -80.51
CA GLY OA 73 36.28 118.34 -79.22
C GLY OA 73 34.85 117.97 -78.87
N GLU OA 74 34.03 117.65 -79.86
CA GLU OA 74 32.65 117.26 -79.61
C GLU OA 74 32.62 115.89 -78.95
N ILE OA 75 31.87 115.80 -77.85
CA ILE OA 75 31.65 114.52 -77.18
C ILE OA 75 30.58 113.76 -77.96
N LEU OA 76 30.99 112.73 -78.69
CA LEU OA 76 30.06 111.97 -79.51
C LEU OA 76 29.22 110.98 -78.71
N TRP OA 77 29.69 110.58 -77.53
CA TRP OA 77 29.00 109.59 -76.72
C TRP OA 77 29.46 109.73 -75.28
N SER OA 78 28.53 109.55 -74.36
CA SER OA 78 28.87 109.63 -72.94
C SER OA 78 27.78 108.94 -72.13
N ALA OA 79 28.15 108.46 -70.95
CA ALA OA 79 27.21 107.79 -70.06
C ALA OA 79 27.78 107.73 -68.65
N PRO OA 80 26.96 107.87 -67.63
CA PRO OA 80 27.41 107.54 -66.27
C PRO OA 80 27.22 106.06 -65.99
N LEU OA 81 28.09 105.53 -65.14
CA LEU OA 81 27.96 104.14 -64.71
C LEU OA 81 26.65 103.95 -63.98
N GLY OA 82 25.95 102.86 -64.31
CA GLY OA 82 24.68 102.56 -63.71
C GLY OA 82 23.92 101.56 -64.55
N PRO OA 83 22.78 101.08 -64.03
CA PRO OA 83 22.05 100.02 -64.74
C PRO OA 83 21.56 100.45 -66.11
N ASP OA 84 21.41 101.74 -66.35
CA ASP OA 84 20.91 102.23 -67.64
C ASP OA 84 21.90 102.02 -68.77
N LEU OA 85 23.10 101.51 -68.50
CA LEU OA 85 24.06 101.16 -69.53
C LEU OA 85 23.73 99.84 -70.23
N ASN OA 86 22.73 99.11 -69.76
CA ASN OA 86 22.49 97.75 -70.25
C ASN OA 86 20.98 97.46 -70.23
N PRO OA 87 20.39 97.12 -71.38
CA PRO OA 87 18.92 97.02 -71.44
C PRO OA 87 18.33 95.99 -70.48
N TYR OA 88 19.00 94.86 -70.26
CA TYR OA 88 18.51 93.90 -69.27
C TYR OA 88 18.58 94.50 -67.88
N LEU OA 89 19.74 95.06 -67.50
CA LEU OA 89 19.86 95.70 -66.20
C LEU OA 89 18.87 96.85 -66.04
N SER OA 90 18.52 97.52 -67.15
CA SER OA 90 17.58 98.64 -67.08
C SER OA 90 16.22 98.19 -66.55
N HIS OA 91 15.70 97.07 -67.07
CA HIS OA 91 14.42 96.56 -66.60
C HIS OA 91 14.56 95.96 -65.21
N LEU OA 92 15.67 95.24 -64.95
CA LEU OA 92 15.88 94.71 -63.62
C LEU OA 92 15.94 95.83 -62.59
N ALA OA 93 16.55 96.97 -62.96
CA ALA OA 93 16.71 98.06 -62.00
C ALA OA 93 15.38 98.60 -61.54
N ARG OA 94 14.32 98.43 -62.34
CA ARG OA 94 12.99 98.84 -61.93
C ARG OA 94 12.49 98.03 -60.75
N MET OA 95 13.21 96.98 -60.38
CA MET OA 95 12.81 96.05 -59.33
C MET OA 95 13.69 96.13 -58.10
N TYR OA 96 14.72 96.98 -58.11
CA TYR OA 96 15.69 97.07 -57.03
C TYR OA 96 15.86 98.51 -56.56
N ASN OA 97 16.36 98.65 -55.34
CA ASN OA 97 16.53 99.98 -54.74
C ASN OA 97 17.91 100.57 -55.00
N GLY OA 98 18.92 99.75 -55.23
CA GLY OA 98 20.25 100.26 -55.45
C GLY OA 98 21.13 99.27 -56.18
N TYR OA 99 22.40 99.64 -56.31
CA TYR OA 99 23.36 98.84 -57.05
C TYR OA 99 24.77 99.24 -56.63
N ALA OA 100 25.73 98.41 -57.04
CA ALA OA 100 27.14 98.70 -56.90
C ALA OA 100 27.90 97.77 -57.84
N GLY OA 101 29.03 98.25 -58.34
CA GLY OA 101 29.88 97.45 -59.20
C GLY OA 101 30.05 98.07 -60.58
N GLY OA 102 30.92 97.43 -61.35
CA GLY OA 102 31.42 98.01 -62.58
C GLY OA 102 30.83 97.33 -63.82
N PHE OA 103 31.23 97.86 -64.97
CA PHE OA 103 30.76 97.36 -66.25
C PHE OA 103 31.95 97.08 -67.15
N GLU OA 104 31.73 96.21 -68.13
CA GLU OA 104 32.61 96.05 -69.27
C GLU OA 104 31.85 96.57 -70.48
N VAL OA 105 32.39 97.57 -71.17
CA VAL OA 105 31.75 98.14 -72.35
C VAL OA 105 32.55 97.74 -73.58
N GLN OA 106 31.84 97.44 -74.66
CA GLN OA 106 32.43 97.09 -75.94
C GLN OA 106 31.98 98.10 -76.98
N VAL OA 107 32.95 98.72 -77.66
CA VAL OA 107 32.68 99.75 -78.66
C VAL OA 107 33.15 99.24 -80.02
N ILE OA 108 32.31 99.38 -81.03
CA ILE OA 108 32.61 98.91 -82.39
C ILE OA 108 32.87 100.13 -83.26
N LEU OA 109 33.99 100.12 -83.97
CA LEU OA 109 34.40 101.25 -84.80
C LEU OA 109 35.01 100.77 -86.11
N ALA OA 110 34.34 99.89 -86.84
CA ALA OA 110 35.03 99.23 -87.95
C ALA OA 110 34.79 100.04 -89.22
N GLY OA 111 35.41 101.22 -89.23
CA GLY OA 111 35.24 102.15 -90.34
C GLY OA 111 35.78 101.59 -91.64
N ASN OA 112 35.32 102.20 -92.74
CA ASN OA 112 35.84 101.85 -94.05
C ASN OA 112 37.33 102.21 -94.12
N ALA OA 113 38.08 101.44 -94.91
CA ALA OA 113 39.53 101.57 -94.91
C ALA OA 113 40.00 102.92 -95.44
N PHE OA 114 39.13 103.65 -96.14
CA PHE OA 114 39.48 104.93 -96.75
C PHE OA 114 39.29 106.12 -95.82
N THR OA 115 38.98 105.88 -94.54
CA THR OA 115 38.69 106.96 -93.61
C THR OA 115 39.86 107.17 -92.65
N ALA OA 116 39.94 108.39 -92.12
CA ALA OA 116 40.92 108.72 -91.11
C ALA OA 116 40.24 109.40 -89.93
N GLY OA 117 40.85 109.29 -88.77
CA GLY OA 117 40.37 109.98 -87.58
C GLY OA 117 40.60 109.17 -86.33
N LYS OA 118 40.64 109.87 -85.20
CA LYS OA 118 40.89 109.26 -83.90
C LYS OA 118 39.80 109.66 -82.92
N ILE OA 119 39.41 108.72 -82.07
CA ILE OA 119 38.49 108.97 -80.96
C ILE OA 119 39.23 108.70 -79.66
N ILE OA 120 39.03 109.58 -78.67
CA ILE OA 120 39.58 109.40 -77.33
C ILE OA 120 38.46 108.99 -76.40
N PHE OA 121 38.69 107.93 -75.62
CA PHE OA 121 37.79 107.52 -74.56
C PHE OA 121 38.43 107.86 -73.22
N ALA OA 122 37.64 108.39 -72.29
CA ALA OA 122 38.17 108.75 -70.98
C ALA OA 122 37.17 108.47 -69.87
N ALA OA 123 37.68 108.10 -68.71
CA ALA OA 123 36.92 107.96 -67.49
C ALA OA 123 37.13 109.22 -66.64
N VAL OA 124 36.07 109.96 -66.40
CA VAL OA 124 36.11 111.15 -65.55
C VAL OA 124 35.49 110.80 -64.20
N PRO OA 125 36.16 111.12 -63.09
CA PRO OA 125 35.75 110.58 -61.80
C PRO OA 125 34.52 111.29 -61.26
N PRO OA 126 33.86 110.73 -60.25
CA PRO OA 126 32.64 111.35 -59.72
C PRO OA 126 32.91 112.75 -59.20
N ASN OA 127 32.01 113.67 -59.56
CA ASN OA 127 31.99 115.08 -59.13
C ASN OA 127 32.96 115.95 -59.91
N PHE OA 128 33.45 115.49 -61.05
CA PHE OA 128 34.21 116.42 -61.88
C PHE OA 128 33.32 116.89 -63.02
N PRO OA 129 33.25 118.19 -63.30
CA PRO OA 129 32.35 118.68 -64.35
C PRO OA 129 32.88 118.35 -65.74
N THR OA 130 32.04 117.67 -66.53
CA THR OA 130 32.34 117.24 -67.89
C THR OA 130 32.09 118.35 -68.92
N GLU OA 131 31.46 119.45 -68.51
CA GLU OA 131 30.73 120.29 -69.46
C GLU OA 131 31.66 121.08 -70.37
N GLY OA 132 32.67 121.74 -69.81
CA GLY OA 132 33.58 122.49 -70.64
C GLY OA 132 34.83 121.79 -71.14
N LEU OA 133 34.92 120.46 -71.03
CA LEU OA 133 36.21 119.79 -71.22
C LEU OA 133 36.73 119.97 -72.64
N SER OA 134 37.99 120.36 -72.74
CA SER OA 134 38.75 120.45 -73.97
C SER OA 134 39.44 119.12 -74.26
N PRO OA 135 39.84 118.87 -75.51
CA PRO OA 135 40.57 117.62 -75.79
C PRO OA 135 41.85 117.51 -74.99
N SER OA 136 42.62 118.59 -74.88
CA SER OA 136 43.78 118.60 -74.00
C SER OA 136 43.42 118.11 -72.60
N GLN OA 137 42.31 118.61 -72.04
CA GLN OA 137 41.97 118.27 -70.66
C GLN OA 137 41.58 116.81 -70.52
N VAL OA 138 40.83 116.28 -71.49
CA VAL OA 138 40.37 114.90 -71.42
C VAL OA 138 41.55 113.95 -71.36
N THR OA 139 42.66 114.32 -72.02
CA THR OA 139 43.89 113.55 -71.94
C THR OA 139 44.43 113.39 -70.53
N MET OA 140 44.01 114.24 -69.59
CA MET OA 140 44.59 114.17 -68.26
C MET OA 140 43.88 113.16 -67.35
N PHE OA 141 42.75 112.61 -67.78
CA PHE OA 141 42.11 111.49 -67.11
C PHE OA 141 42.70 110.20 -67.63
N PRO OA 142 42.42 109.07 -66.98
CA PRO OA 142 42.69 107.78 -67.63
C PRO OA 142 41.98 107.73 -68.97
N HIS OA 143 42.73 107.39 -70.02
CA HIS OA 143 42.19 107.54 -71.36
C HIS OA 143 42.82 106.55 -72.33
N ILE OA 144 42.13 106.35 -73.44
CA ILE OA 144 42.57 105.49 -74.53
C ILE OA 144 42.28 106.21 -75.84
N ILE OA 145 43.23 106.17 -76.77
CA ILE OA 145 43.08 106.83 -78.06
C ILE OA 145 43.00 105.76 -79.15
N VAL OA 146 41.87 105.73 -79.85
CA VAL OA 146 41.52 104.66 -80.77
C VAL OA 146 41.35 105.24 -82.18
N ASP OA 147 41.82 104.51 -83.18
CA ASP OA 147 41.67 104.95 -84.56
C ASP OA 147 40.26 104.61 -85.02
N VAL OA 148 39.67 105.52 -85.80
CA VAL OA 148 38.29 105.38 -86.21
C VAL OA 148 38.09 104.14 -87.09
N ARG OA 149 39.17 103.58 -87.63
CA ARG OA 149 39.09 102.41 -88.49
C ARG OA 149 39.23 101.09 -87.75
N GLN OA 150 39.39 101.09 -86.43
CA GLN OA 150 39.78 99.87 -85.73
C GLN OA 150 38.75 98.76 -85.92
N LEU OA 151 39.25 97.56 -86.24
CA LEU OA 151 38.39 96.45 -86.63
C LEU OA 151 37.86 95.70 -85.41
N GLU OA 152 38.75 95.36 -84.49
CA GLU OA 152 38.30 94.64 -83.33
C GLU OA 152 37.64 95.60 -82.36
N PRO OA 153 36.61 95.15 -81.64
CA PRO OA 153 35.92 96.04 -80.72
C PRO OA 153 36.87 96.52 -79.64
N VAL OA 154 36.58 97.71 -79.13
CA VAL OA 154 37.39 98.28 -78.06
C VAL OA 154 36.74 97.89 -76.75
N LEU OA 155 37.54 97.33 -75.85
CA LEU OA 155 37.05 96.85 -74.58
C LEU OA 155 37.53 97.81 -73.49
N ILE OA 156 36.59 98.43 -72.79
CA ILE OA 156 36.88 99.40 -71.75
C ILE OA 156 36.26 98.88 -70.47
N PRO OA 157 37.05 98.58 -69.44
CA PRO OA 157 36.47 98.29 -68.13
C PRO OA 157 36.15 99.61 -67.41
N LEU OA 158 34.96 99.68 -66.82
CA LEU OA 158 34.47 100.90 -66.17
C LEU OA 158 34.22 100.59 -64.72
N PRO OA 159 35.16 100.90 -63.82
CA PRO OA 159 34.97 100.55 -62.41
C PRO OA 159 34.10 101.56 -61.69
N ASP OA 160 33.43 101.07 -60.64
CA ASP OA 160 32.48 101.88 -59.87
C ASP OA 160 33.22 102.65 -58.78
N VAL OA 161 34.04 103.61 -59.24
CA VAL OA 161 34.68 104.54 -58.32
C VAL OA 161 33.61 105.30 -57.53
N ARG OA 162 33.78 105.35 -56.22
CA ARG OA 162 32.76 105.88 -55.31
C ARG OA 162 33.38 105.99 -53.93
N ASN OA 163 32.65 106.64 -53.01
CA ASN OA 163 33.08 106.80 -51.64
C ASN OA 163 32.07 106.23 -50.64
N ASN OA 164 31.16 105.37 -51.10
CA ASN OA 164 30.19 104.71 -50.24
C ASN OA 164 30.14 103.24 -50.59
N PHE OA 165 29.38 102.48 -49.81
CA PHE OA 165 29.28 101.04 -50.04
C PHE OA 165 28.54 100.74 -51.33
N TYR OA 166 27.51 101.51 -51.64
CA TYR OA 166 26.72 101.28 -52.84
C TYR OA 166 25.86 102.52 -53.12
N HIS OA 167 25.18 102.49 -54.25
CA HIS OA 167 24.41 103.63 -54.75
C HIS OA 167 22.92 103.34 -54.59
N TYR OA 168 22.16 104.40 -54.31
CA TYR OA 168 20.71 104.31 -54.34
C TYR OA 168 20.21 104.76 -55.71
N ASN OA 169 19.17 104.08 -56.21
CA ASN OA 169 18.60 104.46 -57.49
C ASN OA 169 17.99 105.86 -57.45
N GLN OA 170 17.32 106.18 -56.35
CA GLN OA 170 16.54 107.40 -56.21
C GLN OA 170 17.36 108.61 -55.81
N SER OA 171 18.68 108.53 -55.72
CA SER OA 171 19.45 109.65 -55.24
C SER OA 171 20.23 110.32 -56.38
N ASN OA 172 20.84 111.44 -56.03
CA ASN OA 172 21.59 112.28 -56.96
C ASN OA 172 23.10 112.07 -56.92
N ASP OA 173 23.61 111.20 -56.05
CA ASP OA 173 25.05 111.00 -55.97
C ASP OA 173 25.61 110.60 -57.34
N PRO OA 174 26.67 111.25 -57.80
CA PRO OA 174 27.20 110.97 -59.14
C PRO OA 174 28.11 109.75 -59.17
N THR OA 175 28.24 109.19 -60.36
CA THR OA 175 29.07 108.02 -60.59
C THR OA 175 30.10 108.37 -61.66
N ILE OA 176 31.05 107.45 -61.84
CA ILE OA 176 32.04 107.61 -62.90
C ILE OA 176 31.35 107.73 -64.25
N LYS OA 177 31.89 108.57 -65.12
CA LYS OA 177 31.39 108.74 -66.47
C LYS OA 177 32.44 108.27 -67.46
N LEU OA 178 32.00 107.53 -68.47
CA LEU OA 178 32.82 107.19 -69.61
C LEU OA 178 32.53 108.18 -70.74
N ILE OA 179 33.58 108.72 -71.34
CA ILE OA 179 33.49 109.80 -72.29
C ILE OA 179 34.10 109.34 -73.60
N ALA OA 180 33.41 109.57 -74.71
CA ALA OA 180 33.98 109.39 -76.03
C ALA OA 180 33.92 110.73 -76.74
N MET OA 181 35.07 111.25 -77.13
CA MET OA 181 35.16 112.55 -77.77
C MET OA 181 35.93 112.41 -79.07
N LEU OA 182 35.51 113.16 -80.08
CA LEU OA 182 36.24 113.16 -81.34
C LEU OA 182 37.57 113.88 -81.12
N TYR OA 183 38.66 113.14 -81.26
CA TYR OA 183 39.99 113.64 -80.96
C TYR OA 183 40.65 114.25 -82.18
N THR OA 184 40.40 113.67 -83.35
CA THR OA 184 40.81 114.15 -84.65
C THR OA 184 39.62 114.15 -85.59
N PRO OA 185 39.50 115.15 -86.47
CA PRO OA 185 38.36 115.19 -87.39
C PRO OA 185 38.35 113.98 -88.30
N LEU OA 186 37.17 113.65 -88.80
CA LEU OA 186 37.04 112.53 -89.73
C LEU OA 186 37.43 112.99 -91.13
N ARG OA 187 38.40 112.29 -91.72
CA ARG OA 187 38.87 112.53 -93.08
C ARG OA 187 38.67 111.26 -93.89
N ALA OA 188 38.62 111.42 -95.22
CA ALA OA 188 38.47 110.27 -96.09
C ALA OA 188 39.08 110.58 -97.45
N ASN OA 189 39.66 109.55 -98.08
CA ASN OA 189 40.37 109.71 -99.34
C ASN OA 189 39.94 108.71 -100.40
N ASN OA 190 38.76 108.11 -100.27
CA ASN OA 190 38.14 107.48 -101.43
C ASN OA 190 37.82 108.55 -102.47
N ALA OA 191 37.66 108.12 -103.71
CA ALA OA 191 37.24 109.01 -104.79
C ALA OA 191 35.73 108.82 -105.00
N GLY OA 192 34.98 109.87 -104.77
CA GLY OA 192 33.54 109.81 -104.90
C GLY OA 192 32.90 110.59 -103.78
N ASP OA 193 31.57 110.52 -103.71
CA ASP OA 193 30.84 111.28 -102.70
C ASP OA 193 31.28 110.86 -101.31
N ASP OA 194 31.63 111.84 -100.47
CA ASP OA 194 32.32 111.60 -99.20
C ASP OA 194 31.36 111.09 -98.13
N VAL OA 195 30.71 109.97 -98.43
CA VAL OA 195 29.59 109.49 -97.63
C VAL OA 195 30.03 108.45 -96.60
N PHE OA 196 31.34 108.29 -96.39
CA PHE OA 196 31.85 107.21 -95.54
C PHE OA 196 31.79 107.56 -94.05
N THR OA 197 30.58 107.85 -93.59
CA THR OA 197 30.37 108.05 -92.16
C THR OA 197 30.70 106.76 -91.43
N VAL OA 198 31.29 106.88 -90.25
CA VAL OA 198 31.63 105.72 -89.43
C VAL OA 198 30.51 105.51 -88.43
N SER OA 199 29.71 104.47 -88.66
CA SER OA 199 28.64 104.11 -87.74
C SER OA 199 29.19 103.25 -86.60
N CYS OA 200 28.92 103.67 -85.36
CA CYS OA 200 29.51 103.06 -84.18
C CYS OA 200 28.43 102.49 -83.29
N ARG OA 201 28.77 101.41 -82.57
CA ARG OA 201 27.84 100.76 -81.65
C ARG OA 201 28.53 100.53 -80.32
N VAL OA 202 27.78 100.72 -79.24
CA VAL OA 202 28.25 100.49 -77.88
C VAL OA 202 27.46 99.34 -77.29
N LEU OA 203 28.17 98.30 -76.86
CA LEU OA 203 27.57 97.16 -76.19
C LEU OA 203 28.21 97.03 -74.81
N THR OA 204 27.47 96.44 -73.86
CA THR OA 204 27.93 96.34 -72.49
C THR OA 204 27.51 95.01 -71.87
N ARG OA 205 28.09 94.73 -70.71
CA ARG OA 205 27.66 93.66 -69.82
C ARG OA 205 28.19 93.98 -68.44
N PRO OA 206 27.50 93.57 -67.38
CA PRO OA 206 27.96 93.93 -66.04
C PRO OA 206 29.21 93.14 -65.68
N SER OA 207 30.14 93.80 -64.99
CA SER OA 207 31.29 93.11 -64.45
C SER OA 207 30.85 92.05 -63.44
N PRO OA 208 31.72 91.09 -63.14
CA PRO OA 208 31.34 90.06 -62.15
C PRO OA 208 31.02 90.64 -60.78
N ASP OA 209 31.58 91.79 -60.43
CA ASP OA 209 31.31 92.41 -59.14
C ASP OA 209 30.09 93.31 -59.13
N PHE OA 210 29.41 93.50 -60.27
CA PHE OA 210 28.19 94.29 -60.26
C PHE OA 210 27.06 93.49 -59.62
N ASP OA 211 26.18 94.19 -58.92
CA ASP OA 211 25.03 93.54 -58.31
C ASP OA 211 24.01 94.58 -57.91
N PHE OA 212 22.74 94.16 -57.87
CA PHE OA 212 21.67 94.98 -57.32
C PHE OA 212 21.61 94.75 -55.81
N ILE OA 213 20.90 95.62 -55.11
CA ILE OA 213 20.99 95.65 -53.64
C ILE OA 213 19.69 95.19 -52.97
N PHE OA 214 18.58 95.91 -53.18
CA PHE OA 214 17.39 95.67 -52.37
C PHE OA 214 16.15 95.46 -53.23
N LEU OA 215 15.50 94.31 -53.07
CA LEU OA 215 14.27 93.99 -53.78
C LEU OA 215 13.12 94.89 -53.32
N VAL OA 216 12.50 95.60 -54.25
CA VAL OA 216 11.47 96.60 -53.94
C VAL OA 216 10.40 96.56 -55.02
N PRO OA 217 9.22 97.12 -54.74
CA PRO OA 217 8.11 97.06 -55.69
C PRO OA 217 8.47 97.66 -57.04
N PRO OA 218 8.28 96.90 -58.12
CA PRO OA 218 8.74 97.37 -59.43
C PRO OA 218 7.92 98.54 -59.96
N THR OA 219 8.59 99.34 -60.80
CA THR OA 219 7.99 100.45 -61.57
C THR OA 219 7.30 101.47 -60.66
N VAL OA 220 7.94 101.82 -59.55
CA VAL OA 220 7.34 102.77 -58.61
C VAL OA 220 8.34 103.90 -58.40
N GLU OA 221 9.58 103.69 -58.82
CA GLU OA 221 10.63 104.68 -58.66
C GLU OA 221 10.77 105.47 -59.97
N SER OA 222 10.73 106.79 -59.87
CA SER OA 222 10.69 107.63 -61.06
C SER OA 222 11.92 107.40 -61.94
N ARG OA 223 13.10 107.42 -61.33
CA ARG OA 223 14.37 107.37 -62.06
C ARG OA 223 14.58 106.06 -62.82
N THR OA 224 13.73 105.06 -62.61
CA THR OA 224 13.84 103.79 -63.35
C THR OA 224 12.82 103.64 -64.46
N LYS OA 225 11.90 104.59 -64.64
CA LYS OA 225 10.93 104.47 -65.72
C LYS OA 225 11.63 104.65 -67.06
N PRO OA 226 11.41 103.75 -68.02
CA PRO OA 226 12.05 103.89 -69.33
C PRO OA 226 11.21 104.66 -70.33
N PHE OA 227 11.92 105.34 -71.23
CA PHE OA 227 11.28 106.21 -72.22
C PHE OA 227 10.76 105.40 -73.40
N THR OA 228 9.56 105.75 -73.86
CA THR OA 228 8.95 105.13 -75.03
C THR OA 228 8.23 106.19 -75.85
N VAL OA 229 7.84 105.80 -77.05
CA VAL OA 229 7.18 106.71 -78.00
C VAL OA 229 5.93 106.01 -78.51
N PRO OA 230 4.78 106.67 -78.52
CA PRO OA 230 3.54 105.99 -78.91
C PRO OA 230 3.62 105.43 -80.33
N ILE OA 231 3.00 104.25 -80.50
CA ILE OA 231 2.99 103.56 -81.79
C ILE OA 231 1.90 104.06 -82.72
N LEU OA 232 1.12 105.07 -82.33
CA LEU OA 232 0.05 105.57 -83.18
C LEU OA 232 0.61 106.17 -84.47
N THR OA 233 -0.19 106.08 -85.52
CA THR OA 233 0.13 106.65 -86.81
C THR OA 233 -0.23 108.14 -86.84
N VAL OA 234 0.37 108.86 -87.78
CA VAL OA 234 0.09 110.29 -87.94
C VAL OA 234 -1.41 110.54 -88.11
N GLU OA 235 -2.07 109.76 -88.98
CA GLU OA 235 -3.51 109.97 -89.17
C GLU OA 235 -4.31 109.76 -87.89
N GLU OA 236 -3.84 108.88 -87.00
CA GLU OA 236 -4.60 108.59 -85.79
C GLU OA 236 -4.38 109.62 -84.68
N MET OA 237 -3.45 110.56 -84.87
CA MET OA 237 -3.18 111.56 -83.86
C MET OA 237 -3.83 112.89 -84.27
N THR OA 238 -3.69 113.89 -83.40
CA THR OA 238 -4.37 115.16 -83.53
C THR OA 238 -3.37 116.30 -83.31
N ASN OA 239 -3.62 117.42 -83.99
CA ASN OA 239 -2.76 118.57 -83.82
C ASN OA 239 -2.90 119.14 -82.40
N SER OA 240 -1.80 119.67 -81.87
CA SER OA 240 -1.73 120.16 -80.51
C SER OA 240 -1.89 121.66 -80.43
N ARG OA 241 -2.09 122.34 -81.56
CA ARG OA 241 -2.24 123.79 -81.61
C ARG OA 241 -3.65 124.22 -82.03
N PHE OA 242 -4.50 123.28 -82.44
CA PHE OA 242 -5.86 123.52 -82.87
C PHE OA 242 -6.59 122.18 -82.87
N PRO OA 243 -7.84 122.12 -82.42
CA PRO OA 243 -8.51 120.82 -82.28
C PRO OA 243 -8.85 120.14 -83.60
N ILE OA 244 -7.83 119.77 -84.38
CA ILE OA 244 -8.06 119.10 -85.66
C ILE OA 244 -7.04 118.00 -85.84
N PRO OA 245 -7.38 116.97 -86.61
CA PRO OA 245 -6.46 115.85 -86.82
C PRO OA 245 -5.24 116.25 -87.65
N LEU OA 246 -4.19 115.43 -87.51
CA LEU OA 246 -3.00 115.55 -88.32
C LEU OA 246 -3.23 114.89 -89.68
N GLU OA 247 -2.43 115.29 -90.67
CA GLU OA 247 -2.58 114.69 -92.00
C GLU OA 247 -1.25 114.42 -92.69
N LYS OA 248 -0.26 115.31 -92.57
CA LYS OA 248 1.02 115.07 -93.23
C LYS OA 248 2.18 115.50 -92.36
N LEU OA 249 3.37 115.03 -92.74
CA LEU OA 249 4.64 115.44 -92.16
C LEU OA 249 5.37 116.40 -93.09
N PHE OA 250 5.90 117.50 -92.52
CA PHE OA 250 6.57 118.51 -93.31
C PHE OA 250 7.86 118.95 -92.62
N THR OA 251 8.94 119.07 -93.40
CA THR OA 251 10.16 119.72 -92.96
C THR OA 251 10.45 120.91 -93.87
N GLY OA 252 10.95 122.00 -93.29
CA GLY OA 252 11.33 123.15 -94.07
C GLY OA 252 12.31 124.06 -93.37
N PRO OA 253 12.94 124.96 -94.13
CA PRO OA 253 13.82 125.95 -93.51
C PRO OA 253 13.05 126.98 -92.72
N SER OA 254 13.62 127.37 -91.57
CA SER OA 254 12.93 128.24 -90.61
C SER OA 254 13.73 129.49 -90.28
N GLY OA 255 14.68 129.88 -91.15
CA GLY OA 255 15.47 131.07 -90.87
C GLY OA 255 14.70 132.37 -90.99
N ALA OA 256 13.73 132.44 -91.90
CA ALA OA 256 13.01 133.69 -92.10
C ALA OA 256 12.19 134.06 -90.87
N PHE OA 257 11.42 133.11 -90.37
CA PHE OA 257 10.45 133.31 -89.30
C PHE OA 257 11.02 132.78 -87.98
N VAL OA 258 10.28 132.99 -86.89
CA VAL OA 258 10.67 132.52 -85.55
C VAL OA 258 9.68 131.48 -85.04
N VAL OA 259 10.16 130.25 -84.86
CA VAL OA 259 9.34 129.12 -84.43
C VAL OA 259 9.28 129.13 -82.92
N GLN OA 260 8.19 129.63 -82.35
CA GLN OA 260 8.08 129.68 -80.89
C GLN OA 260 6.65 129.42 -80.43
N PRO OA 261 6.00 128.34 -80.87
CA PRO OA 261 4.63 128.09 -80.42
C PRO OA 261 4.57 127.82 -78.92
N GLN OA 262 3.39 128.03 -78.34
CA GLN OA 262 3.20 127.82 -76.92
C GLN OA 262 2.20 126.73 -76.57
N ASN OA 263 1.50 126.17 -77.55
CA ASN OA 263 0.66 125.01 -77.33
C ASN OA 263 1.33 123.79 -77.94
N GLY OA 264 1.08 122.62 -77.36
CA GLY OA 264 1.77 121.43 -77.78
C GLY OA 264 3.27 121.52 -77.56
N ARG OA 265 3.67 122.04 -76.41
CA ARG OA 265 5.08 122.09 -76.02
C ARG OA 265 5.26 121.32 -74.71
N CYS OA 266 5.96 120.19 -74.78
CA CYS OA 266 6.17 119.32 -73.64
C CYS OA 266 7.52 118.64 -73.79
N THR OA 267 8.21 118.48 -72.68
CA THR OA 267 9.51 117.84 -72.65
C THR OA 267 9.39 116.32 -72.54
N THR OA 268 10.45 115.64 -73.00
CA THR OA 268 10.48 114.18 -72.99
C THR OA 268 10.16 113.57 -71.63
N ASP OA 269 10.61 114.17 -70.53
CA ASP OA 269 10.29 113.61 -69.22
C ASP OA 269 9.01 114.18 -68.61
N GLY OA 270 8.16 114.82 -69.41
CA GLY OA 270 6.79 115.11 -69.01
C GLY OA 270 6.54 116.43 -68.32
N VAL OA 271 7.42 117.41 -68.45
CA VAL OA 271 7.19 118.75 -67.93
C VAL OA 271 6.52 119.58 -69.02
N LEU OA 272 5.31 120.06 -68.75
CA LEU OA 272 4.60 120.91 -69.70
C LEU OA 272 5.16 122.32 -69.68
N LEU OA 273 5.08 122.99 -70.83
CA LEU OA 273 5.66 124.31 -71.01
C LEU OA 273 4.65 125.24 -71.67
N GLY OA 274 4.87 126.53 -71.50
CA GLY OA 274 4.02 127.53 -72.16
C GLY OA 274 2.58 127.41 -71.73
N THR OA 275 1.67 127.45 -72.71
CA THR OA 275 0.24 127.36 -72.46
C THR OA 275 -0.31 125.95 -72.67
N THR OA 276 0.55 124.94 -72.62
CA THR OA 276 0.18 123.59 -73.00
C THR OA 276 -0.57 122.89 -71.88
N GLN OA 277 -1.65 122.19 -72.25
CA GLN OA 277 -2.39 121.35 -71.32
C GLN OA 277 -2.71 120.04 -72.04
N LEU OA 278 -3.43 119.15 -71.37
CA LEU OA 278 -3.55 117.78 -71.86
C LEU OA 278 -4.76 117.55 -72.75
N SER OA 279 -5.80 118.35 -72.62
CA SER OA 279 -7.04 118.06 -73.33
C SER OA 279 -6.92 118.45 -74.80
N PRO OA 280 -7.15 117.53 -75.74
CA PRO OA 280 -7.06 117.89 -77.17
C PRO OA 280 -8.23 118.71 -77.67
N VAL OA 281 -9.27 118.92 -76.86
CA VAL OA 281 -10.47 119.62 -77.31
C VAL OA 281 -10.45 121.09 -76.88
N ASN OA 282 -9.78 121.38 -75.76
CA ASN OA 282 -9.74 122.72 -75.21
C ASN OA 282 -8.59 123.56 -75.76
N ILE OA 283 -8.09 123.24 -76.95
CA ILE OA 283 -6.82 123.85 -77.37
C ILE OA 283 -6.99 125.22 -78.00
N CYS OA 284 -8.22 125.64 -78.28
CA CYS OA 284 -8.51 127.03 -78.64
C CYS OA 284 -9.90 127.40 -78.13
N THR OA 285 -10.17 127.05 -76.88
CA THR OA 285 -11.47 127.29 -76.27
C THR OA 285 -11.34 128.42 -75.26
N PHE OA 286 -12.47 129.06 -74.97
CA PHE OA 286 -12.56 130.04 -73.90
C PHE OA 286 -13.86 129.81 -73.15
N ARG OA 287 -13.82 129.95 -71.82
CA ARG OA 287 -14.98 129.78 -70.99
C ARG OA 287 -15.07 130.93 -70.00
N GLY OA 288 -16.27 131.47 -69.82
CA GLY OA 288 -16.45 132.53 -68.84
C GLY OA 288 -17.79 133.23 -69.01
N ASP OA 289 -17.90 134.38 -68.36
CA ASP OA 289 -19.06 135.25 -68.43
C ASP OA 289 -18.84 136.34 -69.47
N VAL OA 290 -19.91 136.72 -70.15
CA VAL OA 290 -19.81 137.59 -71.32
C VAL OA 290 -20.55 138.89 -71.07
N THR OA 291 -20.07 139.96 -71.70
CA THR OA 291 -20.54 141.32 -71.46
C THR OA 291 -20.70 142.02 -72.81
N HIS OA 292 -21.82 142.71 -72.99
CA HIS OA 292 -22.07 143.45 -74.23
C HIS OA 292 -21.29 144.76 -74.25
N ILE OA 293 -20.81 145.13 -75.43
CA ILE OA 293 -20.20 146.43 -75.66
C ILE OA 293 -21.20 147.32 -76.39
N ALA OA 294 -21.54 148.45 -75.77
CA ALA OA 294 -22.69 149.24 -76.20
C ALA OA 294 -22.51 149.74 -77.64
N GLY OA 295 -23.53 149.54 -78.46
CA GLY OA 295 -23.58 150.08 -79.79
C GLY OA 295 -22.93 149.23 -80.88
N THR OA 296 -22.34 148.10 -80.52
CA THR OA 296 -21.62 147.27 -81.48
C THR OA 296 -22.16 145.84 -81.41
N HIS OA 297 -21.61 144.97 -82.26
CA HIS OA 297 -21.85 143.54 -82.18
C HIS OA 297 -20.73 142.80 -81.45
N ASP OA 298 -19.89 143.52 -80.71
CA ASP OA 298 -18.74 142.94 -80.03
C ASP OA 298 -19.08 142.68 -78.56
N TYR OA 299 -18.46 141.65 -77.99
CA TYR OA 299 -18.59 141.34 -76.58
C TYR OA 299 -17.22 141.15 -75.94
N THR OA 300 -17.14 141.48 -74.65
CA THR OA 300 -15.95 141.26 -73.84
C THR OA 300 -16.24 140.09 -72.91
N MET OA 301 -15.36 139.09 -72.92
CA MET OA 301 -15.54 137.88 -72.12
C MET OA 301 -14.53 137.85 -70.98
N ASN OA 302 -15.03 137.76 -69.76
CA ASN OA 302 -14.20 137.61 -68.56
C ASN OA 302 -13.92 136.13 -68.33
N LEU OA 303 -12.64 135.76 -68.29
CA LEU OA 303 -12.23 134.38 -68.49
C LEU OA 303 -12.34 133.56 -67.22
N ALA OA 304 -12.71 132.29 -67.38
CA ALA OA 304 -12.63 131.29 -66.33
C ALA OA 304 -11.77 130.13 -66.81
N SER OA 305 -11.22 129.39 -65.85
CA SER OA 305 -10.27 128.32 -66.16
C SER OA 305 -10.97 127.19 -66.94
N GLN OA 306 -10.16 126.22 -67.39
CA GLN OA 306 -10.68 125.20 -68.30
C GLN OA 306 -11.75 124.32 -67.65
N ASN OA 307 -11.83 124.34 -66.33
CA ASN OA 307 -12.82 123.58 -65.56
C ASN OA 307 -13.94 124.47 -65.02
N TRP OA 308 -14.07 125.69 -65.54
CA TRP OA 308 -15.01 126.69 -65.03
C TRP OA 308 -14.70 127.05 -63.58
N ASN OA 309 -13.42 127.24 -63.29
CA ASN OA 309 -12.95 127.77 -62.02
C ASN OA 309 -12.34 129.16 -62.26
N ASN OA 310 -12.05 129.85 -61.16
CA ASN OA 310 -11.48 131.19 -61.26
C ASN OA 310 -10.13 131.11 -61.96
N TYR OA 311 -9.82 132.12 -62.76
CA TYR OA 311 -8.54 132.23 -63.45
C TYR OA 311 -7.59 133.11 -62.65
N ASP OA 312 -6.40 132.60 -62.34
CA ASP OA 312 -5.45 133.33 -61.52
C ASP OA 312 -4.37 133.91 -62.44
N PRO OA 313 -4.29 135.24 -62.59
CA PRO OA 313 -3.32 135.81 -63.52
C PRO OA 313 -1.89 135.85 -63.00
N THR OA 314 -1.63 135.40 -61.78
CA THR OA 314 -0.29 135.44 -61.21
C THR OA 314 0.45 134.13 -61.41
N GLU OA 315 -0.19 133.15 -62.06
CA GLU OA 315 0.46 131.88 -62.34
C GLU OA 315 1.61 132.12 -63.31
N GLU OA 316 2.67 131.32 -63.16
CA GLU OA 316 3.87 131.51 -63.97
C GLU OA 316 3.68 130.85 -65.34
N ILE OA 317 2.67 131.34 -66.05
CA ILE OA 317 2.27 130.85 -67.37
C ILE OA 317 2.12 132.06 -68.27
N PRO OA 318 2.42 131.96 -69.58
CA PRO OA 318 2.21 133.12 -70.47
C PRO OA 318 0.76 133.51 -70.68
N ALA OA 319 -0.20 132.66 -70.29
CA ALA OA 319 -1.63 132.85 -70.53
C ALA OA 319 -2.40 131.65 -69.99
N PRO OA 320 -3.73 131.70 -69.93
CA PRO OA 320 -4.49 130.50 -69.59
C PRO OA 320 -4.22 129.37 -70.59
N LEU OA 321 -4.18 128.15 -70.08
CA LEU OA 321 -3.78 127.01 -70.90
C LEU OA 321 -4.77 126.82 -72.04
N GLY OA 322 -4.23 126.66 -73.25
CA GLY OA 322 -5.05 126.53 -74.45
C GLY OA 322 -5.32 127.81 -75.18
N THR OA 323 -4.75 128.93 -74.72
CA THR OA 323 -4.88 130.18 -75.45
C THR OA 323 -4.17 130.07 -76.79
N PRO OA 324 -4.80 130.49 -77.89
CA PRO OA 324 -4.14 130.40 -79.20
C PRO OA 324 -2.77 131.06 -79.19
N ASP OA 325 -1.85 130.49 -79.98
CA ASP OA 325 -0.46 130.90 -80.02
C ASP OA 325 -0.07 131.48 -81.37
N PHE OA 326 -1.04 132.06 -82.08
CA PHE OA 326 -0.77 132.73 -83.35
C PHE OA 326 -1.70 133.92 -83.46
N VAL OA 327 -1.33 134.89 -84.29
CA VAL OA 327 -2.14 136.09 -84.50
C VAL OA 327 -3.06 135.86 -85.68
N GLY OA 328 -4.35 136.07 -85.47
CA GLY OA 328 -5.32 135.84 -86.52
C GLY OA 328 -6.72 135.97 -86.00
N LYS OA 329 -7.67 135.80 -86.91
CA LYS OA 329 -9.09 135.83 -86.58
C LYS OA 329 -9.64 134.42 -86.70
N ILE OA 330 -10.03 133.85 -85.56
CA ILE OA 330 -10.52 132.49 -85.46
C ILE OA 330 -12.05 132.53 -85.37
N GLN OA 331 -12.72 131.87 -86.31
CA GLN OA 331 -14.17 131.82 -86.31
C GLN OA 331 -14.66 130.56 -85.63
N GLY OA 332 -15.68 130.72 -84.80
CA GLY OA 332 -16.30 129.60 -84.13
C GLY OA 332 -17.73 129.91 -83.73
N VAL OA 333 -18.14 129.43 -82.57
CA VAL OA 333 -19.52 129.57 -82.10
C VAL OA 333 -19.49 129.80 -80.60
N LEU OA 334 -20.14 130.87 -80.14
CA LEU OA 334 -20.39 131.05 -78.72
C LEU OA 334 -21.69 130.34 -78.37
N THR OA 335 -21.64 129.57 -77.27
CA THR OA 335 -22.80 128.83 -76.80
C THR OA 335 -23.02 129.18 -75.33
N GLN OA 336 -24.29 129.16 -74.92
CA GLN OA 336 -24.63 129.61 -73.58
C GLN OA 336 -25.81 128.79 -73.09
N THR OA 337 -25.86 128.59 -71.77
CA THR OA 337 -26.94 127.87 -71.13
C THR OA 337 -27.35 128.61 -69.87
N THR OA 338 -28.65 128.83 -69.68
CA THR OA 338 -29.16 129.48 -68.50
C THR OA 338 -29.49 128.42 -67.45
N ARG OA 339 -28.91 128.57 -66.26
CA ARG OA 339 -29.05 127.56 -65.21
C ARG OA 339 -30.49 127.44 -64.72
N GLY OA 340 -31.25 128.54 -64.75
CA GLY OA 340 -32.60 128.49 -64.19
C GLY OA 340 -33.58 127.67 -64.98
N ASP OA 341 -33.69 127.94 -66.29
CA ASP OA 341 -34.66 127.23 -67.12
C ASP OA 341 -34.06 126.31 -68.17
N GLY OA 342 -32.73 126.26 -68.29
CA GLY OA 342 -32.15 125.43 -69.34
C GLY OA 342 -32.27 125.97 -70.75
N SER OA 343 -32.54 127.27 -70.90
CA SER OA 343 -32.52 127.89 -72.21
C SER OA 343 -31.10 127.96 -72.75
N THR OA 344 -30.94 127.71 -74.04
CA THR OA 344 -29.62 127.66 -74.68
C THR OA 344 -29.59 128.53 -75.92
N ARG OA 345 -28.44 129.16 -76.15
CA ARG OA 345 -28.24 130.11 -77.24
C ARG OA 345 -26.95 129.78 -77.97
N GLY OA 346 -26.98 129.92 -79.31
CA GLY OA 346 -25.80 129.68 -80.11
C GLY OA 346 -25.64 130.64 -81.28
N HIS OA 347 -24.52 131.35 -81.33
CA HIS OA 347 -24.33 132.43 -82.29
C HIS OA 347 -22.92 132.39 -82.87
N LYS OA 348 -22.83 132.49 -84.20
CA LYS OA 348 -21.58 132.70 -84.90
C LYS OA 348 -20.78 133.83 -84.26
N ALA OA 349 -19.50 133.57 -84.01
CA ALA OA 349 -18.63 134.55 -83.37
C ALA OA 349 -17.20 134.39 -83.85
N THR OA 350 -16.40 135.43 -83.64
CA THR OA 350 -15.04 135.49 -84.16
C THR OA 350 -14.18 136.26 -83.19
N VAL OA 351 -12.98 135.74 -82.92
CA VAL OA 351 -11.99 136.38 -82.06
C VAL OA 351 -10.79 136.77 -82.90
N SER OA 352 -10.33 138.01 -82.73
CA SER OA 352 -9.10 138.49 -83.36
C SER OA 352 -7.99 138.49 -82.31
N THR OA 353 -7.01 137.62 -82.48
CA THR OA 353 -5.91 137.52 -81.53
C THR OA 353 -4.86 138.61 -81.72
N GLY OA 354 -4.93 139.36 -82.82
CA GLY OA 354 -4.08 140.53 -82.98
C GLY OA 354 -4.73 141.82 -82.55
N SER OA 355 -6.01 141.78 -82.23
CA SER OA 355 -6.72 142.94 -81.70
C SER OA 355 -6.12 143.39 -80.37
N VAL OA 356 -6.18 144.70 -80.13
CA VAL OA 356 -5.63 145.28 -78.91
C VAL OA 356 -6.42 144.85 -77.68
N HIS OA 357 -7.64 144.35 -77.85
CA HIS OA 357 -8.47 143.88 -76.75
C HIS OA 357 -8.37 142.37 -76.51
N PHE OA 358 -7.45 141.70 -77.20
CA PHE OA 358 -7.16 140.28 -76.93
C PHE OA 358 -6.08 140.25 -75.86
N THR OA 359 -6.50 140.22 -74.59
CA THR OA 359 -5.59 140.25 -73.44
C THR OA 359 -5.94 139.13 -72.47
N PRO OA 360 -5.73 137.87 -72.86
CA PRO OA 360 -6.13 136.76 -71.98
C PRO OA 360 -5.26 136.62 -70.74
N LYS OA 361 -4.01 137.10 -70.76
CA LYS OA 361 -3.20 137.11 -69.55
C LYS OA 361 -3.79 138.02 -68.49
N LEU OA 362 -4.48 139.09 -68.91
CA LEU OA 362 -5.14 139.99 -67.98
C LEU OA 362 -6.56 139.53 -67.62
N GLY OA 363 -7.15 138.65 -68.44
CA GLY OA 363 -8.39 137.99 -68.05
C GLY OA 363 -9.57 138.26 -68.95
N SER OA 364 -9.36 138.97 -70.06
CA SER OA 364 -10.46 139.40 -70.91
C SER OA 364 -10.10 139.19 -72.37
N VAL OA 365 -11.08 138.78 -73.16
CA VAL OA 365 -10.93 138.62 -74.60
C VAL OA 365 -12.20 139.15 -75.27
N GLN OA 366 -12.06 139.64 -76.49
CA GLN OA 366 -13.16 140.28 -77.20
C GLN OA 366 -13.54 139.48 -78.44
N PHE OA 367 -14.81 139.15 -78.56
CA PHE OA 367 -15.38 138.48 -79.71
C PHE OA 367 -16.27 139.45 -80.48
N THR OA 368 -16.44 139.19 -81.77
CA THR OA 368 -17.43 139.88 -82.59
C THR OA 368 -18.44 138.87 -83.11
N THR OA 369 -19.71 139.05 -82.77
CA THR OA 369 -20.75 138.06 -83.02
C THR OA 369 -21.74 138.59 -84.04
N ASP OA 370 -22.75 137.78 -84.33
CA ASP OA 370 -23.79 138.12 -85.30
C ASP OA 370 -25.10 138.57 -84.65
N THR OA 371 -25.07 138.96 -83.38
CA THR OA 371 -26.25 139.54 -82.75
C THR OA 371 -25.86 140.59 -81.71
N ASN OA 372 -26.78 141.50 -81.46
CA ASN OA 372 -26.68 142.49 -80.39
C ASN OA 372 -27.63 142.14 -79.24
N ASN OA 373 -28.37 141.05 -79.38
CA ASN OA 373 -29.33 140.53 -78.42
C ASN OA 373 -29.01 139.07 -78.16
N ASP OA 374 -29.74 138.46 -77.21
CA ASP OA 374 -29.69 137.01 -77.00
C ASP OA 374 -28.38 136.53 -76.40
N LEU OA 375 -27.70 137.35 -75.61
CA LEU OA 375 -26.53 136.89 -74.85
C LEU OA 375 -26.58 137.44 -73.43
N GLU OA 376 -26.92 136.58 -72.47
CA GLU OA 376 -27.14 136.98 -71.08
C GLU OA 376 -25.82 137.38 -70.41
N THR OA 377 -25.94 138.10 -69.30
CA THR OA 377 -24.78 138.68 -68.63
C THR OA 377 -24.15 137.72 -67.63
N GLY OA 378 -24.96 137.02 -66.83
CA GLY OA 378 -24.47 136.17 -65.77
C GLY OA 378 -24.29 134.70 -66.10
N GLN OA 379 -24.58 134.27 -67.33
CA GLN OA 379 -24.54 132.85 -67.66
C GLN OA 379 -23.20 132.45 -68.27
N ASN OA 380 -22.85 131.18 -68.07
CA ASN OA 380 -21.61 130.63 -68.59
C ASN OA 380 -21.66 130.47 -70.10
N THR OA 381 -20.57 130.86 -70.77
CA THR OA 381 -20.51 130.90 -72.22
C THR OA 381 -19.21 130.27 -72.70
N LYS OA 382 -19.30 129.45 -73.75
CA LYS OA 382 -18.18 128.69 -74.28
C LYS OA 382 -17.96 129.04 -75.75
N PHE OA 383 -16.73 129.39 -76.10
CA PHE OA 383 -16.33 129.56 -77.50
C PHE OA 383 -15.76 128.24 -78.01
N THR OA 384 -16.47 127.61 -78.96
CA THR OA 384 -16.00 126.41 -79.61
C THR OA 384 -15.33 126.78 -80.93
N PRO OA 385 -14.03 126.58 -81.09
CA PRO OA 385 -13.38 126.99 -82.34
C PRO OA 385 -13.73 126.05 -83.48
N VAL OA 386 -13.68 126.59 -84.70
CA VAL OA 386 -14.02 125.83 -85.89
C VAL OA 386 -12.97 126.02 -86.98
N GLY OA 387 -12.57 127.27 -87.20
CA GLY OA 387 -11.65 127.55 -88.29
C GLY OA 387 -11.13 128.97 -88.23
N VAL OA 388 -10.36 129.31 -89.26
CA VAL OA 388 -9.71 130.61 -89.35
C VAL OA 388 -10.20 131.31 -90.61
N VAL OA 389 -10.13 132.65 -90.60
CA VAL OA 389 -10.61 133.49 -91.69
C VAL OA 389 -9.55 134.51 -92.07
N GLN OA 390 -9.72 135.08 -93.26
CA GLN OA 390 -8.76 136.02 -93.84
C GLN OA 390 -9.51 137.17 -94.51
N ASP OA 391 -9.02 138.39 -94.31
CA ASP OA 391 -9.62 139.55 -94.94
C ASP OA 391 -9.30 139.54 -96.43
N GLY OA 392 -10.34 139.40 -97.26
CA GLY OA 392 -10.15 139.11 -98.67
C GLY OA 392 -9.55 140.23 -99.49
N ASN OA 393 -9.52 141.45 -98.96
CA ASN OA 393 -9.03 142.58 -99.73
C ASN OA 393 -7.51 142.74 -99.70
N SER OA 394 -6.84 142.16 -98.70
CA SER OA 394 -5.39 142.23 -98.61
C SER OA 394 -4.75 141.04 -99.31
N ALA OA 395 -3.43 140.92 -99.21
CA ALA OA 395 -2.70 139.86 -99.90
C ALA OA 395 -3.17 138.49 -99.42
N HIS OA 396 -3.38 137.59 -100.38
CA HIS OA 396 -3.89 136.26 -100.04
C HIS OA 396 -2.86 135.46 -99.24
N GLN OA 397 -3.36 134.73 -98.24
CA GLN OA 397 -2.55 133.85 -97.39
C GLN OA 397 -1.57 134.61 -96.49
N ASN OA 398 -2.03 135.73 -95.90
CA ASN OA 398 -1.17 136.57 -95.08
C ASN OA 398 -1.68 136.80 -93.66
N GLU OA 399 -2.91 136.39 -93.35
CA GLU OA 399 -3.60 136.75 -92.12
C GLU OA 399 -3.28 135.83 -90.93
N PRO OA 400 -3.36 134.50 -91.06
CA PRO OA 400 -3.20 133.65 -89.86
C PRO OA 400 -1.82 133.67 -89.24
N GLN OA 401 -0.74 133.82 -90.01
CA GLN OA 401 0.61 134.07 -89.48
C GLN OA 401 0.94 133.16 -88.29
N GLN OA 402 1.06 131.86 -88.59
CA GLN OA 402 1.09 130.87 -87.51
C GLN OA 402 2.30 131.04 -86.60
N TRP OA 403 3.38 131.62 -87.10
CA TRP OA 403 4.62 131.75 -86.35
C TRP OA 403 4.79 133.13 -85.71
N VAL OA 404 3.73 133.91 -85.63
CA VAL OA 404 3.74 135.20 -84.95
C VAL OA 404 2.91 135.08 -83.69
N LEU OA 405 3.53 135.31 -82.53
CA LEU OA 405 2.81 135.16 -81.29
C LEU OA 405 1.93 136.38 -81.02
N PRO OA 406 0.71 136.19 -80.52
CA PRO OA 406 -0.05 137.31 -79.98
C PRO OA 406 0.61 137.88 -78.74
N ASN OA 407 0.18 139.09 -78.37
CA ASN OA 407 0.66 139.75 -77.16
C ASN OA 407 -0.34 139.45 -76.06
N TYR OA 408 0.00 138.49 -75.20
CA TYR OA 408 -0.98 137.92 -74.27
C TYR OA 408 -1.44 138.94 -73.24
N SER OA 409 -0.65 139.97 -72.97
CA SER OA 409 -1.05 141.05 -72.07
C SER OA 409 -1.35 142.35 -72.83
N GLY OA 410 -1.71 142.25 -74.10
CA GLY OA 410 -2.00 143.36 -74.98
C GLY OA 410 -0.97 144.46 -74.90
N ARG OA 411 -1.45 145.70 -75.06
CA ARG OA 411 -0.59 146.88 -75.05
C ARG OA 411 0.11 147.10 -73.72
N THR OA 412 -0.37 146.47 -72.64
CA THR OA 412 0.12 146.80 -71.31
C THR OA 412 1.53 146.28 -71.08
N GLY OA 413 1.74 144.99 -71.32
CA GLY OA 413 3.08 144.43 -71.14
C GLY OA 413 3.47 143.51 -72.28
N HIS OA 414 4.56 142.78 -72.08
CA HIS OA 414 5.07 141.86 -73.07
C HIS OA 414 4.93 140.43 -72.57
N ASN OA 415 5.05 139.48 -73.50
CA ASN OA 415 4.86 138.08 -73.16
C ASN OA 415 5.91 137.63 -72.16
N VAL OA 416 5.51 136.78 -71.22
CA VAL OA 416 6.38 136.31 -70.15
C VAL OA 416 6.30 134.78 -70.07
N HIS OA 417 7.25 134.21 -69.33
CA HIS OA 417 7.34 132.78 -69.07
C HIS OA 417 7.04 131.96 -70.33
N LEU OA 418 7.65 132.35 -71.43
CA LEU OA 418 7.42 131.66 -72.70
C LEU OA 418 8.26 130.39 -72.77
N ALA OA 419 7.73 129.41 -73.50
CA ALA OA 419 8.56 128.28 -73.88
C ALA OA 419 9.63 128.75 -74.86
N PRO OA 420 10.84 128.20 -74.81
CA PRO OA 420 11.93 128.74 -75.62
C PRO OA 420 11.62 128.57 -77.10
N ALA OA 421 12.26 129.41 -77.92
CA ALA OA 421 12.17 129.21 -79.35
C ALA OA 421 13.01 128.00 -79.75
N VAL OA 422 12.80 127.56 -80.99
CA VAL OA 422 13.26 126.26 -81.45
C VAL OA 422 13.89 126.43 -82.81
N ALA OA 423 15.08 125.88 -83.01
CA ALA OA 423 15.77 125.98 -84.28
C ALA OA 423 16.69 124.78 -84.44
N PRO OA 424 16.94 124.34 -85.68
CA PRO OA 424 17.97 123.32 -85.89
C PRO OA 424 19.34 123.84 -85.50
N THR OA 425 20.14 122.96 -84.89
CA THR OA 425 21.45 123.33 -84.39
C THR OA 425 22.61 122.63 -85.10
N PHE OA 426 22.34 121.53 -85.81
CA PHE OA 426 23.34 120.71 -86.47
C PHE OA 426 23.33 120.96 -87.98
N PRO OA 427 24.50 121.06 -88.59
CA PRO OA 427 24.59 121.30 -90.04
C PRO OA 427 23.79 120.29 -90.84
N GLY OA 428 22.96 120.79 -91.75
CA GLY OA 428 22.17 119.96 -92.63
C GLY OA 428 20.80 119.59 -92.13
N GLU OA 429 20.42 120.07 -90.94
CA GLU OA 429 19.20 119.63 -90.28
C GLU OA 429 18.14 120.73 -90.32
N GLN OA 430 16.88 120.33 -90.46
CA GLN OA 430 15.75 121.23 -90.38
C GLN OA 430 14.72 120.66 -89.40
N LEU OA 431 13.89 121.54 -88.86
CA LEU OA 431 12.80 121.10 -88.01
C LEU OA 431 11.86 120.17 -88.78
N LEU OA 432 11.29 119.20 -88.06
CA LEU OA 432 10.28 118.31 -88.62
C LEU OA 432 8.94 118.64 -87.97
N PHE OA 433 7.97 119.03 -88.79
CA PHE OA 433 6.69 119.53 -88.32
C PHE OA 433 5.61 118.50 -88.61
N PHE OA 434 4.65 118.40 -87.70
CA PHE OA 434 3.43 117.63 -87.93
C PHE OA 434 2.37 118.61 -88.43
N ARG OA 435 1.97 118.46 -89.70
CA ARG OA 435 1.20 119.50 -90.38
C ARG OA 435 -0.27 119.11 -90.46
N SER OA 436 -1.13 120.05 -90.12
CA SER OA 436 -2.56 119.89 -90.15
C SER OA 436 -3.11 121.10 -90.92
N THR OA 437 -4.30 120.94 -91.50
CA THR OA 437 -4.91 121.99 -92.29
C THR OA 437 -6.15 122.50 -91.57
N MET OA 438 -6.13 123.77 -91.20
CA MET OA 438 -7.27 124.36 -90.50
C MET OA 438 -8.42 124.56 -91.48
N PRO OA 439 -9.66 124.43 -91.00
CA PRO OA 439 -10.81 124.82 -91.82
C PRO OA 439 -10.77 126.30 -92.14
N GLY OA 440 -11.03 126.64 -93.40
CA GLY OA 440 -11.25 128.02 -93.80
C GLY OA 440 -12.73 128.31 -93.87
N CYS OA 441 -13.12 129.44 -93.28
CA CYS OA 441 -14.52 129.83 -93.21
C CYS OA 441 -14.88 131.01 -94.10
N SER OA 442 -13.91 131.84 -94.49
CA SER OA 442 -14.13 132.95 -95.39
C SER OA 442 -12.77 133.56 -95.74
N GLY OA 443 -12.66 134.05 -96.96
CA GLY OA 443 -11.43 134.69 -97.40
C GLY OA 443 -10.47 133.71 -98.06
N TYR OA 444 -9.18 134.01 -98.01
CA TYR OA 444 -8.13 133.14 -98.54
C TYR OA 444 -7.06 132.96 -97.49
N PRO OA 445 -7.36 132.24 -96.41
CA PRO OA 445 -6.44 132.20 -95.26
C PRO OA 445 -5.31 131.19 -95.47
N ASN OA 446 -4.24 131.41 -94.72
CA ASN OA 446 -3.11 130.48 -94.71
C ASN OA 446 -3.50 129.32 -93.80
N MET OA 447 -3.94 128.23 -94.39
CA MET OA 447 -4.58 127.15 -93.65
C MET OA 447 -3.57 126.14 -93.11
N ASN OA 448 -2.28 126.37 -93.30
CA ASN OA 448 -1.26 125.44 -92.84
C ASN OA 448 -0.97 125.68 -91.36
N LEU OA 449 -1.07 124.61 -90.56
CA LEU OA 449 -0.72 124.66 -89.15
C LEU OA 449 0.29 123.58 -88.83
N ASP OA 450 1.47 123.98 -88.36
CA ASP OA 450 2.54 123.07 -87.99
C ASP OA 450 2.69 123.08 -86.46
N CYS OA 451 2.73 121.90 -85.86
CA CYS OA 451 3.04 121.75 -84.45
C CYS OA 451 4.30 120.92 -84.27
N LEU OA 452 4.95 121.09 -83.12
CA LEU OA 452 6.21 120.41 -82.86
C LEU OA 452 5.99 118.98 -82.35
N LEU OA 453 4.90 118.73 -81.64
CA LEU OA 453 4.56 117.42 -81.08
C LEU OA 453 3.07 117.18 -81.22
N PRO OA 454 2.67 115.99 -81.66
CA PRO OA 454 1.25 115.63 -81.59
C PRO OA 454 0.75 115.62 -80.15
N GLN OA 455 -0.56 115.87 -79.99
CA GLN OA 455 -1.13 115.94 -78.65
C GLN OA 455 -1.01 114.60 -77.93
N GLU OA 456 -1.13 113.50 -78.65
CA GLU OA 456 -0.95 112.19 -78.04
C GLU OA 456 0.48 112.00 -77.52
N TRP OA 457 1.46 112.63 -78.16
CA TRP OA 457 2.81 112.58 -77.61
C TRP OA 457 2.91 113.36 -76.31
N VAL OA 458 2.26 114.53 -76.24
CA VAL OA 458 2.23 115.30 -75.00
C VAL OA 458 1.56 114.50 -73.90
N LEU OA 459 0.40 113.89 -74.20
CA LEU OA 459 -0.27 113.03 -73.23
C LEU OA 459 0.65 111.92 -72.76
N HIS OA 460 1.35 111.26 -73.68
CA HIS OA 460 2.21 110.14 -73.31
C HIS OA 460 3.37 110.61 -72.45
N PHE OA 461 4.09 111.65 -72.90
CA PHE OA 461 5.24 112.12 -72.15
C PHE OA 461 4.83 112.57 -70.74
N TYR OA 462 3.68 113.22 -70.63
CA TYR OA 462 3.24 113.73 -69.32
C TYR OA 462 2.98 112.58 -68.35
N GLN OA 463 2.24 111.56 -68.80
CA GLN OA 463 1.87 110.47 -67.88
C GLN OA 463 3.07 109.62 -67.53
N GLU OA 464 3.89 109.28 -68.51
CA GLU OA 464 5.07 108.43 -68.32
C GLU OA 464 6.27 109.37 -68.13
N ALA OA 465 6.57 109.68 -66.86
CA ALA OA 465 7.56 110.71 -66.55
C ALA OA 465 8.98 110.13 -66.69
N ALA OA 466 9.27 109.64 -67.88
CA ALA OA 466 10.51 108.91 -68.14
C ALA OA 466 11.70 109.86 -68.16
N PRO OA 467 12.68 109.69 -67.28
CA PRO OA 467 13.87 110.55 -67.33
C PRO OA 467 14.63 110.37 -68.63
N ALA OA 468 15.10 111.49 -69.17
CA ALA OA 468 15.89 111.46 -70.40
C ALA OA 468 17.30 110.98 -70.09
N GLN OA 469 17.76 109.98 -70.84
CA GLN OA 469 19.11 109.45 -70.65
C GLN OA 469 20.17 110.30 -71.33
N SER OA 470 19.76 111.13 -72.29
CA SER OA 470 20.63 112.07 -72.97
C SER OA 470 19.74 113.13 -73.59
N ASP OA 471 20.34 114.08 -74.30
CA ASP OA 471 19.53 115.20 -74.77
C ASP OA 471 18.75 114.89 -76.04
N VAL OA 472 19.02 113.77 -76.72
CA VAL OA 472 18.34 113.47 -77.99
C VAL OA 472 17.97 111.99 -78.01
N ALA OA 473 16.74 111.71 -78.41
CA ALA OA 473 16.27 110.34 -78.61
C ALA OA 473 16.21 110.04 -80.10
N LEU OA 474 16.97 109.05 -80.55
CA LEU OA 474 17.01 108.68 -81.95
C LEU OA 474 15.75 107.89 -82.32
N LEU OA 475 15.01 108.37 -83.31
CA LEU OA 475 13.85 107.69 -83.83
C LEU OA 475 14.08 107.31 -85.28
N ARG OA 476 13.58 106.13 -85.67
CA ARG OA 476 13.56 105.69 -87.05
C ARG OA 476 12.11 105.44 -87.43
N PHE OA 477 11.70 105.94 -88.59
CA PHE OA 477 10.32 105.83 -89.06
C PHE OA 477 10.22 104.63 -89.99
N VAL OA 478 9.36 103.68 -89.63
CA VAL OA 478 9.34 102.35 -90.24
C VAL OA 478 8.01 102.12 -90.90
N ASN OA 479 8.04 101.52 -92.10
CA ASN OA 479 6.83 101.04 -92.76
C ASN OA 479 6.61 99.60 -92.29
N PRO OA 480 5.62 99.33 -91.44
CA PRO OA 480 5.48 97.98 -90.88
C PRO OA 480 5.12 96.93 -91.91
N ASP OA 481 4.53 97.34 -93.05
CA ASP OA 481 4.26 96.37 -94.11
C ASP OA 481 5.54 95.81 -94.69
N THR OA 482 6.46 96.68 -95.11
CA THR OA 482 7.67 96.25 -95.80
C THR OA 482 8.85 96.00 -94.87
N GLY OA 483 8.78 96.49 -93.63
CA GLY OA 483 9.91 96.41 -92.72
C GLY OA 483 11.00 97.43 -92.98
N ARG OA 484 10.86 98.29 -93.97
CA ARG OA 484 11.91 99.21 -94.37
C ARG OA 484 11.82 100.51 -93.59
N VAL OA 485 12.98 101.11 -93.34
CA VAL OA 485 13.08 102.41 -92.68
C VAL OA 485 12.93 103.52 -93.72
N LEU OA 486 12.05 104.49 -93.43
CA LEU OA 486 11.81 105.60 -94.34
C LEU OA 486 12.74 106.77 -94.07
N PHE OA 487 12.93 107.13 -92.80
CA PHE OA 487 13.90 108.14 -92.42
C PHE OA 487 14.23 107.96 -90.95
N GLU OA 488 15.29 108.63 -90.50
CA GLU OA 488 15.58 108.73 -89.08
C GLU OA 488 15.53 110.19 -88.66
N CYS OA 489 15.20 110.42 -87.39
CA CYS OA 489 15.05 111.78 -86.89
C CYS OA 489 15.50 111.84 -85.43
N LYS OA 490 15.72 113.06 -84.96
CA LYS OA 490 16.18 113.33 -83.60
C LYS OA 490 15.05 113.98 -82.81
N LEU OA 491 14.61 113.31 -81.74
CA LEU OA 491 13.64 113.87 -80.80
C LEU OA 491 14.38 114.44 -79.59
N HIS OA 492 14.39 115.77 -79.49
CA HIS OA 492 15.11 116.47 -78.44
C HIS OA 492 14.30 116.51 -77.16
N LYS OA 493 14.98 116.56 -76.00
CA LYS OA 493 14.26 116.62 -74.73
C LYS OA 493 13.29 117.79 -74.70
N SER OA 494 13.68 118.92 -75.31
CA SER OA 494 12.87 120.13 -75.28
C SER OA 494 11.51 119.95 -75.93
N GLY OA 495 11.27 118.82 -76.59
CA GLY OA 495 10.01 118.55 -77.26
C GLY OA 495 9.90 119.10 -78.66
N TYR OA 496 10.87 118.74 -79.50
CA TYR OA 496 10.80 119.04 -80.93
C TYR OA 496 11.63 118.02 -81.68
N VAL OA 497 11.33 117.88 -82.97
CA VAL OA 497 11.96 116.85 -83.80
C VAL OA 497 12.75 117.52 -84.92
N THR OA 498 13.84 116.88 -85.32
CA THR OA 498 14.71 117.39 -86.38
C THR OA 498 15.03 116.25 -87.35
N VAL OA 499 15.26 116.61 -88.61
CA VAL OA 499 15.62 115.65 -89.65
C VAL OA 499 16.72 116.27 -90.51
N ALA OA 500 17.41 115.42 -91.25
CA ALA OA 500 18.52 115.83 -92.11
C ALA OA 500 17.99 115.97 -93.54
N HIS OA 501 17.70 117.21 -93.92
CA HIS OA 501 17.17 117.54 -95.24
C HIS OA 501 17.37 119.03 -95.46
N THR OA 502 17.35 119.44 -96.72
CA THR OA 502 17.50 120.85 -97.07
C THR OA 502 16.41 121.25 -98.05
N GLY OA 503 15.64 122.27 -97.68
CA GLY OA 503 14.51 122.72 -98.47
C GLY OA 503 13.17 122.28 -97.92
N PRO OA 504 12.11 122.96 -98.35
CA PRO OA 504 10.75 122.55 -97.96
C PRO OA 504 10.34 121.27 -98.67
N HIS OA 505 9.58 120.43 -97.95
CA HIS OA 505 9.20 119.12 -98.47
C HIS OA 505 8.09 118.50 -97.62
N ASP OA 506 7.00 118.11 -98.27
CA ASP OA 506 5.99 117.24 -97.64
C ASP OA 506 6.45 115.79 -97.75
N LEU OA 507 6.47 115.10 -96.61
CA LEU OA 507 6.98 113.73 -96.58
C LEU OA 507 5.95 112.76 -97.17
N VAL OA 508 6.46 111.79 -97.91
CA VAL OA 508 5.62 110.76 -98.53
C VAL OA 508 5.63 109.56 -97.58
N ILE OA 509 4.53 109.37 -96.86
CA ILE OA 509 4.49 108.48 -95.71
C ILE OA 509 3.45 107.41 -95.97
N PRO OA 510 3.77 106.13 -95.79
CA PRO OA 510 2.75 105.08 -95.81
C PRO OA 510 1.73 105.28 -94.70
N PRO OA 511 0.45 104.99 -94.97
CA PRO OA 511 -0.58 105.20 -93.95
C PRO OA 511 -0.36 104.40 -92.67
N ASN OA 512 0.48 103.37 -92.70
CA ASN OA 512 0.72 102.50 -91.54
C ASN OA 512 2.00 102.84 -90.80
N GLY OA 513 2.76 103.84 -91.24
CA GLY OA 513 4.07 104.07 -90.69
C GLY OA 513 4.02 104.65 -89.28
N TYR OA 514 5.02 104.27 -88.48
CA TYR OA 514 5.09 104.64 -87.07
C TYR OA 514 6.52 105.01 -86.71
N PHE OA 515 6.66 105.70 -85.58
CA PHE OA 515 7.97 106.04 -85.03
C PHE OA 515 8.46 104.95 -84.09
N ARG OA 516 9.73 104.58 -84.24
CA ARG OA 516 10.36 103.56 -83.42
C ARG OA 516 11.58 104.17 -82.73
N PHE OA 517 11.62 104.05 -81.40
CA PHE OA 517 12.76 104.53 -80.63
C PHE OA 517 13.87 103.50 -80.67
N ASP OA 518 15.06 103.89 -81.14
CA ASP OA 518 16.15 102.95 -81.39
C ASP OA 518 17.35 103.13 -80.48
N SER OA 519 17.66 104.34 -80.05
CA SER OA 519 18.84 104.57 -79.24
C SER OA 519 18.79 105.98 -78.66
N TRP OA 520 19.36 106.13 -77.47
CA TRP OA 520 19.71 107.46 -76.97
C TRP OA 520 20.98 107.94 -77.65
N VAL OA 521 20.98 109.19 -78.09
CA VAL OA 521 22.10 109.84 -78.76
C VAL OA 521 22.22 111.26 -78.21
N ASN OA 522 23.26 111.96 -78.63
CA ASN OA 522 23.34 113.37 -78.26
C ASN OA 522 23.19 114.26 -79.50
N GLN OA 523 23.32 115.57 -79.26
CA GLN OA 523 23.06 116.58 -80.28
C GLN OA 523 24.01 116.49 -81.47
N PHE OA 524 25.12 115.77 -81.35
CA PHE OA 524 26.10 115.64 -82.42
C PHE OA 524 25.85 114.44 -83.33
N TYR OA 525 24.79 113.67 -83.09
CA TYR OA 525 24.49 112.54 -83.95
C TYR OA 525 24.19 113.01 -85.36
N THR OA 526 24.76 112.33 -86.34
CA THR OA 526 24.61 112.66 -87.75
C THR OA 526 23.57 111.73 -88.38
N LEU OA 527 22.48 112.31 -88.87
CA LEU OA 527 21.36 111.54 -89.39
C LEU OA 527 21.60 111.16 -90.84
N ALA OA 528 21.03 110.03 -91.25
CA ALA OA 528 21.11 109.62 -92.64
C ALA OA 528 20.33 110.61 -93.50
N PRO OA 529 20.83 110.95 -94.68
CA PRO OA 529 20.09 111.89 -95.54
C PRO OA 529 18.76 111.27 -95.95
N MET OA 530 17.67 111.95 -95.57
CA MET OA 530 16.33 111.38 -95.65
C MET OA 530 15.58 111.76 -96.91
N GLY OA 531 15.87 112.93 -97.48
CA GLY OA 531 15.00 113.52 -98.49
C GLY OA 531 14.91 112.71 -99.76
N ASN OA 532 13.69 112.53 -100.27
CA ASN OA 532 13.44 111.95 -101.59
C ASN OA 532 13.87 110.49 -101.66
N ASN PA 24 47.58 114.73 -18.44
CA ASN PA 24 48.82 114.73 -19.22
C ASN PA 24 48.63 115.35 -20.61
N GLU PA 25 49.37 114.83 -21.60
CA GLU PA 25 49.47 115.47 -22.91
C GLU PA 25 48.87 114.65 -24.04
N VAL PA 26 47.94 113.74 -23.74
CA VAL PA 26 47.49 112.74 -24.70
C VAL PA 26 46.00 112.94 -24.95
N MET PA 27 45.64 113.16 -26.21
CA MET PA 27 44.25 113.25 -26.60
C MET PA 27 43.62 111.87 -26.74
N ALA PA 28 42.48 111.67 -26.07
CA ALA PA 28 41.81 110.37 -25.99
C ALA PA 28 41.03 110.07 -27.27
N LEU PA 29 41.78 109.83 -28.35
CA LEU PA 29 41.19 109.47 -29.63
C LEU PA 29 41.72 108.11 -30.07
N GLU PA 30 40.84 107.32 -30.69
CA GLU PA 30 41.28 106.08 -31.31
C GLU PA 30 42.04 106.40 -32.58
N PRO PA 31 42.87 105.47 -33.06
CA PRO PA 31 43.46 105.66 -34.38
C PRO PA 31 42.36 105.69 -35.43
N VAL PA 32 42.59 106.47 -36.49
CA VAL PA 32 41.58 106.66 -37.53
C VAL PA 32 42.27 106.49 -38.87
N VAL PA 33 41.72 105.59 -39.69
CA VAL PA 33 42.37 105.23 -40.94
C VAL PA 33 42.23 106.36 -41.93
N GLY PA 34 43.28 106.59 -42.71
CA GLY PA 34 43.27 107.62 -43.73
C GLY PA 34 42.85 107.05 -45.07
N ALA PA 35 43.67 107.26 -46.11
CA ALA PA 35 43.26 106.94 -47.46
C ALA PA 35 43.40 105.45 -47.77
N ALA PA 36 44.04 104.68 -46.89
CA ALA PA 36 44.21 103.26 -47.14
C ALA PA 36 42.87 102.55 -47.28
N ILE PA 37 41.92 102.86 -46.39
CA ILE PA 37 40.61 102.22 -46.45
C ILE PA 37 39.92 102.52 -47.78
N ALA PA 38 40.32 103.60 -48.46
CA ALA PA 38 39.66 104.00 -49.70
C ALA PA 38 40.22 103.27 -50.90
N ALA PA 39 41.30 102.49 -50.74
CA ALA PA 39 41.96 101.88 -51.88
C ALA PA 39 41.01 101.02 -52.73
N PRO PA 40 40.19 100.13 -52.17
CA PRO PA 40 39.31 99.33 -53.02
C PRO PA 40 38.28 100.12 -53.80
N VAL PA 41 37.99 101.36 -53.39
CA VAL PA 41 36.98 102.17 -54.05
C VAL PA 41 37.53 103.42 -54.71
N ALA PA 42 38.79 103.77 -54.48
CA ALA PA 42 39.40 104.88 -55.20
C ALA PA 42 39.82 104.44 -56.59
N GLY PA 43 39.87 105.41 -57.51
CA GLY PA 43 40.34 105.10 -58.84
C GLY PA 43 41.81 104.77 -58.94
N GLN PA 44 42.64 105.38 -58.08
CA GLN PA 44 44.09 105.29 -58.28
C GLN PA 44 44.82 105.56 -56.96
N GLN PA 45 46.13 105.31 -57.00
CA GLN PA 45 47.04 105.51 -55.88
C GLN PA 45 47.98 106.67 -56.19
N ASN PA 46 48.06 107.65 -55.29
CA ASN PA 46 48.86 108.84 -55.51
C ASN PA 46 49.89 109.03 -54.41
N VAL PA 47 50.80 109.98 -54.66
CA VAL PA 47 51.95 110.23 -53.80
C VAL PA 47 52.09 111.74 -53.58
N ILE PA 48 52.41 112.13 -52.36
CA ILE PA 48 52.70 113.51 -51.98
C ILE PA 48 54.20 113.64 -51.72
N ASP PA 49 54.76 114.77 -52.13
CA ASP PA 49 56.18 115.05 -51.92
C ASP PA 49 56.52 114.90 -50.43
N PRO PA 50 57.49 114.04 -50.09
CA PRO PA 50 57.78 113.78 -48.66
C PRO PA 50 58.21 115.00 -47.87
N TRP PA 51 58.79 116.02 -48.49
CA TRP PA 51 59.14 117.23 -47.73
C TRP PA 51 57.91 117.86 -47.12
N ILE PA 52 56.78 117.85 -47.84
CA ILE PA 52 55.53 118.36 -47.30
C ILE PA 52 55.10 117.55 -46.08
N ARG PA 53 55.36 116.24 -46.08
CA ARG PA 53 54.95 115.41 -44.97
C ARG PA 53 55.84 115.54 -43.75
N ASN PA 54 57.07 116.03 -43.93
CA ASN PA 54 58.03 116.07 -42.84
C ASN PA 54 58.25 117.45 -42.24
N ASN PA 55 57.51 118.47 -42.68
CA ASN PA 55 57.80 119.84 -42.25
C ASN PA 55 56.52 120.57 -41.90
N PHE PA 56 56.45 121.04 -40.66
CA PHE PA 56 55.31 121.80 -40.17
C PHE PA 56 55.20 123.16 -40.84
N VAL PA 57 53.96 123.55 -41.15
CA VAL PA 57 53.66 124.78 -41.85
C VAL PA 57 52.52 125.48 -41.14
N GLN PA 58 52.60 126.80 -41.01
CA GLN PA 58 51.62 127.55 -40.25
C GLN PA 58 50.30 127.61 -40.99
N ALA PA 59 49.22 127.29 -40.29
CA ALA PA 59 47.91 127.40 -40.92
C ALA PA 59 47.67 128.86 -41.28
N PRO PA 60 46.93 129.13 -42.35
CA PRO PA 60 46.76 130.52 -42.78
C PRO PA 60 46.23 131.45 -41.69
N GLY PA 61 45.35 130.97 -40.82
CA GLY PA 61 44.92 131.81 -39.73
C GLY PA 61 45.21 131.15 -38.40
N GLY PA 62 46.46 130.70 -38.23
CA GLY PA 62 46.82 129.87 -37.11
C GLY PA 62 47.51 130.66 -36.02
N GLU PA 63 46.99 131.84 -35.74
CA GLU PA 63 47.49 132.68 -34.65
C GLU PA 63 46.33 133.05 -33.74
N PHE PA 64 46.60 133.02 -32.43
CA PHE PA 64 45.68 133.56 -31.44
C PHE PA 64 46.48 133.98 -30.22
N THR PA 65 45.83 134.73 -29.33
CA THR PA 65 46.52 135.39 -28.22
C THR PA 65 45.78 135.13 -26.93
N VAL PA 66 46.53 134.86 -25.87
CA VAL PA 66 46.00 134.78 -24.51
C VAL PA 66 46.34 136.09 -23.82
N SER PA 67 45.31 136.81 -23.42
CA SER PA 67 45.42 138.11 -22.79
C SER PA 67 44.75 138.08 -21.43
N PRO PA 68 45.10 139.01 -20.53
CA PRO PA 68 44.46 138.99 -19.20
C PRO PA 68 42.99 139.33 -19.23
N ARG PA 69 42.51 139.94 -20.31
CA ARG PA 69 41.07 140.17 -20.48
C ARG PA 69 40.30 138.88 -20.69
N ASN PA 70 40.97 137.82 -21.17
CA ASN PA 70 40.24 136.61 -21.54
C ASN PA 70 39.73 135.89 -20.30
N ALA PA 71 38.55 135.31 -20.42
CA ALA PA 71 37.85 134.62 -19.35
C ALA PA 71 37.59 133.18 -19.74
N PRO PA 72 37.43 132.29 -18.75
CA PRO PA 72 37.17 130.88 -19.07
C PRO PA 72 35.94 130.72 -19.96
N GLY PA 73 36.05 129.81 -20.94
CA GLY PA 73 34.98 129.54 -21.87
C GLY PA 73 35.13 130.19 -23.21
N GLU PA 74 35.91 131.27 -23.31
CA GLU PA 74 36.09 131.96 -24.58
C GLU PA 74 36.92 131.09 -25.53
N ILE PA 75 36.38 130.87 -26.74
CA ILE PA 75 37.09 130.16 -27.79
C ILE PA 75 38.08 131.13 -28.43
N LEU PA 76 39.38 130.87 -28.25
CA LEU PA 76 40.40 131.72 -28.86
C LEU PA 76 40.70 131.36 -30.32
N TRP PA 77 40.43 130.13 -30.74
CA TRP PA 77 40.82 129.72 -32.09
C TRP PA 77 40.11 128.43 -32.45
N SER PA 78 39.83 128.26 -33.74
CA SER PA 78 39.19 127.04 -34.22
C SER PA 78 39.55 126.84 -35.68
N ALA PA 79 39.52 125.57 -36.10
CA ALA PA 79 39.75 125.24 -37.51
C ALA PA 79 39.20 123.86 -37.80
N PRO PA 80 38.62 123.65 -38.97
CA PRO PA 80 38.24 122.30 -39.38
C PRO PA 80 39.34 121.61 -40.18
N LEU PA 81 39.42 120.29 -40.01
CA LEU PA 81 40.38 119.50 -40.77
C LEU PA 81 40.10 119.60 -42.26
N GLY PA 82 41.17 119.81 -43.04
CA GLY PA 82 41.05 119.93 -44.47
C GLY PA 82 42.30 120.53 -45.07
N PRO PA 83 42.40 120.48 -46.40
CA PRO PA 83 43.62 120.98 -47.06
C PRO PA 83 43.87 122.46 -46.85
N ASP PA 84 42.86 123.24 -46.47
CA ASP PA 84 43.05 124.68 -46.35
C ASP PA 84 43.98 125.06 -45.20
N LEU PA 85 44.31 124.12 -44.32
CA LEU PA 85 45.20 124.41 -43.20
C LEU PA 85 46.66 124.44 -43.61
N ASN PA 86 46.97 124.08 -44.85
CA ASN PA 86 48.34 123.91 -45.29
C ASN PA 86 48.42 124.37 -46.74
N PRO PA 87 49.17 125.44 -47.03
CA PRO PA 87 49.14 126.00 -48.39
C PRO PA 87 49.67 125.05 -49.43
N TYR PA 88 50.63 124.19 -49.08
CA TYR PA 88 51.09 123.17 -50.04
C TYR PA 88 49.96 122.21 -50.39
N LEU PA 89 49.30 121.64 -49.38
CA LEU PA 89 48.16 120.77 -49.64
C LEU PA 89 47.05 121.52 -50.33
N SER PA 90 46.87 122.81 -49.98
CA SER PA 90 45.81 123.60 -50.60
C SER PA 90 46.03 123.74 -52.10
N HIS PA 91 47.29 123.99 -52.50
CA HIS PA 91 47.60 124.10 -53.91
C HIS PA 91 47.51 122.74 -54.60
N LEU PA 92 47.99 121.69 -53.95
CA LEU PA 92 47.89 120.35 -54.53
C LEU PA 92 46.44 119.95 -54.75
N ALA PA 93 45.56 120.33 -53.82
CA ALA PA 93 44.17 119.90 -53.91
C ALA PA 93 43.49 120.44 -55.16
N ARG PA 94 43.98 121.55 -55.71
CA ARG PA 94 43.38 122.10 -56.92
C ARG PA 94 43.57 121.19 -58.13
N MET PA 95 44.44 120.16 -58.03
CA MET PA 95 44.69 119.23 -59.13
C MET PA 95 44.26 117.80 -58.80
N TYR PA 96 43.63 117.59 -57.64
CA TYR PA 96 43.16 116.29 -57.21
C TYR PA 96 41.66 116.37 -56.94
N ASN PA 97 41.00 115.21 -57.02
CA ASN PA 97 39.55 115.15 -56.86
C ASN PA 97 39.11 114.93 -55.42
N GLY PA 98 39.94 114.30 -54.59
CA GLY PA 98 39.54 114.09 -53.22
C GLY PA 98 40.72 113.83 -52.32
N TYR PA 99 40.40 113.54 -51.06
CA TYR PA 99 41.42 113.30 -50.04
C TYR PA 99 40.79 112.49 -48.92
N ALA PA 100 41.66 111.97 -48.05
CA ALA PA 100 41.24 111.32 -46.81
C ALA PA 100 42.46 111.20 -45.91
N GLY PA 101 42.21 111.30 -44.61
CA GLY PA 101 43.26 111.19 -43.62
C GLY PA 101 43.42 112.48 -42.83
N GLY PA 102 44.25 112.37 -41.78
CA GLY PA 102 44.35 113.40 -40.77
C GLY PA 102 45.68 114.13 -40.82
N PHE PA 103 45.82 115.08 -39.89
CA PHE PA 103 46.99 115.92 -39.80
C PHE PA 103 47.64 115.75 -38.43
N GLU PA 104 48.88 116.18 -38.33
CA GLU PA 104 49.53 116.40 -37.05
C GLU PA 104 49.64 117.92 -36.87
N VAL PA 105 49.12 118.42 -35.76
CA VAL PA 105 49.11 119.84 -35.46
C VAL PA 105 50.15 120.14 -34.39
N GLN PA 106 50.90 121.23 -34.58
CA GLN PA 106 51.89 121.70 -33.63
C GLN PA 106 51.49 123.11 -33.21
N VAL PA 107 51.32 123.31 -31.91
CA VAL PA 107 50.94 124.61 -31.37
C VAL PA 107 52.08 125.12 -30.49
N ILE PA 108 52.44 126.39 -30.68
CA ILE PA 108 53.59 127.02 -30.03
C ILE PA 108 53.08 128.09 -29.08
N LEU PA 109 53.60 128.08 -27.86
CA LEU PA 109 53.15 128.96 -26.78
C LEU PA 109 54.33 129.80 -26.32
N ALA PA 110 54.21 131.13 -26.47
CA ALA PA 110 55.31 132.02 -26.13
C ALA PA 110 55.08 132.64 -24.75
N GLY PA 111 55.15 131.77 -23.74
CA GLY PA 111 55.12 132.16 -22.36
C GLY PA 111 56.51 132.29 -21.75
N ASN PA 112 56.52 132.34 -20.41
CA ASN PA 112 57.77 132.25 -19.66
C ASN PA 112 57.44 131.75 -18.25
N ALA PA 113 58.49 131.50 -17.48
CA ALA PA 113 58.37 130.83 -16.18
C ALA PA 113 57.56 131.62 -15.15
N PHE PA 114 57.30 132.90 -15.39
CA PHE PA 114 56.61 133.73 -14.42
C PHE PA 114 55.12 133.88 -14.68
N THR PA 115 54.54 133.08 -15.58
CA THR PA 115 53.13 133.18 -15.94
C THR PA 115 52.34 132.01 -15.36
N ALA PA 116 51.02 132.20 -15.27
CA ALA PA 116 50.09 131.14 -14.91
C ALA PA 116 48.93 131.11 -15.88
N GLY PA 117 48.33 129.93 -16.04
CA GLY PA 117 47.12 129.79 -16.85
C GLY PA 117 47.12 128.51 -17.67
N LYS PA 118 45.90 128.07 -18.01
CA LYS PA 118 45.70 126.82 -18.75
C LYS PA 118 44.87 127.07 -20.00
N ILE PA 119 45.23 126.37 -21.08
CA ILE PA 119 44.46 126.34 -22.32
C ILE PA 119 44.02 124.90 -22.57
N ILE PA 120 42.77 124.73 -23.00
CA ILE PA 120 42.27 123.43 -23.44
C ILE PA 120 42.18 123.41 -24.96
N PHE PA 121 42.75 122.38 -25.57
CA PHE PA 121 42.52 122.07 -26.97
C PHE PA 121 41.63 120.84 -27.02
N ALA PA 122 40.59 120.88 -27.85
CA ALA PA 122 39.64 119.79 -27.91
C ALA PA 122 39.25 119.49 -29.34
N ALA PA 123 39.02 118.20 -29.62
CA ALA PA 123 38.56 117.73 -30.92
C ALA PA 123 37.05 117.57 -30.89
N VAL PA 124 36.35 118.34 -31.71
CA VAL PA 124 34.90 118.30 -31.79
C VAL PA 124 34.52 117.52 -33.04
N PRO PA 125 33.65 116.51 -32.93
CA PRO PA 125 33.45 115.57 -34.03
C PRO PA 125 32.59 116.17 -35.13
N PRO PA 126 32.56 115.56 -36.31
CA PRO PA 126 31.80 116.14 -37.43
C PRO PA 126 30.33 116.33 -37.06
N ASN PA 127 29.75 117.41 -37.58
CA ASN PA 127 28.36 117.79 -37.38
C ASN PA 127 28.05 118.10 -35.92
N PHE PA 128 29.06 118.34 -35.10
CA PHE PA 128 28.61 118.80 -33.80
C PHE PA 128 28.80 120.31 -33.68
N PRO PA 129 27.78 121.00 -33.16
CA PRO PA 129 27.87 122.46 -33.06
C PRO PA 129 28.84 122.92 -31.98
N THR PA 130 29.73 123.82 -32.37
CA THR PA 130 30.69 124.46 -31.46
C THR PA 130 30.06 125.64 -30.73
N GLU PA 131 28.91 126.10 -31.20
CA GLU PA 131 28.36 127.41 -30.85
C GLU PA 131 27.70 127.35 -29.47
N GLY PA 132 28.40 127.86 -28.46
CA GLY PA 132 27.77 128.03 -27.16
C GLY PA 132 28.31 127.24 -25.99
N LEU PA 133 29.43 126.52 -26.18
CA LEU PA 133 29.91 125.60 -25.17
C LEU PA 133 30.39 126.33 -23.93
N SER PA 134 30.09 125.75 -22.77
CA SER PA 134 30.66 126.15 -21.49
C SER PA 134 32.00 125.43 -21.27
N PRO PA 135 32.86 125.95 -20.40
CA PRO PA 135 34.15 125.27 -20.18
C PRO PA 135 34.02 123.84 -19.70
N SER PA 136 33.10 123.59 -18.76
CA SER PA 136 32.79 122.23 -18.35
C SER PA 136 32.53 121.32 -19.54
N GLN PA 137 31.69 121.77 -20.48
CA GLN PA 137 31.29 120.92 -21.60
C GLN PA 137 32.45 120.66 -22.55
N VAL PA 138 33.30 121.66 -22.82
CA VAL PA 138 34.41 121.46 -23.74
C VAL PA 138 35.34 120.38 -23.22
N THR PA 139 35.48 120.29 -21.91
CA THR PA 139 36.26 119.22 -21.27
C THR PA 139 35.73 117.82 -21.63
N MET PA 140 34.50 117.71 -22.11
CA MET PA 140 33.90 116.40 -22.36
C MET PA 140 34.26 115.82 -23.73
N PHE PA 141 34.92 116.58 -24.60
CA PHE PA 141 35.48 116.03 -25.83
C PHE PA 141 36.84 115.44 -25.53
N PRO PA 142 37.41 114.66 -26.45
CA PRO PA 142 38.85 114.37 -26.36
C PRO PA 142 39.61 115.68 -26.26
N HIS PA 143 40.44 115.81 -25.22
CA HIS PA 143 40.99 117.11 -24.94
C HIS PA 143 42.38 117.01 -24.34
N ILE PA 144 43.07 118.14 -24.35
CA ILE PA 144 44.39 118.30 -23.75
C ILE PA 144 44.38 119.63 -22.99
N ILE PA 145 44.99 119.64 -21.81
CA ILE PA 145 45.10 120.86 -21.01
C ILE PA 145 46.57 121.26 -20.94
N VAL PA 146 46.87 122.44 -21.48
CA VAL PA 146 48.25 122.89 -21.68
C VAL PA 146 48.49 124.11 -20.81
N ASP PA 147 49.64 124.14 -20.13
CA ASP PA 147 49.97 125.26 -19.27
C ASP PA 147 50.59 126.39 -20.09
N VAL PA 148 50.26 127.62 -19.70
CA VAL PA 148 50.78 128.79 -20.40
C VAL PA 148 52.29 128.86 -20.31
N ARG PA 149 52.89 128.15 -19.37
CA ARG PA 149 54.34 128.12 -19.24
C ARG PA 149 55.01 127.08 -20.13
N GLN PA 150 54.26 126.31 -20.92
CA GLN PA 150 54.87 125.23 -21.67
C GLN PA 150 55.84 125.76 -22.74
N LEU PA 151 57.06 125.22 -22.75
CA LEU PA 151 58.06 125.63 -23.73
C LEU PA 151 58.05 124.76 -24.98
N GLU PA 152 58.06 123.45 -24.80
CA GLU PA 152 58.13 122.56 -25.96
C GLU PA 152 56.78 122.57 -26.68
N PRO PA 153 56.79 122.59 -28.01
CA PRO PA 153 55.51 122.67 -28.74
C PRO PA 153 54.63 121.47 -28.43
N VAL PA 154 53.32 121.70 -28.47
CA VAL PA 154 52.36 120.67 -28.18
C VAL PA 154 51.99 120.00 -29.50
N LEU PA 155 51.98 118.67 -29.50
CA LEU PA 155 51.65 117.91 -30.69
C LEU PA 155 50.28 117.28 -30.49
N ILE PA 156 49.35 117.63 -31.37
CA ILE PA 156 47.97 117.16 -31.30
C ILE PA 156 47.67 116.41 -32.59
N PRO PA 157 47.28 115.15 -32.53
CA PRO PA 157 46.78 114.48 -33.73
C PRO PA 157 45.35 114.90 -34.00
N LEU PA 158 45.06 115.17 -35.27
CA LEU PA 158 43.74 115.60 -35.72
C LEU PA 158 43.30 114.56 -36.74
N PRO PA 159 42.57 113.54 -36.32
CA PRO PA 159 42.19 112.46 -37.23
C PRO PA 159 40.93 112.77 -38.02
N ASP PA 160 40.85 112.17 -39.20
CA ASP PA 160 39.78 112.45 -40.16
C ASP PA 160 38.57 111.55 -39.87
N VAL PA 161 37.98 111.76 -38.70
CA VAL PA 161 36.74 111.10 -38.35
C VAL PA 161 35.68 111.42 -39.40
N ARG PA 162 35.00 110.39 -39.88
CA ARG PA 162 34.06 110.50 -40.99
C ARG PA 162 33.26 109.22 -41.07
N ASN PA 163 32.20 109.23 -41.87
CA ASN PA 163 31.37 108.06 -42.08
C ASN PA 163 31.36 107.58 -43.53
N ASN PA 164 32.32 108.04 -44.34
CA ASN PA 164 32.48 107.56 -45.71
C ASN PA 164 33.94 107.20 -45.96
N PHE PA 165 34.21 106.63 -47.12
CA PHE PA 165 35.55 106.14 -47.42
C PHE PA 165 36.53 107.30 -47.57
N TYR PA 166 36.09 108.40 -48.15
CA TYR PA 166 36.94 109.58 -48.37
C TYR PA 166 36.05 110.76 -48.73
N HIS PA 167 36.68 111.93 -48.84
CA HIS PA 167 35.98 113.17 -49.11
C HIS PA 167 36.25 113.62 -50.55
N TYR PA 168 35.23 114.20 -51.17
CA TYR PA 168 35.41 114.89 -52.45
C TYR PA 168 35.65 116.36 -52.20
N ASN PA 169 36.49 116.98 -53.03
CA ASN PA 169 36.74 118.41 -52.90
C ASN PA 169 35.47 119.21 -53.16
N GLN PA 170 34.68 118.79 -54.13
CA GLN PA 170 33.49 119.53 -54.55
C GLN PA 170 32.28 119.31 -53.66
N SER PA 171 32.39 118.48 -52.60
CA SER PA 171 31.23 118.17 -51.78
C SER PA 171 31.23 118.85 -50.42
N ASN PA 172 32.35 119.41 -49.98
CA ASN PA 172 32.44 120.16 -48.73
C ASN PA 172 31.84 119.38 -47.55
N ASP PA 173 32.26 118.13 -47.42
CA ASP PA 173 31.86 117.33 -46.27
C ASP PA 173 32.29 118.00 -44.96
N PRO PA 174 31.50 117.89 -43.90
CA PRO PA 174 31.92 118.48 -42.63
C PRO PA 174 32.98 117.59 -42.00
N THR PA 175 33.94 118.21 -41.33
CA THR PA 175 35.06 117.48 -40.76
C THR PA 175 35.21 117.80 -39.28
N ILE PA 176 36.13 117.06 -38.66
CA ILE PA 176 36.49 117.32 -37.27
C ILE PA 176 37.03 118.75 -37.13
N LYS PA 177 36.77 119.35 -35.98
CA LYS PA 177 37.27 120.68 -35.65
C LYS PA 177 38.20 120.58 -34.44
N LEU PA 178 39.30 121.30 -34.50
CA LEU PA 178 40.16 121.51 -33.34
C LEU PA 178 39.81 122.86 -32.72
N ILE PA 179 39.64 122.88 -31.41
CA ILE PA 179 39.16 124.04 -30.67
C ILE PA 179 40.21 124.41 -29.63
N ALA PA 180 40.50 125.70 -29.51
CA ALA PA 180 41.35 126.21 -28.45
C ALA PA 180 40.53 127.16 -27.60
N MET PA 181 40.45 126.87 -26.30
CA MET PA 181 39.65 127.65 -25.37
C MET PA 181 40.47 128.00 -24.14
N LEU PA 182 40.25 129.20 -23.62
CA LEU PA 182 40.90 129.58 -22.36
C LEU PA 182 40.24 128.85 -21.19
N TYR PA 183 41.02 128.02 -20.50
CA TYR PA 183 40.50 127.23 -19.39
C TYR PA 183 40.73 127.88 -18.04
N THR PA 184 41.92 128.47 -17.83
CA THR PA 184 42.24 129.23 -16.65
C THR PA 184 42.77 130.59 -17.07
N PRO PA 185 42.33 131.67 -16.41
CA PRO PA 185 42.78 133.00 -16.81
C PRO PA 185 44.28 133.15 -16.67
N LEU PA 186 44.85 134.02 -17.48
CA LEU PA 186 46.28 134.27 -17.45
C LEU PA 186 46.61 135.20 -16.30
N ARG PA 187 47.49 134.75 -15.41
CA ARG PA 187 47.93 135.53 -14.26
C ARG PA 187 49.41 135.83 -14.43
N ALA PA 188 49.74 137.10 -14.64
CA ALA PA 188 51.10 137.52 -14.90
C ALA PA 188 51.24 138.99 -14.56
N ASN PA 189 52.46 139.39 -14.22
CA ASN PA 189 52.75 140.81 -14.08
C ASN PA 189 52.73 141.49 -15.45
N ASN PA 190 52.51 142.79 -15.44
CA ASN PA 190 52.76 143.60 -16.62
C ASN PA 190 54.13 144.27 -16.49
N ALA PA 191 54.53 145.02 -17.52
CA ALA PA 191 55.84 145.66 -17.55
C ALA PA 191 55.69 147.10 -18.02
N GLY PA 192 55.70 148.04 -17.08
CA GLY PA 192 55.24 149.37 -17.45
C GLY PA 192 53.75 149.33 -17.73
N ASP PA 193 53.33 150.07 -18.75
CA ASP PA 193 51.96 150.01 -19.23
C ASP PA 193 51.83 149.09 -20.44
N ASP PA 194 52.88 148.35 -20.78
CA ASP PA 194 52.81 147.28 -21.76
C ASP PA 194 52.27 146.01 -21.11
N VAL PA 195 51.13 145.54 -21.59
CA VAL PA 195 50.41 144.44 -20.96
C VAL PA 195 50.92 143.11 -21.51
N PHE PA 196 51.34 142.22 -20.61
CA PHE PA 196 51.87 140.92 -21.03
C PHE PA 196 50.77 140.06 -21.64
N THR PA 197 51.08 139.42 -22.77
CA THR PA 197 50.17 138.49 -23.43
C THR PA 197 50.96 137.31 -23.98
N VAL PA 198 50.33 136.15 -24.00
CA VAL PA 198 50.92 134.93 -24.55
C VAL PA 198 50.41 134.75 -25.98
N SER PA 199 51.30 134.96 -26.94
CA SER PA 199 50.96 134.77 -28.35
C SER PA 199 51.16 133.32 -28.74
N CYS PA 200 50.20 132.76 -29.47
CA CYS PA 200 50.22 131.35 -29.87
C CYS PA 200 50.14 131.22 -31.38
N ARG PA 201 50.79 130.19 -31.90
CA ARG PA 201 50.79 129.86 -33.32
C ARG PA 201 50.46 128.39 -33.51
N VAL PA 202 49.70 128.10 -34.57
CA VAL PA 202 49.28 126.75 -34.91
C VAL PA 202 49.98 126.34 -36.20
N LEU PA 203 50.71 125.23 -36.15
CA LEU PA 203 51.43 124.68 -37.27
C LEU PA 203 50.85 123.31 -37.61
N THR PA 204 51.00 122.88 -38.86
CA THR PA 204 50.38 121.65 -39.31
C THR PA 204 51.29 120.92 -40.30
N ARG PA 205 51.05 119.63 -40.46
CA ARG PA 205 51.63 118.83 -41.54
C ARG PA 205 50.81 117.57 -41.68
N PRO PA 206 50.73 116.99 -42.87
CA PRO PA 206 49.85 115.83 -43.07
C PRO PA 206 50.38 114.60 -42.35
N SER PA 207 49.47 113.87 -41.71
CA SER PA 207 49.81 112.58 -41.13
C SER PA 207 50.24 111.60 -42.22
N PRO PA 208 50.87 110.48 -41.84
CA PRO PA 208 51.21 109.48 -42.86
C PRO PA 208 50.00 108.90 -43.56
N ASP PA 209 48.84 108.88 -42.91
CA ASP PA 209 47.64 108.31 -43.51
C ASP PA 209 46.86 109.29 -44.37
N PHE PA 210 47.28 110.55 -44.44
CA PHE PA 210 46.66 111.50 -45.36
C PHE PA 210 47.16 111.25 -46.78
N ASP PA 211 46.26 111.40 -47.75
CA ASP PA 211 46.65 111.29 -49.15
C ASP PA 211 45.54 111.86 -50.02
N PHE PA 212 45.92 112.31 -51.22
CA PHE PA 212 44.98 112.73 -52.24
C PHE PA 212 44.53 111.51 -53.03
N ILE PA 213 43.45 111.65 -53.81
CA ILE PA 213 42.77 110.48 -54.38
C ILE PA 213 42.89 110.43 -55.90
N PHE PA 214 42.37 111.41 -56.62
CA PHE PA 214 42.30 111.28 -58.07
C PHE PA 214 42.83 112.51 -58.78
N LEU PA 215 43.84 112.32 -59.64
CA LEU PA 215 44.37 113.42 -60.44
C LEU PA 215 43.32 113.91 -61.43
N VAL PA 216 43.15 115.23 -61.48
CA VAL PA 216 42.16 115.86 -62.36
C VAL PA 216 42.73 117.15 -62.89
N PRO PA 217 42.19 117.67 -63.99
CA PRO PA 217 42.72 118.89 -64.59
C PRO PA 217 42.77 120.02 -63.57
N PRO PA 218 43.91 120.71 -63.48
CA PRO PA 218 44.07 121.72 -62.44
C PRO PA 218 43.15 122.91 -62.63
N THR PA 219 42.66 123.43 -61.50
CA THR PA 219 41.88 124.67 -61.40
C THR PA 219 40.54 124.61 -62.14
N VAL PA 220 40.07 123.43 -62.52
CA VAL PA 220 38.74 123.34 -63.11
C VAL PA 220 37.66 123.28 -62.03
N GLU PA 221 37.89 122.47 -60.99
CA GLU PA 221 36.89 122.28 -59.94
C GLU PA 221 36.68 123.57 -59.14
N SER PA 222 35.42 123.99 -59.05
CA SER PA 222 35.10 125.32 -58.55
C SER PA 222 35.52 125.51 -57.10
N ARG PA 223 35.20 124.54 -56.23
CA ARG PA 223 35.42 124.82 -54.80
C ARG PA 223 36.87 124.81 -54.36
N THR PA 224 37.87 124.70 -55.24
CA THR PA 224 39.27 124.75 -54.85
C THR PA 224 39.95 126.04 -55.28
N LYS PA 225 39.24 126.94 -55.94
CA LYS PA 225 39.82 128.23 -56.31
C LYS PA 225 40.12 129.04 -55.05
N PRO PA 226 41.33 129.57 -54.91
CA PRO PA 226 41.64 130.38 -53.74
C PRO PA 226 41.16 131.82 -53.89
N PHE PA 227 40.80 132.41 -52.77
CA PHE PA 227 40.30 133.79 -52.76
C PHE PA 227 41.46 134.76 -52.86
N THR PA 228 41.26 135.84 -53.61
CA THR PA 228 42.26 136.89 -53.74
C THR PA 228 41.59 138.26 -53.77
N VAL PA 229 42.42 139.29 -53.62
CA VAL PA 229 42.02 140.68 -53.59
C VAL PA 229 42.93 141.44 -54.54
N PRO PA 230 42.40 142.30 -55.42
CA PRO PA 230 43.25 142.94 -56.43
C PRO PA 230 44.42 143.69 -55.81
N ILE PA 231 45.55 143.67 -56.52
CA ILE PA 231 46.74 144.40 -56.08
C ILE PA 231 46.67 145.89 -56.37
N LEU PA 232 45.59 146.36 -56.98
CA LEU PA 232 45.47 147.77 -57.37
C LEU PA 232 45.59 148.68 -56.16
N THR PA 233 46.11 149.88 -56.41
CA THR PA 233 46.21 150.92 -55.41
C THR PA 233 44.90 151.67 -55.29
N VAL PA 234 44.67 152.24 -54.10
CA VAL PA 234 43.47 153.06 -53.87
C VAL PA 234 43.31 154.10 -54.96
N GLU PA 235 44.40 154.81 -55.28
CA GLU PA 235 44.33 155.82 -56.34
C GLU PA 235 43.97 155.20 -57.69
N GLU PA 236 44.41 153.97 -57.94
CA GLU PA 236 44.17 153.34 -59.23
C GLU PA 236 42.79 152.72 -59.35
N MET PA 237 42.00 152.69 -58.28
CA MET PA 237 40.69 152.07 -58.30
C MET PA 237 39.62 153.14 -58.42
N THR PA 238 38.36 152.70 -58.43
CA THR PA 238 37.23 153.55 -58.75
C THR PA 238 36.13 153.33 -57.73
N ASN PA 239 35.42 154.41 -57.41
CA ASN PA 239 34.30 154.31 -56.49
C ASN PA 239 33.14 153.56 -57.14
N SER PA 240 32.44 152.77 -56.34
CA SER PA 240 31.39 151.89 -56.86
C SER PA 240 30.02 152.53 -56.76
N ARG PA 241 29.94 153.76 -56.25
CA ARG PA 241 28.68 154.48 -56.05
C ARG PA 241 28.56 155.71 -56.94
N PHE PA 242 29.64 156.09 -57.65
CA PHE PA 242 29.65 157.23 -58.54
C PHE PA 242 30.88 157.11 -59.44
N PRO PA 243 30.77 157.46 -60.73
CA PRO PA 243 31.89 157.20 -61.65
C PRO PA 243 33.10 158.10 -61.42
N ILE PA 244 33.74 157.98 -60.26
CA ILE PA 244 34.90 158.81 -59.92
C ILE PA 244 35.95 157.95 -59.25
N PRO PA 245 37.22 158.35 -59.35
CA PRO PA 245 38.28 157.57 -58.70
C PRO PA 245 38.19 157.68 -57.18
N LEU PA 246 38.83 156.72 -56.51
CA LEU PA 246 38.98 156.77 -55.07
C LEU PA 246 40.11 157.72 -54.69
N GLU PA 247 40.09 158.17 -53.43
CA GLU PA 247 41.06 159.16 -52.99
C GLU PA 247 41.71 158.79 -51.66
N LYS PA 248 40.92 158.35 -50.69
CA LYS PA 248 41.48 158.00 -49.39
C LYS PA 248 40.64 156.90 -48.74
N LEU PA 249 41.19 156.33 -47.67
CA LEU PA 249 40.48 155.39 -46.80
C LEU PA 249 40.02 156.12 -45.54
N PHE PA 250 38.77 155.86 -45.14
CA PHE PA 250 38.18 156.53 -43.99
C PHE PA 250 37.50 155.52 -43.08
N THR PA 251 37.78 155.63 -41.78
CA THR PA 251 37.06 154.88 -40.76
C THR PA 251 36.38 155.85 -39.82
N GLY PA 252 35.18 155.51 -39.37
CA GLY PA 252 34.47 156.32 -38.41
C GLY PA 252 33.36 155.56 -37.70
N PRO PA 253 32.90 156.10 -36.56
CA PRO PA 253 31.73 155.51 -35.91
C PRO PA 253 30.47 155.79 -36.72
N SER PA 254 29.57 154.81 -36.76
CA SER PA 254 28.39 154.88 -37.60
C SER PA 254 27.11 154.60 -36.83
N GLY PA 255 27.10 154.81 -35.51
CA GLY PA 255 25.91 154.54 -34.73
C GLY PA 255 24.75 155.46 -35.06
N ALA PA 256 25.02 156.71 -35.41
CA ALA PA 256 23.95 157.68 -35.63
C ALA PA 256 23.12 157.30 -36.85
N PHE PA 257 23.78 157.04 -37.98
CA PHE PA 257 23.14 156.80 -39.27
C PHE PA 257 23.14 155.31 -39.63
N VAL PA 258 22.48 154.99 -40.74
CA VAL PA 258 22.35 153.60 -41.22
C VAL PA 258 23.06 153.41 -42.55
N VAL PA 259 24.13 152.60 -42.53
CA VAL PA 259 24.97 152.34 -43.68
C VAL PA 259 24.34 151.20 -44.46
N GLN PA 260 23.61 151.52 -45.54
CA GLN PA 260 22.90 150.51 -46.33
C GLN PA 260 22.91 150.86 -47.83
N PRO PA 261 24.09 151.07 -48.41
CA PRO PA 261 24.15 151.36 -49.85
C PRO PA 261 23.61 150.20 -50.67
N GLN PA 262 23.23 150.51 -51.91
CA GLN PA 262 22.80 149.48 -52.85
C GLN PA 262 23.71 149.32 -54.06
N ASN PA 263 24.68 150.21 -54.25
CA ASN PA 263 25.71 150.05 -55.28
C ASN PA 263 27.03 149.69 -54.62
N GLY PA 264 27.86 148.95 -55.35
CA GLY PA 264 29.06 148.41 -54.74
C GLY PA 264 28.76 147.47 -53.59
N ARG PA 265 27.76 146.61 -53.75
CA ARG PA 265 27.44 145.57 -52.79
C ARG PA 265 27.59 144.22 -53.49
N CYS PA 266 28.58 143.45 -53.07
CA CYS PA 266 28.89 142.17 -53.70
C CYS PA 266 29.48 141.24 -52.65
N THR PA 267 29.13 139.97 -52.77
CA THR PA 267 29.63 138.96 -51.85
C THR PA 267 30.99 138.45 -52.32
N THR PA 268 31.77 137.94 -51.37
CA THR PA 268 33.10 137.42 -51.66
C THR PA 268 33.12 136.36 -52.77
N ASP PA 269 32.12 135.48 -52.83
CA ASP PA 269 32.10 134.48 -53.89
C ASP PA 269 31.40 134.96 -55.16
N GLY PA 270 31.17 136.28 -55.30
CA GLY PA 270 30.84 136.87 -56.58
C GLY PA 270 29.37 137.01 -56.92
N VAL PA 271 28.49 137.04 -55.94
CA VAL PA 271 27.07 137.28 -56.17
C VAL PA 271 26.81 138.77 -55.99
N LEU PA 272 26.28 139.42 -57.03
CA LEU PA 272 25.94 140.83 -56.92
C LEU PA 272 24.66 141.01 -56.12
N LEU PA 273 24.57 142.14 -55.41
CA LEU PA 273 23.46 142.43 -54.53
C LEU PA 273 22.91 143.81 -54.83
N GLY PA 274 21.66 144.04 -54.40
CA GLY PA 274 21.06 145.36 -54.52
C GLY PA 274 20.99 145.80 -55.97
N THR PA 275 21.41 147.05 -56.22
CA THR PA 275 21.40 147.63 -57.55
C THR PA 275 22.77 147.57 -58.21
N THR PA 276 23.63 146.68 -57.75
CA THR PA 276 25.02 146.66 -58.20
C THR PA 276 25.14 145.98 -59.55
N GLN PA 277 25.93 146.58 -60.44
CA GLN PA 277 26.24 146.02 -61.74
C GLN PA 277 27.73 146.20 -62.00
N LEU PA 278 28.19 145.75 -63.16
CA LEU PA 278 29.63 145.59 -63.37
C LEU PA 278 30.30 146.80 -64.01
N SER PA 279 29.56 147.61 -64.75
CA SER PA 279 30.20 148.70 -65.49
C SER PA 279 30.53 149.85 -64.55
N PRO PA 280 31.79 150.28 -64.47
CA PRO PA 280 32.13 151.40 -63.57
C PRO PA 280 31.68 152.76 -64.07
N VAL PA 281 31.18 152.85 -65.30
CA VAL PA 281 30.75 154.13 -65.85
C VAL PA 281 29.24 154.31 -65.80
N ASN PA 282 28.47 153.21 -65.77
CA ASN PA 282 27.01 153.26 -65.73
C ASN PA 282 26.47 153.38 -64.30
N ILE PA 283 27.26 153.93 -63.38
CA ILE PA 283 26.92 153.84 -61.96
C ILE PA 283 25.87 154.88 -61.53
N CYS PA 284 25.67 155.94 -62.32
CA CYS PA 284 24.58 156.88 -62.04
C CYS PA 284 24.03 157.45 -63.34
N THR PA 285 23.84 156.59 -64.33
CA THR PA 285 23.38 157.01 -65.64
C THR PA 285 21.92 156.61 -65.81
N PHE PA 286 21.25 157.26 -66.76
CA PHE PA 286 19.91 156.89 -67.16
C PHE PA 286 19.81 156.90 -68.67
N ARG PA 287 19.08 155.94 -69.21
CA ARG PA 287 18.84 155.86 -70.65
C ARG PA 287 17.36 155.57 -70.89
N GLY PA 288 16.78 156.27 -71.85
CA GLY PA 288 15.39 156.02 -72.18
C GLY PA 288 14.81 157.10 -73.07
N ASP PA 289 13.48 157.14 -73.11
CA ASP PA 289 12.72 158.12 -73.86
C ASP PA 289 12.30 159.26 -72.93
N VAL PA 290 12.25 160.46 -73.47
CA VAL PA 290 12.04 161.65 -72.66
C VAL PA 290 10.82 162.43 -73.18
N THR PA 291 10.14 163.09 -72.25
CA THR PA 291 8.90 163.80 -72.52
C THR PA 291 8.93 165.13 -71.78
N HIS PA 292 8.53 166.20 -72.47
CA HIS PA 292 8.49 167.52 -71.85
C HIS PA 292 7.27 167.67 -70.94
N ILE PA 293 7.45 168.39 -69.84
CA ILE PA 293 6.37 168.76 -68.95
C ILE PA 293 5.97 170.20 -69.26
N ALA PA 294 4.73 170.38 -69.73
CA ALA PA 294 4.33 171.63 -70.37
C ALA PA 294 4.48 172.82 -69.43
N GLY PA 295 5.10 173.89 -69.94
CA GLY PA 295 5.22 175.14 -69.21
C GLY PA 295 6.42 175.25 -68.30
N THR PA 296 7.22 174.21 -68.17
CA THR PA 296 8.40 174.23 -67.30
C THR PA 296 9.62 173.82 -68.13
N HIS PA 297 10.78 173.84 -67.46
CA HIS PA 297 12.01 173.29 -68.01
C HIS PA 297 12.26 171.86 -67.52
N ASP PA 298 11.23 171.16 -67.08
CA ASP PA 298 11.35 169.81 -66.56
C ASP PA 298 10.98 168.79 -67.62
N TYR PA 299 11.65 167.64 -67.58
CA TYR PA 299 11.38 166.53 -68.49
C TYR PA 299 11.24 165.23 -67.71
N THR PA 300 10.37 164.35 -68.22
CA THR PA 300 10.15 163.03 -67.64
C THR PA 300 10.76 161.98 -68.57
N MET PA 301 11.58 161.11 -68.00
CA MET PA 301 12.26 160.06 -68.75
C MET PA 301 11.62 158.71 -68.40
N ASN PA 302 11.09 158.03 -69.43
CA ASN PA 302 10.64 156.65 -69.29
C ASN PA 302 11.81 155.73 -69.61
N LEU PA 303 12.20 154.91 -68.63
CA LEU PA 303 13.51 154.29 -68.65
C LEU PA 303 13.55 153.03 -69.50
N ALA PA 304 14.72 152.79 -70.09
CA ALA PA 304 15.14 151.49 -70.59
C ALA PA 304 16.38 151.07 -69.81
N SER PA 305 16.72 149.78 -69.90
CA SER PA 305 17.91 149.28 -69.23
C SER PA 305 19.17 149.91 -69.83
N GLN PA 306 20.33 149.61 -69.26
CA GLN PA 306 21.57 150.19 -69.77
C GLN PA 306 22.11 149.45 -70.99
N ASN PA 307 21.51 148.30 -71.33
CA ASN PA 307 21.74 147.62 -72.60
C ASN PA 307 20.63 147.92 -73.62
N TRP PA 308 19.75 148.87 -73.30
CA TRP PA 308 18.68 149.35 -74.18
C TRP PA 308 17.61 148.28 -74.45
N ASN PA 309 17.19 147.58 -73.39
CA ASN PA 309 16.13 146.59 -73.46
C ASN PA 309 14.89 147.11 -72.76
N ASN PA 310 13.85 146.27 -72.75
CA ASN PA 310 12.68 146.56 -71.93
C ASN PA 310 13.07 146.45 -70.46
N TYR PA 311 12.46 147.29 -69.63
CA TYR PA 311 12.76 147.23 -68.21
C TYR PA 311 12.05 146.05 -67.56
N ASP PA 312 12.64 145.58 -66.46
CA ASP PA 312 12.23 144.33 -65.85
C ASP PA 312 10.82 144.40 -65.27
N PRO PA 313 10.09 143.27 -65.28
CA PRO PA 313 8.73 143.27 -64.72
C PRO PA 313 8.76 143.29 -63.20
N THR PA 314 9.51 142.37 -62.60
CA THR PA 314 9.87 142.48 -61.19
C THR PA 314 11.39 142.51 -61.03
N GLU PA 315 12.08 141.42 -61.33
CA GLU PA 315 13.53 141.25 -61.32
C GLU PA 315 14.06 141.02 -59.90
N GLU PA 316 13.25 141.23 -58.87
CA GLU PA 316 13.67 141.06 -57.48
C GLU PA 316 14.84 141.97 -57.13
N ILE PA 317 14.86 143.17 -57.69
CA ILE PA 317 15.91 144.14 -57.42
C ILE PA 317 15.26 145.45 -56.95
N PRO PA 318 15.87 146.19 -56.04
CA PRO PA 318 15.26 147.45 -55.57
C PRO PA 318 14.97 148.45 -56.67
N ALA PA 319 15.70 148.39 -57.79
CA ALA PA 319 15.60 149.37 -58.86
C ALA PA 319 16.43 148.88 -60.04
N PRO PA 320 16.42 149.56 -61.20
CA PRO PA 320 17.34 149.17 -62.27
C PRO PA 320 18.79 149.30 -61.81
N LEU PA 321 19.63 148.43 -62.34
CA LEU PA 321 21.02 148.37 -61.91
C LEU PA 321 21.73 149.68 -62.22
N GLY PA 322 22.38 150.25 -61.20
CA GLY PA 322 23.04 151.53 -61.32
C GLY PA 322 22.20 152.72 -60.90
N THR PA 323 21.01 152.50 -60.38
CA THR PA 323 20.20 153.60 -59.88
C THR PA 323 20.86 154.20 -58.65
N PRO PA 324 20.97 155.54 -58.58
CA PRO PA 324 21.65 156.16 -57.43
C PRO PA 324 21.09 155.68 -56.10
N ASP PA 325 21.98 155.56 -55.12
CA ASP PA 325 21.65 154.99 -53.82
C ASP PA 325 21.81 156.01 -52.70
N PHE PA 326 21.62 157.30 -53.02
CA PHE PA 326 21.66 158.35 -52.01
C PHE PA 326 20.64 159.41 -52.38
N VAL PA 327 20.26 160.21 -51.40
CA VAL PA 327 19.32 161.30 -51.61
C VAL PA 327 20.10 162.58 -51.87
N GLY PA 328 19.84 163.20 -53.01
CA GLY PA 328 20.57 164.39 -53.40
C GLY PA 328 20.23 164.76 -54.83
N LYS PA 329 20.81 165.88 -55.25
CA LYS PA 329 20.62 166.41 -56.60
C LYS PA 329 21.90 166.18 -57.38
N ILE PA 330 21.81 165.35 -58.42
CA ILE PA 330 22.96 165.00 -59.26
C ILE PA 330 22.86 165.79 -60.55
N GLN PA 331 23.88 166.61 -60.81
CA GLN PA 331 23.93 167.42 -62.02
C GLN PA 331 24.77 166.72 -63.09
N GLY PA 332 24.28 166.75 -64.32
CA GLY PA 332 25.03 166.21 -65.42
C GLY PA 332 24.59 166.78 -66.75
N VAL PA 333 24.53 165.93 -67.78
CA VAL PA 333 24.24 166.36 -69.14
C VAL PA 333 23.31 165.32 -69.77
N LEU PA 334 22.20 165.79 -70.35
CA LEU PA 334 21.33 164.94 -71.14
C LEU PA 334 21.84 164.93 -72.58
N THR PA 335 21.94 163.74 -73.15
CA THR PA 335 22.51 163.54 -74.47
C THR PA 335 21.51 162.82 -75.36
N GLN PA 336 21.41 163.26 -76.61
CA GLN PA 336 20.38 162.75 -77.50
C GLN PA 336 20.93 162.74 -78.92
N THR PA 337 20.49 161.76 -79.70
CA THR PA 337 20.94 161.62 -81.07
C THR PA 337 19.74 161.26 -81.94
N THR PA 338 19.51 162.02 -83.00
CA THR PA 338 18.42 161.75 -83.93
C THR PA 338 18.92 160.88 -85.06
N ARG PA 339 18.36 159.68 -85.17
CA ARG PA 339 18.68 158.77 -86.25
C ARG PA 339 18.10 159.26 -87.58
N GLY PA 340 18.78 158.93 -88.67
CA GLY PA 340 18.38 159.31 -90.00
C GLY PA 340 19.08 160.55 -90.54
N ASP PA 341 19.38 161.52 -89.66
CA ASP PA 341 20.15 162.69 -90.03
C ASP PA 341 21.45 162.83 -89.25
N GLY PA 342 21.59 162.14 -88.12
CA GLY PA 342 22.74 162.27 -87.25
C GLY PA 342 22.73 163.46 -86.32
N SER PA 343 21.56 164.06 -86.10
CA SER PA 343 21.48 165.23 -85.23
C SER PA 343 21.78 164.83 -83.79
N THR PA 344 22.49 165.70 -83.07
CA THR PA 344 22.84 165.47 -81.68
C THR PA 344 22.58 166.73 -80.86
N ARG PA 345 22.02 166.55 -79.66
CA ARG PA 345 21.70 167.66 -78.76
C ARG PA 345 22.10 167.29 -77.33
N GLY PA 346 22.64 168.28 -76.61
CA GLY PA 346 23.07 168.07 -75.23
C GLY PA 346 22.80 169.24 -74.30
N HIS PA 347 22.15 168.99 -73.17
CA HIS PA 347 21.69 170.06 -72.29
C HIS PA 347 21.95 169.73 -70.83
N LYS PA 348 22.52 170.71 -70.10
CA LYS PA 348 22.68 170.63 -68.66
C LYS PA 348 21.41 170.18 -67.97
N ALA PA 349 21.53 169.17 -67.10
CA ALA PA 349 20.36 168.59 -66.47
C ALA PA 349 20.71 168.12 -65.06
N THR PA 350 19.67 167.92 -64.26
CA THR PA 350 19.82 167.63 -62.83
C THR PA 350 18.70 166.69 -62.41
N VAL PA 351 19.04 165.70 -61.60
CA VAL PA 351 18.07 164.78 -61.01
C VAL PA 351 18.04 164.99 -59.51
N SER PA 352 16.84 165.08 -58.95
CA SER PA 352 16.65 165.06 -57.50
C SER PA 352 16.17 163.67 -57.11
N THR PA 353 16.97 162.94 -56.33
CA THR PA 353 16.59 161.61 -55.89
C THR PA 353 15.61 161.63 -54.73
N GLY PA 354 15.49 162.74 -54.02
CA GLY PA 354 14.49 162.87 -52.97
C GLY PA 354 13.14 163.35 -53.46
N SER PA 355 13.06 163.76 -54.73
CA SER PA 355 11.79 164.18 -55.32
C SER PA 355 10.79 163.03 -55.38
N VAL PA 356 9.51 163.39 -55.18
CA VAL PA 356 8.44 162.41 -55.28
C VAL PA 356 8.26 161.91 -56.70
N HIS PA 357 8.83 162.62 -57.68
CA HIS PA 357 8.77 162.24 -59.08
C HIS PA 357 9.95 161.38 -59.49
N PHE PA 358 10.85 161.06 -58.55
CA PHE PA 358 11.96 160.13 -58.77
C PHE PA 358 11.43 158.73 -58.45
N THR PA 359 10.94 158.04 -59.48
CA THR PA 359 10.35 156.72 -59.33
C THR PA 359 11.00 155.76 -60.33
N PRO PA 360 12.30 155.47 -60.15
CA PRO PA 360 12.98 154.63 -61.15
C PRO PA 360 12.55 153.18 -61.10
N LYS PA 361 12.13 152.68 -59.93
CA LYS PA 361 11.63 151.31 -59.85
C LYS PA 361 10.39 151.15 -60.71
N LEU PA 362 9.57 152.19 -60.82
CA LEU PA 362 8.37 152.16 -61.64
C LEU PA 362 8.66 152.51 -63.10
N GLY PA 363 9.79 153.17 -63.37
CA GLY PA 363 10.22 153.35 -64.74
C GLY PA 363 10.31 154.79 -65.21
N SER PA 364 10.11 155.76 -64.32
CA SER PA 364 10.07 157.15 -64.73
C SER PA 364 10.85 158.02 -63.74
N VAL PA 365 11.62 158.96 -64.28
CA VAL PA 365 12.39 159.91 -63.50
C VAL PA 365 12.24 161.29 -64.15
N GLN PA 366 12.38 162.34 -63.35
CA GLN PA 366 12.23 163.72 -63.83
C GLN PA 366 13.55 164.45 -63.72
N PHE PA 367 13.93 165.13 -64.80
CA PHE PA 367 15.13 165.95 -64.87
C PHE PA 367 14.73 167.42 -64.92
N THR PA 368 15.63 168.28 -64.45
CA THR PA 368 15.51 169.72 -64.61
C THR PA 368 16.58 170.15 -65.60
N THR PA 369 16.15 170.77 -66.70
CA THR PA 369 17.07 171.03 -67.81
C THR PA 369 17.25 172.54 -67.99
N ASP PA 370 18.10 172.89 -68.95
CA ASP PA 370 18.30 174.27 -69.36
C ASP PA 370 17.62 174.61 -70.68
N THR PA 371 16.68 173.78 -71.12
CA THR PA 371 15.88 174.09 -72.29
C THR PA 371 14.50 173.47 -72.11
N ASN PA 372 13.48 174.12 -72.68
CA ASN PA 372 12.12 173.61 -72.66
C ASN PA 372 11.59 173.15 -74.02
N ASN PA 373 12.39 173.23 -75.09
CA ASN PA 373 11.90 172.88 -76.42
C ASN PA 373 12.81 171.96 -77.22
N ASP PA 374 14.08 171.80 -76.86
CA ASP PA 374 15.07 171.17 -77.73
C ASP PA 374 15.19 169.65 -77.56
N LEU PA 375 14.61 169.05 -76.53
CA LEU PA 375 14.69 167.59 -76.35
C LEU PA 375 13.50 166.91 -77.04
N GLU PA 376 13.79 166.19 -78.12
CA GLU PA 376 12.79 165.55 -78.96
C GLU PA 376 12.15 164.35 -78.27
N THR PA 377 10.96 163.99 -78.75
CA THR PA 377 10.21 162.85 -78.24
C THR PA 377 10.56 161.59 -79.04
N GLY PA 378 10.57 160.45 -78.37
CA GLY PA 378 10.82 159.18 -79.01
C GLY PA 378 12.27 158.86 -79.32
N GLN PA 379 13.20 159.75 -79.01
CA GLN PA 379 14.61 159.53 -79.29
C GLN PA 379 15.31 159.00 -78.05
N ASN PA 380 16.35 158.20 -78.27
CA ASN PA 380 17.12 157.64 -77.17
C ASN PA 380 17.95 158.72 -76.51
N THR PA 381 17.92 158.77 -75.18
CA THR PA 381 18.54 159.86 -74.43
C THR PA 381 19.32 159.30 -73.25
N LYS PA 382 20.53 159.83 -73.04
CA LYS PA 382 21.43 159.35 -72.00
C LYS PA 382 21.80 160.48 -71.06
N PHE PA 383 21.67 160.24 -69.76
CA PHE PA 383 22.15 161.16 -68.74
C PHE PA 383 23.57 160.77 -68.32
N THR PA 384 24.54 161.64 -68.60
CA THR PA 384 25.90 161.43 -68.12
C THR PA 384 26.08 162.23 -66.85
N PRO PA 385 26.27 161.60 -65.69
CA PRO PA 385 26.42 162.36 -64.45
C PRO PA 385 27.77 163.04 -64.37
N VAL PA 386 27.82 164.11 -63.57
CA VAL PA 386 29.05 164.88 -63.41
C VAL PA 386 29.32 165.12 -61.93
N GLY PA 387 28.31 165.55 -61.19
CA GLY PA 387 28.54 165.90 -59.81
C GLY PA 387 27.24 166.14 -59.06
N VAL PA 388 27.40 166.62 -57.82
CA VAL PA 388 26.28 166.88 -56.93
C VAL PA 388 26.21 168.38 -56.69
N VAL PA 389 25.01 168.85 -56.32
CA VAL PA 389 24.73 170.26 -56.18
C VAL PA 389 24.02 170.51 -54.84
N GLN PA 390 24.07 171.76 -54.40
CA GLN PA 390 23.55 172.16 -53.09
C GLN PA 390 22.85 173.51 -53.19
N ASP PA 391 21.68 173.62 -52.57
CA ASP PA 391 21.00 174.90 -52.44
C ASP PA 391 21.69 175.72 -51.35
N GLY PA 392 22.29 176.83 -51.73
CA GLY PA 392 23.15 177.59 -50.83
C GLY PA 392 22.41 178.26 -49.68
N ASN PA 393 21.08 178.37 -49.77
CA ASN PA 393 20.30 179.00 -48.71
C ASN PA 393 20.03 178.08 -47.53
N SER PA 394 20.25 176.77 -47.69
CA SER PA 394 20.15 175.83 -46.59
C SER PA 394 21.50 175.71 -45.90
N ALA PA 395 21.57 174.89 -44.86
CA ALA PA 395 22.81 174.74 -44.10
C ALA PA 395 23.91 174.20 -45.00
N HIS PA 396 25.11 174.75 -44.87
CA HIS PA 396 26.20 174.32 -45.72
C HIS PA 396 26.53 172.85 -45.46
N GLN PA 397 26.72 172.09 -46.55
CA GLN PA 397 27.05 170.66 -46.49
C GLN PA 397 25.87 169.83 -45.94
N ASN PA 398 24.67 170.13 -46.45
CA ASN PA 398 23.45 169.51 -45.93
C ASN PA 398 22.62 168.74 -46.96
N GLU PA 399 22.86 168.93 -48.25
CA GLU PA 399 21.92 168.41 -49.24
C GLU PA 399 22.18 166.94 -49.61
N PRO PA 400 23.40 166.55 -50.04
CA PRO PA 400 23.60 165.15 -50.42
C PRO PA 400 23.85 164.23 -49.24
N GLN PA 401 22.82 163.51 -48.82
CA GLN PA 401 22.88 162.60 -47.66
C GLN PA 401 23.20 161.21 -48.18
N GLN PA 402 24.49 160.83 -48.13
CA GLN PA 402 24.90 159.60 -48.83
C GLN PA 402 24.28 158.36 -48.20
N TRP PA 403 23.99 158.39 -46.89
CA TRP PA 403 23.52 157.22 -46.19
C TRP PA 403 22.00 157.20 -46.01
N VAL PA 404 21.29 158.02 -46.79
CA VAL PA 404 19.83 158.03 -46.80
C VAL PA 404 19.39 157.45 -48.14
N LEU PA 405 18.67 156.34 -48.10
CA LEU PA 405 18.30 155.75 -49.38
C LEU PA 405 17.12 156.51 -49.98
N PRO PA 406 17.12 156.72 -51.29
CA PRO PA 406 15.91 157.21 -51.96
C PRO PA 406 14.77 156.22 -51.86
N ASN PA 407 13.57 156.71 -52.17
CA ASN PA 407 12.37 155.87 -52.24
C ASN PA 407 12.20 155.48 -53.70
N TYR PA 408 12.58 154.25 -54.02
CA TYR PA 408 12.70 153.84 -55.42
C TYR PA 408 11.36 153.78 -56.14
N SER PA 409 10.25 153.64 -55.41
CA SER PA 409 8.92 153.65 -56.02
C SER PA 409 8.13 154.91 -55.65
N GLY PA 410 8.82 156.00 -55.34
CA GLY PA 410 8.15 157.20 -54.87
C GLY PA 410 7.20 156.93 -53.72
N ARG PA 411 6.06 157.62 -53.74
CA ARG PA 411 5.04 157.46 -52.70
C ARG PA 411 4.29 156.13 -52.79
N THR PA 412 4.28 155.48 -53.96
CA THR PA 412 3.40 154.33 -54.18
C THR PA 412 3.85 153.04 -53.51
N GLY PA 413 4.90 153.05 -52.69
CA GLY PA 413 5.26 151.84 -51.99
C GLY PA 413 6.50 152.02 -51.15
N HIS PA 414 7.02 150.89 -50.67
CA HIS PA 414 8.24 150.84 -49.89
C HIS PA 414 9.33 150.19 -50.72
N ASN PA 415 10.59 150.38 -50.30
CA ASN PA 415 11.69 149.75 -50.99
C ASN PA 415 11.65 148.24 -50.76
N VAL PA 416 11.99 147.48 -51.80
CA VAL PA 416 11.88 146.02 -51.76
C VAL PA 416 13.19 145.38 -52.20
N HIS PA 417 13.55 144.27 -51.54
CA HIS PA 417 14.70 143.45 -51.91
C HIS PA 417 16.02 144.21 -51.79
N LEU PA 418 16.18 144.91 -50.67
CA LEU PA 418 17.39 145.70 -50.46
C LEU PA 418 18.54 144.80 -50.04
N ALA PA 419 19.75 145.24 -50.35
CA ALA PA 419 20.92 144.66 -49.74
C ALA PA 419 20.93 145.01 -48.25
N PRO PA 420 21.42 144.09 -47.41
CA PRO PA 420 21.30 144.29 -45.95
C PRO PA 420 22.07 145.52 -45.48
N ALA PA 421 21.66 146.02 -44.32
CA ALA PA 421 22.42 147.08 -43.68
C ALA PA 421 23.68 146.48 -43.04
N VAL PA 422 24.61 147.35 -42.68
CA VAL PA 422 25.97 146.95 -42.35
C VAL PA 422 26.39 147.65 -41.06
N ALA PA 423 26.94 146.90 -40.12
CA ALA PA 423 27.41 147.46 -38.86
C ALA PA 423 28.48 146.56 -38.28
N PRO PA 424 29.49 147.13 -37.62
CA PRO PA 424 30.48 146.31 -36.91
C PRO PA 424 29.88 145.63 -35.69
N THR PA 425 30.35 144.41 -35.42
CA THR PA 425 29.84 143.63 -34.30
C THR PA 425 30.84 143.49 -33.15
N PHE PA 426 32.13 143.76 -33.39
CA PHE PA 426 33.09 143.58 -32.30
C PHE PA 426 33.35 144.89 -31.58
N PRO PA 427 33.43 144.85 -30.25
CA PRO PA 427 33.81 146.04 -29.50
C PRO PA 427 35.18 146.51 -29.98
N GLY PA 428 35.29 147.81 -30.26
CA GLY PA 428 36.53 148.38 -30.71
C GLY PA 428 36.70 148.43 -32.21
N GLU PA 429 35.73 147.93 -32.98
CA GLU PA 429 35.83 147.83 -34.43
C GLU PA 429 34.88 148.84 -35.08
N GLN PA 430 35.32 149.44 -36.18
CA GLN PA 430 34.46 150.29 -36.98
C GLN PA 430 34.57 149.90 -38.45
N LEU PA 431 33.57 150.30 -39.22
CA LEU PA 431 33.59 150.13 -40.66
C LEU PA 431 34.80 150.83 -41.27
N LEU PA 432 35.30 150.27 -42.37
CA LEU PA 432 36.34 150.89 -43.18
C LEU PA 432 35.74 151.23 -44.54
N PHE PA 433 35.78 152.52 -44.89
CA PHE PA 433 35.15 153.03 -46.10
C PHE PA 433 36.19 153.40 -47.14
N PHE PA 434 35.86 153.17 -48.41
CA PHE PA 434 36.67 153.65 -49.52
C PHE PA 434 36.08 154.99 -49.96
N ARG PA 435 36.80 156.07 -49.69
CA ARG PA 435 36.26 157.42 -49.75
C ARG PA 435 36.76 158.14 -50.99
N SER PA 436 35.84 158.78 -51.71
CA SER PA 436 36.18 159.68 -52.80
C SER PA 436 35.40 160.97 -52.63
N THR PA 437 35.78 161.98 -53.41
CA THR PA 437 35.19 163.31 -53.34
C THR PA 437 34.37 163.57 -54.61
N MET PA 438 33.07 163.75 -54.43
CA MET PA 438 32.22 164.01 -55.59
C MET PA 438 32.48 165.43 -56.10
N PRO PA 439 32.52 165.61 -57.42
CA PRO PA 439 32.60 166.98 -57.96
C PRO PA 439 31.37 167.78 -57.59
N GLY PA 440 31.58 168.98 -57.07
CA GLY PA 440 30.51 169.91 -56.78
C GLY PA 440 30.31 170.89 -57.92
N CYS PA 441 29.04 171.07 -58.31
CA CYS PA 441 28.71 171.85 -59.50
C CYS PA 441 28.11 173.22 -59.20
N SER PA 442 27.60 173.42 -57.99
CA SER PA 442 26.96 174.67 -57.57
C SER PA 442 26.58 174.57 -56.10
N GLY PA 443 26.76 175.66 -55.35
CA GLY PA 443 26.39 175.63 -53.95
C GLY PA 443 27.50 175.12 -53.05
N TYR PA 444 27.14 174.56 -51.90
CA TYR PA 444 28.10 174.04 -50.92
C TYR PA 444 27.70 172.62 -50.54
N PRO PA 445 27.87 171.65 -51.44
CA PRO PA 445 27.40 170.30 -51.16
C PRO PA 445 28.38 169.48 -50.34
N ASN PA 446 27.83 168.47 -49.66
CA ASN PA 446 28.61 167.52 -48.87
C ASN PA 446 29.27 166.54 -49.84
N MET PA 447 30.54 166.75 -50.11
CA MET PA 447 31.20 166.10 -51.23
C MET PA 447 31.75 164.70 -50.89
N ASN PA 448 31.53 164.23 -49.66
CA ASN PA 448 32.03 162.93 -49.22
C ASN PA 448 31.19 161.80 -49.81
N LEU PA 449 31.84 160.85 -50.47
CA LEU PA 449 31.19 159.63 -50.94
C LEU PA 449 31.98 158.40 -50.50
N ASP PA 450 31.37 157.59 -49.64
CA ASP PA 450 32.00 156.38 -49.11
C ASP PA 450 31.29 155.16 -49.67
N CYS PA 451 32.07 154.21 -50.22
CA CYS PA 451 31.53 152.93 -50.65
C CYS PA 451 32.16 151.81 -49.84
N LEU PA 452 31.47 150.67 -49.80
CA LEU PA 452 31.95 149.55 -49.00
C LEU PA 452 33.01 148.75 -49.74
N LEU PA 453 32.94 148.69 -51.06
CA LEU PA 453 33.88 147.94 -51.88
C LEU PA 453 34.16 148.74 -53.15
N PRO PA 454 35.43 148.84 -53.56
CA PRO PA 454 35.73 149.42 -54.86
C PRO PA 454 35.06 148.63 -55.98
N GLN PA 455 34.77 149.32 -57.09
CA GLN PA 455 34.13 148.64 -58.20
C GLN PA 455 35.04 147.57 -58.78
N GLU PA 456 36.36 147.80 -58.78
CA GLU PA 456 37.31 146.80 -59.23
C GLU PA 456 37.30 145.56 -58.35
N TRP PA 457 37.07 145.73 -57.04
CA TRP PA 457 36.89 144.58 -56.16
C TRP PA 457 35.63 143.82 -56.50
N VAL PA 458 34.54 144.53 -56.83
CA VAL PA 458 33.32 143.87 -57.26
C VAL PA 458 33.58 143.05 -58.52
N LEU PA 459 34.24 143.67 -59.51
CA LEU PA 459 34.59 142.98 -60.74
C LEU PA 459 35.42 141.73 -60.45
N HIS PA 460 36.41 141.87 -59.57
CA HIS PA 460 37.30 140.75 -59.25
C HIS PA 460 36.54 139.61 -58.61
N PHE PA 461 35.74 139.90 -57.58
CA PHE PA 461 34.97 138.86 -56.91
C PHE PA 461 34.01 138.19 -57.88
N TYR PA 462 33.41 138.97 -58.78
CA TYR PA 462 32.43 138.41 -59.71
C TYR PA 462 33.05 137.36 -60.62
N GLN PA 463 34.22 137.68 -61.20
CA GLN PA 463 34.82 136.76 -62.16
C GLN PA 463 35.49 135.58 -61.47
N GLU PA 464 36.36 135.87 -60.50
CA GLU PA 464 37.11 134.83 -59.79
C GLU PA 464 36.25 134.42 -58.60
N ALA PA 465 35.31 133.52 -58.85
CA ALA PA 465 34.25 133.25 -57.86
C ALA PA 465 34.74 132.22 -56.85
N ALA PA 466 35.60 132.70 -55.97
CA ALA PA 466 36.27 131.83 -55.00
C ALA PA 466 35.34 131.56 -53.82
N PRO PA 467 35.13 130.30 -53.44
CA PRO PA 467 34.31 130.01 -52.26
C PRO PA 467 34.94 130.58 -51.00
N ALA PA 468 34.11 131.17 -50.15
CA ALA PA 468 34.56 131.67 -48.86
C ALA PA 468 34.69 130.51 -47.89
N GLN PA 469 35.89 130.33 -47.33
CA GLN PA 469 36.12 129.25 -46.37
C GLN PA 469 35.65 129.59 -44.97
N SER PA 470 35.33 130.86 -44.70
CA SER PA 470 34.73 131.27 -43.44
C SER PA 470 34.06 132.62 -43.66
N ASP PA 471 33.54 133.19 -42.58
CA ASP PA 471 32.76 134.43 -42.67
C ASP PA 471 33.64 135.67 -42.76
N VAL PA 472 34.95 135.53 -42.52
CA VAL PA 472 35.85 136.69 -42.45
C VAL PA 472 37.14 136.36 -43.19
N ALA PA 473 37.52 137.24 -44.12
CA ALA PA 473 38.81 137.16 -44.80
C ALA PA 473 39.74 138.22 -44.21
N LEU PA 474 40.83 137.79 -43.61
CA LEU PA 474 41.82 138.71 -43.07
C LEU PA 474 42.69 139.25 -44.19
N LEU PA 475 42.75 140.58 -44.31
CA LEU PA 475 43.62 141.26 -45.26
C LEU PA 475 44.67 142.07 -44.51
N ARG PA 476 45.87 142.15 -45.10
CA ARG PA 476 46.94 142.97 -44.59
C ARG PA 476 47.23 144.06 -45.60
N PHE PA 477 47.35 145.30 -45.12
CA PHE PA 477 47.65 146.44 -45.99
C PHE PA 477 49.14 146.75 -45.88
N VAL PA 478 49.85 146.68 -47.00
CA VAL PA 478 51.30 146.63 -47.00
C VAL PA 478 51.88 147.83 -47.74
N ASN PA 479 52.96 148.38 -47.18
CA ASN PA 479 53.74 149.43 -47.83
C ASN PA 479 54.85 148.76 -48.62
N PRO PA 480 54.79 148.73 -49.95
CA PRO PA 480 55.79 147.93 -50.70
C PRO PA 480 57.19 148.50 -50.66
N ASP PA 481 57.36 149.78 -50.32
CA ASP PA 481 58.70 150.34 -50.20
C ASP PA 481 59.45 149.69 -49.04
N THR PA 482 58.88 149.74 -47.84
CA THR PA 482 59.53 149.25 -46.64
C THR PA 482 59.17 147.81 -46.30
N GLY PA 483 58.15 147.26 -46.95
CA GLY PA 483 57.65 145.93 -46.63
C GLY PA 483 56.80 145.85 -45.38
N ARG PA 484 56.55 146.97 -44.71
CA ARG PA 484 55.89 146.93 -43.42
C ARG PA 484 54.37 146.89 -43.59
N VAL PA 485 53.71 146.17 -42.70
CA VAL PA 485 52.26 146.16 -42.65
C VAL PA 485 51.78 147.35 -41.83
N LEU PA 486 50.87 148.13 -42.39
CA LEU PA 486 50.38 149.32 -41.70
C LEU PA 486 49.19 148.98 -40.82
N PHE PA 487 48.27 148.18 -41.33
CA PHE PA 487 47.15 147.69 -40.53
C PHE PA 487 46.66 146.41 -41.18
N GLU PA 488 45.81 145.69 -40.46
CA GLU PA 488 45.08 144.57 -41.01
C GLU PA 488 43.59 144.85 -40.83
N CYS PA 489 42.79 144.21 -41.67
CA CYS PA 489 41.36 144.45 -41.66
C CYS PA 489 40.62 143.16 -41.98
N LYS PA 490 39.34 143.14 -41.65
CA LYS PA 490 38.49 141.98 -41.84
C LYS PA 490 37.53 142.26 -42.98
N LEU PA 491 37.66 141.51 -44.07
CA LEU PA 491 36.74 141.60 -45.20
C LEU PA 491 35.68 140.52 -45.00
N HIS PA 492 34.46 140.94 -44.68
CA HIS PA 492 33.41 140.00 -44.37
C HIS PA 492 32.84 139.40 -45.64
N LYS PA 493 32.41 138.14 -45.54
CA LYS PA 493 31.89 137.43 -46.70
C LYS PA 493 30.77 138.23 -47.37
N SER PA 494 29.95 138.92 -46.57
CA SER PA 494 28.84 139.71 -47.08
C SER PA 494 29.30 140.86 -47.96
N GLY PA 495 30.60 141.12 -48.07
CA GLY PA 495 31.12 142.24 -48.82
C GLY PA 495 31.19 143.57 -48.11
N TYR PA 496 31.89 143.62 -46.99
CA TYR PA 496 32.22 144.90 -46.34
C TYR PA 496 33.45 144.70 -45.46
N VAL PA 497 34.12 145.80 -45.14
CA VAL PA 497 35.37 145.76 -44.40
C VAL PA 497 35.23 146.50 -43.07
N THR PA 498 35.93 145.99 -42.06
CA THR PA 498 35.99 146.60 -40.73
C THR PA 498 37.43 146.61 -40.26
N VAL PA 499 37.75 147.56 -39.37
CA VAL PA 499 39.10 147.71 -38.82
C VAL PA 499 39.00 147.97 -37.33
N ALA PA 500 40.16 147.89 -36.67
CA ALA PA 500 40.26 148.11 -35.23
C ALA PA 500 40.67 149.56 -34.99
N HIS PA 501 39.69 150.42 -34.74
CA HIS PA 501 39.92 151.84 -34.51
C HIS PA 501 38.68 152.43 -33.88
N THR PA 502 38.86 153.55 -33.19
CA THR PA 502 37.75 154.25 -32.55
C THR PA 502 37.84 155.74 -32.85
N GLY PA 503 36.74 156.30 -33.35
CA GLY PA 503 36.69 157.69 -33.73
C GLY PA 503 36.85 157.86 -35.23
N PRO PA 504 36.43 159.01 -35.75
CA PRO PA 504 36.64 159.28 -37.18
C PRO PA 504 38.11 159.53 -37.48
N HIS PA 505 38.54 159.09 -38.65
CA HIS PA 505 39.95 159.18 -39.02
C HIS PA 505 40.15 158.91 -40.51
N ASP PA 506 40.77 159.86 -41.21
CA ASP PA 506 41.27 159.60 -42.55
C ASP PA 506 42.63 158.93 -42.44
N LEU PA 507 42.80 157.80 -43.11
CA LEU PA 507 44.02 157.03 -42.97
C LEU PA 507 45.15 157.69 -43.75
N VAL PA 508 46.35 157.65 -43.17
CA VAL PA 508 47.54 158.18 -43.80
C VAL PA 508 48.26 157.03 -44.50
N ILE PA 509 48.12 156.96 -45.82
CA ILE PA 509 48.55 155.80 -46.58
C ILE PA 509 49.59 156.22 -47.61
N PRO PA 510 50.67 155.47 -47.76
CA PRO PA 510 51.59 155.67 -48.88
C PRO PA 510 50.86 155.50 -50.21
N PRO PA 511 51.19 156.33 -51.20
CA PRO PA 511 50.42 156.28 -52.46
C PRO PA 511 50.50 154.93 -53.17
N ASN PA 512 51.52 154.12 -52.90
CA ASN PA 512 51.71 152.85 -53.58
C ASN PA 512 51.26 151.65 -52.74
N GLY PA 513 50.55 151.88 -51.64
CA GLY PA 513 50.10 150.77 -50.82
C GLY PA 513 48.99 149.96 -51.45
N TYR PA 514 48.98 148.66 -51.16
CA TYR PA 514 48.07 147.69 -51.75
C TYR PA 514 47.51 146.78 -50.67
N PHE PA 515 46.36 146.18 -50.95
CA PHE PA 515 45.76 145.17 -50.08
C PHE PA 515 46.22 143.77 -50.49
N ARG PA 516 46.56 142.97 -49.49
CA ARG PA 516 47.01 141.60 -49.71
C ARG PA 516 46.20 140.66 -48.83
N PHE PA 517 45.63 139.62 -49.44
CA PHE PA 517 44.84 138.65 -48.71
C PHE PA 517 45.74 137.72 -47.91
N ASP PA 518 45.41 137.52 -46.63
CA ASP PA 518 46.25 136.74 -45.74
C ASP PA 518 45.64 135.40 -45.35
N SER PA 519 44.34 135.34 -45.04
CA SER PA 519 43.74 134.09 -44.58
C SER PA 519 42.24 134.18 -44.32
N TRP PA 520 41.55 133.06 -44.48
CA TRP PA 520 40.23 132.95 -43.89
C TRP PA 520 40.42 132.65 -42.41
N VAL PA 521 39.61 133.27 -41.55
CA VAL PA 521 39.76 133.10 -40.12
C VAL PA 521 38.40 132.82 -39.50
N ASN PA 522 38.44 132.37 -38.24
CA ASN PA 522 37.22 132.10 -37.49
C ASN PA 522 36.72 133.42 -36.94
N GLN PA 523 35.39 133.54 -36.83
CA GLN PA 523 34.89 134.89 -36.56
C GLN PA 523 35.26 135.38 -35.18
N PHE PA 524 35.92 134.56 -34.34
CA PHE PA 524 36.35 135.01 -33.03
C PHE PA 524 37.71 135.71 -33.09
N TYR PA 525 38.31 135.79 -34.27
CA TYR PA 525 39.59 136.44 -34.46
C TYR PA 525 39.49 137.92 -34.13
N THR PA 526 40.39 138.38 -33.26
CA THR PA 526 40.45 139.78 -32.86
C THR PA 526 41.72 140.41 -33.44
N LEU PA 527 41.55 141.45 -34.24
CA LEU PA 527 42.67 142.08 -34.92
C LEU PA 527 43.28 143.19 -34.07
N ALA PA 528 44.59 143.37 -34.22
CA ALA PA 528 45.31 144.38 -33.47
C ALA PA 528 44.97 145.78 -33.99
N PRO PA 529 44.79 146.76 -33.09
CA PRO PA 529 44.49 148.15 -33.47
C PRO PA 529 45.66 148.84 -34.18
N MET QA 27 1.17 66.59 -48.38
CA MET QA 27 1.08 65.15 -48.24
C MET QA 27 0.50 64.49 -49.49
N ALA QA 28 -0.54 65.12 -50.05
CA ALA QA 28 -1.21 64.58 -51.23
C ALA QA 28 -0.43 64.77 -52.52
N LEU QA 29 0.65 65.55 -52.53
CA LEU QA 29 1.46 65.73 -53.73
C LEU QA 29 2.92 65.38 -53.46
N GLU QA 30 3.55 64.74 -54.45
CA GLU QA 30 4.99 64.54 -54.48
C GLU QA 30 5.72 65.81 -54.89
N PRO QA 31 7.05 65.84 -54.69
CA PRO QA 31 7.84 66.91 -55.29
C PRO QA 31 7.77 66.83 -56.82
N VAL QA 32 7.84 67.99 -57.46
CA VAL QA 32 7.68 68.09 -58.90
C VAL QA 32 8.79 68.98 -59.44
N VAL QA 33 9.53 68.46 -60.43
CA VAL QA 33 10.72 69.14 -60.92
C VAL QA 33 10.33 70.40 -61.68
N GLY QA 34 11.17 71.43 -61.56
CA GLY QA 34 10.98 72.65 -62.31
C GLY QA 34 11.75 72.65 -63.61
N ALA QA 35 12.55 73.69 -63.84
CA ALA QA 35 13.19 73.87 -65.14
C ALA QA 35 14.44 73.01 -65.32
N ALA QA 36 14.93 72.38 -64.25
CA ALA QA 36 16.15 71.57 -64.35
C ALA QA 36 15.99 70.46 -65.39
N ILE QA 37 14.81 69.83 -65.43
CA ILE QA 37 14.58 68.75 -66.39
C ILE QA 37 14.70 69.22 -67.82
N ALA QA 38 14.51 70.52 -68.06
CA ALA QA 38 14.44 71.04 -69.43
C ALA QA 38 15.80 71.35 -70.02
N ALA QA 39 16.88 71.19 -69.24
CA ALA QA 39 18.20 71.61 -69.65
C ALA QA 39 18.65 71.06 -71.02
N PRO QA 40 18.45 69.78 -71.35
CA PRO QA 40 18.88 69.31 -72.68
C PRO QA 40 18.13 69.93 -73.85
N VAL QA 41 16.94 70.50 -73.64
CA VAL QA 41 16.16 71.06 -74.73
C VAL QA 41 15.96 72.56 -74.64
N ALA QA 42 16.32 73.19 -73.52
CA ALA QA 42 16.25 74.65 -73.45
C ALA QA 42 17.45 75.29 -74.13
N GLY QA 43 17.26 76.52 -74.59
CA GLY QA 43 18.36 77.26 -75.19
C GLY QA 43 19.44 77.64 -74.21
N GLN QA 44 19.10 77.85 -72.94
CA GLN QA 44 20.01 78.46 -71.98
C GLN QA 44 19.72 77.96 -70.58
N GLN QA 45 20.65 78.26 -69.67
CA GLN QA 45 20.51 77.97 -68.25
C GLN QA 45 20.45 79.32 -67.55
N ASN QA 46 19.35 79.57 -66.84
CA ASN QA 46 19.16 80.85 -66.19
C ASN QA 46 18.99 80.69 -64.68
N VAL QA 47 19.02 81.83 -64.00
CA VAL QA 47 18.93 81.90 -62.55
C VAL QA 47 18.03 83.08 -62.21
N ILE QA 48 17.16 82.88 -61.22
CA ILE QA 48 16.29 83.93 -60.73
C ILE QA 48 16.80 84.33 -59.34
N ASP QA 49 16.65 85.61 -59.02
CA ASP QA 49 17.06 86.11 -57.71
C ASP QA 49 16.44 85.27 -56.59
N PRO QA 50 17.24 84.59 -55.77
CA PRO QA 50 16.67 83.74 -54.71
C PRO QA 50 15.83 84.50 -53.69
N TRP QA 51 16.08 85.80 -53.51
CA TRP QA 51 15.26 86.57 -52.58
C TRP QA 51 13.79 86.63 -52.99
N ILE QA 52 13.51 86.55 -54.30
CA ILE QA 52 12.12 86.59 -54.76
C ILE QA 52 11.29 85.48 -54.12
N ARG QA 53 11.90 84.34 -53.79
CA ARG QA 53 11.18 83.24 -53.16
C ARG QA 53 11.17 83.34 -51.63
N ASN QA 54 11.84 84.33 -51.04
CA ASN QA 54 11.99 84.42 -49.60
C ASN QA 54 10.90 85.26 -48.94
N ASN QA 55 9.84 85.61 -49.68
CA ASN QA 55 8.84 86.55 -49.20
C ASN QA 55 7.52 86.31 -49.91
N PHE QA 56 6.45 86.06 -49.16
CA PHE QA 56 5.13 85.96 -49.76
C PHE QA 56 4.65 87.34 -50.19
N VAL QA 57 4.10 87.42 -51.40
CA VAL QA 57 3.66 88.69 -51.96
C VAL QA 57 2.34 88.48 -52.69
N GLN QA 58 1.47 89.49 -52.63
CA GLN QA 58 0.10 89.34 -53.08
C GLN QA 58 0.04 89.20 -54.60
N ALA QA 59 -0.69 88.19 -55.06
CA ALA QA 59 -0.83 87.91 -56.48
C ALA QA 59 -1.54 89.06 -57.20
N PRO QA 60 -1.21 89.30 -58.47
CA PRO QA 60 -1.93 90.30 -59.26
C PRO QA 60 -3.43 90.05 -59.34
N GLY QA 61 -3.86 88.82 -59.13
CA GLY QA 61 -5.27 88.48 -59.13
C GLY QA 61 -5.54 87.70 -57.88
N GLY QA 62 -5.07 88.25 -56.76
CA GLY QA 62 -5.13 87.59 -55.47
C GLY QA 62 -6.11 88.20 -54.50
N GLU QA 63 -7.16 88.84 -55.02
CA GLU QA 63 -8.22 89.37 -54.19
C GLU QA 63 -9.52 88.69 -54.58
N PHE QA 64 -10.29 88.26 -53.58
CA PHE QA 64 -11.63 87.76 -53.79
C PHE QA 64 -12.41 87.96 -52.50
N THR QA 65 -13.71 87.71 -52.58
CA THR QA 65 -14.62 88.10 -51.52
C THR QA 65 -15.60 86.98 -51.24
N VAL QA 66 -15.87 86.75 -49.96
CA VAL QA 66 -16.93 85.83 -49.51
C VAL QA 66 -17.99 86.66 -48.79
N SER QA 67 -19.20 86.71 -49.35
CA SER QA 67 -20.31 87.45 -48.78
C SER QA 67 -21.49 86.50 -48.63
N PRO QA 68 -22.49 86.86 -47.81
CA PRO QA 68 -23.64 85.98 -47.64
C PRO QA 68 -24.50 85.85 -48.88
N ARG QA 69 -24.32 86.72 -49.88
CA ARG QA 69 -24.96 86.50 -51.17
C ARG QA 69 -24.40 85.28 -51.89
N ASN QA 70 -23.18 84.88 -51.55
CA ASN QA 70 -22.57 83.72 -52.18
C ASN QA 70 -23.08 82.43 -51.56
N ALA QA 71 -23.14 81.38 -52.36
CA ALA QA 71 -23.56 80.06 -51.94
C ALA QA 71 -22.51 79.05 -52.31
N PRO QA 72 -22.46 77.91 -51.62
CA PRO QA 72 -21.57 76.82 -52.04
C PRO QA 72 -21.86 76.40 -53.48
N GLY QA 73 -20.79 76.03 -54.18
CA GLY QA 73 -20.82 75.67 -55.58
C GLY QA 73 -20.27 76.75 -56.49
N GLU QA 74 -20.35 78.01 -56.08
CA GLU QA 74 -19.75 79.10 -56.82
C GLU QA 74 -18.23 79.08 -56.62
N ILE QA 75 -17.49 79.07 -57.71
CA ILE QA 75 -16.03 79.19 -57.60
C ILE QA 75 -15.72 80.66 -57.41
N LEU QA 76 -15.41 81.04 -56.16
CA LEU QA 76 -15.24 82.44 -55.79
C LEU QA 76 -13.90 83.01 -56.23
N TRP QA 77 -12.91 82.16 -56.50
CA TRP QA 77 -11.58 82.63 -56.87
C TRP QA 77 -10.85 81.49 -57.55
N SER QA 78 -10.04 81.82 -58.56
CA SER QA 78 -9.22 80.82 -59.22
C SER QA 78 -8.05 81.50 -59.91
N ALA QA 79 -6.98 80.73 -60.10
CA ALA QA 79 -5.78 81.23 -60.75
C ALA QA 79 -4.99 80.07 -61.32
N PRO QA 80 -4.42 80.20 -62.51
CA PRO QA 80 -3.50 79.19 -63.01
C PRO QA 80 -2.07 79.41 -62.55
N LEU QA 81 -1.33 78.31 -62.44
CA LEU QA 81 0.08 78.40 -62.15
C LEU QA 81 0.80 79.08 -63.31
N GLY QA 82 1.69 80.00 -62.97
CA GLY QA 82 2.39 80.78 -63.96
C GLY QA 82 2.99 82.03 -63.34
N PRO QA 83 3.76 82.79 -64.11
CA PRO QA 83 4.40 83.98 -63.55
C PRO QA 83 3.41 85.05 -63.12
N ASP QA 84 2.18 85.02 -63.63
CA ASP QA 84 1.19 86.02 -63.26
C ASP QA 84 0.71 85.84 -61.82
N LEU QA 85 1.16 84.81 -61.11
CA LEU QA 85 0.82 84.64 -59.71
C LEU QA 85 1.64 85.52 -58.78
N ASN QA 86 2.65 86.22 -59.30
CA ASN QA 86 3.60 86.92 -58.47
C ASN QA 86 4.08 88.18 -59.19
N PRO QA 87 3.90 89.36 -58.58
CA PRO QA 87 4.23 90.61 -59.28
C PRO QA 87 5.70 90.74 -59.65
N TYR QA 88 6.60 90.17 -58.86
CA TYR QA 88 8.02 90.14 -59.26
C TYR QA 88 8.21 89.25 -60.49
N LEU QA 89 7.72 88.01 -60.43
CA LEU QA 89 7.81 87.13 -61.59
C LEU QA 89 7.09 87.72 -62.79
N SER QA 90 6.03 88.50 -62.56
CA SER QA 90 5.29 89.12 -63.64
C SER QA 90 6.20 90.06 -64.44
N HIS QA 91 6.94 90.93 -63.74
CA HIS QA 91 7.84 91.84 -64.44
C HIS QA 91 9.00 91.09 -65.06
N LEU QA 92 9.58 90.14 -64.33
CA LEU QA 92 10.67 89.34 -64.87
C LEU QA 92 10.26 88.62 -66.15
N ALA QA 93 9.00 88.16 -66.21
CA ALA QA 93 8.55 87.36 -67.34
C ALA QA 93 8.65 88.14 -68.65
N ARG QA 94 8.65 89.47 -68.58
CA ARG QA 94 8.83 90.28 -69.78
C ARG QA 94 10.21 90.10 -70.40
N MET QA 95 11.13 89.45 -69.70
CA MET QA 95 12.50 89.24 -70.15
C MET QA 95 12.77 87.80 -70.52
N TYR QA 96 11.81 86.90 -70.36
CA TYR QA 96 12.02 85.49 -70.58
C TYR QA 96 10.95 84.93 -71.52
N ASN QA 97 11.29 83.84 -72.19
CA ASN QA 97 10.38 83.19 -73.13
C ASN QA 97 9.56 82.07 -72.50
N GLY QA 98 10.04 81.48 -71.40
CA GLY QA 98 9.28 80.41 -70.78
C GLY QA 98 9.64 80.25 -69.32
N TYR QA 99 9.07 79.20 -68.72
CA TYR QA 99 9.27 78.92 -67.30
C TYR QA 99 8.92 77.47 -67.02
N ALA QA 100 9.29 77.02 -65.82
CA ALA QA 100 8.86 75.73 -65.30
C ALA QA 100 9.09 75.73 -63.79
N GLY QA 101 8.19 75.08 -63.07
CA GLY QA 101 8.28 74.98 -61.62
C GLY QA 101 7.07 75.59 -60.94
N GLY QA 102 7.03 75.37 -59.62
CA GLY QA 102 5.84 75.60 -58.83
C GLY QA 102 5.96 76.75 -57.85
N PHE QA 103 4.88 76.92 -57.09
CA PHE QA 103 4.75 77.99 -56.11
C PHE QA 103 4.35 77.43 -54.75
N GLU QA 104 4.54 78.24 -53.73
CA GLU QA 104 3.83 78.12 -52.47
C GLU QA 104 2.89 79.32 -52.35
N VAL QA 105 1.61 79.05 -52.13
CA VAL QA 105 0.60 80.09 -52.00
C VAL QA 105 0.16 80.20 -50.54
N GLN QA 106 -0.07 81.43 -50.09
CA GLN QA 106 -0.54 81.75 -48.75
C GLN QA 106 -1.87 82.49 -48.87
N VAL QA 107 -2.88 82.06 -48.11
CA VAL QA 107 -4.22 82.64 -48.17
C VAL QA 107 -4.56 83.28 -46.83
N ILE QA 108 -5.16 84.46 -46.89
CA ILE QA 108 -5.56 85.24 -45.73
C ILE QA 108 -7.05 85.54 -45.83
N LEU QA 109 -7.79 85.33 -44.75
CA LEU QA 109 -9.22 85.62 -44.69
C LEU QA 109 -9.49 86.58 -43.53
N ALA QA 110 -10.21 87.67 -43.82
CA ALA QA 110 -10.49 88.71 -42.84
C ALA QA 110 -11.90 88.51 -42.26
N GLY QA 111 -12.02 87.47 -41.44
CA GLY QA 111 -13.26 87.16 -40.75
C GLY QA 111 -13.31 87.76 -39.35
N ASN QA 112 -14.39 87.42 -38.65
CA ASN QA 112 -14.48 87.67 -37.22
C ASN QA 112 -15.23 86.52 -36.55
N ALA QA 113 -15.29 86.57 -35.22
CA ALA QA 113 -15.87 85.47 -34.44
C ALA QA 113 -17.36 85.27 -34.69
N PHE QA 114 -18.03 86.25 -35.29
CA PHE QA 114 -19.44 86.16 -35.61
C PHE QA 114 -19.67 85.54 -36.99
N THR QA 115 -18.58 85.18 -37.68
CA THR QA 115 -18.60 84.73 -39.07
C THR QA 115 -18.35 83.22 -39.11
N ALA QA 116 -19.40 82.45 -39.39
CA ALA QA 116 -19.29 80.99 -39.48
C ALA QA 116 -19.22 80.55 -40.93
N GLY QA 117 -18.52 79.45 -41.18
CA GLY QA 117 -18.44 78.87 -42.49
C GLY QA 117 -17.04 78.38 -42.82
N LYS QA 118 -16.94 77.54 -43.85
CA LYS QA 118 -15.67 76.97 -44.28
C LYS QA 118 -15.40 77.30 -45.75
N ILE QA 119 -14.15 77.62 -46.06
CA ILE QA 119 -13.68 77.81 -47.43
C ILE QA 119 -12.72 76.68 -47.75
N ILE QA 120 -12.87 76.07 -48.91
CA ILE QA 120 -11.95 75.04 -49.39
C ILE QA 120 -11.14 75.60 -50.56
N PHE QA 121 -9.82 75.47 -50.48
CA PHE QA 121 -8.93 75.73 -51.59
C PHE QA 121 -8.44 74.39 -52.14
N ALA QA 122 -8.42 74.25 -53.46
CA ALA QA 122 -8.06 72.98 -54.06
C ALA QA 122 -7.21 73.18 -55.30
N ALA QA 123 -6.23 72.29 -55.48
CA ALA QA 123 -5.37 72.26 -56.65
C ALA QA 123 -5.92 71.21 -57.61
N VAL QA 124 -6.41 71.66 -58.76
CA VAL QA 124 -6.99 70.78 -59.77
C VAL QA 124 -6.02 70.67 -60.93
N PRO QA 125 -5.67 69.46 -61.37
CA PRO QA 125 -4.55 69.29 -62.29
C PRO QA 125 -4.96 69.65 -63.71
N PRO QA 126 -3.99 69.85 -64.60
CA PRO QA 126 -4.30 70.36 -65.94
C PRO QA 126 -5.27 69.47 -66.69
N ASN QA 127 -6.17 70.11 -67.44
CA ASN QA 127 -7.14 69.46 -68.31
C ASN QA 127 -8.23 68.71 -67.55
N PHE QA 128 -8.42 69.03 -66.28
CA PHE QA 128 -9.61 68.53 -65.60
C PHE QA 128 -10.64 69.64 -65.55
N PRO QA 129 -11.89 69.38 -65.96
CA PRO QA 129 -12.88 70.46 -66.06
C PRO QA 129 -13.43 70.84 -64.71
N THR QA 130 -13.44 72.14 -64.42
CA THR QA 130 -14.00 72.62 -63.16
C THR QA 130 -15.51 72.78 -63.20
N GLU QA 131 -16.14 72.76 -64.38
CA GLU QA 131 -17.53 73.18 -64.50
C GLU QA 131 -18.43 72.11 -63.90
N GLY QA 132 -19.02 72.42 -62.75
CA GLY QA 132 -20.06 71.59 -62.15
C GLY QA 132 -19.66 71.02 -60.80
N LEU QA 133 -18.49 71.36 -60.30
CA LEU QA 133 -17.96 70.73 -59.11
C LEU QA 133 -18.81 71.05 -57.89
N SER QA 134 -19.08 70.04 -57.11
CA SER QA 134 -19.69 70.16 -55.79
C SER QA 134 -18.61 70.34 -54.74
N PRO QA 135 -18.97 70.87 -53.57
CA PRO QA 135 -17.96 70.93 -52.49
C PRO QA 135 -17.43 69.55 -52.11
N SER QA 136 -18.31 68.55 -52.05
CA SER QA 136 -17.86 67.17 -51.85
C SER QA 136 -16.79 66.77 -52.85
N GLN QA 137 -17.01 67.06 -54.13
CA GLN QA 137 -16.05 66.64 -55.16
C GLN QA 137 -14.73 67.38 -55.02
N VAL QA 138 -14.78 68.68 -54.69
CA VAL QA 138 -13.56 69.46 -54.56
C VAL QA 138 -12.63 68.88 -53.51
N THR QA 139 -13.18 68.28 -52.45
CA THR QA 139 -12.35 67.62 -51.45
C THR QA 139 -11.51 66.48 -52.00
N MET QA 140 -11.80 66.00 -53.22
CA MET QA 140 -11.07 64.86 -53.74
C MET QA 140 -9.76 65.26 -54.42
N PHE QA 141 -9.53 66.56 -54.59
CA PHE QA 141 -8.24 67.09 -55.03
C PHE QA 141 -7.35 67.30 -53.83
N PRO QA 142 -6.06 67.57 -54.04
CA PRO QA 142 -5.26 68.19 -52.97
C PRO QA 142 -5.97 69.45 -52.51
N HIS QA 143 -6.13 69.61 -51.20
CA HIS QA 143 -6.98 70.70 -50.73
C HIS QA 143 -6.62 71.09 -49.30
N ILE QA 144 -7.14 72.24 -48.91
CA ILE QA 144 -7.16 72.70 -47.52
C ILE QA 144 -8.56 73.21 -47.22
N ILE QA 145 -9.04 72.96 -46.01
CA ILE QA 145 -10.32 73.47 -45.56
C ILE QA 145 -10.03 74.43 -44.42
N VAL QA 146 -10.36 75.70 -44.62
CA VAL QA 146 -10.04 76.74 -43.65
C VAL QA 146 -11.32 77.41 -43.19
N ASP QA 147 -11.43 77.63 -41.87
CA ASP QA 147 -12.63 78.25 -41.32
C ASP QA 147 -12.56 79.75 -41.54
N VAL QA 148 -13.70 80.36 -41.89
CA VAL QA 148 -13.70 81.77 -42.24
C VAL QA 148 -13.26 82.69 -41.10
N ARG QA 149 -13.30 82.22 -39.85
CA ARG QA 149 -12.86 83.06 -38.75
C ARG QA 149 -11.41 82.83 -38.36
N GLN QA 150 -10.65 82.10 -39.16
CA GLN QA 150 -9.25 81.82 -38.84
C GLN QA 150 -8.43 83.10 -38.93
N LEU QA 151 -7.54 83.29 -37.94
CA LEU QA 151 -6.67 84.47 -37.92
C LEU QA 151 -5.37 84.24 -38.69
N GLU QA 152 -4.72 83.10 -38.46
CA GLU QA 152 -3.43 82.84 -39.09
C GLU QA 152 -3.61 82.51 -40.57
N PRO QA 153 -2.69 82.95 -41.42
CA PRO QA 153 -2.72 82.55 -42.84
C PRO QA 153 -2.49 81.06 -43.01
N VAL QA 154 -3.03 80.50 -44.09
CA VAL QA 154 -2.89 79.09 -44.41
C VAL QA 154 -2.03 78.93 -45.66
N LEU QA 155 -1.16 77.91 -45.66
CA LEU QA 155 -0.19 77.65 -46.71
C LEU QA 155 -0.61 76.46 -47.57
N ILE QA 156 -0.58 76.65 -48.89
CA ILE QA 156 -0.87 75.60 -49.86
C ILE QA 156 0.32 75.45 -50.79
N PRO QA 157 0.85 74.25 -51.00
CA PRO QA 157 1.84 74.06 -52.06
C PRO QA 157 1.17 73.86 -53.42
N LEU QA 158 1.72 74.51 -54.45
CA LEU QA 158 1.20 74.44 -55.82
C LEU QA 158 2.29 73.98 -56.78
N PRO QA 159 2.42 72.67 -57.04
CA PRO QA 159 3.47 72.19 -57.92
C PRO QA 159 3.07 72.25 -59.39
N ASP QA 160 4.09 72.33 -60.24
CA ASP QA 160 3.89 72.49 -61.68
C ASP QA 160 3.74 71.12 -62.35
N VAL QA 161 2.63 70.45 -62.02
CA VAL QA 161 2.26 69.22 -62.70
C VAL QA 161 2.03 69.50 -64.18
N ARG QA 162 2.65 68.68 -65.03
CA ARG QA 162 2.66 68.92 -66.47
C ARG QA 162 3.20 67.68 -67.16
N ASN QA 163 3.04 67.63 -68.49
CA ASN QA 163 3.54 66.52 -69.29
C ASN QA 163 4.52 66.98 -70.38
N ASN QA 164 5.06 68.19 -70.26
CA ASN QA 164 6.09 68.66 -71.18
C ASN QA 164 7.26 69.18 -70.39
N PHE QA 165 8.34 69.51 -71.09
CA PHE QA 165 9.56 69.90 -70.41
C PHE QA 165 9.39 71.23 -69.69
N TYR QA 166 8.65 72.16 -70.29
CA TYR QA 166 8.43 73.48 -69.72
C TYR QA 166 7.32 74.17 -70.49
N HIS QA 167 6.96 75.37 -70.04
CA HIS QA 167 5.86 76.14 -70.60
C HIS QA 167 6.41 77.35 -71.34
N TYR QA 168 5.72 77.76 -72.40
CA TYR QA 168 6.02 79.02 -73.05
C TYR QA 168 5.12 80.13 -72.53
N ASN QA 169 5.69 81.33 -72.39
CA ASN QA 169 4.91 82.50 -71.97
C ASN QA 169 3.85 82.86 -73.00
N GLN QA 170 4.19 82.73 -74.29
CA GLN QA 170 3.30 83.12 -75.38
C GLN QA 170 2.26 82.06 -75.73
N SER QA 171 2.21 80.94 -75.02
CA SER QA 171 1.21 79.91 -75.26
C SER QA 171 0.28 79.81 -74.05
N ASN QA 172 -0.95 79.36 -74.31
CA ASN QA 172 -1.92 79.13 -73.24
C ASN QA 172 -2.12 77.65 -72.98
N ASP QA 173 -1.05 76.87 -73.14
CA ASP QA 173 -1.02 75.50 -72.64
C ASP QA 173 -1.52 75.48 -71.20
N PRO QA 174 -2.37 74.53 -70.83
CA PRO QA 174 -2.96 74.56 -69.49
C PRO QA 174 -2.00 74.07 -68.42
N THR QA 175 -2.18 74.63 -67.23
CA THR QA 175 -1.37 74.32 -66.06
C THR QA 175 -2.30 73.94 -64.91
N ILE QA 176 -1.71 73.49 -63.81
CA ILE QA 176 -2.49 73.26 -62.60
C ILE QA 176 -3.21 74.54 -62.22
N LYS QA 177 -4.42 74.41 -61.71
CA LYS QA 177 -5.25 75.53 -61.30
C LYS QA 177 -5.52 75.43 -59.81
N LEU QA 178 -5.49 76.57 -59.12
CA LEU QA 178 -5.96 76.66 -57.76
C LEU QA 178 -7.34 77.30 -57.73
N ILE QA 179 -8.30 76.67 -57.04
CA ILE QA 179 -9.68 77.11 -57.01
C ILE QA 179 -10.12 77.24 -55.54
N ALA QA 180 -10.91 78.29 -55.26
CA ALA QA 180 -11.48 78.51 -53.94
C ALA QA 180 -12.99 78.59 -54.04
N MET QA 181 -13.69 77.80 -53.22
CA MET QA 181 -15.14 77.80 -53.16
C MET QA 181 -15.63 77.60 -51.74
N LEU QA 182 -16.86 78.04 -51.49
CA LEU QA 182 -17.53 77.83 -50.21
C LEU QA 182 -17.83 76.35 -50.00
N TYR QA 183 -17.34 75.80 -48.89
CA TYR QA 183 -17.47 74.38 -48.56
C TYR QA 183 -18.71 74.10 -47.72
N THR QA 184 -19.07 75.02 -46.84
CA THR QA 184 -20.30 75.07 -46.06
C THR QA 184 -20.87 76.47 -46.20
N PRO QA 185 -22.19 76.63 -46.12
CA PRO QA 185 -22.76 77.98 -46.30
C PRO QA 185 -22.22 78.95 -45.27
N LEU QA 186 -22.12 80.21 -45.68
CA LEU QA 186 -21.65 81.30 -44.83
C LEU QA 186 -22.81 81.91 -44.06
N ARG QA 187 -22.66 82.00 -42.75
CA ARG QA 187 -23.65 82.63 -41.89
C ARG QA 187 -23.01 83.86 -41.25
N ALA QA 188 -23.66 85.00 -41.38
CA ALA QA 188 -23.11 86.27 -40.89
C ALA QA 188 -24.22 87.29 -40.63
N VAL QA 195 -24.90 92.02 -44.68
CA VAL QA 195 -24.06 93.11 -45.14
C VAL QA 195 -22.59 92.75 -44.98
N PHE QA 196 -22.28 91.93 -43.98
CA PHE QA 196 -20.89 91.63 -43.62
C PHE QA 196 -20.20 90.87 -44.75
N THR QA 197 -19.30 91.53 -45.45
CA THR QA 197 -18.49 90.90 -46.47
C THR QA 197 -17.12 90.54 -45.90
N VAL QA 198 -16.65 89.34 -46.23
CA VAL QA 198 -15.33 88.86 -45.79
C VAL QA 198 -14.33 89.09 -46.90
N SER QA 199 -13.37 89.98 -46.66
CA SER QA 199 -12.29 90.21 -47.61
C SER QA 199 -11.24 89.11 -47.50
N CYS QA 200 -10.84 88.56 -48.64
CA CYS QA 200 -9.81 87.53 -48.67
C CYS QA 200 -8.67 87.93 -49.60
N ARG QA 201 -7.45 87.52 -49.25
CA ARG QA 201 -6.27 87.84 -50.02
C ARG QA 201 -5.44 86.59 -50.27
N VAL QA 202 -4.88 86.49 -51.48
CA VAL QA 202 -4.04 85.38 -51.89
C VAL QA 202 -2.65 85.91 -52.20
N LEU QA 203 -1.64 85.39 -51.51
CA LEU QA 203 -0.25 85.73 -51.74
C LEU QA 203 0.51 84.48 -52.18
N THR QA 204 1.60 84.67 -52.92
CA THR QA 204 2.36 83.55 -53.46
C THR QA 204 3.85 83.86 -53.42
N ARG QA 205 4.66 82.82 -53.62
CA ARG QA 205 6.09 82.95 -53.83
C ARG QA 205 6.57 81.72 -54.56
N PRO QA 206 7.58 81.85 -55.42
CA PRO QA 206 8.02 80.68 -56.21
C PRO QA 206 8.69 79.62 -55.36
N SER QA 207 8.41 78.35 -55.68
CA SER QA 207 9.15 77.25 -55.10
C SER QA 207 10.62 77.35 -55.50
N PRO QA 208 11.50 76.65 -54.78
CA PRO QA 208 12.92 76.63 -55.18
C PRO QA 208 13.15 76.06 -56.58
N ASP QA 209 12.25 75.22 -57.09
CA ASP QA 209 12.40 74.64 -58.42
C ASP QA 209 11.85 75.51 -59.55
N PHE QA 210 11.21 76.64 -59.24
CA PHE QA 210 10.76 77.52 -60.30
C PHE QA 210 11.94 78.26 -60.91
N ASP QA 211 11.90 78.42 -62.23
CA ASP QA 211 12.93 79.17 -62.95
C ASP QA 211 12.41 79.57 -64.32
N PHE QA 212 12.91 80.69 -64.81
CA PHE QA 212 12.61 81.16 -66.15
C PHE QA 212 13.58 80.48 -67.14
N ILE QA 213 13.27 80.57 -68.43
CA ILE QA 213 14.10 79.77 -69.34
C ILE QA 213 14.89 80.53 -70.40
N PHE QA 214 14.27 81.30 -71.28
CA PHE QA 214 15.06 81.87 -72.37
C PHE QA 214 15.03 83.40 -72.31
N LEU QA 215 16.21 84.00 -72.16
CA LEU QA 215 16.32 85.45 -72.08
C LEU QA 215 15.93 86.10 -73.39
N VAL QA 216 15.04 87.08 -73.34
CA VAL QA 216 14.48 87.61 -74.57
C VAL QA 216 14.20 89.10 -74.36
N PRO QA 217 14.23 89.94 -75.39
CA PRO QA 217 13.97 91.37 -75.21
C PRO QA 217 12.52 91.64 -74.86
N PRO QA 218 12.26 92.52 -73.89
CA PRO QA 218 10.88 92.96 -73.66
C PRO QA 218 10.40 93.85 -74.79
N THR QA 219 9.76 93.28 -75.80
CA THR QA 219 9.19 94.05 -76.91
C THR QA 219 7.71 94.33 -76.67
N VAL QA 220 7.15 95.18 -77.52
CA VAL QA 220 5.74 95.54 -77.44
C VAL QA 220 4.87 94.41 -78.01
N GLU QA 221 5.30 93.80 -79.12
CA GLU QA 221 4.53 92.72 -79.73
C GLU QA 221 4.41 91.50 -78.84
N SER QA 222 5.22 91.40 -77.78
CA SER QA 222 5.12 90.25 -76.88
C SER QA 222 3.77 90.20 -76.22
N ARG QA 223 3.20 91.37 -75.90
CA ARG QA 223 1.95 91.47 -75.15
C ARG QA 223 2.12 90.92 -73.75
N THR QA 224 3.26 91.21 -73.15
CA THR QA 224 3.55 90.85 -71.76
C THR QA 224 3.53 92.05 -70.85
N LYS QA 225 3.27 93.24 -71.38
CA LYS QA 225 3.13 94.43 -70.56
C LYS QA 225 1.90 94.24 -69.67
N PRO QA 226 1.99 94.47 -68.37
CA PRO QA 226 0.85 94.22 -67.49
C PRO QA 226 -0.18 95.33 -67.61
N PHE QA 227 -1.43 94.97 -67.29
CA PHE QA 227 -2.54 95.86 -67.55
C PHE QA 227 -2.55 97.00 -66.53
N THR QA 228 -2.80 98.21 -67.03
CA THR QA 228 -2.84 99.39 -66.19
C THR QA 228 -3.94 100.31 -66.69
N VAL QA 229 -4.23 101.32 -65.88
CA VAL QA 229 -5.26 102.31 -66.16
C VAL QA 229 -4.62 103.68 -66.03
N PRO QA 230 -4.87 104.59 -66.97
CA PRO QA 230 -4.14 105.87 -66.97
C PRO QA 230 -4.30 106.60 -65.65
N ILE QA 231 -3.22 107.28 -65.25
CA ILE QA 231 -3.23 108.10 -64.04
C ILE QA 231 -3.94 109.42 -64.25
N LEU QA 232 -4.47 109.68 -65.45
CA LEU QA 232 -5.12 110.95 -65.72
C LEU QA 232 -6.32 111.15 -64.81
N THR QA 233 -6.60 112.42 -64.52
CA THR QA 233 -7.76 112.83 -63.75
C THR QA 233 -9.01 112.93 -64.63
N VAL QA 234 -10.16 112.73 -63.99
CA VAL QA 234 -11.45 112.87 -64.67
C VAL QA 234 -11.54 114.23 -65.36
N GLU QA 235 -11.13 115.28 -64.65
CA GLU QA 235 -11.17 116.64 -65.18
C GLU QA 235 -10.32 116.80 -66.44
N GLU QA 236 -9.14 116.18 -66.49
CA GLU QA 236 -8.24 116.33 -67.63
C GLU QA 236 -8.52 115.35 -68.77
N MET QA 237 -9.48 114.45 -68.63
CA MET QA 237 -9.78 113.52 -69.71
C MET QA 237 -10.95 114.04 -70.55
N THR QA 238 -11.29 113.28 -71.58
CA THR QA 238 -12.17 113.73 -72.65
C THR QA 238 -13.24 112.68 -72.92
N ASN QA 239 -14.46 113.14 -73.20
CA ASN QA 239 -15.54 112.22 -73.55
C ASN QA 239 -15.29 111.55 -74.88
N SER QA 240 -15.70 110.29 -74.98
CA SER QA 240 -15.45 109.46 -76.15
C SER QA 240 -16.62 109.44 -77.13
N ARG QA 241 -17.70 110.17 -76.82
CA ARG QA 241 -18.89 110.22 -77.65
C ARG QA 241 -19.16 111.59 -78.25
N PHE QA 242 -18.37 112.61 -77.88
CA PHE QA 242 -18.51 113.96 -78.41
C PHE QA 242 -17.24 114.74 -78.09
N PRO QA 243 -16.75 115.58 -79.01
CA PRO QA 243 -15.48 116.26 -78.76
C PRO QA 243 -15.58 117.32 -77.67
N ILE QA 244 -15.79 116.87 -76.43
CA ILE QA 244 -15.89 117.77 -75.28
C ILE QA 244 -15.19 117.12 -74.10
N PRO QA 245 -14.71 117.94 -73.16
CA PRO QA 245 -14.07 117.39 -71.96
C PRO QA 245 -15.08 116.67 -71.07
N LEU QA 246 -14.55 115.82 -70.19
CA LEU QA 246 -15.36 115.20 -69.15
C LEU QA 246 -15.60 116.17 -68.01
N GLU QA 247 -16.59 115.85 -67.18
CA GLU QA 247 -16.94 116.76 -66.09
C GLU QA 247 -17.10 116.07 -64.74
N LYS QA 248 -17.86 114.98 -64.69
CA LYS QA 248 -18.08 114.27 -63.43
C LYS QA 248 -18.37 112.81 -63.68
N LEU QA 249 -18.39 112.03 -62.60
CA LEU QA 249 -18.79 110.64 -62.60
C LEU QA 249 -20.22 110.49 -62.11
N PHE QA 250 -21.00 109.65 -62.78
CA PHE QA 250 -22.41 109.49 -62.49
C PHE QA 250 -22.80 108.01 -62.42
N THR QA 251 -23.60 107.66 -61.41
CA THR QA 251 -24.22 106.36 -61.30
C THR QA 251 -25.73 106.54 -61.39
N GLY QA 252 -26.40 105.60 -62.05
CA GLY QA 252 -27.85 105.62 -62.09
C GLY QA 252 -28.46 104.27 -62.48
N PRO QA 253 -29.75 104.11 -62.18
CA PRO QA 253 -30.46 102.92 -62.67
C PRO QA 253 -30.67 103.00 -64.17
N SER QA 254 -30.62 101.84 -64.83
CA SER QA 254 -30.67 101.78 -66.28
C SER QA 254 -31.75 100.83 -66.79
N GLY QA 255 -32.77 100.53 -65.98
CA GLY QA 255 -33.76 99.55 -66.39
C GLY QA 255 -34.59 100.07 -67.55
N ALA QA 256 -34.89 101.36 -67.54
CA ALA QA 256 -35.73 101.96 -68.58
C ALA QA 256 -35.03 101.93 -69.93
N PHE QA 257 -33.75 102.28 -69.95
CA PHE QA 257 -33.04 102.57 -71.18
C PHE QA 257 -32.44 101.29 -71.75
N VAL QA 258 -31.91 101.39 -72.96
CA VAL QA 258 -31.07 100.36 -73.55
C VAL QA 258 -29.71 100.99 -73.75
N VAL QA 259 -28.72 100.58 -72.96
CA VAL QA 259 -27.40 101.19 -72.99
C VAL QA 259 -26.58 100.48 -74.06
N GLN QA 260 -26.50 101.07 -75.24
CA GLN QA 260 -25.78 100.40 -76.31
C GLN QA 260 -25.04 101.37 -77.21
N PRO QA 261 -24.22 102.27 -76.67
CA PRO QA 261 -23.50 103.22 -77.53
C PRO QA 261 -22.52 102.48 -78.43
N GLN QA 262 -22.16 103.13 -79.53
CA GLN QA 262 -21.18 102.56 -80.45
C GLN QA 262 -19.88 103.36 -80.52
N ASN QA 263 -19.79 104.50 -79.85
CA ASN QA 263 -18.53 105.22 -79.70
C ASN QA 263 -18.02 105.05 -78.28
N GLY QA 264 -16.70 105.12 -78.13
CA GLY QA 264 -16.10 104.85 -76.83
C GLY QA 264 -16.38 103.44 -76.35
N ARG QA 265 -16.28 102.47 -77.24
CA ARG QA 265 -16.45 101.06 -76.89
C ARG QA 265 -15.17 100.33 -77.27
N CYS QA 266 -14.44 99.86 -76.26
CA CYS QA 266 -13.15 99.22 -76.47
C CYS QA 266 -12.92 98.16 -75.40
N THR QA 267 -12.24 97.09 -75.79
CA THR QA 267 -11.92 96.00 -74.89
C THR QA 267 -10.62 96.31 -74.14
N THR QA 268 -10.51 95.79 -72.92
CA THR QA 268 -9.31 96.01 -72.11
C THR QA 268 -8.02 95.63 -72.83
N ASP QA 269 -8.04 94.61 -73.67
CA ASP QA 269 -6.85 94.23 -74.44
C ASP QA 269 -6.75 94.98 -75.76
N GLY QA 270 -7.54 96.03 -75.95
CA GLY QA 270 -7.31 96.96 -77.04
C GLY QA 270 -8.03 96.64 -78.32
N VAL QA 271 -9.10 95.87 -78.27
CA VAL QA 271 -9.91 95.58 -79.46
C VAL QA 271 -11.03 96.60 -79.53
N LEU QA 272 -11.05 97.39 -80.60
CA LEU QA 272 -12.10 98.39 -80.79
C LEU QA 272 -13.40 97.75 -81.25
N LEU QA 273 -14.51 98.34 -80.83
CA LEU QA 273 -15.83 97.81 -81.11
C LEU QA 273 -16.73 98.92 -81.66
N GLY QA 274 -17.77 98.50 -82.37
CA GLY QA 274 -18.75 99.45 -82.88
C GLY QA 274 -18.15 100.44 -83.85
N THR QA 275 -18.48 101.72 -83.65
CA THR QA 275 -17.99 102.81 -84.49
C THR QA 275 -16.81 103.53 -83.87
N THR QA 276 -16.08 102.87 -82.96
CA THR QA 276 -15.07 103.55 -82.17
C THR QA 276 -13.79 103.72 -82.96
N GLN QA 277 -13.19 104.91 -82.85
CA GLN QA 277 -11.89 105.19 -83.42
C GLN QA 277 -11.08 105.99 -82.39
N LEU QA 278 -9.83 106.31 -82.75
CA LEU QA 278 -8.88 106.76 -81.76
C LEU QA 278 -8.80 108.28 -81.62
N SER QA 279 -9.19 109.02 -82.65
CA SER QA 279 -9.05 110.47 -82.61
C SER QA 279 -10.19 111.09 -81.80
N PRO QA 280 -9.90 111.84 -80.75
CA PRO QA 280 -10.98 112.48 -79.97
C PRO QA 280 -11.62 113.66 -80.68
N VAL QA 281 -11.06 114.09 -81.80
CA VAL QA 281 -11.50 115.28 -82.52
C VAL QA 281 -12.45 114.89 -83.65
N ASN QA 282 -12.29 113.67 -84.16
CA ASN QA 282 -13.12 113.21 -85.27
C ASN QA 282 -14.41 112.57 -84.81
N ILE QA 283 -14.84 112.84 -83.59
CA ILE QA 283 -16.07 112.26 -83.06
C ILE QA 283 -17.21 113.16 -83.48
N CYS QA 284 -18.19 112.59 -84.18
CA CYS QA 284 -19.43 113.28 -84.57
C CYS QA 284 -19.17 114.33 -85.64
N THR QA 285 -18.20 114.07 -86.52
CA THR QA 285 -17.88 114.96 -87.63
C THR QA 285 -18.24 114.29 -88.94
N PHE QA 286 -18.38 115.11 -89.98
CA PHE QA 286 -18.62 114.58 -91.31
C PHE QA 286 -17.75 115.32 -92.32
N ARG QA 287 -17.23 114.56 -93.28
CA ARG QA 287 -16.38 115.06 -94.35
C ARG QA 287 -16.91 114.49 -95.65
N GLY QA 288 -16.92 115.29 -96.72
CA GLY QA 288 -17.35 114.75 -97.99
C GLY QA 288 -17.64 115.82 -99.02
N ASP QA 289 -18.37 115.40 -100.05
CA ASP QA 289 -18.85 116.28 -101.12
C ASP QA 289 -20.32 116.63 -100.86
N VAL QA 290 -20.69 117.85 -101.20
CA VAL QA 290 -21.99 118.40 -100.81
C VAL QA 290 -22.80 118.76 -102.06
N THR QA 291 -24.11 118.57 -101.96
CA THR QA 291 -25.03 118.77 -103.07
C THR QA 291 -26.28 119.46 -102.56
N HIS QA 292 -26.75 120.48 -103.28
CA HIS QA 292 -27.94 121.22 -102.90
C HIS QA 292 -29.20 120.45 -103.26
N ILE QA 293 -30.23 120.60 -102.42
CA ILE QA 293 -31.57 120.12 -102.71
C ILE QA 293 -32.43 121.32 -103.10
N ALA QA 294 -32.94 121.32 -104.33
CA ALA QA 294 -33.51 122.51 -104.93
C ALA QA 294 -34.71 123.01 -104.13
N GLY QA 295 -34.73 124.33 -103.89
CA GLY QA 295 -35.84 124.98 -103.24
C GLY QA 295 -35.80 125.01 -101.73
N THR QA 296 -34.82 124.36 -101.12
CA THR QA 296 -34.69 124.28 -99.67
C THR QA 296 -33.29 124.76 -99.29
N HIS QA 297 -33.03 124.80 -97.99
CA HIS QA 297 -31.69 125.04 -97.47
C HIS QA 297 -30.99 123.74 -97.05
N ASP QA 298 -31.40 122.61 -97.59
CA ASP QA 298 -30.85 121.31 -97.23
C ASP QA 298 -29.77 120.90 -98.22
N TYR QA 299 -28.78 120.16 -97.73
CA TYR QA 299 -27.73 119.60 -98.56
C TYR QA 299 -27.54 118.10 -98.28
N THR QA 300 -27.14 117.37 -99.32
CA THR QA 300 -26.83 115.95 -99.22
C THR QA 300 -25.32 115.76 -99.33
N MET QA 301 -24.73 115.06 -98.38
CA MET QA 301 -23.28 114.84 -98.33
C MET QA 301 -22.94 113.37 -98.58
N ASN QA 302 -22.10 113.13 -99.59
CA ASN QA 302 -21.50 111.82 -99.82
C ASN QA 302 -20.20 111.77 -99.02
N LEU QA 303 -20.06 110.76 -98.15
CA LEU QA 303 -19.15 110.87 -97.02
C LEU QA 303 -17.70 110.55 -97.38
N ALA QA 304 -17.46 109.43 -98.06
CA ALA QA 304 -16.10 108.85 -98.17
C ALA QA 304 -15.67 108.53 -96.74
N SER QA 305 -14.49 108.96 -96.28
CA SER QA 305 -13.95 108.45 -95.03
C SER QA 305 -13.36 109.59 -94.21
N GLN QA 306 -12.79 109.25 -93.05
CA GLN QA 306 -12.20 110.24 -92.16
C GLN QA 306 -10.86 110.73 -92.69
N ASN QA 307 -10.06 109.83 -93.25
CA ASN QA 307 -8.80 110.17 -93.89
C ASN QA 307 -8.96 110.48 -95.37
N TRP QA 308 -10.19 110.78 -95.80
CA TRP QA 308 -10.50 111.09 -97.20
C TRP QA 308 -10.11 109.94 -98.11
N ASN QA 309 -10.32 108.71 -97.64
CA ASN QA 309 -10.29 107.53 -98.49
C ASN QA 309 -11.69 107.25 -99.03
N ASN QA 310 -11.78 106.22 -99.87
CA ASN QA 310 -13.08 105.71 -100.32
C ASN QA 310 -13.83 105.11 -99.14
N TYR QA 311 -15.16 105.22 -99.18
CA TYR QA 311 -16.02 104.62 -98.18
C TYR QA 311 -16.52 103.27 -98.66
N ASP QA 312 -16.40 102.25 -97.81
CA ASP QA 312 -16.81 100.91 -98.18
C ASP QA 312 -18.05 100.53 -97.37
N PRO QA 313 -19.21 100.34 -98.01
CA PRO QA 313 -20.41 99.94 -97.26
C PRO QA 313 -20.40 98.47 -96.87
N THR QA 314 -19.46 97.69 -97.37
CA THR QA 314 -19.36 96.26 -97.09
C THR QA 314 -18.50 95.97 -95.86
N GLU QA 315 -17.89 96.99 -95.27
CA GLU QA 315 -17.07 96.80 -94.08
C GLU QA 315 -17.93 96.32 -92.92
N GLU QA 316 -17.36 95.42 -92.11
CA GLU QA 316 -18.07 94.80 -91.00
C GLU QA 316 -18.18 95.76 -89.81
N ILE QA 317 -18.74 96.94 -90.09
CA ILE QA 317 -18.90 97.99 -89.10
C ILE QA 317 -20.35 98.49 -89.22
N PRO QA 318 -20.96 98.99 -88.15
CA PRO QA 318 -22.32 99.55 -88.31
C PRO QA 318 -22.35 100.81 -89.16
N ALA QA 319 -21.32 101.65 -89.09
CA ALA QA 319 -21.27 102.91 -89.81
C ALA QA 319 -19.83 103.38 -89.82
N PRO QA 320 -19.51 104.45 -90.57
CA PRO QA 320 -18.13 104.97 -90.50
C PRO QA 320 -17.77 105.38 -89.09
N LEU QA 321 -16.52 105.11 -88.72
CA LEU QA 321 -16.09 105.32 -87.34
C LEU QA 321 -16.27 106.78 -86.94
N GLY QA 322 -16.85 106.99 -85.77
CA GLY QA 322 -17.13 108.32 -85.26
C GLY QA 322 -18.49 108.86 -85.60
N THR QA 323 -19.32 108.08 -86.29
CA THR QA 323 -20.68 108.52 -86.60
C THR QA 323 -21.47 108.66 -85.31
N PRO QA 324 -22.22 109.73 -85.12
CA PRO QA 324 -22.97 109.90 -83.87
C PRO QA 324 -23.82 108.68 -83.56
N ASP QA 325 -23.89 108.34 -82.27
CA ASP QA 325 -24.57 107.13 -81.81
C ASP QA 325 -25.74 107.47 -80.88
N PHE QA 326 -26.35 108.63 -81.09
CA PHE QA 326 -27.56 109.02 -80.37
C PHE QA 326 -28.47 109.76 -81.32
N VAL QA 327 -29.75 109.83 -80.96
CA VAL QA 327 -30.77 110.49 -81.76
C VAL QA 327 -30.95 111.92 -81.26
N GLY QA 328 -30.82 112.87 -82.17
CA GLY QA 328 -30.93 114.28 -81.82
C GLY QA 328 -30.50 115.13 -82.99
N LYS QA 329 -30.61 116.44 -82.77
CA LYS QA 329 -30.23 117.42 -83.78
C LYS QA 329 -28.93 118.07 -83.33
N ILE QA 330 -27.85 117.82 -84.07
CA ILE QA 330 -26.51 118.30 -83.73
C ILE QA 330 -26.20 119.50 -84.60
N GLN QA 331 -25.97 120.65 -83.97
CA GLN QA 331 -25.67 121.88 -84.68
C GLN QA 331 -24.16 122.09 -84.74
N GLY QA 332 -23.68 122.53 -85.90
CA GLY QA 332 -22.28 122.81 -86.07
C GLY QA 332 -22.04 123.80 -87.19
N VAL QA 333 -21.02 123.54 -88.00
CA VAL QA 333 -20.62 124.43 -89.09
C VAL QA 333 -20.13 123.57 -90.25
N LEU QA 334 -20.67 123.82 -91.45
CA LEU QA 334 -20.11 123.25 -92.66
C LEU QA 334 -19.02 124.17 -93.19
N THR QA 335 -17.88 123.59 -93.55
CA THR QA 335 -16.73 124.34 -94.04
C THR QA 335 -16.28 123.77 -95.37
N GLN QA 336 -15.88 124.64 -96.29
CA GLN QA 336 -15.57 124.24 -97.66
C GLN QA 336 -14.40 125.04 -98.18
N THR QA 337 -13.58 124.39 -99.01
CA THR QA 337 -12.45 125.04 -99.65
C THR QA 337 -12.35 124.55 -101.09
N THR QA 338 -12.22 125.49 -102.03
CA THR QA 338 -12.10 125.16 -103.45
C THR QA 338 -10.62 125.11 -103.82
N ARG QA 339 -10.16 123.96 -104.30
CA ARG QA 339 -8.77 123.85 -104.73
C ARG QA 339 -8.54 124.69 -105.99
N GLY QA 340 -7.38 125.33 -106.07
CA GLY QA 340 -7.05 126.26 -107.13
C GLY QA 340 -7.00 127.71 -106.68
N ASP QA 341 -7.52 128.00 -105.49
CA ASP QA 341 -7.48 129.32 -104.86
C ASP QA 341 -7.93 129.13 -103.42
N GLY QA 342 -7.84 130.18 -102.63
CA GLY QA 342 -8.24 130.03 -101.24
C GLY QA 342 -9.71 129.67 -101.13
N SER QA 343 -10.59 130.52 -101.65
CA SER QA 343 -12.03 130.29 -101.80
C SER QA 343 -12.61 129.46 -100.65
N THR QA 344 -12.54 130.02 -99.45
CA THR QA 344 -13.07 129.36 -98.27
C THR QA 344 -14.46 129.89 -97.92
N ARG QA 345 -15.35 128.97 -97.57
CA ARG QA 345 -16.75 129.27 -97.26
C ARG QA 345 -17.16 128.56 -95.98
N GLY QA 346 -17.94 129.23 -95.14
CA GLY QA 346 -18.37 128.67 -93.89
C GLY QA 346 -19.78 129.04 -93.48
N HIS QA 347 -20.61 128.04 -93.19
CA HIS QA 347 -22.04 128.25 -92.99
C HIS QA 347 -22.54 127.42 -91.81
N LYS QA 348 -23.29 128.07 -90.92
CA LYS QA 348 -24.04 127.38 -89.88
C LYS QA 348 -24.86 126.24 -90.47
N ALA QA 349 -24.77 125.07 -89.84
CA ALA QA 349 -25.43 123.89 -90.36
C ALA QA 349 -25.84 122.98 -89.19
N THR QA 350 -26.77 122.09 -89.47
CA THR QA 350 -27.35 121.23 -88.44
C THR QA 350 -27.69 119.88 -89.06
N VAL QA 351 -27.39 118.81 -88.31
CA VAL QA 351 -27.72 117.45 -88.70
C VAL QA 351 -28.83 116.96 -87.78
N SER QA 352 -29.88 116.39 -88.36
CA SER QA 352 -30.93 115.74 -87.60
C SER QA 352 -30.73 114.23 -87.70
N THR QA 353 -30.40 113.62 -86.56
CA THR QA 353 -30.22 112.18 -86.52
C THR QA 353 -31.57 111.48 -86.51
N GLY QA 354 -31.58 110.23 -86.95
CA GLY QA 354 -32.81 109.46 -87.01
C GLY QA 354 -33.76 109.87 -88.12
N SER QA 355 -33.52 111.00 -88.78
CA SER QA 355 -34.25 111.37 -89.98
C SER QA 355 -34.04 110.32 -91.07
N VAL QA 356 -35.04 110.14 -91.92
CA VAL QA 356 -34.96 109.11 -92.95
C VAL QA 356 -33.84 109.40 -93.95
N HIS QA 357 -33.35 110.63 -94.00
CA HIS QA 357 -32.25 110.98 -94.89
C HIS QA 357 -30.89 110.86 -94.21
N PHE QA 358 -30.86 110.42 -92.96
CA PHE QA 358 -29.63 110.13 -92.24
C PHE QA 358 -29.27 108.67 -92.48
N THR QA 359 -28.48 108.41 -93.53
CA THR QA 359 -28.09 107.06 -93.92
C THR QA 359 -26.58 106.98 -94.10
N PRO QA 360 -25.81 107.11 -93.00
CA PRO QA 360 -24.35 107.11 -93.16
C PRO QA 360 -23.79 105.75 -93.52
N LYS QA 361 -24.44 104.65 -93.11
CA LYS QA 361 -23.99 103.33 -93.54
C LYS QA 361 -24.09 103.17 -95.05
N LEU QA 362 -25.04 103.86 -95.68
CA LEU QA 362 -25.21 103.84 -97.12
C LEU QA 362 -24.34 104.88 -97.81
N GLY QA 363 -23.90 105.91 -97.09
CA GLY QA 363 -22.94 106.87 -97.59
C GLY QA 363 -23.43 108.30 -97.69
N SER QA 364 -24.64 108.62 -97.23
CA SER QA 364 -25.21 109.95 -97.43
C SER QA 364 -25.89 110.42 -96.16
N VAL QA 365 -25.70 111.70 -95.84
CA VAL QA 365 -26.37 112.36 -94.72
C VAL QA 365 -26.86 113.72 -95.19
N GLN QA 366 -27.89 114.23 -94.51
CA GLN QA 366 -28.54 115.46 -94.89
C GLN QA 366 -28.36 116.52 -93.81
N PHE QA 367 -27.93 117.71 -94.23
CA PHE QA 367 -27.78 118.87 -93.37
C PHE QA 367 -28.85 119.90 -93.71
N THR QA 368 -29.24 120.69 -92.71
CA THR QA 368 -30.04 121.88 -92.95
C THR QA 368 -29.18 123.09 -92.59
N THR QA 369 -29.00 123.99 -93.56
CA THR QA 369 -28.02 125.05 -93.45
C THR QA 369 -28.71 126.41 -93.44
N ASP QA 370 -27.89 127.46 -93.33
CA ASP QA 370 -28.36 128.83 -93.42
C ASP QA 370 -28.11 129.48 -94.78
N THR QA 371 -27.86 128.66 -95.81
CA THR QA 371 -27.73 129.21 -97.16
C THR QA 371 -28.20 128.16 -98.16
N ASN QA 372 -28.75 128.64 -99.28
CA ASN QA 372 -29.15 127.80 -100.41
C ASN QA 372 -28.31 128.01 -101.67
N ASN QA 373 -27.29 128.87 -101.64
CA ASN QA 373 -26.53 129.18 -102.85
C ASN QA 373 -25.01 129.07 -102.74
N ASP QA 374 -24.45 128.95 -101.54
CA ASP QA 374 -23.02 129.17 -101.30
C ASP QA 374 -22.26 127.90 -100.92
N LEU QA 375 -22.61 126.76 -101.50
CA LEU QA 375 -21.82 125.53 -101.34
C LEU QA 375 -21.61 124.88 -102.71
N GLU QA 376 -20.37 124.92 -103.19
CA GLU QA 376 -20.03 124.45 -104.53
C GLU QA 376 -20.15 122.93 -104.64
N THR QA 377 -20.23 122.46 -105.89
CA THR QA 377 -20.64 121.09 -106.16
C THR QA 377 -19.57 120.07 -105.77
N GLY QA 378 -18.32 120.29 -106.20
CA GLY QA 378 -17.27 119.30 -106.10
C GLY QA 378 -16.24 119.45 -105.00
N GLN QA 379 -16.35 120.45 -104.13
CA GLN QA 379 -15.30 120.71 -103.15
C GLN QA 379 -15.50 119.88 -101.88
N ASN QA 380 -14.40 119.65 -101.18
CA ASN QA 380 -14.42 118.93 -99.91
C ASN QA 380 -15.06 119.78 -98.83
N THR QA 381 -15.92 119.15 -98.02
CA THR QA 381 -16.70 119.87 -97.02
C THR QA 381 -16.65 119.09 -95.70
N LYS QA 382 -16.45 119.82 -94.61
CA LYS QA 382 -16.29 119.25 -93.28
C LYS QA 382 -17.33 119.82 -92.33
N PHE QA 383 -18.04 118.95 -91.63
CA PHE QA 383 -18.95 119.36 -90.56
C PHE QA 383 -18.20 119.33 -89.23
N THR QA 384 -18.04 120.51 -88.62
CA THR QA 384 -17.45 120.59 -87.29
C THR QA 384 -18.56 120.71 -86.26
N PRO QA 385 -18.78 119.71 -85.41
CA PRO QA 385 -19.88 119.80 -84.44
C PRO QA 385 -19.57 120.80 -83.34
N VAL QA 386 -20.62 121.39 -82.78
CA VAL QA 386 -20.47 122.39 -81.73
C VAL QA 386 -21.39 122.06 -80.56
N GLY QA 387 -22.63 121.70 -80.85
CA GLY QA 387 -23.60 121.49 -79.79
C GLY QA 387 -24.85 120.82 -80.30
N VAL QA 388 -25.83 120.68 -79.41
CA VAL QA 388 -27.11 120.07 -79.72
C VAL QA 388 -28.22 121.10 -79.50
N VAL QA 389 -29.35 120.87 -80.16
CA VAL QA 389 -30.49 121.77 -80.13
C VAL QA 389 -31.76 120.98 -79.89
N GLN QA 390 -32.80 121.70 -79.46
CA GLN QA 390 -34.09 121.12 -79.10
C GLN QA 390 -35.19 122.03 -79.61
N ASP QA 391 -36.24 121.43 -80.18
CA ASP QA 391 -37.39 122.21 -80.65
C ASP QA 391 -38.18 122.71 -79.44
N GLY QA 392 -38.17 124.04 -79.24
CA GLY QA 392 -38.60 124.62 -77.97
C GLY QA 392 -40.09 124.53 -77.71
N ASN QA 393 -40.90 124.30 -78.74
CA ASN QA 393 -42.34 124.20 -78.54
C ASN QA 393 -42.77 122.80 -78.08
N SER QA 394 -41.88 121.81 -78.17
CA SER QA 394 -42.14 120.46 -77.70
C SER QA 394 -41.76 120.35 -76.23
N ALA QA 395 -41.91 119.14 -75.67
CA ALA QA 395 -41.64 118.94 -74.26
C ALA QA 395 -40.18 119.25 -73.95
N HIS QA 396 -39.96 119.98 -72.86
CA HIS QA 396 -38.63 120.45 -72.52
C HIS QA 396 -37.71 119.29 -72.15
N GLN QA 397 -36.47 119.33 -72.66
CA GLN QA 397 -35.42 118.36 -72.35
C GLN QA 397 -35.74 116.97 -72.89
N ASN QA 398 -36.25 116.89 -74.12
CA ASN QA 398 -36.67 115.61 -74.67
C ASN QA 398 -36.04 115.24 -76.01
N GLU QA 399 -35.33 116.14 -76.68
CA GLU QA 399 -34.92 115.87 -78.04
C GLU QA 399 -33.70 114.96 -78.12
N PRO QA 400 -32.57 115.26 -77.44
CA PRO QA 400 -31.41 114.36 -77.55
C PRO QA 400 -31.51 113.15 -76.61
N GLN QA 401 -31.85 112.00 -77.17
CA GLN QA 401 -32.00 110.75 -76.42
C GLN QA 401 -30.71 109.95 -76.59
N GLN QA 402 -29.80 110.06 -75.61
CA GLN QA 402 -28.45 109.53 -75.80
C GLN QA 402 -28.44 108.02 -75.91
N TRP QA 403 -29.42 107.33 -75.34
CA TRP QA 403 -29.44 105.88 -75.31
C TRP QA 403 -30.32 105.27 -76.40
N VAL QA 404 -30.72 106.06 -77.40
CA VAL QA 404 -31.50 105.58 -78.53
C VAL QA 404 -30.60 105.62 -79.75
N LEU QA 405 -30.39 104.45 -80.36
CA LEU QA 405 -29.49 104.44 -81.50
C LEU QA 405 -30.19 104.96 -82.76
N PRO QA 406 -29.49 105.72 -83.58
CA PRO QA 406 -30.01 106.08 -84.91
C PRO QA 406 -30.15 104.86 -85.80
N ASN QA 407 -30.87 105.05 -86.90
CA ASN QA 407 -31.00 104.02 -87.93
C ASN QA 407 -29.90 104.28 -88.95
N TYR QA 408 -28.82 103.51 -88.85
CA TYR QA 408 -27.62 103.81 -89.63
C TYR QA 408 -27.83 103.60 -91.12
N SER QA 409 -28.78 102.74 -91.51
CA SER QA 409 -29.13 102.52 -92.91
C SER QA 409 -30.55 103.04 -93.22
N GLY QA 410 -31.02 104.02 -92.47
CA GLY QA 410 -32.37 104.53 -92.60
C GLY QA 410 -33.40 103.43 -92.62
N ARG QA 411 -34.50 103.69 -93.35
CA ARG QA 411 -35.58 102.71 -93.43
C ARG QA 411 -35.19 101.47 -94.23
N THR QA 412 -34.15 101.55 -95.06
CA THR QA 412 -33.76 100.44 -95.93
C THR QA 412 -32.86 99.43 -95.21
N GLY QA 413 -33.39 98.86 -94.14
CA GLY QA 413 -32.70 97.82 -93.40
C GLY QA 413 -32.54 98.16 -91.93
N HIS QA 414 -31.85 97.26 -91.23
CA HIS QA 414 -31.60 97.38 -89.80
C HIS QA 414 -30.13 97.57 -89.54
N ASN QA 415 -29.81 97.99 -88.32
CA ASN QA 415 -28.42 98.18 -87.92
C ASN QA 415 -27.71 96.84 -87.82
N VAL QA 416 -26.42 96.81 -88.21
CA VAL QA 416 -25.64 95.59 -88.23
C VAL QA 416 -24.34 95.81 -87.46
N HIS QA 417 -23.67 94.69 -87.17
CA HIS QA 417 -22.36 94.66 -86.51
C HIS QA 417 -22.28 95.63 -85.34
N LEU QA 418 -23.31 95.62 -84.50
CA LEU QA 418 -23.33 96.50 -83.35
C LEU QA 418 -22.46 95.96 -82.23
N ALA QA 419 -21.93 96.87 -81.43
CA ALA QA 419 -21.38 96.49 -80.13
C ALA QA 419 -22.52 96.11 -79.19
N PRO QA 420 -22.33 95.11 -78.34
CA PRO QA 420 -23.45 94.62 -77.53
C PRO QA 420 -23.95 95.68 -76.56
N ALA QA 421 -25.18 95.50 -76.10
CA ALA QA 421 -25.70 96.35 -75.04
C ALA QA 421 -25.11 95.96 -73.68
N VAL QA 422 -25.27 96.86 -72.72
CA VAL QA 422 -24.55 96.81 -71.46
C VAL QA 422 -25.53 97.08 -70.33
N ALA QA 423 -25.50 96.23 -69.30
CA ALA QA 423 -26.40 96.35 -68.17
C ALA QA 423 -25.70 95.76 -66.95
N PRO QA 424 -26.01 96.25 -65.75
CA PRO QA 424 -25.44 95.64 -64.54
C PRO QA 424 -25.92 94.21 -64.38
N THR QA 425 -25.01 93.35 -63.94
CA THR QA 425 -25.28 91.93 -63.84
C THR QA 425 -25.33 91.42 -62.40
N PHE QA 426 -24.73 92.15 -61.47
CA PHE QA 426 -24.60 91.75 -60.08
C PHE QA 426 -25.65 92.47 -59.24
N PRO QA 427 -26.37 91.76 -58.37
CA PRO QA 427 -27.39 92.43 -57.54
C PRO QA 427 -26.80 93.57 -56.73
N GLY QA 428 -27.43 94.74 -56.83
CA GLY QA 428 -27.02 95.93 -56.11
C GLY QA 428 -26.06 96.83 -56.86
N GLU QA 429 -25.67 96.48 -58.07
CA GLU QA 429 -24.67 97.21 -58.83
C GLU QA 429 -25.33 98.00 -59.95
N GLN QA 430 -24.75 99.17 -60.25
CA GLN QA 430 -25.19 99.97 -61.38
C GLN QA 430 -24.00 100.35 -62.25
N LEU QA 431 -24.29 100.69 -63.50
CA LEU QA 431 -23.27 101.24 -64.38
C LEU QA 431 -22.65 102.51 -63.80
N LEU QA 432 -21.38 102.71 -64.11
CA LEU QA 432 -20.68 103.96 -63.79
C LEU QA 432 -20.42 104.69 -65.10
N PHE QA 433 -20.93 105.91 -65.20
CA PHE QA 433 -20.85 106.69 -66.42
C PHE QA 433 -19.86 107.84 -66.24
N PHE QA 434 -19.16 108.17 -67.30
CA PHE QA 434 -18.35 109.37 -67.37
C PHE QA 434 -19.18 110.47 -68.04
N ARG QA 435 -19.57 111.47 -67.25
CA ARG QA 435 -20.55 112.46 -67.68
C ARG QA 435 -19.88 113.75 -68.10
N SER QA 436 -20.38 114.33 -69.19
CA SER QA 436 -20.00 115.66 -69.62
C SER QA 436 -21.26 116.39 -70.05
N THR QA 437 -21.17 117.71 -70.16
CA THR QA 437 -22.29 118.54 -70.56
C THR QA 437 -22.06 119.06 -71.97
N MET QA 438 -22.99 118.76 -72.87
CA MET QA 438 -22.89 119.26 -74.23
C MET QA 438 -23.26 120.75 -74.26
N PRO QA 439 -22.60 121.54 -75.11
CA PRO QA 439 -23.08 122.90 -75.34
C PRO QA 439 -24.46 122.89 -75.98
N GLY QA 440 -25.36 123.71 -75.45
CA GLY QA 440 -26.65 123.91 -76.07
C GLY QA 440 -26.62 125.12 -76.99
N CYS QA 441 -27.23 124.97 -78.16
CA CYS QA 441 -27.22 126.03 -79.17
C CYS QA 441 -28.57 126.70 -79.36
N SER QA 442 -29.69 126.00 -79.07
CA SER QA 442 -31.02 126.57 -79.20
C SER QA 442 -32.02 125.62 -78.57
N GLY QA 443 -33.04 126.18 -77.93
CA GLY QA 443 -34.08 125.39 -77.33
C GLY QA 443 -33.79 125.04 -75.87
N TYR QA 444 -34.42 123.94 -75.44
CA TYR QA 444 -34.29 123.44 -74.07
C TYR QA 444 -33.81 121.99 -74.15
N PRO QA 445 -32.56 121.76 -74.54
CA PRO QA 445 -32.10 120.40 -74.83
C PRO QA 445 -31.58 119.66 -73.61
N ASN QA 446 -31.58 118.33 -73.73
CA ASN QA 446 -31.00 117.44 -72.72
C ASN QA 446 -29.50 117.37 -72.93
N MET QA 447 -28.75 118.14 -72.13
CA MET QA 447 -27.32 118.30 -72.34
C MET QA 447 -26.50 117.21 -71.66
N ASN QA 448 -27.15 116.26 -70.98
CA ASN QA 448 -26.47 115.19 -70.26
C ASN QA 448 -25.94 114.15 -71.25
N LEU QA 449 -24.63 113.93 -71.25
CA LEU QA 449 -24.00 112.94 -72.12
C LEU QA 449 -23.10 112.01 -71.32
N ASP QA 450 -23.47 110.73 -71.29
CA ASP QA 450 -22.74 109.69 -70.56
C ASP QA 450 -22.03 108.76 -71.54
N CYS QA 451 -20.76 108.48 -71.29
CA CYS QA 451 -20.04 107.46 -72.04
C CYS QA 451 -19.51 106.38 -71.10
N LEU QA 452 -19.19 105.22 -71.69
CA LEU QA 452 -18.74 104.07 -70.91
C LEU QA 452 -17.26 104.13 -70.56
N LEU QA 453 -16.43 104.71 -71.43
CA LEU QA 453 -14.99 104.83 -71.23
C LEU QA 453 -14.55 106.19 -71.73
N PRO QA 454 -13.68 106.88 -70.98
CA PRO QA 454 -13.06 108.08 -71.52
C PRO QA 454 -12.26 107.77 -72.77
N GLN QA 455 -12.10 108.78 -73.62
CA GLN QA 455 -11.36 108.58 -74.87
C GLN QA 455 -9.93 108.18 -74.59
N GLU QA 456 -9.33 108.74 -73.53
CA GLU QA 456 -7.96 108.37 -73.17
C GLU QA 456 -7.85 106.91 -72.73
N TRP QA 457 -8.88 106.37 -72.07
CA TRP QA 457 -8.85 104.95 -71.75
C TRP QA 457 -8.90 104.11 -73.02
N VAL QA 458 -9.69 104.54 -74.01
CA VAL QA 458 -9.73 103.81 -75.28
C VAL QA 458 -8.35 103.82 -75.93
N LEU QA 459 -7.72 105.00 -75.98
CA LEU QA 459 -6.38 105.12 -76.54
C LEU QA 459 -5.38 104.22 -75.81
N HIS QA 460 -5.44 104.24 -74.47
CA HIS QA 460 -4.47 103.48 -73.67
C HIS QA 460 -4.63 101.98 -73.89
N PHE QA 461 -5.87 101.48 -73.82
CA PHE QA 461 -6.09 100.05 -74.02
C PHE QA 461 -5.62 99.61 -75.40
N TYR QA 462 -5.88 100.43 -76.41
CA TYR QA 462 -5.48 100.07 -77.78
C TYR QA 462 -3.97 99.97 -77.89
N GLN QA 463 -3.24 100.94 -77.32
CA GLN QA 463 -1.79 100.99 -77.48
C GLN QA 463 -1.11 99.90 -76.66
N GLU QA 464 -1.63 99.60 -75.47
CA GLU QA 464 -0.98 98.65 -74.58
C GLU QA 464 -1.37 97.22 -74.87
N ALA QA 465 -2.59 97.01 -75.38
CA ALA QA 465 -3.12 95.68 -75.70
C ALA QA 465 -2.78 94.64 -74.64
N ALA QA 466 -3.07 94.98 -73.38
CA ALA QA 466 -2.75 94.07 -72.28
C ALA QA 466 -3.78 92.95 -72.24
N PRO QA 467 -3.37 91.69 -72.35
CA PRO QA 467 -4.34 90.59 -72.27
C PRO QA 467 -4.98 90.51 -70.89
N ALA QA 468 -6.28 90.28 -70.88
CA ALA QA 468 -7.03 90.19 -69.63
C ALA QA 468 -6.82 88.83 -68.98
N GLN QA 469 -6.37 88.85 -67.73
CA GLN QA 469 -6.18 87.61 -66.97
C GLN QA 469 -7.47 87.07 -66.36
N SER QA 470 -8.56 87.86 -66.38
CA SER QA 470 -9.87 87.39 -65.95
C SER QA 470 -10.92 88.29 -66.58
N ASP QA 471 -12.18 88.02 -66.26
CA ASP QA 471 -13.28 88.72 -66.90
C ASP QA 471 -13.57 90.09 -66.29
N VAL QA 472 -12.99 90.41 -65.13
CA VAL QA 472 -13.27 91.65 -64.43
C VAL QA 472 -11.97 92.20 -63.87
N ALA QA 473 -11.71 93.48 -64.13
CA ALA QA 473 -10.58 94.18 -63.54
C ALA QA 473 -11.09 95.09 -62.42
N LEU QA 474 -10.64 94.83 -61.20
CA LEU QA 474 -11.03 95.67 -60.07
C LEU QA 474 -10.19 96.95 -60.08
N LEU QA 475 -10.87 98.10 -60.08
CA LEU QA 475 -10.21 99.39 -59.97
C LEU QA 475 -10.61 100.05 -58.65
N ARG QA 476 -9.68 100.79 -58.06
CA ARG QA 476 -9.95 101.63 -56.90
C ARG QA 476 -9.59 103.08 -57.19
N PHE QA 477 -10.42 103.99 -56.70
CA PHE QA 477 -10.23 105.43 -56.85
C PHE QA 477 -9.53 105.95 -55.61
N VAL QA 478 -8.42 106.66 -55.82
CA VAL QA 478 -7.49 106.99 -54.74
C VAL QA 478 -7.31 108.50 -54.65
N ASN QA 479 -7.29 109.00 -53.41
CA ASN QA 479 -6.96 110.39 -53.13
C ASN QA 479 -5.45 110.48 -52.97
N PRO QA 480 -4.72 111.10 -53.90
CA PRO QA 480 -3.25 111.00 -53.87
C PRO QA 480 -2.57 111.76 -52.75
N ASP QA 481 -3.23 112.73 -52.12
CA ASP QA 481 -2.60 113.42 -50.99
C ASP QA 481 -2.34 112.46 -49.84
N THR QA 482 -3.37 111.73 -49.42
CA THR QA 482 -3.29 110.81 -48.29
C THR QA 482 -3.02 109.37 -48.70
N GLY QA 483 -3.16 109.04 -49.99
CA GLY QA 483 -3.06 107.66 -50.41
C GLY QA 483 -4.31 106.84 -50.19
N ARG QA 484 -5.42 107.49 -49.83
CA ARG QA 484 -6.61 106.80 -49.33
C ARG QA 484 -7.50 106.33 -50.46
N VAL QA 485 -8.08 105.14 -50.30
CA VAL QA 485 -8.99 104.57 -51.27
C VAL QA 485 -10.41 105.06 -50.94
N LEU QA 486 -11.06 105.67 -51.92
CA LEU QA 486 -12.39 106.25 -51.74
C LEU QA 486 -13.52 105.33 -52.16
N PHE QA 487 -13.39 104.66 -53.31
CA PHE QA 487 -14.37 103.65 -53.70
C PHE QA 487 -13.69 102.66 -54.65
N GLU QA 488 -14.35 101.53 -54.86
CA GLU QA 488 -13.91 100.53 -55.82
C GLU QA 488 -15.00 100.28 -56.85
N CYS QA 489 -14.57 99.86 -58.03
CA CYS QA 489 -15.47 99.60 -59.14
C CYS QA 489 -14.91 98.46 -59.97
N LYS QA 490 -15.76 97.90 -60.83
CA LYS QA 490 -15.40 96.79 -61.69
C LYS QA 490 -15.33 97.28 -63.13
N LEU QA 491 -14.13 97.23 -63.72
CA LEU QA 491 -13.96 97.52 -65.13
C LEU QA 491 -14.03 96.18 -65.86
N HIS QA 492 -15.13 95.96 -66.59
CA HIS QA 492 -15.35 94.66 -67.21
C HIS QA 492 -14.52 94.53 -68.48
N LYS QA 493 -14.14 93.29 -68.78
CA LYS QA 493 -13.31 93.03 -69.95
C LYS QA 493 -13.95 93.61 -71.21
N SER QA 494 -15.29 93.56 -71.28
CA SER QA 494 -16.05 94.06 -72.41
C SER QA 494 -15.94 95.57 -72.59
N GLY QA 495 -15.29 96.28 -71.66
CA GLY QA 495 -15.13 97.72 -71.74
C GLY QA 495 -16.27 98.56 -71.21
N TYR QA 496 -16.69 98.28 -69.97
CA TYR QA 496 -17.65 99.13 -69.26
C TYR QA 496 -17.42 98.95 -67.76
N VAL QA 497 -17.86 99.95 -66.99
CA VAL QA 497 -17.57 99.97 -65.56
C VAL QA 497 -18.89 99.89 -64.79
N THR QA 498 -18.83 99.21 -63.63
CA THR QA 498 -19.97 99.05 -62.75
C THR QA 498 -19.53 99.36 -61.33
N VAL QA 499 -20.46 99.85 -60.51
CA VAL QA 499 -20.17 100.19 -59.13
C VAL QA 499 -21.37 99.78 -58.27
N ALA QA 500 -21.14 99.71 -56.95
CA ALA QA 500 -22.15 99.28 -56.00
C ALA QA 500 -22.84 100.50 -55.41
N HIS QA 501 -24.01 100.82 -55.95
CA HIS QA 501 -24.84 101.93 -55.54
C HIS QA 501 -26.24 101.67 -56.08
N THR QA 502 -27.24 102.28 -55.44
CA THR QA 502 -28.61 102.20 -55.94
C THR QA 502 -29.22 103.59 -55.98
N GLY QA 503 -29.76 103.96 -57.14
CA GLY QA 503 -30.33 105.28 -57.34
C GLY QA 503 -29.38 106.19 -58.07
N PRO QA 504 -29.91 107.25 -58.68
CA PRO QA 504 -29.04 108.20 -59.38
C PRO QA 504 -28.18 108.99 -58.40
N HIS QA 505 -26.95 109.29 -58.82
CA HIS QA 505 -26.02 110.01 -57.97
C HIS QA 505 -24.83 110.55 -58.75
N ASP QA 506 -24.57 111.85 -58.62
CA ASP QA 506 -23.31 112.42 -59.05
C ASP QA 506 -22.26 112.23 -57.96
N LEU QA 507 -21.13 111.61 -58.32
CA LEU QA 507 -20.13 111.27 -57.32
C LEU QA 507 -19.35 112.50 -56.91
N VAL QA 508 -19.05 112.58 -55.62
CA VAL QA 508 -18.28 113.69 -55.05
C VAL QA 508 -16.83 113.23 -54.90
N ILE QA 509 -15.95 113.75 -55.75
CA ILE QA 509 -14.59 113.21 -55.86
C ILE QA 509 -13.61 114.36 -55.67
N PRO QA 510 -12.48 114.14 -55.01
CA PRO QA 510 -11.40 115.13 -55.03
C PRO QA 510 -10.96 115.39 -56.47
N PRO QA 511 -10.74 116.65 -56.83
CA PRO QA 511 -10.44 116.96 -58.24
C PRO QA 511 -9.18 116.29 -58.74
N ASN QA 512 -8.28 115.87 -57.86
CA ASN QA 512 -7.01 115.26 -58.24
C ASN QA 512 -7.00 113.75 -58.06
N GLY QA 513 -8.15 113.14 -57.76
CA GLY QA 513 -8.21 111.70 -57.59
C GLY QA 513 -8.02 110.95 -58.91
N TYR QA 514 -7.46 109.74 -58.80
CA TYR QA 514 -7.11 108.93 -59.95
C TYR QA 514 -7.59 107.49 -59.77
N PHE QA 515 -7.76 106.80 -60.90
CA PHE QA 515 -8.12 105.39 -60.92
C PHE QA 515 -6.86 104.52 -60.93
N ARG QA 516 -6.89 103.46 -60.14
CA ARG QA 516 -5.76 102.53 -60.05
C ARG QA 516 -6.28 101.09 -60.19
N PHE QA 517 -5.67 100.33 -61.10
CA PHE QA 517 -6.03 98.93 -61.26
C PHE QA 517 -5.33 98.11 -60.18
N ASP QA 518 -6.10 97.38 -59.38
CA ASP QA 518 -5.56 96.71 -58.21
C ASP QA 518 -5.54 95.19 -58.28
N SER QA 519 -6.49 94.56 -58.98
CA SER QA 519 -6.50 93.10 -58.99
C SER QA 519 -7.44 92.60 -60.07
N TRP QA 520 -7.10 91.44 -60.63
CA TRP QA 520 -8.05 90.66 -61.42
C TRP QA 520 -8.99 89.91 -60.49
N VAL QA 521 -10.29 89.94 -60.80
CA VAL QA 521 -11.32 89.28 -60.01
C VAL QA 521 -12.27 88.57 -60.98
N ASN QA 522 -13.16 87.76 -60.42
CA ASN QA 522 -14.20 87.12 -61.22
C ASN QA 522 -15.57 87.72 -60.94
N GLN QA 523 -16.58 87.16 -61.61
CA GLN QA 523 -17.93 87.71 -61.62
C GLN QA 523 -18.58 87.72 -60.24
N PHE QA 524 -18.07 86.94 -59.29
CA PHE QA 524 -18.67 86.80 -57.97
C PHE QA 524 -18.20 87.84 -56.98
N TYR QA 525 -17.27 88.71 -57.38
CA TYR QA 525 -16.74 89.72 -56.49
C TYR QA 525 -17.84 90.69 -56.06
N THR QA 526 -17.93 90.94 -54.76
CA THR QA 526 -18.93 91.81 -54.16
C THR QA 526 -18.27 93.14 -53.82
N LEU QA 527 -18.75 94.22 -54.44
CA LEU QA 527 -18.10 95.50 -54.27
C LEU QA 527 -18.56 96.16 -52.98
N ALA QA 528 -17.66 96.93 -52.37
CA ALA QA 528 -18.04 97.69 -51.20
C ALA QA 528 -19.05 98.76 -51.61
N PRO QA 529 -20.11 98.96 -50.83
CA PRO QA 529 -21.08 100.00 -51.16
C PRO QA 529 -20.45 101.39 -51.07
N MET QA 530 -20.89 102.28 -51.95
CA MET QA 530 -20.40 103.64 -52.01
C MET QA 530 -21.57 104.59 -52.11
N GLY QA 531 -21.47 105.75 -51.45
CA GLY QA 531 -22.50 106.77 -51.53
C GLY QA 531 -22.97 107.26 -50.18
N PRO RA 10 1.16 13.95 -78.03
CA PRO RA 10 0.95 15.29 -77.49
C PRO RA 10 -0.25 15.99 -78.13
N SER RA 11 -0.25 16.08 -79.45
CA SER RA 11 -1.36 16.64 -80.20
C SER RA 11 -2.21 15.55 -80.85
N ASP RA 12 -1.92 14.28 -80.55
CA ASP RA 12 -2.63 13.16 -81.17
C ASP RA 12 -4.07 13.13 -80.70
N GLY RA 13 -5.00 13.30 -81.64
CA GLY RA 13 -6.42 13.26 -81.33
C GLY RA 13 -7.01 14.56 -80.84
N SER RA 14 -6.18 15.61 -80.74
CA SER RA 14 -6.64 16.89 -80.25
C SER RA 14 -6.56 17.86 -81.42
N THR RA 15 -5.45 18.55 -81.60
CA THR RA 15 -5.30 19.42 -82.76
C THR RA 15 -4.83 18.64 -83.98
N ALA RA 16 -3.98 17.63 -83.76
CA ALA RA 16 -3.53 16.71 -84.81
C ALA RA 16 -2.67 17.39 -85.86
N ASN RA 17 -1.87 18.37 -85.43
CA ASN RA 17 -1.22 19.29 -86.36
C ASN RA 17 -2.38 19.96 -87.11
N LEU RA 18 -2.40 20.00 -88.44
CA LEU RA 18 -3.53 20.49 -89.22
C LEU RA 18 -3.66 21.99 -89.13
N VAL RA 19 -2.86 22.60 -88.25
CA VAL RA 19 -3.10 23.94 -87.75
C VAL RA 19 -1.78 24.51 -87.25
N PRO RA 20 -1.42 25.73 -87.64
CA PRO RA 20 -0.19 26.34 -87.14
C PRO RA 20 -0.24 26.51 -85.62
N GLU RA 21 0.85 26.15 -84.96
CA GLU RA 21 0.88 26.22 -83.50
C GLU RA 21 1.19 27.64 -83.02
N VAL RA 22 2.37 28.15 -83.35
CA VAL RA 22 2.77 29.50 -82.97
C VAL RA 22 3.23 30.24 -84.22
N ASN RA 23 3.16 31.57 -84.16
CA ASN RA 23 3.74 32.41 -85.19
C ASN RA 23 5.13 32.86 -84.77
N ASN RA 24 6.09 32.75 -85.69
CA ASN RA 24 7.44 33.24 -85.46
C ASN RA 24 7.52 34.76 -85.58
N GLU RA 25 6.75 35.34 -86.52
CA GLU RA 25 6.82 36.76 -86.81
C GLU RA 25 6.71 37.61 -85.55
N VAL RA 26 7.52 38.68 -85.51
CA VAL RA 26 7.54 39.59 -84.38
C VAL RA 26 7.60 41.02 -84.91
N MET RA 27 6.87 41.92 -84.26
CA MET RA 27 6.78 43.31 -84.72
C MET RA 27 8.11 44.02 -84.54
N ALA RA 28 8.56 44.70 -85.59
CA ALA RA 28 9.82 45.45 -85.56
C ALA RA 28 9.62 46.79 -84.83
N LEU RA 29 9.42 46.69 -83.52
CA LEU RA 29 9.28 47.87 -82.66
C LEU RA 29 10.38 47.87 -81.60
N GLU RA 30 10.95 49.04 -81.35
CA GLU RA 30 11.87 49.19 -80.24
C GLU RA 30 11.09 49.21 -78.92
N PRO RA 31 11.74 48.92 -77.81
CA PRO RA 31 11.09 49.10 -76.51
C PRO RA 31 10.85 50.57 -76.20
N VAL RA 32 9.79 50.82 -75.43
CA VAL RA 32 9.35 52.18 -75.13
C VAL RA 32 9.03 52.29 -73.65
N VAL RA 33 9.61 53.30 -72.99
CA VAL RA 33 9.41 53.45 -71.55
C VAL RA 33 7.98 53.90 -71.28
N GLY RA 34 7.46 53.49 -70.11
CA GLY RA 34 6.16 53.92 -69.67
C GLY RA 34 6.15 55.14 -68.78
N ALA RA 35 5.49 55.06 -67.63
CA ALA RA 35 5.28 56.22 -66.80
C ALA RA 35 6.47 56.58 -65.91
N ALA RA 36 7.49 55.72 -65.85
CA ALA RA 36 8.66 56.02 -65.04
C ALA RA 36 9.32 57.32 -65.47
N ILE RA 37 9.35 57.58 -66.77
CA ILE RA 37 9.97 58.80 -67.28
C ILE RA 37 9.22 60.03 -66.80
N ALA RA 38 7.93 59.89 -66.51
CA ALA RA 38 7.09 61.02 -66.12
C ALA RA 38 7.13 61.31 -64.62
N ALA RA 39 7.69 60.40 -63.83
CA ALA RA 39 7.72 60.53 -62.37
C ALA RA 39 8.16 61.90 -61.86
N PRO RA 40 9.22 62.55 -62.37
CA PRO RA 40 9.58 63.87 -61.85
C PRO RA 40 8.57 64.97 -62.14
N VAL RA 41 7.70 64.80 -63.14
CA VAL RA 41 6.74 65.84 -63.50
C VAL RA 41 5.30 65.42 -63.29
N ALA RA 42 5.03 64.16 -62.95
CA ALA RA 42 3.68 63.77 -62.61
C ALA RA 42 3.35 64.18 -61.17
N GLY RA 43 2.06 64.36 -60.91
CA GLY RA 43 1.65 64.78 -59.58
C GLY RA 43 1.92 63.72 -58.52
N GLN RA 44 1.82 62.45 -58.90
CA GLN RA 44 1.81 61.34 -57.95
C GLN RA 44 2.31 60.10 -58.66
N GLN RA 45 2.78 59.13 -57.87
CA GLN RA 45 3.17 57.83 -58.39
C GLN RA 45 2.14 56.84 -57.85
N ASN RA 46 1.32 56.31 -58.74
CA ASN RA 46 0.18 55.51 -58.34
C ASN RA 46 0.45 54.04 -58.60
N VAL RA 47 -0.45 53.19 -58.13
CA VAL RA 47 -0.25 51.76 -58.16
C VAL RA 47 -1.51 51.12 -58.72
N ILE RA 48 -1.32 50.12 -59.56
CA ILE RA 48 -2.40 49.31 -60.11
C ILE RA 48 -2.35 47.96 -59.44
N ASP RA 49 -3.52 47.41 -59.13
CA ASP RA 49 -3.62 46.10 -58.52
C ASP RA 49 -2.80 45.10 -59.34
N PRO RA 50 -1.82 44.42 -58.74
CA PRO RA 50 -0.95 43.53 -59.54
C PRO RA 50 -1.69 42.43 -60.26
N TRP RA 51 -2.85 41.99 -59.78
CA TRP RA 51 -3.60 40.98 -60.50
C TRP RA 51 -4.00 41.49 -61.88
N ILE RA 52 -4.37 42.77 -61.97
CA ILE RA 52 -4.74 43.38 -63.25
C ILE RA 52 -3.59 43.31 -64.23
N ARG RA 53 -2.35 43.40 -63.74
CA ARG RA 53 -1.19 43.40 -64.63
C ARG RA 53 -0.77 42.00 -65.06
N ASN RA 54 -1.11 40.98 -64.29
CA ASN RA 54 -0.64 39.63 -64.57
C ASN RA 54 -1.67 38.73 -65.25
N ASN RA 55 -2.85 39.24 -65.57
CA ASN RA 55 -3.89 38.37 -66.13
C ASN RA 55 -4.60 39.01 -67.29
N PHE RA 56 -4.66 38.27 -68.40
CA PHE RA 56 -5.36 38.72 -69.59
C PHE RA 56 -6.87 38.70 -69.37
N VAL RA 57 -7.53 39.78 -69.78
CA VAL RA 57 -8.99 39.91 -69.69
C VAL RA 57 -9.46 40.50 -71.01
N GLN RA 58 -10.68 40.15 -71.41
CA GLN RA 58 -11.14 40.54 -72.73
C GLN RA 58 -11.38 42.04 -72.77
N ALA RA 59 -10.86 42.68 -73.81
CA ALA RA 59 -10.99 44.11 -73.96
C ALA RA 59 -12.45 44.51 -74.15
N PRO RA 60 -12.84 45.71 -73.71
CA PRO RA 60 -14.04 46.31 -74.28
C PRO RA 60 -13.84 46.40 -75.78
N GLY RA 61 -14.77 45.87 -76.54
CA GLY RA 61 -14.48 45.75 -77.95
C GLY RA 61 -13.44 44.69 -78.20
N GLY RA 62 -13.71 43.47 -77.75
CA GLY RA 62 -12.77 42.38 -77.87
C GLY RA 62 -13.26 41.20 -78.70
N GLU RA 63 -14.24 41.42 -79.58
CA GLU RA 63 -14.70 40.40 -80.50
C GLU RA 63 -14.63 40.91 -81.92
N PHE RA 64 -14.17 40.06 -82.84
CA PHE RA 64 -14.29 40.33 -84.27
C PHE RA 64 -14.34 39.00 -85.00
N THR RA 65 -14.73 39.06 -86.27
CA THR RA 65 -15.04 37.88 -87.06
C THR RA 65 -14.41 37.95 -88.44
N VAL RA 66 -13.95 36.80 -88.93
CA VAL RA 66 -13.59 36.64 -90.33
C VAL RA 66 -14.62 35.70 -90.96
N SER RA 67 -15.39 36.22 -91.90
CA SER RA 67 -16.45 35.49 -92.58
C SER RA 67 -16.28 35.64 -94.08
N PRO RA 68 -17.00 34.85 -94.88
CA PRO RA 68 -16.87 34.98 -96.34
C PRO RA 68 -17.44 36.28 -96.87
N ARG RA 69 -18.28 36.99 -96.10
CA ARG RA 69 -18.72 38.31 -96.52
C ARG RA 69 -17.61 39.35 -96.49
N ASN RA 70 -16.52 39.10 -95.77
CA ASN RA 70 -15.46 40.09 -95.68
C ASN RA 70 -14.57 40.03 -96.92
N ALA RA 71 -14.04 41.20 -97.30
CA ALA RA 71 -13.16 41.33 -98.45
C ALA RA 71 -11.78 41.77 -97.99
N PRO RA 72 -10.72 41.35 -98.70
CA PRO RA 72 -9.38 41.78 -98.31
C PRO RA 72 -9.27 43.29 -98.28
N GLY RA 73 -8.57 43.81 -97.28
CA GLY RA 73 -8.43 45.22 -97.07
C GLY RA 73 -9.30 45.78 -95.97
N GLU RA 74 -10.38 45.10 -95.61
CA GLU RA 74 -11.26 45.58 -94.56
C GLU RA 74 -10.58 45.47 -93.20
N ILE RA 75 -10.56 46.58 -92.46
CA ILE RA 75 -10.00 46.58 -91.11
C ILE RA 75 -11.04 45.93 -90.19
N LEU RA 76 -10.77 44.71 -89.75
CA LEU RA 76 -11.70 43.99 -88.90
C LEU RA 76 -11.66 44.43 -87.44
N TRP RA 77 -10.55 45.02 -87.00
CA TRP RA 77 -10.41 45.43 -85.61
C TRP RA 77 -9.33 46.50 -85.53
N SER RA 78 -9.56 47.49 -84.68
CA SER RA 78 -8.58 48.55 -84.49
C SER RA 78 -8.84 49.22 -83.15
N ALA RA 79 -7.78 49.79 -82.57
CA ALA RA 79 -7.90 50.44 -81.27
C ALA RA 79 -6.72 51.36 -81.06
N PRO RA 80 -6.91 52.53 -80.45
CA PRO RA 80 -5.77 53.33 -80.01
C PRO RA 80 -5.34 52.89 -78.62
N LEU RA 81 -4.04 52.99 -78.38
CA LEU RA 81 -3.54 52.67 -77.05
C LEU RA 81 -4.17 53.61 -76.03
N GLY RA 82 -4.61 53.04 -74.92
CA GLY RA 82 -5.29 53.79 -73.89
C GLY RA 82 -6.02 52.86 -72.95
N PRO RA 83 -6.53 53.42 -71.85
CA PRO RA 83 -7.15 52.56 -70.83
C PRO RA 83 -8.39 51.82 -71.32
N ASP RA 84 -9.01 52.26 -72.41
CA ASP RA 84 -10.21 51.59 -72.90
C ASP RA 84 -9.93 50.22 -73.49
N LEU RA 85 -8.66 49.80 -73.56
CA LEU RA 85 -8.29 48.47 -74.01
C LEU RA 85 -8.55 47.39 -72.97
N ASN RA 86 -8.96 47.77 -71.76
CA ASN RA 86 -9.02 46.82 -70.67
C ASN RA 86 -10.14 47.24 -69.72
N PRO RA 87 -11.09 46.35 -69.42
CA PRO RA 87 -12.26 46.78 -68.63
C PRO RA 87 -11.92 47.21 -67.21
N TYR RA 88 -10.94 46.57 -66.58
CA TYR RA 88 -10.49 47.02 -65.26
C TYR RA 88 -9.87 48.41 -65.35
N LEU RA 89 -8.98 48.62 -66.32
CA LEU RA 89 -8.38 49.93 -66.50
C LEU RA 89 -9.43 50.98 -66.87
N SER RA 90 -10.47 50.58 -67.60
CA SER RA 90 -11.52 51.53 -67.96
C SER RA 90 -12.22 52.10 -66.73
N HIS RA 91 -12.59 51.23 -65.79
CA HIS RA 91 -13.23 51.70 -64.57
C HIS RA 91 -12.24 52.49 -63.72
N LEU RA 92 -10.99 52.04 -63.68
CA LEU RA 92 -9.96 52.79 -62.97
C LEU RA 92 -9.75 54.16 -63.62
N ALA RA 93 -9.76 54.22 -64.95
CA ALA RA 93 -9.46 55.47 -65.63
C ALA RA 93 -10.49 56.54 -65.31
N ARG RA 94 -11.70 56.14 -64.95
CA ARG RA 94 -12.71 57.11 -64.52
C ARG RA 94 -12.28 57.84 -63.24
N MET RA 95 -11.18 57.41 -62.63
CA MET RA 95 -10.71 57.93 -61.35
C MET RA 95 -9.37 58.65 -61.46
N TYR RA 96 -8.77 58.70 -62.65
CA TYR RA 96 -7.44 59.26 -62.84
C TYR RA 96 -7.45 60.31 -63.94
N ASN RA 97 -6.48 61.22 -63.87
CA ASN RA 97 -6.39 62.33 -64.80
C ASN RA 97 -5.58 62.00 -66.05
N GLY RA 98 -4.63 61.08 -65.95
CA GLY RA 98 -3.82 60.72 -67.10
C GLY RA 98 -3.22 59.35 -66.97
N TYR RA 99 -2.39 59.01 -67.95
CA TYR RA 99 -1.80 57.68 -68.01
C TYR RA 99 -0.56 57.73 -68.90
N ALA RA 100 0.24 56.67 -68.82
CA ALA RA 100 1.39 56.47 -69.67
C ALA RA 100 1.80 55.01 -69.59
N GLY RA 101 2.31 54.50 -70.70
CA GLY RA 101 2.80 53.14 -70.78
C GLY RA 101 2.02 52.32 -71.79
N GLY RA 102 2.51 51.10 -72.00
CA GLY RA 102 2.07 50.28 -73.09
C GLY RA 102 1.25 49.08 -72.63
N PHE RA 103 0.78 48.32 -73.61
CA PHE RA 103 -0.06 47.17 -73.37
C PHE RA 103 0.53 45.94 -74.03
N GLU RA 104 0.16 44.78 -73.50
CA GLU RA 104 0.32 43.52 -74.20
C GLU RA 104 -1.08 43.04 -74.57
N VAL RA 105 -1.31 42.81 -75.86
CA VAL RA 105 -2.61 42.34 -76.34
C VAL RA 105 -2.48 40.88 -76.74
N GLN RA 106 -3.52 40.12 -76.45
CA GLN RA 106 -3.59 38.71 -76.79
C GLN RA 106 -4.78 38.52 -77.72
N VAL RA 107 -4.53 37.92 -78.88
CA VAL RA 107 -5.56 37.68 -79.89
C VAL RA 107 -5.73 36.18 -80.07
N ILE RA 108 -6.97 35.71 -79.93
CA ILE RA 108 -7.30 34.30 -80.10
C ILE RA 108 -7.98 34.18 -81.46
N LEU RA 109 -7.37 33.39 -82.34
CA LEU RA 109 -7.87 33.25 -83.71
C LEU RA 109 -8.11 31.81 -84.10
N ALA RA 110 -8.16 30.88 -83.15
CA ALA RA 110 -8.23 29.48 -83.53
C ALA RA 110 -9.43 29.25 -84.43
N GLY RA 111 -9.20 28.58 -85.55
CA GLY RA 111 -10.25 28.39 -86.53
C GLY RA 111 -10.22 26.97 -87.05
N ASN RA 112 -11.36 26.54 -87.57
CA ASN RA 112 -11.47 25.18 -88.06
C ASN RA 112 -10.35 24.87 -89.03
N ALA RA 113 -9.82 23.65 -88.96
CA ALA RA 113 -8.70 23.27 -89.81
C ALA RA 113 -9.04 23.32 -91.29
N PHE RA 114 -10.32 23.39 -91.65
CA PHE RA 114 -10.75 23.45 -93.04
C PHE RA 114 -10.80 24.87 -93.59
N THR RA 115 -10.34 25.87 -92.83
CA THR RA 115 -10.41 27.25 -93.27
C THR RA 115 -9.02 27.74 -93.69
N ALA RA 116 -9.01 28.76 -94.54
CA ALA RA 116 -7.79 29.42 -94.98
C ALA RA 116 -7.94 30.93 -94.90
N GLY RA 117 -6.83 31.61 -94.75
CA GLY RA 117 -6.81 33.06 -94.78
C GLY RA 117 -5.78 33.64 -93.83
N LYS RA 118 -5.40 34.88 -94.10
CA LYS RA 118 -4.37 35.55 -93.31
C LYS RA 118 -4.91 36.89 -92.81
N ILE RA 119 -4.50 37.26 -91.60
CA ILE RA 119 -4.74 38.59 -91.03
C ILE RA 119 -3.40 39.27 -90.79
N ILE RA 120 -3.31 40.54 -91.13
CA ILE RA 120 -2.14 41.36 -90.82
C ILE RA 120 -2.45 42.26 -89.64
N PHE RA 121 -1.59 42.22 -88.62
CA PHE RA 121 -1.62 43.17 -87.52
C PHE RA 121 -0.51 44.19 -87.69
N ALA RA 122 -0.84 45.47 -87.49
CA ALA RA 122 0.14 46.53 -87.69
C ALA RA 122 0.00 47.61 -86.63
N ALA RA 123 1.14 48.17 -86.23
CA ALA RA 123 1.20 49.33 -85.34
C ALA RA 123 1.45 50.58 -86.18
N VAL RA 124 0.52 51.51 -86.17
CA VAL RA 124 0.64 52.77 -86.91
C VAL RA 124 0.92 53.89 -85.92
N PRO RA 125 1.93 54.73 -86.16
CA PRO RA 125 2.38 55.68 -85.15
C PRO RA 125 1.45 56.86 -85.05
N PRO RA 126 1.52 57.61 -83.94
CA PRO RA 126 0.58 58.73 -83.74
C PRO RA 126 0.74 59.81 -84.81
N ASN RA 127 -0.40 60.30 -85.31
CA ASN RA 127 -0.52 61.35 -86.32
C ASN RA 127 -0.32 60.85 -87.74
N PHE RA 128 -0.39 59.55 -87.97
CA PHE RA 128 -0.51 59.06 -89.33
C PHE RA 128 -1.96 58.68 -89.59
N PRO RA 129 -2.57 59.10 -90.69
CA PRO RA 129 -3.98 58.78 -90.92
C PRO RA 129 -4.17 57.32 -91.30
N THR RA 130 -5.05 56.64 -90.55
CA THR RA 130 -5.43 55.25 -90.77
C THR RA 130 -6.49 55.10 -91.86
N GLU RA 131 -7.11 56.20 -92.30
CA GLU RA 131 -8.44 56.14 -92.89
C GLU RA 131 -8.43 55.54 -94.30
N GLY RA 132 -7.47 55.92 -95.13
CA GLY RA 132 -7.41 55.34 -96.46
C GLY RA 132 -6.51 54.15 -96.65
N LEU RA 133 -6.01 53.51 -95.59
CA LEU RA 133 -4.89 52.59 -95.74
C LEU RA 133 -5.28 51.36 -96.54
N SER RA 134 -4.45 51.02 -97.53
CA SER RA 134 -4.47 49.81 -98.34
C SER RA 134 -3.63 48.72 -97.68
N PRO RA 135 -3.87 47.46 -98.04
CA PRO RA 135 -3.03 46.39 -97.48
C PRO RA 135 -1.56 46.55 -97.83
N SER RA 136 -1.25 46.93 -99.07
CA SER RA 136 0.11 47.27 -99.45
C SER RA 136 0.72 48.26 -98.46
N GLN RA 137 -0.01 49.32 -98.14
CA GLN RA 137 0.53 50.38 -97.28
C GLN RA 137 0.71 49.89 -95.85
N VAL RA 138 -0.23 49.10 -95.34
CA VAL RA 138 -0.15 48.61 -93.97
C VAL RA 138 1.12 47.80 -93.75
N THR RA 139 1.57 47.09 -94.79
CA THR RA 139 2.83 46.36 -94.71
C THR RA 139 4.03 47.23 -94.38
N MET RA 140 3.95 48.54 -94.58
CA MET RA 140 5.12 49.38 -94.37
C MET RA 140 5.31 49.81 -92.92
N PHE RA 141 4.34 49.58 -92.05
CA PHE RA 141 4.55 49.73 -90.61
C PHE RA 141 5.12 48.44 -90.04
N PRO RA 142 5.61 48.46 -88.81
CA PRO RA 142 5.87 47.19 -88.11
C PRO RA 142 4.62 46.33 -88.12
N HIS RA 143 4.77 45.07 -88.53
CA HIS RA 143 3.58 44.25 -88.72
C HIS RA 143 3.89 42.78 -88.49
N ILE RA 144 2.81 42.02 -88.30
CA ILE RA 144 2.83 40.58 -88.13
C ILE RA 144 1.74 40.01 -89.03
N ILE RA 145 2.04 38.91 -89.71
CA ILE RA 145 1.07 38.23 -90.56
C ILE RA 145 0.77 36.87 -89.97
N VAL RA 146 -0.50 36.64 -89.65
CA VAL RA 146 -0.95 35.49 -88.88
C VAL RA 146 -1.96 34.71 -89.71
N ASP RA 147 -1.89 33.39 -89.63
CA ASP RA 147 -2.84 32.55 -90.34
C ASP RA 147 -4.12 32.45 -89.52
N VAL RA 148 -5.26 32.49 -90.20
CA VAL RA 148 -6.56 32.49 -89.52
C VAL RA 148 -6.78 31.21 -88.74
N ARG RA 149 -6.01 30.16 -89.00
CA ARG RA 149 -6.09 28.91 -88.25
C ARG RA 149 -5.18 28.88 -87.04
N GLN RA 150 -4.46 29.97 -86.75
CA GLN RA 150 -3.45 29.96 -85.69
C GLN RA 150 -4.04 29.47 -84.38
N LEU RA 151 -3.34 28.55 -83.72
CA LEU RA 151 -3.87 27.86 -82.56
C LEU RA 151 -3.52 28.57 -81.25
N GLU RA 152 -2.25 28.89 -81.06
CA GLU RA 152 -1.87 29.60 -79.86
C GLU RA 152 -2.21 31.07 -80.01
N PRO RA 153 -2.61 31.73 -78.92
CA PRO RA 153 -2.93 33.15 -79.01
C PRO RA 153 -1.74 33.93 -79.53
N VAL RA 154 -2.03 35.03 -80.21
CA VAL RA 154 -0.99 35.89 -80.76
C VAL RA 154 -0.74 36.98 -79.73
N LEU RA 155 0.53 37.17 -79.39
CA LEU RA 155 0.91 38.18 -78.40
C LEU RA 155 1.59 39.33 -79.11
N ILE RA 156 1.00 40.52 -79.00
CA ILE RA 156 1.53 41.72 -79.61
C ILE RA 156 1.81 42.70 -78.48
N PRO RA 157 3.06 43.10 -78.26
CA PRO RA 157 3.31 44.21 -77.33
C PRO RA 157 3.04 45.52 -78.05
N LEU RA 158 2.33 46.41 -77.36
CA LEU RA 158 1.87 47.67 -77.94
C LEU RA 158 2.46 48.80 -77.13
N PRO RA 159 3.58 49.38 -77.57
CA PRO RA 159 4.25 50.40 -76.76
C PRO RA 159 3.63 51.78 -76.95
N ASP RA 160 3.78 52.60 -75.91
CA ASP RA 160 3.17 53.93 -75.88
C ASP RA 160 4.11 54.94 -76.55
N VAL RA 161 4.25 54.76 -77.86
CA VAL RA 161 4.98 55.74 -78.67
C VAL RA 161 4.34 57.10 -78.49
N ARG RA 162 5.16 58.11 -78.20
CA ARG RA 162 4.67 59.44 -77.87
C ARG RA 162 5.85 60.39 -77.83
N ASN RA 163 5.54 61.69 -77.79
CA ASN RA 163 6.55 62.73 -77.73
C ASN RA 163 6.40 63.62 -76.50
N ASN RA 164 5.62 63.17 -75.52
CA ASN RA 164 5.43 63.87 -74.26
C ASN RA 164 5.65 62.88 -73.12
N PHE RA 165 5.66 63.41 -71.89
CA PHE RA 165 5.92 62.55 -70.75
C PHE RA 165 4.76 61.59 -70.51
N TYR RA 166 3.52 62.05 -70.70
CA TYR RA 166 2.35 61.22 -70.49
C TYR RA 166 1.14 61.89 -71.13
N HIS RA 167 0.02 61.19 -71.11
CA HIS RA 167 -1.21 61.59 -71.79
C HIS RA 167 -2.24 62.05 -70.77
N TYR RA 168 -3.05 63.03 -71.17
CA TYR RA 168 -4.23 63.39 -70.42
C TYR RA 168 -5.45 62.70 -70.99
N ASN RA 169 -6.36 62.27 -70.12
CA ASN RA 169 -7.59 61.64 -70.58
C ASN RA 169 -8.46 62.59 -71.39
N GLN RA 170 -8.54 63.84 -70.98
CA GLN RA 170 -9.44 64.82 -71.59
C GLN RA 170 -8.90 65.49 -72.84
N SER RA 171 -7.75 65.11 -73.36
CA SER RA 171 -7.26 65.77 -74.56
C SER RA 171 -7.39 64.84 -75.76
N ASN RA 172 -7.17 65.41 -76.95
CA ASN RA 172 -7.27 64.66 -78.18
C ASN RA 172 -5.92 64.30 -78.77
N ASP RA 173 -4.85 64.32 -77.97
CA ASP RA 173 -3.56 63.91 -78.50
C ASP RA 173 -3.62 62.44 -78.96
N PRO RA 174 -3.07 62.13 -80.12
CA PRO RA 174 -3.19 60.77 -80.65
C PRO RA 174 -2.16 59.83 -80.03
N THR RA 175 -2.50 58.55 -80.05
CA THR RA 175 -1.64 57.51 -79.54
C THR RA 175 -1.41 56.48 -80.63
N ILE RA 176 -0.47 55.56 -80.38
CA ILE RA 176 -0.26 54.46 -81.31
C ILE RA 176 -1.58 53.70 -81.49
N LYS RA 177 -1.81 53.20 -82.70
CA LYS RA 177 -2.98 52.39 -83.00
C LYS RA 177 -2.52 51.01 -83.43
N LEU RA 178 -3.21 50.00 -82.92
CA LEU RA 178 -3.06 48.63 -83.38
C LEU RA 178 -4.17 48.32 -84.37
N ILE RA 179 -3.80 47.74 -85.50
CA ILE RA 179 -4.73 47.50 -86.60
C ILE RA 179 -4.75 46.02 -86.89
N ALA RA 180 -5.95 45.47 -87.14
CA ALA RA 180 -6.10 44.13 -87.66
C ALA RA 180 -6.88 44.25 -88.95
N MET RA 181 -6.27 43.81 -90.05
CA MET RA 181 -6.88 43.92 -91.35
C MET RA 181 -6.86 42.56 -92.03
N LEU RA 182 -7.92 42.25 -92.76
CA LEU RA 182 -7.97 41.00 -93.50
C LEU RA 182 -6.99 41.08 -94.67
N TYR RA 183 -5.96 40.26 -94.63
CA TYR RA 183 -4.87 40.33 -95.60
C TYR RA 183 -5.11 39.41 -96.78
N THR RA 184 -5.72 38.26 -96.52
CA THR RA 184 -6.18 37.28 -97.48
C THR RA 184 -7.64 36.96 -97.19
N PRO RA 185 -8.48 36.83 -98.22
CA PRO RA 185 -9.88 36.50 -97.98
C PRO RA 185 -10.01 35.13 -97.32
N LEU RA 186 -11.14 34.95 -96.63
CA LEU RA 186 -11.38 33.69 -95.93
C LEU RA 186 -11.91 32.65 -96.92
N ARG RA 187 -11.22 31.52 -96.98
CA ARG RA 187 -11.59 30.38 -97.82
C ARG RA 187 -11.72 29.14 -96.93
N ALA RA 188 -12.52 28.18 -97.39
CA ALA RA 188 -12.73 26.97 -96.62
C ALA RA 188 -13.06 25.82 -97.57
N ASN RA 189 -12.54 24.63 -97.25
CA ASN RA 189 -12.78 23.45 -98.08
C ASN RA 189 -13.41 22.30 -97.29
N ASN RA 190 -14.09 22.58 -96.19
CA ASN RA 190 -14.98 21.56 -95.63
C ASN RA 190 -16.07 21.24 -96.63
N ALA RA 191 -16.60 20.02 -96.56
CA ALA RA 191 -17.46 19.55 -97.62
C ALA RA 191 -18.93 19.89 -97.44
N GLY RA 192 -19.30 20.57 -96.35
CA GLY RA 192 -20.68 20.91 -96.08
C GLY RA 192 -21.03 22.32 -96.51
N ASP RA 193 -22.02 22.89 -95.83
CA ASP RA 193 -22.29 24.32 -95.90
C ASP RA 193 -21.16 25.13 -95.26
N ASP RA 194 -20.76 26.22 -95.91
CA ASP RA 194 -19.56 26.97 -95.52
C ASP RA 194 -19.84 27.86 -94.30
N VAL RA 195 -20.16 27.21 -93.18
CA VAL RA 195 -20.60 27.92 -91.98
C VAL RA 195 -19.40 28.32 -91.12
N PHE RA 196 -18.18 27.96 -91.51
CA PHE RA 196 -17.00 28.11 -90.65
C PHE RA 196 -16.51 29.56 -90.61
N THR RA 197 -17.32 30.40 -89.98
CA THR RA 197 -16.87 31.74 -89.64
C THR RA 197 -15.85 31.63 -88.51
N VAL RA 198 -14.82 32.47 -88.55
CA VAL RA 198 -13.79 32.45 -87.52
C VAL RA 198 -14.11 33.52 -86.49
N SER RA 199 -14.56 33.09 -85.32
CA SER RA 199 -14.83 33.98 -84.21
C SER RA 199 -13.54 34.25 -83.45
N CYS RA 200 -13.16 35.52 -83.34
CA CYS RA 200 -11.90 35.91 -82.74
C CYS RA 200 -12.15 36.75 -81.50
N ARG RA 201 -11.20 36.67 -80.56
CA ARG RA 201 -11.28 37.39 -79.31
C ARG RA 201 -9.98 38.14 -79.08
N VAL RA 202 -10.09 39.35 -78.54
CA VAL RA 202 -8.94 40.16 -78.17
C VAL RA 202 -8.96 40.35 -76.66
N LEU RA 203 -7.88 39.94 -76.01
CA LEU RA 203 -7.70 40.15 -74.59
C LEU RA 203 -6.43 40.97 -74.38
N THR RA 204 -6.38 41.69 -73.26
CA THR RA 204 -5.26 42.59 -72.99
C THR RA 204 -4.91 42.56 -71.51
N ARG RA 205 -3.74 43.12 -71.21
CA ARG RA 205 -3.33 43.41 -69.84
C ARG RA 205 -2.26 44.49 -69.92
N PRO RA 206 -2.15 45.36 -68.91
CA PRO RA 206 -1.17 46.44 -68.98
C PRO RA 206 0.24 45.91 -68.84
N SER RA 207 1.15 46.48 -69.63
CA SER RA 207 2.57 46.18 -69.45
C SER RA 207 3.01 46.63 -68.06
N PRO RA 208 4.16 46.14 -67.58
CA PRO RA 208 4.65 46.62 -66.29
C PRO RA 208 4.94 48.12 -66.26
N ASP RA 209 5.22 48.73 -67.41
CA ASP RA 209 5.51 50.16 -67.43
C ASP RA 209 4.27 51.03 -67.47
N PHE RA 210 3.07 50.44 -67.57
CA PHE RA 210 1.85 51.23 -67.59
C PHE RA 210 1.52 51.73 -66.19
N ASP RA 211 0.99 52.95 -66.11
CA ASP RA 211 0.53 53.46 -64.83
C ASP RA 211 -0.40 54.64 -65.04
N PHE RA 212 -1.30 54.82 -64.08
CA PHE RA 212 -2.15 56.00 -64.03
C PHE RA 212 -1.40 57.11 -63.31
N ILE RA 213 -1.88 58.34 -63.45
CA ILE RA 213 -1.04 59.43 -62.96
C ILE RA 213 -1.63 60.31 -61.86
N PHE RA 214 -2.78 60.93 -62.07
CA PHE RA 214 -3.24 61.89 -61.06
C PHE RA 214 -4.64 61.53 -60.61
N LEU RA 215 -4.79 61.31 -59.30
CA LEU RA 215 -6.06 60.94 -58.71
C LEU RA 215 -7.04 62.11 -58.77
N VAL RA 216 -8.19 61.89 -59.38
CA VAL RA 216 -9.20 62.95 -59.56
C VAL RA 216 -10.58 62.37 -59.26
N PRO RA 217 -11.58 63.22 -59.05
CA PRO RA 217 -12.92 62.74 -58.73
C PRO RA 217 -13.48 61.84 -59.83
N PRO RA 218 -14.00 60.67 -59.44
CA PRO RA 218 -14.48 59.71 -60.43
C PRO RA 218 -15.86 60.05 -60.98
N THR RA 219 -16.04 59.75 -62.26
CA THR RA 219 -17.26 59.79 -63.05
C THR RA 219 -17.56 61.21 -63.54
N VAL RA 220 -16.88 62.23 -63.03
CA VAL RA 220 -17.16 63.59 -63.48
C VAL RA 220 -16.53 63.84 -64.85
N GLU RA 221 -15.31 63.36 -65.05
CA GLU RA 221 -14.60 63.58 -66.31
C GLU RA 221 -15.29 62.83 -67.44
N SER RA 222 -15.69 63.56 -68.48
CA SER RA 222 -16.18 62.88 -69.67
C SER RA 222 -15.02 62.19 -70.36
N ARG RA 223 -15.35 61.38 -71.38
CA ARG RA 223 -14.46 60.57 -72.20
C ARG RA 223 -14.14 59.27 -71.49
N THR RA 224 -14.51 59.12 -70.22
CA THR RA 224 -14.34 57.90 -69.46
C THR RA 224 -15.65 57.24 -69.11
N LYS RA 225 -16.77 57.93 -69.27
CA LYS RA 225 -18.07 57.33 -68.99
C LYS RA 225 -18.27 56.17 -69.96
N PRO RA 226 -18.59 54.98 -69.45
CA PRO RA 226 -18.77 53.83 -70.34
C PRO RA 226 -20.17 53.76 -70.92
N PHE RA 227 -20.25 53.18 -72.12
CA PHE RA 227 -21.52 53.07 -72.82
C PHE RA 227 -22.32 51.91 -72.25
N THR RA 228 -23.61 52.13 -72.06
CA THR RA 228 -24.52 51.08 -71.60
C THR RA 228 -25.84 51.22 -72.33
N VAL RA 229 -26.64 50.16 -72.26
CA VAL RA 229 -27.93 50.11 -72.93
C VAL RA 229 -28.98 49.70 -71.91
N PRO RA 230 -30.09 50.42 -71.80
CA PRO RA 230 -31.04 50.15 -70.70
C PRO RA 230 -31.59 48.73 -70.75
N ILE RA 231 -31.78 48.15 -69.56
CA ILE RA 231 -32.27 46.79 -69.42
C ILE RA 231 -33.77 46.67 -69.64
N LEU RA 232 -34.46 47.77 -69.94
CA LEU RA 232 -35.91 47.73 -70.10
C LEU RA 232 -36.31 46.76 -71.21
N THR RA 233 -37.51 46.20 -71.07
CA THR RA 233 -38.12 45.33 -72.06
C THR RA 233 -38.79 46.15 -73.17
N VAL RA 234 -38.94 45.54 -74.34
CA VAL RA 234 -39.63 46.17 -75.45
C VAL RA 234 -41.02 46.66 -75.03
N GLU RA 235 -41.80 45.80 -74.36
CA GLU RA 235 -43.12 46.22 -73.90
C GLU RA 235 -43.03 47.36 -72.90
N GLU RA 236 -41.97 47.42 -72.10
CA GLU RA 236 -41.85 48.48 -71.10
C GLU RA 236 -41.39 49.81 -71.70
N MET RA 237 -40.94 49.81 -72.95
CA MET RA 237 -40.51 51.03 -73.61
C MET RA 237 -41.61 51.52 -74.54
N THR RA 238 -41.40 52.69 -75.14
CA THR RA 238 -42.42 53.38 -75.91
C THR RA 238 -41.83 53.85 -77.23
N ASN RA 239 -42.69 53.95 -78.24
CA ASN RA 239 -42.26 54.42 -79.54
C ASN RA 239 -41.84 55.88 -79.48
N SER RA 240 -40.85 56.22 -80.28
CA SER RA 240 -40.25 57.56 -80.27
C SER RA 240 -40.84 58.46 -81.35
N ARG RA 241 -41.77 57.94 -82.15
CA ARG RA 241 -42.39 58.69 -83.24
C ARG RA 241 -43.86 58.98 -83.00
N PHE RA 242 -44.45 58.44 -81.94
CA PHE RA 242 -45.85 58.68 -81.59
C PHE RA 242 -46.05 58.25 -80.14
N PRO RA 243 -46.81 59.00 -79.35
CA PRO RA 243 -46.90 58.70 -77.91
C PRO RA 243 -47.67 57.43 -77.60
N ILE RA 244 -47.12 56.28 -78.01
CA ILE RA 244 -47.77 54.99 -77.81
C ILE RA 244 -46.71 53.95 -77.48
N PRO RA 245 -47.10 52.87 -76.79
CA PRO RA 245 -46.13 51.84 -76.42
C PRO RA 245 -45.60 51.07 -77.62
N LEU RA 246 -44.46 50.43 -77.41
CA LEU RA 246 -43.90 49.49 -78.36
C LEU RA 246 -44.62 48.14 -78.25
N GLU RA 247 -44.53 47.32 -79.29
CA GLU RA 247 -45.24 46.05 -79.26
C GLU RA 247 -44.41 44.87 -79.75
N LYS RA 248 -43.66 45.04 -80.84
CA LYS RA 248 -42.85 43.94 -81.34
C LYS RA 248 -41.60 44.49 -82.02
N LEU RA 249 -40.68 43.58 -82.31
CA LEU RA 249 -39.50 43.85 -83.12
C LEU RA 249 -39.72 43.33 -84.54
N PHE RA 250 -39.37 44.14 -85.53
CA PHE RA 250 -39.59 43.80 -86.93
C PHE RA 250 -38.34 44.10 -87.74
N THR RA 251 -37.97 43.17 -88.62
CA THR RA 251 -36.95 43.41 -89.64
C THR RA 251 -37.56 43.23 -91.01
N GLY RA 252 -37.15 44.05 -91.97
CA GLY RA 252 -37.60 43.93 -93.33
C GLY RA 252 -36.69 44.62 -94.32
N PRO RA 253 -36.83 44.28 -95.60
CA PRO RA 253 -36.04 44.97 -96.62
C PRO RA 253 -36.50 46.40 -96.84
N SER RA 254 -35.53 47.29 -97.08
CA SER RA 254 -35.77 48.73 -97.16
C SER RA 254 -35.31 49.33 -98.48
N GLY RA 255 -35.15 48.50 -99.52
CA GLY RA 255 -34.67 49.00 -100.80
C GLY RA 255 -35.65 49.87 -101.55
N ALA RA 256 -36.94 49.56 -101.47
CA ALA RA 256 -37.93 50.29 -102.25
C ALA RA 256 -38.03 51.74 -101.78
N PHE RA 257 -38.25 51.93 -100.48
CA PHE RA 257 -38.57 53.21 -99.88
C PHE RA 257 -37.33 53.81 -99.20
N VAL RA 258 -37.49 55.02 -98.66
CA VAL RA 258 -36.41 55.74 -97.97
C VAL RA 258 -36.73 55.87 -96.49
N VAL RA 259 -35.93 55.21 -95.66
CA VAL RA 259 -36.09 55.22 -94.21
C VAL RA 259 -35.35 56.46 -93.69
N GLN RA 260 -36.09 57.53 -93.44
CA GLN RA 260 -35.43 58.77 -93.01
C GLN RA 260 -36.28 59.50 -91.96
N PRO RA 261 -36.69 58.83 -90.88
CA PRO RA 261 -37.47 59.53 -89.85
C PRO RA 261 -36.67 60.65 -89.21
N GLN RA 262 -37.39 61.61 -88.64
CA GLN RA 262 -36.78 62.74 -87.96
C GLN RA 262 -37.05 62.77 -86.47
N ASN RA 263 -37.90 61.88 -85.96
CA ASN RA 263 -38.09 61.69 -84.53
C ASN RA 263 -37.45 60.37 -84.11
N GLY RA 264 -37.05 60.30 -82.85
CA GLY RA 264 -36.30 59.14 -82.40
C GLY RA 264 -34.98 59.01 -83.13
N ARG RA 265 -34.27 60.12 -83.28
CA ARG RA 265 -32.94 60.16 -83.87
C ARG RA 265 -31.94 60.68 -82.84
N CYS RA 266 -31.07 59.79 -82.38
CA CYS RA 266 -30.09 60.16 -81.38
C CYS RA 266 -28.86 59.29 -81.56
N THR RA 267 -27.70 59.89 -81.40
CA THR RA 267 -26.43 59.19 -81.52
C THR RA 267 -26.03 58.56 -80.19
N THR RA 268 -25.21 57.51 -80.28
CA THR RA 268 -24.76 56.77 -79.10
C THR RA 268 -24.18 57.67 -78.00
N ASP RA 269 -23.44 58.71 -78.37
CA ASP RA 269 -22.90 59.61 -77.34
C ASP RA 269 -23.85 60.76 -77.01
N GLY RA 270 -25.12 60.69 -77.39
CA GLY RA 270 -26.12 61.56 -76.84
C GLY RA 270 -26.40 62.87 -77.56
N VAL RA 271 -26.05 62.97 -78.83
CA VAL RA 271 -26.40 64.13 -79.64
C VAL RA 271 -27.73 63.86 -80.34
N LEU RA 272 -28.73 64.68 -80.07
CA LEU RA 272 -30.03 64.56 -80.71
C LEU RA 272 -29.96 65.09 -82.15
N LEU RA 273 -30.79 64.51 -83.01
CA LEU RA 273 -30.77 64.83 -84.43
C LEU RA 273 -32.19 65.12 -84.92
N GLY RA 274 -32.27 65.86 -86.02
CA GLY RA 274 -33.56 66.16 -86.63
C GLY RA 274 -34.47 66.90 -85.68
N THR RA 275 -35.73 66.47 -85.62
CA THR RA 275 -36.74 67.04 -84.73
C THR RA 275 -36.88 66.24 -83.44
N THR RA 276 -35.86 65.49 -83.06
CA THR RA 276 -35.95 64.60 -81.90
C THR RA 276 -35.81 65.40 -80.62
N GLN RA 277 -36.65 65.09 -79.64
CA GLN RA 277 -36.58 65.71 -78.32
C GLN RA 277 -36.83 64.62 -77.27
N LEU RA 278 -36.78 65.02 -76.00
CA LEU RA 278 -36.71 64.05 -74.91
C LEU RA 278 -38.08 63.61 -74.39
N SER RA 279 -39.11 64.43 -74.54
CA SER RA 279 -40.38 64.10 -73.88
C SER RA 279 -41.12 63.02 -74.66
N PRO RA 280 -41.50 61.91 -74.02
CA PRO RA 280 -42.26 60.86 -74.72
C PRO RA 280 -43.71 61.23 -74.98
N VAL RA 281 -44.29 62.13 -74.19
CA VAL RA 281 -45.71 62.45 -74.33
C VAL RA 281 -45.96 63.47 -75.43
N ASN RA 282 -45.12 64.50 -75.53
CA ASN RA 282 -45.35 65.60 -76.47
C ASN RA 282 -44.77 65.33 -77.86
N ILE RA 283 -44.77 64.07 -78.30
CA ILE RA 283 -44.07 63.70 -79.52
C ILE RA 283 -44.84 64.13 -80.76
N CYS RA 284 -46.16 63.97 -80.78
CA CYS RA 284 -46.96 64.49 -81.89
C CYS RA 284 -47.93 65.58 -81.44
N THR RA 285 -47.44 66.50 -80.63
CA THR RA 285 -48.25 67.55 -80.02
C THR RA 285 -47.98 68.89 -80.72
N PHE RA 286 -48.97 69.79 -80.64
CA PHE RA 286 -48.82 71.16 -81.09
C PHE RA 286 -49.42 72.09 -80.04
N ARG RA 287 -48.78 73.24 -79.84
CA ARG RA 287 -49.25 74.22 -78.88
C ARG RA 287 -49.17 75.60 -79.53
N GLY RA 288 -50.20 76.43 -79.32
CA GLY RA 288 -50.17 77.77 -79.88
C GLY RA 288 -51.52 78.45 -79.82
N ASP RA 289 -51.65 79.50 -80.62
CA ASP RA 289 -52.86 80.30 -80.77
C ASP RA 289 -53.61 79.86 -82.01
N VAL RA 290 -54.94 79.87 -81.94
CA VAL RA 290 -55.80 79.30 -82.97
C VAL RA 290 -56.67 80.41 -83.57
N THR RA 291 -56.90 80.31 -84.89
CA THR RA 291 -57.58 81.34 -85.67
C THR RA 291 -58.58 80.66 -86.60
N HIS RA 292 -59.77 81.24 -86.73
CA HIS RA 292 -60.81 80.68 -87.58
C HIS RA 292 -60.52 80.92 -89.06
N ILE RA 293 -60.93 79.96 -89.89
CA ILE RA 293 -60.95 80.10 -91.34
C ILE RA 293 -62.40 80.26 -91.77
N ALA RA 294 -62.70 81.40 -92.40
CA ALA RA 294 -64.07 81.87 -92.54
C ALA RA 294 -64.95 80.89 -93.33
N GLY RA 295 -66.11 80.56 -92.76
CA GLY RA 295 -67.11 79.75 -93.42
C GLY RA 295 -66.95 78.26 -93.31
N THR RA 296 -65.85 77.78 -92.72
CA THR RA 296 -65.58 76.35 -92.64
C THR RA 296 -65.31 75.98 -91.18
N HIS RA 297 -65.07 74.70 -90.95
CA HIS RA 297 -64.65 74.19 -89.65
C HIS RA 297 -63.14 74.05 -89.54
N ASP RA 298 -62.39 74.76 -90.40
CA ASP RA 298 -60.94 74.71 -90.36
C ASP RA 298 -60.40 75.85 -89.51
N TYR RA 299 -59.28 75.59 -88.84
CA TYR RA 299 -58.58 76.61 -88.06
C TYR RA 299 -57.10 76.61 -88.38
N THR RA 300 -56.49 77.77 -88.24
CA THR RA 300 -55.06 77.95 -88.42
C THR RA 300 -54.44 78.16 -87.04
N MET RA 301 -53.40 77.38 -86.73
CA MET RA 301 -52.72 77.48 -85.44
C MET RA 301 -51.35 78.09 -85.64
N ASN RA 302 -51.11 79.21 -84.96
CA ASN RA 302 -49.80 79.85 -84.94
C ASN RA 302 -48.99 79.26 -83.80
N LEU RA 303 -47.87 78.63 -84.13
CA LEU RA 303 -47.22 77.71 -83.21
C LEU RA 303 -46.35 78.44 -82.20
N ALA RA 304 -46.27 77.88 -81.01
CA ALA RA 304 -45.20 78.13 -80.06
C ALA RA 304 -44.43 76.83 -79.85
N SER RA 305 -43.34 76.91 -79.10
CA SER RA 305 -42.58 75.71 -78.79
C SER RA 305 -43.32 74.90 -77.74
N GLN RA 306 -42.78 73.71 -77.42
CA GLN RA 306 -43.44 72.83 -76.47
C GLN RA 306 -43.49 73.42 -75.07
N ASN RA 307 -42.59 74.34 -74.74
CA ASN RA 307 -42.53 74.98 -73.43
C ASN RA 307 -43.46 76.19 -73.29
N TRP RA 308 -44.21 76.53 -74.35
CA TRP RA 308 -45.13 77.68 -74.48
C TRP RA 308 -44.40 78.97 -74.82
N ASN RA 309 -43.11 78.92 -75.10
CA ASN RA 309 -42.40 80.06 -75.67
C ASN RA 309 -42.61 80.10 -77.18
N ASN RA 310 -42.53 81.30 -77.75
CA ASN RA 310 -42.76 81.46 -79.18
C ASN RA 310 -41.70 80.71 -79.98
N TYR RA 311 -42.07 80.34 -81.21
CA TYR RA 311 -41.21 79.57 -82.09
C TYR RA 311 -40.33 80.45 -82.96
N ASP RA 312 -39.06 80.08 -83.05
CA ASP RA 312 -38.06 80.79 -83.84
C ASP RA 312 -37.61 79.89 -84.99
N PRO RA 313 -37.79 80.30 -86.25
CA PRO RA 313 -37.29 79.49 -87.38
C PRO RA 313 -35.80 79.62 -87.63
N THR RA 314 -35.08 80.46 -86.87
CA THR RA 314 -33.65 80.59 -87.04
C THR RA 314 -32.91 79.30 -86.68
N GLU RA 315 -33.50 78.48 -85.81
CA GLU RA 315 -32.85 77.26 -85.35
C GLU RA 315 -32.54 76.32 -86.51
N GLU RA 316 -31.33 75.77 -86.50
CA GLU RA 316 -30.84 74.88 -87.55
C GLU RA 316 -31.49 73.50 -87.44
N ILE RA 317 -32.82 73.47 -87.52
CA ILE RA 317 -33.58 72.23 -87.40
C ILE RA 317 -34.63 72.18 -88.51
N PRO RA 318 -35.08 70.99 -88.93
CA PRO RA 318 -36.09 70.92 -89.99
C PRO RA 318 -37.46 71.45 -89.60
N ALA RA 319 -37.78 71.49 -88.31
CA ALA RA 319 -39.09 71.93 -87.83
C ALA RA 319 -39.05 72.00 -86.31
N PRO RA 320 -40.08 72.53 -85.64
CA PRO RA 320 -40.12 72.47 -84.19
C PRO RA 320 -40.05 71.02 -83.71
N LEU RA 321 -39.43 70.83 -82.55
CA LEU RA 321 -39.18 69.49 -82.06
C LEU RA 321 -40.51 68.80 -81.80
N GLY RA 322 -40.63 67.56 -82.26
CA GLY RA 322 -41.88 66.83 -82.17
C GLY RA 322 -42.79 66.97 -83.38
N THR RA 323 -42.37 67.66 -84.41
CA THR RA 323 -43.20 67.76 -85.60
C THR RA 323 -43.32 66.38 -86.23
N PRO RA 324 -44.53 65.92 -86.56
CA PRO RA 324 -44.68 64.58 -87.14
C PRO RA 324 -43.82 64.39 -88.37
N ASP RA 325 -43.30 63.17 -88.53
CA ASP RA 325 -42.34 62.85 -89.58
C ASP RA 325 -42.91 61.87 -90.59
N PHE RA 326 -44.23 61.89 -90.78
CA PHE RA 326 -44.88 61.08 -91.80
C PHE RA 326 -46.04 61.88 -92.38
N VAL RA 327 -46.50 61.45 -93.56
CA VAL RA 327 -47.67 62.05 -94.19
C VAL RA 327 -48.91 61.25 -93.80
N GLY RA 328 -49.90 61.95 -93.27
CA GLY RA 328 -51.14 61.31 -92.86
C GLY RA 328 -52.04 62.32 -92.19
N LYS RA 329 -53.23 61.86 -91.83
CA LYS RA 329 -54.20 62.67 -91.11
C LYS RA 329 -54.22 62.15 -89.67
N ILE RA 330 -53.78 62.98 -88.73
CA ILE RA 330 -53.74 62.60 -87.33
C ILE RA 330 -54.91 63.24 -86.61
N GLN RA 331 -55.75 62.40 -86.01
CA GLN RA 331 -56.92 62.86 -85.27
C GLN RA 331 -56.60 62.92 -83.78
N GLY RA 332 -57.11 63.94 -83.12
CA GLY RA 332 -56.99 64.05 -81.68
C GLY RA 332 -58.01 65.00 -81.11
N VAL RA 333 -57.65 65.63 -80.00
CA VAL RA 333 -58.51 66.59 -79.31
C VAL RA 333 -57.76 67.91 -79.19
N LEU RA 334 -58.41 68.99 -79.63
CA LEU RA 334 -57.93 70.34 -79.34
C LEU RA 334 -58.54 70.77 -78.01
N THR RA 335 -57.71 71.28 -77.10
CA THR RA 335 -58.15 71.72 -75.79
C THR RA 335 -57.73 73.15 -75.55
N GLN RA 336 -58.58 73.91 -74.88
CA GLN RA 336 -58.37 75.33 -74.67
C GLN RA 336 -58.83 75.70 -73.26
N THR RA 337 -58.13 76.65 -72.65
CA THR RA 337 -58.49 77.13 -71.32
C THR RA 337 -58.37 78.64 -71.30
N THR RA 338 -59.41 79.30 -70.80
CA THR RA 338 -59.45 80.76 -70.73
C THR RA 338 -58.84 81.22 -69.40
N ARG RA 339 -57.88 82.13 -69.48
CA ARG RA 339 -57.14 82.55 -68.29
C ARG RA 339 -58.03 83.28 -67.29
N GLY RA 340 -58.98 84.06 -67.77
CA GLY RA 340 -59.78 84.88 -66.87
C GLY RA 340 -60.67 84.10 -65.93
N ASP RA 341 -61.44 83.15 -66.46
CA ASP RA 341 -62.40 82.40 -65.64
C ASP RA 341 -62.08 80.93 -65.46
N GLY RA 342 -61.20 80.36 -66.27
CA GLY RA 342 -60.96 78.93 -66.21
C GLY RA 342 -61.94 78.09 -66.99
N SER RA 343 -62.66 78.67 -67.93
CA SER RA 343 -63.52 77.91 -68.83
C SER RA 343 -62.67 77.03 -69.74
N THR RA 344 -63.14 75.81 -70.00
CA THR RA 344 -62.39 74.84 -70.79
C THR RA 344 -63.26 74.27 -71.90
N ARG RA 345 -62.65 74.05 -73.06
CA ARG RA 345 -63.32 73.57 -74.26
C ARG RA 345 -62.48 72.45 -74.87
N GLY RA 346 -63.13 71.36 -75.25
CA GLY RA 346 -62.44 70.26 -75.89
C GLY RA 346 -63.18 69.70 -77.08
N HIS RA 347 -62.52 69.67 -78.25
CA HIS RA 347 -63.19 69.33 -79.50
C HIS RA 347 -62.32 68.43 -80.36
N LYS RA 348 -62.93 67.39 -80.90
CA LYS RA 348 -62.30 66.54 -81.91
C LYS RA 348 -61.75 67.38 -83.06
N ALA RA 349 -60.51 67.09 -83.44
CA ALA RA 349 -59.83 67.84 -84.50
C ALA RA 349 -58.87 66.91 -85.22
N THR RA 350 -58.47 67.32 -86.42
CA THR RA 350 -57.61 66.50 -87.28
C THR RA 350 -56.66 67.40 -88.04
N VAL RA 351 -55.39 67.00 -88.08
CA VAL RA 351 -54.34 67.69 -88.83
C VAL RA 351 -53.85 66.78 -89.95
N SER RA 352 -53.78 67.33 -91.16
CA SER RA 352 -53.22 66.63 -92.31
C SER RA 352 -51.82 67.19 -92.57
N THR RA 353 -50.80 66.32 -92.45
CA THR RA 353 -49.43 66.76 -92.66
C THR RA 353 -49.09 66.92 -94.14
N GLY RA 354 -49.72 66.16 -95.02
CA GLY RA 354 -49.50 66.36 -96.45
C GLY RA 354 -50.16 67.60 -97.02
N SER RA 355 -51.02 68.26 -96.23
CA SER RA 355 -51.70 69.47 -96.68
C SER RA 355 -50.70 70.60 -96.95
N VAL RA 356 -51.06 71.44 -97.94
CA VAL RA 356 -50.22 72.58 -98.29
C VAL RA 356 -50.20 73.62 -97.16
N HIS RA 357 -51.17 73.57 -96.26
CA HIS RA 357 -51.25 74.48 -95.13
C HIS RA 357 -50.57 73.92 -93.88
N PHE RA 358 -49.94 72.76 -93.99
CA PHE RA 358 -49.09 72.20 -92.93
C PHE RA 358 -47.68 72.74 -93.14
N THR RA 359 -47.38 73.85 -92.49
CA THR RA 359 -46.08 74.52 -92.62
C THR RA 359 -45.51 74.82 -91.24
N PRO RA 360 -45.17 73.79 -90.47
CA PRO RA 360 -44.70 74.05 -89.09
C PRO RA 360 -43.35 74.73 -89.03
N LYS RA 361 -42.49 74.55 -90.04
CA LYS RA 361 -41.22 75.27 -90.08
C LYS RA 361 -41.44 76.77 -90.14
N LEU RA 362 -42.50 77.21 -90.83
CA LEU RA 362 -42.82 78.63 -90.94
C LEU RA 362 -43.70 79.14 -89.80
N GLY RA 363 -44.31 78.25 -89.02
CA GLY RA 363 -45.00 78.68 -87.82
C GLY RA 363 -46.50 78.47 -87.79
N SER RA 364 -47.06 77.80 -88.80
CA SER RA 364 -48.50 77.65 -88.90
C SER RA 364 -48.87 76.22 -89.25
N VAL RA 365 -49.95 75.74 -88.63
CA VAL RA 365 -50.53 74.43 -88.90
C VAL RA 365 -52.04 74.60 -89.00
N GLN RA 366 -52.69 73.71 -89.75
CA GLN RA 366 -54.13 73.81 -89.98
C GLN RA 366 -54.83 72.58 -89.43
N PHE RA 367 -55.87 72.81 -88.63
CA PHE RA 367 -56.72 71.75 -88.08
C PHE RA 367 -58.14 71.89 -88.62
N THR RA 368 -58.76 70.75 -88.94
CA THR RA 368 -60.18 70.70 -89.25
C THR RA 368 -60.91 70.12 -88.06
N THR RA 369 -61.83 70.88 -87.48
CA THR RA 369 -62.42 70.58 -86.19
C THR RA 369 -63.89 70.21 -86.35
N ASP RA 370 -64.54 69.91 -85.21
CA ASP RA 370 -65.95 69.60 -85.17
C ASP RA 370 -66.84 70.78 -84.77
N THR RA 371 -66.30 72.00 -84.76
CA THR RA 371 -67.10 73.19 -84.51
C THR RA 371 -66.56 74.34 -85.34
N ASN RA 372 -67.43 75.32 -85.61
CA ASN RA 372 -67.05 76.56 -86.26
C ASN RA 372 -67.12 77.78 -85.35
N ASN RA 373 -67.54 77.61 -84.09
CA ASN RA 373 -67.75 78.73 -83.20
C ASN RA 373 -67.13 78.60 -81.81
N ASP RA 374 -66.71 77.39 -81.40
CA ASP RA 374 -66.42 77.10 -80.00
C ASP RA 374 -64.93 77.12 -79.66
N LEU RA 375 -64.12 77.88 -80.40
CA LEU RA 375 -62.70 78.05 -80.06
C LEU RA 375 -62.31 79.51 -80.13
N GLU RA 376 -61.94 80.07 -78.98
CA GLU RA 376 -61.62 81.48 -78.87
C GLU RA 376 -60.27 81.78 -79.52
N THR RA 377 -60.03 83.06 -79.79
CA THR RA 377 -58.86 83.45 -80.56
C THR RA 377 -57.60 83.60 -79.70
N GLY RA 378 -57.67 84.37 -78.63
CA GLY RA 378 -56.49 84.72 -77.86
C GLY RA 378 -55.95 83.69 -76.89
N GLN RA 379 -56.60 82.55 -76.72
CA GLN RA 379 -56.21 81.58 -75.71
C GLN RA 379 -55.20 80.56 -76.25
N ASN RA 380 -54.42 80.00 -75.33
CA ASN RA 380 -53.47 78.93 -75.65
C ASN RA 380 -54.21 77.61 -75.85
N THR RA 381 -53.83 76.88 -76.91
CA THR RA 381 -54.52 75.67 -77.30
C THR RA 381 -53.52 74.55 -77.56
N LYS RA 382 -53.88 73.34 -77.13
CA LYS RA 382 -53.02 72.16 -77.23
C LYS RA 382 -53.71 71.08 -78.05
N PHE RA 383 -53.01 70.53 -79.03
CA PHE RA 383 -53.46 69.35 -79.75
C PHE RA 383 -52.87 68.09 -79.12
N THR RA 384 -53.73 67.24 -78.56
CA THR RA 384 -53.31 65.95 -78.02
C THR RA 384 -53.63 64.87 -79.04
N PRO RA 385 -52.65 64.21 -79.64
CA PRO RA 385 -52.96 63.19 -80.66
C PRO RA 385 -53.49 61.90 -80.06
N VAL RA 386 -54.27 61.18 -80.86
CA VAL RA 386 -54.89 59.94 -80.41
C VAL RA 386 -54.62 58.83 -81.43
N GLY RA 387 -54.82 59.14 -82.72
CA GLY RA 387 -54.69 58.11 -83.73
C GLY RA 387 -54.65 58.72 -85.12
N VAL RA 388 -54.62 57.84 -86.12
CA VAL RA 388 -54.53 58.22 -87.51
C VAL RA 388 -55.78 57.71 -88.22
N VAL RA 389 -56.15 58.38 -89.33
CA VAL RA 389 -57.38 58.08 -90.04
C VAL RA 389 -57.11 57.97 -91.53
N GLN RA 390 -58.04 57.34 -92.24
CA GLN RA 390 -57.94 57.10 -93.68
C GLN RA 390 -59.29 57.33 -94.35
N ASP RA 391 -59.26 57.87 -95.56
CA ASP RA 391 -60.47 58.09 -96.33
C ASP RA 391 -60.83 56.80 -97.08
N GLY RA 392 -62.00 56.24 -96.75
CA GLY RA 392 -62.35 54.88 -97.16
C GLY RA 392 -62.51 54.67 -98.66
N ASN RA 393 -62.73 55.75 -99.42
CA ASN RA 393 -62.99 55.61 -100.85
C ASN RA 393 -61.75 55.18 -101.63
N SER RA 394 -60.57 55.65 -101.23
CA SER RA 394 -59.35 55.27 -101.94
C SER RA 394 -58.83 53.93 -101.45
N ALA RA 395 -57.67 53.52 -101.98
CA ALA RA 395 -57.11 52.20 -101.72
C ALA RA 395 -56.86 52.00 -100.23
N HIS RA 396 -57.25 50.83 -99.74
CA HIS RA 396 -57.11 50.51 -98.32
C HIS RA 396 -55.65 50.39 -97.92
N GLN RA 397 -55.33 50.91 -96.73
CA GLN RA 397 -53.97 50.84 -96.14
C GLN RA 397 -52.95 51.65 -96.94
N ASN RA 398 -53.35 52.82 -97.45
CA ASN RA 398 -52.46 53.59 -98.31
C ASN RA 398 -52.21 55.02 -97.86
N GLU RA 399 -52.98 55.54 -96.90
CA GLU RA 399 -52.91 56.97 -96.60
C GLU RA 399 -51.71 57.30 -95.70
N PRO RA 400 -51.52 56.65 -94.52
CA PRO RA 400 -50.35 57.04 -93.71
C PRO RA 400 -49.08 56.38 -94.19
N GLN RA 401 -48.24 57.14 -94.89
CA GLN RA 401 -47.00 56.61 -95.45
C GLN RA 401 -45.85 57.04 -94.54
N GLN RA 402 -45.47 56.14 -93.62
CA GLN RA 402 -44.58 56.53 -92.53
C GLN RA 402 -43.19 56.93 -93.03
N TRP RA 403 -42.78 56.40 -94.18
CA TRP RA 403 -41.44 56.64 -94.69
C TRP RA 403 -41.41 57.76 -95.73
N VAL RA 404 -42.47 58.55 -95.82
CA VAL RA 404 -42.51 59.74 -96.66
C VAL RA 404 -42.55 60.94 -95.73
N LEU RA 405 -41.55 61.80 -95.85
CA LEU RA 405 -41.49 62.93 -94.94
C LEU RA 405 -42.45 64.03 -95.38
N PRO RA 406 -43.14 64.68 -94.45
CA PRO RA 406 -43.86 65.90 -94.79
C PRO RA 406 -42.91 66.99 -95.23
N ASN RA 407 -43.45 68.00 -95.90
CA ASN RA 407 -42.69 69.17 -96.31
C ASN RA 407 -42.87 70.23 -95.23
N TYR RA 408 -41.86 70.37 -94.37
CA TYR RA 408 -42.03 71.12 -93.13
C TYR RA 408 -42.28 72.61 -93.40
N SER RA 409 -41.80 73.13 -94.52
CA SER RA 409 -42.07 74.50 -94.90
C SER RA 409 -43.24 74.62 -95.88
N GLY RA 410 -43.86 73.50 -96.23
CA GLY RA 410 -44.96 73.52 -97.18
C GLY RA 410 -44.46 73.58 -98.62
N ARG RA 411 -45.28 74.18 -99.48
CA ARG RA 411 -44.92 74.31 -100.89
C ARG RA 411 -43.70 75.21 -101.08
N THR RA 412 -43.37 76.06 -100.09
CA THR RA 412 -42.25 76.97 -100.20
C THR RA 412 -40.95 76.22 -99.88
N GLY RA 413 -40.05 76.13 -100.85
CA GLY RA 413 -38.76 75.55 -100.60
C GLY RA 413 -38.82 74.06 -100.31
N HIS RA 414 -37.66 73.55 -99.87
CA HIS RA 414 -37.50 72.13 -99.54
C HIS RA 414 -37.06 72.01 -98.09
N ASN RA 415 -37.19 70.79 -97.56
CA ASN RA 415 -36.79 70.53 -96.18
C ASN RA 415 -35.29 70.71 -96.01
N VAL RA 416 -34.89 71.24 -94.85
CA VAL RA 416 -33.47 71.51 -94.58
C VAL RA 416 -33.09 70.90 -93.24
N HIS RA 417 -31.78 70.75 -93.03
CA HIS RA 417 -31.21 70.28 -91.77
C HIS RA 417 -31.79 68.93 -91.35
N LEU RA 418 -31.93 68.02 -92.31
CA LEU RA 418 -32.52 66.73 -92.04
C LEU RA 418 -31.51 65.79 -91.40
N ALA RA 419 -32.02 64.86 -90.61
CA ALA RA 419 -31.22 63.73 -90.19
C ALA RA 419 -30.94 62.83 -91.40
N PRO RA 420 -29.79 62.17 -91.44
CA PRO RA 420 -29.42 61.40 -92.63
C PRO RA 420 -30.37 60.22 -92.82
N ALA RA 421 -30.42 59.75 -94.06
CA ALA RA 421 -31.15 58.51 -94.31
C ALA RA 421 -30.35 57.32 -93.81
N VAL RA 422 -31.01 56.19 -93.69
CA VAL RA 422 -30.47 55.04 -92.98
C VAL RA 422 -30.74 53.79 -93.80
N ALA RA 423 -29.71 52.97 -94.00
CA ALA RA 423 -29.83 51.75 -94.79
C ALA RA 423 -28.79 50.76 -94.30
N PRO RA 424 -29.05 49.46 -94.41
CA PRO RA 424 -28.02 48.47 -94.13
C PRO RA 424 -26.92 48.51 -95.19
N THR RA 425 -25.67 48.41 -94.74
CA THR RA 425 -24.52 48.50 -95.61
C THR RA 425 -23.74 47.20 -95.74
N PHE RA 426 -24.00 46.23 -94.87
CA PHE RA 426 -23.28 44.96 -94.88
C PHE RA 426 -24.10 43.87 -95.55
N PRO RA 427 -23.46 43.04 -96.36
CA PRO RA 427 -24.19 41.97 -97.06
C PRO RA 427 -24.95 41.06 -96.11
N GLY RA 428 -26.22 40.83 -96.41
CA GLY RA 428 -27.06 39.95 -95.64
C GLY RA 428 -27.81 40.61 -94.50
N GLU RA 429 -27.65 41.92 -94.32
CA GLU RA 429 -28.20 42.62 -93.17
C GLU RA 429 -29.38 43.49 -93.55
N GLN RA 430 -30.34 43.60 -92.64
CA GLN RA 430 -31.50 44.46 -92.79
C GLN RA 430 -31.66 45.32 -91.55
N LEU RA 431 -32.39 46.42 -91.70
CA LEU RA 431 -32.71 47.25 -90.53
C LEU RA 431 -33.54 46.47 -89.52
N LEU RA 432 -33.36 46.81 -88.26
CA LEU RA 432 -34.19 46.30 -87.16
C LEU RA 432 -35.00 47.45 -86.60
N PHE RA 433 -36.33 47.30 -86.67
CA PHE RA 433 -37.25 48.37 -86.30
C PHE RA 433 -37.92 48.00 -84.98
N PHE RA 434 -38.16 49.00 -84.15
CA PHE RA 434 -39.00 48.84 -82.98
C PHE RA 434 -40.41 49.24 -83.40
N ARG RA 435 -41.33 48.29 -83.45
CA ARG RA 435 -42.60 48.48 -84.13
C ARG RA 435 -43.72 48.65 -83.13
N SER RA 436 -44.57 49.65 -83.38
CA SER RA 436 -45.74 49.93 -82.58
C SER RA 436 -46.93 49.98 -83.54
N THR RA 437 -48.13 49.81 -83.00
CA THR RA 437 -49.36 49.90 -83.80
C THR RA 437 -50.14 51.12 -83.36
N MET RA 438 -50.33 52.06 -84.29
CA MET RA 438 -51.05 53.28 -83.98
C MET RA 438 -52.54 53.00 -83.89
N PRO RA 439 -53.25 53.73 -83.04
CA PRO RA 439 -54.71 53.66 -83.04
C PRO RA 439 -55.29 54.19 -84.34
N GLY RA 440 -56.33 53.53 -84.83
CA GLY RA 440 -57.11 54.01 -85.96
C GLY RA 440 -58.47 54.53 -85.49
N CYS RA 441 -58.78 55.76 -85.90
CA CYS RA 441 -60.00 56.41 -85.44
C CYS RA 441 -61.12 56.41 -86.48
N SER RA 442 -60.81 56.18 -87.74
CA SER RA 442 -61.82 56.06 -88.79
C SER RA 442 -61.19 55.46 -90.04
N GLY RA 443 -62.00 54.76 -90.82
CA GLY RA 443 -61.55 54.28 -92.11
C GLY RA 443 -60.69 53.03 -91.99
N TYR RA 444 -59.81 52.85 -92.98
CA TYR RA 444 -58.90 51.71 -93.05
C TYR RA 444 -57.48 52.27 -93.18
N PRO RA 445 -56.84 52.61 -92.05
CA PRO RA 445 -55.53 53.25 -92.13
C PRO RA 445 -54.37 52.29 -91.87
N ASN RA 446 -53.21 52.60 -92.45
CA ASN RA 446 -52.00 51.79 -92.24
C ASN RA 446 -51.48 52.09 -90.84
N MET RA 447 -51.60 51.12 -89.93
CA MET RA 447 -51.41 51.37 -88.51
C MET RA 447 -50.01 51.01 -88.03
N ASN RA 448 -49.12 50.63 -88.94
CA ASN RA 448 -47.76 50.24 -88.56
C ASN RA 448 -46.90 51.49 -88.39
N LEU RA 449 -46.20 51.58 -87.26
CA LEU RA 449 -45.20 52.63 -87.05
C LEU RA 449 -43.90 51.99 -86.58
N ASP RA 450 -42.84 52.21 -87.35
CA ASP RA 450 -41.51 51.69 -87.05
C ASP RA 450 -40.59 52.85 -86.69
N CYS RA 451 -39.93 52.76 -85.54
CA CYS RA 451 -38.91 53.73 -85.18
C CYS RA 451 -37.55 53.05 -85.04
N LEU RA 452 -36.49 53.85 -85.19
CA LEU RA 452 -35.13 53.31 -85.16
C LEU RA 452 -34.64 53.07 -83.74
N LEU RA 453 -35.10 53.87 -82.78
CA LEU RA 453 -34.67 53.82 -81.38
C LEU RA 453 -35.87 54.03 -80.48
N PRO RA 454 -36.00 53.24 -79.41
CA PRO RA 454 -37.01 53.55 -78.39
C PRO RA 454 -36.75 54.91 -77.77
N GLN RA 455 -37.82 55.54 -77.27
CA GLN RA 455 -37.67 56.85 -76.66
C GLN RA 455 -36.82 56.78 -75.40
N GLU RA 456 -36.96 55.68 -74.64
CA GLU RA 456 -36.12 55.51 -73.45
C GLU RA 456 -34.66 55.33 -73.82
N TRP RA 457 -34.37 54.71 -74.97
CA TRP RA 457 -32.99 54.64 -75.44
C TRP RA 457 -32.46 56.03 -75.75
N VAL RA 458 -33.29 56.88 -76.36
CA VAL RA 458 -32.87 58.26 -76.64
C VAL RA 458 -32.57 58.99 -75.34
N LEU RA 459 -33.47 58.89 -74.36
CA LEU RA 459 -33.23 59.49 -73.06
C LEU RA 459 -31.93 59.00 -72.43
N HIS RA 460 -31.71 57.69 -72.47
CA HIS RA 460 -30.52 57.13 -71.84
C HIS RA 460 -29.25 57.63 -72.51
N PHE RA 461 -29.20 57.58 -73.85
CA PHE RA 461 -28.02 58.06 -74.56
C PHE RA 461 -27.79 59.54 -74.27
N TYR RA 462 -28.85 60.33 -74.20
CA TYR RA 462 -28.71 61.76 -73.98
C TYR RA 462 -28.10 62.06 -72.63
N GLN RA 463 -28.56 61.38 -71.57
CA GLN RA 463 -28.12 61.74 -70.23
C GLN RA 463 -26.68 61.30 -69.98
N GLU RA 464 -26.33 60.07 -70.37
CA GLU RA 464 -24.97 59.56 -70.17
C GLU RA 464 -24.25 59.68 -71.51
N ALA RA 465 -23.50 60.77 -71.68
CA ALA RA 465 -22.94 61.10 -72.99
C ALA RA 465 -21.65 60.30 -73.20
N ALA RA 466 -21.83 58.99 -73.27
CA ALA RA 466 -20.69 58.07 -73.35
C ALA RA 466 -20.09 58.10 -74.75
N PRO RA 467 -18.80 58.40 -74.89
CA PRO RA 467 -18.20 58.39 -76.23
C PRO RA 467 -18.15 57.00 -76.82
N ALA RA 468 -18.42 56.92 -78.12
CA ALA RA 468 -18.39 55.64 -78.82
C ALA RA 468 -16.94 55.26 -79.11
N GLN RA 469 -16.53 54.08 -78.66
CA GLN RA 469 -15.17 53.61 -78.88
C GLN RA 469 -14.97 53.01 -80.26
N SER RA 470 -16.05 52.75 -80.99
CA SER RA 470 -15.97 52.32 -82.38
C SER RA 470 -17.33 52.61 -83.00
N ASP RA 471 -17.47 52.31 -84.29
CA ASP RA 471 -18.68 52.74 -84.99
C ASP RA 471 -19.89 51.86 -84.69
N VAL RA 472 -19.71 50.70 -84.08
CA VAL RA 472 -20.82 49.77 -83.87
C VAL RA 472 -20.71 49.17 -82.48
N ALA RA 473 -21.84 49.13 -81.77
CA ALA RA 473 -21.95 48.41 -80.51
C ALA RA 473 -22.67 47.09 -80.77
N LEU RA 474 -22.00 45.98 -80.45
CA LEU RA 474 -22.61 44.66 -80.59
C LEU RA 474 -23.55 44.40 -79.41
N LEU RA 475 -24.81 44.09 -79.72
CA LEU RA 475 -25.78 43.71 -78.71
C LEU RA 475 -26.25 42.28 -78.94
N ARG RA 476 -26.54 41.58 -77.86
CA ARG RA 476 -27.17 40.27 -77.90
C ARG RA 476 -28.49 40.32 -77.14
N PHE RA 477 -29.52 39.71 -77.70
CA PHE RA 477 -30.84 39.66 -77.08
C PHE RA 477 -30.98 38.36 -76.32
N VAL RA 478 -31.26 38.46 -75.02
CA VAL RA 478 -31.16 37.33 -74.11
C VAL RA 478 -32.51 37.10 -73.44
N ASN RA 479 -32.89 35.83 -73.34
CA ASN RA 479 -34.06 35.43 -72.57
C ASN RA 479 -33.59 35.10 -71.16
N PRO RA 480 -33.83 35.95 -70.16
CA PRO RA 480 -33.20 35.74 -68.85
C PRO RA 480 -33.71 34.51 -68.13
N ASP RA 481 -34.91 34.03 -68.46
CA ASP RA 481 -35.41 32.80 -67.85
C ASP RA 481 -34.57 31.60 -68.28
N THR RA 482 -34.33 31.47 -69.59
CA THR RA 482 -33.59 30.34 -70.12
C THR RA 482 -32.09 30.59 -70.24
N GLY RA 483 -31.64 31.83 -70.13
CA GLY RA 483 -30.24 32.16 -70.32
C GLY RA 483 -29.78 32.21 -71.76
N ARG RA 484 -30.65 31.93 -72.72
CA ARG RA 484 -30.25 31.76 -74.11
C ARG RA 484 -30.25 33.07 -74.88
N VAL RA 485 -29.32 33.16 -75.84
CA VAL RA 485 -29.27 34.28 -76.76
C VAL RA 485 -30.23 34.00 -77.92
N LEU RA 486 -31.09 34.97 -78.22
CA LEU RA 486 -32.06 34.78 -79.29
C LEU RA 486 -31.51 35.27 -80.63
N PHE RA 487 -30.92 36.46 -80.64
CA PHE RA 487 -30.27 36.99 -81.82
C PHE RA 487 -29.21 37.99 -81.37
N GLU RA 488 -28.33 38.34 -82.28
CA GLU RA 488 -27.37 39.41 -82.07
C GLU RA 488 -27.57 40.48 -83.13
N CYS RA 489 -27.26 41.72 -82.77
CA CYS RA 489 -27.50 42.85 -83.65
C CYS RA 489 -26.43 43.91 -83.45
N LYS RA 490 -26.36 44.83 -84.41
CA LYS RA 490 -25.40 45.91 -84.42
C LYS RA 490 -26.12 47.24 -84.21
N LEU RA 491 -25.79 47.92 -83.11
CA LEU RA 491 -26.28 49.28 -82.87
C LEU RA 491 -25.19 50.27 -83.31
N HIS RA 492 -25.46 51.00 -84.39
CA HIS RA 492 -24.52 51.94 -84.95
C HIS RA 492 -24.58 53.27 -84.21
N LYS RA 493 -23.44 53.99 -84.17
CA LYS RA 493 -23.43 55.29 -83.48
C LYS RA 493 -24.54 56.19 -84.00
N SER RA 494 -24.81 56.13 -85.31
CA SER RA 494 -25.80 57.00 -85.94
C SER RA 494 -27.20 56.85 -85.37
N GLY RA 495 -27.41 55.89 -84.45
CA GLY RA 495 -28.71 55.67 -83.87
C GLY RA 495 -29.66 54.82 -84.68
N TYR RA 496 -29.21 53.64 -85.09
CA TYR RA 496 -30.10 52.65 -85.70
C TYR RA 496 -29.49 51.27 -85.51
N VAL RA 497 -30.34 50.24 -85.64
CA VAL RA 497 -29.96 48.87 -85.34
C VAL RA 497 -30.08 48.04 -86.62
N THR RA 498 -29.23 47.03 -86.74
CA THR RA 498 -29.22 46.14 -87.89
C THR RA 498 -29.15 44.69 -87.42
N VAL RA 499 -29.72 43.78 -88.22
CA VAL RA 499 -29.68 42.34 -87.93
C VAL RA 499 -29.36 41.60 -89.21
N ALA RA 500 -28.96 40.34 -89.06
CA ALA RA 500 -28.60 39.47 -90.19
C ALA RA 500 -29.82 38.64 -90.55
N HIS RA 501 -30.57 39.09 -91.54
CA HIS RA 501 -31.78 38.42 -91.97
C HIS RA 501 -32.17 38.93 -93.34
N THR RA 502 -32.95 38.13 -94.06
CA THR RA 502 -33.47 38.48 -95.37
C THR RA 502 -34.96 38.20 -95.41
N GLY RA 503 -35.74 39.20 -95.80
CA GLY RA 503 -37.19 39.09 -95.84
C GLY RA 503 -37.86 39.74 -94.65
N PRO RA 504 -39.16 40.03 -94.77
CA PRO RA 504 -39.91 40.56 -93.63
C PRO RA 504 -40.17 39.50 -92.59
N HIS RA 505 -40.15 39.90 -91.32
CA HIS RA 505 -40.34 38.98 -90.20
C HIS RA 505 -40.62 39.72 -88.91
N ASP RA 506 -41.74 39.40 -88.26
CA ASP RA 506 -41.97 39.81 -86.88
C ASP RA 506 -41.27 38.83 -85.95
N LEU RA 507 -40.48 39.37 -85.03
CA LEU RA 507 -39.66 38.51 -84.17
C LEU RA 507 -40.50 37.88 -83.07
N VAL RA 508 -40.16 36.64 -82.73
CA VAL RA 508 -40.82 35.91 -81.65
C VAL RA 508 -39.98 36.16 -80.42
N ILE RA 509 -40.46 37.02 -79.52
CA ILE RA 509 -39.66 37.58 -78.44
C ILE RA 509 -40.31 37.20 -77.12
N PRO RA 510 -39.58 36.60 -76.19
CA PRO RA 510 -40.10 36.38 -74.84
C PRO RA 510 -40.40 37.70 -74.14
N PRO RA 511 -41.49 37.76 -73.38
CA PRO RA 511 -41.87 39.04 -72.75
C PRO RA 511 -40.80 39.62 -71.84
N ASN RA 512 -39.88 38.81 -71.33
CA ASN RA 512 -38.85 39.27 -70.41
C ASN RA 512 -37.52 39.54 -71.09
N GLY RA 513 -37.46 39.50 -72.42
CA GLY RA 513 -36.19 39.62 -73.11
C GLY RA 513 -35.61 41.02 -73.01
N TYR RA 514 -34.28 41.08 -72.95
CA TYR RA 514 -33.57 42.34 -72.83
C TYR RA 514 -32.36 42.36 -73.76
N PHE RA 515 -31.91 43.57 -74.09
CA PHE RA 515 -30.69 43.77 -74.87
C PHE RA 515 -29.49 43.89 -73.94
N ARG RA 516 -28.41 43.21 -74.30
CA ARG RA 516 -27.18 43.23 -73.51
C ARG RA 516 -26.02 43.64 -74.41
N PHE RA 517 -25.28 44.66 -73.98
CA PHE RA 517 -24.11 45.13 -74.72
C PHE RA 517 -22.94 44.21 -74.41
N ASP RA 518 -22.34 43.64 -75.46
CA ASP RA 518 -21.30 42.64 -75.29
C ASP RA 518 -19.91 43.07 -75.75
N SER RA 519 -19.80 43.89 -76.79
CA SER RA 519 -18.50 44.28 -77.29
C SER RA 519 -18.64 45.40 -78.31
N TRP RA 520 -17.63 46.26 -78.38
CA TRP RA 520 -17.50 47.21 -79.49
C TRP RA 520 -16.95 46.47 -80.70
N VAL RA 521 -17.52 46.74 -81.87
CA VAL RA 521 -17.13 46.06 -83.09
C VAL RA 521 -17.04 47.09 -84.22
N ASN RA 522 -16.73 46.60 -85.42
CA ASN RA 522 -16.65 47.44 -86.60
C ASN RA 522 -17.91 47.29 -87.43
N GLN RA 523 -17.98 48.11 -88.49
CA GLN RA 523 -19.05 47.98 -89.47
C GLN RA 523 -18.95 46.67 -90.24
N PHE RA 524 -17.81 45.99 -90.16
CA PHE RA 524 -17.54 44.75 -90.87
C PHE RA 524 -17.87 43.50 -90.07
N TYR RA 525 -18.33 43.64 -88.83
CA TYR RA 525 -18.65 42.48 -88.01
C TYR RA 525 -19.78 41.69 -88.64
N THR RA 526 -19.61 40.37 -88.69
CA THR RA 526 -20.57 39.46 -89.31
C THR RA 526 -21.46 38.86 -88.23
N LEU RA 527 -22.76 39.14 -88.31
CA LEU RA 527 -23.70 38.70 -87.29
C LEU RA 527 -24.15 37.27 -87.57
N ALA RA 528 -24.43 36.55 -86.49
CA ALA RA 528 -24.97 35.20 -86.63
C ALA RA 528 -26.36 35.27 -87.24
N PRO RA 529 -26.69 34.38 -88.17
CA PRO RA 529 -28.02 34.44 -88.80
C PRO RA 529 -29.11 34.18 -87.77
N MET RA 530 -30.09 35.08 -87.73
CA MET RA 530 -31.01 35.18 -86.61
C MET RA 530 -32.39 34.60 -86.88
N GLY RA 531 -32.97 34.85 -88.06
CA GLY RA 531 -34.40 34.73 -88.23
C GLY RA 531 -34.87 33.28 -88.32
N ASN RA 532 -36.15 33.09 -88.01
CA ASN RA 532 -36.81 31.79 -88.09
C ASN RA 532 -36.14 30.76 -87.18
N ASN SA 23 29.88 91.10 -79.45
CA ASN SA 23 30.38 91.04 -80.83
C ASN SA 23 31.51 90.02 -80.94
N ASN SA 24 31.16 88.81 -81.38
CA ASN SA 24 32.15 87.80 -81.69
C ASN SA 24 31.51 86.75 -82.60
N GLU SA 25 32.28 85.71 -82.90
CA GLU SA 25 31.89 84.67 -83.84
C GLU SA 25 31.20 83.48 -83.19
N VAL SA 26 30.91 83.55 -81.89
CA VAL SA 26 30.32 82.42 -81.16
C VAL SA 26 28.94 82.85 -80.65
N MET SA 27 27.91 82.16 -81.12
CA MET SA 27 26.56 82.38 -80.62
C MET SA 27 26.39 81.73 -79.25
N ALA SA 28 25.87 82.49 -78.30
CA ALA SA 28 25.75 82.06 -76.90
C ALA SA 28 24.52 81.18 -76.71
N LEU SA 29 24.64 79.96 -77.21
CA LEU SA 29 23.60 78.95 -77.06
C LEU SA 29 24.18 77.76 -76.31
N GLU SA 30 23.37 77.17 -75.43
CA GLU SA 30 23.77 75.92 -74.81
C GLU SA 30 23.64 74.79 -75.83
N PRO SA 31 24.33 73.68 -75.60
CA PRO SA 31 24.07 72.50 -76.45
C PRO SA 31 22.63 72.05 -76.26
N VAL SA 32 22.04 71.54 -77.34
CA VAL SA 32 20.64 71.14 -77.34
C VAL SA 32 20.55 69.76 -77.95
N VAL SA 33 19.95 68.83 -77.21
CA VAL SA 33 19.92 67.44 -77.64
C VAL SA 33 18.98 67.28 -78.82
N GLY SA 34 19.35 66.41 -79.76
CA GLY SA 34 18.52 66.12 -80.91
C GLY SA 34 17.64 64.93 -80.67
N ALA SA 35 17.71 63.93 -81.56
CA ALA SA 35 16.78 62.81 -81.51
C ALA SA 35 17.18 61.77 -80.46
N ALA SA 36 18.38 61.85 -79.90
CA ALA SA 36 18.79 60.88 -78.89
C ALA SA 36 17.84 60.87 -77.70
N ILE SA 37 17.40 62.06 -77.27
CA ILE SA 37 16.48 62.14 -76.14
C ILE SA 37 15.17 61.42 -76.42
N ALA SA 38 14.82 61.24 -77.69
CA ALA SA 38 13.54 60.64 -78.06
C ALA SA 38 13.61 59.11 -78.09
N ALA SA 39 14.80 58.54 -78.00
CA ALA SA 39 14.94 57.10 -78.23
C ALA SA 39 14.06 56.26 -77.30
N PRO SA 40 13.95 56.55 -76.00
CA PRO SA 40 13.06 55.73 -75.16
C PRO SA 40 11.59 55.85 -75.51
N VAL SA 41 11.17 56.86 -76.25
CA VAL SA 41 9.76 57.03 -76.58
C VAL SA 41 9.47 56.98 -78.07
N ALA SA 42 10.47 56.97 -78.93
CA ALA SA 42 10.20 56.75 -80.35
C ALA SA 42 10.04 55.27 -80.66
N GLY SA 43 9.31 54.98 -81.73
CA GLY SA 43 9.12 53.60 -82.14
C GLY SA 43 10.37 52.92 -82.67
N GLN SA 44 11.26 53.67 -83.32
CA GLN SA 44 12.38 53.07 -84.03
C GLN SA 44 13.52 54.06 -84.15
N GLN SA 45 14.69 53.55 -84.55
CA GLN SA 45 15.89 54.32 -84.79
C GLN SA 45 16.20 54.29 -86.27
N ASN SA 46 16.49 55.46 -86.85
CA ASN SA 46 16.68 55.58 -88.28
C ASN SA 46 18.03 56.19 -88.63
N VAL SA 47 18.36 56.13 -89.91
CA VAL SA 47 19.67 56.57 -90.41
C VAL SA 47 19.44 57.43 -91.65
N ILE SA 48 20.20 58.52 -91.73
CA ILE SA 48 20.18 59.44 -92.87
C ILE SA 48 21.48 59.24 -93.63
N ASP SA 49 21.38 59.29 -94.97
CA ASP SA 49 22.56 59.14 -95.83
C ASP SA 49 23.66 60.10 -95.39
N PRO SA 50 24.83 59.61 -95.01
CA PRO SA 50 25.87 60.51 -94.45
C PRO SA 50 26.32 61.62 -95.38
N TRP SA 51 26.21 61.46 -96.70
CA TRP SA 51 26.56 62.56 -97.59
C TRP SA 51 25.71 63.80 -97.30
N ILE SA 52 24.41 63.59 -97.05
CA ILE SA 52 23.52 64.70 -96.70
C ILE SA 52 23.99 65.39 -95.43
N ARG SA 53 24.56 64.64 -94.50
CA ARG SA 53 25.05 65.23 -93.24
C ARG SA 53 26.33 66.03 -93.44
N ASN SA 54 27.14 65.70 -94.44
CA ASN SA 54 28.45 66.29 -94.58
C ASN SA 54 28.54 67.39 -95.63
N ASN SA 55 27.42 67.77 -96.25
CA ASN SA 55 27.49 68.69 -97.38
C ASN SA 55 26.42 69.77 -97.24
N PHE SA 56 26.86 71.02 -97.24
CA PHE SA 56 25.96 72.15 -97.15
C PHE SA 56 25.15 72.31 -98.44
N VAL SA 57 23.88 72.64 -98.29
CA VAL SA 57 22.95 72.75 -99.40
C VAL SA 57 22.15 74.04 -99.20
N GLN SA 58 21.91 74.76 -100.29
CA GLN SA 58 21.26 76.06 -100.20
C GLN SA 58 19.77 75.92 -99.92
N ALA SA 59 19.28 76.67 -98.94
CA ALA SA 59 17.85 76.77 -98.75
C ALA SA 59 17.24 77.40 -99.99
N PRO SA 60 16.01 77.05 -100.35
CA PRO SA 60 15.38 77.69 -101.51
C PRO SA 60 15.20 79.20 -101.36
N GLY SA 61 14.97 79.68 -100.14
CA GLY SA 61 14.91 81.11 -99.90
C GLY SA 61 16.19 81.69 -99.34
N GLY SA 62 17.32 81.01 -99.56
CA GLY SA 62 18.55 81.36 -98.88
C GLY SA 62 19.39 82.41 -99.58
N GLU SA 63 18.75 83.44 -100.12
CA GLU SA 63 19.45 84.55 -100.72
C GLU SA 63 18.95 85.86 -100.10
N PHE SA 64 19.88 86.79 -99.88
CA PHE SA 64 19.51 88.16 -99.54
C PHE SA 64 20.67 89.07 -99.92
N THR SA 65 20.40 90.37 -99.93
CA THR SA 65 21.35 91.36 -100.42
C THR SA 65 21.46 92.51 -99.44
N VAL SA 66 22.68 92.97 -99.21
CA VAL SA 66 22.96 94.18 -98.47
C VAL SA 66 23.21 95.31 -99.46
N SER SA 67 22.41 96.35 -99.38
CA SER SA 67 22.48 97.51 -100.24
C SER SA 67 22.65 98.78 -99.42
N PRO SA 68 23.14 99.87 -100.02
CA PRO SA 68 23.28 101.12 -99.26
C PRO SA 68 21.95 101.73 -98.85
N ARG SA 69 20.85 101.32 -99.48
CA ARG SA 69 19.53 101.76 -99.05
C ARG SA 69 19.12 101.20 -97.70
N ASN SA 70 19.75 100.11 -97.25
CA ASN SA 70 19.31 99.45 -96.03
C ASN SA 70 19.73 100.25 -94.81
N ALA SA 71 18.87 100.20 -93.79
CA ALA SA 71 19.04 100.90 -92.53
C ALA SA 71 19.02 99.91 -91.36
N PRO SA 72 19.61 100.28 -90.22
CA PRO SA 72 19.57 99.41 -89.05
C PRO SA 72 18.15 99.00 -88.66
N GLY SA 73 17.98 97.73 -88.31
CA GLY SA 73 16.69 97.19 -87.94
C GLY SA 73 15.99 96.40 -89.03
N GLU SA 74 16.37 96.60 -90.29
CA GLU SA 74 15.71 95.92 -91.39
C GLU SA 74 16.07 94.44 -91.38
N ILE SA 75 15.04 93.59 -91.37
CA ILE SA 75 15.23 92.15 -91.41
C ILE SA 75 15.53 91.75 -92.85
N LEU SA 76 16.80 91.42 -93.14
CA LEU SA 76 17.16 91.06 -94.50
C LEU SA 76 16.77 89.63 -94.86
N TRP SA 77 16.64 88.73 -93.88
CA TRP SA 77 16.37 87.34 -94.16
C TRP SA 77 15.97 86.63 -92.87
N SER SA 78 15.08 85.64 -93.01
CA SER SA 78 14.67 84.86 -91.85
C SER SA 78 14.21 83.50 -92.32
N ALA SA 79 14.29 82.51 -91.41
CA ALA SA 79 13.83 81.15 -91.68
C ALA SA 79 13.62 80.42 -90.38
N PRO SA 80 12.61 79.56 -90.28
CA PRO SA 80 12.49 78.69 -89.11
C PRO SA 80 13.17 77.36 -89.34
N LEU SA 81 13.70 76.79 -88.25
CA LEU SA 81 14.35 75.50 -88.34
C LEU SA 81 13.34 74.45 -88.79
N GLY SA 82 13.75 73.61 -89.72
CA GLY SA 82 12.89 72.57 -90.23
C GLY SA 82 13.40 71.97 -91.52
N PRO SA 83 12.82 70.84 -91.92
CA PRO SA 83 13.31 70.15 -93.13
C PRO SA 83 13.18 70.98 -94.40
N ASP SA 84 12.30 71.96 -94.47
CA ASP SA 84 12.16 72.73 -95.71
C ASP SA 84 13.38 73.58 -96.03
N LEU SA 85 14.34 73.71 -95.12
CA LEU SA 85 15.56 74.43 -95.43
C LEU SA 85 16.50 73.61 -96.30
N ASN SA 86 16.21 72.32 -96.48
CA ASN SA 86 17.14 71.37 -97.07
C ASN SA 86 16.35 70.43 -97.98
N PRO SA 87 16.43 70.59 -99.30
CA PRO SA 87 15.57 69.81 -100.20
C PRO SA 87 15.73 68.31 -100.03
N TYR SA 88 16.92 67.85 -99.63
CA TYR SA 88 17.10 66.43 -99.36
C TYR SA 88 16.26 65.98 -98.17
N LEU SA 89 16.36 66.70 -97.04
CA LEU SA 89 15.55 66.35 -95.89
C LEU SA 89 14.07 66.56 -96.16
N SER SA 90 13.73 67.58 -96.95
CA SER SA 90 12.33 67.81 -97.32
C SER SA 90 11.74 66.60 -98.02
N HIS SA 91 12.50 65.98 -98.91
CA HIS SA 91 12.04 64.77 -99.58
C HIS SA 91 11.98 63.59 -98.61
N LEU SA 92 13.00 63.46 -97.76
CA LEU SA 92 13.00 62.38 -96.78
C LEU SA 92 11.79 62.48 -95.85
N ALA SA 93 11.40 63.69 -95.48
CA ALA SA 93 10.31 63.86 -94.53
C ALA SA 93 8.99 63.30 -95.05
N ARG SA 94 8.82 63.20 -96.36
CA ARG SA 94 7.63 62.61 -96.94
C ARG SA 94 7.46 61.13 -96.63
N MET SA 95 8.46 60.47 -96.05
CA MET SA 95 8.36 59.07 -95.69
C MET SA 95 8.64 58.82 -94.20
N TYR SA 96 8.72 59.88 -93.41
CA TYR SA 96 8.93 59.77 -91.97
C TYR SA 96 7.84 60.51 -91.22
N ASN SA 97 7.64 60.11 -89.97
CA ASN SA 97 6.56 60.64 -89.14
C ASN SA 97 6.99 61.85 -88.32
N GLY SA 98 8.27 61.95 -87.99
CA GLY SA 98 8.74 63.06 -87.20
C GLY SA 98 10.23 63.27 -87.33
N TYR SA 99 10.74 64.20 -86.53
CA TYR SA 99 12.14 64.59 -86.59
C TYR SA 99 12.50 65.27 -85.28
N ALA SA 100 13.79 65.43 -85.05
CA ALA SA 100 14.29 66.19 -83.91
C ALA SA 100 15.76 66.49 -84.15
N GLY SA 101 16.19 67.65 -83.68
CA GLY SA 101 17.57 68.05 -83.81
C GLY SA 101 17.73 69.28 -84.67
N GLY SA 102 18.98 69.76 -84.72
CA GLY SA 102 19.31 71.05 -85.28
C GLY SA 102 20.14 70.94 -86.55
N PHE SA 103 20.48 72.10 -87.08
CA PHE SA 103 21.24 72.23 -88.32
C PHE SA 103 22.53 73.01 -88.06
N GLU SA 104 23.46 72.87 -88.99
CA GLU SA 104 24.57 73.80 -89.11
C GLU SA 104 24.29 74.68 -90.32
N VAL SA 105 24.35 75.99 -90.12
CA VAL SA 105 24.09 76.97 -91.16
C VAL SA 105 25.40 77.57 -91.63
N GLN SA 106 25.58 77.66 -92.94
CA GLN SA 106 26.74 78.29 -93.55
C GLN SA 106 26.24 79.48 -94.36
N VAL SA 107 26.72 80.67 -94.04
CA VAL SA 107 26.30 81.88 -94.73
C VAL SA 107 27.52 82.53 -95.37
N ILE SA 108 27.37 82.91 -96.63
CA ILE SA 108 28.47 83.38 -97.48
C ILE SA 108 28.24 84.84 -97.81
N LEU SA 109 29.27 85.65 -97.63
CA LEU SA 109 29.20 87.09 -97.83
C LEU SA 109 30.13 87.45 -98.98
N ALA SA 110 29.60 88.11 -100.00
CA ALA SA 110 30.38 88.46 -101.19
C ALA SA 110 30.77 89.94 -101.14
N GLY SA 111 31.69 90.24 -100.24
CA GLY SA 111 32.30 91.54 -100.11
C GLY SA 111 33.71 91.58 -100.65
N ASN SA 112 34.39 92.69 -100.37
CA ASN SA 112 35.81 92.84 -100.62
C ASN SA 112 36.38 93.81 -99.60
N ALA SA 113 37.69 94.00 -99.64
CA ALA SA 113 38.39 94.71 -98.57
C ALA SA 113 38.03 96.18 -98.48
N PHE SA 114 37.41 96.74 -99.52
CA PHE SA 114 37.12 98.16 -99.57
C PHE SA 114 35.72 98.53 -99.08
N THR SA 115 35.05 97.63 -98.36
CA THR SA 115 33.70 97.84 -97.88
C THR SA 115 33.68 97.99 -96.36
N ALA SA 116 32.55 98.46 -95.83
CA ALA SA 116 32.34 98.50 -94.40
C ALA SA 116 30.87 98.24 -94.09
N GLY SA 117 30.61 97.67 -92.93
CA GLY SA 117 29.25 97.41 -92.47
C GLY SA 117 29.17 96.10 -91.70
N LYS SA 118 28.14 96.01 -90.85
CA LYS SA 118 27.95 94.86 -89.98
C LYS SA 118 26.56 94.26 -90.16
N ILE SA 119 26.48 92.93 -90.13
CA ILE SA 119 25.23 92.20 -90.13
C ILE SA 119 25.14 91.42 -88.81
N ILE SA 120 23.97 91.43 -88.20
CA ILE SA 120 23.72 90.59 -87.03
C ILE SA 120 22.90 89.37 -87.44
N PHE SA 121 23.37 88.20 -87.02
CA PHE SA 121 22.61 86.96 -87.08
C PHE SA 121 22.18 86.63 -85.66
N ALA SA 122 20.92 86.26 -85.48
CA ALA SA 122 20.39 86.07 -84.14
C ALA SA 122 19.45 84.87 -84.10
N ALA SA 123 19.50 84.14 -82.99
CA ALA SA 123 18.62 83.00 -82.75
C ALA SA 123 17.42 83.47 -81.94
N VAL SA 124 16.24 83.38 -82.54
CA VAL SA 124 15.00 83.80 -81.90
C VAL SA 124 14.24 82.56 -81.46
N PRO SA 125 13.81 82.47 -80.20
CA PRO SA 125 13.28 81.22 -79.68
C PRO SA 125 11.91 80.92 -80.27
N PRO SA 126 11.37 79.71 -80.06
CA PRO SA 126 10.20 79.27 -80.84
C PRO SA 126 8.99 80.20 -80.87
N ASN SA 127 8.39 80.52 -79.73
CA ASN SA 127 7.18 81.33 -79.75
C ASN SA 127 7.44 82.82 -79.56
N PHE SA 128 8.63 83.30 -79.90
CA PHE SA 128 8.74 84.74 -79.77
C PHE SA 128 8.50 85.43 -81.10
N PRO SA 129 7.73 86.53 -81.08
CA PRO SA 129 7.44 87.28 -82.31
C PRO SA 129 8.64 88.07 -82.78
N THR SA 130 8.96 87.94 -84.08
CA THR SA 130 10.01 88.71 -84.72
C THR SA 130 9.56 90.11 -85.14
N GLU SA 131 8.25 90.36 -85.15
CA GLU SA 131 7.69 91.52 -85.82
C GLU SA 131 7.86 92.76 -84.97
N GLY SA 132 8.57 93.76 -85.49
CA GLY SA 132 8.70 95.04 -84.85
C GLY SA 132 9.99 95.27 -84.08
N LEU SA 133 10.94 94.34 -84.16
CA LEU SA 133 12.14 94.41 -83.33
C LEU SA 133 13.00 95.60 -83.75
N SER SA 134 13.54 96.31 -82.75
CA SER SA 134 14.56 97.31 -83.00
C SER SA 134 15.94 96.66 -82.98
N PRO SA 135 16.96 97.32 -83.56
CA PRO SA 135 18.29 96.69 -83.57
C PRO SA 135 18.86 96.41 -82.19
N SER SA 136 18.74 97.37 -81.27
CA SER SA 136 19.12 97.12 -79.88
C SER SA 136 18.53 95.82 -79.37
N GLN SA 137 17.23 95.62 -79.57
CA GLN SA 137 16.56 94.46 -79.00
C GLN SA 137 17.06 93.16 -79.61
N VAL SA 138 17.33 93.15 -80.92
CA VAL SA 138 17.82 91.93 -81.56
C VAL SA 138 19.14 91.49 -80.96
N THR SA 139 19.96 92.45 -80.52
CA THR SA 139 21.21 92.15 -79.83
C THR SA 139 20.98 91.34 -78.56
N MET SA 140 19.76 91.33 -78.02
CA MET SA 140 19.49 90.66 -76.76
C MET SA 140 19.20 89.17 -76.91
N PHE SA 141 19.05 88.67 -78.13
CA PHE SA 141 19.00 87.24 -78.37
C PHE SA 141 20.44 86.73 -78.47
N PRO SA 142 20.64 85.41 -78.41
CA PRO SA 142 21.94 84.88 -78.82
C PRO SA 142 22.24 85.36 -80.23
N HIS SA 143 23.43 85.93 -80.43
CA HIS SA 143 23.67 86.60 -81.69
C HIS SA 143 25.14 86.54 -82.08
N ILE SA 144 25.38 86.87 -83.35
CA ILE SA 144 26.70 86.98 -83.94
C ILE SA 144 26.72 88.25 -84.77
N ILE SA 145 27.81 89.01 -84.67
CA ILE SA 145 27.98 90.23 -85.45
C ILE SA 145 29.08 89.98 -86.48
N VAL SA 146 28.71 90.07 -87.75
CA VAL SA 146 29.59 89.68 -88.85
C VAL SA 146 29.89 90.92 -89.69
N ASP SA 147 31.16 91.11 -90.01
CA ASP SA 147 31.56 92.25 -90.83
C ASP SA 147 31.38 91.92 -92.29
N VAL SA 148 30.91 92.90 -93.05
CA VAL SA 148 30.64 92.70 -94.48
C VAL SA 148 31.90 92.30 -95.23
N ARG SA 149 33.07 92.55 -94.65
CA ARG SA 149 34.33 92.21 -95.29
C ARG SA 149 34.75 90.76 -95.06
N GLN SA 150 34.00 89.97 -94.30
CA GLN SA 150 34.41 88.61 -93.97
C GLN SA 150 34.42 87.71 -95.21
N LEU SA 151 35.51 86.95 -95.37
CA LEU SA 151 35.69 86.04 -96.50
C LEU SA 151 35.32 84.61 -96.19
N GLU SA 152 35.81 84.06 -95.10
CA GLU SA 152 35.45 82.70 -94.73
C GLU SA 152 33.97 82.66 -94.38
N PRO SA 153 33.25 81.62 -94.79
CA PRO SA 153 31.82 81.57 -94.47
C PRO SA 153 31.61 81.52 -92.97
N VAL SA 154 30.48 82.05 -92.54
CA VAL SA 154 30.12 82.07 -91.14
C VAL SA 154 29.36 80.77 -90.83
N LEU SA 155 29.74 80.11 -89.75
CA LEU SA 155 29.11 78.87 -89.33
C LEU SA 155 28.26 79.16 -88.09
N ILE SA 156 26.97 78.91 -88.20
CA ILE SA 156 26.02 79.18 -87.13
C ILE SA 156 25.36 77.87 -86.75
N PRO SA 157 25.44 77.44 -85.49
CA PRO SA 157 24.62 76.31 -85.03
C PRO SA 157 23.21 76.78 -84.73
N LEU SA 158 22.23 76.04 -85.26
CA LEU SA 158 20.82 76.36 -85.09
C LEU SA 158 20.20 75.19 -84.35
N PRO SA 159 20.13 75.26 -83.03
CA PRO SA 159 19.65 74.12 -82.24
C PRO SA 159 18.14 74.06 -82.15
N ASP SA 160 17.63 72.83 -81.97
CA ASP SA 160 16.20 72.55 -81.97
C ASP SA 160 15.64 72.74 -80.55
N VAL SA 161 15.69 73.99 -80.09
CA VAL SA 161 15.05 74.34 -78.83
C VAL SA 161 13.58 74.01 -78.90
N ARG SA 162 13.07 73.34 -77.87
CA ARG SA 162 11.70 72.82 -77.87
C ARG SA 162 11.37 72.38 -76.46
N ASN SA 163 10.09 72.08 -76.23
CA ASN SA 163 9.65 71.57 -74.95
C ASN SA 163 8.99 70.20 -75.05
N ASN SA 164 9.24 69.48 -76.14
CA ASN SA 164 8.78 68.10 -76.30
C ASN SA 164 9.97 67.23 -76.72
N PHE SA 165 9.75 65.92 -76.77
CA PHE SA 165 10.85 65.02 -77.10
C PHE SA 165 11.26 65.15 -78.56
N TYR SA 166 10.29 65.30 -79.45
CA TYR SA 166 10.54 65.43 -80.88
C TYR SA 166 9.31 66.04 -81.53
N HIS SA 167 9.40 66.30 -82.83
CA HIS SA 167 8.34 66.96 -83.59
C HIS SA 167 7.67 65.95 -84.51
N TYR SA 168 6.36 66.09 -84.67
CA TYR SA 168 5.62 65.35 -85.69
C TYR SA 168 5.46 66.22 -86.93
N ASN SA 169 5.54 65.60 -88.11
CA ASN SA 169 5.35 66.34 -89.35
C ASN SA 169 3.97 66.98 -89.41
N GLN SA 170 2.95 66.27 -88.94
CA GLN SA 170 1.57 66.73 -89.06
C GLN SA 170 1.17 67.78 -88.02
N SER SA 171 2.05 68.13 -87.08
CA SER SA 171 1.65 69.04 -86.01
C SER SA 171 2.17 70.46 -86.19
N ASN SA 172 3.19 70.66 -87.03
CA ASN SA 172 3.72 71.99 -87.35
C ASN SA 172 4.01 72.81 -86.09
N ASP SA 173 4.82 72.22 -85.20
CA ASP SA 173 5.27 72.93 -84.00
C ASP SA 173 6.06 74.18 -84.39
N PRO SA 174 6.11 75.18 -83.52
CA PRO SA 174 7.00 76.32 -83.77
C PRO SA 174 8.42 75.92 -83.44
N THR SA 175 9.37 76.53 -84.15
CA THR SA 175 10.77 76.21 -83.99
C THR SA 175 11.59 77.49 -83.83
N ILE SA 176 12.87 77.28 -83.50
CA ILE SA 176 13.82 78.38 -83.47
C ILE SA 176 13.90 79.03 -84.86
N LYS SA 177 14.15 80.33 -84.88
CA LYS SA 177 14.28 81.10 -86.11
C LYS SA 177 15.65 81.76 -86.18
N LEU SA 178 16.26 81.72 -87.36
CA LEU SA 178 17.40 82.58 -87.66
C LEU SA 178 16.95 83.90 -88.25
N ILE SA 179 17.58 84.96 -87.77
CA ILE SA 179 17.27 86.33 -88.14
C ILE SA 179 18.55 86.95 -88.67
N ALA SA 180 18.48 87.62 -89.81
CA ALA SA 180 19.60 88.40 -90.33
C ALA SA 180 19.12 89.83 -90.48
N MET SA 181 19.77 90.74 -89.77
CA MET SA 181 19.37 92.13 -89.73
C MET SA 181 20.58 93.00 -90.02
N LEU SA 182 20.34 94.14 -90.69
CA LEU SA 182 21.41 95.08 -90.95
C LEU SA 182 21.77 95.84 -89.68
N TYR SA 183 23.00 95.67 -89.21
CA TYR SA 183 23.43 96.32 -87.98
C TYR SA 183 24.13 97.64 -88.25
N THR SA 184 24.97 97.68 -89.27
CA THR SA 184 25.64 98.89 -89.69
C THR SA 184 25.44 99.04 -91.19
N PRO SA 185 25.07 100.23 -91.67
CA PRO SA 185 24.83 100.42 -93.10
C PRO SA 185 26.09 100.16 -93.92
N LEU SA 186 25.88 99.80 -95.19
CA LEU SA 186 26.97 99.50 -96.10
C LEU SA 186 27.63 100.80 -96.54
N ARG SA 187 28.94 100.89 -96.33
CA ARG SA 187 29.73 102.05 -96.73
C ARG SA 187 30.73 101.61 -97.78
N ALA SA 188 30.47 101.97 -99.04
CA ALA SA 188 31.35 101.57 -100.12
C ALA SA 188 31.17 102.53 -101.29
N ASN SA 189 32.20 102.59 -102.13
CA ASN SA 189 32.09 103.24 -103.42
C ASN SA 189 31.17 102.44 -104.35
N ASN SA 190 30.71 103.10 -105.40
CA ASN SA 190 30.03 102.44 -106.49
C ASN SA 190 30.99 102.40 -107.68
N ALA SA 191 30.49 102.09 -108.87
CA ALA SA 191 31.34 102.04 -110.04
C ALA SA 191 30.52 102.41 -111.27
N GLY SA 192 30.62 103.67 -111.69
CA GLY SA 192 29.71 104.17 -112.72
C GLY SA 192 28.30 104.25 -112.18
N ASP SA 193 27.35 103.72 -112.95
CA ASP SA 193 25.96 103.65 -112.54
C ASP SA 193 25.62 102.33 -111.84
N ASP SA 194 26.59 101.44 -111.68
CA ASP SA 194 26.41 100.20 -110.93
C ASP SA 194 26.62 100.49 -109.44
N VAL SA 195 25.58 100.29 -108.65
CA VAL SA 195 25.69 100.46 -107.20
C VAL SA 195 26.25 99.18 -106.59
N PHE SA 196 27.21 99.32 -105.69
CA PHE SA 196 27.83 98.16 -105.07
C PHE SA 196 26.89 97.55 -104.04
N THR SA 197 26.71 96.24 -104.12
CA THR SA 197 25.89 95.49 -103.17
C THR SA 197 26.65 94.24 -102.75
N VAL SA 198 26.40 93.80 -101.52
CA VAL SA 198 26.93 92.54 -101.03
C VAL SA 198 25.83 91.50 -101.09
N SER SA 199 25.97 90.53 -102.00
CA SER SA 199 25.04 89.42 -102.08
C SER SA 199 25.41 88.37 -101.05
N CYS SA 200 24.40 87.79 -100.42
CA CYS SA 200 24.60 86.79 -99.38
C CYS SA 200 23.79 85.54 -99.69
N ARG SA 201 24.37 84.39 -99.33
CA ARG SA 201 23.73 83.10 -99.52
C ARG SA 201 23.76 82.32 -98.22
N VAL SA 202 22.68 81.57 -97.97
CA VAL SA 202 22.52 80.77 -96.77
C VAL SA 202 22.51 79.31 -97.18
N LEU SA 203 23.44 78.54 -96.62
CA LEU SA 203 23.56 77.11 -96.87
C LEU SA 203 23.30 76.39 -95.55
N THR SA 204 22.88 75.12 -95.65
CA THR SA 204 22.53 74.41 -94.44
C THR SA 204 22.91 72.93 -94.60
N ARG SA 205 23.01 72.25 -93.45
CA ARG SA 205 23.16 70.80 -93.42
C ARG SA 205 22.80 70.31 -92.03
N PRO SA 206 22.27 69.09 -91.90
CA PRO SA 206 21.81 68.64 -90.58
C PRO SA 206 22.98 68.42 -89.63
N SER SA 207 22.79 68.83 -88.38
CA SER SA 207 23.73 68.55 -87.31
C SER SA 207 23.82 67.04 -87.08
N PRO SA 208 24.85 66.57 -86.35
CA PRO SA 208 24.90 65.15 -86.02
C PRO SA 208 23.75 64.66 -85.17
N ASP SA 209 23.11 65.53 -84.38
CA ASP SA 209 22.02 65.10 -83.52
C ASP SA 209 20.66 65.12 -84.20
N PHE SA 210 20.57 65.62 -85.43
CA PHE SA 210 19.30 65.58 -86.16
C PHE SA 210 19.02 64.17 -86.67
N ASP SA 211 17.75 63.78 -86.63
CA ASP SA 211 17.36 62.49 -87.18
C ASP SA 211 15.85 62.47 -87.36
N PHE SA 212 15.40 61.62 -88.28
CA PHE SA 212 13.98 61.34 -88.47
C PHE SA 212 13.55 60.24 -87.50
N ILE SA 213 12.23 60.05 -87.34
CA ILE SA 213 11.73 59.20 -86.26
C ILE SA 213 11.10 57.90 -86.77
N PHE SA 214 10.01 57.98 -87.53
CA PHE SA 214 9.26 56.75 -87.84
C PHE SA 214 9.02 56.58 -89.33
N LEU SA 215 9.50 55.47 -89.91
CA LEU SA 215 9.20 55.18 -91.30
C LEU SA 215 7.71 54.98 -91.50
N VAL SA 216 7.15 55.64 -92.50
CA VAL SA 216 5.72 55.59 -92.79
C VAL SA 216 5.53 55.62 -94.30
N PRO SA 217 4.37 55.18 -94.78
CA PRO SA 217 4.14 55.13 -96.23
C PRO SA 217 4.40 56.49 -96.87
N PRO SA 218 5.19 56.51 -97.94
CA PRO SA 218 5.64 57.79 -98.50
C PRO SA 218 4.51 58.59 -99.14
N THR SA 219 4.57 59.90 -98.94
CA THR SA 219 3.69 60.91 -99.52
C THR SA 219 2.22 60.74 -99.14
N VAL SA 220 1.92 60.10 -98.01
CA VAL SA 220 0.56 60.06 -97.49
C VAL SA 220 0.26 61.29 -96.64
N GLU SA 221 1.16 61.59 -95.70
CA GLU SA 221 0.94 62.66 -94.73
C GLU SA 221 0.82 64.01 -95.43
N SER SA 222 -0.28 64.71 -95.17
CA SER SA 222 -0.65 65.89 -95.94
C SER SA 222 0.38 67.02 -95.81
N ARG SA 223 0.86 67.28 -94.58
CA ARG SA 223 1.71 68.46 -94.39
C ARG SA 223 3.12 68.31 -94.98
N THR SA 224 3.43 67.25 -95.72
CA THR SA 224 4.72 67.12 -96.39
C THR SA 224 4.61 67.29 -97.90
N LYS SA 225 3.43 67.55 -98.44
CA LYS SA 225 3.28 67.76 -99.86
C LYS SA 225 3.95 69.06 -100.27
N PRO SA 226 4.79 69.05 -101.31
CA PRO SA 226 5.41 70.30 -101.76
C PRO SA 226 4.48 71.09 -102.66
N PHE SA 227 4.64 72.40 -102.62
CA PHE SA 227 3.81 73.27 -103.44
C PHE SA 227 4.35 73.32 -104.86
N THR SA 228 3.43 73.33 -105.83
CA THR SA 228 3.80 73.44 -107.24
C THR SA 228 2.77 74.28 -107.97
N VAL SA 229 3.16 74.71 -109.17
CA VAL SA 229 2.36 75.57 -110.02
C VAL SA 229 2.31 74.94 -111.41
N PRO SA 230 1.14 74.85 -112.04
CA PRO SA 230 1.03 74.09 -113.29
C PRO SA 230 1.98 74.59 -114.34
N ILE SA 231 2.53 73.66 -115.13
CA ILE SA 231 3.43 74.00 -116.22
C ILE SA 231 2.69 74.53 -117.44
N LEU SA 232 1.37 74.58 -117.39
CA LEU SA 232 0.58 75.04 -118.52
C LEU SA 232 0.93 76.48 -118.88
N THR SA 233 0.76 76.80 -120.16
CA THR SA 233 0.94 78.14 -120.69
C THR SA 233 -0.39 78.89 -120.66
N VAL SA 234 -0.30 80.22 -120.64
CA VAL SA 234 -1.49 81.08 -120.63
C VAL SA 234 -2.44 80.68 -121.73
N GLU SA 235 -1.91 80.42 -122.94
CA GLU SA 235 -2.74 79.97 -124.05
C GLU SA 235 -3.47 78.69 -123.68
N GLU SA 236 -2.77 77.77 -123.02
CA GLU SA 236 -3.32 76.47 -122.68
C GLU SA 236 -4.28 76.50 -121.50
N MET SA 237 -4.39 77.63 -120.81
CA MET SA 237 -5.27 77.72 -119.65
C MET SA 237 -6.55 78.47 -119.99
N THR SA 238 -7.37 78.69 -118.97
CA THR SA 238 -8.75 79.11 -119.14
C THR SA 238 -9.09 80.13 -118.07
N ASN SA 239 -9.92 81.12 -118.44
CA ASN SA 239 -10.36 82.11 -117.46
C ASN SA 239 -11.30 81.49 -116.43
N SER SA 240 -11.22 82.00 -115.21
CA SER SA 240 -11.97 81.45 -114.10
C SER SA 240 -13.27 82.19 -113.81
N ARG SA 241 -13.55 83.27 -114.55
CA ARG SA 241 -14.75 84.07 -114.31
C ARG SA 241 -15.77 83.95 -115.43
N PHE SA 242 -15.42 83.33 -116.56
CA PHE SA 242 -16.35 83.11 -117.66
C PHE SA 242 -15.80 82.00 -118.52
N PRO SA 243 -16.64 81.09 -119.03
CA PRO SA 243 -16.12 79.91 -119.73
C PRO SA 243 -15.45 80.23 -121.06
N ILE SA 244 -14.34 80.94 -121.01
CA ILE SA 244 -13.61 81.37 -122.20
C ILE SA 244 -12.12 81.20 -121.96
N PRO SA 245 -11.33 81.07 -123.03
CA PRO SA 245 -9.88 80.92 -122.87
C PRO SA 245 -9.25 82.20 -122.33
N LEU SA 246 -7.98 82.10 -121.96
CA LEU SA 246 -7.15 83.23 -121.57
C LEU SA 246 -6.39 83.79 -122.77
N GLU SA 247 -5.98 85.05 -122.66
CA GLU SA 247 -5.33 85.73 -123.77
C GLU SA 247 -3.96 86.31 -123.38
N LYS SA 248 -3.90 87.18 -122.37
CA LYS SA 248 -2.65 87.83 -122.02
C LYS SA 248 -2.62 88.15 -120.54
N LEU SA 249 -1.44 88.56 -120.06
CA LEU SA 249 -1.23 89.01 -118.70
C LEU SA 249 -1.26 90.53 -118.63
N PHE SA 250 -2.06 91.07 -117.70
CA PHE SA 250 -2.27 92.50 -117.59
C PHE SA 250 -2.02 92.93 -116.14
N THR SA 251 -1.15 93.92 -115.95
CA THR SA 251 -0.92 94.54 -114.65
C THR SA 251 -1.33 96.01 -114.72
N GLY SA 252 -1.96 96.49 -113.64
CA GLY SA 252 -2.38 97.87 -113.58
C GLY SA 252 -2.67 98.35 -112.17
N PRO SA 253 -2.74 99.68 -112.00
CA PRO SA 253 -3.12 100.24 -110.70
C PRO SA 253 -4.60 100.02 -110.43
N SER SA 254 -4.93 99.80 -109.14
CA SER SA 254 -6.27 99.41 -108.74
C SER SA 254 -6.83 100.26 -107.62
N GLY SA 255 -6.30 101.48 -107.43
CA GLY SA 255 -6.77 102.31 -106.33
C GLY SA 255 -8.16 102.88 -106.55
N ALA SA 256 -8.50 103.22 -107.80
CA ALA SA 256 -9.76 103.89 -108.08
C ALA SA 256 -10.97 103.01 -107.83
N PHE SA 257 -10.80 101.70 -107.95
CA PHE SA 257 -11.88 100.73 -108.03
C PHE SA 257 -11.63 99.55 -107.10
N VAL SA 258 -12.70 98.76 -106.89
CA VAL SA 258 -12.67 97.62 -105.96
C VAL SA 258 -12.53 96.31 -106.72
N VAL SA 259 -11.38 95.65 -106.54
CA VAL SA 259 -11.10 94.33 -107.09
C VAL SA 259 -11.61 93.31 -106.07
N GLN SA 260 -12.79 92.73 -106.30
CA GLN SA 260 -13.38 91.78 -105.36
C GLN SA 260 -14.16 90.68 -106.07
N PRO SA 261 -13.52 89.94 -106.98
CA PRO SA 261 -14.23 88.88 -107.70
C PRO SA 261 -14.79 87.83 -106.75
N GLN SA 262 -15.68 86.99 -107.28
CA GLN SA 262 -16.14 85.81 -106.54
C GLN SA 262 -15.91 84.50 -107.28
N ASN SA 263 -15.46 84.54 -108.54
CA ASN SA 263 -15.01 83.37 -109.26
C ASN SA 263 -13.49 83.42 -109.42
N GLY SA 264 -12.87 82.25 -109.49
CA GLY SA 264 -11.42 82.21 -109.51
C GLY SA 264 -10.80 82.72 -108.22
N ARG SA 265 -11.37 82.34 -107.07
CA ARG SA 265 -10.82 82.67 -105.76
C ARG SA 265 -10.54 81.38 -105.02
N CYS SA 266 -9.27 81.03 -104.91
CA CYS SA 266 -8.85 79.80 -104.26
C CYS SA 266 -7.50 80.03 -103.64
N THR SA 267 -7.30 79.49 -102.44
CA THR SA 267 -6.08 79.66 -101.69
C THR SA 267 -5.04 78.62 -102.09
N THR SA 268 -3.77 78.96 -101.81
CA THR SA 268 -2.65 78.08 -102.11
C THR SA 268 -2.83 76.64 -101.62
N ASP SA 269 -3.34 76.43 -100.41
CA ASP SA 269 -3.53 75.08 -99.91
C ASP SA 269 -4.89 74.48 -100.26
N GLY SA 270 -5.63 75.07 -101.20
CA GLY SA 270 -6.77 74.42 -101.80
C GLY SA 270 -8.13 74.65 -101.18
N VAL SA 271 -8.33 75.73 -100.44
CA VAL SA 271 -9.64 76.07 -99.91
C VAL SA 271 -10.34 76.96 -100.94
N LEU SA 272 -11.52 76.53 -101.38
CA LEU SA 272 -12.29 77.31 -102.33
C LEU SA 272 -13.06 78.42 -101.63
N LEU SA 273 -13.20 79.55 -102.32
CA LEU SA 273 -13.81 80.75 -101.75
C LEU SA 273 -14.83 81.33 -102.70
N GLY SA 274 -15.79 82.06 -102.12
CA GLY SA 274 -16.79 82.78 -102.91
C GLY SA 274 -17.66 81.85 -103.72
N THR SA 275 -17.80 82.17 -105.01
CA THR SA 275 -18.60 81.38 -105.93
C THR SA 275 -17.76 80.46 -106.81
N THR SA 276 -16.52 80.20 -106.41
CA THR SA 276 -15.58 79.47 -107.25
C THR SA 276 -15.90 77.98 -107.20
N GLN SA 277 -15.94 77.34 -108.36
CA GLN SA 277 -16.08 75.90 -108.46
C GLN SA 277 -15.11 75.39 -109.53
N LEU SA 278 -15.11 74.09 -109.75
CA LEU SA 278 -14.02 73.42 -110.46
C LEU SA 278 -14.25 73.31 -111.96
N SER SA 279 -15.50 73.24 -112.41
CA SER SA 279 -15.77 72.95 -113.80
C SER SA 279 -15.48 74.18 -114.66
N PRO SA 280 -14.60 74.09 -115.65
CA PRO SA 280 -14.26 75.26 -116.48
C PRO SA 280 -15.35 75.64 -117.48
N VAL SA 281 -16.52 75.01 -117.39
CA VAL SA 281 -17.62 75.30 -118.29
C VAL SA 281 -18.91 75.65 -117.58
N ASN SA 282 -19.04 75.34 -116.28
CA ASN SA 282 -20.21 75.66 -115.49
C ASN SA 282 -20.07 77.01 -114.80
N ILE SA 283 -19.24 77.89 -115.35
CA ILE SA 283 -18.85 79.12 -114.65
C ILE SA 283 -20.00 80.11 -114.57
N CYS SA 284 -20.81 80.23 -115.63
CA CYS SA 284 -21.97 81.10 -115.56
C CYS SA 284 -23.26 80.39 -115.98
N THR SA 285 -23.41 79.12 -115.63
CA THR SA 285 -24.62 78.39 -116.01
C THR SA 285 -25.66 78.45 -114.90
N PHE SA 286 -26.92 78.25 -115.28
CA PHE SA 286 -28.03 78.18 -114.34
C PHE SA 286 -28.84 76.92 -114.62
N ARG SA 287 -29.30 76.28 -113.55
CA ARG SA 287 -30.07 75.04 -113.67
C ARG SA 287 -31.28 75.10 -112.75
N GLY SA 288 -32.45 74.74 -113.29
CA GLY SA 288 -33.65 74.73 -112.48
C GLY SA 288 -34.90 74.58 -113.32
N ASP SA 289 -36.03 74.86 -112.70
CA ASP SA 289 -37.35 74.81 -113.34
C ASP SA 289 -37.80 76.22 -113.70
N VAL SA 290 -38.48 76.33 -114.85
CA VAL SA 290 -38.81 77.63 -115.44
C VAL SA 290 -40.32 77.79 -115.50
N THR SA 291 -40.78 79.04 -115.39
CA THR SA 291 -42.20 79.37 -115.29
C THR SA 291 -42.47 80.65 -116.07
N HIS SA 292 -43.60 80.68 -116.77
CA HIS SA 292 -44.00 81.84 -117.55
C HIS SA 292 -44.63 82.93 -116.70
N ILE SA 293 -44.33 84.18 -117.04
CA ILE SA 293 -44.98 85.36 -116.48
C ILE SA 293 -45.97 85.90 -117.51
N ALA SA 294 -47.24 85.98 -117.12
CA ALA SA 294 -48.33 86.12 -118.08
C ALA SA 294 -48.20 87.39 -118.93
N GLY SA 295 -48.34 87.20 -120.26
CA GLY SA 295 -48.43 88.28 -121.21
C GLY SA 295 -47.12 88.84 -121.72
N THR SA 296 -45.98 88.43 -121.18
CA THR SA 296 -44.69 88.94 -121.62
C THR SA 296 -43.82 87.79 -122.13
N HIS SA 297 -42.61 88.12 -122.57
CA HIS SA 297 -41.61 87.14 -122.94
C HIS SA 297 -40.65 86.82 -121.79
N ASP SA 298 -41.06 87.08 -120.55
CA ASP SA 298 -40.22 86.89 -119.39
C ASP SA 298 -40.51 85.55 -118.74
N TYR SA 299 -39.49 84.95 -118.14
CA TYR SA 299 -39.65 83.70 -117.41
C TYR SA 299 -38.93 83.76 -116.08
N THR SA 300 -39.52 83.11 -115.08
CA THR SA 300 -38.94 82.99 -113.75
C THR SA 300 -38.44 81.57 -113.55
N MET SA 301 -37.17 81.42 -113.21
CA MET SA 301 -36.55 80.12 -112.98
C MET SA 301 -36.24 79.94 -111.50
N ASN SA 302 -36.82 78.90 -110.90
CA ASN SA 302 -36.48 78.49 -109.55
C ASN SA 302 -35.30 77.53 -109.63
N LEU SA 303 -34.19 77.88 -108.98
CA LEU SA 303 -32.92 77.24 -109.27
C LEU SA 303 -32.72 76.00 -108.40
N ALA SA 304 -31.78 75.17 -108.86
CA ALA SA 304 -31.27 74.01 -108.16
C ALA SA 304 -29.80 74.26 -107.83
N SER SA 305 -29.04 73.19 -107.61
CA SER SA 305 -27.59 73.28 -107.60
C SER SA 305 -27.04 72.95 -108.99
N GLN SA 306 -25.71 72.90 -109.11
CA GLN SA 306 -25.10 72.36 -110.32
C GLN SA 306 -25.10 70.84 -110.39
N ASN SA 307 -25.31 70.14 -109.27
CA ASN SA 307 -25.43 68.69 -109.28
C ASN SA 307 -26.90 68.25 -109.28
N TRP SA 308 -27.80 69.18 -109.61
CA TRP SA 308 -29.24 68.90 -109.75
C TRP SA 308 -29.84 68.42 -108.44
N ASN SA 309 -29.50 69.11 -107.36
CA ASN SA 309 -30.10 68.95 -106.05
C ASN SA 309 -30.95 70.17 -105.72
N ASN SA 310 -31.77 70.05 -104.69
CA ASN SA 310 -32.45 71.22 -104.17
C ASN SA 310 -31.43 72.24 -103.70
N TYR SA 311 -31.75 73.53 -103.85
CA TYR SA 311 -30.86 74.58 -103.42
C TYR SA 311 -31.20 74.97 -101.99
N ASP SA 312 -30.17 75.01 -101.13
CA ASP SA 312 -30.37 75.28 -99.71
C ASP SA 312 -29.84 76.67 -99.38
N PRO SA 313 -30.69 77.63 -99.00
CA PRO SA 313 -30.21 79.00 -98.79
C PRO SA 313 -29.48 79.19 -97.47
N THR SA 314 -29.59 78.25 -96.53
CA THR SA 314 -28.94 78.39 -95.23
C THR SA 314 -27.43 78.38 -95.35
N GLU SA 315 -26.88 77.65 -96.32
CA GLU SA 315 -25.44 77.52 -96.47
C GLU SA 315 -24.78 78.89 -96.62
N GLU SA 316 -23.68 79.08 -95.91
CA GLU SA 316 -22.99 80.38 -95.83
C GLU SA 316 -22.18 80.63 -97.10
N ILE SA 317 -22.89 80.76 -98.22
CA ILE SA 317 -22.27 81.03 -99.51
C ILE SA 317 -22.90 82.31 -100.06
N PRO SA 318 -22.17 83.11 -100.84
CA PRO SA 318 -22.80 84.29 -101.46
C PRO SA 318 -24.05 83.96 -102.25
N ALA SA 319 -24.00 82.86 -102.99
CA ALA SA 319 -25.01 82.43 -103.95
C ALA SA 319 -24.64 81.01 -104.36
N PRO SA 320 -25.45 80.31 -105.15
CA PRO SA 320 -25.01 79.00 -105.64
C PRO SA 320 -23.72 79.11 -106.42
N LEU SA 321 -22.88 78.09 -106.30
CA LEU SA 321 -21.55 78.13 -106.91
C LEU SA 321 -21.67 78.25 -108.42
N GLY SA 322 -20.87 79.14 -109.00
CA GLY SA 322 -20.98 79.49 -110.39
C GLY SA 322 -21.85 80.69 -110.67
N THR SA 323 -22.37 81.36 -109.65
CA THR SA 323 -23.11 82.58 -109.86
C THR SA 323 -22.18 83.65 -110.41
N PRO SA 324 -22.57 84.39 -111.46
CA PRO SA 324 -21.68 85.42 -112.01
C PRO SA 324 -21.29 86.45 -110.96
N ASP SA 325 -20.09 87.01 -111.12
CA ASP SA 325 -19.50 87.88 -110.11
C ASP SA 325 -19.32 89.30 -110.62
N PHE SA 326 -20.16 89.72 -111.56
CA PHE SA 326 -20.14 91.09 -112.06
C PHE SA 326 -21.57 91.46 -112.46
N VAL SA 327 -21.77 92.76 -112.70
CA VAL SA 327 -23.06 93.29 -113.11
C VAL SA 327 -23.07 93.47 -114.62
N GLY SA 328 -24.12 92.97 -115.27
CA GLY SA 328 -24.23 93.07 -116.71
C GLY SA 328 -25.44 92.31 -117.21
N LYS SA 329 -25.65 92.41 -118.52
CA LYS SA 329 -26.69 91.66 -119.21
C LYS SA 329 -26.01 90.59 -120.05
N ILE SA 330 -26.21 89.34 -119.67
CA ILE SA 330 -25.57 88.19 -120.33
C ILE SA 330 -26.60 87.50 -121.22
N GLN SA 331 -26.27 87.35 -122.50
CA GLN SA 331 -27.11 86.63 -123.45
C GLN SA 331 -26.54 85.23 -123.68
N GLY SA 332 -27.41 84.24 -123.73
CA GLY SA 332 -27.01 82.87 -123.98
C GLY SA 332 -28.13 82.10 -124.59
N VAL SA 333 -28.29 80.84 -124.17
CA VAL SA 333 -29.30 79.96 -124.73
C VAL SA 333 -29.90 79.13 -123.60
N LEU SA 334 -31.22 79.16 -123.48
CA LEU SA 334 -31.94 78.25 -122.60
C LEU SA 334 -32.26 76.98 -123.37
N THR SA 335 -32.20 75.84 -122.68
CA THR SA 335 -32.54 74.58 -123.32
C THR SA 335 -33.28 73.70 -122.31
N GLN SA 336 -34.26 72.97 -122.80
CA GLN SA 336 -35.12 72.13 -121.99
C GLN SA 336 -35.38 70.82 -122.73
N THR SA 337 -35.55 69.75 -121.96
CA THR SA 337 -35.87 68.45 -122.52
C THR SA 337 -37.05 67.89 -121.71
N THR SA 338 -38.12 67.55 -122.41
CA THR SA 338 -39.34 67.07 -121.75
C THR SA 338 -39.31 65.55 -121.68
N ARG SA 339 -39.40 65.01 -120.46
CA ARG SA 339 -39.46 63.58 -120.26
C ARG SA 339 -40.82 63.06 -120.72
N GLY SA 340 -40.82 62.12 -121.65
CA GLY SA 340 -42.07 61.63 -122.18
C GLY SA 340 -42.20 61.66 -123.69
N ASP SA 341 -41.76 62.75 -124.33
CA ASP SA 341 -41.83 62.86 -125.77
C ASP SA 341 -40.50 63.11 -126.47
N GLY SA 342 -39.44 63.47 -125.74
CA GLY SA 342 -38.18 63.76 -126.40
C GLY SA 342 -38.12 65.11 -127.06
N SER SA 343 -38.88 66.09 -126.55
CA SER SA 343 -38.90 67.42 -127.13
C SER SA 343 -37.54 68.10 -127.02
N THR SA 344 -37.15 68.79 -128.09
CA THR SA 344 -35.84 69.44 -128.22
C THR SA 344 -36.06 70.90 -128.57
N ARG SA 345 -35.80 71.80 -127.61
CA ARG SA 345 -36.01 73.23 -127.82
C ARG SA 345 -34.76 74.00 -127.43
N GLY SA 346 -34.50 75.07 -128.20
CA GLY SA 346 -33.39 75.97 -127.92
C GLY SA 346 -33.77 77.41 -128.19
N HIS SA 347 -33.61 78.29 -127.21
CA HIS SA 347 -34.06 79.68 -127.36
C HIS SA 347 -33.01 80.65 -126.83
N LYS SA 348 -32.72 81.67 -127.63
CA LYS SA 348 -31.85 82.76 -127.22
C LYS SA 348 -32.50 83.54 -126.08
N ALA SA 349 -31.74 83.76 -125.00
CA ALA SA 349 -32.27 84.34 -123.77
C ALA SA 349 -31.23 85.26 -123.14
N THR SA 350 -31.68 86.10 -122.22
CA THR SA 350 -30.85 87.13 -121.61
C THR SA 350 -31.17 87.30 -120.13
N VAL SA 351 -30.12 87.39 -119.32
CA VAL SA 351 -30.24 87.66 -117.89
C VAL SA 351 -29.57 88.99 -117.59
N SER SA 352 -30.26 89.84 -116.84
CA SER SA 352 -29.67 91.05 -116.28
C SER SA 352 -29.45 90.83 -114.79
N THR SA 353 -28.19 90.90 -114.36
CA THR SA 353 -27.88 90.75 -112.94
C THR SA 353 -28.20 92.01 -112.14
N GLY SA 354 -28.39 93.15 -112.82
CA GLY SA 354 -28.77 94.39 -112.17
C GLY SA 354 -30.25 94.62 -112.02
N SER SA 355 -31.09 93.77 -112.61
CA SER SA 355 -32.51 93.84 -112.38
C SER SA 355 -32.85 93.47 -110.94
N VAL SA 356 -33.92 94.11 -110.42
CA VAL SA 356 -34.32 93.90 -109.04
C VAL SA 356 -34.83 92.49 -108.77
N HIS SA 357 -35.14 91.72 -109.82
CA HIS SA 357 -35.63 90.35 -109.68
C HIS SA 357 -34.52 89.31 -109.78
N PHE SA 358 -33.26 89.73 -109.82
CA PHE SA 358 -32.12 88.82 -109.80
C PHE SA 358 -31.75 88.54 -108.35
N THR SA 359 -32.31 87.46 -107.79
CA THR SA 359 -32.07 87.06 -106.40
C THR SA 359 -31.63 85.60 -106.35
N PRO SA 360 -30.42 85.30 -106.82
CA PRO SA 360 -29.97 83.90 -106.80
C PRO SA 360 -29.74 83.36 -105.39
N LYS SA 361 -29.46 84.22 -104.41
CA LYS SA 361 -29.34 83.76 -103.03
C LYS SA 361 -30.67 83.21 -102.51
N LEU SA 362 -31.78 83.78 -102.95
CA LEU SA 362 -33.09 83.29 -102.56
C LEU SA 362 -33.59 82.15 -103.43
N GLY SA 363 -33.08 82.01 -104.66
CA GLY SA 363 -33.42 80.88 -105.49
C GLY SA 363 -34.02 81.20 -106.84
N SER SA 364 -34.07 82.49 -107.21
CA SER SA 364 -34.74 82.89 -108.44
C SER SA 364 -33.84 83.76 -109.31
N VAL SA 365 -33.93 83.53 -110.62
CA VAL SA 365 -33.33 84.39 -111.64
C VAL SA 365 -34.34 84.53 -112.77
N GLN SA 366 -34.26 85.64 -113.51
CA GLN SA 366 -35.23 85.98 -114.54
C GLN SA 366 -34.56 86.02 -115.91
N PHE SA 367 -35.21 85.41 -116.90
CA PHE SA 367 -34.74 85.38 -118.28
C PHE SA 367 -35.73 86.10 -119.18
N THR SA 368 -35.19 86.74 -120.22
CA THR SA 368 -35.99 87.32 -121.30
C THR SA 368 -35.78 86.52 -122.58
N THR SA 369 -36.85 85.92 -123.09
CA THR SA 369 -36.79 85.03 -124.24
C THR SA 369 -37.45 85.71 -125.44
N ASP SA 370 -37.43 85.02 -126.59
CA ASP SA 370 -38.11 85.52 -127.78
C ASP SA 370 -39.32 84.68 -128.15
N THR SA 371 -39.83 83.88 -127.21
CA THR SA 371 -41.15 83.26 -127.34
C THR SA 371 -41.81 83.27 -125.98
N ASN SA 372 -43.14 83.30 -125.97
CA ASN SA 372 -43.92 83.26 -124.74
C ASN SA 372 -44.68 81.95 -124.54
N ASN SA 373 -44.51 80.96 -125.42
CA ASN SA 373 -45.22 79.70 -125.31
C ASN SA 373 -44.35 78.48 -125.04
N ASP SA 374 -43.03 78.58 -125.26
CA ASP SA 374 -42.18 77.43 -125.54
C ASP SA 374 -41.30 77.01 -124.37
N LEU SA 375 -41.77 77.17 -123.12
CA LEU SA 375 -41.04 76.61 -121.98
C LEU SA 375 -42.01 75.94 -121.02
N GLU SA 376 -41.95 74.61 -120.95
CA GLU SA 376 -42.86 73.80 -120.16
C GLU SA 376 -42.56 73.96 -118.66
N THR SA 377 -43.57 73.67 -117.85
CA THR SA 377 -43.48 73.74 -116.39
C THR SA 377 -42.94 72.44 -115.82
N GLY SA 378 -42.30 72.54 -114.65
CA GLY SA 378 -41.73 71.40 -113.96
C GLY SA 378 -40.59 70.64 -114.62
N GLN SA 379 -40.16 71.07 -115.81
CA GLN SA 379 -39.14 70.35 -116.55
C GLN SA 379 -37.76 70.98 -116.27
N ASN SA 380 -36.73 70.14 -116.37
CA ASN SA 380 -35.36 70.60 -116.13
C ASN SA 380 -34.90 71.53 -117.24
N THR SA 381 -34.38 72.69 -116.85
CA THR SA 381 -33.98 73.75 -117.78
C THR SA 381 -32.61 74.25 -117.39
N LYS SA 382 -31.74 74.44 -118.38
CA LYS SA 382 -30.36 74.86 -118.13
C LYS SA 382 -30.02 76.04 -119.04
N PHE SA 383 -29.47 77.10 -118.44
CA PHE SA 383 -28.99 78.28 -119.17
C PHE SA 383 -27.51 78.11 -119.51
N THR SA 384 -27.20 78.14 -120.82
CA THR SA 384 -25.82 78.08 -121.28
C THR SA 384 -25.30 79.48 -121.57
N PRO SA 385 -24.29 79.96 -120.85
CA PRO SA 385 -23.73 81.29 -121.15
C PRO SA 385 -22.83 81.25 -122.38
N VAL SA 386 -22.92 82.30 -123.20
CA VAL SA 386 -22.15 82.36 -124.43
C VAL SA 386 -21.48 83.73 -124.54
N GLY SA 387 -22.20 84.78 -124.18
CA GLY SA 387 -21.68 86.14 -124.34
C GLY SA 387 -22.48 87.16 -123.55
N VAL SA 388 -21.90 88.34 -123.46
CA VAL SA 388 -22.50 89.44 -122.70
C VAL SA 388 -22.77 90.56 -123.70
N VAL SA 389 -23.71 91.43 -123.33
CA VAL SA 389 -24.27 92.37 -124.28
C VAL SA 389 -24.18 93.79 -123.71
N GLN SA 390 -24.29 94.76 -124.61
CA GLN SA 390 -24.10 96.17 -124.34
C GLN SA 390 -25.20 96.95 -125.03
N ASP SA 391 -25.81 97.89 -124.31
CA ASP SA 391 -26.86 98.74 -124.87
C ASP SA 391 -26.21 99.97 -125.50
N GLY SA 392 -26.22 100.02 -126.84
CA GLY SA 392 -25.43 100.99 -127.58
C GLY SA 392 -25.93 102.42 -127.48
N ASN SA 393 -27.17 102.61 -127.02
CA ASN SA 393 -27.73 103.95 -126.89
C ASN SA 393 -27.25 104.66 -125.63
N SER SA 394 -26.72 103.92 -124.67
CA SER SA 394 -26.14 104.47 -123.46
C SER SA 394 -24.66 104.78 -123.73
N ALA SA 395 -23.96 105.24 -122.70
CA ALA SA 395 -22.56 105.60 -122.86
C ALA SA 395 -21.77 104.40 -123.37
N HIS SA 396 -20.86 104.64 -124.30
CA HIS SA 396 -20.13 103.55 -124.93
C HIS SA 396 -19.17 102.90 -123.94
N GLN SA 397 -19.19 101.56 -123.90
CA GLN SA 397 -18.36 100.77 -122.98
C GLN SA 397 -18.77 100.97 -121.52
N ASN SA 398 -20.07 100.97 -121.26
CA ASN SA 398 -20.60 101.24 -119.93
C ASN SA 398 -21.37 100.09 -119.30
N GLU SA 399 -21.80 99.11 -120.08
CA GLU SA 399 -22.72 98.09 -119.58
C GLU SA 399 -21.98 96.95 -118.88
N PRO SA 400 -20.87 96.40 -119.43
CA PRO SA 400 -20.16 95.35 -118.68
C PRO SA 400 -19.29 95.96 -117.60
N GLN SA 401 -19.80 96.01 -116.38
CA GLN SA 401 -19.08 96.59 -115.24
C GLN SA 401 -18.39 95.45 -114.50
N GLN SA 402 -17.10 95.29 -114.80
CA GLN SA 402 -16.36 94.09 -114.40
C GLN SA 402 -16.20 94.02 -112.88
N TRP SA 403 -15.94 95.15 -112.23
CA TRP SA 403 -15.57 95.21 -110.82
C TRP SA 403 -16.74 95.56 -109.91
N VAL SA 404 -17.98 95.43 -110.39
CA VAL SA 404 -19.16 95.75 -109.60
C VAL SA 404 -19.88 94.45 -109.29
N LEU SA 405 -20.02 94.14 -108.00
CA LEU SA 405 -20.74 92.92 -107.64
C LEU SA 405 -22.25 93.16 -107.74
N PRO SA 406 -23.00 92.21 -108.29
CA PRO SA 406 -24.46 92.25 -108.15
C PRO SA 406 -24.89 92.01 -106.72
N ASN SA 407 -26.16 92.33 -106.46
CA ASN SA 407 -26.76 92.07 -105.15
C ASN SA 407 -27.42 90.70 -105.21
N TYR SA 408 -26.72 89.68 -104.69
CA TYR SA 408 -27.21 88.31 -104.80
C TYR SA 408 -28.62 88.14 -104.27
N SER SA 409 -29.10 89.10 -103.47
CA SER SA 409 -30.48 89.12 -103.02
C SER SA 409 -30.95 90.57 -103.01
N GLY SA 410 -32.22 90.78 -103.33
CA GLY SA 410 -32.75 92.12 -103.34
C GLY SA 410 -33.41 92.46 -102.02
N ARG SA 411 -32.79 93.38 -101.28
CA ARG SA 411 -33.28 93.87 -99.99
C ARG SA 411 -33.20 92.80 -98.90
N THR SA 412 -32.50 91.69 -99.15
CA THR SA 412 -32.44 90.55 -98.22
C THR SA 412 -31.00 90.17 -97.91
N GLY SA 413 -30.52 90.51 -96.71
CA GLY SA 413 -29.22 90.09 -96.21
C GLY SA 413 -28.03 90.91 -96.67
N HIS SA 414 -28.18 91.74 -97.70
CA HIS SA 414 -27.11 92.56 -98.27
C HIS SA 414 -25.77 91.84 -98.44
N ASN SA 415 -25.77 90.82 -99.29
CA ASN SA 415 -24.53 90.14 -99.73
C ASN SA 415 -23.62 89.72 -98.57
N VAL SA 416 -24.09 88.79 -97.75
CA VAL SA 416 -23.25 88.29 -96.67
C VAL SA 416 -22.32 87.17 -97.16
N HIS SA 417 -21.28 86.89 -96.36
CA HIS SA 417 -20.35 85.78 -96.58
C HIS SA 417 -19.66 85.80 -97.94
N LEU SA 418 -19.00 86.92 -98.24
CA LEU SA 418 -18.31 87.08 -99.52
C LEU SA 418 -16.81 86.94 -99.34
N ALA SA 419 -16.14 86.62 -100.46
CA ALA SA 419 -14.69 86.54 -100.45
C ALA SA 419 -14.07 87.94 -100.29
N PRO SA 420 -13.02 88.07 -99.49
CA PRO SA 420 -12.46 89.40 -99.20
C PRO SA 420 -11.92 90.08 -100.44
N ALA SA 421 -11.79 91.40 -100.35
CA ALA SA 421 -11.23 92.18 -101.43
C ALA SA 421 -9.72 91.99 -101.49
N VAL SA 422 -9.13 92.43 -102.60
CA VAL SA 422 -7.75 92.10 -102.94
C VAL SA 422 -7.06 93.37 -103.44
N ALA SA 423 -5.92 93.71 -102.82
CA ALA SA 423 -5.17 94.89 -103.21
C ALA SA 423 -3.72 94.70 -102.81
N PRO SA 424 -2.78 95.23 -103.58
CA PRO SA 424 -1.38 95.23 -103.15
C PRO SA 424 -1.19 96.14 -101.94
N THR SA 425 -0.30 95.71 -101.04
CA THR SA 425 0.09 96.54 -99.90
C THR SA 425 1.52 97.04 -99.98
N PHE SA 426 2.35 96.44 -100.84
CA PHE SA 426 3.75 96.78 -100.98
C PHE SA 426 3.92 97.94 -101.96
N PRO SA 427 4.69 98.97 -101.62
CA PRO SA 427 4.93 100.05 -102.58
C PRO SA 427 5.64 99.55 -103.83
N GLY SA 428 5.14 99.98 -104.98
CA GLY SA 428 5.72 99.62 -106.26
C GLY SA 428 5.13 98.39 -106.89
N GLU SA 429 4.19 97.72 -106.22
CA GLU SA 429 3.61 96.47 -106.69
C GLU SA 429 2.17 96.69 -107.10
N GLN SA 430 1.78 96.10 -108.22
CA GLN SA 430 0.39 96.10 -108.65
C GLN SA 430 -0.07 94.68 -108.87
N LEU SA 431 -1.38 94.48 -108.79
CA LEU SA 431 -1.96 93.18 -109.10
C LEU SA 431 -1.57 92.74 -110.51
N LEU SA 432 -1.41 91.43 -110.69
CA LEU SA 432 -1.18 90.84 -112.00
C LEU SA 432 -2.40 90.02 -112.38
N PHE SA 433 -3.06 90.43 -113.46
CA PHE SA 433 -4.33 89.83 -113.86
C PHE SA 433 -4.12 88.90 -115.05
N PHE SA 434 -4.92 87.86 -115.11
CA PHE SA 434 -5.02 86.98 -116.27
C PHE SA 434 -6.18 87.49 -117.12
N ARG SA 435 -5.87 87.95 -118.33
CA ARG SA 435 -6.77 88.76 -119.14
C ARG SA 435 -7.25 88.00 -120.36
N SER SA 436 -8.56 88.02 -120.57
CA SER SA 436 -9.18 87.56 -121.81
C SER SA 436 -10.29 88.52 -122.20
N THR SA 437 -10.34 88.86 -123.49
CA THR SA 437 -11.38 89.74 -124.01
C THR SA 437 -12.66 88.96 -124.25
N MET SA 438 -13.77 89.50 -123.76
CA MET SA 438 -15.02 88.76 -123.61
C MET SA 438 -15.66 88.54 -124.98
N PRO SA 439 -16.76 87.76 -125.04
CA PRO SA 439 -17.60 87.74 -126.25
C PRO SA 439 -18.61 88.88 -126.27
N LEU SA 449 -11.81 91.22 -119.84
CA LEU SA 449 -12.05 90.52 -118.59
C LEU SA 449 -10.76 90.12 -117.90
N ASP SA 450 -10.74 90.22 -116.58
CA ASP SA 450 -9.56 89.91 -115.77
C ASP SA 450 -9.96 88.95 -114.68
N CYS SA 451 -9.15 87.91 -114.46
CA CYS SA 451 -9.32 87.01 -113.33
C CYS SA 451 -8.02 86.94 -112.54
N LEU SA 452 -8.16 86.58 -111.26
CA LEU SA 452 -7.02 86.54 -110.36
C LEU SA 452 -6.21 85.27 -110.51
N LEU SA 453 -6.87 84.14 -110.81
CA LEU SA 453 -6.23 82.86 -110.94
C LEU SA 453 -6.82 82.15 -112.15
N PRO SA 454 -5.99 81.50 -112.96
CA PRO SA 454 -6.53 80.61 -114.01
C PRO SA 454 -7.33 79.48 -113.40
N GLN SA 455 -8.30 78.98 -114.16
CA GLN SA 455 -9.14 77.88 -113.68
C GLN SA 455 -8.31 76.62 -113.48
N GLU SA 456 -7.33 76.39 -114.36
CA GLU SA 456 -6.42 75.26 -114.17
C GLU SA 456 -5.61 75.41 -112.88
N TRP SA 457 -5.24 76.65 -112.52
CA TRP SA 457 -4.56 76.87 -111.25
C TRP SA 457 -5.48 76.57 -110.07
N VAL SA 458 -6.76 76.91 -110.17
CA VAL SA 458 -7.72 76.55 -109.14
C VAL SA 458 -7.82 75.04 -109.02
N LEU SA 459 -7.95 74.37 -110.17
CA LEU SA 459 -7.97 72.91 -110.19
C LEU SA 459 -6.75 72.34 -109.48
N HIS SA 460 -5.56 72.85 -109.83
CA HIS SA 460 -4.32 72.31 -109.28
C HIS SA 460 -4.27 72.48 -107.76
N PHE SA 461 -4.52 73.69 -107.27
CA PHE SA 461 -4.46 73.93 -105.83
C PHE SA 461 -5.48 73.06 -105.10
N TYR SA 462 -6.66 72.87 -105.69
CA TYR SA 462 -7.69 72.07 -105.03
C TYR SA 462 -7.22 70.62 -104.86
N GLN SA 463 -6.64 70.05 -105.91
CA GLN SA 463 -6.25 68.64 -105.88
C GLN SA 463 -5.03 68.45 -105.01
N GLU SA 464 -3.92 69.07 -105.38
CA GLU SA 464 -2.65 68.93 -104.67
C GLU SA 464 -2.65 69.99 -103.58
N ALA SA 465 -3.13 69.59 -102.39
CA ALA SA 465 -3.44 70.55 -101.33
C ALA SA 465 -2.21 70.87 -100.48
N ALA SA 466 -1.18 71.39 -101.15
CA ALA SA 466 0.09 71.62 -100.48
C ALA SA 466 -0.03 72.78 -99.49
N PRO SA 467 0.35 72.59 -98.23
CA PRO SA 467 0.31 73.70 -97.28
C PRO SA 467 1.27 74.82 -97.66
N ALA SA 468 0.84 76.06 -97.44
CA ALA SA 468 1.70 77.21 -97.64
C ALA SA 468 2.65 77.36 -96.47
N GLN SA 469 3.94 77.46 -96.77
CA GLN SA 469 4.94 77.64 -95.72
C GLN SA 469 5.14 79.09 -95.30
N SER SA 470 4.58 80.04 -96.06
CA SER SA 470 4.58 81.45 -95.68
C SER SA 470 3.47 82.14 -96.46
N ASP SA 471 3.37 83.45 -96.30
CA ASP SA 471 2.29 84.21 -96.91
C ASP SA 471 2.50 84.47 -98.39
N VAL SA 472 3.69 84.20 -98.93
CA VAL SA 472 4.02 84.55 -100.30
C VAL SA 472 4.80 83.40 -100.94
N ALA SA 473 4.35 82.97 -102.11
CA ALA SA 473 5.07 82.00 -102.93
C ALA SA 473 5.75 82.74 -104.08
N LEU SA 474 7.07 82.65 -104.13
CA LEU SA 474 7.83 83.27 -105.21
C LEU SA 474 7.74 82.42 -106.47
N LEU SA 475 7.25 83.02 -107.55
CA LEU SA 475 7.18 82.36 -108.86
C LEU SA 475 8.12 83.05 -109.82
N ARG SA 476 8.77 82.25 -110.68
CA ARG SA 476 9.61 82.76 -111.75
C ARG SA 476 9.01 82.34 -113.09
N PHE SA 477 9.00 83.27 -114.05
CA PHE SA 477 8.47 83.04 -115.38
C PHE SA 477 9.64 82.75 -116.32
N VAL SA 478 9.60 81.60 -116.99
CA VAL SA 478 10.75 81.06 -117.70
C VAL SA 478 10.39 80.86 -119.17
N ASN SA 479 11.34 81.16 -120.05
CA ASN SA 479 11.24 80.80 -121.46
C ASN SA 479 12.00 79.51 -121.68
N PRO SA 480 11.32 78.39 -122.00
CA PRO SA 480 12.02 77.09 -122.02
C PRO SA 480 13.02 76.95 -123.15
N ASP SA 481 12.77 77.58 -124.31
CA ASP SA 481 13.71 77.48 -125.42
C ASP SA 481 15.05 78.12 -125.08
N THR SA 482 15.03 79.33 -124.53
CA THR SA 482 16.27 80.05 -124.25
C THR SA 482 16.80 79.81 -122.84
N GLY SA 483 16.00 79.24 -121.95
CA GLY SA 483 16.40 79.00 -120.57
C GLY SA 483 16.39 80.21 -119.67
N ARG SA 484 16.12 81.40 -120.19
CA ARG SA 484 16.29 82.64 -119.44
C ARG SA 484 15.05 82.94 -118.60
N VAL SA 485 15.28 83.51 -117.42
CA VAL SA 485 14.20 83.95 -116.55
C VAL SA 485 13.85 85.39 -116.91
N LEU SA 486 12.56 85.65 -117.13
CA LEU SA 486 12.13 86.97 -117.56
C LEU SA 486 11.77 87.89 -116.40
N PHE SA 487 10.87 87.43 -115.52
CA PHE SA 487 10.49 88.20 -114.35
C PHE SA 487 10.06 87.23 -113.25
N GLU SA 488 9.91 87.78 -112.05
CA GLU SA 488 9.38 87.06 -110.92
C GLU SA 488 8.16 87.78 -110.37
N CYS SA 489 7.30 87.03 -109.68
CA CYS SA 489 6.08 87.57 -109.11
C CYS SA 489 5.78 86.90 -107.79
N LYS SA 490 4.90 87.51 -107.01
CA LYS SA 490 4.55 87.02 -105.68
C LYS SA 490 3.15 86.47 -105.73
N LEU SA 491 3.02 85.17 -105.53
CA LEU SA 491 1.72 84.51 -105.42
C LEU SA 491 1.35 84.47 -103.95
N HIS SA 492 0.33 85.22 -103.56
CA HIS SA 492 -0.05 85.29 -102.16
C HIS SA 492 -0.86 84.06 -101.78
N LYS SA 493 -0.71 83.64 -100.52
CA LYS SA 493 -1.41 82.46 -100.04
C LYS SA 493 -2.92 82.57 -100.27
N SER SA 494 -3.47 83.77 -100.17
CA SER SA 494 -4.92 83.94 -100.27
C SER SA 494 -5.46 83.80 -101.69
N GLY SA 495 -4.61 83.97 -102.72
CA GLY SA 495 -5.17 83.89 -104.05
C GLY SA 495 -4.50 84.66 -105.18
N TYR SA 496 -4.40 85.97 -105.03
CA TYR SA 496 -3.88 86.84 -106.09
C TYR SA 496 -2.37 86.74 -106.25
N VAL SA 497 -1.91 87.29 -107.38
CA VAL SA 497 -0.50 87.42 -107.74
C VAL SA 497 -0.20 88.91 -107.90
N THR SA 498 1.04 89.30 -107.58
CA THR SA 498 1.50 90.67 -107.75
C THR SA 498 2.87 90.68 -108.42
N VAL SA 499 3.18 91.81 -109.07
CA VAL SA 499 4.45 92.01 -109.77
C VAL SA 499 4.97 93.41 -109.45
N ALA SA 500 6.23 93.64 -109.79
CA ALA SA 500 6.89 94.93 -109.55
C ALA SA 500 6.81 95.75 -110.83
N HIS SA 501 5.82 96.64 -110.89
CA HIS SA 501 5.60 97.51 -112.03
C HIS SA 501 4.59 98.58 -111.63
N THR SA 502 4.64 99.72 -112.31
CA THR SA 502 3.73 100.83 -112.05
C THR SA 502 3.12 101.29 -113.36
N GLY SA 503 1.79 101.40 -113.39
CA GLY SA 503 1.07 101.78 -114.58
C GLY SA 503 0.53 100.56 -115.32
N PRO SA 504 -0.49 100.77 -116.14
CA PRO SA 504 -1.04 99.65 -116.92
C PRO SA 504 -0.06 99.17 -117.98
N HIS SA 505 -0.09 97.86 -118.22
CA HIS SA 505 0.89 97.24 -119.12
C HIS SA 505 0.45 95.83 -119.53
N ASP SA 506 0.41 95.58 -120.83
CA ASP SA 506 0.32 94.21 -121.35
C ASP SA 506 1.71 93.62 -121.43
N LEU SA 507 1.86 92.39 -120.92
CA LEU SA 507 3.18 91.79 -120.77
C LEU SA 507 3.74 91.30 -122.10
N VAL SA 508 5.07 91.40 -122.21
CA VAL SA 508 5.78 90.98 -123.44
C VAL SA 508 6.23 89.54 -123.21
N ILE SA 509 5.32 88.62 -123.45
CA ILE SA 509 5.47 87.23 -123.03
C ILE SA 509 5.75 86.36 -124.25
N PRO SA 510 6.75 85.50 -124.22
CA PRO SA 510 6.90 84.46 -125.24
C PRO SA 510 5.71 83.52 -125.22
N PRO SA 511 5.27 83.04 -126.39
CA PRO SA 511 4.03 82.26 -126.42
C PRO SA 511 4.10 80.96 -125.63
N ASN SA 512 5.30 80.38 -125.43
CA ASN SA 512 5.45 79.12 -124.74
C ASN SA 512 6.03 79.28 -123.32
N GLY SA 513 5.83 80.44 -122.71
CA GLY SA 513 6.36 80.66 -121.37
C GLY SA 513 5.45 80.09 -120.29
N TYR SA 514 6.06 79.67 -119.17
CA TYR SA 514 5.33 79.03 -118.09
C TYR SA 514 5.81 79.59 -116.75
N PHE SA 515 4.97 79.41 -115.73
CA PHE SA 515 5.29 79.79 -114.36
C PHE SA 515 5.94 78.63 -113.62
N ARG SA 516 7.02 78.95 -112.88
CA ARG SA 516 7.76 77.97 -112.11
C ARG SA 516 7.91 78.46 -110.68
N PHE SA 517 7.58 77.60 -109.72
CA PHE SA 517 7.69 77.92 -108.30
C PHE SA 517 9.12 77.77 -107.81
N ASP SA 518 9.62 78.79 -107.12
CA ASP SA 518 11.01 78.83 -106.68
C ASP SA 518 11.18 78.62 -105.18
N SER SA 519 10.40 79.30 -104.34
CA SER SA 519 10.59 79.21 -102.90
C SER SA 519 9.47 79.96 -102.18
N TRP SA 520 9.20 79.54 -100.95
CA TRP SA 520 8.44 80.38 -100.03
C TRP SA 520 9.33 81.46 -99.44
N VAL SA 521 8.79 82.67 -99.32
CA VAL SA 521 9.54 83.83 -98.85
C VAL SA 521 8.68 84.64 -97.89
N ASN SA 522 9.34 85.27 -96.92
CA ASN SA 522 8.66 86.13 -95.97
C ASN SA 522 8.12 87.36 -96.68
N GLN SA 523 7.16 88.03 -96.03
CA GLN SA 523 6.42 89.10 -96.70
C GLN SA 523 7.28 90.31 -97.04
N PHE SA 524 8.51 90.38 -96.53
CA PHE SA 524 9.35 91.55 -96.78
C PHE SA 524 10.10 91.46 -98.11
N TYR SA 525 9.99 90.33 -98.81
CA TYR SA 525 10.71 90.14 -100.05
C TYR SA 525 10.33 91.20 -101.08
N THR SA 526 11.35 91.88 -101.60
CA THR SA 526 11.19 92.87 -102.66
C THR SA 526 11.65 92.25 -103.97
N LEU SA 527 10.80 92.28 -104.98
CA LEU SA 527 11.05 91.53 -106.20
C LEU SA 527 11.61 92.42 -107.30
N ALA SA 528 12.30 91.79 -108.25
CA ALA SA 528 13.00 92.51 -109.31
C ALA SA 528 12.02 93.30 -110.18
N PRO SA 529 12.43 94.47 -110.70
CA PRO SA 529 11.58 95.30 -111.54
C PRO SA 529 11.32 94.70 -112.92
CL CL TA . -25.93 -76.11 -26.57
CL CL UA . 3.60 -82.85 -5.95
CL CL VA . -2.50 -85.83 -13.75
CL CL WA . -21.77 -46.86 -31.09
CD CD XA . -22.60 -54.13 24.91
CL CL YA . -14.83 -61.84 8.50
CD CD ZA . -37.10 -41.59 -25.29
CL CL AB . -37.00 -48.87 -51.36
CL CL BB . -24.17 -31.21 -21.57
CD CD CB . -42.67 7.56 -47.15
CL CL DB . -31.79 7.22 -45.96
CD CD EB . -29.37 -31.63 -82.54
CL CL FB . -15.35 -22.28 -80.93
CL CL GB . -22.87 -57.64 -85.74
CL CL HB . 6.51 -24.59 -120.85
CL CL IB . -24.01 -44.35 -112.39
CL CL JB . -4.65 -31.63 -108.94
CD CD KB . 3.12 -75.77 -104.01
CL CL LB . -3.36 -90.70 -82.50
CL CL MB . 14.85 -95.59 -59.55
CL CL NB . 49.07 -102.54 -100.45
CL CL OB . 18.03 -68.05 -101.80
CD CD PB . 14.69 -112.99 -60.17
CL CL QB . -5.39 -102.09 -45.90
CL CL RB . 20.26 -104.62 -58.53
CL CL SB . 29.55 -105.69 -55.51
CD CD TB . -9.89 -91.44 -11.19
CD CD UB . 29.87 -126.38 -10.52
CD CD VB . 5.12 33.32 86.45
CL CL WB . 14.48 37.06 73.16
CL CL XB . -5.71 8.76 84.15
CD CD YB . -24.35 41.57 42.32
CD CD ZB . -20.01 -10.59 57.10
CL CL AC . -9.16 -28.03 74.04
CD CD BC . 7.08 -60.27 70.41
CL CL CC . -12.75 -50.30 21.83
CL CL DC . -10.85 -8.88 42.89
CL CL EC . 17.25 -48.40 92.52
CD CD FC . 49.45 -92.42 79.02
CL CL GC . 18.47 -59.71 57.84
CD CD HC . 49.98 -47.50 108.68
CL CL IC . 37.60 -24.15 114.13
CL CL JC . 52.46 -43.63 99.86
CL CL KC . 62.05 -45.37 97.12
C1 EDO LC . 44.72 18.74 102.10
O1 EDO LC . 45.06 20.00 102.69
C2 EDO LC . 43.21 18.66 101.90
O2 EDO LC . 42.85 17.39 101.34
CD CD MC . 48.65 10.60 118.63
CL CL NC . 23.44 11.19 108.99
CL CL OC . 52.04 9.13 109.43
CL CL PC . 59.77 14.57 106.73
CD CD QC . 47.51 63.95 105.73
CD CD RC . -31.60 56.30 -67.03
CL CL SC . -37.40 63.40 -41.82
CL CL TC . -21.92 54.28 -64.08
CD CD UC . -38.76 46.44 -9.72
CL CL VC . -17.92 45.91 -67.18
CL CL WC . -33.52 24.93 -49.13
CL CL XC . -33.19 72.34 -4.74
CL CL YC . -14.54 39.50 37.53
CL CL ZC . -25.13 36.77 -7.61
CD CD AD . -13.01 90.07 19.90
CL CL BD . 1.88 82.46 21.88
CL CL CD . -13.27 104.91 -2.59
CL CL DD . -5.91 84.53 16.21
CD CD ED . 10.70 126.74 -19.41
CL CL FD . 26.61 124.27 32.26
CL CL GD . 32.38 116.11 28.73
CL CL HD . 26.08 119.37 -19.70
CL CL ID . -5.19 116.10 -38.49
CD CD JD . 40.58 141.03 -62.56
CL CL KD . 46.84 155.53 -39.94
CD CD LD . -0.34 105.90 -72.96
CL CL MD . -20.35 90.88 -62.76
CL CL ND . 13.84 96.91 -74.52
#